data_9D4A
#
_entry.id   9D4A
#
_cell.length_a   1.00
_cell.length_b   1.00
_cell.length_c   1.00
_cell.angle_alpha   90.00
_cell.angle_beta   90.00
_cell.angle_gamma   90.00
#
_symmetry.space_group_name_H-M   'P 1'
#
loop_
_entity.id
_entity.type
_entity.pdbx_description
1 polymer 'Fatty acid synthase subunit beta'
2 polymer 'Fatty acid synthase subunit alpha'
3 non-polymer 'FLAVIN MONONUCLEOTIDE'
4 non-polymer 'S-[2-({N-[(2S)-2-hydroxy-3,3-dimethyl-4-(phosphonooxy)butanoyl]-beta-alanyl}amino)ethyl] octanethioate'
5 water water
#
loop_
_entity_poly.entity_id
_entity_poly.type
_entity_poly.pdbx_seq_one_letter_code
_entity_poly.pdbx_strand_id
1 'polypeptide(L)'
;MDAYSTRPLTLSHGSLEHVLLVPTASFFIASQLQEQFNKILPEPTEGFAADDEPTTPAELVGKFLGYVSSLVEPSKVGQF
DQVLNLCLTEFENCYLEGNDIHALAAKLLQENDTTLVKTKELIKNYITARIMAKRPFDKKSNSALFRAVGEGNAQLVAIF
GGQGNTDDYFEELRDLYQTYHVLVGDLIKFSAETLSELIRTTLDAEKVFTQGLNILEWLENPSNTPDKDYLLSIPISCPL
IGVIQLAHYVVTAKLLGFTPGELRSYLKGATGHAQGLVTAVAIAETDSWESFFVSVRKAITVLFFIGVRCYEAYPNTSLP
PSILEDSLENNEGVPSPMLSISNLTQEQVQDYVNKTNSHLPAGKQVEISLVNGAKNLVVSGPPQSLYGLNLTLRKAKAPS
GLDQSRIPFSERKLKFSNRFLPVASPFHSHLLVPASDLINKDLVKNNVSFNAKDIQIPVYDTFDGSDLRVLSGSISERIV
DCIIRLPVKWETTTQFKATHILDFGPGGASGLGVLTHRNKDGTGVRVIVAGTLDINPDDDYGFKQEIFDVTSNGLKKNPN
WLEEYHPKLIKNKSGKIFVETKFSKLIGRPPLLVPGMTPCTVSPDFVAATTNAGYTIELAGGGYFSAAGMTAAIDSVVSQ
IEKGSTFGINLIYVNPFMLQWGIPLIKELRSKGYPIQFLTIGAGVPSLEVASEYIETLGLKYLGLKPGSIDAISQVINIA
KAHPNFPIALQWTGGRGGGHHSFEDAHTPMLQMYSKIRRHPNIMLIFGSGFGSADDTYPYLTGEWSTKFDYPPMPFDGFL
FGSRVMIAKEVKTSPDAKKCIAACTGVPDDKWEQTYKKPTGGIVTVRSEMGEPIHKIATRGVMLWKEFDETIFNLPKNKL
VPTLEAKRDYIISRLNADFQKPWFATVNGQARDLATMTYEEVAKRLVELMFIRSTNSWFDVTWRTFTGDFLRRVEERFTK
SKTLSLIQSYSLLDKPDEAIEKVFNAYPAAREQFLNAQDIDHFLSMCQNPMQKPVPFVPVLDRRFEIFFKKDSLWQSEHL
EAVVDQDVQRTCILHGPVAAQFTKVIDEPIKSIMDGIHDGHIKKLLHQYYGDDESKIPAVEYFGGESPVDVQSQVDSSSV
SEDSAVFKATSSTDEESWFKALAGSEINWRHASFLCSFITQDKMFVSNPIRKVFKPSQGMVVEISNGNTSSKTVVTLSEP
VQGELKPTVILKLLKENIIQMEMIENRTMDGKPVSLPLLYNFNPDNGFAPISEVMEDRNQRIKEMYWKLWIDEPFNLDFD
PRDVIKGKDFEITAKEVYDFTHAVGNNCEDFVSRPDRTMLAPMDFAIVVGWRAIIKAIFPNTVDGDLLKLVHLSNGYKMI
PGAKPLQVGDVVSTTAVIESVVNQPTGKIVDVVGTLSRNGKPVMEVTSSFFYRGNYTDFENTFQKTVEPVYQMHIKTSKD
IAVLRSKEWFQLDDEDFDLLNKTLTFETETEVTFKNANIFSSVKCFGPIKVELPTKETVEIGIVDYEAGASHGNPVVDFL
KRNGSTLEQKVNLENPIPIAVLDSYTPSTNEPYARVSGDLNPIHVSRHFASYANLPGTITHGMFSSASVRALIENWAADS
VSSRVRGYTCQFVDMVLPNTALKTSIQHVGMINGRKLIKFETRNEDDVVVLTGEAEIEQPVTTFVFTGQGSQEQGMGMDL
YKTSKAAQDVWNRADNHFKDTYGFSILDIVINNPVNLTIHFGGEKGKRIRENYSAMIFETIVDGKLKTEKIFKEINEHST
SYTFRSEKGLLSATQFTQPALTLMEKAAFEDLKSKGLIPADATFAGHSLGEYAALASLADVMSIESLVEVVFYAGMTMQV
AVPRDELGRSNYGMIAINPGRVAASFSQEALQYVVERVGKRTGWLVEIVNYNVENQQYVAAGDLRALDTVTNVLNFIKLQ
KIDIIELQKSLSLEEVEGHLFEIIDEASKKSAVKPRPLKLERGFACIPLVGISVPFHSTYLMNGVKPFKSFLKKNIIKEN
VKVARLAGKYIPNLTAKPFQVTKEYFQDVYDLTGSEPIKEIIDNWEKYEQS
;
A,E,I,M,Q,U
2 'polypeptide(L)'
;MKPEVEQELAHILLTELLAYQFASPVRWIETQDVFLKDFNTERVVEIGPSPTLAGMAQRTLKNKYESYDAALSLHREILC
YSKDAKEIYYTPDPSELAAKEEPAKEEAPAPTPAASAPAPAAAAPAPVAAAAPAAAAAEIADEPVKASLLLHVLVAHKLK
KSLDSIPMSKTIKDLVGGKSTVQNEILGDLGKEFGTTPEKPEETPLEELAETFQDTFSGALGKQSSSLLSRLISSKMPGG
FTITVARKYLQTRWGLPSGRQDGVLLVALSNEPAARLGSEADAKAFLDSMAQKYASIVGVDLSSAASASGAAGAGAAAGA
AMIDAGALEEITKDHKVLARQQLQVLARYLKMDLDNGERKFLKEKDTVAELQAQLDYLNAELGEFFVNGVATSFSRKKAR
TFDSSWNWAKQSLLSLYFEIIHGVLKNVDREVVSEAINIMNRSNDALIKFMEYHISNTDETKGENYQLVKTLGEQLIENC
KQVLDVDPVYKDVAKPTGPKTAIDKNGNITYSEEPREKVRKLSQYVQEMALGGPITKESQPTIEEDLTRVYKAISAQADK
QDISSSTRVEFEKLYSDLMKFLESSKEIDPSQTTQLAGMDVEDALDKDSTKEVASLPNKSTISKTVSSTIPRETIPFLHL
RKKTPAGDWKYDRQLSSLFLDGLEKAAFNGVTFKDKYVLITGAGKGSIGAEVLQGLLQGGAKVVVTTSRFSKQVTDYYQS
IYAKYGAKGSTLIVVPFNQGSKQDVEALIEFIYDTEKNGGLGWDLDAIIPFAAIPEQGIELEHIDSKSEFAHRIMLTNIL
RMMGCVKKQKSARGIETRPAQVILPMSPNHGTFGGDGMYSESKLSLETLFNRWHSESWANQLTVCGAIIGWTRGTGLMSA
NNIIAEGIEKMGVRTFSQKEMAFNLLGLLTPEVVELCQKSPVMADLNGGLQFVPELKEFTAKLRKELVETSEVRKAVSIE
TALEHKVVNGNSADAAYAQVEIQPRANIQLDFPELKPYKQVKQIAPAELEGLLDLERVIVVTGFAEVGPWGSARTRWEME
AFGEFSLEGCVEMAWIMGFISYHNGNLKGRPYTGWVDSKTKEPVDDKDVKAKYETSILEHSGIRLIEPELFNGYNPEKKE
MIQEVIVEEDLEPFEASKETAEQFKHQHGDKVDIFEIPETGEYSVKLLKGATLYIPKALRFDRLVAGQIPTGWNAKTYGI
SDDIISQVDPITLFVLVSVVEAFIASGITDPYEMYKYVHVSEVGNCSGSGMGGVSALRGMFKDRFKDEPVQNDILQESFI
NTMSAWVNMLLISSSGPIKTPVGAAATSVESVDIGVETILSGKARICIVGGYDDFQEEGSFEFGNMKATSNTLEEFEHGR
TPAEMSRPATTTRNGFMEAQGAGIQIIMQADLALKMGVPIYGIVAMAATATDKIGRSVPAPGKGILTTAREHHSSVKYAS
PNLNMKYRKRQLVTREAQIKDWVENELEALKLEAEEIPSEDQNEFLLERTREIHNEAESQLRAAQQQWGNDFYKRDPRIA
PLRGALATYGLTIDDLGVASFHGTSTKANDKNESATINEMMKHLGRSEGNPVIGVFQKFLTGHPKGAAGAWMMNGALQIL
NSGIIPGNRNADNVDKILEQFEYVLYPSKTLKTDGVRAVSITSFGFGQKGGQAIVVHPDYLYGAITEDRYNEYVAKVSAR
EKSAYKFFHNGMIYNKLFVSKEHAPYTDELEEDVYLDPLARVSKDKKSGSLTFNSKNIQSKDSYINANTIETAKMIENMT
KEKVSNGGVGVDVELITSINVENDTFIERNFTPQEIEYCSAQPSVQSSFAGTWSAKEAVFKSLGVKSLGGGAALKDIEIV
RVNKNAPAVELHGNAKKAAEEAGVTDVKVSISHDDLQAVAVAVSTKK
;
B,F,J,N,R,V
#
# COMPACT_ATOMS: atom_id res chain seq x y z
N SER A 5 78.41 -48.40 95.34
CA SER A 5 77.18 -48.94 94.77
C SER A 5 76.11 -47.87 94.67
N THR A 6 75.86 -47.39 93.44
CA THR A 6 74.82 -46.40 93.18
C THR A 6 74.11 -46.76 91.90
N ARG A 7 72.94 -46.18 91.70
CA ARG A 7 72.15 -46.42 90.50
C ARG A 7 71.61 -45.11 89.94
N PRO A 8 71.42 -45.01 88.61
CA PRO A 8 70.89 -43.77 88.03
C PRO A 8 69.37 -43.73 88.06
N LEU A 9 68.82 -42.79 88.84
CA LEU A 9 67.40 -42.50 88.85
C LEU A 9 67.18 -41.22 88.06
N THR A 10 66.43 -41.31 86.97
CA THR A 10 66.25 -40.19 86.05
C THR A 10 64.94 -39.47 86.38
N LEU A 11 65.05 -38.17 86.66
CA LEU A 11 63.90 -37.30 86.87
C LEU A 11 63.92 -36.21 85.81
N SER A 12 62.77 -36.03 85.14
CA SER A 12 62.73 -35.23 83.93
C SER A 12 61.33 -34.69 83.71
N HIS A 13 61.24 -33.69 82.83
CA HIS A 13 59.96 -33.08 82.46
C HIS A 13 60.11 -32.58 81.02
N GLY A 14 59.72 -33.43 80.07
CA GLY A 14 59.93 -33.09 78.67
C GLY A 14 61.36 -33.36 78.25
N SER A 15 61.97 -32.40 77.55
CA SER A 15 63.33 -32.60 77.06
C SER A 15 64.37 -32.51 78.16
N LEU A 16 64.14 -31.65 79.15
CA LEU A 16 65.09 -31.48 80.25
C LEU A 16 65.04 -32.68 81.19
N GLU A 17 66.22 -33.11 81.63
CA GLU A 17 66.33 -34.30 82.47
C GLU A 17 67.55 -34.17 83.37
N HIS A 18 67.56 -34.96 84.43
CA HIS A 18 68.71 -35.03 85.32
C HIS A 18 68.70 -36.38 86.02
N VAL A 19 69.88 -37.00 86.13
CA VAL A 19 70.03 -38.35 86.65
C VAL A 19 70.78 -38.28 87.97
N LEU A 20 70.29 -39.02 88.96
CA LEU A 20 70.82 -39.00 90.32
C LEU A 20 71.42 -40.36 90.64
N LEU A 21 72.67 -40.36 91.11
CA LEU A 21 73.35 -41.59 91.52
C LEU A 21 72.94 -41.90 92.96
N VAL A 22 71.79 -42.55 93.10
CA VAL A 22 71.23 -42.82 94.43
C VAL A 22 71.84 -44.12 94.96
N PRO A 23 72.23 -44.19 96.24
CA PRO A 23 72.68 -45.48 96.77
C PRO A 23 71.58 -46.53 96.73
N THR A 24 72.00 -47.79 96.56
CA THR A 24 71.03 -48.88 96.47
C THR A 24 70.23 -49.03 97.76
N ALA A 25 70.76 -48.57 98.89
CA ALA A 25 70.07 -48.75 100.17
C ALA A 25 68.72 -48.05 100.17
N SER A 26 68.66 -46.82 99.65
CA SER A 26 67.44 -46.02 99.65
C SER A 26 66.91 -45.75 98.25
N PHE A 27 67.33 -46.54 97.25
CA PHE A 27 66.85 -46.33 95.89
C PHE A 27 65.35 -46.56 95.81
N PHE A 28 64.83 -47.53 96.55
CA PHE A 28 63.40 -47.80 96.51
C PHE A 28 62.61 -46.60 97.02
N ILE A 29 63.07 -45.99 98.12
CA ILE A 29 62.43 -44.78 98.64
C ILE A 29 62.51 -43.66 97.61
N ALA A 30 63.70 -43.49 97.02
CA ALA A 30 63.88 -42.44 96.01
C ALA A 30 62.98 -42.66 94.81
N SER A 31 62.75 -43.93 94.45
CA SER A 31 61.96 -44.25 93.27
C SER A 31 60.48 -43.98 93.52
N GLN A 32 59.98 -44.35 94.70
CA GLN A 32 58.59 -44.01 94.99
C GLN A 32 58.43 -42.50 95.11
N LEU A 33 59.47 -41.81 95.58
CA LEU A 33 59.43 -40.35 95.61
C LEU A 33 59.38 -39.77 94.20
N GLN A 34 60.15 -40.35 93.27
CA GLN A 34 60.09 -39.91 91.88
C GLN A 34 58.70 -40.15 91.31
N GLU A 35 58.12 -41.32 91.60
CA GLU A 35 56.78 -41.64 91.11
C GLU A 35 55.77 -40.60 91.58
N GLN A 36 55.76 -40.32 92.89
CA GLN A 36 54.82 -39.34 93.41
C GLN A 36 55.14 -37.94 92.90
N PHE A 37 56.42 -37.62 92.74
CA PHE A 37 56.83 -36.33 92.22
C PHE A 37 56.25 -36.09 90.83
N ASN A 38 56.35 -37.08 89.95
CA ASN A 38 55.74 -36.97 88.63
C ASN A 38 54.22 -37.02 88.71
N LYS A 39 53.66 -37.71 89.69
CA LYS A 39 52.21 -37.68 89.88
C LYS A 39 51.70 -36.28 90.22
N ILE A 40 52.52 -35.47 90.91
CA ILE A 40 52.14 -34.10 91.26
C ILE A 40 52.55 -33.13 90.14
N LEU A 41 53.59 -33.46 89.40
CA LEU A 41 54.12 -32.52 88.42
C LEU A 41 53.14 -32.36 87.25
N PRO A 42 52.98 -31.14 86.69
CA PRO A 42 52.14 -30.99 85.49
C PRO A 42 52.81 -31.52 84.23
N GLU A 43 52.03 -31.66 83.16
CA GLU A 43 52.52 -32.26 81.92
C GLU A 43 53.40 -31.26 81.16
N PRO A 44 54.43 -31.72 80.44
CA PRO A 44 55.20 -30.81 79.60
C PRO A 44 54.33 -30.09 78.57
N THR A 45 54.69 -28.84 78.30
CA THR A 45 54.12 -28.03 77.23
C THR A 45 55.22 -27.69 76.23
N GLU A 46 54.89 -26.88 75.23
CA GLU A 46 55.81 -26.51 74.17
C GLU A 46 56.50 -25.22 74.55
N GLY A 47 57.73 -25.33 75.07
CA GLY A 47 58.53 -24.19 75.45
C GLY A 47 58.59 -23.89 76.93
N PHE A 48 57.80 -24.57 77.76
CA PHE A 48 57.83 -24.40 79.20
C PHE A 48 57.43 -22.96 79.58
N ALA A 49 56.22 -22.59 79.21
CA ALA A 49 55.66 -21.27 79.53
C ALA A 49 54.75 -21.28 80.74
N ALA A 50 54.11 -22.39 81.05
CA ALA A 50 53.14 -22.44 82.14
C ALA A 50 53.84 -22.28 83.48
N ASP A 51 53.08 -21.76 84.45
CA ASP A 51 53.59 -21.66 85.81
C ASP A 51 53.67 -23.05 86.44
N ASP A 52 54.53 -23.16 87.46
CA ASP A 52 54.80 -24.45 88.10
C ASP A 52 55.34 -25.46 87.10
N GLU A 53 56.04 -24.99 86.08
CA GLU A 53 56.55 -25.82 85.00
C GLU A 53 58.05 -25.55 84.88
N PRO A 54 58.93 -26.54 85.06
CA PRO A 54 60.36 -26.26 84.94
C PRO A 54 60.71 -25.90 83.51
N THR A 55 61.73 -25.04 83.37
CA THR A 55 62.26 -24.66 82.08
C THR A 55 63.67 -25.19 81.84
N THR A 56 64.41 -25.52 82.88
CA THR A 56 65.76 -26.05 82.78
C THR A 56 65.93 -27.21 83.73
N PRO A 57 66.92 -28.07 83.49
CA PRO A 57 67.19 -29.15 84.46
C PRO A 57 67.47 -28.63 85.85
N ALA A 58 68.12 -27.47 85.96
CA ALA A 58 68.34 -26.87 87.28
C ALA A 58 67.01 -26.59 87.97
N GLU A 59 66.06 -26.01 87.23
CA GLU A 59 64.76 -25.72 87.81
C GLU A 59 64.03 -27.00 88.21
N LEU A 60 64.12 -28.05 87.38
CA LEU A 60 63.49 -29.32 87.74
C LEU A 60 64.10 -29.94 88.99
N VAL A 61 65.44 -29.95 89.10
CA VAL A 61 66.04 -30.52 90.30
C VAL A 61 65.69 -29.67 91.51
N GLY A 62 65.60 -28.35 91.33
CA GLY A 62 65.16 -27.50 92.43
C GLY A 62 63.73 -27.80 92.86
N LYS A 63 62.85 -28.03 91.90
CA LYS A 63 61.46 -28.33 92.24
C LYS A 63 61.35 -29.69 92.92
N PHE A 64 62.14 -30.66 92.47
CA PHE A 64 62.19 -31.94 93.17
C PHE A 64 62.69 -31.76 94.60
N LEU A 65 63.69 -30.90 94.78
CA LEU A 65 64.17 -30.61 96.13
C LEU A 65 63.07 -29.99 96.98
N GLY A 66 62.31 -29.05 96.41
CA GLY A 66 61.23 -28.43 97.15
C GLY A 66 60.17 -29.43 97.55
N TYR A 67 59.80 -30.32 96.63
CA TYR A 67 58.80 -31.34 96.95
C TYR A 67 59.29 -32.26 98.05
N VAL A 68 60.52 -32.77 97.94
CA VAL A 68 61.02 -33.68 98.96
C VAL A 68 61.12 -32.98 100.30
N SER A 69 61.55 -31.71 100.29
CA SER A 69 61.62 -30.94 101.53
C SER A 69 60.24 -30.76 102.14
N SER A 70 59.23 -30.50 101.31
CA SER A 70 57.87 -30.42 101.81
C SER A 70 57.46 -31.73 102.46
N LEU A 71 57.95 -32.86 101.95
CA LEU A 71 57.67 -34.14 102.61
C LEU A 71 58.41 -34.31 103.93
N VAL A 72 59.69 -33.93 104.01
CA VAL A 72 60.47 -34.10 105.25
C VAL A 72 59.90 -33.19 106.32
N GLU A 73 59.82 -33.72 107.55
CA GLU A 73 59.41 -32.95 108.71
C GLU A 73 60.61 -32.77 109.62
N PRO A 74 60.89 -31.56 110.15
CA PRO A 74 62.06 -31.45 111.04
C PRO A 74 61.93 -32.27 112.32
N GLY A 78 61.88 -39.18 110.59
CA GLY A 78 62.74 -38.86 109.47
C GLY A 78 63.04 -40.05 108.59
N GLN A 79 62.42 -40.09 107.41
CA GLN A 79 62.61 -41.15 106.43
C GLN A 79 63.14 -40.66 105.11
N PHE A 80 62.65 -39.52 104.61
CA PHE A 80 63.11 -38.94 103.35
C PHE A 80 64.29 -37.99 103.55
N ASP A 81 64.83 -37.90 104.76
CA ASP A 81 65.92 -36.95 105.02
C ASP A 81 67.17 -37.34 104.22
N GLN A 82 67.49 -38.63 104.15
CA GLN A 82 68.68 -39.05 103.44
C GLN A 82 68.58 -38.76 101.95
N VAL A 83 67.42 -39.04 101.34
CA VAL A 83 67.26 -38.77 99.93
C VAL A 83 67.28 -37.27 99.67
N LEU A 84 66.70 -36.48 100.59
CA LEU A 84 66.78 -35.02 100.46
C LEU A 84 68.24 -34.58 100.46
N ASN A 85 69.02 -35.08 101.41
CA ASN A 85 70.44 -34.73 101.46
C ASN A 85 71.16 -35.13 100.19
N LEU A 86 70.84 -36.31 99.65
CA LEU A 86 71.53 -36.80 98.47
C LEU A 86 71.22 -35.92 97.26
N CYS A 87 69.95 -35.63 97.01
CA CYS A 87 69.62 -34.80 95.85
C CYS A 87 70.09 -33.37 96.05
N LEU A 88 70.10 -32.87 97.29
CA LEU A 88 70.64 -31.55 97.54
C LEU A 88 72.13 -31.50 97.23
N THR A 89 72.87 -32.54 97.62
CA THR A 89 74.29 -32.62 97.30
C THR A 89 74.49 -32.66 95.79
N GLU A 90 73.65 -33.42 95.09
CA GLU A 90 73.75 -33.46 93.63
C GLU A 90 73.52 -32.09 93.02
N PHE A 91 72.51 -31.36 93.51
CA PHE A 91 72.23 -30.03 93.00
C PHE A 91 73.41 -29.09 93.24
N GLU A 92 73.98 -29.14 94.45
CA GLU A 92 75.12 -28.30 94.76
C GLU A 92 76.31 -28.63 93.88
N ASN A 93 76.60 -29.92 93.69
CA ASN A 93 77.74 -30.32 92.88
C ASN A 93 77.56 -29.90 91.43
N CYS A 94 76.35 -30.08 90.88
CA CYS A 94 76.15 -29.89 89.46
C CYS A 94 75.93 -28.43 89.08
N TYR A 95 74.97 -27.75 89.73
CA TYR A 95 74.50 -26.46 89.23
C TYR A 95 75.07 -25.27 89.96
N LEU A 96 75.39 -25.39 91.26
CA LEU A 96 75.91 -24.25 92.00
C LEU A 96 77.33 -23.91 91.59
N GLU A 97 78.12 -24.91 91.17
CA GLU A 97 79.51 -24.68 90.79
C GLU A 97 80.30 -24.07 91.93
N GLY A 98 79.99 -24.49 93.16
CA GLY A 98 80.62 -23.91 94.33
C GLY A 98 80.22 -22.47 94.56
N ASN A 99 79.16 -22.02 93.88
CA ASN A 99 78.67 -20.66 93.98
C ASN A 99 77.37 -20.64 94.76
N ASP A 100 76.88 -19.43 95.03
CA ASP A 100 75.67 -19.28 95.82
C ASP A 100 74.42 -19.45 94.95
N ILE A 101 73.31 -19.72 95.64
CA ILE A 101 72.04 -19.96 94.98
C ILE A 101 71.62 -18.73 94.18
N HIS A 102 71.87 -17.54 94.71
CA HIS A 102 71.47 -16.33 94.01
C HIS A 102 72.33 -16.09 92.77
N ALA A 103 73.61 -16.44 92.83
CA ALA A 103 74.44 -16.40 91.63
C ALA A 103 73.92 -17.36 90.57
N LEU A 104 73.56 -18.58 90.98
CA LEU A 104 72.97 -19.53 90.04
C LEU A 104 71.67 -18.99 89.48
N ALA A 105 70.86 -18.35 90.32
CA ALA A 105 69.59 -17.79 89.88
C ALA A 105 69.79 -16.69 88.85
N ALA A 106 70.75 -15.80 89.09
CA ALA A 106 71.04 -14.75 88.12
C ALA A 106 71.54 -15.35 86.80
N LYS A 107 72.39 -16.36 86.88
CA LYS A 107 72.87 -17.01 85.67
C LYS A 107 71.72 -17.63 84.89
N LEU A 108 70.78 -18.28 85.60
CA LEU A 108 69.63 -18.88 84.94
C LEU A 108 68.76 -17.81 84.30
N LEU A 109 68.55 -16.69 85.02
CA LEU A 109 67.70 -15.63 84.50
C LEU A 109 68.30 -15.03 83.23
N GLN A 110 69.62 -14.82 83.21
CA GLN A 110 70.24 -14.15 82.08
C GLN A 110 70.47 -15.12 80.92
N GLU A 111 71.29 -16.16 81.14
CA GLU A 111 71.65 -17.07 80.06
C GLU A 111 70.43 -17.84 79.57
N ASN A 112 69.69 -18.45 80.48
CA ASN A 112 68.59 -19.35 80.13
C ASN A 112 67.27 -18.60 80.14
N ASP A 113 66.26 -19.21 79.53
CA ASP A 113 64.95 -18.58 79.36
C ASP A 113 64.10 -18.82 80.60
N THR A 114 64.57 -18.26 81.71
CA THR A 114 63.94 -18.40 83.01
C THR A 114 63.23 -17.11 83.36
N THR A 115 62.06 -17.23 83.98
CA THR A 115 61.28 -16.09 84.43
C THR A 115 61.51 -15.86 85.93
N LEU A 116 61.10 -14.67 86.38
CA LEU A 116 61.39 -14.26 87.75
C LEU A 116 60.72 -15.14 88.78
N VAL A 117 59.46 -15.54 88.54
CA VAL A 117 58.77 -16.38 89.51
C VAL A 117 59.43 -17.76 89.58
N LYS A 118 59.88 -18.29 88.45
CA LYS A 118 60.59 -19.56 88.46
C LYS A 118 61.91 -19.44 89.20
N THR A 119 62.62 -18.32 89.02
CA THR A 119 63.83 -18.08 89.79
C THR A 119 63.53 -18.06 91.29
N LYS A 120 62.47 -17.34 91.68
CA LYS A 120 62.15 -17.20 93.09
C LYS A 120 61.77 -18.54 93.71
N GLU A 121 60.96 -19.34 93.00
CA GLU A 121 60.56 -20.62 93.57
C GLU A 121 61.71 -21.61 93.58
N LEU A 122 62.63 -21.53 92.59
CA LEU A 122 63.84 -22.35 92.67
C LEU A 122 64.66 -21.99 93.91
N ILE A 123 64.82 -20.70 94.17
CA ILE A 123 65.57 -20.27 95.34
C ILE A 123 64.88 -20.75 96.62
N LYS A 124 63.55 -20.61 96.66
CA LYS A 124 62.79 -21.07 97.82
C LYS A 124 63.01 -22.56 98.04
N ASN A 125 62.95 -23.35 96.97
CA ASN A 125 63.12 -24.78 97.11
C ASN A 125 64.52 -25.12 97.61
N TYR A 126 65.53 -24.44 97.09
CA TYR A 126 66.90 -24.74 97.51
C TYR A 126 67.09 -24.43 98.99
N ILE A 127 66.69 -23.22 99.42
CA ILE A 127 66.87 -22.86 100.82
C ILE A 127 66.03 -23.76 101.72
N THR A 128 64.78 -24.04 101.32
CA THR A 128 63.94 -24.90 102.13
C THR A 128 64.57 -26.28 102.29
N ALA A 129 65.10 -26.84 101.20
CA ALA A 129 65.78 -28.12 101.30
C ALA A 129 66.99 -28.02 102.22
N ARG A 130 67.71 -26.91 102.16
CA ARG A 130 68.88 -26.75 103.02
C ARG A 130 68.49 -26.80 104.50
N ILE A 131 67.39 -26.12 104.87
CA ILE A 131 67.01 -26.13 106.28
C ILE A 131 66.29 -27.40 106.70
N MET A 132 65.60 -28.10 105.78
CA MET A 132 65.00 -29.38 106.14
C MET A 132 66.05 -30.49 106.25
N ALA A 133 67.14 -30.39 105.50
CA ALA A 133 68.17 -31.42 105.51
C ALA A 133 69.17 -31.26 106.66
N LYS A 134 68.85 -30.46 107.67
CA LYS A 134 69.77 -30.19 108.77
C LYS A 134 71.08 -29.62 108.23
N ARG A 135 70.96 -28.73 107.24
CA ARG A 135 72.11 -28.11 106.58
C ARG A 135 71.91 -26.59 106.58
N PRO A 136 72.06 -25.95 107.74
CA PRO A 136 71.90 -24.50 107.78
C PRO A 136 73.03 -23.80 107.04
N PHE A 137 72.80 -22.52 106.76
CA PHE A 137 73.85 -21.66 106.22
C PHE A 137 74.72 -21.11 107.34
N ASP A 138 75.29 -22.01 108.14
CA ASP A 138 76.12 -21.64 109.28
C ASP A 138 77.59 -21.52 108.92
N LYS A 139 77.97 -21.82 107.68
CA LYS A 139 79.35 -21.70 107.23
C LYS A 139 79.59 -20.30 106.73
N LYS A 140 80.70 -19.69 107.16
CA LYS A 140 81.07 -18.36 106.70
C LYS A 140 81.23 -18.35 105.20
N SER A 141 80.34 -17.62 104.51
CA SER A 141 80.42 -17.54 103.06
C SER A 141 81.69 -16.83 102.64
N ASN A 142 82.27 -17.30 101.53
CA ASN A 142 83.51 -16.74 100.99
C ASN A 142 83.22 -15.74 99.87
N SER A 143 82.13 -14.98 100.00
CA SER A 143 81.75 -14.03 98.97
C SER A 143 82.86 -13.02 98.71
N ALA A 144 83.04 -12.66 97.44
CA ALA A 144 84.16 -11.81 97.06
C ALA A 144 84.08 -10.44 97.71
N LEU A 145 82.89 -9.85 97.77
CA LEU A 145 82.74 -8.52 98.34
C LEU A 145 83.14 -8.51 99.82
N PHE A 146 82.70 -9.52 100.57
CA PHE A 146 83.00 -9.54 102.00
C PHE A 146 84.42 -9.99 102.28
N ARG A 147 85.01 -10.81 101.41
CA ARG A 147 86.45 -11.08 101.52
C ARG A 147 87.24 -9.79 101.29
N ALA A 148 86.82 -8.99 100.32
CA ALA A 148 87.46 -7.70 100.09
C ALA A 148 87.33 -6.80 101.31
N VAL A 149 86.15 -6.79 101.92
CA VAL A 149 85.96 -6.01 103.14
C VAL A 149 86.88 -6.51 104.25
N GLY A 150 86.95 -7.83 104.43
CA GLY A 150 87.78 -8.39 105.49
C GLY A 150 89.25 -8.04 105.31
N GLU A 151 89.74 -8.08 104.08
CA GLU A 151 91.12 -7.70 103.80
C GLU A 151 91.29 -6.19 103.65
N GLY A 152 90.22 -5.41 103.76
CA GLY A 152 90.31 -3.97 103.70
C GLY A 152 90.29 -3.38 102.31
N ASN A 153 89.96 -4.19 101.29
CA ASN A 153 89.93 -3.67 99.93
C ASN A 153 88.68 -2.84 99.67
N ALA A 154 87.55 -3.23 100.25
CA ALA A 154 86.27 -2.58 100.00
C ALA A 154 85.66 -2.05 101.29
N GLN A 155 84.87 -0.99 101.16
CA GLN A 155 84.16 -0.38 102.27
C GLN A 155 82.66 -0.42 101.98
N LEU A 156 81.89 -0.85 102.98
CA LEU A 156 80.48 -1.15 102.84
C LEU A 156 79.64 -0.16 103.64
N VAL A 157 78.68 0.48 102.97
CA VAL A 157 77.71 1.34 103.63
C VAL A 157 76.32 0.82 103.30
N ALA A 158 75.55 0.52 104.34
CA ALA A 158 74.15 0.14 104.15
C ALA A 158 73.29 1.40 104.08
N ILE A 159 72.40 1.44 103.09
CA ILE A 159 71.39 2.48 102.99
C ILE A 159 70.03 1.80 103.00
N PHE A 160 69.13 2.32 103.83
CA PHE A 160 67.78 1.78 103.97
C PHE A 160 66.78 2.80 103.45
N GLY A 161 65.91 2.35 102.54
CA GLY A 161 64.95 3.22 101.91
C GLY A 161 63.80 3.58 102.82
N GLY A 162 62.86 4.33 102.27
CA GLY A 162 61.70 4.79 103.00
C GLY A 162 60.49 4.90 102.11
N GLN A 163 59.68 5.91 102.35
CA GLN A 163 58.43 6.11 101.62
C GLN A 163 58.69 6.63 100.21
N GLY A 164 57.72 6.38 99.33
CA GLY A 164 57.73 6.92 97.99
C GLY A 164 58.50 6.11 96.98
N ASN A 165 59.20 5.06 97.41
CA ASN A 165 59.99 4.27 96.47
C ASN A 165 59.09 3.49 95.52
N THR A 166 57.95 3.00 96.01
CA THR A 166 57.03 2.23 95.19
C THR A 166 55.63 2.34 95.76
N ASP A 167 54.64 2.15 94.90
CA ASP A 167 53.24 2.16 95.29
C ASP A 167 52.72 0.81 95.73
N ASP A 168 53.51 -0.26 95.57
CA ASP A 168 53.09 -1.61 95.87
C ASP A 168 54.16 -2.33 96.68
N TYR A 169 54.61 -1.69 97.76
CA TYR A 169 55.66 -2.25 98.58
C TYR A 169 55.27 -3.59 99.19
N PHE A 170 53.97 -3.88 99.29
CA PHE A 170 53.55 -5.06 100.03
C PHE A 170 53.89 -6.34 99.27
N GLU A 171 53.96 -6.29 97.94
CA GLU A 171 54.36 -7.48 97.21
C GLU A 171 55.82 -7.83 97.50
N GLU A 172 56.63 -6.87 97.90
CA GLU A 172 57.99 -7.19 98.31
C GLU A 172 58.00 -7.97 99.62
N LEU A 173 57.21 -7.54 100.60
CA LEU A 173 57.07 -8.31 101.83
C LEU A 173 56.52 -9.70 101.53
N ARG A 174 55.55 -9.77 100.63
CA ARG A 174 54.94 -11.05 100.28
C ARG A 174 55.98 -11.98 99.67
N ASP A 175 56.71 -11.49 98.67
CA ASP A 175 57.71 -12.31 98.01
C ASP A 175 58.83 -12.71 98.98
N LEU A 176 59.15 -11.84 99.95
CA LEU A 176 60.07 -12.25 101.00
C LEU A 176 59.51 -13.42 101.79
N TYR A 177 58.26 -13.31 102.23
CA TYR A 177 57.66 -14.37 103.05
C TYR A 177 57.55 -15.69 102.30
N GLN A 178 57.26 -15.66 100.99
CA GLN A 178 57.22 -16.90 100.21
C GLN A 178 58.62 -17.41 99.89
N THR A 179 59.44 -16.61 99.20
CA THR A 179 60.73 -17.10 98.71
C THR A 179 61.65 -17.51 99.86
N TYR A 180 61.63 -16.75 100.95
CA TYR A 180 62.49 -16.99 102.10
C TYR A 180 61.66 -17.26 103.35
N HIS A 181 60.64 -18.10 103.21
CA HIS A 181 59.75 -18.39 104.32
C HIS A 181 60.52 -18.94 105.52
N VAL A 182 61.35 -19.95 105.29
CA VAL A 182 61.99 -20.62 106.41
C VAL A 182 63.04 -19.71 107.05
N LEU A 183 63.56 -18.75 106.28
CA LEU A 183 64.60 -17.87 106.80
C LEU A 183 64.00 -16.74 107.64
N VAL A 184 63.14 -15.92 107.04
CA VAL A 184 62.59 -14.75 107.71
C VAL A 184 61.22 -15.05 108.33
N GLY A 185 60.86 -16.32 108.47
CA GLY A 185 59.58 -16.64 109.09
C GLY A 185 59.52 -16.23 110.54
N ASP A 186 60.59 -16.49 111.28
CA ASP A 186 60.64 -16.07 112.68
C ASP A 186 60.55 -14.55 112.77
N LEU A 187 61.24 -13.83 111.90
CA LEU A 187 61.20 -12.37 111.90
C LEU A 187 59.79 -11.87 111.61
N ILE A 188 59.13 -12.45 110.62
CA ILE A 188 57.80 -11.96 110.23
C ILE A 188 56.79 -12.24 111.33
N LYS A 189 56.82 -13.47 111.89
CA LYS A 189 55.92 -13.80 112.99
C LYS A 189 56.18 -12.88 114.18
N PHE A 190 57.44 -12.63 114.51
CA PHE A 190 57.75 -11.75 115.63
C PHE A 190 57.25 -10.33 115.37
N SER A 191 57.48 -9.82 114.17
CA SER A 191 57.06 -8.45 113.87
C SER A 191 55.55 -8.32 113.96
N ALA A 192 54.81 -9.31 113.43
CA ALA A 192 53.36 -9.27 113.55
C ALA A 192 52.92 -9.39 115.00
N GLU A 193 53.60 -10.22 115.79
CA GLU A 193 53.23 -10.38 117.19
C GLU A 193 53.37 -9.08 117.96
N THR A 194 54.53 -8.43 117.83
CA THR A 194 54.71 -7.16 118.55
C THR A 194 53.85 -6.05 117.96
N LEU A 195 53.54 -6.10 116.66
CA LEU A 195 52.63 -5.09 116.11
C LEU A 195 51.23 -5.24 116.69
N SER A 196 50.74 -6.47 116.78
CA SER A 196 49.43 -6.72 117.40
C SER A 196 49.46 -6.32 118.87
N GLU A 197 50.55 -6.63 119.57
CA GLU A 197 50.66 -6.26 120.98
C GLU A 197 50.65 -4.74 121.15
N LEU A 198 51.34 -4.03 120.27
CA LEU A 198 51.35 -2.57 120.36
C LEU A 198 49.98 -1.99 120.04
N ILE A 199 49.27 -2.58 119.07
CA ILE A 199 47.92 -2.11 118.79
C ILE A 199 47.03 -2.33 120.01
N ARG A 200 47.15 -3.50 120.65
CA ARG A 200 46.33 -3.79 121.82
C ARG A 200 46.64 -2.85 122.97
N THR A 201 47.92 -2.56 123.19
CA THR A 201 48.34 -1.74 124.33
C THR A 201 48.30 -0.24 124.05
N THR A 202 48.05 0.16 122.80
CA THR A 202 47.91 1.57 122.47
C THR A 202 46.47 2.01 122.68
N LEU A 203 46.31 3.28 123.04
CA LEU A 203 45.01 3.77 123.49
C LEU A 203 43.93 3.63 122.43
N ASP A 204 44.20 4.12 121.22
CA ASP A 204 43.22 4.12 120.14
C ASP A 204 43.87 3.76 118.82
N ALA A 205 44.73 2.73 118.82
CA ALA A 205 45.38 2.33 117.59
C ALA A 205 44.41 1.63 116.65
N GLU A 206 43.43 0.91 117.20
CA GLU A 206 42.47 0.21 116.35
C GLU A 206 41.70 1.17 115.46
N LYS A 207 41.46 2.39 115.92
CA LYS A 207 40.80 3.37 115.07
C LYS A 207 41.64 3.69 113.85
N VAL A 208 42.96 3.82 114.03
CA VAL A 208 43.87 4.04 112.91
C VAL A 208 43.92 2.81 112.01
N PHE A 209 43.90 1.61 112.58
CA PHE A 209 43.93 0.36 111.83
C PHE A 209 42.50 -0.14 111.66
N THR A 210 41.81 0.41 110.67
CA THR A 210 40.42 0.03 110.43
C THR A 210 40.30 -1.44 110.04
N GLN A 211 41.19 -1.90 109.16
CA GLN A 211 41.22 -3.29 108.73
C GLN A 211 42.25 -4.12 109.48
N GLY A 212 42.65 -3.70 110.68
CA GLY A 212 43.60 -4.46 111.46
C GLY A 212 44.99 -4.42 110.85
N LEU A 213 45.89 -5.15 111.50
CA LEU A 213 47.28 -5.30 111.05
C LEU A 213 47.71 -6.75 111.19
N ASN A 214 46.84 -7.66 110.79
CA ASN A 214 47.10 -9.10 110.87
C ASN A 214 47.83 -9.50 109.60
N ILE A 215 49.16 -9.52 109.67
CA ILE A 215 49.98 -9.68 108.48
C ILE A 215 50.08 -11.14 108.07
N LEU A 216 50.07 -12.06 109.04
CA LEU A 216 50.16 -13.48 108.71
C LEU A 216 49.00 -13.91 107.83
N GLU A 217 47.79 -13.47 108.15
CA GLU A 217 46.63 -13.85 107.36
C GLU A 217 46.72 -13.22 105.98
N TRP A 218 47.19 -11.98 105.90
CA TRP A 218 47.30 -11.29 104.61
C TRP A 218 48.30 -12.00 103.71
N LEU A 219 49.40 -12.47 104.29
CA LEU A 219 50.41 -13.18 103.50
C LEU A 219 49.92 -14.57 103.10
N GLU A 220 49.30 -15.29 104.03
CA GLU A 220 48.84 -16.65 103.73
C GLU A 220 47.75 -16.64 102.67
N ASN A 221 46.79 -15.72 102.76
CA ASN A 221 45.67 -15.62 101.83
C ASN A 221 45.74 -14.27 101.13
N PRO A 222 46.40 -14.18 99.97
CA PRO A 222 46.41 -12.91 99.23
C PRO A 222 45.04 -12.48 98.77
N SER A 223 44.07 -13.39 98.68
CA SER A 223 42.74 -13.04 98.19
C SER A 223 42.08 -11.99 99.07
N ASN A 224 42.17 -12.16 100.39
CA ASN A 224 41.52 -11.26 101.34
C ASN A 224 42.49 -10.25 101.91
N THR A 225 43.54 -9.91 101.18
CA THR A 225 44.44 -8.86 101.62
C THR A 225 43.78 -7.50 101.42
N PRO A 226 44.16 -6.48 102.20
CA PRO A 226 43.54 -5.17 102.03
C PRO A 226 43.91 -4.55 100.69
N ASP A 227 43.30 -3.41 100.42
CA ASP A 227 43.55 -2.69 99.18
C ASP A 227 44.83 -1.86 99.28
N LYS A 228 45.31 -1.44 98.11
CA LYS A 228 46.64 -0.84 98.02
C LYS A 228 46.71 0.48 98.76
N ASP A 229 45.63 1.27 98.74
CA ASP A 229 45.65 2.54 99.46
C ASP A 229 45.76 2.32 100.96
N TYR A 230 45.01 1.36 101.50
CA TYR A 230 45.11 1.07 102.93
C TYR A 230 46.50 0.55 103.29
N LEU A 231 47.06 -0.32 102.43
CA LEU A 231 48.41 -0.81 102.70
C LEU A 231 49.41 0.33 102.67
N LEU A 232 49.25 1.26 101.72
CA LEU A 232 50.14 2.40 101.58
C LEU A 232 49.96 3.42 102.70
N SER A 233 48.85 3.37 103.42
CA SER A 233 48.66 4.26 104.56
C SER A 233 49.81 4.06 105.56
N ILE A 234 50.33 5.18 106.07
CA ILE A 234 51.60 5.13 106.82
C ILE A 234 51.54 4.26 108.08
N PRO A 235 50.41 4.17 108.82
CA PRO A 235 50.44 3.27 109.99
C PRO A 235 50.69 1.82 109.60
N ILE A 236 50.41 1.45 108.34
CA ILE A 236 50.82 0.17 107.80
C ILE A 236 52.23 0.28 107.20
N SER A 237 52.43 1.27 106.32
CA SER A 237 53.61 1.29 105.48
C SER A 237 54.89 1.42 106.30
N CYS A 238 54.88 2.26 107.35
CA CYS A 238 56.09 2.46 108.14
C CYS A 238 56.57 1.16 108.78
N PRO A 239 55.79 0.52 109.67
CA PRO A 239 56.28 -0.74 110.25
C PRO A 239 56.51 -1.82 109.20
N LEU A 240 55.69 -1.86 108.15
CA LEU A 240 55.85 -2.91 107.15
C LEU A 240 57.09 -2.68 106.29
N ILE A 241 57.38 -1.43 105.95
CA ILE A 241 58.61 -1.14 105.22
C ILE A 241 59.82 -1.49 106.10
N GLY A 242 59.73 -1.18 107.39
CA GLY A 242 60.79 -1.61 108.30
C GLY A 242 60.95 -3.11 108.33
N VAL A 243 59.84 -3.84 108.35
CA VAL A 243 59.90 -5.30 108.35
C VAL A 243 60.53 -5.80 107.05
N ILE A 244 60.22 -5.16 105.93
CA ILE A 244 60.83 -5.54 104.66
C ILE A 244 62.33 -5.34 104.71
N GLN A 245 62.76 -4.20 105.22
CA GLN A 245 64.20 -3.92 105.30
C GLN A 245 64.90 -4.92 106.21
N LEU A 246 64.31 -5.21 107.37
CA LEU A 246 64.91 -6.17 108.28
C LEU A 246 64.90 -7.57 107.69
N ALA A 247 63.88 -7.91 106.90
CA ALA A 247 63.84 -9.19 106.22
C ALA A 247 64.98 -9.29 105.20
N HIS A 248 65.23 -8.21 104.46
CA HIS A 248 66.36 -8.20 103.54
C HIS A 248 67.67 -8.39 104.30
N TYR A 249 67.82 -7.70 105.43
CA TYR A 249 69.04 -7.83 106.22
C TYR A 249 69.20 -9.25 106.75
N VAL A 250 68.11 -9.86 107.22
CA VAL A 250 68.17 -11.22 107.74
C VAL A 250 68.52 -12.19 106.64
N VAL A 251 67.90 -12.05 105.46
CA VAL A 251 68.20 -12.94 104.35
C VAL A 251 69.67 -12.84 103.98
N THR A 252 70.18 -11.60 103.90
CA THR A 252 71.59 -11.40 103.57
C THR A 252 72.49 -12.07 104.59
N ALA A 253 72.28 -11.78 105.87
CA ALA A 253 73.16 -12.32 106.90
C ALA A 253 73.11 -13.84 106.94
N LYS A 254 71.90 -14.42 106.87
CA LYS A 254 71.77 -15.88 106.96
C LYS A 254 72.42 -16.55 105.74
N LEU A 255 72.16 -16.02 104.54
CA LEU A 255 72.71 -16.66 103.35
C LEU A 255 74.22 -16.52 103.28
N LEU A 256 74.77 -15.43 103.83
CA LEU A 256 76.21 -15.29 103.94
C LEU A 256 76.79 -15.98 105.16
N GLY A 257 75.96 -16.56 106.02
CA GLY A 257 76.46 -17.20 107.21
C GLY A 257 77.04 -16.21 108.20
N PHE A 258 76.45 -15.04 108.31
CA PHE A 258 76.87 -14.02 109.25
C PHE A 258 75.79 -13.82 110.30
N THR A 259 76.21 -13.58 111.54
CA THR A 259 75.30 -13.00 112.51
C THR A 259 75.06 -11.54 112.14
N PRO A 260 73.93 -10.96 112.54
CA PRO A 260 73.68 -9.55 112.21
C PRO A 260 74.75 -8.63 112.75
N GLY A 261 75.30 -8.92 113.94
CA GLY A 261 76.33 -8.07 114.48
C GLY A 261 77.61 -8.08 113.64
N GLU A 262 78.04 -9.27 113.22
CA GLU A 262 79.28 -9.32 112.44
C GLU A 262 79.06 -8.79 111.04
N LEU A 263 77.85 -8.98 110.47
CA LEU A 263 77.55 -8.32 109.20
C LEU A 263 77.62 -6.81 109.36
N ARG A 264 77.09 -6.29 110.45
CA ARG A 264 77.21 -4.86 110.73
C ARG A 264 78.66 -4.44 110.86
N SER A 265 79.48 -5.28 111.50
CA SER A 265 80.90 -4.96 111.63
C SER A 265 81.57 -4.89 110.27
N TYR A 266 81.23 -5.82 109.37
CA TYR A 266 81.71 -5.71 107.99
C TYR A 266 81.27 -4.40 107.34
N LEU A 267 80.03 -3.97 107.57
CA LEU A 267 79.58 -2.68 107.04
C LEU A 267 80.44 -1.55 107.61
N LYS A 268 80.95 -0.70 106.72
CA LYS A 268 81.66 0.49 107.17
C LYS A 268 80.71 1.48 107.82
N GLY A 269 79.49 1.61 107.30
CA GLY A 269 78.54 2.54 107.89
C GLY A 269 77.12 2.17 107.54
N ALA A 270 76.18 2.94 108.09
CA ALA A 270 74.77 2.73 107.86
C ALA A 270 74.05 4.07 107.82
N THR A 271 72.94 4.12 107.09
CA THR A 271 72.13 5.32 107.03
C THR A 271 70.81 4.96 106.34
N GLY A 272 69.92 5.94 106.27
CA GLY A 272 68.63 5.69 105.67
C GLY A 272 67.97 6.97 105.17
N HIS A 273 67.11 6.79 104.18
CA HIS A 273 66.31 7.86 103.62
C HIS A 273 65.04 7.99 104.47
N ALA A 274 65.05 8.95 105.39
CA ALA A 274 63.90 9.21 106.24
C ALA A 274 63.55 7.99 107.08
N GLN A 275 62.61 7.17 106.61
CA GLN A 275 62.13 6.04 107.41
C GLN A 275 63.25 5.03 107.66
N GLY A 276 64.07 4.76 106.64
CA GLY A 276 65.08 3.73 106.76
C GLY A 276 66.14 4.03 107.79
N LEU A 277 66.20 5.26 108.30
CA LEU A 277 67.16 5.60 109.34
C LEU A 277 66.94 4.73 110.57
N VAL A 278 65.69 4.42 110.88
CA VAL A 278 65.39 3.58 112.05
C VAL A 278 66.01 2.20 111.87
N THR A 279 65.85 1.62 110.68
CA THR A 279 66.44 0.31 110.41
C THR A 279 67.96 0.40 110.45
N ALA A 280 68.53 1.51 109.97
CA ALA A 280 69.97 1.70 110.04
C ALA A 280 70.45 1.67 111.48
N VAL A 281 69.77 2.39 112.37
CA VAL A 281 70.17 2.40 113.79
C VAL A 281 69.99 1.01 114.40
N ALA A 282 68.91 0.32 114.03
CA ALA A 282 68.67 -1.02 114.57
C ALA A 282 69.77 -1.99 114.18
N ILE A 283 70.07 -2.07 112.88
CA ILE A 283 71.13 -2.97 112.45
C ILE A 283 72.48 -2.52 112.96
N ALA A 284 72.67 -1.22 113.20
CA ALA A 284 73.87 -0.73 113.85
C ALA A 284 74.03 -1.25 115.27
N GLU A 285 72.93 -1.32 116.03
CA GLU A 285 72.98 -1.82 117.40
C GLU A 285 72.93 -3.35 117.49
N THR A 286 72.56 -4.04 116.42
CA THR A 286 72.42 -5.50 116.48
C THR A 286 73.75 -6.17 116.81
N ASP A 287 73.67 -7.28 117.55
CA ASP A 287 74.84 -8.03 118.02
C ASP A 287 74.86 -9.48 117.55
N SER A 288 73.78 -10.23 117.77
CA SER A 288 73.74 -11.64 117.41
C SER A 288 72.30 -12.03 117.15
N TRP A 289 72.10 -13.28 116.70
CA TRP A 289 70.75 -13.75 116.43
C TRP A 289 69.92 -13.83 117.71
N GLU A 290 70.57 -14.10 118.84
CA GLU A 290 69.84 -14.21 120.09
C GLU A 290 69.15 -12.90 120.46
N SER A 291 69.85 -11.78 120.29
CA SER A 291 69.33 -10.46 120.62
C SER A 291 69.01 -9.63 119.38
N PHE A 292 68.82 -10.28 118.23
CA PHE A 292 68.45 -9.54 117.03
C PHE A 292 66.98 -9.12 117.08
N PHE A 293 66.13 -9.97 117.65
CA PHE A 293 64.71 -9.64 117.71
C PHE A 293 64.43 -8.48 118.65
N VAL A 294 65.32 -8.17 119.60
CA VAL A 294 65.09 -7.00 120.44
C VAL A 294 65.27 -5.72 119.62
N SER A 295 66.29 -5.69 118.75
CA SER A 295 66.45 -4.54 117.87
C SER A 295 65.34 -4.49 116.82
N VAL A 296 64.88 -5.65 116.35
CA VAL A 296 63.72 -5.68 115.47
C VAL A 296 62.52 -5.07 116.17
N ARG A 297 62.32 -5.41 117.44
CA ARG A 297 61.22 -4.84 118.21
C ARG A 297 61.37 -3.33 118.34
N LYS A 298 62.59 -2.87 118.62
CA LYS A 298 62.81 -1.42 118.72
C LYS A 298 62.45 -0.72 117.43
N ALA A 299 62.94 -1.24 116.30
CA ALA A 299 62.70 -0.61 115.01
C ALA A 299 61.22 -0.63 114.67
N ILE A 300 60.57 -1.78 114.83
CA ILE A 300 59.16 -1.89 114.48
C ILE A 300 58.31 -1.02 115.38
N THR A 301 58.65 -0.94 116.67
CA THR A 301 57.89 -0.08 117.58
C THR A 301 58.03 1.38 117.19
N VAL A 302 59.25 1.82 116.88
CA VAL A 302 59.46 3.21 116.49
C VAL A 302 58.68 3.51 115.21
N LEU A 303 58.74 2.61 114.24
CA LEU A 303 58.07 2.86 112.96
C LEU A 303 56.56 2.83 113.13
N PHE A 304 56.05 1.90 113.93
CA PHE A 304 54.62 1.84 114.19
C PHE A 304 54.14 3.12 114.85
N PHE A 305 54.89 3.61 115.84
CA PHE A 305 54.43 4.78 116.58
C PHE A 305 54.53 6.04 115.75
N ILE A 306 55.60 6.20 114.96
CA ILE A 306 55.67 7.36 114.09
C ILE A 306 54.54 7.31 113.06
N GLY A 307 54.26 6.13 112.52
CA GLY A 307 53.17 6.03 111.56
C GLY A 307 51.83 6.39 112.17
N VAL A 308 51.54 5.84 113.34
CA VAL A 308 50.25 6.07 113.98
C VAL A 308 50.09 7.54 114.34
N ARG A 309 51.12 8.13 114.98
CA ARG A 309 50.99 9.50 115.44
C ARG A 309 51.01 10.49 114.28
N CYS A 310 51.79 10.20 113.23
CA CYS A 310 51.78 11.08 112.08
C CYS A 310 50.45 11.01 111.34
N TYR A 311 49.86 9.81 111.24
CA TYR A 311 48.54 9.70 110.63
C TYR A 311 47.50 10.44 111.45
N GLU A 312 47.59 10.36 112.78
CA GLU A 312 46.66 11.09 113.63
C GLU A 312 46.85 12.60 113.46
N ALA A 313 48.10 13.06 113.39
CA ALA A 313 48.36 14.49 113.26
C ALA A 313 47.85 15.02 111.93
N TYR A 314 48.13 14.31 110.83
CA TYR A 314 47.69 14.69 109.50
C TYR A 314 47.17 13.48 108.76
N PRO A 315 45.93 13.07 109.03
CA PRO A 315 45.35 11.95 108.28
C PRO A 315 45.12 12.33 106.82
N ASN A 316 44.60 11.36 106.07
CA ASN A 316 44.35 11.53 104.64
C ASN A 316 42.86 11.76 104.42
N THR A 317 42.53 12.79 103.65
CA THR A 317 41.16 13.16 103.33
C THR A 317 40.92 13.05 101.83
N SER A 318 39.66 12.86 101.47
CA SER A 318 39.29 12.77 100.06
C SER A 318 39.50 14.11 99.40
N LEU A 319 40.35 14.14 98.37
CA LEU A 319 40.58 15.36 97.63
C LEU A 319 39.40 15.62 96.69
N PRO A 320 39.17 16.87 96.27
CA PRO A 320 38.11 17.14 95.30
C PRO A 320 38.28 16.31 94.04
N PRO A 321 37.24 15.59 93.60
CA PRO A 321 37.38 14.84 92.34
C PRO A 321 37.62 15.75 91.15
N SER A 322 37.28 17.03 91.22
CA SER A 322 37.66 17.94 90.16
C SER A 322 39.18 18.05 90.07
N ILE A 323 39.84 18.18 91.22
CA ILE A 323 41.30 18.22 91.25
C ILE A 323 41.87 16.88 90.76
N LEU A 324 41.27 15.78 91.20
CA LEU A 324 41.75 14.46 90.76
C LEU A 324 41.64 14.33 89.25
N GLU A 325 40.51 14.74 88.67
CA GLU A 325 40.30 14.64 87.24
C GLU A 325 41.26 15.54 86.49
N ASP A 326 41.50 16.75 86.98
CA ASP A 326 42.44 17.65 86.33
C ASP A 326 43.84 17.05 86.33
N SER A 327 44.28 16.53 87.47
CA SER A 327 45.60 15.91 87.56
C SER A 327 45.71 14.72 86.62
N LEU A 328 44.68 13.88 86.58
CA LEU A 328 44.73 12.70 85.71
C LEU A 328 44.76 13.10 84.24
N GLU A 329 43.91 14.05 83.82
CA GLU A 329 43.86 14.43 82.42
C GLU A 329 45.09 15.20 81.98
N ASN A 330 45.85 15.76 82.93
CA ASN A 330 47.12 16.40 82.62
C ASN A 330 48.29 15.41 82.67
N ASN A 331 48.03 14.13 82.40
CA ASN A 331 49.06 13.09 82.34
C ASN A 331 49.84 13.05 83.66
N GLU A 332 49.13 13.22 84.76
CA GLU A 332 49.71 13.27 86.09
C GLU A 332 49.03 12.19 86.92
N GLY A 333 49.73 11.71 87.95
CA GLY A 333 49.18 10.71 88.82
C GLY A 333 48.24 11.30 89.86
N VAL A 334 47.86 10.44 90.82
CA VAL A 334 46.99 10.91 91.89
C VAL A 334 47.77 11.90 92.77
N PRO A 335 47.18 13.02 93.19
CA PRO A 335 47.88 13.88 94.16
C PRO A 335 48.13 13.14 95.46
N SER A 336 49.26 13.46 96.09
CA SER A 336 49.65 12.88 97.36
C SER A 336 50.37 13.95 98.17
N PRO A 337 50.58 13.72 99.47
CA PRO A 337 51.24 14.75 100.28
C PRO A 337 52.72 14.94 99.97
N MET A 338 53.30 14.17 99.06
CA MET A 338 54.69 14.31 98.64
C MET A 338 54.75 14.38 97.13
N LEU A 339 55.40 15.42 96.60
CA LEU A 339 55.54 15.64 95.17
C LEU A 339 57.02 15.70 94.82
N SER A 340 57.49 14.76 94.00
CA SER A 340 58.88 14.71 93.57
C SER A 340 59.04 15.47 92.27
N ILE A 341 60.00 16.38 92.24
CA ILE A 341 60.31 17.21 91.08
C ILE A 341 61.74 16.90 90.65
N SER A 342 61.92 16.60 89.37
CA SER A 342 63.21 16.21 88.82
C SER A 342 63.55 17.13 87.65
N ASN A 343 64.85 17.42 87.54
CA ASN A 343 65.43 18.30 86.53
C ASN A 343 65.21 19.77 86.86
N LEU A 344 65.01 20.08 88.14
CA LEU A 344 64.90 21.46 88.60
C LEU A 344 65.83 21.64 89.79
N THR A 345 66.61 22.72 89.77
CA THR A 345 67.54 23.00 90.85
C THR A 345 66.78 23.43 92.12
N GLN A 346 67.50 23.36 93.24
CA GLN A 346 66.88 23.65 94.53
C GLN A 346 66.42 25.09 94.60
N GLU A 347 67.19 26.02 94.04
CA GLU A 347 66.77 27.43 94.09
C GLU A 347 65.47 27.64 93.33
N GLN A 348 65.32 26.98 92.18
CA GLN A 348 64.10 27.13 91.40
C GLN A 348 62.92 26.49 92.11
N VAL A 349 63.09 25.28 92.64
CA VAL A 349 62.01 24.63 93.38
C VAL A 349 61.64 25.48 94.59
N GLN A 350 62.64 26.10 95.24
CA GLN A 350 62.37 26.90 96.42
C GLN A 350 61.61 28.17 96.06
N ASP A 351 61.95 28.80 94.94
CA ASP A 351 61.19 30.00 94.58
C ASP A 351 59.75 29.64 94.23
N TYR A 352 59.54 28.51 93.54
CA TYR A 352 58.17 28.08 93.28
C TYR A 352 57.41 27.81 94.58
N VAL A 353 58.06 27.13 95.52
CA VAL A 353 57.44 26.84 96.80
C VAL A 353 57.11 28.14 97.53
N ASN A 354 58.00 29.13 97.47
CA ASN A 354 57.75 30.39 98.15
C ASN A 354 56.58 31.14 97.52
N LYS A 355 56.49 31.13 96.20
CA LYS A 355 55.37 31.81 95.55
C LYS A 355 54.05 31.15 95.91
N THR A 356 54.03 29.81 95.96
CA THR A 356 52.82 29.13 96.40
C THR A 356 52.50 29.43 97.88
N ASN A 357 53.52 29.46 98.72
CA ASN A 357 53.32 29.69 100.15
C ASN A 357 52.86 31.11 100.43
N SER A 358 53.24 32.07 99.57
CA SER A 358 52.82 33.45 99.78
C SER A 358 51.29 33.57 99.78
N HIS A 359 50.63 32.80 98.91
CA HIS A 359 49.18 32.78 98.88
C HIS A 359 48.59 31.81 99.90
N LEU A 360 49.22 30.65 100.12
CA LEU A 360 48.64 29.70 101.04
C LEU A 360 48.78 30.20 102.49
N PRO A 361 47.90 29.76 103.39
CA PRO A 361 48.05 30.11 104.80
C PRO A 361 49.11 29.27 105.49
N ALA A 362 49.38 29.63 106.75
CA ALA A 362 50.46 28.99 107.50
C ALA A 362 50.22 27.50 107.68
N GLY A 363 48.98 27.11 107.99
CA GLY A 363 48.69 25.72 108.25
C GLY A 363 48.65 24.84 107.03
N LYS A 364 48.67 25.43 105.83
CA LYS A 364 48.64 24.70 104.56
C LYS A 364 49.91 24.92 103.75
N GLN A 365 51.00 25.34 104.38
CA GLN A 365 52.23 25.62 103.66
C GLN A 365 52.82 24.32 103.11
N VAL A 366 53.66 24.47 102.09
CA VAL A 366 54.42 23.37 101.51
C VAL A 366 55.89 23.74 101.61
N GLU A 367 56.73 22.75 101.92
CA GLU A 367 58.16 22.97 102.04
C GLU A 367 58.90 21.77 101.47
N ILE A 368 60.15 22.01 101.08
CA ILE A 368 60.98 20.95 100.54
C ILE A 368 61.26 19.93 101.65
N SER A 369 61.02 18.66 101.34
CA SER A 369 61.16 17.58 102.30
C SER A 369 62.42 16.74 102.07
N LEU A 370 62.64 16.28 100.83
CA LEU A 370 63.76 15.41 100.51
C LEU A 370 64.57 16.07 99.40
N VAL A 371 65.77 16.51 99.74
CA VAL A 371 66.73 17.01 98.72
C VAL A 371 67.47 15.77 98.24
N ASN A 372 66.85 15.05 97.31
CA ASN A 372 67.42 13.79 96.84
C ASN A 372 68.72 14.03 96.07
N GLY A 373 68.78 15.13 95.32
CA GLY A 373 69.98 15.43 94.56
C GLY A 373 69.99 16.89 94.17
N ALA A 374 70.96 17.23 93.32
CA ALA A 374 71.05 18.61 92.83
C ALA A 374 69.82 18.98 92.02
N LYS A 375 69.35 18.05 91.17
CA LYS A 375 68.21 18.26 90.30
C LYS A 375 67.03 17.35 90.65
N ASN A 376 67.00 16.86 91.89
CA ASN A 376 65.95 15.95 92.34
C ASN A 376 65.54 16.37 93.74
N LEU A 377 64.29 16.81 93.89
CA LEU A 377 63.78 17.29 95.17
C LEU A 377 62.39 16.70 95.39
N VAL A 378 61.95 16.77 96.64
CA VAL A 378 60.60 16.37 97.01
C VAL A 378 60.01 17.43 97.93
N VAL A 379 58.81 17.89 97.61
CA VAL A 379 58.10 18.90 98.40
C VAL A 379 56.96 18.20 99.12
N SER A 380 56.86 18.42 100.43
CA SER A 380 55.82 17.82 101.25
C SER A 380 54.89 18.90 101.77
N GLY A 381 53.62 18.53 101.92
CA GLY A 381 52.61 19.44 102.38
C GLY A 381 51.24 18.87 102.11
N PRO A 382 50.19 19.69 102.23
CA PRO A 382 48.85 19.21 101.91
C PRO A 382 48.77 18.77 100.46
N PRO A 383 48.06 17.67 100.16
CA PRO A 383 47.94 17.28 98.74
C PRO A 383 47.34 18.37 97.87
N GLN A 384 46.38 19.12 98.40
CA GLN A 384 45.78 20.21 97.64
C GLN A 384 46.80 21.32 97.38
N SER A 385 47.61 21.65 98.40
CA SER A 385 48.65 22.66 98.22
C SER A 385 49.67 22.22 97.18
N LEU A 386 50.06 20.94 97.23
CA LEU A 386 51.00 20.43 96.23
C LEU A 386 50.36 20.39 94.84
N TYR A 387 49.05 20.17 94.75
CA TYR A 387 48.38 20.27 93.46
C TYR A 387 48.42 21.70 92.94
N GLY A 388 48.28 22.67 93.83
CA GLY A 388 48.42 24.06 93.40
C GLY A 388 49.83 24.37 92.92
N LEU A 389 50.83 23.90 93.66
CA LEU A 389 52.21 24.02 93.21
C LEU A 389 52.39 23.35 91.85
N ASN A 390 51.73 22.21 91.65
CA ASN A 390 51.84 21.49 90.39
C ASN A 390 51.19 22.27 89.26
N LEU A 391 50.10 22.99 89.56
CA LEU A 391 49.48 23.86 88.56
C LEU A 391 50.46 24.96 88.15
N THR A 392 51.12 25.57 89.13
CA THR A 392 52.11 26.60 88.80
C THR A 392 53.26 26.02 87.98
N LEU A 393 53.73 24.83 88.37
CA LEU A 393 54.82 24.20 87.63
C LEU A 393 54.40 23.85 86.21
N ARG A 394 53.15 23.40 86.03
CA ARG A 394 52.64 23.13 84.69
C ARG A 394 52.60 24.41 83.87
N LYS A 395 52.18 25.52 84.48
CA LYS A 395 52.19 26.79 83.77
C LYS A 395 53.61 27.17 83.36
N ALA A 396 54.61 26.82 84.17
CA ALA A 396 56.00 27.16 83.90
C ALA A 396 56.76 26.07 83.15
N LYS A 397 56.10 24.99 82.75
CA LYS A 397 56.75 23.81 82.20
C LYS A 397 56.49 23.71 80.71
N ALA A 398 57.54 23.36 79.95
CA ALA A 398 57.41 23.15 78.52
C ALA A 398 56.92 21.73 78.25
N PRO A 399 56.29 21.49 77.09
CA PRO A 399 55.95 20.12 76.72
C PRO A 399 57.19 19.26 76.58
N SER A 400 57.07 17.98 76.92
CA SER A 400 58.18 17.06 76.77
C SER A 400 58.58 16.91 75.31
N GLY A 401 57.59 16.86 74.42
CA GLY A 401 57.85 16.72 73.00
C GLY A 401 57.98 18.05 72.27
N LEU A 402 58.67 19.01 72.88
CA LEU A 402 58.95 20.30 72.26
C LEU A 402 60.39 20.25 71.75
N ASP A 403 60.54 20.14 70.43
CA ASP A 403 61.86 20.06 69.81
C ASP A 403 62.50 21.45 69.84
N GLN A 404 63.44 21.64 70.76
CA GLN A 404 64.12 22.93 70.94
C GLN A 404 65.53 22.94 70.34
N SER A 405 65.84 21.98 69.47
CA SER A 405 67.19 21.90 68.92
C SER A 405 67.54 23.13 68.09
N ARG A 406 66.55 23.83 67.56
CA ARG A 406 66.77 25.01 66.75
C ARG A 406 66.81 26.30 67.56
N ILE A 407 66.56 26.23 68.87
CA ILE A 407 66.51 27.41 69.73
C ILE A 407 67.85 27.51 70.46
N PRO A 408 68.38 28.70 70.72
CA PRO A 408 69.63 28.78 71.51
C PRO A 408 69.44 28.23 72.91
N PHE A 409 70.53 27.70 73.46
CA PHE A 409 70.46 27.03 74.76
C PHE A 409 69.98 27.97 75.85
N SER A 410 70.46 29.21 75.87
CA SER A 410 70.03 30.18 76.88
C SER A 410 68.54 30.47 76.75
N GLU A 411 68.05 30.60 75.53
CA GLU A 411 66.65 30.96 75.31
C GLU A 411 65.68 29.80 75.48
N ARG A 412 66.18 28.59 75.75
CA ARG A 412 65.32 27.43 75.84
C ARG A 412 64.49 27.46 77.12
N LYS A 413 63.20 27.17 76.97
CA LYS A 413 62.32 27.03 78.12
C LYS A 413 62.73 25.79 78.90
N LEU A 414 62.91 25.96 80.20
CA LEU A 414 63.28 24.83 81.05
C LEU A 414 62.19 23.78 81.04
N LYS A 415 62.61 22.51 81.04
CA LYS A 415 61.72 21.37 81.09
C LYS A 415 62.09 20.49 82.27
N PHE A 416 61.08 19.95 82.94
CA PHE A 416 61.29 19.11 84.10
C PHE A 416 60.13 18.15 84.24
N SER A 417 60.27 17.18 85.15
CA SER A 417 59.26 16.15 85.37
C SER A 417 58.84 16.17 86.83
N ASN A 418 57.54 16.34 87.09
CA ASN A 418 57.00 16.34 88.42
C ASN A 418 55.95 15.24 88.56
N ARG A 419 56.11 14.40 89.58
CA ARG A 419 55.16 13.32 89.81
C ARG A 419 54.99 13.13 91.31
N PHE A 420 53.78 12.77 91.70
CA PHE A 420 53.45 12.59 93.11
C PHE A 420 53.93 11.22 93.56
N LEU A 421 54.55 11.16 94.73
CA LEU A 421 55.08 9.90 95.24
C LEU A 421 53.94 9.03 95.76
N PRO A 422 54.14 7.69 95.82
CA PRO A 422 53.18 6.86 96.55
C PRO A 422 53.40 6.96 98.06
N VAL A 423 52.84 8.01 98.65
CA VAL A 423 52.92 8.24 100.09
C VAL A 423 51.55 8.69 100.54
N ALA A 424 51.27 8.51 101.83
CA ALA A 424 49.96 8.83 102.40
C ALA A 424 50.00 9.98 103.40
N SER A 425 51.18 10.39 103.87
CA SER A 425 51.30 11.52 104.78
C SER A 425 52.42 12.44 104.32
N PRO A 426 52.37 13.73 104.69
CA PRO A 426 53.43 14.68 104.31
C PRO A 426 54.63 14.65 105.26
N PHE A 427 55.56 13.73 104.99
CA PHE A 427 56.73 13.61 105.85
C PHE A 427 57.63 14.83 105.72
N HIS A 428 58.39 15.10 106.78
CA HIS A 428 59.31 16.24 106.84
C HIS A 428 58.57 17.56 106.59
N SER A 429 57.38 17.68 107.19
CA SER A 429 56.56 18.87 107.05
C SER A 429 56.21 19.42 108.43
N HIS A 430 55.81 20.68 108.44
CA HIS A 430 55.27 21.28 109.66
C HIS A 430 54.02 20.55 110.13
N LEU A 431 53.33 19.84 109.22
CA LEU A 431 52.05 19.23 109.55
C LEU A 431 52.20 18.11 110.57
N LEU A 432 53.26 17.31 110.46
CA LEU A 432 53.51 16.20 111.37
C LEU A 432 54.32 16.61 112.58
N VAL A 433 54.67 17.89 112.71
CA VAL A 433 55.40 18.37 113.89
C VAL A 433 54.66 18.05 115.18
N PRO A 434 53.34 18.25 115.30
CA PRO A 434 52.68 17.92 116.58
C PRO A 434 52.84 16.47 116.99
N ALA A 435 53.08 15.56 116.04
CA ALA A 435 53.19 14.15 116.39
C ALA A 435 54.52 13.82 117.06
N SER A 436 55.51 14.71 116.97
CA SER A 436 56.86 14.39 117.43
C SER A 436 56.91 14.16 118.94
N ASP A 437 56.33 15.08 119.71
CA ASP A 437 56.38 14.95 121.17
C ASP A 437 55.60 13.72 121.62
N LEU A 438 54.46 13.46 120.99
CA LEU A 438 53.68 12.27 121.31
C LEU A 438 54.48 11.01 121.02
N ILE A 439 55.20 11.01 119.89
CA ILE A 439 56.03 9.86 119.54
C ILE A 439 57.11 9.65 120.59
N ASN A 440 57.77 10.72 121.00
CA ASN A 440 58.84 10.60 121.99
C ASN A 440 58.30 10.06 123.31
N LYS A 441 57.15 10.58 123.76
CA LYS A 441 56.54 10.09 124.98
C LYS A 441 56.16 8.62 124.83
N ASP A 442 55.71 8.22 123.64
CA ASP A 442 55.35 6.83 123.40
C ASP A 442 56.57 5.93 123.49
N LEU A 443 57.70 6.38 122.97
CA LEU A 443 58.91 5.57 123.04
C LEU A 443 59.37 5.43 124.49
N VAL A 444 59.34 6.52 125.26
CA VAL A 444 59.68 6.42 126.68
C VAL A 444 58.72 5.50 127.42
N LYS A 445 57.44 5.46 127.02
CA LYS A 445 56.50 4.56 127.67
C LYS A 445 56.78 3.11 127.28
N ASN A 446 56.62 2.79 126.00
CA ASN A 446 57.05 1.50 125.46
C ASN A 446 58.51 1.64 125.06
N ASN A 447 59.37 1.65 126.08
CA ASN A 447 60.78 2.05 126.00
C ASN A 447 61.51 1.52 124.77
N VAL A 448 61.94 2.45 123.92
CA VAL A 448 62.83 2.16 122.80
C VAL A 448 63.85 3.29 122.74
N SER A 449 65.05 3.02 123.25
CA SER A 449 66.12 4.01 123.31
C SER A 449 67.32 3.49 122.54
N PHE A 450 67.94 4.37 121.76
CA PHE A 450 69.18 4.07 121.05
C PHE A 450 70.31 4.81 121.76
N ASN A 451 71.29 4.05 122.25
CA ASN A 451 72.40 4.59 123.00
C ASN A 451 73.66 4.59 122.14
N ALA A 452 74.39 5.70 122.17
CA ALA A 452 75.61 5.81 121.36
C ALA A 452 76.60 4.70 121.70
N LYS A 453 76.69 4.33 122.98
CA LYS A 453 77.59 3.26 123.38
C LYS A 453 77.16 1.92 122.79
N ASP A 454 75.85 1.65 122.76
CA ASP A 454 75.36 0.40 122.19
C ASP A 454 75.58 0.40 120.68
N ILE A 455 75.48 1.56 120.05
CA ILE A 455 75.77 1.66 118.62
C ILE A 455 77.27 1.60 118.42
N GLN A 456 77.71 0.77 117.47
CA GLN A 456 79.13 0.54 117.22
C GLN A 456 79.53 0.73 115.76
N ILE A 457 78.68 1.37 114.95
CA ILE A 457 79.10 1.88 113.65
C ILE A 457 78.49 3.26 113.44
N PRO A 458 79.17 4.11 112.68
CA PRO A 458 78.62 5.44 112.43
C PRO A 458 77.28 5.35 111.69
N VAL A 459 76.34 6.18 112.11
CA VAL A 459 75.05 6.33 111.44
C VAL A 459 74.93 7.78 111.02
N TYR A 460 74.78 8.01 109.72
CA TYR A 460 74.84 9.36 109.17
C TYR A 460 73.47 10.00 109.24
N ASP A 461 73.42 11.20 109.80
CA ASP A 461 72.16 11.91 109.97
C ASP A 461 71.55 12.27 108.63
N THR A 462 70.22 12.34 108.60
CA THR A 462 69.52 12.68 107.37
C THR A 462 69.61 14.18 107.07
N PHE A 463 69.67 15.01 108.11
CA PHE A 463 69.70 16.45 107.91
C PHE A 463 71.12 16.96 107.60
N ASP A 464 72.03 16.81 108.55
CA ASP A 464 73.37 17.38 108.44
C ASP A 464 74.46 16.35 108.18
N GLY A 465 74.14 15.06 108.12
CA GLY A 465 75.13 14.04 107.87
C GLY A 465 76.01 13.71 109.05
N SER A 466 75.85 14.40 110.18
CA SER A 466 76.67 14.12 111.35
C SER A 466 76.37 12.72 111.89
N ASP A 467 77.37 12.12 112.53
CA ASP A 467 77.16 10.83 113.13
C ASP A 467 76.21 10.94 114.33
N LEU A 468 75.29 9.99 114.44
CA LEU A 468 74.34 10.01 115.55
C LEU A 468 74.99 9.62 116.87
N ARG A 469 76.15 8.96 116.84
CA ARG A 469 76.81 8.59 118.09
C ARG A 469 77.25 9.82 118.88
N VAL A 470 77.81 10.81 118.20
CA VAL A 470 78.35 11.99 118.88
C VAL A 470 77.30 13.02 119.21
N LEU A 471 76.02 12.72 118.99
CA LEU A 471 74.95 13.67 119.33
C LEU A 471 74.70 13.65 120.84
N SER A 472 74.70 14.83 121.45
CA SER A 472 74.46 14.92 122.89
C SER A 472 73.02 14.54 123.22
N GLY A 473 72.06 14.94 122.38
CA GLY A 473 70.67 14.68 122.66
C GLY A 473 70.28 13.23 122.43
N SER A 474 69.00 12.96 122.60
CA SER A 474 68.48 11.60 122.44
C SER A 474 68.48 11.21 120.97
N ILE A 475 69.07 10.05 120.68
CA ILE A 475 69.14 9.58 119.30
C ILE A 475 67.77 9.23 118.78
N SER A 476 66.92 8.63 119.62
CA SER A 476 65.56 8.31 119.19
C SER A 476 64.78 9.58 118.87
N GLU A 477 64.89 10.59 119.71
CA GLU A 477 64.22 11.86 119.43
C GLU A 477 64.72 12.47 118.13
N ARG A 478 66.04 12.50 117.94
CA ARG A 478 66.58 13.11 116.73
C ARG A 478 66.09 12.35 115.51
N ILE A 479 66.05 11.03 115.58
CA ILE A 479 65.51 10.23 114.47
C ILE A 479 64.07 10.66 114.19
N VAL A 480 63.28 10.88 115.23
CA VAL A 480 61.88 11.24 115.03
C VAL A 480 61.76 12.58 114.33
N ASP A 481 62.53 13.60 114.77
CA ASP A 481 62.51 14.87 114.03
C ASP A 481 63.03 14.71 112.61
N CYS A 482 63.97 13.80 112.39
CA CYS A 482 64.47 13.60 111.03
C CYS A 482 63.35 13.09 110.12
N ILE A 483 62.55 12.15 110.61
CA ILE A 483 61.46 11.62 109.78
C ILE A 483 60.35 12.65 109.62
N ILE A 484 59.93 13.30 110.71
CA ILE A 484 58.69 14.06 110.71
C ILE A 484 58.88 15.54 110.43
N ARG A 485 59.94 16.16 110.95
CA ARG A 485 60.11 17.61 110.92
C ARG A 485 61.20 18.03 109.93
N LEU A 486 62.41 17.52 110.09
CA LEU A 486 63.52 18.05 109.31
C LEU A 486 63.56 17.43 107.92
N PRO A 487 64.07 18.15 106.92
CA PRO A 487 64.22 17.55 105.59
C PRO A 487 65.40 16.60 105.52
N VAL A 488 65.41 15.80 104.45
CA VAL A 488 66.46 14.83 104.18
C VAL A 488 67.36 15.44 103.12
N LYS A 489 68.55 15.90 103.54
CA LYS A 489 69.57 16.39 102.61
C LYS A 489 70.46 15.20 102.25
N TRP A 490 69.96 14.40 101.30
CA TRP A 490 70.58 13.13 100.99
C TRP A 490 72.02 13.30 100.50
N GLU A 491 72.26 14.34 99.68
CA GLU A 491 73.64 14.61 99.25
C GLU A 491 74.52 14.91 100.45
N THR A 492 74.02 15.69 101.42
CA THR A 492 74.82 16.03 102.58
C THR A 492 75.09 14.79 103.44
N THR A 493 74.19 13.80 103.41
CA THR A 493 74.51 12.52 104.05
C THR A 493 75.45 11.67 103.19
N THR A 494 75.50 11.94 101.89
CA THR A 494 76.21 11.14 100.91
C THR A 494 77.69 11.49 100.83
N GLN A 495 78.25 12.14 101.84
CA GLN A 495 79.66 12.51 101.84
C GLN A 495 80.57 11.40 102.36
N PHE A 496 80.01 10.29 102.84
CA PHE A 496 80.85 9.23 103.36
C PHE A 496 81.70 8.62 102.24
N LYS A 497 82.92 8.23 102.59
CA LYS A 497 83.84 7.62 101.64
C LYS A 497 83.64 6.11 101.69
N ALA A 498 83.05 5.55 100.64
CA ALA A 498 82.81 4.12 100.57
C ALA A 498 82.83 3.68 99.12
N THR A 499 83.32 2.46 98.90
CA THR A 499 83.39 1.88 97.56
C THR A 499 82.14 1.10 97.19
N HIS A 500 81.40 0.60 98.18
CA HIS A 500 80.23 -0.24 97.94
C HIS A 500 79.10 0.16 98.87
N ILE A 501 77.90 0.25 98.30
CA ILE A 501 76.69 0.59 99.04
C ILE A 501 75.65 -0.50 98.83
N LEU A 502 75.02 -0.92 99.92
CA LEU A 502 73.98 -1.95 99.90
C LEU A 502 72.64 -1.30 100.20
N ASP A 503 71.74 -1.32 99.22
CA ASP A 503 70.41 -0.73 99.37
C ASP A 503 69.43 -1.82 99.78
N PHE A 504 68.94 -1.73 101.01
CA PHE A 504 67.97 -2.70 101.54
C PHE A 504 66.54 -2.18 101.49
N GLY A 505 66.30 -1.03 100.88
CA GLY A 505 65.00 -0.42 100.94
C GLY A 505 64.01 -1.08 100.01
N PRO A 506 62.75 -0.63 100.08
CA PRO A 506 61.76 -1.09 99.10
C PRO A 506 62.01 -0.44 97.74
N GLY A 507 61.27 -0.93 96.76
CA GLY A 507 61.31 -0.40 95.41
C GLY A 507 62.22 -1.15 94.47
N GLY A 508 63.26 -1.78 94.98
CA GLY A 508 64.20 -2.48 94.13
C GLY A 508 64.88 -1.53 93.17
N ALA A 509 64.60 -1.69 91.87
CA ALA A 509 65.17 -0.81 90.88
C ALA A 509 64.68 0.63 91.03
N SER A 510 63.48 0.81 91.56
CA SER A 510 62.93 2.14 91.80
C SER A 510 63.25 2.67 93.19
N GLY A 511 64.05 1.95 93.97
CA GLY A 511 64.28 2.29 95.35
C GLY A 511 65.39 3.31 95.54
N LEU A 512 65.83 3.42 96.79
CA LEU A 512 66.89 4.36 97.15
C LEU A 512 68.22 4.03 96.51
N GLY A 513 68.45 2.76 96.16
CA GLY A 513 69.75 2.36 95.66
C GLY A 513 70.09 3.01 94.33
N VAL A 514 69.15 3.00 93.39
CA VAL A 514 69.42 3.57 92.08
C VAL A 514 69.55 5.09 92.17
N LEU A 515 68.76 5.72 93.05
CA LEU A 515 68.91 7.15 93.27
C LEU A 515 70.31 7.47 93.80
N THR A 516 70.77 6.72 94.79
CA THR A 516 72.10 6.95 95.33
C THR A 516 73.17 6.69 94.28
N HIS A 517 72.97 5.67 93.44
CA HIS A 517 73.91 5.41 92.35
C HIS A 517 73.95 6.58 91.38
N ARG A 518 72.80 7.14 91.04
CA ARG A 518 72.79 8.29 90.13
C ARG A 518 73.48 9.49 90.76
N ASN A 519 73.30 9.68 92.07
CA ASN A 519 73.99 10.78 92.75
C ASN A 519 75.50 10.58 92.75
N LYS A 520 75.96 9.37 93.04
CA LYS A 520 77.39 9.07 93.17
C LYS A 520 78.04 8.62 91.86
N ASP A 521 77.32 8.65 90.74
CA ASP A 521 77.83 8.05 89.51
C ASP A 521 79.13 8.70 89.07
N GLY A 522 80.12 7.87 88.73
CA GLY A 522 81.42 8.32 88.30
C GLY A 522 82.44 8.52 89.39
N THR A 523 82.04 8.45 90.66
CA THR A 523 82.95 8.58 91.78
C THR A 523 83.55 7.25 92.23
N GLY A 524 83.25 6.16 91.52
CA GLY A 524 83.80 4.87 91.87
C GLY A 524 83.06 4.13 92.95
N VAL A 525 81.77 4.43 93.13
CA VAL A 525 80.93 3.79 94.15
C VAL A 525 79.93 2.89 93.43
N ARG A 526 79.95 1.61 93.78
CA ARG A 526 79.01 0.63 93.23
C ARG A 526 77.87 0.45 94.23
N VAL A 527 76.64 0.55 93.73
CA VAL A 527 75.44 0.32 94.51
C VAL A 527 74.87 -1.04 94.16
N ILE A 528 74.48 -1.80 95.16
CA ILE A 528 73.89 -3.12 95.00
C ILE A 528 72.51 -3.10 95.63
N VAL A 529 71.49 -3.42 94.85
CA VAL A 529 70.12 -3.48 95.36
C VAL A 529 69.96 -4.82 96.05
N ALA A 530 70.20 -4.85 97.37
CA ALA A 530 70.20 -6.09 98.12
C ALA A 530 68.84 -6.76 98.19
N GLY A 531 67.77 -6.04 97.88
CA GLY A 531 66.42 -6.56 98.01
C GLY A 531 65.79 -7.13 96.77
N THR A 532 66.48 -7.12 95.63
CA THR A 532 65.89 -7.56 94.37
C THR A 532 66.87 -8.45 93.62
N LEU A 533 66.32 -9.49 92.99
CA LEU A 533 67.06 -10.35 92.06
C LEU A 533 66.62 -9.95 90.66
N ASP A 534 67.52 -9.29 89.94
CA ASP A 534 67.23 -8.88 88.57
C ASP A 534 68.56 -8.58 87.89
N ILE A 535 68.52 -8.43 86.57
CA ILE A 535 69.69 -8.15 85.75
C ILE A 535 69.61 -6.71 85.27
N ASN A 536 70.64 -5.92 85.59
CA ASN A 536 70.74 -4.56 85.09
C ASN A 536 71.46 -4.60 83.75
N PRO A 537 70.80 -4.25 82.63
CA PRO A 537 71.50 -4.35 81.34
C PRO A 537 72.75 -3.49 81.26
N ASP A 538 72.73 -2.31 81.87
CA ASP A 538 73.90 -1.45 81.86
C ASP A 538 75.00 -1.95 82.79
N ASP A 539 74.65 -2.74 83.79
CA ASP A 539 75.61 -3.24 84.79
C ASP A 539 76.30 -2.10 85.52
N ASP A 540 75.60 -0.97 85.69
CA ASP A 540 76.14 0.15 86.45
C ASP A 540 75.73 0.12 87.92
N TYR A 541 74.87 -0.82 88.33
CA TYR A 541 74.60 -1.05 89.73
C TYR A 541 74.27 -2.53 89.92
N GLY A 542 74.58 -3.04 91.10
CA GLY A 542 74.44 -4.46 91.38
C GLY A 542 73.04 -4.85 91.77
N PHE A 543 72.88 -6.13 92.06
CA PHE A 543 71.61 -6.69 92.50
C PHE A 543 71.91 -7.72 93.58
N LYS A 544 70.85 -8.38 94.07
CA LYS A 544 70.98 -9.28 95.22
C LYS A 544 72.03 -10.36 94.98
N GLN A 545 72.20 -10.80 93.73
CA GLN A 545 73.15 -11.87 93.44
C GLN A 545 74.59 -11.43 93.65
N GLU A 546 74.89 -10.15 93.42
CA GLU A 546 76.27 -9.69 93.52
C GLU A 546 76.77 -9.76 94.96
N ILE A 547 75.85 -9.72 95.93
CA ILE A 547 76.26 -9.81 97.34
C ILE A 547 76.75 -11.22 97.65
N PHE A 548 76.06 -12.23 97.15
CA PHE A 548 76.34 -13.61 97.49
C PHE A 548 77.32 -14.28 96.52
N ASP A 549 77.58 -13.68 95.37
CA ASP A 549 78.48 -14.30 94.41
C ASP A 549 79.89 -14.41 95.00
N VAL A 550 80.55 -15.53 94.72
CA VAL A 550 81.86 -15.82 95.29
C VAL A 550 82.99 -15.68 94.27
N THR A 551 82.68 -15.61 92.99
CA THR A 551 83.69 -15.46 91.96
C THR A 551 84.08 -13.98 91.85
N SER A 552 84.87 -13.65 90.83
CA SER A 552 85.24 -12.26 90.61
C SER A 552 84.06 -11.39 90.20
N ASN A 553 82.96 -12.01 89.75
CA ASN A 553 81.79 -11.24 89.37
C ASN A 553 81.18 -10.52 90.56
N GLY A 554 81.23 -11.13 91.74
CA GLY A 554 80.65 -10.52 92.92
C GLY A 554 81.33 -9.21 93.28
N LEU A 555 82.64 -9.13 93.06
CA LEU A 555 83.42 -7.93 93.37
C LEU A 555 83.48 -7.06 92.12
N LYS A 556 82.53 -6.14 92.00
CA LYS A 556 82.48 -5.18 90.90
C LYS A 556 82.77 -3.79 91.46
N LYS A 557 83.82 -3.16 90.94
CA LYS A 557 84.17 -1.79 91.29
C LYS A 557 83.59 -0.86 90.22
N ASN A 558 82.82 0.13 90.65
CA ASN A 558 82.29 1.09 89.71
C ASN A 558 83.43 1.94 89.14
N PRO A 559 83.36 2.38 87.88
CA PRO A 559 84.44 3.21 87.36
C PRO A 559 84.57 4.53 88.11
N ASN A 560 85.81 4.92 88.38
CA ASN A 560 86.15 6.23 88.94
C ASN A 560 86.82 7.00 87.82
N TRP A 561 86.13 8.03 87.32
CA TRP A 561 86.60 8.72 86.12
C TRP A 561 87.93 9.41 86.36
N LEU A 562 88.11 10.04 87.52
CA LEU A 562 89.34 10.76 87.79
C LEU A 562 90.54 9.82 87.81
N GLU A 563 90.32 8.56 88.21
CA GLU A 563 91.39 7.57 88.26
C GLU A 563 91.51 6.81 86.95
N GLU A 564 90.41 6.21 86.49
CA GLU A 564 90.48 5.32 85.34
C GLU A 564 90.89 6.08 84.08
N TYR A 565 90.36 7.28 83.89
CA TYR A 565 90.73 8.15 82.77
C TYR A 565 91.71 9.23 83.18
N HIS A 566 92.56 8.94 84.14
CA HIS A 566 93.52 9.91 84.65
C HIS A 566 94.52 10.25 83.55
N PRO A 567 94.71 11.53 83.20
CA PRO A 567 95.83 11.86 82.30
C PRO A 567 97.16 11.59 82.98
N LYS A 568 98.14 11.20 82.18
CA LYS A 568 99.47 10.87 82.69
C LYS A 568 100.51 11.27 81.66
N LEU A 569 101.76 11.37 82.11
CA LEU A 569 102.89 11.67 81.25
C LEU A 569 103.66 10.39 80.97
N ILE A 570 104.10 10.24 79.73
CA ILE A 570 104.90 9.10 79.33
C ILE A 570 105.96 9.59 78.34
N LYS A 571 107.14 8.99 78.43
CA LYS A 571 108.26 9.33 77.57
C LYS A 571 108.70 8.09 76.81
N ASN A 572 108.96 8.25 75.53
CA ASN A 572 109.42 7.16 74.69
C ASN A 572 110.93 7.00 74.87
N LYS A 573 111.57 6.20 74.02
CA LYS A 573 113.00 5.96 74.13
C LYS A 573 113.78 7.26 73.94
N SER A 574 113.36 8.10 73.00
CA SER A 574 114.04 9.37 72.77
C SER A 574 113.84 10.36 73.90
N GLY A 575 112.95 10.08 74.85
CA GLY A 575 112.67 11.01 75.92
C GLY A 575 111.63 12.06 75.59
N LYS A 576 110.90 11.91 74.49
CA LYS A 576 109.84 12.85 74.16
C LYS A 576 108.66 12.61 75.08
N ILE A 577 108.30 13.63 75.86
CA ILE A 577 107.23 13.52 76.84
C ILE A 577 105.90 13.66 76.12
N PHE A 578 105.10 12.59 76.15
CA PHE A 578 103.73 12.63 75.64
C PHE A 578 102.75 12.78 76.80
N VAL A 579 101.63 13.44 76.51
CA VAL A 579 100.51 13.46 77.45
C VAL A 579 99.78 12.14 77.28
N GLU A 580 100.08 11.17 78.14
CA GLU A 580 99.47 9.86 78.01
C GLU A 580 97.98 9.94 78.27
N THR A 581 97.20 9.57 77.26
CA THR A 581 95.75 9.61 77.33
C THR A 581 95.23 8.47 76.48
N LYS A 582 93.93 8.22 76.51
CA LYS A 582 93.37 7.16 75.69
C LYS A 582 93.59 7.44 74.20
N PHE A 583 93.21 8.63 73.75
CA PHE A 583 93.38 9.01 72.36
C PHE A 583 94.86 9.04 71.98
N SER A 584 95.69 9.61 72.86
CA SER A 584 97.13 9.68 72.60
C SER A 584 97.74 8.29 72.53
N LYS A 585 97.30 7.39 73.41
CA LYS A 585 97.81 6.03 73.41
C LYS A 585 97.47 5.33 72.11
N LEU A 586 96.26 5.56 71.61
CA LEU A 586 95.88 4.92 70.35
C LEU A 586 96.67 5.49 69.18
N ILE A 587 96.75 6.82 69.08
CA ILE A 587 97.33 7.44 67.88
C ILE A 587 98.84 7.58 67.93
N GLY A 588 99.47 7.29 69.05
CA GLY A 588 100.91 7.44 69.15
C GLY A 588 101.38 8.87 68.97
N ARG A 589 100.57 9.83 69.38
CA ARG A 589 100.89 11.24 69.21
C ARG A 589 100.20 12.01 70.33
N PRO A 590 100.50 13.30 70.48
CA PRO A 590 99.85 14.08 71.53
C PRO A 590 98.35 14.10 71.32
N PRO A 591 97.56 14.25 72.41
CA PRO A 591 96.09 14.23 72.28
C PRO A 591 95.51 15.57 71.82
N LEU A 592 96.13 16.16 70.80
CA LEU A 592 95.75 17.44 70.24
C LEU A 592 95.69 17.27 68.74
N LEU A 593 94.56 17.65 68.14
CA LEU A 593 94.35 17.46 66.71
C LEU A 593 93.79 18.74 66.10
N VAL A 594 94.06 18.92 64.81
CA VAL A 594 93.48 20.01 64.03
C VAL A 594 92.28 19.46 63.28
N PRO A 595 91.06 19.88 63.59
CA PRO A 595 89.91 19.27 62.93
C PRO A 595 89.81 19.70 61.48
N GLY A 596 89.06 18.93 60.70
CA GLY A 596 88.81 19.32 59.32
C GLY A 596 88.14 20.68 59.26
N MET A 597 88.76 21.61 58.53
CA MET A 597 88.30 22.99 58.45
C MET A 597 88.29 23.43 56.99
N THR A 598 87.10 23.61 56.44
CA THR A 598 86.97 24.21 55.12
C THR A 598 86.98 25.73 55.24
N PRO A 599 87.95 26.44 54.61
CA PRO A 599 89.03 26.03 53.72
C PRO A 599 90.41 25.92 54.38
N CYS A 600 90.51 25.91 55.72
CA CYS A 600 91.82 26.02 56.35
C CYS A 600 92.64 24.73 56.18
N THR A 601 92.06 23.60 56.57
CA THR A 601 92.75 22.33 56.37
C THR A 601 92.59 21.78 54.96
N VAL A 602 91.85 22.48 54.09
CA VAL A 602 91.75 22.07 52.70
C VAL A 602 93.12 22.10 52.05
N SER A 603 93.95 23.07 52.42
CA SER A 603 95.27 23.20 51.84
C SER A 603 96.11 21.98 52.17
N PRO A 604 96.64 21.25 51.17
CA PRO A 604 97.58 20.16 51.51
C PRO A 604 98.79 20.63 52.28
N ASP A 605 99.24 21.87 52.05
CA ASP A 605 100.43 22.36 52.74
C ASP A 605 100.22 22.42 54.24
N PHE A 606 99.07 22.93 54.68
CA PHE A 606 98.83 23.04 56.12
C PHE A 606 98.68 21.68 56.76
N VAL A 607 98.02 20.74 56.07
CA VAL A 607 97.88 19.39 56.58
C VAL A 607 99.26 18.74 56.73
N ALA A 608 100.10 18.89 55.71
CA ALA A 608 101.45 18.33 55.78
C ALA A 608 102.27 19.01 56.87
N ALA A 609 102.12 20.31 57.04
CA ALA A 609 102.87 21.02 58.07
C ALA A 609 102.47 20.55 59.46
N THR A 610 101.16 20.38 59.70
CA THR A 610 100.72 19.87 60.99
C THR A 610 101.22 18.45 61.22
N THR A 611 101.17 17.61 60.19
CA THR A 611 101.65 16.24 60.33
C THR A 611 103.14 16.22 60.65
N ASN A 612 103.92 17.07 59.96
CA ASN A 612 105.35 17.15 60.25
C ASN A 612 105.61 17.66 61.65
N ALA A 613 104.82 18.64 62.11
CA ALA A 613 104.88 19.08 63.49
C ALA A 613 104.58 17.94 64.46
N GLY A 614 103.78 16.97 64.05
CA GLY A 614 103.53 15.80 64.86
C GLY A 614 102.20 15.79 65.55
N TYR A 615 101.19 16.44 64.97
CA TYR A 615 99.87 16.53 65.56
C TYR A 615 98.84 16.13 64.51
N THR A 616 97.81 15.42 64.95
CA THR A 616 96.82 14.88 64.04
C THR A 616 96.07 16.01 63.33
N ILE A 617 95.79 15.80 62.05
CA ILE A 617 95.08 16.79 61.24
C ILE A 617 94.22 16.06 60.23
N GLU A 618 93.07 16.64 59.93
CA GLU A 618 92.11 16.12 58.98
C GLU A 618 92.11 17.00 57.73
N LEU A 619 92.37 16.40 56.58
CA LEU A 619 92.26 17.08 55.29
C LEU A 619 90.76 17.23 55.02
N ALA A 620 90.30 18.48 54.93
CA ALA A 620 88.87 18.73 54.76
C ALA A 620 88.48 18.55 53.30
N GLY A 621 87.40 17.81 53.06
CA GLY A 621 86.89 17.64 51.73
C GLY A 621 86.00 18.75 51.24
N GLY A 622 85.62 19.68 52.11
CA GLY A 622 84.68 20.72 51.72
C GLY A 622 85.18 21.58 50.57
N GLY A 623 86.50 21.71 50.45
CA GLY A 623 87.11 22.38 49.33
C GLY A 623 87.45 21.46 48.17
N TYR A 624 86.85 20.27 48.14
CA TYR A 624 87.08 19.31 47.06
C TYR A 624 85.74 18.77 46.58
N PHE A 625 85.59 18.67 45.27
CA PHE A 625 84.34 18.31 44.64
C PHE A 625 84.46 17.09 43.73
N SER A 626 85.65 16.52 43.59
CA SER A 626 85.82 15.32 42.80
C SER A 626 86.92 14.47 43.41
N ALA A 627 86.80 13.16 43.17
CA ALA A 627 87.82 12.22 43.63
C ALA A 627 89.17 12.56 43.06
N ALA A 628 89.23 13.11 41.84
CA ALA A 628 90.51 13.50 41.26
C ALA A 628 91.15 14.64 42.06
N GLY A 629 90.37 15.65 42.44
CA GLY A 629 90.92 16.75 43.22
C GLY A 629 91.39 16.29 44.59
N MET A 630 90.56 15.48 45.26
CA MET A 630 91.01 14.89 46.53
C MET A 630 92.25 14.02 46.37
N THR A 631 92.32 13.22 45.31
CA THR A 631 93.49 12.37 45.13
C THR A 631 94.74 13.22 44.93
N ALA A 632 94.63 14.29 44.15
CA ALA A 632 95.76 15.20 43.96
C ALA A 632 96.20 15.81 45.28
N ALA A 633 95.23 16.26 46.09
CA ALA A 633 95.57 16.86 47.37
C ALA A 633 96.21 15.84 48.31
N ILE A 634 95.68 14.62 48.34
CA ILE A 634 96.23 13.60 49.22
C ILE A 634 97.64 13.21 48.78
N ASP A 635 97.87 13.13 47.47
CA ASP A 635 99.21 12.87 46.98
C ASP A 635 100.16 14.00 47.36
N SER A 636 99.68 15.25 47.31
CA SER A 636 100.51 16.36 47.75
C SER A 636 100.86 16.22 49.23
N VAL A 637 99.88 15.85 50.05
CA VAL A 637 100.14 15.67 51.48
C VAL A 637 101.16 14.57 51.69
N VAL A 638 101.00 13.44 50.98
CA VAL A 638 101.91 12.32 51.15
C VAL A 638 103.32 12.71 50.73
N SER A 639 103.44 13.44 49.62
CA SER A 639 104.76 13.85 49.15
C SER A 639 105.41 14.79 50.15
N GLN A 640 104.63 15.68 50.77
CA GLN A 640 105.20 16.67 51.67
C GLN A 640 105.52 16.12 53.06
N ILE A 641 104.80 15.11 53.54
CA ILE A 641 105.04 14.57 54.88
C ILE A 641 106.24 13.62 54.83
N GLU A 642 106.72 13.26 56.02
CA GLU A 642 107.87 12.37 56.15
C GLU A 642 107.43 10.91 56.09
N LYS A 643 108.43 10.02 56.07
CA LYS A 643 108.14 8.59 56.01
C LYS A 643 107.43 8.12 57.27
N GLY A 644 106.37 7.34 57.09
CA GLY A 644 105.61 6.82 58.20
C GLY A 644 104.59 7.77 58.78
N SER A 645 104.59 9.03 58.39
CA SER A 645 103.60 9.99 58.85
C SER A 645 102.21 9.55 58.45
N THR A 646 101.21 10.24 58.98
CA THR A 646 99.83 9.92 58.66
C THR A 646 98.93 11.11 58.97
N PHE A 647 97.72 11.04 58.43
CA PHE A 647 96.74 12.12 58.56
C PHE A 647 95.35 11.52 58.30
N GLY A 648 94.31 12.28 58.64
CA GLY A 648 92.94 11.84 58.42
C GLY A 648 92.24 12.66 57.34
N ILE A 649 91.00 12.26 57.08
CA ILE A 649 90.15 12.94 56.10
C ILE A 649 88.84 13.29 56.77
N ASN A 650 88.39 14.53 56.59
CA ASN A 650 87.13 15.01 57.14
C ASN A 650 86.13 15.18 56.00
N LEU A 651 84.93 14.61 56.20
CA LEU A 651 83.87 14.66 55.22
C LEU A 651 82.59 15.18 55.88
N ILE A 652 81.80 15.88 55.08
CA ILE A 652 80.55 16.50 55.53
C ILE A 652 79.42 15.53 55.20
N TYR A 653 78.53 15.30 56.15
CA TYR A 653 77.44 14.35 55.97
C TYR A 653 76.18 14.96 55.39
N VAL A 654 76.04 16.29 55.41
CA VAL A 654 74.80 16.91 54.93
C VAL A 654 74.68 16.87 53.41
N ASN A 655 75.79 16.70 52.69
CA ASN A 655 75.75 16.63 51.22
C ASN A 655 76.00 15.18 50.78
N PRO A 656 75.00 14.46 50.28
CA PRO A 656 75.25 13.07 49.88
C PRO A 656 76.25 12.92 48.75
N PHE A 657 76.36 13.91 47.85
CA PHE A 657 77.33 13.82 46.76
C PHE A 657 78.75 13.71 47.30
N MET A 658 79.05 14.51 48.34
CA MET A 658 80.34 14.46 49.00
C MET A 658 80.69 13.04 49.43
N LEU A 659 79.77 12.40 50.16
CA LEU A 659 80.02 11.04 50.62
C LEU A 659 80.12 10.08 49.46
N GLN A 660 79.26 10.25 48.45
CA GLN A 660 79.22 9.31 47.34
C GLN A 660 80.54 9.29 46.59
N TRP A 661 81.18 10.45 46.42
CA TRP A 661 82.48 10.45 45.76
C TRP A 661 83.64 10.23 46.73
N GLY A 662 83.45 10.49 48.03
CA GLY A 662 84.55 10.42 48.96
C GLY A 662 84.77 9.08 49.63
N ILE A 663 83.69 8.40 50.02
CA ILE A 663 83.82 7.11 50.68
C ILE A 663 84.46 6.07 49.75
N PRO A 664 84.01 5.90 48.49
CA PRO A 664 84.75 5.00 47.60
C PRO A 664 86.20 5.40 47.42
N LEU A 665 86.48 6.70 47.39
CA LEU A 665 87.87 7.14 47.28
C LEU A 665 88.68 6.73 48.50
N ILE A 666 88.12 6.91 49.69
CA ILE A 666 88.84 6.53 50.90
C ILE A 666 89.09 5.03 50.90
N LYS A 667 88.10 4.25 50.49
CA LYS A 667 88.29 2.80 50.42
C LYS A 667 89.37 2.43 49.42
N GLU A 668 89.37 3.07 48.24
CA GLU A 668 90.38 2.77 47.23
C GLU A 668 91.77 3.16 47.72
N LEU A 669 91.90 4.33 48.35
CA LEU A 669 93.21 4.77 48.82
C LEU A 669 93.72 3.89 49.95
N ARG A 670 92.81 3.47 50.85
CA ARG A 670 93.20 2.54 51.90
C ARG A 670 93.64 1.21 51.31
N SER A 671 92.93 0.73 50.30
CA SER A 671 93.33 -0.50 49.62
C SER A 671 94.71 -0.35 49.00
N LYS A 672 94.98 0.80 48.39
CA LYS A 672 96.32 1.12 47.90
C LYS A 672 97.34 1.28 49.02
N GLY A 673 96.88 1.45 50.26
CA GLY A 673 97.77 1.58 51.39
C GLY A 673 98.11 3.00 51.78
N TYR A 674 97.27 3.96 51.44
CA TYR A 674 97.59 5.35 51.70
C TYR A 674 97.57 5.62 53.21
N PRO A 675 98.38 6.57 53.69
CA PRO A 675 98.41 6.86 55.13
C PRO A 675 97.22 7.70 55.58
N ILE A 676 96.02 7.14 55.44
CA ILE A 676 94.79 7.75 55.92
C ILE A 676 94.46 7.08 57.24
N GLN A 677 94.84 7.74 58.34
CA GLN A 677 94.65 7.14 59.66
C GLN A 677 93.17 7.00 59.99
N PHE A 678 92.36 7.99 59.64
CA PHE A 678 90.98 8.01 60.12
C PHE A 678 90.13 8.85 59.17
N LEU A 679 88.82 8.60 59.26
CA LEU A 679 87.80 9.40 58.59
C LEU A 679 86.93 10.03 59.68
N THR A 680 86.76 11.34 59.61
CA THR A 680 85.87 12.07 60.49
C THR A 680 84.63 12.48 59.72
N ILE A 681 83.47 12.30 60.36
CA ILE A 681 82.19 12.72 59.82
C ILE A 681 81.68 13.87 60.67
N GLY A 682 81.55 15.04 60.04
CA GLY A 682 81.05 16.23 60.69
C GLY A 682 79.72 16.67 60.10
N ALA A 683 79.02 17.55 60.80
CA ALA A 683 77.70 18.02 60.38
C ALA A 683 76.73 16.86 60.21
N GLY A 684 76.68 16.00 61.23
CA GLY A 684 75.78 14.85 61.22
C GLY A 684 76.49 13.58 61.61
N VAL A 685 75.77 12.67 62.25
CA VAL A 685 76.28 11.34 62.62
C VAL A 685 75.64 10.33 61.67
N PRO A 686 76.41 9.46 61.01
CA PRO A 686 75.78 8.47 60.13
C PRO A 686 74.91 7.50 60.89
N SER A 687 73.95 6.93 60.17
CA SER A 687 73.14 5.86 60.74
C SER A 687 74.02 4.67 61.10
N LEU A 688 73.42 3.70 61.81
CA LEU A 688 74.18 2.54 62.23
C LEU A 688 74.70 1.74 61.04
N GLU A 689 73.87 1.54 60.02
CA GLU A 689 74.29 0.77 58.86
C GLU A 689 75.42 1.47 58.12
N VAL A 690 75.32 2.79 57.94
CA VAL A 690 76.35 3.53 57.23
C VAL A 690 77.65 3.53 58.02
N ALA A 691 77.56 3.70 59.34
CA ALA A 691 78.75 3.68 60.17
C ALA A 691 79.42 2.32 60.14
N SER A 692 78.63 1.24 60.17
CA SER A 692 79.19 -0.10 60.06
C SER A 692 79.86 -0.29 58.71
N GLU A 693 79.22 0.21 57.64
CA GLU A 693 79.84 0.11 56.32
C GLU A 693 81.18 0.82 56.29
N TYR A 694 81.24 2.03 56.85
CA TYR A 694 82.50 2.75 56.89
C TYR A 694 83.54 1.97 57.68
N ILE A 695 83.18 1.52 58.88
CA ILE A 695 84.13 0.86 59.77
C ILE A 695 84.68 -0.40 59.13
N GLU A 696 83.82 -1.19 58.48
CA GLU A 696 84.27 -2.45 57.90
C GLU A 696 85.02 -2.24 56.60
N THR A 697 84.41 -1.53 55.64
CA THR A 697 84.98 -1.45 54.30
C THR A 697 86.22 -0.57 54.28
N LEU A 698 86.18 0.60 54.91
CA LEU A 698 87.29 1.55 54.77
C LEU A 698 88.57 1.02 55.39
N GLY A 699 88.47 0.31 56.50
CA GLY A 699 89.67 -0.20 57.14
C GLY A 699 90.57 0.89 57.67
N LEU A 700 90.02 1.86 58.39
CA LEU A 700 90.80 2.90 59.03
C LEU A 700 91.16 2.49 60.46
N LYS A 701 92.08 3.24 61.05
CA LYS A 701 92.44 3.01 62.45
C LYS A 701 91.28 3.35 63.38
N TYR A 702 90.61 4.48 63.15
CA TYR A 702 89.49 4.86 63.99
C TYR A 702 88.56 5.75 63.19
N LEU A 703 87.34 5.90 63.68
CA LEU A 703 86.32 6.71 63.03
C LEU A 703 85.95 7.87 63.92
N GLY A 704 86.14 9.09 63.42
CA GLY A 704 85.74 10.29 64.13
C GLY A 704 84.31 10.66 63.79
N LEU A 705 83.54 11.01 64.82
CA LEU A 705 82.17 11.45 64.65
C LEU A 705 81.97 12.72 65.46
N LYS A 706 81.33 13.72 64.86
CA LYS A 706 81.11 15.01 65.51
C LYS A 706 79.64 15.17 65.85
N PRO A 707 79.17 14.54 66.93
CA PRO A 707 77.76 14.71 67.31
C PRO A 707 77.47 16.13 67.74
N GLY A 708 76.25 16.56 67.44
CA GLY A 708 75.83 17.91 67.78
C GLY A 708 75.06 18.00 69.08
N SER A 709 74.19 17.02 69.35
CA SER A 709 73.23 17.10 70.44
C SER A 709 73.19 15.76 71.18
N ILE A 710 72.22 15.63 72.09
CA ILE A 710 72.06 14.39 72.84
C ILE A 710 71.75 13.23 71.91
N ASP A 711 70.87 13.46 70.93
CA ASP A 711 70.53 12.38 70.01
C ASP A 711 71.74 11.95 69.20
N ALA A 712 72.56 12.91 68.77
CA ALA A 712 73.76 12.56 68.03
C ALA A 712 74.75 11.79 68.89
N ILE A 713 74.90 12.20 70.16
CA ILE A 713 75.78 11.48 71.07
C ILE A 713 75.27 10.07 71.30
N SER A 714 73.96 9.91 71.44
CA SER A 714 73.38 8.58 71.61
C SER A 714 73.62 7.72 70.37
N GLN A 715 73.53 8.31 69.19
CA GLN A 715 73.80 7.56 67.97
C GLN A 715 75.26 7.14 67.90
N VAL A 716 76.18 8.02 68.32
CA VAL A 716 77.60 7.65 68.37
C VAL A 716 77.80 6.52 69.36
N ILE A 717 77.11 6.58 70.50
CA ILE A 717 77.21 5.51 71.49
C ILE A 717 76.68 4.20 70.92
N ASN A 718 75.61 4.26 70.13
CA ASN A 718 75.09 3.05 69.51
C ASN A 718 76.08 2.48 68.50
N ILE A 719 76.75 3.35 67.76
CA ILE A 719 77.77 2.88 66.83
C ILE A 719 78.91 2.21 67.58
N ALA A 720 79.35 2.80 68.70
CA ALA A 720 80.40 2.20 69.50
C ALA A 720 79.96 0.86 70.07
N LYS A 721 78.69 0.76 70.50
CA LYS A 721 78.17 -0.51 70.98
C LYS A 721 78.17 -1.56 69.87
N ALA A 722 77.77 -1.16 68.67
CA ALA A 722 77.75 -2.10 67.55
C ALA A 722 79.15 -2.54 67.16
N HIS A 723 80.16 -1.70 67.39
CA HIS A 723 81.55 -2.00 67.08
C HIS A 723 82.39 -1.75 68.32
N PRO A 724 82.30 -2.61 69.33
CA PRO A 724 83.02 -2.34 70.58
C PRO A 724 84.52 -2.47 70.46
N ASN A 725 85.02 -3.05 69.37
CA ASN A 725 86.46 -3.17 69.17
C ASN A 725 87.01 -1.95 68.45
N PHE A 726 86.26 -1.40 67.51
CA PHE A 726 86.77 -0.33 66.65
C PHE A 726 86.79 0.99 67.41
N PRO A 727 87.90 1.73 67.42
CA PRO A 727 87.91 3.01 68.13
C PRO A 727 87.07 4.07 67.43
N ILE A 728 86.25 4.74 68.22
CA ILE A 728 85.38 5.83 67.75
C ILE A 728 85.79 7.09 68.50
N ALA A 729 86.23 8.10 67.76
CA ALA A 729 86.62 9.38 68.34
C ALA A 729 85.40 10.28 68.33
N LEU A 730 84.73 10.38 69.48
CA LEU A 730 83.60 11.28 69.64
C LEU A 730 84.17 12.68 69.84
N GLN A 731 84.17 13.47 68.78
CA GLN A 731 84.69 14.84 68.81
C GLN A 731 83.53 15.77 69.15
N TRP A 732 83.26 15.88 70.44
CA TRP A 732 82.23 16.78 70.91
C TRP A 732 82.67 18.23 70.68
N THR A 733 81.73 19.05 70.20
CA THR A 733 81.95 20.47 70.01
C THR A 733 80.66 21.19 70.34
N GLY A 734 80.73 22.17 71.24
CA GLY A 734 79.58 22.97 71.56
C GLY A 734 79.26 23.94 70.46
N GLY A 735 78.13 24.64 70.64
CA GLY A 735 77.74 25.65 69.68
C GLY A 735 78.72 26.80 69.59
N ARG A 736 79.52 27.03 70.63
CA ARG A 736 80.45 28.14 70.66
C ARG A 736 81.64 27.96 69.73
N GLY A 737 81.74 26.82 69.04
CA GLY A 737 82.82 26.62 68.12
C GLY A 737 82.61 27.35 66.79
N GLY A 738 83.71 27.59 66.11
CA GLY A 738 83.66 28.31 64.86
C GLY A 738 83.01 27.51 63.76
N GLY A 739 82.83 28.17 62.61
CA GLY A 739 82.21 27.53 61.48
C GLY A 739 80.77 27.15 61.76
N HIS A 740 80.32 26.09 61.08
CA HIS A 740 78.99 25.55 61.36
C HIS A 740 78.92 25.08 62.80
N HIS A 741 77.85 25.46 63.49
CA HIS A 741 77.72 25.16 64.90
C HIS A 741 76.27 24.92 65.24
N SER A 742 76.06 24.21 66.35
CA SER A 742 74.74 23.89 66.86
C SER A 742 74.30 24.92 67.88
N PHE A 743 73.11 24.73 68.41
CA PHE A 743 72.57 25.58 69.46
C PHE A 743 72.85 25.03 70.85
N GLU A 744 73.56 23.92 70.96
CA GLU A 744 73.71 23.26 72.25
C GLU A 744 74.90 23.83 73.02
N ASP A 745 74.76 23.86 74.34
CA ASP A 745 75.84 24.30 75.21
C ASP A 745 76.99 23.30 75.14
N ALA A 746 78.20 23.80 75.38
CA ALA A 746 79.39 22.94 75.33
C ALA A 746 79.52 22.01 76.51
N HIS A 747 78.84 22.28 77.63
CA HIS A 747 79.06 21.59 78.88
C HIS A 747 77.91 20.67 79.27
N THR A 748 76.68 21.18 79.32
CA THR A 748 75.59 20.37 79.84
C THR A 748 75.35 19.09 79.04
N PRO A 749 75.46 19.05 77.71
CA PRO A 749 75.37 17.75 77.03
C PRO A 749 76.44 16.79 77.52
N MET A 750 77.65 17.29 77.79
CA MET A 750 78.71 16.42 78.27
C MET A 750 78.44 15.97 79.70
N LEU A 751 77.96 16.88 80.55
CA LEU A 751 77.61 16.49 81.90
C LEU A 751 76.51 15.42 81.89
N GLN A 752 75.59 15.50 80.93
CA GLN A 752 74.52 14.52 80.86
C GLN A 752 75.00 13.17 80.33
N MET A 753 75.84 13.19 79.28
CA MET A 753 76.14 11.97 78.52
C MET A 753 77.54 11.42 78.78
N TYR A 754 78.29 11.97 79.74
CA TYR A 754 79.64 11.48 79.98
C TYR A 754 79.65 10.02 80.43
N SER A 755 78.79 9.67 81.38
CA SER A 755 78.78 8.32 81.91
C SER A 755 78.46 7.30 80.82
N LYS A 756 77.47 7.61 79.99
CA LYS A 756 77.09 6.71 78.91
C LYS A 756 78.24 6.54 77.93
N ILE A 757 78.97 7.63 77.65
CA ILE A 757 80.11 7.54 76.74
C ILE A 757 81.21 6.68 77.34
N ARG A 758 81.48 6.84 78.64
CA ARG A 758 82.53 6.09 79.30
C ARG A 758 82.13 4.65 79.61
N ARG A 759 80.86 4.30 79.47
CA ARG A 759 80.47 2.90 79.57
C ARG A 759 80.95 2.08 78.38
N HIS A 760 81.46 2.74 77.33
CA HIS A 760 82.01 2.08 76.16
C HIS A 760 83.48 2.46 76.01
N PRO A 761 84.44 1.59 76.36
CA PRO A 761 85.84 2.01 76.36
C PRO A 761 86.38 2.36 74.99
N ASN A 762 85.75 1.90 73.92
CA ASN A 762 86.24 2.17 72.58
C ASN A 762 85.92 3.58 72.10
N ILE A 763 85.14 4.35 72.86
CA ILE A 763 84.89 5.75 72.55
C ILE A 763 85.99 6.59 73.20
N MET A 764 86.51 7.54 72.44
CA MET A 764 87.47 8.53 72.92
C MET A 764 86.79 9.88 72.90
N LEU A 765 86.73 10.54 74.06
CA LEU A 765 86.08 11.82 74.17
C LEU A 765 87.07 12.93 73.85
N ILE A 766 86.79 13.70 72.80
CA ILE A 766 87.60 14.84 72.40
C ILE A 766 86.74 16.08 72.53
N PHE A 767 87.24 17.09 73.24
CA PHE A 767 86.53 18.34 73.48
C PHE A 767 87.04 19.40 72.52
N GLY A 768 86.11 20.14 71.89
CA GLY A 768 86.50 21.27 71.07
C GLY A 768 85.60 22.47 71.30
N SER A 769 85.49 23.33 70.30
CA SER A 769 84.60 24.48 70.34
C SER A 769 84.98 25.43 71.49
N GLY A 770 86.13 26.10 71.34
CA GLY A 770 86.47 27.20 72.20
C GLY A 770 87.75 27.03 73.01
N PHE A 771 88.71 26.27 72.47
CA PHE A 771 89.99 26.02 73.11
C PHE A 771 91.10 26.60 72.25
N GLY A 772 91.99 27.35 72.88
CA GLY A 772 93.12 27.93 72.17
C GLY A 772 94.39 28.05 72.99
N SER A 773 94.46 27.36 74.12
CA SER A 773 95.64 27.42 74.97
C SER A 773 95.65 26.22 75.90
N ALA A 774 96.79 26.00 76.55
CA ALA A 774 96.89 24.95 77.55
C ALA A 774 96.23 25.35 78.85
N ASP A 775 96.20 26.63 79.18
CA ASP A 775 95.62 27.06 80.45
C ASP A 775 94.13 26.76 80.51
N ASP A 776 93.40 27.05 79.44
CA ASP A 776 91.97 26.80 79.39
C ASP A 776 91.63 25.37 78.99
N THR A 777 92.63 24.57 78.62
CA THR A 777 92.41 23.17 78.27
C THR A 777 92.80 22.20 79.38
N TYR A 778 93.67 22.61 80.29
CA TYR A 778 94.06 21.74 81.40
C TYR A 778 92.89 21.32 82.27
N PRO A 779 91.96 22.20 82.65
CA PRO A 779 90.83 21.72 83.48
C PRO A 779 90.07 20.59 82.83
N TYR A 780 89.95 20.61 81.50
CA TYR A 780 89.23 19.56 80.81
C TYR A 780 90.09 18.30 80.69
N LEU A 781 91.42 18.47 80.66
CA LEU A 781 92.32 17.32 80.66
C LEU A 781 92.24 16.57 81.98
N THR A 782 92.29 17.30 83.09
CA THR A 782 92.19 16.66 84.41
C THR A 782 90.77 16.31 84.79
N GLY A 783 89.76 16.85 84.11
CA GLY A 783 88.39 16.61 84.46
C GLY A 783 87.83 17.51 85.55
N GLU A 784 88.65 18.40 86.12
CA GLU A 784 88.19 19.26 87.20
C GLU A 784 87.22 20.34 86.72
N TRP A 785 87.00 20.46 85.40
CA TRP A 785 85.98 21.39 84.90
C TRP A 785 84.61 21.03 85.45
N SER A 786 84.37 19.76 85.76
CA SER A 786 83.07 19.35 86.29
C SER A 786 82.88 19.73 87.75
N THR A 787 83.98 19.89 88.50
CA THR A 787 83.84 20.22 89.91
C THR A 787 83.20 21.59 90.11
N LYS A 788 83.36 22.52 89.17
CA LYS A 788 82.65 23.78 89.23
C LYS A 788 81.21 23.66 88.77
N PHE A 789 80.85 22.57 88.10
CA PHE A 789 79.47 22.25 87.78
C PHE A 789 78.83 21.32 88.82
N ASP A 790 79.58 20.95 89.86
CA ASP A 790 79.08 20.11 90.94
C ASP A 790 78.85 18.68 90.46
N TYR A 791 79.71 18.23 89.57
CA TYR A 791 79.74 16.87 89.06
C TYR A 791 81.08 16.25 89.44
N PRO A 792 81.21 14.94 89.39
CA PRO A 792 82.51 14.32 89.63
C PRO A 792 83.49 14.75 88.55
N PRO A 793 84.80 14.62 88.78
CA PRO A 793 85.75 14.96 87.71
C PRO A 793 85.51 14.12 86.47
N MET A 794 85.65 14.76 85.32
CA MET A 794 85.31 14.16 84.02
C MET A 794 86.49 14.37 83.06
N PRO A 795 87.56 13.59 83.20
CA PRO A 795 88.70 13.76 82.30
C PRO A 795 88.33 13.49 80.86
N PHE A 796 88.98 14.22 79.96
CA PHE A 796 88.69 14.13 78.53
C PHE A 796 89.90 13.55 77.80
N ASP A 797 89.63 12.75 76.77
CA ASP A 797 90.70 11.99 76.14
C ASP A 797 91.54 12.82 75.18
N GLY A 798 90.98 13.87 74.60
CA GLY A 798 91.74 14.69 73.66
C GLY A 798 91.04 16.01 73.46
N PHE A 799 91.66 16.83 72.61
CA PHE A 799 91.12 18.14 72.29
C PHE A 799 91.40 18.48 70.84
N LEU A 800 90.60 19.38 70.29
CA LEU A 800 90.78 19.88 68.94
C LEU A 800 90.72 21.40 68.95
N PHE A 801 91.61 22.02 68.19
CA PHE A 801 91.79 23.47 68.16
C PHE A 801 91.57 23.94 66.73
N GLY A 802 90.34 24.31 66.41
CA GLY A 802 90.01 24.77 65.08
C GLY A 802 90.36 26.22 64.85
N SER A 803 89.75 27.12 65.63
CA SER A 803 89.89 28.54 65.37
C SER A 803 91.23 29.10 65.83
N ARG A 804 91.93 28.40 66.73
CA ARG A 804 93.22 28.91 67.19
C ARG A 804 94.26 28.90 66.06
N VAL A 805 94.26 27.86 65.23
CA VAL A 805 95.36 27.62 64.30
C VAL A 805 95.13 28.33 62.98
N MET A 806 94.16 29.24 62.92
CA MET A 806 93.81 29.86 61.65
C MET A 806 94.80 30.93 61.24
N ILE A 807 95.47 31.55 62.20
CA ILE A 807 96.47 32.57 61.92
C ILE A 807 97.88 31.98 61.89
N ALA A 808 97.99 30.65 61.80
CA ALA A 808 99.29 30.02 61.79
C ALA A 808 100.00 30.29 60.48
N LYS A 809 101.33 30.22 60.53
CA LYS A 809 102.15 30.59 59.39
C LYS A 809 101.88 29.70 58.19
N GLU A 810 101.52 28.43 58.44
CA GLU A 810 101.37 27.46 57.36
C GLU A 810 99.95 27.39 56.81
N VAL A 811 99.02 28.18 57.35
CA VAL A 811 97.68 28.26 56.78
C VAL A 811 97.68 29.27 55.63
N LYS A 812 96.87 29.01 54.61
CA LYS A 812 96.82 29.87 53.44
C LYS A 812 95.92 31.09 53.61
N THR A 813 95.54 31.43 54.84
CA THR A 813 94.76 32.64 55.07
C THR A 813 95.60 33.87 54.73
N SER A 814 94.98 34.83 54.06
CA SER A 814 95.70 36.00 53.61
C SER A 814 96.18 36.81 54.81
N PRO A 815 97.21 37.64 54.65
CA PRO A 815 97.66 38.46 55.78
C PRO A 815 96.57 39.36 56.35
N ASP A 816 95.74 39.96 55.50
CA ASP A 816 94.69 40.84 56.01
C ASP A 816 93.60 40.05 56.71
N ALA A 817 93.29 38.86 56.20
CA ALA A 817 92.36 37.98 56.91
C ALA A 817 92.92 37.56 58.26
N LYS A 818 94.22 37.30 58.33
CA LYS A 818 94.85 36.97 59.60
C LYS A 818 94.80 38.14 60.57
N LYS A 819 95.03 39.35 60.07
CA LYS A 819 94.90 40.54 60.92
C LYS A 819 93.48 40.69 61.42
N CYS A 820 92.50 40.45 60.56
CA CYS A 820 91.11 40.53 60.98
C CYS A 820 90.79 39.48 62.05
N ILE A 821 91.33 38.27 61.88
CA ILE A 821 91.12 37.22 62.87
C ILE A 821 91.74 37.62 64.21
N ALA A 822 92.96 38.16 64.17
CA ALA A 822 93.62 38.57 65.41
C ALA A 822 92.89 39.73 66.07
N ALA A 823 92.25 40.60 65.29
CA ALA A 823 91.53 41.72 65.87
C ALA A 823 90.34 41.26 66.70
N CYS A 824 89.80 40.07 66.40
CA CYS A 824 88.69 39.56 67.18
C CYS A 824 89.13 39.30 68.62
N THR A 825 88.58 40.07 69.55
CA THR A 825 88.95 39.94 70.95
C THR A 825 88.38 38.69 71.60
N GLY A 826 87.27 38.18 71.09
CA GLY A 826 86.62 37.01 71.66
C GLY A 826 85.84 37.36 72.92
N VAL A 827 85.05 36.39 73.37
CA VAL A 827 84.23 36.54 74.57
C VAL A 827 84.29 35.25 75.39
N PRO A 828 84.08 35.29 76.71
CA PRO A 828 83.97 34.04 77.48
C PRO A 828 82.82 33.15 77.00
N ASP A 829 82.77 31.93 77.55
CA ASP A 829 81.74 30.98 77.14
C ASP A 829 80.35 31.48 77.47
N ASP A 830 80.17 32.10 78.63
CA ASP A 830 78.82 32.39 79.12
C ASP A 830 78.08 33.41 78.27
N LYS A 831 78.77 34.11 77.36
CA LYS A 831 78.15 35.12 76.50
C LYS A 831 78.45 34.88 75.02
N TRP A 832 78.64 33.62 74.62
CA TRP A 832 78.83 33.32 73.20
C TRP A 832 77.51 33.38 72.44
N GLU A 833 76.38 33.12 73.10
CA GLU A 833 75.09 33.10 72.43
C GLU A 833 74.67 34.46 71.90
N GLN A 834 75.34 35.54 72.30
CA GLN A 834 75.00 36.87 71.79
C GLN A 834 75.37 37.03 70.31
N THR A 835 76.15 36.12 69.75
CA THR A 835 76.46 36.15 68.32
C THR A 835 75.20 36.01 67.47
N TYR A 836 74.13 35.43 68.02
CA TYR A 836 72.89 35.30 67.27
C TYR A 836 72.18 36.61 67.06
N LYS A 837 72.55 37.66 67.79
CA LYS A 837 71.89 38.96 67.72
C LYS A 837 72.83 40.09 67.32
N LYS A 838 74.08 40.04 67.75
CA LYS A 838 75.01 41.13 67.51
C LYS A 838 76.38 40.55 67.22
N PRO A 839 77.29 41.33 66.64
CA PRO A 839 78.66 40.84 66.43
C PRO A 839 79.44 40.76 67.74
N THR A 840 79.22 39.67 68.48
CA THR A 840 79.79 39.53 69.82
C THR A 840 81.20 38.97 69.73
N GLY A 841 82.17 39.71 70.23
CA GLY A 841 83.56 39.29 70.14
C GLY A 841 84.14 39.40 68.76
N GLY A 842 83.57 40.25 67.91
CA GLY A 842 83.99 40.35 66.53
C GLY A 842 83.45 39.27 65.63
N ILE A 843 82.58 38.40 66.14
CA ILE A 843 82.05 37.26 65.41
C ILE A 843 80.53 37.25 65.56
N VAL A 844 79.85 36.86 64.50
CA VAL A 844 78.39 36.83 64.48
C VAL A 844 77.94 35.54 63.81
N THR A 845 76.72 35.12 64.14
CA THR A 845 76.11 33.96 63.52
C THR A 845 75.34 34.38 62.27
N VAL A 846 75.48 33.59 61.21
CA VAL A 846 74.74 33.81 59.98
C VAL A 846 74.17 32.47 59.53
N ARG A 847 73.14 32.55 58.69
CA ARG A 847 72.42 31.37 58.22
C ARG A 847 72.97 30.99 56.85
N SER A 848 73.18 29.70 56.64
CA SER A 848 73.72 29.19 55.39
C SER A 848 72.60 29.06 54.36
N GLU A 849 72.88 28.38 53.25
CA GLU A 849 71.86 28.13 52.25
C GLU A 849 70.70 27.33 52.84
N MET A 850 71.02 26.35 53.70
CA MET A 850 70.02 25.52 54.34
C MET A 850 69.55 26.06 55.68
N GLY A 851 70.01 27.24 56.08
CA GLY A 851 69.58 27.83 57.33
C GLY A 851 70.31 27.36 58.56
N GLU A 852 71.46 26.71 58.41
CA GLU A 852 72.21 26.27 59.57
C GLU A 852 73.02 27.43 60.14
N PRO A 853 73.21 27.52 61.46
CA PRO A 853 74.08 28.57 61.99
C PRO A 853 75.53 28.38 61.57
N ILE A 854 76.17 29.48 61.23
CA ILE A 854 77.61 29.53 60.99
C ILE A 854 78.17 30.73 61.72
N HIS A 855 79.15 30.52 62.58
CA HIS A 855 79.88 31.63 63.17
C HIS A 855 80.87 32.16 62.15
N LYS A 856 80.87 33.47 61.95
CA LYS A 856 81.80 34.13 61.04
C LYS A 856 82.26 35.43 61.67
N ILE A 857 83.43 35.90 61.26
CA ILE A 857 83.92 37.19 61.71
C ILE A 857 82.95 38.25 61.21
N ALA A 858 82.75 39.29 62.01
CA ALA A 858 81.80 40.34 61.68
C ALA A 858 82.38 41.30 60.64
N THR A 859 82.73 40.79 59.47
CA THR A 859 83.14 41.62 58.35
C THR A 859 81.91 42.30 57.76
N ARG A 860 82.15 43.35 56.97
CA ARG A 860 81.04 44.07 56.35
C ARG A 860 80.21 43.15 55.46
N GLY A 861 80.86 42.25 54.75
CA GLY A 861 80.13 41.26 53.98
C GLY A 861 79.28 40.36 54.84
N VAL A 862 79.82 39.95 56.00
CA VAL A 862 79.07 39.07 56.89
C VAL A 862 77.89 39.81 57.51
N MET A 863 78.05 41.08 57.83
CA MET A 863 76.94 41.87 58.33
C MET A 863 75.87 42.07 57.26
N LEU A 864 76.29 42.23 56.00
CA LEU A 864 75.32 42.25 54.91
C LEU A 864 74.61 40.91 54.80
N TRP A 865 75.35 39.81 54.96
CA TRP A 865 74.76 38.48 54.95
C TRP A 865 73.70 38.36 56.03
N LYS A 866 74.02 38.82 57.24
CA LYS A 866 73.05 38.75 58.34
C LYS A 866 71.85 39.63 58.07
N GLU A 867 72.07 40.85 57.54
CA GLU A 867 70.96 41.74 57.25
C GLU A 867 70.02 41.14 56.22
N PHE A 868 70.59 40.54 55.17
CA PHE A 868 69.76 39.87 54.16
C PHE A 868 69.07 38.65 54.75
N ASP A 869 69.72 37.96 55.68
CA ASP A 869 69.07 36.84 56.35
C ASP A 869 67.86 37.30 57.13
N GLU A 870 67.97 38.47 57.76
CA GLU A 870 66.92 38.97 58.64
C GLU A 870 65.88 39.83 57.93
N THR A 871 66.11 40.21 56.67
CA THR A 871 65.18 41.09 55.97
C THR A 871 64.78 40.63 54.57
N ILE A 872 65.46 39.66 53.97
CA ILE A 872 65.18 39.25 52.60
C ILE A 872 64.97 37.74 52.52
N PHE A 873 65.95 36.97 53.01
CA PHE A 873 65.91 35.53 52.82
C PHE A 873 64.80 34.87 53.62
N ASN A 874 64.52 35.38 54.83
CA ASN A 874 63.49 34.75 55.65
C ASN A 874 62.10 34.89 55.02
N LEU A 875 61.89 35.89 54.18
CA LEU A 875 60.56 36.16 53.67
C LEU A 875 60.08 35.01 52.79
N PRO A 876 58.77 34.83 52.65
CA PRO A 876 58.27 33.72 51.82
C PRO A 876 58.59 33.92 50.35
N LYS A 877 58.43 32.82 49.60
CA LYS A 877 58.80 32.82 48.19
C LYS A 877 57.96 33.80 47.40
N ASN A 878 56.66 33.87 47.69
CA ASN A 878 55.80 34.82 47.00
C ASN A 878 56.24 36.26 47.26
N LYS A 879 56.85 36.50 48.42
CA LYS A 879 57.22 37.85 48.85
C LYS A 879 58.66 38.21 48.50
N LEU A 880 59.48 37.25 48.08
CA LEU A 880 60.89 37.53 47.81
C LEU A 880 61.09 38.35 46.54
N VAL A 881 60.34 38.09 45.48
CA VAL A 881 60.55 38.79 44.22
C VAL A 881 60.17 40.26 44.36
N PRO A 882 58.97 40.59 44.89
CA PRO A 882 58.65 42.03 45.05
C PRO A 882 59.63 42.79 45.92
N THR A 883 60.13 42.20 47.01
CA THR A 883 61.05 42.92 47.87
C THR A 883 62.41 43.10 47.20
N LEU A 884 62.86 42.11 46.42
CA LEU A 884 64.09 42.27 45.66
C LEU A 884 63.93 43.38 44.63
N GLU A 885 62.78 43.43 43.95
CA GLU A 885 62.53 44.52 43.01
C GLU A 885 62.53 45.86 43.71
N ALA A 886 61.90 45.94 44.89
CA ALA A 886 61.81 47.21 45.60
C ALA A 886 63.17 47.68 46.08
N LYS A 887 63.95 46.79 46.70
CA LYS A 887 65.25 47.13 47.27
C LYS A 887 66.40 46.77 46.32
N ARG A 888 66.13 46.74 45.02
CA ARG A 888 67.19 46.47 44.04
C ARG A 888 68.35 47.45 44.20
N ASP A 889 68.05 48.75 44.26
CA ASP A 889 69.11 49.74 44.35
C ASP A 889 69.92 49.58 45.63
N TYR A 890 69.23 49.39 46.76
CA TYR A 890 69.93 49.23 48.04
C TYR A 890 70.76 47.96 48.03
N ILE A 891 70.20 46.86 47.54
CA ILE A 891 70.94 45.59 47.51
C ILE A 891 72.16 45.71 46.64
N ILE A 892 72.02 46.36 45.47
CA ILE A 892 73.16 46.53 44.57
C ILE A 892 74.24 47.39 45.23
N SER A 893 73.83 48.47 45.88
CA SER A 893 74.79 49.34 46.55
C SER A 893 75.55 48.58 47.61
N ARG A 894 74.84 47.79 48.42
CA ARG A 894 75.49 47.04 49.49
C ARG A 894 76.41 45.95 48.93
N LEU A 895 75.98 45.26 47.87
CA LEU A 895 76.83 44.24 47.26
C LEU A 895 78.10 44.86 46.72
N ASN A 896 77.99 46.01 46.06
CA ASN A 896 79.18 46.63 45.47
C ASN A 896 80.10 47.20 46.53
N ALA A 897 79.55 47.70 47.63
CA ALA A 897 80.36 48.36 48.65
C ALA A 897 80.97 47.40 49.67
N ASP A 898 80.26 46.33 50.03
CA ASP A 898 80.57 45.60 51.26
C ASP A 898 80.65 44.09 51.10
N PHE A 899 80.41 43.54 49.91
CA PHE A 899 80.34 42.10 49.72
C PHE A 899 81.37 41.61 48.71
N GLN A 900 81.86 40.40 48.95
CA GLN A 900 82.86 39.78 48.09
C GLN A 900 82.33 39.49 46.70
N LYS A 901 81.02 39.26 46.56
CA LYS A 901 80.38 39.10 45.26
C LYS A 901 79.69 40.41 44.91
N PRO A 902 80.35 41.33 44.20
CA PRO A 902 79.68 42.58 43.85
C PRO A 902 78.61 42.35 42.80
N TRP A 903 77.71 43.32 42.68
CA TRP A 903 76.77 43.34 41.58
C TRP A 903 77.53 43.35 40.27
N PHE A 904 77.23 42.40 39.38
CA PHE A 904 77.99 42.29 38.15
C PHE A 904 77.83 43.52 37.28
N ALA A 905 76.58 43.91 37.01
CA ALA A 905 76.32 45.02 36.09
C ALA A 905 76.65 46.34 36.78
N THR A 906 77.95 46.56 36.96
CA THR A 906 78.49 47.79 37.53
C THR A 906 79.66 48.19 36.66
N VAL A 907 79.52 49.30 35.95
CA VAL A 907 80.52 49.76 34.99
C VAL A 907 81.11 51.06 35.53
N ASN A 908 82.39 51.01 35.89
CA ASN A 908 83.10 52.17 36.43
C ASN A 908 82.36 52.75 37.64
N GLY A 909 81.82 51.85 38.47
CA GLY A 909 81.17 52.23 39.70
C GLY A 909 79.69 52.54 39.60
N GLN A 910 79.17 52.70 38.39
CA GLN A 910 77.77 53.06 38.20
C GLN A 910 76.94 51.78 38.17
N ALA A 911 76.04 51.62 39.14
CA ALA A 911 75.14 50.48 39.14
C ALA A 911 74.33 50.47 37.85
N ARG A 912 74.31 49.31 37.20
CA ARG A 912 73.67 49.16 35.91
C ARG A 912 72.95 47.81 35.90
N ASP A 913 72.59 47.35 34.70
CA ASP A 913 71.92 46.08 34.55
C ASP A 913 72.55 45.31 33.39
N LEU A 914 72.38 43.99 33.44
CA LEU A 914 72.92 43.13 32.39
C LEU A 914 72.33 43.47 31.04
N ALA A 915 71.09 43.97 31.02
CA ALA A 915 70.44 44.44 29.81
C ALA A 915 70.83 45.87 29.45
N THR A 916 71.42 46.61 30.38
CA THR A 916 71.79 48.00 30.18
C THR A 916 73.30 48.18 30.01
N MET A 917 74.05 47.10 29.93
CA MET A 917 75.49 47.17 29.68
C MET A 917 75.82 46.51 28.35
N THR A 918 76.87 47.01 27.71
CA THR A 918 77.26 46.56 26.38
C THR A 918 78.15 45.32 26.47
N TYR A 919 78.39 44.70 25.31
CA TYR A 919 79.20 43.48 25.26
C TYR A 919 80.63 43.75 25.71
N GLU A 920 81.21 44.87 25.28
CA GLU A 920 82.54 45.23 25.74
C GLU A 920 82.54 45.46 27.24
N GLU A 921 81.50 46.11 27.76
CA GLU A 921 81.42 46.33 29.20
C GLU A 921 81.33 45.00 29.96
N VAL A 922 80.59 44.04 29.41
CA VAL A 922 80.47 42.73 30.05
C VAL A 922 81.82 42.02 30.04
N ALA A 923 82.51 42.05 28.91
CA ALA A 923 83.82 41.40 28.85
C ALA A 923 84.80 42.06 29.82
N LYS A 924 84.77 43.39 29.89
CA LYS A 924 85.65 44.11 30.81
C LYS A 924 85.32 43.79 32.26
N ARG A 925 84.03 43.71 32.60
CA ARG A 925 83.65 43.37 33.96
C ARG A 925 84.06 41.95 34.30
N LEU A 926 83.92 41.02 33.36
CA LEU A 926 84.34 39.66 33.60
C LEU A 926 85.85 39.60 33.83
N VAL A 927 86.62 40.34 33.04
CA VAL A 927 88.06 40.36 33.25
C VAL A 927 88.38 40.97 34.61
N GLU A 928 87.71 42.06 34.97
CA GLU A 928 87.98 42.71 36.25
C GLU A 928 87.69 41.78 37.42
N LEU A 929 86.62 41.00 37.34
CA LEU A 929 86.19 40.16 38.45
C LEU A 929 86.71 38.73 38.41
N MET A 930 87.37 38.31 37.34
CA MET A 930 87.83 36.93 37.21
C MET A 930 89.32 36.81 36.91
N PHE A 931 89.95 37.85 36.38
CA PHE A 931 91.37 37.84 36.07
C PHE A 931 92.10 38.74 37.06
N ILE A 932 93.10 38.17 37.73
CA ILE A 932 93.81 38.86 38.80
C ILE A 932 95.09 39.45 38.22
N ARG A 933 95.27 40.76 38.40
CA ARG A 933 96.38 41.46 37.76
C ARG A 933 97.70 41.20 38.46
N SER A 934 97.69 41.07 39.79
CA SER A 934 98.94 40.88 40.53
C SER A 934 99.64 39.61 40.10
N THR A 935 98.91 38.49 40.05
CA THR A 935 99.45 37.23 39.56
C THR A 935 99.46 37.15 38.04
N ASN A 936 98.79 38.09 37.35
CA ASN A 936 98.77 38.12 35.90
C ASN A 936 98.20 36.83 35.31
N SER A 937 97.16 36.32 35.94
CA SER A 937 96.56 35.06 35.50
C SER A 937 95.12 35.00 35.95
N TRP A 938 94.36 34.12 35.29
CA TRP A 938 92.99 33.84 35.71
C TRP A 938 92.97 33.10 37.03
N PHE A 939 92.03 33.46 37.89
CA PHE A 939 91.95 32.78 39.17
C PHE A 939 91.49 31.34 38.99
N ASP A 940 90.64 31.08 37.99
CA ASP A 940 90.12 29.75 37.75
C ASP A 940 89.96 29.52 36.25
N VAL A 941 90.36 28.33 35.82
CA VAL A 941 90.23 27.96 34.41
C VAL A 941 88.77 27.94 33.99
N THR A 942 87.86 27.60 34.92
CA THR A 942 86.44 27.62 34.57
C THR A 942 85.96 29.05 34.33
N TRP A 943 86.46 30.01 35.10
CA TRP A 943 86.15 31.42 34.82
C TRP A 943 86.73 31.85 33.49
N ARG A 944 87.94 31.38 33.18
CA ARG A 944 88.55 31.69 31.90
C ARG A 944 87.69 31.15 30.76
N THR A 945 87.21 29.92 30.90
CA THR A 945 86.31 29.33 29.93
C THR A 945 85.01 30.11 29.82
N PHE A 946 84.51 30.60 30.95
CA PHE A 946 83.31 31.42 30.96
C PHE A 946 83.50 32.66 30.10
N THR A 947 84.59 33.39 30.33
CA THR A 947 84.84 34.62 29.58
C THR A 947 85.07 34.33 28.10
N GLY A 948 85.81 33.25 27.80
CA GLY A 948 86.01 32.89 26.41
C GLY A 948 84.72 32.51 25.71
N ASP A 949 83.85 31.78 26.42
CA ASP A 949 82.54 31.45 25.86
C ASP A 949 81.73 32.70 25.59
N PHE A 950 81.79 33.68 26.51
CA PHE A 950 81.08 34.93 26.26
C PHE A 950 81.62 35.64 25.03
N LEU A 951 82.94 35.69 24.88
CA LEU A 951 83.51 36.35 23.71
C LEU A 951 83.12 35.61 22.43
N ARG A 952 83.08 34.29 22.48
CA ARG A 952 82.64 33.53 21.31
C ARG A 952 81.18 33.84 20.99
N ARG A 953 80.35 33.99 22.02
CA ARG A 953 78.96 34.38 21.80
C ARG A 953 78.88 35.78 21.19
N VAL A 954 79.74 36.69 21.63
CA VAL A 954 79.78 38.04 21.03
C VAL A 954 80.11 37.94 19.55
N GLU A 955 81.11 37.12 19.23
CA GLU A 955 81.49 36.93 17.83
C GLU A 955 80.34 36.35 17.03
N GLU A 956 79.64 35.36 17.59
CA GLU A 956 78.48 34.79 16.91
C GLU A 956 77.40 35.83 16.67
N ARG A 957 77.12 36.65 17.68
CA ARG A 957 76.05 37.63 17.56
C ARG A 957 76.37 38.69 16.52
N PHE A 958 77.63 39.14 16.46
CA PHE A 958 77.98 40.30 15.67
C PHE A 958 78.68 39.97 14.36
N THR A 959 78.93 38.70 14.07
CA THR A 959 79.45 38.29 12.77
C THR A 959 78.29 38.16 11.80
N LYS A 960 78.51 38.62 10.56
CA LYS A 960 77.49 38.58 9.54
C LYS A 960 77.48 37.28 8.75
N SER A 961 78.51 36.45 8.88
CA SER A 961 78.61 35.21 8.12
C SER A 961 79.63 34.31 8.80
N LYS A 962 79.98 33.22 8.10
CA LYS A 962 81.02 32.31 8.58
C LYS A 962 82.34 33.06 8.76
N THR A 963 83.06 32.72 9.82
CA THR A 963 84.39 33.27 10.01
C THR A 963 85.11 32.45 11.08
N LEU A 964 86.43 32.42 10.98
CA LEU A 964 87.23 31.77 12.01
C LEU A 964 87.03 32.48 13.34
N SER A 965 86.91 31.71 14.41
CA SER A 965 86.86 32.30 15.74
C SER A 965 88.16 33.06 16.01
N LEU A 966 88.02 34.30 16.50
CA LEU A 966 89.19 35.04 16.93
C LEU A 966 89.85 34.38 18.13
N ILE A 967 89.05 33.90 19.07
CA ILE A 967 89.55 33.17 20.23
C ILE A 967 89.57 31.69 19.82
N GLN A 968 90.63 31.28 19.11
CA GLN A 968 90.72 29.88 18.71
C GLN A 968 91.03 28.99 19.89
N SER A 969 91.94 29.41 20.75
CA SER A 969 92.28 28.70 21.97
C SER A 969 91.99 29.62 23.15
N TYR A 970 91.45 29.04 24.21
CA TYR A 970 91.23 29.80 25.43
C TYR A 970 92.53 30.30 26.03
N SER A 971 93.66 29.66 25.72
CA SER A 971 94.94 30.05 26.31
C SER A 971 95.31 31.49 25.94
N LEU A 972 94.76 32.01 24.85
CA LEU A 972 95.08 33.38 24.46
C LEU A 972 94.52 34.40 25.45
N LEU A 973 93.55 34.00 26.28
CA LEU A 973 93.01 34.90 27.30
C LEU A 973 93.99 35.17 28.44
N ASP A 974 95.21 34.63 28.39
CA ASP A 974 96.21 35.00 29.38
C ASP A 974 96.59 36.48 29.30
N LYS A 975 96.24 37.14 28.19
CA LYS A 975 96.31 38.60 28.06
C LYS A 975 94.90 39.05 27.72
N PRO A 976 93.99 39.06 28.71
CA PRO A 976 92.58 39.31 28.42
C PRO A 976 92.30 40.69 27.85
N ASP A 977 93.05 41.71 28.28
CA ASP A 977 92.87 43.03 27.68
C ASP A 977 93.14 42.98 26.19
N GLU A 978 94.21 42.29 25.80
CA GLU A 978 94.55 42.19 24.37
C GLU A 978 93.50 41.39 23.62
N ALA A 979 93.03 40.29 24.22
CA ALA A 979 92.01 39.48 23.55
C ALA A 979 90.71 40.26 23.37
N ILE A 980 90.30 41.00 24.40
CA ILE A 980 89.09 41.81 24.30
C ILE A 980 89.27 42.90 23.25
N GLU A 981 90.43 43.55 23.25
CA GLU A 981 90.67 44.61 22.28
C GLU A 981 90.60 44.05 20.87
N LYS A 982 91.17 42.87 20.65
CA LYS A 982 91.12 42.24 19.35
C LYS A 982 89.68 41.91 18.95
N VAL A 983 88.92 41.29 19.87
CA VAL A 983 87.56 40.85 19.54
C VAL A 983 86.69 42.05 19.22
N PHE A 984 86.75 43.09 20.03
CA PHE A 984 85.87 44.23 19.83
C PHE A 984 86.41 45.24 18.83
N ASN A 985 87.66 45.09 18.37
CA ASN A 985 88.09 45.79 17.17
C ASN A 985 87.60 45.07 15.93
N ALA A 986 87.54 43.74 15.98
CA ALA A 986 86.97 43.00 14.87
C ALA A 986 85.47 43.20 14.77
N TYR A 987 84.79 43.42 15.90
CA TYR A 987 83.35 43.65 15.93
C TYR A 987 83.09 44.94 16.72
N PRO A 988 83.41 46.10 16.13
CA PRO A 988 83.21 47.36 16.86
C PRO A 988 81.76 47.65 17.18
N ALA A 989 80.81 47.04 16.48
CA ALA A 989 79.41 47.27 16.76
C ALA A 989 79.00 46.78 18.13
N ALA A 990 79.82 45.92 18.75
CA ALA A 990 79.50 45.39 20.08
C ALA A 990 79.93 46.30 21.21
N ARG A 991 80.70 47.35 20.93
CA ARG A 991 81.20 48.21 21.99
C ARG A 991 80.14 49.16 22.55
N GLU A 992 79.18 49.58 21.73
CA GLU A 992 78.17 50.57 22.10
C GLU A 992 76.78 50.02 21.86
N GLN A 993 76.53 48.81 22.38
CA GLN A 993 75.36 48.03 22.02
C GLN A 993 75.01 47.15 23.20
N PHE A 994 73.88 47.45 23.84
CA PHE A 994 73.47 46.72 25.04
C PHE A 994 73.30 45.23 24.71
N LEU A 995 73.42 44.39 25.74
CA LEU A 995 73.31 42.95 25.50
C LEU A 995 71.94 42.60 24.93
N ASN A 996 71.95 41.76 23.91
CA ASN A 996 70.71 41.17 23.42
C ASN A 996 70.12 40.29 24.51
N ALA A 997 68.79 40.26 24.58
CA ALA A 997 68.12 39.52 25.64
C ALA A 997 68.45 38.04 25.57
N GLN A 998 68.65 37.52 24.35
CA GLN A 998 69.11 36.16 24.19
C GLN A 998 70.46 35.95 24.87
N ASP A 999 71.35 36.92 24.72
CA ASP A 999 72.68 36.79 25.32
C ASP A 999 72.63 36.98 26.82
N ILE A 1000 71.67 37.76 27.32
CA ILE A 1000 71.48 37.85 28.76
C ILE A 1000 71.04 36.50 29.31
N ASP A 1001 70.07 35.86 28.64
CA ASP A 1001 69.62 34.55 29.07
C ASP A 1001 70.76 33.54 29.01
N HIS A 1002 71.56 33.57 27.94
CA HIS A 1002 72.70 32.69 27.83
C HIS A 1002 73.72 32.94 28.94
N PHE A 1003 74.00 34.21 29.23
CA PHE A 1003 74.94 34.57 30.27
C PHE A 1003 74.47 34.03 31.62
N LEU A 1004 73.18 34.17 31.91
CA LEU A 1004 72.66 33.66 33.18
C LEU A 1004 72.71 32.14 33.22
N SER A 1005 72.39 31.47 32.12
CA SER A 1005 72.43 30.01 32.12
C SER A 1005 73.85 29.51 32.36
N MET A 1006 74.83 30.14 31.72
CA MET A 1006 76.22 29.72 31.89
C MET A 1006 76.82 30.24 33.18
N CYS A 1007 76.16 31.20 33.85
CA CYS A 1007 76.47 31.46 35.26
C CYS A 1007 75.95 30.34 36.14
N GLN A 1008 74.81 29.76 35.78
CA GLN A 1008 74.22 28.64 36.52
C GLN A 1008 74.76 27.29 36.09
N ASN A 1009 75.72 27.26 35.18
CA ASN A 1009 76.37 26.01 34.75
C ASN A 1009 76.95 25.27 35.95
N PRO A 1010 76.68 23.96 36.13
CA PRO A 1010 77.21 23.29 37.34
C PRO A 1010 78.68 22.93 37.25
N MET A 1011 79.16 22.53 36.07
CA MET A 1011 80.58 22.18 35.90
C MET A 1011 81.41 23.45 35.72
N GLN A 1012 81.40 24.27 36.76
CA GLN A 1012 82.04 25.58 36.71
C GLN A 1012 82.14 26.12 38.13
N LYS A 1013 83.22 26.81 38.43
CA LYS A 1013 83.32 27.47 39.71
C LYS A 1013 82.26 28.57 39.81
N PRO A 1014 81.51 28.66 40.91
CA PRO A 1014 80.49 29.71 41.02
C PRO A 1014 81.10 31.10 40.83
N VAL A 1015 80.37 31.92 40.08
CA VAL A 1015 80.90 33.20 39.59
C VAL A 1015 81.07 34.16 40.77
N PRO A 1016 82.09 35.05 40.76
CA PRO A 1016 82.33 35.96 41.88
C PRO A 1016 81.50 37.25 41.79
N PHE A 1017 80.20 37.10 41.60
CA PHE A 1017 79.30 38.25 41.52
C PHE A 1017 77.87 37.74 41.50
N VAL A 1018 76.94 38.67 41.69
CA VAL A 1018 75.51 38.41 41.53
C VAL A 1018 75.10 38.92 40.15
N PRO A 1019 74.69 38.06 39.22
CA PRO A 1019 74.35 38.57 37.89
C PRO A 1019 72.96 39.21 37.83
N VAL A 1020 72.01 38.69 38.59
CA VAL A 1020 70.65 39.23 38.62
C VAL A 1020 70.10 39.09 40.03
N LEU A 1021 69.04 39.85 40.32
CA LEU A 1021 68.29 39.73 41.57
C LEU A 1021 66.97 39.02 41.26
N ASP A 1022 66.88 37.75 41.63
CA ASP A 1022 65.70 36.95 41.35
C ASP A 1022 65.55 35.92 42.46
N ARG A 1023 64.72 34.90 42.22
CA ARG A 1023 64.50 33.86 43.21
C ARG A 1023 65.80 33.18 43.64
N ARG A 1024 66.76 33.06 42.72
CA ARG A 1024 68.03 32.42 42.99
C ARG A 1024 69.07 33.38 43.57
N PHE A 1025 68.64 34.56 44.02
CA PHE A 1025 69.58 35.53 44.56
C PHE A 1025 70.26 34.99 45.81
N GLU A 1026 69.52 34.25 46.65
CA GLU A 1026 70.12 33.67 47.83
C GLU A 1026 71.22 32.68 47.45
N ILE A 1027 70.96 31.85 46.44
CA ILE A 1027 71.95 30.90 45.98
C ILE A 1027 73.20 31.63 45.49
N PHE A 1028 73.00 32.66 44.66
CA PHE A 1028 74.14 33.41 44.14
C PHE A 1028 74.91 34.09 45.26
N PHE A 1029 74.20 34.62 46.24
CA PHE A 1029 74.82 35.40 47.31
C PHE A 1029 75.63 34.51 48.25
N LYS A 1030 75.09 33.33 48.59
CA LYS A 1030 75.69 32.49 49.62
C LYS A 1030 76.64 31.44 49.08
N LYS A 1031 76.47 31.00 47.84
CA LYS A 1031 77.27 29.90 47.33
C LYS A 1031 78.74 30.29 47.17
N ASP A 1032 79.63 29.39 47.58
CA ASP A 1032 81.07 29.52 47.34
C ASP A 1032 81.65 30.75 48.04
N SER A 1033 81.38 30.83 49.35
CA SER A 1033 81.69 32.02 50.13
C SER A 1033 82.90 31.84 51.04
N LEU A 1034 83.62 30.72 50.95
CA LEU A 1034 84.70 30.40 51.88
C LEU A 1034 86.09 30.66 51.33
N TRP A 1035 86.29 30.51 50.02
CA TRP A 1035 87.64 30.62 49.46
C TRP A 1035 88.16 32.06 49.43
N GLN A 1036 87.27 33.05 49.48
CA GLN A 1036 87.71 34.44 49.42
C GLN A 1036 88.54 34.81 50.65
N SER A 1037 88.36 34.10 51.76
CA SER A 1037 89.16 34.38 52.95
C SER A 1037 90.64 34.14 52.69
N GLU A 1038 90.97 33.05 52.01
CA GLU A 1038 92.35 32.70 51.71
C GLU A 1038 92.83 33.24 50.37
N HIS A 1039 91.93 33.79 49.56
CA HIS A 1039 92.28 34.31 48.23
C HIS A 1039 91.82 35.75 48.07
N LEU A 1040 92.24 36.61 49.00
CA LEU A 1040 91.86 38.03 48.93
C LEU A 1040 92.33 38.69 47.64
N GLU A 1041 93.33 38.13 46.96
CA GLU A 1041 93.79 38.73 45.71
C GLU A 1041 92.71 38.73 44.63
N ALA A 1042 91.68 37.90 44.78
CA ALA A 1042 90.54 37.85 43.86
C ALA A 1042 89.32 38.57 44.43
N VAL A 1043 89.52 39.70 45.09
CA VAL A 1043 88.46 40.49 45.69
C VAL A 1043 88.56 41.91 45.15
N VAL A 1044 87.44 42.64 45.23
CA VAL A 1044 87.31 43.92 44.53
C VAL A 1044 88.43 44.88 44.93
N ASP A 1045 88.68 45.03 46.24
CA ASP A 1045 89.77 45.86 46.73
C ASP A 1045 90.74 45.05 47.59
N GLN A 1046 90.71 43.72 47.50
CA GLN A 1046 91.50 42.86 48.37
C GLN A 1046 91.19 43.15 49.83
N ASP A 1047 89.93 43.46 50.10
CA ASP A 1047 89.49 43.88 51.42
C ASP A 1047 88.89 42.70 52.17
N VAL A 1048 89.42 42.43 53.36
CA VAL A 1048 88.87 41.39 54.20
C VAL A 1048 87.43 41.69 54.59
N GLN A 1049 87.07 42.98 54.68
CA GLN A 1049 85.73 43.35 55.11
C GLN A 1049 84.65 42.80 54.17
N ARG A 1050 85.03 42.46 52.94
CA ARG A 1050 84.07 41.92 51.99
C ARG A 1050 83.89 40.41 52.13
N THR A 1051 84.87 39.73 52.73
CA THR A 1051 84.91 38.27 52.70
C THR A 1051 84.27 37.66 53.93
N CYS A 1052 84.12 36.34 53.90
CA CYS A 1052 83.48 35.58 54.98
C CYS A 1052 84.51 34.64 55.58
N ILE A 1053 84.86 34.86 56.84
CA ILE A 1053 85.82 34.03 57.56
C ILE A 1053 85.08 33.36 58.71
N LEU A 1054 84.96 32.05 58.65
CA LEU A 1054 84.40 31.28 59.74
C LEU A 1054 85.35 31.36 60.94
N HIS A 1055 84.80 31.52 62.14
CA HIS A 1055 85.64 31.65 63.32
C HIS A 1055 84.78 31.44 64.56
N GLY A 1056 85.44 31.08 65.67
CA GLY A 1056 84.75 30.79 66.90
C GLY A 1056 84.81 31.95 67.89
N PRO A 1057 83.67 32.41 68.40
CA PRO A 1057 83.70 33.57 69.30
C PRO A 1057 84.47 33.34 70.58
N VAL A 1058 84.39 32.14 71.15
CA VAL A 1058 85.11 31.86 72.39
C VAL A 1058 86.58 31.59 72.10
N ALA A 1059 86.86 30.83 71.03
CA ALA A 1059 88.25 30.53 70.68
C ALA A 1059 88.99 31.77 70.19
N ALA A 1060 88.27 32.83 69.83
CA ALA A 1060 88.93 34.06 69.40
C ALA A 1060 89.66 34.76 70.53
N GLN A 1061 89.36 34.42 71.79
CA GLN A 1061 90.06 35.05 72.90
C GLN A 1061 91.54 34.75 72.86
N PHE A 1062 91.91 33.52 72.54
CA PHE A 1062 93.28 33.06 72.60
C PHE A 1062 94.00 33.20 71.26
N THR A 1063 93.35 33.78 70.24
CA THR A 1063 93.94 34.01 68.94
C THR A 1063 94.40 35.47 68.89
N LYS A 1064 95.63 35.70 69.33
CA LYS A 1064 96.23 37.03 69.33
C LYS A 1064 97.47 37.10 68.44
N VAL A 1065 98.43 36.21 68.63
CA VAL A 1065 99.68 36.25 67.90
C VAL A 1065 99.43 35.78 66.47
N ILE A 1066 100.01 36.51 65.51
CA ILE A 1066 99.81 36.25 64.08
C ILE A 1066 101.06 35.60 63.52
N ASP A 1067 100.86 34.70 62.56
CA ASP A 1067 101.93 34.02 61.83
C ASP A 1067 102.77 33.11 62.72
N GLU A 1068 102.26 32.74 63.90
CA GLU A 1068 102.93 31.77 64.75
C GLU A 1068 102.78 30.38 64.14
N PRO A 1069 103.86 29.68 63.81
CA PRO A 1069 103.69 28.39 63.11
C PRO A 1069 102.93 27.39 63.95
N ILE A 1070 102.18 26.52 63.26
CA ILE A 1070 101.35 25.55 63.95
C ILE A 1070 102.19 24.63 64.82
N LYS A 1071 103.42 24.34 64.36
CA LYS A 1071 104.36 23.62 65.21
C LYS A 1071 104.54 24.34 66.54
N SER A 1072 104.79 25.66 66.48
CA SER A 1072 104.99 26.42 67.71
C SER A 1072 103.75 26.42 68.58
N ILE A 1073 102.57 26.62 67.98
CA ILE A 1073 101.33 26.71 68.75
C ILE A 1073 101.04 25.38 69.45
N MET A 1074 101.11 24.29 68.68
CA MET A 1074 100.80 22.97 69.24
C MET A 1074 101.84 22.55 70.27
N ASP A 1075 103.13 22.85 70.01
CA ASP A 1075 104.15 22.55 70.99
C ASP A 1075 103.93 23.36 72.26
N GLY A 1076 103.49 24.61 72.13
CA GLY A 1076 103.18 25.39 73.31
C GLY A 1076 102.07 24.77 74.13
N ILE A 1077 100.99 24.35 73.47
CA ILE A 1077 99.87 23.74 74.20
C ILE A 1077 100.32 22.44 74.85
N HIS A 1078 101.05 21.61 74.12
CA HIS A 1078 101.50 20.33 74.65
C HIS A 1078 102.48 20.51 75.80
N ASP A 1079 103.39 21.48 75.69
CA ASP A 1079 104.34 21.72 76.76
C ASP A 1079 103.65 22.31 77.98
N GLY A 1080 102.64 23.15 77.78
CA GLY A 1080 101.86 23.62 78.92
C GLY A 1080 101.20 22.47 79.66
N HIS A 1081 100.57 21.57 78.91
CA HIS A 1081 99.96 20.40 79.53
C HIS A 1081 101.02 19.56 80.25
N ILE A 1082 102.18 19.38 79.63
CA ILE A 1082 103.22 18.56 80.22
C ILE A 1082 103.72 19.17 81.52
N LYS A 1083 103.99 20.48 81.52
CA LYS A 1083 104.54 21.08 82.74
C LYS A 1083 103.50 21.10 83.85
N LYS A 1084 102.24 21.35 83.52
CA LYS A 1084 101.22 21.36 84.56
C LYS A 1084 100.99 19.97 85.13
N LEU A 1085 100.93 18.96 84.27
CA LEU A 1085 100.84 17.58 84.75
C LEU A 1085 102.07 17.19 85.56
N LEU A 1086 103.25 17.63 85.14
CA LEU A 1086 104.47 17.31 85.88
C LEU A 1086 104.44 17.93 87.28
N HIS A 1087 103.97 19.17 87.36
CA HIS A 1087 103.88 19.82 88.67
C HIS A 1087 102.84 19.15 89.55
N GLN A 1088 101.70 18.76 88.98
CA GLN A 1088 100.60 18.29 89.81
C GLN A 1088 100.75 16.82 90.19
N TYR A 1089 100.95 15.94 89.19
CA TYR A 1089 100.94 14.50 89.43
C TYR A 1089 102.32 13.85 89.42
N TYR A 1090 103.39 14.59 89.13
CA TYR A 1090 104.73 14.01 89.12
C TYR A 1090 105.75 14.85 89.89
N GLY A 1091 105.32 15.92 90.54
CA GLY A 1091 106.22 16.67 91.42
C GLY A 1091 107.41 17.30 90.73
N ASP A 1092 107.19 17.91 89.56
CA ASP A 1092 108.23 18.62 88.80
C ASP A 1092 109.40 17.71 88.42
N ASP A 1093 109.25 16.39 88.51
CA ASP A 1093 110.32 15.45 88.24
C ASP A 1093 110.01 14.69 86.97
N GLU A 1094 110.85 14.88 85.94
CA GLU A 1094 110.72 14.11 84.71
C GLU A 1094 111.23 12.69 84.85
N SER A 1095 112.07 12.41 85.87
CA SER A 1095 112.51 11.04 86.12
C SER A 1095 111.36 10.16 86.57
N LYS A 1096 110.30 10.74 87.15
CA LYS A 1096 109.13 9.97 87.57
C LYS A 1096 108.24 9.57 86.41
N ILE A 1097 108.46 10.12 85.22
CA ILE A 1097 107.66 9.78 84.04
C ILE A 1097 107.97 8.34 83.66
N PRO A 1098 107.00 7.44 83.53
CA PRO A 1098 107.31 6.10 83.03
C PRO A 1098 107.90 6.16 81.62
N ALA A 1099 108.86 5.28 81.37
CA ALA A 1099 109.57 5.22 80.10
C ALA A 1099 109.19 3.95 79.36
N VAL A 1100 108.92 4.09 78.06
CA VAL A 1100 108.62 2.97 77.18
C VAL A 1100 109.47 3.13 75.92
N GLU A 1101 109.63 2.01 75.21
CA GLU A 1101 110.40 2.05 73.97
C GLU A 1101 109.72 2.97 72.95
N TYR A 1102 108.44 2.73 72.69
CA TYR A 1102 107.66 3.53 71.77
C TYR A 1102 106.25 3.71 72.33
N PHE A 1103 105.66 4.86 72.04
CA PHE A 1103 104.36 5.25 72.58
C PHE A 1103 103.36 5.32 71.45
N GLY A 1104 102.45 4.35 71.41
CA GLY A 1104 101.40 4.34 70.40
C GLY A 1104 100.92 2.93 70.15
N GLY A 1105 99.89 2.83 69.33
CA GLY A 1105 99.38 1.54 68.90
C GLY A 1105 98.57 0.79 69.93
N GLU A 1106 98.25 1.41 71.06
CA GLU A 1106 97.49 0.76 72.12
C GLU A 1106 96.01 1.04 71.89
N SER A 1107 95.24 -0.01 71.64
CA SER A 1107 93.82 0.15 71.41
C SER A 1107 93.14 0.66 72.69
N PRO A 1108 92.10 1.48 72.58
CA PRO A 1108 91.39 1.90 73.80
C PRO A 1108 90.69 0.77 74.53
N VAL A 1109 90.43 -0.35 73.86
CA VAL A 1109 89.70 -1.46 74.45
C VAL A 1109 90.66 -2.35 75.24
N GLU A 1122 108.90 -14.31 80.67
CA GLU A 1122 109.64 -15.57 80.61
C GLU A 1122 110.79 -15.48 79.62
N ASP A 1123 112.01 -15.75 80.09
CA ASP A 1123 113.17 -15.64 79.22
C ASP A 1123 113.11 -16.63 78.07
N SER A 1124 112.71 -17.87 78.35
CA SER A 1124 112.59 -18.93 77.36
C SER A 1124 111.16 -19.48 77.41
N ALA A 1125 110.42 -19.33 76.31
CA ALA A 1125 109.02 -19.71 76.24
C ALA A 1125 108.76 -20.54 74.98
N VAL A 1126 107.76 -21.41 75.08
CA VAL A 1126 107.31 -22.24 73.97
C VAL A 1126 105.80 -22.11 73.88
N PHE A 1127 105.29 -21.79 72.70
CA PHE A 1127 103.86 -21.66 72.44
C PHE A 1127 103.48 -22.56 71.28
N LYS A 1128 102.32 -23.19 71.38
CA LYS A 1128 101.82 -24.10 70.35
C LYS A 1128 100.43 -23.66 69.94
N ALA A 1129 100.22 -23.53 68.63
CA ALA A 1129 98.95 -23.07 68.10
C ALA A 1129 98.08 -24.27 67.76
N THR A 1130 96.77 -24.11 67.92
CA THR A 1130 95.79 -25.13 67.58
C THR A 1130 94.62 -24.42 66.91
N SER A 1131 93.66 -25.21 66.44
CA SER A 1131 92.53 -24.64 65.71
C SER A 1131 91.67 -23.76 66.62
N SER A 1132 91.65 -24.05 67.92
CA SER A 1132 90.73 -23.39 68.84
C SER A 1132 91.34 -22.19 69.56
N THR A 1133 92.62 -21.88 69.34
CA THR A 1133 93.23 -20.77 70.05
C THR A 1133 92.71 -19.44 69.53
N ASP A 1134 92.63 -18.46 70.44
CA ASP A 1134 92.20 -17.12 70.08
C ASP A 1134 93.39 -16.34 69.54
N GLU A 1135 93.18 -15.71 68.38
CA GLU A 1135 94.27 -15.03 67.70
C GLU A 1135 94.84 -13.91 68.55
N GLU A 1136 93.97 -13.14 69.21
CA GLU A 1136 94.43 -12.03 70.01
C GLU A 1136 95.30 -12.50 71.16
N SER A 1137 94.88 -13.54 71.87
CA SER A 1137 95.68 -14.06 72.99
C SER A 1137 97.00 -14.63 72.48
N TRP A 1138 96.97 -15.32 71.34
CA TRP A 1138 98.18 -15.85 70.75
C TRP A 1138 99.18 -14.74 70.45
N PHE A 1139 98.71 -13.65 69.84
CA PHE A 1139 99.61 -12.57 69.48
C PHE A 1139 100.09 -11.80 70.70
N LYS A 1140 99.22 -11.62 71.71
CA LYS A 1140 99.65 -10.99 72.95
C LYS A 1140 100.75 -11.80 73.63
N ALA A 1141 100.59 -13.13 73.67
CA ALA A 1141 101.61 -13.98 74.25
C ALA A 1141 102.92 -13.87 73.49
N LEU A 1142 102.85 -13.87 72.16
CA LEU A 1142 104.07 -13.75 71.37
C LEU A 1142 104.74 -12.39 71.61
N ALA A 1143 103.94 -11.33 71.68
CA ALA A 1143 104.50 -9.99 71.89
C ALA A 1143 105.18 -9.87 73.24
N GLY A 1144 104.53 -10.36 74.30
CA GLY A 1144 105.05 -10.19 75.65
C GLY A 1144 104.58 -8.89 76.27
N SER A 1145 105.03 -8.68 77.51
CA SER A 1145 104.59 -7.51 78.27
C SER A 1145 105.45 -6.28 77.98
N GLU A 1146 106.77 -6.45 77.96
CA GLU A 1146 107.68 -5.32 77.83
C GLU A 1146 107.55 -4.70 76.45
N ILE A 1147 107.54 -3.37 76.41
CA ILE A 1147 107.34 -2.63 75.16
C ILE A 1147 108.66 -2.63 74.40
N ASN A 1148 108.65 -3.19 73.19
CA ASN A 1148 109.87 -3.30 72.41
C ASN A 1148 109.53 -3.66 70.97
N TRP A 1149 110.57 -3.95 70.19
CA TRP A 1149 110.39 -4.30 68.78
C TRP A 1149 109.52 -5.54 68.63
N ARG A 1150 109.61 -6.48 69.57
CA ARG A 1150 108.76 -7.66 69.51
C ARG A 1150 107.30 -7.28 69.71
N HIS A 1151 107.04 -6.37 70.66
CA HIS A 1151 105.70 -5.86 70.88
C HIS A 1151 105.16 -5.25 69.59
N ALA A 1152 105.96 -4.39 68.96
CA ALA A 1152 105.53 -3.77 67.71
C ALA A 1152 105.31 -4.81 66.62
N SER A 1153 106.21 -5.79 66.52
CA SER A 1153 106.12 -6.79 65.47
C SER A 1153 104.83 -7.60 65.57
N PHE A 1154 104.45 -7.98 66.79
CA PHE A 1154 103.34 -8.91 66.97
C PHE A 1154 102.01 -8.22 67.31
N LEU A 1155 102.00 -6.90 67.56
CA LEU A 1155 100.74 -6.21 67.84
C LEU A 1155 100.45 -5.05 66.89
N CYS A 1156 101.48 -4.43 66.31
CA CYS A 1156 101.23 -3.35 65.37
C CYS A 1156 100.45 -3.87 64.17
N SER A 1157 99.36 -3.18 63.85
CA SER A 1157 98.45 -3.69 62.82
C SER A 1157 99.03 -3.50 61.42
N PHE A 1158 99.70 -2.37 61.17
CA PHE A 1158 100.23 -2.06 59.86
C PHE A 1158 101.72 -1.74 59.97
N ILE A 1159 102.43 -2.00 58.88
CA ILE A 1159 103.82 -1.60 58.73
C ILE A 1159 103.91 -0.54 57.64
N THR A 1160 104.97 0.25 57.70
CA THR A 1160 105.15 1.40 56.82
C THR A 1160 105.97 0.99 55.60
N GLN A 1161 105.40 1.15 54.43
CA GLN A 1161 106.13 0.97 53.17
C GLN A 1161 106.93 2.24 52.90
N ASP A 1162 107.39 2.40 51.65
CA ASP A 1162 108.16 3.59 51.27
C ASP A 1162 107.46 4.86 51.70
N LYS A 1163 106.15 4.95 51.48
CA LYS A 1163 105.36 5.98 52.15
C LYS A 1163 103.96 5.50 52.47
N MET A 1164 103.71 4.20 52.42
CA MET A 1164 102.35 3.64 52.46
C MET A 1164 102.22 2.72 53.66
N PHE A 1165 100.97 2.40 54.00
CA PHE A 1165 100.64 1.55 55.13
C PHE A 1165 100.02 0.26 54.62
N VAL A 1166 100.58 -0.88 55.02
CA VAL A 1166 100.14 -2.19 54.57
C VAL A 1166 100.01 -3.10 55.78
N SER A 1167 99.28 -4.20 55.59
CA SER A 1167 99.06 -5.14 56.67
C SER A 1167 100.38 -5.71 57.16
N ASN A 1168 100.46 -5.92 58.47
CA ASN A 1168 101.71 -6.34 59.09
C ASN A 1168 102.08 -7.74 58.59
N PRO A 1169 103.18 -7.92 57.85
CA PRO A 1169 103.54 -9.28 57.41
C PRO A 1169 103.84 -10.21 58.56
N ILE A 1170 104.33 -9.67 59.68
CA ILE A 1170 104.68 -10.52 60.84
C ILE A 1170 103.44 -11.23 61.36
N ARG A 1171 102.36 -10.48 61.57
CA ARG A 1171 101.15 -11.08 62.12
C ARG A 1171 100.56 -12.10 61.16
N LYS A 1172 100.52 -11.79 59.88
CA LYS A 1172 99.92 -12.71 58.92
C LYS A 1172 100.77 -13.96 58.74
N VAL A 1173 102.09 -13.84 58.86
CA VAL A 1173 102.94 -15.02 58.80
C VAL A 1173 102.79 -15.86 60.07
N PHE A 1174 102.72 -15.21 61.23
CA PHE A 1174 102.61 -15.89 62.52
C PHE A 1174 101.16 -16.16 62.90
N LYS A 1175 100.23 -16.07 61.96
CA LYS A 1175 98.83 -16.34 62.26
C LYS A 1175 98.69 -17.76 62.81
N PRO A 1176 98.02 -17.97 63.95
CA PRO A 1176 98.02 -19.31 64.57
C PRO A 1176 97.33 -20.34 63.69
N SER A 1177 97.89 -21.55 63.71
CA SER A 1177 97.31 -22.68 62.99
C SER A 1177 97.91 -23.95 63.56
N GLN A 1178 97.23 -25.07 63.32
CA GLN A 1178 97.63 -26.34 63.92
C GLN A 1178 99.03 -26.72 63.43
N GLY A 1179 99.86 -27.17 64.38
CA GLY A 1179 101.23 -27.56 64.09
C GLY A 1179 102.26 -26.47 64.24
N MET A 1180 101.84 -25.23 64.46
CA MET A 1180 102.75 -24.10 64.57
C MET A 1180 103.31 -24.05 65.98
N VAL A 1181 104.64 -24.01 66.10
CA VAL A 1181 105.33 -23.97 67.38
C VAL A 1181 106.30 -22.81 67.37
N VAL A 1182 106.15 -21.90 68.32
CA VAL A 1182 106.97 -20.69 68.41
C VAL A 1182 107.80 -20.77 69.69
N GLU A 1183 109.11 -20.75 69.54
CA GLU A 1183 110.05 -20.74 70.65
C GLU A 1183 110.68 -19.36 70.74
N ILE A 1184 110.48 -18.69 71.86
CA ILE A 1184 111.06 -17.38 72.11
C ILE A 1184 112.20 -17.56 73.10
N SER A 1185 113.39 -17.13 72.72
CA SER A 1185 114.58 -17.22 73.54
C SER A 1185 115.09 -15.82 73.85
N ASN A 1186 115.56 -15.63 75.08
CA ASN A 1186 116.02 -14.32 75.55
C ASN A 1186 114.90 -13.27 75.43
N GLY A 1187 113.70 -13.65 75.88
CA GLY A 1187 112.58 -12.72 75.82
C GLY A 1187 112.81 -11.49 76.69
N ASN A 1188 113.47 -11.66 77.83
CA ASN A 1188 113.73 -10.53 78.71
C ASN A 1188 114.62 -9.49 78.04
N THR A 1189 115.67 -9.93 77.36
CA THR A 1189 116.59 -9.04 76.68
C THR A 1189 116.09 -8.80 75.27
N SER A 1190 115.62 -7.58 74.99
CA SER A 1190 115.05 -7.27 73.69
C SER A 1190 116.10 -7.38 72.58
N SER A 1191 117.33 -6.94 72.86
CA SER A 1191 118.37 -6.95 71.83
C SER A 1191 118.68 -8.37 71.37
N LYS A 1192 118.74 -9.32 72.31
CA LYS A 1192 119.10 -10.69 72.00
C LYS A 1192 117.89 -11.61 71.79
N THR A 1193 116.67 -11.07 71.85
CA THR A 1193 115.49 -11.91 71.73
C THR A 1193 115.41 -12.51 70.34
N VAL A 1194 115.04 -13.79 70.28
CA VAL A 1194 114.88 -14.50 69.01
C VAL A 1194 113.59 -15.31 69.07
N VAL A 1195 112.80 -15.24 68.01
CA VAL A 1195 111.52 -15.94 67.91
C VAL A 1195 111.61 -16.91 66.73
N THR A 1196 111.76 -18.20 67.02
CA THR A 1196 111.87 -19.23 66.00
C THR A 1196 110.53 -19.95 65.88
N LEU A 1197 109.93 -19.88 64.70
CA LEU A 1197 108.66 -20.53 64.40
C LEU A 1197 108.91 -21.73 63.51
N SER A 1198 108.40 -22.89 63.93
CA SER A 1198 108.53 -24.14 63.22
C SER A 1198 107.13 -24.67 62.89
N GLU A 1199 107.02 -25.31 61.73
CA GLU A 1199 105.78 -25.92 61.29
C GLU A 1199 106.11 -27.30 60.75
N PRO A 1200 105.11 -28.20 60.67
CA PRO A 1200 105.39 -29.52 60.09
C PRO A 1200 105.80 -29.42 58.63
N VAL A 1201 107.02 -29.86 58.32
CA VAL A 1201 107.55 -29.86 56.97
C VAL A 1201 108.04 -31.27 56.67
N GLN A 1202 107.46 -31.91 55.67
CA GLN A 1202 107.79 -33.29 55.30
C GLN A 1202 107.59 -34.22 56.51
N GLY A 1203 106.53 -33.97 57.27
CA GLY A 1203 106.26 -34.75 58.45
C GLY A 1203 106.91 -34.17 59.70
N GLU A 1204 108.24 -34.08 59.69
CA GLU A 1204 108.95 -33.61 60.87
C GLU A 1204 108.84 -32.09 60.99
N LEU A 1205 109.23 -31.58 62.15
CA LEU A 1205 109.15 -30.17 62.48
C LEU A 1205 110.51 -29.52 62.23
N LYS A 1206 110.53 -28.51 61.38
CA LYS A 1206 111.73 -27.74 61.05
C LYS A 1206 111.42 -26.27 61.18
N PRO A 1207 112.44 -25.43 61.45
CA PRO A 1207 112.18 -23.99 61.52
C PRO A 1207 111.67 -23.45 60.19
N THR A 1208 110.68 -22.55 60.28
CA THR A 1208 110.11 -21.91 59.11
C THR A 1208 110.28 -20.40 59.12
N VAL A 1209 110.32 -19.77 60.29
CA VAL A 1209 110.56 -18.33 60.39
C VAL A 1209 111.49 -18.10 61.57
N ILE A 1210 112.33 -17.08 61.45
CA ILE A 1210 113.19 -16.64 62.55
C ILE A 1210 113.09 -15.13 62.60
N LEU A 1211 112.53 -14.59 63.68
CA LEU A 1211 112.44 -13.15 63.89
C LEU A 1211 113.48 -12.73 64.91
N LYS A 1212 114.23 -11.69 64.58
CA LYS A 1212 115.27 -11.21 65.48
C LYS A 1212 115.60 -9.76 65.13
N LEU A 1213 116.60 -9.23 65.83
CA LEU A 1213 117.14 -7.90 65.57
C LEU A 1213 118.58 -8.07 65.11
N LEU A 1214 118.90 -7.59 63.91
CA LEU A 1214 120.30 -7.57 63.50
C LEU A 1214 121.06 -6.44 64.18
N LYS A 1215 120.42 -5.28 64.33
CA LYS A 1215 121.04 -4.12 64.94
C LYS A 1215 120.00 -3.45 65.84
N GLU A 1216 120.30 -2.23 66.27
CA GLU A 1216 119.39 -1.51 67.14
C GLU A 1216 118.05 -1.21 66.47
N ASN A 1217 117.99 -1.29 65.13
CA ASN A 1217 116.78 -0.93 64.39
C ASN A 1217 116.29 -2.00 63.42
N ILE A 1218 117.15 -2.83 62.87
CA ILE A 1218 116.75 -3.71 61.77
C ILE A 1218 116.18 -4.99 62.38
N ILE A 1219 114.87 -5.17 62.24
CA ILE A 1219 114.20 -6.43 62.54
C ILE A 1219 114.32 -7.31 61.30
N GLN A 1220 114.83 -8.52 61.47
CA GLN A 1220 114.96 -9.48 60.40
C GLN A 1220 113.97 -10.61 60.61
N MET A 1221 113.16 -10.87 59.59
CA MET A 1221 112.31 -12.05 59.50
C MET A 1221 112.94 -12.93 58.42
N GLU A 1222 113.74 -13.90 58.85
CA GLU A 1222 114.26 -14.92 57.95
C GLU A 1222 113.17 -15.95 57.73
N MET A 1223 112.54 -15.91 56.56
CA MET A 1223 111.56 -16.92 56.17
C MET A 1223 112.30 -18.05 55.47
N ILE A 1224 112.40 -19.20 56.12
CA ILE A 1224 113.21 -20.32 55.67
C ILE A 1224 112.32 -21.28 54.92
N GLU A 1225 112.72 -21.60 53.69
CA GLU A 1225 112.14 -22.70 52.93
C GLU A 1225 113.07 -23.89 53.06
N ASN A 1226 112.55 -24.99 53.61
CA ASN A 1226 113.34 -26.21 53.76
C ASN A 1226 113.22 -27.12 52.55
N ARG A 1227 112.20 -26.94 51.73
CA ARG A 1227 112.02 -27.71 50.50
C ARG A 1227 112.86 -27.04 49.42
N THR A 1228 114.04 -27.62 49.15
CA THR A 1228 115.01 -27.03 48.24
C THR A 1228 115.55 -28.09 47.31
N MET A 1229 116.39 -27.66 46.37
CA MET A 1229 116.96 -28.60 45.40
C MET A 1229 117.91 -29.57 46.08
N ASP A 1230 118.86 -29.05 46.87
CA ASP A 1230 119.87 -29.86 47.54
C ASP A 1230 119.46 -30.25 48.95
N GLY A 1231 118.29 -29.83 49.42
CA GLY A 1231 117.85 -30.11 50.77
C GLY A 1231 118.34 -29.15 51.81
N LYS A 1232 119.31 -28.30 51.48
CA LYS A 1232 119.77 -27.29 52.43
C LYS A 1232 118.75 -26.17 52.51
N PRO A 1233 118.33 -25.75 53.71
CA PRO A 1233 117.32 -24.68 53.79
C PRO A 1233 117.85 -23.38 53.21
N VAL A 1234 116.93 -22.61 52.62
CA VAL A 1234 117.24 -21.31 52.04
C VAL A 1234 116.38 -20.26 52.75
N SER A 1235 117.02 -19.24 53.29
CA SER A 1235 116.35 -18.21 54.07
C SER A 1235 116.23 -16.92 53.27
N LEU A 1236 115.01 -16.44 53.11
CA LEU A 1236 114.77 -15.11 52.58
C LEU A 1236 114.76 -14.14 53.76
N PRO A 1237 115.74 -13.23 53.87
CA PRO A 1237 115.68 -12.25 54.98
C PRO A 1237 114.87 -11.03 54.60
N LEU A 1238 113.79 -10.76 55.35
CA LEU A 1238 112.99 -9.55 55.18
C LEU A 1238 113.38 -8.58 56.28
N LEU A 1239 113.86 -7.39 55.90
CA LEU A 1239 114.33 -6.39 56.84
C LEU A 1239 113.27 -5.33 57.05
N TYR A 1240 113.13 -4.88 58.29
CA TYR A 1240 112.22 -3.79 58.65
C TYR A 1240 112.96 -2.84 59.58
N ASN A 1241 112.90 -1.55 59.29
CA ASN A 1241 113.41 -0.56 60.23
C ASN A 1241 112.43 -0.41 61.38
N PHE A 1242 112.97 -0.27 62.59
CA PHE A 1242 112.19 -0.09 63.81
C PHE A 1242 112.51 1.27 64.39
N ASN A 1243 111.56 2.19 64.29
CA ASN A 1243 111.71 3.57 64.73
C ASN A 1243 110.83 3.76 65.96
N PRO A 1244 111.40 3.71 67.17
CA PRO A 1244 110.57 3.99 68.36
C PRO A 1244 109.97 5.39 68.35
N ASP A 1245 110.59 6.34 67.64
CA ASP A 1245 110.06 7.69 67.61
C ASP A 1245 108.66 7.74 67.01
N ASN A 1246 108.43 6.98 65.94
CA ASN A 1246 107.10 6.88 65.33
C ASN A 1246 106.37 5.75 66.03
N GLY A 1247 105.68 6.09 67.11
CA GLY A 1247 105.03 5.07 67.92
C GLY A 1247 103.79 4.47 67.30
N PHE A 1248 103.14 5.18 66.37
CA PHE A 1248 101.95 4.63 65.74
C PHE A 1248 102.29 3.49 64.79
N ALA A 1249 103.34 3.67 63.99
CA ALA A 1249 103.79 2.67 63.03
C ALA A 1249 105.30 2.55 63.12
N PRO A 1250 105.81 2.00 64.22
CA PRO A 1250 107.27 1.93 64.38
C PRO A 1250 107.97 1.07 63.34
N ILE A 1251 107.32 0.05 62.81
CA ILE A 1251 107.97 -0.90 61.91
C ILE A 1251 107.68 -0.51 60.47
N SER A 1252 108.74 -0.33 59.69
CA SER A 1252 108.65 0.08 58.29
C SER A 1252 109.43 -0.89 57.42
N GLU A 1253 108.80 -1.38 56.36
CA GLU A 1253 109.48 -2.29 55.45
C GLU A 1253 110.68 -1.60 54.81
N VAL A 1254 111.77 -2.35 54.67
CA VAL A 1254 112.98 -1.88 53.99
C VAL A 1254 112.85 -2.27 52.52
N MET A 1255 112.45 -1.31 51.69
CA MET A 1255 112.28 -1.57 50.26
C MET A 1255 113.61 -1.76 49.53
N GLU A 1256 114.61 -0.97 49.85
CA GLU A 1256 115.91 -1.08 49.20
C GLU A 1256 116.44 -2.51 49.31
N ASP A 1257 116.75 -3.11 48.16
CA ASP A 1257 117.28 -4.46 47.99
C ASP A 1257 116.25 -5.55 48.28
N ARG A 1258 114.99 -5.20 48.55
CA ARG A 1258 113.99 -6.21 48.87
C ARG A 1258 113.73 -7.13 47.68
N ASN A 1259 113.52 -6.55 46.50
CA ASN A 1259 113.30 -7.34 45.31
C ASN A 1259 114.53 -8.18 44.97
N GLN A 1260 115.72 -7.61 45.17
CA GLN A 1260 116.95 -8.36 44.93
C GLN A 1260 117.05 -9.56 45.86
N ARG A 1261 116.70 -9.39 47.13
CA ARG A 1261 116.78 -10.50 48.08
C ARG A 1261 115.77 -11.58 47.73
N ILE A 1262 114.55 -11.18 47.38
CA ILE A 1262 113.55 -12.16 46.98
C ILE A 1262 114.03 -12.92 45.75
N LYS A 1263 114.60 -12.19 44.78
CA LYS A 1263 115.11 -12.84 43.58
C LYS A 1263 116.25 -13.79 43.90
N GLU A 1264 117.14 -13.41 44.82
CA GLU A 1264 118.26 -14.26 45.16
C GLU A 1264 117.78 -15.57 45.78
N MET A 1265 116.82 -15.48 46.70
CA MET A 1265 116.28 -16.69 47.31
C MET A 1265 115.56 -17.56 46.28
N TYR A 1266 114.77 -16.93 45.39
CA TYR A 1266 114.11 -17.71 44.35
C TYR A 1266 115.11 -18.35 43.39
N TRP A 1267 116.22 -17.65 43.11
CA TRP A 1267 117.27 -18.23 42.28
C TRP A 1267 117.88 -19.45 42.97
N LYS A 1268 118.12 -19.34 44.28
CA LYS A 1268 118.63 -20.49 45.02
C LYS A 1268 117.66 -21.66 44.92
N LEU A 1269 116.36 -21.39 44.94
CA LEU A 1269 115.38 -22.47 44.91
C LEU A 1269 115.27 -23.09 43.51
N TRP A 1270 115.24 -22.25 42.47
CA TRP A 1270 114.93 -22.70 41.12
C TRP A 1270 116.18 -23.03 40.31
N ILE A 1271 117.08 -22.06 40.18
CA ILE A 1271 118.21 -22.14 39.28
C ILE A 1271 119.40 -22.68 40.05
N ASP A 1272 120.20 -23.52 39.39
CA ASP A 1272 121.36 -24.18 39.99
C ASP A 1272 122.65 -23.66 39.37
N GLU A 1273 122.73 -22.35 39.20
CA GLU A 1273 123.86 -21.66 38.63
C GLU A 1273 124.23 -20.50 39.54
N PRO A 1274 125.46 -20.00 39.46
CA PRO A 1274 125.86 -18.91 40.36
C PRO A 1274 124.99 -17.68 40.18
N PHE A 1275 124.64 -17.04 41.29
CA PHE A 1275 123.71 -15.94 41.27
C PHE A 1275 124.31 -14.75 40.53
N ASN A 1276 123.67 -14.36 39.43
CA ASN A 1276 124.14 -13.22 38.63
C ASN A 1276 122.93 -12.66 37.90
N LEU A 1277 122.41 -11.54 38.40
CA LEU A 1277 121.26 -10.89 37.80
C LEU A 1277 121.64 -9.88 36.72
N ASP A 1278 122.92 -9.50 36.64
CA ASP A 1278 123.39 -8.50 35.68
C ASP A 1278 123.61 -9.23 34.36
N PHE A 1279 122.57 -9.29 33.53
CA PHE A 1279 122.70 -9.82 32.18
C PHE A 1279 121.53 -9.30 31.36
N ASP A 1280 121.78 -9.12 30.07
CA ASP A 1280 120.82 -8.46 29.20
C ASP A 1280 119.57 -9.32 29.03
N PRO A 1281 118.36 -8.80 29.28
CA PRO A 1281 117.17 -9.58 28.94
C PRO A 1281 117.03 -9.86 27.46
N ARG A 1282 117.59 -9.01 26.59
CA ARG A 1282 117.57 -9.29 25.17
C ARG A 1282 118.38 -10.54 24.85
N ASP A 1283 119.48 -10.75 25.56
CA ASP A 1283 120.34 -11.88 25.30
C ASP A 1283 119.59 -13.19 25.51
N VAL A 1284 119.90 -14.17 24.67
CA VAL A 1284 119.19 -15.45 24.70
C VAL A 1284 119.72 -16.29 25.85
N ILE A 1285 118.81 -16.98 26.54
CA ILE A 1285 119.15 -17.82 27.69
C ILE A 1285 119.24 -19.26 27.23
N LYS A 1286 120.38 -19.89 27.52
CA LYS A 1286 120.62 -21.29 27.19
C LYS A 1286 120.49 -22.12 28.46
N GLY A 1287 119.49 -23.00 28.51
CA GLY A 1287 119.36 -23.92 29.62
C GLY A 1287 120.29 -25.10 29.50
N LYS A 1288 120.56 -25.74 30.63
CA LYS A 1288 121.46 -26.88 30.65
C LYS A 1288 120.82 -28.06 29.94
N ASP A 1289 121.65 -28.85 29.26
CA ASP A 1289 121.17 -30.02 28.55
C ASP A 1289 120.53 -31.00 29.52
N PHE A 1290 119.34 -31.48 29.18
CA PHE A 1290 118.54 -32.32 30.05
C PHE A 1290 118.29 -33.65 29.36
N GLU A 1291 118.40 -34.74 30.13
CA GLU A 1291 118.21 -36.10 29.63
C GLU A 1291 116.91 -36.65 30.21
N ILE A 1292 116.00 -37.06 29.33
CA ILE A 1292 114.72 -37.61 29.75
C ILE A 1292 114.93 -39.05 30.18
N THR A 1293 114.48 -39.38 31.38
CA THR A 1293 114.64 -40.70 31.95
C THR A 1293 113.28 -41.32 32.23
N ALA A 1294 113.26 -42.65 32.25
CA ALA A 1294 112.04 -43.38 32.56
C ALA A 1294 111.53 -43.03 33.95
N LYS A 1295 112.44 -42.89 34.92
CA LYS A 1295 112.03 -42.53 36.27
C LYS A 1295 111.37 -41.16 36.28
N GLU A 1296 111.95 -40.18 35.57
CA GLU A 1296 111.40 -38.84 35.56
C GLU A 1296 110.03 -38.81 34.90
N VAL A 1297 109.88 -39.50 33.77
CA VAL A 1297 108.57 -39.55 33.12
C VAL A 1297 107.55 -40.25 34.00
N TYR A 1298 107.96 -41.34 34.65
CA TYR A 1298 107.10 -42.07 35.56
C TYR A 1298 106.57 -41.15 36.66
N ASP A 1299 107.50 -40.45 37.33
CA ASP A 1299 107.12 -39.56 38.43
C ASP A 1299 106.23 -38.43 37.94
N PHE A 1300 106.56 -37.84 36.79
CA PHE A 1300 105.76 -36.73 36.30
C PHE A 1300 104.35 -37.18 35.96
N THR A 1301 104.23 -38.32 35.28
CA THR A 1301 102.91 -38.82 34.92
C THR A 1301 102.08 -39.12 36.16
N HIS A 1302 102.67 -39.76 37.17
CA HIS A 1302 101.92 -40.06 38.37
C HIS A 1302 101.73 -38.85 39.29
N ALA A 1303 102.46 -37.76 39.05
CA ALA A 1303 102.21 -36.53 39.81
C ALA A 1303 101.11 -35.69 39.19
N VAL A 1304 101.00 -35.71 37.85
CA VAL A 1304 99.98 -34.89 37.21
C VAL A 1304 98.69 -35.66 37.04
N GLY A 1305 98.76 -36.98 37.03
CA GLY A 1305 97.59 -37.82 36.83
C GLY A 1305 97.42 -38.22 35.38
N ASN A 1306 98.54 -38.40 34.68
CA ASN A 1306 98.53 -38.82 33.28
C ASN A 1306 98.57 -40.34 33.24
N ASN A 1307 97.44 -40.94 32.93
CA ASN A 1307 97.31 -42.39 32.85
C ASN A 1307 97.33 -42.91 31.42
N CYS A 1308 97.77 -42.09 30.47
CA CYS A 1308 97.85 -42.53 29.08
C CYS A 1308 98.91 -43.62 28.93
N GLU A 1309 98.59 -44.63 28.13
CA GLU A 1309 99.51 -45.75 27.96
C GLU A 1309 100.78 -45.35 27.23
N ASP A 1310 100.75 -44.24 26.49
CA ASP A 1310 101.93 -43.83 25.74
C ASP A 1310 103.10 -43.51 26.67
N PHE A 1311 102.80 -42.95 27.84
CA PHE A 1311 103.83 -42.55 28.78
C PHE A 1311 104.18 -43.63 29.78
N VAL A 1312 103.46 -44.75 29.78
CA VAL A 1312 103.70 -45.86 30.69
C VAL A 1312 104.55 -46.89 29.97
N SER A 1313 105.60 -47.36 30.64
CA SER A 1313 106.48 -48.37 30.05
C SER A 1313 105.69 -49.62 29.70
N ARG A 1314 105.94 -50.15 28.52
CA ARG A 1314 105.33 -51.38 28.04
C ARG A 1314 106.38 -52.20 27.32
N PRO A 1315 106.22 -53.52 27.27
CA PRO A 1315 107.22 -54.34 26.57
C PRO A 1315 107.21 -54.08 25.07
N ASP A 1316 108.41 -54.14 24.48
CA ASP A 1316 108.58 -54.05 23.03
C ASP A 1316 107.95 -52.78 22.47
N ARG A 1317 108.14 -51.67 23.19
CA ARG A 1317 107.57 -50.40 22.77
C ARG A 1317 108.25 -49.23 23.49
N THR A 1318 108.64 -48.22 22.73
CA THR A 1318 109.33 -47.08 23.31
C THR A 1318 108.36 -46.20 24.10
N MET A 1319 108.85 -45.68 25.22
CA MET A 1319 108.04 -44.89 26.15
C MET A 1319 108.14 -43.42 25.78
N LEU A 1320 106.99 -42.81 25.49
CA LEU A 1320 106.96 -41.38 25.19
C LEU A 1320 106.92 -40.57 26.48
N ALA A 1321 107.23 -39.28 26.35
CA ALA A 1321 107.14 -38.33 27.43
C ALA A 1321 105.98 -37.36 27.18
N PRO A 1322 105.26 -36.93 28.21
CA PRO A 1322 104.10 -36.05 27.97
C PRO A 1322 104.54 -34.68 27.46
N MET A 1323 103.63 -34.04 26.74
CA MET A 1323 103.89 -32.69 26.25
C MET A 1323 104.16 -31.73 27.39
N ASP A 1324 103.51 -31.96 28.54
CA ASP A 1324 103.73 -31.09 29.69
C ASP A 1324 105.13 -31.25 30.26
N PHE A 1325 105.85 -32.31 29.88
CA PHE A 1325 107.21 -32.49 30.34
C PHE A 1325 108.14 -31.39 29.83
N ALA A 1326 107.72 -30.65 28.81
CA ALA A 1326 108.57 -29.60 28.26
C ALA A 1326 108.84 -28.51 29.29
N ILE A 1327 107.85 -28.18 30.12
CA ILE A 1327 108.07 -27.18 31.16
C ILE A 1327 109.07 -27.70 32.18
N VAL A 1328 109.04 -29.01 32.47
CA VAL A 1328 110.05 -29.58 33.34
C VAL A 1328 111.43 -29.44 32.71
N VAL A 1329 111.53 -29.70 31.41
CA VAL A 1329 112.82 -29.56 30.74
C VAL A 1329 113.32 -28.12 30.78
N GLY A 1330 112.44 -27.17 30.48
CA GLY A 1330 112.84 -25.80 30.24
C GLY A 1330 112.47 -24.79 31.31
N TRP A 1331 112.21 -25.24 32.54
CA TRP A 1331 111.86 -24.30 33.59
C TRP A 1331 113.05 -23.41 33.94
N ARG A 1332 114.25 -23.97 33.96
CA ARG A 1332 115.42 -23.22 34.43
C ARG A 1332 115.80 -22.09 33.47
N ALA A 1333 115.22 -22.06 32.27
CA ALA A 1333 115.46 -20.96 31.33
C ALA A 1333 114.26 -20.04 31.22
N ILE A 1334 113.06 -20.64 31.14
CA ILE A 1334 111.85 -19.85 31.03
C ILE A 1334 111.68 -18.96 32.25
N ILE A 1335 112.06 -19.48 33.42
CA ILE A 1335 111.91 -18.70 34.64
C ILE A 1335 113.11 -17.78 34.85
N LYS A 1336 114.28 -18.17 34.34
CA LYS A 1336 115.42 -17.26 34.31
C LYS A 1336 115.11 -16.01 33.49
N ALA A 1337 114.20 -16.12 32.52
CA ALA A 1337 113.86 -14.98 31.68
C ALA A 1337 113.40 -13.78 32.51
N ILE A 1338 112.65 -14.01 33.60
CA ILE A 1338 112.05 -12.92 34.34
C ILE A 1338 112.95 -12.41 35.46
N PHE A 1339 114.15 -12.93 35.61
CA PHE A 1339 115.07 -12.54 36.68
C PHE A 1339 115.84 -11.22 36.50
N PRO A 1340 116.23 -10.80 35.29
CA PRO A 1340 117.19 -9.68 35.18
C PRO A 1340 116.75 -8.43 35.94
N ASN A 1341 117.75 -7.70 36.46
CA ASN A 1341 117.47 -6.48 37.21
C ASN A 1341 116.71 -5.47 36.37
N THR A 1342 116.90 -5.49 35.05
CA THR A 1342 116.13 -4.60 34.19
C THR A 1342 114.64 -4.90 34.29
N VAL A 1343 114.27 -6.17 34.27
CA VAL A 1343 112.87 -6.58 34.50
C VAL A 1343 112.74 -6.80 36.00
N ASP A 1344 112.54 -5.70 36.72
CA ASP A 1344 112.44 -5.73 38.17
C ASP A 1344 111.01 -5.99 38.59
N GLY A 1345 110.85 -6.73 39.68
CA GLY A 1345 109.52 -7.01 40.19
C GLY A 1345 109.61 -7.98 41.34
N ASP A 1346 108.51 -8.08 42.07
CA ASP A 1346 108.44 -8.87 43.29
C ASP A 1346 108.06 -10.29 42.86
N LEU A 1347 108.98 -11.23 43.03
CA LEU A 1347 108.72 -12.61 42.58
C LEU A 1347 107.70 -13.29 43.47
N LEU A 1348 107.59 -12.88 44.74
CA LEU A 1348 106.54 -13.40 45.61
C LEU A 1348 105.18 -12.93 45.13
N LYS A 1349 105.13 -11.85 44.36
CA LYS A 1349 103.90 -11.34 43.77
C LYS A 1349 103.74 -11.75 42.30
N LEU A 1350 104.51 -12.72 41.83
CA LEU A 1350 104.39 -13.18 40.46
C LEU A 1350 103.12 -14.00 40.26
N VAL A 1351 102.48 -13.80 39.11
CA VAL A 1351 101.31 -14.56 38.71
C VAL A 1351 101.58 -15.16 37.34
N HIS A 1352 101.42 -16.46 37.22
CA HIS A 1352 101.53 -17.14 35.92
C HIS A 1352 100.21 -16.94 35.19
N LEU A 1353 100.21 -16.06 34.19
CA LEU A 1353 98.97 -15.75 33.48
C LEU A 1353 98.56 -16.89 32.56
N SER A 1354 99.51 -17.43 31.80
CA SER A 1354 99.18 -18.46 30.83
C SER A 1354 100.45 -19.22 30.47
N ASN A 1355 100.25 -20.42 29.94
CA ASN A 1355 101.34 -21.25 29.47
C ASN A 1355 100.82 -22.05 28.29
N GLY A 1356 101.69 -22.28 27.31
CA GLY A 1356 101.27 -22.94 26.09
C GLY A 1356 102.39 -23.75 25.48
N TYR A 1357 101.98 -24.80 24.77
CA TYR A 1357 102.87 -25.70 24.06
C TYR A 1357 102.48 -25.73 22.59
N LYS A 1358 103.49 -25.77 21.72
CA LYS A 1358 103.26 -25.88 20.29
C LYS A 1358 104.37 -26.75 19.72
N MET A 1359 104.02 -27.94 19.26
CA MET A 1359 104.95 -28.81 18.55
C MET A 1359 105.11 -28.27 17.14
N ILE A 1360 106.34 -28.13 16.69
CA ILE A 1360 106.55 -27.70 15.31
C ILE A 1360 106.14 -28.83 14.38
N PRO A 1361 105.64 -28.56 13.17
CA PRO A 1361 105.25 -29.66 12.28
C PRO A 1361 106.43 -30.58 11.97
N GLY A 1362 106.14 -31.88 11.91
CA GLY A 1362 107.14 -32.86 11.58
C GLY A 1362 108.03 -33.30 12.72
N ALA A 1363 107.85 -32.75 13.92
CA ALA A 1363 108.66 -33.09 15.07
C ALA A 1363 107.94 -34.15 15.89
N LYS A 1364 108.61 -35.27 16.13
CA LYS A 1364 108.03 -36.35 16.89
C LYS A 1364 107.91 -35.94 18.36
N PRO A 1365 106.96 -36.51 19.09
CA PRO A 1365 106.84 -36.16 20.51
C PRO A 1365 108.05 -36.61 21.29
N LEU A 1366 108.25 -35.96 22.44
CA LEU A 1366 109.38 -36.30 23.31
C LEU A 1366 109.29 -37.76 23.74
N GLN A 1367 110.43 -38.42 23.81
CA GLN A 1367 110.52 -39.81 24.20
C GLN A 1367 111.63 -40.00 25.22
N VAL A 1368 111.52 -41.09 25.98
CA VAL A 1368 112.49 -41.36 27.03
C VAL A 1368 113.85 -41.63 26.42
N GLY A 1369 114.88 -40.97 26.97
CA GLY A 1369 116.25 -41.16 26.55
C GLY A 1369 116.82 -40.02 25.72
N ASP A 1370 115.98 -39.27 25.02
CA ASP A 1370 116.50 -38.20 24.18
C ASP A 1370 117.05 -37.06 25.04
N VAL A 1371 118.04 -36.36 24.50
CA VAL A 1371 118.65 -35.20 25.13
C VAL A 1371 118.00 -33.97 24.52
N VAL A 1372 117.40 -33.13 25.37
CA VAL A 1372 116.66 -31.95 24.94
C VAL A 1372 117.37 -30.72 25.45
N SER A 1373 117.64 -29.77 24.55
CA SER A 1373 118.23 -28.49 24.88
C SER A 1373 117.13 -27.44 24.88
N THR A 1374 117.24 -26.46 25.78
CA THR A 1374 116.25 -25.40 25.92
C THR A 1374 116.89 -24.06 25.63
N THR A 1375 116.21 -23.25 24.84
CA THR A 1375 116.65 -21.89 24.51
C THR A 1375 115.48 -20.95 24.76
N ALA A 1376 115.60 -20.13 25.80
CA ALA A 1376 114.55 -19.18 26.16
C ALA A 1376 114.88 -17.79 25.65
N VAL A 1377 113.84 -17.08 25.20
CA VAL A 1377 113.94 -15.69 24.81
C VAL A 1377 112.75 -14.95 25.44
N ILE A 1378 112.96 -13.68 25.76
CA ILE A 1378 111.89 -12.82 26.25
C ILE A 1378 111.22 -12.23 25.03
N GLU A 1379 110.03 -12.73 24.69
CA GLU A 1379 109.32 -12.24 23.53
C GLU A 1379 108.89 -10.78 23.70
N SER A 1380 108.38 -10.43 24.88
CA SER A 1380 107.82 -9.10 25.09
C SER A 1380 107.69 -8.84 26.57
N VAL A 1381 108.30 -7.75 27.05
CA VAL A 1381 108.14 -7.29 28.42
C VAL A 1381 107.56 -5.88 28.37
N VAL A 1382 106.38 -5.72 28.96
CA VAL A 1382 105.62 -4.46 28.87
C VAL A 1382 105.12 -4.07 30.24
N ASN A 1383 105.19 -2.78 30.53
CA ASN A 1383 104.70 -2.19 31.77
C ASN A 1383 103.24 -1.81 31.55
N GLN A 1384 102.34 -2.58 32.14
CA GLN A 1384 100.93 -2.26 32.17
C GLN A 1384 100.60 -1.51 33.46
N PRO A 1385 99.48 -0.77 33.49
CA PRO A 1385 99.14 -0.07 34.75
C PRO A 1385 98.98 -0.99 35.93
N THR A 1386 98.46 -2.20 35.72
CA THR A 1386 98.24 -3.15 36.81
C THR A 1386 99.46 -4.03 37.07
N GLY A 1387 100.51 -3.90 36.29
CA GLY A 1387 101.71 -4.70 36.51
C GLY A 1387 102.55 -4.78 35.25
N LYS A 1388 103.53 -5.68 35.29
CA LYS A 1388 104.46 -5.89 34.20
C LYS A 1388 104.27 -7.29 33.64
N ILE A 1389 103.93 -7.37 32.36
CA ILE A 1389 103.76 -8.64 31.66
C ILE A 1389 105.09 -9.00 31.03
N VAL A 1390 105.50 -10.25 31.18
CA VAL A 1390 106.73 -10.78 30.59
C VAL A 1390 106.37 -12.08 29.87
N ASP A 1391 106.63 -12.11 28.57
CA ASP A 1391 106.32 -13.25 27.72
C ASP A 1391 107.62 -13.93 27.34
N VAL A 1392 107.71 -15.22 27.63
CA VAL A 1392 108.91 -16.02 27.41
C VAL A 1392 108.57 -17.11 26.41
N VAL A 1393 109.46 -17.33 25.44
CA VAL A 1393 109.33 -18.38 24.46
C VAL A 1393 110.54 -19.28 24.60
N GLY A 1394 110.32 -20.53 25.00
CA GLY A 1394 111.39 -21.50 25.14
C GLY A 1394 111.31 -22.56 24.06
N THR A 1395 112.31 -22.59 23.19
CA THR A 1395 112.40 -23.60 22.14
C THR A 1395 113.14 -24.80 22.71
N LEU A 1396 112.45 -25.94 22.74
CA LEU A 1396 113.05 -27.23 23.08
C LEU A 1396 113.46 -27.90 21.78
N SER A 1397 114.73 -28.28 21.69
CA SER A 1397 115.31 -28.87 20.50
C SER A 1397 115.96 -30.20 20.86
N ARG A 1398 116.00 -31.10 19.87
CA ARG A 1398 116.53 -32.43 20.04
C ARG A 1398 117.38 -32.77 18.83
N ASN A 1399 118.62 -33.19 19.07
CA ASN A 1399 119.54 -33.55 17.99
C ASN A 1399 119.73 -32.39 17.02
N GLY A 1400 119.80 -31.18 17.56
CA GLY A 1400 119.94 -29.96 16.78
C GLY A 1400 118.63 -29.41 16.27
N LYS A 1401 117.77 -30.28 15.76
CA LYS A 1401 116.48 -29.84 15.24
C LYS A 1401 115.58 -29.35 16.38
N PRO A 1402 114.75 -28.33 16.14
CA PRO A 1402 113.77 -27.95 17.16
C PRO A 1402 112.67 -28.99 17.29
N VAL A 1403 112.14 -29.10 18.50
CA VAL A 1403 111.07 -30.04 18.81
C VAL A 1403 109.77 -29.30 19.08
N MET A 1404 109.82 -28.24 19.87
CA MET A 1404 108.59 -27.57 20.28
C MET A 1404 108.91 -26.23 20.90
N GLU A 1405 107.86 -25.43 21.09
CA GLU A 1405 107.96 -24.10 21.67
C GLU A 1405 107.03 -24.04 22.87
N VAL A 1406 107.51 -23.42 23.95
CA VAL A 1406 106.76 -23.25 25.18
C VAL A 1406 106.62 -21.76 25.43
N THR A 1407 105.41 -21.25 25.34
CA THR A 1407 105.11 -19.86 25.69
C THR A 1407 104.70 -19.80 27.15
N SER A 1408 105.14 -18.75 27.84
CA SER A 1408 104.79 -18.54 29.23
C SER A 1408 104.66 -17.06 29.52
N SER A 1409 103.50 -16.66 30.05
CA SER A 1409 103.22 -15.27 30.39
C SER A 1409 103.27 -15.14 31.90
N PHE A 1410 104.03 -14.16 32.38
CA PHE A 1410 104.17 -13.88 33.79
C PHE A 1410 103.80 -12.44 34.07
N PHE A 1411 103.26 -12.20 35.26
CA PHE A 1411 102.74 -10.90 35.65
C PHE A 1411 103.38 -10.53 36.99
N TYR A 1412 104.21 -9.49 36.96
CA TYR A 1412 104.70 -8.87 38.18
C TYR A 1412 103.68 -7.81 38.59
N ARG A 1413 102.88 -8.10 39.60
CA ARG A 1413 101.90 -7.14 40.08
C ARG A 1413 102.63 -5.98 40.75
N GLY A 1414 102.24 -4.76 40.39
CA GLY A 1414 102.84 -3.58 40.97
C GLY A 1414 102.80 -2.43 39.99
N ASN A 1415 103.50 -1.36 40.36
CA ASN A 1415 103.62 -0.15 39.55
C ASN A 1415 105.04 -0.06 39.04
N TYR A 1416 105.19 -0.03 37.72
CA TYR A 1416 106.49 0.05 37.08
C TYR A 1416 106.46 1.11 36.00
N THR A 1417 107.49 1.96 36.01
CA THR A 1417 107.63 3.04 35.03
C THR A 1417 108.95 2.96 34.28
N ASP A 1418 109.65 1.82 34.37
CA ASP A 1418 110.95 1.65 33.70
C ASP A 1418 110.73 1.20 32.26
N PHE A 1419 110.07 2.08 31.49
CA PHE A 1419 109.74 1.78 30.12
C PHE A 1419 110.98 1.62 29.25
N GLU A 1420 112.12 2.15 29.67
CA GLU A 1420 113.34 2.03 28.88
C GLU A 1420 113.75 0.57 28.72
N ASN A 1421 113.40 -0.28 29.67
CA ASN A 1421 113.71 -1.71 29.63
C ASN A 1421 112.57 -2.54 29.06
N THR A 1422 111.46 -1.93 28.68
CA THR A 1422 110.32 -2.63 28.12
C THR A 1422 110.45 -2.71 26.60
N PHE A 1423 110.01 -3.84 26.05
CA PHE A 1423 109.95 -4.05 24.62
C PHE A 1423 108.87 -5.06 24.34
N GLN A 1424 108.38 -5.08 23.10
CA GLN A 1424 107.32 -5.99 22.72
C GLN A 1424 107.47 -6.39 21.27
N LYS A 1425 107.62 -7.70 21.05
CA LYS A 1425 107.68 -8.28 19.72
C LYS A 1425 106.40 -9.08 19.52
N THR A 1426 105.64 -8.73 18.48
CA THR A 1426 104.35 -9.35 18.19
C THR A 1426 104.30 -9.76 16.72
N VAL A 1427 103.93 -11.01 16.47
CA VAL A 1427 103.72 -11.50 15.12
C VAL A 1427 102.32 -11.07 14.71
N GLU A 1428 102.24 -10.05 13.86
CA GLU A 1428 100.94 -9.55 13.46
C GLU A 1428 100.20 -10.62 12.66
N PRO A 1429 98.87 -10.60 12.66
CA PRO A 1429 98.15 -11.59 11.84
C PRO A 1429 98.43 -11.35 10.36
N VAL A 1430 98.40 -12.44 9.59
CA VAL A 1430 98.66 -12.33 8.16
C VAL A 1430 97.54 -11.54 7.52
N TYR A 1431 97.90 -10.62 6.65
CA TYR A 1431 96.95 -9.74 5.97
C TYR A 1431 96.93 -10.03 4.48
N GLN A 1432 95.73 -10.06 3.91
CA GLN A 1432 95.54 -10.32 2.49
C GLN A 1432 94.92 -9.10 1.83
N MET A 1433 95.48 -8.70 0.69
CA MET A 1433 95.00 -7.57 -0.08
C MET A 1433 94.93 -7.94 -1.54
N HIS A 1434 93.76 -7.81 -2.14
CA HIS A 1434 93.56 -8.03 -3.56
C HIS A 1434 93.75 -6.71 -4.29
N ILE A 1435 94.66 -6.69 -5.26
CA ILE A 1435 94.95 -5.47 -6.02
C ILE A 1435 94.03 -5.46 -7.23
N LYS A 1436 92.95 -4.68 -7.14
CA LYS A 1436 91.93 -4.66 -8.18
C LYS A 1436 92.17 -3.57 -9.22
N THR A 1437 92.78 -2.45 -8.84
CA THR A 1437 92.93 -1.30 -9.72
C THR A 1437 94.32 -0.71 -9.56
N SER A 1438 94.65 0.23 -10.45
CA SER A 1438 95.93 0.93 -10.37
C SER A 1438 95.97 1.90 -9.19
N LYS A 1439 94.82 2.30 -8.67
CA LYS A 1439 94.80 3.12 -7.46
C LYS A 1439 95.43 2.37 -6.30
N ASP A 1440 95.12 1.08 -6.16
CA ASP A 1440 95.73 0.28 -5.11
C ASP A 1440 97.24 0.21 -5.28
N ILE A 1441 97.70 0.03 -6.52
CA ILE A 1441 99.14 -0.04 -6.77
C ILE A 1441 99.80 1.29 -6.42
N ALA A 1442 99.16 2.40 -6.79
CA ALA A 1442 99.73 3.71 -6.45
C ALA A 1442 99.79 3.92 -4.95
N VAL A 1443 98.75 3.50 -4.24
CA VAL A 1443 98.73 3.63 -2.78
C VAL A 1443 99.85 2.79 -2.17
N LEU A 1444 100.03 1.57 -2.66
CA LEU A 1444 101.09 0.72 -2.14
C LEU A 1444 102.47 1.31 -2.43
N ARG A 1445 102.68 1.82 -3.64
CA ARG A 1445 103.98 2.37 -4.00
C ARG A 1445 104.26 3.67 -3.26
N SER A 1446 103.22 4.38 -2.82
CA SER A 1446 103.42 5.57 -2.01
C SER A 1446 103.96 5.24 -0.61
N LYS A 1447 103.88 3.98 -0.18
CA LYS A 1447 104.36 3.57 1.12
C LYS A 1447 105.85 3.25 1.04
N GLU A 1448 106.65 3.94 1.85
CA GLU A 1448 108.08 3.65 1.87
C GLU A 1448 108.35 2.23 2.35
N TRP A 1449 107.60 1.78 3.36
CA TRP A 1449 107.85 0.47 3.94
C TRP A 1449 107.56 -0.65 2.96
N PHE A 1450 106.67 -0.41 2.00
CA PHE A 1450 106.34 -1.40 0.99
C PHE A 1450 107.43 -1.41 -0.08
N GLN A 1451 108.31 -2.41 -0.04
CA GLN A 1451 109.44 -2.49 -0.95
C GLN A 1451 109.35 -3.80 -1.72
N LEU A 1452 109.76 -3.77 -2.99
CA LEU A 1452 109.72 -4.93 -3.86
C LEU A 1452 111.10 -5.21 -4.40
N ASP A 1453 111.45 -6.50 -4.46
CA ASP A 1453 112.70 -6.89 -5.08
C ASP A 1453 112.71 -6.51 -6.56
N ASP A 1454 111.58 -6.71 -7.24
CA ASP A 1454 111.40 -6.34 -8.63
C ASP A 1454 110.45 -5.15 -8.66
N GLU A 1455 111.02 -3.95 -8.80
CA GLU A 1455 110.21 -2.74 -8.75
C GLU A 1455 109.19 -2.67 -9.88
N ASP A 1456 109.44 -3.36 -10.99
CA ASP A 1456 108.50 -3.42 -12.11
C ASP A 1456 107.55 -4.60 -12.01
N PHE A 1457 107.46 -5.26 -10.86
CA PHE A 1457 106.54 -6.37 -10.69
C PHE A 1457 105.11 -5.91 -10.94
N ASP A 1458 104.36 -6.71 -11.70
CA ASP A 1458 102.99 -6.36 -12.05
C ASP A 1458 102.05 -6.80 -10.95
N LEU A 1459 101.65 -5.86 -10.11
CA LEU A 1459 100.77 -6.14 -8.97
C LEU A 1459 99.30 -6.21 -9.34
N LEU A 1460 98.93 -5.82 -10.56
CA LEU A 1460 97.52 -5.75 -10.92
C LEU A 1460 96.92 -7.15 -11.00
N ASN A 1461 95.68 -7.27 -10.51
CA ASN A 1461 94.96 -8.55 -10.51
C ASN A 1461 95.73 -9.62 -9.74
N LYS A 1462 96.35 -9.23 -8.64
CA LYS A 1462 97.17 -10.14 -7.84
C LYS A 1462 96.80 -10.01 -6.37
N THR A 1463 96.91 -11.11 -5.64
CA THR A 1463 96.65 -11.16 -4.21
C THR A 1463 97.97 -11.14 -3.47
N LEU A 1464 98.13 -10.15 -2.60
CA LEU A 1464 99.33 -9.99 -1.80
C LEU A 1464 99.03 -10.42 -0.37
N THR A 1465 99.93 -11.21 0.21
CA THR A 1465 99.86 -11.60 1.60
C THR A 1465 101.06 -11.02 2.34
N PHE A 1466 100.79 -10.39 3.47
CA PHE A 1466 101.76 -9.72 4.32
C PHE A 1466 101.85 -10.46 5.64
N GLU A 1467 103.06 -10.89 5.98
CA GLU A 1467 103.35 -11.58 7.24
C GLU A 1467 104.35 -10.72 8.00
N THR A 1468 103.84 -9.77 8.78
CA THR A 1468 104.67 -8.79 9.45
C THR A 1468 104.87 -9.12 10.92
N GLU A 1469 106.02 -8.73 11.45
CA GLU A 1469 106.31 -8.77 12.87
C GLU A 1469 106.64 -7.36 13.31
N THR A 1470 106.03 -6.92 14.40
CA THR A 1470 106.22 -5.58 14.94
C THR A 1470 107.01 -5.66 16.23
N GLU A 1471 108.14 -4.95 16.28
CA GLU A 1471 108.94 -4.79 17.48
C GLU A 1471 108.86 -3.33 17.91
N VAL A 1472 108.30 -3.10 19.09
CA VAL A 1472 108.12 -1.76 19.62
C VAL A 1472 108.85 -1.65 20.95
N THR A 1473 109.66 -0.60 21.08
CA THR A 1473 110.24 -0.20 22.35
C THR A 1473 109.46 1.00 22.86
N PHE A 1474 109.10 0.98 24.14
CA PHE A 1474 108.18 1.95 24.71
C PHE A 1474 108.94 3.13 25.31
N LYS A 1475 108.40 4.32 25.10
CA LYS A 1475 108.86 5.52 25.80
C LYS A 1475 108.08 5.75 27.08
N ASN A 1476 106.77 5.53 27.02
CA ASN A 1476 105.90 5.60 28.18
C ASN A 1476 104.76 4.62 27.97
N ALA A 1477 103.70 4.76 28.76
CA ALA A 1477 102.58 3.82 28.68
C ALA A 1477 101.92 3.86 27.31
N ASN A 1478 101.75 5.05 26.74
CA ASN A 1478 101.00 5.24 25.50
C ASN A 1478 101.88 5.25 24.26
N ILE A 1479 102.97 6.01 24.28
CA ILE A 1479 103.75 6.31 23.08
C ILE A 1479 104.92 5.33 23.00
N PHE A 1480 105.11 4.73 21.83
CA PHE A 1480 106.28 3.90 21.58
C PHE A 1480 107.51 4.78 21.39
N SER A 1481 108.64 4.33 21.94
CA SER A 1481 109.89 5.05 21.70
C SER A 1481 110.42 4.74 20.31
N SER A 1482 110.19 3.52 19.82
CA SER A 1482 110.59 3.15 18.47
C SER A 1482 109.69 2.01 18.02
N VAL A 1483 109.27 2.08 16.76
CA VAL A 1483 108.36 1.09 16.17
C VAL A 1483 108.99 0.57 14.89
N LYS A 1484 109.14 -0.74 14.80
CA LYS A 1484 109.67 -1.39 13.61
C LYS A 1484 108.69 -2.48 13.20
N CYS A 1485 108.48 -2.61 11.90
CA CYS A 1485 107.53 -3.59 11.35
C CYS A 1485 108.17 -4.20 10.11
N PHE A 1486 108.55 -5.47 10.21
CA PHE A 1486 109.33 -6.12 9.16
C PHE A 1486 108.70 -7.46 8.81
N GLY A 1487 108.70 -7.79 7.52
CA GLY A 1487 108.20 -9.08 7.10
C GLY A 1487 108.24 -9.28 5.59
N PRO A 1488 108.00 -10.50 5.13
CA PRO A 1488 107.96 -10.75 3.69
C PRO A 1488 106.57 -10.58 3.09
N ILE A 1489 106.54 -9.86 1.96
CA ILE A 1489 105.35 -9.71 1.15
C ILE A 1489 105.43 -10.76 0.06
N LYS A 1490 104.41 -11.60 -0.05
CA LYS A 1490 104.38 -12.63 -1.07
C LYS A 1490 103.12 -12.49 -1.91
N VAL A 1491 103.20 -13.00 -3.13
CA VAL A 1491 102.11 -12.97 -4.08
C VAL A 1491 101.55 -14.37 -4.22
N GLU A 1492 100.24 -14.45 -4.43
CA GLU A 1492 99.56 -15.73 -4.66
C GLU A 1492 99.71 -16.11 -6.13
N LEU A 1493 100.28 -17.27 -6.39
CA LEU A 1493 100.43 -17.77 -7.73
C LEU A 1493 99.12 -18.41 -8.18
N PRO A 1494 99.01 -18.76 -9.47
CA PRO A 1494 97.81 -19.48 -9.92
C PRO A 1494 97.62 -20.82 -9.21
N THR A 1495 98.70 -21.42 -8.71
CA THR A 1495 98.62 -22.67 -7.96
C THR A 1495 98.33 -22.46 -6.48
N LYS A 1496 97.81 -21.29 -6.09
CA LYS A 1496 97.48 -21.00 -4.70
C LYS A 1496 98.71 -21.13 -3.80
N GLU A 1497 99.87 -20.77 -4.35
CA GLU A 1497 101.14 -20.85 -3.65
C GLU A 1497 101.66 -19.43 -3.42
N THR A 1498 102.00 -19.12 -2.19
CA THR A 1498 102.45 -17.78 -1.82
C THR A 1498 103.97 -17.72 -1.93
N VAL A 1499 104.48 -16.85 -2.79
CA VAL A 1499 105.93 -16.74 -3.04
C VAL A 1499 106.36 -15.30 -2.81
N GLU A 1500 107.48 -15.15 -2.10
CA GLU A 1500 107.97 -13.82 -1.73
C GLU A 1500 108.33 -13.02 -2.96
N ILE A 1501 107.84 -11.78 -3.01
CA ILE A 1501 108.15 -10.85 -4.10
C ILE A 1501 108.57 -9.50 -3.52
N GLY A 1502 108.49 -9.34 -2.21
CA GLY A 1502 108.89 -8.10 -1.60
C GLY A 1502 109.01 -8.21 -0.09
N ILE A 1503 109.20 -7.06 0.54
CA ILE A 1503 109.29 -6.99 1.99
C ILE A 1503 108.60 -5.72 2.48
N VAL A 1504 107.95 -5.85 3.63
CA VAL A 1504 107.60 -4.72 4.48
C VAL A 1504 108.82 -4.42 5.35
N ASP A 1505 109.26 -3.16 5.34
CA ASP A 1505 110.38 -2.71 6.17
C ASP A 1505 110.05 -1.30 6.64
N TYR A 1506 109.41 -1.20 7.80
CA TYR A 1506 109.06 0.07 8.43
C TYR A 1506 109.93 0.26 9.67
N GLU A 1507 110.49 1.46 9.81
CA GLU A 1507 111.26 1.83 11.00
C GLU A 1507 110.89 3.27 11.36
N ALA A 1508 110.67 3.51 12.65
CA ALA A 1508 110.30 4.84 13.10
C ALA A 1508 110.72 5.01 14.55
N GLY A 1509 110.96 6.26 14.94
CA GLY A 1509 111.26 6.60 16.31
C GLY A 1509 110.01 6.75 17.13
N ALA A 1510 109.89 7.85 17.87
CA ALA A 1510 108.71 8.07 18.70
C ALA A 1510 107.45 8.10 17.83
N SER A 1511 106.46 7.31 18.21
CA SER A 1511 105.23 7.21 17.44
C SER A 1511 104.12 6.67 18.34
N HIS A 1512 102.89 6.98 17.96
CA HIS A 1512 101.72 6.55 18.71
C HIS A 1512 101.16 5.21 18.24
N GLY A 1513 101.71 4.64 17.17
CA GLY A 1513 101.20 3.38 16.67
C GLY A 1513 101.98 2.94 15.46
N ASN A 1514 101.57 1.79 14.92
CA ASN A 1514 102.21 1.23 13.73
C ASN A 1514 101.32 1.50 12.53
N PRO A 1515 101.71 2.39 11.61
CA PRO A 1515 100.80 2.68 10.48
C PRO A 1515 100.63 1.51 9.53
N VAL A 1516 101.61 0.60 9.47
CA VAL A 1516 101.52 -0.51 8.53
C VAL A 1516 100.33 -1.41 8.87
N VAL A 1517 100.20 -1.75 10.15
CA VAL A 1517 99.11 -2.64 10.57
C VAL A 1517 97.77 -1.95 10.40
N ASP A 1518 97.71 -0.64 10.69
CA ASP A 1518 96.48 0.10 10.48
C ASP A 1518 96.07 0.09 9.01
N PHE A 1519 97.04 0.34 8.11
CA PHE A 1519 96.75 0.33 6.68
C PHE A 1519 96.30 -1.05 6.23
N LEU A 1520 96.98 -2.09 6.69
CA LEU A 1520 96.62 -3.45 6.26
C LEU A 1520 95.24 -3.84 6.78
N LYS A 1521 94.92 -3.49 8.03
CA LYS A 1521 93.59 -3.76 8.55
C LYS A 1521 92.52 -3.03 7.76
N ARG A 1522 92.77 -1.76 7.42
CA ARG A 1522 91.75 -0.96 6.75
C ARG A 1522 91.55 -1.42 5.31
N ASN A 1523 92.63 -1.78 4.61
CA ASN A 1523 92.56 -2.07 3.18
C ASN A 1523 92.50 -3.57 2.89
N GLY A 1524 93.45 -4.35 3.38
CA GLY A 1524 93.40 -5.78 3.21
C GLY A 1524 92.44 -6.43 4.20
N SER A 1525 92.51 -7.75 4.25
CA SER A 1525 91.67 -8.55 5.12
C SER A 1525 92.55 -9.51 5.92
N THR A 1526 92.14 -9.75 7.16
CA THR A 1526 92.90 -10.61 8.06
C THR A 1526 92.60 -12.08 7.73
N LEU A 1527 93.64 -12.88 7.55
CA LEU A 1527 93.49 -14.31 7.31
C LEU A 1527 93.60 -15.03 8.65
N GLU A 1528 92.48 -15.56 9.14
CA GLU A 1528 92.45 -16.28 10.40
C GLU A 1528 92.68 -17.76 10.12
N GLN A 1529 93.75 -18.32 10.67
CA GLN A 1529 94.05 -19.72 10.45
C GLN A 1529 93.00 -20.61 11.10
N LYS A 1530 92.56 -20.25 12.31
CA LYS A 1530 91.50 -20.99 12.97
C LYS A 1530 90.17 -20.73 12.30
N VAL A 1531 89.38 -21.78 12.11
CA VAL A 1531 88.06 -21.70 11.48
C VAL A 1531 87.07 -22.37 12.41
N ASN A 1532 86.14 -21.59 12.95
CA ASN A 1532 85.14 -22.14 13.85
C ASN A 1532 84.11 -22.94 13.07
N LEU A 1533 83.57 -23.97 13.73
CA LEU A 1533 82.51 -24.77 13.12
C LEU A 1533 81.19 -24.02 13.20
N GLU A 1534 80.17 -24.59 12.55
CA GLU A 1534 78.85 -23.98 12.60
C GLU A 1534 78.33 -23.90 14.01
N ASN A 1535 78.50 -24.98 14.79
CA ASN A 1535 78.16 -25.01 16.20
C ASN A 1535 79.26 -25.75 16.95
N PRO A 1536 79.48 -25.43 18.23
CA PRO A 1536 80.43 -26.21 19.02
C PRO A 1536 79.94 -27.64 19.22
N ILE A 1537 80.89 -28.55 19.44
CA ILE A 1537 80.59 -29.96 19.66
C ILE A 1537 81.06 -30.33 21.06
N PRO A 1538 80.19 -30.43 22.07
CA PRO A 1538 80.66 -30.88 23.37
C PRO A 1538 81.26 -32.29 23.29
N ILE A 1539 82.36 -32.48 24.00
CA ILE A 1539 83.04 -33.78 24.07
C ILE A 1539 82.72 -34.48 25.39
N ALA A 1540 83.05 -33.84 26.51
CA ALA A 1540 82.77 -34.40 27.81
C ALA A 1540 83.01 -33.34 28.88
N VAL A 1541 82.27 -33.46 29.97
CA VAL A 1541 82.50 -32.69 31.19
C VAL A 1541 83.10 -33.66 32.19
N LEU A 1542 84.31 -33.34 32.67
CA LEU A 1542 85.12 -34.25 33.46
C LEU A 1542 85.45 -33.63 34.80
N ASP A 1543 85.62 -34.49 35.81
CA ASP A 1543 85.97 -34.06 37.15
C ASP A 1543 87.39 -34.49 37.46
N SER A 1544 88.25 -33.53 37.75
CA SER A 1544 89.59 -33.77 38.26
C SER A 1544 89.64 -33.29 39.70
N TYR A 1545 90.68 -33.68 40.41
CA TYR A 1545 90.87 -33.29 41.79
C TYR A 1545 92.29 -32.78 41.98
N THR A 1546 92.40 -31.62 42.62
CA THR A 1546 93.72 -31.12 42.96
C THR A 1546 94.27 -31.90 44.15
N PRO A 1547 95.55 -32.24 44.16
CA PRO A 1547 96.07 -33.09 45.23
C PRO A 1547 96.10 -32.38 46.58
N SER A 1548 96.13 -33.20 47.63
CA SER A 1548 96.20 -32.66 48.99
C SER A 1548 97.49 -31.88 49.21
N THR A 1549 98.56 -32.24 48.53
CA THR A 1549 99.85 -31.58 48.66
C THR A 1549 100.42 -31.30 47.28
N ASN A 1550 101.27 -30.28 47.21
CA ASN A 1550 101.91 -29.86 45.97
C ASN A 1550 103.37 -30.28 45.89
N GLU A 1551 103.91 -30.90 46.94
CA GLU A 1551 105.26 -31.43 46.87
C GLU A 1551 105.47 -32.43 45.75
N PRO A 1552 104.55 -33.38 45.49
CA PRO A 1552 104.80 -34.33 44.39
C PRO A 1552 105.02 -33.67 43.05
N TYR A 1553 104.26 -32.62 42.73
CA TYR A 1553 104.50 -31.90 41.48
C TYR A 1553 105.72 -31.00 41.58
N ALA A 1554 105.93 -30.37 42.73
CA ALA A 1554 107.06 -29.46 42.86
C ALA A 1554 108.38 -30.18 42.63
N ARG A 1555 108.54 -31.36 43.23
CA ARG A 1555 109.83 -32.03 43.16
C ARG A 1555 110.08 -32.63 41.78
N VAL A 1556 109.03 -32.92 41.02
CA VAL A 1556 109.22 -33.51 39.70
C VAL A 1556 109.38 -32.43 38.64
N SER A 1557 108.64 -31.33 38.76
CA SER A 1557 108.73 -30.23 37.81
C SER A 1557 109.88 -29.28 38.11
N GLY A 1558 110.49 -29.35 39.28
CA GLY A 1558 111.55 -28.44 39.64
C GLY A 1558 111.07 -27.08 40.09
N ASP A 1559 109.76 -26.80 39.99
CA ASP A 1559 109.20 -25.54 40.44
C ASP A 1559 109.02 -25.64 41.96
N LEU A 1560 110.00 -25.13 42.70
CA LEU A 1560 109.96 -25.12 44.15
C LEU A 1560 109.45 -23.79 44.69
N ASN A 1561 108.50 -23.17 44.01
CA ASN A 1561 107.93 -21.93 44.50
C ASN A 1561 107.32 -22.16 45.88
N PRO A 1562 107.77 -21.45 46.92
CA PRO A 1562 107.25 -21.74 48.26
C PRO A 1562 105.76 -21.46 48.41
N ILE A 1563 105.15 -20.66 47.54
CA ILE A 1563 103.73 -20.37 47.70
C ILE A 1563 102.90 -21.63 47.55
N HIS A 1564 103.45 -22.66 46.90
CA HIS A 1564 102.72 -23.91 46.67
C HIS A 1564 102.97 -24.96 47.75
N VAL A 1565 103.98 -24.80 48.60
CA VAL A 1565 104.33 -25.82 49.58
C VAL A 1565 104.38 -25.31 51.01
N SER A 1566 104.56 -24.01 51.23
CA SER A 1566 104.76 -23.44 52.55
C SER A 1566 103.59 -22.54 52.91
N ARG A 1567 103.03 -22.75 54.10
CA ARG A 1567 101.93 -21.91 54.56
C ARG A 1567 102.39 -20.47 54.78
N HIS A 1568 103.58 -20.30 55.38
CA HIS A 1568 104.00 -18.96 55.76
C HIS A 1568 104.32 -18.11 54.53
N PHE A 1569 104.93 -18.70 53.51
CA PHE A 1569 105.22 -17.94 52.30
C PHE A 1569 103.94 -17.51 51.60
N ALA A 1570 102.96 -18.40 51.53
CA ALA A 1570 101.67 -18.03 50.94
C ALA A 1570 101.00 -16.93 51.75
N SER A 1571 101.08 -17.02 53.08
CA SER A 1571 100.51 -15.96 53.92
C SER A 1571 101.20 -14.63 53.64
N TYR A 1572 102.53 -14.63 53.55
CA TYR A 1572 103.24 -13.40 53.23
C TYR A 1572 102.89 -12.89 51.84
N ALA A 1573 102.59 -13.78 50.90
CA ALA A 1573 102.17 -13.41 49.57
C ALA A 1573 100.68 -13.08 49.48
N ASN A 1574 99.96 -13.16 50.60
CA ASN A 1574 98.55 -12.78 50.70
C ASN A 1574 97.64 -13.68 49.87
N LEU A 1575 98.07 -14.89 49.59
CA LEU A 1575 97.27 -15.83 48.83
C LEU A 1575 96.27 -16.52 49.76
N PRO A 1576 95.14 -17.01 49.23
CA PRO A 1576 94.12 -17.62 50.10
C PRO A 1576 94.61 -18.83 50.84
N GLY A 1577 95.70 -19.44 50.38
CA GLY A 1577 96.27 -20.59 51.07
C GLY A 1577 97.47 -21.10 50.29
N THR A 1578 97.84 -22.33 50.58
CA THR A 1578 98.94 -22.98 49.87
C THR A 1578 98.43 -23.42 48.50
N ILE A 1579 98.20 -22.42 47.64
CA ILE A 1579 97.58 -22.65 46.34
C ILE A 1579 98.46 -23.56 45.50
N THR A 1580 97.83 -24.42 44.71
CA THR A 1580 98.56 -25.42 43.97
C THR A 1580 99.08 -24.87 42.65
N HIS A 1581 100.05 -25.59 42.08
CA HIS A 1581 100.66 -25.16 40.83
C HIS A 1581 99.59 -25.03 39.75
N GLY A 1582 99.52 -23.85 39.14
CA GLY A 1582 98.75 -23.72 37.93
C GLY A 1582 99.26 -24.64 36.84
N MET A 1583 100.56 -24.90 36.85
CA MET A 1583 101.14 -25.79 35.84
C MET A 1583 100.66 -27.21 36.07
N PHE A 1584 100.45 -27.60 37.33
CA PHE A 1584 99.81 -28.89 37.59
C PHE A 1584 98.42 -28.94 36.98
N SER A 1585 97.62 -27.89 37.17
CA SER A 1585 96.26 -27.88 36.66
C SER A 1585 96.27 -27.97 35.14
N SER A 1586 97.20 -27.25 34.50
CA SER A 1586 97.33 -27.35 33.06
C SER A 1586 97.69 -28.77 32.64
N ALA A 1587 98.62 -29.40 33.34
CA ALA A 1587 99.02 -30.76 32.99
C ALA A 1587 97.87 -31.74 33.16
N SER A 1588 97.08 -31.58 34.24
CA SER A 1588 95.94 -32.47 34.45
C SER A 1588 94.89 -32.27 33.37
N VAL A 1589 94.60 -31.02 33.02
CA VAL A 1589 93.60 -30.77 31.98
C VAL A 1589 94.10 -31.29 30.64
N ARG A 1590 95.40 -31.20 30.38
CA ARG A 1590 95.93 -31.72 29.13
C ARG A 1590 95.88 -33.25 29.12
N ALA A 1591 96.10 -33.88 30.29
CA ALA A 1591 95.91 -35.32 30.37
C ALA A 1591 94.47 -35.70 30.02
N LEU A 1592 93.51 -34.96 30.58
CA LEU A 1592 92.11 -35.23 30.26
C LEU A 1592 91.83 -35.00 28.78
N ILE A 1593 92.43 -33.96 28.20
CA ILE A 1593 92.16 -33.62 26.81
C ILE A 1593 92.73 -34.68 25.89
N GLU A 1594 93.96 -35.12 26.15
CA GLU A 1594 94.53 -36.17 25.31
C GLU A 1594 93.83 -37.49 25.53
N ASN A 1595 93.21 -37.68 26.70
CA ASN A 1595 92.42 -38.89 26.90
C ASN A 1595 91.13 -38.87 26.10
N TRP A 1596 90.40 -37.75 26.14
CA TRP A 1596 89.05 -37.69 25.60
C TRP A 1596 89.01 -37.14 24.17
N ALA A 1597 89.51 -35.92 23.98
CA ALA A 1597 89.51 -35.34 22.64
C ALA A 1597 90.41 -36.12 21.69
N ALA A 1598 91.57 -36.57 22.16
CA ALA A 1598 92.53 -37.28 21.32
C ALA A 1598 92.46 -38.80 21.46
N ASP A 1599 91.55 -39.31 22.29
CA ASP A 1599 91.37 -40.76 22.44
C ASP A 1599 92.63 -41.42 22.99
N SER A 1600 93.29 -40.74 23.92
CA SER A 1600 94.48 -41.28 24.61
C SER A 1600 95.59 -41.59 23.61
N VAL A 1601 95.86 -40.62 22.73
CA VAL A 1601 96.96 -40.69 21.78
C VAL A 1601 97.84 -39.47 22.02
N SER A 1602 99.05 -39.69 22.51
CA SER A 1602 99.94 -38.58 22.85
C SER A 1602 100.31 -37.77 21.61
N SER A 1603 100.76 -38.44 20.56
CA SER A 1603 101.21 -37.76 19.35
C SER A 1603 100.12 -36.91 18.72
N ARG A 1604 98.85 -37.27 18.92
CA ARG A 1604 97.74 -36.55 18.31
C ARG A 1604 97.54 -35.16 18.90
N VAL A 1605 98.21 -34.82 20.00
CA VAL A 1605 98.13 -33.50 20.60
C VAL A 1605 99.34 -32.70 20.14
N ARG A 1606 99.09 -31.63 19.40
CA ARG A 1606 100.15 -30.79 18.84
C ARG A 1606 100.23 -29.42 19.51
N GLY A 1607 99.12 -28.84 19.87
CA GLY A 1607 99.10 -27.56 20.56
C GLY A 1607 98.28 -27.64 21.81
N TYR A 1608 98.68 -26.85 22.82
CA TYR A 1608 97.89 -26.77 24.04
C TYR A 1608 98.24 -25.50 24.78
N THR A 1609 97.36 -24.51 24.73
CA THR A 1609 97.51 -23.28 25.50
C THR A 1609 96.47 -23.28 26.62
N CYS A 1610 96.83 -22.63 27.72
CA CYS A 1610 95.94 -22.53 28.86
C CYS A 1610 96.23 -21.23 29.59
N GLN A 1611 95.16 -20.62 30.11
CA GLN A 1611 95.22 -19.39 30.87
C GLN A 1611 94.71 -19.68 32.27
N PHE A 1612 95.50 -19.27 33.26
CA PHE A 1612 95.17 -19.46 34.67
C PHE A 1612 94.44 -18.21 35.15
N VAL A 1613 93.13 -18.22 35.00
CA VAL A 1613 92.34 -17.02 35.30
C VAL A 1613 92.23 -16.83 36.81
N ASP A 1614 92.22 -17.91 37.58
CA ASP A 1614 92.09 -17.82 39.02
C ASP A 1614 92.96 -18.86 39.70
N MET A 1615 93.27 -18.61 40.97
CA MET A 1615 94.06 -19.53 41.77
C MET A 1615 93.24 -20.78 42.11
N VAL A 1616 93.94 -21.87 42.35
CA VAL A 1616 93.34 -23.16 42.68
C VAL A 1616 93.96 -23.67 43.97
N LEU A 1617 93.12 -24.01 44.94
CA LEU A 1617 93.59 -24.53 46.21
C LEU A 1617 93.65 -26.05 46.19
N PRO A 1618 94.46 -26.69 47.04
CA PRO A 1618 94.50 -28.15 47.04
C PRO A 1618 93.21 -28.75 47.55
N ASN A 1619 92.96 -30.00 47.16
CA ASN A 1619 91.75 -30.74 47.54
C ASN A 1619 90.49 -30.00 47.07
N THR A 1620 90.49 -29.65 45.79
CA THR A 1620 89.34 -29.01 45.16
C THR A 1620 88.95 -29.81 43.94
N ALA A 1621 87.64 -29.89 43.71
CA ALA A 1621 87.08 -30.59 42.56
C ALA A 1621 86.98 -29.61 41.40
N LEU A 1622 87.67 -29.91 40.31
CA LEU A 1622 87.70 -29.08 39.12
C LEU A 1622 86.86 -29.73 38.04
N LYS A 1623 85.88 -29.00 37.53
CA LYS A 1623 84.98 -29.47 36.50
C LYS A 1623 85.38 -28.82 35.17
N THR A 1624 85.81 -29.64 34.21
CA THR A 1624 86.33 -29.18 32.94
C THR A 1624 85.41 -29.63 31.82
N SER A 1625 84.84 -28.66 31.10
CA SER A 1625 84.00 -28.94 29.95
C SER A 1625 84.82 -28.80 28.67
N ILE A 1626 84.92 -29.88 27.92
CA ILE A 1626 85.71 -29.93 26.69
C ILE A 1626 84.76 -29.75 25.52
N GLN A 1627 85.10 -28.85 24.59
CA GLN A 1627 84.31 -28.59 23.41
C GLN A 1627 85.23 -28.57 22.21
N HIS A 1628 84.76 -29.12 21.09
CA HIS A 1628 85.46 -29.00 19.81
C HIS A 1628 84.80 -27.83 19.06
N VAL A 1629 85.54 -26.75 18.87
CA VAL A 1629 84.97 -25.49 18.42
C VAL A 1629 85.42 -25.13 17.01
N GLY A 1630 86.54 -25.68 16.56
CA GLY A 1630 87.03 -25.34 15.24
C GLY A 1630 88.15 -26.21 14.72
N MET A 1631 88.75 -25.79 13.61
CA MET A 1631 89.84 -26.50 12.96
C MET A 1631 90.94 -25.51 12.62
N ILE A 1632 92.19 -25.97 12.64
CA ILE A 1632 93.33 -25.15 12.24
C ILE A 1632 94.32 -26.06 11.51
N ASN A 1633 94.43 -25.88 10.19
CA ASN A 1633 95.36 -26.64 9.36
C ASN A 1633 95.16 -28.14 9.54
N GLY A 1634 93.89 -28.54 9.62
CA GLY A 1634 93.56 -29.94 9.79
C GLY A 1634 93.65 -30.47 11.20
N ARG A 1635 93.93 -29.61 12.18
CA ARG A 1635 93.92 -29.98 13.58
C ARG A 1635 92.66 -29.43 14.24
N LYS A 1636 91.96 -30.29 14.97
CA LYS A 1636 90.78 -29.87 15.71
C LYS A 1636 91.20 -28.88 16.79
N LEU A 1637 90.47 -27.76 16.87
CA LEU A 1637 90.64 -26.79 17.94
C LEU A 1637 89.62 -27.12 19.02
N ILE A 1638 90.12 -27.41 20.22
CA ILE A 1638 89.30 -27.79 21.37
C ILE A 1638 89.44 -26.72 22.42
N LYS A 1639 88.34 -26.11 22.81
CA LYS A 1639 88.29 -25.22 23.95
C LYS A 1639 87.99 -26.03 25.22
N PHE A 1640 88.51 -25.55 26.35
CA PHE A 1640 88.11 -26.08 27.64
C PHE A 1640 87.92 -24.93 28.61
N GLU A 1641 87.08 -25.16 29.62
CA GLU A 1641 86.80 -24.17 30.65
C GLU A 1641 86.68 -24.92 31.97
N THR A 1642 87.77 -24.93 32.74
CA THR A 1642 87.78 -25.57 34.05
C THR A 1642 87.31 -24.60 35.12
N ARG A 1643 86.25 -25.00 35.83
CA ARG A 1643 85.69 -24.24 36.92
C ARG A 1643 85.93 -25.00 38.23
N ASN A 1644 85.86 -24.28 39.35
CA ASN A 1644 86.04 -24.87 40.66
C ASN A 1644 84.68 -25.26 41.24
N GLU A 1645 84.66 -25.62 42.52
CA GLU A 1645 83.39 -25.99 43.16
C GLU A 1645 82.43 -24.81 43.23
N ASP A 1646 82.96 -23.59 43.33
CA ASP A 1646 82.14 -22.38 43.42
C ASP A 1646 81.64 -21.92 42.06
N ASP A 1647 81.77 -22.74 41.02
CA ASP A 1647 81.31 -22.39 39.68
C ASP A 1647 82.07 -21.20 39.14
N VAL A 1648 83.31 -21.02 39.59
CA VAL A 1648 84.18 -19.94 39.18
C VAL A 1648 85.21 -20.51 38.22
N VAL A 1649 85.35 -19.90 37.05
CA VAL A 1649 86.33 -20.36 36.08
C VAL A 1649 87.72 -20.17 36.66
N VAL A 1650 88.54 -21.21 36.60
CA VAL A 1650 89.92 -21.16 37.07
C VAL A 1650 90.93 -21.54 36.00
N LEU A 1651 90.49 -22.16 34.90
CA LEU A 1651 91.40 -22.45 33.80
C LEU A 1651 90.61 -22.33 32.51
N THR A 1652 91.26 -21.86 31.44
CA THR A 1652 90.58 -21.81 30.16
C THR A 1652 91.61 -21.76 29.05
N GLY A 1653 91.43 -22.59 28.03
CA GLY A 1653 92.46 -22.66 27.01
C GLY A 1653 92.02 -23.38 25.76
N GLU A 1654 93.00 -23.60 24.88
CA GLU A 1654 92.84 -24.20 23.57
C GLU A 1654 93.74 -25.42 23.49
N ALA A 1655 93.38 -26.33 22.59
CA ALA A 1655 94.18 -27.51 22.31
C ALA A 1655 94.03 -27.85 20.84
N GLU A 1656 95.15 -27.91 20.13
CA GLU A 1656 95.20 -28.29 18.73
C GLU A 1656 95.51 -29.78 18.68
N ILE A 1657 94.50 -30.59 18.40
CA ILE A 1657 94.57 -32.04 18.41
C ILE A 1657 94.54 -32.50 16.96
N GLU A 1658 95.56 -33.23 16.53
CA GLU A 1658 95.54 -33.75 15.17
C GLU A 1658 94.33 -34.65 14.94
N GLN A 1659 93.87 -34.70 13.70
CA GLN A 1659 92.80 -35.60 13.35
C GLN A 1659 93.33 -37.02 13.25
N PRO A 1660 92.44 -38.02 13.22
CA PRO A 1660 92.89 -39.38 12.90
C PRO A 1660 93.57 -39.43 11.54
N VAL A 1661 94.33 -40.50 11.31
CA VAL A 1661 95.07 -40.63 10.06
C VAL A 1661 94.09 -40.58 8.90
N THR A 1662 94.25 -39.60 8.03
CA THR A 1662 93.31 -39.33 6.95
C THR A 1662 93.94 -39.64 5.61
N THR A 1663 93.16 -40.27 4.74
CA THR A 1663 93.50 -40.43 3.34
C THR A 1663 92.37 -39.83 2.52
N PHE A 1664 92.74 -39.17 1.43
CA PHE A 1664 91.78 -38.60 0.50
C PHE A 1664 91.88 -39.38 -0.81
N VAL A 1665 90.81 -40.07 -1.16
CA VAL A 1665 90.73 -40.87 -2.38
C VAL A 1665 89.80 -40.14 -3.34
N PHE A 1666 90.32 -39.78 -4.51
CA PHE A 1666 89.59 -38.96 -5.48
C PHE A 1666 89.04 -39.84 -6.59
N THR A 1667 87.73 -39.78 -6.79
CA THR A 1667 87.03 -40.69 -7.69
C THR A 1667 87.38 -40.44 -9.15
N GLY A 1668 87.39 -41.51 -9.93
CA GLY A 1668 87.60 -41.43 -11.35
C GLY A 1668 86.29 -41.26 -12.10
N GLN A 1669 86.39 -41.31 -13.42
CA GLN A 1669 85.23 -41.10 -14.28
C GLN A 1669 84.18 -42.18 -14.05
N GLY A 1670 82.91 -41.80 -14.26
CA GLY A 1670 81.81 -42.74 -14.25
C GLY A 1670 80.58 -42.22 -13.55
N SER A 1671 80.77 -41.41 -12.52
CA SER A 1671 79.67 -40.97 -11.66
C SER A 1671 79.15 -39.58 -12.01
N GLN A 1672 79.63 -38.98 -13.10
CA GLN A 1672 79.24 -37.62 -13.45
C GLN A 1672 77.74 -37.54 -13.71
N GLU A 1673 77.11 -36.50 -13.16
CA GLU A 1673 75.67 -36.32 -13.29
C GLU A 1673 75.37 -34.82 -13.25
N GLN A 1674 74.25 -34.44 -13.86
CA GLN A 1674 73.86 -33.04 -13.92
C GLN A 1674 73.71 -32.47 -12.51
N GLY A 1675 74.14 -31.21 -12.35
CA GLY A 1675 74.12 -30.57 -11.06
C GLY A 1675 75.26 -30.94 -10.15
N MET A 1676 76.34 -31.52 -10.68
CA MET A 1676 77.44 -31.97 -9.86
C MET A 1676 78.13 -30.78 -9.20
N GLY A 1677 78.26 -30.83 -7.87
CA GLY A 1677 78.99 -29.80 -7.17
C GLY A 1677 78.32 -28.45 -7.14
N MET A 1678 77.07 -28.35 -7.58
CA MET A 1678 76.41 -27.06 -7.70
C MET A 1678 75.92 -26.53 -6.36
N ASP A 1679 75.57 -27.41 -5.43
CA ASP A 1679 75.23 -26.91 -4.09
C ASP A 1679 76.44 -26.31 -3.42
N LEU A 1680 77.60 -26.95 -3.57
CA LEU A 1680 78.82 -26.36 -3.06
C LEU A 1680 79.18 -25.08 -3.81
N TYR A 1681 78.86 -25.03 -5.10
CA TYR A 1681 79.06 -23.79 -5.84
C TYR A 1681 78.18 -22.67 -5.31
N LYS A 1682 76.95 -22.98 -4.91
CA LYS A 1682 76.11 -21.98 -4.28
C LYS A 1682 76.64 -21.54 -2.91
N THR A 1683 77.08 -22.48 -2.08
CA THR A 1683 77.40 -22.16 -0.69
C THR A 1683 78.85 -21.71 -0.50
N SER A 1684 79.80 -22.57 -0.87
CA SER A 1684 81.21 -22.32 -0.57
C SER A 1684 81.78 -21.24 -1.47
N LYS A 1685 82.56 -20.33 -0.88
CA LYS A 1685 83.24 -19.31 -1.65
C LYS A 1685 84.47 -19.86 -2.37
N ALA A 1686 85.17 -20.82 -1.76
CA ALA A 1686 86.32 -21.44 -2.42
C ALA A 1686 85.88 -22.27 -3.62
N ALA A 1687 84.77 -23.00 -3.47
CA ALA A 1687 84.22 -23.73 -4.61
C ALA A 1687 83.81 -22.78 -5.72
N GLN A 1688 83.19 -21.65 -5.35
CA GLN A 1688 82.87 -20.62 -6.34
C GLN A 1688 84.11 -20.18 -7.07
N ASP A 1689 85.19 -19.90 -6.35
CA ASP A 1689 86.40 -19.41 -6.99
C ASP A 1689 86.98 -20.45 -7.94
N VAL A 1690 87.01 -21.71 -7.53
CA VAL A 1690 87.54 -22.76 -8.40
C VAL A 1690 86.70 -22.88 -9.67
N TRP A 1691 85.39 -22.98 -9.51
CA TRP A 1691 84.50 -23.14 -10.66
C TRP A 1691 84.56 -21.93 -11.57
N ASN A 1692 84.64 -20.73 -11.00
CA ASN A 1692 84.68 -19.53 -11.80
C ASN A 1692 85.97 -19.42 -12.59
N ARG A 1693 87.10 -19.75 -11.96
CA ARG A 1693 88.36 -19.75 -12.70
C ARG A 1693 88.31 -20.73 -13.85
N ALA A 1694 87.78 -21.92 -13.60
CA ALA A 1694 87.65 -22.92 -14.64
C ALA A 1694 86.74 -22.43 -15.77
N ASP A 1695 85.58 -21.88 -15.41
CA ASP A 1695 84.64 -21.42 -16.42
C ASP A 1695 85.21 -20.28 -17.22
N ASN A 1696 85.88 -19.33 -16.57
CA ASN A 1696 86.48 -18.21 -17.29
C ASN A 1696 87.53 -18.70 -18.26
N HIS A 1697 88.40 -19.63 -17.83
CA HIS A 1697 89.39 -20.17 -18.74
C HIS A 1697 88.75 -20.86 -19.93
N PHE A 1698 87.71 -21.66 -19.68
CA PHE A 1698 87.07 -22.37 -20.78
C PHE A 1698 86.38 -21.42 -21.74
N LYS A 1699 85.70 -20.40 -21.22
CA LYS A 1699 85.08 -19.41 -22.11
C LYS A 1699 86.13 -18.72 -22.95
N ASP A 1700 87.22 -18.26 -22.34
CA ASP A 1700 88.22 -17.52 -23.08
C ASP A 1700 88.91 -18.39 -24.13
N THR A 1701 89.21 -19.64 -23.79
CA THR A 1701 89.96 -20.50 -24.71
C THR A 1701 89.05 -21.15 -25.74
N TYR A 1702 88.10 -21.97 -25.29
CA TYR A 1702 87.26 -22.76 -26.19
C TYR A 1702 85.84 -22.24 -26.33
N GLY A 1703 85.49 -21.13 -25.68
CA GLY A 1703 84.19 -20.53 -25.88
C GLY A 1703 83.02 -21.38 -25.41
N PHE A 1704 83.18 -22.08 -24.29
CA PHE A 1704 82.08 -22.81 -23.68
C PHE A 1704 82.19 -22.72 -22.16
N SER A 1705 81.07 -22.94 -21.49
CA SER A 1705 80.97 -22.81 -20.05
C SER A 1705 80.83 -24.19 -19.42
N ILE A 1706 81.85 -24.60 -18.66
CA ILE A 1706 81.77 -25.89 -17.97
C ILE A 1706 80.69 -25.84 -16.89
N LEU A 1707 80.53 -24.68 -16.25
CA LEU A 1707 79.43 -24.53 -15.30
C LEU A 1707 78.08 -24.74 -15.98
N ASP A 1708 77.89 -24.15 -17.16
CA ASP A 1708 76.62 -24.33 -17.87
C ASP A 1708 76.43 -25.77 -18.29
N ILE A 1709 77.50 -26.44 -18.72
CA ILE A 1709 77.39 -27.84 -19.12
C ILE A 1709 77.01 -28.70 -17.93
N VAL A 1710 77.63 -28.46 -16.77
CA VAL A 1710 77.28 -29.22 -15.58
C VAL A 1710 75.83 -28.95 -15.17
N ILE A 1711 75.41 -27.68 -15.22
CA ILE A 1711 74.08 -27.33 -14.75
C ILE A 1711 72.98 -27.86 -15.67
N ASN A 1712 73.15 -27.77 -16.99
CA ASN A 1712 72.07 -28.04 -17.93
C ASN A 1712 72.23 -29.34 -18.71
N ASN A 1713 73.41 -29.93 -18.78
CA ASN A 1713 73.69 -31.15 -19.52
C ASN A 1713 73.16 -31.06 -20.94
N PRO A 1714 73.58 -30.07 -21.72
CA PRO A 1714 73.06 -29.92 -23.08
C PRO A 1714 73.41 -31.12 -23.95
N VAL A 1715 72.47 -31.52 -24.80
CA VAL A 1715 72.73 -32.61 -25.73
C VAL A 1715 73.71 -32.15 -26.80
N ASN A 1716 73.52 -30.92 -27.30
CA ASN A 1716 74.37 -30.35 -28.32
C ASN A 1716 74.87 -28.99 -27.85
N LEU A 1717 76.10 -28.66 -28.25
CA LEU A 1717 76.72 -27.39 -27.86
C LEU A 1717 77.44 -26.82 -29.06
N THR A 1718 76.94 -25.70 -29.58
CA THR A 1718 77.53 -25.05 -30.74
C THR A 1718 78.43 -23.90 -30.31
N ILE A 1719 79.70 -24.01 -30.64
CA ILE A 1719 80.68 -22.94 -30.47
C ILE A 1719 80.71 -22.15 -31.76
N HIS A 1720 80.62 -20.83 -31.66
CA HIS A 1720 80.59 -19.95 -32.81
C HIS A 1720 81.89 -19.15 -32.89
N PHE A 1721 82.40 -19.01 -34.11
CA PHE A 1721 83.71 -18.42 -34.36
C PHE A 1721 83.58 -17.07 -35.05
N GLY A 1722 82.59 -16.28 -34.65
CA GLY A 1722 82.40 -14.95 -35.20
C GLY A 1722 83.11 -13.89 -34.39
N GLY A 1723 83.69 -12.92 -35.10
CA GLY A 1723 84.45 -11.86 -34.46
C GLY A 1723 85.84 -12.31 -34.08
N GLU A 1724 86.60 -11.36 -33.53
CA GLU A 1724 87.99 -11.65 -33.16
C GLU A 1724 88.05 -12.73 -32.08
N LYS A 1725 87.16 -12.65 -31.08
CA LYS A 1725 87.14 -13.66 -30.04
C LYS A 1725 86.82 -15.04 -30.61
N GLY A 1726 85.86 -15.09 -31.54
CA GLY A 1726 85.53 -16.36 -32.17
C GLY A 1726 86.67 -16.91 -32.99
N LYS A 1727 87.41 -16.04 -33.67
CA LYS A 1727 88.59 -16.48 -34.42
C LYS A 1727 89.67 -17.01 -33.49
N ARG A 1728 89.89 -16.36 -32.35
CA ARG A 1728 90.87 -16.86 -31.39
C ARG A 1728 90.45 -18.22 -30.84
N ILE A 1729 89.16 -18.38 -30.55
CA ILE A 1729 88.67 -19.69 -30.09
C ILE A 1729 88.85 -20.73 -31.19
N ARG A 1730 88.59 -20.35 -32.44
CA ARG A 1730 88.77 -21.28 -33.55
C ARG A 1730 90.22 -21.70 -33.69
N GLU A 1731 91.14 -20.76 -33.50
CA GLU A 1731 92.56 -21.13 -33.54
C GLU A 1731 92.92 -22.07 -32.40
N ASN A 1732 92.35 -21.83 -31.21
CA ASN A 1732 92.57 -22.76 -30.10
C ASN A 1732 92.06 -24.15 -30.46
N TYR A 1733 90.89 -24.23 -31.10
CA TYR A 1733 90.35 -25.53 -31.49
C TYR A 1733 91.21 -26.20 -32.56
N SER A 1734 91.71 -25.42 -33.51
CA SER A 1734 92.52 -25.99 -34.59
C SER A 1734 93.88 -26.45 -34.09
N ALA A 1735 94.44 -25.75 -33.10
CA ALA A 1735 95.73 -26.15 -32.55
C ALA A 1735 95.66 -27.48 -31.80
N MET A 1736 94.47 -27.94 -31.45
CA MET A 1736 94.34 -29.18 -30.70
C MET A 1736 94.68 -30.36 -31.59
N ILE A 1737 95.72 -31.10 -31.20
CA ILE A 1737 96.23 -32.22 -31.98
C ILE A 1737 96.36 -33.43 -31.07
N PHE A 1738 96.31 -34.61 -31.69
CA PHE A 1738 96.53 -35.90 -31.04
C PHE A 1738 97.82 -36.46 -31.62
N GLU A 1739 98.89 -36.42 -30.84
CA GLU A 1739 100.20 -36.88 -31.27
C GLU A 1739 100.45 -38.26 -30.70
N THR A 1740 100.97 -39.15 -31.54
CA THR A 1740 101.19 -40.54 -31.17
C THR A 1740 102.46 -41.04 -31.84
N ILE A 1741 103.41 -41.53 -31.05
CA ILE A 1741 104.65 -42.11 -31.57
C ILE A 1741 104.38 -43.60 -31.74
N VAL A 1742 104.03 -44.00 -32.97
CA VAL A 1742 103.75 -45.39 -33.32
C VAL A 1742 104.85 -45.89 -34.25
N ASP A 1743 105.46 -47.02 -33.88
CA ASP A 1743 106.52 -47.63 -34.68
C ASP A 1743 107.68 -46.66 -34.92
N GLY A 1744 107.95 -45.80 -33.95
CA GLY A 1744 109.01 -44.82 -34.06
C GLY A 1744 108.69 -43.62 -34.91
N LYS A 1745 107.45 -43.47 -35.36
CA LYS A 1745 107.02 -42.34 -36.19
C LYS A 1745 105.99 -41.52 -35.42
N LEU A 1746 106.21 -40.20 -35.39
CA LEU A 1746 105.34 -39.28 -34.65
C LEU A 1746 104.19 -38.84 -35.56
N LYS A 1747 103.12 -39.63 -35.56
CA LYS A 1747 101.90 -39.21 -36.22
C LYS A 1747 101.26 -38.07 -35.45
N THR A 1748 100.71 -37.09 -36.19
CA THR A 1748 100.02 -35.95 -35.61
C THR A 1748 98.63 -35.88 -36.25
N GLU A 1749 97.68 -36.62 -35.68
CA GLU A 1749 96.30 -36.47 -36.09
C GLU A 1749 95.76 -35.16 -35.54
N LYS A 1750 94.74 -34.63 -36.20
CA LYS A 1750 94.11 -33.39 -35.77
C LYS A 1750 92.74 -33.69 -35.18
N ILE A 1751 92.52 -33.21 -33.96
CA ILE A 1751 91.20 -33.24 -33.36
C ILE A 1751 90.40 -32.08 -33.96
N PHE A 1752 89.11 -32.33 -34.21
CA PHE A 1752 88.28 -31.37 -34.93
C PHE A 1752 88.84 -31.12 -36.33
N LYS A 1753 88.87 -32.17 -37.15
CA LYS A 1753 89.31 -32.01 -38.52
C LYS A 1753 88.38 -31.12 -39.32
N GLU A 1754 87.12 -30.97 -38.88
CA GLU A 1754 86.20 -30.10 -39.58
C GLU A 1754 86.67 -28.65 -39.53
N ILE A 1755 87.20 -28.23 -38.38
CA ILE A 1755 87.48 -26.80 -38.18
C ILE A 1755 88.63 -26.37 -39.07
N ASN A 1756 88.41 -25.27 -39.78
CA ASN A 1756 89.42 -24.65 -40.64
C ASN A 1756 89.29 -23.14 -40.48
N GLU A 1757 89.96 -22.39 -41.36
CA GLU A 1757 89.87 -20.94 -41.33
C GLU A 1757 88.50 -20.43 -41.76
N HIS A 1758 87.72 -21.23 -42.49
CA HIS A 1758 86.40 -20.85 -42.95
C HIS A 1758 85.27 -21.46 -42.12
N SER A 1759 85.58 -22.19 -41.06
CA SER A 1759 84.53 -22.74 -40.21
C SER A 1759 83.95 -21.63 -39.34
N THR A 1760 82.65 -21.40 -39.49
CA THR A 1760 81.96 -20.41 -38.67
C THR A 1760 81.47 -20.98 -37.35
N SER A 1761 81.38 -22.30 -37.23
CA SER A 1761 80.92 -22.90 -35.99
C SER A 1761 81.35 -24.35 -35.93
N TYR A 1762 81.39 -24.87 -34.72
CA TYR A 1762 81.56 -26.29 -34.45
C TYR A 1762 80.45 -26.71 -33.50
N THR A 1763 80.07 -27.99 -33.54
CA THR A 1763 79.00 -28.49 -32.68
C THR A 1763 79.45 -29.78 -32.02
N PHE A 1764 79.51 -29.75 -30.69
CA PHE A 1764 79.66 -30.96 -29.88
C PHE A 1764 78.31 -31.66 -29.84
N ARG A 1765 78.31 -32.95 -30.19
CA ARG A 1765 77.10 -33.76 -30.21
C ARG A 1765 77.13 -34.75 -29.05
N SER A 1766 75.95 -35.10 -28.54
CA SER A 1766 75.83 -36.21 -27.61
C SER A 1766 74.49 -36.89 -27.85
N GLU A 1767 74.40 -38.16 -27.44
CA GLU A 1767 73.14 -38.88 -27.55
C GLU A 1767 72.12 -38.36 -26.53
N LYS A 1768 72.53 -38.22 -25.28
CA LYS A 1768 71.63 -37.83 -24.20
C LYS A 1768 72.10 -36.56 -23.50
N GLY A 1769 73.41 -36.39 -23.39
CA GLY A 1769 73.96 -35.21 -22.74
C GLY A 1769 75.45 -35.11 -22.89
N LEU A 1770 75.97 -33.88 -22.99
CA LEU A 1770 77.39 -33.67 -23.18
C LEU A 1770 78.19 -33.81 -21.90
N LEU A 1771 77.54 -33.75 -20.74
CA LEU A 1771 78.24 -33.95 -19.48
C LEU A 1771 78.77 -35.37 -19.33
N SER A 1772 78.25 -36.32 -20.10
CA SER A 1772 78.71 -37.70 -20.10
C SER A 1772 79.84 -37.94 -21.09
N ALA A 1773 80.24 -36.93 -21.86
CA ALA A 1773 81.34 -37.04 -22.80
C ALA A 1773 82.65 -36.81 -22.07
N THR A 1774 83.68 -37.57 -22.43
CA THR A 1774 84.95 -37.49 -21.70
C THR A 1774 85.55 -36.11 -21.80
N GLN A 1775 85.32 -35.44 -22.92
CA GLN A 1775 85.79 -34.07 -23.11
C GLN A 1775 85.29 -33.17 -21.98
N PHE A 1776 84.02 -33.29 -21.62
CA PHE A 1776 83.42 -32.46 -20.57
C PHE A 1776 83.22 -33.20 -19.26
N THR A 1777 83.10 -34.52 -19.28
CA THR A 1777 82.92 -35.28 -18.04
C THR A 1777 84.15 -35.16 -17.15
N GLN A 1778 85.33 -35.39 -17.71
CA GLN A 1778 86.55 -35.30 -16.91
C GLN A 1778 86.78 -33.92 -16.32
N PRO A 1779 86.71 -32.82 -17.08
CA PRO A 1779 86.90 -31.51 -16.43
C PRO A 1779 85.86 -31.22 -15.36
N ALA A 1780 84.60 -31.60 -15.59
CA ALA A 1780 83.56 -31.35 -14.59
C ALA A 1780 83.84 -32.12 -13.31
N LEU A 1781 84.19 -33.40 -13.44
CA LEU A 1781 84.48 -34.21 -12.27
C LEU A 1781 85.71 -33.69 -11.53
N THR A 1782 86.79 -33.43 -12.27
CA THR A 1782 88.00 -32.90 -11.66
C THR A 1782 87.72 -31.58 -10.95
N LEU A 1783 86.90 -30.73 -11.55
CA LEU A 1783 86.62 -29.44 -10.96
C LEU A 1783 85.77 -29.55 -9.72
N MET A 1784 84.76 -30.42 -9.72
CA MET A 1784 83.93 -30.50 -8.53
C MET A 1784 84.69 -31.18 -7.41
N GLU A 1785 85.61 -32.10 -7.73
CA GLU A 1785 86.50 -32.66 -6.72
C GLU A 1785 87.42 -31.60 -6.13
N LYS A 1786 88.07 -30.82 -7.01
CA LYS A 1786 88.95 -29.76 -6.56
C LYS A 1786 88.19 -28.72 -5.75
N ALA A 1787 86.93 -28.47 -6.10
CA ALA A 1787 86.13 -27.50 -5.37
C ALA A 1787 85.75 -28.02 -4.00
N ALA A 1788 85.35 -29.29 -3.92
CA ALA A 1788 85.08 -29.90 -2.61
C ALA A 1788 86.31 -29.84 -1.72
N PHE A 1789 87.47 -30.20 -2.27
CA PHE A 1789 88.68 -30.17 -1.46
C PHE A 1789 89.05 -28.74 -1.06
N GLU A 1790 88.87 -27.78 -1.97
CA GLU A 1790 89.20 -26.40 -1.64
C GLU A 1790 88.29 -25.85 -0.55
N ASP A 1791 87.00 -26.21 -0.57
CA ASP A 1791 86.12 -25.82 0.52
C ASP A 1791 86.54 -26.48 1.82
N LEU A 1792 86.96 -27.75 1.77
CA LEU A 1792 87.48 -28.40 2.97
C LEU A 1792 88.71 -27.66 3.49
N LYS A 1793 89.60 -27.26 2.60
CA LYS A 1793 90.80 -26.54 3.02
C LYS A 1793 90.46 -25.18 3.61
N SER A 1794 89.48 -24.49 3.03
CA SER A 1794 89.05 -23.22 3.61
C SER A 1794 88.46 -23.43 5.00
N LYS A 1795 87.78 -24.54 5.21
CA LYS A 1795 87.28 -24.89 6.54
C LYS A 1795 88.35 -25.44 7.46
N GLY A 1796 89.54 -25.73 6.94
CA GLY A 1796 90.64 -26.20 7.77
C GLY A 1796 90.59 -27.68 8.10
N LEU A 1797 89.95 -28.49 7.24
CA LEU A 1797 89.71 -29.90 7.52
C LEU A 1797 90.72 -30.81 6.83
N ILE A 1798 91.84 -30.28 6.37
CA ILE A 1798 92.85 -31.07 5.67
C ILE A 1798 94.06 -31.27 6.58
N PRO A 1799 94.28 -32.47 7.13
CA PRO A 1799 95.51 -32.68 7.91
C PRO A 1799 96.74 -32.49 7.05
N ALA A 1800 97.79 -31.93 7.67
CA ALA A 1800 99.03 -31.68 6.95
C ALA A 1800 99.67 -32.98 6.48
N ASP A 1801 99.57 -34.02 7.29
CA ASP A 1801 100.17 -35.32 6.98
C ASP A 1801 99.22 -36.26 6.27
N ALA A 1802 98.02 -35.80 5.88
CA ALA A 1802 97.06 -36.67 5.24
C ALA A 1802 97.60 -37.20 3.92
N THR A 1803 97.36 -38.48 3.66
CA THR A 1803 97.78 -39.11 2.42
C THR A 1803 96.69 -38.94 1.37
N PHE A 1804 97.00 -39.27 0.13
CA PHE A 1804 96.01 -39.11 -0.92
C PHE A 1804 96.33 -39.97 -2.12
N ALA A 1805 95.26 -40.45 -2.76
CA ALA A 1805 95.36 -41.23 -3.98
C ALA A 1805 94.18 -40.84 -4.87
N GLY A 1806 94.23 -41.27 -6.12
CA GLY A 1806 93.17 -40.94 -7.05
C GLY A 1806 92.98 -41.99 -8.11
N HIS A 1807 91.74 -42.38 -8.35
CA HIS A 1807 91.48 -43.32 -9.44
C HIS A 1807 91.39 -42.56 -10.76
N SER A 1808 92.21 -42.95 -11.74
CA SER A 1808 92.21 -42.28 -13.05
C SER A 1808 92.38 -40.75 -12.93
N LEU A 1809 91.59 -39.99 -13.68
CA LEU A 1809 91.66 -38.53 -13.57
C LEU A 1809 91.69 -38.18 -12.11
N GLY A 1810 91.05 -39.00 -11.29
CA GLY A 1810 91.09 -38.80 -9.85
C GLY A 1810 92.48 -38.48 -9.36
N GLU A 1811 93.48 -39.11 -9.97
CA GLU A 1811 94.86 -38.80 -9.62
C GLU A 1811 95.19 -37.34 -9.94
N TYR A 1812 94.76 -36.85 -11.11
CA TYR A 1812 95.04 -35.47 -11.46
C TYR A 1812 94.36 -34.51 -10.49
N ALA A 1813 93.11 -34.80 -10.12
CA ALA A 1813 92.42 -33.97 -9.15
C ALA A 1813 93.12 -34.00 -7.80
N ALA A 1814 93.58 -35.19 -7.39
CA ALA A 1814 94.28 -35.30 -6.11
C ALA A 1814 95.57 -34.50 -6.10
N LEU A 1815 96.31 -34.54 -7.21
CA LEU A 1815 97.53 -33.72 -7.30
C LEU A 1815 97.21 -32.24 -7.25
N ALA A 1816 96.25 -31.79 -8.06
CA ALA A 1816 95.89 -30.38 -8.03
C ALA A 1816 95.29 -29.95 -6.70
N SER A 1817 94.80 -30.91 -5.91
CA SER A 1817 94.14 -30.61 -4.64
C SER A 1817 95.13 -30.57 -3.47
N LEU A 1818 95.84 -31.67 -3.24
CA LEU A 1818 96.70 -31.76 -2.06
C LEU A 1818 98.06 -31.12 -2.31
N ALA A 1819 98.61 -31.29 -3.50
CA ALA A 1819 99.95 -30.81 -3.81
C ALA A 1819 99.97 -29.49 -4.58
N ASP A 1820 98.86 -29.13 -5.22
CA ASP A 1820 98.79 -27.90 -6.01
C ASP A 1820 99.89 -27.85 -7.06
N VAL A 1821 100.15 -28.99 -7.71
CA VAL A 1821 101.21 -29.05 -8.71
C VAL A 1821 100.87 -28.19 -9.91
N MET A 1822 99.58 -28.11 -10.25
CA MET A 1822 99.11 -27.30 -11.36
C MET A 1822 97.90 -26.49 -10.91
N SER A 1823 97.75 -25.31 -11.50
CA SER A 1823 96.64 -24.42 -11.15
C SER A 1823 95.34 -24.98 -11.71
N ILE A 1824 94.24 -24.27 -11.41
CA ILE A 1824 92.95 -24.67 -11.94
C ILE A 1824 92.97 -24.63 -13.45
N GLU A 1825 93.57 -23.58 -14.03
CA GLU A 1825 93.60 -23.41 -15.47
C GLU A 1825 94.34 -24.57 -16.14
N SER A 1826 95.55 -24.86 -15.68
CA SER A 1826 96.32 -25.96 -16.24
C SER A 1826 95.63 -27.30 -16.01
N LEU A 1827 95.01 -27.48 -14.85
CA LEU A 1827 94.28 -28.71 -14.58
C LEU A 1827 93.18 -28.94 -15.61
N VAL A 1828 92.33 -27.93 -15.82
CA VAL A 1828 91.23 -28.10 -16.76
C VAL A 1828 91.75 -28.24 -18.18
N GLU A 1829 92.81 -27.51 -18.52
CA GLU A 1829 93.40 -27.64 -19.84
C GLU A 1829 93.85 -29.07 -20.10
N VAL A 1830 94.63 -29.63 -19.17
CA VAL A 1830 95.15 -30.98 -19.34
C VAL A 1830 94.00 -31.98 -19.42
N VAL A 1831 93.01 -31.82 -18.55
CA VAL A 1831 91.95 -32.83 -18.45
C VAL A 1831 91.05 -32.75 -19.68
N PHE A 1832 90.73 -31.55 -20.14
CA PHE A 1832 89.96 -31.36 -21.37
C PHE A 1832 90.72 -31.89 -22.58
N TYR A 1833 92.03 -31.64 -22.65
CA TYR A 1833 92.84 -32.19 -23.74
C TYR A 1833 92.80 -33.70 -23.75
N ALA A 1834 92.94 -34.34 -22.58
CA ALA A 1834 92.88 -35.80 -22.53
C ALA A 1834 91.51 -36.30 -22.99
N GLY A 1835 90.44 -35.66 -22.49
CA GLY A 1835 89.11 -36.10 -22.87
C GLY A 1835 88.85 -35.97 -24.35
N MET A 1836 89.40 -34.92 -24.98
CA MET A 1836 89.19 -34.75 -26.42
C MET A 1836 90.07 -35.67 -27.23
N THR A 1837 91.30 -35.96 -26.75
CA THR A 1837 92.15 -36.92 -27.43
C THR A 1837 91.55 -38.31 -27.39
N MET A 1838 90.75 -38.60 -26.37
CA MET A 1838 90.01 -39.86 -26.37
C MET A 1838 89.09 -39.97 -27.59
N GLN A 1839 88.58 -38.85 -28.07
CA GLN A 1839 87.65 -38.90 -29.20
C GLN A 1839 88.34 -39.37 -30.48
N VAL A 1840 89.65 -39.23 -30.58
CA VAL A 1840 90.42 -39.65 -31.75
C VAL A 1840 91.40 -40.76 -31.44
N ALA A 1841 91.47 -41.23 -30.19
CA ALA A 1841 92.43 -42.26 -29.82
C ALA A 1841 92.07 -43.61 -30.41
N VAL A 1842 90.80 -43.86 -30.71
CA VAL A 1842 90.35 -45.12 -31.27
C VAL A 1842 89.68 -44.84 -32.61
N PRO A 1843 90.01 -45.57 -33.70
CA PRO A 1843 89.23 -45.40 -34.93
C PRO A 1843 87.74 -45.61 -34.72
N ARG A 1844 86.96 -44.55 -34.89
CA ARG A 1844 85.51 -44.63 -34.77
C ARG A 1844 84.88 -44.71 -36.15
N ASP A 1845 83.74 -45.38 -36.23
CA ASP A 1845 83.03 -45.53 -37.49
C ASP A 1845 82.36 -44.22 -37.85
N GLU A 1846 81.58 -44.21 -38.94
CA GLU A 1846 80.88 -43.00 -39.33
C GLU A 1846 79.80 -42.62 -38.34
N LEU A 1847 79.40 -43.52 -37.45
CA LEU A 1847 78.42 -43.23 -36.41
C LEU A 1847 79.06 -42.77 -35.11
N GLY A 1848 80.38 -42.63 -35.05
CA GLY A 1848 81.05 -42.19 -33.85
C GLY A 1848 81.26 -43.27 -32.81
N ARG A 1849 81.05 -44.54 -33.15
CA ARG A 1849 81.23 -45.65 -32.23
C ARG A 1849 82.47 -46.42 -32.61
N SER A 1850 83.29 -46.77 -31.62
CA SER A 1850 84.51 -47.53 -31.84
C SER A 1850 84.29 -48.99 -31.43
N ASN A 1851 85.29 -49.82 -31.78
CA ASN A 1851 85.28 -51.24 -31.46
C ASN A 1851 86.03 -51.54 -30.16
N TYR A 1852 85.99 -50.63 -29.20
CA TYR A 1852 86.67 -50.82 -27.92
C TYR A 1852 85.74 -50.44 -26.77
N GLY A 1853 86.05 -50.97 -25.60
CA GLY A 1853 85.27 -50.67 -24.42
C GLY A 1853 85.82 -51.38 -23.20
N MET A 1854 84.99 -51.44 -22.16
CA MET A 1854 85.37 -51.97 -20.87
C MET A 1854 84.19 -52.72 -20.25
N ILE A 1855 84.52 -53.76 -19.48
CA ILE A 1855 83.54 -54.50 -18.68
C ILE A 1855 84.02 -54.57 -17.25
N ALA A 1856 83.06 -54.60 -16.32
CA ALA A 1856 83.33 -54.76 -14.90
C ALA A 1856 83.13 -56.22 -14.53
N ILE A 1857 84.22 -56.94 -14.36
CA ILE A 1857 84.22 -58.37 -14.02
C ILE A 1857 84.12 -58.50 -12.51
N ASN A 1858 83.42 -59.53 -12.05
CA ASN A 1858 83.29 -59.85 -10.63
C ASN A 1858 83.70 -61.31 -10.43
N PRO A 1859 84.94 -61.58 -10.03
CA PRO A 1859 85.36 -62.98 -9.85
C PRO A 1859 84.56 -63.72 -8.79
N GLY A 1860 83.90 -63.01 -7.87
CA GLY A 1860 83.12 -63.68 -6.84
C GLY A 1860 81.83 -64.28 -7.35
N ARG A 1861 81.26 -63.73 -8.42
CA ARG A 1861 79.96 -64.18 -8.93
C ARG A 1861 80.07 -65.26 -9.99
N VAL A 1862 81.28 -65.62 -10.43
CA VAL A 1862 81.43 -66.76 -11.33
C VAL A 1862 81.64 -68.05 -10.57
N ALA A 1863 82.48 -68.02 -9.53
CA ALA A 1863 82.76 -69.19 -8.71
C ALA A 1863 83.64 -68.79 -7.52
N ALA A 1864 83.48 -69.49 -6.40
CA ALA A 1864 84.35 -69.23 -5.25
C ALA A 1864 85.80 -69.53 -5.58
N SER A 1865 86.04 -70.49 -6.49
CA SER A 1865 87.41 -70.84 -6.85
C SER A 1865 88.10 -69.69 -7.59
N PHE A 1866 87.35 -68.93 -8.38
CA PHE A 1866 87.94 -67.91 -9.25
C PHE A 1866 88.61 -66.81 -8.43
N SER A 1867 89.93 -66.68 -8.59
CA SER A 1867 90.72 -65.68 -7.89
C SER A 1867 91.22 -64.63 -8.88
N GLN A 1868 91.98 -63.66 -8.36
CA GLN A 1868 92.63 -62.69 -9.23
C GLN A 1868 93.58 -63.39 -10.19
N GLU A 1869 94.36 -64.35 -9.69
CA GLU A 1869 95.28 -65.08 -10.55
C GLU A 1869 94.53 -65.84 -11.63
N ALA A 1870 93.42 -66.49 -11.26
CA ALA A 1870 92.64 -67.23 -12.25
C ALA A 1870 92.07 -66.31 -13.31
N LEU A 1871 91.51 -65.17 -12.90
CA LEU A 1871 90.94 -64.25 -13.88
C LEU A 1871 92.01 -63.67 -14.79
N GLN A 1872 93.17 -63.32 -14.23
CA GLN A 1872 94.26 -62.81 -15.05
C GLN A 1872 94.72 -63.88 -16.04
N TYR A 1873 94.82 -65.12 -15.59
CA TYR A 1873 95.22 -66.21 -16.47
C TYR A 1873 94.22 -66.38 -17.62
N VAL A 1874 92.93 -66.39 -17.30
CA VAL A 1874 91.91 -66.55 -18.34
C VAL A 1874 91.95 -65.38 -19.31
N VAL A 1875 92.09 -64.15 -18.80
CA VAL A 1875 92.10 -62.98 -19.68
C VAL A 1875 93.31 -63.02 -20.60
N GLU A 1876 94.48 -63.35 -20.05
CA GLU A 1876 95.69 -63.40 -20.86
C GLU A 1876 95.59 -64.49 -21.92
N ARG A 1877 95.06 -65.66 -21.56
CA ARG A 1877 94.90 -66.71 -22.56
C ARG A 1877 93.88 -66.33 -23.61
N VAL A 1878 92.79 -65.67 -23.21
CA VAL A 1878 91.82 -65.18 -24.18
C VAL A 1878 92.50 -64.27 -25.19
N GLY A 1879 93.22 -63.26 -24.68
CA GLY A 1879 93.86 -62.31 -25.57
C GLY A 1879 94.88 -62.94 -26.48
N LYS A 1880 95.76 -63.78 -25.94
CA LYS A 1880 96.82 -64.36 -26.74
C LYS A 1880 96.27 -65.36 -27.76
N ARG A 1881 95.41 -66.27 -27.32
CA ARG A 1881 94.88 -67.28 -28.23
C ARG A 1881 94.04 -66.66 -29.34
N THR A 1882 93.16 -65.71 -29.00
CA THR A 1882 92.27 -65.16 -30.00
C THR A 1882 92.93 -64.08 -30.85
N GLY A 1883 94.00 -63.47 -30.34
CA GLY A 1883 94.77 -62.51 -31.10
C GLY A 1883 94.38 -61.06 -30.89
N TRP A 1884 93.21 -60.80 -30.31
CA TRP A 1884 92.79 -59.42 -30.10
C TRP A 1884 93.36 -58.90 -28.78
N LEU A 1885 92.97 -57.67 -28.44
CA LEU A 1885 93.50 -56.97 -27.28
C LEU A 1885 92.49 -57.01 -26.14
N VAL A 1886 92.94 -57.42 -24.96
CA VAL A 1886 92.12 -57.40 -23.76
C VAL A 1886 93.05 -57.53 -22.56
N GLU A 1887 92.77 -56.77 -21.51
CA GLU A 1887 93.57 -56.90 -20.29
C GLU A 1887 92.85 -56.22 -19.14
N ILE A 1888 93.25 -56.60 -17.92
CA ILE A 1888 92.74 -55.95 -16.72
C ILE A 1888 93.35 -54.57 -16.60
N VAL A 1889 92.50 -53.57 -16.41
CA VAL A 1889 92.90 -52.18 -16.36
C VAL A 1889 92.77 -51.60 -14.96
N ASN A 1890 91.73 -51.99 -14.23
CA ASN A 1890 91.52 -51.56 -12.85
C ASN A 1890 91.43 -52.80 -11.97
N TYR A 1891 92.38 -52.94 -11.05
CA TYR A 1891 92.27 -53.90 -9.96
C TYR A 1891 91.58 -53.17 -8.81
N ASN A 1892 90.28 -53.39 -8.67
CA ASN A 1892 89.46 -52.58 -7.78
C ASN A 1892 89.30 -53.22 -6.40
N VAL A 1893 88.72 -54.42 -6.34
CA VAL A 1893 88.49 -55.13 -5.09
C VAL A 1893 88.95 -56.57 -5.27
N GLU A 1894 89.52 -57.14 -4.20
CA GLU A 1894 90.06 -58.49 -4.24
C GLU A 1894 88.98 -59.52 -4.52
N ASN A 1895 89.03 -60.13 -5.70
CA ASN A 1895 88.11 -61.20 -6.08
C ASN A 1895 86.65 -60.77 -6.06
N GLN A 1896 86.39 -59.46 -6.08
CA GLN A 1896 85.03 -58.95 -6.02
C GLN A 1896 84.75 -57.80 -7.00
N GLN A 1897 85.77 -57.18 -7.58
CA GLN A 1897 85.52 -56.09 -8.52
C GLN A 1897 86.80 -55.84 -9.32
N TYR A 1898 86.70 -55.96 -10.64
CA TYR A 1898 87.80 -55.70 -11.55
C TYR A 1898 87.22 -55.09 -12.81
N VAL A 1899 88.08 -54.49 -13.63
CA VAL A 1899 87.69 -53.93 -14.91
C VAL A 1899 88.64 -54.46 -15.97
N ALA A 1900 88.08 -54.94 -17.08
CA ALA A 1900 88.84 -55.41 -18.23
C ALA A 1900 88.51 -54.55 -19.43
N ALA A 1901 89.54 -54.03 -20.09
CA ALA A 1901 89.41 -53.15 -21.23
C ALA A 1901 90.01 -53.81 -22.46
N GLY A 1902 89.43 -53.49 -23.61
CA GLY A 1902 89.95 -53.98 -24.88
C GLY A 1902 88.91 -53.83 -25.97
N ASP A 1903 88.99 -54.71 -26.96
CA ASP A 1903 88.00 -54.73 -28.02
C ASP A 1903 86.64 -55.09 -27.46
N LEU A 1904 85.58 -54.44 -27.96
CA LEU A 1904 84.23 -54.84 -27.56
C LEU A 1904 84.00 -56.31 -27.87
N ARG A 1905 84.45 -56.74 -29.04
CA ARG A 1905 84.30 -58.13 -29.43
C ARG A 1905 85.03 -59.06 -28.47
N ALA A 1906 86.28 -58.73 -28.13
CA ALA A 1906 87.06 -59.58 -27.23
C ALA A 1906 86.44 -59.62 -25.84
N LEU A 1907 85.98 -58.48 -25.35
CA LEU A 1907 85.30 -58.43 -24.06
C LEU A 1907 84.01 -59.26 -24.09
N ASP A 1908 83.35 -59.31 -25.24
CA ASP A 1908 82.19 -60.19 -25.37
C ASP A 1908 82.59 -61.64 -25.17
N THR A 1909 83.73 -62.05 -25.76
CA THR A 1909 84.19 -63.42 -25.57
C THR A 1909 84.59 -63.68 -24.13
N VAL A 1910 85.22 -62.70 -23.48
CA VAL A 1910 85.57 -62.86 -22.06
C VAL A 1910 84.32 -63.07 -21.23
N THR A 1911 83.29 -62.26 -21.49
CA THR A 1911 82.03 -62.44 -20.77
C THR A 1911 81.43 -63.81 -21.03
N ASN A 1912 81.46 -64.25 -22.30
CA ASN A 1912 80.90 -65.56 -22.63
C ASN A 1912 81.67 -66.68 -21.96
N VAL A 1913 83.00 -66.58 -21.92
CA VAL A 1913 83.82 -67.63 -21.33
C VAL A 1913 83.61 -67.69 -19.82
N LEU A 1914 83.51 -66.53 -19.17
CA LEU A 1914 83.26 -66.53 -17.74
C LEU A 1914 81.84 -67.02 -17.43
N ASN A 1915 80.88 -66.71 -18.30
CA ASN A 1915 79.55 -67.27 -18.18
C ASN A 1915 79.61 -68.80 -18.29
N PHE A 1916 80.39 -69.30 -19.23
CA PHE A 1916 80.55 -70.74 -19.39
C PHE A 1916 81.15 -71.35 -18.13
N ILE A 1917 82.17 -70.71 -17.58
CA ILE A 1917 82.80 -71.24 -16.38
C ILE A 1917 81.83 -71.19 -15.20
N LYS A 1918 80.92 -70.23 -15.20
CA LYS A 1918 79.88 -70.24 -14.17
C LYS A 1918 78.93 -71.42 -14.35
N LEU A 1919 78.53 -71.70 -15.60
CA LEU A 1919 77.61 -72.81 -15.84
C LEU A 1919 78.26 -74.18 -15.66
N GLN A 1920 79.58 -74.31 -15.80
CA GLN A 1920 80.27 -75.56 -15.51
C GLN A 1920 81.22 -75.37 -14.34
N LYS A 1921 82.09 -76.33 -14.10
CA LYS A 1921 83.09 -76.24 -13.04
C LYS A 1921 84.43 -75.81 -13.61
N GLU A 1934 99.15 -77.09 -19.02
CA GLU A 1934 99.24 -77.39 -20.44
C GLU A 1934 97.92 -77.94 -20.97
N GLU A 1935 97.47 -79.05 -20.39
CA GLU A 1935 96.17 -79.60 -20.76
C GLU A 1935 95.04 -78.67 -20.33
N VAL A 1936 95.16 -78.09 -19.14
CA VAL A 1936 94.20 -77.08 -18.70
C VAL A 1936 94.23 -75.89 -19.65
N GLU A 1937 95.43 -75.51 -20.11
CA GLU A 1937 95.54 -74.43 -21.08
C GLU A 1937 94.83 -74.77 -22.38
N GLY A 1938 94.95 -76.02 -22.84
CA GLY A 1938 94.27 -76.43 -24.04
C GLY A 1938 92.76 -76.44 -23.90
N HIS A 1939 92.27 -76.91 -22.74
CA HIS A 1939 90.83 -76.87 -22.49
C HIS A 1939 90.30 -75.44 -22.48
N LEU A 1940 91.01 -74.55 -21.79
CA LEU A 1940 90.61 -73.14 -21.77
C LEU A 1940 90.70 -72.55 -23.18
N PHE A 1941 91.68 -72.99 -23.97
CA PHE A 1941 91.77 -72.55 -25.35
C PHE A 1941 90.56 -72.98 -26.15
N GLU A 1942 90.07 -74.20 -25.89
CA GLU A 1942 88.85 -74.66 -26.56
C GLU A 1942 87.66 -73.77 -26.20
N ILE A 1943 87.51 -73.43 -24.91
CA ILE A 1943 86.42 -72.55 -24.51
C ILE A 1943 86.57 -71.18 -25.18
N ILE A 1944 87.80 -70.66 -25.20
CA ILE A 1944 88.07 -69.38 -25.85
C ILE A 1944 87.68 -69.42 -27.31
N ASP A 1945 88.07 -70.50 -28.00
CA ASP A 1945 87.78 -70.62 -29.42
C ASP A 1945 86.28 -70.67 -29.66
N GLU A 1946 85.55 -71.41 -28.83
CA GLU A 1946 84.10 -71.45 -28.96
C GLU A 1946 83.51 -70.05 -28.85
N ALA A 1947 83.87 -69.34 -27.77
CA ALA A 1947 83.30 -68.01 -27.56
C ALA A 1947 83.69 -67.04 -28.68
N SER A 1948 84.94 -67.14 -29.16
CA SER A 1948 85.40 -66.19 -30.17
C SER A 1948 84.76 -66.43 -31.52
N LYS A 1949 84.62 -67.70 -31.92
CA LYS A 1949 83.93 -67.98 -33.17
C LYS A 1949 82.44 -67.64 -33.06
N LYS A 1950 81.89 -67.69 -31.84
CA LYS A 1950 80.52 -67.22 -31.65
C LYS A 1950 80.40 -65.71 -31.76
N SER A 1951 81.40 -64.95 -31.30
CA SER A 1951 81.29 -63.49 -31.22
C SER A 1951 81.81 -62.77 -32.46
N ALA A 1952 82.70 -63.40 -33.23
CA ALA A 1952 83.41 -62.67 -34.29
C ALA A 1952 82.45 -62.20 -35.38
N VAL A 1953 81.46 -63.03 -35.73
CA VAL A 1953 80.58 -62.72 -36.85
C VAL A 1953 79.71 -61.49 -36.57
N LYS A 1954 79.61 -61.07 -35.31
CA LYS A 1954 78.76 -59.93 -34.98
C LYS A 1954 79.31 -58.67 -35.65
N PRO A 1955 78.46 -57.70 -35.99
CA PRO A 1955 78.98 -56.45 -36.57
C PRO A 1955 79.87 -55.72 -35.57
N ARG A 1956 80.82 -54.94 -36.11
CA ARG A 1956 81.79 -54.25 -35.27
C ARG A 1956 81.15 -53.36 -34.21
N PRO A 1957 80.11 -52.52 -34.48
CA PRO A 1957 79.49 -51.72 -33.42
C PRO A 1957 78.51 -52.54 -32.58
N LEU A 1958 79.02 -53.59 -31.94
CA LEU A 1958 78.19 -54.48 -31.15
C LEU A 1958 77.96 -53.90 -29.76
N LYS A 1959 76.96 -54.45 -29.07
CA LYS A 1959 76.62 -54.07 -27.71
C LYS A 1959 77.03 -55.21 -26.78
N LEU A 1960 77.84 -54.89 -25.78
CA LEU A 1960 78.28 -55.90 -24.83
C LEU A 1960 77.14 -56.26 -23.89
N GLU A 1961 76.77 -57.54 -23.88
CA GLU A 1961 75.70 -58.01 -23.03
C GLU A 1961 76.18 -58.16 -21.59
N ARG A 1962 75.27 -57.95 -20.65
CA ARG A 1962 75.58 -58.20 -19.25
C ARG A 1962 75.67 -59.70 -19.00
N GLY A 1963 76.81 -60.14 -18.47
CA GLY A 1963 76.97 -61.50 -18.01
C GLY A 1963 76.47 -61.65 -16.58
N PHE A 1964 76.54 -62.89 -16.09
CA PHE A 1964 76.17 -63.12 -14.70
C PHE A 1964 77.16 -62.46 -13.75
N ALA A 1965 78.38 -62.18 -14.23
CA ALA A 1965 79.40 -61.53 -13.42
C ALA A 1965 80.04 -60.32 -14.10
N CYS A 1966 79.91 -60.19 -15.41
CA CYS A 1966 80.50 -59.07 -16.15
C CYS A 1966 79.43 -58.00 -16.34
N ILE A 1967 79.73 -56.79 -15.88
CA ILE A 1967 78.85 -55.63 -16.03
C ILE A 1967 79.52 -54.66 -17.00
N PRO A 1968 79.04 -54.57 -18.25
CA PRO A 1968 79.60 -53.55 -19.16
C PRO A 1968 79.39 -52.15 -18.62
N LEU A 1969 80.39 -51.30 -18.83
CA LEU A 1969 80.35 -49.92 -18.37
C LEU A 1969 79.84 -49.01 -19.48
N VAL A 1970 78.74 -48.34 -19.22
CA VAL A 1970 78.09 -47.49 -20.21
C VAL A 1970 78.94 -46.24 -20.42
N GLY A 1971 78.92 -45.73 -21.65
CA GLY A 1971 79.54 -44.46 -21.95
C GLY A 1971 81.04 -44.50 -22.18
N ILE A 1972 81.67 -45.67 -22.10
CA ILE A 1972 83.10 -45.82 -22.31
C ILE A 1972 83.29 -46.52 -23.65
N SER A 1973 84.14 -45.94 -24.49
CA SER A 1973 84.42 -46.49 -25.81
C SER A 1973 85.91 -46.54 -26.12
N VAL A 1974 86.77 -46.18 -25.17
CA VAL A 1974 88.22 -46.20 -25.35
C VAL A 1974 88.80 -47.10 -24.28
N PRO A 1975 89.76 -47.99 -24.58
CA PRO A 1975 90.31 -48.84 -23.50
C PRO A 1975 91.46 -48.13 -22.78
N PHE A 1976 91.14 -47.14 -21.95
CA PHE A 1976 92.23 -46.44 -21.27
C PHE A 1976 92.77 -47.33 -20.15
N HIS A 1977 93.95 -46.95 -19.65
CA HIS A 1977 94.68 -47.74 -18.66
C HIS A 1977 95.09 -49.09 -19.22
N SER A 1978 95.29 -49.17 -20.54
CA SER A 1978 95.59 -50.42 -21.22
C SER A 1978 96.80 -50.24 -22.12
N THR A 1979 97.31 -51.36 -22.61
CA THR A 1979 98.51 -51.36 -23.43
C THR A 1979 98.28 -50.67 -24.77
N TYR A 1980 97.01 -50.54 -25.19
CA TYR A 1980 96.73 -50.01 -26.52
C TYR A 1980 97.25 -48.58 -26.68
N LEU A 1981 97.07 -47.73 -25.67
CA LEU A 1981 97.54 -46.35 -25.72
C LEU A 1981 98.91 -46.19 -25.11
N MET A 1982 99.86 -47.04 -25.51
CA MET A 1982 101.25 -46.86 -25.13
C MET A 1982 102.02 -46.00 -26.12
N ASN A 1983 101.68 -46.09 -27.40
CA ASN A 1983 102.38 -45.29 -28.41
C ASN A 1983 102.22 -43.80 -28.14
N GLY A 1984 101.10 -43.40 -27.53
CA GLY A 1984 100.79 -42.02 -27.26
C GLY A 1984 101.25 -41.49 -25.91
N VAL A 1985 102.03 -42.25 -25.15
CA VAL A 1985 102.47 -41.79 -23.84
C VAL A 1985 103.45 -40.63 -23.98
N LYS A 1986 104.45 -40.78 -24.84
CA LYS A 1986 105.52 -39.78 -24.94
C LYS A 1986 105.00 -38.40 -25.34
N PRO A 1987 104.23 -38.24 -26.42
CA PRO A 1987 103.65 -36.91 -26.68
C PRO A 1987 102.72 -36.43 -25.57
N PHE A 1988 101.97 -37.35 -24.96
CA PHE A 1988 101.18 -36.98 -23.79
C PHE A 1988 102.09 -36.54 -22.65
N LYS A 1989 103.23 -37.21 -22.50
CA LYS A 1989 104.19 -36.81 -21.47
C LYS A 1989 104.70 -35.39 -21.73
N SER A 1990 105.00 -35.07 -22.99
CA SER A 1990 105.48 -33.73 -23.31
C SER A 1990 104.40 -32.69 -23.04
N PHE A 1991 103.16 -32.99 -23.39
CA PHE A 1991 102.06 -32.07 -23.12
C PHE A 1991 101.91 -31.86 -21.61
N LEU A 1992 102.01 -32.94 -20.83
CA LEU A 1992 101.97 -32.82 -19.38
C LEU A 1992 103.12 -31.97 -18.86
N LYS A 1993 104.32 -32.09 -19.45
CA LYS A 1993 105.41 -31.23 -19.04
C LYS A 1993 105.12 -29.77 -19.34
N LYS A 1994 104.54 -29.49 -20.50
CA LYS A 1994 104.19 -28.10 -20.82
C LYS A 1994 103.20 -27.54 -19.81
N ASN A 1995 102.29 -28.39 -19.32
CA ASN A 1995 101.25 -27.87 -18.43
C ASN A 1995 101.70 -27.83 -16.97
N ILE A 1996 102.56 -28.76 -16.55
CA ILE A 1996 102.99 -28.86 -15.16
C ILE A 1996 104.41 -28.32 -15.05
N ILE A 1997 104.55 -27.22 -14.32
CA ILE A 1997 105.83 -26.51 -14.19
C ILE A 1997 106.63 -27.16 -13.07
N LYS A 1998 107.95 -27.23 -13.25
CA LYS A 1998 108.81 -27.85 -12.25
C LYS A 1998 108.75 -27.11 -10.92
N GLU A 1999 108.78 -25.77 -10.97
CA GLU A 1999 108.80 -24.99 -9.73
C GLU A 1999 107.54 -25.21 -8.90
N ASN A 2000 106.43 -25.55 -9.55
CA ASN A 2000 105.18 -25.77 -8.82
C ASN A 2000 105.09 -27.15 -8.20
N VAL A 2001 106.03 -28.05 -8.48
CA VAL A 2001 106.05 -29.37 -7.84
C VAL A 2001 106.69 -29.22 -6.47
N LYS A 2002 105.99 -29.67 -5.43
CA LYS A 2002 106.44 -29.55 -4.05
C LYS A 2002 106.71 -30.95 -3.50
N VAL A 2003 108.00 -31.25 -3.30
CA VAL A 2003 108.39 -32.59 -2.86
C VAL A 2003 107.86 -32.88 -1.47
N ALA A 2004 107.84 -31.85 -0.60
CA ALA A 2004 107.30 -32.05 0.73
C ALA A 2004 105.82 -32.42 0.67
N ARG A 2005 105.08 -31.78 -0.23
CA ARG A 2005 103.65 -32.05 -0.35
C ARG A 2005 103.38 -33.40 -0.99
N LEU A 2006 104.29 -33.90 -1.83
CA LEU A 2006 104.06 -35.15 -2.54
C LEU A 2006 104.63 -36.38 -1.83
N ALA A 2007 105.78 -36.26 -1.18
CA ALA A 2007 106.48 -37.42 -0.66
C ALA A 2007 105.77 -38.00 0.56
N GLY A 2008 105.58 -39.31 0.54
CA GLY A 2008 104.93 -39.99 1.64
C GLY A 2008 103.43 -39.93 1.64
N LYS A 2009 102.83 -39.08 0.81
CA LYS A 2009 101.39 -38.88 0.77
C LYS A 2009 100.74 -39.32 -0.54
N TYR A 2010 101.40 -39.14 -1.67
CA TYR A 2010 100.85 -39.50 -2.97
C TYR A 2010 101.12 -40.96 -3.25
N ILE A 2011 100.07 -41.70 -3.61
CA ILE A 2011 100.17 -43.10 -4.01
C ILE A 2011 99.79 -43.20 -5.49
N PRO A 2012 100.74 -43.18 -6.42
CA PRO A 2012 100.37 -43.20 -7.83
C PRO A 2012 99.73 -44.53 -8.24
N ASN A 2013 98.96 -44.47 -9.34
CA ASN A 2013 98.32 -45.68 -9.84
C ASN A 2013 99.32 -46.58 -10.55
N LEU A 2014 100.30 -45.98 -11.24
CA LEU A 2014 101.34 -46.78 -11.88
C LEU A 2014 102.13 -47.59 -10.86
N THR A 2015 102.66 -46.92 -9.84
CA THR A 2015 103.42 -47.55 -8.76
C THR A 2015 102.61 -47.33 -7.49
N ALA A 2016 101.81 -48.31 -7.10
CA ALA A 2016 100.89 -48.16 -5.97
C ALA A 2016 101.63 -48.28 -4.63
N LYS A 2017 102.57 -47.37 -4.44
CA LYS A 2017 103.36 -47.24 -3.23
C LYS A 2017 103.40 -45.76 -2.89
N PRO A 2018 103.76 -45.40 -1.65
CA PRO A 2018 103.90 -43.98 -1.32
C PRO A 2018 104.94 -43.32 -2.20
N PHE A 2019 104.67 -42.08 -2.60
CA PHE A 2019 105.57 -41.33 -3.46
C PHE A 2019 106.87 -41.06 -2.70
N GLN A 2020 108.00 -41.47 -3.27
CA GLN A 2020 109.30 -41.22 -2.68
C GLN A 2020 110.30 -41.02 -3.81
N VAL A 2021 111.12 -39.99 -3.70
CA VAL A 2021 112.16 -39.72 -4.71
C VAL A 2021 113.37 -40.55 -4.29
N THR A 2022 113.34 -41.82 -4.66
CA THR A 2022 114.36 -42.78 -4.25
C THR A 2022 114.67 -43.70 -5.43
N LYS A 2023 115.89 -44.22 -5.42
CA LYS A 2023 116.34 -45.08 -6.52
C LYS A 2023 115.49 -46.32 -6.63
N GLU A 2024 115.07 -46.88 -5.48
CA GLU A 2024 114.17 -48.03 -5.51
C GLU A 2024 112.86 -47.67 -6.20
N TYR A 2025 112.32 -46.49 -5.89
CA TYR A 2025 111.08 -46.05 -6.54
C TYR A 2025 111.27 -45.88 -8.04
N PHE A 2026 112.36 -45.25 -8.45
CA PHE A 2026 112.60 -45.04 -9.88
C PHE A 2026 112.76 -46.37 -10.60
N GLN A 2027 113.46 -47.32 -9.98
CA GLN A 2027 113.56 -48.65 -10.58
C GLN A 2027 112.21 -49.33 -10.64
N ASP A 2028 111.36 -49.09 -9.64
CA ASP A 2028 109.99 -49.61 -9.67
C ASP A 2028 109.22 -49.06 -10.86
N VAL A 2029 109.44 -47.79 -11.19
CA VAL A 2029 108.76 -47.20 -12.36
C VAL A 2029 109.11 -47.98 -13.62
N TYR A 2030 110.40 -48.26 -13.83
CA TYR A 2030 110.82 -49.05 -14.98
C TYR A 2030 110.29 -50.47 -14.91
N ASP A 2031 110.19 -51.04 -13.70
CA ASP A 2031 109.74 -52.42 -13.56
C ASP A 2031 108.36 -52.62 -14.17
N LEU A 2032 107.50 -51.60 -14.10
CA LEU A 2032 106.18 -51.67 -14.72
C LEU A 2032 106.21 -51.15 -16.15
N THR A 2033 106.81 -49.98 -16.37
CA THR A 2033 106.84 -49.34 -17.68
C THR A 2033 108.20 -48.72 -17.91
N GLY A 2034 108.95 -49.27 -18.86
CA GLY A 2034 110.28 -48.78 -19.17
C GLY A 2034 110.21 -47.47 -19.92
N SER A 2035 111.11 -46.55 -19.55
CA SER A 2035 111.18 -45.24 -20.19
C SER A 2035 112.60 -44.70 -20.10
N GLU A 2036 113.07 -44.15 -21.22
CA GLU A 2036 114.47 -43.73 -21.32
C GLU A 2036 114.86 -42.69 -20.28
N PRO A 2037 114.07 -41.65 -20.00
CA PRO A 2037 114.46 -40.70 -18.94
C PRO A 2037 114.66 -41.37 -17.59
N ILE A 2038 113.84 -42.36 -17.25
CA ILE A 2038 114.02 -43.05 -15.98
C ILE A 2038 115.34 -43.81 -15.95
N LYS A 2039 115.65 -44.54 -17.02
CA LYS A 2039 116.93 -45.24 -17.07
C LYS A 2039 118.10 -44.28 -16.99
N GLU A 2040 117.99 -43.14 -17.68
CA GLU A 2040 119.06 -42.14 -17.59
C GLU A 2040 119.21 -41.64 -16.15
N ILE A 2041 118.09 -41.44 -15.46
CA ILE A 2041 118.15 -40.91 -14.10
C ILE A 2041 118.81 -41.92 -13.17
N ILE A 2042 118.40 -43.19 -13.28
CA ILE A 2042 119.00 -44.23 -12.45
C ILE A 2042 120.48 -44.37 -12.75
N ASP A 2043 120.87 -44.29 -14.03
CA ASP A 2043 122.29 -44.38 -14.37
C ASP A 2043 123.08 -43.23 -13.79
N ASN A 2044 122.51 -42.02 -13.81
CA ASN A 2044 123.20 -40.82 -13.37
C ASN A 2044 122.86 -40.45 -11.93
N TRP A 2045 122.31 -41.40 -11.15
CA TRP A 2045 121.83 -41.07 -9.82
C TRP A 2045 122.96 -40.64 -8.89
N GLU A 2046 124.11 -41.31 -8.95
CA GLU A 2046 125.24 -40.91 -8.11
C GLU A 2046 125.65 -39.47 -8.42
N LYS A 2047 125.37 -39.00 -9.63
CA LYS A 2047 125.67 -37.62 -9.97
C LYS A 2047 124.61 -36.68 -9.40
N TYR A 2048 123.34 -37.09 -9.43
CA TYR A 2048 122.27 -36.26 -8.91
C TYR A 2048 122.38 -36.11 -7.39
N GLU A 2049 122.70 -37.19 -6.68
CA GLU A 2049 122.75 -37.14 -5.22
C GLU A 2049 123.81 -36.17 -4.75
N GLN A 2050 124.97 -36.16 -5.39
CA GLN A 2050 126.06 -35.27 -5.01
C GLN A 2050 125.69 -33.81 -5.30
N MET B 1 120.99 -34.68 -1.33
CA MET B 1 120.35 -34.13 -2.56
C MET B 1 119.87 -32.70 -2.32
N LYS B 2 120.26 -31.81 -3.22
CA LYS B 2 119.91 -30.41 -3.07
C LYS B 2 118.39 -30.23 -3.25
N PRO B 3 117.80 -29.19 -2.65
CA PRO B 3 116.35 -29.00 -2.83
C PRO B 3 115.94 -28.82 -4.28
N GLU B 4 116.73 -28.09 -5.08
CA GLU B 4 116.37 -27.87 -6.47
C GLU B 4 116.45 -29.17 -7.27
N VAL B 5 117.48 -29.96 -7.05
CA VAL B 5 117.60 -31.26 -7.71
C VAL B 5 116.47 -32.17 -7.28
N GLU B 6 116.11 -32.14 -6.00
CA GLU B 6 115.01 -32.95 -5.51
C GLU B 6 113.71 -32.56 -6.20
N GLN B 7 113.48 -31.25 -6.38
CA GLN B 7 112.29 -30.79 -7.09
C GLN B 7 112.30 -31.26 -8.54
N GLU B 8 113.44 -31.17 -9.21
CA GLU B 8 113.52 -31.59 -10.61
C GLU B 8 113.23 -33.08 -10.74
N LEU B 9 113.85 -33.90 -9.88
CA LEU B 9 113.59 -35.33 -9.87
C LEU B 9 112.12 -35.64 -9.59
N ALA B 10 111.53 -34.97 -8.60
CA ALA B 10 110.14 -35.24 -8.28
C ALA B 10 109.22 -34.83 -9.43
N HIS B 11 109.53 -33.71 -10.08
CA HIS B 11 108.72 -33.29 -11.23
C HIS B 11 108.81 -34.30 -12.36
N ILE B 12 110.01 -34.79 -12.64
CA ILE B 12 110.16 -35.78 -13.70
C ILE B 12 109.40 -37.05 -13.35
N LEU B 13 109.51 -37.50 -12.10
CA LEU B 13 108.83 -38.71 -11.69
C LEU B 13 107.32 -38.56 -11.75
N LEU B 14 106.80 -37.42 -11.28
CA LEU B 14 105.37 -37.18 -11.32
C LEU B 14 104.87 -37.10 -12.75
N THR B 15 105.61 -36.40 -13.61
CA THR B 15 105.28 -36.35 -15.03
C THR B 15 105.21 -37.75 -15.61
N GLU B 16 106.19 -38.59 -15.31
CA GLU B 16 106.24 -39.92 -15.92
C GLU B 16 105.09 -40.78 -15.41
N LEU B 17 104.80 -40.68 -14.10
CA LEU B 17 103.69 -41.43 -13.52
C LEU B 17 102.37 -41.02 -14.18
N LEU B 18 102.13 -39.71 -14.32
CA LEU B 18 100.91 -39.27 -14.97
C LEU B 18 100.87 -39.71 -16.42
N ALA B 19 102.01 -39.66 -17.11
CA ALA B 19 102.05 -40.01 -18.53
C ALA B 19 101.70 -41.47 -18.75
N TYR B 20 102.23 -42.35 -17.91
CA TYR B 20 101.95 -43.78 -18.05
C TYR B 20 100.69 -44.23 -17.30
N GLN B 21 100.07 -43.34 -16.53
CA GLN B 21 98.86 -43.72 -15.79
C GLN B 21 97.73 -44.12 -16.74
N PHE B 22 97.53 -43.37 -17.81
CA PHE B 22 96.45 -43.70 -18.74
C PHE B 22 96.79 -44.88 -19.65
N ALA B 23 98.06 -45.28 -19.72
CA ALA B 23 98.49 -46.40 -20.54
C ALA B 23 98.75 -47.67 -19.75
N SER B 24 98.70 -47.61 -18.43
CA SER B 24 99.00 -48.73 -17.56
C SER B 24 97.82 -48.99 -16.63
N PRO B 25 97.67 -50.21 -16.13
CA PRO B 25 96.50 -50.50 -15.28
C PRO B 25 96.58 -49.80 -13.94
N VAL B 26 95.40 -49.56 -13.37
CA VAL B 26 95.28 -48.94 -12.05
C VAL B 26 95.39 -50.02 -11.00
N ARG B 27 96.40 -49.91 -10.14
CA ARG B 27 96.65 -50.90 -9.08
C ARG B 27 95.99 -50.42 -7.78
N TRP B 28 94.66 -50.33 -7.85
CA TRP B 28 93.94 -49.85 -6.68
C TRP B 28 93.89 -50.87 -5.56
N ILE B 29 94.10 -52.15 -5.86
CA ILE B 29 94.29 -53.14 -4.80
C ILE B 29 95.50 -52.76 -3.95
N GLU B 30 96.62 -52.50 -4.62
CA GLU B 30 97.83 -52.12 -3.89
C GLU B 30 97.65 -50.79 -3.21
N THR B 31 96.95 -49.84 -3.84
CA THR B 31 96.72 -48.55 -3.20
C THR B 31 95.91 -48.71 -1.91
N GLN B 32 94.84 -49.51 -1.96
CA GLN B 32 94.02 -49.73 -0.78
C GLN B 32 94.80 -50.46 0.30
N ASP B 33 95.58 -51.47 -0.08
CA ASP B 33 96.42 -52.16 0.89
C ASP B 33 97.39 -51.18 1.54
N VAL B 34 97.98 -50.29 0.75
CA VAL B 34 98.95 -49.34 1.29
C VAL B 34 98.29 -48.41 2.30
N PHE B 35 97.18 -47.77 1.90
CA PHE B 35 96.64 -46.76 2.80
C PHE B 35 95.75 -47.34 3.90
N LEU B 36 95.43 -48.64 3.87
CA LEU B 36 94.66 -49.26 4.94
C LEU B 36 95.52 -50.07 5.91
N LYS B 37 96.59 -50.70 5.44
CA LYS B 37 97.45 -51.54 6.28
C LYS B 37 98.76 -50.85 6.65
N ASP B 38 99.42 -50.21 5.69
CA ASP B 38 100.71 -49.59 5.98
C ASP B 38 100.54 -48.31 6.79
N PHE B 39 99.54 -47.50 6.45
CA PHE B 39 99.28 -46.26 7.16
C PHE B 39 98.21 -46.39 8.24
N ASN B 40 97.48 -47.50 8.30
CA ASN B 40 96.42 -47.71 9.28
C ASN B 40 95.46 -46.53 9.29
N THR B 41 94.99 -46.17 8.09
CA THR B 41 94.12 -45.01 7.95
C THR B 41 92.87 -45.17 8.79
N GLU B 42 92.63 -44.22 9.69
CA GLU B 42 91.48 -44.27 10.58
C GLU B 42 90.23 -43.66 9.98
N ARG B 43 90.37 -42.64 9.14
CA ARG B 43 89.23 -42.04 8.45
C ARG B 43 89.57 -41.90 6.98
N VAL B 44 88.72 -42.47 6.12
CA VAL B 44 88.83 -42.34 4.68
C VAL B 44 87.86 -41.27 4.26
N VAL B 45 88.32 -40.32 3.46
CA VAL B 45 87.47 -39.28 2.90
C VAL B 45 87.50 -39.45 1.38
N GLU B 46 86.32 -39.63 0.80
CA GLU B 46 86.17 -39.87 -0.63
C GLU B 46 85.58 -38.63 -1.28
N ILE B 47 86.36 -37.99 -2.13
CA ILE B 47 85.95 -36.79 -2.85
C ILE B 47 85.37 -37.25 -4.18
N GLY B 48 84.05 -37.22 -4.29
CA GLY B 48 83.36 -37.68 -5.47
C GLY B 48 81.88 -37.37 -5.39
N PRO B 49 81.18 -37.49 -6.52
CA PRO B 49 79.74 -37.19 -6.51
C PRO B 49 78.91 -38.34 -5.99
N SER B 50 79.46 -39.55 -6.01
CA SER B 50 78.83 -40.75 -5.50
C SER B 50 79.84 -41.52 -4.66
N PRO B 51 79.39 -42.40 -3.76
CA PRO B 51 80.33 -43.11 -2.88
C PRO B 51 80.94 -44.34 -3.54
N THR B 52 81.53 -44.15 -4.73
CA THR B 52 82.10 -45.26 -5.47
C THR B 52 83.35 -45.81 -4.79
N LEU B 53 84.38 -44.98 -4.67
CA LEU B 53 85.61 -45.42 -4.01
C LEU B 53 85.36 -45.70 -2.52
N ALA B 54 84.40 -45.01 -1.92
CA ALA B 54 84.07 -45.28 -0.53
C ALA B 54 83.48 -46.69 -0.37
N GLY B 55 82.55 -47.05 -1.25
CA GLY B 55 82.03 -48.41 -1.23
C GLY B 55 83.09 -49.44 -1.54
N MET B 56 84.01 -49.10 -2.45
CA MET B 56 85.13 -49.99 -2.74
C MET B 56 86.01 -50.22 -1.52
N ALA B 57 86.34 -49.15 -0.81
CA ALA B 57 87.15 -49.28 0.40
C ALA B 57 86.43 -50.09 1.46
N GLN B 58 85.12 -49.83 1.61
CA GLN B 58 84.32 -50.63 2.53
C GLN B 58 84.39 -52.11 2.16
N ARG B 59 84.24 -52.42 0.87
CA ARG B 59 84.27 -53.80 0.42
C ARG B 59 85.62 -54.45 0.71
N THR B 60 86.70 -53.72 0.44
CA THR B 60 88.03 -54.23 0.78
C THR B 60 88.15 -54.51 2.27
N LEU B 61 87.51 -53.66 3.10
CA LEU B 61 87.59 -53.85 4.53
C LEU B 61 86.81 -55.07 4.99
N LYS B 62 85.58 -55.26 4.51
CA LYS B 62 84.83 -56.46 4.89
C LYS B 62 85.52 -57.71 4.36
N ASN B 63 86.12 -57.64 3.17
CA ASN B 63 86.68 -58.85 2.56
C ASN B 63 88.01 -59.23 3.21
N LYS B 64 88.85 -58.25 3.55
CA LYS B 64 90.22 -58.51 3.98
C LYS B 64 90.50 -58.02 5.38
N TYR B 65 90.22 -56.75 5.68
CA TYR B 65 90.62 -56.13 6.95
C TYR B 65 89.42 -56.13 7.90
N GLU B 66 89.15 -57.31 8.46
CA GLU B 66 88.15 -57.48 9.51
C GLU B 66 88.78 -57.93 10.81
N SER B 67 89.54 -59.02 10.80
CA SER B 67 90.26 -59.43 11.99
C SER B 67 91.35 -58.43 12.35
N TYR B 68 92.02 -57.85 11.34
CA TYR B 68 93.00 -56.80 11.58
C TYR B 68 92.35 -55.61 12.28
N ASP B 69 91.22 -55.15 11.74
CA ASP B 69 90.51 -54.02 12.33
C ASP B 69 90.07 -54.33 13.75
N ALA B 70 89.54 -55.53 13.99
CA ALA B 70 89.11 -55.88 15.34
C ALA B 70 90.30 -55.92 16.29
N ALA B 71 91.36 -56.62 15.90
CA ALA B 71 92.49 -56.85 16.80
C ALA B 71 93.15 -55.54 17.20
N LEU B 72 93.40 -54.65 16.23
CA LEU B 72 94.06 -53.39 16.54
C LEU B 72 93.07 -52.24 16.79
N SER B 73 91.77 -52.55 16.86
CA SER B 73 90.76 -51.58 17.28
C SER B 73 90.79 -50.32 16.41
N LEU B 74 90.94 -50.51 15.11
CA LEU B 74 90.97 -49.39 14.17
C LEU B 74 89.54 -49.05 13.78
N HIS B 75 89.06 -47.89 14.23
CA HIS B 75 87.74 -47.40 13.86
C HIS B 75 87.85 -46.76 12.48
N ARG B 76 87.78 -47.61 11.46
CA ARG B 76 87.84 -47.16 10.07
C ARG B 76 86.51 -46.50 9.71
N GLU B 77 86.51 -45.16 9.72
CA GLU B 77 85.32 -44.39 9.38
C GLU B 77 85.45 -43.99 7.91
N ILE B 78 84.65 -44.64 7.06
CA ILE B 78 84.65 -44.35 5.63
C ILE B 78 83.57 -43.31 5.36
N LEU B 79 83.98 -42.13 4.88
CA LEU B 79 83.10 -41.01 4.65
C LEU B 79 83.20 -40.60 3.19
N CYS B 80 82.06 -40.34 2.57
CA CYS B 80 81.98 -39.85 1.21
C CYS B 80 81.44 -38.43 1.23
N TYR B 81 81.98 -37.57 0.37
CA TYR B 81 81.58 -36.17 0.36
C TYR B 81 80.11 -36.01 0.05
N SER B 82 79.57 -36.86 -0.83
CA SER B 82 78.21 -36.66 -1.31
C SER B 82 77.18 -36.93 -0.21
N LYS B 83 77.44 -37.90 0.67
CA LYS B 83 76.49 -38.29 1.70
C LYS B 83 76.97 -38.03 3.12
N ASP B 84 78.27 -38.09 3.38
CA ASP B 84 78.83 -37.93 4.72
C ASP B 84 79.44 -36.55 4.90
N ALA B 85 78.79 -35.53 4.33
CA ALA B 85 79.25 -34.17 4.50
C ALA B 85 79.24 -33.76 5.97
N LYS B 86 78.19 -34.13 6.70
CA LYS B 86 78.13 -33.76 8.11
C LYS B 86 79.31 -34.34 8.89
N GLU B 87 79.63 -35.61 8.65
CA GLU B 87 80.76 -36.23 9.34
C GLU B 87 82.07 -35.58 8.93
N ILE B 88 82.24 -35.25 7.64
CA ILE B 88 83.48 -34.66 7.19
C ILE B 88 83.65 -33.25 7.75
N TYR B 89 82.54 -32.51 7.85
CA TYR B 89 82.58 -31.12 8.27
C TYR B 89 82.53 -30.96 9.78
N TYR B 90 82.23 -32.02 10.53
CA TYR B 90 82.01 -31.94 11.97
C TYR B 90 80.85 -30.99 12.26
N THR B 91 79.70 -31.33 11.69
CA THR B 91 78.46 -30.59 11.88
C THR B 91 77.38 -31.58 12.30
N PRO B 92 77.51 -32.16 13.50
CA PRO B 92 76.51 -33.13 13.94
C PRO B 92 75.14 -32.50 14.10
N ASP B 93 74.10 -33.28 13.85
CA ASP B 93 72.74 -32.80 14.01
C ASP B 93 72.43 -32.66 15.50
N PRO B 94 71.99 -31.47 15.96
CA PRO B 94 71.65 -31.42 17.39
C PRO B 94 70.40 -32.21 17.74
N GLU B 329 16.22 -13.29 12.19
CA GLU B 329 15.66 -12.10 11.56
C GLU B 329 14.66 -12.47 10.47
N GLU B 330 13.93 -13.57 10.68
CA GLU B 330 12.98 -14.03 9.68
C GLU B 330 11.84 -13.02 9.51
N ILE B 331 11.35 -12.44 10.62
CA ILE B 331 10.23 -11.51 10.52
C ILE B 331 10.65 -10.24 9.78
N THR B 332 11.85 -9.72 10.07
CA THR B 332 12.29 -8.51 9.36
C THR B 332 12.62 -8.83 7.91
N LYS B 333 13.10 -10.05 7.64
CA LYS B 333 13.30 -10.46 6.25
C LYS B 333 11.97 -10.50 5.50
N ASP B 334 10.92 -11.02 6.13
CA ASP B 334 9.61 -11.02 5.51
C ASP B 334 9.10 -9.61 5.30
N HIS B 335 9.32 -8.73 6.29
CA HIS B 335 8.97 -7.31 6.12
C HIS B 335 9.62 -6.75 4.87
N LYS B 336 10.94 -6.92 4.75
CA LYS B 336 11.67 -6.37 3.61
C LYS B 336 11.22 -6.98 2.30
N VAL B 337 10.92 -8.28 2.30
CA VAL B 337 10.50 -8.95 1.07
C VAL B 337 9.15 -8.43 0.61
N LEU B 338 8.22 -8.26 1.55
CA LEU B 338 6.92 -7.69 1.19
C LEU B 338 7.06 -6.27 0.67
N ALA B 339 7.90 -5.47 1.34
CA ALA B 339 8.12 -4.10 0.87
C ALA B 339 8.73 -4.09 -0.52
N ARG B 340 9.66 -4.99 -0.78
CA ARG B 340 10.28 -5.10 -2.11
C ARG B 340 9.26 -5.47 -3.16
N GLN B 341 8.37 -6.43 -2.85
CA GLN B 341 7.34 -6.80 -3.82
C GLN B 341 6.39 -5.64 -4.10
N GLN B 342 6.01 -4.91 -3.06
CA GLN B 342 5.16 -3.73 -3.25
C GLN B 342 5.85 -2.68 -4.11
N LEU B 343 7.14 -2.46 -3.86
CA LEU B 343 7.91 -1.51 -4.66
C LEU B 343 7.99 -1.94 -6.12
N GLN B 344 8.21 -3.22 -6.37
CA GLN B 344 8.27 -3.71 -7.74
C GLN B 344 6.92 -3.55 -8.43
N VAL B 345 5.82 -3.82 -7.71
CA VAL B 345 4.49 -3.63 -8.29
C VAL B 345 4.28 -2.17 -8.67
N LEU B 346 4.65 -1.25 -7.77
CA LEU B 346 4.48 0.16 -8.06
C LEU B 346 5.36 0.60 -9.22
N ALA B 347 6.59 0.09 -9.29
CA ALA B 347 7.47 0.44 -10.40
C ALA B 347 6.90 -0.05 -11.72
N ARG B 348 6.36 -1.27 -11.73
CA ARG B 348 5.72 -1.79 -12.94
C ARG B 348 4.56 -0.91 -13.36
N TYR B 349 3.73 -0.50 -12.39
CA TYR B 349 2.60 0.37 -12.71
C TYR B 349 3.08 1.71 -13.27
N LEU B 350 4.11 2.28 -12.66
CA LEU B 350 4.65 3.56 -13.09
C LEU B 350 5.49 3.47 -14.36
N LYS B 351 5.74 2.26 -14.86
CA LYS B 351 6.56 2.06 -16.05
C LYS B 351 7.97 2.59 -15.78
N MET B 352 8.44 2.38 -14.56
CA MET B 352 9.74 2.83 -14.11
C MET B 352 10.70 1.66 -14.19
N ASP B 353 11.82 1.85 -14.89
CA ASP B 353 12.85 0.83 -15.04
C ASP B 353 13.89 1.07 -13.96
N LEU B 354 13.83 0.29 -12.89
CA LEU B 354 14.78 0.44 -11.79
C LEU B 354 16.19 0.08 -12.21
N ASP B 355 16.33 -0.86 -13.16
CA ASP B 355 17.64 -1.31 -13.61
C ASP B 355 18.21 -0.46 -14.73
N ASN B 356 17.52 0.59 -15.17
CA ASN B 356 17.99 1.36 -16.33
C ASN B 356 19.31 2.05 -16.04
N GLY B 357 19.43 2.70 -14.87
CA GLY B 357 20.67 3.36 -14.52
C GLY B 357 21.83 2.38 -14.43
N GLU B 358 21.59 1.22 -13.82
CA GLU B 358 22.64 0.21 -13.73
C GLU B 358 23.04 -0.30 -15.10
N ARG B 359 22.08 -0.53 -15.99
CA ARG B 359 22.40 -1.00 -17.34
C ARG B 359 23.25 0.02 -18.07
N LYS B 360 22.88 1.29 -17.99
CA LYS B 360 23.67 2.33 -18.60
C LYS B 360 25.06 2.38 -17.99
N PHE B 361 25.15 2.16 -16.67
CA PHE B 361 26.45 2.20 -16.00
C PHE B 361 27.36 1.08 -16.48
N LEU B 362 26.82 -0.13 -16.65
CA LEU B 362 27.65 -1.22 -17.15
C LEU B 362 28.06 -1.00 -18.60
N LYS B 363 27.15 -0.45 -19.43
CA LYS B 363 27.55 -0.11 -20.80
C LYS B 363 28.69 0.90 -20.78
N GLU B 364 28.58 1.93 -19.95
CA GLU B 364 29.61 2.95 -19.89
C GLU B 364 30.91 2.40 -19.31
N LYS B 365 30.81 1.45 -18.38
CA LYS B 365 32.01 0.84 -17.83
C LYS B 365 32.73 0.01 -18.88
N ASP B 366 31.97 -0.67 -19.74
CA ASP B 366 32.59 -1.36 -20.86
C ASP B 366 33.26 -0.38 -21.81
N THR B 367 32.61 0.76 -22.06
CA THR B 367 33.24 1.79 -22.88
C THR B 367 34.52 2.32 -22.25
N VAL B 368 34.50 2.50 -20.93
CA VAL B 368 35.71 2.92 -20.22
C VAL B 368 36.80 1.89 -20.39
N ALA B 369 36.46 0.62 -20.28
CA ALA B 369 37.45 -0.44 -20.43
C ALA B 369 38.05 -0.43 -21.84
N GLU B 370 37.22 -0.21 -22.86
CA GLU B 370 37.74 -0.23 -24.22
C GLU B 370 38.62 1.00 -24.50
N LEU B 371 38.21 2.18 -24.01
CA LEU B 371 39.05 3.36 -24.21
C LEU B 371 40.34 3.24 -23.43
N GLN B 372 40.28 2.66 -22.23
CA GLN B 372 41.48 2.45 -21.45
C GLN B 372 42.38 1.42 -22.11
N ALA B 373 41.81 0.42 -22.78
CA ALA B 373 42.62 -0.52 -23.54
C ALA B 373 43.34 0.18 -24.68
N GLN B 374 42.64 1.08 -25.38
CA GLN B 374 43.30 1.83 -26.44
C GLN B 374 44.42 2.70 -25.89
N LEU B 375 44.17 3.38 -24.77
CA LEU B 375 45.20 4.22 -24.17
C LEU B 375 46.37 3.41 -23.66
N ASP B 376 46.10 2.24 -23.07
CA ASP B 376 47.16 1.36 -22.62
C ASP B 376 47.99 0.87 -23.79
N TYR B 377 47.35 0.59 -24.92
CA TYR B 377 48.11 0.18 -26.10
C TYR B 377 48.99 1.31 -26.59
N LEU B 378 48.43 2.52 -26.68
CA LEU B 378 49.23 3.65 -27.15
C LEU B 378 50.36 3.97 -26.19
N ASN B 379 50.16 3.73 -24.89
CA ASN B 379 51.22 3.96 -23.92
C ASN B 379 52.28 2.87 -24.00
N ALA B 380 51.87 1.62 -24.20
CA ALA B 380 52.84 0.56 -24.41
C ALA B 380 53.61 0.76 -25.70
N GLU B 381 53.03 1.52 -26.64
CA GLU B 381 53.64 1.69 -27.94
C GLU B 381 54.59 2.89 -27.97
N LEU B 382 54.10 4.05 -27.57
CA LEU B 382 54.91 5.26 -27.60
C LEU B 382 55.76 5.40 -26.35
N GLY B 383 55.31 4.84 -25.24
CA GLY B 383 55.98 4.92 -23.96
C GLY B 383 55.43 6.05 -23.12
N GLU B 384 55.64 5.93 -21.80
CA GLU B 384 55.17 6.95 -20.88
C GLU B 384 55.84 8.28 -21.17
N PHE B 385 57.15 8.27 -21.44
CA PHE B 385 57.87 9.51 -21.68
C PHE B 385 57.35 10.23 -22.92
N PHE B 386 57.15 9.50 -24.02
CA PHE B 386 56.67 10.13 -25.25
C PHE B 386 55.27 10.70 -25.05
N VAL B 387 54.36 9.92 -24.46
CA VAL B 387 52.98 10.36 -24.30
C VAL B 387 52.90 11.56 -23.38
N ASN B 388 53.65 11.54 -22.27
CA ASN B 388 53.66 12.68 -21.38
C ASN B 388 54.28 13.90 -22.05
N GLY B 389 55.36 13.70 -22.81
CA GLY B 389 56.07 14.80 -23.42
C GLY B 389 55.35 15.45 -24.59
N VAL B 390 54.42 14.76 -25.23
CA VAL B 390 53.67 15.38 -26.32
C VAL B 390 52.58 16.30 -25.76
N ALA B 391 52.47 16.40 -24.43
CA ALA B 391 51.49 17.27 -23.80
C ALA B 391 51.67 18.71 -24.27
N THR B 392 50.56 19.33 -24.66
CA THR B 392 50.58 20.69 -25.16
C THR B 392 51.05 21.65 -24.07
N SER B 393 51.84 22.65 -24.49
CA SER B 393 52.33 23.68 -23.60
C SER B 393 52.11 25.08 -24.12
N PHE B 394 51.90 25.27 -25.42
CA PHE B 394 51.73 26.61 -25.97
C PHE B 394 50.30 27.10 -25.83
N SER B 395 50.17 28.40 -25.53
CA SER B 395 48.90 29.09 -25.59
C SER B 395 49.18 30.56 -25.88
N ARG B 396 48.33 31.16 -26.72
CA ARG B 396 48.55 32.55 -27.11
C ARG B 396 48.44 33.49 -25.93
N LYS B 397 47.50 33.23 -25.02
CA LYS B 397 47.31 34.09 -23.86
C LYS B 397 48.53 34.12 -22.95
N LYS B 398 49.37 33.10 -23.03
CA LYS B 398 50.52 32.95 -22.16
C LYS B 398 51.78 33.62 -22.70
N ALA B 399 51.71 34.23 -23.89
CA ALA B 399 52.87 34.90 -24.47
C ALA B 399 53.13 36.23 -23.78
N ARG B 400 54.40 36.52 -23.53
CA ARG B 400 54.83 37.71 -22.84
C ARG B 400 55.68 38.56 -23.78
N THR B 401 55.27 39.81 -23.97
CA THR B 401 55.98 40.75 -24.82
C THR B 401 56.84 41.68 -23.97
N PHE B 402 58.08 41.87 -24.41
CA PHE B 402 59.01 42.81 -23.79
C PHE B 402 59.46 43.77 -24.87
N ASP B 403 59.07 45.04 -24.74
CA ASP B 403 59.39 46.05 -25.75
C ASP B 403 59.76 47.40 -25.16
N SER B 404 59.86 47.55 -23.84
CA SER B 404 60.06 48.86 -23.22
C SER B 404 61.56 49.17 -23.06
N SER B 405 62.27 49.06 -24.18
CA SER B 405 63.70 49.29 -24.22
C SER B 405 64.08 50.72 -23.84
N TRP B 406 63.22 51.69 -24.13
CA TRP B 406 63.42 53.06 -23.66
C TRP B 406 63.59 53.11 -22.14
N ASN B 407 62.63 52.53 -21.42
CA ASN B 407 62.70 52.53 -19.97
C ASN B 407 63.89 51.71 -19.48
N TRP B 408 64.14 50.57 -20.13
CA TRP B 408 65.26 49.73 -19.69
C TRP B 408 66.60 50.41 -19.95
N ALA B 409 66.69 51.23 -21.00
CA ALA B 409 67.91 51.98 -21.25
C ALA B 409 68.16 52.98 -20.14
N LYS B 410 67.12 53.71 -19.74
CA LYS B 410 67.28 54.65 -18.63
C LYS B 410 67.68 53.93 -17.35
N GLN B 411 67.04 52.80 -17.06
CA GLN B 411 67.36 52.04 -15.86
C GLN B 411 68.79 51.53 -15.89
N SER B 412 69.24 51.02 -17.03
CA SER B 412 70.60 50.51 -17.14
C SER B 412 71.61 51.64 -16.97
N LEU B 413 71.29 52.82 -17.51
CA LEU B 413 72.16 53.97 -17.32
C LEU B 413 72.29 54.31 -15.84
N LEU B 414 71.17 54.35 -15.12
CA LEU B 414 71.25 54.66 -13.69
C LEU B 414 72.03 53.60 -12.94
N SER B 415 71.82 52.33 -13.29
CA SER B 415 72.53 51.25 -12.62
C SER B 415 74.05 51.38 -12.83
N LEU B 416 74.48 51.60 -14.07
CA LEU B 416 75.91 51.76 -14.34
C LEU B 416 76.48 52.99 -13.65
N TYR B 417 75.73 54.09 -13.68
CA TYR B 417 76.15 55.32 -13.01
C TYR B 417 76.40 55.05 -11.53
N PHE B 418 75.42 54.46 -10.85
CA PHE B 418 75.56 54.24 -9.41
C PHE B 418 76.63 53.22 -9.10
N GLU B 419 76.80 52.21 -9.94
CA GLU B 419 77.87 51.25 -9.71
C GLU B 419 79.23 51.91 -9.81
N ILE B 420 79.40 52.82 -10.75
CA ILE B 420 80.68 53.52 -10.87
C ILE B 420 80.92 54.40 -9.64
N ILE B 421 79.93 55.19 -9.23
CA ILE B 421 80.13 56.06 -8.08
C ILE B 421 80.34 55.26 -6.80
N HIS B 422 79.58 54.17 -6.59
CA HIS B 422 79.78 53.35 -5.41
C HIS B 422 81.04 52.50 -5.50
N GLY B 423 81.68 52.46 -6.65
CA GLY B 423 82.93 51.75 -6.77
C GLY B 423 82.80 50.29 -7.06
N VAL B 424 81.59 49.81 -7.35
CA VAL B 424 81.43 48.44 -7.82
C VAL B 424 82.16 48.25 -9.15
N LEU B 425 82.46 49.35 -9.84
CA LEU B 425 83.29 49.36 -11.04
C LEU B 425 84.31 50.49 -10.87
N LYS B 426 85.47 50.17 -10.29
CA LYS B 426 86.54 51.14 -10.11
C LYS B 426 87.21 51.54 -11.42
N ASN B 427 87.24 50.63 -12.41
CA ASN B 427 87.91 50.87 -13.67
C ASN B 427 86.92 50.66 -14.80
N VAL B 428 87.38 50.88 -16.02
CA VAL B 428 86.59 50.61 -17.21
C VAL B 428 86.84 49.17 -17.62
N ASP B 429 86.07 48.25 -17.07
CA ASP B 429 86.16 46.85 -17.44
C ASP B 429 85.15 46.52 -18.54
N ARG B 430 85.27 45.31 -19.08
CA ARG B 430 84.50 44.96 -20.27
C ARG B 430 83.01 44.87 -19.96
N GLU B 431 82.64 44.63 -18.70
CA GLU B 431 81.23 44.70 -18.32
C GLU B 431 80.71 46.13 -18.43
N VAL B 432 81.52 47.11 -18.02
CA VAL B 432 81.13 48.51 -18.17
C VAL B 432 81.04 48.87 -19.64
N VAL B 433 81.98 48.39 -20.45
CA VAL B 433 81.92 48.65 -21.89
C VAL B 433 80.66 48.03 -22.50
N SER B 434 80.33 46.80 -22.09
CA SER B 434 79.15 46.14 -22.63
C SER B 434 77.87 46.85 -22.22
N GLU B 435 77.80 47.29 -20.96
CA GLU B 435 76.62 48.03 -20.52
C GLU B 435 76.49 49.35 -21.28
N ALA B 436 77.62 50.02 -21.52
CA ALA B 436 77.59 51.23 -22.34
C ALA B 436 77.13 50.90 -23.76
N ILE B 437 77.54 49.76 -24.29
CA ILE B 437 77.12 49.38 -25.65
C ILE B 437 75.61 49.12 -25.69
N ASN B 438 75.07 48.50 -24.63
CA ASN B 438 73.62 48.32 -24.58
C ASN B 438 72.89 49.65 -24.50
N ILE B 439 73.42 50.58 -23.71
CA ILE B 439 72.84 51.92 -23.62
C ILE B 439 72.87 52.59 -24.99
N MET B 440 74.00 52.49 -25.69
CA MET B 440 74.10 53.06 -27.04
C MET B 440 73.12 52.38 -28.00
N ASN B 441 72.95 51.07 -27.86
CA ASN B 441 72.01 50.36 -28.73
C ASN B 441 70.58 50.82 -28.49
N ARG B 442 70.27 51.27 -27.27
CA ARG B 442 68.95 51.81 -26.96
C ARG B 442 68.90 53.33 -27.02
N SER B 443 69.95 53.98 -27.50
CA SER B 443 70.03 55.44 -27.43
C SER B 443 68.93 56.12 -28.24
N ASN B 444 68.29 57.12 -27.62
CA ASN B 444 67.34 58.01 -28.28
C ASN B 444 67.45 59.36 -27.59
N ASP B 445 66.75 60.35 -28.12
CA ASP B 445 66.92 61.73 -27.66
C ASP B 445 66.55 61.87 -26.19
N ALA B 446 65.49 61.20 -25.76
CA ALA B 446 65.12 61.23 -24.34
C ALA B 446 66.23 60.61 -23.49
N LEU B 447 66.85 59.54 -23.96
CA LEU B 447 67.96 58.96 -23.23
C LEU B 447 69.16 59.89 -23.20
N ILE B 448 69.40 60.62 -24.28
CA ILE B 448 70.50 61.59 -24.29
C ILE B 448 70.25 62.66 -23.24
N LYS B 449 69.03 63.17 -23.17
CA LYS B 449 68.73 64.21 -22.19
C LYS B 449 68.83 63.66 -20.77
N PHE B 450 68.37 62.41 -20.58
CA PHE B 450 68.53 61.74 -19.30
C PHE B 450 69.99 61.69 -18.87
N MET B 451 70.86 61.25 -19.77
CA MET B 451 72.29 61.15 -19.47
C MET B 451 72.90 62.52 -19.25
N GLU B 452 72.54 63.50 -20.08
CA GLU B 452 73.09 64.84 -19.92
C GLU B 452 72.74 65.39 -18.55
N TYR B 453 71.50 65.23 -18.11
CA TYR B 453 71.17 65.71 -16.78
C TYR B 453 71.99 64.98 -15.73
N HIS B 454 72.03 63.65 -15.78
CA HIS B 454 72.64 62.92 -14.68
C HIS B 454 74.16 63.06 -14.65
N ILE B 455 74.78 63.43 -15.77
CA ILE B 455 76.24 63.61 -15.81
C ILE B 455 76.63 65.07 -15.59
N SER B 456 75.80 66.02 -15.99
CA SER B 456 76.10 67.42 -15.72
C SER B 456 75.80 67.77 -14.27
N ASN B 457 74.77 67.17 -13.68
CA ASN B 457 74.44 67.42 -12.29
C ASN B 457 75.44 66.76 -11.35
N THR B 458 76.22 65.81 -11.84
CA THR B 458 77.30 65.22 -11.05
C THR B 458 78.33 66.27 -10.68
N ASP B 459 78.74 66.28 -9.42
CA ASP B 459 79.77 67.18 -8.93
C ASP B 459 81.04 66.35 -8.79
N GLU B 460 82.11 66.80 -9.46
CA GLU B 460 83.32 66.00 -9.55
C GLU B 460 84.20 66.10 -8.30
N THR B 461 84.04 67.16 -7.50
CA THR B 461 84.91 67.35 -6.34
C THR B 461 84.67 66.32 -5.24
N LYS B 462 83.60 65.54 -5.31
CA LYS B 462 83.26 64.57 -4.26
C LYS B 462 84.01 63.26 -4.49
N GLY B 463 85.33 63.35 -4.46
CA GLY B 463 86.18 62.19 -4.61
C GLY B 463 86.34 61.78 -6.07
N GLU B 464 87.40 61.00 -6.31
CA GLU B 464 87.77 60.66 -7.68
C GLU B 464 86.72 59.80 -8.36
N ASN B 465 85.88 59.11 -7.59
CA ASN B 465 84.87 58.25 -8.20
C ASN B 465 83.83 59.06 -8.96
N TYR B 466 83.46 60.21 -8.41
CA TYR B 466 82.49 61.07 -9.09
C TYR B 466 83.11 61.73 -10.31
N GLN B 467 84.38 62.11 -10.23
CA GLN B 467 85.06 62.61 -11.42
C GLN B 467 85.11 61.53 -12.51
N LEU B 468 85.35 60.29 -12.11
CA LEU B 468 85.41 59.20 -13.07
C LEU B 468 84.05 58.98 -13.71
N VAL B 469 82.97 58.98 -12.92
CA VAL B 469 81.66 58.77 -13.51
C VAL B 469 81.30 59.93 -14.43
N LYS B 470 81.72 61.15 -14.07
CA LYS B 470 81.45 62.30 -14.94
C LYS B 470 82.18 62.15 -16.27
N THR B 471 83.47 61.81 -16.23
CA THR B 471 84.24 61.68 -17.46
C THR B 471 83.68 60.57 -18.34
N LEU B 472 83.41 59.41 -17.74
CA LEU B 472 82.88 58.30 -18.50
C LEU B 472 81.51 58.63 -19.07
N GLY B 473 80.70 59.36 -18.31
CA GLY B 473 79.38 59.73 -18.80
C GLY B 473 79.41 60.73 -19.94
N GLU B 474 80.34 61.69 -19.89
CA GLU B 474 80.49 62.60 -21.02
C GLU B 474 80.91 61.83 -22.26
N GLN B 475 81.84 60.88 -22.09
CA GLN B 475 82.22 60.04 -23.22
C GLN B 475 81.03 59.25 -23.75
N LEU B 476 80.21 58.71 -22.85
CA LEU B 476 79.03 57.94 -23.27
C LEU B 476 77.99 58.82 -23.96
N ILE B 477 77.82 60.06 -23.48
CA ILE B 477 76.90 60.98 -24.14
C ILE B 477 77.37 61.26 -25.56
N GLU B 478 78.68 61.49 -25.73
CA GLU B 478 79.23 61.67 -27.06
C GLU B 478 78.97 60.45 -27.93
N ASN B 479 79.21 59.25 -27.40
CA ASN B 479 79.06 58.04 -28.20
C ASN B 479 77.60 57.77 -28.55
N CYS B 480 76.68 58.12 -27.65
CA CYS B 480 75.26 57.90 -27.93
C CYS B 480 74.72 58.93 -28.90
N LYS B 481 75.26 60.15 -28.88
CA LYS B 481 74.87 61.14 -29.87
C LYS B 481 75.24 60.68 -31.28
N GLN B 482 76.39 60.03 -31.44
CA GLN B 482 76.80 59.53 -32.74
C GLN B 482 75.85 58.48 -33.28
N VAL B 483 75.39 57.56 -32.43
CA VAL B 483 74.53 56.46 -32.88
C VAL B 483 73.07 56.77 -32.54
N LEU B 484 72.76 58.05 -32.36
CA LEU B 484 71.38 58.47 -32.16
C LEU B 484 70.48 57.96 -33.26
N ASP B 485 70.96 57.98 -34.51
CA ASP B 485 70.22 57.51 -35.66
C ASP B 485 70.75 56.19 -36.21
N VAL B 486 71.96 55.78 -35.83
CA VAL B 486 72.53 54.54 -36.32
C VAL B 486 71.74 53.36 -35.78
N ASP B 487 71.73 52.26 -36.53
CA ASP B 487 71.01 51.08 -36.11
C ASP B 487 71.69 50.44 -34.89
N PRO B 488 70.94 49.73 -34.06
CA PRO B 488 71.57 49.02 -32.95
C PRO B 488 72.31 47.78 -33.42
N VAL B 489 73.49 47.57 -32.86
CA VAL B 489 74.41 46.54 -33.33
C VAL B 489 74.73 45.59 -32.18
N TYR B 490 74.81 44.30 -32.50
CA TYR B 490 75.34 43.30 -31.57
C TYR B 490 76.86 43.35 -31.62
N LYS B 491 77.47 43.84 -30.56
CA LYS B 491 78.90 43.89 -30.40
C LYS B 491 79.26 43.24 -29.07
N ASP B 492 80.00 42.14 -29.14
CA ASP B 492 80.41 41.39 -27.96
C ASP B 492 81.81 41.86 -27.56
N VAL B 493 81.96 42.25 -26.28
CA VAL B 493 83.21 42.80 -25.78
C VAL B 493 83.75 42.03 -24.59
N ALA B 494 83.14 40.90 -24.21
CA ALA B 494 83.68 40.09 -23.13
C ALA B 494 85.02 39.51 -23.54
N LYS B 495 85.88 39.28 -22.56
CA LYS B 495 87.18 38.71 -22.83
C LYS B 495 87.00 37.24 -23.23
N PRO B 496 87.54 36.79 -24.36
CA PRO B 496 87.52 35.36 -24.63
C PRO B 496 88.25 34.59 -23.53
N THR B 497 87.65 33.47 -23.13
CA THR B 497 88.17 32.63 -22.06
C THR B 497 88.31 31.21 -22.59
N GLY B 498 89.46 30.59 -22.32
CA GLY B 498 89.67 29.20 -22.65
C GLY B 498 89.46 28.31 -21.44
N PRO B 499 89.59 27.00 -21.64
CA PRO B 499 89.45 26.07 -20.51
C PRO B 499 90.75 25.93 -19.73
N LYS B 500 90.60 25.72 -18.42
CA LYS B 500 91.75 25.44 -17.57
C LYS B 500 91.33 24.39 -16.56
N THR B 501 91.95 23.22 -16.62
CA THR B 501 91.70 22.14 -15.66
C THR B 501 92.95 21.95 -14.81
N ALA B 502 92.76 21.96 -13.49
CA ALA B 502 93.84 21.85 -12.53
C ALA B 502 93.52 20.72 -11.55
N ILE B 503 94.56 19.96 -11.20
CA ILE B 503 94.45 18.88 -10.22
C ILE B 503 95.28 19.27 -9.02
N ASP B 504 94.63 19.45 -7.87
CA ASP B 504 95.31 19.79 -6.64
C ASP B 504 96.17 18.62 -6.17
N LYS B 505 96.99 18.89 -5.15
CA LYS B 505 97.82 17.83 -4.58
C LYS B 505 96.97 16.71 -3.98
N ASN B 506 95.78 17.03 -3.48
CA ASN B 506 94.86 16.06 -2.92
C ASN B 506 93.91 15.48 -3.97
N GLY B 507 94.25 15.60 -5.24
CA GLY B 507 93.41 15.04 -6.30
C GLY B 507 92.06 15.71 -6.44
N ASN B 508 92.01 17.03 -6.32
CA ASN B 508 90.78 17.80 -6.50
C ASN B 508 90.83 18.47 -7.87
N ILE B 509 89.81 18.20 -8.69
CA ILE B 509 89.74 18.74 -10.04
C ILE B 509 88.99 20.06 -9.99
N THR B 510 89.63 21.10 -10.51
CA THR B 510 89.05 22.44 -10.60
C THR B 510 89.06 22.87 -12.06
N TYR B 511 87.90 23.29 -12.56
CA TYR B 511 87.77 23.83 -13.90
C TYR B 511 87.48 25.31 -13.82
N SER B 512 88.20 26.10 -14.63
CA SER B 512 88.03 27.54 -14.67
C SER B 512 88.07 28.04 -16.10
N GLU B 513 87.42 29.18 -16.32
CA GLU B 513 87.38 29.86 -17.62
C GLU B 513 88.38 31.01 -17.58
N GLU B 514 89.65 30.68 -17.69
CA GLU B 514 90.65 31.74 -17.60
C GLU B 514 90.70 32.52 -18.92
N PRO B 515 90.95 33.83 -18.88
CA PRO B 515 91.15 34.57 -20.13
C PRO B 515 92.32 33.98 -20.91
N ARG B 516 92.16 33.94 -22.24
CA ARG B 516 93.23 33.47 -23.09
C ARG B 516 94.33 34.51 -23.18
N GLU B 517 95.58 34.07 -23.02
CA GLU B 517 96.71 34.98 -23.12
C GLU B 517 96.85 35.55 -24.52
N LYS B 518 96.76 34.69 -25.54
CA LYS B 518 97.00 35.14 -26.91
C LYS B 518 95.83 35.96 -27.44
N VAL B 519 94.60 35.56 -27.12
CA VAL B 519 93.39 36.16 -27.66
C VAL B 519 92.73 36.98 -26.55
N ARG B 520 92.43 38.23 -26.84
CA ARG B 520 91.91 39.16 -25.85
C ARG B 520 90.66 39.91 -26.33
N LYS B 521 90.38 39.92 -27.63
CA LYS B 521 89.23 40.60 -28.20
C LYS B 521 88.52 39.65 -29.16
N LEU B 522 87.29 40.00 -29.52
CA LEU B 522 86.58 39.22 -30.52
C LEU B 522 87.24 39.35 -31.89
N SER B 523 87.85 40.50 -32.17
CA SER B 523 88.63 40.64 -33.40
C SER B 523 89.77 39.63 -33.42
N GLN B 524 90.54 39.56 -32.33
CA GLN B 524 91.63 38.58 -32.25
C GLN B 524 91.11 37.16 -32.31
N TYR B 525 89.93 36.91 -31.75
CA TYR B 525 89.31 35.60 -31.90
C TYR B 525 89.09 35.27 -33.37
N VAL B 526 88.56 36.23 -34.13
CA VAL B 526 88.31 35.99 -35.56
C VAL B 526 89.63 35.74 -36.29
N GLN B 527 90.66 36.53 -35.97
CA GLN B 527 91.98 36.28 -36.56
C GLN B 527 92.48 34.88 -36.25
N GLU B 528 92.27 34.42 -35.01
CA GLU B 528 92.72 33.08 -34.65
C GLU B 528 91.96 32.02 -35.42
N MET B 529 90.65 32.21 -35.62
CA MET B 529 89.90 31.24 -36.40
C MET B 529 90.39 31.20 -37.84
N ALA B 530 90.66 32.37 -38.43
CA ALA B 530 91.18 32.41 -39.78
C ALA B 530 92.54 31.73 -39.88
N LEU B 531 93.42 31.99 -38.92
CA LEU B 531 94.75 31.39 -38.94
C LEU B 531 94.68 29.88 -38.82
N GLY B 532 93.83 29.38 -37.93
CA GLY B 532 93.78 27.95 -37.69
C GLY B 532 94.93 27.50 -36.80
N GLY B 533 95.44 26.30 -37.09
CA GLY B 533 96.55 25.75 -36.37
C GLY B 533 97.25 24.68 -37.19
N PRO B 534 98.32 24.09 -36.65
CA PRO B 534 99.02 23.04 -37.39
C PRO B 534 98.13 21.86 -37.76
N ILE B 535 97.21 21.48 -36.89
CA ILE B 535 96.38 20.30 -37.15
C ILE B 535 95.44 20.55 -38.32
N THR B 536 95.04 21.82 -38.52
CA THR B 536 94.12 22.13 -39.60
C THR B 536 94.81 22.18 -40.96
N LYS B 537 96.13 22.21 -40.99
CA LYS B 537 96.85 22.18 -42.25
C LYS B 537 96.69 20.83 -42.93
N GLU B 538 96.71 20.82 -44.25
CA GLU B 538 96.63 19.60 -45.04
C GLU B 538 97.66 19.64 -46.15
N SER B 539 98.06 18.45 -46.60
CA SER B 539 99.04 18.34 -47.68
C SER B 539 98.53 18.98 -48.97
N SER B 623 92.62 47.77 -43.79
CA SER B 623 92.98 47.85 -45.20
C SER B 623 92.85 46.48 -45.87
N LYS B 624 93.32 45.45 -45.17
CA LYS B 624 93.26 44.08 -45.65
C LYS B 624 92.37 43.26 -44.70
N THR B 625 91.46 42.49 -45.27
CA THR B 625 90.55 41.69 -44.46
C THR B 625 91.28 40.54 -43.79
N VAL B 626 90.64 39.96 -42.78
CA VAL B 626 91.22 38.82 -42.07
C VAL B 626 91.30 37.60 -42.99
N SER B 627 90.47 37.55 -44.02
CA SER B 627 90.55 36.44 -44.97
C SER B 627 91.85 36.49 -45.77
N SER B 628 92.55 37.61 -45.75
CA SER B 628 93.89 37.66 -46.34
C SER B 628 94.92 36.95 -45.48
N THR B 629 94.79 37.01 -44.17
CA THR B 629 95.77 36.46 -43.24
C THR B 629 95.71 34.95 -43.11
N ILE B 630 94.68 34.32 -43.66
CA ILE B 630 94.60 32.85 -43.63
C ILE B 630 95.82 32.28 -44.34
N PRO B 631 96.52 31.30 -43.77
CA PRO B 631 97.64 30.69 -44.51
C PRO B 631 97.17 29.80 -45.65
N ARG B 632 98.04 29.67 -46.64
CA ARG B 632 97.74 28.86 -47.80
C ARG B 632 97.69 27.38 -47.42
N GLU B 633 96.78 26.64 -48.06
CA GLU B 633 96.67 25.20 -47.87
C GLU B 633 96.33 24.88 -46.42
N THR B 634 95.39 25.65 -45.87
CA THR B 634 94.96 25.51 -44.48
C THR B 634 93.44 25.48 -44.45
N ILE B 635 92.91 24.95 -43.34
CA ILE B 635 91.47 24.98 -43.08
C ILE B 635 91.29 25.89 -41.87
N PRO B 636 90.55 27.00 -41.97
CA PRO B 636 90.29 27.78 -40.76
C PRO B 636 89.41 27.01 -39.78
N PHE B 637 89.48 27.42 -38.52
CA PHE B 637 88.66 26.78 -37.49
C PHE B 637 87.18 26.94 -37.79
N LEU B 638 86.77 28.14 -38.20
CA LEU B 638 85.43 28.39 -38.72
C LEU B 638 85.53 28.58 -40.21
N HIS B 639 84.73 27.84 -40.97
CA HIS B 639 84.72 28.01 -42.41
C HIS B 639 83.33 27.70 -42.93
N LEU B 640 83.11 27.99 -44.20
CA LEU B 640 81.92 27.54 -44.91
C LEU B 640 82.34 26.52 -45.94
N ARG B 641 81.53 25.48 -46.12
CA ARG B 641 81.80 24.45 -47.09
C ARG B 641 80.97 24.66 -48.34
N LYS B 642 81.42 24.05 -49.43
CA LYS B 642 80.71 24.07 -50.70
C LYS B 642 80.45 22.64 -51.15
N LYS B 643 79.26 22.39 -51.65
CA LYS B 643 78.91 21.07 -52.14
C LYS B 643 79.55 20.87 -53.51
N THR B 644 80.41 19.86 -53.62
CA THR B 644 81.05 19.55 -54.87
C THR B 644 80.07 18.87 -55.83
N PRO B 645 80.39 18.81 -57.12
CA PRO B 645 79.50 18.10 -58.06
C PRO B 645 79.28 16.65 -57.69
N ALA B 646 80.24 16.02 -56.99
CA ALA B 646 80.06 14.65 -56.53
C ALA B 646 79.04 14.53 -55.40
N GLY B 647 78.63 15.65 -54.80
CA GLY B 647 77.59 15.64 -53.79
C GLY B 647 78.06 15.73 -52.36
N ASP B 648 79.35 15.93 -52.11
CA ASP B 648 79.90 16.03 -50.77
C ASP B 648 80.44 17.44 -50.53
N TRP B 649 80.41 17.86 -49.28
CA TRP B 649 80.74 19.23 -48.90
C TRP B 649 82.22 19.33 -48.54
N LYS B 650 82.93 20.22 -49.22
CA LYS B 650 84.34 20.48 -48.99
C LYS B 650 84.52 21.93 -48.56
N TYR B 651 85.62 22.18 -47.86
CA TYR B 651 86.01 23.53 -47.49
C TYR B 651 86.16 24.40 -48.73
N ASP B 652 85.58 25.60 -48.69
CA ASP B 652 85.61 26.54 -49.79
C ASP B 652 86.27 27.84 -49.35
N ARG B 653 87.35 28.21 -50.03
CA ARG B 653 88.05 29.45 -49.71
C ARG B 653 87.13 30.66 -49.83
N GLN B 654 86.38 30.78 -50.92
CA GLN B 654 85.58 31.99 -51.14
C GLN B 654 84.52 32.16 -50.05
N LEU B 655 83.72 31.13 -49.81
CA LEU B 655 82.66 31.23 -48.82
C LEU B 655 83.23 31.41 -47.42
N SER B 656 84.31 30.70 -47.10
CA SER B 656 84.93 30.86 -45.79
C SER B 656 85.47 32.27 -45.60
N SER B 657 86.08 32.83 -46.64
CA SER B 657 86.56 34.21 -46.57
C SER B 657 85.41 35.17 -46.34
N LEU B 658 84.30 34.97 -47.04
CA LEU B 658 83.13 35.83 -46.85
C LEU B 658 82.63 35.75 -45.41
N PHE B 659 82.55 34.54 -44.86
CA PHE B 659 82.06 34.36 -43.50
C PHE B 659 83.03 34.97 -42.48
N LEU B 660 84.34 34.79 -42.68
CA LEU B 660 85.32 35.37 -41.76
C LEU B 660 85.31 36.89 -41.85
N ASP B 661 85.15 37.44 -43.05
CA ASP B 661 85.06 38.90 -43.18
C ASP B 661 83.83 39.43 -42.47
N GLY B 662 82.71 38.72 -42.59
CA GLY B 662 81.52 39.10 -41.83
C GLY B 662 81.77 39.04 -40.33
N LEU B 663 82.49 38.00 -39.88
CA LEU B 663 82.81 37.90 -38.46
C LEU B 663 83.71 39.05 -38.01
N GLU B 664 84.68 39.43 -38.83
CA GLU B 664 85.54 40.55 -38.48
C GLU B 664 84.73 41.84 -38.36
N LYS B 665 83.83 42.07 -39.32
CA LYS B 665 82.98 43.26 -39.24
C LYS B 665 82.10 43.24 -38.00
N ALA B 666 81.55 42.07 -37.67
CA ALA B 666 80.74 41.95 -36.46
C ALA B 666 81.58 42.22 -35.22
N ALA B 667 82.81 41.70 -35.18
CA ALA B 667 83.65 41.87 -34.00
C ALA B 667 84.06 43.33 -33.81
N PHE B 668 84.36 44.03 -34.91
CA PHE B 668 84.85 45.40 -34.80
C PHE B 668 83.71 46.41 -34.75
N ASN B 669 82.89 46.46 -35.79
CA ASN B 669 81.83 47.45 -35.90
C ASN B 669 80.54 47.02 -35.22
N GLY B 670 80.35 45.74 -34.97
CA GLY B 670 79.08 45.24 -34.52
C GLY B 670 78.14 44.99 -35.68
N VAL B 671 77.24 44.02 -35.50
CA VAL B 671 76.30 43.61 -36.53
C VAL B 671 74.89 43.93 -36.05
N THR B 672 74.11 44.59 -36.89
CA THR B 672 72.73 44.91 -36.59
C THR B 672 71.82 43.78 -37.05
N PHE B 673 70.69 43.64 -36.39
CA PHE B 673 69.63 42.72 -36.78
C PHE B 673 68.30 43.46 -36.79
N LYS B 674 68.32 44.74 -37.12
CA LYS B 674 67.09 45.50 -37.27
C LYS B 674 66.20 44.89 -38.34
N ASP B 675 64.90 44.95 -38.10
CA ASP B 675 63.90 44.42 -39.04
C ASP B 675 64.14 42.94 -39.35
N LYS B 676 64.72 42.23 -38.39
CA LYS B 676 64.93 40.79 -38.48
C LYS B 676 64.02 40.11 -37.49
N TYR B 677 63.06 39.33 -37.99
CA TYR B 677 62.14 38.59 -37.16
C TYR B 677 62.62 37.15 -37.04
N VAL B 678 62.95 36.76 -35.82
CA VAL B 678 63.58 35.48 -35.53
C VAL B 678 62.65 34.69 -34.63
N LEU B 679 62.64 33.38 -34.84
CA LEU B 679 62.03 32.43 -33.92
C LEU B 679 63.14 31.53 -33.40
N ILE B 680 63.38 31.55 -32.10
CA ILE B 680 64.42 30.74 -31.49
C ILE B 680 63.80 29.81 -30.45
N THR B 681 64.10 28.52 -30.57
CA THR B 681 63.71 27.53 -29.59
C THR B 681 64.96 26.96 -28.94
N GLY B 682 64.85 26.58 -27.68
CA GLY B 682 65.99 26.05 -26.96
C GLY B 682 66.97 27.12 -26.52
N ALA B 683 66.47 28.20 -25.93
CA ALA B 683 67.29 29.32 -25.46
C ALA B 683 67.13 29.55 -23.97
N GLY B 684 67.13 28.50 -23.16
CA GLY B 684 67.10 28.66 -21.73
C GLY B 684 68.44 29.10 -21.18
N LYS B 685 68.46 29.43 -19.89
CA LYS B 685 69.69 29.85 -19.24
C LYS B 685 70.75 28.76 -19.36
N GLY B 686 71.98 29.18 -19.64
CA GLY B 686 73.08 28.24 -19.77
C GLY B 686 73.13 27.50 -21.07
N SER B 687 72.53 28.01 -22.12
CA SER B 687 72.53 27.38 -23.43
C SER B 687 73.12 28.32 -24.46
N ILE B 688 73.48 27.75 -25.61
CA ILE B 688 73.95 28.56 -26.74
C ILE B 688 72.83 29.46 -27.22
N GLY B 689 71.59 28.97 -27.20
CA GLY B 689 70.47 29.76 -27.66
C GLY B 689 70.26 31.02 -26.84
N ALA B 690 70.54 30.95 -25.54
CA ALA B 690 70.40 32.14 -24.71
C ALA B 690 71.36 33.24 -25.13
N GLU B 691 72.61 32.88 -25.43
CA GLU B 691 73.58 33.86 -25.90
C GLU B 691 73.25 34.35 -27.31
N VAL B 692 72.74 33.46 -28.17
CA VAL B 692 72.31 33.89 -29.49
C VAL B 692 71.14 34.87 -29.38
N LEU B 693 70.22 34.61 -28.45
CA LEU B 693 69.10 35.51 -28.23
C LEU B 693 69.56 36.84 -27.68
N GLN B 694 70.55 36.82 -26.77
CA GLN B 694 71.12 38.07 -26.27
C GLN B 694 71.71 38.88 -27.42
N GLY B 695 72.45 38.23 -28.31
CA GLY B 695 73.00 38.92 -29.45
C GLY B 695 71.93 39.47 -30.37
N LEU B 696 70.88 38.69 -30.61
CA LEU B 696 69.80 39.16 -31.47
C LEU B 696 69.12 40.38 -30.88
N LEU B 697 68.86 40.36 -29.57
CA LEU B 697 68.24 41.51 -28.91
C LEU B 697 69.17 42.73 -28.97
N GLN B 698 70.47 42.52 -28.80
CA GLN B 698 71.41 43.61 -28.97
C GLN B 698 71.32 44.20 -30.37
N GLY B 699 71.28 43.35 -31.39
CA GLY B 699 71.21 43.75 -32.77
C GLY B 699 69.89 44.31 -33.19
N GLY B 700 68.87 44.22 -32.36
CA GLY B 700 67.61 44.87 -32.64
C GLY B 700 66.54 43.96 -33.20
N ALA B 701 66.74 42.66 -33.15
CA ALA B 701 65.82 41.71 -33.76
C ALA B 701 64.53 41.63 -32.96
N LYS B 702 63.47 41.24 -33.66
CA LYS B 702 62.20 40.87 -33.04
C LYS B 702 62.23 39.35 -32.86
N VAL B 703 62.50 38.90 -31.64
CA VAL B 703 62.74 37.49 -31.38
C VAL B 703 61.55 36.90 -30.63
N VAL B 704 61.02 35.82 -31.16
CA VAL B 704 60.08 34.95 -30.43
C VAL B 704 60.91 33.84 -29.84
N VAL B 705 61.15 33.91 -28.53
CA VAL B 705 61.84 32.84 -27.80
C VAL B 705 60.80 31.92 -27.21
N THR B 706 61.02 30.63 -27.38
CA THR B 706 60.14 29.62 -26.82
C THR B 706 60.81 29.02 -25.59
N THR B 707 60.00 28.57 -24.63
CA THR B 707 60.52 27.91 -23.44
C THR B 707 59.62 26.74 -23.06
N SER B 708 60.25 25.61 -22.74
CA SER B 708 59.53 24.45 -22.24
C SER B 708 59.39 24.43 -20.73
N ARG B 709 59.97 25.40 -20.03
CA ARG B 709 59.92 25.52 -18.59
C ARG B 709 59.26 26.83 -18.17
N PHE B 710 58.14 27.16 -18.82
CA PHE B 710 57.49 28.44 -18.59
C PHE B 710 57.06 28.59 -17.14
N SER B 711 57.58 29.63 -16.49
CA SER B 711 57.32 29.86 -15.08
C SER B 711 57.77 31.28 -14.74
N LYS B 712 57.57 31.67 -13.48
CA LYS B 712 57.97 32.99 -13.04
C LYS B 712 59.48 33.17 -13.15
N GLN B 713 60.25 32.15 -12.77
CA GLN B 713 61.70 32.25 -12.85
C GLN B 713 62.16 32.46 -14.29
N VAL B 714 61.59 31.70 -15.23
CA VAL B 714 62.00 31.80 -16.62
C VAL B 714 61.57 33.14 -17.21
N THR B 715 60.35 33.58 -16.92
CA THR B 715 59.89 34.86 -17.45
C THR B 715 60.71 36.01 -16.88
N ASP B 716 61.07 35.94 -15.60
CA ASP B 716 61.94 36.95 -15.01
C ASP B 716 63.32 36.94 -15.66
N TYR B 717 63.84 35.74 -15.94
CA TYR B 717 65.13 35.63 -16.59
C TYR B 717 65.10 36.29 -17.96
N TYR B 718 64.05 36.03 -18.74
CA TYR B 718 63.96 36.64 -20.07
C TYR B 718 63.69 38.14 -19.97
N GLN B 719 62.95 38.58 -18.96
CA GLN B 719 62.75 40.02 -18.78
C GLN B 719 64.06 40.71 -18.44
N SER B 720 64.88 40.09 -17.59
CA SER B 720 66.17 40.67 -17.26
C SER B 720 67.07 40.71 -18.49
N ILE B 721 67.02 39.67 -19.32
CA ILE B 721 67.78 39.69 -20.56
C ILE B 721 67.30 40.82 -21.46
N TYR B 722 65.99 41.03 -21.55
CA TYR B 722 65.52 42.11 -22.41
C TYR B 722 65.86 43.47 -21.83
N ALA B 723 65.84 43.60 -20.51
CA ALA B 723 66.18 44.87 -19.89
C ALA B 723 67.66 45.17 -20.01
N LYS B 724 68.49 44.13 -20.15
CA LYS B 724 69.91 44.34 -20.32
C LYS B 724 70.29 44.54 -21.79
N TYR B 725 69.84 43.67 -22.68
CA TYR B 725 70.29 43.64 -24.07
C TYR B 725 69.24 43.99 -25.10
N GLY B 726 68.06 44.47 -24.71
CA GLY B 726 67.01 44.72 -25.66
C GLY B 726 67.13 46.08 -26.31
N ALA B 727 67.70 46.10 -27.50
CA ALA B 727 68.01 47.35 -28.18
C ALA B 727 66.74 48.06 -28.61
N LYS B 728 66.90 49.31 -29.03
CA LYS B 728 65.78 50.05 -29.58
C LYS B 728 65.23 49.31 -30.80
N GLY B 729 63.92 49.10 -30.81
CA GLY B 729 63.29 48.38 -31.88
C GLY B 729 63.16 46.89 -31.65
N SER B 730 63.90 46.32 -30.71
CA SER B 730 63.83 44.88 -30.44
C SER B 730 62.62 44.59 -29.58
N THR B 731 62.04 43.40 -29.78
CA THR B 731 60.93 42.93 -29.00
C THR B 731 61.15 41.45 -28.72
N LEU B 732 61.01 41.07 -27.45
CA LEU B 732 61.16 39.68 -27.03
C LEU B 732 59.79 39.11 -26.70
N ILE B 733 59.39 38.06 -27.41
CA ILE B 733 58.14 37.36 -27.16
C ILE B 733 58.47 36.01 -26.55
N VAL B 734 58.33 35.90 -25.24
CA VAL B 734 58.55 34.65 -24.53
C VAL B 734 57.24 33.88 -24.53
N VAL B 735 57.25 32.70 -25.14
CA VAL B 735 56.04 31.88 -25.20
C VAL B 735 56.33 30.51 -24.59
N PRO B 736 55.36 29.89 -23.90
CA PRO B 736 55.52 28.47 -23.57
C PRO B 736 55.41 27.64 -24.83
N PHE B 737 56.11 26.51 -24.84
CA PHE B 737 56.22 25.74 -26.06
C PHE B 737 56.77 24.36 -25.75
N ASN B 738 56.22 23.37 -26.44
CA ASN B 738 56.76 22.01 -26.42
C ASN B 738 57.05 21.66 -27.87
N GLN B 739 58.34 21.69 -28.22
CA GLN B 739 58.74 21.34 -29.58
C GLN B 739 58.49 19.87 -29.90
N GLY B 740 58.21 19.06 -28.89
CA GLY B 740 57.87 17.68 -29.11
C GLY B 740 56.43 17.43 -29.51
N SER B 741 55.60 18.46 -29.58
CA SER B 741 54.21 18.32 -29.99
C SER B 741 53.94 19.14 -31.25
N LYS B 742 53.47 18.45 -32.29
CA LYS B 742 53.17 19.12 -33.55
C LYS B 742 52.01 20.09 -33.39
N GLN B 743 51.10 19.83 -32.46
CA GLN B 743 50.05 20.80 -32.18
C GLN B 743 50.64 22.11 -31.71
N ASP B 744 51.63 22.05 -30.82
CA ASP B 744 52.28 23.28 -30.37
C ASP B 744 53.09 23.91 -31.49
N VAL B 745 53.73 23.09 -32.33
CA VAL B 745 54.47 23.65 -33.46
C VAL B 745 53.54 24.46 -34.36
N GLU B 746 52.42 23.83 -34.75
CA GLU B 746 51.45 24.49 -35.61
C GLU B 746 50.86 25.72 -34.93
N ALA B 747 50.51 25.60 -33.64
CA ALA B 747 49.90 26.71 -32.93
C ALA B 747 50.86 27.88 -32.80
N LEU B 748 52.14 27.61 -32.51
CA LEU B 748 53.12 28.68 -32.42
C LEU B 748 53.31 29.38 -33.75
N ILE B 749 53.40 28.61 -34.84
CA ILE B 749 53.60 29.25 -36.15
C ILE B 749 52.36 30.05 -36.52
N GLU B 750 51.18 29.51 -36.25
CA GLU B 750 49.94 30.25 -36.49
C GLU B 750 49.89 31.52 -35.67
N PHE B 751 50.33 31.46 -34.42
CA PHE B 751 50.36 32.65 -33.57
C PHE B 751 51.34 33.69 -34.10
N ILE B 752 52.50 33.25 -34.57
CA ILE B 752 53.49 34.19 -35.12
C ILE B 752 52.96 34.84 -36.38
N TYR B 753 52.22 34.11 -37.20
CA TYR B 753 51.81 34.60 -38.51
C TYR B 753 50.43 35.24 -38.53
N ASP B 754 49.63 35.07 -37.49
CA ASP B 754 48.31 35.65 -37.45
C ASP B 754 48.42 37.15 -37.29
N THR B 755 47.36 37.85 -37.70
CA THR B 755 47.32 39.29 -37.51
C THR B 755 47.16 39.60 -36.03
N GLU B 756 47.60 40.81 -35.65
CA GLU B 756 47.43 41.26 -34.27
C GLU B 756 45.96 41.31 -33.88
N LYS B 757 45.09 41.62 -34.84
CA LYS B 757 43.65 41.67 -34.55
C LYS B 757 43.13 40.30 -34.17
N ASN B 758 43.64 39.24 -34.80
CA ASN B 758 43.22 37.87 -34.52
C ASN B 758 43.96 37.26 -33.33
N GLY B 759 44.66 38.06 -32.54
CA GLY B 759 45.38 37.56 -31.39
C GLY B 759 46.78 37.08 -31.66
N GLY B 760 47.27 37.19 -32.90
CA GLY B 760 48.62 36.82 -33.23
C GLY B 760 49.59 37.96 -33.10
N LEU B 761 50.77 37.79 -33.69
CA LEU B 761 51.80 38.82 -33.73
C LEU B 761 51.85 39.58 -35.04
N GLY B 762 51.32 39.03 -36.13
CA GLY B 762 51.46 39.67 -37.42
C GLY B 762 52.90 39.75 -37.89
N TRP B 763 53.70 38.74 -37.57
CA TRP B 763 55.11 38.71 -37.90
C TRP B 763 55.35 37.75 -39.05
N ASP B 764 56.41 38.01 -39.80
CA ASP B 764 56.90 37.12 -40.84
C ASP B 764 58.35 36.81 -40.51
N LEU B 765 58.66 35.54 -40.27
CA LEU B 765 59.97 35.17 -39.74
C LEU B 765 61.05 35.34 -40.79
N ASP B 766 62.12 36.05 -40.41
CA ASP B 766 63.33 36.12 -41.21
C ASP B 766 64.33 35.04 -40.86
N ALA B 767 64.28 34.52 -39.63
CA ALA B 767 65.22 33.48 -39.22
C ALA B 767 64.52 32.51 -38.29
N ILE B 768 64.94 31.25 -38.37
CA ILE B 768 64.47 30.19 -37.48
C ILE B 768 65.69 29.48 -36.91
N ILE B 769 65.74 29.39 -35.59
CA ILE B 769 66.88 28.85 -34.85
C ILE B 769 66.31 27.80 -33.91
N PRO B 770 66.04 26.58 -34.39
CA PRO B 770 65.42 25.56 -33.54
C PRO B 770 66.45 24.73 -32.75
N PHE B 771 66.95 25.34 -31.68
CA PHE B 771 67.97 24.73 -30.83
C PHE B 771 67.37 23.92 -29.69
N ALA B 772 66.05 23.79 -29.62
CA ALA B 772 65.44 23.00 -28.56
C ALA B 772 65.88 21.54 -28.68
N ALA B 773 66.13 20.93 -27.53
CA ALA B 773 66.78 19.63 -27.45
C ALA B 773 66.57 19.10 -26.05
N ILE B 774 66.64 17.79 -25.90
CA ILE B 774 66.69 17.17 -24.58
C ILE B 774 67.89 16.23 -24.54
N PRO B 775 68.59 16.12 -23.42
CA PRO B 775 69.80 15.29 -23.40
C PRO B 775 69.47 13.81 -23.45
N GLU B 776 70.47 13.04 -23.87
CA GLU B 776 70.40 11.58 -23.90
C GLU B 776 71.76 11.06 -23.46
N GLN B 777 71.82 10.49 -22.26
CA GLN B 777 73.07 9.97 -21.72
C GLN B 777 72.90 8.49 -21.40
N GLY B 778 73.90 7.71 -21.81
CA GLY B 778 73.88 6.28 -21.54
C GLY B 778 72.70 5.58 -22.18
N ILE B 779 72.29 6.03 -23.36
CA ILE B 779 71.24 5.39 -24.13
C ILE B 779 71.89 4.88 -25.41
N GLU B 780 72.36 3.66 -25.38
CA GLU B 780 72.95 3.01 -26.55
C GLU B 780 71.83 2.51 -27.46
N LEU B 781 72.20 1.76 -28.49
CA LEU B 781 71.25 1.20 -29.42
C LEU B 781 70.20 0.35 -28.70
N GLU B 782 70.63 -0.55 -27.83
CA GLU B 782 69.71 -1.43 -27.13
C GLU B 782 68.79 -0.68 -26.18
N HIS B 783 69.12 0.56 -25.83
CA HIS B 783 68.34 1.36 -24.91
C HIS B 783 67.42 2.37 -25.59
N ILE B 784 67.40 2.41 -26.93
CA ILE B 784 66.51 3.33 -27.63
C ILE B 784 65.07 2.98 -27.31
N ASP B 785 64.30 3.98 -26.91
CA ASP B 785 63.02 3.77 -26.24
C ASP B 785 62.19 5.05 -26.39
N SER B 786 61.21 5.20 -25.51
CA SER B 786 60.31 6.35 -25.55
C SER B 786 61.06 7.68 -25.49
N LYS B 787 62.04 7.80 -24.58
CA LYS B 787 62.77 9.05 -24.46
C LYS B 787 63.52 9.38 -25.74
N SER B 788 64.17 8.38 -26.34
CA SER B 788 64.93 8.62 -27.56
C SER B 788 64.00 8.97 -28.71
N GLU B 789 62.85 8.30 -28.79
CA GLU B 789 61.89 8.60 -29.84
C GLU B 789 61.34 10.02 -29.69
N PHE B 790 61.01 10.43 -28.46
CA PHE B 790 60.53 11.79 -28.23
C PHE B 790 61.61 12.82 -28.53
N ALA B 791 62.85 12.54 -28.13
CA ALA B 791 63.96 13.45 -28.42
C ALA B 791 64.16 13.58 -29.92
N HIS B 792 64.08 12.46 -30.65
CA HIS B 792 64.20 12.50 -32.09
C HIS B 792 63.07 13.31 -32.70
N ARG B 793 61.85 13.16 -32.16
CA ARG B 793 60.75 13.96 -32.65
C ARG B 793 61.06 15.45 -32.51
N ILE B 794 61.45 15.88 -31.30
CA ILE B 794 61.79 17.28 -31.07
C ILE B 794 62.88 17.73 -32.03
N MET B 795 63.96 16.99 -32.10
CA MET B 795 65.19 17.46 -32.73
C MET B 795 65.14 17.39 -34.24
N LEU B 796 64.32 16.51 -34.82
CA LEU B 796 64.27 16.34 -36.25
C LEU B 796 62.87 16.53 -36.81
N THR B 797 61.88 15.78 -36.31
CA THR B 797 60.60 15.71 -36.98
C THR B 797 59.82 17.00 -36.78
N ASN B 798 59.81 17.52 -35.56
CA ASN B 798 59.04 18.73 -35.31
C ASN B 798 59.77 19.97 -35.80
N ILE B 799 61.09 19.89 -36.00
CA ILE B 799 61.77 20.96 -36.72
C ILE B 799 61.35 20.94 -38.18
N LEU B 800 61.27 19.77 -38.79
CA LEU B 800 60.76 19.69 -40.16
C LEU B 800 59.33 20.18 -40.25
N ARG B 801 58.51 19.85 -39.23
CA ARG B 801 57.14 20.34 -39.19
C ARG B 801 57.10 21.86 -39.02
N MET B 802 58.01 22.42 -38.23
CA MET B 802 58.04 23.86 -38.02
C MET B 802 58.42 24.59 -39.30
N MET B 803 59.43 24.07 -40.01
CA MET B 803 59.79 24.65 -41.30
C MET B 803 58.66 24.48 -42.32
N GLY B 804 57.98 23.33 -42.30
CA GLY B 804 56.80 23.17 -43.15
C GLY B 804 55.70 24.15 -42.82
N CYS B 805 55.48 24.40 -41.52
CA CYS B 805 54.45 25.36 -41.12
C CYS B 805 54.80 26.77 -41.57
N VAL B 806 56.06 27.16 -41.43
CA VAL B 806 56.48 28.47 -41.90
C VAL B 806 56.32 28.57 -43.41
N LYS B 807 56.69 27.52 -44.12
CA LYS B 807 56.47 27.47 -45.57
C LYS B 807 54.99 27.65 -45.90
N LYS B 808 54.12 26.94 -45.19
CA LYS B 808 52.69 27.00 -45.49
C LYS B 808 52.14 28.40 -45.22
N GLN B 809 52.56 29.03 -44.13
CA GLN B 809 52.10 30.38 -43.84
C GLN B 809 52.55 31.36 -44.92
N LYS B 810 53.83 31.30 -45.30
CA LYS B 810 54.35 32.20 -46.30
C LYS B 810 53.67 31.98 -47.65
N SER B 811 53.39 30.72 -48.00
CA SER B 811 52.76 30.44 -49.28
C SER B 811 51.30 30.86 -49.29
N ALA B 812 50.60 30.65 -48.17
CA ALA B 812 49.22 31.13 -48.08
C ALA B 812 49.16 32.64 -48.17
N ARG B 813 50.16 33.33 -47.63
CA ARG B 813 50.24 34.78 -47.71
C ARG B 813 50.92 35.26 -48.98
N GLY B 814 51.36 34.35 -49.84
CA GLY B 814 51.99 34.73 -51.09
C GLY B 814 53.32 35.41 -50.89
N ILE B 815 54.11 34.94 -49.94
CA ILE B 815 55.41 35.51 -49.62
C ILE B 815 56.48 34.63 -50.28
N GLU B 816 57.07 35.13 -51.35
CA GLU B 816 58.10 34.41 -52.10
C GLU B 816 59.46 35.06 -51.97
N THR B 817 59.50 36.33 -51.54
CA THR B 817 60.72 37.12 -51.53
C THR B 817 61.18 37.49 -50.12
N ARG B 818 60.73 36.77 -49.11
CA ARG B 818 61.21 36.94 -47.73
C ARG B 818 61.42 35.57 -47.11
N PRO B 819 62.45 34.85 -47.54
CA PRO B 819 62.73 33.55 -46.94
C PRO B 819 63.18 33.68 -45.48
N ALA B 820 62.83 32.67 -44.70
CA ALA B 820 63.30 32.52 -43.34
C ALA B 820 64.58 31.69 -43.37
N GLN B 821 65.62 32.20 -42.72
CA GLN B 821 66.91 31.51 -42.68
C GLN B 821 66.86 30.53 -41.50
N VAL B 822 66.77 29.25 -41.81
CA VAL B 822 66.73 28.20 -40.81
C VAL B 822 68.17 27.84 -40.46
N ILE B 823 68.59 28.18 -39.24
CA ILE B 823 69.93 27.87 -38.76
C ILE B 823 69.82 26.52 -38.06
N LEU B 824 70.16 25.46 -38.79
CA LEU B 824 70.04 24.12 -38.25
C LEU B 824 71.22 23.81 -37.35
N PRO B 825 70.99 23.39 -36.09
CA PRO B 825 72.11 22.96 -35.24
C PRO B 825 72.56 21.56 -35.62
N MET B 826 73.72 21.46 -36.26
CA MET B 826 74.25 20.21 -36.78
C MET B 826 75.42 19.78 -35.92
N SER B 827 75.63 18.48 -35.82
CA SER B 827 76.76 17.97 -35.04
C SER B 827 77.87 17.53 -36.00
N PRO B 828 79.14 17.78 -35.68
CA PRO B 828 80.20 17.18 -36.51
C PRO B 828 80.24 15.67 -36.40
N ASN B 829 79.76 15.12 -35.29
CA ASN B 829 79.90 13.71 -34.96
C ASN B 829 78.55 13.04 -34.93
N HIS B 830 78.39 11.99 -35.73
CA HIS B 830 77.13 11.24 -35.85
C HIS B 830 77.42 9.81 -35.43
N GLY B 831 77.33 9.55 -34.13
CA GLY B 831 77.62 8.24 -33.59
C GLY B 831 79.04 8.03 -33.13
N THR B 832 79.88 9.07 -33.15
CA THR B 832 81.26 8.93 -32.72
C THR B 832 81.35 8.59 -31.24
N PHE B 833 80.53 9.22 -30.41
CA PHE B 833 80.59 9.00 -28.97
C PHE B 833 79.68 7.86 -28.54
N GLY B 834 78.48 7.80 -29.10
CA GLY B 834 77.52 6.78 -28.74
C GLY B 834 76.84 7.08 -27.42
N GLY B 835 75.90 6.19 -27.07
CA GLY B 835 75.19 6.33 -25.81
C GLY B 835 74.35 7.59 -25.72
N ASP B 836 73.94 8.14 -26.87
CA ASP B 836 73.18 9.38 -26.90
C ASP B 836 71.82 9.20 -27.59
N GLY B 837 71.24 8.01 -27.45
CA GLY B 837 69.91 7.79 -28.00
C GLY B 837 69.90 7.90 -29.50
N MET B 838 69.04 8.77 -30.01
CA MET B 838 68.92 9.06 -31.44
C MET B 838 69.44 10.45 -31.78
N TYR B 839 70.33 11.00 -30.95
CA TYR B 839 70.87 12.34 -31.22
C TYR B 839 71.60 12.38 -32.55
N SER B 840 72.46 11.40 -32.79
CA SER B 840 73.20 11.36 -34.04
C SER B 840 72.26 11.20 -35.22
N GLU B 841 71.22 10.39 -35.05
CA GLU B 841 70.24 10.20 -36.13
C GLU B 841 69.56 11.52 -36.46
N SER B 842 69.12 12.26 -35.43
CA SER B 842 68.47 13.55 -35.67
C SER B 842 69.40 14.50 -36.39
N LYS B 843 70.62 14.66 -35.89
CA LYS B 843 71.55 15.62 -36.47
C LYS B 843 71.92 15.24 -37.90
N LEU B 844 72.21 13.96 -38.14
CA LEU B 844 72.61 13.52 -39.47
C LEU B 844 71.46 13.65 -40.46
N SER B 845 70.25 13.24 -40.07
CA SER B 845 69.11 13.41 -40.96
C SER B 845 68.77 14.86 -41.20
N LEU B 846 69.24 15.76 -40.32
CA LEU B 846 69.03 17.18 -40.57
C LEU B 846 69.80 17.68 -41.79
N GLU B 847 70.77 16.89 -42.31
CA GLU B 847 71.51 17.31 -43.50
C GLU B 847 70.78 17.02 -44.80
N THR B 848 69.68 16.26 -44.77
CA THR B 848 68.86 16.09 -45.97
C THR B 848 68.27 17.40 -46.47
N LEU B 849 68.17 18.41 -45.60
CA LEU B 849 67.51 19.65 -45.99
C LEU B 849 68.29 20.39 -47.05
N PHE B 850 69.60 20.19 -47.12
CA PHE B 850 70.39 20.77 -48.20
C PHE B 850 69.89 20.31 -49.56
N ASN B 851 69.65 19.01 -49.71
CA ASN B 851 69.16 18.50 -50.99
C ASN B 851 67.69 18.81 -51.18
N ARG B 852 66.89 18.74 -50.10
CA ARG B 852 65.47 19.02 -50.20
C ARG B 852 65.22 20.46 -50.63
N TRP B 853 66.11 21.39 -50.26
CA TRP B 853 65.95 22.78 -50.65
C TRP B 853 65.98 22.92 -52.16
N HIS B 854 66.89 22.22 -52.83
CA HIS B 854 66.92 22.23 -54.28
C HIS B 854 65.78 21.42 -54.89
N SER B 855 65.41 20.30 -54.28
CA SER B 855 64.54 19.34 -54.93
C SER B 855 63.05 19.54 -54.66
N GLU B 856 62.68 20.45 -53.76
CA GLU B 856 61.28 20.69 -53.43
C GLU B 856 60.96 22.16 -53.66
N SER B 857 59.69 22.51 -53.44
CA SER B 857 59.16 23.83 -53.79
C SER B 857 59.05 24.75 -52.59
N TRP B 858 59.95 24.64 -51.62
CA TRP B 858 59.99 25.54 -50.47
C TRP B 858 61.27 26.36 -50.40
N ALA B 859 62.01 26.44 -51.51
CA ALA B 859 63.28 27.17 -51.51
C ALA B 859 63.07 28.66 -51.29
N ASN B 860 62.00 29.22 -51.86
CA ASN B 860 61.78 30.66 -51.78
C ASN B 860 61.26 31.10 -50.40
N GLN B 861 60.74 30.17 -49.60
CA GLN B 861 60.22 30.50 -48.28
C GLN B 861 61.21 30.22 -47.17
N LEU B 862 62.16 29.30 -47.38
CA LEU B 862 63.16 28.97 -46.37
C LEU B 862 64.50 28.76 -47.04
N THR B 863 65.54 29.22 -46.36
CA THR B 863 66.92 28.96 -46.76
C THR B 863 67.56 28.13 -45.66
N VAL B 864 68.41 27.18 -46.05
CA VAL B 864 69.00 26.22 -45.13
C VAL B 864 70.42 26.67 -44.80
N CYS B 865 70.71 26.79 -43.51
CA CYS B 865 72.03 27.15 -43.02
C CYS B 865 72.39 26.16 -41.93
N GLY B 866 73.07 25.10 -42.31
CA GLY B 866 73.49 24.11 -41.34
C GLY B 866 74.76 24.55 -40.63
N ALA B 867 74.64 24.87 -39.34
CA ALA B 867 75.80 25.26 -38.53
C ALA B 867 76.28 24.04 -37.76
N ILE B 868 77.43 23.50 -38.15
CA ILE B 868 78.04 22.36 -37.49
C ILE B 868 78.73 22.91 -36.25
N ILE B 869 78.10 22.73 -35.10
CA ILE B 869 78.55 23.35 -33.85
C ILE B 869 79.65 22.49 -33.25
N GLY B 870 80.78 23.12 -32.95
CA GLY B 870 81.91 22.44 -32.37
C GLY B 870 81.79 22.28 -30.87
N TRP B 871 82.88 21.81 -30.28
CA TRP B 871 82.97 21.68 -28.83
C TRP B 871 82.71 23.02 -28.17
N THR B 872 81.58 23.13 -27.49
CA THR B 872 81.19 24.33 -26.76
C THR B 872 81.20 24.02 -25.27
N ARG B 873 81.78 24.92 -24.49
CA ARG B 873 81.89 24.73 -23.05
C ARG B 873 80.68 25.36 -22.37
N GLY B 874 80.00 24.59 -21.53
CA GLY B 874 78.85 25.08 -20.79
C GLY B 874 79.24 25.68 -19.47
N ALA B 880 82.56 17.53 -16.55
CA ALA B 880 82.40 16.28 -17.28
C ALA B 880 83.05 16.39 -18.66
N ASN B 881 82.45 17.22 -19.51
CA ASN B 881 82.95 17.50 -20.84
C ASN B 881 83.87 18.72 -20.87
N ASN B 882 84.03 19.39 -19.73
CA ASN B 882 84.85 20.60 -19.63
C ASN B 882 86.21 20.35 -19.01
N ILE B 883 86.39 19.26 -18.25
CA ILE B 883 87.68 19.00 -17.63
C ILE B 883 88.69 18.58 -18.68
N ILE B 884 88.23 18.14 -19.86
CA ILE B 884 89.13 17.69 -20.92
C ILE B 884 89.20 18.66 -22.09
N ALA B 885 88.59 19.84 -21.98
CA ALA B 885 88.68 20.83 -23.05
C ALA B 885 90.10 21.36 -23.18
N GLU B 886 90.77 21.59 -22.05
CA GLU B 886 92.17 21.97 -22.10
C GLU B 886 92.99 20.88 -22.77
N GLY B 887 92.72 19.61 -22.45
CA GLY B 887 93.43 18.51 -23.06
C GLY B 887 93.24 18.44 -24.56
N ILE B 888 92.02 18.66 -25.04
CA ILE B 888 91.81 18.63 -26.48
C ILE B 888 92.37 19.88 -27.16
N GLU B 889 92.52 20.99 -26.43
CA GLU B 889 93.18 22.16 -27.01
C GLU B 889 94.68 21.97 -27.23
N LYS B 890 95.31 21.05 -26.50
CA LYS B 890 96.77 20.93 -26.58
C LYS B 890 97.28 20.51 -27.94
N MET B 891 96.40 20.06 -28.85
CA MET B 891 96.83 19.54 -30.13
C MET B 891 96.41 20.43 -31.29
N GLY B 892 96.11 21.69 -31.04
CA GLY B 892 95.71 22.63 -32.06
C GLY B 892 94.22 22.65 -32.35
N VAL B 893 93.46 21.73 -31.76
CA VAL B 893 92.01 21.83 -31.85
C VAL B 893 91.54 23.02 -31.04
N ARG B 894 90.48 23.66 -31.50
CA ARG B 894 89.94 24.85 -30.88
C ARG B 894 88.54 24.56 -30.34
N THR B 895 88.35 24.83 -29.06
CA THR B 895 87.08 24.65 -28.37
C THR B 895 86.53 26.03 -28.00
N PHE B 896 85.21 26.14 -28.02
CA PHE B 896 84.54 27.44 -27.94
C PHE B 896 83.76 27.56 -26.64
N SER B 897 83.55 28.81 -26.23
CA SER B 897 82.66 29.13 -25.13
C SER B 897 81.26 29.36 -25.70
N GLN B 898 80.29 29.53 -24.81
CA GLN B 898 78.93 29.80 -25.26
C GLN B 898 78.87 31.15 -25.98
N LYS B 899 79.59 32.15 -25.46
CA LYS B 899 79.62 33.46 -26.10
C LYS B 899 80.30 33.40 -27.46
N GLU B 900 81.43 32.69 -27.56
CA GLU B 900 82.11 32.56 -28.85
C GLU B 900 81.23 31.81 -29.84
N MET B 901 80.59 30.74 -29.41
CA MET B 901 79.73 29.96 -30.29
C MET B 901 78.54 30.78 -30.74
N ALA B 902 77.97 31.59 -29.84
CA ALA B 902 76.85 32.45 -30.22
C ALA B 902 77.31 33.53 -31.20
N PHE B 903 78.53 34.03 -31.03
CA PHE B 903 79.07 34.96 -32.01
C PHE B 903 79.22 34.29 -33.37
N ASN B 904 79.72 33.05 -33.39
CA ASN B 904 79.85 32.32 -34.65
C ASN B 904 78.49 32.10 -35.29
N LEU B 905 77.48 31.78 -34.49
CA LEU B 905 76.15 31.53 -35.02
C LEU B 905 75.51 32.81 -35.53
N LEU B 906 75.67 33.91 -34.80
CA LEU B 906 75.14 35.19 -35.25
C LEU B 906 75.89 35.71 -36.46
N GLY B 907 77.11 35.21 -36.69
CA GLY B 907 77.80 35.51 -37.92
C GLY B 907 77.09 34.96 -39.14
N LEU B 908 76.27 33.93 -38.95
CA LEU B 908 75.47 33.39 -40.03
C LEU B 908 74.22 34.22 -40.31
N LEU B 909 73.89 35.17 -39.43
CA LEU B 909 72.76 36.07 -39.63
C LEU B 909 73.20 37.43 -40.16
N THR B 910 74.47 37.60 -40.51
CA THR B 910 74.90 38.82 -41.16
C THR B 910 74.25 38.91 -42.54
N PRO B 911 74.14 40.11 -43.12
CA PRO B 911 73.51 40.20 -44.45
C PRO B 911 74.20 39.37 -45.52
N GLU B 912 75.53 39.28 -45.50
CA GLU B 912 76.22 38.56 -46.56
C GLU B 912 75.94 37.06 -46.49
N VAL B 913 75.99 36.48 -45.30
CA VAL B 913 75.69 35.06 -45.17
C VAL B 913 74.21 34.80 -45.45
N VAL B 914 73.33 35.73 -45.09
CA VAL B 914 71.92 35.60 -45.44
C VAL B 914 71.75 35.54 -46.94
N GLU B 915 72.43 36.43 -47.66
CA GLU B 915 72.32 36.45 -49.11
C GLU B 915 72.90 35.18 -49.72
N LEU B 916 73.98 34.68 -49.11
CA LEU B 916 74.57 33.43 -49.56
C LEU B 916 73.60 32.27 -49.39
N CYS B 917 72.90 32.22 -48.26
CA CYS B 917 71.90 31.17 -48.05
C CYS B 917 70.76 31.30 -49.03
N GLN B 918 70.37 32.53 -49.37
CA GLN B 918 69.32 32.72 -50.36
C GLN B 918 69.76 32.26 -51.73
N LYS B 919 71.03 32.47 -52.07
CA LYS B 919 71.56 31.96 -53.34
C LYS B 919 71.59 30.43 -53.36
N SER B 920 72.09 29.82 -52.28
CA SER B 920 72.14 28.38 -52.19
C SER B 920 72.37 28.01 -50.73
N PRO B 921 71.90 26.85 -50.28
CA PRO B 921 72.02 26.52 -48.86
C PRO B 921 73.48 26.37 -48.44
N VAL B 922 73.77 26.83 -47.22
CA VAL B 922 75.14 26.90 -46.75
C VAL B 922 75.33 25.92 -45.60
N MET B 923 76.54 25.37 -45.54
CA MET B 923 76.98 24.50 -44.47
C MET B 923 78.18 25.19 -43.82
N ALA B 924 77.92 25.91 -42.74
CA ALA B 924 79.01 26.48 -41.94
C ALA B 924 79.55 25.43 -41.00
N ASP B 925 80.86 25.21 -41.03
CA ASP B 925 81.54 24.34 -40.10
C ASP B 925 82.22 25.22 -39.06
N LEU B 926 81.70 25.19 -37.83
CA LEU B 926 82.25 25.94 -36.71
C LEU B 926 82.87 24.97 -35.70
N ASN B 927 83.51 23.92 -36.23
CA ASN B 927 83.94 22.79 -35.40
C ASN B 927 85.25 23.02 -34.68
N GLY B 928 86.02 24.03 -35.07
CA GLY B 928 87.29 24.29 -34.42
C GLY B 928 88.36 23.27 -34.75
N GLY B 929 88.26 22.61 -35.89
CA GLY B 929 89.24 21.60 -36.25
C GLY B 929 89.12 20.32 -35.48
N LEU B 930 88.00 20.09 -34.81
CA LEU B 930 87.81 18.86 -34.04
C LEU B 930 87.76 17.62 -34.92
N GLN B 931 87.42 17.78 -36.21
CA GLN B 931 87.29 16.61 -37.08
C GLN B 931 88.64 16.03 -37.48
N PHE B 932 89.71 16.83 -37.38
CA PHE B 932 90.99 16.40 -37.90
C PHE B 932 91.71 15.47 -36.93
N VAL B 933 91.17 15.28 -35.74
CA VAL B 933 91.82 14.39 -34.77
C VAL B 933 91.42 12.94 -35.08
N PRO B 934 92.35 11.98 -35.11
CA PRO B 934 91.95 10.61 -35.40
C PRO B 934 91.39 9.93 -34.15
N GLU B 935 90.25 9.27 -34.33
CA GLU B 935 89.58 8.56 -33.24
C GLU B 935 89.31 9.50 -32.08
N LEU B 936 88.46 10.50 -32.34
CA LEU B 936 88.16 11.52 -31.35
C LEU B 936 87.51 10.92 -30.11
N LYS B 937 86.65 9.91 -30.31
CA LYS B 937 86.00 9.26 -29.18
C LYS B 937 87.03 8.59 -28.26
N GLU B 938 87.98 7.87 -28.86
CA GLU B 938 88.99 7.18 -28.05
C GLU B 938 89.93 8.17 -27.39
N PHE B 939 90.32 9.22 -28.11
CA PHE B 939 91.18 10.25 -27.52
C PHE B 939 90.49 10.93 -26.34
N THR B 940 89.22 11.27 -26.51
CA THR B 940 88.47 11.91 -25.44
C THR B 940 88.33 10.97 -24.25
N ALA B 941 88.06 9.69 -24.50
CA ALA B 941 87.97 8.73 -23.41
C ALA B 941 89.30 8.62 -22.68
N LYS B 942 90.42 8.61 -23.41
CA LYS B 942 91.70 8.46 -22.74
C LYS B 942 92.03 9.72 -21.95
N LEU B 943 91.64 10.89 -22.45
CA LEU B 943 91.83 12.12 -21.67
C LEU B 943 91.06 12.07 -20.35
N ARG B 944 89.77 11.69 -20.43
CA ARG B 944 88.98 11.61 -19.20
C ARG B 944 89.55 10.55 -18.26
N LYS B 945 89.98 9.42 -18.81
CA LYS B 945 90.53 8.36 -17.96
C LYS B 945 91.82 8.81 -17.30
N GLU B 946 92.67 9.53 -18.04
CA GLU B 946 93.92 10.01 -17.47
C GLU B 946 93.66 10.99 -16.33
N LEU B 947 92.76 11.96 -16.57
CA LEU B 947 92.46 12.93 -15.54
C LEU B 947 91.82 12.28 -14.33
N VAL B 948 90.89 11.35 -14.56
CA VAL B 948 90.20 10.67 -13.46
C VAL B 948 91.18 9.84 -12.65
N GLU B 949 92.05 9.08 -13.33
CA GLU B 949 92.99 8.24 -12.62
C GLU B 949 93.96 9.09 -11.82
N THR B 950 94.41 10.21 -12.38
CA THR B 950 95.29 11.10 -11.64
C THR B 950 94.59 11.64 -10.39
N SER B 951 93.34 12.07 -10.54
CA SER B 951 92.61 12.62 -9.41
C SER B 951 92.41 11.58 -8.32
N GLU B 952 91.95 10.38 -8.69
CA GLU B 952 91.73 9.34 -7.69
C GLU B 952 93.03 8.89 -7.03
N VAL B 953 94.11 8.72 -7.81
CA VAL B 953 95.37 8.30 -7.23
C VAL B 953 95.87 9.35 -6.24
N ARG B 954 95.82 10.63 -6.63
CA ARG B 954 96.28 11.68 -5.75
C ARG B 954 95.43 11.75 -4.48
N LYS B 955 94.11 11.63 -4.62
CA LYS B 955 93.23 11.68 -3.46
C LYS B 955 93.49 10.51 -2.51
N ALA B 956 93.63 9.31 -3.06
CA ALA B 956 93.89 8.14 -2.23
C ALA B 956 95.23 8.25 -1.53
N VAL B 957 96.26 8.68 -2.24
CA VAL B 957 97.59 8.80 -1.63
C VAL B 957 97.57 9.86 -0.54
N SER B 958 96.86 10.98 -0.77
CA SER B 958 96.77 12.00 0.25
C SER B 958 96.04 11.48 1.49
N ILE B 959 94.95 10.74 1.29
CA ILE B 959 94.19 10.21 2.42
C ILE B 959 95.03 9.22 3.20
N GLU B 960 95.76 8.35 2.50
CA GLU B 960 96.56 7.35 3.21
C GLU B 960 97.75 7.99 3.91
N THR B 961 98.37 9.01 3.30
CA THR B 961 99.42 9.73 3.99
C THR B 961 98.88 10.42 5.23
N ALA B 962 97.69 11.01 5.14
CA ALA B 962 97.09 11.64 6.30
C ALA B 962 96.81 10.62 7.41
N LEU B 963 96.27 9.46 7.04
CA LEU B 963 95.99 8.44 8.05
C LEU B 963 97.28 7.91 8.69
N GLU B 964 98.32 7.70 7.88
CA GLU B 964 99.60 7.26 8.44
C GLU B 964 100.18 8.32 9.38
N HIS B 965 100.09 9.59 8.99
CA HIS B 965 100.59 10.65 9.86
C HIS B 965 99.82 10.69 11.17
N LYS B 966 98.49 10.57 11.10
CA LYS B 966 97.70 10.62 12.32
C LYS B 966 98.00 9.41 13.21
N VAL B 967 98.19 8.24 12.60
CA VAL B 967 98.50 7.05 13.40
C VAL B 967 99.86 7.21 14.06
N VAL B 968 100.83 7.76 13.35
CA VAL B 968 102.18 7.90 13.90
C VAL B 968 102.20 8.93 15.02
N ASN B 969 101.58 10.09 14.80
CA ASN B 969 101.71 11.22 15.70
C ASN B 969 100.50 11.41 16.63
N GLY B 970 99.58 10.46 16.66
CA GLY B 970 98.44 10.61 17.55
C GLY B 970 97.49 11.69 17.04
N ASN B 971 96.51 12.01 17.90
CA ASN B 971 95.55 13.07 17.61
C ASN B 971 96.08 14.42 18.07
N GLN B 979 90.24 24.11 13.86
CA GLN B 979 89.95 25.48 14.25
C GLN B 979 88.46 25.66 14.54
N VAL B 980 88.15 26.30 15.67
CA VAL B 980 86.76 26.51 16.05
C VAL B 980 86.12 27.50 15.10
N GLU B 981 84.92 27.16 14.63
CA GLU B 981 84.20 27.95 13.64
C GLU B 981 83.06 28.70 14.32
N ILE B 982 82.96 29.99 14.03
CA ILE B 982 81.96 30.88 14.62
C ILE B 982 80.85 31.08 13.61
N GLN B 983 79.65 30.74 14.00
CA GLN B 983 78.49 30.81 13.14
C GLN B 983 77.65 32.04 13.45
N PRO B 984 77.01 32.66 12.45
CA PRO B 984 76.28 33.90 12.74
C PRO B 984 75.05 33.67 13.61
N ARG B 985 74.73 34.69 14.40
CA ARG B 985 73.54 34.73 15.21
C ARG B 985 72.74 35.97 14.84
N ALA B 986 71.42 35.81 14.79
CA ALA B 986 70.55 36.89 14.34
C ALA B 986 70.56 38.02 15.36
N ASN B 987 70.88 39.23 14.90
CA ASN B 987 70.90 40.43 15.74
C ASN B 987 70.05 41.47 15.00
N ILE B 988 68.74 41.39 15.19
CA ILE B 988 67.83 42.26 14.48
C ILE B 988 68.02 43.68 14.98
N GLN B 989 68.29 44.60 14.05
CA GLN B 989 68.50 46.00 14.37
C GLN B 989 67.26 46.80 14.03
N LEU B 990 66.94 47.77 14.88
CA LEU B 990 65.79 48.63 14.66
C LEU B 990 65.96 49.53 13.45
N ASP B 991 67.20 49.75 13.00
CA ASP B 991 67.47 50.57 11.82
C ASP B 991 67.02 52.01 12.05
N PHE B 992 67.49 52.59 13.16
CA PHE B 992 67.30 54.00 13.36
C PHE B 992 68.08 54.76 12.31
N PRO B 993 67.69 55.99 11.99
CA PRO B 993 68.43 56.75 10.98
C PRO B 993 69.88 56.94 11.42
N GLU B 994 70.80 56.81 10.47
CA GLU B 994 72.19 57.13 10.73
C GLU B 994 72.32 58.63 10.93
N LEU B 995 72.98 59.01 12.01
CA LEU B 995 73.17 60.42 12.36
C LEU B 995 74.63 60.75 12.07
N LYS B 996 74.84 61.67 11.14
CA LYS B 996 76.17 62.05 10.72
C LYS B 996 76.72 63.15 11.62
N PRO B 997 78.03 63.43 11.55
CA PRO B 997 78.57 64.57 12.28
C PRO B 997 77.87 65.86 11.90
N TYR B 998 77.93 66.83 12.82
CA TYR B 998 77.25 68.10 12.58
C TYR B 998 77.78 68.77 11.34
N LYS B 999 79.09 68.70 11.12
CA LYS B 999 79.67 69.39 9.99
C LYS B 999 79.17 68.78 8.68
N GLN B 1000 79.13 67.45 8.62
CA GLN B 1000 78.61 66.76 7.44
C GLN B 1000 77.13 67.06 7.21
N VAL B 1001 76.35 67.15 8.30
CA VAL B 1001 74.92 67.39 8.11
C VAL B 1001 74.65 68.85 7.76
N LYS B 1002 75.54 69.76 8.20
CA LYS B 1002 75.38 71.18 7.88
C LYS B 1002 75.84 71.48 6.47
N GLN B 1003 76.80 70.71 5.95
CA GLN B 1003 77.33 70.99 4.62
C GLN B 1003 76.24 70.86 3.56
N ILE B 1004 75.34 69.88 3.72
CA ILE B 1004 74.33 69.63 2.70
C ILE B 1004 73.20 70.65 2.80
N ALA B 1005 72.78 70.99 4.01
CA ALA B 1005 71.70 71.96 4.16
C ALA B 1005 72.23 73.38 3.94
N PRO B 1006 71.39 74.31 3.47
CA PRO B 1006 71.86 75.69 3.30
C PRO B 1006 72.27 76.31 4.63
N ALA B 1007 73.29 77.17 4.57
CA ALA B 1007 73.78 77.81 5.79
C ALA B 1007 72.76 78.76 6.40
N GLU B 1008 71.78 79.22 5.63
CA GLU B 1008 70.78 80.15 6.12
C GLU B 1008 69.62 79.45 6.81
N LEU B 1009 69.61 78.12 6.88
CA LEU B 1009 68.54 77.39 7.55
C LEU B 1009 68.61 77.48 9.07
N GLU B 1010 69.78 77.77 9.63
CA GLU B 1010 69.96 77.76 11.09
C GLU B 1010 69.06 78.80 11.73
N GLY B 1011 68.04 78.34 12.44
CA GLY B 1011 67.11 79.24 13.10
C GLY B 1011 66.07 79.84 12.19
N LEU B 1012 66.09 79.50 10.90
CA LEU B 1012 65.11 80.04 9.97
C LEU B 1012 63.75 79.38 10.14
N LEU B 1013 63.73 78.11 10.54
CA LEU B 1013 62.49 77.34 10.59
C LEU B 1013 61.91 77.30 12.00
N ASP B 1014 60.59 77.34 12.08
CA ASP B 1014 59.86 77.07 13.31
C ASP B 1014 59.76 75.56 13.45
N LEU B 1015 60.68 74.98 14.22
CA LEU B 1015 60.68 73.53 14.38
C LEU B 1015 59.40 73.03 15.02
N GLU B 1016 58.74 73.88 15.81
CA GLU B 1016 57.40 73.57 16.29
C GLU B 1016 56.44 73.36 15.13
N ARG B 1017 56.66 74.07 14.01
CA ARG B 1017 55.82 73.94 12.83
C ARG B 1017 56.39 72.97 11.80
N VAL B 1018 57.57 72.40 12.03
CA VAL B 1018 58.13 71.38 11.16
C VAL B 1018 57.69 70.01 11.68
N ILE B 1019 57.17 69.17 10.79
CA ILE B 1019 56.61 67.87 11.13
C ILE B 1019 57.59 66.80 10.69
N VAL B 1020 57.87 65.85 11.59
CA VAL B 1020 58.86 64.82 11.36
C VAL B 1020 58.24 63.47 11.67
N VAL B 1021 58.43 62.50 10.78
CA VAL B 1021 57.97 61.15 11.04
C VAL B 1021 58.95 60.53 12.03
N THR B 1022 58.56 60.51 13.30
CA THR B 1022 59.50 60.06 14.32
C THR B 1022 59.61 58.54 14.34
N GLY B 1023 58.52 57.83 14.08
CA GLY B 1023 58.54 56.38 14.10
C GLY B 1023 57.57 55.84 13.08
N PHE B 1024 57.67 54.55 12.80
CA PHE B 1024 56.78 53.93 11.84
C PHE B 1024 56.85 52.41 11.97
N ALA B 1025 55.78 51.76 11.52
CA ALA B 1025 55.75 50.30 11.48
C ALA B 1025 54.54 49.86 10.67
N GLU B 1026 54.47 48.56 10.44
CA GLU B 1026 53.38 48.00 9.66
C GLU B 1026 53.21 46.53 10.00
N VAL B 1027 52.03 46.02 9.70
CA VAL B 1027 51.74 44.60 9.66
C VAL B 1027 51.19 44.33 8.27
N GLY B 1028 51.94 43.55 7.48
CA GLY B 1028 51.58 43.32 6.11
C GLY B 1028 51.91 41.93 5.63
N PRO B 1029 51.70 41.66 4.34
CA PRO B 1029 51.95 40.31 3.82
C PRO B 1029 53.38 39.85 3.90
N TRP B 1030 54.32 40.74 4.20
CA TRP B 1030 55.71 40.39 4.45
C TRP B 1030 56.10 40.77 5.87
N GLY B 1031 55.15 40.60 6.80
CA GLY B 1031 55.43 40.89 8.19
C GLY B 1031 55.64 42.37 8.44
N SER B 1032 56.64 42.67 9.26
CA SER B 1032 56.88 44.02 9.71
C SER B 1032 57.47 44.88 8.59
N ALA B 1033 57.69 46.15 8.92
CA ALA B 1033 58.31 47.07 7.97
C ALA B 1033 59.71 46.62 7.60
N ARG B 1034 60.45 46.08 8.56
CA ARG B 1034 61.83 45.62 8.29
C ARG B 1034 61.83 44.49 7.27
N THR B 1035 61.03 43.45 7.50
CA THR B 1035 61.01 42.31 6.60
C THR B 1035 60.42 42.68 5.25
N ARG B 1036 59.38 43.51 5.25
CA ARG B 1036 58.83 43.99 3.99
C ARG B 1036 59.87 44.76 3.20
N TRP B 1037 60.65 45.61 3.88
CA TRP B 1037 61.66 46.40 3.18
C TRP B 1037 62.77 45.53 2.64
N GLU B 1038 63.18 44.51 3.41
CA GLU B 1038 64.21 43.61 2.88
C GLU B 1038 63.71 42.88 1.65
N MET B 1039 62.47 42.40 1.68
CA MET B 1039 61.93 41.70 0.53
C MET B 1039 61.75 42.64 -0.66
N GLU B 1040 61.44 43.91 -0.38
CA GLU B 1040 61.25 44.90 -1.44
C GLU B 1040 62.56 45.26 -2.12
N ALA B 1041 63.59 45.56 -1.32
CA ALA B 1041 64.83 46.07 -1.89
C ALA B 1041 65.72 44.93 -2.37
N PHE B 1042 66.02 43.98 -1.49
CA PHE B 1042 67.01 42.96 -1.81
C PHE B 1042 66.39 41.70 -2.39
N GLY B 1043 65.06 41.59 -2.37
CA GLY B 1043 64.39 40.44 -2.94
C GLY B 1043 64.53 39.16 -2.15
N GLU B 1044 65.22 39.18 -1.02
CA GLU B 1044 65.39 38.01 -0.18
C GLU B 1044 65.64 38.49 1.24
N PHE B 1045 65.49 37.57 2.18
CA PHE B 1045 65.68 37.88 3.59
C PHE B 1045 67.11 37.59 4.00
N SER B 1046 67.70 38.51 4.75
CA SER B 1046 68.96 38.25 5.41
C SER B 1046 68.70 37.31 6.58
N LEU B 1047 69.74 37.01 7.37
CA LEU B 1047 69.53 36.17 8.55
C LEU B 1047 68.57 36.83 9.52
N GLU B 1048 68.74 38.13 9.75
CA GLU B 1048 67.87 38.84 10.67
C GLU B 1048 66.45 38.88 10.16
N GLY B 1049 66.27 39.17 8.87
CA GLY B 1049 64.93 39.21 8.31
C GLY B 1049 64.25 37.85 8.35
N CYS B 1050 65.00 36.79 8.06
CA CYS B 1050 64.42 35.45 8.06
C CYS B 1050 64.06 35.01 9.47
N VAL B 1051 64.89 35.33 10.46
CA VAL B 1051 64.56 34.97 11.83
C VAL B 1051 63.36 35.77 12.33
N GLU B 1052 63.29 37.05 11.95
CA GLU B 1052 62.11 37.83 12.29
C GLU B 1052 60.85 37.26 11.66
N MET B 1053 60.94 36.84 10.39
CA MET B 1053 59.78 36.25 9.74
C MET B 1053 59.37 34.94 10.38
N ALA B 1054 60.36 34.11 10.75
CA ALA B 1054 60.02 32.84 11.40
C ALA B 1054 59.36 33.08 12.75
N TRP B 1055 59.86 34.05 13.51
CA TRP B 1055 59.23 34.39 14.77
C TRP B 1055 57.82 34.95 14.56
N ILE B 1056 57.65 35.80 13.55
CA ILE B 1056 56.34 36.36 13.22
C ILE B 1056 55.36 35.23 12.89
N MET B 1057 55.80 34.30 12.04
CA MET B 1057 54.92 33.24 11.57
C MET B 1057 54.78 32.13 12.59
N GLY B 1058 55.51 32.18 13.70
CA GLY B 1058 55.40 31.15 14.69
C GLY B 1058 56.14 29.88 14.36
N PHE B 1059 57.03 29.91 13.36
CA PHE B 1059 57.83 28.74 13.07
C PHE B 1059 58.82 28.46 14.18
N ILE B 1060 59.51 29.49 14.66
CA ILE B 1060 60.47 29.37 15.75
C ILE B 1060 59.93 30.15 16.94
N SER B 1061 60.00 29.52 18.11
CA SER B 1061 59.72 30.19 19.37
C SER B 1061 60.99 30.20 20.19
N TYR B 1062 61.02 31.07 21.19
CA TYR B 1062 62.18 31.18 22.06
C TYR B 1062 62.04 30.26 23.26
N HIS B 1063 63.12 29.56 23.58
CA HIS B 1063 63.19 28.72 24.76
C HIS B 1063 64.41 29.10 25.58
N ASN B 1064 64.24 29.10 26.89
CA ASN B 1064 65.35 29.36 27.81
C ASN B 1064 65.14 28.50 29.05
N GLY B 1065 66.05 27.58 29.29
CA GLY B 1065 66.00 26.72 30.44
C GLY B 1065 66.36 25.29 30.05
N ASN B 1066 66.05 24.36 30.94
CA ASN B 1066 66.32 22.96 30.68
C ASN B 1066 65.50 22.48 29.49
N LEU B 1067 66.16 21.77 28.57
CA LEU B 1067 65.50 21.21 27.40
C LEU B 1067 66.19 19.90 27.06
N LYS B 1068 65.45 18.79 27.18
CA LYS B 1068 66.02 17.46 27.00
C LYS B 1068 67.20 17.23 27.95
N GLY B 1069 67.06 17.72 29.17
CA GLY B 1069 68.11 17.60 30.15
C GLY B 1069 69.08 18.77 30.14
N ARG B 1070 69.84 18.90 29.05
CA ARG B 1070 70.84 19.96 28.98
C ARG B 1070 70.16 21.33 28.94
N PRO B 1071 70.82 22.37 29.44
CA PRO B 1071 70.20 23.70 29.42
C PRO B 1071 70.37 24.37 28.05
N TYR B 1072 69.25 24.79 27.46
CA TYR B 1072 69.26 25.41 26.14
C TYR B 1072 68.69 26.82 26.21
N THR B 1073 69.33 27.72 25.47
CA THR B 1073 68.89 29.10 25.35
C THR B 1073 68.94 29.47 23.87
N GLY B 1074 67.78 29.72 23.27
CA GLY B 1074 67.74 30.14 21.89
C GLY B 1074 66.43 29.75 21.24
N TRP B 1075 66.42 29.79 19.92
CA TRP B 1075 65.23 29.46 19.16
C TRP B 1075 65.04 27.95 19.09
N VAL B 1076 63.78 27.52 19.17
CA VAL B 1076 63.39 26.13 18.99
C VAL B 1076 62.27 26.10 17.96
N ASP B 1077 61.95 24.91 17.49
CA ASP B 1077 60.78 24.75 16.63
C ASP B 1077 59.51 24.81 17.46
N SER B 1078 58.56 25.65 17.05
CA SER B 1078 57.38 25.88 17.87
C SER B 1078 56.57 24.61 18.08
N LYS B 1079 56.54 23.73 17.07
CA LYS B 1079 55.76 22.49 17.16
C LYS B 1079 56.55 21.38 17.84
N THR B 1080 57.75 21.09 17.34
CA THR B 1080 58.54 19.98 17.88
C THR B 1080 59.36 20.36 19.10
N LYS B 1081 59.55 21.65 19.35
CA LYS B 1081 60.32 22.16 20.49
C LYS B 1081 61.80 21.80 20.41
N GLU B 1082 62.26 21.28 19.27
CA GLU B 1082 63.66 20.91 19.15
C GLU B 1082 64.50 22.17 18.94
N PRO B 1083 65.74 22.20 19.43
CA PRO B 1083 66.57 23.39 19.19
C PRO B 1083 66.81 23.62 17.71
N VAL B 1084 66.76 24.88 17.30
CA VAL B 1084 67.06 25.27 15.93
C VAL B 1084 68.02 26.45 15.98
N ASP B 1085 69.14 26.33 15.28
CA ASP B 1085 70.16 27.36 15.27
C ASP B 1085 69.81 28.43 14.24
N ASP B 1086 70.37 29.62 14.45
CA ASP B 1086 70.08 30.74 13.55
C ASP B 1086 70.53 30.42 12.13
N LYS B 1087 71.69 29.77 11.99
CA LYS B 1087 72.17 29.37 10.67
C LYS B 1087 71.16 28.46 9.98
N ASP B 1088 70.53 27.57 10.73
CA ASP B 1088 69.56 26.62 10.16
C ASP B 1088 68.16 27.19 10.02
N VAL B 1089 67.88 28.36 10.60
CA VAL B 1089 66.53 28.93 10.50
C VAL B 1089 66.17 29.13 9.04
N LYS B 1090 67.09 29.68 8.26
CA LYS B 1090 66.84 29.88 6.84
C LYS B 1090 66.63 28.55 6.13
N ALA B 1091 67.59 27.63 6.27
CA ALA B 1091 67.48 26.35 5.57
C ALA B 1091 66.25 25.56 5.98
N LYS B 1092 65.69 25.82 7.16
CA LYS B 1092 64.55 25.06 7.66
C LYS B 1092 63.22 25.72 7.36
N TYR B 1093 63.16 27.05 7.19
CA TYR B 1093 61.89 27.75 7.10
C TYR B 1093 61.78 28.72 5.94
N GLU B 1094 62.80 28.86 5.09
CA GLU B 1094 62.74 29.81 4.00
C GLU B 1094 61.60 29.47 3.03
N THR B 1095 61.51 28.20 2.67
CA THR B 1095 60.49 27.79 1.71
C THR B 1095 59.09 28.03 2.27
N SER B 1096 58.87 27.69 3.54
CA SER B 1096 57.56 27.90 4.16
C SER B 1096 57.25 29.39 4.27
N ILE B 1097 58.22 30.20 4.67
CA ILE B 1097 58.00 31.64 4.77
C ILE B 1097 57.60 32.20 3.41
N LEU B 1098 58.35 31.84 2.36
CA LEU B 1098 58.04 32.38 1.04
C LEU B 1098 56.70 31.86 0.53
N GLU B 1099 56.40 30.59 0.78
CA GLU B 1099 55.14 30.01 0.34
C GLU B 1099 53.95 30.68 1.01
N HIS B 1100 54.09 31.06 2.28
CA HIS B 1100 52.98 31.60 3.06
C HIS B 1100 53.22 33.05 3.45
N SER B 1101 53.92 33.80 2.60
CA SER B 1101 54.03 35.25 2.77
C SER B 1101 53.72 35.92 1.44
N GLY B 1102 53.43 37.23 1.53
CA GLY B 1102 53.20 38.01 0.34
C GLY B 1102 51.87 37.67 -0.33
N ILE B 1103 51.81 37.97 -1.63
CA ILE B 1103 50.64 37.68 -2.44
C ILE B 1103 50.63 36.20 -2.76
N ARG B 1104 49.54 35.52 -2.39
CA ARG B 1104 49.46 34.07 -2.53
C ARG B 1104 48.00 33.67 -2.59
N LEU B 1105 47.76 32.39 -2.85
CA LEU B 1105 46.41 31.85 -2.85
C LEU B 1105 45.75 32.10 -1.50
N ILE B 1106 44.47 32.47 -1.54
CA ILE B 1106 43.75 32.80 -0.32
C ILE B 1106 43.67 31.57 0.57
N GLU B 1107 44.06 31.72 1.83
CA GLU B 1107 44.04 30.63 2.78
C GLU B 1107 42.76 30.72 3.60
N PRO B 1108 41.84 29.75 3.52
CA PRO B 1108 40.60 29.88 4.30
C PRO B 1108 40.82 29.92 5.81
N GLU B 1109 41.95 29.41 6.28
CA GLU B 1109 42.19 29.35 7.72
C GLU B 1109 42.50 30.72 8.28
N LEU B 1110 42.89 31.66 7.43
CA LEU B 1110 43.13 33.04 7.83
C LEU B 1110 41.91 33.94 7.66
N PHE B 1111 40.83 33.43 7.07
CA PHE B 1111 39.62 34.20 6.82
C PHE B 1111 38.39 33.37 7.16
N ASN B 1112 38.54 32.50 8.16
CA ASN B 1112 37.41 31.76 8.75
C ASN B 1112 36.80 30.80 7.74
N GLY B 1113 37.64 29.97 7.14
CA GLY B 1113 37.14 28.98 6.20
C GLY B 1113 36.57 29.58 4.94
N TYR B 1114 36.96 30.81 4.62
CA TYR B 1114 36.51 31.46 3.40
C TYR B 1114 37.30 30.88 2.24
N ASN B 1115 36.62 30.12 1.39
CA ASN B 1115 37.21 29.54 0.20
C ASN B 1115 36.63 30.25 -1.02
N PRO B 1116 37.38 31.11 -1.72
CA PRO B 1116 36.80 31.74 -2.91
C PRO B 1116 36.40 30.74 -4.00
N GLU B 1117 36.95 29.53 -3.98
CA GLU B 1117 36.49 28.51 -4.91
C GLU B 1117 35.12 27.94 -4.54
N LYS B 1118 34.74 28.03 -3.26
CA LYS B 1118 33.46 27.52 -2.77
C LYS B 1118 32.84 28.61 -1.89
N LYS B 1119 32.13 29.54 -2.52
CA LYS B 1119 31.58 30.69 -1.84
C LYS B 1119 30.12 30.43 -1.51
N GLU B 1120 29.80 30.43 -0.22
CA GLU B 1120 28.47 30.05 0.24
C GLU B 1120 27.45 31.14 -0.08
N MET B 1121 26.30 30.72 -0.59
CA MET B 1121 25.14 31.57 -0.81
C MET B 1121 23.93 30.74 -0.46
N ILE B 1122 22.79 31.40 -0.25
CA ILE B 1122 21.53 30.72 0.02
C ILE B 1122 20.52 31.13 -1.02
N GLN B 1123 19.82 30.14 -1.58
CA GLN B 1123 18.80 30.34 -2.60
C GLN B 1123 17.43 30.21 -1.95
N GLU B 1124 16.60 31.23 -2.13
CA GLU B 1124 15.21 31.18 -1.69
C GLU B 1124 14.43 30.24 -2.60
N VAL B 1125 13.73 29.29 -2.01
CA VAL B 1125 12.86 28.38 -2.74
C VAL B 1125 11.52 28.30 -2.01
N ILE B 1126 10.47 28.07 -2.79
CA ILE B 1126 9.15 27.80 -2.25
C ILE B 1126 9.04 26.31 -1.99
N VAL B 1127 8.61 25.95 -0.79
CA VAL B 1127 8.40 24.56 -0.44
C VAL B 1127 7.27 23.98 -1.29
N GLU B 1128 7.59 22.94 -2.06
CA GLU B 1128 6.60 22.28 -2.90
C GLU B 1128 5.84 21.17 -2.18
N GLU B 1129 6.43 20.59 -1.14
CA GLU B 1129 5.78 19.54 -0.37
C GLU B 1129 6.14 19.73 1.10
N ASP B 1130 5.19 19.39 1.97
CA ASP B 1130 5.41 19.54 3.41
C ASP B 1130 6.65 18.77 3.83
N LEU B 1131 7.54 19.43 4.55
CA LEU B 1131 8.73 18.79 5.08
C LEU B 1131 8.37 17.90 6.25
N GLU B 1132 9.23 16.90 6.50
CA GLU B 1132 9.04 16.08 7.68
C GLU B 1132 9.19 16.94 8.93
N PRO B 1133 8.35 16.75 9.95
CA PRO B 1133 8.52 17.56 11.17
C PRO B 1133 9.87 17.33 11.79
N PHE B 1134 10.43 18.40 12.36
CA PHE B 1134 11.66 18.34 13.13
C PHE B 1134 11.44 18.99 14.48
N GLU B 1135 12.13 18.46 15.49
CA GLU B 1135 11.99 18.98 16.84
C GLU B 1135 12.63 20.36 16.96
N ALA B 1136 12.08 21.18 17.84
CA ALA B 1136 12.65 22.48 18.12
C ALA B 1136 12.14 22.95 19.47
N SER B 1137 12.84 23.91 20.05
CA SER B 1137 12.44 24.46 21.33
C SER B 1137 11.08 25.16 21.20
N LYS B 1138 10.48 25.47 22.35
CA LYS B 1138 9.27 26.28 22.36
C LYS B 1138 9.53 27.62 21.69
N GLU B 1139 10.58 28.32 22.12
CA GLU B 1139 10.88 29.64 21.57
C GLU B 1139 11.21 29.57 20.08
N THR B 1140 12.02 28.59 19.69
CA THR B 1140 12.40 28.46 18.29
C THR B 1140 11.19 28.15 17.42
N ALA B 1141 10.33 27.24 17.88
CA ALA B 1141 9.11 26.93 17.14
C ALA B 1141 8.20 28.13 17.04
N GLU B 1142 8.11 28.92 18.12
CA GLU B 1142 7.27 30.11 18.09
C GLU B 1142 7.82 31.13 17.10
N GLN B 1143 9.14 31.26 17.00
CA GLN B 1143 9.73 32.13 16.00
C GLN B 1143 9.44 31.63 14.59
N PHE B 1144 9.50 30.32 14.39
CA PHE B 1144 9.17 29.76 13.09
C PHE B 1144 7.71 30.04 12.73
N LYS B 1145 6.80 29.90 13.69
CA LYS B 1145 5.40 30.20 13.45
C LYS B 1145 5.20 31.68 13.17
N HIS B 1146 5.90 32.54 13.92
CA HIS B 1146 5.82 33.97 13.69
C HIS B 1146 6.24 34.31 12.27
N GLN B 1147 7.31 33.68 11.78
CA GLN B 1147 7.75 33.92 10.40
C GLN B 1147 6.74 33.39 9.38
N HIS B 1148 6.48 32.09 9.41
CA HIS B 1148 5.79 31.43 8.31
C HIS B 1148 4.28 31.54 8.37
N GLY B 1149 3.73 32.00 9.49
CA GLY B 1149 2.28 32.14 9.57
C GLY B 1149 1.61 30.80 9.45
N ASP B 1150 0.71 30.69 8.47
CA ASP B 1150 -0.04 29.46 8.23
C ASP B 1150 0.73 28.45 7.40
N LYS B 1151 1.96 28.78 6.98
CA LYS B 1151 2.78 27.87 6.20
C LYS B 1151 3.64 26.98 7.07
N VAL B 1152 3.42 26.96 8.39
CA VAL B 1152 4.08 26.04 9.28
C VAL B 1152 3.10 25.64 10.37
N ASP B 1153 3.29 24.43 10.89
CA ASP B 1153 2.55 23.93 12.04
C ASP B 1153 3.52 23.61 13.16
N ILE B 1154 3.22 24.10 14.36
CA ILE B 1154 4.03 23.83 15.54
C ILE B 1154 3.15 23.13 16.56
N PHE B 1155 3.63 22.01 17.09
CA PHE B 1155 2.86 21.20 18.03
C PHE B 1155 3.75 20.77 19.19
N GLU B 1156 3.25 20.99 20.41
CA GLU B 1156 3.98 20.58 21.59
C GLU B 1156 4.05 19.06 21.67
N ILE B 1157 5.15 18.56 22.20
CA ILE B 1157 5.33 17.12 22.47
C ILE B 1157 5.15 16.93 23.97
N PRO B 1158 4.03 16.39 24.44
CA PRO B 1158 3.85 16.26 25.89
C PRO B 1158 4.86 15.35 26.56
N GLU B 1159 5.51 14.46 25.81
CA GLU B 1159 6.47 13.54 26.41
C GLU B 1159 7.66 14.30 27.01
N THR B 1160 8.13 15.34 26.32
CA THR B 1160 9.33 16.07 26.74
C THR B 1160 9.17 17.57 26.76
N GLY B 1161 8.01 18.10 26.36
CA GLY B 1161 7.77 19.53 26.39
C GLY B 1161 8.38 20.30 25.25
N GLU B 1162 9.09 19.64 24.34
CA GLU B 1162 9.66 20.31 23.18
C GLU B 1162 8.54 20.56 22.16
N TYR B 1163 8.92 21.05 20.98
CA TYR B 1163 7.98 21.35 19.92
C TYR B 1163 8.44 20.73 18.61
N SER B 1164 7.47 20.27 17.83
CA SER B 1164 7.71 19.77 16.49
C SER B 1164 7.26 20.81 15.49
N VAL B 1165 8.12 21.10 14.51
CA VAL B 1165 7.91 22.14 13.51
C VAL B 1165 7.78 21.47 12.16
N LYS B 1166 6.65 21.70 11.49
CA LYS B 1166 6.33 21.05 10.23
C LYS B 1166 6.01 22.13 9.21
N LEU B 1167 6.97 22.40 8.32
CA LEU B 1167 6.76 23.35 7.24
C LEU B 1167 5.85 22.75 6.18
N LEU B 1168 4.95 23.57 5.64
CA LEU B 1168 3.92 23.13 4.72
C LEU B 1168 4.26 23.56 3.30
N LYS B 1169 3.44 23.12 2.36
CA LYS B 1169 3.58 23.54 0.97
C LYS B 1169 3.46 25.05 0.87
N GLY B 1170 4.28 25.64 0.01
CA GLY B 1170 4.30 27.08 -0.17
C GLY B 1170 5.20 27.83 0.78
N ALA B 1171 5.77 27.16 1.78
CA ALA B 1171 6.61 27.83 2.75
C ALA B 1171 7.93 28.26 2.09
N THR B 1172 8.40 29.44 2.49
CA THR B 1172 9.66 29.98 2.00
C THR B 1172 10.80 29.28 2.73
N LEU B 1173 11.89 29.02 2.01
CA LEU B 1173 12.96 28.17 2.47
C LEU B 1173 14.26 28.61 1.81
N TYR B 1174 15.38 28.36 2.47
CA TYR B 1174 16.69 28.75 1.96
C TYR B 1174 17.61 27.52 1.90
N ILE B 1175 18.11 27.23 0.71
CA ILE B 1175 19.02 26.13 0.49
C ILE B 1175 20.41 26.71 0.22
N PRO B 1176 21.43 26.33 0.97
CA PRO B 1176 22.79 26.79 0.64
C PRO B 1176 23.22 26.36 -0.75
N LYS B 1177 23.90 27.28 -1.44
CA LYS B 1177 24.52 26.98 -2.72
C LYS B 1177 25.90 27.64 -2.73
N ALA B 1178 26.78 27.06 -3.53
CA ALA B 1178 28.19 27.44 -3.56
C ALA B 1178 28.51 28.07 -4.91
N LEU B 1179 29.20 29.20 -4.87
CA LEU B 1179 29.56 29.95 -6.05
C LEU B 1179 31.06 29.89 -6.25
N ARG B 1180 31.48 29.51 -7.45
CA ARG B 1180 32.89 29.49 -7.81
C ARG B 1180 33.34 30.90 -8.18
N PHE B 1181 34.05 31.56 -7.28
CA PHE B 1181 34.47 32.93 -7.45
C PHE B 1181 35.91 32.97 -7.97
N ASP B 1182 36.21 33.97 -8.79
CA ASP B 1182 37.42 34.02 -9.61
C ASP B 1182 38.50 34.95 -9.05
N ARG B 1183 38.44 35.31 -7.77
CA ARG B 1183 39.54 36.00 -7.09
C ARG B 1183 40.05 35.03 -6.03
N LEU B 1184 41.13 34.32 -6.36
CA LEU B 1184 41.68 33.28 -5.51
C LEU B 1184 42.97 33.67 -4.81
N VAL B 1185 43.47 34.88 -5.06
CA VAL B 1185 44.77 35.32 -4.56
C VAL B 1185 44.58 36.65 -3.86
N ALA B 1186 45.23 36.81 -2.71
CA ALA B 1186 45.18 38.06 -1.97
C ALA B 1186 46.52 38.27 -1.30
N GLY B 1187 46.83 39.53 -0.98
CA GLY B 1187 48.02 39.82 -0.21
C GLY B 1187 47.74 39.63 1.27
N GLN B 1188 48.18 38.50 1.81
CA GLN B 1188 47.76 38.07 3.14
C GLN B 1188 48.93 38.16 4.10
N ILE B 1189 48.64 38.55 5.33
CA ILE B 1189 49.60 38.59 6.42
C ILE B 1189 50.18 37.18 6.52
N PRO B 1190 51.48 37.01 6.80
CA PRO B 1190 52.06 35.66 6.74
C PRO B 1190 51.35 34.68 7.64
N THR B 1191 51.14 33.46 7.14
CA THR B 1191 50.39 32.46 7.86
C THR B 1191 51.09 32.10 9.17
N GLY B 1192 50.32 32.07 10.25
CA GLY B 1192 50.87 31.92 11.57
C GLY B 1192 51.11 33.21 12.32
N TRP B 1193 50.90 34.35 11.67
CA TRP B 1193 50.88 35.62 12.39
C TRP B 1193 49.84 35.57 13.49
N ASN B 1194 50.25 35.91 14.71
CA ASN B 1194 49.37 35.92 15.85
C ASN B 1194 49.67 37.14 16.70
N ALA B 1195 48.61 37.77 17.22
CA ALA B 1195 48.78 38.89 18.12
C ALA B 1195 49.35 38.45 19.46
N LYS B 1196 49.13 37.19 19.84
CA LYS B 1196 49.78 36.66 21.04
C LYS B 1196 51.29 36.67 20.90
N THR B 1197 51.80 36.47 19.68
CA THR B 1197 53.24 36.52 19.47
C THR B 1197 53.82 37.89 19.82
N TYR B 1198 53.05 38.95 19.61
CA TYR B 1198 53.46 40.29 20.01
C TYR B 1198 53.06 40.62 21.44
N GLY B 1199 52.16 39.85 22.04
CA GLY B 1199 51.81 40.00 23.43
C GLY B 1199 50.41 40.50 23.71
N ILE B 1200 49.55 40.59 22.70
CA ILE B 1200 48.17 41.00 22.92
C ILE B 1200 47.41 39.83 23.52
N SER B 1201 46.71 40.08 24.62
CA SER B 1201 46.11 39.01 25.40
C SER B 1201 44.92 38.41 24.66
N ASP B 1202 44.59 37.18 25.05
CA ASP B 1202 43.51 36.45 24.39
C ASP B 1202 42.17 37.13 24.58
N ASP B 1203 41.97 37.78 25.73
CA ASP B 1203 40.72 38.52 25.93
C ASP B 1203 40.59 39.65 24.93
N ILE B 1204 41.67 40.38 24.70
CA ILE B 1204 41.65 41.44 23.68
C ILE B 1204 41.42 40.84 22.30
N ILE B 1205 42.05 39.69 22.02
CA ILE B 1205 41.89 39.07 20.71
C ILE B 1205 40.45 38.66 20.48
N SER B 1206 39.81 38.11 21.52
CA SER B 1206 38.42 37.70 21.40
C SER B 1206 37.49 38.90 21.29
N GLN B 1207 37.87 40.03 21.92
CA GLN B 1207 37.02 41.21 21.89
C GLN B 1207 37.09 41.91 20.54
N VAL B 1208 38.29 42.33 20.14
CA VAL B 1208 38.47 43.21 18.99
C VAL B 1208 38.51 42.41 17.70
N ASP B 1209 38.52 43.12 16.59
CA ASP B 1209 38.65 42.54 15.26
C ASP B 1209 40.11 42.30 14.86
N PRO B 1210 40.33 41.43 13.88
CA PRO B 1210 41.71 41.23 13.38
C PRO B 1210 42.33 42.52 12.86
N ILE B 1211 41.55 43.41 12.27
CA ILE B 1211 42.06 44.71 11.88
C ILE B 1211 42.59 45.45 13.10
N THR B 1212 41.85 45.39 14.20
CA THR B 1212 42.31 46.06 15.41
C THR B 1212 43.60 45.45 15.92
N LEU B 1213 43.74 44.13 15.82
CA LEU B 1213 44.99 43.51 16.24
C LEU B 1213 46.15 43.96 15.36
N PHE B 1214 45.92 44.05 14.04
CA PHE B 1214 46.94 44.56 13.14
C PHE B 1214 47.37 45.96 13.54
N VAL B 1215 46.39 46.81 13.85
CA VAL B 1215 46.68 48.20 14.18
C VAL B 1215 47.40 48.31 15.51
N LEU B 1216 47.04 47.48 16.47
CA LEU B 1216 47.72 47.53 17.76
C LEU B 1216 49.17 47.11 17.62
N VAL B 1217 49.43 46.05 16.84
CA VAL B 1217 50.81 45.62 16.64
C VAL B 1217 51.58 46.69 15.87
N SER B 1218 50.94 47.31 14.88
CA SER B 1218 51.61 48.36 14.11
C SER B 1218 51.91 49.57 14.98
N VAL B 1219 50.99 49.96 15.86
CA VAL B 1219 51.22 51.09 16.76
C VAL B 1219 52.37 50.79 17.71
N VAL B 1220 52.39 49.58 18.29
CA VAL B 1220 53.47 49.24 19.21
C VAL B 1220 54.81 49.23 18.49
N GLU B 1221 54.86 48.61 17.29
CA GLU B 1221 56.11 48.56 16.55
C GLU B 1221 56.53 49.95 16.08
N ALA B 1222 55.56 50.82 15.82
CA ALA B 1222 55.88 52.19 15.42
C ALA B 1222 56.45 52.99 16.58
N PHE B 1223 55.94 52.77 17.79
CA PHE B 1223 56.53 53.43 18.94
C PHE B 1223 57.91 52.84 19.25
N ILE B 1224 58.08 51.54 19.01
CA ILE B 1224 59.41 50.94 19.18
C ILE B 1224 60.39 51.58 18.20
N ALA B 1225 59.96 51.75 16.95
CA ALA B 1225 60.79 52.44 15.96
C ALA B 1225 61.03 53.89 16.37
N SER B 1226 60.04 54.52 16.99
CA SER B 1226 60.17 55.80 17.67
C SER B 1226 61.17 55.77 18.82
N GLY B 1227 61.50 54.60 19.33
CA GLY B 1227 62.28 54.49 20.54
C GLY B 1227 61.47 54.71 21.80
N ILE B 1228 60.15 54.87 21.68
CA ILE B 1228 59.29 55.14 22.82
C ILE B 1228 58.78 53.79 23.29
N THR B 1229 59.55 53.15 24.17
CA THR B 1229 59.17 51.83 24.69
C THR B 1229 57.92 51.94 25.55
N ASP B 1230 57.84 52.97 26.37
CA ASP B 1230 56.68 53.23 27.21
C ASP B 1230 55.92 54.42 26.64
N PRO B 1231 54.69 54.26 26.14
CA PRO B 1231 53.98 55.43 25.57
C PRO B 1231 53.77 56.56 26.56
N TYR B 1232 53.68 56.30 27.86
CA TYR B 1232 53.48 57.37 28.83
C TYR B 1232 54.68 58.29 28.93
N GLU B 1233 55.82 57.92 28.33
CA GLU B 1233 56.98 58.80 28.36
C GLU B 1233 56.72 60.04 27.53
N MET B 1234 55.79 59.97 26.57
CA MET B 1234 55.37 61.17 25.86
C MET B 1234 54.79 62.20 26.82
N TYR B 1235 54.17 61.75 27.91
CA TYR B 1235 53.57 62.67 28.86
C TYR B 1235 54.61 63.30 29.78
N LYS B 1236 55.87 62.90 29.68
CA LYS B 1236 56.94 63.66 30.31
C LYS B 1236 57.23 64.94 29.56
N TYR B 1237 56.83 65.01 28.28
CA TYR B 1237 57.13 66.14 27.41
C TYR B 1237 55.91 66.92 26.97
N VAL B 1238 54.74 66.28 26.88
CA VAL B 1238 53.54 66.91 26.37
C VAL B 1238 52.39 66.60 27.33
N HIS B 1239 51.30 67.35 27.16
CA HIS B 1239 50.10 67.08 27.93
C HIS B 1239 49.34 65.91 27.29
N VAL B 1240 48.55 65.22 28.12
CA VAL B 1240 47.72 64.12 27.61
C VAL B 1240 46.81 64.63 26.50
N SER B 1241 46.41 65.90 26.57
CA SER B 1241 45.63 66.54 25.53
C SER B 1241 46.40 66.75 24.23
N GLU B 1242 47.73 66.56 24.24
CA GLU B 1242 48.56 66.94 23.10
C GLU B 1242 49.07 65.74 22.31
N VAL B 1243 48.55 64.55 22.55
CA VAL B 1243 48.89 63.36 21.77
C VAL B 1243 47.62 62.89 21.06
N GLY B 1244 47.56 63.12 19.75
CA GLY B 1244 46.39 62.77 18.97
C GLY B 1244 46.60 61.47 18.23
N ASN B 1245 45.50 60.95 17.69
CA ASN B 1245 45.51 59.75 16.88
C ASN B 1245 44.63 60.01 15.66
N CYS B 1246 45.26 60.19 14.51
CA CYS B 1246 44.56 60.60 13.30
C CYS B 1246 44.64 59.54 12.20
N SER B 1247 44.93 58.30 12.56
CA SER B 1247 44.85 57.20 11.60
C SER B 1247 43.39 56.78 11.44
N GLY B 1248 43.13 56.04 10.35
CA GLY B 1248 41.80 55.56 10.08
C GLY B 1248 41.80 54.45 9.05
N SER B 1249 40.60 53.98 8.72
CA SER B 1249 40.41 52.86 7.82
C SER B 1249 39.49 53.28 6.69
N GLY B 1250 39.70 52.66 5.52
CA GLY B 1250 38.73 52.78 4.46
C GLY B 1250 37.41 52.12 4.75
N MET B 1251 37.44 50.96 5.41
CA MET B 1251 36.25 50.15 5.66
C MET B 1251 36.07 49.76 7.11
N GLY B 1252 37.14 49.62 7.89
CA GLY B 1252 37.05 49.33 9.30
C GLY B 1252 36.87 47.87 9.62
N GLY B 1253 36.15 47.58 10.70
CA GLY B 1253 35.95 46.22 11.15
C GLY B 1253 35.00 45.44 10.29
N VAL B 1254 35.45 45.08 9.09
CA VAL B 1254 34.59 44.36 8.15
C VAL B 1254 34.23 42.99 8.69
N SER B 1255 35.08 42.40 9.53
CA SER B 1255 34.71 41.15 10.19
C SER B 1255 33.51 41.37 11.09
N ALA B 1256 33.48 42.48 11.82
CA ALA B 1256 32.34 42.79 12.68
C ALA B 1256 31.12 43.15 11.86
N LEU B 1257 31.30 43.81 10.72
CA LEU B 1257 30.18 44.06 9.82
C LEU B 1257 29.58 42.76 9.31
N ARG B 1258 30.43 41.81 8.94
CA ARG B 1258 29.95 40.49 8.55
C ARG B 1258 29.21 39.82 9.69
N GLY B 1259 29.76 39.92 10.91
CA GLY B 1259 29.02 39.46 12.08
C GLY B 1259 27.61 40.00 12.11
N MET B 1260 27.48 41.33 12.16
CA MET B 1260 26.19 41.99 12.34
C MET B 1260 25.23 41.66 11.20
N PHE B 1261 25.72 41.61 9.96
CA PHE B 1261 24.84 41.52 8.80
C PHE B 1261 24.55 40.09 8.36
N LYS B 1262 25.43 39.13 8.67
CA LYS B 1262 25.29 37.76 8.20
C LYS B 1262 25.20 36.76 9.34
N ASP B 1263 26.09 36.84 10.33
CA ASP B 1263 26.08 35.83 11.38
C ASP B 1263 24.92 36.04 12.32
N ARG B 1264 24.58 37.30 12.60
CA ARG B 1264 23.38 37.59 13.36
C ARG B 1264 22.13 37.18 12.59
N PHE B 1265 22.14 37.37 11.27
CA PHE B 1265 21.03 36.92 10.44
C PHE B 1265 20.89 35.41 10.50
N LYS B 1266 22.01 34.69 10.52
CA LYS B 1266 22.03 33.24 10.65
C LYS B 1266 21.85 32.78 12.09
N ASP B 1267 21.75 33.70 13.05
CA ASP B 1267 21.58 33.40 14.46
C ASP B 1267 22.78 32.66 15.05
N GLU B 1268 23.95 32.85 14.46
CA GLU B 1268 25.17 32.30 15.02
C GLU B 1268 25.58 33.12 16.24
N PRO B 1269 26.40 32.55 17.13
CA PRO B 1269 26.86 33.34 18.27
C PRO B 1269 27.73 34.52 17.86
N VAL B 1270 27.22 35.73 18.09
CA VAL B 1270 27.95 36.97 17.81
C VAL B 1270 27.91 37.81 19.07
N GLN B 1271 29.04 38.43 19.41
CA GLN B 1271 29.11 39.24 20.61
C GLN B 1271 28.13 40.41 20.51
N ASN B 1272 27.55 40.79 21.65
CA ASN B 1272 26.56 41.87 21.66
C ASN B 1272 27.15 43.20 21.24
N ASP B 1273 28.46 43.39 21.36
CA ASP B 1273 29.12 44.64 21.00
C ASP B 1273 29.94 44.49 19.72
N ILE B 1274 29.42 43.74 18.76
CA ILE B 1274 30.08 43.63 17.46
C ILE B 1274 29.94 44.93 16.66
N LEU B 1275 28.84 45.66 16.89
CA LEU B 1275 28.62 46.94 16.23
C LEU B 1275 29.76 47.91 16.50
N GLN B 1276 30.08 48.12 17.78
CA GLN B 1276 31.14 49.06 18.11
C GLN B 1276 32.50 48.53 17.65
N GLU B 1277 32.63 47.22 17.48
CA GLU B 1277 33.87 46.68 16.96
C GLU B 1277 33.98 46.88 15.46
N SER B 1278 32.85 47.13 14.78
CA SER B 1278 32.88 47.40 13.35
C SER B 1278 33.27 48.83 12.99
N PHE B 1279 33.21 49.78 13.91
CA PHE B 1279 33.47 51.17 13.55
C PHE B 1279 34.91 51.36 13.09
N ILE B 1280 35.09 52.34 12.19
CA ILE B 1280 36.41 52.67 11.68
C ILE B 1280 37.26 53.33 12.78
N ASN B 1281 36.62 54.07 13.68
CA ASN B 1281 37.33 54.71 14.79
C ASN B 1281 37.55 53.79 15.97
N THR B 1282 37.01 52.58 15.96
CA THR B 1282 37.18 51.66 17.08
C THR B 1282 38.63 51.24 17.22
N MET B 1283 39.34 51.05 16.11
CA MET B 1283 40.75 50.65 16.19
C MET B 1283 41.57 51.71 16.88
N SER B 1284 41.36 52.97 16.53
CA SER B 1284 42.12 54.04 17.16
C SER B 1284 41.70 54.22 18.61
N ALA B 1285 40.41 53.98 18.90
CA ALA B 1285 39.95 53.98 20.28
C ALA B 1285 40.66 52.92 21.11
N TRP B 1286 40.77 51.70 20.55
CA TRP B 1286 41.45 50.61 21.25
C TRP B 1286 42.93 50.92 21.42
N VAL B 1287 43.53 51.56 20.41
CA VAL B 1287 44.92 51.99 20.54
C VAL B 1287 45.07 52.94 21.72
N ASN B 1288 44.20 53.94 21.78
CA ASN B 1288 44.30 54.94 22.85
C ASN B 1288 44.04 54.32 24.22
N MET B 1289 43.07 53.42 24.32
CA MET B 1289 42.68 52.88 25.61
C MET B 1289 43.31 51.51 25.89
N LEU B 1290 44.33 51.13 25.13
CA LEU B 1290 45.24 50.05 25.53
C LEU B 1290 46.68 50.50 25.65
N LEU B 1291 47.07 51.60 25.00
CA LEU B 1291 48.47 52.03 24.99
C LEU B 1291 48.68 53.49 25.35
N ILE B 1292 47.80 54.40 24.93
CA ILE B 1292 48.17 55.81 24.89
C ILE B 1292 47.63 56.56 26.12
N SER B 1293 46.35 56.35 26.47
CA SER B 1293 45.68 57.10 27.56
C SER B 1293 45.54 58.59 27.25
N SER B 1294 45.81 58.99 26.02
CA SER B 1294 45.80 60.41 25.67
C SER B 1294 44.38 60.94 25.67
N SER B 1295 44.26 62.22 26.00
CA SER B 1295 43.03 62.97 25.78
C SER B 1295 43.19 63.93 24.60
N GLY B 1296 44.07 63.57 23.66
CA GLY B 1296 44.36 64.41 22.53
C GLY B 1296 43.41 64.17 21.40
N PRO B 1297 43.57 64.97 20.34
CA PRO B 1297 42.58 64.98 19.26
C PRO B 1297 42.44 63.62 18.61
N ILE B 1298 41.20 63.27 18.29
CA ILE B 1298 40.87 62.01 17.63
C ILE B 1298 40.12 62.36 16.36
N LYS B 1299 40.74 62.05 15.22
CA LYS B 1299 40.23 62.45 13.91
C LYS B 1299 40.45 61.29 12.96
N THR B 1300 39.45 60.42 12.83
CA THR B 1300 39.60 59.17 12.09
C THR B 1300 39.14 59.36 10.66
N PRO B 1301 40.03 59.39 9.66
CA PRO B 1301 39.58 59.61 8.28
C PRO B 1301 39.19 58.32 7.56
N VAL B 1302 38.31 58.49 6.57
CA VAL B 1302 37.98 57.45 5.59
C VAL B 1302 38.33 58.02 4.23
N GLY B 1303 39.09 57.26 3.45
CA GLY B 1303 39.50 57.72 2.14
C GLY B 1303 39.64 56.63 1.13
N ALA B 1304 39.05 55.47 1.41
CA ALA B 1304 39.23 54.27 0.59
C ALA B 1304 40.72 53.99 0.55
N ALA B 1305 41.39 54.08 -0.59
CA ALA B 1305 42.81 53.74 -0.66
C ALA B 1305 43.72 54.90 -0.24
N ALA B 1306 43.19 56.11 -0.10
CA ALA B 1306 43.98 57.28 0.26
C ALA B 1306 43.81 57.70 1.71
N THR B 1307 43.25 56.84 2.57
CA THR B 1307 42.99 57.25 3.95
C THR B 1307 44.27 57.50 4.72
N SER B 1308 45.37 56.87 4.31
CA SER B 1308 46.62 57.05 5.04
C SER B 1308 47.23 58.41 4.73
N VAL B 1309 47.16 58.86 3.47
CA VAL B 1309 47.59 60.21 3.15
C VAL B 1309 46.63 61.23 3.76
N GLU B 1310 45.34 60.91 3.75
CA GLU B 1310 44.37 61.70 4.50
C GLU B 1310 44.78 61.85 5.96
N SER B 1311 45.19 60.74 6.57
CA SER B 1311 45.59 60.74 7.96
C SER B 1311 46.84 61.58 8.18
N VAL B 1312 47.82 61.45 7.29
CA VAL B 1312 49.05 62.24 7.43
C VAL B 1312 48.73 63.73 7.30
N ASP B 1313 47.86 64.07 6.35
CA ASP B 1313 47.46 65.47 6.19
C ASP B 1313 46.73 66.00 7.43
N ILE B 1314 45.80 65.20 7.96
CA ILE B 1314 45.05 65.62 9.14
C ILE B 1314 45.97 65.74 10.35
N GLY B 1315 46.91 64.80 10.49
CA GLY B 1315 47.85 64.87 11.59
C GLY B 1315 48.76 66.08 11.49
N VAL B 1316 49.19 66.39 10.27
CA VAL B 1316 50.00 67.57 10.04
C VAL B 1316 49.22 68.81 10.44
N GLU B 1317 47.95 68.89 10.04
CA GLU B 1317 47.13 70.04 10.39
C GLU B 1317 46.90 70.13 11.89
N THR B 1318 46.71 68.98 12.53
CA THR B 1318 46.54 68.97 13.99
C THR B 1318 47.77 69.52 14.69
N ILE B 1319 48.95 69.05 14.30
CA ILE B 1319 50.16 69.53 14.95
C ILE B 1319 50.40 71.00 14.64
N LEU B 1320 50.20 71.42 13.40
CA LEU B 1320 50.39 72.81 13.04
C LEU B 1320 49.41 73.73 13.77
N SER B 1321 48.16 73.29 13.95
CA SER B 1321 47.20 74.03 14.75
C SER B 1321 47.53 74.02 16.23
N GLY B 1322 48.33 73.05 16.69
CA GLY B 1322 48.74 73.01 18.07
C GLY B 1322 47.81 72.27 18.99
N LYS B 1323 46.72 71.70 18.47
CA LYS B 1323 45.83 70.90 19.30
C LYS B 1323 46.49 69.57 19.67
N ALA B 1324 47.53 69.18 18.93
CA ALA B 1324 48.41 68.10 19.32
C ALA B 1324 49.85 68.54 19.05
N ARG B 1325 50.78 67.92 19.78
CA ARG B 1325 52.19 67.98 19.42
C ARG B 1325 52.68 66.66 18.86
N ILE B 1326 52.02 65.54 19.20
CA ILE B 1326 52.34 64.22 18.70
C ILE B 1326 51.07 63.64 18.10
N CYS B 1327 51.22 62.92 16.99
CA CYS B 1327 50.09 62.35 16.28
C CYS B 1327 50.43 60.96 15.75
N ILE B 1328 49.49 60.05 15.94
CA ILE B 1328 49.55 58.71 15.35
C ILE B 1328 48.73 58.74 14.08
N VAL B 1329 49.41 58.68 12.94
CA VAL B 1329 48.78 58.69 11.64
C VAL B 1329 49.01 57.34 10.98
N GLY B 1330 48.33 57.11 9.87
CA GLY B 1330 48.47 55.89 9.13
C GLY B 1330 47.11 55.33 8.81
N GLY B 1331 47.10 54.09 8.32
CA GLY B 1331 45.85 53.51 7.88
C GLY B 1331 45.89 52.00 7.94
N TYR B 1332 44.69 51.42 7.86
CA TYR B 1332 44.54 49.99 8.09
C TYR B 1332 43.29 49.50 7.40
N ASP B 1333 43.33 48.22 7.02
CA ASP B 1333 42.16 47.56 6.44
C ASP B 1333 42.38 46.07 6.48
N ASP B 1334 41.28 45.34 6.34
CA ASP B 1334 41.28 43.89 6.40
C ASP B 1334 40.73 43.33 5.09
N PHE B 1335 41.16 42.12 4.77
CA PHE B 1335 40.68 41.39 3.61
C PHE B 1335 39.63 40.41 4.09
N GLN B 1336 38.44 40.46 3.48
CA GLN B 1336 37.37 39.56 3.84
C GLN B 1336 36.63 39.13 2.58
N GLU B 1337 35.81 38.09 2.77
CA GLU B 1337 35.07 37.49 1.66
C GLU B 1337 34.23 38.52 0.92
N GLU B 1338 33.46 39.33 1.65
CA GLU B 1338 32.48 40.20 1.02
C GLU B 1338 33.15 41.37 0.31
N GLY B 1339 34.15 41.98 0.95
CA GLY B 1339 34.88 43.04 0.28
C GLY B 1339 35.57 42.53 -0.98
N SER B 1340 36.18 41.35 -0.90
CA SER B 1340 36.77 40.75 -2.08
C SER B 1340 35.73 40.54 -3.17
N PHE B 1341 34.57 40.02 -2.79
CA PHE B 1341 33.55 39.70 -3.79
C PHE B 1341 33.05 40.96 -4.47
N GLU B 1342 32.90 42.05 -3.72
CA GLU B 1342 32.32 43.24 -4.31
C GLU B 1342 33.35 44.00 -5.13
N PHE B 1343 34.63 43.91 -4.76
CA PHE B 1343 35.67 44.42 -5.65
C PHE B 1343 35.69 43.61 -6.95
N GLY B 1344 35.49 42.30 -6.85
CA GLY B 1344 35.37 41.50 -8.06
C GLY B 1344 34.16 41.87 -8.89
N ASN B 1345 33.05 42.19 -8.23
CA ASN B 1345 31.85 42.63 -8.94
C ASN B 1345 32.10 43.95 -9.65
N MET B 1346 32.82 44.86 -9.03
CA MET B 1346 33.30 46.08 -9.65
C MET B 1346 34.32 45.83 -10.74
N LYS B 1347 34.95 44.66 -10.76
CA LYS B 1347 36.06 44.34 -11.66
C LYS B 1347 37.27 45.22 -11.39
N ALA B 1348 37.39 45.72 -10.17
CA ALA B 1348 38.56 46.51 -9.80
C ALA B 1348 39.76 45.60 -9.53
N THR B 1349 39.52 44.41 -9.01
CA THR B 1349 40.59 43.46 -8.77
C THR B 1349 40.89 42.67 -10.03
N SER B 1350 42.05 42.02 -10.04
CA SER B 1350 42.44 41.20 -11.18
C SER B 1350 41.77 39.84 -11.09
N ASN B 1351 41.30 39.37 -12.24
CA ASN B 1351 40.65 38.07 -12.32
C ASN B 1351 41.73 36.98 -12.30
N THR B 1352 41.72 36.18 -11.23
CA THR B 1352 42.76 35.16 -11.05
C THR B 1352 42.69 34.10 -12.12
N LEU B 1353 41.48 33.76 -12.58
CA LEU B 1353 41.37 32.77 -13.65
C LEU B 1353 41.98 33.29 -14.95
N GLU B 1354 41.76 34.57 -15.25
CA GLU B 1354 42.40 35.17 -16.41
C GLU B 1354 43.92 35.18 -16.24
N GLU B 1355 44.40 35.48 -15.04
CA GLU B 1355 45.84 35.46 -14.78
C GLU B 1355 46.41 34.06 -15.00
N PHE B 1356 45.72 33.04 -14.51
CA PHE B 1356 46.17 31.66 -14.74
C PHE B 1356 46.15 31.32 -16.22
N GLU B 1357 45.13 31.80 -16.96
CA GLU B 1357 45.12 31.61 -18.40
C GLU B 1357 46.35 32.23 -19.05
N HIS B 1358 46.77 33.38 -18.55
CA HIS B 1358 47.97 34.04 -19.05
C HIS B 1358 49.26 33.50 -18.44
N GLY B 1359 49.17 32.53 -17.55
CA GLY B 1359 50.36 31.88 -16.99
C GLY B 1359 51.00 32.66 -15.87
N ARG B 1360 50.25 33.57 -15.24
CA ARG B 1360 50.76 34.46 -14.22
C ARG B 1360 50.57 33.81 -12.86
N THR B 1361 51.63 33.78 -12.07
CA THR B 1361 51.54 33.24 -10.72
C THR B 1361 51.11 34.33 -9.74
N PRO B 1362 50.65 33.93 -8.54
CA PRO B 1362 50.34 34.91 -7.49
C PRO B 1362 51.45 35.92 -7.26
N ALA B 1363 52.71 35.51 -7.37
CA ALA B 1363 53.82 36.42 -7.10
C ALA B 1363 53.91 37.51 -8.16
N GLU B 1364 53.24 37.34 -9.31
CA GLU B 1364 53.29 38.31 -10.39
C GLU B 1364 51.90 38.79 -10.84
N MET B 1365 50.85 38.52 -10.06
CA MET B 1365 49.55 39.11 -10.39
C MET B 1365 49.61 40.63 -10.36
N SER B 1366 50.27 41.20 -9.35
CA SER B 1366 50.34 42.65 -9.16
C SER B 1366 51.54 43.17 -9.93
N ARG B 1367 51.29 43.82 -11.06
CA ARG B 1367 52.33 44.31 -11.96
C ARG B 1367 51.98 45.73 -12.37
N PRO B 1368 52.22 46.71 -11.50
CA PRO B 1368 51.88 48.10 -11.85
C PRO B 1368 52.65 48.60 -13.05
N ALA B 1369 51.99 49.48 -13.81
CA ALA B 1369 52.62 50.22 -14.91
C ALA B 1369 53.08 49.28 -16.02
N THR B 1370 52.37 48.17 -16.20
CA THR B 1370 52.70 47.18 -17.21
C THR B 1370 51.58 47.14 -18.23
N THR B 1371 51.95 46.73 -19.46
CA THR B 1371 50.97 46.63 -20.53
C THR B 1371 49.83 45.67 -20.21
N THR B 1372 50.07 44.67 -19.37
CA THR B 1372 49.12 43.58 -19.15
C THR B 1372 48.39 43.67 -17.82
N ARG B 1373 48.59 44.74 -17.06
CA ARG B 1373 47.90 44.88 -15.78
C ARG B 1373 46.39 44.96 -16.00
N ASN B 1374 45.64 44.17 -15.25
CA ASN B 1374 44.20 44.04 -15.45
C ASN B 1374 43.45 43.95 -14.11
N GLY B 1375 43.86 44.74 -13.15
CA GLY B 1375 43.18 44.80 -11.86
C GLY B 1375 44.16 44.81 -10.72
N PHE B 1376 43.73 45.37 -9.59
CA PHE B 1376 44.60 45.46 -8.43
C PHE B 1376 44.53 44.19 -7.61
N MET B 1377 45.60 43.97 -6.85
CA MET B 1377 45.74 42.78 -6.02
C MET B 1377 45.33 43.18 -4.61
N GLU B 1378 44.24 42.60 -4.13
CA GLU B 1378 43.75 42.96 -2.81
C GLU B 1378 44.67 42.41 -1.71
N ALA B 1379 44.83 43.19 -0.65
CA ALA B 1379 45.70 42.79 0.45
C ALA B 1379 45.05 43.24 1.76
N GLN B 1380 45.78 43.08 2.86
CA GLN B 1380 45.29 43.44 4.17
C GLN B 1380 46.47 43.82 5.05
N GLY B 1381 46.15 44.54 6.12
CA GLY B 1381 47.14 44.89 7.12
C GLY B 1381 46.99 46.34 7.53
N ALA B 1382 48.03 46.81 8.22
CA ALA B 1382 48.01 48.13 8.81
C ALA B 1382 49.38 48.77 8.65
N GLY B 1383 49.40 50.09 8.69
CA GLY B 1383 50.62 50.87 8.68
C GLY B 1383 50.42 52.07 9.57
N ILE B 1384 51.38 52.34 10.43
CA ILE B 1384 51.29 53.40 11.42
C ILE B 1384 52.57 54.20 11.38
N GLN B 1385 52.43 55.51 11.59
CA GLN B 1385 53.55 56.41 11.73
C GLN B 1385 53.31 57.30 12.94
N ILE B 1386 54.35 57.49 13.74
CA ILE B 1386 54.37 58.48 14.80
C ILE B 1386 55.02 59.72 14.21
N ILE B 1387 54.22 60.76 14.02
CA ILE B 1387 54.69 62.06 13.57
C ILE B 1387 54.56 63.03 14.74
N MET B 1388 55.38 64.06 14.73
CA MET B 1388 55.29 65.11 15.75
C MET B 1388 56.17 66.28 15.32
N GLN B 1389 56.18 67.31 16.15
CA GLN B 1389 56.96 68.50 15.87
C GLN B 1389 58.45 68.18 15.86
N ALA B 1390 59.18 68.89 14.99
CA ALA B 1390 60.63 68.72 14.96
C ALA B 1390 61.28 69.16 16.26
N ASP B 1391 60.83 70.30 16.80
CA ASP B 1391 61.34 70.77 18.08
C ASP B 1391 61.16 69.72 19.16
N LEU B 1392 59.96 69.14 19.26
CA LEU B 1392 59.72 68.18 20.31
C LEU B 1392 60.43 66.86 20.04
N ALA B 1393 60.59 66.50 18.76
CA ALA B 1393 61.33 65.28 18.45
C ALA B 1393 62.78 65.41 18.89
N LEU B 1394 63.39 66.56 18.63
CA LEU B 1394 64.74 66.80 19.12
C LEU B 1394 64.75 66.80 20.65
N LYS B 1395 63.74 67.40 21.27
CA LYS B 1395 63.71 67.50 22.73
C LYS B 1395 63.61 66.11 23.37
N MET B 1396 62.76 65.24 22.82
CA MET B 1396 62.67 63.86 23.29
C MET B 1396 63.87 63.02 22.90
N GLY B 1397 64.66 63.46 21.92
CA GLY B 1397 65.80 62.67 21.52
C GLY B 1397 65.37 61.40 20.81
N VAL B 1398 64.52 61.55 19.82
CA VAL B 1398 63.91 60.44 19.11
C VAL B 1398 64.47 60.38 17.70
N PRO B 1399 64.47 59.23 17.04
CA PRO B 1399 64.88 59.19 15.64
C PRO B 1399 63.92 59.94 14.76
N ILE B 1400 64.46 60.53 13.71
CA ILE B 1400 63.67 61.24 12.70
C ILE B 1400 63.98 60.57 11.37
N TYR B 1401 62.99 59.87 10.83
CA TYR B 1401 63.14 59.14 9.57
C TYR B 1401 62.87 60.00 8.35
N GLY B 1402 62.10 61.07 8.50
CA GLY B 1402 61.80 61.94 7.39
C GLY B 1402 60.96 63.11 7.85
N ILE B 1403 60.95 64.14 7.02
CA ILE B 1403 60.22 65.38 7.29
C ILE B 1403 59.01 65.41 6.39
N VAL B 1404 57.82 65.49 6.97
CA VAL B 1404 56.58 65.57 6.19
C VAL B 1404 56.49 67.02 5.72
N ALA B 1405 57.06 67.27 4.55
CA ALA B 1405 57.17 68.64 4.05
C ALA B 1405 55.81 69.17 3.60
N MET B 1406 54.97 68.32 3.04
CA MET B 1406 53.63 68.71 2.63
C MET B 1406 52.77 67.46 2.64
N ALA B 1407 51.49 67.64 2.91
CA ALA B 1407 50.52 66.55 2.88
C ALA B 1407 49.17 67.16 2.54
N ALA B 1408 48.62 66.81 1.38
CA ALA B 1408 47.43 67.45 0.85
C ALA B 1408 46.49 66.40 0.31
N THR B 1409 45.20 66.75 0.29
CA THR B 1409 44.14 65.92 -0.26
C THR B 1409 43.33 66.76 -1.23
N ALA B 1410 42.63 66.08 -2.14
CA ALA B 1410 41.91 66.76 -3.20
C ALA B 1410 40.82 65.84 -3.75
N THR B 1411 39.80 66.46 -4.33
CA THR B 1411 38.77 65.79 -5.11
C THR B 1411 39.04 66.06 -6.58
N ASP B 1412 38.35 65.34 -7.46
CA ASP B 1412 38.70 65.45 -8.88
C ASP B 1412 37.84 66.46 -9.61
N LYS B 1413 36.57 66.13 -9.84
CA LYS B 1413 35.68 66.97 -10.64
C LYS B 1413 34.31 66.32 -10.62
N ILE B 1414 33.40 66.88 -11.42
CA ILE B 1414 32.05 66.34 -11.54
C ILE B 1414 32.03 65.21 -12.56
N GLY B 1415 31.36 64.12 -12.18
CA GLY B 1415 31.28 62.91 -12.98
C GLY B 1415 30.40 61.92 -12.28
N ARG B 1416 30.14 60.81 -12.96
CA ARG B 1416 29.22 59.79 -12.47
C ARG B 1416 29.90 58.45 -12.18
N SER B 1417 31.21 58.45 -11.93
CA SER B 1417 31.96 57.21 -11.67
C SER B 1417 32.76 57.39 -10.39
N VAL B 1418 32.36 56.67 -9.33
CA VAL B 1418 33.02 56.80 -8.04
C VAL B 1418 34.48 56.34 -8.08
N PRO B 1419 34.80 55.13 -8.56
CA PRO B 1419 36.19 54.65 -8.50
C PRO B 1419 37.11 55.21 -9.57
N ALA B 1420 36.61 56.03 -10.49
CA ALA B 1420 37.45 56.57 -11.55
C ALA B 1420 38.45 57.55 -10.96
N PRO B 1421 39.75 57.36 -11.16
CA PRO B 1421 40.74 58.36 -10.68
C PRO B 1421 40.60 59.70 -11.38
N GLY B 1422 41.38 60.66 -10.91
CA GLY B 1422 41.39 61.97 -11.53
C GLY B 1422 42.56 62.83 -11.13
N LYS B 1423 42.74 63.96 -11.82
CA LYS B 1423 43.90 64.82 -11.66
C LYS B 1423 43.74 65.82 -10.53
N GLY B 1424 42.82 65.56 -9.59
CA GLY B 1424 42.51 66.55 -8.57
C GLY B 1424 43.72 66.96 -7.75
N ILE B 1425 44.60 65.99 -7.44
CA ILE B 1425 45.77 66.28 -6.63
C ILE B 1425 46.80 67.11 -7.38
N LEU B 1426 46.61 67.30 -8.69
CA LEU B 1426 47.50 68.16 -9.47
C LEU B 1426 47.54 69.58 -8.95
N THR B 1427 46.52 70.00 -8.19
CA THR B 1427 46.51 71.33 -7.60
C THR B 1427 47.67 71.56 -6.64
N THR B 1428 48.23 70.50 -6.06
CA THR B 1428 49.38 70.66 -5.17
C THR B 1428 50.59 71.24 -5.91
N ALA B 1429 50.62 71.16 -7.24
CA ALA B 1429 51.62 71.82 -8.05
C ALA B 1429 51.07 73.06 -8.74
N ARG B 1430 50.06 73.70 -8.17
CA ARG B 1430 49.45 74.85 -8.80
C ARG B 1430 50.35 76.08 -8.64
N GLU B 1431 50.65 76.71 -9.77
CA GLU B 1431 51.59 77.81 -9.80
C GLU B 1431 51.21 78.74 -10.94
N HIS B 1432 51.44 80.03 -10.74
CA HIS B 1432 51.08 81.06 -11.70
C HIS B 1432 52.34 81.54 -12.39
N HIS B 1433 52.27 81.63 -13.72
CA HIS B 1433 53.44 81.93 -14.54
C HIS B 1433 53.14 83.01 -15.56
N SER B 1434 52.32 84.00 -15.19
CA SER B 1434 52.03 85.10 -16.10
C SER B 1434 53.20 86.08 -16.18
N SER B 1435 53.88 86.31 -15.04
CA SER B 1435 55.02 87.23 -14.97
C SER B 1435 56.12 86.55 -14.17
N VAL B 1436 57.00 85.83 -14.86
CA VAL B 1436 58.13 85.15 -14.24
C VAL B 1436 59.42 85.59 -14.92
N LYS B 1437 59.44 86.82 -15.44
CA LYS B 1437 60.64 87.32 -16.10
C LYS B 1437 61.81 87.44 -15.13
N TYR B 1438 61.51 87.60 -13.84
CA TYR B 1438 62.53 87.75 -12.81
C TYR B 1438 62.22 86.84 -11.63
N ALA B 1439 63.27 86.42 -10.93
CA ALA B 1439 63.09 85.52 -9.80
C ALA B 1439 62.46 86.25 -8.62
N SER B 1440 61.63 85.53 -7.88
CA SER B 1440 61.07 86.06 -6.65
C SER B 1440 62.17 86.23 -5.60
N PRO B 1441 62.30 87.39 -4.96
CA PRO B 1441 63.15 87.47 -3.76
C PRO B 1441 62.70 86.52 -2.66
N ASN B 1442 61.40 86.21 -2.61
CA ASN B 1442 60.87 85.39 -1.53
C ASN B 1442 61.37 83.95 -1.61
N LEU B 1443 61.66 83.46 -2.82
CA LEU B 1443 62.23 82.13 -2.97
C LEU B 1443 63.72 82.09 -2.66
N ASN B 1444 64.37 83.24 -2.53
CA ASN B 1444 65.77 83.29 -2.13
C ASN B 1444 65.86 83.18 -0.61
N MET B 1445 66.71 82.27 -0.12
CA MET B 1445 66.78 82.02 1.31
C MET B 1445 67.52 83.13 2.04
N LYS B 1446 68.49 83.77 1.40
CA LYS B 1446 69.21 84.87 2.04
C LYS B 1446 68.27 86.04 2.32
N TYR B 1447 67.35 86.32 1.40
CA TYR B 1447 66.38 87.38 1.64
C TYR B 1447 65.52 87.07 2.85
N ARG B 1448 65.04 85.82 2.94
CA ARG B 1448 64.20 85.43 4.06
C ARG B 1448 64.96 85.49 5.38
N LYS B 1449 66.23 85.08 5.37
CA LYS B 1449 67.03 85.16 6.59
C LYS B 1449 67.29 86.61 6.97
N ARG B 1450 67.48 87.50 5.99
CA ARG B 1450 67.65 88.91 6.28
C ARG B 1450 66.41 89.48 6.96
N GLN B 1451 65.23 89.15 6.42
CA GLN B 1451 64.00 89.61 7.06
C GLN B 1451 63.84 89.00 8.45
N LEU B 1452 64.26 87.75 8.62
CA LEU B 1452 64.16 87.11 9.92
C LEU B 1452 65.02 87.84 10.95
N VAL B 1453 66.25 88.20 10.58
CA VAL B 1453 67.13 88.88 11.54
C VAL B 1453 66.61 90.29 11.83
N THR B 1454 66.04 90.97 10.82
CA THR B 1454 65.44 92.26 11.12
C THR B 1454 64.28 92.13 12.09
N ARG B 1455 63.45 91.10 11.91
CA ARG B 1455 62.35 90.87 12.84
C ARG B 1455 62.88 90.51 14.22
N GLU B 1456 64.00 89.79 14.29
CA GLU B 1456 64.60 89.47 15.58
C GLU B 1456 65.08 90.73 16.29
N ALA B 1457 65.69 91.65 15.55
CA ALA B 1457 66.10 92.92 16.13
C ALA B 1457 64.88 93.68 16.66
N GLN B 1458 63.81 93.73 15.88
CA GLN B 1458 62.59 94.41 16.33
C GLN B 1458 62.02 93.73 17.56
N ILE B 1459 62.07 92.40 17.60
CA ILE B 1459 61.51 91.66 18.74
C ILE B 1459 62.30 91.95 20.00
N LYS B 1460 63.63 91.99 19.92
CA LYS B 1460 64.41 92.28 21.12
C LYS B 1460 64.23 93.72 21.56
N ASP B 1461 64.08 94.65 20.61
CA ASP B 1461 63.76 96.03 21.00
C ASP B 1461 62.42 96.08 21.72
N TRP B 1462 61.42 95.38 21.19
CA TRP B 1462 60.12 95.34 21.84
C TRP B 1462 60.22 94.72 23.23
N VAL B 1463 61.05 93.69 23.38
CA VAL B 1463 61.17 93.01 24.67
C VAL B 1463 61.81 93.92 25.70
N GLU B 1464 62.87 94.64 25.32
CA GLU B 1464 63.47 95.56 26.29
C GLU B 1464 62.55 96.73 26.62
N ASN B 1465 61.77 97.20 25.64
CA ASN B 1465 60.78 98.24 25.93
C ASN B 1465 59.75 97.74 26.93
N GLU B 1466 59.23 96.53 26.72
CA GLU B 1466 58.25 95.98 27.65
C GLU B 1466 58.89 95.69 29.00
N LEU B 1467 60.19 95.37 29.02
CA LEU B 1467 60.88 95.12 30.28
C LEU B 1467 61.01 96.40 31.10
N GLU B 1468 61.38 97.51 30.47
CA GLU B 1468 61.45 98.76 31.23
C GLU B 1468 60.05 99.21 31.66
N ALA B 1469 59.03 98.95 30.83
CA ALA B 1469 57.66 99.23 31.26
C ALA B 1469 57.29 98.41 32.48
N LEU B 1470 57.65 97.13 32.48
CA LEU B 1470 57.37 96.29 33.65
C LEU B 1470 58.16 96.75 34.87
N LYS B 1471 59.37 97.26 34.64
CA LYS B 1471 60.16 97.81 35.75
C LYS B 1471 59.45 99.02 36.36
N LEU B 1472 58.91 99.89 35.51
CA LEU B 1472 58.17 101.04 36.04
C LEU B 1472 56.93 100.57 36.80
N GLU B 1473 56.23 99.58 36.28
CA GLU B 1473 55.05 99.04 36.97
C GLU B 1473 55.45 98.44 38.32
N ALA B 1474 56.59 97.76 38.38
CA ALA B 1474 57.04 97.19 39.63
C ALA B 1474 57.46 98.27 40.62
N GLU B 1475 58.02 99.37 40.12
CA GLU B 1475 58.30 100.50 40.98
C GLU B 1475 57.01 101.07 41.56
N GLU B 1476 55.97 101.17 40.72
CA GLU B 1476 54.70 101.72 41.18
C GLU B 1476 54.02 100.82 42.21
N ILE B 1477 53.98 99.52 41.95
CA ILE B 1477 53.27 98.58 42.80
C ILE B 1477 54.00 98.46 44.14
N PRO B 1478 53.32 98.20 45.26
CA PRO B 1478 54.03 98.04 46.53
C PRO B 1478 55.01 96.87 46.50
N SER B 1479 56.08 97.01 47.28
CA SER B 1479 57.15 96.02 47.29
C SER B 1479 56.77 94.74 48.04
N GLU B 1480 55.62 94.71 48.70
CA GLU B 1480 55.24 93.53 49.49
C GLU B 1480 55.13 92.28 48.62
N ASP B 1481 54.33 92.37 47.55
CA ASP B 1481 54.09 91.25 46.65
C ASP B 1481 54.82 91.43 45.32
N GLN B 1482 56.00 92.04 45.35
CA GLN B 1482 56.70 92.37 44.12
C GLN B 1482 57.23 91.13 43.43
N ASN B 1483 57.70 90.15 44.21
CA ASN B 1483 58.34 88.97 43.63
C ASN B 1483 57.36 88.17 42.78
N GLU B 1484 56.16 87.92 43.30
CA GLU B 1484 55.18 87.14 42.56
C GLU B 1484 54.75 87.85 41.29
N PHE B 1485 54.50 89.16 41.39
CA PHE B 1485 54.14 89.96 40.23
C PHE B 1485 55.23 89.90 39.17
N LEU B 1486 56.48 90.08 39.59
CA LEU B 1486 57.60 90.08 38.66
C LEU B 1486 57.74 88.73 37.98
N LEU B 1487 57.59 87.64 38.75
CA LEU B 1487 57.71 86.31 38.15
C LEU B 1487 56.60 86.06 37.14
N GLU B 1488 55.36 86.42 37.48
CA GLU B 1488 54.25 86.24 36.55
C GLU B 1488 54.48 87.03 35.27
N ARG B 1489 54.88 88.30 35.40
CA ARG B 1489 55.04 89.14 34.23
C ARG B 1489 56.26 88.74 33.41
N THR B 1490 57.29 88.20 34.08
CA THR B 1490 58.46 87.72 33.36
C THR B 1490 58.13 86.48 32.54
N ARG B 1491 57.36 85.55 33.11
CA ARG B 1491 56.92 84.41 32.34
C ARG B 1491 56.05 84.86 31.17
N GLU B 1492 55.17 85.85 31.41
CA GLU B 1492 54.33 86.38 30.35
C GLU B 1492 55.15 86.99 29.22
N ILE B 1493 56.15 87.81 29.57
CA ILE B 1493 56.95 88.50 28.56
C ILE B 1493 57.81 87.50 27.80
N HIS B 1494 58.32 86.48 28.50
CA HIS B 1494 59.10 85.44 27.82
C HIS B 1494 58.22 84.70 26.81
N ASN B 1495 57.00 84.36 27.22
CA ASN B 1495 56.09 83.67 26.31
C ASN B 1495 55.76 84.54 25.11
N GLU B 1496 55.55 85.84 25.35
CA GLU B 1496 55.24 86.75 24.25
C GLU B 1496 56.41 86.86 23.27
N ALA B 1497 57.62 87.00 23.78
CA ALA B 1497 58.80 87.10 22.93
C ALA B 1497 58.99 85.80 22.13
N GLU B 1498 58.81 84.67 22.79
CA GLU B 1498 58.97 83.38 22.12
C GLU B 1498 57.92 83.22 21.02
N SER B 1499 56.68 83.62 21.30
CA SER B 1499 55.62 83.52 20.30
C SER B 1499 55.91 84.43 19.11
N GLN B 1500 56.43 85.63 19.37
CA GLN B 1500 56.76 86.55 18.27
C GLN B 1500 57.89 85.99 17.41
N LEU B 1501 58.92 85.44 18.06
CA LEU B 1501 60.01 84.84 17.29
C LEU B 1501 59.51 83.66 16.46
N ARG B 1502 58.65 82.83 17.05
CA ARG B 1502 58.09 81.70 16.33
C ARG B 1502 57.25 82.18 15.16
N ALA B 1503 56.53 83.30 15.35
CA ALA B 1503 55.71 83.86 14.27
C ALA B 1503 56.59 84.35 13.12
N ALA B 1504 57.71 85.01 13.45
CA ALA B 1504 58.63 85.44 12.40
C ALA B 1504 59.21 84.24 11.66
N GLN B 1505 59.55 83.18 12.40
CA GLN B 1505 60.09 81.98 11.77
C GLN B 1505 59.04 81.31 10.89
N GLN B 1506 57.80 81.28 11.33
CA GLN B 1506 56.72 80.77 10.49
C GLN B 1506 56.55 81.63 9.24
N GLN B 1507 56.64 82.95 9.39
CA GLN B 1507 56.45 83.88 8.29
C GLN B 1507 57.52 83.70 7.22
N TRP B 1508 58.78 83.51 7.62
CA TRP B 1508 59.89 83.58 6.67
C TRP B 1508 60.59 82.25 6.40
N GLY B 1509 60.29 81.20 7.16
CA GLY B 1509 60.95 79.92 6.98
C GLY B 1509 60.02 78.79 6.62
N ASN B 1510 58.78 78.84 7.12
CA ASN B 1510 57.81 77.77 6.93
C ASN B 1510 56.69 78.18 5.99
N ASP B 1511 56.00 79.29 6.28
CA ASP B 1511 54.83 79.71 5.52
C ASP B 1511 55.12 80.93 4.65
N PHE B 1512 56.35 81.07 4.16
CA PHE B 1512 56.68 82.17 3.27
C PHE B 1512 55.95 82.07 1.94
N TYR B 1513 55.50 80.88 1.54
CA TYR B 1513 54.90 80.65 0.24
C TYR B 1513 53.40 80.43 0.27
N LYS B 1514 52.77 80.45 1.45
CA LYS B 1514 51.36 80.11 1.54
C LYS B 1514 50.49 81.12 0.81
N ARG B 1515 50.88 82.39 0.83
CA ARG B 1515 50.13 83.44 0.14
C ARG B 1515 50.65 83.73 -1.26
N ASP B 1516 51.76 83.12 -1.67
CA ASP B 1516 52.38 83.45 -2.95
C ASP B 1516 51.78 82.57 -4.06
N PRO B 1517 51.08 83.15 -5.05
CA PRO B 1517 50.56 82.30 -6.13
C PRO B 1517 51.63 81.81 -7.09
N ARG B 1518 52.77 82.49 -7.17
CA ARG B 1518 53.88 82.05 -8.01
C ARG B 1518 54.72 80.94 -7.39
N ILE B 1519 54.44 80.55 -6.15
CA ILE B 1519 55.10 79.42 -5.52
C ILE B 1519 54.04 78.36 -5.25
N ALA B 1520 54.20 77.19 -5.86
CA ALA B 1520 53.24 76.13 -5.67
C ALA B 1520 53.42 75.50 -4.30
N PRO B 1521 52.41 74.81 -3.78
CA PRO B 1521 52.61 74.09 -2.51
C PRO B 1521 53.76 73.11 -2.56
N LEU B 1522 53.94 72.38 -3.66
CA LEU B 1522 55.02 71.40 -3.74
C LEU B 1522 56.38 72.09 -3.76
N ARG B 1523 56.53 73.09 -4.64
CA ARG B 1523 57.80 73.79 -4.73
C ARG B 1523 58.13 74.45 -3.41
N GLY B 1524 57.13 75.05 -2.75
CA GLY B 1524 57.39 75.73 -1.49
C GLY B 1524 57.74 74.75 -0.38
N ALA B 1525 57.07 73.60 -0.33
CA ALA B 1525 57.38 72.59 0.65
C ALA B 1525 58.83 72.12 0.51
N LEU B 1526 59.28 71.95 -0.73
CA LEU B 1526 60.69 71.62 -0.94
C LEU B 1526 61.59 72.81 -0.58
N ALA B 1527 61.18 74.03 -0.93
CA ALA B 1527 62.04 75.19 -0.80
C ALA B 1527 62.24 75.59 0.65
N THR B 1528 61.35 75.17 1.55
CA THR B 1528 61.55 75.47 2.96
C THR B 1528 62.89 74.93 3.45
N TYR B 1529 63.35 73.82 2.87
CA TYR B 1529 64.62 73.19 3.23
C TYR B 1529 65.71 73.40 2.19
N GLY B 1530 65.51 74.33 1.27
CA GLY B 1530 66.49 74.60 0.24
C GLY B 1530 66.47 73.65 -0.93
N LEU B 1531 65.50 72.74 -0.97
CA LEU B 1531 65.39 71.80 -2.07
C LEU B 1531 64.66 72.43 -3.24
N THR B 1532 65.08 72.04 -4.44
CA THR B 1532 64.42 72.43 -5.68
C THR B 1532 63.57 71.27 -6.16
N ILE B 1533 62.80 71.53 -7.23
CA ILE B 1533 61.94 70.48 -7.78
C ILE B 1533 62.77 69.28 -8.21
N ASP B 1534 63.95 69.54 -8.77
CA ASP B 1534 64.83 68.46 -9.20
C ASP B 1534 65.24 67.55 -8.04
N ASP B 1535 65.22 68.07 -6.82
CA ASP B 1535 65.60 67.24 -5.68
C ASP B 1535 64.54 66.22 -5.30
N LEU B 1536 63.34 66.30 -5.88
CA LEU B 1536 62.31 65.29 -5.62
C LEU B 1536 62.62 64.06 -6.47
N GLY B 1537 63.54 63.24 -5.98
CA GLY B 1537 64.10 62.18 -6.76
C GLY B 1537 63.26 60.93 -6.94
N VAL B 1538 62.31 60.67 -6.06
CA VAL B 1538 61.57 59.41 -6.05
C VAL B 1538 60.10 59.73 -5.84
N ALA B 1539 59.23 58.96 -6.48
CA ALA B 1539 57.78 59.09 -6.31
C ALA B 1539 57.21 57.71 -6.01
N SER B 1540 56.70 57.54 -4.80
CA SER B 1540 55.97 56.34 -4.42
C SER B 1540 54.59 56.44 -5.07
N PHE B 1541 54.44 55.80 -6.22
CA PHE B 1541 53.17 55.74 -6.92
C PHE B 1541 52.19 54.88 -6.13
N HIS B 1542 50.93 55.29 -6.16
CA HIS B 1542 49.86 54.41 -5.70
C HIS B 1542 49.96 53.04 -6.36
N GLY B 1543 50.21 53.01 -7.67
CA GLY B 1543 50.68 51.79 -8.31
C GLY B 1543 49.76 50.61 -8.13
N THR B 1544 48.46 50.82 -8.34
CA THR B 1544 47.48 49.81 -7.97
C THR B 1544 47.43 48.63 -8.95
N SER B 1545 48.10 48.73 -10.10
CA SER B 1545 48.10 47.67 -11.13
C SER B 1545 46.77 47.58 -11.87
N THR B 1546 46.05 48.70 -11.94
CA THR B 1546 44.90 48.86 -12.82
C THR B 1546 45.30 49.79 -13.95
N LYS B 1547 44.50 49.81 -15.00
CA LYS B 1547 44.87 50.57 -16.19
C LYS B 1547 44.65 52.07 -15.96
N ALA B 1548 43.43 52.44 -15.58
CA ALA B 1548 43.09 53.84 -15.44
C ALA B 1548 43.96 54.51 -14.39
N ASN B 1549 44.12 53.88 -13.24
CA ASN B 1549 44.84 54.54 -12.16
C ASN B 1549 46.31 54.73 -12.51
N ASP B 1550 46.94 53.73 -13.11
CA ASP B 1550 48.35 53.86 -13.44
C ASP B 1550 48.57 54.93 -14.52
N LYS B 1551 47.74 54.92 -15.57
CA LYS B 1551 47.86 55.99 -16.56
C LYS B 1551 47.62 57.35 -15.94
N ASN B 1552 46.56 57.47 -15.12
CA ASN B 1552 46.21 58.75 -14.51
C ASN B 1552 47.31 59.24 -13.57
N GLU B 1553 47.88 58.35 -12.79
CA GLU B 1553 48.92 58.74 -11.84
C GLU B 1553 50.19 59.16 -12.54
N SER B 1554 50.60 58.41 -13.57
CA SER B 1554 51.76 58.82 -14.34
C SER B 1554 51.52 60.18 -15.00
N ALA B 1555 50.32 60.39 -15.54
CA ALA B 1555 50.00 61.68 -16.15
C ALA B 1555 50.02 62.80 -15.12
N THR B 1556 49.50 62.54 -13.91
CA THR B 1556 49.50 63.55 -12.87
C THR B 1556 50.92 63.93 -12.47
N ILE B 1557 51.76 62.93 -12.24
CA ILE B 1557 53.14 63.19 -11.85
C ILE B 1557 53.86 63.95 -12.95
N ASN B 1558 53.65 63.55 -14.20
CA ASN B 1558 54.28 64.24 -15.32
C ASN B 1558 53.84 65.69 -15.40
N GLU B 1559 52.54 65.95 -15.21
CA GLU B 1559 52.06 67.32 -15.24
C GLU B 1559 52.65 68.15 -14.10
N MET B 1560 52.79 67.55 -12.92
CA MET B 1560 53.44 68.26 -11.83
C MET B 1560 54.87 68.62 -12.20
N MET B 1561 55.63 67.68 -12.74
CA MET B 1561 57.02 67.99 -13.10
C MET B 1561 57.08 69.03 -14.22
N LYS B 1562 56.23 68.90 -15.23
CA LYS B 1562 56.23 69.87 -16.33
C LYS B 1562 55.90 71.26 -15.82
N HIS B 1563 54.83 71.40 -15.04
CA HIS B 1563 54.44 72.72 -14.59
C HIS B 1563 55.48 73.30 -13.64
N LEU B 1564 55.99 72.50 -12.72
CA LEU B 1564 57.02 72.97 -11.81
C LEU B 1564 58.37 73.07 -12.49
N GLY B 1565 58.45 72.80 -13.79
CA GLY B 1565 59.66 73.08 -14.53
C GLY B 1565 60.81 72.20 -14.12
N ARG B 1566 60.53 70.93 -13.82
CA ARG B 1566 61.60 70.00 -13.52
C ARG B 1566 62.54 69.90 -14.71
N SER B 1567 63.83 69.76 -14.42
CA SER B 1567 64.82 69.70 -15.48
C SER B 1567 64.53 68.53 -16.40
N GLU B 1568 64.78 68.73 -17.69
CA GLU B 1568 64.54 67.68 -18.66
C GLU B 1568 65.62 66.61 -18.52
N GLY B 1569 65.21 65.36 -18.70
CA GLY B 1569 66.11 64.26 -18.45
C GLY B 1569 66.31 63.95 -16.99
N ASN B 1570 65.40 64.40 -16.13
CA ASN B 1570 65.44 64.09 -14.70
C ASN B 1570 64.09 63.52 -14.28
N PRO B 1571 63.70 62.37 -14.84
CA PRO B 1571 62.45 61.75 -14.41
C PRO B 1571 62.51 61.34 -12.95
N VAL B 1572 61.39 61.47 -12.28
CA VAL B 1572 61.25 60.93 -10.94
C VAL B 1572 61.22 59.42 -11.06
N ILE B 1573 61.94 58.75 -10.16
CA ILE B 1573 61.99 57.29 -10.16
C ILE B 1573 60.74 56.78 -9.45
N GLY B 1574 59.93 55.99 -10.17
CA GLY B 1574 58.64 55.60 -9.65
C GLY B 1574 58.71 54.27 -8.93
N VAL B 1575 58.47 54.32 -7.62
CA VAL B 1575 58.43 53.15 -6.77
C VAL B 1575 57.00 52.66 -6.71
N PHE B 1576 56.82 51.37 -6.96
CA PHE B 1576 55.51 50.71 -6.88
C PHE B 1576 55.63 49.60 -5.86
N GLN B 1577 55.07 49.82 -4.68
CA GLN B 1577 55.17 48.85 -3.59
C GLN B 1577 54.12 47.75 -3.69
N LYS B 1578 52.98 48.02 -4.34
CA LYS B 1578 51.89 47.06 -4.34
C LYS B 1578 52.16 45.85 -5.21
N PHE B 1579 53.20 45.89 -6.06
CA PHE B 1579 53.60 44.68 -6.77
C PHE B 1579 53.96 43.57 -5.81
N LEU B 1580 54.50 43.92 -4.65
CA LEU B 1580 54.96 42.97 -3.65
C LEU B 1580 53.96 42.80 -2.53
N THR B 1581 53.57 43.89 -1.89
CA THR B 1581 52.64 43.86 -0.78
C THR B 1581 51.20 43.66 -1.24
N GLY B 1582 50.85 44.09 -2.43
CA GLY B 1582 49.46 44.14 -2.83
C GLY B 1582 48.78 45.40 -2.33
N HIS B 1583 47.49 45.48 -2.59
CA HIS B 1583 46.70 46.68 -2.36
C HIS B 1583 45.83 46.48 -1.12
N PRO B 1584 46.20 47.09 0.01
CA PRO B 1584 45.25 47.24 1.09
C PRO B 1584 44.42 48.49 0.86
N LYS B 1585 43.18 48.45 1.33
CA LYS B 1585 42.22 49.47 0.95
C LYS B 1585 42.24 50.64 1.94
N GLY B 1586 43.45 51.12 2.22
CA GLY B 1586 43.60 52.16 3.21
C GLY B 1586 44.85 52.09 4.08
N ALA B 1587 45.47 50.92 4.16
CA ALA B 1587 46.86 50.86 4.64
C ALA B 1587 47.84 51.19 3.54
N ALA B 1588 47.36 51.48 2.32
CA ALA B 1588 48.22 51.60 1.16
C ALA B 1588 49.16 52.79 1.28
N GLY B 1589 48.61 53.96 1.57
CA GLY B 1589 49.45 55.13 1.72
C GLY B 1589 50.41 54.99 2.88
N ALA B 1590 50.00 54.28 3.94
CA ALA B 1590 50.87 54.12 5.10
C ALA B 1590 52.04 53.20 4.76
N TRP B 1591 51.77 52.11 4.06
CA TRP B 1591 52.86 51.22 3.63
C TRP B 1591 53.80 51.95 2.68
N MET B 1592 53.26 52.73 1.74
CA MET B 1592 54.11 53.48 0.84
C MET B 1592 54.89 54.56 1.58
N MET B 1593 54.31 55.13 2.64
CA MET B 1593 55.02 56.10 3.46
C MET B 1593 56.19 55.46 4.18
N ASN B 1594 55.97 54.26 4.73
CA ASN B 1594 57.06 53.51 5.35
C ASN B 1594 58.16 53.21 4.34
N GLY B 1595 57.77 52.78 3.14
CA GLY B 1595 58.76 52.53 2.10
C GLY B 1595 59.50 53.78 1.69
N ALA B 1596 58.81 54.91 1.61
CA ALA B 1596 59.46 56.16 1.26
C ALA B 1596 60.45 56.59 2.32
N LEU B 1597 60.09 56.43 3.60
CA LEU B 1597 61.02 56.75 4.68
C LEU B 1597 62.25 55.85 4.61
N GLN B 1598 62.04 54.56 4.33
CA GLN B 1598 63.17 53.65 4.23
C GLN B 1598 64.04 53.98 3.02
N ILE B 1599 63.43 54.39 1.91
CA ILE B 1599 64.20 54.83 0.75
C ILE B 1599 65.01 56.07 1.10
N LEU B 1600 64.40 57.00 1.83
CA LEU B 1600 65.11 58.21 2.24
C LEU B 1600 66.32 57.87 3.09
N ASN B 1601 66.15 56.95 4.05
CA ASN B 1601 67.22 56.69 4.99
C ASN B 1601 68.32 55.82 4.38
N SER B 1602 67.96 54.82 3.57
CA SER B 1602 68.95 53.91 3.02
C SER B 1602 69.50 54.34 1.67
N GLY B 1603 68.91 55.34 1.03
CA GLY B 1603 69.34 55.73 -0.30
C GLY B 1603 69.03 54.72 -1.37
N ILE B 1604 68.26 53.68 -1.05
CA ILE B 1604 68.01 52.55 -1.93
C ILE B 1604 66.59 52.68 -2.46
N ILE B 1605 66.44 52.55 -3.77
CA ILE B 1605 65.14 52.66 -4.43
C ILE B 1605 64.75 51.27 -4.93
N PRO B 1606 63.82 50.56 -4.29
CA PRO B 1606 63.46 49.24 -4.79
C PRO B 1606 62.82 49.32 -6.16
N GLY B 1607 63.06 48.30 -6.96
CA GLY B 1607 62.50 48.20 -8.27
C GLY B 1607 61.25 47.34 -8.30
N ASN B 1608 60.38 47.64 -9.25
CA ASN B 1608 59.14 46.90 -9.44
C ASN B 1608 59.49 45.63 -10.18
N ARG B 1609 59.82 44.58 -9.42
CA ARG B 1609 60.29 43.34 -10.04
C ARG B 1609 59.22 42.69 -10.90
N ASN B 1610 57.96 43.06 -10.69
CA ASN B 1610 56.88 42.59 -11.57
C ASN B 1610 56.73 43.43 -12.82
N ALA B 1611 57.50 44.51 -12.97
CA ALA B 1611 57.41 45.36 -14.16
C ALA B 1611 58.00 44.57 -15.34
N ASP B 1612 57.23 43.57 -15.79
CA ASP B 1612 57.75 42.69 -16.83
C ASP B 1612 57.95 43.46 -18.13
N ASN B 1613 57.03 44.35 -18.47
CA ASN B 1613 57.16 45.21 -19.64
C ASN B 1613 56.35 46.45 -19.38
N VAL B 1614 57.01 47.61 -19.39
CA VAL B 1614 56.32 48.85 -19.07
C VAL B 1614 55.39 49.22 -20.22
N ASP B 1615 54.18 49.65 -19.86
CA ASP B 1615 53.18 50.03 -20.85
C ASP B 1615 53.71 51.13 -21.75
N LYS B 1616 53.51 50.95 -23.06
CA LYS B 1616 54.02 51.92 -24.02
C LYS B 1616 53.38 53.28 -23.85
N ILE B 1617 52.14 53.31 -23.38
CA ILE B 1617 51.44 54.60 -23.20
C ILE B 1617 52.16 55.45 -22.16
N LEU B 1618 52.93 54.82 -21.26
CA LEU B 1618 53.64 55.56 -20.24
C LEU B 1618 54.92 56.21 -20.74
N GLU B 1619 55.33 55.93 -21.98
CA GLU B 1619 56.52 56.57 -22.52
C GLU B 1619 56.31 58.07 -22.72
N GLN B 1620 55.08 58.49 -22.98
CA GLN B 1620 54.80 59.91 -23.18
C GLN B 1620 55.15 60.74 -21.95
N PHE B 1621 55.13 60.13 -20.76
CA PHE B 1621 55.46 60.83 -19.52
C PHE B 1621 56.97 60.76 -19.32
N GLU B 1622 57.66 61.73 -19.92
CA GLU B 1622 59.12 61.72 -19.91
C GLU B 1622 59.69 61.95 -18.53
N TYR B 1623 58.91 62.52 -17.61
CA TYR B 1623 59.37 62.82 -16.26
C TYR B 1623 59.10 61.68 -15.29
N VAL B 1624 58.80 60.48 -15.78
CA VAL B 1624 58.59 59.30 -14.95
C VAL B 1624 59.51 58.19 -15.45
N LEU B 1625 60.18 57.52 -14.52
CA LEU B 1625 60.99 56.34 -14.79
C LEU B 1625 60.39 55.15 -14.05
N TYR B 1626 60.47 53.98 -14.66
CA TYR B 1626 59.82 52.77 -14.16
C TYR B 1626 60.85 51.65 -14.00
N PRO B 1627 61.63 51.68 -12.92
CA PRO B 1627 62.62 50.62 -12.73
C PRO B 1627 61.98 49.28 -12.38
N SER B 1628 62.68 48.21 -12.75
CA SER B 1628 62.32 46.86 -12.36
C SER B 1628 63.26 46.28 -11.31
N LYS B 1629 64.46 46.81 -11.16
CA LYS B 1629 65.43 46.31 -10.21
C LYS B 1629 65.85 47.42 -9.27
N THR B 1630 66.24 47.02 -8.06
CA THR B 1630 66.64 47.98 -7.04
C THR B 1630 67.84 48.79 -7.48
N LEU B 1631 67.84 50.06 -7.10
CA LEU B 1631 68.93 50.98 -7.41
C LEU B 1631 69.55 51.46 -6.12
N LYS B 1632 70.87 51.28 -6.00
CA LYS B 1632 71.64 51.81 -4.88
C LYS B 1632 72.05 53.22 -5.25
N THR B 1633 71.20 54.19 -4.91
CA THR B 1633 71.55 55.59 -5.10
C THR B 1633 72.55 56.03 -4.06
N ASP B 1634 73.21 57.16 -4.33
CA ASP B 1634 74.03 57.84 -3.34
C ASP B 1634 73.25 58.87 -2.55
N GLY B 1635 71.92 58.77 -2.55
CA GLY B 1635 71.10 59.68 -1.78
C GLY B 1635 69.73 59.93 -2.40
N VAL B 1636 68.72 60.02 -1.54
CA VAL B 1636 67.39 60.48 -1.92
C VAL B 1636 67.06 61.67 -1.04
N ARG B 1637 66.77 62.82 -1.66
CA ARG B 1637 66.47 64.03 -0.92
C ARG B 1637 65.01 64.04 -0.46
N ALA B 1638 64.09 63.86 -1.41
CA ALA B 1638 62.67 63.90 -1.13
C ALA B 1638 61.99 62.76 -1.87
N VAL B 1639 60.86 62.30 -1.33
CA VAL B 1639 60.05 61.26 -1.93
C VAL B 1639 58.60 61.71 -1.91
N SER B 1640 57.91 61.55 -3.03
CA SER B 1640 56.53 61.98 -3.20
C SER B 1640 55.61 60.76 -3.15
N ILE B 1641 54.87 60.62 -2.08
CA ILE B 1641 53.91 59.53 -1.93
C ILE B 1641 52.57 60.03 -2.45
N THR B 1642 52.01 59.36 -3.46
CA THR B 1642 50.71 59.75 -4.02
C THR B 1642 49.74 58.59 -3.92
N SER B 1643 48.52 58.89 -3.48
CA SER B 1643 47.48 57.90 -3.27
C SER B 1643 46.21 58.38 -3.94
N PHE B 1644 45.40 57.44 -4.43
CA PHE B 1644 44.14 57.74 -5.12
C PHE B 1644 43.11 56.70 -4.69
N GLY B 1645 42.27 57.08 -3.74
CA GLY B 1645 41.18 56.24 -3.32
C GLY B 1645 39.90 56.53 -4.06
N PHE B 1646 39.03 55.52 -4.07
CA PHE B 1646 37.69 55.65 -4.60
C PHE B 1646 36.98 56.80 -3.91
N GLY B 1647 36.01 57.41 -4.58
CA GLY B 1647 35.42 58.63 -4.08
C GLY B 1647 36.25 59.86 -4.36
N GLN B 1648 37.09 59.80 -5.39
CA GLN B 1648 37.90 60.94 -5.83
C GLN B 1648 38.84 61.41 -4.71
N LYS B 1649 39.34 60.46 -3.92
CA LYS B 1649 40.22 60.80 -2.81
C LYS B 1649 41.66 60.81 -3.31
N GLY B 1650 42.06 61.92 -3.93
CA GLY B 1650 43.45 62.09 -4.29
C GLY B 1650 44.22 62.65 -3.10
N GLY B 1651 45.48 62.23 -2.98
CA GLY B 1651 46.32 62.71 -1.91
C GLY B 1651 47.78 62.64 -2.24
N GLN B 1652 48.55 63.63 -1.79
CA GLN B 1652 49.98 63.66 -2.02
C GLN B 1652 50.69 64.13 -0.77
N ALA B 1653 51.70 63.37 -0.36
CA ALA B 1653 52.59 63.77 0.72
C ALA B 1653 54.01 63.79 0.17
N ILE B 1654 54.84 64.65 0.77
CA ILE B 1654 56.25 64.77 0.45
C ILE B 1654 57.02 64.52 1.72
N VAL B 1655 57.96 63.59 1.67
CA VAL B 1655 58.85 63.32 2.80
C VAL B 1655 60.26 63.69 2.38
N VAL B 1656 60.84 64.64 3.09
CA VAL B 1656 62.20 65.09 2.85
C VAL B 1656 63.13 64.30 3.74
N HIS B 1657 64.39 64.21 3.33
CA HIS B 1657 65.39 63.51 4.11
C HIS B 1657 65.49 64.12 5.51
N PRO B 1658 65.67 63.33 6.56
CA PRO B 1658 65.77 63.91 7.90
C PRO B 1658 66.96 64.84 8.09
N ASP B 1659 68.00 64.70 7.27
CA ASP B 1659 69.23 65.45 7.52
C ASP B 1659 69.09 66.92 7.14
N TYR B 1660 68.10 67.25 6.32
CA TYR B 1660 67.84 68.66 6.02
C TYR B 1660 67.29 69.38 7.24
N LEU B 1661 66.72 68.65 8.20
CA LEU B 1661 66.26 69.28 9.43
C LEU B 1661 67.41 69.72 10.30
N TYR B 1662 68.45 68.89 10.40
CA TYR B 1662 69.52 69.15 11.37
C TYR B 1662 70.36 70.37 10.99
N GLY B 1663 70.28 70.82 9.76
CA GLY B 1663 70.92 72.06 9.38
C GLY B 1663 70.22 73.30 9.88
N ALA B 1664 69.08 73.15 10.55
CA ALA B 1664 68.33 74.26 11.11
C ALA B 1664 68.63 74.50 12.59
N ILE B 1665 69.57 73.76 13.18
CA ILE B 1665 69.87 73.87 14.60
C ILE B 1665 71.37 74.08 14.79
N THR B 1666 71.78 74.30 16.03
CA THR B 1666 73.18 74.60 16.35
C THR B 1666 73.98 73.32 16.49
N GLU B 1667 75.31 73.48 16.63
CA GLU B 1667 76.18 72.35 16.90
C GLU B 1667 75.80 71.68 18.22
N ASP B 1668 75.68 72.47 19.29
CA ASP B 1668 75.44 71.89 20.60
C ASP B 1668 74.10 71.19 20.66
N ARG B 1669 73.06 71.80 20.07
CA ARG B 1669 71.74 71.19 20.10
C ARG B 1669 71.74 69.87 19.33
N TYR B 1670 72.40 69.84 18.18
CA TYR B 1670 72.51 68.61 17.42
C TYR B 1670 73.28 67.55 18.19
N ASN B 1671 74.34 67.95 18.89
CA ASN B 1671 75.15 66.99 19.64
C ASN B 1671 74.35 66.36 20.78
N GLU B 1672 73.65 67.20 21.56
CA GLU B 1672 72.88 66.68 22.67
C GLU B 1672 71.71 65.84 22.16
N TYR B 1673 71.12 66.25 21.03
CA TYR B 1673 70.08 65.44 20.42
C TYR B 1673 70.61 64.08 20.01
N VAL B 1674 71.78 64.05 19.37
CA VAL B 1674 72.39 62.80 18.90
C VAL B 1674 72.68 61.89 20.08
N ALA B 1675 73.21 62.45 21.17
CA ALA B 1675 73.49 61.63 22.35
C ALA B 1675 72.20 61.02 22.88
N LYS B 1676 71.13 61.81 22.91
CA LYS B 1676 69.86 61.31 23.42
C LYS B 1676 69.26 60.24 22.51
N VAL B 1677 69.41 60.38 21.19
CA VAL B 1677 68.96 59.31 20.29
C VAL B 1677 69.80 58.06 20.45
N SER B 1678 71.10 58.22 20.70
CA SER B 1678 71.93 57.04 20.91
C SER B 1678 71.46 56.27 22.13
N ALA B 1679 71.23 56.97 23.24
CA ALA B 1679 70.75 56.31 24.44
C ALA B 1679 69.38 55.68 24.21
N ARG B 1680 68.49 56.40 23.53
CA ARG B 1680 67.17 55.88 23.24
C ARG B 1680 67.24 54.67 22.32
N GLU B 1681 68.15 54.68 21.36
CA GLU B 1681 68.31 53.55 20.45
C GLU B 1681 68.76 52.32 21.21
N LYS B 1682 69.70 52.49 22.14
CA LYS B 1682 70.14 51.35 22.95
C LYS B 1682 68.97 50.80 23.78
N SER B 1683 68.23 51.70 24.44
CA SER B 1683 67.11 51.26 25.27
C SER B 1683 66.05 50.58 24.42
N ALA B 1684 65.79 51.09 23.22
CA ALA B 1684 64.76 50.53 22.36
C ALA B 1684 65.19 49.18 21.81
N TYR B 1685 66.47 49.02 21.49
CA TYR B 1685 66.98 47.71 21.09
C TYR B 1685 66.78 46.70 22.21
N LYS B 1686 67.12 47.09 23.44
CA LYS B 1686 66.89 46.23 24.59
C LYS B 1686 65.43 45.82 24.69
N PHE B 1687 64.53 46.81 24.67
CA PHE B 1687 63.11 46.53 24.82
C PHE B 1687 62.61 45.66 23.68
N PHE B 1688 63.00 45.97 22.44
CA PHE B 1688 62.49 45.25 21.29
C PHE B 1688 62.89 43.79 21.35
N HIS B 1689 64.16 43.52 21.65
CA HIS B 1689 64.60 42.13 21.63
C HIS B 1689 64.02 41.34 22.79
N ASN B 1690 63.96 41.96 23.99
CA ASN B 1690 63.32 41.29 25.12
C ASN B 1690 61.88 40.95 24.79
N GLY B 1691 61.13 41.92 24.28
CA GLY B 1691 59.74 41.69 23.95
C GLY B 1691 59.57 40.70 22.83
N MET B 1692 60.51 40.65 21.89
CA MET B 1692 60.46 39.66 20.83
C MET B 1692 60.56 38.25 21.39
N ILE B 1693 61.57 38.00 22.22
CA ILE B 1693 61.75 36.62 22.69
C ILE B 1693 60.61 36.23 23.63
N TYR B 1694 60.19 37.14 24.51
CA TYR B 1694 59.19 36.82 25.52
C TYR B 1694 57.77 37.14 25.08
N ASN B 1695 57.56 37.51 23.83
CA ASN B 1695 56.22 37.73 23.28
C ASN B 1695 55.46 38.79 24.08
N LYS B 1696 56.16 39.87 24.43
CA LYS B 1696 55.58 40.98 25.17
C LYS B 1696 56.04 42.32 24.60
N LEU B 1697 56.07 42.42 23.26
CA LEU B 1697 56.25 43.73 22.65
C LEU B 1697 55.04 44.62 22.92
N PHE B 1698 53.84 44.06 22.82
CA PHE B 1698 52.62 44.73 23.25
C PHE B 1698 52.47 44.51 24.74
N VAL B 1699 52.59 45.57 25.52
CA VAL B 1699 52.27 45.56 26.94
C VAL B 1699 51.00 46.40 27.09
N SER B 1700 49.90 45.73 27.40
CA SER B 1700 48.67 46.46 27.70
C SER B 1700 48.82 47.20 29.02
N LYS B 1701 48.34 48.43 29.06
CA LYS B 1701 48.29 49.21 30.29
C LYS B 1701 47.05 48.77 31.06
N GLU B 1702 47.24 48.39 32.32
CA GLU B 1702 46.09 48.14 33.19
C GLU B 1702 45.43 49.43 33.61
N HIS B 1703 46.22 50.44 33.97
CA HIS B 1703 45.74 51.69 34.53
C HIS B 1703 46.25 52.87 33.71
N ALA B 1704 45.43 53.91 33.65
CA ALA B 1704 45.84 55.16 33.03
C ALA B 1704 46.92 55.82 33.89
N PRO B 1705 47.66 56.78 33.34
CA PRO B 1705 48.76 57.38 34.13
C PRO B 1705 48.27 58.25 35.29
N TYR B 1706 46.97 58.53 35.36
CA TYR B 1706 46.37 59.27 36.46
C TYR B 1706 45.31 58.41 37.13
N THR B 1707 45.08 58.67 38.41
CA THR B 1707 43.98 58.03 39.13
C THR B 1707 42.66 58.70 38.74
N ASP B 1708 41.56 58.07 39.15
CA ASP B 1708 40.24 58.63 38.85
C ASP B 1708 40.05 59.97 39.53
N GLU B 1709 40.53 60.12 40.76
CA GLU B 1709 40.34 61.38 41.48
C GLU B 1709 41.19 62.49 40.90
N LEU B 1710 42.37 62.16 40.36
CA LEU B 1710 43.28 63.13 39.79
C LEU B 1710 43.09 63.32 38.29
N GLU B 1711 42.16 62.57 37.68
CA GLU B 1711 41.95 62.65 36.25
C GLU B 1711 41.51 64.05 35.81
N GLU B 1712 40.54 64.63 36.51
CA GLU B 1712 40.07 65.96 36.16
C GLU B 1712 41.16 67.00 36.35
N ASP B 1713 41.94 66.89 37.42
CA ASP B 1713 43.02 67.85 37.64
C ASP B 1713 44.05 67.76 36.54
N VAL B 1714 44.40 66.54 36.11
CA VAL B 1714 45.36 66.39 35.03
C VAL B 1714 44.80 66.97 33.74
N TYR B 1715 43.52 66.72 33.46
CA TYR B 1715 42.91 67.29 32.26
C TYR B 1715 42.92 68.80 32.30
N LEU B 1716 42.61 69.39 33.45
CA LEU B 1716 42.48 70.84 33.56
C LEU B 1716 43.81 71.56 33.68
N ASP B 1717 44.89 70.84 34.01
CA ASP B 1717 46.22 71.44 34.05
C ASP B 1717 46.91 71.22 32.72
N PRO B 1718 47.25 72.25 31.93
CA PRO B 1718 47.99 71.99 30.69
C PRO B 1718 49.45 71.65 30.91
N LEU B 1719 50.02 72.05 32.04
CA LEU B 1719 51.42 71.84 32.34
C LEU B 1719 51.68 70.58 33.15
N ALA B 1720 50.66 69.78 33.43
CA ALA B 1720 50.87 68.56 34.19
C ALA B 1720 51.63 67.55 33.34
N ARG B 1721 52.69 66.99 33.91
CA ARG B 1721 53.52 65.99 33.24
C ARG B 1721 53.71 64.82 34.18
N VAL B 1722 53.81 63.63 33.61
CA VAL B 1722 54.04 62.44 34.40
C VAL B 1722 55.48 62.44 34.90
N SER B 1723 55.66 61.91 36.10
CA SER B 1723 56.97 61.66 36.68
C SER B 1723 57.07 60.18 36.99
N LYS B 1724 58.30 59.71 37.17
CA LYS B 1724 58.51 58.32 37.56
C LYS B 1724 58.21 58.16 39.05
N ASP B 1725 57.30 57.24 39.37
CA ASP B 1725 56.95 56.99 40.76
C ASP B 1725 58.06 56.20 41.44
N LYS B 1726 58.45 56.65 42.64
CA LYS B 1726 59.51 55.96 43.37
C LYS B 1726 59.10 54.54 43.73
N LYS B 1727 57.83 54.33 44.11
CA LYS B 1727 57.40 53.02 44.55
C LYS B 1727 57.11 52.09 43.37
N SER B 1728 56.15 52.47 42.53
CA SER B 1728 55.74 51.59 41.43
C SER B 1728 56.81 51.52 40.35
N GLY B 1729 57.52 52.62 40.11
CA GLY B 1729 58.51 52.68 39.06
C GLY B 1729 57.96 53.05 37.70
N SER B 1730 56.65 53.20 37.56
CA SER B 1730 56.02 53.60 36.30
C SER B 1730 55.86 55.11 36.24
N LEU B 1731 55.57 55.61 35.05
CA LEU B 1731 55.32 57.03 34.84
C LEU B 1731 53.85 57.31 35.15
N THR B 1732 53.62 58.16 36.15
CA THR B 1732 52.28 58.49 36.60
C THR B 1732 52.19 59.98 36.87
N PHE B 1733 50.96 60.49 36.93
CA PHE B 1733 50.75 61.88 37.29
C PHE B 1733 50.73 62.03 38.80
N ASN B 1734 51.28 63.15 39.28
CA ASN B 1734 51.47 63.42 40.69
C ASN B 1734 50.77 64.71 41.06
N SER B 1735 50.08 64.69 42.22
CA SER B 1735 49.41 65.89 42.70
C SER B 1735 50.39 67.02 42.92
N LYS B 1736 51.57 66.71 43.45
CA LYS B 1736 52.59 67.73 43.69
C LYS B 1736 53.05 68.35 42.38
N ASN B 1737 52.87 67.66 41.26
CA ASN B 1737 53.23 68.18 39.96
C ASN B 1737 52.04 68.77 39.20
N ILE B 1738 50.82 68.58 39.70
CA ILE B 1738 49.62 69.15 39.09
C ILE B 1738 49.34 70.51 39.72
N GLN B 1739 49.11 71.51 38.87
CA GLN B 1739 48.79 72.87 39.31
C GLN B 1739 49.84 73.42 40.27
N SER B 1740 51.11 73.24 39.92
CA SER B 1740 52.23 73.67 40.75
C SER B 1740 52.97 74.83 40.09
N LYS B 1741 53.48 75.75 40.91
CA LYS B 1741 54.18 76.91 40.40
C LYS B 1741 55.47 76.54 39.69
N ASP B 1742 56.12 75.45 40.08
CA ASP B 1742 57.37 75.05 39.43
C ASP B 1742 57.15 74.72 37.97
N SER B 1743 55.99 74.13 37.64
CA SER B 1743 55.68 73.83 36.24
C SER B 1743 55.54 75.11 35.42
N TYR B 1744 55.22 76.22 36.07
CA TYR B 1744 55.05 77.50 35.40
C TYR B 1744 56.21 78.43 35.72
N SER C 5 57.21 -50.50 108.51
CA SER C 5 57.76 -50.24 107.18
C SER C 5 56.80 -50.75 106.11
N THR C 6 56.10 -49.81 105.47
CA THR C 6 55.19 -50.12 104.38
C THR C 6 55.41 -49.11 103.26
N ARG C 7 54.84 -49.40 102.09
CA ARG C 7 54.93 -48.50 100.96
C ARG C 7 53.63 -48.48 100.16
N PRO C 8 53.31 -47.36 99.50
CA PRO C 8 52.07 -47.28 98.73
C PRO C 8 52.22 -47.83 97.32
N LEU C 9 51.51 -48.93 97.04
CA LEU C 9 51.39 -49.48 95.70
C LEU C 9 50.02 -49.09 95.16
N THR C 10 50.00 -48.30 94.09
CA THR C 10 48.76 -47.77 93.55
C THR C 10 48.26 -48.68 92.44
N LEU C 11 47.04 -49.21 92.60
CA LEU C 11 46.37 -50.00 91.59
C LEU C 11 45.06 -49.32 91.20
N SER C 12 44.88 -49.11 89.90
CA SER C 12 43.88 -48.18 89.40
C SER C 12 43.48 -48.55 87.98
N HIS C 13 42.37 -47.97 87.54
CA HIS C 13 41.84 -48.18 86.19
C HIS C 13 41.09 -46.92 85.80
N GLY C 14 41.77 -45.99 85.15
CA GLY C 14 41.16 -44.71 84.83
C GLY C 14 41.14 -43.81 86.04
N SER C 15 40.00 -43.17 86.31
CA SER C 15 39.91 -42.24 87.42
C SER C 15 39.93 -42.94 88.77
N LEU C 16 39.28 -44.09 88.88
CA LEU C 16 39.24 -44.82 90.13
C LEU C 16 40.61 -45.41 90.45
N GLU C 17 40.96 -45.40 91.74
CA GLU C 17 42.28 -45.87 92.17
C GLU C 17 42.18 -46.35 93.62
N HIS C 18 43.19 -47.11 94.04
CA HIS C 18 43.28 -47.54 95.42
C HIS C 18 44.74 -47.88 95.71
N VAL C 19 45.23 -47.44 96.87
CA VAL C 19 46.64 -47.56 97.24
C VAL C 19 46.74 -48.53 98.41
N LEU C 20 47.63 -49.51 98.26
CA LEU C 20 47.85 -50.55 99.26
C LEU C 20 49.17 -50.29 99.99
N LEU C 21 49.13 -50.33 101.32
CA LEU C 21 50.33 -50.19 102.14
C LEU C 21 50.99 -51.56 102.28
N VAL C 22 51.75 -51.93 101.26
CA VAL C 22 52.37 -53.26 101.22
C VAL C 22 53.66 -53.23 102.04
N PRO C 23 53.96 -54.25 102.85
CA PRO C 23 55.27 -54.28 103.52
C PRO C 23 56.40 -54.35 102.52
N THR C 24 57.54 -53.78 102.91
CA THR C 24 58.71 -53.76 102.03
C THR C 24 59.20 -55.17 101.72
N ALA C 25 58.92 -56.14 102.59
CA ALA C 25 59.43 -57.49 102.40
C ALA C 25 58.91 -58.10 101.10
N SER C 26 57.63 -57.90 100.81
CA SER C 26 56.99 -58.48 99.64
C SER C 26 56.52 -57.42 98.63
N PHE C 27 57.07 -56.21 98.70
CA PHE C 27 56.65 -55.17 97.76
C PHE C 27 57.04 -55.57 96.34
N PHE C 28 58.20 -56.20 96.16
CA PHE C 28 58.61 -56.57 94.81
C PHE C 28 57.63 -57.57 94.19
N ILE C 29 57.21 -58.56 94.98
CA ILE C 29 56.20 -59.52 94.52
C ILE C 29 54.90 -58.79 94.20
N ALA C 30 54.48 -57.89 95.09
CA ALA C 30 53.24 -57.16 94.89
C ALA C 30 53.31 -56.28 93.65
N SER C 31 54.49 -55.77 93.35
CA SER C 31 54.66 -54.87 92.20
C SER C 31 54.61 -55.64 90.89
N GLN C 32 55.28 -56.80 90.83
CA GLN C 32 55.14 -57.62 89.64
C GLN C 32 53.70 -58.11 89.49
N LEU C 33 53.02 -58.36 90.62
CA LEU C 33 51.60 -58.68 90.55
C LEU C 33 50.81 -57.52 89.96
N GLN C 34 51.12 -56.30 90.39
CA GLN C 34 50.45 -55.12 89.87
C GLN C 34 50.62 -55.06 88.35
N GLU C 35 51.85 -55.29 87.89
CA GLU C 35 52.16 -55.20 86.46
C GLU C 35 51.38 -56.23 85.66
N GLN C 36 51.43 -57.50 86.07
CA GLN C 36 50.67 -58.53 85.36
C GLN C 36 49.17 -58.25 85.45
N PHE C 37 48.72 -57.68 86.57
CA PHE C 37 47.31 -57.40 86.72
C PHE C 37 46.84 -56.39 85.68
N ASN C 38 47.62 -55.32 85.45
CA ASN C 38 47.26 -54.42 84.35
C ASN C 38 47.46 -55.06 82.99
N LYS C 39 48.47 -55.92 82.83
CA LYS C 39 48.66 -56.61 81.56
C LYS C 39 47.43 -57.43 81.18
N ILE C 40 46.69 -57.93 82.16
CA ILE C 40 45.46 -58.67 81.89
C ILE C 40 44.25 -57.73 81.86
N LEU C 41 44.32 -56.62 82.60
CA LEU C 41 43.16 -55.75 82.74
C LEU C 41 42.87 -55.02 81.43
N PRO C 42 41.58 -54.81 81.06
CA PRO C 42 41.30 -54.05 79.83
C PRO C 42 41.49 -52.55 80.00
N GLU C 43 41.46 -51.81 78.89
CA GLU C 43 41.72 -50.38 78.90
C GLU C 43 40.52 -49.61 79.46
N PRO C 44 40.74 -48.49 80.17
CA PRO C 44 39.60 -47.67 80.58
C PRO C 44 38.78 -47.18 79.39
N THR C 45 37.48 -47.08 79.59
CA THR C 45 36.54 -46.48 78.66
C THR C 45 35.87 -45.28 79.34
N GLU C 46 34.92 -44.67 78.63
CA GLU C 46 34.23 -43.47 79.11
C GLU C 46 32.97 -43.90 79.85
N GLY C 47 33.04 -43.93 81.18
CA GLY C 47 31.91 -44.28 82.01
C GLY C 47 31.92 -45.68 82.56
N PHE C 48 32.86 -46.54 82.14
CA PHE C 48 32.97 -47.91 82.65
C PHE C 48 31.71 -48.71 82.35
N ALA C 49 31.42 -48.86 81.06
CA ALA C 49 30.26 -49.62 80.60
C ALA C 49 30.62 -51.03 80.16
N ALA C 50 31.85 -51.27 79.71
CA ALA C 50 32.22 -52.57 79.19
C ALA C 50 32.24 -53.62 80.30
N ASP C 51 32.01 -54.87 79.92
CA ASP C 51 32.12 -55.96 80.86
C ASP C 51 33.59 -56.21 81.20
N ASP C 52 33.81 -56.83 82.37
CA ASP C 52 35.15 -57.04 82.89
C ASP C 52 35.89 -55.71 83.08
N GLU C 53 35.13 -54.66 83.41
CA GLU C 53 35.67 -53.31 83.56
C GLU C 53 35.19 -52.77 84.90
N PRO C 54 36.07 -52.36 85.81
CA PRO C 54 35.57 -51.80 87.08
C PRO C 54 34.93 -50.44 86.86
N THR C 55 33.94 -50.15 87.70
CA THR C 55 33.30 -48.85 87.75
C THR C 55 33.52 -48.11 89.06
N THR C 56 33.95 -48.79 90.11
CA THR C 56 34.27 -48.18 91.38
C THR C 56 35.57 -48.78 91.90
N PRO C 57 36.29 -48.05 92.76
CA PRO C 57 37.53 -48.62 93.31
C PRO C 57 37.29 -49.89 94.10
N ALA C 58 36.12 -50.02 94.72
CA ALA C 58 35.78 -51.28 95.39
C ALA C 58 35.78 -52.44 94.40
N GLU C 59 35.15 -52.24 93.25
CA GLU C 59 35.15 -53.28 92.22
C GLU C 59 36.55 -53.56 91.71
N LEU C 60 37.38 -52.52 91.56
CA LEU C 60 38.74 -52.78 91.06
C LEU C 60 39.58 -53.57 92.06
N VAL C 61 39.52 -53.22 93.35
CA VAL C 61 40.24 -54.02 94.34
C VAL C 61 39.67 -55.43 94.40
N GLY C 62 38.35 -55.57 94.22
CA GLY C 62 37.78 -56.90 94.15
C GLY C 62 38.33 -57.72 93.01
N LYS C 63 38.46 -57.11 91.83
CA LYS C 63 38.99 -57.83 90.68
C LYS C 63 40.47 -58.16 90.87
N PHE C 64 41.22 -57.26 91.50
CA PHE C 64 42.60 -57.57 91.85
C PHE C 64 42.66 -58.76 92.80
N LEU C 65 41.74 -58.80 93.77
CA LEU C 65 41.68 -59.93 94.69
C LEU C 65 41.38 -61.22 93.94
N GLY C 66 40.45 -61.17 93.00
CA GLY C 66 40.15 -62.35 92.20
C GLY C 66 41.34 -62.82 91.39
N TYR C 67 42.09 -61.87 90.82
CA TYR C 67 43.27 -62.21 90.04
C TYR C 67 44.32 -62.91 90.91
N VAL C 68 44.62 -62.33 92.07
CA VAL C 68 45.64 -62.92 92.95
C VAL C 68 45.14 -64.26 93.48
N SER C 69 43.84 -64.38 93.73
CA SER C 69 43.29 -65.66 94.16
C SER C 69 43.45 -66.72 93.08
N SER C 70 43.21 -66.35 91.82
CA SER C 70 43.44 -67.28 90.72
C SER C 70 44.90 -67.70 90.64
N LEU C 71 45.82 -66.78 90.89
CA LEU C 71 47.23 -67.14 90.91
C LEU C 71 47.64 -67.96 92.13
N VAL C 72 46.91 -67.86 93.23
CA VAL C 72 47.23 -68.58 94.46
C VAL C 72 46.67 -69.99 94.37
N GLU C 73 47.51 -70.98 94.69
CA GLU C 73 47.12 -72.38 94.67
C GLU C 73 46.93 -72.87 96.10
N PRO C 74 45.79 -73.49 96.47
CA PRO C 74 45.68 -73.98 97.84
C PRO C 74 46.69 -75.09 98.16
N GLY C 78 53.35 -72.00 97.69
CA GLY C 78 52.68 -70.85 98.28
C GLY C 78 53.60 -69.65 98.44
N GLN C 79 53.48 -68.70 97.51
CA GLN C 79 54.28 -67.47 97.52
C GLN C 79 53.45 -66.21 97.45
N PHE C 80 52.30 -66.26 96.77
CA PHE C 80 51.43 -65.11 96.64
C PHE C 80 50.38 -65.03 97.76
N ASP C 81 50.43 -65.95 98.71
CA ASP C 81 49.41 -65.99 99.76
C ASP C 81 49.50 -64.76 100.66
N GLN C 82 50.72 -64.32 100.96
CA GLN C 82 50.87 -63.16 101.84
C GLN C 82 50.29 -61.91 101.19
N VAL C 83 50.58 -61.69 99.90
CA VAL C 83 50.05 -60.49 99.24
C VAL C 83 48.54 -60.60 99.09
N LEU C 84 48.03 -61.81 98.83
CA LEU C 84 46.58 -62.01 98.80
C LEU C 84 45.96 -61.62 100.13
N ASN C 85 46.54 -62.08 101.24
CA ASN C 85 46.03 -61.75 102.56
C ASN C 85 46.10 -60.25 102.80
N LEU C 86 47.18 -59.61 102.36
CA LEU C 86 47.34 -58.17 102.58
C LEU C 86 46.24 -57.39 101.86
N CYS C 87 46.06 -57.65 100.56
CA CYS C 87 45.06 -56.89 99.82
C CYS C 87 43.65 -57.25 100.27
N LEU C 88 43.41 -58.49 100.69
CA LEU C 88 42.11 -58.86 101.23
C LEU C 88 41.83 -58.11 102.52
N THR C 89 42.82 -58.00 103.40
CA THR C 89 42.66 -57.23 104.62
C THR C 89 42.39 -55.76 104.29
N GLU C 90 43.08 -55.22 103.30
CA GLU C 90 42.83 -53.84 102.90
C GLU C 90 41.39 -53.66 102.42
N PHE C 91 40.90 -54.60 101.61
CA PHE C 91 39.53 -54.53 101.12
C PHE C 91 38.54 -54.60 102.28
N GLU C 92 38.78 -55.50 103.22
CA GLU C 92 37.88 -55.62 104.37
C GLU C 92 37.88 -54.35 105.22
N ASN C 93 39.07 -53.78 105.48
CA ASN C 93 39.14 -52.57 106.29
C ASN C 93 38.44 -51.41 105.59
N CYS C 94 38.64 -51.25 104.29
CA CYS C 94 38.19 -50.04 103.63
C CYS C 94 36.73 -50.11 103.20
N TYR C 95 36.34 -51.17 102.49
CA TYR C 95 35.05 -51.16 101.79
C TYR C 95 33.95 -51.92 102.51
N LEU C 96 34.30 -52.94 103.30
CA LEU C 96 33.26 -53.69 104.02
C LEU C 96 32.68 -52.89 105.17
N GLU C 97 33.48 -52.04 105.82
CA GLU C 97 33.03 -51.28 106.99
C GLU C 97 32.57 -52.23 108.09
N GLY C 98 33.27 -53.35 108.22
CA GLY C 98 32.86 -54.35 109.18
C GLY C 98 31.59 -55.07 108.81
N ASN C 99 31.12 -54.91 107.58
CA ASN C 99 29.89 -55.50 107.10
C ASN C 99 30.19 -56.66 106.16
N ASP C 100 29.12 -57.31 105.70
CA ASP C 100 29.30 -58.48 104.85
C ASP C 100 29.47 -58.06 103.39
N ILE C 101 30.01 -59.02 102.61
CA ILE C 101 30.26 -58.77 101.19
C ILE C 101 28.95 -58.46 100.48
N HIS C 102 27.86 -59.13 100.87
CA HIS C 102 26.59 -58.89 100.22
C HIS C 102 26.02 -57.52 100.58
N ALA C 103 26.22 -57.07 101.82
CA ALA C 103 25.82 -55.71 102.17
C ALA C 103 26.60 -54.68 101.35
N LEU C 104 27.90 -54.90 101.21
CA LEU C 104 28.69 -54.00 100.37
C LEU C 104 28.21 -54.04 98.92
N ALA C 105 27.86 -55.24 98.43
CA ALA C 105 27.36 -55.38 97.07
C ALA C 105 26.07 -54.62 96.87
N ALA C 106 25.14 -54.72 97.83
CA ALA C 106 23.88 -53.98 97.72
C ALA C 106 24.13 -52.48 97.76
N LYS C 107 25.04 -52.03 98.63
CA LYS C 107 25.37 -50.61 98.69
C LYS C 107 25.95 -50.13 97.36
N LEU C 108 26.83 -50.92 96.76
CA LEU C 108 27.40 -50.56 95.46
C LEU C 108 26.33 -50.51 94.38
N LEU C 109 25.42 -51.49 94.39
CA LEU C 109 24.39 -51.55 93.35
C LEU C 109 23.47 -50.34 93.45
N GLN C 110 23.12 -49.95 94.67
CA GLN C 110 22.17 -48.85 94.84
C GLN C 110 22.85 -47.49 94.69
N GLU C 111 23.80 -47.19 95.57
CA GLU C 111 24.43 -45.87 95.57
C GLU C 111 25.23 -45.64 94.29
N ASN C 112 26.09 -46.58 93.93
CA ASN C 112 27.04 -46.39 92.84
C ASN C 112 26.51 -47.00 91.56
N ASP C 113 27.11 -46.59 90.44
CA ASP C 113 26.68 -47.04 89.11
C ASP C 113 27.31 -48.39 88.78
N THR C 114 26.84 -49.40 89.51
CA THR C 114 27.31 -50.77 89.36
C THR C 114 26.17 -51.62 88.82
N THR C 115 26.52 -52.58 87.96
CA THR C 115 25.55 -53.49 87.36
C THR C 115 25.59 -54.84 88.08
N LEU C 116 24.59 -55.67 87.79
CA LEU C 116 24.41 -56.92 88.52
C LEU C 116 25.56 -57.89 88.28
N VAL C 117 26.02 -58.00 87.03
CA VAL C 117 27.12 -58.93 86.75
C VAL C 117 28.39 -58.47 87.45
N LYS C 118 28.62 -57.15 87.50
CA LYS C 118 29.81 -56.65 88.20
C LYS C 118 29.70 -56.90 89.70
N THR C 119 28.50 -56.73 90.26
CA THR C 119 28.30 -57.09 91.66
C THR C 119 28.59 -58.56 91.90
N LYS C 120 28.09 -59.43 91.02
CA LYS C 120 28.27 -60.86 91.21
C LYS C 120 29.74 -61.25 91.11
N GLU C 121 30.47 -60.70 90.14
CA GLU C 121 31.88 -61.08 90.01
C GLU C 121 32.71 -60.46 91.15
N LEU C 122 32.34 -59.29 91.65
CA LEU C 122 32.99 -58.77 92.85
C LEU C 122 32.80 -59.71 94.02
N ILE C 123 31.58 -60.19 94.22
CA ILE C 123 31.32 -61.13 95.32
C ILE C 123 32.12 -62.40 95.12
N LYS C 124 32.16 -62.91 93.88
CA LYS C 124 32.93 -64.12 93.59
C LYS C 124 34.39 -63.91 93.94
N ASN C 125 34.95 -62.78 93.54
CA ASN C 125 36.36 -62.52 93.81
C ASN C 125 36.60 -62.45 95.31
N TYR C 126 35.70 -61.81 96.06
CA TYR C 126 35.92 -61.70 97.50
C TYR C 126 35.88 -63.07 98.18
N ILE C 127 34.85 -63.87 97.90
CA ILE C 127 34.76 -65.17 98.55
C ILE C 127 35.90 -66.09 98.08
N THR C 128 36.22 -66.04 96.79
CA THR C 128 37.33 -66.84 96.29
C THR C 128 38.61 -66.50 97.04
N ALA C 129 38.94 -65.21 97.13
CA ALA C 129 40.14 -64.78 97.84
C ALA C 129 40.10 -65.21 99.30
N ARG C 130 38.94 -65.09 99.94
CA ARG C 130 38.82 -65.52 101.32
C ARG C 130 39.18 -66.99 101.48
N ILE C 131 38.78 -67.82 100.53
CA ILE C 131 39.04 -69.25 100.69
C ILE C 131 40.42 -69.66 100.18
N MET C 132 41.05 -68.90 99.27
CA MET C 132 42.44 -69.21 98.94
C MET C 132 43.40 -68.71 100.02
N ALA C 133 43.03 -67.65 100.73
CA ALA C 133 43.92 -67.06 101.73
C ALA C 133 43.88 -67.79 103.07
N LYS C 134 43.36 -69.02 103.11
CA LYS C 134 43.21 -69.75 104.36
C LYS C 134 42.38 -68.96 105.37
N ARG C 135 41.34 -68.29 104.86
CA ARG C 135 40.46 -67.45 105.66
C ARG C 135 39.02 -67.86 105.42
N PRO C 136 38.60 -69.02 105.92
CA PRO C 136 37.22 -69.46 105.70
C PRO C 136 36.25 -68.57 106.43
N PHE C 137 34.97 -68.73 106.09
CA PHE C 137 33.89 -68.06 106.82
C PHE C 137 33.47 -68.90 108.02
N ASP C 138 34.44 -69.25 108.86
CA ASP C 138 34.20 -70.07 110.05
C ASP C 138 33.88 -69.26 111.28
N LYS C 139 33.89 -67.92 111.19
CA LYS C 139 33.58 -67.06 112.31
C LYS C 139 32.07 -66.86 112.41
N LYS C 140 31.52 -67.02 113.60
CA LYS C 140 30.10 -66.83 113.82
C LYS C 140 29.69 -65.43 113.42
N SER C 141 28.90 -65.31 112.35
CA SER C 141 28.50 -64.01 111.86
C SER C 141 27.54 -63.33 112.84
N ASN C 142 27.67 -62.02 112.95
CA ASN C 142 26.83 -61.21 113.83
C ASN C 142 25.70 -60.52 113.08
N SER C 143 25.13 -61.20 112.07
CA SER C 143 24.05 -60.62 111.29
C SER C 143 22.86 -60.29 112.18
N ALA C 144 22.27 -59.12 111.96
CA ALA C 144 21.26 -58.59 112.87
C ALA C 144 20.05 -59.51 112.98
N LEU C 145 19.63 -60.09 111.85
CA LEU C 145 18.48 -60.99 111.87
C LEU C 145 18.73 -62.17 112.80
N PHE C 146 19.93 -62.73 112.75
CA PHE C 146 20.21 -63.91 113.55
C PHE C 146 20.57 -63.57 114.99
N ARG C 147 21.10 -62.38 115.25
CA ARG C 147 21.16 -61.92 116.64
C ARG C 147 19.75 -61.78 117.22
N ALA C 148 18.83 -61.24 116.43
CA ALA C 148 17.43 -61.12 116.87
C ALA C 148 16.85 -62.50 117.16
N VAL C 149 17.12 -63.46 116.28
CA VAL C 149 16.63 -64.82 116.51
C VAL C 149 17.24 -65.40 117.78
N GLY C 150 18.55 -65.24 117.96
CA GLY C 150 19.20 -65.80 119.14
C GLY C 150 18.67 -65.24 120.43
N GLU C 151 18.39 -63.93 120.45
CA GLU C 151 17.78 -63.31 121.62
C GLU C 151 16.26 -63.47 121.66
N GLY C 152 15.66 -64.12 120.66
CA GLY C 152 14.25 -64.38 120.65
C GLY C 152 13.40 -63.25 120.11
N ASN C 153 14.01 -62.21 119.54
CA ASN C 153 13.24 -61.09 119.01
C ASN C 153 12.52 -61.47 117.73
N ALA C 154 13.16 -62.28 116.87
CA ALA C 154 12.64 -62.61 115.56
C ALA C 154 12.46 -64.12 115.42
N GLN C 155 11.46 -64.51 114.64
CA GLN C 155 11.18 -65.90 114.32
C GLN C 155 11.35 -66.12 112.82
N LEU C 156 12.01 -67.22 112.47
CA LEU C 156 12.45 -67.49 111.11
C LEU C 156 11.75 -68.73 110.56
N VAL C 157 11.12 -68.58 109.40
CA VAL C 157 10.54 -69.71 108.69
C VAL C 157 11.14 -69.74 107.29
N ALA C 158 11.74 -70.87 106.93
CA ALA C 158 12.23 -71.07 105.58
C ALA C 158 11.11 -71.59 104.69
N ILE C 159 10.98 -71.01 103.50
CA ILE C 159 10.05 -71.49 102.48
C ILE C 159 10.86 -71.79 101.23
N PHE C 160 10.63 -72.97 100.66
CA PHE C 160 11.33 -73.43 99.48
C PHE C 160 10.37 -73.49 98.30
N GLY C 161 10.75 -72.87 97.20
CA GLY C 161 9.90 -72.78 96.03
C GLY C 161 9.83 -74.10 95.27
N GLY C 162 9.11 -74.05 94.16
CA GLY C 162 8.91 -75.22 93.31
C GLY C 162 8.77 -74.82 91.87
N GLN C 163 7.93 -75.55 91.15
CA GLN C 163 7.75 -75.34 89.73
C GLN C 163 6.94 -74.07 89.46
N GLY C 164 7.14 -73.51 88.26
CA GLY C 164 6.35 -72.40 87.79
C GLY C 164 6.84 -71.03 88.19
N ASN C 165 7.85 -70.94 89.06
CA ASN C 165 8.30 -69.63 89.50
C ASN C 165 8.97 -68.86 88.37
N THR C 166 9.70 -69.55 87.50
CA THR C 166 10.39 -68.91 86.39
C THR C 166 10.55 -69.91 85.25
N ASP C 167 10.66 -69.39 84.03
CA ASP C 167 10.81 -70.22 82.84
C ASP C 167 12.25 -70.56 82.52
N ASP C 168 13.22 -69.92 83.16
CA ASP C 168 14.62 -70.15 82.88
C ASP C 168 15.37 -70.26 84.20
N TYR C 169 14.94 -71.22 85.03
CA TYR C 169 15.56 -71.42 86.34
C TYR C 169 17.04 -71.75 86.23
N PHE C 170 17.51 -72.23 85.08
CA PHE C 170 18.85 -72.79 85.01
C PHE C 170 19.93 -71.73 85.16
N GLU C 171 19.66 -70.47 84.76
CA GLU C 171 20.68 -69.44 85.01
C GLU C 171 20.89 -69.20 86.49
N GLU C 172 19.90 -69.50 87.32
CA GLU C 172 20.12 -69.39 88.76
C GLU C 172 21.18 -70.37 89.22
N LEU C 173 21.07 -71.63 88.75
CA LEU C 173 22.10 -72.62 89.06
C LEU C 173 23.44 -72.20 88.46
N ARG C 174 23.42 -71.68 87.24
CA ARG C 174 24.66 -71.28 86.59
C ARG C 174 25.34 -70.16 87.36
N ASP C 175 24.59 -69.15 87.77
CA ASP C 175 25.18 -68.03 88.49
C ASP C 175 25.55 -68.41 89.91
N LEU C 176 24.87 -69.39 90.50
CA LEU C 176 25.33 -69.93 91.77
C LEU C 176 26.68 -70.61 91.60
N TYR C 177 26.82 -71.45 90.58
CA TYR C 177 28.07 -72.15 90.33
C TYR C 177 29.20 -71.21 89.95
N GLN C 178 28.89 -70.09 89.29
CA GLN C 178 29.92 -69.09 88.99
C GLN C 178 30.27 -68.26 90.22
N THR C 179 29.27 -67.53 90.76
CA THR C 179 29.54 -66.56 91.82
C THR C 179 30.06 -67.24 93.08
N TYR C 180 29.50 -68.41 93.42
CA TYR C 180 29.85 -69.14 94.62
C TYR C 180 30.44 -70.49 94.26
N HIS C 181 31.33 -70.49 93.25
CA HIS C 181 31.98 -71.72 92.82
C HIS C 181 32.66 -72.43 93.99
N VAL C 182 33.48 -71.70 94.74
CA VAL C 182 34.31 -72.36 95.75
C VAL C 182 33.44 -72.81 96.92
N LEU C 183 32.29 -72.18 97.12
CA LEU C 183 31.44 -72.51 98.25
C LEU C 183 30.56 -73.73 97.95
N VAL C 184 29.73 -73.64 96.91
CA VAL C 184 28.78 -74.70 96.58
C VAL C 184 29.36 -75.65 95.53
N GLY C 185 30.67 -75.61 95.30
CA GLY C 185 31.27 -76.53 94.34
C GLY C 185 31.15 -77.98 94.78
N ASP C 186 31.42 -78.23 96.07
CA ASP C 186 31.27 -79.59 96.58
C ASP C 186 29.83 -80.06 96.41
N LEU C 187 28.87 -79.19 96.72
CA LEU C 187 27.45 -79.56 96.60
C LEU C 187 27.10 -79.86 95.15
N ILE C 188 27.56 -79.04 94.22
CA ILE C 188 27.17 -79.22 92.82
C ILE C 188 27.80 -80.49 92.25
N LYS C 189 29.09 -80.69 92.51
CA LYS C 189 29.73 -81.93 92.08
C LYS C 189 29.05 -83.14 92.69
N PHE C 190 28.72 -83.09 93.98
CA PHE C 190 28.06 -84.22 94.62
C PHE C 190 26.70 -84.49 94.00
N SER C 191 25.91 -83.44 93.78
CA SER C 191 24.58 -83.62 93.20
C SER C 191 24.68 -84.23 91.81
N ALA C 192 25.62 -83.74 90.99
CA ALA C 192 25.81 -84.32 89.67
C ALA C 192 26.23 -85.78 89.77
N GLU C 193 27.10 -86.10 90.72
CA GLU C 193 27.56 -87.47 90.88
C GLU C 193 26.41 -88.40 91.21
N THR C 194 25.60 -88.05 92.21
CA THR C 194 24.48 -88.93 92.57
C THR C 194 23.41 -88.93 91.50
N LEU C 195 23.24 -87.83 90.75
CA LEU C 195 22.30 -87.84 89.65
C LEU C 195 22.72 -88.82 88.56
N SER C 196 24.01 -88.80 88.20
CA SER C 196 24.50 -89.77 87.23
C SER C 196 24.39 -91.18 87.75
N GLU C 197 24.70 -91.39 89.04
CA GLU C 197 24.59 -92.71 89.63
C GLU C 197 23.16 -93.22 89.60
N LEU C 198 22.20 -92.35 89.91
CA LEU C 198 20.80 -92.76 89.91
C LEU C 198 20.32 -93.05 88.49
N ILE C 199 20.79 -92.27 87.51
CA ILE C 199 20.45 -92.59 86.12
C ILE C 199 21.01 -93.95 85.74
N ARG C 200 22.25 -94.23 86.12
CA ARG C 200 22.87 -95.50 85.78
C ARG C 200 22.15 -96.67 86.44
N THR C 201 21.76 -96.52 87.70
CA THR C 201 21.15 -97.60 88.46
C THR C 201 19.64 -97.70 88.25
N THR C 202 19.01 -96.72 87.60
CA THR C 202 17.60 -96.79 87.30
C THR C 202 17.38 -97.56 86.01
N LEU C 203 16.22 -98.23 85.91
CA LEU C 203 15.99 -99.19 84.85
C LEU C 203 16.07 -98.54 83.47
N ASP C 204 15.32 -97.46 83.25
CA ASP C 204 15.25 -96.81 81.95
C ASP C 204 15.25 -95.29 82.10
N ALA C 205 16.12 -94.78 82.98
CA ALA C 205 16.18 -93.34 83.18
C ALA C 205 16.79 -92.64 81.97
N GLU C 206 17.71 -93.31 81.26
CA GLU C 206 18.34 -92.67 80.11
C GLU C 206 17.33 -92.33 79.03
N LYS C 207 16.26 -93.12 78.92
CA LYS C 207 15.20 -92.80 77.96
C LYS C 207 14.56 -91.47 78.31
N VAL C 208 14.30 -91.24 79.60
CA VAL C 208 13.77 -89.96 80.04
C VAL C 208 14.76 -88.83 79.82
N PHE C 209 16.04 -89.08 80.06
CA PHE C 209 17.10 -88.08 79.87
C PHE C 209 17.72 -88.28 78.49
N THR C 210 17.06 -87.73 77.48
CA THR C 210 17.54 -87.87 76.11
C THR C 210 18.90 -87.21 75.92
N GLN C 211 19.06 -86.00 76.47
CA GLN C 211 20.31 -85.25 76.39
C GLN C 211 21.19 -85.43 77.61
N GLY C 212 20.98 -86.49 78.39
CA GLY C 212 21.77 -86.72 79.58
C GLY C 212 21.44 -85.73 80.68
N LEU C 213 22.15 -85.87 81.78
CA LEU C 213 22.01 -85.00 82.95
C LEU C 213 23.38 -84.66 83.50
N ASN C 214 24.33 -84.42 82.61
CA ASN C 214 25.71 -84.09 82.99
C ASN C 214 25.75 -82.58 83.19
N ILE C 215 25.67 -82.16 84.47
CA ILE C 215 25.48 -80.76 84.78
C ILE C 215 26.81 -80.01 84.81
N LEU C 216 27.88 -80.69 85.19
CA LEU C 216 29.19 -80.02 85.25
C LEU C 216 29.59 -79.49 83.88
N GLU C 217 29.39 -80.30 82.84
CA GLU C 217 29.71 -79.86 81.49
C GLU C 217 28.82 -78.70 81.06
N TRP C 218 27.52 -78.76 81.39
CA TRP C 218 26.61 -77.69 81.01
C TRP C 218 27.01 -76.38 81.67
N LEU C 219 27.42 -76.45 82.94
CA LEU C 219 27.83 -75.24 83.65
C LEU C 219 29.15 -74.71 83.11
N GLU C 220 30.13 -75.61 82.89
CA GLU C 220 31.44 -75.16 82.43
C GLU C 220 31.37 -74.55 81.04
N ASN C 221 30.59 -75.16 80.12
CA ASN C 221 30.46 -74.71 78.75
C ASN C 221 29.01 -74.35 78.49
N PRO C 222 28.61 -73.09 78.70
CA PRO C 222 27.22 -72.70 78.40
C PRO C 222 26.86 -72.83 76.93
N SER C 223 27.85 -72.87 76.03
CA SER C 223 27.55 -72.93 74.60
C SER C 223 26.79 -74.20 74.23
N ASN C 224 27.21 -75.33 74.79
CA ASN C 224 26.61 -76.62 74.47
C ASN C 224 25.62 -77.08 75.54
N THR C 225 25.02 -76.13 76.26
CA THR C 225 23.96 -76.48 77.20
C THR C 225 22.69 -76.84 76.45
N PRO C 226 21.82 -77.68 77.01
CA PRO C 226 20.58 -78.01 76.32
C PRO C 226 19.66 -76.80 76.21
N ASP C 227 18.55 -77.02 75.51
CA ASP C 227 17.59 -75.97 75.29
C ASP C 227 16.67 -75.81 76.50
N LYS C 228 15.98 -74.66 76.54
CA LYS C 228 15.22 -74.29 77.73
C LYS C 228 14.07 -75.24 77.98
N ASP C 229 13.42 -75.74 76.92
CA ASP C 229 12.31 -76.67 77.13
C ASP C 229 12.80 -77.97 77.77
N TYR C 230 13.92 -78.51 77.28
CA TYR C 230 14.48 -79.72 77.89
C TYR C 230 14.88 -79.47 79.33
N LEU C 231 15.51 -78.32 79.59
CA LEU C 231 15.88 -78.01 80.97
C LEU C 231 14.65 -77.91 81.85
N LEU C 232 13.57 -77.33 81.33
CA LEU C 232 12.34 -77.16 82.06
C LEU C 232 11.58 -78.47 82.23
N SER C 233 11.90 -79.49 81.44
CA SER C 233 11.27 -80.79 81.63
C SER C 233 11.53 -81.30 83.05
N ILE C 234 10.47 -81.83 83.69
CA ILE C 234 10.52 -82.06 85.14
C ILE C 234 11.62 -83.04 85.56
N PRO C 235 12.00 -84.07 84.79
CA PRO C 235 13.11 -84.91 85.26
C PRO C 235 14.40 -84.13 85.42
N ILE C 236 14.56 -83.02 84.70
CA ILE C 236 15.64 -82.09 84.95
C ILE C 236 15.27 -81.10 86.04
N SER C 237 14.10 -80.46 85.90
CA SER C 237 13.77 -79.31 86.72
C SER C 237 13.67 -79.66 88.20
N CYS C 238 13.07 -80.81 88.52
CA CYS C 238 12.89 -81.18 89.92
C CYS C 238 14.23 -81.31 90.64
N PRO C 239 15.12 -82.24 90.25
CA PRO C 239 16.42 -82.30 90.94
C PRO C 239 17.23 -81.02 90.84
N LEU C 240 17.12 -80.29 89.72
CA LEU C 240 17.95 -79.10 89.57
C LEU C 240 17.40 -77.94 90.41
N ILE C 241 16.08 -77.84 90.54
CA ILE C 241 15.53 -76.87 91.47
C ILE C 241 15.90 -77.22 92.89
N GLY C 242 15.95 -78.52 93.20
CA GLY C 242 16.46 -78.93 94.51
C GLY C 242 17.90 -78.52 94.71
N VAL C 243 18.74 -78.70 93.70
CA VAL C 243 20.14 -78.30 93.79
C VAL C 243 20.23 -76.80 94.01
N ILE C 244 19.40 -76.03 93.31
CA ILE C 244 19.44 -74.58 93.45
C ILE C 244 19.07 -74.17 94.88
N GLN C 245 18.01 -74.77 95.42
CA GLN C 245 17.60 -74.44 96.77
C GLN C 245 18.66 -74.83 97.79
N LEU C 246 19.25 -76.02 97.63
CA LEU C 246 20.28 -76.45 98.55
C LEU C 246 21.53 -75.59 98.42
N ALA C 247 21.83 -75.11 97.21
CA ALA C 247 22.95 -74.20 97.02
C ALA C 247 22.71 -72.89 97.73
N HIS C 248 21.48 -72.36 97.65
CA HIS C 248 21.15 -71.15 98.39
C HIS C 248 21.31 -71.36 99.89
N TYR C 249 20.85 -72.51 100.38
CA TYR C 249 20.98 -72.83 101.80
C TYR C 249 22.45 -72.92 102.21
N VAL C 250 23.27 -73.56 101.37
CA VAL C 250 24.70 -73.70 101.67
C VAL C 250 25.38 -72.34 101.67
N VAL C 251 25.06 -71.50 100.68
CA VAL C 251 25.67 -70.17 100.62
C VAL C 251 25.30 -69.38 101.86
N THR C 252 24.04 -69.42 102.25
CA THR C 252 23.60 -68.71 103.45
C THR C 252 24.36 -69.21 104.69
N ALA C 253 24.38 -70.53 104.90
CA ALA C 253 25.00 -71.07 106.09
C ALA C 253 26.49 -70.77 106.12
N LYS C 254 27.19 -70.94 105.01
CA LYS C 254 28.63 -70.71 104.98
C LYS C 254 28.96 -69.24 105.19
N LEU C 255 28.26 -68.34 104.48
CA LEU C 255 28.56 -66.93 104.61
C LEU C 255 28.19 -66.41 105.99
N LEU C 256 27.23 -67.02 106.66
CA LEU C 256 26.95 -66.70 108.05
C LEU C 256 27.82 -67.48 109.03
N GLY C 257 28.66 -68.38 108.54
CA GLY C 257 29.48 -69.17 109.43
C GLY C 257 28.66 -70.10 110.28
N PHE C 258 27.57 -70.63 109.74
CA PHE C 258 26.70 -71.55 110.44
C PHE C 258 26.84 -72.92 109.80
N THR C 259 26.80 -73.97 110.61
CA THR C 259 26.56 -75.30 110.06
C THR C 259 25.10 -75.39 109.65
N PRO C 260 24.76 -76.28 108.72
CA PRO C 260 23.34 -76.38 108.32
C PRO C 260 22.43 -76.73 109.48
N GLY C 261 22.88 -77.58 110.40
CA GLY C 261 22.05 -77.93 111.54
C GLY C 261 21.75 -76.74 112.44
N GLU C 262 22.77 -75.95 112.76
CA GLU C 262 22.53 -74.82 113.65
C GLU C 262 21.75 -73.72 112.94
N LEU C 263 21.96 -73.53 111.64
CA LEU C 263 21.11 -72.62 110.89
C LEU C 263 19.65 -73.08 110.93
N ARG C 264 19.43 -74.38 110.78
CA ARG C 264 18.08 -74.92 110.91
C ARG C 264 17.53 -74.66 112.31
N SER C 265 18.38 -74.76 113.33
CA SER C 265 17.93 -74.48 114.70
C SER C 265 17.51 -73.03 114.85
N TYR C 266 18.25 -72.11 114.23
CA TYR C 266 17.80 -70.72 114.19
C TYR C 266 16.44 -70.59 113.51
N LEU C 267 16.21 -71.31 112.42
CA LEU C 267 14.92 -71.29 111.76
C LEU C 267 13.83 -71.80 112.71
N LYS C 268 12.77 -71.00 112.87
CA LYS C 268 11.62 -71.46 113.63
C LYS C 268 10.91 -72.61 112.93
N GLY C 269 10.82 -72.57 111.61
CA GLY C 269 10.16 -73.64 110.89
C GLY C 269 10.61 -73.69 109.45
N ALA C 270 10.10 -74.68 108.72
CA ALA C 270 10.43 -74.87 107.32
C ALA C 270 9.20 -75.40 106.59
N THR C 271 9.14 -75.10 105.31
CA THR C 271 8.05 -75.59 104.47
C THR C 271 8.39 -75.31 103.01
N GLY C 272 7.53 -75.76 102.11
CA GLY C 272 7.79 -75.57 100.70
C GLY C 272 6.53 -75.63 99.87
N HIS C 273 6.59 -74.93 98.74
CA HIS C 273 5.52 -74.95 97.74
C HIS C 273 5.73 -76.18 96.87
N ALA C 274 4.96 -77.23 97.14
CA ALA C 274 5.00 -78.44 96.32
C ALA C 274 6.39 -79.07 96.33
N GLN C 275 7.21 -78.77 95.33
CA GLN C 275 8.51 -79.42 95.20
C GLN C 275 9.43 -79.04 96.35
N GLY C 276 9.37 -77.78 96.79
CA GLY C 276 10.30 -77.31 97.81
C GLY C 276 10.11 -77.98 99.16
N LEU C 277 9.01 -78.71 99.34
CA LEU C 277 8.79 -79.41 100.60
C LEU C 277 9.90 -80.42 100.84
N VAL C 278 10.42 -81.03 99.78
CA VAL C 278 11.52 -81.99 99.94
C VAL C 278 12.73 -81.29 100.51
N THR C 279 13.08 -80.12 99.97
CA THR C 279 14.21 -79.37 100.48
C THR C 279 13.97 -78.91 101.92
N ALA C 280 12.73 -78.52 102.23
CA ALA C 280 12.41 -78.12 103.60
C ALA C 280 12.64 -79.27 104.57
N VAL C 281 12.18 -80.46 104.21
CA VAL C 281 12.38 -81.63 105.06
C VAL C 281 13.86 -81.94 105.19
N ALA C 282 14.60 -81.84 104.08
CA ALA C 282 16.03 -82.15 104.12
C ALA C 282 16.78 -81.20 105.04
N ILE C 283 16.59 -79.89 104.88
CA ILE C 283 17.27 -78.93 105.73
C ILE C 283 16.78 -79.04 107.17
N ALA C 284 15.53 -79.48 107.38
CA ALA C 284 15.05 -79.79 108.71
C ALA C 284 15.81 -80.93 109.35
N GLU C 285 16.20 -81.95 108.57
CA GLU C 285 16.95 -83.08 109.08
C GLU C 285 18.46 -82.83 109.16
N THR C 286 18.97 -81.82 108.48
CA THR C 286 20.42 -81.58 108.45
C THR C 286 20.98 -81.31 109.84
N ASP C 287 22.20 -81.78 110.08
CA ASP C 287 22.87 -81.64 111.37
C ASP C 287 24.20 -80.90 111.28
N SER C 288 25.09 -81.28 110.37
CA SER C 288 26.40 -80.66 110.26
C SER C 288 26.89 -80.79 108.83
N TRP C 289 28.02 -80.16 108.53
CA TRP C 289 28.59 -80.24 107.18
C TRP C 289 29.01 -81.67 106.86
N GLU C 290 29.41 -82.45 107.86
CA GLU C 290 29.88 -83.81 107.59
C GLU C 290 28.76 -84.67 107.00
N SER C 291 27.55 -84.57 107.55
CA SER C 291 26.41 -85.36 107.12
C SER C 291 25.42 -84.56 106.29
N PHE C 292 25.79 -83.34 105.88
CA PHE C 292 24.88 -82.54 105.07
C PHE C 292 24.65 -83.17 103.70
N PHE C 293 25.70 -83.75 103.12
CA PHE C 293 25.56 -84.40 101.83
C PHE C 293 24.63 -85.61 101.88
N VAL C 294 24.46 -86.21 103.06
CA VAL C 294 23.49 -87.30 103.18
C VAL C 294 22.07 -86.77 102.95
N SER C 295 21.71 -85.68 103.61
CA SER C 295 20.38 -85.09 103.39
C SER C 295 20.26 -84.54 101.97
N VAL C 296 21.34 -84.01 101.41
CA VAL C 296 21.32 -83.56 100.03
C VAL C 296 21.01 -84.74 99.12
N ARG C 297 21.64 -85.88 99.38
CA ARG C 297 21.38 -87.09 98.59
C ARG C 297 19.92 -87.51 98.72
N LYS C 298 19.39 -87.50 99.94
CA LYS C 298 17.99 -87.86 100.14
C LYS C 298 17.08 -86.96 99.33
N ALA C 299 17.26 -85.65 99.46
CA ALA C 299 16.41 -84.69 98.75
C ALA C 299 16.53 -84.86 97.25
N ILE C 300 17.76 -84.98 96.75
CA ILE C 300 17.97 -85.01 95.31
C ILE C 300 17.46 -86.32 94.73
N THR C 301 17.62 -87.42 95.46
CA THR C 301 17.05 -88.69 95.01
C THR C 301 15.53 -88.60 94.95
N VAL C 302 14.90 -88.02 95.97
CA VAL C 302 13.45 -87.89 95.97
C VAL C 302 13.00 -87.04 94.77
N LEU C 303 13.68 -85.92 94.54
CA LEU C 303 13.29 -85.03 93.45
C LEU C 303 13.52 -85.68 92.10
N PHE C 304 14.64 -86.37 91.94
CA PHE C 304 14.93 -87.07 90.69
C PHE C 304 13.88 -88.12 90.40
N PHE C 305 13.51 -88.91 91.42
CA PHE C 305 12.57 -90.00 91.18
C PHE C 305 11.17 -89.47 90.95
N ILE C 306 10.76 -88.42 91.65
CA ILE C 306 9.43 -87.87 91.38
C ILE C 306 9.39 -87.29 89.97
N GLY C 307 10.47 -86.62 89.55
CA GLY C 307 10.51 -86.10 88.20
C GLY C 307 10.41 -87.21 87.16
N VAL C 308 11.21 -88.26 87.32
CA VAL C 308 11.24 -89.33 86.33
C VAL C 308 9.89 -90.05 86.28
N ARG C 309 9.36 -90.44 87.44
CA ARG C 309 8.13 -91.21 87.46
C ARG C 309 6.94 -90.37 86.99
N CYS C 310 6.89 -89.08 87.36
CA CYS C 310 5.79 -88.24 86.92
C CYS C 310 5.87 -87.97 85.42
N TYR C 311 7.08 -87.79 84.89
CA TYR C 311 7.21 -87.63 83.44
C TYR C 311 6.78 -88.89 82.72
N GLU C 312 7.13 -90.06 83.25
CA GLU C 312 6.67 -91.30 82.64
C GLU C 312 5.15 -91.42 82.70
N ALA C 313 4.56 -91.04 83.83
CA ALA C 313 3.11 -91.16 83.98
C ALA C 313 2.38 -90.24 83.02
N TYR C 314 2.85 -88.99 82.90
CA TYR C 314 2.22 -88.00 82.01
C TYR C 314 3.31 -87.21 81.30
N PRO C 315 3.91 -87.78 80.26
CA PRO C 315 4.93 -87.03 79.50
C PRO C 315 4.31 -85.87 78.74
N ASN C 316 5.18 -85.14 78.03
CA ASN C 316 4.79 -83.94 77.29
C ASN C 316 4.66 -84.33 75.83
N THR C 317 3.53 -84.01 75.23
CA THR C 317 3.26 -84.25 73.82
C THR C 317 3.08 -82.92 73.10
N SER C 318 3.35 -82.93 71.80
CA SER C 318 3.22 -81.73 70.99
C SER C 318 1.74 -81.34 70.91
N LEU C 319 1.45 -80.11 71.27
CA LEU C 319 0.09 -79.61 71.19
C LEU C 319 -0.24 -79.20 69.75
N PRO C 320 -1.51 -79.19 69.36
CA PRO C 320 -1.86 -78.72 68.03
C PRO C 320 -1.35 -77.31 67.77
N PRO C 321 -0.62 -77.09 66.67
CA PRO C 321 -0.17 -75.71 66.39
C PRO C 321 -1.31 -74.75 66.17
N SER C 322 -2.51 -75.23 65.82
CA SER C 322 -3.66 -74.34 65.79
C SER C 322 -3.94 -73.77 67.18
N ILE C 323 -3.90 -74.63 68.20
CA ILE C 323 -4.09 -74.17 69.57
C ILE C 323 -2.96 -73.24 69.98
N LEU C 324 -1.73 -73.58 69.60
CA LEU C 324 -0.59 -72.72 69.95
C LEU C 324 -0.76 -71.34 69.32
N GLU C 325 -1.14 -71.29 68.05
CA GLU C 325 -1.32 -70.03 67.36
C GLU C 325 -2.46 -69.22 67.97
N ASP C 326 -3.57 -69.87 68.30
CA ASP C 326 -4.68 -69.17 68.93
C ASP C 326 -4.25 -68.56 70.27
N SER C 327 -3.56 -69.35 71.09
CA SER C 327 -3.09 -68.86 72.37
C SER C 327 -2.13 -67.68 72.19
N LEU C 328 -1.19 -67.80 71.25
CA LEU C 328 -0.22 -66.72 71.05
C LEU C 328 -0.90 -65.45 70.54
N GLU C 329 -1.83 -65.58 69.59
CA GLU C 329 -2.48 -64.39 69.06
C GLU C 329 -3.43 -63.75 70.05
N ASN C 330 -3.90 -64.50 71.06
CA ASN C 330 -4.72 -63.94 72.12
C ASN C 330 -3.89 -63.39 73.28
N ASN C 331 -2.68 -62.93 73.00
CA ASN C 331 -1.80 -62.32 74.01
C ASN C 331 -1.59 -63.27 75.18
N GLU C 332 -1.44 -64.54 74.87
CA GLU C 332 -1.31 -65.61 75.84
C GLU C 332 -0.01 -66.35 75.52
N GLY C 333 0.62 -66.90 76.54
CA GLY C 333 1.85 -67.65 76.36
C GLY C 333 1.58 -69.04 75.82
N VAL C 334 2.64 -69.84 75.83
CA VAL C 334 2.50 -71.23 75.38
C VAL C 334 1.63 -71.99 76.37
N PRO C 335 0.67 -72.82 75.92
CA PRO C 335 -0.04 -73.66 76.89
C PRO C 335 0.90 -74.62 77.60
N SER C 336 0.58 -74.91 78.86
CA SER C 336 1.35 -75.80 79.70
C SER C 336 0.38 -76.55 80.59
N PRO C 337 0.84 -77.61 81.25
CA PRO C 337 -0.08 -78.39 82.10
C PRO C 337 -0.55 -77.65 83.35
N MET C 338 0.00 -76.47 83.65
CA MET C 338 -0.39 -75.68 84.81
C MET C 338 -0.76 -74.28 84.35
N LEU C 339 -1.96 -73.83 84.74
CA LEU C 339 -2.48 -72.51 84.37
C LEU C 339 -2.78 -71.74 85.64
N SER C 340 -2.08 -70.63 85.85
CA SER C 340 -2.29 -69.76 87.00
C SER C 340 -3.32 -68.69 86.65
N ILE C 341 -4.32 -68.54 87.51
CA ILE C 341 -5.39 -67.56 87.36
C ILE C 341 -5.34 -66.63 88.56
N SER C 342 -5.31 -65.33 88.29
CA SER C 342 -5.19 -64.31 89.32
C SER C 342 -6.35 -63.34 89.21
N ASN C 343 -6.81 -62.88 90.38
CA ASN C 343 -7.94 -61.96 90.54
C ASN C 343 -9.28 -62.68 90.36
N LEU C 344 -9.33 -63.96 90.71
CA LEU C 344 -10.58 -64.71 90.70
C LEU C 344 -10.69 -65.53 91.97
N THR C 345 -11.88 -65.54 92.55
CA THR C 345 -12.11 -66.28 93.78
C THR C 345 -12.06 -67.78 93.52
N GLN C 346 -11.79 -68.54 94.59
CA GLN C 346 -11.72 -69.99 94.45
C GLN C 346 -13.05 -70.56 93.99
N GLU C 347 -14.17 -70.01 94.48
CA GLU C 347 -15.47 -70.50 94.04
C GLU C 347 -15.66 -70.29 92.55
N GLN C 348 -15.24 -69.13 92.04
CA GLN C 348 -15.39 -68.84 90.61
C GLN C 348 -14.50 -69.76 89.77
N VAL C 349 -13.24 -69.91 90.18
CA VAL C 349 -12.34 -70.80 89.45
C VAL C 349 -12.88 -72.23 89.50
N GLN C 350 -13.45 -72.62 90.63
CA GLN C 350 -13.98 -73.98 90.77
C GLN C 350 -15.19 -74.20 89.87
N ASP C 351 -16.07 -73.19 89.76
CA ASP C 351 -17.21 -73.38 88.87
C ASP C 351 -16.76 -73.46 87.42
N TYR C 352 -15.78 -72.65 87.02
CA TYR C 352 -15.25 -72.75 85.66
C TYR C 352 -14.65 -74.14 85.43
N VAL C 353 -13.87 -74.62 86.39
CA VAL C 353 -13.26 -75.94 86.27
C VAL C 353 -14.33 -77.02 86.14
N ASN C 354 -15.40 -76.89 86.92
CA ASN C 354 -16.47 -77.89 86.87
C ASN C 354 -17.19 -77.86 85.52
N LYS C 355 -17.43 -76.67 84.98
CA LYS C 355 -18.09 -76.61 83.67
C LYS C 355 -17.21 -77.22 82.59
N THR C 356 -15.90 -76.98 82.66
CA THR C 356 -15.01 -77.63 81.70
C THR C 356 -14.98 -79.14 81.90
N ASN C 357 -14.95 -79.59 83.16
CA ASN C 357 -14.88 -81.02 83.45
C ASN C 357 -16.15 -81.75 83.07
N SER C 358 -17.29 -81.05 83.06
CA SER C 358 -18.55 -81.68 82.69
C SER C 358 -18.48 -82.23 81.26
N HIS C 359 -17.84 -81.48 80.36
CA HIS C 359 -17.66 -81.94 79.00
C HIS C 359 -16.44 -82.84 78.84
N LEU C 360 -15.34 -82.55 79.54
CA LEU C 360 -14.15 -83.38 79.36
C LEU C 360 -14.36 -84.76 79.97
N PRO C 361 -13.65 -85.77 79.48
CA PRO C 361 -13.74 -87.11 80.08
C PRO C 361 -12.91 -87.19 81.37
N ALA C 362 -13.03 -88.35 82.02
CA ALA C 362 -12.40 -88.54 83.32
C ALA C 362 -10.88 -88.45 83.24
N GLY C 363 -10.29 -89.03 82.20
CA GLY C 363 -8.85 -89.04 82.07
C GLY C 363 -8.25 -87.72 81.64
N LYS C 364 -9.07 -86.75 81.25
CA LYS C 364 -8.60 -85.43 80.82
C LYS C 364 -9.14 -84.32 81.70
N GLN C 365 -9.55 -84.64 82.93
CA GLN C 365 -10.11 -83.64 83.82
C GLN C 365 -9.02 -82.64 84.24
N VAL C 366 -9.47 -81.46 84.65
CA VAL C 366 -8.61 -80.43 85.21
C VAL C 366 -9.11 -80.12 86.61
N GLU C 367 -8.18 -79.92 87.55
CA GLU C 367 -8.53 -79.61 88.92
C GLU C 367 -7.56 -78.58 89.46
N ILE C 368 -8.01 -77.86 90.49
CA ILE C 368 -7.15 -76.84 91.10
C ILE C 368 -5.98 -77.54 91.78
N SER C 369 -4.77 -77.06 91.49
CA SER C 369 -3.54 -77.65 92.00
C SER C 369 -2.94 -76.85 93.14
N LEU C 370 -2.78 -75.54 92.96
CA LEU C 370 -2.14 -74.67 93.94
C LEU C 370 -3.10 -73.55 94.29
N VAL C 371 -3.60 -73.55 95.52
CA VAL C 371 -4.38 -72.42 96.04
C VAL C 371 -3.36 -71.46 96.63
N ASN C 372 -2.77 -70.65 95.75
CA ASN C 372 -1.72 -69.73 96.18
C ASN C 372 -2.27 -68.66 97.10
N GLY C 373 -3.48 -68.19 96.85
CA GLY C 373 -4.08 -67.18 97.68
C GLY C 373 -5.57 -67.12 97.47
N ALA C 374 -6.20 -66.12 98.08
CA ALA C 374 -7.63 -65.94 97.91
C ALA C 374 -7.98 -65.65 96.46
N LYS C 375 -7.20 -64.80 95.80
CA LYS C 375 -7.41 -64.39 94.42
C LYS C 375 -6.31 -64.91 93.49
N ASN C 376 -5.62 -65.97 93.90
CA ASN C 376 -4.52 -66.54 93.12
C ASN C 376 -4.59 -68.05 93.21
N LEU C 377 -4.86 -68.70 92.07
CA LEU C 377 -5.02 -70.15 92.03
C LEU C 377 -4.24 -70.69 90.84
N VAL C 378 -4.03 -72.00 90.84
CA VAL C 378 -3.40 -72.69 89.71
C VAL C 378 -4.19 -73.97 89.45
N VAL C 379 -4.52 -74.20 88.19
CA VAL C 379 -5.27 -75.38 87.76
C VAL C 379 -4.32 -76.25 86.93
N SER C 380 -4.22 -77.52 87.30
CA SER C 380 -3.34 -78.47 86.63
C SER C 380 -4.15 -79.52 85.91
N GLY C 381 -3.62 -79.98 84.79
CA GLY C 381 -4.28 -80.97 83.97
C GLY C 381 -3.64 -81.02 82.60
N PRO C 382 -4.30 -81.67 81.65
CA PRO C 382 -3.79 -81.71 80.28
C PRO C 382 -3.65 -80.30 79.72
N PRO C 383 -2.57 -80.00 78.99
CA PRO C 383 -2.47 -78.65 78.40
C PRO C 383 -3.63 -78.32 77.49
N GLN C 384 -4.14 -79.30 76.74
CA GLN C 384 -5.30 -79.09 75.88
C GLN C 384 -6.53 -78.74 76.72
N SER C 385 -6.75 -79.47 77.82
CA SER C 385 -7.87 -79.19 78.69
C SER C 385 -7.77 -77.81 79.31
N LEU C 386 -6.57 -77.42 79.73
CA LEU C 386 -6.38 -76.08 80.28
C LEU C 386 -6.56 -75.02 79.21
N TYR C 387 -6.22 -75.32 77.96
CA TYR C 387 -6.50 -74.37 76.88
C TYR C 387 -8.00 -74.21 76.68
N GLY C 388 -8.75 -75.31 76.79
CA GLY C 388 -10.20 -75.18 76.72
C GLY C 388 -10.76 -74.34 77.86
N LEU C 389 -10.28 -74.60 79.07
CA LEU C 389 -10.65 -73.75 80.21
C LEU C 389 -10.29 -72.29 79.94
N ASN C 390 -9.14 -72.07 79.31
CA ASN C 390 -8.70 -70.71 79.00
C ASN C 390 -9.61 -70.06 77.97
N LEU C 391 -10.11 -70.84 77.02
CA LEU C 391 -11.08 -70.32 76.06
C LEU C 391 -12.35 -69.88 76.77
N THR C 392 -12.84 -70.71 77.71
CA THR C 392 -14.01 -70.32 78.48
C THR C 392 -13.74 -69.05 79.29
N LEU C 393 -12.57 -68.98 79.93
CA LEU C 393 -12.22 -67.81 80.72
C LEU C 393 -12.12 -66.57 79.85
N ARG C 394 -11.58 -66.70 78.64
CA ARG C 394 -11.53 -65.58 77.72
C ARG C 394 -12.93 -65.12 77.33
N LYS C 395 -13.84 -66.08 77.11
CA LYS C 395 -15.22 -65.72 76.85
C LYS C 395 -15.82 -64.95 78.02
N ALA C 396 -15.42 -65.27 79.24
CA ALA C 396 -15.95 -64.64 80.44
C ALA C 396 -15.10 -63.47 80.95
N LYS C 397 -14.08 -63.06 80.20
CA LYS C 397 -13.11 -62.08 80.67
C LYS C 397 -13.28 -60.76 79.91
N ALA C 398 -13.15 -59.65 80.63
CA ALA C 398 -13.20 -58.33 80.03
C ALA C 398 -11.84 -57.93 79.50
N PRO C 399 -11.79 -57.00 78.52
CA PRO C 399 -10.50 -56.45 78.12
C PRO C 399 -9.84 -55.72 79.29
N SER C 400 -8.50 -55.77 79.33
CA SER C 400 -7.77 -55.08 80.38
C SER C 400 -7.99 -53.56 80.29
N GLY C 401 -8.00 -53.02 79.07
CA GLY C 401 -8.18 -51.60 78.88
C GLY C 401 -9.63 -51.19 78.67
N LEU C 402 -10.54 -51.79 79.45
CA LEU C 402 -11.96 -51.42 79.43
C LEU C 402 -12.20 -50.49 80.61
N ASP C 403 -12.37 -49.21 80.31
CA ASP C 403 -12.61 -48.20 81.35
C ASP C 403 -14.04 -48.38 81.88
N GLN C 404 -14.15 -48.95 83.08
CA GLN C 404 -15.44 -49.19 83.72
C GLN C 404 -15.73 -48.20 84.84
N SER C 405 -15.03 -47.07 84.87
CA SER C 405 -15.21 -46.10 85.94
C SER C 405 -16.62 -45.50 85.95
N ARG C 406 -17.29 -45.50 84.81
CA ARG C 406 -18.63 -44.96 84.69
C ARG C 406 -19.72 -45.99 84.94
N ILE C 407 -19.36 -47.24 85.17
CA ILE C 407 -20.34 -48.32 85.35
C ILE C 407 -20.45 -48.58 86.85
N PRO C 408 -21.64 -48.91 87.38
CA PRO C 408 -21.73 -49.25 88.81
C PRO C 408 -20.88 -50.47 89.15
N PHE C 409 -20.35 -50.47 90.38
CA PHE C 409 -19.42 -51.51 90.78
C PHE C 409 -20.05 -52.90 90.69
N SER C 410 -21.31 -53.04 91.09
CA SER C 410 -21.98 -54.33 91.01
C SER C 410 -22.12 -54.79 89.56
N GLU C 411 -22.43 -53.87 88.66
CA GLU C 411 -22.66 -54.21 87.26
C GLU C 411 -21.38 -54.42 86.48
N ARG C 412 -20.22 -54.17 87.09
CA ARG C 412 -18.96 -54.27 86.36
C ARG C 412 -18.63 -55.72 86.04
N LYS C 413 -18.27 -55.97 84.79
CA LYS C 413 -17.83 -57.29 84.37
C LYS C 413 -16.49 -57.58 85.02
N LEU C 414 -16.38 -58.73 85.68
CA LEU C 414 -15.15 -59.07 86.38
C LEU C 414 -14.00 -59.22 85.40
N LYS C 415 -12.82 -58.80 85.83
CA LYS C 415 -11.60 -58.90 85.04
C LYS C 415 -10.55 -59.66 85.84
N PHE C 416 -9.78 -60.49 85.14
CA PHE C 416 -8.76 -61.30 85.78
C PHE C 416 -7.65 -61.57 84.78
N SER C 417 -6.56 -62.15 85.27
CA SER C 417 -5.39 -62.43 84.43
C SER C 417 -5.05 -63.91 84.56
N ASN C 418 -5.06 -64.62 83.44
CA ASN C 418 -4.71 -66.04 83.40
C ASN C 418 -3.50 -66.22 82.50
N ARG C 419 -2.50 -66.93 83.03
CA ARG C 419 -1.27 -67.19 82.28
C ARG C 419 -0.79 -68.58 82.62
N PHE C 420 -0.21 -69.25 81.64
CA PHE C 420 0.31 -70.60 81.82
C PHE C 420 1.67 -70.53 82.50
N LEU C 421 1.87 -71.36 83.52
CA LEU C 421 3.12 -71.37 84.23
C LEU C 421 4.21 -72.03 83.39
N PRO C 422 5.49 -71.73 83.65
CA PRO C 422 6.55 -72.54 83.06
C PRO C 422 6.71 -73.86 83.79
N VAL C 423 5.91 -74.85 83.41
CA VAL C 423 5.97 -76.20 83.97
C VAL C 423 5.78 -77.16 82.82
N ALA C 424 6.31 -78.37 82.97
CA ALA C 424 6.26 -79.40 81.94
C ALA C 424 5.35 -80.57 82.29
N SER C 425 4.93 -80.70 83.54
CA SER C 425 4.01 -81.75 83.95
C SER C 425 2.89 -81.17 84.80
N PRO C 426 1.70 -81.81 84.81
CA PRO C 426 0.58 -81.31 85.62
C PRO C 426 0.62 -81.79 87.07
N PHE C 427 1.36 -81.07 87.90
CA PHE C 427 1.50 -81.48 89.29
C PHE C 427 0.19 -81.31 90.04
N HIS C 428 0.05 -82.09 91.12
CA HIS C 428 -1.15 -82.07 91.95
C HIS C 428 -2.39 -82.39 91.13
N SER C 429 -2.26 -83.36 90.24
CA SER C 429 -3.34 -83.78 89.35
C SER C 429 -3.52 -85.29 89.46
N HIS C 430 -4.72 -85.73 89.06
CA HIS C 430 -4.97 -87.15 88.92
C HIS C 430 -4.04 -87.80 87.90
N LEU C 431 -3.50 -87.00 86.97
CA LEU C 431 -2.67 -87.54 85.90
C LEU C 431 -1.39 -88.18 86.42
N LEU C 432 -0.78 -87.57 87.44
CA LEU C 432 0.46 -88.10 88.02
C LEU C 432 0.22 -89.07 89.16
N VAL C 433 -1.05 -89.38 89.46
CA VAL C 433 -1.34 -90.33 90.55
C VAL C 433 -0.69 -91.68 90.33
N PRO C 434 -0.74 -92.30 89.15
CA PRO C 434 -0.16 -93.66 89.04
C PRO C 434 1.34 -93.70 89.28
N ALA C 435 2.02 -92.55 89.23
CA ALA C 435 3.44 -92.55 89.52
C ALA C 435 3.72 -92.80 90.99
N SER C 436 2.82 -92.39 91.90
CA SER C 436 3.17 -92.24 93.31
C SER C 436 3.63 -93.54 93.94
N ASP C 437 2.96 -94.64 93.62
CA ASP C 437 3.36 -95.94 94.18
C ASP C 437 4.74 -96.33 93.66
N LEU C 438 5.00 -96.06 92.39
CA LEU C 438 6.32 -96.32 91.82
C LEU C 438 7.38 -95.50 92.53
N ILE C 439 7.04 -94.24 92.82
CA ILE C 439 7.95 -93.35 93.53
C ILE C 439 8.27 -93.93 94.90
N ASN C 440 7.24 -94.37 95.63
CA ASN C 440 7.44 -94.91 96.97
C ASN C 440 8.30 -96.16 96.94
N LYS C 441 8.02 -97.07 95.99
CA LYS C 441 8.82 -98.27 95.86
C LYS C 441 10.26 -97.94 95.50
N ASP C 442 10.46 -96.94 94.65
CA ASP C 442 11.81 -96.54 94.25
C ASP C 442 12.58 -95.97 95.42
N LEU C 443 11.91 -95.20 96.27
CA LEU C 443 12.56 -94.67 97.46
C LEU C 443 12.94 -95.81 98.41
N VAL C 444 12.02 -96.75 98.63
CA VAL C 444 12.34 -97.89 99.48
C VAL C 444 13.50 -98.71 98.90
N LYS C 445 13.65 -98.75 97.58
CA LYS C 445 14.80 -99.42 96.98
C LYS C 445 16.07 -98.62 97.18
N ASN C 446 16.13 -97.42 96.61
CA ASN C 446 17.21 -96.47 96.85
C ASN C 446 16.81 -95.67 98.09
N ASN C 447 16.92 -96.34 99.24
CA ASN C 447 16.35 -95.92 100.53
C ASN C 447 16.51 -94.43 100.82
N VAL C 448 15.38 -93.74 100.90
CA VAL C 448 15.32 -92.36 101.36
C VAL C 448 14.09 -92.22 102.25
N SER C 449 14.31 -92.22 103.57
CA SER C 449 13.24 -92.14 104.54
C SER C 449 13.48 -90.92 105.43
N PHE C 450 12.40 -90.20 105.74
CA PHE C 450 12.43 -89.10 106.69
C PHE C 450 11.71 -89.54 107.95
N ASN C 451 12.42 -89.51 109.07
CA ASN C 451 11.89 -89.96 110.35
C ASN C 451 11.64 -88.76 111.26
N ALA C 452 10.44 -88.74 111.87
CA ALA C 452 10.05 -87.61 112.69
C ALA C 452 11.05 -87.35 113.81
N LYS C 453 11.65 -88.42 114.35
CA LYS C 453 12.68 -88.24 115.37
C LYS C 453 13.90 -87.53 114.80
N ASP C 454 14.26 -87.86 113.56
CA ASP C 454 15.41 -87.20 112.93
C ASP C 454 15.10 -85.74 112.62
N ILE C 455 13.86 -85.44 112.27
CA ILE C 455 13.46 -84.06 112.04
C ILE C 455 13.28 -83.37 113.39
N GLN C 456 13.89 -82.19 113.54
CA GLN C 456 13.87 -81.46 114.80
C GLN C 456 13.32 -80.04 114.66
N ILE C 457 12.67 -79.72 113.55
CA ILE C 457 11.85 -78.51 113.46
C ILE C 457 10.55 -78.85 112.75
N PRO C 458 9.48 -78.12 113.07
CA PRO C 458 8.20 -78.40 112.40
C PRO C 458 8.31 -78.16 110.91
N VAL C 459 7.71 -79.07 110.14
CA VAL C 459 7.61 -78.93 108.69
C VAL C 459 6.12 -78.93 108.35
N TYR C 460 5.66 -77.85 107.74
CA TYR C 460 4.24 -77.65 107.53
C TYR C 460 3.80 -78.32 106.22
N ASP C 461 2.77 -79.15 106.31
CA ASP C 461 2.26 -79.86 105.16
C ASP C 461 1.70 -78.88 104.14
N THR C 462 1.77 -79.30 102.86
CA THR C 462 1.26 -78.42 101.80
C THR C 462 -0.25 -78.47 101.72
N PHE C 463 -0.87 -79.59 102.11
CA PHE C 463 -2.31 -79.73 101.98
C PHE C 463 -3.05 -79.10 103.15
N ASP C 464 -2.81 -79.61 104.36
CA ASP C 464 -3.54 -79.18 105.55
C ASP C 464 -2.70 -78.35 106.52
N GLY C 465 -1.42 -78.15 106.25
CA GLY C 465 -0.58 -77.36 107.12
C GLY C 465 -0.13 -78.07 108.39
N SER C 466 -0.59 -79.29 108.63
CA SER C 466 -0.20 -80.00 109.83
C SER C 466 1.30 -80.31 109.79
N ASP C 467 1.90 -80.39 110.98
CA ASP C 467 3.31 -80.74 111.06
C ASP C 467 3.53 -82.17 110.58
N LEU C 468 4.60 -82.37 109.81
CA LEU C 468 4.88 -83.71 109.32
C LEU C 468 5.45 -84.63 110.40
N ARG C 469 5.96 -84.06 111.50
CA ARG C 469 6.50 -84.90 112.57
C ARG C 469 5.40 -85.75 113.21
N VAL C 470 4.23 -85.15 113.47
CA VAL C 470 3.15 -85.86 114.14
C VAL C 470 2.33 -86.73 113.20
N LEU C 471 2.73 -86.84 111.94
CA LEU C 471 2.02 -87.70 111.00
C LEU C 471 2.39 -89.16 111.23
N SER C 472 1.37 -90.00 111.41
CA SER C 472 1.63 -91.41 111.71
C SER C 472 2.24 -92.13 110.52
N GLY C 473 1.78 -91.84 109.31
CA GLY C 473 2.25 -92.56 108.14
C GLY C 473 3.68 -92.22 107.79
N SER C 474 4.06 -92.61 106.57
CA SER C 474 5.40 -92.33 106.08
C SER C 474 5.49 -90.90 105.59
N ILE C 475 6.48 -90.16 106.11
CA ILE C 475 6.64 -88.76 105.74
C ILE C 475 7.01 -88.64 104.27
N SER C 476 7.84 -89.57 103.77
CA SER C 476 8.18 -89.55 102.34
C SER C 476 6.95 -89.78 101.48
N GLU C 477 6.09 -90.73 101.90
CA GLU C 477 4.87 -91.00 101.14
C GLU C 477 3.98 -89.78 101.13
N ARG C 478 3.84 -89.10 102.27
CA ARG C 478 3.00 -87.91 102.32
C ARG C 478 3.60 -86.80 101.45
N ILE C 479 4.92 -86.65 101.46
CA ILE C 479 5.56 -85.63 100.64
C ILE C 479 5.27 -85.90 99.16
N VAL C 480 5.42 -87.15 98.74
CA VAL C 480 5.16 -87.51 97.36
C VAL C 480 3.70 -87.23 97.00
N ASP C 481 2.78 -87.60 97.89
CA ASP C 481 1.37 -87.34 97.64
C ASP C 481 1.11 -85.84 97.53
N CYS C 482 1.77 -85.03 98.37
CA CYS C 482 1.60 -83.60 98.30
C CYS C 482 2.03 -83.05 96.95
N ILE C 483 3.18 -83.51 96.45
CA ILE C 483 3.67 -82.98 95.18
C ILE C 483 2.82 -83.45 94.01
N ILE C 484 2.45 -84.74 93.98
CA ILE C 484 1.87 -85.32 92.78
C ILE C 484 0.33 -85.36 92.81
N ARG C 485 -0.28 -85.69 93.94
CA ARG C 485 -1.72 -85.94 94.02
C ARG C 485 -2.47 -84.77 94.66
N LEU C 486 -2.11 -84.41 95.89
CA LEU C 486 -2.90 -83.45 96.63
C LEU C 486 -2.58 -82.02 96.22
N PRO C 487 -3.52 -81.08 96.36
CA PRO C 487 -3.23 -79.70 96.04
C PRO C 487 -2.45 -79.00 97.16
N VAL C 488 -1.94 -77.83 96.82
CA VAL C 488 -1.18 -77.00 97.75
C VAL C 488 -2.11 -75.88 98.20
N LYS C 489 -2.49 -75.90 99.48
CA LYS C 489 -3.26 -74.81 100.10
C LYS C 489 -2.30 -73.91 100.86
N TRP C 490 -1.66 -73.02 100.11
CA TRP C 490 -0.55 -72.24 100.65
C TRP C 490 -1.01 -71.35 101.80
N GLU C 491 -2.20 -70.77 101.69
CA GLU C 491 -2.72 -70.00 102.81
C GLU C 491 -2.87 -70.87 104.05
N THR C 492 -3.36 -72.10 103.87
CA THR C 492 -3.53 -73.01 105.00
C THR C 492 -2.19 -73.40 105.61
N THR C 493 -1.14 -73.51 104.80
CA THR C 493 0.19 -73.70 105.36
C THR C 493 0.73 -72.45 106.03
N THR C 494 0.23 -71.28 105.63
CA THR C 494 0.75 -70.00 106.04
C THR C 494 0.21 -69.54 107.40
N GLN C 495 -0.44 -70.43 108.16
CA GLN C 495 -0.96 -70.02 109.46
C GLN C 495 0.13 -69.90 110.53
N PHE C 496 1.35 -70.30 110.23
CA PHE C 496 2.40 -70.21 111.24
C PHE C 496 2.67 -68.77 111.61
N LYS C 497 2.98 -68.54 112.89
CA LYS C 497 3.31 -67.21 113.39
C LYS C 497 4.82 -67.03 113.29
N ALA C 498 5.24 -66.13 112.41
CA ALA C 498 6.65 -65.83 112.24
C ALA C 498 6.79 -64.38 111.78
N THR C 499 7.87 -63.75 112.23
CA THR C 499 8.17 -62.38 111.86
C THR C 499 9.00 -62.27 110.60
N HIS C 500 9.74 -63.32 110.24
CA HIS C 500 10.63 -63.31 109.09
C HIS C 500 10.54 -64.63 108.35
N ILE C 501 10.44 -64.53 107.02
CA ILE C 501 10.39 -65.69 106.13
C ILE C 501 11.53 -65.56 105.14
N LEU C 502 12.27 -66.67 104.95
CA LEU C 502 13.37 -66.75 104.02
C LEU C 502 12.98 -67.62 102.85
N ASP C 503 12.92 -67.04 101.65
CA ASP C 503 12.54 -67.77 100.45
C ASP C 503 13.80 -68.21 99.71
N PHE C 504 14.03 -69.53 99.71
CA PHE C 504 15.18 -70.11 99.01
C PHE C 504 14.83 -70.65 97.63
N GLY C 505 13.61 -70.41 97.15
CA GLY C 505 13.17 -71.01 95.92
C GLY C 505 13.74 -70.34 94.71
N PRO C 506 13.44 -70.89 93.53
CA PRO C 506 13.82 -70.21 92.30
C PRO C 506 12.90 -69.03 92.02
N GLY C 507 13.29 -68.26 91.01
CA GLY C 507 12.51 -67.14 90.53
C GLY C 507 12.94 -65.79 91.06
N GLY C 508 13.55 -65.75 92.23
CA GLY C 508 13.96 -64.47 92.79
C GLY C 508 12.76 -63.62 93.10
N ALA C 509 12.65 -62.48 92.39
CA ALA C 509 11.51 -61.58 92.60
C ALA C 509 10.21 -62.21 92.13
N SER C 510 10.27 -63.14 91.18
CA SER C 510 9.09 -63.84 90.68
C SER C 510 8.80 -65.12 91.44
N GLY C 511 9.57 -65.42 92.49
CA GLY C 511 9.49 -66.70 93.15
C GLY C 511 8.41 -66.76 94.22
N LEU C 512 8.56 -67.77 95.08
CA LEU C 512 7.60 -67.99 96.15
C LEU C 512 7.62 -66.89 97.20
N GLY C 513 8.75 -66.20 97.36
CA GLY C 513 8.87 -65.22 98.42
C GLY C 513 7.92 -64.05 98.25
N VAL C 514 7.86 -63.49 97.04
CA VAL C 514 7.00 -62.34 96.82
C VAL C 514 5.53 -62.75 96.90
N LEU C 515 5.21 -63.96 96.45
CA LEU C 515 3.84 -64.46 96.60
C LEU C 515 3.46 -64.57 98.07
N THR C 516 4.35 -65.13 98.89
CA THR C 516 4.07 -65.23 100.31
C THR C 516 3.96 -63.85 100.95
N HIS C 517 4.81 -62.91 100.52
CA HIS C 517 4.72 -61.55 101.03
C HIS C 517 3.38 -60.93 100.68
N ARG C 518 2.90 -61.12 99.46
CA ARG C 518 1.61 -60.56 99.07
C ARG C 518 0.49 -61.19 99.88
N ASN C 519 0.58 -62.50 100.14
CA ASN C 519 -0.43 -63.15 100.98
C ASN C 519 -0.42 -62.60 102.40
N LYS C 520 0.77 -62.42 102.97
CA LYS C 520 0.94 -62.05 104.37
C LYS C 520 1.09 -60.54 104.58
N ASP C 521 0.88 -59.72 103.56
CA ASP C 521 1.17 -58.30 103.65
C ASP C 521 0.30 -57.63 104.71
N GLY C 522 0.91 -56.78 105.53
CA GLY C 522 0.22 -56.05 106.55
C GLY C 522 0.12 -56.75 107.89
N THR C 523 0.52 -58.02 107.97
CA THR C 523 0.50 -58.78 109.20
C THR C 523 1.82 -58.69 109.96
N GLY C 524 2.78 -57.89 109.47
CA GLY C 524 4.04 -57.73 110.17
C GLY C 524 5.05 -58.81 109.88
N VAL C 525 4.94 -59.48 108.73
CA VAL C 525 5.87 -60.53 108.34
C VAL C 525 6.70 -60.00 107.17
N ARG C 526 8.02 -60.00 107.35
CA ARG C 526 8.96 -59.60 106.32
C ARG C 526 9.47 -60.84 105.59
N VAL C 527 9.43 -60.79 104.26
CA VAL C 527 9.94 -61.87 103.42
C VAL C 527 11.25 -61.41 102.82
N ILE C 528 12.25 -62.29 102.83
CA ILE C 528 13.57 -62.03 102.28
C ILE C 528 13.83 -63.08 101.22
N VAL C 529 14.10 -62.64 99.99
CA VAL C 529 14.42 -63.55 98.90
C VAL C 529 15.89 -63.93 99.03
N ALA C 530 16.15 -65.05 99.71
CA ALA C 530 17.52 -65.44 100.05
C ALA C 530 18.35 -65.80 98.84
N GLY C 531 17.74 -66.01 97.67
CA GLY C 531 18.44 -66.47 96.49
C GLY C 531 18.81 -65.41 95.48
N THR C 532 18.46 -64.15 95.71
CA THR C 532 18.70 -63.09 94.75
C THR C 532 19.29 -61.87 95.44
N LEU C 533 20.26 -61.24 94.79
CA LEU C 533 20.82 -59.96 95.19
C LEU C 533 20.23 -58.90 94.28
N ASP C 534 19.32 -58.09 94.81
CA ASP C 534 18.68 -57.04 94.04
C ASP C 534 18.11 -56.04 95.02
N ILE C 535 17.69 -54.89 94.50
CA ILE C 535 17.11 -53.82 95.31
C ILE C 535 15.62 -53.75 95.01
N ASN C 536 14.80 -53.88 96.06
CA ASN C 536 13.37 -53.70 95.93
C ASN C 536 13.07 -52.22 96.15
N PRO C 537 12.59 -51.47 95.16
CA PRO C 537 12.36 -50.04 95.37
C PRO C 537 11.37 -49.75 96.49
N ASP C 538 10.34 -50.58 96.62
CA ASP C 538 9.35 -50.39 97.68
C ASP C 538 9.90 -50.77 99.04
N ASP C 539 10.89 -51.65 99.10
CA ASP C 539 11.45 -52.14 100.37
C ASP C 539 10.39 -52.84 101.20
N ASP C 540 9.40 -53.46 100.56
CA ASP C 540 8.39 -54.24 101.26
C ASP C 540 8.78 -55.71 101.40
N TYR C 541 9.86 -56.15 100.76
CA TYR C 541 10.41 -57.47 101.02
C TYR C 541 11.92 -57.40 100.84
N GLY C 542 12.63 -58.25 101.58
CA GLY C 542 14.08 -58.21 101.60
C GLY C 542 14.71 -58.96 100.44
N PHE C 543 16.04 -58.98 100.45
CA PHE C 543 16.82 -59.66 99.44
C PHE C 543 18.01 -60.33 100.13
N LYS C 544 18.88 -60.95 99.33
CA LYS C 544 19.95 -61.76 99.89
C LYS C 544 20.85 -60.97 100.83
N GLN C 545 21.00 -59.66 100.56
CA GLN C 545 21.88 -58.84 101.40
C GLN C 545 21.31 -58.65 102.80
N GLU C 546 19.98 -58.66 102.94
CA GLU C 546 19.37 -58.41 104.24
C GLU C 546 19.67 -59.54 105.21
N ILE C 547 19.95 -60.74 104.71
CA ILE C 547 20.27 -61.86 105.58
C ILE C 547 21.63 -61.66 106.22
N PHE C 548 22.59 -61.15 105.45
CA PHE C 548 23.96 -61.05 105.92
C PHE C 548 24.31 -59.69 106.50
N ASP C 549 23.47 -58.68 106.32
CA ASP C 549 23.77 -57.36 106.85
C ASP C 549 23.85 -57.40 108.38
N VAL C 550 24.84 -56.71 108.94
CA VAL C 550 25.09 -56.74 110.37
C VAL C 550 24.59 -55.47 111.06
N THR C 551 24.31 -54.40 110.32
CA THR C 551 23.82 -53.16 110.90
C THR C 551 22.32 -53.28 111.17
N SER C 552 21.70 -52.16 111.52
CA SER C 552 20.24 -52.16 111.73
C SER C 552 19.48 -52.38 110.44
N ASN C 553 20.14 -52.23 109.28
CA ASN C 553 19.47 -52.46 108.01
C ASN C 553 19.04 -53.91 107.86
N GLY C 554 19.87 -54.83 108.36
CA GLY C 554 19.54 -56.25 108.24
C GLY C 554 18.26 -56.62 108.97
N LEU C 555 18.03 -55.99 110.12
CA LEU C 555 16.84 -56.25 110.94
C LEU C 555 15.73 -55.30 110.49
N LYS C 556 14.94 -55.76 109.51
CA LYS C 556 13.79 -55.02 109.00
C LYS C 556 12.51 -55.74 109.41
N LYS C 557 11.65 -55.07 110.13
CA LYS C 557 10.35 -55.59 110.53
C LYS C 557 9.30 -55.01 109.59
N ASN C 558 8.52 -55.87 108.96
CA ASN C 558 7.44 -55.40 108.10
C ASN C 558 6.38 -54.72 108.95
N PRO C 559 5.72 -53.66 108.44
CA PRO C 559 4.68 -53.01 109.25
C PRO C 559 3.54 -53.97 109.57
N ASN C 560 3.05 -53.88 110.81
CA ASN C 560 1.86 -54.58 111.26
C ASN C 560 0.79 -53.53 111.48
N TRP C 561 -0.24 -53.54 110.64
CA TRP C 561 -1.22 -52.47 110.64
C TRP C 561 -1.99 -52.40 111.95
N LEU C 562 -2.35 -53.55 112.51
CA LEU C 562 -3.14 -53.54 113.74
C LEU C 562 -2.36 -52.92 114.89
N GLU C 563 -1.03 -53.01 114.85
CA GLU C 563 -0.19 -52.48 115.92
C GLU C 563 0.31 -51.07 115.60
N GLU C 564 0.91 -50.89 114.42
CA GLU C 564 1.53 -49.60 114.10
C GLU C 564 0.47 -48.52 114.01
N TYR C 565 -0.68 -48.82 113.40
CA TYR C 565 -1.81 -47.90 113.32
C TYR C 565 -2.89 -48.23 114.34
N HIS C 566 -2.49 -48.73 115.49
CA HIS C 566 -3.41 -49.10 116.55
C HIS C 566 -4.10 -47.85 117.09
N PRO C 567 -5.43 -47.77 117.11
CA PRO C 567 -6.07 -46.66 117.82
C PRO C 567 -5.86 -46.80 119.33
N LYS C 568 -5.75 -45.65 119.99
CA LYS C 568 -5.50 -45.62 121.42
C LYS C 568 -6.22 -44.41 122.02
N LEU C 569 -6.31 -44.39 123.35
CA LEU C 569 -6.91 -43.30 124.08
C LEU C 569 -5.81 -42.49 124.76
N ILE C 570 -5.97 -41.17 124.75
CA ILE C 570 -5.04 -40.27 125.41
C ILE C 570 -5.84 -39.13 126.03
N LYS C 571 -5.38 -38.68 127.19
CA LYS C 571 -6.02 -37.59 127.91
C LYS C 571 -5.01 -36.47 128.12
N ASN C 572 -5.48 -35.24 127.95
CA ASN C 572 -4.63 -34.07 128.13
C ASN C 572 -4.61 -33.70 129.61
N LYS C 573 -4.06 -32.53 129.94
CA LYS C 573 -3.98 -32.11 131.33
C LYS C 573 -5.36 -31.97 131.94
N SER C 574 -6.32 -31.46 131.17
CA SER C 574 -7.69 -31.31 131.67
C SER C 574 -8.41 -32.64 131.83
N GLY C 575 -7.83 -33.74 131.35
CA GLY C 575 -8.48 -35.03 131.41
C GLY C 575 -9.44 -35.32 130.28
N LYS C 576 -9.46 -34.49 129.24
CA LYS C 576 -10.31 -34.75 128.08
C LYS C 576 -9.76 -35.94 127.30
N ILE C 577 -10.55 -37.00 127.19
CA ILE C 577 -10.12 -38.23 126.54
C ILE C 577 -10.24 -38.03 125.03
N PHE C 578 -9.12 -38.13 124.33
CA PHE C 578 -9.08 -38.12 122.87
C PHE C 578 -8.87 -39.54 122.36
N VAL C 579 -9.47 -39.83 121.20
CA VAL C 579 -9.19 -41.06 120.48
C VAL C 579 -7.86 -40.87 119.78
N GLU C 580 -6.77 -41.31 120.39
CA GLU C 580 -5.45 -41.05 119.84
C GLU C 580 -5.29 -41.80 118.52
N THR C 581 -5.00 -41.05 117.47
CA THR C 581 -4.89 -41.59 116.13
C THR C 581 -3.90 -40.71 115.38
N LYS C 582 -3.50 -41.13 114.19
CA LYS C 582 -2.58 -40.30 113.41
C LYS C 582 -3.20 -38.94 113.10
N PHE C 583 -4.42 -38.93 112.57
CA PHE C 583 -5.09 -37.69 112.22
C PHE C 583 -5.33 -36.83 113.45
N SER C 584 -5.80 -37.45 114.53
CA SER C 584 -6.07 -36.70 115.76
C SER C 584 -4.79 -36.18 116.38
N LYS C 585 -3.69 -36.93 116.27
CA LYS C 585 -2.41 -36.47 116.77
C LYS C 585 -1.93 -35.25 115.99
N LEU C 586 -2.17 -35.24 114.68
CA LEU C 586 -1.78 -34.08 113.89
C LEU C 586 -2.64 -32.87 114.23
N ILE C 587 -3.96 -33.03 114.27
CA ILE C 587 -4.85 -31.87 114.38
C ILE C 587 -5.17 -31.47 115.81
N GLY C 588 -4.72 -32.23 116.81
CA GLY C 588 -5.03 -31.89 118.19
C GLY C 588 -6.51 -31.89 118.51
N ARG C 589 -7.27 -32.74 117.85
CA ARG C 589 -8.71 -32.81 118.05
C ARG C 589 -9.16 -34.24 117.77
N PRO C 590 -10.42 -34.57 118.07
CA PRO C 590 -10.89 -35.92 117.80
C PRO C 590 -10.80 -36.23 116.32
N PRO C 591 -10.61 -37.52 115.95
CA PRO C 591 -10.45 -37.89 114.53
C PRO C 591 -11.77 -37.97 113.77
N LEU C 592 -12.63 -36.97 113.99
CA LEU C 592 -13.95 -36.87 113.39
C LEU C 592 -14.08 -35.49 112.78
N LEU C 593 -14.48 -35.42 111.52
CA LEU C 593 -14.56 -34.15 110.82
C LEU C 593 -15.87 -34.08 110.03
N VAL C 594 -16.30 -32.85 109.78
CA VAL C 594 -17.46 -32.57 108.94
C VAL C 594 -16.94 -32.13 107.58
N PRO C 595 -17.13 -32.91 106.52
CA PRO C 595 -16.52 -32.53 105.24
C PRO C 595 -17.24 -31.34 104.64
N GLY C 596 -16.57 -30.67 103.70
CA GLY C 596 -17.20 -29.60 102.97
C GLY C 596 -18.45 -30.08 102.27
N MET C 597 -19.58 -29.41 102.53
CA MET C 597 -20.89 -29.86 102.08
C MET C 597 -21.67 -28.65 101.56
N THR C 598 -21.78 -28.53 100.25
CA THR C 598 -22.60 -27.48 99.65
C THR C 598 -24.05 -27.92 99.66
N PRO C 599 -24.98 -27.15 100.27
CA PRO C 599 -24.86 -25.85 100.97
C PRO C 599 -24.79 -25.96 102.49
N CYS C 600 -24.49 -27.14 103.05
CA CYS C 600 -24.59 -27.31 104.50
C CYS C 600 -23.48 -26.57 105.22
N THR C 601 -22.23 -26.92 104.94
CA THR C 601 -21.10 -26.23 105.54
C THR C 601 -20.86 -24.85 104.94
N VAL C 602 -21.62 -24.48 103.90
CA VAL C 602 -21.52 -23.13 103.35
C VAL C 602 -21.85 -22.10 104.42
N SER C 603 -22.81 -22.40 105.29
CA SER C 603 -23.21 -21.47 106.32
C SER C 603 -22.04 -21.21 107.27
N PRO C 604 -21.60 -19.96 107.45
CA PRO C 604 -20.58 -19.71 108.49
C PRO C 604 -21.03 -20.13 109.88
N ASP C 605 -22.34 -20.06 110.16
CA ASP C 605 -22.83 -20.42 111.47
C ASP C 605 -22.55 -21.88 111.80
N PHE C 606 -22.79 -22.78 110.85
CA PHE C 606 -22.59 -24.20 111.12
C PHE C 606 -21.11 -24.53 111.25
N VAL C 607 -20.28 -23.91 110.41
CA VAL C 607 -18.84 -24.11 110.53
C VAL C 607 -18.34 -23.63 111.89
N ALA C 608 -18.79 -22.46 112.33
CA ALA C 608 -18.39 -21.95 113.63
C ALA C 608 -18.92 -22.84 114.75
N ALA C 609 -20.14 -23.35 114.62
CA ALA C 609 -20.70 -24.20 115.66
C ALA C 609 -19.93 -25.50 115.79
N THR C 610 -19.56 -26.11 114.65
CA THR C 610 -18.76 -27.33 114.72
C THR C 610 -17.39 -27.05 115.31
N THR C 611 -16.77 -25.93 114.92
CA THR C 611 -15.47 -25.59 115.49
C THR C 611 -15.55 -25.38 116.99
N ASN C 612 -16.61 -24.69 117.45
CA ASN C 612 -16.80 -24.50 118.88
C ASN C 612 -17.02 -25.83 119.59
N ALA C 613 -17.78 -26.73 118.98
CA ALA C 613 -17.92 -28.09 119.49
C ALA C 613 -16.59 -28.81 119.58
N GLY C 614 -15.63 -28.45 118.73
CA GLY C 614 -14.29 -29.01 118.82
C GLY C 614 -14.02 -30.11 117.83
N TYR C 615 -14.68 -30.06 116.67
CA TYR C 615 -14.51 -31.05 115.62
C TYR C 615 -14.21 -30.33 114.32
N THR C 616 -13.30 -30.91 113.54
CA THR C 616 -12.86 -30.28 112.31
C THR C 616 -14.01 -30.14 111.33
N ILE C 617 -14.04 -29.00 110.62
CA ILE C 617 -15.08 -28.73 109.64
C ILE C 617 -14.47 -27.90 108.51
N GLU C 618 -14.97 -28.12 107.31
CA GLU C 618 -14.53 -27.46 106.10
C GLU C 618 -15.63 -26.53 105.59
N LEU C 619 -15.32 -25.24 105.50
CA LEU C 619 -16.21 -24.25 104.89
C LEU C 619 -16.21 -24.51 103.39
N ALA C 620 -17.39 -24.79 102.83
CA ALA C 620 -17.48 -25.18 101.44
C ALA C 620 -17.52 -23.95 100.53
N GLY C 621 -16.69 -23.96 99.49
CA GLY C 621 -16.73 -22.91 98.50
C GLY C 621 -17.76 -23.10 97.42
N GLY C 622 -18.51 -24.20 97.45
CA GLY C 622 -19.55 -24.41 96.45
C GLY C 622 -20.61 -23.34 96.48
N GLY C 623 -20.93 -22.83 97.66
CA GLY C 623 -21.89 -21.77 97.83
C GLY C 623 -21.30 -20.38 97.75
N TYR C 624 -20.09 -20.24 97.22
CA TYR C 624 -19.41 -18.95 97.10
C TYR C 624 -18.83 -18.82 95.70
N PHE C 625 -18.98 -17.63 95.12
CA PHE C 625 -18.60 -17.38 93.74
C PHE C 625 -17.61 -16.24 93.60
N SER C 626 -17.22 -15.60 94.69
CA SER C 626 -16.24 -14.53 94.64
C SER C 626 -15.40 -14.55 95.90
N ALA C 627 -14.17 -14.05 95.76
CA ALA C 627 -13.29 -13.92 96.91
C ALA C 627 -13.91 -13.04 97.97
N ALA C 628 -14.69 -12.03 97.58
CA ALA C 628 -15.35 -11.17 98.57
C ALA C 628 -16.35 -11.97 99.40
N GLY C 629 -17.17 -12.80 98.74
CA GLY C 629 -18.14 -13.59 99.47
C GLY C 629 -17.49 -14.59 100.41
N MET C 630 -16.47 -15.30 99.91
CA MET C 630 -15.72 -16.20 100.79
C MET C 630 -15.03 -15.47 101.92
N THR C 631 -14.46 -14.29 101.66
CA THR C 631 -13.81 -13.54 102.72
C THR C 631 -14.81 -13.14 103.78
N ALA C 632 -15.99 -12.69 103.37
CA ALA C 632 -17.01 -12.33 104.34
C ALA C 632 -17.43 -13.53 105.18
N ALA C 633 -17.60 -14.69 104.53
CA ALA C 633 -17.97 -15.89 105.28
C ALA C 633 -16.87 -16.30 106.24
N ILE C 634 -15.61 -16.22 105.82
CA ILE C 634 -14.51 -16.61 106.68
C ILE C 634 -14.38 -15.65 107.85
N ASP C 635 -14.59 -14.36 107.62
CA ASP C 635 -14.59 -13.41 108.72
C ASP C 635 -15.72 -13.70 109.69
N SER C 636 -16.89 -14.09 109.17
CA SER C 636 -17.98 -14.49 110.06
C SER C 636 -17.58 -15.69 110.91
N VAL C 637 -16.94 -16.69 110.29
CA VAL C 637 -16.50 -17.86 111.04
C VAL C 637 -15.50 -17.46 112.11
N VAL C 638 -14.54 -16.60 111.76
CA VAL C 638 -13.51 -16.19 112.71
C VAL C 638 -14.13 -15.44 113.88
N SER C 639 -15.09 -14.55 113.58
CA SER C 639 -15.73 -13.78 114.64
C SER C 639 -16.53 -14.70 115.55
N GLN C 640 -17.16 -15.74 115.01
CA GLN C 640 -18.00 -16.60 115.81
C GLN C 640 -17.23 -17.66 116.60
N ILE C 641 -16.05 -18.09 116.14
CA ILE C 641 -15.29 -19.11 116.85
C ILE C 641 -14.53 -18.44 118.00
N GLU C 642 -13.99 -19.29 118.87
CA GLU C 642 -13.23 -18.81 120.03
C GLU C 642 -11.77 -18.56 119.67
N LYS C 643 -11.03 -18.02 120.62
CA LYS C 643 -9.62 -17.73 120.42
C LYS C 643 -8.84 -19.02 120.18
N GLY C 644 -8.01 -19.02 119.15
CA GLY C 644 -7.17 -20.16 118.84
C GLY C 644 -7.85 -21.26 118.06
N SER C 645 -9.16 -21.19 117.87
CA SER C 645 -9.87 -22.18 117.07
C SER C 645 -9.37 -22.16 115.63
N THR C 646 -9.82 -23.15 114.86
CA THR C 646 -9.41 -23.23 113.47
C THR C 646 -10.40 -24.08 112.69
N PHE C 647 -10.31 -23.99 111.36
CA PHE C 647 -11.20 -24.67 110.45
C PHE C 647 -10.52 -24.78 109.10
N GLY C 648 -11.11 -25.56 108.20
CA GLY C 648 -10.58 -25.73 106.85
C GLY C 648 -11.50 -25.16 105.79
N ILE C 649 -11.03 -25.24 104.56
CA ILE C 649 -11.78 -24.77 103.39
C ILE C 649 -11.82 -25.89 102.36
N ASN C 650 -13.00 -26.15 101.81
CA ASN C 650 -13.20 -27.16 100.78
C ASN C 650 -13.45 -26.46 99.45
N LEU C 651 -12.74 -26.91 98.41
CA LEU C 651 -12.88 -26.35 97.08
C LEU C 651 -13.10 -27.48 96.08
N ILE C 652 -13.93 -27.21 95.09
CA ILE C 652 -14.27 -28.18 94.05
C ILE C 652 -13.28 -28.02 92.93
N TYR C 653 -12.72 -29.13 92.44
CA TYR C 653 -11.71 -29.11 91.40
C TYR C 653 -12.28 -29.13 89.99
N VAL C 654 -13.56 -29.49 89.81
CA VAL C 654 -14.12 -29.60 88.47
C VAL C 654 -14.38 -28.24 87.83
N ASN C 655 -14.46 -27.17 88.61
CA ASN C 655 -14.68 -25.83 88.06
C ASN C 655 -13.38 -25.02 88.21
N PRO C 656 -12.64 -24.75 87.13
CA PRO C 656 -11.41 -23.96 87.29
C PRO C 656 -11.63 -22.57 87.85
N PHE C 657 -12.80 -21.99 87.66
CA PHE C 657 -13.06 -20.65 88.19
C PHE C 657 -12.98 -20.65 89.72
N MET C 658 -13.53 -21.68 90.35
CA MET C 658 -13.47 -21.80 91.80
C MET C 658 -12.03 -21.78 92.26
N LEU C 659 -11.18 -22.60 91.65
CA LEU C 659 -9.77 -22.64 92.05
C LEU C 659 -9.11 -21.31 91.78
N GLN C 660 -9.40 -20.69 90.64
CA GLN C 660 -8.71 -19.47 90.25
C GLN C 660 -9.00 -18.35 91.24
N TRP C 661 -10.24 -18.25 91.73
CA TRP C 661 -10.52 -17.21 92.71
C TRP C 661 -10.25 -17.66 94.15
N GLY C 662 -10.18 -18.96 94.42
CA GLY C 662 -10.06 -19.45 95.78
C GLY C 662 -8.66 -19.68 96.26
N ILE C 663 -7.80 -20.23 95.40
CA ILE C 663 -6.42 -20.49 95.80
C ILE C 663 -5.67 -19.20 96.12
N PRO C 664 -5.72 -18.16 95.28
CA PRO C 664 -5.12 -16.88 95.70
C PRO C 664 -5.73 -16.33 96.98
N LEU C 665 -7.03 -16.52 97.18
CA LEU C 665 -7.65 -16.06 98.42
C LEU C 665 -7.10 -16.81 99.62
N ILE C 666 -6.95 -18.13 99.51
CA ILE C 666 -6.43 -18.90 100.62
C ILE C 666 -4.99 -18.48 100.91
N LYS C 667 -4.20 -18.26 99.87
CA LYS C 667 -2.83 -17.80 100.08
C LYS C 667 -2.79 -16.44 100.76
N GLU C 668 -3.64 -15.51 100.32
CA GLU C 668 -3.67 -14.19 100.94
C GLU C 668 -4.11 -14.27 102.40
N LEU C 669 -5.14 -15.07 102.68
CA LEU C 669 -5.64 -15.17 104.05
C LEU C 669 -4.61 -15.85 104.95
N ARG C 670 -3.93 -16.87 104.44
CA ARG C 670 -2.87 -17.50 105.22
C ARG C 670 -1.73 -16.53 105.47
N SER C 671 -1.39 -15.70 104.48
CA SER C 671 -0.38 -14.67 104.68
C SER C 671 -0.81 -13.69 105.76
N LYS C 672 -2.09 -13.32 105.76
CA LYS C 672 -2.66 -12.51 106.83
C LYS C 672 -2.72 -13.24 108.16
N GLY C 673 -2.56 -14.57 108.15
CA GLY C 673 -2.58 -15.34 109.38
C GLY C 673 -3.93 -15.90 109.74
N TYR C 674 -4.81 -16.13 108.78
CA TYR C 674 -6.14 -16.60 109.10
C TYR C 674 -6.11 -18.04 109.59
N PRO C 675 -7.02 -18.42 110.50
CA PRO C 675 -7.02 -19.79 111.03
C PRO C 675 -7.62 -20.79 110.04
N ILE C 676 -6.96 -20.95 108.89
CA ILE C 676 -7.34 -21.93 107.88
C ILE C 676 -6.39 -23.10 108.07
N GLN C 677 -6.86 -24.14 108.78
CA GLN C 677 -6.00 -25.26 109.10
C GLN C 677 -5.59 -26.03 107.84
N PHE C 678 -6.53 -26.22 106.91
CA PHE C 678 -6.29 -27.09 105.78
C PHE C 678 -7.18 -26.69 104.62
N LEU C 679 -6.75 -27.09 103.43
CA LEU C 679 -7.53 -26.99 102.21
C LEU C 679 -7.81 -28.40 101.72
N THR C 680 -9.08 -28.69 101.47
CA THR C 680 -9.52 -29.96 100.91
C THR C 680 -9.93 -29.77 99.46
N ILE C 681 -9.51 -30.69 98.61
CA ILE C 681 -9.88 -30.72 97.21
C ILE C 681 -10.76 -31.95 96.99
N GLY C 682 -12.02 -31.69 96.61
CA GLY C 682 -12.97 -32.74 96.31
C GLY C 682 -13.38 -32.71 94.85
N ALA C 683 -14.03 -33.78 94.40
CA ALA C 683 -14.43 -33.91 93.00
C ALA C 683 -13.22 -33.84 92.08
N GLY C 684 -12.17 -34.58 92.43
CA GLY C 684 -10.95 -34.63 91.64
C GLY C 684 -9.72 -34.44 92.49
N VAL C 685 -8.59 -34.99 92.05
CA VAL C 685 -7.31 -34.84 92.72
C VAL C 685 -6.44 -33.95 91.84
N PRO C 686 -5.81 -32.90 92.39
CA PRO C 686 -4.96 -32.06 91.54
C PRO C 686 -3.75 -32.83 91.02
N SER C 687 -3.21 -32.37 89.90
CA SER C 687 -1.98 -32.92 89.37
C SER C 687 -0.85 -32.71 90.37
N LEU C 688 0.29 -33.32 90.07
CA LEU C 688 1.44 -33.22 90.98
C LEU C 688 1.92 -31.78 91.11
N GLU C 689 2.00 -31.06 89.99
CA GLU C 689 2.48 -29.68 90.02
C GLU C 689 1.52 -28.79 90.80
N VAL C 690 0.22 -28.96 90.57
CA VAL C 690 -0.77 -28.14 91.25
C VAL C 690 -0.78 -28.44 92.74
N ALA C 691 -0.67 -29.72 93.11
CA ALA C 691 -0.63 -30.08 94.51
C ALA C 691 0.62 -29.52 95.19
N SER C 692 1.76 -29.58 94.49
CA SER C 692 2.98 -28.98 95.03
C SER C 692 2.82 -27.48 95.20
N GLU C 693 2.17 -26.83 94.25
CA GLU C 693 1.93 -25.40 94.36
C GLU C 693 1.07 -25.09 95.58
N TYR C 694 0.00 -25.86 95.78
CA TYR C 694 -0.84 -25.65 96.96
C TYR C 694 -0.04 -25.85 98.24
N ILE C 695 0.69 -26.97 98.32
CA ILE C 695 1.42 -27.32 99.54
C ILE C 695 2.46 -26.24 99.87
N GLU C 696 3.17 -25.75 98.85
CA GLU C 696 4.23 -24.77 99.11
C GLU C 696 3.67 -23.39 99.38
N THR C 697 2.86 -22.87 98.47
CA THR C 697 2.43 -21.47 98.54
C THR C 697 1.41 -21.25 99.66
N LEU C 698 0.42 -22.13 99.76
CA LEU C 698 -0.66 -21.87 100.72
C LEU C 698 -0.17 -21.91 102.15
N GLY C 699 0.76 -22.80 102.47
CA GLY C 699 1.24 -22.89 103.84
C GLY C 699 0.19 -23.33 104.82
N LEU C 700 -0.55 -24.39 104.49
CA LEU C 700 -1.53 -24.94 105.40
C LEU C 700 -0.91 -26.07 106.23
N LYS C 701 -1.60 -26.45 107.31
CA LYS C 701 -1.10 -27.54 108.14
C LYS C 701 -1.10 -28.86 107.38
N TYR C 702 -2.16 -29.14 106.62
CA TYR C 702 -2.22 -30.35 105.83
C TYR C 702 -3.14 -30.12 104.65
N LEU C 703 -3.02 -31.00 103.66
CA LEU C 703 -3.83 -30.91 102.45
C LEU C 703 -4.74 -32.12 102.36
N GLY C 704 -6.05 -31.88 102.29
CA GLY C 704 -7.02 -32.94 102.12
C GLY C 704 -7.29 -33.20 100.66
N LEU C 705 -7.35 -34.47 100.28
CA LEU C 705 -7.65 -34.88 98.93
C LEU C 705 -8.70 -35.98 98.97
N LYS C 706 -9.72 -35.87 98.11
CA LYS C 706 -10.82 -36.83 98.09
C LYS C 706 -10.74 -37.66 96.82
N PRO C 707 -9.86 -38.67 96.79
CA PRO C 707 -9.78 -39.52 95.59
C PRO C 707 -11.05 -40.33 95.40
N GLY C 708 -11.40 -40.54 94.13
CA GLY C 708 -12.60 -41.28 93.80
C GLY C 708 -12.34 -42.74 93.52
N SER C 709 -11.22 -43.05 92.87
CA SER C 709 -10.96 -44.38 92.34
C SER C 709 -9.50 -44.74 92.61
N ILE C 710 -9.07 -45.87 92.02
CA ILE C 710 -7.70 -46.34 92.20
C ILE C 710 -6.72 -45.33 91.61
N ASP C 711 -7.04 -44.76 90.45
CA ASP C 711 -6.14 -43.78 89.85
C ASP C 711 -6.01 -42.55 90.73
N ALA C 712 -7.12 -42.10 91.30
CA ALA C 712 -7.07 -40.95 92.20
C ALA C 712 -6.26 -41.26 93.45
N ILE C 713 -6.42 -42.46 94.01
CA ILE C 713 -5.65 -42.83 95.18
C ILE C 713 -4.16 -42.90 94.83
N SER C 714 -3.84 -43.42 93.65
CA SER C 714 -2.45 -43.47 93.22
C SER C 714 -1.87 -42.08 93.06
N GLN C 715 -2.68 -41.15 92.56
CA GLN C 715 -2.19 -39.78 92.41
C GLN C 715 -1.98 -39.12 93.77
N VAL C 716 -2.87 -39.39 94.73
CA VAL C 716 -2.67 -38.91 96.09
C VAL C 716 -1.38 -39.47 96.67
N ILE C 717 -1.13 -40.76 96.41
CA ILE C 717 0.10 -41.38 96.89
C ILE C 717 1.31 -40.74 96.25
N ASN C 718 1.22 -40.40 94.96
CA ASN C 718 2.32 -39.72 94.29
C ASN C 718 2.57 -38.34 94.89
N ILE C 719 1.49 -37.63 95.23
CA ILE C 719 1.66 -36.33 95.88
C ILE C 719 2.33 -36.49 97.23
N ALA C 720 1.92 -37.50 98.00
CA ALA C 720 2.54 -37.75 99.29
C ALA C 720 4.01 -38.11 99.14
N LYS C 721 4.34 -38.90 98.11
CA LYS C 721 5.73 -39.22 97.86
C LYS C 721 6.54 -37.98 97.50
N ALA C 722 5.96 -37.09 96.68
CA ALA C 722 6.64 -35.86 96.32
C ALA C 722 6.83 -34.94 97.51
N HIS C 723 5.94 -35.02 98.49
CA HIS C 723 6.02 -34.20 99.70
C HIS C 723 5.92 -35.12 100.93
N PRO C 724 6.97 -35.90 101.20
CA PRO C 724 6.89 -36.86 102.31
C PRO C 724 6.78 -36.22 103.68
N ASN C 725 7.10 -34.92 103.79
CA ASN C 725 7.00 -34.23 105.08
C ASN C 725 5.61 -33.67 105.30
N PHE C 726 4.97 -33.19 104.24
CA PHE C 726 3.70 -32.48 104.38
C PHE C 726 2.56 -33.48 104.61
N PRO C 727 1.71 -33.29 105.63
CA PRO C 727 0.62 -34.24 105.82
C PRO C 727 -0.48 -34.12 104.76
N ILE C 728 -0.87 -35.27 104.23
CA ILE C 728 -1.92 -35.38 103.22
C ILE C 728 -3.05 -36.20 103.82
N ALA C 729 -4.22 -35.61 103.95
CA ALA C 729 -5.40 -36.29 104.46
C ALA C 729 -6.15 -36.91 103.28
N LEU C 730 -5.96 -38.22 103.09
CA LEU C 730 -6.65 -38.95 102.03
C LEU C 730 -8.05 -39.26 102.57
N GLN C 731 -9.03 -38.47 102.15
CA GLN C 731 -10.41 -38.64 102.58
C GLN C 731 -11.11 -39.55 101.58
N TRP C 732 -10.92 -40.85 101.76
CA TRP C 732 -11.58 -41.82 100.92
C TRP C 732 -13.08 -41.83 101.19
N THR C 733 -13.86 -41.82 100.13
CA THR C 733 -15.32 -41.91 100.20
C THR C 733 -15.79 -42.80 99.07
N GLY C 734 -16.58 -43.82 99.40
CA GLY C 734 -17.13 -44.69 98.39
C GLY C 734 -18.26 -44.02 97.64
N GLY C 735 -18.79 -44.73 96.66
CA GLY C 735 -19.93 -44.22 95.91
C GLY C 735 -21.18 -44.07 96.75
N ARG C 736 -21.27 -44.80 97.85
CA ARG C 736 -22.47 -44.77 98.70
C ARG C 736 -22.61 -43.46 99.47
N GLY C 737 -21.65 -42.55 99.37
CA GLY C 737 -21.76 -41.29 100.07
C GLY C 737 -22.76 -40.34 99.41
N GLY C 738 -23.24 -39.40 100.22
CA GLY C 738 -24.21 -38.45 99.73
C GLY C 738 -23.61 -37.43 98.77
N GLY C 739 -24.50 -36.66 98.17
CA GLY C 739 -24.06 -35.66 97.21
C GLY C 739 -23.41 -36.28 96.00
N HIS C 740 -22.44 -35.57 95.44
CA HIS C 740 -21.65 -36.10 94.34
C HIS C 740 -20.92 -37.35 94.79
N HIS C 741 -21.00 -38.41 93.98
CA HIS C 741 -20.41 -39.68 94.35
C HIS C 741 -19.93 -40.40 93.09
N SER C 742 -19.02 -41.33 93.30
CA SER C 742 -18.45 -42.14 92.23
C SER C 742 -19.18 -43.47 92.14
N PHE C 743 -18.72 -44.30 91.21
CA PHE C 743 -19.27 -45.63 91.03
C PHE C 743 -18.49 -46.69 91.79
N GLU C 744 -17.45 -46.32 92.53
CA GLU C 744 -16.59 -47.29 93.17
C GLU C 744 -17.19 -47.77 94.49
N ASP C 745 -16.92 -49.02 94.81
CA ASP C 745 -17.30 -49.58 96.09
C ASP C 745 -16.49 -48.92 97.21
N ALA C 746 -17.09 -48.86 98.40
CA ALA C 746 -16.45 -48.19 99.53
C ALA C 746 -15.30 -49.00 100.12
N HIS C 747 -15.30 -50.32 99.98
CA HIS C 747 -14.38 -51.19 100.67
C HIS C 747 -13.27 -51.73 99.77
N THR C 748 -13.63 -52.29 98.62
CA THR C 748 -12.64 -52.94 97.78
C THR C 748 -11.47 -52.03 97.39
N PRO C 749 -11.68 -50.79 96.92
CA PRO C 749 -10.53 -49.94 96.61
C PRO C 749 -9.58 -49.78 97.79
N MET C 750 -10.12 -49.70 99.00
CA MET C 750 -9.28 -49.63 100.18
C MET C 750 -8.55 -50.95 100.40
N LEU C 751 -9.22 -52.07 100.15
CA LEU C 751 -8.55 -53.35 100.30
C LEU C 751 -7.38 -53.48 99.34
N GLN C 752 -7.46 -52.83 98.18
CA GLN C 752 -6.34 -52.92 97.24
C GLN C 752 -5.24 -51.92 97.60
N MET C 753 -5.60 -50.69 97.95
CA MET C 753 -4.64 -49.60 98.04
C MET C 753 -4.21 -49.25 99.47
N TYR C 754 -4.69 -50.00 100.47
CA TYR C 754 -4.33 -49.66 101.85
C TYR C 754 -2.84 -49.78 102.09
N SER C 755 -2.22 -50.88 101.63
CA SER C 755 -0.80 -51.08 101.86
C SER C 755 0.02 -49.97 101.22
N LYS C 756 -0.31 -49.62 99.97
CA LYS C 756 0.41 -48.54 99.30
C LYS C 756 0.24 -47.22 100.03
N ILE C 757 -0.97 -46.97 100.55
CA ILE C 757 -1.20 -45.73 101.29
C ILE C 757 -0.35 -45.71 102.55
N ARG C 758 -0.26 -46.84 103.25
CA ARG C 758 0.48 -46.91 104.50
C ARG C 758 1.99 -47.01 104.30
N ARG C 759 2.46 -47.23 103.08
CA ARG C 759 3.90 -47.13 102.83
C ARG C 759 4.39 -45.70 102.98
N HIS C 760 3.48 -44.72 103.00
CA HIS C 760 3.83 -43.31 103.17
C HIS C 760 3.25 -42.80 104.48
N PRO C 761 4.06 -42.60 105.54
CA PRO C 761 3.48 -42.24 106.84
C PRO C 761 2.81 -40.87 106.85
N ASN C 762 3.09 -40.01 105.89
CA ASN C 762 2.50 -38.68 105.88
C ASN C 762 1.07 -38.67 105.34
N ILE C 763 0.56 -39.80 104.85
CA ILE C 763 -0.84 -39.91 104.46
C ILE C 763 -1.65 -40.34 105.67
N MET C 764 -2.71 -39.60 105.95
CA MET C 764 -3.67 -39.91 107.00
C MET C 764 -4.95 -40.37 106.34
N LEU C 765 -5.36 -41.61 106.61
CA LEU C 765 -6.50 -42.22 105.95
C LEU C 765 -7.78 -41.87 106.71
N ILE C 766 -8.74 -41.27 106.01
CA ILE C 766 -10.04 -40.93 106.56
C ILE C 766 -11.09 -41.65 105.75
N PHE C 767 -12.01 -42.32 106.42
CA PHE C 767 -13.08 -43.07 105.79
C PHE C 767 -14.38 -42.29 105.89
N GLY C 768 -15.11 -42.19 104.78
CA GLY C 768 -16.41 -41.58 104.80
C GLY C 768 -17.43 -42.36 103.99
N SER C 769 -18.46 -41.67 103.50
CA SER C 769 -19.48 -42.28 102.64
C SER C 769 -20.21 -43.42 103.36
N GLY C 770 -21.01 -43.04 104.35
CA GLY C 770 -21.96 -43.96 104.94
C GLY C 770 -21.78 -44.24 106.42
N PHE C 771 -21.24 -43.27 107.16
CA PHE C 771 -21.01 -43.40 108.59
C PHE C 771 -21.88 -42.37 109.31
N GLY C 772 -22.60 -42.83 110.34
CA GLY C 772 -23.44 -41.94 111.11
C GLY C 772 -23.54 -42.29 112.58
N SER C 773 -22.63 -43.12 113.08
CA SER C 773 -22.66 -43.50 114.48
C SER C 773 -21.31 -44.09 114.86
N ALA C 774 -21.10 -44.25 116.16
CA ALA C 774 -19.88 -44.89 116.65
C ALA C 774 -19.92 -46.39 116.47
N ASP C 775 -21.11 -47.00 116.54
CA ASP C 775 -21.20 -48.45 116.43
C ASP C 775 -20.74 -48.94 115.07
N ASP C 776 -21.15 -48.27 113.99
CA ASP C 776 -20.76 -48.67 112.65
C ASP C 776 -19.41 -48.11 112.23
N THR C 777 -18.82 -47.23 113.03
CA THR C 777 -17.51 -46.68 112.75
C THR C 777 -16.38 -47.35 113.51
N TYR C 778 -16.68 -47.93 114.68
CA TYR C 778 -15.65 -48.58 115.47
C TYR C 778 -14.95 -49.73 114.72
N PRO C 779 -15.64 -50.57 113.95
CA PRO C 779 -14.89 -51.59 113.19
C PRO C 779 -13.84 -50.99 112.29
N TYR C 780 -14.12 -49.82 111.70
CA TYR C 780 -13.14 -49.18 110.83
C TYR C 780 -12.05 -48.50 111.65
N LEU C 781 -12.37 -48.07 112.87
CA LEU C 781 -11.35 -47.50 113.74
C LEU C 781 -10.34 -48.56 114.17
N THR C 782 -10.83 -49.73 114.58
CA THR C 782 -9.94 -50.82 114.98
C THR C 782 -9.37 -51.59 113.81
N GLY C 783 -9.91 -51.42 112.61
CA GLY C 783 -9.44 -52.13 111.45
C GLY C 783 -10.01 -53.52 111.27
N GLU C 784 -10.87 -53.98 112.19
CA GLU C 784 -11.43 -55.32 112.09
C GLU C 784 -12.44 -55.46 110.96
N TRP C 785 -12.81 -54.36 110.30
CA TRP C 785 -13.69 -54.45 109.14
C TRP C 785 -13.07 -55.32 108.04
N SER C 786 -11.74 -55.37 107.96
CA SER C 786 -11.09 -56.18 106.94
C SER C 786 -11.13 -57.67 107.25
N THR C 787 -11.26 -58.04 108.52
CA THR C 787 -11.29 -59.45 108.88
C THR C 787 -12.50 -60.17 108.30
N LYS C 788 -13.62 -59.46 108.11
CA LYS C 788 -14.76 -60.04 107.43
C LYS C 788 -14.58 -60.06 105.91
N PHE C 789 -13.61 -59.32 105.39
CA PHE C 789 -13.21 -59.42 103.99
C PHE C 789 -12.03 -60.37 103.79
N ASP C 790 -11.54 -60.99 104.87
CA ASP C 790 -10.44 -61.95 104.80
C ASP C 790 -9.13 -61.26 104.47
N TYR C 791 -8.96 -60.05 105.00
CA TYR C 791 -7.74 -59.26 104.90
C TYR C 791 -7.21 -59.05 106.30
N PRO C 792 -5.95 -58.65 106.44
CA PRO C 792 -5.45 -58.27 107.77
C PRO C 792 -6.21 -57.08 108.30
N PRO C 793 -6.25 -56.87 109.62
CA PRO C 793 -6.91 -55.67 110.14
C PRO C 793 -6.30 -54.40 109.55
N MET C 794 -7.16 -53.44 109.24
CA MET C 794 -6.79 -52.25 108.49
C MET C 794 -7.31 -51.02 109.22
N PRO C 795 -6.66 -50.59 110.30
CA PRO C 795 -7.14 -49.42 111.05
C PRO C 795 -7.13 -48.17 110.19
N PHE C 796 -8.07 -47.28 110.46
CA PHE C 796 -8.22 -46.03 109.72
C PHE C 796 -7.95 -44.85 110.64
N ASP C 797 -7.35 -43.80 110.08
CA ASP C 797 -6.88 -42.71 110.92
C ASP C 797 -7.99 -41.74 111.33
N GLY C 798 -9.05 -41.64 110.55
CA GLY C 798 -10.11 -40.71 110.88
C GLY C 798 -11.37 -41.05 110.11
N PHE C 799 -12.41 -40.26 110.36
CA PHE C 799 -13.70 -40.46 109.73
C PHE C 799 -14.35 -39.11 109.47
N LEU C 800 -15.26 -39.09 108.49
CA LEU C 800 -16.04 -37.91 108.15
C LEU C 800 -17.50 -38.31 108.03
N PHE C 801 -18.38 -37.43 108.52
CA PHE C 801 -19.82 -37.69 108.60
C PHE C 801 -20.52 -36.56 107.86
N GLY C 802 -20.81 -36.79 106.58
CA GLY C 802 -21.48 -35.79 105.77
C GLY C 802 -22.98 -35.79 105.98
N SER C 803 -23.62 -36.92 105.69
CA SER C 803 -25.07 -36.96 105.70
C SER C 803 -25.66 -37.08 107.11
N ARG C 804 -24.84 -37.44 108.12
CA ARG C 804 -25.37 -37.53 109.47
C ARG C 804 -25.69 -36.16 110.05
N VAL C 805 -24.87 -35.16 109.75
CA VAL C 805 -24.96 -33.88 110.42
C VAL C 805 -25.91 -32.95 109.68
N MET C 806 -26.72 -33.51 108.78
CA MET C 806 -27.63 -32.69 107.98
C MET C 806 -28.78 -32.13 108.80
N ILE C 807 -29.28 -32.91 109.75
CA ILE C 807 -30.43 -32.51 110.55
C ILE C 807 -30.00 -31.88 111.87
N ALA C 808 -28.74 -31.49 111.99
CA ALA C 808 -28.26 -30.89 113.23
C ALA C 808 -28.88 -29.52 113.41
N LYS C 809 -28.99 -29.12 114.68
CA LYS C 809 -29.68 -27.88 115.02
C LYS C 809 -29.02 -26.67 114.38
N GLU C 810 -27.69 -26.71 114.21
CA GLU C 810 -26.96 -25.54 113.74
C GLU C 810 -26.83 -25.47 112.22
N VAL C 811 -27.37 -26.45 111.49
CA VAL C 811 -27.40 -26.36 110.03
C VAL C 811 -28.62 -25.54 109.62
N LYS C 812 -28.49 -24.82 108.50
CA LYS C 812 -29.56 -23.96 108.02
C LYS C 812 -30.61 -24.71 107.21
N THR C 813 -30.60 -26.04 107.23
CA THR C 813 -31.63 -26.81 106.54
C THR C 813 -32.99 -26.50 107.16
N SER C 814 -33.99 -26.29 106.32
CA SER C 814 -35.31 -25.90 106.79
C SER C 814 -35.92 -27.03 107.62
N PRO C 815 -36.88 -26.72 108.50
CA PRO C 815 -37.51 -27.81 109.28
C PRO C 815 -38.14 -28.89 108.42
N ASP C 816 -38.79 -28.53 107.31
CA ASP C 816 -39.44 -29.54 106.50
C ASP C 816 -38.41 -30.37 105.74
N ALA C 817 -37.31 -29.74 105.31
CA ALA C 817 -36.23 -30.50 104.71
C ALA C 817 -35.59 -31.44 105.71
N LYS C 818 -35.48 -31.01 106.97
CA LYS C 818 -34.96 -31.88 108.02
C LYS C 818 -35.91 -33.05 108.26
N LYS C 819 -37.21 -32.80 108.26
CA LYS C 819 -38.18 -33.89 108.40
C LYS C 819 -38.05 -34.87 107.24
N CYS C 820 -37.89 -34.35 106.02
CA CYS C 820 -37.72 -35.21 104.86
C CYS C 820 -36.44 -36.05 104.98
N ILE C 821 -35.36 -35.44 105.47
CA ILE C 821 -34.11 -36.16 105.66
C ILE C 821 -34.30 -37.28 106.69
N ALA C 822 -34.96 -36.97 107.80
CA ALA C 822 -35.19 -37.98 108.83
C ALA C 822 -36.09 -39.09 108.34
N ALA C 823 -37.02 -38.78 107.42
CA ALA C 823 -37.91 -39.80 106.90
C ALA C 823 -37.15 -40.85 106.10
N CYS C 824 -36.01 -40.49 105.51
CA CYS C 824 -35.22 -41.44 104.75
C CYS C 824 -34.72 -42.55 105.67
N THR C 825 -35.23 -43.76 105.46
CA THR C 825 -34.87 -44.90 106.31
C THR C 825 -33.47 -45.41 106.03
N GLY C 826 -32.93 -45.17 104.85
CA GLY C 826 -31.61 -45.65 104.50
C GLY C 826 -31.60 -47.14 104.19
N VAL C 827 -30.47 -47.59 103.64
CA VAL C 827 -30.30 -49.00 103.29
C VAL C 827 -28.88 -49.44 103.67
N PRO C 828 -28.64 -50.73 103.93
CA PRO C 828 -27.25 -51.19 104.13
C PRO C 828 -26.34 -50.91 102.94
N ASP C 829 -25.04 -51.13 103.12
CA ASP C 829 -24.07 -50.88 102.06
C ASP C 829 -24.33 -51.78 100.85
N ASP C 830 -24.70 -53.03 101.08
CA ASP C 830 -24.76 -54.01 100.00
C ASP C 830 -25.79 -53.66 98.93
N LYS C 831 -26.74 -52.78 99.23
CA LYS C 831 -27.81 -52.42 98.32
C LYS C 831 -27.91 -50.91 98.08
N TRP C 832 -26.79 -50.20 98.18
CA TRP C 832 -26.79 -48.78 97.86
C TRP C 832 -26.87 -48.53 96.36
N GLU C 833 -26.34 -49.44 95.55
CA GLU C 833 -26.30 -49.24 94.10
C GLU C 833 -27.69 -49.21 93.47
N GLN C 834 -28.73 -49.63 94.18
CA GLN C 834 -30.08 -49.58 93.64
C GLN C 834 -30.59 -48.16 93.46
N THR C 835 -29.91 -47.16 94.05
CA THR C 835 -30.27 -45.76 93.82
C THR C 835 -30.16 -45.37 92.37
N TYR C 836 -29.33 -46.06 91.59
CA TYR C 836 -29.19 -45.77 90.17
C TYR C 836 -30.43 -46.13 89.36
N LYS C 837 -31.36 -46.89 89.93
CA LYS C 837 -32.55 -47.36 89.23
C LYS C 837 -33.84 -46.93 89.91
N LYS C 838 -33.88 -46.92 91.24
CA LYS C 838 -35.10 -46.64 91.96
C LYS C 838 -34.76 -45.82 93.20
N PRO C 839 -35.76 -45.16 93.80
CA PRO C 839 -35.48 -44.41 95.04
C PRO C 839 -35.23 -45.33 96.22
N THR C 840 -34.01 -45.83 96.33
CA THR C 840 -33.67 -46.85 97.33
C THR C 840 -33.29 -46.17 98.64
N GLY C 841 -34.05 -46.46 99.70
CA GLY C 841 -33.81 -45.81 100.98
C GLY C 841 -34.27 -44.39 101.04
N GLY C 842 -35.21 -44.00 100.19
CA GLY C 842 -35.64 -42.62 100.10
C GLY C 842 -34.69 -41.73 99.34
N ILE C 843 -33.63 -42.27 98.74
CA ILE C 843 -32.61 -41.51 98.05
C ILE C 843 -32.39 -42.16 96.68
N VAL C 844 -32.14 -41.32 95.68
CA VAL C 844 -31.95 -41.78 94.31
C VAL C 844 -30.77 -41.02 93.71
N THR C 845 -30.17 -41.61 92.70
CA THR C 845 -29.08 -40.98 91.96
C THR C 845 -29.65 -40.21 90.78
N VAL C 846 -29.12 -39.00 90.58
CA VAL C 846 -29.48 -38.16 89.44
C VAL C 846 -28.19 -37.64 88.82
N ARG C 847 -28.31 -37.17 87.58
CA ARG C 847 -27.17 -36.70 86.80
C ARG C 847 -27.13 -35.19 86.86
N SER C 848 -25.94 -34.64 87.04
CA SER C 848 -25.75 -33.19 87.13
C SER C 848 -25.72 -32.60 85.72
N GLU C 849 -25.33 -31.34 85.62
CA GLU C 849 -25.18 -30.72 84.30
C GLU C 849 -24.15 -31.45 83.47
N MET C 850 -23.07 -31.90 84.10
CA MET C 850 -21.99 -32.61 83.43
C MET C 850 -22.19 -34.12 83.42
N GLY C 851 -23.31 -34.61 83.93
CA GLY C 851 -23.58 -36.03 83.96
C GLY C 851 -22.97 -36.78 85.11
N GLU C 852 -22.46 -36.10 86.13
CA GLU C 852 -21.91 -36.78 87.29
C GLU C 852 -23.03 -37.31 88.16
N PRO C 853 -22.89 -38.50 88.75
CA PRO C 853 -23.93 -38.96 89.69
C PRO C 853 -23.98 -38.07 90.92
N ILE C 854 -25.21 -37.80 91.37
CA ILE C 854 -25.46 -37.12 92.64
C ILE C 854 -26.53 -37.90 93.37
N HIS C 855 -26.25 -38.29 94.61
CA HIS C 855 -27.30 -38.84 95.46
C HIS C 855 -28.14 -37.71 96.01
N LYS C 856 -29.45 -37.85 95.90
CA LYS C 856 -30.39 -36.87 96.41
C LYS C 856 -31.58 -37.60 97.00
N ILE C 857 -32.26 -36.92 97.93
CA ILE C 857 -33.48 -37.48 98.49
C ILE C 857 -34.51 -37.58 97.38
N ALA C 858 -35.33 -38.63 97.42
CA ALA C 858 -36.30 -38.87 96.36
C ALA C 858 -37.52 -37.98 96.52
N THR C 859 -37.31 -36.67 96.45
CA THR C 859 -38.41 -35.71 96.41
C THR C 859 -39.06 -35.73 95.03
N ARG C 860 -40.26 -35.17 94.95
CA ARG C 860 -40.95 -35.13 93.65
C ARG C 860 -40.13 -34.38 92.61
N GLY C 861 -39.47 -33.29 93.01
CA GLY C 861 -38.58 -32.60 92.10
C GLY C 861 -37.43 -33.46 91.65
N VAL C 862 -36.88 -34.27 92.55
CA VAL C 862 -35.74 -35.11 92.20
C VAL C 862 -36.19 -36.24 91.28
N MET C 863 -37.39 -36.78 91.50
CA MET C 863 -37.91 -37.78 90.58
C MET C 863 -38.18 -37.19 89.21
N LEU C 864 -38.65 -35.94 89.15
CA LEU C 864 -38.77 -35.26 87.87
C LEU C 864 -37.40 -35.08 87.22
N TRP C 865 -36.40 -34.73 88.03
CA TRP C 865 -35.03 -34.60 87.52
C TRP C 865 -34.57 -35.91 86.90
N LYS C 866 -34.80 -37.03 87.58
CA LYS C 866 -34.41 -38.33 87.06
C LYS C 866 -35.18 -38.69 85.79
N GLU C 867 -36.50 -38.43 85.78
CA GLU C 867 -37.30 -38.73 84.60
C GLU C 867 -36.81 -37.93 83.39
N PHE C 868 -36.51 -36.64 83.60
CA PHE C 868 -35.97 -35.84 82.50
C PHE C 868 -34.58 -36.31 82.10
N ASP C 869 -33.79 -36.80 83.06
CA ASP C 869 -32.48 -37.33 82.71
C ASP C 869 -32.61 -38.54 81.81
N GLU C 870 -33.58 -39.40 82.07
CA GLU C 870 -33.73 -40.61 81.28
C GLU C 870 -34.55 -40.43 79.99
N THR C 871 -35.33 -39.34 79.87
CA THR C 871 -36.22 -39.19 78.72
C THR C 871 -36.00 -37.94 77.89
N ILE C 872 -35.25 -36.94 78.36
CA ILE C 872 -35.09 -35.68 77.65
C ILE C 872 -33.61 -35.34 77.50
N PHE C 873 -32.91 -35.29 78.63
CA PHE C 873 -31.53 -34.80 78.62
C PHE C 873 -30.59 -35.77 77.91
N ASN C 874 -30.80 -37.08 78.09
CA ASN C 874 -29.90 -38.03 77.44
C ASN C 874 -30.01 -37.99 75.93
N LEU C 875 -31.12 -37.49 75.39
CA LEU C 875 -31.35 -37.53 73.96
C LEU C 875 -30.35 -36.61 73.27
N PRO C 876 -30.07 -36.84 71.99
CA PRO C 876 -29.09 -36.01 71.29
C PRO C 876 -29.62 -34.60 71.04
N LYS C 877 -28.69 -33.71 70.67
CA LYS C 877 -29.01 -32.31 70.52
C LYS C 877 -30.03 -32.09 69.40
N ASN C 878 -29.89 -32.82 68.30
CA ASN C 878 -30.84 -32.66 67.20
C ASN C 878 -32.25 -33.03 67.62
N LYS C 879 -32.39 -34.01 68.52
CA LYS C 879 -33.69 -34.50 68.94
C LYS C 879 -34.22 -33.83 70.20
N LEU C 880 -33.40 -33.01 70.87
CA LEU C 880 -33.87 -32.34 72.09
C LEU C 880 -34.95 -31.31 71.84
N VAL C 881 -34.84 -30.52 70.77
CA VAL C 881 -35.81 -29.45 70.51
C VAL C 881 -37.16 -30.06 70.13
N PRO C 882 -37.23 -31.01 69.18
CA PRO C 882 -38.54 -31.61 68.87
C PRO C 882 -39.23 -32.26 70.05
N THR C 883 -38.49 -32.96 70.91
CA THR C 883 -39.14 -33.62 72.04
C THR C 883 -39.61 -32.61 73.07
N LEU C 884 -38.88 -31.51 73.26
CA LEU C 884 -39.36 -30.45 74.14
C LEU C 884 -40.61 -29.81 73.60
N GLU C 885 -40.66 -29.57 72.28
CA GLU C 885 -41.88 -29.07 71.67
C GLU C 885 -43.04 -30.04 71.85
N ALA C 886 -42.79 -31.33 71.67
CA ALA C 886 -43.85 -32.32 71.77
C ALA C 886 -44.38 -32.44 73.18
N LYS C 887 -43.49 -32.50 74.17
CA LYS C 887 -43.87 -32.68 75.58
C LYS C 887 -43.86 -31.36 76.34
N ARG C 888 -44.06 -30.24 75.65
CA ARG C 888 -44.12 -28.94 76.31
C ARG C 888 -45.16 -28.93 77.42
N ASP C 889 -46.38 -29.38 77.11
CA ASP C 889 -47.46 -29.31 78.10
C ASP C 889 -47.16 -30.20 79.30
N TYR C 890 -46.67 -31.42 79.05
CA TYR C 890 -46.33 -32.31 80.16
C TYR C 890 -45.18 -31.76 80.99
N ILE C 891 -44.15 -31.23 80.32
CA ILE C 891 -43.01 -30.69 81.05
C ILE C 891 -43.45 -29.51 81.91
N ILE C 892 -44.29 -28.63 81.35
CA ILE C 892 -44.77 -27.47 82.11
C ILE C 892 -45.59 -27.93 83.31
N SER C 893 -46.47 -28.91 83.09
CA SER C 893 -47.28 -29.42 84.19
C SER C 893 -46.41 -29.96 85.31
N ARG C 894 -45.40 -30.75 84.95
CA ARG C 894 -44.53 -31.33 85.96
C ARG C 894 -43.69 -30.27 86.67
N LEU C 895 -43.18 -29.28 85.93
CA LEU C 895 -42.41 -28.21 86.55
C LEU C 895 -43.26 -27.44 87.54
N ASN C 896 -44.51 -27.14 87.18
CA ASN C 896 -45.35 -26.34 88.05
C ASN C 896 -45.83 -27.15 89.25
N ALA C 897 -46.02 -28.46 89.09
CA ALA C 897 -46.56 -29.29 90.16
C ALA C 897 -45.51 -29.81 91.11
N ASP C 898 -44.29 -30.06 90.66
CA ASP C 898 -43.37 -30.92 91.40
C ASP C 898 -41.93 -30.40 91.48
N PHE C 899 -41.61 -29.27 90.85
CA PHE C 899 -40.23 -28.82 90.78
C PHE C 899 -40.07 -27.43 91.39
N GLN C 900 -38.89 -27.22 92.00
CA GLN C 900 -38.57 -25.96 92.67
C GLN C 900 -38.51 -24.80 91.69
N LYS C 901 -38.19 -25.05 90.43
CA LYS C 901 -38.22 -24.04 89.37
C LYS C 901 -39.49 -24.26 88.57
N PRO C 902 -40.60 -23.62 88.91
CA PRO C 902 -41.81 -23.80 88.12
C PRO C 902 -41.68 -23.15 86.76
N TRP C 903 -42.55 -23.55 85.85
CA TRP C 903 -42.66 -22.87 84.57
C TRP C 903 -43.03 -21.41 84.84
N PHE C 904 -42.26 -20.49 84.27
CA PHE C 904 -42.47 -19.08 84.57
C PHE C 904 -43.83 -18.62 84.07
N ALA C 905 -44.16 -18.93 82.82
CA ALA C 905 -45.37 -18.40 82.21
C ALA C 905 -46.58 -19.21 82.70
N THR C 906 -46.90 -19.00 83.97
CA THR C 906 -48.05 -19.60 84.63
C THR C 906 -48.75 -18.50 85.40
N VAL C 907 -49.94 -18.11 84.94
CA VAL C 907 -50.68 -16.99 85.53
C VAL C 907 -51.90 -17.57 86.22
N ASN C 908 -51.93 -17.45 87.55
CA ASN C 908 -53.03 -17.96 88.37
C ASN C 908 -53.27 -19.45 88.10
N GLY C 909 -52.17 -20.18 87.91
CA GLY C 909 -52.22 -21.62 87.73
C GLY C 909 -52.41 -22.09 86.30
N GLN C 910 -52.70 -21.19 85.37
CA GLN C 910 -52.92 -21.56 83.98
C GLN C 910 -51.60 -21.53 83.23
N ALA C 911 -51.17 -22.68 82.73
CA ALA C 911 -49.96 -22.73 81.94
C ALA C 911 -50.09 -21.84 80.73
N ARG C 912 -49.10 -20.99 80.51
CA ARG C 912 -49.13 -19.99 79.46
C ARG C 912 -47.75 -19.91 78.85
N ASP C 913 -47.50 -18.87 78.08
CA ASP C 913 -46.21 -18.64 77.47
C ASP C 913 -45.79 -17.19 77.68
N LEU C 914 -44.48 -16.97 77.63
CA LEU C 914 -43.94 -15.63 77.82
C LEU C 914 -44.48 -14.67 76.78
N ALA C 915 -44.75 -15.16 75.58
CA ALA C 915 -45.38 -14.38 74.53
C ALA C 915 -46.88 -14.24 74.71
N THR C 916 -47.48 -15.07 75.56
CA THR C 916 -48.91 -15.07 75.80
C THR C 916 -49.29 -14.47 77.15
N MET C 917 -48.33 -13.86 77.85
CA MET C 917 -48.64 -13.15 79.08
C MET C 917 -48.38 -11.67 78.90
N THR C 918 -49.04 -10.85 79.71
CA THR C 918 -48.91 -9.41 79.64
C THR C 918 -47.77 -8.93 80.51
N TYR C 919 -47.46 -7.63 80.38
CA TYR C 919 -46.39 -7.04 81.17
C TYR C 919 -46.72 -7.06 82.66
N GLU C 920 -47.96 -6.76 83.01
CA GLU C 920 -48.37 -6.84 84.40
C GLU C 920 -48.30 -8.27 84.92
N GLU C 921 -48.71 -9.24 84.08
CA GLU C 921 -48.63 -10.63 84.50
C GLU C 921 -47.18 -11.05 84.71
N VAL C 922 -46.28 -10.59 83.84
CA VAL C 922 -44.87 -10.93 84.01
C VAL C 922 -44.33 -10.32 85.29
N ALA C 923 -44.66 -9.05 85.57
CA ALA C 923 -44.20 -8.42 86.78
C ALA C 923 -44.74 -9.13 88.02
N LYS C 924 -46.03 -9.49 87.98
CA LYS C 924 -46.64 -10.17 89.12
C LYS C 924 -46.01 -11.55 89.33
N ARG C 925 -45.75 -12.28 88.25
CA ARG C 925 -45.08 -13.57 88.38
C ARG C 925 -43.68 -13.41 88.94
N LEU C 926 -42.96 -12.38 88.50
CA LEU C 926 -41.64 -12.13 89.04
C LEU C 926 -41.70 -11.85 90.53
N VAL C 927 -42.66 -11.04 90.96
CA VAL C 927 -42.80 -10.75 92.39
C VAL C 927 -43.15 -12.02 93.14
N GLU C 928 -44.05 -12.84 92.60
CA GLU C 928 -44.46 -14.06 93.27
C GLU C 928 -43.28 -15.01 93.45
N LEU C 929 -42.42 -15.13 92.42
CA LEU C 929 -41.34 -16.11 92.44
C LEU C 929 -40.02 -15.58 92.96
N MET C 930 -39.91 -14.28 93.24
CA MET C 930 -38.64 -13.69 93.68
C MET C 930 -38.75 -12.88 94.96
N PHE C 931 -39.94 -12.44 95.34
CA PHE C 931 -40.13 -11.68 96.57
C PHE C 931 -40.87 -12.54 97.59
N ILE C 932 -40.29 -12.66 98.78
CA ILE C 932 -40.81 -13.52 99.83
C ILE C 932 -41.72 -12.70 100.73
N ARG C 933 -42.97 -13.14 100.87
CA ARG C 933 -43.93 -12.39 101.68
C ARG C 933 -43.68 -12.57 103.17
N SER C 934 -43.26 -13.77 103.59
CA SER C 934 -43.06 -14.02 105.02
C SER C 934 -41.96 -13.12 105.58
N THR C 935 -40.85 -12.99 104.87
CA THR C 935 -39.79 -12.09 105.25
C THR C 935 -40.02 -10.66 104.76
N ASN C 936 -41.01 -10.45 103.90
CA ASN C 936 -41.34 -9.12 103.40
C ASN C 936 -40.13 -8.47 102.71
N SER C 937 -39.36 -9.29 102.00
CA SER C 937 -38.16 -8.79 101.33
C SER C 937 -37.84 -9.68 100.15
N TRP C 938 -37.04 -9.14 99.24
CA TRP C 938 -36.53 -9.91 98.12
C TRP C 938 -35.54 -10.95 98.59
N PHE C 939 -35.63 -12.15 98.01
CA PHE C 939 -34.69 -13.20 98.40
C PHE C 939 -33.28 -12.86 97.96
N ASP C 940 -33.13 -12.16 96.85
CA ASP C 940 -31.82 -11.79 96.33
C ASP C 940 -31.87 -10.42 95.69
N VAL C 941 -30.83 -9.64 95.93
CA VAL C 941 -30.73 -8.30 95.35
C VAL C 941 -30.62 -8.38 93.83
N THR C 942 -30.00 -9.44 93.30
CA THR C 942 -29.94 -9.59 91.85
C THR C 942 -31.33 -9.87 91.28
N TRP C 943 -32.14 -10.64 92.00
CA TRP C 943 -33.53 -10.83 91.60
C TRP C 943 -34.29 -9.51 91.64
N ARG C 944 -34.05 -8.71 92.68
CA ARG C 944 -34.70 -7.41 92.77
C ARG C 944 -34.30 -6.53 91.59
N THR C 945 -33.02 -6.54 91.24
CA THR C 945 -32.54 -5.79 90.08
C THR C 945 -33.17 -6.30 88.80
N PHE C 946 -33.34 -7.62 88.69
CA PHE C 946 -34.00 -8.21 87.53
C PHE C 946 -35.41 -7.63 87.37
N THR C 947 -36.19 -7.65 88.44
CA THR C 947 -37.56 -7.17 88.36
C THR C 947 -37.61 -5.68 88.07
N GLY C 948 -36.72 -4.91 88.68
CA GLY C 948 -36.66 -3.49 88.40
C GLY C 948 -36.27 -3.20 86.96
N ASP C 949 -35.34 -3.98 86.42
CA ASP C 949 -34.96 -3.82 85.02
C ASP C 949 -36.13 -4.14 84.11
N PHE C 950 -36.90 -5.17 84.43
CA PHE C 950 -38.09 -5.47 83.63
C PHE C 950 -39.09 -4.32 83.67
N LEU C 951 -39.31 -3.76 84.86
CA LEU C 951 -40.25 -2.64 84.96
C LEU C 951 -39.75 -1.42 84.19
N ARG C 952 -38.44 -1.18 84.22
CA ARG C 952 -37.88 -0.09 83.42
C ARG C 952 -38.09 -0.34 81.94
N ARG C 953 -37.94 -1.61 81.51
CA ARG C 953 -38.23 -1.96 80.12
C ARG C 953 -39.70 -1.74 79.78
N VAL C 954 -40.59 -2.04 80.72
CA VAL C 954 -42.02 -1.79 80.52
C VAL C 954 -42.25 -0.30 80.32
N GLU C 955 -41.63 0.53 81.17
CA GLU C 955 -41.78 1.97 81.05
C GLU C 955 -41.25 2.47 79.71
N GLU C 956 -40.10 1.94 79.28
CA GLU C 956 -39.56 2.30 77.98
C GLU C 956 -40.52 1.93 76.86
N ARG C 957 -41.08 0.73 76.91
CA ARG C 957 -41.94 0.26 75.84
C ARG C 957 -43.21 1.09 75.75
N PHE C 958 -43.80 1.46 76.88
CA PHE C 958 -45.13 2.03 76.89
C PHE C 958 -45.15 3.54 77.11
N THR C 959 -44.00 4.17 77.30
CA THR C 959 -43.92 5.62 77.35
C THR C 959 -43.85 6.16 75.93
N LYS C 960 -44.56 7.26 75.68
CA LYS C 960 -44.60 7.86 74.36
C LYS C 960 -43.49 8.88 74.13
N SER C 961 -42.76 9.27 75.17
CA SER C 961 -41.72 10.30 75.04
C SER C 961 -40.84 10.23 76.27
N LYS C 962 -39.92 11.20 76.38
CA LYS C 962 -39.04 11.28 77.54
C LYS C 962 -39.86 11.42 78.81
N THR C 963 -39.43 10.75 79.87
CA THR C 963 -40.09 10.90 81.16
C THR C 963 -39.18 10.33 82.25
N LEU C 964 -39.33 10.89 83.45
CA LEU C 964 -38.61 10.36 84.59
C LEU C 964 -39.04 8.93 84.86
N SER C 965 -38.07 8.07 85.17
CA SER C 965 -38.39 6.70 85.55
C SER C 965 -39.22 6.70 86.83
N LEU C 966 -40.31 5.93 86.82
CA LEU C 966 -41.10 5.78 88.04
C LEU C 966 -40.31 5.07 89.13
N ILE C 967 -39.53 4.06 88.77
CA ILE C 967 -38.60 3.42 89.68
C ILE C 967 -37.27 4.14 89.47
N GLN C 968 -36.99 5.13 90.34
CA GLN C 968 -35.72 5.84 90.29
C GLN C 968 -34.63 5.05 91.01
N SER C 969 -34.96 4.50 92.17
CA SER C 969 -34.08 3.63 92.92
C SER C 969 -34.74 2.25 93.00
N TYR C 970 -33.90 1.21 92.93
CA TYR C 970 -34.42 -0.14 93.09
C TYR C 970 -34.97 -0.37 94.49
N SER C 971 -34.59 0.44 95.47
CA SER C 971 -35.04 0.23 96.84
C SER C 971 -36.55 0.36 96.98
N LEU C 972 -37.20 1.05 96.03
CA LEU C 972 -38.66 1.19 96.09
C LEU C 972 -39.34 -0.18 95.96
N LEU C 973 -38.69 -1.14 95.30
CA LEU C 973 -39.26 -2.48 95.14
C LEU C 973 -39.38 -3.25 96.45
N ASP C 974 -38.96 -2.69 97.59
CA ASP C 974 -39.23 -3.33 98.86
C ASP C 974 -40.73 -3.44 99.14
N LYS C 975 -41.55 -2.64 98.44
CA LYS C 975 -43.00 -2.79 98.40
C LYS C 975 -43.35 -3.09 96.93
N PRO C 976 -43.13 -4.32 96.48
CA PRO C 976 -43.25 -4.60 95.04
C PRO C 976 -44.66 -4.49 94.51
N ASP C 977 -45.67 -4.85 95.29
CA ASP C 977 -47.05 -4.67 94.86
C ASP C 977 -47.33 -3.20 94.60
N GLU C 978 -46.87 -2.33 95.50
CA GLU C 978 -47.08 -0.90 95.33
C GLU C 978 -46.32 -0.38 94.10
N ALA C 979 -45.10 -0.84 93.91
CA ALA C 979 -44.31 -0.40 92.75
C ALA C 979 -44.96 -0.83 91.44
N ILE C 980 -45.44 -2.08 91.39
CA ILE C 980 -46.10 -2.58 90.18
C ILE C 980 -47.40 -1.81 89.95
N GLU C 981 -48.16 -1.57 91.01
CA GLU C 981 -49.42 -0.84 90.86
C GLU C 981 -49.15 0.56 90.32
N LYS C 982 -48.13 1.22 90.84
CA LYS C 982 -47.77 2.55 90.36
C LYS C 982 -47.36 2.52 88.89
N VAL C 983 -46.48 1.57 88.53
CA VAL C 983 -45.96 1.53 87.17
C VAL C 983 -47.09 1.25 86.17
N PHE C 984 -47.94 0.29 86.48
CA PHE C 984 -48.98 -0.09 85.54
C PHE C 984 -50.24 0.78 85.65
N ASN C 985 -50.33 1.64 86.68
CA ASN C 985 -51.30 2.72 86.63
C ASN C 985 -50.80 3.85 85.74
N ALA C 986 -49.50 4.12 85.78
CA ALA C 986 -48.95 5.13 84.90
C ALA C 986 -48.99 4.68 83.45
N TYR C 987 -48.88 3.38 83.20
CA TYR C 987 -48.92 2.81 81.85
C TYR C 987 -49.99 1.71 81.83
N PRO C 988 -51.27 2.07 81.87
CA PRO C 988 -52.31 1.04 81.90
C PRO C 988 -52.39 0.21 80.64
N ALA C 989 -51.82 0.69 79.53
CA ALA C 989 -51.84 -0.08 78.29
C ALA C 989 -51.03 -1.37 78.42
N ALA C 990 -50.12 -1.45 79.39
CA ALA C 990 -49.30 -2.63 79.56
C ALA C 990 -49.99 -3.74 80.34
N ARG C 991 -51.16 -3.49 80.93
CA ARG C 991 -51.83 -4.50 81.73
C ARG C 991 -52.50 -5.57 80.90
N GLU C 992 -53.02 -5.23 79.72
CA GLU C 992 -53.79 -6.14 78.87
C GLU C 992 -53.14 -6.24 77.50
N GLN C 993 -51.83 -6.47 77.50
CA GLN C 993 -51.03 -6.43 76.28
C GLN C 993 -49.91 -7.43 76.40
N PHE C 994 -49.91 -8.44 75.54
CA PHE C 994 -48.92 -9.50 75.61
C PHE C 994 -47.52 -8.91 75.41
N LEU C 995 -46.52 -9.63 75.91
CA LEU C 995 -45.14 -9.16 75.83
C LEU C 995 -44.73 -9.01 74.37
N ASN C 996 -44.16 -7.86 74.04
CA ASN C 996 -43.55 -7.69 72.73
C ASN C 996 -42.42 -8.68 72.56
N ALA C 997 -42.22 -9.17 71.34
CA ALA C 997 -41.21 -10.19 71.11
C ALA C 997 -39.83 -9.68 71.45
N GLN C 998 -39.58 -8.39 71.23
CA GLN C 998 -38.33 -7.78 71.68
C GLN C 998 -38.17 -7.92 73.18
N ASP C 999 -39.24 -7.69 73.94
CA ASP C 999 -39.14 -7.76 75.39
C ASP C 999 -39.04 -9.19 75.87
N ILE C 1000 -39.59 -10.14 75.10
CA ILE C 1000 -39.37 -11.55 75.41
C ILE C 1000 -37.90 -11.90 75.26
N ASP C 1001 -37.30 -11.48 74.15
CA ASP C 1001 -35.88 -11.74 73.94
C ASP C 1001 -35.04 -11.07 75.02
N HIS C 1002 -35.40 -9.84 75.40
CA HIS C 1002 -34.69 -9.16 76.46
C HIS C 1002 -34.84 -9.89 77.79
N PHE C 1003 -36.05 -10.36 78.09
CA PHE C 1003 -36.28 -11.10 79.33
C PHE C 1003 -35.43 -12.35 79.37
N LEU C 1004 -35.35 -13.07 78.26
CA LEU C 1004 -34.53 -14.29 78.24
C LEU C 1004 -33.05 -13.96 78.36
N SER C 1005 -32.59 -12.90 77.69
CA SER C 1005 -31.18 -12.54 77.76
C SER C 1005 -30.80 -12.16 79.19
N MET C 1006 -31.65 -11.39 79.85
CA MET C 1006 -31.35 -10.96 81.22
C MET C 1006 -31.67 -12.05 82.24
N CYS C 1007 -32.38 -13.12 81.83
CA CYS C 1007 -32.37 -14.36 82.60
C CYS C 1007 -31.02 -15.06 82.47
N GLN C 1008 -30.43 -15.04 81.28
CA GLN C 1008 -29.13 -15.64 81.03
C GLN C 1008 -27.96 -14.75 81.46
N ASN C 1009 -28.24 -13.58 82.02
CA ASN C 1009 -27.19 -12.68 82.50
C ASN C 1009 -26.30 -13.40 83.52
N PRO C 1010 -24.96 -13.37 83.36
CA PRO C 1010 -24.14 -14.18 84.30
C PRO C 1010 -24.00 -13.55 85.68
N MET C 1011 -23.87 -12.23 85.76
CA MET C 1011 -23.70 -11.56 87.05
C MET C 1011 -25.05 -11.35 87.73
N GLN C 1012 -25.69 -12.48 88.03
CA GLN C 1012 -27.04 -12.50 88.57
C GLN C 1012 -27.29 -13.90 89.12
N LYS C 1013 -28.02 -13.97 90.22
CA LYS C 1013 -28.40 -15.27 90.73
C LYS C 1013 -29.32 -15.95 89.71
N PRO C 1014 -29.11 -17.24 89.41
CA PRO C 1014 -29.98 -17.91 88.45
C PRO C 1014 -31.45 -17.84 88.86
N VAL C 1015 -32.31 -17.59 87.88
CA VAL C 1015 -33.72 -17.30 88.13
C VAL C 1015 -34.43 -18.54 88.65
N PRO C 1016 -35.41 -18.40 89.58
CA PRO C 1016 -36.08 -19.57 90.16
C PRO C 1016 -37.25 -20.08 89.31
N PHE C 1017 -37.00 -20.31 88.03
CA PHE C 1017 -38.03 -20.82 87.13
C PHE C 1017 -37.39 -21.16 85.80
N VAL C 1018 -38.17 -21.83 84.96
CA VAL C 1018 -37.80 -22.08 83.57
C VAL C 1018 -38.52 -21.04 82.71
N PRO C 1019 -37.79 -20.14 82.03
CA PRO C 1019 -38.50 -19.13 81.23
C PRO C 1019 -39.00 -19.65 79.90
N VAL C 1020 -38.22 -20.51 79.24
CA VAL C 1020 -38.61 -21.13 77.98
C VAL C 1020 -38.12 -22.57 77.97
N LEU C 1021 -38.64 -23.35 77.02
CA LEU C 1021 -38.16 -24.70 76.76
C LEU C 1021 -37.38 -24.69 75.46
N ASP C 1022 -36.07 -24.78 75.55
CA ASP C 1022 -35.21 -24.73 74.38
C ASP C 1022 -33.96 -25.57 74.67
N ARG C 1023 -32.91 -25.40 73.86
CA ARG C 1023 -31.69 -26.17 74.05
C ARG C 1023 -31.09 -25.93 75.43
N ARG C 1024 -31.27 -24.75 76.01
CA ARG C 1024 -30.75 -24.43 77.33
C ARG C 1024 -31.69 -24.84 78.45
N PHE C 1025 -32.69 -25.67 78.17
CA PHE C 1025 -33.65 -26.08 79.19
C PHE C 1025 -32.96 -26.89 80.28
N GLU C 1026 -32.01 -27.74 79.90
CA GLU C 1026 -31.27 -28.51 80.90
C GLU C 1026 -30.51 -27.58 81.85
N ILE C 1027 -29.87 -26.56 81.28
CA ILE C 1027 -29.14 -25.59 82.09
C ILE C 1027 -30.09 -24.89 83.06
N PHE C 1028 -31.23 -24.43 82.55
CA PHE C 1028 -32.20 -23.76 83.40
C PHE C 1028 -32.73 -24.68 84.49
N PHE C 1029 -32.94 -25.96 84.14
CA PHE C 1029 -33.57 -26.91 85.04
C PHE C 1029 -32.62 -27.32 86.17
N LYS C 1030 -31.34 -27.50 85.85
CA LYS C 1030 -30.39 -28.05 86.80
C LYS C 1030 -29.58 -26.99 87.54
N LYS C 1031 -29.43 -25.80 86.99
CA LYS C 1031 -28.57 -24.80 87.60
C LYS C 1031 -29.17 -24.30 88.92
N ASP C 1032 -28.29 -24.13 89.92
CA ASP C 1032 -28.63 -23.49 91.19
C ASP C 1032 -29.74 -24.25 91.92
N SER C 1033 -29.50 -25.55 92.13
CA SER C 1033 -30.52 -26.46 92.63
C SER C 1033 -30.32 -26.85 94.09
N LEU C 1034 -29.35 -26.24 94.78
CA LEU C 1034 -28.96 -26.66 96.13
C LEU C 1034 -29.49 -25.76 97.22
N TRP C 1035 -29.60 -24.46 96.97
CA TRP C 1035 -29.98 -23.51 98.01
C TRP C 1035 -31.43 -23.66 98.45
N GLN C 1036 -32.29 -24.21 97.59
CA GLN C 1036 -33.70 -24.33 97.95
C GLN C 1036 -33.90 -25.28 99.12
N SER C 1037 -32.95 -26.18 99.38
CA SER C 1037 -33.06 -27.06 100.53
C SER C 1037 -33.09 -26.28 101.83
N GLU C 1038 -32.20 -25.30 101.97
CA GLU C 1038 -32.11 -24.49 103.17
C GLU C 1038 -32.97 -23.23 103.11
N HIS C 1039 -33.55 -22.91 101.96
CA HIS C 1039 -34.35 -21.70 101.79
C HIS C 1039 -35.73 -22.05 101.25
N LEU C 1040 -36.43 -22.96 101.92
CA LEU C 1040 -37.76 -23.35 101.48
C LEU C 1040 -38.74 -22.17 101.43
N GLU C 1041 -38.47 -21.08 102.16
CA GLU C 1041 -39.37 -19.93 102.11
C GLU C 1041 -39.46 -19.32 100.72
N ALA C 1042 -38.47 -19.58 99.85
CA ALA C 1042 -38.47 -19.12 98.47
C ALA C 1042 -38.91 -20.22 97.50
N VAL C 1043 -39.90 -21.02 97.89
CA VAL C 1043 -40.41 -22.11 97.07
C VAL C 1043 -41.92 -21.90 96.92
N VAL C 1044 -42.50 -22.51 95.89
CA VAL C 1044 -43.87 -22.19 95.47
C VAL C 1044 -44.85 -22.39 96.61
N ASP C 1045 -44.78 -23.56 97.27
CA ASP C 1045 -45.61 -23.85 98.43
C ASP C 1045 -44.78 -24.10 99.67
N GLN C 1046 -43.51 -23.71 99.67
CA GLN C 1046 -42.58 -24.05 100.74
C GLN C 1046 -42.53 -25.56 100.94
N ASP C 1047 -42.63 -26.30 99.82
CA ASP C 1047 -42.74 -27.74 99.84
C ASP C 1047 -41.36 -28.36 99.61
N VAL C 1048 -40.93 -29.20 100.54
CA VAL C 1048 -39.68 -29.93 100.37
C VAL C 1048 -39.72 -30.83 99.14
N GLN C 1049 -40.91 -31.31 98.76
CA GLN C 1049 -41.01 -32.25 97.65
C GLN C 1049 -40.55 -31.62 96.33
N ARG C 1050 -40.50 -30.30 96.26
CA ARG C 1050 -40.03 -29.63 95.06
C ARG C 1050 -38.51 -29.49 95.02
N THR C 1051 -37.86 -29.53 96.17
CA THR C 1051 -36.45 -29.15 96.27
C THR C 1051 -35.54 -30.36 96.15
N CYS C 1052 -34.24 -30.08 96.05
CA CYS C 1052 -33.20 -31.09 95.88
C CYS C 1052 -32.31 -31.09 97.11
N ILE C 1053 -32.33 -32.19 97.85
CA ILE C 1053 -31.50 -32.37 99.04
C ILE C 1053 -30.52 -33.50 98.75
N LEU C 1054 -29.23 -33.17 98.69
CA LEU C 1054 -28.20 -34.18 98.54
C LEU C 1054 -28.08 -34.98 99.83
N HIS C 1055 -28.01 -36.31 99.72
CA HIS C 1055 -27.99 -37.14 100.91
C HIS C 1055 -27.50 -38.53 100.56
N GLY C 1056 -26.92 -39.21 101.55
CA GLY C 1056 -26.33 -40.51 101.34
C GLY C 1056 -27.26 -41.66 101.68
N PRO C 1057 -27.46 -42.62 100.76
CA PRO C 1057 -28.41 -43.70 101.05
C PRO C 1057 -28.01 -44.57 102.23
N VAL C 1058 -26.72 -44.81 102.44
CA VAL C 1058 -26.28 -45.64 103.56
C VAL C 1058 -26.25 -44.83 104.84
N ALA C 1059 -25.76 -43.59 104.78
CA ALA C 1059 -25.72 -42.76 105.97
C ALA C 1059 -27.11 -42.34 106.43
N ALA C 1060 -28.12 -42.48 105.57
CA ALA C 1060 -29.48 -42.14 105.98
C ALA C 1060 -30.02 -43.11 107.02
N GLN C 1061 -29.41 -44.28 107.20
CA GLN C 1061 -29.89 -45.21 108.21
C GLN C 1061 -29.78 -44.63 109.61
N PHE C 1062 -28.69 -43.92 109.89
CA PHE C 1062 -28.40 -43.41 111.22
C PHE C 1062 -28.89 -41.98 111.43
N THR C 1063 -29.57 -41.40 110.43
CA THR C 1063 -30.12 -40.06 110.52
C THR C 1063 -31.59 -40.18 110.89
N LYS C 1064 -31.86 -40.20 112.19
CA LYS C 1064 -33.22 -40.32 112.71
C LYS C 1064 -33.62 -39.11 113.55
N VAL C 1065 -32.82 -38.76 114.56
CA VAL C 1065 -33.17 -37.69 115.47
C VAL C 1065 -32.96 -36.35 114.78
N ILE C 1066 -33.92 -35.45 114.94
CA ILE C 1066 -33.93 -34.16 114.26
C ILE C 1066 -33.55 -33.08 115.27
N ASP C 1067 -32.83 -32.07 114.79
CA ASP C 1067 -32.48 -30.87 115.54
C ASP C 1067 -31.51 -31.16 116.70
N GLU C 1068 -30.86 -32.32 116.71
CA GLU C 1068 -29.85 -32.60 117.71
C GLU C 1068 -28.60 -31.79 117.38
N PRO C 1069 -28.06 -30.99 118.31
CA PRO C 1069 -26.92 -30.15 117.95
C PRO C 1069 -25.71 -30.96 117.53
N ILE C 1070 -24.92 -30.40 116.61
CA ILE C 1070 -23.75 -31.10 116.11
C ILE C 1070 -22.79 -31.40 117.25
N LYS C 1071 -22.72 -30.52 118.24
CA LYS C 1071 -21.96 -30.81 119.44
C LYS C 1071 -22.42 -32.14 120.04
N SER C 1072 -23.73 -32.32 120.21
CA SER C 1072 -24.24 -33.55 120.77
C SER C 1072 -23.94 -34.75 119.89
N ILE C 1073 -24.11 -34.62 118.58
CA ILE C 1073 -23.92 -35.75 117.67
C ILE C 1073 -22.47 -36.22 117.69
N MET C 1074 -21.54 -35.28 117.48
CA MET C 1074 -20.13 -35.65 117.45
C MET C 1074 -19.61 -36.08 118.81
N ASP C 1075 -20.12 -35.47 119.90
CA ASP C 1075 -19.76 -35.95 121.22
C ASP C 1075 -20.25 -37.36 121.44
N GLY C 1076 -21.45 -37.69 120.96
CA GLY C 1076 -21.93 -39.06 121.07
C GLY C 1076 -21.05 -40.03 120.33
N ILE C 1077 -20.66 -39.69 119.10
CA ILE C 1077 -19.79 -40.58 118.33
C ILE C 1077 -18.44 -40.75 119.01
N HIS C 1078 -17.84 -39.64 119.46
CA HIS C 1078 -16.53 -39.69 120.10
C HIS C 1078 -16.59 -40.46 121.41
N ASP C 1079 -17.64 -40.25 122.21
CA ASP C 1079 -17.78 -40.97 123.46
C ASP C 1079 -18.02 -42.45 123.23
N GLY C 1080 -18.77 -42.79 122.17
CA GLY C 1080 -18.92 -44.19 121.83
C GLY C 1080 -17.59 -44.84 121.51
N HIS C 1081 -16.79 -44.17 120.68
CA HIS C 1081 -15.46 -44.68 120.38
C HIS C 1081 -14.63 -44.82 121.65
N ILE C 1082 -14.69 -43.82 122.52
CA ILE C 1082 -13.89 -43.83 123.73
C ILE C 1082 -14.29 -45.00 124.62
N LYS C 1083 -15.59 -45.22 124.81
CA LYS C 1083 -16.00 -46.28 125.72
C LYS C 1083 -15.70 -47.66 125.14
N LYS C 1084 -15.87 -47.83 123.82
CA LYS C 1084 -15.53 -49.11 123.22
C LYS C 1084 -14.04 -49.39 123.33
N LEU C 1085 -13.21 -48.38 123.03
CA LEU C 1085 -11.77 -48.56 123.15
C LEU C 1085 -11.37 -48.82 124.60
N LEU C 1086 -12.01 -48.12 125.54
CA LEU C 1086 -11.67 -48.32 126.94
C LEU C 1086 -12.01 -49.73 127.39
N HIS C 1087 -13.18 -50.23 126.98
CA HIS C 1087 -13.56 -51.59 127.35
C HIS C 1087 -12.61 -52.60 126.73
N GLN C 1088 -12.21 -52.40 125.47
CA GLN C 1088 -11.50 -53.45 124.76
C GLN C 1088 -10.00 -53.41 125.04
N TYR C 1089 -9.36 -52.26 124.85
CA TYR C 1089 -7.91 -52.15 124.95
C TYR C 1089 -7.41 -51.66 126.30
N TYR C 1090 -8.25 -51.01 127.12
CA TYR C 1090 -7.80 -50.43 128.39
C TYR C 1090 -8.53 -51.01 129.59
N GLY C 1091 -9.36 -52.03 129.40
CA GLY C 1091 -9.99 -52.69 130.53
C GLY C 1091 -10.95 -51.81 131.31
N ASP C 1092 -11.67 -50.93 130.62
CA ASP C 1092 -12.67 -50.05 131.23
C ASP C 1092 -12.09 -49.15 132.31
N ASP C 1093 -10.77 -48.94 132.31
CA ASP C 1093 -10.10 -48.11 133.31
C ASP C 1093 -9.55 -46.87 132.64
N GLU C 1094 -10.07 -45.71 133.04
CA GLU C 1094 -9.56 -44.44 132.53
C GLU C 1094 -8.21 -44.07 133.13
N SER C 1095 -7.81 -44.69 134.24
CA SER C 1095 -6.49 -44.45 134.80
C SER C 1095 -5.39 -45.05 133.94
N LYS C 1096 -5.73 -46.04 133.10
CA LYS C 1096 -4.76 -46.63 132.19
C LYS C 1096 -4.49 -45.77 130.95
N ILE C 1097 -5.28 -44.73 130.73
CA ILE C 1097 -5.08 -43.83 129.59
C ILE C 1097 -3.81 -43.04 129.83
N PRO C 1098 -2.84 -43.02 128.91
CA PRO C 1098 -1.68 -42.14 129.09
C PRO C 1098 -2.10 -40.68 129.17
N ALA C 1099 -1.42 -39.92 130.02
CA ALA C 1099 -1.69 -38.51 130.24
C ALA C 1099 -0.56 -37.68 129.68
N VAL C 1100 -0.92 -36.62 128.94
CA VAL C 1100 0.02 -35.66 128.41
C VAL C 1100 -0.48 -34.27 128.76
N GLU C 1101 0.42 -33.29 128.70
CA GLU C 1101 0.01 -31.92 128.99
C GLU C 1101 -0.99 -31.43 127.96
N TYR C 1102 -0.66 -31.56 126.67
CA TYR C 1102 -1.53 -31.17 125.58
C TYR C 1102 -1.42 -32.20 124.47
N PHE C 1103 -2.54 -32.42 123.78
CA PHE C 1103 -2.65 -33.44 122.73
C PHE C 1103 -2.83 -32.74 121.40
N GLY C 1104 -1.81 -32.81 120.55
CA GLY C 1104 -1.88 -32.24 119.23
C GLY C 1104 -0.51 -31.81 118.75
N GLY C 1105 -0.46 -31.38 117.50
CA GLY C 1105 0.75 -30.84 116.92
C GLY C 1105 1.80 -31.86 116.55
N GLU C 1106 1.49 -33.15 116.63
CA GLU C 1106 2.45 -34.19 116.31
C GLU C 1106 2.31 -34.53 114.82
N SER C 1107 3.38 -34.31 114.07
CA SER C 1107 3.34 -34.60 112.64
C SER C 1107 3.20 -36.11 112.43
N PRO C 1108 2.48 -36.54 111.39
CA PRO C 1108 2.38 -37.98 111.13
C PRO C 1108 3.71 -38.62 110.75
N VAL C 1109 4.68 -37.84 110.30
CA VAL C 1109 5.97 -38.38 109.91
C VAL C 1109 6.83 -38.65 111.14
N GLU C 1122 17.48 -34.75 130.54
CA GLU C 1122 18.61 -34.20 131.31
C GLU C 1122 18.18 -32.94 132.04
N ASP C 1123 18.42 -32.90 133.35
CA ASP C 1123 18.00 -31.75 134.15
C ASP C 1123 18.76 -30.50 133.74
N SER C 1124 20.07 -30.61 133.51
CA SER C 1124 20.91 -29.49 133.10
C SER C 1124 21.64 -29.89 131.81
N ALA C 1125 21.37 -29.15 130.73
CA ALA C 1125 21.90 -29.46 129.41
C ALA C 1125 22.48 -28.22 128.76
N VAL C 1126 23.48 -28.43 127.90
CA VAL C 1126 24.10 -27.37 127.13
C VAL C 1126 24.15 -27.83 125.67
N PHE C 1127 23.68 -26.99 124.77
CA PHE C 1127 23.65 -27.26 123.34
C PHE C 1127 24.31 -26.10 122.60
N LYS C 1128 25.06 -26.44 121.55
CA LYS C 1128 25.79 -25.45 120.77
C LYS C 1128 25.44 -25.62 119.29
N ALA C 1129 25.09 -24.51 118.65
CA ALA C 1129 24.68 -24.50 117.27
C ALA C 1129 25.86 -24.15 116.38
N THR C 1130 25.97 -24.87 115.26
CA THR C 1130 26.98 -24.59 114.24
C THR C 1130 26.28 -24.52 112.89
N SER C 1131 27.06 -24.26 111.85
CA SER C 1131 26.49 -24.11 110.51
C SER C 1131 25.91 -25.43 110.01
N SER C 1132 26.48 -26.55 110.43
CA SER C 1132 26.15 -27.85 109.87
C SER C 1132 25.05 -28.59 110.65
N THR C 1133 24.55 -28.02 111.74
CA THR C 1133 23.50 -28.69 112.49
C THR C 1133 22.19 -28.67 111.72
N ASP C 1134 21.40 -29.74 111.92
CA ASP C 1134 20.09 -29.83 111.30
C ASP C 1134 19.02 -29.25 112.23
N GLU C 1135 18.16 -28.42 111.64
CA GLU C 1135 17.23 -27.63 112.43
C GLU C 1135 16.25 -28.51 113.20
N GLU C 1136 15.77 -29.58 112.57
CA GLU C 1136 14.77 -30.43 113.21
C GLU C 1136 15.33 -31.07 114.47
N SER C 1137 16.54 -31.63 114.41
CA SER C 1137 17.13 -32.24 115.60
C SER C 1137 17.50 -31.18 116.62
N TRP C 1138 17.95 -30.01 116.18
CA TRP C 1138 18.23 -28.92 117.11
C TRP C 1138 16.99 -28.56 117.93
N PHE C 1139 15.86 -28.37 117.24
CA PHE C 1139 14.64 -28.00 117.94
C PHE C 1139 14.10 -29.15 118.77
N LYS C 1140 14.25 -30.38 118.30
CA LYS C 1140 13.82 -31.53 119.10
C LYS C 1140 14.62 -31.60 120.41
N ALA C 1141 15.93 -31.38 120.32
CA ALA C 1141 16.75 -31.38 121.53
C ALA C 1141 16.35 -30.25 122.47
N LEU C 1142 16.07 -29.07 121.92
CA LEU C 1142 15.63 -27.96 122.77
C LEU C 1142 14.30 -28.29 123.44
N ALA C 1143 13.38 -28.90 122.69
CA ALA C 1143 12.06 -29.20 123.23
C ALA C 1143 12.12 -30.25 124.33
N GLY C 1144 12.88 -31.32 124.12
CA GLY C 1144 12.92 -32.41 125.07
C GLY C 1144 11.83 -33.43 124.81
N SER C 1145 11.82 -34.46 125.66
CA SER C 1145 10.91 -35.58 125.47
C SER C 1145 9.56 -35.32 126.13
N GLU C 1146 9.56 -34.79 127.33
CA GLU C 1146 8.33 -34.66 128.11
C GLU C 1146 7.46 -33.55 127.51
N ILE C 1147 6.17 -33.84 127.38
CA ILE C 1147 5.24 -32.93 126.73
C ILE C 1147 4.92 -31.80 127.70
N ASN C 1148 5.22 -30.56 127.30
CA ASN C 1148 5.01 -29.43 128.19
C ASN C 1148 5.10 -28.14 127.39
N TRP C 1149 5.12 -27.01 128.12
CA TRP C 1149 5.21 -25.70 127.47
C TRP C 1149 6.48 -25.59 126.66
N ARG C 1150 7.57 -26.20 127.11
CA ARG C 1150 8.81 -26.17 126.33
C ARG C 1150 8.65 -26.92 125.02
N HIS C 1151 7.97 -28.07 125.06
CA HIS C 1151 7.69 -28.84 123.86
C HIS C 1151 6.89 -28.01 122.87
N ALA C 1152 5.84 -27.36 123.37
CA ALA C 1152 5.03 -26.50 122.51
C ALA C 1152 5.85 -25.34 121.96
N SER C 1153 6.68 -24.73 122.82
CA SER C 1153 7.44 -23.55 122.41
C SER C 1153 8.41 -23.88 121.29
N PHE C 1154 9.07 -25.02 121.37
CA PHE C 1154 10.14 -25.35 120.43
C PHE C 1154 9.70 -26.26 119.29
N LEU C 1155 8.46 -26.74 119.28
CA LEU C 1155 7.98 -27.59 118.18
C LEU C 1155 6.71 -27.09 117.53
N CYS C 1156 5.85 -26.37 118.26
CA CYS C 1156 4.64 -25.83 117.65
C CYS C 1156 5.03 -24.88 116.52
N SER C 1157 4.45 -25.10 115.35
CA SER C 1157 4.84 -24.33 114.18
C SER C 1157 4.26 -22.92 114.22
N PHE C 1158 3.03 -22.78 114.71
CA PHE C 1158 2.32 -21.50 114.71
C PHE C 1158 1.86 -21.16 116.12
N ILE C 1159 1.85 -19.88 116.43
CA ILE C 1159 1.28 -19.36 117.66
C ILE C 1159 0.03 -18.58 117.31
N THR C 1160 -0.83 -18.39 118.31
CA THR C 1160 -2.13 -17.78 118.14
C THR C 1160 -2.06 -16.31 118.53
N GLN C 1161 -2.34 -15.43 117.58
CA GLN C 1161 -2.49 -14.01 117.84
C GLN C 1161 -3.88 -13.79 118.44
N ASP C 1162 -4.37 -12.55 118.42
CA ASP C 1162 -5.68 -12.24 118.99
C ASP C 1162 -6.75 -13.20 118.48
N LYS C 1163 -6.78 -13.44 117.17
CA LYS C 1163 -7.52 -14.57 116.63
C LYS C 1163 -6.81 -15.22 115.44
N MET C 1164 -5.56 -14.84 115.18
CA MET C 1164 -4.87 -15.16 113.94
C MET C 1164 -3.72 -16.12 114.25
N PHE C 1165 -3.24 -16.79 113.21
CA PHE C 1165 -2.15 -17.76 113.33
C PHE C 1165 -0.91 -17.19 112.63
N VAL C 1166 0.20 -17.16 113.35
CA VAL C 1166 1.46 -16.60 112.83
C VAL C 1166 2.59 -17.55 113.19
N SER C 1167 3.70 -17.38 112.48
CA SER C 1167 4.87 -18.23 112.69
C SER C 1167 5.38 -18.09 114.12
N ASN C 1168 5.87 -19.19 114.66
CA ASN C 1168 6.27 -19.23 116.05
C ASN C 1168 7.45 -18.30 116.29
N PRO C 1169 7.34 -17.27 117.14
CA PRO C 1169 8.51 -16.45 117.42
C PRO C 1169 9.61 -17.21 118.11
N ILE C 1170 9.26 -18.22 118.92
CA ILE C 1170 10.27 -18.97 119.66
C ILE C 1170 11.22 -19.65 118.69
N ARG C 1171 10.66 -20.37 117.71
CA ARG C 1171 11.50 -21.11 116.78
C ARG C 1171 12.36 -20.19 115.93
N LYS C 1172 11.78 -19.09 115.44
CA LYS C 1172 12.53 -18.20 114.57
C LYS C 1172 13.62 -17.45 115.35
N VAL C 1173 13.39 -17.17 116.62
CA VAL C 1173 14.44 -16.58 117.44
C VAL C 1173 15.54 -17.61 117.74
N PHE C 1174 15.14 -18.84 118.05
CA PHE C 1174 16.07 -19.89 118.41
C PHE C 1174 16.58 -20.67 117.21
N LYS C 1175 16.41 -20.14 116.00
CA LYS C 1175 16.92 -20.80 114.80
C LYS C 1175 18.42 -20.99 114.92
N PRO C 1176 18.95 -22.20 114.71
CA PRO C 1176 20.37 -22.44 115.00
C PRO C 1176 21.30 -21.65 114.09
N SER C 1177 22.43 -21.25 114.65
CA SER C 1177 23.47 -20.53 113.90
C SER C 1177 24.77 -20.65 114.67
N GLN C 1178 25.86 -20.31 114.02
CA GLN C 1178 27.17 -20.41 114.66
C GLN C 1178 27.26 -19.46 115.84
N GLY C 1179 27.85 -19.93 116.93
CA GLY C 1179 28.02 -19.14 118.13
C GLY C 1179 26.87 -19.18 119.11
N MET C 1180 25.77 -19.85 118.77
CA MET C 1180 24.59 -19.89 119.60
C MET C 1180 24.74 -20.99 120.64
N VAL C 1181 24.52 -20.65 121.91
CA VAL C 1181 24.65 -21.60 123.01
C VAL C 1181 23.38 -21.54 123.85
N VAL C 1182 22.72 -22.68 124.01
CA VAL C 1182 21.47 -22.78 124.77
C VAL C 1182 21.73 -23.64 125.99
N GLU C 1183 21.50 -23.08 127.17
CA GLU C 1183 21.62 -23.79 128.44
C GLU C 1183 20.23 -23.98 129.02
N ILE C 1184 19.84 -25.22 129.22
CA ILE C 1184 18.53 -25.58 129.77
C ILE C 1184 18.77 -26.06 131.20
N SER C 1185 18.13 -25.41 132.16
CA SER C 1185 18.22 -25.76 133.57
C SER C 1185 16.86 -26.20 134.08
N ASN C 1186 16.87 -27.17 134.99
CA ASN C 1186 15.63 -27.75 135.53
C ASN C 1186 14.74 -28.26 134.41
N GLY C 1187 15.34 -28.97 133.45
CA GLY C 1187 14.57 -29.51 132.34
C GLY C 1187 13.52 -30.51 132.77
N ASN C 1188 13.83 -31.30 133.81
CA ASN C 1188 12.87 -32.29 134.27
C ASN C 1188 11.62 -31.63 134.83
N THR C 1189 11.77 -30.56 135.61
CA THR C 1189 10.65 -29.86 136.20
C THR C 1189 10.20 -28.77 135.23
N SER C 1190 9.01 -28.96 134.65
CA SER C 1190 8.52 -28.02 133.64
C SER C 1190 8.30 -26.64 134.24
N SER C 1191 7.77 -26.58 135.47
CA SER C 1191 7.45 -25.29 136.08
C SER C 1191 8.70 -24.45 136.27
N LYS C 1192 9.80 -25.07 136.71
CA LYS C 1192 11.04 -24.37 136.99
C LYS C 1192 12.02 -24.39 135.83
N THR C 1193 11.64 -24.96 134.69
CA THR C 1193 12.57 -25.05 133.57
C THR C 1193 12.88 -23.66 133.03
N VAL C 1194 14.15 -23.44 132.71
CA VAL C 1194 14.61 -22.17 132.14
C VAL C 1194 15.55 -22.47 130.98
N VAL C 1195 15.40 -21.72 129.89
CA VAL C 1195 16.22 -21.89 128.70
C VAL C 1195 16.91 -20.57 128.42
N THR C 1196 18.20 -20.49 128.74
CA THR C 1196 18.99 -19.28 128.54
C THR C 1196 19.81 -19.45 127.26
N LEU C 1197 19.58 -18.58 126.29
CA LEU C 1197 20.28 -18.58 125.02
C LEU C 1197 21.24 -17.40 124.97
N SER C 1198 22.50 -17.69 124.64
CA SER C 1198 23.57 -16.71 124.57
C SER C 1198 24.19 -16.75 123.17
N GLU C 1199 24.60 -15.58 122.70
CA GLU C 1199 25.25 -15.42 121.42
C GLU C 1199 26.45 -14.49 121.61
N PRO C 1200 27.41 -14.52 120.68
CA PRO C 1200 28.55 -13.60 120.82
C PRO C 1200 28.12 -12.15 120.69
N VAL C 1201 28.33 -11.37 121.75
CA VAL C 1201 27.99 -9.95 121.78
C VAL C 1201 29.24 -9.19 122.19
N GLN C 1202 29.73 -8.33 121.32
CA GLN C 1202 30.95 -7.57 121.56
C GLN C 1202 32.12 -8.51 121.84
N GLY C 1203 32.17 -9.60 121.08
CA GLY C 1203 33.21 -10.60 121.27
C GLY C 1203 32.83 -11.65 122.28
N GLU C 1204 32.60 -11.24 123.53
CA GLU C 1204 32.27 -12.18 124.58
C GLU C 1204 30.84 -12.68 124.45
N LEU C 1205 30.55 -13.76 125.19
CA LEU C 1205 29.25 -14.40 125.15
C LEU C 1205 28.41 -13.89 126.32
N LYS C 1206 27.26 -13.31 126.00
CA LYS C 1206 26.31 -12.80 126.98
C LYS C 1206 24.93 -13.36 126.68
N PRO C 1207 24.06 -13.48 127.68
CA PRO C 1207 22.70 -13.97 127.41
C PRO C 1207 21.97 -13.05 126.44
N THR C 1208 21.20 -13.67 125.54
CA THR C 1208 20.41 -12.95 124.56
C THR C 1208 18.92 -13.24 124.67
N VAL C 1209 18.54 -14.44 125.09
CA VAL C 1209 17.13 -14.78 125.30
C VAL C 1209 17.03 -15.60 126.57
N ILE C 1210 15.92 -15.46 127.28
CA ILE C 1210 15.62 -16.27 128.45
C ILE C 1210 14.16 -16.70 128.34
N LEU C 1211 13.94 -17.99 128.14
CA LEU C 1211 12.59 -18.56 128.06
C LEU C 1211 12.26 -19.25 129.37
N LYS C 1212 11.11 -18.92 129.94
CA LYS C 1212 10.70 -19.53 131.19
C LYS C 1212 9.18 -19.43 131.31
N LEU C 1213 8.67 -19.89 132.45
CA LEU C 1213 7.26 -19.80 132.79
C LEU C 1213 7.12 -18.84 133.97
N LEU C 1214 6.49 -17.68 133.74
CA LEU C 1214 6.21 -16.78 134.85
C LEU C 1214 5.15 -17.35 135.78
N LYS C 1215 4.16 -18.04 135.23
CA LYS C 1215 3.09 -18.63 136.02
C LYS C 1215 2.72 -19.97 135.38
N GLU C 1216 1.59 -20.53 135.81
CA GLU C 1216 1.15 -21.81 135.27
C GLU C 1216 0.84 -21.75 133.77
N ASN C 1217 0.65 -20.54 133.23
CA ASN C 1217 0.30 -20.37 131.82
C ASN C 1217 1.19 -19.40 131.06
N ILE C 1218 1.80 -18.42 131.70
CA ILE C 1218 2.51 -17.36 131.00
C ILE C 1218 3.93 -17.84 130.71
N ILE C 1219 4.20 -18.11 129.44
CA ILE C 1219 5.56 -18.31 128.94
C ILE C 1219 6.14 -16.93 128.67
N GLN C 1220 7.27 -16.63 129.27
CA GLN C 1220 7.98 -15.38 129.05
C GLN C 1220 9.25 -15.64 128.26
N MET C 1221 9.41 -14.90 127.18
CA MET C 1221 10.65 -14.84 126.41
C MET C 1221 11.23 -13.44 126.64
N GLU C 1222 12.15 -13.34 127.58
CA GLU C 1222 12.89 -12.10 127.80
C GLU C 1222 14.00 -12.02 126.75
N MET C 1223 13.80 -11.17 125.76
CA MET C 1223 14.82 -10.89 124.75
C MET C 1223 15.69 -9.76 125.26
N ILE C 1224 16.93 -10.07 125.61
CA ILE C 1224 17.84 -9.13 126.25
C ILE C 1224 18.73 -8.53 125.18
N GLU C 1225 18.76 -7.20 125.13
CA GLU C 1225 19.72 -6.45 124.36
C GLU C 1225 20.80 -5.97 125.31
N ASN C 1226 22.04 -6.37 125.05
CA ASN C 1226 23.18 -5.97 125.88
C ASN C 1226 23.82 -4.69 125.40
N ARG C 1227 23.65 -4.34 124.13
CA ARG C 1227 24.17 -3.09 123.58
C ARG C 1227 23.20 -1.98 123.97
N THR C 1228 23.55 -1.23 125.01
CA THR C 1228 22.67 -0.20 125.57
C THR C 1228 23.46 1.08 125.79
N MET C 1229 22.73 2.11 126.20
CA MET C 1229 23.34 3.41 126.48
C MET C 1229 24.33 3.33 127.64
N ASP C 1230 23.89 2.79 128.78
CA ASP C 1230 24.71 2.71 129.97
C ASP C 1230 25.43 1.37 130.12
N GLY C 1231 25.23 0.45 129.17
CA GLY C 1231 25.83 -0.87 129.25
C GLY C 1231 25.02 -1.88 130.02
N LYS C 1232 24.04 -1.45 130.79
CA LYS C 1232 23.19 -2.38 131.51
C LYS C 1232 22.23 -3.06 130.54
N PRO C 1233 22.11 -4.38 130.55
CA PRO C 1233 21.19 -5.04 129.60
C PRO C 1233 19.75 -4.62 129.82
N VAL C 1234 19.00 -4.57 128.73
CA VAL C 1234 17.57 -4.24 128.76
C VAL C 1234 16.80 -5.41 128.15
N SER C 1235 15.83 -5.92 128.89
CA SER C 1235 15.08 -7.10 128.49
C SER C 1235 13.68 -6.71 128.07
N LEU C 1236 13.31 -7.06 126.84
CA LEU C 1236 11.92 -6.98 126.38
C LEU C 1236 11.23 -8.29 126.75
N PRO C 1237 10.26 -8.30 127.67
CA PRO C 1237 9.55 -9.54 127.94
C PRO C 1237 8.37 -9.75 126.99
N LEU C 1238 8.37 -10.87 126.27
CA LEU C 1238 7.24 -11.25 125.41
C LEU C 1238 6.48 -12.36 126.11
N LEU C 1239 5.20 -12.12 126.38
CA LEU C 1239 4.37 -13.05 127.13
C LEU C 1239 3.48 -13.83 126.15
N TYR C 1240 3.29 -15.12 126.44
CA TYR C 1240 2.40 -15.98 125.68
C TYR C 1240 1.59 -16.81 126.66
N ASN C 1241 0.30 -16.95 126.39
CA ASN C 1241 -0.54 -17.86 127.15
C ASN C 1241 -0.35 -19.28 126.63
N PHE C 1242 -0.23 -20.23 127.56
CA PHE C 1242 -0.07 -21.64 127.24
C PHE C 1242 -1.33 -22.37 127.69
N ASN C 1243 -2.16 -22.74 126.72
CA ASN C 1243 -3.44 -23.41 126.96
C ASN C 1243 -3.28 -24.87 126.56
N PRO C 1244 -3.06 -25.78 127.51
CA PRO C 1244 -2.99 -27.20 127.14
C PRO C 1244 -4.28 -27.72 126.51
N ASP C 1245 -5.42 -27.09 126.80
CA ASP C 1245 -6.69 -27.55 126.24
C ASP C 1245 -6.68 -27.49 124.72
N ASN C 1246 -6.14 -26.41 124.16
CA ASN C 1246 -6.00 -26.27 122.71
C ASN C 1246 -4.66 -26.88 122.32
N GLY C 1247 -4.67 -28.18 122.00
CA GLY C 1247 -3.43 -28.88 121.72
C GLY C 1247 -2.83 -28.57 120.37
N PHE C 1248 -3.64 -28.11 119.41
CA PHE C 1248 -3.10 -27.77 118.10
C PHE C 1248 -2.24 -26.52 118.15
N ALA C 1249 -2.70 -25.49 118.85
CA ALA C 1249 -2.00 -24.22 118.98
C ALA C 1249 -2.03 -23.80 120.44
N PRO C 1250 -1.32 -24.51 121.32
CA PRO C 1250 -1.37 -24.18 122.75
C PRO C 1250 -0.85 -22.79 123.08
N ILE C 1251 0.10 -22.28 122.31
CA ILE C 1251 0.76 -21.02 122.65
C ILE C 1251 0.12 -19.89 121.87
N SER C 1252 -0.33 -18.86 122.60
CA SER C 1252 -0.99 -17.70 122.00
C SER C 1252 -0.30 -16.43 122.48
N GLU C 1253 0.05 -15.55 121.55
CA GLU C 1253 0.70 -14.30 121.93
C GLU C 1253 -0.24 -13.46 122.79
N VAL C 1254 0.32 -12.79 123.78
CA VAL C 1254 -0.41 -11.85 124.63
C VAL C 1254 -0.30 -10.48 123.96
N MET C 1255 -1.37 -10.08 123.25
CA MET C 1255 -1.39 -8.77 122.61
C MET C 1255 -1.49 -7.64 123.62
N GLU C 1256 -2.20 -7.85 124.73
CA GLU C 1256 -2.40 -6.79 125.70
C GLU C 1256 -1.07 -6.33 126.27
N ASP C 1257 -0.82 -5.02 126.21
CA ASP C 1257 0.39 -4.36 126.67
C ASP C 1257 1.62 -4.72 125.86
N ARG C 1258 1.49 -5.47 124.76
CA ARG C 1258 2.65 -5.86 123.97
C ARG C 1258 3.34 -4.64 123.36
N ASN C 1259 2.55 -3.77 122.73
CA ASN C 1259 3.12 -2.55 122.16
C ASN C 1259 3.72 -1.66 123.23
N GLN C 1260 3.06 -1.59 124.40
CA GLN C 1260 3.59 -0.78 125.49
C GLN C 1260 4.93 -1.33 125.97
N ARG C 1261 5.07 -2.66 126.06
CA ARG C 1261 6.33 -3.25 126.49
C ARG C 1261 7.43 -3.00 125.48
N ILE C 1262 7.12 -3.18 124.20
CA ILE C 1262 8.12 -2.91 123.16
C ILE C 1262 8.55 -1.45 123.22
N LYS C 1263 7.58 -0.54 123.40
CA LYS C 1263 7.89 0.87 123.48
C LYS C 1263 8.74 1.17 124.72
N GLU C 1264 8.43 0.54 125.84
CA GLU C 1264 9.22 0.79 127.06
C GLU C 1264 10.67 0.37 126.86
N MET C 1265 10.88 -0.79 126.26
CA MET C 1265 12.25 -1.25 126.04
C MET C 1265 12.97 -0.36 125.03
N TYR C 1266 12.29 0.05 123.96
CA TYR C 1266 12.92 0.97 123.01
C TYR C 1266 13.22 2.32 123.66
N TRP C 1267 12.36 2.78 124.56
CA TRP C 1267 12.63 4.01 125.29
C TRP C 1267 13.88 3.86 126.15
N LYS C 1268 14.00 2.73 126.84
CA LYS C 1268 15.21 2.47 127.61
C LYS C 1268 16.44 2.49 126.72
N LEU C 1269 16.31 2.01 125.48
CA LEU C 1269 17.46 1.95 124.59
C LEU C 1269 17.81 3.32 124.03
N TRP C 1270 16.80 4.11 123.67
CA TRP C 1270 17.02 5.36 122.93
C TRP C 1270 17.04 6.59 123.82
N ILE C 1271 15.99 6.78 124.60
CA ILE C 1271 15.75 8.02 125.32
C ILE C 1271 16.33 7.91 126.72
N ASP C 1272 16.83 9.03 127.23
CA ASP C 1272 17.51 9.10 128.53
C ASP C 1272 16.68 9.88 129.53
N GLU C 1273 15.37 9.65 129.52
CA GLU C 1273 14.41 10.36 130.33
C GLU C 1273 13.44 9.37 130.94
N PRO C 1274 12.78 9.74 132.05
CA PRO C 1274 11.87 8.78 132.69
C PRO C 1274 10.74 8.37 131.76
N PHE C 1275 10.37 7.10 131.82
CA PHE C 1275 9.39 6.55 130.87
C PHE C 1275 8.02 7.15 131.14
N ASN C 1276 7.51 7.91 130.17
CA ASN C 1276 6.20 8.54 130.28
C ASN C 1276 5.64 8.67 128.87
N LEU C 1277 4.72 7.77 128.52
CA LEU C 1277 4.09 7.77 127.21
C LEU C 1277 2.84 8.64 127.16
N ASP C 1278 2.32 9.07 128.30
CA ASP C 1278 1.11 9.90 128.35
C ASP C 1278 1.55 11.35 128.12
N PHE C 1279 1.60 11.74 126.85
CA PHE C 1279 1.86 13.12 126.50
C PHE C 1279 1.35 13.37 125.08
N ASP C 1280 0.83 14.56 124.87
CA ASP C 1280 0.10 14.86 123.63
C ASP C 1280 1.05 14.84 122.44
N PRO C 1281 0.74 14.10 121.36
CA PRO C 1281 1.57 14.23 120.15
C PRO C 1281 1.52 15.61 119.52
N ARG C 1282 0.43 16.36 119.72
CA ARG C 1282 0.40 17.74 119.26
C ARG C 1282 1.48 18.57 119.92
N ASP C 1283 1.72 18.33 121.21
CA ASP C 1283 2.67 19.14 121.96
C ASP C 1283 4.07 19.00 121.39
N VAL C 1284 4.83 20.09 121.48
CA VAL C 1284 6.17 20.12 120.91
C VAL C 1284 7.12 19.37 121.83
N ILE C 1285 8.04 18.60 121.24
CA ILE C 1285 9.04 17.83 121.98
C ILE C 1285 10.34 18.61 121.98
N LYS C 1286 10.88 18.87 123.16
CA LYS C 1286 12.11 19.63 123.33
C LYS C 1286 13.22 18.68 123.72
N GLY C 1287 14.17 18.46 122.79
CA GLY C 1287 15.29 17.58 123.07
C GLY C 1287 16.36 18.27 123.90
N LYS C 1288 17.18 17.45 124.55
CA LYS C 1288 18.17 17.99 125.48
C LYS C 1288 19.29 18.71 124.72
N ASP C 1289 19.77 19.80 125.31
CA ASP C 1289 20.84 20.57 124.68
C ASP C 1289 22.08 19.71 124.53
N PHE C 1290 22.64 19.72 123.32
CA PHE C 1290 23.73 18.83 122.96
C PHE C 1290 24.89 19.65 122.40
N GLU C 1291 26.10 19.32 122.86
CA GLU C 1291 27.32 20.02 122.50
C GLU C 1291 28.11 19.19 121.52
N ILE C 1292 28.43 19.77 120.37
CA ILE C 1292 29.19 19.06 119.34
C ILE C 1292 30.66 19.07 119.73
N THR C 1293 31.27 17.89 119.77
CA THR C 1293 32.65 17.72 120.16
C THR C 1293 33.45 17.16 118.99
N ALA C 1294 34.75 17.43 119.02
CA ALA C 1294 35.65 16.91 118.00
C ALA C 1294 35.66 15.39 118.01
N LYS C 1295 35.61 14.78 119.21
CA LYS C 1295 35.57 13.32 119.30
C LYS C 1295 34.33 12.76 118.62
N GLU C 1296 33.17 13.38 118.87
CA GLU C 1296 31.94 12.89 118.28
C GLU C 1296 31.94 13.06 116.77
N VAL C 1297 32.41 14.20 116.28
CA VAL C 1297 32.47 14.42 114.83
C VAL C 1297 33.45 13.43 114.19
N TYR C 1298 34.60 13.21 114.83
CA TYR C 1298 35.57 12.23 114.36
C TYR C 1298 34.96 10.85 114.24
N ASP C 1299 34.30 10.39 115.32
CA ASP C 1299 33.69 9.06 115.30
C ASP C 1299 32.61 8.96 114.23
N PHE C 1300 31.77 9.99 114.11
CA PHE C 1300 30.70 9.93 113.12
C PHE C 1300 31.27 9.89 111.71
N THR C 1301 32.28 10.72 111.43
CA THR C 1301 32.88 10.74 110.10
C THR C 1301 33.50 9.40 109.75
N HIS C 1302 34.23 8.79 110.68
CA HIS C 1302 34.87 7.53 110.38
C HIS C 1302 33.94 6.32 110.48
N ALA C 1303 32.78 6.47 111.09
CA ALA C 1303 31.79 5.40 111.09
C ALA C 1303 30.90 5.46 109.85
N VAL C 1304 30.76 6.65 109.27
CA VAL C 1304 29.92 6.81 108.08
C VAL C 1304 30.75 6.66 106.81
N GLY C 1305 32.03 6.98 106.89
CA GLY C 1305 32.88 6.97 105.71
C GLY C 1305 32.99 8.34 105.08
N ASN C 1306 32.84 9.38 105.89
CA ASN C 1306 32.94 10.76 105.44
C ASN C 1306 34.38 11.20 105.54
N ASN C 1307 35.07 11.27 104.39
CA ASN C 1307 36.47 11.63 104.33
C ASN C 1307 36.69 13.06 103.89
N CYS C 1308 35.65 13.88 103.89
CA CYS C 1308 35.80 15.28 103.51
C CYS C 1308 36.71 16.00 104.49
N GLU C 1309 37.57 16.86 103.96
CA GLU C 1309 38.51 17.58 104.80
C GLU C 1309 37.83 18.56 105.74
N ASP C 1310 36.61 19.00 105.41
CA ASP C 1310 35.92 19.97 106.25
C ASP C 1310 35.66 19.41 107.64
N PHE C 1311 35.41 18.11 107.73
CA PHE C 1311 35.08 17.47 109.01
C PHE C 1311 36.30 16.89 109.71
N VAL C 1312 37.48 16.99 109.12
CA VAL C 1312 38.72 16.48 109.70
C VAL C 1312 39.47 17.63 110.33
N SER C 1313 40.05 17.41 111.50
CA SER C 1313 40.81 18.46 112.17
C SER C 1313 42.01 18.86 111.32
N ARG C 1314 42.24 20.16 111.21
CA ARG C 1314 43.39 20.72 110.50
C ARG C 1314 43.90 21.92 111.29
N PRO C 1315 45.19 22.24 111.16
CA PRO C 1315 45.71 23.40 111.90
C PRO C 1315 45.16 24.71 111.36
N ASP C 1316 44.95 25.65 112.28
CA ASP C 1316 44.55 27.02 111.93
C ASP C 1316 43.28 27.04 111.08
N ARG C 1317 42.32 26.19 111.46
CA ARG C 1317 41.07 26.09 110.71
C ARG C 1317 40.01 25.39 111.55
N THR C 1318 38.82 25.99 111.64
CA THR C 1318 37.74 25.41 112.43
C THR C 1318 37.17 24.17 111.75
N MET C 1319 36.78 23.20 112.57
CA MET C 1319 36.33 21.90 112.09
C MET C 1319 34.81 21.91 112.00
N LEU C 1320 34.29 21.69 110.80
CA LEU C 1320 32.85 21.61 110.61
C LEU C 1320 32.34 20.23 110.98
N ALA C 1321 31.03 20.15 111.19
CA ALA C 1321 30.35 18.89 111.44
C ALA C 1321 29.48 18.52 110.24
N PRO C 1322 29.37 17.24 109.90
CA PRO C 1322 28.59 16.87 108.72
C PRO C 1322 27.10 17.15 108.92
N MET C 1323 26.41 17.35 107.80
CA MET C 1323 24.98 17.62 107.85
C MET C 1323 24.23 16.41 108.42
N ASP C 1324 24.78 15.21 108.22
CA ASP C 1324 24.16 14.02 108.79
C ASP C 1324 24.27 14.00 110.30
N PHE C 1325 25.12 14.84 110.88
CA PHE C 1325 25.20 14.94 112.34
C PHE C 1325 23.92 15.50 112.94
N ALA C 1326 23.04 16.06 112.11
CA ALA C 1326 21.77 16.57 112.63
C ALA C 1326 20.93 15.47 113.25
N ILE C 1327 20.91 14.30 112.63
CA ILE C 1327 20.13 13.19 113.18
C ILE C 1327 20.73 12.71 114.50
N VAL C 1328 22.06 12.75 114.60
CA VAL C 1328 22.70 12.44 115.88
C VAL C 1328 22.26 13.45 116.94
N VAL C 1329 22.22 14.72 116.58
CA VAL C 1329 21.81 15.75 117.53
C VAL C 1329 20.36 15.53 117.97
N GLY C 1330 19.48 15.27 117.02
CA GLY C 1330 18.04 15.31 117.27
C GLY C 1330 17.33 13.97 117.26
N TRP C 1331 18.05 12.87 117.44
CA TRP C 1331 17.40 11.56 117.46
C TRP C 1331 16.48 11.42 118.67
N ARG C 1332 16.92 11.92 119.83
CA ARG C 1332 16.15 11.73 121.05
C ARG C 1332 14.81 12.46 121.02
N ALA C 1333 14.63 13.39 120.08
CA ALA C 1333 13.35 14.08 119.94
C ALA C 1333 12.57 13.53 118.74
N ILE C 1334 13.26 13.35 117.62
CA ILE C 1334 12.59 12.87 116.41
C ILE C 1334 12.00 11.49 116.66
N ILE C 1335 12.69 10.66 117.45
CA ILE C 1335 12.21 9.31 117.70
C ILE C 1335 11.21 9.31 118.85
N LYS C 1336 11.37 10.22 119.82
CA LYS C 1336 10.32 10.42 120.81
C LYS C 1336 8.99 10.80 120.16
N ALA C 1337 9.06 11.41 118.97
CA ALA C 1337 7.85 11.79 118.26
C ALA C 1337 6.87 10.63 118.10
N ILE C 1338 7.36 9.45 117.72
CA ILE C 1338 6.47 8.33 117.39
C ILE C 1338 6.09 7.48 118.60
N PHE C 1339 6.47 7.89 119.80
CA PHE C 1339 6.19 7.11 121.02
C PHE C 1339 4.79 7.23 121.62
N PRO C 1340 4.10 8.38 121.58
CA PRO C 1340 2.88 8.54 122.40
C PRO C 1340 1.86 7.42 122.21
N ASN C 1341 1.15 7.11 123.29
CA ASN C 1341 0.13 6.06 123.25
C ASN C 1341 -0.93 6.34 122.20
N THR C 1342 -1.20 7.62 121.92
CA THR C 1342 -2.14 7.95 120.87
C THR C 1342 -1.64 7.45 119.52
N VAL C 1343 -0.37 7.65 119.22
CA VAL C 1343 0.24 7.08 118.00
C VAL C 1343 0.78 5.71 118.40
N ASP C 1344 -0.12 4.73 118.42
CA ASP C 1344 0.22 3.38 118.81
C ASP C 1344 0.73 2.60 117.62
N GLY C 1345 1.61 1.65 117.88
CA GLY C 1345 2.15 0.81 116.83
C GLY C 1345 3.32 0.02 117.37
N ASP C 1346 3.72 -0.98 116.59
CA ASP C 1346 4.75 -1.93 117.01
C ASP C 1346 6.09 -1.35 116.55
N LEU C 1347 6.93 -0.98 117.52
CA LEU C 1347 8.21 -0.35 117.18
C LEU C 1347 9.17 -1.35 116.54
N LEU C 1348 9.04 -2.63 116.91
CA LEU C 1348 9.83 -3.66 116.23
C LEU C 1348 9.45 -3.77 114.76
N LYS C 1349 8.24 -3.34 114.42
CA LYS C 1349 7.76 -3.31 113.04
C LYS C 1349 7.86 -1.91 112.42
N LEU C 1350 8.67 -1.03 112.99
CA LEU C 1350 8.83 0.30 112.42
C LEU C 1350 9.73 0.25 111.19
N VAL C 1351 9.38 1.06 110.19
CA VAL C 1351 10.18 1.20 108.97
C VAL C 1351 10.45 2.69 108.76
N HIS C 1352 11.71 3.04 108.63
CA HIS C 1352 12.10 4.41 108.31
C HIS C 1352 11.90 4.59 106.81
N LEU C 1353 10.85 5.30 106.42
CA LEU C 1353 10.55 5.47 105.00
C LEU C 1353 11.53 6.44 104.35
N SER C 1354 11.77 7.57 104.99
CA SER C 1354 12.63 8.59 104.39
C SER C 1354 13.14 9.51 105.48
N ASN C 1355 14.22 10.20 105.15
CA ASN C 1355 14.81 11.19 106.04
C ASN C 1355 15.45 12.27 105.18
N GLY C 1356 15.38 13.50 105.65
CA GLY C 1356 15.90 14.62 104.89
C GLY C 1356 16.38 15.74 105.78
N TYR C 1357 17.33 16.50 105.26
CA TYR C 1357 17.90 17.66 105.90
C TYR C 1357 17.70 18.87 105.00
N LYS C 1358 17.39 20.02 105.61
CA LYS C 1358 17.25 21.27 104.88
C LYS C 1358 17.85 22.37 105.74
N MET C 1359 18.93 22.97 105.27
CA MET C 1359 19.52 24.12 105.94
C MET C 1359 18.70 25.35 105.57
N ILE C 1360 18.30 26.12 106.57
CA ILE C 1360 17.61 27.38 106.27
C ILE C 1360 18.60 28.33 105.59
N PRO C 1361 18.16 29.21 104.70
CA PRO C 1361 19.11 30.16 104.09
C PRO C 1361 19.77 31.04 105.15
N GLY C 1362 21.06 31.29 104.93
CA GLY C 1362 21.82 32.15 105.82
C GLY C 1362 22.37 31.48 107.06
N ALA C 1363 22.10 30.20 107.26
CA ALA C 1363 22.58 29.45 108.42
C ALA C 1363 23.87 28.73 108.05
N LYS C 1364 24.92 28.98 108.80
CA LYS C 1364 26.20 28.35 108.54
C LYS C 1364 26.13 26.87 108.91
N PRO C 1365 26.97 26.03 108.30
CA PRO C 1365 26.96 24.61 108.66
C PRO C 1365 27.39 24.39 110.10
N LEU C 1366 26.95 23.27 110.66
CA LEU C 1366 27.30 22.92 112.03
C LEU C 1366 28.81 22.81 112.17
N GLN C 1367 29.32 23.29 113.31
CA GLN C 1367 30.74 23.29 113.58
C GLN C 1367 31.00 22.77 114.99
N VAL C 1368 32.22 22.27 115.21
CA VAL C 1368 32.58 21.69 116.48
C VAL C 1368 32.57 22.77 117.56
N GLY C 1369 31.93 22.47 118.68
CA GLY C 1369 31.86 23.36 119.82
C GLY C 1369 30.53 24.05 120.00
N ASP C 1370 29.74 24.23 118.94
CA ASP C 1370 28.47 24.91 119.09
C ASP C 1370 27.49 24.04 119.86
N VAL C 1371 26.57 24.71 120.56
CA VAL C 1371 25.50 24.06 121.31
C VAL C 1371 24.25 24.13 120.46
N VAL C 1372 23.67 22.96 120.17
CA VAL C 1372 22.53 22.86 119.28
C VAL C 1372 21.34 22.31 120.08
N SER C 1373 20.22 23.02 119.99
CA SER C 1373 18.97 22.59 120.61
C SER C 1373 18.08 22.00 119.53
N THR C 1374 17.26 21.02 119.91
CA THR C 1374 16.38 20.32 118.99
C THR C 1374 14.93 20.48 119.43
N THR C 1375 14.07 20.77 118.47
CA THR C 1375 12.63 20.91 118.70
C THR C 1375 11.90 20.09 117.67
N ALA C 1376 11.29 18.98 118.09
CA ALA C 1376 10.58 18.08 117.20
C ALA C 1376 9.08 18.34 117.27
N VAL C 1377 8.42 18.23 116.12
CA VAL C 1377 6.97 18.31 116.01
C VAL C 1377 6.50 17.19 115.10
N ILE C 1378 5.26 16.76 115.30
CA ILE C 1378 4.59 15.81 114.42
C ILE C 1378 3.95 16.62 113.31
N GLU C 1379 4.47 16.51 112.10
CA GLU C 1379 3.86 17.23 110.98
C GLU C 1379 2.56 16.57 110.55
N SER C 1380 2.52 15.23 110.52
CA SER C 1380 1.35 14.52 110.02
C SER C 1380 1.43 13.07 110.44
N VAL C 1381 0.40 12.60 111.16
CA VAL C 1381 0.26 11.18 111.47
C VAL C 1381 -1.05 10.69 110.87
N VAL C 1382 -0.95 9.72 109.96
CA VAL C 1382 -2.09 9.28 109.16
C VAL C 1382 -2.14 7.76 109.13
N ASN C 1383 -3.36 7.24 109.29
CA ASN C 1383 -3.62 5.79 109.22
C ASN C 1383 -3.88 5.45 107.76
N GLN C 1384 -2.95 4.72 107.16
CA GLN C 1384 -3.13 4.17 105.83
C GLN C 1384 -3.54 2.71 105.93
N PRO C 1385 -4.11 2.14 104.86
CA PRO C 1385 -4.49 0.71 104.94
C PRO C 1385 -3.32 -0.20 105.24
N THR C 1386 -2.13 0.11 104.71
CA THR C 1386 -0.95 -0.71 104.93
C THR C 1386 -0.19 -0.36 106.20
N GLY C 1387 -0.58 0.70 106.90
CA GLY C 1387 0.09 1.06 108.14
C GLY C 1387 -0.16 2.53 108.47
N LYS C 1388 0.57 2.99 109.48
CA LYS C 1388 0.46 4.36 109.98
C LYS C 1388 1.74 5.11 109.67
N ILE C 1389 1.63 6.19 108.89
CA ILE C 1389 2.75 7.07 108.58
C ILE C 1389 2.80 8.15 109.64
N VAL C 1390 4.01 8.46 110.09
CA VAL C 1390 4.25 9.53 111.06
C VAL C 1390 5.40 10.38 110.52
N ASP C 1391 5.13 11.66 110.28
CA ASP C 1391 6.10 12.60 109.76
C ASP C 1391 6.54 13.53 110.87
N VAL C 1392 7.84 13.59 111.11
CA VAL C 1392 8.42 14.35 112.20
C VAL C 1392 9.31 15.43 111.58
N VAL C 1393 9.19 16.65 112.08
CA VAL C 1393 10.04 17.76 111.68
C VAL C 1393 10.78 18.24 112.91
N GLY C 1394 12.11 18.07 112.90
CA GLY C 1394 12.96 18.51 113.97
C GLY C 1394 13.79 19.72 113.59
N THR C 1395 13.54 20.85 114.22
CA THR C 1395 14.32 22.06 113.98
C THR C 1395 15.52 22.05 114.91
N LEU C 1396 16.71 22.07 114.33
CA LEU C 1396 17.96 22.26 115.06
C LEU C 1396 18.30 23.74 115.02
N SER C 1397 18.49 24.32 116.21
CA SER C 1397 18.77 25.74 116.36
C SER C 1397 20.05 25.93 117.14
N ARG C 1398 20.73 27.04 116.86
CA ARG C 1398 22.01 27.37 117.46
C ARG C 1398 22.00 28.83 117.86
N ASN C 1399 22.32 29.12 119.12
CA ASN C 1399 22.35 30.49 119.63
C ASN C 1399 20.99 31.17 119.43
N GLY C 1400 19.93 30.39 119.61
CA GLY C 1400 18.57 30.86 119.42
C GLY C 1400 18.10 30.76 117.98
N LYS C 1401 18.94 31.16 117.04
CA LYS C 1401 18.54 31.12 115.64
C LYS C 1401 18.40 29.68 115.16
N PRO C 1402 17.46 29.40 114.26
CA PRO C 1402 17.39 28.06 113.68
C PRO C 1402 18.57 27.80 112.76
N VAL C 1403 18.93 26.53 112.65
CA VAL C 1403 20.04 26.09 111.81
C VAL C 1403 19.55 25.23 110.67
N MET C 1404 18.71 24.25 110.96
CA MET C 1404 18.25 23.34 109.91
C MET C 1404 17.00 22.61 110.37
N GLU C 1405 16.38 21.94 109.41
CA GLU C 1405 15.18 21.14 109.65
C GLU C 1405 15.46 19.72 109.19
N VAL C 1406 15.06 18.75 110.02
CA VAL C 1406 15.23 17.34 109.73
C VAL C 1406 13.84 16.73 109.62
N THR C 1407 13.48 16.29 108.41
CA THR C 1407 12.24 15.58 108.19
C THR C 1407 12.51 14.09 108.30
N SER C 1408 11.60 13.36 108.94
CA SER C 1408 11.73 11.92 109.07
C SER C 1408 10.36 11.26 109.00
N SER C 1409 10.20 10.32 108.08
CA SER C 1409 8.96 9.59 107.89
C SER C 1409 9.14 8.20 108.46
N PHE C 1410 8.22 7.79 109.33
CA PHE C 1410 8.22 6.47 109.94
C PHE C 1410 6.91 5.78 109.62
N PHE C 1411 6.96 4.45 109.56
CA PHE C 1411 5.85 3.63 109.12
C PHE C 1411 5.67 2.50 110.12
N TYR C 1412 4.57 2.55 110.86
CA TYR C 1412 4.14 1.46 111.71
C TYR C 1412 3.31 0.51 110.86
N ARG C 1413 3.87 -0.64 110.49
CA ARG C 1413 3.14 -1.59 109.68
C ARG C 1413 2.07 -2.25 110.52
N GLY C 1414 0.85 -2.29 110.00
CA GLY C 1414 -0.26 -2.90 110.71
C GLY C 1414 -1.57 -2.27 110.30
N ASN C 1415 -2.62 -2.65 111.02
CA ASN C 1415 -3.96 -2.15 110.79
C ASN C 1415 -4.36 -1.25 111.95
N TYR C 1416 -4.65 0.02 111.64
CA TYR C 1416 -5.01 1.01 112.64
C TYR C 1416 -6.24 1.77 112.20
N THR C 1417 -7.20 1.89 113.13
CA THR C 1417 -8.45 2.58 112.88
C THR C 1417 -8.67 3.71 113.88
N ASP C 1418 -7.64 4.12 114.61
CA ASP C 1418 -7.76 5.18 115.61
C ASP C 1418 -7.59 6.54 114.93
N PHE C 1419 -8.51 6.83 114.03
CA PHE C 1419 -8.44 8.06 113.25
C PHE C 1419 -8.59 9.31 114.11
N GLU C 1420 -9.13 9.19 115.33
CA GLU C 1420 -9.31 10.35 116.17
C GLU C 1420 -7.99 10.99 116.57
N ASN C 1421 -6.90 10.22 116.57
CA ASN C 1421 -5.58 10.72 116.87
C ASN C 1421 -4.74 10.97 115.62
N THR C 1422 -5.32 10.82 114.43
CA THR C 1422 -4.63 11.08 113.18
C THR C 1422 -4.85 12.53 112.76
N PHE C 1423 -3.81 13.14 112.21
CA PHE C 1423 -3.89 14.49 111.68
C PHE C 1423 -2.81 14.64 110.63
N GLN C 1424 -2.98 15.63 109.76
CA GLN C 1424 -2.03 15.85 108.67
C GLN C 1424 -1.95 17.33 108.34
N LYS C 1425 -0.76 17.89 108.47
CA LYS C 1425 -0.46 19.26 108.10
C LYS C 1425 0.43 19.23 106.86
N THR C 1426 -0.07 19.80 105.76
CA THR C 1426 0.63 19.79 104.49
C THR C 1426 0.73 21.21 103.94
N VAL C 1427 1.95 21.61 103.56
CA VAL C 1427 2.18 22.90 102.92
C VAL C 1427 1.83 22.70 101.45
N GLU C 1428 0.67 23.21 101.03
CA GLU C 1428 0.26 23.04 99.65
C GLU C 1428 1.23 23.77 98.73
N PRO C 1429 1.38 23.33 97.49
CA PRO C 1429 2.25 24.05 96.56
C PRO C 1429 1.70 25.44 96.29
N VAL C 1430 2.61 26.38 96.05
CA VAL C 1430 2.20 27.74 95.77
C VAL C 1430 1.40 27.78 94.48
N TYR C 1431 0.32 28.55 94.47
CA TYR C 1431 -0.55 28.67 93.31
C TYR C 1431 -0.55 30.09 92.80
N GLN C 1432 -0.70 30.24 91.49
CA GLN C 1432 -0.70 31.54 90.83
C GLN C 1432 -1.97 31.69 90.01
N MET C 1433 -2.64 32.82 90.17
CA MET C 1433 -3.84 33.16 89.41
C MET C 1433 -3.66 34.53 88.77
N HIS C 1434 -3.75 34.59 87.45
CA HIS C 1434 -3.78 35.85 86.72
C HIS C 1434 -5.23 36.28 86.60
N ILE C 1435 -5.56 37.45 87.13
CA ILE C 1435 -6.92 37.96 87.09
C ILE C 1435 -7.06 38.78 85.81
N LYS C 1436 -7.69 38.20 84.80
CA LYS C 1436 -7.80 38.83 83.49
C LYS C 1436 -9.09 39.62 83.32
N THR C 1437 -10.18 39.20 83.98
CA THR C 1437 -11.49 39.79 83.77
C THR C 1437 -12.19 39.96 85.11
N SER C 1438 -13.34 40.65 85.07
CA SER C 1438 -14.15 40.83 86.26
C SER C 1438 -14.86 39.55 86.67
N LYS C 1439 -15.00 38.59 85.75
CA LYS C 1439 -15.55 37.29 86.12
C LYS C 1439 -14.67 36.59 87.14
N ASP C 1440 -13.35 36.65 86.95
CA ASP C 1440 -12.43 36.07 87.91
C ASP C 1440 -12.57 36.75 89.27
N ILE C 1441 -12.71 38.07 89.29
CA ILE C 1441 -12.85 38.79 90.54
C ILE C 1441 -14.14 38.39 91.23
N ALA C 1442 -15.22 38.27 90.47
CA ALA C 1442 -16.49 37.86 91.06
C ALA C 1442 -16.40 36.46 91.63
N VAL C 1443 -15.73 35.55 90.92
CA VAL C 1443 -15.56 34.19 91.41
C VAL C 1443 -14.76 34.18 92.70
N LEU C 1444 -13.68 34.97 92.76
CA LEU C 1444 -12.89 35.03 93.97
C LEU C 1444 -13.68 35.61 95.14
N ARG C 1445 -14.43 36.69 94.89
CA ARG C 1445 -15.18 37.32 95.96
C ARG C 1445 -16.34 36.44 96.43
N SER C 1446 -16.82 35.53 95.57
CA SER C 1446 -17.84 34.58 96.00
C SER C 1446 -17.31 33.56 96.99
N LYS C 1447 -15.99 33.41 97.12
CA LYS C 1447 -15.40 32.47 98.05
C LYS C 1447 -15.29 33.10 99.42
N GLU C 1448 -15.90 32.47 100.42
CA GLU C 1448 -15.79 32.97 101.79
C GLU C 1448 -14.34 32.95 102.26
N TRP C 1449 -13.61 31.88 101.91
CA TRP C 1449 -12.25 31.74 102.40
C TRP C 1449 -11.31 32.79 101.84
N PHE C 1450 -11.67 33.36 100.68
CA PHE C 1450 -10.85 34.40 100.05
C PHE C 1450 -11.15 35.74 100.72
N GLN C 1451 -10.31 36.17 101.66
CA GLN C 1451 -10.52 37.40 102.40
C GLN C 1451 -9.40 38.37 102.08
N LEU C 1452 -9.75 39.66 102.01
CA LEU C 1452 -8.79 40.71 101.70
C LEU C 1452 -8.78 41.74 102.82
N ASP C 1453 -7.57 42.21 103.16
CA ASP C 1453 -7.47 43.30 104.14
C ASP C 1453 -8.14 44.56 103.61
N ASP C 1454 -7.91 44.86 102.34
CA ASP C 1454 -8.51 46.02 101.66
C ASP C 1454 -9.57 45.48 100.71
N GLU C 1455 -10.84 45.57 101.13
CA GLU C 1455 -11.92 44.98 100.35
C GLU C 1455 -12.07 45.64 98.98
N ASP C 1456 -11.69 46.91 98.86
CA ASP C 1456 -11.75 47.60 97.57
C ASP C 1456 -10.44 47.49 96.79
N PHE C 1457 -9.58 46.54 97.14
CA PHE C 1457 -8.35 46.33 96.39
C PHE C 1457 -8.67 45.95 94.95
N ASP C 1458 -7.95 46.55 94.01
CA ASP C 1458 -8.20 46.34 92.59
C ASP C 1458 -7.48 45.08 92.14
N LEU C 1459 -8.24 44.00 91.95
CA LEU C 1459 -7.69 42.72 91.54
C LEU C 1459 -7.47 42.59 90.05
N LEU C 1460 -8.02 43.49 89.24
CA LEU C 1460 -7.95 43.33 87.79
C LEU C 1460 -6.52 43.50 87.30
N ASN C 1461 -6.16 42.70 86.30
CA ASN C 1461 -4.85 42.76 85.66
C ASN C 1461 -3.73 42.55 86.68
N LYS C 1462 -3.97 41.67 87.65
CA LYS C 1462 -3.03 41.43 88.73
C LYS C 1462 -2.83 39.94 88.92
N THR C 1463 -1.63 39.57 89.35
CA THR C 1463 -1.26 38.18 89.59
C THR C 1463 -1.28 37.94 91.09
N LEU C 1464 -2.08 36.97 91.52
CA LEU C 1464 -2.21 36.60 92.92
C LEU C 1464 -1.46 35.30 93.16
N THR C 1465 -0.68 35.29 94.23
CA THR C 1465 0.05 34.12 94.70
C THR C 1465 -0.59 33.65 96.01
N PHE C 1466 -0.93 32.38 96.06
CA PHE C 1466 -1.53 31.74 97.22
C PHE C 1466 -0.56 30.73 97.79
N GLU C 1467 -0.23 30.89 99.08
CA GLU C 1467 0.67 29.99 99.82
C GLU C 1467 -0.14 29.43 100.98
N THR C 1468 -0.83 28.31 100.74
CA THR C 1468 -1.75 27.75 101.72
C THR C 1468 -1.14 26.55 102.43
N GLU C 1469 -1.53 26.36 103.68
CA GLU C 1469 -1.25 25.16 104.45
C GLU C 1469 -2.58 24.54 104.84
N THR C 1470 -2.70 23.23 104.62
CA THR C 1470 -3.91 22.49 104.93
C THR C 1470 -3.67 21.59 106.13
N GLU C 1471 -4.44 21.79 107.19
CA GLU C 1471 -4.45 20.91 108.36
C GLU C 1471 -5.78 20.16 108.36
N VAL C 1472 -5.70 18.84 108.25
CA VAL C 1472 -6.88 17.98 108.18
C VAL C 1472 -6.81 16.98 109.32
N THR C 1473 -7.91 16.86 110.05
CA THR C 1473 -8.10 15.78 111.02
C THR C 1473 -9.09 14.79 110.44
N PHE C 1474 -8.75 13.50 110.53
CA PHE C 1474 -9.46 12.46 109.82
C PHE C 1474 -10.59 11.89 110.68
N LYS C 1475 -11.73 11.64 110.06
CA LYS C 1475 -12.81 10.88 110.69
C LYS C 1475 -12.69 9.39 110.39
N ASN C 1476 -12.33 9.06 109.15
CA ASN C 1476 -12.06 7.69 108.75
C ASN C 1476 -11.02 7.75 107.63
N ALA C 1477 -10.87 6.64 106.90
CA ALA C 1477 -9.85 6.58 105.87
C ALA C 1477 -10.09 7.61 104.77
N ASN C 1478 -11.34 7.81 104.37
CA ASN C 1478 -11.68 8.67 103.24
C ASN C 1478 -12.07 10.09 103.65
N ILE C 1479 -12.95 10.22 104.64
CA ILE C 1479 -13.57 11.50 104.94
C ILE C 1479 -12.79 12.18 106.06
N PHE C 1480 -12.47 13.46 105.86
CA PHE C 1480 -11.82 14.25 106.90
C PHE C 1480 -12.83 14.65 107.96
N SER C 1481 -12.42 14.62 109.22
CA SER C 1481 -13.30 15.09 110.29
C SER C 1481 -13.34 16.61 110.32
N SER C 1482 -12.22 17.25 109.97
CA SER C 1482 -12.18 18.69 109.86
C SER C 1482 -11.07 19.06 108.90
N VAL C 1483 -11.31 20.11 108.11
CA VAL C 1483 -10.36 20.58 107.10
C VAL C 1483 -10.20 22.08 107.27
N LYS C 1484 -8.96 22.52 107.46
CA LYS C 1484 -8.64 23.93 107.58
C LYS C 1484 -7.55 24.24 106.57
N CYS C 1485 -7.69 25.37 105.86
CA CYS C 1485 -6.73 25.76 104.84
C CYS C 1485 -6.46 27.25 105.03
N PHE C 1486 -5.25 27.59 105.46
CA PHE C 1486 -4.92 28.95 105.87
C PHE C 1486 -3.61 29.37 105.21
N GLY C 1487 -3.56 30.64 104.78
CA GLY C 1487 -2.33 31.16 104.22
C GLY C 1487 -2.44 32.60 103.78
N PRO C 1488 -1.31 33.22 103.40
CA PRO C 1488 -1.35 34.58 102.87
C PRO C 1488 -1.50 34.62 101.35
N ILE C 1489 -2.41 35.48 100.90
CA ILE C 1489 -2.59 35.81 99.50
C ILE C 1489 -1.81 37.09 99.25
N LYS C 1490 -0.89 37.05 98.30
CA LYS C 1490 -0.10 38.22 97.96
C LYS C 1490 -0.31 38.56 96.49
N VAL C 1491 -0.04 39.81 96.16
CA VAL C 1491 -0.12 40.32 94.80
C VAL C 1491 1.30 40.56 94.30
N GLU C 1492 1.50 40.33 93.01
CA GLU C 1492 2.77 40.61 92.36
C GLU C 1492 2.81 42.09 91.99
N LEU C 1493 3.87 42.77 92.42
CA LEU C 1493 4.05 44.17 92.12
C LEU C 1493 4.75 44.31 90.77
N PRO C 1494 4.84 45.54 90.25
CA PRO C 1494 5.60 45.72 89.00
C PRO C 1494 7.06 45.29 89.12
N THR C 1495 7.63 45.34 90.32
CA THR C 1495 9.00 44.91 90.55
C THR C 1495 9.13 43.41 90.79
N LYS C 1496 8.13 42.61 90.39
CA LYS C 1496 8.17 41.17 90.57
C LYS C 1496 8.34 40.78 92.03
N GLU C 1497 7.72 41.57 92.91
CA GLU C 1497 7.78 41.38 94.35
C GLU C 1497 6.39 41.03 94.86
N THR C 1498 6.29 39.94 95.61
CA THR C 1498 4.99 39.46 96.09
C THR C 1498 4.75 40.02 97.49
N VAL C 1499 3.67 40.78 97.64
CA VAL C 1499 3.34 41.45 98.89
C VAL C 1499 1.94 41.05 99.33
N GLU C 1500 1.80 40.70 100.60
CA GLU C 1500 0.52 40.22 101.13
C GLU C 1500 -0.55 41.30 101.04
N ILE C 1501 -1.70 40.91 100.49
CA ILE C 1501 -2.85 41.81 100.36
C ILE C 1501 -4.10 41.13 100.90
N GLY C 1502 -3.98 39.86 101.28
CA GLY C 1502 -5.12 39.16 101.83
C GLY C 1502 -4.72 37.85 102.44
N ILE C 1503 -5.73 37.08 102.84
CA ILE C 1503 -5.51 35.73 103.39
C ILE C 1503 -6.52 34.78 102.76
N VAL C 1504 -6.12 33.51 102.72
CA VAL C 1504 -7.02 32.38 102.61
C VAL C 1504 -7.28 31.90 104.02
N ASP C 1505 -8.56 31.77 104.37
CA ASP C 1505 -8.99 31.26 105.69
C ASP C 1505 -10.21 30.40 105.47
N TYR C 1506 -9.99 29.11 105.25
CA TYR C 1506 -11.06 28.13 105.06
C TYR C 1506 -11.10 27.22 106.28
N GLU C 1507 -12.30 27.00 106.81
CA GLU C 1507 -12.51 26.10 107.93
C GLU C 1507 -13.78 25.31 107.70
N ALA C 1508 -13.73 24.00 107.91
CA ALA C 1508 -14.88 23.15 107.69
C ALA C 1508 -14.77 21.92 108.58
N GLY C 1509 -15.93 21.33 108.87
CA GLY C 1509 -15.99 20.09 109.62
C GLY C 1509 -15.87 18.89 108.72
N ALA C 1510 -16.79 17.95 108.83
CA ALA C 1510 -16.75 16.74 108.02
C ALA C 1510 -16.81 17.10 106.54
N SER C 1511 -15.81 16.65 105.78
CA SER C 1511 -15.74 16.97 104.36
C SER C 1511 -14.89 15.92 103.68
N HIS C 1512 -15.12 15.77 102.37
CA HIS C 1512 -14.41 14.80 101.55
C HIS C 1512 -13.15 15.36 100.92
N GLY C 1513 -12.86 16.64 101.08
CA GLY C 1513 -11.68 17.21 100.48
C GLY C 1513 -11.58 18.68 100.82
N ASN C 1514 -10.54 19.31 100.29
CA ASN C 1514 -10.30 20.74 100.49
C ASN C 1514 -10.73 21.47 99.23
N PRO C 1515 -11.84 22.23 99.24
CA PRO C 1515 -12.23 22.93 98.01
C PRO C 1515 -11.26 24.00 97.56
N VAL C 1516 -10.51 24.60 98.49
CA VAL C 1516 -9.60 25.68 98.14
C VAL C 1516 -8.54 25.18 97.18
N VAL C 1517 -7.92 24.04 97.50
CA VAL C 1517 -6.85 23.51 96.67
C VAL C 1517 -7.40 23.05 95.33
N ASP C 1518 -8.61 22.47 95.32
CA ASP C 1518 -9.24 22.07 94.07
C ASP C 1518 -9.47 23.28 93.18
N PHE C 1519 -10.01 24.36 93.74
CA PHE C 1519 -10.25 25.57 92.98
C PHE C 1519 -8.95 26.16 92.45
N LEU C 1520 -7.91 26.21 93.29
CA LEU C 1520 -6.65 26.79 92.86
C LEU C 1520 -5.99 25.95 91.77
N LYS C 1521 -6.06 24.62 91.89
CA LYS C 1521 -5.52 23.77 90.83
C LYS C 1521 -6.28 23.97 89.54
N ARG C 1522 -7.61 24.05 89.61
CA ARG C 1522 -8.40 24.13 88.39
C ARG C 1522 -8.22 25.47 87.69
N ASN C 1523 -8.14 26.56 88.46
CA ASN C 1523 -8.13 27.91 87.89
C ASN C 1523 -6.74 28.49 87.74
N GLY C 1524 -5.93 28.43 88.80
CA GLY C 1524 -4.56 28.90 88.72
C GLY C 1524 -3.60 27.84 88.23
N SER C 1525 -2.32 28.17 88.33
CA SER C 1525 -1.23 27.30 87.92
C SER C 1525 -0.28 27.09 89.10
N THR C 1526 0.31 25.91 89.16
CA THR C 1526 1.22 25.57 90.24
C THR C 1526 2.61 26.11 89.92
N LEU C 1527 3.20 26.84 90.87
CA LEU C 1527 4.56 27.33 90.74
C LEU C 1527 5.51 26.31 91.35
N GLU C 1528 6.30 25.65 90.50
CA GLU C 1528 7.26 24.65 90.94
C GLU C 1528 8.60 25.33 91.14
N GLN C 1529 9.12 25.26 92.37
CA GLN C 1529 10.43 25.84 92.66
C GLN C 1529 11.53 25.09 91.90
N LYS C 1530 11.43 23.77 91.84
CA LYS C 1530 12.40 22.98 91.11
C LYS C 1530 12.14 23.07 89.62
N VAL C 1531 13.20 23.31 88.85
CA VAL C 1531 13.14 23.43 87.40
C VAL C 1531 14.10 22.39 86.82
N ASN C 1532 13.54 21.41 86.12
CA ASN C 1532 14.35 20.36 85.52
C ASN C 1532 15.11 20.90 84.32
N LEU C 1533 16.31 20.36 84.08
CA LEU C 1533 17.09 20.75 82.92
C LEU C 1533 16.52 20.07 81.68
N GLU C 1534 17.06 20.45 80.53
CA GLU C 1534 16.61 19.85 79.27
C GLU C 1534 16.94 18.35 79.25
N ASN C 1535 18.12 17.99 79.73
CA ASN C 1535 18.50 16.60 79.89
C ASN C 1535 19.24 16.44 81.21
N PRO C 1536 19.12 15.31 81.89
CA PRO C 1536 19.94 15.07 83.08
C PRO C 1536 21.41 15.02 82.72
N ILE C 1537 22.24 15.38 83.70
CA ILE C 1537 23.69 15.38 83.53
C ILE C 1537 24.27 14.32 84.47
N PRO C 1538 24.69 13.15 83.99
CA PRO C 1538 25.33 12.20 84.91
C PRO C 1538 26.61 12.78 85.49
N ILE C 1539 26.80 12.55 86.80
CA ILE C 1539 27.99 13.01 87.49
C ILE C 1539 28.96 11.85 87.63
N ALA C 1540 28.52 10.78 88.30
CA ALA C 1540 29.36 9.60 88.46
C ALA C 1540 28.54 8.47 89.06
N VAL C 1541 28.99 7.25 88.81
CA VAL C 1541 28.47 6.05 89.44
C VAL C 1541 29.55 5.55 90.39
N LEU C 1542 29.20 5.44 91.66
CA LEU C 1542 30.15 5.20 92.74
C LEU C 1542 29.78 3.94 93.49
N ASP C 1543 30.79 3.27 94.06
CA ASP C 1543 30.60 2.05 94.82
C ASP C 1543 30.92 2.33 96.29
N SER C 1544 29.94 2.09 97.16
CA SER C 1544 30.11 2.12 98.59
C SER C 1544 29.89 0.73 99.14
N TYR C 1545 30.25 0.52 100.40
CA TYR C 1545 30.13 -0.79 101.03
C TYR C 1545 29.49 -0.61 102.40
N THR C 1546 28.52 -1.45 102.70
CA THR C 1546 27.97 -1.47 104.04
C THR C 1546 28.96 -2.16 104.98
N PRO C 1547 29.15 -1.65 106.20
CA PRO C 1547 30.13 -2.26 107.10
C PRO C 1547 29.71 -3.65 107.55
N SER C 1548 30.72 -4.43 107.97
CA SER C 1548 30.45 -5.77 108.48
C SER C 1548 29.60 -5.72 109.73
N THR C 1549 29.69 -4.65 110.50
CA THR C 1549 28.93 -4.49 111.73
C THR C 1549 28.29 -3.12 111.76
N ASN C 1550 27.17 -3.02 112.47
CA ASN C 1550 26.43 -1.77 112.62
C ASN C 1550 26.65 -1.11 113.97
N GLU C 1551 27.40 -1.77 114.87
CA GLU C 1551 27.72 -1.15 116.15
C GLU C 1551 28.46 0.18 116.02
N PRO C 1552 29.43 0.35 115.12
CA PRO C 1552 30.09 1.67 115.02
C PRO C 1552 29.12 2.81 114.74
N TYR C 1553 28.14 2.60 113.87
CA TYR C 1553 27.16 3.65 113.62
C TYR C 1553 26.16 3.76 114.76
N ALA C 1554 25.76 2.62 115.35
CA ALA C 1554 24.78 2.67 116.42
C ALA C 1554 25.31 3.47 117.60
N ARG C 1555 26.57 3.25 117.98
CA ARG C 1555 27.09 3.90 119.18
C ARG C 1555 27.35 5.38 118.96
N VAL C 1556 27.59 5.80 117.71
CA VAL C 1556 27.87 7.21 117.46
C VAL C 1556 26.58 7.99 117.21
N SER C 1557 25.61 7.37 116.55
CA SER C 1557 24.34 8.03 116.27
C SER C 1557 23.35 7.92 117.43
N GLY C 1558 23.61 7.06 118.40
CA GLY C 1558 22.66 6.84 119.47
C GLY C 1558 21.49 5.97 119.10
N ASP C 1559 21.37 5.56 117.84
CA ASP C 1559 20.31 4.68 117.39
C ASP C 1559 20.71 3.26 117.76
N LEU C 1560 20.24 2.80 118.92
CA LEU C 1560 20.52 1.46 119.41
C LEU C 1560 19.40 0.49 119.07
N ASN C 1561 18.79 0.66 117.90
CA ASN C 1561 17.73 -0.25 117.48
C ASN C 1561 18.29 -1.68 117.41
N PRO C 1562 17.70 -2.64 118.13
CA PRO C 1562 18.29 -3.99 118.13
C PRO C 1562 18.29 -4.66 116.77
N ILE C 1563 17.40 -4.27 115.86
CA ILE C 1563 17.33 -4.96 114.58
C ILE C 1563 18.63 -4.80 113.79
N HIS C 1564 19.41 -3.76 114.11
CA HIS C 1564 20.65 -3.51 113.40
C HIS C 1564 21.88 -4.16 114.03
N VAL C 1565 21.78 -4.64 115.26
CA VAL C 1565 22.95 -5.20 115.96
C VAL C 1565 22.74 -6.61 116.47
N SER C 1566 21.51 -7.05 116.71
CA SER C 1566 21.20 -8.32 117.34
C SER C 1566 20.54 -9.24 116.32
N ARG C 1567 21.07 -10.45 116.19
CA ARG C 1567 20.48 -11.42 115.28
C ARG C 1567 19.08 -11.83 115.73
N HIS C 1568 18.88 -12.04 117.03
CA HIS C 1568 17.61 -12.55 117.50
C HIS C 1568 16.49 -11.53 117.34
N PHE C 1569 16.78 -10.26 117.58
CA PHE C 1569 15.76 -9.23 117.43
C PHE C 1569 15.35 -9.07 115.96
N ALA C 1570 16.33 -9.09 115.05
CA ALA C 1570 16.01 -9.04 113.63
C ALA C 1570 15.21 -10.26 113.21
N SER C 1571 15.57 -11.44 113.72
CA SER C 1571 14.79 -12.64 113.42
C SER C 1571 13.35 -12.47 113.86
N TYR C 1572 13.13 -12.05 115.12
CA TYR C 1572 11.78 -11.82 115.61
C TYR C 1572 11.05 -10.76 114.80
N ALA C 1573 11.77 -9.77 114.30
CA ALA C 1573 11.20 -8.74 113.44
C ALA C 1573 11.07 -9.19 111.99
N ASN C 1574 11.40 -10.44 111.68
CA ASN C 1574 11.18 -11.07 110.38
C ASN C 1574 12.02 -10.43 109.28
N LEU C 1575 13.09 -9.75 109.65
CA LEU C 1575 13.96 -9.10 108.68
C LEU C 1575 14.94 -10.13 108.09
N PRO C 1576 15.45 -9.90 106.88
CA PRO C 1576 16.35 -10.90 106.27
C PRO C 1576 17.62 -11.11 107.05
N GLY C 1577 17.97 -10.20 107.94
CA GLY C 1577 19.15 -10.37 108.77
C GLY C 1577 19.36 -9.13 109.62
N THR C 1578 20.58 -9.00 110.12
CA THR C 1578 20.96 -7.85 110.94
C THR C 1578 21.19 -6.66 110.01
N ILE C 1579 20.09 -6.15 109.46
CA ILE C 1579 20.14 -5.14 108.41
C ILE C 1579 20.77 -3.85 108.93
N THR C 1580 21.52 -3.19 108.06
CA THR C 1580 22.23 -1.98 108.45
C THR C 1580 21.27 -0.81 108.62
N HIS C 1581 21.71 0.18 109.39
CA HIS C 1581 20.94 1.40 109.55
C HIS C 1581 20.70 2.04 108.19
N GLY C 1582 19.44 2.35 107.90
CA GLY C 1582 19.17 3.17 106.73
C GLY C 1582 19.80 4.54 106.84
N MET C 1583 19.88 5.07 108.06
CA MET C 1583 20.52 6.36 108.26
C MET C 1583 22.01 6.29 107.94
N PHE C 1584 22.64 5.15 108.18
CA PHE C 1584 24.02 5.00 107.74
C PHE C 1584 24.11 5.10 106.23
N SER C 1585 23.23 4.41 105.51
CA SER C 1585 23.28 4.43 104.05
C SER C 1585 23.05 5.84 103.54
N SER C 1586 22.11 6.56 104.15
CA SER C 1586 21.88 7.95 103.77
C SER C 1586 23.13 8.79 104.01
N ALA C 1587 23.79 8.60 105.15
CA ALA C 1587 24.97 9.38 105.46
C ALA C 1587 26.12 9.06 104.51
N SER C 1588 26.27 7.79 104.14
CA SER C 1588 27.31 7.40 103.18
C SER C 1588 27.03 8.01 101.81
N VAL C 1589 25.79 7.95 101.36
CA VAL C 1589 25.45 8.52 100.06
C VAL C 1589 25.62 10.03 100.09
N ARG C 1590 25.33 10.66 101.23
CA ARG C 1590 25.53 12.10 101.34
C ARG C 1590 27.01 12.45 101.34
N ALA C 1591 27.84 11.61 101.96
CA ALA C 1591 29.28 11.81 101.87
C ALA C 1591 29.74 11.74 100.42
N LEU C 1592 29.25 10.75 99.68
CA LEU C 1592 29.61 10.63 98.27
C LEU C 1592 29.12 11.84 97.47
N ILE C 1593 27.92 12.33 97.79
CA ILE C 1593 27.34 13.43 97.04
C ILE C 1593 28.12 14.71 97.30
N GLU C 1594 28.46 14.99 98.56
CA GLU C 1594 29.24 16.18 98.86
C GLU C 1594 30.66 16.04 98.32
N ASN C 1595 31.14 14.81 98.16
CA ASN C 1595 32.46 14.63 97.56
C ASN C 1595 32.42 14.93 96.06
N TRP C 1596 31.44 14.39 95.34
CA TRP C 1596 31.47 14.44 93.88
C TRP C 1596 30.65 15.60 93.33
N ALA C 1597 29.36 15.69 93.67
CA ALA C 1597 28.53 16.78 93.18
C ALA C 1597 28.98 18.12 93.72
N ALA C 1598 29.36 18.18 95.01
CA ALA C 1598 29.77 19.42 95.66
C ALA C 1598 31.27 19.62 95.68
N ASP C 1599 32.05 18.69 95.12
CA ASP C 1599 33.50 18.82 95.07
C ASP C 1599 34.11 18.88 96.48
N SER C 1600 33.57 18.07 97.38
CA SER C 1600 34.10 17.95 98.74
C SER C 1600 34.07 19.29 99.47
N VAL C 1601 32.92 19.96 99.38
CA VAL C 1601 32.67 21.21 100.09
C VAL C 1601 31.42 21.02 100.94
N SER C 1602 31.59 21.04 102.26
CA SER C 1602 30.47 20.77 103.16
C SER C 1602 29.40 21.83 103.04
N SER C 1603 29.79 23.11 103.11
CA SER C 1603 28.83 24.20 103.08
C SER C 1603 28.01 24.23 101.80
N ARG C 1604 28.57 23.74 100.69
CA ARG C 1604 27.89 23.78 99.42
C ARG C 1604 26.68 22.87 99.36
N VAL C 1605 26.50 21.98 100.33
CA VAL C 1605 25.35 21.08 100.42
C VAL C 1605 24.35 21.70 101.39
N ARG C 1606 23.15 22.02 100.89
CA ARG C 1606 22.11 22.67 101.67
C ARG C 1606 20.90 21.80 101.91
N GLY C 1607 20.53 20.97 100.95
CA GLY C 1607 19.42 20.04 101.13
C GLY C 1607 19.85 18.64 100.80
N TYR C 1608 19.25 17.68 101.49
CA TYR C 1608 19.51 16.27 101.16
C TYR C 1608 18.36 15.43 101.71
N THR C 1609 17.50 14.96 100.84
CA THR C 1609 16.43 14.03 101.19
C THR C 1609 16.75 12.67 100.59
N CYS C 1610 16.32 11.62 101.29
CA CYS C 1610 16.53 10.26 100.82
C CYS C 1610 15.38 9.40 101.29
N GLN C 1611 15.00 8.44 100.45
CA GLN C 1611 13.95 7.47 100.73
C GLN C 1611 14.60 6.09 100.76
N PHE C 1612 14.34 5.36 101.85
CA PHE C 1612 14.84 4.00 102.04
C PHE C 1612 13.79 3.05 101.47
N VAL C 1613 13.96 2.72 100.19
CA VAL C 1613 12.93 1.94 99.49
C VAL C 1613 13.05 0.46 99.84
N ASP C 1614 14.26 0.00 100.18
CA ASP C 1614 14.48 -1.39 100.52
C ASP C 1614 15.54 -1.50 101.61
N MET C 1615 15.51 -2.63 102.31
CA MET C 1615 16.47 -2.90 103.36
C MET C 1615 17.84 -3.18 102.76
N VAL C 1616 18.88 -2.93 103.56
CA VAL C 1616 20.26 -3.14 103.18
C VAL C 1616 20.92 -4.00 104.25
N LEU C 1617 21.67 -5.05 103.81
CA LEU C 1617 22.32 -5.95 104.74
C LEU C 1617 23.80 -5.59 104.89
N PRO C 1618 24.44 -5.99 105.99
CA PRO C 1618 25.89 -5.73 106.13
C PRO C 1618 26.70 -6.43 105.04
N ASN C 1619 27.82 -5.81 104.70
CA ASN C 1619 28.76 -6.36 103.72
C ASN C 1619 28.11 -6.51 102.35
N THR C 1620 27.51 -5.42 101.88
CA THR C 1620 26.89 -5.37 100.57
C THR C 1620 27.45 -4.19 99.81
N ALA C 1621 27.65 -4.39 98.50
CA ALA C 1621 28.17 -3.36 97.61
C ALA C 1621 27.00 -2.56 97.07
N LEU C 1622 26.98 -1.26 97.34
CA LEU C 1622 25.93 -0.36 96.91
C LEU C 1622 26.46 0.51 95.78
N LYS C 1623 25.77 0.49 94.65
CA LYS C 1623 26.14 1.26 93.48
C LYS C 1623 25.19 2.45 93.37
N THR C 1624 25.74 3.66 93.49
CA THR C 1624 24.97 4.90 93.50
C THR C 1624 25.28 5.70 92.26
N SER C 1625 24.26 5.96 91.44
CA SER C 1625 24.38 6.80 90.26
C SER C 1625 23.89 8.20 90.59
N ILE C 1626 24.76 9.19 90.39
CA ILE C 1626 24.48 10.58 90.73
C ILE C 1626 24.15 11.32 89.44
N GLN C 1627 23.06 12.08 89.43
CA GLN C 1627 22.63 12.82 88.26
C GLN C 1627 22.25 14.23 88.68
N HIS C 1628 22.72 15.24 87.94
CA HIS C 1628 22.26 16.61 88.13
C HIS C 1628 21.06 16.80 87.22
N VAL C 1629 19.87 16.93 87.81
CA VAL C 1629 18.62 16.86 87.08
C VAL C 1629 17.94 18.22 86.98
N GLY C 1630 18.24 19.14 87.88
CA GLY C 1630 17.56 20.42 87.88
C GLY C 1630 18.19 21.47 88.77
N MET C 1631 17.48 22.58 88.93
CA MET C 1631 17.92 23.70 89.75
C MET C 1631 16.76 24.16 90.61
N ILE C 1632 17.06 24.65 91.81
CA ILE C 1632 16.06 25.20 92.71
C ILE C 1632 16.68 26.40 93.41
N ASN C 1633 16.20 27.60 93.08
CA ASN C 1633 16.65 28.84 93.71
C ASN C 1633 18.16 28.96 93.65
N GLY C 1634 18.74 28.58 92.50
CA GLY C 1634 20.16 28.66 92.31
C GLY C 1634 20.96 27.51 92.89
N ARG C 1635 20.30 26.51 93.44
CA ARG C 1635 20.96 25.31 93.93
C ARG C 1635 20.72 24.17 92.95
N LYS C 1636 21.79 23.47 92.58
CA LYS C 1636 21.68 22.30 91.74
C LYS C 1636 20.88 21.23 92.45
N LEU C 1637 19.90 20.66 91.77
CA LEU C 1637 19.15 19.52 92.25
C LEU C 1637 19.79 18.27 91.67
N ILE C 1638 20.27 17.40 92.55
CA ILE C 1638 20.94 16.16 92.17
C ILE C 1638 20.15 14.97 92.70
N LYS C 1639 19.68 14.13 91.79
CA LYS C 1639 19.04 12.87 92.13
C LYS C 1639 20.11 11.80 92.29
N PHE C 1640 19.83 10.81 93.13
CA PHE C 1640 20.65 9.62 93.22
C PHE C 1640 19.75 8.40 93.33
N GLU C 1641 20.29 7.26 92.90
CA GLU C 1641 19.56 5.99 92.97
C GLU C 1641 20.58 4.91 93.33
N THR C 1642 20.62 4.57 94.62
CA THR C 1642 21.52 3.53 95.10
C THR C 1642 20.85 2.16 95.01
N ARG C 1643 21.51 1.27 94.28
CA ARG C 1643 21.07 -0.10 94.07
C ARG C 1643 22.03 -1.05 94.78
N ASN C 1644 21.55 -2.25 95.09
CA ASN C 1644 22.36 -3.26 95.74
C ASN C 1644 23.04 -4.13 94.68
N GLU C 1645 23.63 -5.25 95.11
CA GLU C 1645 24.28 -6.15 94.17
C GLU C 1645 23.27 -6.80 93.23
N ASP C 1646 22.03 -6.98 93.69
CA ASP C 1646 20.99 -7.62 92.90
C ASP C 1646 20.30 -6.65 91.94
N ASP C 1647 20.88 -5.46 91.74
CA ASP C 1647 20.30 -4.46 90.84
C ASP C 1647 18.93 -4.01 91.33
N VAL C 1648 18.74 -4.04 92.64
CA VAL C 1648 17.49 -3.64 93.28
C VAL C 1648 17.73 -2.29 93.95
N VAL C 1649 16.87 -1.32 93.64
CA VAL C 1649 17.03 0.01 94.23
C VAL C 1649 16.77 -0.09 95.73
N VAL C 1650 17.70 0.45 96.51
CA VAL C 1650 17.59 0.45 97.98
C VAL C 1650 17.62 1.85 98.56
N LEU C 1651 18.05 2.86 97.81
CA LEU C 1651 17.99 4.23 98.28
C LEU C 1651 17.70 5.13 97.10
N THR C 1652 16.93 6.18 97.32
CA THR C 1652 16.70 7.14 96.23
C THR C 1652 16.33 8.48 96.83
N GLY C 1653 16.98 9.54 96.35
CA GLY C 1653 16.75 10.83 96.97
C GLY C 1653 17.24 11.97 96.11
N GLU C 1654 17.22 13.15 96.71
CA GLU C 1654 17.61 14.40 96.08
C GLU C 1654 18.59 15.13 96.99
N ALA C 1655 19.35 16.02 96.40
CA ALA C 1655 20.33 16.83 97.12
C ALA C 1655 20.38 18.21 96.47
N GLU C 1656 20.18 19.24 97.28
CA GLU C 1656 20.25 20.63 96.86
C GLU C 1656 21.64 21.14 97.21
N ILE C 1657 22.49 21.27 96.20
CA ILE C 1657 23.89 21.66 96.34
C ILE C 1657 24.04 23.06 95.79
N GLU C 1658 24.56 23.99 96.59
CA GLU C 1658 24.80 25.32 96.07
C GLU C 1658 25.77 25.29 94.89
N GLN C 1659 25.61 26.24 93.99
CA GLN C 1659 26.56 26.42 92.92
C GLN C 1659 27.85 27.00 93.48
N PRO C 1660 28.93 26.97 92.70
CA PRO C 1660 30.13 27.72 93.10
C PRO C 1660 29.79 29.20 93.25
N VAL C 1661 30.69 29.92 93.94
CA VAL C 1661 30.46 31.34 94.20
C VAL C 1661 30.29 32.04 92.86
N THR C 1662 29.19 32.75 92.70
CA THR C 1662 28.80 33.36 91.43
C THR C 1662 28.77 34.88 91.55
N THR C 1663 29.22 35.52 90.50
CA THR C 1663 29.10 36.97 90.33
C THR C 1663 28.41 37.19 89.00
N PHE C 1664 27.54 38.19 88.96
CA PHE C 1664 26.88 38.60 87.73
C PHE C 1664 27.37 40.00 87.39
N VAL C 1665 28.14 40.10 86.31
CA VAL C 1665 28.71 41.36 85.85
C VAL C 1665 27.94 41.77 84.60
N PHE C 1666 27.34 42.95 84.64
CA PHE C 1666 26.42 43.40 83.61
C PHE C 1666 27.11 44.44 82.71
N THR C 1667 27.16 44.15 81.41
CA THR C 1667 27.92 44.96 80.48
C THR C 1667 27.30 46.33 80.26
N GLY C 1668 28.16 47.33 80.08
CA GLY C 1668 27.72 48.68 79.77
C GLY C 1668 27.56 48.90 78.28
N GLN C 1669 27.33 50.16 77.93
CA GLN C 1669 27.11 50.52 76.54
C GLN C 1669 28.34 50.24 75.69
N GLY C 1670 28.09 49.91 74.42
CA GLY C 1670 29.15 49.74 73.44
C GLY C 1670 28.93 48.56 72.52
N SER C 1671 28.32 47.51 73.02
CA SER C 1671 28.18 46.26 72.29
C SER C 1671 26.81 46.10 71.63
N GLN C 1672 25.98 47.13 71.66
CA GLN C 1672 24.64 47.03 71.10
C GLN C 1672 24.68 46.75 69.61
N GLU C 1673 23.83 45.84 69.15
CA GLU C 1673 23.79 45.44 67.76
C GLU C 1673 22.37 44.98 67.42
N GLN C 1674 22.02 45.08 66.14
CA GLN C 1674 20.69 44.67 65.71
C GLN C 1674 20.43 43.21 66.04
N GLY C 1675 19.21 42.92 66.48
CA GLY C 1675 18.85 41.58 66.89
C GLY C 1675 19.30 41.18 68.26
N MET C 1676 19.64 42.14 69.11
CA MET C 1676 20.16 41.84 70.44
C MET C 1676 19.07 41.22 71.32
N GLY C 1677 19.32 40.02 71.81
CA GLY C 1677 18.40 39.36 72.71
C GLY C 1677 17.16 38.79 72.05
N MET C 1678 17.10 38.80 70.72
CA MET C 1678 15.88 38.39 70.04
C MET C 1678 15.70 36.88 70.03
N ASP C 1679 16.78 36.10 70.01
CA ASP C 1679 16.62 34.65 70.13
C ASP C 1679 16.00 34.29 71.48
N LEU C 1680 16.47 34.93 72.55
CA LEU C 1680 15.86 34.73 73.85
C LEU C 1680 14.43 35.24 73.87
N TYR C 1681 14.15 36.31 73.12
CA TYR C 1681 12.77 36.77 73.01
C TYR C 1681 11.89 35.72 72.34
N LYS C 1682 12.41 35.05 71.32
CA LYS C 1682 11.65 33.97 70.69
C LYS C 1682 11.42 32.82 71.66
N THR C 1683 12.44 32.41 72.41
CA THR C 1683 12.36 31.17 73.17
C THR C 1683 11.79 31.37 74.58
N SER C 1684 12.46 32.19 75.39
CA SER C 1684 12.11 32.30 76.80
C SER C 1684 10.81 33.07 76.99
N LYS C 1685 9.98 32.59 77.91
CA LYS C 1685 8.74 33.29 78.23
C LYS C 1685 9.00 34.48 79.15
N ALA C 1686 9.94 34.35 80.08
CA ALA C 1686 10.29 35.47 80.95
C ALA C 1686 10.90 36.61 80.16
N ALA C 1687 11.78 36.29 79.20
CA ALA C 1687 12.33 37.31 78.32
C ALA C 1687 11.23 37.98 77.51
N GLN C 1688 10.27 37.19 77.03
CA GLN C 1688 9.13 37.77 76.33
C GLN C 1688 8.39 38.75 77.23
N ASP C 1689 8.15 38.37 78.48
CA ASP C 1689 7.41 39.26 79.37
C ASP C 1689 8.17 40.56 79.61
N VAL C 1690 9.48 40.47 79.82
CA VAL C 1690 10.28 41.68 80.05
C VAL C 1690 10.22 42.59 78.82
N TRP C 1691 10.50 42.03 77.65
CA TRP C 1691 10.53 42.84 76.43
C TRP C 1691 9.16 43.40 76.10
N ASN C 1692 8.11 42.63 76.35
CA ASN C 1692 6.76 43.11 76.05
C ASN C 1692 6.35 44.22 77.00
N ARG C 1693 6.68 44.12 78.28
CA ARG C 1693 6.38 45.21 79.20
C ARG C 1693 7.11 46.48 78.78
N ALA C 1694 8.38 46.33 78.42
CA ALA C 1694 9.15 47.49 77.97
C ALA C 1694 8.55 48.10 76.71
N ASP C 1695 8.23 47.26 75.73
CA ASP C 1695 7.67 47.75 74.48
C ASP C 1695 6.33 48.42 74.70
N ASN C 1696 5.46 47.81 75.51
CA ASN C 1696 4.16 48.40 75.77
C ASN C 1696 4.30 49.75 76.44
N HIS C 1697 5.20 49.85 77.44
CA HIS C 1697 5.39 51.13 78.10
C HIS C 1697 5.90 52.18 77.12
N PHE C 1698 6.85 51.81 76.26
CA PHE C 1698 7.38 52.79 75.33
C PHE C 1698 6.33 53.22 74.31
N LYS C 1699 5.51 52.28 73.83
CA LYS C 1699 4.45 52.63 72.91
C LYS C 1699 3.48 53.62 73.56
N ASP C 1700 3.04 53.33 74.78
CA ASP C 1700 2.06 54.21 75.41
C ASP C 1700 2.66 55.58 75.73
N THR C 1701 3.91 55.62 76.19
CA THR C 1701 4.48 56.90 76.62
C THR C 1701 5.01 57.70 75.42
N TYR C 1702 5.99 57.15 74.71
CA TYR C 1702 6.67 57.88 73.65
C TYR C 1702 6.31 57.42 72.25
N GLY C 1703 5.39 56.46 72.11
CA GLY C 1703 4.93 56.06 70.80
C GLY C 1703 5.99 55.47 69.91
N PHE C 1704 6.87 54.63 70.45
CA PHE C 1704 7.83 53.87 69.67
C PHE C 1704 8.03 52.50 70.29
N SER C 1705 8.54 51.59 69.49
CA SER C 1705 8.72 50.19 69.88
C SER C 1705 10.21 49.90 70.03
N ILE C 1706 10.64 49.64 71.26
CA ILE C 1706 12.03 49.28 71.49
C ILE C 1706 12.34 47.93 70.84
N LEU C 1707 11.36 47.02 70.84
CA LEU C 1707 11.54 45.76 70.12
C LEU C 1707 11.77 46.00 68.64
N ASP C 1708 10.97 46.89 68.04
CA ASP C 1708 11.14 47.17 66.62
C ASP C 1708 12.50 47.82 66.36
N ILE C 1709 12.93 48.71 67.24
CA ILE C 1709 14.23 49.35 67.05
C ILE C 1709 15.36 48.33 67.16
N VAL C 1710 15.26 47.42 68.11
CA VAL C 1710 16.29 46.38 68.25
C VAL C 1710 16.28 45.47 67.02
N ILE C 1711 15.10 45.10 66.54
CA ILE C 1711 15.01 44.15 65.44
C ILE C 1711 15.47 44.75 64.12
N ASN C 1712 15.09 45.99 63.81
CA ASN C 1712 15.30 46.56 62.49
C ASN C 1712 16.39 47.62 62.43
N ASN C 1713 16.77 48.22 63.55
CA ASN C 1713 17.77 49.28 63.57
C ASN C 1713 17.44 50.39 62.56
N PRO C 1714 16.28 51.02 62.68
CA PRO C 1714 15.92 52.06 61.71
C PRO C 1714 16.87 53.25 61.78
N VAL C 1715 17.20 53.80 60.61
CA VAL C 1715 18.02 55.00 60.58
C VAL C 1715 17.23 56.20 61.09
N ASN C 1716 15.96 56.30 60.67
CA ASN C 1716 15.07 57.36 61.10
C ASN C 1716 13.84 56.75 61.74
N LEU C 1717 13.29 57.46 62.73
CA LEU C 1717 12.08 57.02 63.41
C LEU C 1717 11.19 58.22 63.64
N THR C 1718 10.04 58.25 62.96
CA THR C 1718 9.11 59.36 63.06
C THR C 1718 7.97 59.01 64.00
N ILE C 1719 7.87 59.76 65.09
CA ILE C 1719 6.76 59.68 66.02
C ILE C 1719 5.72 60.70 65.58
N HIS C 1720 4.49 60.25 65.41
CA HIS C 1720 3.41 61.10 64.95
C HIS C 1720 2.48 61.41 66.10
N PHE C 1721 2.03 62.67 66.16
CA PHE C 1721 1.26 63.20 67.28
C PHE C 1721 -0.19 63.47 66.87
N GLY C 1722 -0.76 62.58 66.06
CA GLY C 1722 -2.14 62.71 65.66
C GLY C 1722 -3.09 61.95 66.57
N GLY C 1723 -4.26 62.54 66.80
CA GLY C 1723 -5.24 61.95 67.69
C GLY C 1723 -4.91 62.22 69.15
N GLU C 1724 -5.80 61.75 70.02
CA GLU C 1724 -5.59 61.94 71.46
C GLU C 1724 -4.34 61.22 71.93
N LYS C 1725 -4.11 60.00 71.44
CA LYS C 1725 -2.91 59.26 71.80
C LYS C 1725 -1.66 60.01 71.35
N GLY C 1726 -1.69 60.56 70.14
CA GLY C 1726 -0.55 61.31 69.66
C GLY C 1726 -0.31 62.57 70.47
N LYS C 1727 -1.38 63.23 70.90
CA LYS C 1727 -1.23 64.40 71.76
C LYS C 1727 -0.64 64.04 73.11
N ARG C 1728 -1.08 62.92 73.68
CA ARG C 1728 -0.51 62.47 74.96
C ARG C 1728 0.97 62.15 74.80
N ILE C 1729 1.34 61.48 73.71
CA ILE C 1729 2.75 61.20 73.45
C ILE C 1729 3.53 62.50 73.28
N ARG C 1730 2.94 63.47 72.59
CA ARG C 1730 3.61 64.75 72.41
C ARG C 1730 3.82 65.46 73.74
N GLU C 1731 2.85 65.38 74.64
CA GLU C 1731 3.02 65.97 75.96
C GLU C 1731 4.12 65.27 76.73
N ASN C 1732 4.19 63.95 76.62
CA ASN C 1732 5.30 63.22 77.25
C ASN C 1732 6.65 63.67 76.69
N TYR C 1733 6.72 63.89 75.37
CA TYR C 1733 7.96 64.37 74.77
C TYR C 1733 8.31 65.78 75.23
N SER C 1734 7.29 66.64 75.36
CA SER C 1734 7.54 68.02 75.76
C SER C 1734 7.95 68.11 77.22
N ALA C 1735 7.43 67.21 78.07
CA ALA C 1735 7.78 67.23 79.48
C ALA C 1735 9.24 66.83 79.73
N MET C 1736 9.88 66.17 78.76
CA MET C 1736 11.27 65.79 78.91
C MET C 1736 12.15 67.03 79.03
N ILE C 1737 12.88 67.15 80.14
CA ILE C 1737 13.73 68.28 80.41
C ILE C 1737 15.08 67.80 80.92
N PHE C 1738 16.10 68.62 80.69
CA PHE C 1738 17.46 68.41 81.17
C PHE C 1738 17.73 69.50 82.20
N GLU C 1739 17.70 69.13 83.47
CA GLU C 1739 17.90 70.06 84.57
C GLU C 1739 19.34 69.95 85.06
N THR C 1740 19.91 71.09 85.47
CA THR C 1740 21.31 71.15 85.86
C THR C 1740 21.52 72.34 86.78
N ILE C 1741 21.97 72.08 88.01
CA ILE C 1741 22.36 73.17 88.92
C ILE C 1741 23.81 73.49 88.59
N VAL C 1742 23.99 74.54 87.80
CA VAL C 1742 25.32 75.07 87.46
C VAL C 1742 25.50 76.39 88.19
N ASP C 1743 26.63 76.51 88.91
CA ASP C 1743 26.96 77.73 89.66
C ASP C 1743 25.83 78.09 90.63
N GLY C 1744 25.16 77.08 91.19
CA GLY C 1744 24.09 77.30 92.13
C GLY C 1744 22.76 77.68 91.52
N LYS C 1745 22.66 77.71 90.20
CA LYS C 1745 21.44 78.08 89.48
C LYS C 1745 20.91 76.87 88.73
N LEU C 1746 19.62 76.58 88.91
CA LEU C 1746 18.98 75.42 88.30
C LEU C 1746 18.51 75.79 86.90
N LYS C 1747 19.40 75.60 85.93
CA LYS C 1747 19.01 75.71 84.53
C LYS C 1747 18.12 74.52 84.15
N THR C 1748 17.12 74.79 83.31
CA THR C 1748 16.20 73.76 82.82
C THR C 1748 16.17 73.86 81.30
N GLU C 1749 17.11 73.19 80.65
CA GLU C 1749 17.05 73.07 79.20
C GLU C 1749 15.95 72.08 78.83
N LYS C 1750 15.42 72.21 77.63
CA LYS C 1750 14.36 71.34 77.14
C LYS C 1750 14.93 70.42 76.06
N ILE C 1751 14.76 69.12 76.27
CA ILE C 1751 15.02 68.15 75.21
C ILE C 1751 13.86 68.22 74.23
N PHE C 1752 14.17 68.08 72.94
CA PHE C 1752 13.18 68.28 71.89
C PHE C 1752 12.60 69.69 71.96
N LYS C 1753 13.47 70.68 71.75
CA LYS C 1753 12.99 72.05 71.66
C LYS C 1753 12.11 72.27 70.44
N GLU C 1754 12.21 71.40 69.43
CA GLU C 1754 11.32 71.51 68.28
C GLU C 1754 9.87 71.28 68.67
N ILE C 1755 9.62 70.30 69.55
CA ILE C 1755 8.26 69.88 69.82
C ILE C 1755 7.52 70.96 70.58
N ASN C 1756 6.34 71.31 70.08
CA ASN C 1756 5.47 72.28 70.71
C ASN C 1756 4.04 71.76 70.59
N GLU C 1757 3.07 72.63 70.88
CA GLU C 1757 1.66 72.24 70.78
C GLU C 1757 1.20 72.09 69.33
N HIS C 1758 1.94 72.62 68.37
CA HIS C 1758 1.60 72.51 66.95
C HIS C 1758 2.45 71.50 66.20
N SER C 1759 3.39 70.84 66.87
CA SER C 1759 4.20 69.83 66.21
C SER C 1759 3.36 68.60 65.93
N THR C 1760 3.26 68.23 64.65
CA THR C 1760 2.54 67.03 64.26
C THR C 1760 3.41 65.80 64.27
N SER C 1761 4.73 65.95 64.27
CA SER C 1761 5.62 64.80 64.30
C SER C 1761 6.99 65.22 64.79
N TYR C 1762 7.73 64.25 65.30
CA TYR C 1762 9.13 64.37 65.62
C TYR C 1762 9.87 63.23 64.92
N THR C 1763 11.15 63.44 64.62
CA THR C 1763 11.95 62.42 63.94
C THR C 1763 13.27 62.25 64.67
N PHE C 1764 13.50 61.04 65.18
CA PHE C 1764 14.83 60.62 65.62
C PHE C 1764 15.65 60.30 64.39
N ARG C 1765 16.82 60.93 64.29
CA ARG C 1765 17.74 60.74 63.18
C ARG C 1765 18.92 59.91 63.66
N SER C 1766 19.52 59.15 62.73
CA SER C 1766 20.81 58.53 62.99
C SER C 1766 21.59 58.47 61.69
N GLU C 1767 22.91 58.38 61.81
CA GLU C 1767 23.74 58.24 60.62
C GLU C 1767 23.57 56.86 59.98
N LYS C 1768 23.64 55.80 60.79
CA LYS C 1768 23.58 54.43 60.27
C LYS C 1768 22.44 53.64 60.90
N GLY C 1769 22.13 53.92 62.16
CA GLY C 1769 21.07 53.21 62.85
C GLY C 1769 20.76 53.80 64.20
N LEU C 1770 19.49 53.81 64.58
CA LEU C 1770 19.08 54.40 65.85
C LEU C 1770 19.37 53.51 67.04
N LEU C 1771 19.58 52.20 66.83
CA LEU C 1771 19.96 51.33 67.92
C LEU C 1771 21.30 51.71 68.54
N SER C 1772 22.14 52.42 67.79
CA SER C 1772 23.41 52.92 68.30
C SER C 1772 23.28 54.28 68.99
N ALA C 1773 22.06 54.83 69.06
CA ALA C 1773 21.82 56.09 69.73
C ALA C 1773 21.63 55.85 71.21
N THR C 1774 22.28 56.67 72.04
CA THR C 1774 22.27 56.44 73.48
C THR C 1774 20.85 56.46 74.04
N GLN C 1775 19.95 57.16 73.34
CA GLN C 1775 18.54 57.17 73.74
C GLN C 1775 17.93 55.77 73.64
N PHE C 1776 18.27 55.03 72.58
CA PHE C 1776 17.74 53.69 72.36
C PHE C 1776 18.73 52.58 72.66
N THR C 1777 20.03 52.86 72.54
CA THR C 1777 21.04 51.85 72.84
C THR C 1777 20.96 51.43 74.30
N GLN C 1778 20.87 52.40 75.20
CA GLN C 1778 20.83 52.07 76.62
C GLN C 1778 19.60 51.26 77.01
N PRO C 1779 18.37 51.67 76.67
CA PRO C 1779 17.23 50.81 77.02
C PRO C 1779 17.28 49.43 76.38
N ALA C 1780 17.77 49.33 75.14
CA ALA C 1780 17.87 48.03 74.48
C ALA C 1780 18.84 47.12 75.22
N LEU C 1781 20.00 47.66 75.58
CA LEU C 1781 21.00 46.85 76.27
C LEU C 1781 20.50 46.46 77.67
N THR C 1782 19.94 47.42 78.39
CA THR C 1782 19.41 47.13 79.72
C THR C 1782 18.31 46.09 79.66
N LEU C 1783 17.46 46.15 78.62
CA LEU C 1783 16.35 45.21 78.52
C LEU C 1783 16.84 43.83 78.13
N MET C 1784 17.80 43.75 77.21
CA MET C 1784 18.38 42.45 76.90
C MET C 1784 19.02 41.82 78.12
N GLU C 1785 19.73 42.62 78.93
CA GLU C 1785 20.35 42.06 80.13
C GLU C 1785 19.30 41.61 81.14
N LYS C 1786 18.29 42.45 81.37
CA LYS C 1786 17.24 42.10 82.30
C LYS C 1786 16.48 40.86 81.83
N ALA C 1787 16.28 40.73 80.52
CA ALA C 1787 15.58 39.57 79.99
C ALA C 1787 16.42 38.30 80.13
N ALA C 1788 17.72 38.39 79.84
CA ALA C 1788 18.60 37.26 80.04
C ALA C 1788 18.59 36.81 81.49
N PHE C 1789 18.68 37.77 82.42
CA PHE C 1789 18.69 37.40 83.83
C PHE C 1789 17.35 36.85 84.26
N GLU C 1790 16.25 37.37 83.71
CA GLU C 1790 14.94 36.85 84.07
C GLU C 1790 14.76 35.42 83.56
N ASP C 1791 15.28 35.12 82.37
CA ASP C 1791 15.26 33.74 81.90
C ASP C 1791 16.09 32.84 82.80
N LEU C 1792 17.25 33.33 83.24
CA LEU C 1792 18.05 32.56 84.19
C LEU C 1792 17.29 32.31 85.48
N LYS C 1793 16.58 33.33 85.97
CA LYS C 1793 15.80 33.18 87.20
C LYS C 1793 14.68 32.17 87.01
N SER C 1794 14.02 32.20 85.84
CA SER C 1794 12.97 31.23 85.59
C SER C 1794 13.53 29.81 85.52
N LYS C 1795 14.75 29.66 85.00
CA LYS C 1795 15.43 28.37 85.00
C LYS C 1795 16.05 28.03 86.34
N GLY C 1796 16.04 28.94 87.31
CA GLY C 1796 16.52 28.66 88.64
C GLY C 1796 18.03 28.65 88.78
N LEU C 1797 18.72 29.46 87.98
CA LEU C 1797 20.18 29.45 87.89
C LEU C 1797 20.82 30.60 88.65
N ILE C 1798 20.07 31.28 89.51
CA ILE C 1798 20.58 32.45 90.24
C ILE C 1798 20.81 32.06 91.70
N PRO C 1799 22.05 31.93 92.16
CA PRO C 1799 22.26 31.67 93.59
C PRO C 1799 21.75 32.81 94.44
N ALA C 1800 21.22 32.47 95.61
CA ALA C 1800 20.70 33.49 96.51
C ALA C 1800 21.80 34.42 97.00
N ASP C 1801 23.00 33.88 97.22
CA ASP C 1801 24.13 34.65 97.72
C ASP C 1801 25.02 35.18 96.61
N ALA C 1802 24.59 35.09 95.35
CA ALA C 1802 25.43 35.55 94.24
C ALA C 1802 25.64 37.06 94.32
N THR C 1803 26.87 37.49 94.05
CA THR C 1803 27.17 38.91 94.03
C THR C 1803 26.91 39.47 92.64
N PHE C 1804 26.95 40.80 92.51
CA PHE C 1804 26.69 41.39 91.21
C PHE C 1804 27.26 42.79 91.13
N ALA C 1805 27.70 43.15 89.93
CA ALA C 1805 28.21 44.47 89.62
C ALA C 1805 27.81 44.80 88.19
N GLY C 1806 27.94 46.07 87.83
CA GLY C 1806 27.57 46.50 86.50
C GLY C 1806 28.41 47.63 85.98
N HIS C 1807 28.90 47.51 84.75
CA HIS C 1807 29.64 48.62 84.16
C HIS C 1807 28.65 49.65 83.63
N SER C 1808 28.77 50.90 84.04
CA SER C 1808 27.86 51.96 83.59
C SER C 1808 26.39 51.57 83.78
N LEU C 1809 25.54 51.85 82.80
CA LEU C 1809 24.13 51.47 82.89
C LEU C 1809 24.05 50.03 83.34
N GLY C 1810 25.06 49.24 83.02
CA GLY C 1810 25.12 47.88 83.51
C GLY C 1810 24.76 47.80 84.99
N GLU C 1811 25.15 48.83 85.76
CA GLU C 1811 24.74 48.88 87.15
C GLU C 1811 23.23 48.95 87.29
N TYR C 1812 22.58 49.76 86.45
CA TYR C 1812 21.12 49.85 86.52
C TYR C 1812 20.48 48.52 86.17
N ALA C 1813 21.00 47.85 85.14
CA ALA C 1813 20.47 46.54 84.77
C ALA C 1813 20.66 45.54 85.89
N ALA C 1814 21.84 45.56 86.53
CA ALA C 1814 22.11 44.64 87.61
C ALA C 1814 21.20 44.88 88.81
N LEU C 1815 20.95 46.16 89.12
CA LEU C 1815 20.03 46.46 90.21
C LEU C 1815 18.62 46.00 89.90
N ALA C 1816 18.14 46.27 88.68
CA ALA C 1816 16.80 45.82 88.30
C ALA C 1816 16.70 44.30 88.22
N SER C 1817 17.84 43.61 88.02
CA SER C 1817 17.84 42.16 87.86
C SER C 1817 17.94 41.42 89.18
N LEU C 1818 18.97 41.72 89.97
CA LEU C 1818 19.21 40.97 91.20
C LEU C 1818 18.38 41.47 92.36
N ALA C 1819 18.20 42.79 92.47
CA ALA C 1819 17.50 43.38 93.60
C ALA C 1819 16.07 43.77 93.27
N ASP C 1820 15.73 43.97 92.00
CA ASP C 1820 14.40 44.42 91.59
C ASP C 1820 14.02 45.71 92.29
N VAL C 1821 14.97 46.64 92.38
CA VAL C 1821 14.71 47.91 93.05
C VAL C 1821 13.67 48.72 92.29
N MET C 1822 13.66 48.58 90.96
CA MET C 1822 12.71 49.28 90.11
C MET C 1822 12.20 48.33 89.04
N SER C 1823 10.95 48.51 88.65
CA SER C 1823 10.30 47.61 87.72
C SER C 1823 10.87 47.79 86.31
N ILE C 1824 10.34 47.01 85.37
CA ILE C 1824 10.76 47.16 83.97
C ILE C 1824 10.41 48.54 83.47
N GLU C 1825 9.21 49.02 83.80
CA GLU C 1825 8.76 50.33 83.33
C GLU C 1825 9.68 51.44 83.83
N SER C 1826 9.95 51.46 85.13
CA SER C 1826 10.83 52.47 85.70
C SER C 1826 12.25 52.33 85.17
N LEU C 1827 12.72 51.10 84.98
CA LEU C 1827 14.05 50.88 84.43
C LEU C 1827 14.18 51.53 83.06
N VAL C 1828 13.25 51.21 82.16
CA VAL C 1828 13.34 51.74 80.80
C VAL C 1828 13.12 53.24 80.81
N GLU C 1829 12.24 53.73 81.68
CA GLU C 1829 12.02 55.17 81.76
C GLU C 1829 13.29 55.90 82.18
N VAL C 1830 13.94 55.44 83.25
CA VAL C 1830 15.15 56.10 83.72
C VAL C 1830 16.24 56.02 82.67
N VAL C 1831 16.40 54.87 82.04
CA VAL C 1831 17.49 54.67 81.10
C VAL C 1831 17.26 55.50 79.84
N PHE C 1832 16.01 55.56 79.37
CA PHE C 1832 15.67 56.39 78.23
C PHE C 1832 15.85 57.87 78.55
N TYR C 1833 15.48 58.29 79.76
CA TYR C 1833 15.70 59.67 80.17
C TYR C 1833 17.18 60.01 80.15
N ALA C 1834 18.02 59.14 80.70
CA ALA C 1834 19.45 59.39 80.69
C ALA C 1834 19.98 59.47 79.26
N GLY C 1835 19.56 58.54 78.40
CA GLY C 1835 20.04 58.55 77.04
C GLY C 1835 19.63 59.80 76.29
N MET C 1836 18.44 60.31 76.57
CA MET C 1836 17.98 61.53 75.89
C MET C 1836 18.65 62.77 76.46
N THR C 1837 18.91 62.79 77.77
CA THR C 1837 19.63 63.91 78.36
C THR C 1837 21.06 63.98 77.84
N MET C 1838 21.64 62.83 77.48
CA MET C 1838 22.95 62.85 76.82
C MET C 1838 22.93 63.68 75.54
N GLN C 1839 21.79 63.73 74.85
CA GLN C 1839 21.74 64.48 73.60
C GLN C 1839 21.89 65.97 73.82
N VAL C 1840 21.55 66.46 75.01
CA VAL C 1840 21.66 67.88 75.35
C VAL C 1840 22.68 68.15 76.44
N ALA C 1841 23.40 67.13 76.90
CA ALA C 1841 24.37 67.34 77.98
C ALA C 1841 25.57 68.14 77.52
N VAL C 1842 25.91 68.08 76.24
CA VAL C 1842 27.07 68.79 75.71
C VAL C 1842 26.60 69.72 74.60
N PRO C 1843 27.07 70.98 74.51
CA PRO C 1843 26.74 71.80 73.34
C PRO C 1843 27.15 71.14 72.03
N ARG C 1844 26.16 70.82 71.20
CA ARG C 1844 26.42 70.25 69.88
C ARG C 1844 26.30 71.32 68.81
N ASP C 1845 27.10 71.18 67.76
CA ASP C 1845 27.07 72.13 66.65
C ASP C 1845 25.81 71.91 65.84
N GLU C 1846 25.66 72.66 64.74
CA GLU C 1846 24.48 72.51 63.90
C GLU C 1846 24.44 71.14 63.22
N LEU C 1847 25.56 70.41 63.18
CA LEU C 1847 25.61 69.08 62.63
C LEU C 1847 25.38 68.00 63.68
N GLY C 1848 25.10 68.37 64.92
CA GLY C 1848 24.85 67.40 65.97
C GLY C 1848 26.07 66.76 66.58
N ARG C 1849 27.26 67.27 66.30
CA ARG C 1849 28.51 66.74 66.82
C ARG C 1849 29.06 67.68 67.89
N SER C 1850 29.50 67.11 69.00
CA SER C 1850 30.09 67.86 70.10
C SER C 1850 31.60 67.75 70.08
N ASN C 1851 32.25 68.60 70.87
CA ASN C 1851 33.69 68.63 71.01
C ASN C 1851 34.19 67.75 72.14
N TYR C 1852 33.46 66.69 72.46
CA TYR C 1852 33.76 65.82 73.59
C TYR C 1852 33.75 64.37 73.14
N GLY C 1853 34.49 63.53 73.84
CA GLY C 1853 34.57 62.13 73.48
C GLY C 1853 35.38 61.34 74.48
N MET C 1854 35.70 60.11 74.08
CA MET C 1854 36.40 59.15 74.91
C MET C 1854 37.39 58.35 74.06
N ILE C 1855 38.53 58.02 74.67
CA ILE C 1855 39.52 57.14 74.07
C ILE C 1855 39.80 55.99 75.03
N ALA C 1856 40.14 54.83 74.46
CA ALA C 1856 40.57 53.67 75.21
C ALA C 1856 42.09 53.60 75.17
N ILE C 1857 42.72 53.89 76.30
CA ILE C 1857 44.18 53.86 76.42
C ILE C 1857 44.60 52.46 76.86
N ASN C 1858 45.79 52.05 76.41
CA ASN C 1858 46.41 50.80 76.82
C ASN C 1858 47.81 51.12 77.34
N PRO C 1859 48.00 51.24 78.66
CA PRO C 1859 49.36 51.55 79.16
C PRO C 1859 50.39 50.49 78.82
N GLY C 1860 49.98 49.27 78.49
CA GLY C 1860 50.93 48.23 78.13
C GLY C 1860 51.51 48.38 76.75
N ARG C 1861 50.81 49.07 75.84
CA ARG C 1861 51.27 49.22 74.46
C ARG C 1861 52.10 50.47 74.23
N VAL C 1862 52.25 51.33 75.24
CA VAL C 1862 53.16 52.48 75.12
C VAL C 1862 54.55 52.13 75.62
N ALA C 1863 54.63 51.46 76.78
CA ALA C 1863 55.91 51.06 77.36
C ALA C 1863 55.67 50.19 78.57
N ALA C 1864 56.59 49.27 78.85
CA ALA C 1864 56.48 48.45 80.04
C ALA C 1864 56.54 49.29 81.31
N SER C 1865 57.25 50.42 81.25
CA SER C 1865 57.37 51.30 82.41
C SER C 1865 56.03 51.93 82.77
N PHE C 1866 55.22 52.25 81.75
CA PHE C 1866 53.99 53.01 81.97
C PHE C 1866 53.00 52.23 82.82
N SER C 1867 52.70 52.77 84.00
CA SER C 1867 51.78 52.15 84.94
C SER C 1867 50.50 52.98 85.02
N GLN C 1868 49.57 52.53 85.87
CA GLN C 1868 48.38 53.33 86.14
C GLN C 1868 48.75 54.68 86.73
N GLU C 1869 49.70 54.69 87.67
CA GLU C 1869 50.13 55.96 88.25
C GLU C 1869 50.74 56.87 87.19
N ALA C 1870 51.56 56.30 86.30
CA ALA C 1870 52.17 57.11 85.26
C ALA C 1870 51.12 57.70 84.32
N LEU C 1871 50.15 56.88 83.90
CA LEU C 1871 49.13 57.37 83.00
C LEU C 1871 48.25 58.43 83.68
N GLN C 1872 47.89 58.20 84.94
CA GLN C 1872 47.10 59.20 85.66
C GLN C 1872 47.87 60.51 85.80
N TYR C 1873 49.16 60.42 86.12
CA TYR C 1873 49.98 61.62 86.23
C TYR C 1873 50.04 62.36 84.91
N VAL C 1874 50.26 61.64 83.81
CA VAL C 1874 50.33 62.29 82.50
C VAL C 1874 49.00 62.93 82.15
N VAL C 1875 47.88 62.24 82.40
CA VAL C 1875 46.57 62.78 82.06
C VAL C 1875 46.29 64.04 82.87
N GLU C 1876 46.56 63.99 84.18
CA GLU C 1876 46.31 65.15 85.02
C GLU C 1876 47.17 66.33 84.60
N ARG C 1877 48.44 66.09 84.27
CA ARG C 1877 49.30 67.17 83.83
C ARG C 1877 48.84 67.72 82.49
N VAL C 1878 48.42 66.85 81.58
CA VAL C 1878 47.87 67.32 80.30
C VAL C 1878 46.71 68.25 80.55
N GLY C 1879 45.75 67.80 81.35
CA GLY C 1879 44.56 68.61 81.60
C GLY C 1879 44.87 69.92 82.26
N LYS C 1880 45.70 69.90 83.32
CA LYS C 1880 46.00 71.12 84.05
C LYS C 1880 46.80 72.09 83.19
N ARG C 1881 47.89 71.62 82.58
CA ARG C 1881 48.76 72.50 81.82
C ARG C 1881 48.03 73.11 80.62
N THR C 1882 47.25 72.30 79.89
CA THR C 1882 46.62 72.81 78.68
C THR C 1882 45.32 73.54 78.96
N GLY C 1883 44.70 73.29 80.12
CA GLY C 1883 43.51 74.00 80.52
C GLY C 1883 42.20 73.34 80.18
N TRP C 1884 42.20 72.37 79.27
CA TRP C 1884 40.95 71.72 78.89
C TRP C 1884 40.66 70.57 79.86
N LEU C 1885 39.58 69.83 79.58
CA LEU C 1885 39.08 68.80 80.47
C LEU C 1885 39.47 67.43 79.92
N VAL C 1886 40.06 66.60 80.78
CA VAL C 1886 40.36 65.22 80.43
C VAL C 1886 40.62 64.47 81.73
N GLU C 1887 40.10 63.25 81.82
CA GLU C 1887 40.37 62.43 83.00
C GLU C 1887 40.01 60.98 82.71
N ILE C 1888 40.61 60.08 83.50
CA ILE C 1888 40.29 58.67 83.40
C ILE C 1888 38.90 58.42 83.97
N VAL C 1889 38.06 57.76 83.18
CA VAL C 1889 36.66 57.53 83.54
C VAL C 1889 36.41 56.07 83.88
N ASN C 1890 37.08 55.14 83.19
CA ASN C 1890 36.94 53.72 83.45
C ASN C 1890 38.32 53.13 83.71
N TYR C 1891 38.54 52.66 84.92
CA TYR C 1891 39.70 51.82 85.23
C TYR C 1891 39.27 50.38 84.99
N ASN C 1892 39.66 49.85 83.82
CA ASN C 1892 39.14 48.55 83.38
C ASN C 1892 40.09 47.40 83.75
N VAL C 1893 41.31 47.42 83.24
CA VAL C 1893 42.30 46.37 83.46
C VAL C 1893 43.60 47.02 83.89
N GLU C 1894 44.31 46.37 84.82
CA GLU C 1894 45.56 46.91 85.35
C GLU C 1894 46.61 47.04 84.27
N ASN C 1895 46.97 48.28 83.94
CA ASN C 1895 48.04 48.58 82.99
C ASN C 1895 47.80 47.96 81.62
N GLN C 1896 46.56 47.60 81.30
CA GLN C 1896 46.23 46.98 80.02
C GLN C 1896 44.97 47.53 79.38
N GLN C 1897 44.11 48.25 80.09
CA GLN C 1897 42.92 48.81 79.48
C GLN C 1897 42.35 49.88 80.39
N TYR C 1898 42.26 51.10 79.88
CA TYR C 1898 41.67 52.23 80.58
C TYR C 1898 40.87 53.04 79.58
N VAL C 1899 40.01 53.91 80.07
CA VAL C 1899 39.26 54.84 79.22
C VAL C 1899 39.43 56.24 79.79
N ALA C 1900 39.76 57.20 78.93
CA ALA C 1900 39.80 58.61 79.28
C ALA C 1900 38.71 59.34 78.53
N ALA C 1901 38.09 60.32 79.20
CA ALA C 1901 37.02 61.12 78.62
C ALA C 1901 37.34 62.59 78.79
N GLY C 1902 36.89 63.39 77.83
CA GLY C 1902 37.07 64.83 77.91
C GLY C 1902 36.85 65.46 76.55
N ASP C 1903 37.51 66.61 76.35
CA ASP C 1903 37.44 67.27 75.05
C ASP C 1903 38.01 66.36 73.98
N LEU C 1904 37.36 66.34 72.82
CA LEU C 1904 37.90 65.57 71.70
C LEU C 1904 39.31 66.07 71.36
N ARG C 1905 39.48 67.39 71.35
CA ARG C 1905 40.79 67.98 71.10
C ARG C 1905 41.80 67.56 72.16
N ALA C 1906 41.43 67.62 73.44
CA ALA C 1906 42.37 67.28 74.50
C ALA C 1906 42.74 65.80 74.47
N LEU C 1907 41.76 64.95 74.17
CA LEU C 1907 42.04 63.53 73.98
C LEU C 1907 42.99 63.31 72.82
N ASP C 1908 42.89 64.15 71.79
CA ASP C 1908 43.87 64.10 70.70
C ASP C 1908 45.27 64.40 71.22
N THR C 1909 45.39 65.40 72.10
CA THR C 1909 46.71 65.73 72.65
C THR C 1909 47.23 64.60 73.51
N VAL C 1910 46.35 63.97 74.29
CA VAL C 1910 46.78 62.84 75.12
C VAL C 1910 47.29 61.71 74.23
N THR C 1911 46.57 61.41 73.15
CA THR C 1911 47.03 60.37 72.24
C THR C 1911 48.39 60.74 71.63
N ASN C 1912 48.56 62.00 71.23
CA ASN C 1912 49.82 62.43 70.65
C ASN C 1912 50.96 62.33 71.65
N VAL C 1913 50.71 62.73 72.90
CA VAL C 1913 51.75 62.70 73.92
C VAL C 1913 52.15 61.26 74.22
N LEU C 1914 51.18 60.36 74.34
CA LEU C 1914 51.52 58.96 74.60
C LEU C 1914 52.22 58.34 73.41
N ASN C 1915 51.86 58.76 72.19
CA ASN C 1915 52.61 58.34 71.01
C ASN C 1915 54.05 58.82 71.09
N PHE C 1916 54.25 60.08 71.50
CA PHE C 1916 55.59 60.60 71.66
C PHE C 1916 56.38 59.79 72.66
N ILE C 1917 55.76 59.44 73.79
CA ILE C 1917 56.45 58.63 74.78
C ILE C 1917 56.76 57.24 74.23
N LYS C 1918 55.88 56.68 73.39
CA LYS C 1918 56.18 55.39 72.79
C LYS C 1918 57.40 55.47 71.88
N LEU C 1919 57.47 56.50 71.03
CA LEU C 1919 58.64 56.68 70.17
C LEU C 1919 59.88 57.12 70.94
N GLN C 1920 59.74 57.57 72.19
CA GLN C 1920 60.87 57.99 73.00
C GLN C 1920 60.95 57.15 74.28
N LYS C 1921 61.81 57.52 75.21
CA LYS C 1921 61.92 56.84 76.50
C LYS C 1921 61.25 57.67 77.59
N GLU C 1934 59.62 67.82 89.47
CA GLU C 1934 59.63 69.21 89.06
C GLU C 1934 60.21 69.35 87.66
N GLU C 1935 61.45 68.90 87.47
CA GLU C 1935 62.06 68.93 86.15
C GLU C 1935 61.37 67.95 85.21
N VAL C 1936 61.03 66.76 85.71
CA VAL C 1936 60.25 65.82 84.92
C VAL C 1936 58.89 66.43 84.58
N GLU C 1937 58.31 67.15 85.53
CA GLU C 1937 57.04 67.83 85.26
C GLU C 1937 57.19 68.86 84.16
N GLY C 1938 58.30 69.61 84.16
CA GLY C 1938 58.53 70.58 83.11
C GLY C 1938 58.74 69.95 81.76
N HIS C 1939 59.49 68.84 81.71
CA HIS C 1939 59.67 68.13 80.45
C HIS C 1939 58.34 67.62 79.91
N LEU C 1940 57.54 67.01 80.78
CA LEU C 1940 56.22 66.55 80.36
C LEU C 1940 55.34 67.72 79.92
N PHE C 1941 55.48 68.86 80.59
CA PHE C 1941 54.75 70.06 80.16
C PHE C 1941 55.17 70.49 78.77
N GLU C 1942 56.47 70.38 78.46
CA GLU C 1942 56.93 70.69 77.11
C GLU C 1942 56.29 69.77 76.08
N ILE C 1943 56.24 68.47 76.38
CA ILE C 1943 55.59 67.54 75.44
C ILE C 1943 54.11 67.88 75.29
N ILE C 1944 53.45 68.18 76.41
CA ILE C 1944 52.04 68.56 76.39
C ILE C 1944 51.84 69.78 75.53
N ASP C 1945 52.70 70.79 75.69
CA ASP C 1945 52.57 72.02 74.91
C ASP C 1945 52.74 71.74 73.44
N GLU C 1946 53.73 70.91 73.08
CA GLU C 1946 53.93 70.57 71.68
C GLU C 1946 52.66 69.95 71.09
N ALA C 1947 52.13 68.92 71.76
CA ALA C 1947 50.95 68.23 71.25
C ALA C 1947 49.74 69.17 71.19
N SER C 1948 49.59 70.04 72.19
CA SER C 1948 48.41 70.89 72.24
C SER C 1948 48.44 71.98 71.19
N LYS C 1949 49.60 72.60 70.97
CA LYS C 1949 49.69 73.59 69.90
C LYS C 1949 49.56 72.91 68.53
N LYS C 1950 49.94 71.63 68.45
CA LYS C 1950 49.68 70.90 67.21
C LYS C 1950 48.20 70.62 66.98
N SER C 1951 47.44 70.34 68.05
CA SER C 1951 46.05 69.92 67.91
C SER C 1951 45.05 71.06 67.93
N ALA C 1952 45.40 72.20 68.52
CA ALA C 1952 44.41 73.24 68.79
C ALA C 1952 43.83 73.81 67.49
N VAL C 1953 44.70 74.01 66.49
CA VAL C 1953 44.26 74.65 65.25
C VAL C 1953 43.24 73.82 64.49
N LYS C 1954 43.08 72.55 64.83
CA LYS C 1954 42.14 71.70 64.11
C LYS C 1954 40.71 72.21 64.35
N PRO C 1955 39.80 72.03 63.40
CA PRO C 1955 38.41 72.44 63.63
C PRO C 1955 37.79 71.65 64.78
N ARG C 1956 36.81 72.28 65.44
CA ARG C 1956 36.18 71.66 66.61
C ARG C 1956 35.61 70.28 66.33
N PRO C 1957 34.86 70.01 65.22
CA PRO C 1957 34.37 68.65 64.96
C PRO C 1957 35.45 67.74 64.38
N LEU C 1958 36.54 67.58 65.11
CA LEU C 1958 37.66 66.76 64.64
C LEU C 1958 37.38 65.29 64.87
N LYS C 1959 38.21 64.45 64.25
CA LYS C 1959 38.15 63.01 64.40
C LYS C 1959 39.40 62.54 65.11
N LEU C 1960 39.22 61.81 66.21
CA LEU C 1960 40.36 61.32 66.98
C LEU C 1960 41.04 60.18 66.22
N GLU C 1961 42.32 60.37 65.91
CA GLU C 1961 43.08 59.34 65.24
C GLU C 1961 43.46 58.24 66.21
N ARG C 1962 43.49 57.00 65.72
CA ARG C 1962 43.96 55.89 66.53
C ARG C 1962 45.45 56.01 66.77
N GLY C 1963 45.85 56.01 68.04
CA GLY C 1963 47.25 55.96 68.40
C GLY C 1963 47.75 54.53 68.43
N PHE C 1964 49.04 54.39 68.73
CA PHE C 1964 49.60 53.05 68.89
C PHE C 1964 49.03 52.36 70.12
N ALA C 1965 48.49 53.12 71.07
CA ALA C 1965 47.90 52.56 72.28
C ALA C 1965 46.53 53.13 72.61
N CYS C 1966 46.17 54.30 72.08
CA CYS C 1966 44.87 54.90 72.32
C CYS C 1966 43.93 54.55 71.17
N ILE C 1967 42.78 53.99 71.50
CA ILE C 1967 41.75 53.65 70.53
C ILE C 1967 40.53 54.52 70.82
N PRO C 1968 40.24 55.52 69.98
CA PRO C 1968 38.97 56.27 70.16
C PRO C 1968 37.74 55.39 69.98
N LEU C 1969 36.78 55.56 70.87
CA LEU C 1969 35.57 54.75 70.86
C LEU C 1969 34.53 55.41 69.95
N VAL C 1970 34.07 54.66 68.98
CA VAL C 1970 33.09 55.15 68.01
C VAL C 1970 31.75 55.33 68.70
N GLY C 1971 31.00 56.33 68.26
CA GLY C 1971 29.63 56.50 68.69
C GLY C 1971 29.43 57.20 70.02
N ILE C 1972 30.51 57.60 70.69
CA ILE C 1972 30.44 58.29 71.97
C ILE C 1972 30.82 59.75 71.74
N SER C 1973 29.97 60.66 72.20
CA SER C 1973 30.18 62.10 72.06
C SER C 1973 29.97 62.85 73.36
N VAL C 1974 29.71 62.17 74.47
CA VAL C 1974 29.52 62.79 75.77
C VAL C 1974 30.57 62.20 76.72
N PRO C 1975 31.27 63.01 77.53
CA PRO C 1975 32.25 62.39 78.44
C PRO C 1975 31.58 61.98 79.75
N PHE C 1976 30.80 60.90 79.71
CA PHE C 1976 30.16 60.46 80.93
C PHE C 1976 31.19 59.86 81.88
N HIS C 1977 30.78 59.71 83.14
CA HIS C 1977 31.66 59.27 84.22
C HIS C 1977 32.82 60.24 84.42
N SER C 1978 32.59 61.52 84.16
CA SER C 1978 33.61 62.55 84.23
C SER C 1978 33.12 63.70 85.10
N THR C 1979 34.06 64.57 85.48
CA THR C 1979 33.72 65.69 86.34
C THR C 1979 32.90 66.75 85.62
N TYR C 1980 32.77 66.66 84.29
CA TYR C 1980 31.96 67.63 83.58
C TYR C 1980 30.51 67.59 84.02
N LEU C 1981 29.94 66.39 84.16
CA LEU C 1981 28.54 66.26 84.54
C LEU C 1981 28.38 66.15 86.05
N MET C 1982 29.11 66.99 86.78
CA MET C 1982 28.89 67.16 88.22
C MET C 1982 27.66 68.00 88.49
N ASN C 1983 27.49 69.08 87.72
CA ASN C 1983 26.42 70.03 87.98
C ASN C 1983 25.05 69.38 87.83
N GLY C 1984 24.96 68.38 86.96
CA GLY C 1984 23.71 67.69 86.68
C GLY C 1984 23.41 66.49 87.55
N VAL C 1985 24.21 66.24 88.59
CA VAL C 1985 23.98 65.06 89.44
C VAL C 1985 22.71 65.25 90.26
N LYS C 1986 22.56 66.40 90.90
CA LYS C 1986 21.43 66.62 91.80
C LYS C 1986 20.07 66.48 91.10
N PRO C 1987 19.81 67.14 89.98
CA PRO C 1987 18.51 66.93 89.32
C PRO C 1987 18.31 65.50 88.86
N PHE C 1988 19.39 64.88 88.39
CA PHE C 1988 19.33 63.46 88.07
C PHE C 1988 19.04 62.64 89.32
N LYS C 1989 19.59 63.04 90.46
CA LYS C 1989 19.30 62.35 91.71
C LYS C 1989 17.82 62.45 92.05
N SER C 1990 17.23 63.63 91.89
CA SER C 1990 15.81 63.79 92.18
C SER C 1990 14.98 62.94 91.24
N PHE C 1991 15.34 62.91 89.95
CA PHE C 1991 14.62 62.08 88.99
C PHE C 1991 14.72 60.60 89.36
N LEU C 1992 15.91 60.16 89.75
CA LEU C 1992 16.08 58.79 90.23
C LEU C 1992 15.22 58.52 91.45
N LYS C 1993 15.05 59.53 92.32
CA LYS C 1993 14.15 59.36 93.46
C LYS C 1993 12.71 59.19 93.01
N LYS C 1994 12.28 59.94 91.99
CA LYS C 1994 10.92 59.75 91.48
C LYS C 1994 10.74 58.32 90.99
N ASN C 1995 11.76 57.79 90.30
CA ASN C 1995 11.58 56.51 89.64
C ASN C 1995 11.80 55.32 90.57
N ILE C 1996 12.72 55.44 91.53
CA ILE C 1996 13.06 54.35 92.43
C ILE C 1996 12.39 54.60 93.76
N ILE C 1997 11.45 53.73 94.13
CA ILE C 1997 10.64 53.89 95.32
C ILE C 1997 11.39 53.26 96.49
N LYS C 1998 11.28 53.88 97.66
CA LYS C 1998 12.00 53.38 98.83
C LYS C 1998 11.53 51.99 99.23
N GLU C 1999 10.22 51.75 99.20
CA GLU C 1999 9.69 50.46 99.63
C GLU C 1999 10.20 49.32 98.76
N ASN C 2000 10.55 49.61 97.51
CA ASN C 2000 11.04 48.57 96.61
C ASN C 2000 12.52 48.28 96.79
N VAL C 2001 13.23 49.05 97.59
CA VAL C 2001 14.64 48.78 97.89
C VAL C 2001 14.68 47.69 98.96
N LYS C 2002 15.47 46.65 98.70
CA LYS C 2002 15.59 45.50 99.61
C LYS C 2002 17.03 45.39 100.08
N VAL C 2003 17.25 45.70 101.36
CA VAL C 2003 18.60 45.67 101.91
C VAL C 2003 19.15 44.26 101.90
N ALA C 2004 18.30 43.26 102.14
CA ALA C 2004 18.77 41.88 102.09
C ALA C 2004 19.28 41.54 100.70
N ARG C 2005 18.63 42.06 99.66
CA ARG C 2005 19.05 41.78 98.29
C ARG C 2005 20.26 42.59 97.86
N LEU C 2006 20.49 43.74 98.49
CA LEU C 2006 21.60 44.62 98.09
C LEU C 2006 22.87 44.42 98.90
N ALA C 2007 22.75 44.19 100.21
CA ALA C 2007 23.90 44.20 101.09
C ALA C 2007 24.77 42.97 100.86
N GLY C 2008 26.08 43.20 100.75
CA GLY C 2008 27.03 42.13 100.55
C GLY C 2008 27.14 41.63 99.13
N LYS C 2009 26.22 42.03 98.25
CA LYS C 2009 26.17 41.53 96.88
C LYS C 2009 26.39 42.62 95.84
N TYR C 2010 25.91 43.82 96.05
CA TYR C 2010 26.06 44.92 95.11
C TYR C 2010 27.41 45.59 95.32
N ILE C 2011 28.17 45.72 94.24
CA ILE C 2011 29.44 46.46 94.27
C ILE C 2011 29.25 47.71 93.41
N PRO C 2012 28.94 48.87 93.99
CA PRO C 2012 28.71 50.06 93.16
C PRO C 2012 29.97 50.52 92.46
N ASN C 2013 29.76 51.27 91.37
CA ASN C 2013 30.90 51.80 90.62
C ASN C 2013 31.56 52.97 91.35
N LEU C 2014 30.75 53.82 91.99
CA LEU C 2014 31.29 54.93 92.75
C LEU C 2014 32.19 54.43 93.88
N THR C 2015 31.68 53.53 94.72
CA THR C 2015 32.42 52.93 95.82
C THR C 2015 32.56 51.46 95.48
N ALA C 2016 33.71 51.07 94.91
CA ALA C 2016 33.89 49.71 94.42
C ALA C 2016 34.19 48.74 95.56
N LYS C 2017 33.25 48.66 96.49
CA LYS C 2017 33.28 47.77 97.63
C LYS C 2017 31.90 47.15 97.75
N PRO C 2018 31.76 46.04 98.49
CA PRO C 2018 30.44 45.46 98.68
C PRO C 2018 29.49 46.45 99.35
N PHE C 2019 28.24 46.44 98.91
CA PHE C 2019 27.23 47.36 99.44
C PHE C 2019 26.97 47.02 100.89
N GLN C 2020 27.10 48.02 101.76
CA GLN C 2020 26.82 47.87 103.19
C GLN C 2020 26.28 49.18 103.70
N VAL C 2021 25.21 49.11 104.49
CA VAL C 2021 24.60 50.30 105.09
C VAL C 2021 25.36 50.53 106.41
N THR C 2022 26.51 51.20 106.30
CA THR C 2022 27.40 51.40 107.43
C THR C 2022 28.01 52.79 107.35
N LYS C 2023 28.38 53.30 108.52
CA LYS C 2023 28.95 54.64 108.60
C LYS C 2023 30.26 54.73 107.81
N GLU C 2024 31.06 53.68 107.86
CA GLU C 2024 32.28 53.66 107.06
C GLU C 2024 31.96 53.76 105.57
N TYR C 2025 30.94 53.04 105.12
CA TYR C 2025 30.55 53.11 103.72
C TYR C 2025 30.06 54.50 103.34
N PHE C 2026 29.23 55.11 104.19
CA PHE C 2026 28.73 56.45 103.89
C PHE C 2026 29.87 57.46 103.84
N GLN C 2027 30.83 57.34 104.76
CA GLN C 2027 32.00 58.20 104.71
C GLN C 2027 32.81 57.95 103.45
N ASP C 2028 32.86 56.70 102.99
CA ASP C 2028 33.50 56.40 101.73
C ASP C 2028 32.83 57.14 100.58
N VAL C 2029 31.50 57.22 100.59
CA VAL C 2029 30.79 57.96 99.54
C VAL C 2029 31.24 59.42 99.52
N TYR C 2030 31.32 60.04 100.70
CA TYR C 2030 31.80 61.42 100.77
C TYR C 2030 33.25 61.55 100.36
N ASP C 2031 34.07 60.54 100.63
CA ASP C 2031 35.48 60.61 100.27
C ASP C 2031 35.67 60.81 98.78
N LEU C 2032 34.83 60.18 97.96
CA LEU C 2032 34.92 60.33 96.51
C LEU C 2032 34.11 61.51 96.00
N THR C 2033 32.87 61.64 96.46
CA THR C 2033 31.97 62.68 95.99
C THR C 2033 31.17 63.23 97.16
N GLY C 2034 31.41 64.49 97.50
CA GLY C 2034 30.73 65.11 98.63
C GLY C 2034 29.30 65.48 98.29
N SER C 2035 28.38 65.06 99.14
CA SER C 2035 26.96 65.35 98.96
C SER C 2035 26.33 65.64 100.32
N GLU C 2036 25.52 66.71 100.36
CA GLU C 2036 24.95 67.18 101.61
C GLU C 2036 24.08 66.14 102.32
N PRO C 2037 23.22 65.38 101.63
CA PRO C 2037 22.46 64.34 102.35
C PRO C 2037 23.35 63.31 103.03
N ILE C 2038 24.49 62.96 102.44
CA ILE C 2038 25.38 62.01 103.08
C ILE C 2038 25.99 62.61 104.34
N LYS C 2039 26.41 63.88 104.28
CA LYS C 2039 26.94 64.51 105.49
C LYS C 2039 25.88 64.56 106.57
N GLU C 2040 24.64 64.86 106.19
CA GLU C 2040 23.55 64.89 107.18
C GLU C 2040 23.36 63.51 107.79
N ILE C 2041 23.41 62.45 106.97
CA ILE C 2041 23.19 61.10 107.49
C ILE C 2041 24.31 60.74 108.47
N ILE C 2042 25.55 61.03 108.09
CA ILE C 2042 26.68 60.73 108.98
C ILE C 2042 26.57 61.53 110.28
N ASP C 2043 26.15 62.79 110.18
CA ASP C 2043 26.00 63.60 111.39
C ASP C 2043 24.92 63.02 112.31
N ASN C 2044 23.80 62.60 111.74
CA ASN C 2044 22.66 62.12 112.51
C ASN C 2044 22.65 60.60 112.66
N TRP C 2045 23.79 59.94 112.41
CA TRP C 2045 23.82 58.49 112.42
C TRP C 2045 23.42 57.91 113.76
N GLU C 2046 23.91 58.50 114.86
CA GLU C 2046 23.52 58.02 116.18
C GLU C 2046 22.02 58.10 116.38
N LYS C 2047 21.37 59.09 115.75
CA LYS C 2047 19.92 59.17 115.80
C LYS C 2047 19.27 58.07 114.99
N TYR C 2048 19.84 57.76 113.82
CA TYR C 2048 19.25 56.74 112.95
C TYR C 2048 19.40 55.35 113.55
N GLU C 2049 20.56 55.04 114.13
CA GLU C 2049 20.79 53.70 114.67
C GLU C 2049 19.82 53.40 115.80
N GLN C 2050 19.58 54.37 116.67
CA GLN C 2050 18.67 54.18 117.79
C GLN C 2050 17.23 53.97 117.31
N MET D 1 19.34 48.97 114.35
CA MET D 1 18.66 49.82 113.33
C MET D 1 17.37 49.12 112.89
N LYS D 2 16.28 49.87 112.89
CA LYS D 2 14.98 49.29 112.53
C LYS D 2 14.99 48.88 111.06
N PRO D 3 14.17 47.90 110.66
CA PRO D 3 14.12 47.54 109.23
C PRO D 3 13.69 48.70 108.34
N GLU D 4 12.74 49.52 108.79
CA GLU D 4 12.29 50.65 107.98
C GLU D 4 13.39 51.69 107.81
N VAL D 5 14.11 51.99 108.89
CA VAL D 5 15.21 52.95 108.80
C VAL D 5 16.32 52.38 107.93
N GLU D 6 16.57 51.07 108.03
CA GLU D 6 17.58 50.44 107.20
C GLU D 6 17.21 50.57 105.73
N GLN D 7 15.94 50.33 105.40
CA GLN D 7 15.48 50.45 104.02
C GLN D 7 15.60 51.89 103.54
N GLU D 8 15.23 52.86 104.38
CA GLU D 8 15.33 54.26 103.99
C GLU D 8 16.78 54.65 103.72
N LEU D 9 17.68 54.27 104.63
CA LEU D 9 19.10 54.56 104.46
C LEU D 9 19.65 53.92 103.20
N ALA D 10 19.29 52.66 102.95
CA ALA D 10 19.79 51.98 101.76
C ALA D 10 19.25 52.61 100.49
N HIS D 11 18.00 53.07 100.52
CA HIS D 11 17.45 53.75 99.35
C HIS D 11 18.19 55.05 99.09
N ILE D 12 18.46 55.84 100.12
CA ILE D 12 19.21 57.07 99.92
C ILE D 12 20.61 56.75 99.40
N LEU D 13 21.26 55.72 99.96
CA LEU D 13 22.59 55.34 99.52
C LEU D 13 22.59 54.91 98.06
N LEU D 14 21.66 54.04 97.67
CA LEU D 14 21.60 53.55 96.30
C LEU D 14 21.30 54.68 95.34
N THR D 15 20.37 55.56 95.72
CA THR D 15 20.08 56.75 94.93
C THR D 15 21.33 57.58 94.71
N GLU D 16 22.08 57.84 95.78
CA GLU D 16 23.27 58.68 95.64
C GLU D 16 24.32 58.00 94.79
N LEU D 17 24.50 56.69 94.96
CA LEU D 17 25.47 55.95 94.16
C LEU D 17 25.12 56.02 92.69
N LEU D 18 23.86 55.79 92.35
CA LEU D 18 23.45 55.88 90.96
C LEU D 18 23.58 57.31 90.44
N ALA D 19 23.24 58.30 91.26
CA ALA D 19 23.28 59.68 90.81
C ALA D 19 24.71 60.11 90.49
N TYR D 20 25.67 59.70 91.32
CA TYR D 20 27.06 60.07 91.09
C TYR D 20 27.80 59.07 90.19
N GLN D 21 27.16 57.96 89.82
CA GLN D 21 27.81 56.98 88.96
C GLN D 21 28.12 57.56 87.59
N PHE D 22 27.14 58.21 86.95
CA PHE D 22 27.38 58.72 85.62
C PHE D 22 28.35 59.89 85.60
N ALA D 23 28.63 60.50 86.76
CA ALA D 23 29.48 61.67 86.84
C ALA D 23 30.83 61.40 87.51
N SER D 24 31.05 60.19 88.01
CA SER D 24 32.29 59.80 88.66
C SER D 24 32.89 58.63 87.90
N PRO D 25 34.21 58.43 87.99
CA PRO D 25 34.83 57.35 87.21
C PRO D 25 34.41 55.98 87.70
N VAL D 26 34.43 55.02 86.77
CA VAL D 26 34.12 53.63 87.06
C VAL D 26 35.39 52.96 87.58
N ARG D 27 35.32 52.44 88.80
CA ARG D 27 36.46 51.78 89.43
C ARG D 27 36.32 50.26 89.27
N TRP D 28 36.37 49.84 88.01
CA TRP D 28 36.22 48.42 87.73
C TRP D 28 37.45 47.62 88.14
N ILE D 29 38.61 48.25 88.29
CA ILE D 29 39.75 47.57 88.89
C ILE D 29 39.40 47.12 90.30
N GLU D 30 38.89 48.04 91.11
CA GLU D 30 38.51 47.70 92.47
C GLU D 30 37.38 46.70 92.49
N THR D 31 36.41 46.85 91.57
CA THR D 31 35.31 45.89 91.53
C THR D 31 35.80 44.47 91.22
N GLN D 32 36.70 44.34 90.25
CA GLN D 32 37.26 43.04 89.91
C GLN D 32 38.08 42.48 91.05
N ASP D 33 38.88 43.32 91.71
CA ASP D 33 39.61 42.87 92.88
C ASP D 33 38.68 42.35 93.96
N VAL D 34 37.57 43.07 94.19
CA VAL D 34 36.63 42.66 95.23
C VAL D 34 36.03 41.30 94.90
N PHE D 35 35.48 41.16 93.69
CA PHE D 35 34.75 39.93 93.41
C PHE D 35 35.65 38.77 92.98
N LEU D 36 36.95 38.99 92.77
CA LEU D 36 37.86 37.90 92.45
C LEU D 36 38.74 37.48 93.62
N LYS D 37 39.17 38.42 94.46
CA LYS D 37 40.06 38.12 95.56
C LYS D 37 39.34 38.06 96.91
N ASP D 38 38.49 39.04 97.20
CA ASP D 38 37.80 39.05 98.49
C ASP D 38 36.76 37.94 98.56
N PHE D 39 36.04 37.70 97.46
CA PHE D 39 34.99 36.70 97.44
C PHE D 39 35.44 35.37 96.85
N ASN D 40 36.64 35.31 96.27
CA ASN D 40 37.17 34.08 95.67
C ASN D 40 36.16 33.46 94.70
N THR D 41 35.63 34.30 93.82
CA THR D 41 34.55 33.87 92.94
C THR D 41 35.02 32.74 92.05
N GLU D 42 34.21 31.68 91.97
CA GLU D 42 34.55 30.50 91.19
C GLU D 42 33.95 30.50 89.80
N ARG D 43 32.81 31.14 89.59
CA ARG D 43 32.21 31.27 88.26
C ARG D 43 31.74 32.69 88.06
N VAL D 44 32.24 33.32 87.00
CA VAL D 44 31.81 34.66 86.59
C VAL D 44 30.79 34.46 85.48
N VAL D 45 29.65 35.12 85.60
CA VAL D 45 28.61 35.09 84.58
C VAL D 45 28.43 36.51 84.07
N GLU D 46 28.58 36.70 82.77
CA GLU D 46 28.53 38.00 82.13
C GLU D 46 27.24 38.14 81.34
N ILE D 47 26.38 39.05 81.77
CA ILE D 47 25.12 39.33 81.10
C ILE D 47 25.41 40.46 80.10
N GLY D 48 25.44 40.12 78.83
CA GLY D 48 25.75 41.06 77.79
C GLY D 48 25.61 40.43 76.41
N PRO D 49 25.69 41.24 75.36
CA PRO D 49 25.55 40.69 74.00
C PRO D 49 26.88 40.18 73.47
N SER D 50 27.97 40.66 74.04
CA SER D 50 29.32 40.28 73.69
C SER D 50 30.10 40.03 74.97
N PRO D 51 31.21 39.28 74.91
CA PRO D 51 31.96 38.95 76.13
C PRO D 51 32.96 40.04 76.50
N THR D 52 32.46 41.28 76.65
CA THR D 52 33.33 42.40 76.98
C THR D 52 33.85 42.32 78.41
N LEU D 53 32.93 42.32 79.38
CA LEU D 53 33.35 42.21 80.77
C LEU D 53 33.98 40.85 81.06
N ALA D 54 33.55 39.81 80.34
CA ALA D 54 34.16 38.49 80.51
C ALA D 54 35.61 38.53 80.05
N GLY D 55 35.88 39.15 78.91
CA GLY D 55 37.26 39.29 78.46
C GLY D 55 38.09 40.14 79.39
N MET D 56 37.48 41.20 79.94
CA MET D 56 38.20 42.02 80.91
C MET D 56 38.55 41.23 82.17
N ALA D 57 37.61 40.40 82.64
CA ALA D 57 37.89 39.56 83.80
C ALA D 57 38.98 38.54 83.49
N GLN D 58 38.94 37.94 82.30
CA GLN D 58 39.97 37.01 81.89
C GLN D 58 41.34 37.69 81.86
N ARG D 59 41.39 38.90 81.31
CA ARG D 59 42.64 39.64 81.25
C ARG D 59 43.15 39.97 82.65
N THR D 60 42.26 40.38 83.55
CA THR D 60 42.66 40.67 84.92
C THR D 60 43.20 39.41 85.60
N LEU D 61 42.58 38.27 85.35
CA LEU D 61 43.05 37.02 85.94
C LEU D 61 44.42 36.63 85.40
N LYS D 62 44.63 36.78 84.08
CA LYS D 62 45.94 36.45 83.53
C LYS D 62 47.01 37.38 84.09
N ASN D 63 46.68 38.66 84.21
CA ASN D 63 47.69 39.65 84.57
C ASN D 63 48.03 39.60 86.05
N LYS D 64 47.04 39.34 86.91
CA LYS D 64 47.20 39.46 88.35
C LYS D 64 46.97 38.15 89.08
N TYR D 65 45.84 37.49 88.85
CA TYR D 65 45.44 36.31 89.64
C TYR D 65 45.78 35.05 88.84
N GLU D 66 47.07 34.72 88.82
CA GLU D 66 47.57 33.47 88.25
C GLU D 66 48.17 32.57 89.32
N SER D 67 49.16 33.07 90.05
CA SER D 67 49.72 32.30 91.17
C SER D 67 48.69 32.13 92.28
N TYR D 68 47.87 33.14 92.54
CA TYR D 68 46.80 33.01 93.52
C TYR D 68 45.83 31.89 93.13
N ASP D 69 45.38 31.90 91.88
CA ASP D 69 44.48 30.87 91.40
C ASP D 69 45.11 29.50 91.47
N ALA D 70 46.37 29.38 91.07
CA ALA D 70 47.04 28.08 91.14
C ALA D 70 47.16 27.60 92.59
N ALA D 71 47.63 28.47 93.48
CA ALA D 71 47.88 28.06 94.86
C ALA D 71 46.59 27.63 95.55
N LEU D 72 45.52 28.40 95.38
CA LEU D 72 44.26 28.08 96.05
C LEU D 72 43.36 27.19 95.21
N SER D 73 43.83 26.74 94.04
CA SER D 73 43.08 25.81 93.20
C SER D 73 41.69 26.34 92.86
N LEU D 74 41.63 27.64 92.58
CA LEU D 74 40.38 28.28 92.22
C LEU D 74 40.13 28.08 90.73
N HIS D 75 39.12 27.26 90.41
CA HIS D 75 38.72 27.04 89.03
C HIS D 75 37.80 28.17 88.63
N ARG D 76 38.38 29.27 88.18
CA ARG D 76 37.62 30.46 87.77
C ARG D 76 37.07 30.21 86.38
N GLU D 77 35.79 29.86 86.31
CA GLU D 77 35.11 29.62 85.05
C GLU D 77 34.43 30.92 84.63
N ILE D 78 34.98 31.58 83.62
CA ILE D 78 34.42 32.82 83.10
C ILE D 78 33.47 32.46 81.96
N LEU D 79 32.20 32.83 82.10
CA LEU D 79 31.16 32.49 81.15
C LEU D 79 30.46 33.77 80.71
N CYS D 80 30.20 33.88 79.42
CA CYS D 80 29.44 34.98 78.85
C CYS D 80 28.13 34.45 78.30
N TYR D 81 27.05 35.23 78.46
CA TYR D 81 25.74 34.78 78.03
C TYR D 81 25.70 34.54 76.52
N SER D 82 26.40 35.38 75.75
CA SER D 82 26.29 35.30 74.31
C SER D 82 26.87 34.01 73.76
N LYS D 83 27.98 33.54 74.33
CA LYS D 83 28.68 32.36 73.82
C LYS D 83 28.65 31.16 74.75
N ASP D 84 28.62 31.37 76.06
CA ASP D 84 28.67 30.29 77.05
C ASP D 84 27.30 30.00 77.63
N ALA D 85 26.27 30.08 76.79
CA ALA D 85 24.90 29.79 77.24
C ALA D 85 24.78 28.35 77.70
N LYS D 86 25.43 27.41 77.01
CA LYS D 86 25.36 26.00 77.43
C LYS D 86 25.94 25.82 78.82
N GLU D 87 27.10 26.42 79.09
CA GLU D 87 27.71 26.31 80.40
C GLU D 87 26.84 26.96 81.47
N ILE D 88 26.26 28.12 81.17
CA ILE D 88 25.44 28.81 82.16
C ILE D 88 24.16 28.03 82.45
N TYR D 89 23.59 27.41 81.42
CA TYR D 89 22.31 26.72 81.55
C TYR D 89 22.45 25.27 81.97
N TYR D 90 23.68 24.73 82.03
CA TYR D 90 23.91 23.32 82.33
C TYR D 90 23.18 22.44 81.31
N THR D 91 23.55 22.64 80.04
CA THR D 91 23.00 21.88 78.92
C THR D 91 24.16 21.37 78.07
N PRO D 92 24.97 20.47 78.63
CA PRO D 92 26.13 19.98 77.88
C PRO D 92 25.71 19.25 76.62
N ASP D 93 26.54 19.36 75.59
CA ASP D 93 26.26 18.66 74.34
C ASP D 93 26.50 17.16 74.55
N PRO D 94 25.51 16.30 74.23
CA PRO D 94 25.81 14.87 74.41
C PRO D 94 26.80 14.36 73.37
N GLU D 329 13.46 -2.75 19.98
CA GLU D 329 12.26 -2.63 19.17
C GLU D 329 12.55 -1.89 17.87
N GLU D 330 13.75 -2.10 17.33
CA GLU D 330 14.15 -1.39 16.11
C GLU D 330 13.28 -1.80 14.92
N ILE D 331 13.00 -3.09 14.78
CA ILE D 331 12.21 -3.55 13.64
C ILE D 331 10.79 -3.02 13.71
N THR D 332 10.17 -3.08 14.89
CA THR D 332 8.82 -2.56 15.03
C THR D 332 8.78 -1.05 14.84
N LYS D 333 9.83 -0.35 15.31
CA LYS D 333 9.90 1.09 15.08
C LYS D 333 10.00 1.41 13.60
N ASP D 334 10.84 0.66 12.87
CA ASP D 334 10.98 0.87 11.43
C ASP D 334 9.67 0.62 10.71
N HIS D 335 8.98 -0.47 11.08
CA HIS D 335 7.69 -0.76 10.46
C HIS D 335 6.66 0.33 10.78
N LYS D 336 6.65 0.82 12.03
CA LYS D 336 5.76 1.91 12.38
C LYS D 336 6.06 3.15 11.56
N VAL D 337 7.34 3.44 11.34
CA VAL D 337 7.73 4.61 10.55
C VAL D 337 7.28 4.44 9.11
N LEU D 338 7.41 3.23 8.56
CA LEU D 338 6.93 2.98 7.20
C LEU D 338 5.42 3.18 7.11
N ALA D 339 4.67 2.65 8.07
CA ALA D 339 3.23 2.83 8.06
C ALA D 339 2.86 4.29 8.20
N ARG D 340 3.58 5.02 9.05
CA ARG D 340 3.36 6.46 9.19
C ARG D 340 3.58 7.17 7.86
N GLN D 341 4.67 6.87 7.17
CA GLN D 341 4.95 7.52 5.90
C GLN D 341 3.88 7.20 4.87
N GLN D 342 3.43 5.94 4.82
CA GLN D 342 2.36 5.57 3.90
C GLN D 342 1.08 6.32 4.22
N LEU D 343 0.78 6.47 5.50
CA LEU D 343 -0.40 7.24 5.90
C LEU D 343 -0.28 8.71 5.50
N GLN D 344 0.89 9.32 5.69
CA GLN D 344 1.06 10.70 5.27
C GLN D 344 0.92 10.83 3.76
N VAL D 345 1.45 9.86 3.00
CA VAL D 345 1.32 9.91 1.55
C VAL D 345 -0.16 9.84 1.15
N LEU D 346 -0.91 8.93 1.77
CA LEU D 346 -2.33 8.81 1.43
C LEU D 346 -3.09 10.07 1.83
N ALA D 347 -2.78 10.64 3.00
CA ALA D 347 -3.45 11.86 3.41
C ALA D 347 -3.14 13.01 2.45
N ARG D 348 -1.89 13.10 2.00
CA ARG D 348 -1.53 14.12 1.02
C ARG D 348 -2.30 13.93 -0.27
N TYR D 349 -2.41 12.68 -0.74
CA TYR D 349 -3.16 12.45 -1.97
C TYR D 349 -4.63 12.81 -1.79
N LEU D 350 -5.22 12.43 -0.66
CA LEU D 350 -6.61 12.71 -0.37
C LEU D 350 -6.87 14.17 -0.02
N LYS D 351 -5.82 14.98 0.12
CA LYS D 351 -5.96 16.39 0.48
C LYS D 351 -6.59 16.51 1.86
N MET D 352 -6.21 15.58 2.74
CA MET D 352 -6.72 15.52 4.10
C MET D 352 -5.71 16.16 5.04
N ASP D 353 -6.17 17.11 5.83
CA ASP D 353 -5.33 17.81 6.79
C ASP D 353 -5.47 17.10 8.14
N LEU D 354 -4.50 16.23 8.45
CA LEU D 354 -4.56 15.50 9.71
C LEU D 354 -4.47 16.42 10.91
N ASP D 355 -3.76 17.54 10.77
CA ASP D 355 -3.57 18.47 11.88
C ASP D 355 -4.69 19.49 12.02
N ASN D 356 -5.72 19.45 11.17
CA ASN D 356 -6.73 20.50 11.18
C ASN D 356 -7.51 20.52 12.49
N GLY D 357 -7.93 19.35 12.97
CA GLY D 357 -8.62 19.30 14.25
C GLY D 357 -7.77 19.83 15.38
N GLU D 358 -6.48 19.48 15.38
CA GLU D 358 -5.58 19.99 16.41
C GLU D 358 -5.45 21.51 16.35
N ARG D 359 -5.28 22.05 15.14
CA ARG D 359 -5.17 23.51 15.01
C ARG D 359 -6.41 24.20 15.53
N LYS D 360 -7.58 23.71 15.15
CA LYS D 360 -8.81 24.28 15.65
C LYS D 360 -8.88 24.15 17.17
N PHE D 361 -8.40 23.03 17.71
CA PHE D 361 -8.44 22.84 19.15
C PHE D 361 -7.56 23.83 19.88
N LEU D 362 -6.36 24.08 19.38
CA LEU D 362 -5.49 25.07 20.03
C LEU D 362 -6.06 26.48 19.90
N LYS D 363 -6.66 26.82 18.75
CA LYS D 363 -7.31 28.11 18.64
C LYS D 363 -8.44 28.25 19.66
N GLU D 364 -9.26 27.21 19.79
CA GLU D 364 -10.36 27.26 20.74
C GLU D 364 -9.84 27.27 22.18
N LYS D 365 -8.71 26.63 22.44
CA LYS D 365 -8.13 26.65 23.78
C LYS D 365 -7.64 28.05 24.13
N ASP D 366 -7.07 28.75 23.15
CA ASP D 366 -6.70 30.15 23.38
C ASP D 366 -7.95 31.00 23.63
N THR D 367 -9.03 30.74 22.89
CA THR D 367 -10.27 31.45 23.15
C THR D 367 -10.80 31.17 24.56
N VAL D 368 -10.72 29.91 24.99
CA VAL D 368 -11.12 29.56 26.35
C VAL D 368 -10.27 30.32 27.36
N ALA D 369 -8.97 30.40 27.11
CA ALA D 369 -8.09 31.09 28.04
C ALA D 369 -8.43 32.58 28.12
N GLU D 370 -8.75 33.20 26.99
CA GLU D 370 -9.05 34.63 27.03
C GLU D 370 -10.41 34.90 27.67
N LEU D 371 -11.41 34.06 27.40
CA LEU D 371 -12.69 34.22 28.07
C LEU D 371 -12.58 33.96 29.56
N GLN D 372 -11.75 32.98 29.94
CA GLN D 372 -11.53 32.71 31.36
C GLN D 372 -10.78 33.85 32.02
N ALA D 373 -9.86 34.49 31.29
CA ALA D 373 -9.20 35.68 31.83
C ALA D 373 -10.20 36.79 32.07
N GLN D 374 -11.14 36.98 31.14
CA GLN D 374 -12.19 37.98 31.34
C GLN D 374 -13.06 37.65 32.55
N LEU D 375 -13.45 36.39 32.69
CA LEU D 375 -14.28 35.99 33.82
C LEU D 375 -13.52 36.12 35.12
N ASP D 376 -12.24 35.76 35.13
CA ASP D 376 -11.42 35.91 36.32
C ASP D 376 -11.26 37.37 36.71
N TYR D 377 -11.13 38.25 35.71
CA TYR D 377 -11.06 39.67 36.02
C TYR D 377 -12.37 40.17 36.62
N LEU D 378 -13.49 39.75 36.03
CA LEU D 378 -14.79 40.19 36.56
C LEU D 378 -15.02 39.63 37.96
N ASN D 379 -14.50 38.43 38.23
CA ASN D 379 -14.63 37.86 39.57
C ASN D 379 -13.70 38.56 40.57
N ALA D 380 -12.50 38.94 40.12
CA ALA D 380 -11.63 39.71 40.98
C ALA D 380 -12.20 41.10 41.23
N GLU D 381 -13.05 41.57 40.33
CA GLU D 381 -13.58 42.92 40.44
C GLU D 381 -14.84 42.96 41.31
N LEU D 382 -15.83 42.11 40.97
CA LEU D 382 -17.10 42.12 41.68
C LEU D 382 -17.08 41.20 42.90
N GLY D 383 -16.23 40.18 42.88
CA GLY D 383 -16.13 39.21 43.94
C GLY D 383 -16.98 37.99 43.68
N GLU D 384 -16.63 36.90 44.36
CA GLU D 384 -17.38 35.66 44.21
C GLU D 384 -18.81 35.84 44.68
N PHE D 385 -19.01 36.52 45.81
CA PHE D 385 -20.35 36.68 46.37
C PHE D 385 -21.25 37.46 45.42
N PHE D 386 -20.76 38.59 44.90
CA PHE D 386 -21.57 39.41 44.00
C PHE D 386 -21.90 38.65 42.72
N VAL D 387 -20.88 38.03 42.11
CA VAL D 387 -21.09 37.35 40.83
C VAL D 387 -22.04 36.18 40.99
N ASN D 388 -21.89 35.41 42.07
CA ASN D 388 -22.80 34.30 42.32
C ASN D 388 -24.21 34.80 42.60
N GLY D 389 -24.32 35.85 43.42
CA GLY D 389 -25.62 36.35 43.85
C GLY D 389 -26.40 37.07 42.79
N VAL D 390 -25.77 37.56 41.73
CA VAL D 390 -26.52 38.17 40.65
C VAL D 390 -27.16 37.11 39.76
N ALA D 391 -26.97 35.84 40.09
CA ALA D 391 -27.57 34.76 39.31
C ALA D 391 -29.08 34.90 39.26
N THR D 392 -29.62 34.79 38.05
CA THR D 392 -31.05 34.94 37.85
C THR D 392 -31.82 33.87 38.60
N SER D 393 -32.97 34.26 39.15
CA SER D 393 -33.85 33.34 39.85
C SER D 393 -35.30 33.43 39.41
N PHE D 394 -35.72 34.52 38.78
CA PHE D 394 -37.11 34.68 38.37
C PHE D 394 -37.39 33.93 37.07
N SER D 395 -38.59 33.35 37.00
CA SER D 395 -39.12 32.82 35.75
C SER D 395 -40.63 32.83 35.86
N ARG D 396 -41.30 33.16 34.75
CA ARG D 396 -42.75 33.27 34.76
C ARG D 396 -43.42 31.94 35.05
N LYS D 397 -42.87 30.85 34.48
CA LYS D 397 -43.47 29.53 34.67
C LYS D 397 -43.46 29.11 36.14
N LYS D 398 -42.60 29.70 36.94
CA LYS D 398 -42.42 29.31 38.33
C LYS D 398 -43.34 30.04 39.30
N ALA D 399 -44.10 31.03 38.83
CA ALA D 399 -45.01 31.78 39.69
C ALA D 399 -46.19 30.92 40.11
N ARG D 400 -46.57 31.04 41.37
CA ARG D 400 -47.65 30.27 41.98
C ARG D 400 -48.77 31.21 42.40
N THR D 401 -49.97 30.96 41.90
CA THR D 401 -51.15 31.76 42.23
C THR D 401 -51.99 31.05 43.27
N PHE D 402 -52.40 31.80 44.29
CA PHE D 402 -53.30 31.33 45.34
C PHE D 402 -54.50 32.26 45.32
N ASP D 403 -55.66 31.74 44.95
CA ASP D 403 -56.88 32.54 44.87
C ASP D 403 -58.13 31.81 45.37
N SER D 404 -58.01 30.59 45.90
CA SER D 404 -59.18 29.78 46.25
C SER D 404 -59.62 30.04 47.69
N SER D 405 -59.81 31.33 47.98
CA SER D 405 -60.21 31.76 49.31
C SER D 405 -61.57 31.23 49.72
N TRP D 406 -62.48 31.00 48.78
CA TRP D 406 -63.75 30.34 49.08
C TRP D 406 -63.52 28.98 49.76
N ASN D 407 -62.70 28.14 49.13
CA ASN D 407 -62.41 26.83 49.70
C ASN D 407 -61.67 26.97 51.02
N TRP D 408 -60.71 27.89 51.08
CA TRP D 408 -59.93 28.05 52.31
C TRP D 408 -60.80 28.57 53.45
N ALA D 409 -61.83 29.36 53.13
CA ALA D 409 -62.76 29.82 54.15
C ALA D 409 -63.52 28.65 54.74
N LYS D 410 -64.04 27.78 53.87
CA LYS D 410 -64.74 26.59 54.38
C LYS D 410 -63.81 25.71 55.22
N GLN D 411 -62.58 25.52 54.76
CA GLN D 411 -61.61 24.72 55.50
C GLN D 411 -61.31 25.33 56.86
N SER D 412 -61.09 26.65 56.91
CA SER D 412 -60.79 27.30 58.16
C SER D 412 -61.96 27.22 59.12
N LEU D 413 -63.18 27.33 58.59
CA LEU D 413 -64.36 27.17 59.43
C LEU D 413 -64.41 25.78 60.05
N LEU D 414 -64.17 24.74 59.25
CA LEU D 414 -64.19 23.39 59.80
C LEU D 414 -63.09 23.20 60.83
N SER D 415 -61.90 23.74 60.56
CA SER D 415 -60.80 23.62 61.51
C SER D 415 -61.14 24.26 62.84
N LEU D 416 -61.67 25.49 62.81
CA LEU D 416 -62.02 26.17 64.04
C LEU D 416 -63.16 25.47 64.77
N TYR D 417 -64.15 25.00 64.01
CA TYR D 417 -65.26 24.26 64.61
C TYR D 417 -64.75 23.03 65.35
N PHE D 418 -63.93 22.22 64.70
CA PHE D 418 -63.45 20.99 65.34
C PHE D 418 -62.52 21.30 66.50
N GLU D 419 -61.71 22.36 66.39
CA GLU D 419 -60.84 22.71 67.51
C GLU D 419 -61.65 23.12 68.72
N ILE D 420 -62.76 23.85 68.51
CA ILE D 420 -63.60 24.22 69.63
C ILE D 420 -64.24 22.99 70.27
N ILE D 421 -64.84 22.12 69.46
CA ILE D 421 -65.49 20.93 70.04
C ILE D 421 -64.47 20.01 70.71
N HIS D 422 -63.29 19.83 70.11
CA HIS D 422 -62.28 18.97 70.72
C HIS D 422 -61.59 19.63 71.89
N GLY D 423 -61.81 20.93 72.09
CA GLY D 423 -61.29 21.60 73.26
C GLY D 423 -59.91 22.16 73.08
N VAL D 424 -59.37 22.16 71.86
CA VAL D 424 -58.11 22.85 71.61
C VAL D 424 -58.28 24.35 71.84
N LEU D 425 -59.52 24.83 71.81
CA LEU D 425 -59.87 26.21 72.15
C LEU D 425 -61.05 26.14 73.13
N LYS D 426 -60.74 26.08 74.43
CA LYS D 426 -61.78 26.06 75.45
C LYS D 426 -62.50 27.39 75.60
N ASN D 427 -61.81 28.50 75.38
CA ASN D 427 -62.38 29.83 75.54
C ASN D 427 -62.29 30.56 74.22
N VAL D 428 -62.82 31.79 74.21
CA VAL D 428 -62.72 32.66 73.05
C VAL D 428 -61.44 33.47 73.18
N ASP D 429 -60.32 32.90 72.75
CA ASP D 429 -59.06 33.62 72.77
C ASP D 429 -58.85 34.33 71.43
N ARG D 430 -57.80 35.16 71.40
CA ARG D 430 -57.59 36.03 70.25
C ARG D 430 -57.31 35.24 68.99
N GLU D 431 -56.79 34.01 69.12
CA GLU D 431 -56.62 33.17 67.94
C GLU D 431 -57.98 32.78 67.36
N VAL D 432 -58.94 32.46 68.22
CA VAL D 432 -60.29 32.17 67.77
C VAL D 432 -60.91 33.40 67.13
N VAL D 433 -60.71 34.56 67.74
CA VAL D 433 -61.26 35.79 67.17
C VAL D 433 -60.64 36.08 65.81
N SER D 434 -59.33 35.88 65.68
CA SER D 434 -58.65 36.15 64.41
C SER D 434 -59.10 35.17 63.33
N GLU D 435 -59.28 33.90 63.69
CA GLU D 435 -59.78 32.94 62.72
C GLU D 435 -61.19 33.30 62.29
N ALA D 436 -62.03 33.74 63.24
CA ALA D 436 -63.36 34.22 62.89
C ALA D 436 -63.28 35.42 61.97
N ILE D 437 -62.30 36.30 62.18
CA ILE D 437 -62.15 37.47 61.32
C ILE D 437 -61.74 37.05 59.91
N ASN D 438 -60.88 36.04 59.80
CA ASN D 438 -60.52 35.53 58.47
C ASN D 438 -61.72 34.92 57.78
N ILE D 439 -62.54 34.17 58.53
CA ILE D 439 -63.75 33.60 57.97
C ILE D 439 -64.68 34.71 57.49
N MET D 440 -64.85 35.76 58.30
CA MET D 440 -65.67 36.90 57.89
C MET D 440 -65.11 37.58 56.66
N ASN D 441 -63.78 37.71 56.57
CA ASN D 441 -63.17 38.36 55.42
C ASN D 441 -63.40 37.55 54.16
N ARG D 442 -63.53 36.24 54.28
CA ARG D 442 -63.86 35.38 53.14
C ARG D 442 -65.36 35.07 53.04
N SER D 443 -66.20 35.73 53.84
CA SER D 443 -67.61 35.38 53.89
C SER D 443 -68.31 35.64 52.56
N ASN D 444 -69.07 34.63 52.12
CA ASN D 444 -69.94 34.73 50.96
C ASN D 444 -71.14 33.84 51.25
N ASP D 445 -72.12 33.85 50.35
CA ASP D 445 -73.39 33.16 50.61
C ASP D 445 -73.17 31.66 50.77
N ALA D 446 -72.30 31.07 49.96
CA ALA D 446 -71.99 29.64 50.12
C ALA D 446 -71.36 29.38 51.48
N LEU D 447 -70.51 30.29 51.95
CA LEU D 447 -69.94 30.12 53.28
C LEU D 447 -71.00 30.26 54.37
N ILE D 448 -71.96 31.16 54.18
CA ILE D 448 -73.04 31.30 55.15
C ILE D 448 -73.82 29.99 55.24
N LYS D 449 -74.16 29.41 54.08
CA LYS D 449 -74.91 28.15 54.10
C LYS D 449 -74.08 27.02 54.70
N PHE D 450 -72.78 26.99 54.40
CA PHE D 450 -71.88 26.01 55.01
C PHE D 450 -71.90 26.11 56.53
N MET D 451 -71.73 27.32 57.05
CA MET D 451 -71.75 27.53 58.50
C MET D 451 -73.11 27.20 59.08
N GLU D 452 -74.18 27.60 58.39
CA GLU D 452 -75.51 27.37 58.90
C GLU D 452 -75.78 25.89 59.05
N TYR D 453 -75.40 25.09 58.06
CA TYR D 453 -75.57 23.65 58.19
C TYR D 453 -74.73 23.13 59.35
N HIS D 454 -73.45 23.50 59.41
CA HIS D 454 -72.59 22.87 60.39
C HIS D 454 -72.86 23.34 61.82
N ILE D 455 -73.57 24.44 62.01
CA ILE D 455 -73.93 24.90 63.35
C ILE D 455 -75.34 24.46 63.73
N SER D 456 -76.25 24.36 62.77
CA SER D 456 -77.59 23.87 63.10
C SER D 456 -77.59 22.37 63.30
N ASN D 457 -76.73 21.64 62.57
CA ASN D 457 -76.65 20.19 62.72
C ASN D 457 -75.91 19.82 64.00
N THR D 458 -75.20 20.76 64.61
CA THR D 458 -74.60 20.53 65.91
C THR D 458 -75.68 20.29 66.96
N ASP D 459 -75.48 19.27 67.79
CA ASP D 459 -76.38 18.98 68.89
C ASP D 459 -75.70 19.47 70.16
N GLU D 460 -76.44 20.20 70.99
CA GLU D 460 -75.84 20.92 72.09
C GLU D 460 -75.82 20.12 73.39
N THR D 461 -76.62 19.05 73.46
CA THR D 461 -76.65 18.22 74.67
C THR D 461 -75.41 17.37 74.84
N LYS D 462 -74.53 17.29 73.83
CA LYS D 462 -73.34 16.45 73.90
C LYS D 462 -72.19 17.20 74.56
N GLY D 463 -72.43 17.59 75.81
CA GLY D 463 -71.43 18.28 76.59
C GLY D 463 -71.35 19.76 76.27
N GLU D 464 -70.75 20.51 77.20
CA GLU D 464 -70.73 21.96 77.09
C GLU D 464 -69.90 22.44 75.91
N ASN D 465 -68.97 21.61 75.43
CA ASN D 465 -68.13 22.03 74.30
C ASN D 465 -68.96 22.21 73.04
N TYR D 466 -69.94 21.33 72.82
CA TYR D 466 -70.81 21.44 71.65
C TYR D 466 -71.76 22.63 71.78
N GLN D 467 -72.26 22.90 72.98
CA GLN D 467 -73.06 24.10 73.19
C GLN D 467 -72.23 25.35 72.91
N LEU D 468 -70.96 25.34 73.34
CA LEU D 468 -70.07 26.46 73.07
C LEU D 468 -69.86 26.66 71.58
N VAL D 469 -69.60 25.58 70.85
CA VAL D 469 -69.38 25.74 69.41
C VAL D 469 -70.65 26.21 68.74
N LYS D 470 -71.81 25.76 69.22
CA LYS D 470 -73.07 26.19 68.63
C LYS D 470 -73.31 27.68 68.83
N THR D 471 -73.16 28.17 70.06
CA THR D 471 -73.39 29.59 70.30
C THR D 471 -72.37 30.44 69.56
N LEU D 472 -71.09 30.03 69.57
CA LEU D 472 -70.06 30.80 68.89
C LEU D 472 -70.31 30.82 67.39
N GLY D 473 -70.74 29.70 66.82
CA GLY D 473 -71.01 29.65 65.40
C GLY D 473 -72.25 30.42 65.01
N GLU D 474 -73.25 30.46 65.89
CA GLU D 474 -74.40 31.33 65.63
C GLU D 474 -73.97 32.79 65.59
N GLN D 475 -73.13 33.18 66.54
CA GLN D 475 -72.60 34.54 66.53
C GLN D 475 -71.80 34.81 65.27
N LEU D 476 -70.99 33.82 64.83
CA LEU D 476 -70.20 34.00 63.63
C LEU D 476 -71.08 34.07 62.39
N ILE D 477 -72.16 33.30 62.34
CA ILE D 477 -73.09 33.38 61.22
C ILE D 477 -73.72 34.77 61.16
N GLU D 478 -74.13 35.29 62.31
CA GLU D 478 -74.65 36.65 62.37
C GLU D 478 -73.64 37.65 61.86
N ASN D 479 -72.39 37.54 62.32
CA ASN D 479 -71.38 38.53 61.98
C ASN D 479 -70.97 38.42 60.51
N CYS D 480 -71.04 37.22 59.94
CA CYS D 480 -70.71 37.04 58.53
C CYS D 480 -71.83 37.54 57.63
N LYS D 481 -73.08 37.42 58.10
CA LYS D 481 -74.20 37.98 57.35
C LYS D 481 -74.06 39.50 57.23
N GLN D 482 -73.59 40.16 58.29
CA GLN D 482 -73.41 41.61 58.24
C GLN D 482 -72.38 42.03 57.20
N VAL D 483 -71.26 41.31 57.10
CA VAL D 483 -70.18 41.67 56.19
C VAL D 483 -70.25 40.82 54.93
N LEU D 484 -71.44 40.28 54.64
CA LEU D 484 -71.63 39.53 53.40
C LEU D 484 -71.24 40.36 52.19
N ASP D 485 -71.56 41.65 52.19
CA ASP D 485 -71.24 42.56 51.10
C ASP D 485 -70.12 43.54 51.44
N VAL D 486 -69.76 43.66 52.72
CA VAL D 486 -68.72 44.59 53.13
C VAL D 486 -67.37 44.10 52.63
N ASP D 487 -66.46 45.03 52.37
CA ASP D 487 -65.14 44.66 51.90
C ASP D 487 -64.35 43.98 53.01
N PRO D 488 -63.45 43.04 52.67
CA PRO D 488 -62.61 42.44 53.70
C PRO D 488 -61.63 43.46 54.28
N VAL D 489 -61.39 43.32 55.58
CA VAL D 489 -60.62 44.30 56.33
C VAL D 489 -59.50 43.58 57.08
N TYR D 490 -58.33 44.21 57.11
CA TYR D 490 -57.23 43.75 57.95
C TYR D 490 -57.46 44.27 59.36
N LYS D 491 -57.77 43.36 60.27
CA LYS D 491 -57.98 43.68 61.68
C LYS D 491 -57.16 42.71 62.50
N ASP D 492 -56.10 43.24 63.11
CA ASP D 492 -55.19 42.45 63.95
C ASP D 492 -55.72 42.46 65.37
N VAL D 493 -55.90 41.27 65.94
CA VAL D 493 -56.48 41.12 67.27
C VAL D 493 -55.57 40.36 68.23
N ALA D 494 -54.33 40.08 67.86
CA ALA D 494 -53.40 39.45 68.78
C ALA D 494 -53.06 40.40 69.91
N LYS D 495 -52.77 39.83 71.08
CA LYS D 495 -52.38 40.64 72.23
C LYS D 495 -51.04 41.30 71.94
N PRO D 496 -50.89 42.61 72.10
CA PRO D 496 -49.55 43.20 72.06
C PRO D 496 -48.66 42.59 73.13
N THR D 497 -47.41 42.31 72.76
CA THR D 497 -46.44 41.70 73.65
C THR D 497 -45.17 42.55 73.65
N GLY D 498 -44.64 42.79 74.84
CA GLY D 498 -43.38 43.50 74.99
C GLY D 498 -42.25 42.54 75.26
N PRO D 499 -41.03 43.06 75.35
CA PRO D 499 -39.88 42.21 75.66
C PRO D 499 -39.76 41.94 77.15
N LYS D 500 -39.26 40.74 77.46
CA LYS D 500 -38.96 40.40 78.85
C LYS D 500 -37.70 39.56 78.86
N THR D 501 -36.64 40.08 79.47
CA THR D 501 -35.37 39.38 79.60
C THR D 501 -35.13 39.06 81.07
N ALA D 502 -34.90 37.79 81.36
CA ALA D 502 -34.71 37.30 82.72
C ALA D 502 -33.41 36.53 82.82
N ILE D 503 -32.66 36.77 83.89
CA ILE D 503 -31.41 36.08 84.16
C ILE D 503 -31.65 35.18 85.37
N ASP D 504 -31.54 33.87 85.16
CA ASP D 504 -31.70 32.91 86.24
C ASP D 504 -30.57 33.06 87.26
N LYS D 505 -30.70 32.33 88.37
CA LYS D 505 -29.65 32.34 89.38
C LYS D 505 -28.35 31.77 88.84
N ASN D 506 -28.44 30.84 87.90
CA ASN D 506 -27.27 30.23 87.28
C ASN D 506 -26.80 30.98 86.03
N GLY D 507 -27.18 32.23 85.88
CA GLY D 507 -26.74 33.02 84.75
C GLY D 507 -27.25 32.54 83.41
N ASN D 508 -28.52 32.15 83.34
CA ASN D 508 -29.17 31.75 82.10
C ASN D 508 -30.10 32.86 81.64
N ILE D 509 -29.87 33.36 80.43
CA ILE D 509 -30.67 34.44 79.86
C ILE D 509 -31.85 33.81 79.13
N THR D 510 -33.05 34.27 79.45
CA THR D 510 -34.27 33.85 78.81
C THR D 510 -35.01 35.08 78.31
N TYR D 511 -35.38 35.07 77.03
CA TYR D 511 -36.17 36.13 76.42
C TYR D 511 -37.57 35.61 76.14
N SER D 512 -38.58 36.41 76.48
CA SER D 512 -39.97 36.04 76.26
C SER D 512 -40.76 37.25 75.79
N GLU D 513 -41.83 36.97 75.07
CA GLU D 513 -42.75 38.00 74.56
C GLU D 513 -43.97 38.02 75.46
N GLU D 514 -43.82 38.62 76.63
CA GLU D 514 -44.93 38.62 77.56
C GLU D 514 -45.97 39.65 77.13
N PRO D 515 -47.26 39.41 77.35
CA PRO D 515 -48.26 40.45 77.06
C PRO D 515 -48.00 41.70 77.88
N ARG D 516 -48.19 42.86 77.27
CA ARG D 516 -48.03 44.12 77.98
C ARG D 516 -49.20 44.33 78.93
N GLU D 517 -48.88 44.75 80.15
CA GLU D 517 -49.93 45.00 81.14
C GLU D 517 -50.77 46.21 80.75
N LYS D 518 -50.11 47.33 80.42
CA LYS D 518 -50.84 48.57 80.15
C LYS D 518 -51.60 48.47 78.82
N VAL D 519 -51.00 47.86 77.81
CA VAL D 519 -51.55 47.80 76.46
C VAL D 519 -52.02 46.37 76.21
N ARG D 520 -53.26 46.22 75.77
CA ARG D 520 -53.88 44.92 75.58
C ARG D 520 -54.61 44.78 74.25
N LYS D 521 -54.95 45.88 73.58
CA LYS D 521 -55.58 45.86 72.28
C LYS D 521 -54.76 46.71 71.31
N LEU D 522 -55.03 46.55 70.02
CA LEU D 522 -54.39 47.40 69.03
C LEU D 522 -54.87 48.85 69.15
N SER D 523 -56.13 49.04 69.56
CA SER D 523 -56.59 50.39 69.85
C SER D 523 -55.75 51.03 70.96
N GLN D 524 -55.55 50.29 72.05
CA GLN D 524 -54.71 50.78 73.14
C GLN D 524 -53.28 51.00 72.69
N TYR D 525 -52.77 50.16 71.78
CA TYR D 525 -51.46 50.40 71.20
C TYR D 525 -51.41 51.73 70.49
N VAL D 526 -52.45 52.04 69.71
CA VAL D 526 -52.50 53.33 69.01
C VAL D 526 -52.54 54.49 70.01
N GLN D 527 -53.35 54.35 71.06
CA GLN D 527 -53.38 55.38 72.09
C GLN D 527 -52.02 55.58 72.72
N GLU D 528 -51.29 54.48 72.98
CA GLU D 528 -49.97 54.59 73.57
C GLU D 528 -49.00 55.30 72.62
N MET D 529 -49.08 55.00 71.32
CA MET D 529 -48.21 55.68 70.37
C MET D 529 -48.51 57.18 70.35
N ALA D 530 -49.79 57.53 70.36
CA ALA D 530 -50.16 58.95 70.37
C ALA D 530 -49.65 59.64 71.62
N LEU D 531 -49.83 59.00 72.78
CA LEU D 531 -49.41 59.61 74.04
C LEU D 531 -47.89 59.80 74.08
N GLY D 532 -47.14 58.81 73.64
CA GLY D 532 -45.70 58.91 73.71
C GLY D 532 -45.17 58.55 75.09
N GLY D 533 -44.33 59.41 75.63
CA GLY D 533 -43.67 59.18 76.89
C GLY D 533 -42.84 60.39 77.27
N PRO D 534 -42.25 60.38 78.47
CA PRO D 534 -41.45 61.53 78.90
C PRO D 534 -40.29 61.86 77.97
N ILE D 535 -39.62 60.84 77.42
CA ILE D 535 -38.44 61.10 76.60
C ILE D 535 -38.83 61.77 75.28
N THR D 536 -40.05 61.50 74.80
CA THR D 536 -40.49 62.12 73.55
C THR D 536 -40.84 63.59 73.73
N LYS D 537 -40.96 64.08 74.96
CA LYS D 537 -41.27 65.48 75.18
C LYS D 537 -40.08 66.35 74.82
N GLU D 538 -40.36 67.58 74.39
CA GLU D 538 -39.32 68.56 74.10
C GLU D 538 -39.71 69.91 74.70
N SER D 539 -38.70 70.75 74.92
CA SER D 539 -38.91 72.08 75.47
C SER D 539 -39.78 72.92 74.55
N SER D 623 -66.06 59.69 69.70
CA SER D 623 -66.45 61.08 69.50
C SER D 623 -65.22 61.93 69.18
N LYS D 624 -64.13 61.68 69.91
CA LYS D 624 -62.87 62.39 69.72
C LYS D 624 -61.81 61.41 69.27
N THR D 625 -61.06 61.78 68.23
CA THR D 625 -60.03 60.91 67.70
C THR D 625 -58.86 60.82 68.67
N VAL D 626 -58.01 59.81 68.45
CA VAL D 626 -56.83 59.62 69.29
C VAL D 626 -55.84 60.75 69.10
N SER D 627 -55.91 61.46 67.96
CA SER D 627 -55.02 62.61 67.78
C SER D 627 -55.37 63.75 68.71
N SER D 628 -56.56 63.72 69.32
CA SER D 628 -56.90 64.68 70.35
C SER D 628 -56.14 64.41 71.65
N THR D 629 -55.91 63.13 71.98
CA THR D 629 -55.32 62.74 73.26
C THR D 629 -53.81 62.93 73.29
N ILE D 630 -53.19 63.27 72.17
CA ILE D 630 -51.75 63.56 72.16
C ILE D 630 -51.47 64.73 73.08
N PRO D 631 -50.47 64.67 73.97
CA PRO D 631 -50.17 65.84 74.81
C PRO D 631 -49.50 66.95 74.01
N ARG D 632 -49.70 68.18 74.48
CA ARG D 632 -49.10 69.34 73.84
C ARG D 632 -47.59 69.31 74.00
N GLU D 633 -46.88 69.73 72.95
CA GLU D 633 -45.42 69.83 72.98
C GLU D 633 -44.79 68.44 73.20
N THR D 634 -45.18 67.51 72.35
CA THR D 634 -44.73 66.13 72.44
C THR D 634 -44.50 65.58 71.03
N ILE D 635 -43.78 64.47 70.96
CA ILE D 635 -43.55 63.75 69.72
C ILE D 635 -44.12 62.35 69.89
N PRO D 636 -45.23 61.98 69.24
CA PRO D 636 -45.73 60.61 69.39
C PRO D 636 -44.71 59.60 68.89
N PHE D 637 -44.84 58.36 69.39
CA PHE D 637 -43.93 57.30 69.00
C PHE D 637 -43.99 57.04 67.49
N LEU D 638 -45.19 57.03 66.94
CA LEU D 638 -45.40 57.01 65.49
C LEU D 638 -45.88 58.39 65.08
N HIS D 639 -45.20 59.00 64.12
CA HIS D 639 -45.63 60.29 63.61
C HIS D 639 -45.30 60.36 62.13
N LEU D 640 -45.81 61.39 61.47
CA LEU D 640 -45.38 61.75 60.12
C LEU D 640 -44.66 63.08 60.20
N ARG D 641 -43.57 63.20 59.47
CA ARG D 641 -42.80 64.42 59.42
C ARG D 641 -43.19 65.24 58.19
N LYS D 642 -42.86 66.52 58.23
CA LYS D 642 -43.05 67.43 57.12
C LYS D 642 -41.72 68.10 56.78
N LYS D 643 -41.44 68.23 55.50
CA LYS D 643 -40.21 68.88 55.06
C LYS D 643 -40.36 70.39 55.20
N THR D 644 -39.48 71.01 55.98
CA THR D 644 -39.50 72.44 56.15
C THR D 644 -38.93 73.12 54.91
N PRO D 645 -39.16 74.43 54.75
CA PRO D 645 -38.55 75.13 53.61
C PRO D 645 -37.04 75.04 53.59
N ALA D 646 -36.40 74.91 54.75
CA ALA D 646 -34.96 74.74 54.80
C ALA D 646 -34.50 73.40 54.26
N GLY D 647 -35.41 72.44 54.09
CA GLY D 647 -35.08 71.16 53.50
C GLY D 647 -34.93 70.01 54.47
N ASP D 648 -35.20 70.22 55.76
CA ASP D 648 -35.09 69.19 56.77
C ASP D 648 -36.47 68.80 57.27
N TRP D 649 -36.62 67.52 57.59
CA TRP D 649 -37.91 66.95 57.96
C TRP D 649 -38.12 67.07 59.46
N LYS D 650 -39.29 67.58 59.85
CA LYS D 650 -39.64 67.81 61.24
C LYS D 650 -41.00 67.19 61.52
N TYR D 651 -41.19 66.82 62.78
CA TYR D 651 -42.48 66.32 63.23
C TYR D 651 -43.59 67.32 62.90
N ASP D 652 -44.66 66.82 62.29
CA ASP D 652 -45.81 67.63 61.91
C ASP D 652 -47.06 67.14 62.62
N ARG D 653 -47.68 68.03 63.38
CA ARG D 653 -48.90 67.69 64.10
C ARG D 653 -50.00 67.24 63.15
N GLN D 654 -50.22 67.96 62.04
CA GLN D 654 -51.35 67.64 61.17
C GLN D 654 -51.18 66.26 60.53
N LEU D 655 -50.04 66.02 59.92
CA LEU D 655 -49.80 64.74 59.26
C LEU D 655 -49.80 63.60 60.28
N SER D 656 -49.17 63.82 61.43
CA SER D 656 -49.14 62.79 62.45
C SER D 656 -50.54 62.48 62.96
N SER D 657 -51.36 63.50 63.16
CA SER D 657 -52.73 63.28 63.58
C SER D 657 -53.48 62.47 62.53
N LEU D 658 -53.30 62.79 61.26
CA LEU D 658 -53.96 62.03 60.21
C LEU D 658 -53.54 60.57 60.24
N PHE D 659 -52.23 60.31 60.41
CA PHE D 659 -51.74 58.94 60.41
C PHE D 659 -52.22 58.17 61.65
N LEU D 660 -52.20 58.82 62.83
CA LEU D 660 -52.69 58.15 64.03
C LEU D 660 -54.19 57.90 63.95
N ASP D 661 -54.95 58.82 63.36
CA ASP D 661 -56.38 58.59 63.19
C ASP D 661 -56.62 57.42 62.25
N GLY D 662 -55.85 57.32 61.18
CA GLY D 662 -55.93 56.15 60.33
C GLY D 662 -55.60 54.87 61.07
N LEU D 663 -54.59 54.92 61.94
CA LEU D 663 -54.24 53.75 62.74
C LEU D 663 -55.36 53.36 63.69
N GLU D 664 -56.01 54.35 64.31
CA GLU D 664 -57.13 54.03 65.20
C GLU D 664 -58.27 53.40 64.42
N LYS D 665 -58.57 53.93 63.23
CA LYS D 665 -59.62 53.33 62.42
C LYS D 665 -59.26 51.91 62.03
N ALA D 666 -57.99 51.68 61.66
CA ALA D 666 -57.56 50.32 61.33
C ALA D 666 -57.67 49.39 62.52
N ALA D 667 -57.29 49.87 63.71
CA ALA D 667 -57.31 49.03 64.90
C ALA D 667 -58.74 48.66 65.29
N PHE D 668 -59.67 49.59 65.17
CA PHE D 668 -61.04 49.34 65.63
C PHE D 668 -61.90 48.71 64.53
N ASN D 669 -62.06 49.39 63.40
CA ASN D 669 -62.89 48.89 62.31
C ASN D 669 -62.18 47.90 61.41
N GLY D 670 -60.86 47.95 61.33
CA GLY D 670 -60.14 47.23 60.31
C GLY D 670 -60.03 48.04 59.03
N VAL D 671 -58.95 47.82 58.30
CA VAL D 671 -58.66 48.54 57.07
C VAL D 671 -58.73 47.55 55.91
N THR D 672 -59.41 47.93 54.84
CA THR D 672 -59.50 47.12 53.65
C THR D 672 -58.37 47.49 52.68
N PHE D 673 -58.01 46.53 51.84
CA PHE D 673 -57.07 46.74 50.75
C PHE D 673 -57.63 46.14 49.48
N LYS D 674 -58.95 46.24 49.30
CA LYS D 674 -59.57 45.81 48.06
C LYS D 674 -59.05 46.60 46.88
N ASP D 675 -58.91 45.93 45.75
CA ASP D 675 -58.48 46.55 44.50
C ASP D 675 -57.12 47.23 44.67
N LYS D 676 -56.31 46.72 45.60
CA LYS D 676 -54.97 47.21 45.84
C LYS D 676 -53.99 46.15 45.37
N TYR D 677 -53.20 46.49 44.36
CA TYR D 677 -52.20 45.58 43.81
C TYR D 677 -50.84 45.96 44.36
N VAL D 678 -50.25 45.04 45.12
CA VAL D 678 -49.04 45.28 45.89
C VAL D 678 -47.97 44.33 45.38
N LEU D 679 -46.74 44.84 45.32
CA LEU D 679 -45.56 44.02 45.06
C LEU D 679 -44.68 44.10 46.30
N ILE D 680 -44.56 42.99 47.03
CA ILE D 680 -43.77 42.96 48.25
C ILE D 680 -42.59 42.01 48.06
N THR D 681 -41.39 42.50 48.35
CA THR D 681 -40.18 41.70 48.36
C THR D 681 -39.65 41.65 49.78
N GLY D 682 -38.93 40.57 50.09
CA GLY D 682 -38.41 40.39 51.43
C GLY D 682 -39.48 40.07 52.46
N ALA D 683 -40.39 39.16 52.13
CA ALA D 683 -41.48 38.75 53.02
C ALA D 683 -41.39 37.28 53.38
N GLY D 684 -40.20 36.79 53.70
CA GLY D 684 -40.06 35.41 54.15
C GLY D 684 -40.53 35.26 55.59
N LYS D 685 -40.58 34.00 56.03
CA LYS D 685 -41.00 33.72 57.41
C LYS D 685 -40.08 34.42 58.39
N GLY D 686 -40.66 34.99 59.44
CA GLY D 686 -39.91 35.66 60.46
C GLY D 686 -39.46 37.06 60.11
N SER D 687 -40.13 37.72 59.17
CA SER D 687 -39.79 39.07 58.76
C SER D 687 -40.99 39.97 58.93
N ILE D 688 -40.73 41.29 58.89
CA ILE D 688 -41.81 42.26 58.92
C ILE D 688 -42.64 42.14 57.65
N GLY D 689 -42.00 41.83 56.53
CA GLY D 689 -42.72 41.69 55.28
C GLY D 689 -43.75 40.58 55.32
N ALA D 690 -43.45 39.50 56.04
CA ALA D 690 -44.43 38.40 56.14
C ALA D 690 -45.70 38.87 56.84
N GLU D 691 -45.55 39.63 57.92
CA GLU D 691 -46.72 40.16 58.62
C GLU D 691 -47.45 41.19 57.78
N VAL D 692 -46.70 42.02 57.04
CA VAL D 692 -47.34 42.99 56.16
C VAL D 692 -48.13 42.26 55.07
N LEU D 693 -47.57 41.19 54.53
CA LEU D 693 -48.26 40.40 53.52
C LEU D 693 -49.51 39.73 54.10
N GLN D 694 -49.42 39.26 55.34
CA GLN D 694 -50.60 38.70 55.99
C GLN D 694 -51.70 39.74 56.11
N GLY D 695 -51.33 40.96 56.53
CA GLY D 695 -52.32 42.01 56.64
C GLY D 695 -52.90 42.39 55.29
N LEU D 696 -52.06 42.46 54.25
CA LEU D 696 -52.55 42.77 52.92
C LEU D 696 -53.55 41.73 52.45
N LEU D 697 -53.24 40.45 52.65
CA LEU D 697 -54.16 39.40 52.26
C LEU D 697 -55.46 39.48 53.06
N GLN D 698 -55.36 39.80 54.35
CA GLN D 698 -56.57 40.01 55.15
C GLN D 698 -57.43 41.12 54.57
N GLY D 699 -56.80 42.24 54.21
CA GLY D 699 -57.49 43.39 53.67
C GLY D 699 -57.97 43.21 52.24
N GLY D 700 -57.55 42.15 51.57
CA GLY D 700 -58.09 41.83 50.26
C GLY D 700 -57.21 42.19 49.10
N ALA D 701 -55.94 42.50 49.36
CA ALA D 701 -55.04 42.96 48.32
C ALA D 701 -54.67 41.83 47.37
N LYS D 702 -54.28 42.20 46.16
CA LYS D 702 -53.63 41.32 45.22
C LYS D 702 -52.13 41.51 45.36
N VAL D 703 -51.47 40.59 46.05
CA VAL D 703 -50.07 40.74 46.43
C VAL D 703 -49.23 39.80 45.59
N VAL D 704 -48.23 40.35 44.92
CA VAL D 704 -47.13 39.58 44.36
C VAL D 704 -46.04 39.57 45.42
N VAL D 705 -45.86 38.44 46.08
CA VAL D 705 -44.76 38.25 47.01
C VAL D 705 -43.62 37.57 46.27
N THR D 706 -42.42 38.10 46.47
CA THR D 706 -41.21 37.52 45.89
C THR D 706 -40.50 36.70 46.96
N THR D 707 -39.67 35.76 46.52
CA THR D 707 -38.84 34.98 47.44
C THR D 707 -37.53 34.63 46.77
N SER D 708 -36.45 34.74 47.53
CA SER D 708 -35.13 34.30 47.09
C SER D 708 -34.82 32.87 47.48
N ARG D 709 -35.72 32.20 48.19
CA ARG D 709 -35.55 30.82 48.64
C ARG D 709 -36.69 29.95 48.12
N PHE D 710 -37.01 30.07 46.84
CA PHE D 710 -38.14 29.37 46.27
C PHE D 710 -37.95 27.85 46.39
N SER D 711 -38.87 27.20 47.10
CA SER D 711 -38.77 25.78 47.37
C SER D 711 -40.16 25.29 47.79
N LYS D 712 -40.26 23.98 48.01
CA LYS D 712 -41.52 23.43 48.49
C LYS D 712 -41.86 23.98 49.86
N GLN D 713 -40.88 24.12 50.74
CA GLN D 713 -41.13 24.65 52.08
C GLN D 713 -41.70 26.07 51.99
N VAL D 714 -41.09 26.91 51.15
CA VAL D 714 -41.53 28.30 51.06
C VAL D 714 -42.89 28.39 50.39
N THR D 715 -43.11 27.61 49.33
CA THR D 715 -44.41 27.65 48.67
C THR D 715 -45.51 27.13 49.59
N ASP D 716 -45.22 26.10 50.38
CA ASP D 716 -46.19 25.61 51.34
C ASP D 716 -46.46 26.66 52.42
N TYR D 717 -45.41 27.36 52.85
CA TYR D 717 -45.59 28.42 53.85
C TYR D 717 -46.49 29.52 53.32
N TYR D 718 -46.28 29.92 52.08
CA TYR D 718 -47.11 30.99 51.51
C TYR D 718 -48.52 30.48 51.22
N GLN D 719 -48.68 29.21 50.86
CA GLN D 719 -50.01 28.66 50.70
C GLN D 719 -50.75 28.63 52.02
N SER D 720 -50.06 28.25 53.11
CA SER D 720 -50.70 28.24 54.41
C SER D 720 -51.10 29.65 54.81
N ILE D 721 -50.26 30.64 54.52
CA ILE D 721 -50.63 32.02 54.81
C ILE D 721 -51.84 32.42 54.00
N TYR D 722 -51.91 32.02 52.73
CA TYR D 722 -53.07 32.41 51.93
C TYR D 722 -54.32 31.69 52.40
N ALA D 723 -54.19 30.43 52.81
CA ALA D 723 -55.34 29.68 53.29
C ALA D 723 -55.82 30.19 54.63
N LYS D 724 -54.93 30.84 55.40
CA LYS D 724 -55.34 31.41 56.68
C LYS D 724 -55.89 32.82 56.51
N TYR D 725 -55.15 33.71 55.85
CA TYR D 725 -55.46 35.14 55.80
C TYR D 725 -55.89 35.65 54.44
N GLY D 726 -56.17 34.78 53.47
CA GLY D 726 -56.49 35.24 52.14
C GLY D 726 -57.94 35.58 51.98
N ALA D 727 -58.25 36.87 52.07
CA ALA D 727 -59.62 37.33 52.05
C ALA D 727 -60.24 37.13 50.68
N LYS D 728 -61.57 37.28 50.63
CA LYS D 728 -62.26 37.23 49.35
C LYS D 728 -61.74 38.32 48.43
N GLY D 729 -61.40 37.92 47.21
CA GLY D 729 -60.84 38.83 46.24
C GLY D 729 -59.34 38.98 46.30
N SER D 730 -58.68 38.43 47.31
CA SER D 730 -57.24 38.50 47.43
C SER D 730 -56.59 37.40 46.63
N THR D 731 -55.43 37.70 46.06
CA THR D 731 -54.65 36.73 45.30
C THR D 731 -53.20 36.87 45.69
N LEU D 732 -52.57 35.77 46.04
CA LEU D 732 -51.15 35.74 46.37
C LEU D 732 -50.38 35.12 45.21
N ILE D 733 -49.44 35.88 44.65
CA ILE D 733 -48.57 35.40 43.58
C ILE D 733 -47.17 35.26 44.17
N VAL D 734 -46.76 34.04 44.45
CA VAL D 734 -45.43 33.74 44.96
C VAL D 734 -44.52 33.51 43.78
N VAL D 735 -43.49 34.34 43.63
CA VAL D 735 -42.56 34.20 42.51
C VAL D 735 -41.14 34.03 43.03
N PRO D 736 -40.30 33.20 42.41
CA PRO D 736 -38.87 33.26 42.71
C PRO D 736 -38.29 34.57 42.18
N PHE D 737 -37.28 35.08 42.88
CA PHE D 737 -36.81 36.41 42.58
C PHE D 737 -35.48 36.63 43.27
N ASN D 738 -34.58 37.31 42.57
CA ASN D 738 -33.34 37.80 43.15
C ASN D 738 -33.34 39.31 42.93
N GLN D 739 -33.61 40.06 44.01
CA GLN D 739 -33.57 41.51 43.92
C GLN D 739 -32.17 42.02 43.65
N GLY D 740 -31.15 41.20 43.81
CA GLY D 740 -29.80 41.59 43.48
C GLY D 740 -29.46 41.53 42.01
N SER D 741 -30.36 41.05 41.16
CA SER D 741 -30.13 41.01 39.72
C SER D 741 -31.14 41.89 39.00
N LYS D 742 -30.62 42.84 38.21
CA LYS D 742 -31.48 43.75 37.48
C LYS D 742 -32.28 43.01 36.42
N GLN D 743 -31.74 41.92 35.89
CA GLN D 743 -32.52 41.11 34.94
C GLN D 743 -33.78 40.59 35.60
N ASP D 744 -33.67 40.09 36.83
CA ASP D 744 -34.86 39.65 37.54
C ASP D 744 -35.77 40.81 37.87
N VAL D 745 -35.20 41.98 38.21
CA VAL D 745 -36.05 43.14 38.51
C VAL D 745 -36.91 43.47 37.29
N GLU D 746 -36.25 43.61 36.13
CA GLU D 746 -36.97 43.93 34.90
C GLU D 746 -37.95 42.83 34.54
N ALA D 747 -37.54 41.56 34.66
CA ALA D 747 -38.41 40.45 34.28
C ALA D 747 -39.64 40.37 35.16
N LEU D 748 -39.47 40.58 36.47
CA LEU D 748 -40.60 40.56 37.37
C LEU D 748 -41.57 41.69 37.07
N ILE D 749 -41.06 42.89 36.82
CA ILE D 749 -41.96 44.00 36.53
C ILE D 749 -42.68 43.77 35.21
N GLU D 750 -41.97 43.22 34.22
CA GLU D 750 -42.59 42.88 32.94
C GLU D 750 -43.66 41.82 33.13
N PHE D 751 -43.39 40.82 33.97
CA PHE D 751 -44.37 39.77 34.22
C PHE D 751 -45.61 40.33 34.91
N ILE D 752 -45.41 41.24 35.86
CA ILE D 752 -46.54 41.85 36.55
C ILE D 752 -47.39 42.67 35.59
N TYR D 753 -46.74 43.44 34.71
CA TYR D 753 -47.46 44.39 33.88
C TYR D 753 -47.95 43.81 32.55
N ASP D 754 -47.43 42.68 32.11
CA ASP D 754 -47.85 42.09 30.86
C ASP D 754 -49.27 41.57 30.97
N THR D 755 -49.93 41.47 29.83
CA THR D 755 -51.28 40.94 29.78
C THR D 755 -51.27 39.45 30.12
N GLU D 756 -52.42 38.96 30.57
CA GLU D 756 -52.55 37.54 30.86
C GLU D 756 -52.34 36.70 29.60
N LYS D 757 -52.70 37.24 28.43
CA LYS D 757 -52.50 36.51 27.18
C LYS D 757 -51.01 36.27 26.91
N ASN D 758 -50.17 37.26 27.22
CA ASN D 758 -48.74 37.17 26.98
C ASN D 758 -47.98 36.50 28.13
N GLY D 759 -48.67 35.75 28.98
CA GLY D 759 -48.04 35.06 30.08
C GLY D 759 -47.82 35.89 31.32
N GLY D 760 -48.27 37.15 31.34
CA GLY D 760 -48.14 38.00 32.49
C GLY D 760 -49.35 37.90 33.42
N LEU D 761 -49.42 38.85 34.35
CA LEU D 761 -50.56 38.96 35.25
C LEU D 761 -51.58 40.01 34.81
N GLY D 762 -51.18 40.98 34.00
CA GLY D 762 -52.09 42.06 33.65
C GLY D 762 -52.45 42.93 34.83
N TRP D 763 -51.51 43.14 35.75
CA TRP D 763 -51.73 43.92 36.95
C TRP D 763 -51.04 45.27 36.81
N ASP D 764 -51.57 46.26 37.52
CA ASP D 764 -50.95 47.56 37.68
C ASP D 764 -50.76 47.79 39.18
N LEU D 765 -49.52 47.97 39.60
CA LEU D 765 -49.22 48.00 41.03
C LEU D 765 -49.73 49.28 41.66
N ASP D 766 -50.45 49.14 42.78
CA ASP D 766 -50.81 50.26 43.62
C ASP D 766 -49.81 50.51 44.74
N ALA D 767 -49.08 49.49 45.16
CA ALA D 767 -48.08 49.66 46.21
C ALA D 767 -46.86 48.80 45.88
N ILE D 768 -45.70 49.30 46.31
CA ILE D 768 -44.45 48.57 46.22
C ILE D 768 -43.80 48.61 47.59
N ILE D 769 -43.43 47.44 48.09
CA ILE D 769 -42.89 47.26 49.44
C ILE D 769 -41.60 46.47 49.29
N PRO D 770 -40.48 47.10 48.93
CA PRO D 770 -39.24 46.35 48.69
C PRO D 770 -38.42 46.14 49.96
N PHE D 771 -38.84 45.18 50.76
CA PHE D 771 -38.21 44.88 52.04
C PHE D 771 -37.14 43.81 51.94
N ALA D 772 -36.79 43.38 50.72
CA ALA D 772 -35.72 42.39 50.56
C ALA D 772 -34.39 43.00 50.96
N ALA D 773 -33.59 42.21 51.67
CA ALA D 773 -32.28 42.62 52.14
C ALA D 773 -31.54 41.38 52.59
N ILE D 774 -30.22 41.51 52.69
CA ILE D 774 -29.38 40.45 53.27
C ILE D 774 -28.65 41.06 54.46
N PRO D 775 -28.41 40.31 55.53
CA PRO D 775 -27.75 40.91 56.69
C PRO D 775 -26.28 41.19 56.44
N GLU D 776 -25.73 42.07 57.27
CA GLU D 776 -24.31 42.39 57.25
C GLU D 776 -23.88 42.55 58.70
N GLN D 777 -23.05 41.63 59.18
CA GLN D 777 -22.57 41.66 60.56
C GLN D 777 -21.06 41.62 60.55
N GLY D 778 -20.46 42.48 61.38
CA GLY D 778 -19.01 42.53 61.47
C GLY D 778 -18.35 42.89 60.17
N ILE D 779 -18.93 43.84 59.43
CA ILE D 779 -18.34 44.37 58.20
C ILE D 779 -18.22 45.87 58.41
N GLU D 780 -17.09 46.30 58.94
CA GLU D 780 -16.79 47.71 59.10
C GLU D 780 -16.35 48.28 57.74
N LEU D 781 -15.82 49.50 57.75
CA LEU D 781 -15.34 50.12 56.52
C LEU D 781 -14.28 49.26 55.84
N GLU D 782 -13.29 48.80 56.60
CA GLU D 782 -12.17 48.06 56.03
C GLU D 782 -12.62 46.72 55.44
N HIS D 783 -13.80 46.24 55.80
CA HIS D 783 -14.31 44.95 55.37
C HIS D 783 -15.34 45.06 54.24
N ILE D 784 -15.59 46.27 53.72
CA ILE D 784 -16.54 46.40 52.61
C ILE D 784 -15.96 45.73 51.38
N ASP D 785 -16.76 44.88 50.76
CA ASP D 785 -16.27 43.91 49.79
C ASP D 785 -17.44 43.49 48.91
N SER D 786 -17.29 42.34 48.26
CA SER D 786 -18.31 41.80 47.37
C SER D 786 -19.68 41.72 48.04
N LYS D 787 -19.72 41.19 49.26
CA LYS D 787 -21.01 41.00 49.93
C LYS D 787 -21.69 42.33 50.20
N SER D 788 -20.93 43.33 50.65
CA SER D 788 -21.51 44.64 50.90
C SER D 788 -21.95 45.31 49.61
N GLU D 789 -21.20 45.12 48.52
CA GLU D 789 -21.64 45.65 47.23
C GLU D 789 -22.93 45.01 46.78
N PHE D 790 -23.03 43.69 46.91
CA PHE D 790 -24.26 43.00 46.51
C PHE D 790 -25.44 43.41 47.38
N ALA D 791 -25.21 43.53 48.68
CA ALA D 791 -26.26 43.98 49.58
C ALA D 791 -26.72 45.38 49.23
N HIS D 792 -25.76 46.27 48.96
CA HIS D 792 -26.12 47.63 48.57
C HIS D 792 -26.90 47.63 47.27
N ARG D 793 -26.51 46.76 46.34
CA ARG D 793 -27.27 46.65 45.09
C ARG D 793 -28.71 46.29 45.38
N ILE D 794 -28.94 45.23 46.16
CA ILE D 794 -30.29 44.80 46.50
C ILE D 794 -31.05 45.92 47.17
N MET D 795 -30.46 46.54 48.19
CA MET D 795 -31.19 47.43 49.07
C MET D 795 -31.40 48.82 48.51
N LEU D 796 -30.57 49.26 47.58
CA LEU D 796 -30.70 50.59 47.01
C LEU D 796 -30.85 50.56 45.49
N THR D 797 -29.90 49.95 44.79
CA THR D 797 -29.79 50.19 43.36
C THR D 797 -30.87 49.44 42.60
N ASN D 798 -31.15 48.20 43.00
CA ASN D 798 -32.18 47.43 42.33
C ASN D 798 -33.57 47.84 42.80
N ILE D 799 -33.69 48.47 43.97
CA ILE D 799 -34.96 49.10 44.32
C ILE D 799 -35.21 50.32 43.43
N LEU D 800 -34.17 51.10 43.17
CA LEU D 800 -34.31 52.21 42.23
C LEU D 800 -34.63 51.70 40.84
N ARG D 801 -34.00 50.60 40.43
CA ARG D 801 -34.29 50.00 39.13
C ARG D 801 -35.72 49.48 39.07
N MET D 802 -36.19 48.85 40.14
CA MET D 802 -37.56 48.35 40.19
C MET D 802 -38.56 49.49 40.12
N MET D 803 -38.27 50.57 40.84
CA MET D 803 -39.11 51.75 40.78
C MET D 803 -39.14 52.32 39.37
N GLY D 804 -37.98 52.41 38.74
CA GLY D 804 -37.93 52.88 37.36
C GLY D 804 -38.63 51.97 36.38
N CYS D 805 -38.56 50.66 36.62
CA CYS D 805 -39.26 49.71 35.77
C CYS D 805 -40.76 49.89 35.86
N VAL D 806 -41.27 50.08 37.08
CA VAL D 806 -42.69 50.34 37.26
C VAL D 806 -43.07 51.65 36.57
N LYS D 807 -42.22 52.67 36.71
CA LYS D 807 -42.46 53.93 36.02
C LYS D 807 -42.53 53.71 34.51
N LYS D 808 -41.61 52.93 33.95
CA LYS D 808 -41.56 52.73 32.52
C LYS D 808 -42.80 51.98 32.04
N GLN D 809 -43.24 50.98 32.79
CA GLN D 809 -44.45 50.25 32.41
C GLN D 809 -45.67 51.17 32.43
N LYS D 810 -45.82 51.95 33.50
CA LYS D 810 -46.98 52.83 33.59
C LYS D 810 -46.95 53.90 32.50
N SER D 811 -45.75 54.40 32.15
CA SER D 811 -45.66 55.44 31.14
C SER D 811 -45.91 54.86 29.74
N ALA D 812 -45.40 53.66 29.48
CA ALA D 812 -45.70 53.01 28.20
C ALA D 812 -47.19 52.75 28.06
N ARG D 813 -47.86 52.45 29.16
CA ARG D 813 -49.31 52.25 29.15
C ARG D 813 -50.07 53.56 29.34
N GLY D 814 -49.39 54.69 29.49
CA GLY D 814 -50.04 55.96 29.63
C GLY D 814 -50.84 56.09 30.91
N ILE D 815 -50.30 55.58 32.01
CA ILE D 815 -50.97 55.58 33.30
C ILE D 815 -50.38 56.71 34.13
N GLU D 816 -51.15 57.78 34.28
CA GLU D 816 -50.72 58.97 35.00
C GLU D 816 -51.49 59.14 36.30
N THR D 817 -52.63 58.46 36.44
CA THR D 817 -53.54 58.67 37.55
C THR D 817 -53.68 57.45 38.46
N ARG D 818 -52.72 56.52 38.41
CA ARG D 818 -52.68 55.38 39.32
C ARG D 818 -51.26 55.19 39.81
N PRO D 819 -50.78 56.07 40.68
CA PRO D 819 -49.43 55.91 41.22
C PRO D 819 -49.32 54.67 42.10
N ALA D 820 -48.13 54.09 42.09
CA ALA D 820 -47.76 53.03 42.99
C ALA D 820 -47.09 53.64 44.21
N GLN D 821 -47.58 53.28 45.40
CA GLN D 821 -47.04 53.80 46.65
C GLN D 821 -45.85 52.94 47.04
N VAL D 822 -44.65 53.51 46.96
CA VAL D 822 -43.43 52.82 47.31
C VAL D 822 -43.18 53.05 48.79
N ILE D 823 -43.32 52.00 49.59
CA ILE D 823 -43.07 52.06 51.03
C ILE D 823 -41.61 51.70 51.22
N LEU D 824 -40.78 52.72 51.30
CA LEU D 824 -39.33 52.51 51.42
C LEU D 824 -38.98 52.15 52.86
N PRO D 825 -38.31 51.00 53.11
CA PRO D 825 -37.85 50.69 54.46
C PRO D 825 -36.61 51.49 54.81
N MET D 826 -36.76 52.46 55.70
CA MET D 826 -35.69 53.38 56.06
C MET D 826 -35.26 53.11 57.49
N SER D 827 -33.99 53.32 57.77
CA SER D 827 -33.47 53.13 59.11
C SER D 827 -33.35 54.48 59.80
N PRO D 828 -33.66 54.60 61.09
CA PRO D 828 -33.36 55.85 61.79
C PRO D 828 -31.89 56.10 61.94
N ASN D 829 -31.09 55.03 61.96
CA ASN D 829 -29.67 55.08 62.29
C ASN D 829 -28.86 54.76 61.04
N HIS D 830 -28.03 55.71 60.63
CA HIS D 830 -27.20 55.58 59.44
C HIS D 830 -25.74 55.60 59.88
N GLY D 831 -25.23 54.42 60.23
CA GLY D 831 -23.86 54.28 60.67
C GLY D 831 -23.63 54.49 62.15
N THR D 832 -24.69 54.54 62.96
CA THR D 832 -24.50 54.74 64.39
C THR D 832 -24.04 53.45 65.05
N PHE D 833 -24.46 52.30 64.54
CA PHE D 833 -24.01 51.02 65.10
C PHE D 833 -22.69 50.59 64.48
N GLY D 834 -22.57 50.70 63.16
CA GLY D 834 -21.37 50.27 62.47
C GLY D 834 -21.34 48.77 62.28
N GLY D 835 -20.30 48.33 61.56
CA GLY D 835 -20.10 46.91 61.34
C GLY D 835 -21.23 46.24 60.59
N ASP D 836 -21.96 47.01 59.78
CA ASP D 836 -23.09 46.50 59.01
C ASP D 836 -22.85 46.67 57.52
N GLY D 837 -21.59 46.73 57.11
CA GLY D 837 -21.27 46.84 55.70
C GLY D 837 -21.76 48.14 55.11
N MET D 838 -22.64 48.03 54.14
CA MET D 838 -23.14 49.16 53.37
C MET D 838 -24.62 49.43 53.65
N TYR D 839 -25.15 48.87 54.73
CA TYR D 839 -26.57 48.98 55.04
C TYR D 839 -26.95 50.44 55.30
N SER D 840 -26.12 51.15 56.06
CA SER D 840 -26.40 52.55 56.32
C SER D 840 -26.34 53.36 55.03
N GLU D 841 -25.39 53.04 54.16
CA GLU D 841 -25.31 53.72 52.87
C GLU D 841 -26.61 53.55 52.10
N SER D 842 -27.13 52.32 52.03
CA SER D 842 -28.33 52.05 51.27
C SER D 842 -29.53 52.77 51.86
N LYS D 843 -29.72 52.65 53.17
CA LYS D 843 -30.87 53.28 53.82
C LYS D 843 -30.81 54.79 53.68
N LEU D 844 -29.62 55.38 53.87
CA LEU D 844 -29.50 56.83 53.80
C LEU D 844 -29.70 57.33 52.37
N SER D 845 -29.15 56.62 51.38
CA SER D 845 -29.35 57.02 50.00
C SER D 845 -30.80 56.84 49.57
N LEU D 846 -31.57 56.02 50.29
CA LEU D 846 -32.99 55.87 49.96
C LEU D 846 -33.80 57.13 50.25
N GLU D 847 -33.23 58.11 50.96
CA GLU D 847 -33.93 59.37 51.21
C GLU D 847 -33.84 60.35 50.04
N THR D 848 -32.99 60.10 49.05
CA THR D 848 -32.96 60.97 47.88
C THR D 848 -34.25 60.93 47.09
N LEU D 849 -35.07 59.89 47.27
CA LEU D 849 -36.29 59.75 46.48
C LEU D 849 -37.30 60.83 46.82
N PHE D 850 -37.24 61.36 48.04
CA PHE D 850 -38.11 62.48 48.41
C PHE D 850 -37.89 63.67 47.50
N ASN D 851 -36.63 64.04 47.26
CA ASN D 851 -36.34 65.18 46.39
C ASN D 851 -36.50 64.79 44.92
N ARG D 852 -36.17 63.55 44.57
CA ARG D 852 -36.30 63.12 43.18
C ARG D 852 -37.77 63.12 42.75
N TRP D 853 -38.68 62.85 43.68
CA TRP D 853 -40.11 62.87 43.36
C TRP D 853 -40.54 64.25 42.86
N HIS D 854 -40.05 65.31 43.48
CA HIS D 854 -40.34 66.65 43.01
C HIS D 854 -39.53 67.03 41.78
N SER D 855 -38.28 66.59 41.69
CA SER D 855 -37.36 67.11 40.70
C SER D 855 -37.36 66.33 39.39
N GLU D 856 -38.06 65.21 39.30
CA GLU D 856 -38.07 64.39 38.10
C GLU D 856 -39.51 64.15 37.67
N SER D 857 -39.67 63.43 36.56
CA SER D 857 -40.95 63.27 35.89
C SER D 857 -41.58 61.91 36.15
N TRP D 858 -41.41 61.34 37.34
CA TRP D 858 -42.06 60.08 37.71
C TRP D 858 -42.98 60.26 38.91
N ALA D 859 -43.35 61.49 39.26
CA ALA D 859 -44.20 61.72 40.41
C ALA D 859 -45.59 61.12 40.19
N ASN D 860 -46.10 61.19 38.97
CA ASN D 860 -47.45 60.73 38.70
C ASN D 860 -47.56 59.21 38.66
N GLN D 861 -46.44 58.50 38.59
CA GLN D 861 -46.44 57.04 38.53
C GLN D 861 -46.04 56.39 39.84
N LEU D 862 -45.26 57.07 40.67
CA LEU D 862 -44.86 56.55 41.97
C LEU D 862 -44.97 57.64 43.02
N THR D 863 -45.38 57.24 44.21
CA THR D 863 -45.42 58.13 45.37
C THR D 863 -44.52 57.55 46.45
N VAL D 864 -43.65 58.39 47.01
CA VAL D 864 -42.62 57.96 47.93
C VAL D 864 -43.16 58.04 49.35
N CYS D 865 -43.05 56.94 50.09
CA CYS D 865 -43.47 56.86 51.48
C CYS D 865 -42.32 56.20 52.25
N GLY D 866 -41.45 57.02 52.81
CA GLY D 866 -40.35 56.50 53.61
C GLY D 866 -40.78 56.15 55.01
N ALA D 867 -40.81 54.87 55.34
CA ALA D 867 -41.14 54.41 56.68
C ALA D 867 -39.85 54.16 57.44
N ILE D 868 -39.52 55.05 58.37
CA ILE D 868 -38.36 54.90 59.24
C ILE D 868 -38.76 53.89 60.30
N ILE D 869 -38.37 52.64 60.08
CA ILE D 869 -38.84 51.54 60.91
C ILE D 869 -37.99 51.48 62.17
N GLY D 870 -38.66 51.41 63.32
CA GLY D 870 -37.99 51.38 64.60
C GLY D 870 -37.53 49.99 64.99
N TRP D 871 -37.04 49.91 66.22
CA TRP D 871 -36.58 48.65 66.77
C TRP D 871 -37.71 47.64 66.75
N THR D 872 -37.55 46.59 65.95
CA THR D 872 -38.53 45.52 65.80
C THR D 872 -37.95 44.24 66.36
N ARG D 873 -38.72 43.55 67.20
CA ARG D 873 -38.29 42.32 67.82
C ARG D 873 -38.59 41.15 66.90
N GLY D 874 -37.57 40.38 66.56
CA GLY D 874 -37.72 39.23 65.69
C GLY D 874 -38.02 37.95 66.46
N ALA D 880 -29.91 38.22 70.86
CA ALA D 880 -28.83 39.16 70.54
C ALA D 880 -29.33 40.59 70.67
N ASN D 881 -30.26 40.95 69.78
CA ASN D 881 -30.85 42.27 69.75
C ASN D 881 -32.19 42.33 70.49
N ASN D 882 -32.57 41.24 71.15
CA ASN D 882 -33.83 41.16 71.89
C ASN D 882 -33.64 41.09 73.40
N ILE D 883 -32.47 40.68 73.88
CA ILE D 883 -32.27 40.56 75.32
C ILE D 883 -32.20 41.95 75.96
N ILE D 884 -31.90 42.98 75.17
CA ILE D 884 -31.80 44.34 75.69
C ILE D 884 -32.96 45.23 75.26
N ALA D 885 -34.01 44.66 74.67
CA ALA D 885 -35.18 45.46 74.31
C ALA D 885 -35.90 45.94 75.56
N GLU D 886 -36.01 45.08 76.57
CA GLU D 886 -36.56 45.53 77.84
C GLU D 886 -35.71 46.64 78.43
N GLY D 887 -34.38 46.54 78.31
CA GLY D 887 -33.50 47.58 78.79
C GLY D 887 -33.70 48.91 78.09
N ILE D 888 -33.87 48.90 76.77
CA ILE D 888 -34.13 50.16 76.06
C ILE D 888 -35.55 50.68 76.32
N GLU D 889 -36.48 49.83 76.75
CA GLU D 889 -37.81 50.32 77.10
C GLU D 889 -37.86 51.08 78.43
N LYS D 890 -36.79 51.09 79.22
CA LYS D 890 -36.88 51.64 80.57
C LYS D 890 -36.79 53.16 80.63
N MET D 891 -36.65 53.84 79.50
CA MET D 891 -36.67 55.29 79.45
C MET D 891 -37.71 55.84 78.49
N GLY D 892 -38.80 55.12 78.28
CA GLY D 892 -39.88 55.59 77.45
C GLY D 892 -39.67 55.36 75.97
N VAL D 893 -38.49 54.87 75.56
CA VAL D 893 -38.34 54.41 74.20
C VAL D 893 -39.25 53.21 74.00
N ARG D 894 -39.90 53.15 72.85
CA ARG D 894 -40.88 52.12 72.55
C ARG D 894 -40.34 51.22 71.45
N THR D 895 -40.34 49.93 71.73
CA THR D 895 -39.85 48.92 70.80
C THR D 895 -41.03 48.05 70.36
N PHE D 896 -41.01 47.65 69.10
CA PHE D 896 -42.17 47.05 68.45
C PHE D 896 -41.93 45.58 68.17
N SER D 897 -43.03 44.85 68.04
CA SER D 897 -43.00 43.47 67.56
C SER D 897 -43.18 43.49 66.05
N GLN D 898 -43.03 42.31 65.43
CA GLN D 898 -43.22 42.23 63.99
C GLN D 898 -44.66 42.57 63.62
N LYS D 899 -45.62 42.10 64.43
CA LYS D 899 -47.01 42.44 64.20
C LYS D 899 -47.26 43.93 64.36
N GLU D 900 -46.69 44.56 65.40
CA GLU D 900 -46.92 45.98 65.61
C GLU D 900 -46.30 46.81 64.49
N MET D 901 -45.08 46.47 64.08
CA MET D 901 -44.45 47.20 62.98
C MET D 901 -45.19 46.99 61.67
N ALA D 902 -45.70 45.78 61.44
CA ALA D 902 -46.49 45.53 60.24
C ALA D 902 -47.78 46.33 60.26
N PHE D 903 -48.41 46.45 61.43
CA PHE D 903 -49.59 47.29 61.56
C PHE D 903 -49.25 48.75 61.27
N ASN D 904 -48.13 49.23 61.81
CA ASN D 904 -47.69 50.60 61.53
C ASN D 904 -47.46 50.80 60.05
N LEU D 905 -46.91 49.80 59.37
CA LEU D 905 -46.60 49.94 57.95
C LEU D 905 -47.86 49.86 57.11
N LEU D 906 -48.79 48.98 57.46
CA LEU D 906 -50.06 48.91 56.75
C LEU D 906 -50.90 50.15 57.02
N GLY D 907 -50.62 50.86 58.11
CA GLY D 907 -51.24 52.16 58.31
C GLY D 907 -50.84 53.17 57.27
N LEU D 908 -49.69 52.96 56.62
CA LEU D 908 -49.29 53.79 55.49
C LEU D 908 -50.02 53.44 54.21
N LEU D 909 -50.72 52.32 54.15
CA LEU D 909 -51.51 51.93 53.00
C LEU D 909 -53.00 52.27 53.15
N THR D 910 -53.37 53.00 54.20
CA THR D 910 -54.73 53.46 54.32
C THR D 910 -55.02 54.50 53.24
N PRO D 911 -56.28 54.69 52.85
CA PRO D 911 -56.58 55.67 51.80
C PRO D 911 -56.11 57.09 52.10
N GLU D 912 -56.16 57.51 53.37
CA GLU D 912 -55.76 58.87 53.70
C GLU D 912 -54.26 59.06 53.55
N VAL D 913 -53.47 58.10 54.03
CA VAL D 913 -52.02 58.20 53.85
C VAL D 913 -51.65 58.04 52.39
N VAL D 914 -52.42 57.23 51.64
CA VAL D 914 -52.20 57.12 50.20
C VAL D 914 -52.39 58.48 49.53
N GLU D 915 -53.47 59.17 49.87
CA GLU D 915 -53.72 60.48 49.29
C GLU D 915 -52.65 61.47 49.72
N LEU D 916 -52.19 61.35 50.96
CA LEU D 916 -51.10 62.21 51.42
C LEU D 916 -49.84 61.99 50.60
N CYS D 917 -49.50 60.73 50.31
CA CYS D 917 -48.34 60.44 49.48
C CYS D 917 -48.52 60.99 48.08
N GLN D 918 -49.74 60.88 47.53
CA GLN D 918 -49.99 61.40 46.20
C GLN D 918 -49.86 62.92 46.15
N LYS D 919 -50.30 63.61 47.20
CA LYS D 919 -50.12 65.05 47.26
C LYS D 919 -48.65 65.43 47.40
N SER D 920 -47.91 64.70 48.22
CA SER D 920 -46.48 64.95 48.38
C SER D 920 -45.87 63.76 49.11
N PRO D 921 -44.59 63.48 48.89
CA PRO D 921 -43.98 62.31 49.52
C PRO D 921 -43.97 62.43 51.02
N VAL D 922 -44.17 61.31 51.71
CA VAL D 922 -44.33 61.32 53.15
C VAL D 922 -43.18 60.58 53.81
N MET D 923 -42.82 61.06 54.99
CA MET D 923 -41.78 60.48 55.83
C MET D 923 -42.46 60.07 57.12
N ALA D 924 -42.89 58.81 57.21
CA ALA D 924 -43.42 58.27 58.45
C ALA D 924 -42.26 57.84 59.34
N ASP D 925 -42.26 58.29 60.58
CA ASP D 925 -41.30 57.86 61.59
C ASP D 925 -42.02 56.92 62.54
N LEU D 926 -41.67 55.63 62.47
CA LEU D 926 -42.19 54.60 63.36
C LEU D 926 -41.11 54.15 64.32
N ASN D 927 -40.27 55.10 64.76
CA ASN D 927 -39.05 54.78 65.48
C ASN D 927 -39.27 54.55 66.97
N GLY D 928 -40.48 54.79 67.48
CA GLY D 928 -40.74 54.56 68.88
C GLY D 928 -39.99 55.47 69.81
N GLY D 929 -39.54 56.63 69.32
CA GLY D 929 -38.78 57.53 70.15
C GLY D 929 -37.34 57.10 70.37
N LEU D 930 -36.84 56.15 69.58
CA LEU D 930 -35.46 55.69 69.74
C LEU D 930 -34.45 56.77 69.44
N GLN D 931 -34.83 57.81 68.69
CA GLN D 931 -33.86 58.83 68.30
C GLN D 931 -33.51 59.76 69.45
N PHE D 932 -34.31 59.79 70.52
CA PHE D 932 -34.11 60.78 71.56
C PHE D 932 -33.11 60.34 72.62
N VAL D 933 -32.75 59.05 72.66
CA VAL D 933 -31.71 58.67 73.62
C VAL D 933 -30.35 59.16 73.09
N PRO D 934 -29.50 59.76 73.92
CA PRO D 934 -28.19 60.19 73.42
C PRO D 934 -27.22 59.02 73.38
N GLU D 935 -26.44 58.97 72.30
CA GLU D 935 -25.42 57.92 72.12
C GLU D 935 -26.06 56.54 72.22
N LEU D 936 -26.97 56.28 71.28
CA LEU D 936 -27.73 55.05 71.29
C LEU D 936 -26.84 53.83 71.09
N LYS D 937 -25.82 53.94 70.24
CA LYS D 937 -24.91 52.82 70.01
C LYS D 937 -24.17 52.46 71.29
N GLU D 938 -23.61 53.47 71.97
CA GLU D 938 -22.85 53.21 73.19
C GLU D 938 -23.77 52.72 74.30
N PHE D 939 -24.99 53.26 74.36
CA PHE D 939 -25.96 52.81 75.36
C PHE D 939 -26.33 51.36 75.13
N THR D 940 -26.59 50.99 73.88
CA THR D 940 -26.92 49.60 73.56
C THR D 940 -25.75 48.68 73.89
N ALA D 941 -24.52 49.12 73.60
CA ALA D 941 -23.36 48.34 73.96
C ALA D 941 -23.28 48.14 75.45
N LYS D 942 -23.58 49.19 76.24
CA LYS D 942 -23.46 49.06 77.68
C LYS D 942 -24.56 48.16 78.23
N LEU D 943 -25.76 48.21 77.64
CA LEU D 943 -26.82 47.29 78.04
C LEU D 943 -26.41 45.85 77.80
N ARG D 944 -25.92 45.56 76.60
CA ARG D 944 -25.51 44.20 76.28
C ARG D 944 -24.35 43.76 77.17
N LYS D 945 -23.39 44.65 77.41
CA LYS D 945 -22.26 44.32 78.27
C LYS D 945 -22.71 44.04 79.69
N GLU D 946 -23.64 44.84 80.21
CA GLU D 946 -24.15 44.62 81.56
C GLU D 946 -24.85 43.27 81.66
N LEU D 947 -25.72 42.97 80.69
CA LEU D 947 -26.47 41.71 80.77
C LEU D 947 -25.53 40.52 80.60
N VAL D 948 -24.56 40.65 79.68
CA VAL D 948 -23.59 39.58 79.43
C VAL D 948 -22.73 39.33 80.65
N GLU D 949 -22.23 40.40 81.28
CA GLU D 949 -21.37 40.23 82.44
C GLU D 949 -22.15 39.65 83.60
N THR D 950 -23.41 40.07 83.78
CA THR D 950 -24.22 39.48 84.83
C THR D 950 -24.43 37.98 84.58
N SER D 951 -24.73 37.61 83.34
CA SER D 951 -24.96 36.21 83.03
C SER D 951 -23.70 35.38 83.27
N GLU D 952 -22.55 35.85 82.78
CA GLU D 952 -21.32 35.09 82.96
C GLU D 952 -20.88 35.03 84.41
N VAL D 953 -21.01 36.13 85.16
CA VAL D 953 -20.63 36.10 86.57
C VAL D 953 -21.50 35.11 87.32
N ARG D 954 -22.81 35.15 87.07
CA ARG D 954 -23.71 34.23 87.76
C ARG D 954 -23.40 32.78 87.37
N LYS D 955 -23.16 32.52 86.09
CA LYS D 955 -22.83 31.18 85.65
C LYS D 955 -21.56 30.67 86.31
N ALA D 956 -20.50 31.48 86.30
CA ALA D 956 -19.23 31.06 86.88
C ALA D 956 -19.35 30.83 88.38
N VAL D 957 -20.06 31.73 89.08
CA VAL D 957 -20.20 31.57 90.51
C VAL D 957 -21.02 30.32 90.83
N SER D 958 -22.06 30.05 90.05
CA SER D 958 -22.85 28.85 90.27
C SER D 958 -22.02 27.59 90.03
N ILE D 959 -21.22 27.58 88.96
CA ILE D 959 -20.41 26.40 88.66
C ILE D 959 -19.38 26.19 89.76
N GLU D 960 -18.74 27.27 90.24
CA GLU D 960 -17.73 27.12 91.27
C GLU D 960 -18.33 26.71 92.60
N THR D 961 -19.51 27.23 92.93
CA THR D 961 -20.20 26.79 94.14
C THR D 961 -20.56 25.33 94.04
N ALA D 962 -21.01 24.88 92.87
CA ALA D 962 -21.32 23.48 92.68
C ALA D 962 -20.09 22.60 92.85
N LEU D 963 -18.97 23.03 92.27
CA LEU D 963 -17.74 22.25 92.38
C LEU D 963 -17.24 22.22 93.83
N GLU D 964 -17.31 23.34 94.54
CA GLU D 964 -16.92 23.36 95.95
C GLU D 964 -17.82 22.45 96.77
N HIS D 965 -19.12 22.49 96.53
CA HIS D 965 -20.05 21.61 97.27
C HIS D 965 -19.74 20.15 96.98
N LYS D 966 -19.48 19.82 95.71
CA LYS D 966 -19.20 18.44 95.35
C LYS D 966 -17.89 17.97 95.99
N VAL D 967 -16.88 18.84 96.01
CA VAL D 967 -15.62 18.48 96.64
C VAL D 967 -15.80 18.27 98.14
N VAL D 968 -16.58 19.14 98.78
CA VAL D 968 -16.75 19.05 100.23
C VAL D 968 -17.54 17.81 100.60
N ASN D 969 -18.65 17.55 99.91
CA ASN D 969 -19.59 16.50 100.31
C ASN D 969 -19.43 15.22 99.52
N GLY D 970 -18.41 15.11 98.65
CA GLY D 970 -18.25 13.89 97.90
C GLY D 970 -19.30 13.77 96.80
N ASN D 971 -19.27 12.62 96.13
CA ASN D 971 -20.26 12.32 95.10
C ASN D 971 -21.58 11.87 95.73
N GLN D 979 -31.11 11.39 88.39
CA GLN D 979 -32.35 10.66 88.19
C GLN D 979 -32.30 9.85 86.89
N VAL D 980 -32.65 8.57 86.99
CA VAL D 980 -32.64 7.71 85.81
C VAL D 980 -33.72 8.18 84.84
N GLU D 981 -33.36 8.29 83.57
CA GLU D 981 -34.25 8.80 82.54
C GLU D 981 -34.69 7.63 81.66
N ILE D 982 -35.99 7.56 81.39
CA ILE D 982 -36.60 6.49 80.61
C ILE D 982 -36.88 7.01 79.21
N GLN D 983 -36.31 6.36 78.22
CA GLN D 983 -36.48 6.74 76.83
C GLN D 983 -37.59 5.92 76.18
N PRO D 984 -38.28 6.44 75.17
CA PRO D 984 -39.34 5.65 74.53
C PRO D 984 -38.78 4.50 73.72
N ARG D 985 -39.57 3.44 73.64
CA ARG D 985 -39.29 2.28 72.81
C ARG D 985 -40.49 2.04 71.88
N ALA D 986 -40.20 1.78 70.61
CA ALA D 986 -41.24 1.64 69.61
C ALA D 986 -42.11 0.43 69.91
N ASN D 987 -43.41 0.66 69.99
CA ASN D 987 -44.40 -0.38 70.28
C ASN D 987 -45.47 -0.27 69.19
N ILE D 988 -45.21 -0.86 68.03
CA ILE D 988 -46.08 -0.70 66.89
C ILE D 988 -47.39 -1.43 67.16
N GLN D 989 -48.50 -0.72 67.06
CA GLN D 989 -49.83 -1.26 67.30
C GLN D 989 -50.52 -1.55 65.98
N LEU D 990 -51.28 -2.64 65.95
CA LEU D 990 -52.04 -2.99 64.76
C LEU D 990 -53.17 -2.02 64.47
N ASP D 991 -53.59 -1.25 65.47
CA ASP D 991 -54.65 -0.26 65.30
C ASP D 991 -55.97 -0.93 64.92
N PHE D 992 -56.34 -1.95 65.69
CA PHE D 992 -57.65 -2.53 65.53
C PHE D 992 -58.69 -1.48 65.89
N PRO D 993 -59.91 -1.61 65.36
CA PRO D 993 -60.93 -0.61 65.68
C PRO D 993 -61.23 -0.59 67.18
N GLU D 994 -61.40 0.62 67.71
CA GLU D 994 -61.81 0.78 69.09
C GLU D 994 -63.24 0.28 69.23
N LEU D 995 -63.47 -0.58 70.21
CA LEU D 995 -64.78 -1.17 70.47
C LEU D 995 -65.36 -0.47 71.69
N LYS D 996 -66.45 0.26 71.49
CA LYS D 996 -67.06 1.02 72.56
C LYS D 996 -67.99 0.13 73.37
N PRO D 997 -68.39 0.57 74.57
CA PRO D 997 -69.41 -0.17 75.32
C PRO D 997 -70.68 -0.35 74.49
N TYR D 998 -71.43 -1.39 74.83
CA TYR D 998 -72.62 -1.71 74.05
C TYR D 998 -73.62 -0.57 74.09
N LYS D 999 -73.79 0.06 75.26
CA LYS D 999 -74.73 1.16 75.35
C LYS D 999 -74.31 2.30 74.43
N GLN D 1000 -73.01 2.62 74.42
CA GLN D 1000 -72.53 3.70 73.56
C GLN D 1000 -72.71 3.37 72.09
N VAL D 1001 -72.45 2.13 71.70
CA VAL D 1001 -72.57 1.76 70.28
C VAL D 1001 -74.04 1.66 69.88
N LYS D 1002 -74.92 1.33 70.82
CA LYS D 1002 -76.34 1.26 70.53
C LYS D 1002 -76.97 2.65 70.46
N GLN D 1003 -76.41 3.63 71.18
CA GLN D 1003 -77.01 4.96 71.19
C GLN D 1003 -77.00 5.60 69.80
N ILE D 1004 -76.00 5.25 68.98
CA ILE D 1004 -75.84 5.95 67.70
C ILE D 1004 -76.65 5.26 66.61
N ALA D 1005 -76.68 3.93 66.59
CA ALA D 1005 -77.47 3.23 65.60
C ALA D 1005 -78.96 3.27 65.98
N PRO D 1006 -79.86 3.22 65.01
CA PRO D 1006 -81.29 3.21 65.36
C PRO D 1006 -81.66 2.00 66.19
N ALA D 1007 -82.61 2.19 67.11
CA ALA D 1007 -83.03 1.12 67.99
C ALA D 1007 -83.71 -0.01 67.23
N GLU D 1008 -84.28 0.26 66.05
CA GLU D 1008 -84.96 -0.75 65.27
C GLU D 1008 -84.00 -1.62 64.46
N LEU D 1009 -82.71 -1.30 64.44
CA LEU D 1009 -81.74 -2.10 63.68
C LEU D 1009 -81.49 -3.48 64.27
N GLU D 1010 -81.85 -3.71 65.54
CA GLU D 1010 -81.55 -4.97 66.21
C GLU D 1010 -82.32 -6.10 65.56
N GLY D 1011 -81.63 -7.00 64.88
CA GLY D 1011 -82.26 -8.11 64.22
C GLY D 1011 -82.91 -7.77 62.89
N LEU D 1012 -82.84 -6.52 62.47
CA LEU D 1012 -83.43 -6.12 61.20
C LEU D 1012 -82.58 -6.58 60.02
N LEU D 1013 -81.26 -6.58 60.19
CA LEU D 1013 -80.35 -6.85 59.08
C LEU D 1013 -79.99 -8.33 59.01
N ASP D 1014 -79.82 -8.83 57.79
CA ASP D 1014 -79.24 -10.14 57.55
C ASP D 1014 -77.73 -9.97 57.58
N LEU D 1015 -77.12 -10.34 58.70
CA LEU D 1015 -75.69 -10.13 58.85
C LEU D 1015 -74.89 -10.98 57.87
N GLU D 1016 -75.44 -12.12 57.45
CA GLU D 1016 -74.81 -12.87 56.37
C GLU D 1016 -74.78 -12.06 55.08
N ARG D 1017 -75.77 -11.19 54.87
CA ARG D 1017 -75.82 -10.33 53.70
C ARG D 1017 -75.15 -8.98 53.94
N VAL D 1018 -74.67 -8.70 55.15
CA VAL D 1018 -73.90 -7.48 55.41
C VAL D 1018 -72.42 -7.80 55.23
N ILE D 1019 -71.73 -6.97 54.45
CA ILE D 1019 -70.32 -7.16 54.12
C ILE D 1019 -69.49 -6.21 54.96
N VAL D 1020 -68.41 -6.70 55.54
CA VAL D 1020 -67.57 -5.94 56.45
C VAL D 1020 -66.13 -6.11 56.04
N VAL D 1021 -65.39 -5.01 55.94
CA VAL D 1021 -63.96 -5.09 55.68
C VAL D 1021 -63.30 -5.53 56.97
N THR D 1022 -62.96 -6.81 57.03
CA THR D 1022 -62.42 -7.35 58.27
C THR D 1022 -60.95 -7.01 58.44
N GLY D 1023 -60.20 -6.99 57.35
CA GLY D 1023 -58.77 -6.68 57.42
C GLY D 1023 -58.36 -5.91 56.19
N PHE D 1024 -57.17 -5.34 56.25
CA PHE D 1024 -56.66 -4.60 55.11
C PHE D 1024 -55.16 -4.35 55.29
N ALA D 1025 -54.50 -4.13 54.16
CA ALA D 1025 -53.09 -3.78 54.17
C ALA D 1025 -52.69 -3.33 52.78
N GLU D 1026 -51.47 -2.83 52.67
CA GLU D 1026 -50.97 -2.38 51.39
C GLU D 1026 -49.45 -2.36 51.42
N VAL D 1027 -48.87 -2.38 50.23
CA VAL D 1027 -47.46 -2.08 50.01
C VAL D 1027 -47.42 -0.91 49.03
N GLY D 1028 -46.89 0.22 49.46
CA GLY D 1028 -46.91 1.41 48.65
C GLY D 1028 -45.70 2.30 48.89
N PRO D 1029 -45.66 3.46 48.23
CA PRO D 1029 -44.49 4.33 48.34
C PRO D 1029 -44.19 4.84 49.74
N TRP D 1030 -45.09 4.65 50.69
CA TRP D 1030 -44.84 4.97 52.08
C TRP D 1030 -44.96 3.71 52.93
N GLY D 1031 -44.52 2.59 52.38
CA GLY D 1031 -44.53 1.34 53.11
C GLY D 1031 -45.93 0.79 53.31
N SER D 1032 -46.20 0.39 54.54
CA SER D 1032 -47.44 -0.30 54.85
C SER D 1032 -48.59 0.70 54.99
N ALA D 1033 -49.78 0.16 55.28
CA ALA D 1033 -50.95 1.01 55.49
C ALA D 1033 -50.73 1.93 56.69
N ARG D 1034 -50.06 1.43 57.73
CA ARG D 1034 -49.84 2.24 58.93
C ARG D 1034 -48.96 3.46 58.65
N THR D 1035 -47.81 3.24 58.02
CA THR D 1035 -46.90 4.34 57.76
C THR D 1035 -47.47 5.28 56.70
N ARG D 1036 -48.14 4.72 55.69
CA ARG D 1036 -48.80 5.55 54.71
C ARG D 1036 -49.85 6.44 55.36
N TRP D 1037 -50.63 5.89 56.30
CA TRP D 1037 -51.65 6.67 56.98
C TRP D 1037 -51.02 7.74 57.85
N GLU D 1038 -49.90 7.42 58.49
CA GLU D 1038 -49.24 8.43 59.32
C GLU D 1038 -48.79 9.60 58.47
N MET D 1039 -48.16 9.33 57.32
CA MET D 1039 -47.74 10.44 56.47
C MET D 1039 -48.94 11.14 55.83
N GLU D 1040 -50.04 10.41 55.64
CA GLU D 1040 -51.24 11.03 55.10
C GLU D 1040 -51.84 12.04 56.07
N ALA D 1041 -52.03 11.62 57.32
CA ALA D 1041 -52.76 12.45 58.28
C ALA D 1041 -51.83 13.45 58.95
N PHE D 1042 -50.79 12.97 59.61
CA PHE D 1042 -49.97 13.83 60.44
C PHE D 1042 -48.77 14.42 59.71
N GLY D 1043 -48.48 13.94 58.51
CA GLY D 1043 -47.42 14.51 57.70
C GLY D 1043 -46.02 14.13 58.11
N GLU D 1044 -45.88 13.37 59.20
CA GLU D 1044 -44.58 12.91 59.66
C GLU D 1044 -44.79 11.57 60.34
N PHE D 1045 -43.68 10.87 60.60
CA PHE D 1045 -43.73 9.59 61.26
C PHE D 1045 -43.55 9.76 62.75
N SER D 1046 -44.36 9.06 63.53
CA SER D 1046 -44.13 8.92 64.96
C SER D 1046 -42.96 7.97 65.15
N LEU D 1047 -42.62 7.66 66.40
CA LEU D 1047 -41.55 6.71 66.66
C LEU D 1047 -41.87 5.35 66.05
N GLU D 1048 -43.10 4.89 66.25
CA GLU D 1048 -43.50 3.58 65.74
C GLU D 1048 -43.47 3.55 64.21
N GLY D 1049 -44.01 4.60 63.58
CA GLY D 1049 -43.98 4.65 62.13
C GLY D 1049 -42.58 4.74 61.57
N CYS D 1050 -41.72 5.52 62.21
CA CYS D 1050 -40.35 5.66 61.73
C CYS D 1050 -39.58 4.36 61.89
N VAL D 1051 -39.79 3.65 63.00
CA VAL D 1051 -39.11 2.37 63.19
C VAL D 1051 -39.64 1.34 62.21
N GLU D 1052 -40.95 1.36 61.95
CA GLU D 1052 -41.50 0.47 60.94
C GLU D 1052 -40.93 0.76 59.56
N MET D 1053 -40.76 2.05 59.23
CA MET D 1053 -40.19 2.39 57.93
C MET D 1053 -38.72 1.98 57.84
N ALA D 1054 -37.95 2.16 58.91
CA ALA D 1054 -36.56 1.74 58.88
C ALA D 1054 -36.46 0.23 58.72
N TRP D 1055 -37.32 -0.51 59.41
CA TRP D 1055 -37.35 -1.95 59.26
C TRP D 1055 -37.78 -2.35 57.84
N ILE D 1056 -38.78 -1.65 57.28
CA ILE D 1056 -39.24 -1.93 55.93
C ILE D 1056 -38.12 -1.71 54.93
N MET D 1057 -37.41 -0.60 55.05
CA MET D 1057 -36.39 -0.28 54.07
C MET D 1057 -35.07 -0.95 54.39
N GLY D 1058 -35.01 -1.72 55.46
CA GLY D 1058 -33.80 -2.45 55.77
C GLY D 1058 -32.71 -1.62 56.38
N PHE D 1059 -33.02 -0.42 56.85
CA PHE D 1059 -32.03 0.38 57.55
C PHE D 1059 -31.63 -0.25 58.87
N ILE D 1060 -32.61 -0.76 59.60
CA ILE D 1060 -32.39 -1.40 60.89
C ILE D 1060 -32.86 -2.84 60.77
N SER D 1061 -32.05 -3.75 61.31
CA SER D 1061 -32.43 -5.14 61.47
C SER D 1061 -32.47 -5.45 62.96
N TYR D 1062 -33.11 -6.56 63.30
CA TYR D 1062 -33.14 -7.01 64.67
C TYR D 1062 -31.94 -7.91 64.97
N HIS D 1063 -31.32 -7.68 66.13
CA HIS D 1063 -30.26 -8.54 66.61
C HIS D 1063 -30.59 -8.97 68.03
N ASN D 1064 -30.32 -10.24 68.32
CA ASN D 1064 -30.53 -10.79 69.65
C ASN D 1064 -29.40 -11.77 69.94
N GLY D 1065 -28.57 -11.46 70.91
CA GLY D 1065 -27.49 -12.31 71.32
C GLY D 1065 -26.23 -11.50 71.56
N ASN D 1066 -25.10 -12.19 71.60
CA ASN D 1066 -23.83 -11.54 71.83
C ASN D 1066 -23.51 -10.60 70.67
N LEU D 1067 -23.05 -9.39 71.00
CA LEU D 1067 -22.69 -8.40 70.00
C LEU D 1067 -21.58 -7.55 70.57
N LYS D 1068 -20.38 -7.65 69.97
CA LYS D 1068 -19.20 -6.97 70.49
C LYS D 1068 -18.92 -7.40 71.94
N GLY D 1069 -19.14 -8.68 72.22
CA GLY D 1069 -18.95 -9.21 73.55
C GLY D 1069 -20.21 -9.15 74.39
N ARG D 1070 -20.63 -7.93 74.72
CA ARG D 1070 -21.79 -7.78 75.60
C ARG D 1070 -23.05 -8.27 74.89
N PRO D 1071 -24.04 -8.78 75.64
CA PRO D 1071 -25.26 -9.28 75.00
C PRO D 1071 -26.22 -8.15 74.66
N TYR D 1072 -26.64 -8.08 73.40
CA TYR D 1072 -27.51 -7.01 72.92
C TYR D 1072 -28.80 -7.60 72.38
N THR D 1073 -29.91 -6.91 72.66
CA THR D 1073 -31.23 -7.29 72.18
C THR D 1073 -31.91 -6.01 71.69
N GLY D 1074 -32.10 -5.89 70.39
CA GLY D 1074 -32.78 -4.73 69.85
C GLY D 1074 -32.38 -4.49 68.41
N TRP D 1075 -32.70 -3.29 67.94
CA TRP D 1075 -32.40 -2.90 66.57
C TRP D 1075 -30.92 -2.59 66.43
N VAL D 1076 -30.35 -2.96 65.29
CA VAL D 1076 -28.98 -2.63 64.92
C VAL D 1076 -29.03 -2.06 63.51
N ASP D 1077 -27.96 -1.38 63.13
CA ASP D 1077 -27.83 -0.92 61.75
C ASP D 1077 -27.54 -2.11 60.84
N SER D 1078 -28.30 -2.22 59.76
CA SER D 1078 -28.21 -3.43 58.93
C SER D 1078 -26.84 -3.57 58.29
N LYS D 1079 -26.20 -2.45 57.93
CA LYS D 1079 -24.89 -2.49 57.29
C LYS D 1079 -23.76 -2.61 58.30
N THR D 1080 -23.73 -1.73 59.29
CA THR D 1080 -22.64 -1.71 60.26
C THR D 1080 -22.86 -2.65 61.44
N LYS D 1081 -24.09 -3.14 61.64
CA LYS D 1081 -24.45 -4.02 62.74
C LYS D 1081 -24.31 -3.37 64.10
N GLU D 1082 -24.08 -2.07 64.16
CA GLU D 1082 -23.92 -1.39 65.43
C GLU D 1082 -25.29 -1.23 66.09
N PRO D 1083 -25.37 -1.28 67.42
CA PRO D 1083 -26.66 -1.07 68.08
C PRO D 1083 -27.22 0.30 67.78
N VAL D 1084 -28.53 0.36 67.56
CA VAL D 1084 -29.23 1.63 67.38
C VAL D 1084 -30.45 1.64 68.27
N ASP D 1085 -30.58 2.69 69.08
CA ASP D 1085 -31.69 2.84 69.99
C ASP D 1085 -32.89 3.41 69.26
N ASP D 1086 -34.08 3.12 69.80
CA ASP D 1086 -35.32 3.57 69.17
C ASP D 1086 -35.36 5.09 69.09
N LYS D 1087 -34.88 5.77 70.13
CA LYS D 1087 -34.85 7.22 70.12
C LYS D 1087 -33.95 7.74 69.01
N ASP D 1088 -32.84 7.05 68.72
CA ASP D 1088 -31.93 7.42 67.66
C ASP D 1088 -32.39 7.00 66.28
N VAL D 1089 -33.38 6.10 66.17
CA VAL D 1089 -33.78 5.62 64.85
C VAL D 1089 -34.25 6.78 63.98
N LYS D 1090 -35.05 7.67 64.56
CA LYS D 1090 -35.49 8.84 63.81
C LYS D 1090 -34.31 9.73 63.44
N ALA D 1091 -33.50 10.11 64.43
CA ALA D 1091 -32.39 11.01 64.17
C ALA D 1091 -31.41 10.46 63.14
N LYS D 1092 -31.33 9.13 63.00
CA LYS D 1092 -30.36 8.53 62.10
C LYS D 1092 -30.93 8.15 60.75
N TYR D 1093 -32.25 7.95 60.62
CA TYR D 1093 -32.83 7.44 59.39
C TYR D 1093 -33.97 8.26 58.83
N GLU D 1094 -34.38 9.35 59.48
CA GLU D 1094 -35.51 10.14 58.98
C GLU D 1094 -35.21 10.69 57.59
N THR D 1095 -34.02 11.28 57.42
CA THR D 1095 -33.70 11.91 56.15
C THR D 1095 -33.68 10.89 55.03
N SER D 1096 -33.08 9.72 55.27
CA SER D 1096 -33.03 8.68 54.25
C SER D 1096 -34.42 8.14 53.95
N ILE D 1097 -35.23 7.92 54.98
CA ILE D 1097 -36.59 7.43 54.77
C ILE D 1097 -37.37 8.40 53.90
N LEU D 1098 -37.33 9.69 54.23
CA LEU D 1098 -38.06 10.69 53.46
C LEU D 1098 -37.51 10.79 52.04
N GLU D 1099 -36.19 10.79 51.89
CA GLU D 1099 -35.57 10.90 50.58
C GLU D 1099 -35.94 9.74 49.67
N HIS D 1100 -36.07 8.54 50.22
CA HIS D 1100 -36.30 7.34 49.45
C HIS D 1100 -37.67 6.73 49.75
N SER D 1101 -38.64 7.57 50.08
CA SER D 1101 -40.03 7.13 50.19
C SER D 1101 -40.91 8.10 49.41
N GLY D 1102 -42.11 7.63 49.10
CA GLY D 1102 -43.09 8.46 48.42
C GLY D 1102 -42.74 8.69 46.96
N ILE D 1103 -43.28 9.79 46.43
CA ILE D 1103 -43.01 10.19 45.06
C ILE D 1103 -41.63 10.83 44.99
N ARG D 1104 -40.78 10.30 44.12
CA ARG D 1104 -39.39 10.74 44.04
C ARG D 1104 -38.83 10.38 42.67
N LEU D 1105 -37.61 10.83 42.41
CA LEU D 1105 -36.93 10.50 41.17
C LEU D 1105 -36.83 8.99 41.01
N ILE D 1106 -37.06 8.51 39.78
CA ILE D 1106 -37.05 7.08 39.53
C ILE D 1106 -35.67 6.52 39.81
N GLU D 1107 -35.62 5.44 40.58
CA GLU D 1107 -34.37 4.80 40.94
C GLU D 1107 -34.12 3.61 40.04
N PRO D 1108 -33.08 3.62 39.19
CA PRO D 1108 -32.87 2.45 38.31
C PRO D 1108 -32.64 1.15 39.05
N GLU D 1109 -32.07 1.21 40.26
CA GLU D 1109 -31.80 -0.01 41.02
C GLU D 1109 -33.09 -0.70 41.42
N LEU D 1110 -34.22 0.02 41.46
CA LEU D 1110 -35.51 -0.56 41.77
C LEU D 1110 -36.30 -1.01 40.54
N PHE D 1111 -35.80 -0.74 39.34
CA PHE D 1111 -36.48 -1.11 38.10
C PHE D 1111 -35.47 -1.67 37.10
N ASN D 1112 -34.44 -2.33 37.62
CA ASN D 1112 -33.47 -3.07 36.80
C ASN D 1112 -32.69 -2.13 35.90
N GLY D 1113 -32.09 -1.11 36.50
CA GLY D 1113 -31.25 -0.20 35.74
C GLY D 1113 -32.03 0.63 34.73
N TYR D 1114 -33.33 0.81 34.97
CA TYR D 1114 -34.14 1.66 34.10
C TYR D 1114 -33.91 3.10 34.51
N ASN D 1115 -33.25 3.85 33.64
CA ASN D 1115 -33.02 5.28 33.85
C ASN D 1115 -33.83 6.05 32.82
N PRO D 1116 -34.92 6.73 33.19
CA PRO D 1116 -35.70 7.45 32.17
C PRO D 1116 -34.89 8.52 31.44
N GLU D 1117 -33.81 9.02 32.04
CA GLU D 1117 -32.95 9.96 31.33
C GLU D 1117 -32.17 9.30 30.20
N LYS D 1118 -31.91 8.00 30.31
CA LYS D 1118 -31.19 7.24 29.28
C LYS D 1118 -32.03 6.00 29.00
N LYS D 1119 -33.07 6.17 28.18
CA LYS D 1119 -34.01 5.10 27.86
C LYS D 1119 -33.47 4.36 26.65
N GLU D 1120 -33.18 3.08 26.83
CA GLU D 1120 -32.39 2.35 25.84
C GLU D 1120 -33.26 2.02 24.66
N MET D 1121 -32.70 2.12 23.46
CA MET D 1121 -33.42 1.94 22.21
C MET D 1121 -32.55 1.13 21.27
N ILE D 1122 -33.10 0.74 20.11
CA ILE D 1122 -32.32 0.17 19.03
C ILE D 1122 -32.85 0.72 17.71
N GLN D 1123 -31.93 1.05 16.81
CA GLN D 1123 -32.23 1.59 15.49
C GLN D 1123 -31.82 0.57 14.44
N GLU D 1124 -32.73 0.27 13.53
CA GLU D 1124 -32.42 -0.58 12.39
C GLU D 1124 -31.61 0.22 11.37
N VAL D 1125 -30.47 -0.32 10.96
CA VAL D 1125 -29.67 0.26 9.90
C VAL D 1125 -29.30 -0.85 8.92
N ILE D 1126 -29.06 -0.44 7.69
CA ILE D 1126 -28.52 -1.31 6.66
C ILE D 1126 -27.01 -1.24 6.72
N VAL D 1127 -26.36 -2.40 6.74
CA VAL D 1127 -24.91 -2.45 6.76
C VAL D 1127 -24.37 -1.90 5.44
N GLU D 1128 -23.50 -0.90 5.53
CA GLU D 1128 -22.93 -0.26 4.34
C GLU D 1128 -21.64 -0.91 3.88
N GLU D 1129 -20.92 -1.59 4.77
CA GLU D 1129 -19.74 -2.35 4.38
C GLU D 1129 -19.67 -3.59 5.25
N ASP D 1130 -19.06 -4.64 4.72
CA ASP D 1130 -18.95 -5.92 5.43
C ASP D 1130 -18.27 -5.70 6.77
N LEU D 1131 -18.88 -6.22 7.83
CA LEU D 1131 -18.27 -6.14 9.15
C LEU D 1131 -17.11 -7.12 9.25
N GLU D 1132 -16.19 -6.82 10.16
CA GLU D 1132 -15.10 -7.75 10.40
C GLU D 1132 -15.68 -9.06 10.94
N PRO D 1133 -15.16 -10.21 10.54
CA PRO D 1133 -15.66 -11.47 11.10
C PRO D 1133 -15.53 -11.50 12.61
N PHE D 1134 -16.53 -12.08 13.27
CA PHE D 1134 -16.46 -12.35 14.69
C PHE D 1134 -16.81 -13.81 14.94
N GLU D 1135 -16.21 -14.36 15.98
CA GLU D 1135 -16.39 -15.77 16.31
C GLU D 1135 -17.78 -16.00 16.90
N ALA D 1136 -18.34 -17.17 16.63
CA ALA D 1136 -19.63 -17.55 17.20
C ALA D 1136 -19.74 -19.07 17.16
N SER D 1137 -20.64 -19.59 17.98
CA SER D 1137 -20.87 -21.01 18.04
C SER D 1137 -21.44 -21.51 16.72
N LYS D 1138 -21.47 -22.84 16.55
CA LYS D 1138 -22.12 -23.44 15.41
C LYS D 1138 -23.59 -23.05 15.36
N GLU D 1139 -24.30 -23.24 16.47
CA GLU D 1139 -25.73 -22.95 16.50
C GLU D 1139 -26.00 -21.46 16.30
N THR D 1140 -25.22 -20.60 16.95
CA THR D 1140 -25.39 -19.17 16.80
C THR D 1140 -25.13 -18.72 15.37
N ALA D 1141 -24.07 -19.24 14.76
CA ALA D 1141 -23.76 -18.89 13.38
C ALA D 1141 -24.85 -19.39 12.43
N GLU D 1142 -25.39 -20.58 12.69
CA GLU D 1142 -26.47 -21.09 11.85
C GLU D 1142 -27.71 -20.23 11.99
N GLN D 1143 -28.01 -19.75 13.19
CA GLN D 1143 -29.13 -18.84 13.38
C GLN D 1143 -28.91 -17.53 12.64
N PHE D 1144 -27.68 -17.02 12.67
CA PHE D 1144 -27.36 -15.81 11.91
C PHE D 1144 -27.55 -16.04 10.42
N LYS D 1145 -27.10 -17.19 9.92
CA LYS D 1145 -27.25 -17.49 8.49
C LYS D 1145 -28.72 -17.64 8.13
N HIS D 1146 -29.49 -18.32 8.98
CA HIS D 1146 -30.92 -18.44 8.76
C HIS D 1146 -31.56 -17.07 8.67
N GLN D 1147 -31.19 -16.15 9.56
CA GLN D 1147 -31.70 -14.78 9.50
C GLN D 1147 -31.33 -14.08 8.21
N HIS D 1148 -30.04 -13.87 7.99
CA HIS D 1148 -29.58 -12.93 6.99
C HIS D 1148 -29.48 -13.51 5.60
N GLY D 1149 -29.63 -14.83 5.44
CA GLY D 1149 -29.55 -15.41 4.12
C GLY D 1149 -28.19 -15.19 3.50
N ASP D 1150 -28.18 -14.61 2.31
CA ASP D 1150 -26.96 -14.34 1.57
C ASP D 1150 -26.23 -13.08 2.04
N LYS D 1151 -26.76 -12.38 3.03
CA LYS D 1151 -26.12 -11.18 3.58
C LYS D 1151 -25.18 -11.50 4.72
N VAL D 1152 -24.88 -12.76 4.98
CA VAL D 1152 -23.90 -13.15 5.99
C VAL D 1152 -23.19 -14.41 5.49
N ASP D 1153 -21.93 -14.52 5.87
CA ASP D 1153 -21.11 -15.69 5.57
C ASP D 1153 -20.66 -16.32 6.88
N ILE D 1154 -20.92 -17.61 7.03
CA ILE D 1154 -20.51 -18.36 8.22
C ILE D 1154 -19.54 -19.45 7.77
N PHE D 1155 -18.41 -19.55 8.48
CA PHE D 1155 -17.36 -20.50 8.12
C PHE D 1155 -16.84 -21.21 9.35
N GLU D 1156 -16.71 -22.54 9.26
CA GLU D 1156 -16.09 -23.31 10.32
C GLU D 1156 -14.64 -22.90 10.51
N ILE D 1157 -14.17 -22.99 11.74
CA ILE D 1157 -12.77 -22.81 12.09
C ILE D 1157 -12.21 -24.19 12.44
N PRO D 1158 -11.44 -24.83 11.56
CA PRO D 1158 -10.96 -26.19 11.90
C PRO D 1158 -10.07 -26.25 13.12
N GLU D 1159 -9.45 -25.12 13.51
CA GLU D 1159 -8.56 -25.13 14.66
C GLU D 1159 -9.32 -25.48 15.94
N THR D 1160 -10.53 -24.95 16.10
CA THR D 1160 -11.30 -25.12 17.33
C THR D 1160 -12.75 -25.54 17.11
N GLY D 1161 -13.19 -25.64 15.86
CA GLY D 1161 -14.55 -26.08 15.57
C GLY D 1161 -15.61 -25.01 15.74
N GLU D 1162 -15.22 -23.78 16.10
CA GLU D 1162 -16.16 -22.69 16.22
C GLU D 1162 -16.51 -22.17 14.83
N TYR D 1163 -17.23 -21.05 14.78
CA TYR D 1163 -17.64 -20.44 13.52
C TYR D 1163 -17.31 -18.96 13.51
N SER D 1164 -16.93 -18.48 12.33
CA SER D 1164 -16.72 -17.06 12.07
C SER D 1164 -17.91 -16.55 11.29
N VAL D 1165 -18.47 -15.44 11.75
CA VAL D 1165 -19.67 -14.81 11.17
C VAL D 1165 -19.27 -13.48 10.58
N LYS D 1166 -19.54 -13.30 9.30
CA LYS D 1166 -19.16 -12.09 8.56
C LYS D 1166 -20.40 -11.52 7.91
N LEU D 1167 -20.95 -10.44 8.50
CA LEU D 1167 -22.06 -9.74 7.89
C LEU D 1167 -21.57 -8.94 6.69
N LEU D 1168 -22.36 -8.93 5.63
CA LEU D 1168 -21.98 -8.32 4.37
C LEU D 1168 -22.73 -7.01 4.17
N LYS D 1169 -22.39 -6.34 3.07
CA LYS D 1169 -23.11 -5.13 2.69
C LYS D 1169 -24.59 -5.44 2.52
N GLY D 1170 -25.43 -4.53 3.00
CA GLY D 1170 -26.86 -4.68 2.89
C GLY D 1170 -27.51 -5.43 4.02
N ALA D 1171 -26.73 -6.03 4.92
CA ALA D 1171 -27.29 -6.77 6.03
C ALA D 1171 -27.97 -5.84 7.00
N THR D 1172 -29.09 -6.29 7.55
CA THR D 1172 -29.86 -5.53 8.53
C THR D 1172 -29.17 -5.64 9.88
N LEU D 1173 -29.16 -4.52 10.61
CA LEU D 1173 -28.37 -4.39 11.82
C LEU D 1173 -29.12 -3.51 12.81
N TYR D 1174 -28.89 -3.73 14.10
CA TYR D 1174 -29.51 -2.94 15.15
C TYR D 1174 -28.43 -2.33 16.03
N ILE D 1175 -28.39 -1.00 16.06
CA ILE D 1175 -27.46 -0.26 16.91
C ILE D 1175 -28.26 0.29 18.08
N PRO D 1176 -27.86 0.07 19.32
CA PRO D 1176 -28.54 0.72 20.43
C PRO D 1176 -28.47 2.23 20.34
N LYS D 1177 -29.55 2.87 20.77
CA LYS D 1177 -29.59 4.31 20.96
C LYS D 1177 -30.32 4.59 22.26
N ALA D 1178 -30.14 5.80 22.78
CA ALA D 1178 -30.72 6.20 24.06
C ALA D 1178 -31.58 7.42 23.85
N LEU D 1179 -32.74 7.43 24.50
CA LEU D 1179 -33.68 8.54 24.40
C LEU D 1179 -33.80 9.20 25.77
N ARG D 1180 -33.83 10.53 25.77
CA ARG D 1180 -34.11 11.30 26.97
C ARG D 1180 -35.62 11.38 27.17
N PHE D 1181 -36.13 10.65 28.16
CA PHE D 1181 -37.56 10.59 28.43
C PHE D 1181 -37.89 11.49 29.62
N ASP D 1182 -39.05 12.13 29.55
CA ASP D 1182 -39.39 13.26 30.41
C ASP D 1182 -40.32 12.89 31.56
N ARG D 1183 -40.38 11.63 31.96
CA ARG D 1183 -41.08 11.21 33.17
C ARG D 1183 -40.02 10.62 34.10
N LEU D 1184 -39.40 11.48 34.90
CA LEU D 1184 -38.27 11.11 35.74
C LEU D 1184 -38.67 10.76 37.17
N VAL D 1185 -39.95 10.85 37.50
CA VAL D 1185 -40.42 10.73 38.88
C VAL D 1185 -41.55 9.72 38.89
N ALA D 1186 -41.57 8.89 39.93
CA ALA D 1186 -42.62 7.89 40.10
C ALA D 1186 -42.84 7.68 41.59
N GLY D 1187 -44.06 7.27 41.94
CA GLY D 1187 -44.33 6.84 43.31
C GLY D 1187 -43.79 5.45 43.51
N GLN D 1188 -42.67 5.33 44.20
CA GLN D 1188 -41.94 4.08 44.29
C GLN D 1188 -41.97 3.58 45.71
N ILE D 1189 -42.09 2.27 45.85
CA ILE D 1189 -42.03 1.58 47.14
C ILE D 1189 -40.71 1.97 47.77
N PRO D 1190 -40.63 2.19 49.09
CA PRO D 1190 -39.41 2.76 49.67
C PRO D 1190 -38.18 1.92 49.36
N THR D 1191 -37.07 2.60 49.04
CA THR D 1191 -35.86 1.91 48.63
C THR D 1191 -35.33 1.03 49.76
N GLY D 1192 -35.00 -0.21 49.42
CA GLY D 1192 -34.62 -1.20 50.40
C GLY D 1192 -35.74 -2.12 50.81
N TRP D 1193 -36.97 -1.86 50.36
CA TRP D 1193 -38.05 -2.82 50.55
C TRP D 1193 -37.68 -4.16 49.95
N ASN D 1194 -37.78 -5.21 50.75
CA ASN D 1194 -37.45 -6.56 50.30
C ASN D 1194 -38.51 -7.51 50.82
N ALA D 1195 -38.90 -8.46 49.97
CA ALA D 1195 -39.82 -9.50 50.40
C ALA D 1195 -39.17 -10.43 51.43
N LYS D 1196 -37.83 -10.54 51.41
CA LYS D 1196 -37.15 -11.29 52.45
C LYS D 1196 -37.40 -10.70 53.82
N THR D 1197 -37.51 -9.37 53.91
CA THR D 1197 -37.81 -8.73 55.18
C THR D 1197 -39.14 -9.21 55.76
N TYR D 1198 -40.11 -9.51 54.92
CA TYR D 1198 -41.37 -10.07 55.36
C TYR D 1198 -41.35 -11.58 55.46
N GLY D 1199 -40.35 -12.24 54.88
CA GLY D 1199 -40.15 -13.66 55.03
C GLY D 1199 -40.44 -14.49 53.79
N ILE D 1200 -40.65 -13.86 52.63
CA ILE D 1200 -40.83 -14.61 51.40
C ILE D 1200 -39.47 -15.12 50.95
N SER D 1201 -39.39 -16.42 50.67
CA SER D 1201 -38.13 -17.06 50.41
C SER D 1201 -37.55 -16.63 49.05
N ASP D 1202 -36.24 -16.82 48.92
CA ASP D 1202 -35.56 -16.44 47.69
C ASP D 1202 -36.07 -17.21 46.49
N ASP D 1203 -36.48 -18.47 46.69
CA ASP D 1203 -37.03 -19.24 45.57
C ASP D 1203 -38.31 -18.59 45.06
N ILE D 1204 -39.18 -18.15 45.98
CA ILE D 1204 -40.40 -17.47 45.56
C ILE D 1204 -40.05 -16.14 44.88
N ILE D 1205 -39.05 -15.44 45.41
CA ILE D 1205 -38.67 -14.15 44.85
C ILE D 1205 -38.16 -14.34 43.42
N SER D 1206 -37.37 -15.38 43.19
CA SER D 1206 -36.83 -15.63 41.86
C SER D 1206 -37.91 -16.15 40.91
N GLN D 1207 -38.93 -16.82 41.46
CA GLN D 1207 -40.00 -17.35 40.62
C GLN D 1207 -40.97 -16.25 40.19
N VAL D 1208 -41.60 -15.59 41.16
CA VAL D 1208 -42.69 -14.67 40.91
C VAL D 1208 -42.16 -13.30 40.52
N ASP D 1209 -43.07 -12.43 40.08
CA ASP D 1209 -42.75 -11.05 39.76
C ASP D 1209 -42.78 -10.15 40.99
N PRO D 1210 -42.16 -8.97 40.91
CA PRO D 1210 -42.24 -8.03 42.03
C PRO D 1210 -43.66 -7.64 42.38
N ILE D 1211 -44.55 -7.58 41.39
CA ILE D 1211 -45.96 -7.34 41.67
C ILE D 1211 -46.50 -8.44 42.57
N THR D 1212 -46.17 -9.69 42.27
CA THR D 1212 -46.64 -10.80 43.09
C THR D 1212 -46.08 -10.70 44.50
N LEU D 1213 -44.83 -10.28 44.64
CA LEU D 1213 -44.28 -10.10 45.98
C LEU D 1213 -45.04 -9.01 46.75
N PHE D 1214 -45.36 -7.90 46.08
CA PHE D 1214 -46.14 -6.85 46.73
C PHE D 1214 -47.48 -7.39 47.20
N VAL D 1215 -48.14 -8.19 46.34
CA VAL D 1215 -49.45 -8.71 46.67
C VAL D 1215 -49.37 -9.72 47.82
N LEU D 1216 -48.32 -10.54 47.84
CA LEU D 1216 -48.19 -11.49 48.93
C LEU D 1216 -47.97 -10.78 50.26
N VAL D 1217 -47.13 -9.75 50.26
CA VAL D 1217 -46.91 -9.00 51.51
C VAL D 1217 -48.19 -8.28 51.92
N SER D 1218 -48.92 -7.72 50.95
CA SER D 1218 -50.18 -7.06 51.27
C SER D 1218 -51.20 -8.03 51.83
N VAL D 1219 -51.28 -9.23 51.24
CA VAL D 1219 -52.22 -10.24 51.72
C VAL D 1219 -51.88 -10.66 53.14
N VAL D 1220 -50.60 -10.90 53.41
CA VAL D 1220 -50.20 -11.31 54.76
C VAL D 1220 -50.49 -10.20 55.77
N GLU D 1221 -50.13 -8.97 55.43
CA GLU D 1221 -50.38 -7.86 56.35
C GLU D 1221 -51.88 -7.65 56.52
N ALA D 1222 -52.68 -7.93 55.49
CA ALA D 1222 -54.12 -7.75 55.60
C ALA D 1222 -54.73 -8.81 56.49
N PHE D 1223 -54.23 -10.03 56.43
CA PHE D 1223 -54.71 -11.05 57.37
C PHE D 1223 -54.24 -10.74 58.78
N ILE D 1224 -53.05 -10.17 58.92
CA ILE D 1224 -52.59 -9.75 60.24
C ILE D 1224 -53.51 -8.69 60.80
N ALA D 1225 -53.89 -7.71 59.97
CA ALA D 1225 -54.86 -6.70 60.37
C ALA D 1225 -56.22 -7.32 60.69
N SER D 1226 -56.59 -8.37 59.95
CA SER D 1226 -57.70 -9.24 60.25
C SER D 1226 -57.56 -9.98 61.57
N GLY D 1227 -56.36 -10.06 62.12
CA GLY D 1227 -56.10 -10.92 63.24
C GLY D 1227 -55.99 -12.38 62.90
N ILE D 1228 -56.07 -12.72 61.62
CA ILE D 1228 -56.01 -14.12 61.17
C ILE D 1228 -54.53 -14.41 60.93
N THR D 1229 -53.85 -14.81 62.00
CA THR D 1229 -52.41 -15.04 61.92
C THR D 1229 -52.11 -16.28 61.08
N ASP D 1230 -52.95 -17.31 61.21
CA ASP D 1230 -52.89 -18.52 60.40
C ASP D 1230 -54.05 -18.52 59.43
N PRO D 1231 -53.85 -18.46 58.11
CA PRO D 1231 -55.01 -18.43 57.19
C PRO D 1231 -55.90 -19.65 57.28
N TYR D 1232 -55.37 -20.81 57.68
CA TYR D 1232 -56.21 -22.01 57.79
C TYR D 1232 -57.22 -21.91 58.91
N GLU D 1233 -57.12 -20.90 59.78
CA GLU D 1233 -58.11 -20.74 60.84
C GLU D 1233 -59.44 -20.31 60.26
N MET D 1234 -59.44 -19.76 59.04
CA MET D 1234 -60.70 -19.53 58.34
C MET D 1234 -61.45 -20.84 58.12
N TYR D 1235 -60.71 -21.93 57.88
CA TYR D 1235 -61.35 -23.21 57.61
C TYR D 1235 -61.91 -23.85 58.88
N LYS D 1236 -61.66 -23.26 60.05
CA LYS D 1236 -62.38 -23.68 61.25
C LYS D 1236 -63.82 -23.21 61.21
N TYR D 1237 -64.12 -22.17 60.42
CA TYR D 1237 -65.44 -21.57 60.36
C TYR D 1237 -66.13 -21.75 59.02
N VAL D 1238 -65.39 -21.86 57.92
CA VAL D 1238 -65.95 -21.94 56.59
C VAL D 1238 -65.35 -23.14 55.86
N HIS D 1239 -65.98 -23.50 54.76
CA HIS D 1239 -65.42 -24.53 53.89
C HIS D 1239 -64.35 -23.93 53.00
N VAL D 1240 -63.41 -24.78 52.57
CA VAL D 1240 -62.36 -24.33 51.67
C VAL D 1240 -62.96 -23.71 50.41
N SER D 1241 -64.14 -24.19 50.00
CA SER D 1241 -64.88 -23.61 48.90
C SER D 1241 -65.44 -22.23 49.19
N GLU D 1242 -65.45 -21.79 50.45
CA GLU D 1242 -66.12 -20.57 50.84
C GLU D 1242 -65.17 -19.40 51.07
N VAL D 1243 -63.90 -19.54 50.70
CA VAL D 1243 -62.93 -18.46 50.77
C VAL D 1243 -62.48 -18.14 49.36
N GLY D 1244 -62.91 -17.00 48.84
CA GLY D 1244 -62.59 -16.61 47.48
C GLY D 1244 -61.51 -15.55 47.47
N ASN D 1245 -60.96 -15.32 46.29
CA ASN D 1245 -60.00 -14.26 46.05
C ASN D 1245 -60.44 -13.51 44.80
N CYS D 1246 -60.88 -12.27 44.99
CA CYS D 1246 -61.44 -11.48 43.90
C CYS D 1246 -60.64 -10.20 43.64
N SER D 1247 -59.39 -10.16 44.04
CA SER D 1247 -58.52 -9.06 43.69
C SER D 1247 -57.94 -9.27 42.29
N GLY D 1248 -57.45 -8.20 41.69
CA GLY D 1248 -56.84 -8.28 40.39
C GLY D 1248 -56.00 -7.05 40.10
N SER D 1249 -55.44 -7.03 38.89
CA SER D 1249 -54.50 -6.01 38.47
C SER D 1249 -55.00 -5.34 37.20
N GLY D 1250 -54.67 -4.06 37.06
CA GLY D 1250 -54.90 -3.39 35.80
C GLY D 1250 -54.11 -3.96 34.65
N MET D 1251 -52.83 -4.28 34.87
CA MET D 1251 -51.97 -4.79 33.80
C MET D 1251 -51.20 -6.04 34.19
N GLY D 1252 -51.08 -6.36 35.47
CA GLY D 1252 -50.47 -7.60 35.91
C GLY D 1252 -48.95 -7.61 35.93
N GLY D 1253 -48.37 -8.75 35.57
CA GLY D 1253 -46.94 -8.95 35.63
C GLY D 1253 -46.21 -8.28 34.49
N VAL D 1254 -46.07 -6.96 34.57
CA VAL D 1254 -45.39 -6.21 33.51
C VAL D 1254 -43.93 -6.62 33.39
N SER D 1255 -43.30 -7.01 34.51
CA SER D 1255 -41.92 -7.48 34.41
C SER D 1255 -41.84 -8.77 33.59
N ALA D 1256 -42.80 -9.67 33.77
CA ALA D 1256 -42.83 -10.88 32.97
C ALA D 1256 -43.19 -10.59 31.52
N LEU D 1257 -44.07 -9.62 31.28
CA LEU D 1257 -44.37 -9.20 29.92
C LEU D 1257 -43.13 -8.64 29.23
N ARG D 1258 -42.37 -7.81 29.95
CA ARG D 1258 -41.11 -7.32 29.41
C ARG D 1258 -40.16 -8.48 29.14
N GLY D 1259 -40.07 -9.43 30.06
CA GLY D 1259 -39.29 -10.64 29.80
C GLY D 1259 -39.64 -11.25 28.47
N MET D 1260 -40.89 -11.66 28.31
CA MET D 1260 -41.29 -12.44 27.14
C MET D 1260 -41.23 -11.62 25.85
N PHE D 1261 -41.48 -10.31 25.91
CA PHE D 1261 -41.55 -9.51 24.69
C PHE D 1261 -40.22 -8.87 24.31
N LYS D 1262 -39.31 -8.64 25.26
CA LYS D 1262 -38.07 -7.92 25.01
C LYS D 1262 -36.84 -8.76 25.32
N ASP D 1263 -36.75 -9.39 26.50
CA ASP D 1263 -35.52 -10.08 26.83
C ASP D 1263 -35.44 -11.41 26.11
N ARG D 1264 -36.59 -12.03 25.84
CA ARG D 1264 -36.60 -13.19 24.96
C ARG D 1264 -36.20 -12.81 23.54
N PHE D 1265 -36.66 -11.65 23.08
CA PHE D 1265 -36.24 -11.13 21.78
C PHE D 1265 -34.74 -10.91 21.74
N LYS D 1266 -34.17 -10.40 22.83
CA LYS D 1266 -32.74 -10.19 22.98
C LYS D 1266 -31.98 -11.47 23.31
N ASP D 1267 -32.67 -12.58 23.52
CA ASP D 1267 -32.06 -13.85 23.89
C ASP D 1267 -31.35 -13.79 25.23
N GLU D 1268 -31.81 -12.92 26.12
CA GLU D 1268 -31.31 -12.89 27.47
C GLU D 1268 -31.91 -14.04 28.27
N PRO D 1269 -31.27 -14.45 29.37
CA PRO D 1269 -31.84 -15.55 30.16
C PRO D 1269 -33.18 -15.18 30.78
N VAL D 1270 -34.24 -15.84 30.31
CA VAL D 1270 -35.59 -15.64 30.82
C VAL D 1270 -36.14 -17.01 31.21
N GLN D 1271 -36.79 -17.09 32.37
CA GLN D 1271 -37.36 -18.34 32.81
C GLN D 1271 -38.41 -18.82 31.83
N ASN D 1272 -38.44 -20.13 31.58
CA ASN D 1272 -39.35 -20.70 30.60
C ASN D 1272 -40.81 -20.44 30.94
N ASP D 1273 -41.14 -20.33 32.23
CA ASP D 1273 -42.50 -20.08 32.69
C ASP D 1273 -42.74 -18.61 33.03
N ILE D 1274 -42.11 -17.69 32.28
CA ILE D 1274 -42.39 -16.27 32.46
C ILE D 1274 -43.81 -15.93 32.00
N LEU D 1275 -44.37 -16.75 31.10
CA LEU D 1275 -45.70 -16.49 30.59
C LEU D 1275 -46.73 -16.52 31.71
N GLN D 1276 -46.73 -17.60 32.50
CA GLN D 1276 -47.69 -17.69 33.60
C GLN D 1276 -47.41 -16.63 34.67
N GLU D 1277 -46.18 -16.10 34.72
CA GLU D 1277 -45.90 -15.06 35.69
C GLU D 1277 -46.38 -13.70 35.22
N SER D 1278 -46.66 -13.56 33.91
CA SER D 1278 -47.23 -12.33 33.40
C SER D 1278 -48.74 -12.19 33.64
N PHE D 1279 -49.47 -13.29 33.87
CA PHE D 1279 -50.92 -13.19 33.94
C PHE D 1279 -51.37 -12.33 35.12
N ILE D 1280 -52.51 -11.67 34.93
CA ILE D 1280 -53.09 -10.84 35.98
C ILE D 1280 -53.63 -11.71 37.12
N ASN D 1281 -54.07 -12.94 36.80
CA ASN D 1281 -54.56 -13.85 37.82
C ASN D 1281 -53.46 -14.66 38.49
N THR D 1282 -52.21 -14.53 38.03
CA THR D 1282 -51.12 -15.31 38.62
C THR D 1282 -50.83 -14.88 40.06
N MET D 1283 -50.90 -13.58 40.35
CA MET D 1283 -50.67 -13.14 41.72
C MET D 1283 -51.71 -13.70 42.68
N SER D 1284 -52.97 -13.72 42.24
CA SER D 1284 -54.02 -14.33 43.04
C SER D 1284 -53.77 -15.82 43.21
N ALA D 1285 -53.32 -16.49 42.15
CA ALA D 1285 -53.01 -17.91 42.24
C ALA D 1285 -51.89 -18.16 43.23
N TRP D 1286 -50.86 -17.31 43.21
CA TRP D 1286 -49.73 -17.46 44.14
C TRP D 1286 -50.17 -17.18 45.56
N VAL D 1287 -51.10 -16.24 45.74
CA VAL D 1287 -51.65 -16.00 47.08
C VAL D 1287 -52.35 -17.25 47.59
N ASN D 1288 -53.22 -17.83 46.75
CA ASN D 1288 -53.97 -19.01 47.19
C ASN D 1288 -53.06 -20.21 47.42
N MET D 1289 -52.04 -20.36 46.56
CA MET D 1289 -51.17 -21.53 46.60
C MET D 1289 -49.85 -21.25 47.32
N LEU D 1290 -49.80 -20.19 48.11
CA LEU D 1290 -48.77 -20.01 49.14
C LEU D 1290 -49.35 -19.77 50.52
N LEU D 1291 -50.59 -19.30 50.62
CA LEU D 1291 -51.16 -18.94 51.92
C LEU D 1291 -52.54 -19.53 52.20
N ILE D 1292 -53.41 -19.65 51.20
CA ILE D 1292 -54.83 -19.85 51.49
C ILE D 1292 -55.22 -21.31 51.36
N SER D 1293 -54.85 -21.98 50.27
CA SER D 1293 -55.28 -23.35 49.95
C SER D 1293 -56.79 -23.43 49.71
N SER D 1294 -57.44 -22.31 49.50
CA SER D 1294 -58.89 -22.31 49.33
C SER D 1294 -59.24 -22.94 47.99
N SER D 1295 -60.44 -23.51 47.94
CA SER D 1295 -61.06 -23.90 46.68
C SER D 1295 -62.27 -23.03 46.39
N GLY D 1296 -62.26 -21.80 46.92
CA GLY D 1296 -63.34 -20.88 46.72
C GLY D 1296 -63.17 -20.08 45.46
N PRO D 1297 -64.18 -19.25 45.18
CA PRO D 1297 -64.22 -18.57 43.87
C PRO D 1297 -63.01 -17.70 43.64
N ILE D 1298 -62.53 -17.74 42.41
CA ILE D 1298 -61.41 -16.92 41.97
C ILE D 1298 -61.90 -16.11 40.77
N LYS D 1299 -61.93 -14.79 40.95
CA LYS D 1299 -62.49 -13.89 39.95
C LYS D 1299 -61.59 -12.66 39.89
N THR D 1300 -60.59 -12.70 39.00
CA THR D 1300 -59.59 -11.64 38.92
C THR D 1300 -60.09 -10.54 37.99
N PRO D 1301 -60.42 -9.34 38.46
CA PRO D 1301 -60.88 -8.30 37.55
C PRO D 1301 -59.74 -7.45 36.99
N VAL D 1302 -60.03 -6.87 35.81
CA VAL D 1302 -59.21 -5.82 35.20
C VAL D 1302 -60.10 -4.61 35.05
N GLY D 1303 -59.64 -3.46 35.53
CA GLY D 1303 -60.42 -2.25 35.48
C GLY D 1303 -59.58 -1.02 35.26
N ALA D 1304 -58.33 -1.22 34.82
CA ALA D 1304 -57.34 -0.14 34.72
C ALA D 1304 -57.20 0.45 36.12
N ALA D 1305 -57.54 1.72 36.35
CA ALA D 1305 -57.40 2.31 37.66
C ALA D 1305 -58.55 1.97 38.60
N ALA D 1306 -59.61 1.32 38.11
CA ALA D 1306 -60.77 0.99 38.91
C ALA D 1306 -60.87 -0.49 39.27
N THR D 1307 -59.80 -1.26 39.07
CA THR D 1307 -59.89 -2.71 39.30
C THR D 1307 -60.12 -3.01 40.78
N SER D 1308 -59.72 -2.12 41.67
CA SER D 1308 -59.88 -2.41 43.10
C SER D 1308 -61.33 -2.23 43.52
N VAL D 1309 -62.00 -1.20 43.03
CA VAL D 1309 -63.43 -1.05 43.28
C VAL D 1309 -64.21 -2.15 42.57
N GLU D 1310 -63.76 -2.50 41.36
CA GLU D 1310 -64.29 -3.67 40.67
C GLU D 1310 -64.17 -4.91 41.53
N SER D 1311 -63.01 -5.08 42.16
CA SER D 1311 -62.75 -6.24 43.01
C SER D 1311 -63.66 -6.24 44.23
N VAL D 1312 -63.83 -5.08 44.86
CA VAL D 1312 -64.71 -4.99 46.03
C VAL D 1312 -66.15 -5.33 45.62
N ASP D 1313 -66.58 -4.82 44.47
CA ASP D 1313 -67.94 -5.12 44.00
C ASP D 1313 -68.12 -6.60 43.69
N ILE D 1314 -67.15 -7.21 43.00
CA ILE D 1314 -67.23 -8.63 42.69
C ILE D 1314 -67.21 -9.45 43.96
N GLY D 1315 -66.36 -9.09 44.92
CA GLY D 1315 -66.30 -9.82 46.17
C GLY D 1315 -67.60 -9.71 46.97
N VAL D 1316 -68.20 -8.51 46.94
CA VAL D 1316 -69.48 -8.32 47.60
C VAL D 1316 -70.53 -9.23 46.97
N GLU D 1317 -70.57 -9.27 45.64
CA GLU D 1317 -71.55 -10.13 44.96
C GLU D 1317 -71.28 -11.60 45.27
N THR D 1318 -70.01 -11.99 45.34
CA THR D 1318 -69.67 -13.37 45.67
C THR D 1318 -70.19 -13.73 47.06
N ILE D 1319 -69.93 -12.88 48.05
CA ILE D 1319 -70.40 -13.18 49.40
C ILE D 1319 -71.92 -13.17 49.47
N LEU D 1320 -72.56 -12.20 48.82
CA LEU D 1320 -74.02 -12.12 48.86
C LEU D 1320 -74.68 -13.32 48.21
N SER D 1321 -74.15 -13.82 47.09
CA SER D 1321 -74.66 -15.05 46.50
C SER D 1321 -74.28 -16.28 47.31
N GLY D 1322 -73.28 -16.19 48.17
CA GLY D 1322 -72.92 -17.30 49.04
C GLY D 1322 -71.95 -18.28 48.45
N LYS D 1323 -71.43 -18.02 47.24
CA LYS D 1323 -70.38 -18.86 46.70
C LYS D 1323 -69.10 -18.71 47.49
N ALA D 1324 -68.96 -17.60 48.22
CA ALA D 1324 -67.92 -17.43 49.22
C ALA D 1324 -68.54 -16.82 50.46
N ARG D 1325 -67.85 -16.98 51.58
CA ARG D 1325 -68.16 -16.24 52.79
C ARG D 1325 -67.07 -15.25 53.14
N ILE D 1326 -65.83 -15.53 52.73
CA ILE D 1326 -64.69 -14.65 52.93
C ILE D 1326 -64.08 -14.38 51.56
N CYS D 1327 -63.67 -13.14 51.33
CA CYS D 1327 -63.14 -12.76 50.04
C CYS D 1327 -61.94 -11.84 50.20
N ILE D 1328 -60.88 -12.14 49.45
CA ILE D 1328 -59.71 -11.27 49.33
C ILE D 1328 -59.93 -10.38 48.14
N VAL D 1329 -60.16 -9.09 48.39
CA VAL D 1329 -60.38 -8.10 47.35
C VAL D 1329 -59.23 -7.10 47.40
N GLY D 1330 -59.20 -6.22 46.42
CA GLY D 1330 -58.18 -5.20 46.32
C GLY D 1330 -57.56 -5.26 44.96
N GLY D 1331 -56.43 -4.57 44.81
CA GLY D 1331 -55.81 -4.49 43.52
C GLY D 1331 -54.34 -4.16 43.61
N TYR D 1332 -53.65 -4.35 42.49
CA TYR D 1332 -52.20 -4.28 42.48
C TYR D 1332 -51.71 -3.93 41.09
N ASP D 1333 -50.54 -3.30 41.05
CA ASP D 1333 -49.88 -2.97 39.79
C ASP D 1333 -48.43 -2.62 40.08
N ASP D 1334 -47.63 -2.66 39.04
CA ASP D 1334 -46.20 -2.37 39.13
C ASP D 1334 -45.85 -1.27 38.16
N PHE D 1335 -44.84 -0.49 38.53
CA PHE D 1335 -44.28 0.55 37.68
C PHE D 1335 -43.11 -0.04 36.91
N GLN D 1336 -43.13 0.13 35.59
CA GLN D 1336 -42.03 -0.32 34.75
C GLN D 1336 -41.81 0.68 33.64
N GLU D 1337 -40.67 0.48 32.96
CA GLU D 1337 -40.23 1.39 31.90
C GLU D 1337 -41.29 1.54 30.82
N GLU D 1338 -41.83 0.43 30.32
CA GLU D 1338 -42.67 0.48 29.13
C GLU D 1338 -44.04 1.08 29.44
N GLY D 1339 -44.62 0.69 30.57
CA GLY D 1339 -45.87 1.30 30.98
C GLY D 1339 -45.73 2.79 31.22
N SER D 1340 -44.64 3.18 31.87
CA SER D 1340 -44.35 4.60 32.04
C SER D 1340 -44.26 5.30 30.69
N PHE D 1341 -43.56 4.68 29.74
CA PHE D 1341 -43.34 5.35 28.46
C PHE D 1341 -44.65 5.49 27.68
N GLU D 1342 -45.51 4.47 27.74
CA GLU D 1342 -46.77 4.58 27.02
C GLU D 1342 -47.70 5.58 27.68
N PHE D 1343 -47.67 5.68 29.00
CA PHE D 1343 -48.47 6.73 29.65
C PHE D 1343 -47.96 8.10 29.27
N GLY D 1344 -46.64 8.26 29.17
CA GLY D 1344 -46.08 9.50 28.64
C GLY D 1344 -46.49 9.75 27.21
N ASN D 1345 -46.60 8.68 26.41
CA ASN D 1345 -47.03 8.82 25.02
C ASN D 1345 -48.46 9.32 24.92
N MET D 1346 -49.35 8.82 25.77
CA MET D 1346 -50.70 9.39 25.84
C MET D 1346 -50.76 10.72 26.56
N LYS D 1347 -49.66 11.13 27.22
CA LYS D 1347 -49.63 12.36 28.00
C LYS D 1347 -50.59 12.29 29.18
N ALA D 1348 -50.86 11.08 29.66
CA ALA D 1348 -51.70 10.92 30.85
C ALA D 1348 -50.92 11.27 32.11
N THR D 1349 -49.62 11.01 32.12
CA THR D 1349 -48.78 11.37 33.24
C THR D 1349 -48.29 12.80 33.11
N SER D 1350 -47.77 13.34 34.21
CA SER D 1350 -47.26 14.70 34.20
C SER D 1350 -45.83 14.72 33.68
N ASN D 1351 -45.54 15.68 32.81
CA ASN D 1351 -44.20 15.86 32.26
C ASN D 1351 -43.31 16.45 33.34
N THR D 1352 -42.30 15.68 33.75
CA THR D 1352 -41.43 16.11 34.84
C THR D 1352 -40.60 17.32 34.44
N LEU D 1353 -40.21 17.41 33.17
CA LEU D 1353 -39.46 18.57 32.72
C LEU D 1353 -40.31 19.83 32.82
N GLU D 1354 -41.59 19.73 32.45
CA GLU D 1354 -42.49 20.86 32.63
C GLU D 1354 -42.64 21.21 34.12
N GLU D 1355 -42.74 20.18 34.97
CA GLU D 1355 -42.82 20.44 36.41
C GLU D 1355 -41.59 21.17 36.92
N PHE D 1356 -40.40 20.76 36.47
CA PHE D 1356 -39.17 21.43 36.87
C PHE D 1356 -39.13 22.86 36.35
N GLU D 1357 -39.62 23.09 35.12
CA GLU D 1357 -39.74 24.46 34.63
C GLU D 1357 -40.64 25.29 35.53
N HIS D 1358 -41.70 24.68 36.06
CA HIS D 1358 -42.59 25.36 36.99
C HIS D 1358 -42.09 25.34 38.42
N GLY D 1359 -40.92 24.76 38.68
CA GLY D 1359 -40.33 24.80 40.00
C GLY D 1359 -40.92 23.80 40.97
N ARG D 1360 -41.58 22.77 40.45
CA ARG D 1360 -42.27 21.79 41.26
C ARG D 1360 -41.29 20.67 41.60
N THR D 1361 -41.28 20.25 42.86
CA THR D 1361 -40.48 19.12 43.26
C THR D 1361 -41.30 17.83 43.12
N PRO D 1362 -40.64 16.67 43.17
CA PRO D 1362 -41.39 15.40 43.15
C PRO D 1362 -42.45 15.30 44.24
N ALA D 1363 -42.21 15.88 45.40
CA ALA D 1363 -43.17 15.78 46.50
C ALA D 1363 -44.47 16.51 46.16
N GLU D 1364 -44.40 17.58 45.38
CA GLU D 1364 -45.57 18.34 44.97
C GLU D 1364 -45.95 18.11 43.51
N MET D 1365 -45.38 17.10 42.86
CA MET D 1365 -45.75 16.80 41.49
C MET D 1365 -47.22 16.41 41.37
N SER D 1366 -47.72 15.61 42.32
CA SER D 1366 -49.10 15.15 42.31
C SER D 1366 -49.95 16.11 43.14
N ARG D 1367 -50.77 16.91 42.47
CA ARG D 1367 -51.57 17.97 43.11
C ARG D 1367 -53.00 17.89 42.58
N PRO D 1368 -53.79 16.93 43.06
CA PRO D 1368 -55.17 16.81 42.59
C PRO D 1368 -56.00 18.05 42.87
N ALA D 1369 -56.90 18.34 41.93
CA ALA D 1369 -57.92 19.37 42.09
C ALA D 1369 -57.30 20.77 42.17
N THR D 1370 -56.17 20.95 41.49
CA THR D 1370 -55.45 22.21 41.48
C THR D 1370 -55.50 22.83 40.09
N THR D 1371 -55.41 24.15 40.05
CA THR D 1371 -55.42 24.87 38.78
C THR D 1371 -54.27 24.45 37.87
N THR D 1372 -53.17 23.96 38.42
CA THR D 1372 -51.95 23.70 37.65
C THR D 1372 -51.68 22.22 37.43
N ARG D 1373 -52.58 21.33 37.85
CA ARG D 1373 -52.38 19.90 37.64
C ARG D 1373 -52.30 19.60 36.15
N ASN D 1374 -51.27 18.84 35.75
CA ASN D 1374 -50.99 18.61 34.34
C ASN D 1374 -50.58 17.16 34.10
N GLY D 1375 -51.30 16.23 34.72
CA GLY D 1375 -51.08 14.81 34.50
C GLY D 1375 -50.90 14.10 35.83
N PHE D 1376 -51.16 12.80 35.81
CA PHE D 1376 -51.09 12.02 37.03
C PHE D 1376 -49.67 11.53 37.29
N MET D 1377 -49.44 11.16 38.54
CA MET D 1377 -48.14 10.73 39.01
C MET D 1377 -48.19 9.21 39.13
N GLU D 1378 -47.39 8.52 38.32
CA GLU D 1378 -47.44 7.07 38.30
C GLU D 1378 -46.81 6.48 39.56
N ALA D 1379 -47.39 5.40 40.05
CA ALA D 1379 -46.90 4.75 41.26
C ALA D 1379 -46.98 3.23 41.07
N GLN D 1380 -46.64 2.50 42.13
CA GLN D 1380 -46.62 1.05 42.11
C GLN D 1380 -47.00 0.54 43.49
N GLY D 1381 -47.41 -0.72 43.55
CA GLY D 1381 -47.69 -1.37 44.80
C GLY D 1381 -48.99 -2.14 44.73
N ALA D 1382 -49.44 -2.55 45.92
CA ALA D 1382 -50.60 -3.41 46.07
C ALA D 1382 -51.41 -2.95 47.26
N GLY D 1383 -52.68 -3.29 47.22
CA GLY D 1383 -53.59 -3.04 48.33
C GLY D 1383 -54.56 -4.19 48.42
N ILE D 1384 -54.78 -4.71 49.62
CA ILE D 1384 -55.61 -5.89 49.83
C ILE D 1384 -56.53 -5.60 51.00
N GLN D 1385 -57.76 -6.12 50.89
CA GLN D 1385 -58.73 -6.09 51.96
C GLN D 1385 -59.34 -7.48 52.09
N ILE D 1386 -59.47 -7.92 53.34
CA ILE D 1386 -60.21 -9.12 53.68
C ILE D 1386 -61.62 -8.67 54.03
N ILE D 1387 -62.57 -8.97 53.14
CA ILE D 1387 -63.98 -8.71 53.38
C ILE D 1387 -64.65 -10.04 53.65
N MET D 1388 -65.79 -9.99 54.33
CA MET D 1388 -66.56 -11.20 54.59
C MET D 1388 -67.89 -10.80 55.22
N GLN D 1389 -68.72 -11.81 55.49
CA GLN D 1389 -70.02 -11.59 56.09
C GLN D 1389 -69.88 -10.99 57.48
N ALA D 1390 -70.83 -10.13 57.85
CA ALA D 1390 -70.84 -9.57 59.20
C ALA D 1390 -71.10 -10.66 60.23
N ASP D 1391 -72.03 -11.57 59.95
CA ASP D 1391 -72.29 -12.68 60.86
C ASP D 1391 -71.02 -13.49 61.11
N LEU D 1392 -70.30 -13.84 60.05
CA LEU D 1392 -69.08 -14.62 60.23
C LEU D 1392 -67.98 -13.81 60.90
N ALA D 1393 -67.91 -12.50 60.61
CA ALA D 1393 -66.90 -11.69 61.27
C ALA D 1393 -67.13 -11.65 62.77
N LEU D 1394 -68.38 -11.49 63.18
CA LEU D 1394 -68.69 -11.56 64.60
C LEU D 1394 -68.39 -12.95 65.16
N LYS D 1395 -68.72 -14.00 64.40
CA LYS D 1395 -68.50 -15.35 64.88
C LYS D 1395 -67.01 -15.63 65.08
N MET D 1396 -66.17 -15.23 64.13
CA MET D 1396 -64.73 -15.39 64.26
C MET D 1396 -64.11 -14.42 65.27
N GLY D 1397 -64.82 -13.36 65.65
CA GLY D 1397 -64.26 -12.42 66.59
C GLY D 1397 -63.12 -11.66 65.97
N VAL D 1398 -63.35 -11.12 64.78
CA VAL D 1398 -62.33 -10.43 64.01
C VAL D 1398 -62.64 -8.93 64.03
N PRO D 1399 -61.64 -8.06 63.88
CA PRO D 1399 -61.93 -6.63 63.81
C PRO D 1399 -62.71 -6.29 62.55
N ILE D 1400 -63.56 -5.27 62.66
CA ILE D 1400 -64.33 -4.77 61.55
C ILE D 1400 -63.99 -3.29 61.42
N TYR D 1401 -63.32 -2.94 60.31
CA TYR D 1401 -62.90 -1.57 60.06
C TYR D 1401 -63.95 -0.75 59.33
N GLY D 1402 -64.91 -1.40 58.68
CA GLY D 1402 -65.93 -0.68 57.95
C GLY D 1402 -66.87 -1.66 57.28
N ILE D 1403 -68.05 -1.14 56.93
CA ILE D 1403 -69.12 -1.92 56.30
C ILE D 1403 -69.18 -1.51 54.85
N VAL D 1404 -69.00 -2.47 53.95
CA VAL D 1404 -69.10 -2.18 52.49
C VAL D 1404 -70.59 -2.12 52.20
N ALA D 1405 -71.14 -0.91 52.32
CA ALA D 1405 -72.59 -0.73 52.19
C ALA D 1405 -73.02 -0.82 50.72
N MET D 1406 -72.16 -0.39 49.81
CA MET D 1406 -72.44 -0.40 48.39
C MET D 1406 -71.14 -0.59 47.64
N ALA D 1407 -71.22 -1.24 46.49
CA ALA D 1407 -70.07 -1.38 45.60
C ALA D 1407 -70.62 -1.61 44.21
N ALA D 1408 -70.37 -0.67 43.30
CA ALA D 1408 -70.95 -0.69 41.97
C ALA D 1408 -69.93 -0.23 40.96
N THR D 1409 -70.11 -0.69 39.72
CA THR D 1409 -69.28 -0.26 38.60
C THR D 1409 -70.19 0.10 37.44
N ALA D 1410 -69.66 0.88 36.51
CA ALA D 1410 -70.46 1.42 35.42
C ALA D 1410 -69.54 1.80 34.26
N THR D 1411 -70.16 1.89 33.09
CA THR D 1411 -69.54 2.39 31.88
C THR D 1411 -70.15 3.76 31.55
N ASP D 1412 -69.47 4.53 30.71
CA ASP D 1412 -69.91 5.89 30.50
C ASP D 1412 -70.97 5.98 29.41
N LYS D 1413 -70.56 5.84 28.15
CA LYS D 1413 -71.41 6.11 27.01
C LYS D 1413 -70.57 5.85 25.76
N ILE D 1414 -71.17 6.15 24.62
CA ILE D 1414 -70.51 5.92 23.34
C ILE D 1414 -69.61 7.09 22.99
N GLY D 1415 -68.38 6.77 22.59
CA GLY D 1415 -67.38 7.75 22.25
C GLY D 1415 -66.15 7.05 21.70
N ARG D 1416 -65.21 7.85 21.22
CA ARG D 1416 -64.00 7.33 20.59
C ARG D 1416 -62.74 7.56 21.41
N SER D 1417 -62.86 7.87 22.69
CA SER D 1417 -61.71 8.14 23.56
C SER D 1417 -61.76 7.18 24.74
N VAL D 1418 -60.83 6.22 24.76
CA VAL D 1418 -60.82 5.23 25.83
C VAL D 1418 -60.52 5.86 27.19
N PRO D 1419 -59.45 6.64 27.37
CA PRO D 1419 -59.13 7.13 28.71
C PRO D 1419 -59.96 8.31 29.18
N ALA D 1420 -60.85 8.85 28.36
CA ALA D 1420 -61.63 10.01 28.78
C ALA D 1420 -62.60 9.56 29.86
N PRO D 1421 -62.53 10.11 31.06
CA PRO D 1421 -63.61 9.82 32.10
C PRO D 1421 -65.06 10.06 31.67
N GLY D 1422 -65.96 9.64 32.53
CA GLY D 1422 -67.38 9.89 32.32
C GLY D 1422 -68.26 9.72 33.55
N LYS D 1423 -69.51 10.15 33.44
CA LYS D 1423 -70.47 10.19 34.53
C LYS D 1423 -71.22 8.86 34.69
N GLY D 1424 -70.68 7.77 34.14
CA GLY D 1424 -71.40 6.52 34.13
C GLY D 1424 -71.77 6.05 35.53
N ILE D 1425 -70.88 6.28 36.49
CA ILE D 1425 -71.12 5.85 37.86
C ILE D 1425 -72.20 6.70 38.52
N LEU D 1426 -72.63 7.80 37.89
CA LEU D 1426 -73.71 8.61 38.43
C LEU D 1426 -75.01 7.83 38.60
N THR D 1427 -75.16 6.71 37.89
CA THR D 1427 -76.34 5.86 38.04
C THR D 1427 -76.47 5.30 39.46
N THR D 1428 -75.38 5.24 40.23
CA THR D 1428 -75.47 4.81 41.61
C THR D 1428 -76.34 5.72 42.46
N ALA D 1429 -76.56 6.97 42.04
CA ALA D 1429 -77.48 7.89 42.68
C ALA D 1429 -78.78 8.05 41.89
N ARG D 1430 -79.14 7.05 41.09
CA ARG D 1430 -80.33 7.17 40.26
C ARG D 1430 -81.59 7.00 41.11
N GLU D 1431 -82.53 7.93 40.93
CA GLU D 1431 -83.72 7.99 41.75
C GLU D 1431 -84.81 8.67 40.96
N HIS D 1432 -86.06 8.30 41.25
CA HIS D 1432 -87.22 8.81 40.55
C HIS D 1432 -87.96 9.77 41.47
N HIS D 1433 -88.28 10.96 40.95
CA HIS D 1433 -88.86 12.03 41.73
C HIS D 1433 -90.10 12.61 41.06
N SER D 1434 -90.83 11.79 40.31
CA SER D 1434 -92.04 12.28 39.66
C SER D 1434 -93.14 12.53 40.68
N SER D 1435 -93.19 11.72 41.74
CA SER D 1435 -94.21 11.84 42.79
C SER D 1435 -93.52 11.62 44.13
N VAL D 1436 -93.07 12.71 44.75
CA VAL D 1436 -92.41 12.67 46.06
C VAL D 1436 -93.13 13.59 47.02
N LYS D 1437 -94.43 13.81 46.81
CA LYS D 1437 -95.20 14.67 47.70
C LYS D 1437 -95.27 14.09 49.11
N TYR D 1438 -95.13 12.78 49.24
CA TYR D 1438 -95.20 12.10 50.52
C TYR D 1438 -94.06 11.10 50.65
N ALA D 1439 -93.58 10.91 51.88
CA ALA D 1439 -92.45 10.03 52.11
C ALA D 1439 -92.85 8.56 51.94
N SER D 1440 -91.90 7.76 51.50
CA SER D 1440 -92.12 6.33 51.42
C SER D 1440 -92.25 5.74 52.83
N PRO D 1441 -93.25 4.91 53.10
CA PRO D 1441 -93.20 4.09 54.32
C PRO D 1441 -92.02 3.13 54.31
N ASN D 1442 -91.50 2.79 53.13
CA ASN D 1442 -90.43 1.81 53.04
C ASN D 1442 -89.09 2.38 53.53
N LEU D 1443 -88.90 3.70 53.40
CA LEU D 1443 -87.69 4.32 53.92
C LEU D 1443 -87.74 4.54 55.43
N ASN D 1444 -88.89 4.32 56.06
CA ASN D 1444 -89.01 4.41 57.50
C ASN D 1444 -88.67 3.06 58.13
N MET D 1445 -87.73 3.07 59.08
CA MET D 1445 -87.26 1.81 59.66
C MET D 1445 -88.29 1.20 60.60
N LYS D 1446 -89.10 2.01 61.29
CA LYS D 1446 -90.14 1.44 62.14
C LYS D 1446 -91.12 0.63 61.32
N TYR D 1447 -91.46 1.11 60.13
CA TYR D 1447 -92.34 0.34 59.25
C TYR D 1447 -91.69 -0.99 58.87
N ARG D 1448 -90.42 -0.95 58.49
CA ARG D 1448 -89.74 -2.17 58.08
C ARG D 1448 -89.60 -3.13 59.26
N LYS D 1449 -89.35 -2.61 60.46
CA LYS D 1449 -89.29 -3.47 61.63
C LYS D 1449 -90.65 -4.08 61.94
N ARG D 1450 -91.73 -3.31 61.74
CA ARG D 1450 -93.07 -3.87 61.92
C ARG D 1450 -93.32 -5.02 60.96
N GLN D 1451 -92.94 -4.84 59.69
CA GLN D 1451 -93.10 -5.92 58.73
C GLN D 1451 -92.25 -7.12 59.11
N LEU D 1452 -91.03 -6.87 59.60
CA LEU D 1452 -90.16 -7.96 60.00
C LEU D 1452 -90.76 -8.77 61.15
N VAL D 1453 -91.33 -8.10 62.15
CA VAL D 1453 -91.90 -8.84 63.27
C VAL D 1453 -93.15 -9.60 62.83
N THR D 1454 -93.95 -9.03 61.92
CA THR D 1454 -95.09 -9.79 61.41
C THR D 1454 -94.62 -11.02 60.67
N ARG D 1455 -93.56 -10.90 59.86
CA ARG D 1455 -93.03 -12.06 59.16
C ARG D 1455 -92.46 -13.07 60.14
N GLU D 1456 -91.87 -12.60 61.24
CA GLU D 1456 -91.36 -13.52 62.26
C GLU D 1456 -92.50 -14.30 62.91
N ALA D 1457 -93.62 -13.62 63.20
CA ALA D 1457 -94.78 -14.32 63.73
C ALA D 1457 -95.27 -15.38 62.76
N GLN D 1458 -95.36 -15.02 61.48
CA GLN D 1458 -95.79 -15.99 60.47
C GLN D 1458 -94.82 -17.16 60.38
N ILE D 1459 -93.51 -16.88 60.51
CA ILE D 1459 -92.50 -17.93 60.40
C ILE D 1459 -92.61 -18.90 61.57
N LYS D 1460 -92.83 -18.38 62.78
CA LYS D 1460 -92.95 -19.29 63.92
C LYS D 1460 -94.24 -20.11 63.84
N ASP D 1461 -95.32 -19.50 63.34
CA ASP D 1461 -96.54 -20.28 63.11
C ASP D 1461 -96.29 -21.39 62.10
N TRP D 1462 -95.58 -21.07 61.01
CA TRP D 1462 -95.25 -22.08 60.01
C TRP D 1462 -94.38 -23.17 60.60
N VAL D 1463 -93.44 -22.80 61.47
CA VAL D 1463 -92.53 -23.77 62.07
C VAL D 1463 -93.29 -24.72 62.98
N GLU D 1464 -94.20 -24.21 63.81
CA GLU D 1464 -94.96 -25.11 64.66
C GLU D 1464 -95.93 -25.97 63.85
N ASN D 1465 -96.49 -25.44 62.77
CA ASN D 1465 -97.32 -26.27 61.90
C ASN D 1465 -96.51 -27.42 61.30
N GLU D 1466 -95.32 -27.11 60.79
CA GLU D 1466 -94.49 -28.16 60.23
C GLU D 1466 -94.00 -29.12 61.31
N LEU D 1467 -93.84 -28.63 62.54
CA LEU D 1467 -93.44 -29.51 63.64
C LEU D 1467 -94.52 -30.51 63.99
N GLU D 1468 -95.78 -30.06 64.07
CA GLU D 1468 -96.85 -31.02 64.34
C GLU D 1468 -97.04 -31.98 63.16
N ALA D 1469 -96.84 -31.48 61.92
CA ALA D 1469 -96.87 -32.39 60.78
C ALA D 1469 -95.78 -33.46 60.89
N LEU D 1470 -94.57 -33.06 61.29
CA LEU D 1470 -93.48 -34.02 61.46
C LEU D 1470 -93.79 -34.98 62.61
N LYS D 1471 -94.47 -34.49 63.64
CA LYS D 1471 -94.89 -35.36 64.74
C LYS D 1471 -95.87 -36.43 64.25
N LEU D 1472 -96.82 -36.03 63.41
CA LEU D 1472 -97.74 -37.03 62.85
C LEU D 1472 -97.00 -38.02 61.97
N GLU D 1473 -96.05 -37.55 61.17
CA GLU D 1473 -95.26 -38.46 60.34
C GLU D 1473 -94.45 -39.42 61.20
N ALA D 1474 -93.90 -38.94 62.32
CA ALA D 1474 -93.14 -39.80 63.22
C ALA D 1474 -94.04 -40.81 63.91
N GLU D 1475 -95.28 -40.43 64.21
CA GLU D 1475 -96.24 -41.39 64.72
C GLU D 1475 -96.52 -42.48 63.70
N GLU D 1476 -96.67 -42.08 62.42
CA GLU D 1476 -96.98 -43.05 61.38
C GLU D 1476 -95.81 -44.00 61.14
N ILE D 1477 -94.59 -43.48 61.06
CA ILE D 1477 -93.41 -44.27 60.71
C ILE D 1477 -93.11 -45.24 61.85
N PRO D 1478 -92.53 -46.42 61.58
CA PRO D 1478 -92.18 -47.33 62.69
C PRO D 1478 -91.18 -46.70 63.65
N SER D 1479 -91.28 -47.10 64.92
CA SER D 1479 -90.44 -46.52 65.96
C SER D 1479 -89.01 -47.02 65.94
N GLU D 1480 -88.70 -48.00 65.08
CA GLU D 1480 -87.35 -48.58 65.07
C GLU D 1480 -86.30 -47.54 64.71
N ASP D 1481 -86.49 -46.84 63.59
CA ASP D 1481 -85.55 -45.83 63.11
C ASP D 1481 -86.10 -44.42 63.31
N GLN D 1482 -86.83 -44.21 64.40
CA GLN D 1482 -87.49 -42.92 64.61
C GLN D 1482 -86.47 -41.83 64.94
N ASN D 1483 -85.43 -42.17 65.69
CA ASN D 1483 -84.48 -41.16 66.13
C ASN D 1483 -83.75 -40.51 64.96
N GLU D 1484 -83.25 -41.34 64.04
CA GLU D 1484 -82.53 -40.81 62.88
C GLU D 1484 -83.44 -39.95 62.01
N PHE D 1485 -84.66 -40.43 61.77
CA PHE D 1485 -85.63 -39.66 60.99
C PHE D 1485 -85.91 -38.31 61.64
N LEU D 1486 -86.15 -38.32 62.95
CA LEU D 1486 -86.47 -37.10 63.67
C LEU D 1486 -85.29 -36.13 63.62
N LEU D 1487 -84.07 -36.63 63.78
CA LEU D 1487 -82.91 -35.75 63.74
C LEU D 1487 -82.73 -35.13 62.36
N GLU D 1488 -82.88 -35.94 61.31
CA GLU D 1488 -82.77 -35.40 59.95
C GLU D 1488 -83.82 -34.33 59.70
N ARG D 1489 -85.06 -34.61 60.08
CA ARG D 1489 -86.15 -33.68 59.80
C ARG D 1489 -86.06 -32.43 60.68
N THR D 1490 -85.49 -32.57 61.89
CA THR D 1490 -85.30 -31.40 62.74
C THR D 1490 -84.22 -30.50 62.18
N ARG D 1491 -83.12 -31.08 61.69
CA ARG D 1491 -82.12 -30.27 61.03
C ARG D 1491 -82.72 -29.58 59.79
N GLU D 1492 -83.54 -30.31 59.04
CA GLU D 1492 -84.18 -29.75 57.86
C GLU D 1492 -85.10 -28.58 58.22
N ILE D 1493 -85.93 -28.76 59.24
CA ILE D 1493 -86.90 -27.73 59.60
C ILE D 1493 -86.17 -26.52 60.20
N HIS D 1494 -85.09 -26.75 60.95
CA HIS D 1494 -84.31 -25.64 61.47
C HIS D 1494 -83.70 -24.84 60.34
N ASN D 1495 -83.13 -25.53 59.35
CA ASN D 1495 -82.53 -24.84 58.21
C ASN D 1495 -83.59 -24.05 57.45
N GLU D 1496 -84.77 -24.64 57.26
CA GLU D 1496 -85.84 -23.94 56.56
C GLU D 1496 -86.29 -22.70 57.33
N ALA D 1497 -86.44 -22.82 58.64
CA ALA D 1497 -86.87 -21.68 59.45
C ALA D 1497 -85.83 -20.56 59.41
N GLU D 1498 -84.55 -20.92 59.53
CA GLU D 1498 -83.51 -19.90 59.51
C GLU D 1498 -83.42 -19.25 58.14
N SER D 1499 -83.59 -20.03 57.08
CA SER D 1499 -83.57 -19.47 55.74
C SER D 1499 -84.72 -18.48 55.55
N GLN D 1500 -85.89 -18.83 56.08
CA GLN D 1500 -87.04 -17.93 55.98
C GLN D 1500 -86.81 -16.64 56.77
N LEU D 1501 -86.26 -16.75 57.97
CA LEU D 1501 -85.97 -15.56 58.75
C LEU D 1501 -84.95 -14.68 58.06
N ARG D 1502 -83.91 -15.29 57.50
CA ARG D 1502 -82.89 -14.54 56.78
C ARG D 1502 -83.49 -13.90 55.53
N ALA D 1503 -84.43 -14.57 54.90
CA ALA D 1503 -85.12 -14.00 53.74
C ALA D 1503 -85.93 -12.77 54.14
N ALA D 1504 -86.63 -12.84 55.27
CA ALA D 1504 -87.38 -11.68 55.75
C ALA D 1504 -86.44 -10.52 56.08
N GLN D 1505 -85.30 -10.83 56.71
CA GLN D 1505 -84.33 -9.80 57.04
C GLN D 1505 -83.72 -9.20 55.78
N GLN D 1506 -83.49 -10.02 54.76
CA GLN D 1506 -83.06 -9.51 53.46
C GLN D 1506 -84.12 -8.61 52.84
N GLN D 1507 -85.38 -9.01 52.95
CA GLN D 1507 -86.47 -8.25 52.36
C GLN D 1507 -86.63 -6.88 53.01
N TRP D 1508 -86.51 -6.79 54.34
CA TRP D 1508 -86.88 -5.57 55.05
C TRP D 1508 -85.71 -4.81 55.67
N GLY D 1509 -84.50 -5.36 55.69
CA GLY D 1509 -83.37 -4.70 56.30
C GLY D 1509 -82.23 -4.43 55.35
N ASN D 1510 -82.04 -5.30 54.36
CA ASN D 1510 -80.91 -5.20 53.44
C ASN D 1510 -81.34 -4.80 52.04
N ASP D 1511 -82.28 -5.54 51.44
CA ASP D 1511 -82.73 -5.32 50.07
C ASP D 1511 -84.14 -4.76 49.99
N PHE D 1512 -84.51 -3.89 50.92
CA PHE D 1512 -85.82 -3.24 50.86
C PHE D 1512 -85.93 -2.25 49.72
N TYR D 1513 -84.80 -1.78 49.18
CA TYR D 1513 -84.79 -0.71 48.19
C TYR D 1513 -84.37 -1.17 46.80
N LYS D 1514 -84.05 -2.46 46.61
CA LYS D 1514 -83.53 -2.90 45.33
C LYS D 1514 -84.58 -2.85 44.23
N ARG D 1515 -85.86 -2.84 44.59
CA ARG D 1515 -86.95 -2.71 43.63
C ARG D 1515 -87.57 -1.32 43.64
N ASP D 1516 -87.27 -0.48 44.62
CA ASP D 1516 -87.88 0.84 44.73
C ASP D 1516 -87.15 1.81 43.80
N PRO D 1517 -87.81 2.40 42.80
CA PRO D 1517 -87.13 3.40 41.97
C PRO D 1517 -86.96 4.75 42.65
N ARG D 1518 -87.73 5.05 43.69
CA ARG D 1518 -87.56 6.30 44.42
C ARG D 1518 -86.50 6.24 45.51
N ILE D 1519 -85.84 5.09 45.68
CA ILE D 1519 -84.70 4.96 46.57
C ILE D 1519 -83.51 4.60 45.71
N ALA D 1520 -82.53 5.49 45.66
CA ALA D 1520 -81.35 5.24 44.84
C ALA D 1520 -80.47 4.18 45.52
N PRO D 1521 -79.57 3.54 44.76
CA PRO D 1521 -78.65 2.61 45.43
C PRO D 1521 -77.82 3.27 46.52
N LEU D 1522 -77.37 4.50 46.31
CA LEU D 1522 -76.59 5.20 47.34
C LEU D 1522 -77.43 5.45 48.58
N ARG D 1523 -78.60 6.06 48.40
CA ARG D 1523 -79.45 6.39 49.54
C ARG D 1523 -79.87 5.12 50.27
N GLY D 1524 -80.20 4.06 49.53
CA GLY D 1524 -80.62 2.82 50.18
C GLY D 1524 -79.51 2.14 50.93
N ALA D 1525 -78.29 2.15 50.37
CA ALA D 1525 -77.15 1.59 51.07
C ALA D 1525 -76.90 2.32 52.39
N LEU D 1526 -77.03 3.65 52.38
CA LEU D 1526 -76.95 4.39 53.64
C LEU D 1526 -78.12 4.04 54.55
N ALA D 1527 -79.33 3.94 53.99
CA ALA D 1527 -80.53 3.83 54.81
C ALA D 1527 -80.66 2.46 55.46
N THR D 1528 -79.93 1.46 54.96
CA THR D 1528 -79.94 0.16 55.63
C THR D 1528 -79.47 0.29 57.08
N TYR D 1529 -78.59 1.24 57.36
CA TYR D 1529 -78.05 1.47 58.70
C TYR D 1529 -78.59 2.74 59.34
N GLY D 1530 -79.65 3.31 58.79
CA GLY D 1530 -80.23 4.52 59.34
C GLY D 1530 -79.52 5.79 58.96
N LEU D 1531 -78.54 5.72 58.07
CA LEU D 1531 -77.81 6.90 57.64
C LEU D 1531 -78.55 7.57 56.49
N THR D 1532 -78.51 8.90 56.49
CA THR D 1532 -79.06 9.72 55.44
C THR D 1532 -77.93 10.15 54.51
N ILE D 1533 -78.31 10.81 53.42
CA ILE D 1533 -77.31 11.28 52.47
C ILE D 1533 -76.31 12.21 53.15
N ASP D 1534 -76.82 13.06 54.06
CA ASP D 1534 -75.95 13.98 54.77
C ASP D 1534 -74.89 13.26 55.59
N ASP D 1535 -75.14 12.01 55.97
CA ASP D 1535 -74.15 11.28 56.75
C ASP D 1535 -72.94 10.84 55.93
N LEU D 1536 -73.01 10.93 54.60
CA LEU D 1536 -71.84 10.62 53.78
C LEU D 1536 -70.88 11.81 53.83
N GLY D 1537 -70.06 11.81 54.88
CA GLY D 1537 -69.25 12.96 55.18
C GLY D 1537 -67.97 13.12 54.41
N VAL D 1538 -67.45 12.06 53.80
CA VAL D 1538 -66.14 12.08 53.15
C VAL D 1538 -66.25 11.35 51.82
N ALA D 1539 -65.54 11.85 50.82
CA ALA D 1539 -65.45 11.21 49.51
C ALA D 1539 -63.98 11.05 49.16
N SER D 1540 -63.52 9.81 49.12
CA SER D 1540 -62.19 9.48 48.61
C SER D 1540 -62.25 9.59 47.10
N PHE D 1541 -61.83 10.75 46.59
CA PHE D 1541 -61.75 10.99 45.16
C PHE D 1541 -60.63 10.17 44.55
N HIS D 1542 -60.88 9.70 43.33
CA HIS D 1542 -59.79 9.16 42.52
C HIS D 1542 -58.63 10.14 42.45
N GLY D 1543 -58.92 11.41 42.16
CA GLY D 1543 -57.96 12.47 42.38
C GLY D 1543 -56.64 12.28 41.69
N THR D 1544 -56.66 12.06 40.38
CA THR D 1544 -55.45 11.64 39.68
C THR D 1544 -54.48 12.79 39.41
N SER D 1545 -54.91 14.05 39.60
CA SER D 1545 -54.10 15.23 39.27
C SER D 1545 -54.03 15.44 37.75
N THR D 1546 -55.07 15.01 37.04
CA THR D 1546 -55.28 15.36 35.65
C THR D 1546 -56.48 16.30 35.59
N LYS D 1547 -56.63 16.97 34.45
CA LYS D 1547 -57.68 17.98 34.36
C LYS D 1547 -59.05 17.34 34.20
N ALA D 1548 -59.19 16.49 33.18
CA ALA D 1548 -60.48 15.90 32.87
C ALA D 1548 -60.98 15.06 34.04
N ASN D 1549 -60.11 14.23 34.62
CA ASN D 1549 -60.58 13.32 35.66
C ASN D 1549 -61.04 14.09 36.89
N ASP D 1550 -60.29 15.10 37.31
CA ASP D 1550 -60.68 15.83 38.51
C ASP D 1550 -61.97 16.62 38.28
N LYS D 1551 -62.09 17.32 37.14
CA LYS D 1551 -63.33 18.02 36.87
C LYS D 1551 -64.51 17.06 36.78
N ASN D 1552 -64.34 15.94 36.08
CA ASN D 1552 -65.41 14.97 35.90
C ASN D 1552 -65.82 14.35 37.23
N GLU D 1553 -64.86 14.02 38.08
CA GLU D 1553 -65.18 13.40 39.36
C GLU D 1553 -65.87 14.37 40.28
N SER D 1554 -65.41 15.62 40.33
CA SER D 1554 -66.10 16.61 41.13
C SER D 1554 -67.53 16.81 40.63
N ALA D 1555 -67.72 16.86 39.31
CA ALA D 1555 -69.05 17.03 38.76
C ALA D 1555 -69.94 15.83 39.08
N THR D 1556 -69.38 14.63 39.03
CA THR D 1556 -70.16 13.42 39.35
C THR D 1556 -70.59 13.43 40.81
N ILE D 1557 -69.66 13.72 41.72
CA ILE D 1557 -70.00 13.76 43.14
C ILE D 1557 -71.05 14.83 43.39
N ASN D 1558 -70.89 16.01 42.77
CA ASN D 1558 -71.85 17.08 42.95
C ASN D 1558 -73.23 16.69 42.44
N GLU D 1559 -73.30 16.04 41.28
CA GLU D 1559 -74.59 15.62 40.76
C GLU D 1559 -75.24 14.58 41.67
N MET D 1560 -74.43 13.67 42.23
CA MET D 1560 -74.98 12.72 43.19
C MET D 1560 -75.58 13.43 44.38
N MET D 1561 -74.86 14.40 44.95
CA MET D 1561 -75.40 15.11 46.12
C MET D 1561 -76.64 15.91 45.75
N LYS D 1562 -76.61 16.61 44.61
CA LYS D 1562 -77.76 17.40 44.19
C LYS D 1562 -78.99 16.53 43.99
N HIS D 1563 -78.82 15.39 43.32
CA HIS D 1563 -79.98 14.56 43.02
C HIS D 1563 -80.47 13.87 44.28
N LEU D 1564 -79.58 13.45 45.15
CA LEU D 1564 -79.99 12.84 46.40
C LEU D 1564 -80.41 13.87 47.42
N GLY D 1565 -80.40 15.14 47.05
CA GLY D 1565 -80.97 16.16 47.91
C GLY D 1565 -80.18 16.36 49.17
N ARG D 1566 -78.85 16.28 49.07
CA ARG D 1566 -78.02 16.55 50.23
C ARG D 1566 -78.24 17.98 50.69
N SER D 1567 -78.16 18.18 51.99
CA SER D 1567 -78.42 19.50 52.56
C SER D 1567 -77.44 20.53 51.99
N GLU D 1568 -77.94 21.73 51.77
CA GLU D 1568 -77.08 22.79 51.26
C GLU D 1568 -76.13 23.25 52.36
N GLY D 1569 -74.91 23.56 51.96
CA GLY D 1569 -73.88 23.87 52.93
C GLY D 1569 -73.33 22.66 53.65
N ASN D 1570 -73.51 21.47 53.08
CA ASN D 1570 -72.93 20.24 53.64
C ASN D 1570 -72.13 19.54 52.54
N PRO D 1571 -71.08 20.18 52.05
CA PRO D 1571 -70.24 19.52 51.05
C PRO D 1571 -69.54 18.31 51.62
N VAL D 1572 -69.43 17.28 50.80
CA VAL D 1572 -68.60 16.13 51.13
C VAL D 1572 -67.16 16.59 51.13
N ILE D 1573 -66.40 16.16 52.13
CA ILE D 1573 -65.00 16.52 52.24
C ILE D 1573 -64.22 15.58 51.33
N GLY D 1574 -63.51 16.14 50.34
CA GLY D 1574 -62.86 15.33 49.35
C GLY D 1574 -61.42 15.01 49.75
N VAL D 1575 -61.17 13.72 49.94
CA VAL D 1575 -59.85 13.21 50.26
C VAL D 1575 -59.20 12.77 48.96
N PHE D 1576 -57.99 13.27 48.72
CA PHE D 1576 -57.20 12.92 47.54
C PHE D 1576 -55.91 12.29 48.02
N GLN D 1577 -55.85 10.97 47.98
CA GLN D 1577 -54.68 10.25 48.46
C GLN D 1577 -53.49 10.32 47.51
N LYS D 1578 -53.73 10.42 46.20
CA LYS D 1578 -52.68 10.26 45.23
C LYS D 1578 -51.69 11.42 45.23
N PHE D 1579 -52.00 12.53 45.91
CA PHE D 1579 -50.99 13.57 46.08
C PHE D 1579 -49.77 13.03 46.80
N LEU D 1580 -49.96 12.09 47.72
CA LEU D 1580 -48.90 11.54 48.54
C LEU D 1580 -48.39 10.22 47.99
N THR D 1581 -49.28 9.28 47.74
CA THR D 1581 -48.92 7.97 47.24
C THR D 1581 -48.64 7.95 45.74
N GLY D 1582 -49.31 8.79 44.97
CA GLY D 1582 -49.27 8.68 43.53
C GLY D 1582 -50.32 7.73 43.02
N HIS D 1583 -50.28 7.50 41.71
CA HIS D 1583 -51.31 6.74 40.99
C HIS D 1583 -50.76 5.36 40.64
N PRO D 1584 -51.17 4.32 41.36
CA PRO D 1584 -50.99 2.97 40.85
C PRO D 1584 -52.17 2.60 39.98
N LYS D 1585 -51.91 1.80 38.96
CA LYS D 1585 -52.88 1.63 37.87
C LYS D 1585 -53.83 0.46 38.18
N GLY D 1586 -54.33 0.45 39.41
CA GLY D 1586 -55.18 -0.65 39.84
C GLY D 1586 -55.09 -1.00 41.31
N ALA D 1587 -53.99 -0.65 41.97
CA ALA D 1587 -53.99 -0.61 43.42
C ALA D 1587 -54.65 0.64 43.96
N ALA D 1588 -55.08 1.55 43.08
CA ALA D 1588 -55.51 2.87 43.50
C ALA D 1588 -56.75 2.79 44.37
N GLY D 1589 -57.79 2.11 43.90
CA GLY D 1589 -59.00 2.01 44.69
C GLY D 1589 -58.77 1.29 46.00
N ALA D 1590 -57.85 0.33 46.01
CA ALA D 1590 -57.55 -0.40 47.23
C ALA D 1590 -56.86 0.50 48.25
N TRP D 1591 -55.91 1.31 47.80
CA TRP D 1591 -55.26 2.26 48.70
C TRP D 1591 -56.27 3.27 49.25
N MET D 1592 -57.14 3.79 48.39
CA MET D 1592 -58.17 4.70 48.87
C MET D 1592 -59.17 4.01 49.80
N MET D 1593 -59.45 2.72 49.60
CA MET D 1593 -60.34 2.02 50.52
C MET D 1593 -59.67 1.85 51.88
N ASN D 1594 -58.37 1.55 51.88
CA ASN D 1594 -57.62 1.52 53.13
C ASN D 1594 -57.67 2.87 53.83
N GLY D 1595 -57.45 3.95 53.08
CA GLY D 1595 -57.53 5.27 53.67
C GLY D 1595 -58.92 5.61 54.17
N ALA D 1596 -59.95 5.17 53.45
CA ALA D 1596 -61.32 5.44 53.88
C ALA D 1596 -61.63 4.70 55.18
N LEU D 1597 -61.17 3.45 55.30
CA LEU D 1597 -61.36 2.71 56.54
C LEU D 1597 -60.63 3.38 57.69
N GLN D 1598 -59.41 3.86 57.43
CA GLN D 1598 -58.66 4.54 58.49
C GLN D 1598 -59.33 5.85 58.88
N ILE D 1599 -59.87 6.59 57.90
CA ILE D 1599 -60.63 7.80 58.19
C ILE D 1599 -61.84 7.47 59.04
N LEU D 1600 -62.54 6.39 58.70
CA LEU D 1600 -63.72 5.99 59.46
C LEU D 1600 -63.35 5.69 60.90
N ASN D 1601 -62.26 4.96 61.10
CA ASN D 1601 -61.93 4.50 62.45
C ASN D 1601 -61.33 5.61 63.30
N SER D 1602 -60.49 6.47 62.72
CA SER D 1602 -59.82 7.50 63.48
C SER D 1602 -60.59 8.82 63.55
N GLY D 1603 -61.60 9.00 62.69
CA GLY D 1603 -62.31 10.27 62.63
C GLY D 1603 -61.49 11.38 62.01
N ILE D 1604 -60.33 11.07 61.45
CA ILE D 1604 -59.39 12.05 60.94
C ILE D 1604 -59.47 12.04 59.43
N ILE D 1605 -59.65 13.22 58.83
CA ILE D 1605 -59.72 13.36 57.38
C ILE D 1605 -58.42 14.02 56.93
N PRO D 1606 -57.50 13.28 56.31
CA PRO D 1606 -56.27 13.92 55.85
C PRO D 1606 -56.55 14.94 54.77
N GLY D 1607 -55.75 15.99 54.76
CA GLY D 1607 -55.83 17.02 53.76
C GLY D 1607 -54.89 16.77 52.60
N ASN D 1608 -55.26 17.34 51.46
CA ASN D 1608 -54.44 17.28 50.25
C ASN D 1608 -53.39 18.36 50.37
N ARG D 1609 -52.24 18.01 50.96
CA ARG D 1609 -51.23 19.03 51.25
C ARG D 1609 -50.63 19.61 49.98
N ASN D 1610 -50.79 18.94 48.85
CA ASN D 1610 -50.36 19.50 47.58
C ASN D 1610 -51.40 20.43 46.96
N ALA D 1611 -52.56 20.59 47.58
CA ALA D 1611 -53.61 21.47 47.05
C ALA D 1611 -53.14 22.90 47.25
N ASP D 1612 -52.19 23.31 46.42
CA ASP D 1612 -51.64 24.65 46.57
C ASP D 1612 -52.70 25.70 46.28
N ASN D 1613 -53.53 25.46 45.26
CA ASN D 1613 -54.63 26.36 44.92
C ASN D 1613 -55.67 25.54 44.22
N VAL D 1614 -56.87 25.46 44.80
CA VAL D 1614 -57.94 24.68 44.19
C VAL D 1614 -58.36 25.33 42.88
N ASP D 1615 -58.53 24.50 41.87
CA ASP D 1615 -58.95 24.98 40.56
C ASP D 1615 -60.28 25.72 40.66
N LYS D 1616 -60.36 26.88 40.00
CA LYS D 1616 -61.52 27.74 40.17
C LYS D 1616 -62.77 27.09 39.61
N ILE D 1617 -62.63 26.28 38.55
CA ILE D 1617 -63.78 25.63 37.94
C ILE D 1617 -64.47 24.71 38.94
N LEU D 1618 -63.75 24.28 39.97
CA LEU D 1618 -64.32 23.41 41.00
C LEU D 1618 -65.19 24.17 42.00
N GLU D 1619 -65.23 25.51 41.95
CA GLU D 1619 -66.12 26.23 42.86
C GLU D 1619 -67.58 25.92 42.56
N GLN D 1620 -67.91 25.69 41.28
CA GLN D 1620 -69.29 25.44 40.89
C GLN D 1620 -69.89 24.23 41.61
N PHE D 1621 -69.05 23.28 42.02
CA PHE D 1621 -69.50 22.08 42.72
C PHE D 1621 -69.59 22.42 44.20
N GLU D 1622 -70.73 22.99 44.60
CA GLU D 1622 -70.86 23.49 45.96
C GLU D 1622 -70.90 22.37 46.99
N TYR D 1623 -71.16 21.13 46.56
CA TYR D 1623 -71.24 19.99 47.44
C TYR D 1623 -69.91 19.26 47.59
N VAL D 1624 -68.80 19.86 47.16
CA VAL D 1624 -67.47 19.29 47.31
C VAL D 1624 -66.58 20.31 48.01
N LEU D 1625 -65.86 19.85 49.02
CA LEU D 1625 -64.86 20.65 49.72
C LEU D 1625 -63.49 20.02 49.47
N TYR D 1626 -62.47 20.88 49.35
CA TYR D 1626 -61.12 20.45 48.98
C TYR D 1626 -60.12 20.92 50.02
N PRO D 1627 -60.03 20.22 51.16
CA PRO D 1627 -59.09 20.65 52.20
C PRO D 1627 -57.64 20.44 51.79
N SER D 1628 -56.77 21.26 52.36
CA SER D 1628 -55.33 21.13 52.21
C SER D 1628 -54.63 20.63 53.47
N LYS D 1629 -55.31 20.63 54.62
CA LYS D 1629 -54.71 20.20 55.87
C LYS D 1629 -55.65 19.24 56.57
N THR D 1630 -55.06 18.39 57.41
CA THR D 1630 -55.82 17.35 58.08
C THR D 1630 -56.84 17.96 59.04
N LEU D 1631 -58.00 17.33 59.09
CA LEU D 1631 -59.09 17.75 59.96
C LEU D 1631 -59.36 16.66 60.99
N LYS D 1632 -59.34 17.03 62.26
CA LYS D 1632 -59.70 16.12 63.35
C LYS D 1632 -61.20 16.26 63.57
N THR D 1633 -61.97 15.49 62.82
CA THR D 1633 -63.41 15.43 63.01
C THR D 1633 -63.75 14.66 64.28
N ASP D 1634 -64.96 14.89 64.78
CA ASP D 1634 -65.51 14.09 65.87
C ASP D 1634 -66.28 12.88 65.37
N GLY D 1635 -66.03 12.45 64.14
CA GLY D 1635 -66.67 11.27 63.60
C GLY D 1635 -66.93 11.34 62.12
N VAL D 1636 -66.62 10.26 61.42
CA VAL D 1636 -66.98 10.06 60.01
C VAL D 1636 -67.94 8.88 59.96
N ARG D 1637 -69.11 9.09 59.37
CA ARG D 1637 -70.12 8.05 59.29
C ARG D 1637 -69.88 7.13 58.10
N ALA D 1638 -69.84 7.71 56.90
CA ALA D 1638 -69.64 6.96 55.67
C ALA D 1638 -68.61 7.68 54.82
N VAL D 1639 -67.91 6.90 53.99
CA VAL D 1639 -66.92 7.41 53.06
C VAL D 1639 -67.21 6.81 51.69
N SER D 1640 -67.21 7.65 50.66
CA SER D 1640 -67.49 7.24 49.28
C SER D 1640 -66.19 7.15 48.52
N ILE D 1641 -65.76 5.95 48.19
CA ILE D 1641 -64.56 5.73 47.40
C ILE D 1641 -64.97 5.66 45.94
N THR D 1642 -64.45 6.56 45.11
CA THR D 1642 -64.80 6.57 43.68
C THR D 1642 -63.55 6.46 42.83
N SER D 1643 -63.59 5.56 41.86
CA SER D 1643 -62.47 5.31 40.94
C SER D 1643 -62.96 5.43 39.51
N PHE D 1644 -62.05 5.84 38.62
CA PHE D 1644 -62.35 6.01 37.20
C PHE D 1644 -61.12 5.52 36.42
N GLY D 1645 -61.18 4.29 35.95
CA GLY D 1645 -60.13 3.75 35.13
C GLY D 1645 -60.43 3.87 33.65
N PHE D 1646 -59.35 3.80 32.86
CA PHE D 1646 -59.44 3.79 31.41
C PHE D 1646 -60.39 2.69 30.96
N GLY D 1647 -60.95 2.84 29.77
CA GLY D 1647 -61.97 1.91 29.34
C GLY D 1647 -63.31 2.15 29.97
N GLN D 1648 -63.59 3.39 30.37
CA GLN D 1648 -64.87 3.77 30.95
C GLN D 1648 -65.20 2.93 32.18
N LYS D 1649 -64.22 2.73 33.05
CA LYS D 1649 -64.40 1.88 34.23
C LYS D 1649 -64.66 2.78 35.43
N GLY D 1650 -65.92 3.22 35.58
CA GLY D 1650 -66.30 3.96 36.76
C GLY D 1650 -66.68 3.00 37.86
N GLY D 1651 -66.41 3.41 39.10
CA GLY D 1651 -66.74 2.58 40.24
C GLY D 1651 -66.95 3.39 41.50
N GLN D 1652 -67.95 3.02 42.28
CA GLN D 1652 -68.26 3.68 43.54
C GLN D 1652 -68.53 2.64 44.61
N ALA D 1653 -67.81 2.78 45.73
CA ALA D 1653 -68.04 1.96 46.91
C ALA D 1653 -68.32 2.91 48.07
N ILE D 1654 -69.06 2.40 49.04
CA ILE D 1654 -69.40 3.14 50.25
C ILE D 1654 -68.98 2.29 51.44
N VAL D 1655 -68.16 2.87 52.31
CA VAL D 1655 -67.78 2.22 53.56
C VAL D 1655 -68.40 3.00 54.71
N VAL D 1656 -69.25 2.32 55.47
CA VAL D 1656 -69.89 2.91 56.64
C VAL D 1656 -69.03 2.58 57.85
N HIS D 1657 -69.15 3.42 58.87
CA HIS D 1657 -68.44 3.19 60.12
C HIS D 1657 -68.80 1.82 60.67
N PRO D 1658 -67.85 1.07 61.24
CA PRO D 1658 -68.18 -0.26 61.77
C PRO D 1658 -69.19 -0.25 62.90
N ASP D 1659 -69.35 0.88 63.60
CA ASP D 1659 -70.17 0.89 64.82
C ASP D 1659 -71.65 0.87 64.50
N TYR D 1660 -72.04 1.19 63.26
CA TYR D 1660 -73.43 1.03 62.86
C TYR D 1660 -73.80 -0.43 62.64
N LEU D 1661 -72.80 -1.31 62.54
CA LEU D 1661 -73.10 -2.73 62.47
C LEU D 1661 -73.51 -3.28 63.83
N TYR D 1662 -72.80 -2.88 64.88
CA TYR D 1662 -73.00 -3.49 66.20
C TYR D 1662 -74.34 -3.12 66.80
N GLY D 1663 -75.01 -2.11 66.28
CA GLY D 1663 -76.37 -1.81 66.70
C GLY D 1663 -77.40 -2.78 66.20
N ALA D 1664 -77.01 -3.75 65.36
CA ALA D 1664 -77.91 -4.76 64.83
C ALA D 1664 -77.86 -6.08 65.59
N ILE D 1665 -77.15 -6.12 66.73
CA ILE D 1665 -77.01 -7.37 67.48
C ILE D 1665 -77.37 -7.12 68.94
N THR D 1666 -77.45 -8.19 69.71
CA THR D 1666 -77.79 -8.11 71.12
C THR D 1666 -76.60 -7.68 71.95
N GLU D 1667 -76.86 -7.37 73.22
CA GLU D 1667 -75.78 -7.00 74.13
C GLU D 1667 -74.82 -8.16 74.34
N ASP D 1668 -75.36 -9.35 74.59
CA ASP D 1668 -74.50 -10.50 74.89
C ASP D 1668 -73.66 -10.88 73.68
N ARG D 1669 -74.26 -10.88 72.49
CA ARG D 1669 -73.51 -11.21 71.29
C ARG D 1669 -72.39 -10.19 71.06
N TYR D 1670 -72.69 -8.92 71.29
CA TYR D 1670 -71.65 -7.89 71.18
C TYR D 1670 -70.54 -8.12 72.20
N ASN D 1671 -70.90 -8.49 73.43
CA ASN D 1671 -69.88 -8.67 74.47
C ASN D 1671 -68.97 -9.84 74.14
N GLU D 1672 -69.55 -10.97 73.74
CA GLU D 1672 -68.72 -12.12 73.41
C GLU D 1672 -67.88 -11.86 72.18
N TYR D 1673 -68.44 -11.14 71.19
CA TYR D 1673 -67.65 -10.74 70.03
C TYR D 1673 -66.47 -9.85 70.45
N VAL D 1674 -66.72 -8.88 71.34
CA VAL D 1674 -65.68 -7.95 71.77
C VAL D 1674 -64.58 -8.68 72.50
N ALA D 1675 -64.96 -9.61 73.39
CA ALA D 1675 -63.95 -10.39 74.11
C ALA D 1675 -63.11 -11.21 73.13
N LYS D 1676 -63.76 -11.79 72.12
CA LYS D 1676 -63.02 -12.59 71.15
C LYS D 1676 -62.10 -11.72 70.31
N VAL D 1677 -62.52 -10.50 69.95
CA VAL D 1677 -61.63 -9.60 69.21
C VAL D 1677 -60.49 -9.14 70.10
N SER D 1678 -60.73 -8.97 71.39
CA SER D 1678 -59.63 -8.61 72.29
C SER D 1678 -58.57 -9.70 72.32
N ALA D 1679 -59.00 -10.95 72.49
CA ALA D 1679 -58.04 -12.06 72.49
C ALA D 1679 -57.32 -12.15 71.15
N ARG D 1680 -58.07 -12.02 70.05
CA ARG D 1680 -57.46 -12.06 68.73
C ARG D 1680 -56.47 -10.93 68.52
N GLU D 1681 -56.79 -9.74 69.03
CA GLU D 1681 -55.88 -8.60 68.91
C GLU D 1681 -54.58 -8.89 69.65
N LYS D 1682 -54.68 -9.45 70.85
CA LYS D 1682 -53.45 -9.79 71.57
C LYS D 1682 -52.62 -10.80 70.80
N SER D 1683 -53.26 -11.86 70.29
CA SER D 1683 -52.53 -12.87 69.54
C SER D 1683 -51.92 -12.30 68.28
N ALA D 1684 -52.64 -11.40 67.60
CA ALA D 1684 -52.14 -10.80 66.37
C ALA D 1684 -50.97 -9.87 66.65
N TYR D 1685 -51.04 -9.11 67.75
CA TYR D 1685 -49.90 -8.27 68.14
C TYR D 1685 -48.67 -9.13 68.38
N LYS D 1686 -48.85 -10.25 69.11
CA LYS D 1686 -47.75 -11.17 69.34
C LYS D 1686 -47.16 -11.65 68.02
N PHE D 1687 -48.00 -12.15 67.12
CA PHE D 1687 -47.52 -12.68 65.85
C PHE D 1687 -46.85 -11.60 65.01
N PHE D 1688 -47.46 -10.42 64.96
CA PHE D 1688 -46.94 -9.36 64.10
C PHE D 1688 -45.56 -8.93 64.57
N HIS D 1689 -45.38 -8.72 65.86
CA HIS D 1689 -44.08 -8.24 66.33
C HIS D 1689 -43.02 -9.32 66.20
N ASN D 1690 -43.37 -10.58 66.52
CA ASN D 1690 -42.42 -11.67 66.34
C ASN D 1690 -42.00 -11.78 64.88
N GLY D 1691 -42.98 -11.77 63.97
CA GLY D 1691 -42.67 -11.88 62.56
C GLY D 1691 -41.89 -10.71 62.03
N MET D 1692 -42.15 -9.51 62.57
CA MET D 1692 -41.37 -8.35 62.15
C MET D 1692 -39.92 -8.54 62.52
N ILE D 1693 -39.63 -8.89 63.78
CA ILE D 1693 -38.23 -8.92 64.19
C ILE D 1693 -37.50 -10.08 63.52
N TYR D 1694 -38.18 -11.22 63.36
CA TYR D 1694 -37.53 -12.39 62.78
C TYR D 1694 -37.77 -12.56 61.29
N ASN D 1695 -38.36 -11.56 60.62
CA ASN D 1695 -38.55 -11.57 59.18
C ASN D 1695 -39.34 -12.79 58.73
N LYS D 1696 -40.42 -13.10 59.46
CA LYS D 1696 -41.28 -14.23 59.15
C LYS D 1696 -42.75 -13.85 59.32
N LEU D 1697 -43.12 -12.65 58.90
CA LEU D 1697 -44.54 -12.32 58.79
C LEU D 1697 -45.20 -13.17 57.72
N PHE D 1698 -44.54 -13.33 56.57
CA PHE D 1698 -44.97 -14.28 55.55
C PHE D 1698 -44.43 -15.64 55.94
N VAL D 1699 -45.32 -16.58 56.23
CA VAL D 1699 -44.97 -17.98 56.43
C VAL D 1699 -45.59 -18.75 55.28
N SER D 1700 -44.75 -19.22 54.37
CA SER D 1700 -45.23 -20.08 53.30
C SER D 1700 -45.71 -21.40 53.88
N LYS D 1701 -46.86 -21.86 53.40
CA LYS D 1701 -47.37 -23.19 53.74
C LYS D 1701 -46.63 -24.19 52.86
N GLU D 1702 -46.06 -25.22 53.50
CA GLU D 1702 -45.50 -26.32 52.72
C GLU D 1702 -46.59 -27.24 52.19
N HIS D 1703 -47.62 -27.49 53.01
CA HIS D 1703 -48.66 -28.46 52.71
C HIS D 1703 -50.03 -27.82 52.86
N ALA D 1704 -50.96 -28.27 52.02
CA ALA D 1704 -52.35 -27.86 52.14
C ALA D 1704 -52.93 -28.44 53.42
N PRO D 1705 -54.06 -27.90 53.91
CA PRO D 1705 -54.61 -28.40 55.18
C PRO D 1705 -55.16 -29.82 55.09
N TYR D 1706 -55.29 -30.38 53.89
CA TYR D 1706 -55.71 -31.75 53.67
C TYR D 1706 -54.60 -32.50 52.97
N THR D 1707 -54.56 -33.81 53.17
CA THR D 1707 -53.65 -34.66 52.41
C THR D 1707 -54.22 -34.91 51.01
N ASP D 1708 -53.39 -35.50 50.15
CA ASP D 1708 -53.85 -35.80 48.79
C ASP D 1708 -55.00 -36.79 48.80
N GLU D 1709 -54.94 -37.80 49.67
CA GLU D 1709 -55.99 -38.82 49.69
C GLU D 1709 -57.29 -38.27 50.24
N LEU D 1710 -57.21 -37.30 51.16
CA LEU D 1710 -58.39 -36.70 51.77
C LEU D 1710 -58.85 -35.44 51.06
N GLU D 1711 -58.14 -35.02 50.01
CA GLU D 1711 -58.48 -33.80 49.29
C GLU D 1711 -59.88 -33.88 48.69
N GLU D 1712 -60.19 -34.97 47.98
CA GLU D 1712 -61.51 -35.11 47.37
C GLU D 1712 -62.60 -35.17 48.42
N ASP D 1713 -62.36 -35.87 49.52
CA ASP D 1713 -63.37 -35.94 50.58
C ASP D 1713 -63.64 -34.56 51.16
N VAL D 1714 -62.59 -33.78 51.39
CA VAL D 1714 -62.78 -32.44 51.92
C VAL D 1714 -63.54 -31.58 50.92
N TYR D 1715 -63.20 -31.68 49.63
CA TYR D 1715 -63.92 -30.93 48.61
C TYR D 1715 -65.39 -31.31 48.59
N LEU D 1716 -65.69 -32.61 48.68
CA LEU D 1716 -67.05 -33.09 48.53
C LEU D 1716 -67.88 -32.93 49.79
N ASP D 1717 -67.26 -32.70 50.95
CA ASP D 1717 -67.99 -32.42 52.17
C ASP D 1717 -68.07 -30.91 52.39
N PRO D 1718 -69.26 -30.28 52.38
CA PRO D 1718 -69.29 -28.85 52.68
C PRO D 1718 -69.14 -28.53 54.15
N LEU D 1719 -69.43 -29.47 55.04
CA LEU D 1719 -69.35 -29.27 56.48
C LEU D 1719 -68.01 -29.69 57.06
N ALA D 1720 -67.03 -30.04 56.23
CA ALA D 1720 -65.70 -30.34 56.73
C ALA D 1720 -65.02 -29.07 57.19
N ARG D 1721 -64.44 -29.12 58.40
CA ARG D 1721 -63.70 -28.01 58.97
C ARG D 1721 -62.38 -28.53 59.52
N VAL D 1722 -61.35 -27.70 59.43
CA VAL D 1722 -60.05 -28.08 59.97
C VAL D 1722 -60.14 -28.13 61.48
N SER D 1723 -59.32 -28.98 62.08
CA SER D 1723 -59.14 -29.06 63.51
C SER D 1723 -57.65 -29.00 63.80
N LYS D 1724 -57.32 -28.63 65.03
CA LYS D 1724 -55.93 -28.57 65.44
C LYS D 1724 -55.43 -29.99 65.70
N ASP D 1725 -54.39 -30.39 64.97
CA ASP D 1725 -53.82 -31.72 65.14
C ASP D 1725 -53.04 -31.79 66.45
N LYS D 1726 -53.27 -32.85 67.21
CA LYS D 1726 -52.57 -32.99 68.48
C LYS D 1726 -51.06 -33.12 68.28
N LYS D 1727 -50.64 -33.85 67.25
CA LYS D 1727 -49.21 -34.10 67.04
C LYS D 1727 -48.53 -32.89 66.40
N SER D 1728 -48.96 -32.52 65.19
CA SER D 1728 -48.28 -31.45 64.46
C SER D 1728 -48.56 -30.09 65.09
N GLY D 1729 -49.75 -29.90 65.62
CA GLY D 1729 -50.16 -28.62 66.17
C GLY D 1729 -50.75 -27.67 65.16
N SER D 1730 -50.75 -28.01 63.87
CA SER D 1730 -51.32 -27.18 62.83
C SER D 1730 -52.78 -27.52 62.61
N LEU D 1731 -53.49 -26.63 61.93
CA LEU D 1731 -54.88 -26.85 61.55
C LEU D 1731 -54.91 -27.69 60.28
N THR D 1732 -55.51 -28.87 60.36
CA THR D 1732 -55.56 -29.81 59.25
C THR D 1732 -56.94 -30.44 59.18
N PHE D 1733 -57.27 -30.98 58.02
CA PHE D 1733 -58.53 -31.67 57.84
C PHE D 1733 -58.40 -33.12 58.32
N ASN D 1734 -59.45 -33.58 58.99
CA ASN D 1734 -59.45 -34.86 59.69
C ASN D 1734 -60.54 -35.76 59.12
N SER D 1735 -60.18 -37.02 58.87
CA SER D 1735 -61.15 -37.98 58.33
C SER D 1735 -62.33 -38.15 59.26
N LYS D 1736 -62.11 -37.99 60.56
CA LYS D 1736 -63.18 -38.23 61.52
C LYS D 1736 -64.10 -37.03 61.60
N ASN D 1737 -63.66 -35.88 61.07
CA ASN D 1737 -64.50 -34.70 60.92
C ASN D 1737 -65.05 -34.56 59.50
N ILE D 1738 -64.60 -35.38 58.55
CA ILE D 1738 -65.10 -35.35 57.19
C ILE D 1738 -66.26 -36.33 57.08
N GLN D 1739 -67.38 -35.86 56.56
CA GLN D 1739 -68.58 -36.69 56.35
C GLN D 1739 -69.03 -37.36 57.65
N SER D 1740 -69.10 -36.57 58.72
CA SER D 1740 -69.48 -37.06 60.04
C SER D 1740 -70.85 -36.52 60.43
N LYS D 1741 -71.58 -37.31 61.22
CA LYS D 1741 -72.91 -36.90 61.65
C LYS D 1741 -72.89 -35.72 62.62
N ASP D 1742 -71.81 -35.57 63.40
CA ASP D 1742 -71.75 -34.48 64.36
C ASP D 1742 -71.71 -33.12 63.67
N SER D 1743 -71.10 -33.07 62.48
CA SER D 1743 -71.06 -31.82 61.73
C SER D 1743 -72.45 -31.42 61.23
N TYR D 1744 -73.37 -32.37 61.17
CA TYR D 1744 -74.72 -32.13 60.67
C TYR D 1744 -75.75 -32.31 61.77
N SER E 5 64.45 -69.04 93.23
CA SER E 5 63.80 -67.73 93.28
C SER E 5 64.15 -66.90 92.05
N THR E 6 63.22 -66.85 91.11
CA THR E 6 63.37 -66.05 89.90
C THR E 6 62.08 -65.27 89.68
N ARG E 7 62.16 -64.26 88.81
CA ARG E 7 60.97 -63.52 88.43
C ARG E 7 61.02 -63.10 86.98
N PRO E 8 59.86 -62.84 86.35
CA PRO E 8 59.83 -62.56 84.91
C PRO E 8 60.08 -61.08 84.62
N LEU E 9 61.15 -60.81 83.88
CA LEU E 9 61.42 -59.49 83.33
C LEU E 9 61.10 -59.54 81.84
N THR E 10 60.15 -58.72 81.41
CA THR E 10 59.66 -58.74 80.03
C THR E 10 60.40 -57.68 79.23
N LEU E 11 61.01 -58.09 78.12
CA LEU E 11 61.71 -57.22 77.20
C LEU E 11 61.17 -57.45 75.79
N SER E 12 60.75 -56.36 75.15
CA SER E 12 59.88 -56.45 73.98
C SER E 12 60.01 -55.19 73.13
N HIS E 13 59.46 -55.27 71.92
CA HIS E 13 59.44 -54.14 70.99
C HIS E 13 58.22 -54.34 70.08
N GLY E 14 57.11 -53.72 70.45
CA GLY E 14 55.88 -53.93 69.70
C GLY E 14 55.22 -55.24 70.08
N SER E 15 54.76 -55.99 69.08
CA SER E 15 54.07 -57.23 69.35
C SER E 15 55.02 -58.32 69.86
N LEU E 16 56.22 -58.38 69.32
CA LEU E 16 57.19 -59.38 69.74
C LEU E 16 57.68 -59.10 71.15
N GLU E 17 57.87 -60.15 71.94
CA GLU E 17 58.27 -60.01 73.33
C GLU E 17 59.03 -61.25 73.77
N HIS E 18 59.72 -61.12 74.89
CA HIS E 18 60.39 -62.28 75.48
C HIS E 18 60.62 -62.00 76.96
N VAL E 19 60.40 -63.02 77.78
CA VAL E 19 60.44 -62.90 79.24
C VAL E 19 61.60 -63.71 79.78
N LEU E 20 62.39 -63.10 80.66
CA LEU E 20 63.57 -63.73 81.24
C LEU E 20 63.32 -63.98 82.73
N LEU E 21 63.60 -65.21 83.18
CA LEU E 21 63.48 -65.55 84.60
C LEU E 21 64.77 -65.14 85.29
N VAL E 22 64.82 -63.88 85.70
CA VAL E 22 66.01 -63.32 86.31
C VAL E 22 66.02 -63.66 87.80
N PRO E 23 67.14 -64.07 88.39
CA PRO E 23 67.17 -64.26 89.85
C PRO E 23 66.92 -62.94 90.58
N THR E 24 66.33 -63.05 91.76
CA THR E 24 66.00 -61.87 92.55
C THR E 24 67.25 -61.10 92.96
N ALA E 25 68.40 -61.77 93.00
CA ALA E 25 69.63 -61.11 93.46
C ALA E 25 70.02 -59.96 92.56
N SER E 26 69.92 -60.14 91.24
CA SER E 26 70.32 -59.14 90.26
C SER E 26 69.15 -58.61 89.43
N PHE E 27 67.92 -58.77 89.92
CA PHE E 27 66.77 -58.28 89.18
C PHE E 27 66.83 -56.76 89.05
N PHE E 28 67.26 -56.06 90.10
CA PHE E 28 67.33 -54.60 90.03
C PHE E 28 68.29 -54.15 88.94
N ILE E 29 69.46 -54.79 88.86
CA ILE E 29 70.42 -54.47 87.80
C ILE E 29 69.81 -54.76 86.44
N ALA E 30 69.18 -55.93 86.31
CA ALA E 30 68.58 -56.31 85.03
C ALA E 30 67.47 -55.34 84.64
N SER E 31 66.77 -54.79 85.63
CA SER E 31 65.64 -53.90 85.35
C SER E 31 66.12 -52.53 84.90
N GLN E 32 67.18 -52.01 85.53
CA GLN E 32 67.73 -50.76 85.03
C GLN E 32 68.35 -50.98 83.65
N LEU E 33 68.88 -52.18 83.40
CA LEU E 33 69.32 -52.53 82.05
C LEU E 33 68.17 -52.51 81.07
N GLN E 34 67.01 -53.05 81.46
CA GLN E 34 65.82 -52.98 80.62
C GLN E 34 65.43 -51.54 80.33
N GLU E 35 65.45 -50.70 81.36
CA GLU E 35 65.08 -49.29 81.18
C GLU E 35 66.00 -48.62 80.17
N GLN E 36 67.31 -48.78 80.35
CA GLN E 36 68.25 -48.16 79.42
C GLN E 36 68.15 -48.78 78.03
N PHE E 37 67.93 -50.09 77.96
CA PHE E 37 67.82 -50.76 76.67
C PHE E 37 66.66 -50.19 75.87
N ASN E 38 65.51 -50.02 76.50
CA ASN E 38 64.39 -49.41 75.80
C ASN E 38 64.61 -47.92 75.55
N LYS E 39 65.38 -47.24 76.41
CA LYS E 39 65.73 -45.85 76.13
C LYS E 39 66.58 -45.71 74.88
N ILE E 40 67.40 -46.71 74.56
CA ILE E 40 68.21 -46.68 73.35
C ILE E 40 67.45 -47.26 72.16
N LEU E 41 66.50 -48.15 72.43
CA LEU E 41 65.81 -48.84 71.35
C LEU E 41 64.90 -47.87 70.59
N PRO E 42 64.79 -48.00 69.25
CA PRO E 42 63.84 -47.14 68.52
C PRO E 42 62.40 -47.60 68.69
N GLU E 43 61.45 -46.74 68.31
CA GLU E 43 60.04 -47.01 68.53
C GLU E 43 59.53 -48.07 67.55
N PRO E 44 58.56 -48.90 67.93
CA PRO E 44 57.98 -49.83 66.96
C PRO E 44 57.36 -49.13 65.77
N THR E 45 57.48 -49.77 64.60
CA THR E 45 56.83 -49.37 63.37
C THR E 45 55.87 -50.48 62.93
N GLU E 46 55.24 -50.29 61.77
CA GLU E 46 54.26 -51.24 61.24
C GLU E 46 54.97 -52.22 60.33
N GLY E 47 55.27 -53.41 60.86
CA GLY E 47 55.89 -54.47 60.10
C GLY E 47 57.38 -54.67 60.35
N PHE E 48 58.02 -53.76 61.11
CA PHE E 48 59.44 -53.89 61.44
C PHE E 48 60.31 -53.85 60.18
N ALA E 49 60.23 -52.73 59.47
CA ALA E 49 61.02 -52.51 58.26
C ALA E 49 62.27 -51.67 58.51
N ALA E 50 62.27 -50.81 59.53
CA ALA E 50 63.38 -49.91 59.74
C ALA E 50 64.63 -50.68 60.19
N ASP E 51 65.79 -50.09 59.91
CA ASP E 51 67.04 -50.65 60.39
C ASP E 51 67.18 -50.44 61.89
N ASP E 52 68.01 -51.28 62.51
CA ASP E 52 68.17 -51.28 63.96
C ASP E 52 66.83 -51.53 64.67
N GLU E 53 65.98 -52.34 64.04
CA GLU E 53 64.64 -52.63 64.54
C GLU E 53 64.45 -54.14 64.55
N PRO E 54 64.09 -54.76 65.68
CA PRO E 54 63.87 -56.21 65.66
C PRO E 54 62.63 -56.56 64.85
N THR E 55 62.66 -57.75 64.26
CA THR E 55 61.51 -58.31 63.56
C THR E 55 60.95 -59.57 64.21
N THR E 56 61.74 -60.27 65.02
CA THR E 56 61.32 -61.46 65.72
C THR E 56 61.84 -61.40 67.15
N PRO E 57 61.20 -62.11 68.08
CA PRO E 57 61.72 -62.17 69.44
C PRO E 57 63.16 -62.59 69.53
N ALA E 58 63.59 -63.51 68.66
CA ALA E 58 64.99 -63.89 68.63
C ALA E 58 65.88 -62.70 68.32
N GLU E 59 65.50 -61.90 67.33
CA GLU E 59 66.27 -60.71 66.99
C GLU E 59 66.31 -59.73 68.16
N LEU E 60 65.18 -59.56 68.84
CA LEU E 60 65.15 -58.61 69.97
C LEU E 60 66.03 -59.07 71.13
N VAL E 61 65.98 -60.35 71.51
CA VAL E 61 66.86 -60.83 72.56
C VAL E 61 68.31 -60.76 72.10
N GLY E 62 68.56 -60.97 70.81
CA GLY E 62 69.92 -60.79 70.31
C GLY E 62 70.41 -59.36 70.45
N LYS E 63 69.54 -58.40 70.15
CA LYS E 63 69.94 -56.99 70.27
C LYS E 63 70.13 -56.60 71.73
N PHE E 64 69.30 -57.13 72.63
CA PHE E 64 69.54 -56.92 74.05
C PHE E 64 70.88 -57.51 74.47
N LEU E 65 71.20 -58.70 73.96
CA LEU E 65 72.50 -59.31 74.23
C LEU E 65 73.63 -58.42 73.74
N GLY E 66 73.48 -57.85 72.54
CA GLY E 66 74.50 -56.95 72.03
C GLY E 66 74.66 -55.71 72.89
N TYR E 67 73.55 -55.15 73.35
CA TYR E 67 73.62 -53.96 74.21
C TYR E 67 74.34 -54.26 75.51
N VAL E 68 73.97 -55.35 76.19
CA VAL E 68 74.63 -55.68 77.44
C VAL E 68 76.09 -56.04 77.19
N SER E 69 76.37 -56.66 76.03
CA SER E 69 77.75 -56.97 75.65
C SER E 69 78.57 -55.69 75.51
N SER E 70 78.01 -54.68 74.87
CA SER E 70 78.68 -53.38 74.78
C SER E 70 78.89 -52.77 76.15
N LEU E 71 77.96 -52.96 77.07
CA LEU E 71 78.10 -52.40 78.41
C LEU E 71 79.12 -53.12 79.28
N VAL E 72 79.35 -54.42 79.09
CA VAL E 72 80.31 -55.15 79.93
C VAL E 72 81.71 -54.88 79.37
N GLU E 73 82.68 -54.79 80.28
CA GLU E 73 84.08 -54.61 79.90
C GLU E 73 84.86 -55.88 80.24
N PRO E 74 85.64 -56.47 79.32
CA PRO E 74 86.39 -57.67 79.72
C PRO E 74 87.41 -57.40 80.80
N GLY E 78 83.61 -55.82 86.71
CA GLY E 78 82.57 -56.68 86.20
C GLY E 78 81.36 -56.74 87.11
N GLN E 79 80.27 -56.11 86.67
CA GLN E 79 79.01 -56.08 87.40
C GLN E 79 77.83 -56.55 86.55
N PHE E 80 77.88 -56.33 85.24
CA PHE E 80 76.82 -56.74 84.33
C PHE E 80 77.10 -58.11 83.70
N ASP E 81 78.20 -58.75 84.09
CA ASP E 81 78.56 -60.03 83.49
C ASP E 81 77.54 -61.10 83.83
N GLN E 82 77.02 -61.09 85.06
CA GLN E 82 76.04 -62.11 85.45
C GLN E 82 74.77 -61.99 84.65
N VAL E 83 74.27 -60.76 84.44
CA VAL E 83 73.03 -60.60 83.68
C VAL E 83 73.28 -60.96 82.22
N LEU E 84 74.46 -60.61 81.69
CA LEU E 84 74.79 -61.04 80.33
C LEU E 84 74.77 -62.55 80.22
N ASN E 85 75.38 -63.25 81.18
CA ASN E 85 75.40 -64.70 81.16
C ASN E 85 73.98 -65.26 81.24
N LEU E 86 73.14 -64.66 82.08
CA LEU E 86 71.78 -65.14 82.24
C LEU E 86 70.99 -65.01 80.94
N CYS E 87 70.99 -63.83 80.33
CA CYS E 87 70.21 -63.66 79.11
C CYS E 87 70.81 -64.45 77.96
N LEU E 88 72.14 -64.64 77.93
CA LEU E 88 72.73 -65.48 76.90
C LEU E 88 72.32 -66.94 77.08
N THR E 89 72.29 -67.41 78.32
CA THR E 89 71.83 -68.77 78.57
C THR E 89 70.38 -68.93 78.13
N GLU E 90 69.54 -67.94 78.42
CA GLU E 90 68.15 -67.99 78.00
C GLU E 90 68.04 -68.02 76.48
N PHE E 91 68.84 -67.21 75.79
CA PHE E 91 68.82 -67.19 74.34
C PHE E 91 69.22 -68.55 73.77
N GLU E 92 70.28 -69.14 74.33
CA GLU E 92 70.72 -70.45 73.87
C GLU E 92 69.65 -71.51 74.11
N ASN E 93 69.01 -71.48 75.29
CA ASN E 93 67.98 -72.46 75.59
C ASN E 93 66.79 -72.31 74.66
N CYS E 94 66.36 -71.08 74.38
CA CYS E 94 65.13 -70.86 73.66
C CYS E 94 65.29 -70.97 72.14
N TYR E 95 66.21 -70.19 71.56
CA TYR E 95 66.23 -69.99 70.12
C TYR E 95 67.24 -70.85 69.39
N LEU E 96 68.36 -71.20 70.03
CA LEU E 96 69.36 -72.02 69.34
C LEU E 96 68.87 -73.45 69.15
N GLU E 97 68.07 -73.97 70.09
CA GLU E 97 67.63 -75.36 70.05
C GLU E 97 68.83 -76.31 70.06
N GLY E 98 69.85 -75.94 70.81
CA GLY E 98 71.08 -76.71 70.85
C GLY E 98 71.84 -76.67 69.54
N ASN E 99 71.49 -75.73 68.67
CA ASN E 99 72.11 -75.58 67.36
C ASN E 99 73.03 -74.37 67.36
N ASP E 100 73.71 -74.16 66.24
CA ASP E 100 74.65 -73.07 66.13
C ASP E 100 73.93 -71.77 65.77
N ILE E 101 74.62 -70.67 66.03
CA ILE E 101 74.05 -69.33 65.75
C ILE E 101 73.77 -69.19 64.27
N HIS E 102 74.63 -69.76 63.42
CA HIS E 102 74.42 -69.64 61.98
C HIS E 102 73.24 -70.46 61.50
N ALA E 103 73.03 -71.65 62.07
CA ALA E 103 71.83 -72.42 61.75
C ALA E 103 70.58 -71.67 62.17
N LEU E 104 70.60 -71.06 63.37
CA LEU E 104 69.47 -70.26 63.82
C LEU E 104 69.24 -69.10 62.86
N ALA E 105 70.33 -68.45 62.43
CA ALA E 105 70.23 -67.32 61.51
C ALA E 105 69.61 -67.72 60.18
N ALA E 106 70.03 -68.87 59.65
CA ALA E 106 69.43 -69.36 58.40
C ALA E 106 67.95 -69.65 58.60
N LYS E 107 67.59 -70.19 59.77
CA LYS E 107 66.18 -70.45 60.04
C LYS E 107 65.38 -69.15 60.05
N LEU E 108 65.91 -68.10 60.67
CA LEU E 108 65.20 -66.81 60.63
C LEU E 108 65.14 -66.24 59.21
N LEU E 109 66.20 -66.44 58.43
CA LEU E 109 66.19 -65.95 57.05
C LEU E 109 65.09 -66.61 56.23
N GLN E 110 64.98 -67.93 56.33
CA GLN E 110 63.96 -68.65 55.56
C GLN E 110 62.56 -68.48 56.16
N GLU E 111 62.35 -69.01 57.36
CA GLU E 111 60.99 -69.08 57.90
C GLU E 111 60.43 -67.68 58.17
N ASN E 112 61.20 -66.85 58.87
CA ASN E 112 60.71 -65.57 59.35
C ASN E 112 61.10 -64.45 58.39
N ASP E 113 60.43 -63.31 58.55
CA ASP E 113 60.64 -62.15 57.68
C ASP E 113 61.83 -61.34 58.18
N THR E 114 63.00 -61.95 58.05
CA THR E 114 64.25 -61.39 58.54
C THR E 114 65.15 -61.04 57.36
N THR E 115 65.81 -59.89 57.45
CA THR E 115 66.70 -59.40 56.40
C THR E 115 68.15 -59.70 56.76
N LEU E 116 69.02 -59.58 55.75
CA LEU E 116 70.41 -60.01 55.90
C LEU E 116 71.15 -59.18 56.94
N VAL E 117 70.93 -57.87 56.95
CA VAL E 117 71.65 -57.03 57.91
C VAL E 117 71.20 -57.34 59.33
N LYS E 118 69.90 -57.61 59.52
CA LYS E 118 69.41 -58.00 60.84
C LYS E 118 70.00 -59.33 61.26
N THR E 119 70.13 -60.27 60.31
CA THR E 119 70.78 -61.54 60.63
C THR E 119 72.22 -61.33 61.03
N LYS E 120 72.95 -60.49 60.29
CA LYS E 120 74.36 -60.28 60.57
C LYS E 120 74.56 -59.62 61.94
N GLU E 121 73.75 -58.60 62.26
CA GLU E 121 73.90 -57.97 63.56
C GLU E 121 73.44 -58.89 64.68
N LEU E 122 72.46 -59.76 64.44
CA LEU E 122 72.10 -60.76 65.44
C LEU E 122 73.27 -61.70 65.71
N ILE E 123 73.93 -62.18 64.66
CA ILE E 123 75.08 -63.07 64.84
C ILE E 123 76.20 -62.33 65.57
N LYS E 124 76.44 -61.07 65.21
CA LYS E 124 77.46 -60.28 65.88
C LYS E 124 77.14 -60.16 67.36
N ASN E 125 75.88 -59.86 67.68
CA ASN E 125 75.50 -59.70 69.08
C ASN E 125 75.69 -61.00 69.84
N TYR E 126 75.31 -62.14 69.24
CA TYR E 126 75.47 -63.41 69.94
C TYR E 126 76.93 -63.71 70.19
N ILE E 127 77.78 -63.55 69.17
CA ILE E 127 79.19 -63.91 69.35
C ILE E 127 79.86 -62.94 70.32
N THR E 128 79.54 -61.65 70.23
CA THR E 128 80.09 -60.69 71.16
C THR E 128 79.66 -61.01 72.59
N ALA E 129 78.38 -61.35 72.79
CA ALA E 129 77.94 -61.72 74.13
C ALA E 129 78.69 -62.94 74.63
N ARG E 130 78.90 -63.93 73.75
CA ARG E 130 79.63 -65.13 74.14
C ARG E 130 81.05 -64.79 74.59
N ILE E 131 81.71 -63.87 73.89
CA ILE E 131 83.12 -63.61 74.19
C ILE E 131 83.33 -62.58 75.28
N MET E 132 82.36 -61.70 75.55
CA MET E 132 82.41 -60.86 76.74
C MET E 132 81.94 -61.59 77.99
N ALA E 133 81.13 -62.64 77.86
CA ALA E 133 80.64 -63.38 79.01
C ALA E 133 81.63 -64.44 79.50
N LYS E 134 82.88 -64.37 79.09
CA LYS E 134 83.87 -65.39 79.43
C LYS E 134 83.39 -66.77 78.98
N ARG E 135 82.77 -66.82 77.81
CA ARG E 135 82.22 -68.04 77.22
C ARG E 135 82.75 -68.18 75.80
N PRO E 136 84.02 -68.51 75.63
CA PRO E 136 84.57 -68.66 74.28
C PRO E 136 83.97 -69.88 73.59
N PHE E 137 84.16 -69.92 72.27
CA PHE E 137 83.80 -71.10 71.49
C PHE E 137 84.91 -72.13 71.54
N ASP E 138 85.29 -72.53 72.75
CA ASP E 138 86.38 -73.47 72.97
C ASP E 138 85.91 -74.92 73.04
N LYS E 139 84.60 -75.17 72.94
CA LYS E 139 84.07 -76.51 72.98
C LYS E 139 84.03 -77.09 71.58
N LYS E 140 84.51 -78.33 71.43
CA LYS E 140 84.50 -79.00 70.14
C LYS E 140 83.07 -79.10 69.63
N SER E 141 82.79 -78.41 68.53
CA SER E 141 81.45 -78.42 67.97
C SER E 141 81.11 -79.81 67.44
N ASN E 142 79.86 -80.22 67.63
CA ASN E 142 79.37 -81.51 67.17
C ASN E 142 78.69 -81.41 65.80
N SER E 143 79.19 -80.51 64.96
CA SER E 143 78.58 -80.29 63.65
C SER E 143 78.56 -81.59 62.84
N ALA E 144 77.47 -81.80 62.10
CA ALA E 144 77.25 -83.06 61.42
C ALA E 144 78.33 -83.32 60.38
N LEU E 145 78.71 -82.29 59.62
CA LEU E 145 79.72 -82.46 58.57
C LEU E 145 81.03 -82.95 59.15
N PHE E 146 81.48 -82.33 60.25
CA PHE E 146 82.77 -82.70 60.81
C PHE E 146 82.71 -83.97 61.63
N ARG E 147 81.55 -84.32 62.18
CA ARG E 147 81.39 -85.65 62.75
C ARG E 147 81.49 -86.71 61.66
N ALA E 148 80.89 -86.44 60.50
CA ALA E 148 81.01 -87.34 59.36
C ALA E 148 82.46 -87.48 58.93
N VAL E 149 83.20 -86.37 58.90
CA VAL E 149 84.62 -86.43 58.56
C VAL E 149 85.37 -87.26 59.58
N GLY E 150 85.12 -87.03 60.87
CA GLY E 150 85.83 -87.76 61.91
C GLY E 150 85.59 -89.26 61.83
N GLU E 151 84.36 -89.66 61.54
CA GLU E 151 84.06 -91.08 61.36
C GLU E 151 84.40 -91.57 59.96
N GLY E 152 84.88 -90.70 59.07
CA GLY E 152 85.31 -91.12 57.75
C GLY E 152 84.21 -91.16 56.71
N ASN E 153 83.01 -90.66 57.04
CA ASN E 153 81.91 -90.71 56.09
C ASN E 153 82.12 -89.69 54.97
N ALA E 154 82.64 -88.51 55.31
CA ALA E 154 82.77 -87.40 54.37
C ALA E 154 84.23 -86.99 54.22
N GLN E 155 84.55 -86.45 53.04
CA GLN E 155 85.88 -85.94 52.73
C GLN E 155 85.77 -84.47 52.38
N LEU E 156 86.67 -83.66 52.95
CA LEU E 156 86.60 -82.21 52.89
C LEU E 156 87.77 -81.65 52.10
N VAL E 157 87.47 -80.84 51.10
CA VAL E 157 88.48 -80.12 50.34
C VAL E 157 88.17 -78.63 50.43
N ALA E 158 89.14 -77.84 50.88
CA ALA E 158 89.01 -76.40 50.87
C ALA E 158 89.45 -75.84 49.53
N ILE E 159 88.65 -74.93 48.97
CA ILE E 159 89.01 -74.19 47.78
C ILE E 159 88.95 -72.71 48.12
N PHE E 160 90.00 -71.99 47.75
CA PHE E 160 90.13 -70.56 48.02
C PHE E 160 90.06 -69.80 46.71
N GLY E 161 89.17 -68.82 46.66
CA GLY E 161 88.96 -68.05 45.45
C GLY E 161 90.06 -67.05 45.20
N GLY E 162 89.91 -66.29 44.13
CA GLY E 162 90.88 -65.31 43.71
C GLY E 162 90.22 -64.12 43.05
N GLN E 163 90.89 -63.57 42.04
CA GLN E 163 90.43 -62.38 41.37
C GLN E 163 89.24 -62.68 40.47
N GLY E 164 88.43 -61.65 40.23
CA GLY E 164 87.35 -61.72 39.28
C GLY E 164 86.03 -62.25 39.82
N ASN E 165 86.01 -62.72 41.07
CA ASN E 165 84.78 -63.27 41.61
C ASN E 165 83.74 -62.19 41.84
N THR E 166 84.16 -61.00 42.23
CA THR E 166 83.24 -59.89 42.47
C THR E 166 83.98 -58.58 42.28
N ASP E 167 83.22 -57.56 41.92
CA ASP E 167 83.77 -56.22 41.72
C ASP E 167 83.79 -55.39 43.00
N ASP E 168 83.21 -55.87 44.09
CA ASP E 168 83.04 -55.10 45.31
C ASP E 168 83.45 -55.93 46.50
N TYR E 169 84.60 -56.61 46.38
CA TYR E 169 85.03 -57.57 47.39
C TYR E 169 85.24 -56.92 48.76
N PHE E 170 85.49 -55.62 48.81
CA PHE E 170 85.84 -54.99 50.07
C PHE E 170 84.69 -55.02 51.07
N GLU E 171 83.46 -55.12 50.58
CA GLU E 171 82.32 -55.21 51.49
C GLU E 171 82.34 -56.52 52.26
N GLU E 172 82.91 -57.57 51.67
CA GLU E 172 83.06 -58.81 52.40
C GLU E 172 84.02 -58.63 53.58
N LEU E 173 85.13 -57.94 53.36
CA LEU E 173 86.05 -57.66 54.46
C LEU E 173 85.36 -56.78 55.49
N ARG E 174 84.59 -55.80 55.04
CA ARG E 174 83.91 -54.89 55.96
C ARG E 174 82.90 -55.63 56.82
N ASP E 175 82.10 -56.50 56.20
CA ASP E 175 81.07 -57.20 56.97
C ASP E 175 81.69 -58.30 57.83
N LEU E 176 82.85 -58.83 57.43
CA LEU E 176 83.58 -59.72 58.32
C LEU E 176 84.04 -58.96 59.56
N TYR E 177 84.69 -57.81 59.36
CA TYR E 177 85.16 -57.01 60.48
C TYR E 177 84.02 -56.51 61.37
N GLN E 178 82.83 -56.29 60.80
CA GLN E 178 81.68 -55.89 61.60
C GLN E 178 81.06 -57.09 62.33
N THR E 179 80.57 -58.07 61.57
CA THR E 179 79.82 -59.17 62.15
C THR E 179 80.66 -60.01 63.10
N TYR E 180 81.94 -60.21 62.76
CA TYR E 180 82.85 -61.04 63.53
C TYR E 180 84.02 -60.22 64.03
N HIS E 181 83.73 -59.02 64.53
CA HIS E 181 84.78 -58.12 65.00
C HIS E 181 85.61 -58.78 66.09
N VAL E 182 84.94 -59.35 67.09
CA VAL E 182 85.68 -59.86 68.24
C VAL E 182 86.42 -61.14 67.87
N LEU E 183 85.99 -61.82 66.80
CA LEU E 183 86.63 -63.07 66.40
C LEU E 183 87.87 -62.79 65.54
N VAL E 184 87.68 -62.12 64.40
CA VAL E 184 88.76 -61.89 63.45
C VAL E 184 89.40 -60.51 63.64
N GLY E 185 89.17 -59.87 64.78
CA GLY E 185 89.79 -58.58 65.02
C GLY E 185 91.29 -58.68 65.13
N ASP E 186 91.78 -59.69 65.85
CA ASP E 186 93.21 -59.90 65.94
C ASP E 186 93.82 -60.15 64.57
N LEU E 187 93.14 -60.96 63.75
CA LEU E 187 93.63 -61.25 62.40
C LEU E 187 93.69 -59.98 61.57
N ILE E 188 92.65 -59.16 61.62
CA ILE E 188 92.61 -57.96 60.79
C ILE E 188 93.67 -56.96 61.24
N LYS E 189 93.79 -56.76 62.55
CA LYS E 189 94.82 -55.86 63.05
C LYS E 189 96.22 -56.36 62.67
N PHE E 190 96.46 -57.66 62.79
CA PHE E 190 97.76 -58.21 62.42
C PHE E 190 98.03 -58.01 60.94
N SER E 191 97.04 -58.29 60.09
CA SER E 191 97.24 -58.16 58.65
C SER E 191 97.54 -56.71 58.29
N ALA E 192 96.80 -55.76 58.89
CA ALA E 192 97.09 -54.36 58.64
C ALA E 192 98.48 -53.98 59.12
N GLU E 193 98.90 -54.50 60.27
CA GLU E 193 100.21 -54.16 60.81
C GLU E 193 101.32 -54.65 59.89
N THR E 194 101.28 -55.91 59.49
CA THR E 194 102.34 -56.42 58.61
C THR E 194 102.25 -55.80 57.22
N LEU E 195 101.05 -55.44 56.75
CA LEU E 195 100.98 -54.77 55.45
C LEU E 195 101.63 -53.39 55.52
N SER E 196 101.36 -52.63 56.59
CA SER E 196 102.02 -51.34 56.75
C SER E 196 103.53 -51.52 56.89
N GLU E 197 103.96 -52.54 57.64
CA GLU E 197 105.39 -52.77 57.81
C GLU E 197 106.05 -53.12 56.47
N LEU E 198 105.38 -53.93 55.65
CA LEU E 198 105.93 -54.29 54.35
C LEU E 198 105.98 -53.08 53.42
N ILE E 199 104.98 -52.21 53.49
CA ILE E 199 105.03 -50.98 52.70
C ILE E 199 106.20 -50.13 53.15
N ARG E 200 106.41 -50.01 54.46
CA ARG E 200 107.50 -49.18 54.98
C ARG E 200 108.86 -49.75 54.58
N THR E 201 109.01 -51.07 54.65
CA THR E 201 110.28 -51.71 54.38
C THR E 201 110.51 -52.01 52.90
N THR E 202 109.51 -51.81 52.05
CA THR E 202 109.68 -51.99 50.62
C THR E 202 110.19 -50.69 50.00
N LEU E 203 110.96 -50.84 48.91
CA LEU E 203 111.72 -49.72 48.37
C LEU E 203 110.81 -48.57 47.93
N ASP E 204 109.81 -48.88 47.10
CA ASP E 204 108.92 -47.85 46.56
C ASP E 204 107.49 -48.35 46.54
N ALA E 205 107.05 -48.98 47.64
CA ALA E 205 105.68 -49.47 47.69
C ALA E 205 104.67 -48.34 47.80
N GLU E 206 105.05 -47.25 48.47
CA GLU E 206 104.10 -46.15 48.64
C GLU E 206 103.72 -45.52 47.31
N LYS E 207 104.58 -45.63 46.29
CA LYS E 207 104.20 -45.17 44.96
C LYS E 207 103.05 -46.00 44.41
N VAL E 208 103.10 -47.32 44.62
CA VAL E 208 102.01 -48.20 44.22
C VAL E 208 100.76 -47.93 45.04
N PHE E 209 100.92 -47.64 46.34
CA PHE E 209 99.80 -47.36 47.24
C PHE E 209 99.65 -45.84 47.36
N THR E 210 98.98 -45.24 46.37
CA THR E 210 98.79 -43.80 46.38
C THR E 210 97.93 -43.36 47.55
N GLN E 211 96.86 -44.10 47.84
CA GLN E 211 95.98 -43.80 48.97
C GLN E 211 96.31 -44.63 50.20
N GLY E 212 97.53 -45.13 50.32
CA GLY E 212 97.92 -45.91 51.47
C GLY E 212 97.23 -47.25 51.50
N LEU E 213 97.48 -47.98 52.58
CA LEU E 213 96.85 -49.28 52.83
C LEU E 213 96.43 -49.37 54.29
N ASN E 214 95.87 -48.28 54.80
CA ASN E 214 95.40 -48.22 56.19
C ASN E 214 93.99 -48.78 56.22
N ILE E 215 93.88 -50.06 56.59
CA ILE E 215 92.62 -50.78 56.48
C ILE E 215 91.77 -50.57 57.73
N LEU E 216 92.40 -50.41 58.89
CA LEU E 216 91.64 -50.18 60.11
C LEU E 216 90.80 -48.91 60.00
N GLU E 217 91.39 -47.85 59.44
CA GLU E 217 90.65 -46.60 59.29
C GLU E 217 89.54 -46.78 58.26
N TRP E 218 89.82 -47.49 57.16
CA TRP E 218 88.81 -47.70 56.13
C TRP E 218 87.62 -48.47 56.68
N LEU E 219 87.89 -49.45 57.53
CA LEU E 219 86.80 -50.24 58.11
C LEU E 219 86.03 -49.45 59.15
N GLU E 220 86.73 -48.71 60.01
CA GLU E 220 86.05 -47.96 61.06
C GLU E 220 85.20 -46.84 60.48
N ASN E 221 85.70 -46.14 59.45
CA ASN E 221 85.00 -45.03 58.82
C ASN E 221 84.76 -45.37 57.36
N PRO E 222 83.61 -45.97 57.02
CA PRO E 222 83.32 -46.25 55.60
C PRO E 222 83.21 -44.99 54.75
N SER E 223 82.96 -43.83 55.35
CA SER E 223 82.77 -42.61 54.57
C SER E 223 84.03 -42.25 53.79
N ASN E 224 85.19 -42.36 54.43
CA ASN E 224 86.46 -41.98 53.82
C ASN E 224 87.21 -43.17 53.25
N THR E 225 86.52 -44.24 52.90
CA THR E 225 87.16 -45.37 52.26
C THR E 225 87.50 -45.01 50.80
N PRO E 226 88.55 -45.61 50.22
CA PRO E 226 88.88 -45.29 48.84
C PRO E 226 87.81 -45.75 47.88
N ASP E 227 88.02 -45.43 46.61
CA ASP E 227 87.04 -45.78 45.59
C ASP E 227 87.23 -47.23 45.15
N LYS E 228 86.19 -47.75 44.48
CA LYS E 228 86.14 -49.17 44.17
C LYS E 228 87.26 -49.57 43.22
N ASP E 229 87.62 -48.69 42.28
CA ASP E 229 88.70 -49.01 41.36
C ASP E 229 90.03 -49.15 42.09
N TYR E 230 90.32 -48.22 43.00
CA TYR E 230 91.56 -48.32 43.77
C TYR E 230 91.56 -49.58 44.64
N LEU E 231 90.42 -49.88 45.26
CA LEU E 231 90.35 -51.11 46.06
C LEU E 231 90.56 -52.34 45.20
N LEU E 232 90.00 -52.34 43.99
CA LEU E 232 90.13 -53.45 43.06
C LEU E 232 91.53 -53.55 42.48
N SER E 233 92.33 -52.49 42.55
CA SER E 233 93.71 -52.57 42.10
C SER E 233 94.44 -53.67 42.84
N ILE E 234 95.22 -54.47 42.11
CA ILE E 234 95.76 -55.71 42.67
C ILE E 234 96.66 -55.51 43.88
N PRO E 235 97.46 -54.44 44.00
CA PRO E 235 98.25 -54.30 45.24
C PRO E 235 97.38 -54.18 46.48
N ILE E 236 96.12 -53.77 46.33
CA ILE E 236 95.15 -53.86 47.40
C ILE E 236 94.45 -55.22 47.38
N SER E 237 93.94 -55.62 46.21
CA SER E 237 93.03 -56.74 46.12
C SER E 237 93.68 -58.05 46.55
N CYS E 238 94.93 -58.29 46.15
CA CYS E 238 95.58 -59.54 46.48
C CYS E 238 95.71 -59.74 47.99
N PRO E 239 96.42 -58.88 48.73
CA PRO E 239 96.47 -59.07 50.18
C PRO E 239 95.12 -59.01 50.85
N LEU E 240 94.18 -58.21 50.32
CA LEU E 240 92.90 -58.06 51.00
C LEU E 240 92.00 -59.26 50.74
N ILE E 241 92.07 -59.84 49.54
CA ILE E 241 91.37 -61.11 49.32
C ILE E 241 91.98 -62.20 50.19
N GLY E 242 93.30 -62.15 50.39
CA GLY E 242 93.91 -63.06 51.34
C GLY E 242 93.37 -62.87 52.76
N VAL E 243 93.24 -61.62 53.20
CA VAL E 243 92.68 -61.35 54.52
C VAL E 243 91.26 -61.88 54.61
N ILE E 244 90.47 -61.69 53.56
CA ILE E 244 89.08 -62.15 53.57
C ILE E 244 89.03 -63.67 53.71
N GLN E 245 89.85 -64.37 52.92
CA GLN E 245 89.86 -65.83 53.01
C GLN E 245 90.33 -66.31 54.37
N LEU E 246 91.38 -65.69 54.92
CA LEU E 246 91.87 -66.08 56.23
C LEU E 246 90.85 -65.76 57.32
N ALA E 247 90.11 -64.66 57.16
CA ALA E 247 89.05 -64.33 58.11
C ALA E 247 87.94 -65.36 58.07
N HIS E 248 87.57 -65.82 56.87
CA HIS E 248 86.58 -66.88 56.76
C HIS E 248 87.08 -68.15 57.46
N TYR E 249 88.35 -68.49 57.23
CA TYR E 249 88.92 -69.67 57.87
C TYR E 249 88.92 -69.53 59.39
N VAL E 250 89.28 -68.36 59.89
CA VAL E 250 89.31 -68.13 61.33
C VAL E 250 87.91 -68.21 61.91
N VAL E 251 86.93 -67.61 61.25
CA VAL E 251 85.55 -67.64 61.74
C VAL E 251 85.08 -69.09 61.80
N THR E 252 85.34 -69.86 60.75
CA THR E 252 84.94 -71.27 60.74
C THR E 252 85.58 -72.02 61.89
N ALA E 253 86.90 -71.93 62.03
CA ALA E 253 87.60 -72.69 63.06
C ALA E 253 87.14 -72.29 64.46
N LYS E 254 87.03 -70.99 64.73
CA LYS E 254 86.64 -70.54 66.05
C LYS E 254 85.21 -70.95 66.38
N LEU E 255 84.29 -70.77 65.43
CA LEU E 255 82.89 -71.09 65.71
C LEU E 255 82.69 -72.59 65.85
N LEU E 256 83.51 -73.40 65.18
CA LEU E 256 83.49 -74.84 65.38
C LEU E 256 84.33 -75.29 66.56
N GLY E 257 85.04 -74.37 67.22
CA GLY E 257 85.90 -74.76 68.32
C GLY E 257 87.07 -75.59 67.87
N PHE E 258 87.64 -75.28 66.71
CA PHE E 258 88.79 -75.97 66.17
C PHE E 258 89.96 -75.01 66.13
N THR E 259 91.15 -75.53 66.42
CA THR E 259 92.36 -74.83 66.04
C THR E 259 92.51 -74.91 64.53
N PRO E 260 93.22 -73.97 63.90
CA PRO E 260 93.41 -74.06 62.45
C PRO E 260 94.09 -75.36 62.03
N GLY E 261 95.01 -75.86 62.84
CA GLY E 261 95.68 -77.11 62.50
C GLY E 261 94.72 -78.29 62.45
N GLU E 262 93.86 -78.43 63.45
CA GLU E 262 92.96 -79.58 63.46
C GLU E 262 91.84 -79.41 62.44
N LEU E 263 91.42 -78.17 62.17
CA LEU E 263 90.50 -77.96 61.06
C LEU E 263 91.14 -78.40 59.74
N ARG E 264 92.41 -78.05 59.55
CA ARG E 264 93.13 -78.50 58.37
C ARG E 264 93.23 -80.02 58.32
N SER E 265 93.47 -80.65 59.47
CA SER E 265 93.54 -82.10 59.52
C SER E 265 92.22 -82.74 59.10
N TYR E 266 91.11 -82.17 59.57
CA TYR E 266 89.80 -82.61 59.09
C TYR E 266 89.67 -82.43 57.57
N LEU E 267 90.15 -81.33 57.02
CA LEU E 267 90.13 -81.16 55.57
C LEU E 267 90.94 -82.26 54.89
N LYS E 268 90.33 -82.94 53.91
CA LYS E 268 91.07 -83.91 53.12
C LYS E 268 92.11 -83.24 52.25
N GLY E 269 91.81 -82.05 51.72
CA GLY E 269 92.78 -81.37 50.87
C GLY E 269 92.50 -79.89 50.81
N ALA E 270 93.37 -79.18 50.09
CA ALA E 270 93.25 -77.74 49.92
C ALA E 270 93.74 -77.35 48.53
N THR E 271 93.21 -76.25 48.02
CA THR E 271 93.64 -75.71 46.74
C THR E 271 93.03 -74.33 46.56
N GLY E 272 93.39 -73.69 45.46
CA GLY E 272 92.89 -72.35 45.20
C GLY E 272 92.93 -71.98 43.75
N HIS E 273 92.02 -71.08 43.38
CA HIS E 273 91.96 -70.50 42.04
C HIS E 273 92.95 -69.35 41.99
N ALA E 274 94.13 -69.61 41.41
CA ALA E 274 95.13 -68.58 41.23
C ALA E 274 95.56 -67.98 42.58
N GLN E 275 94.94 -66.88 42.98
CA GLN E 275 95.36 -66.19 44.20
C GLN E 275 95.14 -67.05 45.44
N GLY E 276 94.03 -67.80 45.47
CA GLY E 276 93.69 -68.54 46.67
C GLY E 276 94.66 -69.67 46.98
N LEU E 277 95.54 -70.02 46.05
CA LEU E 277 96.51 -71.07 46.30
C LEU E 277 97.42 -70.72 47.47
N VAL E 278 97.73 -69.43 47.62
CA VAL E 278 98.57 -68.98 48.73
C VAL E 278 97.88 -69.27 50.05
N THR E 279 96.59 -68.91 50.14
CA THR E 279 95.83 -69.20 51.35
C THR E 279 95.72 -70.70 51.58
N ALA E 280 95.58 -71.47 50.51
CA ALA E 280 95.50 -72.92 50.63
C ALA E 280 96.77 -73.47 51.27
N VAL E 281 97.94 -73.05 50.79
CA VAL E 281 99.19 -73.53 51.36
C VAL E 281 99.36 -73.04 52.78
N ALA E 282 98.93 -71.80 53.06
CA ALA E 282 99.06 -71.25 54.41
C ALA E 282 98.24 -72.07 55.41
N ILE E 283 96.96 -72.26 55.13
CA ILE E 283 96.11 -73.03 56.03
C ILE E 283 96.53 -74.49 56.05
N ALA E 284 97.17 -74.98 54.98
CA ALA E 284 97.76 -76.30 54.99
C ALA E 284 98.91 -76.40 55.99
N GLU E 285 99.73 -75.36 56.11
CA GLU E 285 100.84 -75.34 57.04
C GLU E 285 100.45 -74.95 58.46
N THR E 286 99.27 -74.37 58.66
CA THR E 286 98.86 -73.94 59.99
C THR E 286 98.80 -75.11 60.97
N ASP E 287 99.16 -74.83 62.23
CA ASP E 287 99.21 -75.83 63.29
C ASP E 287 98.33 -75.49 64.48
N SER E 288 98.40 -74.26 64.98
CA SER E 288 97.62 -73.88 66.16
C SER E 288 97.41 -72.37 66.13
N TRP E 289 96.59 -71.88 67.08
CA TRP E 289 96.34 -70.45 67.15
C TRP E 289 97.60 -69.67 67.50
N GLU E 290 98.50 -70.27 68.28
CA GLU E 290 99.73 -69.57 68.67
C GLU E 290 100.58 -69.21 67.46
N SER E 291 100.70 -70.15 66.52
CA SER E 291 101.51 -69.96 65.32
C SER E 291 100.67 -69.77 64.06
N PHE E 292 99.39 -69.40 64.22
CA PHE E 292 98.55 -69.15 63.05
C PHE E 292 98.93 -67.84 62.38
N PHE E 293 99.32 -66.84 63.18
CA PHE E 293 99.66 -65.55 62.60
C PHE E 293 100.96 -65.60 61.82
N VAL E 294 101.83 -66.58 62.06
CA VAL E 294 103.03 -66.65 61.23
C VAL E 294 102.66 -67.09 59.81
N SER E 295 101.74 -68.04 59.69
CA SER E 295 101.24 -68.43 58.36
C SER E 295 100.42 -67.32 57.73
N VAL E 296 99.65 -66.59 58.53
CA VAL E 296 98.94 -65.42 58.00
C VAL E 296 99.95 -64.42 57.44
N ARG E 297 101.05 -64.20 58.16
CA ARG E 297 102.08 -63.29 57.69
C ARG E 297 102.69 -63.79 56.39
N LYS E 298 102.98 -65.09 56.31
CA LYS E 298 103.53 -65.65 55.08
C LYS E 298 102.59 -65.41 53.90
N ALA E 299 101.32 -65.76 54.08
CA ALA E 299 100.35 -65.62 52.99
C ALA E 299 100.19 -64.16 52.59
N ILE E 300 100.07 -63.27 53.58
CA ILE E 300 99.81 -61.88 53.29
C ILE E 300 101.03 -61.24 52.64
N THR E 301 102.22 -61.61 53.08
CA THR E 301 103.43 -61.10 52.44
C THR E 301 103.51 -61.56 51.00
N VAL E 302 103.22 -62.83 50.74
CA VAL E 302 103.27 -63.34 49.37
C VAL E 302 102.27 -62.60 48.50
N LEU E 303 101.05 -62.42 49.00
CA LEU E 303 100.01 -61.76 48.21
C LEU E 303 100.34 -60.29 47.98
N PHE E 304 100.84 -59.62 49.01
CA PHE E 304 101.23 -58.21 48.87
C PHE E 304 102.32 -58.06 47.84
N PHE E 305 103.34 -58.93 47.89
CA PHE E 305 104.47 -58.77 46.98
C PHE E 305 104.09 -59.13 45.56
N ILE E 306 103.27 -60.17 45.36
CA ILE E 306 102.85 -60.48 44.00
C ILE E 306 102.00 -59.35 43.45
N GLY E 307 101.13 -58.77 44.29
CA GLY E 307 100.32 -57.65 43.83
C GLY E 307 101.16 -56.45 43.43
N VAL E 308 102.11 -56.08 44.29
CA VAL E 308 102.94 -54.90 44.02
C VAL E 308 103.79 -55.12 42.78
N ARG E 309 104.45 -56.27 42.68
CA ARG E 309 105.35 -56.50 41.56
C ARG E 309 104.59 -56.69 40.26
N CYS E 310 103.42 -57.34 40.30
CA CYS E 310 102.63 -57.47 39.08
C CYS E 310 102.07 -56.13 38.62
N TYR E 311 101.65 -55.29 39.57
CA TYR E 311 101.20 -53.96 39.20
C TYR E 311 102.33 -53.14 38.59
N GLU E 312 103.54 -53.27 39.15
CA GLU E 312 104.68 -52.57 38.57
C GLU E 312 104.99 -53.09 37.18
N ALA E 313 104.92 -54.41 36.98
CA ALA E 313 105.23 -54.99 35.68
C ALA E 313 104.21 -54.55 34.63
N TYR E 314 102.93 -54.58 34.97
CA TYR E 314 101.85 -54.20 34.05
C TYR E 314 100.83 -53.36 34.79
N PRO E 315 101.11 -52.08 35.02
CA PRO E 315 100.11 -51.22 35.67
C PRO E 315 98.89 -51.02 34.77
N ASN E 316 97.92 -50.28 35.31
CA ASN E 316 96.66 -50.01 34.65
C ASN E 316 96.71 -48.61 34.05
N THR E 317 96.39 -48.50 32.77
CA THR E 317 96.37 -47.24 32.04
C THR E 317 94.95 -46.93 31.59
N SER E 318 94.67 -45.64 31.38
CA SER E 318 93.36 -45.22 30.91
C SER E 318 93.15 -45.71 29.48
N LEU E 319 92.09 -46.47 29.27
CA LEU E 319 91.78 -46.94 27.94
C LEU E 319 91.13 -45.82 27.13
N PRO E 320 91.19 -45.86 25.80
CA PRO E 320 90.51 -44.84 25.00
C PRO E 320 89.03 -44.78 25.33
N PRO E 321 88.49 -43.59 25.62
CA PRO E 321 87.05 -43.50 25.89
C PRO E 321 86.20 -43.91 24.71
N SER E 322 86.73 -43.88 23.48
CA SER E 322 85.99 -44.44 22.36
C SER E 322 85.77 -45.93 22.56
N ILE E 323 86.82 -46.65 22.97
CA ILE E 323 86.69 -48.08 23.27
C ILE E 323 85.74 -48.30 24.42
N LEU E 324 85.85 -47.47 25.48
CA LEU E 324 84.96 -47.62 26.62
C LEU E 324 83.51 -47.42 26.22
N GLU E 325 83.23 -46.40 25.41
CA GLU E 325 81.86 -46.12 24.98
C GLU E 325 81.33 -47.23 24.08
N ASP E 326 82.17 -47.74 23.17
CA ASP E 326 81.73 -48.83 22.31
C ASP E 326 81.40 -50.07 23.13
N SER E 327 82.26 -50.41 24.09
CA SER E 327 82.00 -51.56 24.95
C SER E 327 80.72 -51.36 25.76
N LEU E 328 80.48 -50.15 26.26
CA LEU E 328 79.27 -49.90 27.04
C LEU E 328 78.02 -49.98 26.18
N GLU E 329 78.05 -49.38 24.98
CA GLU E 329 76.85 -49.38 24.14
C GLU E 329 76.58 -50.75 23.53
N ASN E 330 77.58 -51.64 23.50
CA ASN E 330 77.36 -53.00 23.06
C ASN E 330 76.97 -53.93 24.21
N ASN E 331 76.32 -53.37 25.24
CA ASN E 331 75.83 -54.14 26.38
C ASN E 331 76.96 -54.95 27.03
N GLU E 332 78.15 -54.35 27.06
CA GLU E 332 79.33 -54.95 27.65
C GLU E 332 79.78 -54.08 28.82
N GLY E 333 80.55 -54.69 29.72
CA GLY E 333 81.07 -53.97 30.85
C GLY E 333 82.32 -53.19 30.49
N VAL E 334 82.95 -52.64 31.52
CA VAL E 334 84.21 -51.93 31.31
C VAL E 334 85.27 -52.93 30.85
N PRO E 335 86.08 -52.64 29.83
CA PRO E 335 87.18 -53.55 29.51
C PRO E 335 88.15 -53.68 30.67
N SER E 336 88.68 -54.88 30.83
CA SER E 336 89.62 -55.20 31.90
C SER E 336 90.65 -56.17 31.34
N PRO E 337 91.77 -56.37 32.04
CA PRO E 337 92.80 -57.28 31.51
C PRO E 337 92.38 -58.74 31.46
N MET E 338 91.25 -59.11 32.07
CA MET E 338 90.75 -60.47 32.06
C MET E 338 89.33 -60.49 31.51
N LEU E 339 89.11 -61.32 30.48
CA LEU E 339 87.82 -61.45 29.83
C LEU E 339 87.35 -62.90 29.95
N SER E 340 86.23 -63.11 30.64
CA SER E 340 85.64 -64.43 30.78
C SER E 340 84.68 -64.70 29.63
N ILE E 341 84.78 -65.88 29.04
CA ILE E 341 83.92 -66.32 27.94
C ILE E 341 83.25 -67.61 28.37
N SER E 342 81.93 -67.67 28.22
CA SER E 342 81.14 -68.80 28.64
C SER E 342 80.32 -69.31 27.46
N ASN E 343 80.14 -70.64 27.43
CA ASN E 343 79.41 -71.36 26.39
C ASN E 343 80.23 -71.47 25.11
N LEU E 344 81.56 -71.50 25.23
CA LEU E 344 82.44 -71.73 24.09
C LEU E 344 83.50 -72.75 24.48
N THR E 345 83.78 -73.67 23.56
CA THR E 345 84.77 -74.71 23.80
C THR E 345 86.17 -74.10 23.81
N GLN E 346 87.09 -74.81 24.47
CA GLN E 346 88.46 -74.32 24.57
C GLN E 346 89.08 -74.18 23.19
N GLU E 347 88.82 -75.12 22.28
CA GLU E 347 89.38 -75.02 20.94
C GLU E 347 88.87 -73.79 20.22
N GLN E 348 87.58 -73.49 20.38
CA GLN E 348 87.01 -72.30 19.74
C GLN E 348 87.62 -71.02 20.30
N VAL E 349 87.71 -70.93 21.63
CA VAL E 349 88.33 -69.77 22.24
C VAL E 349 89.78 -69.66 21.81
N GLN E 350 90.47 -70.79 21.66
CA GLN E 350 91.87 -70.77 21.28
C GLN E 350 92.04 -70.31 19.84
N ASP E 351 91.14 -70.71 18.94
CA ASP E 351 91.27 -70.23 17.57
C ASP E 351 90.99 -68.74 17.48
N TYR E 352 90.02 -68.24 18.25
CA TYR E 352 89.79 -66.79 18.29
C TYR E 352 91.02 -66.07 18.83
N VAL E 353 91.61 -66.60 19.90
CA VAL E 353 92.80 -65.99 20.51
C VAL E 353 93.95 -65.97 19.50
N ASN E 354 94.13 -67.08 18.77
CA ASN E 354 95.21 -67.14 17.79
C ASN E 354 94.98 -66.17 16.64
N LYS E 355 93.72 -66.02 16.21
CA LYS E 355 93.42 -65.07 15.14
C LYS E 355 93.76 -63.65 15.60
N THR E 356 93.39 -63.30 16.84
CA THR E 356 93.74 -61.98 17.34
C THR E 356 95.25 -61.82 17.51
N ASN E 357 95.93 -62.85 17.98
CA ASN E 357 97.37 -62.77 18.22
C ASN E 357 98.15 -62.67 16.91
N SER E 358 97.60 -63.22 15.82
CA SER E 358 98.29 -63.13 14.53
C SER E 358 98.52 -61.69 14.13
N HIS E 359 97.56 -60.81 14.41
CA HIS E 359 97.70 -59.39 14.13
C HIS E 359 98.41 -58.65 15.25
N LEU E 360 98.14 -58.98 16.51
CA LEU E 360 98.76 -58.24 17.59
C LEU E 360 100.26 -58.53 17.65
N PRO E 361 101.06 -57.61 18.20
CA PRO E 361 102.49 -57.88 18.38
C PRO E 361 102.74 -58.77 19.60
N ALA E 362 104.00 -59.15 19.77
CA ALA E 362 104.37 -60.09 20.83
C ALA E 362 104.08 -59.54 22.21
N GLY E 363 104.38 -58.25 22.42
CA GLY E 363 104.18 -57.66 23.74
C GLY E 363 102.73 -57.40 24.11
N LYS E 364 101.81 -57.48 23.15
CA LYS E 364 100.40 -57.24 23.38
C LYS E 364 99.55 -58.48 23.14
N GLN E 365 100.17 -59.67 23.19
CA GLN E 365 99.43 -60.89 22.93
C GLN E 365 98.41 -61.15 24.04
N VAL E 366 97.42 -61.97 23.71
CA VAL E 366 96.43 -62.45 24.67
C VAL E 366 96.48 -63.97 24.67
N GLU E 367 96.36 -64.56 25.85
CA GLU E 367 96.38 -66.01 25.99
C GLU E 367 95.36 -66.42 27.04
N ILE E 368 94.93 -67.68 26.95
CA ILE E 368 93.98 -68.20 27.93
C ILE E 368 94.65 -68.27 29.29
N SER E 369 93.97 -67.73 30.30
CA SER E 369 94.50 -67.67 31.66
C SER E 369 93.87 -68.71 32.59
N LEU E 370 92.54 -68.75 32.64
CA LEU E 370 91.81 -69.63 33.55
C LEU E 370 90.90 -70.52 32.73
N VAL E 371 91.21 -71.81 32.68
CA VAL E 371 90.30 -72.81 32.08
C VAL E 371 89.37 -73.24 33.20
N ASN E 372 88.33 -72.42 33.42
CA ASN E 372 87.40 -72.67 34.51
C ASN E 372 86.60 -73.96 34.28
N GLY E 373 86.27 -74.24 33.04
CA GLY E 373 85.52 -75.44 32.72
C GLY E 373 85.60 -75.76 31.25
N ALA E 374 84.81 -76.75 30.85
CA ALA E 374 84.77 -77.12 29.43
C ALA E 374 84.26 -75.98 28.57
N LYS E 375 83.21 -75.30 29.04
CA LYS E 375 82.57 -74.21 28.32
C LYS E 375 82.79 -72.85 29.00
N ASN E 376 83.78 -72.78 29.90
CA ASN E 376 84.05 -71.55 30.66
C ASN E 376 85.55 -71.32 30.65
N LEU E 377 85.98 -70.19 30.08
CA LEU E 377 87.39 -69.85 29.98
C LEU E 377 87.57 -68.39 30.33
N VAL E 378 88.82 -68.02 30.60
CA VAL E 378 89.18 -66.62 30.84
C VAL E 378 90.47 -66.34 30.06
N VAL E 379 90.46 -65.27 29.28
CA VAL E 379 91.61 -64.85 28.49
C VAL E 379 92.19 -63.59 29.13
N SER E 380 93.49 -63.61 29.37
CA SER E 380 94.18 -62.49 30.01
C SER E 380 95.16 -61.85 29.03
N GLY E 381 95.32 -60.55 29.16
CA GLY E 381 96.19 -59.79 28.31
C GLY E 381 95.90 -58.31 28.43
N PRO E 382 96.42 -57.50 27.52
CA PRO E 382 96.12 -56.06 27.55
C PRO E 382 94.63 -55.83 27.44
N PRO E 383 94.06 -54.88 28.19
CA PRO E 383 92.61 -54.62 28.03
C PRO E 383 92.24 -54.24 26.62
N GLN E 384 93.11 -53.51 25.92
CA GLN E 384 92.84 -53.13 24.53
C GLN E 384 92.83 -54.36 23.63
N SER E 385 93.79 -55.27 23.83
CA SER E 385 93.81 -56.50 23.05
C SER E 385 92.58 -57.36 23.32
N LEU E 386 92.16 -57.44 24.59
CA LEU E 386 90.95 -58.18 24.90
C LEU E 386 89.72 -57.51 24.31
N TYR E 387 89.71 -56.18 24.21
CA TYR E 387 88.61 -55.50 23.54
C TYR E 387 88.59 -55.84 22.05
N GLY E 388 89.76 -55.96 21.44
CA GLY E 388 89.80 -56.39 20.05
C GLY E 388 89.28 -57.82 19.87
N LEU E 389 89.71 -58.72 20.76
CA LEU E 389 89.15 -60.07 20.78
C LEU E 389 87.64 -60.01 20.96
N ASN E 390 87.16 -59.10 21.80
CA ASN E 390 85.73 -58.97 22.04
C ASN E 390 85.00 -58.48 20.80
N LEU E 391 85.64 -57.59 20.03
CA LEU E 391 85.05 -57.17 18.76
C LEU E 391 84.91 -58.36 17.82
N THR E 392 85.95 -59.19 17.73
CA THR E 392 85.86 -60.38 16.90
C THR E 392 84.76 -61.32 17.38
N LEU E 393 84.67 -61.51 18.69
CA LEU E 393 83.65 -62.39 19.26
C LEU E 393 82.25 -61.85 19.00
N ARG E 394 82.07 -60.53 19.09
CA ARG E 394 80.78 -59.93 18.77
C ARG E 394 80.44 -60.14 17.31
N LYS E 395 81.43 -60.02 16.43
CA LYS E 395 81.18 -60.31 15.02
C LYS E 395 80.76 -61.75 14.82
N ALA E 396 81.28 -62.67 15.63
CA ALA E 396 80.98 -64.09 15.50
C ALA E 396 79.84 -64.57 16.40
N LYS E 397 79.17 -63.66 17.11
CA LYS E 397 78.19 -64.00 18.13
C LYS E 397 76.79 -63.68 17.66
N ALA E 398 75.84 -64.56 17.98
CA ALA E 398 74.44 -64.33 17.66
C ALA E 398 73.78 -63.47 18.74
N PRO E 399 72.69 -62.78 18.41
CA PRO E 399 71.92 -62.11 19.47
C PRO E 399 71.36 -63.12 20.45
N SER E 400 71.27 -62.71 21.72
CA SER E 400 70.70 -63.59 22.74
C SER E 400 69.25 -63.90 22.45
N GLY E 401 68.50 -62.90 21.97
CA GLY E 401 67.09 -63.08 21.68
C GLY E 401 66.82 -63.49 20.24
N LEU E 402 67.66 -64.36 19.69
CA LEU E 402 67.46 -64.91 18.36
C LEU E 402 66.82 -66.28 18.52
N ASP E 403 65.53 -66.36 18.21
CA ASP E 403 64.78 -67.62 18.31
C ASP E 403 65.22 -68.53 17.18
N GLN E 404 66.05 -69.53 17.49
CA GLN E 404 66.56 -70.48 16.52
C GLN E 404 65.85 -71.83 16.58
N SER E 405 64.67 -71.88 17.19
CA SER E 405 63.97 -73.16 17.33
C SER E 405 63.57 -73.76 16.00
N ARG E 406 63.41 -72.92 14.97
CA ARG E 406 63.00 -73.39 13.65
C ARG E 406 64.18 -73.73 12.74
N ILE E 407 65.41 -73.53 13.20
CA ILE E 407 66.60 -73.81 12.40
C ILE E 407 67.17 -75.15 12.85
N PRO E 408 67.75 -75.96 11.95
CA PRO E 408 68.35 -77.22 12.41
C PRO E 408 69.50 -76.98 13.37
N PHE E 409 69.71 -77.94 14.27
CA PHE E 409 70.71 -77.78 15.32
C PHE E 409 72.10 -77.56 14.74
N SER E 410 72.46 -78.31 13.70
CA SER E 410 73.78 -78.15 13.09
C SER E 410 73.94 -76.76 12.49
N GLU E 411 72.89 -76.25 11.84
CA GLU E 411 72.96 -74.96 11.16
C GLU E 411 72.85 -73.78 12.11
N ARG E 412 72.63 -74.00 13.40
CA ARG E 412 72.43 -72.90 14.33
C ARG E 412 73.74 -72.17 14.62
N LYS E 413 73.67 -70.85 14.56
CA LYS E 413 74.83 -70.01 14.88
C LYS E 413 75.11 -70.13 16.37
N LEU E 414 76.35 -70.42 16.71
CA LEU E 414 76.73 -70.59 18.11
C LEU E 414 76.53 -69.29 18.87
N LYS E 415 75.99 -69.40 20.08
CA LYS E 415 75.76 -68.26 20.95
C LYS E 415 76.52 -68.46 22.25
N PHE E 416 77.11 -67.38 22.76
CA PHE E 416 77.93 -67.44 23.95
C PHE E 416 77.90 -66.07 24.63
N SER E 417 78.43 -66.02 25.86
CA SER E 417 78.41 -64.81 26.66
C SER E 417 79.83 -64.47 27.08
N ASN E 418 80.28 -63.28 26.71
CA ASN E 418 81.60 -62.79 27.08
C ASN E 418 81.46 -61.52 27.91
N ARG E 419 82.10 -61.52 29.07
CA ARG E 419 82.07 -60.36 29.96
C ARG E 419 83.43 -60.20 30.60
N PHE E 420 83.81 -58.95 30.87
CA PHE E 420 85.09 -58.65 31.47
C PHE E 420 85.00 -58.85 32.99
N LEU E 421 85.98 -59.54 33.54
CA LEU E 421 85.97 -59.80 34.98
C LEU E 421 86.35 -58.52 35.74
N PRO E 422 85.94 -58.40 37.01
CA PRO E 422 86.47 -57.30 37.85
C PRO E 422 87.89 -57.59 38.32
N VAL E 423 88.86 -57.30 37.45
CA VAL E 423 90.27 -57.46 37.77
C VAL E 423 91.00 -56.22 37.26
N ALA E 424 92.19 -55.97 37.81
CA ALA E 424 92.98 -54.81 37.44
C ALA E 424 94.30 -55.15 36.76
N SER E 425 94.74 -56.40 36.80
CA SER E 425 95.95 -56.84 36.12
C SER E 425 95.69 -58.12 35.35
N PRO E 426 96.47 -58.37 34.27
CA PRO E 426 96.28 -59.60 33.47
C PRO E 426 97.04 -60.79 34.03
N PHE E 427 96.41 -61.48 34.99
CA PHE E 427 97.06 -62.61 35.63
C PHE E 427 97.22 -63.78 34.65
N HIS E 428 98.22 -64.61 34.92
CA HIS E 428 98.52 -65.77 34.08
C HIS E 428 98.81 -65.36 32.64
N SER E 429 99.57 -64.29 32.48
CA SER E 429 99.91 -63.75 31.18
C SER E 429 101.41 -63.54 31.08
N HIS E 430 101.89 -63.45 29.84
CA HIS E 430 103.28 -63.08 29.61
C HIS E 430 103.60 -61.70 30.19
N LEU E 431 102.57 -60.85 30.35
CA LEU E 431 102.80 -59.48 30.79
C LEU E 431 103.39 -59.41 32.19
N LEU E 432 102.94 -60.27 33.10
CA LEU E 432 103.43 -60.29 34.48
C LEU E 432 104.62 -61.22 34.67
N VAL E 433 105.13 -61.84 33.59
CA VAL E 433 106.30 -62.71 33.71
C VAL E 433 107.50 -61.99 34.30
N PRO E 434 107.87 -60.77 33.88
CA PRO E 434 109.07 -60.16 34.47
C PRO E 434 108.95 -59.91 35.96
N ALA E 435 107.74 -59.92 36.50
CA ALA E 435 107.57 -59.72 37.93
C ALA E 435 108.00 -60.95 38.74
N SER E 436 108.04 -62.13 38.12
CA SER E 436 108.17 -63.37 38.88
C SER E 436 109.50 -63.43 39.64
N ASP E 437 110.59 -63.10 38.97
CA ASP E 437 111.90 -63.17 39.61
C ASP E 437 111.99 -62.14 40.74
N LEU E 438 111.42 -60.96 40.53
CA LEU E 438 111.40 -59.94 41.57
C LEU E 438 110.62 -60.42 42.80
N ILE E 439 109.47 -61.05 42.57
CA ILE E 439 108.69 -61.62 43.68
C ILE E 439 109.52 -62.68 44.41
N ASN E 440 110.18 -63.56 43.66
CA ASN E 440 110.94 -64.62 44.32
C ASN E 440 112.05 -64.04 45.18
N LYS E 441 112.80 -63.07 44.64
CA LYS E 441 113.86 -62.43 45.41
C LYS E 441 113.30 -61.70 46.61
N ASP E 442 112.13 -61.07 46.46
CA ASP E 442 111.51 -60.36 47.57
C ASP E 442 111.09 -61.32 48.68
N LEU E 443 110.59 -62.49 48.30
CA LEU E 443 110.25 -63.49 49.31
C LEU E 443 111.49 -63.96 50.05
N VAL E 444 112.58 -64.21 49.31
CA VAL E 444 113.82 -64.62 49.98
C VAL E 444 114.33 -63.51 50.90
N LYS E 445 114.13 -62.25 50.53
CA LYS E 445 114.53 -61.17 51.42
C LYS E 445 113.65 -61.09 52.66
N ASN E 446 112.35 -60.83 52.46
CA ASN E 446 111.35 -60.95 53.53
C ASN E 446 110.88 -62.39 53.54
N ASN E 447 111.74 -63.25 54.09
CA ASN E 447 111.66 -64.71 54.00
C ASN E 447 110.26 -65.27 54.19
N VAL E 448 109.72 -65.86 53.12
CA VAL E 448 108.48 -66.62 53.17
C VAL E 448 108.68 -67.87 52.33
N SER E 449 108.93 -69.00 52.99
CA SER E 449 109.19 -70.26 52.32
C SER E 449 108.16 -71.28 52.79
N PHE E 450 107.63 -72.04 51.85
CA PHE E 450 106.72 -73.15 52.14
C PHE E 450 107.47 -74.45 51.92
N ASN E 451 107.53 -75.28 52.96
CA ASN E 451 108.27 -76.54 52.93
C ASN E 451 107.28 -77.70 52.85
N ALA E 452 107.63 -78.71 52.03
CA ALA E 452 106.77 -79.87 51.91
C ALA E 452 106.61 -80.59 53.24
N LYS E 453 107.69 -80.65 54.04
CA LYS E 453 107.60 -81.30 55.34
C LYS E 453 106.66 -80.54 56.27
N ASP E 454 106.70 -79.20 56.22
CA ASP E 454 105.79 -78.41 57.06
C ASP E 454 104.35 -78.54 56.60
N ILE E 455 104.14 -78.65 55.28
CA ILE E 455 102.79 -78.85 54.76
C ILE E 455 102.39 -80.31 54.99
N GLN E 456 101.23 -80.51 55.63
CA GLN E 456 100.79 -81.85 56.01
C GLN E 456 99.45 -82.25 55.41
N ILE E 457 98.98 -81.53 54.38
CA ILE E 457 97.88 -82.01 53.55
C ILE E 457 98.20 -81.73 52.09
N PRO E 458 97.67 -82.55 51.19
CA PRO E 458 97.95 -82.30 49.77
C PRO E 458 97.39 -80.96 49.33
N VAL E 459 98.18 -80.22 48.57
CA VAL E 459 97.76 -78.97 47.96
C VAL E 459 97.84 -79.16 46.46
N TYR E 460 96.69 -79.02 45.80
CA TYR E 460 96.60 -79.36 44.37
C TYR E 460 97.02 -78.17 43.53
N ASP E 461 97.95 -78.41 42.62
CA ASP E 461 98.47 -77.37 41.75
C ASP E 461 97.40 -76.82 40.83
N THR E 462 97.54 -75.54 40.48
CA THR E 462 96.58 -74.91 39.58
C THR E 462 96.81 -75.32 38.13
N PHE E 463 98.05 -75.60 37.75
CA PHE E 463 98.36 -75.90 36.36
C PHE E 463 98.10 -77.38 36.05
N ASP E 464 98.81 -78.28 36.72
CA ASP E 464 98.75 -79.70 36.43
C ASP E 464 98.02 -80.53 37.48
N GLY E 465 97.60 -79.93 38.59
CA GLY E 465 96.90 -80.65 39.62
C GLY E 465 97.79 -81.47 40.53
N SER E 466 99.08 -81.57 40.24
CA SER E 466 99.99 -82.35 41.07
C SER E 466 100.09 -81.74 42.46
N ASP E 467 100.32 -82.60 43.45
CA ASP E 467 100.51 -82.13 44.81
C ASP E 467 101.78 -81.31 44.91
N LEU E 468 101.72 -80.20 45.65
CA LEU E 468 102.88 -79.35 45.81
C LEU E 468 103.92 -79.95 46.74
N ARG E 469 103.54 -80.92 47.59
CA ARG E 469 104.51 -81.53 48.49
C ARG E 469 105.58 -82.27 47.72
N VAL E 470 105.21 -83.04 46.70
CA VAL E 470 106.17 -83.87 45.97
C VAL E 470 106.96 -83.09 44.94
N LEU E 471 106.79 -81.78 44.86
CA LEU E 471 107.54 -80.98 43.91
C LEU E 471 108.98 -80.78 44.40
N SER E 472 109.94 -81.03 43.51
CA SER E 472 111.34 -80.87 43.89
C SER E 472 111.71 -79.40 44.05
N GLY E 473 111.16 -78.53 43.20
CA GLY E 473 111.49 -77.13 43.24
C GLY E 473 110.87 -76.40 44.42
N SER E 474 111.13 -75.09 44.47
CA SER E 474 110.60 -74.28 45.54
C SER E 474 109.09 -74.13 45.40
N ILE E 475 108.36 -74.40 46.48
CA ILE E 475 106.90 -74.32 46.44
C ILE E 475 106.47 -72.87 46.27
N SER E 476 107.16 -71.94 46.93
CA SER E 476 106.81 -70.53 46.78
C SER E 476 106.99 -70.06 45.33
N GLU E 477 108.12 -70.42 44.72
CA GLU E 477 108.36 -70.05 43.34
C GLU E 477 107.31 -70.67 42.42
N ARG E 478 106.99 -71.94 42.65
CA ARG E 478 105.97 -72.60 41.83
C ARG E 478 104.63 -71.90 41.98
N ILE E 479 104.28 -71.50 43.21
CA ILE E 479 103.03 -70.78 43.44
C ILE E 479 103.02 -69.48 42.64
N VAL E 480 104.14 -68.74 42.69
CA VAL E 480 104.20 -67.46 42.01
C VAL E 480 104.05 -67.64 40.51
N ASP E 481 104.71 -68.65 39.94
CA ASP E 481 104.51 -68.94 38.51
C ASP E 481 103.06 -69.30 38.23
N CYS E 482 102.42 -70.03 39.14
CA CYS E 482 101.01 -70.37 38.92
C CYS E 482 100.16 -69.12 38.85
N ILE E 483 100.41 -68.15 39.74
CA ILE E 483 99.57 -66.94 39.74
C ILE E 483 99.86 -66.08 38.52
N ILE E 484 101.13 -65.86 38.20
CA ILE E 484 101.51 -64.80 37.26
C ILE E 484 101.76 -65.32 35.84
N ARG E 485 102.32 -66.51 35.69
CA ARG E 485 102.76 -67.01 34.39
C ARG E 485 101.87 -68.13 33.86
N LEU E 486 101.70 -69.20 34.63
CA LEU E 486 101.01 -70.37 34.12
C LEU E 486 99.49 -70.18 34.21
N PRO E 487 98.72 -70.86 33.36
CA PRO E 487 97.27 -70.79 33.46
C PRO E 487 96.73 -71.71 34.55
N VAL E 488 95.44 -71.53 34.84
CA VAL E 488 94.73 -72.33 35.83
C VAL E 488 93.84 -73.31 35.07
N LYS E 489 94.17 -74.60 35.17
CA LYS E 489 93.35 -75.66 34.59
C LYS E 489 92.51 -76.27 35.72
N TRP E 490 91.42 -75.55 36.05
CA TRP E 490 90.64 -75.86 37.24
C TRP E 490 90.04 -77.26 37.18
N GLU E 491 89.62 -77.68 35.99
CA GLU E 491 89.16 -79.06 35.86
C GLU E 491 90.28 -80.04 36.17
N THR E 492 91.49 -79.76 35.69
CA THR E 492 92.61 -80.66 35.96
C THR E 492 92.96 -80.68 37.44
N THR E 493 92.71 -79.60 38.16
CA THR E 493 92.89 -79.63 39.61
C THR E 493 91.73 -80.29 40.33
N THR E 494 90.56 -80.33 39.71
CA THR E 494 89.34 -80.84 40.31
C THR E 494 89.21 -82.35 40.23
N GLN E 495 90.31 -83.06 39.96
CA GLN E 495 90.28 -84.52 39.88
C GLN E 495 90.31 -85.19 41.26
N PHE E 496 90.45 -84.43 42.34
CA PHE E 496 90.46 -85.04 43.66
C PHE E 496 89.10 -85.65 43.96
N LYS E 497 89.11 -86.77 44.68
CA LYS E 497 87.90 -87.46 45.10
C LYS E 497 87.49 -86.90 46.46
N ALA E 498 86.39 -86.15 46.49
CA ALA E 498 85.89 -85.59 47.73
C ALA E 498 84.38 -85.47 47.64
N THR E 499 83.73 -85.53 48.79
CA THR E 499 82.28 -85.42 48.88
C THR E 499 81.82 -84.01 49.23
N HIS E 500 82.68 -83.21 49.86
CA HIS E 500 82.33 -81.87 50.30
C HIS E 500 83.47 -80.91 50.01
N ILE E 501 83.13 -79.76 49.44
CA ILE E 501 84.08 -78.72 49.09
C ILE E 501 83.66 -77.42 49.75
N LEU E 502 84.54 -76.89 50.60
CA LEU E 502 84.30 -75.63 51.30
C LEU E 502 84.98 -74.51 50.54
N ASP E 503 84.19 -73.54 50.06
CA ASP E 503 84.68 -72.41 49.30
C ASP E 503 84.82 -71.21 50.22
N PHE E 504 86.07 -70.82 50.49
CA PHE E 504 86.36 -69.66 51.34
C PHE E 504 86.62 -68.39 50.55
N GLY E 505 86.43 -68.40 49.24
CA GLY E 505 86.85 -67.29 48.42
C GLY E 505 85.88 -66.12 48.52
N PRO E 506 86.24 -65.04 47.84
CA PRO E 506 85.30 -63.92 47.73
C PRO E 506 84.18 -64.23 46.74
N GLY E 507 83.17 -63.36 46.74
CA GLY E 507 82.07 -63.43 45.81
C GLY E 507 80.83 -64.10 46.35
N GLY E 508 80.97 -65.00 47.32
CA GLY E 508 79.82 -65.70 47.83
C GLY E 508 79.17 -66.55 46.76
N ALA E 509 77.94 -66.20 46.39
CA ALA E 509 77.25 -66.94 45.35
C ALA E 509 77.92 -66.78 44.00
N SER E 510 78.61 -65.66 43.78
CA SER E 510 79.33 -65.41 42.53
C SER E 510 80.77 -65.88 42.59
N GLY E 511 81.18 -66.55 43.67
CA GLY E 511 82.57 -66.90 43.86
C GLY E 511 82.94 -68.23 43.24
N LEU E 512 84.10 -68.74 43.67
CA LEU E 512 84.63 -69.99 43.14
C LEU E 512 83.75 -71.19 43.48
N GLY E 513 82.99 -71.12 44.58
CA GLY E 513 82.24 -72.28 45.01
C GLY E 513 81.18 -72.71 44.02
N VAL E 514 80.39 -71.76 43.53
CA VAL E 514 79.32 -72.10 42.59
C VAL E 514 79.90 -72.56 41.26
N LEU E 515 81.02 -71.98 40.84
CA LEU E 515 81.69 -72.45 39.63
C LEU E 515 82.14 -73.89 39.79
N THR E 516 82.77 -74.21 40.91
CA THR E 516 83.20 -75.59 41.16
C THR E 516 82.01 -76.53 41.23
N HIS E 517 80.91 -76.08 41.84
CA HIS E 517 79.70 -76.89 41.89
C HIS E 517 79.17 -77.17 40.50
N ARG E 518 79.16 -76.16 39.63
CA ARG E 518 78.69 -76.38 38.27
C ARG E 518 79.59 -77.34 37.53
N ASN E 519 80.91 -77.24 37.75
CA ASN E 519 81.83 -78.18 37.12
C ASN E 519 81.59 -79.60 37.60
N LYS E 520 81.38 -79.78 38.90
CA LYS E 520 81.29 -81.09 39.54
C LYS E 520 79.85 -81.59 39.72
N ASP E 521 78.87 -80.91 39.11
CA ASP E 521 77.48 -81.24 39.36
C ASP E 521 77.15 -82.65 38.90
N GLY E 522 76.39 -83.37 39.72
CA GLY E 522 75.95 -84.72 39.41
C GLY E 522 76.94 -85.81 39.77
N THR E 523 78.13 -85.45 40.24
CA THR E 523 79.13 -86.43 40.66
C THR E 523 79.03 -86.75 42.15
N GLY E 524 78.07 -86.16 42.86
CA GLY E 524 77.92 -86.43 44.27
C GLY E 524 78.75 -85.54 45.18
N VAL E 525 79.18 -84.39 44.67
CA VAL E 525 80.02 -83.45 45.44
C VAL E 525 79.15 -82.25 45.79
N ARG E 526 79.07 -81.96 47.09
CA ARG E 526 78.35 -80.80 47.60
C ARG E 526 79.36 -79.69 47.86
N VAL E 527 79.05 -78.50 47.37
CA VAL E 527 79.86 -77.31 47.60
C VAL E 527 79.14 -76.44 48.62
N ILE E 528 79.88 -75.98 49.62
CA ILE E 528 79.37 -75.08 50.65
C ILE E 528 80.14 -73.78 50.55
N VAL E 529 79.42 -72.68 50.36
CA VAL E 529 80.04 -71.35 50.32
C VAL E 529 80.27 -70.91 51.75
N ALA E 530 81.47 -71.15 52.28
CA ALA E 530 81.75 -70.90 53.68
C ALA E 530 81.80 -69.42 54.03
N GLY E 531 81.82 -68.54 53.05
CA GLY E 531 81.99 -67.12 53.28
C GLY E 531 80.73 -66.28 53.28
N THR E 532 79.57 -66.86 52.99
CA THR E 532 78.33 -66.11 52.87
C THR E 532 77.22 -66.85 53.62
N LEU E 533 76.37 -66.08 54.30
CA LEU E 533 75.14 -66.57 54.90
C LEU E 533 74.00 -66.17 53.97
N ASP E 534 73.47 -67.14 53.23
CA ASP E 534 72.36 -66.90 52.32
C ASP E 534 71.64 -68.22 52.09
N ILE E 535 70.43 -68.12 51.53
CA ILE E 535 69.60 -69.28 51.22
C ILE E 535 69.66 -69.53 49.72
N ASN E 536 70.01 -70.77 49.35
CA ASN E 536 69.99 -71.17 47.95
C ASN E 536 68.63 -71.81 47.66
N PRO E 537 67.78 -71.23 46.81
CA PRO E 537 66.46 -71.83 46.59
C PRO E 537 66.53 -73.25 46.04
N ASP E 538 67.49 -73.53 45.16
CA ASP E 538 67.63 -74.87 44.61
C ASP E 538 68.20 -75.85 45.61
N ASP E 539 68.95 -75.36 46.61
CA ASP E 539 69.62 -76.22 47.58
C ASP E 539 70.58 -77.19 46.91
N ASP E 540 71.16 -76.79 45.77
CA ASP E 540 72.18 -77.60 45.11
C ASP E 540 73.59 -77.27 45.58
N TYR E 541 73.76 -76.25 46.40
CA TYR E 541 75.04 -75.98 47.05
C TYR E 541 74.75 -75.35 48.41
N GLY E 542 75.66 -75.59 49.35
CA GLY E 542 75.48 -75.15 50.71
C GLY E 542 75.88 -73.71 50.93
N PHE E 543 75.74 -73.27 52.17
CA PHE E 543 76.13 -71.93 52.57
C PHE E 543 76.77 -72.02 53.95
N LYS E 544 77.13 -70.87 54.52
CA LYS E 544 77.90 -70.85 55.76
C LYS E 544 77.20 -71.59 56.89
N GLN E 545 75.86 -71.60 56.88
CA GLN E 545 75.13 -72.26 57.96
C GLN E 545 75.29 -73.78 57.91
N GLU E 546 75.45 -74.35 56.71
CA GLU E 546 75.55 -75.79 56.58
C GLU E 546 76.80 -76.33 57.26
N ILE E 547 77.83 -75.49 57.39
CA ILE E 547 79.07 -75.93 58.04
C ILE E 547 78.85 -76.08 59.54
N PHE E 548 78.13 -75.15 60.15
CA PHE E 548 77.96 -75.15 61.60
C PHE E 548 76.71 -75.89 62.07
N ASP E 549 75.81 -76.25 61.18
CA ASP E 549 74.60 -76.95 61.59
C ASP E 549 74.93 -78.31 62.19
N VAL E 550 74.25 -78.66 63.28
CA VAL E 550 74.52 -79.88 64.02
C VAL E 550 73.48 -80.96 63.76
N THR E 551 72.36 -80.64 63.13
CA THR E 551 71.32 -81.61 62.83
C THR E 551 71.66 -82.33 61.53
N SER E 552 70.70 -83.11 61.01
CA SER E 552 70.91 -83.75 59.72
C SER E 552 70.95 -82.76 58.58
N ASN E 553 70.49 -81.52 58.80
CA ASN E 553 70.55 -80.51 57.75
C ASN E 553 71.98 -80.19 57.36
N GLY E 554 72.88 -80.17 58.34
CA GLY E 554 74.28 -79.87 58.04
C GLY E 554 74.92 -80.89 57.12
N LEU E 555 74.53 -82.16 57.28
CA LEU E 555 75.07 -83.25 56.46
C LEU E 555 74.19 -83.41 55.23
N LYS E 556 74.52 -82.67 54.17
CA LYS E 556 73.84 -82.77 52.88
C LYS E 556 74.79 -83.39 51.88
N LYS E 557 74.38 -84.50 51.29
CA LYS E 557 75.14 -85.16 50.23
C LYS E 557 74.50 -84.80 48.89
N ASN E 558 75.30 -84.28 47.98
CA ASN E 558 74.79 -83.94 46.67
C ASN E 558 74.41 -85.22 45.92
N PRO E 559 73.39 -85.19 45.07
CA PRO E 559 73.05 -86.40 44.32
C PRO E 559 74.19 -86.86 43.41
N ASN E 560 74.40 -88.17 43.40
CA ASN E 560 75.32 -88.82 42.46
C ASN E 560 74.46 -89.63 41.49
N TRP E 561 74.40 -89.17 40.25
CA TRP E 561 73.45 -89.74 39.30
C TRP E 561 73.77 -91.20 39.02
N LEU E 562 75.04 -91.55 38.89
CA LEU E 562 75.40 -92.93 38.59
C LEU E 562 74.97 -93.87 39.69
N GLU E 563 74.95 -93.39 40.94
CA GLU E 563 74.54 -94.20 42.08
C GLU E 563 73.03 -94.08 42.34
N GLU E 564 72.54 -92.84 42.51
CA GLU E 564 71.16 -92.66 42.92
C GLU E 564 70.19 -93.20 41.87
N TYR E 565 70.48 -92.94 40.59
CA TYR E 565 69.67 -93.44 39.48
C TYR E 565 70.32 -94.66 38.83
N HIS E 566 71.00 -95.47 39.61
CA HIS E 566 71.67 -96.65 39.10
C HIS E 566 70.65 -97.66 38.61
N PRO E 567 70.70 -98.13 37.36
CA PRO E 567 69.84 -99.26 36.98
C PRO E 567 70.24 -100.52 37.71
N LYS E 568 69.25 -101.34 38.02
CA LYS E 568 69.46 -102.56 38.78
C LYS E 568 68.50 -103.63 38.27
N LEU E 569 68.79 -104.88 38.61
CA LEU E 569 67.97 -106.02 38.26
C LEU E 569 67.18 -106.48 39.47
N ILE E 570 65.93 -106.87 39.25
CA ILE E 570 65.07 -107.37 40.31
C ILE E 570 64.19 -108.47 39.72
N LYS E 571 63.89 -109.46 40.55
CA LYS E 571 63.06 -110.58 40.16
C LYS E 571 61.89 -110.71 41.11
N ASN E 572 60.70 -110.94 40.57
CA ASN E 572 59.50 -111.11 41.37
C ASN E 572 59.44 -112.55 41.89
N LYS E 573 58.30 -112.94 42.47
CA LYS E 573 58.17 -114.29 43.00
C LYS E 573 58.31 -115.35 41.92
N SER E 574 57.79 -115.07 40.73
CA SER E 574 57.91 -116.00 39.61
C SER E 574 59.32 -116.07 39.05
N GLY E 575 60.22 -115.19 39.48
CA GLY E 575 61.57 -115.16 38.94
C GLY E 575 61.74 -114.36 37.67
N LYS E 576 60.72 -113.62 37.24
CA LYS E 576 60.85 -112.78 36.06
C LYS E 576 61.77 -111.62 36.36
N ILE E 577 62.86 -111.51 35.62
CA ILE E 577 63.86 -110.48 35.85
C ILE E 577 63.38 -109.19 35.22
N PHE E 578 63.23 -108.14 36.03
CA PHE E 578 62.91 -106.81 35.56
C PHE E 578 64.14 -105.92 35.62
N VAL E 579 64.26 -105.03 34.64
CA VAL E 579 65.29 -103.99 34.69
C VAL E 579 64.79 -102.95 35.68
N GLU E 580 65.24 -103.06 36.92
CA GLU E 580 64.73 -102.19 37.98
C GLU E 580 65.18 -100.76 37.72
N THR E 581 64.20 -99.87 37.54
CA THR E 581 64.47 -98.48 37.25
C THR E 581 63.35 -97.67 37.90
N LYS E 582 63.45 -96.34 37.86
CA LYS E 582 62.38 -95.53 38.43
C LYS E 582 61.05 -95.75 37.71
N PHE E 583 61.07 -95.63 36.38
CA PHE E 583 59.86 -95.82 35.59
C PHE E 583 59.35 -97.25 35.72
N SER E 584 60.25 -98.22 35.66
CA SER E 584 59.86 -99.62 35.77
C SER E 584 59.29 -99.92 37.15
N LYS E 585 59.84 -99.30 38.19
CA LYS E 585 59.33 -99.48 39.55
C LYS E 585 57.92 -98.91 39.67
N LEU E 586 57.68 -97.74 39.05
CA LEU E 586 56.35 -97.16 39.10
C LEU E 586 55.34 -98.03 38.37
N ILE E 587 55.68 -98.48 37.16
CA ILE E 587 54.68 -99.15 36.32
C ILE E 587 54.63 -100.65 36.50
N GLY E 588 55.51 -101.24 37.31
CA GLY E 588 55.49 -102.68 37.51
C GLY E 588 55.73 -103.46 36.24
N ARG E 589 56.45 -102.88 35.30
CA ARG E 589 56.72 -103.51 34.02
C ARG E 589 58.09 -103.05 33.55
N PRO E 590 58.64 -103.66 32.50
CA PRO E 590 59.96 -103.24 32.03
C PRO E 590 59.93 -101.78 31.61
N PRO E 591 61.10 -101.08 31.68
CA PRO E 591 61.14 -99.65 31.34
C PRO E 591 61.23 -99.39 29.84
N LEU E 592 60.44 -100.13 29.07
CA LEU E 592 60.35 -100.01 27.62
C LEU E 592 58.90 -99.81 27.26
N LEU E 593 58.60 -98.75 26.50
CA LEU E 593 57.23 -98.43 26.14
C LEU E 593 57.15 -98.16 24.64
N VAL E 594 55.97 -98.40 24.09
CA VAL E 594 55.68 -98.09 22.69
C VAL E 594 54.93 -96.76 22.69
N PRO E 595 55.51 -95.68 22.16
CA PRO E 595 54.83 -94.39 22.25
C PRO E 595 53.63 -94.33 21.32
N GLY E 596 52.73 -93.39 21.61
CA GLY E 596 51.61 -93.17 20.73
C GLY E 596 52.07 -92.85 19.33
N MET E 597 51.61 -93.63 18.36
CA MET E 597 52.03 -93.49 16.96
C MET E 597 50.80 -93.56 16.07
N THR E 598 50.51 -92.45 15.40
CA THR E 598 49.46 -92.42 14.40
C THR E 598 50.05 -92.80 13.03
N PRO E 599 49.55 -93.86 12.37
CA PRO E 599 48.44 -94.77 12.68
C PRO E 599 48.87 -96.11 13.30
N CYS E 600 50.10 -96.25 13.80
CA CYS E 600 50.57 -97.56 14.25
C CYS E 600 49.84 -98.02 15.51
N THR E 601 49.96 -97.24 16.58
CA THR E 601 49.29 -97.59 17.82
C THR E 601 47.80 -97.27 17.78
N VAL E 602 47.31 -96.67 16.69
CA VAL E 602 45.88 -96.43 16.55
C VAL E 602 45.13 -97.76 16.58
N SER E 603 45.70 -98.80 16.00
CA SER E 603 45.04 -100.10 15.94
C SER E 603 44.84 -100.64 17.35
N PRO E 604 43.61 -100.95 17.77
CA PRO E 604 43.45 -101.62 19.07
C PRO E 604 44.18 -102.94 19.14
N ASP E 605 44.32 -103.64 18.01
CA ASP E 605 45.00 -104.93 18.02
C ASP E 605 46.45 -104.80 18.45
N PHE E 606 47.17 -103.81 17.93
CA PHE E 606 48.58 -103.67 18.26
C PHE E 606 48.76 -103.23 19.70
N VAL E 607 47.89 -102.34 20.18
CA VAL E 607 47.95 -101.91 21.58
C VAL E 607 47.70 -103.10 22.50
N ALA E 608 46.69 -103.92 22.19
CA ALA E 608 46.42 -105.11 22.98
C ALA E 608 47.58 -106.10 22.91
N ALA E 609 48.18 -106.26 21.73
CA ALA E 609 49.29 -107.19 21.59
C ALA E 609 50.49 -106.76 22.43
N THR E 610 50.82 -105.47 22.41
CA THR E 610 51.92 -104.98 23.22
C THR E 610 51.61 -105.15 24.70
N THR E 611 50.37 -104.86 25.10
CA THR E 611 50.00 -105.03 26.50
C THR E 611 50.11 -106.50 26.93
N ASN E 612 49.66 -107.41 26.06
CA ASN E 612 49.79 -108.84 26.35
C ASN E 612 51.25 -109.25 26.45
N ALA E 613 52.09 -108.73 25.55
CA ALA E 613 53.52 -108.94 25.67
C ALA E 613 54.07 -108.42 26.98
N GLY E 614 53.43 -107.42 27.58
CA GLY E 614 53.81 -106.94 28.89
C GLY E 614 54.62 -105.67 28.88
N TYR E 615 54.42 -104.83 27.88
CA TYR E 615 55.16 -103.59 27.71
C TYR E 615 54.18 -102.46 27.51
N THR E 616 54.50 -101.31 28.10
CA THR E 616 53.60 -100.16 28.06
C THR E 616 53.41 -99.68 26.62
N ILE E 617 52.18 -99.26 26.31
CA ILE E 617 51.84 -98.76 25.00
C ILE E 617 50.73 -97.72 25.14
N GLU E 618 50.77 -96.73 24.27
CA GLU E 618 49.79 -95.65 24.23
C GLU E 618 48.94 -95.78 22.98
N LEU E 619 47.63 -95.94 23.16
CA LEU E 619 46.66 -95.92 22.07
C LEU E 619 46.61 -94.47 21.56
N ALA E 620 46.89 -94.29 20.28
CA ALA E 620 47.00 -92.95 19.73
C ALA E 620 45.62 -92.41 19.35
N GLY E 621 45.33 -91.19 19.76
CA GLY E 621 44.11 -90.51 19.36
C GLY E 621 44.19 -89.81 18.03
N GLY E 622 45.36 -89.83 17.38
CA GLY E 622 45.47 -89.22 16.06
C GLY E 622 44.56 -89.83 15.04
N GLY E 623 44.33 -91.13 15.12
CA GLY E 623 43.43 -91.84 14.25
C GLY E 623 41.99 -91.89 14.72
N TYR E 624 41.62 -91.04 15.67
CA TYR E 624 40.26 -90.99 16.20
C TYR E 624 39.79 -89.55 16.26
N PHE E 625 38.54 -89.34 15.86
CA PHE E 625 37.97 -88.01 15.72
C PHE E 625 36.71 -87.81 16.55
N SER E 626 36.26 -88.84 17.27
CA SER E 626 35.09 -88.72 18.11
C SER E 626 35.27 -89.60 19.34
N ALA E 627 34.61 -89.18 20.42
CA ALA E 627 34.63 -89.97 21.64
C ALA E 627 34.05 -91.35 21.41
N ALA E 628 33.06 -91.47 20.52
CA ALA E 628 32.50 -92.78 20.22
C ALA E 628 33.55 -93.69 19.59
N GLY E 629 34.31 -93.18 18.63
CA GLY E 629 35.34 -94.00 18.01
C GLY E 629 36.43 -94.40 18.98
N MET E 630 36.89 -93.44 19.79
CA MET E 630 37.91 -93.78 20.78
C MET E 630 37.38 -94.75 21.81
N THR E 631 36.12 -94.61 22.22
CA THR E 631 35.53 -95.56 23.16
C THR E 631 35.46 -96.95 22.57
N ALA E 632 35.07 -97.05 21.30
CA ALA E 632 35.03 -98.35 20.65
C ALA E 632 36.42 -98.98 20.60
N ALA E 633 37.44 -98.19 20.26
CA ALA E 633 38.80 -98.72 20.23
C ALA E 633 39.27 -99.14 21.62
N ILE E 634 38.95 -98.34 22.64
CA ILE E 634 39.38 -98.67 23.99
C ILE E 634 38.68 -99.94 24.47
N ASP E 635 37.40 -100.09 24.15
CA ASP E 635 36.69 -101.32 24.50
C ASP E 635 37.30 -102.53 23.79
N SER E 636 37.70 -102.33 22.53
CA SER E 636 38.39 -103.41 21.83
C SER E 636 39.69 -103.79 22.54
N VAL E 637 40.46 -102.78 22.96
CA VAL E 637 41.71 -103.05 23.67
C VAL E 637 41.43 -103.81 24.97
N VAL E 638 40.41 -103.37 25.72
CA VAL E 638 40.09 -104.00 26.98
C VAL E 638 39.66 -105.44 26.77
N SER E 639 38.83 -105.68 25.75
CA SER E 639 38.38 -107.03 25.47
C SER E 639 39.54 -107.93 25.09
N GLN E 640 40.53 -107.39 24.36
CA GLN E 640 41.62 -108.22 23.87
C GLN E 640 42.73 -108.44 24.91
N ILE E 641 42.91 -107.53 25.86
CA ILE E 641 43.95 -107.70 26.87
C ILE E 641 43.45 -108.65 27.95
N GLU E 642 44.37 -109.09 28.80
CA GLU E 642 44.05 -110.02 29.87
C GLU E 642 43.57 -109.27 31.11
N LYS E 643 43.19 -110.03 32.13
CA LYS E 643 42.70 -109.45 33.37
C LYS E 643 43.81 -108.68 34.07
N GLY E 644 43.50 -107.46 34.49
CA GLY E 644 44.43 -106.64 35.22
C GLY E 644 45.42 -105.87 34.36
N SER E 645 45.48 -106.15 33.06
CA SER E 645 46.37 -105.42 32.17
C SER E 645 45.99 -103.94 32.14
N THR E 646 46.85 -103.14 31.50
CA THR E 646 46.59 -101.71 31.41
C THR E 646 47.37 -101.14 30.23
N PHE E 647 46.98 -99.93 29.84
CA PHE E 647 47.56 -99.24 28.69
C PHE E 647 47.30 -97.76 28.87
N GLY E 648 47.97 -96.93 28.06
CA GLY E 648 47.80 -95.50 28.09
C GLY E 648 47.13 -94.95 26.84
N ILE E 649 46.89 -93.65 26.86
CA ILE E 649 46.30 -92.93 25.75
C ILE E 649 47.19 -91.75 25.40
N ASN E 650 47.48 -91.59 24.11
CA ASN E 650 48.28 -90.48 23.62
C ASN E 650 47.37 -89.51 22.88
N LEU E 651 47.50 -88.23 23.22
CA LEU E 651 46.70 -87.18 22.61
C LEU E 651 47.61 -86.08 22.10
N ILE E 652 47.19 -85.46 21.00
CA ILE E 652 47.93 -84.40 20.34
C ILE E 652 47.46 -83.08 20.91
N TYR E 653 48.40 -82.20 21.25
CA TYR E 653 48.06 -80.92 21.85
C TYR E 653 47.87 -79.80 20.82
N VAL E 654 48.33 -79.98 19.58
CA VAL E 654 48.23 -78.89 18.62
C VAL E 654 46.82 -78.71 18.07
N ASN E 655 45.96 -79.71 18.20
CA ASN E 655 44.56 -79.60 17.78
C ASN E 655 43.68 -79.49 19.01
N PRO E 656 43.10 -78.33 19.32
CA PRO E 656 42.24 -78.24 20.50
C PRO E 656 41.01 -79.14 20.44
N PHE E 657 40.53 -79.49 19.24
CA PHE E 657 39.39 -80.37 19.13
C PHE E 657 39.70 -81.74 19.71
N MET E 658 40.90 -82.24 19.43
CA MET E 658 41.35 -83.51 20.01
C MET E 658 41.22 -83.49 21.52
N LEU E 659 41.77 -82.47 22.17
CA LEU E 659 41.72 -82.38 23.61
C LEU E 659 40.28 -82.23 24.09
N GLN E 660 39.50 -81.41 23.39
CA GLN E 660 38.15 -81.10 23.84
C GLN E 660 37.29 -82.35 23.87
N TRP E 661 37.44 -83.24 22.89
CA TRP E 661 36.67 -84.48 22.92
C TRP E 661 37.36 -85.59 23.70
N GLY E 662 38.69 -85.53 23.89
CA GLY E 662 39.41 -86.62 24.50
C GLY E 662 39.58 -86.55 26.00
N ILE E 663 39.84 -85.35 26.53
CA ILE E 663 40.02 -85.21 27.97
C ILE E 663 38.74 -85.53 28.72
N PRO E 664 37.55 -85.03 28.34
CA PRO E 664 36.34 -85.51 29.01
C PRO E 664 36.13 -87.01 28.86
N LEU E 665 36.50 -87.58 27.71
CA LEU E 665 36.38 -89.02 27.56
C LEU E 665 37.29 -89.76 28.52
N ILE E 666 38.53 -89.30 28.66
CA ILE E 666 39.45 -89.96 29.59
C ILE E 666 38.93 -89.86 31.01
N LYS E 667 38.41 -88.68 31.38
CA LYS E 667 37.85 -88.54 32.72
C LYS E 667 36.66 -89.47 32.94
N GLU E 668 35.76 -89.54 31.96
CA GLU E 668 34.60 -90.42 32.08
C GLU E 668 35.02 -91.88 32.18
N LEU E 669 35.96 -92.30 31.33
CA LEU E 669 36.41 -93.70 31.35
C LEU E 669 37.13 -94.03 32.64
N ARG E 670 37.93 -93.10 33.16
CA ARG E 670 38.58 -93.32 34.45
C ARG E 670 37.55 -93.41 35.56
N SER E 671 36.51 -92.57 35.51
CA SER E 671 35.43 -92.66 36.49
C SER E 671 34.74 -94.01 36.42
N LYS E 672 34.51 -94.51 35.21
CA LYS E 672 34.00 -95.86 35.02
C LYS E 672 34.99 -96.93 35.48
N GLY E 673 36.26 -96.59 35.61
CA GLY E 673 37.26 -97.52 36.05
C GLY E 673 38.03 -98.20 34.94
N TYR E 674 38.20 -97.55 33.80
CA TYR E 674 38.85 -98.19 32.67
C TYR E 674 40.35 -98.32 32.92
N PRO E 675 41.00 -99.36 32.38
CA PRO E 675 42.43 -99.52 32.64
C PRO E 675 43.29 -98.60 31.77
N ILE E 676 43.14 -97.30 32.02
CA ILE E 676 43.91 -96.26 31.35
C ILE E 676 44.99 -95.85 32.36
N GLN E 677 46.19 -96.41 32.20
CA GLN E 677 47.25 -96.16 33.17
C GLN E 677 47.69 -94.70 33.13
N PHE E 678 47.80 -94.12 31.93
CA PHE E 678 48.41 -92.81 31.80
C PHE E 678 47.91 -92.13 30.54
N LEU E 679 48.04 -90.81 30.54
CA LEU E 679 47.79 -89.97 29.38
C LEU E 679 49.10 -89.29 28.99
N THR E 680 49.48 -89.44 27.73
CA THR E 680 50.65 -88.78 27.17
C THR E 680 50.21 -87.63 26.29
N ILE E 681 50.87 -86.48 26.46
CA ILE E 681 50.64 -85.31 25.65
C ILE E 681 51.87 -85.09 24.78
N GLY E 682 51.69 -85.20 23.47
CA GLY E 682 52.74 -84.99 22.50
C GLY E 682 52.46 -83.79 21.64
N ALA E 683 53.49 -83.31 20.94
CA ALA E 683 53.38 -82.12 20.09
C ALA E 683 52.97 -80.91 20.92
N GLY E 684 53.68 -80.68 22.02
CA GLY E 684 53.42 -79.56 22.90
C GLY E 684 53.27 -79.99 24.34
N VAL E 685 53.64 -79.10 25.26
CA VAL E 685 53.48 -79.34 26.69
C VAL E 685 52.35 -78.44 27.18
N PRO E 686 51.35 -78.96 27.90
CA PRO E 686 50.27 -78.09 28.37
C PRO E 686 50.77 -77.04 29.35
N SER E 687 50.02 -75.94 29.44
CA SER E 687 50.29 -74.93 30.45
C SER E 687 50.13 -75.54 31.84
N LEU E 688 50.54 -74.76 32.85
CA LEU E 688 50.48 -75.26 34.22
C LEU E 688 49.05 -75.56 34.64
N GLU E 689 48.11 -74.66 34.31
CA GLU E 689 46.72 -74.86 34.71
C GLU E 689 46.13 -76.08 34.02
N VAL E 690 46.40 -76.24 32.72
CA VAL E 690 45.87 -77.39 31.99
C VAL E 690 46.46 -78.68 32.52
N ALA E 691 47.76 -78.69 32.80
CA ALA E 691 48.39 -79.89 33.33
C ALA E 691 47.84 -80.24 34.71
N SER E 692 47.62 -79.22 35.55
CA SER E 692 47.01 -79.47 36.86
C SER E 692 45.60 -80.02 36.71
N GLU E 693 44.84 -79.48 35.76
CA GLU E 693 43.49 -79.98 35.52
C GLU E 693 43.53 -81.44 35.12
N TYR E 694 44.44 -81.79 34.21
CA TYR E 694 44.56 -83.20 33.80
C TYR E 694 44.94 -84.07 35.00
N ILE E 695 45.96 -83.65 35.75
CA ILE E 695 46.46 -84.46 36.86
C ILE E 695 45.39 -84.70 37.89
N GLU E 696 44.63 -83.66 38.24
CA GLU E 696 43.62 -83.82 39.28
C GLU E 696 42.37 -84.54 38.75
N THR E 697 41.78 -84.02 37.68
CA THR E 697 40.50 -84.53 37.21
C THR E 697 40.62 -85.95 36.67
N LEU E 698 41.61 -86.20 35.81
CA LEU E 698 41.64 -87.49 35.10
C LEU E 698 41.92 -88.65 36.06
N GLY E 699 42.72 -88.43 37.09
CA GLY E 699 43.01 -89.51 38.02
C GLY E 699 43.76 -90.65 37.40
N LEU E 700 44.82 -90.36 36.66
CA LEU E 700 45.67 -91.40 36.08
C LEU E 700 46.84 -91.70 37.01
N LYS E 701 47.53 -92.81 36.73
CA LYS E 701 48.69 -93.16 37.52
C LYS E 701 49.82 -92.16 37.33
N TYR E 702 50.07 -91.74 36.08
CA TYR E 702 51.10 -90.76 35.81
C TYR E 702 50.76 -90.03 34.52
N LEU E 703 51.37 -88.87 34.33
CA LEU E 703 51.16 -88.05 33.15
C LEU E 703 52.43 -87.99 32.32
N GLY E 704 52.34 -88.42 31.07
CA GLY E 704 53.46 -88.36 30.14
C GLY E 704 53.43 -87.05 29.37
N LEU E 705 54.60 -86.44 29.23
CA LEU E 705 54.74 -85.20 28.48
C LEU E 705 55.95 -85.33 27.57
N LYS E 706 55.78 -84.91 26.31
CA LYS E 706 56.84 -85.00 25.30
C LYS E 706 57.37 -83.61 24.98
N PRO E 707 58.24 -83.07 25.83
CA PRO E 707 58.81 -81.75 25.52
C PRO E 707 59.72 -81.81 24.31
N GLY E 708 59.73 -80.72 23.56
CA GLY E 708 60.52 -80.63 22.35
C GLY E 708 61.86 -79.94 22.55
N SER E 709 61.90 -78.91 23.38
CA SER E 709 63.07 -78.04 23.50
C SER E 709 63.31 -77.71 24.97
N ILE E 710 64.23 -76.78 25.22
CA ILE E 710 64.55 -76.36 26.58
C ILE E 710 63.33 -75.75 27.24
N ASP E 711 62.58 -74.91 26.52
CA ASP E 711 61.40 -74.29 27.10
C ASP E 711 60.37 -75.34 27.49
N ALA E 712 60.18 -76.34 26.62
CA ALA E 712 59.23 -77.40 26.93
C ALA E 712 59.68 -78.21 28.14
N ILE E 713 60.98 -78.49 28.24
CA ILE E 713 61.50 -79.22 29.39
C ILE E 713 61.32 -78.41 30.67
N SER E 714 61.54 -77.09 30.58
CA SER E 714 61.32 -76.23 31.73
C SER E 714 59.86 -76.21 32.14
N GLN E 715 58.95 -76.24 31.16
CA GLN E 715 57.53 -76.29 31.48
C GLN E 715 57.18 -77.61 32.16
N VAL E 716 57.74 -78.72 31.68
CA VAL E 716 57.51 -80.01 32.32
C VAL E 716 58.04 -79.98 33.75
N ILE E 717 59.21 -79.37 33.95
CA ILE E 717 59.78 -79.25 35.30
C ILE E 717 58.87 -78.41 36.19
N ASN E 718 58.29 -77.34 35.63
CA ASN E 718 57.37 -76.53 36.41
C ASN E 718 56.12 -77.31 36.79
N ILE E 719 55.62 -78.14 35.89
CA ILE E 719 54.47 -78.98 36.20
C ILE E 719 54.82 -79.97 37.31
N ALA E 720 56.01 -80.57 37.22
CA ALA E 720 56.44 -81.50 38.27
C ALA E 720 56.59 -80.80 39.61
N LYS E 721 57.11 -79.57 39.59
CA LYS E 721 57.23 -78.80 40.82
C LYS E 721 55.86 -78.49 41.40
N ALA E 722 54.90 -78.13 40.55
CA ALA E 722 53.55 -77.84 41.02
C ALA E 722 52.86 -79.08 41.57
N HIS E 723 53.24 -80.26 41.08
CA HIS E 723 52.68 -81.53 41.53
C HIS E 723 53.82 -82.46 41.90
N PRO E 724 54.51 -82.20 43.01
CA PRO E 724 55.69 -83.02 43.35
C PRO E 724 55.34 -84.45 43.72
N ASN E 725 54.07 -84.72 44.02
CA ASN E 725 53.68 -86.09 44.34
C ASN E 725 53.32 -86.87 43.09
N PHE E 726 52.61 -86.25 42.16
CA PHE E 726 52.10 -86.96 40.99
C PHE E 726 53.26 -87.32 40.05
N PRO E 727 53.34 -88.57 39.57
CA PRO E 727 54.46 -88.92 38.69
C PRO E 727 54.29 -88.36 37.28
N ILE E 728 55.37 -87.78 36.77
CA ILE E 728 55.41 -87.20 35.44
C ILE E 728 56.46 -87.94 34.63
N ALA E 729 56.08 -88.48 33.48
CA ALA E 729 56.99 -89.18 32.60
C ALA E 729 57.44 -88.21 31.50
N LEU E 730 58.64 -87.66 31.66
CA LEU E 730 59.22 -86.77 30.65
C LEU E 730 59.80 -87.64 29.56
N GLN E 731 59.06 -87.77 28.44
CA GLN E 731 59.48 -88.58 27.31
C GLN E 731 60.24 -87.67 26.34
N TRP E 732 61.53 -87.48 26.63
CA TRP E 732 62.39 -86.71 25.76
C TRP E 732 62.60 -87.45 24.45
N THR E 733 62.51 -86.72 23.34
CA THR E 733 62.77 -87.24 22.01
C THR E 733 63.46 -86.16 21.20
N GLY E 734 64.62 -86.49 20.64
CA GLY E 734 65.33 -85.56 19.79
C GLY E 734 64.66 -85.41 18.44
N GLY E 735 65.20 -84.48 17.65
CA GLY E 735 64.69 -84.29 16.31
C GLY E 735 64.85 -85.50 15.41
N ARG E 736 65.82 -86.37 15.72
CA ARG E 736 66.08 -87.54 14.90
C ARG E 736 65.01 -88.61 15.00
N GLY E 737 63.98 -88.41 15.82
CA GLY E 737 62.92 -89.38 15.91
C GLY E 737 61.98 -89.33 14.72
N GLY E 738 61.28 -90.44 14.51
CA GLY E 738 60.37 -90.54 13.41
C GLY E 738 59.13 -89.68 13.59
N GLY E 739 58.35 -89.59 12.52
CA GLY E 739 57.14 -88.81 12.56
C GLY E 739 57.42 -87.34 12.77
N HIS E 740 56.48 -86.68 13.45
CA HIS E 740 56.66 -85.28 13.81
C HIS E 740 57.87 -85.14 14.72
N HIS E 741 58.73 -84.17 14.42
CA HIS E 741 59.97 -84.01 15.16
C HIS E 741 60.36 -82.54 15.19
N SER E 742 61.25 -82.23 16.13
CA SER E 742 61.75 -80.87 16.33
C SER E 742 63.11 -80.74 15.66
N PHE E 743 63.69 -79.55 15.79
CA PHE E 743 65.02 -79.27 15.26
C PHE E 743 66.11 -79.48 16.30
N GLU E 744 65.77 -79.92 17.50
CA GLU E 744 66.75 -79.99 18.58
C GLU E 744 67.52 -81.29 18.53
N ASP E 745 68.78 -81.22 18.95
CA ASP E 745 69.62 -82.40 19.08
C ASP E 745 69.09 -83.30 20.19
N ALA E 746 69.33 -84.60 20.06
CA ALA E 746 68.85 -85.55 21.05
C ALA E 746 69.63 -85.52 22.35
N HIS E 747 70.85 -84.98 22.35
CA HIS E 747 71.77 -85.10 23.48
C HIS E 747 71.98 -83.80 24.22
N THR E 748 72.34 -82.72 23.52
CA THR E 748 72.71 -81.48 24.21
C THR E 748 71.57 -80.93 25.08
N PRO E 749 70.30 -80.94 24.66
CA PRO E 749 69.26 -80.48 25.60
C PRO E 749 69.23 -81.31 26.88
N MET E 750 69.51 -82.60 26.76
CA MET E 750 69.54 -83.45 27.95
C MET E 750 70.77 -83.15 28.80
N LEU E 751 71.92 -82.95 28.16
CA LEU E 751 73.11 -82.57 28.91
C LEU E 751 72.89 -81.26 29.65
N GLN E 752 72.07 -80.37 29.09
CA GLN E 752 71.82 -79.09 29.74
C GLN E 752 70.82 -79.22 30.88
N MET E 753 69.73 -79.97 30.68
CA MET E 753 68.59 -79.94 31.58
C MET E 753 68.46 -81.18 32.46
N TYR E 754 69.42 -82.10 32.42
CA TYR E 754 69.31 -83.32 33.21
C TYR E 754 69.30 -83.02 34.70
N SER E 755 70.20 -82.15 35.18
CA SER E 755 70.28 -81.87 36.60
C SER E 755 68.97 -81.25 37.11
N LYS E 756 68.40 -80.33 36.34
CA LYS E 756 67.13 -79.73 36.73
C LYS E 756 66.03 -80.79 36.79
N ILE E 757 66.04 -81.72 35.84
CA ILE E 757 65.03 -82.78 35.82
C ILE E 757 65.17 -83.67 37.04
N ARG E 758 66.40 -84.04 37.39
CA ARG E 758 66.64 -84.90 38.54
C ARG E 758 66.52 -84.18 39.86
N ARG E 759 66.44 -82.84 39.85
CA ARG E 759 66.12 -82.13 41.08
C ARG E 759 64.69 -82.38 41.54
N HIS E 760 63.86 -82.97 40.69
CA HIS E 760 62.48 -83.32 41.02
C HIS E 760 62.31 -84.84 40.91
N PRO E 761 62.25 -85.58 42.03
CA PRO E 761 62.22 -87.05 41.91
C PRO E 761 60.98 -87.60 41.24
N ASN E 762 59.90 -86.82 41.16
CA ASN E 762 58.66 -87.31 40.56
C ASN E 762 58.71 -87.32 39.03
N ILE E 763 59.76 -86.77 38.42
CA ILE E 763 59.97 -86.85 36.98
C ILE E 763 60.75 -88.12 36.68
N MET E 764 60.26 -88.89 35.70
CA MET E 764 60.94 -90.07 35.19
C MET E 764 61.39 -89.76 33.77
N LEU E 765 62.69 -89.87 33.53
CA LEU E 765 63.26 -89.53 32.23
C LEU E 765 63.21 -90.72 31.30
N ILE E 766 62.59 -90.54 30.14
CA ILE E 766 62.50 -91.56 29.10
C ILE E 766 63.16 -91.00 27.86
N PHE E 767 64.07 -91.76 27.27
CA PHE E 767 64.79 -91.36 26.08
C PHE E 767 64.18 -92.06 24.86
N GLY E 768 63.94 -91.30 23.80
CA GLY E 768 63.49 -91.89 22.55
C GLY E 768 64.22 -91.31 21.35
N SER E 769 63.57 -91.35 20.19
CA SER E 769 64.11 -90.75 18.97
C SER E 769 65.45 -91.39 18.58
N GLY E 770 65.37 -92.64 18.15
CA GLY E 770 66.49 -93.29 17.50
C GLY E 770 67.03 -94.52 18.18
N PHE E 771 66.18 -95.25 18.90
CA PHE E 771 66.56 -96.47 19.60
C PHE E 771 65.82 -97.65 19.00
N GLY E 772 66.55 -98.71 18.71
CA GLY E 772 65.94 -99.92 18.17
C GLY E 772 66.61 -101.20 18.61
N SER E 773 67.41 -101.17 19.66
CA SER E 773 68.07 -102.36 20.15
C SER E 773 68.55 -102.12 21.56
N ALA E 774 68.94 -103.21 22.23
CA ALA E 774 69.52 -103.10 23.56
C ALA E 774 70.96 -102.62 23.53
N ASP E 775 71.69 -102.92 22.46
CA ASP E 775 73.10 -102.53 22.38
C ASP E 775 73.24 -101.00 22.38
N ASP E 776 72.43 -100.32 21.57
CA ASP E 776 72.50 -98.87 21.50
C ASP E 776 71.70 -98.18 22.60
N THR E 777 70.98 -98.94 23.42
CA THR E 777 70.20 -98.39 24.52
C THR E 777 70.86 -98.58 25.87
N TYR E 778 71.73 -99.58 26.02
CA TYR E 778 72.43 -99.78 27.28
C TYR E 778 73.24 -98.57 27.72
N PRO E 779 73.99 -97.88 26.85
CA PRO E 779 74.74 -96.72 27.32
C PRO E 779 73.85 -95.67 27.97
N TYR E 780 72.64 -95.49 27.44
CA TYR E 780 71.72 -94.54 28.03
C TYR E 780 71.10 -95.09 29.31
N LEU E 781 70.99 -96.42 29.41
CA LEU E 781 70.49 -97.03 30.64
C LEU E 781 71.47 -96.83 31.79
N THR E 782 72.76 -97.07 31.55
CA THR E 782 73.77 -96.87 32.58
C THR E 782 74.16 -95.41 32.75
N GLY E 783 73.88 -94.56 31.77
CA GLY E 783 74.31 -93.18 31.82
C GLY E 783 75.69 -92.92 31.28
N GLU E 784 76.41 -93.95 30.83
CA GLU E 784 77.76 -93.75 30.31
C GLU E 784 77.77 -93.05 28.96
N TRP E 785 76.61 -92.81 28.35
CA TRP E 785 76.56 -92.03 27.12
C TRP E 785 77.11 -90.62 27.35
N SER E 786 77.01 -90.10 28.58
CA SER E 786 77.52 -88.77 28.87
C SER E 786 79.03 -88.74 29.01
N THR E 787 79.67 -89.87 29.34
CA THR E 787 81.12 -89.89 29.50
C THR E 787 81.83 -89.59 28.19
N LYS E 788 81.23 -89.91 27.05
CA LYS E 788 81.80 -89.51 25.77
C LYS E 788 81.49 -88.05 25.42
N PHE E 789 80.55 -87.42 26.13
CA PHE E 789 80.31 -85.99 26.03
C PHE E 789 81.03 -85.21 27.12
N ASP E 790 81.81 -85.88 27.96
CA ASP E 790 82.59 -85.22 29.02
C ASP E 790 81.68 -84.65 30.09
N TYR E 791 80.62 -85.38 30.41
CA TYR E 791 79.69 -85.09 31.48
C TYR E 791 79.70 -86.27 32.43
N PRO E 792 79.22 -86.09 33.66
CA PRO E 792 79.09 -87.23 34.57
C PRO E 792 78.12 -88.25 33.99
N PRO E 793 78.14 -89.50 34.47
CA PRO E 793 77.15 -90.46 33.99
C PRO E 793 75.73 -89.99 34.26
N MET E 794 74.85 -90.26 33.31
CA MET E 794 73.50 -89.67 33.28
C MET E 794 72.49 -90.78 33.02
N PRO E 795 72.22 -91.64 34.01
CA PRO E 795 71.29 -92.74 33.77
C PRO E 795 69.89 -92.25 33.43
N PHE E 796 69.19 -93.01 32.59
CA PHE E 796 67.87 -92.67 32.12
C PHE E 796 66.87 -93.70 32.64
N ASP E 797 65.66 -93.23 32.96
CA ASP E 797 64.71 -94.09 33.66
C ASP E 797 63.98 -95.05 32.72
N GLY E 798 63.86 -94.72 31.45
CA GLY E 798 63.15 -95.58 30.52
C GLY E 798 63.49 -95.21 29.10
N PHE E 799 62.91 -95.97 28.17
CA PHE E 799 63.13 -95.77 26.75
C PHE E 799 61.85 -96.07 25.99
N LEU E 800 61.73 -95.47 24.82
CA LEU E 800 60.59 -95.70 23.94
C LEU E 800 61.10 -95.97 22.53
N PHE E 801 60.45 -96.93 21.85
CA PHE E 801 60.88 -97.43 20.55
C PHE E 801 59.71 -97.26 19.59
N GLY E 802 59.69 -96.14 18.89
CA GLY E 802 58.63 -95.87 17.94
C GLY E 802 58.83 -96.54 16.60
N SER E 803 59.93 -96.20 15.94
CA SER E 803 60.14 -96.67 14.57
C SER E 803 60.61 -98.12 14.50
N ARG E 804 61.13 -98.67 15.61
CA ARG E 804 61.57 -100.07 15.57
C ARG E 804 60.38 -101.02 15.42
N VAL E 805 59.27 -100.72 16.07
CA VAL E 805 58.17 -101.67 16.18
C VAL E 805 57.19 -101.48 15.03
N MET E 806 57.60 -100.77 13.98
CA MET E 806 56.69 -100.54 12.87
C MET E 806 56.53 -101.75 11.97
N ILE E 807 57.54 -102.62 11.90
CA ILE E 807 57.48 -103.82 11.07
C ILE E 807 57.10 -105.04 11.90
N ALA E 808 56.57 -104.83 13.10
CA ALA E 808 56.19 -105.95 13.94
C ALA E 808 54.93 -106.64 13.40
N LYS E 809 54.81 -107.92 13.71
CA LYS E 809 53.75 -108.75 13.13
C LYS E 809 52.37 -108.20 13.49
N GLU E 810 52.23 -107.60 14.67
CA GLU E 810 50.92 -107.19 15.15
C GLU E 810 50.54 -105.77 14.74
N VAL E 811 51.41 -105.06 14.02
CA VAL E 811 51.04 -103.76 13.48
C VAL E 811 50.31 -103.97 12.16
N LYS E 812 49.36 -103.07 11.87
CA LYS E 812 48.55 -103.18 10.66
C LYS E 812 49.23 -102.61 9.43
N THR E 813 50.53 -102.32 9.50
CA THR E 813 51.25 -101.85 8.31
C THR E 813 51.24 -102.93 7.25
N SER E 814 51.00 -102.51 6.01
CA SER E 814 50.87 -103.47 4.92
C SER E 814 52.20 -104.18 4.69
N PRO E 815 52.18 -105.37 4.07
CA PRO E 815 53.46 -106.05 3.80
C PRO E 815 54.42 -105.24 2.95
N ASP E 816 53.92 -104.53 1.93
CA ASP E 816 54.82 -103.75 1.09
C ASP E 816 55.34 -102.54 1.82
N ALA E 817 54.52 -101.93 2.68
CA ALA E 817 55.02 -100.84 3.51
C ALA E 817 56.06 -101.34 4.50
N LYS E 818 55.88 -102.55 5.03
CA LYS E 818 56.89 -103.14 5.90
C LYS E 818 58.19 -103.40 5.15
N LYS E 819 58.09 -103.90 3.91
CA LYS E 819 59.29 -104.09 3.10
C LYS E 819 59.99 -102.75 2.85
N CYS E 820 59.21 -101.71 2.56
CA CYS E 820 59.79 -100.39 2.35
C CYS E 820 60.48 -99.90 3.62
N ILE E 821 59.86 -100.12 4.79
CA ILE E 821 60.46 -99.72 6.05
C ILE E 821 61.79 -100.46 6.27
N ALA E 822 61.78 -101.76 6.03
CA ALA E 822 62.99 -102.55 6.22
C ALA E 822 64.09 -102.14 5.24
N ALA E 823 63.70 -101.69 4.05
CA ALA E 823 64.69 -101.27 3.06
C ALA E 823 65.46 -100.04 3.53
N CYS E 824 64.86 -99.22 4.40
CA CYS E 824 65.55 -98.05 4.92
C CYS E 824 66.76 -98.49 5.73
N THR E 825 67.95 -98.15 5.24
CA THR E 825 69.19 -98.53 5.91
C THR E 825 69.45 -97.71 7.17
N GLY E 826 68.92 -96.48 7.24
CA GLY E 826 69.16 -95.62 8.38
C GLY E 826 70.55 -95.01 8.34
N VAL E 827 70.75 -94.03 9.24
CA VAL E 827 72.03 -93.33 9.35
C VAL E 827 72.37 -93.12 10.82
N PRO E 828 73.64 -92.98 11.20
CA PRO E 828 73.96 -92.63 12.59
C PRO E 828 73.35 -91.29 13.01
N ASP E 829 73.47 -90.97 14.30
CA ASP E 829 72.89 -89.75 14.84
C ASP E 829 73.52 -88.51 14.20
N ASP E 830 74.84 -88.52 14.00
CA ASP E 830 75.53 -87.29 13.63
C ASP E 830 75.12 -86.75 12.26
N LYS E 831 74.50 -87.58 11.42
CA LYS E 831 74.10 -87.17 10.07
C LYS E 831 72.60 -87.35 9.84
N TRP E 832 71.80 -87.24 10.88
CA TRP E 832 70.35 -87.29 10.71
C TRP E 832 69.80 -86.00 10.12
N GLU E 833 70.46 -84.87 10.36
CA GLU E 833 69.96 -83.58 9.91
C GLU E 833 69.95 -83.46 8.39
N GLN E 834 70.61 -84.34 7.67
CA GLN E 834 70.61 -84.30 6.21
C GLN E 834 69.24 -84.61 5.62
N THR E 835 68.32 -85.17 6.42
CA THR E 835 66.96 -85.41 5.95
C THR E 835 66.25 -84.12 5.55
N TYR E 836 66.69 -82.98 6.08
CA TYR E 836 66.10 -81.70 5.70
C TYR E 836 66.43 -81.29 4.28
N LYS E 837 67.39 -81.95 3.63
CA LYS E 837 67.83 -81.59 2.29
C LYS E 837 67.70 -82.74 1.30
N LYS E 838 67.97 -83.97 1.72
CA LYS E 838 67.97 -85.11 0.82
C LYS E 838 67.39 -86.31 1.54
N PRO E 839 66.98 -87.35 0.80
CA PRO E 839 66.46 -88.56 1.46
C PRO E 839 67.57 -89.35 2.13
N THR E 840 67.96 -88.93 3.33
CA THR E 840 69.10 -89.51 4.03
C THR E 840 68.67 -90.74 4.80
N GLY E 841 69.24 -91.89 4.47
CA GLY E 841 68.86 -93.13 5.11
C GLY E 841 67.52 -93.66 4.66
N GLY E 842 67.06 -93.27 3.47
CA GLY E 842 65.75 -93.65 2.99
C GLY E 842 64.62 -92.83 3.58
N ILE E 843 64.93 -91.81 4.38
CA ILE E 843 63.93 -91.01 5.07
C ILE E 843 64.25 -89.55 4.83
N VAL E 844 63.21 -88.74 4.67
CA VAL E 844 63.36 -87.31 4.41
C VAL E 844 62.36 -86.55 5.26
N THR E 845 62.67 -85.29 5.52
CA THR E 845 61.79 -84.39 6.24
C THR E 845 60.85 -83.69 5.26
N VAL E 846 59.59 -83.58 5.66
CA VAL E 846 58.59 -82.86 4.88
C VAL E 846 57.79 -81.98 5.83
N ARG E 847 57.11 -80.99 5.26
CA ARG E 847 56.33 -80.02 6.01
C ARG E 847 54.87 -80.41 5.94
N SER E 848 54.18 -80.33 7.07
CA SER E 848 52.77 -80.68 7.15
C SER E 848 51.91 -79.48 6.80
N GLU E 849 50.61 -79.57 7.10
CA GLU E 849 49.71 -78.45 6.82
C GLU E 849 50.15 -77.20 7.57
N MET E 850 50.57 -77.35 8.82
CA MET E 850 51.02 -76.24 9.64
C MET E 850 52.50 -75.93 9.45
N GLY E 851 53.21 -76.70 8.62
CA GLY E 851 54.61 -76.46 8.36
C GLY E 851 55.57 -77.08 9.33
N GLU E 852 55.11 -77.92 10.25
CA GLU E 852 56.01 -78.57 11.19
C GLU E 852 56.77 -79.70 10.49
N PRO E 853 58.03 -79.96 10.85
CA PRO E 853 58.75 -81.06 10.21
C PRO E 853 58.14 -82.42 10.54
N ILE E 854 58.13 -83.30 9.54
CA ILE E 854 57.75 -84.70 9.73
C ILE E 854 58.78 -85.55 8.98
N HIS E 855 59.38 -86.51 9.68
CA HIS E 855 60.20 -87.50 9.00
C HIS E 855 59.30 -88.53 8.35
N LYS E 856 59.57 -88.84 7.09
CA LYS E 856 58.84 -89.85 6.36
C LYS E 856 59.80 -90.62 5.48
N ILE E 857 59.44 -91.86 5.14
CA ILE E 857 60.24 -92.64 4.21
C ILE E 857 60.24 -91.92 2.87
N ALA E 858 61.35 -92.03 2.14
CA ALA E 858 61.49 -91.35 0.86
C ALA E 858 60.75 -92.08 -0.25
N THR E 859 59.44 -92.26 -0.10
CA THR E 859 58.62 -92.79 -1.16
C THR E 859 58.41 -91.72 -2.23
N ARG E 860 58.03 -92.16 -3.43
CA ARG E 860 57.81 -91.22 -4.52
C ARG E 860 56.77 -90.16 -4.16
N GLY E 861 55.73 -90.57 -3.43
CA GLY E 861 54.76 -89.60 -2.94
C GLY E 861 55.39 -88.60 -1.99
N VAL E 862 56.29 -89.06 -1.12
CA VAL E 862 56.91 -88.16 -0.16
C VAL E 862 57.88 -87.21 -0.85
N MET E 863 58.57 -87.68 -1.89
CA MET E 863 59.43 -86.78 -2.65
C MET E 863 58.62 -85.77 -3.44
N LEU E 864 57.44 -86.16 -3.93
CA LEU E 864 56.53 -85.18 -4.51
C LEU E 864 56.07 -84.18 -3.46
N TRP E 865 55.79 -84.66 -2.25
CA TRP E 865 55.41 -83.78 -1.15
C TRP E 865 56.51 -82.76 -0.89
N LYS E 866 57.76 -83.22 -0.84
CA LYS E 866 58.87 -82.31 -0.59
C LYS E 866 59.05 -81.33 -1.75
N GLU E 867 58.92 -81.80 -2.98
CA GLU E 867 59.07 -80.92 -4.14
C GLU E 867 57.99 -79.84 -4.14
N PHE E 868 56.75 -80.21 -3.81
CA PHE E 868 55.70 -79.21 -3.72
C PHE E 868 55.93 -78.28 -2.53
N ASP E 869 56.53 -78.79 -1.45
CA ASP E 869 56.88 -77.93 -0.33
C ASP E 869 57.90 -76.87 -0.77
N GLU E 870 58.87 -77.28 -1.56
CA GLU E 870 59.97 -76.40 -1.93
C GLU E 870 59.69 -75.56 -3.18
N THR E 871 58.63 -75.84 -3.93
CA THR E 871 58.33 -75.09 -5.15
C THR E 871 56.93 -74.49 -5.22
N ILE E 872 55.96 -74.93 -4.42
CA ILE E 872 54.57 -74.51 -4.57
C ILE E 872 54.03 -73.95 -3.26
N PHE E 873 54.12 -74.73 -2.18
CA PHE E 873 53.42 -74.39 -0.96
C PHE E 873 54.02 -73.15 -0.29
N ASN E 874 55.35 -73.02 -0.31
CA ASN E 874 55.97 -71.90 0.38
C ASN E 874 55.68 -70.56 -0.27
N LEU E 875 55.28 -70.55 -1.54
CA LEU E 875 55.06 -69.29 -2.23
C LEU E 875 53.88 -68.55 -1.62
N PRO E 876 53.85 -67.23 -1.75
CA PRO E 876 52.75 -66.47 -1.14
C PRO E 876 51.40 -66.78 -1.80
N LYS E 877 50.35 -66.38 -1.10
CA LYS E 877 48.99 -66.71 -1.54
C LYS E 877 48.69 -66.07 -2.90
N ASN E 878 49.15 -64.84 -3.11
CA ASN E 878 48.93 -64.20 -4.40
C ASN E 878 49.61 -64.97 -5.53
N LYS E 879 50.72 -65.64 -5.25
CA LYS E 879 51.47 -66.38 -6.25
C LYS E 879 51.05 -67.84 -6.36
N LEU E 880 50.26 -68.36 -5.43
CA LEU E 880 49.92 -69.78 -5.48
C LEU E 880 48.97 -70.13 -6.62
N VAL E 881 48.06 -69.24 -6.99
CA VAL E 881 47.08 -69.57 -8.03
C VAL E 881 47.72 -69.54 -9.42
N PRO E 882 48.46 -68.48 -9.79
CA PRO E 882 49.10 -68.51 -11.13
C PRO E 882 50.06 -69.67 -11.32
N THR E 883 50.83 -70.04 -10.30
CA THR E 883 51.77 -71.13 -10.46
C THR E 883 51.04 -72.48 -10.59
N LEU E 884 49.94 -72.64 -9.88
CA LEU E 884 49.15 -73.86 -10.04
C LEU E 884 48.55 -73.94 -11.43
N GLU E 885 48.06 -72.81 -11.94
CA GLU E 885 47.57 -72.78 -13.33
C GLU E 885 48.68 -73.13 -14.31
N ALA E 886 49.87 -72.57 -14.09
CA ALA E 886 50.99 -72.81 -15.02
C ALA E 886 51.43 -74.26 -14.99
N LYS E 887 51.62 -74.83 -13.81
CA LYS E 887 52.13 -76.19 -13.65
C LYS E 887 50.99 -77.19 -13.41
N ARG E 888 49.79 -76.88 -13.89
CA ARG E 888 48.67 -77.80 -13.78
C ARG E 888 49.01 -79.16 -14.38
N ASP E 889 49.53 -79.17 -15.61
CA ASP E 889 49.81 -80.43 -16.29
C ASP E 889 50.88 -81.23 -15.55
N TYR E 890 51.95 -80.56 -15.12
CA TYR E 890 53.00 -81.25 -14.38
C TYR E 890 52.50 -81.76 -13.05
N ILE E 891 51.73 -80.94 -12.32
CA ILE E 891 51.21 -81.37 -11.02
C ILE E 891 50.29 -82.56 -11.19
N ILE E 892 49.43 -82.53 -12.21
CA ILE E 892 48.50 -83.63 -12.43
C ILE E 892 49.27 -84.90 -12.79
N SER E 893 50.28 -84.77 -13.63
CA SER E 893 51.09 -85.93 -14.01
C SER E 893 51.74 -86.54 -12.78
N ARG E 894 52.32 -85.70 -11.93
CA ARG E 894 53.00 -86.21 -10.74
C ARG E 894 52.02 -86.83 -9.75
N LEU E 895 50.85 -86.20 -9.55
CA LEU E 895 49.85 -86.77 -8.66
C LEU E 895 49.40 -88.13 -9.15
N ASN E 896 49.14 -88.26 -10.45
CA ASN E 896 48.66 -89.53 -10.98
C ASN E 896 49.73 -90.60 -10.96
N ALA E 897 51.00 -90.22 -11.14
CA ALA E 897 52.06 -91.20 -11.24
C ALA E 897 52.65 -91.62 -9.90
N ASP E 898 52.68 -90.72 -8.91
CA ASP E 898 53.56 -90.91 -7.76
C ASP E 898 52.91 -90.62 -6.41
N PHE E 899 51.64 -90.20 -6.36
CA PHE E 899 51.02 -89.78 -5.12
C PHE E 899 49.78 -90.63 -4.80
N GLN E 900 49.57 -90.85 -3.51
CA GLN E 900 48.45 -91.65 -3.03
C GLN E 900 47.11 -91.01 -3.36
N LYS E 901 47.06 -89.67 -3.47
CA LYS E 901 45.87 -88.96 -3.91
C LYS E 901 46.09 -88.58 -5.38
N PRO E 902 45.65 -89.39 -6.34
CA PRO E 902 45.82 -89.00 -7.74
C PRO E 902 44.91 -87.86 -8.10
N TRP E 903 45.21 -87.22 -9.22
CA TRP E 903 44.29 -86.26 -9.81
C TRP E 903 42.98 -86.97 -10.12
N PHE E 904 41.87 -86.41 -9.62
CA PHE E 904 40.59 -87.09 -9.78
C PHE E 904 40.19 -87.18 -11.24
N ALA E 905 40.25 -86.07 -11.96
CA ALA E 905 39.77 -86.03 -13.34
C ALA E 905 40.79 -86.68 -14.27
N THR E 906 40.88 -88.01 -14.15
CA THR E 906 41.75 -88.84 -14.97
C THR E 906 40.93 -90.03 -15.41
N VAL E 907 40.57 -90.08 -16.68
CA VAL E 907 39.71 -91.12 -17.24
C VAL E 907 40.58 -92.02 -18.11
N ASN E 908 40.75 -93.27 -17.68
CA ASN E 908 41.54 -94.25 -18.41
C ASN E 908 42.95 -93.74 -18.67
N GLY E 909 43.52 -93.05 -17.68
CA GLY E 909 44.87 -92.56 -17.74
C GLY E 909 45.03 -91.20 -18.40
N GLN E 910 43.97 -90.65 -18.99
CA GLN E 910 44.06 -89.36 -19.67
C GLN E 910 43.73 -88.25 -18.69
N ALA E 911 44.71 -87.40 -18.42
CA ALA E 911 44.46 -86.25 -17.55
C ALA E 911 43.36 -85.39 -18.14
N ARG E 912 42.38 -85.05 -17.31
CA ARG E 912 41.20 -84.35 -17.75
C ARG E 912 40.83 -83.34 -16.65
N ASP E 913 39.63 -82.81 -16.74
CA ASP E 913 39.12 -81.88 -15.75
C ASP E 913 37.71 -82.30 -15.35
N LEU E 914 37.34 -81.88 -14.14
CA LEU E 914 36.01 -82.17 -13.61
C LEU E 914 34.93 -81.62 -14.53
N ALA E 915 35.21 -80.49 -15.19
CA ALA E 915 34.31 -79.91 -16.17
C ALA E 915 34.39 -80.60 -17.52
N THR E 916 35.43 -81.39 -17.76
CA THR E 916 35.65 -82.08 -19.02
C THR E 916 35.39 -83.58 -18.91
N MET E 917 34.82 -84.04 -17.81
CA MET E 917 34.43 -85.44 -17.68
C MET E 917 32.91 -85.53 -17.61
N THR E 918 32.38 -86.67 -18.01
CA THR E 918 30.94 -86.90 -17.97
C THR E 918 30.52 -87.43 -16.61
N TYR E 919 29.21 -87.49 -16.39
CA TYR E 919 28.68 -87.99 -15.12
C TYR E 919 29.04 -89.45 -14.91
N GLU E 920 28.95 -90.26 -15.96
CA GLU E 920 29.35 -91.66 -15.86
C GLU E 920 30.83 -91.78 -15.56
N GLU E 921 31.66 -90.94 -16.20
CA GLU E 921 33.08 -90.97 -15.92
C GLU E 921 33.36 -90.61 -14.47
N VAL E 922 32.64 -89.62 -13.93
CA VAL E 922 32.83 -89.22 -12.54
C VAL E 922 32.43 -90.35 -11.61
N ALA E 923 31.30 -91.00 -11.87
CA ALA E 923 30.87 -92.11 -11.05
C ALA E 923 31.88 -93.26 -11.11
N LYS E 924 32.37 -93.57 -12.30
CA LYS E 924 33.34 -94.64 -12.47
C LYS E 924 34.63 -94.32 -11.74
N ARG E 925 35.09 -93.08 -11.82
CA ARG E 925 36.30 -92.67 -11.11
C ARG E 925 36.10 -92.77 -9.61
N LEU E 926 34.92 -92.37 -9.13
CA LEU E 926 34.65 -92.47 -7.70
C LEU E 926 34.67 -93.93 -7.25
N VAL E 927 34.06 -94.82 -8.03
CA VAL E 927 34.10 -96.24 -7.68
C VAL E 927 35.52 -96.75 -7.71
N GLU E 928 36.31 -96.35 -8.72
CA GLU E 928 37.68 -96.82 -8.81
C GLU E 928 38.50 -96.39 -7.61
N LEU E 929 38.31 -95.15 -7.15
CA LEU E 929 39.14 -94.60 -6.09
C LEU E 929 38.58 -94.78 -4.68
N MET E 930 37.35 -95.27 -4.53
CA MET E 930 36.75 -95.41 -3.21
C MET E 930 36.26 -96.81 -2.91
N PHE E 931 35.96 -97.62 -3.92
CA PHE E 931 35.50 -98.98 -3.73
C PHE E 931 36.63 -99.94 -4.05
N ILE E 932 36.93 -100.84 -3.12
CA ILE E 932 38.06 -101.75 -3.22
C ILE E 932 37.56 -103.10 -3.74
N ARG E 933 38.15 -103.55 -4.85
CA ARG E 933 37.69 -104.77 -5.50
C ARG E 933 38.14 -106.01 -4.73
N SER E 934 39.35 -105.99 -4.16
CA SER E 934 39.87 -107.17 -3.47
C SER E 934 38.99 -107.52 -2.28
N THR E 935 38.60 -106.52 -1.49
CA THR E 935 37.67 -106.72 -0.38
C THR E 935 36.22 -106.68 -0.82
N ASN E 936 35.93 -106.25 -2.05
CA ASN E 936 34.58 -106.20 -2.57
C ASN E 936 33.68 -105.33 -1.69
N SER E 937 34.23 -104.21 -1.20
CA SER E 937 33.47 -103.34 -0.32
C SER E 937 34.05 -101.93 -0.39
N TRP E 938 33.23 -100.98 0.04
CA TRP E 938 33.69 -99.60 0.16
C TRP E 938 34.68 -99.47 1.30
N PHE E 939 35.73 -98.68 1.08
CA PHE E 939 36.72 -98.49 2.14
C PHE E 939 36.14 -97.70 3.29
N ASP E 940 35.20 -96.80 3.00
CA ASP E 940 34.59 -95.97 4.03
C ASP E 940 33.14 -95.70 3.68
N VAL E 941 32.28 -95.80 4.71
CA VAL E 941 30.87 -95.53 4.52
C VAL E 941 30.64 -94.08 4.10
N THR E 942 31.51 -93.17 4.54
CA THR E 942 31.38 -91.78 4.11
C THR E 942 31.68 -91.63 2.62
N TRP E 943 32.66 -92.37 2.11
CA TRP E 943 32.89 -92.38 0.66
C TRP E 943 31.71 -93.00 -0.07
N ARG E 944 31.13 -94.06 0.50
CA ARG E 944 29.95 -94.66 -0.10
C ARG E 944 28.81 -93.64 -0.17
N THR E 945 28.61 -92.88 0.91
CA THR E 945 27.60 -91.83 0.92
C THR E 945 27.91 -90.76 -0.10
N PHE E 946 29.19 -90.42 -0.25
CA PHE E 946 29.61 -89.46 -1.27
C PHE E 946 29.17 -89.91 -2.65
N THR E 947 29.50 -91.15 -3.01
CA THR E 947 29.17 -91.65 -4.34
C THR E 947 27.65 -91.74 -4.54
N GLY E 948 26.93 -92.19 -3.51
CA GLY E 948 25.48 -92.24 -3.62
C GLY E 948 24.87 -90.86 -3.77
N ASP E 949 25.40 -89.88 -3.05
CA ASP E 949 24.93 -88.51 -3.19
C ASP E 949 25.18 -88.01 -4.60
N PHE E 950 26.34 -88.33 -5.16
CA PHE E 950 26.61 -87.91 -6.54
C PHE E 950 25.63 -88.54 -7.51
N LEU E 951 25.34 -89.83 -7.34
CA LEU E 951 24.39 -90.50 -8.23
C LEU E 951 23.00 -89.90 -8.09
N ARG E 952 22.61 -89.56 -6.86
CA ARG E 952 21.32 -88.91 -6.67
C ARG E 952 21.29 -87.55 -7.34
N ARG E 953 22.41 -86.83 -7.30
CA ARG E 953 22.50 -85.56 -8.02
C ARG E 953 22.39 -85.77 -9.52
N VAL E 954 23.00 -86.84 -10.04
CA VAL E 954 22.88 -87.17 -11.46
C VAL E 954 21.41 -87.41 -11.82
N GLU E 955 20.71 -88.16 -10.97
CA GLU E 955 19.30 -88.44 -11.21
C GLU E 955 18.49 -87.14 -11.18
N GLU E 956 18.79 -86.26 -10.23
CA GLU E 956 18.10 -84.97 -10.17
C GLU E 956 18.34 -84.18 -11.44
N ARG E 957 19.58 -84.13 -11.90
CA ARG E 957 19.93 -83.32 -13.06
C ARG E 957 19.26 -83.83 -14.33
N PHE E 958 19.17 -85.16 -14.48
CA PHE E 958 18.77 -85.74 -15.75
C PHE E 958 17.35 -86.29 -15.77
N THR E 959 16.64 -86.26 -14.64
CA THR E 959 15.24 -86.61 -14.61
C THR E 959 14.43 -85.40 -15.08
N LYS E 960 13.40 -85.65 -15.87
CA LYS E 960 12.55 -84.60 -16.39
C LYS E 960 11.40 -84.24 -15.47
N SER E 961 11.12 -85.05 -14.45
CA SER E 961 10.01 -84.80 -13.55
C SER E 961 10.24 -85.61 -12.27
N LYS E 962 9.22 -85.63 -11.41
CA LYS E 962 9.25 -86.45 -10.21
C LYS E 962 9.45 -87.92 -10.58
N THR E 963 10.25 -88.61 -9.78
CA THR E 963 10.43 -90.05 -9.95
C THR E 963 11.10 -90.61 -8.71
N LEU E 964 10.83 -91.89 -8.45
CA LEU E 964 11.49 -92.57 -7.34
C LEU E 964 12.99 -92.62 -7.59
N SER E 965 13.76 -92.39 -6.54
CA SER E 965 15.20 -92.54 -6.64
C SER E 965 15.56 -93.98 -6.98
N LEU E 966 16.44 -94.16 -7.96
CA LEU E 966 16.92 -95.49 -8.28
C LEU E 966 17.73 -96.08 -7.13
N ILE E 967 18.56 -95.27 -6.49
CA ILE E 967 19.27 -95.66 -5.28
C ILE E 967 18.41 -95.19 -4.13
N GLN E 968 17.56 -96.09 -3.62
CA GLN E 968 16.73 -95.77 -2.47
C GLN E 968 17.51 -95.90 -1.17
N SER E 969 18.31 -96.96 -1.07
CA SER E 969 19.21 -97.17 0.05
C SER E 969 20.63 -97.11 -0.47
N TYR E 970 21.52 -96.52 0.33
CA TYR E 970 22.93 -96.54 -0.03
C TYR E 970 23.51 -97.95 -0.04
N SER E 971 22.87 -98.90 0.65
CA SER E 971 23.38 -100.26 0.70
C SER E 971 23.43 -100.90 -0.68
N LEU E 972 22.65 -100.39 -1.64
CA LEU E 972 22.69 -100.93 -2.99
C LEU E 972 24.05 -100.72 -3.65
N LEU E 973 24.85 -99.77 -3.17
CA LEU E 973 26.16 -99.52 -3.74
C LEU E 973 27.19 -100.59 -3.40
N ASP E 974 26.82 -101.64 -2.66
CA ASP E 974 27.74 -102.75 -2.45
C ASP E 974 28.03 -103.50 -3.74
N LYS E 975 27.25 -103.27 -4.80
CA LYS E 975 27.58 -103.66 -6.17
C LYS E 975 27.60 -102.36 -6.97
N PRO E 976 28.68 -101.57 -6.85
CA PRO E 976 28.69 -100.24 -7.47
C PRO E 976 28.62 -100.26 -8.98
N ASP E 977 29.23 -101.26 -9.63
CA ASP E 977 29.12 -101.35 -11.09
C ASP E 977 27.67 -101.53 -11.50
N GLU E 978 26.94 -102.40 -10.81
CA GLU E 978 25.54 -102.61 -11.13
C GLU E 978 24.72 -101.36 -10.85
N ALA E 979 25.00 -100.68 -9.74
CA ALA E 979 24.26 -99.46 -9.42
C ALA E 979 24.50 -98.37 -10.47
N ILE E 980 25.76 -98.20 -10.88
CA ILE E 980 26.07 -97.20 -11.91
C ILE E 980 25.42 -97.58 -13.22
N GLU E 981 25.48 -98.86 -13.59
CA GLU E 981 24.88 -99.29 -14.85
C GLU E 981 23.39 -99.03 -14.83
N LYS E 982 22.72 -99.32 -13.71
CA LYS E 982 21.30 -99.05 -13.61
C LYS E 982 21.00 -97.57 -13.73
N VAL E 983 21.75 -96.73 -13.00
CA VAL E 983 21.48 -95.30 -12.98
C VAL E 983 21.67 -94.71 -14.38
N PHE E 984 22.77 -95.04 -15.04
CA PHE E 984 23.06 -94.45 -16.32
C PHE E 984 22.39 -95.17 -17.49
N ASN E 985 21.74 -96.31 -17.25
CA ASN E 985 20.80 -96.85 -18.23
C ASN E 985 19.45 -96.16 -18.10
N ALA E 986 19.06 -95.80 -16.87
CA ALA E 986 17.85 -95.03 -16.70
C ALA E 986 18.01 -93.62 -17.23
N TYR E 987 19.21 -93.07 -17.17
CA TYR E 987 19.51 -91.72 -17.66
C TYR E 987 20.70 -91.79 -18.62
N PRO E 988 20.49 -92.34 -19.82
CA PRO E 988 21.62 -92.48 -20.76
C PRO E 988 22.19 -91.15 -21.21
N ALA E 989 21.45 -90.06 -21.09
CA ALA E 989 21.95 -88.76 -21.51
C ALA E 989 23.13 -88.31 -20.66
N ALA E 990 23.31 -88.87 -19.47
CA ALA E 990 24.40 -88.49 -18.59
C ALA E 990 25.72 -89.18 -18.93
N ARG E 991 25.70 -90.17 -19.83
CA ARG E 991 26.93 -90.91 -20.15
C ARG E 991 27.88 -90.12 -21.04
N GLU E 992 27.36 -89.26 -21.90
CA GLU E 992 28.15 -88.53 -22.89
C GLU E 992 27.91 -87.03 -22.74
N GLN E 993 28.00 -86.55 -21.50
CA GLN E 993 27.60 -85.18 -21.17
C GLN E 993 28.47 -84.71 -20.02
N PHE E 994 29.30 -83.70 -20.29
CA PHE E 994 30.22 -83.20 -19.28
C PHE E 994 29.44 -82.69 -18.07
N LEU E 995 30.12 -82.64 -16.93
CA LEU E 995 29.46 -82.20 -15.71
C LEU E 995 28.95 -80.77 -15.87
N ASN E 996 27.70 -80.55 -15.48
CA ASN E 996 27.19 -79.19 -15.35
C ASN E 996 28.00 -78.45 -14.29
N ALA E 997 28.21 -77.16 -14.51
CA ALA E 997 29.05 -76.38 -13.62
C ALA E 997 28.47 -76.33 -12.21
N GLN E 998 27.14 -76.35 -12.11
CA GLN E 998 26.50 -76.48 -10.81
C GLN E 998 26.91 -77.77 -10.13
N ASP E 999 26.98 -78.86 -10.88
CA ASP E 999 27.33 -80.15 -10.29
C ASP E 999 28.81 -80.21 -9.96
N ILE E 1000 29.64 -79.48 -10.70
CA ILE E 1000 31.06 -79.38 -10.34
C ILE E 1000 31.20 -78.66 -9.00
N ASP E 1001 30.48 -77.55 -8.84
CA ASP E 1001 30.51 -76.82 -7.58
C ASP E 1001 29.99 -77.69 -6.44
N HIS E 1002 28.91 -78.45 -6.69
CA HIS E 1002 28.38 -79.35 -5.68
C HIS E 1002 29.39 -80.45 -5.33
N PHE E 1003 30.04 -81.02 -6.33
CA PHE E 1003 31.04 -82.06 -6.10
C PHE E 1003 32.18 -81.53 -5.25
N LEU E 1004 32.64 -80.31 -5.52
CA LEU E 1004 33.71 -79.74 -4.72
C LEU E 1004 33.23 -79.45 -3.29
N SER E 1005 32.01 -78.94 -3.14
CA SER E 1005 31.52 -78.64 -1.80
C SER E 1005 31.40 -79.91 -0.98
N MET E 1006 30.90 -80.98 -1.58
CA MET E 1006 30.73 -82.23 -0.85
C MET E 1006 32.04 -83.02 -0.78
N CYS E 1007 33.06 -82.62 -1.54
CA CYS E 1007 34.43 -83.03 -1.22
C CYS E 1007 34.94 -82.32 0.03
N GLN E 1008 34.56 -81.05 0.21
CA GLN E 1008 34.96 -80.26 1.36
C GLN E 1008 34.05 -80.47 2.57
N ASN E 1009 33.05 -81.34 2.47
CA ASN E 1009 32.16 -81.64 3.59
C ASN E 1009 32.96 -82.11 4.81
N PRO E 1010 32.77 -81.54 6.01
CA PRO E 1010 33.63 -81.97 7.13
C PRO E 1010 33.23 -83.29 7.74
N MET E 1011 31.94 -83.64 7.73
CA MET E 1011 31.47 -84.90 8.32
C MET E 1011 31.62 -86.03 7.31
N GLN E 1012 32.86 -86.24 6.89
CA GLN E 1012 33.18 -87.16 5.82
C GLN E 1012 34.67 -87.42 5.84
N LYS E 1013 35.06 -88.65 5.53
CA LYS E 1013 36.48 -88.94 5.40
C LYS E 1013 37.05 -88.16 4.22
N PRO E 1014 38.21 -87.51 4.36
CA PRO E 1014 38.78 -86.77 3.23
C PRO E 1014 38.98 -87.67 2.01
N VAL E 1015 38.61 -87.15 0.85
CA VAL E 1015 38.53 -87.93 -0.38
C VAL E 1015 39.93 -88.34 -0.82
N PRO E 1016 40.11 -89.53 -1.44
CA PRO E 1016 41.45 -89.99 -1.82
C PRO E 1016 41.89 -89.47 -3.19
N PHE E 1017 41.79 -88.17 -3.39
CA PHE E 1017 42.19 -87.57 -4.66
C PHE E 1017 42.19 -86.05 -4.49
N VAL E 1018 42.78 -85.38 -5.48
CA VAL E 1018 42.72 -83.93 -5.60
C VAL E 1018 41.64 -83.60 -6.62
N PRO E 1019 40.52 -82.96 -6.23
CA PRO E 1019 39.47 -82.71 -7.22
C PRO E 1019 39.76 -81.52 -8.11
N VAL E 1020 40.43 -80.49 -7.58
CA VAL E 1020 40.80 -79.30 -8.34
C VAL E 1020 42.14 -78.80 -7.83
N LEU E 1021 42.78 -77.95 -8.63
CA LEU E 1021 44.00 -77.24 -8.23
C LEU E 1021 43.63 -75.79 -7.96
N ASP E 1022 43.57 -75.42 -6.68
CA ASP E 1022 43.17 -74.08 -6.28
C ASP E 1022 43.88 -73.74 -4.97
N ARG E 1023 43.41 -72.68 -4.29
CA ARG E 1023 44.04 -72.26 -3.05
C ARG E 1023 44.05 -73.37 -2.01
N ARG E 1024 43.05 -74.25 -2.02
CA ARG E 1024 42.95 -75.36 -1.09
C ARG E 1024 43.69 -76.60 -1.56
N PHE E 1025 44.56 -76.48 -2.57
CA PHE E 1025 45.27 -77.64 -3.09
C PHE E 1025 46.18 -78.23 -2.02
N GLU E 1026 46.83 -77.38 -1.22
CA GLU E 1026 47.68 -77.90 -0.16
C GLU E 1026 46.87 -78.71 0.85
N ILE E 1027 45.68 -78.22 1.19
CA ILE E 1027 44.82 -78.96 2.12
C ILE E 1027 44.45 -80.31 1.52
N PHE E 1028 44.04 -80.32 0.25
CA PHE E 1028 43.67 -81.58 -0.40
C PHE E 1028 44.85 -82.53 -0.48
N PHE E 1029 46.04 -81.98 -0.74
CA PHE E 1029 47.24 -82.80 -0.95
C PHE E 1029 47.72 -83.42 0.35
N LYS E 1030 47.71 -82.66 1.45
CA LYS E 1030 48.32 -83.09 2.70
C LYS E 1030 47.34 -83.75 3.66
N LYS E 1031 46.05 -83.44 3.58
CA LYS E 1031 45.11 -83.96 4.58
C LYS E 1031 44.95 -85.46 4.44
N ASP E 1032 44.91 -86.15 5.58
CA ASP E 1032 44.58 -87.57 5.66
C ASP E 1032 45.60 -88.43 4.92
N SER E 1033 46.88 -88.21 5.25
CA SER E 1033 47.97 -88.81 4.50
C SER E 1033 48.63 -89.97 5.24
N LEU E 1034 48.05 -90.44 6.34
CA LEU E 1034 48.66 -91.45 7.19
C LEU E 1034 48.07 -92.84 7.05
N TRP E 1035 46.77 -92.95 6.78
CA TRP E 1035 46.12 -94.25 6.76
C TRP E 1035 46.52 -95.11 5.55
N GLN E 1036 46.99 -94.49 4.46
CA GLN E 1036 47.33 -95.25 3.27
C GLN E 1036 48.52 -96.18 3.52
N SER E 1037 49.35 -95.88 4.52
CA SER E 1037 50.46 -96.76 4.84
C SER E 1037 49.97 -98.13 5.26
N GLU E 1038 48.96 -98.18 6.11
CA GLU E 1038 48.40 -99.44 6.59
C GLU E 1038 47.27 -99.98 5.73
N HIS E 1039 46.79 -99.19 4.77
CA HIS E 1039 45.67 -99.59 3.91
C HIS E 1039 46.04 -99.46 2.44
N LEU E 1040 47.15 -100.10 2.05
CA LEU E 1040 47.61 -100.05 0.66
C LEU E 1040 46.58 -100.60 -0.31
N GLU E 1041 45.65 -101.43 0.15
CA GLU E 1041 44.62 -101.96 -0.74
C GLU E 1041 43.75 -100.85 -1.34
N ALA E 1042 43.71 -99.68 -0.72
CA ALA E 1042 42.99 -98.52 -1.23
C ALA E 1042 43.90 -97.51 -1.90
N VAL E 1043 44.87 -98.00 -2.68
CA VAL E 1043 45.81 -97.14 -3.40
C VAL E 1043 45.76 -97.55 -4.87
N VAL E 1044 46.19 -96.63 -5.73
CA VAL E 1044 45.95 -96.77 -7.17
C VAL E 1044 46.51 -98.10 -7.70
N ASP E 1045 47.76 -98.40 -7.35
CA ASP E 1045 48.37 -99.66 -7.74
C ASP E 1045 48.80 -100.48 -6.51
N GLN E 1046 48.29 -100.14 -5.33
CA GLN E 1046 48.73 -100.75 -4.08
C GLN E 1046 50.23 -100.58 -3.90
N ASP E 1047 50.75 -99.45 -4.37
CA ASP E 1047 52.18 -99.18 -4.38
C ASP E 1047 52.53 -98.36 -3.14
N VAL E 1048 53.51 -98.86 -2.38
CA VAL E 1048 54.01 -98.11 -1.24
C VAL E 1048 54.64 -96.80 -1.67
N GLN E 1049 55.17 -96.73 -2.89
CA GLN E 1049 55.86 -95.53 -3.34
C GLN E 1049 54.93 -94.33 -3.40
N ARG E 1050 53.62 -94.54 -3.41
CA ARG E 1050 52.67 -93.45 -3.41
C ARG E 1050 52.33 -92.96 -2.02
N THR E 1051 52.49 -93.79 -1.00
CA THR E 1051 51.98 -93.51 0.33
C THR E 1051 53.05 -92.82 1.19
N CYS E 1052 52.61 -92.34 2.35
CA CYS E 1052 53.45 -91.60 3.28
C CYS E 1052 53.59 -92.40 4.57
N ILE E 1053 54.81 -92.86 4.85
CA ILE E 1053 55.11 -93.63 6.05
C ILE E 1053 56.06 -92.82 6.90
N LEU E 1054 55.61 -92.44 8.09
CA LEU E 1054 56.45 -91.74 9.05
C LEU E 1054 57.48 -92.72 9.63
N HIS E 1055 58.73 -92.27 9.72
CA HIS E 1055 59.80 -93.16 10.19
C HIS E 1055 60.97 -92.32 10.66
N GLY E 1056 61.81 -92.93 11.51
CA GLY E 1056 62.95 -92.25 12.07
C GLY E 1056 64.24 -92.58 11.34
N PRO E 1057 64.99 -91.58 10.87
CA PRO E 1057 66.21 -91.90 10.10
C PRO E 1057 67.26 -92.64 10.91
N VAL E 1058 67.36 -92.36 12.21
CA VAL E 1058 68.35 -93.06 13.03
C VAL E 1058 67.82 -94.41 13.48
N ALA E 1059 66.54 -94.48 13.86
CA ALA E 1059 65.96 -95.75 14.28
C ALA E 1059 65.83 -96.73 13.13
N ALA E 1060 65.92 -96.25 11.89
CA ALA E 1060 65.84 -97.15 10.74
C ALA E 1060 67.05 -98.07 10.64
N GLN E 1061 68.15 -97.76 11.33
CA GLN E 1061 69.32 -98.63 11.28
C GLN E 1061 69.02 -100.01 11.85
N PHE E 1062 68.24 -100.05 12.93
CA PHE E 1062 67.97 -101.28 13.66
C PHE E 1062 66.67 -101.95 13.20
N THR E 1063 66.00 -101.40 12.19
CA THR E 1063 64.77 -101.97 11.65
C THR E 1063 65.14 -102.76 10.39
N LYS E 1064 65.48 -104.03 10.59
CA LYS E 1064 65.86 -104.94 9.51
C LYS E 1064 64.90 -106.10 9.37
N VAL E 1065 64.66 -106.84 10.45
CA VAL E 1065 63.83 -108.05 10.39
C VAL E 1065 62.38 -107.63 10.29
N ILE E 1066 61.64 -108.30 9.40
CA ILE E 1066 60.24 -107.98 9.12
C ILE E 1066 59.35 -109.02 9.78
N ASP E 1067 58.18 -108.56 10.24
CA ASP E 1067 57.12 -109.40 10.78
C ASP E 1067 57.53 -110.08 12.10
N GLU E 1068 58.60 -109.63 12.74
CA GLU E 1068 58.99 -110.15 14.04
C GLU E 1068 58.03 -109.61 15.09
N PRO E 1069 57.35 -110.47 15.86
CA PRO E 1069 56.30 -109.95 16.77
C PRO E 1069 56.87 -109.00 17.80
N ILE E 1070 56.02 -108.05 18.22
CA ILE E 1070 56.45 -107.04 19.17
C ILE E 1070 56.86 -107.70 20.48
N LYS E 1071 56.20 -108.79 20.85
CA LYS E 1071 56.64 -109.58 21.98
C LYS E 1071 58.10 -109.98 21.83
N SER E 1072 58.45 -110.52 20.65
CA SER E 1072 59.84 -110.94 20.42
C SER E 1072 60.79 -109.75 20.45
N ILE E 1073 60.42 -108.63 19.83
CA ILE E 1073 61.33 -107.49 19.74
C ILE E 1073 61.60 -106.91 21.13
N MET E 1074 60.54 -106.66 21.90
CA MET E 1074 60.72 -106.08 23.22
C MET E 1074 61.37 -107.06 24.19
N ASP E 1075 61.04 -108.35 24.08
CA ASP E 1075 61.73 -109.33 24.92
C ASP E 1075 63.21 -109.38 24.57
N GLY E 1076 63.54 -109.25 23.30
CA GLY E 1076 64.95 -109.20 22.93
C GLY E 1076 65.66 -108.01 23.54
N ILE E 1077 65.04 -106.83 23.47
CA ILE E 1077 65.66 -105.63 24.04
C ILE E 1077 65.80 -105.77 25.55
N HIS E 1078 64.74 -106.24 26.21
CA HIS E 1078 64.77 -106.39 27.66
C HIS E 1078 65.78 -107.43 28.09
N ASP E 1079 65.86 -108.54 27.37
CA ASP E 1079 66.84 -109.58 27.71
C ASP E 1079 68.25 -109.10 27.46
N GLY E 1080 68.46 -108.29 26.42
CA GLY E 1080 69.76 -107.70 26.22
C GLY E 1080 70.16 -106.83 27.39
N HIS E 1081 69.25 -105.96 27.83
CA HIS E 1081 69.52 -105.14 29.00
C HIS E 1081 69.81 -106.00 30.22
N ILE E 1082 69.03 -107.06 30.40
CA ILE E 1082 69.19 -107.90 31.59
C ILE E 1082 70.55 -108.59 31.57
N LYS E 1083 70.94 -109.17 30.43
CA LYS E 1083 72.20 -109.91 30.40
C LYS E 1083 73.38 -108.96 30.54
N LYS E 1084 73.30 -107.79 29.92
CA LYS E 1084 74.41 -106.83 30.05
C LYS E 1084 74.53 -106.32 31.49
N LEU E 1085 73.40 -106.01 32.12
CA LEU E 1085 73.42 -105.60 33.52
C LEU E 1085 73.92 -106.73 34.41
N LEU E 1086 73.52 -107.97 34.13
CA LEU E 1086 73.96 -109.09 34.94
C LEU E 1086 75.47 -109.27 34.83
N HIS E 1087 76.01 -109.16 33.62
CA HIS E 1087 77.45 -109.28 33.44
C HIS E 1087 78.19 -108.15 34.16
N GLN E 1088 77.66 -106.93 34.09
CA GLN E 1088 78.40 -105.78 34.61
C GLN E 1088 78.25 -105.65 36.13
N TYR E 1089 77.01 -105.49 36.61
CA TYR E 1089 76.75 -105.12 37.99
C TYR E 1089 76.41 -106.28 38.91
N TYR E 1090 76.18 -107.49 38.37
CA TYR E 1090 75.82 -108.64 39.19
C TYR E 1090 76.71 -109.85 38.93
N GLY E 1091 77.78 -109.70 38.15
CA GLY E 1091 78.73 -110.79 37.97
C GLY E 1091 78.16 -112.02 37.31
N ASP E 1092 77.24 -111.83 36.35
CA ASP E 1092 76.64 -112.93 35.58
C ASP E 1092 75.91 -113.93 36.46
N ASP E 1093 75.54 -113.55 37.68
CA ASP E 1093 74.87 -114.42 38.63
C ASP E 1093 73.45 -113.91 38.84
N GLU E 1094 72.47 -114.73 38.47
CA GLU E 1094 71.07 -114.38 38.71
C GLU E 1094 70.68 -114.56 40.17
N SER E 1095 71.42 -115.34 40.94
CA SER E 1095 71.13 -115.47 42.37
C SER E 1095 71.43 -114.19 43.12
N LYS E 1096 72.27 -113.31 42.57
CA LYS E 1096 72.54 -112.02 43.20
C LYS E 1096 71.43 -111.00 42.98
N ILE E 1097 70.47 -111.28 42.11
CA ILE E 1097 69.35 -110.38 41.85
C ILE E 1097 68.48 -110.35 43.10
N PRO E 1098 68.18 -109.18 43.69
CA PRO E 1098 67.24 -109.17 44.81
C PRO E 1098 65.87 -109.69 44.40
N ALA E 1099 65.24 -110.43 45.31
CA ALA E 1099 63.95 -111.05 45.06
C ALA E 1099 62.89 -110.35 45.89
N VAL E 1100 61.76 -110.03 45.26
CA VAL E 1100 60.59 -109.47 45.92
C VAL E 1100 59.38 -110.29 45.48
N GLU E 1101 58.31 -110.20 46.26
CA GLU E 1101 57.11 -110.95 45.93
C GLU E 1101 56.50 -110.43 44.63
N TYR E 1102 56.29 -109.12 44.54
CA TYR E 1102 55.78 -108.48 43.34
C TYR E 1102 56.54 -107.19 43.10
N PHE E 1103 56.69 -106.84 41.83
CA PHE E 1103 57.50 -105.69 41.42
C PHE E 1103 56.61 -104.67 40.75
N GLY E 1104 56.38 -103.54 41.41
CA GLY E 1104 55.57 -102.47 40.86
C GLY E 1104 54.93 -101.66 41.96
N GLY E 1105 54.26 -100.60 41.54
CA GLY E 1105 53.48 -99.79 42.45
C GLY E 1105 54.29 -98.86 43.34
N GLU E 1106 55.59 -98.75 43.11
CA GLU E 1106 56.44 -97.89 43.93
C GLU E 1106 56.48 -96.51 43.30
N SER E 1107 55.99 -95.51 44.03
CA SER E 1107 55.99 -94.16 43.51
C SER E 1107 57.43 -93.65 43.37
N PRO E 1108 57.72 -92.84 42.35
CA PRO E 1108 59.10 -92.32 42.23
C PRO E 1108 59.49 -91.39 43.35
N VAL E 1109 58.52 -90.82 44.08
CA VAL E 1109 58.82 -89.92 45.17
C VAL E 1109 59.21 -90.71 46.41
N GLU E 1122 58.08 -105.94 62.97
CA GLU E 1122 57.57 -106.37 64.26
C GLU E 1122 56.53 -107.48 64.08
N ASP E 1123 56.76 -108.61 64.75
CA ASP E 1123 55.85 -109.74 64.60
C ASP E 1123 54.46 -109.41 65.11
N SER E 1124 54.37 -108.74 66.26
CA SER E 1124 53.10 -108.34 66.85
C SER E 1124 53.14 -106.83 67.10
N ALA E 1125 52.25 -106.10 66.45
CA ALA E 1125 52.24 -104.64 66.49
C ALA E 1125 50.83 -104.13 66.75
N VAL E 1126 50.74 -102.98 67.39
CA VAL E 1126 49.48 -102.30 67.65
C VAL E 1126 49.63 -100.84 67.24
N PHE E 1127 48.69 -100.35 66.43
CA PHE E 1127 48.67 -98.97 65.98
C PHE E 1127 47.31 -98.36 66.32
N LYS E 1128 47.31 -97.09 66.67
CA LYS E 1128 46.09 -96.37 67.03
C LYS E 1128 46.00 -95.10 66.20
N ALA E 1129 44.85 -94.90 65.57
CA ALA E 1129 44.64 -93.76 64.69
C ALA E 1129 44.02 -92.61 65.49
N THR E 1130 44.39 -91.39 65.13
CA THR E 1130 43.84 -90.18 65.73
C THR E 1130 43.59 -89.18 64.61
N SER E 1131 43.01 -88.03 64.99
CA SER E 1131 42.66 -87.04 63.99
C SER E 1131 43.90 -86.44 63.33
N SER E 1132 44.99 -86.34 64.08
CA SER E 1132 46.19 -85.65 63.61
C SER E 1132 47.19 -86.55 62.90
N THR E 1133 46.94 -87.85 62.82
CA THR E 1133 47.89 -88.75 62.17
C THR E 1133 47.92 -88.51 60.66
N ASP E 1134 49.09 -88.71 60.07
CA ASP E 1134 49.24 -88.57 58.62
C ASP E 1134 48.89 -89.89 57.95
N GLU E 1135 48.05 -89.80 56.91
CA GLU E 1135 47.54 -90.99 56.25
C GLU E 1135 48.65 -91.84 55.66
N GLU E 1136 49.64 -91.18 55.03
CA GLU E 1136 50.66 -91.94 54.33
C GLU E 1136 51.52 -92.73 55.30
N SER E 1137 51.88 -92.11 56.43
CA SER E 1137 52.64 -92.84 57.45
C SER E 1137 51.80 -93.96 58.05
N TRP E 1138 50.51 -93.70 58.27
CA TRP E 1138 49.63 -94.73 58.81
C TRP E 1138 49.60 -95.96 57.89
N PHE E 1139 49.42 -95.72 56.59
CA PHE E 1139 49.34 -96.83 55.65
C PHE E 1139 50.69 -97.51 55.47
N LYS E 1140 51.79 -96.74 55.51
CA LYS E 1140 53.11 -97.35 55.45
C LYS E 1140 53.35 -98.27 56.63
N ALA E 1141 52.95 -97.83 57.83
CA ALA E 1141 53.10 -98.66 59.02
C ALA E 1141 52.25 -99.92 58.90
N LEU E 1142 51.01 -99.78 58.42
CA LEU E 1142 50.17 -100.96 58.25
C LEU E 1142 50.77 -101.93 57.25
N ALA E 1143 51.31 -101.42 56.15
CA ALA E 1143 51.89 -102.28 55.11
C ALA E 1143 53.12 -103.01 55.61
N GLY E 1144 54.03 -102.29 56.27
CA GLY E 1144 55.29 -102.89 56.70
C GLY E 1144 56.35 -102.83 55.62
N SER E 1145 57.53 -103.32 55.97
CA SER E 1145 58.69 -103.21 55.08
C SER E 1145 58.70 -104.32 54.04
N GLU E 1146 58.46 -105.56 54.44
CA GLU E 1146 58.59 -106.69 53.55
C GLU E 1146 57.51 -106.62 52.47
N ILE E 1147 57.90 -106.88 51.23
CA ILE E 1147 57.00 -106.81 50.09
C ILE E 1147 56.13 -108.06 50.10
N ASN E 1148 54.82 -107.88 50.20
CA ASN E 1148 53.92 -109.03 50.29
C ASN E 1148 52.48 -108.56 50.03
N TRP E 1149 51.54 -109.48 50.25
CA TRP E 1149 50.13 -109.18 50.04
C TRP E 1149 49.68 -108.03 50.94
N ARG E 1150 50.23 -107.95 52.16
CA ARG E 1150 49.89 -106.85 53.04
C ARG E 1150 50.38 -105.53 52.46
N HIS E 1151 51.59 -105.53 51.91
CA HIS E 1151 52.15 -104.36 51.25
C HIS E 1151 51.21 -103.90 50.14
N ALA E 1152 50.80 -104.83 49.28
CA ALA E 1152 49.89 -104.50 48.20
C ALA E 1152 48.55 -104.00 48.73
N SER E 1153 48.04 -104.64 49.78
CA SER E 1153 46.73 -104.28 50.31
C SER E 1153 46.72 -102.86 50.83
N PHE E 1154 47.78 -102.46 51.52
CA PHE E 1154 47.78 -101.17 52.21
C PHE E 1154 48.49 -100.06 51.44
N LEU E 1155 49.12 -100.36 50.28
CA LEU E 1155 49.77 -99.31 49.49
C LEU E 1155 49.30 -99.26 48.04
N CYS E 1156 48.84 -100.37 47.48
CA CYS E 1156 48.34 -100.33 46.13
C CYS E 1156 47.14 -99.40 46.05
N SER E 1157 47.17 -98.48 45.08
CA SER E 1157 46.14 -97.45 45.01
C SER E 1157 44.84 -97.99 44.43
N PHE E 1158 44.94 -98.93 43.48
CA PHE E 1158 43.78 -99.44 42.77
C PHE E 1158 43.80 -100.97 42.81
N ILE E 1159 42.60 -101.54 42.85
CA ILE E 1159 42.42 -102.98 42.72
C ILE E 1159 41.72 -103.25 41.38
N THR E 1160 41.89 -104.47 40.90
CA THR E 1160 41.39 -104.87 39.60
C THR E 1160 40.03 -105.53 39.75
N GLN E 1161 39.02 -104.95 39.11
CA GLN E 1161 37.71 -105.56 39.01
C GLN E 1161 37.76 -106.61 37.90
N ASP E 1162 36.61 -107.03 37.38
CA ASP E 1162 36.57 -108.04 36.33
C ASP E 1162 37.53 -107.70 35.20
N LYS E 1163 37.50 -106.46 34.72
CA LYS E 1163 38.58 -105.96 33.87
C LYS E 1163 38.87 -104.48 34.12
N MET E 1164 38.37 -103.93 35.23
CA MET E 1164 38.36 -102.50 35.47
C MET E 1164 39.24 -102.20 36.68
N PHE E 1165 39.57 -100.93 36.86
CA PHE E 1165 40.39 -100.46 37.97
C PHE E 1165 39.54 -99.56 38.85
N VAL E 1166 39.51 -99.87 40.15
CA VAL E 1166 38.72 -99.10 41.11
C VAL E 1166 39.58 -98.83 42.34
N SER E 1167 39.17 -97.84 43.11
CA SER E 1167 39.90 -97.46 44.31
C SER E 1167 39.98 -98.63 45.29
N ASN E 1168 41.13 -98.76 45.92
CA ASN E 1168 41.40 -99.92 46.75
C ASN E 1168 40.45 -99.92 47.95
N PRO E 1169 39.57 -100.91 48.11
CA PRO E 1169 38.68 -100.90 49.27
C PRO E 1169 39.41 -101.01 50.59
N ILE E 1170 40.57 -101.70 50.60
CA ILE E 1170 41.28 -101.91 51.85
C ILE E 1170 41.72 -100.57 52.44
N ARG E 1171 42.30 -99.71 51.61
CA ARG E 1171 42.76 -98.41 52.10
C ARG E 1171 41.60 -97.55 52.58
N LYS E 1172 40.50 -97.52 51.82
CA LYS E 1172 39.39 -96.67 52.22
C LYS E 1172 38.70 -97.19 53.47
N VAL E 1173 38.70 -98.51 53.67
CA VAL E 1173 38.15 -99.05 54.92
C VAL E 1173 39.09 -98.76 56.09
N PHE E 1174 40.40 -98.90 55.87
CA PHE E 1174 41.39 -98.68 56.92
C PHE E 1174 41.84 -97.21 57.00
N LYS E 1175 41.08 -96.30 56.40
CA LYS E 1175 41.42 -94.88 56.48
C LYS E 1175 41.48 -94.44 57.94
N PRO E 1176 42.56 -93.80 58.38
CA PRO E 1176 42.71 -93.52 59.81
C PRO E 1176 41.64 -92.58 60.33
N SER E 1177 41.18 -92.86 61.55
CA SER E 1177 40.20 -92.02 62.23
C SER E 1177 40.27 -92.32 63.72
N GLN E 1178 39.76 -91.39 64.51
CA GLN E 1178 39.84 -91.52 65.96
C GLN E 1178 39.11 -92.77 66.42
N GLY E 1179 39.74 -93.50 67.34
CA GLY E 1179 39.17 -94.71 67.90
C GLY E 1179 39.54 -95.99 67.18
N MET E 1180 40.17 -95.91 66.01
CA MET E 1180 40.55 -97.09 65.25
C MET E 1180 41.83 -97.66 65.82
N VAL E 1181 41.84 -98.97 66.06
CA VAL E 1181 43.01 -99.68 66.59
C VAL E 1181 43.27 -100.88 65.70
N VAL E 1182 44.46 -100.96 65.14
CA VAL E 1182 44.86 -102.03 64.22
C VAL E 1182 45.92 -102.87 64.91
N GLU E 1183 45.63 -104.16 65.08
CA GLU E 1183 46.56 -105.12 65.65
C GLU E 1183 47.01 -106.07 64.55
N ILE E 1184 48.32 -106.09 64.29
CA ILE E 1184 48.91 -106.98 63.30
C ILE E 1184 49.63 -108.08 64.06
N SER E 1185 49.25 -109.33 63.77
CA SER E 1185 49.85 -110.51 64.38
C SER E 1185 50.54 -111.34 63.31
N ASN E 1186 51.71 -111.87 63.65
CA ASN E 1186 52.52 -112.63 62.71
C ASN E 1186 52.88 -111.77 61.49
N GLY E 1187 53.33 -110.54 61.74
CA GLY E 1187 53.72 -109.66 60.65
C GLY E 1187 54.89 -110.19 59.87
N ASN E 1188 55.83 -110.85 60.55
CA ASN E 1188 57.00 -111.39 59.86
C ASN E 1188 56.61 -112.45 58.84
N THR E 1189 55.69 -113.34 59.21
CA THR E 1189 55.25 -114.42 58.33
C THR E 1189 54.06 -113.92 57.52
N SER E 1190 54.25 -113.77 56.21
CA SER E 1190 53.18 -113.26 55.35
C SER E 1190 52.00 -114.20 55.32
N SER E 1191 52.25 -115.51 55.25
CA SER E 1191 51.17 -116.47 55.12
C SER E 1191 50.24 -116.44 56.33
N LYS E 1192 50.80 -116.33 57.53
CA LYS E 1192 50.02 -116.35 58.76
C LYS E 1192 49.69 -114.95 59.27
N THR E 1193 50.05 -113.89 58.55
CA THR E 1193 49.82 -112.54 59.03
C THR E 1193 48.33 -112.25 59.08
N VAL E 1194 47.89 -111.58 60.15
CA VAL E 1194 46.50 -111.21 60.33
C VAL E 1194 46.45 -109.76 60.84
N VAL E 1195 45.52 -108.99 60.29
CA VAL E 1195 45.36 -107.57 60.64
C VAL E 1195 43.93 -107.37 61.13
N THR E 1196 43.76 -107.14 62.43
CA THR E 1196 42.45 -106.95 63.03
C THR E 1196 42.28 -105.48 63.36
N LEU E 1197 41.28 -104.86 62.74
CA LEU E 1197 40.92 -103.47 62.97
C LEU E 1197 39.67 -103.40 63.81
N SER E 1198 39.75 -102.69 64.94
CA SER E 1198 38.67 -102.54 65.89
C SER E 1198 38.33 -101.07 66.04
N GLU E 1199 37.05 -100.78 66.19
CA GLU E 1199 36.54 -99.44 66.35
C GLU E 1199 35.54 -99.42 67.49
N PRO E 1200 35.27 -98.25 68.08
CA PRO E 1200 34.26 -98.21 69.15
C PRO E 1200 32.87 -98.56 68.64
N VAL E 1201 32.32 -99.66 69.15
CA VAL E 1201 30.99 -100.13 68.79
C VAL E 1201 30.19 -100.29 70.07
N GLN E 1202 29.10 -99.53 70.18
CA GLN E 1202 28.27 -99.53 71.39
C GLN E 1202 29.12 -99.17 72.61
N GLY E 1203 30.02 -98.20 72.43
CA GLY E 1203 30.90 -97.78 73.50
C GLY E 1203 32.17 -98.60 73.55
N GLU E 1204 32.05 -99.91 73.76
CA GLU E 1204 33.22 -100.76 73.88
C GLU E 1204 33.84 -101.02 72.50
N LEU E 1205 35.08 -101.49 72.53
CA LEU E 1205 35.85 -101.76 71.32
C LEU E 1205 35.66 -103.21 70.92
N LYS E 1206 35.21 -103.42 69.69
CA LYS E 1206 35.02 -104.75 69.12
C LYS E 1206 35.67 -104.79 67.75
N PRO E 1207 36.10 -105.97 67.29
CA PRO E 1207 36.68 -106.06 65.95
C PRO E 1207 35.68 -105.65 64.88
N THR E 1208 36.18 -104.96 63.86
CA THR E 1208 35.37 -104.50 62.74
C THR E 1208 35.85 -105.01 61.40
N VAL E 1209 37.15 -105.22 61.23
CA VAL E 1209 37.69 -105.77 59.99
C VAL E 1209 38.79 -106.77 60.35
N ILE E 1210 38.87 -107.84 59.57
CA ILE E 1210 39.95 -108.82 59.72
C ILE E 1210 40.50 -109.07 58.33
N LEU E 1211 41.76 -108.69 58.11
CA LEU E 1211 42.45 -108.91 56.86
C LEU E 1211 43.40 -110.08 57.02
N LYS E 1212 43.31 -111.06 56.12
CA LYS E 1212 44.18 -112.22 56.21
C LYS E 1212 44.29 -112.87 54.84
N LEU E 1213 45.03 -113.97 54.78
CA LEU E 1213 45.18 -114.78 53.57
C LEU E 1213 44.52 -116.12 53.83
N LEU E 1214 43.46 -116.42 53.07
CA LEU E 1214 42.87 -117.76 53.15
C LEU E 1214 43.74 -118.81 52.47
N LYS E 1215 44.42 -118.43 51.39
CA LYS E 1215 45.28 -119.34 50.66
C LYS E 1215 46.48 -118.56 50.16
N GLU E 1216 47.25 -119.16 49.26
CA GLU E 1216 48.42 -118.49 48.71
C GLU E 1216 48.06 -117.23 47.92
N ASN E 1217 46.79 -117.09 47.52
CA ASN E 1217 46.35 -115.96 46.71
C ASN E 1217 45.15 -115.21 47.25
N ILE E 1218 44.27 -115.83 48.02
CA ILE E 1218 43.00 -115.21 48.40
C ILE E 1218 43.23 -114.38 49.65
N ILE E 1219 43.18 -113.06 49.49
CA ILE E 1219 43.13 -112.13 50.61
C ILE E 1219 41.66 -111.97 51.00
N GLN E 1220 41.36 -112.21 52.27
CA GLN E 1220 40.02 -112.05 52.81
C GLN E 1220 39.96 -110.82 53.69
N MET E 1221 38.98 -109.96 53.43
CA MET E 1221 38.58 -108.87 54.31
C MET E 1221 37.23 -109.28 54.90
N GLU E 1222 37.26 -109.84 56.11
CA GLU E 1222 36.03 -110.08 56.85
C GLU E 1222 35.62 -108.77 57.50
N MET E 1223 34.61 -108.12 56.93
CA MET E 1223 34.02 -106.92 57.52
C MET E 1223 32.91 -107.36 58.46
N ILE E 1224 33.14 -107.21 59.75
CA ILE E 1224 32.25 -107.72 60.79
C ILE E 1224 31.34 -106.59 61.24
N GLU E 1225 30.03 -106.84 61.17
CA GLU E 1225 29.03 -105.98 61.77
C GLU E 1225 28.64 -106.62 63.10
N ASN E 1226 28.83 -105.87 64.19
CA ASN E 1226 28.51 -106.35 65.53
C ASN E 1226 27.09 -105.98 65.93
N ARG E 1227 26.48 -105.00 65.28
CA ARG E 1227 25.10 -104.62 65.54
C ARG E 1227 24.20 -105.54 64.73
N THR E 1228 23.64 -106.55 65.39
CA THR E 1228 22.88 -107.61 64.72
C THR E 1228 21.59 -107.86 65.47
N MET E 1229 20.75 -108.72 64.88
CA MET E 1229 19.48 -109.06 65.50
C MET E 1229 19.66 -109.80 66.81
N ASP E 1230 20.47 -110.86 66.79
CA ASP E 1230 20.72 -111.68 67.97
C ASP E 1230 21.94 -111.24 68.75
N GLY E 1231 22.66 -110.21 68.29
CA GLY E 1231 23.87 -109.76 68.93
C GLY E 1231 25.12 -110.51 68.50
N LYS E 1232 24.98 -111.63 67.82
CA LYS E 1232 26.14 -112.35 67.32
C LYS E 1232 26.72 -111.62 66.12
N PRO E 1233 28.04 -111.36 66.07
CA PRO E 1233 28.58 -110.63 64.92
C PRO E 1233 28.40 -111.41 63.62
N VAL E 1234 28.21 -110.66 62.53
CA VAL E 1234 28.07 -111.23 61.20
C VAL E 1234 29.16 -110.66 60.32
N SER E 1235 29.92 -111.53 59.67
CA SER E 1235 31.09 -111.13 58.88
C SER E 1235 30.77 -111.30 57.40
N LEU E 1236 30.95 -110.22 56.64
CA LEU E 1236 30.92 -110.27 55.18
C LEU E 1236 32.34 -110.56 54.71
N PRO E 1237 32.63 -111.73 54.12
CA PRO E 1237 33.98 -111.96 53.58
C PRO E 1237 34.13 -111.44 52.17
N LEU E 1238 35.02 -110.47 51.96
CA LEU E 1238 35.36 -109.96 50.64
C LEU E 1238 36.67 -110.60 50.21
N LEU E 1239 36.64 -111.33 49.10
CA LEU E 1239 37.79 -112.06 48.62
C LEU E 1239 38.46 -111.29 47.48
N TYR E 1240 39.79 -111.27 47.49
CA TYR E 1240 40.59 -110.68 46.43
C TYR E 1240 41.68 -111.64 46.04
N ASN E 1241 41.83 -111.89 44.75
CA ASN E 1241 42.97 -112.64 44.26
C ASN E 1241 44.22 -111.77 44.31
N PHE E 1242 45.34 -112.37 44.68
CA PHE E 1242 46.62 -111.68 44.79
C PHE E 1242 47.59 -112.33 43.82
N ASN E 1243 47.89 -111.63 42.73
CA ASN E 1243 48.76 -112.12 41.66
C ASN E 1243 50.06 -111.36 41.75
N PRO E 1244 51.12 -111.94 42.34
CA PRO E 1244 52.41 -111.24 42.33
C PRO E 1244 52.95 -110.99 40.93
N ASP E 1245 52.51 -111.77 39.93
CA ASP E 1245 52.99 -111.56 38.57
C ASP E 1245 52.64 -110.17 38.06
N ASN E 1246 51.42 -109.71 38.34
CA ASN E 1246 50.97 -108.37 37.94
C ASN E 1246 51.32 -107.43 39.08
N GLY E 1247 52.54 -106.87 39.03
CA GLY E 1247 53.02 -106.05 40.11
C GLY E 1247 52.39 -104.67 40.19
N PHE E 1248 51.86 -104.16 39.08
CA PHE E 1248 51.21 -102.86 39.10
C PHE E 1248 49.90 -102.91 39.87
N ALA E 1249 49.10 -103.95 39.64
CA ALA E 1249 47.80 -104.13 40.29
C ALA E 1249 47.67 -105.57 40.75
N PRO E 1250 48.47 -105.99 41.74
CA PRO E 1250 48.42 -107.39 42.17
C PRO E 1250 47.08 -107.82 42.74
N ILE E 1251 46.32 -106.93 43.35
CA ILE E 1251 45.09 -107.31 44.04
C ILE E 1251 43.90 -107.07 43.12
N SER E 1252 43.10 -108.12 42.91
CA SER E 1252 41.94 -108.06 42.03
C SER E 1252 40.72 -108.56 42.78
N GLU E 1253 39.64 -107.79 42.75
CA GLU E 1253 38.40 -108.22 43.40
C GLU E 1253 37.90 -109.52 42.79
N VAL E 1254 37.40 -110.41 43.64
CA VAL E 1254 36.75 -111.64 43.22
C VAL E 1254 35.27 -111.33 43.05
N MET E 1255 34.85 -111.09 41.80
CA MET E 1255 33.45 -110.82 41.51
C MET E 1255 32.57 -112.03 41.72
N GLU E 1256 33.07 -113.23 41.44
CA GLU E 1256 32.25 -114.42 41.52
C GLU E 1256 31.75 -114.62 42.96
N ASP E 1257 30.43 -114.78 43.10
CA ASP E 1257 29.73 -114.97 44.36
C ASP E 1257 29.78 -113.75 45.26
N ARG E 1258 30.31 -112.61 44.79
CA ARG E 1258 30.40 -111.43 45.63
C ARG E 1258 29.02 -110.92 46.01
N ASN E 1259 28.12 -110.81 45.03
CA ASN E 1259 26.77 -110.35 45.30
C ASN E 1259 26.04 -111.35 46.20
N GLN E 1260 26.27 -112.65 45.99
CA GLN E 1260 25.67 -113.67 46.83
C GLN E 1260 26.13 -113.53 48.27
N ARG E 1261 27.43 -113.26 48.48
CA ARG E 1261 27.95 -113.12 49.84
C ARG E 1261 27.38 -111.88 50.52
N ILE E 1262 27.34 -110.76 49.79
CA ILE E 1262 26.75 -109.54 50.35
C ILE E 1262 25.29 -109.79 50.71
N LYS E 1263 24.56 -110.48 49.84
CA LYS E 1263 23.16 -110.79 50.11
C LYS E 1263 23.02 -111.70 51.31
N GLU E 1264 23.90 -112.68 51.45
CA GLU E 1264 23.81 -113.60 52.59
C GLU E 1264 24.02 -112.85 53.90
N MET E 1265 25.01 -111.98 53.94
CA MET E 1265 25.24 -111.20 55.15
C MET E 1265 24.08 -110.25 55.45
N TYR E 1266 23.54 -109.61 54.41
CA TYR E 1266 22.39 -108.73 54.62
C TYR E 1266 21.16 -109.52 55.07
N TRP E 1267 21.00 -110.74 54.57
CA TRP E 1267 19.91 -111.61 55.03
C TRP E 1267 20.09 -111.95 56.50
N LYS E 1268 21.32 -112.27 56.90
CA LYS E 1268 21.58 -112.53 58.31
C LYS E 1268 21.22 -111.32 59.15
N LEU E 1269 21.48 -110.11 58.64
CA LEU E 1269 21.21 -108.91 59.41
C LEU E 1269 19.72 -108.59 59.48
N TRP E 1270 19.01 -108.73 58.36
CA TRP E 1270 17.63 -108.26 58.26
C TRP E 1270 16.61 -109.36 58.53
N ILE E 1271 16.72 -110.46 57.82
CA ILE E 1271 15.68 -111.49 57.81
C ILE E 1271 16.02 -112.55 58.83
N ASP E 1272 14.99 -113.13 59.45
CA ASP E 1272 15.14 -114.10 60.52
C ASP E 1272 14.62 -115.46 60.06
N GLU E 1273 14.98 -115.83 58.84
CA GLU E 1273 14.55 -117.07 58.20
C GLU E 1273 15.75 -117.72 57.54
N PRO E 1274 15.69 -119.03 57.28
CA PRO E 1274 16.85 -119.70 56.69
C PRO E 1274 17.19 -119.11 55.33
N PHE E 1275 18.49 -119.00 55.06
CA PHE E 1275 18.95 -118.34 53.85
C PHE E 1275 18.59 -119.17 52.62
N ASN E 1276 17.75 -118.61 51.75
CA ASN E 1276 17.31 -119.30 50.54
C ASN E 1276 16.95 -118.22 49.52
N LEU E 1277 17.84 -118.00 48.56
CA LEU E 1277 17.63 -117.00 47.52
C LEU E 1277 16.94 -117.56 46.28
N ASP E 1278 16.82 -118.88 46.17
CA ASP E 1278 16.18 -119.51 45.01
C ASP E 1278 14.67 -119.50 45.26
N PHE E 1279 14.03 -118.41 44.86
CA PHE E 1279 12.57 -118.33 44.93
C PHE E 1279 12.11 -117.26 43.95
N ASP E 1280 10.97 -117.52 43.34
CA ASP E 1280 10.50 -116.70 42.23
C ASP E 1280 10.18 -115.29 42.71
N PRO E 1281 10.72 -114.23 42.08
CA PRO E 1281 10.27 -112.88 42.45
C PRO E 1281 8.80 -112.62 42.16
N ARG E 1282 8.22 -113.33 41.18
CA ARG E 1282 6.79 -113.20 40.94
C ARG E 1282 5.99 -113.65 42.14
N ASP E 1283 6.46 -114.70 42.83
CA ASP E 1283 5.72 -115.26 43.94
C ASP E 1283 5.55 -114.25 45.06
N VAL E 1284 4.41 -114.31 45.74
CA VAL E 1284 4.11 -113.39 46.81
C VAL E 1284 4.91 -113.76 48.05
N ILE E 1285 5.45 -112.73 48.72
CA ILE E 1285 6.23 -112.91 49.95
C ILE E 1285 5.31 -112.64 51.13
N LYS E 1286 5.24 -113.59 52.05
CA LYS E 1286 4.42 -113.46 53.25
C LYS E 1286 5.35 -113.24 54.44
N GLY E 1287 5.23 -112.08 55.08
CA GLY E 1287 5.99 -111.82 56.29
C GLY E 1287 5.36 -112.46 57.51
N LYS E 1288 6.15 -112.57 58.56
CA LYS E 1288 5.67 -113.20 59.79
C LYS E 1288 4.69 -112.28 60.51
N ASP E 1289 3.67 -112.89 61.11
CA ASP E 1289 2.67 -112.13 61.85
C ASP E 1289 3.33 -111.38 62.99
N PHE E 1290 3.05 -110.08 63.07
CA PHE E 1290 3.72 -109.19 64.02
C PHE E 1290 2.68 -108.51 64.89
N GLU E 1291 2.98 -108.43 66.19
CA GLU E 1291 2.07 -107.85 67.17
C GLU E 1291 2.60 -106.49 67.60
N ILE E 1292 1.75 -105.47 67.51
CA ILE E 1292 2.14 -104.12 67.90
C ILE E 1292 2.04 -104.01 69.42
N THR E 1293 3.12 -103.56 70.04
CA THR E 1293 3.19 -103.43 71.49
C THR E 1293 3.43 -101.97 71.87
N ALA E 1294 3.00 -101.64 73.08
CA ALA E 1294 3.21 -100.29 73.59
C ALA E 1294 4.69 -99.96 73.66
N LYS E 1295 5.53 -100.93 74.05
CA LYS E 1295 6.96 -100.70 74.12
C LYS E 1295 7.51 -100.34 72.74
N GLU E 1296 7.09 -101.09 71.72
CA GLU E 1296 7.60 -100.84 70.37
C GLU E 1296 7.13 -99.50 69.84
N VAL E 1297 5.87 -99.14 70.08
CA VAL E 1297 5.36 -97.85 69.63
C VAL E 1297 6.09 -96.72 70.35
N TYR E 1298 6.32 -96.88 71.65
CA TYR E 1298 7.08 -95.88 72.41
C TYR E 1298 8.47 -95.70 71.82
N ASP E 1299 9.17 -96.81 71.58
CA ASP E 1299 10.54 -96.73 71.05
C ASP E 1299 10.54 -96.05 69.69
N PHE E 1300 9.61 -96.42 68.82
CA PHE E 1300 9.59 -95.83 67.49
C PHE E 1300 9.28 -94.33 67.55
N THR E 1301 8.29 -93.96 68.37
CA THR E 1301 7.93 -92.55 68.49
C THR E 1301 9.09 -91.72 69.01
N HIS E 1302 9.78 -92.22 70.04
CA HIS E 1302 10.88 -91.47 70.62
C HIS E 1302 12.16 -91.52 69.78
N ALA E 1303 12.33 -92.52 68.92
CA ALA E 1303 13.49 -92.59 68.04
C ALA E 1303 13.29 -91.75 66.79
N VAL E 1304 12.03 -91.52 66.40
CA VAL E 1304 11.76 -90.70 65.23
C VAL E 1304 11.54 -89.23 65.63
N GLY E 1305 11.12 -88.99 66.87
CA GLY E 1305 10.78 -87.64 67.28
C GLY E 1305 9.32 -87.36 67.01
N ASN E 1306 8.49 -88.39 67.17
CA ASN E 1306 7.05 -88.28 66.97
C ASN E 1306 6.39 -88.01 68.31
N ASN E 1307 6.02 -86.75 68.54
CA ASN E 1307 5.50 -86.30 69.81
C ASN E 1307 3.98 -86.14 69.81
N CYS E 1308 3.29 -86.68 68.80
CA CYS E 1308 1.84 -86.59 68.77
C CYS E 1308 1.24 -87.36 69.93
N GLU E 1309 0.20 -86.78 70.54
CA GLU E 1309 -0.43 -87.41 71.69
C GLU E 1309 -1.12 -88.72 71.33
N ASP E 1310 -1.47 -88.91 70.06
CA ASP E 1310 -2.17 -90.13 69.66
C ASP E 1310 -1.32 -91.37 69.91
N PHE E 1311 -0.01 -91.24 69.74
CA PHE E 1311 0.91 -92.37 69.89
C PHE E 1311 1.47 -92.49 71.30
N VAL E 1312 1.12 -91.57 72.20
CA VAL E 1312 1.59 -91.59 73.58
C VAL E 1312 0.47 -92.16 74.45
N SER E 1313 0.83 -93.08 75.34
CA SER E 1313 -0.17 -93.69 76.21
C SER E 1313 -0.81 -92.62 77.09
N ARG E 1314 -2.13 -92.69 77.21
CA ARG E 1314 -2.92 -91.79 78.04
C ARG E 1314 -3.98 -92.61 78.76
N PRO E 1315 -4.44 -92.16 79.92
CA PRO E 1315 -5.48 -92.91 80.63
C PRO E 1315 -6.80 -92.90 79.87
N ASP E 1316 -7.51 -94.03 79.95
CA ASP E 1316 -8.87 -94.15 79.41
C ASP E 1316 -8.90 -93.80 77.92
N ARG E 1317 -7.89 -94.28 77.19
CA ARG E 1317 -7.81 -93.99 75.77
C ARG E 1317 -6.81 -94.93 75.09
N THR E 1318 -7.22 -95.53 73.97
CA THR E 1318 -6.35 -96.46 73.26
C THR E 1318 -5.24 -95.71 72.54
N MET E 1319 -4.05 -96.30 72.58
CA MET E 1319 -2.85 -95.70 72.01
C MET E 1319 -2.69 -96.15 70.56
N LEU E 1320 -2.67 -95.20 69.64
CA LEU E 1320 -2.48 -95.53 68.25
C LEU E 1320 -1.00 -95.73 67.94
N ALA E 1321 -0.74 -96.29 66.76
CA ALA E 1321 0.60 -96.46 66.24
C ALA E 1321 0.81 -95.54 65.04
N PRO E 1322 2.00 -94.97 64.85
CA PRO E 1322 2.21 -94.09 63.71
C PRO E 1322 2.14 -94.85 62.39
N MET E 1323 1.76 -94.13 61.34
CA MET E 1323 1.69 -94.76 60.02
C MET E 1323 3.07 -95.21 59.58
N ASP E 1324 4.12 -94.52 60.05
CA ASP E 1324 5.48 -94.94 59.72
C ASP E 1324 5.82 -96.28 60.35
N PHE E 1325 5.04 -96.72 61.34
CA PHE E 1325 5.24 -98.04 61.91
C PHE E 1325 4.99 -99.15 60.90
N ALA E 1326 4.34 -98.84 59.78
CA ALA E 1326 4.07 -99.85 58.76
C ALA E 1326 5.35 -100.46 58.24
N ILE E 1327 6.40 -99.66 58.06
CA ILE E 1327 7.67 -100.20 57.58
C ILE E 1327 8.28 -101.11 58.64
N VAL E 1328 8.12 -100.76 59.93
CA VAL E 1328 8.60 -101.65 60.98
C VAL E 1328 7.88 -102.98 60.90
N VAL E 1329 6.57 -102.94 60.62
CA VAL E 1329 5.81 -104.19 60.48
C VAL E 1329 6.33 -104.99 59.30
N GLY E 1330 6.50 -104.34 58.15
CA GLY E 1330 6.68 -105.04 56.89
C GLY E 1330 8.06 -104.96 56.25
N TRP E 1331 9.10 -104.66 57.03
CA TRP E 1331 10.44 -104.57 56.46
C TRP E 1331 10.93 -105.94 56.03
N ARG E 1332 10.62 -106.98 56.80
CA ARG E 1332 11.15 -108.32 56.51
C ARG E 1332 10.59 -108.89 55.22
N ALA E 1333 9.53 -108.29 54.68
CA ALA E 1333 8.97 -108.75 53.40
C ALA E 1333 9.34 -107.78 52.28
N ILE E 1334 9.21 -106.48 52.54
CA ILE E 1334 9.51 -105.48 51.52
C ILE E 1334 10.97 -105.59 51.09
N ILE E 1335 11.86 -105.89 52.05
CA ILE E 1335 13.28 -105.98 51.71
C ILE E 1335 13.62 -107.36 51.18
N LYS E 1336 12.92 -108.40 51.63
CA LYS E 1336 13.05 -109.71 51.00
C LYS E 1336 12.70 -109.66 49.52
N ALA E 1337 11.85 -108.70 49.13
CA ALA E 1337 11.50 -108.55 47.72
C ALA E 1337 12.73 -108.45 46.83
N ILE E 1338 13.74 -107.68 47.24
CA ILE E 1338 14.86 -107.38 46.35
C ILE E 1338 15.98 -108.41 46.45
N PHE E 1339 15.79 -109.49 47.21
CA PHE E 1339 16.81 -110.51 47.41
C PHE E 1339 17.00 -111.55 46.30
N PRO E 1340 15.95 -111.99 45.58
CA PRO E 1340 16.11 -113.16 44.69
C PRO E 1340 17.30 -113.07 43.74
N ASN E 1341 17.89 -114.22 43.43
CA ASN E 1341 19.02 -114.26 42.52
C ASN E 1341 18.66 -113.72 41.15
N THR E 1342 17.39 -113.86 40.75
CA THR E 1342 16.95 -113.28 39.48
C THR E 1342 17.09 -111.77 39.50
N VAL E 1343 16.68 -111.12 40.58
CA VAL E 1343 16.91 -109.67 40.75
C VAL E 1343 18.27 -109.55 41.45
N ASP E 1344 19.33 -109.64 40.65
CA ASP E 1344 20.69 -109.59 41.16
C ASP E 1344 21.16 -108.15 41.26
N GLY E 1345 21.99 -107.88 42.25
CA GLY E 1345 22.52 -106.55 42.43
C GLY E 1345 23.29 -106.47 43.73
N ASP E 1346 24.03 -105.37 43.87
CA ASP E 1346 24.92 -105.17 45.00
C ASP E 1346 24.10 -104.47 46.07
N LEU E 1347 23.86 -105.15 47.19
CA LEU E 1347 23.05 -104.54 48.25
C LEU E 1347 23.80 -103.42 48.95
N LEU E 1348 25.14 -103.49 48.97
CA LEU E 1348 25.91 -102.39 49.54
C LEU E 1348 25.79 -101.13 48.69
N LYS E 1349 25.43 -101.29 47.41
CA LYS E 1349 25.18 -100.16 46.52
C LYS E 1349 23.70 -99.87 46.34
N LEU E 1350 22.84 -100.41 47.21
CA LEU E 1350 21.41 -100.14 47.12
C LEU E 1350 21.12 -98.71 47.54
N VAL E 1351 20.16 -98.10 46.84
CA VAL E 1351 19.68 -96.75 47.16
C VAL E 1351 18.16 -96.83 47.29
N HIS E 1352 17.64 -96.37 48.42
CA HIS E 1352 16.19 -96.27 48.61
C HIS E 1352 15.73 -95.00 47.91
N LEU E 1353 15.07 -95.16 46.76
CA LEU E 1353 14.64 -94.01 45.99
C LEU E 1353 13.45 -93.32 46.64
N SER E 1354 12.45 -94.09 47.05
CA SER E 1354 11.24 -93.51 47.60
C SER E 1354 10.52 -94.55 48.43
N ASN E 1355 9.66 -94.05 49.31
CA ASN E 1355 8.80 -94.91 50.11
C ASN E 1355 7.50 -94.14 50.34
N GLY E 1356 6.40 -94.88 50.40
CA GLY E 1356 5.11 -94.27 50.56
C GLY E 1356 4.13 -95.17 51.27
N TYR E 1357 3.16 -94.54 51.92
CA TYR E 1357 2.07 -95.20 52.63
C TYR E 1357 0.75 -94.72 52.04
N LYS E 1358 -0.19 -95.64 51.93
CA LYS E 1358 -1.56 -95.31 51.53
C LYS E 1358 -2.50 -96.16 52.35
N MET E 1359 -3.26 -95.53 53.23
CA MET E 1359 -4.31 -96.22 53.97
C MET E 1359 -5.48 -96.43 53.03
N ILE E 1360 -6.00 -97.64 52.99
CA ILE E 1360 -7.20 -97.87 52.18
C ILE E 1360 -8.38 -97.14 52.84
N PRO E 1361 -9.39 -96.71 52.07
CA PRO E 1361 -10.55 -96.07 52.71
C PRO E 1361 -11.25 -97.01 53.68
N GLY E 1362 -11.70 -96.44 54.79
CA GLY E 1362 -12.44 -97.20 55.78
C GLY E 1362 -11.61 -98.00 56.75
N ALA E 1363 -10.29 -97.99 56.61
CA ALA E 1363 -9.40 -98.73 57.50
C ALA E 1363 -8.90 -97.79 58.60
N LYS E 1364 -9.14 -98.18 59.84
CA LYS E 1364 -8.71 -97.38 60.97
C LYS E 1364 -7.19 -97.42 61.08
N PRO E 1365 -6.58 -96.39 61.66
CA PRO E 1365 -5.12 -96.40 61.82
C PRO E 1365 -4.67 -97.51 62.74
N LEU E 1366 -3.41 -97.90 62.59
CA LEU E 1366 -2.83 -98.95 63.42
C LEU E 1366 -2.88 -98.55 64.89
N GLN E 1367 -3.17 -99.53 65.74
CA GLN E 1367 -3.28 -99.32 67.17
C GLN E 1367 -2.52 -100.42 67.90
N VAL E 1368 -2.18 -100.14 69.17
CA VAL E 1368 -1.38 -101.07 69.95
C VAL E 1368 -2.22 -102.31 70.27
N GLY E 1369 -1.60 -103.48 70.09
CA GLY E 1369 -2.23 -104.75 70.39
C GLY E 1369 -2.73 -105.51 69.17
N ASP E 1370 -3.02 -104.82 68.07
CA ASP E 1370 -3.51 -105.52 66.90
C ASP E 1370 -2.40 -106.36 66.26
N VAL E 1371 -2.80 -107.46 65.64
CA VAL E 1371 -1.90 -108.34 64.91
C VAL E 1371 -1.99 -107.97 63.44
N VAL E 1372 -0.86 -107.63 62.85
CA VAL E 1372 -0.79 -107.15 61.47
C VAL E 1372 0.02 -108.15 60.65
N SER E 1373 -0.54 -108.57 59.53
CA SER E 1373 0.12 -109.45 58.58
C SER E 1373 0.61 -108.63 57.40
N THR E 1374 1.75 -109.02 56.84
CA THR E 1374 2.37 -108.30 55.73
C THR E 1374 2.46 -109.22 54.51
N THR E 1375 2.05 -108.71 53.36
CA THR E 1375 2.12 -109.43 52.10
C THR E 1375 2.80 -108.53 51.08
N ALA E 1376 4.04 -108.85 50.73
CA ALA E 1376 4.82 -108.07 49.77
C ALA E 1376 4.74 -108.70 48.39
N VAL E 1377 4.65 -107.85 47.37
CA VAL E 1377 4.73 -108.25 45.97
C VAL E 1377 5.66 -107.29 45.25
N ILE E 1378 6.20 -107.76 44.14
CA ILE E 1378 7.06 -106.96 43.27
C ILE E 1378 6.16 -106.34 42.21
N GLU E 1379 5.93 -105.04 42.29
CA GLU E 1379 5.16 -104.37 41.26
C GLU E 1379 5.92 -104.31 39.94
N SER E 1380 7.21 -103.98 39.99
CA SER E 1380 7.96 -103.73 38.76
C SER E 1380 9.45 -103.76 39.04
N VAL E 1381 10.16 -104.65 38.36
CA VAL E 1381 11.62 -104.66 38.39
C VAL E 1381 12.10 -104.41 36.96
N VAL E 1382 12.86 -103.33 36.77
CA VAL E 1382 13.26 -102.87 35.44
C VAL E 1382 14.73 -102.49 35.45
N ASN E 1383 15.42 -102.89 34.38
CA ASN E 1383 16.83 -102.59 34.17
C ASN E 1383 16.90 -101.25 33.44
N GLN E 1384 17.29 -100.20 34.17
CA GLN E 1384 17.63 -98.92 33.56
C GLN E 1384 19.11 -98.88 33.21
N PRO E 1385 19.52 -97.95 32.35
CA PRO E 1385 20.96 -97.83 32.06
C PRO E 1385 21.79 -97.53 33.29
N THR E 1386 21.26 -96.71 34.22
CA THR E 1386 22.00 -96.33 35.42
C THR E 1386 21.81 -97.32 36.57
N GLY E 1387 20.95 -98.32 36.41
CA GLY E 1387 20.76 -99.31 37.46
C GLY E 1387 19.44 -100.04 37.27
N LYS E 1388 19.09 -100.80 38.29
CA LYS E 1388 17.88 -101.61 38.32
C LYS E 1388 16.94 -101.07 39.39
N ILE E 1389 15.75 -100.65 38.96
CA ILE E 1389 14.71 -100.18 39.88
C ILE E 1389 13.85 -101.38 40.23
N VAL E 1390 13.53 -101.51 41.51
CA VAL E 1390 12.64 -102.55 42.02
C VAL E 1390 11.59 -101.89 42.89
N ASP E 1391 10.33 -101.99 42.49
CA ASP E 1391 9.21 -101.41 43.22
C ASP E 1391 8.48 -102.52 43.95
N VAL E 1392 8.32 -102.35 45.25
CA VAL E 1392 7.71 -103.35 46.12
C VAL E 1392 6.45 -102.73 46.71
N VAL E 1393 5.40 -103.53 46.81
CA VAL E 1393 4.15 -103.13 47.44
C VAL E 1393 3.84 -104.12 48.54
N GLY E 1394 3.85 -103.65 49.78
CA GLY E 1394 3.51 -104.46 50.92
C GLY E 1394 2.16 -104.09 51.48
N THR E 1395 1.20 -105.00 51.40
CA THR E 1395 -0.12 -104.80 51.98
C THR E 1395 -0.07 -105.26 53.44
N LEU E 1396 -0.34 -104.32 54.34
CA LEU E 1396 -0.52 -104.62 55.75
C LEU E 1396 -2.01 -104.81 56.00
N SER E 1397 -2.36 -105.95 56.58
CA SER E 1397 -3.74 -106.33 56.84
C SER E 1397 -3.91 -106.66 58.31
N ARG E 1398 -5.14 -106.49 58.79
CA ARG E 1398 -5.50 -106.70 60.18
C ARG E 1398 -6.84 -107.39 60.24
N ASN E 1399 -6.91 -108.51 60.97
CA ASN E 1399 -8.15 -109.27 61.11
C ASN E 1399 -8.69 -109.70 59.75
N GLY E 1400 -7.77 -110.04 58.85
CA GLY E 1400 -8.12 -110.41 57.49
C GLY E 1400 -8.24 -109.22 56.55
N LYS E 1401 -8.93 -108.17 56.98
CA LYS E 1401 -9.13 -107.02 56.13
C LYS E 1401 -7.80 -106.29 55.90
N PRO E 1402 -7.60 -105.70 54.73
CA PRO E 1402 -6.40 -104.88 54.53
C PRO E 1402 -6.47 -103.59 55.31
N VAL E 1403 -5.29 -103.08 55.67
CA VAL E 1403 -5.16 -101.85 56.45
C VAL E 1403 -4.48 -100.76 55.62
N MET E 1404 -3.39 -101.09 54.96
CA MET E 1404 -2.67 -100.08 54.20
C MET E 1404 -1.72 -100.75 53.22
N GLU E 1405 -1.19 -99.93 52.32
CA GLU E 1405 -0.22 -100.35 51.32
C GLU E 1405 1.04 -99.52 51.50
N VAL E 1406 2.19 -100.17 51.41
CA VAL E 1406 3.49 -99.52 51.53
C VAL E 1406 4.23 -99.75 50.23
N THR E 1407 4.45 -98.67 49.48
CA THR E 1407 5.26 -98.71 48.27
C THR E 1407 6.70 -98.39 48.64
N SER E 1408 7.65 -99.09 48.03
CA SER E 1408 9.05 -98.85 48.27
C SER E 1408 9.85 -99.10 47.00
N SER E 1409 10.57 -98.07 46.56
CA SER E 1409 11.39 -98.15 45.35
C SER E 1409 12.84 -98.27 45.77
N PHE E 1410 13.52 -99.29 45.24
CA PHE E 1410 14.92 -99.53 45.51
C PHE E 1410 15.68 -99.50 44.20
N PHE E 1411 16.96 -99.12 44.28
CA PHE E 1411 17.79 -98.90 43.10
C PHE E 1411 19.11 -99.63 43.32
N TYR E 1412 19.33 -100.69 42.55
CA TYR E 1412 20.62 -101.35 42.49
C TYR E 1412 21.45 -100.63 41.44
N ARG E 1413 22.42 -99.83 41.89
CA ARG E 1413 23.28 -99.13 40.96
C ARG E 1413 24.21 -100.11 40.26
N GLY E 1414 24.28 -100.02 38.95
CA GLY E 1414 25.16 -100.88 38.17
C GLY E 1414 24.60 -101.08 36.78
N ASN E 1415 25.25 -102.00 36.07
CA ASN E 1415 24.88 -102.35 34.70
C ASN E 1415 24.24 -103.74 34.73
N TYR E 1416 22.97 -103.81 34.31
CA TYR E 1416 22.25 -105.07 34.29
C TYR E 1416 21.60 -105.25 32.92
N THR E 1417 21.82 -106.42 32.33
CA THR E 1417 21.24 -106.78 31.04
C THR E 1417 20.38 -108.03 31.13
N ASP E 1418 20.00 -108.45 32.34
CA ASP E 1418 19.20 -109.65 32.52
C ASP E 1418 17.72 -109.31 32.40
N PHE E 1419 17.36 -108.85 31.20
CA PHE E 1419 15.99 -108.39 30.95
C PHE E 1419 14.97 -109.53 31.06
N GLU E 1420 15.40 -110.78 30.97
CA GLU E 1420 14.46 -111.89 31.04
C GLU E 1420 13.77 -111.96 32.40
N ASN E 1421 14.41 -111.43 33.45
CA ASN E 1421 13.82 -111.39 34.79
C ASN E 1421 13.22 -110.04 35.12
N THR E 1422 13.18 -109.11 34.17
CA THR E 1422 12.58 -107.80 34.38
C THR E 1422 11.12 -107.83 33.98
N PHE E 1423 10.29 -107.10 34.74
CA PHE E 1423 8.89 -106.94 34.42
C PHE E 1423 8.41 -105.65 35.06
N GLN E 1424 7.29 -105.13 34.56
CA GLN E 1424 6.77 -103.87 35.06
C GLN E 1424 5.25 -103.88 34.95
N LYS E 1425 4.60 -103.72 36.09
CA LYS E 1425 3.14 -103.59 36.19
C LYS E 1425 2.82 -102.17 36.60
N THR E 1426 2.07 -101.47 35.76
CA THR E 1426 1.74 -100.06 35.97
C THR E 1426 0.24 -99.86 35.83
N VAL E 1427 -0.36 -99.19 36.81
CA VAL E 1427 -1.77 -98.81 36.76
C VAL E 1427 -1.82 -97.53 35.93
N GLU E 1428 -2.25 -97.67 34.68
CA GLU E 1428 -2.31 -96.50 33.80
C GLU E 1428 -3.33 -95.50 34.36
N PRO E 1429 -3.16 -94.21 34.08
CA PRO E 1429 -4.16 -93.25 34.54
C PRO E 1429 -5.50 -93.50 33.89
N VAL E 1430 -6.58 -93.19 34.63
CA VAL E 1430 -7.91 -93.40 34.09
C VAL E 1430 -8.11 -92.48 32.90
N TYR E 1431 -8.71 -93.02 31.84
CA TYR E 1431 -8.97 -92.28 30.62
C TYR E 1431 -10.46 -92.13 30.41
N GLN E 1432 -10.87 -90.97 29.90
CA GLN E 1432 -12.26 -90.68 29.61
C GLN E 1432 -12.41 -90.32 28.14
N MET E 1433 -13.40 -90.93 27.48
CA MET E 1433 -13.67 -90.67 26.08
C MET E 1433 -15.17 -90.45 25.90
N HIS E 1434 -15.54 -89.30 25.34
CA HIS E 1434 -16.91 -88.99 25.02
C HIS E 1434 -17.19 -89.45 23.60
N ILE E 1435 -18.20 -90.29 23.42
CA ILE E 1435 -18.55 -90.81 22.11
C ILE E 1435 -19.57 -89.87 21.49
N LYS E 1436 -19.12 -89.02 20.58
CA LYS E 1436 -19.96 -87.99 19.98
C LYS E 1436 -20.60 -88.42 18.67
N THR E 1437 -19.95 -89.29 17.91
CA THR E 1437 -20.40 -89.67 16.58
C THR E 1437 -20.22 -91.16 16.37
N SER E 1438 -20.81 -91.67 15.29
CA SER E 1438 -20.64 -93.07 14.94
C SER E 1438 -19.23 -93.39 14.45
N LYS E 1439 -18.48 -92.38 14.04
CA LYS E 1439 -17.07 -92.60 13.70
C LYS E 1439 -16.29 -93.08 14.92
N ASP E 1440 -16.55 -92.49 16.09
CA ASP E 1440 -15.90 -92.93 17.31
C ASP E 1440 -16.26 -94.38 17.62
N ILE E 1441 -17.53 -94.74 17.44
CA ILE E 1441 -17.96 -96.11 17.71
C ILE E 1441 -17.27 -97.07 16.75
N ALA E 1442 -17.18 -96.70 15.47
CA ALA E 1442 -16.50 -97.55 14.51
C ALA E 1442 -15.04 -97.73 14.86
N VAL E 1443 -14.38 -96.65 15.28
CA VAL E 1443 -12.97 -96.74 15.67
C VAL E 1443 -12.82 -97.65 16.87
N LEU E 1444 -13.70 -97.53 17.86
CA LEU E 1444 -13.62 -98.39 19.03
C LEU E 1444 -13.85 -99.85 18.67
N ARG E 1445 -14.85 -100.12 17.83
CA ARG E 1445 -15.16 -101.49 17.46
C ARG E 1445 -14.08 -102.09 16.58
N SER E 1446 -13.31 -101.26 15.88
CA SER E 1446 -12.18 -101.77 15.11
C SER E 1446 -11.04 -102.27 15.98
N LYS E 1447 -11.03 -101.92 17.26
CA LYS E 1447 -9.99 -102.35 18.18
C LYS E 1447 -10.34 -103.73 18.73
N GLU E 1448 -9.44 -104.69 18.52
CA GLU E 1448 -9.66 -106.02 19.08
C GLU E 1448 -9.71 -105.98 20.60
N TRP E 1449 -8.84 -105.17 21.20
CA TRP E 1449 -8.75 -105.16 22.66
C TRP E 1449 -10.01 -104.56 23.30
N PHE E 1450 -10.75 -103.76 22.55
CA PHE E 1450 -11.99 -103.17 23.05
C PHE E 1450 -13.12 -104.17 22.94
N GLN E 1451 -13.44 -104.84 24.05
CA GLN E 1451 -14.48 -105.88 24.05
C GLN E 1451 -15.61 -105.44 24.96
N LEU E 1452 -16.84 -105.79 24.56
CA LEU E 1452 -18.03 -105.44 25.32
C LEU E 1452 -18.81 -106.69 25.67
N ASP E 1453 -19.34 -106.73 26.89
CA ASP E 1453 -20.22 -107.83 27.27
C ASP E 1453 -21.46 -107.85 26.40
N ASP E 1454 -22.05 -106.69 26.15
CA ASP E 1454 -23.20 -106.53 25.26
C ASP E 1454 -22.70 -105.86 23.99
N GLU E 1455 -22.54 -106.67 22.93
CA GLU E 1455 -22.00 -106.14 21.67
C GLU E 1455 -22.94 -105.12 21.03
N ASP E 1456 -24.23 -105.13 21.38
CA ASP E 1456 -25.19 -104.18 20.87
C ASP E 1456 -25.36 -102.97 21.78
N PHE E 1457 -24.50 -102.81 22.78
CA PHE E 1457 -24.60 -101.66 23.68
C PHE E 1457 -24.50 -100.36 22.89
N ASP E 1458 -25.40 -99.44 23.19
CA ASP E 1458 -25.48 -98.17 22.46
C ASP E 1458 -24.47 -97.20 23.05
N LEU E 1459 -23.34 -97.03 22.36
CA LEU E 1459 -22.26 -96.18 22.83
C LEU E 1459 -22.44 -94.70 22.47
N LEU E 1460 -23.40 -94.37 21.61
CA LEU E 1460 -23.54 -92.99 21.17
C LEU E 1460 -23.96 -92.09 22.32
N ASN E 1461 -23.40 -90.89 22.36
CA ASN E 1461 -23.71 -89.90 23.38
C ASN E 1461 -23.46 -90.44 24.78
N LYS E 1462 -22.37 -91.20 24.93
CA LYS E 1462 -22.03 -91.83 26.19
C LYS E 1462 -20.56 -91.59 26.51
N THR E 1463 -20.27 -91.50 27.80
CA THR E 1463 -18.92 -91.27 28.30
C THR E 1463 -18.35 -92.60 28.79
N LEU E 1464 -17.23 -93.00 28.23
CA LEU E 1464 -16.56 -94.24 28.59
C LEU E 1464 -15.33 -93.94 29.43
N THR E 1465 -15.22 -94.65 30.54
CA THR E 1465 -14.07 -94.58 31.43
C THR E 1465 -13.29 -95.88 31.32
N PHE E 1466 -11.98 -95.76 31.10
CA PHE E 1466 -11.06 -96.88 30.96
C PHE E 1466 -10.09 -96.85 32.13
N GLU E 1467 -10.02 -97.95 32.87
CA GLU E 1467 -9.10 -98.12 34.00
C GLU E 1467 -8.22 -99.32 33.68
N THR E 1468 -7.10 -99.08 33.01
CA THR E 1468 -6.26 -100.15 32.49
C THR E 1468 -5.01 -100.32 33.34
N GLU E 1469 -4.53 -101.56 33.39
CA GLU E 1469 -3.24 -101.91 33.96
C GLU E 1469 -2.40 -102.54 32.87
N THR E 1470 -1.16 -102.08 32.73
CA THR E 1470 -0.24 -102.58 31.73
C THR E 1470 0.86 -103.38 32.41
N GLU E 1471 1.00 -104.64 32.02
CA GLU E 1471 2.08 -105.52 32.45
C GLU E 1471 2.97 -105.78 31.24
N VAL E 1472 4.22 -105.35 31.33
CA VAL E 1472 5.18 -105.49 30.24
C VAL E 1472 6.37 -106.28 30.75
N THR E 1473 6.76 -107.30 30.00
CA THR E 1473 8.01 -108.02 30.21
C THR E 1473 8.98 -107.60 29.12
N PHE E 1474 10.21 -107.27 29.51
CA PHE E 1474 11.16 -106.63 28.62
C PHE E 1474 12.02 -107.65 27.89
N LYS E 1475 12.27 -107.40 26.62
CA LYS E 1475 13.26 -108.15 25.85
C LYS E 1475 14.63 -107.49 25.92
N ASN E 1476 14.66 -106.17 25.85
CA ASN E 1476 15.86 -105.38 26.04
C ASN E 1476 15.45 -104.03 26.62
N ALA E 1477 16.35 -103.05 26.55
CA ALA E 1477 16.07 -101.76 27.14
C ALA E 1477 14.88 -101.08 26.49
N ASN E 1478 14.75 -101.17 25.16
CA ASN E 1478 13.75 -100.44 24.41
C ASN E 1478 12.49 -101.25 24.12
N ILE E 1479 12.63 -102.49 23.67
CA ILE E 1479 11.51 -103.28 23.17
C ILE E 1479 11.00 -104.18 24.27
N PHE E 1480 9.68 -104.19 24.45
CA PHE E 1480 9.03 -105.11 25.36
C PHE E 1480 8.98 -106.50 24.75
N SER E 1481 9.29 -107.51 25.56
CA SER E 1481 9.15 -108.89 25.09
C SER E 1481 7.68 -109.28 24.99
N SER E 1482 6.86 -108.77 25.90
CA SER E 1482 5.43 -109.00 25.85
C SER E 1482 4.72 -107.85 26.55
N VAL E 1483 3.61 -107.42 25.98
CA VAL E 1483 2.84 -106.29 26.49
C VAL E 1483 1.40 -106.74 26.66
N LYS E 1484 0.87 -106.59 27.88
CA LYS E 1484 -0.51 -106.90 28.16
C LYS E 1484 -1.14 -105.68 28.80
N CYS E 1485 -2.37 -105.36 28.41
CA CYS E 1485 -3.08 -104.20 28.93
C CYS E 1485 -4.53 -104.61 29.16
N PHE E 1486 -4.91 -104.70 30.44
CA PHE E 1486 -6.20 -105.25 30.82
C PHE E 1486 -6.90 -104.34 31.81
N GLY E 1487 -8.22 -104.21 31.68
CA GLY E 1487 -8.98 -103.42 32.61
C GLY E 1487 -10.46 -103.38 32.30
N PRO E 1488 -11.26 -102.81 33.20
CA PRO E 1488 -12.69 -102.65 32.92
C PRO E 1488 -13.03 -101.32 32.26
N ILE E 1489 -13.84 -101.40 31.22
CA ILE E 1489 -14.44 -100.24 30.56
C ILE E 1489 -15.82 -100.06 31.15
N LYS E 1490 -16.08 -98.87 31.69
CA LYS E 1490 -17.38 -98.56 32.26
C LYS E 1490 -17.97 -97.35 31.56
N VAL E 1491 -19.29 -97.23 31.68
CA VAL E 1491 -20.05 -96.13 31.09
C VAL E 1491 -20.57 -95.25 32.22
N GLU E 1492 -20.62 -93.96 31.95
CA GLU E 1492 -21.21 -92.98 32.86
C GLU E 1492 -22.72 -93.03 32.74
N LEU E 1493 -23.40 -93.27 33.86
CA LEU E 1493 -24.84 -93.26 33.89
C LEU E 1493 -25.33 -91.82 34.06
N PRO E 1494 -26.63 -91.58 33.91
CA PRO E 1494 -27.14 -90.22 34.17
C PRO E 1494 -26.89 -89.77 35.60
N THR E 1495 -26.75 -90.69 36.55
CA THR E 1495 -26.45 -90.37 37.94
C THR E 1495 -24.96 -90.19 38.19
N LYS E 1496 -24.16 -89.96 37.15
CA LYS E 1496 -22.72 -89.77 37.30
C LYS E 1496 -22.07 -90.98 37.98
N GLU E 1497 -22.58 -92.17 37.69
CA GLU E 1497 -22.11 -93.42 38.26
C GLU E 1497 -21.51 -94.25 37.14
N THR E 1498 -20.27 -94.70 37.34
CA THR E 1498 -19.56 -95.46 36.32
C THR E 1498 -19.79 -96.94 36.54
N VAL E 1499 -20.40 -97.61 35.57
CA VAL E 1499 -20.76 -99.02 35.66
C VAL E 1499 -20.10 -99.78 34.52
N GLU E 1500 -19.51 -100.92 34.85
CA GLU E 1500 -18.79 -101.71 33.86
C GLU E 1500 -19.72 -102.23 32.77
N ILE E 1501 -19.33 -102.02 31.51
CA ILE E 1501 -20.08 -102.50 30.36
C ILE E 1501 -19.15 -103.23 29.40
N GLY E 1502 -17.86 -103.24 29.70
CA GLY E 1502 -16.93 -103.95 28.85
C GLY E 1502 -15.58 -104.10 29.49
N ILE E 1503 -14.64 -104.62 28.72
CA ILE E 1503 -13.26 -104.75 29.17
C ILE E 1503 -12.33 -104.31 28.05
N VAL E 1504 -11.14 -103.86 28.45
CA VAL E 1504 -9.97 -103.79 27.61
C VAL E 1504 -9.17 -105.06 27.87
N ASP E 1505 -8.83 -105.77 26.80
CA ASP E 1505 -8.00 -106.98 26.89
C ASP E 1505 -7.05 -106.99 25.69
N TYR E 1506 -5.86 -106.44 25.88
CA TYR E 1506 -4.82 -106.40 24.86
C TYR E 1506 -3.69 -107.32 25.27
N GLU E 1507 -3.23 -108.15 24.34
CA GLU E 1507 -2.11 -109.04 24.56
C GLU E 1507 -1.24 -109.03 23.32
N ALA E 1508 0.07 -108.94 23.50
CA ALA E 1508 0.98 -108.92 22.37
C ALA E 1508 2.35 -109.43 22.81
N GLY E 1509 3.08 -109.98 21.84
CA GLY E 1509 4.45 -110.41 22.08
C GLY E 1509 5.42 -109.25 21.95
N ALA E 1510 6.48 -109.42 21.18
CA ALA E 1510 7.46 -108.36 21.01
C ALA E 1510 6.79 -107.11 20.44
N SER E 1511 7.02 -105.98 21.10
CA SER E 1511 6.40 -104.73 20.67
C SER E 1511 7.18 -103.57 21.26
N HIS E 1512 7.07 -102.41 20.60
CA HIS E 1512 7.77 -101.21 21.02
C HIS E 1512 6.96 -100.33 21.97
N GLY E 1513 5.72 -100.69 22.24
CA GLY E 1513 4.89 -99.88 23.13
C GLY E 1513 3.52 -100.50 23.26
N ASN E 1514 2.68 -99.81 24.04
CA ASN E 1514 1.32 -100.24 24.27
C ASN E 1514 0.38 -99.39 23.42
N PRO E 1515 -0.24 -99.93 22.36
CA PRO E 1515 -1.10 -99.07 21.53
C PRO E 1515 -2.34 -98.59 22.26
N VAL E 1516 -2.82 -99.32 23.25
CA VAL E 1516 -4.05 -98.95 23.95
C VAL E 1516 -3.87 -97.60 24.63
N VAL E 1517 -2.77 -97.43 25.36
CA VAL E 1517 -2.54 -96.19 26.09
C VAL E 1517 -2.33 -95.04 25.12
N ASP E 1518 -1.62 -95.30 24.01
CA ASP E 1518 -1.43 -94.27 23.01
C ASP E 1518 -2.77 -93.81 22.42
N PHE E 1519 -3.63 -94.77 22.09
CA PHE E 1519 -4.94 -94.43 21.54
C PHE E 1519 -5.78 -93.66 22.55
N LEU E 1520 -5.76 -94.09 23.80
CA LEU E 1520 -6.56 -93.41 24.82
C LEU E 1520 -6.04 -92.00 25.08
N LYS E 1521 -4.72 -91.83 25.13
CA LYS E 1521 -4.17 -90.49 25.30
C LYS E 1521 -4.54 -89.59 24.12
N ARG E 1522 -4.46 -90.11 22.90
CA ARG E 1522 -4.72 -89.28 21.73
C ARG E 1522 -6.19 -88.91 21.61
N ASN E 1523 -7.09 -89.83 21.94
CA ASN E 1523 -8.52 -89.63 21.72
C ASN E 1523 -9.27 -89.21 22.97
N GLY E 1524 -9.21 -89.99 24.04
CA GLY E 1524 -9.83 -89.61 25.29
C GLY E 1524 -9.01 -88.59 26.04
N SER E 1525 -9.44 -88.31 27.27
CA SER E 1525 -8.79 -87.36 28.15
C SER E 1525 -8.44 -88.05 29.47
N THR E 1526 -7.34 -87.62 30.06
CA THR E 1526 -6.86 -88.21 31.31
C THR E 1526 -7.60 -87.57 32.48
N LEU E 1527 -8.15 -88.40 33.36
CA LEU E 1527 -8.81 -87.93 34.57
C LEU E 1527 -7.80 -87.93 35.71
N GLU E 1528 -7.43 -86.74 36.17
CA GLU E 1528 -6.47 -86.60 37.26
C GLU E 1528 -7.25 -86.48 38.57
N GLN E 1529 -7.01 -87.41 39.49
CA GLN E 1529 -7.67 -87.36 40.80
C GLN E 1529 -7.21 -86.15 41.59
N LYS E 1530 -5.92 -85.82 41.51
CA LYS E 1530 -5.39 -84.66 42.20
C LYS E 1530 -5.74 -83.40 41.45
N VAL E 1531 -6.26 -82.40 42.17
CA VAL E 1531 -6.66 -81.12 41.60
C VAL E 1531 -5.88 -80.04 42.33
N ASN E 1532 -4.98 -79.36 41.63
CA ASN E 1532 -4.20 -78.30 42.22
C ASN E 1532 -5.08 -77.09 42.50
N LEU E 1533 -4.73 -76.35 43.54
CA LEU E 1533 -5.44 -75.12 43.86
C LEU E 1533 -4.99 -74.00 42.93
N GLU E 1534 -5.66 -72.86 43.04
CA GLU E 1534 -5.28 -71.71 42.23
C GLU E 1534 -3.87 -71.25 42.58
N ASN E 1535 -3.54 -71.25 43.87
CA ASN E 1535 -2.19 -70.95 44.33
C ASN E 1535 -1.85 -71.87 45.49
N PRO E 1536 -0.57 -72.20 45.68
CA PRO E 1536 -0.19 -72.98 46.86
C PRO E 1536 -0.41 -72.19 48.14
N ILE E 1537 -0.64 -72.91 49.23
CA ILE E 1537 -0.87 -72.31 50.54
C ILE E 1537 0.28 -72.74 51.45
N PRO E 1538 1.28 -71.91 51.72
CA PRO E 1538 2.32 -72.33 52.67
C PRO E 1538 1.73 -72.57 54.05
N ILE E 1539 2.19 -73.65 54.69
CA ILE E 1539 1.76 -74.01 56.04
C ILE E 1539 2.81 -73.59 57.06
N ALA E 1540 4.04 -74.10 56.92
CA ALA E 1540 5.11 -73.72 57.82
C ALA E 1540 6.43 -74.26 57.28
N VAL E 1541 7.50 -73.57 57.63
CA VAL E 1541 8.87 -74.02 57.40
C VAL E 1541 9.43 -74.43 58.76
N LEU E 1542 9.83 -75.69 58.87
CA LEU E 1542 10.17 -76.32 60.14
C LEU E 1542 11.59 -76.85 60.11
N ASP E 1543 12.25 -76.81 61.26
CA ASP E 1543 13.61 -77.29 61.42
C ASP E 1543 13.59 -78.59 62.21
N SER E 1544 14.11 -79.65 61.60
CA SER E 1544 14.34 -80.92 62.25
C SER E 1544 15.83 -81.20 62.28
N TYR E 1545 16.23 -82.20 63.04
CA TYR E 1545 17.63 -82.55 63.20
C TYR E 1545 17.81 -84.05 63.08
N THR E 1546 18.80 -84.45 62.30
CA THR E 1546 19.15 -85.86 62.26
C THR E 1546 19.92 -86.23 63.54
N PRO E 1547 19.66 -87.39 64.13
CA PRO E 1547 20.31 -87.72 65.40
C PRO E 1547 21.81 -87.95 65.24
N SER E 1548 22.52 -87.83 66.36
CA SER E 1548 23.95 -88.08 66.35
C SER E 1548 24.27 -89.52 65.96
N THR E 1549 23.38 -90.45 66.26
CA THR E 1549 23.57 -91.85 65.94
C THR E 1549 22.29 -92.40 65.31
N ASN E 1550 22.47 -93.45 64.52
CA ASN E 1550 21.38 -94.12 63.82
C ASN E 1550 20.99 -95.43 64.47
N GLU E 1551 21.69 -95.85 65.53
CA GLU E 1551 21.32 -97.04 66.27
C GLU E 1551 19.90 -96.98 66.84
N PRO E 1552 19.43 -95.87 67.41
CA PRO E 1552 18.05 -95.86 67.94
C PRO E 1552 17.01 -96.20 66.89
N TYR E 1553 17.16 -95.70 65.66
CA TYR E 1553 16.22 -96.05 64.61
C TYR E 1553 16.47 -97.44 64.08
N ALA E 1554 17.74 -97.85 63.96
CA ALA E 1554 18.04 -99.16 63.42
C ALA E 1554 17.43 -100.26 64.30
N ARG E 1555 17.59 -100.14 65.60
CA ARG E 1555 17.14 -101.21 66.49
C ARG E 1555 15.61 -101.29 66.54
N VAL E 1556 14.92 -100.16 66.36
CA VAL E 1556 13.47 -100.16 66.49
C VAL E 1556 12.81 -100.52 65.15
N SER E 1557 13.38 -100.07 64.04
CA SER E 1557 12.83 -100.39 62.73
C SER E 1557 13.29 -101.74 62.20
N GLY E 1558 14.30 -102.35 62.82
CA GLY E 1558 14.83 -103.60 62.32
C GLY E 1558 15.74 -103.46 61.13
N ASP E 1559 15.90 -102.25 60.59
CA ASP E 1559 16.79 -102.01 59.47
C ASP E 1559 18.20 -101.87 60.03
N LEU E 1560 18.94 -102.97 60.01
CA LEU E 1560 20.31 -103.00 60.50
C LEU E 1560 21.32 -102.82 59.38
N ASN E 1561 20.97 -102.03 58.37
CA ASN E 1561 21.89 -101.77 57.29
C ASN E 1561 23.18 -101.16 57.84
N PRO E 1562 24.34 -101.79 57.66
CA PRO E 1562 25.55 -101.25 58.30
C PRO E 1562 25.99 -99.90 57.77
N ILE E 1563 25.48 -99.46 56.61
CA ILE E 1563 25.90 -98.16 56.11
C ILE E 1563 25.44 -97.04 57.04
N HIS E 1564 24.42 -97.30 57.86
CA HIS E 1564 23.88 -96.31 58.77
C HIS E 1564 24.51 -96.35 60.16
N VAL E 1565 25.22 -97.41 60.52
CA VAL E 1565 25.76 -97.55 61.87
C VAL E 1565 27.27 -97.77 61.91
N SER E 1566 27.89 -98.27 60.84
CA SER E 1566 29.29 -98.66 60.83
C SER E 1566 30.05 -97.75 59.87
N ARG E 1567 31.15 -97.19 60.37
CA ARG E 1567 31.99 -96.33 59.53
C ARG E 1567 32.63 -97.12 58.40
N HIS E 1568 33.12 -98.33 58.68
CA HIS E 1568 33.87 -99.07 57.67
C HIS E 1568 32.97 -99.51 56.53
N PHE E 1569 31.73 -99.90 56.83
CA PHE E 1569 30.83 -100.32 55.76
C PHE E 1569 30.45 -99.15 54.87
N ALA E 1570 30.21 -97.98 55.47
CA ALA E 1570 29.94 -96.79 54.66
C ALA E 1570 31.14 -96.42 53.81
N SER E 1571 32.35 -96.54 54.38
CA SER E 1571 33.56 -96.27 53.59
C SER E 1571 33.65 -97.23 52.40
N TYR E 1572 33.42 -98.51 52.63
CA TYR E 1572 33.45 -99.48 51.53
C TYR E 1572 32.35 -99.20 50.51
N ALA E 1573 31.22 -98.66 50.95
CA ALA E 1573 30.12 -98.31 50.07
C ALA E 1573 30.28 -96.92 49.45
N ASN E 1574 31.39 -96.22 49.74
CA ASN E 1574 31.75 -94.95 49.12
C ASN E 1574 30.81 -93.82 49.52
N LEU E 1575 30.09 -93.97 50.61
CA LEU E 1575 29.18 -92.94 51.06
C LEU E 1575 29.94 -91.85 51.80
N PRO E 1576 29.42 -90.61 51.85
CA PRO E 1576 30.17 -89.54 52.52
C PRO E 1576 30.39 -89.79 54.00
N GLY E 1577 29.61 -90.68 54.60
CA GLY E 1577 29.81 -91.00 55.99
C GLY E 1577 28.76 -92.01 56.43
N THR E 1578 28.58 -92.10 57.76
CA THR E 1578 27.59 -92.99 58.33
C THR E 1578 26.21 -92.33 58.20
N ILE E 1579 25.71 -92.32 56.95
CA ILE E 1579 24.52 -91.56 56.61
C ILE E 1579 23.31 -92.11 57.34
N THR E 1580 22.40 -91.21 57.72
CA THR E 1580 21.22 -91.61 58.48
C THR E 1580 20.25 -92.37 57.59
N HIS E 1581 19.38 -93.15 58.24
CA HIS E 1581 18.30 -93.80 57.53
C HIS E 1581 17.46 -92.75 56.82
N GLY E 1582 17.33 -92.90 55.50
CA GLY E 1582 16.36 -92.08 54.80
C GLY E 1582 14.96 -92.31 55.32
N MET E 1583 14.70 -93.52 55.79
CA MET E 1583 13.37 -93.81 56.31
C MET E 1583 13.12 -93.10 57.63
N PHE E 1584 14.18 -92.89 58.41
CA PHE E 1584 14.06 -92.01 59.57
C PHE E 1584 13.66 -90.61 59.14
N SER E 1585 14.30 -90.08 58.10
CA SER E 1585 13.99 -88.73 57.65
C SER E 1585 12.55 -88.64 57.17
N SER E 1586 12.09 -89.67 56.47
CA SER E 1586 10.69 -89.70 56.06
C SER E 1586 9.76 -89.71 57.25
N ALA E 1587 10.07 -90.51 58.27
CA ALA E 1587 9.19 -90.61 59.43
C ALA E 1587 9.20 -89.31 60.24
N SER E 1588 10.35 -88.63 60.30
CA SER E 1588 10.41 -87.35 60.99
C SER E 1588 9.63 -86.28 60.25
N VAL E 1589 9.77 -86.23 58.93
CA VAL E 1589 9.01 -85.26 58.15
C VAL E 1589 7.53 -85.55 58.25
N ARG E 1590 7.16 -86.82 58.33
CA ARG E 1590 5.75 -87.16 58.49
C ARG E 1590 5.25 -86.79 59.87
N ALA E 1591 6.09 -86.91 60.89
CA ALA E 1591 5.74 -86.41 62.21
C ALA E 1591 5.44 -84.92 62.14
N LEU E 1592 6.30 -84.17 61.47
CA LEU E 1592 6.07 -82.73 61.31
C LEU E 1592 4.78 -82.46 60.53
N ILE E 1593 4.52 -83.25 59.49
CA ILE E 1593 3.36 -83.02 58.65
C ILE E 1593 2.07 -83.29 59.42
N GLU E 1594 2.04 -84.39 60.17
CA GLU E 1594 0.85 -84.68 60.96
C GLU E 1594 0.70 -83.70 62.10
N ASN E 1595 1.80 -83.10 62.57
CA ASN E 1595 1.69 -82.08 63.60
C ASN E 1595 1.09 -80.80 63.04
N TRP E 1596 1.59 -80.33 61.89
CA TRP E 1596 1.25 -79.00 61.39
C TRP E 1596 0.09 -79.03 60.40
N ALA E 1597 0.21 -79.81 59.33
CA ALA E 1597 -0.85 -79.87 58.33
C ALA E 1597 -2.10 -80.54 58.89
N ALA E 1598 -1.93 -81.60 59.68
CA ALA E 1598 -3.06 -82.35 60.23
C ALA E 1598 -3.42 -81.93 61.64
N ASP E 1599 -2.73 -80.95 62.22
CA ASP E 1599 -3.03 -80.46 63.56
C ASP E 1599 -2.88 -81.55 64.61
N SER E 1600 -1.85 -82.38 64.46
CA SER E 1600 -1.52 -83.43 65.42
C SER E 1600 -2.68 -84.41 65.59
N VAL E 1601 -3.23 -84.83 64.45
CA VAL E 1601 -4.27 -85.85 64.40
C VAL E 1601 -3.76 -86.99 63.53
N SER E 1602 -3.52 -88.15 64.14
CA SER E 1602 -2.94 -89.28 63.42
C SER E 1602 -3.87 -89.77 62.32
N SER E 1603 -5.14 -90.00 62.67
CA SER E 1603 -6.09 -90.55 61.71
C SER E 1603 -6.29 -89.65 60.50
N ARG E 1604 -6.10 -88.34 60.66
CA ARG E 1604 -6.30 -87.39 59.58
C ARG E 1604 -5.27 -87.52 58.46
N VAL E 1605 -4.21 -88.29 58.67
CA VAL E 1605 -3.19 -88.53 57.65
C VAL E 1605 -3.48 -89.88 57.01
N ARG E 1606 -3.84 -89.86 55.73
CA ARG E 1606 -4.20 -91.07 54.99
C ARG E 1606 -3.12 -91.53 54.02
N GLY E 1607 -2.45 -90.60 53.36
CA GLY E 1607 -1.38 -90.94 52.45
C GLY E 1607 -0.13 -90.15 52.77
N TYR E 1608 1.02 -90.75 52.45
CA TYR E 1608 2.27 -90.02 52.62
C TYR E 1608 3.33 -90.71 51.78
N THR E 1609 3.76 -90.06 50.70
CA THR E 1609 4.84 -90.54 49.87
C THR E 1609 6.03 -89.59 49.99
N CYS E 1610 7.23 -90.14 49.84
CA CYS E 1610 8.44 -89.35 49.95
C CYS E 1610 9.51 -89.97 49.07
N GLN E 1611 10.35 -89.11 48.50
CA GLN E 1611 11.47 -89.48 47.66
C GLN E 1611 12.74 -88.96 48.31
N PHE E 1612 13.72 -89.84 48.46
CA PHE E 1612 15.01 -89.52 49.06
C PHE E 1612 15.96 -89.13 47.93
N VAL E 1613 15.95 -87.83 47.62
CA VAL E 1613 16.70 -87.36 46.45
C VAL E 1613 18.20 -87.34 46.75
N ASP E 1614 18.57 -87.13 48.01
CA ASP E 1614 19.98 -87.08 48.40
C ASP E 1614 20.16 -87.71 49.77
N MET E 1615 21.39 -88.13 50.04
CA MET E 1615 21.74 -88.70 51.33
C MET E 1615 21.76 -87.62 52.41
N VAL E 1616 21.54 -88.06 53.64
CA VAL E 1616 21.51 -87.18 54.80
C VAL E 1616 22.47 -87.75 55.84
N LEU E 1617 23.32 -86.88 56.42
CA LEU E 1617 24.30 -87.30 57.40
C LEU E 1617 23.81 -87.00 58.82
N PRO E 1618 24.28 -87.72 59.84
CA PRO E 1618 23.85 -87.42 61.21
C PRO E 1618 24.30 -86.04 61.66
N ASN E 1619 23.53 -85.46 62.58
CA ASN E 1619 23.79 -84.14 63.14
C ASN E 1619 23.73 -83.06 62.05
N THR E 1620 22.64 -83.09 61.30
CA THR E 1620 22.39 -82.11 60.25
C THR E 1620 21.01 -81.51 60.45
N ALA E 1621 20.92 -80.20 60.20
CA ALA E 1621 19.68 -79.46 60.31
C ALA E 1621 18.94 -79.55 58.98
N LEU E 1622 17.70 -80.01 59.03
CA LEU E 1622 16.87 -80.19 57.85
C LEU E 1622 15.72 -79.18 57.91
N LYS E 1623 15.60 -78.36 56.87
CA LYS E 1623 14.56 -77.35 56.77
C LYS E 1623 13.50 -77.85 55.81
N THR E 1624 12.29 -78.08 56.32
CA THR E 1624 11.18 -78.64 55.56
C THR E 1624 10.10 -77.59 55.39
N SER E 1625 9.79 -77.24 54.15
CA SER E 1625 8.73 -76.31 53.83
C SER E 1625 7.48 -77.09 53.42
N ILE E 1626 6.40 -76.92 54.19
CA ILE E 1626 5.15 -77.61 53.96
C ILE E 1626 4.24 -76.67 53.19
N GLN E 1627 3.63 -77.17 52.12
CA GLN E 1627 2.71 -76.40 51.29
C GLN E 1627 1.48 -77.24 51.01
N HIS E 1628 0.30 -76.64 51.09
CA HIS E 1628 -0.93 -77.28 50.65
C HIS E 1628 -1.16 -76.87 49.21
N VAL E 1629 -1.07 -77.83 48.30
CA VAL E 1629 -0.99 -77.54 46.87
C VAL E 1629 -2.24 -77.99 46.13
N GLY E 1630 -2.98 -78.95 46.68
CA GLY E 1630 -4.14 -79.47 45.98
C GLY E 1630 -5.04 -80.32 46.83
N MET E 1631 -6.04 -80.93 46.19
CA MET E 1631 -7.00 -81.79 46.87
C MET E 1631 -7.16 -83.07 46.06
N ILE E 1632 -7.46 -84.17 46.75
CA ILE E 1632 -7.72 -85.45 46.11
C ILE E 1632 -8.80 -86.17 46.90
N ASN E 1633 -10.00 -86.28 46.33
CA ASN E 1633 -11.12 -86.99 46.94
C ASN E 1633 -11.40 -86.45 48.34
N GLY E 1634 -11.34 -85.12 48.47
CA GLY E 1634 -11.59 -84.47 49.74
C GLY E 1634 -10.44 -84.54 50.73
N ARG E 1635 -9.28 -85.02 50.31
CA ARG E 1635 -8.07 -84.99 51.12
C ARG E 1635 -7.15 -83.90 50.58
N LYS E 1636 -6.66 -83.07 51.49
CA LYS E 1636 -5.68 -82.06 51.14
C LYS E 1636 -4.40 -82.74 50.67
N LEU E 1637 -3.89 -82.31 49.53
CA LEU E 1637 -2.59 -82.75 49.03
C LEU E 1637 -1.55 -81.73 49.51
N ILE E 1638 -0.60 -82.20 50.31
CA ILE E 1638 0.41 -81.36 50.93
C ILE E 1638 1.77 -81.79 50.40
N LYS E 1639 2.43 -80.90 49.67
CA LYS E 1639 3.80 -81.13 49.23
C LYS E 1639 4.76 -80.68 50.32
N PHE E 1640 5.93 -81.31 50.37
CA PHE E 1640 7.01 -80.87 51.23
C PHE E 1640 8.33 -80.95 50.48
N GLU E 1641 9.28 -80.12 50.90
CA GLU E 1641 10.60 -80.07 50.30
C GLU E 1641 11.61 -79.84 51.42
N THR E 1642 12.20 -80.94 51.90
CA THR E 1642 13.21 -80.87 52.95
C THR E 1642 14.60 -80.69 52.33
N ARG E 1643 15.27 -79.61 52.73
CA ARG E 1643 16.61 -79.28 52.29
C ARG E 1643 17.56 -79.40 53.47
N ASN E 1644 18.85 -79.55 53.19
CA ASN E 1644 19.86 -79.65 54.22
C ASN E 1644 20.43 -78.27 54.50
N GLU E 1645 21.53 -78.21 55.27
CA GLU E 1645 22.14 -76.91 55.59
C GLU E 1645 22.72 -76.25 54.35
N ASP E 1646 23.15 -77.05 53.36
CA ASP E 1646 23.72 -76.51 52.13
C ASP E 1646 22.67 -76.06 51.13
N ASP E 1647 21.40 -75.96 51.56
CA ASP E 1647 20.31 -75.54 50.67
C ASP E 1647 20.11 -76.54 49.54
N VAL E 1648 20.47 -77.80 49.80
CA VAL E 1648 20.34 -78.88 48.83
C VAL E 1648 19.14 -79.72 49.24
N VAL E 1649 18.24 -79.95 48.28
CA VAL E 1649 17.05 -80.75 48.55
C VAL E 1649 17.47 -82.18 48.85
N VAL E 1650 16.98 -82.71 49.97
CA VAL E 1650 17.26 -84.09 50.37
C VAL E 1650 16.02 -84.93 50.55
N LEU E 1651 14.83 -84.33 50.57
CA LEU E 1651 13.59 -85.09 50.65
C LEU E 1651 12.50 -84.30 49.94
N THR E 1652 11.67 -85.00 49.17
CA THR E 1652 10.51 -84.35 48.58
C THR E 1652 9.37 -85.34 48.55
N GLY E 1653 8.16 -84.88 48.84
CA GLY E 1653 7.06 -85.82 48.86
C GLY E 1653 5.71 -85.14 48.98
N GLU E 1654 4.69 -86.00 49.10
CA GLU E 1654 3.29 -85.61 49.16
C GLU E 1654 2.67 -86.25 50.38
N ALA E 1655 1.60 -85.65 50.87
CA ALA E 1655 0.86 -86.17 52.00
C ALA E 1655 -0.62 -85.90 51.77
N GLU E 1656 -1.42 -86.95 51.82
CA GLU E 1656 -2.87 -86.87 51.67
C GLU E 1656 -3.45 -86.82 53.08
N ILE E 1657 -3.85 -85.62 53.49
CA ILE E 1657 -4.36 -85.35 54.84
C ILE E 1657 -5.87 -85.15 54.73
N GLU E 1658 -6.63 -85.96 55.44
CA GLU E 1658 -8.07 -85.79 55.43
C GLU E 1658 -8.44 -84.40 55.97
N GLN E 1659 -9.56 -83.88 55.49
CA GLN E 1659 -10.05 -82.61 55.99
C GLN E 1659 -10.65 -82.80 57.37
N PRO E 1660 -10.89 -81.71 58.10
CA PRO E 1660 -11.69 -81.82 59.32
C PRO E 1660 -13.06 -82.41 59.01
N VAL E 1661 -13.71 -82.94 60.05
CA VAL E 1661 -15.02 -83.56 59.87
C VAL E 1661 -15.96 -82.56 59.23
N THR E 1662 -16.48 -82.91 58.05
CA THR E 1662 -17.27 -82.01 57.25
C THR E 1662 -18.72 -82.48 57.19
N THR E 1663 -19.63 -81.54 57.32
CA THR E 1663 -21.04 -81.77 57.07
C THR E 1663 -21.50 -80.77 56.03
N PHE E 1664 -22.38 -81.24 55.14
CA PHE E 1664 -22.95 -80.41 54.09
C PHE E 1664 -24.44 -80.26 54.37
N VAL E 1665 -24.87 -79.04 54.68
CA VAL E 1665 -26.26 -78.72 54.95
C VAL E 1665 -26.80 -77.95 53.76
N PHE E 1666 -27.87 -78.46 53.16
CA PHE E 1666 -28.42 -77.91 51.92
C PHE E 1666 -29.68 -77.11 52.21
N THR E 1667 -29.67 -75.84 51.82
CA THR E 1667 -30.72 -74.91 52.21
C THR E 1667 -32.04 -75.22 51.49
N GLY E 1668 -33.14 -75.05 52.22
CA GLY E 1668 -34.46 -75.20 51.67
C GLY E 1668 -34.95 -73.92 51.01
N GLN E 1669 -36.22 -73.96 50.60
CA GLN E 1669 -36.81 -72.84 49.88
C GLN E 1669 -36.87 -71.59 50.75
N GLY E 1670 -36.79 -70.44 50.10
CA GLY E 1670 -36.97 -69.16 50.77
C GLY E 1670 -36.02 -68.08 50.27
N SER E 1671 -34.80 -68.49 49.91
CA SER E 1671 -33.74 -67.54 49.56
C SER E 1671 -33.54 -67.39 48.06
N GLN E 1672 -34.45 -67.93 47.24
CA GLN E 1672 -34.29 -67.83 45.79
C GLN E 1672 -34.33 -66.38 45.34
N GLU E 1673 -33.43 -66.04 44.41
CA GLU E 1673 -33.29 -64.68 43.93
C GLU E 1673 -32.77 -64.73 42.50
N GLN E 1674 -33.03 -63.67 41.74
CA GLN E 1674 -32.57 -63.63 40.35
C GLN E 1674 -31.05 -63.72 40.28
N GLY E 1675 -30.56 -64.43 39.27
CA GLY E 1675 -29.14 -64.64 39.10
C GLY E 1675 -28.52 -65.67 40.00
N MET E 1676 -29.32 -66.55 40.58
CA MET E 1676 -28.82 -67.49 41.58
C MET E 1676 -27.96 -68.56 40.93
N GLY E 1677 -26.70 -68.65 41.36
CA GLY E 1677 -25.78 -69.64 40.84
C GLY E 1677 -25.21 -69.32 39.47
N MET E 1678 -25.48 -68.12 38.95
CA MET E 1678 -25.07 -67.81 37.58
C MET E 1678 -23.59 -67.51 37.47
N ASP E 1679 -22.95 -66.97 38.50
CA ASP E 1679 -21.50 -66.78 38.43
C ASP E 1679 -20.80 -68.12 38.36
N LEU E 1680 -21.26 -69.09 39.15
CA LEU E 1680 -20.73 -70.43 39.04
C LEU E 1680 -21.06 -71.04 37.68
N TYR E 1681 -22.21 -70.68 37.11
CA TYR E 1681 -22.52 -71.14 35.76
C TYR E 1681 -21.53 -70.59 34.75
N LYS E 1682 -21.12 -69.33 34.88
CA LYS E 1682 -20.11 -68.80 33.98
C LYS E 1682 -18.77 -69.49 34.17
N THR E 1683 -18.35 -69.71 35.42
CA THR E 1683 -16.98 -70.15 35.67
C THR E 1683 -16.83 -71.68 35.63
N SER E 1684 -17.55 -72.38 36.50
CA SER E 1684 -17.33 -73.82 36.66
C SER E 1684 -17.90 -74.60 35.49
N LYS E 1685 -17.14 -75.58 35.01
CA LYS E 1685 -17.61 -76.44 33.93
C LYS E 1685 -18.61 -77.47 34.43
N ALA E 1686 -18.42 -77.98 35.64
CA ALA E 1686 -19.38 -78.91 36.22
C ALA E 1686 -20.73 -78.24 36.47
N ALA E 1687 -20.70 -77.01 36.96
CA ALA E 1687 -21.93 -76.25 37.14
C ALA E 1687 -22.63 -76.03 35.81
N GLN E 1688 -21.85 -75.71 34.77
CA GLN E 1688 -22.41 -75.59 33.43
C GLN E 1688 -23.11 -76.88 33.03
N ASP E 1689 -22.45 -78.01 33.25
CA ASP E 1689 -23.04 -79.29 32.83
C ASP E 1689 -24.34 -79.56 33.57
N VAL E 1690 -24.37 -79.29 34.88
CA VAL E 1690 -25.59 -79.53 35.65
C VAL E 1690 -26.72 -78.64 35.12
N TRP E 1691 -26.45 -77.34 35.00
CA TRP E 1691 -27.47 -76.41 34.57
C TRP E 1691 -27.93 -76.71 33.15
N ASN E 1692 -27.01 -77.09 32.27
CA ASN E 1692 -27.37 -77.38 30.89
C ASN E 1692 -28.22 -78.62 30.78
N ARG E 1693 -27.88 -79.67 31.54
CA ARG E 1693 -28.72 -80.87 31.53
C ARG E 1693 -30.12 -80.54 32.03
N ALA E 1694 -30.20 -79.75 33.09
CA ALA E 1694 -31.51 -79.36 33.62
C ALA E 1694 -32.29 -78.54 32.60
N ASP E 1695 -31.64 -77.57 31.97
CA ASP E 1695 -32.31 -76.71 31.01
C ASP E 1695 -32.76 -77.51 29.80
N ASN E 1696 -31.92 -78.41 29.30
CA ASN E 1696 -32.30 -79.21 28.15
C ASN E 1696 -33.49 -80.10 28.48
N HIS E 1697 -33.50 -80.72 29.66
CA HIS E 1697 -34.64 -81.55 30.03
C HIS E 1697 -35.91 -80.72 30.13
N PHE E 1698 -35.82 -79.53 30.75
CA PHE E 1698 -37.01 -78.71 30.90
C PHE E 1698 -37.51 -78.21 29.55
N LYS E 1699 -36.59 -77.84 28.65
CA LYS E 1699 -37.01 -77.41 27.31
C LYS E 1699 -37.72 -78.53 26.59
N ASP E 1700 -37.13 -79.73 26.61
CA ASP E 1700 -37.71 -80.85 25.86
C ASP E 1700 -39.05 -81.27 26.43
N THR E 1701 -39.19 -81.25 27.76
CA THR E 1701 -40.41 -81.76 28.38
C THR E 1701 -41.49 -80.69 28.45
N TYR E 1702 -41.21 -79.58 29.12
CA TYR E 1702 -42.19 -78.54 29.37
C TYR E 1702 -41.97 -77.26 28.57
N GLY E 1703 -40.97 -77.22 27.71
CA GLY E 1703 -40.80 -76.08 26.83
C GLY E 1703 -40.48 -74.78 27.52
N PHE E 1704 -39.69 -74.82 28.59
CA PHE E 1704 -39.22 -73.61 29.25
C PHE E 1704 -37.78 -73.82 29.72
N SER E 1705 -37.09 -72.71 29.92
CA SER E 1705 -35.68 -72.72 30.30
C SER E 1705 -35.55 -72.29 31.75
N ILE E 1706 -35.11 -73.23 32.61
CA ILE E 1706 -34.89 -72.88 34.01
C ILE E 1706 -33.74 -71.88 34.13
N LEU E 1707 -32.74 -71.99 33.26
CA LEU E 1707 -31.68 -70.99 33.22
C LEU E 1707 -32.25 -69.61 32.90
N ASP E 1708 -33.15 -69.52 31.92
CA ASP E 1708 -33.72 -68.24 31.57
C ASP E 1708 -34.56 -67.69 32.72
N ILE E 1709 -35.31 -68.56 33.40
CA ILE E 1709 -36.13 -68.11 34.53
C ILE E 1709 -35.24 -67.59 35.65
N VAL E 1710 -34.13 -68.29 35.94
CA VAL E 1710 -33.22 -67.83 36.98
C VAL E 1710 -32.58 -66.50 36.58
N ILE E 1711 -32.17 -66.38 35.32
CA ILE E 1711 -31.45 -65.19 34.88
C ILE E 1711 -32.36 -63.96 34.83
N ASN E 1712 -33.58 -64.08 34.33
CA ASN E 1712 -34.43 -62.93 34.04
C ASN E 1712 -35.60 -62.76 34.98
N ASN E 1713 -36.00 -63.78 35.73
CA ASN E 1713 -37.13 -63.72 36.64
C ASN E 1713 -38.38 -63.15 35.96
N PRO E 1714 -38.84 -63.78 34.88
CA PRO E 1714 -40.01 -63.25 34.16
C PRO E 1714 -41.26 -63.27 35.04
N VAL E 1715 -42.06 -62.23 34.91
CA VAL E 1715 -43.33 -62.20 35.63
C VAL E 1715 -44.30 -63.21 35.03
N ASN E 1716 -44.34 -63.29 33.71
CA ASN E 1716 -45.19 -64.22 33.00
C ASN E 1716 -44.36 -65.05 32.04
N LEU E 1717 -44.77 -66.29 31.84
CA LEU E 1717 -44.07 -67.21 30.95
C LEU E 1717 -45.09 -67.98 30.14
N THR E 1718 -45.12 -67.75 28.83
CA THR E 1718 -46.08 -68.40 27.94
C THR E 1718 -45.39 -69.56 27.23
N ILE E 1719 -45.88 -70.77 27.48
CA ILE E 1719 -45.49 -71.97 26.75
C ILE E 1719 -46.46 -72.10 25.59
N HIS E 1720 -45.93 -72.32 24.40
CA HIS E 1720 -46.72 -72.43 23.19
C HIS E 1720 -46.68 -73.87 22.69
N PHE E 1721 -47.85 -74.38 22.31
CA PHE E 1721 -48.04 -75.77 21.93
C PHE E 1721 -48.21 -75.92 20.41
N GLY E 1722 -47.48 -75.12 19.65
CA GLY E 1722 -47.54 -75.20 18.21
C GLY E 1722 -46.50 -76.16 17.65
N GLY E 1723 -46.90 -76.89 16.61
CA GLY E 1723 -46.03 -77.88 16.02
C GLY E 1723 -46.00 -79.17 16.81
N GLU E 1724 -45.25 -80.14 16.29
CA GLU E 1724 -45.17 -81.45 16.93
C GLU E 1724 -44.51 -81.35 18.30
N LYS E 1725 -43.44 -80.55 18.41
CA LYS E 1725 -42.79 -80.36 19.70
C LYS E 1725 -43.75 -79.71 20.70
N GLY E 1726 -44.51 -78.72 20.25
CA GLY E 1726 -45.49 -78.11 21.12
C GLY E 1726 -46.56 -79.08 21.56
N LYS E 1727 -46.94 -80.00 20.67
CA LYS E 1727 -47.92 -81.03 21.04
C LYS E 1727 -47.34 -81.99 22.08
N ARG E 1728 -46.08 -82.38 21.93
CA ARG E 1728 -45.44 -83.23 22.93
C ARG E 1728 -45.39 -82.52 24.28
N ILE E 1729 -45.05 -81.23 24.27
CA ILE E 1729 -45.00 -80.46 25.51
C ILE E 1729 -46.39 -80.35 26.11
N ARG E 1730 -47.41 -80.16 25.28
CA ARG E 1730 -48.77 -80.08 25.79
C ARG E 1730 -49.20 -81.40 26.43
N GLU E 1731 -48.84 -82.52 25.81
CA GLU E 1731 -49.16 -83.81 26.42
C GLU E 1731 -48.45 -83.98 27.75
N ASN E 1732 -47.20 -83.52 27.84
CA ASN E 1732 -46.48 -83.55 29.12
C ASN E 1732 -47.20 -82.70 30.16
N TYR E 1733 -47.69 -81.53 29.77
CA TYR E 1733 -48.41 -80.67 30.70
C TYR E 1733 -49.73 -81.31 31.14
N SER E 1734 -50.44 -81.96 30.22
CA SER E 1734 -51.72 -82.57 30.55
C SER E 1734 -51.55 -83.81 31.41
N ALA E 1735 -50.43 -84.52 31.25
CA ALA E 1735 -50.18 -85.71 32.07
C ALA E 1735 -49.92 -85.36 33.53
N MET E 1736 -49.57 -84.11 33.82
CA MET E 1736 -49.34 -83.72 35.21
C MET E 1736 -50.63 -83.82 36.00
N ILE E 1737 -50.61 -84.64 37.06
CA ILE E 1737 -51.77 -84.86 37.90
C ILE E 1737 -51.35 -84.76 39.36
N PHE E 1738 -52.31 -84.38 40.20
CA PHE E 1738 -52.16 -84.33 41.65
C PHE E 1738 -53.05 -85.44 42.21
N GLU E 1739 -52.43 -86.52 42.65
CA GLU E 1739 -53.13 -87.68 43.19
C GLU E 1739 -53.09 -87.64 44.71
N THR E 1740 -54.20 -87.99 45.35
CA THR E 1740 -54.32 -87.90 46.79
C THR E 1740 -55.29 -88.97 47.28
N ILE E 1741 -54.84 -89.82 48.20
CA ILE E 1741 -55.69 -90.85 48.79
C ILE E 1741 -56.31 -90.21 50.03
N VAL E 1742 -57.52 -89.69 49.87
CA VAL E 1742 -58.27 -89.06 50.95
C VAL E 1742 -59.44 -89.96 51.33
N ASP E 1743 -59.55 -90.28 52.61
CA ASP E 1743 -60.62 -91.14 53.13
C ASP E 1743 -60.66 -92.48 52.40
N GLY E 1744 -59.49 -92.98 52.02
CA GLY E 1744 -59.40 -94.25 51.32
C GLY E 1744 -59.75 -94.20 49.85
N LYS E 1745 -60.01 -93.02 49.30
CA LYS E 1745 -60.35 -92.86 47.89
C LYS E 1745 -59.26 -92.08 47.18
N LEU E 1746 -58.82 -92.60 46.03
CA LEU E 1746 -57.72 -92.01 45.27
C LEU E 1746 -58.29 -90.94 44.34
N LYS E 1747 -58.43 -89.73 44.88
CA LYS E 1747 -58.78 -88.58 44.04
C LYS E 1747 -57.61 -88.24 43.13
N THR E 1748 -57.93 -87.86 41.89
CA THR E 1748 -56.94 -87.49 40.88
C THR E 1748 -57.35 -86.14 40.31
N GLU E 1749 -56.91 -85.07 40.96
CA GLU E 1749 -57.10 -83.74 40.40
C GLU E 1749 -56.06 -83.53 39.31
N LYS E 1750 -56.38 -82.63 38.37
CA LYS E 1750 -55.49 -82.33 37.26
C LYS E 1750 -54.87 -80.96 37.47
N ILE E 1751 -53.54 -80.91 37.41
CA ILE E 1751 -52.84 -79.64 37.35
C ILE E 1751 -52.93 -79.12 35.92
N PHE E 1752 -53.09 -77.81 35.77
CA PHE E 1752 -53.37 -77.21 34.47
C PHE E 1752 -54.66 -77.78 33.89
N LYS E 1753 -55.78 -77.53 34.59
CA LYS E 1753 -57.07 -77.93 34.06
C LYS E 1753 -57.42 -77.17 32.78
N GLU E 1754 -56.81 -75.99 32.56
CA GLU E 1754 -57.06 -75.25 31.33
C GLU E 1754 -56.59 -76.04 30.12
N ILE E 1755 -55.44 -76.70 30.22
CA ILE E 1755 -54.82 -77.32 29.06
C ILE E 1755 -55.66 -78.50 28.59
N ASN E 1756 -55.96 -78.51 27.29
CA ASN E 1756 -56.70 -79.58 26.66
C ASN E 1756 -56.04 -79.85 25.30
N GLU E 1757 -56.72 -80.62 24.46
CA GLU E 1757 -56.19 -80.93 23.14
C GLU E 1757 -56.26 -79.74 22.18
N HIS E 1758 -57.02 -78.71 22.51
CA HIS E 1758 -57.14 -77.52 21.68
C HIS E 1758 -56.39 -76.32 22.24
N SER E 1759 -55.75 -76.46 23.40
CA SER E 1759 -55.00 -75.35 23.98
C SER E 1759 -53.77 -75.08 23.14
N THR E 1760 -53.67 -73.86 22.59
CA THR E 1760 -52.50 -73.47 21.84
C THR E 1760 -51.39 -72.90 22.72
N SER E 1761 -51.71 -72.55 23.97
CA SER E 1761 -50.68 -72.02 24.85
C SER E 1761 -51.15 -72.12 26.29
N TYR E 1762 -50.20 -72.05 27.21
CA TYR E 1762 -50.44 -71.90 28.64
C TYR E 1762 -49.55 -70.77 29.13
N THR E 1763 -49.96 -70.11 30.20
CA THR E 1763 -49.21 -68.99 30.75
C THR E 1763 -49.06 -69.15 32.26
N PHE E 1764 -47.81 -69.27 32.71
CA PHE E 1764 -47.47 -69.14 34.12
C PHE E 1764 -47.51 -67.67 34.48
N ARG E 1765 -48.25 -67.35 35.54
CA ARG E 1765 -48.39 -65.99 36.04
C ARG E 1765 -47.62 -65.86 37.34
N SER E 1766 -47.13 -64.65 37.62
CA SER E 1766 -46.61 -64.32 38.93
C SER E 1766 -46.93 -62.86 39.23
N GLU E 1767 -46.95 -62.52 40.51
CA GLU E 1767 -47.16 -61.14 40.90
C GLU E 1767 -45.94 -60.28 40.56
N LYS E 1768 -44.74 -60.75 40.93
CA LYS E 1768 -43.51 -60.00 40.74
C LYS E 1768 -42.49 -60.77 39.91
N GLY E 1769 -42.46 -62.08 40.07
CA GLY E 1769 -41.52 -62.90 39.32
C GLY E 1769 -41.78 -64.39 39.48
N LEU E 1770 -41.55 -65.15 38.42
CA LEU E 1770 -41.81 -66.58 38.46
C LEU E 1770 -40.73 -67.37 39.19
N LEU E 1771 -39.56 -66.79 39.40
CA LEU E 1771 -38.53 -67.47 40.17
C LEU E 1771 -38.93 -67.67 41.63
N SER E 1772 -39.92 -66.93 42.11
CA SER E 1772 -40.43 -67.07 43.47
C SER E 1772 -41.56 -68.08 43.57
N ALA E 1773 -41.98 -68.66 42.45
CA ALA E 1773 -43.03 -69.67 42.44
C ALA E 1773 -42.42 -71.03 42.74
N THR E 1774 -43.11 -71.81 43.59
CA THR E 1774 -42.53 -73.07 44.06
C THR E 1774 -42.26 -74.01 42.89
N GLN E 1775 -43.09 -73.91 41.86
CA GLN E 1775 -42.87 -74.67 40.63
C GLN E 1775 -41.47 -74.44 40.07
N PHE E 1776 -41.02 -73.19 40.04
CA PHE E 1776 -39.71 -72.83 39.50
C PHE E 1776 -38.68 -72.53 40.57
N THR E 1777 -39.10 -72.08 41.75
CA THR E 1777 -38.16 -71.78 42.82
C THR E 1777 -37.43 -73.04 43.27
N GLN E 1778 -38.17 -74.11 43.49
CA GLN E 1778 -37.55 -75.35 43.96
C GLN E 1778 -36.56 -75.92 42.96
N PRO E 1779 -36.90 -76.09 41.66
CA PRO E 1779 -35.88 -76.60 40.74
C PRO E 1779 -34.67 -75.70 40.62
N ALA E 1780 -34.85 -74.38 40.64
CA ALA E 1780 -33.70 -73.48 40.55
C ALA E 1780 -32.80 -73.61 41.77
N LEU E 1781 -33.38 -73.65 42.95
CA LEU E 1781 -32.59 -73.80 44.17
C LEU E 1781 -31.87 -75.14 44.20
N THR E 1782 -32.61 -76.21 43.94
CA THR E 1782 -32.01 -77.54 43.92
C THR E 1782 -30.90 -77.62 42.88
N LEU E 1783 -31.08 -76.98 41.73
CA LEU E 1783 -30.09 -77.05 40.68
C LEU E 1783 -28.84 -76.27 41.04
N MET E 1784 -28.99 -75.08 41.62
CA MET E 1784 -27.78 -74.32 41.92
C MET E 1784 -27.06 -74.96 43.11
N GLU E 1785 -27.78 -75.61 44.01
CA GLU E 1785 -27.12 -76.39 45.06
C GLU E 1785 -26.35 -77.55 44.47
N LYS E 1786 -26.98 -78.31 43.57
CA LYS E 1786 -26.31 -79.43 42.94
C LYS E 1786 -25.12 -78.96 42.12
N ALA E 1787 -25.22 -77.78 41.50
CA ALA E 1787 -24.12 -77.25 40.70
C ALA E 1787 -22.97 -76.80 41.58
N ALA E 1788 -23.27 -76.14 42.70
CA ALA E 1788 -22.23 -75.79 43.66
C ALA E 1788 -21.51 -77.05 44.15
N PHE E 1789 -22.27 -78.09 44.48
CA PHE E 1789 -21.63 -79.30 44.96
C PHE E 1789 -20.85 -80.01 43.87
N GLU E 1790 -21.31 -79.95 42.63
CA GLU E 1790 -20.57 -80.57 41.54
C GLU E 1790 -19.27 -79.82 41.26
N ASP E 1791 -19.29 -78.49 41.38
CA ASP E 1791 -18.05 -77.73 41.29
C ASP E 1791 -17.10 -78.12 42.42
N LEU E 1792 -17.63 -78.28 43.63
CA LEU E 1792 -16.79 -78.71 44.74
C LEU E 1792 -16.19 -80.09 44.48
N LYS E 1793 -16.99 -81.01 43.92
CA LYS E 1793 -16.49 -82.34 43.61
C LYS E 1793 -15.41 -82.29 42.53
N SER E 1794 -15.61 -81.47 41.51
CA SER E 1794 -14.60 -81.34 40.47
C SER E 1794 -13.31 -80.76 41.04
N LYS E 1795 -13.42 -79.89 42.03
CA LYS E 1795 -12.25 -79.37 42.72
C LYS E 1795 -11.70 -80.33 43.78
N GLY E 1796 -12.42 -81.41 44.08
CA GLY E 1796 -11.92 -82.41 45.00
C GLY E 1796 -12.09 -82.05 46.46
N LEU E 1797 -13.11 -81.26 46.79
CA LEU E 1797 -13.27 -80.69 48.12
C LEU E 1797 -14.31 -81.42 48.97
N ILE E 1798 -14.75 -82.60 48.53
CA ILE E 1798 -15.79 -83.36 49.23
C ILE E 1798 -15.15 -84.55 49.93
N PRO E 1799 -15.03 -84.56 51.26
CA PRO E 1799 -14.52 -85.76 51.94
C PRO E 1799 -15.42 -86.96 51.71
N ALA E 1800 -14.79 -88.14 51.62
CA ALA E 1800 -15.55 -89.36 51.40
C ALA E 1800 -16.48 -89.65 52.57
N ASP E 1801 -16.01 -89.38 53.79
CA ASP E 1801 -16.79 -89.64 55.00
C ASP E 1801 -17.65 -88.46 55.43
N ALA E 1802 -17.72 -87.40 54.63
CA ALA E 1802 -18.49 -86.23 55.01
C ALA E 1802 -19.97 -86.57 55.16
N THR E 1803 -20.60 -85.98 56.17
CA THR E 1803 -22.02 -86.19 56.40
C THR E 1803 -22.82 -85.12 55.67
N PHE E 1804 -24.13 -85.29 55.61
CA PHE E 1804 -24.94 -84.31 54.90
C PHE E 1804 -26.39 -84.39 55.34
N ALA E 1805 -27.03 -83.22 55.32
CA ALA E 1805 -28.45 -83.07 55.62
C ALA E 1805 -29.01 -81.97 54.75
N GLY E 1806 -30.34 -81.89 54.70
CA GLY E 1806 -30.97 -80.87 53.87
C GLY E 1806 -32.29 -80.40 54.44
N HIS E 1807 -32.49 -79.09 54.48
CA HIS E 1807 -33.78 -78.58 54.91
C HIS E 1807 -34.74 -78.62 53.72
N SER E 1808 -35.88 -79.28 53.88
CA SER E 1808 -36.88 -79.35 52.80
C SER E 1808 -36.30 -79.88 51.50
N LEU E 1809 -36.65 -79.28 50.37
CA LEU E 1809 -36.08 -79.70 49.09
C LEU E 1809 -34.60 -79.88 49.26
N GLY E 1810 -34.03 -79.12 50.16
CA GLY E 1810 -32.61 -79.25 50.46
C GLY E 1810 -32.21 -80.70 50.64
N GLU E 1811 -33.09 -81.51 51.23
CA GLU E 1811 -32.82 -82.93 51.36
C GLU E 1811 -32.68 -83.59 49.99
N TYR E 1812 -33.58 -83.24 49.06
CA TYR E 1812 -33.49 -83.81 47.72
C TYR E 1812 -32.19 -83.40 47.04
N ALA E 1813 -31.82 -82.14 47.18
CA ALA E 1813 -30.55 -81.69 46.60
C ALA E 1813 -29.37 -82.41 47.22
N ALA E 1814 -29.40 -82.59 48.54
CA ALA E 1814 -28.30 -83.27 49.23
C ALA E 1814 -28.19 -84.72 48.78
N LEU E 1815 -29.33 -85.40 48.61
CA LEU E 1815 -29.30 -86.77 48.11
C LEU E 1815 -28.74 -86.82 46.70
N ALA E 1816 -29.20 -85.93 45.82
CA ALA E 1816 -28.68 -85.92 44.46
C ALA E 1816 -27.21 -85.53 44.40
N SER E 1817 -26.71 -84.81 45.41
CA SER E 1817 -25.35 -84.32 45.40
C SER E 1817 -24.36 -85.33 45.99
N LEU E 1818 -24.63 -85.82 47.20
CA LEU E 1818 -23.70 -86.72 47.87
C LEU E 1818 -23.88 -88.16 47.46
N ALA E 1819 -25.12 -88.63 47.37
CA ALA E 1819 -25.40 -90.03 47.08
C ALA E 1819 -25.67 -90.29 45.61
N ASP E 1820 -26.06 -89.27 44.83
CA ASP E 1820 -26.39 -89.44 43.42
C ASP E 1820 -27.48 -90.49 43.24
N VAL E 1821 -28.48 -90.47 44.12
CA VAL E 1821 -29.56 -91.44 44.03
C VAL E 1821 -30.37 -91.22 42.76
N MET E 1822 -30.51 -89.97 42.33
CA MET E 1822 -31.23 -89.62 41.13
C MET E 1822 -30.38 -88.68 40.28
N SER E 1823 -30.52 -88.79 38.97
CA SER E 1823 -29.78 -87.94 38.05
C SER E 1823 -30.33 -86.53 38.09
N ILE E 1824 -29.69 -85.64 37.33
CA ILE E 1824 -30.16 -84.26 37.26
C ILE E 1824 -31.57 -84.22 36.70
N GLU E 1825 -31.83 -85.01 35.66
CA GLU E 1825 -33.14 -85.01 35.02
C GLU E 1825 -34.23 -85.44 35.99
N SER E 1826 -34.03 -86.56 36.67
CA SER E 1826 -35.01 -87.04 37.63
C SER E 1826 -35.17 -86.08 38.80
N LEU E 1827 -34.06 -85.49 39.25
CA LEU E 1827 -34.14 -84.51 40.33
C LEU E 1827 -35.04 -83.34 39.94
N VAL E 1828 -34.80 -82.74 38.78
CA VAL E 1828 -35.59 -81.58 38.38
C VAL E 1828 -37.03 -81.99 38.12
N GLU E 1829 -37.23 -83.18 37.56
CA GLU E 1829 -38.59 -83.66 37.32
C GLU E 1829 -39.36 -83.78 38.64
N VAL E 1830 -38.75 -84.43 39.64
CA VAL E 1830 -39.43 -84.62 40.91
C VAL E 1830 -39.71 -83.29 41.58
N VAL E 1831 -38.72 -82.39 41.55
CA VAL E 1831 -38.86 -81.13 42.26
C VAL E 1831 -39.88 -80.23 41.57
N PHE E 1832 -39.87 -80.22 40.24
CA PHE E 1832 -40.87 -79.46 39.49
C PHE E 1832 -42.27 -80.03 39.69
N TYR E 1833 -42.40 -81.36 39.72
CA TYR E 1833 -43.69 -81.97 40.01
C TYR E 1833 -44.20 -81.57 41.39
N ALA E 1834 -43.33 -81.60 42.40
CA ALA E 1834 -43.75 -81.20 43.73
C ALA E 1834 -44.18 -79.74 43.75
N GLY E 1835 -43.39 -78.87 43.11
CA GLY E 1835 -43.73 -77.46 43.09
C GLY E 1835 -45.05 -77.19 42.39
N MET E 1836 -45.35 -77.94 41.33
CA MET E 1836 -46.61 -77.73 40.63
C MET E 1836 -47.78 -78.32 41.39
N THR E 1837 -47.58 -79.45 42.08
CA THR E 1837 -48.63 -80.02 42.90
C THR E 1837 -48.98 -79.10 44.06
N MET E 1838 -48.00 -78.30 44.52
CA MET E 1838 -48.31 -77.30 45.53
C MET E 1838 -49.37 -76.31 45.05
N GLN E 1839 -49.41 -76.04 43.74
CA GLN E 1839 -50.39 -75.08 43.23
C GLN E 1839 -51.82 -75.59 43.40
N VAL E 1840 -52.02 -76.91 43.47
CA VAL E 1840 -53.34 -77.50 43.63
C VAL E 1840 -53.51 -78.23 44.94
N ALA E 1841 -52.51 -78.22 45.81
CA ALA E 1841 -52.60 -78.95 47.07
C ALA E 1841 -53.61 -78.31 48.03
N VAL E 1842 -53.83 -77.01 47.91
CA VAL E 1842 -54.77 -76.29 48.78
C VAL E 1842 -55.84 -75.65 47.90
N PRO E 1843 -57.12 -75.67 48.29
CA PRO E 1843 -58.12 -74.94 47.49
C PRO E 1843 -57.86 -73.44 47.48
N ARG E 1844 -57.52 -72.90 46.32
CA ARG E 1844 -57.27 -71.48 46.17
C ARG E 1844 -58.52 -70.79 45.63
N ASP E 1845 -58.67 -69.53 46.01
CA ASP E 1845 -59.83 -68.75 45.57
C ASP E 1845 -59.65 -68.38 44.10
N GLU E 1846 -60.59 -67.62 43.55
CA GLU E 1846 -60.49 -67.20 42.16
C GLU E 1846 -59.31 -66.28 41.91
N LEU E 1847 -58.74 -65.69 42.97
CA LEU E 1847 -57.56 -64.84 42.85
C LEU E 1847 -56.27 -65.62 43.05
N GLY E 1848 -56.32 -66.94 43.22
CA GLY E 1848 -55.13 -67.74 43.36
C GLY E 1848 -54.51 -67.74 44.74
N ARG E 1849 -55.22 -67.24 45.75
CA ARG E 1849 -54.72 -67.18 47.13
C ARG E 1849 -55.48 -68.20 47.97
N SER E 1850 -54.74 -68.95 48.77
CA SER E 1850 -55.32 -69.95 49.65
C SER E 1850 -55.40 -69.43 51.08
N ASN E 1851 -56.14 -70.16 51.91
CA ASN E 1851 -56.31 -69.83 53.32
C ASN E 1851 -55.29 -70.52 54.21
N TYR E 1852 -54.09 -70.78 53.70
CA TYR E 1852 -53.06 -71.49 54.42
C TYR E 1852 -51.72 -70.76 54.28
N GLY E 1853 -50.84 -70.99 55.25
CA GLY E 1853 -49.54 -70.37 55.22
C GLY E 1853 -48.69 -70.78 56.40
N MET E 1854 -47.65 -69.98 56.65
CA MET E 1854 -46.65 -70.27 57.66
C MET E 1854 -46.17 -68.97 58.30
N ILE E 1855 -45.78 -69.07 59.57
CA ILE E 1855 -45.16 -67.98 60.30
C ILE E 1855 -43.89 -68.49 60.95
N ALA E 1856 -42.92 -67.59 61.14
CA ALA E 1856 -41.69 -67.88 61.86
C ALA E 1856 -41.85 -67.37 63.28
N ILE E 1857 -41.97 -68.29 64.23
CA ILE E 1857 -42.13 -67.98 65.64
C ILE E 1857 -40.75 -67.91 66.28
N ASN E 1858 -40.60 -66.99 67.24
CA ASN E 1858 -39.37 -66.83 68.01
C ASN E 1858 -39.72 -66.93 69.49
N PRO E 1859 -39.57 -68.10 70.12
CA PRO E 1859 -39.91 -68.20 71.55
C PRO E 1859 -39.09 -67.28 72.44
N GLY E 1860 -37.89 -66.88 72.00
CA GLY E 1860 -37.09 -66.00 72.82
C GLY E 1860 -37.58 -64.56 72.88
N ARG E 1861 -38.33 -64.12 71.87
CA ARG E 1861 -38.80 -62.74 71.79
C ARG E 1861 -40.16 -62.52 72.43
N VAL E 1862 -40.82 -63.56 72.93
CA VAL E 1862 -42.06 -63.40 73.68
C VAL E 1862 -41.78 -63.33 75.18
N ALA E 1863 -40.91 -64.21 75.67
CA ALA E 1863 -40.56 -64.24 77.09
C ALA E 1863 -39.43 -65.23 77.32
N ALA E 1864 -38.58 -64.97 78.32
CA ALA E 1864 -37.53 -65.92 78.67
C ALA E 1864 -38.11 -67.25 79.12
N SER E 1865 -39.30 -67.23 79.73
CA SER E 1865 -39.91 -68.46 80.20
C SER E 1865 -40.31 -69.37 79.05
N PHE E 1866 -40.74 -68.78 77.92
CA PHE E 1866 -41.29 -69.56 76.82
C PHE E 1866 -40.25 -70.50 76.23
N SER E 1867 -40.49 -71.80 76.35
CA SER E 1867 -39.61 -72.83 75.83
C SER E 1867 -40.25 -73.51 74.62
N GLN E 1868 -39.53 -74.48 74.06
CA GLN E 1868 -40.10 -75.29 72.99
C GLN E 1868 -41.33 -76.03 73.48
N GLU E 1869 -41.26 -76.60 74.69
CA GLU E 1869 -42.42 -77.29 75.23
C GLU E 1869 -43.58 -76.33 75.43
N ALA E 1870 -43.32 -75.12 75.91
CA ALA E 1870 -44.38 -74.14 76.11
C ALA E 1870 -45.03 -73.77 74.78
N LEU E 1871 -44.23 -73.48 73.76
CA LEU E 1871 -44.79 -73.11 72.47
C LEU E 1871 -45.56 -74.25 71.85
N GLN E 1872 -45.05 -75.48 71.97
CA GLN E 1872 -45.78 -76.64 71.45
C GLN E 1872 -47.11 -76.80 72.16
N TYR E 1873 -47.11 -76.64 73.48
CA TYR E 1873 -48.35 -76.75 74.24
C TYR E 1873 -49.35 -75.69 73.80
N VAL E 1874 -48.89 -74.44 73.65
CA VAL E 1874 -49.79 -73.36 73.23
C VAL E 1874 -50.33 -73.64 71.84
N VAL E 1875 -49.49 -74.09 70.91
CA VAL E 1875 -49.95 -74.32 69.54
C VAL E 1875 -50.96 -75.46 69.50
N GLU E 1876 -50.67 -76.55 70.22
CA GLU E 1876 -51.60 -77.67 70.25
C GLU E 1876 -52.93 -77.26 70.85
N ARG E 1877 -52.91 -76.50 71.94
CA ARG E 1877 -54.17 -76.06 72.53
C ARG E 1877 -54.91 -75.12 71.61
N VAL E 1878 -54.20 -74.22 70.92
CA VAL E 1878 -54.83 -73.34 69.95
C VAL E 1878 -55.56 -74.17 68.89
N GLY E 1879 -54.85 -75.11 68.29
CA GLY E 1879 -55.44 -75.91 67.24
C GLY E 1879 -56.63 -76.73 67.71
N LYS E 1880 -56.48 -77.41 68.85
CA LYS E 1880 -57.56 -78.28 69.32
C LYS E 1880 -58.77 -77.48 69.77
N ARG E 1881 -58.55 -76.44 70.59
CA ARG E 1881 -59.66 -75.66 71.12
C ARG E 1881 -60.40 -74.94 70.00
N THR E 1882 -59.68 -74.35 69.04
CA THR E 1882 -60.34 -73.54 68.02
C THR E 1882 -60.87 -74.39 66.87
N GLY E 1883 -60.31 -75.58 66.66
CA GLY E 1883 -60.79 -76.49 65.64
C GLY E 1883 -60.07 -76.43 64.33
N TRP E 1884 -59.30 -75.36 64.07
CA TRP E 1884 -58.58 -75.26 62.80
C TRP E 1884 -57.25 -76.00 62.90
N LEU E 1885 -56.47 -75.93 61.83
CA LEU E 1885 -55.23 -76.67 61.70
C LEU E 1885 -54.05 -75.75 61.94
N VAL E 1886 -53.12 -76.17 62.79
CA VAL E 1886 -51.88 -75.44 63.04
C VAL E 1886 -50.92 -76.39 63.73
N GLU E 1887 -49.65 -76.30 63.35
CA GLU E 1887 -48.64 -77.11 64.04
C GLU E 1887 -47.25 -76.62 63.68
N ILE E 1888 -46.28 -76.97 64.53
CA ILE E 1888 -44.88 -76.66 64.23
C ILE E 1888 -44.39 -77.59 63.12
N VAL E 1889 -43.79 -76.98 62.10
CA VAL E 1889 -43.34 -77.69 60.91
C VAL E 1889 -41.83 -77.75 60.82
N ASN E 1890 -41.14 -76.70 61.28
CA ASN E 1890 -39.69 -76.66 61.30
C ASN E 1890 -39.23 -76.29 62.71
N TYR E 1891 -38.53 -77.22 63.36
CA TYR E 1891 -37.78 -76.91 64.57
C TYR E 1891 -36.38 -76.52 64.13
N ASN E 1892 -36.12 -75.22 64.08
CA ASN E 1892 -34.87 -74.71 63.51
C ASN E 1892 -33.79 -74.46 64.57
N VAL E 1893 -34.08 -73.58 65.53
CA VAL E 1893 -33.13 -73.22 66.58
C VAL E 1893 -33.85 -73.31 67.92
N GLU E 1894 -33.11 -73.76 68.94
CA GLU E 1894 -33.68 -73.97 70.27
C GLU E 1894 -34.16 -72.65 70.87
N ASN E 1895 -35.47 -72.52 71.04
CA ASN E 1895 -36.10 -71.39 71.71
C ASN E 1895 -35.79 -70.06 71.04
N GLN E 1896 -35.34 -70.08 69.78
CA GLN E 1896 -35.03 -68.85 69.05
C GLN E 1896 -35.55 -68.83 67.62
N GLN E 1897 -35.93 -69.96 67.03
CA GLN E 1897 -36.40 -69.96 65.66
C GLN E 1897 -37.19 -71.23 65.39
N TYR E 1898 -38.49 -71.08 65.13
CA TYR E 1898 -39.37 -72.17 64.77
C TYR E 1898 -40.26 -71.69 63.65
N VAL E 1899 -40.96 -72.62 63.00
CA VAL E 1899 -41.94 -72.30 61.97
C VAL E 1899 -43.22 -73.05 62.28
N ALA E 1900 -44.35 -72.35 62.21
CA ALA E 1900 -45.67 -72.94 62.40
C ALA E 1900 -46.48 -72.77 61.13
N ALA E 1901 -47.07 -73.86 60.66
CA ALA E 1901 -47.85 -73.90 59.44
C ALA E 1901 -49.29 -74.27 59.75
N GLY E 1902 -50.20 -73.72 58.97
CA GLY E 1902 -51.61 -74.06 59.11
C GLY E 1902 -52.47 -73.04 58.37
N ASP E 1903 -53.70 -72.89 58.86
CA ASP E 1903 -54.60 -71.89 58.31
C ASP E 1903 -54.00 -70.50 58.51
N LEU E 1904 -54.17 -69.62 57.52
CA LEU E 1904 -53.78 -68.23 57.73
C LEU E 1904 -54.53 -67.65 58.92
N ARG E 1905 -55.82 -67.94 59.01
CA ARG E 1905 -56.63 -67.44 60.13
C ARG E 1905 -56.11 -67.99 61.45
N ALA E 1906 -55.80 -69.29 61.52
CA ALA E 1906 -55.35 -69.87 62.78
C ALA E 1906 -53.97 -69.37 63.18
N LEU E 1907 -53.09 -69.18 62.20
CA LEU E 1907 -51.79 -68.59 62.49
C LEU E 1907 -51.93 -67.16 62.97
N ASP E 1908 -52.94 -66.44 62.47
CA ASP E 1908 -53.24 -65.13 63.03
C ASP E 1908 -53.58 -65.24 64.50
N THR E 1909 -54.41 -66.22 64.88
CA THR E 1909 -54.75 -66.37 66.29
C THR E 1909 -53.52 -66.71 67.11
N VAL E 1910 -52.64 -67.55 66.58
CA VAL E 1910 -51.41 -67.89 67.31
C VAL E 1910 -50.57 -66.63 67.52
N THR E 1911 -50.42 -65.81 66.49
CA THR E 1911 -49.63 -64.58 66.62
C THR E 1911 -50.24 -63.65 67.66
N ASN E 1912 -51.56 -63.46 67.64
CA ASN E 1912 -52.21 -62.63 68.65
C ASN E 1912 -52.08 -63.22 70.05
N VAL E 1913 -52.20 -64.54 70.20
CA VAL E 1913 -52.07 -65.14 71.53
C VAL E 1913 -50.66 -64.95 72.07
N LEU E 1914 -49.65 -65.14 71.23
CA LEU E 1914 -48.27 -64.95 71.70
C LEU E 1914 -47.99 -63.48 71.97
N ASN E 1915 -48.60 -62.58 71.20
CA ASN E 1915 -48.50 -61.15 71.51
C ASN E 1915 -49.14 -60.85 72.86
N PHE E 1916 -50.28 -61.46 73.15
CA PHE E 1916 -50.93 -61.28 74.44
C PHE E 1916 -50.03 -61.78 75.56
N ILE E 1917 -49.38 -62.92 75.36
CA ILE E 1917 -48.49 -63.44 76.39
C ILE E 1917 -47.28 -62.53 76.56
N LYS E 1918 -46.79 -61.92 75.47
CA LYS E 1918 -45.70 -60.96 75.61
C LYS E 1918 -46.13 -59.75 76.42
N LEU E 1919 -47.33 -59.23 76.17
CA LEU E 1919 -47.84 -58.10 76.94
C LEU E 1919 -48.19 -58.47 78.37
N GLN E 1920 -48.42 -59.74 78.66
CA GLN E 1920 -48.79 -60.21 79.99
C GLN E 1920 -47.71 -61.15 80.55
N LYS E 1921 -47.99 -61.80 81.67
CA LYS E 1921 -47.09 -62.78 82.25
C LYS E 1921 -47.55 -64.20 81.92
N GLU E 1934 -54.82 -77.97 84.06
CA GLU E 1934 -56.26 -77.91 83.89
C GLU E 1934 -56.76 -76.47 83.95
N GLU E 1935 -56.52 -75.80 85.07
CA GLU E 1935 -56.89 -74.40 85.18
C GLU E 1935 -56.04 -73.53 84.27
N VAL E 1936 -54.76 -73.83 84.16
CA VAL E 1936 -53.91 -73.14 83.20
C VAL E 1936 -54.40 -73.39 81.79
N GLU E 1937 -54.85 -74.63 81.52
CA GLU E 1937 -55.41 -74.95 80.22
C GLU E 1937 -56.66 -74.11 79.95
N GLY E 1938 -57.52 -73.93 80.96
CA GLY E 1938 -58.70 -73.12 80.77
C GLY E 1938 -58.38 -71.66 80.53
N HIS E 1939 -57.42 -71.12 81.26
CA HIS E 1939 -57.00 -69.73 81.04
C HIS E 1939 -56.45 -69.56 79.62
N LEU E 1940 -55.59 -70.47 79.19
CA LEU E 1940 -55.07 -70.42 77.83
C LEU E 1940 -56.19 -70.57 76.82
N PHE E 1941 -57.19 -71.39 77.12
CA PHE E 1941 -58.34 -71.53 76.24
C PHE E 1941 -59.09 -70.22 76.13
N GLU E 1942 -59.20 -69.48 77.24
CA GLU E 1942 -59.83 -68.17 77.19
C GLU E 1942 -59.05 -67.22 76.26
N ILE E 1943 -57.73 -67.22 76.38
CA ILE E 1943 -56.92 -66.37 75.49
C ILE E 1943 -57.12 -66.79 74.03
N ILE E 1944 -57.10 -68.11 73.78
CA ILE E 1944 -57.30 -68.63 72.44
C ILE E 1944 -58.64 -68.19 71.90
N ASP E 1945 -59.69 -68.29 72.71
CA ASP E 1945 -61.03 -67.91 72.28
C ASP E 1945 -61.08 -66.43 71.93
N GLU E 1946 -60.47 -65.59 72.77
CA GLU E 1946 -60.42 -64.16 72.47
C GLU E 1946 -59.79 -63.91 71.11
N ALA E 1947 -58.58 -64.46 70.89
CA ALA E 1947 -57.89 -64.22 69.64
C ALA E 1947 -58.67 -64.77 68.45
N SER E 1948 -59.29 -65.94 68.61
CA SER E 1948 -59.96 -66.58 67.49
C SER E 1948 -61.22 -65.85 67.10
N LYS E 1949 -62.02 -65.42 68.09
CA LYS E 1949 -63.21 -64.63 67.74
C LYS E 1949 -62.81 -63.28 67.19
N LYS E 1950 -61.62 -62.78 67.57
CA LYS E 1950 -61.13 -61.56 66.92
C LYS E 1950 -60.73 -61.78 65.48
N SER E 1951 -60.18 -62.96 65.15
CA SER E 1951 -59.64 -63.20 63.81
C SER E 1951 -60.64 -63.81 62.83
N ALA E 1952 -61.67 -64.49 63.33
CA ALA E 1952 -62.52 -65.29 62.45
C ALA E 1952 -63.27 -64.42 61.45
N VAL E 1953 -63.76 -63.27 61.88
CA VAL E 1953 -64.59 -62.43 61.03
C VAL E 1953 -63.81 -61.87 59.84
N LYS E 1954 -62.49 -61.94 59.86
CA LYS E 1954 -61.71 -61.39 58.78
C LYS E 1954 -61.96 -62.18 57.49
N PRO E 1955 -61.89 -61.55 56.32
CA PRO E 1955 -62.06 -62.32 55.07
C PRO E 1955 -61.00 -63.39 54.92
N ARG E 1956 -61.37 -64.47 54.23
CA ARG E 1956 -60.47 -65.61 54.07
C ARG E 1956 -59.10 -65.23 53.48
N PRO E 1957 -58.98 -64.39 52.41
CA PRO E 1957 -57.66 -64.00 51.92
C PRO E 1957 -57.01 -62.91 52.77
N LEU E 1958 -56.81 -63.20 54.05
CA LEU E 1958 -56.25 -62.23 54.97
C LEU E 1958 -54.73 -62.20 54.85
N LYS E 1959 -54.15 -61.13 55.40
CA LYS E 1959 -52.71 -60.94 55.44
C LYS E 1959 -52.26 -61.07 56.89
N LEU E 1960 -51.28 -61.94 57.12
CA LEU E 1960 -50.78 -62.16 58.47
C LEU E 1960 -49.91 -61.00 58.90
N GLU E 1961 -50.28 -60.35 60.00
CA GLU E 1961 -49.52 -59.24 60.52
C GLU E 1961 -48.29 -59.75 61.27
N ARG E 1962 -47.20 -59.00 61.21
CA ARG E 1962 -46.02 -59.34 61.97
C ARG E 1962 -46.28 -59.10 63.46
N GLY E 1963 -46.08 -60.14 64.26
CA GLY E 1963 -46.12 -60.02 65.70
C GLY E 1963 -44.78 -59.53 66.24
N PHE E 1964 -44.74 -59.34 67.56
CA PHE E 1964 -43.48 -58.97 68.19
C PHE E 1964 -42.47 -60.11 68.10
N ALA E 1965 -42.95 -61.35 67.94
CA ALA E 1965 -42.08 -62.51 67.82
C ALA E 1965 -42.39 -63.37 66.60
N CYS E 1966 -43.57 -63.23 65.99
CA CYS E 1966 -43.95 -64.02 64.83
C CYS E 1966 -43.67 -63.20 63.57
N ILE E 1967 -42.82 -63.74 62.71
CA ILE E 1967 -42.49 -63.16 61.42
C ILE E 1967 -43.13 -64.01 60.33
N PRO E 1968 -44.21 -63.53 59.70
CA PRO E 1968 -44.78 -64.29 58.58
C PRO E 1968 -43.81 -64.42 57.43
N LEU E 1969 -43.84 -65.58 56.78
CA LEU E 1969 -42.96 -65.88 55.66
C LEU E 1969 -43.68 -65.55 54.36
N VAL E 1970 -43.10 -64.63 53.58
CA VAL E 1970 -43.70 -64.18 52.34
C VAL E 1970 -43.58 -65.28 51.30
N GLY E 1971 -44.54 -65.33 50.37
CA GLY E 1971 -44.45 -66.20 49.22
C GLY E 1971 -44.80 -67.65 49.48
N ILE E 1972 -45.34 -68.00 50.64
CA ILE E 1972 -45.70 -69.37 50.99
C ILE E 1972 -47.19 -69.40 51.29
N SER E 1973 -47.91 -70.29 50.60
CA SER E 1973 -49.35 -70.39 50.73
C SER E 1973 -49.81 -71.83 50.94
N VAL E 1974 -48.89 -72.77 51.13
CA VAL E 1974 -49.23 -74.17 51.38
C VAL E 1974 -48.56 -74.58 52.70
N PRO E 1975 -49.24 -75.28 53.61
CA PRO E 1975 -48.56 -75.67 54.86
C PRO E 1975 -47.79 -76.98 54.69
N PHE E 1976 -46.65 -76.90 54.00
CA PHE E 1976 -45.87 -78.12 53.83
C PHE E 1976 -45.23 -78.53 55.15
N HIS E 1977 -44.81 -79.78 55.22
CA HIS E 1977 -44.27 -80.38 56.43
C HIS E 1977 -45.30 -80.41 57.55
N SER E 1978 -46.59 -80.54 57.19
CA SER E 1978 -47.69 -80.51 58.14
C SER E 1978 -48.59 -81.71 57.89
N THR E 1979 -49.50 -81.93 58.84
CA THR E 1979 -50.39 -83.09 58.77
C THR E 1979 -51.46 -82.94 57.70
N TYR E 1980 -51.60 -81.75 57.10
CA TYR E 1980 -52.61 -81.57 56.07
C TYR E 1980 -52.29 -82.44 54.86
N LEU E 1981 -51.04 -82.40 54.38
CA LEU E 1981 -50.64 -83.16 53.20
C LEU E 1981 -50.20 -84.58 53.57
N MET E 1982 -51.04 -85.26 54.36
CA MET E 1982 -50.84 -86.65 54.70
C MET E 1982 -51.56 -87.58 53.74
N ASN E 1983 -52.76 -87.20 53.31
CA ASN E 1983 -53.51 -88.01 52.36
C ASN E 1983 -52.75 -88.19 51.06
N GLY E 1984 -51.92 -87.21 50.69
CA GLY E 1984 -51.17 -87.24 49.46
C GLY E 1984 -49.80 -87.86 49.51
N VAL E 1985 -49.42 -88.48 50.62
CA VAL E 1985 -48.07 -89.05 50.74
C VAL E 1985 -47.93 -90.26 49.82
N LYS E 1986 -48.90 -91.16 49.85
CA LYS E 1986 -48.78 -92.42 49.11
C LYS E 1986 -48.65 -92.21 47.61
N PRO E 1987 -49.50 -91.45 46.93
CA PRO E 1987 -49.26 -91.21 45.49
C PRO E 1987 -47.94 -90.48 45.23
N PHE E 1988 -47.57 -89.55 46.11
CA PHE E 1988 -46.25 -88.93 45.98
C PHE E 1988 -45.15 -89.96 46.17
N LYS E 1989 -45.39 -90.94 47.04
CA LYS E 1989 -44.41 -92.01 47.23
C LYS E 1989 -44.27 -92.85 45.97
N SER E 1990 -45.38 -93.16 45.30
CA SER E 1990 -45.30 -93.93 44.06
C SER E 1990 -44.57 -93.13 42.99
N PHE E 1991 -44.82 -91.82 42.94
CA PHE E 1991 -44.11 -90.95 42.00
C PHE E 1991 -42.61 -90.95 42.29
N LEU E 1992 -42.24 -90.86 43.56
CA LEU E 1992 -40.83 -90.94 43.95
C LEU E 1992 -40.23 -92.28 43.58
N LYS E 1993 -40.99 -93.36 43.74
CA LYS E 1993 -40.48 -94.67 43.33
C LYS E 1993 -40.24 -94.72 41.83
N LYS E 1994 -41.12 -94.12 41.05
CA LYS E 1994 -40.91 -94.06 39.61
C LYS E 1994 -39.63 -93.30 39.28
N ASN E 1995 -39.38 -92.20 39.98
CA ASN E 1995 -38.25 -91.33 39.60
C ASN E 1995 -36.92 -91.84 40.16
N ILE E 1996 -36.92 -92.38 41.37
CA ILE E 1996 -35.70 -92.82 42.04
C ILE E 1996 -35.58 -94.33 41.87
N ILE E 1997 -34.58 -94.77 41.11
CA ILE E 1997 -34.40 -96.18 40.76
C ILE E 1997 -33.66 -96.85 41.91
N LYS E 1998 -34.01 -98.12 42.16
CA LYS E 1998 -33.38 -98.85 43.27
C LYS E 1998 -31.89 -99.05 43.02
N GLU E 1999 -31.50 -99.38 41.79
CA GLU E 1999 -30.10 -99.64 41.49
C GLU E 1999 -29.23 -98.41 41.70
N ASN E 2000 -29.83 -97.22 41.60
CA ASN E 2000 -29.08 -95.99 41.80
C ASN E 2000 -28.90 -95.63 43.27
N VAL E 2001 -29.56 -96.34 44.19
CA VAL E 2001 -29.40 -96.09 45.61
C VAL E 2001 -28.13 -96.79 46.10
N LYS E 2002 -27.23 -96.02 46.71
CA LYS E 2002 -25.95 -96.53 47.18
C LYS E 2002 -25.91 -96.48 48.70
N VAL E 2003 -25.97 -97.67 49.32
CA VAL E 2003 -26.05 -97.74 50.77
C VAL E 2003 -24.77 -97.25 51.41
N ALA E 2004 -23.63 -97.49 50.77
CA ALA E 2004 -22.37 -96.98 51.30
C ALA E 2004 -22.37 -95.45 51.31
N ARG E 2005 -22.95 -94.84 50.27
CA ARG E 2005 -23.00 -93.38 50.19
C ARG E 2005 -24.02 -92.78 51.13
N LEU E 2006 -25.05 -93.54 51.52
CA LEU E 2006 -26.10 -93.01 52.39
C LEU E 2006 -25.87 -93.30 53.87
N ALA E 2007 -25.40 -94.48 54.21
CA ALA E 2007 -25.35 -94.92 55.60
C ALA E 2007 -24.29 -94.14 56.38
N GLY E 2008 -24.68 -93.66 57.56
CA GLY E 2008 -23.81 -92.92 58.43
C GLY E 2008 -23.61 -91.47 58.04
N LYS E 2009 -24.09 -91.06 56.87
CA LYS E 2009 -23.88 -89.71 56.36
C LYS E 2009 -25.16 -88.92 56.17
N TYR E 2010 -26.24 -89.55 55.72
CA TYR E 2010 -27.52 -88.88 55.49
C TYR E 2010 -28.28 -88.80 56.81
N ILE E 2011 -28.72 -87.60 57.16
CA ILE E 2011 -29.57 -87.38 58.32
C ILE E 2011 -30.94 -86.93 57.81
N PRO E 2012 -31.91 -87.83 57.66
CA PRO E 2012 -33.20 -87.42 57.09
C PRO E 2012 -33.95 -86.48 58.01
N ASN E 2013 -34.88 -85.73 57.42
CA ASN E 2013 -35.69 -84.80 58.20
C ASN E 2013 -36.76 -85.52 59.00
N LEU E 2014 -37.33 -86.59 58.44
CA LEU E 2014 -38.31 -87.38 59.18
C LEU E 2014 -37.70 -87.96 60.45
N THR E 2015 -36.60 -88.69 60.32
CA THR E 2015 -35.90 -89.31 61.44
C THR E 2015 -34.55 -88.62 61.50
N ALA E 2016 -34.42 -87.64 62.37
CA ALA E 2016 -33.21 -86.81 62.43
C ALA E 2016 -32.08 -87.54 63.15
N LYS E 2017 -31.72 -88.69 62.59
CA LYS E 2017 -30.63 -89.54 63.05
C LYS E 2017 -29.84 -89.97 61.82
N PRO E 2018 -28.61 -90.44 61.99
CA PRO E 2018 -27.85 -90.92 60.83
C PRO E 2018 -28.56 -92.06 60.13
N PHE E 2019 -28.48 -92.05 58.80
CA PHE E 2019 -29.10 -93.08 57.97
C PHE E 2019 -28.47 -94.42 58.30
N GLN E 2020 -29.29 -95.39 58.68
CA GLN E 2020 -28.83 -96.74 58.93
C GLN E 2020 -29.94 -97.71 58.55
N VAL E 2021 -29.59 -98.75 57.81
CA VAL E 2021 -30.58 -99.78 57.41
C VAL E 2021 -30.62 -100.78 58.56
N THR E 2022 -31.39 -100.44 59.59
CA THR E 2022 -31.45 -101.22 60.81
C THR E 2022 -32.89 -101.26 61.31
N LYS E 2023 -33.20 -102.34 62.04
CA LYS E 2023 -34.56 -102.52 62.53
C LYS E 2023 -34.96 -101.39 63.47
N GLU E 2024 -34.02 -100.90 64.27
CA GLU E 2024 -34.31 -99.76 65.13
C GLU E 2024 -34.69 -98.54 64.30
N TYR E 2025 -33.95 -98.31 63.20
CA TYR E 2025 -34.26 -97.17 62.33
C TYR E 2025 -35.63 -97.31 61.69
N PHE E 2026 -35.94 -98.51 61.18
CA PHE E 2026 -37.25 -98.72 60.55
C PHE E 2026 -38.36 -98.54 61.57
N GLN E 2027 -38.17 -99.02 62.80
CA GLN E 2027 -39.17 -98.79 63.84
C GLN E 2027 -39.28 -97.32 64.17
N ASP E 2028 -38.17 -96.59 64.11
CA ASP E 2028 -38.22 -95.15 64.31
C ASP E 2028 -39.09 -94.48 63.25
N VAL E 2029 -39.01 -94.96 62.00
CA VAL E 2029 -39.85 -94.41 60.95
C VAL E 2029 -41.32 -94.56 61.31
N TYR E 2030 -41.72 -95.76 61.75
CA TYR E 2030 -43.10 -95.97 62.19
C TYR E 2030 -43.46 -95.13 63.40
N ASP E 2031 -42.51 -94.90 64.31
CA ASP E 2031 -42.80 -94.15 65.52
C ASP E 2031 -43.29 -92.74 65.19
N LEU E 2032 -42.70 -92.10 64.18
CA LEU E 2032 -43.15 -90.78 63.77
C LEU E 2032 -44.35 -90.86 62.83
N THR E 2033 -44.28 -91.74 61.83
CA THR E 2033 -45.33 -91.85 60.83
C THR E 2033 -45.50 -93.30 60.42
N GLY E 2034 -46.70 -93.84 60.62
CA GLY E 2034 -46.96 -95.24 60.32
C GLY E 2034 -47.18 -95.45 58.83
N SER E 2035 -46.53 -96.48 58.30
CA SER E 2035 -46.66 -96.85 56.90
C SER E 2035 -46.64 -98.36 56.76
N GLU E 2036 -47.59 -98.88 55.97
CA GLU E 2036 -47.73 -100.34 55.83
C GLU E 2036 -46.48 -101.02 55.30
N PRO E 2037 -45.78 -100.49 54.28
CA PRO E 2037 -44.53 -101.15 53.86
C PRO E 2037 -43.50 -101.25 54.96
N ILE E 2038 -43.40 -100.24 55.83
CA ILE E 2038 -42.44 -100.32 56.94
C ILE E 2038 -42.84 -101.42 57.91
N LYS E 2039 -44.14 -101.52 58.24
CA LYS E 2039 -44.58 -102.59 59.13
C LYS E 2039 -44.29 -103.95 58.50
N GLU E 2040 -44.53 -104.08 57.20
CA GLU E 2040 -44.23 -105.34 56.53
C GLU E 2040 -42.75 -105.65 56.61
N ILE E 2041 -41.90 -104.63 56.44
CA ILE E 2041 -40.46 -104.85 56.46
C ILE E 2041 -40.02 -105.32 57.85
N ILE E 2042 -40.50 -104.64 58.89
CA ILE E 2042 -40.15 -105.02 60.26
C ILE E 2042 -40.65 -106.43 60.56
N ASP E 2043 -41.85 -106.78 60.08
CA ASP E 2043 -42.36 -108.13 60.30
C ASP E 2043 -41.49 -109.17 59.60
N ASN E 2044 -41.06 -108.89 58.37
CA ASN E 2044 -40.31 -109.83 57.55
C ASN E 2044 -38.80 -109.67 57.71
N TRP E 2045 -38.36 -108.95 58.75
CA TRP E 2045 -36.94 -108.64 58.89
C TRP E 2045 -36.08 -109.91 59.01
N GLU E 2046 -36.53 -110.88 59.79
CA GLU E 2046 -35.78 -112.13 59.91
C GLU E 2046 -35.64 -112.79 58.54
N LYS E 2047 -36.64 -112.65 57.69
CA LYS E 2047 -36.55 -113.18 56.33
C LYS E 2047 -35.57 -112.37 55.49
N TYR E 2048 -35.59 -111.04 55.65
CA TYR E 2048 -34.70 -110.19 54.87
C TYR E 2048 -33.24 -110.40 55.26
N GLU E 2049 -32.96 -110.50 56.57
CA GLU E 2049 -31.58 -110.61 57.02
C GLU E 2049 -30.92 -111.88 56.50
N GLN E 2050 -31.65 -112.99 56.51
CA GLN E 2050 -31.10 -114.26 56.06
C GLN E 2050 -30.82 -114.22 54.56
N MET F 1 -26.86 -109.63 55.81
CA MET F 1 -27.76 -109.09 54.75
C MET F 1 -27.00 -108.95 53.44
N LYS F 2 -27.58 -109.49 52.36
CA LYS F 2 -26.90 -109.47 51.08
C LYS F 2 -26.85 -108.04 50.55
N PRO F 3 -25.89 -107.72 49.67
CA PRO F 3 -25.85 -106.35 49.13
C PRO F 3 -27.12 -105.95 48.38
N GLU F 4 -27.71 -106.87 47.62
CA GLU F 4 -28.92 -106.53 46.85
C GLU F 4 -30.10 -106.25 47.78
N VAL F 5 -30.29 -107.10 48.79
CA VAL F 5 -31.38 -106.85 49.73
C VAL F 5 -31.12 -105.59 50.53
N GLU F 6 -29.86 -105.32 50.86
CA GLU F 6 -29.54 -104.10 51.57
C GLU F 6 -29.88 -102.88 50.73
N GLN F 7 -29.56 -102.94 49.43
CA GLN F 7 -29.92 -101.85 48.53
C GLN F 7 -31.43 -101.69 48.42
N GLU F 8 -32.16 -102.80 48.32
CA GLU F 8 -33.61 -102.72 48.23
C GLU F 8 -34.21 -102.09 49.48
N LEU F 9 -33.73 -102.53 50.65
CA LEU F 9 -34.20 -101.95 51.91
C LEU F 9 -33.90 -100.46 51.99
N ALA F 10 -32.67 -100.07 51.61
CA ALA F 10 -32.29 -98.66 51.68
C ALA F 10 -33.11 -97.82 50.71
N HIS F 11 -33.37 -98.34 49.52
CA HIS F 11 -34.20 -97.60 48.57
C HIS F 11 -35.61 -97.42 49.11
N ILE F 12 -36.19 -98.49 49.67
CA ILE F 12 -37.54 -98.38 50.22
C ILE F 12 -37.57 -97.35 51.34
N LEU F 13 -36.57 -97.39 52.23
CA LEU F 13 -36.60 -96.49 53.39
C LEU F 13 -36.34 -95.04 52.95
N LEU F 14 -35.45 -94.84 51.99
CA LEU F 14 -35.19 -93.49 51.48
C LEU F 14 -36.43 -92.93 50.80
N THR F 15 -37.10 -93.76 50.00
CA THR F 15 -38.36 -93.32 49.38
C THR F 15 -39.38 -92.99 50.45
N GLU F 16 -39.45 -93.80 51.51
CA GLU F 16 -40.42 -93.53 52.57
C GLU F 16 -40.12 -92.21 53.26
N LEU F 17 -38.83 -91.97 53.56
CA LEU F 17 -38.43 -90.73 54.22
C LEU F 17 -38.77 -89.53 53.35
N LEU F 18 -38.46 -89.60 52.05
CA LEU F 18 -38.78 -88.48 51.17
C LEU F 18 -40.29 -88.30 51.05
N ALA F 19 -41.04 -89.40 51.04
CA ALA F 19 -42.48 -89.31 50.85
C ALA F 19 -43.14 -88.67 52.07
N TYR F 20 -42.63 -88.93 53.27
CA TYR F 20 -43.18 -88.33 54.48
C TYR F 20 -42.48 -87.04 54.88
N GLN F 21 -41.43 -86.63 54.18
CA GLN F 21 -40.73 -85.41 54.54
C GLN F 21 -41.61 -84.19 54.38
N PHE F 22 -42.38 -84.09 53.29
CA PHE F 22 -43.21 -82.92 53.09
C PHE F 22 -44.47 -82.96 53.93
N ALA F 23 -44.84 -84.12 54.48
CA ALA F 23 -46.02 -84.28 55.32
C ALA F 23 -45.70 -84.28 56.81
N SER F 24 -44.43 -84.28 57.18
CA SER F 24 -43.99 -84.36 58.57
C SER F 24 -43.12 -83.17 58.89
N PRO F 25 -43.04 -82.77 60.17
CA PRO F 25 -42.22 -81.61 60.51
C PRO F 25 -40.74 -81.88 60.34
N VAL F 26 -40.00 -80.82 60.08
CA VAL F 26 -38.55 -80.88 59.94
C VAL F 26 -37.93 -80.79 61.34
N ARG F 27 -37.17 -81.83 61.71
CA ARG F 27 -36.53 -81.90 63.01
C ARG F 27 -35.08 -81.43 62.89
N TRP F 28 -34.93 -80.16 62.51
CA TRP F 28 -33.59 -79.61 62.33
C TRP F 28 -32.87 -79.40 63.66
N ILE F 29 -33.60 -79.30 64.77
CA ILE F 29 -32.95 -79.31 66.08
C ILE F 29 -32.18 -80.61 66.26
N GLU F 30 -32.85 -81.73 66.03
CA GLU F 30 -32.19 -83.03 66.17
C GLU F 30 -31.09 -83.19 65.13
N THR F 31 -31.30 -82.69 63.92
CA THR F 31 -30.26 -82.80 62.90
C THR F 31 -29.01 -82.04 63.32
N GLN F 32 -29.19 -80.81 63.83
CA GLN F 32 -28.05 -80.02 64.28
C GLN F 32 -27.36 -80.67 65.46
N ASP F 33 -28.15 -81.20 66.41
CA ASP F 33 -27.55 -81.91 67.53
C ASP F 33 -26.73 -83.10 67.05
N VAL F 34 -27.25 -83.84 66.07
CA VAL F 34 -26.54 -85.01 65.57
C VAL F 34 -25.22 -84.61 64.94
N PHE F 35 -25.25 -83.65 64.01
CA PHE F 35 -24.03 -83.37 63.27
C PHE F 35 -23.08 -82.43 64.03
N LEU F 36 -23.49 -81.84 65.15
CA LEU F 36 -22.61 -81.00 65.95
C LEU F 36 -22.06 -81.69 67.19
N LYS F 37 -22.86 -82.52 67.85
CA LYS F 37 -22.45 -83.18 69.08
C LYS F 37 -22.06 -84.64 68.87
N ASP F 38 -22.86 -85.40 68.12
CA ASP F 38 -22.53 -86.81 67.92
C ASP F 38 -21.33 -86.97 66.99
N PHE F 39 -21.24 -86.13 65.96
CA PHE F 39 -20.15 -86.22 65.00
C PHE F 39 -19.04 -85.21 65.24
N ASN F 40 -19.26 -84.21 66.10
CA ASN F 40 -18.27 -83.19 66.41
C ASN F 40 -17.75 -82.54 65.12
N THR F 41 -18.69 -82.12 64.27
CA THR F 41 -18.33 -81.57 62.97
C THR F 41 -17.44 -80.35 63.15
N GLU F 42 -16.23 -80.41 62.61
CA GLU F 42 -15.29 -79.30 62.70
C GLU F 42 -15.58 -78.19 61.70
N ARG F 43 -16.05 -78.51 60.51
CA ARG F 43 -16.38 -77.51 59.51
C ARG F 43 -17.75 -77.80 58.93
N VAL F 44 -18.62 -76.80 58.96
CA VAL F 44 -19.95 -76.86 58.36
C VAL F 44 -19.86 -76.12 57.05
N VAL F 45 -20.33 -76.74 55.97
CA VAL F 45 -20.41 -76.11 54.66
C VAL F 45 -21.88 -76.04 54.28
N GLU F 46 -22.36 -74.83 54.01
CA GLU F 46 -23.75 -74.60 53.70
C GLU F 46 -23.88 -74.30 52.21
N ILE F 47 -24.56 -75.18 51.49
CA ILE F 47 -24.80 -75.03 50.07
C ILE F 47 -26.13 -74.33 49.91
N GLY F 48 -26.08 -73.05 49.56
CA GLY F 48 -27.26 -72.24 49.42
C GLY F 48 -26.92 -70.87 48.87
N PRO F 49 -27.93 -70.11 48.49
CA PRO F 49 -27.67 -68.76 47.94
C PRO F 49 -27.44 -67.72 49.02
N SER F 50 -27.90 -67.99 50.23
CA SER F 50 -27.75 -67.13 51.38
C SER F 50 -27.35 -67.97 52.58
N PRO F 51 -26.76 -67.36 53.62
CA PRO F 51 -26.32 -68.15 54.79
C PRO F 51 -27.45 -68.41 55.79
N THR F 52 -28.53 -69.00 55.30
CA THR F 52 -29.66 -69.29 56.17
C THR F 52 -29.30 -70.38 57.18
N LEU F 53 -29.03 -71.59 56.70
CA LEU F 53 -28.70 -72.69 57.60
C LEU F 53 -27.38 -72.44 58.30
N ALA F 54 -26.47 -71.70 57.68
CA ALA F 54 -25.24 -71.32 58.35
C ALA F 54 -25.54 -70.43 59.56
N GLY F 55 -26.46 -69.47 59.39
CA GLY F 55 -26.84 -68.63 60.51
C GLY F 55 -27.53 -69.43 61.61
N MET F 56 -28.40 -70.36 61.24
CA MET F 56 -29.04 -71.21 62.25
C MET F 56 -28.02 -72.07 62.98
N ALA F 57 -27.03 -72.60 62.26
CA ALA F 57 -25.99 -73.39 62.92
C ALA F 57 -25.17 -72.53 63.87
N GLN F 58 -24.82 -71.31 63.45
CA GLN F 58 -24.09 -70.39 64.32
C GLN F 58 -24.91 -70.08 65.56
N ARG F 59 -26.20 -69.82 65.38
CA ARG F 59 -27.07 -69.51 66.52
C ARG F 59 -27.17 -70.69 67.47
N THR F 60 -27.29 -71.90 66.93
CA THR F 60 -27.34 -73.10 67.78
C THR F 60 -26.05 -73.28 68.56
N LEU F 61 -24.91 -73.02 67.91
CA LEU F 61 -23.64 -73.12 68.62
C LEU F 61 -23.53 -72.07 69.71
N LYS F 62 -23.97 -70.84 69.43
CA LYS F 62 -23.95 -69.80 70.46
C LYS F 62 -24.83 -70.18 71.63
N ASN F 63 -26.01 -70.74 71.35
CA ASN F 63 -26.97 -71.01 72.42
C ASN F 63 -26.57 -72.21 73.25
N LYS F 64 -26.10 -73.29 72.61
CA LYS F 64 -25.96 -74.59 73.27
C LYS F 64 -24.51 -75.05 73.34
N TYR F 65 -23.80 -75.05 72.22
CA TYR F 65 -22.44 -75.60 72.14
C TYR F 65 -21.44 -74.45 72.22
N GLU F 66 -21.28 -73.92 73.42
CA GLU F 66 -20.24 -72.94 73.74
C GLU F 66 -19.23 -73.50 74.72
N SER F 67 -19.68 -73.94 75.89
CA SER F 67 -18.78 -74.61 76.83
C SER F 67 -18.27 -75.92 76.25
N TYR F 68 -19.12 -76.65 75.53
CA TYR F 68 -18.69 -77.87 74.86
C TYR F 68 -17.55 -77.58 73.88
N ASP F 69 -17.75 -76.61 73.00
CA ASP F 69 -16.74 -76.26 72.01
C ASP F 69 -15.46 -75.79 72.68
N ALA F 70 -15.58 -74.97 73.72
CA ALA F 70 -14.38 -74.51 74.43
C ALA F 70 -13.65 -75.68 75.07
N ALA F 71 -14.37 -76.54 75.77
CA ALA F 71 -13.73 -77.60 76.54
C ALA F 71 -13.00 -78.58 75.64
N LEU F 72 -13.65 -79.02 74.56
CA LEU F 72 -13.02 -79.97 73.65
C LEU F 72 -12.28 -79.29 72.49
N SER F 73 -12.15 -77.97 72.53
CA SER F 73 -11.31 -77.23 71.58
C SER F 73 -11.73 -77.51 70.14
N LEU F 74 -13.04 -77.50 69.90
CA LEU F 74 -13.57 -77.73 68.57
C LEU F 74 -13.65 -76.40 67.83
N HIS F 75 -12.78 -76.25 66.83
CA HIS F 75 -12.79 -75.05 65.99
C HIS F 75 -13.89 -75.23 64.96
N ARG F 76 -15.12 -74.92 65.35
CA ARG F 76 -16.27 -75.04 64.48
C ARG F 76 -16.24 -73.89 63.49
N GLU F 77 -15.89 -74.21 62.24
CA GLU F 77 -15.79 -73.22 61.18
C GLU F 77 -17.04 -73.34 60.33
N ILE F 78 -17.94 -72.38 60.44
CA ILE F 78 -19.19 -72.36 59.68
C ILE F 78 -18.95 -71.53 58.41
N LEU F 79 -19.14 -72.16 57.26
CA LEU F 79 -18.86 -71.56 55.97
C LEU F 79 -20.07 -71.66 55.08
N CYS F 80 -20.35 -70.59 54.35
CA CYS F 80 -21.40 -70.55 53.34
C CYS F 80 -20.76 -70.55 51.95
N TYR F 81 -21.43 -71.20 51.01
CA TYR F 81 -20.99 -71.12 49.62
C TYR F 81 -21.06 -69.69 49.11
N SER F 82 -22.12 -68.96 49.48
CA SER F 82 -22.35 -67.63 48.92
C SER F 82 -21.28 -66.64 49.33
N LYS F 83 -20.85 -66.67 50.59
CA LYS F 83 -19.89 -65.70 51.11
C LYS F 83 -18.54 -66.28 51.50
N ASP F 84 -18.49 -67.54 51.92
CA ASP F 84 -17.23 -68.18 52.32
C ASP F 84 -16.69 -69.10 51.24
N ALA F 85 -16.84 -68.68 49.98
CA ALA F 85 -16.31 -69.45 48.87
C ALA F 85 -14.80 -69.57 48.96
N LYS F 86 -14.13 -68.51 49.39
CA LYS F 86 -12.67 -68.57 49.51
C LYS F 86 -12.25 -69.61 50.54
N GLU F 87 -12.91 -69.63 51.70
CA GLU F 87 -12.59 -70.61 52.72
C GLU F 87 -12.90 -72.02 52.25
N ILE F 88 -14.01 -72.20 51.53
CA ILE F 88 -14.39 -73.54 51.08
C ILE F 88 -13.42 -74.04 50.01
N TYR F 89 -13.00 -73.15 49.11
CA TYR F 89 -12.13 -73.52 48.00
C TYR F 89 -10.66 -73.53 48.37
N TYR F 90 -10.28 -73.04 49.55
CA TYR F 90 -8.88 -72.91 49.95
C TYR F 90 -8.13 -72.02 48.96
N THR F 91 -8.61 -70.78 48.86
CA THR F 91 -8.02 -69.77 47.98
C THR F 91 -7.82 -68.50 48.80
N PRO F 92 -6.92 -68.54 49.78
CA PRO F 92 -6.71 -67.37 50.64
C PRO F 92 -6.21 -66.18 49.84
N ASP F 93 -6.61 -64.99 50.25
CA ASP F 93 -6.15 -63.78 49.60
C ASP F 93 -4.69 -63.54 49.93
N PRO F 94 -3.79 -63.38 48.93
CA PRO F 94 -2.41 -63.13 49.33
C PRO F 94 -2.22 -61.73 49.92
N GLU F 329 5.14 -13.29 19.55
CA GLU F 329 4.97 -12.97 18.15
C GLU F 329 3.98 -11.83 17.97
N GLU F 330 3.98 -10.89 18.91
CA GLU F 330 3.02 -9.79 18.86
C GLU F 330 3.23 -8.91 17.63
N ILE F 331 4.48 -8.57 17.33
CA ILE F 331 4.74 -7.67 16.21
C ILE F 331 4.43 -8.34 14.88
N THR F 332 4.83 -9.60 14.73
CA THR F 332 4.53 -10.31 13.49
C THR F 332 3.02 -10.50 13.32
N LYS F 333 2.31 -10.80 14.41
CA LYS F 333 0.86 -10.90 14.33
C LYS F 333 0.24 -9.55 13.95
N ASP F 334 0.78 -8.45 14.50
CA ASP F 334 0.25 -7.13 14.17
C ASP F 334 0.41 -6.82 12.69
N HIS F 335 1.59 -7.12 12.13
CA HIS F 335 1.77 -6.87 10.70
C HIS F 335 0.96 -7.83 9.85
N LYS F 336 0.75 -9.06 10.31
CA LYS F 336 -0.14 -9.96 9.59
C LYS F 336 -1.56 -9.39 9.56
N VAL F 337 -2.01 -8.83 10.68
CA VAL F 337 -3.33 -8.20 10.73
C VAL F 337 -3.39 -7.00 9.80
N LEU F 338 -2.34 -6.19 9.79
CA LEU F 338 -2.32 -5.02 8.90
C LEU F 338 -2.37 -5.43 7.44
N ALA F 339 -1.54 -6.41 7.05
CA ALA F 339 -1.55 -6.89 5.68
C ALA F 339 -2.89 -7.52 5.33
N ARG F 340 -3.52 -8.20 6.29
CA ARG F 340 -4.84 -8.77 6.06
C ARG F 340 -5.84 -7.66 5.78
N GLN F 341 -5.81 -6.59 6.58
CA GLN F 341 -6.73 -5.47 6.38
C GLN F 341 -6.51 -4.81 5.03
N GLN F 342 -5.25 -4.64 4.63
CA GLN F 342 -4.94 -4.08 3.32
C GLN F 342 -5.46 -4.97 2.20
N LEU F 343 -5.30 -6.29 2.36
CA LEU F 343 -5.82 -7.24 1.38
C LEU F 343 -7.34 -7.14 1.28
N GLN F 344 -8.02 -7.06 2.42
CA GLN F 344 -9.48 -6.92 2.40
C GLN F 344 -9.90 -5.62 1.72
N VAL F 345 -9.18 -4.53 1.99
CA VAL F 345 -9.49 -3.27 1.34
C VAL F 345 -9.33 -3.39 -0.17
N LEU F 346 -8.24 -4.02 -0.63
CA LEU F 346 -8.01 -4.13 -2.06
C LEU F 346 -9.05 -5.05 -2.70
N ALA F 347 -9.40 -6.15 -2.05
CA ALA F 347 -10.44 -7.04 -2.59
C ALA F 347 -11.78 -6.32 -2.67
N ARG F 348 -12.10 -5.54 -1.64
CA ARG F 348 -13.32 -4.76 -1.63
C ARG F 348 -13.34 -3.77 -2.79
N TYR F 349 -12.21 -3.09 -3.04
CA TYR F 349 -12.14 -2.14 -4.14
C TYR F 349 -12.27 -2.85 -5.48
N LEU F 350 -11.63 -4.00 -5.62
CA LEU F 350 -11.66 -4.78 -6.84
C LEU F 350 -12.96 -5.53 -7.04
N LYS F 351 -13.86 -5.51 -6.05
CA LYS F 351 -15.10 -6.28 -6.12
C LYS F 351 -14.80 -7.76 -6.23
N MET F 352 -13.75 -8.19 -5.53
CA MET F 352 -13.34 -9.58 -5.48
C MET F 352 -13.97 -10.23 -4.26
N ASP F 353 -14.69 -11.33 -4.49
CA ASP F 353 -15.31 -12.08 -3.41
C ASP F 353 -14.35 -13.20 -3.03
N LEU F 354 -13.57 -12.97 -1.97
CA LEU F 354 -12.60 -13.96 -1.54
C LEU F 354 -13.27 -15.24 -1.07
N ASP F 355 -14.48 -15.13 -0.50
CA ASP F 355 -15.18 -16.28 0.04
C ASP F 355 -16.00 -17.03 -1.00
N ASN F 356 -16.02 -16.59 -2.26
CA ASN F 356 -16.92 -17.17 -3.25
C ASN F 356 -16.57 -18.63 -3.52
N GLY F 357 -15.29 -18.94 -3.70
CA GLY F 357 -14.90 -20.31 -3.91
C GLY F 357 -15.28 -21.21 -2.75
N GLU F 358 -15.08 -20.72 -1.53
CA GLU F 358 -15.47 -21.50 -0.36
C GLU F 358 -16.98 -21.71 -0.29
N ARG F 359 -17.76 -20.67 -0.57
CA ARG F 359 -19.21 -20.83 -0.58
C ARG F 359 -19.64 -21.88 -1.58
N LYS F 360 -19.11 -21.81 -2.79
CA LYS F 360 -19.44 -22.81 -3.79
C LYS F 360 -19.00 -24.20 -3.33
N PHE F 361 -17.86 -24.28 -2.66
CA PHE F 361 -17.37 -25.58 -2.20
C PHE F 361 -18.28 -26.18 -1.16
N LEU F 362 -18.77 -25.37 -0.21
CA LEU F 362 -19.70 -25.91 0.78
C LEU F 362 -21.03 -26.30 0.15
N LYS F 363 -21.51 -25.52 -0.82
CA LYS F 363 -22.73 -25.93 -1.52
C LYS F 363 -22.53 -27.27 -2.23
N GLU F 364 -21.39 -27.44 -2.90
CA GLU F 364 -21.12 -28.68 -3.60
C GLU F 364 -20.90 -29.82 -2.62
N LYS F 365 -20.34 -29.54 -1.45
CA LYS F 365 -20.17 -30.57 -0.44
C LYS F 365 -21.53 -31.05 0.07
N ASP F 366 -22.46 -30.13 0.24
CA ASP F 366 -23.82 -30.52 0.60
C ASP F 366 -24.45 -31.37 -0.51
N THR F 367 -24.23 -30.99 -1.77
CA THR F 367 -24.74 -31.79 -2.87
C THR F 367 -24.12 -33.19 -2.88
N VAL F 368 -22.83 -33.28 -2.59
CA VAL F 368 -22.17 -34.58 -2.49
C VAL F 368 -22.80 -35.39 -1.36
N ALA F 369 -23.07 -34.75 -0.23
CA ALA F 369 -23.67 -35.45 0.89
C ALA F 369 -25.05 -35.99 0.53
N GLU F 370 -25.83 -35.22 -0.21
CA GLU F 370 -27.18 -35.66 -0.57
C GLU F 370 -27.15 -36.78 -1.62
N LEU F 371 -26.27 -36.67 -2.61
CA LEU F 371 -26.15 -37.74 -3.60
C LEU F 371 -25.61 -39.00 -2.95
N GLN F 372 -24.66 -38.86 -2.04
CA GLN F 372 -24.14 -40.02 -1.33
C GLN F 372 -25.20 -40.63 -0.43
N ALA F 373 -26.07 -39.80 0.16
CA ALA F 373 -27.17 -40.34 0.93
C ALA F 373 -28.10 -41.17 0.06
N GLN F 374 -28.41 -40.67 -1.15
CA GLN F 374 -29.22 -41.46 -2.07
C GLN F 374 -28.53 -42.76 -2.45
N LEU F 375 -27.23 -42.72 -2.71
CA LEU F 375 -26.51 -43.93 -3.09
C LEU F 375 -26.43 -44.92 -1.94
N ASP F 376 -26.22 -44.43 -0.72
CA ASP F 376 -26.22 -45.31 0.44
C ASP F 376 -27.60 -45.93 0.66
N TYR F 377 -28.66 -45.17 0.40
CA TYR F 377 -29.99 -45.76 0.52
C TYR F 377 -30.19 -46.86 -0.53
N LEU F 378 -29.79 -46.59 -1.77
CA LEU F 378 -29.97 -47.59 -2.81
C LEU F 378 -29.09 -48.82 -2.55
N ASN F 379 -27.92 -48.62 -1.93
CA ASN F 379 -27.07 -49.75 -1.60
C ASN F 379 -27.63 -50.53 -0.42
N ALA F 380 -28.17 -49.84 0.58
CA ALA F 380 -28.83 -50.52 1.69
C ALA F 380 -30.07 -51.26 1.21
N GLU F 381 -30.62 -50.83 0.09
CA GLU F 381 -31.86 -51.42 -0.40
C GLU F 381 -31.59 -52.62 -1.31
N LEU F 382 -30.86 -52.39 -2.39
CA LEU F 382 -30.57 -53.47 -3.34
C LEU F 382 -29.47 -54.39 -2.84
N GLY F 383 -28.59 -53.87 -1.99
CA GLY F 383 -27.45 -54.60 -1.47
C GLY F 383 -26.21 -54.37 -2.33
N GLU F 384 -25.06 -54.58 -1.71
CA GLU F 384 -23.79 -54.40 -2.40
C GLU F 384 -23.69 -55.36 -3.59
N PHE F 385 -24.09 -56.61 -3.40
CA PHE F 385 -23.97 -57.59 -4.47
C PHE F 385 -24.81 -57.19 -5.67
N PHE F 386 -26.07 -56.81 -5.45
CA PHE F 386 -26.95 -56.46 -6.57
C PHE F 386 -26.43 -55.23 -7.30
N VAL F 387 -26.07 -54.19 -6.56
CA VAL F 387 -25.62 -52.94 -7.17
C VAL F 387 -24.34 -53.18 -7.96
N ASN F 388 -23.40 -53.94 -7.40
CA ASN F 388 -22.18 -54.24 -8.12
C ASN F 388 -22.46 -55.08 -9.35
N GLY F 389 -23.35 -56.06 -9.22
CA GLY F 389 -23.63 -56.99 -10.29
C GLY F 389 -24.42 -56.43 -11.44
N VAL F 390 -25.14 -55.34 -11.24
CA VAL F 390 -25.86 -54.72 -12.35
C VAL F 390 -24.93 -53.87 -13.20
N ALA F 391 -23.64 -53.85 -12.87
CA ALA F 391 -22.67 -53.08 -13.65
C ALA F 391 -22.64 -53.55 -15.10
N THR F 392 -22.67 -52.59 -16.01
CA THR F 392 -22.69 -52.91 -17.44
C THR F 392 -21.43 -53.64 -17.85
N SER F 393 -21.58 -54.58 -18.77
CA SER F 393 -20.47 -55.34 -19.31
C SER F 393 -20.47 -55.43 -20.83
N PHE F 394 -21.61 -55.25 -21.49
CA PHE F 394 -21.68 -55.34 -22.93
C PHE F 394 -21.18 -54.09 -23.61
N SER F 395 -20.49 -54.26 -24.74
CA SER F 395 -20.17 -53.18 -25.64
C SER F 395 -19.98 -53.77 -27.04
N ARG F 396 -20.44 -53.02 -28.05
CA ARG F 396 -20.38 -53.52 -29.42
C ARG F 396 -18.94 -53.73 -29.88
N LYS F 397 -18.06 -52.80 -29.53
CA LYS F 397 -16.67 -52.90 -29.96
C LYS F 397 -15.98 -54.15 -29.42
N LYS F 398 -16.48 -54.71 -28.34
CA LYS F 398 -15.86 -55.84 -27.67
C LYS F 398 -16.30 -57.19 -28.22
N ALA F 399 -17.21 -57.21 -29.18
CA ALA F 399 -17.67 -58.46 -29.76
C ALA F 399 -16.61 -59.04 -30.69
N ARG F 400 -16.42 -60.36 -30.60
CA ARG F 400 -15.43 -61.08 -31.37
C ARG F 400 -16.12 -62.06 -32.31
N THR F 401 -15.85 -61.93 -33.60
CA THR F 401 -16.42 -62.79 -34.62
C THR F 401 -15.42 -63.87 -35.00
N PHE F 402 -15.90 -65.10 -35.07
CA PHE F 402 -15.12 -66.25 -35.53
C PHE F 402 -15.88 -66.85 -36.71
N ASP F 403 -15.30 -66.76 -37.91
CA ASP F 403 -15.94 -67.28 -39.11
C ASP F 403 -14.97 -67.94 -40.08
N SER F 404 -13.70 -68.11 -39.73
CA SER F 404 -12.70 -68.63 -40.67
C SER F 404 -12.61 -70.16 -40.60
N SER F 405 -13.79 -70.77 -40.72
CA SER F 405 -13.90 -72.23 -40.64
C SER F 405 -13.15 -72.94 -41.75
N TRP F 406 -13.01 -72.33 -42.92
CA TRP F 406 -12.16 -72.87 -43.98
C TRP F 406 -10.73 -73.11 -43.48
N ASN F 407 -10.13 -72.06 -42.89
CA ASN F 407 -8.77 -72.17 -42.37
C ASN F 407 -8.72 -73.17 -41.23
N TRP F 408 -9.72 -73.13 -40.35
CA TRP F 408 -9.71 -74.05 -39.21
C TRP F 408 -9.89 -75.49 -39.65
N ALA F 409 -10.61 -75.72 -40.75
CA ALA F 409 -10.74 -77.07 -41.28
C ALA F 409 -9.40 -77.59 -41.75
N LYS F 410 -8.67 -76.76 -42.51
CA LYS F 410 -7.33 -77.20 -42.95
C LYS F 410 -6.42 -77.45 -41.75
N GLN F 411 -6.47 -76.59 -40.75
CA GLN F 411 -5.63 -76.78 -39.57
C GLN F 411 -5.99 -78.05 -38.82
N SER F 412 -7.29 -78.32 -38.65
CA SER F 412 -7.72 -79.51 -37.94
C SER F 412 -7.30 -80.76 -38.70
N LEU F 413 -7.39 -80.71 -40.03
CA LEU F 413 -6.93 -81.84 -40.83
C LEU F 413 -5.45 -82.09 -40.62
N LEU F 414 -4.63 -81.04 -40.64
CA LEU F 414 -3.20 -81.25 -40.43
C LEU F 414 -2.92 -81.78 -39.03
N SER F 415 -3.65 -81.27 -38.03
CA SER F 415 -3.47 -81.75 -36.66
C SER F 415 -3.78 -83.24 -36.56
N LEU F 416 -4.91 -83.66 -37.12
CA LEU F 416 -5.28 -85.08 -37.06
C LEU F 416 -4.30 -85.94 -37.84
N TYR F 417 -3.87 -85.47 -39.00
CA TYR F 417 -2.88 -86.18 -39.80
C TYR F 417 -1.61 -86.42 -39.01
N PHE F 418 -1.07 -85.36 -38.39
CA PHE F 418 0.18 -85.51 -37.66
C PHE F 418 -0.01 -86.33 -36.39
N GLU F 419 -1.16 -86.22 -35.74
CA GLU F 419 -1.39 -87.04 -34.56
C GLU F 419 -1.43 -88.52 -34.93
N ILE F 420 -2.04 -88.85 -36.07
CA ILE F 420 -2.07 -90.25 -36.50
C ILE F 420 -0.66 -90.74 -36.83
N ILE F 421 0.09 -89.97 -37.62
CA ILE F 421 1.42 -90.44 -38.00
C ILE F 421 2.35 -90.52 -36.79
N HIS F 422 2.24 -89.57 -35.86
CA HIS F 422 3.08 -89.62 -34.66
C HIS F 422 2.58 -90.61 -33.64
N GLY F 423 1.40 -91.18 -33.85
CA GLY F 423 0.91 -92.23 -32.99
C GLY F 423 0.17 -91.75 -31.78
N VAL F 424 -0.14 -90.45 -31.70
CA VAL F 424 -1.00 -89.96 -30.64
C VAL F 424 -2.39 -90.56 -30.77
N LEU F 425 -2.72 -91.07 -31.95
CA LEU F 425 -3.95 -91.82 -32.21
C LEU F 425 -3.55 -93.08 -32.98
N LYS F 426 -3.28 -94.16 -32.25
CA LYS F 426 -2.92 -95.44 -32.87
C LYS F 426 -4.09 -96.12 -33.54
N ASN F 427 -5.30 -95.93 -33.04
CA ASN F 427 -6.49 -96.58 -33.58
C ASN F 427 -7.49 -95.51 -34.00
N VAL F 428 -8.61 -95.96 -34.54
CA VAL F 428 -9.71 -95.06 -34.87
C VAL F 428 -10.61 -94.94 -33.64
N ASP F 429 -10.27 -94.04 -32.73
CA ASP F 429 -11.10 -93.78 -31.57
C ASP F 429 -12.08 -92.65 -31.86
N ARG F 430 -13.01 -92.46 -30.92
CA ARG F 430 -14.12 -91.55 -31.15
C ARG F 430 -13.65 -90.11 -31.26
N GLU F 431 -12.50 -89.78 -30.68
CA GLU F 431 -11.93 -88.45 -30.89
C GLU F 431 -11.51 -88.27 -32.35
N VAL F 432 -10.91 -89.31 -32.94
CA VAL F 432 -10.56 -89.26 -34.36
C VAL F 432 -11.81 -89.16 -35.21
N VAL F 433 -12.85 -89.92 -34.85
CA VAL F 433 -14.10 -89.88 -35.60
C VAL F 433 -14.73 -88.49 -35.50
N SER F 434 -14.73 -87.90 -34.30
CA SER F 434 -15.33 -86.58 -34.11
C SER F 434 -14.56 -85.51 -34.88
N GLU F 435 -13.22 -85.60 -34.85
CA GLU F 435 -12.43 -84.64 -35.62
C GLU F 435 -12.70 -84.78 -37.10
N ALA F 436 -12.83 -86.02 -37.58
CA ALA F 436 -13.20 -86.24 -38.97
C ALA F 436 -14.56 -85.65 -39.28
N ILE F 437 -15.51 -85.79 -38.35
CA ILE F 437 -16.84 -85.25 -38.55
C ILE F 437 -16.79 -83.72 -38.65
N ASN F 438 -15.96 -83.09 -37.82
CA ASN F 438 -15.79 -81.64 -37.93
C ASN F 438 -15.18 -81.25 -39.27
N ILE F 439 -14.20 -82.03 -39.73
CA ILE F 439 -13.61 -81.79 -41.04
C ILE F 439 -14.66 -81.90 -42.14
N MET F 440 -15.50 -82.94 -42.07
CA MET F 440 -16.60 -83.07 -43.03
C MET F 440 -17.56 -81.89 -42.94
N ASN F 441 -17.87 -81.45 -41.73
CA ASN F 441 -18.79 -80.33 -41.55
C ASN F 441 -18.24 -79.06 -42.15
N ARG F 442 -16.92 -78.93 -42.23
CA ARG F 442 -16.28 -77.80 -42.90
C ARG F 442 -15.83 -78.12 -44.32
N SER F 443 -16.20 -79.28 -44.86
CA SER F 443 -15.67 -79.71 -46.15
C SER F 443 -16.09 -78.77 -47.28
N ASN F 444 -15.10 -78.41 -48.10
CA ASN F 444 -15.32 -77.62 -49.31
C ASN F 444 -14.25 -78.07 -50.30
N ASP F 445 -14.32 -77.53 -51.52
CA ASP F 445 -13.46 -78.03 -52.60
C ASP F 445 -11.99 -77.79 -52.30
N ALA F 446 -11.67 -76.63 -51.72
CA ALA F 446 -10.29 -76.37 -51.33
C ALA F 446 -9.82 -77.35 -50.27
N LEU F 447 -10.69 -77.69 -49.33
CA LEU F 447 -10.35 -78.68 -48.32
C LEU F 447 -10.16 -80.07 -48.94
N ILE F 448 -10.98 -80.41 -49.94
CA ILE F 448 -10.82 -81.70 -50.62
C ILE F 448 -9.46 -81.76 -51.29
N LYS F 449 -9.07 -80.68 -51.98
CA LYS F 449 -7.76 -80.67 -52.64
C LYS F 449 -6.62 -80.71 -51.63
N PHE F 450 -6.78 -79.98 -50.52
CA PHE F 450 -5.81 -80.02 -49.43
C PHE F 450 -5.60 -81.45 -48.93
N MET F 451 -6.71 -82.14 -48.65
CA MET F 451 -6.63 -83.52 -48.18
C MET F 451 -6.03 -84.44 -49.23
N GLU F 452 -6.44 -84.28 -50.48
CA GLU F 452 -5.90 -85.13 -51.54
C GLU F 452 -4.40 -84.98 -51.64
N TYR F 453 -3.90 -83.74 -51.60
CA TYR F 453 -2.45 -83.59 -51.65
C TYR F 453 -1.80 -84.26 -50.44
N HIS F 454 -2.30 -84.00 -49.25
CA HIS F 454 -1.60 -84.48 -48.07
C HIS F 454 -1.73 -85.98 -47.87
N ILE F 455 -2.70 -86.63 -48.52
CA ILE F 455 -2.86 -88.08 -48.39
C ILE F 455 -2.22 -88.82 -49.55
N SER F 456 -2.17 -88.21 -50.73
CA SER F 456 -1.48 -88.85 -51.85
C SER F 456 0.03 -88.67 -51.73
N ASN F 457 0.48 -87.56 -51.15
CA ASN F 457 1.91 -87.34 -50.97
C ASN F 457 2.45 -88.20 -49.83
N THR F 458 1.57 -88.75 -49.00
CA THR F 458 2.00 -89.67 -47.95
C THR F 458 2.59 -90.94 -48.57
N ASP F 459 3.73 -91.37 -48.05
CA ASP F 459 4.37 -92.61 -48.47
C ASP F 459 4.06 -93.67 -47.43
N GLU F 460 3.53 -94.81 -47.87
CA GLU F 460 2.99 -95.80 -46.94
C GLU F 460 4.04 -96.79 -46.48
N THR F 461 5.21 -96.82 -47.13
CA THR F 461 6.27 -97.76 -46.74
C THR F 461 6.99 -97.34 -45.47
N LYS F 462 6.75 -96.13 -44.96
CA LYS F 462 7.48 -95.61 -43.80
C LYS F 462 6.76 -96.00 -42.51
N GLY F 463 6.61 -97.32 -42.33
CA GLY F 463 5.99 -97.85 -41.14
C GLY F 463 4.47 -97.84 -41.22
N GLU F 464 3.86 -98.69 -40.39
CA GLU F 464 2.43 -98.93 -40.49
C GLU F 464 1.62 -97.68 -40.13
N ASN F 465 2.20 -96.74 -39.38
CA ASN F 465 1.48 -95.54 -39.01
C ASN F 465 1.16 -94.70 -40.24
N TYR F 466 2.10 -94.62 -41.18
CA TYR F 466 1.85 -93.87 -42.41
C TYR F 466 0.83 -94.57 -43.30
N GLN F 467 0.89 -95.90 -43.38
CA GLN F 467 -0.14 -96.62 -44.11
C GLN F 467 -1.51 -96.38 -43.50
N LEU F 468 -1.58 -96.35 -42.17
CA LEU F 468 -2.84 -96.10 -41.49
C LEU F 468 -3.35 -94.69 -41.79
N VAL F 469 -2.48 -93.69 -41.76
CA VAL F 469 -2.95 -92.33 -42.04
C VAL F 469 -3.39 -92.22 -43.49
N LYS F 470 -2.69 -92.90 -44.39
CA LYS F 470 -3.08 -92.86 -45.80
C LYS F 470 -4.45 -93.51 -46.00
N THR F 471 -4.66 -94.68 -45.40
CA THR F 471 -5.95 -95.36 -45.55
C THR F 471 -7.08 -94.52 -44.97
N LEU F 472 -6.89 -94.02 -43.74
CA LEU F 472 -7.92 -93.21 -43.12
C LEU F 472 -8.17 -91.93 -43.90
N GLY F 473 -7.11 -91.36 -44.47
CA GLY F 473 -7.27 -90.14 -45.25
C GLY F 473 -8.00 -90.34 -46.55
N GLU F 474 -7.75 -91.47 -47.23
CA GLU F 474 -8.55 -91.78 -48.41
C GLU F 474 -10.01 -91.94 -48.04
N GLN F 475 -10.27 -92.63 -46.92
CA GLN F 475 -11.64 -92.76 -46.43
C GLN F 475 -12.26 -91.40 -46.16
N LEU F 476 -11.51 -90.50 -45.53
CA LEU F 476 -12.04 -89.17 -45.20
C LEU F 476 -12.24 -88.33 -46.44
N ILE F 477 -11.37 -88.45 -47.43
CA ILE F 477 -11.57 -87.74 -48.70
C ILE F 477 -12.85 -88.21 -49.35
N GLU F 478 -13.08 -89.53 -49.38
CA GLU F 478 -14.32 -90.05 -49.91
C GLU F 478 -15.51 -89.48 -49.14
N ASN F 479 -15.47 -89.53 -47.80
CA ASN F 479 -16.61 -89.11 -47.01
C ASN F 479 -16.87 -87.61 -47.13
N CYS F 480 -15.81 -86.81 -47.34
CA CYS F 480 -15.99 -85.37 -47.50
C CYS F 480 -16.52 -85.03 -48.88
N LYS F 481 -16.16 -85.84 -49.88
CA LYS F 481 -16.73 -85.65 -51.21
C LYS F 481 -18.24 -85.84 -51.21
N GLN F 482 -18.74 -86.79 -50.41
CA GLN F 482 -20.19 -87.00 -50.34
C GLN F 482 -20.90 -85.80 -49.75
N VAL F 483 -20.34 -85.19 -48.71
CA VAL F 483 -20.99 -84.07 -48.03
C VAL F 483 -20.40 -82.74 -48.50
N LEU F 484 -19.80 -82.76 -49.69
CA LEU F 484 -19.31 -81.51 -50.29
C LEU F 484 -20.43 -80.48 -50.39
N ASP F 485 -21.64 -80.92 -50.74
CA ASP F 485 -22.80 -80.04 -50.84
C ASP F 485 -23.81 -80.26 -49.71
N VAL F 486 -23.69 -81.35 -48.96
CA VAL F 486 -24.63 -81.61 -47.87
C VAL F 486 -24.43 -80.59 -46.77
N ASP F 487 -25.48 -80.34 -46.00
CA ASP F 487 -25.41 -79.32 -44.96
C ASP F 487 -24.56 -79.85 -43.81
N PRO F 488 -23.96 -78.95 -43.01
CA PRO F 488 -23.21 -79.42 -41.84
C PRO F 488 -24.15 -79.88 -40.73
N VAL F 489 -23.82 -81.02 -40.14
CA VAL F 489 -24.68 -81.70 -39.18
C VAL F 489 -23.95 -81.84 -37.86
N TYR F 490 -24.69 -81.65 -36.76
CA TYR F 490 -24.18 -81.95 -35.43
C TYR F 490 -24.38 -83.42 -35.15
N LYS F 491 -23.29 -84.17 -35.10
CA LYS F 491 -23.30 -85.60 -34.81
C LYS F 491 -22.29 -85.86 -33.70
N ASP F 492 -22.80 -86.17 -32.51
CA ASP F 492 -21.99 -86.46 -31.35
C ASP F 492 -21.63 -87.94 -31.34
N VAL F 493 -20.33 -88.24 -31.24
CA VAL F 493 -19.84 -89.61 -31.32
C VAL F 493 -19.04 -90.01 -30.09
N ALA F 494 -19.00 -89.20 -29.04
CA ALA F 494 -18.31 -89.59 -27.83
C ALA F 494 -19.04 -90.75 -27.17
N LYS F 495 -18.28 -91.58 -26.45
CA LYS F 495 -18.89 -92.71 -25.75
C LYS F 495 -19.73 -92.16 -24.61
N PRO F 496 -21.00 -92.56 -24.47
CA PRO F 496 -21.73 -92.22 -23.23
C PRO F 496 -21.02 -92.78 -22.01
N THR F 497 -20.95 -91.95 -20.97
CA THR F 497 -20.27 -92.31 -19.72
C THR F 497 -21.24 -92.09 -18.57
N GLY F 498 -21.32 -93.07 -17.69
CA GLY F 498 -22.12 -92.95 -16.49
C GLY F 498 -21.27 -92.60 -15.29
N PRO F 499 -21.90 -92.39 -14.15
CA PRO F 499 -21.14 -92.10 -12.94
C PRO F 499 -20.57 -93.36 -12.30
N LYS F 500 -19.41 -93.21 -11.66
CA LYS F 500 -18.83 -94.30 -10.89
C LYS F 500 -18.17 -93.70 -9.66
N THR F 501 -18.67 -94.04 -8.48
CA THR F 501 -18.10 -93.60 -7.22
C THR F 501 -17.53 -94.80 -6.48
N ALA F 502 -16.26 -94.69 -6.07
CA ALA F 502 -15.55 -95.75 -5.40
C ALA F 502 -14.96 -95.23 -4.09
N ILE F 503 -15.04 -96.03 -3.04
CA ILE F 503 -14.47 -95.70 -1.74
C ILE F 503 -13.33 -96.67 -1.48
N ASP F 504 -12.11 -96.14 -1.43
CA ASP F 504 -10.93 -96.95 -1.18
C ASP F 504 -10.96 -97.53 0.23
N LYS F 505 -10.00 -98.41 0.51
CA LYS F 505 -9.90 -99.00 1.84
C LYS F 505 -9.61 -97.94 2.90
N ASN F 506 -8.89 -96.89 2.54
CA ASN F 506 -8.58 -95.79 3.45
C ASN F 506 -9.64 -94.69 3.42
N GLY F 507 -10.85 -95.00 2.95
CA GLY F 507 -11.91 -94.00 2.92
C GLY F 507 -11.65 -92.84 1.99
N ASN F 508 -11.13 -93.11 0.79
CA ASN F 508 -10.90 -92.09 -0.22
C ASN F 508 -11.97 -92.22 -1.29
N ILE F 509 -12.71 -91.14 -1.53
CA ILE F 509 -13.79 -91.13 -2.50
C ILE F 509 -13.20 -90.72 -3.85
N THR F 510 -13.43 -91.54 -4.86
CA THR F 510 -13.00 -91.28 -6.22
C THR F 510 -14.22 -91.31 -7.12
N TYR F 511 -14.39 -90.28 -7.94
CA TYR F 511 -15.46 -90.21 -8.93
C TYR F 511 -14.84 -90.30 -10.31
N SER F 512 -15.44 -91.12 -11.17
CA SER F 512 -14.98 -91.29 -12.54
C SER F 512 -16.17 -91.39 -13.48
N GLU F 513 -15.92 -91.00 -14.74
CA GLU F 513 -16.91 -91.06 -15.80
C GLU F 513 -16.62 -92.30 -16.65
N GLU F 514 -16.99 -93.44 -16.12
CA GLU F 514 -16.68 -94.68 -16.83
C GLU F 514 -17.65 -94.86 -18.00
N PRO F 515 -17.19 -95.42 -19.13
CA PRO F 515 -18.15 -95.74 -20.20
C PRO F 515 -19.22 -96.70 -19.72
N ARG F 516 -20.45 -96.46 -20.17
CA ARG F 516 -21.55 -97.35 -19.82
C ARG F 516 -21.43 -98.65 -20.58
N GLU F 517 -21.63 -99.77 -19.87
CA GLU F 517 -21.54 -101.07 -20.51
C GLU F 517 -22.69 -101.28 -21.49
N LYS F 518 -23.93 -101.02 -21.04
CA LYS F 518 -25.09 -101.29 -21.88
C LYS F 518 -25.17 -100.31 -23.05
N VAL F 519 -24.90 -99.03 -22.79
CA VAL F 519 -25.04 -97.97 -23.77
C VAL F 519 -23.64 -97.59 -24.26
N ARG F 520 -23.47 -97.57 -25.58
CA ARG F 520 -22.17 -97.34 -26.20
C ARG F 520 -22.21 -96.31 -27.32
N LYS F 521 -23.37 -96.05 -27.91
CA LYS F 521 -23.54 -95.04 -28.94
C LYS F 521 -24.66 -94.08 -28.54
N LEU F 522 -24.75 -92.97 -29.25
CA LEU F 522 -25.86 -92.05 -29.03
C LEU F 522 -27.17 -92.66 -29.48
N SER F 523 -27.15 -93.51 -30.50
CA SER F 523 -28.37 -94.23 -30.88
C SER F 523 -28.82 -95.15 -29.75
N GLN F 524 -27.89 -95.85 -29.11
CA GLN F 524 -28.24 -96.69 -27.98
C GLN F 524 -28.71 -95.86 -26.81
N TYR F 525 -28.14 -94.68 -26.62
CA TYR F 525 -28.64 -93.76 -25.59
C TYR F 525 -30.09 -93.37 -25.86
N VAL F 526 -30.41 -93.08 -27.12
CA VAL F 526 -31.79 -92.73 -27.46
C VAL F 526 -32.72 -93.91 -27.22
N GLN F 527 -32.26 -95.12 -27.57
CA GLN F 527 -33.06 -96.31 -27.30
C GLN F 527 -33.31 -96.48 -25.81
N GLU F 528 -32.28 -96.25 -24.98
CA GLU F 528 -32.45 -96.38 -23.54
C GLU F 528 -33.42 -95.33 -23.02
N MET F 529 -33.36 -94.10 -23.55
CA MET F 529 -34.32 -93.09 -23.14
C MET F 529 -35.74 -93.51 -23.49
N ALA F 530 -35.95 -94.03 -24.69
CA ALA F 530 -37.28 -94.48 -25.09
C ALA F 530 -37.76 -95.61 -24.20
N LEU F 531 -36.89 -96.57 -23.90
CA LEU F 531 -37.28 -97.70 -23.07
C LEU F 531 -37.66 -97.26 -21.67
N GLY F 532 -36.89 -96.32 -21.10
CA GLY F 532 -37.15 -95.93 -19.73
C GLY F 532 -36.63 -96.97 -18.75
N GLY F 533 -37.41 -97.19 -17.68
CA GLY F 533 -37.06 -98.16 -16.68
C GLY F 533 -38.28 -98.56 -15.87
N PRO F 534 -38.10 -99.52 -14.95
CA PRO F 534 -39.24 -99.92 -14.11
C PRO F 534 -39.82 -98.79 -13.30
N ILE F 535 -38.99 -97.86 -12.82
CA ILE F 535 -39.49 -96.76 -11.99
C ILE F 535 -40.35 -95.81 -12.82
N THR F 536 -40.14 -95.79 -14.15
CA THR F 536 -40.93 -94.92 -15.00
C THR F 536 -42.23 -95.58 -15.47
N LYS F 537 -42.45 -96.84 -15.11
CA LYS F 537 -43.73 -97.49 -15.39
C LYS F 537 -44.78 -96.98 -14.42
N GLU F 538 -46.04 -96.97 -14.86
CA GLU F 538 -47.16 -96.59 -14.03
C GLU F 538 -48.31 -97.57 -14.22
N SER F 539 -49.18 -97.64 -13.22
CA SER F 539 -50.35 -98.50 -13.27
C SER F 539 -51.27 -98.10 -14.42
N SER F 623 -36.31 -99.21 -40.31
CA SER F 623 -37.66 -99.51 -40.76
C SER F 623 -38.68 -99.01 -39.75
N LYS F 624 -38.40 -99.27 -38.47
CA LYS F 624 -39.26 -98.87 -37.37
C LYS F 624 -38.53 -97.84 -36.51
N THR F 625 -39.21 -96.75 -36.18
CA THR F 625 -38.59 -95.71 -35.38
C THR F 625 -38.39 -96.18 -33.95
N VAL F 626 -37.57 -95.44 -33.21
CA VAL F 626 -37.32 -95.79 -31.81
C VAL F 626 -38.57 -95.61 -30.97
N SER F 627 -39.50 -94.77 -31.42
CA SER F 627 -40.74 -94.58 -30.66
C SER F 627 -41.62 -95.82 -30.70
N SER F 628 -41.35 -96.74 -31.62
CA SER F 628 -42.04 -98.02 -31.62
C SER F 628 -41.62 -98.89 -30.44
N THR F 629 -40.35 -98.83 -30.03
CA THR F 629 -39.80 -99.71 -29.01
C THR F 629 -40.16 -99.30 -27.60
N ILE F 630 -40.77 -98.14 -27.41
CA ILE F 630 -41.23 -97.72 -26.08
C ILE F 630 -42.23 -98.74 -25.55
N PRO F 631 -42.12 -99.21 -24.31
CA PRO F 631 -43.12 -100.14 -23.80
C PRO F 631 -44.44 -99.43 -23.48
N ARG F 632 -45.51 -100.22 -23.52
CA ARG F 632 -46.84 -99.70 -23.23
C ARG F 632 -46.96 -99.33 -21.76
N GLU F 633 -47.67 -98.25 -21.48
CA GLU F 633 -47.95 -97.81 -20.11
C GLU F 633 -46.66 -97.48 -19.37
N THR F 634 -45.81 -96.69 -20.04
CA THR F 634 -44.50 -96.33 -19.53
C THR F 634 -44.26 -94.84 -19.78
N ILE F 635 -43.31 -94.29 -19.05
CA ILE F 635 -42.83 -92.92 -19.26
C ILE F 635 -41.38 -93.01 -19.71
N PRO F 636 -41.01 -92.54 -20.91
CA PRO F 636 -39.59 -92.51 -21.27
C PRO F 636 -38.83 -91.51 -20.41
N PHE F 637 -37.51 -91.71 -20.36
CA PHE F 637 -36.65 -90.80 -19.61
C PHE F 637 -36.71 -89.40 -20.19
N LEU F 638 -36.69 -89.28 -21.51
CA LEU F 638 -36.94 -88.03 -22.22
C LEU F 638 -38.30 -88.12 -22.89
N HIS F 639 -39.16 -87.14 -22.63
CA HIS F 639 -40.45 -87.11 -23.28
C HIS F 639 -40.87 -85.66 -23.44
N LEU F 640 -41.96 -85.45 -24.17
CA LEU F 640 -42.63 -84.16 -24.25
C LEU F 640 -43.98 -84.30 -23.57
N ARG F 641 -44.38 -83.27 -22.84
CA ARG F 641 -45.67 -83.25 -22.17
C ARG F 641 -46.68 -82.46 -22.99
N LYS F 642 -47.96 -82.72 -22.75
CA LYS F 642 -49.04 -81.97 -23.34
C LYS F 642 -49.92 -81.41 -22.23
N LYS F 643 -50.37 -80.17 -22.40
CA LYS F 643 -51.21 -79.52 -21.41
C LYS F 643 -52.63 -80.03 -21.57
N THR F 644 -53.17 -80.62 -20.50
CA THR F 644 -54.53 -81.10 -20.51
C THR F 644 -55.50 -79.93 -20.42
N PRO F 645 -56.78 -80.14 -20.75
CA PRO F 645 -57.76 -79.05 -20.61
C PRO F 645 -57.88 -78.53 -19.20
N ALA F 646 -57.58 -79.36 -18.19
CA ALA F 646 -57.58 -78.91 -16.81
C ALA F 646 -56.45 -77.93 -16.50
N GLY F 647 -55.44 -77.84 -17.37
CA GLY F 647 -54.37 -76.88 -17.21
C GLY F 647 -53.06 -77.43 -16.68
N ASP F 648 -52.92 -78.74 -16.59
CA ASP F 648 -51.70 -79.38 -16.10
C ASP F 648 -51.06 -80.21 -17.20
N TRP F 649 -49.73 -80.27 -17.17
CA TRP F 649 -48.95 -80.91 -18.23
C TRP F 649 -48.75 -82.38 -17.91
N LYS F 650 -49.11 -83.24 -18.86
CA LYS F 650 -49.00 -84.68 -18.72
C LYS F 650 -48.15 -85.23 -19.85
N TYR F 651 -47.53 -86.37 -19.59
CA TYR F 651 -46.80 -87.10 -20.62
C TYR F 651 -47.71 -87.40 -21.80
N ASP F 652 -47.22 -87.13 -23.01
CA ASP F 652 -47.97 -87.36 -24.24
C ASP F 652 -47.21 -88.29 -25.16
N ARG F 653 -47.85 -89.39 -25.53
CA ARG F 653 -47.24 -90.36 -26.42
C ARG F 653 -46.85 -89.74 -27.75
N GLN F 654 -47.76 -88.98 -28.37
CA GLN F 654 -47.49 -88.46 -29.72
C GLN F 654 -46.29 -87.52 -29.72
N LEU F 655 -46.32 -86.52 -28.86
CA LEU F 655 -45.22 -85.54 -28.82
C LEU F 655 -43.92 -86.21 -28.41
N SER F 656 -43.98 -87.12 -27.43
CA SER F 656 -42.77 -87.82 -27.02
C SER F 656 -42.21 -88.68 -28.15
N SER F 657 -43.08 -89.35 -28.89
CA SER F 657 -42.61 -90.14 -30.03
C SER F 657 -41.94 -89.26 -31.05
N LEU F 658 -42.52 -88.09 -31.32
CA LEU F 658 -41.90 -87.17 -32.26
C LEU F 658 -40.52 -86.73 -31.79
N PHE F 659 -40.40 -86.42 -30.50
CA PHE F 659 -39.12 -85.95 -29.97
C PHE F 659 -38.07 -87.05 -29.96
N LEU F 660 -38.43 -88.26 -29.53
CA LEU F 660 -37.47 -89.37 -29.57
C LEU F 660 -37.10 -89.74 -31.00
N ASP F 661 -38.04 -89.65 -31.94
CA ASP F 661 -37.69 -89.91 -33.34
C ASP F 661 -36.70 -88.87 -33.85
N GLY F 662 -36.92 -87.61 -33.49
CA GLY F 662 -35.94 -86.58 -33.83
C GLY F 662 -34.58 -86.85 -33.22
N LEU F 663 -34.57 -87.32 -31.97
CA LEU F 663 -33.31 -87.65 -31.31
C LEU F 663 -32.61 -88.81 -32.01
N GLU F 664 -33.37 -89.82 -32.44
CA GLU F 664 -32.77 -90.94 -33.16
C GLU F 664 -32.17 -90.48 -34.47
N LYS F 665 -32.89 -89.62 -35.21
CA LYS F 665 -32.35 -89.08 -36.44
C LYS F 665 -31.09 -88.27 -36.18
N ALA F 666 -31.09 -87.46 -35.12
CA ALA F 666 -29.89 -86.69 -34.79
C ALA F 666 -28.72 -87.60 -34.43
N ALA F 667 -28.98 -88.66 -33.67
CA ALA F 667 -27.91 -89.56 -33.27
C ALA F 667 -27.31 -90.31 -34.45
N PHE F 668 -28.15 -90.72 -35.40
CA PHE F 668 -27.66 -91.52 -36.52
C PHE F 668 -27.13 -90.65 -37.66
N ASN F 669 -27.99 -89.80 -38.22
CA ASN F 669 -27.61 -88.98 -39.36
C ASN F 669 -26.94 -87.67 -38.96
N GLY F 670 -27.15 -87.19 -37.75
CA GLY F 670 -26.74 -85.86 -37.38
C GLY F 670 -27.81 -84.84 -37.73
N VAL F 671 -27.85 -83.74 -36.98
CA VAL F 671 -28.84 -82.69 -37.16
C VAL F 671 -28.13 -81.42 -37.56
N THR F 672 -28.64 -80.76 -38.60
CA THR F 672 -28.08 -79.50 -39.09
C THR F 672 -28.77 -78.35 -38.38
N PHE F 673 -28.05 -77.24 -38.27
CA PHE F 673 -28.57 -75.98 -37.76
C PHE F 673 -28.19 -74.85 -38.70
N LYS F 674 -28.08 -75.15 -39.99
CA LYS F 674 -27.82 -74.12 -40.98
C LYS F 674 -28.94 -73.09 -41.01
N ASP F 675 -28.56 -71.84 -41.25
CA ASP F 675 -29.50 -70.72 -41.30
C ASP F 675 -30.30 -70.61 -40.01
N LYS F 676 -29.70 -71.06 -38.91
CA LYS F 676 -30.28 -70.95 -37.58
C LYS F 676 -29.46 -69.93 -36.80
N TYR F 677 -30.08 -68.83 -36.40
CA TYR F 677 -29.42 -67.80 -35.63
C TYR F 677 -29.83 -67.94 -34.17
N VAL F 678 -28.85 -68.22 -33.32
CA VAL F 678 -29.06 -68.57 -31.93
C VAL F 678 -28.37 -67.53 -31.07
N LEU F 679 -29.00 -67.18 -29.97
CA LEU F 679 -28.39 -66.37 -28.91
C LEU F 679 -28.33 -67.24 -27.68
N ILE F 680 -27.12 -67.61 -27.24
CA ILE F 680 -26.94 -68.46 -26.08
C ILE F 680 -26.19 -67.69 -25.00
N THR F 681 -26.77 -67.64 -23.81
CA THR F 681 -26.14 -67.06 -22.64
C THR F 681 -25.89 -68.15 -21.61
N GLY F 682 -24.80 -68.01 -20.87
CA GLY F 682 -24.43 -69.01 -19.88
C GLY F 682 -23.77 -70.24 -20.48
N ALA F 683 -22.83 -70.03 -21.40
CA ALA F 683 -22.12 -71.10 -22.09
C ALA F 683 -20.63 -71.07 -21.80
N GLY F 684 -20.25 -70.90 -20.54
CA GLY F 684 -18.85 -70.97 -20.18
C GLY F 684 -18.34 -72.40 -20.18
N LYS F 685 -17.02 -72.53 -20.04
CA LYS F 685 -16.41 -73.86 -20.00
C LYS F 685 -16.99 -74.66 -18.83
N GLY F 686 -17.22 -75.95 -19.08
CA GLY F 686 -17.75 -76.82 -18.06
C GLY F 686 -19.23 -76.65 -17.79
N SER F 687 -19.99 -76.16 -18.76
CA SER F 687 -21.42 -75.92 -18.60
C SER F 687 -22.18 -76.65 -19.69
N ILE F 688 -23.48 -76.80 -19.47
CA ILE F 688 -24.34 -77.39 -20.51
C ILE F 688 -24.36 -76.47 -21.71
N GLY F 689 -24.35 -75.16 -21.49
CA GLY F 689 -24.40 -74.22 -22.59
C GLY F 689 -23.19 -74.32 -23.51
N ALA F 690 -22.02 -74.63 -22.94
CA ALA F 690 -20.83 -74.79 -23.78
C ALA F 690 -20.99 -75.96 -24.74
N GLU F 691 -21.53 -77.07 -24.24
CA GLU F 691 -21.76 -78.23 -25.09
C GLU F 691 -22.86 -77.96 -26.11
N VAL F 692 -23.91 -77.23 -25.71
CA VAL F 692 -24.95 -76.87 -26.67
C VAL F 692 -24.39 -75.95 -27.74
N LEU F 693 -23.48 -75.06 -27.37
CA LEU F 693 -22.84 -74.17 -28.34
C LEU F 693 -21.94 -74.96 -29.28
N GLN F 694 -21.21 -75.94 -28.76
CA GLN F 694 -20.41 -76.80 -29.62
C GLN F 694 -21.29 -77.53 -30.63
N GLY F 695 -22.43 -78.05 -30.17
CA GLY F 695 -23.34 -78.72 -31.08
C GLY F 695 -23.92 -77.78 -32.12
N LEU F 696 -24.29 -76.56 -31.71
CA LEU F 696 -24.80 -75.59 -32.66
C LEU F 696 -23.76 -75.25 -33.72
N LEU F 697 -22.52 -75.02 -33.30
CA LEU F 697 -21.46 -74.71 -34.25
C LEU F 697 -21.20 -75.88 -35.18
N GLN F 698 -21.26 -77.11 -34.67
CA GLN F 698 -21.17 -78.28 -35.54
C GLN F 698 -22.28 -78.28 -36.57
N GLY F 699 -23.51 -77.99 -36.16
CA GLY F 699 -24.66 -77.99 -37.04
C GLY F 699 -24.74 -76.81 -37.96
N GLY F 700 -23.88 -75.82 -37.80
CA GLY F 700 -23.77 -74.75 -38.75
C GLY F 700 -24.45 -73.46 -38.35
N ALA F 701 -24.84 -73.33 -37.09
CA ALA F 701 -25.61 -72.19 -36.63
C ALA F 701 -24.75 -70.94 -36.53
N LYS F 702 -25.41 -69.79 -36.62
CA LYS F 702 -24.80 -68.51 -36.30
C LYS F 702 -25.15 -68.21 -34.85
N VAL F 703 -24.19 -68.40 -33.95
CA VAL F 703 -24.43 -68.32 -32.52
C VAL F 703 -23.78 -67.07 -31.97
N VAL F 704 -24.57 -66.25 -31.30
CA VAL F 704 -24.06 -65.19 -30.42
C VAL F 704 -23.96 -65.79 -29.04
N VAL F 705 -22.74 -66.08 -28.59
CA VAL F 705 -22.50 -66.55 -27.24
C VAL F 705 -22.12 -65.36 -26.38
N THR F 706 -22.72 -65.29 -25.21
CA THR F 706 -22.43 -64.24 -24.25
C THR F 706 -21.55 -64.80 -23.14
N THR F 707 -20.70 -63.95 -22.57
CA THR F 707 -19.87 -64.34 -21.45
C THR F 707 -19.79 -63.20 -20.44
N SER F 708 -19.94 -63.53 -19.16
CA SER F 708 -19.78 -62.58 -18.08
C SER F 708 -18.35 -62.51 -17.55
N ARG F 709 -17.45 -63.33 -18.09
CA ARG F 709 -16.03 -63.35 -17.71
C ARG F 709 -15.16 -63.04 -18.92
N PHE F 710 -15.52 -62.01 -19.67
CA PHE F 710 -14.82 -61.70 -20.90
C PHE F 710 -13.36 -61.37 -20.64
N SER F 711 -12.47 -62.16 -21.23
CA SER F 711 -11.04 -62.03 -21.00
C SER F 711 -10.30 -62.76 -22.10
N LYS F 712 -8.98 -62.70 -22.05
CA LYS F 712 -8.16 -63.42 -23.01
C LYS F 712 -8.39 -64.92 -22.91
N GLN F 713 -8.48 -65.45 -21.68
CA GLN F 713 -8.70 -66.88 -21.51
C GLN F 713 -10.02 -67.32 -22.13
N VAL F 714 -11.09 -66.55 -21.88
CA VAL F 714 -12.41 -66.93 -22.40
C VAL F 714 -12.46 -66.77 -23.91
N THR F 715 -11.88 -65.70 -24.44
CA THR F 715 -11.89 -65.52 -25.89
C THR F 715 -11.07 -66.61 -26.58
N ASP F 716 -9.93 -67.00 -25.99
CA ASP F 716 -9.16 -68.09 -26.54
C ASP F 716 -9.93 -69.40 -26.47
N TYR F 717 -10.66 -69.63 -25.37
CA TYR F 717 -11.46 -70.83 -25.24
C TYR F 717 -12.52 -70.90 -26.34
N TYR F 718 -13.21 -69.79 -26.57
CA TYR F 718 -14.26 -69.79 -27.59
C TYR F 718 -13.67 -69.87 -28.98
N GLN F 719 -12.49 -69.29 -29.19
CA GLN F 719 -11.82 -69.45 -30.48
C GLN F 719 -11.42 -70.90 -30.71
N SER F 720 -10.94 -71.58 -29.68
CA SER F 720 -10.58 -72.98 -29.83
C SER F 720 -11.82 -73.81 -30.13
N ILE F 721 -12.93 -73.48 -29.46
CA ILE F 721 -14.18 -74.18 -29.75
C ILE F 721 -14.61 -73.97 -31.19
N TYR F 722 -14.47 -72.74 -31.70
CA TYR F 722 -14.85 -72.49 -33.08
C TYR F 722 -13.90 -73.16 -34.06
N ALA F 723 -12.61 -73.18 -33.73
CA ALA F 723 -11.63 -73.82 -34.61
C ALA F 723 -11.82 -75.32 -34.63
N LYS F 724 -12.40 -75.88 -33.56
CA LYS F 724 -12.65 -77.32 -33.52
C LYS F 724 -14.00 -77.68 -34.16
N TYR F 725 -15.07 -76.99 -33.78
CA TYR F 725 -16.43 -77.39 -34.13
C TYR F 725 -17.19 -76.41 -35.00
N GLY F 726 -16.55 -75.36 -35.52
CA GLY F 726 -17.26 -74.37 -36.30
C GLY F 726 -17.39 -74.78 -37.74
N ALA F 727 -18.56 -75.30 -38.09
CA ALA F 727 -18.80 -75.86 -39.40
C ALA F 727 -18.80 -74.77 -40.46
N LYS F 728 -18.85 -75.19 -41.72
CA LYS F 728 -18.99 -74.25 -42.81
C LYS F 728 -20.29 -73.47 -42.65
N GLY F 729 -20.20 -72.15 -42.72
CA GLY F 729 -21.35 -71.29 -42.57
C GLY F 729 -21.69 -70.90 -41.16
N SER F 730 -21.03 -71.47 -40.16
CA SER F 730 -21.26 -71.11 -38.77
C SER F 730 -20.40 -69.90 -38.42
N THR F 731 -20.96 -69.02 -37.59
CA THR F 731 -20.23 -67.89 -37.04
C THR F 731 -20.43 -67.89 -35.54
N LEU F 732 -19.38 -67.58 -34.81
CA LEU F 732 -19.45 -67.44 -33.36
C LEU F 732 -19.16 -66.00 -32.99
N ILE F 733 -20.13 -65.35 -32.36
CA ILE F 733 -19.99 -63.98 -31.87
C ILE F 733 -19.90 -64.04 -30.35
N VAL F 734 -18.68 -63.92 -29.83
CA VAL F 734 -18.46 -63.89 -28.39
C VAL F 734 -18.57 -62.44 -27.95
N VAL F 735 -19.53 -62.16 -27.07
CA VAL F 735 -19.71 -60.79 -26.58
C VAL F 735 -19.62 -60.78 -25.05
N PRO F 736 -19.06 -59.74 -24.43
CA PRO F 736 -19.25 -59.58 -23.00
C PRO F 736 -20.68 -59.22 -22.69
N PHE F 737 -21.15 -59.66 -21.53
CA PHE F 737 -22.57 -59.53 -21.23
C PHE F 737 -22.80 -59.76 -19.75
N ASN F 738 -23.68 -58.96 -19.18
CA ASN F 738 -24.20 -59.18 -17.84
C ASN F 738 -25.70 -59.33 -17.98
N GLN F 739 -26.18 -60.57 -17.89
CA GLN F 739 -27.61 -60.82 -17.95
C GLN F 739 -28.34 -60.23 -16.75
N GLY F 740 -27.62 -59.83 -15.70
CA GLY F 740 -28.24 -59.19 -14.57
C GLY F 740 -28.50 -57.72 -14.73
N SER F 741 -28.17 -57.14 -15.88
CA SER F 741 -28.43 -55.73 -16.15
C SER F 741 -29.32 -55.59 -17.39
N LYS F 742 -30.45 -54.90 -17.21
CA LYS F 742 -31.37 -54.72 -18.32
C LYS F 742 -30.76 -53.83 -19.40
N GLN F 743 -29.85 -52.93 -19.03
CA GLN F 743 -29.16 -52.14 -20.04
C GLN F 743 -28.37 -53.06 -20.97
N ASP F 744 -27.66 -54.05 -20.42
CA ASP F 744 -26.95 -54.98 -21.27
C ASP F 744 -27.91 -55.86 -22.05
N VAL F 745 -29.04 -56.26 -21.45
CA VAL F 745 -30.01 -57.06 -22.20
C VAL F 745 -30.48 -56.30 -23.44
N GLU F 746 -30.91 -55.06 -23.23
CA GLU F 746 -31.37 -54.22 -24.33
C GLU F 746 -30.26 -53.98 -25.35
N ALA F 747 -29.05 -53.69 -24.86
CA ALA F 747 -27.95 -53.38 -25.77
C ALA F 747 -27.56 -54.58 -26.60
N LEU F 748 -27.53 -55.77 -26.00
CA LEU F 748 -27.20 -56.98 -26.76
C LEU F 748 -28.26 -57.27 -27.81
N ILE F 749 -29.53 -57.13 -27.46
CA ILE F 749 -30.56 -57.41 -28.46
C ILE F 749 -30.52 -56.39 -29.57
N GLU F 750 -30.29 -55.12 -29.22
CA GLU F 750 -30.12 -54.08 -30.22
C GLU F 750 -28.93 -54.38 -31.12
N PHE F 751 -27.82 -54.82 -30.54
CA PHE F 751 -26.63 -55.14 -31.33
C PHE F 751 -26.89 -56.29 -32.28
N ILE F 752 -27.61 -57.30 -31.82
CA ILE F 752 -27.93 -58.45 -32.66
C ILE F 752 -28.81 -58.02 -33.83
N TYR F 753 -29.79 -57.14 -33.56
CA TYR F 753 -30.80 -56.83 -34.55
C TYR F 753 -30.47 -55.65 -35.44
N ASP F 754 -29.54 -54.80 -35.04
CA ASP F 754 -29.17 -53.63 -35.81
C ASP F 754 -28.41 -54.05 -37.06
N THR F 755 -28.43 -53.19 -38.08
CA THR F 755 -27.78 -53.52 -39.34
C THR F 755 -26.26 -53.49 -39.17
N GLU F 756 -25.58 -54.16 -40.10
CA GLU F 756 -24.12 -54.14 -40.11
C GLU F 756 -23.60 -52.73 -40.34
N LYS F 757 -24.33 -51.91 -41.08
CA LYS F 757 -23.92 -50.54 -41.32
C LYS F 757 -23.90 -49.74 -40.02
N ASN F 758 -24.87 -49.95 -39.14
CA ASN F 758 -24.97 -49.26 -37.87
C ASN F 758 -24.15 -49.92 -36.77
N GLY F 759 -23.23 -50.81 -37.12
CA GLY F 759 -22.37 -51.45 -36.15
C GLY F 759 -22.92 -52.70 -35.51
N GLY F 760 -24.08 -53.17 -35.94
CA GLY F 760 -24.67 -54.39 -35.42
C GLY F 760 -24.31 -55.60 -36.23
N LEU F 761 -25.04 -56.68 -36.00
CA LEU F 761 -24.89 -57.91 -36.77
C LEU F 761 -25.90 -58.03 -37.90
N GLY F 762 -27.03 -57.35 -37.83
CA GLY F 762 -28.07 -57.54 -38.82
C GLY F 762 -28.62 -58.94 -38.82
N TRP F 763 -28.81 -59.52 -37.63
CA TRP F 763 -29.29 -60.89 -37.47
C TRP F 763 -30.70 -60.86 -36.92
N ASP F 764 -31.44 -61.93 -37.22
CA ASP F 764 -32.74 -62.19 -36.64
C ASP F 764 -32.68 -63.55 -35.95
N LEU F 765 -32.95 -63.57 -34.66
CA LEU F 765 -32.71 -64.78 -33.88
C LEU F 765 -33.76 -65.84 -34.20
N ASP F 766 -33.29 -67.06 -34.47
CA ASP F 766 -34.16 -68.22 -34.58
C ASP F 766 -34.30 -68.96 -33.25
N ALA F 767 -33.33 -68.85 -32.36
CA ALA F 767 -33.39 -69.53 -31.09
C ALA F 767 -32.75 -68.65 -30.02
N ILE F 768 -33.28 -68.76 -28.81
CA ILE F 768 -32.72 -68.10 -27.63
C ILE F 768 -32.55 -69.16 -26.56
N ILE F 769 -31.34 -69.25 -26.00
CA ILE F 769 -30.96 -70.26 -25.02
C ILE F 769 -30.36 -69.51 -23.85
N PRO F 770 -31.18 -68.94 -22.96
CA PRO F 770 -30.64 -68.13 -21.85
C PRO F 770 -30.30 -68.96 -20.62
N PHE F 771 -29.14 -69.62 -20.68
CA PHE F 771 -28.70 -70.51 -19.62
C PHE F 771 -27.81 -69.83 -18.59
N ALA F 772 -27.64 -68.51 -18.69
CA ALA F 772 -26.85 -67.79 -17.70
C ALA F 772 -27.52 -67.85 -16.33
N ALA F 773 -26.70 -68.05 -15.31
CA ALA F 773 -27.18 -68.16 -13.93
C ALA F 773 -25.96 -68.01 -13.03
N ILE F 774 -26.23 -67.73 -11.76
CA ILE F 774 -25.18 -67.72 -10.75
C ILE F 774 -25.60 -68.70 -9.64
N PRO F 775 -24.67 -69.44 -9.03
CA PRO F 775 -25.09 -70.43 -8.04
C PRO F 775 -25.58 -69.78 -6.76
N GLU F 776 -26.35 -70.56 -6.00
CA GLU F 776 -26.83 -70.16 -4.69
C GLU F 776 -26.74 -71.39 -3.80
N GLN F 777 -25.87 -71.33 -2.79
CA GLN F 777 -25.68 -72.44 -1.87
C GLN F 777 -25.83 -71.95 -0.43
N GLY F 778 -26.59 -72.70 0.36
CA GLY F 778 -26.80 -72.35 1.75
C GLY F 778 -27.51 -71.03 1.92
N ILE F 779 -28.43 -70.72 1.02
CA ILE F 779 -29.26 -69.53 1.12
C ILE F 779 -30.70 -70.02 1.27
N GLU F 780 -31.14 -70.20 2.50
CA GLU F 780 -32.51 -70.57 2.80
C GLU F 780 -33.39 -69.34 2.71
N LEU F 781 -34.64 -69.46 3.14
CA LEU F 781 -35.56 -68.33 3.13
C LEU F 781 -35.01 -67.16 3.92
N GLU F 782 -34.52 -67.42 5.14
CA GLU F 782 -34.04 -66.35 6.00
C GLU F 782 -32.79 -65.67 5.45
N HIS F 783 -32.12 -66.28 4.48
CA HIS F 783 -30.89 -65.74 3.91
C HIS F 783 -31.11 -65.06 2.57
N ILE F 784 -32.35 -64.98 2.08
CA ILE F 784 -32.59 -64.30 0.80
C ILE F 784 -32.24 -62.83 0.96
N ASP F 785 -31.43 -62.33 0.03
CA ASP F 785 -30.74 -61.06 0.20
C ASP F 785 -30.35 -60.55 -1.18
N SER F 786 -29.37 -59.65 -1.22
CA SER F 786 -28.91 -59.05 -2.48
C SER F 786 -28.53 -60.09 -3.51
N LYS F 787 -27.75 -61.10 -3.12
CA LYS F 787 -27.29 -62.10 -4.08
C LYS F 787 -28.47 -62.87 -4.67
N SER F 788 -29.42 -63.27 -3.83
CA SER F 788 -30.57 -64.01 -4.32
C SER F 788 -31.43 -63.15 -5.23
N GLU F 789 -31.61 -61.87 -4.87
CA GLU F 789 -32.39 -60.98 -5.71
C GLU F 789 -31.72 -60.77 -7.07
N PHE F 790 -30.40 -60.60 -7.08
CA PHE F 790 -29.68 -60.45 -8.34
C PHE F 790 -29.73 -61.72 -9.18
N ALA F 791 -29.56 -62.88 -8.53
CA ALA F 791 -29.66 -64.15 -9.23
C ALA F 791 -31.05 -64.31 -9.84
N HIS F 792 -32.09 -63.96 -9.08
CA HIS F 792 -33.43 -64.03 -9.61
C HIS F 792 -33.60 -63.09 -10.79
N ARG F 793 -33.00 -61.89 -10.70
CA ARG F 793 -33.06 -60.98 -11.83
C ARG F 793 -32.49 -61.63 -13.08
N ILE F 794 -31.26 -62.17 -12.98
CA ILE F 794 -30.62 -62.82 -14.11
C ILE F 794 -31.51 -63.94 -14.65
N MET F 795 -31.97 -64.82 -13.78
CA MET F 795 -32.55 -66.08 -14.21
C MET F 795 -34.00 -65.96 -14.65
N LEU F 796 -34.73 -64.95 -14.18
CA LEU F 796 -36.12 -64.79 -14.54
C LEU F 796 -36.40 -63.43 -15.18
N THR F 797 -36.06 -62.33 -14.51
CA THR F 797 -36.57 -61.04 -14.93
C THR F 797 -35.88 -60.57 -16.21
N ASN F 798 -34.57 -60.73 -16.26
CA ASN F 798 -33.85 -60.27 -17.44
C ASN F 798 -33.97 -61.24 -18.60
N ILE F 799 -34.32 -62.50 -18.34
CA ILE F 799 -34.74 -63.39 -19.42
C ILE F 799 -36.06 -62.92 -20.01
N LEU F 800 -37.01 -62.53 -19.15
CA LEU F 800 -38.27 -62.00 -19.66
C LEU F 800 -38.03 -60.70 -20.42
N ARG F 801 -37.12 -59.86 -19.92
CA ARG F 801 -36.76 -58.64 -20.64
C ARG F 801 -36.10 -58.94 -21.97
N MET F 802 -35.25 -59.96 -22.02
CA MET F 802 -34.58 -60.32 -23.26
C MET F 802 -35.57 -60.84 -24.28
N MET F 803 -36.52 -61.66 -23.84
CA MET F 803 -37.57 -62.12 -24.73
C MET F 803 -38.42 -60.95 -25.22
N GLY F 804 -38.73 -60.02 -24.32
CA GLY F 804 -39.48 -58.83 -24.72
C GLY F 804 -38.71 -57.96 -25.70
N CYS F 805 -37.41 -57.85 -25.52
CA CYS F 805 -36.58 -57.08 -26.44
C CYS F 805 -36.57 -57.71 -27.82
N VAL F 806 -36.44 -59.03 -27.88
CA VAL F 806 -36.48 -59.72 -29.17
C VAL F 806 -37.85 -59.52 -29.82
N LYS F 807 -38.91 -59.64 -29.02
CA LYS F 807 -40.25 -59.37 -29.52
C LYS F 807 -40.34 -57.97 -30.11
N LYS F 808 -39.82 -56.97 -29.39
CA LYS F 808 -39.92 -55.59 -29.85
C LYS F 808 -39.15 -55.39 -31.14
N GLN F 809 -37.97 -55.99 -31.25
CA GLN F 809 -37.21 -55.87 -32.50
C GLN F 809 -37.96 -56.49 -33.67
N LYS F 810 -38.48 -57.70 -33.48
CA LYS F 810 -39.20 -58.36 -34.56
C LYS F 810 -40.46 -57.58 -34.95
N SER F 811 -41.16 -57.03 -33.98
CA SER F 811 -42.38 -56.29 -34.28
C SER F 811 -42.07 -54.97 -34.97
N ALA F 812 -40.99 -54.28 -34.55
CA ALA F 812 -40.59 -53.06 -35.22
C ALA F 812 -40.18 -53.34 -36.65
N ARG F 813 -39.56 -54.49 -36.89
CA ARG F 813 -39.20 -54.89 -38.25
C ARG F 813 -40.33 -55.61 -38.98
N GLY F 814 -41.48 -55.78 -38.34
CA GLY F 814 -42.61 -56.43 -38.98
C GLY F 814 -42.36 -57.89 -39.28
N ILE F 815 -41.69 -58.58 -38.37
CA ILE F 815 -41.33 -59.99 -38.54
C ILE F 815 -42.33 -60.82 -37.75
N GLU F 816 -43.27 -61.43 -38.45
CA GLU F 816 -44.34 -62.21 -37.84
C GLU F 816 -44.17 -63.70 -38.11
N THR F 817 -43.32 -64.05 -39.08
CA THR F 817 -43.22 -65.41 -39.57
C THR F 817 -41.85 -66.04 -39.33
N ARG F 818 -41.06 -65.50 -38.41
CA ARG F 818 -39.77 -66.08 -38.02
C ARG F 818 -39.63 -66.00 -36.51
N PRO F 819 -40.38 -66.80 -35.77
CA PRO F 819 -40.25 -66.77 -34.31
C PRO F 819 -38.89 -67.28 -33.85
N ALA F 820 -38.45 -66.74 -32.72
CA ALA F 820 -37.29 -67.24 -32.00
C ALA F 820 -37.76 -68.30 -31.00
N GLN F 821 -37.13 -69.47 -31.04
CA GLN F 821 -37.45 -70.56 -30.12
C GLN F 821 -36.66 -70.33 -28.83
N VAL F 822 -37.36 -69.95 -27.77
CA VAL F 822 -36.75 -69.71 -26.47
C VAL F 822 -36.71 -71.04 -25.74
N ILE F 823 -35.51 -71.58 -25.56
CA ILE F 823 -35.32 -72.84 -24.83
C ILE F 823 -35.08 -72.45 -23.37
N LEU F 824 -36.15 -72.49 -22.61
CA LEU F 824 -36.08 -72.10 -21.21
C LEU F 824 -35.48 -73.22 -20.38
N PRO F 825 -34.39 -72.98 -19.62
CA PRO F 825 -33.88 -74.01 -18.71
C PRO F 825 -34.74 -74.09 -17.47
N MET F 826 -35.56 -75.14 -17.38
CA MET F 826 -36.50 -75.33 -16.29
C MET F 826 -36.01 -76.41 -15.36
N SER F 827 -36.39 -76.33 -14.11
CA SER F 827 -35.96 -77.29 -13.11
C SER F 827 -37.09 -78.26 -12.81
N PRO F 828 -36.85 -79.56 -12.69
CA PRO F 828 -37.91 -80.44 -12.19
C PRO F 828 -38.30 -80.14 -10.77
N ASN F 829 -37.36 -79.64 -9.97
CA ASN F 829 -37.54 -79.45 -8.54
C ASN F 829 -37.58 -77.98 -8.21
N HIS F 830 -38.67 -77.55 -7.58
CA HIS F 830 -38.89 -76.16 -7.19
C HIS F 830 -38.98 -76.12 -5.67
N GLY F 831 -37.83 -76.02 -5.02
CA GLY F 831 -37.77 -75.95 -3.58
C GLY F 831 -37.69 -77.29 -2.87
N THR F 832 -37.44 -78.37 -3.59
CA THR F 832 -37.35 -79.67 -2.93
C THR F 832 -36.03 -79.83 -2.19
N PHE F 833 -34.96 -79.22 -2.70
CA PHE F 833 -33.67 -79.27 -2.03
C PHE F 833 -33.52 -78.15 -1.01
N GLY F 834 -33.89 -76.93 -1.39
CA GLY F 834 -33.74 -75.78 -0.52
C GLY F 834 -32.31 -75.26 -0.49
N GLY F 835 -32.13 -74.18 0.25
CA GLY F 835 -30.81 -73.60 0.42
C GLY F 835 -30.21 -73.07 -0.86
N ASP F 836 -31.05 -72.82 -1.86
CA ASP F 836 -30.60 -72.31 -3.17
C ASP F 836 -31.13 -70.90 -3.40
N GLY F 837 -31.49 -70.21 -2.32
CA GLY F 837 -31.91 -68.83 -2.46
C GLY F 837 -33.22 -68.71 -3.20
N MET F 838 -33.15 -68.13 -4.40
CA MET F 838 -34.32 -67.78 -5.19
C MET F 838 -34.39 -68.59 -6.49
N TYR F 839 -33.56 -69.63 -6.60
CA TYR F 839 -33.44 -70.40 -7.83
C TYR F 839 -34.74 -71.09 -8.19
N SER F 840 -35.37 -71.73 -7.21
CA SER F 840 -36.63 -72.41 -7.47
C SER F 840 -37.69 -71.41 -7.88
N GLU F 841 -37.71 -70.24 -7.26
CA GLU F 841 -38.65 -69.19 -7.65
C GLU F 841 -38.45 -68.78 -9.10
N SER F 842 -37.20 -68.57 -9.51
CA SER F 842 -36.92 -68.20 -10.90
C SER F 842 -37.39 -69.28 -11.86
N LYS F 843 -36.98 -70.52 -11.61
CA LYS F 843 -37.33 -71.61 -12.51
C LYS F 843 -38.84 -71.81 -12.59
N LEU F 844 -39.52 -71.75 -11.45
CA LEU F 844 -40.96 -71.99 -11.43
C LEU F 844 -41.72 -70.84 -12.06
N SER F 845 -41.32 -69.60 -11.82
CA SER F 845 -41.98 -68.48 -12.49
C SER F 845 -41.71 -68.49 -13.98
N LEU F 846 -40.64 -69.18 -14.42
CA LEU F 846 -40.41 -69.35 -15.85
C LEU F 846 -41.50 -70.19 -16.52
N GLU F 847 -42.33 -70.90 -15.75
CA GLU F 847 -43.43 -71.67 -16.33
C GLU F 847 -44.61 -70.82 -16.75
N THR F 848 -44.69 -69.56 -16.32
CA THR F 848 -45.79 -68.71 -16.75
C THR F 848 -45.77 -68.46 -18.26
N LEU F 849 -44.61 -68.62 -18.90
CA LEU F 849 -44.49 -68.27 -20.31
C LEU F 849 -45.36 -69.15 -21.19
N PHE F 850 -45.64 -70.38 -20.75
CA PHE F 850 -46.54 -71.24 -21.50
C PHE F 850 -47.91 -70.63 -21.65
N ASN F 851 -48.46 -70.08 -20.57
CA ASN F 851 -49.77 -69.45 -20.65
C ASN F 851 -49.68 -68.07 -21.29
N ARG F 852 -48.60 -67.33 -21.02
CA ARG F 852 -48.43 -66.01 -21.61
C ARG F 852 -48.35 -66.07 -23.12
N TRP F 853 -47.78 -67.16 -23.67
CA TRP F 853 -47.67 -67.31 -25.10
C TRP F 853 -49.04 -67.32 -25.77
N HIS F 854 -50.01 -67.98 -25.14
CA HIS F 854 -51.38 -67.94 -25.65
C HIS F 854 -52.07 -66.63 -25.34
N SER F 855 -51.85 -66.06 -24.16
CA SER F 855 -52.68 -64.96 -23.67
C SER F 855 -52.19 -63.58 -24.07
N GLU F 856 -51.00 -63.46 -24.67
CA GLU F 856 -50.45 -62.17 -25.06
C GLU F 856 -50.14 -62.19 -26.54
N SER F 857 -49.68 -61.05 -27.06
CA SER F 857 -49.52 -60.83 -28.49
C SER F 857 -48.07 -60.96 -28.94
N TRP F 858 -47.30 -61.86 -28.33
CA TRP F 858 -45.93 -62.14 -28.77
C TRP F 858 -45.75 -63.58 -29.23
N ALA F 859 -46.84 -64.29 -29.52
CA ALA F 859 -46.72 -65.69 -29.94
C ALA F 859 -46.01 -65.82 -31.28
N ASN F 860 -46.25 -64.88 -32.20
CA ASN F 860 -45.69 -64.98 -33.54
C ASN F 860 -44.21 -64.63 -33.59
N GLN F 861 -43.67 -64.01 -32.55
CA GLN F 861 -42.27 -63.60 -32.51
C GLN F 861 -41.42 -64.53 -31.66
N LEU F 862 -42.01 -65.21 -30.69
CA LEU F 862 -41.30 -66.15 -29.84
C LEU F 862 -42.14 -67.39 -29.65
N THR F 863 -41.47 -68.54 -29.55
CA THR F 863 -42.09 -69.79 -29.19
C THR F 863 -41.40 -70.31 -27.93
N VAL F 864 -42.18 -70.93 -27.05
CA VAL F 864 -41.71 -71.33 -25.73
C VAL F 864 -41.41 -72.82 -25.75
N CYS F 865 -40.20 -73.18 -25.36
CA CYS F 865 -39.77 -74.57 -25.25
C CYS F 865 -39.12 -74.72 -23.88
N GLY F 866 -39.91 -75.11 -22.89
CA GLY F 866 -39.37 -75.34 -21.57
C GLY F 866 -38.72 -76.70 -21.47
N ALA F 867 -37.40 -76.73 -21.36
CA ALA F 867 -36.66 -77.98 -21.17
C ALA F 867 -36.40 -78.19 -19.69
N ILE F 868 -37.10 -79.16 -19.10
CA ILE F 868 -36.92 -79.51 -17.70
C ILE F 868 -35.66 -80.36 -17.64
N ILE F 869 -34.57 -79.75 -17.20
CA ILE F 869 -33.24 -80.36 -17.26
C ILE F 869 -33.08 -81.31 -16.08
N GLY F 870 -32.71 -82.55 -16.35
CA GLY F 870 -32.50 -83.53 -15.32
C GLY F 870 -31.14 -83.41 -14.67
N TRP F 871 -30.87 -84.36 -13.78
CA TRP F 871 -29.59 -84.42 -13.10
C TRP F 871 -28.47 -84.54 -14.12
N THR F 872 -27.68 -83.47 -14.24
CA THR F 872 -26.55 -83.40 -15.17
C THR F 872 -25.26 -83.44 -14.39
N ARG F 873 -24.33 -84.27 -14.83
CA ARG F 873 -23.04 -84.43 -14.16
C ARG F 873 -22.05 -83.43 -14.75
N GLY F 874 -21.43 -82.62 -13.89
CA GLY F 874 -20.45 -81.65 -14.32
C GLY F 874 -19.05 -82.23 -14.35
N ALA F 880 -19.38 -83.55 -5.09
CA ALA F 880 -20.49 -83.13 -4.23
C ALA F 880 -21.80 -83.72 -4.71
N ASN F 881 -22.20 -83.32 -5.91
CA ASN F 881 -23.44 -83.80 -6.52
C ASN F 881 -23.18 -84.93 -7.52
N ASN F 882 -21.94 -85.40 -7.61
CA ASN F 882 -21.58 -86.49 -8.52
C ASN F 882 -21.24 -87.77 -7.81
N ILE F 883 -20.86 -87.72 -6.53
CA ILE F 883 -20.51 -88.94 -5.81
C ILE F 883 -21.76 -89.79 -5.58
N ILE F 884 -22.94 -89.19 -5.69
CA ILE F 884 -24.20 -89.91 -5.47
C ILE F 884 -25.00 -90.15 -6.75
N ALA F 885 -24.44 -89.83 -7.91
CA ALA F 885 -25.15 -90.10 -9.15
C ALA F 885 -25.26 -91.59 -9.41
N GLU F 886 -24.20 -92.33 -9.10
CA GLU F 886 -24.29 -93.79 -9.19
C GLU F 886 -25.36 -94.31 -8.24
N GLY F 887 -25.44 -93.75 -7.04
CA GLY F 887 -26.46 -94.16 -6.09
C GLY F 887 -27.87 -93.91 -6.57
N ILE F 888 -28.11 -92.77 -7.21
CA ILE F 888 -29.45 -92.49 -7.71
C ILE F 888 -29.75 -93.28 -8.98
N GLU F 889 -28.74 -93.78 -9.69
CA GLU F 889 -29.00 -94.70 -10.79
C GLU F 889 -29.53 -96.06 -10.36
N LYS F 890 -29.46 -96.42 -9.07
CA LYS F 890 -29.71 -97.80 -8.68
C LYS F 890 -31.19 -98.15 -8.60
N MET F 891 -32.08 -97.25 -9.01
CA MET F 891 -33.50 -97.52 -9.10
C MET F 891 -34.10 -97.12 -10.44
N GLY F 892 -33.30 -97.12 -11.50
CA GLY F 892 -33.77 -96.83 -12.83
C GLY F 892 -33.88 -95.36 -13.14
N VAL F 893 -33.61 -94.50 -12.17
CA VAL F 893 -33.47 -93.08 -12.47
C VAL F 893 -32.24 -92.91 -13.34
N ARG F 894 -32.36 -92.04 -14.34
CA ARG F 894 -31.30 -91.82 -15.30
C ARG F 894 -30.70 -90.44 -15.09
N THR F 895 -29.38 -90.38 -14.95
CA THR F 895 -28.65 -89.13 -14.81
C THR F 895 -27.79 -88.94 -16.05
N PHE F 896 -27.64 -87.68 -16.45
CA PHE F 896 -27.05 -87.33 -17.74
C PHE F 896 -25.70 -86.67 -17.56
N SER F 897 -24.88 -86.76 -18.60
CA SER F 897 -23.64 -86.01 -18.69
C SER F 897 -23.92 -84.69 -19.39
N GLN F 898 -22.92 -83.83 -19.43
CA GLN F 898 -23.09 -82.55 -20.11
C GLN F 898 -23.32 -82.76 -21.59
N LYS F 899 -22.60 -83.71 -22.19
CA LYS F 899 -22.80 -84.03 -23.59
C LYS F 899 -24.18 -84.61 -23.85
N GLU F 900 -24.64 -85.54 -23.01
CA GLU F 900 -25.97 -86.11 -23.20
C GLU F 900 -27.04 -85.05 -23.04
N MET F 901 -26.91 -84.19 -22.05
CA MET F 901 -27.89 -83.12 -21.85
C MET F 901 -27.88 -82.14 -23.00
N ALA F 902 -26.70 -81.82 -23.53
CA ALA F 902 -26.62 -80.95 -24.70
C ALA F 902 -27.28 -81.59 -25.90
N PHE F 903 -27.10 -82.90 -26.08
CA PHE F 903 -27.77 -83.60 -27.15
C PHE F 903 -29.29 -83.55 -26.98
N ASN F 904 -29.77 -83.74 -25.74
CA ASN F 904 -31.20 -83.64 -25.48
C ASN F 904 -31.72 -82.24 -25.79
N LEU F 905 -30.92 -81.22 -25.46
CA LEU F 905 -31.35 -79.84 -25.68
C LEU F 905 -31.33 -79.48 -27.15
N LEU F 906 -30.32 -79.93 -27.88
CA LEU F 906 -30.26 -79.69 -29.31
C LEU F 906 -31.29 -80.51 -30.06
N GLY F 907 -31.81 -81.57 -29.42
CA GLY F 907 -32.95 -82.27 -30.00
C GLY F 907 -34.20 -81.42 -30.02
N LEU F 908 -34.26 -80.40 -29.17
CA LEU F 908 -35.37 -79.46 -29.20
C LEU F 908 -35.23 -78.43 -30.31
N LEU F 909 -34.07 -78.32 -30.94
CA LEU F 909 -33.85 -77.43 -32.06
C LEU F 909 -33.96 -78.14 -33.41
N THR F 910 -34.40 -79.39 -33.43
CA THR F 910 -34.68 -80.05 -34.69
C THR F 910 -35.86 -79.37 -35.38
N PRO F 911 -35.99 -79.51 -36.71
CA PRO F 911 -37.12 -78.85 -37.39
C PRO F 911 -38.48 -79.29 -36.88
N GLU F 912 -38.61 -80.54 -36.45
CA GLU F 912 -39.91 -81.04 -36.03
C GLU F 912 -40.31 -80.47 -34.68
N VAL F 913 -39.37 -80.42 -33.73
CA VAL F 913 -39.68 -79.80 -32.45
C VAL F 913 -39.83 -78.29 -32.61
N VAL F 914 -39.11 -77.69 -33.55
CA VAL F 914 -39.30 -76.28 -33.84
C VAL F 914 -40.73 -76.02 -34.31
N GLU F 915 -41.22 -76.85 -35.24
CA GLU F 915 -42.57 -76.67 -35.74
C GLU F 915 -43.59 -76.96 -34.65
N LEU F 916 -43.30 -77.93 -33.79
CA LEU F 916 -44.16 -78.20 -32.65
C LEU F 916 -44.26 -76.98 -31.73
N CYS F 917 -43.13 -76.33 -31.46
CA CYS F 917 -43.15 -75.11 -30.66
C CYS F 917 -43.95 -74.02 -31.34
N GLN F 918 -43.81 -73.89 -32.66
CA GLN F 918 -44.55 -72.86 -33.38
C GLN F 918 -46.05 -73.12 -33.32
N LYS F 919 -46.47 -74.38 -33.41
CA LYS F 919 -47.88 -74.69 -33.29
C LYS F 919 -48.39 -74.43 -31.87
N SER F 920 -47.59 -74.79 -30.86
CA SER F 920 -47.99 -74.55 -29.48
C SER F 920 -46.76 -74.71 -28.60
N PRO F 921 -46.69 -74.04 -27.47
CA PRO F 921 -45.50 -74.15 -26.63
C PRO F 921 -45.32 -75.57 -26.11
N VAL F 922 -44.05 -75.99 -26.02
CA VAL F 922 -43.74 -77.37 -25.66
C VAL F 922 -42.99 -77.40 -24.33
N MET F 923 -43.35 -78.39 -23.52
CA MET F 923 -42.67 -78.69 -22.27
C MET F 923 -41.96 -80.03 -22.45
N ALA F 924 -40.68 -80.00 -22.79
CA ALA F 924 -39.88 -81.21 -22.84
C ALA F 924 -39.39 -81.54 -21.44
N ASP F 925 -39.66 -82.76 -20.99
CA ASP F 925 -39.14 -83.28 -19.73
C ASP F 925 -37.94 -84.17 -20.06
N LEU F 926 -36.76 -83.74 -19.64
CA LEU F 926 -35.52 -84.48 -19.85
C LEU F 926 -34.95 -84.90 -18.50
N ASN F 927 -35.83 -85.32 -17.60
CA ASN F 927 -35.49 -85.48 -16.19
C ASN F 927 -34.92 -86.86 -15.86
N GLY F 928 -34.92 -87.79 -16.81
CA GLY F 928 -34.43 -89.12 -16.53
C GLY F 928 -35.26 -89.88 -15.51
N GLY F 929 -36.53 -89.50 -15.37
CA GLY F 929 -37.37 -90.14 -14.37
C GLY F 929 -37.03 -89.81 -12.94
N LEU F 930 -36.31 -88.72 -12.71
CA LEU F 930 -35.97 -88.31 -11.36
C LEU F 930 -37.19 -87.93 -10.54
N GLN F 931 -38.30 -87.58 -11.19
CA GLN F 931 -39.49 -87.17 -10.45
C GLN F 931 -40.19 -88.34 -9.77
N PHE F 932 -39.93 -89.57 -10.24
CA PHE F 932 -40.69 -90.72 -9.74
C PHE F 932 -40.20 -91.19 -8.38
N VAL F 933 -38.95 -90.89 -8.01
CA VAL F 933 -38.48 -91.31 -6.69
C VAL F 933 -39.21 -90.51 -5.62
N PRO F 934 -39.75 -91.13 -4.56
CA PRO F 934 -40.42 -90.34 -3.52
C PRO F 934 -39.40 -89.76 -2.54
N GLU F 935 -39.70 -88.55 -2.07
CA GLU F 935 -38.84 -87.84 -1.12
C GLU F 935 -37.40 -87.77 -1.64
N LEU F 936 -37.27 -87.10 -2.80
CA LEU F 936 -35.99 -87.10 -3.50
C LEU F 936 -34.92 -86.36 -2.70
N LYS F 937 -35.29 -85.26 -2.05
CA LYS F 937 -34.33 -84.52 -1.25
C LYS F 937 -33.81 -85.35 -0.08
N GLU F 938 -34.71 -86.05 0.61
CA GLU F 938 -34.31 -86.85 1.75
C GLU F 938 -33.49 -88.06 1.28
N PHE F 939 -33.87 -88.64 0.15
CA PHE F 939 -33.12 -89.74 -0.42
C PHE F 939 -31.69 -89.32 -0.77
N THR F 940 -31.57 -88.16 -1.43
CA THR F 940 -30.25 -87.65 -1.79
C THR F 940 -29.42 -87.35 -0.55
N ALA F 941 -30.03 -86.76 0.47
CA ALA F 941 -29.33 -86.50 1.71
C ALA F 941 -28.84 -87.81 2.32
N LYS F 942 -29.66 -88.86 2.26
CA LYS F 942 -29.25 -90.10 2.91
C LYS F 942 -28.14 -90.76 2.11
N LEU F 943 -28.17 -90.63 0.77
CA LEU F 943 -27.07 -91.17 -0.04
C LEU F 943 -25.76 -90.47 0.31
N ARG F 944 -25.79 -89.14 0.37
CA ARG F 944 -24.58 -88.40 0.69
C ARG F 944 -24.11 -88.71 2.10
N LYS F 945 -25.05 -88.85 3.04
CA LYS F 945 -24.70 -89.17 4.41
C LYS F 945 -24.08 -90.56 4.51
N GLU F 946 -24.63 -91.52 3.79
CA GLU F 946 -24.07 -92.87 3.79
C GLU F 946 -22.67 -92.89 3.22
N LEU F 947 -22.47 -92.21 2.09
CA LEU F 947 -21.15 -92.20 1.47
C LEU F 947 -20.14 -91.47 2.34
N VAL F 948 -20.55 -90.35 2.93
CA VAL F 948 -19.66 -89.58 3.79
C VAL F 948 -19.30 -90.39 5.03
N GLU F 949 -20.28 -91.03 5.66
CA GLU F 949 -20.00 -91.79 6.87
C GLU F 949 -19.10 -92.98 6.56
N THR F 950 -19.32 -93.65 5.43
CA THR F 950 -18.45 -94.75 5.06
C THR F 950 -17.02 -94.25 4.83
N SER F 951 -16.86 -93.15 4.10
CA SER F 951 -15.53 -92.62 3.85
C SER F 951 -14.84 -92.23 5.15
N GLU F 952 -15.55 -91.51 6.03
CA GLU F 952 -14.94 -91.05 7.27
C GLU F 952 -14.59 -92.21 8.18
N VAL F 953 -15.48 -93.19 8.31
CA VAL F 953 -15.21 -94.34 9.17
C VAL F 953 -14.01 -95.11 8.64
N ARG F 954 -13.95 -95.35 7.34
CA ARG F 954 -12.82 -96.08 6.78
C ARG F 954 -11.53 -95.31 6.97
N LYS F 955 -11.57 -94.00 6.76
CA LYS F 955 -10.38 -93.17 6.92
C LYS F 955 -9.88 -93.18 8.37
N ALA F 956 -10.79 -93.02 9.32
CA ALA F 956 -10.41 -93.01 10.73
C ALA F 956 -9.86 -94.38 11.15
N VAL F 957 -10.52 -95.46 10.72
CA VAL F 957 -10.05 -96.79 11.09
C VAL F 957 -8.68 -97.06 10.47
N SER F 958 -8.46 -96.60 9.24
CA SER F 958 -7.14 -96.78 8.63
C SER F 958 -6.08 -96.02 9.39
N ILE F 959 -6.36 -94.77 9.78
CA ILE F 959 -5.38 -94.00 10.53
C ILE F 959 -5.09 -94.66 11.88
N GLU F 960 -6.12 -95.15 12.56
CA GLU F 960 -5.90 -95.72 13.88
C GLU F 960 -5.17 -97.06 13.79
N THR F 961 -5.48 -97.86 12.78
CA THR F 961 -4.73 -99.09 12.57
C THR F 961 -3.27 -98.77 12.25
N ALA F 962 -3.03 -97.75 11.44
CA ALA F 962 -1.65 -97.36 11.13
C ALA F 962 -0.92 -96.91 12.38
N LEU F 963 -1.58 -96.11 13.22
CA LEU F 963 -0.94 -95.65 14.45
C LEU F 963 -0.67 -96.78 15.42
N GLU F 964 -1.62 -97.72 15.55
CA GLU F 964 -1.39 -98.89 16.40
C GLU F 964 -0.23 -99.73 15.88
N HIS F 965 -0.16 -99.93 14.56
CA HIS F 965 0.94 -100.69 13.99
C HIS F 965 2.27 -99.97 14.24
N LYS F 966 2.29 -98.65 14.08
CA LYS F 966 3.52 -97.90 14.31
C LYS F 966 3.94 -97.98 15.77
N VAL F 967 2.99 -97.89 16.69
CA VAL F 967 3.31 -97.97 18.11
C VAL F 967 3.83 -99.35 18.45
N VAL F 968 3.24 -100.39 17.88
CA VAL F 968 3.64 -101.76 18.21
C VAL F 968 5.02 -102.07 17.65
N ASN F 969 5.27 -101.70 16.40
CA ASN F 969 6.47 -102.13 15.69
C ASN F 969 7.55 -101.05 15.59
N GLY F 970 7.36 -99.90 16.22
CA GLY F 970 8.37 -98.87 16.16
C GLY F 970 8.47 -98.24 14.78
N ASN F 971 9.46 -97.37 14.64
CA ASN F 971 9.79 -96.77 13.34
C ASN F 971 10.43 -97.81 12.43
N GLN F 979 10.39 -93.87 0.95
CA GLN F 979 11.19 -93.91 -0.27
C GLN F 979 11.69 -92.51 -0.62
N VAL F 980 13.00 -92.38 -0.85
CA VAL F 980 13.58 -91.09 -1.17
C VAL F 980 13.07 -90.67 -2.55
N GLU F 981 12.70 -89.40 -2.67
CA GLU F 981 12.13 -88.86 -3.89
C GLU F 981 13.13 -87.93 -4.57
N ILE F 982 13.27 -88.09 -5.88
CA ILE F 982 14.24 -87.36 -6.68
C ILE F 982 13.50 -86.28 -7.47
N GLN F 983 13.84 -85.04 -7.20
CA GLN F 983 13.22 -83.90 -7.88
C GLN F 983 14.01 -83.54 -9.14
N PRO F 984 13.38 -82.92 -10.14
CA PRO F 984 14.14 -82.50 -11.31
C PRO F 984 15.03 -81.30 -11.02
N ARG F 985 16.13 -81.24 -11.76
CA ARG F 985 17.05 -80.11 -11.73
C ARG F 985 17.21 -79.59 -13.16
N ALA F 986 17.28 -78.27 -13.29
CA ALA F 986 17.32 -77.65 -14.60
C ALA F 986 18.64 -77.97 -15.28
N ASN F 987 18.55 -78.53 -16.48
CA ASN F 987 19.72 -78.89 -17.29
C ASN F 987 19.50 -78.28 -18.67
N ILE F 988 19.83 -77.00 -18.81
CA ILE F 988 19.55 -76.29 -20.04
C ILE F 988 20.47 -76.82 -21.13
N GLN F 989 19.88 -77.21 -22.26
CA GLN F 989 20.61 -77.74 -23.39
C GLN F 989 20.72 -76.69 -24.48
N LEU F 990 21.86 -76.68 -25.16
CA LEU F 990 22.07 -75.75 -26.27
C LEU F 990 21.21 -76.10 -27.47
N ASP F 991 20.69 -77.32 -27.55
CA ASP F 991 19.79 -77.72 -28.63
C ASP F 991 20.51 -77.67 -29.98
N PHE F 992 21.71 -78.24 -30.01
CA PHE F 992 22.41 -78.41 -31.26
C PHE F 992 21.59 -79.32 -32.16
N PRO F 993 21.73 -79.20 -33.48
CA PRO F 993 20.95 -80.07 -34.36
C PRO F 993 21.27 -81.54 -34.11
N GLU F 994 20.23 -82.37 -34.16
CA GLU F 994 20.40 -83.81 -34.07
C GLU F 994 21.08 -84.30 -35.35
N LEU F 995 22.15 -85.06 -35.18
CA LEU F 995 22.92 -85.59 -36.30
C LEU F 995 22.58 -87.07 -36.43
N LYS F 996 21.93 -87.41 -37.53
CA LYS F 996 21.50 -88.77 -37.77
C LYS F 996 22.63 -89.60 -38.38
N PRO F 997 22.49 -90.93 -38.37
CA PRO F 997 23.49 -91.77 -39.05
C PRO F 997 23.63 -91.40 -40.52
N TYR F 998 24.80 -91.70 -41.07
CA TYR F 998 25.08 -91.32 -42.45
C TYR F 998 24.10 -91.97 -43.41
N LYS F 999 23.75 -93.23 -43.18
CA LYS F 999 22.81 -93.89 -44.07
C LYS F 999 21.46 -93.19 -44.04
N GLN F 1000 20.99 -92.83 -42.85
CA GLN F 1000 19.71 -92.14 -42.74
C GLN F 1000 19.75 -90.77 -43.42
N VAL F 1001 20.85 -90.04 -43.26
CA VAL F 1001 20.91 -88.69 -43.82
C VAL F 1001 21.14 -88.73 -45.32
N LYS F 1002 21.78 -89.80 -45.81
CA LYS F 1002 21.97 -89.97 -47.25
C LYS F 1002 20.70 -90.43 -47.93
N GLN F 1003 19.84 -91.17 -47.23
CA GLN F 1003 18.62 -91.67 -47.83
C GLN F 1003 17.72 -90.54 -48.29
N ILE F 1004 17.58 -89.49 -47.48
CA ILE F 1004 16.66 -88.41 -47.82
C ILE F 1004 17.21 -87.56 -48.97
N ALA F 1005 18.51 -87.26 -48.95
CA ALA F 1005 19.08 -86.42 -49.99
C ALA F 1005 19.31 -87.24 -51.26
N PRO F 1006 19.31 -86.61 -52.43
CA PRO F 1006 19.55 -87.36 -53.68
C PRO F 1006 20.94 -87.99 -53.69
N ALA F 1007 21.03 -89.16 -54.32
CA ALA F 1007 22.30 -89.86 -54.39
C ALA F 1007 23.33 -89.13 -55.23
N GLU F 1008 22.90 -88.23 -56.10
CA GLU F 1008 23.82 -87.49 -56.97
C GLU F 1008 24.37 -86.23 -56.32
N LEU F 1009 23.89 -85.87 -55.13
CA LEU F 1009 24.41 -84.68 -54.46
C LEU F 1009 25.85 -84.84 -53.97
N GLU F 1010 26.34 -86.07 -53.84
CA GLU F 1010 27.67 -86.30 -53.29
C GLU F 1010 28.73 -85.73 -54.22
N GLY F 1011 29.40 -84.67 -53.77
CA GLY F 1011 30.42 -84.02 -54.57
C GLY F 1011 29.90 -83.10 -55.64
N LEU F 1012 28.58 -82.96 -55.76
CA LEU F 1012 27.99 -82.10 -56.77
C LEU F 1012 28.12 -80.63 -56.39
N LEU F 1013 28.08 -80.34 -55.09
CA LEU F 1013 28.00 -78.96 -54.62
C LEU F 1013 29.37 -78.43 -54.20
N ASP F 1014 29.59 -77.16 -54.45
CA ASP F 1014 30.73 -76.42 -53.90
C ASP F 1014 30.37 -75.96 -52.49
N LEU F 1015 30.89 -76.67 -51.50
CA LEU F 1015 30.54 -76.38 -50.11
C LEU F 1015 31.07 -75.03 -49.68
N GLU F 1016 32.14 -74.54 -50.34
CA GLU F 1016 32.56 -73.16 -50.12
C GLU F 1016 31.50 -72.17 -50.58
N ARG F 1017 30.70 -72.55 -51.59
CA ARG F 1017 29.62 -71.72 -52.09
C ARG F 1017 28.27 -72.08 -51.47
N VAL F 1018 28.23 -73.05 -50.56
CA VAL F 1018 27.01 -73.33 -49.79
C VAL F 1018 27.13 -72.63 -48.44
N ILE F 1019 26.09 -71.86 -48.09
CA ILE F 1019 26.07 -71.06 -46.87
C ILE F 1019 25.19 -71.78 -45.84
N VAL F 1020 25.68 -71.85 -44.61
CA VAL F 1020 25.01 -72.58 -43.54
C VAL F 1020 24.93 -71.68 -42.32
N VAL F 1021 23.76 -71.62 -41.70
CA VAL F 1021 23.64 -70.90 -40.44
C VAL F 1021 24.28 -71.77 -39.38
N THR F 1022 25.47 -71.37 -38.94
CA THR F 1022 26.22 -72.18 -38.00
C THR F 1022 25.79 -71.91 -36.56
N GLY F 1023 25.40 -70.68 -36.25
CA GLY F 1023 24.93 -70.35 -34.91
C GLY F 1023 23.86 -69.29 -34.99
N PHE F 1024 23.15 -69.11 -33.89
CA PHE F 1024 22.13 -68.06 -33.84
C PHE F 1024 21.76 -67.79 -32.40
N ALA F 1025 21.27 -66.58 -32.16
CA ALA F 1025 20.77 -66.20 -30.85
C ALA F 1025 20.01 -64.90 -30.97
N GLU F 1026 19.34 -64.53 -29.88
CA GLU F 1026 18.59 -63.29 -29.87
C GLU F 1026 18.38 -62.83 -28.44
N VAL F 1027 18.13 -61.55 -28.30
CA VAL F 1027 17.63 -60.94 -27.07
C VAL F 1027 16.30 -60.30 -27.43
N GLY F 1028 15.23 -60.78 -26.83
CA GLY F 1028 13.90 -60.31 -27.16
C GLY F 1028 12.95 -60.34 -25.98
N PRO F 1029 11.70 -59.97 -26.22
CA PRO F 1029 10.71 -59.91 -25.12
C PRO F 1029 10.48 -61.22 -24.39
N TRP F 1030 10.97 -62.33 -24.91
CA TRP F 1030 10.93 -63.60 -24.21
C TRP F 1030 12.33 -64.13 -24.00
N GLY F 1031 13.27 -63.22 -23.74
CA GLY F 1031 14.63 -63.61 -23.44
C GLY F 1031 15.34 -64.17 -24.67
N SER F 1032 16.07 -65.26 -24.44
CA SER F 1032 16.92 -65.82 -25.47
C SER F 1032 16.09 -66.54 -26.53
N ALA F 1033 16.79 -67.05 -27.54
CA ALA F 1033 16.13 -67.82 -28.59
C ALA F 1033 15.47 -69.07 -28.02
N ARG F 1034 16.09 -69.70 -27.02
CA ARG F 1034 15.54 -70.91 -26.43
C ARG F 1034 14.21 -70.64 -25.75
N THR F 1035 14.16 -69.62 -24.90
CA THR F 1035 12.94 -69.33 -24.16
C THR F 1035 11.86 -68.78 -25.08
N ARG F 1036 12.27 -67.95 -26.06
CA ARG F 1036 11.31 -67.47 -27.05
C ARG F 1036 10.71 -68.63 -27.83
N TRP F 1037 11.53 -69.61 -28.22
CA TRP F 1037 11.03 -70.75 -28.96
C TRP F 1037 10.10 -71.59 -28.11
N GLU F 1038 10.44 -71.78 -26.84
CA GLU F 1038 9.55 -72.54 -25.98
C GLU F 1038 8.19 -71.86 -25.86
N MET F 1039 8.19 -70.53 -25.67
CA MET F 1039 6.93 -69.82 -25.55
C MET F 1039 6.16 -69.83 -26.87
N GLU F 1040 6.88 -69.76 -27.99
CA GLU F 1040 6.22 -69.80 -29.29
C GLU F 1040 5.56 -71.15 -29.56
N ALA F 1041 6.31 -72.23 -29.39
CA ALA F 1041 5.80 -73.54 -29.77
C ALA F 1041 4.85 -74.09 -28.72
N PHE F 1042 5.32 -74.21 -27.48
CA PHE F 1042 4.55 -74.92 -26.47
C PHE F 1042 3.66 -74.00 -25.64
N GLY F 1043 3.86 -72.68 -25.73
CA GLY F 1043 3.02 -71.74 -25.04
C GLY F 1043 3.34 -71.58 -23.56
N GLU F 1044 4.23 -72.40 -23.02
CA GLU F 1044 4.66 -72.27 -21.65
C GLU F 1044 6.12 -72.66 -21.57
N PHE F 1045 6.73 -72.39 -20.42
CA PHE F 1045 8.13 -72.70 -20.19
C PHE F 1045 8.25 -74.05 -19.51
N SER F 1046 9.20 -74.85 -19.98
CA SER F 1046 9.61 -76.05 -19.28
C SER F 1046 10.41 -75.63 -18.04
N LEU F 1047 10.94 -76.60 -17.30
CA LEU F 1047 11.78 -76.26 -16.17
C LEU F 1047 13.01 -75.50 -16.62
N GLU F 1048 13.65 -75.97 -17.70
CA GLU F 1048 14.85 -75.33 -18.20
C GLU F 1048 14.55 -73.92 -18.70
N GLY F 1049 13.45 -73.77 -19.45
CA GLY F 1049 13.09 -72.45 -19.94
C GLY F 1049 12.74 -71.48 -18.82
N CYS F 1050 12.04 -71.97 -17.80
CA CYS F 1050 11.67 -71.11 -16.68
C CYS F 1050 12.89 -70.69 -15.87
N VAL F 1051 13.83 -71.61 -15.66
CA VAL F 1051 15.03 -71.28 -14.91
C VAL F 1051 15.91 -70.32 -15.72
N GLU F 1052 15.99 -70.53 -17.04
CA GLU F 1052 16.72 -69.59 -17.88
C GLU F 1052 16.08 -68.21 -17.84
N MET F 1053 14.75 -68.14 -17.87
CA MET F 1053 14.06 -66.85 -17.81
C MET F 1053 14.29 -66.18 -16.46
N ALA F 1054 14.25 -66.94 -15.37
CA ALA F 1054 14.47 -66.34 -14.06
C ALA F 1054 15.90 -65.83 -13.93
N TRP F 1055 16.87 -66.57 -14.46
CA TRP F 1055 18.25 -66.10 -14.47
C TRP F 1055 18.40 -64.86 -15.35
N ILE F 1056 17.74 -64.83 -16.50
CA ILE F 1056 17.77 -63.67 -17.38
C ILE F 1056 17.21 -62.45 -16.66
N MET F 1057 16.09 -62.64 -15.97
CA MET F 1057 15.39 -61.54 -15.33
C MET F 1057 15.97 -61.19 -13.98
N GLY F 1058 16.96 -61.93 -13.51
CA GLY F 1058 17.56 -61.64 -12.23
C GLY F 1058 16.73 -62.05 -11.05
N PHE F 1059 15.71 -62.88 -11.26
CA PHE F 1059 14.93 -63.40 -10.14
C PHE F 1059 15.75 -64.37 -9.30
N ILE F 1060 16.55 -65.20 -9.96
CA ILE F 1060 17.42 -66.15 -9.29
C ILE F 1060 18.86 -65.84 -9.69
N SER F 1061 19.75 -65.91 -8.71
CA SER F 1061 21.18 -65.82 -8.95
C SER F 1061 21.83 -67.07 -8.40
N TYR F 1062 23.03 -67.36 -8.88
CA TYR F 1062 23.75 -68.53 -8.42
C TYR F 1062 24.53 -68.20 -7.16
N HIS F 1063 24.46 -69.10 -6.19
CA HIS F 1063 25.26 -69.01 -4.98
C HIS F 1063 26.00 -70.32 -4.78
N ASN F 1064 27.26 -70.21 -4.36
CA ASN F 1064 28.08 -71.39 -4.08
C ASN F 1064 28.97 -71.06 -2.89
N GLY F 1065 28.76 -71.76 -1.79
CA GLY F 1065 29.56 -71.59 -0.59
C GLY F 1065 28.67 -71.59 0.63
N ASN F 1066 29.23 -71.08 1.73
CA ASN F 1066 28.48 -71.02 2.97
C ASN F 1066 27.31 -70.07 2.83
N LEU F 1067 26.14 -70.49 3.33
CA LEU F 1067 24.94 -69.68 3.29
C LEU F 1067 24.10 -70.03 4.51
N LYS F 1068 23.94 -69.07 5.41
CA LYS F 1068 23.26 -69.29 6.68
C LYS F 1068 23.92 -70.42 7.46
N GLY F 1069 25.25 -70.46 7.41
CA GLY F 1069 26.00 -71.49 8.09
C GLY F 1069 26.26 -72.69 7.19
N ARG F 1070 25.20 -73.42 6.85
CA ARG F 1070 25.37 -74.63 6.06
C ARG F 1070 25.85 -74.28 4.66
N PRO F 1071 26.59 -75.18 4.00
CA PRO F 1071 27.08 -74.88 2.65
C PRO F 1071 26.02 -75.15 1.60
N TYR F 1072 25.75 -74.15 0.76
CA TYR F 1072 24.72 -74.24 -0.26
C TYR F 1072 25.33 -74.02 -1.64
N THR F 1073 24.86 -74.83 -2.60
CA THR F 1073 25.28 -74.71 -3.99
C THR F 1073 24.01 -74.79 -4.85
N GLY F 1074 23.70 -73.71 -5.55
CA GLY F 1074 22.54 -73.69 -6.42
C GLY F 1074 21.97 -72.29 -6.53
N TRP F 1075 20.74 -72.23 -7.02
CA TRP F 1075 20.05 -70.97 -7.21
C TRP F 1075 19.52 -70.42 -5.90
N VAL F 1076 19.58 -69.10 -5.76
CA VAL F 1076 19.01 -68.39 -4.62
C VAL F 1076 18.19 -67.23 -5.15
N ASP F 1077 17.30 -66.71 -4.31
CA ASP F 1077 16.56 -65.51 -4.67
C ASP F 1077 17.50 -64.31 -4.66
N SER F 1078 17.49 -63.55 -5.75
CA SER F 1078 18.47 -62.49 -5.93
C SER F 1078 18.34 -61.42 -4.86
N LYS F 1079 17.13 -61.14 -4.40
CA LYS F 1079 16.90 -60.11 -3.40
C LYS F 1079 17.07 -60.65 -1.98
N THR F 1080 16.36 -61.73 -1.64
CA THR F 1080 16.41 -62.26 -0.29
C THR F 1080 17.59 -63.19 -0.06
N LYS F 1081 18.25 -63.66 -1.11
CA LYS F 1081 19.40 -64.57 -1.04
C LYS F 1081 19.03 -65.92 -0.45
N GLU F 1082 17.75 -66.21 -0.30
CA GLU F 1082 17.34 -67.49 0.27
C GLU F 1082 17.50 -68.58 -0.79
N PRO F 1083 17.81 -69.81 -0.39
CA PRO F 1083 17.88 -70.89 -1.38
C PRO F 1083 16.52 -71.09 -2.05
N VAL F 1084 16.55 -71.35 -3.35
CA VAL F 1084 15.36 -71.67 -4.11
C VAL F 1084 15.66 -72.88 -4.98
N ASP F 1085 14.84 -73.91 -4.86
CA ASP F 1085 15.03 -75.15 -5.60
C ASP F 1085 14.46 -75.00 -7.01
N ASP F 1086 15.00 -75.81 -7.91
CA ASP F 1086 14.57 -75.75 -9.31
C ASP F 1086 13.09 -76.07 -9.43
N LYS F 1087 12.60 -77.02 -8.64
CA LYS F 1087 11.18 -77.34 -8.66
C LYS F 1087 10.35 -76.14 -8.21
N ASP F 1088 10.84 -75.38 -7.23
CA ASP F 1088 10.13 -74.19 -6.76
C ASP F 1088 10.29 -72.99 -7.68
N VAL F 1089 11.23 -73.01 -8.62
CA VAL F 1089 11.49 -71.82 -9.44
C VAL F 1089 10.23 -71.46 -10.23
N LYS F 1090 9.57 -72.45 -10.82
CA LYS F 1090 8.34 -72.17 -11.54
C LYS F 1090 7.27 -71.66 -10.59
N ALA F 1091 7.00 -72.40 -9.51
CA ALA F 1091 5.93 -72.01 -8.60
C ALA F 1091 6.14 -70.63 -7.99
N LYS F 1092 7.39 -70.15 -7.93
CA LYS F 1092 7.70 -68.89 -7.27
C LYS F 1092 7.91 -67.73 -8.22
N TYR F 1093 8.20 -67.99 -9.51
CA TYR F 1093 8.53 -66.92 -10.45
C TYR F 1093 7.76 -66.96 -11.76
N GLU F 1094 6.89 -67.95 -11.99
CA GLU F 1094 6.20 -68.05 -13.27
C GLU F 1094 5.34 -66.83 -13.52
N THR F 1095 4.58 -66.41 -12.50
CA THR F 1095 3.68 -65.28 -12.68
C THR F 1095 4.45 -64.00 -12.99
N SER F 1096 5.55 -63.74 -12.27
CA SER F 1096 6.33 -62.54 -12.52
C SER F 1096 6.97 -62.59 -13.89
N ILE F 1097 7.51 -63.74 -14.28
CA ILE F 1097 8.11 -63.90 -15.60
C ILE F 1097 7.07 -63.60 -16.69
N LEU F 1098 5.90 -64.21 -16.59
CA LEU F 1098 4.87 -64.00 -17.60
C LEU F 1098 4.39 -62.55 -17.61
N GLU F 1099 4.20 -61.98 -16.42
CA GLU F 1099 3.74 -60.59 -16.32
C GLU F 1099 4.73 -59.63 -16.94
N HIS F 1100 6.03 -59.88 -16.80
CA HIS F 1100 7.06 -58.96 -17.23
C HIS F 1100 7.88 -59.53 -18.39
N SER F 1101 7.25 -60.35 -19.23
CA SER F 1101 7.86 -60.79 -20.48
C SER F 1101 6.89 -60.55 -21.62
N GLY F 1102 7.43 -60.57 -22.84
CA GLY F 1102 6.61 -60.45 -24.03
C GLY F 1102 6.03 -59.07 -24.21
N ILE F 1103 4.88 -59.04 -24.89
CA ILE F 1103 4.16 -57.78 -25.13
C ILE F 1103 3.37 -57.43 -23.88
N ARG F 1104 3.58 -56.23 -23.37
CA ARG F 1104 2.99 -55.82 -22.11
C ARG F 1104 3.00 -54.29 -22.04
N LEU F 1105 2.38 -53.75 -21.00
CA LEU F 1105 2.38 -52.31 -20.80
C LEU F 1105 3.81 -51.79 -20.69
N ILE F 1106 4.04 -50.61 -21.28
CA ILE F 1106 5.38 -50.05 -21.30
C ILE F 1106 5.80 -49.72 -19.88
N GLU F 1107 7.00 -50.16 -19.51
CA GLU F 1107 7.54 -49.93 -18.19
C GLU F 1107 8.51 -48.76 -18.24
N PRO F 1108 8.23 -47.63 -17.58
CA PRO F 1108 9.17 -46.49 -17.67
C PRO F 1108 10.56 -46.81 -17.14
N GLU F 1109 10.67 -47.72 -16.18
CA GLU F 1109 11.98 -48.07 -15.63
C GLU F 1109 12.91 -48.67 -16.68
N LEU F 1110 12.34 -49.23 -17.75
CA LEU F 1110 13.14 -49.82 -18.83
C LEU F 1110 13.42 -48.84 -19.96
N PHE F 1111 12.84 -47.64 -19.94
CA PHE F 1111 13.02 -46.64 -20.98
C PHE F 1111 13.23 -45.27 -20.36
N ASN F 1112 13.86 -45.25 -19.18
CA ASN F 1112 14.28 -44.01 -18.53
C ASN F 1112 13.10 -43.15 -18.14
N GLY F 1113 12.16 -43.74 -17.41
CA GLY F 1113 11.02 -42.99 -16.93
C GLY F 1113 10.12 -42.50 -18.04
N TYR F 1114 10.12 -43.18 -19.17
CA TYR F 1114 9.23 -42.85 -20.27
C TYR F 1114 7.88 -43.50 -19.98
N ASN F 1115 6.90 -42.66 -19.65
CA ASN F 1115 5.53 -43.11 -19.42
C ASN F 1115 4.67 -42.57 -20.56
N PRO F 1116 4.20 -43.41 -21.50
CA PRO F 1116 3.40 -42.85 -22.61
C PRO F 1116 2.12 -42.17 -22.16
N GLU F 1117 1.61 -42.49 -20.97
CA GLU F 1117 0.45 -41.78 -20.45
C GLU F 1117 0.78 -40.34 -20.08
N LYS F 1118 2.03 -40.05 -19.73
CA LYS F 1118 2.50 -38.72 -19.39
C LYS F 1118 3.75 -38.47 -20.22
N LYS F 1119 3.56 -38.07 -21.47
CA LYS F 1119 4.65 -37.83 -22.39
C LYS F 1119 5.03 -36.36 -22.34
N GLU F 1120 6.29 -36.09 -22.02
CA GLU F 1120 6.71 -34.74 -21.67
C GLU F 1120 7.03 -33.94 -22.93
N MET F 1121 6.41 -32.78 -23.06
CA MET F 1121 6.72 -31.81 -24.11
C MET F 1121 6.93 -30.46 -23.45
N ILE F 1122 7.29 -29.47 -24.25
CA ILE F 1122 7.48 -28.10 -23.78
C ILE F 1122 6.79 -27.15 -24.73
N GLN F 1123 6.12 -26.15 -24.17
CA GLN F 1123 5.36 -25.15 -24.92
C GLN F 1123 6.07 -23.81 -24.82
N GLU F 1124 6.32 -23.21 -25.98
CA GLU F 1124 6.86 -21.86 -26.04
C GLU F 1124 5.77 -20.88 -25.65
N VAL F 1125 6.10 -19.96 -24.74
CA VAL F 1125 5.22 -18.85 -24.40
C VAL F 1125 6.04 -17.58 -24.34
N ILE F 1126 5.35 -16.46 -24.52
CA ILE F 1126 5.94 -15.14 -24.35
C ILE F 1126 5.70 -14.71 -22.90
N VAL F 1127 6.77 -14.27 -22.24
CA VAL F 1127 6.65 -13.78 -20.88
C VAL F 1127 5.78 -12.53 -20.87
N GLU F 1128 4.75 -12.53 -20.03
CA GLU F 1128 3.83 -11.40 -19.91
C GLU F 1128 4.21 -10.44 -18.79
N GLU F 1129 4.88 -10.92 -17.75
CA GLU F 1129 5.40 -10.08 -16.69
C GLU F 1129 6.82 -10.51 -16.37
N ASP F 1130 7.65 -9.54 -15.98
CA ASP F 1130 9.03 -9.83 -15.62
C ASP F 1130 9.07 -10.87 -14.50
N LEU F 1131 9.85 -11.93 -14.70
CA LEU F 1131 9.97 -12.95 -13.68
C LEU F 1131 10.79 -12.44 -12.50
N GLU F 1132 10.57 -13.04 -11.34
CA GLU F 1132 11.41 -12.72 -10.20
C GLU F 1132 12.85 -13.13 -10.51
N PRO F 1133 13.85 -12.31 -10.18
CA PRO F 1133 15.23 -12.71 -10.47
C PRO F 1133 15.59 -14.01 -9.77
N PHE F 1134 16.39 -14.82 -10.45
CA PHE F 1134 16.92 -16.05 -9.88
C PHE F 1134 18.43 -16.07 -10.07
N GLU F 1135 19.13 -16.67 -9.11
CA GLU F 1135 20.58 -16.72 -9.14
C GLU F 1135 21.06 -17.66 -10.24
N ALA F 1136 22.21 -17.33 -10.82
CA ALA F 1136 22.85 -18.18 -11.81
C ALA F 1136 24.33 -17.87 -11.81
N SER F 1137 25.12 -18.77 -12.38
CA SER F 1137 26.54 -18.55 -12.50
C SER F 1137 26.82 -17.39 -13.46
N LYS F 1138 28.07 -16.94 -13.46
CA LYS F 1138 28.50 -15.95 -14.44
C LYS F 1138 28.30 -16.48 -15.86
N GLU F 1139 28.79 -17.69 -16.14
CA GLU F 1139 28.68 -18.26 -17.48
C GLU F 1139 27.22 -18.50 -17.85
N THR F 1140 26.43 -19.04 -16.93
CA THR F 1140 25.04 -19.32 -17.22
C THR F 1140 24.25 -18.04 -17.49
N ALA F 1141 24.48 -17.01 -16.67
CA ALA F 1141 23.80 -15.74 -16.87
C ALA F 1141 24.24 -15.09 -18.18
N GLU F 1142 25.51 -15.23 -18.53
CA GLU F 1142 25.98 -14.69 -19.81
C GLU F 1142 25.32 -15.41 -20.98
N GLN F 1143 25.13 -16.72 -20.86
CA GLN F 1143 24.42 -17.47 -21.90
C GLN F 1143 22.97 -17.01 -21.99
N PHE F 1144 22.32 -16.77 -20.85
CA PHE F 1144 20.95 -16.26 -20.87
C PHE F 1144 20.89 -14.90 -21.54
N LYS F 1145 21.85 -14.02 -21.25
CA LYS F 1145 21.87 -12.71 -21.89
C LYS F 1145 22.12 -12.84 -23.38
N HIS F 1146 23.03 -13.72 -23.77
CA HIS F 1146 23.30 -13.97 -25.18
C HIS F 1146 22.01 -14.40 -25.89
N GLN F 1147 21.26 -15.31 -25.27
CA GLN F 1147 19.98 -15.72 -25.84
C GLN F 1147 19.01 -14.57 -25.95
N HIS F 1148 18.58 -14.02 -24.81
CA HIS F 1148 17.40 -13.18 -24.76
C HIS F 1148 17.68 -11.74 -25.14
N GLY F 1149 18.93 -11.35 -25.31
CA GLY F 1149 19.23 -9.98 -25.69
C GLY F 1149 18.74 -9.02 -24.63
N ASP F 1150 17.92 -8.07 -25.04
CA ASP F 1150 17.41 -7.04 -24.15
C ASP F 1150 16.19 -7.49 -23.36
N LYS F 1151 15.75 -8.73 -23.52
CA LYS F 1151 14.62 -9.28 -22.76
C LYS F 1151 15.06 -9.94 -21.46
N VAL F 1152 16.31 -9.73 -21.04
CA VAL F 1152 16.78 -10.23 -19.76
C VAL F 1152 17.83 -9.25 -19.25
N ASP F 1153 17.84 -9.06 -17.93
CA ASP F 1153 18.87 -8.30 -17.24
C ASP F 1153 19.65 -9.24 -16.33
N ILE F 1154 20.97 -9.22 -16.45
CA ILE F 1154 21.85 -10.03 -15.62
C ILE F 1154 22.75 -9.08 -14.84
N PHE F 1155 22.83 -9.31 -13.53
CA PHE F 1155 23.59 -8.43 -12.63
C PHE F 1155 24.44 -9.24 -11.66
N GLU F 1156 25.70 -8.84 -11.53
CA GLU F 1156 26.58 -9.46 -10.54
C GLU F 1156 26.07 -9.20 -9.13
N ILE F 1157 26.28 -10.17 -8.26
CA ILE F 1157 26.03 -10.02 -6.83
C ILE F 1157 27.39 -9.87 -6.15
N PRO F 1158 27.78 -8.66 -5.71
CA PRO F 1158 29.12 -8.51 -5.13
C PRO F 1158 29.34 -9.33 -3.87
N GLU F 1159 28.27 -9.72 -3.17
CA GLU F 1159 28.43 -10.48 -1.94
C GLU F 1159 29.11 -11.82 -2.18
N THR F 1160 28.73 -12.50 -3.27
CA THR F 1160 29.23 -13.84 -3.56
C THR F 1160 29.76 -14.01 -4.98
N GLY F 1161 29.68 -12.99 -5.83
CA GLY F 1161 30.19 -13.08 -7.17
C GLY F 1161 29.30 -13.82 -8.15
N GLU F 1162 28.14 -14.30 -7.71
CA GLU F 1162 27.21 -14.97 -8.61
C GLU F 1162 26.50 -13.91 -9.45
N TYR F 1163 25.52 -14.36 -10.24
CA TYR F 1163 24.72 -13.48 -11.07
C TYR F 1163 23.24 -13.73 -10.83
N SER F 1164 22.47 -12.65 -10.88
CA SER F 1164 21.02 -12.70 -10.83
C SER F 1164 20.49 -12.45 -12.22
N VAL F 1165 19.57 -13.31 -12.66
CA VAL F 1165 19.00 -13.29 -14.00
C VAL F 1165 17.53 -12.93 -13.88
N LYS F 1166 17.12 -11.88 -14.57
CA LYS F 1166 15.76 -11.35 -14.50
C LYS F 1166 15.20 -11.29 -15.91
N LEU F 1167 14.34 -12.24 -16.27
CA LEU F 1167 13.65 -12.21 -17.55
C LEU F 1167 12.55 -11.16 -17.53
N LEU F 1168 12.39 -10.46 -18.64
CA LEU F 1168 11.50 -9.33 -18.74
C LEU F 1168 10.28 -9.68 -19.59
N LYS F 1169 9.35 -8.74 -19.67
CA LYS F 1169 8.20 -8.87 -20.54
C LYS F 1169 8.63 -9.12 -21.97
N GLY F 1170 7.94 -10.04 -22.64
CA GLY F 1170 8.24 -10.36 -24.01
C GLY F 1170 9.25 -11.46 -24.21
N ALA F 1171 9.94 -11.89 -23.16
CA ALA F 1171 10.95 -12.92 -23.29
C ALA F 1171 10.31 -14.24 -23.70
N THR F 1172 11.11 -15.09 -24.35
CA THR F 1172 10.65 -16.40 -24.78
C THR F 1172 10.93 -17.39 -23.66
N LEU F 1173 10.00 -18.32 -23.46
CA LEU F 1173 9.93 -19.15 -22.27
C LEU F 1173 9.30 -20.48 -22.64
N TYR F 1174 9.74 -21.55 -21.98
CA TYR F 1174 9.28 -22.90 -22.27
C TYR F 1174 8.75 -23.54 -20.99
N ILE F 1175 7.46 -23.84 -21.00
CA ILE F 1175 6.81 -24.53 -19.89
C ILE F 1175 6.62 -25.99 -20.29
N PRO F 1176 7.08 -26.95 -19.49
CA PRO F 1176 6.78 -28.34 -19.79
C PRO F 1176 5.27 -28.60 -19.81
N LYS F 1177 4.86 -29.45 -20.74
CA LYS F 1177 3.49 -29.94 -20.77
C LYS F 1177 3.51 -31.42 -21.10
N ALA F 1178 2.49 -32.13 -20.61
CA ALA F 1178 2.42 -33.58 -20.70
C ALA F 1178 1.27 -33.97 -21.61
N LEU F 1179 1.55 -34.88 -22.53
CA LEU F 1179 0.59 -35.34 -23.51
C LEU F 1179 0.27 -36.81 -23.25
N ARG F 1180 -1.02 -37.12 -23.23
CA ARG F 1180 -1.47 -38.50 -23.07
C ARG F 1180 -1.38 -39.21 -24.41
N PHE F 1181 -0.42 -40.13 -24.54
CA PHE F 1181 -0.16 -40.83 -25.79
C PHE F 1181 -0.79 -42.21 -25.73
N ASP F 1182 -1.26 -42.69 -26.88
CA ASP F 1182 -2.14 -43.83 -26.97
C ASP F 1182 -1.45 -45.12 -27.41
N ARG F 1183 -0.14 -45.21 -27.29
CA ARG F 1183 0.59 -46.48 -27.49
C ARG F 1183 1.24 -46.81 -26.15
N LEU F 1184 0.54 -47.60 -25.35
CA LEU F 1184 0.95 -47.91 -23.99
C LEU F 1184 1.64 -49.26 -23.86
N VAL F 1185 1.61 -50.08 -24.92
CA VAL F 1185 2.05 -51.46 -24.86
C VAL F 1185 3.16 -51.63 -25.88
N ALA F 1186 4.21 -52.36 -25.49
CA ALA F 1186 5.34 -52.61 -26.37
C ALA F 1186 5.85 -54.01 -26.08
N GLY F 1187 6.53 -54.60 -27.07
CA GLY F 1187 7.22 -55.84 -26.84
C GLY F 1187 8.57 -55.56 -26.21
N GLN F 1188 8.67 -55.74 -24.91
CA GLN F 1188 9.83 -55.30 -24.15
C GLN F 1188 10.60 -56.50 -23.64
N ILE F 1189 11.93 -56.37 -23.66
CA ILE F 1189 12.85 -57.37 -23.14
C ILE F 1189 12.45 -57.59 -21.68
N PRO F 1190 12.51 -58.81 -21.15
CA PRO F 1190 11.94 -59.07 -19.83
C PRO F 1190 12.54 -58.18 -18.75
N THR F 1191 11.68 -57.68 -17.87
CA THR F 1191 12.12 -56.74 -16.83
C THR F 1191 13.11 -57.42 -15.90
N GLY F 1192 14.25 -56.77 -15.72
CA GLY F 1192 15.35 -57.36 -14.99
C GLY F 1192 16.45 -57.91 -15.87
N TRP F 1193 16.26 -57.91 -17.18
CA TRP F 1193 17.36 -58.19 -18.10
C TRP F 1193 18.48 -57.19 -17.87
N ASN F 1194 19.68 -57.71 -17.63
CA ASN F 1194 20.85 -56.87 -17.40
C ASN F 1194 22.03 -57.48 -18.14
N ALA F 1195 22.81 -56.63 -18.79
CA ALA F 1195 24.00 -57.11 -19.49
C ALA F 1195 25.03 -57.63 -18.50
N LYS F 1196 25.02 -57.14 -17.25
CA LYS F 1196 25.90 -57.70 -16.23
C LYS F 1196 25.59 -59.17 -15.99
N THR F 1197 24.33 -59.58 -16.14
CA THR F 1197 23.98 -60.99 -15.98
C THR F 1197 24.72 -61.86 -16.99
N TYR F 1198 24.96 -61.36 -18.20
CA TYR F 1198 25.75 -62.06 -19.19
C TYR F 1198 27.24 -61.78 -19.05
N GLY F 1199 27.61 -60.75 -18.29
CA GLY F 1199 29.00 -60.48 -17.98
C GLY F 1199 29.60 -59.26 -18.65
N ILE F 1200 28.80 -58.41 -19.26
CA ILE F 1200 29.31 -57.18 -19.84
C ILE F 1200 29.57 -56.19 -18.71
N SER F 1201 30.78 -55.62 -18.70
CA SER F 1201 31.21 -54.79 -17.59
C SER F 1201 30.42 -53.48 -17.54
N ASP F 1202 30.40 -52.89 -16.34
CA ASP F 1202 29.67 -51.64 -16.15
C ASP F 1202 30.27 -50.53 -16.99
N ASP F 1203 31.57 -50.55 -17.23
CA ASP F 1203 32.18 -49.54 -18.10
C ASP F 1203 31.62 -49.63 -19.51
N ILE F 1204 31.50 -50.84 -20.06
CA ILE F 1204 30.89 -50.99 -21.37
C ILE F 1204 29.42 -50.57 -21.33
N ILE F 1205 28.72 -50.91 -20.24
CA ILE F 1205 27.30 -50.58 -20.15
C ILE F 1205 27.12 -49.07 -20.13
N SER F 1206 28.03 -48.35 -19.47
CA SER F 1206 27.94 -46.90 -19.42
C SER F 1206 28.38 -46.28 -20.74
N GLN F 1207 29.28 -46.93 -21.46
CA GLN F 1207 29.78 -46.37 -22.71
C GLN F 1207 28.75 -46.52 -23.83
N VAL F 1208 28.20 -47.72 -24.00
CA VAL F 1208 27.44 -48.06 -25.19
C VAL F 1208 25.95 -47.89 -24.92
N ASP F 1209 25.15 -47.99 -25.99
CA ASP F 1209 23.71 -47.93 -25.90
C ASP F 1209 23.10 -49.28 -25.51
N PRO F 1210 21.86 -49.26 -25.04
CA PRO F 1210 21.17 -50.54 -24.75
C PRO F 1210 21.07 -51.42 -25.98
N ILE F 1211 20.92 -50.82 -27.16
CA ILE F 1211 20.91 -51.61 -28.40
C ILE F 1211 22.23 -52.33 -28.55
N THR F 1212 23.34 -51.64 -28.26
CA THR F 1212 24.65 -52.28 -28.35
C THR F 1212 24.76 -53.44 -27.38
N LEU F 1213 24.23 -53.26 -26.16
CA LEU F 1213 24.27 -54.36 -25.20
C LEU F 1213 23.47 -55.55 -25.68
N PHE F 1214 22.27 -55.30 -26.25
CA PHE F 1214 21.48 -56.40 -26.80
C PHE F 1214 22.26 -57.14 -27.88
N VAL F 1215 22.93 -56.38 -28.76
CA VAL F 1215 23.67 -56.99 -29.85
C VAL F 1215 24.85 -57.80 -29.33
N LEU F 1216 25.55 -57.28 -28.31
CA LEU F 1216 26.70 -58.01 -27.78
C LEU F 1216 26.25 -59.32 -27.15
N VAL F 1217 25.17 -59.28 -26.38
CA VAL F 1217 24.66 -60.52 -25.78
C VAL F 1217 24.20 -61.49 -26.86
N SER F 1218 23.55 -60.98 -27.90
CA SER F 1218 23.10 -61.84 -28.99
C SER F 1218 24.28 -62.46 -29.73
N VAL F 1219 25.33 -61.68 -29.98
CA VAL F 1219 26.52 -62.20 -30.64
C VAL F 1219 27.17 -63.30 -29.81
N VAL F 1220 27.31 -63.07 -28.51
CA VAL F 1220 27.91 -64.08 -27.65
C VAL F 1220 27.07 -65.34 -27.63
N GLU F 1221 25.76 -65.20 -27.46
CA GLU F 1221 24.89 -66.37 -27.42
C GLU F 1221 24.88 -67.10 -28.77
N ALA F 1222 25.03 -66.35 -29.86
CA ALA F 1222 25.04 -66.97 -31.18
C ALA F 1222 26.33 -67.75 -31.41
N PHE F 1223 27.45 -67.24 -30.91
CA PHE F 1223 28.68 -68.01 -30.99
C PHE F 1223 28.62 -69.22 -30.09
N ILE F 1224 27.95 -69.10 -28.94
CA ILE F 1224 27.76 -70.26 -28.07
C ILE F 1224 26.94 -71.31 -28.79
N ALA F 1225 25.88 -70.88 -29.47
CA ALA F 1225 25.06 -71.82 -30.25
C ALA F 1225 25.86 -72.44 -31.38
N SER F 1226 26.77 -71.68 -31.98
CA SER F 1226 27.80 -72.19 -32.88
C SER F 1226 28.81 -73.10 -32.20
N GLY F 1227 28.83 -73.15 -30.87
CA GLY F 1227 29.85 -73.89 -30.17
C GLY F 1227 31.20 -73.22 -30.16
N ILE F 1228 31.29 -71.98 -30.62
CA ILE F 1228 32.56 -71.24 -30.66
C ILE F 1228 32.62 -70.46 -29.36
N THR F 1229 33.15 -71.11 -28.32
CA THR F 1229 33.24 -70.47 -27.01
C THR F 1229 34.23 -69.31 -27.03
N ASP F 1230 35.35 -69.50 -27.72
CA ASP F 1230 36.36 -68.45 -27.91
C ASP F 1230 36.29 -67.96 -29.34
N PRO F 1231 35.97 -66.69 -29.61
CA PRO F 1231 35.89 -66.26 -31.02
C PRO F 1231 37.20 -66.38 -31.78
N TYR F 1232 38.36 -66.34 -31.10
CA TYR F 1232 39.63 -66.46 -31.81
C TYR F 1232 39.86 -67.85 -32.36
N GLU F 1233 39.04 -68.83 -31.99
CA GLU F 1233 39.19 -70.17 -32.56
C GLU F 1233 38.84 -70.15 -34.04
N MET F 1234 38.04 -69.18 -34.47
CA MET F 1234 37.81 -68.99 -35.90
C MET F 1234 39.09 -68.66 -36.63
N TYR F 1235 40.03 -67.99 -35.95
CA TYR F 1235 41.30 -67.64 -36.59
C TYR F 1235 42.25 -68.82 -36.67
N LYS F 1236 41.90 -69.96 -36.06
CA LYS F 1236 42.64 -71.18 -36.32
C LYS F 1236 42.33 -71.73 -37.70
N TYR F 1237 41.19 -71.34 -38.27
CA TYR F 1237 40.73 -71.85 -39.55
C TYR F 1237 40.72 -70.83 -40.67
N VAL F 1238 40.56 -69.54 -40.36
CA VAL F 1238 40.45 -68.50 -41.36
C VAL F 1238 41.37 -67.34 -40.98
N HIS F 1239 41.61 -66.47 -41.95
CA HIS F 1239 42.36 -65.27 -41.69
C HIS F 1239 41.48 -64.24 -41.01
N VAL F 1240 42.11 -63.33 -40.26
CA VAL F 1240 41.36 -62.27 -39.59
C VAL F 1240 40.59 -61.44 -40.62
N SER F 1241 41.12 -61.35 -41.84
CA SER F 1241 40.44 -60.70 -42.95
C SER F 1241 39.21 -61.44 -43.43
N GLU F 1242 38.99 -62.67 -42.99
CA GLU F 1242 37.94 -63.53 -43.55
C GLU F 1242 36.75 -63.71 -42.63
N VAL F 1243 36.63 -62.89 -41.58
CA VAL F 1243 35.49 -62.91 -40.68
C VAL F 1243 34.83 -61.54 -40.73
N GLY F 1244 33.66 -61.46 -41.37
CA GLY F 1244 32.97 -60.22 -41.53
C GLY F 1244 31.81 -60.10 -40.57
N ASN F 1245 31.31 -58.88 -40.43
CA ASN F 1245 30.10 -58.61 -39.67
C ASN F 1245 29.18 -57.79 -40.57
N CYS F 1246 28.05 -58.39 -40.96
CA CYS F 1246 27.13 -57.78 -41.89
C CYS F 1246 25.74 -57.55 -41.30
N SER F 1247 25.63 -57.55 -39.98
CA SER F 1247 24.39 -57.17 -39.32
C SER F 1247 24.24 -55.65 -39.29
N GLY F 1248 23.02 -55.19 -39.08
CA GLY F 1248 22.74 -53.78 -38.98
C GLY F 1248 21.38 -53.50 -38.35
N SER F 1249 21.07 -52.21 -38.25
CA SER F 1249 19.86 -51.74 -37.57
C SER F 1249 19.05 -50.84 -38.49
N GLY F 1250 17.75 -50.77 -38.22
CA GLY F 1250 16.90 -49.80 -38.87
C GLY F 1250 17.19 -48.37 -38.46
N MET F 1251 17.35 -48.10 -37.16
CA MET F 1251 17.72 -46.77 -36.66
C MET F 1251 18.95 -46.77 -35.77
N GLY F 1252 19.36 -47.91 -35.21
CA GLY F 1252 20.58 -47.95 -34.43
C GLY F 1252 20.42 -47.36 -33.04
N GLY F 1253 21.42 -46.60 -32.59
CA GLY F 1253 21.44 -46.05 -31.26
C GLY F 1253 20.48 -44.90 -31.06
N VAL F 1254 19.18 -45.21 -31.04
CA VAL F 1254 18.17 -44.18 -30.86
C VAL F 1254 18.29 -43.53 -29.50
N SER F 1255 18.80 -44.27 -28.50
CA SER F 1255 19.06 -43.65 -27.20
C SER F 1255 20.11 -42.56 -27.33
N ALA F 1256 21.16 -42.81 -28.11
CA ALA F 1256 22.19 -41.80 -28.31
C ALA F 1256 21.68 -40.64 -29.18
N LEU F 1257 20.79 -40.95 -30.14
CA LEU F 1257 20.15 -39.88 -30.90
C LEU F 1257 19.32 -39.00 -29.98
N ARG F 1258 18.58 -39.61 -29.05
CA ARG F 1258 17.85 -38.84 -28.07
C ARG F 1258 18.79 -38.01 -27.21
N GLY F 1259 19.92 -38.61 -26.80
CA GLY F 1259 20.97 -37.84 -26.15
C GLY F 1259 21.29 -36.56 -26.90
N MET F 1260 21.82 -36.70 -28.10
CA MET F 1260 22.34 -35.57 -28.86
C MET F 1260 21.26 -34.56 -29.23
N PHE F 1261 20.04 -35.01 -29.50
CA PHE F 1261 19.01 -34.12 -30.00
C PHE F 1261 18.14 -33.51 -28.90
N LYS F 1262 17.98 -34.19 -27.75
CA LYS F 1262 17.11 -33.72 -26.70
C LYS F 1262 17.85 -33.41 -25.40
N ASP F 1263 18.66 -34.35 -24.86
CA ASP F 1263 19.25 -34.07 -23.56
C ASP F 1263 20.43 -33.12 -23.70
N ARG F 1264 21.12 -33.18 -24.83
CA ARG F 1264 22.11 -32.15 -25.13
C ARG F 1264 21.45 -30.78 -25.28
N PHE F 1265 20.28 -30.75 -25.93
CA PHE F 1265 19.52 -29.51 -26.04
C PHE F 1265 19.10 -28.99 -24.66
N LYS F 1266 18.73 -29.90 -23.77
CA LYS F 1266 18.38 -29.55 -22.40
C LYS F 1266 19.58 -29.32 -21.51
N ASP F 1267 20.80 -29.52 -22.01
CA ASP F 1267 22.02 -29.33 -21.27
C ASP F 1267 22.18 -30.34 -20.13
N GLU F 1268 21.50 -31.48 -20.24
CA GLU F 1268 21.70 -32.56 -19.30
C GLU F 1268 23.05 -33.21 -19.56
N PRO F 1269 23.60 -33.92 -18.57
CA PRO F 1269 24.88 -34.59 -18.80
C PRO F 1269 24.80 -35.66 -19.86
N VAL F 1270 25.48 -35.43 -20.99
CA VAL F 1270 25.56 -36.38 -22.09
C VAL F 1270 27.02 -36.59 -22.43
N GLN F 1271 27.41 -37.84 -22.66
CA GLN F 1271 28.80 -38.14 -22.98
C GLN F 1271 29.20 -37.47 -24.29
N ASN F 1272 30.45 -37.01 -24.36
CA ASN F 1272 30.92 -36.30 -25.54
C ASN F 1272 30.93 -37.17 -26.78
N ASP F 1273 31.01 -38.49 -26.63
CA ASP F 1273 31.01 -39.41 -27.77
C ASP F 1273 29.66 -40.08 -27.94
N ILE F 1274 28.57 -39.34 -27.76
CA ILE F 1274 27.24 -39.90 -27.94
C ILE F 1274 26.93 -40.08 -29.42
N LEU F 1275 27.47 -39.22 -30.29
CA LEU F 1275 27.20 -39.35 -31.72
C LEU F 1275 27.74 -40.67 -32.27
N GLN F 1276 28.97 -41.04 -31.90
CA GLN F 1276 29.49 -42.31 -32.38
C GLN F 1276 28.76 -43.48 -31.77
N GLU F 1277 28.10 -43.27 -30.63
CA GLU F 1277 27.29 -44.33 -30.04
C GLU F 1277 25.92 -44.42 -30.72
N SER F 1278 25.54 -43.39 -31.47
CA SER F 1278 24.28 -43.41 -32.20
C SER F 1278 24.35 -44.11 -33.56
N PHE F 1279 25.53 -44.29 -34.14
CA PHE F 1279 25.61 -44.81 -35.50
C PHE F 1279 25.09 -46.25 -35.56
N ILE F 1280 24.61 -46.62 -36.75
CA ILE F 1280 24.05 -47.95 -36.95
C ILE F 1280 25.17 -48.98 -37.07
N ASN F 1281 26.37 -48.55 -37.48
CA ASN F 1281 27.52 -49.44 -37.54
C ASN F 1281 28.30 -49.49 -36.23
N THR F 1282 27.91 -48.69 -35.23
CA THR F 1282 28.65 -48.67 -33.97
C THR F 1282 28.49 -49.97 -33.20
N MET F 1283 27.29 -50.56 -33.23
CA MET F 1283 27.07 -51.83 -32.56
C MET F 1283 27.93 -52.94 -33.15
N SER F 1284 28.04 -53.01 -34.47
CA SER F 1284 28.89 -54.01 -35.07
C SER F 1284 30.36 -53.70 -34.80
N ALA F 1285 30.70 -52.42 -34.73
CA ALA F 1285 32.06 -52.03 -34.35
C ALA F 1285 32.39 -52.50 -32.94
N TRP F 1286 31.46 -52.34 -32.01
CA TRP F 1286 31.66 -52.77 -30.64
C TRP F 1286 31.75 -54.29 -30.56
N VAL F 1287 30.95 -54.99 -31.37
CA VAL F 1287 31.06 -56.43 -31.45
C VAL F 1287 32.47 -56.83 -31.87
N ASN F 1288 32.96 -56.22 -32.96
CA ASN F 1288 34.27 -56.59 -33.46
C ASN F 1288 35.39 -56.23 -32.49
N MET F 1289 35.28 -55.08 -31.83
CA MET F 1289 36.35 -54.59 -30.99
C MET F 1289 36.14 -54.91 -29.51
N LEU F 1290 35.19 -55.79 -29.20
CA LEU F 1290 35.10 -56.44 -27.89
C LEU F 1290 35.22 -57.95 -27.97
N LEU F 1291 34.89 -58.56 -29.12
CA LEU F 1291 34.84 -60.03 -29.21
C LEU F 1291 35.60 -60.61 -30.40
N ILE F 1292 35.58 -59.95 -31.56
CA ILE F 1292 36.00 -60.63 -32.78
C ILE F 1292 37.44 -60.30 -33.15
N SER F 1293 37.79 -59.01 -33.15
CA SER F 1293 39.12 -58.54 -33.57
C SER F 1293 39.41 -58.81 -35.05
N SER F 1294 38.38 -59.14 -35.81
CA SER F 1294 38.56 -59.45 -37.22
C SER F 1294 38.88 -58.18 -38.00
N SER F 1295 39.61 -58.37 -39.10
CA SER F 1295 39.74 -57.34 -40.11
C SER F 1295 39.00 -57.71 -41.37
N GLY F 1296 37.90 -58.44 -41.21
CA GLY F 1296 37.09 -58.85 -42.33
C GLY F 1296 36.06 -57.81 -42.68
N PRO F 1297 35.31 -58.10 -43.75
CA PRO F 1297 34.39 -57.10 -44.29
C PRO F 1297 33.37 -56.64 -43.28
N ILE F 1298 33.06 -55.35 -43.32
CA ILE F 1298 32.07 -54.73 -42.46
C ILE F 1298 31.08 -54.00 -43.35
N LYS F 1299 29.84 -54.48 -43.36
CA LYS F 1299 28.82 -53.98 -44.26
C LYS F 1299 27.51 -53.90 -43.49
N THR F 1300 27.23 -52.73 -42.92
CA THR F 1300 26.10 -52.57 -42.02
C THR F 1300 24.88 -52.11 -42.81
N PRO F 1301 23.84 -52.93 -42.98
CA PRO F 1301 22.68 -52.49 -43.76
C PRO F 1301 21.60 -51.81 -42.91
N VAL F 1302 20.83 -50.95 -43.58
CA VAL F 1302 19.62 -50.36 -43.04
C VAL F 1302 18.48 -50.74 -43.98
N GLY F 1303 17.42 -51.31 -43.43
CA GLY F 1303 16.28 -51.73 -44.23
C GLY F 1303 14.97 -51.55 -43.52
N ALA F 1304 14.96 -50.74 -42.46
CA ALA F 1304 13.80 -50.62 -41.58
C ALA F 1304 13.49 -52.02 -41.05
N ALA F 1305 12.34 -52.61 -41.36
CA ALA F 1305 12.01 -53.92 -40.82
C ALA F 1305 12.67 -55.06 -41.57
N ALA F 1306 13.33 -54.79 -42.70
CA ALA F 1306 13.94 -55.83 -43.52
C ALA F 1306 15.46 -55.86 -43.41
N THR F 1307 16.06 -55.16 -42.43
CA THR F 1307 17.52 -55.08 -42.39
C THR F 1307 18.16 -56.42 -42.11
N SER F 1308 17.43 -57.34 -41.45
CA SER F 1308 18.03 -58.62 -41.13
C SER F 1308 18.11 -59.52 -42.36
N VAL F 1309 17.09 -59.47 -43.21
CA VAL F 1309 17.16 -60.20 -44.48
C VAL F 1309 18.19 -59.53 -45.40
N GLU F 1310 18.23 -58.20 -45.37
CA GLU F 1310 19.34 -57.47 -45.98
C GLU F 1310 20.69 -58.00 -45.52
N SER F 1311 20.83 -58.18 -44.20
CA SER F 1311 22.09 -58.62 -43.62
C SER F 1311 22.43 -60.02 -44.08
N VAL F 1312 21.45 -60.92 -44.08
CA VAL F 1312 21.69 -62.29 -44.52
C VAL F 1312 22.11 -62.29 -45.99
N ASP F 1313 21.44 -61.49 -46.82
CA ASP F 1313 21.77 -61.42 -48.24
C ASP F 1313 23.18 -60.87 -48.45
N ILE F 1314 23.54 -59.81 -47.72
CA ILE F 1314 24.86 -59.22 -47.86
C ILE F 1314 25.93 -60.19 -47.36
N GLY F 1315 25.63 -60.91 -46.28
CA GLY F 1315 26.58 -61.88 -45.76
C GLY F 1315 26.79 -63.03 -46.71
N VAL F 1316 25.71 -63.50 -47.33
CA VAL F 1316 25.81 -64.54 -48.34
C VAL F 1316 26.67 -64.05 -49.50
N GLU F 1317 26.43 -62.82 -49.95
CA GLU F 1317 27.23 -62.27 -51.03
C GLU F 1317 28.71 -62.15 -50.62
N THR F 1318 28.96 -61.75 -49.38
CA THR F 1318 30.33 -61.62 -48.91
C THR F 1318 31.04 -62.97 -48.94
N ILE F 1319 30.40 -64.01 -48.42
CA ILE F 1319 31.03 -65.32 -48.40
C ILE F 1319 31.21 -65.85 -49.81
N LEU F 1320 30.20 -65.69 -50.67
CA LEU F 1320 30.30 -66.16 -52.04
C LEU F 1320 31.40 -65.44 -52.83
N SER F 1321 31.53 -64.13 -52.64
CA SER F 1321 32.64 -63.39 -53.22
C SER F 1321 33.97 -63.79 -52.63
N GLY F 1322 33.98 -64.37 -51.43
CA GLY F 1322 35.20 -64.86 -50.83
C GLY F 1322 35.93 -63.85 -49.99
N LYS F 1323 35.40 -62.63 -49.86
CA LYS F 1323 36.02 -61.64 -48.98
C LYS F 1323 35.83 -62.00 -47.52
N ALA F 1324 34.91 -62.92 -47.24
CA ALA F 1324 34.79 -63.52 -45.92
C ALA F 1324 34.51 -65.01 -46.09
N ARG F 1325 34.80 -65.77 -45.04
CA ARG F 1325 34.35 -67.16 -44.93
C ARG F 1325 33.33 -67.32 -43.81
N ILE F 1326 33.35 -66.43 -42.82
CA ILE F 1326 32.41 -66.43 -41.71
C ILE F 1326 31.83 -65.02 -41.63
N CYS F 1327 30.54 -64.93 -41.35
CA CYS F 1327 29.85 -63.66 -41.32
C CYS F 1327 28.85 -63.62 -40.18
N ILE F 1328 28.84 -62.49 -39.47
CA ILE F 1328 27.86 -62.21 -38.42
C ILE F 1328 26.77 -61.39 -39.06
N VAL F 1329 25.60 -62.00 -39.24
CA VAL F 1329 24.45 -61.36 -39.86
C VAL F 1329 23.36 -61.25 -38.80
N GLY F 1330 22.30 -60.55 -39.14
CA GLY F 1330 21.18 -60.33 -38.27
C GLY F 1330 20.89 -58.87 -38.14
N GLY F 1331 20.07 -58.53 -37.15
CA GLY F 1331 19.65 -57.15 -37.02
C GLY F 1331 19.12 -56.86 -35.64
N TYR F 1332 18.93 -55.58 -35.38
CA TYR F 1332 18.73 -55.09 -34.03
C TYR F 1332 18.09 -53.73 -34.04
N ASP F 1333 17.34 -53.45 -32.99
CA ASP F 1333 16.73 -52.13 -32.81
C ASP F 1333 16.27 -52.01 -31.36
N ASP F 1334 16.00 -50.78 -30.96
CA ASP F 1334 15.58 -50.47 -29.61
C ASP F 1334 14.26 -49.71 -29.65
N PHE F 1335 13.48 -49.87 -28.59
CA PHE F 1335 12.22 -49.17 -28.43
C PHE F 1335 12.47 -47.95 -27.56
N GLN F 1336 12.11 -46.77 -28.07
CA GLN F 1336 12.25 -45.53 -27.32
C GLN F 1336 11.02 -44.67 -27.54
N GLU F 1337 10.93 -43.64 -26.69
CA GLU F 1337 9.78 -42.74 -26.68
C GLU F 1337 9.52 -42.14 -28.06
N GLU F 1338 10.57 -41.62 -28.70
CA GLU F 1338 10.37 -40.83 -29.91
C GLU F 1338 10.01 -41.72 -31.09
N GLY F 1339 10.70 -42.85 -31.25
CA GLY F 1339 10.34 -43.78 -32.30
C GLY F 1339 8.93 -44.30 -32.14
N SER F 1340 8.55 -44.64 -30.90
CA SER F 1340 7.17 -45.02 -30.62
C SER F 1340 6.21 -43.93 -31.04
N PHE F 1341 6.51 -42.69 -30.66
CA PHE F 1341 5.58 -41.59 -30.92
C PHE F 1341 5.41 -41.36 -32.41
N GLU F 1342 6.49 -41.51 -33.17
CA GLU F 1342 6.40 -41.20 -34.59
C GLU F 1342 5.76 -42.33 -35.37
N PHE F 1343 5.93 -43.57 -34.91
CA PHE F 1343 5.12 -44.65 -35.47
C PHE F 1343 3.64 -44.43 -35.15
N GLY F 1344 3.34 -43.92 -33.96
CA GLY F 1344 1.96 -43.57 -33.65
C GLY F 1344 1.43 -42.46 -34.54
N ASN F 1345 2.27 -41.46 -34.81
CA ASN F 1345 1.89 -40.38 -35.71
C ASN F 1345 1.61 -40.90 -37.13
N MET F 1346 2.40 -41.86 -37.57
CA MET F 1346 2.16 -42.53 -38.84
C MET F 1346 0.98 -43.49 -38.79
N LYS F 1347 0.49 -43.82 -37.60
CA LYS F 1347 -0.58 -44.80 -37.41
C LYS F 1347 -0.17 -46.18 -37.88
N ALA F 1348 1.14 -46.45 -37.90
CA ALA F 1348 1.63 -47.78 -38.24
C ALA F 1348 1.44 -48.75 -37.08
N THR F 1349 1.56 -48.24 -35.85
CA THR F 1349 1.34 -49.06 -34.68
C THR F 1349 -0.15 -49.13 -34.34
N SER F 1350 -0.49 -50.08 -33.48
CA SER F 1350 -1.86 -50.22 -33.04
C SER F 1350 -2.17 -49.26 -31.89
N ASN F 1351 -3.34 -48.66 -31.95
CA ASN F 1351 -3.79 -47.74 -30.91
C ASN F 1351 -4.25 -48.54 -29.70
N THR F 1352 -3.53 -48.40 -28.59
CA THR F 1352 -3.81 -49.20 -27.40
C THR F 1352 -5.17 -48.85 -26.81
N LEU F 1353 -5.57 -47.58 -26.89
CA LEU F 1353 -6.88 -47.21 -26.37
C LEU F 1353 -8.00 -47.85 -27.19
N GLU F 1354 -7.83 -47.92 -28.51
CA GLU F 1354 -8.79 -48.64 -29.34
C GLU F 1354 -8.81 -50.12 -28.99
N GLU F 1355 -7.63 -50.69 -28.73
CA GLU F 1355 -7.56 -52.10 -28.34
C GLU F 1355 -8.30 -52.34 -27.02
N PHE F 1356 -8.12 -51.46 -26.06
CA PHE F 1356 -8.85 -51.57 -24.79
C PHE F 1356 -10.34 -51.41 -25.00
N GLU F 1357 -10.73 -50.52 -25.91
CA GLU F 1357 -12.14 -50.39 -26.26
C GLU F 1357 -12.69 -51.70 -26.80
N HIS F 1358 -11.89 -52.41 -27.61
CA HIS F 1358 -12.28 -53.70 -28.14
C HIS F 1358 -12.02 -54.84 -27.16
N GLY F 1359 -11.51 -54.55 -25.96
CA GLY F 1359 -11.32 -55.57 -24.95
C GLY F 1359 -10.08 -56.42 -25.15
N ARG F 1360 -9.12 -55.93 -25.91
CA ARG F 1360 -7.92 -56.67 -26.26
C ARG F 1360 -6.86 -56.40 -25.21
N THR F 1361 -6.23 -57.46 -24.72
CA THR F 1361 -5.14 -57.29 -23.77
C THR F 1361 -3.80 -57.18 -24.51
N PRO F 1362 -2.75 -56.70 -23.82
CA PRO F 1362 -1.41 -56.68 -24.42
C PRO F 1362 -1.00 -58.01 -25.04
N ALA F 1363 -1.38 -59.13 -24.44
CA ALA F 1363 -0.97 -60.43 -24.97
C ALA F 1363 -1.58 -60.70 -26.34
N GLU F 1364 -2.66 -60.00 -26.69
CA GLU F 1364 -3.36 -60.22 -27.94
C GLU F 1364 -3.46 -58.98 -28.83
N MET F 1365 -2.73 -57.91 -28.53
CA MET F 1365 -2.70 -56.78 -29.45
C MET F 1365 -2.16 -57.18 -30.81
N SER F 1366 -1.08 -57.96 -30.83
CA SER F 1366 -0.42 -58.35 -32.07
C SER F 1366 -1.10 -59.61 -32.60
N ARG F 1367 -1.93 -59.44 -33.62
CA ARG F 1367 -2.73 -60.52 -34.20
C ARG F 1367 -2.60 -60.48 -35.71
N PRO F 1368 -1.49 -61.00 -36.25
CA PRO F 1368 -1.32 -61.00 -37.70
C PRO F 1368 -2.40 -61.80 -38.42
N ALA F 1369 -2.74 -61.34 -39.62
CA ALA F 1369 -3.61 -62.07 -40.55
C ALA F 1369 -5.01 -62.26 -39.99
N THR F 1370 -5.46 -61.29 -39.19
CA THR F 1370 -6.77 -61.34 -38.56
C THR F 1370 -7.62 -60.20 -39.08
N THR F 1371 -8.94 -60.41 -39.07
CA THR F 1371 -9.87 -59.40 -39.54
C THR F 1371 -9.75 -58.09 -38.76
N THR F 1372 -9.37 -58.15 -37.49
CA THR F 1372 -9.42 -57.00 -36.60
C THR F 1372 -8.06 -56.36 -36.35
N ARG F 1373 -6.99 -56.86 -36.99
CA ARG F 1373 -5.67 -56.27 -36.80
C ARG F 1373 -5.70 -54.81 -37.22
N ASN F 1374 -5.13 -53.94 -36.39
CA ASN F 1374 -5.21 -52.49 -36.62
C ASN F 1374 -3.89 -51.81 -36.27
N GLY F 1375 -2.78 -52.42 -36.65
CA GLY F 1375 -1.47 -51.82 -36.45
C GLY F 1375 -0.51 -52.81 -35.84
N PHE F 1376 0.78 -52.60 -36.10
CA PHE F 1376 1.80 -53.50 -35.59
C PHE F 1376 2.16 -53.15 -34.16
N MET F 1377 2.65 -54.16 -33.45
CA MET F 1377 3.02 -54.03 -32.05
C MET F 1377 4.52 -53.82 -32.01
N GLU F 1378 4.95 -52.66 -31.54
CA GLU F 1378 6.36 -52.34 -31.50
C GLU F 1378 7.09 -53.17 -30.46
N ALA F 1379 8.33 -53.55 -30.76
CA ALA F 1379 9.13 -54.34 -29.85
C ALA F 1379 10.57 -53.83 -29.91
N GLN F 1380 11.47 -54.52 -29.21
CA GLN F 1380 12.87 -54.16 -29.19
C GLN F 1380 13.70 -55.42 -29.02
N GLY F 1381 14.97 -55.32 -29.32
CA GLY F 1381 15.91 -56.39 -29.11
C GLY F 1381 16.77 -56.60 -30.33
N ALA F 1382 17.48 -57.72 -30.32
CA ALA F 1382 18.46 -58.03 -31.35
C ALA F 1382 18.37 -59.50 -31.69
N GLY F 1383 18.83 -59.83 -32.89
CA GLY F 1383 18.93 -61.18 -33.36
C GLY F 1383 20.19 -61.31 -34.18
N ILE F 1384 20.95 -62.37 -33.97
CA ILE F 1384 22.25 -62.57 -34.61
C ILE F 1384 22.32 -64.00 -35.09
N GLN F 1385 22.96 -64.18 -36.24
CA GLN F 1385 23.27 -65.50 -36.78
C GLN F 1385 24.72 -65.50 -37.23
N ILE F 1386 25.41 -66.59 -36.93
CA ILE F 1386 26.73 -66.88 -37.48
C ILE F 1386 26.51 -67.76 -38.68
N ILE F 1387 26.77 -67.21 -39.87
CA ILE F 1387 26.69 -67.96 -41.11
C ILE F 1387 28.12 -68.11 -41.62
N MET F 1388 28.36 -69.17 -42.37
CA MET F 1388 29.68 -69.41 -42.93
C MET F 1388 29.56 -70.42 -44.06
N GLN F 1389 30.67 -70.70 -44.71
CA GLN F 1389 30.74 -71.71 -45.75
C GLN F 1389 30.41 -73.09 -45.17
N ALA F 1390 29.75 -73.91 -45.98
CA ALA F 1390 29.49 -75.29 -45.55
C ALA F 1390 30.77 -76.07 -45.37
N ASP F 1391 31.71 -75.93 -46.32
CA ASP F 1391 33.00 -76.59 -46.20
C ASP F 1391 33.68 -76.24 -44.89
N LEU F 1392 33.74 -74.95 -44.58
CA LEU F 1392 34.45 -74.54 -43.37
C LEU F 1392 33.68 -74.93 -42.12
N ALA F 1393 32.35 -74.91 -42.18
CA ALA F 1393 31.56 -75.34 -41.02
C ALA F 1393 31.83 -76.79 -40.71
N LEU F 1394 31.89 -77.64 -41.75
CA LEU F 1394 32.27 -79.03 -41.54
C LEU F 1394 33.70 -79.11 -41.00
N LYS F 1395 34.60 -78.27 -41.50
CA LYS F 1395 36.00 -78.34 -41.09
C LYS F 1395 36.16 -77.99 -39.61
N MET F 1396 35.49 -76.93 -39.15
CA MET F 1396 35.52 -76.59 -37.73
C MET F 1396 34.67 -77.55 -36.89
N GLY F 1397 33.77 -78.32 -37.50
CA GLY F 1397 32.94 -79.20 -36.72
C GLY F 1397 31.96 -78.42 -35.87
N VAL F 1398 31.28 -77.47 -36.50
CA VAL F 1398 30.32 -76.60 -35.82
C VAL F 1398 28.93 -77.08 -36.18
N PRO F 1399 27.92 -76.87 -35.34
CA PRO F 1399 26.56 -77.26 -35.70
C PRO F 1399 26.04 -76.46 -36.87
N ILE F 1400 25.22 -77.10 -37.69
CA ILE F 1400 24.58 -76.47 -38.83
C ILE F 1400 23.09 -76.59 -38.61
N TYR F 1401 22.43 -75.44 -38.40
CA TYR F 1401 21.00 -75.40 -38.14
C TYR F 1401 20.18 -75.27 -39.41
N GLY F 1402 20.76 -74.79 -40.49
CA GLY F 1402 20.04 -74.67 -41.75
C GLY F 1402 20.96 -74.11 -42.81
N ILE F 1403 20.53 -74.30 -44.05
CA ILE F 1403 21.28 -73.89 -45.23
C ILE F 1403 20.59 -72.67 -45.81
N VAL F 1404 21.31 -71.57 -45.93
CA VAL F 1404 20.76 -70.34 -46.53
C VAL F 1404 20.80 -70.56 -48.05
N ALA F 1405 19.73 -71.13 -48.57
CA ALA F 1405 19.70 -71.51 -49.98
C ALA F 1405 19.51 -70.29 -50.87
N MET F 1406 18.81 -69.28 -50.38
CA MET F 1406 18.53 -68.08 -51.16
C MET F 1406 18.42 -66.91 -50.21
N ALA F 1407 18.83 -65.73 -50.68
CA ALA F 1407 18.72 -64.50 -49.90
C ALA F 1407 18.72 -63.34 -50.90
N ALA F 1408 17.59 -62.65 -50.99
CA ALA F 1408 17.39 -61.62 -52.00
C ALA F 1408 16.64 -60.45 -51.39
N THR F 1409 16.87 -59.27 -51.97
CA THR F 1409 16.18 -58.06 -51.59
C THR F 1409 15.67 -57.37 -52.84
N ALA F 1410 14.70 -56.49 -52.67
CA ALA F 1410 14.03 -55.87 -53.80
C ALA F 1410 13.35 -54.58 -53.38
N THR F 1411 13.15 -53.70 -54.36
CA THR F 1411 12.30 -52.54 -54.23
C THR F 1411 10.98 -52.83 -54.94
N ASP F 1412 9.99 -51.97 -54.74
CA ASP F 1412 8.68 -52.29 -55.30
C ASP F 1412 8.44 -51.61 -56.65
N LYS F 1413 8.25 -50.31 -56.65
CA LYS F 1413 7.85 -49.59 -57.86
C LYS F 1413 7.75 -48.12 -57.50
N ILE F 1414 7.36 -47.31 -58.48
CA ILE F 1414 7.21 -45.89 -58.28
C ILE F 1414 5.88 -45.58 -57.61
N GLY F 1415 5.94 -44.73 -56.60
CA GLY F 1415 4.77 -44.33 -55.82
C GLY F 1415 5.14 -43.15 -54.97
N ARG F 1416 4.21 -42.74 -54.11
CA ARG F 1416 4.43 -41.62 -53.20
C ARG F 1416 4.22 -41.98 -51.73
N SER F 1417 4.27 -43.27 -51.38
CA SER F 1417 4.06 -43.72 -50.00
C SER F 1417 5.24 -44.58 -49.59
N VAL F 1418 6.08 -44.06 -48.70
CA VAL F 1418 7.26 -44.80 -48.26
C VAL F 1418 6.92 -46.09 -47.54
N PRO F 1419 6.06 -46.10 -46.52
CA PRO F 1419 5.79 -47.34 -45.78
C PRO F 1419 4.85 -48.30 -46.47
N ALA F 1420 4.27 -47.95 -47.62
CA ALA F 1420 3.38 -48.85 -48.33
C ALA F 1420 4.15 -50.08 -48.80
N PRO F 1421 3.76 -51.30 -48.44
CA PRO F 1421 4.43 -52.49 -48.97
C PRO F 1421 4.17 -52.67 -50.46
N GLY F 1422 4.90 -53.61 -51.05
CA GLY F 1422 4.73 -53.92 -52.45
C GLY F 1422 5.18 -55.33 -52.81
N LYS F 1423 4.90 -55.75 -54.04
CA LYS F 1423 5.20 -57.10 -54.51
C LYS F 1423 6.61 -57.21 -55.08
N GLY F 1424 7.50 -56.30 -54.72
CA GLY F 1424 8.81 -56.26 -55.36
C GLY F 1424 9.58 -57.55 -55.21
N ILE F 1425 9.46 -58.20 -54.04
CA ILE F 1425 10.20 -59.43 -53.79
C ILE F 1425 9.64 -60.60 -54.59
N LEU F 1426 8.49 -60.41 -55.25
CA LEU F 1426 7.94 -61.44 -56.13
C LEU F 1426 8.89 -61.82 -57.25
N THR F 1427 9.84 -60.94 -57.59
CA THR F 1427 10.84 -61.24 -58.61
C THR F 1427 11.71 -62.43 -58.23
N THR F 1428 11.80 -62.77 -56.94
CA THR F 1428 12.53 -63.96 -56.53
C THR F 1428 11.93 -65.24 -57.11
N ALA F 1429 10.65 -65.22 -57.48
CA ALA F 1429 9.99 -66.32 -58.16
C ALA F 1429 9.85 -66.06 -59.66
N ARG F 1430 10.70 -65.22 -60.24
CA ARG F 1430 10.57 -64.88 -61.64
C ARG F 1430 11.02 -66.05 -62.51
N GLU F 1431 10.17 -66.41 -63.48
CA GLU F 1431 10.43 -67.55 -64.33
C GLU F 1431 9.73 -67.31 -65.66
N HIS F 1432 10.26 -67.94 -66.71
CA HIS F 1432 9.73 -67.80 -68.05
C HIS F 1432 9.06 -69.09 -68.46
N HIS F 1433 7.85 -69.00 -69.00
CA HIS F 1433 7.03 -70.16 -69.31
C HIS F 1433 6.48 -70.08 -70.72
N SER F 1434 7.24 -69.52 -71.67
CA SER F 1434 6.77 -69.45 -73.04
C SER F 1434 6.88 -70.80 -73.74
N SER F 1435 7.92 -71.57 -73.42
CA SER F 1435 8.15 -72.89 -74.01
C SER F 1435 8.55 -73.84 -72.87
N VAL F 1436 7.54 -74.49 -72.28
CA VAL F 1436 7.76 -75.45 -71.20
C VAL F 1436 7.12 -76.77 -71.57
N LYS F 1437 7.02 -77.06 -72.87
CA LYS F 1437 6.43 -78.32 -73.30
C LYS F 1437 7.24 -79.51 -72.82
N TYR F 1438 8.54 -79.33 -72.60
CA TYR F 1438 9.43 -80.39 -72.18
C TYR F 1438 10.27 -79.93 -70.99
N ALA F 1439 10.64 -80.88 -70.14
CA ALA F 1439 11.43 -80.56 -68.95
C ALA F 1439 12.85 -80.18 -69.35
N SER F 1440 13.41 -79.21 -68.64
CA SER F 1440 14.79 -78.83 -68.87
C SER F 1440 15.73 -79.95 -68.42
N PRO F 1441 16.71 -80.36 -69.23
CA PRO F 1441 17.72 -81.28 -68.70
C PRO F 1441 18.53 -80.67 -67.57
N ASN F 1442 18.58 -79.34 -67.47
CA ASN F 1442 19.40 -78.69 -66.46
C ASN F 1442 18.79 -78.81 -65.07
N LEU F 1443 17.48 -78.98 -64.98
CA LEU F 1443 16.84 -79.20 -63.69
C LEU F 1443 16.96 -80.64 -63.21
N ASN F 1444 17.42 -81.55 -64.06
CA ASN F 1444 17.66 -82.94 -63.68
C ASN F 1444 19.05 -83.08 -63.08
N MET F 1445 19.14 -83.67 -61.89
CA MET F 1445 20.42 -83.76 -61.20
C MET F 1445 21.34 -84.81 -61.81
N LYS F 1446 20.78 -85.88 -62.38
CA LYS F 1446 21.62 -86.88 -63.02
C LYS F 1446 22.36 -86.28 -64.20
N TYR F 1447 21.70 -85.41 -64.97
CA TYR F 1447 22.37 -84.72 -66.05
C TYR F 1447 23.50 -83.86 -65.53
N ARG F 1448 23.24 -83.09 -64.47
CA ARG F 1448 24.27 -82.22 -63.91
C ARG F 1448 25.42 -83.03 -63.35
N LYS F 1449 25.13 -84.18 -62.72
CA LYS F 1449 26.21 -85.02 -62.23
C LYS F 1449 27.02 -85.61 -63.38
N ARG F 1450 26.37 -85.95 -64.49
CA ARG F 1450 27.09 -86.43 -65.66
C ARG F 1450 28.05 -85.36 -66.17
N GLN F 1451 27.57 -84.11 -66.27
CA GLN F 1451 28.45 -83.04 -66.70
C GLN F 1451 29.59 -82.83 -65.71
N LEU F 1452 29.30 -82.94 -64.41
CA LEU F 1452 30.34 -82.77 -63.42
C LEU F 1452 31.43 -83.82 -63.56
N VAL F 1453 31.04 -85.08 -63.78
CA VAL F 1453 32.06 -86.13 -63.89
C VAL F 1453 32.87 -85.95 -65.19
N THR F 1454 32.22 -85.51 -66.27
CA THR F 1454 32.99 -85.24 -67.49
C THR F 1454 34.00 -84.12 -67.25
N ARG F 1455 33.57 -83.07 -66.54
CA ARG F 1455 34.50 -81.98 -66.22
C ARG F 1455 35.62 -82.46 -65.32
N GLU F 1456 35.32 -83.37 -64.39
CA GLU F 1456 36.35 -83.93 -63.53
C GLU F 1456 37.37 -84.72 -64.34
N ALA F 1457 36.90 -85.50 -65.32
CA ALA F 1457 37.80 -86.22 -66.20
C ALA F 1457 38.71 -85.25 -66.94
N GLN F 1458 38.13 -84.19 -67.51
CA GLN F 1458 38.92 -83.19 -68.21
C GLN F 1458 39.92 -82.53 -67.27
N ILE F 1459 39.52 -82.29 -66.03
CA ILE F 1459 40.40 -81.61 -65.07
C ILE F 1459 41.59 -82.49 -64.72
N LYS F 1460 41.36 -83.79 -64.53
CA LYS F 1460 42.49 -84.67 -64.22
C LYS F 1460 43.41 -84.83 -65.42
N ASP F 1461 42.85 -84.87 -66.64
CA ASP F 1461 43.70 -84.89 -67.83
C ASP F 1461 44.55 -83.62 -67.90
N TRP F 1462 43.94 -82.47 -67.63
CA TRP F 1462 44.67 -81.20 -67.63
C TRP F 1462 45.76 -81.22 -66.56
N VAL F 1463 45.47 -81.79 -65.39
CA VAL F 1463 46.43 -81.80 -64.30
C VAL F 1463 47.62 -82.67 -64.64
N GLU F 1464 47.39 -83.85 -65.23
CA GLU F 1464 48.53 -84.68 -65.60
C GLU F 1464 49.32 -84.06 -66.76
N ASN F 1465 48.65 -83.37 -67.68
CA ASN F 1465 49.38 -82.66 -68.73
C ASN F 1465 50.28 -81.58 -68.14
N GLU F 1466 49.73 -80.79 -67.20
CA GLU F 1466 50.54 -79.76 -66.58
C GLU F 1466 51.64 -80.37 -65.71
N LEU F 1467 51.40 -81.56 -65.15
CA LEU F 1467 52.42 -82.23 -64.35
C LEU F 1467 53.59 -82.67 -65.22
N GLU F 1468 53.32 -83.27 -66.39
CA GLU F 1468 54.43 -83.64 -67.26
C GLU F 1468 55.14 -82.41 -67.80
N ALA F 1469 54.40 -81.32 -68.05
CA ALA F 1469 55.04 -80.07 -68.44
C ALA F 1469 55.97 -79.57 -67.33
N LEU F 1470 55.52 -79.62 -66.09
CA LEU F 1470 56.36 -79.21 -64.97
C LEU F 1470 57.57 -80.13 -64.82
N LYS F 1471 57.38 -81.42 -65.12
CA LYS F 1471 58.50 -82.35 -65.08
C LYS F 1471 59.56 -81.99 -66.12
N LEU F 1472 59.12 -81.63 -67.33
CA LEU F 1472 60.06 -81.20 -68.35
C LEU F 1472 60.78 -79.91 -67.92
N GLU F 1473 60.04 -78.99 -67.33
CA GLU F 1473 60.66 -77.75 -66.85
C GLU F 1473 61.68 -78.04 -65.75
N ALA F 1474 61.37 -79.00 -64.87
CA ALA F 1474 62.30 -79.37 -63.81
C ALA F 1474 63.53 -80.06 -64.36
N GLU F 1475 63.36 -80.84 -65.43
CA GLU F 1475 64.52 -81.42 -66.10
C GLU F 1475 65.39 -80.32 -66.69
N GLU F 1476 64.78 -79.30 -67.29
CA GLU F 1476 65.54 -78.22 -67.90
C GLU F 1476 66.28 -77.39 -66.85
N ILE F 1477 65.61 -77.04 -65.75
CA ILE F 1477 66.17 -76.16 -64.73
C ILE F 1477 67.30 -76.89 -64.02
N PRO F 1478 68.34 -76.19 -63.54
CA PRO F 1478 69.40 -76.90 -62.80
C PRO F 1478 68.88 -77.57 -61.54
N SER F 1479 69.53 -78.68 -61.18
CA SER F 1479 69.07 -79.50 -60.06
C SER F 1479 69.40 -78.88 -58.70
N GLU F 1480 70.13 -77.77 -58.66
CA GLU F 1480 70.54 -77.20 -57.38
C GLU F 1480 69.33 -76.75 -56.56
N ASP F 1481 68.46 -75.93 -57.14
CA ASP F 1481 67.27 -75.42 -56.47
C ASP F 1481 66.00 -76.10 -56.97
N GLN F 1482 66.10 -77.40 -57.29
CA GLN F 1482 64.98 -78.10 -57.89
C GLN F 1482 63.86 -78.31 -56.89
N ASN F 1483 64.22 -78.58 -55.63
CA ASN F 1483 63.22 -78.92 -54.62
C ASN F 1483 62.27 -77.75 -54.38
N GLU F 1484 62.82 -76.55 -54.19
CA GLU F 1484 61.99 -75.37 -53.92
C GLU F 1484 61.08 -75.07 -55.11
N PHE F 1485 61.63 -75.13 -56.32
CA PHE F 1485 60.85 -74.91 -57.53
C PHE F 1485 59.70 -75.91 -57.63
N LEU F 1486 60.01 -77.18 -57.40
CA LEU F 1486 59.00 -78.24 -57.50
C LEU F 1486 57.92 -78.03 -56.47
N LEU F 1487 58.28 -77.66 -55.24
CA LEU F 1487 57.28 -77.45 -54.20
C LEU F 1487 56.38 -76.27 -54.56
N GLU F 1488 56.97 -75.17 -55.01
CA GLU F 1488 56.17 -74.01 -55.40
C GLU F 1488 55.20 -74.37 -56.52
N ARG F 1489 55.70 -75.06 -57.56
CA ARG F 1489 54.86 -75.36 -58.71
C ARG F 1489 53.82 -76.43 -58.37
N THR F 1490 54.14 -77.33 -57.43
CA THR F 1490 53.17 -78.33 -57.01
C THR F 1490 52.03 -77.69 -56.23
N ARG F 1491 52.35 -76.75 -55.33
CA ARG F 1491 51.29 -76.04 -54.64
C ARG F 1491 50.46 -75.22 -55.63
N GLU F 1492 51.13 -74.62 -56.61
CA GLU F 1492 50.41 -73.87 -57.65
C GLU F 1492 49.45 -74.77 -58.43
N ILE F 1493 49.93 -75.93 -58.86
CA ILE F 1493 49.11 -76.82 -59.68
C ILE F 1493 47.97 -77.39 -58.85
N HIS F 1494 48.22 -77.67 -57.57
CA HIS F 1494 47.16 -78.15 -56.70
C HIS F 1494 46.08 -77.09 -56.53
N ASN F 1495 46.49 -75.83 -56.33
CA ASN F 1495 45.52 -74.75 -56.20
C ASN F 1495 44.73 -74.58 -57.49
N GLU F 1496 45.40 -74.69 -58.64
CA GLU F 1496 44.71 -74.56 -59.92
C GLU F 1496 43.69 -75.69 -60.11
N ALA F 1497 44.08 -76.92 -59.78
CA ALA F 1497 43.17 -78.05 -59.91
C ALA F 1497 41.97 -77.89 -58.97
N GLU F 1498 42.23 -77.45 -57.74
CA GLU F 1498 41.14 -77.24 -56.79
C GLU F 1498 40.20 -76.16 -57.29
N SER F 1499 40.75 -75.07 -57.83
CA SER F 1499 39.91 -73.99 -58.34
C SER F 1499 39.06 -74.47 -59.51
N GLN F 1500 39.63 -75.29 -60.39
CA GLN F 1500 38.88 -75.80 -61.53
C GLN F 1500 37.76 -76.74 -61.11
N LEU F 1501 38.06 -77.65 -60.16
CA LEU F 1501 37.02 -78.54 -59.65
C LEU F 1501 35.92 -77.74 -58.97
N ARG F 1502 36.30 -76.74 -58.19
CA ARG F 1502 35.31 -75.91 -57.51
C ARG F 1502 34.48 -75.13 -58.52
N ALA F 1503 35.10 -74.71 -59.62
CA ALA F 1503 34.38 -74.02 -60.67
C ALA F 1503 33.36 -74.94 -61.34
N ALA F 1504 33.74 -76.19 -61.58
CA ALA F 1504 32.80 -77.15 -62.15
C ALA F 1504 31.63 -77.39 -61.20
N GLN F 1505 31.92 -77.53 -59.91
CA GLN F 1505 30.87 -77.72 -58.92
C GLN F 1505 29.97 -76.49 -58.83
N GLN F 1506 30.57 -75.30 -58.92
CA GLN F 1506 29.79 -74.07 -59.01
C GLN F 1506 28.90 -74.06 -60.24
N GLN F 1507 29.43 -74.49 -61.38
CA GLN F 1507 28.69 -74.48 -62.63
C GLN F 1507 27.49 -75.41 -62.59
N TRP F 1508 27.64 -76.60 -61.99
CA TRP F 1508 26.65 -77.66 -62.16
C TRP F 1508 25.89 -78.05 -60.89
N GLY F 1509 26.31 -77.58 -59.71
CA GLY F 1509 25.64 -77.94 -58.47
C GLY F 1509 25.05 -76.76 -57.73
N ASN F 1510 25.73 -75.60 -57.79
CA ASN F 1510 25.30 -74.41 -57.07
C ASN F 1510 24.66 -73.39 -58.01
N ASP F 1511 25.38 -72.98 -59.05
CA ASP F 1511 25.00 -71.85 -59.90
C ASP F 1511 24.56 -72.30 -61.29
N PHE F 1512 23.92 -73.46 -61.38
CA PHE F 1512 23.45 -73.97 -62.66
C PHE F 1512 22.27 -73.17 -63.21
N TYR F 1513 21.51 -72.48 -62.36
CA TYR F 1513 20.29 -71.80 -62.77
C TYR F 1513 20.40 -70.28 -62.84
N LYS F 1514 21.57 -69.71 -62.53
CA LYS F 1514 21.68 -68.25 -62.51
C LYS F 1514 21.52 -67.66 -63.90
N ARG F 1515 21.82 -68.43 -64.95
CA ARG F 1515 21.67 -67.98 -66.33
C ARG F 1515 20.38 -68.49 -66.98
N ASP F 1516 19.67 -69.42 -66.34
CA ASP F 1516 18.50 -70.03 -66.96
C ASP F 1516 17.26 -69.20 -66.65
N PRO F 1517 16.62 -68.56 -67.64
CA PRO F 1517 15.39 -67.82 -67.32
C PRO F 1517 14.20 -68.73 -67.05
N ARG F 1518 14.27 -69.99 -67.46
CA ARG F 1518 13.21 -70.95 -67.19
C ARG F 1518 13.29 -71.56 -65.79
N ILE F 1519 14.28 -71.17 -65.00
CA ILE F 1519 14.40 -71.58 -63.60
C ILE F 1519 14.42 -70.31 -62.76
N ALA F 1520 13.50 -70.22 -61.80
CA ALA F 1520 13.44 -69.04 -60.96
C ALA F 1520 14.50 -69.13 -59.86
N PRO F 1521 14.85 -68.01 -59.24
CA PRO F 1521 15.76 -68.10 -58.08
C PRO F 1521 15.25 -69.00 -56.97
N LEU F 1522 13.95 -68.97 -56.66
CA LEU F 1522 13.42 -69.84 -55.61
C LEU F 1522 13.54 -71.30 -55.99
N ARG F 1523 13.03 -71.65 -57.17
CA ARG F 1523 13.05 -73.05 -57.59
C ARG F 1523 14.48 -73.54 -57.71
N GLY F 1524 15.38 -72.71 -58.21
CA GLY F 1524 16.77 -73.11 -58.34
C GLY F 1524 17.46 -73.30 -56.99
N ALA F 1525 17.21 -72.40 -56.05
CA ALA F 1525 17.79 -72.54 -54.72
C ALA F 1525 17.31 -73.82 -54.06
N LEU F 1526 16.04 -74.16 -54.25
CA LEU F 1526 15.55 -75.44 -53.74
C LEU F 1526 16.18 -76.60 -54.50
N ALA F 1527 16.30 -76.48 -55.82
CA ALA F 1527 16.70 -77.61 -56.65
C ALA F 1527 18.18 -77.92 -56.51
N THR F 1528 18.97 -76.99 -55.97
CA THR F 1528 20.36 -77.29 -55.69
C THR F 1528 20.49 -78.49 -54.76
N TYR F 1529 19.51 -78.69 -53.88
CA TYR F 1529 19.51 -79.80 -52.93
C TYR F 1529 18.46 -80.86 -53.26
N GLY F 1530 17.89 -80.82 -54.46
CA GLY F 1530 16.88 -81.77 -54.86
C GLY F 1530 15.48 -81.46 -54.38
N LEU F 1531 15.27 -80.29 -53.78
CA LEU F 1531 13.96 -79.92 -53.29
C LEU F 1531 13.14 -79.30 -54.42
N THR F 1532 11.87 -79.65 -54.44
CA THR F 1532 10.90 -79.05 -55.34
C THR F 1532 10.18 -77.93 -54.61
N ILE F 1533 9.37 -77.19 -55.36
CA ILE F 1533 8.62 -76.08 -54.77
C ILE F 1533 7.73 -76.60 -53.65
N ASP F 1534 7.14 -77.77 -53.83
CA ASP F 1534 6.28 -78.36 -52.81
C ASP F 1534 7.02 -78.59 -51.50
N ASP F 1535 8.35 -78.75 -51.56
CA ASP F 1535 9.11 -78.98 -50.34
C ASP F 1535 9.25 -77.72 -49.48
N LEU F 1536 8.88 -76.55 -50.00
CA LEU F 1536 8.91 -75.33 -49.19
C LEU F 1536 7.67 -75.31 -48.29
N GLY F 1537 7.76 -76.07 -47.21
CA GLY F 1537 6.60 -76.34 -46.38
C GLY F 1537 6.15 -75.25 -45.46
N VAL F 1538 7.00 -74.28 -45.12
CA VAL F 1538 6.68 -73.26 -44.12
C VAL F 1538 7.14 -71.91 -44.65
N ALA F 1539 6.38 -70.87 -44.34
CA ALA F 1539 6.75 -69.50 -44.68
C ALA F 1539 6.64 -68.65 -43.43
N SER F 1540 7.78 -68.13 -42.99
CA SER F 1540 7.82 -67.17 -41.89
C SER F 1540 7.40 -65.82 -42.47
N PHE F 1541 6.12 -65.50 -42.30
CA PHE F 1541 5.58 -64.24 -42.73
C PHE F 1541 6.12 -63.11 -41.86
N HIS F 1542 6.40 -61.98 -42.50
CA HIS F 1542 6.67 -60.76 -41.75
C HIS F 1542 5.58 -60.50 -40.72
N GLY F 1543 4.32 -60.67 -41.11
CA GLY F 1543 3.23 -60.81 -40.16
C GLY F 1543 3.13 -59.66 -39.17
N THR F 1544 3.15 -58.43 -39.67
CA THR F 1544 3.26 -57.28 -38.80
C THR F 1544 1.96 -56.92 -38.09
N SER F 1545 0.83 -57.52 -38.49
CA SER F 1545 -0.49 -57.26 -37.88
C SER F 1545 -1.06 -55.91 -38.32
N THR F 1546 -0.72 -55.48 -39.53
CA THR F 1546 -1.37 -54.35 -40.19
C THR F 1546 -2.16 -54.90 -41.37
N LYS F 1547 -3.07 -54.08 -41.90
CA LYS F 1547 -3.91 -54.55 -42.99
C LYS F 1547 -3.10 -54.72 -44.26
N ALA F 1548 -2.44 -53.64 -44.69
CA ALA F 1548 -1.76 -53.64 -45.98
C ALA F 1548 -0.65 -54.67 -46.02
N ASN F 1549 0.15 -54.75 -44.96
CA ASN F 1549 1.29 -55.65 -44.99
C ASN F 1549 0.84 -57.10 -45.02
N ASP F 1550 -0.14 -57.47 -44.20
CA ASP F 1550 -0.57 -58.86 -44.19
C ASP F 1550 -1.22 -59.26 -45.51
N LYS F 1551 -2.12 -58.41 -46.04
CA LYS F 1551 -2.71 -58.73 -47.33
C LYS F 1551 -1.65 -58.81 -48.43
N ASN F 1552 -0.72 -57.84 -48.44
CA ASN F 1552 0.32 -57.81 -49.45
C ASN F 1552 1.21 -59.04 -49.38
N GLU F 1553 1.57 -59.45 -48.17
CA GLU F 1553 2.49 -60.58 -48.02
C GLU F 1553 1.81 -61.89 -48.39
N SER F 1554 0.55 -62.06 -47.99
CA SER F 1554 -0.19 -63.25 -48.42
C SER F 1554 -0.32 -63.29 -49.94
N ALA F 1555 -0.60 -62.14 -50.55
CA ALA F 1555 -0.71 -62.08 -52.00
C ALA F 1555 0.61 -62.40 -52.68
N THR F 1556 1.72 -61.89 -52.14
CA THR F 1556 3.04 -62.17 -52.70
C THR F 1556 3.37 -63.65 -52.61
N ILE F 1557 3.15 -64.25 -51.45
CA ILE F 1557 3.43 -65.67 -51.27
C ILE F 1557 2.57 -66.50 -52.20
N ASN F 1558 1.29 -66.17 -52.31
CA ASN F 1558 0.40 -66.90 -53.20
C ASN F 1558 0.84 -66.79 -54.64
N GLU F 1559 1.26 -65.60 -55.07
CA GLU F 1559 1.72 -65.43 -56.45
C GLU F 1559 2.98 -66.24 -56.69
N MET F 1560 3.88 -66.28 -55.70
CA MET F 1560 5.07 -67.11 -55.83
C MET F 1560 4.70 -68.57 -56.02
N MET F 1561 3.78 -69.08 -55.20
CA MET F 1561 3.40 -70.50 -55.33
C MET F 1561 2.69 -70.75 -56.65
N LYS F 1562 1.78 -69.86 -57.05
CA LYS F 1562 1.06 -70.04 -58.31
C LYS F 1562 2.02 -70.06 -59.49
N HIS F 1563 2.97 -69.11 -59.52
CA HIS F 1563 3.86 -69.05 -60.66
C HIS F 1563 4.83 -70.22 -60.66
N LEU F 1564 5.35 -70.58 -59.51
CA LEU F 1564 6.23 -71.74 -59.43
C LEU F 1564 5.48 -73.04 -59.52
N GLY F 1565 4.17 -73.00 -59.69
CA GLY F 1565 3.42 -74.20 -59.98
C GLY F 1565 3.39 -75.15 -58.79
N ARG F 1566 3.27 -74.59 -57.59
CA ARG F 1566 3.14 -75.42 -56.41
C ARG F 1566 1.88 -76.26 -56.51
N SER F 1567 1.93 -77.47 -56.00
CA SER F 1567 0.80 -78.39 -56.11
C SER F 1567 -0.42 -77.80 -55.43
N GLU F 1568 -1.59 -78.06 -56.00
CA GLU F 1568 -2.83 -77.55 -55.42
C GLU F 1568 -3.16 -78.35 -54.17
N GLY F 1569 -3.68 -77.65 -53.17
CA GLY F 1569 -3.91 -78.26 -51.87
C GLY F 1569 -2.66 -78.42 -51.05
N ASN F 1570 -1.57 -77.74 -51.41
CA ASN F 1570 -0.34 -77.74 -50.63
C ASN F 1570 0.01 -76.31 -50.25
N PRO F 1571 -0.81 -75.65 -49.46
CA PRO F 1571 -0.47 -74.31 -49.00
C PRO F 1571 0.75 -74.34 -48.11
N VAL F 1572 1.57 -73.30 -48.23
CA VAL F 1572 2.65 -73.08 -47.29
C VAL F 1572 2.02 -72.71 -45.95
N ILE F 1573 2.56 -73.27 -44.88
CA ILE F 1573 2.05 -72.98 -43.54
C ILE F 1573 2.68 -71.69 -43.07
N GLY F 1574 1.85 -70.69 -42.76
CA GLY F 1574 2.35 -69.38 -42.45
C GLY F 1574 2.58 -69.20 -40.96
N VAL F 1575 3.85 -69.04 -40.61
CA VAL F 1575 4.28 -68.78 -39.24
C VAL F 1575 4.35 -67.27 -39.06
N PHE F 1576 3.67 -66.78 -38.03
CA PHE F 1576 3.66 -65.37 -37.68
C PHE F 1576 4.21 -65.24 -36.28
N GLN F 1577 5.49 -64.88 -36.18
CA GLN F 1577 6.16 -64.78 -34.89
C GLN F 1577 5.83 -63.50 -34.13
N LYS F 1578 5.49 -62.42 -34.84
CA LYS F 1578 5.33 -61.13 -34.19
C LYS F 1578 4.09 -61.06 -33.31
N PHE F 1579 3.17 -62.03 -33.40
CA PHE F 1579 2.07 -62.07 -32.45
C PHE F 1579 2.59 -62.18 -31.02
N LEU F 1580 3.68 -62.90 -30.83
CA LEU F 1580 4.27 -63.16 -29.54
C LEU F 1580 5.40 -62.20 -29.21
N THR F 1581 6.42 -62.17 -30.05
CA THR F 1581 7.57 -61.31 -29.84
C THR F 1581 7.27 -59.85 -30.10
N GLY F 1582 6.31 -59.56 -30.95
CA GLY F 1582 6.11 -58.19 -31.40
C GLY F 1582 7.05 -57.87 -32.55
N HIS F 1583 7.00 -56.61 -32.97
CA HIS F 1583 7.71 -56.13 -34.15
C HIS F 1583 8.90 -55.29 -33.73
N PRO F 1584 10.12 -55.82 -33.80
CA PRO F 1584 11.28 -54.94 -33.77
C PRO F 1584 11.54 -54.44 -35.17
N LYS F 1585 12.09 -53.24 -35.26
CA LYS F 1585 12.15 -52.56 -36.55
C LYS F 1585 13.46 -52.86 -37.26
N GLY F 1586 13.78 -54.16 -37.33
CA GLY F 1586 15.05 -54.56 -37.89
C GLY F 1586 15.72 -55.76 -37.25
N ALA F 1587 15.37 -56.08 -36.01
CA ALA F 1587 15.61 -57.43 -35.51
C ALA F 1587 14.56 -58.42 -36.03
N ALA F 1588 13.58 -57.93 -36.80
CA ALA F 1588 12.43 -58.76 -37.15
C ALA F 1588 12.85 -59.96 -37.99
N GLY F 1589 13.57 -59.72 -39.08
CA GLY F 1589 13.97 -60.83 -39.93
C GLY F 1589 14.89 -61.79 -39.20
N ALA F 1590 15.72 -61.27 -38.29
CA ALA F 1590 16.63 -62.12 -37.55
C ALA F 1590 15.88 -63.02 -36.58
N TRP F 1591 14.90 -62.47 -35.87
CA TRP F 1591 14.08 -63.29 -34.99
C TRP F 1591 13.32 -64.35 -35.77
N MET F 1592 12.74 -63.97 -36.90
CA MET F 1592 12.04 -64.95 -37.74
C MET F 1592 12.99 -65.98 -38.32
N MET F 1593 14.24 -65.62 -38.61
CA MET F 1593 15.18 -66.62 -39.13
C MET F 1593 15.57 -67.59 -38.04
N ASN F 1594 15.74 -67.09 -36.80
CA ASN F 1594 15.95 -67.98 -35.67
C ASN F 1594 14.79 -68.94 -35.52
N GLY F 1595 13.56 -68.43 -35.60
CA GLY F 1595 12.40 -69.29 -35.53
C GLY F 1595 12.33 -70.28 -36.67
N ALA F 1596 12.71 -69.86 -37.87
CA ALA F 1596 12.71 -70.76 -39.02
C ALA F 1596 13.72 -71.88 -38.84
N LEU F 1597 14.90 -71.57 -38.33
CA LEU F 1597 15.90 -72.60 -38.07
C LEU F 1597 15.40 -73.58 -37.02
N GLN F 1598 14.74 -73.06 -35.98
CA GLN F 1598 14.20 -73.94 -34.96
C GLN F 1598 13.07 -74.80 -35.50
N ILE F 1599 12.25 -74.25 -36.40
CA ILE F 1599 11.23 -75.05 -37.06
C ILE F 1599 11.88 -76.15 -37.89
N LEU F 1600 12.95 -75.80 -38.62
CA LEU F 1600 13.64 -76.80 -39.44
C LEU F 1600 14.17 -77.92 -38.57
N ASN F 1601 14.75 -77.60 -37.43
CA ASN F 1601 15.41 -78.62 -36.63
C ASN F 1601 14.42 -79.45 -35.83
N SER F 1602 13.42 -78.82 -35.21
CA SER F 1602 12.47 -79.54 -34.38
C SER F 1602 11.30 -80.13 -35.16
N GLY F 1603 11.11 -79.74 -36.42
CA GLY F 1603 9.95 -80.20 -37.16
C GLY F 1603 8.64 -79.63 -36.66
N ILE F 1604 8.69 -78.64 -35.77
CA ILE F 1604 7.51 -78.11 -35.10
C ILE F 1604 7.21 -76.74 -35.68
N ILE F 1605 5.97 -76.54 -36.08
CA ILE F 1605 5.53 -75.29 -36.69
C ILE F 1605 4.64 -74.57 -35.68
N PRO F 1606 5.12 -73.53 -35.00
CA PRO F 1606 4.26 -72.87 -34.00
C PRO F 1606 3.08 -72.18 -34.66
N GLY F 1607 2.00 -72.08 -33.89
CA GLY F 1607 0.79 -71.46 -34.36
C GLY F 1607 0.66 -70.04 -33.87
N ASN F 1608 -0.04 -69.24 -34.66
CA ASN F 1608 -0.34 -67.85 -34.32
C ASN F 1608 -1.48 -67.88 -33.32
N ARG F 1609 -1.15 -67.96 -32.03
CA ARG F 1609 -2.18 -68.13 -31.01
C ARG F 1609 -3.08 -66.91 -30.91
N ASN F 1610 -2.64 -65.76 -31.43
CA ASN F 1610 -3.50 -64.59 -31.50
C ASN F 1610 -4.38 -64.59 -32.75
N ALA F 1611 -4.26 -65.57 -33.63
CA ALA F 1611 -5.07 -65.63 -34.84
C ALA F 1611 -6.50 -65.99 -34.43
N ASP F 1612 -7.18 -65.01 -33.84
CA ASP F 1612 -8.51 -65.27 -33.31
C ASP F 1612 -9.48 -65.61 -34.43
N ASN F 1613 -9.36 -64.92 -35.57
CA ASN F 1613 -10.22 -65.17 -36.72
C ASN F 1613 -9.48 -64.67 -37.94
N VAL F 1614 -9.15 -65.58 -38.86
CA VAL F 1614 -8.39 -65.19 -40.03
C VAL F 1614 -9.23 -64.29 -40.91
N ASP F 1615 -8.61 -63.21 -41.41
CA ASP F 1615 -9.32 -62.26 -42.25
C ASP F 1615 -9.84 -62.96 -43.51
N LYS F 1616 -11.10 -62.70 -43.83
CA LYS F 1616 -11.76 -63.42 -44.91
C LYS F 1616 -11.08 -63.16 -46.24
N ILE F 1617 -10.50 -61.96 -46.41
CA ILE F 1617 -9.84 -61.61 -47.67
C ILE F 1617 -8.67 -62.54 -47.94
N LEU F 1618 -8.15 -63.21 -46.91
CA LEU F 1618 -7.02 -64.11 -47.08
C LEU F 1618 -7.42 -65.48 -47.60
N GLU F 1619 -8.72 -65.78 -47.69
CA GLU F 1619 -9.13 -67.08 -48.24
C GLU F 1619 -8.78 -67.20 -49.71
N GLN F 1620 -8.78 -66.08 -50.44
CA GLN F 1620 -8.45 -66.11 -51.86
C GLN F 1620 -7.06 -66.68 -52.12
N PHE F 1621 -6.16 -66.56 -51.15
CA PHE F 1621 -4.79 -67.07 -51.29
C PHE F 1621 -4.78 -68.54 -50.86
N GLU F 1622 -5.11 -69.41 -51.83
CA GLU F 1622 -5.29 -70.82 -51.50
C GLU F 1622 -3.98 -71.50 -51.13
N TYR F 1623 -2.84 -70.90 -51.48
CA TYR F 1623 -1.53 -71.47 -51.19
C TYR F 1623 -0.97 -70.99 -49.86
N VAL F 1624 -1.79 -70.42 -48.99
CA VAL F 1624 -1.38 -70.00 -47.66
C VAL F 1624 -2.32 -70.62 -46.64
N LEU F 1625 -1.75 -71.12 -45.55
CA LEU F 1625 -2.49 -71.61 -44.41
C LEU F 1625 -2.11 -70.78 -43.18
N TYR F 1626 -3.08 -70.55 -42.30
CA TYR F 1626 -2.92 -69.66 -41.15
C TYR F 1626 -3.27 -70.41 -39.87
N PRO F 1627 -2.36 -71.24 -39.36
CA PRO F 1627 -2.66 -71.98 -38.14
C PRO F 1627 -2.71 -71.07 -36.93
N SER F 1628 -3.52 -71.50 -35.94
CA SER F 1628 -3.58 -70.87 -34.64
C SER F 1628 -2.86 -71.65 -33.56
N LYS F 1629 -2.58 -72.93 -33.78
CA LYS F 1629 -1.97 -73.78 -32.78
C LYS F 1629 -0.78 -74.51 -33.38
N THR F 1630 0.18 -74.83 -32.52
CA THR F 1630 1.39 -75.49 -32.96
C THR F 1630 1.08 -76.85 -33.58
N LEU F 1631 1.82 -77.17 -34.64
CA LEU F 1631 1.71 -78.44 -35.34
C LEU F 1631 3.02 -79.21 -35.18
N LYS F 1632 2.92 -80.46 -34.76
CA LYS F 1632 4.07 -81.34 -34.69
C LYS F 1632 4.18 -82.07 -36.02
N THR F 1633 4.86 -81.44 -36.98
CA THR F 1633 5.09 -82.05 -38.27
C THR F 1633 6.15 -83.13 -38.15
N ASP F 1634 6.19 -84.03 -39.14
CA ASP F 1634 7.23 -85.04 -39.25
C ASP F 1634 8.41 -84.57 -40.09
N GLY F 1635 8.61 -83.28 -40.22
CA GLY F 1635 9.72 -82.75 -40.98
C GLY F 1635 9.36 -81.48 -41.71
N VAL F 1636 10.23 -80.49 -41.63
CA VAL F 1636 10.16 -79.29 -42.44
C VAL F 1636 11.41 -79.26 -43.31
N ARG F 1637 11.21 -79.24 -44.62
CA ARG F 1637 12.33 -79.30 -45.55
C ARG F 1637 12.95 -77.92 -45.72
N ALA F 1638 12.14 -76.92 -46.07
CA ALA F 1638 12.60 -75.56 -46.28
C ALA F 1638 11.61 -74.60 -45.64
N VAL F 1639 12.11 -73.43 -45.28
CA VAL F 1639 11.31 -72.36 -44.70
C VAL F 1639 11.64 -71.07 -45.43
N SER F 1640 10.61 -70.30 -45.79
CA SER F 1640 10.76 -69.06 -46.52
C SER F 1640 10.52 -67.89 -45.56
N ILE F 1641 11.58 -67.20 -45.19
CA ILE F 1641 11.48 -66.01 -44.35
C ILE F 1641 11.29 -64.81 -45.26
N THR F 1642 10.20 -64.06 -45.07
CA THR F 1642 9.95 -62.87 -45.88
C THR F 1642 9.75 -61.66 -45.00
N SER F 1643 10.41 -60.55 -45.35
CA SER F 1643 10.35 -59.30 -44.61
C SER F 1643 10.03 -58.16 -45.57
N PHE F 1644 9.38 -57.14 -45.04
CA PHE F 1644 8.99 -55.96 -45.83
C PHE F 1644 9.17 -54.74 -44.93
N GLY F 1645 10.28 -54.06 -45.10
CA GLY F 1645 10.53 -52.82 -44.40
C GLY F 1645 10.10 -51.60 -45.18
N PHE F 1646 9.87 -50.52 -44.43
CA PHE F 1646 9.58 -49.22 -45.01
C PHE F 1646 10.70 -48.85 -45.98
N GLY F 1647 10.38 -47.99 -46.95
CA GLY F 1647 11.32 -47.73 -48.02
C GLY F 1647 11.33 -48.82 -49.05
N GLN F 1648 10.23 -49.55 -49.20
CA GLN F 1648 10.08 -50.57 -50.23
C GLN F 1648 11.13 -51.67 -50.09
N LYS F 1649 11.52 -51.97 -48.86
CA LYS F 1649 12.62 -52.91 -48.61
C LYS F 1649 12.02 -54.32 -48.49
N GLY F 1650 11.75 -54.94 -49.63
CA GLY F 1650 11.32 -56.33 -49.62
C GLY F 1650 12.52 -57.25 -49.54
N GLY F 1651 12.33 -58.38 -48.86
CA GLY F 1651 13.40 -59.34 -48.72
C GLY F 1651 12.88 -60.75 -48.51
N GLN F 1652 13.52 -61.71 -49.15
CA GLN F 1652 13.17 -63.12 -48.99
C GLN F 1652 14.43 -63.93 -48.79
N ALA F 1653 14.35 -64.88 -47.87
CA ALA F 1653 15.42 -65.84 -47.64
C ALA F 1653 14.80 -67.22 -47.54
N ILE F 1654 15.58 -68.22 -47.92
CA ILE F 1654 15.16 -69.61 -47.87
C ILE F 1654 16.18 -70.38 -47.04
N VAL F 1655 15.72 -70.98 -45.95
CA VAL F 1655 16.54 -71.83 -45.11
C VAL F 1655 16.11 -73.27 -45.31
N VAL F 1656 17.01 -74.09 -45.80
CA VAL F 1656 16.77 -75.51 -46.03
C VAL F 1656 17.23 -76.28 -44.80
N HIS F 1657 16.66 -77.46 -44.63
CA HIS F 1657 17.05 -78.33 -43.54
C HIS F 1657 18.54 -78.63 -43.61
N PRO F 1658 19.27 -78.67 -42.49
CA PRO F 1658 20.71 -78.96 -42.56
C PRO F 1658 21.03 -80.34 -43.09
N ASP F 1659 20.09 -81.29 -43.03
CA ASP F 1659 20.41 -82.67 -43.37
C ASP F 1659 20.54 -82.86 -44.87
N TYR F 1660 20.07 -81.89 -45.66
CA TYR F 1660 20.27 -81.96 -47.10
C TYR F 1660 21.71 -81.64 -47.48
N LEU F 1661 22.44 -80.96 -46.59
CA LEU F 1661 23.85 -80.70 -46.84
C LEU F 1661 24.68 -81.97 -46.71
N TYR F 1662 24.40 -82.77 -45.69
CA TYR F 1662 25.25 -83.91 -45.38
C TYR F 1662 25.18 -85.00 -46.44
N GLY F 1663 24.17 -84.97 -47.30
CA GLY F 1663 24.14 -85.85 -48.45
C GLY F 1663 25.10 -85.48 -49.55
N ALA F 1664 25.81 -84.37 -49.41
CA ALA F 1664 26.78 -83.91 -50.39
C ALA F 1664 28.21 -84.32 -50.06
N ILE F 1665 28.42 -85.07 -48.98
CA ILE F 1665 29.76 -85.45 -48.54
C ILE F 1665 29.84 -86.96 -48.37
N THR F 1666 31.03 -87.47 -48.10
CA THR F 1666 31.26 -88.89 -47.96
C THR F 1666 30.88 -89.37 -46.56
N GLU F 1667 30.87 -90.69 -46.39
CA GLU F 1667 30.61 -91.27 -45.08
C GLU F 1667 31.68 -90.86 -44.08
N ASP F 1668 32.96 -90.98 -44.46
CA ASP F 1668 34.04 -90.71 -43.51
C ASP F 1668 34.05 -89.24 -43.12
N ARG F 1669 33.86 -88.34 -44.09
CA ARG F 1669 33.85 -86.91 -43.79
C ARG F 1669 32.70 -86.56 -42.85
N TYR F 1670 31.54 -87.15 -43.09
CA TYR F 1670 30.40 -86.94 -42.20
C TYR F 1670 30.69 -87.48 -40.80
N ASN F 1671 31.34 -88.64 -40.71
CA ASN F 1671 31.62 -89.23 -39.41
C ASN F 1671 32.57 -88.36 -38.61
N GLU F 1672 33.66 -87.91 -39.24
CA GLU F 1672 34.62 -87.09 -38.52
C GLU F 1672 34.02 -85.73 -38.17
N TYR F 1673 33.21 -85.18 -39.07
CA TYR F 1673 32.50 -83.94 -38.75
C TYR F 1673 31.57 -84.14 -37.54
N VAL F 1674 30.83 -85.25 -37.51
CA VAL F 1674 29.89 -85.50 -36.43
C VAL F 1674 30.63 -85.68 -35.11
N ALA F 1675 31.74 -86.39 -35.12
CA ALA F 1675 32.54 -86.53 -33.91
C ALA F 1675 33.02 -85.17 -33.42
N LYS F 1676 33.45 -84.32 -34.35
CA LYS F 1676 33.94 -83.00 -33.96
C LYS F 1676 32.79 -82.13 -33.42
N VAL F 1677 31.60 -82.24 -34.00
CA VAL F 1677 30.47 -81.48 -33.45
C VAL F 1677 30.07 -82.02 -32.08
N SER F 1678 30.19 -83.32 -31.87
CA SER F 1678 29.90 -83.87 -30.54
C SER F 1678 30.84 -83.30 -29.51
N ALA F 1679 32.14 -83.29 -29.80
CA ALA F 1679 33.11 -82.74 -28.86
C ALA F 1679 32.86 -81.25 -28.64
N ARG F 1680 32.58 -80.52 -29.71
CA ARG F 1680 32.30 -79.09 -29.59
C ARG F 1680 31.03 -78.84 -28.79
N GLU F 1681 30.02 -79.69 -28.96
CA GLU F 1681 28.79 -79.55 -28.20
C GLU F 1681 29.06 -79.74 -26.72
N LYS F 1682 29.86 -80.73 -26.37
CA LYS F 1682 30.20 -80.92 -24.96
C LYS F 1682 30.93 -79.71 -24.40
N SER F 1683 31.93 -79.21 -25.14
CA SER F 1683 32.68 -78.05 -24.67
C SER F 1683 31.79 -76.83 -24.55
N ALA F 1684 30.88 -76.64 -25.50
CA ALA F 1684 30.00 -75.48 -25.47
C ALA F 1684 28.99 -75.58 -24.34
N TYR F 1685 28.49 -76.78 -24.05
CA TYR F 1685 27.62 -76.96 -22.88
C TYR F 1685 28.37 -76.58 -21.61
N LYS F 1686 29.60 -77.06 -21.48
CA LYS F 1686 30.43 -76.68 -20.33
C LYS F 1686 30.55 -75.16 -20.22
N PHE F 1687 30.96 -74.52 -21.32
CA PHE F 1687 31.17 -73.07 -21.31
C PHE F 1687 29.88 -72.34 -21.00
N PHE F 1688 28.78 -72.75 -21.62
CA PHE F 1688 27.53 -72.03 -21.47
C PHE F 1688 27.03 -72.09 -20.03
N HIS F 1689 27.09 -73.28 -19.41
CA HIS F 1689 26.56 -73.38 -18.06
C HIS F 1689 27.46 -72.67 -17.07
N ASN F 1690 28.78 -72.82 -17.21
CA ASN F 1690 29.70 -72.08 -16.34
C ASN F 1690 29.45 -70.58 -16.46
N GLY F 1691 29.36 -70.08 -17.70
CA GLY F 1691 29.15 -68.67 -17.91
C GLY F 1691 27.82 -68.18 -17.40
N MET F 1692 26.78 -69.02 -17.51
CA MET F 1692 25.48 -68.64 -16.96
C MET F 1692 25.58 -68.46 -15.45
N ILE F 1693 26.12 -69.45 -14.74
CA ILE F 1693 26.08 -69.36 -13.28
C ILE F 1693 26.98 -68.23 -12.79
N TYR F 1694 28.13 -68.03 -13.44
CA TYR F 1694 29.09 -67.04 -12.97
C TYR F 1694 28.98 -65.71 -13.70
N ASN F 1695 27.96 -65.53 -14.53
CA ASN F 1695 27.68 -64.26 -15.18
C ASN F 1695 28.87 -63.80 -16.02
N LYS F 1696 29.46 -64.73 -16.76
CA LYS F 1696 30.59 -64.45 -17.64
C LYS F 1696 30.45 -65.17 -18.96
N LEU F 1697 29.23 -65.21 -19.51
CA LEU F 1697 29.05 -65.66 -20.88
C LEU F 1697 29.73 -64.71 -21.85
N PHE F 1698 29.58 -63.40 -21.63
CA PHE F 1698 30.34 -62.39 -22.35
C PHE F 1698 31.69 -62.25 -21.66
N VAL F 1699 32.75 -62.64 -22.35
CA VAL F 1699 34.12 -62.38 -21.90
C VAL F 1699 34.68 -61.34 -22.85
N SER F 1700 34.89 -60.13 -22.35
CA SER F 1700 35.55 -59.10 -23.15
C SER F 1700 36.99 -59.50 -23.40
N LYS F 1701 37.47 -59.23 -24.60
CA LYS F 1701 38.87 -59.42 -24.96
C LYS F 1701 39.63 -58.16 -24.55
N GLU F 1702 40.65 -58.33 -23.72
CA GLU F 1702 41.52 -57.20 -23.38
C GLU F 1702 42.46 -56.88 -24.54
N HIS F 1703 42.99 -57.91 -25.19
CA HIS F 1703 44.00 -57.75 -26.22
C HIS F 1703 43.59 -58.49 -27.48
N ALA F 1704 43.97 -57.92 -28.62
CA ALA F 1704 43.75 -58.58 -29.89
C ALA F 1704 44.63 -59.83 -29.99
N PRO F 1705 44.32 -60.77 -30.88
CA PRO F 1705 45.12 -62.00 -30.94
C PRO F 1705 46.54 -61.78 -31.45
N TYR F 1706 46.85 -60.59 -31.96
CA TYR F 1706 48.19 -60.21 -32.38
C TYR F 1706 48.65 -59.02 -31.55
N THR F 1707 49.96 -58.91 -31.38
CA THR F 1707 50.54 -57.72 -30.77
C THR F 1707 50.56 -56.58 -31.77
N ASP F 1708 50.86 -55.38 -31.28
CA ASP F 1708 50.95 -54.22 -32.16
C ASP F 1708 52.05 -54.38 -33.20
N GLU F 1709 53.19 -54.96 -32.78
CA GLU F 1709 54.31 -55.09 -33.70
C GLU F 1709 54.05 -56.14 -34.77
N LEU F 1710 53.30 -57.18 -34.43
CA LEU F 1710 52.97 -58.25 -35.36
C LEU F 1710 51.64 -58.04 -36.06
N GLU F 1711 50.95 -56.93 -35.78
CA GLU F 1711 49.65 -56.67 -36.38
C GLU F 1711 49.74 -56.54 -37.90
N GLU F 1712 50.69 -55.75 -38.38
CA GLU F 1712 50.85 -55.57 -39.82
C GLU F 1712 51.24 -56.87 -40.50
N ASP F 1713 52.13 -57.65 -39.87
CA ASP F 1713 52.53 -58.92 -40.46
C ASP F 1713 51.35 -59.87 -40.57
N VAL F 1714 50.51 -59.91 -39.52
CA VAL F 1714 49.32 -60.77 -39.57
C VAL F 1714 48.37 -60.30 -40.66
N TYR F 1715 48.18 -58.99 -40.77
CA TYR F 1715 47.32 -58.47 -41.83
C TYR F 1715 47.84 -58.83 -43.21
N LEU F 1716 49.15 -58.72 -43.40
CA LEU F 1716 49.74 -58.92 -44.72
C LEU F 1716 49.95 -60.39 -45.06
N ASP F 1717 49.87 -61.29 -44.09
CA ASP F 1717 49.97 -62.72 -44.35
C ASP F 1717 48.56 -63.31 -44.44
N PRO F 1718 48.11 -63.81 -45.61
CA PRO F 1718 46.77 -64.44 -45.64
C PRO F 1718 46.73 -65.80 -44.96
N LEU F 1719 47.87 -66.47 -44.83
CA LEU F 1719 47.94 -67.81 -44.25
C LEU F 1719 48.29 -67.79 -42.77
N ALA F 1720 48.33 -66.63 -42.13
CA ALA F 1720 48.59 -66.59 -40.71
C ALA F 1720 47.37 -67.07 -39.93
N ARG F 1721 47.60 -67.98 -38.99
CA ARG F 1721 46.55 -68.52 -38.14
C ARG F 1721 47.02 -68.47 -36.70
N VAL F 1722 46.07 -68.26 -35.79
CA VAL F 1722 46.40 -68.24 -34.38
C VAL F 1722 46.75 -69.65 -33.91
N SER F 1723 47.66 -69.72 -32.96
CA SER F 1723 48.00 -70.96 -32.28
C SER F 1723 47.79 -70.74 -30.79
N LYS F 1724 47.64 -71.85 -30.07
CA LYS F 1724 47.50 -71.77 -28.62
C LYS F 1724 48.87 -71.53 -28.01
N ASP F 1725 49.00 -70.43 -27.26
CA ASP F 1725 50.26 -70.10 -26.62
C ASP F 1725 50.49 -71.00 -25.42
N LYS F 1726 51.70 -71.56 -25.32
CA LYS F 1726 52.02 -72.46 -24.22
C LYS F 1726 51.93 -71.75 -22.88
N LYS F 1727 52.38 -70.50 -22.82
CA LYS F 1727 52.41 -69.78 -21.54
C LYS F 1727 51.02 -69.24 -21.17
N SER F 1728 50.47 -68.36 -22.01
CA SER F 1728 49.20 -67.73 -21.67
C SER F 1728 48.04 -68.72 -21.76
N GLY F 1729 48.10 -69.66 -22.70
CA GLY F 1729 47.02 -70.57 -22.95
C GLY F 1729 45.94 -70.07 -23.88
N SER F 1730 46.02 -68.82 -24.31
CA SER F 1730 45.06 -68.24 -25.23
C SER F 1730 45.53 -68.42 -26.68
N LEU F 1731 44.61 -68.21 -27.60
CA LEU F 1731 44.91 -68.27 -29.03
C LEU F 1731 45.46 -66.92 -29.46
N THR F 1732 46.70 -66.91 -29.94
CA THR F 1732 47.40 -65.70 -30.34
C THR F 1732 48.16 -65.95 -31.63
N PHE F 1733 48.50 -64.86 -32.31
CA PHE F 1733 49.32 -64.97 -33.52
C PHE F 1733 50.79 -65.02 -33.14
N ASN F 1734 51.54 -65.83 -33.87
CA ASN F 1734 52.94 -66.12 -33.56
C ASN F 1734 53.80 -65.87 -34.79
N SER F 1735 55.00 -65.32 -34.55
CA SER F 1735 55.89 -64.96 -35.64
C SER F 1735 56.31 -66.19 -36.44
N LYS F 1736 56.60 -67.29 -35.77
CA LYS F 1736 57.06 -68.47 -36.48
C LYS F 1736 55.97 -69.05 -37.37
N ASN F 1737 54.71 -68.70 -37.11
CA ASN F 1737 53.60 -69.07 -37.97
C ASN F 1737 53.24 -67.98 -38.98
N ILE F 1738 53.72 -66.76 -38.80
CA ILE F 1738 53.49 -65.67 -39.75
C ILE F 1738 54.55 -65.75 -40.84
N GLN F 1739 54.10 -65.75 -42.11
CA GLN F 1739 54.98 -65.76 -43.27
C GLN F 1739 55.93 -66.96 -43.24
N SER F 1740 55.40 -68.13 -42.93
CA SER F 1740 56.18 -69.36 -42.82
C SER F 1740 55.89 -70.28 -44.00
N LYS F 1741 56.91 -71.03 -44.40
CA LYS F 1741 56.76 -71.96 -45.52
C LYS F 1741 55.83 -73.13 -45.19
N ASP F 1742 55.74 -73.52 -43.92
CA ASP F 1742 54.88 -74.63 -43.54
C ASP F 1742 53.41 -74.30 -43.80
N SER F 1743 53.03 -73.03 -43.60
CA SER F 1743 51.66 -72.62 -43.88
C SER F 1743 51.33 -72.74 -45.37
N TYR F 1744 52.35 -72.69 -46.22
CA TYR F 1744 52.18 -72.83 -47.67
C TYR F 1744 52.71 -74.18 -48.13
N SER G 5 -56.34 51.94 -108.33
CA SER G 5 -56.50 52.26 -106.91
C SER G 5 -56.66 50.99 -106.09
N THR G 6 -55.60 50.64 -105.36
CA THR G 6 -55.60 49.49 -104.47
C THR G 6 -54.92 49.88 -103.17
N ARG G 7 -55.09 49.03 -102.15
CA ARG G 7 -54.45 49.25 -100.87
C ARG G 7 -53.96 47.94 -100.27
N PRO G 8 -52.91 47.97 -99.42
CA PRO G 8 -52.38 46.73 -98.84
C PRO G 8 -53.13 46.35 -97.58
N LEU G 9 -53.81 45.21 -97.62
CA LEU G 9 -54.44 44.59 -96.46
C LEU G 9 -53.55 43.42 -96.02
N THR G 10 -53.00 43.51 -94.82
CA THR G 10 -52.05 42.51 -94.34
C THR G 10 -52.78 41.47 -93.51
N LEU G 11 -52.65 40.21 -93.92
CA LEU G 11 -53.18 39.07 -93.20
C LEU G 11 -52.03 38.12 -92.85
N SER G 12 -51.94 37.76 -91.58
CA SER G 12 -50.72 37.16 -91.04
C SER G 12 -51.05 36.35 -89.80
N HIS G 13 -50.08 35.52 -89.40
CA HIS G 13 -50.21 34.69 -88.19
C HIS G 13 -48.80 34.47 -87.65
N GLY G 14 -48.38 35.33 -86.74
CA GLY G 14 -47.01 35.26 -86.24
C GLY G 14 -46.05 35.89 -87.23
N SER G 15 -44.94 35.19 -87.50
CA SER G 15 -43.92 35.74 -88.38
C SER G 15 -44.38 35.75 -89.84
N LEU G 16 -45.10 34.71 -90.28
CA LEU G 16 -45.56 34.65 -91.65
C LEU G 16 -46.65 35.67 -91.91
N GLU G 17 -46.64 36.25 -93.11
CA GLU G 17 -47.58 37.31 -93.45
C GLU G 17 -47.79 37.31 -94.96
N HIS G 18 -48.86 37.97 -95.39
CA HIS G 18 -49.10 38.17 -96.81
C HIS G 18 -50.01 39.38 -96.98
N VAL G 19 -49.69 40.23 -97.95
CA VAL G 19 -50.38 41.51 -98.15
C VAL G 19 -51.14 41.43 -99.47
N LEU G 20 -52.42 41.77 -99.43
CA LEU G 20 -53.31 41.74 -100.58
C LEU G 20 -53.58 43.15 -101.06
N LEU G 21 -53.43 43.38 -102.37
CA LEU G 21 -53.73 44.69 -102.96
C LEU G 21 -55.22 44.72 -103.30
N VAL G 22 -56.02 45.05 -102.30
CA VAL G 22 -57.47 45.03 -102.45
C VAL G 22 -57.93 46.34 -103.06
N PRO G 23 -58.87 46.35 -104.03
CA PRO G 23 -59.40 47.62 -104.52
C PRO G 23 -60.11 48.38 -103.41
N THR G 24 -60.06 49.71 -103.52
CA THR G 24 -60.69 50.56 -102.51
C THR G 24 -62.21 50.35 -102.46
N ALA G 25 -62.80 49.86 -103.55
CA ALA G 25 -64.26 49.70 -103.59
C ALA G 25 -64.74 48.72 -102.53
N SER G 26 -64.02 47.61 -102.36
CA SER G 26 -64.40 46.56 -101.42
C SER G 26 -63.40 46.37 -100.29
N PHE G 27 -62.56 47.38 -100.03
CA PHE G 27 -61.58 47.25 -98.96
C PHE G 27 -62.28 47.12 -97.61
N PHE G 28 -63.39 47.84 -97.41
CA PHE G 28 -64.07 47.77 -96.13
C PHE G 28 -64.59 46.36 -95.87
N ILE G 29 -65.17 45.73 -96.90
CA ILE G 29 -65.63 44.35 -96.79
C ILE G 29 -64.45 43.43 -96.49
N ALA G 30 -63.35 43.61 -97.24
CA ALA G 30 -62.18 42.75 -97.05
C ALA G 30 -61.60 42.92 -95.66
N SER G 31 -61.66 44.14 -95.11
CA SER G 31 -61.09 44.42 -93.81
C SER G 31 -61.91 43.80 -92.70
N GLN G 32 -63.24 43.89 -92.80
CA GLN G 32 -64.06 43.20 -91.81
C GLN G 32 -63.87 41.68 -91.92
N LEU G 33 -63.68 41.19 -93.15
CA LEU G 33 -63.40 39.76 -93.31
C LEU G 33 -62.08 39.38 -92.65
N GLN G 34 -61.07 40.22 -92.76
CA GLN G 34 -59.81 40.00 -92.06
C GLN G 34 -60.04 39.97 -90.56
N GLU G 35 -60.86 40.90 -90.07
CA GLU G 35 -61.18 40.95 -88.64
C GLU G 35 -61.78 39.64 -88.15
N GLN G 36 -62.83 39.17 -88.83
CA GLN G 36 -63.45 37.91 -88.42
C GLN G 36 -62.51 36.73 -88.65
N PHE G 37 -61.68 36.79 -89.69
CA PHE G 37 -60.75 35.71 -89.96
C PHE G 37 -59.80 35.52 -88.79
N ASN G 38 -59.22 36.61 -88.29
CA ASN G 38 -58.40 36.50 -87.09
C ASN G 38 -59.21 36.22 -85.83
N LYS G 39 -60.47 36.63 -85.78
CA LYS G 39 -61.33 36.24 -84.67
C LYS G 39 -61.51 34.72 -84.59
N ILE G 40 -61.51 34.04 -85.73
CA ILE G 40 -61.64 32.58 -85.76
C ILE G 40 -60.28 31.89 -85.70
N LEU G 41 -59.23 32.58 -86.16
CA LEU G 41 -57.93 31.94 -86.26
C LEU G 41 -57.33 31.73 -84.88
N PRO G 42 -56.61 30.61 -84.64
CA PRO G 42 -55.97 30.42 -83.33
C PRO G 42 -54.71 31.25 -83.16
N GLU G 43 -54.19 31.29 -81.92
CA GLU G 43 -53.05 32.13 -81.59
C GLU G 43 -51.75 31.52 -82.13
N PRO G 44 -50.77 32.32 -82.56
CA PRO G 44 -49.47 31.75 -82.94
C PRO G 44 -48.82 31.00 -81.79
N THR G 45 -48.12 29.92 -82.13
CA THR G 45 -47.29 29.15 -81.23
C THR G 45 -45.84 29.22 -81.72
N GLU G 46 -44.96 28.49 -81.02
CA GLU G 46 -43.53 28.48 -81.33
C GLU G 46 -43.24 27.35 -82.29
N GLY G 47 -43.14 27.66 -83.58
CA GLY G 47 -42.83 26.69 -84.61
C GLY G 47 -44.00 26.23 -85.45
N PHE G 48 -45.23 26.61 -85.09
CA PHE G 48 -46.41 26.24 -85.86
C PHE G 48 -46.60 24.73 -85.90
N ALA G 49 -46.77 24.14 -84.72
CA ALA G 49 -46.98 22.70 -84.58
C ALA G 49 -48.45 22.32 -84.40
N ALA G 50 -49.26 23.22 -83.85
CA ALA G 50 -50.65 22.89 -83.57
C ALA G 50 -51.43 22.70 -84.87
N ASP G 51 -52.49 21.89 -84.79
CA ASP G 51 -53.39 21.72 -85.92
C ASP G 51 -54.22 22.98 -86.11
N ASP G 52 -54.71 23.16 -87.34
CA ASP G 52 -55.43 24.37 -87.71
C ASP G 52 -54.56 25.61 -87.53
N GLU G 53 -53.26 25.46 -87.73
CA GLU G 53 -52.28 26.53 -87.52
C GLU G 53 -51.41 26.61 -88.77
N PRO G 54 -51.33 27.75 -89.45
CA PRO G 54 -50.45 27.82 -90.62
C PRO G 54 -48.99 27.77 -90.22
N THR G 55 -48.17 27.21 -91.11
CA THR G 55 -46.73 27.20 -90.96
C THR G 55 -46.01 27.99 -92.05
N THR G 56 -46.68 28.28 -93.16
CA THR G 56 -46.12 29.08 -94.24
C THR G 56 -47.16 30.09 -94.68
N PRO G 57 -46.73 31.22 -95.25
CA PRO G 57 -47.72 32.19 -95.74
C PRO G 57 -48.63 31.61 -96.81
N ALA G 58 -48.14 30.65 -97.59
CA ALA G 58 -49.01 29.98 -98.55
C ALA G 58 -50.16 29.28 -97.83
N GLU G 59 -49.85 28.55 -96.76
CA GLU G 59 -50.90 27.89 -95.98
C GLU G 59 -51.85 28.91 -95.37
N LEU G 60 -51.33 30.05 -94.89
CA LEU G 60 -52.22 31.03 -94.28
C LEU G 60 -53.18 31.65 -95.30
N VAL G 61 -52.69 32.03 -96.49
CA VAL G 61 -53.59 32.54 -97.52
C VAL G 61 -54.56 31.45 -97.96
N GLY G 62 -54.12 30.19 -97.97
CA GLY G 62 -55.04 29.11 -98.27
C GLY G 62 -56.16 29.01 -97.25
N LYS G 63 -55.84 29.14 -95.97
CA LYS G 63 -56.87 29.06 -94.94
C LYS G 63 -57.79 30.27 -95.00
N PHE G 64 -57.25 31.44 -95.33
CA PHE G 64 -58.11 32.60 -95.54
C PHE G 64 -59.06 32.35 -96.71
N LEU G 65 -58.55 31.73 -97.78
CA LEU G 65 -59.40 31.39 -98.91
C LEU G 65 -60.50 30.43 -98.49
N GLY G 66 -60.16 29.43 -97.69
CA GLY G 66 -61.18 28.51 -97.21
C GLY G 66 -62.23 29.19 -96.37
N TYR G 67 -61.80 30.12 -95.52
CA TYR G 67 -62.75 30.85 -94.67
C TYR G 67 -63.72 31.67 -95.51
N VAL G 68 -63.19 32.43 -96.47
CA VAL G 68 -64.06 33.26 -97.31
C VAL G 68 -64.95 32.37 -98.18
N SER G 69 -64.43 31.23 -98.63
CA SER G 69 -65.26 30.30 -99.40
C SER G 69 -66.40 29.77 -98.55
N SER G 70 -66.14 29.43 -97.28
CA SER G 70 -67.20 29.01 -96.38
C SER G 70 -68.24 30.10 -96.20
N LEU G 71 -67.82 31.36 -96.12
CA LEU G 71 -68.77 32.46 -96.04
C LEU G 71 -69.51 32.73 -97.33
N VAL G 72 -68.95 32.35 -98.49
CA VAL G 72 -69.57 32.60 -99.78
C VAL G 72 -70.59 31.49 -100.05
N GLU G 73 -71.79 31.89 -100.47
CA GLU G 73 -72.86 30.95 -100.80
C GLU G 73 -73.02 30.87 -102.30
N PRO G 74 -73.00 29.68 -102.94
CA PRO G 74 -73.21 29.66 -104.39
C PRO G 74 -74.60 30.15 -104.79
N GLY G 78 -74.91 37.21 -103.02
CA GLY G 78 -73.48 37.25 -103.26
C GLY G 78 -72.87 38.60 -102.94
N GLN G 79 -72.10 38.65 -101.85
CA GLN G 79 -71.42 39.86 -101.40
C GLN G 79 -69.92 39.67 -101.23
N PHE G 80 -69.48 38.48 -100.82
CA PHE G 80 -68.07 38.20 -100.60
C PHE G 80 -67.40 37.54 -101.81
N ASP G 81 -68.14 37.41 -102.92
CA ASP G 81 -67.59 36.72 -104.09
C ASP G 81 -66.42 37.50 -104.68
N GLN G 82 -66.53 38.83 -104.72
CA GLN G 82 -65.46 39.64 -105.30
C GLN G 82 -64.18 39.52 -104.48
N VAL G 83 -64.28 39.58 -103.16
CA VAL G 83 -63.08 39.48 -102.33
C VAL G 83 -62.51 38.07 -102.42
N LEU G 84 -63.38 37.05 -102.50
CA LEU G 84 -62.90 35.69 -102.71
C LEU G 84 -62.10 35.59 -104.00
N ASN G 85 -62.65 36.14 -105.09
CA ASN G 85 -61.95 36.11 -106.36
C ASN G 85 -60.62 36.85 -106.27
N LEU G 86 -60.60 37.99 -105.58
CA LEU G 86 -59.37 38.77 -105.47
C LEU G 86 -58.28 37.99 -104.74
N CYS G 87 -58.59 37.44 -103.56
CA CYS G 87 -57.57 36.73 -102.82
C CYS G 87 -57.19 35.42 -103.51
N LEU G 88 -58.13 34.78 -104.20
CA LEU G 88 -57.79 33.59 -104.96
C LEU G 88 -56.83 33.92 -106.10
N THR G 89 -57.08 35.03 -106.80
CA THR G 89 -56.16 35.47 -107.85
C THR G 89 -54.79 35.76 -107.26
N GLU G 90 -54.75 36.41 -106.10
CA GLU G 90 -53.47 36.68 -105.45
C GLU G 90 -52.73 35.38 -105.13
N PHE G 91 -53.44 34.39 -104.61
CA PHE G 91 -52.83 33.10 -104.30
C PHE G 91 -52.29 32.44 -105.56
N GLU G 92 -53.07 32.47 -106.64
CA GLU G 92 -52.62 31.87 -107.90
C GLU G 92 -51.39 32.59 -108.44
N ASN G 93 -51.39 33.91 -108.42
CA ASN G 93 -50.24 34.65 -108.94
C ASN G 93 -48.99 34.39 -108.12
N CYS G 94 -49.12 34.36 -106.80
CA CYS G 94 -47.93 34.33 -105.95
C CYS G 94 -47.38 32.92 -105.75
N TYR G 95 -48.24 31.98 -105.33
CA TYR G 95 -47.75 30.70 -104.82
C TYR G 95 -47.83 29.56 -105.82
N LEU G 96 -48.79 29.60 -106.76
CA LEU G 96 -48.89 28.52 -107.74
C LEU G 96 -47.76 28.58 -108.76
N GLU G 97 -47.29 29.78 -109.11
CA GLU G 97 -46.27 29.93 -110.13
C GLU G 97 -46.75 29.36 -111.47
N GLY G 98 -48.05 29.54 -111.75
CA GLY G 98 -48.64 28.98 -112.95
C GLY G 98 -48.71 27.47 -112.91
N ASN G 99 -48.54 26.88 -111.73
CA ASN G 99 -48.56 25.44 -111.54
C ASN G 99 -49.85 25.03 -110.85
N ASP G 100 -50.00 23.72 -110.68
CA ASP G 100 -51.21 23.18 -110.07
C ASP G 100 -51.11 23.20 -108.54
N ILE G 101 -52.30 23.12 -107.91
CA ILE G 101 -52.38 23.15 -106.45
C ILE G 101 -51.61 21.97 -105.87
N HIS G 102 -51.66 20.81 -106.53
CA HIS G 102 -50.94 19.65 -106.00
C HIS G 102 -49.43 19.80 -106.15
N ALA G 103 -48.97 20.43 -107.23
CA ALA G 103 -47.54 20.72 -107.33
C ALA G 103 -47.10 21.66 -106.23
N LEU G 104 -47.89 22.71 -105.96
CA LEU G 104 -47.56 23.60 -104.86
C LEU G 104 -47.57 22.85 -103.53
N ALA G 105 -48.53 21.94 -103.35
CA ALA G 105 -48.61 21.15 -102.13
C ALA G 105 -47.37 20.29 -101.93
N ALA G 106 -46.92 19.63 -103.01
CA ALA G 106 -45.71 18.81 -102.92
C ALA G 106 -44.50 19.68 -102.59
N LYS G 107 -44.39 20.85 -103.24
CA LYS G 107 -43.29 21.75 -102.95
C LYS G 107 -43.29 22.17 -101.48
N LEU G 108 -44.48 22.50 -100.96
CA LEU G 108 -44.58 22.89 -99.55
C LEU G 108 -44.20 21.73 -98.64
N LEU G 109 -44.65 20.52 -98.96
CA LEU G 109 -44.37 19.37 -98.11
C LEU G 109 -42.88 19.07 -98.07
N GLN G 110 -42.21 19.19 -99.22
CA GLN G 110 -40.79 18.85 -99.27
C GLN G 110 -39.92 19.99 -98.76
N GLU G 111 -39.97 21.14 -99.42
CA GLU G 111 -39.09 22.25 -99.06
C GLU G 111 -39.42 22.80 -97.67
N ASN G 112 -40.68 23.08 -97.41
CA ASN G 112 -41.08 23.77 -96.20
C ASN G 112 -41.55 22.78 -95.14
N ASP G 113 -41.61 23.24 -93.89
CA ASP G 113 -41.97 22.40 -92.75
C ASP G 113 -43.49 22.32 -92.64
N THR G 114 -44.08 21.63 -93.62
CA THR G 114 -45.52 21.44 -93.70
C THR G 114 -45.83 19.96 -93.51
N THR G 115 -46.94 19.68 -92.82
CA THR G 115 -47.39 18.32 -92.57
C THR G 115 -48.51 17.94 -93.53
N LEU G 116 -48.82 16.64 -93.55
CA LEU G 116 -49.75 16.12 -94.54
C LEU G 116 -51.16 16.67 -94.36
N VAL G 117 -51.62 16.78 -93.11
CA VAL G 117 -52.98 17.29 -92.89
C VAL G 117 -53.06 18.75 -93.30
N LYS G 118 -51.99 19.52 -93.06
CA LYS G 118 -51.99 20.92 -93.48
C LYS G 118 -51.97 21.04 -95.00
N THR G 119 -51.21 20.17 -95.66
CA THR G 119 -51.25 20.12 -97.12
C THR G 119 -52.65 19.82 -97.62
N LYS G 120 -53.31 18.83 -97.02
CA LYS G 120 -54.63 18.43 -97.47
C LYS G 120 -55.65 19.54 -97.26
N GLU G 121 -55.62 20.21 -96.11
CA GLU G 121 -56.59 21.27 -95.89
C GLU G 121 -56.29 22.50 -96.75
N LEU G 122 -55.02 22.77 -97.04
CA LEU G 122 -54.70 23.82 -98.00
C LEU G 122 -55.29 23.50 -99.37
N ILE G 123 -55.13 22.26 -99.82
CA ILE G 123 -55.70 21.86 -101.12
C ILE G 123 -57.22 21.99 -101.08
N LYS G 124 -57.84 21.55 -99.99
CA LYS G 124 -59.29 21.65 -99.86
C LYS G 124 -59.73 23.10 -99.96
N ASN G 125 -59.04 23.99 -99.26
CA ASN G 125 -59.40 25.40 -99.28
C ASN G 125 -59.27 25.95 -100.69
N TYR G 126 -58.20 25.60 -101.40
CA TYR G 126 -58.01 26.13 -102.75
C TYR G 126 -59.10 25.67 -103.70
N ILE G 127 -59.37 24.36 -103.74
CA ILE G 127 -60.41 23.87 -104.65
C ILE G 127 -61.78 24.38 -104.24
N THR G 128 -62.07 24.43 -102.94
CA THR G 128 -63.34 24.97 -102.48
C THR G 128 -63.51 26.40 -102.97
N ALA G 129 -62.51 27.24 -102.74
CA ALA G 129 -62.59 28.64 -103.18
C ALA G 129 -62.76 28.73 -104.68
N ARG G 130 -62.04 27.88 -105.44
CA ARG G 130 -62.19 27.88 -106.88
C ARG G 130 -63.62 27.62 -107.29
N ILE G 131 -64.30 26.70 -106.59
CA ILE G 131 -65.66 26.37 -107.01
C ILE G 131 -66.71 27.32 -106.43
N MET G 132 -66.44 28.01 -105.31
CA MET G 132 -67.39 29.03 -104.87
C MET G 132 -67.24 30.31 -105.69
N ALA G 133 -66.05 30.59 -106.21
CA ALA G 133 -65.80 31.83 -106.95
C ALA G 133 -66.25 31.76 -108.40
N LYS G 134 -67.08 30.80 -108.77
CA LYS G 134 -67.51 30.62 -110.15
C LYS G 134 -66.30 30.44 -111.06
N ARG G 135 -65.30 29.71 -110.57
CA ARG G 135 -64.05 29.45 -111.28
C ARG G 135 -63.80 27.95 -111.31
N PRO G 136 -64.57 27.20 -112.09
CA PRO G 136 -64.36 25.75 -112.15
C PRO G 136 -63.03 25.42 -112.79
N PHE G 137 -62.66 24.15 -112.68
CA PHE G 137 -61.50 23.62 -113.39
C PHE G 137 -61.90 23.14 -114.79
N ASP G 138 -62.53 24.03 -115.55
CA ASP G 138 -62.99 23.73 -116.89
C ASP G 138 -61.97 24.05 -117.96
N LYS G 139 -60.80 24.57 -117.58
CA LYS G 139 -59.76 24.92 -118.54
C LYS G 139 -58.88 23.70 -118.77
N LYS G 140 -58.59 23.42 -120.03
CA LYS G 140 -57.77 22.25 -120.38
C LYS G 140 -56.39 22.38 -119.78
N SER G 141 -56.07 21.52 -118.81
CA SER G 141 -54.81 21.62 -118.12
C SER G 141 -53.65 21.28 -119.05
N ASN G 142 -52.53 21.99 -118.87
CA ASN G 142 -51.33 21.78 -119.66
C ASN G 142 -50.31 20.90 -118.93
N SER G 143 -50.79 19.91 -118.18
CA SER G 143 -49.89 19.02 -117.46
C SER G 143 -48.95 18.30 -118.41
N ALA G 144 -47.68 18.21 -118.01
CA ALA G 144 -46.64 17.73 -118.92
C ALA G 144 -46.89 16.30 -119.36
N LEU G 145 -47.36 15.45 -118.45
CA LEU G 145 -47.64 14.06 -118.79
C LEU G 145 -48.67 13.97 -119.92
N PHE G 146 -49.72 14.79 -119.83
CA PHE G 146 -50.78 14.70 -120.81
C PHE G 146 -50.46 15.46 -122.09
N ARG G 147 -49.62 16.49 -122.05
CA ARG G 147 -49.07 17.01 -123.30
C ARG G 147 -48.22 15.96 -123.99
N ALA G 148 -47.43 15.21 -123.23
CA ALA G 148 -46.64 14.13 -123.81
C ALA G 148 -47.54 13.09 -124.45
N VAL G 149 -48.64 12.73 -123.77
CA VAL G 149 -49.58 11.77 -124.34
C VAL G 149 -50.19 12.32 -125.62
N GLY G 150 -50.62 13.58 -125.60
CA GLY G 150 -51.27 14.17 -126.76
C GLY G 150 -50.35 14.20 -127.97
N GLU G 151 -49.08 14.52 -127.75
CA GLU G 151 -48.10 14.49 -128.84
C GLU G 151 -47.55 13.10 -129.10
N GLY G 152 -47.97 12.09 -128.34
CA GLY G 152 -47.55 10.72 -128.57
C GLY G 152 -46.24 10.34 -127.92
N ASN G 153 -45.68 11.19 -127.07
CA ASN G 153 -44.42 10.88 -126.42
C ASN G 153 -44.60 9.81 -125.34
N ALA G 154 -45.71 9.86 -124.61
CA ALA G 154 -45.94 8.98 -123.47
C ALA G 154 -47.21 8.16 -123.68
N GLN G 155 -47.21 6.95 -123.13
CA GLN G 155 -48.35 6.05 -123.15
C GLN G 155 -48.81 5.80 -121.72
N LEU G 156 -50.13 5.85 -121.53
CA LEU G 156 -50.74 5.84 -120.20
C LEU G 156 -51.60 4.58 -120.02
N VAL G 157 -51.33 3.85 -118.95
CA VAL G 157 -52.15 2.71 -118.56
C VAL G 157 -52.64 2.92 -117.14
N ALA G 158 -53.96 2.92 -116.95
CA ALA G 158 -54.52 2.98 -115.62
C ALA G 158 -54.59 1.58 -115.01
N ILE G 159 -54.18 1.46 -113.75
CA ILE G 159 -54.32 0.23 -112.99
C ILE G 159 -55.11 0.56 -111.74
N PHE G 160 -56.11 -0.28 -111.45
CA PHE G 160 -56.99 -0.10 -110.31
C PHE G 160 -56.77 -1.22 -109.31
N GLY G 161 -56.54 -0.85 -108.06
CA GLY G 161 -56.22 -1.81 -107.02
C GLY G 161 -57.44 -2.58 -106.56
N GLY G 162 -57.23 -3.42 -105.56
CA GLY G 162 -58.27 -4.26 -105.02
C GLY G 162 -58.04 -4.53 -103.55
N GLN G 163 -58.39 -5.74 -103.13
CA GLN G 163 -58.31 -6.10 -101.72
C GLN G 163 -56.86 -6.34 -101.30
N GLY G 164 -56.62 -6.17 -100.00
CA GLY G 164 -55.35 -6.49 -99.39
C GLY G 164 -54.31 -5.40 -99.43
N ASN G 165 -54.58 -4.29 -100.13
CA ASN G 165 -53.58 -3.23 -100.23
C ASN G 165 -53.35 -2.56 -98.88
N THR G 166 -54.40 -2.40 -98.09
CA THR G 166 -54.29 -1.75 -96.79
C THR G 166 -55.40 -2.27 -95.88
N ASP G 167 -55.15 -2.19 -94.57
CA ASP G 167 -56.11 -2.64 -93.57
C ASP G 167 -57.09 -1.56 -93.13
N ASP G 168 -56.87 -0.32 -93.50
CA ASP G 168 -57.72 0.79 -93.08
C ASP G 168 -58.03 1.67 -94.29
N TYR G 169 -58.54 1.05 -95.35
CA TYR G 169 -58.82 1.78 -96.59
C TYR G 169 -59.82 2.90 -96.38
N PHE G 170 -60.62 2.84 -95.32
CA PHE G 170 -61.73 3.79 -95.19
C PHE G 170 -61.25 5.21 -94.98
N GLU G 171 -60.06 5.39 -94.38
CA GLU G 171 -59.55 6.76 -94.25
C GLU G 171 -59.26 7.39 -95.60
N GLU G 172 -58.98 6.57 -96.61
CA GLU G 172 -58.79 7.12 -97.95
C GLU G 172 -60.09 7.72 -98.45
N LEU G 173 -61.21 7.00 -98.27
CA LEU G 173 -62.50 7.55 -98.65
C LEU G 173 -62.81 8.80 -97.82
N ARG G 174 -62.50 8.74 -96.54
CA ARG G 174 -62.78 9.87 -95.65
C ARG G 174 -62.01 11.11 -96.08
N ASP G 175 -60.72 10.97 -96.37
CA ASP G 175 -59.92 12.13 -96.72
C ASP G 175 -60.23 12.59 -98.14
N LEU G 176 -60.68 11.69 -99.01
CA LEU G 176 -61.21 12.13 -100.29
C LEU G 176 -62.44 13.00 -100.09
N TYR G 177 -63.39 12.54 -99.27
CA TYR G 177 -64.60 13.30 -99.00
C TYR G 177 -64.33 14.63 -98.30
N GLN G 178 -63.30 14.69 -97.47
CA GLN G 178 -62.92 15.95 -96.83
C GLN G 178 -62.18 16.86 -97.81
N THR G 179 -61.02 16.42 -98.30
CA THR G 179 -60.15 17.28 -99.09
C THR G 179 -60.83 17.72 -100.39
N TYR G 180 -61.55 16.80 -101.04
CA TYR G 180 -62.20 17.05 -102.31
C TYR G 180 -63.71 16.93 -102.16
N HIS G 181 -64.24 17.50 -101.07
CA HIS G 181 -65.68 17.48 -100.82
C HIS G 181 -66.45 18.02 -102.01
N VAL G 182 -66.08 19.21 -102.49
CA VAL G 182 -66.91 19.87 -103.49
C VAL G 182 -66.77 19.17 -104.84
N LEU G 183 -65.66 18.45 -105.04
CA LEU G 183 -65.43 17.78 -106.32
C LEU G 183 -66.15 16.45 -106.39
N VAL G 184 -65.82 15.53 -105.48
CA VAL G 184 -66.37 14.18 -105.50
C VAL G 184 -67.61 14.07 -104.61
N GLY G 185 -68.19 15.20 -104.19
CA GLY G 185 -69.39 15.13 -103.38
C GLY G 185 -70.56 14.52 -104.12
N ASP G 186 -70.75 14.92 -105.38
CA ASP G 186 -71.82 14.33 -106.17
C ASP G 186 -71.61 12.83 -106.31
N LEU G 187 -70.37 12.40 -106.57
CA LEU G 187 -70.07 10.98 -106.71
C LEU G 187 -70.37 10.23 -105.42
N ILE G 188 -69.95 10.78 -104.28
CA ILE G 188 -70.12 10.06 -103.02
C ILE G 188 -71.60 9.97 -102.65
N LYS G 189 -72.33 11.08 -102.76
CA LYS G 189 -73.77 11.04 -102.52
C LYS G 189 -74.46 10.05 -103.45
N PHE G 190 -74.10 10.05 -104.74
CA PHE G 190 -74.75 9.15 -105.67
C PHE G 190 -74.44 7.69 -105.33
N SER G 191 -73.18 7.39 -105.01
CA SER G 191 -72.81 6.03 -104.68
C SER G 191 -73.55 5.55 -103.45
N ALA G 192 -73.65 6.40 -102.43
CA ALA G 192 -74.42 6.04 -101.24
C ALA G 192 -75.88 5.82 -101.58
N GLU G 193 -76.43 6.65 -102.45
CA GLU G 193 -77.84 6.51 -102.82
C GLU G 193 -78.11 5.18 -103.49
N THR G 194 -77.31 4.83 -104.50
CA THR G 194 -77.53 3.55 -105.18
C THR G 194 -77.17 2.37 -104.30
N LEU G 195 -76.22 2.53 -103.36
CA LEU G 195 -75.94 1.45 -102.44
C LEU G 195 -77.13 1.19 -101.53
N SER G 196 -77.73 2.25 -100.99
CA SER G 196 -78.93 2.08 -100.17
C SER G 196 -80.08 1.50 -100.99
N GLU G 197 -80.23 1.96 -102.23
CA GLU G 197 -81.29 1.43 -103.09
C GLU G 197 -81.09 -0.06 -103.37
N LEU G 198 -79.84 -0.46 -103.62
CA LEU G 198 -79.57 -1.88 -103.87
C LEU G 198 -79.81 -2.71 -102.62
N ILE G 199 -79.45 -2.19 -101.45
CA ILE G 199 -79.75 -2.91 -100.22
C ILE G 199 -81.25 -3.07 -100.04
N ARG G 200 -82.01 -2.00 -100.31
CA ARG G 200 -83.46 -2.06 -100.15
C ARG G 200 -84.09 -3.06 -101.12
N THR G 201 -83.62 -3.06 -102.37
CA THR G 201 -84.21 -3.90 -103.41
C THR G 201 -83.64 -5.32 -103.43
N THR G 202 -82.58 -5.59 -102.68
CA THR G 202 -82.03 -6.93 -102.58
C THR G 202 -82.78 -7.73 -101.51
N LEU G 203 -82.85 -9.04 -101.72
CA LEU G 203 -83.74 -9.88 -100.92
C LEU G 203 -83.38 -9.83 -99.44
N ASP G 204 -82.11 -10.09 -99.11
CA ASP G 204 -81.67 -10.15 -97.72
C ASP G 204 -80.33 -9.47 -97.55
N ALA G 205 -80.15 -8.30 -98.17
CA ALA G 205 -78.87 -7.59 -98.05
C ALA G 205 -78.69 -7.02 -96.65
N GLU G 206 -79.78 -6.63 -96.00
CA GLU G 206 -79.67 -6.04 -94.67
C GLU G 206 -79.05 -7.02 -93.68
N LYS G 207 -79.27 -8.33 -93.88
CA LYS G 207 -78.64 -9.32 -93.02
C LYS G 207 -77.13 -9.27 -93.16
N VAL G 208 -76.63 -9.12 -94.39
CA VAL G 208 -75.20 -8.96 -94.63
C VAL G 208 -74.69 -7.65 -94.04
N PHE G 209 -75.46 -6.57 -94.17
CA PHE G 209 -75.09 -5.25 -93.65
C PHE G 209 -75.72 -5.10 -92.27
N THR G 210 -75.06 -5.65 -91.25
CA THR G 210 -75.58 -5.57 -89.89
C THR G 210 -75.63 -4.13 -89.40
N GLN G 211 -74.57 -3.36 -89.66
CA GLN G 211 -74.49 -1.96 -89.27
C GLN G 211 -74.88 -1.01 -90.38
N GLY G 212 -75.60 -1.48 -91.39
CA GLY G 212 -76.01 -0.63 -92.49
C GLY G 212 -74.85 -0.28 -93.39
N LEU G 213 -75.16 0.52 -94.40
CA LEU G 213 -74.18 1.02 -95.37
C LEU G 213 -74.43 2.49 -95.63
N ASN G 214 -74.75 3.24 -94.58
CA ASN G 214 -75.04 4.67 -94.69
C ASN G 214 -73.69 5.38 -94.57
N ILE G 215 -73.14 5.75 -95.73
CA ILE G 215 -71.76 6.24 -95.77
C ILE G 215 -71.70 7.73 -95.47
N LEU G 216 -72.73 8.48 -95.84
CA LEU G 216 -72.71 9.92 -95.60
C LEU G 216 -72.62 10.22 -94.11
N GLU G 217 -73.38 9.48 -93.29
CA GLU G 217 -73.31 9.68 -91.85
C GLU G 217 -71.93 9.28 -91.31
N TRP G 218 -71.37 8.18 -91.80
CA TRP G 218 -70.06 7.75 -91.32
C TRP G 218 -68.99 8.79 -91.63
N LEU G 219 -69.07 9.38 -92.83
CA LEU G 219 -68.10 10.40 -93.21
C LEU G 219 -68.30 11.68 -92.42
N GLU G 220 -69.55 12.12 -92.25
CA GLU G 220 -69.81 13.37 -91.54
C GLU G 220 -69.43 13.27 -90.07
N ASN G 221 -69.73 12.14 -89.43
CA ASN G 221 -69.46 11.93 -88.01
C ASN G 221 -68.51 10.74 -87.88
N PRO G 222 -67.20 10.97 -87.87
CA PRO G 222 -66.27 9.84 -87.67
C PRO G 222 -66.41 9.16 -86.32
N SER G 223 -67.01 9.82 -85.34
CA SER G 223 -67.10 9.24 -84.00
C SER G 223 -67.92 7.96 -84.00
N ASN G 224 -69.05 7.97 -84.72
CA ASN G 224 -69.96 6.83 -84.76
C ASN G 224 -69.77 5.99 -86.02
N THR G 225 -68.57 6.00 -86.58
CA THR G 225 -68.28 5.13 -87.72
C THR G 225 -68.12 3.68 -87.22
N PRO G 226 -68.39 2.69 -88.07
CA PRO G 226 -68.22 1.30 -87.63
C PRO G 226 -66.75 0.97 -87.39
N ASP G 227 -66.53 -0.24 -86.91
CA ASP G 227 -65.19 -0.68 -86.59
C ASP G 227 -64.48 -1.20 -87.85
N LYS G 228 -63.16 -1.31 -87.74
CA LYS G 228 -62.33 -1.57 -88.91
C LYS G 228 -62.62 -2.94 -89.51
N ASP G 229 -62.89 -3.94 -88.67
CA ASP G 229 -63.20 -5.26 -89.20
C ASP G 229 -64.49 -5.25 -90.03
N TYR G 230 -65.53 -4.58 -89.53
CA TYR G 230 -66.76 -4.49 -90.29
C TYR G 230 -66.55 -3.71 -91.59
N LEU G 231 -65.77 -2.62 -91.53
CA LEU G 231 -65.51 -1.87 -92.75
C LEU G 231 -64.73 -2.73 -93.74
N LEU G 232 -63.81 -3.55 -93.24
CA LEU G 232 -63.00 -4.42 -94.09
C LEU G 232 -63.79 -5.60 -94.64
N SER G 233 -64.94 -5.92 -94.04
CA SER G 233 -65.79 -6.98 -94.57
C SER G 233 -66.16 -6.66 -96.01
N ILE G 234 -66.07 -7.68 -96.88
CA ILE G 234 -66.12 -7.43 -98.33
C ILE G 234 -67.42 -6.79 -98.80
N PRO G 235 -68.59 -7.05 -98.22
CA PRO G 235 -69.78 -6.32 -98.70
C PRO G 235 -69.65 -4.82 -98.52
N ILE G 236 -68.83 -4.37 -97.58
CA ILE G 236 -68.47 -2.96 -97.48
C ILE G 236 -67.27 -2.66 -98.38
N SER G 237 -66.20 -3.45 -98.25
CA SER G 237 -64.92 -3.09 -98.84
C SER G 237 -64.99 -3.02 -100.36
N CYS G 238 -65.70 -3.97 -100.98
CA CYS G 238 -65.75 -3.98 -102.45
C CYS G 238 -66.38 -2.70 -103.01
N PRO G 239 -67.65 -2.37 -102.70
CA PRO G 239 -68.19 -1.12 -103.22
C PRO G 239 -67.44 0.10 -102.73
N LEU G 240 -66.91 0.09 -101.51
CA LEU G 240 -66.25 1.29 -101.01
C LEU G 240 -64.87 1.48 -101.65
N ILE G 241 -64.17 0.38 -101.94
CA ILE G 241 -62.94 0.49 -102.71
C ILE G 241 -63.26 0.98 -104.12
N GLY G 242 -64.39 0.55 -104.68
CA GLY G 242 -64.84 1.10 -105.94
C GLY G 242 -65.07 2.60 -105.86
N VAL G 243 -65.72 3.06 -104.79
CA VAL G 243 -65.96 4.49 -104.61
C VAL G 243 -64.63 5.23 -104.51
N ILE G 244 -63.67 4.66 -103.79
CA ILE G 244 -62.38 5.33 -103.65
C ILE G 244 -61.70 5.47 -105.00
N GLN G 245 -61.69 4.39 -105.78
CA GLN G 245 -61.05 4.45 -107.09
C GLN G 245 -61.76 5.43 -108.01
N LEU G 246 -63.09 5.41 -108.02
CA LEU G 246 -63.83 6.34 -108.87
C LEU G 246 -63.64 7.77 -108.42
N ALA G 247 -63.52 8.00 -107.11
CA ALA G 247 -63.25 9.34 -106.60
C ALA G 247 -61.87 9.81 -107.03
N HIS G 248 -60.88 8.93 -107.01
CA HIS G 248 -59.56 9.30 -107.52
C HIS G 248 -59.64 9.67 -108.99
N TYR G 249 -60.37 8.88 -109.77
CA TYR G 249 -60.52 9.16 -111.19
C TYR G 249 -61.22 10.50 -111.41
N VAL G 250 -62.26 10.79 -110.62
CA VAL G 250 -62.99 12.05 -110.75
C VAL G 250 -62.09 13.22 -110.39
N VAL G 251 -61.33 13.09 -109.30
CA VAL G 251 -60.44 14.17 -108.88
C VAL G 251 -59.42 14.45 -109.97
N THR G 252 -58.83 13.39 -110.52
CA THR G 252 -57.86 13.56 -111.60
C THR G 252 -58.48 14.27 -112.79
N ALA G 253 -59.62 13.78 -113.27
CA ALA G 253 -60.24 14.35 -114.46
C ALA G 253 -60.62 15.80 -114.23
N LYS G 254 -61.24 16.12 -113.09
CA LYS G 254 -61.69 17.47 -112.84
C LYS G 254 -60.50 18.42 -112.68
N LEU G 255 -59.50 18.04 -111.89
CA LEU G 255 -58.36 18.93 -111.69
C LEU G 255 -57.55 19.11 -112.96
N LEU G 256 -57.58 18.15 -113.88
CA LEU G 256 -56.98 18.33 -115.19
C LEU G 256 -57.94 18.97 -116.18
N GLY G 257 -59.18 19.23 -115.78
CA GLY G 257 -60.14 19.80 -116.70
C GLY G 257 -60.48 18.87 -117.84
N PHE G 258 -60.52 17.57 -117.56
CA PHE G 258 -60.85 16.56 -118.55
C PHE G 258 -62.21 15.98 -118.20
N THR G 259 -63.00 15.67 -119.21
CA THR G 259 -64.14 14.79 -119.00
C THR G 259 -63.61 13.36 -118.80
N PRO G 260 -64.36 12.50 -118.12
CA PRO G 260 -63.87 11.12 -117.94
C PRO G 260 -63.62 10.41 -119.25
N GLY G 261 -64.45 10.66 -120.27
CA GLY G 261 -64.24 10.01 -121.55
C GLY G 261 -62.95 10.43 -122.22
N GLU G 262 -62.66 11.73 -122.22
CA GLU G 262 -61.43 12.17 -122.89
C GLU G 262 -60.20 11.80 -122.08
N LEU G 263 -60.31 11.80 -120.74
CA LEU G 263 -59.21 11.27 -119.94
C LEU G 263 -58.95 9.81 -120.27
N ARG G 264 -60.02 9.02 -120.41
CA ARG G 264 -59.88 7.64 -120.84
C ARG G 264 -59.22 7.55 -122.21
N SER G 265 -59.57 8.47 -123.11
CA SER G 265 -58.94 8.48 -124.43
C SER G 265 -57.45 8.75 -124.32
N TYR G 266 -57.04 9.67 -123.43
CA TYR G 266 -55.62 9.84 -123.17
C TYR G 266 -54.98 8.56 -122.67
N LEU G 267 -55.65 7.83 -121.78
CA LEU G 267 -55.12 6.55 -121.31
C LEU G 267 -54.96 5.58 -122.48
N LYS G 268 -53.76 5.00 -122.60
CA LYS G 268 -53.54 3.96 -123.59
C LYS G 268 -54.33 2.70 -123.25
N GLY G 269 -54.42 2.35 -121.96
CA GLY G 269 -55.16 1.18 -121.57
C GLY G 269 -55.60 1.25 -120.12
N ALA G 270 -56.35 0.23 -119.71
CA ALA G 270 -56.84 0.15 -118.34
C ALA G 270 -56.85 -1.30 -117.90
N THR G 271 -56.72 -1.50 -116.59
CA THR G 271 -56.78 -2.84 -116.03
C THR G 271 -56.88 -2.73 -114.51
N GLY G 272 -56.99 -3.87 -113.86
CA GLY G 272 -57.14 -3.87 -112.41
C GLY G 272 -56.72 -5.18 -111.80
N HIS G 273 -56.28 -5.07 -110.54
CA HIS G 273 -55.94 -6.23 -109.72
C HIS G 273 -57.22 -6.74 -109.10
N ALA G 274 -57.77 -7.80 -109.67
CA ALA G 274 -58.97 -8.44 -109.13
C ALA G 274 -60.15 -7.48 -109.10
N GLN G 275 -60.38 -6.84 -107.94
CA GLN G 275 -61.57 -5.99 -107.80
C GLN G 275 -61.49 -4.78 -108.71
N GLY G 276 -60.30 -4.21 -108.88
CA GLY G 276 -60.18 -2.99 -109.66
C GLY G 276 -60.50 -3.15 -111.13
N LEU G 277 -60.63 -4.39 -111.60
CA LEU G 277 -60.99 -4.62 -112.99
C LEU G 277 -62.35 -4.01 -113.31
N VAL G 278 -63.26 -4.02 -112.33
CA VAL G 278 -64.58 -3.43 -112.54
C VAL G 278 -64.44 -1.93 -112.79
N THR G 279 -63.63 -1.26 -111.97
CA THR G 279 -63.42 0.18 -112.16
C THR G 279 -62.71 0.45 -113.48
N ALA G 280 -61.77 -0.42 -113.86
CA ALA G 280 -61.09 -0.25 -115.14
C ALA G 280 -62.07 -0.31 -116.30
N VAL G 281 -62.97 -1.30 -116.29
CA VAL G 281 -63.98 -1.41 -117.34
C VAL G 281 -64.91 -0.21 -117.31
N ALA G 282 -65.29 0.24 -116.12
CA ALA G 282 -66.19 1.38 -116.01
C ALA G 282 -65.58 2.63 -116.62
N ILE G 283 -64.35 2.97 -116.22
CA ILE G 283 -63.71 4.15 -116.77
C ILE G 283 -63.41 3.97 -118.25
N ALA G 284 -63.20 2.73 -118.70
CA ALA G 284 -63.09 2.45 -120.12
C ALA G 284 -64.36 2.78 -120.88
N GLU G 285 -65.52 2.54 -120.29
CA GLU G 285 -66.81 2.83 -120.92
C GLU G 285 -67.26 4.28 -120.74
N THR G 286 -66.69 5.02 -119.79
CA THR G 286 -67.13 6.38 -119.54
C THR G 286 -66.94 7.29 -120.76
N ASP G 287 -67.88 8.22 -120.93
CA ASP G 287 -67.89 9.14 -122.07
C ASP G 287 -67.85 10.61 -121.66
N SER G 288 -68.69 11.02 -120.72
CA SER G 288 -68.76 12.42 -120.32
C SER G 288 -69.30 12.50 -118.89
N TRP G 289 -69.28 13.71 -118.33
CA TRP G 289 -69.79 13.89 -116.97
C TRP G 289 -71.29 13.59 -116.89
N GLU G 290 -72.03 13.83 -117.97
CA GLU G 290 -73.46 13.62 -117.94
C GLU G 290 -73.80 12.15 -117.69
N SER G 291 -73.10 11.24 -118.36
CA SER G 291 -73.34 9.80 -118.26
C SER G 291 -72.31 9.09 -117.40
N PHE G 292 -71.45 9.84 -116.71
CA PHE G 292 -70.42 9.22 -115.87
C PHE G 292 -71.06 8.47 -114.71
N PHE G 293 -72.12 9.03 -114.13
CA PHE G 293 -72.80 8.36 -113.03
C PHE G 293 -73.44 7.05 -113.47
N VAL G 294 -73.74 6.89 -114.76
CA VAL G 294 -74.25 5.60 -115.22
C VAL G 294 -73.19 4.51 -115.07
N SER G 295 -71.97 4.79 -115.54
CA SER G 295 -70.88 3.83 -115.37
C SER G 295 -70.52 3.65 -113.91
N VAL G 296 -70.61 4.71 -113.11
CA VAL G 296 -70.38 4.58 -111.68
C VAL G 296 -71.41 3.63 -111.07
N ARG G 297 -72.66 3.75 -111.49
CA ARG G 297 -73.71 2.86 -111.01
C ARG G 297 -73.42 1.43 -111.40
N LYS G 298 -73.00 1.21 -112.66
CA LYS G 298 -72.68 -0.14 -113.11
C LYS G 298 -71.57 -0.74 -112.25
N ALA G 299 -70.48 0.01 -112.08
CA ALA G 299 -69.33 -0.50 -111.31
C ALA G 299 -69.73 -0.77 -109.87
N ILE G 300 -70.45 0.16 -109.26
CA ILE G 300 -70.76 0.03 -107.84
C ILE G 300 -71.76 -1.09 -107.61
N THR G 301 -72.70 -1.28 -108.54
CA THR G 301 -73.62 -2.40 -108.43
C THR G 301 -72.89 -3.73 -108.55
N VAL G 302 -71.94 -3.82 -109.50
CA VAL G 302 -71.18 -5.04 -109.66
C VAL G 302 -70.38 -5.33 -108.39
N LEU G 303 -69.73 -4.31 -107.83
CA LEU G 303 -68.91 -4.51 -106.65
C LEU G 303 -69.76 -4.87 -105.44
N PHE G 304 -70.90 -4.20 -105.28
CA PHE G 304 -71.81 -4.49 -104.18
C PHE G 304 -72.30 -5.93 -104.27
N PHE G 305 -72.70 -6.37 -105.47
CA PHE G 305 -73.27 -7.70 -105.59
C PHE G 305 -72.21 -8.78 -105.43
N ILE G 306 -71.00 -8.56 -105.96
CA ILE G 306 -69.96 -9.55 -105.74
C ILE G 306 -69.61 -9.63 -104.27
N GLY G 307 -69.55 -8.49 -103.58
CA GLY G 307 -69.28 -8.51 -102.16
C GLY G 307 -70.33 -9.29 -101.39
N VAL G 308 -71.61 -8.99 -101.65
CA VAL G 308 -72.70 -9.62 -100.91
C VAL G 308 -72.72 -11.12 -101.19
N ARG G 309 -72.68 -11.50 -102.46
CA ARG G 309 -72.79 -12.91 -102.81
C ARG G 309 -71.58 -13.70 -102.33
N CYS G 310 -70.37 -13.13 -102.43
CA CYS G 310 -69.19 -13.84 -101.96
C CYS G 310 -69.19 -13.97 -100.45
N TYR G 311 -69.64 -12.94 -99.74
CA TYR G 311 -69.75 -13.05 -98.29
C TYR G 311 -70.76 -14.13 -97.90
N GLU G 312 -71.88 -14.19 -98.62
CA GLU G 312 -72.85 -15.24 -98.34
C GLU G 312 -72.27 -16.62 -98.63
N ALA G 313 -71.52 -16.75 -99.73
CA ALA G 313 -70.95 -18.04 -100.08
C ALA G 313 -69.92 -18.50 -99.05
N TYR G 314 -69.05 -17.60 -98.61
CA TYR G 314 -68.02 -17.92 -97.62
C TYR G 314 -67.91 -16.76 -96.63
N PRO G 315 -68.81 -16.70 -95.65
CA PRO G 315 -68.70 -15.65 -94.63
C PRO G 315 -67.50 -15.86 -93.73
N ASN G 316 -67.33 -14.93 -92.78
CA ASN G 316 -66.20 -14.92 -91.87
C ASN G 316 -66.67 -15.50 -90.55
N THR G 317 -65.95 -16.50 -90.05
CA THR G 317 -66.22 -17.14 -88.77
C THR G 317 -65.07 -16.88 -87.82
N SER G 318 -65.38 -16.92 -86.52
CA SER G 318 -64.36 -16.71 -85.51
C SER G 318 -63.36 -17.85 -85.52
N LEU G 319 -62.09 -17.52 -85.66
CA LEU G 319 -61.05 -18.54 -85.65
C LEU G 319 -60.73 -18.94 -84.22
N PRO G 320 -60.19 -20.15 -84.00
CA PRO G 320 -59.79 -20.53 -82.65
C PRO G 320 -58.81 -19.54 -82.04
N PRO G 321 -59.08 -19.03 -80.84
CA PRO G 321 -58.11 -18.12 -80.22
C PRO G 321 -56.78 -18.76 -79.95
N SER G 322 -56.70 -20.10 -79.87
CA SER G 322 -55.40 -20.74 -79.80
C SER G 322 -54.59 -20.47 -81.06
N ILE G 323 -55.24 -20.57 -82.22
CA ILE G 323 -54.58 -20.26 -83.48
C ILE G 323 -54.21 -18.79 -83.53
N LEU G 324 -55.12 -17.92 -83.09
CA LEU G 324 -54.83 -16.49 -83.10
C LEU G 324 -53.61 -16.17 -82.23
N GLU G 325 -53.55 -16.77 -81.05
CA GLU G 325 -52.45 -16.53 -80.12
C GLU G 325 -51.15 -17.07 -80.69
N ASP G 326 -51.18 -18.26 -81.30
CA ASP G 326 -49.97 -18.80 -81.91
C ASP G 326 -49.46 -17.90 -83.02
N SER G 327 -50.36 -17.45 -83.89
CA SER G 327 -49.97 -16.55 -84.97
C SER G 327 -49.39 -15.26 -84.42
N LEU G 328 -50.04 -14.67 -83.41
CA LEU G 328 -49.54 -13.41 -82.86
C LEU G 328 -48.18 -13.58 -82.20
N GLU G 329 -47.99 -14.66 -81.42
CA GLU G 329 -46.72 -14.85 -80.74
C GLU G 329 -45.60 -15.21 -81.69
N ASN G 330 -45.92 -15.72 -82.89
CA ASN G 330 -44.92 -16.00 -83.90
C ASN G 330 -44.66 -14.79 -84.80
N ASN G 331 -44.85 -13.58 -84.28
CA ASN G 331 -44.57 -12.34 -85.01
C ASN G 331 -45.35 -12.30 -86.32
N GLU G 332 -46.59 -12.78 -86.26
CA GLU G 332 -47.45 -12.90 -87.41
C GLU G 332 -48.74 -12.14 -87.09
N GLY G 333 -49.37 -11.59 -88.11
CA GLY G 333 -50.61 -10.87 -87.92
C GLY G 333 -51.79 -11.80 -87.73
N VAL G 334 -52.98 -11.20 -87.78
CA VAL G 334 -54.20 -12.00 -87.64
C VAL G 334 -54.34 -12.88 -88.89
N PRO G 335 -54.71 -14.16 -88.75
CA PRO G 335 -55.00 -14.95 -89.95
C PRO G 335 -56.18 -14.37 -90.72
N SER G 336 -56.12 -14.52 -92.04
CA SER G 336 -57.16 -14.04 -92.94
C SER G 336 -57.26 -15.02 -94.09
N PRO G 337 -58.33 -14.93 -94.90
CA PRO G 337 -58.48 -15.89 -96.00
C PRO G 337 -57.46 -15.73 -97.12
N MET G 338 -56.62 -14.69 -97.08
CA MET G 338 -55.60 -14.47 -98.09
C MET G 338 -54.25 -14.29 -97.40
N LEU G 339 -53.26 -15.06 -97.84
CA LEU G 339 -51.91 -15.05 -97.27
C LEU G 339 -50.92 -14.73 -98.37
N SER G 340 -50.24 -13.59 -98.26
CA SER G 340 -49.23 -13.18 -99.22
C SER G 340 -47.87 -13.72 -98.79
N ILE G 341 -47.16 -14.34 -99.74
CA ILE G 341 -45.83 -14.90 -99.51
C ILE G 341 -44.87 -14.21 -100.48
N SER G 342 -43.77 -13.69 -99.94
CA SER G 342 -42.79 -12.96 -100.71
C SER G 342 -41.43 -13.59 -100.55
N ASN G 343 -40.66 -13.56 -101.65
CA ASN G 343 -39.32 -14.14 -101.76
C ASN G 343 -39.37 -15.65 -101.90
N LEU G 344 -40.44 -16.17 -102.52
CA LEU G 344 -40.54 -17.59 -102.83
C LEU G 344 -41.04 -17.76 -104.25
N THR G 345 -40.44 -18.70 -104.97
CA THR G 345 -40.83 -18.96 -106.35
C THR G 345 -42.21 -19.60 -106.39
N GLN G 346 -42.87 -19.46 -107.55
CA GLN G 346 -44.20 -20.03 -107.72
C GLN G 346 -44.16 -21.55 -107.57
N GLU G 347 -43.11 -22.20 -108.07
CA GLU G 347 -43.01 -23.65 -107.92
C GLU G 347 -42.93 -24.04 -106.45
N GLN G 348 -42.17 -23.28 -105.65
CA GLN G 348 -42.03 -23.59 -104.24
C GLN G 348 -43.34 -23.37 -103.50
N VAL G 349 -43.99 -22.24 -103.75
CA VAL G 349 -45.29 -21.98 -103.12
C VAL G 349 -46.30 -23.04 -103.53
N GLN G 350 -46.24 -23.48 -104.79
CA GLN G 350 -47.18 -24.47 -105.27
C GLN G 350 -46.94 -25.82 -104.61
N ASP G 351 -45.68 -26.20 -104.41
CA ASP G 351 -45.44 -27.48 -103.74
C ASP G 351 -45.90 -27.42 -102.28
N TYR G 352 -45.67 -26.29 -101.60
CA TYR G 352 -46.19 -26.16 -100.24
C TYR G 352 -47.71 -26.25 -100.22
N VAL G 353 -48.37 -25.57 -101.16
CA VAL G 353 -49.82 -25.61 -101.23
C VAL G 353 -50.30 -27.03 -101.49
N ASN G 354 -49.60 -27.78 -102.35
CA ASN G 354 -50.02 -29.14 -102.64
C ASN G 354 -49.84 -30.04 -101.44
N LYS G 355 -48.75 -29.87 -100.69
CA LYS G 355 -48.57 -30.70 -99.50
C LYS G 355 -49.65 -30.41 -98.46
N THR G 356 -50.01 -29.14 -98.29
CA THR G 356 -51.12 -28.82 -97.38
C THR G 356 -52.44 -29.38 -97.90
N ASN G 357 -52.68 -29.29 -99.20
CA ASN G 357 -53.94 -29.76 -99.78
C ASN G 357 -54.05 -31.28 -99.73
N SER G 358 -52.92 -31.99 -99.71
CA SER G 358 -52.97 -33.45 -99.66
C SER G 358 -53.66 -33.92 -98.38
N HIS G 359 -53.42 -33.22 -97.27
CA HIS G 359 -54.08 -33.53 -96.02
C HIS G 359 -55.45 -32.87 -95.89
N LEU G 360 -55.60 -31.64 -96.37
CA LEU G 360 -56.88 -30.97 -96.21
C LEU G 360 -57.94 -31.62 -97.11
N PRO G 361 -59.21 -31.49 -96.76
CA PRO G 361 -60.27 -32.01 -97.64
C PRO G 361 -60.56 -31.04 -98.79
N ALA G 362 -61.46 -31.48 -99.67
CA ALA G 362 -61.72 -30.76 -100.91
C ALA G 362 -62.31 -29.37 -100.65
N GLY G 363 -63.25 -29.28 -99.70
CA GLY G 363 -63.89 -28.01 -99.43
C GLY G 363 -63.05 -27.03 -98.61
N LYS G 364 -61.91 -27.47 -98.10
CA LYS G 364 -61.00 -26.62 -97.34
C LYS G 364 -59.65 -26.45 -98.03
N GLN G 365 -59.60 -26.71 -99.33
CA GLN G 365 -58.34 -26.59 -100.06
C GLN G 365 -57.90 -25.12 -100.12
N VAL G 366 -56.60 -24.94 -100.32
CA VAL G 366 -56.02 -23.62 -100.54
C VAL G 366 -55.33 -23.64 -101.91
N GLU G 367 -55.46 -22.54 -102.65
CA GLU G 367 -54.85 -22.43 -103.96
C GLU G 367 -54.30 -21.02 -104.14
N ILE G 368 -53.33 -20.90 -105.05
CA ILE G 368 -52.74 -19.60 -105.32
C ILE G 368 -53.79 -18.71 -105.97
N SER G 369 -53.96 -17.50 -105.43
CA SER G 369 -54.97 -16.55 -105.88
C SER G 369 -54.40 -15.44 -106.74
N LEU G 370 -53.34 -14.79 -106.28
CA LEU G 370 -52.73 -13.66 -106.97
C LEU G 370 -51.26 -13.97 -107.18
N VAL G 371 -50.87 -14.14 -108.45
CA VAL G 371 -49.45 -14.25 -108.81
C VAL G 371 -48.98 -12.82 -109.05
N ASN G 372 -48.64 -12.14 -107.95
CA ASN G 372 -48.26 -10.74 -108.04
C ASN G 372 -46.94 -10.57 -108.78
N GLY G 373 -46.02 -11.50 -108.59
CA GLY G 373 -44.74 -11.43 -109.27
C GLY G 373 -44.06 -12.77 -109.25
N ALA G 374 -42.80 -12.78 -109.71
CA ALA G 374 -42.03 -14.00 -109.70
C ALA G 374 -41.81 -14.50 -108.28
N LYS G 375 -41.49 -13.58 -107.36
CA LYS G 375 -41.21 -13.90 -105.96
C LYS G 375 -42.29 -13.37 -105.03
N ASN G 376 -43.48 -13.08 -105.55
CA ASN G 376 -44.57 -12.51 -104.78
C ASN G 376 -45.86 -13.20 -105.19
N LEU G 377 -46.46 -13.94 -104.26
CA LEU G 377 -47.68 -14.70 -104.53
C LEU G 377 -48.67 -14.49 -103.39
N VAL G 378 -49.91 -14.86 -103.64
CA VAL G 378 -50.95 -14.83 -102.62
C VAL G 378 -51.76 -16.11 -102.73
N VAL G 379 -51.98 -16.77 -101.60
CA VAL G 379 -52.75 -18.01 -101.52
C VAL G 379 -54.04 -17.72 -100.79
N SER G 380 -55.15 -18.09 -101.39
CA SER G 380 -56.48 -17.85 -100.83
C SER G 380 -57.14 -19.16 -100.45
N GLY G 381 -57.93 -19.11 -99.39
CA GLY G 381 -58.62 -20.27 -98.90
C GLY G 381 -59.12 -20.03 -97.49
N PRO G 382 -59.51 -21.09 -96.79
CA PRO G 382 -59.96 -20.92 -95.40
C PRO G 382 -58.86 -20.33 -94.54
N PRO G 383 -59.17 -19.39 -93.63
CA PRO G 383 -58.10 -18.87 -92.77
C PRO G 383 -57.41 -19.95 -91.97
N GLN G 384 -58.16 -20.96 -91.52
CA GLN G 384 -57.57 -22.09 -90.82
C GLN G 384 -56.59 -22.85 -91.70
N SER G 385 -56.99 -23.10 -92.95
CA SER G 385 -56.11 -23.81 -93.88
C SER G 385 -54.85 -23.01 -94.16
N LEU G 386 -55.00 -21.69 -94.34
CA LEU G 386 -53.83 -20.85 -94.57
C LEU G 386 -52.95 -20.80 -93.33
N TYR G 387 -53.54 -20.88 -92.13
CA TYR G 387 -52.71 -20.95 -90.93
C TYR G 387 -51.93 -22.25 -90.89
N GLY G 388 -52.53 -23.36 -91.33
CA GLY G 388 -51.77 -24.60 -91.42
C GLY G 388 -50.63 -24.50 -92.43
N LEU G 389 -50.91 -23.92 -93.59
CA LEU G 389 -49.85 -23.65 -94.57
C LEU G 389 -48.77 -22.78 -93.95
N ASN G 390 -49.17 -21.80 -93.14
CA ASN G 390 -48.20 -20.91 -92.50
C ASN G 390 -47.36 -21.66 -91.48
N LEU G 391 -47.95 -22.63 -90.79
CA LEU G 391 -47.17 -23.47 -89.88
C LEU G 391 -46.12 -24.25 -90.65
N THR G 392 -46.50 -24.83 -91.78
CA THR G 392 -45.54 -25.54 -92.61
C THR G 392 -44.44 -24.60 -93.10
N LEU G 393 -44.82 -23.41 -93.54
CA LEU G 393 -43.84 -22.43 -94.02
C LEU G 393 -42.88 -22.01 -92.91
N ARG G 394 -43.42 -21.83 -91.69
CA ARG G 394 -42.56 -21.51 -90.55
C ARG G 394 -41.59 -22.63 -90.27
N LYS G 395 -42.05 -23.89 -90.38
CA LYS G 395 -41.13 -25.01 -90.22
C LYS G 395 -40.03 -24.97 -91.27
N ALA G 396 -40.35 -24.49 -92.48
CA ALA G 396 -39.40 -24.45 -93.57
C ALA G 396 -38.68 -23.11 -93.71
N LYS G 397 -38.87 -22.18 -92.77
CA LYS G 397 -38.38 -20.81 -92.89
C LYS G 397 -37.24 -20.58 -91.90
N ALA G 398 -36.23 -19.83 -92.35
CA ALA G 398 -35.11 -19.46 -91.49
C ALA G 398 -35.43 -18.18 -90.71
N PRO G 399 -34.78 -17.96 -89.58
CA PRO G 399 -34.91 -16.66 -88.91
C PRO G 399 -34.41 -15.54 -89.80
N SER G 400 -35.07 -14.37 -89.69
CA SER G 400 -34.64 -13.22 -90.46
C SER G 400 -33.22 -12.79 -90.09
N GLY G 401 -32.90 -12.82 -88.79
CA GLY G 401 -31.59 -12.43 -88.31
C GLY G 401 -30.60 -13.57 -88.23
N LEU G 402 -30.61 -14.47 -89.22
CA LEU G 402 -29.66 -15.57 -89.31
C LEU G 402 -28.57 -15.14 -90.29
N ASP G 403 -27.39 -14.83 -89.76
CA ASP G 403 -26.26 -14.40 -90.58
C ASP G 403 -25.71 -15.62 -91.31
N GLN G 404 -26.00 -15.71 -92.62
CA GLN G 404 -25.55 -16.81 -93.45
C GLN G 404 -24.39 -16.42 -94.37
N SER G 405 -23.72 -15.31 -94.06
CA SER G 405 -22.64 -14.84 -94.93
C SER G 405 -21.47 -15.81 -94.99
N ARG G 406 -21.33 -16.67 -93.97
CA ARG G 406 -20.24 -17.64 -93.92
C ARG G 406 -20.64 -18.99 -94.51
N ILE G 407 -21.88 -19.16 -94.96
CA ILE G 407 -22.36 -20.43 -95.49
C ILE G 407 -22.34 -20.33 -97.02
N PRO G 408 -22.03 -21.40 -97.75
CA PRO G 408 -22.11 -21.33 -99.21
C PRO G 408 -23.51 -21.03 -99.69
N PHE G 409 -23.60 -20.30 -100.81
CA PHE G 409 -24.89 -19.83 -101.30
C PHE G 409 -25.84 -20.99 -101.58
N SER G 410 -25.34 -22.07 -102.17
CA SER G 410 -26.19 -23.22 -102.44
C SER G 410 -26.72 -23.84 -101.16
N GLU G 411 -25.88 -23.93 -100.13
CA GLU G 411 -26.26 -24.56 -98.87
C GLU G 411 -27.12 -23.68 -97.99
N ARG G 412 -27.35 -22.42 -98.37
CA ARG G 412 -28.10 -21.51 -97.53
C ARG G 412 -29.57 -21.89 -97.49
N LYS G 413 -30.12 -21.95 -96.28
CA LYS G 413 -31.53 -22.20 -96.09
C LYS G 413 -32.31 -21.00 -96.60
N LEU G 414 -33.29 -21.25 -97.47
CA LEU G 414 -34.06 -20.16 -98.06
C LEU G 414 -34.84 -19.41 -96.98
N LYS G 415 -34.95 -18.10 -97.17
CA LYS G 415 -35.69 -17.23 -96.26
C LYS G 415 -36.73 -16.46 -97.06
N PHE G 416 -37.90 -16.28 -96.46
CA PHE G 416 -39.00 -15.57 -97.12
C PHE G 416 -39.86 -14.93 -96.05
N SER G 417 -40.80 -14.10 -96.51
CA SER G 417 -41.69 -13.37 -95.60
C SER G 417 -43.13 -13.65 -95.99
N ASN G 418 -43.90 -14.20 -95.05
CA ASN G 418 -45.31 -14.49 -95.27
C ASN G 418 -46.15 -13.69 -94.28
N ARG G 419 -47.14 -12.98 -94.80
CA ARG G 419 -48.02 -12.17 -93.98
C ARG G 419 -49.44 -12.27 -94.55
N PHE G 420 -50.42 -12.24 -93.66
CA PHE G 420 -51.81 -12.32 -94.05
C PHE G 420 -52.28 -10.95 -94.52
N LEU G 421 -52.99 -10.93 -95.64
CA LEU G 421 -53.48 -9.67 -96.18
C LEU G 421 -54.66 -9.16 -95.36
N PRO G 422 -54.93 -7.85 -95.38
CA PRO G 422 -56.21 -7.38 -94.84
C PRO G 422 -57.34 -7.64 -95.81
N VAL G 423 -57.90 -8.85 -95.76
CA VAL G 423 -59.04 -9.23 -96.56
C VAL G 423 -59.96 -10.06 -95.68
N ALA G 424 -61.25 -10.06 -96.01
CA ALA G 424 -62.25 -10.76 -95.23
C ALA G 424 -62.84 -11.98 -95.93
N SER G 425 -62.60 -12.14 -97.22
CA SER G 425 -63.05 -13.32 -97.96
C SER G 425 -61.92 -13.88 -98.81
N PRO G 426 -61.95 -15.19 -99.10
CA PRO G 426 -60.90 -15.81 -99.94
C PRO G 426 -61.15 -15.67 -101.43
N PHE G 427 -60.75 -14.53 -101.99
CA PHE G 427 -60.98 -14.29 -103.40
C PHE G 427 -60.14 -15.21 -104.28
N HIS G 428 -60.62 -15.45 -105.50
CA HIS G 428 -59.96 -16.32 -106.46
C HIS G 428 -59.78 -17.72 -105.88
N SER G 429 -60.83 -18.20 -105.20
CA SER G 429 -60.82 -19.50 -104.56
C SER G 429 -62.04 -20.29 -104.99
N HIS G 430 -61.94 -21.61 -104.84
CA HIS G 430 -63.10 -22.48 -105.04
C HIS G 430 -64.23 -22.11 -104.08
N LEU G 431 -63.91 -21.50 -102.94
CA LEU G 431 -64.91 -21.23 -101.91
C LEU G 431 -65.98 -20.25 -102.40
N LEU G 432 -65.59 -19.24 -103.18
CA LEU G 432 -66.53 -18.26 -103.69
C LEU G 432 -67.12 -18.64 -105.05
N VAL G 433 -66.77 -19.83 -105.57
CA VAL G 433 -67.32 -20.26 -106.85
C VAL G 433 -68.84 -20.31 -106.85
N PRO G 434 -69.53 -20.87 -105.84
CA PRO G 434 -71.00 -20.93 -105.95
C PRO G 434 -71.67 -19.58 -106.00
N ALA G 435 -70.98 -18.52 -105.60
CA ALA G 435 -71.56 -17.18 -105.68
C ALA G 435 -71.71 -16.71 -107.12
N SER G 436 -70.84 -17.16 -108.03
CA SER G 436 -70.68 -16.51 -109.33
C SER G 436 -71.97 -16.52 -110.14
N ASP G 437 -72.70 -17.64 -110.16
CA ASP G 437 -73.94 -17.71 -110.91
C ASP G 437 -74.98 -16.76 -110.32
N LEU G 438 -75.03 -16.68 -109.00
CA LEU G 438 -75.93 -15.74 -108.33
C LEU G 438 -75.57 -14.31 -108.69
N ILE G 439 -74.28 -14.01 -108.74
CA ILE G 439 -73.81 -12.68 -109.14
C ILE G 439 -74.30 -12.36 -110.55
N ASN G 440 -74.13 -13.31 -111.47
CA ASN G 440 -74.52 -13.08 -112.86
C ASN G 440 -76.02 -12.84 -112.96
N LYS G 441 -76.81 -13.66 -112.27
CA LYS G 441 -78.27 -13.48 -112.29
C LYS G 441 -78.65 -12.14 -111.69
N ASP G 442 -77.96 -11.73 -110.63
CA ASP G 442 -78.26 -10.45 -109.99
C ASP G 442 -77.94 -9.29 -110.93
N LEU G 443 -76.85 -9.39 -111.68
CA LEU G 443 -76.54 -8.35 -112.66
C LEU G 443 -77.60 -8.29 -113.75
N VAL G 444 -78.00 -9.46 -114.26
CA VAL G 444 -79.04 -9.48 -115.29
C VAL G 444 -80.35 -8.92 -114.76
N LYS G 445 -80.62 -9.07 -113.46
CA LYS G 445 -81.81 -8.47 -112.88
C LYS G 445 -81.66 -6.96 -112.73
N ASN G 446 -80.69 -6.53 -111.91
CA ASN G 446 -80.32 -5.12 -111.82
C ASN G 446 -79.27 -4.87 -112.90
N ASN G 447 -79.76 -4.84 -114.14
CA ASN G 447 -78.97 -4.89 -115.36
C ASN G 447 -77.69 -4.06 -115.33
N VAL G 448 -76.55 -4.76 -115.40
CA VAL G 448 -75.25 -4.14 -115.58
C VAL G 448 -74.47 -4.98 -116.57
N SER G 449 -74.40 -4.52 -117.82
CA SER G 449 -73.71 -5.22 -118.89
C SER G 449 -72.64 -4.32 -119.46
N PHE G 450 -71.48 -4.90 -119.76
CA PHE G 450 -70.39 -4.19 -120.44
C PHE G 450 -70.28 -4.75 -121.85
N ASN G 451 -70.45 -3.89 -122.84
CA ASN G 451 -70.43 -4.27 -124.25
C ASN G 451 -69.14 -3.80 -124.89
N ALA G 452 -68.50 -4.72 -125.62
CA ALA G 452 -67.20 -4.42 -126.23
C ALA G 452 -67.28 -3.19 -127.14
N LYS G 453 -68.43 -3.00 -127.80
CA LYS G 453 -68.59 -1.80 -128.63
C LYS G 453 -68.60 -0.55 -127.76
N ASP G 454 -69.19 -0.63 -126.57
CA ASP G 454 -69.22 0.53 -125.67
C ASP G 454 -67.84 0.80 -125.09
N ILE G 455 -67.06 -0.25 -124.84
CA ILE G 455 -65.68 -0.07 -124.40
C ILE G 455 -64.83 0.35 -125.60
N GLN G 456 -64.06 1.42 -125.42
CA GLN G 456 -63.24 1.98 -126.50
C GLN G 456 -61.77 2.06 -126.14
N ILE G 457 -61.32 1.39 -125.08
CA ILE G 457 -59.90 1.16 -124.85
C ILE G 457 -59.69 -0.28 -124.42
N PRO G 458 -58.52 -0.85 -124.71
CA PRO G 458 -58.28 -2.22 -124.30
C PRO G 458 -58.31 -2.35 -122.79
N VAL G 459 -58.94 -3.41 -122.30
CA VAL G 459 -58.96 -3.75 -120.89
C VAL G 459 -58.31 -5.13 -120.74
N TYR G 460 -57.22 -5.18 -119.99
CA TYR G 460 -56.40 -6.39 -119.93
C TYR G 460 -56.95 -7.32 -118.86
N ASP G 461 -57.20 -8.56 -119.26
CA ASP G 461 -57.76 -9.55 -118.36
C ASP G 461 -56.79 -9.86 -117.22
N THR G 462 -57.36 -10.26 -116.08
CA THR G 462 -56.52 -10.57 -114.93
C THR G 462 -55.89 -11.95 -115.05
N PHE G 463 -56.57 -12.88 -115.73
CA PHE G 463 -56.07 -14.25 -115.82
C PHE G 463 -55.04 -14.40 -116.93
N ASP G 464 -55.44 -14.15 -118.17
CA ASP G 464 -54.58 -14.36 -119.34
C ASP G 464 -54.09 -13.08 -119.99
N GLY G 465 -54.53 -11.91 -119.53
CA GLY G 465 -54.09 -10.65 -120.10
C GLY G 465 -54.75 -10.28 -121.40
N SER G 466 -55.58 -11.15 -121.97
CA SER G 466 -56.25 -10.85 -123.23
C SER G 466 -57.18 -9.66 -123.06
N ASP G 467 -57.39 -8.92 -124.15
CA ASP G 467 -58.32 -7.81 -124.11
C ASP G 467 -59.74 -8.33 -123.93
N LEU G 468 -60.50 -7.63 -123.09
CA LEU G 468 -61.89 -8.04 -122.85
C LEU G 468 -62.80 -7.69 -124.02
N ARG G 469 -62.39 -6.78 -124.90
CA ARG G 469 -63.23 -6.44 -126.05
C ARG G 469 -63.41 -7.62 -126.99
N VAL G 470 -62.32 -8.37 -127.25
CA VAL G 470 -62.39 -9.49 -128.18
C VAL G 470 -62.92 -10.77 -127.53
N LEU G 471 -63.41 -10.69 -126.30
CA LEU G 471 -63.96 -11.87 -125.64
C LEU G 471 -65.38 -12.12 -126.14
N SER G 472 -65.61 -13.33 -126.67
CA SER G 472 -66.92 -13.65 -127.24
C SER G 472 -68.01 -13.68 -126.17
N GLY G 473 -67.70 -14.23 -125.00
CA GLY G 473 -68.69 -14.34 -123.94
C GLY G 473 -68.99 -13.02 -123.28
N SER G 474 -69.75 -13.10 -122.18
CA SER G 474 -70.14 -11.89 -121.47
C SER G 474 -68.96 -11.33 -120.68
N ILE G 475 -68.68 -10.05 -120.90
CA ILE G 475 -67.58 -9.39 -120.22
C ILE G 475 -67.84 -9.33 -118.72
N SER G 476 -69.09 -9.07 -118.32
CA SER G 476 -69.42 -9.06 -116.91
C SER G 476 -69.19 -10.43 -116.28
N GLU G 477 -69.60 -11.49 -116.98
CA GLU G 477 -69.39 -12.85 -116.46
C GLU G 477 -67.90 -13.13 -116.30
N ARG G 478 -67.10 -12.74 -117.28
CA ARG G 478 -65.66 -12.98 -117.18
C ARG G 478 -65.07 -12.16 -116.04
N ILE G 479 -65.54 -10.93 -115.85
CA ILE G 479 -65.03 -10.10 -114.75
C ILE G 479 -65.32 -10.77 -113.42
N VAL G 480 -66.56 -11.25 -113.24
CA VAL G 480 -66.94 -11.91 -112.00
C VAL G 480 -66.08 -13.15 -111.79
N ASP G 481 -65.88 -13.94 -112.85
CA ASP G 481 -65.04 -15.12 -112.74
C ASP G 481 -63.62 -14.74 -112.35
N CYS G 482 -63.11 -13.63 -112.89
CA CYS G 482 -61.75 -13.21 -112.56
C CYS G 482 -61.63 -12.87 -111.08
N ILE G 483 -62.62 -12.15 -110.53
CA ILE G 483 -62.51 -11.76 -109.13
C ILE G 483 -62.72 -12.96 -108.21
N ILE G 484 -63.69 -13.83 -108.50
CA ILE G 484 -64.09 -14.84 -107.55
C ILE G 484 -63.43 -16.20 -107.77
N ARG G 485 -63.30 -16.65 -109.02
CA ARG G 485 -62.84 -18.00 -109.33
C ARG G 485 -61.41 -18.04 -109.83
N LEU G 486 -61.09 -17.31 -110.90
CA LEU G 486 -59.79 -17.44 -111.52
C LEU G 486 -58.73 -16.66 -110.76
N PRO G 487 -57.47 -17.06 -110.84
CA PRO G 487 -56.40 -16.29 -110.19
C PRO G 487 -56.00 -15.08 -111.01
N VAL G 488 -55.23 -14.20 -110.38
CA VAL G 488 -54.71 -12.99 -111.02
C VAL G 488 -53.25 -13.25 -111.34
N LYS G 489 -52.93 -13.32 -112.63
CA LYS G 489 -51.54 -13.43 -113.09
C LYS G 489 -51.08 -12.03 -113.52
N TRP G 490 -50.67 -11.25 -112.52
CA TRP G 490 -50.42 -9.83 -112.74
C TRP G 490 -49.29 -9.61 -113.74
N GLU G 491 -48.24 -10.44 -113.68
CA GLU G 491 -47.18 -10.35 -114.67
C GLU G 491 -47.73 -10.59 -116.06
N THR G 492 -48.63 -11.57 -116.20
CA THR G 492 -49.20 -11.86 -117.51
C THR G 492 -50.09 -10.72 -118.00
N THR G 493 -50.74 -10.01 -117.09
CA THR G 493 -51.45 -8.80 -117.50
C THR G 493 -50.49 -7.66 -117.83
N THR G 494 -49.30 -7.69 -117.27
CA THR G 494 -48.34 -6.60 -117.34
C THR G 494 -47.52 -6.60 -118.63
N GLN G 495 -47.90 -7.39 -119.64
CA GLN G 495 -47.14 -7.41 -120.88
C GLN G 495 -47.38 -6.18 -121.74
N PHE G 496 -48.32 -5.32 -121.38
CA PHE G 496 -48.60 -4.15 -122.21
C PHE G 496 -47.39 -3.22 -122.23
N LYS G 497 -47.16 -2.60 -123.38
CA LYS G 497 -46.08 -1.63 -123.55
C LYS G 497 -46.61 -0.25 -123.21
N ALA G 498 -46.12 0.32 -122.11
CA ALA G 498 -46.52 1.65 -121.70
C ALA G 498 -45.37 2.29 -120.94
N THR G 499 -45.23 3.60 -121.10
CA THR G 499 -44.20 4.36 -120.41
C THR G 499 -44.65 4.88 -119.06
N HIS G 500 -45.95 5.01 -118.84
CA HIS G 500 -46.49 5.57 -117.60
C HIS G 500 -47.71 4.78 -117.17
N ILE G 501 -47.76 4.45 -115.88
CA ILE G 501 -48.87 3.73 -115.27
C ILE G 501 -49.42 4.58 -114.14
N LEU G 502 -50.74 4.72 -114.09
CA LEU G 502 -51.43 5.49 -113.06
C LEU G 502 -52.18 4.51 -112.15
N ASP G 503 -51.80 4.46 -110.89
CA ASP G 503 -52.42 3.56 -109.92
C ASP G 503 -53.48 4.33 -109.14
N PHE G 504 -54.75 3.99 -109.37
CA PHE G 504 -55.86 4.61 -108.67
C PHE G 504 -56.36 3.78 -107.50
N GLY G 505 -55.66 2.71 -107.14
CA GLY G 505 -56.15 1.80 -106.13
C GLY G 505 -55.97 2.35 -104.74
N PRO G 506 -56.47 1.60 -103.75
CA PRO G 506 -56.20 1.96 -102.36
C PRO G 506 -54.78 1.60 -101.96
N GLY G 507 -54.40 2.05 -100.77
CA GLY G 507 -53.13 1.72 -100.17
C GLY G 507 -52.07 2.78 -100.35
N GLY G 508 -52.15 3.58 -101.40
CA GLY G 508 -51.14 4.60 -101.63
C GLY G 508 -49.79 3.97 -101.90
N ALA G 509 -48.84 4.20 -101.00
CA ALA G 509 -47.50 3.62 -101.15
C ALA G 509 -47.53 2.11 -101.00
N SER G 510 -48.51 1.57 -100.26
CA SER G 510 -48.65 0.14 -100.07
C SER G 510 -49.56 -0.51 -101.12
N GLY G 511 -50.04 0.26 -102.09
CA GLY G 511 -51.05 -0.22 -103.01
C GLY G 511 -50.48 -0.97 -104.19
N LEU G 512 -51.31 -1.08 -105.22
CA LEU G 512 -50.94 -1.80 -106.44
C LEU G 512 -49.84 -1.09 -107.22
N GLY G 513 -49.72 0.24 -107.08
CA GLY G 513 -48.77 0.98 -107.89
C GLY G 513 -47.34 0.59 -107.61
N VAL G 514 -46.98 0.52 -106.32
CA VAL G 514 -45.60 0.19 -105.98
C VAL G 514 -45.29 -1.26 -106.33
N LEU G 515 -46.27 -2.15 -106.19
CA LEU G 515 -46.07 -3.53 -106.62
C LEU G 515 -45.80 -3.59 -108.12
N THR G 516 -46.59 -2.88 -108.92
CA THR G 516 -46.37 -2.87 -110.36
C THR G 516 -45.02 -2.25 -110.69
N HIS G 517 -44.63 -1.21 -109.97
CA HIS G 517 -43.32 -0.60 -110.19
C HIS G 517 -42.21 -1.60 -109.90
N ARG G 518 -42.33 -2.35 -108.81
CA ARG G 518 -41.31 -3.34 -108.50
C ARG G 518 -41.25 -4.43 -109.56
N ASN G 519 -42.40 -4.84 -110.08
CA ASN G 519 -42.42 -5.83 -111.14
C ASN G 519 -41.75 -5.29 -112.41
N LYS G 520 -42.05 -4.04 -112.76
CA LYS G 520 -41.61 -3.45 -114.02
C LYS G 520 -40.33 -2.64 -113.91
N ASP G 521 -39.65 -2.69 -112.76
CA ASP G 521 -38.50 -1.82 -112.52
C ASP G 521 -37.38 -2.08 -113.52
N GLY G 522 -36.80 -1.01 -114.05
CA GLY G 522 -35.71 -1.10 -114.98
C GLY G 522 -36.12 -1.22 -116.44
N THR G 523 -37.41 -1.37 -116.72
CA THR G 523 -37.90 -1.44 -118.09
C THR G 523 -38.31 -0.09 -118.63
N GLY G 524 -38.12 0.99 -117.86
CA GLY G 524 -38.45 2.32 -118.34
C GLY G 524 -39.90 2.71 -118.16
N VAL G 525 -40.60 2.08 -117.20
CA VAL G 525 -41.99 2.37 -116.91
C VAL G 525 -42.05 3.09 -115.57
N ARG G 526 -42.64 4.29 -115.56
CA ARG G 526 -42.82 5.08 -114.36
C ARG G 526 -44.24 4.85 -113.85
N VAL G 527 -44.36 4.55 -112.55
CA VAL G 527 -45.65 4.37 -111.90
C VAL G 527 -45.92 5.60 -111.05
N ILE G 528 -47.14 6.11 -111.12
CA ILE G 528 -47.58 7.26 -110.36
C ILE G 528 -48.77 6.84 -109.52
N VAL G 529 -48.65 7.01 -108.20
CA VAL G 529 -49.74 6.68 -107.29
C VAL G 529 -50.73 7.84 -107.31
N ALA G 530 -51.75 7.74 -108.17
CA ALA G 530 -52.66 8.85 -108.41
C ALA G 530 -53.52 9.20 -107.20
N GLY G 531 -53.58 8.32 -106.20
CA GLY G 531 -54.45 8.50 -105.06
C GLY G 531 -53.82 9.05 -103.80
N THR G 532 -52.52 9.32 -103.81
CA THR G 532 -51.81 9.79 -102.62
C THR G 532 -50.91 10.96 -102.95
N LEU G 533 -50.89 11.94 -102.06
CA LEU G 533 -49.95 13.06 -102.12
C LEU G 533 -48.87 12.80 -101.07
N ASP G 534 -47.68 12.43 -101.54
CA ASP G 534 -46.55 12.16 -100.66
C ASP G 534 -45.28 12.28 -101.48
N ILE G 535 -44.15 12.29 -100.79
CA ILE G 535 -42.83 12.39 -101.41
C ILE G 535 -42.14 11.05 -101.31
N ASN G 536 -41.75 10.50 -102.45
CA ASN G 536 -40.96 9.29 -102.49
C ASN G 536 -39.49 9.69 -102.43
N PRO G 537 -38.74 9.37 -101.36
CA PRO G 537 -37.34 9.82 -101.32
C PRO G 537 -36.49 9.29 -102.45
N ASP G 538 -36.74 8.06 -102.89
CA ASP G 538 -35.99 7.50 -104.00
C ASP G 538 -36.40 8.10 -105.34
N ASP G 539 -37.63 8.62 -105.45
CA ASP G 539 -38.15 9.16 -106.70
C ASP G 539 -38.17 8.10 -107.80
N ASP G 540 -38.35 6.84 -107.43
CA ASP G 540 -38.50 5.76 -108.41
C ASP G 540 -39.95 5.51 -108.80
N TYR G 541 -40.91 6.15 -108.14
CA TYR G 541 -42.29 6.14 -108.59
C TYR G 541 -42.94 7.46 -108.21
N GLY G 542 -43.91 7.88 -109.01
CA GLY G 542 -44.53 9.18 -108.84
C GLY G 542 -45.62 9.18 -107.79
N PHE G 543 -46.23 10.34 -107.63
CA PHE G 543 -47.33 10.54 -106.69
C PHE G 543 -48.36 11.46 -107.34
N LYS G 544 -49.40 11.80 -106.59
CA LYS G 544 -50.54 12.52 -107.16
C LYS G 544 -50.11 13.86 -107.77
N GLN G 545 -49.07 14.48 -107.23
CA GLN G 545 -48.63 15.77 -107.76
C GLN G 545 -48.02 15.64 -109.15
N GLU G 546 -47.42 14.49 -109.46
CA GLU G 546 -46.75 14.33 -110.75
C GLU G 546 -47.76 14.32 -111.89
N ILE G 547 -49.01 13.95 -111.61
CA ILE G 547 -50.04 13.93 -112.64
C ILE G 547 -50.40 15.35 -113.05
N PHE G 548 -50.46 16.27 -112.08
CA PHE G 548 -50.93 17.62 -112.33
C PHE G 548 -49.81 18.62 -112.58
N ASP G 549 -48.56 18.26 -112.29
CA ASP G 549 -47.46 19.21 -112.51
C ASP G 549 -47.35 19.56 -113.99
N VAL G 550 -47.08 20.84 -114.26
CA VAL G 550 -47.06 21.37 -115.62
C VAL G 550 -45.63 21.58 -116.09
N THR G 551 -44.68 21.65 -115.16
CA THR G 551 -43.28 21.84 -115.51
C THR G 551 -42.68 20.53 -115.97
N SER G 552 -41.35 20.52 -116.19
CA SER G 552 -40.67 19.29 -116.58
C SER G 552 -40.68 18.25 -115.46
N ASN G 553 -40.98 18.66 -114.23
CA ASN G 553 -41.05 17.70 -113.13
C ASN G 553 -42.16 16.69 -113.35
N GLY G 554 -43.28 17.12 -113.92
CA GLY G 554 -44.39 16.21 -114.14
C GLY G 554 -44.04 15.09 -115.10
N LEU G 555 -43.23 15.39 -116.11
CA LEU G 555 -42.81 14.41 -117.11
C LEU G 555 -41.54 13.73 -116.62
N LYS G 556 -41.71 12.63 -115.88
CA LYS G 556 -40.61 11.83 -115.38
C LYS G 556 -40.63 10.48 -116.09
N LYS G 557 -39.53 10.15 -116.76
CA LYS G 557 -39.36 8.86 -117.42
C LYS G 557 -38.49 7.99 -116.53
N ASN G 558 -38.99 6.80 -116.20
CA ASN G 558 -38.21 5.87 -115.40
C ASN G 558 -37.01 5.40 -116.22
N PRO G 559 -35.85 5.16 -115.60
CA PRO G 559 -34.70 4.67 -116.38
C PRO G 559 -34.98 3.33 -117.03
N ASN G 560 -34.54 3.21 -118.27
CA ASN G 560 -34.55 1.95 -119.02
C ASN G 560 -33.10 1.50 -119.14
N TRP G 561 -32.77 0.40 -118.46
CA TRP G 561 -31.37 -0.01 -118.36
C TRP G 561 -30.80 -0.38 -119.72
N LEU G 562 -31.58 -1.08 -120.55
CA LEU G 562 -31.06 -1.50 -121.85
C LEU G 562 -30.70 -0.31 -122.72
N GLU G 563 -31.39 0.81 -122.56
CA GLU G 563 -31.16 1.99 -123.38
C GLU G 563 -30.18 2.95 -122.70
N GLU G 564 -30.45 3.32 -121.45
CA GLU G 564 -29.65 4.34 -120.79
C GLU G 564 -28.21 3.85 -120.60
N TYR G 565 -28.04 2.58 -120.25
CA TYR G 565 -26.73 1.95 -120.11
C TYR G 565 -26.40 1.07 -121.31
N HIS G 566 -26.88 1.45 -122.48
CA HIS G 566 -26.63 0.69 -123.69
C HIS G 566 -25.15 0.73 -124.04
N PRO G 567 -24.47 -0.41 -124.21
CA PRO G 567 -23.11 -0.35 -124.76
C PRO G 567 -23.13 0.09 -126.21
N LYS G 568 -22.09 0.82 -126.61
CA LYS G 568 -21.99 1.36 -127.95
C LYS G 568 -20.52 1.35 -128.37
N LEU G 569 -20.29 1.56 -129.66
CA LEU G 569 -18.96 1.64 -130.23
C LEU G 569 -18.66 3.09 -130.57
N ILE G 570 -17.42 3.51 -130.32
CA ILE G 570 -16.95 4.85 -130.65
C ILE G 570 -15.51 4.74 -131.11
N LYS G 571 -15.17 5.59 -132.08
CA LYS G 571 -13.83 5.63 -132.64
C LYS G 571 -13.26 7.02 -132.48
N ASN G 572 -11.98 7.10 -132.11
CA ASN G 572 -11.32 8.38 -131.93
C ASN G 572 -10.81 8.87 -133.28
N LYS G 573 -9.99 9.91 -133.28
CA LYS G 573 -9.46 10.46 -134.53
C LYS G 573 -8.63 9.43 -135.29
N SER G 574 -7.85 8.63 -134.56
CA SER G 574 -7.04 7.59 -135.18
C SER G 574 -7.88 6.42 -135.70
N GLY G 575 -9.16 6.36 -135.40
CA GLY G 575 -10.00 5.26 -135.81
C GLY G 575 -9.97 4.06 -134.89
N LYS G 576 -9.37 4.17 -133.71
CA LYS G 576 -9.36 3.07 -132.76
C LYS G 576 -10.76 2.90 -132.18
N ILE G 577 -11.35 1.73 -132.39
CA ILE G 577 -12.71 1.46 -131.96
C ILE G 577 -12.69 1.12 -130.48
N PHE G 578 -13.37 1.92 -129.67
CA PHE G 578 -13.57 1.64 -128.26
C PHE G 578 -14.98 1.13 -128.02
N VAL G 579 -15.11 0.24 -127.04
CA VAL G 579 -16.42 -0.18 -126.57
C VAL G 579 -16.94 0.92 -125.66
N GLU G 580 -17.75 1.82 -126.22
CA GLU G 580 -18.19 2.98 -125.45
C GLU G 580 -19.10 2.53 -124.32
N THR G 581 -18.71 2.89 -123.10
CA THR G 581 -19.41 2.47 -121.90
C THR G 581 -19.16 3.56 -120.87
N LYS G 582 -19.87 3.50 -119.74
CA LYS G 582 -19.66 4.49 -118.69
C LYS G 582 -18.22 4.46 -118.19
N PHE G 583 -17.73 3.26 -117.84
CA PHE G 583 -16.38 3.13 -117.32
C PHE G 583 -15.34 3.53 -118.37
N SER G 584 -15.54 3.09 -119.62
CA SER G 584 -14.60 3.42 -120.67
C SER G 584 -14.63 4.91 -120.99
N LYS G 585 -15.80 5.53 -120.89
CA LYS G 585 -15.91 6.96 -121.13
C LYS G 585 -15.16 7.73 -120.06
N LEU G 586 -15.21 7.25 -118.81
CA LEU G 586 -14.47 7.90 -117.75
C LEU G 586 -12.96 7.73 -117.94
N ILE G 587 -12.50 6.50 -118.20
CA ILE G 587 -11.06 6.23 -118.17
C ILE G 587 -10.38 6.42 -119.51
N GLY G 588 -11.12 6.70 -120.58
CA GLY G 588 -10.50 6.88 -121.89
C GLY G 588 -9.79 5.65 -122.38
N ARG G 589 -10.29 4.47 -122.03
CA ARG G 589 -9.67 3.20 -122.42
C ARG G 589 -10.77 2.15 -122.50
N PRO G 590 -10.46 0.97 -123.03
CA PRO G 590 -11.47 -0.07 -123.10
C PRO G 590 -11.97 -0.43 -121.72
N PRO G 591 -13.24 -0.88 -121.60
CA PRO G 591 -13.83 -1.20 -120.28
C PRO G 591 -13.39 -2.56 -119.74
N LEU G 592 -12.09 -2.84 -119.85
CA LEU G 592 -11.48 -4.09 -119.43
C LEU G 592 -10.29 -3.75 -118.56
N LEU G 593 -10.22 -4.34 -117.37
CA LEU G 593 -9.16 -4.03 -116.43
C LEU G 593 -8.61 -5.32 -115.84
N VAL G 594 -7.35 -5.24 -115.40
CA VAL G 594 -6.70 -6.33 -114.69
C VAL G 594 -6.71 -5.97 -113.19
N PRO G 595 -7.48 -6.68 -112.36
CA PRO G 595 -7.57 -6.25 -110.97
C PRO G 595 -6.27 -6.52 -110.22
N GLY G 596 -6.11 -5.82 -109.10
CA GLY G 596 -4.97 -6.06 -108.25
C GLY G 596 -4.92 -7.52 -107.82
N MET G 597 -3.80 -8.18 -108.07
CA MET G 597 -3.66 -9.62 -107.89
C MET G 597 -2.31 -9.90 -107.23
N THR G 598 -2.34 -10.25 -105.95
CA THR G 598 -1.12 -10.66 -105.27
C THR G 598 -0.84 -12.14 -105.55
N PRO G 599 0.33 -12.50 -106.13
CA PRO G 599 1.50 -11.71 -106.52
C PRO G 599 1.55 -11.37 -108.01
N CYS G 600 0.45 -11.52 -108.76
CA CYS G 600 0.54 -11.40 -110.21
C CYS G 600 0.76 -9.95 -110.65
N THR G 601 -0.10 -9.04 -110.22
CA THR G 601 0.08 -7.64 -110.53
C THR G 601 1.11 -6.97 -109.63
N VAL G 602 1.67 -7.70 -108.66
CA VAL G 602 2.73 -7.13 -107.83
C VAL G 602 3.93 -6.76 -108.68
N SER G 603 4.22 -7.54 -109.71
CA SER G 603 5.36 -7.28 -110.57
C SER G 603 5.18 -5.94 -111.28
N PRO G 604 6.11 -4.98 -111.14
CA PRO G 604 6.00 -3.77 -111.96
C PRO G 604 6.02 -4.06 -113.44
N ASP G 605 6.71 -5.12 -113.87
CA ASP G 605 6.78 -5.42 -115.29
C ASP G 605 5.41 -5.72 -115.88
N PHE G 606 4.60 -6.52 -115.17
CA PHE G 606 3.29 -6.88 -115.71
C PHE G 606 2.35 -5.69 -115.71
N VAL G 607 2.41 -4.85 -114.66
CA VAL G 607 1.60 -3.64 -114.63
C VAL G 607 1.97 -2.73 -115.78
N ALA G 608 3.26 -2.53 -116.01
CA ALA G 608 3.71 -1.70 -117.12
C ALA G 608 3.31 -2.30 -118.46
N ALA G 609 3.39 -3.62 -118.60
CA ALA G 609 3.03 -4.26 -119.86
C ALA G 609 1.55 -4.09 -120.16
N THR G 610 0.70 -4.26 -119.15
CA THR G 610 -0.73 -4.06 -119.34
C THR G 610 -1.03 -2.61 -119.69
N THR G 611 -0.38 -1.67 -119.00
CA THR G 611 -0.59 -0.26 -119.31
C THR G 611 -0.15 0.07 -120.73
N ASN G 612 0.98 -0.48 -121.17
CA ASN G 612 1.42 -0.26 -122.54
C ASN G 612 0.44 -0.87 -123.53
N ALA G 613 -0.10 -2.04 -123.22
CA ALA G 613 -1.16 -2.63 -124.02
C ALA G 613 -2.39 -1.75 -124.08
N GLY G 614 -2.60 -0.92 -123.06
CA GLY G 614 -3.70 0.04 -123.09
C GLY G 614 -4.91 -0.41 -122.33
N TYR G 615 -4.73 -1.21 -121.28
CA TYR G 615 -5.82 -1.70 -120.45
C TYR G 615 -5.49 -1.39 -119.00
N THR G 616 -6.51 -1.00 -118.26
CA THR G 616 -6.31 -0.59 -116.87
C THR G 616 -5.79 -1.77 -116.04
N ILE G 617 -4.88 -1.45 -115.13
CA ILE G 617 -4.29 -2.46 -114.24
C ILE G 617 -3.98 -1.80 -112.91
N GLU G 618 -4.10 -2.60 -111.85
CA GLU G 618 -3.86 -2.18 -110.48
C GLU G 618 -2.62 -2.86 -109.94
N LEU G 619 -1.64 -2.07 -109.52
CA LEU G 619 -0.44 -2.58 -108.84
C LEU G 619 -0.87 -3.00 -107.45
N ALA G 620 -0.65 -4.27 -107.11
CA ALA G 620 -1.14 -4.81 -105.85
C ALA G 620 -0.16 -4.50 -104.73
N GLY G 621 -0.67 -3.99 -103.60
CA GLY G 621 0.14 -3.78 -102.43
C GLY G 621 0.28 -5.00 -101.55
N GLY G 622 -0.35 -6.12 -101.90
CA GLY G 622 -0.21 -7.32 -101.11
C GLY G 622 1.22 -7.82 -101.05
N GLY G 623 1.96 -7.64 -102.14
CA GLY G 623 3.36 -8.01 -102.21
C GLY G 623 4.32 -6.92 -101.79
N TYR G 624 3.84 -5.90 -101.07
CA TYR G 624 4.65 -4.80 -100.60
C TYR G 624 4.33 -4.52 -99.14
N PHE G 625 5.37 -4.28 -98.35
CA PHE G 625 5.24 -4.12 -96.91
C PHE G 625 5.79 -2.79 -96.41
N SER G 626 6.32 -1.95 -97.28
CA SER G 626 6.82 -0.64 -96.88
C SER G 626 6.60 0.35 -98.01
N ALA G 627 6.45 1.61 -97.60
CA ALA G 627 6.32 2.69 -98.57
C ALA G 627 7.52 2.74 -99.50
N ALA G 628 8.71 2.40 -99.01
CA ALA G 628 9.89 2.38 -99.88
C ALA G 628 9.75 1.33 -100.97
N GLY G 629 9.30 0.12 -100.62
CA GLY G 629 9.13 -0.92 -101.62
C GLY G 629 8.07 -0.57 -102.65
N MET G 630 6.92 -0.07 -102.18
CA MET G 630 5.91 0.39 -103.13
C MET G 630 6.38 1.55 -103.98
N THR G 631 7.13 2.49 -103.40
CA THR G 631 7.64 3.60 -104.19
C THR G 631 8.59 3.11 -105.27
N ALA G 632 9.46 2.17 -104.93
CA ALA G 632 10.37 1.63 -105.93
C ALA G 632 9.60 0.93 -107.04
N ALA G 633 8.57 0.15 -106.69
CA ALA G 633 7.78 -0.53 -107.70
C ALA G 633 7.04 0.48 -108.58
N ILE G 634 6.49 1.53 -107.99
CA ILE G 634 5.76 2.52 -108.76
C ILE G 634 6.70 3.28 -109.68
N ASP G 635 7.91 3.59 -109.22
CA ASP G 635 8.90 4.22 -110.09
C ASP G 635 9.28 3.31 -111.23
N SER G 636 9.39 2.00 -110.96
CA SER G 636 9.64 1.06 -112.05
C SER G 636 8.51 1.09 -113.07
N VAL G 637 7.27 1.11 -112.60
CA VAL G 637 6.12 1.16 -113.51
C VAL G 637 6.16 2.43 -114.34
N VAL G 638 6.44 3.56 -113.69
CA VAL G 638 6.46 4.84 -114.39
C VAL G 638 7.57 4.85 -115.44
N SER G 639 8.74 4.33 -115.10
CA SER G 639 9.84 4.30 -116.05
C SER G 639 9.53 3.40 -117.23
N GLN G 640 8.81 2.30 -117.00
CA GLN G 640 8.54 1.35 -118.07
C GLN G 640 7.36 1.76 -118.95
N ILE G 641 6.39 2.51 -118.45
CA ILE G 641 5.24 2.92 -119.25
C ILE G 641 5.62 4.10 -120.12
N GLU G 642 4.75 4.42 -121.08
CA GLU G 642 4.99 5.52 -122.00
C GLU G 642 4.49 6.83 -121.41
N LYS G 643 4.77 7.92 -122.12
CA LYS G 643 4.36 9.25 -121.69
C LYS G 643 2.84 9.34 -121.62
N GLY G 644 2.33 9.86 -120.50
CA GLY G 644 0.90 10.06 -120.34
C GLY G 644 0.14 8.83 -119.89
N SER G 645 0.76 7.65 -119.87
CA SER G 645 0.10 6.45 -119.40
C SER G 645 -0.30 6.59 -117.93
N THR G 646 -1.06 5.62 -117.45
CA THR G 646 -1.50 5.66 -116.06
C THR G 646 -1.90 4.27 -115.62
N PHE G 647 -2.03 4.11 -114.29
CA PHE G 647 -2.36 2.83 -113.68
C PHE G 647 -2.93 3.11 -112.30
N GLY G 648 -3.47 2.06 -111.66
CA GLY G 648 -4.03 2.18 -110.34
C GLY G 648 -3.26 1.39 -109.30
N ILE G 649 -3.70 1.52 -108.06
CA ILE G 649 -3.10 0.82 -106.93
C ILE G 649 -4.20 0.10 -106.17
N ASN G 650 -3.97 -1.18 -105.85
CA ASN G 650 -4.90 -1.99 -105.09
C ASN G 650 -4.36 -2.20 -103.69
N LEU G 651 -5.20 -1.99 -102.68
CA LEU G 651 -4.82 -2.17 -101.29
C LEU G 651 -5.87 -3.03 -100.60
N ILE G 652 -5.39 -3.88 -99.68
CA ILE G 652 -6.24 -4.80 -98.94
C ILE G 652 -6.67 -4.10 -97.65
N TYR G 653 -7.97 -4.14 -97.37
CA TYR G 653 -8.52 -3.45 -96.21
C TYR G 653 -8.45 -4.27 -94.93
N VAL G 654 -8.19 -5.57 -95.01
CA VAL G 654 -8.21 -6.41 -93.81
C VAL G 654 -6.99 -6.21 -92.93
N ASN G 655 -5.90 -5.66 -93.48
CA ASN G 655 -4.69 -5.40 -92.69
C ASN G 655 -4.55 -3.89 -92.50
N PRO G 656 -4.78 -3.33 -91.31
CA PRO G 656 -4.65 -1.87 -91.15
C PRO G 656 -3.25 -1.36 -91.40
N PHE G 657 -2.22 -2.19 -91.23
CA PHE G 657 -0.85 -1.74 -91.49
C PHE G 657 -0.67 -1.35 -92.96
N MET G 658 -1.24 -2.16 -93.86
CA MET G 658 -1.17 -1.86 -95.28
C MET G 658 -1.75 -0.47 -95.56
N LEU G 659 -2.95 -0.21 -95.04
CA LEU G 659 -3.56 1.09 -95.25
C LEU G 659 -2.74 2.20 -94.62
N GLN G 660 -2.22 1.96 -93.42
CA GLN G 660 -1.50 2.99 -92.69
C GLN G 660 -0.27 3.44 -93.44
N TRP G 661 0.46 2.50 -94.06
CA TRP G 661 1.63 2.91 -94.83
C TRP G 661 1.30 3.27 -96.28
N GLY G 662 0.16 2.82 -96.81
CA GLY G 662 -0.14 3.00 -98.22
C GLY G 662 -0.94 4.23 -98.55
N ILE G 663 -1.93 4.58 -97.72
CA ILE G 663 -2.74 5.76 -97.98
C ILE G 663 -1.89 7.03 -97.92
N PRO G 664 -1.04 7.26 -96.90
CA PRO G 664 -0.14 8.41 -96.97
C PRO G 664 0.78 8.38 -98.17
N LEU G 665 1.23 7.18 -98.58
CA LEU G 665 2.07 7.08 -99.75
C LEU G 665 1.31 7.51 -101.00
N ILE G 666 0.07 7.05 -101.15
CA ILE G 666 -0.70 7.43 -102.33
C ILE G 666 -0.95 8.92 -102.33
N LYS G 667 -1.24 9.50 -101.17
CA LYS G 667 -1.44 10.94 -101.11
C LYS G 667 -0.17 11.71 -101.48
N GLU G 668 0.99 11.27 -100.96
CA GLU G 668 2.24 11.92 -101.28
C GLU G 668 2.56 11.80 -102.76
N LEU G 669 2.38 10.61 -103.34
CA LEU G 669 2.69 10.41 -104.74
C LEU G 669 1.75 11.22 -105.63
N ARG G 670 0.46 11.29 -105.27
CA ARG G 670 -0.46 12.13 -106.01
C ARG G 670 -0.07 13.59 -105.91
N SER G 671 0.38 14.03 -104.73
CA SER G 671 0.86 15.39 -104.59
C SER G 671 2.06 15.65 -105.50
N LYS G 672 2.97 14.68 -105.58
CA LYS G 672 4.08 14.75 -106.53
C LYS G 672 3.61 14.67 -107.97
N GLY G 673 2.37 14.23 -108.21
CA GLY G 673 1.83 14.14 -109.55
C GLY G 673 2.01 12.80 -110.21
N TYR G 674 2.07 11.72 -109.44
CA TYR G 674 2.31 10.41 -110.01
C TYR G 674 1.09 9.93 -110.79
N PRO G 675 1.29 9.16 -111.88
CA PRO G 675 0.14 8.70 -112.67
C PRO G 675 -0.60 7.54 -112.00
N ILE G 676 -1.18 7.82 -110.84
CA ILE G 676 -2.01 6.86 -110.12
C ILE G 676 -3.45 7.24 -110.42
N GLN G 677 -4.06 6.54 -111.38
CA GLN G 677 -5.40 6.89 -111.81
C GLN G 677 -6.42 6.66 -110.71
N PHE G 678 -6.28 5.57 -109.95
CA PHE G 678 -7.32 5.18 -109.01
C PHE G 678 -6.71 4.31 -107.92
N LEU G 679 -7.41 4.28 -106.79
CA LEU G 679 -7.13 3.38 -105.70
C LEU G 679 -8.32 2.43 -105.56
N THR G 680 -8.03 1.14 -105.55
CA THR G 680 -9.03 0.10 -105.33
C THR G 680 -8.86 -0.48 -103.93
N ILE G 681 -9.98 -0.67 -103.25
CA ILE G 681 -10.01 -1.32 -101.94
C ILE G 681 -10.72 -2.66 -102.10
N GLY G 682 -9.98 -3.74 -101.85
CA GLY G 682 -10.50 -5.08 -101.90
C GLY G 682 -10.50 -5.73 -100.53
N ALA G 683 -11.21 -6.84 -100.39
CA ALA G 683 -11.34 -7.54 -99.12
C ALA G 683 -11.94 -6.64 -98.06
N GLY G 684 -13.04 -5.97 -98.40
CA GLY G 684 -13.72 -5.07 -97.50
C GLY G 684 -13.99 -3.72 -98.12
N VAL G 685 -15.04 -3.06 -97.67
CA VAL G 685 -15.40 -1.71 -98.12
C VAL G 685 -15.10 -0.75 -96.97
N PRO G 686 -14.38 0.35 -97.19
CA PRO G 686 -14.14 1.28 -96.08
C PRO G 686 -15.43 1.92 -95.59
N SER G 687 -15.42 2.35 -94.33
CA SER G 687 -16.53 3.09 -93.78
C SER G 687 -16.73 4.40 -94.56
N LEU G 688 -17.83 5.09 -94.25
CA LEU G 688 -18.14 6.32 -94.96
C LEU G 688 -17.07 7.38 -94.72
N GLU G 689 -16.63 7.52 -93.47
CA GLU G 689 -15.61 8.53 -93.16
C GLU G 689 -14.29 8.22 -93.84
N VAL G 690 -13.88 6.95 -93.82
CA VAL G 690 -12.61 6.57 -94.44
C VAL G 690 -12.68 6.75 -95.95
N ALA G 691 -13.81 6.38 -96.56
CA ALA G 691 -13.98 6.56 -98.00
C ALA G 691 -13.97 8.04 -98.37
N SER G 692 -14.62 8.88 -97.56
CA SER G 692 -14.56 10.32 -97.80
C SER G 692 -13.15 10.84 -97.68
N GLU G 693 -12.40 10.35 -96.69
CA GLU G 693 -11.01 10.76 -96.54
C GLU G 693 -10.20 10.39 -97.77
N TYR G 694 -10.37 9.16 -98.26
CA TYR G 694 -9.64 8.75 -99.46
C TYR G 694 -10.02 9.64 -100.64
N ILE G 695 -11.32 9.83 -100.86
CA ILE G 695 -11.81 10.59 -102.01
C ILE G 695 -11.28 12.01 -101.98
N GLU G 696 -11.29 12.64 -100.80
CA GLU G 696 -10.89 14.04 -100.70
C GLU G 696 -9.38 14.19 -100.75
N THR G 697 -8.67 13.50 -99.85
CA THR G 697 -7.23 13.73 -99.70
C THR G 697 -6.44 13.16 -100.86
N LEU G 698 -6.74 11.93 -101.28
CA LEU G 698 -5.90 11.29 -102.28
C LEU G 698 -5.96 12.00 -103.63
N GLY G 699 -7.13 12.52 -103.99
CA GLY G 699 -7.25 13.20 -105.27
C GLY G 699 -7.04 12.28 -106.46
N LEU G 700 -7.68 11.11 -106.45
CA LEU G 700 -7.62 10.21 -107.58
C LEU G 700 -8.78 10.46 -108.53
N LYS G 701 -8.66 9.92 -109.75
CA LYS G 701 -9.73 10.07 -110.72
C LYS G 701 -11.00 9.36 -110.27
N TYR G 702 -10.86 8.16 -109.73
CA TYR G 702 -12.01 7.42 -109.22
C TYR G 702 -11.55 6.46 -108.14
N LEU G 703 -12.51 5.98 -107.36
CA LEU G 703 -12.23 5.05 -106.27
C LEU G 703 -12.90 3.72 -106.56
N GLY G 704 -12.11 2.65 -106.61
CA GLY G 704 -12.63 1.31 -106.80
C GLY G 704 -12.91 0.66 -105.46
N LEU G 705 -14.06 -0.01 -105.38
CA LEU G 705 -14.46 -0.73 -104.18
C LEU G 705 -14.96 -2.10 -104.59
N LYS G 706 -14.52 -3.14 -103.88
CA LYS G 706 -14.86 -4.52 -104.20
C LYS G 706 -15.80 -5.07 -103.13
N PRO G 707 -17.09 -4.73 -103.19
CA PRO G 707 -18.02 -5.26 -102.20
C PRO G 707 -18.19 -6.77 -102.35
N GLY G 708 -18.39 -7.42 -101.22
CA GLY G 708 -18.55 -8.87 -101.19
C GLY G 708 -19.99 -9.31 -101.20
N SER G 709 -20.85 -8.59 -100.49
CA SER G 709 -22.22 -9.03 -100.23
C SER G 709 -23.15 -7.84 -100.36
N ILE G 710 -24.42 -8.06 -99.97
CA ILE G 710 -25.43 -7.00 -100.05
C ILE G 710 -25.06 -5.84 -99.16
N ASP G 711 -24.57 -6.13 -97.95
CA ASP G 711 -24.18 -5.05 -97.04
C ASP G 711 -23.04 -4.23 -97.62
N ALA G 712 -22.06 -4.90 -98.24
CA ALA G 712 -20.96 -4.18 -98.85
C ALA G 712 -21.43 -3.34 -100.03
N ILE G 713 -22.35 -3.87 -100.84
CA ILE G 713 -22.88 -3.09 -101.96
C ILE G 713 -23.65 -1.89 -101.44
N SER G 714 -24.42 -2.07 -100.36
CA SER G 714 -25.15 -0.96 -99.78
C SER G 714 -24.19 0.11 -99.26
N GLN G 715 -23.06 -0.31 -98.68
CA GLN G 715 -22.10 0.66 -98.18
C GLN G 715 -21.44 1.41 -99.34
N VAL G 716 -21.15 0.70 -100.44
CA VAL G 716 -20.64 1.38 -101.62
C VAL G 716 -21.65 2.39 -102.14
N ILE G 717 -22.93 2.02 -102.13
CA ILE G 717 -23.98 2.94 -102.56
C ILE G 717 -24.03 4.15 -101.65
N ASN G 718 -23.85 3.95 -100.34
CA ASN G 718 -23.85 5.06 -99.40
C ASN G 718 -22.66 5.99 -99.67
N ILE G 719 -21.50 5.41 -99.99
CA ILE G 719 -20.35 6.24 -100.32
C ILE G 719 -20.61 7.05 -101.58
N ALA G 720 -21.22 6.42 -102.59
CA ALA G 720 -21.55 7.13 -103.81
C ALA G 720 -22.55 8.25 -103.55
N LYS G 721 -23.53 7.99 -102.67
CA LYS G 721 -24.49 9.03 -102.31
C LYS G 721 -23.80 10.18 -101.60
N ALA G 722 -22.85 9.87 -100.71
CA ALA G 722 -22.13 10.93 -100.00
C ALA G 722 -21.24 11.73 -100.94
N HIS G 723 -20.78 11.11 -102.02
CA HIS G 723 -19.94 11.77 -103.03
C HIS G 723 -20.55 11.56 -104.41
N PRO G 724 -21.66 12.22 -104.71
CA PRO G 724 -22.34 11.96 -106.00
C PRO G 724 -21.55 12.45 -107.20
N ASN G 725 -20.54 13.29 -106.99
CA ASN G 725 -19.72 13.76 -108.10
C ASN G 725 -18.57 12.81 -108.39
N PHE G 726 -17.98 12.23 -107.34
CA PHE G 726 -16.77 11.44 -107.50
C PHE G 726 -17.10 10.06 -108.07
N PRO G 727 -16.42 9.60 -109.13
CA PRO G 727 -16.73 8.27 -109.66
C PRO G 727 -16.28 7.16 -108.75
N ILE G 728 -17.18 6.21 -108.53
CA ILE G 728 -16.93 5.02 -107.72
C ILE G 728 -17.08 3.80 -108.61
N ALA G 729 -16.01 3.03 -108.75
CA ALA G 729 -16.01 1.82 -109.55
C ALA G 729 -16.37 0.65 -108.63
N LEU G 730 -17.63 0.23 -108.69
CA LEU G 730 -18.11 -0.92 -107.91
C LEU G 730 -17.69 -2.17 -108.68
N GLN G 731 -16.59 -2.78 -108.24
CA GLN G 731 -16.06 -3.99 -108.87
C GLN G 731 -16.68 -5.20 -108.18
N TRP G 732 -17.89 -5.54 -108.61
CA TRP G 732 -18.56 -6.71 -108.07
C TRP G 732 -17.86 -7.98 -108.54
N THR G 733 -17.61 -8.89 -107.60
CA THR G 733 -17.04 -10.19 -107.88
C THR G 733 -17.76 -11.22 -107.03
N GLY G 734 -18.26 -12.27 -107.67
CA GLY G 734 -18.90 -13.34 -106.94
C GLY G 734 -17.89 -14.22 -106.23
N GLY G 735 -18.42 -15.20 -105.48
CA GLY G 735 -17.56 -16.14 -104.81
C GLY G 735 -16.75 -17.00 -105.75
N ARG G 736 -17.21 -17.17 -106.99
CA ARG G 736 -16.53 -18.02 -107.95
C ARG G 736 -15.23 -17.43 -108.46
N GLY G 737 -14.85 -16.23 -108.03
CA GLY G 737 -13.60 -15.65 -108.47
C GLY G 737 -12.41 -16.27 -107.77
N GLY G 738 -11.25 -16.14 -108.40
CA GLY G 738 -10.03 -16.69 -107.86
C GLY G 738 -9.54 -15.94 -106.65
N GLY G 739 -8.52 -16.51 -106.01
CA GLY G 739 -7.96 -15.91 -104.83
C GLY G 739 -8.96 -15.86 -103.69
N HIS G 740 -8.84 -14.81 -102.87
CA HIS G 740 -9.81 -14.57 -101.82
C HIS G 740 -11.19 -14.36 -102.42
N HIS G 741 -12.18 -15.04 -101.87
CA HIS G 741 -13.53 -14.98 -102.41
C HIS G 741 -14.54 -15.12 -101.28
N SER G 742 -15.76 -14.66 -101.55
CA SER G 742 -16.86 -14.71 -100.61
C SER G 742 -17.71 -15.95 -100.89
N PHE G 743 -18.76 -16.09 -100.10
CA PHE G 743 -19.73 -17.17 -100.28
C PHE G 743 -20.91 -16.77 -101.14
N GLU G 744 -20.95 -15.52 -101.62
CA GLU G 744 -22.12 -15.04 -102.33
C GLU G 744 -22.09 -15.48 -103.79
N ASP G 745 -23.27 -15.72 -104.34
CA ASP G 745 -23.40 -16.05 -105.75
C ASP G 745 -23.07 -14.82 -106.60
N ALA G 746 -22.56 -15.07 -107.81
CA ALA G 746 -22.15 -13.99 -108.68
C ALA G 746 -23.32 -13.23 -109.30
N HIS G 747 -24.51 -13.81 -109.30
CA HIS G 747 -25.64 -13.28 -110.07
C HIS G 747 -26.71 -12.67 -109.19
N THR G 748 -27.23 -13.42 -108.23
CA THR G 748 -28.40 -12.94 -107.48
C THR G 748 -28.13 -11.62 -106.75
N PRO G 749 -26.99 -11.40 -106.09
CA PRO G 749 -26.79 -10.09 -105.45
C PRO G 749 -26.91 -8.94 -106.42
N MET G 750 -26.43 -9.14 -107.65
CA MET G 750 -26.60 -8.12 -108.67
C MET G 750 -28.06 -7.98 -109.07
N LEU G 751 -28.79 -9.08 -109.15
CA LEU G 751 -30.20 -9.00 -109.48
C LEU G 751 -30.97 -8.22 -108.43
N GLN G 752 -30.51 -8.26 -107.17
CA GLN G 752 -31.22 -7.49 -106.14
C GLN G 752 -30.78 -6.04 -106.14
N MET G 753 -29.48 -5.77 -106.27
CA MET G 753 -28.94 -4.45 -106.00
C MET G 753 -28.64 -3.63 -107.26
N TYR G 754 -28.95 -4.15 -108.45
CA TYR G 754 -28.63 -3.41 -109.67
C TYR G 754 -29.38 -2.09 -109.74
N SER G 755 -30.69 -2.11 -109.44
CA SER G 755 -31.48 -0.89 -109.51
C SER G 755 -30.95 0.17 -108.56
N LYS G 756 -30.65 -0.23 -107.32
CA LYS G 756 -30.12 0.71 -106.35
C LYS G 756 -28.78 1.27 -106.80
N ILE G 757 -27.93 0.43 -107.41
CA ILE G 757 -26.66 0.89 -107.91
C ILE G 757 -26.86 1.92 -109.02
N ARG G 758 -27.80 1.66 -109.92
CA ARG G 758 -28.03 2.56 -111.05
C ARG G 758 -28.84 3.79 -110.68
N ARG G 759 -29.40 3.86 -109.47
CA ARG G 759 -29.99 5.12 -109.03
C ARG G 759 -28.93 6.20 -108.80
N HIS G 760 -27.65 5.81 -108.74
CA HIS G 760 -26.54 6.74 -108.56
C HIS G 760 -25.66 6.72 -109.81
N PRO G 761 -25.71 7.74 -110.68
CA PRO G 761 -24.96 7.65 -111.94
C PRO G 761 -23.45 7.63 -111.76
N ASN G 762 -22.94 8.05 -110.60
CA ASN G 762 -21.50 8.08 -110.39
C ASN G 762 -20.92 6.72 -110.05
N ILE G 763 -21.75 5.69 -109.89
CA ILE G 763 -21.26 4.32 -109.71
C ILE G 763 -21.12 3.68 -111.08
N MET G 764 -19.94 3.11 -111.34
CA MET G 764 -19.66 2.36 -112.55
C MET G 764 -19.56 0.89 -112.17
N LEU G 765 -20.45 0.07 -112.74
CA LEU G 765 -20.55 -1.33 -112.38
C LEU G 765 -19.57 -2.17 -113.20
N ILE G 766 -18.70 -2.90 -112.52
CA ILE G 766 -17.73 -3.78 -113.17
C ILE G 766 -18.00 -5.20 -112.65
N PHE G 767 -18.08 -6.15 -113.58
CA PHE G 767 -18.36 -7.54 -113.26
C PHE G 767 -17.06 -8.33 -113.36
N GLY G 768 -16.79 -9.17 -112.36
CA GLY G 768 -15.66 -10.07 -112.41
C GLY G 768 -15.99 -11.46 -111.93
N SER G 769 -14.99 -12.18 -111.44
CA SER G 769 -15.18 -13.51 -110.87
C SER G 769 -15.75 -14.49 -111.90
N GLY G 770 -14.92 -14.83 -112.89
CA GLY G 770 -15.23 -15.93 -113.78
C GLY G 770 -15.37 -15.57 -115.25
N PHE G 771 -14.66 -14.54 -115.69
CA PHE G 771 -14.67 -14.09 -117.07
C PHE G 771 -13.29 -14.28 -117.67
N GLY G 772 -13.24 -14.89 -118.85
CA GLY G 772 -11.98 -15.09 -119.53
C GLY G 772 -12.05 -15.02 -121.04
N SER G 773 -13.13 -14.45 -121.58
CA SER G 773 -13.28 -14.35 -123.02
C SER G 773 -14.35 -13.33 -123.33
N ALA G 774 -14.42 -12.93 -124.61
CA ALA G 774 -15.47 -12.02 -125.05
C ALA G 774 -16.80 -12.74 -125.20
N ASP G 775 -16.79 -14.03 -125.54
CA ASP G 775 -18.05 -14.74 -125.76
C ASP G 775 -18.87 -14.83 -124.47
N ASP G 776 -18.23 -15.14 -123.35
CA ASP G 776 -18.93 -15.25 -122.08
C ASP G 776 -19.10 -13.91 -121.38
N THR G 777 -18.50 -12.84 -121.90
CA THR G 777 -18.63 -11.50 -121.32
C THR G 777 -19.63 -10.64 -122.07
N TYR G 778 -19.86 -10.90 -123.35
CA TYR G 778 -20.81 -10.10 -124.13
C TYR G 778 -22.22 -10.12 -123.56
N PRO G 779 -22.77 -11.24 -123.08
CA PRO G 779 -24.10 -11.16 -122.46
C PRO G 779 -24.17 -10.18 -121.32
N TYR G 780 -23.08 -10.05 -120.56
CA TYR G 780 -23.06 -9.11 -119.45
C TYR G 780 -22.85 -7.68 -119.95
N LEU G 781 -22.16 -7.52 -121.08
CA LEU G 781 -22.02 -6.20 -121.68
C LEU G 781 -23.36 -5.68 -122.17
N THR G 782 -24.11 -6.51 -122.88
CA THR G 782 -25.42 -6.10 -123.38
C THR G 782 -26.51 -6.17 -122.32
N GLY G 783 -26.26 -6.83 -121.20
CA GLY G 783 -27.26 -6.95 -120.16
C GLY G 783 -28.25 -8.08 -120.35
N GLU G 784 -28.15 -8.83 -121.45
CA GLU G 784 -29.09 -9.92 -121.71
C GLU G 784 -28.91 -11.10 -120.76
N TRP G 785 -27.86 -11.11 -119.95
CA TRP G 785 -27.69 -12.17 -118.96
C TRP G 785 -28.87 -12.22 -117.99
N SER G 786 -29.53 -11.08 -117.75
CA SER G 786 -30.68 -11.06 -116.85
C SER G 786 -31.92 -11.65 -117.48
N THR G 787 -32.03 -11.65 -118.81
CA THR G 787 -33.21 -12.20 -119.47
C THR G 787 -33.37 -13.69 -119.20
N LYS G 788 -32.27 -14.42 -119.01
CA LYS G 788 -32.35 -15.82 -118.62
C LYS G 788 -32.64 -15.99 -117.13
N PHE G 789 -32.50 -14.93 -116.33
CA PHE G 789 -32.95 -14.91 -114.95
C PHE G 789 -34.34 -14.30 -114.80
N ASP G 790 -34.97 -13.92 -115.91
CA ASP G 790 -36.33 -13.37 -115.90
C ASP G 790 -36.36 -11.98 -115.26
N TYR G 791 -35.30 -11.21 -115.50
CA TYR G 791 -35.18 -9.83 -115.08
C TYR G 791 -35.04 -8.97 -116.33
N PRO G 792 -35.23 -7.67 -116.22
CA PRO G 792 -34.96 -6.79 -117.36
C PRO G 792 -33.49 -6.86 -117.73
N PRO G 793 -33.12 -6.51 -118.96
CA PRO G 793 -31.70 -6.49 -119.30
C PRO G 793 -30.92 -5.54 -118.40
N MET G 794 -29.72 -5.97 -118.01
CA MET G 794 -28.93 -5.29 -116.97
C MET G 794 -27.52 -5.08 -117.50
N PRO G 795 -27.31 -4.09 -118.36
CA PRO G 795 -25.96 -3.87 -118.90
C PRO G 795 -24.97 -3.50 -117.81
N PHE G 796 -23.72 -3.91 -118.01
CA PHE G 796 -22.65 -3.68 -117.06
C PHE G 796 -21.61 -2.74 -117.66
N ASP G 797 -21.02 -1.90 -116.83
CA ASP G 797 -20.16 -0.84 -117.34
C ASP G 797 -18.76 -1.32 -117.68
N GLY G 798 -18.28 -2.38 -117.04
CA GLY G 798 -16.94 -2.87 -117.31
C GLY G 798 -16.77 -4.27 -116.79
N PHE G 799 -15.58 -4.81 -117.01
CA PHE G 799 -15.25 -6.17 -116.61
C PHE G 799 -13.80 -6.23 -116.16
N LEU G 800 -13.51 -7.21 -115.31
CA LEU G 800 -12.15 -7.48 -114.85
C LEU G 800 -11.86 -8.96 -115.00
N PHE G 801 -10.63 -9.27 -115.43
CA PHE G 801 -10.20 -10.62 -115.75
C PHE G 801 -8.98 -10.93 -114.89
N GLY G 802 -9.22 -11.52 -113.73
CA GLY G 802 -8.14 -11.87 -112.82
C GLY G 802 -7.44 -13.15 -113.20
N SER G 803 -8.18 -14.25 -113.22
CA SER G 803 -7.56 -15.56 -113.43
C SER G 803 -7.19 -15.82 -114.88
N ARG G 804 -7.76 -15.07 -115.84
CA ARG G 804 -7.43 -15.31 -117.24
C ARG G 804 -5.99 -14.89 -117.54
N VAL G 805 -5.53 -13.81 -116.93
CA VAL G 805 -4.25 -13.20 -117.32
C VAL G 805 -3.11 -13.81 -116.50
N MET G 806 -3.38 -14.94 -115.83
CA MET G 806 -2.34 -15.55 -115.01
C MET G 806 -1.23 -16.18 -115.84
N ILE G 807 -1.57 -16.70 -117.01
CA ILE G 807 -0.60 -17.40 -117.86
C ILE G 807 -0.06 -16.48 -118.97
N ALA G 808 -0.26 -15.18 -118.84
CA ALA G 808 0.21 -14.26 -119.86
C ALA G 808 1.73 -14.19 -119.85
N LYS G 809 2.30 -13.85 -121.01
CA LYS G 809 3.74 -13.85 -121.18
C LYS G 809 4.43 -12.90 -120.21
N GLU G 810 3.79 -11.78 -119.89
CA GLU G 810 4.43 -10.74 -119.09
C GLU G 810 4.24 -10.92 -117.60
N VAL G 811 3.52 -11.96 -117.15
CA VAL G 811 3.42 -12.25 -115.73
C VAL G 811 4.65 -13.07 -115.31
N LYS G 812 5.08 -12.89 -114.07
CA LYS G 812 6.26 -13.58 -113.57
C LYS G 812 5.96 -14.99 -113.06
N THR G 813 4.79 -15.54 -113.35
CA THR G 813 4.50 -16.92 -112.99
C THR G 813 5.45 -17.85 -113.71
N SER G 814 5.97 -18.83 -112.97
CA SER G 814 6.97 -19.72 -113.52
C SER G 814 6.36 -20.56 -114.64
N PRO G 815 7.17 -21.09 -115.55
CA PRO G 815 6.61 -21.94 -116.61
C PRO G 815 5.83 -23.14 -116.10
N ASP G 816 6.31 -23.79 -115.03
CA ASP G 816 5.59 -24.96 -114.53
C ASP G 816 4.30 -24.56 -113.84
N ALA G 817 4.30 -23.41 -113.15
CA ALA G 817 3.06 -22.90 -112.58
C ALA G 817 2.08 -22.52 -113.68
N LYS G 818 2.57 -21.98 -114.78
CA LYS G 818 1.69 -21.68 -115.91
C LYS G 818 1.11 -22.96 -116.52
N LYS G 819 1.94 -23.99 -116.64
CA LYS G 819 1.42 -25.28 -117.13
C LYS G 819 0.36 -25.82 -116.19
N CYS G 820 0.58 -25.72 -114.88
CA CYS G 820 -0.41 -26.17 -113.91
C CYS G 820 -1.70 -25.37 -114.04
N ILE G 821 -1.59 -24.05 -114.25
CA ILE G 821 -2.78 -23.22 -114.43
C ILE G 821 -3.54 -23.64 -115.67
N ALA G 822 -2.82 -23.86 -116.77
CA ALA G 822 -3.47 -24.26 -118.01
C ALA G 822 -4.11 -25.64 -117.88
N ALA G 823 -3.53 -26.52 -117.05
CA ALA G 823 -4.11 -27.85 -116.87
C ALA G 823 -5.48 -27.78 -116.21
N CYS G 824 -5.75 -26.74 -115.43
CA CYS G 824 -7.06 -26.61 -114.79
C CYS G 824 -8.14 -26.44 -115.85
N THR G 825 -9.00 -27.45 -115.96
CA THR G 825 -10.05 -27.43 -116.97
C THR G 825 -11.18 -26.46 -116.64
N GLY G 826 -11.36 -26.14 -115.36
CA GLY G 826 -12.43 -25.25 -114.95
C GLY G 826 -13.79 -25.94 -114.96
N VAL G 827 -14.77 -25.25 -114.37
CA VAL G 827 -16.13 -25.75 -114.31
C VAL G 827 -17.12 -24.61 -114.59
N PRO G 828 -18.34 -24.88 -115.08
CA PRO G 828 -19.33 -23.81 -115.18
C PRO G 828 -19.65 -23.14 -113.85
N ASP G 829 -20.41 -22.05 -113.92
CA ASP G 829 -20.76 -21.31 -112.70
C ASP G 829 -21.59 -22.16 -111.75
N ASP G 830 -22.51 -22.97 -112.29
CA ASP G 830 -23.49 -23.66 -111.45
C ASP G 830 -22.85 -24.64 -110.48
N LYS G 831 -21.60 -25.05 -110.70
CA LYS G 831 -20.92 -26.05 -109.88
C LYS G 831 -19.58 -25.54 -109.35
N TRP G 832 -19.45 -24.24 -109.15
CA TRP G 832 -18.23 -23.70 -108.55
C TRP G 832 -18.17 -23.98 -107.05
N GLU G 833 -19.32 -24.07 -106.38
CA GLU G 833 -19.35 -24.25 -104.94
C GLU G 833 -18.77 -25.59 -104.49
N GLN G 834 -18.57 -26.54 -105.42
CA GLN G 834 -18.00 -27.83 -105.04
C GLN G 834 -16.53 -27.71 -104.65
N THR G 835 -15.89 -26.57 -104.92
CA THR G 835 -14.52 -26.35 -104.46
C THR G 835 -14.41 -26.38 -102.94
N TYR G 836 -15.50 -26.12 -102.23
CA TYR G 836 -15.49 -26.17 -100.77
C TYR G 836 -15.35 -27.58 -100.23
N LYS G 837 -15.53 -28.59 -101.06
CA LYS G 837 -15.49 -29.99 -100.63
C LYS G 837 -14.44 -30.80 -101.37
N LYS G 838 -14.25 -30.56 -102.67
CA LYS G 838 -13.35 -31.38 -103.47
C LYS G 838 -12.62 -30.47 -104.44
N PRO G 839 -11.51 -30.94 -105.03
CA PRO G 839 -10.80 -30.12 -106.03
C PRO G 839 -11.58 -30.05 -107.34
N THR G 840 -12.56 -29.15 -107.38
CA THR G 840 -13.47 -29.07 -108.52
C THR G 840 -12.88 -28.18 -109.60
N GLY G 841 -12.67 -28.74 -110.78
CA GLY G 841 -12.04 -28.00 -111.85
C GLY G 841 -10.56 -27.79 -111.68
N GLY G 842 -9.90 -28.64 -110.89
CA GLY G 842 -8.50 -28.45 -110.57
C GLY G 842 -8.24 -27.40 -109.52
N ILE G 843 -9.28 -26.82 -108.93
CA ILE G 843 -9.16 -25.74 -107.96
C ILE G 843 -10.01 -26.10 -106.74
N VAL G 844 -9.52 -25.74 -105.56
CA VAL G 844 -10.19 -26.05 -104.31
C VAL G 844 -10.12 -24.82 -103.41
N THR G 845 -11.06 -24.74 -102.48
CA THR G 845 -11.09 -23.68 -101.49
C THR G 845 -10.28 -24.10 -100.25
N VAL G 846 -9.49 -23.17 -99.75
CA VAL G 846 -8.73 -23.36 -98.51
C VAL G 846 -8.95 -22.14 -97.64
N ARG G 847 -8.63 -22.30 -96.36
CA ARG G 847 -8.83 -21.27 -95.35
C ARG G 847 -7.50 -20.58 -95.08
N SER G 848 -7.53 -19.26 -95.00
CA SER G 848 -6.34 -18.47 -94.76
C SER G 848 -6.01 -18.49 -93.27
N GLU G 849 -5.07 -17.63 -92.85
CA GLU G 849 -4.77 -17.51 -91.43
C GLU G 849 -6.00 -17.09 -90.63
N MET G 850 -6.80 -16.18 -91.19
CA MET G 850 -8.00 -15.67 -90.55
C MET G 850 -9.24 -16.49 -90.88
N GLY G 851 -9.10 -17.58 -91.63
CA GLY G 851 -10.23 -18.42 -91.97
C GLY G 851 -11.01 -17.97 -93.18
N GLU G 852 -10.51 -17.02 -93.96
CA GLU G 852 -11.22 -16.57 -95.14
C GLU G 852 -11.06 -17.59 -96.25
N PRO G 853 -12.10 -17.85 -97.06
CA PRO G 853 -11.91 -18.75 -98.21
C PRO G 853 -10.94 -18.17 -99.22
N ILE G 854 -10.09 -19.03 -99.76
CA ILE G 854 -9.21 -18.71 -100.88
C ILE G 854 -9.32 -19.82 -101.89
N HIS G 855 -9.63 -19.48 -103.13
CA HIS G 855 -9.53 -20.46 -104.21
C HIS G 855 -8.09 -20.62 -104.63
N LYS G 856 -7.63 -21.86 -104.71
CA LYS G 856 -6.28 -22.17 -105.11
C LYS G 856 -6.29 -23.40 -106.00
N ILE G 857 -5.28 -23.53 -106.85
CA ILE G 857 -5.14 -24.73 -107.67
C ILE G 857 -4.92 -25.90 -106.74
N ALA G 858 -5.48 -27.06 -107.11
CA ALA G 858 -5.39 -28.23 -106.25
C ALA G 858 -4.03 -28.91 -106.38
N THR G 859 -2.97 -28.18 -106.01
CA THR G 859 -1.65 -28.76 -105.92
C THR G 859 -1.54 -29.63 -104.68
N ARG G 860 -0.51 -30.46 -104.62
CA ARG G 860 -0.32 -31.33 -103.46
C ARG G 860 -0.17 -30.51 -102.18
N GLY G 861 0.55 -29.39 -102.26
CA GLY G 861 0.63 -28.51 -101.11
C GLY G 861 -0.70 -27.94 -100.70
N VAL G 862 -1.55 -27.60 -101.69
CA VAL G 862 -2.85 -27.04 -101.37
C VAL G 862 -3.77 -28.10 -100.76
N MET G 863 -3.67 -29.34 -101.25
CA MET G 863 -4.44 -30.41 -100.63
C MET G 863 -3.97 -30.68 -99.21
N LEU G 864 -2.66 -30.58 -98.96
CA LEU G 864 -2.18 -30.67 -97.59
C LEU G 864 -2.73 -29.52 -96.75
N TRP G 865 -2.75 -28.32 -97.31
CA TRP G 865 -3.33 -27.17 -96.62
C TRP G 865 -4.78 -27.43 -96.23
N LYS G 866 -5.57 -27.98 -97.17
CA LYS G 866 -6.96 -28.28 -96.89
C LYS G 866 -7.10 -29.39 -95.84
N GLU G 867 -6.28 -30.43 -95.94
CA GLU G 867 -6.34 -31.52 -94.95
C GLU G 867 -6.01 -31.00 -93.56
N PHE G 868 -4.98 -30.16 -93.44
CA PHE G 868 -4.66 -29.58 -92.16
C PHE G 868 -5.75 -28.63 -91.69
N ASP G 869 -6.42 -27.95 -92.62
CA ASP G 869 -7.53 -27.08 -92.23
C ASP G 869 -8.66 -27.90 -91.61
N GLU G 870 -8.96 -29.06 -92.18
CA GLU G 870 -10.06 -29.86 -91.64
C GLU G 870 -9.67 -30.75 -90.46
N THR G 871 -8.37 -31.02 -90.24
CA THR G 871 -7.98 -31.98 -89.21
C THR G 871 -7.08 -31.44 -88.11
N ILE G 872 -6.49 -30.25 -88.26
CA ILE G 872 -5.53 -29.74 -87.28
C ILE G 872 -5.93 -28.32 -86.89
N PHE G 873 -6.06 -27.44 -87.88
CA PHE G 873 -6.25 -26.02 -87.59
C PHE G 873 -7.61 -25.75 -86.98
N ASN G 874 -8.65 -26.45 -87.46
CA ASN G 874 -9.99 -26.20 -86.92
C ASN G 874 -10.10 -26.60 -85.46
N LEU G 875 -9.23 -27.48 -84.98
CA LEU G 875 -9.34 -27.99 -83.62
C LEU G 875 -9.07 -26.86 -82.62
N PRO G 876 -9.58 -26.99 -81.40
CA PRO G 876 -9.37 -25.91 -80.42
C PRO G 876 -7.92 -25.84 -79.95
N LYS G 877 -7.62 -24.72 -79.29
CA LYS G 877 -6.24 -24.44 -78.89
C LYS G 877 -5.73 -25.48 -77.90
N ASN G 878 -6.57 -25.91 -76.96
CA ASN G 878 -6.15 -26.90 -75.99
C ASN G 878 -5.79 -28.23 -76.65
N LYS G 879 -6.48 -28.57 -77.74
CA LYS G 879 -6.27 -29.84 -78.43
C LYS G 879 -5.26 -29.75 -79.57
N LEU G 880 -4.82 -28.54 -79.95
CA LEU G 880 -3.88 -28.42 -81.05
C LEU G 880 -2.51 -29.00 -80.73
N VAL G 881 -2.00 -28.79 -79.51
CA VAL G 881 -0.66 -29.26 -79.16
C VAL G 881 -0.63 -30.78 -79.10
N PRO G 882 -1.55 -31.43 -78.40
CA PRO G 882 -1.53 -32.91 -78.38
C PRO G 882 -1.65 -33.54 -79.76
N THR G 883 -2.48 -33.00 -80.65
CA THR G 883 -2.63 -33.62 -81.95
C THR G 883 -1.38 -33.41 -82.81
N LEU G 884 -0.73 -32.25 -82.66
CA LEU G 884 0.54 -32.04 -83.36
C LEU G 884 1.60 -33.00 -82.85
N GLU G 885 1.66 -33.22 -81.54
CA GLU G 885 2.59 -34.21 -81.01
C GLU G 885 2.27 -35.60 -81.53
N ALA G 886 0.99 -35.96 -81.59
CA ALA G 886 0.61 -37.29 -82.03
C ALA G 886 0.93 -37.52 -83.49
N LYS G 887 0.61 -36.55 -84.35
CA LYS G 887 0.80 -36.66 -85.80
C LYS G 887 2.07 -35.94 -86.26
N ARG G 888 3.05 -35.79 -85.38
CA ARG G 888 4.31 -35.15 -85.76
C ARG G 888 4.93 -35.84 -86.97
N ASP G 889 5.06 -37.17 -86.93
CA ASP G 889 5.72 -37.89 -88.00
C ASP G 889 4.96 -37.74 -89.32
N TYR G 890 3.63 -37.88 -89.27
CA TYR G 890 2.83 -37.73 -90.48
C TYR G 890 2.91 -36.31 -91.02
N ILE G 891 2.82 -35.31 -90.13
CA ILE G 891 2.88 -33.92 -90.58
C ILE G 891 4.24 -33.64 -91.22
N ILE G 892 5.32 -34.13 -90.61
CA ILE G 892 6.65 -33.90 -91.15
C ILE G 892 6.77 -34.57 -92.52
N SER G 893 6.27 -35.80 -92.64
CA SER G 893 6.34 -36.50 -93.91
C SER G 893 5.61 -35.73 -94.99
N ARG G 894 4.41 -35.24 -94.68
CA ARG G 894 3.63 -34.51 -95.67
C ARG G 894 4.29 -33.18 -96.02
N LEU G 895 4.83 -32.46 -95.03
CA LEU G 895 5.51 -31.21 -95.31
C LEU G 895 6.70 -31.42 -96.23
N ASN G 896 7.49 -32.47 -95.97
CA ASN G 896 8.69 -32.69 -96.75
C ASN G 896 8.34 -33.21 -98.15
N ALA G 897 7.24 -33.94 -98.29
CA ALA G 897 6.91 -34.56 -99.57
C ALA G 897 6.09 -33.65 -100.48
N ASP G 898 5.25 -32.77 -99.92
CA ASP G 898 4.18 -32.17 -100.69
C ASP G 898 4.00 -30.67 -100.49
N PHE G 899 4.77 -30.03 -99.60
CA PHE G 899 4.55 -28.64 -99.25
C PHE G 899 5.76 -27.79 -99.54
N GLN G 900 5.50 -26.53 -99.93
CA GLN G 900 6.56 -25.59 -100.27
C GLN G 900 7.43 -25.25 -99.07
N LYS G 901 6.90 -25.33 -97.86
CA LYS G 901 7.65 -25.15 -96.63
C LYS G 901 7.94 -26.54 -96.06
N PRO G 902 9.05 -27.17 -96.41
CA PRO G 902 9.34 -28.49 -95.83
C PRO G 902 9.68 -28.38 -94.36
N TRP G 903 9.58 -29.51 -93.67
CA TRP G 903 10.09 -29.59 -92.31
C TRP G 903 11.57 -29.24 -92.31
N PHE G 904 11.95 -28.29 -91.47
CA PHE G 904 13.33 -27.82 -91.50
C PHE G 904 14.29 -28.93 -91.09
N ALA G 905 14.00 -29.61 -89.98
CA ALA G 905 14.93 -30.58 -89.43
C ALA G 905 14.84 -31.89 -90.23
N THR G 906 15.34 -31.82 -91.46
CA THR G 906 15.42 -32.95 -92.37
C THR G 906 16.81 -32.94 -92.99
N VAL G 907 17.63 -33.92 -92.62
CA VAL G 907 19.02 -34.00 -93.05
C VAL G 907 19.15 -35.17 -94.00
N ASN G 908 19.44 -34.87 -95.27
CA ASN G 908 19.59 -35.88 -96.31
C ASN G 908 18.34 -36.76 -96.39
N GLY G 909 17.18 -36.15 -96.22
CA GLY G 909 15.90 -36.82 -96.35
C GLY G 909 15.40 -37.49 -95.08
N GLN G 910 16.21 -37.56 -94.04
CA GLN G 910 15.81 -38.21 -92.79
C GLN G 910 15.13 -37.19 -91.89
N ALA G 911 13.86 -37.40 -91.60
CA ALA G 911 13.16 -36.52 -90.68
C ALA G 911 13.86 -36.53 -89.33
N ARG G 912 14.13 -35.32 -88.82
CA ARG G 912 14.89 -35.17 -87.59
C ARG G 912 14.24 -34.04 -86.81
N ASP G 913 14.96 -33.54 -85.80
CA ASP G 913 14.49 -32.43 -85.00
C ASP G 913 15.61 -31.42 -84.84
N LEU G 914 15.21 -30.17 -84.58
CA LEU G 914 16.17 -29.09 -84.42
C LEU G 914 17.13 -29.38 -83.28
N ALA G 915 16.66 -30.06 -82.25
CA ALA G 915 17.50 -30.51 -81.15
C ALA G 915 18.32 -31.73 -81.49
N THR G 916 17.98 -32.44 -82.56
CA THR G 916 18.65 -33.66 -82.98
C THR G 916 19.53 -33.46 -84.21
N MET G 917 19.73 -32.21 -84.64
CA MET G 917 20.66 -31.94 -85.75
C MET G 917 21.82 -31.13 -85.22
N THR G 918 22.95 -31.21 -85.92
CA THR G 918 24.16 -30.50 -85.52
C THR G 918 24.18 -29.10 -86.12
N TYR G 919 25.15 -28.31 -85.69
CA TYR G 919 25.28 -26.94 -86.19
C TYR G 919 25.61 -26.92 -87.68
N GLU G 920 26.49 -27.82 -88.12
CA GLU G 920 26.78 -27.91 -89.54
C GLU G 920 25.56 -28.35 -90.32
N GLU G 921 24.78 -29.29 -89.77
CA GLU G 921 23.56 -29.72 -90.44
C GLU G 921 22.56 -28.57 -90.54
N VAL G 922 22.45 -27.75 -89.49
CA VAL G 922 21.55 -26.61 -89.54
C VAL G 922 22.01 -25.62 -90.59
N ALA G 923 23.31 -25.33 -90.64
CA ALA G 923 23.81 -24.39 -91.63
C ALA G 923 23.60 -24.93 -93.05
N LYS G 924 23.85 -26.22 -93.25
CA LYS G 924 23.67 -26.82 -94.57
C LYS G 924 22.22 -26.79 -94.99
N ARG G 925 21.30 -27.09 -94.05
CA ARG G 925 19.88 -27.03 -94.36
C ARG G 925 19.46 -25.60 -94.70
N LEU G 926 19.99 -24.63 -93.96
CA LEU G 926 19.67 -23.24 -94.26
C LEU G 926 20.15 -22.87 -95.65
N VAL G 927 21.36 -23.28 -96.02
CA VAL G 927 21.85 -22.97 -97.36
C VAL G 927 20.99 -23.66 -98.41
N GLU G 928 20.62 -24.91 -98.18
CA GLU G 928 19.80 -25.64 -99.13
C GLU G 928 18.45 -24.96 -99.34
N LEU G 929 17.83 -24.48 -98.27
CA LEU G 929 16.47 -23.94 -98.35
C LEU G 929 16.42 -22.42 -98.56
N MET G 930 17.55 -21.73 -98.56
CA MET G 930 17.55 -20.27 -98.69
C MET G 930 18.48 -19.75 -99.77
N PHE G 931 19.45 -20.54 -100.22
CA PHE G 931 20.38 -20.13 -101.26
C PHE G 931 20.08 -20.92 -102.53
N ILE G 932 19.87 -20.22 -103.64
CA ILE G 932 19.48 -20.82 -104.90
C ILE G 932 20.74 -21.09 -105.71
N ARG G 933 20.93 -22.35 -106.11
CA ARG G 933 22.13 -22.71 -106.86
C ARG G 933 22.05 -22.26 -108.30
N SER G 934 20.86 -22.31 -108.92
CA SER G 934 20.73 -21.93 -110.32
C SER G 934 21.11 -20.48 -110.54
N THR G 935 20.62 -19.59 -109.67
CA THR G 935 21.00 -18.18 -109.73
C THR G 935 22.29 -17.89 -108.98
N ASN G 936 22.82 -18.85 -108.23
CA ASN G 936 24.07 -18.70 -107.49
C ASN G 936 24.01 -17.51 -106.54
N SER G 937 22.84 -17.31 -105.92
CA SER G 937 22.66 -16.17 -105.03
C SER G 937 21.57 -16.51 -104.03
N TRP G 938 21.57 -15.77 -102.92
CA TRP G 938 20.52 -15.90 -101.93
C TRP G 938 19.21 -15.36 -102.48
N PHE G 939 18.11 -16.06 -102.17
CA PHE G 939 16.82 -15.60 -102.65
C PHE G 939 16.43 -14.29 -101.99
N ASP G 940 16.83 -14.08 -100.74
CA ASP G 940 16.51 -12.85 -100.03
C ASP G 940 17.65 -12.48 -99.09
N VAL G 941 17.91 -11.18 -99.03
CA VAL G 941 18.98 -10.68 -98.16
C VAL G 941 18.64 -10.94 -96.70
N THR G 942 17.35 -10.92 -96.33
CA THR G 942 16.99 -11.24 -94.96
C THR G 942 17.31 -12.70 -94.63
N TRP G 943 17.09 -13.60 -95.58
CA TRP G 943 17.50 -14.99 -95.41
C TRP G 943 19.01 -15.10 -95.28
N ARG G 944 19.74 -14.34 -96.10
CA ARG G 944 21.20 -14.33 -96.00
C ARG G 944 21.64 -13.87 -94.61
N THR G 945 21.01 -12.81 -94.10
CA THR G 945 21.31 -12.32 -92.76
C THR G 945 20.97 -13.35 -91.71
N PHE G 946 19.87 -14.08 -91.90
CA PHE G 946 19.50 -15.15 -90.99
C PHE G 946 20.62 -16.19 -90.89
N THR G 947 21.10 -16.67 -92.04
CA THR G 947 22.13 -17.69 -92.04
C THR G 947 23.43 -17.16 -91.44
N GLY G 948 23.79 -15.92 -91.77
CA GLY G 948 24.98 -15.33 -91.18
C GLY G 948 24.87 -15.17 -89.68
N ASP G 949 23.69 -14.79 -89.20
CA ASP G 949 23.47 -14.68 -87.76
C ASP G 949 23.61 -16.04 -87.09
N PHE G 950 23.08 -17.09 -87.73
CA PHE G 950 23.25 -18.43 -87.16
C PHE G 950 24.71 -18.81 -87.10
N LEU G 951 25.47 -18.52 -88.15
CA LEU G 951 26.89 -18.86 -88.14
C LEU G 951 27.64 -18.07 -87.07
N ARG G 952 27.27 -16.81 -86.88
CA ARG G 952 27.89 -16.03 -85.81
C ARG G 952 27.56 -16.63 -84.45
N ARG G 953 26.33 -17.12 -84.28
CA ARG G 953 25.96 -17.81 -83.04
C ARG G 953 26.77 -19.08 -82.86
N VAL G 954 27.03 -19.81 -83.95
CA VAL G 954 27.88 -20.99 -83.87
C VAL G 954 29.28 -20.61 -83.42
N GLU G 955 29.83 -19.54 -83.98
CA GLU G 955 31.16 -19.09 -83.58
C GLU G 955 31.17 -18.69 -82.11
N GLU G 956 30.13 -18.00 -81.66
CA GLU G 956 30.04 -17.63 -80.24
C GLU G 956 30.00 -18.87 -79.36
N ARG G 957 29.20 -19.86 -79.74
CA ARG G 957 29.03 -21.04 -78.91
C ARG G 957 30.33 -21.84 -78.81
N PHE G 958 31.06 -21.96 -79.92
CA PHE G 958 32.18 -22.90 -79.97
C PHE G 958 33.54 -22.23 -79.88
N THR G 959 33.61 -20.91 -79.77
CA THR G 959 34.87 -20.21 -79.50
C THR G 959 35.12 -20.22 -78.01
N LYS G 960 36.38 -20.44 -77.63
CA LYS G 960 36.76 -20.49 -76.23
C LYS G 960 37.13 -19.13 -75.65
N SER G 961 37.28 -18.11 -76.48
CA SER G 961 37.69 -16.80 -76.00
C SER G 961 37.39 -15.78 -77.10
N LYS G 962 37.85 -14.55 -76.89
CA LYS G 962 37.68 -13.49 -77.88
C LYS G 962 38.33 -13.89 -79.18
N THR G 963 37.67 -13.57 -80.30
CA THR G 963 38.28 -13.82 -81.60
C THR G 963 37.52 -13.03 -82.66
N LEU G 964 38.23 -12.67 -83.72
CA LEU G 964 37.58 -12.02 -84.85
C LEU G 964 36.55 -12.95 -85.47
N SER G 965 35.39 -12.39 -85.81
CA SER G 965 34.38 -13.17 -86.52
C SER G 965 34.92 -13.64 -87.86
N LEU G 966 34.73 -14.92 -88.15
CA LEU G 966 35.11 -15.42 -89.47
C LEU G 966 34.27 -14.79 -90.57
N ILE G 967 32.99 -14.60 -90.33
CA ILE G 967 32.12 -13.86 -91.23
C ILE G 967 32.13 -12.42 -90.70
N GLN G 968 32.98 -11.60 -91.30
CA GLN G 968 33.02 -10.18 -90.94
C GLN G 968 31.94 -9.40 -91.66
N SER G 969 31.75 -9.69 -92.95
CA SER G 969 30.67 -9.12 -93.74
C SER G 969 29.78 -10.25 -94.19
N TYR G 970 28.47 -9.97 -94.23
CA TYR G 970 27.54 -10.96 -94.75
C TYR G 970 27.76 -11.26 -96.22
N SER G 971 28.44 -10.36 -96.95
CA SER G 971 28.63 -10.57 -98.38
C SER G 971 29.45 -11.81 -98.67
N LEU G 972 30.22 -12.31 -97.71
CA LEU G 972 31.00 -13.52 -97.92
C LEU G 972 30.09 -14.72 -98.16
N LEU G 973 28.86 -14.68 -97.65
CA LEU G 973 27.93 -15.80 -97.85
C LEU G 973 27.47 -15.95 -99.29
N ASP G 974 27.91 -15.11 -100.22
CA ASP G 974 27.64 -15.35 -101.63
C ASP G 974 28.26 -16.66 -102.10
N LYS G 975 29.24 -17.19 -101.38
CA LYS G 975 29.76 -18.55 -101.56
C LYS G 975 29.47 -19.27 -100.24
N PRO G 976 28.22 -19.71 -100.03
CA PRO G 976 27.84 -20.23 -98.71
C PRO G 976 28.50 -21.54 -98.36
N ASP G 977 28.73 -22.42 -99.33
CA ASP G 977 29.46 -23.65 -99.04
C ASP G 977 30.85 -23.33 -98.52
N GLU G 978 31.54 -22.37 -99.15
CA GLU G 978 32.87 -21.99 -98.70
C GLU G 978 32.82 -21.36 -97.32
N ALA G 979 31.84 -20.50 -97.06
CA ALA G 979 31.72 -19.88 -95.75
C ALA G 979 31.46 -20.91 -94.65
N ILE G 980 30.57 -21.87 -94.92
CA ILE G 980 30.28 -22.91 -93.95
C ILE G 980 31.51 -23.78 -93.72
N GLU G 981 32.20 -24.13 -94.80
CA GLU G 981 33.40 -24.97 -94.67
C GLU G 981 34.44 -24.26 -93.82
N LYS G 982 34.62 -22.96 -94.05
CA LYS G 982 35.58 -22.19 -93.26
C LYS G 982 35.17 -22.15 -91.79
N VAL G 983 33.90 -21.85 -91.52
CA VAL G 983 33.45 -21.69 -90.15
C VAL G 983 33.58 -23.01 -89.38
N PHE G 984 33.16 -24.10 -90.00
CA PHE G 984 33.17 -25.38 -89.30
C PHE G 984 34.52 -26.10 -89.39
N ASN G 985 35.45 -25.60 -90.22
CA ASN G 985 36.84 -26.01 -90.07
C ASN G 985 37.49 -25.29 -88.91
N ALA G 986 37.15 -24.01 -88.72
CA ALA G 986 37.68 -23.27 -87.58
C ALA G 986 37.11 -23.80 -86.27
N TYR G 987 35.88 -24.31 -86.29
CA TYR G 987 35.22 -24.87 -85.11
C TYR G 987 34.73 -26.27 -85.45
N PRO G 988 35.64 -27.24 -85.59
CA PRO G 988 35.20 -28.60 -85.96
C PRO G 988 34.34 -29.27 -84.93
N ALA G 989 34.36 -28.81 -83.68
CA ALA G 989 33.53 -29.40 -82.65
C ALA G 989 32.05 -29.21 -82.92
N ALA G 990 31.69 -28.25 -83.78
CA ALA G 990 30.29 -27.99 -84.08
C ALA G 990 29.72 -28.90 -85.16
N ARG G 991 30.55 -29.70 -85.83
CA ARG G 991 30.07 -30.56 -86.91
C ARG G 991 29.32 -31.78 -86.41
N GLU G 992 29.69 -32.32 -85.27
CA GLU G 992 29.13 -33.56 -84.74
C GLU G 992 28.55 -33.33 -83.35
N GLN G 993 27.76 -32.27 -83.23
CA GLN G 993 27.29 -31.78 -81.94
C GLN G 993 25.92 -31.17 -82.12
N PHE G 994 24.92 -31.77 -81.48
CA PHE G 994 23.55 -31.31 -81.64
C PHE G 994 23.41 -29.89 -81.14
N LEU G 995 22.39 -29.20 -81.65
CA LEU G 995 22.16 -27.81 -81.27
C LEU G 995 21.93 -27.70 -79.77
N ASN G 996 22.65 -26.78 -79.15
CA ASN G 996 22.35 -26.44 -77.76
C ASN G 996 20.94 -25.90 -77.66
N ALA G 997 20.27 -26.20 -76.56
CA ALA G 997 18.87 -25.79 -76.41
C ALA G 997 18.73 -24.27 -76.45
N GLN G 998 19.75 -23.56 -75.95
CA GLN G 998 19.78 -22.11 -76.09
C GLN G 998 19.77 -21.70 -77.55
N ASP G 999 20.55 -22.40 -78.38
CA ASP G 999 20.63 -22.04 -79.79
C ASP G 999 19.38 -22.46 -80.54
N ILE G 1000 18.69 -23.50 -80.06
CA ILE G 1000 17.39 -23.83 -80.63
C ILE G 1000 16.40 -22.71 -80.36
N ASP G 1001 16.36 -22.24 -79.12
CA ASP G 1001 15.47 -21.13 -78.77
C ASP G 1001 15.81 -19.88 -79.57
N HIS G 1002 17.11 -19.61 -79.73
CA HIS G 1002 17.53 -18.47 -80.54
C HIS G 1002 17.12 -18.64 -82.00
N PHE G 1003 17.29 -19.84 -82.55
CA PHE G 1003 16.91 -20.09 -83.93
C PHE G 1003 15.42 -19.86 -84.13
N LEU G 1004 14.61 -20.33 -83.19
CA LEU G 1004 13.17 -20.12 -83.31
C LEU G 1004 12.81 -18.65 -83.18
N SER G 1005 13.44 -17.94 -82.24
CA SER G 1005 13.13 -16.53 -82.06
C SER G 1005 13.48 -15.74 -83.31
N MET G 1006 14.63 -16.03 -83.92
CA MET G 1006 15.03 -15.30 -85.11
C MET G 1006 14.36 -15.85 -86.36
N CYS G 1007 13.68 -16.99 -86.27
CA CYS G 1007 12.69 -17.34 -87.27
C CYS G 1007 11.44 -16.48 -87.13
N GLN G 1008 11.05 -16.18 -85.89
CA GLN G 1008 9.89 -15.34 -85.60
C GLN G 1008 10.21 -13.85 -85.69
N ASN G 1009 11.44 -13.48 -86.01
CA ASN G 1009 11.82 -12.07 -86.15
C ASN G 1009 10.92 -11.37 -87.17
N PRO G 1010 10.31 -10.21 -86.84
CA PRO G 1010 9.35 -9.63 -87.81
C PRO G 1010 10.02 -8.96 -89.00
N MET G 1011 11.13 -8.26 -88.79
CA MET G 1011 11.82 -7.57 -89.89
C MET G 1011 12.70 -8.55 -90.65
N GLN G 1012 12.05 -9.54 -91.26
CA GLN G 1012 12.70 -10.64 -91.94
C GLN G 1012 11.66 -11.32 -92.81
N LYS G 1013 12.07 -11.73 -94.00
CA LYS G 1013 11.17 -12.51 -94.83
C LYS G 1013 10.84 -13.82 -94.11
N PRO G 1014 9.57 -14.24 -94.07
CA PRO G 1014 9.25 -15.51 -93.40
C PRO G 1014 10.03 -16.68 -93.97
N VAL G 1015 10.51 -17.53 -93.07
CA VAL G 1015 11.43 -18.61 -93.43
C VAL G 1015 10.73 -19.65 -94.29
N PRO G 1016 11.41 -20.27 -95.28
CA PRO G 1016 10.75 -21.22 -96.17
C PRO G 1016 10.71 -22.65 -95.61
N PHE G 1017 10.23 -22.79 -94.39
CA PHE G 1017 10.14 -24.10 -93.77
C PHE G 1017 9.37 -23.97 -92.46
N VAL G 1018 9.03 -25.11 -91.87
CA VAL G 1018 8.45 -25.18 -90.54
C VAL G 1018 9.58 -25.55 -89.58
N PRO G 1019 9.96 -24.67 -88.64
CA PRO G 1019 11.08 -25.04 -87.75
C PRO G 1019 10.66 -25.98 -86.63
N VAL G 1020 9.46 -25.79 -86.07
CA VAL G 1020 8.93 -26.66 -85.03
C VAL G 1020 7.44 -26.82 -85.26
N LEU G 1021 6.86 -27.82 -84.58
CA LEU G 1021 5.41 -28.02 -84.54
C LEU G 1021 4.90 -27.60 -83.17
N ASP G 1022 4.25 -26.45 -83.10
CA ASP G 1022 3.77 -25.91 -81.83
C ASP G 1022 2.50 -25.11 -82.13
N ARG G 1023 2.08 -24.28 -81.16
CA ARG G 1023 0.88 -23.48 -81.34
C ARG G 1023 0.97 -22.56 -82.54
N ARG G 1024 2.17 -22.13 -82.91
CA ARG G 1024 2.39 -21.25 -84.05
C ARG G 1024 2.59 -22.02 -85.35
N PHE G 1025 2.27 -23.31 -85.37
CA PHE G 1025 2.46 -24.11 -86.58
C PHE G 1025 1.59 -23.61 -87.72
N GLU G 1026 0.35 -23.21 -87.41
CA GLU G 1026 -0.52 -22.67 -88.45
C GLU G 1026 0.08 -21.41 -89.06
N ILE G 1027 0.62 -20.54 -88.20
CA ILE G 1027 1.26 -19.32 -88.69
C ILE G 1027 2.43 -19.67 -89.61
N PHE G 1028 3.28 -20.59 -89.16
CA PHE G 1028 4.42 -20.98 -89.99
C PHE G 1028 3.99 -21.61 -91.30
N PHE G 1029 2.91 -22.41 -91.26
CA PHE G 1029 2.47 -23.16 -92.43
C PHE G 1029 1.83 -22.26 -93.47
N LYS G 1030 1.05 -21.27 -93.03
CA LYS G 1030 0.26 -20.45 -93.93
C LYS G 1030 0.92 -19.14 -94.32
N LYS G 1031 1.84 -18.61 -93.50
CA LYS G 1031 2.42 -17.31 -93.80
C LYS G 1031 3.31 -17.36 -95.04
N ASP G 1032 3.18 -16.33 -95.88
CA ASP G 1032 4.06 -16.10 -97.02
C ASP G 1032 3.99 -17.25 -98.02
N SER G 1033 2.77 -17.53 -98.48
CA SER G 1033 2.49 -18.70 -99.29
C SER G 1033 2.24 -18.37 -100.76
N LEU G 1034 2.41 -17.11 -101.17
CA LEU G 1034 2.05 -16.67 -102.50
C LEU G 1034 3.23 -16.53 -103.45
N TRP G 1035 4.40 -16.13 -102.94
CA TRP G 1035 5.54 -15.84 -103.81
C TRP G 1035 6.11 -17.10 -104.46
N GLN G 1036 5.91 -18.27 -103.87
CA GLN G 1036 6.48 -19.49 -104.42
C GLN G 1036 5.89 -19.83 -105.77
N SER G 1037 4.70 -19.30 -106.09
CA SER G 1037 4.11 -19.54 -107.41
C SER G 1037 4.99 -18.96 -108.50
N GLU G 1038 5.47 -17.73 -108.32
CA GLU G 1038 6.31 -17.07 -109.30
C GLU G 1038 7.79 -17.29 -109.10
N HIS G 1039 8.19 -17.92 -107.99
CA HIS G 1039 9.60 -18.16 -107.67
C HIS G 1039 9.85 -19.63 -107.39
N LEU G 1040 9.44 -20.49 -108.33
CA LEU G 1040 9.65 -21.93 -108.16
C LEU G 1040 11.12 -22.30 -107.99
N GLU G 1041 12.05 -21.46 -108.43
CA GLU G 1041 13.46 -21.77 -108.27
C GLU G 1041 13.86 -21.89 -106.79
N ALA G 1042 13.08 -21.30 -105.88
CA ALA G 1042 13.31 -21.40 -104.45
C ALA G 1042 12.41 -22.45 -103.80
N VAL G 1043 12.20 -23.58 -104.47
CA VAL G 1043 11.37 -24.66 -103.97
C VAL G 1043 12.21 -25.94 -103.98
N VAL G 1044 11.80 -26.92 -103.18
CA VAL G 1044 12.64 -28.08 -102.88
C VAL G 1044 13.05 -28.80 -104.16
N ASP G 1045 12.08 -29.09 -105.03
CA ASP G 1045 12.36 -29.71 -106.33
C ASP G 1045 11.91 -28.82 -107.48
N GLN G 1046 11.68 -27.53 -107.23
CA GLN G 1046 11.10 -26.62 -108.21
C GLN G 1046 9.77 -27.18 -108.72
N ASP G 1047 9.02 -27.80 -107.81
CA ASP G 1047 7.80 -28.51 -108.13
C ASP G 1047 6.60 -27.61 -107.86
N VAL G 1048 5.78 -27.38 -108.88
CA VAL G 1048 4.57 -26.62 -108.71
C VAL G 1048 3.62 -27.29 -107.71
N GLN G 1049 3.68 -28.63 -107.60
CA GLN G 1049 2.77 -29.34 -106.73
C GLN G 1049 2.92 -28.94 -105.27
N ARG G 1050 4.07 -28.35 -104.92
CA ARG G 1050 4.29 -27.91 -103.54
C ARG G 1050 3.72 -26.52 -103.28
N THR G 1051 3.53 -25.71 -104.32
CA THR G 1051 3.26 -24.29 -104.16
C THR G 1051 1.75 -24.02 -104.17
N CYS G 1052 1.41 -22.78 -103.85
CA CYS G 1052 0.03 -22.32 -103.77
C CYS G 1052 -0.21 -21.28 -104.84
N ILE G 1053 -1.08 -21.59 -105.80
CA ILE G 1053 -1.46 -20.69 -106.88
C ILE G 1053 -2.93 -20.36 -106.72
N LEU G 1054 -3.22 -19.09 -106.44
CA LEU G 1054 -4.60 -18.63 -106.38
C LEU G 1054 -5.19 -18.58 -107.78
N HIS G 1055 -6.40 -19.13 -107.94
CA HIS G 1055 -6.99 -19.21 -109.27
C HIS G 1055 -8.49 -19.44 -109.13
N GLY G 1056 -9.24 -19.06 -110.16
CA GLY G 1056 -10.68 -19.11 -110.14
C GLY G 1056 -11.24 -20.34 -110.83
N PRO G 1057 -12.11 -21.11 -110.16
CA PRO G 1057 -12.61 -22.34 -110.78
C PRO G 1057 -13.40 -22.10 -112.06
N VAL G 1058 -14.17 -21.01 -112.13
CA VAL G 1058 -14.95 -20.74 -113.33
C VAL G 1058 -14.09 -20.11 -114.42
N ALA G 1059 -13.23 -19.17 -114.04
CA ALA G 1059 -12.36 -18.54 -115.01
C ALA G 1059 -11.29 -19.49 -115.54
N ALA G 1060 -11.06 -20.62 -114.88
CA ALA G 1060 -10.10 -21.59 -115.38
C ALA G 1060 -10.57 -22.26 -116.67
N GLN G 1061 -11.85 -22.17 -117.00
CA GLN G 1061 -12.34 -22.77 -118.24
C GLN G 1061 -11.68 -22.14 -119.46
N PHE G 1062 -11.51 -20.82 -119.44
CA PHE G 1062 -11.02 -20.06 -120.58
C PHE G 1062 -9.51 -19.86 -120.55
N THR G 1063 -8.84 -20.42 -119.55
CA THR G 1063 -7.38 -20.31 -119.42
C THR G 1063 -6.77 -21.59 -119.99
N LYS G 1064 -6.51 -21.57 -121.30
CA LYS G 1064 -5.92 -22.70 -122.01
C LYS G 1064 -4.57 -22.37 -122.62
N VAL G 1065 -4.49 -21.31 -123.42
CA VAL G 1065 -3.26 -20.98 -124.13
C VAL G 1065 -2.27 -20.38 -123.15
N ILE G 1066 -1.02 -20.82 -123.24
CA ILE G 1066 0.03 -20.41 -122.32
C ILE G 1066 0.94 -19.41 -123.02
N ASP G 1067 1.45 -18.46 -122.24
CA ASP G 1067 2.45 -17.48 -122.67
C ASP G 1067 1.91 -16.51 -123.73
N GLU G 1068 0.59 -16.42 -123.90
CA GLU G 1068 0.02 -15.42 -124.79
C GLU G 1068 0.14 -14.05 -124.14
N PRO G 1069 0.72 -13.04 -124.80
CA PRO G 1069 0.89 -11.76 -124.13
C PRO G 1069 -0.44 -11.13 -123.73
N ILE G 1070 -0.41 -10.38 -122.63
CA ILE G 1070 -1.64 -9.75 -122.13
C ILE G 1070 -2.19 -8.80 -123.18
N LYS G 1071 -1.30 -8.14 -123.94
CA LYS G 1071 -1.75 -7.35 -125.07
C LYS G 1071 -2.64 -8.20 -125.98
N SER G 1072 -2.18 -9.39 -126.35
CA SER G 1072 -2.96 -10.25 -127.23
C SER G 1072 -4.27 -10.67 -126.59
N ILE G 1073 -4.25 -11.03 -125.31
CA ILE G 1073 -5.45 -11.55 -124.65
C ILE G 1073 -6.52 -10.46 -124.57
N MET G 1074 -6.14 -9.28 -124.05
CA MET G 1074 -7.11 -8.21 -123.90
C MET G 1074 -7.54 -7.64 -125.25
N ASP G 1075 -6.63 -7.60 -126.23
CA ASP G 1075 -7.05 -7.19 -127.57
C ASP G 1075 -8.04 -8.18 -128.15
N GLY G 1076 -7.84 -9.47 -127.92
CA GLY G 1076 -8.81 -10.45 -128.38
C GLY G 1076 -10.17 -10.24 -127.75
N ILE G 1077 -10.21 -10.01 -126.44
CA ILE G 1077 -11.50 -9.80 -125.77
C ILE G 1077 -12.16 -8.54 -126.29
N HIS G 1078 -11.39 -7.44 -126.40
CA HIS G 1078 -11.95 -6.18 -126.86
C HIS G 1078 -12.44 -6.28 -128.30
N ASP G 1079 -11.67 -6.95 -129.17
CA ASP G 1079 -12.08 -7.09 -130.56
C ASP G 1079 -13.30 -7.99 -130.67
N GLY G 1080 -13.40 -9.01 -129.82
CA GLY G 1080 -14.61 -9.81 -129.80
C GLY G 1080 -15.83 -8.98 -129.45
N HIS G 1081 -15.72 -8.16 -128.40
CA HIS G 1081 -16.81 -7.26 -128.04
C HIS G 1081 -17.14 -6.32 -129.19
N ILE G 1082 -16.11 -5.77 -129.83
CA ILE G 1082 -16.33 -4.81 -130.91
C ILE G 1082 -17.06 -5.47 -132.07
N LYS G 1083 -16.64 -6.67 -132.47
CA LYS G 1083 -17.28 -7.29 -133.62
C LYS G 1083 -18.71 -7.72 -133.30
N LYS G 1084 -18.95 -8.22 -132.09
CA LYS G 1084 -20.32 -8.60 -131.73
C LYS G 1084 -21.22 -7.37 -131.69
N LEU G 1085 -20.74 -6.28 -131.09
CA LEU G 1085 -21.53 -5.05 -131.05
C LEU G 1085 -21.75 -4.51 -132.46
N LEU G 1086 -20.73 -4.57 -133.31
CA LEU G 1086 -20.87 -4.07 -134.67
C LEU G 1086 -21.90 -4.86 -135.43
N HIS G 1087 -21.88 -6.19 -135.29
CA HIS G 1087 -22.87 -7.02 -135.96
C HIS G 1087 -24.28 -6.73 -135.45
N GLN G 1088 -24.43 -6.55 -134.13
CA GLN G 1088 -25.77 -6.52 -133.57
C GLN G 1088 -26.39 -5.13 -133.63
N TYR G 1089 -25.67 -4.10 -133.17
CA TYR G 1089 -26.24 -2.75 -133.09
C TYR G 1089 -25.82 -1.82 -134.23
N TYR G 1090 -24.76 -2.14 -134.99
CA TYR G 1090 -24.28 -1.25 -136.03
C TYR G 1090 -24.29 -1.89 -137.42
N GLY G 1091 -24.86 -3.09 -137.55
CA GLY G 1091 -25.01 -3.70 -138.86
C GLY G 1091 -23.69 -4.00 -139.56
N ASP G 1092 -22.68 -4.40 -138.80
CA ASP G 1092 -21.37 -4.79 -139.33
C ASP G 1092 -20.69 -3.66 -140.12
N ASP G 1093 -21.10 -2.41 -139.90
CA ASP G 1093 -20.57 -1.25 -140.60
C ASP G 1093 -19.79 -0.40 -139.61
N GLU G 1094 -18.48 -0.28 -139.83
CA GLU G 1094 -17.67 0.59 -138.99
C GLU G 1094 -17.87 2.06 -139.30
N SER G 1095 -18.40 2.40 -140.47
CA SER G 1095 -18.72 3.79 -140.78
C SER G 1095 -19.87 4.32 -139.94
N LYS G 1096 -20.71 3.43 -139.40
CA LYS G 1096 -21.80 3.83 -138.52
C LYS G 1096 -21.33 4.16 -137.12
N ILE G 1097 -20.08 3.87 -136.78
CA ILE G 1097 -19.54 4.18 -135.45
C ILE G 1097 -19.39 5.70 -135.35
N PRO G 1098 -19.92 6.36 -134.32
CA PRO G 1098 -19.64 7.80 -134.18
C PRO G 1098 -18.16 8.06 -133.99
N ALA G 1099 -17.69 9.16 -134.57
CA ALA G 1099 -16.29 9.55 -134.52
C ALA G 1099 -16.14 10.79 -133.65
N VAL G 1100 -15.14 10.76 -132.76
CA VAL G 1100 -14.78 11.88 -131.92
C VAL G 1100 -13.27 12.09 -132.03
N GLU G 1101 -12.83 13.29 -131.66
CA GLU G 1101 -11.40 13.57 -131.70
C GLU G 1101 -10.65 12.66 -130.73
N TYR G 1102 -11.08 12.64 -129.48
CA TYR G 1102 -10.49 11.81 -128.44
C TYR G 1102 -11.59 11.24 -127.57
N PHE G 1103 -11.37 10.02 -127.09
CA PHE G 1103 -12.35 9.28 -126.31
C PHE G 1103 -11.84 9.12 -124.89
N GLY G 1104 -12.47 9.83 -123.95
CA GLY G 1104 -12.10 9.73 -122.56
C GLY G 1104 -12.40 11.02 -121.82
N GLY G 1105 -12.21 10.97 -120.52
CA GLY G 1105 -12.36 12.15 -119.68
C GLY G 1105 -13.78 12.57 -119.40
N GLU G 1106 -14.77 11.77 -119.79
CA GLU G 1106 -16.17 12.10 -119.56
C GLU G 1106 -16.60 11.54 -118.22
N SER G 1107 -17.00 12.41 -117.31
CA SER G 1107 -17.42 11.97 -116.00
C SER G 1107 -18.71 11.16 -116.12
N PRO G 1108 -18.90 10.12 -115.30
CA PRO G 1108 -20.16 9.37 -115.36
C PRO G 1108 -21.37 10.19 -114.96
N VAL G 1109 -21.18 11.27 -114.21
CA VAL G 1109 -22.29 12.11 -113.78
C VAL G 1109 -22.75 13.00 -114.92
N GLU G 1122 -21.59 28.13 -131.54
CA GLU G 1122 -21.51 29.51 -132.01
C GLU G 1122 -20.10 29.82 -132.52
N ASP G 1123 -20.02 30.32 -133.74
CA ASP G 1123 -18.72 30.61 -134.34
C ASP G 1123 -17.99 31.71 -133.58
N SER G 1124 -18.72 32.77 -133.20
CA SER G 1124 -18.17 33.91 -132.47
C SER G 1124 -19.01 34.10 -131.21
N ALA G 1125 -18.38 33.95 -130.05
CA ALA G 1125 -19.07 34.01 -128.77
C ALA G 1125 -18.32 34.91 -127.80
N VAL G 1126 -19.07 35.53 -126.88
CA VAL G 1126 -18.52 36.36 -125.83
C VAL G 1126 -19.13 35.91 -124.51
N PHE G 1127 -18.29 35.65 -123.52
CA PHE G 1127 -18.70 35.22 -122.19
C PHE G 1127 -18.09 36.13 -121.14
N LYS G 1128 -18.85 36.43 -120.10
CA LYS G 1128 -18.41 37.33 -119.04
C LYS G 1128 -18.58 36.64 -117.70
N ALA G 1129 -17.53 36.67 -116.89
CA ALA G 1129 -17.51 36.02 -115.59
C ALA G 1129 -17.88 37.02 -114.51
N THR G 1130 -18.66 36.57 -113.54
CA THR G 1130 -19.01 37.36 -112.37
C THR G 1130 -18.81 36.50 -111.13
N SER G 1131 -19.08 37.08 -109.97
CA SER G 1131 -18.86 36.36 -108.72
C SER G 1131 -19.83 35.20 -108.56
N SER G 1132 -21.03 35.32 -109.13
CA SER G 1132 -22.10 34.36 -108.91
C SER G 1132 -22.17 33.25 -109.96
N THR G 1133 -21.27 33.26 -110.96
CA THR G 1133 -21.31 32.21 -111.97
C THR G 1133 -20.83 30.89 -111.39
N ASP G 1134 -21.36 29.79 -111.94
CA ASP G 1134 -20.97 28.46 -111.53
C ASP G 1134 -19.84 27.96 -112.43
N GLU G 1135 -18.80 27.43 -111.80
CA GLU G 1135 -17.56 27.12 -112.51
C GLU G 1135 -17.77 26.05 -113.56
N GLU G 1136 -18.58 25.04 -113.25
CA GLU G 1136 -18.78 23.94 -114.18
C GLU G 1136 -19.43 24.43 -115.47
N SER G 1137 -20.47 25.25 -115.36
CA SER G 1137 -21.13 25.75 -116.56
C SER G 1137 -20.24 26.74 -117.30
N TRP G 1138 -19.46 27.53 -116.56
CA TRP G 1138 -18.51 28.44 -117.21
C TRP G 1138 -17.52 27.66 -118.08
N PHE G 1139 -16.95 26.59 -117.52
CA PHE G 1139 -15.97 25.81 -118.26
C PHE G 1139 -16.63 25.03 -119.39
N LYS G 1140 -17.86 24.54 -119.17
CA LYS G 1140 -18.57 23.86 -120.25
C LYS G 1140 -18.82 24.79 -121.42
N ALA G 1141 -19.22 26.03 -121.13
CA ALA G 1141 -19.45 27.00 -122.18
C ALA G 1141 -18.15 27.32 -122.92
N LEU G 1142 -17.04 27.47 -122.18
CA LEU G 1142 -15.77 27.71 -122.83
C LEU G 1142 -15.36 26.53 -123.72
N ALA G 1143 -15.58 25.31 -123.24
CA ALA G 1143 -15.19 24.12 -123.99
C ALA G 1143 -16.00 23.98 -125.27
N GLY G 1144 -17.31 24.16 -125.19
CA GLY G 1144 -18.18 23.93 -126.33
C GLY G 1144 -18.62 22.49 -126.43
N SER G 1145 -19.41 22.23 -127.48
CA SER G 1145 -20.00 20.90 -127.65
C SER G 1145 -19.09 19.95 -128.40
N GLU G 1146 -18.46 20.43 -129.48
CA GLU G 1146 -17.69 19.57 -130.36
C GLU G 1146 -16.41 19.14 -129.66
N ILE G 1147 -16.09 17.86 -129.75
CA ILE G 1147 -14.95 17.28 -129.05
C ILE G 1147 -13.68 17.68 -129.79
N ASN G 1148 -12.78 18.38 -129.11
CA ASN G 1148 -11.57 18.86 -129.76
C ASN G 1148 -10.58 19.32 -128.70
N TRP G 1149 -9.49 19.95 -129.17
CA TRP G 1149 -8.46 20.45 -128.26
C TRP G 1149 -9.04 21.46 -127.28
N ARG G 1150 -10.02 22.25 -127.70
CA ARG G 1150 -10.65 23.20 -126.78
C ARG G 1150 -11.41 22.45 -125.69
N HIS G 1151 -12.11 21.39 -126.07
CA HIS G 1151 -12.83 20.58 -125.09
C HIS G 1151 -11.87 20.01 -124.06
N ALA G 1152 -10.75 19.45 -124.54
CA ALA G 1152 -9.74 18.92 -123.64
C ALA G 1152 -9.15 20.02 -122.76
N SER G 1153 -8.88 21.18 -123.35
CA SER G 1153 -8.23 22.26 -122.62
C SER G 1153 -9.11 22.74 -121.47
N PHE G 1154 -10.41 22.87 -121.71
CA PHE G 1154 -11.29 23.48 -120.73
C PHE G 1154 -12.05 22.47 -119.87
N LEU G 1155 -11.91 21.16 -120.12
CA LEU G 1155 -12.58 20.16 -119.29
C LEU G 1155 -11.65 19.11 -118.72
N CYS G 1156 -10.54 18.80 -119.39
CA CYS G 1156 -9.60 17.84 -118.84
C CYS G 1156 -9.07 18.35 -117.50
N SER G 1157 -9.17 17.50 -116.48
CA SER G 1157 -8.80 17.92 -115.14
C SER G 1157 -7.30 18.00 -114.96
N PHE G 1158 -6.55 17.08 -115.57
CA PHE G 1158 -5.11 16.99 -115.39
C PHE G 1158 -4.42 17.02 -116.74
N ILE G 1159 -3.24 17.62 -116.77
CA ILE G 1159 -2.36 17.59 -117.94
C ILE G 1159 -1.15 16.74 -117.60
N THR G 1160 -0.47 16.28 -118.65
CA THR G 1160 0.63 15.35 -118.52
C THR G 1160 1.95 16.11 -118.58
N GLN G 1161 2.72 16.04 -117.50
CA GLN G 1161 4.08 16.56 -117.48
C GLN G 1161 4.99 15.56 -118.19
N ASP G 1162 6.31 15.64 -117.97
CA ASP G 1162 7.23 14.74 -118.64
C ASP G 1162 6.80 13.28 -118.48
N LYS G 1163 6.43 12.87 -117.26
CA LYS G 1163 5.70 11.63 -117.09
C LYS G 1163 4.67 11.74 -115.97
N MET G 1164 4.39 12.94 -115.47
CA MET G 1164 3.64 13.16 -114.25
C MET G 1164 2.31 13.83 -114.60
N PHE G 1165 1.37 13.76 -113.67
CA PHE G 1165 0.05 14.34 -113.84
C PHE G 1165 -0.11 15.52 -112.89
N VAL G 1166 -0.50 16.67 -113.43
CA VAL G 1166 -0.64 17.90 -112.65
C VAL G 1166 -1.94 18.58 -113.04
N SER G 1167 -2.40 19.47 -112.18
CA SER G 1167 -3.63 20.20 -112.40
C SER G 1167 -3.57 21.00 -113.70
N ASN G 1168 -4.68 21.06 -114.40
CA ASN G 1168 -4.72 21.68 -115.72
C ASN G 1168 -4.41 23.18 -115.58
N PRO G 1169 -3.34 23.70 -116.20
CA PRO G 1169 -3.12 25.14 -116.13
C PRO G 1169 -4.19 25.94 -116.83
N ILE G 1170 -4.82 25.37 -117.87
CA ILE G 1170 -5.82 26.11 -118.62
C ILE G 1170 -6.99 26.47 -117.71
N ARG G 1171 -7.52 25.49 -116.99
CA ARG G 1171 -8.67 25.73 -116.14
C ARG G 1171 -8.33 26.69 -115.00
N LYS G 1172 -7.16 26.51 -114.40
CA LYS G 1172 -6.78 27.36 -113.26
C LYS G 1172 -6.54 28.80 -113.70
N VAL G 1173 -6.02 29.00 -114.91
CA VAL G 1173 -5.89 30.36 -115.43
C VAL G 1173 -7.25 30.95 -115.78
N PHE G 1174 -8.11 30.15 -116.41
CA PHE G 1174 -9.42 30.60 -116.86
C PHE G 1174 -10.49 30.48 -115.78
N LYS G 1175 -10.10 30.32 -114.53
CA LYS G 1175 -11.08 30.22 -113.45
C LYS G 1175 -11.93 31.50 -113.41
N PRO G 1176 -13.26 31.40 -113.40
CA PRO G 1176 -14.08 32.61 -113.54
C PRO G 1176 -13.91 33.57 -112.37
N SER G 1177 -13.97 34.86 -112.68
CA SER G 1177 -13.89 35.91 -111.67
C SER G 1177 -14.48 37.18 -112.28
N GLN G 1178 -14.77 38.14 -111.42
CA GLN G 1178 -15.38 39.38 -111.89
C GLN G 1178 -14.42 40.12 -112.81
N GLY G 1179 -14.96 40.65 -113.91
CA GLY G 1179 -14.19 41.39 -114.87
C GLY G 1179 -13.57 40.58 -115.98
N MET G 1180 -13.68 39.25 -115.93
CA MET G 1180 -13.07 38.37 -116.92
C MET G 1180 -14.01 38.28 -118.12
N VAL G 1181 -13.46 38.48 -119.33
CA VAL G 1181 -14.22 38.42 -120.56
C VAL G 1181 -13.48 37.51 -121.54
N VAL G 1182 -14.16 36.46 -122.00
CA VAL G 1182 -13.58 35.47 -122.91
C VAL G 1182 -14.31 35.59 -124.25
N GLU G 1183 -13.54 35.87 -125.31
CA GLU G 1183 -14.06 35.95 -126.66
C GLU G 1183 -13.52 34.76 -127.44
N ILE G 1184 -14.43 33.93 -127.94
CA ILE G 1184 -14.07 32.75 -128.73
C ILE G 1184 -14.42 33.05 -130.17
N SER G 1185 -13.43 32.95 -131.06
CA SER G 1185 -13.60 33.19 -132.48
C SER G 1185 -13.30 31.91 -133.24
N ASN G 1186 -14.05 31.70 -134.33
CA ASN G 1186 -13.93 30.48 -135.14
C ASN G 1186 -14.13 29.23 -134.27
N GLY G 1187 -15.15 29.27 -133.42
CA GLY G 1187 -15.42 28.14 -132.55
C GLY G 1187 -15.76 26.88 -133.32
N ASN G 1188 -16.47 27.03 -134.45
CA ASN G 1188 -16.85 25.87 -135.24
C ASN G 1188 -15.63 25.15 -135.80
N THR G 1189 -14.66 25.91 -136.30
CA THR G 1189 -13.44 25.34 -136.88
C THR G 1189 -12.41 25.19 -135.77
N SER G 1190 -12.11 23.94 -135.40
CA SER G 1190 -11.19 23.71 -134.29
C SER G 1190 -9.79 24.20 -134.62
N SER G 1191 -9.35 24.01 -135.86
CA SER G 1191 -7.99 24.41 -136.22
C SER G 1191 -7.79 25.91 -136.08
N LYS G 1192 -8.77 26.70 -136.49
CA LYS G 1192 -8.68 28.16 -136.45
C LYS G 1192 -9.29 28.77 -135.20
N THR G 1193 -9.77 27.95 -134.26
CA THR G 1193 -10.42 28.50 -133.07
C THR G 1193 -9.40 29.25 -132.21
N VAL G 1194 -9.83 30.40 -131.69
CA VAL G 1194 -8.99 31.22 -130.82
C VAL G 1194 -9.82 31.67 -129.64
N VAL G 1195 -9.24 31.63 -128.45
CA VAL G 1195 -9.91 32.02 -127.21
C VAL G 1195 -9.10 33.13 -126.56
N THR G 1196 -9.56 34.37 -126.67
CA THR G 1196 -8.88 35.53 -126.11
C THR G 1196 -9.57 35.92 -124.81
N LEU G 1197 -8.83 35.86 -123.71
CA LEU G 1197 -9.32 36.22 -122.39
C LEU G 1197 -8.72 37.55 -121.98
N SER G 1198 -9.58 38.47 -121.58
CA SER G 1198 -9.20 39.82 -121.17
C SER G 1198 -9.70 40.08 -119.74
N GLU G 1199 -8.91 40.83 -119.00
CA GLU G 1199 -9.23 41.21 -117.63
C GLU G 1199 -8.92 42.69 -117.47
N PRO G 1200 -9.50 43.34 -116.45
CA PRO G 1200 -9.19 44.76 -116.24
C PRO G 1200 -7.72 44.96 -115.87
N VAL G 1201 -6.99 45.70 -116.71
CA VAL G 1201 -5.58 46.00 -116.48
C VAL G 1201 -5.42 47.52 -116.56
N GLN G 1202 -4.98 48.12 -115.46
CA GLN G 1202 -4.85 49.58 -115.38
C GLN G 1202 -6.16 50.27 -115.69
N GLY G 1203 -7.25 49.69 -115.19
CA GLY G 1203 -8.58 50.23 -115.45
C GLY G 1203 -9.21 49.66 -116.70
N GLU G 1204 -8.57 49.90 -117.85
CA GLU G 1204 -9.12 49.44 -119.11
C GLU G 1204 -8.94 47.94 -119.27
N LEU G 1205 -9.66 47.38 -120.25
CA LEU G 1205 -9.64 45.95 -120.52
C LEU G 1205 -8.67 45.67 -121.66
N LYS G 1206 -7.68 44.82 -121.38
CA LYS G 1206 -6.68 44.41 -122.35
C LYS G 1206 -6.59 42.90 -122.35
N PRO G 1207 -6.16 42.29 -123.45
CA PRO G 1207 -6.02 40.83 -123.47
C PRO G 1207 -5.01 40.35 -122.43
N THR G 1208 -5.32 39.23 -121.80
CA THR G 1208 -4.45 38.63 -120.81
C THR G 1208 -4.02 37.21 -121.16
N VAL G 1209 -4.85 36.46 -121.87
CA VAL G 1209 -4.50 35.12 -122.32
C VAL G 1209 -5.02 34.94 -123.74
N ILE G 1210 -4.29 34.18 -124.55
CA ILE G 1210 -4.72 33.81 -125.89
C ILE G 1210 -4.45 32.33 -126.05
N LEU G 1211 -5.51 31.55 -126.17
CA LEU G 1211 -5.42 30.10 -126.38
C LEU G 1211 -5.70 29.79 -127.84
N LYS G 1212 -4.81 29.03 -128.47
CA LYS G 1212 -5.00 28.67 -129.87
C LYS G 1212 -4.21 27.40 -130.16
N LEU G 1213 -4.23 27.01 -131.44
CA LEU G 1213 -3.47 25.87 -131.93
C LEU G 1213 -2.42 26.39 -132.90
N LEU G 1214 -1.14 26.29 -132.51
CA LEU G 1214 -0.07 26.63 -133.44
C LEU G 1214 0.03 25.63 -134.59
N LYS G 1215 -0.20 24.36 -134.32
CA LYS G 1215 -0.13 23.31 -135.33
C LYS G 1215 -1.24 22.30 -135.05
N GLU G 1216 -1.18 21.16 -135.72
CA GLU G 1216 -2.18 20.12 -135.53
C GLU G 1216 -2.18 19.57 -134.11
N ASN G 1217 -1.10 19.79 -133.34
CA ASN G 1217 -0.98 19.26 -131.99
C ASN G 1217 -0.62 20.31 -130.93
N ILE G 1218 0.05 21.39 -131.28
CA ILE G 1218 0.58 22.32 -130.28
C ILE G 1218 -0.53 23.30 -129.91
N ILE G 1219 -1.05 23.17 -128.70
CA ILE G 1219 -1.90 24.18 -128.10
C ILE G 1219 -0.99 25.21 -127.46
N GLN G 1220 -1.16 26.47 -127.83
CA GLN G 1220 -0.40 27.57 -127.25
C GLN G 1220 -1.31 28.40 -126.37
N MET G 1221 -0.86 28.65 -125.15
CA MET G 1221 -1.47 29.61 -124.25
C MET G 1221 -0.47 30.75 -124.10
N GLU G 1222 -0.68 31.82 -124.87
CA GLU G 1222 0.10 33.04 -124.73
C GLU G 1222 -0.45 33.82 -123.55
N MET G 1223 0.28 33.81 -122.44
CA MET G 1223 -0.08 34.62 -121.27
C MET G 1223 0.58 35.97 -121.42
N ILE G 1224 -0.21 37.00 -121.68
CA ILE G 1224 0.29 38.33 -121.98
C ILE G 1224 0.29 39.16 -120.70
N GLU G 1225 1.44 39.70 -120.35
CA GLU G 1225 1.57 40.71 -119.31
C GLU G 1225 1.63 42.06 -120.01
N ASN G 1226 0.68 42.93 -119.67
CA ASN G 1226 0.62 44.27 -120.26
C ASN G 1226 1.41 45.28 -119.44
N ARG G 1227 1.63 45.02 -118.16
CA ARG G 1227 2.42 45.89 -117.30
C ARG G 1227 3.90 45.59 -117.58
N THR G 1228 4.54 46.43 -118.38
CA THR G 1228 5.91 46.21 -118.82
C THR G 1228 6.72 47.48 -118.67
N MET G 1229 8.02 47.35 -118.94
CA MET G 1229 8.93 48.50 -118.86
C MET G 1229 8.55 49.58 -119.86
N ASP G 1230 8.43 49.21 -121.14
CA ASP G 1230 8.14 50.15 -122.21
C ASP G 1230 6.65 50.24 -122.53
N GLY G 1231 5.81 49.49 -121.84
CA GLY G 1231 4.39 49.47 -122.10
C GLY G 1231 3.95 48.50 -123.17
N LYS G 1232 4.88 47.98 -123.96
CA LYS G 1232 4.54 46.99 -124.97
C LYS G 1232 4.24 45.65 -124.28
N PRO G 1233 3.13 44.98 -124.59
CA PRO G 1233 2.83 43.71 -123.92
C PRO G 1233 3.88 42.66 -124.23
N VAL G 1234 4.13 41.79 -123.26
CA VAL G 1234 5.06 40.67 -123.40
C VAL G 1234 4.30 39.37 -123.16
N SER G 1235 4.39 38.45 -124.11
CA SER G 1235 3.63 37.21 -124.06
C SER G 1235 4.56 36.04 -123.77
N LEU G 1236 4.25 35.31 -122.69
CA LEU G 1236 4.90 34.04 -122.41
C LEU G 1236 4.10 32.95 -123.13
N PRO G 1237 4.65 32.28 -124.14
CA PRO G 1237 3.91 31.18 -124.76
C PRO G 1237 4.12 29.86 -124.04
N LEU G 1238 3.05 29.23 -123.58
CA LEU G 1238 3.11 27.90 -122.97
C LEU G 1238 2.56 26.91 -123.98
N LEU G 1239 3.39 25.94 -124.36
CA LEU G 1239 3.05 24.96 -125.38
C LEU G 1239 2.63 23.65 -124.72
N TYR G 1240 1.61 23.00 -125.29
CA TYR G 1240 1.16 21.69 -124.85
C TYR G 1240 0.92 20.83 -126.08
N ASN G 1241 1.34 19.58 -126.01
CA ASN G 1241 1.01 18.62 -127.06
C ASN G 1241 -0.39 18.08 -126.83
N PHE G 1242 -1.16 17.97 -127.90
CA PHE G 1242 -2.52 17.46 -127.87
C PHE G 1242 -2.54 16.13 -128.62
N ASN G 1243 -2.62 15.02 -127.87
CA ASN G 1243 -2.60 13.67 -128.41
C ASN G 1243 -4.01 13.12 -128.30
N PRO G 1244 -4.80 13.14 -129.39
CA PRO G 1244 -6.12 12.52 -129.32
C PRO G 1244 -6.08 11.03 -128.99
N ASP G 1245 -4.97 10.35 -129.28
CA ASP G 1245 -4.88 8.92 -129.01
C ASP G 1245 -5.03 8.64 -127.51
N ASN G 1246 -4.40 9.45 -126.67
CA ASN G 1246 -4.52 9.33 -125.22
C ASN G 1246 -5.71 10.17 -124.79
N GLY G 1247 -6.89 9.55 -124.76
CA GLY G 1247 -8.12 10.28 -124.47
C GLY G 1247 -8.28 10.66 -123.02
N PHE G 1248 -7.63 9.94 -122.10
CA PHE G 1248 -7.76 10.29 -120.69
C PHE G 1248 -7.03 11.58 -120.36
N ALA G 1249 -5.82 11.75 -120.89
CA ALA G 1249 -5.00 12.94 -120.66
C ALA G 1249 -4.42 13.39 -121.99
N PRO G 1250 -5.26 13.90 -122.90
CA PRO G 1250 -4.75 14.29 -124.21
C PRO G 1250 -3.73 15.42 -124.18
N ILE G 1251 -3.80 16.32 -123.20
CA ILE G 1251 -2.95 17.49 -123.18
C ILE G 1251 -1.75 17.24 -122.26
N SER G 1252 -0.55 17.43 -122.81
CA SER G 1252 0.69 17.22 -122.08
C SER G 1252 1.56 18.46 -122.19
N GLU G 1253 2.07 18.94 -121.06
CA GLU G 1253 2.92 20.12 -121.08
C GLU G 1253 4.20 19.82 -121.87
N VAL G 1254 4.68 20.82 -122.61
CA VAL G 1254 5.94 20.75 -123.33
C VAL G 1254 7.02 21.28 -122.39
N MET G 1255 7.77 20.37 -121.76
CA MET G 1255 8.85 20.76 -120.88
C MET G 1255 10.03 21.36 -121.63
N GLU G 1256 10.29 20.87 -122.86
CA GLU G 1256 11.46 21.32 -123.60
C GLU G 1256 11.34 22.81 -123.91
N ASP G 1257 12.34 23.58 -123.48
CA ASP G 1257 12.43 25.02 -123.66
C ASP G 1257 11.46 25.79 -122.78
N ARG G 1258 10.73 25.12 -121.88
CA ARG G 1258 9.76 25.82 -121.05
C ARG G 1258 10.44 26.81 -120.11
N ASN G 1259 11.48 26.35 -119.42
CA ASN G 1259 12.22 27.24 -118.52
C ASN G 1259 12.88 28.36 -119.30
N GLN G 1260 13.40 28.06 -120.50
CA GLN G 1260 14.00 29.09 -121.33
C GLN G 1260 12.98 30.15 -121.73
N ARG G 1261 11.76 29.73 -122.09
CA ARG G 1261 10.73 30.69 -122.47
C ARG G 1261 10.31 31.56 -121.29
N ILE G 1262 10.13 30.94 -120.12
CA ILE G 1262 9.79 31.71 -118.93
C ILE G 1262 10.88 32.72 -118.62
N LYS G 1263 12.14 32.28 -118.73
CA LYS G 1263 13.27 33.17 -118.49
C LYS G 1263 13.31 34.31 -119.50
N GLU G 1264 13.04 34.01 -120.77
CA GLU G 1264 13.05 35.05 -121.79
C GLU G 1264 12.02 36.12 -121.50
N MET G 1265 10.81 35.69 -121.13
CA MET G 1265 9.76 36.65 -120.85
C MET G 1265 10.08 37.46 -119.58
N TYR G 1266 10.62 36.81 -118.55
CA TYR G 1266 11.02 37.55 -117.35
C TYR G 1266 12.16 38.51 -117.66
N TRP G 1267 13.07 38.14 -118.55
CA TRP G 1267 14.13 39.05 -118.96
C TRP G 1267 13.54 40.26 -119.66
N LYS G 1268 12.58 40.04 -120.55
CA LYS G 1268 11.91 41.16 -121.20
C LYS G 1268 11.26 42.08 -120.17
N LEU G 1269 10.72 41.49 -119.09
CA LEU G 1269 10.03 42.29 -118.08
C LEU G 1269 11.01 43.07 -117.21
N TRP G 1270 12.12 42.44 -116.82
CA TRP G 1270 13.02 43.01 -115.82
C TRP G 1270 14.22 43.73 -116.43
N ILE G 1271 14.96 43.04 -117.28
CA ILE G 1271 16.26 43.51 -117.74
C ILE G 1271 16.09 44.26 -119.05
N ASP G 1272 16.92 45.28 -119.25
CA ASP G 1272 16.84 46.18 -120.39
C ASP G 1272 18.04 45.98 -121.32
N GLU G 1273 18.41 44.72 -121.52
CA GLU G 1273 19.59 44.35 -122.29
C GLU G 1273 19.23 43.20 -123.22
N PRO G 1274 20.00 43.01 -124.30
CA PRO G 1274 19.65 41.94 -125.24
C PRO G 1274 19.68 40.57 -124.56
N PHE G 1275 18.72 39.73 -124.93
CA PHE G 1275 18.57 38.43 -124.27
C PHE G 1275 19.75 37.53 -124.57
N ASN G 1276 20.53 37.20 -123.54
CA ASN G 1276 21.69 36.34 -123.69
C ASN G 1276 21.88 35.60 -122.37
N LEU G 1277 21.45 34.34 -122.33
CA LEU G 1277 21.57 33.52 -121.13
C LEU G 1277 22.90 32.78 -121.06
N ASP G 1278 23.65 32.70 -122.15
CA ASP G 1278 24.92 32.00 -122.20
C ASP G 1278 25.97 32.94 -121.61
N PHE G 1279 26.13 32.89 -120.29
CA PHE G 1279 27.20 33.62 -119.63
C PHE G 1279 27.45 32.99 -118.27
N ASP G 1280 28.71 32.99 -117.87
CA ASP G 1280 29.15 32.22 -116.72
C ASP G 1280 28.55 32.79 -115.43
N PRO G 1281 27.90 31.98 -114.58
CA PRO G 1281 27.47 32.51 -113.28
C PRO G 1281 28.63 32.91 -112.39
N ARG G 1282 29.81 32.33 -112.57
CA ARG G 1282 30.99 32.78 -111.83
C ARG G 1282 31.32 34.22 -112.15
N ASP G 1283 31.15 34.60 -113.41
CA ASP G 1283 31.55 35.94 -113.85
C ASP G 1283 30.72 37.01 -113.14
N VAL G 1284 31.35 38.16 -112.89
CA VAL G 1284 30.70 39.24 -112.19
C VAL G 1284 29.71 39.94 -113.11
N ILE G 1285 28.55 40.31 -112.57
CA ILE G 1285 27.51 41.00 -113.32
C ILE G 1285 27.61 42.49 -113.00
N LYS G 1286 27.74 43.32 -114.03
CA LYS G 1286 27.90 44.76 -113.87
C LYS G 1286 26.61 45.44 -114.29
N GLY G 1287 25.86 45.97 -113.32
CA GLY G 1287 24.62 46.66 -113.62
C GLY G 1287 24.83 48.06 -114.15
N LYS G 1288 23.84 48.57 -114.85
CA LYS G 1288 23.97 49.86 -115.51
C LYS G 1288 24.01 50.99 -114.48
N ASP G 1289 24.83 52.00 -114.77
CA ASP G 1289 24.96 53.13 -113.86
C ASP G 1289 23.63 53.85 -113.71
N PHE G 1290 23.22 54.08 -112.47
CA PHE G 1290 21.90 54.60 -112.16
C PHE G 1290 22.02 55.84 -111.30
N GLU G 1291 21.25 56.87 -111.66
CA GLU G 1291 21.28 58.17 -110.99
C GLU G 1291 20.05 58.30 -110.11
N ILE G 1292 20.27 58.61 -108.84
CA ILE G 1292 19.17 58.76 -107.90
C ILE G 1292 18.55 60.14 -108.08
N THR G 1293 17.24 60.19 -108.29
CA THR G 1293 16.52 61.42 -108.52
C THR G 1293 15.51 61.65 -107.41
N ALA G 1294 15.18 62.92 -107.21
CA ALA G 1294 14.18 63.27 -106.20
C ALA G 1294 12.83 62.64 -106.53
N LYS G 1295 12.47 62.60 -107.82
CA LYS G 1295 11.21 61.97 -108.22
C LYS G 1295 11.20 60.50 -107.85
N GLU G 1296 12.30 59.78 -108.11
CA GLU G 1296 12.35 58.36 -107.80
C GLU G 1296 12.29 58.11 -106.30
N VAL G 1297 13.03 58.91 -105.52
CA VAL G 1297 12.99 58.75 -104.07
C VAL G 1297 11.60 59.07 -103.53
N TYR G 1298 10.97 60.12 -104.06
CA TYR G 1298 9.61 60.47 -103.67
C TYR G 1298 8.65 59.33 -103.92
N ASP G 1299 8.68 58.77 -105.14
CA ASP G 1299 7.78 57.68 -105.48
C ASP G 1299 8.03 56.46 -104.61
N PHE G 1300 9.30 56.13 -104.39
CA PHE G 1300 9.61 54.95 -103.58
C PHE G 1300 9.13 55.13 -102.14
N THR G 1301 9.37 56.32 -101.58
CA THR G 1301 8.95 56.58 -100.21
C THR G 1301 7.44 56.49 -100.07
N HIS G 1302 6.69 57.09 -101.00
CA HIS G 1302 5.24 57.06 -100.89
C HIS G 1302 4.62 55.74 -101.35
N ALA G 1303 5.36 54.90 -102.07
CA ALA G 1303 4.86 53.58 -102.41
C ALA G 1303 5.14 52.56 -101.31
N VAL G 1304 6.20 52.81 -100.53
CA VAL G 1304 6.56 51.89 -99.46
C VAL G 1304 5.89 52.29 -98.15
N GLY G 1305 5.60 53.58 -97.99
CA GLY G 1305 5.05 54.08 -96.74
C GLY G 1305 6.13 54.62 -95.83
N ASN G 1306 7.22 55.09 -96.41
CA ASN G 1306 8.34 55.67 -95.66
C ASN G 1306 8.08 57.15 -95.48
N ASN G 1307 7.68 57.53 -94.27
CA ASN G 1307 7.35 58.91 -93.93
C ASN G 1307 8.46 59.61 -93.17
N CYS G 1308 9.66 59.04 -93.16
CA CYS G 1308 10.78 59.69 -92.48
C CYS G 1308 11.13 60.99 -93.16
N GLU G 1309 11.43 62.02 -92.36
CA GLU G 1309 11.74 63.33 -92.90
C GLU G 1309 13.04 63.33 -93.69
N ASP G 1310 13.93 62.37 -93.44
CA ASP G 1310 15.21 62.35 -94.14
C ASP G 1310 15.01 62.18 -95.64
N PHE G 1311 13.99 61.43 -96.04
CA PHE G 1311 13.74 61.14 -97.44
C PHE G 1311 12.78 62.12 -98.10
N VAL G 1312 12.23 63.07 -97.34
CA VAL G 1312 11.31 64.06 -97.85
C VAL G 1312 12.08 65.34 -98.11
N SER G 1313 11.78 66.01 -99.22
CA SER G 1313 12.45 67.26 -99.55
C SER G 1313 12.15 68.31 -98.49
N ARG G 1314 13.19 69.04 -98.09
CA ARG G 1314 13.06 70.14 -97.15
C ARG G 1314 14.00 71.26 -97.58
N PRO G 1315 13.69 72.51 -97.23
CA PRO G 1315 14.57 73.61 -97.63
C PRO G 1315 15.91 73.56 -96.90
N ASP G 1316 16.95 73.96 -97.62
CA ASP G 1316 18.29 74.12 -97.05
C ASP G 1316 18.77 72.82 -96.40
N ARG G 1317 18.51 71.69 -97.06
CA ARG G 1317 18.88 70.40 -96.52
C ARG G 1317 18.85 69.34 -97.62
N THR G 1318 19.92 68.57 -97.73
CA THR G 1318 20.01 67.53 -98.76
C THR G 1318 19.09 66.36 -98.43
N MET G 1319 18.50 65.79 -99.48
CA MET G 1319 17.50 64.75 -99.35
C MET G 1319 18.19 63.38 -99.45
N LEU G 1320 18.06 62.58 -98.40
CA LEU G 1320 18.63 61.24 -98.42
C LEU G 1320 17.68 60.28 -99.12
N ALA G 1321 18.23 59.13 -99.52
CA ALA G 1321 17.46 58.06 -100.12
C ALA G 1321 17.37 56.88 -99.15
N PRO G 1322 16.24 56.18 -99.10
CA PRO G 1322 16.12 55.08 -98.14
C PRO G 1322 17.06 53.93 -98.47
N MET G 1323 17.42 53.17 -97.44
CA MET G 1323 18.30 52.03 -97.63
C MET G 1323 17.65 50.98 -98.51
N ASP G 1324 16.31 50.92 -98.50
CA ASP G 1324 15.61 49.99 -99.38
C ASP G 1324 15.73 50.40 -100.84
N PHE G 1325 16.17 51.63 -101.11
CA PHE G 1325 16.41 52.05 -102.48
C PHE G 1325 17.57 51.27 -103.12
N ALA G 1326 18.35 50.55 -102.33
CA ALA G 1326 19.44 49.76 -102.87
C ALA G 1326 18.93 48.68 -103.82
N ILE G 1327 17.82 48.03 -103.46
CA ILE G 1327 17.27 46.99 -104.33
C ILE G 1327 16.75 47.61 -105.62
N VAL G 1328 16.20 48.82 -105.54
CA VAL G 1328 15.80 49.51 -106.77
C VAL G 1328 17.02 49.77 -107.64
N VAL G 1329 18.12 50.21 -107.03
CA VAL G 1329 19.34 50.48 -107.79
C VAL G 1329 19.85 49.20 -108.46
N GLY G 1330 19.91 48.11 -107.70
CA GLY G 1330 20.61 46.91 -108.13
C GLY G 1330 19.76 45.71 -108.49
N TRP G 1331 18.48 45.93 -108.80
CA TRP G 1331 17.62 44.81 -109.18
C TRP G 1331 18.07 44.19 -110.50
N ARG G 1332 18.46 45.02 -111.45
CA ARG G 1332 18.80 44.52 -112.78
C ARG G 1332 20.05 43.64 -112.77
N ALA G 1333 20.82 43.67 -111.69
CA ALA G 1333 21.99 42.80 -111.57
C ALA G 1333 21.71 41.64 -110.63
N ILE G 1334 21.09 41.93 -109.49
CA ILE G 1334 20.81 40.88 -108.51
C ILE G 1334 19.89 39.83 -109.12
N ILE G 1335 18.95 40.26 -109.96
CA ILE G 1335 18.02 39.32 -110.56
C ILE G 1335 18.60 38.68 -111.81
N LYS G 1336 19.46 39.40 -112.53
CA LYS G 1336 20.26 38.76 -113.58
C LYS G 1336 21.10 37.63 -113.04
N ALA G 1337 21.45 37.68 -111.76
CA ALA G 1337 22.25 36.63 -111.13
C ALA G 1337 21.64 35.25 -111.36
N ILE G 1338 20.33 35.09 -111.17
CA ILE G 1338 19.70 33.78 -111.21
C ILE G 1338 19.27 33.35 -112.60
N PHE G 1339 19.63 34.10 -113.64
CA PHE G 1339 19.22 33.78 -115.01
C PHE G 1339 20.03 32.72 -115.75
N PRO G 1340 21.35 32.60 -115.57
CA PRO G 1340 22.15 31.75 -116.48
C PRO G 1340 21.60 30.34 -116.66
N ASN G 1341 21.79 29.81 -117.87
CA ASN G 1341 21.30 28.46 -118.18
C ASN G 1341 21.90 27.42 -117.24
N THR G 1342 23.11 27.66 -116.75
CA THR G 1342 23.70 26.76 -115.77
C THR G 1342 22.86 26.69 -114.51
N VAL G 1343 22.42 27.85 -114.01
CA VAL G 1343 21.49 27.88 -112.87
C VAL G 1343 20.10 27.86 -113.47
N ASP G 1344 19.64 26.66 -113.80
CA ASP G 1344 18.34 26.47 -114.43
C ASP G 1344 17.27 26.35 -113.36
N GLY G 1345 16.06 26.78 -113.70
CA GLY G 1345 14.94 26.69 -112.78
C GLY G 1345 13.79 27.50 -113.33
N ASP G 1346 12.62 27.26 -112.74
CA ASP G 1346 11.37 27.86 -113.21
C ASP G 1346 11.21 29.18 -112.47
N LEU G 1347 11.30 30.29 -113.22
CA LEU G 1347 11.23 31.60 -112.59
C LEU G 1347 9.83 31.90 -112.05
N LEU G 1348 8.80 31.34 -112.69
CA LEU G 1348 7.45 31.45 -112.15
C LEU G 1348 7.34 30.77 -110.80
N LYS G 1349 8.21 29.81 -110.53
CA LYS G 1349 8.27 29.12 -109.25
C LYS G 1349 9.38 29.65 -108.35
N LEU G 1350 9.87 30.86 -108.60
CA LEU G 1350 10.90 31.45 -107.75
C LEU G 1350 10.29 31.96 -106.45
N VAL G 1351 11.03 31.78 -105.36
CA VAL G 1351 10.64 32.28 -104.05
C VAL G 1351 11.79 33.11 -103.50
N HIS G 1352 11.52 34.35 -103.13
CA HIS G 1352 12.51 35.20 -102.48
C HIS G 1352 12.56 34.79 -101.02
N LEU G 1353 13.61 34.07 -100.63
CA LEU G 1353 13.72 33.59 -99.26
C LEU G 1353 14.04 34.72 -98.30
N SER G 1354 15.01 35.55 -98.64
CA SER G 1354 15.46 36.60 -97.74
C SER G 1354 16.18 37.67 -98.54
N ASN G 1355 16.25 38.86 -97.94
CA ASN G 1355 16.96 39.98 -98.52
C ASN G 1355 17.52 40.81 -97.38
N GLY G 1356 18.71 41.36 -97.59
CA GLY G 1356 19.36 42.13 -96.54
C GLY G 1356 20.26 43.21 -97.11
N TYR G 1357 20.42 44.26 -96.32
CA TYR G 1357 21.28 45.38 -96.63
C TYR G 1357 22.32 45.53 -95.53
N LYS G 1358 23.54 45.86 -95.92
CA LYS G 1358 24.62 46.11 -94.97
C LYS G 1358 25.44 47.29 -95.50
N MET G 1359 25.42 48.39 -94.77
CA MET G 1359 26.25 49.54 -95.11
C MET G 1359 27.65 49.26 -94.59
N ILE G 1360 28.64 49.45 -95.45
CA ILE G 1360 30.02 49.30 -94.97
C ILE G 1360 30.34 50.43 -94.01
N PRO G 1361 31.20 50.23 -93.00
CA PRO G 1361 31.53 51.34 -92.10
C PRO G 1361 32.13 52.51 -92.86
N GLY G 1362 31.76 53.72 -92.43
CA GLY G 1362 32.29 54.93 -93.02
C GLY G 1362 31.61 55.39 -94.29
N ALA G 1363 30.62 54.65 -94.78
CA ALA G 1363 29.89 55.01 -95.99
C ALA G 1363 28.62 55.77 -95.62
N LYS G 1364 28.47 56.96 -96.16
CA LYS G 1364 27.30 57.76 -95.88
C LYS G 1364 26.08 57.16 -96.55
N PRO G 1365 24.88 57.42 -96.02
CA PRO G 1365 23.68 56.89 -96.67
C PRO G 1365 23.48 57.48 -98.05
N LEU G 1366 22.76 56.73 -98.89
CA LEU G 1366 22.47 57.19 -100.24
C LEU G 1366 21.72 58.50 -100.22
N GLN G 1367 22.04 59.39 -101.15
CA GLN G 1367 21.44 60.71 -101.23
C GLN G 1367 21.04 61.00 -102.67
N VAL G 1368 20.09 61.92 -102.81
CA VAL G 1368 19.57 62.26 -104.13
C VAL G 1368 20.67 62.93 -104.95
N GLY G 1369 20.84 62.48 -106.19
CA GLY G 1369 21.81 63.03 -107.11
C GLY G 1369 23.05 62.19 -107.32
N ASP G 1370 23.41 61.34 -106.35
CA ASP G 1370 24.61 60.54 -106.51
C ASP G 1370 24.39 59.45 -107.57
N VAL G 1371 25.49 59.09 -108.23
CA VAL G 1371 25.49 58.03 -109.23
C VAL G 1371 26.01 56.77 -108.56
N VAL G 1372 25.21 55.70 -108.60
CA VAL G 1372 25.52 54.46 -107.91
C VAL G 1372 25.67 53.37 -108.94
N SER G 1373 26.79 52.65 -108.88
CA SER G 1373 27.07 51.50 -109.72
C SER G 1373 26.79 50.24 -108.91
N THR G 1374 26.36 49.18 -109.59
CA THR G 1374 26.02 47.91 -108.96
C THR G 1374 26.86 46.79 -109.53
N THR G 1375 27.39 45.95 -108.66
CA THR G 1375 28.20 44.79 -109.04
C THR G 1375 27.66 43.58 -108.31
N ALA G 1376 27.01 42.67 -109.02
CA ALA G 1376 26.43 41.47 -108.44
C ALA G 1376 27.33 40.27 -108.66
N VAL G 1377 27.39 39.40 -107.65
CA VAL G 1377 28.10 38.13 -107.72
C VAL G 1377 27.21 37.06 -107.12
N ILE G 1378 27.41 35.82 -107.57
CA ILE G 1378 26.75 34.65 -107.00
C ILE G 1378 27.62 34.19 -105.84
N GLU G 1379 27.14 34.35 -104.61
CA GLU G 1379 27.89 33.87 -103.47
C GLU G 1379 27.84 32.36 -103.36
N SER G 1380 26.68 31.76 -103.61
CA SER G 1380 26.52 30.33 -103.43
C SER G 1380 25.25 29.87 -104.13
N VAL G 1381 25.39 28.92 -105.05
CA VAL G 1381 24.25 28.27 -105.68
C VAL G 1381 24.33 26.78 -105.37
N VAL G 1382 23.31 26.25 -104.68
CA VAL G 1382 23.33 24.90 -104.14
C VAL G 1382 22.01 24.20 -104.43
N ASN G 1383 22.12 22.95 -104.87
CA ASN G 1383 20.96 22.10 -105.14
C ASN G 1383 20.58 21.42 -103.82
N GLN G 1384 19.44 21.81 -103.27
CA GLN G 1384 18.86 21.15 -102.12
C GLN G 1384 17.77 20.18 -102.58
N PRO G 1385 17.39 19.21 -101.73
CA PRO G 1385 16.31 18.30 -102.15
C PRO G 1385 15.01 19.01 -102.48
N THR G 1386 14.69 20.08 -101.76
CA THR G 1386 13.44 20.81 -101.98
C THR G 1386 13.58 21.89 -103.05
N GLY G 1387 14.78 22.16 -103.55
CA GLY G 1387 14.96 23.15 -104.59
C GLY G 1387 16.41 23.62 -104.63
N LYS G 1388 16.63 24.67 -105.42
CA LYS G 1388 17.94 25.25 -105.63
C LYS G 1388 17.98 26.63 -105.01
N ILE G 1389 18.90 26.83 -104.05
CA ILE G 1389 19.11 28.12 -103.41
C ILE G 1389 20.18 28.84 -104.21
N VAL G 1390 19.98 30.14 -104.42
CA VAL G 1390 20.93 31.01 -105.10
C VAL G 1390 21.10 32.25 -104.26
N ASP G 1391 22.32 32.51 -103.80
CA ASP G 1391 22.64 33.66 -102.96
C ASP G 1391 23.41 34.67 -103.80
N VAL G 1392 22.91 35.90 -103.83
CA VAL G 1392 23.46 36.96 -104.65
C VAL G 1392 23.92 38.06 -103.72
N VAL G 1393 25.12 38.58 -103.96
CA VAL G 1393 25.68 39.70 -103.22
C VAL G 1393 25.91 40.82 -104.23
N GLY G 1394 25.17 41.92 -104.07
CA GLY G 1394 25.32 43.08 -104.92
C GLY G 1394 25.94 44.23 -104.18
N THR G 1395 27.14 44.62 -104.60
CA THR G 1395 27.82 45.76 -104.00
C THR G 1395 27.40 47.03 -104.76
N LEU G 1396 26.81 47.95 -104.03
CA LEU G 1396 26.50 49.29 -104.54
C LEU G 1396 27.65 50.20 -104.14
N SER G 1397 28.22 50.87 -105.15
CA SER G 1397 29.38 51.74 -104.97
C SER G 1397 29.07 53.12 -105.52
N ARG G 1398 29.69 54.12 -104.92
CA ARG G 1398 29.48 55.52 -105.27
C ARG G 1398 30.84 56.20 -105.34
N ASN G 1399 31.12 56.87 -106.47
CA ASN G 1399 32.38 57.57 -106.66
C ASN G 1399 33.56 56.62 -106.52
N GLY G 1400 33.38 55.40 -107.01
CA GLY G 1400 34.39 54.35 -106.90
C GLY G 1400 34.35 53.59 -105.60
N LYS G 1401 34.20 54.30 -104.49
CA LYS G 1401 34.14 53.65 -103.19
C LYS G 1401 32.87 52.81 -103.05
N PRO G 1402 32.93 51.67 -102.35
CA PRO G 1402 31.70 50.94 -102.07
C PRO G 1402 30.82 51.68 -101.08
N VAL G 1403 29.52 51.45 -101.19
CA VAL G 1403 28.52 52.06 -100.31
C VAL G 1403 27.83 51.02 -99.46
N MET G 1404 27.37 49.93 -100.06
CA MET G 1404 26.65 48.93 -99.29
C MET G 1404 26.62 47.62 -100.05
N GLU G 1405 26.20 46.57 -99.34
CA GLU G 1405 26.06 45.23 -99.89
C GLU G 1405 24.62 44.79 -99.72
N VAL G 1406 24.05 44.21 -100.76
CA VAL G 1406 22.69 43.69 -100.75
C VAL G 1406 22.76 42.19 -100.96
N THR G 1407 22.39 41.44 -99.93
CA THR G 1407 22.29 39.99 -100.02
C THR G 1407 20.86 39.63 -100.40
N SER G 1408 20.71 38.65 -101.29
CA SER G 1408 19.40 38.19 -101.72
C SER G 1408 19.44 36.69 -101.96
N SER G 1409 18.56 35.97 -101.28
CA SER G 1409 18.45 34.52 -101.41
C SER G 1409 17.21 34.20 -102.23
N PHE G 1410 17.38 33.41 -103.27
CA PHE G 1410 16.30 32.99 -104.14
C PHE G 1410 16.23 31.47 -104.14
N PHE G 1411 15.03 30.95 -104.36
CA PHE G 1411 14.76 29.52 -104.25
C PHE G 1411 13.97 29.10 -105.48
N TYR G 1412 14.60 28.30 -106.33
CA TYR G 1412 13.94 27.64 -107.44
C TYR G 1412 13.37 26.33 -106.92
N ARG G 1413 12.05 26.28 -106.73
CA ARG G 1413 11.44 25.06 -106.23
C ARG G 1413 11.46 24.01 -107.33
N GLY G 1414 11.91 22.81 -107.00
CA GLY G 1414 11.96 21.72 -107.95
C GLY G 1414 13.05 20.74 -107.59
N ASN G 1415 13.28 19.81 -108.50
CA ASN G 1415 14.30 18.77 -108.35
C ASN G 1415 15.43 19.05 -109.33
N TYR G 1416 16.63 19.26 -108.81
CA TYR G 1416 17.80 19.57 -109.62
C TYR G 1416 18.96 18.70 -109.20
N THR G 1417 19.63 18.12 -110.20
CA THR G 1417 20.78 17.25 -109.97
C THR G 1417 22.01 17.73 -110.73
N ASP G 1418 22.00 18.97 -111.23
CA ASP G 1418 23.11 19.52 -111.99
C ASP G 1418 24.15 20.11 -111.03
N PHE G 1419 24.71 19.23 -110.21
CA PHE G 1419 25.66 19.65 -109.18
C PHE G 1419 26.94 20.22 -109.78
N GLU G 1420 27.23 19.95 -111.06
CA GLU G 1420 28.46 20.44 -111.66
C GLU G 1420 28.46 21.97 -111.73
N ASN G 1421 27.29 22.60 -111.76
CA ASN G 1421 27.18 24.05 -111.76
C ASN G 1421 26.85 24.62 -110.40
N THR G 1422 26.84 23.80 -109.35
CA THR G 1422 26.59 24.27 -108.00
C THR G 1422 27.91 24.58 -107.31
N PHE G 1423 27.91 25.65 -106.51
CA PHE G 1423 29.07 26.04 -105.72
C PHE G 1423 28.58 26.83 -104.53
N GLN G 1424 29.41 26.91 -103.50
CA GLN G 1424 29.04 27.61 -102.28
C GLN G 1424 30.26 28.23 -101.64
N LYS G 1425 30.24 29.55 -101.49
CA LYS G 1425 31.27 30.30 -100.80
C LYS G 1425 30.67 30.82 -99.49
N THR G 1426 31.27 30.41 -98.38
CA THR G 1426 30.76 30.75 -97.05
C THR G 1426 31.90 31.32 -96.21
N VAL G 1427 31.66 32.49 -95.61
CA VAL G 1427 32.61 33.09 -94.68
C VAL G 1427 32.40 32.39 -93.35
N GLU G 1428 33.32 31.51 -92.98
CA GLU G 1428 33.17 30.77 -91.73
C GLU G 1428 33.27 31.75 -90.56
N PRO G 1429 32.64 31.43 -89.44
CA PRO G 1429 32.77 32.32 -88.27
C PRO G 1429 34.21 32.36 -87.79
N VAL G 1430 34.60 33.51 -87.24
CA VAL G 1430 35.95 33.66 -86.74
C VAL G 1430 36.17 32.69 -85.58
N TYR G 1431 37.33 32.06 -85.55
CA TYR G 1431 37.68 31.10 -84.52
C TYR G 1431 38.88 31.60 -83.73
N GLN G 1432 38.92 31.25 -82.45
CA GLN G 1432 39.97 31.66 -81.54
C GLN G 1432 40.57 30.43 -80.87
N MET G 1433 41.91 30.35 -80.88
CA MET G 1433 42.62 29.28 -80.21
C MET G 1433 43.67 29.88 -79.27
N HIS G 1434 43.60 29.54 -78.00
CA HIS G 1434 44.64 29.90 -77.04
C HIS G 1434 45.65 28.77 -77.02
N ILE G 1435 46.90 29.09 -77.33
CA ILE G 1435 47.96 28.10 -77.37
C ILE G 1435 48.58 28.05 -75.98
N LYS G 1436 48.22 27.04 -75.21
CA LYS G 1436 48.67 26.93 -73.82
C LYS G 1436 49.93 26.08 -73.66
N THR G 1437 50.12 25.08 -74.52
CA THR G 1437 51.21 24.12 -74.36
C THR G 1437 51.86 23.87 -75.72
N SER G 1438 52.98 23.13 -75.69
CA SER G 1438 53.65 22.74 -76.92
C SER G 1438 52.89 21.66 -77.67
N LYS G 1439 51.99 20.95 -76.99
CA LYS G 1439 51.14 19.99 -77.69
C LYS G 1439 50.26 20.69 -78.72
N ASP G 1440 49.69 21.83 -78.35
CA ASP G 1440 48.89 22.61 -79.29
C ASP G 1440 49.71 23.05 -80.48
N ILE G 1441 50.94 23.50 -80.23
CA ILE G 1441 51.82 23.94 -81.32
C ILE G 1441 52.13 22.77 -82.24
N ALA G 1442 52.41 21.60 -81.67
CA ALA G 1442 52.71 20.43 -82.49
C ALA G 1442 51.49 20.04 -83.33
N VAL G 1443 50.30 20.10 -82.74
CA VAL G 1443 49.08 19.78 -83.48
C VAL G 1443 48.89 20.76 -84.63
N LEU G 1444 49.11 22.05 -84.37
CA LEU G 1444 48.95 23.03 -85.44
C LEU G 1444 49.98 22.82 -86.55
N ARG G 1445 51.23 22.56 -86.18
CA ARG G 1445 52.27 22.38 -87.18
C ARG G 1445 52.08 21.10 -87.97
N SER G 1446 51.39 20.11 -87.39
CA SER G 1446 51.07 18.90 -88.14
C SER G 1446 50.07 19.15 -89.26
N LYS G 1447 49.35 20.26 -89.23
CA LYS G 1447 48.36 20.59 -90.25
C LYS G 1447 49.06 21.24 -91.43
N GLU G 1448 48.90 20.64 -92.62
CA GLU G 1448 49.48 21.23 -93.82
C GLU G 1448 48.86 22.60 -94.09
N TRP G 1449 47.55 22.73 -93.88
CA TRP G 1449 46.87 23.97 -94.22
C TRP G 1449 47.30 25.12 -93.31
N PHE G 1450 47.81 24.81 -92.12
CA PHE G 1450 48.29 25.84 -91.20
C PHE G 1450 49.70 26.27 -91.60
N GLN G 1451 49.81 27.40 -92.30
CA GLN G 1451 51.08 27.88 -92.79
C GLN G 1451 51.40 29.22 -92.13
N LEU G 1452 52.68 29.45 -91.85
CA LEU G 1452 53.14 30.67 -91.20
C LEU G 1452 54.19 31.34 -92.06
N ASP G 1453 54.12 32.67 -92.14
CA ASP G 1453 55.15 33.42 -92.84
C ASP G 1453 56.50 33.24 -92.15
N ASP G 1454 56.52 33.30 -90.83
CA ASP G 1454 57.71 33.06 -90.02
C ASP G 1454 57.55 31.70 -89.36
N GLU G 1455 58.24 30.70 -89.90
CA GLU G 1455 58.12 29.35 -89.38
C GLU G 1455 58.61 29.23 -87.95
N ASP G 1456 59.52 30.11 -87.53
CA ASP G 1456 60.03 30.12 -86.16
C ASP G 1456 59.22 31.02 -85.24
N PHE G 1457 58.04 31.47 -85.67
CA PHE G 1457 57.20 32.31 -84.83
C PHE G 1457 56.82 31.56 -83.55
N ASP G 1458 56.91 32.25 -82.42
CA ASP G 1458 56.65 31.64 -81.12
C ASP G 1458 55.15 31.64 -80.86
N LEU G 1459 54.52 30.48 -81.00
CA LEU G 1459 53.09 30.34 -80.80
C LEU G 1459 52.68 30.17 -79.35
N LEU G 1460 53.62 29.89 -78.45
CA LEU G 1460 53.26 29.58 -77.07
C LEU G 1460 52.69 30.81 -76.37
N ASN G 1461 51.69 30.59 -75.52
CA ASN G 1461 51.07 31.64 -74.72
C ASN G 1461 50.52 32.75 -75.61
N LYS G 1462 49.97 32.37 -76.76
CA LYS G 1462 49.48 33.33 -77.74
C LYS G 1462 48.09 32.91 -78.20
N THR G 1463 47.29 33.91 -78.54
CA THR G 1463 45.93 33.70 -79.03
C THR G 1463 45.91 33.91 -80.53
N LEU G 1464 45.48 32.87 -81.25
CA LEU G 1464 45.39 32.89 -82.69
C LEU G 1464 43.94 33.07 -83.11
N THR G 1465 43.72 33.97 -84.04
CA THR G 1465 42.42 34.20 -84.65
C THR G 1465 42.46 33.73 -86.09
N PHE G 1466 41.49 32.90 -86.46
CA PHE G 1466 41.35 32.34 -87.80
C PHE G 1466 40.09 32.91 -88.43
N GLU G 1467 40.26 33.52 -89.61
CA GLU G 1467 39.16 34.08 -90.39
C GLU G 1467 39.16 33.39 -91.74
N THR G 1468 38.48 32.27 -91.84
CA THR G 1468 38.51 31.42 -93.02
C THR G 1468 37.27 31.61 -93.87
N GLU G 1469 37.44 31.43 -95.18
CA GLU G 1469 36.36 31.34 -96.14
C GLU G 1469 36.46 29.99 -96.82
N THR G 1470 35.33 29.29 -96.90
CA THR G 1470 35.26 27.97 -97.52
C THR G 1470 34.50 28.06 -98.83
N GLU G 1471 35.17 27.68 -99.92
CA GLU G 1471 34.56 27.54 -101.23
C GLU G 1471 34.50 26.06 -101.56
N VAL G 1472 33.28 25.55 -101.72
CA VAL G 1472 33.04 24.13 -101.99
C VAL G 1472 32.28 24.00 -103.29
N THR G 1473 32.76 23.14 -104.18
CA THR G 1473 32.03 22.72 -105.37
C THR G 1473 31.52 21.31 -105.13
N PHE G 1474 30.24 21.09 -105.45
CA PHE G 1474 29.55 19.86 -105.08
C PHE G 1474 29.68 18.82 -106.18
N LYS G 1475 29.88 17.57 -105.77
CA LYS G 1475 29.78 16.43 -106.68
C LYS G 1475 28.38 15.86 -106.69
N ASN G 1476 27.77 15.77 -105.51
CA ASN G 1476 26.38 15.35 -105.36
C ASN G 1476 25.82 16.05 -104.15
N ALA G 1477 24.68 15.56 -103.65
CA ALA G 1477 24.02 16.22 -102.52
C ALA G 1477 24.89 16.22 -101.27
N ASN G 1478 25.60 15.11 -101.00
CA ASN G 1478 26.36 14.93 -99.78
C ASN G 1478 27.83 15.27 -99.92
N ILE G 1479 28.48 14.77 -100.97
CA ILE G 1479 29.94 14.83 -101.07
C ILE G 1479 30.33 16.04 -101.92
N PHE G 1480 31.27 16.82 -101.42
CA PHE G 1480 31.82 17.95 -102.17
C PHE G 1480 32.77 17.43 -103.25
N SER G 1481 32.72 18.04 -104.43
CA SER G 1481 33.67 17.68 -105.48
C SER G 1481 35.03 18.30 -105.19
N SER G 1482 35.05 19.48 -104.58
CA SER G 1482 36.29 20.11 -104.16
C SER G 1482 35.98 21.04 -103.00
N VAL G 1483 36.91 21.10 -102.05
CA VAL G 1483 36.77 21.92 -100.85
C VAL G 1483 38.04 22.74 -100.69
N LYS G 1484 37.90 24.06 -100.62
CA LYS G 1484 39.01 24.96 -100.39
C LYS G 1484 38.66 25.84 -99.20
N CYS G 1485 39.62 26.04 -98.31
CA CYS G 1485 39.41 26.85 -97.10
C CYS G 1485 40.63 27.74 -96.94
N PHE G 1486 40.44 29.04 -97.14
CA PHE G 1486 41.54 29.98 -97.19
C PHE G 1486 41.24 31.18 -96.31
N GLY G 1487 42.27 31.67 -95.62
CA GLY G 1487 42.11 32.87 -94.81
C GLY G 1487 43.37 33.29 -94.09
N PRO G 1488 43.36 34.45 -93.45
CA PRO G 1488 44.51 34.88 -92.65
C PRO G 1488 44.41 34.45 -91.19
N ILE G 1489 45.52 33.91 -90.70
CA ILE G 1489 45.72 33.61 -89.28
C ILE G 1489 46.47 34.77 -88.69
N LYS G 1490 45.89 35.38 -87.65
CA LYS G 1490 46.52 36.49 -86.97
C LYS G 1490 46.72 36.15 -85.50
N VAL G 1491 47.67 36.85 -84.89
CA VAL G 1491 47.98 36.71 -83.47
C VAL G 1491 47.47 37.95 -82.75
N GLU G 1492 47.01 37.76 -81.52
CA GLU G 1492 46.60 38.86 -80.67
C GLU G 1492 47.84 39.45 -79.99
N LEU G 1493 48.02 40.76 -80.13
CA LEU G 1493 49.13 41.44 -79.52
C LEU G 1493 48.77 41.83 -78.10
N PRO G 1494 49.75 42.32 -77.32
CA PRO G 1494 49.40 42.81 -75.97
C PRO G 1494 48.38 43.94 -75.99
N THR G 1495 48.32 44.71 -77.07
CA THR G 1495 47.35 45.80 -77.21
C THR G 1495 46.01 45.32 -77.74
N LYS G 1496 45.71 44.03 -77.65
CA LYS G 1496 44.43 43.49 -78.11
C LYS G 1496 44.20 43.79 -79.59
N GLU G 1497 45.30 43.75 -80.36
CA GLU G 1497 45.27 44.03 -81.79
C GLU G 1497 45.67 42.75 -82.53
N THR G 1498 44.86 42.36 -83.50
CA THR G 1498 45.08 41.13 -84.24
C THR G 1498 45.85 41.43 -85.51
N VAL G 1499 47.05 40.83 -85.63
CA VAL G 1499 47.94 41.08 -86.75
C VAL G 1499 48.27 39.77 -87.44
N GLU G 1500 48.19 39.76 -88.77
CA GLU G 1500 48.42 38.55 -89.54
C GLU G 1500 49.84 38.04 -89.36
N ILE G 1501 49.95 36.74 -89.07
CA ILE G 1501 51.24 36.08 -88.90
C ILE G 1501 51.27 34.80 -89.73
N GLY G 1502 50.16 34.46 -90.35
CA GLY G 1502 50.13 33.27 -91.17
C GLY G 1502 48.86 33.19 -91.99
N ILE G 1503 48.68 32.06 -92.67
CA ILE G 1503 47.49 31.80 -93.45
C ILE G 1503 47.00 30.38 -93.18
N VAL G 1504 45.70 30.20 -93.35
CA VAL G 1504 45.09 28.90 -93.60
C VAL G 1504 44.97 28.76 -95.10
N ASP G 1505 45.48 27.65 -95.63
CA ASP G 1505 45.40 27.35 -97.07
C ASP G 1505 45.16 25.84 -97.19
N TYR G 1506 43.90 25.44 -97.23
CA TYR G 1506 43.49 24.06 -97.39
C TYR G 1506 42.86 23.89 -98.77
N GLU G 1507 43.28 22.85 -99.48
CA GLU G 1507 42.72 22.53 -100.78
C GLU G 1507 42.57 21.03 -100.88
N ALA G 1508 41.42 20.57 -101.36
CA ALA G 1508 41.16 19.14 -101.48
C ALA G 1508 40.14 18.91 -102.57
N GLY G 1509 40.18 17.70 -103.14
CA GLY G 1509 39.21 17.28 -104.13
C GLY G 1509 37.98 16.70 -103.49
N ALA G 1510 37.58 15.50 -103.92
CA ALA G 1510 36.40 14.86 -103.38
C ALA G 1510 36.54 14.64 -101.88
N SER G 1511 35.60 15.19 -101.12
CA SER G 1511 35.66 15.09 -99.66
C SER G 1511 34.26 15.25 -99.10
N HIS G 1512 34.07 14.71 -97.89
CA HIS G 1512 32.78 14.75 -97.21
C HIS G 1512 32.61 15.97 -96.32
N GLY G 1513 33.64 16.79 -96.17
CA GLY G 1513 33.54 17.96 -95.31
C GLY G 1513 34.84 18.73 -95.32
N ASN G 1514 34.85 19.81 -94.55
CA ASN G 1514 36.02 20.66 -94.41
C ASN G 1514 36.70 20.32 -93.08
N PRO G 1515 37.88 19.69 -93.07
CA PRO G 1515 38.50 19.36 -91.79
C PRO G 1515 38.96 20.58 -91.01
N VAL G 1516 39.27 21.68 -91.70
CA VAL G 1516 39.77 22.87 -91.00
C VAL G 1516 38.72 23.40 -90.04
N VAL G 1517 37.48 23.53 -90.51
CA VAL G 1517 36.42 24.07 -89.67
C VAL G 1517 36.09 23.11 -88.54
N ASP G 1518 36.13 21.81 -88.82
CA ASP G 1518 35.89 20.83 -87.77
C ASP G 1518 36.95 20.93 -86.67
N PHE G 1519 38.22 21.04 -87.07
CA PHE G 1519 39.30 21.17 -86.10
C PHE G 1519 39.16 22.46 -85.30
N LEU G 1520 38.85 23.56 -85.97
CA LEU G 1520 38.72 24.83 -85.27
C LEU G 1520 37.55 24.83 -84.31
N LYS G 1521 36.42 24.25 -84.71
CA LYS G 1521 35.29 24.14 -83.80
C LYS G 1521 35.64 23.27 -82.59
N ARG G 1522 36.33 22.15 -82.82
CA ARG G 1522 36.59 21.23 -81.71
C ARG G 1522 37.62 21.81 -80.74
N ASN G 1523 38.64 22.50 -81.25
CA ASN G 1523 39.75 22.96 -80.42
C ASN G 1523 39.61 24.41 -79.97
N GLY G 1524 39.36 25.32 -80.91
CA GLY G 1524 39.15 26.71 -80.58
C GLY G 1524 37.72 27.00 -80.18
N SER G 1525 37.43 28.29 -80.04
CA SER G 1525 36.11 28.79 -79.68
C SER G 1525 35.65 29.78 -80.73
N THR G 1526 34.34 29.82 -80.97
CA THR G 1526 33.77 30.71 -81.96
C THR G 1526 33.58 32.09 -81.36
N LEU G 1527 34.06 33.12 -82.06
CA LEU G 1527 33.85 34.50 -81.64
C LEU G 1527 32.61 35.03 -82.33
N GLU G 1528 31.58 35.31 -81.54
CA GLU G 1528 30.32 35.82 -82.06
C GLU G 1528 30.32 37.34 -81.93
N GLN G 1529 30.20 38.03 -83.08
CA GLN G 1529 30.15 39.48 -83.06
C GLN G 1529 28.89 39.97 -82.33
N LYS G 1530 27.76 39.31 -82.57
CA LYS G 1530 26.53 39.69 -81.90
C LYS G 1530 26.54 39.18 -80.46
N VAL G 1531 26.17 40.06 -79.54
CA VAL G 1531 26.11 39.74 -78.11
C VAL G 1531 24.69 40.03 -77.65
N ASN G 1532 23.98 38.98 -77.25
CA ASN G 1532 22.61 39.13 -76.78
C ASN G 1532 22.59 39.77 -75.40
N LEU G 1533 21.55 40.55 -75.13
CA LEU G 1533 21.38 41.15 -73.83
C LEU G 1533 20.86 40.10 -72.83
N GLU G 1534 20.81 40.49 -71.56
CA GLU G 1534 20.32 39.58 -70.54
C GLU G 1534 18.85 39.24 -70.79
N ASN G 1535 18.05 40.22 -71.18
CA ASN G 1535 16.67 40.02 -71.58
C ASN G 1535 16.38 40.89 -72.79
N PRO G 1536 15.52 40.44 -73.71
CA PRO G 1536 15.10 41.32 -74.80
C PRO G 1536 14.34 42.53 -74.28
N ILE G 1537 14.42 43.62 -75.03
CA ILE G 1537 13.74 44.87 -74.67
C ILE G 1537 12.67 45.13 -75.73
N PRO G 1538 11.38 44.90 -75.45
CA PRO G 1538 10.37 45.23 -76.47
C PRO G 1538 10.36 46.73 -76.74
N ILE G 1539 10.30 47.08 -78.03
CA ILE G 1539 10.22 48.46 -78.46
C ILE G 1539 8.77 48.87 -78.74
N ALA G 1540 8.11 48.17 -79.66
CA ALA G 1540 6.71 48.46 -79.94
C ALA G 1540 6.16 47.38 -80.87
N VAL G 1541 4.84 47.21 -80.80
CA VAL G 1541 4.09 46.38 -81.73
C VAL G 1541 3.30 47.33 -82.62
N LEU G 1542 3.53 47.24 -83.92
CA LEU G 1542 3.03 48.21 -84.89
C LEU G 1542 2.17 47.50 -85.93
N ASP G 1543 1.22 48.24 -86.48
CA ASP G 1543 0.32 47.73 -87.51
C ASP G 1543 0.62 48.42 -88.83
N SER G 1544 0.96 47.64 -89.84
CA SER G 1544 1.10 48.11 -91.22
C SER G 1544 0.04 47.43 -92.06
N TYR G 1545 -0.15 47.93 -93.28
CA TYR G 1545 -1.16 47.41 -94.18
C TYR G 1545 -0.55 47.21 -95.56
N THR G 1546 -0.81 46.05 -96.15
CA THR G 1546 -0.41 45.83 -97.52
C THR G 1546 -1.33 46.62 -98.45
N PRO G 1547 -0.81 47.25 -99.50
CA PRO G 1547 -1.68 48.06 -100.37
C PRO G 1547 -2.65 47.20 -101.15
N SER G 1548 -3.75 47.84 -101.58
CA SER G 1548 -4.74 47.15 -102.39
C SER G 1548 -4.16 46.68 -103.72
N THR G 1549 -3.14 47.37 -104.24
CA THR G 1549 -2.50 47.01 -105.49
C THR G 1549 -0.99 47.04 -105.31
N ASN G 1550 -0.31 46.23 -106.12
CA ASN G 1550 1.14 46.14 -106.10
C ASN G 1550 1.79 46.91 -107.25
N GLU G 1551 1.00 47.48 -108.15
CA GLU G 1551 1.56 48.30 -109.22
C GLU G 1551 2.39 49.47 -108.72
N PRO G 1552 1.99 50.22 -107.68
CA PRO G 1552 2.84 51.33 -107.22
C PRO G 1552 4.24 50.90 -106.84
N TYR G 1553 4.40 49.76 -106.18
CA TYR G 1553 5.73 49.28 -105.85
C TYR G 1553 6.42 48.68 -107.06
N ALA G 1554 5.67 47.97 -107.91
CA ALA G 1554 6.30 47.36 -109.08
C ALA G 1554 6.92 48.41 -109.99
N ARG G 1555 6.20 49.50 -110.23
CA ARG G 1555 6.69 50.49 -111.19
C ARG G 1555 7.89 51.27 -110.63
N VAL G 1556 7.97 51.41 -109.30
CA VAL G 1556 9.05 52.20 -108.73
C VAL G 1556 10.28 51.34 -108.50
N SER G 1557 10.10 50.09 -108.10
CA SER G 1557 11.22 49.18 -107.86
C SER G 1557 11.71 48.51 -109.13
N GLY G 1558 10.95 48.57 -110.22
CA GLY G 1558 11.33 47.87 -111.42
C GLY G 1558 11.04 46.39 -111.40
N ASP G 1559 10.58 45.85 -110.28
CA ASP G 1559 10.22 44.45 -110.16
C ASP G 1559 8.83 44.28 -110.77
N LEU G 1560 8.79 43.92 -112.04
CA LEU G 1560 7.55 43.70 -112.77
C LEU G 1560 7.15 42.23 -112.78
N ASN G 1561 7.42 41.52 -111.70
CA ASN G 1561 7.05 40.12 -111.62
C ASN G 1561 5.53 40.00 -111.78
N PRO G 1562 5.05 39.23 -112.76
CA PRO G 1562 3.59 39.18 -112.96
C PRO G 1562 2.82 38.61 -111.79
N ILE G 1563 3.44 37.80 -110.94
CA ILE G 1563 2.70 37.18 -109.85
C ILE G 1563 2.15 38.23 -108.89
N HIS G 1564 2.74 39.43 -108.88
CA HIS G 1564 2.32 40.48 -107.96
C HIS G 1564 1.28 41.42 -108.56
N VAL G 1565 1.05 41.39 -109.87
CA VAL G 1565 0.13 42.33 -110.51
C VAL G 1565 -0.95 41.65 -111.33
N SER G 1566 -0.75 40.44 -111.81
CA SER G 1566 -1.66 39.76 -112.73
C SER G 1566 -2.30 38.58 -112.02
N ARG G 1567 -3.63 38.51 -112.08
CA ARG G 1567 -4.34 37.40 -111.47
C ARG G 1567 -4.00 36.08 -112.16
N HIS G 1568 -3.93 36.10 -113.49
CA HIS G 1568 -3.74 34.85 -114.23
C HIS G 1568 -2.36 34.26 -114.00
N PHE G 1569 -1.33 35.11 -113.94
CA PHE G 1569 0.01 34.59 -113.71
C PHE G 1569 0.15 34.01 -112.31
N ALA G 1570 -0.43 34.67 -111.30
CA ALA G 1570 -0.42 34.11 -109.96
C ALA G 1570 -1.18 32.80 -109.91
N SER G 1571 -2.32 32.72 -110.60
CA SER G 1571 -3.07 31.47 -110.67
C SER G 1571 -2.21 30.35 -111.24
N TYR G 1572 -1.58 30.61 -112.40
CA TYR G 1572 -0.70 29.61 -113.01
C TYR G 1572 0.47 29.25 -112.10
N ALA G 1573 0.92 30.18 -111.29
CA ALA G 1573 1.99 29.94 -110.32
C ALA G 1573 1.47 29.34 -109.02
N ASN G 1574 0.17 29.03 -108.93
CA ASN G 1574 -0.42 28.32 -107.80
C ASN G 1574 -0.35 29.12 -106.51
N LEU G 1575 -0.23 30.43 -106.60
CA LEU G 1575 -0.18 31.26 -105.42
C LEU G 1575 -1.61 31.56 -104.95
N PRO G 1576 -1.80 31.85 -103.65
CA PRO G 1576 -3.17 32.08 -103.16
C PRO G 1576 -3.84 33.27 -103.79
N GLY G 1577 -3.08 34.16 -104.43
CA GLY G 1577 -3.65 35.30 -105.10
C GLY G 1577 -2.55 36.18 -105.65
N THR G 1578 -2.92 37.42 -105.95
CA THR G 1578 -1.97 38.41 -106.45
C THR G 1578 -1.15 38.93 -105.27
N ILE G 1579 -0.27 38.05 -104.77
CA ILE G 1579 0.46 38.30 -103.54
C ILE G 1579 1.37 39.50 -103.69
N THR G 1580 1.52 40.27 -102.62
CA THR G 1580 2.32 41.49 -102.65
C THR G 1580 3.80 41.17 -102.69
N HIS G 1581 4.58 42.13 -103.17
CA HIS G 1581 6.02 41.98 -103.18
C HIS G 1581 6.51 41.76 -101.75
N GLY G 1582 7.33 40.73 -101.56
CA GLY G 1582 8.01 40.58 -100.30
C GLY G 1582 8.95 41.74 -100.04
N MET G 1583 9.54 42.29 -101.10
CA MET G 1583 10.42 43.44 -100.93
C MET G 1583 9.66 44.65 -100.45
N PHE G 1584 8.39 44.80 -100.85
CA PHE G 1584 7.58 45.86 -100.27
C PHE G 1584 7.42 45.66 -98.77
N SER G 1585 7.12 44.44 -98.33
CA SER G 1585 6.92 44.19 -96.91
C SER G 1585 8.20 44.47 -96.14
N SER G 1586 9.34 44.07 -96.71
CA SER G 1586 10.62 44.37 -96.08
C SER G 1586 10.83 45.87 -95.97
N ALA G 1587 10.51 46.62 -97.03
CA ALA G 1587 10.72 48.06 -97.00
C ALA G 1587 9.79 48.74 -96.01
N SER G 1588 8.55 48.26 -95.90
CA SER G 1588 7.63 48.81 -94.91
C SER G 1588 8.11 48.54 -93.49
N VAL G 1589 8.55 47.31 -93.23
CA VAL G 1589 9.04 46.99 -91.90
C VAL G 1589 10.30 47.79 -91.59
N ARG G 1590 11.14 48.03 -92.60
CA ARG G 1590 12.33 48.83 -92.38
C ARG G 1590 11.97 50.29 -92.11
N ALA G 1591 10.93 50.79 -92.78
CA ALA G 1591 10.44 52.12 -92.47
C ALA G 1591 9.99 52.20 -91.01
N LEU G 1592 9.24 51.20 -90.57
CA LEU G 1592 8.79 51.18 -89.18
C LEU G 1592 9.98 51.08 -88.22
N ILE G 1593 10.99 50.29 -88.57
CA ILE G 1593 12.13 50.10 -87.69
C ILE G 1593 12.93 51.38 -87.57
N GLU G 1594 13.19 52.04 -88.70
CA GLU G 1594 13.92 53.31 -88.63
C GLU G 1594 13.09 54.39 -87.96
N ASN G 1595 11.76 54.26 -87.99
CA ASN G 1595 10.94 55.22 -87.28
C ASN G 1595 11.02 55.02 -85.77
N TRP G 1596 10.89 53.77 -85.32
CA TRP G 1596 10.74 53.50 -83.89
C TRP G 1596 12.07 53.17 -83.21
N ALA G 1597 12.77 52.14 -83.71
CA ALA G 1597 14.04 51.76 -83.10
C ALA G 1597 15.09 52.84 -83.29
N ALA G 1598 15.14 53.46 -84.46
CA ALA G 1598 16.13 54.48 -84.78
C ALA G 1598 15.63 55.90 -84.56
N ASP G 1599 14.38 56.07 -84.11
CA ASP G 1599 13.82 57.40 -83.85
C ASP G 1599 13.79 58.25 -85.12
N SER G 1600 13.45 57.62 -86.24
CA SER G 1600 13.29 58.31 -87.52
C SER G 1600 14.59 59.01 -87.93
N VAL G 1601 15.68 58.24 -87.89
CA VAL G 1601 16.99 58.70 -88.34
C VAL G 1601 17.49 57.69 -89.36
N SER G 1602 17.60 58.13 -90.62
CA SER G 1602 17.98 57.22 -91.70
C SER G 1602 19.40 56.70 -91.49
N SER G 1603 20.35 57.60 -91.24
CA SER G 1603 21.75 57.21 -91.10
C SER G 1603 21.98 56.24 -89.96
N ARG G 1604 21.15 56.27 -88.93
CA ARG G 1604 21.32 55.43 -87.76
C ARG G 1604 21.05 53.96 -88.05
N VAL G 1605 20.49 53.63 -89.22
CA VAL G 1605 20.23 52.26 -89.63
C VAL G 1605 21.34 51.83 -90.58
N ARG G 1606 22.10 50.81 -90.19
CA ARG G 1606 23.24 50.32 -90.95
C ARG G 1606 23.04 48.94 -91.52
N GLY G 1607 22.38 48.05 -90.80
CA GLY G 1607 22.08 46.73 -91.30
C GLY G 1607 20.60 46.45 -91.23
N TYR G 1608 20.11 45.66 -92.18
CA TYR G 1608 18.72 45.23 -92.12
C TYR G 1608 18.56 43.98 -92.98
N THR G 1609 18.41 42.84 -92.34
CA THR G 1609 18.12 41.58 -93.01
C THR G 1609 16.70 41.16 -92.68
N CYS G 1610 16.06 40.49 -93.63
CA CYS G 1610 14.70 39.99 -93.42
C CYS G 1610 14.52 38.72 -94.22
N GLN G 1611 13.73 37.81 -93.66
CA GLN G 1611 13.38 36.54 -94.27
C GLN G 1611 11.88 36.53 -94.49
N PHE G 1612 11.50 36.23 -95.74
CA PHE G 1612 10.09 36.13 -96.14
C PHE G 1612 9.64 34.69 -95.93
N VAL G 1613 9.14 34.42 -94.72
CA VAL G 1613 8.82 33.05 -94.36
C VAL G 1613 7.52 32.61 -95.01
N ASP G 1614 6.60 33.55 -95.24
CA ASP G 1614 5.31 33.24 -95.83
C ASP G 1614 4.88 34.36 -96.77
N MET G 1615 4.00 34.00 -97.70
CA MET G 1615 3.46 34.95 -98.65
C MET G 1615 2.50 35.91 -97.95
N VAL G 1616 2.35 37.10 -98.54
CA VAL G 1616 1.49 38.15 -98.03
C VAL G 1616 0.58 38.60 -99.16
N LEU G 1617 -0.75 38.72 -98.87
CA LEU G 1617 -1.71 39.11 -99.87
C LEU G 1617 -2.04 40.60 -99.76
N PRO G 1618 -2.55 41.23 -100.82
CA PRO G 1618 -2.96 42.64 -100.70
C PRO G 1618 -4.07 42.83 -99.70
N ASN G 1619 -4.09 44.02 -99.08
CA ASN G 1619 -5.11 44.42 -98.12
C ASN G 1619 -5.14 43.48 -96.92
N THR G 1620 -3.97 43.31 -96.31
CA THR G 1620 -3.81 42.52 -95.11
C THR G 1620 -3.11 43.36 -94.05
N ALA G 1621 -3.55 43.18 -92.80
CA ALA G 1621 -2.99 43.88 -91.66
C ALA G 1621 -1.83 43.07 -91.11
N LEU G 1622 -0.65 43.66 -91.13
CA LEU G 1622 0.57 43.03 -90.66
C LEU G 1622 0.96 43.62 -89.31
N LYS G 1623 1.11 42.76 -88.31
CA LYS G 1623 1.47 43.16 -86.96
C LYS G 1623 2.94 42.80 -86.72
N THR G 1624 3.76 43.82 -86.52
CA THR G 1624 5.21 43.67 -86.36
C THR G 1624 5.61 44.01 -84.95
N SER G 1625 6.20 43.05 -84.25
CA SER G 1625 6.72 43.26 -82.90
C SER G 1625 8.22 43.49 -82.99
N ILE G 1626 8.68 44.63 -82.49
CA ILE G 1626 10.07 45.05 -82.56
C ILE G 1626 10.70 44.80 -81.19
N GLN G 1627 11.88 44.18 -81.18
CA GLN G 1627 12.57 43.87 -79.93
C GLN G 1627 14.05 44.20 -80.09
N HIS G 1628 14.64 44.88 -79.11
CA HIS G 1628 16.08 45.08 -79.06
C HIS G 1628 16.66 43.91 -78.29
N VAL G 1629 17.39 43.04 -78.99
CA VAL G 1629 17.80 41.75 -78.47
C VAL G 1629 19.29 41.69 -78.17
N GLY G 1630 20.09 42.55 -78.82
CA GLY G 1630 21.52 42.48 -78.63
C GLY G 1630 22.28 43.67 -79.19
N MET G 1631 23.61 43.53 -79.21
CA MET G 1631 24.50 44.56 -79.71
C MET G 1631 25.54 43.91 -80.61
N ILE G 1632 25.98 44.64 -81.62
CA ILE G 1632 27.05 44.19 -82.52
C ILE G 1632 27.92 45.38 -82.87
N ASN G 1633 29.14 45.38 -82.34
CA ASN G 1633 30.12 46.43 -82.63
C ASN G 1633 29.53 47.81 -82.35
N GLY G 1634 28.79 47.92 -81.26
CA GLY G 1634 28.19 49.18 -80.86
C GLY G 1634 26.90 49.52 -81.56
N ARG G 1635 26.37 48.63 -82.40
CA ARG G 1635 25.08 48.81 -83.04
C ARG G 1635 24.07 47.90 -82.35
N LYS G 1636 22.93 48.48 -82.00
CA LYS G 1636 21.82 47.71 -81.44
C LYS G 1636 21.33 46.71 -82.48
N LEU G 1637 21.19 45.46 -82.05
CA LEU G 1637 20.58 44.42 -82.86
C LEU G 1637 19.10 44.34 -82.47
N ILE G 1638 18.23 44.58 -83.44
CA ILE G 1638 16.79 44.57 -83.24
C ILE G 1638 16.17 43.49 -84.10
N LYS G 1639 15.52 42.53 -83.46
CA LYS G 1639 14.74 41.50 -84.14
C LYS G 1639 13.33 42.02 -84.36
N PHE G 1640 12.70 41.54 -85.43
CA PHE G 1640 11.28 41.78 -85.67
C PHE G 1640 10.63 40.50 -86.14
N GLU G 1641 9.33 40.40 -85.90
CA GLU G 1641 8.54 39.24 -86.32
C GLU G 1641 7.18 39.77 -86.76
N THR G 1642 7.02 39.93 -88.07
CA THR G 1642 5.77 40.38 -88.65
C THR G 1642 4.85 39.20 -88.93
N ARG G 1643 3.66 39.26 -88.32
CA ARG G 1643 2.63 38.24 -88.47
C ARG G 1643 1.45 38.84 -89.23
N ASN G 1644 0.65 37.97 -89.83
CA ASN G 1644 -0.53 38.40 -90.58
C ASN G 1644 -1.74 38.40 -89.64
N GLU G 1645 -2.94 38.56 -90.21
CA GLU G 1645 -4.15 38.54 -89.41
C GLU G 1645 -4.39 37.18 -88.76
N ASP G 1646 -3.94 36.11 -89.42
CA ASP G 1646 -4.12 34.76 -88.91
C ASP G 1646 -3.08 34.36 -87.87
N ASP G 1647 -2.32 35.33 -87.36
CA ASP G 1647 -1.29 35.06 -86.35
C ASP G 1647 -0.22 34.14 -86.90
N VAL G 1648 0.02 34.22 -88.21
CA VAL G 1648 1.02 33.43 -88.91
C VAL G 1648 2.18 34.34 -89.24
N VAL G 1649 3.39 33.94 -88.85
CA VAL G 1649 4.57 34.74 -89.13
C VAL G 1649 4.79 34.79 -90.63
N VAL G 1650 4.94 36.01 -91.16
CA VAL G 1650 5.19 36.22 -92.59
C VAL G 1650 6.49 36.95 -92.86
N LEU G 1651 7.08 37.59 -91.86
CA LEU G 1651 8.39 38.23 -92.04
C LEU G 1651 9.16 38.11 -90.74
N THR G 1652 10.47 37.90 -90.85
CA THR G 1652 11.27 37.88 -89.62
C THR G 1652 12.70 38.24 -89.97
N GLY G 1653 13.28 39.15 -89.19
CA GLY G 1653 14.59 39.63 -89.54
C GLY G 1653 15.27 40.38 -88.42
N GLU G 1654 16.41 40.98 -88.75
CA GLU G 1654 17.26 41.71 -87.83
C GLU G 1654 17.57 43.07 -88.44
N ALA G 1655 17.93 44.01 -87.57
CA ALA G 1655 18.31 45.35 -87.97
C ALA G 1655 19.41 45.84 -87.05
N GLU G 1656 20.51 46.27 -87.66
CA GLU G 1656 21.65 46.82 -86.94
C GLU G 1656 21.53 48.34 -87.00
N ILE G 1657 21.14 48.93 -85.87
CA ILE G 1657 20.87 50.36 -85.75
C ILE G 1657 21.96 50.97 -84.89
N GLU G 1658 22.64 52.00 -85.40
CA GLU G 1658 23.65 52.67 -84.59
C GLU G 1658 23.02 53.25 -83.33
N GLN G 1659 23.81 53.31 -82.28
CA GLN G 1659 23.40 54.00 -81.08
C GLN G 1659 23.41 55.50 -81.32
N PRO G 1660 22.79 56.29 -80.45
CA PRO G 1660 22.97 57.74 -80.52
C PRO G 1660 24.44 58.10 -80.42
N VAL G 1661 24.76 59.33 -80.81
CA VAL G 1661 26.15 59.78 -80.79
C VAL G 1661 26.67 59.65 -79.36
N THR G 1662 27.78 58.94 -79.21
CA THR G 1662 28.32 58.59 -77.90
C THR G 1662 29.69 59.23 -77.71
N THR G 1663 29.92 59.67 -76.48
CA THR G 1663 31.24 60.13 -76.05
C THR G 1663 31.58 59.35 -74.80
N PHE G 1664 32.85 59.00 -74.65
CA PHE G 1664 33.35 58.33 -73.47
C PHE G 1664 34.32 59.29 -72.78
N VAL G 1665 33.91 59.78 -71.61
CA VAL G 1665 34.71 60.72 -70.82
C VAL G 1665 35.25 59.94 -69.63
N PHE G 1666 36.58 59.93 -69.50
CA PHE G 1666 37.26 59.09 -68.52
C PHE G 1666 37.75 59.94 -67.35
N THR G 1667 37.31 59.59 -66.15
CA THR G 1667 37.55 60.41 -64.97
C THR G 1667 39.02 60.40 -64.55
N GLY G 1668 39.48 61.54 -64.06
CA GLY G 1668 40.82 61.66 -63.53
C GLY G 1668 40.90 61.29 -62.07
N GLN G 1669 42.07 61.56 -61.49
CA GLN G 1669 42.30 61.21 -60.10
C GLN G 1669 41.38 61.99 -59.17
N GLY G 1670 41.05 61.37 -58.04
CA GLY G 1670 40.28 62.03 -57.00
C GLY G 1670 39.23 61.14 -56.36
N SER G 1671 38.64 60.25 -57.16
CA SER G 1671 37.51 59.45 -56.74
C SER G 1671 37.90 58.04 -56.31
N GLN G 1672 39.19 57.74 -56.23
CA GLN G 1672 39.64 56.40 -55.89
C GLN G 1672 39.18 56.01 -54.49
N GLU G 1673 38.70 54.77 -54.35
CA GLU G 1673 38.19 54.29 -53.08
C GLU G 1673 38.37 52.78 -53.04
N GLN G 1674 38.44 52.23 -51.82
CA GLN G 1674 38.63 50.80 -51.65
C GLN G 1674 37.49 50.04 -52.31
N GLY G 1675 37.84 48.92 -52.94
CA GLY G 1675 36.87 48.12 -53.67
C GLY G 1675 36.50 48.66 -55.03
N MET G 1676 37.33 49.52 -55.61
CA MET G 1676 37.00 50.14 -56.89
C MET G 1676 37.06 49.10 -58.01
N GLY G 1677 35.94 48.92 -58.70
CA GLY G 1677 35.91 48.01 -59.83
C GLY G 1677 35.86 46.54 -59.47
N MET G 1678 35.72 46.22 -58.19
CA MET G 1678 35.82 44.82 -57.78
C MET G 1678 34.56 44.02 -58.11
N ASP G 1679 33.40 44.66 -58.12
CA ASP G 1679 32.20 43.93 -58.57
C ASP G 1679 32.34 43.52 -60.03
N LEU G 1680 32.83 44.43 -60.87
CA LEU G 1680 33.10 44.08 -62.26
C LEU G 1680 34.20 43.03 -62.35
N TYR G 1681 35.17 43.07 -61.44
CA TYR G 1681 36.19 42.03 -61.42
C TYR G 1681 35.58 40.67 -61.11
N LYS G 1682 34.61 40.63 -60.19
CA LYS G 1682 33.92 39.37 -59.91
C LYS G 1682 33.14 38.89 -61.12
N THR G 1683 32.41 39.77 -61.79
CA THR G 1683 31.45 39.34 -62.80
C THR G 1683 32.06 39.21 -64.19
N SER G 1684 32.61 40.31 -64.71
CA SER G 1684 33.03 40.35 -66.11
C SER G 1684 34.34 39.58 -66.31
N LYS G 1685 34.40 38.82 -67.40
CA LYS G 1685 35.61 38.09 -67.73
C LYS G 1685 36.68 39.01 -68.34
N ALA G 1686 36.25 39.99 -69.15
CA ALA G 1686 37.19 40.95 -69.71
C ALA G 1686 37.82 41.81 -68.62
N ALA G 1687 37.01 42.24 -67.65
CA ALA G 1687 37.55 42.97 -66.51
C ALA G 1687 38.53 42.11 -65.74
N GLN G 1688 38.21 40.84 -65.55
CA GLN G 1688 39.15 39.91 -64.91
C GLN G 1688 40.46 39.87 -65.66
N ASP G 1689 40.41 39.76 -66.98
CA ASP G 1689 41.63 39.67 -67.76
C ASP G 1689 42.47 40.94 -67.62
N VAL G 1690 41.82 42.10 -67.67
CA VAL G 1690 42.56 43.37 -67.54
C VAL G 1690 43.23 43.44 -66.17
N TRP G 1691 42.46 43.20 -65.10
CA TRP G 1691 42.99 43.31 -63.76
C TRP G 1691 44.07 42.27 -63.50
N ASN G 1692 43.90 41.07 -64.03
CA ASN G 1692 44.89 40.02 -63.82
C ASN G 1692 46.18 40.32 -64.55
N ARG G 1693 46.10 40.85 -65.78
CA ARG G 1693 47.32 41.23 -66.48
C ARG G 1693 48.05 42.32 -65.73
N ALA G 1694 47.31 43.31 -65.23
CA ALA G 1694 47.93 44.38 -64.45
C ALA G 1694 48.57 43.84 -63.18
N ASP G 1695 47.85 43.00 -62.46
CA ASP G 1695 48.37 42.45 -61.21
C ASP G 1695 49.59 41.59 -61.45
N ASN G 1696 49.56 40.74 -62.48
CA ASN G 1696 50.70 39.90 -62.78
C ASN G 1696 51.92 40.74 -63.14
N HIS G 1697 51.73 41.77 -63.96
CA HIS G 1697 52.86 42.63 -64.32
C HIS G 1697 53.43 43.30 -63.08
N PHE G 1698 52.56 43.81 -62.20
CA PHE G 1698 53.06 44.50 -61.01
C PHE G 1698 53.78 43.53 -60.07
N LYS G 1699 53.25 42.32 -59.91
CA LYS G 1699 53.94 41.33 -59.08
C LYS G 1699 55.33 41.02 -59.63
N ASP G 1700 55.43 40.77 -60.94
CA ASP G 1700 56.73 40.41 -61.50
C ASP G 1700 57.71 41.58 -61.45
N THR G 1701 57.24 42.81 -61.69
CA THR G 1701 58.16 43.93 -61.77
C THR G 1701 58.48 44.50 -60.39
N TYR G 1702 57.46 44.97 -59.67
CA TYR G 1702 57.64 45.66 -58.41
C TYR G 1702 57.23 44.84 -57.19
N GLY G 1703 56.78 43.61 -57.37
CA GLY G 1703 56.47 42.76 -56.25
C GLY G 1703 55.33 43.26 -55.37
N PHE G 1704 54.28 43.79 -55.97
CA PHE G 1704 53.08 44.16 -55.24
C PHE G 1704 51.86 43.90 -56.11
N SER G 1705 50.71 43.78 -55.45
CA SER G 1705 49.45 43.44 -56.10
C SER G 1705 48.54 44.66 -56.12
N ILE G 1706 48.28 45.20 -57.31
CA ILE G 1706 47.36 46.32 -57.42
C ILE G 1706 45.95 45.88 -57.03
N LEU G 1707 45.58 44.64 -57.35
CA LEU G 1707 44.30 44.12 -56.90
C LEU G 1707 44.22 44.10 -55.38
N ASP G 1708 45.28 43.65 -54.71
CA ASP G 1708 45.28 43.63 -53.26
C ASP G 1708 45.20 45.03 -52.69
N ILE G 1709 45.90 45.98 -53.30
CA ILE G 1709 45.86 47.36 -52.82
C ILE G 1709 44.46 47.94 -52.98
N VAL G 1710 43.82 47.69 -54.12
CA VAL G 1710 42.46 48.17 -54.33
C VAL G 1710 41.50 47.53 -53.34
N ILE G 1711 41.64 46.23 -53.11
CA ILE G 1711 40.70 45.52 -52.25
C ILE G 1711 40.85 45.91 -50.79
N ASN G 1712 42.08 46.02 -50.28
CA ASN G 1712 42.32 46.16 -48.85
C ASN G 1712 42.75 47.55 -48.41
N ASN G 1713 43.25 48.39 -49.31
CA ASN G 1713 43.74 49.74 -49.01
C ASN G 1713 44.74 49.71 -47.84
N PRO G 1714 45.82 48.96 -47.96
CA PRO G 1714 46.78 48.87 -46.86
C PRO G 1714 47.40 50.23 -46.56
N VAL G 1715 47.60 50.50 -45.26
CA VAL G 1715 48.29 51.73 -44.87
C VAL G 1715 49.76 51.63 -45.22
N ASN G 1716 50.37 50.48 -44.96
CA ASN G 1716 51.77 50.23 -45.27
C ASN G 1716 51.87 49.02 -46.18
N LEU G 1717 52.87 49.04 -47.06
CA LEU G 1717 53.12 47.92 -47.97
C LEU G 1717 54.62 47.69 -48.04
N THR G 1718 55.07 46.56 -47.54
CA THR G 1718 56.49 46.22 -47.52
C THR G 1718 56.81 45.26 -48.66
N ILE G 1719 57.66 45.72 -49.57
CA ILE G 1719 58.21 44.89 -50.63
C ILE G 1719 59.52 44.32 -50.12
N HIS G 1720 59.66 43.00 -50.22
CA HIS G 1720 60.85 42.32 -49.73
C HIS G 1720 61.69 41.86 -50.90
N PHE G 1721 63.00 42.02 -50.76
CA PHE G 1721 63.96 41.78 -51.83
C PHE G 1721 64.81 40.54 -51.57
N GLY G 1722 64.17 39.48 -51.05
CA GLY G 1722 64.87 38.23 -50.81
C GLY G 1722 64.74 37.27 -51.98
N GLY G 1723 65.82 36.53 -52.23
CA GLY G 1723 65.86 35.62 -53.35
C GLY G 1723 66.11 36.33 -54.66
N GLU G 1724 66.22 35.53 -55.72
CA GLU G 1724 66.48 36.08 -57.04
C GLU G 1724 65.34 36.98 -57.49
N LYS G 1725 64.09 36.56 -57.24
CA LYS G 1725 62.95 37.40 -57.58
C LYS G 1725 62.99 38.72 -56.84
N GLY G 1726 63.34 38.67 -55.55
CA GLY G 1726 63.45 39.90 -54.78
C GLY G 1726 64.55 40.80 -55.30
N LYS G 1727 65.65 40.22 -55.76
CA LYS G 1727 66.73 41.01 -56.34
C LYS G 1727 66.29 41.68 -57.63
N ARG G 1728 65.57 40.95 -58.48
CA ARG G 1728 65.06 41.53 -59.72
C ARG G 1728 64.10 42.68 -59.42
N ILE G 1729 63.23 42.50 -58.43
CA ILE G 1729 62.31 43.57 -58.05
C ILE G 1729 63.09 44.76 -57.51
N ARG G 1730 64.12 44.50 -56.72
CA ARG G 1730 64.94 45.59 -56.18
C ARG G 1730 65.64 46.36 -57.30
N GLU G 1731 66.12 45.65 -58.31
CA GLU G 1731 66.75 46.33 -59.44
C GLU G 1731 65.72 47.17 -60.20
N ASN G 1732 64.51 46.66 -60.35
CA ASN G 1732 63.45 47.45 -60.97
C ASN G 1732 63.16 48.71 -60.16
N TYR G 1733 63.16 48.60 -58.84
CA TYR G 1733 62.95 49.77 -57.98
C TYR G 1733 64.10 50.76 -58.08
N SER G 1734 65.34 50.26 -58.15
CA SER G 1734 66.49 51.13 -58.23
C SER G 1734 66.58 51.83 -59.57
N ALA G 1735 66.12 51.18 -60.65
CA ALA G 1735 66.16 51.80 -61.96
C ALA G 1735 65.19 52.96 -62.09
N MET G 1736 64.20 53.05 -61.21
CA MET G 1736 63.25 54.15 -61.27
C MET G 1736 63.96 55.47 -61.00
N ILE G 1737 63.89 56.38 -61.98
CA ILE G 1737 64.54 57.68 -61.87
C ILE G 1737 63.56 58.77 -62.29
N PHE G 1738 63.80 59.97 -61.77
CA PHE G 1738 63.06 61.18 -62.10
C PHE G 1738 64.04 62.10 -62.83
N GLU G 1739 63.89 62.18 -64.15
CA GLU G 1739 64.77 62.98 -64.99
C GLU G 1739 64.10 64.31 -65.30
N THR G 1740 64.89 65.37 -65.37
CA THR G 1740 64.37 66.71 -65.56
C THR G 1740 65.44 67.60 -66.18
N ILE G 1741 65.17 68.14 -67.37
CA ILE G 1741 66.05 69.14 -67.97
C ILE G 1741 65.64 70.50 -67.40
N VAL G 1742 66.38 70.95 -66.39
CA VAL G 1742 66.20 72.27 -65.81
C VAL G 1742 67.38 73.15 -66.22
N ASP G 1743 67.08 74.32 -66.75
CA ASP G 1743 68.10 75.27 -67.20
C ASP G 1743 69.06 74.64 -68.20
N GLY G 1744 68.54 73.74 -69.03
CA GLY G 1744 69.34 73.07 -70.03
C GLY G 1744 70.20 71.93 -69.52
N LYS G 1745 70.09 71.58 -68.23
CA LYS G 1745 70.88 70.51 -67.62
C LYS G 1745 69.95 69.38 -67.20
N LEU G 1746 70.29 68.17 -67.61
CA LEU G 1746 69.49 66.97 -67.34
C LEU G 1746 69.86 66.41 -65.96
N LYS G 1747 69.16 66.89 -64.94
CA LYS G 1747 69.28 66.28 -63.63
C LYS G 1747 68.56 64.93 -63.62
N THR G 1748 69.13 63.98 -62.88
CA THR G 1748 68.57 62.64 -62.74
C THR G 1748 68.47 62.34 -61.24
N GLU G 1749 67.37 62.76 -60.63
CA GLU G 1749 67.12 62.35 -59.26
C GLU G 1749 66.68 60.89 -59.25
N LYS G 1750 66.88 60.23 -58.12
CA LYS G 1750 66.52 58.83 -57.97
C LYS G 1750 65.31 58.72 -57.05
N ILE G 1751 64.26 58.07 -57.55
CA ILE G 1751 63.15 57.68 -56.69
C ILE G 1751 63.60 56.48 -55.88
N PHE G 1752 63.17 56.42 -54.62
CA PHE G 1752 63.66 55.41 -53.68
C PHE G 1752 65.18 55.50 -53.53
N LYS G 1753 65.64 56.64 -53.00
CA LYS G 1753 67.05 56.78 -52.70
C LYS G 1753 67.49 55.83 -51.59
N GLU G 1754 66.55 55.35 -50.77
CA GLU G 1754 66.88 54.37 -49.74
C GLU G 1754 67.39 53.08 -50.37
N ILE G 1755 66.76 52.64 -51.45
CA ILE G 1755 67.03 51.31 -51.98
C ILE G 1755 68.43 51.28 -52.58
N ASN G 1756 69.20 50.27 -52.19
CA ASN G 1756 70.54 50.03 -52.71
C ASN G 1756 70.70 48.54 -52.90
N GLU G 1757 71.94 48.10 -53.11
CA GLU G 1757 72.22 46.69 -53.28
C GLU G 1757 72.11 45.91 -51.98
N HIS G 1758 72.11 46.58 -50.82
CA HIS G 1758 71.99 45.94 -49.52
C HIS G 1758 70.61 46.10 -48.90
N SER G 1759 69.69 46.80 -49.56
CA SER G 1759 68.35 46.95 -49.03
C SER G 1759 67.61 45.63 -49.12
N THR G 1760 67.16 45.12 -47.97
CA THR G 1760 66.38 43.90 -47.94
C THR G 1760 64.89 44.15 -48.09
N SER G 1761 64.44 45.39 -47.89
CA SER G 1761 63.03 45.68 -48.04
C SER G 1761 62.84 47.18 -48.25
N TYR G 1762 61.71 47.52 -48.86
CA TYR G 1762 61.23 48.89 -48.95
C TYR G 1762 59.80 48.91 -48.42
N THR G 1763 59.36 50.05 -47.91
CA THR G 1763 58.01 50.19 -47.37
C THR G 1763 57.36 51.44 -47.94
N PHE G 1764 56.25 51.24 -48.65
CA PHE G 1764 55.35 52.33 -49.00
C PHE G 1764 54.52 52.67 -47.76
N ARG G 1765 54.56 53.94 -47.37
CA ARG G 1765 53.81 54.44 -46.23
C ARG G 1765 52.61 55.23 -46.72
N SER G 1766 51.55 55.25 -45.90
CA SER G 1766 50.45 56.18 -46.11
C SER G 1766 49.88 56.57 -44.76
N GLU G 1767 49.22 57.73 -44.73
CA GLU G 1767 48.56 58.15 -43.49
C GLU G 1767 47.34 57.29 -43.18
N LYS G 1768 46.48 57.06 -44.18
CA LYS G 1768 45.23 56.34 -43.97
C LYS G 1768 45.13 55.13 -44.90
N GLY G 1769 45.68 55.24 -46.10
CA GLY G 1769 45.62 54.14 -47.05
C GLY G 1769 46.46 54.41 -48.29
N LEU G 1770 47.09 53.36 -48.82
CA LEU G 1770 47.96 53.52 -49.97
C LEU G 1770 47.19 53.65 -51.28
N LEU G 1771 45.94 53.23 -51.32
CA LEU G 1771 45.13 53.43 -52.52
C LEU G 1771 44.94 54.90 -52.86
N SER G 1772 45.10 55.80 -51.87
CA SER G 1772 45.04 57.23 -52.09
C SER G 1772 46.37 57.82 -52.49
N ALA G 1773 47.41 57.00 -52.60
CA ALA G 1773 48.73 57.46 -53.02
C ALA G 1773 48.79 57.50 -54.54
N THR G 1774 49.32 58.60 -55.09
CA THR G 1774 49.32 58.78 -56.54
C THR G 1774 50.04 57.66 -57.25
N GLN G 1775 50.98 57.01 -56.56
CA GLN G 1775 51.67 55.86 -57.13
C GLN G 1775 50.70 54.71 -57.39
N PHE G 1776 49.77 54.47 -56.47
CA PHE G 1776 48.79 53.39 -56.60
C PHE G 1776 47.41 53.87 -56.99
N THR G 1777 47.04 55.11 -56.66
CA THR G 1777 45.73 55.64 -57.03
C THR G 1777 45.58 55.69 -58.54
N GLN G 1778 46.60 56.21 -59.23
CA GLN G 1778 46.50 56.34 -60.67
C GLN G 1778 46.40 54.99 -61.39
N PRO G 1779 47.27 54.01 -61.13
CA PRO G 1779 47.08 52.70 -61.79
C PRO G 1779 45.75 52.04 -61.45
N ALA G 1780 45.29 52.17 -60.20
CA ALA G 1780 44.02 51.56 -59.84
C ALA G 1780 42.86 52.20 -60.61
N LEU G 1781 42.85 53.53 -60.70
CA LEU G 1781 41.79 54.22 -61.42
C LEU G 1781 41.84 53.90 -62.91
N THR G 1782 43.04 53.98 -63.49
CA THR G 1782 43.20 53.67 -64.90
C THR G 1782 42.77 52.25 -65.20
N LEU G 1783 43.06 51.32 -64.28
CA LEU G 1783 42.70 49.93 -64.51
C LEU G 1783 41.22 49.70 -64.36
N MET G 1784 40.58 50.33 -63.38
CA MET G 1784 39.15 50.17 -63.26
C MET G 1784 38.45 50.74 -64.50
N GLU G 1785 38.95 51.86 -65.02
CA GLU G 1785 38.35 52.43 -66.22
C GLU G 1785 38.56 51.53 -67.44
N LYS G 1786 39.79 51.04 -67.61
CA LYS G 1786 40.08 50.15 -68.73
C LYS G 1786 39.27 48.87 -68.63
N ALA G 1787 39.07 48.35 -67.42
CA ALA G 1787 38.29 47.14 -67.23
C ALA G 1787 36.81 47.37 -67.53
N ALA G 1788 36.27 48.51 -67.06
CA ALA G 1788 34.89 48.84 -67.38
C ALA G 1788 34.70 48.96 -68.89
N PHE G 1789 35.62 49.64 -69.56
CA PHE G 1789 35.47 49.78 -71.00
C PHE G 1789 35.64 48.46 -71.72
N GLU G 1790 36.52 47.59 -71.22
CA GLU G 1790 36.70 46.29 -71.85
C GLU G 1790 35.46 45.42 -71.67
N ASP G 1791 34.80 45.50 -70.51
CA ASP G 1791 33.54 44.80 -70.35
C ASP G 1791 32.49 45.35 -71.31
N LEU G 1792 32.45 46.67 -71.47
CA LEU G 1792 31.52 47.25 -72.45
C LEU G 1792 31.83 46.74 -73.86
N LYS G 1793 33.11 46.66 -74.21
CA LYS G 1793 33.48 46.16 -75.53
C LYS G 1793 33.08 44.70 -75.70
N SER G 1794 33.25 43.89 -74.66
CA SER G 1794 32.84 42.49 -74.75
C SER G 1794 31.34 42.38 -74.92
N LYS G 1795 30.58 43.28 -74.29
CA LYS G 1795 29.13 43.33 -74.46
C LYS G 1795 28.72 44.02 -75.76
N GLY G 1796 29.66 44.61 -76.50
CA GLY G 1796 29.35 45.19 -77.79
C GLY G 1796 28.70 46.55 -77.72
N LEU G 1797 28.98 47.33 -76.68
CA LEU G 1797 28.31 48.59 -76.41
C LEU G 1797 29.12 49.81 -76.83
N ILE G 1798 30.19 49.60 -77.61
CA ILE G 1798 31.08 50.70 -78.01
C ILE G 1798 30.81 51.04 -79.47
N PRO G 1799 30.20 52.18 -79.79
CA PRO G 1799 30.07 52.56 -81.20
C PRO G 1799 31.42 52.77 -81.85
N ALA G 1800 31.51 52.41 -83.13
CA ALA G 1800 32.76 52.55 -83.85
C ALA G 1800 33.15 54.03 -83.98
N ASP G 1801 32.16 54.90 -84.16
CA ASP G 1801 32.39 56.33 -84.33
C ASP G 1801 32.32 57.11 -83.03
N ALA G 1802 32.26 56.43 -81.89
CA ALA G 1802 32.16 57.13 -80.61
C ALA G 1802 33.39 57.96 -80.34
N THR G 1803 33.19 59.17 -79.82
CA THR G 1803 34.31 60.04 -79.47
C THR G 1803 34.74 59.75 -78.03
N PHE G 1804 35.87 60.31 -77.62
CA PHE G 1804 36.34 60.06 -76.28
C PHE G 1804 37.31 61.14 -75.83
N ALA G 1805 37.27 61.42 -74.53
CA ALA G 1805 38.17 62.37 -73.90
C ALA G 1805 38.47 61.86 -72.49
N GLY G 1806 39.49 62.43 -71.87
CA GLY G 1806 39.86 62.00 -70.54
C GLY G 1806 40.43 63.11 -69.70
N HIS G 1807 39.98 63.23 -68.46
CA HIS G 1807 40.56 64.22 -67.57
C HIS G 1807 41.82 63.65 -66.94
N SER G 1808 42.94 64.37 -67.08
CA SER G 1808 44.22 63.89 -66.53
C SER G 1808 44.55 62.46 -66.97
N LEU G 1809 45.03 61.63 -66.05
CA LEU G 1809 45.31 60.23 -66.39
C LEU G 1809 44.14 59.67 -67.16
N GLY G 1810 42.95 60.19 -66.89
CA GLY G 1810 41.77 59.79 -67.65
C GLY G 1810 42.06 59.75 -69.14
N GLU G 1811 42.90 60.68 -69.63
CA GLU G 1811 43.30 60.65 -71.02
C GLU G 1811 44.07 59.36 -71.35
N TYR G 1812 44.97 58.96 -70.45
CA TYR G 1812 45.72 57.73 -70.68
C TYR G 1812 44.79 56.52 -70.71
N ALA G 1813 43.83 56.48 -69.78
CA ALA G 1813 42.87 55.38 -69.77
C ALA G 1813 42.04 55.38 -71.05
N ALA G 1814 41.61 56.55 -71.51
CA ALA G 1814 40.81 56.64 -72.72
C ALA G 1814 41.60 56.18 -73.94
N LEU G 1815 42.87 56.56 -74.02
CA LEU G 1815 43.71 56.11 -75.13
C LEU G 1815 43.89 54.60 -75.09
N ALA G 1816 44.18 54.04 -73.93
CA ALA G 1816 44.34 52.59 -73.83
C ALA G 1816 43.03 51.85 -74.07
N SER G 1817 41.89 52.51 -73.89
CA SER G 1817 40.58 51.87 -74.02
C SER G 1817 40.06 51.93 -75.45
N LEU G 1818 39.97 53.13 -76.02
CA LEU G 1818 39.35 53.29 -77.33
C LEU G 1818 40.32 53.00 -78.47
N ALA G 1819 41.57 53.42 -78.31
CA ALA G 1819 42.56 53.30 -79.38
C ALA G 1819 43.51 52.12 -79.18
N ASP G 1820 43.67 51.64 -77.93
CA ASP G 1820 44.61 50.56 -77.63
C ASP G 1820 46.02 50.92 -78.09
N VAL G 1821 46.42 52.17 -77.85
CA VAL G 1821 47.75 52.61 -78.26
C VAL G 1821 48.82 51.87 -77.49
N MET G 1822 48.54 51.54 -76.23
CA MET G 1822 49.47 50.82 -75.38
C MET G 1822 48.72 49.74 -74.61
N SER G 1823 49.40 48.63 -74.36
CA SER G 1823 48.77 47.48 -73.73
C SER G 1823 48.50 47.76 -72.25
N ILE G 1824 47.92 46.77 -71.57
CA ILE G 1824 47.69 46.91 -70.13
C ILE G 1824 49.01 47.08 -69.39
N GLU G 1825 50.01 46.29 -69.78
CA GLU G 1825 51.30 46.35 -69.10
C GLU G 1825 51.93 47.73 -69.24
N SER G 1826 52.00 48.25 -70.46
CA SER G 1826 52.57 49.57 -70.68
C SER G 1826 51.74 50.65 -70.01
N LEU G 1827 50.41 50.52 -70.03
CA LEU G 1827 49.55 51.49 -69.37
C LEU G 1827 49.87 51.58 -67.88
N VAL G 1828 49.89 50.43 -67.20
CA VAL G 1828 50.15 50.45 -65.77
C VAL G 1828 51.58 50.90 -65.49
N GLU G 1829 52.52 50.50 -66.34
CA GLU G 1829 53.91 50.93 -66.16
C GLU G 1829 54.03 52.44 -66.23
N VAL G 1830 53.47 53.05 -67.27
CA VAL G 1830 53.56 54.50 -67.45
C VAL G 1830 52.87 55.22 -66.30
N VAL G 1831 51.70 54.72 -65.91
CA VAL G 1831 50.90 55.42 -64.90
C VAL G 1831 51.58 55.29 -63.54
N PHE G 1832 52.12 54.11 -63.22
CA PHE G 1832 52.87 53.93 -61.98
C PHE G 1832 54.14 54.77 -61.96
N TYR G 1833 54.83 54.87 -63.10
CA TYR G 1833 56.00 55.74 -63.17
C TYR G 1833 55.64 57.18 -62.90
N ALA G 1834 54.56 57.67 -63.51
CA ALA G 1834 54.13 59.04 -63.26
C ALA G 1834 53.78 59.24 -61.80
N GLY G 1835 53.03 58.31 -61.21
CA GLY G 1835 52.65 58.46 -59.82
C GLY G 1835 53.84 58.47 -58.89
N MET G 1836 54.87 57.67 -59.20
CA MET G 1836 56.05 57.65 -58.34
C MET G 1836 56.93 58.88 -58.56
N THR G 1837 56.99 59.39 -59.79
CA THR G 1837 57.73 60.62 -60.03
C THR G 1837 57.08 61.80 -59.33
N MET G 1838 55.76 61.75 -59.15
CA MET G 1838 55.11 62.77 -58.34
C MET G 1838 55.67 62.85 -56.92
N GLN G 1839 56.14 61.71 -56.39
CA GLN G 1839 56.66 61.72 -55.02
C GLN G 1839 57.95 62.54 -54.91
N VAL G 1840 58.69 62.69 -56.01
CA VAL G 1840 59.93 63.46 -56.02
C VAL G 1840 59.86 64.69 -56.90
N ALA G 1841 58.68 65.01 -57.46
CA ALA G 1841 58.57 66.16 -58.33
C ALA G 1841 58.67 67.47 -57.57
N VAL G 1842 58.30 67.49 -56.28
CA VAL G 1842 58.34 68.70 -55.48
C VAL G 1842 59.24 68.44 -54.27
N PRO G 1843 60.09 69.39 -53.85
CA PRO G 1843 60.82 69.19 -52.59
C PRO G 1843 59.88 68.98 -51.41
N ARG G 1844 59.95 67.80 -50.80
CA ARG G 1844 59.17 67.49 -49.60
C ARG G 1844 60.03 67.62 -48.36
N ASP G 1845 59.41 68.05 -47.27
CA ASP G 1845 60.12 68.20 -46.00
C ASP G 1845 60.40 66.81 -45.41
N GLU G 1846 60.98 66.77 -44.22
CA GLU G 1846 61.26 65.50 -43.57
C GLU G 1846 59.99 64.74 -43.21
N LEU G 1847 58.84 65.41 -43.18
CA LEU G 1847 57.56 64.76 -42.93
C LEU G 1847 56.85 64.33 -44.20
N GLY G 1848 57.45 64.52 -45.37
CA GLY G 1848 56.86 64.10 -46.61
C GLY G 1848 55.83 65.04 -47.18
N ARG G 1849 55.70 66.25 -46.65
CA ARG G 1849 54.73 67.24 -47.11
C ARG G 1849 55.44 68.33 -47.87
N SER G 1850 54.89 68.71 -49.02
CA SER G 1850 55.43 69.78 -49.83
C SER G 1850 54.64 71.06 -49.65
N ASN G 1851 55.21 72.16 -50.16
CA ASN G 1851 54.59 73.48 -50.09
C ASN G 1851 53.74 73.79 -51.32
N TYR G 1852 53.17 72.77 -51.94
CA TYR G 1852 52.42 72.90 -53.18
C TYR G 1852 51.08 72.18 -53.04
N GLY G 1853 50.09 72.65 -53.80
CA GLY G 1853 48.76 72.08 -53.71
C GLY G 1853 47.84 72.65 -54.76
N MET G 1854 46.56 72.32 -54.58
CA MET G 1854 45.49 72.70 -55.49
C MET G 1854 44.23 73.06 -54.71
N ILE G 1855 43.49 74.03 -55.23
CA ILE G 1855 42.18 74.42 -54.71
C ILE G 1855 41.17 74.37 -55.83
N ALA G 1856 39.92 74.09 -55.48
CA ALA G 1856 38.79 74.13 -56.40
C ALA G 1856 38.06 75.45 -56.21
N ILE G 1857 38.23 76.36 -57.16
CA ILE G 1857 37.62 77.68 -57.12
C ILE G 1857 36.26 77.61 -57.78
N ASN G 1858 35.28 78.33 -57.24
CA ASN G 1858 33.94 78.45 -57.81
C ASN G 1858 33.66 79.93 -58.05
N PRO G 1859 33.82 80.41 -59.29
CA PRO G 1859 33.53 81.84 -59.55
C PRO G 1859 32.09 82.23 -59.29
N GLY G 1860 31.16 81.26 -59.26
CA GLY G 1860 29.77 81.59 -59.02
C GLY G 1860 29.45 81.87 -57.56
N ARG G 1861 30.25 81.36 -56.64
CA ARG G 1861 29.99 81.54 -55.22
C ARG G 1861 30.69 82.76 -54.62
N VAL G 1862 31.50 83.48 -55.39
CA VAL G 1862 32.09 84.73 -54.92
C VAL G 1862 31.22 85.92 -55.30
N ALA G 1863 30.74 85.94 -56.55
CA ALA G 1863 29.90 87.03 -57.03
C ALA G 1863 29.39 86.70 -58.43
N ALA G 1864 28.19 87.19 -58.76
CA ALA G 1864 27.67 86.99 -60.11
C ALA G 1864 28.55 87.67 -61.14
N SER G 1865 29.22 88.76 -60.76
CA SER G 1865 30.09 89.47 -61.70
C SER G 1865 31.30 88.63 -62.07
N PHE G 1866 31.82 87.84 -61.13
CA PHE G 1866 33.07 87.12 -61.34
C PHE G 1866 32.95 86.09 -62.46
N SER G 1867 33.70 86.30 -63.54
CA SER G 1867 33.70 85.43 -64.70
C SER G 1867 35.02 84.67 -64.77
N GLN G 1868 35.15 83.84 -65.81
CA GLN G 1868 36.42 83.17 -66.05
C GLN G 1868 37.53 84.19 -66.30
N GLU G 1869 37.24 85.23 -67.08
CA GLU G 1869 38.24 86.27 -67.32
C GLU G 1869 38.62 86.97 -66.02
N ALA G 1870 37.64 87.26 -65.17
CA ALA G 1870 37.94 87.93 -63.90
C ALA G 1870 38.81 87.05 -63.02
N LEU G 1871 38.48 85.76 -62.91
CA LEU G 1871 39.26 84.88 -62.06
C LEU G 1871 40.67 84.70 -62.60
N GLN G 1872 40.80 84.55 -63.93
CA GLN G 1872 42.13 84.42 -64.53
C GLN G 1872 42.95 85.67 -64.29
N TYR G 1873 42.34 86.84 -64.45
CA TYR G 1873 43.05 88.09 -64.20
C TYR G 1873 43.50 88.18 -62.75
N VAL G 1874 42.62 87.84 -61.81
CA VAL G 1874 42.98 87.89 -60.40
C VAL G 1874 44.11 86.91 -60.10
N VAL G 1875 44.03 85.70 -60.64
CA VAL G 1875 45.06 84.69 -60.35
C VAL G 1875 46.40 85.13 -60.92
N GLU G 1876 46.41 85.63 -62.15
CA GLU G 1876 47.65 86.08 -62.76
C GLU G 1876 48.25 87.25 -61.99
N ARG G 1877 47.42 88.20 -61.57
CA ARG G 1877 47.93 89.33 -60.80
C ARG G 1877 48.45 88.88 -59.45
N VAL G 1878 47.76 87.94 -58.79
CA VAL G 1878 48.25 87.39 -57.53
C VAL G 1878 49.64 86.81 -57.73
N GLY G 1879 49.77 85.93 -58.73
CA GLY G 1879 51.05 85.27 -58.96
C GLY G 1879 52.16 86.25 -59.28
N LYS G 1880 51.90 87.19 -60.20
CA LYS G 1880 52.94 88.12 -60.61
C LYS G 1880 53.33 89.05 -59.47
N ARG G 1881 52.33 89.69 -58.84
CA ARG G 1881 52.62 90.67 -57.81
C ARG G 1881 53.33 90.04 -56.61
N THR G 1882 52.87 88.86 -56.17
CA THR G 1882 53.44 88.26 -54.98
C THR G 1882 54.73 87.49 -55.27
N GLY G 1883 54.92 87.06 -56.51
CA GLY G 1883 56.15 86.41 -56.92
C GLY G 1883 56.10 84.90 -56.89
N TRP G 1884 55.13 84.30 -56.20
CA TRP G 1884 55.08 82.84 -56.15
C TRP G 1884 54.32 82.31 -57.36
N LEU G 1885 54.13 80.99 -57.38
CA LEU G 1885 53.55 80.29 -58.53
C LEU G 1885 52.09 79.95 -58.24
N VAL G 1886 51.21 80.29 -59.16
CA VAL G 1886 49.81 79.91 -59.08
C VAL G 1886 49.20 80.09 -60.46
N GLU G 1887 48.36 79.14 -60.86
CA GLU G 1887 47.67 79.27 -62.14
C GLU G 1887 46.51 78.29 -62.20
N ILE G 1888 45.55 78.60 -63.09
CA ILE G 1888 44.44 77.71 -63.33
C ILE G 1888 44.91 76.50 -64.12
N VAL G 1889 44.61 75.31 -63.60
CA VAL G 1889 45.08 74.06 -64.17
C VAL G 1889 43.95 73.29 -64.84
N ASN G 1890 42.75 73.33 -64.28
CA ASN G 1890 41.58 72.67 -64.85
C ASN G 1890 40.48 73.69 -65.05
N TYR G 1891 40.13 73.96 -66.30
CA TYR G 1891 38.92 74.69 -66.63
C TYR G 1891 37.81 73.65 -66.75
N ASN G 1892 37.00 73.52 -65.69
CA ASN G 1892 36.03 72.45 -65.59
C ASN G 1892 34.64 72.87 -66.06
N VAL G 1893 34.03 73.84 -65.39
CA VAL G 1893 32.69 74.31 -65.70
C VAL G 1893 32.72 75.83 -65.80
N GLU G 1894 31.95 76.37 -66.74
CA GLU G 1894 31.93 77.81 -66.99
C GLU G 1894 31.44 78.57 -65.78
N ASN G 1895 32.32 79.34 -65.15
CA ASN G 1895 32.00 80.21 -64.03
C ASN G 1895 31.38 79.45 -62.86
N GLN G 1896 31.58 78.13 -62.79
CA GLN G 1896 31.01 77.31 -61.73
C GLN G 1896 31.98 76.30 -61.14
N GLN G 1897 33.09 75.99 -61.81
CA GLN G 1897 34.05 75.04 -61.27
C GLN G 1897 35.38 75.18 -62.01
N TYR G 1898 36.43 75.49 -61.27
CA TYR G 1898 37.79 75.60 -61.79
C TYR G 1898 38.73 75.04 -60.74
N VAL G 1899 39.96 74.74 -61.14
CA VAL G 1899 41.00 74.31 -60.22
C VAL G 1899 42.23 75.17 -60.44
N ALA G 1900 42.79 75.67 -59.34
CA ALA G 1900 44.03 76.45 -59.36
C ALA G 1900 45.11 75.69 -58.59
N ALA G 1901 46.29 75.59 -59.18
CA ALA G 1901 47.41 74.86 -58.60
C ALA G 1901 48.59 75.80 -58.42
N GLY G 1902 49.38 75.54 -57.38
CA GLY G 1902 50.57 76.33 -57.13
C GLY G 1902 51.07 76.11 -55.73
N ASP G 1903 51.77 77.11 -55.20
CA ASP G 1903 52.23 77.07 -53.82
C ASP G 1903 51.04 76.96 -52.89
N LEU G 1904 51.16 76.13 -51.85
CA LEU G 1904 50.10 76.05 -50.85
C LEU G 1904 49.86 77.43 -50.24
N ARG G 1905 50.94 78.13 -49.93
CA ARG G 1905 50.84 79.49 -49.40
C ARG G 1905 50.14 80.43 -50.38
N ALA G 1906 50.53 80.39 -51.65
CA ALA G 1906 49.94 81.30 -52.63
C ALA G 1906 48.48 81.00 -52.87
N LEU G 1907 48.11 79.72 -52.88
CA LEU G 1907 46.71 79.34 -52.96
C LEU G 1907 45.94 79.82 -51.74
N ASP G 1908 46.59 79.88 -50.58
CA ASP G 1908 45.97 80.49 -49.41
C ASP G 1908 45.67 81.96 -49.68
N THR G 1909 46.61 82.68 -50.30
CA THR G 1909 46.38 84.09 -50.60
C THR G 1909 45.26 84.26 -51.60
N VAL G 1910 45.20 83.38 -52.61
CA VAL G 1910 44.12 83.46 -53.58
C VAL G 1910 42.77 83.25 -52.89
N THR G 1911 42.69 82.26 -52.00
CA THR G 1911 41.44 82.04 -51.27
C THR G 1911 41.08 83.25 -50.44
N ASN G 1912 42.07 83.86 -49.76
CA ASN G 1912 41.79 85.02 -48.94
C ASN G 1912 41.34 86.20 -49.79
N VAL G 1913 41.96 86.41 -50.95
CA VAL G 1913 41.59 87.53 -51.81
C VAL G 1913 40.18 87.35 -52.34
N LEU G 1914 39.83 86.13 -52.78
CA LEU G 1914 38.49 85.90 -53.28
C LEU G 1914 37.46 86.00 -52.16
N ASN G 1915 37.84 85.60 -50.93
CA ASN G 1915 36.98 85.84 -49.79
C ASN G 1915 36.75 87.33 -49.57
N PHE G 1916 37.83 88.12 -49.69
CA PHE G 1916 37.71 89.57 -49.55
C PHE G 1916 36.76 90.14 -50.59
N ILE G 1917 36.88 89.67 -51.83
CA ILE G 1917 35.99 90.15 -52.89
C ILE G 1917 34.55 89.72 -52.61
N LYS G 1918 34.35 88.53 -52.01
CA LYS G 1918 32.99 88.14 -51.66
C LYS G 1918 32.40 89.06 -50.60
N LEU G 1919 33.17 89.38 -49.56
CA LEU G 1919 32.70 90.31 -48.54
C LEU G 1919 32.61 91.75 -49.03
N GLN G 1920 33.24 92.07 -50.16
CA GLN G 1920 33.20 93.42 -50.72
C GLN G 1920 32.60 93.40 -52.12
N LYS G 1921 32.65 94.53 -52.84
CA LYS G 1921 32.18 94.60 -54.21
C LYS G 1921 33.35 94.58 -55.18
N GLU G 1934 44.59 99.88 -64.79
CA GLU G 1934 45.76 100.40 -64.09
C GLU G 1934 45.44 100.67 -62.62
N GLU G 1935 44.44 101.54 -62.39
CA GLU G 1935 44.03 101.82 -61.02
C GLU G 1935 43.35 100.60 -60.40
N VAL G 1936 42.53 99.91 -61.18
CA VAL G 1936 41.94 98.64 -60.70
C VAL G 1936 43.04 97.64 -60.43
N GLU G 1937 44.08 97.62 -61.27
CA GLU G 1937 45.21 96.73 -61.04
C GLU G 1937 45.90 97.07 -59.73
N GLY G 1938 46.07 98.37 -59.44
CA GLY G 1938 46.68 98.76 -58.18
C GLY G 1938 45.85 98.40 -56.97
N HIS G 1939 44.53 98.58 -57.06
CA HIS G 1939 43.66 98.18 -55.97
C HIS G 1939 43.74 96.68 -55.72
N LEU G 1940 43.68 95.89 -56.80
CA LEU G 1940 43.82 94.44 -56.66
C LEU G 1940 45.18 94.07 -56.11
N PHE G 1941 46.22 94.82 -56.48
CA PHE G 1941 47.54 94.59 -55.92
C PHE G 1941 47.55 94.85 -54.43
N GLU G 1942 46.83 95.88 -53.98
CA GLU G 1942 46.74 96.14 -52.55
C GLU G 1942 46.08 94.97 -51.82
N ILE G 1943 44.98 94.44 -52.38
CA ILE G 1943 44.34 93.28 -51.77
C ILE G 1943 45.29 92.08 -51.74
N ILE G 1944 46.00 91.86 -52.85
CA ILE G 1944 46.97 90.77 -52.93
C ILE G 1944 48.04 90.93 -51.85
N ASP G 1945 48.56 92.14 -51.71
CA ASP G 1945 49.61 92.39 -50.73
C ASP G 1945 49.11 92.12 -49.32
N GLU G 1946 47.89 92.57 -49.01
CA GLU G 1946 47.32 92.30 -47.70
C GLU G 1946 47.25 90.80 -47.43
N ALA G 1947 46.65 90.05 -48.36
CA ALA G 1947 46.52 88.61 -48.16
C ALA G 1947 47.86 87.91 -48.06
N SER G 1948 48.83 88.34 -48.88
CA SER G 1948 50.12 87.67 -48.91
C SER G 1948 50.92 87.94 -47.65
N LYS G 1949 50.91 89.18 -47.16
CA LYS G 1949 51.60 89.47 -45.91
C LYS G 1949 50.91 88.77 -44.74
N LYS G 1950 49.60 88.54 -44.85
CA LYS G 1950 48.92 87.75 -43.85
C LYS G 1950 49.30 86.27 -43.89
N SER G 1951 49.53 85.71 -45.08
CA SER G 1951 49.75 84.28 -45.21
C SER G 1951 51.22 83.87 -45.12
N ALA G 1952 52.14 84.79 -45.42
CA ALA G 1952 53.56 84.41 -45.58
C ALA G 1952 54.14 83.88 -44.28
N VAL G 1953 53.80 84.51 -43.16
CA VAL G 1953 54.39 84.14 -41.88
C VAL G 1953 54.03 82.73 -41.45
N LYS G 1954 53.02 82.12 -42.07
CA LYS G 1954 52.61 80.78 -41.67
C LYS G 1954 53.73 79.79 -41.98
N PRO G 1955 53.86 78.70 -41.21
CA PRO G 1955 54.87 77.69 -41.53
C PRO G 1955 54.61 77.06 -42.89
N ARG G 1956 55.70 76.61 -43.53
CA ARG G 1956 55.59 76.03 -44.87
C ARG G 1956 54.59 74.89 -44.97
N PRO G 1957 54.56 73.88 -44.05
CA PRO G 1957 53.54 72.82 -44.15
C PRO G 1957 52.16 73.27 -43.62
N LEU G 1958 51.62 74.32 -44.22
CA LEU G 1958 50.35 74.87 -43.80
C LEU G 1958 49.20 74.05 -44.37
N LYS G 1959 48.01 74.27 -43.83
CA LYS G 1959 46.78 73.64 -44.28
C LYS G 1959 45.89 74.71 -44.90
N LEU G 1960 45.48 74.49 -46.14
CA LEU G 1960 44.63 75.44 -46.83
C LEU G 1960 43.23 75.41 -46.24
N GLU G 1961 42.75 76.55 -45.77
CA GLU G 1961 41.41 76.64 -45.22
C GLU G 1961 40.39 76.73 -46.35
N ARG G 1962 39.22 76.13 -46.13
CA ARG G 1962 38.14 76.25 -47.08
C ARG G 1962 37.59 77.67 -47.09
N GLY G 1963 37.59 78.28 -48.27
CA GLY G 1963 36.95 79.57 -48.46
C GLY G 1963 35.47 79.42 -48.72
N PHE G 1964 34.80 80.56 -48.86
CA PHE G 1964 33.39 80.53 -49.23
C PHE G 1964 33.19 79.99 -50.64
N ALA G 1965 34.24 80.03 -51.47
CA ALA G 1965 34.16 79.53 -52.84
C ALA G 1965 35.34 78.62 -53.21
N CYS G 1966 36.45 78.69 -52.48
CA CYS G 1966 37.61 77.85 -52.76
C CYS G 1966 37.57 76.63 -51.84
N ILE G 1967 37.64 75.45 -52.44
CA ILE G 1967 37.68 74.19 -51.71
C ILE G 1967 39.04 73.54 -51.97
N PRO G 1968 39.94 73.53 -50.98
CA PRO G 1968 41.20 72.77 -51.16
C PRO G 1968 40.95 71.27 -51.33
N LEU G 1969 41.65 70.68 -52.30
CA LEU G 1969 41.48 69.28 -52.60
C LEU G 1969 42.41 68.44 -51.73
N VAL G 1970 41.85 67.51 -51.00
CA VAL G 1970 42.57 66.65 -50.08
C VAL G 1970 43.43 65.69 -50.89
N GLY G 1971 44.61 65.36 -50.36
CA GLY G 1971 45.43 64.31 -50.91
C GLY G 1971 46.30 64.70 -52.08
N ILE G 1972 46.27 65.97 -52.50
CA ILE G 1972 47.08 66.46 -53.61
C ILE G 1972 48.16 67.35 -53.02
N SER G 1973 49.41 67.08 -53.40
CA SER G 1973 50.56 67.84 -52.94
C SER G 1973 51.50 68.24 -54.06
N VAL G 1974 51.14 67.97 -55.31
CA VAL G 1974 51.94 68.34 -56.47
C VAL G 1974 51.07 69.22 -57.38
N PRO G 1975 51.58 70.35 -57.90
CA PRO G 1975 50.71 71.14 -58.80
C PRO G 1975 50.82 70.64 -60.24
N PHE G 1976 50.21 69.49 -60.51
CA PHE G 1976 50.28 68.99 -61.88
C PHE G 1976 49.40 69.85 -62.79
N HIS G 1977 49.61 69.68 -64.10
CA HIS G 1977 48.96 70.50 -65.12
C HIS G 1977 49.32 71.97 -64.97
N SER G 1978 50.53 72.25 -64.48
CA SER G 1978 50.98 73.61 -64.20
C SER G 1978 52.34 73.84 -64.85
N THR G 1979 52.72 75.11 -64.93
CA THR G 1979 53.98 75.48 -65.58
C THR G 1979 55.19 75.04 -64.76
N TYR G 1980 55.00 74.61 -63.52
CA TYR G 1980 56.13 74.16 -62.71
C TYR G 1980 56.80 72.96 -63.35
N LEU G 1981 56.03 71.97 -63.78
CA LEU G 1981 56.59 70.76 -64.37
C LEU G 1981 56.76 70.89 -65.89
N MET G 1982 57.28 72.04 -66.32
CA MET G 1982 57.71 72.22 -67.70
C MET G 1982 59.04 71.54 -67.95
N ASN G 1983 59.97 71.69 -67.00
CA ASN G 1983 61.33 71.21 -67.19
C ASN G 1983 61.35 69.69 -67.35
N GLY G 1984 60.39 69.00 -66.74
CA GLY G 1984 60.31 67.55 -66.77
C GLY G 1984 59.49 66.97 -67.91
N VAL G 1985 59.05 67.78 -68.87
CA VAL G 1985 58.24 67.26 -69.96
C VAL G 1985 59.08 66.39 -70.89
N LYS G 1986 60.25 66.88 -71.29
CA LYS G 1986 61.08 66.16 -72.26
C LYS G 1986 61.47 64.76 -71.79
N PRO G 1987 62.02 64.56 -70.58
CA PRO G 1987 62.35 63.19 -70.17
C PRO G 1987 61.10 62.33 -70.05
N PHE G 1988 60.00 62.92 -69.58
CA PHE G 1988 58.73 62.20 -69.58
C PHE G 1988 58.31 61.85 -71.00
N LYS G 1989 58.57 62.76 -71.94
CA LYS G 1989 58.25 62.47 -73.35
C LYS G 1989 59.05 61.28 -73.85
N SER G 1990 60.34 61.22 -73.53
CA SER G 1990 61.15 60.08 -73.96
C SER G 1990 60.65 58.79 -73.31
N PHE G 1991 60.30 58.84 -72.04
CA PHE G 1991 59.77 57.66 -71.36
C PHE G 1991 58.46 57.19 -72.03
N LEU G 1992 57.58 58.14 -72.35
CA LEU G 1992 56.36 57.81 -73.07
C LEU G 1992 56.68 57.20 -74.43
N LYS G 1993 57.75 57.65 -75.07
CA LYS G 1993 58.16 57.03 -76.33
C LYS G 1993 58.60 55.59 -76.12
N LYS G 1994 59.33 55.33 -75.03
CA LYS G 1994 59.70 53.93 -74.76
C LYS G 1994 58.46 53.07 -74.59
N ASN G 1995 57.44 53.59 -73.91
CA ASN G 1995 56.30 52.75 -73.54
C ASN G 1995 55.28 52.65 -74.67
N ILE G 1996 55.10 53.71 -75.46
CA ILE G 1996 54.10 53.74 -76.53
C ILE G 1996 54.81 53.52 -77.86
N ILE G 1997 54.51 52.40 -78.50
CA ILE G 1997 55.19 51.99 -79.73
C ILE G 1997 54.46 52.62 -80.90
N LYS G 1998 55.22 53.04 -81.91
CA LYS G 1998 54.63 53.71 -83.07
C LYS G 1998 53.67 52.79 -83.82
N GLU G 1999 54.05 51.51 -83.99
CA GLU G 1999 53.22 50.59 -84.76
C GLU G 1999 51.86 50.39 -84.10
N ASN G 2000 51.76 50.61 -82.79
CA ASN G 2000 50.50 50.37 -82.08
C ASN G 2000 49.56 51.58 -82.11
N VAL G 2001 49.99 52.72 -82.60
CA VAL G 2001 49.12 53.88 -82.73
C VAL G 2001 48.28 53.71 -83.99
N LYS G 2002 46.98 53.93 -83.88
CA LYS G 2002 46.03 53.75 -84.99
C LYS G 2002 45.36 55.08 -85.29
N VAL G 2003 45.71 55.67 -86.43
CA VAL G 2003 45.15 56.96 -86.80
C VAL G 2003 43.65 56.86 -87.02
N ALA G 2004 43.19 55.74 -87.57
CA ALA G 2004 41.75 55.56 -87.75
C ALA G 2004 41.03 55.58 -86.41
N ARG G 2005 41.67 55.02 -85.38
CA ARG G 2005 41.04 54.96 -84.06
C ARG G 2005 41.15 56.28 -83.31
N LEU G 2006 42.12 57.13 -83.64
CA LEU G 2006 42.32 58.39 -82.93
C LEU G 2006 41.69 59.59 -83.61
N ALA G 2007 41.75 59.66 -84.94
CA ALA G 2007 41.36 60.86 -85.66
C ALA G 2007 39.85 61.08 -85.58
N GLY G 2008 39.45 62.30 -85.23
CA GLY G 2008 38.06 62.66 -85.13
C GLY G 2008 37.38 62.24 -83.85
N LYS G 2009 38.03 61.40 -83.04
CA LYS G 2009 37.44 60.85 -81.82
C LYS G 2009 38.16 61.30 -80.56
N TYR G 2010 39.48 61.41 -80.57
CA TYR G 2010 40.26 61.80 -79.40
C TYR G 2010 40.27 63.32 -79.29
N ILE G 2011 39.89 63.83 -78.13
CA ILE G 2011 39.98 65.26 -77.83
C ILE G 2011 41.05 65.44 -76.76
N PRO G 2012 42.29 65.78 -77.11
CA PRO G 2012 43.34 65.89 -76.09
C PRO G 2012 43.08 67.06 -75.15
N ASN G 2013 43.68 66.97 -73.96
CA ASN G 2013 43.54 68.04 -72.98
C ASN G 2013 44.39 69.26 -73.35
N LEU G 2014 45.57 69.03 -73.91
CA LEU G 2014 46.41 70.14 -74.35
C LEU G 2014 45.72 70.97 -75.42
N THR G 2015 45.27 70.31 -76.48
CA THR G 2015 44.55 70.94 -77.58
C THR G 2015 43.14 70.37 -77.55
N ALA G 2016 42.20 71.09 -76.93
CA ALA G 2016 40.86 70.59 -76.71
C ALA G 2016 40.02 70.69 -77.99
N LYS G 2017 40.50 70.02 -79.03
CA LYS G 2017 39.84 69.90 -80.32
C LYS G 2017 39.92 68.45 -80.74
N PRO G 2018 39.10 68.02 -81.70
CA PRO G 2018 39.22 66.64 -82.18
C PRO G 2018 40.61 66.37 -82.74
N PHE G 2019 41.11 65.16 -82.48
CA PHE G 2019 42.45 64.77 -82.94
C PHE G 2019 42.45 64.70 -84.46
N GLN G 2020 43.38 65.43 -85.07
CA GLN G 2020 43.56 65.41 -86.52
C GLN G 2020 45.03 65.60 -86.83
N VAL G 2021 45.55 64.78 -87.74
CA VAL G 2021 46.96 64.88 -88.15
C VAL G 2021 46.99 65.91 -89.28
N THR G 2022 47.03 67.18 -88.89
CA THR G 2022 46.94 68.28 -89.83
C THR G 2022 47.87 69.41 -89.37
N LYS G 2023 48.33 70.18 -90.36
CA LYS G 2023 49.27 71.26 -90.07
C LYS G 2023 48.66 72.28 -89.12
N GLU G 2024 47.36 72.55 -89.28
CA GLU G 2024 46.70 73.46 -88.34
C GLU G 2024 46.75 72.91 -86.92
N TYR G 2025 46.52 71.60 -86.77
CA TYR G 2025 46.58 70.99 -85.44
C TYR G 2025 47.98 71.07 -84.86
N PHE G 2026 49.00 70.77 -85.67
CA PHE G 2026 50.37 70.82 -85.18
C PHE G 2026 50.76 72.24 -84.79
N GLN G 2027 50.33 73.23 -85.56
CA GLN G 2027 50.56 74.62 -85.17
C GLN G 2027 49.81 74.96 -83.89
N ASP G 2028 48.62 74.39 -83.70
CA ASP G 2028 47.90 74.57 -82.46
C ASP G 2028 48.71 74.06 -81.28
N VAL G 2029 49.39 72.93 -81.45
CA VAL G 2029 50.22 72.39 -80.37
C VAL G 2029 51.29 73.40 -79.97
N TYR G 2030 51.98 73.98 -80.96
CA TYR G 2030 52.97 75.01 -80.68
C TYR G 2030 52.35 76.25 -80.05
N ASP G 2031 51.13 76.59 -80.45
CA ASP G 2031 50.51 77.80 -79.91
C ASP G 2031 50.37 77.74 -78.39
N LEU G 2032 50.13 76.56 -77.83
CA LEU G 2032 50.03 76.41 -76.38
C LEU G 2032 51.37 76.09 -75.75
N THR G 2033 52.10 75.13 -76.32
CA THR G 2033 53.37 74.67 -75.76
C THR G 2033 54.37 74.43 -76.88
N GLY G 2034 55.44 75.23 -76.89
CA GLY G 2034 56.43 75.14 -77.94
C GLY G 2034 57.36 73.96 -77.73
N SER G 2035 57.51 73.15 -78.77
CA SER G 2035 58.39 71.98 -78.73
C SER G 2035 59.11 71.84 -80.06
N GLU G 2036 60.41 71.60 -79.99
CA GLU G 2036 61.25 71.55 -81.19
C GLU G 2036 60.81 70.50 -82.19
N PRO G 2037 60.43 69.28 -81.80
CA PRO G 2037 59.95 68.32 -82.82
C PRO G 2037 58.73 68.82 -83.57
N ILE G 2038 57.84 69.56 -82.92
CA ILE G 2038 56.67 70.09 -83.62
C ILE G 2038 57.09 71.14 -84.64
N LYS G 2039 58.01 72.04 -84.27
CA LYS G 2039 58.50 73.02 -85.25
C LYS G 2039 59.17 72.31 -86.41
N GLU G 2040 59.96 71.28 -86.13
CA GLU G 2040 60.58 70.51 -87.21
C GLU G 2040 59.53 69.90 -88.12
N ILE G 2041 58.47 69.35 -87.53
CA ILE G 2041 57.43 68.69 -88.32
C ILE G 2041 56.72 69.70 -89.21
N ILE G 2042 56.36 70.86 -88.66
CA ILE G 2042 55.70 71.90 -89.44
C ILE G 2042 56.61 72.39 -90.56
N ASP G 2043 57.90 72.59 -90.26
CA ASP G 2043 58.83 73.05 -91.30
C ASP G 2043 58.96 72.02 -92.41
N ASN G 2044 59.00 70.73 -92.04
CA ASN G 2044 59.24 69.65 -92.99
C ASN G 2044 57.94 69.04 -93.52
N TRP G 2045 56.81 69.71 -93.30
CA TRP G 2045 55.51 69.13 -93.61
C TRP G 2045 55.37 68.83 -95.10
N GLU G 2046 55.83 69.74 -95.96
CA GLU G 2046 55.71 69.52 -97.39
C GLU G 2046 56.45 68.25 -97.83
N LYS G 2047 57.50 67.88 -97.09
CA LYS G 2047 58.22 66.65 -97.41
C LYS G 2047 57.48 65.44 -96.86
N TYR G 2048 56.86 65.58 -95.68
CA TYR G 2048 56.10 64.47 -95.10
C TYR G 2048 54.88 64.14 -95.95
N GLU G 2049 54.16 65.16 -96.42
CA GLU G 2049 52.94 64.92 -97.19
C GLU G 2049 53.26 64.18 -98.48
N GLN G 2050 54.33 64.55 -99.16
CA GLN G 2050 54.71 63.91 -100.41
C GLN G 2050 55.11 62.45 -100.18
N MET H 1 49.37 61.62 -98.08
CA MET H 1 50.28 61.15 -97.00
C MET H 1 50.19 59.64 -96.88
N LYS H 2 51.35 58.98 -96.86
CA LYS H 2 51.37 57.53 -96.81
C LYS H 2 50.83 57.05 -95.46
N PRO H 3 50.28 55.83 -95.39
CA PRO H 3 49.80 55.34 -94.09
C PRO H 3 50.90 55.26 -93.04
N GLU H 4 52.12 54.86 -93.43
CA GLU H 4 53.20 54.77 -92.46
C GLU H 4 53.60 56.14 -91.94
N VAL H 5 53.69 57.13 -92.84
CA VAL H 5 54.03 58.48 -92.41
C VAL H 5 52.91 59.04 -91.53
N GLU H 6 51.66 58.75 -91.87
CA GLU H 6 50.54 59.19 -91.06
C GLU H 6 50.63 58.60 -89.66
N GLN H 7 50.97 57.31 -89.57
CA GLN H 7 51.11 56.66 -88.27
C GLN H 7 52.26 57.26 -87.47
N GLU H 8 53.39 57.53 -88.12
CA GLU H 8 54.52 58.13 -87.43
C GLU H 8 54.17 59.53 -86.91
N LEU H 9 53.53 60.34 -87.77
CA LEU H 9 53.09 61.67 -87.36
C LEU H 9 52.13 61.59 -86.18
N ALA H 10 51.17 60.67 -86.23
CA ALA H 10 50.20 60.56 -85.14
C ALA H 10 50.87 60.09 -83.86
N HIS H 11 51.85 59.20 -83.96
CA HIS H 11 52.56 58.77 -82.76
C HIS H 11 53.30 59.95 -82.14
N ILE H 12 53.99 60.74 -82.96
CA ILE H 12 54.71 61.89 -82.42
C ILE H 12 53.73 62.88 -81.80
N LEU H 13 52.60 63.12 -82.46
CA LEU H 13 51.62 64.08 -81.95
C LEU H 13 51.01 63.60 -80.64
N LEU H 14 50.62 62.33 -80.58
CA LEU H 14 50.02 61.79 -79.36
C LEU H 14 51.04 61.79 -78.22
N THR H 15 52.28 61.41 -78.52
CA THR H 15 53.34 61.48 -77.54
C THR H 15 53.50 62.89 -76.99
N GLU H 16 53.53 63.89 -77.87
CA GLU H 16 53.72 65.26 -77.41
C GLU H 16 52.52 65.73 -76.58
N LEU H 17 51.31 65.37 -77.02
CA LEU H 17 50.12 65.74 -76.26
C LEU H 17 50.15 65.16 -74.87
N LEU H 18 50.48 63.87 -74.75
CA LEU H 18 50.56 63.25 -73.43
C LEU H 18 51.69 63.86 -72.60
N ALA H 19 52.83 64.14 -73.25
CA ALA H 19 53.97 64.67 -72.51
C ALA H 19 53.67 66.05 -71.92
N TYR H 20 52.98 66.90 -72.69
CA TYR H 20 52.64 68.22 -72.21
C TYR H 20 51.31 68.27 -71.45
N GLN H 21 50.57 67.16 -71.41
CA GLN H 21 49.30 67.14 -70.70
C GLN H 21 49.50 67.37 -69.21
N PHE H 22 50.43 66.65 -68.58
CA PHE H 22 50.60 66.79 -67.14
C PHE H 22 51.19 68.13 -66.75
N ALA H 23 51.75 68.88 -67.70
CA ALA H 23 52.41 70.15 -67.43
C ALA H 23 51.65 71.36 -67.96
N SER H 24 50.55 71.15 -68.68
CA SER H 24 49.72 72.22 -69.23
C SER H 24 48.33 72.10 -68.66
N PRO H 25 47.56 73.20 -68.62
CA PRO H 25 46.23 73.13 -68.02
C PRO H 25 45.27 72.28 -68.83
N VAL H 26 44.30 71.70 -68.13
CA VAL H 26 43.26 70.89 -68.74
C VAL H 26 42.15 71.82 -69.22
N ARG H 27 41.89 71.82 -70.52
CA ARG H 27 40.88 72.68 -71.12
C ARG H 27 39.58 71.90 -71.30
N TRP H 28 39.02 71.49 -70.16
CA TRP H 28 37.80 70.70 -70.20
C TRP H 28 36.59 71.54 -70.61
N ILE H 29 36.65 72.86 -70.48
CA ILE H 29 35.61 73.71 -71.05
C ILE H 29 35.55 73.50 -72.55
N GLU H 30 36.70 73.61 -73.21
CA GLU H 30 36.73 73.42 -74.65
C GLU H 30 36.38 71.99 -75.02
N THR H 31 36.81 71.01 -74.23
CA THR H 31 36.47 69.63 -74.53
C THR H 31 34.95 69.41 -74.46
N GLN H 32 34.31 69.94 -73.43
CA GLN H 32 32.86 69.81 -73.30
C GLN H 32 32.15 70.54 -74.43
N ASP H 33 32.62 71.74 -74.78
CA ASP H 33 32.04 72.44 -75.92
C ASP H 33 32.14 71.62 -77.19
N VAL H 34 33.30 70.99 -77.40
CA VAL H 34 33.49 70.19 -78.62
C VAL H 34 32.53 69.02 -78.65
N PHE H 35 32.50 68.22 -77.58
CA PHE H 35 31.70 67.01 -77.66
C PHE H 35 30.22 67.22 -77.36
N LEU H 36 29.80 68.43 -76.96
CA LEU H 36 28.38 68.71 -76.75
C LEU H 36 27.77 69.56 -77.86
N LYS H 37 28.52 70.49 -78.44
CA LYS H 37 27.99 71.40 -79.46
C LYS H 37 28.45 71.02 -80.87
N ASP H 38 29.74 70.76 -81.06
CA ASP H 38 30.23 70.42 -82.39
C ASP H 38 29.72 69.05 -82.82
N PHE H 39 29.68 68.10 -81.91
CA PHE H 39 29.27 66.74 -82.22
C PHE H 39 27.82 66.45 -81.87
N ASN H 40 27.15 67.36 -81.16
CA ASN H 40 25.74 67.18 -80.77
C ASN H 40 25.53 65.83 -80.10
N THR H 41 26.40 65.52 -79.14
CA THR H 41 26.39 64.20 -78.52
C THR H 41 25.05 63.94 -77.83
N GLU H 42 24.48 62.77 -78.07
CA GLU H 42 23.17 62.42 -77.52
C GLU H 42 23.27 61.59 -76.24
N ARG H 43 24.33 60.81 -76.07
CA ARG H 43 24.53 60.05 -74.84
C ARG H 43 25.98 60.20 -74.40
N VAL H 44 26.16 60.68 -73.17
CA VAL H 44 27.48 60.78 -72.55
C VAL H 44 27.62 59.56 -71.65
N VAL H 45 28.74 58.86 -71.78
CA VAL H 45 29.04 57.72 -70.92
C VAL H 45 30.33 58.06 -70.17
N GLU H 46 30.24 58.00 -68.84
CA GLU H 46 31.34 58.38 -67.96
C GLU H 46 31.94 57.14 -67.34
N ILE H 47 33.18 56.84 -67.69
CA ILE H 47 33.91 55.71 -67.13
C ILE H 47 34.64 56.24 -65.90
N GLY H 48 34.17 55.84 -64.73
CA GLY H 48 34.73 56.29 -63.48
C GLY H 48 34.07 55.59 -62.31
N PRO H 49 34.62 55.77 -61.11
CA PRO H 49 34.00 55.17 -59.93
C PRO H 49 32.90 56.03 -59.32
N SER H 50 32.92 57.33 -59.64
CA SER H 50 31.92 58.28 -59.20
C SER H 50 31.50 59.13 -60.40
N PRO H 51 30.32 59.75 -60.34
CA PRO H 51 29.85 60.55 -61.49
C PRO H 51 30.41 61.97 -61.49
N THR H 52 31.74 62.07 -61.45
CA THR H 52 32.39 63.39 -61.42
C THR H 52 32.28 64.10 -62.77
N LEU H 53 32.84 63.49 -63.81
CA LEU H 53 32.74 64.08 -65.14
C LEU H 53 31.29 64.11 -65.61
N ALA H 54 30.48 63.14 -65.19
CA ALA H 54 29.06 63.16 -65.54
C ALA H 54 28.35 64.36 -64.92
N GLY H 55 28.63 64.62 -63.64
CA GLY H 55 28.03 65.77 -63.00
C GLY H 55 28.49 67.08 -63.61
N MET H 56 29.75 67.14 -64.01
CA MET H 56 30.27 68.33 -64.66
C MET H 56 29.65 68.56 -66.03
N ALA H 57 29.47 67.48 -66.80
CA ALA H 57 28.77 67.60 -68.07
C ALA H 57 27.33 68.04 -67.86
N GLN H 58 26.67 67.48 -66.85
CA GLN H 58 25.33 67.94 -66.51
C GLN H 58 25.33 69.44 -66.21
N ARG H 59 26.24 69.88 -65.34
CA ARG H 59 26.30 71.28 -64.95
C ARG H 59 26.54 72.18 -66.16
N THR H 60 27.43 71.77 -67.06
CA THR H 60 27.67 72.54 -68.28
C THR H 60 26.40 72.62 -69.11
N LEU H 61 25.63 71.54 -69.16
CA LEU H 61 24.38 71.57 -69.93
C LEU H 61 23.34 72.50 -69.30
N LYS H 62 23.21 72.47 -67.98
CA LYS H 62 22.27 73.39 -67.32
C LYS H 62 22.70 74.83 -67.52
N ASN H 63 24.00 75.11 -67.45
CA ASN H 63 24.47 76.48 -67.47
C ASN H 63 24.45 77.06 -68.88
N LYS H 64 24.79 76.25 -69.90
CA LYS H 64 25.01 76.75 -71.25
C LYS H 64 24.04 76.16 -72.26
N TYR H 65 23.95 74.83 -72.33
CA TYR H 65 23.19 74.15 -73.38
C TYR H 65 21.82 73.75 -72.84
N GLU H 66 20.94 74.74 -72.72
CA GLU H 66 19.55 74.53 -72.37
C GLU H 66 18.62 74.92 -73.52
N SER H 67 18.71 76.16 -73.99
CA SER H 67 17.92 76.56 -75.15
C SER H 67 18.36 75.81 -76.41
N TYR H 68 19.67 75.57 -76.55
CA TYR H 68 20.17 74.77 -77.67
C TYR H 68 19.56 73.37 -77.66
N ASP H 69 19.61 72.72 -76.49
CA ASP H 69 19.05 71.38 -76.36
C ASP H 69 17.56 71.38 -76.64
N ALA H 70 16.83 72.36 -76.11
CA ALA H 70 15.40 72.41 -76.36
C ALA H 70 15.10 72.61 -77.84
N ALA H 71 15.76 73.58 -78.47
CA ALA H 71 15.47 73.91 -79.86
C ALA H 71 15.76 72.75 -80.78
N LEU H 72 16.90 72.08 -80.59
CA LEU H 72 17.28 70.98 -81.46
C LEU H 72 16.78 69.63 -80.96
N SER H 73 16.01 69.60 -79.87
CA SER H 73 15.43 68.36 -79.35
C SER H 73 16.50 67.31 -79.09
N LEU H 74 17.63 67.76 -78.56
CA LEU H 74 18.73 66.86 -78.24
C LEU H 74 18.48 66.24 -76.88
N HIS H 75 18.16 64.95 -76.86
CA HIS H 75 17.96 64.20 -75.62
C HIS H 75 19.34 63.77 -75.12
N ARG H 76 19.98 64.65 -74.36
CA ARG H 76 21.31 64.40 -73.81
C ARG H 76 21.15 63.52 -72.59
N GLU H 77 21.42 62.23 -72.76
CA GLU H 77 21.35 61.25 -71.67
C GLU H 77 22.75 61.12 -71.09
N ILE H 78 22.95 61.67 -69.90
CA ILE H 78 24.23 61.58 -69.20
C ILE H 78 24.19 60.35 -68.30
N LEU H 79 25.10 59.42 -68.53
CA LEU H 79 25.16 58.15 -67.81
C LEU H 79 26.55 57.99 -67.23
N CYS H 80 26.60 57.55 -65.96
CA CYS H 80 27.84 57.23 -65.29
C CYS H 80 27.89 55.73 -65.04
N TYR H 81 29.09 55.16 -65.16
CA TYR H 81 29.23 53.71 -65.02
C TYR H 81 28.84 53.26 -63.61
N SER H 82 29.16 54.05 -62.60
CA SER H 82 28.95 53.62 -61.22
C SER H 82 27.47 53.47 -60.89
N LYS H 83 26.63 54.37 -61.39
CA LYS H 83 25.21 54.39 -61.05
C LYS H 83 24.29 54.06 -62.21
N ASP H 84 24.66 54.39 -63.45
CA ASP H 84 23.81 54.19 -64.61
C ASP H 84 24.26 52.99 -65.44
N ALA H 85 24.69 51.93 -64.74
CA ALA H 85 25.10 50.71 -65.42
C ALA H 85 23.93 50.10 -66.19
N LYS H 86 22.73 50.13 -65.61
CA LYS H 86 21.57 49.56 -66.30
C LYS H 86 21.32 50.28 -67.61
N GLU H 87 21.37 51.61 -67.60
CA GLU H 87 21.16 52.37 -68.83
C GLU H 87 22.27 52.10 -69.85
N ILE H 88 23.52 52.01 -69.38
CA ILE H 88 24.62 51.79 -70.31
C ILE H 88 24.56 50.41 -70.92
N TYR H 89 24.15 49.41 -70.14
CA TYR H 89 24.13 48.02 -70.58
C TYR H 89 22.83 47.61 -71.24
N TYR H 90 21.81 48.48 -71.24
CA TYR H 90 20.50 48.16 -71.80
C TYR H 90 19.91 46.93 -71.09
N THR H 91 19.75 47.07 -69.79
CA THR H 91 19.20 46.02 -68.93
C THR H 91 18.11 46.64 -68.07
N PRO H 92 17.01 47.09 -68.69
CA PRO H 92 15.96 47.75 -67.92
C PRO H 92 15.33 46.81 -66.90
N ASP H 93 14.92 47.38 -65.79
CA ASP H 93 14.26 46.59 -64.76
C ASP H 93 12.87 46.20 -65.24
N PRO H 94 12.52 44.90 -65.25
CA PRO H 94 11.14 44.60 -65.67
C PRO H 94 10.10 45.04 -64.65
N GLU H 329 -5.86 14.92 -18.24
CA GLU H 329 -5.31 13.74 -17.61
C GLU H 329 -4.95 14.02 -16.14
N GLU H 330 -5.72 14.90 -15.50
CA GLU H 330 -5.44 15.26 -14.12
C GLU H 330 -5.59 14.07 -13.18
N ILE H 331 -6.64 13.26 -13.37
CA ILE H 331 -6.86 12.13 -12.48
C ILE H 331 -5.73 11.10 -12.64
N THR H 332 -5.35 10.78 -13.87
CA THR H 332 -4.26 9.82 -14.07
C THR H 332 -2.94 10.39 -13.55
N LYS H 333 -2.73 11.69 -13.70
CA LYS H 333 -1.54 12.31 -13.12
C LYS H 333 -1.52 12.17 -11.60
N ASP H 334 -2.68 12.37 -10.96
CA ASP H 334 -2.76 12.22 -9.51
C ASP H 334 -2.49 10.78 -9.09
N HIS H 335 -3.05 9.81 -9.83
CA HIS H 335 -2.76 8.41 -9.56
C HIS H 335 -1.26 8.14 -9.65
N LYS H 336 -0.63 8.62 -10.73
CA LYS H 336 0.79 8.40 -10.91
C LYS H 336 1.61 9.06 -9.81
N VAL H 337 1.20 10.26 -9.38
CA VAL H 337 1.93 10.96 -8.32
C VAL H 337 1.82 10.19 -7.01
N LEU H 338 0.64 9.68 -6.69
CA LEU H 338 0.49 8.89 -5.47
C LEU H 338 1.33 7.62 -5.54
N ALA H 339 1.31 6.94 -6.69
CA ALA H 339 2.12 5.73 -6.83
C ALA H 339 3.61 6.05 -6.69
N ARG H 340 4.04 7.17 -7.27
CA ARG H 340 5.41 7.62 -7.13
C ARG H 340 5.76 7.84 -5.65
N GLN H 341 4.89 8.53 -4.92
CA GLN H 341 5.17 8.78 -3.51
C GLN H 341 5.25 7.49 -2.71
N GLN H 342 4.34 6.55 -2.99
CA GLN H 342 4.37 5.26 -2.30
C GLN H 342 5.66 4.50 -2.63
N LEU H 343 6.09 4.55 -3.89
CA LEU H 343 7.35 3.92 -4.27
C LEU H 343 8.54 4.56 -3.54
N GLN H 344 8.56 5.88 -3.45
CA GLN H 344 9.64 6.54 -2.72
C GLN H 344 9.62 6.16 -1.24
N VAL H 345 8.43 6.05 -0.65
CA VAL H 345 8.35 5.65 0.75
C VAL H 345 8.92 4.23 0.93
N LEU H 346 8.54 3.32 0.04
CA LEU H 346 9.03 1.95 0.15
C LEU H 346 10.54 1.89 -0.08
N ALA H 347 11.06 2.66 -1.04
CA ALA H 347 12.50 2.68 -1.28
C ALA H 347 13.24 3.23 -0.07
N ARG H 348 12.71 4.30 0.54
CA ARG H 348 13.32 4.83 1.76
C ARG H 348 13.34 3.78 2.86
N TYR H 349 12.23 3.07 3.05
CA TYR H 349 12.18 2.06 4.09
C TYR H 349 13.17 0.93 3.82
N LEU H 350 13.25 0.50 2.57
CA LEU H 350 14.15 -0.56 2.15
C LEU H 350 15.61 -0.10 2.08
N LYS H 351 15.87 1.19 2.25
CA LYS H 351 17.23 1.73 2.17
C LYS H 351 17.79 1.51 0.78
N MET H 352 16.92 1.64 -0.22
CA MET H 352 17.28 1.43 -1.61
C MET H 352 17.50 2.79 -2.25
N ASP H 353 18.64 2.97 -2.89
CA ASP H 353 19.01 4.20 -3.56
C ASP H 353 18.62 4.07 -5.03
N LEU H 354 17.47 4.62 -5.39
CA LEU H 354 16.99 4.54 -6.77
C LEU H 354 17.94 5.26 -7.73
N ASP H 355 18.60 6.31 -7.27
CA ASP H 355 19.47 7.11 -8.12
C ASP H 355 20.90 6.58 -8.19
N ASN H 356 21.21 5.47 -7.51
CA ASN H 356 22.60 5.02 -7.43
C ASN H 356 23.14 4.63 -8.80
N GLY H 357 22.35 3.86 -9.57
CA GLY H 357 22.78 3.50 -10.90
C GLY H 357 23.01 4.71 -11.78
N GLU H 358 22.13 5.70 -11.68
CA GLU H 358 22.30 6.92 -12.46
C GLU H 358 23.57 7.66 -12.06
N ARG H 359 23.83 7.79 -10.75
CA ARG H 359 25.04 8.48 -10.31
C ARG H 359 26.29 7.79 -10.83
N LYS H 360 26.32 6.46 -10.72
CA LYS H 360 27.45 5.71 -11.24
C LYS H 360 27.57 5.91 -12.74
N PHE H 361 26.43 5.98 -13.44
CA PHE H 361 26.47 6.15 -14.89
C PHE H 361 27.04 7.51 -15.28
N LEU H 362 26.65 8.58 -14.58
CA LEU H 362 27.22 9.88 -14.89
C LEU H 362 28.71 9.95 -14.54
N LYS H 363 29.12 9.33 -13.44
CA LYS H 363 30.56 9.28 -13.14
C LYS H 363 31.32 8.56 -14.24
N GLU H 364 30.79 7.42 -14.68
CA GLU H 364 31.45 6.67 -15.75
C GLU H 364 31.41 7.43 -17.07
N LYS H 365 30.37 8.21 -17.31
CA LYS H 365 30.30 9.01 -18.53
C LYS H 365 31.35 10.10 -18.51
N ASP H 366 31.59 10.71 -17.35
CA ASP H 366 32.69 11.66 -17.24
C ASP H 366 34.03 10.98 -17.47
N THR H 367 34.19 9.76 -16.94
CA THR H 367 35.42 9.01 -17.20
C THR H 367 35.59 8.72 -18.69
N VAL H 368 34.50 8.36 -19.37
CA VAL H 368 34.55 8.13 -20.81
C VAL H 368 34.97 9.41 -21.51
N ALA H 369 34.41 10.55 -21.09
CA ALA H 369 34.75 11.81 -21.73
C ALA H 369 36.22 12.15 -21.55
N GLU H 370 36.77 11.90 -20.36
CA GLU H 370 38.16 12.24 -20.13
C GLU H 370 39.11 11.30 -20.87
N LEU H 371 38.78 10.01 -20.92
CA LEU H 371 39.60 9.08 -21.69
C LEU H 371 39.51 9.38 -23.18
N GLN H 372 38.32 9.78 -23.65
CA GLN H 372 38.17 10.14 -25.05
C GLN H 372 38.91 11.43 -25.37
N ALA H 373 38.97 12.36 -24.41
CA ALA H 373 39.78 13.56 -24.60
C ALA H 373 41.25 13.18 -24.73
N GLN H 374 41.71 12.24 -23.90
CA GLN H 374 43.09 11.78 -24.00
C GLN H 374 43.36 11.13 -25.36
N LEU H 375 42.45 10.28 -25.82
CA LEU H 375 42.62 9.62 -27.10
C LEU H 375 42.56 10.62 -28.25
N ASP H 376 41.66 11.61 -28.16
CA ASP H 376 41.58 12.63 -29.19
C ASP H 376 42.84 13.48 -29.22
N TYR H 377 43.43 13.75 -28.06
CA TYR H 377 44.70 14.48 -28.06
C TYR H 377 45.80 13.64 -28.70
N LEU H 378 45.87 12.36 -28.36
CA LEU H 378 46.91 11.51 -28.96
C LEU H 378 46.70 11.37 -30.46
N ASN H 379 45.44 11.38 -30.91
CA ASN H 379 45.17 11.31 -32.34
C ASN H 379 45.49 12.63 -33.03
N ALA H 380 45.22 13.76 -32.39
CA ALA H 380 45.62 15.03 -32.93
C ALA H 380 47.14 15.16 -32.97
N GLU H 381 47.83 14.41 -32.11
CA GLU H 381 49.28 14.53 -32.01
C GLU H 381 49.98 13.61 -33.00
N LEU H 382 49.66 12.32 -32.95
CA LEU H 382 50.33 11.34 -33.81
C LEU H 382 49.67 11.23 -35.17
N GLY H 383 48.38 11.55 -35.26
CA GLY H 383 47.62 11.47 -36.48
C GLY H 383 46.89 10.14 -36.59
N GLU H 384 45.87 10.14 -37.44
CA GLU H 384 45.09 8.92 -37.65
C GLU H 384 45.95 7.83 -38.27
N PHE H 385 46.79 8.18 -39.25
CA PHE H 385 47.60 7.17 -39.91
C PHE H 385 48.58 6.51 -38.94
N PHE H 386 49.29 7.31 -38.14
CA PHE H 386 50.25 6.76 -37.20
C PHE H 386 49.56 5.88 -36.17
N VAL H 387 48.49 6.37 -35.56
CA VAL H 387 47.80 5.65 -34.50
C VAL H 387 47.22 4.35 -35.03
N ASN H 388 46.62 4.38 -36.22
CA ASN H 388 46.08 3.16 -36.81
C ASN H 388 47.20 2.20 -37.17
N GLY H 389 48.29 2.70 -37.74
CA GLY H 389 49.35 1.86 -38.22
C GLY H 389 50.21 1.24 -37.17
N VAL H 390 50.22 1.79 -35.95
CA VAL H 390 50.97 1.16 -34.87
C VAL H 390 50.21 -0.05 -34.31
N ALA H 391 49.03 -0.33 -34.86
CA ALA H 391 48.25 -1.48 -34.42
C ALA H 391 49.04 -2.76 -34.53
N THR H 392 49.03 -3.54 -33.45
CA THR H 392 49.79 -4.78 -33.42
C THR H 392 49.29 -5.76 -34.47
N SER H 393 50.23 -6.49 -35.06
CA SER H 393 49.91 -7.51 -36.05
C SER H 393 50.59 -8.84 -35.79
N PHE H 394 51.66 -8.89 -35.01
CA PHE H 394 52.37 -10.13 -34.77
C PHE H 394 51.67 -10.97 -33.71
N SER H 395 51.68 -12.29 -33.91
CA SER H 395 51.29 -13.24 -32.88
C SER H 395 51.99 -14.55 -33.18
N ARG H 396 52.45 -15.22 -32.12
CA ARG H 396 53.20 -16.46 -32.29
C ARG H 396 52.36 -17.55 -32.94
N LYS H 397 51.08 -17.65 -32.54
CA LYS H 397 50.21 -18.69 -33.09
C LYS H 397 50.02 -18.56 -34.59
N LYS H 398 50.27 -17.38 -35.15
CA LYS H 398 50.01 -17.08 -36.55
C LYS H 398 51.20 -17.39 -37.45
N ALA H 399 52.36 -17.74 -36.88
CA ALA H 399 53.54 -18.05 -37.68
C ALA H 399 53.37 -19.38 -38.42
N ARG H 400 53.82 -19.39 -39.67
CA ARG H 400 53.71 -20.54 -40.55
C ARG H 400 55.10 -21.04 -40.91
N THR H 401 55.35 -22.32 -40.64
CA THR H 401 56.63 -22.95 -40.94
C THR H 401 56.52 -23.77 -42.21
N PHE H 402 57.50 -23.60 -43.09
CA PHE H 402 57.62 -24.38 -44.32
C PHE H 402 58.99 -25.05 -44.28
N ASP H 403 59.00 -26.37 -44.17
CA ASP H 403 60.25 -27.12 -44.10
C ASP H 403 60.23 -28.43 -44.88
N SER H 404 59.17 -28.73 -45.64
CA SER H 404 59.03 -30.03 -46.29
C SER H 404 59.65 -30.01 -47.70
N SER H 405 60.91 -29.57 -47.73
CA SER H 405 61.64 -29.46 -48.99
C SER H 405 61.85 -30.80 -49.68
N TRP H 406 61.93 -31.90 -48.92
CA TRP H 406 61.95 -33.23 -49.51
C TRP H 406 60.74 -33.46 -50.43
N ASN H 407 59.55 -33.22 -49.90
CA ASN H 407 58.34 -33.40 -50.68
C ASN H 407 58.29 -32.41 -51.83
N TRP H 408 58.68 -31.16 -51.57
CA TRP H 408 58.63 -30.15 -52.63
C TRP H 408 59.63 -30.46 -53.73
N ALA H 409 60.75 -31.10 -53.40
CA ALA H 409 61.71 -31.52 -54.41
C ALA H 409 61.10 -32.55 -55.33
N LYS H 410 60.45 -33.57 -54.74
CA LYS H 410 59.79 -34.58 -55.57
C LYS H 410 58.70 -33.95 -56.44
N GLN H 411 57.91 -33.04 -55.87
CA GLN H 411 56.86 -32.38 -56.64
C GLN H 411 57.44 -31.56 -57.79
N SER H 412 58.52 -30.80 -57.53
CA SER H 412 59.12 -29.99 -58.57
C SER H 412 59.70 -30.87 -59.67
N LEU H 413 60.27 -32.00 -59.30
CA LEU H 413 60.78 -32.93 -60.30
C LEU H 413 59.66 -33.44 -61.19
N LEU H 414 58.53 -33.83 -60.60
CA LEU H 414 57.42 -34.30 -61.42
C LEU H 414 56.88 -33.19 -62.31
N SER H 415 56.79 -31.98 -61.78
CA SER H 415 56.31 -30.86 -62.58
C SER H 415 57.20 -30.61 -63.78
N LEU H 416 58.52 -30.56 -63.56
CA LEU H 416 59.45 -30.33 -64.67
C LEU H 416 59.43 -31.48 -65.66
N TYR H 417 59.37 -32.71 -65.16
CA TYR H 417 59.29 -33.88 -66.03
C TYR H 417 58.08 -33.79 -66.95
N PHE H 418 56.90 -33.54 -66.38
CA PHE H 418 55.68 -33.50 -67.19
C PHE H 418 55.69 -32.31 -68.13
N GLU H 419 56.24 -31.17 -67.69
CA GLU H 419 56.31 -30.02 -68.59
C GLU H 419 57.19 -30.31 -69.79
N ILE H 420 58.31 -31.02 -69.58
CA ILE H 420 59.17 -31.38 -70.70
C ILE H 420 58.44 -32.32 -71.65
N ILE H 421 57.84 -33.39 -71.13
CA ILE H 421 57.16 -34.34 -72.03
C ILE H 421 55.97 -33.69 -72.74
N HIS H 422 55.20 -32.85 -72.04
CA HIS H 422 54.07 -32.20 -72.67
C HIS H 422 54.50 -31.06 -73.58
N GLY H 423 55.77 -30.67 -73.54
CA GLY H 423 56.28 -29.69 -74.46
C GLY H 423 56.13 -28.25 -73.99
N VAL H 424 55.72 -28.04 -72.74
CA VAL H 424 55.73 -26.69 -72.18
C VAL H 424 57.16 -26.17 -72.12
N LEU H 425 58.14 -27.07 -72.15
CA LEU H 425 59.56 -26.73 -72.24
C LEU H 425 60.16 -27.58 -73.35
N LYS H 426 60.14 -27.07 -74.59
CA LYS H 426 60.72 -27.78 -75.72
C LYS H 426 62.24 -27.82 -75.67
N ASN H 427 62.88 -26.80 -75.13
CA ASN H 427 64.34 -26.71 -75.10
C ASN H 427 64.77 -26.59 -73.65
N VAL H 428 66.09 -26.54 -73.45
CA VAL H 428 66.65 -26.33 -72.13
C VAL H 428 66.81 -24.83 -71.92
N ASP H 429 65.76 -24.17 -71.47
CA ASP H 429 65.81 -22.76 -71.17
C ASP H 429 66.19 -22.54 -69.70
N ARG H 430 66.43 -21.28 -69.36
CA ARG H 430 66.95 -20.96 -68.04
C ARG H 430 65.96 -21.32 -66.95
N GLU H 431 64.66 -21.35 -67.26
CA GLU H 431 63.69 -21.80 -66.28
C GLU H 431 63.88 -23.29 -65.97
N VAL H 432 64.14 -24.09 -67.00
CA VAL H 432 64.44 -25.50 -66.79
C VAL H 432 65.72 -25.66 -66.00
N VAL H 433 66.74 -24.87 -66.31
CA VAL H 433 68.00 -24.95 -65.58
C VAL H 433 67.80 -24.57 -64.13
N SER H 434 67.00 -23.52 -63.86
CA SER H 434 66.77 -23.08 -62.50
C SER H 434 65.97 -24.11 -61.71
N GLU H 435 64.98 -24.73 -62.35
CA GLU H 435 64.23 -25.77 -61.67
C GLU H 435 65.12 -26.97 -61.37
N ALA H 436 66.02 -27.31 -62.30
CA ALA H 436 66.99 -28.36 -62.03
C ALA H 436 67.90 -27.98 -60.87
N ILE H 437 68.26 -26.70 -60.77
CA ILE H 437 69.11 -26.25 -59.68
C ILE H 437 68.37 -26.37 -58.34
N ASN H 438 67.08 -26.04 -58.32
CA ASN H 438 66.30 -26.22 -57.11
C ASN H 438 66.22 -27.70 -56.72
N ILE H 439 66.02 -28.57 -57.71
CA ILE H 439 65.99 -30.00 -57.45
C ILE H 439 67.33 -30.45 -56.87
N MET H 440 68.43 -29.99 -57.46
CA MET H 440 69.76 -30.32 -56.93
C MET H 440 69.94 -29.80 -55.51
N ASN H 441 69.45 -28.59 -55.24
CA ASN H 441 69.59 -28.02 -53.90
C ASN H 441 68.81 -28.82 -52.88
N ARG H 442 67.74 -29.47 -53.30
CA ARG H 442 66.99 -30.36 -52.41
C ARG H 442 67.38 -31.83 -52.57
N SER H 443 68.44 -32.13 -53.32
CA SER H 443 68.78 -33.51 -53.63
C SER H 443 69.14 -34.30 -52.37
N ASN H 444 68.55 -35.49 -52.26
CA ASN H 444 68.88 -36.46 -51.23
C ASN H 444 68.67 -37.83 -51.86
N ASP H 445 69.00 -38.88 -51.10
CA ASP H 445 69.00 -40.23 -51.66
C ASP H 445 67.59 -40.65 -52.11
N ALA H 446 66.58 -40.29 -51.33
CA ALA H 446 65.20 -40.58 -51.74
C ALA H 446 64.86 -39.86 -53.04
N LEU H 447 65.34 -38.63 -53.19
CA LEU H 447 65.11 -37.91 -54.44
C LEU H 447 65.86 -38.56 -55.61
N ILE H 448 67.06 -39.08 -55.35
CA ILE H 448 67.79 -39.77 -56.41
C ILE H 448 67.00 -40.99 -56.86
N LYS H 449 66.48 -41.77 -55.91
CA LYS H 449 65.72 -42.96 -56.29
C LYS H 449 64.42 -42.57 -57.00
N PHE H 450 63.77 -41.51 -56.55
CA PHE H 450 62.58 -40.99 -57.23
C PHE H 450 62.87 -40.65 -58.68
N MET H 451 63.94 -39.88 -58.91
CA MET H 451 64.32 -39.51 -60.26
C MET H 451 64.72 -40.73 -61.08
N GLU H 452 65.46 -41.65 -60.47
CA GLU H 452 65.93 -42.82 -61.19
C GLU H 452 64.76 -43.65 -61.69
N TYR H 453 63.76 -43.85 -60.82
CA TYR H 453 62.58 -44.57 -61.28
C TYR H 453 61.90 -43.81 -62.41
N HIS H 454 61.65 -42.52 -62.22
CA HIS H 454 60.82 -41.81 -63.19
C HIS H 454 61.55 -41.55 -64.52
N ILE H 455 62.86 -41.68 -64.55
CA ILE H 455 63.60 -41.53 -65.81
C ILE H 455 63.91 -42.87 -66.45
N SER H 456 64.11 -43.93 -65.67
CA SER H 456 64.32 -45.24 -66.26
C SER H 456 63.01 -45.83 -66.77
N ASN H 457 61.90 -45.53 -66.10
CA ASN H 457 60.61 -46.04 -66.54
C ASN H 457 60.10 -45.27 -67.76
N THR H 458 60.69 -44.12 -68.06
CA THR H 458 60.39 -43.42 -69.29
C THR H 458 60.80 -44.26 -70.50
N ASP H 459 59.91 -44.34 -71.49
CA ASP H 459 60.22 -45.02 -72.74
C ASP H 459 60.51 -43.95 -73.79
N GLU H 460 61.60 -44.12 -74.51
CA GLU H 460 62.12 -43.05 -75.36
C GLU H 460 61.56 -43.11 -76.78
N THR H 461 60.96 -44.24 -77.17
CA THR H 461 60.41 -44.37 -78.51
C THR H 461 59.12 -43.59 -78.70
N LYS H 462 58.52 -43.06 -77.63
CA LYS H 462 57.24 -42.35 -77.71
C LYS H 462 57.48 -40.88 -78.07
N GLY H 463 58.11 -40.67 -79.23
CA GLY H 463 58.37 -39.33 -79.71
C GLY H 463 59.59 -38.70 -79.07
N GLU H 464 60.11 -37.67 -79.74
CA GLU H 464 61.37 -37.07 -79.33
C GLU H 464 61.26 -36.38 -77.97
N ASN H 465 60.05 -36.01 -77.56
CA ASN H 465 59.88 -35.32 -76.28
C ASN H 465 60.26 -36.25 -75.12
N TYR H 466 59.90 -37.53 -75.22
CA TYR H 466 60.23 -38.49 -74.17
C TYR H 466 61.72 -38.80 -74.17
N GLN H 467 62.34 -38.87 -75.34
CA GLN H 467 63.79 -39.03 -75.40
C GLN H 467 64.48 -37.83 -74.76
N LEU H 468 63.95 -36.63 -75.01
CA LEU H 468 64.52 -35.43 -74.41
C LEU H 468 64.39 -35.47 -72.89
N VAL H 469 63.23 -35.84 -72.37
CA VAL H 469 63.08 -35.88 -70.92
C VAL H 469 63.99 -36.94 -70.33
N LYS H 470 64.18 -38.06 -71.04
CA LYS H 470 65.05 -39.11 -70.54
C LYS H 470 66.50 -38.65 -70.46
N THR H 471 67.02 -38.06 -71.53
CA THR H 471 68.41 -37.61 -71.49
C THR H 471 68.60 -36.51 -70.46
N LEU H 472 67.67 -35.56 -70.40
CA LEU H 472 67.79 -34.47 -69.44
C LEU H 472 67.73 -34.99 -68.02
N GLY H 473 66.85 -35.96 -67.75
CA GLY H 473 66.74 -36.52 -66.42
C GLY H 473 67.93 -37.37 -66.04
N GLU H 474 68.54 -38.06 -67.01
CA GLU H 474 69.78 -38.75 -66.73
C GLU H 474 70.87 -37.77 -66.33
N GLN H 475 70.97 -36.66 -67.07
CA GLN H 475 71.93 -35.63 -66.70
C GLN H 475 71.63 -35.07 -65.31
N LEU H 476 70.35 -34.86 -65.00
CA LEU H 476 69.99 -34.34 -63.69
C LEU H 476 70.30 -35.34 -62.58
N ILE H 477 70.09 -36.63 -62.84
CA ILE H 477 70.45 -37.65 -61.86
C ILE H 477 71.94 -37.63 -61.59
N GLU H 478 72.73 -37.54 -62.66
CA GLU H 478 74.18 -37.43 -62.50
C GLU H 478 74.53 -36.21 -61.66
N ASN H 479 73.94 -35.06 -61.97
CA ASN H 479 74.31 -33.82 -61.30
C ASN H 479 73.84 -33.81 -59.84
N CYS H 480 72.73 -34.50 -59.55
CA CYS H 480 72.25 -34.58 -58.17
C CYS H 480 73.07 -35.55 -57.35
N LYS H 481 73.59 -36.60 -57.99
CA LYS H 481 74.49 -37.50 -57.28
C LYS H 481 75.75 -36.77 -56.84
N GLN H 482 76.27 -35.86 -57.66
CA GLN H 482 77.46 -35.10 -57.29
C GLN H 482 77.23 -34.23 -56.06
N VAL H 483 76.07 -33.56 -55.98
CA VAL H 483 75.79 -32.65 -54.88
C VAL H 483 74.91 -33.33 -53.85
N LEU H 484 74.92 -34.67 -53.83
CA LEU H 484 74.20 -35.42 -52.81
C LEU H 484 74.59 -34.98 -51.41
N ASP H 485 75.88 -34.72 -51.18
CA ASP H 485 76.39 -34.28 -49.89
C ASP H 485 76.79 -32.81 -49.88
N VAL H 486 76.91 -32.17 -51.05
CA VAL H 486 77.31 -30.78 -51.12
C VAL H 486 76.19 -29.90 -50.56
N ASP H 487 76.58 -28.76 -49.99
CA ASP H 487 75.60 -27.85 -49.42
C ASP H 487 74.78 -27.20 -50.54
N PRO H 488 73.51 -26.88 -50.29
CA PRO H 488 72.72 -26.17 -51.30
C PRO H 488 73.26 -24.76 -51.52
N VAL H 489 73.20 -24.33 -52.78
CA VAL H 489 73.81 -23.08 -53.22
C VAL H 489 72.77 -22.24 -53.95
N TYR H 490 72.79 -20.94 -53.69
CA TYR H 490 72.01 -19.98 -54.45
C TYR H 490 72.75 -19.67 -55.74
N LYS H 491 72.21 -20.14 -56.86
CA LYS H 491 72.77 -19.90 -58.18
C LYS H 491 71.65 -19.40 -59.08
N ASP H 492 71.71 -18.11 -59.42
CA ASP H 492 70.72 -17.47 -60.27
C ASP H 492 71.15 -17.63 -61.72
N VAL H 493 70.25 -18.17 -62.55
CA VAL H 493 70.56 -18.47 -63.95
C VAL H 493 69.60 -17.79 -64.92
N ALA H 494 68.74 -16.90 -64.45
CA ALA H 494 67.89 -16.15 -65.36
C ALA H 494 68.72 -15.20 -66.21
N LYS H 495 68.25 -14.95 -67.42
CA LYS H 495 68.93 -14.01 -68.31
C LYS H 495 68.87 -12.61 -67.71
N PRO H 496 69.97 -11.90 -67.57
CA PRO H 496 69.87 -10.47 -67.23
C PRO H 496 69.07 -9.72 -68.29
N THR H 497 68.22 -8.81 -67.83
CA THR H 497 67.35 -8.03 -68.69
C THR H 497 67.54 -6.56 -68.36
N GLY H 498 67.66 -5.73 -69.39
CA GLY H 498 67.74 -4.30 -69.23
C GLY H 498 66.42 -3.64 -69.54
N PRO H 499 66.34 -2.33 -69.36
CA PRO H 499 65.11 -1.61 -69.69
C PRO H 499 65.01 -1.31 -71.17
N LYS H 500 63.77 -1.30 -71.67
CA LYS H 500 63.51 -0.89 -73.04
C LYS H 500 62.20 -0.13 -73.06
N THR H 501 62.27 1.16 -73.40
CA THR H 501 61.09 2.02 -73.51
C THR H 501 60.89 2.41 -74.97
N ALA H 502 59.69 2.13 -75.49
CA ALA H 502 59.37 2.38 -76.89
C ALA H 502 58.11 3.24 -76.99
N ILE H 503 58.14 4.21 -77.89
CA ILE H 503 56.99 5.08 -78.14
C ILE H 503 56.45 4.70 -79.51
N ASP H 504 55.21 4.24 -79.55
CA ASP H 504 54.56 3.91 -80.81
C ASP H 504 54.31 5.17 -81.63
N LYS H 505 53.88 4.98 -82.87
CA LYS H 505 53.55 6.13 -83.72
C LYS H 505 52.40 6.93 -83.14
N ASN H 506 51.48 6.27 -82.43
CA ASN H 506 50.34 6.91 -81.80
C ASN H 506 50.63 7.39 -80.38
N GLY H 507 51.89 7.54 -80.02
CA GLY H 507 52.24 8.03 -78.70
C GLY H 507 51.88 7.09 -77.57
N ASN H 508 52.10 5.79 -77.75
CA ASN H 508 51.87 4.79 -76.72
C ASN H 508 53.21 4.35 -76.16
N ILE H 509 53.40 4.50 -74.86
CA ILE H 509 54.64 4.13 -74.19
C ILE H 509 54.53 2.68 -73.77
N THR H 510 55.52 1.87 -74.15
CA THR H 510 55.61 0.47 -73.76
C THR H 510 56.97 0.24 -73.12
N TYR H 511 56.95 -0.35 -71.93
CA TYR H 511 58.17 -0.73 -71.22
C TYR H 511 58.31 -2.25 -71.24
N SER H 512 59.51 -2.72 -71.53
CA SER H 512 59.79 -4.15 -71.59
C SER H 512 61.15 -4.43 -70.98
N GLU H 513 61.29 -5.66 -70.47
CA GLU H 513 62.54 -6.15 -69.88
C GLU H 513 63.23 -7.04 -70.92
N GLU H 514 63.84 -6.40 -71.90
CA GLU H 514 64.47 -7.19 -72.95
C GLU H 514 65.80 -7.76 -72.44
N PRO H 515 66.20 -8.95 -72.88
CA PRO H 515 67.53 -9.45 -72.50
C PRO H 515 68.62 -8.52 -73.01
N ARG H 516 69.65 -8.33 -72.18
CA ARG H 516 70.77 -7.51 -72.60
C ARG H 516 71.62 -8.25 -73.63
N GLU H 517 72.01 -7.55 -74.69
CA GLU H 517 72.83 -8.16 -75.72
C GLU H 517 74.23 -8.47 -75.21
N LYS H 518 74.88 -7.49 -74.56
CA LYS H 518 76.26 -7.67 -74.13
C LYS H 518 76.35 -8.65 -72.97
N VAL H 519 75.40 -8.59 -72.03
CA VAL H 519 75.42 -9.39 -70.82
C VAL H 519 74.33 -10.46 -70.93
N ARG H 520 74.71 -11.71 -70.70
CA ARG H 520 73.81 -12.84 -70.87
C ARG H 520 73.85 -13.81 -69.70
N LYS H 521 74.89 -13.80 -68.87
CA LYS H 521 74.99 -14.64 -67.68
C LYS H 521 75.24 -13.75 -66.47
N LEU H 522 75.06 -14.34 -65.28
CA LEU H 522 75.40 -13.61 -64.06
C LEU H 522 76.89 -13.41 -63.94
N SER H 523 77.69 -14.34 -64.46
CA SER H 523 79.14 -14.12 -64.52
C SER H 523 79.45 -12.89 -65.36
N GLN H 524 78.85 -12.78 -66.54
CA GLN H 524 79.05 -11.61 -67.38
C GLN H 524 78.54 -10.34 -66.71
N TYR H 525 77.44 -10.45 -65.94
CA TYR H 525 76.99 -9.31 -65.16
C TYR H 525 78.06 -8.86 -64.18
N VAL H 526 78.70 -9.81 -63.49
CA VAL H 526 79.76 -9.45 -62.56
C VAL H 526 80.93 -8.80 -63.29
N GLN H 527 81.31 -9.34 -64.44
CA GLN H 527 82.37 -8.72 -65.23
C GLN H 527 82.00 -7.30 -65.62
N GLU H 528 80.75 -7.07 -66.00
CA GLU H 528 80.33 -5.73 -66.38
C GLU H 528 80.39 -4.78 -65.18
N MET H 529 79.98 -5.25 -64.00
CA MET H 529 80.08 -4.40 -62.83
C MET H 529 81.52 -4.03 -62.52
N ALA H 530 82.42 -5.00 -62.63
CA ALA H 530 83.84 -4.72 -62.38
C ALA H 530 84.37 -3.72 -63.39
N LEU H 531 84.04 -3.91 -64.67
CA LEU H 531 84.56 -3.02 -65.71
C LEU H 531 84.04 -1.60 -65.53
N GLY H 532 82.77 -1.44 -65.19
CA GLY H 532 82.21 -0.11 -65.08
C GLY H 532 81.87 0.46 -66.45
N GLY H 533 82.16 1.75 -66.61
CA GLY H 533 81.90 2.47 -67.84
C GLY H 533 82.66 3.77 -67.84
N PRO H 534 82.56 4.53 -68.93
CA PRO H 534 83.29 5.81 -68.99
C PRO H 534 82.93 6.77 -67.87
N ILE H 535 81.66 6.83 -67.48
CA ILE H 535 81.23 7.81 -66.48
C ILE H 535 81.84 7.48 -65.11
N THR H 536 82.10 6.20 -64.85
CA THR H 536 82.67 5.82 -63.56
C THR H 536 84.14 6.16 -63.46
N LYS H 537 84.80 6.51 -64.56
CA LYS H 537 86.20 6.87 -64.52
C LYS H 537 86.40 8.21 -63.84
N GLU H 538 87.56 8.38 -63.22
CA GLU H 538 87.91 9.64 -62.59
C GLU H 538 89.36 10.00 -62.93
N SER H 539 89.67 11.28 -62.84
CA SER H 539 91.02 11.77 -63.14
C SER H 539 92.03 11.17 -62.17
N SER H 623 91.59 -18.59 -63.65
CA SER H 623 92.96 -18.39 -63.22
C SER H 623 93.13 -17.03 -62.58
N LYS H 624 92.50 -16.01 -63.18
CA LYS H 624 92.55 -14.64 -62.69
C LYS H 624 91.14 -14.20 -62.32
N THR H 625 91.01 -13.59 -61.14
CA THR H 625 89.70 -13.15 -60.67
C THR H 625 89.24 -11.93 -61.46
N VAL H 626 87.94 -11.66 -61.37
CA VAL H 626 87.37 -10.51 -62.07
C VAL H 626 87.91 -9.21 -61.51
N SER H 627 88.41 -9.22 -60.27
CA SER H 627 89.01 -8.01 -59.72
C SER H 627 90.31 -7.64 -60.44
N SER H 628 90.88 -8.58 -61.21
CA SER H 628 92.00 -8.25 -62.07
C SER H 628 91.57 -7.44 -63.29
N THR H 629 90.39 -7.71 -63.83
CA THR H 629 89.91 -7.10 -65.06
C THR H 629 89.40 -5.67 -64.87
N ILE H 630 89.26 -5.22 -63.63
CA ILE H 630 88.86 -3.83 -63.37
C ILE H 630 89.90 -2.89 -63.98
N PRO H 631 89.50 -1.86 -64.73
CA PRO H 631 90.52 -0.93 -65.26
C PRO H 631 91.09 -0.04 -64.17
N ARG H 632 92.32 0.41 -64.39
CA ARG H 632 92.99 1.29 -63.45
C ARG H 632 92.31 2.65 -63.41
N GLU H 633 92.22 3.22 -62.22
CA GLU H 633 91.65 4.56 -62.04
C GLU H 633 90.18 4.59 -62.46
N THR H 634 89.41 3.67 -61.87
CA THR H 634 88.01 3.50 -62.19
C THR H 634 87.24 3.17 -60.92
N ILE H 635 85.92 3.34 -61.00
CA ILE H 635 85.02 2.97 -59.91
C ILE H 635 84.08 1.90 -60.46
N PRO H 636 84.15 0.64 -60.02
CA PRO H 636 83.18 -0.35 -60.49
C PRO H 636 81.76 0.04 -60.11
N PHE H 637 80.81 -0.50 -60.86
CA PHE H 637 79.40 -0.22 -60.60
C PHE H 637 79.01 -0.70 -59.20
N LEU H 638 79.47 -1.87 -58.81
CA LEU H 638 79.37 -2.38 -57.45
C LEU H 638 80.74 -2.32 -56.81
N HIS H 639 80.85 -1.67 -55.67
CA HIS H 639 82.12 -1.64 -54.95
C HIS H 639 81.81 -1.62 -53.46
N LEU H 640 82.87 -1.76 -52.66
CA LEU H 640 82.82 -1.51 -51.23
C LEU H 640 83.67 -0.29 -50.95
N ARG H 641 83.20 0.58 -50.06
CA ARG H 641 83.93 1.76 -49.67
C ARG H 641 84.67 1.50 -48.36
N LYS H 642 85.65 2.36 -48.10
CA LYS H 642 86.40 2.34 -46.85
C LYS H 642 86.34 3.72 -46.22
N LYS H 643 86.16 3.75 -44.91
CA LYS H 643 86.11 5.02 -44.19
C LYS H 643 87.54 5.54 -44.03
N THR H 644 87.79 6.75 -44.54
CA THR H 644 89.09 7.36 -44.40
C THR H 644 89.27 7.90 -42.99
N PRO H 645 90.51 8.21 -42.59
CA PRO H 645 90.71 8.80 -41.25
C PRO H 645 89.94 10.10 -41.06
N ALA H 646 89.69 10.84 -42.13
CA ALA H 646 88.90 12.07 -42.04
C ALA H 646 87.43 11.80 -41.72
N GLY H 647 86.97 10.55 -41.87
CA GLY H 647 85.61 10.18 -41.53
C GLY H 647 84.66 10.03 -42.69
N ASP H 648 85.14 10.15 -43.93
CA ASP H 648 84.31 10.04 -45.12
C ASP H 648 84.65 8.76 -45.86
N TRP H 649 83.63 8.14 -46.45
CA TRP H 649 83.74 6.85 -47.10
C TRP H 649 84.15 7.04 -48.56
N LYS H 650 85.18 6.30 -48.97
CA LYS H 650 85.72 6.38 -50.33
C LYS H 650 85.82 4.98 -50.89
N TYR H 651 85.75 4.91 -52.22
CA TYR H 651 85.94 3.65 -52.93
C TYR H 651 87.27 3.02 -52.55
N ASP H 652 87.23 1.73 -52.20
CA ASP H 652 88.42 0.99 -51.81
C ASP H 652 88.64 -0.17 -52.78
N ARG H 653 89.81 -0.19 -53.39
CA ARG H 653 90.16 -1.27 -54.31
C ARG H 653 90.13 -2.63 -53.63
N GLN H 654 90.73 -2.74 -52.45
CA GLN H 654 90.84 -4.06 -51.81
C GLN H 654 89.47 -4.62 -51.46
N LEU H 655 88.66 -3.84 -50.75
CA LEU H 655 87.33 -4.32 -50.36
C LEU H 655 86.46 -4.56 -51.58
N SER H 656 86.53 -3.67 -52.56
CA SER H 656 85.74 -3.84 -53.78
C SER H 656 86.14 -5.11 -54.50
N SER H 657 87.45 -5.37 -54.60
CA SER H 657 87.92 -6.59 -55.23
C SER H 657 87.41 -7.82 -54.49
N LEU H 658 87.45 -7.79 -53.16
CA LEU H 658 86.95 -8.92 -52.39
C LEU H 658 85.47 -9.16 -52.68
N PHE H 659 84.68 -8.08 -52.72
CA PHE H 659 83.25 -8.22 -52.96
C PHE H 659 82.96 -8.71 -54.37
N LEU H 660 83.66 -8.17 -55.38
CA LEU H 660 83.46 -8.64 -56.74
C LEU H 660 83.89 -10.09 -56.92
N ASP H 661 84.99 -10.49 -56.26
CA ASP H 661 85.41 -11.88 -56.33
C ASP H 661 84.36 -12.79 -55.70
N GLY H 662 83.78 -12.38 -54.57
CA GLY H 662 82.68 -13.13 -54.00
C GLY H 662 81.50 -13.20 -54.94
N LEU H 663 81.21 -12.11 -55.66
CA LEU H 663 80.11 -12.12 -56.62
C LEU H 663 80.38 -13.08 -57.77
N GLU H 664 81.62 -13.13 -58.26
CA GLU H 664 81.94 -14.08 -59.31
C GLU H 664 81.81 -15.52 -58.83
N LYS H 665 82.27 -15.78 -57.61
CA LYS H 665 82.12 -17.13 -57.06
C LYS H 665 80.64 -17.49 -56.94
N ALA H 666 79.82 -16.55 -56.48
CA ALA H 666 78.39 -16.80 -56.39
C ALA H 666 77.78 -17.04 -57.76
N ALA H 667 78.19 -16.27 -58.76
CA ALA H 667 77.60 -16.38 -60.08
C ALA H 667 77.96 -17.71 -60.74
N PHE H 668 79.18 -18.19 -60.54
CA PHE H 668 79.62 -19.41 -61.21
C PHE H 668 79.34 -20.66 -60.38
N ASN H 669 79.87 -20.73 -59.16
CA ASN H 669 79.67 -21.90 -58.31
C ASN H 669 78.35 -21.88 -57.56
N GLY H 670 77.78 -20.71 -57.32
CA GLY H 670 76.68 -20.59 -56.39
C GLY H 670 77.18 -20.42 -54.97
N VAL H 671 76.41 -19.69 -54.17
CA VAL H 671 76.76 -19.41 -52.79
C VAL H 671 75.76 -20.12 -51.88
N THR H 672 76.28 -20.78 -50.85
CA THR H 672 75.44 -21.46 -49.87
C THR H 672 75.13 -20.51 -48.72
N PHE H 673 74.02 -20.77 -48.06
CA PHE H 673 73.63 -20.08 -46.83
C PHE H 673 73.19 -21.10 -45.79
N LYS H 674 73.85 -22.25 -45.77
CA LYS H 674 73.58 -23.24 -44.74
C LYS H 674 73.91 -22.69 -43.37
N ASP H 675 73.11 -23.11 -42.38
CA ASP H 675 73.30 -22.71 -40.99
C ASP H 675 73.30 -21.20 -40.84
N LYS H 676 72.61 -20.50 -41.74
CA LYS H 676 72.47 -19.06 -41.70
C LYS H 676 71.02 -18.74 -41.34
N TYR H 677 70.83 -18.10 -40.19
CA TYR H 677 69.51 -17.73 -39.72
C TYR H 677 69.30 -16.25 -39.99
N VAL H 678 68.32 -15.96 -40.85
CA VAL H 678 68.09 -14.63 -41.38
C VAL H 678 66.70 -14.19 -40.95
N LEU H 679 66.59 -12.90 -40.63
CA LEU H 679 65.30 -12.26 -40.40
C LEU H 679 65.13 -11.19 -41.47
N ILE H 680 64.19 -11.40 -42.39
CA ILE H 680 63.97 -10.46 -43.48
C ILE H 680 62.57 -9.86 -43.35
N THR H 681 62.51 -8.53 -43.35
CA THR H 681 61.25 -7.80 -43.38
C THR H 681 61.14 -7.05 -44.70
N GLY H 682 59.91 -6.80 -45.13
CA GLY H 682 59.69 -6.15 -46.40
C GLY H 682 60.02 -7.01 -47.60
N ALA H 683 59.59 -8.27 -47.59
CA ALA H 683 59.84 -9.21 -48.68
C ALA H 683 58.54 -9.68 -49.33
N GLY H 684 57.60 -8.76 -49.58
CA GLY H 684 56.40 -9.13 -50.29
C GLY H 684 56.66 -9.31 -51.78
N LYS H 685 55.63 -9.79 -52.48
CA LYS H 685 55.76 -9.99 -53.92
C LYS H 685 56.08 -8.66 -54.61
N GLY H 686 56.98 -8.73 -55.59
CA GLY H 686 57.36 -7.56 -56.34
C GLY H 686 58.35 -6.66 -55.64
N SER H 687 59.12 -7.17 -54.69
CA SER H 687 60.10 -6.39 -53.96
C SER H 687 61.47 -7.04 -54.09
N ILE H 688 62.50 -6.25 -53.74
CA ILE H 688 63.84 -6.80 -53.71
C ILE H 688 63.95 -7.84 -52.61
N GLY H 689 63.25 -7.64 -51.51
CA GLY H 689 63.29 -8.60 -50.42
C GLY H 689 62.77 -9.96 -50.82
N ALA H 690 61.78 -10.01 -51.71
CA ALA H 690 61.27 -11.30 -52.16
C ALA H 690 62.35 -12.08 -52.91
N GLU H 691 63.09 -11.41 -53.77
CA GLU H 691 64.17 -12.07 -54.50
C GLU H 691 65.31 -12.45 -53.56
N VAL H 692 65.60 -11.60 -52.58
CA VAL H 692 66.63 -11.95 -51.59
C VAL H 692 66.22 -13.17 -50.79
N LEU H 693 64.93 -13.25 -50.42
CA LEU H 693 64.42 -14.40 -49.70
C LEU H 693 64.48 -15.65 -50.56
N GLN H 694 64.17 -15.52 -51.86
CA GLN H 694 64.29 -16.66 -52.76
C GLN H 694 65.73 -17.17 -52.80
N GLY H 695 66.69 -16.24 -52.91
CA GLY H 695 68.08 -16.65 -52.92
C GLY H 695 68.51 -17.29 -51.61
N LEU H 696 68.05 -16.73 -50.48
CA LEU H 696 68.37 -17.31 -49.19
C LEU H 696 67.84 -18.73 -49.07
N LEU H 697 66.60 -18.95 -49.50
CA LEU H 697 66.04 -20.29 -49.46
C LEU H 697 66.80 -21.23 -50.38
N GLN H 698 67.21 -20.75 -51.56
CA GLN H 698 68.03 -21.56 -52.44
C GLN H 698 69.33 -21.96 -51.76
N GLY H 699 69.99 -21.01 -51.09
CA GLY H 699 71.24 -21.25 -50.41
C GLY H 699 71.12 -22.05 -49.14
N GLY H 700 69.90 -22.27 -48.65
CA GLY H 700 69.70 -23.15 -47.52
C GLY H 700 69.47 -22.46 -46.21
N ALA H 701 69.20 -21.17 -46.23
CA ALA H 701 69.06 -20.40 -45.01
C ALA H 701 67.77 -20.73 -44.27
N LYS H 702 67.77 -20.49 -42.98
CA LYS H 702 66.58 -20.49 -42.16
C LYS H 702 66.09 -19.05 -42.07
N VAL H 703 65.06 -18.72 -42.84
CA VAL H 703 64.62 -17.34 -43.00
C VAL H 703 63.29 -17.17 -42.27
N VAL H 704 63.24 -16.19 -41.37
CA VAL H 704 62.00 -15.66 -40.84
C VAL H 704 61.63 -14.48 -41.73
N VAL H 705 60.64 -14.66 -42.59
CA VAL H 705 60.09 -13.58 -43.39
C VAL H 705 58.88 -13.00 -42.67
N THR H 706 58.83 -11.68 -42.59
CA THR H 706 57.71 -10.99 -42.00
C THR H 706 56.79 -10.49 -43.11
N THR H 707 55.53 -10.23 -42.77
CA THR H 707 54.59 -9.65 -43.72
C THR H 707 53.59 -8.77 -42.98
N SER H 708 53.31 -7.60 -43.54
CA SER H 708 52.28 -6.71 -43.04
C SER H 708 50.92 -6.96 -43.67
N ARG H 709 50.83 -7.90 -44.61
CA ARG H 709 49.59 -8.23 -45.32
C ARG H 709 49.27 -9.70 -45.15
N PHE H 710 49.37 -10.21 -43.93
CA PHE H 710 49.17 -11.63 -43.67
C PHE H 710 47.77 -12.06 -44.08
N SER H 711 47.70 -13.01 -45.01
CA SER H 711 46.43 -13.47 -45.56
C SER H 711 46.68 -14.80 -46.25
N LYS H 712 45.60 -15.40 -46.75
CA LYS H 712 45.74 -16.64 -47.50
C LYS H 712 46.56 -16.43 -48.76
N GLN H 713 46.35 -15.31 -49.45
CA GLN H 713 47.11 -15.04 -50.67
C GLN H 713 48.61 -14.95 -50.37
N VAL H 714 48.97 -14.24 -49.30
CA VAL H 714 50.38 -14.06 -48.98
C VAL H 714 50.99 -15.37 -48.49
N THR H 715 50.26 -16.11 -47.64
CA THR H 715 50.80 -17.38 -47.17
C THR H 715 50.96 -18.38 -48.31
N ASP H 716 50.02 -18.39 -49.25
CA ASP H 716 50.15 -19.25 -50.41
C ASP H 716 51.33 -18.83 -51.28
N TYR H 717 51.54 -17.51 -51.42
CA TYR H 717 52.68 -17.02 -52.18
C TYR H 717 53.99 -17.46 -51.56
N TYR H 718 54.09 -17.36 -50.23
CA TYR H 718 55.32 -17.77 -49.57
C TYR H 718 55.48 -19.28 -49.59
N GLN H 719 54.38 -20.03 -49.52
CA GLN H 719 54.47 -21.47 -49.65
C GLN H 719 54.95 -21.86 -51.04
N SER H 720 54.46 -21.19 -52.08
CA SER H 720 54.91 -21.48 -53.42
C SER H 720 56.38 -21.16 -53.57
N ILE H 721 56.84 -20.07 -52.97
CA ILE H 721 58.26 -19.75 -53.01
C ILE H 721 59.06 -20.82 -52.29
N TYR H 722 58.58 -21.32 -51.15
CA TYR H 722 59.34 -22.34 -50.46
C TYR H 722 59.32 -23.65 -51.23
N ALA H 723 58.21 -23.97 -51.87
CA ALA H 723 58.13 -25.21 -52.64
C ALA H 723 58.97 -25.13 -53.90
N LYS H 724 59.24 -23.92 -54.39
CA LYS H 724 60.09 -23.77 -55.56
C LYS H 724 61.56 -23.69 -55.17
N TYR H 725 61.92 -22.80 -54.26
CA TYR H 725 63.32 -22.49 -53.96
C TYR H 725 63.79 -22.93 -52.59
N GLY H 726 63.02 -23.75 -51.86
CA GLY H 726 63.40 -24.12 -50.51
C GLY H 726 64.34 -25.29 -50.49
N ALA H 727 65.63 -25.00 -50.33
CA ALA H 727 66.65 -26.02 -50.41
C ALA H 727 66.58 -26.95 -49.19
N LYS H 728 67.30 -28.06 -49.28
CA LYS H 728 67.40 -28.96 -48.15
C LYS H 728 68.00 -28.23 -46.96
N GLY H 729 67.34 -28.35 -45.81
CA GLY H 729 67.75 -27.67 -44.61
C GLY H 729 67.21 -26.27 -44.45
N SER H 730 66.56 -25.72 -45.46
CA SER H 730 66.00 -24.37 -45.38
C SER H 730 64.62 -24.44 -44.75
N THR H 731 64.31 -23.44 -43.94
CA THR H 731 63.00 -23.31 -43.32
C THR H 731 62.52 -21.89 -43.48
N LEU H 732 61.30 -21.72 -43.96
CA LEU H 732 60.68 -20.41 -44.11
C LEU H 732 59.64 -20.23 -43.03
N ILE H 733 59.81 -19.21 -42.19
CA ILE H 733 58.85 -18.86 -41.15
C ILE H 733 58.18 -17.56 -41.56
N VAL H 734 56.95 -17.66 -42.04
CA VAL H 734 56.16 -16.49 -42.43
C VAL H 734 55.39 -16.03 -41.21
N VAL H 735 55.63 -14.81 -40.76
CA VAL H 735 54.94 -14.28 -39.59
C VAL H 735 54.22 -12.99 -39.94
N PRO H 736 53.02 -12.73 -39.40
CA PRO H 736 52.48 -11.37 -39.49
C PRO H 736 53.30 -10.43 -38.63
N PHE H 737 53.38 -9.18 -39.07
CA PHE H 737 54.30 -8.25 -38.44
C PHE H 737 53.98 -6.85 -38.90
N ASN H 738 54.10 -5.91 -37.97
CA ASN H 738 54.04 -4.49 -38.25
C ASN H 738 55.35 -3.89 -37.74
N GLN H 739 56.26 -3.60 -38.65
CA GLN H 739 57.52 -2.97 -38.26
C GLN H 739 57.31 -1.58 -37.71
N GLY H 740 56.12 -0.99 -37.91
CA GLY H 740 55.83 0.30 -37.33
C GLY H 740 55.43 0.28 -35.88
N SER H 741 55.32 -0.91 -35.27
CA SER H 741 54.98 -1.01 -33.86
C SER H 741 56.12 -1.69 -33.09
N LYS H 742 56.62 -1.00 -32.08
CA LYS H 742 57.72 -1.54 -31.28
C LYS H 742 57.28 -2.77 -30.50
N GLN H 743 56.00 -2.87 -30.15
CA GLN H 743 55.52 -4.07 -29.51
C GLN H 743 55.71 -5.28 -30.42
N ASP H 744 55.38 -5.14 -31.71
CA ASP H 744 55.62 -6.23 -32.63
C ASP H 744 57.11 -6.47 -32.82
N VAL H 745 57.92 -5.40 -32.85
CA VAL H 745 59.37 -5.61 -32.99
C VAL H 745 59.89 -6.48 -31.85
N GLU H 746 59.57 -6.08 -30.62
CA GLU H 746 60.02 -6.84 -29.45
C GLU H 746 59.44 -8.25 -29.46
N ALA H 747 58.15 -8.39 -29.79
CA ALA H 747 57.52 -9.70 -29.76
C ALA H 747 58.10 -10.64 -30.80
N LEU H 748 58.39 -10.13 -32.00
CA LEU H 748 59.01 -10.95 -33.03
C LEU H 748 60.39 -11.39 -32.62
N ILE H 749 61.19 -10.47 -32.06
CA ILE H 749 62.55 -10.87 -31.68
C ILE H 749 62.50 -11.88 -30.54
N GLU H 750 61.57 -11.69 -29.59
CA GLU H 750 61.38 -12.64 -28.51
C GLU H 750 60.95 -14.01 -29.05
N PHE H 751 60.05 -14.01 -30.03
CA PHE H 751 59.60 -15.27 -30.62
C PHE H 751 60.74 -15.98 -31.34
N ILE H 752 61.59 -15.22 -32.04
CA ILE H 752 62.72 -15.82 -32.73
C ILE H 752 63.70 -16.42 -31.73
N TYR H 753 63.96 -15.73 -30.64
CA TYR H 753 65.02 -16.13 -29.73
C TYR H 753 64.56 -17.07 -28.62
N ASP H 754 63.27 -17.19 -28.37
CA ASP H 754 62.78 -18.07 -27.33
C ASP H 754 62.97 -19.52 -27.73
N THR H 755 63.04 -20.38 -26.73
CA THR H 755 63.17 -21.80 -26.97
C THR H 755 61.90 -22.35 -27.60
N GLU H 756 62.05 -23.48 -28.31
CA GLU H 756 60.89 -24.13 -28.90
C GLU H 756 59.89 -24.56 -27.82
N LYS H 757 60.37 -24.89 -26.63
CA LYS H 757 59.48 -25.28 -25.55
C LYS H 757 58.57 -24.14 -25.14
N ASN H 758 59.09 -22.91 -25.12
CA ASN H 758 58.34 -21.73 -24.72
C ASN H 758 57.55 -21.11 -25.86
N GLY H 759 57.31 -21.87 -26.94
CA GLY H 759 56.56 -21.35 -28.07
C GLY H 759 57.36 -20.55 -29.07
N GLY H 760 58.67 -20.43 -28.89
CA GLY H 760 59.53 -19.71 -29.81
C GLY H 760 60.09 -20.61 -30.88
N LEU H 761 61.08 -20.08 -31.60
CA LEU H 761 61.82 -20.86 -32.59
C LEU H 761 63.14 -21.41 -32.08
N GLY H 762 63.72 -20.82 -31.05
CA GLY H 762 65.03 -21.24 -30.60
C GLY H 762 66.12 -20.94 -31.60
N TRP H 763 65.99 -19.83 -32.33
CA TRP H 763 66.94 -19.44 -33.36
C TRP H 763 67.80 -18.30 -32.85
N ASP H 764 69.00 -18.20 -33.40
CA ASP H 764 69.89 -17.07 -33.21
C ASP H 764 70.21 -16.50 -34.58
N LEU H 765 69.86 -15.23 -34.79
CA LEU H 765 69.94 -14.66 -36.13
C LEU H 765 71.38 -14.43 -36.55
N ASP H 766 71.72 -14.90 -37.75
CA ASP H 766 72.99 -14.57 -38.38
C ASP H 766 72.90 -13.35 -39.28
N ALA H 767 71.73 -13.04 -39.80
CA ALA H 767 71.56 -11.87 -40.65
C ALA H 767 70.21 -11.22 -40.37
N ILE H 768 70.18 -9.90 -40.52
CA ILE H 768 68.96 -9.12 -40.41
C ILE H 768 68.88 -8.25 -41.66
N ILE H 769 67.74 -8.31 -42.34
CA ILE H 769 67.52 -7.61 -43.61
C ILE H 769 66.21 -6.85 -43.45
N PRO H 770 66.23 -5.68 -42.83
CA PRO H 770 64.97 -4.94 -42.59
C PRO H 770 64.59 -4.04 -43.77
N PHE H 771 64.03 -4.65 -44.81
CA PHE H 771 63.65 -3.95 -46.02
C PHE H 771 62.20 -3.49 -46.01
N ALA H 772 61.51 -3.61 -44.88
CA ALA H 772 60.14 -3.11 -44.79
C ALA H 772 60.13 -1.60 -44.88
N ALA H 773 59.16 -1.08 -45.63
CA ALA H 773 58.99 0.36 -45.81
C ALA H 773 57.61 0.59 -46.40
N ILE H 774 57.15 1.84 -46.32
CA ILE H 774 55.93 2.25 -46.99
C ILE H 774 56.28 3.40 -47.93
N PRO H 775 55.64 3.51 -49.08
CA PRO H 775 56.02 4.59 -50.00
C PRO H 775 55.56 5.95 -49.50
N GLU H 776 56.20 6.98 -50.04
CA GLU H 776 55.84 8.37 -49.79
C GLU H 776 55.97 9.10 -51.11
N GLN H 777 54.85 9.55 -51.66
CA GLN H 777 54.83 10.28 -52.91
C GLN H 777 54.11 11.60 -52.73
N GLY H 778 54.69 12.66 -53.28
CA GLY H 778 54.08 13.97 -53.18
C GLY H 778 53.95 14.45 -51.76
N ILE H 779 54.95 14.18 -50.93
CA ILE H 779 55.00 14.65 -49.55
C ILE H 779 56.30 15.44 -49.41
N GLU H 780 56.23 16.74 -49.65
CA GLU H 780 57.37 17.62 -49.48
C GLU H 780 57.50 17.97 -48.01
N LEU H 781 58.35 18.95 -47.70
CA LEU H 781 58.55 19.38 -46.33
C LEU H 781 57.24 19.82 -45.69
N GLU H 782 56.47 20.65 -46.38
CA GLU H 782 55.23 21.18 -45.82
C GLU H 782 54.18 20.11 -45.60
N HIS H 783 54.35 18.92 -46.20
CA HIS H 783 53.40 17.82 -46.09
C HIS H 783 53.84 16.75 -45.09
N ILE H 784 54.93 16.96 -44.35
CA ILE H 784 55.34 15.99 -43.35
C ILE H 784 54.25 15.93 -42.28
N ASP H 785 53.79 14.72 -41.98
CA ASP H 785 52.59 14.54 -41.20
C ASP H 785 52.62 13.14 -40.59
N SER H 786 51.45 12.65 -40.20
CA SER H 786 51.32 11.33 -39.57
C SER H 786 51.94 10.24 -40.42
N LYS H 787 51.67 10.23 -41.72
CA LYS H 787 52.17 9.16 -42.57
C LYS H 787 53.69 9.17 -42.64
N SER H 788 54.29 10.36 -42.77
CA SER H 788 55.74 10.45 -42.82
C SER H 788 56.36 10.07 -41.48
N GLU H 789 55.70 10.44 -40.37
CA GLU H 789 56.18 10.01 -39.06
C GLU H 789 56.15 8.49 -38.92
N PHE H 790 55.04 7.86 -39.35
CA PHE H 790 54.94 6.42 -39.25
C PHE H 790 55.95 5.73 -40.15
N ALA H 791 56.13 6.25 -41.37
CA ALA H 791 57.12 5.70 -42.28
C ALA H 791 58.51 5.81 -41.70
N HIS H 792 58.84 6.98 -41.13
CA HIS H 792 60.14 7.14 -40.51
C HIS H 792 60.31 6.20 -39.35
N ARG H 793 59.25 5.98 -38.58
CA ARG H 793 59.33 5.02 -37.49
C ARG H 793 59.71 3.65 -38.02
N ILE H 794 58.99 3.17 -39.04
CA ILE H 794 59.29 1.86 -39.64
C ILE H 794 60.73 1.81 -40.13
N MET H 795 61.14 2.82 -40.89
CA MET H 795 62.40 2.73 -41.64
C MET H 795 63.62 3.03 -40.80
N LEU H 796 63.49 3.79 -39.71
CA LEU H 796 64.62 4.12 -38.85
C LEU H 796 64.43 3.61 -37.42
N THR H 797 63.36 4.02 -36.75
CA THR H 797 63.32 3.89 -35.30
C THR H 797 63.08 2.45 -34.90
N ASN H 798 62.19 1.77 -35.62
CA ASN H 798 61.90 0.39 -35.27
C ASN H 798 62.94 -0.55 -35.84
N ILE H 799 63.71 -0.13 -36.84
CA ILE H 799 64.89 -0.91 -37.22
C ILE H 799 65.96 -0.80 -36.13
N LEU H 800 66.15 0.39 -35.58
CA LEU H 800 67.06 0.53 -34.45
C LEU H 800 66.57 -0.27 -33.25
N ARG H 801 65.26 -0.26 -33.01
CA ARG H 801 64.70 -1.05 -31.92
C ARG H 801 64.87 -2.54 -32.15
N MET H 802 64.66 -2.99 -33.40
CA MET H 802 64.86 -4.40 -33.73
C MET H 802 66.31 -4.81 -33.54
N MET H 803 67.23 -3.95 -33.98
CA MET H 803 68.65 -4.23 -33.81
C MET H 803 68.99 -4.30 -32.33
N GLY H 804 68.45 -3.37 -31.53
CA GLY H 804 68.68 -3.41 -30.10
C GLY H 804 68.06 -4.61 -29.42
N CYS H 805 66.90 -5.05 -29.92
CA CYS H 805 66.26 -6.25 -29.38
C CYS H 805 67.11 -7.48 -29.63
N VAL H 806 67.66 -7.60 -30.84
CA VAL H 806 68.57 -8.70 -31.13
C VAL H 806 69.80 -8.62 -30.26
N LYS H 807 70.33 -7.42 -30.06
CA LYS H 807 71.46 -7.24 -29.16
C LYS H 807 71.11 -7.72 -27.75
N LYS H 808 69.93 -7.33 -27.26
CA LYS H 808 69.54 -7.69 -25.90
C LYS H 808 69.37 -9.20 -25.76
N GLN H 809 68.79 -9.85 -26.75
CA GLN H 809 68.65 -11.30 -26.68
C GLN H 809 70.01 -11.99 -26.67
N LYS H 810 70.91 -11.57 -27.56
CA LYS H 810 72.22 -12.20 -27.61
C LYS H 810 73.01 -11.95 -26.34
N SER H 811 72.86 -10.76 -25.74
CA SER H 811 73.61 -10.46 -24.52
C SER H 811 73.03 -11.21 -23.33
N ALA H 812 71.71 -11.32 -23.25
CA ALA H 812 71.10 -12.12 -22.19
C ALA H 812 71.53 -13.57 -22.30
N ARG H 813 71.71 -14.07 -23.52
CA ARG H 813 72.19 -15.42 -23.74
C ARG H 813 73.71 -15.52 -23.75
N GLY H 814 74.41 -14.41 -23.57
CA GLY H 814 75.86 -14.42 -23.51
C GLY H 814 76.50 -14.80 -24.84
N ILE H 815 75.94 -14.31 -25.94
CA ILE H 815 76.41 -14.63 -27.28
C ILE H 815 77.25 -13.46 -27.77
N GLU H 816 78.57 -13.66 -27.79
CA GLU H 816 79.52 -12.63 -28.18
C GLU H 816 80.18 -12.96 -29.51
N THR H 817 80.11 -14.22 -29.93
CA THR H 817 80.86 -14.72 -31.08
C THR H 817 79.96 -15.14 -32.24
N ARG H 818 78.70 -14.71 -32.26
CA ARG H 818 77.79 -14.97 -33.38
C ARG H 818 77.05 -13.68 -33.71
N PRO H 819 77.73 -12.70 -34.30
CA PRO H 819 77.04 -11.47 -34.69
C PRO H 819 76.01 -11.72 -35.79
N ALA H 820 74.96 -10.91 -35.74
CA ALA H 820 73.97 -10.84 -36.79
C ALA H 820 74.38 -9.74 -37.77
N GLN H 821 74.42 -10.07 -39.05
CA GLN H 821 74.80 -9.12 -40.07
C GLN H 821 73.56 -8.35 -40.49
N VAL H 822 73.51 -7.07 -40.13
CA VAL H 822 72.39 -6.20 -40.46
C VAL H 822 72.68 -5.58 -41.82
N ILE H 823 71.92 -5.98 -42.82
CA ILE H 823 72.05 -5.43 -44.17
C ILE H 823 71.09 -4.25 -44.24
N LEU H 824 71.62 -3.07 -44.01
CA LEU H 824 70.80 -1.86 -43.98
C LEU H 824 70.51 -1.40 -45.40
N PRO H 825 69.23 -1.24 -45.79
CA PRO H 825 68.93 -0.67 -47.12
C PRO H 825 69.12 0.83 -47.11
N MET H 826 70.15 1.29 -47.80
CA MET H 826 70.53 2.69 -47.82
C MET H 826 70.28 3.27 -49.21
N SER H 827 69.94 4.53 -49.26
CA SER H 827 69.71 5.20 -50.52
C SER H 827 70.92 6.03 -50.90
N PRO H 828 71.37 6.04 -52.15
CA PRO H 828 72.42 6.99 -52.53
C PRO H 828 71.98 8.43 -52.43
N ASN H 829 70.68 8.67 -52.59
CA ASN H 829 70.13 10.01 -52.70
C ASN H 829 69.32 10.33 -51.45
N HIS H 830 69.71 11.38 -50.74
CA HIS H 830 69.06 11.80 -49.50
C HIS H 830 68.48 13.19 -49.75
N GLY H 831 67.27 13.23 -50.27
CA GLY H 831 66.59 14.48 -50.54
C GLY H 831 66.86 15.08 -51.91
N THR H 832 67.48 14.33 -52.83
CA THR H 832 67.76 14.88 -54.14
C THR H 832 66.50 14.90 -55.00
N PHE H 833 65.61 13.93 -54.81
CA PHE H 833 64.35 13.91 -55.55
C PHE H 833 63.29 14.76 -54.87
N GLY H 834 63.16 14.65 -53.56
CA GLY H 834 62.16 15.38 -52.82
C GLY H 834 60.79 14.74 -52.95
N GLY H 835 59.84 15.32 -52.21
CA GLY H 835 58.46 14.85 -52.27
C GLY H 835 58.30 13.41 -51.84
N ASP H 836 59.23 12.90 -51.03
CA ASP H 836 59.19 11.52 -50.55
C ASP H 836 59.01 11.48 -49.04
N GLY H 837 58.40 12.53 -48.48
CA GLY H 837 58.16 12.54 -47.05
C GLY H 837 59.44 12.56 -46.26
N MET H 838 59.62 11.53 -45.44
CA MET H 838 60.73 11.43 -44.50
C MET H 838 61.72 10.32 -44.90
N TYR H 839 61.61 9.83 -46.13
CA TYR H 839 62.40 8.69 -46.58
C TYR H 839 63.89 9.02 -46.56
N SER H 840 64.24 10.20 -47.05
CA SER H 840 65.63 10.61 -47.04
C SER H 840 66.16 10.73 -45.62
N GLU H 841 65.33 11.26 -44.71
CA GLU H 841 65.74 11.35 -43.31
C GLU H 841 66.06 9.98 -42.76
N SER H 842 65.19 9.00 -43.02
CA SER H 842 65.40 7.66 -42.48
C SER H 842 66.66 7.02 -43.06
N LYS H 843 66.80 7.07 -44.38
CA LYS H 843 67.96 6.45 -45.02
C LYS H 843 69.25 7.12 -44.57
N LEU H 844 69.26 8.45 -44.46
CA LEU H 844 70.48 9.15 -44.07
C LEU H 844 70.82 8.87 -42.61
N SER H 845 69.82 8.86 -41.73
CA SER H 845 70.07 8.54 -40.33
C SER H 845 70.54 7.10 -40.16
N LEU H 846 70.24 6.23 -41.13
CA LEU H 846 70.70 4.85 -41.03
C LEU H 846 72.22 4.73 -41.15
N GLU H 847 72.92 5.79 -41.56
CA GLU H 847 74.39 5.74 -41.61
C GLU H 847 75.05 6.00 -40.26
N THR H 848 74.32 6.45 -39.25
CA THR H 848 74.91 6.58 -37.92
C THR H 848 75.38 5.26 -37.35
N LEU H 849 74.85 4.14 -37.85
CA LEU H 849 75.18 2.84 -37.27
C LEU H 849 76.63 2.48 -37.51
N PHE H 850 77.24 3.00 -38.57
CA PHE H 850 78.66 2.78 -38.81
C PHE H 850 79.50 3.29 -37.65
N ASN H 851 79.22 4.51 -37.18
CA ASN H 851 79.99 5.05 -36.06
C ASN H 851 79.53 4.46 -34.73
N ARG H 852 78.23 4.16 -34.61
CA ARG H 852 77.73 3.56 -33.37
C ARG H 852 78.33 2.18 -33.14
N TRP H 853 78.64 1.46 -34.22
CA TRP H 853 79.25 0.14 -34.09
C TRP H 853 80.59 0.22 -33.37
N HIS H 854 81.39 1.25 -33.69
CA HIS H 854 82.64 1.45 -32.98
C HIS H 854 82.43 2.07 -31.60
N SER H 855 81.48 2.97 -31.45
CA SER H 855 81.39 3.79 -30.25
C SER H 855 80.51 3.20 -29.15
N GLU H 856 79.82 2.09 -29.40
CA GLU H 856 78.94 1.47 -28.41
C GLU H 856 79.34 0.02 -28.23
N SER H 857 78.63 -0.66 -27.32
CA SER H 857 79.00 -2.00 -26.87
C SER H 857 78.11 -3.08 -27.48
N TRP H 858 77.69 -2.92 -28.74
CA TRP H 858 76.93 -3.94 -29.45
C TRP H 858 77.65 -4.43 -30.71
N ALA H 859 78.96 -4.16 -30.82
CA ALA H 859 79.70 -4.58 -32.00
C ALA H 859 79.76 -6.09 -32.11
N ASN H 860 79.89 -6.78 -30.96
CA ASN H 860 80.06 -8.22 -30.97
C ASN H 860 78.77 -8.97 -31.27
N GLN H 861 77.62 -8.29 -31.21
CA GLN H 861 76.34 -8.92 -31.46
C GLN H 861 75.75 -8.57 -32.81
N LEU H 862 76.12 -7.43 -33.37
CA LEU H 862 75.64 -7.01 -34.68
C LEU H 862 76.79 -6.43 -35.48
N THR H 863 76.78 -6.72 -36.79
CA THR H 863 77.73 -6.14 -37.73
C THR H 863 76.95 -5.36 -38.78
N VAL H 864 77.37 -4.12 -39.03
CA VAL H 864 76.64 -3.20 -39.88
C VAL H 864 77.14 -3.35 -41.31
N CYS H 865 76.22 -3.56 -42.24
CA CYS H 865 76.51 -3.66 -43.67
C CYS H 865 75.51 -2.77 -44.39
N GLY H 866 75.92 -1.54 -44.65
CA GLY H 866 75.05 -0.63 -45.38
C GLY H 866 75.13 -0.85 -46.88
N ALA H 867 74.06 -1.35 -47.47
CA ALA H 867 73.97 -1.55 -48.91
C ALA H 867 73.27 -0.36 -49.53
N ILE H 868 74.04 0.51 -50.20
CA ILE H 868 73.51 1.65 -50.92
C ILE H 868 72.92 1.09 -52.22
N ILE H 869 71.62 0.85 -52.22
CA ILE H 869 70.95 0.15 -53.31
C ILE H 869 70.68 1.14 -54.44
N GLY H 870 71.07 0.76 -55.65
CA GLY H 870 70.91 1.61 -56.81
C GLY H 870 69.54 1.52 -57.42
N TRP H 871 69.39 2.17 -58.56
CA TRP H 871 68.15 2.16 -59.30
C TRP H 871 67.77 0.73 -59.64
N THR H 872 66.66 0.26 -59.07
CA THR H 872 66.14 -1.08 -59.27
C THR H 872 64.82 -1.00 -60.01
N ARG H 873 64.68 -1.79 -61.05
CA ARG H 873 63.47 -1.79 -61.86
C ARG H 873 62.46 -2.75 -61.25
N GLY H 874 61.26 -2.24 -60.95
CA GLY H 874 60.21 -3.05 -60.38
C GLY H 874 59.32 -3.68 -61.43
N ALA H 880 56.47 4.51 -64.63
CA ALA H 880 56.77 5.79 -63.98
C ALA H 880 58.27 5.99 -63.87
N ASN H 881 58.91 5.11 -63.09
CA ASN H 881 60.34 5.15 -62.85
C ASN H 881 61.09 4.14 -63.70
N ASN H 882 60.42 3.52 -64.67
CA ASN H 882 61.01 2.48 -65.50
C ASN H 882 61.08 2.93 -66.96
N ILE H 883 60.20 3.86 -67.34
CA ILE H 883 60.18 4.32 -68.72
C ILE H 883 61.45 5.10 -69.04
N ILE H 884 62.11 5.64 -68.02
CA ILE H 884 63.34 6.42 -68.23
C ILE H 884 64.59 5.68 -67.78
N ALA H 885 64.48 4.39 -67.45
CA ALA H 885 65.66 3.62 -67.09
C ALA H 885 66.59 3.44 -68.29
N GLU H 886 66.01 3.20 -69.46
CA GLU H 886 66.82 3.18 -70.67
C GLU H 886 67.51 4.52 -70.90
N GLY H 887 66.80 5.62 -70.63
CA GLY H 887 67.38 6.93 -70.79
C GLY H 887 68.54 7.20 -69.86
N ILE H 888 68.46 6.77 -68.60
CA ILE H 888 69.60 6.92 -67.69
C ILE H 888 70.72 5.93 -68.01
N GLU H 889 70.43 4.83 -68.72
CA GLU H 889 71.51 3.93 -69.13
C GLU H 889 72.38 4.48 -70.26
N LYS H 890 72.02 5.60 -70.88
CA LYS H 890 72.71 6.04 -72.09
C LYS H 890 74.02 6.76 -71.83
N MET H 891 74.42 6.94 -70.57
CA MET H 891 75.71 7.52 -70.20
C MET H 891 76.53 6.62 -69.31
N GLY H 892 76.36 5.31 -69.39
CA GLY H 892 77.15 4.39 -68.63
C GLY H 892 76.67 4.17 -67.22
N VAL H 893 75.65 4.91 -66.78
CA VAL H 893 74.98 4.58 -65.54
C VAL H 893 74.31 3.23 -65.71
N ARG H 894 74.40 2.40 -64.68
CA ARG H 894 73.91 1.03 -64.74
C ARG H 894 72.73 0.89 -63.79
N THR H 895 71.61 0.42 -64.33
CA THR H 895 70.38 0.24 -63.58
C THR H 895 70.09 -1.25 -63.48
N PHE H 896 69.57 -1.68 -62.34
CA PHE H 896 69.49 -3.08 -61.98
C PHE H 896 68.04 -3.56 -61.99
N SER H 897 67.87 -4.86 -62.16
CA SER H 897 66.59 -5.51 -61.98
C SER H 897 66.48 -5.98 -60.53
N GLN H 898 65.30 -6.48 -60.17
CA GLN H 898 65.12 -6.99 -58.82
C GLN H 898 66.02 -8.19 -58.58
N LYS H 899 66.14 -9.06 -59.58
CA LYS H 899 67.04 -10.20 -59.48
C LYS H 899 68.49 -9.76 -59.34
N GLU H 900 68.93 -8.79 -60.15
CA GLU H 900 70.32 -8.34 -60.08
C GLU H 900 70.62 -7.68 -58.74
N MET H 901 69.72 -6.83 -58.26
CA MET H 901 69.93 -6.19 -56.97
C MET H 901 69.91 -7.21 -55.84
N ALA H 902 69.04 -8.21 -55.93
CA ALA H 902 69.02 -9.26 -54.92
C ALA H 902 70.31 -10.06 -54.94
N PHE H 903 70.85 -10.32 -56.13
CA PHE H 903 72.15 -10.99 -56.22
C PHE H 903 73.24 -10.14 -55.60
N ASN H 904 73.23 -8.83 -55.87
CA ASN H 904 74.20 -7.92 -55.26
C ASN H 904 74.09 -7.95 -53.75
N LEU H 905 72.86 -8.02 -53.23
CA LEU H 905 72.67 -7.99 -51.79
C LEU H 905 73.06 -9.31 -51.15
N LEU H 906 72.73 -10.43 -51.80
CA LEU H 906 73.17 -11.73 -51.30
C LEU H 906 74.67 -11.89 -51.40
N GLY H 907 75.32 -11.11 -52.26
CA GLY H 907 76.77 -11.08 -52.27
C GLY H 907 77.34 -10.52 -51.00
N LEU H 908 76.56 -9.73 -50.27
CA LEU H 908 76.96 -9.26 -48.95
C LEU H 908 76.82 -10.32 -47.87
N LEU H 909 76.15 -11.43 -48.15
CA LEU H 909 76.02 -12.53 -47.21
C LEU H 909 76.99 -13.66 -47.49
N THR H 910 77.94 -13.47 -48.40
CA THR H 910 78.99 -14.44 -48.59
C THR H 910 79.88 -14.49 -47.35
N PRO H 911 80.57 -15.61 -47.10
CA PRO H 911 81.42 -15.69 -45.89
C PRO H 911 82.49 -14.61 -45.83
N GLU H 912 83.04 -14.21 -46.98
CA GLU H 912 84.13 -13.24 -46.96
C GLU H 912 83.61 -11.85 -46.60
N VAL H 913 82.46 -11.45 -47.16
CA VAL H 913 81.89 -10.16 -46.77
C VAL H 913 81.38 -10.21 -45.34
N VAL H 914 80.93 -11.39 -44.89
CA VAL H 914 80.54 -11.54 -43.49
C VAL H 914 81.73 -11.29 -42.58
N GLU H 915 82.88 -11.89 -42.89
CA GLU H 915 84.07 -11.68 -42.08
C GLU H 915 84.52 -10.22 -42.16
N LEU H 916 84.36 -9.60 -43.32
CA LEU H 916 84.68 -8.19 -43.46
C LEU H 916 83.81 -7.33 -42.55
N CYS H 917 82.51 -7.61 -42.49
CA CYS H 917 81.62 -6.88 -41.60
C CYS H 917 82.00 -7.11 -40.14
N GLN H 918 82.39 -8.34 -39.80
CA GLN H 918 82.79 -8.62 -38.43
C GLN H 918 84.06 -7.86 -38.06
N LYS H 919 85.00 -7.75 -38.99
CA LYS H 919 86.22 -6.97 -38.71
C LYS H 919 85.90 -5.48 -38.58
N SER H 920 85.01 -4.97 -39.43
CA SER H 920 84.62 -3.57 -39.36
C SER H 920 83.39 -3.37 -40.23
N PRO H 921 82.52 -2.41 -39.90
CA PRO H 921 81.30 -2.24 -40.69
C PRO H 921 81.61 -1.86 -42.11
N VAL H 922 80.79 -2.37 -43.04
CA VAL H 922 81.06 -2.20 -44.46
C VAL H 922 79.97 -1.35 -45.09
N MET H 923 80.39 -0.59 -46.09
CA MET H 923 79.52 0.26 -46.90
C MET H 923 79.63 -0.25 -48.33
N ALA H 924 78.73 -1.14 -48.72
CA ALA H 924 78.65 -1.57 -50.11
C ALA H 924 77.86 -0.55 -50.90
N ASP H 925 78.43 -0.10 -52.02
CA ASP H 925 77.74 0.78 -52.96
C ASP H 925 77.36 -0.06 -54.18
N LEU H 926 76.06 -0.29 -54.34
CA LEU H 926 75.50 -1.01 -55.48
C LEU H 926 74.73 -0.03 -56.36
N ASN H 927 75.25 1.18 -56.49
CA ASN H 927 74.50 2.28 -57.10
C ASN H 927 74.60 2.30 -58.61
N GLY H 928 75.43 1.45 -59.21
CA GLY H 928 75.52 1.42 -60.66
C GLY H 928 76.11 2.68 -61.27
N GLY H 929 76.87 3.44 -60.48
CA GLY H 929 77.42 4.67 -60.99
C GLY H 929 76.43 5.80 -61.11
N LEU H 930 75.26 5.68 -60.49
CA LEU H 930 74.24 6.72 -60.55
C LEU H 930 74.70 8.02 -59.90
N GLN H 931 75.68 7.96 -59.01
CA GLN H 931 76.10 9.16 -58.30
C GLN H 931 76.91 10.12 -59.18
N PHE H 932 77.47 9.63 -60.29
CA PHE H 932 78.38 10.45 -61.08
C PHE H 932 77.66 11.35 -62.07
N VAL H 933 76.38 11.13 -62.33
CA VAL H 933 75.68 12.09 -63.20
C VAL H 933 75.43 13.37 -62.41
N PRO H 934 75.70 14.56 -62.96
CA PRO H 934 75.41 15.79 -62.21
C PRO H 934 73.94 16.16 -62.30
N GLU H 935 73.39 16.61 -61.17
CA GLU H 935 71.99 17.03 -61.09
C GLU H 935 71.07 15.90 -61.55
N LEU H 936 71.13 14.80 -60.82
CA LEU H 936 70.39 13.60 -61.20
C LEU H 936 68.87 13.83 -61.14
N LYS H 937 68.41 14.60 -60.15
CA LYS H 937 66.98 14.89 -60.06
C LYS H 937 66.49 15.66 -61.27
N GLU H 938 67.22 16.73 -61.64
CA GLU H 938 66.81 17.54 -62.78
C GLU H 938 66.93 16.75 -64.08
N PHE H 939 67.96 15.92 -64.20
CA PHE H 939 68.14 15.08 -65.37
C PHE H 939 66.99 14.08 -65.51
N THR H 940 66.61 13.44 -64.40
CA THR H 940 65.49 12.52 -64.43
C THR H 940 64.20 13.23 -64.79
N ALA H 941 63.99 14.43 -64.24
CA ALA H 941 62.82 15.21 -64.61
C ALA H 941 62.82 15.51 -66.10
N LYS H 942 63.98 15.83 -66.67
CA LYS H 942 64.01 16.18 -68.08
C LYS H 942 63.77 14.95 -68.94
N LEU H 943 64.28 13.79 -68.52
CA LEU H 943 64.00 12.55 -69.25
C LEU H 943 62.50 12.26 -69.26
N ARG H 944 61.87 12.33 -68.09
CA ARG H 944 60.44 12.05 -68.01
C ARG H 944 59.64 13.07 -68.82
N LYS H 945 60.03 14.35 -68.75
CA LYS H 945 59.34 15.38 -69.49
C LYS H 945 59.48 15.16 -70.99
N GLU H 946 60.67 14.78 -71.45
CA GLU H 946 60.88 14.51 -72.87
C GLU H 946 60.02 13.35 -73.34
N LEU H 947 60.03 12.26 -72.57
CA LEU H 947 59.25 11.08 -72.95
C LEU H 947 57.75 11.39 -72.93
N VAL H 948 57.29 12.11 -71.91
CA VAL H 948 55.89 12.47 -71.78
C VAL H 948 55.46 13.38 -72.93
N GLU H 949 56.27 14.40 -73.24
CA GLU H 949 55.89 15.33 -74.30
C GLU H 949 55.87 14.62 -75.64
N THR H 950 56.83 13.72 -75.88
CA THR H 950 56.83 12.97 -77.13
C THR H 950 55.58 12.11 -77.24
N SER H 951 55.23 11.40 -76.16
CA SER H 951 54.04 10.55 -76.20
C SER H 951 52.77 11.37 -76.42
N GLU H 952 52.65 12.50 -75.70
CA GLU H 952 51.44 13.31 -75.80
C GLU H 952 51.33 13.96 -77.18
N VAL H 953 52.43 14.49 -77.70
CA VAL H 953 52.40 15.10 -79.03
C VAL H 953 52.03 14.07 -80.07
N ARG H 954 52.63 12.88 -80.00
CA ARG H 954 52.33 11.84 -80.98
C ARG H 954 50.86 11.42 -80.88
N LYS H 955 50.36 11.25 -79.67
CA LYS H 955 48.96 10.86 -79.48
C LYS H 955 48.02 11.92 -80.04
N ALA H 956 48.26 13.19 -79.72
CA ALA H 956 47.39 14.26 -80.20
C ALA H 956 47.44 14.37 -81.72
N VAL H 957 48.63 14.28 -82.31
CA VAL H 957 48.75 14.38 -83.76
C VAL H 957 48.06 13.21 -84.43
N SER H 958 48.20 12.01 -83.89
CA SER H 958 47.52 10.86 -84.47
C SER H 958 46.01 11.02 -84.38
N ILE H 959 45.50 11.49 -83.24
CA ILE H 959 44.07 11.66 -83.09
C ILE H 959 43.55 12.71 -84.06
N GLU H 960 44.28 13.82 -84.21
CA GLU H 960 43.81 14.87 -85.10
C GLU H 960 43.90 14.44 -86.56
N THR H 961 44.93 13.70 -86.92
CA THR H 961 45.01 13.16 -88.28
C THR H 961 43.87 12.20 -88.53
N ALA H 962 43.53 11.36 -87.55
CA ALA H 962 42.40 10.45 -87.71
C ALA H 962 41.11 11.21 -87.88
N LEU H 963 40.89 12.26 -87.08
CA LEU H 963 39.67 13.05 -87.21
C LEU H 963 39.59 13.77 -88.55
N GLU H 964 40.71 14.33 -89.01
CA GLU H 964 40.73 14.97 -90.32
C GLU H 964 40.44 13.97 -91.43
N HIS H 965 41.04 12.78 -91.36
CA HIS H 965 40.78 11.76 -92.36
C HIS H 965 39.32 11.35 -92.35
N LYS H 966 38.75 11.18 -91.16
CA LYS H 966 37.35 10.76 -91.08
C LYS H 966 36.43 11.85 -91.62
N VAL H 967 36.73 13.11 -91.32
CA VAL H 967 35.92 14.22 -91.84
C VAL H 967 36.02 14.27 -93.36
N VAL H 968 37.23 14.09 -93.90
CA VAL H 968 37.42 14.21 -95.35
C VAL H 968 36.73 13.06 -96.08
N ASN H 969 36.92 11.83 -95.61
CA ASN H 969 36.45 10.64 -96.32
C ASN H 969 35.14 10.08 -95.80
N GLY H 970 34.48 10.75 -94.87
CA GLY H 970 33.24 10.22 -94.36
C GLY H 970 33.47 9.01 -93.47
N ASN H 971 32.36 8.41 -93.04
CA ASN H 971 32.40 7.20 -92.24
C ASN H 971 32.67 5.98 -93.11
N GLN H 979 35.60 -4.17 -87.33
CA GLN H 979 35.49 -5.62 -87.45
C GLN H 979 34.59 -6.19 -86.36
N VAL H 980 33.63 -7.02 -86.77
CA VAL H 980 32.72 -7.61 -85.81
C VAL H 980 33.49 -8.56 -84.91
N GLU H 981 33.25 -8.46 -83.60
CA GLU H 981 33.97 -9.26 -82.62
C GLU H 981 33.02 -10.32 -82.06
N ILE H 982 33.53 -11.56 -81.98
CA ILE H 982 32.75 -12.70 -81.53
C ILE H 982 33.15 -13.02 -80.11
N GLN H 983 32.19 -13.01 -79.20
CA GLN H 983 32.41 -13.29 -77.80
C GLN H 983 32.11 -14.75 -77.49
N PRO H 984 32.75 -15.35 -76.49
CA PRO H 984 32.45 -16.75 -76.18
C PRO H 984 31.07 -16.92 -75.56
N ARG H 985 30.48 -18.08 -75.80
CA ARG H 985 29.23 -18.49 -75.21
C ARG H 985 29.45 -19.84 -74.52
N ALA H 986 28.90 -19.97 -73.32
CA ALA H 986 29.13 -21.15 -72.50
C ALA H 986 28.50 -22.36 -73.16
N ASN H 987 29.29 -23.40 -73.36
CA ASN H 987 28.85 -24.66 -73.98
C ASN H 987 29.30 -25.77 -73.04
N ILE H 988 28.50 -26.03 -72.01
CA ILE H 988 28.89 -26.98 -70.98
C ILE H 988 28.87 -28.38 -71.56
N GLN H 989 29.99 -29.08 -71.45
CA GLN H 989 30.15 -30.43 -71.98
C GLN H 989 30.03 -31.44 -70.84
N LEU H 990 29.41 -32.57 -71.15
CA LEU H 990 29.28 -33.64 -70.16
C LEU H 990 30.62 -34.29 -69.83
N ASP H 991 31.62 -34.13 -70.69
CA ASP H 991 32.95 -34.69 -70.45
C ASP H 991 32.91 -36.21 -70.40
N PHE H 992 32.27 -36.80 -71.40
CA PHE H 992 32.33 -38.24 -71.55
C PHE H 992 33.77 -38.65 -71.80
N PRO H 993 34.15 -39.88 -71.47
CA PRO H 993 35.53 -40.30 -71.72
C PRO H 993 35.88 -40.23 -73.20
N GLU H 994 37.08 -39.77 -73.48
CA GLU H 994 37.59 -39.78 -74.84
C GLU H 994 37.82 -41.21 -75.26
N LEU H 995 37.29 -41.58 -76.43
CA LEU H 995 37.40 -42.93 -76.97
C LEU H 995 38.43 -42.89 -78.08
N LYS H 996 39.54 -43.58 -77.88
CA LYS H 996 40.63 -43.58 -78.84
C LYS H 996 40.36 -44.61 -79.93
N PRO H 997 41.09 -44.53 -81.05
CA PRO H 997 41.00 -45.58 -82.07
C PRO H 997 41.30 -46.95 -81.48
N TYR H 998 40.77 -47.98 -82.12
CA TYR H 998 40.92 -49.33 -81.59
C TYR H 998 42.39 -49.72 -81.52
N LYS H 999 43.17 -49.36 -82.53
CA LYS H 999 44.58 -49.71 -82.51
C LYS H 999 45.28 -49.04 -81.33
N GLN H 1000 44.97 -47.77 -81.08
CA GLN H 1000 45.60 -47.07 -79.97
C GLN H 1000 45.20 -47.69 -78.63
N VAL H 1001 43.92 -48.05 -78.48
CA VAL H 1001 43.48 -48.61 -77.21
C VAL H 1001 43.99 -50.03 -77.02
N LYS H 1002 44.22 -50.75 -78.12
CA LYS H 1002 44.77 -52.10 -78.02
C LYS H 1002 46.26 -52.08 -77.75
N GLN H 1003 46.97 -51.03 -78.17
CA GLN H 1003 48.42 -50.99 -77.98
C GLN H 1003 48.79 -51.00 -76.50
N ILE H 1004 47.94 -50.44 -75.64
CA ILE H 1004 48.31 -50.28 -74.24
C ILE H 1004 47.93 -51.50 -73.43
N ALA H 1005 46.77 -52.09 -73.69
CA ALA H 1005 46.38 -53.30 -72.98
C ALA H 1005 47.12 -54.50 -73.55
N PRO H 1006 47.36 -55.54 -72.74
CA PRO H 1006 48.05 -56.72 -73.28
C PRO H 1006 47.23 -57.38 -74.39
N ALA H 1007 47.96 -57.92 -75.37
CA ALA H 1007 47.30 -58.57 -76.50
C ALA H 1007 46.52 -59.81 -76.08
N GLU H 1008 46.89 -60.43 -74.97
CA GLU H 1008 46.23 -61.63 -74.48
C GLU H 1008 44.94 -61.33 -73.72
N LEU H 1009 44.61 -60.06 -73.50
CA LEU H 1009 43.39 -59.72 -72.79
C LEU H 1009 42.13 -59.96 -73.61
N GLU H 1010 42.24 -60.10 -74.94
CA GLU H 1010 41.08 -60.22 -75.80
C GLU H 1010 40.35 -61.53 -75.52
N GLY H 1011 39.14 -61.43 -74.97
CA GLY H 1011 38.36 -62.61 -74.65
C GLY H 1011 38.77 -63.30 -73.37
N LEU H 1012 39.79 -62.79 -72.68
CA LEU H 1012 40.24 -63.41 -71.44
C LEU H 1012 39.29 -63.10 -70.28
N LEU H 1013 38.72 -61.90 -70.28
CA LEU H 1013 37.93 -61.44 -69.14
C LEU H 1013 36.46 -61.75 -69.34
N ASP H 1014 35.78 -62.07 -68.24
CA ASP H 1014 34.32 -62.17 -68.21
C ASP H 1014 33.79 -60.76 -67.99
N LEU H 1015 33.35 -60.13 -69.09
CA LEU H 1015 32.90 -58.75 -69.00
C LEU H 1015 31.66 -58.62 -68.13
N GLU H 1016 30.85 -59.67 -68.03
CA GLU H 1016 29.76 -59.66 -67.06
C GLU H 1016 30.30 -59.56 -65.63
N ARG H 1017 31.49 -60.10 -65.38
CA ARG H 1017 32.12 -60.03 -64.07
C ARG H 1017 33.04 -58.82 -63.93
N VAL H 1018 33.22 -58.02 -64.98
CA VAL H 1018 33.98 -56.78 -64.89
C VAL H 1018 33.02 -55.65 -64.59
N ILE H 1019 33.32 -54.85 -63.56
CA ILE H 1019 32.48 -53.76 -63.10
C ILE H 1019 33.07 -52.45 -63.61
N VAL H 1020 32.21 -51.58 -64.14
CA VAL H 1020 32.62 -50.33 -64.76
C VAL H 1020 31.76 -49.21 -64.20
N VAL H 1021 32.39 -48.10 -63.81
CA VAL H 1021 31.63 -46.94 -63.38
C VAL H 1021 31.09 -46.28 -64.65
N THR H 1022 29.81 -46.53 -64.93
CA THR H 1022 29.21 -46.01 -66.15
C THR H 1022 28.88 -44.53 -66.03
N GLY H 1023 28.45 -44.08 -64.86
CA GLY H 1023 28.11 -42.68 -64.68
C GLY H 1023 28.45 -42.25 -63.28
N PHE H 1024 28.43 -40.94 -63.06
CA PHE H 1024 28.71 -40.41 -61.73
C PHE H 1024 28.29 -38.96 -61.66
N ALA H 1025 28.02 -38.50 -60.45
CA ALA H 1025 27.69 -37.12 -60.20
C ALA H 1025 27.72 -36.87 -58.71
N GLU H 1026 27.61 -35.60 -58.34
CA GLU H 1026 27.61 -35.23 -56.94
C GLU H 1026 26.94 -33.88 -56.77
N VAL H 1027 26.51 -33.63 -55.55
CA VAL H 1027 26.11 -32.31 -55.09
C VAL H 1027 26.98 -31.99 -53.88
N GLY H 1028 27.82 -30.97 -54.00
CA GLY H 1028 28.77 -30.65 -52.97
C GLY H 1028 29.05 -29.17 -52.88
N PRO H 1029 29.95 -28.77 -51.97
CA PRO H 1029 30.18 -27.33 -51.74
C PRO H 1029 30.69 -26.57 -52.94
N TRP H 1030 31.06 -27.24 -54.02
CA TRP H 1030 31.41 -26.59 -55.28
C TRP H 1030 30.47 -27.04 -56.38
N GLY H 1031 29.21 -27.25 -56.02
CA GLY H 1031 28.20 -27.62 -56.99
C GLY H 1031 28.37 -29.05 -57.47
N SER H 1032 28.30 -29.21 -58.79
CA SER H 1032 28.31 -30.52 -59.39
C SER H 1032 29.72 -31.08 -59.48
N ALA H 1033 29.83 -32.30 -60.01
CA ALA H 1033 31.13 -32.93 -60.20
C ALA H 1033 32.00 -32.09 -61.14
N ARG H 1034 31.40 -31.49 -62.17
CA ARG H 1034 32.16 -30.72 -63.13
C ARG H 1034 32.80 -29.49 -62.50
N THR H 1035 32.01 -28.70 -61.78
CA THR H 1035 32.53 -27.48 -61.18
C THR H 1035 33.48 -27.80 -60.03
N ARG H 1036 33.16 -28.85 -59.26
CA ARG H 1036 34.07 -29.29 -58.22
C ARG H 1036 35.41 -29.70 -58.81
N TRP H 1037 35.40 -30.42 -59.94
CA TRP H 1037 36.64 -30.84 -60.57
C TRP H 1037 37.40 -29.65 -61.12
N GLU H 1038 36.69 -28.67 -61.66
CA GLU H 1038 37.39 -27.48 -62.15
C GLU H 1038 38.12 -26.77 -61.01
N MET H 1039 37.45 -26.58 -59.87
CA MET H 1039 38.12 -25.93 -58.76
C MET H 1039 39.19 -26.83 -58.14
N GLU H 1040 39.03 -28.14 -58.25
CA GLU H 1040 40.04 -29.06 -57.74
C GLU H 1040 41.32 -28.98 -58.56
N ALA H 1041 41.21 -29.08 -59.89
CA ALA H 1041 42.39 -29.18 -60.73
C ALA H 1041 42.96 -27.80 -61.05
N PHE H 1042 42.14 -26.93 -61.61
CA PHE H 1042 42.65 -25.67 -62.15
C PHE H 1042 42.52 -24.51 -61.17
N GLY H 1043 41.82 -24.69 -60.06
CA GLY H 1043 41.73 -23.68 -59.03
C GLY H 1043 40.82 -22.52 -59.36
N GLU H 1044 40.23 -22.49 -60.55
CA GLU H 1044 39.29 -21.45 -60.92
C GLU H 1044 38.29 -22.05 -61.90
N PHE H 1045 37.22 -21.31 -62.14
CA PHE H 1045 36.19 -21.76 -63.05
C PHE H 1045 36.45 -21.19 -64.45
N SER H 1046 36.29 -22.05 -65.45
CA SER H 1046 36.25 -21.60 -66.83
C SER H 1046 34.90 -20.91 -67.06
N LEU H 1047 34.63 -20.49 -68.30
CA LEU H 1047 33.34 -19.90 -68.60
C LEU H 1047 32.21 -20.88 -68.34
N GLU H 1048 32.39 -22.13 -68.78
CA GLU H 1048 31.35 -23.13 -68.61
C GLU H 1048 31.13 -23.43 -67.13
N GLY H 1049 32.21 -23.60 -66.37
CA GLY H 1049 32.06 -23.86 -64.94
C GLY H 1049 31.42 -22.71 -64.20
N CYS H 1050 31.80 -21.48 -64.55
CA CYS H 1050 31.24 -20.32 -63.88
C CYS H 1050 29.76 -20.16 -64.20
N VAL H 1051 29.37 -20.41 -65.46
CA VAL H 1051 27.96 -20.30 -65.82
C VAL H 1051 27.16 -21.42 -65.15
N GLU H 1052 27.74 -22.62 -65.06
CA GLU H 1052 27.08 -23.69 -64.34
C GLU H 1052 26.89 -23.34 -62.87
N MET H 1053 27.90 -22.73 -62.25
CA MET H 1053 27.76 -22.35 -60.85
C MET H 1053 26.72 -21.26 -60.65
N ALA H 1054 26.69 -20.28 -61.55
CA ALA H 1054 25.68 -19.23 -61.44
C ALA H 1054 24.29 -19.80 -61.60
N TRP H 1055 24.11 -20.73 -62.55
CA TRP H 1055 22.83 -21.39 -62.71
C TRP H 1055 22.48 -22.24 -61.49
N ILE H 1056 23.46 -22.93 -60.92
CA ILE H 1056 23.24 -23.75 -59.73
C ILE H 1056 22.76 -22.87 -58.58
N MET H 1057 23.40 -21.71 -58.40
CA MET H 1057 23.05 -20.84 -57.30
C MET H 1057 21.84 -19.99 -57.60
N GLY H 1058 21.32 -20.04 -58.82
CA GLY H 1058 20.21 -19.18 -59.15
C GLY H 1058 20.60 -17.73 -59.33
N PHE H 1059 21.89 -17.44 -59.50
CA PHE H 1059 22.29 -16.09 -59.84
C PHE H 1059 21.77 -15.70 -61.22
N ILE H 1060 21.83 -16.64 -62.16
CA ILE H 1060 21.32 -16.44 -63.52
C ILE H 1060 20.24 -17.47 -63.77
N SER H 1061 19.16 -17.03 -64.39
CA SER H 1061 18.12 -17.92 -64.90
C SER H 1061 18.06 -17.77 -66.41
N TYR H 1062 17.42 -18.74 -67.05
CA TYR H 1062 17.20 -18.67 -68.48
C TYR H 1062 15.92 -17.91 -68.79
N HIS H 1063 15.99 -17.03 -69.78
CA HIS H 1063 14.80 -16.36 -70.30
C HIS H 1063 14.75 -16.54 -71.80
N ASN H 1064 13.54 -16.78 -72.31
CA ASN H 1064 13.33 -16.91 -73.74
C ASN H 1064 12.00 -16.27 -74.07
N GLY H 1065 12.02 -15.20 -74.85
CA GLY H 1065 10.83 -14.52 -75.27
C GLY H 1065 11.01 -13.02 -75.17
N ASN H 1066 9.89 -12.30 -75.23
CA ASN H 1066 9.93 -10.86 -75.14
C ASN H 1066 10.45 -10.42 -73.78
N LEU H 1067 11.36 -9.45 -73.79
CA LEU H 1067 11.93 -8.92 -72.56
C LEU H 1067 12.26 -7.45 -72.79
N LYS H 1068 11.57 -6.57 -72.08
CA LYS H 1068 11.69 -5.13 -72.29
C LYS H 1068 11.38 -4.77 -73.74
N GLY H 1069 10.38 -5.43 -74.30
CA GLY H 1069 10.00 -5.21 -75.68
C GLY H 1069 10.73 -6.11 -76.65
N ARG H 1070 12.05 -5.91 -76.78
CA ARG H 1070 12.81 -6.68 -77.74
C ARG H 1070 12.85 -8.16 -77.33
N PRO H 1071 12.96 -9.08 -78.29
CA PRO H 1071 12.98 -10.50 -77.92
C PRO H 1071 14.37 -10.95 -77.49
N TYR H 1072 14.45 -11.55 -76.30
CA TYR H 1072 15.72 -11.98 -75.73
C TYR H 1072 15.71 -13.48 -75.49
N THR H 1073 16.86 -14.11 -75.77
CA THR H 1073 17.06 -15.53 -75.55
C THR H 1073 18.43 -15.69 -74.90
N GLY H 1074 18.46 -16.08 -73.64
CA GLY H 1074 19.72 -16.31 -72.96
C GLY H 1074 19.56 -16.16 -71.46
N TRP H 1075 20.71 -16.04 -70.80
CA TRP H 1075 20.74 -15.89 -69.35
C TRP H 1075 20.32 -14.48 -68.95
N VAL H 1076 19.59 -14.39 -67.85
CA VAL H 1076 19.21 -13.12 -67.24
C VAL H 1076 19.55 -13.22 -65.76
N ASP H 1077 19.64 -12.05 -65.11
CA ASP H 1077 19.80 -12.04 -63.67
C ASP H 1077 18.50 -12.46 -63.00
N SER H 1078 18.59 -13.41 -62.08
CA SER H 1078 17.38 -14.01 -61.51
C SER H 1078 16.54 -12.97 -60.76
N LYS H 1079 17.19 -12.03 -60.08
CA LYS H 1079 16.49 -11.03 -59.30
C LYS H 1079 16.01 -9.86 -60.15
N THR H 1080 16.90 -9.27 -60.93
CA THR H 1080 16.56 -8.10 -61.72
C THR H 1080 15.98 -8.44 -63.08
N LYS H 1081 16.13 -9.68 -63.54
CA LYS H 1081 15.65 -10.15 -64.84
C LYS H 1081 16.34 -9.46 -66.00
N GLU H 1082 17.40 -8.69 -65.75
CA GLU H 1082 18.09 -8.01 -66.83
C GLU H 1082 18.93 -9.01 -67.61
N PRO H 1083 19.09 -8.82 -68.93
CA PRO H 1083 19.95 -9.74 -69.68
C PRO H 1083 21.38 -9.71 -69.17
N VAL H 1084 21.99 -10.88 -69.12
CA VAL H 1084 23.40 -11.01 -68.77
C VAL H 1084 24.08 -11.89 -69.80
N ASP H 1085 25.17 -11.39 -70.37
CA ASP H 1085 25.92 -12.12 -71.37
C ASP H 1085 26.87 -13.11 -70.70
N ASP H 1086 27.22 -14.14 -71.45
CA ASP H 1086 28.09 -15.19 -70.91
C ASP H 1086 29.44 -14.62 -70.52
N LYS H 1087 29.97 -13.69 -71.32
CA LYS H 1087 31.23 -13.05 -71.00
C LYS H 1087 31.14 -12.27 -69.69
N ASP H 1088 29.99 -11.64 -69.42
CA ASP H 1088 29.77 -10.91 -68.19
C ASP H 1088 29.42 -11.77 -67.01
N VAL H 1089 29.06 -13.05 -67.21
CA VAL H 1089 28.65 -13.88 -66.08
C VAL H 1089 29.77 -13.98 -65.06
N LYS H 1090 31.00 -14.20 -65.53
CA LYS H 1090 32.13 -14.25 -64.62
C LYS H 1090 32.33 -12.91 -63.93
N ALA H 1091 32.43 -11.83 -64.70
CA ALA H 1091 32.69 -10.52 -64.12
C ALA H 1091 31.63 -10.10 -63.11
N LYS H 1092 30.40 -10.60 -63.25
CA LYS H 1092 29.31 -10.18 -62.38
C LYS H 1092 29.07 -11.13 -61.21
N TYR H 1093 29.48 -12.40 -61.31
CA TYR H 1093 29.13 -13.39 -60.31
C TYR H 1093 30.30 -14.15 -59.72
N GLU H 1094 31.54 -13.92 -60.17
CA GLU H 1094 32.67 -14.69 -59.66
C GLU H 1094 32.85 -14.49 -58.16
N THR H 1095 32.82 -13.22 -57.72
CA THR H 1095 33.07 -12.94 -56.32
C THR H 1095 32.00 -13.57 -55.43
N SER H 1096 30.73 -13.44 -55.81
CA SER H 1096 29.65 -14.05 -55.03
C SER H 1096 29.76 -15.57 -55.06
N ILE H 1097 30.09 -16.14 -56.22
CA ILE H 1097 30.23 -17.59 -56.32
C ILE H 1097 31.28 -18.08 -55.36
N LEU H 1098 32.46 -17.47 -55.39
CA LEU H 1098 33.55 -17.91 -54.53
C LEU H 1098 33.20 -17.67 -53.05
N GLU H 1099 32.60 -16.53 -52.75
CA GLU H 1099 32.25 -16.21 -51.37
C GLU H 1099 31.26 -17.22 -50.81
N HIS H 1100 30.36 -17.75 -51.64
CA HIS H 1100 29.30 -18.66 -51.19
C HIS H 1100 29.44 -20.06 -51.78
N SER H 1101 30.68 -20.48 -52.05
CA SER H 1101 30.95 -21.86 -52.40
C SER H 1101 32.06 -22.40 -51.50
N GLY H 1102 32.19 -23.73 -51.49
CA GLY H 1102 33.26 -24.37 -50.77
C GLY H 1102 33.11 -24.26 -49.26
N ILE H 1103 34.24 -24.35 -48.58
CA ILE H 1103 34.30 -24.24 -47.13
C ILE H 1103 34.22 -22.77 -46.75
N ARG H 1104 33.24 -22.42 -45.92
CA ARG H 1104 32.99 -21.03 -45.58
C ARG H 1104 32.25 -20.98 -44.25
N LEU H 1105 32.07 -19.76 -43.74
CA LEU H 1105 31.31 -19.57 -42.51
C LEU H 1105 29.91 -20.15 -42.66
N ILE H 1106 29.43 -20.80 -41.60
CA ILE H 1106 28.13 -21.46 -41.66
C ILE H 1106 27.05 -20.41 -41.87
N GLU H 1107 26.17 -20.66 -42.83
CA GLU H 1107 25.09 -19.74 -43.15
C GLU H 1107 23.80 -20.22 -42.49
N PRO H 1108 23.23 -19.47 -41.54
CA PRO H 1108 21.99 -19.96 -40.90
C PRO H 1108 20.83 -20.15 -41.87
N GLU H 1109 20.78 -19.37 -42.94
CA GLU H 1109 19.69 -19.50 -43.90
C GLU H 1109 19.72 -20.85 -44.61
N LEU H 1110 20.87 -21.53 -44.63
CA LEU H 1110 20.98 -22.85 -45.23
C LEU H 1110 20.77 -23.98 -44.23
N PHE H 1111 20.64 -23.68 -42.94
CA PHE H 1111 20.46 -24.70 -41.91
C PHE H 1111 19.38 -24.25 -40.93
N ASN H 1112 18.39 -23.52 -41.43
CA ASN H 1112 17.20 -23.14 -40.67
C ASN H 1112 17.56 -22.24 -39.50
N GLY H 1113 18.27 -21.16 -39.79
CA GLY H 1113 18.59 -20.19 -38.76
C GLY H 1113 19.54 -20.74 -37.71
N TYR H 1114 20.32 -21.76 -38.06
CA TYR H 1114 21.32 -22.30 -37.15
C TYR H 1114 22.55 -21.41 -37.21
N ASN H 1115 22.79 -20.69 -36.13
CA ASN H 1115 23.98 -19.84 -36.00
C ASN H 1115 24.88 -20.46 -34.96
N PRO H 1116 26.03 -21.05 -35.31
CA PRO H 1116 26.89 -21.64 -34.27
C PRO H 1116 27.38 -20.64 -33.23
N GLU H 1117 27.40 -19.35 -33.56
CA GLU H 1117 27.76 -18.34 -32.57
C GLU H 1117 26.67 -18.16 -31.51
N LYS H 1118 25.42 -18.45 -31.86
CA LYS H 1118 24.28 -18.34 -30.94
C LYS H 1118 23.52 -19.65 -31.00
N LYS H 1119 24.02 -20.66 -30.29
CA LYS H 1119 23.44 -21.99 -30.32
C LYS H 1119 22.40 -22.10 -29.23
N GLU H 1120 21.14 -22.25 -29.63
CA GLU H 1120 20.03 -22.15 -28.70
C GLU H 1120 20.00 -23.37 -27.78
N MET H 1121 19.69 -23.12 -26.51
CA MET H 1121 19.73 -24.10 -25.45
C MET H 1121 18.49 -23.86 -24.60
N ILE H 1122 18.23 -24.75 -23.63
CA ILE H 1122 17.24 -24.50 -22.59
C ILE H 1122 17.78 -25.01 -21.26
N GLN H 1123 17.55 -24.23 -20.22
CA GLN H 1123 17.99 -24.54 -18.87
C GLN H 1123 16.77 -24.82 -18.01
N GLU H 1124 16.79 -25.96 -17.31
CA GLU H 1124 15.76 -26.29 -16.35
C GLU H 1124 15.96 -25.45 -15.10
N VAL H 1125 14.91 -24.74 -14.68
CA VAL H 1125 14.93 -24.01 -13.42
C VAL H 1125 13.66 -24.34 -12.65
N ILE H 1126 13.76 -24.27 -11.34
CA ILE H 1126 12.60 -24.35 -10.46
C ILE H 1126 12.03 -22.95 -10.30
N VAL H 1127 10.71 -22.82 -10.48
CA VAL H 1127 10.07 -21.54 -10.29
C VAL H 1127 10.13 -21.15 -8.82
N GLU H 1128 10.58 -19.92 -8.55
CA GLU H 1128 10.70 -19.40 -7.19
C GLU H 1128 9.47 -18.65 -6.74
N GLU H 1129 8.66 -18.14 -7.66
CA GLU H 1129 7.40 -17.50 -7.32
C GLU H 1129 6.39 -17.76 -8.42
N ASP H 1130 5.12 -17.77 -8.05
CA ASP H 1130 4.06 -18.07 -9.01
C ASP H 1130 4.12 -17.08 -10.17
N LEU H 1131 4.05 -17.61 -11.39
CA LEU H 1131 4.00 -16.75 -12.57
C LEU H 1131 2.63 -16.10 -12.69
N GLU H 1132 2.60 -14.97 -13.38
CA GLU H 1132 1.32 -14.35 -13.69
C GLU H 1132 0.51 -15.31 -14.56
N PRO H 1133 -0.80 -15.46 -14.33
CA PRO H 1133 -1.59 -16.35 -15.19
C PRO H 1133 -1.51 -15.91 -16.65
N PHE H 1134 -1.47 -16.89 -17.54
CA PHE H 1134 -1.55 -16.66 -18.97
C PHE H 1134 -2.65 -17.52 -19.57
N GLU H 1135 -3.28 -17.01 -20.61
CA GLU H 1135 -4.39 -17.70 -21.25
C GLU H 1135 -3.89 -18.89 -22.05
N ALA H 1136 -4.71 -19.94 -22.10
CA ALA H 1136 -4.38 -21.12 -22.90
C ALA H 1136 -5.67 -21.85 -23.20
N SER H 1137 -5.62 -22.70 -24.22
CA SER H 1137 -6.78 -23.48 -24.60
C SER H 1137 -7.12 -24.49 -23.51
N LYS H 1138 -8.30 -25.09 -23.63
CA LYS H 1138 -8.69 -26.17 -22.73
C LYS H 1138 -7.69 -27.32 -22.79
N GLU H 1139 -7.39 -27.79 -24.00
CA GLU H 1139 -6.48 -28.92 -24.15
C GLU H 1139 -5.07 -28.57 -23.67
N THR H 1140 -4.59 -27.37 -24.03
CA THR H 1140 -3.25 -26.97 -23.61
C THR H 1140 -3.17 -26.84 -22.09
N ALA H 1141 -4.19 -26.25 -21.47
CA ALA H 1141 -4.20 -26.13 -20.02
C ALA H 1141 -4.28 -27.49 -19.35
N GLU H 1142 -5.05 -28.42 -19.92
CA GLU H 1142 -5.12 -29.76 -19.36
C GLU H 1142 -3.78 -30.47 -19.47
N GLN H 1143 -3.06 -30.26 -20.58
CA GLN H 1143 -1.73 -30.85 -20.70
C GLN H 1143 -0.76 -30.25 -19.68
N PHE H 1144 -0.87 -28.93 -19.46
CA PHE H 1144 -0.04 -28.31 -18.42
C PHE H 1144 -0.35 -28.88 -17.04
N LYS H 1145 -1.64 -29.08 -16.74
CA LYS H 1145 -2.01 -29.64 -15.45
C LYS H 1145 -1.54 -31.07 -15.31
N HIS H 1146 -1.68 -31.86 -16.38
CA HIS H 1146 -1.17 -33.22 -16.39
C HIS H 1146 0.33 -33.23 -16.08
N GLN H 1147 1.08 -32.33 -16.72
CA GLN H 1147 2.51 -32.21 -16.44
C GLN H 1147 2.78 -31.86 -14.99
N HIS H 1148 2.36 -30.67 -14.57
CA HIS H 1148 2.87 -30.08 -13.34
C HIS H 1148 2.13 -30.54 -12.10
N GLY H 1149 1.00 -31.25 -12.24
CA GLY H 1149 0.28 -31.71 -11.07
C GLY H 1149 -0.22 -30.54 -10.25
N ASP H 1150 0.14 -30.55 -8.97
CA ASP H 1150 -0.28 -29.51 -8.04
C ASP H 1150 0.56 -28.24 -8.13
N LYS H 1151 1.55 -28.20 -9.03
CA LYS H 1151 2.39 -27.02 -9.20
C LYS H 1151 1.84 -26.07 -10.26
N VAL H 1152 0.62 -26.30 -10.73
CA VAL H 1152 -0.04 -25.39 -11.67
C VAL H 1152 -1.52 -25.39 -11.36
N ASP H 1153 -2.15 -24.24 -11.59
CA ASP H 1153 -3.59 -24.07 -11.44
C ASP H 1153 -4.18 -23.66 -12.78
N ILE H 1154 -5.18 -24.41 -13.23
CA ILE H 1154 -5.87 -24.11 -14.48
C ILE H 1154 -7.33 -23.80 -14.16
N PHE H 1155 -7.83 -22.71 -14.71
CA PHE H 1155 -9.20 -22.26 -14.43
C PHE H 1155 -9.90 -21.83 -15.71
N GLU H 1156 -11.14 -22.30 -15.87
CA GLU H 1156 -11.96 -21.86 -16.99
C GLU H 1156 -12.23 -20.36 -16.89
N ILE H 1157 -12.36 -19.73 -18.04
CA ILE H 1157 -12.79 -18.34 -18.15
C ILE H 1157 -14.21 -18.36 -18.72
N PRO H 1158 -15.25 -18.13 -17.91
CA PRO H 1158 -16.62 -18.21 -18.45
C PRO H 1158 -16.90 -17.18 -19.53
N GLU H 1159 -16.15 -16.09 -19.59
CA GLU H 1159 -16.40 -15.06 -20.59
C GLU H 1159 -16.20 -15.60 -22.00
N THR H 1160 -15.17 -16.42 -22.20
CA THR H 1160 -14.80 -16.91 -23.53
C THR H 1160 -14.55 -18.41 -23.59
N GLY H 1161 -14.61 -19.12 -22.46
CA GLY H 1161 -14.42 -20.55 -22.45
C GLY H 1161 -12.97 -21.00 -22.52
N GLU H 1162 -12.02 -20.07 -22.57
CA GLU H 1162 -10.61 -20.43 -22.58
C GLU H 1162 -10.18 -20.80 -21.17
N TYR H 1163 -8.87 -20.97 -20.98
CA TYR H 1163 -8.32 -21.34 -19.68
C TYR H 1163 -7.16 -20.43 -19.32
N SER H 1164 -7.06 -20.13 -18.03
CA SER H 1164 -5.93 -19.41 -17.45
C SER H 1164 -5.04 -20.42 -16.74
N VAL H 1165 -3.75 -20.35 -17.03
CA VAL H 1165 -2.75 -21.26 -16.50
C VAL H 1165 -1.81 -20.47 -15.60
N LYS H 1166 -1.70 -20.90 -14.34
CA LYS H 1166 -0.91 -20.21 -13.34
C LYS H 1166 0.08 -21.20 -12.74
N LEU H 1167 1.34 -21.11 -13.15
CA LEU H 1167 2.39 -21.92 -12.56
C LEU H 1167 2.72 -21.40 -11.18
N LEU H 1168 2.95 -22.32 -10.24
CA LEU H 1168 3.15 -21.98 -8.85
C LEU H 1168 4.63 -22.15 -8.48
N LYS H 1169 4.94 -21.80 -7.24
CA LYS H 1169 6.27 -22.00 -6.70
C LYS H 1169 6.65 -23.47 -6.78
N GLY H 1170 7.89 -23.74 -7.15
CA GLY H 1170 8.40 -25.09 -7.22
C GLY H 1170 8.20 -25.79 -8.55
N ALA H 1171 7.45 -25.19 -9.47
CA ALA H 1171 7.23 -25.82 -10.76
C ALA H 1171 8.53 -25.89 -11.55
N THR H 1172 8.58 -26.81 -12.49
CA THR H 1172 9.73 -26.98 -13.37
C THR H 1172 9.53 -26.10 -14.58
N LEU H 1173 10.60 -25.45 -15.03
CA LEU H 1173 10.54 -24.43 -16.05
C LEU H 1173 11.80 -24.49 -16.92
N TYR H 1174 11.65 -24.13 -18.19
CA TYR H 1174 12.75 -24.13 -19.14
C TYR H 1174 12.91 -22.74 -19.72
N ILE H 1175 14.06 -22.14 -19.49
CA ILE H 1175 14.41 -20.82 -20.04
C ILE H 1175 15.40 -21.04 -21.15
N PRO H 1176 15.16 -20.51 -22.36
CA PRO H 1176 16.19 -20.62 -23.39
C PRO H 1176 17.48 -19.93 -22.98
N LYS H 1177 18.59 -20.53 -23.38
CA LYS H 1177 19.90 -19.92 -23.26
C LYS H 1177 20.66 -20.19 -24.55
N ALA H 1178 21.71 -19.41 -24.78
CA ALA H 1178 22.48 -19.45 -26.02
C ALA H 1178 23.93 -19.75 -25.68
N LEU H 1179 24.54 -20.61 -26.48
CA LEU H 1179 25.91 -21.04 -26.27
C LEU H 1179 26.75 -20.64 -27.46
N ARG H 1180 27.92 -20.06 -27.19
CA ARG H 1180 28.88 -19.73 -28.22
C ARG H 1180 29.68 -20.97 -28.59
N PHE H 1181 29.38 -21.54 -29.76
CA PHE H 1181 30.02 -22.76 -30.23
C PHE H 1181 31.12 -22.41 -31.23
N ASP H 1182 32.20 -23.19 -31.18
CA ASP H 1182 33.46 -22.83 -31.83
C ASP H 1182 33.70 -23.56 -33.14
N ARG H 1183 32.67 -24.07 -33.80
CA ARG H 1183 32.77 -24.59 -35.15
C ARG H 1183 31.88 -23.71 -36.03
N LEU H 1184 32.48 -22.64 -36.55
CA LEU H 1184 31.74 -21.63 -37.30
C LEU H 1184 31.79 -21.82 -38.80
N VAL H 1185 32.50 -22.84 -39.27
CA VAL H 1185 32.78 -23.02 -40.69
C VAL H 1185 32.40 -24.44 -41.06
N ALA H 1186 31.83 -24.59 -42.25
CA ALA H 1186 31.44 -25.90 -42.77
C ALA H 1186 31.56 -25.87 -44.27
N GLY H 1187 31.75 -27.05 -44.86
CA GLY H 1187 31.71 -27.18 -46.30
C GLY H 1187 30.27 -27.28 -46.76
N GLN H 1188 29.72 -26.18 -47.24
CA GLN H 1188 28.29 -26.07 -47.48
C GLN H 1188 28.03 -26.03 -48.98
N ILE H 1189 26.97 -26.71 -49.38
CA ILE H 1189 26.46 -26.69 -50.75
C ILE H 1189 26.23 -25.21 -51.07
N PRO H 1190 26.60 -24.72 -52.26
CA PRO H 1190 26.71 -23.28 -52.44
C PRO H 1190 25.37 -22.57 -52.27
N THR H 1191 25.42 -21.38 -51.69
CA THR H 1191 24.20 -20.66 -51.34
C THR H 1191 23.38 -20.36 -52.58
N GLY H 1192 22.08 -20.63 -52.50
CA GLY H 1192 21.19 -20.52 -53.63
C GLY H 1192 20.90 -21.81 -54.34
N TRP H 1193 21.62 -22.89 -54.02
CA TRP H 1193 21.29 -24.21 -54.54
C TRP H 1193 19.86 -24.56 -54.18
N ASN H 1194 19.08 -24.92 -55.19
CA ASN H 1194 17.68 -25.29 -55.01
C ASN H 1194 17.38 -26.52 -55.84
N ALA H 1195 16.60 -27.44 -55.28
CA ALA H 1195 16.16 -28.60 -56.03
C ALA H 1195 15.18 -28.21 -57.13
N LYS H 1196 14.47 -27.08 -56.96
CA LYS H 1196 13.63 -26.56 -58.03
C LYS H 1196 14.45 -26.26 -59.27
N THR H 1197 15.68 -25.78 -59.09
CA THR H 1197 16.55 -25.51 -60.23
C THR H 1197 16.80 -26.76 -61.07
N TYR H 1198 16.87 -27.92 -60.43
CA TYR H 1198 17.00 -29.18 -61.15
C TYR H 1198 15.66 -29.78 -61.56
N GLY H 1199 14.57 -29.27 -61.01
CA GLY H 1199 13.24 -29.68 -61.42
C GLY H 1199 12.47 -30.54 -60.43
N ILE H 1200 12.97 -30.70 -59.22
CA ILE H 1200 12.24 -31.44 -58.20
C ILE H 1200 11.11 -30.55 -57.69
N SER H 1201 9.89 -31.09 -57.68
CA SER H 1201 8.71 -30.30 -57.39
C SER H 1201 8.66 -29.90 -55.92
N ASP H 1202 7.89 -28.84 -55.66
CA ASP H 1202 7.77 -28.32 -54.29
C ASP H 1202 7.15 -29.35 -53.36
N ASP H 1203 6.25 -30.20 -53.86
CA ASP H 1203 5.68 -31.24 -53.02
C ASP H 1203 6.76 -32.20 -52.56
N ILE H 1204 7.66 -32.60 -53.46
CA ILE H 1204 8.75 -33.47 -53.06
C ILE H 1204 9.68 -32.76 -52.09
N ILE H 1205 9.92 -31.46 -52.34
CA ILE H 1205 10.81 -30.71 -51.46
C ILE H 1205 10.23 -30.62 -50.05
N SER H 1206 8.93 -30.42 -49.95
CA SER H 1206 8.28 -30.33 -48.64
C SER H 1206 8.19 -31.70 -47.98
N GLN H 1207 8.14 -32.76 -48.77
CA GLN H 1207 8.04 -34.10 -48.20
C GLN H 1207 9.39 -34.59 -47.69
N VAL H 1208 10.38 -34.67 -48.58
CA VAL H 1208 11.65 -35.30 -48.27
C VAL H 1208 12.57 -34.33 -47.54
N ASP H 1209 13.69 -34.86 -47.05
CA ASP H 1209 14.72 -34.07 -46.42
C ASP H 1209 15.69 -33.45 -47.43
N PRO H 1210 16.44 -32.43 -47.01
CA PRO H 1210 17.45 -31.87 -47.92
C PRO H 1210 18.49 -32.89 -48.36
N ILE H 1211 18.81 -33.86 -47.49
CA ILE H 1211 19.70 -34.94 -47.91
C ILE H 1211 19.09 -35.70 -49.08
N THR H 1212 17.79 -36.00 -49.00
CA THR H 1212 17.14 -36.70 -50.09
C THR H 1212 17.16 -35.87 -51.37
N LEU H 1213 16.98 -34.56 -51.25
CA LEU H 1213 17.08 -33.71 -52.45
C LEU H 1213 18.47 -33.78 -53.06
N PHE H 1214 19.51 -33.73 -52.22
CA PHE H 1214 20.87 -33.83 -52.74
C PHE H 1214 21.06 -35.15 -53.47
N VAL H 1215 20.55 -36.23 -52.89
CA VAL H 1215 20.72 -37.55 -53.49
C VAL H 1215 19.95 -37.66 -54.80
N LEU H 1216 18.76 -37.07 -54.87
CA LEU H 1216 17.98 -37.13 -56.10
C LEU H 1216 18.70 -36.37 -57.21
N VAL H 1217 19.23 -35.19 -56.90
CA VAL H 1217 19.94 -34.42 -57.91
C VAL H 1217 21.22 -35.16 -58.33
N SER H 1218 21.91 -35.77 -57.37
CA SER H 1218 23.11 -36.54 -57.71
C SER H 1218 22.77 -37.74 -58.58
N VAL H 1219 21.69 -38.44 -58.28
CA VAL H 1219 21.28 -39.60 -59.07
C VAL H 1219 20.94 -39.18 -60.49
N VAL H 1220 20.18 -38.08 -60.63
CA VAL H 1220 19.81 -37.62 -61.97
C VAL H 1220 21.05 -37.21 -62.75
N GLU H 1221 21.94 -36.44 -62.13
CA GLU H 1221 23.15 -36.01 -62.82
C GLU H 1221 24.05 -37.20 -63.15
N ALA H 1222 24.03 -38.23 -62.31
CA ALA H 1222 24.85 -39.40 -62.56
C ALA H 1222 24.30 -40.21 -63.74
N PHE H 1223 22.98 -40.31 -63.84
CA PHE H 1223 22.42 -40.97 -65.03
C PHE H 1223 22.67 -40.13 -66.27
N ILE H 1224 22.63 -38.82 -66.15
CA ILE H 1224 22.97 -37.96 -67.28
C ILE H 1224 24.41 -38.19 -67.71
N ALA H 1225 25.31 -38.28 -66.73
CA ALA H 1225 26.72 -38.58 -67.04
C ALA H 1225 26.87 -39.94 -67.70
N SER H 1226 26.06 -40.91 -67.27
CA SER H 1226 25.93 -42.20 -67.96
C SER H 1226 25.26 -42.09 -69.32
N GLY H 1227 24.66 -40.95 -69.65
CA GLY H 1227 23.92 -40.83 -70.88
C GLY H 1227 22.55 -41.44 -70.84
N ILE H 1228 22.12 -41.96 -69.68
CA ILE H 1228 20.80 -42.57 -69.54
C ILE H 1228 19.86 -41.44 -69.17
N THR H 1229 19.32 -40.78 -70.19
CA THR H 1229 18.45 -39.63 -69.98
C THR H 1229 17.12 -40.06 -69.38
N ASP H 1230 16.61 -41.21 -69.83
CA ASP H 1230 15.41 -41.84 -69.29
C ASP H 1230 15.81 -43.07 -68.50
N PRO H 1231 15.59 -43.14 -67.19
CA PRO H 1231 16.02 -44.34 -66.44
C PRO H 1231 15.36 -45.63 -66.91
N TYR H 1232 14.14 -45.57 -67.47
CA TYR H 1232 13.48 -46.79 -67.93
C TYR H 1232 14.17 -47.41 -69.13
N GLU H 1233 15.12 -46.70 -69.75
CA GLU H 1233 15.85 -47.28 -70.87
C GLU H 1233 16.76 -48.41 -70.39
N MET H 1234 17.09 -48.42 -69.09
CA MET H 1234 17.77 -49.58 -68.52
C MET H 1234 16.93 -50.84 -68.66
N TYR H 1235 15.60 -50.70 -68.59
CA TYR H 1235 14.73 -51.85 -68.69
C TYR H 1235 14.57 -52.35 -70.12
N LYS H 1236 15.14 -51.64 -71.10
CA LYS H 1236 15.25 -52.20 -72.44
C LYS H 1236 16.32 -53.29 -72.49
N TYR H 1237 17.26 -53.29 -71.54
CA TYR H 1237 18.38 -54.21 -71.52
C TYR H 1237 18.36 -55.17 -70.35
N VAL H 1238 17.78 -54.78 -69.22
CA VAL H 1238 17.79 -55.61 -68.01
C VAL H 1238 16.37 -55.72 -67.48
N HIS H 1239 16.18 -56.67 -66.57
CA HIS H 1239 14.92 -56.79 -65.88
C HIS H 1239 14.84 -55.77 -64.75
N VAL H 1240 13.61 -55.40 -64.39
CA VAL H 1240 13.41 -54.47 -63.28
C VAL H 1240 14.06 -55.01 -62.01
N SER H 1241 14.12 -56.33 -61.87
CA SER H 1241 14.82 -56.98 -60.77
C SER H 1241 16.33 -56.83 -60.84
N GLU H 1242 16.88 -56.38 -61.97
CA GLU H 1242 18.33 -56.38 -62.18
C GLU H 1242 18.95 -55.00 -62.04
N VAL H 1243 18.22 -54.01 -61.54
CA VAL H 1243 18.74 -52.69 -61.26
C VAL H 1243 18.62 -52.45 -59.77
N GLY H 1244 19.77 -52.47 -59.07
CA GLY H 1244 19.78 -52.30 -57.64
C GLY H 1244 20.21 -50.89 -57.27
N ASN H 1245 20.04 -50.58 -55.99
CA ASN H 1245 20.50 -49.33 -55.41
C ASN H 1245 21.20 -49.65 -54.11
N CYS H 1246 22.52 -49.49 -54.08
CA CYS H 1246 23.33 -49.88 -52.93
C CYS H 1246 24.07 -48.70 -52.32
N SER H 1247 23.59 -47.48 -52.54
CA SER H 1247 24.13 -46.32 -51.85
C SER H 1247 23.49 -46.20 -50.46
N GLY H 1248 24.14 -45.43 -49.60
CA GLY H 1248 23.63 -45.19 -48.26
C GLY H 1248 24.29 -44.00 -47.61
N SER H 1249 23.89 -43.75 -46.38
CA SER H 1249 24.31 -42.58 -45.63
C SER H 1249 24.96 -43.01 -44.32
N GLY H 1250 25.92 -42.21 -43.86
CA GLY H 1250 26.45 -42.41 -42.53
C GLY H 1250 25.45 -42.17 -41.43
N MET H 1251 24.62 -41.14 -41.55
CA MET H 1251 23.64 -40.80 -40.53
C MET H 1251 22.24 -40.53 -41.07
N GLY H 1252 22.07 -40.32 -42.37
CA GLY H 1252 20.75 -40.22 -42.97
C GLY H 1252 20.06 -38.89 -42.80
N GLY H 1253 18.74 -38.93 -42.63
CA GLY H 1253 17.92 -37.74 -42.54
C GLY H 1253 18.02 -37.06 -41.19
N VAL H 1254 19.13 -36.36 -40.97
CA VAL H 1254 19.37 -35.73 -39.67
C VAL H 1254 18.35 -34.61 -39.45
N SER H 1255 17.88 -33.98 -40.52
CA SER H 1255 16.83 -32.97 -40.36
C SER H 1255 15.56 -33.61 -39.81
N ALA H 1256 15.20 -34.79 -40.32
CA ALA H 1256 14.03 -35.49 -39.81
C ALA H 1256 14.26 -35.98 -38.38
N LEU H 1257 15.49 -36.40 -38.07
CA LEU H 1257 15.80 -36.77 -36.69
C LEU H 1257 15.66 -35.59 -35.75
N ARG H 1258 16.13 -34.42 -36.17
CA ARG H 1258 15.93 -33.21 -35.39
C ARG H 1258 14.44 -32.92 -35.24
N GLY H 1259 13.68 -33.03 -36.32
CA GLY H 1259 12.24 -32.91 -36.22
C GLY H 1259 11.67 -33.75 -35.11
N MET H 1260 11.87 -35.06 -35.20
CA MET H 1260 11.23 -36.01 -34.29
C MET H 1260 11.73 -35.88 -32.86
N PHE H 1261 13.01 -35.53 -32.66
CA PHE H 1261 13.59 -35.50 -31.33
C PHE H 1261 13.50 -34.15 -30.65
N LYS H 1262 13.42 -33.05 -31.40
CA LYS H 1262 13.45 -31.70 -30.85
C LYS H 1262 12.20 -30.91 -31.18
N ASP H 1263 11.77 -30.84 -32.43
CA ASP H 1263 10.64 -29.98 -32.74
C ASP H 1263 9.33 -30.63 -32.31
N ARG H 1264 9.27 -31.96 -32.33
CA ARG H 1264 8.14 -32.64 -31.73
C ARG H 1264 8.12 -32.42 -30.22
N PHE H 1265 9.29 -32.44 -29.58
CA PHE H 1265 9.37 -32.13 -28.16
C PHE H 1265 8.89 -30.72 -27.88
N LYS H 1266 9.22 -29.78 -28.76
CA LYS H 1266 8.78 -28.40 -28.67
C LYS H 1266 7.36 -28.18 -29.16
N ASP H 1267 6.71 -29.21 -29.69
CA ASP H 1267 5.36 -29.14 -30.23
C ASP H 1267 5.28 -28.21 -31.43
N GLU H 1268 6.37 -28.06 -32.16
CA GLU H 1268 6.34 -27.31 -33.40
C GLU H 1268 5.70 -28.17 -34.49
N PRO H 1269 5.20 -27.54 -35.56
CA PRO H 1269 4.59 -28.34 -36.64
C PRO H 1269 5.59 -29.24 -37.33
N VAL H 1270 5.44 -30.55 -37.16
CA VAL H 1270 6.29 -31.56 -37.79
C VAL H 1270 5.38 -32.53 -38.51
N GLN H 1271 5.75 -32.89 -39.74
CA GLN H 1271 4.95 -33.83 -40.51
C GLN H 1271 4.87 -35.17 -39.79
N ASN H 1272 3.69 -35.79 -39.84
CA ASN H 1272 3.48 -37.05 -39.11
C ASN H 1272 4.42 -38.15 -39.58
N ASP H 1273 4.83 -38.13 -40.85
CA ASP H 1273 5.72 -39.13 -41.41
C ASP H 1273 7.18 -38.65 -41.46
N ILE H 1274 7.61 -37.88 -40.46
CA ILE H 1274 9.01 -37.50 -40.37
C ILE H 1274 9.89 -38.69 -40.03
N LEU H 1275 9.30 -39.72 -39.40
CA LEU H 1275 10.05 -40.91 -39.03
C LEU H 1275 10.64 -41.58 -40.26
N GLN H 1276 9.79 -41.86 -41.26
CA GLN H 1276 10.29 -42.50 -42.47
C GLN H 1276 11.24 -41.60 -43.24
N GLU H 1277 11.15 -40.28 -43.03
CA GLU H 1277 12.07 -39.39 -43.72
C GLU H 1277 13.43 -39.34 -43.03
N SER H 1278 13.51 -39.80 -41.79
CA SER H 1278 14.80 -39.89 -41.11
C SER H 1278 15.62 -41.12 -41.49
N PHE H 1279 15.02 -42.17 -42.05
CA PHE H 1279 15.76 -43.40 -42.29
C PHE H 1279 16.89 -43.19 -43.30
N ILE H 1280 17.96 -43.97 -43.13
CA ILE H 1280 19.08 -43.90 -44.06
C ILE H 1280 18.70 -44.51 -45.40
N ASN H 1281 17.78 -45.47 -45.40
CA ASN H 1281 17.33 -46.08 -46.65
C ASN H 1281 16.20 -45.31 -47.33
N THR H 1282 15.71 -44.23 -46.70
CA THR H 1282 14.61 -43.48 -47.28
C THR H 1282 15.04 -42.75 -48.56
N MET H 1283 16.27 -42.22 -48.59
CA MET H 1283 16.73 -41.53 -49.79
C MET H 1283 16.83 -42.50 -50.97
N SER H 1284 17.32 -43.71 -50.70
CA SER H 1284 17.35 -44.73 -51.74
C SER H 1284 15.94 -45.10 -52.18
N ALA H 1285 15.01 -45.20 -51.23
CA ALA H 1285 13.63 -45.49 -51.58
C ALA H 1285 13.03 -44.40 -52.45
N TRP H 1286 13.32 -43.14 -52.13
CA TRP H 1286 12.80 -42.02 -52.91
C TRP H 1286 13.43 -41.99 -54.29
N VAL H 1287 14.70 -42.37 -54.39
CA VAL H 1287 15.34 -42.48 -55.70
C VAL H 1287 14.61 -43.51 -56.54
N ASN H 1288 14.38 -44.70 -55.97
CA ASN H 1288 13.74 -45.77 -56.73
C ASN H 1288 12.30 -45.42 -57.08
N MET H 1289 11.59 -44.77 -56.17
CA MET H 1289 10.18 -44.48 -56.33
C MET H 1289 9.92 -43.05 -56.80
N LEU H 1290 10.93 -42.39 -57.33
CA LEU H 1290 10.75 -41.19 -58.16
C LEU H 1290 11.40 -41.32 -59.52
N LEU H 1291 12.40 -42.19 -59.69
CA LEU H 1291 13.15 -42.27 -60.94
C LEU H 1291 13.28 -43.67 -61.52
N ILE H 1292 13.44 -44.70 -60.69
CA ILE H 1292 13.95 -45.97 -61.19
C ILE H 1292 12.82 -46.97 -61.44
N SER H 1293 11.92 -47.14 -60.47
CA SER H 1293 10.86 -48.16 -60.52
C SER H 1293 11.42 -49.58 -60.48
N SER H 1294 12.68 -49.73 -60.12
CA SER H 1294 13.31 -51.04 -60.14
C SER H 1294 12.76 -51.91 -59.02
N SER H 1295 12.77 -53.21 -59.25
CA SER H 1295 12.55 -54.19 -58.20
C SER H 1295 13.83 -54.95 -57.89
N GLY H 1296 14.98 -54.31 -58.14
CA GLY H 1296 16.25 -54.92 -57.91
C GLY H 1296 16.72 -54.70 -56.49
N PRO H 1297 17.87 -55.29 -56.17
CA PRO H 1297 18.33 -55.33 -54.78
C PRO H 1297 18.50 -53.93 -54.20
N ILE H 1298 18.09 -53.79 -52.94
CA ILE H 1298 18.24 -52.56 -52.19
C ILE H 1298 19.04 -52.90 -50.93
N LYS H 1299 20.24 -52.33 -50.83
CA LYS H 1299 21.16 -52.64 -49.75
C LYS H 1299 21.82 -51.34 -49.32
N THR H 1300 21.23 -50.66 -48.35
CA THR H 1300 21.70 -49.35 -47.92
C THR H 1300 22.77 -49.53 -46.85
N PRO H 1301 24.04 -49.22 -47.12
CA PRO H 1301 25.06 -49.38 -46.08
C PRO H 1301 25.22 -48.14 -45.20
N VAL H 1302 25.69 -48.39 -43.98
CA VAL H 1302 26.17 -47.37 -43.06
C VAL H 1302 27.63 -47.67 -42.79
N GLY H 1303 28.48 -46.67 -42.91
CA GLY H 1303 29.90 -46.84 -42.73
C GLY H 1303 30.57 -45.62 -42.15
N ALA H 1304 29.79 -44.70 -41.61
CA ALA H 1304 30.28 -43.40 -41.17
C ALA H 1304 30.94 -42.74 -42.38
N ALA H 1305 32.23 -42.47 -42.37
CA ALA H 1305 32.87 -41.83 -43.52
C ALA H 1305 33.22 -42.79 -44.63
N ALA H 1306 33.11 -44.10 -44.40
CA ALA H 1306 33.44 -45.11 -45.40
C ALA H 1306 32.22 -45.74 -46.06
N THR H 1307 31.03 -45.16 -45.91
CA THR H 1307 29.84 -45.80 -46.44
C THR H 1307 29.85 -45.83 -47.96
N SER H 1308 30.54 -44.89 -48.60
CA SER H 1308 30.52 -44.87 -50.05
C SER H 1308 31.40 -45.96 -50.63
N VAL H 1309 32.55 -46.22 -50.02
CA VAL H 1309 33.38 -47.35 -50.43
C VAL H 1309 32.67 -48.66 -50.07
N GLU H 1310 32.02 -48.68 -48.91
CA GLU H 1310 31.16 -49.80 -48.55
C GLU H 1310 30.09 -50.04 -49.60
N SER H 1311 29.50 -48.94 -50.10
CA SER H 1311 28.46 -49.03 -51.11
C SER H 1311 29.01 -49.57 -52.43
N VAL H 1312 30.19 -49.10 -52.83
CA VAL H 1312 30.81 -49.59 -54.05
C VAL H 1312 31.11 -51.08 -53.93
N ASP H 1313 31.61 -51.50 -52.76
CA ASP H 1313 31.91 -52.90 -52.54
C ASP H 1313 30.64 -53.76 -52.57
N ILE H 1314 29.58 -53.30 -51.89
CA ILE H 1314 28.32 -54.03 -51.90
C ILE H 1314 27.75 -54.10 -53.31
N GLY H 1315 27.84 -53.00 -54.06
CA GLY H 1315 27.32 -53.00 -55.42
C GLY H 1315 28.10 -53.92 -56.33
N VAL H 1316 29.42 -53.95 -56.16
CA VAL H 1316 30.25 -54.87 -56.92
C VAL H 1316 29.84 -56.31 -56.61
N GLU H 1317 29.64 -56.62 -55.34
CA GLU H 1317 29.23 -57.98 -54.98
C GLU H 1317 27.85 -58.29 -55.53
N THR H 1318 26.95 -57.30 -55.55
CA THR H 1318 25.63 -57.52 -56.12
C THR H 1318 25.71 -57.86 -57.59
N ILE H 1319 26.47 -57.08 -58.36
CA ILE H 1319 26.59 -57.36 -59.79
C ILE H 1319 27.29 -58.70 -60.03
N LEU H 1320 28.35 -58.98 -59.28
CA LEU H 1320 29.06 -60.24 -59.44
C LEU H 1320 28.20 -61.45 -59.11
N SER H 1321 27.39 -61.37 -58.04
CA SER H 1321 26.44 -62.42 -57.74
C SER H 1321 25.34 -62.51 -58.78
N GLY H 1322 25.09 -61.44 -59.54
CA GLY H 1322 24.08 -61.45 -60.56
C GLY H 1322 22.69 -61.08 -60.11
N LYS H 1323 22.53 -60.74 -58.83
CA LYS H 1323 21.23 -60.29 -58.36
C LYS H 1323 20.89 -58.92 -58.95
N ALA H 1324 21.89 -58.19 -59.40
CA ALA H 1324 21.71 -56.99 -60.19
C ALA H 1324 22.68 -57.02 -61.36
N ARG H 1325 22.39 -56.23 -62.38
CA ARG H 1325 23.34 -55.94 -63.44
C ARG H 1325 23.77 -54.49 -63.44
N ILE H 1326 22.89 -53.60 -62.96
CA ILE H 1326 23.19 -52.18 -62.81
C ILE H 1326 22.96 -51.83 -61.35
N CYS H 1327 23.80 -50.96 -60.80
CA CYS H 1327 23.70 -50.59 -59.40
C CYS H 1327 24.03 -49.13 -59.20
N ILE H 1328 23.20 -48.47 -58.39
CA ILE H 1328 23.44 -47.11 -57.94
C ILE H 1328 24.18 -47.20 -56.62
N VAL H 1329 25.44 -46.79 -56.61
CA VAL H 1329 26.28 -46.79 -55.43
C VAL H 1329 26.65 -45.35 -55.13
N GLY H 1330 27.31 -45.15 -54.00
CA GLY H 1330 27.73 -43.85 -53.54
C GLY H 1330 27.20 -43.60 -52.15
N GLY H 1331 27.29 -42.35 -51.72
CA GLY H 1331 26.90 -42.04 -50.37
C GLY H 1331 26.54 -40.59 -50.21
N TYR H 1332 25.92 -40.29 -49.07
CA TYR H 1332 25.34 -38.98 -48.86
C TYR H 1332 25.24 -38.69 -47.38
N ASP H 1333 25.25 -37.41 -47.04
CA ASP H 1333 25.08 -36.96 -45.68
C ASP H 1333 24.77 -35.47 -45.69
N ASP H 1334 24.24 -34.99 -44.58
CA ASP H 1334 23.84 -33.61 -44.41
C ASP H 1334 24.54 -33.02 -43.20
N PHE H 1335 24.82 -31.73 -43.28
CA PHE H 1335 25.39 -30.98 -42.17
C PHE H 1335 24.24 -30.35 -41.39
N GLN H 1336 24.23 -30.58 -40.09
CA GLN H 1336 23.22 -29.97 -39.22
C GLN H 1336 23.86 -29.58 -37.90
N GLU H 1337 23.09 -28.80 -37.14
CA GLU H 1337 23.55 -28.25 -35.87
C GLU H 1337 24.02 -29.35 -34.93
N GLU H 1338 23.21 -30.39 -34.75
CA GLU H 1338 23.49 -31.36 -33.68
C GLU H 1338 24.67 -32.26 -34.04
N GLY H 1339 24.75 -32.70 -35.30
CA GLY H 1339 25.90 -33.46 -35.72
C GLY H 1339 27.18 -32.66 -35.62
N SER H 1340 27.12 -31.40 -36.04
CA SER H 1340 28.27 -30.51 -35.87
C SER H 1340 28.66 -30.41 -34.40
N PHE H 1341 27.68 -30.25 -33.52
CA PHE H 1341 28.00 -30.06 -32.11
C PHE H 1341 28.62 -31.31 -31.50
N GLU H 1342 28.11 -32.48 -31.88
CA GLU H 1342 28.68 -33.70 -31.32
C GLU H 1342 30.07 -33.96 -31.86
N PHE H 1343 30.33 -33.63 -33.13
CA PHE H 1343 31.69 -33.75 -33.64
C PHE H 1343 32.62 -32.79 -32.91
N GLY H 1344 32.15 -31.58 -32.60
CA GLY H 1344 32.93 -30.69 -31.77
C GLY H 1344 33.15 -31.24 -30.38
N ASN H 1345 32.16 -31.96 -29.86
CA ASN H 1345 32.29 -32.57 -28.53
C ASN H 1345 33.36 -33.64 -28.51
N MET H 1346 33.44 -34.46 -29.56
CA MET H 1346 34.55 -35.39 -29.68
C MET H 1346 35.84 -34.73 -30.12
N LYS H 1347 35.80 -33.46 -30.52
CA LYS H 1347 36.97 -32.75 -31.01
C LYS H 1347 37.50 -33.38 -32.29
N ALA H 1348 36.62 -34.02 -33.05
CA ALA H 1348 37.00 -34.58 -34.35
C ALA H 1348 37.13 -33.48 -35.39
N THR H 1349 36.31 -32.45 -35.28
CA THR H 1349 36.39 -31.32 -36.19
C THR H 1349 37.42 -30.31 -35.70
N SER H 1350 37.80 -29.40 -36.59
CA SER H 1350 38.78 -28.37 -36.22
C SER H 1350 38.08 -27.21 -35.53
N ASN H 1351 38.68 -26.73 -34.44
CA ASN H 1351 38.16 -25.60 -33.71
C ASN H 1351 38.42 -24.33 -34.51
N THR H 1352 37.33 -23.68 -34.94
CA THR H 1352 37.46 -22.51 -35.79
C THR H 1352 38.10 -21.34 -35.04
N LEU H 1353 37.84 -21.23 -33.74
CA LEU H 1353 38.47 -20.17 -32.96
C LEU H 1353 39.98 -20.37 -32.91
N GLU H 1354 40.42 -21.61 -32.74
CA GLU H 1354 41.85 -21.90 -32.80
C GLU H 1354 42.42 -21.58 -34.18
N GLU H 1355 41.67 -21.91 -35.24
CA GLU H 1355 42.11 -21.58 -36.59
C GLU H 1355 42.28 -20.07 -36.76
N PHE H 1356 41.32 -19.29 -36.26
CA PHE H 1356 41.41 -17.84 -36.35
C PHE H 1356 42.59 -17.31 -35.54
N GLU H 1357 42.84 -17.90 -34.37
CA GLU H 1357 44.05 -17.54 -33.62
C GLU H 1357 45.30 -17.80 -34.43
N HIS H 1358 45.31 -18.88 -35.21
CA HIS H 1358 46.43 -19.18 -36.09
C HIS H 1358 46.38 -18.44 -37.42
N GLY H 1359 45.37 -17.61 -37.64
CA GLY H 1359 45.31 -16.79 -38.84
C GLY H 1359 44.82 -17.53 -40.06
N ARG H 1360 44.15 -18.66 -39.86
CA ARG H 1360 43.69 -19.51 -40.94
C ARG H 1360 42.31 -19.05 -41.37
N THR H 1361 42.10 -18.95 -42.68
CA THR H 1361 40.79 -18.64 -43.20
C THR H 1361 40.00 -19.93 -43.44
N PRO H 1362 38.68 -19.83 -43.64
CA PRO H 1362 37.90 -21.02 -43.99
C PRO H 1362 38.43 -21.77 -45.20
N ALA H 1363 38.98 -21.07 -46.19
CA ALA H 1363 39.48 -21.73 -47.39
C ALA H 1363 40.66 -22.64 -47.08
N GLU H 1364 41.48 -22.30 -46.08
CA GLU H 1364 42.62 -23.10 -45.68
C GLU H 1364 42.40 -23.84 -44.37
N MET H 1365 41.17 -23.89 -43.87
CA MET H 1365 40.89 -24.63 -42.65
C MET H 1365 41.20 -26.12 -42.81
N SER H 1366 40.84 -26.70 -43.97
CA SER H 1366 41.06 -28.11 -44.23
C SER H 1366 42.40 -28.28 -44.95
N ARG H 1367 43.38 -28.81 -44.23
CA ARG H 1367 44.76 -28.94 -44.74
C ARG H 1367 45.27 -30.34 -44.42
N PRO H 1368 44.84 -31.34 -45.19
CA PRO H 1368 45.29 -32.71 -44.94
C PRO H 1368 46.80 -32.86 -45.06
N ALA H 1369 47.35 -33.74 -44.20
CA ALA H 1369 48.74 -34.16 -44.27
C ALA H 1369 49.70 -33.02 -43.98
N THR H 1370 49.26 -32.08 -43.14
CA THR H 1370 50.05 -30.92 -42.77
C THR H 1370 50.43 -31.00 -41.31
N THR H 1371 51.56 -30.37 -40.98
CA THR H 1371 52.03 -30.34 -39.60
C THR H 1371 51.02 -29.69 -38.65
N THR H 1372 50.16 -28.81 -39.14
CA THR H 1372 49.28 -28.01 -38.30
C THR H 1372 47.82 -28.44 -38.36
N ARG H 1373 47.50 -29.52 -39.07
CA ARG H 1373 46.12 -29.98 -39.14
C ARG H 1373 45.63 -30.35 -37.75
N ASN H 1374 44.44 -29.85 -37.38
CA ASN H 1374 43.93 -29.99 -36.02
C ASN H 1374 42.44 -30.29 -36.04
N GLY H 1375 42.02 -31.19 -36.92
CA GLY H 1375 40.64 -31.64 -36.98
C GLY H 1375 40.10 -31.49 -38.38
N PHE H 1376 39.07 -32.28 -38.68
CA PHE H 1376 38.51 -32.30 -40.02
C PHE H 1376 37.47 -31.20 -40.19
N MET H 1377 37.20 -30.89 -41.45
CA MET H 1377 36.29 -29.82 -41.83
C MET H 1377 34.99 -30.48 -42.27
N GLU H 1378 33.92 -30.23 -41.52
CA GLU H 1378 32.66 -30.89 -41.81
C GLU H 1378 32.02 -30.32 -43.07
N ALA H 1379 31.38 -31.18 -43.84
CA ALA H 1379 30.73 -30.77 -45.09
C ALA H 1379 29.41 -31.52 -45.23
N GLN H 1380 28.75 -31.30 -46.36
CA GLN H 1380 27.47 -31.91 -46.65
C GLN H 1380 27.37 -32.17 -48.15
N GLY H 1381 26.45 -33.05 -48.52
CA GLY H 1381 26.17 -33.30 -49.91
C GLY H 1381 26.07 -34.79 -50.18
N ALA H 1382 26.05 -35.10 -51.47
CA ALA H 1382 25.83 -36.45 -51.94
C ALA H 1382 26.77 -36.73 -53.11
N GLY H 1383 27.04 -38.01 -53.31
CA GLY H 1383 27.81 -38.46 -54.45
C GLY H 1383 27.25 -39.79 -54.89
N ILE H 1384 27.04 -39.95 -56.20
CA ILE H 1384 26.40 -41.13 -56.76
C ILE H 1384 27.23 -41.60 -57.95
N GLN H 1385 27.31 -42.90 -58.10
CA GLN H 1385 27.92 -43.53 -59.27
C GLN H 1385 26.99 -44.62 -59.78
N ILE H 1386 26.81 -44.66 -61.09
CA ILE H 1386 26.12 -45.75 -61.76
C ILE H 1386 27.20 -46.72 -62.20
N ILE H 1387 27.25 -47.88 -61.54
CA ILE H 1387 28.14 -48.96 -61.89
C ILE H 1387 27.30 -50.06 -62.53
N MET H 1388 27.95 -50.90 -63.32
CA MET H 1388 27.26 -52.04 -63.92
C MET H 1388 28.30 -52.93 -64.59
N GLN H 1389 27.83 -54.02 -65.18
CA GLN H 1389 28.70 -54.95 -65.89
C GLN H 1389 29.33 -54.28 -67.10
N ALA H 1390 30.58 -54.67 -67.38
CA ALA H 1390 31.25 -54.18 -68.58
C ALA H 1390 30.53 -54.64 -69.85
N ASP H 1391 30.11 -55.90 -69.88
CA ASP H 1391 29.36 -56.40 -71.03
C ASP H 1391 28.12 -55.57 -71.28
N LEU H 1392 27.35 -55.30 -70.24
CA LEU H 1392 26.12 -54.53 -70.43
C LEU H 1392 26.43 -53.07 -70.74
N ALA H 1393 27.50 -52.53 -70.19
CA ALA H 1393 27.86 -51.15 -70.51
C ALA H 1393 28.20 -51.01 -71.98
N LEU H 1394 28.95 -51.96 -72.52
CA LEU H 1394 29.22 -51.97 -73.94
C LEU H 1394 27.93 -52.17 -74.74
N LYS H 1395 27.06 -53.06 -74.27
CA LYS H 1395 25.82 -53.34 -75.00
C LYS H 1395 24.92 -52.10 -75.06
N MET H 1396 24.77 -51.40 -73.94
CA MET H 1396 24.02 -50.15 -73.91
C MET H 1396 24.73 -49.01 -74.60
N GLY H 1397 26.04 -49.11 -74.83
CA GLY H 1397 26.76 -48.02 -75.45
C GLY H 1397 26.82 -46.82 -74.54
N VAL H 1398 27.16 -47.06 -73.28
CA VAL H 1398 27.24 -46.01 -72.26
C VAL H 1398 28.70 -45.64 -72.06
N PRO H 1399 29.03 -44.43 -71.60
CA PRO H 1399 30.41 -44.11 -71.29
C PRO H 1399 30.90 -44.91 -70.10
N ILE H 1400 32.20 -45.21 -70.11
CA ILE H 1400 32.85 -45.92 -69.02
C ILE H 1400 33.98 -45.02 -68.53
N TYR H 1401 33.85 -44.51 -67.31
CA TYR H 1401 34.83 -43.62 -66.73
C TYR H 1401 35.94 -44.35 -65.99
N GLY H 1402 35.72 -45.61 -65.61
CA GLY H 1402 36.71 -46.36 -64.89
C GLY H 1402 36.19 -47.74 -64.57
N ILE H 1403 37.13 -48.63 -64.27
CA ILE H 1403 36.85 -50.03 -63.96
C ILE H 1403 37.05 -50.22 -62.47
N VAL H 1404 36.00 -50.66 -61.78
CA VAL H 1404 36.11 -50.92 -60.33
C VAL H 1404 36.80 -52.27 -60.21
N ALA H 1405 38.13 -52.23 -60.16
CA ALA H 1405 38.91 -53.46 -60.17
C ALA H 1405 38.85 -54.18 -58.83
N MET H 1406 38.72 -53.43 -57.74
CA MET H 1406 38.66 -53.98 -56.40
C MET H 1406 37.81 -53.06 -55.55
N ALA H 1407 37.12 -53.65 -54.58
CA ALA H 1407 36.37 -52.88 -53.59
C ALA H 1407 36.24 -53.76 -52.35
N ALA H 1408 36.85 -53.33 -51.25
CA ALA H 1408 36.92 -54.15 -50.04
C ALA H 1408 36.69 -53.27 -48.83
N THR H 1409 36.17 -53.88 -47.77
CA THR H 1409 35.97 -53.25 -46.48
C THR H 1409 36.63 -54.10 -45.41
N ALA H 1410 36.93 -53.48 -44.28
CA ALA H 1410 37.67 -54.15 -43.22
C ALA H 1410 37.42 -53.46 -41.89
N THR H 1411 37.64 -54.22 -40.81
CA THR H 1411 37.63 -53.72 -39.45
C THR H 1411 39.07 -53.74 -38.93
N ASP H 1412 39.31 -52.99 -37.85
CA ASP H 1412 40.69 -52.84 -37.41
C ASP H 1412 41.11 -53.96 -36.46
N LYS H 1413 40.63 -53.92 -35.22
CA LYS H 1413 41.11 -54.80 -34.16
C LYS H 1413 40.34 -54.46 -32.90
N ILE H 1414 40.69 -55.16 -31.81
CA ILE H 1414 40.06 -54.92 -30.52
C ILE H 1414 40.66 -53.69 -29.86
N GLY H 1415 39.79 -52.81 -29.39
CA GLY H 1415 40.18 -51.57 -28.73
C GLY H 1415 38.95 -50.90 -28.18
N ARG H 1416 39.18 -49.82 -27.42
CA ARG H 1416 38.08 -49.11 -26.75
C ARG H 1416 37.82 -47.73 -27.34
N SER H 1417 38.29 -47.44 -28.54
CA SER H 1417 38.10 -46.14 -29.17
C SER H 1417 37.43 -46.33 -30.53
N VAL H 1418 36.17 -45.91 -30.61
CA VAL H 1418 35.41 -46.08 -31.85
C VAL H 1418 35.98 -45.27 -33.02
N PRO H 1419 36.21 -43.96 -32.88
CA PRO H 1419 36.69 -43.18 -34.04
C PRO H 1419 38.16 -43.34 -34.36
N ALA H 1420 38.92 -44.08 -33.57
CA ALA H 1420 40.35 -44.27 -33.83
C ALA H 1420 40.53 -45.06 -35.11
N PRO H 1421 41.26 -44.55 -36.11
CA PRO H 1421 41.53 -45.36 -37.32
C PRO H 1421 42.40 -46.57 -37.04
N GLY H 1422 42.53 -47.42 -38.06
CA GLY H 1422 43.39 -48.58 -37.94
C GLY H 1422 43.79 -49.16 -39.28
N LYS H 1423 44.73 -50.11 -39.25
CA LYS H 1423 45.32 -50.69 -40.45
C LYS H 1423 44.50 -51.86 -41.00
N GLY H 1424 43.22 -51.94 -40.64
CA GLY H 1424 42.44 -53.12 -40.99
C GLY H 1424 42.38 -53.36 -42.50
N ILE H 1425 42.31 -52.27 -43.27
CA ILE H 1425 42.22 -52.38 -44.72
C ILE H 1425 43.54 -52.84 -45.33
N LEU H 1426 44.62 -52.90 -44.54
CA LEU H 1426 45.90 -53.40 -45.03
C LEU H 1426 45.81 -54.84 -45.54
N THR H 1427 44.81 -55.59 -45.10
CA THR H 1427 44.60 -56.95 -45.58
C THR H 1427 44.35 -57.01 -47.09
N THR H 1428 43.91 -55.91 -47.70
CA THR H 1428 43.75 -55.89 -49.15
C THR H 1428 45.06 -56.09 -49.90
N ALA H 1429 46.20 -55.85 -49.25
CA ALA H 1429 47.51 -56.14 -49.80
C ALA H 1429 48.13 -57.38 -49.17
N ARG H 1430 47.31 -58.29 -48.65
CA ARG H 1430 47.85 -59.47 -47.97
C ARG H 1430 48.39 -60.47 -48.99
N GLU H 1431 49.60 -60.94 -48.74
CA GLU H 1431 50.31 -61.80 -49.69
C GLU H 1431 51.30 -62.65 -48.92
N HIS H 1432 51.56 -63.83 -49.44
CA HIS H 1432 52.45 -64.79 -48.81
C HIS H 1432 53.75 -64.85 -49.60
N HIS H 1433 54.87 -64.74 -48.89
CA HIS H 1433 56.19 -64.64 -49.50
C HIS H 1433 57.17 -65.63 -48.89
N SER H 1434 56.68 -66.77 -48.42
CA SER H 1434 57.58 -67.78 -47.85
C SER H 1434 58.43 -68.42 -48.93
N SER H 1435 57.87 -68.61 -50.12
CA SER H 1435 58.57 -69.23 -51.25
C SER H 1435 58.23 -68.42 -52.51
N VAL H 1436 59.08 -67.44 -52.82
CA VAL H 1436 58.91 -66.61 -54.01
C VAL H 1436 60.20 -66.64 -54.84
N LYS H 1437 60.93 -67.75 -54.76
CA LYS H 1437 62.16 -67.87 -55.54
C LYS H 1437 61.87 -67.88 -57.04
N TYR H 1438 60.65 -68.27 -57.43
CA TYR H 1438 60.25 -68.35 -58.83
C TYR H 1438 58.87 -67.74 -59.01
N ALA H 1439 58.65 -67.15 -60.17
CA ALA H 1439 57.38 -66.47 -60.43
C ALA H 1439 56.26 -67.48 -60.62
N SER H 1440 55.06 -67.09 -60.23
CA SER H 1440 53.88 -67.91 -60.49
C SER H 1440 53.62 -67.97 -61.98
N PRO H 1441 53.37 -69.15 -62.57
CA PRO H 1441 52.77 -69.18 -63.91
C PRO H 1441 51.40 -68.53 -63.95
N ASN H 1442 50.71 -68.48 -62.81
CA ASN H 1442 49.34 -67.95 -62.78
C ASN H 1442 49.31 -66.44 -62.96
N LEU H 1443 50.37 -65.75 -62.54
CA LEU H 1443 50.44 -64.30 -62.75
C LEU H 1443 50.86 -63.94 -64.16
N ASN H 1444 51.25 -64.92 -64.98
CA ASN H 1444 51.58 -64.69 -66.38
C ASN H 1444 50.31 -64.83 -67.23
N MET H 1445 49.99 -63.78 -68.00
CA MET H 1445 48.75 -63.80 -68.76
C MET H 1445 48.80 -64.78 -69.93
N LYS H 1446 49.97 -64.98 -70.54
CA LYS H 1446 50.06 -65.94 -71.64
C LYS H 1446 49.69 -67.33 -71.15
N TYR H 1447 50.11 -67.69 -69.93
CA TYR H 1447 49.72 -68.97 -69.37
C TYR H 1447 48.21 -69.04 -69.19
N ARG H 1448 47.62 -67.98 -68.64
CA ARG H 1448 46.17 -67.97 -68.42
C ARG H 1448 45.41 -68.00 -69.74
N LYS H 1449 45.92 -67.32 -70.76
CA LYS H 1449 45.28 -67.38 -72.07
C LYS H 1449 45.40 -68.78 -72.68
N ARG H 1450 46.54 -69.44 -72.47
CA ARG H 1450 46.68 -70.82 -72.94
C ARG H 1450 45.64 -71.72 -72.28
N GLN H 1451 45.47 -71.59 -70.96
CA GLN H 1451 44.47 -72.38 -70.27
C GLN H 1451 43.07 -72.05 -70.78
N LEU H 1452 42.81 -70.77 -71.04
CA LEU H 1452 41.50 -70.37 -71.55
C LEU H 1452 41.21 -71.01 -72.90
N VAL H 1453 42.19 -71.02 -73.81
CA VAL H 1453 41.94 -71.60 -75.13
C VAL H 1453 41.77 -73.11 -75.03
N THR H 1454 42.52 -73.77 -74.13
CA THR H 1454 42.30 -75.19 -73.94
C THR H 1454 40.89 -75.46 -73.42
N ARG H 1455 40.42 -74.65 -72.47
CA ARG H 1455 39.07 -74.81 -71.97
C ARG H 1455 38.05 -74.53 -73.05
N GLU H 1456 38.33 -73.58 -73.95
CA GLU H 1456 37.43 -73.30 -75.06
C GLU H 1456 37.34 -74.50 -76.00
N ALA H 1457 38.48 -75.14 -76.28
CA ALA H 1457 38.46 -76.35 -77.10
C ALA H 1457 37.62 -77.43 -76.43
N GLN H 1458 37.81 -77.64 -75.13
CA GLN H 1458 37.02 -78.63 -74.41
C GLN H 1458 35.53 -78.27 -74.45
N ILE H 1459 35.22 -76.98 -74.35
CA ILE H 1459 33.82 -76.56 -74.33
C ILE H 1459 33.16 -76.80 -75.67
N LYS H 1460 33.87 -76.54 -76.77
CA LYS H 1460 33.27 -76.78 -78.08
C LYS H 1460 33.13 -78.28 -78.35
N ASP H 1461 34.08 -79.09 -77.88
CA ASP H 1461 33.92 -80.54 -77.98
C ASP H 1461 32.69 -81.00 -77.19
N TRP H 1462 32.51 -80.47 -75.98
CA TRP H 1462 31.35 -80.81 -75.17
C TRP H 1462 30.06 -80.38 -75.87
N VAL H 1463 30.08 -79.21 -76.52
CA VAL H 1463 28.88 -78.70 -77.16
C VAL H 1463 28.51 -79.57 -78.35
N GLU H 1464 29.48 -79.99 -79.16
CA GLU H 1464 29.14 -80.86 -80.29
C GLU H 1464 28.71 -82.24 -79.81
N ASN H 1465 29.29 -82.74 -78.71
CA ASN H 1465 28.82 -84.01 -78.15
C ASN H 1465 27.37 -83.90 -77.70
N GLU H 1466 27.02 -82.82 -77.00
CA GLU H 1466 25.66 -82.64 -76.56
C GLU H 1466 24.73 -82.39 -77.75
N LEU H 1467 25.24 -81.79 -78.82
CA LEU H 1467 24.43 -81.58 -80.02
C LEU H 1467 24.09 -82.89 -80.70
N GLU H 1468 25.06 -83.79 -80.85
CA GLU H 1468 24.73 -85.09 -81.44
C GLU H 1468 23.83 -85.90 -80.52
N ALA H 1469 24.00 -85.76 -79.20
CA ALA H 1469 23.06 -86.41 -78.29
C ALA H 1469 21.64 -85.87 -78.48
N LEU H 1470 21.51 -84.56 -78.62
CA LEU H 1470 20.19 -83.97 -78.85
C LEU H 1470 19.63 -84.40 -80.20
N LYS H 1471 20.50 -84.59 -81.19
CA LYS H 1471 20.07 -85.09 -82.49
C LYS H 1471 19.50 -86.50 -82.37
N LEU H 1472 20.17 -87.36 -81.59
CA LEU H 1472 19.65 -88.70 -81.37
C LEU H 1472 18.31 -88.65 -80.64
N GLU H 1473 18.19 -87.77 -79.64
CA GLU H 1473 16.93 -87.64 -78.93
C GLU H 1473 15.82 -87.15 -79.86
N ALA H 1474 16.15 -86.22 -80.77
CA ALA H 1474 15.17 -85.72 -81.72
C ALA H 1474 14.77 -86.81 -82.71
N GLU H 1475 15.71 -87.68 -83.08
CA GLU H 1475 15.36 -88.82 -83.92
C GLU H 1475 14.39 -89.74 -83.17
N GLU H 1476 14.64 -89.97 -81.89
CA GLU H 1476 13.78 -90.87 -81.11
C GLU H 1476 12.38 -90.29 -80.93
N ILE H 1477 12.29 -89.01 -80.59
CA ILE H 1477 11.01 -88.38 -80.26
C ILE H 1477 10.16 -88.28 -81.53
N PRO H 1478 8.83 -88.33 -81.44
CA PRO H 1478 8.02 -88.16 -82.65
C PRO H 1478 8.24 -86.81 -83.32
N SER H 1479 8.10 -86.80 -84.65
CA SER H 1479 8.37 -85.61 -85.44
C SER H 1479 7.26 -84.55 -85.32
N GLU H 1480 6.15 -84.88 -84.66
CA GLU H 1480 5.04 -83.93 -84.60
C GLU H 1480 5.44 -82.64 -83.89
N ASP H 1481 5.99 -82.74 -82.68
CA ASP H 1481 6.40 -81.60 -81.88
C ASP H 1481 7.92 -81.44 -81.86
N GLN H 1482 8.58 -81.77 -82.97
CA GLN H 1482 10.04 -81.76 -82.99
C GLN H 1482 10.58 -80.35 -82.94
N ASN H 1483 9.91 -79.40 -83.61
CA ASN H 1483 10.43 -78.04 -83.70
C ASN H 1483 10.51 -77.38 -82.33
N GLU H 1484 9.45 -77.48 -81.54
CA GLU H 1484 9.44 -76.86 -80.22
C GLU H 1484 10.49 -77.48 -79.31
N PHE H 1485 10.59 -78.81 -79.35
CA PHE H 1485 11.60 -79.51 -78.56
C PHE H 1485 13.00 -79.06 -78.94
N LEU H 1486 13.27 -78.99 -80.24
CA LEU H 1486 14.59 -78.61 -80.73
C LEU H 1486 14.92 -77.17 -80.32
N LEU H 1487 13.93 -76.28 -80.42
CA LEU H 1487 14.19 -74.89 -80.04
C LEU H 1487 14.47 -74.76 -78.55
N GLU H 1488 13.69 -75.44 -77.72
CA GLU H 1488 13.93 -75.41 -76.28
C GLU H 1488 15.32 -75.95 -75.95
N ARG H 1489 15.68 -77.08 -76.54
CA ARG H 1489 16.97 -77.70 -76.21
C ARG H 1489 18.13 -76.91 -76.79
N THR H 1490 17.92 -76.22 -77.92
CA THR H 1490 18.96 -75.38 -78.48
C THR H 1490 19.20 -74.16 -77.61
N ARG H 1491 18.13 -73.55 -77.11
CA ARG H 1491 18.32 -72.45 -76.16
C ARG H 1491 19.03 -72.94 -74.91
N GLU H 1492 18.66 -74.14 -74.43
CA GLU H 1492 19.30 -74.71 -73.25
C GLU H 1492 20.78 -74.95 -73.48
N ILE H 1493 21.13 -75.56 -74.61
CA ILE H 1493 22.53 -75.89 -74.89
C ILE H 1493 23.35 -74.62 -75.10
N HIS H 1494 22.76 -73.62 -75.75
CA HIS H 1494 23.45 -72.35 -75.91
C HIS H 1494 23.73 -71.70 -74.56
N ASN H 1495 22.73 -71.70 -73.68
CA ASN H 1495 22.93 -71.12 -72.36
C ASN H 1495 24.01 -71.87 -71.58
N GLU H 1496 23.99 -73.20 -71.69
CA GLU H 1496 25.01 -74.01 -71.00
C GLU H 1496 26.40 -73.71 -71.53
N ALA H 1497 26.54 -73.63 -72.86
CA ALA H 1497 27.84 -73.36 -73.46
C ALA H 1497 28.35 -71.98 -73.05
N GLU H 1498 27.48 -70.98 -73.07
CA GLU H 1498 27.90 -69.63 -72.71
C GLU H 1498 28.25 -69.56 -71.23
N SER H 1499 27.50 -70.27 -70.39
CA SER H 1499 27.81 -70.29 -68.96
C SER H 1499 29.18 -70.94 -68.73
N GLN H 1500 29.48 -72.01 -69.46
CA GLN H 1500 30.77 -72.66 -69.33
C GLN H 1500 31.91 -71.75 -69.78
N LEU H 1501 31.72 -71.06 -70.91
CA LEU H 1501 32.75 -70.13 -71.38
C LEU H 1501 32.97 -69.00 -70.38
N ARG H 1502 31.88 -68.46 -69.84
CA ARG H 1502 31.99 -67.40 -68.85
C ARG H 1502 32.67 -67.91 -67.58
N ALA H 1503 32.42 -69.18 -67.22
CA ALA H 1503 33.08 -69.77 -66.08
C ALA H 1503 34.58 -69.90 -66.31
N ALA H 1504 34.98 -70.30 -67.52
CA ALA H 1504 36.41 -70.38 -67.83
C ALA H 1504 37.04 -68.99 -67.79
N GLN H 1505 36.34 -67.99 -68.31
CA GLN H 1505 36.85 -66.62 -68.30
C GLN H 1505 36.97 -66.10 -66.87
N GLN H 1506 36.00 -66.44 -66.02
CA GLN H 1506 36.09 -66.11 -64.61
C GLN H 1506 37.28 -66.80 -63.96
N GLN H 1507 37.51 -68.07 -64.31
CA GLN H 1507 38.59 -68.85 -63.73
C GLN H 1507 39.95 -68.28 -64.09
N TRP H 1508 40.15 -67.85 -65.34
CA TRP H 1508 41.48 -67.52 -65.82
C TRP H 1508 41.72 -66.04 -66.11
N GLY H 1509 40.69 -65.20 -66.10
CA GLY H 1509 40.84 -63.79 -66.41
C GLY H 1509 40.44 -62.86 -65.29
N ASN H 1510 39.46 -63.26 -64.49
CA ASN H 1510 38.91 -62.42 -63.43
C ASN H 1510 39.29 -62.93 -62.05
N ASP H 1511 39.03 -64.19 -61.76
CA ASP H 1511 39.18 -64.77 -60.43
C ASP H 1511 40.32 -65.78 -60.36
N PHE H 1512 41.37 -65.58 -61.16
CA PHE H 1512 42.52 -66.48 -61.14
C PHE H 1512 43.29 -66.39 -59.83
N TYR H 1513 43.14 -65.30 -59.08
CA TYR H 1513 43.92 -65.05 -57.88
C TYR H 1513 43.14 -65.17 -56.58
N LYS H 1514 41.84 -65.48 -56.64
CA LYS H 1514 41.04 -65.47 -55.42
C LYS H 1514 41.43 -66.60 -54.49
N ARG H 1515 42.06 -67.66 -54.99
CA ARG H 1515 42.55 -68.75 -54.17
C ARG H 1515 44.06 -68.72 -53.95
N ASP H 1516 44.79 -67.89 -54.71
CA ASP H 1516 46.24 -67.85 -54.60
C ASP H 1516 46.67 -67.00 -53.40
N PRO H 1517 47.35 -67.56 -52.40
CA PRO H 1517 47.81 -66.70 -51.30
C PRO H 1517 49.01 -65.84 -51.65
N ARG H 1518 49.77 -66.18 -52.70
CA ARG H 1518 50.90 -65.36 -53.13
C ARG H 1518 50.49 -64.23 -54.05
N ILE H 1519 49.22 -64.08 -54.36
CA ILE H 1519 48.70 -62.94 -55.11
C ILE H 1519 47.73 -62.22 -54.19
N ALA H 1520 48.07 -60.98 -53.83
CA ALA H 1520 47.20 -60.22 -52.95
C ALA H 1520 45.96 -59.76 -53.71
N PRO H 1521 44.89 -59.39 -53.01
CA PRO H 1521 43.73 -58.83 -53.72
C PRO H 1521 44.08 -57.60 -54.53
N LEU H 1522 44.94 -56.73 -54.01
CA LEU H 1522 45.34 -55.53 -54.74
C LEU H 1522 46.10 -55.89 -56.01
N ARG H 1523 47.16 -56.70 -55.86
CA ARG H 1523 47.97 -57.07 -57.01
C ARG H 1523 47.14 -57.83 -58.04
N GLY H 1524 46.25 -58.71 -57.59
CA GLY H 1524 45.44 -59.48 -58.52
C GLY H 1524 44.42 -58.62 -59.25
N ALA H 1525 43.81 -57.66 -58.54
CA ALA H 1525 42.89 -56.73 -59.19
C ALA H 1525 43.59 -55.94 -60.27
N LEU H 1526 44.82 -55.50 -60.01
CA LEU H 1526 45.60 -54.85 -61.06
C LEU H 1526 45.94 -55.83 -62.18
N ALA H 1527 46.33 -57.06 -61.82
CA ALA H 1527 46.88 -57.99 -62.79
C ALA H 1527 45.82 -58.55 -63.73
N THR H 1528 44.54 -58.42 -63.35
CA THR H 1528 43.49 -58.85 -64.27
C THR H 1528 43.56 -58.08 -65.59
N TYR H 1529 44.06 -56.84 -65.55
CA TYR H 1529 44.19 -56.00 -66.74
C TYR H 1529 45.64 -55.79 -67.16
N GLY H 1530 46.55 -56.61 -66.64
CA GLY H 1530 47.95 -56.51 -67.00
C GLY H 1530 48.70 -55.42 -66.27
N LEU H 1531 48.08 -54.76 -65.30
CA LEU H 1531 48.73 -53.72 -64.54
C LEU H 1531 49.52 -54.32 -63.37
N THR H 1532 50.67 -53.74 -63.11
CA THR H 1532 51.50 -54.10 -61.99
C THR H 1532 51.26 -53.12 -60.85
N ILE H 1533 51.86 -53.39 -59.70
CA ILE H 1533 51.70 -52.52 -58.55
C ILE H 1533 52.16 -51.11 -58.89
N ASP H 1534 53.25 -51.00 -59.65
CA ASP H 1534 53.77 -49.70 -60.04
C ASP H 1534 52.76 -48.89 -60.85
N ASP H 1535 51.81 -49.56 -61.51
CA ASP H 1535 50.83 -48.83 -62.30
C ASP H 1535 49.79 -48.12 -61.43
N LEU H 1536 49.73 -48.42 -60.13
CA LEU H 1536 48.82 -47.69 -59.24
C LEU H 1536 49.44 -46.33 -58.92
N GLY H 1537 49.21 -45.39 -59.83
CA GLY H 1537 49.90 -44.13 -59.78
C GLY H 1537 49.36 -43.09 -58.83
N VAL H 1538 48.11 -43.21 -58.39
CA VAL H 1538 47.45 -42.18 -57.59
C VAL H 1538 46.68 -42.85 -56.47
N ALA H 1539 46.68 -42.23 -55.30
CA ALA H 1539 45.90 -42.69 -54.16
C ALA H 1539 45.05 -41.54 -53.66
N SER H 1540 43.74 -41.67 -53.82
CA SER H 1540 42.79 -40.73 -53.22
C SER H 1540 42.72 -41.06 -51.74
N PHE H 1541 43.48 -40.30 -50.95
CA PHE H 1541 43.48 -40.44 -49.51
C PHE H 1541 42.15 -39.92 -48.94
N HIS H 1542 41.70 -40.59 -47.89
CA HIS H 1542 40.63 -40.02 -47.08
C HIS H 1542 40.96 -38.61 -46.65
N GLY H 1543 42.17 -38.39 -46.15
CA GLY H 1543 42.71 -37.05 -46.01
C GLY H 1543 41.85 -36.11 -45.21
N THR H 1544 41.49 -36.49 -43.98
CA THR H 1544 40.49 -35.75 -43.24
C THR H 1544 41.03 -34.46 -42.62
N SER H 1545 42.35 -34.27 -42.59
CA SER H 1545 42.98 -33.14 -41.91
C SER H 1545 42.94 -33.30 -40.39
N THR H 1546 42.94 -34.54 -39.93
CA THR H 1546 43.16 -34.87 -38.54
C THR H 1546 44.53 -35.54 -38.44
N LYS H 1547 45.05 -35.64 -37.22
CA LYS H 1547 46.40 -36.16 -37.04
C LYS H 1547 46.43 -37.68 -37.21
N ALA H 1548 45.61 -38.37 -36.41
CA ALA H 1548 45.62 -39.82 -36.40
C ALA H 1548 45.26 -40.38 -37.77
N ASN H 1549 44.21 -39.84 -38.40
CA ASN H 1549 43.76 -40.40 -39.66
C ASN H 1549 44.81 -40.23 -40.74
N ASP H 1550 45.41 -39.05 -40.84
CA ASP H 1550 46.40 -38.84 -41.90
C ASP H 1550 47.64 -39.69 -41.68
N LYS H 1551 48.15 -39.74 -40.45
CA LYS H 1551 49.31 -40.60 -40.20
C LYS H 1551 48.98 -42.07 -40.47
N ASN H 1552 47.82 -42.53 -40.00
CA ASN H 1552 47.43 -43.93 -40.18
C ASN H 1552 47.24 -44.27 -41.65
N GLU H 1553 46.62 -43.38 -42.42
CA GLU H 1553 46.38 -43.65 -43.82
C GLU H 1553 47.68 -43.67 -44.61
N SER H 1554 48.58 -42.72 -44.33
CA SER H 1554 49.87 -42.75 -44.99
C SER H 1554 50.63 -44.03 -44.65
N ALA H 1555 50.59 -44.45 -43.39
CA ALA H 1555 51.26 -45.68 -42.99
C ALA H 1555 50.65 -46.89 -43.66
N THR H 1556 49.33 -46.92 -43.80
CA THR H 1556 48.67 -48.05 -44.46
C THR H 1556 49.05 -48.12 -45.93
N ILE H 1557 49.00 -46.99 -46.63
CA ILE H 1557 49.38 -46.97 -48.04
C ILE H 1557 50.84 -47.39 -48.20
N ASN H 1558 51.71 -46.88 -47.33
CA ASN H 1558 53.12 -47.24 -47.40
C ASN H 1558 53.33 -48.73 -47.17
N GLU H 1559 52.63 -49.31 -46.19
CA GLU H 1559 52.78 -50.74 -45.94
C GLU H 1559 52.28 -51.55 -47.13
N MET H 1560 51.18 -51.11 -47.75
CA MET H 1560 50.71 -51.79 -48.95
C MET H 1560 51.76 -51.77 -50.04
N MET H 1561 52.37 -50.61 -50.29
CA MET H 1561 53.40 -50.54 -51.34
C MET H 1561 54.62 -51.38 -50.99
N LYS H 1562 55.07 -51.30 -49.73
CA LYS H 1562 56.23 -52.07 -49.31
C LYS H 1562 55.99 -53.56 -49.46
N HIS H 1563 54.82 -54.04 -49.02
CA HIS H 1563 54.57 -55.46 -49.06
C HIS H 1563 54.36 -55.93 -50.49
N LEU H 1564 53.69 -55.13 -51.30
CA LEU H 1564 53.50 -55.49 -52.69
C LEU H 1564 54.73 -55.22 -53.52
N GLY H 1565 55.80 -54.75 -52.90
CA GLY H 1565 57.07 -54.65 -53.58
C GLY H 1565 57.05 -53.59 -54.67
N ARG H 1566 56.37 -52.49 -54.42
CA ARG H 1566 56.38 -51.39 -55.37
C ARG H 1566 57.81 -50.88 -55.54
N SER H 1567 58.13 -50.46 -56.76
CA SER H 1567 59.48 -50.02 -57.06
C SER H 1567 59.86 -48.84 -56.17
N GLU H 1568 61.12 -48.82 -55.76
CA GLU H 1568 61.60 -47.72 -54.94
C GLU H 1568 61.71 -46.46 -55.78
N GLY H 1569 61.38 -45.33 -55.17
CA GLY H 1569 61.32 -44.09 -55.92
C GLY H 1569 60.09 -43.96 -56.79
N ASN H 1570 59.05 -44.74 -56.53
CA ASN H 1570 57.79 -44.63 -57.24
C ASN H 1570 56.66 -44.45 -56.22
N PRO H 1571 56.69 -43.35 -55.47
CA PRO H 1571 55.60 -43.10 -54.53
C PRO H 1571 54.28 -42.88 -55.25
N VAL H 1572 53.23 -43.39 -54.66
CA VAL H 1572 51.88 -43.07 -55.10
C VAL H 1572 51.63 -41.60 -54.82
N ILE H 1573 51.04 -40.90 -55.79
CA ILE H 1573 50.73 -39.49 -55.63
C ILE H 1573 49.43 -39.39 -54.85
N GLY H 1574 49.49 -38.74 -53.69
CA GLY H 1574 48.34 -38.71 -52.81
C GLY H 1574 47.46 -37.49 -53.07
N VAL H 1575 46.23 -37.77 -53.49
CA VAL H 1575 45.23 -36.75 -53.73
C VAL H 1575 44.37 -36.63 -52.49
N PHE H 1576 44.23 -35.41 -52.00
CA PHE H 1576 43.42 -35.10 -50.82
C PHE H 1576 42.35 -34.13 -51.25
N GLN H 1577 41.14 -34.64 -51.49
CA GLN H 1577 40.04 -33.79 -51.95
C GLN H 1577 39.44 -32.93 -50.86
N LYS H 1578 39.48 -33.38 -49.61
CA LYS H 1578 38.73 -32.71 -48.55
C LYS H 1578 39.31 -31.36 -48.18
N PHE H 1579 40.52 -31.02 -48.65
CA PHE H 1579 41.00 -29.66 -48.47
C PHE H 1579 40.07 -28.65 -49.11
N LEU H 1580 39.45 -29.02 -50.23
CA LEU H 1580 38.59 -28.16 -50.99
C LEU H 1580 37.12 -28.37 -50.68
N THR H 1581 36.66 -29.60 -50.75
CA THR H 1581 35.27 -29.94 -50.50
C THR H 1581 34.95 -30.00 -49.01
N GLY H 1582 35.88 -30.43 -48.18
CA GLY H 1582 35.58 -30.72 -46.80
C GLY H 1582 35.15 -32.16 -46.63
N HIS H 1583 34.77 -32.49 -45.40
CA HIS H 1583 34.46 -33.87 -45.00
C HIS H 1583 32.95 -34.03 -44.88
N PRO H 1584 32.31 -34.67 -45.84
CA PRO H 1584 30.97 -35.19 -45.61
C PRO H 1584 31.07 -36.57 -44.99
N LYS H 1585 30.12 -36.89 -44.13
CA LYS H 1585 30.26 -38.05 -43.26
C LYS H 1585 29.70 -39.30 -43.93
N GLY H 1586 30.08 -39.51 -45.19
CA GLY H 1586 29.55 -40.62 -45.95
C GLY H 1586 29.38 -40.39 -47.44
N ALA H 1587 29.27 -39.13 -47.85
CA ALA H 1587 29.49 -38.80 -49.25
C ALA H 1587 30.97 -38.76 -49.59
N ALA H 1588 31.85 -38.94 -48.60
CA ALA H 1588 33.27 -38.69 -48.80
C ALA H 1588 33.86 -39.64 -49.82
N GLY H 1589 33.66 -40.94 -49.63
CA GLY H 1589 34.21 -41.90 -50.57
C GLY H 1589 33.65 -41.71 -51.95
N ALA H 1590 32.39 -41.30 -52.05
CA ALA H 1590 31.78 -41.09 -53.36
C ALA H 1590 32.39 -39.89 -54.07
N TRP H 1591 32.63 -38.81 -53.33
CA TRP H 1591 33.29 -37.65 -53.91
C TRP H 1591 34.70 -38.00 -54.37
N MET H 1592 35.44 -38.72 -53.55
CA MET H 1592 36.78 -39.15 -53.95
C MET H 1592 36.74 -40.12 -55.13
N MET H 1593 35.70 -40.95 -55.23
CA MET H 1593 35.59 -41.84 -56.39
C MET H 1593 35.32 -41.03 -57.66
N ASN H 1594 34.48 -40.00 -57.56
CA ASN H 1594 34.27 -39.08 -58.67
C ASN H 1594 35.58 -38.42 -59.09
N GLY H 1595 36.34 -37.94 -58.10
CA GLY H 1595 37.62 -37.33 -58.40
C GLY H 1595 38.61 -38.31 -59.00
N ALA H 1596 38.60 -39.55 -58.52
CA ALA H 1596 39.50 -40.56 -59.06
C ALA H 1596 39.16 -40.87 -60.51
N LEU H 1597 37.87 -40.97 -60.83
CA LEU H 1597 37.46 -41.19 -62.21
C LEU H 1597 37.87 -40.02 -63.09
N GLN H 1598 37.71 -38.80 -62.60
CA GLN H 1598 38.11 -37.63 -63.37
C GLN H 1598 39.62 -37.59 -63.56
N ILE H 1599 40.39 -37.96 -62.53
CA ILE H 1599 41.84 -38.06 -62.66
C ILE H 1599 42.20 -39.09 -63.71
N LEU H 1600 41.53 -40.24 -63.69
CA LEU H 1600 41.81 -41.28 -64.67
C LEU H 1600 41.55 -40.78 -66.08
N ASN H 1601 40.45 -40.08 -66.28
CA ASN H 1601 40.07 -39.70 -67.64
C ASN H 1601 40.89 -38.53 -68.16
N SER H 1602 41.19 -37.55 -67.30
CA SER H 1602 41.90 -36.36 -67.74
C SER H 1602 43.42 -36.48 -67.63
N GLY H 1603 43.92 -37.47 -66.90
CA GLY H 1603 45.35 -37.57 -66.66
C GLY H 1603 45.89 -36.51 -65.72
N ILE H 1604 45.01 -35.74 -65.09
CA ILE H 1604 45.39 -34.60 -64.28
C ILE H 1604 45.22 -34.99 -62.81
N ILE H 1605 46.26 -34.79 -62.03
CA ILE H 1605 46.25 -35.10 -60.60
C ILE H 1605 46.19 -33.77 -59.85
N PRO H 1606 45.04 -33.39 -59.28
CA PRO H 1606 45.00 -32.12 -58.55
C PRO H 1606 45.88 -32.17 -57.32
N GLY H 1607 46.43 -31.02 -56.99
CA GLY H 1607 47.25 -30.88 -55.81
C GLY H 1607 46.45 -30.39 -54.62
N ASN H 1608 46.96 -30.72 -53.44
CA ASN H 1608 46.37 -30.27 -52.17
C ASN H 1608 46.88 -28.86 -51.92
N ARG H 1609 46.13 -27.87 -52.43
CA ARG H 1609 46.60 -26.49 -52.36
C ARG H 1609 46.68 -25.98 -50.93
N ASN H 1610 46.01 -26.64 -49.99
CA ASN H 1610 46.15 -26.29 -48.59
C ASN H 1610 47.35 -26.94 -47.93
N ALA H 1611 48.10 -27.78 -48.65
CA ALA H 1611 49.28 -28.44 -48.10
C ALA H 1611 50.37 -27.38 -47.93
N ASP H 1612 50.18 -26.54 -46.91
CA ASP H 1612 51.14 -25.47 -46.68
C ASP H 1612 52.51 -26.02 -46.34
N ASN H 1613 52.54 -27.07 -45.51
CA ASN H 1613 53.79 -27.72 -45.14
C ASN H 1613 53.45 -29.15 -44.76
N VAL H 1614 54.00 -30.11 -45.50
CA VAL H 1614 53.72 -31.50 -45.22
C VAL H 1614 54.33 -31.89 -43.87
N ASP H 1615 53.56 -32.63 -43.09
CA ASP H 1615 54.02 -33.05 -41.77
C ASP H 1615 55.28 -33.90 -41.90
N LYS H 1616 56.26 -33.60 -41.05
CA LYS H 1616 57.57 -34.26 -41.15
C LYS H 1616 57.46 -35.75 -40.87
N ILE H 1617 56.52 -36.16 -40.04
CA ILE H 1617 56.36 -37.58 -39.73
C ILE H 1617 56.00 -38.37 -40.98
N LEU H 1618 55.41 -37.71 -41.97
CA LEU H 1618 55.04 -38.37 -43.21
C LEU H 1618 56.23 -38.62 -44.12
N GLU H 1619 57.40 -38.06 -43.83
CA GLU H 1619 58.57 -38.34 -44.64
C GLU H 1619 59.00 -39.80 -44.56
N GLN H 1620 58.72 -40.47 -43.44
CA GLN H 1620 59.08 -41.87 -43.29
C GLN H 1620 58.39 -42.74 -44.32
N PHE H 1621 57.22 -42.32 -44.82
CA PHE H 1621 56.47 -43.10 -45.81
C PHE H 1621 56.99 -42.72 -47.19
N GLU H 1622 58.05 -43.42 -47.61
CA GLU H 1622 58.72 -43.04 -48.85
C GLU H 1622 57.88 -43.34 -50.09
N TYR H 1623 56.85 -44.17 -49.95
CA TYR H 1623 55.98 -44.54 -51.06
C TYR H 1623 54.77 -43.65 -51.19
N VAL H 1624 54.75 -42.50 -50.49
CA VAL H 1624 53.66 -41.54 -50.60
C VAL H 1624 54.25 -40.18 -50.94
N LEU H 1625 53.66 -39.52 -51.93
CA LEU H 1625 53.99 -38.16 -52.31
C LEU H 1625 52.79 -37.27 -52.01
N TYR H 1626 53.07 -36.03 -51.60
CA TYR H 1626 52.03 -35.10 -51.14
C TYR H 1626 52.13 -33.80 -51.93
N PRO H 1627 51.62 -33.77 -53.17
CA PRO H 1627 51.71 -32.55 -53.96
C PRO H 1627 50.81 -31.44 -53.42
N SER H 1628 51.21 -30.20 -53.71
CA SER H 1628 50.42 -29.02 -53.40
C SER H 1628 49.83 -28.35 -54.63
N LYS H 1629 50.28 -28.71 -55.82
CA LYS H 1629 49.80 -28.11 -57.05
C LYS H 1629 49.46 -29.18 -58.07
N THR H 1630 48.53 -28.84 -58.96
CA THR H 1630 48.06 -29.80 -59.94
C THR H 1630 49.18 -30.25 -60.85
N LEU H 1631 49.17 -31.53 -61.20
CA LEU H 1631 50.15 -32.13 -62.09
C LEU H 1631 49.44 -32.62 -63.35
N LYS H 1632 49.93 -32.18 -64.50
CA LYS H 1632 49.43 -32.65 -65.79
C LYS H 1632 50.27 -33.88 -66.17
N THR H 1633 49.84 -35.04 -65.71
CA THR H 1633 50.46 -36.30 -66.09
C THR H 1633 50.10 -36.65 -67.52
N ASP H 1634 50.91 -37.52 -68.12
CA ASP H 1634 50.59 -38.11 -69.42
C ASP H 1634 49.80 -39.41 -69.28
N GLY H 1635 49.15 -39.62 -68.14
CA GLY H 1635 48.33 -40.80 -67.96
C GLY H 1635 48.31 -41.30 -66.53
N VAL H 1636 47.13 -41.64 -66.05
CA VAL H 1636 46.94 -42.33 -64.78
C VAL H 1636 46.32 -43.68 -65.10
N ARG H 1637 46.97 -44.75 -64.63
CA ARG H 1637 46.49 -46.11 -64.90
C ARG H 1637 45.42 -46.52 -63.91
N ALA H 1638 45.75 -46.50 -62.62
CA ALA H 1638 44.84 -46.89 -61.56
C ALA H 1638 44.90 -45.86 -60.45
N VAL H 1639 43.79 -45.74 -59.72
CA VAL H 1639 43.67 -44.85 -58.58
C VAL H 1639 43.09 -45.64 -57.41
N SER H 1640 43.70 -45.51 -56.24
CA SER H 1640 43.29 -46.21 -55.03
C SER H 1640 42.53 -45.25 -54.14
N ILE H 1641 41.22 -45.46 -54.03
CA ILE H 1641 40.37 -44.65 -53.14
C ILE H 1641 40.31 -45.35 -51.80
N THR H 1642 40.78 -44.70 -50.73
CA THR H 1642 40.76 -45.29 -49.40
C THR H 1642 39.98 -44.42 -48.44
N SER H 1643 39.07 -45.03 -47.68
CA SER H 1643 38.24 -44.34 -46.70
C SER H 1643 38.37 -45.02 -45.35
N PHE H 1644 38.22 -44.23 -44.29
CA PHE H 1644 38.30 -44.72 -42.91
C PHE H 1644 37.23 -44.00 -42.10
N GLY H 1645 36.10 -44.67 -41.91
CA GLY H 1645 35.05 -44.14 -41.09
C GLY H 1645 35.09 -44.66 -39.66
N PHE H 1646 34.45 -43.90 -38.77
CA PHE H 1646 34.30 -44.28 -37.38
C PHE H 1646 33.67 -45.68 -37.30
N GLY H 1647 33.90 -46.37 -36.20
CA GLY H 1647 33.48 -47.75 -36.11
C GLY H 1647 34.39 -48.70 -36.84
N GLN H 1648 35.67 -48.33 -37.00
CA GLN H 1648 36.65 -49.19 -37.65
C GLN H 1648 36.22 -49.57 -39.06
N LYS H 1649 35.70 -48.61 -39.82
CA LYS H 1649 35.19 -48.89 -41.15
C LYS H 1649 36.26 -48.49 -42.16
N GLY H 1650 37.22 -49.38 -42.38
CA GLY H 1650 38.21 -49.17 -43.42
C GLY H 1650 37.68 -49.68 -44.75
N GLY H 1651 38.09 -49.01 -45.82
CA GLY H 1651 37.66 -49.42 -47.14
C GLY H 1651 38.62 -48.99 -48.22
N GLN H 1652 38.85 -49.87 -49.19
CA GLN H 1652 39.73 -49.60 -50.31
C GLN H 1652 39.09 -50.04 -51.60
N ALA H 1653 39.00 -49.11 -52.54
CA ALA H 1653 38.54 -49.40 -53.89
C ALA H 1653 39.65 -49.02 -54.86
N ILE H 1654 39.67 -49.68 -56.01
CA ILE H 1654 40.64 -49.42 -57.06
C ILE H 1654 39.86 -49.16 -58.34
N VAL H 1655 40.13 -48.02 -58.98
CA VAL H 1655 39.55 -47.69 -60.26
C VAL H 1655 40.67 -47.69 -61.29
N VAL H 1656 40.55 -48.55 -62.29
CA VAL H 1656 41.51 -48.62 -63.38
C VAL H 1656 40.99 -47.74 -64.51
N HIS H 1657 41.92 -47.28 -65.34
CA HIS H 1657 41.55 -46.49 -66.51
C HIS H 1657 40.57 -47.27 -67.38
N PRO H 1658 39.55 -46.63 -67.95
CA PRO H 1658 38.60 -47.37 -68.79
C PRO H 1658 39.21 -48.01 -70.02
N ASP H 1659 40.38 -47.54 -70.48
CA ASP H 1659 40.91 -48.00 -71.77
C ASP H 1659 41.53 -49.39 -71.65
N TYR H 1660 41.81 -49.85 -70.43
CA TYR H 1660 42.26 -51.23 -70.27
C TYR H 1660 41.10 -52.21 -70.40
N LEU H 1661 39.86 -51.74 -70.35
CA LEU H 1661 38.73 -52.61 -70.63
C LEU H 1661 38.62 -52.91 -72.11
N TYR H 1662 38.78 -51.90 -72.96
CA TYR H 1662 38.50 -52.05 -74.38
C TYR H 1662 39.51 -52.96 -75.07
N GLY H 1663 40.64 -53.23 -74.44
CA GLY H 1663 41.57 -54.22 -74.96
C GLY H 1663 41.12 -55.64 -74.80
N ALA H 1664 39.98 -55.87 -74.15
CA ALA H 1664 39.42 -57.21 -73.96
C ALA H 1664 38.33 -57.56 -74.97
N ILE H 1665 38.12 -56.72 -75.99
CA ILE H 1665 37.06 -56.96 -76.96
C ILE H 1665 37.62 -56.86 -78.37
N THR H 1666 36.81 -57.23 -79.35
CA THR H 1666 37.22 -57.20 -80.75
C THR H 1666 37.18 -55.79 -81.30
N GLU H 1667 37.74 -55.63 -82.50
CA GLU H 1667 37.69 -54.33 -83.17
C GLU H 1667 36.27 -53.93 -83.49
N ASP H 1668 35.48 -54.85 -84.06
CA ASP H 1668 34.12 -54.51 -84.47
C ASP H 1668 33.25 -54.18 -83.27
N ARG H 1669 33.37 -54.95 -82.19
CA ARG H 1669 32.58 -54.68 -81.00
C ARG H 1669 32.94 -53.32 -80.42
N TYR H 1670 34.23 -53.00 -80.41
CA TYR H 1670 34.65 -51.67 -79.96
C TYR H 1670 34.09 -50.58 -80.85
N ASN H 1671 34.08 -50.79 -82.17
CA ASN H 1671 33.61 -49.76 -83.08
C ASN H 1671 32.11 -49.51 -82.89
N GLU H 1672 31.32 -50.57 -82.81
CA GLU H 1672 29.89 -50.40 -82.63
C GLU H 1672 29.58 -49.80 -81.27
N TYR H 1673 30.34 -50.20 -80.23
CA TYR H 1673 30.19 -49.58 -78.93
C TYR H 1673 30.50 -48.09 -79.00
N VAL H 1674 31.58 -47.71 -79.68
CA VAL H 1674 31.99 -46.31 -79.76
C VAL H 1674 30.94 -45.49 -80.49
N ALA H 1675 30.40 -46.03 -81.59
CA ALA H 1675 29.35 -45.32 -82.31
C ALA H 1675 28.13 -45.13 -81.43
N LYS H 1676 27.77 -46.16 -80.66
CA LYS H 1676 26.61 -46.04 -79.78
C LYS H 1676 26.85 -45.02 -78.67
N VAL H 1677 28.07 -44.96 -78.13
CA VAL H 1677 28.36 -43.96 -77.10
C VAL H 1677 28.37 -42.57 -77.72
N SER H 1678 28.79 -42.44 -78.97
CA SER H 1678 28.74 -41.13 -79.62
C SER H 1678 27.29 -40.65 -79.75
N ALA H 1679 26.41 -41.52 -80.23
CA ALA H 1679 25.00 -41.14 -80.33
C ALA H 1679 24.42 -40.82 -78.96
N ARG H 1680 24.73 -41.65 -77.96
CA ARG H 1680 24.24 -41.42 -76.61
C ARG H 1680 24.77 -40.11 -76.05
N GLU H 1681 26.04 -39.78 -76.32
CA GLU H 1681 26.60 -38.52 -75.86
C GLU H 1681 25.86 -37.35 -76.46
N LYS H 1682 25.56 -37.42 -77.75
CA LYS H 1682 24.81 -36.33 -78.38
C LYS H 1682 23.44 -36.18 -77.73
N SER H 1683 22.73 -37.30 -77.54
CA SER H 1683 21.41 -37.24 -76.93
C SER H 1683 21.47 -36.71 -75.50
N ALA H 1684 22.50 -37.12 -74.75
CA ALA H 1684 22.64 -36.68 -73.37
C ALA H 1684 22.98 -35.20 -73.30
N TYR H 1685 23.82 -34.71 -74.21
CA TYR H 1685 24.10 -33.27 -74.27
C TYR H 1685 22.81 -32.50 -74.52
N LYS H 1686 22.01 -32.97 -75.48
CA LYS H 1686 20.72 -32.35 -75.76
C LYS H 1686 19.86 -32.29 -74.49
N PHE H 1687 19.68 -33.44 -73.83
CA PHE H 1687 18.83 -33.50 -72.65
C PHE H 1687 19.38 -32.63 -71.54
N PHE H 1688 20.69 -32.68 -71.32
CA PHE H 1688 21.28 -31.96 -70.20
C PHE H 1688 21.09 -30.46 -70.37
N HIS H 1689 21.36 -29.94 -71.57
CA HIS H 1689 21.26 -28.50 -71.75
C HIS H 1689 19.81 -28.04 -71.71
N ASN H 1690 18.90 -28.81 -72.34
CA ASN H 1690 17.48 -28.48 -72.27
C ASN H 1690 17.02 -28.45 -70.82
N GLY H 1691 17.34 -29.50 -70.06
CA GLY H 1691 16.93 -29.57 -68.68
C GLY H 1691 17.55 -28.50 -67.81
N MET H 1692 18.78 -28.10 -68.12
CA MET H 1692 19.41 -27.02 -67.38
C MET H 1692 18.63 -25.72 -67.59
N ILE H 1693 18.35 -25.37 -68.84
CA ILE H 1693 17.72 -24.06 -69.08
C ILE H 1693 16.30 -24.05 -68.56
N TYR H 1694 15.58 -25.16 -68.70
CA TYR H 1694 14.17 -25.22 -68.32
C TYR H 1694 13.95 -25.82 -66.94
N ASN H 1695 15.00 -26.05 -66.17
CA ASN H 1695 14.89 -26.53 -64.79
C ASN H 1695 14.11 -27.84 -64.72
N LYS H 1696 14.42 -28.76 -65.63
CA LYS H 1696 13.77 -30.06 -65.68
C LYS H 1696 14.80 -31.16 -65.97
N LEU H 1697 15.98 -31.07 -65.35
CA LEU H 1697 16.89 -32.20 -65.36
C LEU H 1697 16.29 -33.38 -64.58
N PHE H 1698 15.69 -33.10 -63.43
CA PHE H 1698 14.92 -34.08 -62.70
C PHE H 1698 13.51 -34.09 -63.29
N VAL H 1699 13.14 -35.22 -63.90
CA VAL H 1699 11.77 -35.47 -64.33
C VAL H 1699 11.23 -36.57 -63.42
N SER H 1700 10.31 -36.21 -62.54
CA SER H 1700 9.63 -37.22 -61.75
C SER H 1700 8.75 -38.08 -62.64
N LYS H 1701 8.81 -39.39 -62.43
CA LYS H 1701 7.92 -40.33 -63.11
C LYS H 1701 6.59 -40.29 -62.37
N GLU H 1702 5.50 -40.08 -63.12
CA GLU H 1702 4.18 -40.21 -62.51
C GLU H 1702 3.79 -41.67 -62.35
N HIS H 1703 4.14 -42.51 -63.32
CA HIS H 1703 3.72 -43.91 -63.37
C HIS H 1703 4.92 -44.81 -63.56
N ALA H 1704 4.84 -46.00 -62.97
CA ALA H 1704 5.84 -47.02 -63.18
C ALA H 1704 5.76 -47.52 -64.63
N PRO H 1705 6.80 -48.18 -65.14
CA PRO H 1705 6.77 -48.61 -66.54
C PRO H 1705 5.76 -49.71 -66.82
N TYR H 1706 5.17 -50.32 -65.78
CA TYR H 1706 4.12 -51.30 -65.91
C TYR H 1706 2.86 -50.79 -65.24
N THR H 1707 1.71 -51.26 -65.70
CA THR H 1707 0.46 -50.98 -65.03
C THR H 1707 0.31 -51.88 -63.80
N ASP H 1708 -0.69 -51.58 -62.99
CA ASP H 1708 -0.93 -52.39 -61.79
C ASP H 1708 -1.29 -53.82 -62.15
N GLU H 1709 -2.09 -54.00 -63.21
CA GLU H 1709 -2.52 -55.36 -63.57
C GLU H 1709 -1.36 -56.15 -64.15
N LEU H 1710 -0.43 -55.49 -64.83
CA LEU H 1710 0.72 -56.15 -65.45
C LEU H 1710 1.94 -56.18 -64.56
N GLU H 1711 1.86 -55.59 -63.36
CA GLU H 1711 2.99 -55.53 -62.45
C GLU H 1711 3.48 -56.93 -62.07
N GLU H 1712 2.56 -57.80 -61.66
CA GLU H 1712 2.95 -59.15 -61.27
C GLU H 1712 3.53 -59.93 -62.43
N ASP H 1713 2.95 -59.77 -63.63
CA ASP H 1713 3.48 -60.48 -64.78
C ASP H 1713 4.89 -60.01 -65.11
N VAL H 1714 5.14 -58.71 -65.02
CA VAL H 1714 6.48 -58.19 -65.27
C VAL H 1714 7.45 -58.72 -64.22
N TYR H 1715 7.04 -58.74 -62.96
CA TYR H 1715 7.89 -59.27 -61.90
C TYR H 1715 8.22 -60.73 -62.15
N LEU H 1716 7.22 -61.52 -62.55
CA LEU H 1716 7.39 -62.96 -62.68
C LEU H 1716 8.07 -63.36 -63.98
N ASP H 1717 8.14 -62.47 -64.97
CA ASP H 1717 8.88 -62.75 -66.20
C ASP H 1717 10.27 -62.13 -66.11
N PRO H 1718 11.35 -62.91 -66.12
CA PRO H 1718 12.69 -62.28 -66.11
C PRO H 1718 13.10 -61.70 -67.45
N LEU H 1719 12.50 -62.17 -68.55
CA LEU H 1719 12.83 -61.72 -69.89
C LEU H 1719 11.93 -60.59 -70.36
N ALA H 1720 11.08 -60.05 -69.51
CA ALA H 1720 10.27 -58.89 -69.88
C ALA H 1720 11.15 -57.66 -69.97
N ARG H 1721 11.00 -56.92 -71.08
CA ARG H 1721 11.72 -55.68 -71.30
C ARG H 1721 10.73 -54.62 -71.76
N VAL H 1722 10.98 -53.38 -71.37
CA VAL H 1722 10.14 -52.28 -71.81
C VAL H 1722 10.34 -52.05 -73.30
N SER H 1723 9.28 -51.56 -73.94
CA SER H 1723 9.32 -51.14 -75.33
C SER H 1723 8.75 -49.74 -75.40
N LYS H 1724 9.08 -49.03 -76.47
CA LYS H 1724 8.55 -47.70 -76.68
C LYS H 1724 7.11 -47.80 -77.17
N ASP H 1725 6.19 -47.21 -76.40
CA ASP H 1725 4.78 -47.23 -76.78
C ASP H 1725 4.54 -46.29 -77.95
N LYS H 1726 3.80 -46.78 -78.95
CA LYS H 1726 3.52 -45.96 -80.13
C LYS H 1726 2.71 -44.72 -79.76
N LYS H 1727 1.75 -44.88 -78.85
CA LYS H 1727 0.86 -43.76 -78.51
C LYS H 1727 1.53 -42.78 -77.55
N SER H 1728 1.88 -43.26 -76.36
CA SER H 1728 2.43 -42.37 -75.34
C SER H 1728 3.84 -41.90 -75.71
N GLY H 1729 4.63 -42.77 -76.34
CA GLY H 1729 6.00 -42.48 -76.65
C GLY H 1729 6.98 -42.80 -75.55
N SER H 1730 6.51 -43.21 -74.38
CA SER H 1730 7.36 -43.59 -73.26
C SER H 1730 7.68 -45.07 -73.31
N LEU H 1731 8.71 -45.46 -72.55
CA LEU H 1731 9.09 -46.86 -72.42
C LEU H 1731 8.20 -47.51 -71.36
N THR H 1732 7.44 -48.52 -71.76
CA THR H 1732 6.49 -49.18 -70.89
C THR H 1732 6.55 -50.68 -71.14
N PHE H 1733 6.06 -51.45 -70.16
CA PHE H 1733 6.00 -52.89 -70.31
C PHE H 1733 4.73 -53.29 -71.05
N ASN H 1734 4.88 -54.27 -71.94
CA ASN H 1734 3.84 -54.66 -72.88
C ASN H 1734 3.47 -56.11 -72.66
N SER H 1735 2.17 -56.39 -72.64
CA SER H 1735 1.68 -57.75 -72.44
C SER H 1735 2.20 -58.67 -73.53
N LYS H 1736 2.39 -58.14 -74.73
CA LYS H 1736 2.80 -58.97 -75.85
C LYS H 1736 4.29 -59.27 -75.79
N ASN H 1737 5.03 -58.52 -74.98
CA ASN H 1737 6.42 -58.80 -74.69
C ASN H 1737 6.61 -59.53 -73.37
N ILE H 1738 5.57 -59.65 -72.55
CA ILE H 1738 5.63 -60.38 -71.29
C ILE H 1738 5.28 -61.83 -71.55
N GLN H 1739 6.14 -62.74 -71.09
CA GLN H 1739 5.92 -64.18 -71.21
C GLN H 1739 5.71 -64.59 -72.67
N SER H 1740 6.57 -64.10 -73.55
CA SER H 1740 6.48 -64.37 -74.98
C SER H 1740 7.63 -65.26 -75.43
N LYS H 1741 7.37 -66.08 -76.46
CA LYS H 1741 8.38 -66.99 -76.96
C LYS H 1741 9.54 -66.27 -77.63
N ASP H 1742 9.28 -65.10 -78.24
CA ASP H 1742 10.34 -64.38 -78.93
C ASP H 1742 11.43 -63.92 -77.97
N SER H 1743 11.05 -63.60 -76.73
CA SER H 1743 12.04 -63.20 -75.73
C SER H 1743 12.96 -64.35 -75.35
N TYR H 1744 12.52 -65.59 -75.61
CA TYR H 1744 13.28 -66.78 -75.24
C TYR H 1744 13.74 -67.53 -76.48
N SER I 5 -77.94 47.31 -96.45
CA SER I 5 -76.48 47.31 -96.31
C SER I 5 -76.06 47.70 -94.91
N THR I 6 -75.71 46.70 -94.10
CA THR I 6 -75.22 46.92 -92.75
C THR I 6 -73.98 46.06 -92.54
N ARG I 7 -73.24 46.37 -91.47
CA ARG I 7 -72.11 45.55 -91.12
C ARG I 7 -71.94 45.47 -89.60
N PRO I 8 -71.28 44.42 -89.09
CA PRO I 8 -71.20 44.21 -87.64
C PRO I 8 -70.06 44.98 -87.01
N LEU I 9 -70.40 45.88 -86.09
CA LEU I 9 -69.43 46.58 -85.26
C LEU I 9 -69.51 45.97 -83.86
N THR I 10 -68.41 45.39 -83.39
CA THR I 10 -68.40 44.66 -82.13
C THR I 10 -67.88 45.57 -81.02
N LEU I 11 -68.66 45.69 -79.95
CA LEU I 11 -68.27 46.47 -78.79
C LEU I 11 -68.46 45.61 -77.54
N SER I 12 -67.41 45.56 -76.71
CA SER I 12 -67.25 44.50 -75.73
C SER I 12 -66.32 44.95 -74.62
N HIS I 13 -66.30 44.19 -73.53
CA HIS I 13 -65.42 44.46 -72.40
C HIS I 13 -65.15 43.12 -71.71
N GLY I 14 -64.05 42.48 -72.09
CA GLY I 14 -63.77 41.15 -71.57
C GLY I 14 -64.56 40.10 -72.31
N SER I 15 -65.18 39.18 -71.56
CA SER I 15 -65.92 38.10 -72.19
C SER I 15 -67.24 38.59 -72.78
N LEU I 16 -67.91 39.52 -72.12
CA LEU I 16 -69.18 40.04 -72.63
C LEU I 16 -68.96 40.89 -73.86
N GLU I 17 -69.88 40.79 -74.82
CA GLU I 17 -69.76 41.47 -76.09
C GLU I 17 -71.14 41.72 -76.67
N HIS I 18 -71.19 42.61 -77.66
CA HIS I 18 -72.44 42.84 -78.38
C HIS I 18 -72.10 43.47 -79.72
N VAL I 19 -72.77 43.00 -80.77
CA VAL I 19 -72.48 43.38 -82.15
C VAL I 19 -73.66 44.18 -82.68
N LEU I 20 -73.37 45.34 -83.28
CA LEU I 20 -74.39 46.24 -83.80
C LEU I 20 -74.31 46.25 -85.33
N LEU I 21 -75.45 46.08 -85.98
CA LEU I 21 -75.51 46.11 -87.45
C LEU I 21 -75.65 47.55 -87.89
N VAL I 22 -74.50 48.22 -88.02
CA VAL I 22 -74.48 49.65 -88.35
C VAL I 22 -74.58 49.82 -89.86
N PRO I 23 -75.39 50.76 -90.37
CA PRO I 23 -75.36 51.01 -91.82
C PRO I 23 -74.00 51.49 -92.29
N THR I 24 -73.68 51.17 -93.54
CA THR I 24 -72.38 51.55 -94.09
C THR I 24 -72.22 53.06 -94.17
N ALA I 25 -73.33 53.80 -94.19
CA ALA I 25 -73.25 55.26 -94.34
C ALA I 25 -72.51 55.90 -93.17
N SER I 26 -72.80 55.45 -91.95
CA SER I 26 -72.23 56.02 -90.73
C SER I 26 -71.34 55.04 -89.99
N PHE I 27 -70.85 53.99 -90.64
CA PHE I 27 -69.99 53.03 -89.97
C PHE I 27 -68.69 53.70 -89.51
N PHE I 28 -68.15 54.59 -90.33
CA PHE I 28 -66.90 55.26 -89.95
C PHE I 28 -67.07 56.07 -88.67
N ILE I 29 -68.18 56.81 -88.57
CA ILE I 29 -68.47 57.57 -87.35
C ILE I 29 -68.63 56.62 -86.17
N ALA I 30 -69.40 55.55 -86.37
CA ALA I 30 -69.62 54.58 -85.30
C ALA I 30 -68.31 53.94 -84.85
N SER I 31 -67.39 53.75 -85.80
CA SER I 31 -66.13 53.08 -85.48
C SER I 31 -65.19 53.98 -84.69
N GLN I 32 -65.12 55.26 -85.07
CA GLN I 32 -64.35 56.18 -84.24
C GLN I 32 -65.00 56.34 -82.87
N LEU I 33 -66.33 56.25 -82.81
CA LEU I 33 -67.01 56.23 -81.52
C LEU I 33 -66.60 55.01 -80.70
N GLN I 34 -66.51 53.85 -81.34
CA GLN I 34 -66.03 52.65 -80.67
C GLN I 34 -64.62 52.87 -80.13
N GLU I 35 -63.74 53.43 -80.96
CA GLU I 35 -62.36 53.65 -80.56
C GLU I 35 -62.29 54.53 -79.32
N GLN I 36 -63.00 55.67 -79.34
CA GLN I 36 -62.98 56.57 -78.20
C GLN I 36 -63.68 55.94 -76.99
N PHE I 37 -64.74 55.17 -77.23
CA PHE I 37 -65.46 54.53 -76.14
C PHE I 37 -64.56 53.59 -75.37
N ASN I 38 -63.80 52.75 -76.09
CA ASN I 38 -62.84 51.89 -75.41
C ASN I 38 -61.65 52.66 -74.86
N LYS I 39 -61.28 53.79 -75.46
CA LYS I 39 -60.26 54.63 -74.87
C LYS I 39 -60.66 55.17 -73.51
N ILE I 40 -61.96 55.42 -73.29
CA ILE I 40 -62.46 55.89 -72.01
C ILE I 40 -62.78 54.73 -71.08
N LEU I 41 -63.10 53.56 -71.64
CA LEU I 41 -63.54 52.44 -70.82
C LEU I 41 -62.37 51.87 -70.02
N PRO I 42 -62.59 51.46 -68.75
CA PRO I 42 -61.51 50.81 -68.00
C PRO I 42 -61.25 49.38 -68.45
N GLU I 43 -60.12 48.82 -68.03
CA GLU I 43 -59.71 47.49 -68.49
C GLU I 43 -60.55 46.40 -67.82
N PRO I 44 -60.80 45.27 -68.49
CA PRO I 44 -61.50 44.17 -67.81
C PRO I 44 -60.74 43.66 -66.60
N THR I 45 -61.51 43.26 -65.58
CA THR I 45 -61.01 42.58 -64.40
C THR I 45 -61.61 41.18 -64.34
N GLU I 46 -61.31 40.45 -63.25
CA GLU I 46 -61.78 39.08 -63.08
C GLU I 46 -63.08 39.11 -62.30
N GLY I 47 -64.21 39.00 -63.02
CA GLY I 47 -65.52 38.96 -62.41
C GLY I 47 -66.32 40.25 -62.50
N PHE I 48 -65.71 41.34 -62.96
CA PHE I 48 -66.41 42.61 -63.13
C PHE I 48 -66.94 43.14 -61.79
N ALA I 49 -66.00 43.40 -60.88
CA ALA I 49 -66.33 43.93 -59.56
C ALA I 49 -66.12 45.43 -59.44
N ALA I 50 -65.23 46.01 -60.26
CA ALA I 50 -64.92 47.42 -60.13
C ALA I 50 -66.09 48.29 -60.55
N ASP I 51 -66.13 49.51 -60.01
CA ASP I 51 -67.14 50.48 -60.43
C ASP I 51 -66.81 50.99 -61.82
N ASP I 52 -67.85 51.46 -62.51
CA ASP I 52 -67.72 51.89 -63.91
C ASP I 52 -67.23 50.75 -64.79
N GLU I 53 -67.59 49.52 -64.42
CA GLU I 53 -67.16 48.32 -65.14
C GLU I 53 -68.40 47.51 -65.46
N PRO I 54 -68.70 47.24 -66.74
CA PRO I 54 -69.91 46.46 -67.05
C PRO I 54 -69.77 45.02 -66.56
N THR I 55 -70.92 44.43 -66.20
CA THR I 55 -70.99 43.04 -65.80
C THR I 55 -71.76 42.17 -66.77
N THR I 56 -72.62 42.73 -67.59
CA THR I 56 -73.40 41.99 -68.57
C THR I 56 -73.38 42.78 -69.87
N PRO I 57 -73.59 42.10 -71.02
CA PRO I 57 -73.70 42.82 -72.28
C PRO I 57 -74.72 43.92 -72.28
N ALA I 58 -75.84 43.71 -71.56
CA ALA I 58 -76.83 44.79 -71.43
C ALA I 58 -76.22 46.02 -70.79
N GLU I 59 -75.47 45.83 -69.69
CA GLU I 59 -74.83 46.96 -69.04
C GLU I 59 -73.82 47.64 -69.95
N LEU I 60 -73.07 46.85 -70.72
CA LEU I 60 -72.08 47.45 -71.62
C LEU I 60 -72.73 48.27 -72.73
N VAL I 61 -73.78 47.75 -73.37
CA VAL I 61 -74.46 48.54 -74.39
C VAL I 61 -75.13 49.77 -73.77
N GLY I 62 -75.63 49.64 -72.55
CA GLY I 62 -76.16 50.82 -71.87
C GLY I 62 -75.10 51.86 -71.62
N LYS I 63 -73.89 51.44 -71.24
CA LYS I 63 -72.81 52.38 -70.99
C LYS I 63 -72.34 53.04 -72.28
N PHE I 64 -72.28 52.28 -73.37
CA PHE I 64 -72.00 52.89 -74.67
C PHE I 64 -73.09 53.91 -75.03
N LEU I 65 -74.34 53.57 -74.72
CA LEU I 65 -75.44 54.50 -74.97
C LEU I 65 -75.25 55.78 -74.18
N GLY I 66 -74.86 55.65 -72.91
CA GLY I 66 -74.61 56.84 -72.11
C GLY I 66 -73.45 57.67 -72.64
N TYR I 67 -72.41 57.01 -73.12
CA TYR I 67 -71.26 57.72 -73.68
C TYR I 67 -71.67 58.53 -74.90
N VAL I 68 -72.38 57.90 -75.84
CA VAL I 68 -72.81 58.62 -77.04
C VAL I 68 -73.81 59.71 -76.66
N SER I 69 -74.65 59.43 -75.65
CA SER I 69 -75.59 60.44 -75.15
C SER I 69 -74.85 61.67 -74.64
N SER I 70 -73.77 61.47 -73.90
CA SER I 70 -72.96 62.60 -73.45
C SER I 70 -72.34 63.32 -74.62
N LEU I 71 -71.94 62.61 -75.68
CA LEU I 71 -71.33 63.25 -76.83
C LEU I 71 -72.31 64.02 -77.70
N VAL I 72 -73.60 63.67 -77.73
CA VAL I 72 -74.56 64.37 -78.57
C VAL I 72 -75.01 65.62 -77.81
N GLU I 73 -75.26 66.71 -78.55
CA GLU I 73 -75.78 67.94 -77.99
C GLU I 73 -77.20 68.18 -78.48
N PRO I 74 -78.20 68.40 -77.60
CA PRO I 74 -79.54 68.64 -78.15
C PRO I 74 -79.63 69.89 -79.00
N GLY I 78 -75.76 68.41 -84.88
CA GLY I 78 -76.13 67.03 -84.71
C GLY I 78 -75.52 66.12 -85.76
N GLN I 79 -74.52 65.33 -85.35
CA GLN I 79 -73.84 64.37 -86.21
C GLN I 79 -73.83 62.97 -85.64
N PHE I 80 -73.81 62.83 -84.31
CA PHE I 80 -73.81 61.54 -83.64
C PHE I 80 -75.23 61.07 -83.29
N ASP I 81 -76.25 61.85 -83.66
CA ASP I 81 -77.62 61.50 -83.32
C ASP I 81 -78.05 60.22 -84.01
N GLN I 82 -77.65 60.02 -85.26
CA GLN I 82 -78.05 58.82 -85.99
C GLN I 82 -77.47 57.57 -85.35
N VAL I 83 -76.19 57.61 -84.96
CA VAL I 83 -75.59 56.43 -84.35
C VAL I 83 -76.20 56.18 -82.98
N LEU I 84 -76.50 57.25 -82.23
CA LEU I 84 -77.21 57.09 -80.96
C LEU I 84 -78.55 56.41 -81.18
N ASN I 85 -79.30 56.86 -82.17
CA ASN I 85 -80.60 56.25 -82.45
C ASN I 85 -80.44 54.79 -82.84
N LEU I 86 -79.42 54.48 -83.63
CA LEU I 86 -79.22 53.10 -84.06
C LEU I 86 -78.93 52.19 -82.88
N CYS I 87 -77.96 52.55 -82.04
CA CYS I 87 -77.62 51.67 -80.93
C CYS I 87 -78.74 51.64 -79.88
N LEU I 88 -79.49 52.74 -79.73
CA LEU I 88 -80.64 52.71 -78.84
C LEU I 88 -81.71 51.77 -79.35
N THR I 89 -81.97 51.79 -80.66
CA THR I 89 -82.94 50.86 -81.24
C THR I 89 -82.47 49.43 -81.03
N GLU I 90 -81.18 49.16 -81.21
CA GLU I 90 -80.68 47.82 -80.99
C GLU I 90 -80.83 47.40 -79.54
N PHE I 91 -80.56 48.30 -78.60
CA PHE I 91 -80.73 47.99 -77.18
C PHE I 91 -82.19 47.67 -76.87
N GLU I 92 -83.12 48.47 -77.41
CA GLU I 92 -84.53 48.22 -77.18
C GLU I 92 -84.96 46.87 -77.76
N ASN I 93 -84.50 46.57 -78.98
CA ASN I 93 -84.88 45.30 -79.60
C ASN I 93 -84.33 44.11 -78.82
N CYS I 94 -83.08 44.20 -78.36
CA CYS I 94 -82.42 43.04 -77.78
C CYS I 94 -82.77 42.84 -76.30
N TYR I 95 -82.58 43.86 -75.47
CA TYR I 95 -82.60 43.64 -74.02
C TYR I 95 -83.90 44.05 -73.35
N LEU I 96 -84.61 45.03 -73.90
CA LEU I 96 -85.88 45.43 -73.28
C LEU I 96 -86.97 44.38 -73.49
N GLU I 97 -86.91 43.65 -74.60
CA GLU I 97 -87.94 42.65 -74.91
C GLU I 97 -89.32 43.30 -74.97
N GLY I 98 -89.37 44.52 -75.49
CA GLY I 98 -90.61 45.28 -75.49
C GLY I 98 -91.07 45.69 -74.12
N ASN I 99 -90.22 45.55 -73.11
CA ASN I 99 -90.54 45.89 -71.73
C ASN I 99 -89.88 47.22 -71.35
N ASP I 100 -90.18 47.68 -70.15
CA ASP I 100 -89.63 48.94 -69.69
C ASP I 100 -88.21 48.78 -69.14
N ILE I 101 -87.51 49.91 -69.07
CA ILE I 101 -86.13 49.91 -68.60
C ILE I 101 -86.07 49.40 -67.16
N HIS I 102 -87.06 49.74 -66.34
CA HIS I 102 -87.03 49.30 -64.95
C HIS I 102 -87.29 47.80 -64.82
N ALA I 103 -88.17 47.25 -65.64
CA ALA I 103 -88.35 45.80 -65.65
C ALA I 103 -87.06 45.11 -66.08
N LEU I 104 -86.40 45.64 -67.11
CA LEU I 104 -85.11 45.08 -67.53
C LEU I 104 -84.11 45.16 -66.39
N ALA I 105 -84.08 46.29 -65.69
CA ALA I 105 -83.14 46.49 -64.59
C ALA I 105 -83.39 45.49 -63.46
N ALA I 106 -84.66 45.28 -63.12
CA ALA I 106 -84.97 44.28 -62.10
C ALA I 106 -84.55 42.89 -62.54
N LYS I 107 -84.71 42.59 -63.84
CA LYS I 107 -84.27 41.30 -64.35
C LYS I 107 -82.76 41.14 -64.19
N LEU I 108 -81.98 42.17 -64.51
CA LEU I 108 -80.54 42.08 -64.29
C LEU I 108 -80.20 41.97 -62.81
N LEU I 109 -80.94 42.67 -61.94
CA LEU I 109 -80.68 42.56 -60.52
C LEU I 109 -80.89 41.15 -60.00
N GLN I 110 -81.98 40.51 -60.39
CA GLN I 110 -82.26 39.15 -59.91
C GLN I 110 -81.40 38.11 -60.64
N GLU I 111 -81.62 37.95 -61.94
CA GLU I 111 -80.99 36.84 -62.66
C GLU I 111 -79.48 37.00 -62.71
N ASN I 112 -78.99 38.17 -63.10
CA ASN I 112 -77.58 38.38 -63.37
C ASN I 112 -76.89 39.00 -62.15
N ASP I 113 -75.55 38.94 -62.17
CA ASP I 113 -74.75 39.41 -61.04
C ASP I 113 -74.49 40.91 -61.20
N THR I 114 -75.57 41.67 -61.10
CA THR I 114 -75.56 43.12 -61.29
C THR I 114 -75.83 43.80 -59.95
N THR I 115 -75.11 44.88 -59.70
CA THR I 115 -75.24 45.65 -58.47
C THR I 115 -76.11 46.88 -58.67
N LEU I 116 -76.51 47.48 -57.56
CA LEU I 116 -77.50 48.56 -57.61
C LEU I 116 -76.97 49.79 -58.34
N VAL I 117 -75.70 50.15 -58.11
CA VAL I 117 -75.16 51.34 -58.77
C VAL I 117 -75.05 51.10 -60.28
N LYS I 118 -74.68 49.88 -60.68
CA LYS I 118 -74.64 49.56 -62.11
C LYS I 118 -76.03 49.61 -62.71
N THR I 119 -77.03 49.13 -61.98
CA THR I 119 -78.40 49.23 -62.46
C THR I 119 -78.82 50.68 -62.62
N LYS I 120 -78.50 51.52 -61.63
CA LYS I 120 -78.92 52.92 -61.67
C LYS I 120 -78.25 53.65 -62.83
N GLU I 121 -76.95 53.43 -63.04
CA GLU I 121 -76.29 54.10 -64.15
C GLU I 121 -76.75 53.55 -65.50
N LEU I 122 -77.10 52.26 -65.56
CA LEU I 122 -77.69 51.74 -66.79
C LEU I 122 -79.02 52.44 -67.10
N ILE I 123 -79.87 52.59 -66.08
CA ILE I 123 -81.15 53.27 -66.29
C ILE I 123 -80.92 54.71 -66.71
N LYS I 124 -79.96 55.38 -66.06
CA LYS I 124 -79.64 56.75 -66.42
C LYS I 124 -79.19 56.84 -67.87
N ASN I 125 -78.32 55.92 -68.29
CA ASN I 125 -77.83 55.95 -69.65
C ASN I 125 -78.96 55.73 -70.64
N TYR I 126 -79.85 54.78 -70.36
CA TYR I 126 -80.96 54.52 -71.27
C TYR I 126 -81.87 55.74 -71.40
N ILE I 127 -82.24 56.34 -70.26
CA ILE I 127 -83.18 57.46 -70.30
C ILE I 127 -82.52 58.67 -70.95
N THR I 128 -81.25 58.92 -70.63
CA THR I 128 -80.53 60.01 -71.26
C THR I 128 -80.44 59.81 -72.77
N ALA I 129 -80.14 58.58 -73.20
CA ALA I 129 -80.10 58.31 -74.63
C ALA I 129 -81.46 58.57 -75.26
N ARG I 130 -82.54 58.16 -74.58
CA ARG I 130 -83.87 58.37 -75.11
C ARG I 130 -84.17 59.85 -75.30
N ILE I 131 -83.75 60.69 -74.35
CA ILE I 131 -84.11 62.10 -74.43
C ILE I 131 -83.17 62.90 -75.32
N MET I 132 -81.89 62.53 -75.44
CA MET I 132 -81.01 63.18 -76.40
C MET I 132 -81.23 62.68 -77.83
N ALA I 133 -81.84 61.51 -78.02
CA ALA I 133 -82.10 61.00 -79.36
C ALA I 133 -83.42 61.52 -79.94
N LYS I 134 -83.98 62.58 -79.37
CA LYS I 134 -85.29 63.09 -79.80
C LYS I 134 -86.35 61.99 -79.71
N ARG I 135 -86.26 61.18 -78.65
CA ARG I 135 -87.15 60.05 -78.41
C ARG I 135 -87.72 60.16 -77.00
N PRO I 136 -88.60 61.13 -76.74
CA PRO I 136 -89.14 61.26 -75.39
C PRO I 136 -90.04 60.08 -75.04
N PHE I 137 -90.32 59.96 -73.75
CA PHE I 137 -91.30 58.98 -73.28
C PHE I 137 -92.72 59.55 -73.40
N ASP I 138 -93.09 59.96 -74.61
CA ASP I 138 -94.38 60.56 -74.88
C ASP I 138 -95.43 59.54 -75.31
N LYS I 139 -95.06 58.28 -75.46
CA LYS I 139 -96.01 57.24 -75.85
C LYS I 139 -96.70 56.69 -74.61
N LYS I 140 -98.02 56.54 -74.70
CA LYS I 140 -98.79 55.98 -73.61
C LYS I 140 -98.31 54.57 -73.30
N SER I 141 -97.72 54.40 -72.12
CA SER I 141 -97.20 53.10 -71.73
C SER I 141 -98.33 52.11 -71.54
N ASN I 142 -98.09 50.87 -71.98
CA ASN I 142 -99.06 49.78 -71.86
C ASN I 142 -98.84 48.95 -70.61
N SER I 143 -98.38 49.59 -69.53
CA SER I 143 -98.09 48.87 -68.29
C SER I 143 -99.33 48.14 -67.79
N ALA I 144 -99.11 46.93 -67.26
CA ALA I 144 -100.22 46.05 -66.89
C ALA I 144 -101.08 46.68 -65.79
N LEU I 145 -100.43 47.29 -64.79
CA LEU I 145 -101.18 47.89 -63.69
C LEU I 145 -102.13 48.98 -64.18
N PHE I 146 -101.65 49.85 -65.05
CA PHE I 146 -102.48 50.95 -65.50
C PHE I 146 -103.47 50.53 -66.57
N ARG I 147 -103.17 49.47 -67.33
CA ARG I 147 -104.21 48.89 -68.18
C ARG I 147 -105.32 48.31 -67.33
N ALA I 148 -104.96 47.65 -66.23
CA ALA I 148 -105.96 47.14 -65.30
C ALA I 148 -106.80 48.27 -64.73
N VAL I 149 -106.15 49.38 -64.37
CA VAL I 149 -106.89 50.54 -63.87
C VAL I 149 -107.83 51.07 -64.93
N GLY I 150 -107.35 51.21 -66.17
CA GLY I 150 -108.18 51.74 -67.23
C GLY I 150 -109.40 50.89 -67.51
N GLU I 151 -109.24 49.57 -67.47
CA GLU I 151 -110.38 48.67 -67.62
C GLU I 151 -111.15 48.46 -66.32
N GLY I 152 -110.72 49.08 -65.22
CA GLY I 152 -111.44 49.00 -63.97
C GLY I 152 -111.12 47.80 -63.12
N ASN I 153 -110.10 47.02 -63.48
CA ASN I 153 -109.76 45.84 -62.70
C ASN I 153 -109.09 46.21 -61.39
N ALA I 154 -108.25 47.24 -61.40
CA ALA I 154 -107.44 47.63 -60.24
C ALA I 154 -107.76 49.06 -59.82
N GLN I 155 -107.59 49.32 -58.53
CA GLN I 155 -107.79 50.65 -57.95
C GLN I 155 -106.48 51.09 -57.31
N LEU I 156 -106.10 52.34 -57.59
CA LEU I 156 -104.79 52.87 -57.24
C LEU I 156 -104.93 53.98 -56.20
N VAL I 157 -104.19 53.85 -55.11
CA VAL I 157 -104.10 54.89 -54.09
C VAL I 157 -102.64 55.26 -53.92
N ALA I 158 -102.33 56.55 -54.05
CA ALA I 158 -101.00 57.04 -53.76
C ALA I 158 -100.89 57.37 -52.28
N ILE I 159 -99.80 56.94 -51.66
CA ILE I 159 -99.46 57.32 -50.29
C ILE I 159 -98.09 57.96 -50.31
N PHE I 160 -97.98 59.12 -49.66
CA PHE I 160 -96.75 59.89 -49.62
C PHE I 160 -96.21 59.89 -48.19
N GLY I 161 -94.95 59.50 -48.05
CA GLY I 161 -94.33 59.38 -46.76
C GLY I 161 -93.99 60.72 -46.15
N GLY I 162 -93.39 60.66 -44.97
CA GLY I 162 -93.02 61.85 -44.23
C GLY I 162 -91.75 61.64 -43.43
N GLN I 163 -91.70 62.25 -42.25
CA GLN I 163 -90.52 62.20 -41.41
C GLN I 163 -90.37 60.84 -40.76
N GLY I 164 -89.12 60.52 -40.40
CA GLY I 164 -88.82 59.33 -39.64
C GLY I 164 -88.62 58.07 -40.45
N ASN I 165 -88.85 58.11 -41.76
CA ASN I 165 -88.71 56.90 -42.57
C ASN I 165 -87.26 56.48 -42.68
N THR I 166 -86.34 57.45 -42.76
CA THR I 166 -84.92 57.15 -42.88
C THR I 166 -84.11 58.32 -42.34
N ASP I 167 -82.90 58.01 -41.89
CA ASP I 167 -81.97 59.03 -41.40
C ASP I 167 -81.11 59.62 -42.50
N ASP I 168 -81.15 59.08 -43.72
CA ASP I 168 -80.30 59.52 -44.82
C ASP I 168 -81.14 59.75 -46.07
N TYR I 169 -82.24 60.49 -45.89
CA TYR I 169 -83.15 60.73 -47.01
C TYR I 169 -82.47 61.48 -48.14
N PHE I 170 -81.41 62.24 -47.86
CA PHE I 170 -80.82 63.08 -48.89
C PHE I 170 -80.19 62.26 -50.00
N GLU I 171 -79.71 61.05 -49.69
CA GLU I 171 -79.16 60.20 -50.74
C GLU I 171 -80.23 59.82 -51.75
N GLU I 172 -81.50 59.77 -51.33
CA GLU I 172 -82.57 59.51 -52.28
C GLU I 172 -82.70 60.68 -53.26
N LEU I 173 -82.63 61.90 -52.76
CA LEU I 173 -82.66 63.06 -53.66
C LEU I 173 -81.45 63.05 -54.58
N ARG I 174 -80.28 62.67 -54.03
CA ARG I 174 -79.06 62.65 -54.83
C ARG I 174 -79.15 61.62 -55.94
N ASP I 175 -79.64 60.42 -55.63
CA ASP I 175 -79.70 59.38 -56.66
C ASP I 175 -80.83 59.65 -57.64
N LEU I 176 -81.87 60.35 -57.20
CA LEU I 176 -82.87 60.82 -58.16
C LEU I 176 -82.25 61.80 -59.15
N TYR I 177 -81.55 62.82 -58.63
CA TYR I 177 -80.92 63.81 -59.50
C TYR I 177 -79.86 63.20 -60.39
N GLN I 178 -79.20 62.12 -59.96
CA GLN I 178 -78.22 61.44 -60.80
C GLN I 178 -78.90 60.54 -61.84
N THR I 179 -79.65 59.54 -61.37
CA THR I 179 -80.20 58.53 -62.26
C THR I 179 -81.20 59.13 -63.24
N TYR I 180 -82.01 60.08 -62.79
CA TYR I 180 -83.04 60.69 -63.60
C TYR I 180 -82.79 62.19 -63.75
N HIS I 181 -81.52 62.54 -64.02
CA HIS I 181 -81.15 63.95 -64.16
C HIS I 181 -81.97 64.61 -65.24
N VAL I 182 -82.05 63.98 -66.42
CA VAL I 182 -82.68 64.66 -67.56
C VAL I 182 -84.19 64.71 -67.35
N LEU I 183 -84.74 63.83 -66.52
CA LEU I 183 -86.19 63.80 -66.30
C LEU I 183 -86.60 64.82 -65.25
N VAL I 184 -86.08 64.70 -64.03
CA VAL I 184 -86.47 65.55 -62.91
C VAL I 184 -85.52 66.73 -62.74
N GLY I 185 -84.69 67.03 -63.73
CA GLY I 185 -83.79 68.17 -63.61
C GLY I 185 -84.53 69.48 -63.54
N ASP I 186 -85.55 69.63 -64.39
CA ASP I 186 -86.36 70.84 -64.33
C ASP I 186 -87.04 70.97 -62.98
N LEU I 187 -87.55 69.86 -62.45
CA LEU I 187 -88.21 69.90 -61.13
C LEU I 187 -87.22 70.31 -60.04
N ILE I 188 -86.02 69.73 -60.05
CA ILE I 188 -85.05 70.03 -59.02
C ILE I 188 -84.60 71.49 -59.10
N LYS I 189 -84.31 71.97 -60.31
CA LYS I 189 -83.92 73.35 -60.48
C LYS I 189 -85.03 74.29 -60.04
N PHE I 190 -86.27 73.99 -60.40
CA PHE I 190 -87.39 74.84 -60.00
C PHE I 190 -87.54 74.85 -58.48
N SER I 191 -87.47 73.68 -57.85
CA SER I 191 -87.62 73.62 -56.41
C SER I 191 -86.53 74.41 -55.70
N ALA I 192 -85.29 74.28 -56.18
CA ALA I 192 -84.19 75.07 -55.61
C ALA I 192 -84.44 76.56 -55.81
N GLU I 193 -84.92 76.95 -56.99
CA GLU I 193 -85.15 78.36 -57.28
C GLU I 193 -86.20 78.95 -56.34
N THR I 194 -87.36 78.30 -56.22
CA THR I 194 -88.39 78.84 -55.34
C THR I 194 -88.00 78.74 -53.87
N LEU I 195 -87.21 77.74 -53.49
CA LEU I 195 -86.75 77.67 -52.11
C LEU I 195 -85.81 78.83 -51.79
N SER I 196 -84.89 79.13 -52.69
CA SER I 196 -84.02 80.29 -52.50
C SER I 196 -84.83 81.58 -52.49
N GLU I 197 -85.83 81.69 -53.37
CA GLU I 197 -86.66 82.89 -53.39
C GLU I 197 -87.43 83.05 -52.09
N LEU I 198 -87.95 81.95 -51.55
CA LEU I 198 -88.69 82.01 -50.30
C LEU I 198 -87.77 82.37 -49.14
N ILE I 199 -86.54 81.87 -49.15
CA ILE I 199 -85.58 82.27 -48.13
C ILE I 199 -85.29 83.77 -48.24
N ARG I 200 -85.12 84.27 -49.46
CA ARG I 200 -84.81 85.69 -49.65
C ARG I 200 -85.98 86.56 -49.21
N THR I 201 -87.21 86.16 -49.54
CA THR I 201 -88.39 86.96 -49.23
C THR I 201 -88.93 86.72 -47.83
N THR I 202 -88.40 85.75 -47.10
CA THR I 202 -88.82 85.50 -45.74
C THR I 202 -88.01 86.37 -44.78
N LEU I 203 -88.63 86.75 -43.67
CA LEU I 203 -88.06 87.78 -42.80
C LEU I 203 -86.70 87.37 -42.24
N ASP I 204 -86.62 86.18 -41.64
CA ASP I 204 -85.39 85.71 -41.00
C ASP I 204 -85.17 84.23 -41.28
N ALA I 205 -85.39 83.81 -42.53
CA ALA I 205 -85.20 82.40 -42.88
C ALA I 205 -83.72 82.04 -42.90
N GLU I 206 -82.85 82.99 -43.25
CA GLU I 206 -81.43 82.68 -43.30
C GLU I 206 -80.88 82.30 -41.94
N LYS I 207 -81.50 82.79 -40.85
CA LYS I 207 -81.08 82.35 -39.53
C LYS I 207 -81.38 80.87 -39.32
N VAL I 208 -82.55 80.43 -39.79
CA VAL I 208 -82.89 79.01 -39.75
C VAL I 208 -81.96 78.19 -40.64
N PHE I 209 -81.59 78.72 -41.80
CA PHE I 209 -80.71 78.04 -42.75
C PHE I 209 -79.29 78.57 -42.57
N THR I 210 -78.58 78.02 -41.57
CA THR I 210 -77.23 78.46 -41.30
C THR I 210 -76.30 78.13 -42.46
N GLN I 211 -76.42 76.93 -43.03
CA GLN I 211 -75.62 76.51 -44.17
C GLN I 211 -76.32 76.71 -45.50
N GLY I 212 -77.29 77.62 -45.57
CA GLY I 212 -78.01 77.87 -46.79
C GLY I 212 -78.89 76.70 -47.17
N LEU I 213 -79.51 76.83 -48.33
CA LEU I 213 -80.36 75.77 -48.90
C LEU I 213 -80.09 75.65 -50.39
N ASN I 214 -78.82 75.73 -50.76
CA ASN I 214 -78.39 75.64 -52.17
C ASN I 214 -78.25 74.16 -52.50
N ILE I 215 -79.28 73.62 -53.15
CA ILE I 215 -79.34 72.17 -53.36
C ILE I 215 -78.60 71.77 -54.63
N LEU I 216 -78.58 72.64 -55.64
CA LEU I 216 -77.89 72.32 -56.88
C LEU I 216 -76.40 72.09 -56.62
N GLU I 217 -75.80 72.96 -55.80
CA GLU I 217 -74.39 72.81 -55.46
C GLU I 217 -74.16 71.55 -54.64
N TRP I 218 -75.05 71.26 -53.69
CA TRP I 218 -74.89 70.07 -52.87
C TRP I 218 -74.96 68.80 -53.71
N LEU I 219 -75.85 68.79 -54.70
CA LEU I 219 -75.99 67.62 -55.56
C LEU I 219 -74.80 67.49 -56.50
N GLU I 220 -74.36 68.60 -57.10
CA GLU I 220 -73.26 68.53 -58.04
C GLU I 220 -71.96 68.15 -57.35
N ASN I 221 -71.71 68.66 -56.15
CA ASN I 221 -70.49 68.40 -55.39
C ASN I 221 -70.88 67.73 -54.08
N PRO I 222 -70.91 66.39 -54.04
CA PRO I 222 -71.22 65.72 -52.77
C PRO I 222 -70.17 65.96 -51.70
N SER I 223 -68.96 66.36 -52.06
CA SER I 223 -67.89 66.52 -51.07
C SER I 223 -68.25 67.62 -50.07
N ASN I 224 -68.81 68.73 -50.55
CA ASN I 224 -69.12 69.89 -49.72
C ASN I 224 -70.57 69.90 -49.27
N THR I 225 -71.27 68.77 -49.33
CA THR I 225 -72.63 68.72 -48.84
C THR I 225 -72.65 68.87 -47.32
N PRO I 226 -73.72 69.42 -46.74
CA PRO I 226 -73.75 69.57 -45.28
C PRO I 226 -73.81 68.22 -44.58
N ASP I 227 -73.78 68.29 -43.25
CA ASP I 227 -73.80 67.07 -42.46
C ASP I 227 -75.22 66.54 -42.32
N LYS I 228 -75.30 65.26 -41.93
CA LYS I 228 -76.58 64.56 -41.93
C LYS I 228 -77.55 65.18 -40.94
N ASP I 229 -77.04 65.67 -39.80
CA ASP I 229 -77.93 66.30 -38.82
C ASP I 229 -78.55 67.57 -39.39
N TYR I 230 -77.75 68.41 -40.05
CA TYR I 230 -78.31 69.62 -40.65
C TYR I 230 -79.29 69.28 -41.75
N LEU I 231 -78.99 68.27 -42.56
CA LEU I 231 -79.92 67.87 -43.61
C LEU I 231 -81.23 67.35 -43.00
N LEU I 232 -81.12 66.61 -41.91
CA LEU I 232 -82.28 66.06 -41.21
C LEU I 232 -83.09 67.13 -40.49
N SER I 233 -82.50 68.30 -40.24
CA SER I 233 -83.24 69.39 -39.64
C SER I 233 -84.45 69.72 -40.50
N ILE I 234 -85.61 69.93 -39.85
CA ILE I 234 -86.88 70.00 -40.59
C ILE I 234 -86.95 71.13 -41.60
N PRO I 235 -86.34 72.31 -41.39
CA PRO I 235 -86.42 73.33 -42.45
C PRO I 235 -85.75 72.88 -43.74
N ILE I 236 -84.85 71.90 -43.66
CA ILE I 236 -84.35 71.22 -44.85
C ILE I 236 -85.23 70.03 -45.21
N SER I 237 -85.51 69.17 -44.23
CA SER I 237 -86.09 67.87 -44.51
C SER I 237 -87.48 67.98 -45.11
N CYS I 238 -88.31 68.90 -44.60
CA CYS I 238 -89.67 69.02 -45.11
C CYS I 238 -89.70 69.36 -46.60
N PRO I 239 -89.17 70.51 -47.04
CA PRO I 239 -89.17 70.77 -48.49
C PRO I 239 -88.41 69.74 -49.29
N LEU I 240 -87.34 69.16 -48.74
CA LEU I 240 -86.55 68.21 -49.52
C LEU I 240 -87.25 66.87 -49.64
N ILE I 241 -87.95 66.43 -48.59
CA ILE I 241 -88.78 65.24 -48.72
C ILE I 241 -89.91 65.50 -49.72
N GLY I 242 -90.44 66.72 -49.74
CA GLY I 242 -91.39 67.09 -50.77
C GLY I 242 -90.81 66.98 -52.17
N VAL I 243 -89.58 67.48 -52.35
CA VAL I 243 -88.92 67.38 -53.65
C VAL I 243 -88.73 65.92 -54.03
N ILE I 244 -88.34 65.08 -53.07
CA ILE I 244 -88.13 63.66 -53.37
C ILE I 244 -89.42 63.02 -53.82
N GLN I 245 -90.52 63.27 -53.10
CA GLN I 245 -91.80 62.69 -53.49
C GLN I 245 -92.25 63.18 -54.85
N LEU I 246 -92.10 64.48 -55.11
CA LEU I 246 -92.51 65.02 -56.41
C LEU I 246 -91.62 64.49 -57.51
N ALA I 247 -90.34 64.27 -57.24
CA ALA I 247 -89.45 63.67 -58.23
C ALA I 247 -89.86 62.24 -58.55
N HIS I 248 -90.25 61.48 -57.53
CA HIS I 248 -90.76 60.13 -57.77
C HIS I 248 -92.01 60.19 -58.65
N TYR I 249 -92.92 61.12 -58.34
CA TYR I 249 -94.14 61.26 -59.13
C TYR I 249 -93.82 61.63 -60.57
N VAL I 250 -92.87 62.55 -60.76
CA VAL I 250 -92.50 62.98 -62.11
C VAL I 250 -91.87 61.82 -62.88
N VAL I 251 -90.97 61.07 -62.23
CA VAL I 251 -90.33 59.94 -62.88
C VAL I 251 -91.38 58.92 -63.32
N THR I 252 -92.31 58.61 -62.42
CA THR I 252 -93.37 57.66 -62.76
C THR I 252 -94.19 58.15 -63.95
N ALA I 253 -94.67 59.39 -63.89
CA ALA I 253 -95.52 59.90 -64.96
C ALA I 253 -94.79 59.95 -66.29
N LYS I 254 -93.55 60.45 -66.29
CA LYS I 254 -92.81 60.58 -67.54
C LYS I 254 -92.49 59.22 -68.13
N LEU I 255 -92.02 58.28 -67.29
CA LEU I 255 -91.65 56.98 -67.80
C LEU I 255 -92.87 56.19 -68.28
N LEU I 256 -94.03 56.45 -67.70
CA LEU I 256 -95.27 55.86 -68.20
C LEU I 256 -95.90 56.67 -69.32
N GLY I 257 -95.31 57.81 -69.67
CA GLY I 257 -95.89 58.64 -70.72
C GLY I 257 -97.21 59.23 -70.30
N PHE I 258 -97.35 59.59 -69.04
CA PHE I 258 -98.56 60.19 -68.51
C PHE I 258 -98.26 61.63 -68.11
N THR I 259 -99.21 62.51 -68.34
CA THR I 259 -99.17 63.80 -67.68
C THR I 259 -99.53 63.59 -66.20
N PRO I 260 -99.09 64.50 -65.31
CA PRO I 260 -99.45 64.32 -63.91
C PRO I 260 -100.95 64.30 -63.67
N GLY I 261 -101.71 65.06 -64.46
CA GLY I 261 -103.15 65.05 -64.29
C GLY I 261 -103.78 63.71 -64.62
N GLU I 262 -103.37 63.10 -65.73
CA GLU I 262 -103.98 61.82 -66.09
C GLU I 262 -103.45 60.69 -65.22
N LEU I 263 -102.21 60.79 -64.76
CA LEU I 263 -101.75 59.82 -63.75
C LEU I 263 -102.59 59.93 -62.48
N ARG I 264 -102.89 61.16 -62.05
CA ARG I 264 -103.77 61.35 -60.91
C ARG I 264 -105.16 60.80 -61.17
N SER I 265 -105.67 60.99 -62.38
CA SER I 265 -106.98 60.45 -62.72
C SER I 265 -107.00 58.93 -62.63
N TYR I 266 -105.93 58.28 -63.10
CA TYR I 266 -105.79 56.84 -62.90
C TYR I 266 -105.77 56.47 -61.42
N LEU I 267 -105.09 57.25 -60.58
CA LEU I 267 -105.12 57.00 -59.15
C LEU I 267 -106.54 57.12 -58.62
N LYS I 268 -106.99 56.09 -57.88
CA LYS I 268 -108.28 56.16 -57.23
C LYS I 268 -108.27 57.18 -56.10
N GLY I 269 -107.17 57.31 -55.38
CA GLY I 269 -107.11 58.27 -54.30
C GLY I 269 -105.68 58.64 -53.96
N ALA I 270 -105.55 59.55 -53.01
CA ALA I 270 -104.24 60.00 -52.56
C ALA I 270 -104.30 60.32 -51.07
N THR I 271 -103.15 60.20 -50.41
CA THR I 271 -103.05 60.53 -48.98
C THR I 271 -101.57 60.54 -48.61
N GLY I 272 -101.31 60.90 -47.36
CA GLY I 272 -99.92 60.98 -46.91
C GLY I 272 -99.81 60.87 -45.41
N HIS I 273 -98.67 60.35 -44.98
CA HIS I 273 -98.30 60.27 -43.57
C HIS I 273 -97.74 61.62 -43.15
N ALA I 274 -98.57 62.43 -42.50
CA ALA I 274 -98.13 63.72 -41.97
C ALA I 274 -97.64 64.62 -43.09
N GLN I 275 -96.33 64.63 -43.33
CA GLN I 275 -95.76 65.55 -44.31
C GLN I 275 -96.25 65.24 -45.72
N GLY I 276 -96.41 63.97 -46.05
CA GLY I 276 -96.75 63.60 -47.42
C GLY I 276 -98.13 64.05 -47.84
N LEU I 277 -98.96 64.49 -46.89
CA LEU I 277 -100.29 64.96 -47.23
C LEU I 277 -100.24 66.15 -48.17
N VAL I 278 -99.21 66.99 -48.00
CA VAL I 278 -99.06 68.15 -48.88
C VAL I 278 -98.83 67.69 -50.32
N THR I 279 -97.93 66.73 -50.49
CA THR I 279 -97.69 66.18 -51.82
C THR I 279 -98.93 65.50 -52.37
N ALA I 280 -99.69 64.83 -51.51
CA ALA I 280 -100.92 64.19 -51.94
C ALA I 280 -101.91 65.20 -52.50
N VAL I 281 -102.10 66.31 -51.80
CA VAL I 281 -103.03 67.34 -52.28
C VAL I 281 -102.48 67.99 -53.55
N ALA I 282 -101.16 68.19 -53.61
CA ALA I 282 -100.58 68.82 -54.79
C ALA I 282 -100.78 67.97 -56.04
N ILE I 283 -100.41 66.69 -55.97
CA ILE I 283 -100.59 65.81 -57.12
C ILE I 283 -102.07 65.57 -57.39
N ALA I 284 -102.92 65.69 -56.37
CA ALA I 284 -104.36 65.67 -56.58
C ALA I 284 -104.84 66.85 -57.41
N GLU I 285 -104.26 68.04 -57.21
CA GLU I 285 -104.64 69.22 -57.96
C GLU I 285 -103.93 69.34 -59.31
N THR I 286 -102.86 68.57 -59.53
CA THR I 286 -102.12 68.68 -60.79
C THR I 286 -103.00 68.34 -61.99
N ASP I 287 -102.75 69.04 -63.11
CA ASP I 287 -103.52 68.89 -64.34
C ASP I 287 -102.66 68.50 -65.53
N SER I 288 -101.54 69.18 -65.76
CA SER I 288 -100.71 68.90 -66.92
C SER I 288 -99.28 69.35 -66.60
N TRP I 289 -98.36 69.04 -67.51
CA TRP I 289 -96.97 69.43 -67.30
C TRP I 289 -96.79 70.93 -67.30
N GLU I 290 -97.62 71.65 -68.06
CA GLU I 290 -97.48 73.11 -68.13
C GLU I 290 -97.70 73.75 -66.77
N SER I 291 -98.72 73.30 -66.05
CA SER I 291 -99.08 73.86 -64.75
C SER I 291 -98.63 72.97 -63.59
N PHE I 292 -97.83 71.95 -63.86
CA PHE I 292 -97.37 71.07 -62.79
C PHE I 292 -96.47 71.81 -61.82
N PHE I 293 -95.63 72.71 -62.34
CA PHE I 293 -94.73 73.44 -61.46
C PHE I 293 -95.48 74.40 -60.56
N VAL I 294 -96.71 74.80 -60.92
CA VAL I 294 -97.51 75.60 -60.00
C VAL I 294 -97.83 74.80 -58.74
N SER I 295 -98.30 73.56 -58.91
CA SER I 295 -98.57 72.72 -57.75
C SER I 295 -97.29 72.36 -57.01
N VAL I 296 -96.18 72.16 -57.74
CA VAL I 296 -94.91 71.92 -57.07
C VAL I 296 -94.54 73.11 -56.19
N ARG I 297 -94.74 74.32 -56.71
CA ARG I 297 -94.46 75.52 -55.93
C ARG I 297 -95.35 75.58 -54.70
N LYS I 298 -96.64 75.28 -54.85
CA LYS I 298 -97.55 75.27 -53.71
C LYS I 298 -97.07 74.31 -52.64
N ALA I 299 -96.79 73.06 -53.04
CA ALA I 299 -96.38 72.04 -52.08
C ALA I 299 -95.07 72.42 -51.40
N ILE I 300 -94.09 72.89 -52.19
CA ILE I 300 -92.78 73.18 -51.65
C ILE I 300 -92.84 74.39 -50.73
N THR I 301 -93.65 75.39 -51.08
CA THR I 301 -93.83 76.54 -50.20
C THR I 301 -94.46 76.12 -48.88
N VAL I 302 -95.49 75.26 -48.93
CA VAL I 302 -96.13 74.80 -47.71
C VAL I 302 -95.14 74.06 -46.83
N LEU I 303 -94.37 73.15 -47.45
CA LEU I 303 -93.43 72.35 -46.69
C LEU I 303 -92.31 73.21 -46.10
N PHE I 304 -91.80 74.16 -46.89
CA PHE I 304 -90.76 75.06 -46.42
C PHE I 304 -91.25 75.88 -45.24
N PHE I 305 -92.47 76.41 -45.34
CA PHE I 305 -92.95 77.29 -44.28
C PHE I 305 -93.28 76.49 -43.02
N ILE I 306 -93.86 75.31 -43.16
CA ILE I 306 -94.13 74.51 -41.96
C ILE I 306 -92.82 74.13 -41.30
N GLY I 307 -91.81 73.77 -42.10
CA GLY I 307 -90.52 73.43 -41.52
C GLY I 307 -89.89 74.59 -40.78
N VAL I 308 -89.87 75.76 -41.41
CA VAL I 308 -89.24 76.93 -40.80
C VAL I 308 -89.97 77.33 -39.53
N ARG I 309 -91.29 77.41 -39.59
CA ARG I 309 -92.06 77.88 -38.43
C ARG I 309 -92.04 76.86 -37.31
N CYS I 310 -92.07 75.56 -37.63
CA CYS I 310 -92.01 74.55 -36.59
C CYS I 310 -90.63 74.53 -35.94
N TYR I 311 -89.57 74.71 -36.73
CA TYR I 311 -88.24 74.79 -36.14
C TYR I 311 -88.11 76.02 -35.24
N GLU I 312 -88.70 77.14 -35.66
CA GLU I 312 -88.68 78.32 -34.80
C GLU I 312 -89.45 78.09 -33.51
N ALA I 313 -90.60 77.43 -33.61
CA ALA I 313 -91.42 77.19 -32.43
C ALA I 313 -90.71 76.25 -31.45
N TYR I 314 -90.13 75.16 -31.95
CA TYR I 314 -89.42 74.19 -31.11
C TYR I 314 -88.13 73.79 -31.80
N PRO I 315 -87.10 74.63 -31.71
CA PRO I 315 -85.80 74.24 -32.29
C PRO I 315 -85.18 73.07 -31.54
N ASN I 316 -84.03 72.65 -32.04
CA ASN I 316 -83.30 71.50 -31.49
C ASN I 316 -82.17 72.02 -30.62
N THR I 317 -82.09 71.51 -29.39
CA THR I 317 -81.05 71.87 -28.43
C THR I 317 -80.20 70.66 -28.11
N SER I 318 -78.97 70.92 -27.68
CA SER I 318 -78.07 69.84 -27.30
C SER I 318 -78.59 69.16 -26.05
N LEU I 319 -78.80 67.86 -26.14
CA LEU I 319 -79.26 67.11 -24.99
C LEU I 319 -78.06 66.82 -24.06
N PRO I 320 -78.32 66.59 -22.77
CA PRO I 320 -77.21 66.23 -21.87
C PRO I 320 -76.44 65.02 -22.38
N PRO I 321 -75.11 65.11 -22.48
CA PRO I 321 -74.36 63.93 -22.92
C PRO I 321 -74.48 62.76 -21.96
N SER I 322 -74.84 62.99 -20.70
CA SER I 322 -75.15 61.87 -19.81
C SER I 322 -76.35 61.08 -20.35
N ILE I 323 -77.40 61.80 -20.77
CA ILE I 323 -78.55 61.14 -21.37
C ILE I 323 -78.16 60.45 -22.66
N LEU I 324 -77.36 61.12 -23.49
CA LEU I 324 -76.93 60.50 -24.75
C LEU I 324 -76.15 59.21 -24.50
N GLU I 325 -75.23 59.24 -23.53
CA GLU I 325 -74.42 58.07 -23.24
C GLU I 325 -75.27 56.94 -22.66
N ASP I 326 -76.22 57.27 -21.78
CA ASP I 326 -77.09 56.25 -21.22
C ASP I 326 -77.92 55.59 -22.32
N SER I 327 -78.49 56.40 -23.22
CA SER I 327 -79.25 55.85 -24.33
C SER I 327 -78.37 54.96 -25.20
N LEU I 328 -77.16 55.41 -25.50
CA LEU I 328 -76.28 54.61 -26.36
C LEU I 328 -75.89 53.29 -25.69
N GLU I 329 -75.55 53.32 -24.40
CA GLU I 329 -75.13 52.09 -23.74
C GLU I 329 -76.30 51.15 -23.47
N ASN I 330 -77.53 51.64 -23.52
CA ASN I 330 -78.71 50.79 -23.42
C ASN I 330 -79.17 50.28 -24.78
N ASN I 331 -78.24 50.14 -25.74
CA ASN I 331 -78.54 49.62 -27.07
C ASN I 331 -79.66 50.43 -27.73
N GLU I 332 -79.61 51.73 -27.54
CA GLU I 332 -80.62 52.66 -28.03
C GLU I 332 -79.90 53.72 -28.85
N GLY I 333 -80.59 54.25 -29.85
CA GLY I 333 -80.01 55.27 -30.70
C GLY I 333 -79.99 56.62 -30.03
N VAL I 334 -79.75 57.64 -30.84
CA VAL I 334 -79.74 59.01 -30.32
C VAL I 334 -81.17 59.40 -29.94
N PRO I 335 -81.41 60.05 -28.80
CA PRO I 335 -82.75 60.57 -28.53
C PRO I 335 -83.17 61.60 -29.57
N SER I 336 -84.45 61.60 -29.89
CA SER I 336 -85.04 62.51 -30.86
C SER I 336 -86.42 62.88 -30.35
N PRO I 337 -87.02 63.95 -30.89
CA PRO I 337 -88.36 64.35 -30.43
C PRO I 337 -89.44 63.30 -30.68
N MET I 338 -89.23 62.38 -31.63
CA MET I 338 -90.21 61.35 -31.97
C MET I 338 -89.66 59.99 -31.61
N LEU I 339 -90.41 59.23 -30.82
CA LEU I 339 -90.03 57.89 -30.38
C LEU I 339 -91.08 56.89 -30.86
N SER I 340 -90.68 55.96 -31.72
CA SER I 340 -91.55 54.91 -32.20
C SER I 340 -91.49 53.73 -31.25
N ILE I 341 -92.67 53.17 -30.95
CA ILE I 341 -92.79 51.99 -30.09
C ILE I 341 -93.59 50.94 -30.86
N SER I 342 -93.05 49.73 -30.90
CA SER I 342 -93.65 48.64 -31.65
C SER I 342 -93.88 47.45 -30.73
N ASN I 343 -94.98 46.74 -30.99
CA ASN I 343 -95.43 45.58 -30.22
C ASN I 343 -96.05 45.99 -28.90
N LEU I 344 -96.67 47.17 -28.85
CA LEU I 344 -97.41 47.62 -27.68
C LEU I 344 -98.75 48.20 -28.13
N THR I 345 -99.81 47.89 -27.40
CA THR I 345 -101.13 48.37 -27.73
C THR I 345 -101.25 49.87 -27.43
N GLN I 346 -102.21 50.50 -28.08
CA GLN I 346 -102.41 51.94 -27.89
C GLN I 346 -102.72 52.25 -26.43
N GLU I 347 -103.52 51.42 -25.78
CA GLU I 347 -103.86 51.67 -24.39
C GLU I 347 -102.64 51.59 -23.49
N GLN I 348 -101.76 50.62 -23.75
CA GLN I 348 -100.54 50.48 -22.97
C GLN I 348 -99.63 51.67 -23.17
N VAL I 349 -99.41 52.06 -24.43
CA VAL I 349 -98.57 53.24 -24.70
C VAL I 349 -99.19 54.47 -24.06
N GLN I 350 -100.52 54.57 -24.07
CA GLN I 350 -101.19 55.74 -23.51
C GLN I 350 -101.04 55.78 -22.00
N ASP I 351 -101.10 54.63 -21.33
CA ASP I 351 -100.92 54.66 -19.87
C ASP I 351 -99.49 55.02 -19.51
N TYR I 352 -98.51 54.54 -20.29
CA TYR I 352 -97.14 54.96 -20.06
C TYR I 352 -96.97 56.45 -20.27
N VAL I 353 -97.57 56.98 -21.34
CA VAL I 353 -97.48 58.41 -21.63
C VAL I 353 -98.13 59.21 -20.51
N ASN I 354 -99.27 58.77 -20.02
CA ASN I 354 -99.95 59.49 -18.95
C ASN I 354 -99.13 59.45 -17.66
N LYS I 355 -98.50 58.31 -17.36
CA LYS I 355 -97.66 58.23 -16.18
C LYS I 355 -96.49 59.21 -16.27
N THR I 356 -95.86 59.30 -17.44
CA THR I 356 -94.78 60.26 -17.61
C THR I 356 -95.29 61.70 -17.54
N ASN I 357 -96.46 61.97 -18.14
CA ASN I 357 -97.01 63.32 -18.16
C ASN I 357 -97.45 63.78 -16.78
N SER I 358 -97.81 62.84 -15.89
CA SER I 358 -98.22 63.22 -14.55
C SER I 358 -97.10 63.94 -13.82
N HIS I 359 -95.86 63.51 -14.02
CA HIS I 359 -94.70 64.18 -13.43
C HIS I 359 -94.23 65.35 -14.28
N LEU I 360 -94.24 65.23 -15.60
CA LEU I 360 -93.72 66.32 -16.41
C LEU I 360 -94.66 67.54 -16.34
N PRO I 361 -94.14 68.74 -16.59
CA PRO I 361 -95.00 69.91 -16.63
C PRO I 361 -95.72 70.03 -17.98
N ALA I 362 -96.61 71.02 -18.05
CA ALA I 362 -97.48 71.16 -19.23
C ALA I 362 -96.66 71.44 -20.48
N GLY I 363 -95.63 72.27 -20.39
CA GLY I 363 -94.86 72.64 -21.56
C GLY I 363 -93.90 71.56 -22.03
N LYS I 364 -93.71 70.49 -21.25
CA LYS I 364 -92.82 69.40 -21.60
C LYS I 364 -93.57 68.07 -21.75
N GLN I 365 -94.87 68.12 -21.98
CA GLN I 365 -95.65 66.90 -22.08
C GLN I 365 -95.29 66.12 -23.34
N VAL I 366 -95.60 64.83 -23.31
CA VAL I 366 -95.45 63.96 -24.47
C VAL I 366 -96.82 63.37 -24.78
N GLU I 367 -97.15 63.28 -26.07
CA GLU I 367 -98.42 62.72 -26.50
C GLU I 367 -98.19 61.87 -27.73
N ILE I 368 -99.11 60.93 -27.97
CA ILE I 368 -99.01 60.08 -29.14
C ILE I 368 -99.19 60.91 -30.39
N SER I 369 -98.28 60.76 -31.34
CA SER I 369 -98.28 61.53 -32.58
C SER I 369 -98.80 60.74 -33.77
N LEU I 370 -98.24 59.56 -34.01
CA LEU I 370 -98.57 58.74 -35.17
C LEU I 370 -99.04 57.38 -34.67
N VAL I 371 -100.33 57.11 -34.87
CA VAL I 371 -100.88 55.76 -34.60
C VAL I 371 -100.68 54.98 -35.90
N ASN I 372 -99.47 54.46 -36.07
CA ASN I 372 -99.13 53.76 -37.32
C ASN I 372 -99.92 52.47 -37.46
N GLY I 373 -100.20 51.80 -36.35
CA GLY I 373 -100.94 50.56 -36.41
C GLY I 373 -101.46 50.19 -35.05
N ALA I 374 -102.03 48.99 -34.96
CA ALA I 374 -102.54 48.50 -33.68
C ALA I 374 -101.41 48.36 -32.67
N LYS I 375 -100.27 47.82 -33.10
CA LYS I 375 -99.11 47.58 -32.25
C LYS I 375 -97.94 48.48 -32.61
N ASN I 376 -98.19 49.56 -33.33
CA ASN I 376 -97.14 50.47 -33.78
C ASN I 376 -97.60 51.90 -33.53
N LEU I 377 -96.84 52.63 -32.72
CA LEU I 377 -97.19 53.99 -32.34
C LEU I 377 -95.93 54.85 -32.37
N VAL I 378 -96.14 56.16 -32.36
CA VAL I 378 -95.06 57.14 -32.25
C VAL I 378 -95.50 58.21 -31.28
N VAL I 379 -94.64 58.51 -30.31
CA VAL I 379 -94.89 59.54 -29.30
C VAL I 379 -93.97 60.71 -29.57
N SER I 380 -94.53 61.91 -29.65
CA SER I 380 -93.78 63.12 -29.94
C SER I 380 -93.78 64.03 -28.73
N GLY I 381 -92.70 64.79 -28.58
CA GLY I 381 -92.53 65.69 -27.48
C GLY I 381 -91.07 66.06 -27.32
N PRO I 382 -90.72 66.67 -26.20
CA PRO I 382 -89.31 67.01 -25.96
C PRO I 382 -88.44 65.76 -25.99
N PRO I 383 -87.25 65.81 -26.60
CA PRO I 383 -86.40 64.61 -26.58
C PRO I 383 -86.08 64.15 -25.17
N GLN I 384 -85.93 65.08 -24.24
CA GLN I 384 -85.64 64.72 -22.86
C GLN I 384 -86.84 64.00 -22.23
N SER I 385 -88.05 64.50 -22.50
CA SER I 385 -89.25 63.85 -21.99
C SER I 385 -89.42 62.46 -22.58
N LEU I 386 -89.14 62.31 -23.88
CA LEU I 386 -89.22 60.99 -24.49
C LEU I 386 -88.14 60.07 -23.94
N TYR I 387 -86.98 60.61 -23.58
CA TYR I 387 -85.98 59.78 -22.93
C TYR I 387 -86.45 59.31 -21.56
N GLY I 388 -87.16 60.16 -20.83
CA GLY I 388 -87.75 59.72 -19.58
C GLY I 388 -88.79 58.63 -19.77
N LEU I 389 -89.66 58.81 -20.77
CA LEU I 389 -90.59 57.76 -21.14
C LEU I 389 -89.84 56.48 -21.50
N ASN I 390 -88.71 56.61 -22.19
CA ASN I 390 -87.92 55.45 -22.57
C ASN I 390 -87.31 54.76 -21.35
N LEU I 391 -86.92 55.55 -20.34
CA LEU I 391 -86.46 54.96 -19.09
C LEU I 391 -87.56 54.12 -18.45
N THR I 392 -88.77 54.67 -18.41
CA THR I 392 -89.89 53.89 -17.85
C THR I 392 -90.15 52.63 -18.67
N LEU I 393 -90.08 52.75 -20.01
CA LEU I 393 -90.31 51.60 -20.86
C LEU I 393 -89.25 50.54 -20.68
N ARG I 394 -87.99 50.94 -20.51
CA ARG I 394 -86.93 49.98 -20.24
C ARG I 394 -87.17 49.30 -18.90
N LYS I 395 -87.65 50.06 -17.91
CA LYS I 395 -88.01 49.45 -16.63
C LYS I 395 -89.08 48.40 -16.81
N ALA I 396 -90.03 48.63 -17.73
CA ALA I 396 -91.16 47.73 -17.93
C ALA I 396 -90.93 46.72 -19.06
N LYS I 397 -89.73 46.66 -19.63
CA LYS I 397 -89.45 45.87 -20.82
C LYS I 397 -88.60 44.66 -20.46
N ALA I 398 -88.91 43.52 -21.08
CA ALA I 398 -88.11 42.32 -20.90
C ALA I 398 -86.94 42.30 -21.87
N PRO I 399 -85.86 41.58 -21.55
CA PRO I 399 -84.79 41.40 -22.53
C PRO I 399 -85.30 40.68 -23.78
N SER I 400 -84.74 41.04 -24.93
CA SER I 400 -85.12 40.39 -26.17
C SER I 400 -84.77 38.91 -26.14
N GLY I 401 -83.61 38.56 -25.59
CA GLY I 401 -83.17 37.18 -25.52
C GLY I 401 -83.59 36.47 -24.25
N LEU I 402 -84.81 36.73 -23.78
CA LEU I 402 -85.37 36.05 -22.63
C LEU I 402 -86.27 34.93 -23.15
N ASP I 403 -85.82 33.68 -23.00
CA ASP I 403 -86.57 32.52 -23.45
C ASP I 403 -87.72 32.28 -22.48
N GLN I 404 -88.93 32.66 -22.89
CA GLN I 404 -90.13 32.50 -22.08
C GLN I 404 -90.99 31.32 -22.52
N SER I 405 -90.43 30.40 -23.31
CA SER I 405 -91.21 29.29 -23.82
C SER I 405 -91.73 28.39 -22.70
N ARG I 406 -91.05 28.37 -21.56
CA ARG I 406 -91.44 27.55 -20.43
C ARG I 406 -92.39 28.25 -19.47
N ILE I 407 -92.72 29.52 -19.72
CA ILE I 407 -93.59 30.30 -18.84
C ILE I 407 -94.98 30.31 -19.45
N PRO I 408 -96.06 30.28 -18.66
CA PRO I 408 -97.39 30.38 -19.26
C PRO I 408 -97.58 31.70 -19.98
N PHE I 409 -98.39 31.67 -21.04
CA PHE I 409 -98.57 32.84 -21.90
C PHE I 409 -99.09 34.04 -21.12
N SER I 410 -100.06 33.83 -20.23
CA SER I 410 -100.59 34.93 -19.44
C SER I 410 -99.53 35.54 -18.54
N GLU I 411 -98.68 34.70 -17.94
CA GLU I 411 -97.66 35.18 -17.00
C GLU I 411 -96.46 35.79 -17.70
N ARG I 412 -96.39 35.75 -19.03
CA ARG I 412 -95.21 36.22 -19.73
C ARG I 412 -95.11 37.75 -19.68
N LYS I 413 -93.93 38.23 -19.31
CA LYS I 413 -93.67 39.66 -19.33
C LYS I 413 -93.69 40.15 -20.78
N LEU I 414 -94.42 41.23 -21.02
CA LEU I 414 -94.52 41.76 -22.37
C LEU I 414 -93.16 42.25 -22.86
N LYS I 415 -92.92 42.06 -24.16
CA LYS I 415 -91.70 42.51 -24.80
C LYS I 415 -92.05 43.37 -26.00
N PHE I 416 -91.33 44.48 -26.16
CA PHE I 416 -91.60 45.42 -27.23
C PHE I 416 -90.28 46.10 -27.62
N SER I 417 -90.33 46.84 -28.72
CA SER I 417 -89.14 47.50 -29.26
C SER I 417 -89.43 48.99 -29.41
N ASN I 418 -88.64 49.82 -28.72
CA ASN I 418 -88.76 51.27 -28.81
C ASN I 418 -87.47 51.85 -29.39
N ARG I 419 -87.62 52.65 -30.44
CA ARG I 419 -86.47 53.30 -31.05
C ARG I 419 -86.86 54.70 -31.46
N PHE I 420 -85.90 55.62 -31.39
CA PHE I 420 -86.14 57.00 -31.75
C PHE I 420 -86.07 57.15 -33.26
N LEU I 421 -87.04 57.87 -33.84
CA LEU I 421 -87.05 58.03 -35.28
C LEU I 421 -86.01 59.07 -35.71
N PRO I 422 -85.55 59.02 -36.97
CA PRO I 422 -84.71 60.11 -37.48
C PRO I 422 -85.54 61.35 -37.81
N VAL I 423 -85.82 62.15 -36.78
CA VAL I 423 -86.57 63.40 -36.92
C VAL I 423 -85.89 64.43 -36.07
N ALA I 424 -86.12 65.71 -36.39
CA ALA I 424 -85.50 66.82 -35.68
C ALA I 424 -86.48 67.69 -34.92
N SER I 425 -87.78 67.55 -35.16
CA SER I 425 -88.80 68.30 -34.44
C SER I 425 -89.92 67.38 -33.98
N PRO I 426 -90.63 67.73 -32.90
CA PRO I 426 -91.75 66.90 -32.40
C PRO I 426 -93.07 67.18 -33.11
N PHE I 427 -93.27 66.54 -34.26
CA PHE I 427 -94.48 66.76 -35.04
C PHE I 427 -95.70 66.20 -34.31
N HIS I 428 -96.86 66.79 -34.60
CA HIS I 428 -98.13 66.38 -33.99
C HIS I 428 -98.08 66.51 -32.48
N SER I 429 -97.50 67.61 -32.01
CA SER I 429 -97.32 67.87 -30.60
C SER I 429 -97.84 69.26 -30.26
N HIS I 430 -98.14 69.46 -28.97
CA HIS I 430 -98.46 70.79 -28.48
C HIS I 430 -97.32 71.77 -28.71
N LEU I 431 -96.09 71.26 -28.83
CA LEU I 431 -94.92 72.13 -28.94
C LEU I 431 -94.94 72.97 -30.21
N LEU I 432 -95.39 72.40 -31.33
CA LEU I 432 -95.44 73.11 -32.60
C LEU I 432 -96.77 73.82 -32.82
N VAL I 433 -97.69 73.78 -31.84
CA VAL I 433 -98.98 74.46 -31.99
C VAL I 433 -98.82 75.95 -32.26
N PRO I 434 -97.96 76.70 -31.55
CA PRO I 434 -97.88 78.15 -31.85
C PRO I 434 -97.42 78.45 -33.26
N ALA I 435 -96.82 77.49 -33.95
CA ALA I 435 -96.38 77.72 -35.32
C ALA I 435 -97.54 77.72 -36.32
N SER I 436 -98.69 77.16 -35.94
CA SER I 436 -99.76 76.93 -36.90
C SER I 436 -100.31 78.23 -37.48
N ASP I 437 -100.60 79.20 -36.61
CA ASP I 437 -101.15 80.47 -37.09
C ASP I 437 -100.15 81.21 -37.95
N LEU I 438 -98.87 81.15 -37.57
CA LEU I 438 -97.82 81.78 -38.37
C LEU I 438 -97.73 81.16 -39.75
N ILE I 439 -97.81 79.83 -39.82
CA ILE I 439 -97.81 79.15 -41.12
C ILE I 439 -99.01 79.57 -41.95
N ASN I 440 -100.19 79.64 -41.33
CA ASN I 440 -101.38 80.01 -42.09
C ASN I 440 -101.26 81.43 -42.65
N LYS I 441 -100.79 82.37 -41.81
CA LYS I 441 -100.59 83.74 -42.28
C LYS I 441 -99.54 83.78 -43.39
N ASP I 442 -98.48 82.99 -43.25
CA ASP I 442 -97.43 82.97 -44.26
C ASP I 442 -97.94 82.44 -45.59
N LEU I 443 -98.81 81.42 -45.54
CA LEU I 443 -99.39 80.90 -46.77
C LEU I 443 -100.29 81.96 -47.42
N VAL I 444 -101.11 82.63 -46.62
CA VAL I 444 -101.96 83.69 -47.17
C VAL I 444 -101.11 84.82 -47.76
N LYS I 445 -99.93 85.08 -47.20
CA LYS I 445 -99.05 86.08 -47.78
C LYS I 445 -98.42 85.58 -49.08
N ASN I 446 -97.62 84.52 -49.00
CA ASN I 446 -97.11 83.82 -50.18
C ASN I 446 -98.18 82.79 -50.57
N ASN I 447 -99.26 83.30 -51.16
CA ASN I 447 -100.51 82.60 -51.40
C ASN I 447 -100.35 81.17 -51.88
N VAL I 448 -100.77 80.22 -51.04
CA VAL I 448 -100.88 78.82 -51.40
C VAL I 448 -102.18 78.29 -50.81
N SER I 449 -103.21 78.18 -51.65
CA SER I 449 -104.53 77.74 -51.24
C SER I 449 -104.90 76.50 -52.04
N PHE I 450 -105.48 75.51 -51.35
CA PHE I 450 -106.00 74.31 -51.99
C PHE I 450 -107.52 74.38 -51.95
N ASN I 451 -108.14 74.30 -53.12
CA ASN I 451 -109.58 74.40 -53.26
C ASN I 451 -110.17 73.03 -53.58
N ALA I 452 -111.31 72.74 -52.95
CA ALA I 452 -111.97 71.46 -53.18
C ALA I 452 -112.36 71.30 -54.64
N LYS I 453 -112.79 72.38 -55.28
CA LYS I 453 -113.15 72.31 -56.69
C LYS I 453 -111.95 71.98 -57.57
N ASP I 454 -110.78 72.55 -57.24
CA ASP I 454 -109.58 72.26 -58.02
C ASP I 454 -109.09 70.85 -57.76
N ILE I 455 -109.27 70.36 -56.54
CA ILE I 455 -108.90 68.97 -56.24
C ILE I 455 -109.97 68.05 -56.81
N GLN I 456 -109.56 67.08 -57.62
CA GLN I 456 -110.50 66.21 -58.33
C GLN I 456 -110.31 64.73 -58.00
N ILE I 457 -109.60 64.40 -56.93
CA ILE I 457 -109.63 63.06 -56.36
C ILE I 457 -109.72 63.16 -54.85
N PRO I 458 -110.32 62.16 -54.20
CA PRO I 458 -110.41 62.22 -52.74
C PRO I 458 -109.04 62.19 -52.11
N VAL I 459 -108.84 63.05 -51.12
CA VAL I 459 -107.62 63.08 -50.31
C VAL I 459 -108.02 62.77 -48.88
N TYR I 460 -107.48 61.69 -48.34
CA TYR I 460 -107.92 61.18 -47.05
C TYR I 460 -107.19 61.89 -45.93
N ASP I 461 -107.96 62.47 -45.01
CA ASP I 461 -107.39 63.23 -43.90
C ASP I 461 -106.56 62.32 -43.00
N THR I 462 -105.52 62.90 -42.39
CA THR I 462 -104.64 62.09 -41.55
C THR I 462 -105.28 61.77 -40.20
N PHE I 463 -106.15 62.67 -39.71
CA PHE I 463 -106.72 62.49 -38.38
C PHE I 463 -107.93 61.56 -38.40
N ASP I 464 -108.98 61.94 -39.15
CA ASP I 464 -110.24 61.21 -39.17
C ASP I 464 -110.49 60.46 -40.46
N GLY I 465 -109.61 60.56 -41.46
CA GLY I 465 -109.80 59.86 -42.71
C GLY I 465 -110.82 60.50 -43.64
N SER I 466 -111.50 61.55 -43.21
CA SER I 466 -112.50 62.19 -44.06
C SER I 466 -111.83 62.81 -45.27
N ASP I 467 -112.57 62.87 -46.38
CA ASP I 467 -112.06 63.51 -47.57
C ASP I 467 -111.90 65.01 -47.34
N LEU I 468 -110.80 65.57 -47.83
CA LEU I 468 -110.55 66.99 -47.66
C LEU I 468 -111.43 67.84 -48.56
N ARG I 469 -112.00 67.26 -49.62
CA ARG I 469 -112.86 68.05 -50.50
C ARG I 469 -114.11 68.54 -49.77
N VAL I 470 -114.75 67.66 -49.00
CA VAL I 470 -116.00 68.02 -48.33
C VAL I 470 -115.79 68.81 -47.05
N LEU I 471 -114.55 69.20 -46.74
CA LEU I 471 -114.31 70.00 -45.56
C LEU I 471 -114.73 71.45 -45.80
N SER I 472 -115.52 71.99 -44.88
CA SER I 472 -115.97 73.37 -45.01
C SER I 472 -114.81 74.34 -44.82
N GLY I 473 -113.91 74.06 -43.88
CA GLY I 473 -112.82 74.97 -43.59
C GLY I 473 -111.75 74.97 -44.66
N SER I 474 -110.71 75.74 -44.40
CA SER I 474 -109.60 75.85 -45.35
C SER I 474 -108.78 74.56 -45.36
N ILE I 475 -108.58 74.01 -46.56
CA ILE I 475 -107.85 72.76 -46.69
C ILE I 475 -106.40 72.94 -46.28
N SER I 476 -105.81 74.09 -46.61
CA SER I 476 -104.42 74.34 -46.22
C SER I 476 -104.29 74.40 -44.70
N GLU I 477 -105.22 75.08 -44.03
CA GLU I 477 -105.19 75.14 -42.57
C GLU I 477 -105.35 73.75 -41.97
N ARG I 478 -106.29 72.96 -42.50
CA ARG I 478 -106.48 71.61 -42.00
C ARG I 478 -105.21 70.77 -42.19
N ILE I 479 -104.55 70.92 -43.34
CA ILE I 479 -103.30 70.19 -43.58
C ILE I 479 -102.27 70.58 -42.53
N VAL I 480 -102.13 71.88 -42.28
CA VAL I 480 -101.13 72.35 -41.33
C VAL I 480 -101.41 71.81 -39.93
N ASP I 481 -102.68 71.86 -39.50
CA ASP I 481 -103.03 71.27 -38.21
C ASP I 481 -102.73 69.78 -38.19
N CYS I 482 -102.97 69.08 -39.29
CA CYS I 482 -102.65 67.65 -39.34
C CYS I 482 -101.16 67.42 -39.12
N ILE I 483 -100.30 68.24 -39.74
CA ILE I 483 -98.86 68.02 -39.60
C ILE I 483 -98.39 68.39 -38.20
N ILE I 484 -98.82 69.54 -37.68
CA ILE I 484 -98.19 70.12 -36.50
C ILE I 484 -98.93 69.84 -35.20
N ARG I 485 -100.26 69.79 -35.21
CA ARG I 485 -101.07 69.70 -34.00
C ARG I 485 -101.71 68.33 -33.84
N LEU I 486 -102.48 67.88 -34.81
CA LEU I 486 -103.27 66.67 -34.64
C LEU I 486 -102.42 65.42 -34.91
N PRO I 487 -102.79 64.28 -34.34
CA PRO I 487 -102.05 63.05 -34.62
C PRO I 487 -102.48 62.42 -35.93
N VAL I 488 -101.69 61.43 -36.36
CA VAL I 488 -101.95 60.68 -37.59
C VAL I 488 -102.51 59.33 -37.16
N LYS I 489 -103.81 59.13 -37.39
CA LYS I 489 -104.45 57.84 -37.18
C LYS I 489 -104.43 57.10 -38.52
N TRP I 490 -103.27 56.50 -38.81
CA TRP I 490 -103.05 55.91 -40.12
C TRP I 490 -104.04 54.79 -40.40
N GLU I 491 -104.36 53.98 -39.40
CA GLU I 491 -105.39 52.96 -39.58
C GLU I 491 -106.73 53.59 -39.94
N THR I 492 -107.06 54.73 -39.31
CA THR I 492 -108.33 55.38 -39.62
C THR I 492 -108.34 55.95 -41.03
N THR I 493 -107.19 56.39 -41.53
CA THR I 493 -107.11 56.75 -42.95
C THR I 493 -107.05 55.53 -43.85
N THR I 494 -106.78 54.37 -43.29
CA THR I 494 -106.58 53.12 -44.01
C THR I 494 -107.90 52.42 -44.37
N GLN I 495 -109.03 53.12 -44.29
CA GLN I 495 -110.31 52.47 -44.58
C GLN I 495 -110.69 52.49 -46.06
N PHE I 496 -109.88 53.11 -46.92
CA PHE I 496 -110.24 53.15 -48.33
C PHE I 496 -110.12 51.76 -48.94
N LYS I 497 -111.02 51.47 -49.88
CA LYS I 497 -111.01 50.20 -50.60
C LYS I 497 -110.17 50.35 -51.85
N ALA I 498 -108.99 49.72 -51.85
CA ALA I 498 -108.11 49.77 -53.01
C ALA I 498 -107.34 48.47 -53.09
N THR I 499 -106.94 48.12 -54.31
CA THR I 499 -106.17 46.91 -54.57
C THR I 499 -104.68 47.16 -54.69
N HIS I 500 -104.28 48.37 -55.07
CA HIS I 500 -102.88 48.70 -55.28
C HIS I 500 -102.57 50.06 -54.69
N ILE I 501 -101.42 50.15 -54.02
CA ILE I 501 -101.00 51.36 -53.32
C ILE I 501 -99.58 51.69 -53.72
N LEU I 502 -99.40 52.89 -54.30
CA LEU I 502 -98.09 53.37 -54.71
C LEU I 502 -97.53 54.26 -53.61
N ASP I 503 -96.41 53.84 -53.03
CA ASP I 503 -95.74 54.59 -51.97
C ASP I 503 -94.62 55.42 -52.57
N PHE I 504 -94.79 56.74 -52.58
CA PHE I 504 -93.80 57.65 -53.14
C PHE I 504 -92.90 58.26 -52.07
N GLY I 505 -93.00 57.82 -50.82
CA GLY I 505 -92.31 58.46 -49.74
C GLY I 505 -90.85 58.12 -49.72
N PRO I 506 -90.12 58.75 -48.79
CA PRO I 506 -88.73 58.36 -48.57
C PRO I 506 -88.63 57.04 -47.83
N GLY I 507 -87.41 56.52 -47.76
CA GLY I 507 -87.10 55.32 -47.01
C GLY I 507 -87.06 54.06 -47.84
N GLY I 508 -87.80 54.00 -48.93
CA GLY I 508 -87.83 52.80 -49.74
C GLY I 508 -88.43 51.65 -48.96
N ALA I 509 -87.61 50.63 -48.71
CA ALA I 509 -88.07 49.47 -47.93
C ALA I 509 -88.41 49.86 -46.50
N SER I 510 -87.76 50.90 -45.97
CA SER I 510 -88.03 51.37 -44.62
C SER I 510 -89.09 52.46 -44.57
N GLY I 511 -89.72 52.76 -45.70
CA GLY I 511 -90.63 53.89 -45.79
C GLY I 511 -92.06 53.53 -45.40
N LEU I 512 -92.98 54.42 -45.80
CA LEU I 512 -94.39 54.25 -45.48
C LEU I 512 -95.00 53.05 -46.17
N GLY I 513 -94.45 52.63 -47.31
CA GLY I 513 -95.09 51.57 -48.08
C GLY I 513 -95.11 50.24 -47.35
N VAL I 514 -93.97 49.86 -46.76
CA VAL I 514 -93.92 48.57 -46.07
C VAL I 514 -94.77 48.60 -44.80
N LEU I 515 -94.81 49.74 -44.12
CA LEU I 515 -95.70 49.87 -42.96
C LEU I 515 -97.15 49.70 -43.37
N THR I 516 -97.57 50.36 -44.45
CA THR I 516 -98.94 50.22 -44.92
C THR I 516 -99.23 48.79 -45.36
N HIS I 517 -98.25 48.14 -46.00
CA HIS I 517 -98.42 46.74 -46.37
C HIS I 517 -98.61 45.87 -45.15
N ARG I 518 -97.83 46.10 -44.09
CA ARG I 518 -97.97 45.30 -42.89
C ARG I 518 -99.34 45.55 -42.25
N ASN I 519 -99.82 46.78 -42.30
CA ASN I 519 -101.16 47.06 -41.77
C ASN I 519 -102.23 46.34 -42.57
N LYS I 520 -102.13 46.34 -43.90
CA LYS I 520 -103.16 45.77 -44.77
C LYS I 520 -102.90 44.32 -45.16
N ASP I 521 -101.91 43.66 -44.58
CA ASP I 521 -101.53 42.33 -45.04
C ASP I 521 -102.68 41.35 -44.92
N GLY I 522 -102.91 40.60 -46.01
CA GLY I 522 -103.96 39.59 -46.04
C GLY I 522 -105.30 40.08 -46.51
N THR I 523 -105.48 41.38 -46.71
CA THR I 523 -106.73 41.94 -47.21
C THR I 523 -106.77 42.03 -48.74
N GLY I 524 -105.72 41.56 -49.42
CA GLY I 524 -105.69 41.60 -50.86
C GLY I 524 -105.20 42.90 -51.45
N VAL I 525 -104.42 43.67 -50.69
CA VAL I 525 -103.89 44.95 -51.13
C VAL I 525 -102.39 44.80 -51.33
N ARG I 526 -101.94 45.14 -52.53
CA ARG I 526 -100.52 45.11 -52.88
C ARG I 526 -99.96 46.52 -52.78
N VAL I 527 -98.83 46.65 -52.10
CA VAL I 527 -98.12 47.92 -51.98
C VAL I 527 -96.89 47.85 -52.86
N ILE I 528 -96.67 48.90 -53.65
CA ILE I 528 -95.51 49.04 -54.52
C ILE I 528 -94.74 50.25 -54.05
N VAL I 529 -93.46 50.04 -53.71
CA VAL I 529 -92.58 51.13 -53.31
C VAL I 529 -92.10 51.83 -54.58
N ALA I 530 -92.80 52.89 -54.98
CA ALA I 530 -92.52 53.54 -56.25
C ALA I 530 -91.20 54.28 -56.27
N GLY I 531 -90.54 54.46 -55.13
CA GLY I 531 -89.34 55.24 -55.05
C GLY I 531 -88.04 54.48 -55.03
N THR I 532 -88.07 53.15 -55.04
CA THR I 532 -86.87 52.35 -54.92
C THR I 532 -86.90 51.23 -55.94
N LEU I 533 -85.75 50.94 -56.54
CA LEU I 533 -85.56 49.77 -57.39
C LEU I 533 -84.81 48.74 -56.55
N ASP I 534 -85.52 47.71 -56.10
CA ASP I 534 -84.93 46.64 -55.32
C ASP I 534 -85.79 45.40 -55.45
N ILE I 535 -85.23 44.26 -55.07
CA ILE I 535 -85.91 42.97 -55.13
C ILE I 535 -86.36 42.61 -53.71
N ASN I 536 -87.65 42.33 -53.56
CA ASN I 536 -88.19 41.84 -52.29
C ASN I 536 -88.17 40.32 -52.32
N PRO I 537 -87.38 39.63 -51.48
CA PRO I 537 -87.35 38.16 -51.58
C PRO I 537 -88.70 37.51 -51.33
N ASP I 538 -89.49 38.05 -50.41
CA ASP I 538 -90.81 37.50 -50.14
C ASP I 538 -91.82 37.81 -51.23
N ASP I 539 -91.61 38.88 -51.99
CA ASP I 539 -92.54 39.31 -53.02
C ASP I 539 -93.91 39.62 -52.46
N ASP I 540 -93.97 40.06 -51.20
CA ASP I 540 -95.22 40.47 -50.58
C ASP I 540 -95.52 41.95 -50.79
N TYR I 541 -94.58 42.71 -51.34
CA TYR I 541 -94.85 44.09 -51.75
C TYR I 541 -93.98 44.39 -52.96
N GLY I 542 -94.48 45.28 -53.82
CA GLY I 542 -93.83 45.58 -55.07
C GLY I 542 -92.71 46.58 -54.92
N PHE I 543 -92.11 46.91 -56.06
CA PHE I 543 -91.04 47.90 -56.13
C PHE I 543 -91.24 48.71 -57.41
N LYS I 544 -90.31 49.64 -57.66
CA LYS I 544 -90.48 50.59 -58.75
C LYS I 544 -90.66 49.89 -60.10
N GLN I 545 -90.07 48.70 -60.27
CA GLN I 545 -90.18 48.00 -61.55
C GLN I 545 -91.60 47.50 -61.78
N GLU I 546 -92.33 47.15 -60.73
CA GLU I 546 -93.67 46.60 -60.90
C GLU I 546 -94.62 47.63 -61.50
N ILE I 547 -94.33 48.92 -61.32
CA ILE I 547 -95.18 49.96 -61.89
C ILE I 547 -95.02 50.01 -63.40
N PHE I 548 -93.79 49.88 -63.89
CA PHE I 548 -93.52 50.04 -65.31
C PHE I 548 -93.55 48.72 -66.09
N ASP I 549 -93.58 47.58 -65.42
CA ASP I 549 -93.61 46.31 -66.13
C ASP I 549 -94.89 46.18 -66.94
N VAL I 550 -94.77 45.61 -68.14
CA VAL I 550 -95.87 45.53 -69.10
C VAL I 550 -96.41 44.10 -69.20
N THR I 551 -95.64 43.13 -68.69
CA THR I 551 -96.06 41.74 -68.73
C THR I 551 -97.02 41.46 -67.58
N SER I 552 -97.34 40.19 -67.37
CA SER I 552 -98.19 39.83 -66.24
C SER I 552 -97.48 40.03 -64.89
N ASN I 553 -96.16 40.19 -64.91
CA ASN I 553 -95.44 40.43 -63.66
C ASN I 553 -95.85 41.75 -63.04
N GLY I 554 -96.10 42.77 -63.86
CA GLY I 554 -96.50 44.06 -63.33
C GLY I 554 -97.81 44.01 -62.57
N LEU I 555 -98.73 43.15 -63.02
CA LEU I 555 -100.04 43.00 -62.40
C LEU I 555 -99.95 41.90 -61.35
N LYS I 556 -99.59 42.30 -60.13
CA LYS I 556 -99.52 41.39 -58.99
C LYS I 556 -100.63 41.74 -58.01
N LYS I 557 -101.51 40.79 -57.74
CA LYS I 557 -102.57 40.96 -56.75
C LYS I 557 -102.14 40.26 -55.46
N ASN I 558 -102.15 41.01 -54.37
CA ASN I 558 -101.79 40.43 -53.08
C ASN I 558 -102.85 39.42 -52.68
N PRO I 559 -102.48 38.34 -51.98
CA PRO I 559 -103.50 37.37 -51.55
C PRO I 559 -104.52 38.00 -50.62
N ASN I 560 -105.78 37.64 -50.85
CA ASN I 560 -106.89 37.99 -49.96
C ASN I 560 -107.34 36.69 -49.30
N TRP I 561 -107.07 36.55 -48.01
CA TRP I 561 -107.26 35.27 -47.34
C TRP I 561 -108.73 34.88 -47.33
N LEU I 562 -109.64 35.84 -47.11
CA LEU I 562 -111.06 35.51 -47.05
C LEU I 562 -111.55 34.96 -48.38
N GLU I 563 -110.96 35.39 -49.48
CA GLU I 563 -111.34 34.92 -50.81
C GLU I 563 -110.52 33.71 -51.24
N GLU I 564 -109.20 33.83 -51.21
CA GLU I 564 -108.35 32.78 -51.76
C GLU I 564 -108.51 31.47 -50.98
N TYR I 565 -108.59 31.57 -49.64
CA TYR I 565 -108.83 30.42 -48.79
C TYR I 565 -110.28 30.35 -48.32
N HIS I 566 -111.20 30.77 -49.16
CA HIS I 566 -112.62 30.76 -48.82
C HIS I 566 -113.09 29.32 -48.70
N PRO I 567 -113.70 28.90 -47.58
CA PRO I 567 -114.34 27.59 -47.56
C PRO I 567 -115.55 27.56 -48.48
N LYS I 568 -115.77 26.40 -49.10
CA LYS I 568 -116.86 26.23 -50.05
C LYS I 568 -117.44 24.83 -49.88
N LEU I 569 -118.63 24.64 -50.44
CA LEU I 569 -119.31 23.35 -50.43
C LEU I 569 -119.20 22.73 -51.82
N ILE I 570 -119.00 21.41 -51.85
CA ILE I 570 -118.91 20.66 -53.09
C ILE I 570 -119.56 19.30 -52.86
N LYS I 571 -120.19 18.79 -53.92
CA LYS I 571 -120.86 17.50 -53.88
C LYS I 571 -120.31 16.62 -54.99
N ASN I 572 -120.07 15.36 -54.66
CA ASN I 572 -119.56 14.40 -55.63
C ASN I 572 -120.74 13.84 -56.43
N LYS I 573 -120.49 12.80 -57.23
CA LYS I 573 -121.56 12.23 -58.05
C LYS I 573 -122.69 11.69 -57.20
N SER I 574 -122.37 11.08 -56.05
CA SER I 574 -123.39 10.56 -55.16
C SER I 574 -124.17 11.67 -54.45
N GLY I 575 -123.73 12.92 -54.55
CA GLY I 575 -124.39 14.01 -53.85
C GLY I 575 -123.93 14.22 -52.43
N LYS I 576 -122.86 13.56 -51.99
CA LYS I 576 -122.34 13.77 -50.65
C LYS I 576 -121.68 15.14 -50.58
N ILE I 577 -122.19 15.99 -49.70
CA ILE I 577 -121.70 17.36 -49.57
C ILE I 577 -120.42 17.35 -48.75
N PHE I 578 -119.32 17.81 -49.35
CA PHE I 578 -118.06 18.00 -48.65
C PHE I 578 -117.83 19.47 -48.38
N VAL I 579 -117.22 19.75 -47.23
CA VAL I 579 -116.77 21.10 -46.93
C VAL I 579 -115.50 21.32 -47.73
N GLU I 580 -115.63 21.94 -48.90
CA GLU I 580 -114.50 22.10 -49.80
C GLU I 580 -113.47 23.03 -49.18
N THR I 581 -112.27 22.49 -48.97
CA THR I 581 -111.19 23.23 -48.35
C THR I 581 -109.90 22.72 -48.95
N LYS I 582 -108.77 23.36 -48.63
CA LYS I 582 -107.49 22.89 -49.14
C LYS I 582 -107.19 21.47 -48.66
N PHE I 583 -107.26 21.26 -47.34
CA PHE I 583 -106.99 19.94 -46.78
C PHE I 583 -108.00 18.91 -47.27
N SER I 584 -109.28 19.30 -47.29
CA SER I 584 -110.32 18.38 -47.75
C SER I 584 -110.14 18.05 -49.23
N LYS I 585 -109.70 19.01 -50.03
CA LYS I 585 -109.46 18.76 -51.45
C LYS I 585 -108.29 17.79 -51.62
N LEU I 586 -107.25 17.93 -50.80
CA LEU I 586 -106.12 17.02 -50.91
C LEU I 586 -106.52 15.60 -50.51
N ILE I 587 -107.24 15.45 -49.40
CA ILE I 587 -107.49 14.12 -48.84
C ILE I 587 -108.77 13.48 -49.36
N GLY I 588 -109.58 14.19 -50.13
CA GLY I 588 -110.81 13.61 -50.64
C GLY I 588 -111.79 13.22 -49.55
N ARG I 589 -111.72 13.90 -48.41
CA ARG I 589 -112.56 13.60 -47.26
C ARG I 589 -112.84 14.92 -46.55
N PRO I 590 -113.76 14.92 -45.58
CA PRO I 590 -114.04 16.15 -44.87
C PRO I 590 -112.81 16.66 -44.16
N PRO I 591 -112.69 18.00 -43.93
CA PRO I 591 -111.51 18.57 -43.30
C PRO I 591 -111.51 18.44 -41.76
N LEU I 592 -111.88 17.26 -41.28
CA LEU I 592 -111.93 16.94 -39.86
C LEU I 592 -111.14 15.66 -39.67
N LEU I 593 -110.18 15.69 -38.75
CA LEU I 593 -109.32 14.55 -38.50
C LEU I 593 -109.25 14.28 -37.01
N VAL I 594 -108.99 13.02 -36.67
CA VAL I 594 -108.76 12.60 -35.29
C VAL I 594 -107.26 12.50 -35.09
N PRO I 595 -106.63 13.35 -34.29
CA PRO I 595 -105.17 13.32 -34.20
C PRO I 595 -104.71 12.09 -33.45
N GLY I 596 -103.43 11.75 -33.64
CA GLY I 596 -102.84 10.67 -32.88
C GLY I 596 -102.96 10.91 -31.40
N MET I 597 -103.55 9.97 -30.69
CA MET I 597 -103.82 10.10 -29.25
C MET I 597 -103.44 8.81 -28.55
N THR I 598 -102.41 8.88 -27.72
CA THR I 598 -102.04 7.76 -26.88
C THR I 598 -102.81 7.83 -25.56
N PRO I 599 -103.61 6.81 -25.20
CA PRO I 599 -103.88 5.51 -25.83
C PRO I 599 -105.18 5.46 -26.65
N CYS I 600 -105.80 6.58 -27.00
CA CYS I 600 -107.10 6.54 -27.65
C CYS I 600 -107.01 5.97 -29.06
N THR I 601 -106.24 6.63 -29.93
CA THR I 601 -106.09 6.14 -31.29
C THR I 601 -105.13 4.96 -31.38
N VAL I 602 -104.53 4.54 -30.26
CA VAL I 602 -103.70 3.35 -30.26
C VAL I 602 -104.51 2.13 -30.66
N SER I 603 -105.77 2.08 -30.24
CA SER I 603 -106.63 0.95 -30.54
C SER I 603 -106.82 0.83 -32.05
N PRO I 604 -106.48 -0.29 -32.69
CA PRO I 604 -106.84 -0.44 -34.10
C PRO I 604 -108.33 -0.33 -34.36
N ASP I 605 -109.16 -0.74 -33.39
CA ASP I 605 -110.60 -0.69 -33.59
C ASP I 605 -111.08 0.74 -33.79
N PHE I 606 -110.60 1.68 -32.97
CA PHE I 606 -111.07 3.05 -33.09
C PHE I 606 -110.57 3.71 -34.38
N VAL I 607 -109.33 3.41 -34.76
CA VAL I 607 -108.80 3.93 -36.03
C VAL I 607 -109.62 3.41 -37.19
N ALA I 608 -109.92 2.11 -37.19
CA ALA I 608 -110.74 1.53 -38.24
C ALA I 608 -112.15 2.12 -38.23
N ALA I 609 -112.72 2.35 -37.05
CA ALA I 609 -114.06 2.90 -36.97
C ALA I 609 -114.11 4.32 -37.52
N THR I 610 -113.13 5.14 -37.18
CA THR I 610 -113.09 6.49 -37.73
C THR I 610 -112.90 6.46 -39.24
N THR I 611 -112.04 5.57 -39.73
CA THR I 611 -111.84 5.47 -41.17
C THR I 611 -113.12 5.03 -41.87
N ASN I 612 -113.84 4.07 -41.29
CA ASN I 612 -115.12 3.65 -41.85
C ASN I 612 -116.13 4.78 -41.85
N ALA I 613 -116.17 5.55 -40.76
CA ALA I 613 -116.99 6.75 -40.73
C ALA I 613 -116.61 7.74 -41.83
N GLY I 614 -115.35 7.72 -42.27
CA GLY I 614 -114.93 8.53 -43.39
C GLY I 614 -114.19 9.79 -42.99
N TYR I 615 -113.51 9.77 -41.86
CA TYR I 615 -112.76 10.91 -41.35
C TYR I 615 -111.34 10.47 -41.04
N THR I 616 -110.40 11.35 -41.34
CA THR I 616 -108.99 11.02 -41.18
C THR I 616 -108.65 10.75 -39.72
N ILE I 617 -107.77 9.78 -39.50
CA ILE I 617 -107.34 9.41 -38.16
C ILE I 617 -105.91 8.90 -38.23
N GLU I 618 -105.16 9.17 -37.17
CA GLU I 618 -103.77 8.75 -37.03
C GLU I 618 -103.67 7.67 -35.96
N LEU I 619 -103.16 6.51 -36.34
CA LEU I 619 -102.85 5.43 -35.40
C LEU I 619 -101.62 5.88 -34.61
N ALA I 620 -101.75 5.95 -33.29
CA ALA I 620 -100.69 6.48 -32.47
C ALA I 620 -99.64 5.42 -32.16
N GLY I 621 -98.37 5.77 -32.32
CA GLY I 621 -97.28 4.91 -31.95
C GLY I 621 -96.88 4.98 -30.50
N GLY I 622 -97.50 5.86 -29.72
CA GLY I 622 -97.19 5.95 -28.30
C GLY I 622 -97.46 4.66 -27.56
N GLY I 623 -98.50 3.93 -27.95
CA GLY I 623 -98.83 2.65 -27.38
C GLY I 623 -98.17 1.47 -28.04
N TYR I 624 -97.12 1.69 -28.82
CA TYR I 624 -96.40 0.63 -29.49
C TYR I 624 -94.91 0.83 -29.32
N PHE I 625 -94.20 -0.27 -29.08
CA PHE I 625 -92.79 -0.23 -28.74
C PHE I 625 -91.94 -1.09 -29.67
N SER I 626 -92.54 -1.78 -30.64
CA SER I 626 -91.79 -2.58 -31.58
C SER I 626 -92.50 -2.54 -32.93
N ALA I 627 -91.69 -2.71 -33.98
CA ALA I 627 -92.24 -2.78 -35.32
C ALA I 627 -93.23 -3.93 -35.45
N ALA I 628 -93.01 -5.03 -34.73
CA ALA I 628 -93.97 -6.13 -34.78
C ALA I 628 -95.32 -5.73 -34.23
N GLY I 629 -95.34 -5.02 -33.09
CA GLY I 629 -96.60 -4.59 -32.53
C GLY I 629 -97.32 -3.59 -33.41
N MET I 630 -96.57 -2.61 -33.93
CA MET I 630 -97.19 -1.66 -34.86
C MET I 630 -97.68 -2.36 -36.13
N THR I 631 -96.93 -3.32 -36.65
CA THR I 631 -97.38 -4.04 -37.84
C THR I 631 -98.66 -4.80 -37.56
N ALA I 632 -98.74 -5.45 -36.40
CA ALA I 632 -99.97 -6.17 -36.05
C ALA I 632 -101.14 -5.23 -35.96
N ALA I 633 -100.95 -4.06 -35.33
CA ALA I 633 -102.03 -3.08 -35.23
C ALA I 633 -102.44 -2.56 -36.60
N ILE I 634 -101.46 -2.29 -37.46
CA ILE I 634 -101.76 -1.77 -38.79
C ILE I 634 -102.50 -2.81 -39.62
N ASP I 635 -102.10 -4.09 -39.50
CA ASP I 635 -102.82 -5.14 -40.19
C ASP I 635 -104.24 -5.27 -39.67
N SER I 636 -104.43 -5.08 -38.36
CA SER I 636 -105.78 -5.09 -37.82
C SER I 636 -106.61 -3.95 -38.42
N VAL I 637 -106.01 -2.75 -38.52
CA VAL I 637 -106.72 -1.62 -39.10
C VAL I 637 -107.09 -1.91 -40.55
N VAL I 638 -106.15 -2.47 -41.31
CA VAL I 638 -106.39 -2.75 -42.72
C VAL I 638 -107.50 -3.79 -42.86
N SER I 639 -107.46 -4.83 -42.04
CA SER I 639 -108.49 -5.85 -42.11
C SER I 639 -109.87 -5.27 -41.78
N GLN I 640 -109.93 -4.34 -40.82
CA GLN I 640 -111.22 -3.82 -40.38
C GLN I 640 -111.77 -2.73 -41.29
N ILE I 641 -110.93 -1.98 -42.01
CA ILE I 641 -111.41 -0.92 -42.88
C ILE I 641 -111.89 -1.54 -44.19
N GLU I 642 -112.60 -0.73 -44.99
CA GLU I 642 -113.13 -1.17 -46.26
C GLU I 642 -112.09 -1.03 -47.36
N LYS I 643 -112.45 -1.50 -48.55
CA LYS I 643 -111.56 -1.42 -49.70
C LYS I 643 -111.29 0.04 -50.08
N GLY I 644 -110.01 0.36 -50.26
CA GLY I 644 -109.62 1.70 -50.68
C GLY I 644 -109.50 2.70 -49.56
N SER I 645 -109.94 2.37 -48.35
CA SER I 645 -109.81 3.28 -47.22
C SER I 645 -108.34 3.55 -46.93
N THR I 646 -108.11 4.51 -46.04
CA THR I 646 -106.74 4.87 -45.68
C THR I 646 -106.74 5.56 -44.32
N PHE I 647 -105.54 5.64 -43.74
CA PHE I 647 -105.34 6.20 -42.41
C PHE I 647 -103.89 6.63 -42.30
N GLY I 648 -103.58 7.40 -41.25
CA GLY I 648 -102.24 7.87 -41.01
C GLY I 648 -101.62 7.24 -39.77
N ILE I 649 -100.35 7.59 -39.55
CA ILE I 649 -99.59 7.13 -38.39
C ILE I 649 -99.00 8.34 -37.70
N ASN I 650 -99.16 8.40 -36.38
CA ASN I 650 -98.60 9.47 -35.55
C ASN I 650 -97.43 8.92 -34.76
N LEU I 651 -96.31 9.63 -34.81
CA LEU I 651 -95.10 9.24 -34.08
C LEU I 651 -94.61 10.40 -33.25
N ILE I 652 -94.01 10.06 -32.12
CA ILE I 652 -93.50 11.03 -31.15
C ILE I 652 -92.04 11.29 -31.49
N TYR I 653 -91.65 12.56 -31.53
CA TYR I 653 -90.29 12.93 -31.88
C TYR I 653 -89.35 13.01 -30.67
N VAL I 654 -89.88 13.07 -29.45
CA VAL I 654 -89.00 13.25 -28.29
C VAL I 654 -88.27 11.97 -27.91
N ASN I 655 -88.74 10.81 -28.39
CA ASN I 655 -88.07 9.53 -28.12
C ASN I 655 -87.41 9.05 -29.41
N PRO I 656 -86.07 9.11 -29.53
CA PRO I 656 -85.46 8.62 -30.78
C PRO I 656 -85.71 7.15 -31.05
N PHE I 657 -85.95 6.34 -30.03
CA PHE I 657 -86.24 4.93 -30.25
C PHE I 657 -87.51 4.74 -31.06
N MET I 658 -88.54 5.54 -30.74
CA MET I 658 -89.77 5.52 -31.51
C MET I 658 -89.51 5.74 -32.99
N LEU I 659 -88.77 6.79 -33.31
CA LEU I 659 -88.49 7.07 -34.71
C LEU I 659 -87.63 5.98 -35.33
N GLN I 660 -86.65 5.49 -34.58
CA GLN I 660 -85.70 4.52 -35.13
C GLN I 660 -86.42 3.24 -35.54
N TRP I 661 -87.40 2.80 -34.75
CA TRP I 661 -88.14 1.59 -35.14
C TRP I 661 -89.34 1.90 -36.04
N GLY I 662 -89.85 3.14 -36.03
CA GLY I 662 -91.07 3.44 -36.76
C GLY I 662 -90.88 3.94 -38.18
N ILE I 663 -89.87 4.78 -38.41
CA ILE I 663 -89.64 5.30 -39.75
C ILE I 663 -89.25 4.19 -40.72
N PRO I 664 -88.32 3.28 -40.39
CA PRO I 664 -88.10 2.15 -41.30
C PRO I 664 -89.35 1.30 -41.49
N LEU I 665 -90.17 1.15 -40.46
CA LEU I 665 -91.41 0.40 -40.62
C LEU I 665 -92.35 1.10 -41.59
N ILE I 666 -92.49 2.42 -41.47
CA ILE I 666 -93.36 3.14 -42.39
C ILE I 666 -92.86 3.02 -43.81
N LYS I 667 -91.54 3.13 -44.00
CA LYS I 667 -90.98 2.99 -45.34
C LYS I 667 -91.24 1.58 -45.90
N GLU I 668 -91.03 0.55 -45.08
CA GLU I 668 -91.26 -0.82 -45.53
C GLU I 668 -92.73 -1.04 -45.87
N LEU I 669 -93.64 -0.56 -45.03
CA LEU I 669 -95.06 -0.76 -45.26
C LEU I 669 -95.52 0.01 -46.51
N ARG I 670 -94.99 1.22 -46.71
CA ARG I 670 -95.31 1.97 -47.92
C ARG I 670 -94.78 1.25 -49.15
N SER I 671 -93.58 0.68 -49.05
CA SER I 671 -93.04 -0.10 -50.17
C SER I 671 -93.93 -1.30 -50.47
N LYS I 672 -94.43 -1.97 -49.43
CA LYS I 672 -95.41 -3.03 -49.60
C LYS I 672 -96.73 -2.51 -50.13
N GLY I 673 -97.00 -1.21 -50.02
CA GLY I 673 -98.23 -0.62 -50.51
C GLY I 673 -99.31 -0.48 -49.48
N TYR I 674 -98.95 -0.27 -48.22
CA TYR I 674 -99.97 -0.20 -47.18
C TYR I 674 -100.71 1.13 -47.25
N PRO I 675 -102.01 1.15 -46.87
CA PRO I 675 -102.77 2.40 -46.96
C PRO I 675 -102.44 3.36 -45.82
N ILE I 676 -101.20 3.83 -45.79
CA ILE I 676 -100.72 4.81 -44.83
C ILE I 676 -100.71 6.15 -45.57
N GLN I 677 -101.77 6.92 -45.39
CA GLN I 677 -101.91 8.18 -46.13
C GLN I 677 -100.83 9.17 -45.74
N PHE I 678 -100.50 9.26 -44.45
CA PHE I 678 -99.64 10.32 -43.97
C PHE I 678 -98.99 9.90 -42.66
N LEU I 679 -97.87 10.58 -42.37
CA LEU I 679 -97.17 10.47 -41.10
C LEU I 679 -97.22 11.82 -40.41
N THR I 680 -97.68 11.83 -39.16
CA THR I 680 -97.71 13.02 -38.34
C THR I 680 -96.60 12.94 -37.29
N ILE I 681 -95.87 14.02 -37.15
CA ILE I 681 -94.82 14.15 -36.14
C ILE I 681 -95.30 15.15 -35.11
N GLY I 682 -95.50 14.66 -33.88
CA GLY I 682 -95.91 15.49 -32.76
C GLY I 682 -94.83 15.57 -31.71
N ALA I 683 -94.98 16.52 -30.78
CA ALA I 683 -93.99 16.73 -29.73
C ALA I 683 -92.62 17.06 -30.33
N GLY I 684 -92.61 18.02 -31.25
CA GLY I 684 -91.38 18.45 -31.90
C GLY I 684 -91.51 18.44 -33.41
N VAL I 685 -90.77 19.32 -34.07
CA VAL I 685 -90.70 19.38 -35.53
C VAL I 685 -89.34 18.86 -35.96
N PRO I 686 -89.25 17.92 -36.91
CA PRO I 686 -87.93 17.43 -37.31
C PRO I 686 -87.10 18.52 -37.97
N SER I 687 -85.79 18.33 -37.94
CA SER I 687 -84.89 19.21 -38.67
C SER I 687 -85.18 19.11 -40.17
N LEU I 688 -84.55 20.00 -40.93
CA LEU I 688 -84.78 20.02 -42.38
C LEU I 688 -84.33 18.72 -43.03
N GLU I 689 -83.16 18.21 -42.64
CA GLU I 689 -82.66 16.98 -43.24
C GLU I 689 -83.57 15.80 -42.90
N VAL I 690 -84.00 15.69 -41.65
CA VAL I 690 -84.87 14.59 -41.25
C VAL I 690 -86.21 14.68 -41.96
N ALA I 691 -86.77 15.88 -42.06
CA ALA I 691 -88.05 16.05 -42.76
C ALA I 691 -87.91 15.70 -44.23
N SER I 692 -86.81 16.11 -44.86
CA SER I 692 -86.59 15.73 -46.25
C SER I 692 -86.46 14.23 -46.40
N GLU I 693 -85.76 13.58 -45.46
CA GLU I 693 -85.63 12.14 -45.50
C GLU I 693 -87.01 11.48 -45.42
N TYR I 694 -87.84 11.95 -44.50
CA TYR I 694 -89.18 11.39 -44.39
C TYR I 694 -89.97 11.59 -45.69
N ILE I 695 -89.96 12.82 -46.20
CA ILE I 695 -90.75 13.18 -47.37
C ILE I 695 -90.34 12.33 -48.58
N GLU I 696 -89.03 12.17 -48.79
CA GLU I 696 -88.58 11.42 -49.96
C GLU I 696 -88.73 9.91 -49.75
N THR I 697 -88.13 9.38 -48.68
CA THR I 697 -88.06 7.93 -48.52
C THR I 697 -89.44 7.34 -48.26
N LEU I 698 -90.22 7.93 -47.35
CA LEU I 698 -91.46 7.27 -46.94
C LEU I 698 -92.49 7.22 -48.06
N GLY I 699 -92.52 8.24 -48.91
CA GLY I 699 -93.49 8.23 -50.00
C GLY I 699 -94.92 8.28 -49.54
N LEU I 700 -95.25 9.19 -48.62
CA LEU I 700 -96.61 9.38 -48.17
C LEU I 700 -97.28 10.49 -48.98
N LYS I 701 -98.61 10.56 -48.84
CA LYS I 701 -99.35 11.62 -49.55
C LYS I 701 -98.99 13.00 -48.99
N TYR I 702 -98.90 13.12 -47.68
CA TYR I 702 -98.53 14.39 -47.06
C TYR I 702 -97.90 14.11 -45.71
N LEU I 703 -97.18 15.11 -45.20
CA LEU I 703 -96.51 15.03 -43.91
C LEU I 703 -97.15 16.00 -42.93
N GLY I 704 -97.65 15.47 -41.82
CA GLY I 704 -98.22 16.30 -40.77
C GLY I 704 -97.15 16.66 -39.74
N LEU I 705 -97.15 17.92 -39.34
CA LEU I 705 -96.22 18.41 -38.33
C LEU I 705 -97.00 19.23 -37.31
N LYS I 706 -96.71 19.00 -36.03
CA LYS I 706 -97.41 19.68 -34.94
C LYS I 706 -96.46 20.67 -34.27
N PRO I 707 -96.25 21.84 -34.86
CA PRO I 707 -95.40 22.84 -34.22
C PRO I 707 -96.02 23.36 -32.94
N GLY I 708 -95.15 23.67 -31.98
CA GLY I 708 -95.59 24.15 -30.69
C GLY I 708 -95.57 25.66 -30.55
N SER I 709 -94.57 26.31 -31.14
CA SER I 709 -94.31 27.73 -30.92
C SER I 709 -93.94 28.38 -32.25
N ILE I 710 -93.50 29.64 -32.17
CA ILE I 710 -93.10 30.39 -33.37
C ILE I 710 -91.92 29.70 -34.04
N ASP I 711 -90.94 29.25 -33.25
CA ASP I 711 -89.78 28.60 -33.84
C ASP I 711 -90.18 27.31 -34.56
N ALA I 712 -91.10 26.55 -33.97
CA ALA I 712 -91.57 25.33 -34.62
C ALA I 712 -92.33 25.64 -35.90
N ILE I 713 -93.15 26.70 -35.88
CA ILE I 713 -93.88 27.07 -37.09
C ILE I 713 -92.91 27.52 -38.17
N SER I 714 -91.86 28.26 -37.79
CA SER I 714 -90.85 28.68 -38.75
C SER I 714 -90.13 27.47 -39.33
N GLN I 715 -89.86 26.46 -38.50
CA GLN I 715 -89.23 25.24 -39.01
C GLN I 715 -90.14 24.52 -39.99
N VAL I 716 -91.43 24.46 -39.69
CA VAL I 716 -92.39 23.85 -40.62
C VAL I 716 -92.42 24.61 -41.92
N ILE I 717 -92.38 25.95 -41.83
CA ILE I 717 -92.36 26.78 -43.04
C ILE I 717 -91.09 26.52 -43.84
N ASN I 718 -89.96 26.34 -43.16
CA ASN I 718 -88.72 26.03 -43.87
C ASN I 718 -88.80 24.68 -44.56
N ILE I 719 -89.43 23.70 -43.91
CA ILE I 719 -89.61 22.39 -44.55
C ILE I 719 -90.49 22.53 -45.79
N ALA I 720 -91.57 23.30 -45.67
CA ALA I 720 -92.46 23.51 -46.82
C ALA I 720 -91.72 24.22 -47.95
N LYS I 721 -90.88 25.18 -47.62
CA LYS I 721 -90.09 25.87 -48.62
C LYS I 721 -89.12 24.91 -49.30
N ALA I 722 -88.48 24.04 -48.52
CA ALA I 722 -87.56 23.08 -49.09
C ALA I 722 -88.27 22.06 -49.97
N HIS I 723 -89.54 21.79 -49.69
CA HIS I 723 -90.35 20.86 -50.48
C HIS I 723 -91.64 21.54 -50.88
N PRO I 724 -91.58 22.50 -51.82
CA PRO I 724 -92.79 23.27 -52.16
C PRO I 724 -93.84 22.43 -52.86
N ASN I 725 -93.48 21.27 -53.38
CA ASN I 725 -94.46 20.41 -54.03
C ASN I 725 -95.16 19.50 -53.02
N PHE I 726 -94.40 18.94 -52.08
CA PHE I 726 -94.96 17.96 -51.16
C PHE I 726 -95.92 18.62 -50.18
N PRO I 727 -97.13 18.08 -49.97
CA PRO I 727 -98.05 18.73 -49.04
C PRO I 727 -97.66 18.51 -47.58
N ILE I 728 -97.70 19.60 -46.82
CA ILE I 728 -97.38 19.61 -45.39
C ILE I 728 -98.62 20.07 -44.63
N ALA I 729 -99.06 19.26 -43.69
CA ALA I 729 -100.22 19.57 -42.85
C ALA I 729 -99.71 20.15 -41.53
N LEU I 730 -99.75 21.48 -41.41
CA LEU I 730 -99.34 22.15 -40.19
C LEU I 730 -100.53 22.05 -39.22
N GLN I 731 -100.44 21.11 -38.27
CA GLN I 731 -101.50 20.90 -37.28
C GLN I 731 -101.18 21.74 -36.05
N TRP I 732 -101.56 23.01 -36.12
CA TRP I 732 -101.37 23.90 -34.99
C TRP I 732 -102.29 23.50 -33.84
N THR I 733 -101.74 23.52 -32.63
CA THR I 733 -102.50 23.26 -31.41
C THR I 733 -101.97 24.15 -30.32
N GLY I 734 -102.84 24.94 -29.70
CA GLY I 734 -102.45 25.78 -28.60
C GLY I 734 -102.18 24.97 -27.34
N GLY I 735 -101.72 25.67 -26.31
CA GLY I 735 -101.49 25.02 -25.03
C GLY I 735 -102.76 24.47 -24.41
N ARG I 736 -103.92 25.02 -24.76
CA ARG I 736 -105.18 24.60 -24.19
C ARG I 736 -105.62 23.21 -24.64
N GLY I 737 -104.87 22.57 -25.53
CA GLY I 737 -105.24 21.23 -25.96
C GLY I 737 -104.92 20.18 -24.92
N GLY I 738 -105.61 19.05 -25.04
CA GLY I 738 -105.44 17.97 -24.10
C GLY I 738 -104.10 17.29 -24.26
N GLY I 739 -103.80 16.42 -23.30
CA GLY I 739 -102.56 15.67 -23.34
C GLY I 739 -101.35 16.57 -23.20
N HIS I 740 -100.27 16.17 -23.85
CA HIS I 740 -99.06 17.00 -23.88
C HIS I 740 -99.37 18.31 -24.58
N HIS I 741 -98.95 19.42 -23.97
CA HIS I 741 -99.27 20.73 -24.49
C HIS I 741 -98.14 21.70 -24.17
N SER I 742 -98.13 22.81 -24.90
CA SER I 742 -97.15 23.86 -24.74
C SER I 742 -97.73 24.98 -23.88
N PHE I 743 -96.92 26.02 -23.68
CA PHE I 743 -97.34 27.19 -22.95
C PHE I 743 -97.89 28.29 -23.86
N GLU I 744 -97.96 28.04 -25.16
CA GLU I 744 -98.33 29.10 -26.09
C GLU I 744 -99.85 29.21 -26.20
N ASP I 745 -100.31 30.45 -26.36
CA ASP I 745 -101.72 30.71 -26.62
C ASP I 745 -102.11 30.17 -28.00
N ALA I 746 -103.37 29.79 -28.14
CA ALA I 746 -103.85 29.18 -29.36
C ALA I 746 -104.00 30.16 -30.51
N HIS I 747 -104.07 31.46 -30.24
CA HIS I 747 -104.46 32.45 -31.23
C HIS I 747 -103.31 33.34 -31.69
N THR I 748 -102.63 34.01 -30.77
CA THR I 748 -101.62 34.99 -31.19
C THR I 748 -100.49 34.40 -32.02
N PRO I 749 -99.98 33.18 -31.77
CA PRO I 749 -98.95 32.66 -32.68
C PRO I 749 -99.48 32.55 -34.09
N MET I 750 -100.77 32.25 -34.22
CA MET I 750 -101.40 32.17 -35.53
C MET I 750 -101.63 33.56 -36.12
N LEU I 751 -102.05 34.52 -35.29
CA LEU I 751 -102.16 35.89 -35.78
C LEU I 751 -100.82 36.41 -36.26
N GLN I 752 -99.72 35.87 -35.72
CA GLN I 752 -98.39 36.33 -36.11
C GLN I 752 -97.89 35.62 -37.36
N MET I 753 -98.07 34.30 -37.44
CA MET I 753 -97.42 33.49 -38.45
C MET I 753 -98.36 33.03 -39.57
N TYR I 754 -99.62 33.47 -39.57
CA TYR I 754 -100.55 33.02 -40.60
C TYR I 754 -100.10 33.45 -41.99
N SER I 755 -99.68 34.71 -42.14
CA SER I 755 -99.27 35.20 -43.46
C SER I 755 -98.09 34.41 -43.99
N LYS I 756 -97.08 34.16 -43.14
CA LYS I 756 -95.93 33.39 -43.57
C LYS I 756 -96.34 31.98 -43.97
N ILE I 757 -97.30 31.39 -43.25
CA ILE I 757 -97.76 30.05 -43.58
C ILE I 757 -98.44 30.05 -44.94
N ARG I 758 -99.24 31.08 -45.22
CA ARG I 758 -99.98 31.16 -46.47
C ARG I 758 -99.12 31.63 -47.64
N ARG I 759 -97.91 32.12 -47.39
CA ARG I 759 -97.01 32.38 -48.51
C ARG I 759 -96.57 31.10 -49.19
N HIS I 760 -96.78 29.95 -48.55
CA HIS I 760 -96.45 28.64 -49.11
C HIS I 760 -97.72 27.84 -49.34
N PRO I 761 -98.20 27.69 -50.58
CA PRO I 761 -99.51 27.02 -50.77
C PRO I 761 -99.51 25.55 -50.39
N ASN I 762 -98.34 24.91 -50.30
CA ASN I 762 -98.30 23.49 -49.97
C ASN I 762 -98.51 23.22 -48.49
N ILE I 763 -98.59 24.26 -47.65
CA ILE I 763 -98.94 24.10 -46.24
C ILE I 763 -100.45 24.19 -46.10
N MET I 764 -101.03 23.24 -45.39
CA MET I 764 -102.45 23.24 -45.06
C MET I 764 -102.56 23.46 -43.56
N LEU I 765 -103.28 24.51 -43.17
CA LEU I 765 -103.40 24.89 -41.77
C LEU I 765 -104.55 24.14 -41.11
N ILE I 766 -104.26 23.42 -40.03
CA ILE I 766 -105.26 22.71 -39.26
C ILE I 766 -105.21 23.26 -37.84
N PHE I 767 -106.38 23.61 -37.31
CA PHE I 767 -106.51 24.17 -35.98
C PHE I 767 -107.01 23.09 -35.04
N GLY I 768 -106.37 22.97 -33.87
CA GLY I 768 -106.85 22.08 -32.84
C GLY I 768 -106.82 22.71 -31.46
N SER I 769 -106.72 21.88 -30.43
CA SER I 769 -106.59 22.35 -29.05
C SER I 769 -107.82 23.17 -28.63
N GLY I 770 -108.94 22.48 -28.49
CA GLY I 770 -110.10 23.09 -27.85
C GLY I 770 -111.35 23.18 -28.70
N PHE I 771 -111.51 22.27 -29.65
CA PHE I 771 -112.67 22.24 -30.54
C PHE I 771 -113.45 20.96 -30.30
N GLY I 772 -114.76 21.09 -30.15
CA GLY I 772 -115.62 19.94 -29.96
C GLY I 772 -117.00 20.07 -30.55
N SER I 773 -117.19 21.02 -31.48
CA SER I 773 -118.49 21.21 -32.10
C SER I 773 -118.30 22.03 -33.37
N ALA I 774 -119.35 22.05 -34.19
CA ALA I 774 -119.34 22.89 -35.39
C ALA I 774 -119.57 24.36 -35.05
N ASP I 775 -120.30 24.65 -33.98
CA ASP I 775 -120.60 26.05 -33.65
C ASP I 775 -119.33 26.81 -33.30
N ASP I 776 -118.45 26.21 -32.48
CA ASP I 776 -117.22 26.87 -32.10
C ASP I 776 -116.10 26.69 -33.13
N THR I 777 -116.32 25.89 -34.17
CA THR I 777 -115.34 25.67 -35.21
C THR I 777 -115.64 26.47 -36.48
N TYR I 778 -116.89 26.82 -36.71
CA TYR I 778 -117.24 27.61 -37.90
C TYR I 778 -116.52 28.95 -37.96
N PRO I 779 -116.36 29.72 -36.87
CA PRO I 779 -115.60 30.97 -37.00
C PRO I 779 -114.20 30.76 -37.52
N TYR I 780 -113.57 29.64 -37.15
CA TYR I 780 -112.22 29.37 -37.63
C TYR I 780 -112.27 28.86 -39.07
N LEU I 781 -113.36 28.19 -39.45
CA LEU I 781 -113.51 27.75 -40.84
C LEU I 781 -113.65 28.94 -41.78
N THR I 782 -114.47 29.91 -41.40
CA THR I 782 -114.67 31.10 -42.22
C THR I 782 -113.58 32.15 -42.03
N GLY I 783 -112.76 32.02 -40.99
CA GLY I 783 -111.72 32.99 -40.73
C GLY I 783 -112.16 34.22 -39.97
N GLU I 784 -113.45 34.33 -39.63
CA GLU I 784 -113.95 35.49 -38.92
C GLU I 784 -113.51 35.52 -37.46
N TRP I 785 -112.84 34.47 -36.97
CA TRP I 785 -112.28 34.50 -35.62
C TRP I 785 -111.26 35.63 -35.47
N SER I 786 -110.60 36.02 -36.57
CA SER I 786 -109.62 37.09 -36.50
C SER I 786 -110.26 38.47 -36.43
N THR I 787 -111.49 38.62 -36.90
CA THR I 787 -112.14 39.92 -36.87
C THR I 787 -112.37 40.41 -35.45
N LYS I 788 -112.53 39.50 -34.49
CA LYS I 788 -112.60 39.90 -33.09
C LYS I 788 -111.23 40.16 -32.49
N PHE I 789 -110.15 39.76 -33.17
CA PHE I 789 -108.80 40.14 -32.80
C PHE I 789 -108.29 41.32 -33.59
N ASP I 790 -109.12 41.91 -34.46
CA ASP I 790 -108.75 43.09 -35.24
C ASP I 790 -107.70 42.75 -36.28
N TYR I 791 -107.83 41.57 -36.88
CA TYR I 791 -107.01 41.11 -37.98
C TYR I 791 -107.93 40.82 -39.15
N PRO I 792 -107.40 40.71 -40.37
CA PRO I 792 -108.25 40.30 -41.49
C PRO I 792 -108.78 38.91 -41.27
N PRO I 793 -109.83 38.50 -41.99
CA PRO I 793 -110.30 37.12 -41.85
C PRO I 793 -109.21 36.13 -42.20
N MET I 794 -109.17 35.02 -41.46
CA MET I 794 -108.05 34.08 -41.48
C MET I 794 -108.60 32.67 -41.58
N PRO I 795 -109.10 32.28 -42.76
CA PRO I 795 -109.70 30.95 -42.90
C PRO I 795 -108.68 29.84 -42.65
N PHE I 796 -109.17 28.73 -42.10
CA PHE I 796 -108.33 27.60 -41.75
C PHE I 796 -108.70 26.39 -42.58
N ASP I 797 -107.70 25.60 -42.94
CA ASP I 797 -107.91 24.53 -43.92
C ASP I 797 -108.54 23.29 -43.31
N GLY I 798 -108.35 23.05 -42.03
CA GLY I 798 -108.92 21.88 -41.39
C GLY I 798 -108.93 22.03 -39.90
N PHE I 799 -109.45 21.00 -39.23
CA PHE I 799 -109.57 20.99 -37.79
C PHE I 799 -109.37 19.58 -37.28
N LEU I 800 -108.91 19.48 -36.02
CA LEU I 800 -108.71 18.21 -35.36
C LEU I 800 -109.37 18.24 -33.99
N PHE I 801 -110.02 17.14 -33.62
CA PHE I 801 -110.82 17.03 -32.41
C PHE I 801 -110.28 15.87 -31.60
N GLY I 802 -109.37 16.18 -30.67
CA GLY I 802 -108.77 15.16 -29.84
C GLY I 802 -109.63 14.77 -28.66
N SER I 803 -109.92 15.74 -27.79
CA SER I 803 -110.60 15.44 -26.54
C SER I 803 -112.10 15.24 -26.72
N ARG I 804 -112.68 15.68 -27.84
CA ARG I 804 -114.11 15.47 -28.04
C ARG I 804 -114.43 13.99 -28.25
N VAL I 805 -113.57 13.28 -28.97
CA VAL I 805 -113.90 11.92 -29.41
C VAL I 805 -113.44 10.90 -28.39
N MET I 806 -113.14 11.34 -27.16
CA MET I 806 -112.67 10.41 -26.15
C MET I 806 -113.79 9.57 -25.55
N ILE I 807 -115.02 10.08 -25.54
CA ILE I 807 -116.15 9.35 -24.99
C ILE I 807 -116.96 8.67 -26.10
N ALA I 808 -116.38 8.54 -27.29
CA ALA I 808 -117.07 7.91 -28.39
C ALA I 808 -117.19 6.41 -28.16
N LYS I 809 -118.22 5.82 -28.76
CA LYS I 809 -118.55 4.42 -28.51
C LYS I 809 -117.41 3.50 -28.92
N GLU I 810 -116.65 3.87 -29.96
CA GLU I 810 -115.64 2.98 -30.50
C GLU I 810 -114.28 3.16 -29.86
N VAL I 811 -114.13 4.08 -28.91
CA VAL I 811 -112.89 4.19 -28.15
C VAL I 811 -112.91 3.17 -27.02
N LYS I 812 -111.73 2.65 -26.66
CA LYS I 812 -111.61 1.64 -25.62
C LYS I 812 -111.58 2.23 -24.22
N THR I 813 -111.90 3.51 -24.06
CA THR I 813 -111.97 4.09 -22.72
C THR I 813 -113.05 3.41 -21.90
N SER I 814 -112.74 3.11 -20.65
CA SER I 814 -113.66 2.37 -19.82
C SER I 814 -114.93 3.19 -19.57
N PRO I 815 -116.04 2.54 -19.22
CA PRO I 815 -117.26 3.33 -18.94
C PRO I 815 -117.08 4.34 -17.82
N ASP I 816 -116.37 3.99 -16.75
CA ASP I 816 -116.19 4.93 -15.65
C ASP I 816 -115.26 6.07 -16.05
N ALA I 817 -114.24 5.77 -16.86
CA ALA I 817 -113.40 6.84 -17.38
C ALA I 817 -114.19 7.76 -18.30
N LYS I 818 -115.11 7.20 -19.08
CA LYS I 818 -115.97 8.03 -19.92
C LYS I 818 -116.89 8.90 -19.08
N LYS I 819 -117.44 8.35 -18.01
CA LYS I 819 -118.25 9.15 -17.10
C LYS I 819 -117.43 10.28 -16.48
N CYS I 820 -116.19 9.98 -16.09
CA CYS I 820 -115.33 11.01 -15.53
C CYS I 820 -115.03 12.09 -16.57
N ILE I 821 -114.80 11.69 -17.81
CA ILE I 821 -114.54 12.65 -18.88
C ILE I 821 -115.76 13.55 -19.08
N ALA I 822 -116.95 12.95 -19.13
CA ALA I 822 -118.17 13.73 -19.32
C ALA I 822 -118.42 14.65 -18.14
N ALA I 823 -118.00 14.26 -16.94
CA ALA I 823 -118.21 15.11 -15.77
C ALA I 823 -117.40 16.40 -15.87
N CYS I 824 -116.30 16.39 -16.61
CA CYS I 824 -115.51 17.60 -16.78
C CYS I 824 -116.33 18.66 -17.51
N THR I 825 -116.63 19.75 -16.81
CA THR I 825 -117.45 20.81 -17.38
C THR I 825 -116.68 21.65 -18.39
N GLY I 826 -115.36 21.73 -18.27
CA GLY I 826 -114.56 22.53 -19.17
C GLY I 826 -114.64 24.02 -18.82
N VAL I 827 -113.75 24.78 -19.45
CA VAL I 827 -113.70 26.24 -19.24
C VAL I 827 -113.48 26.92 -20.58
N PRO I 828 -113.88 28.20 -20.75
CA PRO I 828 -113.53 28.92 -21.98
C PRO I 828 -112.02 29.03 -22.19
N ASP I 829 -111.63 29.55 -23.36
CA ASP I 829 -110.21 29.66 -23.69
C ASP I 829 -109.48 30.60 -22.74
N ASP I 830 -110.11 31.72 -22.37
CA ASP I 830 -109.40 32.77 -21.67
C ASP I 830 -108.91 32.35 -20.29
N LYS I 831 -109.47 31.27 -19.73
CA LYS I 831 -109.10 30.81 -18.39
C LYS I 831 -108.62 29.36 -18.39
N TRP I 832 -108.01 28.92 -19.49
CA TRP I 832 -107.43 27.58 -19.52
C TRP I 832 -106.12 27.53 -18.74
N GLU I 833 -105.38 28.63 -18.66
CA GLU I 833 -104.08 28.64 -18.01
C GLU I 833 -104.16 28.37 -16.52
N GLN I 834 -105.35 28.42 -15.91
CA GLN I 834 -105.49 28.14 -14.50
C GLN I 834 -105.23 26.67 -14.16
N THR I 835 -105.19 25.80 -15.18
CA THR I 835 -104.86 24.40 -14.95
C THR I 835 -103.45 24.22 -14.39
N TYR I 836 -102.57 25.20 -14.59
CA TYR I 836 -101.23 25.14 -14.05
C TYR I 836 -101.20 25.31 -12.53
N LYS I 837 -102.29 25.75 -11.92
CA LYS I 837 -102.36 26.00 -10.49
C LYS I 837 -103.44 25.18 -9.79
N LYS I 838 -104.59 25.00 -10.42
CA LYS I 838 -105.72 24.33 -9.78
C LYS I 838 -106.42 23.47 -10.80
N PRO I 839 -107.25 22.51 -10.36
CA PRO I 839 -107.99 21.69 -11.32
C PRO I 839 -109.11 22.47 -11.99
N THR I 840 -108.75 23.24 -13.02
CA THR I 840 -109.69 24.16 -13.66
C THR I 840 -110.48 23.42 -14.73
N GLY I 841 -111.80 23.37 -14.57
CA GLY I 841 -112.63 22.64 -15.50
C GLY I 841 -112.57 21.14 -15.35
N GLY I 842 -112.17 20.65 -14.17
CA GLY I 842 -111.96 19.24 -13.97
C GLY I 842 -110.66 18.70 -14.51
N ILE I 843 -109.80 19.57 -15.03
CA ILE I 843 -108.55 19.17 -15.66
C ILE I 843 -107.43 20.03 -15.07
N VAL I 844 -106.26 19.42 -14.89
CA VAL I 844 -105.11 20.09 -14.31
C VAL I 844 -103.86 19.71 -15.12
N THR I 845 -102.87 20.58 -15.06
CA THR I 845 -101.58 20.31 -15.70
C THR I 845 -100.66 19.58 -14.72
N VAL I 846 -99.94 18.60 -15.24
CA VAL I 846 -98.95 17.85 -14.46
C VAL I 846 -97.70 17.72 -15.31
N ARG I 847 -96.60 17.41 -14.63
CA ARG I 847 -95.29 17.29 -15.27
C ARG I 847 -94.97 15.81 -15.46
N SER I 848 -94.44 15.48 -16.63
CA SER I 848 -94.11 14.10 -16.97
C SER I 848 -92.71 13.78 -16.49
N GLU I 849 -92.17 12.66 -16.96
CA GLU I 849 -90.81 12.27 -16.58
C GLU I 849 -89.80 13.34 -16.98
N MET I 850 -89.95 13.90 -18.17
CA MET I 850 -89.07 14.94 -18.68
C MET I 850 -89.50 16.34 -18.24
N GLY I 851 -90.61 16.46 -17.51
CA GLY I 851 -91.07 17.74 -17.02
C GLY I 851 -91.93 18.53 -17.97
N GLU I 852 -92.34 17.97 -19.10
CA GLU I 852 -93.19 18.71 -20.02
C GLU I 852 -94.61 18.76 -19.48
N PRO I 853 -95.37 19.83 -19.72
CA PRO I 853 -96.75 19.87 -19.23
C PRO I 853 -97.63 18.83 -19.92
N ILE I 854 -98.53 18.24 -19.14
CA ILE I 854 -99.58 17.36 -19.66
C ILE I 854 -100.88 17.75 -18.98
N HIS I 855 -101.91 18.03 -19.78
CA HIS I 855 -103.24 18.20 -19.22
C HIS I 855 -103.84 16.82 -18.92
N LYS I 856 -104.39 16.67 -17.73
CA LYS I 856 -105.05 15.44 -17.33
C LYS I 856 -106.27 15.79 -16.51
N ILE I 857 -107.25 14.87 -16.50
CA ILE I 857 -108.41 15.06 -15.66
C ILE I 857 -107.96 15.07 -14.20
N ALA I 858 -108.65 15.84 -13.37
CA ALA I 858 -108.27 15.98 -11.98
C ALA I 858 -108.74 14.80 -11.14
N THR I 859 -108.30 13.60 -11.51
CA THR I 859 -108.52 12.42 -10.68
C THR I 859 -107.62 12.48 -9.45
N ARG I 860 -108.00 11.71 -8.43
CA ARG I 860 -107.21 11.69 -7.20
C ARG I 860 -105.77 11.29 -7.47
N GLY I 861 -105.56 10.35 -8.38
CA GLY I 861 -104.21 10.01 -8.78
C GLY I 861 -103.47 11.18 -9.42
N VAL I 862 -104.18 11.96 -10.24
CA VAL I 862 -103.54 13.09 -10.90
C VAL I 862 -103.23 14.20 -9.91
N MET I 863 -104.09 14.39 -8.91
CA MET I 863 -103.79 15.38 -7.88
C MET I 863 -102.62 14.92 -7.01
N LEU I 864 -102.50 13.61 -6.76
CA LEU I 864 -101.30 13.10 -6.11
C LEU I 864 -100.08 13.33 -6.98
N TRP I 865 -100.21 13.14 -8.29
CA TRP I 865 -99.12 13.41 -9.22
C TRP I 865 -98.68 14.86 -9.12
N LYS I 866 -99.65 15.78 -9.10
CA LYS I 866 -99.31 17.20 -9.00
C LYS I 866 -98.67 17.53 -7.66
N GLU I 867 -99.20 16.95 -6.58
CA GLU I 867 -98.64 17.21 -5.25
C GLU I 867 -97.20 16.71 -5.17
N PHE I 868 -96.92 15.54 -5.73
CA PHE I 868 -95.56 15.03 -5.74
C PHE I 868 -94.68 15.88 -6.67
N ASP I 869 -95.26 16.43 -7.74
CA ASP I 869 -94.51 17.33 -8.59
C ASP I 869 -94.09 18.58 -7.82
N GLU I 870 -94.98 19.11 -7.01
CA GLU I 870 -94.73 20.37 -6.32
C GLU I 870 -94.05 20.21 -4.97
N THR I 871 -93.93 18.98 -4.44
CA THR I 871 -93.29 18.77 -3.14
C THR I 871 -92.15 17.77 -3.13
N ILE I 872 -92.00 16.90 -4.13
CA ILE I 872 -91.01 15.82 -4.08
C ILE I 872 -90.11 15.86 -5.30
N PHE I 873 -90.70 15.83 -6.49
CA PHE I 873 -89.91 15.62 -7.70
C PHE I 873 -89.02 16.82 -8.02
N ASN I 874 -89.52 18.03 -7.79
CA ASN I 874 -88.73 19.22 -8.15
C ASN I 874 -87.51 19.40 -7.26
N LEU I 875 -87.46 18.76 -6.09
CA LEU I 875 -86.34 18.97 -5.20
C LEU I 875 -85.07 18.37 -5.80
N PRO I 876 -83.90 18.86 -5.40
CA PRO I 876 -82.66 18.33 -5.98
C PRO I 876 -82.41 16.89 -5.58
N LYS I 877 -81.48 16.26 -6.30
CA LYS I 877 -81.22 14.84 -6.11
C LYS I 877 -80.69 14.55 -4.71
N ASN I 878 -79.83 15.44 -4.19
CA ASN I 878 -79.33 15.25 -2.84
C ASN I 878 -80.44 15.28 -1.82
N LYS I 879 -81.52 16.02 -2.10
CA LYS I 879 -82.64 16.16 -1.17
C LYS I 879 -83.75 15.15 -1.41
N LEU I 880 -83.73 14.43 -2.53
CA LEU I 880 -84.85 13.53 -2.82
C LEU I 880 -84.88 12.31 -1.91
N VAL I 881 -83.73 11.80 -1.47
CA VAL I 881 -83.72 10.58 -0.67
C VAL I 881 -84.16 10.87 0.76
N PRO I 882 -83.62 11.89 1.44
CA PRO I 882 -84.09 12.17 2.81
C PRO I 882 -85.57 12.48 2.89
N THR I 883 -86.11 13.23 1.92
CA THR I 883 -87.53 13.56 1.97
C THR I 883 -88.40 12.33 1.73
N LEU I 884 -87.96 11.43 0.84
CA LEU I 884 -88.69 10.18 0.64
C LEU I 884 -88.67 9.33 1.90
N GLU I 885 -87.52 9.28 2.58
CA GLU I 885 -87.46 8.57 3.85
C GLU I 885 -88.39 9.19 4.88
N ALA I 886 -88.42 10.53 4.94
CA ALA I 886 -89.24 11.21 5.93
C ALA I 886 -90.72 11.00 5.67
N LYS I 887 -91.16 11.17 4.42
CA LYS I 887 -92.56 11.08 4.04
C LYS I 887 -92.91 9.71 3.46
N ARG I 888 -92.15 8.68 3.84
CA ARG I 888 -92.45 7.32 3.39
C ARG I 888 -93.88 6.92 3.74
N ASP I 889 -94.28 7.12 4.99
CA ASP I 889 -95.61 6.70 5.42
C ASP I 889 -96.69 7.46 4.68
N TYR I 890 -96.52 8.78 4.54
CA TYR I 890 -97.52 9.58 3.82
C TYR I 890 -97.57 9.19 2.34
N ILE I 891 -96.41 9.02 1.72
CA ILE I 891 -96.38 8.65 0.30
C ILE I 891 -97.03 7.29 0.10
N ILE I 892 -96.74 6.33 0.97
CA ILE I 892 -97.33 5.01 0.84
C ILE I 892 -98.85 5.08 1.02
N SER I 893 -99.30 5.85 2.00
CA SER I 893 -100.74 5.99 2.23
C SER I 893 -101.41 6.57 0.99
N ARG I 894 -100.82 7.62 0.41
CA ARG I 894 -101.42 8.25 -0.76
C ARG I 894 -101.39 7.33 -1.97
N LEU I 895 -100.29 6.60 -2.18
CA LEU I 895 -100.23 5.66 -3.30
C LEU I 895 -101.29 4.59 -3.16
N ASN I 896 -101.46 4.03 -1.96
CA ASN I 896 -102.43 2.97 -1.78
C ASN I 896 -103.85 3.47 -1.88
N ALA I 897 -104.11 4.71 -1.46
CA ALA I 897 -105.47 5.22 -1.43
C ALA I 897 -105.93 5.84 -2.74
N ASP I 898 -105.02 6.45 -3.51
CA ASP I 898 -105.44 7.38 -4.56
C ASP I 898 -104.72 7.21 -5.88
N PHE I 899 -103.76 6.27 -6.00
CA PHE I 899 -102.95 6.15 -7.21
C PHE I 899 -103.09 4.78 -7.83
N GLN I 900 -103.06 4.76 -9.17
CA GLN I 900 -103.18 3.52 -9.94
C GLN I 900 -102.04 2.55 -9.66
N LYS I 901 -100.87 3.05 -9.29
CA LYS I 901 -99.74 2.22 -8.86
C LYS I 901 -99.70 2.27 -7.34
N PRO I 902 -100.34 1.34 -6.64
CA PRO I 902 -100.26 1.36 -5.18
C PRO I 902 -98.87 0.96 -4.71
N TRP I 903 -98.60 1.26 -3.45
CA TRP I 903 -97.42 0.72 -2.80
C TRP I 903 -97.48 -0.79 -2.81
N PHE I 904 -96.43 -1.43 -3.33
CA PHE I 904 -96.47 -2.88 -3.48
C PHE I 904 -96.56 -3.57 -2.13
N ALA I 905 -95.70 -3.21 -1.19
CA ALA I 905 -95.62 -3.90 0.08
C ALA I 905 -96.78 -3.47 0.98
N THR I 906 -97.97 -3.92 0.59
CA THR I 906 -99.20 -3.68 1.34
C THR I 906 -99.95 -5.00 1.40
N VAL I 907 -100.01 -5.59 2.59
CA VAL I 907 -100.61 -6.91 2.80
C VAL I 907 -101.90 -6.71 3.57
N ASN I 908 -103.03 -7.00 2.91
CA ASN I 908 -104.35 -6.86 3.51
C ASN I 908 -104.57 -5.45 4.05
N GLY I 909 -104.08 -4.46 3.30
CA GLY I 909 -104.26 -3.07 3.64
C GLY I 909 -103.23 -2.50 4.59
N GLN I 910 -102.34 -3.31 5.13
CA GLN I 910 -101.33 -2.85 6.08
C GLN I 910 -100.07 -2.47 5.32
N ALA I 911 -99.73 -1.18 5.36
CA ALA I 911 -98.49 -0.73 4.73
C ALA I 911 -97.31 -1.47 5.34
N ARG I 912 -96.47 -2.03 4.47
CA ARG I 912 -95.36 -2.86 4.90
C ARG I 912 -94.18 -2.53 4.01
N ASP I 913 -93.17 -3.40 4.03
CA ASP I 913 -91.99 -3.24 3.20
C ASP I 913 -91.66 -4.57 2.54
N LEU I 914 -90.96 -4.47 1.41
CA LEU I 914 -90.56 -5.65 0.67
C LEU I 914 -89.69 -6.56 1.53
N ALA I 915 -88.93 -5.99 2.45
CA ALA I 915 -88.13 -6.74 3.40
C ALA I 915 -88.96 -7.24 4.58
N THR I 916 -90.15 -6.70 4.78
CA THR I 916 -91.02 -7.07 5.89
C THR I 916 -92.20 -7.91 5.44
N MET I 917 -92.22 -8.38 4.19
CA MET I 917 -93.26 -9.29 3.73
C MET I 917 -92.64 -10.64 3.43
N THR I 918 -93.46 -11.68 3.51
CA THR I 918 -93.00 -13.03 3.23
C THR I 918 -93.12 -13.33 1.74
N TYR I 919 -92.53 -14.47 1.35
CA TYR I 919 -92.57 -14.89 -0.05
C TYR I 919 -93.99 -15.14 -0.51
N GLU I 920 -94.81 -15.79 0.34
CA GLU I 920 -96.21 -15.99 0.00
C GLU I 920 -96.94 -14.67 -0.12
N GLU I 921 -96.65 -13.72 0.76
CA GLU I 921 -97.29 -12.42 0.68
C GLU I 921 -96.90 -11.70 -0.61
N VAL I 922 -95.63 -11.82 -1.01
CA VAL I 922 -95.19 -11.19 -2.26
C VAL I 922 -95.90 -11.83 -3.45
N ALA I 923 -95.99 -13.16 -3.47
CA ALA I 923 -96.67 -13.84 -4.57
C ALA I 923 -98.14 -13.45 -4.61
N LYS I 924 -98.80 -13.39 -3.45
CA LYS I 924 -100.20 -13.02 -3.40
C LYS I 924 -100.42 -11.59 -3.87
N ARG I 925 -99.53 -10.68 -3.46
CA ARG I 925 -99.63 -9.29 -3.91
C ARG I 925 -99.43 -9.20 -5.41
N LEU I 926 -98.49 -9.96 -5.95
CA LEU I 926 -98.27 -9.95 -7.39
C LEU I 926 -99.50 -10.45 -8.13
N VAL I 927 -100.12 -11.53 -7.63
CA VAL I 927 -101.34 -12.02 -8.26
C VAL I 927 -102.44 -10.98 -8.17
N GLU I 928 -102.58 -10.34 -7.00
CA GLU I 928 -103.62 -9.34 -6.83
C GLU I 928 -103.45 -8.18 -7.79
N LEU I 929 -102.22 -7.74 -8.01
CA LEU I 929 -101.97 -6.54 -8.81
C LEU I 929 -101.68 -6.82 -10.28
N MET I 930 -101.56 -8.09 -10.69
CA MET I 930 -101.23 -8.40 -12.09
C MET I 930 -102.20 -9.37 -12.74
N PHE I 931 -102.91 -10.17 -11.96
CA PHE I 931 -103.89 -11.12 -12.49
C PHE I 931 -105.28 -10.59 -12.23
N ILE I 932 -106.09 -10.51 -13.29
CA ILE I 932 -107.42 -9.92 -13.23
C ILE I 932 -108.44 -11.04 -13.08
N ARG I 933 -109.25 -10.94 -12.03
CA ARG I 933 -110.21 -11.99 -11.71
C ARG I 933 -111.41 -11.95 -12.65
N SER I 934 -111.86 -10.76 -13.04
CA SER I 934 -113.04 -10.66 -13.90
C SER I 934 -112.80 -11.33 -15.24
N THR I 935 -111.64 -11.09 -15.84
CA THR I 935 -111.26 -11.76 -17.08
C THR I 935 -110.62 -13.12 -16.84
N ASN I 936 -110.28 -13.44 -15.58
CA ASN I 936 -109.68 -14.73 -15.24
C ASN I 936 -108.40 -14.97 -16.02
N SER I 937 -107.60 -13.92 -16.19
CA SER I 937 -106.38 -14.03 -16.97
C SER I 937 -105.40 -12.94 -16.54
N TRP I 938 -104.13 -13.17 -16.85
CA TRP I 938 -103.11 -12.16 -16.63
C TRP I 938 -103.28 -10.99 -17.58
N PHE I 939 -103.10 -9.77 -17.06
CA PHE I 939 -103.24 -8.61 -17.91
C PHE I 939 -102.13 -8.54 -18.94
N ASP I 940 -100.95 -9.06 -18.60
CA ASP I 940 -99.80 -9.02 -19.50
C ASP I 940 -98.95 -10.26 -19.30
N VAL I 941 -98.52 -10.84 -20.42
CA VAL I 941 -97.67 -12.03 -20.37
C VAL I 941 -96.35 -11.69 -19.69
N THR I 942 -95.87 -10.45 -19.81
CA THR I 942 -94.65 -10.08 -19.12
C THR I 942 -94.84 -10.06 -17.61
N TRP I 943 -96.01 -9.62 -17.14
CA TRP I 943 -96.31 -9.71 -15.72
C TRP I 943 -96.42 -11.17 -15.28
N ARG I 944 -97.01 -12.01 -16.13
CA ARG I 944 -97.08 -13.43 -15.84
C ARG I 944 -95.69 -14.03 -15.70
N THR I 945 -94.78 -13.65 -16.60
CA THR I 945 -93.40 -14.10 -16.54
C THR I 945 -92.72 -13.59 -15.28
N PHE I 946 -93.02 -12.34 -14.90
CA PHE I 946 -92.49 -11.79 -13.65
C PHE I 946 -92.87 -12.66 -12.47
N THR I 947 -94.17 -12.97 -12.34
CA THR I 947 -94.62 -13.74 -11.20
C THR I 947 -94.06 -15.16 -11.22
N GLY I 948 -93.99 -15.77 -12.39
CA GLY I 948 -93.40 -17.10 -12.49
C GLY I 948 -91.92 -17.09 -12.14
N ASP I 949 -91.20 -16.06 -12.57
CA ASP I 949 -89.80 -15.92 -12.20
C ASP I 949 -89.64 -15.78 -10.70
N PHE I 950 -90.53 -15.01 -10.06
CA PHE I 950 -90.46 -14.88 -8.61
C PHE I 950 -90.70 -16.22 -7.93
N LEU I 951 -91.69 -16.98 -8.40
CA LEU I 951 -91.96 -18.28 -7.79
C LEU I 951 -90.78 -19.23 -7.99
N ARG I 952 -90.15 -19.18 -9.16
CA ARG I 952 -88.97 -20.00 -9.39
C ARG I 952 -87.84 -19.59 -8.44
N ARG I 953 -87.70 -18.30 -8.20
CA ARG I 953 -86.72 -17.83 -7.22
C ARG I 953 -87.05 -18.33 -5.83
N VAL I 954 -88.33 -18.35 -5.47
CA VAL I 954 -88.75 -18.90 -4.18
C VAL I 954 -88.35 -20.36 -4.06
N GLU I 955 -88.59 -21.12 -5.13
CA GLU I 955 -88.23 -22.53 -5.15
C GLU I 955 -86.71 -22.70 -5.01
N GLU I 956 -85.94 -21.86 -5.71
CA GLU I 956 -84.49 -21.92 -5.58
C GLU I 956 -84.06 -21.64 -4.14
N ARG I 957 -84.65 -20.62 -3.53
CA ARG I 957 -84.24 -20.22 -2.19
C ARG I 957 -84.56 -21.29 -1.16
N PHE I 958 -85.70 -21.95 -1.30
CA PHE I 958 -86.21 -22.83 -0.24
C PHE I 958 -86.06 -24.31 -0.53
N THR I 959 -85.54 -24.68 -1.71
CA THR I 959 -85.21 -26.07 -2.00
C THR I 959 -83.84 -26.37 -1.40
N LYS I 960 -83.70 -27.55 -0.82
CA LYS I 960 -82.46 -27.96 -0.20
C LYS I 960 -81.50 -28.64 -1.17
N SER I 961 -81.97 -29.00 -2.35
CA SER I 961 -81.13 -29.70 -3.33
C SER I 961 -81.77 -29.57 -4.70
N LYS I 962 -81.23 -30.30 -5.66
CA LYS I 962 -81.81 -30.38 -6.99
C LYS I 962 -83.24 -30.89 -6.93
N THR I 963 -84.11 -30.30 -7.74
CA THR I 963 -85.48 -30.79 -7.84
C THR I 963 -86.12 -30.18 -9.08
N LEU I 964 -87.09 -30.89 -9.64
CA LEU I 964 -87.85 -30.37 -10.76
C LEU I 964 -88.60 -29.12 -10.34
N SER I 965 -88.61 -28.12 -11.22
CA SER I 965 -89.41 -26.92 -10.96
C SER I 965 -90.89 -27.28 -10.89
N LEU I 966 -91.55 -26.80 -9.86
CA LEU I 966 -93.00 -26.99 -9.76
C LEU I 966 -93.73 -26.29 -10.89
N ILE I 967 -93.31 -25.08 -11.23
CA ILE I 967 -93.82 -24.36 -12.39
C ILE I 967 -92.85 -24.70 -13.53
N GLN I 968 -93.21 -25.70 -14.32
CA GLN I 968 -92.40 -26.07 -15.49
C GLN I 968 -92.70 -25.15 -16.66
N SER I 969 -93.98 -24.88 -16.89
CA SER I 969 -94.43 -23.93 -17.90
C SER I 969 -95.10 -22.76 -17.20
N TYR I 970 -94.88 -21.56 -17.74
CA TYR I 970 -95.57 -20.40 -17.21
C TYR I 970 -97.08 -20.50 -17.41
N SER I 971 -97.53 -21.31 -18.36
CA SER I 971 -98.96 -21.41 -18.63
C SER I 971 -99.74 -21.93 -17.41
N LEU I 972 -99.06 -22.62 -16.49
CA LEU I 972 -99.74 -23.10 -15.29
C LEU I 972 -100.24 -21.95 -14.41
N LEU I 973 -99.70 -20.74 -14.60
CA LEU I 973 -100.15 -19.59 -13.82
C LEU I 973 -101.51 -19.06 -14.26
N ASP I 974 -102.18 -19.70 -15.21
CA ASP I 974 -103.55 -19.31 -15.54
C ASP I 974 -104.50 -19.58 -14.38
N LYS I 975 -104.09 -20.38 -13.40
CA LYS I 975 -104.77 -20.53 -12.12
C LYS I 975 -103.76 -20.16 -11.05
N PRO I 976 -103.48 -18.86 -10.88
CA PRO I 976 -102.38 -18.45 -9.99
C PRO I 976 -102.59 -18.83 -8.55
N ASP I 977 -103.83 -18.84 -8.05
CA ASP I 977 -104.06 -19.27 -6.67
C ASP I 977 -103.61 -20.71 -6.49
N GLU I 978 -103.97 -21.59 -7.42
CA GLU I 978 -103.55 -22.99 -7.32
C GLU I 978 -102.05 -23.12 -7.47
N ALA I 979 -101.44 -22.35 -8.37
CA ALA I 979 -99.99 -22.42 -8.53
C ALA I 979 -99.27 -21.98 -7.27
N ILE I 980 -99.72 -20.88 -6.66
CA ILE I 980 -99.11 -20.41 -5.42
C ILE I 980 -99.32 -21.42 -4.31
N GLU I 981 -100.53 -21.97 -4.21
CA GLU I 981 -100.80 -22.95 -3.16
C GLU I 981 -99.89 -24.16 -3.31
N LYS I 982 -99.70 -24.63 -4.54
CA LYS I 982 -98.81 -25.75 -4.78
C LYS I 982 -97.38 -25.40 -4.39
N VAL I 983 -96.90 -24.24 -4.83
CA VAL I 983 -95.50 -23.88 -4.58
C VAL I 983 -95.24 -23.75 -3.08
N PHE I 984 -96.13 -23.06 -2.36
CA PHE I 984 -95.90 -22.82 -0.95
C PHE I 984 -96.38 -23.97 -0.07
N ASN I 985 -97.07 -24.96 -0.62
CA ASN I 985 -97.25 -26.23 0.09
C ASN I 985 -96.01 -27.09 -0.06
N ALA I 986 -95.37 -27.04 -1.23
CA ALA I 986 -94.11 -27.75 -1.40
C ALA I 986 -92.99 -27.13 -0.55
N TYR I 987 -93.05 -25.81 -0.34
CA TYR I 987 -92.06 -25.08 0.45
C TYR I 987 -92.78 -24.28 1.52
N PRO I 988 -93.34 -24.93 2.54
CA PRO I 988 -94.08 -24.19 3.57
C PRO I 988 -93.24 -23.22 4.35
N ALA I 989 -91.91 -23.39 4.37
CA ALA I 989 -91.05 -22.49 5.12
C ALA I 989 -91.07 -21.08 4.54
N ALA I 990 -91.50 -20.91 3.30
CA ALA I 990 -91.54 -19.60 2.67
C ALA I 990 -92.80 -18.80 3.01
N ARG I 991 -93.77 -19.41 3.68
CA ARG I 991 -95.02 -18.71 4.00
C ARG I 991 -94.87 -17.73 5.15
N GLU I 992 -93.99 -18.00 6.10
CA GLU I 992 -93.82 -17.20 7.31
C GLU I 992 -92.37 -16.76 7.45
N GLN I 993 -91.82 -16.23 6.36
CA GLN I 993 -90.40 -15.92 6.29
C GLN I 993 -90.21 -14.71 5.39
N PHE I 994 -89.74 -13.62 5.97
CA PHE I 994 -89.59 -12.38 5.23
C PHE I 994 -88.62 -12.59 4.07
N LEU I 995 -88.74 -11.73 3.06
CA LEU I 995 -87.92 -11.88 1.86
C LEU I 995 -86.45 -11.74 2.20
N ASN I 996 -85.65 -12.67 1.73
CA ASN I 996 -84.20 -12.54 1.83
C ASN I 996 -83.75 -11.30 1.06
N ALA I 997 -82.74 -10.61 1.58
CA ALA I 997 -82.32 -9.35 0.98
C ALA I 997 -81.83 -9.56 -0.45
N GLN I 998 -81.22 -10.72 -0.72
CA GLN I 998 -80.88 -11.07 -2.09
C GLN I 998 -82.11 -11.08 -2.98
N ASP I 999 -83.20 -11.66 -2.46
CA ASP I 999 -84.42 -11.76 -3.25
C ASP I 999 -85.10 -10.41 -3.39
N ILE I 1000 -84.93 -9.52 -2.42
CA ILE I 1000 -85.42 -8.15 -2.57
C ILE I 1000 -84.68 -7.46 -3.70
N ASP I 1001 -83.35 -7.60 -3.71
CA ASP I 1001 -82.57 -7.00 -4.78
C ASP I 1001 -82.95 -7.58 -6.13
N HIS I 1002 -83.17 -8.90 -6.18
CA HIS I 1002 -83.60 -9.54 -7.41
C HIS I 1002 -84.96 -9.04 -7.86
N PHE I 1003 -85.90 -8.91 -6.92
CA PHE I 1003 -87.23 -8.42 -7.24
C PHE I 1003 -87.17 -7.02 -7.80
N LEU I 1004 -86.34 -6.15 -7.22
CA LEU I 1004 -86.21 -4.80 -7.74
C LEU I 1004 -85.56 -4.80 -9.12
N SER I 1005 -84.54 -5.63 -9.32
CA SER I 1005 -83.87 -5.66 -10.63
C SER I 1005 -84.83 -6.13 -11.71
N MET I 1006 -85.63 -7.16 -11.41
CA MET I 1006 -86.56 -7.67 -12.40
C MET I 1006 -87.84 -6.84 -12.47
N CYS I 1007 -88.05 -5.93 -11.52
CA CYS I 1007 -88.98 -4.83 -11.74
C CYS I 1007 -88.43 -3.82 -12.72
N GLN I 1008 -87.12 -3.58 -12.68
CA GLN I 1008 -86.45 -2.65 -13.58
C GLN I 1008 -86.06 -3.29 -14.92
N ASN I 1009 -86.40 -4.56 -15.14
CA ASN I 1009 -86.11 -5.23 -16.40
C ASN I 1009 -86.73 -4.46 -17.57
N PRO I 1010 -85.99 -4.15 -18.64
CA PRO I 1010 -86.60 -3.33 -19.71
C PRO I 1010 -87.52 -4.12 -20.63
N MET I 1011 -87.25 -5.41 -20.85
CA MET I 1011 -88.06 -6.23 -21.75
C MET I 1011 -89.27 -6.78 -20.98
N GLN I 1012 -90.06 -5.86 -20.46
CA GLN I 1012 -91.16 -6.19 -19.57
C GLN I 1012 -92.06 -4.97 -19.45
N LYS I 1013 -93.36 -5.21 -19.36
CA LYS I 1013 -94.27 -4.10 -19.11
C LYS I 1013 -93.99 -3.53 -17.72
N PRO I 1014 -93.91 -2.20 -17.58
CA PRO I 1014 -93.67 -1.63 -16.25
C PRO I 1014 -94.70 -2.08 -15.22
N VAL I 1015 -94.22 -2.43 -14.04
CA VAL I 1015 -95.04 -3.07 -13.02
C VAL I 1015 -96.10 -2.10 -12.50
N PRO I 1016 -97.31 -2.58 -12.14
CA PRO I 1016 -98.38 -1.68 -11.69
C PRO I 1016 -98.30 -1.35 -10.20
N PHE I 1017 -97.13 -0.94 -9.74
CA PHE I 1017 -96.94 -0.59 -8.34
C PHE I 1017 -95.58 0.07 -8.17
N VAL I 1018 -95.39 0.67 -7.00
CA VAL I 1018 -94.09 1.21 -6.60
C VAL I 1018 -93.45 0.18 -5.67
N PRO I 1019 -92.34 -0.46 -6.06
CA PRO I 1019 -91.77 -1.49 -5.19
C PRO I 1019 -90.96 -0.91 -4.04
N VAL I 1020 -90.28 0.22 -4.25
CA VAL I 1020 -89.50 0.89 -3.21
C VAL I 1020 -89.60 2.39 -3.43
N LEU I 1021 -89.23 3.15 -2.40
CA LEU I 1021 -89.10 4.60 -2.48
C LEU I 1021 -87.63 4.94 -2.49
N ASP I 1022 -87.11 5.31 -3.66
CA ASP I 1022 -85.70 5.61 -3.81
C ASP I 1022 -85.54 6.65 -4.92
N ARG I 1023 -84.32 6.82 -5.41
CA ARG I 1023 -84.05 7.81 -6.46
C ARG I 1023 -84.91 7.57 -7.70
N ARG I 1024 -85.25 6.31 -7.99
CA ARG I 1024 -86.05 5.96 -9.14
C ARG I 1024 -87.55 5.98 -8.85
N PHE I 1025 -87.96 6.59 -7.74
CA PHE I 1025 -89.36 6.63 -7.38
C PHE I 1025 -90.17 7.42 -8.41
N GLU I 1026 -89.61 8.50 -8.93
CA GLU I 1026 -90.31 9.26 -9.96
C GLU I 1026 -90.54 8.41 -11.20
N ILE I 1027 -89.53 7.64 -11.60
CA ILE I 1027 -89.67 6.76 -12.75
C ILE I 1027 -90.78 5.75 -12.50
N PHE I 1028 -90.75 5.11 -11.32
CA PHE I 1028 -91.78 4.11 -11.01
C PHE I 1028 -93.16 4.74 -10.96
N PHE I 1029 -93.25 5.98 -10.46
CA PHE I 1029 -94.53 6.64 -10.28
C PHE I 1029 -95.14 7.07 -11.61
N LYS I 1030 -94.31 7.58 -12.52
CA LYS I 1030 -94.81 8.21 -13.73
C LYS I 1030 -94.84 7.28 -14.94
N LYS I 1031 -93.96 6.28 -15.02
CA LYS I 1031 -93.88 5.47 -16.22
C LYS I 1031 -95.13 4.62 -16.40
N ASP I 1032 -95.60 4.54 -17.64
CA ASP I 1032 -96.69 3.65 -18.04
C ASP I 1032 -98.00 4.03 -17.35
N SER I 1033 -98.35 5.32 -17.47
CA SER I 1033 -99.47 5.89 -16.72
C SER I 1033 -100.71 6.12 -17.60
N LEU I 1034 -100.70 5.65 -18.84
CA LEU I 1034 -101.77 5.96 -19.80
C LEU I 1034 -102.74 4.81 -20.02
N TRP I 1035 -102.29 3.56 -19.96
CA TRP I 1035 -103.15 2.43 -20.29
C TRP I 1035 -104.24 2.19 -19.24
N GLN I 1036 -104.04 2.64 -18.01
CA GLN I 1036 -105.02 2.37 -16.96
C GLN I 1036 -106.34 3.08 -17.25
N SER I 1037 -106.33 4.15 -18.04
CA SER I 1037 -107.57 4.83 -18.39
C SER I 1037 -108.50 3.89 -19.15
N GLU I 1038 -107.98 3.15 -20.12
CA GLU I 1038 -108.77 2.23 -20.92
C GLU I 1038 -108.86 0.83 -20.34
N HIS I 1039 -108.07 0.54 -19.30
CA HIS I 1039 -108.03 -0.80 -18.70
C HIS I 1039 -108.27 -0.72 -17.20
N LEU I 1040 -109.38 -0.09 -16.81
CA LEU I 1040 -109.72 0.04 -15.41
C LEU I 1040 -109.87 -1.31 -14.70
N GLU I 1041 -110.12 -2.39 -15.45
CA GLU I 1041 -110.23 -3.70 -14.82
C GLU I 1041 -108.95 -4.13 -14.12
N ALA I 1042 -107.81 -3.53 -14.48
CA ALA I 1042 -106.53 -3.80 -13.85
C ALA I 1042 -106.13 -2.70 -12.86
N VAL I 1043 -107.10 -2.20 -12.09
CA VAL I 1043 -106.87 -1.18 -11.09
C VAL I 1043 -107.39 -1.70 -9.76
N VAL I 1044 -106.90 -1.11 -8.67
CA VAL I 1044 -107.10 -1.67 -7.33
C VAL I 1044 -108.58 -1.85 -7.03
N ASP I 1045 -109.38 -0.81 -7.27
CA ASP I 1045 -110.83 -0.88 -7.09
C ASP I 1045 -111.57 -0.59 -8.38
N GLN I 1046 -110.88 -0.65 -9.52
CA GLN I 1046 -111.46 -0.26 -10.81
C GLN I 1046 -111.97 1.17 -10.75
N ASP I 1047 -111.27 2.01 -9.99
CA ASP I 1047 -111.67 3.38 -9.74
C ASP I 1047 -110.95 4.30 -10.72
N VAL I 1048 -111.73 5.11 -11.44
CA VAL I 1048 -111.16 6.10 -12.33
C VAL I 1048 -110.34 7.13 -11.55
N GLN I 1049 -110.68 7.37 -10.28
CA GLN I 1049 -109.99 8.39 -9.51
C GLN I 1049 -108.52 8.07 -9.31
N ARG I 1050 -108.13 6.81 -9.52
CA ARG I 1050 -106.72 6.43 -9.41
C ARG I 1050 -105.95 6.63 -10.70
N THR I 1051 -106.64 6.65 -11.84
CA THR I 1051 -105.98 6.60 -13.14
C THR I 1051 -105.74 8.00 -13.69
N CYS I 1052 -104.95 8.05 -14.77
CA CYS I 1052 -104.55 9.30 -15.41
C CYS I 1052 -105.17 9.35 -16.80
N ILE I 1053 -106.07 10.30 -17.02
CA ILE I 1053 -106.75 10.50 -18.30
C ILE I 1053 -106.35 11.86 -18.84
N LEU I 1054 -105.65 11.86 -19.97
CA LEU I 1054 -105.30 13.10 -20.64
C LEU I 1054 -106.55 13.72 -21.27
N HIS I 1055 -106.70 15.02 -21.11
CA HIS I 1055 -107.91 15.69 -21.61
C HIS I 1055 -107.63 17.18 -21.74
N GLY I 1056 -108.44 17.84 -22.57
CA GLY I 1056 -108.29 19.25 -22.83
C GLY I 1056 -109.27 20.10 -22.03
N PRO I 1057 -108.78 21.08 -21.26
CA PRO I 1057 -109.70 21.87 -20.43
C PRO I 1057 -110.73 22.64 -21.23
N VAL I 1058 -110.37 23.13 -22.42
CA VAL I 1058 -111.32 23.87 -23.24
C VAL I 1058 -112.21 22.93 -24.03
N ALA I 1059 -111.65 21.85 -24.56
CA ALA I 1059 -112.44 20.90 -25.32
C ALA I 1059 -113.41 20.13 -24.43
N ALA I 1060 -113.19 20.15 -23.10
CA ALA I 1060 -114.10 19.47 -22.19
C ALA I 1060 -115.46 20.12 -22.13
N GLN I 1061 -115.60 21.37 -22.59
CA GLN I 1061 -116.90 22.02 -22.57
C GLN I 1061 -117.90 21.29 -23.45
N PHE I 1062 -117.45 20.82 -24.61
CA PHE I 1062 -118.32 20.20 -25.61
C PHE I 1062 -118.38 18.69 -25.48
N THR I 1063 -117.72 18.11 -24.47
CA THR I 1063 -117.74 16.68 -24.22
C THR I 1063 -118.77 16.41 -23.11
N LYS I 1064 -120.01 16.21 -23.55
CA LYS I 1064 -121.12 15.93 -22.64
C LYS I 1064 -121.74 14.56 -22.87
N VAL I 1065 -122.14 14.25 -24.10
CA VAL I 1065 -122.84 13.01 -24.38
C VAL I 1065 -121.82 11.87 -24.39
N ILE I 1066 -122.20 10.75 -23.79
CA ILE I 1066 -121.32 9.59 -23.62
C ILE I 1066 -121.75 8.51 -24.59
N ASP I 1067 -120.77 7.77 -25.10
CA ASP I 1067 -120.97 6.60 -25.95
C ASP I 1067 -121.57 6.95 -27.31
N GLU I 1068 -121.56 8.22 -27.70
CA GLU I 1068 -122.02 8.62 -29.02
C GLU I 1068 -120.98 8.22 -30.05
N PRO I 1069 -121.32 7.42 -31.07
CA PRO I 1069 -120.28 6.91 -31.96
C PRO I 1069 -119.55 8.03 -32.70
N ILE I 1070 -118.28 7.77 -33.00
CA ILE I 1070 -117.47 8.79 -33.66
C ILE I 1070 -118.06 9.15 -35.02
N LYS I 1071 -118.68 8.18 -35.68
CA LYS I 1071 -119.42 8.48 -36.90
C LYS I 1071 -120.45 9.56 -36.63
N SER I 1072 -121.24 9.40 -35.58
CA SER I 1072 -122.28 10.38 -35.26
C SER I 1072 -121.66 11.73 -34.91
N ILE I 1073 -120.59 11.74 -34.11
CA ILE I 1073 -119.98 13.01 -33.68
C ILE I 1073 -119.44 13.77 -34.88
N MET I 1074 -118.65 13.08 -35.71
CA MET I 1074 -118.02 13.74 -36.85
C MET I 1074 -119.06 14.15 -37.88
N ASP I 1075 -120.07 13.31 -38.11
CA ASP I 1075 -121.14 13.70 -39.03
C ASP I 1075 -121.89 14.91 -38.50
N GLY I 1076 -122.10 14.99 -37.19
CA GLY I 1076 -122.73 16.17 -36.64
C GLY I 1076 -121.92 17.43 -36.89
N ILE I 1077 -120.61 17.35 -36.65
CA ILE I 1077 -119.76 18.53 -36.88
C ILE I 1077 -119.75 18.91 -38.36
N HIS I 1078 -119.59 17.92 -39.23
CA HIS I 1078 -119.55 18.18 -40.67
C HIS I 1078 -120.87 18.73 -41.16
N ASP I 1079 -121.99 18.19 -40.69
CA ASP I 1079 -123.29 18.68 -41.11
C ASP I 1079 -123.56 20.08 -40.58
N GLY I 1080 -123.07 20.38 -39.38
CA GLY I 1080 -123.15 21.74 -38.89
C GLY I 1080 -122.41 22.70 -39.79
N HIS I 1081 -121.17 22.36 -40.15
CA HIS I 1081 -120.42 23.19 -41.08
C HIS I 1081 -121.15 23.33 -42.40
N ILE I 1082 -121.71 22.23 -42.91
CA ILE I 1082 -122.38 22.28 -44.21
C ILE I 1082 -123.60 23.18 -44.15
N LYS I 1083 -124.43 23.06 -43.12
CA LYS I 1083 -125.63 23.86 -43.08
C LYS I 1083 -125.32 25.33 -42.86
N LYS I 1084 -124.32 25.63 -42.03
CA LYS I 1084 -123.94 27.02 -41.82
C LYS I 1084 -123.39 27.63 -43.10
N LEU I 1085 -122.52 26.89 -43.81
CA LEU I 1085 -122.00 27.38 -45.08
C LEU I 1085 -123.11 27.52 -46.11
N LEU I 1086 -124.06 26.59 -46.13
CA LEU I 1086 -125.15 26.68 -47.08
C LEU I 1086 -126.01 27.91 -46.82
N HIS I 1087 -126.30 28.19 -45.56
CA HIS I 1087 -127.07 29.38 -45.23
C HIS I 1087 -126.31 30.64 -45.59
N GLN I 1088 -125.00 30.67 -45.34
CA GLN I 1088 -124.24 31.90 -45.53
C GLN I 1088 -123.88 32.13 -47.00
N TYR I 1089 -123.12 31.22 -47.59
CA TYR I 1089 -122.50 31.44 -48.89
C TYR I 1089 -123.24 30.80 -50.06
N TYR I 1090 -124.30 30.03 -49.82
CA TYR I 1090 -125.05 29.39 -50.89
C TYR I 1090 -126.55 29.61 -50.77
N GLY I 1091 -127.00 30.45 -49.84
CA GLY I 1091 -128.42 30.80 -49.76
C GLY I 1091 -129.33 29.63 -49.44
N ASP I 1092 -128.87 28.70 -48.60
CA ASP I 1092 -129.67 27.56 -48.16
C ASP I 1092 -130.12 26.68 -49.33
N ASP I 1093 -129.44 26.75 -50.47
CA ASP I 1093 -129.78 25.99 -51.66
C ASP I 1093 -128.67 25.00 -51.95
N GLU I 1094 -129.00 23.71 -51.91
CA GLU I 1094 -128.03 22.68 -52.24
C GLU I 1094 -127.79 22.55 -53.74
N SER I 1095 -128.72 23.01 -54.57
CA SER I 1095 -128.50 22.98 -56.01
C SER I 1095 -127.43 23.97 -56.44
N LYS I 1096 -127.11 24.96 -55.61
CA LYS I 1096 -126.03 25.90 -55.89
C LYS I 1096 -124.66 25.30 -55.62
N ILE I 1097 -124.59 24.15 -54.96
CA ILE I 1097 -123.31 23.51 -54.67
C ILE I 1097 -122.72 23.00 -55.98
N PRO I 1098 -121.49 23.35 -56.35
CA PRO I 1098 -120.90 22.77 -57.56
C PRO I 1098 -120.79 21.25 -57.44
N ALA I 1099 -121.05 20.56 -58.56
CA ALA I 1099 -121.04 19.12 -58.62
C ALA I 1099 -119.83 18.65 -59.41
N VAL I 1100 -119.14 17.65 -58.87
CA VAL I 1100 -118.03 16.99 -59.55
C VAL I 1100 -118.27 15.49 -59.45
N GLU I 1101 -117.60 14.74 -60.34
CA GLU I 1101 -117.77 13.29 -60.32
C GLU I 1101 -117.20 12.70 -59.03
N TYR I 1102 -115.96 13.06 -58.69
CA TYR I 1102 -115.32 12.62 -57.47
C TYR I 1102 -114.56 13.79 -56.88
N PHE I 1103 -114.47 13.81 -55.54
CA PHE I 1103 -113.88 14.93 -54.80
C PHE I 1103 -112.65 14.42 -54.05
N GLY I 1104 -111.49 14.83 -54.49
CA GLY I 1104 -110.24 14.46 -53.84
C GLY I 1104 -109.09 14.47 -54.81
N GLY I 1105 -107.90 14.23 -54.27
CA GLY I 1105 -106.71 14.08 -55.07
C GLY I 1105 -106.15 15.36 -55.64
N GLU I 1106 -106.65 16.52 -55.24
CA GLU I 1106 -106.18 17.79 -55.74
C GLU I 1106 -105.05 18.29 -54.83
N SER I 1107 -103.87 18.43 -55.41
CA SER I 1107 -102.74 18.90 -54.62
C SER I 1107 -102.96 20.34 -54.19
N PRO I 1108 -102.51 20.73 -52.99
CA PRO I 1108 -102.69 22.13 -52.58
C PRO I 1108 -101.88 23.11 -53.43
N VAL I 1109 -100.86 22.65 -54.13
CA VAL I 1109 -100.04 23.51 -54.97
C VAL I 1109 -100.77 23.79 -56.29
N GLU I 1122 -111.55 19.83 -75.67
CA GLU I 1122 -111.53 19.46 -77.08
C GLU I 1122 -112.07 18.05 -77.27
N ASP I 1123 -113.08 17.91 -78.13
CA ASP I 1123 -113.69 16.60 -78.35
C ASP I 1123 -112.70 15.61 -78.95
N SER I 1124 -111.92 16.07 -79.93
CA SER I 1124 -110.91 15.24 -80.59
C SER I 1124 -109.57 15.96 -80.50
N ALA I 1125 -108.60 15.35 -79.82
CA ALA I 1125 -107.30 15.95 -79.57
C ALA I 1125 -106.20 14.98 -79.91
N VAL I 1126 -105.05 15.52 -80.29
CA VAL I 1126 -103.84 14.75 -80.58
C VAL I 1126 -102.68 15.42 -79.85
N PHE I 1127 -101.93 14.62 -79.09
CA PHE I 1127 -100.76 15.09 -78.35
C PHE I 1127 -99.57 14.21 -78.73
N LYS I 1128 -98.40 14.84 -78.80
CA LYS I 1128 -97.17 14.13 -79.15
C LYS I 1128 -96.12 14.42 -78.10
N ALA I 1129 -95.50 13.35 -77.59
CA ALA I 1129 -94.51 13.47 -76.52
C ALA I 1129 -93.12 13.57 -77.15
N THR I 1130 -92.25 14.34 -76.50
CA THR I 1130 -90.86 14.49 -76.89
C THR I 1130 -90.00 14.45 -75.63
N SER I 1131 -88.69 14.49 -75.83
CA SER I 1131 -87.77 14.39 -74.70
C SER I 1131 -87.91 15.60 -73.77
N SER I 1132 -88.20 16.76 -74.32
CA SER I 1132 -88.19 18.01 -73.57
C SER I 1132 -89.53 18.36 -72.94
N THR I 1133 -90.58 17.57 -73.18
CA THR I 1133 -91.88 17.89 -72.61
C THR I 1133 -91.87 17.70 -71.10
N ASP I 1134 -92.69 18.50 -70.41
CA ASP I 1134 -92.83 18.41 -68.97
C ASP I 1134 -93.89 17.37 -68.64
N GLU I 1135 -93.54 16.47 -67.71
CA GLU I 1135 -94.41 15.34 -67.40
C GLU I 1135 -95.74 15.83 -66.83
N GLU I 1136 -95.70 16.83 -65.96
CA GLU I 1136 -96.93 17.30 -65.32
C GLU I 1136 -97.86 17.93 -66.34
N SER I 1137 -97.34 18.77 -67.23
CA SER I 1137 -98.18 19.38 -68.26
C SER I 1137 -98.73 18.31 -69.20
N TRP I 1138 -97.91 17.33 -69.55
CA TRP I 1138 -98.37 16.24 -70.40
C TRP I 1138 -99.54 15.51 -69.77
N PHE I 1139 -99.43 15.18 -68.47
CA PHE I 1139 -100.50 14.44 -67.81
C PHE I 1139 -101.73 15.31 -67.61
N LYS I 1140 -101.55 16.60 -67.34
CA LYS I 1140 -102.72 17.49 -67.23
C LYS I 1140 -103.46 17.56 -68.55
N ALA I 1141 -102.73 17.66 -69.67
CA ALA I 1141 -103.37 17.68 -70.97
C ALA I 1141 -104.11 16.38 -71.24
N LEU I 1142 -103.51 15.24 -70.89
CA LEU I 1142 -104.19 13.96 -71.08
C LEU I 1142 -105.45 13.88 -70.23
N ALA I 1143 -105.39 14.35 -68.98
CA ALA I 1143 -106.53 14.28 -68.09
C ALA I 1143 -107.68 15.14 -68.57
N GLY I 1144 -107.39 16.39 -68.95
CA GLY I 1144 -108.43 17.32 -69.32
C GLY I 1144 -108.98 18.07 -68.13
N SER I 1145 -109.91 18.99 -68.42
CA SER I 1145 -110.45 19.87 -67.39
C SER I 1145 -111.56 19.20 -66.59
N GLU I 1146 -112.48 18.54 -67.28
CA GLU I 1146 -113.67 18.00 -66.63
C GLU I 1146 -113.25 16.84 -65.71
N ILE I 1147 -113.82 16.83 -64.51
CA ILE I 1147 -113.50 15.82 -63.50
C ILE I 1147 -114.21 14.53 -63.88
N ASN I 1148 -113.45 13.46 -64.12
CA ASN I 1148 -114.04 12.20 -64.55
C ASN I 1148 -113.03 11.09 -64.39
N TRP I 1149 -113.38 9.90 -64.92
CA TRP I 1149 -112.50 8.75 -64.84
C TRP I 1149 -111.17 9.02 -65.53
N ARG I 1150 -111.19 9.80 -66.61
CA ARG I 1150 -109.93 10.15 -67.29
C ARG I 1150 -109.07 11.03 -66.39
N HIS I 1151 -109.70 11.98 -65.70
CA HIS I 1151 -109.01 12.82 -64.74
C HIS I 1151 -108.32 11.96 -63.68
N ALA I 1152 -109.08 11.02 -63.11
CA ALA I 1152 -108.50 10.13 -62.11
C ALA I 1152 -107.38 9.28 -62.69
N SER I 1153 -107.58 8.76 -63.91
CA SER I 1153 -106.61 7.88 -64.51
C SER I 1153 -105.28 8.58 -64.73
N PHE I 1154 -105.31 9.82 -65.18
CA PHE I 1154 -104.09 10.52 -65.57
C PHE I 1154 -103.54 11.45 -64.50
N LEU I 1155 -104.23 11.63 -63.36
CA LEU I 1155 -103.69 12.48 -62.29
C LEU I 1155 -103.63 11.79 -60.93
N CYS I 1156 -104.48 10.80 -60.68
CA CYS I 1156 -104.40 10.08 -59.42
C CYS I 1156 -103.05 9.40 -59.31
N SER I 1157 -102.37 9.61 -58.18
CA SER I 1157 -101.00 9.12 -58.03
C SER I 1157 -100.98 7.62 -57.74
N PHE I 1158 -101.96 7.11 -57.02
CA PHE I 1158 -101.99 5.73 -56.58
C PHE I 1158 -103.33 5.11 -56.94
N ILE I 1159 -103.29 3.81 -57.25
CA ILE I 1159 -104.50 3.02 -57.45
C ILE I 1159 -104.60 2.02 -56.30
N THR I 1160 -105.81 1.55 -56.07
CA THR I 1160 -106.11 0.67 -54.94
C THR I 1160 -106.06 -0.78 -55.41
N GLN I 1161 -105.17 -1.56 -54.81
CA GLN I 1161 -105.13 -3.01 -55.00
C GLN I 1161 -106.23 -3.63 -54.14
N ASP I 1162 -106.14 -4.93 -53.89
CA ASP I 1162 -107.16 -5.61 -53.08
C ASP I 1162 -107.44 -4.87 -51.79
N LYS I 1163 -106.39 -4.46 -51.07
CA LYS I 1163 -106.56 -3.47 -50.00
C LYS I 1163 -105.36 -2.55 -49.90
N MET I 1164 -104.48 -2.54 -50.91
CA MET I 1164 -103.18 -1.89 -50.85
C MET I 1164 -103.17 -0.72 -51.83
N PHE I 1165 -102.15 0.13 -51.70
CA PHE I 1165 -101.97 1.28 -52.58
C PHE I 1165 -100.68 1.12 -53.35
N VAL I 1166 -100.76 1.23 -54.68
CA VAL I 1166 -99.62 1.05 -55.55
C VAL I 1166 -99.60 2.18 -56.57
N SER I 1167 -98.43 2.41 -57.17
CA SER I 1167 -98.27 3.46 -58.16
C SER I 1167 -99.22 3.23 -59.33
N ASN I 1168 -99.79 4.32 -59.82
CA ASN I 1168 -100.83 4.24 -60.83
C ASN I 1168 -100.25 3.68 -62.12
N PRO I 1169 -100.69 2.51 -62.61
CA PRO I 1169 -100.11 1.97 -63.85
C PRO I 1169 -100.38 2.84 -65.05
N ILE I 1170 -101.50 3.57 -65.06
CA ILE I 1170 -101.85 4.38 -66.22
C ILE I 1170 -100.80 5.46 -66.46
N ARG I 1171 -100.40 6.16 -65.40
CA ARG I 1171 -99.40 7.21 -65.56
C ARG I 1171 -98.05 6.65 -65.98
N LYS I 1172 -97.63 5.54 -65.38
CA LYS I 1172 -96.32 4.99 -65.72
C LYS I 1172 -96.31 4.43 -67.15
N VAL I 1173 -97.45 3.91 -67.62
CA VAL I 1173 -97.52 3.46 -69.01
C VAL I 1173 -97.53 4.66 -69.95
N PHE I 1174 -98.28 5.71 -69.61
CA PHE I 1174 -98.39 6.90 -70.45
C PHE I 1174 -97.30 7.92 -70.17
N LYS I 1175 -96.22 7.52 -69.49
CA LYS I 1175 -95.13 8.44 -69.22
C LYS I 1175 -94.57 8.99 -70.53
N PRO I 1176 -94.44 10.30 -70.69
CA PRO I 1176 -94.07 10.84 -72.01
C PRO I 1176 -92.69 10.39 -72.44
N SER I 1177 -92.57 10.12 -73.74
CA SER I 1177 -91.29 9.75 -74.34
C SER I 1177 -91.40 9.99 -75.84
N GLN I 1178 -90.25 10.11 -76.49
CA GLN I 1178 -90.21 10.42 -77.90
C GLN I 1178 -90.93 9.35 -78.71
N GLY I 1179 -91.74 9.80 -79.67
CA GLY I 1179 -92.48 8.90 -80.54
C GLY I 1179 -93.86 8.52 -80.06
N MET I 1180 -94.22 8.88 -78.83
CA MET I 1180 -95.54 8.56 -78.29
C MET I 1180 -96.55 9.59 -78.81
N VAL I 1181 -97.67 9.09 -79.33
CA VAL I 1181 -98.75 9.93 -79.84
C VAL I 1181 -100.05 9.45 -79.19
N VAL I 1182 -100.73 10.37 -78.50
CA VAL I 1182 -101.96 10.08 -77.78
C VAL I 1182 -103.10 10.79 -78.48
N GLU I 1183 -104.08 10.04 -78.96
CA GLU I 1183 -105.28 10.56 -79.60
C GLU I 1183 -106.45 10.34 -78.66
N ILE I 1184 -107.11 11.42 -78.26
CA ILE I 1184 -108.28 11.37 -77.40
C ILE I 1184 -109.49 11.69 -78.27
N SER I 1185 -110.45 10.78 -78.30
CA SER I 1185 -111.68 10.93 -79.06
C SER I 1185 -112.86 10.96 -78.10
N ASN I 1186 -113.82 11.85 -78.40
CA ASN I 1186 -114.98 12.06 -77.53
C ASN I 1186 -114.55 12.48 -76.13
N GLY I 1187 -113.62 13.45 -76.06
CA GLY I 1187 -113.16 13.94 -74.78
C GLY I 1187 -114.26 14.58 -73.97
N ASN I 1188 -115.19 15.27 -74.64
CA ASN I 1188 -116.28 15.93 -73.94
C ASN I 1188 -117.17 14.93 -73.23
N THR I 1189 -117.50 13.82 -73.89
CA THR I 1189 -118.36 12.80 -73.31
C THR I 1189 -117.49 11.79 -72.58
N SER I 1190 -117.62 11.74 -71.25
CA SER I 1190 -116.79 10.84 -70.45
C SER I 1190 -117.09 9.39 -70.75
N SER I 1191 -118.37 9.05 -70.95
CA SER I 1191 -118.75 7.65 -71.16
C SER I 1191 -118.13 7.10 -72.43
N LYS I 1192 -118.15 7.89 -73.51
CA LYS I 1192 -117.64 7.45 -74.80
C LYS I 1192 -116.19 7.86 -75.05
N THR I 1193 -115.53 8.48 -74.08
CA THR I 1193 -114.17 8.94 -74.29
C THR I 1193 -113.23 7.75 -74.48
N VAL I 1194 -112.30 7.88 -75.43
CA VAL I 1194 -111.31 6.85 -75.71
C VAL I 1194 -109.95 7.51 -75.90
N VAL I 1195 -108.91 6.90 -75.35
CA VAL I 1195 -107.55 7.42 -75.41
C VAL I 1195 -106.66 6.36 -76.02
N THR I 1196 -106.20 6.57 -77.25
CA THR I 1196 -105.37 5.62 -77.96
C THR I 1196 -103.94 6.15 -78.00
N LEU I 1197 -103.02 5.42 -77.38
CA LEU I 1197 -101.60 5.75 -77.36
C LEU I 1197 -100.88 4.84 -78.34
N SER I 1198 -100.15 5.45 -79.28
CA SER I 1198 -99.41 4.75 -80.31
C SER I 1198 -97.93 5.10 -80.19
N GLU I 1199 -97.08 4.11 -80.44
CA GLU I 1199 -95.64 4.26 -80.38
C GLU I 1199 -95.04 3.62 -81.63
N PRO I 1200 -93.80 4.00 -81.98
CA PRO I 1200 -93.17 3.35 -83.14
C PRO I 1200 -92.93 1.87 -82.89
N VAL I 1201 -93.58 1.02 -83.69
CA VAL I 1201 -93.43 -0.43 -83.60
C VAL I 1201 -93.04 -0.93 -84.98
N GLN I 1202 -91.86 -1.55 -85.07
CA GLN I 1202 -91.32 -2.02 -86.35
C GLN I 1202 -91.23 -0.88 -87.35
N GLY I 1203 -90.81 0.29 -86.87
CA GLY I 1203 -90.71 1.46 -87.70
C GLY I 1203 -91.99 2.26 -87.75
N GLU I 1204 -93.07 1.65 -88.25
CA GLU I 1204 -94.33 2.34 -88.39
C GLU I 1204 -95.02 2.50 -87.03
N LEU I 1205 -95.99 3.41 -86.99
CA LEU I 1205 -96.73 3.71 -85.78
C LEU I 1205 -97.98 2.85 -85.72
N LYS I 1206 -98.13 2.11 -84.63
CA LYS I 1206 -99.29 1.26 -84.38
C LYS I 1206 -99.80 1.54 -82.97
N PRO I 1207 -101.10 1.32 -82.72
CA PRO I 1207 -101.62 1.53 -81.36
C PRO I 1207 -100.94 0.58 -80.37
N THR I 1208 -100.67 1.11 -79.18
CA THR I 1208 -100.06 0.34 -78.11
C THR I 1208 -100.89 0.28 -76.85
N VAL I 1209 -101.69 1.31 -76.55
CA VAL I 1209 -102.58 1.30 -75.40
C VAL I 1209 -103.91 1.91 -75.81
N ILE I 1210 -105.00 1.38 -75.27
CA ILE I 1210 -106.33 1.93 -75.48
C ILE I 1210 -106.99 2.02 -74.11
N LEU I 1211 -107.24 3.24 -73.66
CA LEU I 1211 -107.90 3.49 -72.39
C LEU I 1211 -109.34 3.90 -72.65
N LYS I 1212 -110.29 3.22 -72.01
CA LYS I 1212 -111.70 3.54 -72.23
C LYS I 1212 -112.49 3.07 -71.02
N LEU I 1213 -113.81 3.24 -71.10
CA LEU I 1213 -114.74 2.76 -70.09
C LEU I 1213 -115.60 1.67 -70.70
N LEU I 1214 -115.51 0.45 -70.16
CA LEU I 1214 -116.40 -0.61 -70.60
C LEU I 1214 -117.80 -0.43 -70.05
N LYS I 1215 -117.93 0.10 -68.83
CA LYS I 1215 -119.21 0.31 -68.20
C LYS I 1215 -119.12 1.60 -67.39
N GLU I 1216 -120.13 1.84 -66.54
CA GLU I 1216 -120.14 3.04 -65.73
C GLU I 1216 -118.97 3.08 -64.74
N ASN I 1217 -118.33 1.95 -64.49
CA ASN I 1217 -117.25 1.86 -63.52
C ASN I 1217 -115.96 1.23 -64.05
N ILE I 1218 -116.02 0.35 -65.03
CA ILE I 1218 -114.85 -0.43 -65.44
C ILE I 1218 -114.06 0.39 -66.44
N ILE I 1219 -112.90 0.89 -66.01
CA ILE I 1219 -111.89 1.45 -66.90
C ILE I 1219 -111.07 0.30 -67.44
N GLN I 1220 -110.98 0.19 -68.76
CA GLN I 1220 -110.17 -0.82 -69.42
C GLN I 1220 -108.95 -0.15 -70.04
N MET I 1221 -107.78 -0.71 -69.75
CA MET I 1221 -106.54 -0.37 -70.42
C MET I 1221 -106.15 -1.61 -71.22
N GLU I 1222 -106.48 -1.60 -72.51
CA GLU I 1222 -106.02 -2.65 -73.42
C GLU I 1222 -104.60 -2.32 -73.83
N MET I 1223 -103.64 -3.07 -73.31
CA MET I 1223 -102.25 -2.95 -73.72
C MET I 1223 -102.02 -3.92 -74.87
N ILE I 1224 -101.82 -3.38 -76.07
CA ILE I 1224 -101.74 -4.17 -77.29
C ILE I 1224 -100.27 -4.41 -77.60
N GLU I 1225 -99.91 -5.67 -77.76
CA GLU I 1225 -98.63 -6.07 -78.29
C GLU I 1225 -98.84 -6.41 -79.76
N ASN I 1226 -98.12 -5.70 -80.63
CA ASN I 1226 -98.22 -5.91 -82.06
C ASN I 1226 -97.21 -6.93 -82.57
N ARG I 1227 -96.15 -7.19 -81.81
CA ARG I 1227 -95.16 -8.19 -82.17
C ARG I 1227 -95.68 -9.54 -81.67
N THR I 1228 -96.23 -10.33 -82.60
CA THR I 1228 -96.90 -11.58 -82.27
C THR I 1228 -96.45 -12.67 -83.22
N MET I 1229 -96.90 -13.89 -82.94
CA MET I 1229 -96.54 -15.03 -83.78
C MET I 1229 -97.10 -14.89 -85.18
N ASP I 1230 -98.40 -14.64 -85.28
CA ASP I 1230 -99.08 -14.53 -86.57
C ASP I 1230 -99.15 -13.09 -87.07
N GLY I 1231 -98.63 -12.12 -86.31
CA GLY I 1231 -98.70 -10.72 -86.69
C GLY I 1231 -99.97 -10.03 -86.27
N LYS I 1232 -100.98 -10.77 -85.85
CA LYS I 1232 -102.22 -10.14 -85.38
C LYS I 1232 -101.99 -9.58 -83.97
N PRO I 1233 -102.35 -8.32 -83.71
CA PRO I 1233 -102.12 -7.77 -82.37
C PRO I 1233 -102.89 -8.53 -81.30
N VAL I 1234 -102.29 -8.61 -80.10
CA VAL I 1234 -102.90 -9.25 -78.95
C VAL I 1234 -103.00 -8.23 -77.84
N SER I 1235 -104.21 -8.06 -77.29
CA SER I 1235 -104.48 -7.04 -76.29
C SER I 1235 -104.67 -7.69 -74.93
N LEU I 1236 -103.89 -7.24 -73.95
CA LEU I 1236 -104.12 -7.58 -72.55
C LEU I 1236 -105.07 -6.55 -71.97
N PRO I 1237 -106.31 -6.91 -71.60
CA PRO I 1237 -107.19 -5.93 -70.96
C PRO I 1237 -106.99 -5.86 -69.46
N LEU I 1238 -106.56 -4.70 -68.95
CA LEU I 1238 -106.44 -4.48 -67.52
C LEU I 1238 -107.65 -3.68 -67.06
N LEU I 1239 -108.42 -4.24 -66.14
CA LEU I 1239 -109.66 -3.64 -65.67
C LEU I 1239 -109.42 -2.96 -64.32
N TYR I 1240 -110.05 -1.81 -64.14
CA TYR I 1240 -110.02 -1.07 -62.88
C TYR I 1240 -111.44 -0.62 -62.56
N ASN I 1241 -111.84 -0.76 -61.30
CA ASN I 1241 -113.09 -0.16 -60.85
C ASN I 1241 -112.86 1.32 -60.58
N PHE I 1242 -113.84 2.14 -60.95
CA PHE I 1242 -113.82 3.58 -60.75
C PHE I 1242 -114.95 3.96 -59.82
N ASN I 1243 -114.61 4.20 -58.55
CA ASN I 1243 -115.57 4.54 -57.50
C ASN I 1243 -115.48 6.03 -57.26
N PRO I 1244 -116.38 6.84 -57.82
CA PRO I 1244 -116.35 8.27 -57.50
C PRO I 1244 -116.55 8.57 -56.03
N ASP I 1245 -117.18 7.66 -55.27
CA ASP I 1245 -117.39 7.88 -53.84
C ASP I 1245 -116.07 8.04 -53.10
N ASN I 1246 -115.08 7.21 -53.43
CA ASN I 1246 -113.74 7.30 -52.84
C ASN I 1246 -112.93 8.25 -53.69
N GLY I 1247 -112.99 9.55 -53.37
CA GLY I 1247 -112.34 10.55 -54.19
C GLY I 1247 -110.83 10.58 -54.05
N PHE I 1248 -110.29 10.09 -52.94
CA PHE I 1248 -108.84 10.08 -52.77
C PHE I 1248 -108.18 9.06 -53.70
N ALA I 1249 -108.78 7.87 -53.80
CA ALA I 1249 -108.26 6.78 -54.64
C ALA I 1249 -109.42 6.16 -55.40
N PRO I 1250 -110.00 6.90 -56.35
CA PRO I 1250 -111.17 6.36 -57.06
C PRO I 1250 -110.88 5.12 -57.88
N ILE I 1251 -109.66 4.95 -58.38
CA ILE I 1251 -109.35 3.84 -59.29
C ILE I 1251 -108.72 2.70 -58.51
N SER I 1252 -109.31 1.51 -58.62
CA SER I 1252 -108.84 0.32 -57.92
C SER I 1252 -108.64 -0.81 -58.90
N GLU I 1253 -107.49 -1.46 -58.85
CA GLU I 1253 -107.22 -2.59 -59.73
C GLU I 1253 -108.22 -3.71 -59.49
N VAL I 1254 -108.65 -4.36 -60.57
CA VAL I 1254 -109.49 -5.55 -60.50
C VAL I 1254 -108.55 -6.75 -60.46
N MET I 1255 -108.32 -7.29 -59.26
CA MET I 1255 -107.51 -8.49 -59.09
C MET I 1255 -108.16 -9.73 -59.66
N GLU I 1256 -109.49 -9.83 -59.57
CA GLU I 1256 -110.19 -11.03 -60.00
C GLU I 1256 -109.98 -11.23 -61.50
N ASP I 1257 -109.47 -12.41 -61.87
CA ASP I 1257 -109.23 -12.82 -63.25
C ASP I 1257 -108.01 -12.11 -63.84
N ARG I 1258 -107.28 -11.30 -63.06
CA ARG I 1258 -106.15 -10.55 -63.61
C ARG I 1258 -105.02 -11.47 -64.04
N ASN I 1259 -104.64 -12.40 -63.17
CA ASN I 1259 -103.58 -13.34 -63.51
C ASN I 1259 -103.99 -14.21 -64.69
N GLN I 1260 -105.26 -14.62 -64.71
CA GLN I 1260 -105.75 -15.42 -65.83
C GLN I 1260 -105.70 -14.64 -67.14
N ARG I 1261 -106.05 -13.35 -67.12
CA ARG I 1261 -105.98 -12.55 -68.33
C ARG I 1261 -104.55 -12.38 -68.82
N ILE I 1262 -103.63 -12.10 -67.89
CA ILE I 1262 -102.22 -11.99 -68.25
C ILE I 1262 -101.74 -13.29 -68.85
N LYS I 1263 -102.12 -14.41 -68.24
CA LYS I 1263 -101.72 -15.71 -68.75
C LYS I 1263 -102.31 -15.97 -70.13
N GLU I 1264 -103.56 -15.57 -70.35
CA GLU I 1264 -104.18 -15.79 -71.66
C GLU I 1264 -103.44 -15.03 -72.75
N MET I 1265 -103.12 -13.76 -72.48
CA MET I 1265 -102.38 -12.98 -73.46
C MET I 1265 -100.98 -13.57 -73.70
N TYR I 1266 -100.31 -13.98 -72.63
CA TYR I 1266 -98.99 -14.60 -72.80
C TYR I 1266 -99.07 -15.91 -73.56
N TRP I 1267 -100.14 -16.68 -73.35
CA TRP I 1267 -100.35 -17.90 -74.11
C TRP I 1267 -100.54 -17.59 -75.59
N LYS I 1268 -101.33 -16.55 -75.88
CA LYS I 1268 -101.49 -16.14 -77.27
C LYS I 1268 -100.16 -15.77 -77.88
N LEU I 1269 -99.28 -15.13 -77.10
CA LEU I 1269 -98.00 -14.70 -77.62
C LEU I 1269 -97.04 -15.87 -77.83
N TRP I 1270 -96.97 -16.78 -76.86
CA TRP I 1270 -95.95 -17.82 -76.84
C TRP I 1270 -96.43 -19.13 -77.47
N ILE I 1271 -97.52 -19.66 -76.97
CA ILE I 1271 -97.97 -21.01 -77.29
C ILE I 1271 -98.93 -20.94 -78.47
N ASP I 1272 -98.88 -21.95 -79.33
CA ASP I 1272 -99.66 -22.01 -80.56
C ASP I 1272 -100.70 -23.13 -80.47
N GLU I 1273 -101.34 -23.23 -79.33
CA GLU I 1273 -102.32 -24.27 -79.02
C GLU I 1273 -103.53 -23.63 -78.36
N PRO I 1274 -104.69 -24.28 -78.40
CA PRO I 1274 -105.88 -23.67 -77.81
C PRO I 1274 -105.69 -23.40 -76.33
N PHE I 1275 -106.23 -22.27 -75.87
CA PHE I 1275 -106.01 -21.84 -74.50
C PHE I 1275 -106.73 -22.77 -73.54
N ASN I 1276 -105.97 -23.45 -72.68
CA ASN I 1276 -106.54 -24.37 -71.71
C ASN I 1276 -105.57 -24.46 -70.54
N LEU I 1277 -105.90 -23.77 -69.45
CA LEU I 1277 -105.06 -23.76 -68.26
C LEU I 1277 -105.41 -24.86 -67.26
N ASP I 1278 -106.52 -25.57 -67.46
CA ASP I 1278 -106.95 -26.63 -66.56
C ASP I 1278 -106.22 -27.90 -67.01
N PHE I 1279 -105.00 -28.08 -66.51
CA PHE I 1279 -104.27 -29.32 -66.73
C PHE I 1279 -103.22 -29.47 -65.63
N ASP I 1280 -103.02 -30.72 -65.24
CA ASP I 1280 -102.24 -31.01 -64.03
C ASP I 1280 -100.77 -30.61 -64.22
N PRO I 1281 -100.17 -29.82 -63.33
CA PRO I 1281 -98.72 -29.58 -63.45
C PRO I 1281 -97.87 -30.83 -63.30
N ARG I 1282 -98.35 -31.84 -62.57
CA ARG I 1282 -97.63 -33.11 -62.52
C ARG I 1282 -97.54 -33.75 -63.90
N ASP I 1283 -98.59 -33.62 -64.70
CA ASP I 1283 -98.62 -34.29 -65.99
C ASP I 1283 -97.51 -33.76 -66.90
N VAL I 1284 -96.96 -34.67 -67.70
CA VAL I 1284 -95.86 -34.33 -68.58
C VAL I 1284 -96.38 -33.50 -69.76
N ILE I 1285 -95.63 -32.46 -70.11
CA ILE I 1285 -95.97 -31.59 -71.24
C ILE I 1285 -95.17 -32.04 -72.45
N LYS I 1286 -95.85 -32.31 -73.55
CA LYS I 1286 -95.21 -32.72 -74.79
C LYS I 1286 -95.29 -31.56 -75.77
N GLY I 1287 -94.12 -31.05 -76.18
CA GLY I 1287 -94.08 -30.02 -77.19
C GLY I 1287 -94.18 -30.60 -78.60
N LYS I 1288 -94.51 -29.72 -79.54
CA LYS I 1288 -94.68 -30.16 -80.92
C LYS I 1288 -93.34 -30.48 -81.55
N ASP I 1289 -93.34 -31.51 -82.41
CA ASP I 1289 -92.12 -31.91 -83.08
C ASP I 1289 -91.61 -30.76 -83.95
N PHE I 1290 -90.32 -30.45 -83.80
CA PHE I 1290 -89.72 -29.28 -84.43
C PHE I 1290 -88.52 -29.72 -85.27
N GLU I 1291 -88.44 -29.19 -86.47
CA GLU I 1291 -87.40 -29.53 -87.43
C GLU I 1291 -86.39 -28.41 -87.51
N ILE I 1292 -85.12 -28.74 -87.29
CA ILE I 1292 -84.05 -27.75 -87.33
C ILE I 1292 -83.71 -27.47 -88.79
N THR I 1293 -83.70 -26.19 -89.15
CA THR I 1293 -83.43 -25.77 -90.52
C THR I 1293 -82.21 -24.86 -90.54
N ALA I 1294 -81.57 -24.83 -91.71
CA ALA I 1294 -80.40 -23.96 -91.88
C ALA I 1294 -80.78 -22.50 -91.70
N LYS I 1295 -81.96 -22.11 -92.17
CA LYS I 1295 -82.42 -20.73 -92.02
C LYS I 1295 -82.54 -20.37 -90.54
N GLU I 1296 -83.13 -21.26 -89.75
CA GLU I 1296 -83.29 -21.00 -88.32
C GLU I 1296 -81.96 -20.97 -87.60
N VAL I 1297 -81.05 -21.89 -87.93
CA VAL I 1297 -79.75 -21.90 -87.27
C VAL I 1297 -78.95 -20.64 -87.63
N TYR I 1298 -79.01 -20.22 -88.89
CA TYR I 1298 -78.36 -18.97 -89.30
C TYR I 1298 -78.93 -17.80 -88.50
N ASP I 1299 -80.25 -17.72 -88.41
CA ASP I 1299 -80.87 -16.60 -87.70
C ASP I 1299 -80.44 -16.58 -86.24
N PHE I 1300 -80.47 -17.74 -85.59
CA PHE I 1300 -80.10 -17.78 -84.19
C PHE I 1300 -78.64 -17.40 -84.00
N THR I 1301 -77.75 -17.95 -84.83
CA THR I 1301 -76.33 -17.65 -84.72
C THR I 1301 -76.07 -16.16 -84.90
N HIS I 1302 -76.70 -15.54 -85.90
CA HIS I 1302 -76.46 -14.13 -86.15
C HIS I 1302 -77.17 -13.20 -85.18
N ALA I 1303 -78.26 -13.64 -84.56
CA ALA I 1303 -78.96 -12.82 -83.57
C ALA I 1303 -78.29 -12.91 -82.21
N VAL I 1304 -77.57 -14.00 -81.94
CA VAL I 1304 -76.85 -14.13 -80.67
C VAL I 1304 -75.42 -13.64 -80.81
N GLY I 1305 -74.87 -13.66 -82.01
CA GLY I 1305 -73.46 -13.32 -82.19
C GLY I 1305 -72.59 -14.54 -82.05
N ASN I 1306 -73.10 -15.68 -82.50
CA ASN I 1306 -72.38 -16.96 -82.47
C ASN I 1306 -71.67 -17.13 -83.80
N ASN I 1307 -70.36 -16.89 -83.80
CA ASN I 1307 -69.56 -16.89 -85.01
C ASN I 1307 -68.74 -18.16 -85.17
N CYS I 1308 -69.04 -19.20 -84.39
CA CYS I 1308 -68.31 -20.45 -84.54
C CYS I 1308 -68.57 -21.06 -85.90
N GLU I 1309 -67.51 -21.60 -86.51
CA GLU I 1309 -67.65 -22.18 -87.84
C GLU I 1309 -68.52 -23.42 -87.86
N ASP I 1310 -68.71 -24.08 -86.71
CA ASP I 1310 -69.52 -25.29 -86.67
C ASP I 1310 -70.96 -25.00 -87.06
N PHE I 1311 -71.46 -23.83 -86.70
CA PHE I 1311 -72.85 -23.47 -86.97
C PHE I 1311 -73.02 -22.73 -88.28
N VAL I 1312 -71.94 -22.46 -89.00
CA VAL I 1312 -71.99 -21.77 -90.29
C VAL I 1312 -71.88 -22.81 -91.39
N SER I 1313 -72.74 -22.70 -92.40
CA SER I 1313 -72.71 -23.65 -93.50
C SER I 1313 -71.37 -23.59 -94.22
N ARG I 1314 -70.83 -24.77 -94.53
CA ARG I 1314 -69.58 -24.91 -95.25
C ARG I 1314 -69.72 -26.05 -96.23
N PRO I 1315 -68.92 -26.07 -97.31
CA PRO I 1315 -69.02 -27.17 -98.27
C PRO I 1315 -68.55 -28.48 -97.67
N ASP I 1316 -69.14 -29.57 -98.17
CA ASP I 1316 -68.76 -30.95 -97.83
C ASP I 1316 -68.69 -31.18 -96.31
N ARG I 1317 -69.57 -30.51 -95.58
CA ARG I 1317 -69.59 -30.61 -94.12
C ARG I 1317 -70.95 -30.27 -93.54
N THR I 1318 -71.44 -31.10 -92.64
CA THR I 1318 -72.75 -30.89 -92.03
C THR I 1318 -72.70 -29.74 -91.03
N MET I 1319 -73.76 -28.95 -91.02
CA MET I 1319 -73.86 -27.75 -90.19
C MET I 1319 -74.51 -28.11 -88.86
N LEU I 1320 -73.79 -27.89 -87.77
CA LEU I 1320 -74.33 -28.14 -86.46
C LEU I 1320 -75.20 -26.98 -86.00
N ALA I 1321 -75.98 -27.23 -84.95
CA ALA I 1321 -76.80 -26.22 -84.31
C ALA I 1321 -76.25 -25.91 -82.92
N PRO I 1322 -76.30 -24.65 -82.47
CA PRO I 1322 -75.76 -24.35 -81.14
C PRO I 1322 -76.57 -24.99 -80.04
N MET I 1323 -75.91 -25.25 -78.91
CA MET I 1323 -76.60 -25.85 -77.78
C MET I 1323 -77.69 -24.91 -77.27
N ASP I 1324 -77.51 -23.60 -77.44
CA ASP I 1324 -78.55 -22.65 -77.04
C ASP I 1324 -79.80 -22.79 -77.90
N PHE I 1325 -79.70 -23.46 -79.04
CA PHE I 1325 -80.87 -23.73 -79.86
C PHE I 1325 -81.86 -24.64 -79.15
N ALA I 1326 -81.45 -25.29 -78.07
CA ALA I 1326 -82.37 -26.16 -77.33
C ALA I 1326 -83.55 -25.39 -76.79
N ILE I 1327 -83.33 -24.14 -76.34
CA ILE I 1327 -84.44 -23.35 -75.84
C ILE I 1327 -85.38 -22.97 -76.97
N VAL I 1328 -84.84 -22.70 -78.16
CA VAL I 1328 -85.70 -22.45 -79.30
C VAL I 1328 -86.55 -23.67 -79.59
N VAL I 1329 -85.96 -24.86 -79.47
CA VAL I 1329 -86.72 -26.09 -79.70
C VAL I 1329 -87.82 -26.23 -78.65
N GLY I 1330 -87.48 -26.03 -77.38
CA GLY I 1330 -88.36 -26.42 -76.29
C GLY I 1330 -88.96 -25.31 -75.46
N TRP I 1331 -89.09 -24.10 -76.02
CA TRP I 1331 -89.69 -23.00 -75.28
C TRP I 1331 -91.17 -23.22 -75.07
N ARG I 1332 -91.85 -23.79 -76.08
CA ARG I 1332 -93.30 -23.93 -76.00
C ARG I 1332 -93.72 -24.94 -74.94
N ALA I 1333 -92.78 -25.74 -74.42
CA ALA I 1333 -93.10 -26.69 -73.35
C ALA I 1333 -92.56 -26.19 -72.02
N ILE I 1334 -91.32 -25.70 -72.02
CA ILE I 1334 -90.70 -25.23 -70.78
C ILE I 1334 -91.50 -24.08 -70.20
N ILE I 1335 -92.06 -23.22 -71.07
CA ILE I 1335 -92.81 -22.08 -70.59
C ILE I 1335 -94.26 -22.47 -70.30
N LYS I 1336 -94.81 -23.43 -71.05
CA LYS I 1336 -96.10 -24.01 -70.70
C LYS I 1336 -96.08 -24.60 -69.31
N ALA I 1337 -94.91 -25.03 -68.83
CA ALA I 1337 -94.80 -25.57 -67.48
C ALA I 1337 -95.37 -24.64 -66.44
N ILE I 1338 -95.09 -23.33 -66.54
CA ILE I 1338 -95.46 -22.39 -65.48
C ILE I 1338 -96.87 -21.82 -65.66
N PHE I 1339 -97.63 -22.28 -66.63
CA PHE I 1339 -98.97 -21.76 -66.91
C PHE I 1339 -100.11 -22.29 -66.03
N PRO I 1340 -100.13 -23.55 -65.58
CA PRO I 1340 -101.35 -24.09 -64.95
C PRO I 1340 -101.92 -23.23 -63.83
N ASN I 1341 -103.25 -23.24 -63.71
CA ASN I 1341 -103.90 -22.44 -62.69
C ASN I 1341 -103.44 -22.83 -61.29
N THR I 1342 -103.05 -24.08 -61.09
CA THR I 1342 -102.50 -24.49 -59.80
C THR I 1342 -101.23 -23.71 -59.48
N VAL I 1343 -100.34 -23.57 -60.45
CA VAL I 1343 -99.14 -22.73 -60.29
C VAL I 1343 -99.55 -21.34 -60.75
N ASP I 1344 -100.19 -20.61 -59.85
CA ASP I 1344 -100.71 -19.28 -60.15
C ASP I 1344 -99.63 -18.24 -59.89
N GLY I 1345 -99.66 -17.18 -60.66
CA GLY I 1345 -98.70 -16.11 -60.50
C GLY I 1345 -98.81 -15.13 -61.64
N ASP I 1346 -98.15 -13.99 -61.45
CA ASP I 1346 -98.23 -12.87 -62.39
C ASP I 1346 -97.09 -13.07 -63.39
N LEU I 1347 -97.44 -13.34 -64.65
CA LEU I 1347 -96.41 -13.58 -65.65
C LEU I 1347 -95.67 -12.30 -65.99
N LEU I 1348 -96.34 -11.14 -65.87
CA LEU I 1348 -95.65 -9.88 -66.08
C LEU I 1348 -94.59 -9.63 -65.02
N LYS I 1349 -94.72 -10.28 -63.86
CA LYS I 1349 -93.74 -10.21 -62.78
C LYS I 1349 -92.83 -11.43 -62.75
N LEU I 1350 -92.80 -12.24 -63.81
CA LEU I 1350 -91.93 -13.40 -63.85
C LEU I 1350 -90.48 -12.98 -63.99
N VAL I 1351 -89.60 -13.71 -63.32
CA VAL I 1351 -88.15 -13.50 -63.41
C VAL I 1351 -87.52 -14.84 -63.75
N HIS I 1352 -86.72 -14.86 -64.81
CA HIS I 1352 -85.96 -16.06 -65.17
C HIS I 1352 -84.72 -16.09 -64.28
N LEU I 1353 -84.73 -16.98 -63.28
CA LEU I 1353 -83.60 -17.03 -62.35
C LEU I 1353 -82.38 -17.65 -62.99
N SER I 1354 -82.55 -18.78 -63.68
CA SER I 1354 -81.42 -19.48 -64.24
C SER I 1354 -81.91 -20.38 -65.37
N ASN I 1355 -80.97 -20.75 -66.23
CA ASN I 1355 -81.23 -21.70 -67.30
C ASN I 1355 -79.95 -22.49 -67.52
N GLY I 1356 -80.09 -23.76 -67.87
CA GLY I 1356 -78.93 -24.62 -68.06
C GLY I 1356 -79.21 -25.70 -69.08
N TYR I 1357 -78.12 -26.14 -69.69
CA TYR I 1357 -78.11 -27.23 -70.67
C TYR I 1357 -77.17 -28.31 -70.18
N LYS I 1358 -77.57 -29.56 -70.39
CA LYS I 1358 -76.73 -30.71 -70.10
C LYS I 1358 -76.94 -31.73 -71.21
N MET I 1359 -75.92 -31.95 -72.03
CA MET I 1359 -75.96 -33.01 -73.02
C MET I 1359 -75.74 -34.33 -72.29
N ILE I 1360 -76.57 -35.31 -72.59
CA ILE I 1360 -76.34 -36.64 -72.00
C ILE I 1360 -75.09 -37.24 -72.63
N PRO I 1361 -74.34 -38.11 -71.94
CA PRO I 1361 -73.18 -38.73 -72.57
C PRO I 1361 -73.56 -39.53 -73.79
N GLY I 1362 -72.72 -39.46 -74.82
CA GLY I 1362 -72.92 -40.23 -76.03
C GLY I 1362 -73.88 -39.63 -77.03
N ALA I 1363 -74.49 -38.49 -76.72
CA ALA I 1363 -75.43 -37.83 -77.62
C ALA I 1363 -74.69 -36.77 -78.42
N LYS I 1364 -74.75 -36.89 -79.73
CA LYS I 1364 -74.09 -35.93 -80.61
C LYS I 1364 -74.79 -34.58 -80.53
N PRO I 1365 -74.08 -33.49 -80.81
CA PRO I 1365 -74.73 -32.18 -80.76
C PRO I 1365 -75.80 -32.05 -81.83
N LEU I 1366 -76.74 -31.14 -81.59
CA LEU I 1366 -77.82 -30.90 -82.54
C LEU I 1366 -77.26 -30.46 -83.88
N GLN I 1367 -77.87 -30.97 -84.95
CA GLN I 1367 -77.44 -30.67 -86.31
C GLN I 1367 -78.66 -30.31 -87.17
N VAL I 1368 -78.39 -29.63 -88.28
CA VAL I 1368 -79.48 -29.15 -89.13
C VAL I 1368 -80.15 -30.33 -89.80
N GLY I 1369 -81.49 -30.32 -89.79
CA GLY I 1369 -82.29 -31.34 -90.42
C GLY I 1369 -82.91 -32.35 -89.47
N ASP I 1370 -82.31 -32.57 -88.30
CA ASP I 1370 -82.85 -33.53 -87.37
C ASP I 1370 -84.18 -33.03 -86.80
N VAL I 1371 -85.05 -33.98 -86.47
CA VAL I 1371 -86.33 -33.71 -85.84
C VAL I 1371 -86.15 -33.94 -84.35
N VAL I 1372 -86.43 -32.91 -83.56
CA VAL I 1372 -86.22 -32.94 -82.11
C VAL I 1372 -87.58 -32.82 -81.42
N SER I 1373 -87.83 -33.74 -80.49
CA SER I 1373 -89.04 -33.73 -79.67
C SER I 1373 -88.69 -33.19 -78.30
N THR I 1374 -89.62 -32.46 -77.69
CA THR I 1374 -89.41 -31.85 -76.38
C THR I 1374 -90.43 -32.41 -75.38
N THR I 1375 -89.93 -32.80 -74.21
CA THR I 1375 -90.77 -33.30 -73.13
C THR I 1375 -90.41 -32.53 -71.87
N ALA I 1376 -91.30 -31.65 -71.43
CA ALA I 1376 -91.09 -30.84 -70.24
C ALA I 1376 -91.80 -31.46 -69.04
N VAL I 1377 -91.13 -31.39 -67.89
CA VAL I 1377 -91.69 -31.80 -66.61
C VAL I 1377 -91.37 -30.71 -65.59
N ILE I 1378 -92.17 -30.67 -64.53
CA ILE I 1378 -91.97 -29.76 -63.41
C ILE I 1378 -91.15 -30.51 -62.37
N GLU I 1379 -89.89 -30.14 -62.20
CA GLU I 1379 -89.09 -30.76 -61.16
C GLU I 1379 -89.55 -30.34 -59.77
N SER I 1380 -89.83 -29.05 -59.58
CA SER I 1380 -90.10 -28.55 -58.24
C SER I 1380 -90.77 -27.18 -58.33
N VAL I 1381 -91.97 -27.06 -57.77
CA VAL I 1381 -92.64 -25.77 -57.60
C VAL I 1381 -92.82 -25.54 -56.11
N VAL I 1382 -92.25 -24.44 -55.60
CA VAL I 1382 -92.18 -24.18 -54.18
C VAL I 1382 -92.51 -22.73 -53.90
N ASN I 1383 -93.32 -22.51 -52.86
CA ASN I 1383 -93.72 -21.19 -52.39
C ASN I 1383 -92.66 -20.72 -51.40
N GLN I 1384 -91.82 -19.79 -51.83
CA GLN I 1384 -90.93 -19.07 -50.93
C GLN I 1384 -91.60 -17.81 -50.40
N PRO I 1385 -91.07 -17.24 -49.32
CA PRO I 1385 -91.65 -15.97 -48.83
C PRO I 1385 -91.60 -14.85 -49.85
N THR I 1386 -90.52 -14.79 -50.64
CA THR I 1386 -90.36 -13.74 -51.64
C THR I 1386 -91.01 -14.07 -52.97
N GLY I 1387 -91.51 -15.29 -53.15
CA GLY I 1387 -92.17 -15.64 -54.39
C GLY I 1387 -92.24 -17.16 -54.53
N LYS I 1388 -92.61 -17.58 -55.73
CA LYS I 1388 -92.77 -18.98 -56.08
C LYS I 1388 -91.73 -19.36 -57.13
N ILE I 1389 -90.86 -20.32 -56.79
CA ILE I 1389 -89.88 -20.85 -57.72
C ILE I 1389 -90.50 -22.05 -58.41
N VAL I 1390 -90.31 -22.12 -59.73
CA VAL I 1390 -90.76 -23.24 -60.55
C VAL I 1390 -89.58 -23.70 -61.39
N ASP I 1391 -89.16 -24.94 -61.18
CA ASP I 1391 -88.05 -25.53 -61.91
C ASP I 1391 -88.61 -26.49 -62.95
N VAL I 1392 -88.21 -26.28 -64.21
CA VAL I 1392 -88.70 -27.05 -65.34
C VAL I 1392 -87.53 -27.78 -65.94
N VAL I 1393 -87.73 -29.03 -66.34
CA VAL I 1393 -86.73 -29.83 -67.02
C VAL I 1393 -87.32 -30.30 -68.33
N GLY I 1394 -86.74 -29.83 -69.44
CA GLY I 1394 -87.15 -30.23 -70.76
C GLY I 1394 -86.15 -31.15 -71.40
N THR I 1395 -86.54 -32.39 -71.64
CA THR I 1395 -85.69 -33.35 -72.33
C THR I 1395 -85.93 -33.20 -73.83
N LEU I 1396 -84.86 -32.86 -74.55
CA LEU I 1396 -84.85 -32.85 -76.00
C LEU I 1396 -84.32 -34.19 -76.48
N SER I 1397 -85.09 -34.86 -77.33
CA SER I 1397 -84.77 -36.18 -77.84
C SER I 1397 -84.79 -36.16 -79.35
N ARG I 1398 -84.02 -37.08 -79.94
CA ARG I 1398 -83.87 -37.19 -81.38
C ARG I 1398 -83.86 -38.66 -81.75
N ASN I 1399 -84.72 -39.03 -82.70
CA ASN I 1399 -84.81 -40.41 -83.17
C ASN I 1399 -85.12 -41.36 -82.02
N GLY I 1400 -85.95 -40.88 -81.09
CA GLY I 1400 -86.30 -41.62 -79.89
C GLY I 1400 -85.33 -41.43 -78.75
N LYS I 1401 -84.03 -41.50 -79.03
CA LYS I 1401 -83.04 -41.38 -77.99
C LYS I 1401 -83.02 -39.95 -77.45
N PRO I 1402 -82.75 -39.77 -76.15
CA PRO I 1402 -82.60 -38.41 -75.63
C PRO I 1402 -81.32 -37.76 -76.14
N VAL I 1403 -81.36 -36.43 -76.22
CA VAL I 1403 -80.23 -35.63 -76.69
C VAL I 1403 -79.67 -34.75 -75.59
N MET I 1404 -80.56 -34.06 -74.87
CA MET I 1404 -80.07 -33.16 -73.83
C MET I 1404 -81.22 -32.81 -72.89
N GLU I 1405 -80.86 -32.17 -71.78
CA GLU I 1405 -81.79 -31.71 -70.77
C GLU I 1405 -81.61 -30.21 -70.61
N VAL I 1406 -82.72 -29.49 -70.52
CA VAL I 1406 -82.72 -28.04 -70.33
C VAL I 1406 -83.42 -27.75 -69.02
N THR I 1407 -82.67 -27.26 -68.04
CA THR I 1407 -83.23 -26.82 -66.78
C THR I 1407 -83.54 -25.33 -66.88
N SER I 1408 -84.67 -24.92 -66.31
CA SER I 1408 -85.06 -23.52 -66.30
C SER I 1408 -85.80 -23.20 -65.02
N SER I 1409 -85.28 -22.22 -64.27
CA SER I 1409 -85.88 -21.78 -63.01
C SER I 1409 -86.58 -20.47 -63.26
N PHE I 1410 -87.86 -20.41 -62.88
CA PHE I 1410 -88.67 -19.21 -63.01
C PHE I 1410 -89.16 -18.80 -61.63
N PHE I 1411 -89.39 -17.50 -61.46
CA PHE I 1411 -89.72 -16.92 -60.17
C PHE I 1411 -90.93 -16.02 -60.36
N TYR I 1412 -92.07 -16.43 -59.81
CA TYR I 1412 -93.24 -15.58 -59.73
C TYR I 1412 -93.11 -14.76 -58.45
N ARG I 1413 -92.79 -13.48 -58.59
CA ARG I 1413 -92.67 -12.61 -57.42
C ARG I 1413 -94.06 -12.36 -56.84
N GLY I 1414 -94.18 -12.54 -55.54
CA GLY I 1414 -95.43 -12.29 -54.86
C GLY I 1414 -95.54 -13.14 -53.62
N ASN I 1415 -96.73 -13.11 -53.02
CA ASN I 1415 -97.06 -13.87 -51.83
C ASN I 1415 -97.99 -15.00 -52.22
N TYR I 1416 -97.55 -16.24 -52.00
CA TYR I 1416 -98.33 -17.43 -52.33
C TYR I 1416 -98.37 -18.35 -51.13
N THR I 1417 -99.58 -18.78 -50.79
CA THR I 1417 -99.81 -19.71 -49.68
C THR I 1417 -100.51 -20.97 -50.13
N ASP I 1418 -100.55 -21.24 -51.44
CA ASP I 1418 -101.23 -22.41 -51.98
C ASP I 1418 -100.27 -23.60 -51.98
N PHE I 1419 -99.85 -23.98 -50.77
CA PHE I 1419 -98.87 -25.04 -50.62
C PHE I 1419 -99.39 -26.39 -51.09
N GLU I 1420 -100.71 -26.56 -51.20
CA GLU I 1420 -101.25 -27.85 -51.63
C GLU I 1420 -100.82 -28.20 -53.05
N ASN I 1421 -100.50 -27.20 -53.87
CA ASN I 1421 -100.03 -27.42 -55.23
C ASN I 1421 -98.52 -27.30 -55.36
N THR I 1422 -97.80 -27.15 -54.25
CA THR I 1422 -96.35 -27.08 -54.27
C THR I 1422 -95.75 -28.46 -54.07
N PHE I 1423 -94.65 -28.72 -54.76
CA PHE I 1423 -93.93 -29.97 -54.61
C PHE I 1423 -92.48 -29.72 -55.01
N GLN I 1424 -91.59 -30.59 -54.56
CA GLN I 1424 -90.17 -30.43 -54.84
C GLN I 1424 -89.50 -31.79 -54.94
N LYS I 1425 -88.92 -32.06 -56.10
CA LYS I 1425 -88.15 -33.27 -56.35
C LYS I 1425 -86.68 -32.86 -56.50
N THR I 1426 -85.83 -33.41 -55.62
CA THR I 1426 -84.42 -33.07 -55.58
C THR I 1426 -83.58 -34.34 -55.60
N VAL I 1427 -82.61 -34.39 -56.50
CA VAL I 1427 -81.65 -35.47 -56.55
C VAL I 1427 -80.60 -35.16 -55.48
N GLU I 1428 -80.68 -35.86 -54.34
CA GLU I 1428 -79.74 -35.61 -53.27
C GLU I 1428 -78.33 -35.97 -53.73
N PRO I 1429 -77.31 -35.33 -53.17
CA PRO I 1429 -75.94 -35.71 -53.55
C PRO I 1429 -75.64 -37.14 -53.14
N VAL I 1430 -74.79 -37.80 -53.93
CA VAL I 1430 -74.43 -39.18 -53.62
C VAL I 1430 -73.68 -39.22 -52.29
N TYR I 1431 -74.03 -40.19 -51.47
CA TYR I 1431 -73.41 -40.36 -50.15
C TYR I 1431 -72.63 -41.66 -50.11
N GLN I 1432 -71.49 -41.64 -49.43
CA GLN I 1432 -70.63 -42.80 -49.28
C GLN I 1432 -70.45 -43.10 -47.79
N MET I 1433 -70.63 -44.36 -47.42
CA MET I 1433 -70.46 -44.79 -46.03
C MET I 1433 -69.62 -46.05 -46.01
N HIS I 1434 -68.51 -46.01 -45.27
CA HIS I 1434 -67.65 -47.16 -45.07
C HIS I 1434 -68.12 -47.89 -43.83
N ILE I 1435 -68.43 -49.18 -43.95
CA ILE I 1435 -68.90 -49.99 -42.84
C ILE I 1435 -67.68 -50.62 -42.18
N LYS I 1436 -67.26 -50.05 -41.05
CA LYS I 1436 -66.05 -50.49 -40.37
C LYS I 1436 -66.31 -51.51 -39.28
N THR I 1437 -67.48 -51.45 -38.63
CA THR I 1437 -67.78 -52.29 -37.49
C THR I 1437 -69.21 -52.80 -37.58
N SER I 1438 -69.53 -53.77 -36.71
CA SER I 1438 -70.89 -54.29 -36.64
C SER I 1438 -71.86 -53.28 -36.05
N LYS I 1439 -71.36 -52.27 -35.35
CA LYS I 1439 -72.23 -51.19 -34.88
C LYS I 1439 -72.85 -50.45 -36.06
N ASP I 1440 -72.06 -50.19 -37.10
CA ASP I 1440 -72.59 -49.54 -38.29
C ASP I 1440 -73.66 -50.40 -38.95
N ILE I 1441 -73.43 -51.71 -39.02
CA ILE I 1441 -74.41 -52.60 -39.62
C ILE I 1441 -75.70 -52.60 -38.80
N ALA I 1442 -75.57 -52.64 -37.48
CA ALA I 1442 -76.77 -52.60 -36.63
C ALA I 1442 -77.54 -51.31 -36.82
N VAL I 1443 -76.82 -50.19 -36.91
CA VAL I 1443 -77.48 -48.91 -37.12
C VAL I 1443 -78.21 -48.89 -38.46
N LEU I 1444 -77.57 -49.41 -39.50
CA LEU I 1444 -78.21 -49.45 -40.81
C LEU I 1444 -79.44 -50.35 -40.80
N ARG I 1445 -79.34 -51.53 -40.17
CA ARG I 1445 -80.45 -52.45 -40.14
C ARG I 1445 -81.59 -51.93 -39.27
N SER I 1446 -81.30 -51.06 -38.32
CA SER I 1446 -82.35 -50.44 -37.53
C SER I 1446 -83.20 -49.46 -38.34
N LYS I 1447 -82.72 -49.02 -39.50
CA LYS I 1447 -83.46 -48.10 -40.34
C LYS I 1447 -84.45 -48.87 -41.21
N GLU I 1448 -85.73 -48.53 -41.10
CA GLU I 1448 -86.73 -49.17 -41.95
C GLU I 1448 -86.48 -48.88 -43.41
N TRP I 1449 -86.07 -47.64 -43.72
CA TRP I 1449 -85.91 -47.25 -45.12
C TRP I 1449 -84.74 -47.97 -45.77
N PHE I 1450 -83.79 -48.46 -44.98
CA PHE I 1450 -82.64 -49.19 -45.49
C PHE I 1450 -83.03 -50.64 -45.75
N GLN I 1451 -83.33 -50.98 -47.00
CA GLN I 1451 -83.78 -52.31 -47.36
C GLN I 1451 -82.75 -52.94 -48.29
N LEU I 1452 -82.56 -54.26 -48.15
CA LEU I 1452 -81.61 -55.00 -48.95
C LEU I 1452 -82.33 -56.15 -49.65
N ASP I 1453 -81.96 -56.38 -50.91
CA ASP I 1453 -82.49 -57.54 -51.62
C ASP I 1453 -82.06 -58.83 -50.95
N ASP I 1454 -80.80 -58.90 -50.54
CA ASP I 1454 -80.25 -60.04 -49.80
C ASP I 1454 -80.07 -59.59 -48.35
N GLU I 1455 -80.98 -60.01 -47.49
CA GLU I 1455 -80.92 -59.58 -46.08
C GLU I 1455 -79.69 -60.11 -45.37
N ASP I 1456 -79.07 -61.17 -45.87
CA ASP I 1456 -77.85 -61.73 -45.30
C ASP I 1456 -76.60 -61.19 -45.96
N PHE I 1457 -76.71 -60.14 -46.79
CA PHE I 1457 -75.54 -59.55 -47.43
C PHE I 1457 -74.54 -59.09 -46.37
N ASP I 1458 -73.27 -59.44 -46.59
CA ASP I 1458 -72.22 -59.12 -45.63
C ASP I 1458 -71.75 -57.69 -45.88
N LEU I 1459 -72.18 -56.77 -45.01
CA LEU I 1459 -71.85 -55.36 -45.15
C LEU I 1459 -70.53 -54.98 -44.52
N LEU I 1460 -69.91 -55.86 -43.74
CA LEU I 1460 -68.69 -55.50 -43.03
C LEU I 1460 -67.56 -55.25 -44.03
N ASN I 1461 -66.74 -54.24 -43.73
CA ASN I 1461 -65.58 -53.88 -44.56
C ASN I 1461 -66.01 -53.59 -46.00
N LYS I 1462 -67.15 -52.92 -46.16
CA LYS I 1462 -67.70 -52.63 -47.47
C LYS I 1462 -68.10 -51.16 -47.53
N THR I 1463 -68.00 -50.59 -48.73
CA THR I 1463 -68.34 -49.20 -48.99
C THR I 1463 -69.70 -49.15 -49.68
N LEU I 1464 -70.63 -48.44 -49.07
CA LEU I 1464 -71.99 -48.31 -49.59
C LEU I 1464 -72.16 -46.93 -50.18
N THR I 1465 -72.69 -46.88 -51.39
CA THR I 1465 -73.04 -45.65 -52.09
C THR I 1465 -74.56 -45.54 -52.15
N PHE I 1466 -75.07 -44.38 -51.74
CA PHE I 1466 -76.49 -44.07 -51.72
C PHE I 1466 -76.75 -42.96 -52.71
N GLU I 1467 -77.66 -43.20 -53.65
CA GLU I 1467 -78.08 -42.22 -54.67
C GLU I 1467 -79.58 -42.02 -54.49
N THR I 1468 -79.96 -41.09 -53.63
CA THR I 1468 -81.35 -40.90 -53.24
C THR I 1468 -81.95 -39.69 -53.94
N GLU I 1469 -83.26 -39.78 -54.19
CA GLU I 1469 -84.06 -38.67 -54.66
C GLU I 1469 -85.15 -38.41 -53.63
N THR I 1470 -85.30 -37.15 -53.24
CA THR I 1470 -86.30 -36.75 -52.26
C THR I 1470 -87.42 -35.98 -52.94
N GLU I 1471 -88.64 -36.48 -52.81
CA GLU I 1471 -89.85 -35.81 -53.27
C GLU I 1471 -90.64 -35.38 -52.04
N VAL I 1472 -90.81 -34.07 -51.87
CA VAL I 1472 -91.51 -33.51 -50.72
C VAL I 1472 -92.68 -32.69 -51.23
N THR I 1473 -93.86 -32.93 -50.65
CA THR I 1473 -95.03 -32.09 -50.84
C THR I 1473 -95.24 -31.28 -49.57
N PHE I 1474 -95.45 -29.98 -49.72
CA PHE I 1474 -95.44 -29.05 -48.61
C PHE I 1474 -96.82 -28.88 -48.01
N LYS I 1475 -96.87 -28.82 -46.68
CA LYS I 1475 -98.09 -28.43 -45.98
C LYS I 1475 -98.11 -26.92 -45.73
N ASN I 1476 -96.97 -26.36 -45.36
CA ASN I 1476 -96.80 -24.92 -45.24
C ASN I 1476 -95.35 -24.60 -45.57
N ALA I 1477 -94.91 -23.40 -45.19
CA ALA I 1477 -93.56 -22.98 -45.53
C ALA I 1477 -92.50 -23.88 -44.92
N ASN I 1478 -92.70 -24.32 -43.68
CA ASN I 1478 -91.69 -25.06 -42.93
C ASN I 1478 -91.88 -26.57 -42.98
N ILE I 1479 -93.09 -27.05 -42.75
CA ILE I 1479 -93.34 -28.48 -42.56
C ILE I 1479 -93.77 -29.08 -43.89
N PHE I 1480 -93.15 -30.21 -44.24
CA PHE I 1480 -93.56 -30.97 -45.42
C PHE I 1480 -94.84 -31.72 -45.12
N SER I 1481 -95.76 -31.73 -46.09
CA SER I 1481 -96.98 -32.53 -45.92
C SER I 1481 -96.68 -34.00 -46.11
N SER I 1482 -95.72 -34.33 -46.98
CA SER I 1482 -95.29 -35.70 -47.17
C SER I 1482 -93.86 -35.68 -47.69
N VAL I 1483 -93.05 -36.61 -47.21
CA VAL I 1483 -91.63 -36.70 -47.56
C VAL I 1483 -91.36 -38.13 -48.01
N LYS I 1484 -90.82 -38.28 -49.21
CA LYS I 1484 -90.43 -39.58 -49.74
C LYS I 1484 -88.98 -39.48 -50.19
N CYS I 1485 -88.20 -40.52 -49.88
CA CYS I 1485 -86.79 -40.56 -50.25
C CYS I 1485 -86.48 -41.95 -50.77
N PHE I 1486 -86.24 -42.06 -52.08
CA PHE I 1486 -86.10 -43.34 -52.74
C PHE I 1486 -84.84 -43.36 -53.58
N GLY I 1487 -84.15 -44.50 -53.59
CA GLY I 1487 -82.98 -44.64 -54.43
C GLY I 1487 -82.31 -45.99 -54.31
N PRO I 1488 -81.33 -46.28 -55.16
CA PRO I 1488 -80.58 -47.53 -55.04
C PRO I 1488 -79.34 -47.40 -54.18
N ILE I 1489 -79.18 -48.38 -53.28
CA ILE I 1489 -77.97 -48.54 -52.48
C ILE I 1489 -77.12 -49.56 -53.19
N LYS I 1490 -75.88 -49.19 -53.50
CA LYS I 1490 -74.93 -50.08 -54.16
C LYS I 1490 -73.70 -50.25 -53.30
N VAL I 1491 -72.99 -51.34 -53.55
CA VAL I 1491 -71.75 -51.66 -52.85
C VAL I 1491 -70.59 -51.52 -53.83
N GLU I 1492 -69.46 -51.08 -53.30
CA GLU I 1492 -68.22 -50.99 -54.07
C GLU I 1492 -67.59 -52.37 -54.17
N LEU I 1493 -67.35 -52.84 -55.37
CA LEU I 1493 -66.68 -54.10 -55.59
C LEU I 1493 -65.18 -53.89 -55.53
N PRO I 1494 -64.39 -54.96 -55.49
CA PRO I 1494 -62.93 -54.79 -55.54
C PRO I 1494 -62.46 -54.08 -56.79
N THR I 1495 -63.21 -54.15 -57.88
CA THR I 1495 -62.88 -53.47 -59.13
C THR I 1495 -63.35 -52.02 -59.15
N LYS I 1496 -63.66 -51.43 -57.99
CA LYS I 1496 -64.13 -50.04 -57.91
C LYS I 1496 -65.39 -49.84 -58.74
N GLU I 1497 -66.25 -50.86 -58.76
CA GLU I 1497 -67.49 -50.84 -59.52
C GLU I 1497 -68.65 -50.88 -58.52
N THR I 1498 -69.59 -49.96 -58.66
CA THR I 1498 -70.71 -49.85 -57.73
C THR I 1498 -71.88 -50.64 -58.29
N VAL I 1499 -72.32 -51.67 -57.55
CA VAL I 1499 -73.38 -52.56 -57.99
C VAL I 1499 -74.51 -52.54 -56.95
N GLU I 1500 -75.75 -52.41 -57.43
CA GLU I 1500 -76.89 -52.31 -56.55
C GLU I 1500 -77.06 -53.58 -55.72
N ILE I 1501 -77.21 -53.41 -54.41
CA ILE I 1501 -77.44 -54.52 -53.48
C ILE I 1501 -78.64 -54.21 -52.59
N GLY I 1502 -79.20 -53.02 -52.71
CA GLY I 1502 -80.35 -52.68 -51.91
C GLY I 1502 -81.00 -51.41 -52.40
N ILE I 1503 -82.00 -50.96 -51.64
CA ILE I 1503 -82.68 -49.70 -51.92
C ILE I 1503 -82.84 -48.93 -50.62
N VAL I 1504 -82.93 -47.60 -50.77
CA VAL I 1504 -83.51 -46.71 -49.78
C VAL I 1504 -84.95 -46.49 -50.19
N ASP I 1505 -85.88 -46.71 -49.26
CA ASP I 1505 -87.31 -46.48 -49.49
C ASP I 1505 -87.89 -45.91 -48.21
N TYR I 1506 -87.94 -44.57 -48.14
CA TYR I 1506 -88.49 -43.86 -47.00
C TYR I 1506 -89.77 -43.16 -47.45
N GLU I 1507 -90.82 -43.30 -46.66
CA GLU I 1507 -92.09 -42.63 -46.90
C GLU I 1507 -92.64 -42.12 -45.58
N ALA I 1508 -93.13 -40.88 -45.58
CA ALA I 1508 -93.67 -40.31 -44.36
C ALA I 1508 -94.67 -39.22 -44.72
N GLY I 1509 -95.60 -39.00 -43.80
CA GLY I 1509 -96.57 -37.93 -43.94
C GLY I 1509 -96.01 -36.62 -43.45
N ALA I 1510 -96.75 -35.92 -42.59
CA ALA I 1510 -96.28 -34.64 -42.08
C ALA I 1510 -94.96 -34.82 -41.34
N SER I 1511 -93.96 -34.01 -41.73
CA SER I 1511 -92.64 -34.12 -41.12
C SER I 1511 -91.89 -32.81 -41.35
N HIS I 1512 -90.91 -32.57 -40.49
CA HIS I 1512 -90.11 -31.35 -40.55
C HIS I 1512 -88.85 -31.50 -41.39
N GLY I 1513 -88.56 -32.69 -41.90
CA GLY I 1513 -87.36 -32.89 -42.69
C GLY I 1513 -87.26 -34.33 -43.13
N ASN I 1514 -86.18 -34.62 -43.85
CA ASN I 1514 -85.91 -35.96 -44.34
C ASN I 1514 -84.85 -36.60 -43.45
N PRO I 1515 -85.19 -37.59 -42.62
CA PRO I 1515 -84.15 -38.16 -41.75
C PRO I 1515 -83.06 -38.91 -42.50
N VAL I 1516 -83.37 -39.43 -43.69
CA VAL I 1516 -82.38 -40.21 -44.44
C VAL I 1516 -81.19 -39.35 -44.80
N VAL I 1517 -81.45 -38.16 -45.33
CA VAL I 1517 -80.36 -37.28 -45.75
C VAL I 1517 -79.57 -36.81 -44.54
N ASP I 1518 -80.25 -36.53 -43.43
CA ASP I 1518 -79.56 -36.13 -42.21
C ASP I 1518 -78.63 -37.24 -41.73
N PHE I 1519 -79.13 -38.48 -41.71
CA PHE I 1519 -78.31 -39.60 -41.29
C PHE I 1519 -77.12 -39.80 -42.21
N LEU I 1520 -77.34 -39.72 -43.52
CA LEU I 1520 -76.25 -39.93 -44.47
C LEU I 1520 -75.21 -38.82 -44.36
N LYS I 1521 -75.64 -37.57 -44.19
CA LYS I 1521 -74.69 -36.48 -43.99
C LYS I 1521 -73.88 -36.67 -42.72
N ARG I 1522 -74.54 -37.09 -41.63
CA ARG I 1522 -73.84 -37.20 -40.37
C ARG I 1522 -72.87 -38.37 -40.36
N ASN I 1523 -73.23 -39.49 -41.00
CA ASN I 1523 -72.44 -40.72 -40.93
C ASN I 1523 -71.55 -40.93 -42.15
N GLY I 1524 -72.14 -40.97 -43.34
CA GLY I 1524 -71.37 -41.11 -44.55
C GLY I 1524 -70.73 -39.79 -44.96
N SER I 1525 -70.14 -39.81 -46.15
CA SER I 1525 -69.48 -38.64 -46.72
C SER I 1525 -70.08 -38.35 -48.09
N THR I 1526 -70.11 -37.07 -48.44
CA THR I 1526 -70.68 -36.65 -49.72
C THR I 1526 -69.63 -36.79 -50.80
N LEU I 1527 -69.99 -37.44 -51.91
CA LEU I 1527 -69.13 -37.57 -53.07
C LEU I 1527 -69.44 -36.44 -54.03
N GLU I 1528 -68.50 -35.51 -54.19
CA GLU I 1528 -68.66 -34.38 -55.10
C GLU I 1528 -68.04 -34.75 -56.44
N GLN I 1529 -68.85 -34.73 -57.49
CA GLN I 1529 -68.34 -35.01 -58.82
C GLN I 1529 -67.38 -33.93 -59.29
N LYS I 1530 -67.68 -32.67 -58.97
CA LYS I 1530 -66.81 -31.58 -59.32
C LYS I 1530 -65.62 -31.51 -58.37
N VAL I 1531 -64.42 -31.40 -58.93
CA VAL I 1531 -63.17 -31.32 -58.18
C VAL I 1531 -62.48 -30.03 -58.56
N ASN I 1532 -62.38 -29.11 -57.62
CA ASN I 1532 -61.71 -27.83 -57.87
C ASN I 1532 -60.22 -28.05 -58.00
N LEU I 1533 -59.58 -27.21 -58.80
CA LEU I 1533 -58.14 -27.25 -58.95
C LEU I 1533 -57.48 -26.55 -57.76
N GLU I 1534 -56.15 -26.65 -57.71
CA GLU I 1534 -55.42 -26.01 -56.63
C GLU I 1534 -55.60 -24.49 -56.67
N ASN I 1535 -55.54 -23.91 -57.86
CA ASN I 1535 -55.85 -22.50 -58.07
C ASN I 1535 -56.66 -22.36 -59.35
N PRO I 1536 -57.51 -21.33 -59.45
CA PRO I 1536 -58.21 -21.10 -60.71
C PRO I 1536 -57.24 -20.68 -61.81
N ILE I 1537 -57.65 -20.95 -63.05
CA ILE I 1537 -56.85 -20.63 -64.23
C ILE I 1537 -57.64 -19.61 -65.06
N PRO I 1538 -57.33 -18.32 -65.02
CA PRO I 1538 -58.04 -17.38 -65.89
C PRO I 1538 -57.82 -17.73 -67.36
N ILE I 1539 -58.88 -17.62 -68.15
CA ILE I 1539 -58.81 -17.90 -69.58
C ILE I 1539 -58.77 -16.58 -70.33
N ALA I 1540 -59.80 -15.76 -70.14
CA ALA I 1540 -59.84 -14.45 -70.79
C ALA I 1540 -60.98 -13.63 -70.22
N VAL I 1541 -60.81 -12.32 -70.28
CA VAL I 1541 -61.87 -11.35 -69.98
C VAL I 1541 -62.31 -10.75 -71.31
N LEU I 1542 -63.59 -10.88 -71.62
CA LEU I 1542 -64.13 -10.58 -72.94
C LEU I 1542 -65.24 -9.55 -72.84
N ASP I 1543 -65.36 -8.72 -73.87
CA ASP I 1543 -66.38 -7.68 -73.93
C ASP I 1543 -67.41 -8.08 -74.98
N SER I 1544 -68.67 -8.20 -74.55
CA SER I 1544 -69.81 -8.39 -75.42
C SER I 1544 -70.72 -7.18 -75.31
N TYR I 1545 -71.69 -7.10 -76.21
CA TYR I 1545 -72.61 -5.96 -76.25
C TYR I 1545 -74.03 -6.47 -76.41
N THR I 1546 -74.93 -5.93 -75.62
CA THR I 1546 -76.34 -6.21 -75.83
C THR I 1546 -76.85 -5.43 -77.04
N PRO I 1547 -77.68 -6.02 -77.90
CA PRO I 1547 -78.10 -5.32 -79.11
C PRO I 1547 -78.99 -4.13 -78.81
N SER I 1548 -79.06 -3.22 -79.78
CA SER I 1548 -79.93 -2.05 -79.64
C SER I 1548 -81.39 -2.46 -79.52
N THR I 1549 -81.78 -3.58 -80.13
CA THR I 1549 -83.14 -4.07 -80.08
C THR I 1549 -83.14 -5.55 -79.74
N ASN I 1550 -84.25 -6.00 -79.18
CA ASN I 1550 -84.43 -7.39 -78.79
C ASN I 1550 -85.34 -8.16 -79.74
N GLU I 1551 -85.90 -7.49 -80.75
CA GLU I 1551 -86.69 -8.19 -81.75
C GLU I 1551 -85.92 -9.28 -82.49
N PRO I 1552 -84.65 -9.10 -82.87
CA PRO I 1552 -83.95 -10.20 -83.57
C PRO I 1552 -83.91 -11.49 -82.76
N TYR I 1553 -83.69 -11.39 -81.45
CA TYR I 1553 -83.70 -12.59 -80.62
C TYR I 1553 -85.11 -13.07 -80.36
N ALA I 1554 -86.07 -12.15 -80.17
CA ALA I 1554 -87.43 -12.56 -79.88
C ALA I 1554 -88.01 -13.37 -81.03
N ARG I 1555 -87.80 -12.91 -82.26
CA ARG I 1555 -88.43 -13.58 -83.40
C ARG I 1555 -87.81 -14.95 -83.65
N VAL I 1556 -86.51 -15.11 -83.34
CA VAL I 1556 -85.85 -16.37 -83.65
C VAL I 1556 -86.05 -17.38 -82.53
N SER I 1557 -86.05 -16.92 -81.28
CA SER I 1557 -86.25 -17.81 -80.14
C SER I 1557 -87.71 -18.08 -79.84
N GLY I 1558 -88.63 -17.33 -80.45
CA GLY I 1558 -90.04 -17.50 -80.15
C GLY I 1558 -90.49 -16.86 -78.85
N ASP I 1559 -89.55 -16.34 -78.05
CA ASP I 1559 -89.89 -15.67 -76.80
C ASP I 1559 -90.34 -14.26 -77.14
N LEU I 1560 -91.66 -14.08 -77.27
CA LEU I 1560 -92.24 -12.78 -77.56
C LEU I 1560 -92.69 -12.06 -76.31
N ASN I 1561 -91.95 -12.23 -75.21
CA ASN I 1561 -92.29 -11.54 -73.98
C ASN I 1561 -92.25 -10.02 -74.24
N PRO I 1562 -93.36 -9.29 -74.04
CA PRO I 1562 -93.34 -7.87 -74.38
C PRO I 1562 -92.41 -7.03 -73.52
N ILE I 1563 -91.95 -7.53 -72.38
CA ILE I 1563 -91.04 -6.73 -71.57
C ILE I 1563 -89.74 -6.47 -72.30
N HIS I 1564 -89.39 -7.32 -73.28
CA HIS I 1564 -88.15 -7.18 -74.02
C HIS I 1564 -88.28 -6.36 -75.29
N VAL I 1565 -89.51 -6.10 -75.77
CA VAL I 1565 -89.69 -5.40 -77.04
C VAL I 1565 -90.55 -4.15 -76.93
N SER I 1566 -91.40 -4.03 -75.92
CA SER I 1566 -92.38 -2.95 -75.81
C SER I 1566 -92.05 -2.10 -74.60
N ARG I 1567 -92.00 -0.78 -74.80
CA ARG I 1567 -91.74 0.13 -73.70
C ARG I 1567 -92.87 0.13 -72.69
N HIS I 1568 -94.12 0.12 -73.16
CA HIS I 1568 -95.24 0.26 -72.23
C HIS I 1568 -95.37 -0.96 -71.33
N PHE I 1569 -95.13 -2.16 -71.87
CA PHE I 1569 -95.23 -3.35 -71.05
C PHE I 1569 -94.14 -3.38 -69.99
N ALA I 1570 -92.92 -2.98 -70.34
CA ALA I 1570 -91.85 -2.89 -69.35
C ALA I 1570 -92.18 -1.85 -68.29
N SER I 1571 -92.76 -0.72 -68.71
CA SER I 1571 -93.16 0.30 -67.74
C SER I 1571 -94.20 -0.27 -66.78
N TYR I 1572 -95.20 -0.97 -67.29
CA TYR I 1572 -96.21 -1.58 -66.43
C TYR I 1572 -95.61 -2.64 -65.53
N ALA I 1573 -94.56 -3.32 -65.98
CA ALA I 1573 -93.87 -4.33 -65.19
C ALA I 1573 -92.80 -3.73 -64.28
N ASN I 1574 -92.65 -2.40 -64.27
CA ASN I 1574 -91.77 -1.67 -63.36
C ASN I 1574 -90.30 -1.95 -63.63
N LEU I 1575 -89.95 -2.41 -64.82
CA LEU I 1575 -88.58 -2.70 -65.14
C LEU I 1575 -87.86 -1.41 -65.55
N PRO I 1576 -86.54 -1.34 -65.40
CA PRO I 1576 -85.83 -0.10 -65.72
C PRO I 1576 -85.95 0.30 -67.18
N GLY I 1577 -86.31 -0.63 -68.06
CA GLY I 1577 -86.51 -0.30 -69.45
C GLY I 1577 -86.86 -1.54 -70.23
N THR I 1578 -86.68 -1.46 -71.54
CA THR I 1578 -86.94 -2.59 -72.43
C THR I 1578 -85.76 -3.57 -72.33
N ILE I 1579 -85.70 -4.26 -71.19
CA ILE I 1579 -84.54 -5.06 -70.84
C ILE I 1579 -84.38 -6.22 -71.82
N THR I 1580 -83.13 -6.55 -72.13
CA THR I 1580 -82.84 -7.61 -73.09
C THR I 1580 -83.19 -8.97 -72.52
N HIS I 1581 -83.39 -9.92 -73.43
CA HIS I 1581 -83.57 -11.30 -73.02
C HIS I 1581 -82.37 -11.75 -72.22
N GLY I 1582 -82.60 -12.20 -70.99
CA GLY I 1582 -81.55 -12.85 -70.25
C GLY I 1582 -81.03 -14.06 -70.98
N MET I 1583 -81.89 -14.73 -71.74
CA MET I 1583 -81.47 -15.93 -72.46
C MET I 1583 -80.59 -15.56 -73.64
N PHE I 1584 -80.79 -14.36 -74.21
CA PHE I 1584 -79.81 -13.87 -75.16
C PHE I 1584 -78.45 -13.72 -74.51
N SER I 1585 -78.41 -13.14 -73.31
CA SER I 1585 -77.13 -12.94 -72.63
C SER I 1585 -76.46 -14.28 -72.34
N SER I 1586 -77.26 -15.27 -71.92
CA SER I 1586 -76.71 -16.60 -71.70
C SER I 1586 -76.13 -17.17 -72.98
N ALA I 1587 -76.86 -17.04 -74.10
CA ALA I 1587 -76.40 -17.62 -75.35
C ALA I 1587 -75.16 -16.90 -75.87
N SER I 1588 -75.07 -15.59 -75.65
CA SER I 1588 -73.88 -14.84 -76.06
C SER I 1588 -72.67 -15.23 -75.21
N VAL I 1589 -72.86 -15.36 -73.90
CA VAL I 1589 -71.76 -15.78 -73.05
C VAL I 1589 -71.34 -17.19 -73.40
N ARG I 1590 -72.29 -18.04 -73.78
CA ARG I 1590 -71.93 -19.39 -74.19
C ARG I 1590 -71.19 -19.38 -75.52
N ALA I 1591 -71.55 -18.48 -76.43
CA ALA I 1591 -70.77 -18.30 -77.65
C ALA I 1591 -69.33 -17.96 -77.30
N LEU I 1592 -69.14 -17.02 -76.38
CA LEU I 1592 -67.79 -16.66 -75.95
C LEU I 1592 -67.07 -17.83 -75.30
N ILE I 1593 -67.79 -18.61 -74.50
CA ILE I 1593 -67.16 -19.73 -73.78
C ILE I 1593 -66.73 -20.81 -74.77
N GLU I 1594 -67.59 -21.14 -75.72
CA GLU I 1594 -67.20 -22.15 -76.70
C GLU I 1594 -66.11 -21.63 -77.63
N ASN I 1595 -66.02 -20.31 -77.81
CA ASN I 1595 -64.94 -19.77 -78.60
C ASN I 1595 -63.61 -19.87 -77.87
N TRP I 1596 -63.57 -19.47 -76.60
CA TRP I 1596 -62.31 -19.32 -75.88
C TRP I 1596 -61.94 -20.56 -75.08
N ALA I 1597 -62.83 -21.00 -74.19
CA ALA I 1597 -62.53 -22.18 -73.37
C ALA I 1597 -62.48 -23.44 -74.21
N ALA I 1598 -63.39 -23.58 -75.17
CA ALA I 1598 -63.47 -24.77 -76.02
C ALA I 1598 -62.75 -24.62 -77.35
N ASP I 1599 -62.13 -23.47 -77.61
CA ASP I 1599 -61.38 -23.26 -78.84
C ASP I 1599 -62.28 -23.36 -80.07
N SER I 1600 -63.50 -22.83 -79.96
CA SER I 1600 -64.45 -22.78 -81.07
C SER I 1600 -64.77 -24.19 -81.58
N VAL I 1601 -65.04 -25.08 -80.65
CA VAL I 1601 -65.48 -26.44 -80.94
C VAL I 1601 -66.83 -26.65 -80.27
N SER I 1602 -67.88 -26.79 -81.08
CA SER I 1602 -69.23 -26.91 -80.53
C SER I 1602 -69.39 -28.17 -79.69
N SER I 1603 -68.97 -29.32 -80.24
CA SER I 1603 -69.15 -30.59 -79.55
C SER I 1603 -68.42 -30.64 -78.22
N ARG I 1604 -67.34 -29.89 -78.08
CA ARG I 1604 -66.54 -29.88 -76.85
C ARG I 1604 -67.27 -29.27 -75.67
N VAL I 1605 -68.41 -28.60 -75.89
CA VAL I 1605 -69.21 -28.03 -74.82
C VAL I 1605 -70.35 -28.98 -74.53
N ARG I 1606 -70.34 -29.56 -73.33
CA ARG I 1606 -71.34 -30.53 -72.90
C ARG I 1606 -72.34 -29.98 -71.91
N GLY I 1607 -71.92 -29.14 -71.00
CA GLY I 1607 -72.83 -28.52 -70.04
C GLY I 1607 -72.66 -27.02 -70.02
N TYR I 1608 -73.74 -26.32 -69.72
CA TYR I 1608 -73.66 -24.87 -69.57
C TYR I 1608 -74.85 -24.40 -68.76
N THR I 1609 -74.61 -24.02 -67.51
CA THR I 1609 -75.63 -23.43 -66.65
C THR I 1609 -75.30 -21.96 -66.44
N CYS I 1610 -76.34 -21.16 -66.23
CA CYS I 1610 -76.18 -19.73 -66.02
C CYS I 1610 -77.33 -19.23 -65.16
N GLN I 1611 -77.01 -18.25 -64.33
CA GLN I 1611 -77.95 -17.58 -63.43
C GLN I 1611 -77.97 -16.11 -63.79
N PHE I 1612 -79.19 -15.59 -64.00
CA PHE I 1612 -79.42 -14.19 -64.34
C PHE I 1612 -79.63 -13.42 -63.05
N VAL I 1613 -78.52 -12.96 -62.47
CA VAL I 1613 -78.59 -12.35 -61.14
C VAL I 1613 -79.20 -10.95 -61.23
N ASP I 1614 -78.99 -10.26 -62.35
CA ASP I 1614 -79.51 -8.91 -62.52
C ASP I 1614 -79.98 -8.71 -63.96
N MET I 1615 -80.83 -7.70 -64.12
CA MET I 1615 -81.36 -7.36 -65.44
C MET I 1615 -80.29 -6.68 -66.28
N VAL I 1616 -80.44 -6.81 -67.59
CA VAL I 1616 -79.51 -6.25 -68.57
C VAL I 1616 -80.32 -5.43 -69.57
N LEU I 1617 -79.87 -4.19 -69.85
CA LEU I 1617 -80.55 -3.31 -70.77
C LEU I 1617 -79.88 -3.31 -72.14
N PRO I 1618 -80.61 -2.98 -73.21
CA PRO I 1618 -79.98 -2.94 -74.53
C PRO I 1618 -78.89 -1.87 -74.62
N ASN I 1619 -77.92 -2.12 -75.50
CA ASN I 1619 -76.80 -1.22 -75.72
C ASN I 1619 -75.97 -1.04 -74.45
N THR I 1620 -75.60 -2.18 -73.86
CA THR I 1620 -74.76 -2.20 -72.67
C THR I 1620 -73.57 -3.12 -72.93
N ALA I 1621 -72.41 -2.71 -72.41
CA ALA I 1621 -71.18 -3.47 -72.52
C ALA I 1621 -71.09 -4.43 -71.36
N LEU I 1622 -70.95 -5.71 -71.66
CA LEU I 1622 -70.86 -6.77 -70.66
C LEU I 1622 -69.45 -7.33 -70.65
N LYS I 1623 -68.81 -7.32 -69.49
CA LYS I 1623 -67.46 -7.84 -69.32
C LYS I 1623 -67.55 -9.19 -68.63
N THR I 1624 -67.15 -10.24 -69.34
CA THR I 1624 -67.23 -11.62 -68.86
C THR I 1624 -65.84 -12.17 -68.62
N SER I 1625 -65.56 -12.55 -67.38
CA SER I 1625 -64.29 -13.18 -67.02
C SER I 1625 -64.48 -14.69 -66.95
N ILE I 1626 -63.74 -15.40 -67.79
CA ILE I 1626 -63.81 -16.85 -67.89
C ILE I 1626 -62.67 -17.43 -67.05
N GLN I 1627 -62.98 -18.40 -66.19
CA GLN I 1627 -61.98 -19.05 -65.36
C GLN I 1627 -62.21 -20.54 -65.41
N HIS I 1628 -61.13 -21.31 -65.54
CA HIS I 1628 -61.20 -22.76 -65.41
C HIS I 1628 -60.92 -23.09 -63.95
N VAL I 1629 -61.92 -23.60 -63.25
CA VAL I 1629 -61.88 -23.71 -61.80
C VAL I 1629 -61.82 -25.17 -61.35
N GLY I 1630 -62.26 -26.10 -62.17
CA GLY I 1630 -62.29 -27.49 -61.75
C GLY I 1630 -62.50 -28.47 -62.88
N MET I 1631 -62.68 -29.74 -62.51
CA MET I 1631 -62.93 -30.81 -63.46
C MET I 1631 -64.10 -31.64 -62.97
N ILE I 1632 -64.86 -32.22 -63.90
CA ILE I 1632 -65.96 -33.12 -63.56
C ILE I 1632 -65.98 -34.23 -64.61
N ASN I 1633 -65.57 -35.43 -64.20
CA ASN I 1633 -65.61 -36.61 -65.07
C ASN I 1633 -64.84 -36.36 -66.36
N GLY I 1634 -63.70 -35.69 -66.25
CA GLY I 1634 -62.88 -35.40 -67.39
C GLY I 1634 -63.32 -34.20 -68.21
N ARG I 1635 -64.32 -33.47 -67.76
CA ARG I 1635 -64.74 -32.22 -68.38
C ARG I 1635 -64.26 -31.06 -67.52
N LYS I 1636 -63.63 -30.09 -68.16
CA LYS I 1636 -63.22 -28.87 -67.48
C LYS I 1636 -64.46 -28.12 -67.01
N LEU I 1637 -64.45 -27.73 -65.74
CA LEU I 1637 -65.50 -26.86 -65.18
C LEU I 1637 -65.00 -25.43 -65.29
N ILE I 1638 -65.76 -24.61 -66.02
CA ILE I 1638 -65.39 -23.23 -66.32
C ILE I 1638 -66.45 -22.33 -65.72
N LYS I 1639 -66.06 -21.51 -64.75
CA LYS I 1639 -66.92 -20.49 -64.19
C LYS I 1639 -66.82 -19.23 -65.04
N PHE I 1640 -67.90 -18.46 -65.07
CA PHE I 1640 -67.89 -17.14 -65.68
C PHE I 1640 -68.65 -16.17 -64.80
N GLU I 1641 -68.29 -14.89 -64.91
CA GLU I 1641 -68.92 -13.82 -64.13
C GLU I 1641 -69.04 -12.61 -65.05
N THR I 1642 -70.19 -12.45 -65.67
CA THR I 1642 -70.47 -11.31 -66.53
C THR I 1642 -71.01 -10.14 -65.72
N ARG I 1643 -70.31 -9.01 -65.80
CA ARG I 1643 -70.67 -7.78 -65.12
C ARG I 1643 -71.05 -6.74 -66.17
N ASN I 1644 -71.81 -5.74 -65.75
CA ASN I 1644 -72.23 -4.66 -66.64
C ASN I 1644 -71.22 -3.51 -66.56
N GLU I 1645 -71.57 -2.36 -67.15
CA GLU I 1645 -70.67 -1.21 -67.10
C GLU I 1645 -70.50 -0.68 -65.68
N ASP I 1646 -71.52 -0.85 -64.84
CA ASP I 1646 -71.47 -0.38 -63.46
C ASP I 1646 -70.73 -1.33 -62.54
N ASP I 1647 -70.02 -2.32 -63.09
CA ASP I 1647 -69.27 -3.28 -62.29
C ASP I 1647 -70.21 -4.12 -61.42
N VAL I 1648 -71.45 -4.28 -61.89
CA VAL I 1648 -72.48 -5.04 -61.19
C VAL I 1648 -72.62 -6.37 -61.91
N VAL I 1649 -72.54 -7.47 -61.15
CA VAL I 1649 -72.65 -8.79 -61.75
C VAL I 1649 -74.07 -8.96 -62.28
N VAL I 1650 -74.18 -9.40 -63.54
CA VAL I 1650 -75.46 -9.63 -64.18
C VAL I 1650 -75.61 -11.05 -64.69
N LEU I 1651 -74.54 -11.84 -64.74
CA LEU I 1651 -74.65 -13.25 -65.15
C LEU I 1651 -73.56 -14.02 -64.44
N THR I 1652 -73.90 -15.22 -63.94
CA THR I 1652 -72.88 -16.09 -63.38
C THR I 1652 -73.25 -17.52 -63.69
N GLY I 1653 -72.26 -18.33 -64.07
CA GLY I 1653 -72.59 -19.69 -64.44
C GLY I 1653 -71.38 -20.59 -64.56
N GLU I 1654 -71.67 -21.82 -64.98
CA GLU I 1654 -70.69 -22.88 -65.13
C GLU I 1654 -70.80 -23.43 -66.54
N ALA I 1655 -69.71 -24.01 -67.03
CA ALA I 1655 -69.68 -24.64 -68.33
C ALA I 1655 -68.81 -25.88 -68.23
N GLU I 1656 -69.36 -27.02 -68.61
CA GLU I 1656 -68.65 -28.29 -68.63
C GLU I 1656 -68.18 -28.49 -70.05
N ILE I 1657 -66.88 -28.25 -70.27
CA ILE I 1657 -66.25 -28.30 -71.58
C ILE I 1657 -65.41 -29.57 -71.62
N GLU I 1658 -65.68 -30.44 -72.58
CA GLU I 1658 -64.88 -31.64 -72.71
C GLU I 1658 -63.43 -31.28 -72.99
N GLN I 1659 -62.53 -32.13 -72.52
CA GLN I 1659 -61.12 -31.93 -72.81
C GLN I 1659 -60.84 -32.27 -74.27
N PRO I 1660 -59.69 -31.88 -74.78
CA PRO I 1660 -59.27 -32.39 -76.09
C PRO I 1660 -59.23 -33.91 -76.09
N VAL I 1661 -59.31 -34.50 -77.28
CA VAL I 1661 -59.26 -35.96 -77.41
C VAL I 1661 -58.01 -36.47 -76.72
N THR I 1662 -58.21 -37.32 -75.71
CA THR I 1662 -57.13 -37.80 -74.86
C THR I 1662 -56.91 -39.29 -75.11
N THR I 1663 -55.64 -39.68 -75.17
CA THR I 1663 -55.24 -41.07 -75.17
C THR I 1663 -54.29 -41.27 -74.01
N PHE I 1664 -54.42 -42.42 -73.36
CA PHE I 1664 -53.56 -42.80 -72.24
C PHE I 1664 -52.72 -44.00 -72.67
N VAL I 1665 -51.42 -43.79 -72.78
CA VAL I 1665 -50.47 -44.83 -73.15
C VAL I 1665 -49.71 -45.23 -71.90
N PHE I 1666 -49.74 -46.52 -71.57
CA PHE I 1666 -49.18 -47.03 -70.33
C PHE I 1666 -47.86 -47.74 -70.61
N THR I 1667 -46.80 -47.28 -69.95
CA THR I 1667 -45.45 -47.74 -70.26
C THR I 1667 -45.23 -49.17 -69.81
N GLY I 1668 -44.48 -49.92 -70.63
CA GLY I 1668 -44.09 -51.27 -70.29
C GLY I 1668 -42.83 -51.30 -69.45
N GLN I 1669 -42.34 -52.53 -69.22
CA GLN I 1669 -41.18 -52.72 -68.37
C GLN I 1669 -39.94 -52.07 -68.97
N GLY I 1670 -39.03 -51.65 -68.08
CA GLY I 1670 -37.75 -51.13 -68.49
C GLY I 1670 -37.30 -49.95 -67.66
N SER I 1671 -38.24 -49.12 -67.22
CA SER I 1671 -37.94 -47.85 -66.56
C SER I 1671 -38.08 -47.92 -65.04
N GLN I 1672 -38.25 -49.13 -64.48
CA GLN I 1672 -38.42 -49.26 -63.04
C GLN I 1672 -37.19 -48.76 -62.30
N GLU I 1673 -37.42 -48.02 -61.21
CA GLU I 1673 -36.34 -47.43 -60.44
C GLU I 1673 -36.81 -47.28 -59.00
N GLN I 1674 -35.85 -47.23 -58.08
CA GLN I 1674 -36.19 -47.09 -56.67
C GLN I 1674 -36.97 -45.80 -56.41
N GLY I 1675 -37.96 -45.89 -55.52
CA GLY I 1675 -38.80 -44.75 -55.21
C GLY I 1675 -39.87 -44.44 -56.22
N MET I 1676 -40.21 -45.40 -57.08
CA MET I 1676 -41.14 -45.15 -58.18
C MET I 1676 -42.56 -44.97 -57.66
N GLY I 1677 -43.15 -43.82 -57.94
CA GLY I 1677 -44.51 -43.53 -57.52
C GLY I 1677 -44.66 -43.17 -56.05
N MET I 1678 -43.55 -43.01 -55.34
CA MET I 1678 -43.62 -42.81 -53.90
C MET I 1678 -44.04 -41.40 -53.52
N ASP I 1679 -43.71 -40.40 -54.32
CA ASP I 1679 -44.22 -39.05 -54.03
C ASP I 1679 -45.73 -39.02 -54.14
N LEU I 1680 -46.28 -39.67 -55.17
CA LEU I 1680 -47.72 -39.79 -55.28
C LEU I 1680 -48.28 -40.62 -54.13
N TYR I 1681 -47.51 -41.61 -53.66
CA TYR I 1681 -47.95 -42.36 -52.49
C TYR I 1681 -48.06 -41.45 -51.26
N LYS I 1682 -47.09 -40.56 -51.07
CA LYS I 1682 -47.18 -39.62 -49.95
C LYS I 1682 -48.37 -38.68 -50.10
N THR I 1683 -48.61 -38.15 -51.30
CA THR I 1683 -49.58 -37.07 -51.46
C THR I 1683 -51.00 -37.59 -51.71
N SER I 1684 -51.20 -38.34 -52.78
CA SER I 1684 -52.54 -38.70 -53.22
C SER I 1684 -53.14 -39.79 -52.33
N LYS I 1685 -54.41 -39.62 -51.98
CA LYS I 1685 -55.10 -40.63 -51.17
C LYS I 1685 -55.49 -41.84 -52.01
N ALA I 1686 -55.87 -41.63 -53.26
CA ALA I 1686 -56.19 -42.75 -54.14
C ALA I 1686 -54.96 -43.60 -54.42
N ALA I 1687 -53.80 -42.96 -54.64
CA ALA I 1687 -52.56 -43.70 -54.81
C ALA I 1687 -52.22 -44.48 -53.56
N GLN I 1688 -52.43 -43.89 -52.39
CA GLN I 1688 -52.25 -44.61 -51.14
C GLN I 1688 -53.13 -45.85 -51.11
N ASP I 1689 -54.40 -45.71 -51.48
CA ASP I 1689 -55.30 -46.84 -51.41
C ASP I 1689 -54.86 -47.95 -52.35
N VAL I 1690 -54.44 -47.60 -53.57
CA VAL I 1690 -53.98 -48.61 -54.53
C VAL I 1690 -52.77 -49.35 -53.98
N TRP I 1691 -51.76 -48.58 -53.56
CA TRP I 1691 -50.53 -49.19 -53.07
C TRP I 1691 -50.77 -50.01 -51.81
N ASN I 1692 -51.65 -49.55 -50.93
CA ASN I 1692 -51.91 -50.27 -49.70
C ASN I 1692 -52.65 -51.57 -49.96
N ARG I 1693 -53.62 -51.56 -50.87
CA ARG I 1693 -54.30 -52.79 -51.22
C ARG I 1693 -53.32 -53.79 -51.81
N ALA I 1694 -52.44 -53.32 -52.69
CA ALA I 1694 -51.44 -54.20 -53.29
C ALA I 1694 -50.49 -54.76 -52.23
N ASP I 1695 -50.01 -53.90 -51.33
CA ASP I 1695 -49.08 -54.32 -50.31
C ASP I 1695 -49.73 -55.31 -49.36
N ASN I 1696 -50.97 -55.05 -48.96
CA ASN I 1696 -51.66 -55.96 -48.06
C ASN I 1696 -51.86 -57.32 -48.71
N HIS I 1697 -52.25 -57.34 -49.99
CA HIS I 1697 -52.43 -58.62 -50.68
C HIS I 1697 -51.10 -59.37 -50.76
N PHE I 1698 -50.02 -58.67 -51.11
CA PHE I 1698 -48.73 -59.35 -51.23
C PHE I 1698 -48.24 -59.85 -49.88
N LYS I 1699 -48.45 -59.08 -48.82
CA LYS I 1699 -48.06 -59.53 -47.49
C LYS I 1699 -48.82 -60.80 -47.11
N ASP I 1700 -50.14 -60.78 -47.30
CA ASP I 1700 -50.97 -61.91 -46.89
C ASP I 1700 -50.65 -63.15 -47.71
N THR I 1701 -50.40 -62.98 -49.01
CA THR I 1701 -50.22 -64.14 -49.88
C THR I 1701 -48.77 -64.64 -49.85
N TYR I 1702 -47.83 -63.78 -50.24
CA TYR I 1702 -46.43 -64.16 -50.40
C TYR I 1702 -45.51 -63.60 -49.33
N GLY I 1703 -46.04 -62.87 -48.35
CA GLY I 1703 -45.23 -62.42 -47.23
C GLY I 1703 -44.13 -61.45 -47.59
N PHE I 1704 -44.39 -60.54 -48.53
CA PHE I 1704 -43.45 -59.47 -48.86
C PHE I 1704 -44.22 -58.21 -49.18
N SER I 1705 -43.54 -57.08 -49.04
CA SER I 1705 -44.13 -55.76 -49.23
C SER I 1705 -43.62 -55.16 -50.53
N ILE I 1706 -44.53 -54.99 -51.49
CA ILE I 1706 -44.14 -54.36 -52.75
C ILE I 1706 -43.77 -52.90 -52.51
N LEU I 1707 -44.43 -52.25 -51.56
CA LEU I 1707 -44.03 -50.90 -51.18
C LEU I 1707 -42.60 -50.89 -50.66
N ASP I 1708 -42.24 -51.85 -49.80
CA ASP I 1708 -40.89 -51.90 -49.27
C ASP I 1708 -39.88 -52.15 -50.38
N ILE I 1709 -40.22 -53.05 -51.31
CA ILE I 1709 -39.30 -53.33 -52.42
C ILE I 1709 -39.10 -52.10 -53.28
N VAL I 1710 -40.18 -51.37 -53.57
CA VAL I 1710 -40.05 -50.15 -54.36
C VAL I 1710 -39.23 -49.11 -53.61
N ILE I 1711 -39.47 -48.95 -52.31
CA ILE I 1711 -38.79 -47.91 -51.55
C ILE I 1711 -37.30 -48.20 -51.36
N ASN I 1712 -36.94 -49.44 -51.05
CA ASN I 1712 -35.57 -49.77 -50.64
C ASN I 1712 -34.76 -50.52 -51.68
N ASN I 1713 -35.39 -51.16 -52.65
CA ASN I 1713 -34.70 -51.94 -53.68
C ASN I 1713 -33.73 -52.95 -53.07
N PRO I 1714 -34.22 -53.84 -52.20
CA PRO I 1714 -33.31 -54.80 -51.56
C PRO I 1714 -32.65 -55.72 -52.57
N VAL I 1715 -31.38 -56.02 -52.34
CA VAL I 1715 -30.68 -56.98 -53.19
C VAL I 1715 -31.22 -58.38 -52.95
N ASN I 1716 -31.46 -58.73 -51.68
CA ASN I 1716 -31.97 -60.03 -51.30
C ASN I 1716 -33.21 -59.83 -50.43
N LEU I 1717 -34.15 -60.76 -50.55
CA LEU I 1717 -35.39 -60.72 -49.79
C LEU I 1717 -35.72 -62.12 -49.30
N THR I 1718 -35.66 -62.32 -47.99
CA THR I 1718 -35.93 -63.62 -47.40
C THR I 1718 -37.35 -63.65 -46.85
N ILE I 1719 -38.17 -64.52 -47.42
CA ILE I 1719 -39.50 -64.85 -46.91
C ILE I 1719 -39.33 -66.01 -45.94
N HIS I 1720 -39.91 -65.87 -44.76
CA HIS I 1720 -39.82 -66.88 -43.71
C HIS I 1720 -41.16 -67.56 -43.52
N PHE I 1721 -41.13 -68.87 -43.41
CA PHE I 1721 -42.32 -69.71 -43.36
C PHE I 1721 -42.58 -70.23 -41.94
N GLY I 1722 -42.30 -69.41 -40.95
CA GLY I 1722 -42.53 -69.79 -39.57
C GLY I 1722 -43.91 -69.41 -39.09
N GLY I 1723 -44.51 -70.29 -38.30
CA GLY I 1723 -45.85 -70.07 -37.81
C GLY I 1723 -46.89 -70.41 -38.85
N GLU I 1724 -48.16 -70.27 -38.44
CA GLU I 1724 -49.26 -70.62 -39.32
C GLU I 1724 -49.31 -69.70 -40.54
N LYS I 1725 -49.07 -68.41 -40.35
CA LYS I 1725 -49.04 -67.49 -41.48
C LYS I 1725 -47.91 -67.84 -42.43
N GLY I 1726 -46.74 -68.19 -41.88
CA GLY I 1726 -45.63 -68.61 -42.74
C GLY I 1726 -45.95 -69.88 -43.50
N LYS I 1727 -46.70 -70.79 -42.88
CA LYS I 1727 -47.11 -72.01 -43.57
C LYS I 1727 -48.08 -71.70 -44.70
N ARG I 1728 -49.02 -70.77 -44.47
CA ARG I 1728 -49.93 -70.38 -45.54
C ARG I 1728 -49.16 -69.74 -46.70
N ILE I 1729 -48.18 -68.89 -46.37
CA ILE I 1729 -47.38 -68.26 -47.41
C ILE I 1729 -46.56 -69.31 -48.15
N ARG I 1730 -46.04 -70.31 -47.44
CA ARG I 1730 -45.29 -71.38 -48.10
C ARG I 1730 -46.17 -72.17 -49.05
N GLU I 1731 -47.41 -72.45 -48.64
CA GLU I 1731 -48.33 -73.15 -49.53
C GLU I 1731 -48.63 -72.30 -50.77
N ASN I 1732 -48.78 -70.99 -50.60
CA ASN I 1732 -48.96 -70.12 -51.75
C ASN I 1732 -47.76 -70.17 -52.68
N TYR I 1733 -46.55 -70.20 -52.11
CA TYR I 1733 -45.34 -70.27 -52.93
C TYR I 1733 -45.25 -71.60 -53.66
N SER I 1734 -45.63 -72.69 -53.00
CA SER I 1734 -45.55 -74.01 -53.61
C SER I 1734 -46.60 -74.21 -54.68
N ALA I 1735 -47.76 -73.55 -54.54
CA ALA I 1735 -48.80 -73.67 -55.54
C ALA I 1735 -48.43 -72.99 -56.84
N MET I 1736 -47.46 -72.08 -56.84
CA MET I 1736 -47.03 -71.42 -58.06
C MET I 1736 -46.43 -72.44 -59.02
N ILE I 1737 -47.02 -72.55 -60.21
CA ILE I 1737 -46.59 -73.49 -61.23
C ILE I 1737 -46.50 -72.78 -62.56
N PHE I 1738 -45.62 -73.29 -63.42
CA PHE I 1738 -45.46 -72.84 -64.79
C PHE I 1738 -45.96 -73.97 -65.68
N GLU I 1739 -47.13 -73.79 -66.26
CA GLU I 1739 -47.77 -74.79 -67.12
C GLU I 1739 -47.54 -74.40 -68.57
N THR I 1740 -47.29 -75.41 -69.41
CA THR I 1740 -46.96 -75.18 -70.81
C THR I 1740 -47.40 -76.38 -71.62
N ILE I 1741 -48.23 -76.15 -72.64
CA ILE I 1741 -48.68 -77.21 -73.54
C ILE I 1741 -47.68 -77.23 -74.69
N VAL I 1742 -46.70 -78.12 -74.59
CA VAL I 1742 -45.66 -78.30 -75.60
C VAL I 1742 -45.88 -79.62 -76.30
N ASP I 1743 -45.95 -79.59 -77.63
CA ASP I 1743 -46.17 -80.79 -78.45
C ASP I 1743 -47.43 -81.53 -78.02
N GLY I 1744 -48.46 -80.79 -77.60
CA GLY I 1744 -49.69 -81.39 -77.17
C GLY I 1744 -49.69 -81.97 -75.77
N LYS I 1745 -48.59 -81.84 -75.04
CA LYS I 1745 -48.45 -82.37 -73.69
C LYS I 1745 -48.38 -81.21 -72.70
N LEU I 1746 -49.18 -81.28 -71.64
CA LEU I 1746 -49.24 -80.22 -70.64
C LEU I 1746 -48.17 -80.47 -69.58
N LYS I 1747 -46.98 -79.96 -69.85
CA LYS I 1747 -45.94 -79.97 -68.83
C LYS I 1747 -46.28 -78.98 -67.72
N THR I 1748 -45.96 -79.36 -66.49
CA THR I 1748 -46.22 -78.53 -65.31
C THR I 1748 -44.92 -78.43 -64.53
N GLU I 1749 -44.06 -77.49 -64.89
CA GLU I 1749 -42.88 -77.21 -64.10
C GLU I 1749 -43.29 -76.43 -62.86
N LYS I 1750 -42.48 -76.53 -61.81
CA LYS I 1750 -42.75 -75.84 -60.55
C LYS I 1750 -41.80 -74.67 -60.39
N ILE I 1751 -42.36 -73.48 -60.16
CA ILE I 1751 -41.57 -72.34 -59.74
C ILE I 1751 -41.26 -72.50 -58.25
N PHE I 1752 -40.05 -72.14 -57.85
CA PHE I 1752 -39.57 -72.41 -56.50
C PHE I 1752 -39.56 -73.91 -56.23
N LYS I 1753 -38.75 -74.64 -57.00
CA LYS I 1753 -38.59 -76.06 -56.73
C LYS I 1753 -37.92 -76.32 -55.38
N GLU I 1754 -37.19 -75.34 -54.85
CA GLU I 1754 -36.58 -75.49 -53.54
C GLU I 1754 -37.64 -75.67 -52.46
N ILE I 1755 -38.73 -74.90 -52.55
CA ILE I 1755 -39.70 -74.87 -51.47
C ILE I 1755 -40.42 -76.20 -51.37
N ASN I 1756 -40.47 -76.74 -50.16
CA ASN I 1756 -41.16 -77.98 -49.86
C ASN I 1756 -41.88 -77.79 -48.52
N GLU I 1757 -42.36 -78.89 -47.94
CA GLU I 1757 -43.05 -78.83 -46.66
C GLU I 1757 -42.09 -78.58 -45.49
N HIS I 1758 -40.79 -78.76 -45.70
CA HIS I 1758 -39.79 -78.54 -44.65
C HIS I 1758 -39.00 -77.26 -44.86
N SER I 1759 -39.26 -76.51 -45.93
CA SER I 1759 -38.54 -75.26 -46.16
C SER I 1759 -38.97 -74.23 -45.13
N THR I 1760 -38.02 -73.74 -44.34
CA THR I 1760 -38.29 -72.70 -43.37
C THR I 1760 -38.18 -71.30 -43.96
N SER I 1761 -37.56 -71.16 -45.13
CA SER I 1761 -37.45 -69.85 -45.75
C SER I 1761 -37.13 -70.01 -47.23
N TYR I 1762 -37.38 -68.94 -47.98
CA TYR I 1762 -36.96 -68.79 -49.35
C TYR I 1762 -36.30 -67.42 -49.49
N THR I 1763 -35.39 -67.29 -50.44
CA THR I 1763 -34.66 -66.04 -50.64
C THR I 1763 -34.68 -65.66 -52.12
N PHE I 1764 -35.28 -64.52 -52.41
CA PHE I 1764 -35.16 -63.87 -53.70
C PHE I 1764 -33.79 -63.20 -53.77
N ARG I 1765 -33.03 -63.51 -54.81
CA ARG I 1765 -31.70 -62.95 -55.02
C ARG I 1765 -31.76 -61.94 -56.16
N SER I 1766 -30.88 -60.95 -56.11
CA SER I 1766 -30.65 -60.08 -57.25
C SER I 1766 -29.19 -59.68 -57.28
N GLU I 1767 -28.71 -59.30 -58.46
CA GLU I 1767 -27.34 -58.81 -58.58
C GLU I 1767 -27.19 -57.45 -57.91
N LYS I 1768 -28.09 -56.52 -58.18
CA LYS I 1768 -28.00 -55.16 -57.68
C LYS I 1768 -29.25 -54.74 -56.92
N GLY I 1769 -30.40 -55.24 -57.35
CA GLY I 1769 -31.65 -54.89 -56.68
C GLY I 1769 -32.81 -55.72 -57.18
N LEU I 1770 -33.74 -56.06 -56.29
CA LEU I 1770 -34.88 -56.89 -56.64
C LEU I 1770 -35.97 -56.12 -57.37
N LEU I 1771 -35.97 -54.79 -57.30
CA LEU I 1771 -36.93 -54.01 -58.05
C LEU I 1771 -36.73 -54.14 -59.56
N SER I 1772 -35.55 -54.59 -60.01
CA SER I 1772 -35.27 -54.82 -61.42
C SER I 1772 -35.63 -56.22 -61.86
N ALA I 1773 -36.12 -57.08 -60.96
CA ALA I 1773 -36.53 -58.43 -61.29
C ALA I 1773 -37.95 -58.40 -61.80
N THR I 1774 -38.22 -59.14 -62.88
CA THR I 1774 -39.53 -59.08 -63.53
C THR I 1774 -40.63 -59.48 -62.56
N GLN I 1775 -40.31 -60.39 -61.64
CA GLN I 1775 -41.25 -60.78 -60.59
C GLN I 1775 -41.75 -59.56 -59.82
N PHE I 1776 -40.85 -58.64 -59.45
CA PHE I 1776 -41.21 -57.45 -58.70
C PHE I 1776 -41.28 -56.19 -59.54
N THR I 1777 -40.53 -56.13 -60.64
CA THR I 1777 -40.54 -54.94 -61.50
C THR I 1777 -41.93 -54.74 -62.10
N GLN I 1778 -42.52 -55.80 -62.64
CA GLN I 1778 -43.83 -55.66 -63.26
C GLN I 1778 -44.91 -55.25 -62.27
N PRO I 1779 -45.07 -55.89 -61.11
CA PRO I 1779 -46.11 -55.40 -60.18
C PRO I 1779 -45.88 -53.97 -59.72
N ALA I 1780 -44.63 -53.57 -59.49
CA ALA I 1780 -44.36 -52.20 -59.06
C ALA I 1780 -44.74 -51.20 -60.14
N LEU I 1781 -44.34 -51.49 -61.38
CA LEU I 1781 -44.67 -50.59 -62.49
C LEU I 1781 -46.17 -50.52 -62.70
N THR I 1782 -46.83 -51.67 -62.78
CA THR I 1782 -48.27 -51.70 -62.96
C THR I 1782 -48.99 -50.97 -61.84
N LEU I 1783 -48.48 -51.12 -60.61
CA LEU I 1783 -49.14 -50.50 -59.47
C LEU I 1783 -48.97 -48.99 -59.49
N MET I 1784 -47.78 -48.50 -59.81
CA MET I 1784 -47.61 -47.06 -59.80
C MET I 1784 -48.35 -46.43 -60.98
N GLU I 1785 -48.47 -47.15 -62.09
CA GLU I 1785 -49.31 -46.67 -63.18
C GLU I 1785 -50.77 -46.59 -62.75
N LYS I 1786 -51.28 -47.66 -62.14
CA LYS I 1786 -52.65 -47.69 -61.67
C LYS I 1786 -52.87 -46.60 -60.62
N ALA I 1787 -51.87 -46.33 -59.79
CA ALA I 1787 -52.00 -45.31 -58.75
C ALA I 1787 -52.01 -43.91 -59.36
N ALA I 1788 -51.15 -43.67 -60.35
CA ALA I 1788 -51.18 -42.40 -61.06
C ALA I 1788 -52.54 -42.19 -61.70
N PHE I 1789 -53.08 -43.23 -62.34
CA PHE I 1789 -54.37 -43.06 -62.99
C PHE I 1789 -55.50 -42.90 -61.98
N GLU I 1790 -55.39 -43.55 -60.82
CA GLU I 1790 -56.42 -43.38 -59.80
C GLU I 1790 -56.38 -41.98 -59.20
N ASP I 1791 -55.18 -41.41 -59.05
CA ASP I 1791 -55.09 -40.02 -58.64
C ASP I 1791 -55.72 -39.11 -59.69
N LEU I 1792 -55.46 -39.39 -60.97
CA LEU I 1792 -56.07 -38.59 -62.02
C LEU I 1792 -57.60 -38.71 -61.98
N LYS I 1793 -58.11 -39.91 -61.74
CA LYS I 1793 -59.55 -40.09 -61.66
C LYS I 1793 -60.14 -39.34 -60.47
N SER I 1794 -59.46 -39.39 -59.32
CA SER I 1794 -59.94 -38.66 -58.15
C SER I 1794 -59.93 -37.16 -58.42
N LYS I 1795 -58.98 -36.68 -59.21
CA LYS I 1795 -58.96 -35.28 -59.62
C LYS I 1795 -59.92 -34.98 -60.76
N GLY I 1796 -60.50 -35.99 -61.39
CA GLY I 1796 -61.50 -35.78 -62.43
C GLY I 1796 -60.92 -35.49 -63.80
N LEU I 1797 -59.72 -35.97 -64.07
CA LEU I 1797 -58.96 -35.60 -65.27
C LEU I 1797 -59.04 -36.65 -66.37
N ILE I 1798 -59.93 -37.63 -66.24
CA ILE I 1798 -60.04 -38.72 -67.22
C ILE I 1798 -61.29 -38.51 -68.06
N PRO I 1799 -61.18 -38.14 -69.34
CA PRO I 1799 -62.39 -38.05 -70.18
C PRO I 1799 -63.07 -39.40 -70.32
N ALA I 1800 -64.40 -39.36 -70.39
CA ALA I 1800 -65.17 -40.59 -70.54
C ALA I 1800 -64.84 -41.28 -71.86
N ASP I 1801 -64.66 -40.52 -72.93
CA ASP I 1801 -64.39 -41.05 -74.26
C ASP I 1801 -62.90 -41.23 -74.53
N ALA I 1802 -62.04 -41.01 -73.54
CA ALA I 1802 -60.59 -41.11 -73.77
C ALA I 1802 -60.22 -42.53 -74.18
N THR I 1803 -59.28 -42.63 -75.11
CA THR I 1803 -58.79 -43.93 -75.57
C THR I 1803 -57.58 -44.34 -74.74
N PHE I 1804 -57.15 -45.58 -74.89
CA PHE I 1804 -56.01 -46.03 -74.10
C PHE I 1804 -55.37 -47.24 -74.74
N ALA I 1805 -54.06 -47.34 -74.53
CA ALA I 1805 -53.25 -48.45 -74.98
C ALA I 1805 -52.13 -48.67 -73.98
N GLY I 1806 -51.45 -49.80 -74.09
CA GLY I 1806 -50.38 -50.11 -73.18
C GLY I 1806 -49.29 -50.94 -73.80
N HIS I 1807 -48.04 -50.57 -73.59
CA HIS I 1807 -46.95 -51.40 -74.07
C HIS I 1807 -46.69 -52.50 -73.05
N SER I 1808 -46.71 -53.75 -73.49
CA SER I 1808 -46.46 -54.88 -72.58
C SER I 1808 -47.39 -54.88 -71.37
N LEU I 1809 -46.85 -55.17 -70.19
CA LEU I 1809 -47.66 -55.14 -68.96
C LEU I 1809 -48.47 -53.87 -68.97
N GLY I 1810 -47.93 -52.84 -69.61
CA GLY I 1810 -48.64 -51.59 -69.74
C GLY I 1810 -50.09 -51.80 -70.17
N GLU I 1811 -50.32 -52.80 -71.01
CA GLU I 1811 -51.69 -53.13 -71.40
C GLU I 1811 -52.51 -53.58 -70.20
N TYR I 1812 -51.92 -54.41 -69.34
CA TYR I 1812 -52.63 -54.86 -68.15
C TYR I 1812 -52.95 -53.69 -67.24
N ALA I 1813 -51.99 -52.79 -67.05
CA ALA I 1813 -52.23 -51.61 -66.23
C ALA I 1813 -53.33 -50.74 -66.84
N ALA I 1814 -53.31 -50.56 -68.16
CA ALA I 1814 -54.31 -49.74 -68.82
C ALA I 1814 -55.69 -50.35 -68.67
N LEU I 1815 -55.80 -51.67 -68.80
CA LEU I 1815 -57.09 -52.33 -68.59
C LEU I 1815 -57.57 -52.14 -67.16
N ALA I 1816 -56.68 -52.36 -66.19
CA ALA I 1816 -57.09 -52.18 -64.80
C ALA I 1816 -57.41 -50.74 -64.47
N SER I 1817 -56.88 -49.78 -65.23
CA SER I 1817 -57.06 -48.36 -64.94
C SER I 1817 -58.33 -47.80 -65.59
N LEU I 1818 -58.48 -47.99 -66.90
CA LEU I 1818 -59.60 -47.39 -67.62
C LEU I 1818 -60.85 -48.24 -67.54
N ALA I 1819 -60.72 -49.56 -67.68
CA ALA I 1819 -61.86 -50.45 -67.70
C ALA I 1819 -62.13 -51.11 -66.35
N ASP I 1820 -61.10 -51.22 -65.49
CA ASP I 1820 -61.22 -51.95 -64.22
C ASP I 1820 -61.75 -53.36 -64.43
N VAL I 1821 -61.20 -54.05 -65.43
CA VAL I 1821 -61.61 -55.43 -65.70
C VAL I 1821 -61.24 -56.32 -64.52
N MET I 1822 -60.14 -55.99 -63.84
CA MET I 1822 -59.69 -56.72 -62.67
C MET I 1822 -59.35 -55.75 -61.56
N SER I 1823 -59.52 -56.20 -60.32
CA SER I 1823 -59.23 -55.37 -59.17
C SER I 1823 -57.72 -55.23 -58.98
N ILE I 1824 -57.32 -54.45 -57.98
CA ILE I 1824 -55.91 -54.30 -57.67
C ILE I 1824 -55.30 -55.64 -57.31
N GLU I 1825 -56.02 -56.43 -56.51
CA GLU I 1825 -55.50 -57.71 -56.04
C GLU I 1825 -55.27 -58.65 -57.21
N SER I 1826 -56.27 -58.82 -58.08
CA SER I 1826 -56.13 -59.67 -59.23
C SER I 1826 -55.06 -59.16 -60.19
N LEU I 1827 -54.97 -57.85 -60.36
CA LEU I 1827 -53.94 -57.27 -61.23
C LEU I 1827 -52.55 -57.66 -60.73
N VAL I 1828 -52.28 -57.44 -59.45
CA VAL I 1828 -50.95 -57.73 -58.93
C VAL I 1828 -50.70 -59.22 -58.93
N GLU I 1829 -51.73 -60.02 -58.66
CA GLU I 1829 -51.57 -61.47 -58.72
C GLU I 1829 -51.15 -61.92 -60.11
N VAL I 1830 -51.87 -61.46 -61.13
CA VAL I 1830 -51.58 -61.86 -62.51
C VAL I 1830 -50.17 -61.41 -62.89
N VAL I 1831 -49.83 -60.18 -62.56
CA VAL I 1831 -48.56 -59.62 -63.00
C VAL I 1831 -47.40 -60.29 -62.27
N PHE I 1832 -47.55 -60.55 -60.98
CA PHE I 1832 -46.54 -61.28 -60.22
C PHE I 1832 -46.39 -62.71 -60.71
N TYR I 1833 -47.50 -63.38 -61.04
CA TYR I 1833 -47.41 -64.71 -61.61
C TYR I 1833 -46.65 -64.71 -62.92
N ALA I 1834 -46.95 -63.74 -63.80
CA ALA I 1834 -46.23 -63.67 -65.07
C ALA I 1834 -44.74 -63.43 -64.84
N GLY I 1835 -44.41 -62.50 -63.94
CA GLY I 1835 -43.01 -62.21 -63.67
C GLY I 1835 -42.26 -63.40 -63.11
N MET I 1836 -42.93 -64.19 -62.27
CA MET I 1836 -42.28 -65.37 -61.71
C MET I 1836 -42.17 -66.50 -62.74
N THR I 1837 -43.17 -66.64 -63.61
CA THR I 1837 -43.08 -67.63 -64.67
C THR I 1837 -41.96 -67.31 -65.63
N MET I 1838 -41.64 -66.01 -65.78
CA MET I 1838 -40.47 -65.65 -66.59
C MET I 1838 -39.18 -66.27 -66.03
N GLN I 1839 -39.12 -66.49 -64.72
CA GLN I 1839 -37.90 -67.06 -64.14
C GLN I 1839 -37.68 -68.49 -64.59
N VAL I 1840 -38.73 -69.19 -65.01
CA VAL I 1840 -38.64 -70.58 -65.44
C VAL I 1840 -39.03 -70.76 -66.90
N ALA I 1841 -39.35 -69.68 -67.61
CA ALA I 1841 -39.79 -69.81 -69.00
C ALA I 1841 -38.65 -70.21 -69.92
N VAL I 1842 -37.41 -69.91 -69.57
CA VAL I 1842 -36.24 -70.23 -70.39
C VAL I 1842 -35.29 -71.08 -69.57
N PRO I 1843 -34.65 -72.12 -70.13
CA PRO I 1843 -33.66 -72.88 -69.35
C PRO I 1843 -32.48 -72.02 -68.95
N ARG I 1844 -32.34 -71.75 -67.65
CA ARG I 1844 -31.23 -70.98 -67.13
C ARG I 1844 -30.13 -71.92 -66.64
N ASP I 1845 -28.89 -71.45 -66.76
CA ASP I 1845 -27.74 -72.24 -66.33
C ASP I 1845 -27.69 -72.25 -64.79
N GLU I 1846 -26.66 -72.88 -64.23
CA GLU I 1846 -26.52 -72.89 -62.78
C GLU I 1846 -26.25 -71.51 -62.20
N LEU I 1847 -25.86 -70.55 -63.03
CA LEU I 1847 -25.66 -69.17 -62.60
C LEU I 1847 -26.89 -68.30 -62.77
N GLY I 1848 -28.01 -68.87 -63.21
CA GLY I 1848 -29.24 -68.11 -63.36
C GLY I 1848 -29.33 -67.27 -64.61
N ARG I 1849 -28.46 -67.48 -65.59
CA ARG I 1849 -28.46 -66.74 -66.84
C ARG I 1849 -28.90 -67.65 -67.97
N SER I 1850 -29.80 -67.15 -68.82
CA SER I 1850 -30.29 -67.90 -69.96
C SER I 1850 -29.62 -67.45 -71.23
N ASN I 1851 -29.82 -68.22 -72.30
CA ASN I 1851 -29.26 -67.95 -73.61
C ASN I 1851 -30.22 -67.15 -74.49
N TYR I 1852 -31.05 -66.29 -73.89
CA TYR I 1852 -32.06 -65.54 -74.61
C TYR I 1852 -32.04 -64.09 -74.15
N GLY I 1853 -32.49 -63.20 -75.03
CA GLY I 1853 -32.56 -61.79 -74.70
C GLY I 1853 -33.16 -60.98 -75.82
N MET I 1854 -32.88 -59.67 -75.76
CA MET I 1854 -33.47 -58.70 -76.67
C MET I 1854 -32.46 -57.60 -76.97
N ILE I 1855 -32.59 -57.02 -78.17
CA ILE I 1855 -31.78 -55.88 -78.59
C ILE I 1855 -32.70 -54.82 -79.17
N ALA I 1856 -32.31 -53.56 -79.00
CA ALA I 1856 -33.02 -52.43 -79.57
C ALA I 1856 -32.32 -52.03 -80.87
N ILE I 1857 -32.95 -52.36 -82.00
CA ILE I 1857 -32.42 -52.08 -83.32
C ILE I 1857 -32.90 -50.71 -83.76
N ASN I 1858 -32.03 -49.97 -84.45
CA ASN I 1858 -32.36 -48.68 -85.04
C ASN I 1858 -32.09 -48.74 -86.54
N PRO I 1859 -33.12 -48.97 -87.38
CA PRO I 1859 -32.86 -49.01 -88.82
C PRO I 1859 -32.30 -47.72 -89.39
N GLY I 1860 -32.53 -46.58 -88.73
CA GLY I 1860 -32.02 -45.32 -89.22
C GLY I 1860 -30.53 -45.13 -89.03
N ARG I 1861 -29.93 -45.84 -88.06
CA ARG I 1861 -28.51 -45.67 -87.76
C ARG I 1861 -27.61 -46.64 -88.53
N VAL I 1862 -28.18 -47.55 -89.31
CA VAL I 1862 -27.37 -48.41 -90.16
C VAL I 1862 -27.24 -47.83 -91.57
N ALA I 1863 -28.34 -47.33 -92.12
CA ALA I 1863 -28.35 -46.74 -93.44
C ALA I 1863 -29.71 -46.12 -93.73
N ALA I 1864 -29.72 -45.05 -94.53
CA ALA I 1864 -31.00 -44.45 -94.92
C ALA I 1864 -31.85 -45.42 -95.72
N SER I 1865 -31.22 -46.34 -96.45
CA SER I 1865 -31.97 -47.30 -97.25
C SER I 1865 -32.73 -48.29 -96.38
N PHE I 1866 -32.19 -48.63 -95.21
CA PHE I 1866 -32.76 -49.67 -94.38
C PHE I 1866 -34.14 -49.27 -93.87
N SER I 1867 -35.15 -50.02 -94.28
CA SER I 1867 -36.54 -49.79 -93.89
C SER I 1867 -37.00 -50.88 -92.94
N GLN I 1868 -38.25 -50.77 -92.50
CA GLN I 1868 -38.85 -51.85 -91.71
C GLN I 1868 -38.88 -53.15 -92.50
N GLU I 1869 -39.26 -53.07 -93.79
CA GLU I 1869 -39.28 -54.26 -94.61
C GLU I 1869 -37.88 -54.85 -94.74
N ALA I 1870 -36.87 -53.99 -94.92
CA ALA I 1870 -35.50 -54.48 -95.04
C ALA I 1870 -35.05 -55.19 -93.77
N LEU I 1871 -35.29 -54.55 -92.61
CA LEU I 1871 -34.87 -55.17 -91.36
C LEU I 1871 -35.61 -56.47 -91.10
N GLN I 1872 -36.92 -56.50 -91.39
CA GLN I 1872 -37.68 -57.74 -91.22
C GLN I 1872 -37.13 -58.84 -92.12
N TYR I 1873 -36.81 -58.51 -93.37
CA TYR I 1873 -36.25 -59.48 -94.29
C TYR I 1873 -34.91 -60.01 -93.77
N VAL I 1874 -34.04 -59.11 -93.30
CA VAL I 1874 -32.74 -59.53 -92.79
C VAL I 1874 -32.91 -60.43 -91.57
N VAL I 1875 -33.81 -60.06 -90.65
CA VAL I 1875 -33.99 -60.84 -89.43
C VAL I 1875 -34.55 -62.22 -89.77
N GLU I 1876 -35.54 -62.27 -90.65
CA GLU I 1876 -36.12 -63.56 -91.02
C GLU I 1876 -35.09 -64.45 -91.70
N ARG I 1877 -34.27 -63.88 -92.59
CA ARG I 1877 -33.24 -64.68 -93.25
C ARG I 1877 -32.19 -65.13 -92.25
N VAL I 1878 -31.81 -64.28 -91.30
CA VAL I 1878 -30.88 -64.67 -90.27
C VAL I 1878 -31.42 -65.88 -89.51
N GLY I 1879 -32.65 -65.78 -89.03
CA GLY I 1879 -33.22 -66.85 -88.26
C GLY I 1879 -33.34 -68.14 -89.04
N LYS I 1880 -33.87 -68.06 -90.26
CA LYS I 1880 -34.09 -69.28 -91.05
C LYS I 1880 -32.77 -69.92 -91.47
N ARG I 1881 -31.86 -69.12 -92.03
CA ARG I 1881 -30.59 -69.66 -92.51
C ARG I 1881 -29.77 -70.25 -91.37
N THR I 1882 -29.69 -69.55 -90.23
CA THR I 1882 -28.81 -70.01 -89.17
C THR I 1882 -29.45 -71.08 -88.30
N GLY I 1883 -30.79 -71.13 -88.25
CA GLY I 1883 -31.50 -72.15 -87.53
C GLY I 1883 -31.96 -71.74 -86.14
N TRP I 1884 -31.39 -70.69 -85.56
CA TRP I 1884 -31.79 -70.27 -84.23
C TRP I 1884 -33.02 -69.37 -84.31
N LEU I 1885 -33.47 -68.90 -83.15
CA LEU I 1885 -34.70 -68.14 -83.03
C LEU I 1885 -34.39 -66.65 -82.91
N VAL I 1886 -35.07 -65.84 -83.71
CA VAL I 1886 -34.95 -64.38 -83.63
C VAL I 1886 -36.13 -63.79 -84.38
N GLU I 1887 -36.70 -62.71 -83.83
CA GLU I 1887 -37.77 -62.02 -84.54
C GLU I 1887 -38.01 -60.66 -83.89
N ILE I 1888 -38.65 -59.77 -84.66
CA ILE I 1888 -39.05 -58.48 -84.14
C ILE I 1888 -40.22 -58.66 -83.19
N VAL I 1889 -40.10 -58.08 -82.00
CA VAL I 1889 -41.07 -58.24 -80.94
C VAL I 1889 -41.82 -56.93 -80.67
N ASN I 1890 -41.15 -55.79 -80.79
CA ASN I 1890 -41.77 -54.48 -80.62
C ASN I 1890 -41.47 -53.63 -81.85
N TYR I 1891 -42.51 -53.27 -82.58
CA TYR I 1891 -42.43 -52.23 -83.61
C TYR I 1891 -42.77 -50.91 -82.91
N ASN I 1892 -41.75 -50.14 -82.56
CA ASN I 1892 -41.94 -48.95 -81.74
C ASN I 1892 -42.07 -47.67 -82.57
N VAL I 1893 -41.04 -47.35 -83.36
CA VAL I 1893 -41.01 -46.15 -84.17
C VAL I 1893 -40.60 -46.52 -85.59
N GLU I 1894 -41.22 -45.87 -86.57
CA GLU I 1894 -40.96 -46.17 -87.98
C GLU I 1894 -39.51 -45.91 -88.34
N ASN I 1895 -38.77 -46.96 -88.65
CA ASN I 1895 -37.40 -46.88 -89.13
C ASN I 1895 -36.47 -46.15 -88.16
N GLN I 1896 -36.85 -46.06 -86.88
CA GLN I 1896 -36.01 -45.45 -85.86
C GLN I 1896 -35.94 -46.21 -84.54
N GLN I 1897 -36.84 -47.15 -84.28
CA GLN I 1897 -36.79 -47.86 -83.00
C GLN I 1897 -37.58 -49.15 -83.12
N TYR I 1898 -36.89 -50.28 -83.01
CA TYR I 1898 -37.49 -51.60 -83.01
C TYR I 1898 -36.80 -52.42 -81.94
N VAL I 1899 -37.41 -53.56 -81.59
CA VAL I 1899 -36.81 -54.49 -80.65
C VAL I 1899 -36.87 -55.89 -81.28
N ALA I 1900 -35.76 -56.61 -81.21
CA ALA I 1900 -35.66 -57.98 -81.69
C ALA I 1900 -35.30 -58.89 -80.54
N ALA I 1901 -36.07 -59.97 -80.39
CA ALA I 1901 -35.89 -60.93 -79.31
C ALA I 1901 -35.53 -62.29 -79.88
N GLY I 1902 -34.72 -63.02 -79.13
CA GLY I 1902 -34.35 -64.36 -79.51
C GLY I 1902 -33.17 -64.85 -78.69
N ASP I 1903 -32.41 -65.77 -79.28
CA ASP I 1903 -31.19 -66.25 -78.64
C ASP I 1903 -30.21 -65.11 -78.48
N LEU I 1904 -29.49 -65.09 -77.35
CA LEU I 1904 -28.41 -64.12 -77.21
C LEU I 1904 -27.40 -64.28 -78.34
N ARG I 1905 -27.06 -65.52 -78.65
CA ARG I 1905 -26.12 -65.80 -79.74
C ARG I 1905 -26.66 -65.29 -81.08
N ALA I 1906 -27.93 -65.57 -81.37
CA ALA I 1906 -28.49 -65.17 -82.66
C ALA I 1906 -28.62 -63.66 -82.77
N LEU I 1907 -29.00 -63.00 -81.68
CA LEU I 1907 -29.04 -61.54 -81.68
C LEU I 1907 -27.65 -60.96 -81.85
N ASP I 1908 -26.63 -61.65 -81.36
CA ASP I 1908 -25.26 -61.24 -81.64
C ASP I 1908 -24.99 -61.29 -83.14
N THR I 1909 -25.44 -62.35 -83.81
CA THR I 1909 -25.23 -62.43 -85.27
C THR I 1909 -25.97 -61.31 -85.97
N VAL I 1910 -27.19 -61.00 -85.52
CA VAL I 1910 -27.95 -59.91 -86.12
C VAL I 1910 -27.19 -58.59 -85.97
N THR I 1911 -26.67 -58.33 -84.77
CA THR I 1911 -25.92 -57.09 -84.55
C THR I 1911 -24.69 -57.01 -85.44
N ASN I 1912 -23.93 -58.11 -85.54
CA ASN I 1912 -22.77 -58.12 -86.44
C ASN I 1912 -23.16 -57.95 -87.91
N VAL I 1913 -24.25 -58.58 -88.34
CA VAL I 1913 -24.66 -58.45 -89.73
C VAL I 1913 -25.06 -57.01 -90.04
N LEU I 1914 -25.81 -56.37 -89.13
CA LEU I 1914 -26.20 -54.99 -89.37
C LEU I 1914 -24.99 -54.05 -89.28
N ASN I 1915 -24.03 -54.38 -88.42
CA ASN I 1915 -22.77 -53.62 -88.41
C ASN I 1915 -22.04 -53.77 -89.73
N PHE I 1916 -22.03 -54.97 -90.29
CA PHE I 1916 -21.40 -55.21 -91.59
C PHE I 1916 -22.09 -54.38 -92.67
N ILE I 1917 -23.42 -54.33 -92.63
CA ILE I 1917 -24.16 -53.54 -93.62
C ILE I 1917 -23.87 -52.06 -93.43
N LYS I 1918 -23.70 -51.60 -92.20
CA LYS I 1918 -23.34 -50.21 -91.99
C LYS I 1918 -21.96 -49.90 -92.57
N LEU I 1919 -20.99 -50.80 -92.37
CA LEU I 1919 -19.66 -50.61 -92.94
C LEU I 1919 -19.64 -50.78 -94.46
N GLN I 1920 -20.64 -51.46 -95.03
CA GLN I 1920 -20.70 -51.70 -96.47
C GLN I 1920 -21.94 -51.04 -97.06
N LYS I 1921 -22.25 -51.33 -98.32
CA LYS I 1921 -23.45 -50.82 -98.97
C LYS I 1921 -24.51 -51.90 -99.05
N GLU I 1934 -33.13 -63.65 -104.90
CA GLU I 1934 -32.45 -64.93 -104.92
C GLU I 1934 -30.94 -64.76 -104.74
N GLU I 1935 -30.32 -64.03 -105.65
CA GLU I 1935 -28.89 -63.75 -105.52
C GLU I 1935 -28.63 -62.83 -104.34
N VAL I 1936 -29.49 -61.83 -104.14
CA VAL I 1936 -29.38 -60.99 -102.94
C VAL I 1936 -29.57 -61.84 -101.70
N GLU I 1937 -30.49 -62.80 -101.75
CA GLU I 1937 -30.69 -63.71 -100.62
C GLU I 1937 -29.43 -64.52 -100.35
N GLY I 1938 -28.76 -64.98 -101.40
CA GLY I 1938 -27.52 -65.73 -101.21
C GLY I 1938 -26.40 -64.89 -100.63
N HIS I 1939 -26.27 -63.64 -101.11
CA HIS I 1939 -25.27 -62.74 -100.54
C HIS I 1939 -25.54 -62.48 -99.06
N LEU I 1940 -26.80 -62.19 -98.72
CA LEU I 1940 -27.15 -61.99 -97.33
C LEU I 1940 -26.92 -63.26 -96.51
N PHE I 1941 -27.15 -64.43 -97.12
CA PHE I 1941 -26.87 -65.68 -96.44
C PHE I 1941 -25.38 -65.81 -96.16
N GLU I 1942 -24.54 -65.37 -97.09
CA GLU I 1942 -23.10 -65.38 -96.85
C GLU I 1942 -22.74 -64.50 -95.66
N ILE I 1943 -23.32 -63.30 -95.59
CA ILE I 1943 -23.04 -62.41 -94.45
C ILE I 1943 -23.53 -63.07 -93.15
N ILE I 1944 -24.72 -63.66 -93.19
CA ILE I 1944 -25.27 -64.34 -92.02
C ILE I 1944 -24.35 -65.45 -91.57
N ASP I 1945 -23.86 -66.25 -92.52
CA ASP I 1945 -22.97 -67.36 -92.18
C ASP I 1945 -21.69 -66.85 -91.55
N GLU I 1946 -21.12 -65.78 -92.11
CA GLU I 1946 -19.91 -65.21 -91.52
C GLU I 1946 -20.15 -64.82 -90.06
N ALA I 1947 -21.21 -64.05 -89.82
CA ALA I 1947 -21.48 -63.59 -88.46
C ALA I 1947 -21.77 -64.76 -87.51
N SER I 1948 -22.50 -65.77 -88.00
CA SER I 1948 -22.92 -66.86 -87.13
C SER I 1948 -21.74 -67.76 -86.77
N LYS I 1949 -20.87 -68.08 -87.73
CA LYS I 1949 -19.68 -68.85 -87.40
C LYS I 1949 -18.73 -68.04 -86.53
N LYS I 1950 -18.78 -66.71 -86.63
CA LYS I 1950 -18.02 -65.89 -85.69
C LYS I 1950 -18.59 -65.93 -84.27
N SER I 1951 -19.90 -66.02 -84.13
CA SER I 1951 -20.55 -65.92 -82.81
C SER I 1951 -20.76 -67.26 -82.12
N ALA I 1952 -20.82 -68.36 -82.87
CA ALA I 1952 -21.27 -69.63 -82.31
C ALA I 1952 -20.29 -70.14 -81.25
N VAL I 1953 -18.99 -69.99 -81.51
CA VAL I 1953 -17.99 -70.55 -80.61
C VAL I 1953 -18.00 -69.88 -79.23
N LYS I 1954 -18.65 -68.72 -79.11
CA LYS I 1954 -18.67 -68.03 -77.83
C LYS I 1954 -19.41 -68.86 -76.79
N PRO I 1955 -19.05 -68.78 -75.50
CA PRO I 1955 -19.80 -69.52 -74.48
C PRO I 1955 -21.26 -69.06 -74.43
N ARG I 1956 -22.13 -69.99 -74.02
CA ARG I 1956 -23.56 -69.70 -73.99
C ARG I 1956 -23.92 -68.46 -73.16
N PRO I 1957 -23.38 -68.23 -71.93
CA PRO I 1957 -23.70 -67.00 -71.20
C PRO I 1957 -22.91 -65.79 -71.71
N LEU I 1958 -23.09 -65.47 -72.99
CA LEU I 1958 -22.37 -64.37 -73.60
C LEU I 1958 -23.04 -63.04 -73.30
N LYS I 1959 -22.30 -61.96 -73.52
CA LYS I 1959 -22.78 -60.61 -73.35
C LYS I 1959 -22.92 -59.96 -74.72
N LEU I 1960 -24.10 -59.43 -75.01
CA LEU I 1960 -24.34 -58.81 -76.30
C LEU I 1960 -23.66 -57.45 -76.37
N GLU I 1961 -22.75 -57.29 -77.33
CA GLU I 1961 -22.06 -56.02 -77.49
C GLU I 1961 -22.96 -55.01 -78.16
N ARG I 1962 -22.76 -53.73 -77.82
CA ARG I 1962 -23.48 -52.66 -78.48
C ARG I 1962 -22.97 -52.48 -79.90
N GLY I 1963 -23.87 -52.60 -80.88
CA GLY I 1963 -23.57 -52.26 -82.25
C GLY I 1963 -23.69 -50.77 -82.49
N PHE I 1964 -23.38 -50.37 -83.72
CA PHE I 1964 -23.55 -48.96 -84.08
C PHE I 1964 -25.03 -48.59 -84.11
N ALA I 1965 -25.93 -49.56 -84.23
CA ALA I 1965 -27.36 -49.32 -84.25
C ALA I 1965 -28.14 -50.23 -83.32
N CYS I 1966 -27.58 -51.36 -82.89
CA CYS I 1966 -28.24 -52.29 -81.98
C CYS I 1966 -27.80 -52.00 -80.56
N ILE I 1967 -28.76 -51.74 -79.68
CA ILE I 1967 -28.51 -51.51 -78.26
C ILE I 1967 -29.14 -52.65 -77.49
N PRO I 1968 -28.34 -53.57 -76.95
CA PRO I 1968 -28.90 -54.59 -76.04
C PRO I 1968 -29.56 -53.96 -74.83
N LEU I 1969 -30.70 -54.54 -74.44
CA LEU I 1969 -31.47 -54.06 -73.29
C LEU I 1969 -31.05 -54.81 -72.05
N VAL I 1970 -30.57 -54.07 -71.06
CA VAL I 1970 -30.07 -54.66 -69.81
C VAL I 1970 -31.25 -55.22 -69.03
N GLY I 1971 -30.99 -56.30 -68.28
CA GLY I 1971 -31.96 -56.82 -67.34
C GLY I 1971 -33.05 -57.70 -67.93
N ILE I 1972 -32.94 -58.06 -69.20
CA ILE I 1972 -33.95 -58.88 -69.88
C ILE I 1972 -33.26 -60.15 -70.38
N SER I 1973 -33.81 -61.30 -69.97
CA SER I 1973 -33.23 -62.60 -70.31
C SER I 1973 -34.26 -63.57 -70.89
N VAL I 1974 -35.48 -63.10 -71.14
CA VAL I 1974 -36.54 -63.93 -71.72
C VAL I 1974 -37.02 -63.23 -72.99
N PRO I 1975 -37.23 -63.95 -74.12
CA PRO I 1975 -37.73 -63.24 -75.31
C PRO I 1975 -39.25 -63.15 -75.31
N PHE I 1976 -39.80 -62.27 -74.48
CA PHE I 1976 -41.25 -62.14 -74.47
C PHE I 1976 -41.71 -61.46 -75.75
N HIS I 1977 -43.01 -61.60 -76.03
CA HIS I 1977 -43.62 -61.11 -77.27
C HIS I 1977 -43.04 -61.81 -78.49
N SER I 1978 -42.63 -63.08 -78.32
CA SER I 1978 -41.97 -63.84 -79.38
C SER I 1978 -42.66 -65.19 -79.53
N THR I 1979 -42.31 -65.89 -80.60
CA THR I 1979 -42.92 -67.18 -80.90
C THR I 1979 -42.51 -68.25 -79.91
N TYR I 1980 -41.43 -68.03 -79.15
CA TYR I 1980 -40.96 -69.06 -78.23
C TYR I 1980 -42.04 -69.39 -77.19
N LEU I 1981 -42.62 -68.37 -76.57
CA LEU I 1981 -43.63 -68.59 -75.54
C LEU I 1981 -45.03 -68.71 -76.14
N MET I 1982 -45.15 -69.56 -77.15
CA MET I 1982 -46.45 -69.90 -77.74
C MET I 1982 -47.04 -71.14 -77.11
N ASN I 1983 -46.21 -72.13 -76.77
CA ASN I 1983 -46.71 -73.33 -76.12
C ASN I 1983 -47.38 -73.01 -74.79
N GLY I 1984 -46.94 -71.94 -74.12
CA GLY I 1984 -47.46 -71.55 -72.83
C GLY I 1984 -48.62 -70.59 -72.84
N VAL I 1985 -49.19 -70.28 -74.01
CA VAL I 1985 -50.29 -69.31 -74.07
C VAL I 1985 -51.55 -69.90 -73.42
N LYS I 1986 -51.89 -71.14 -73.77
CA LYS I 1986 -53.13 -71.72 -73.29
C LYS I 1986 -53.21 -71.83 -71.77
N PRO I 1987 -52.22 -72.37 -71.07
CA PRO I 1987 -52.30 -72.35 -69.59
C PRO I 1987 -52.29 -70.95 -69.02
N PHE I 1988 -51.52 -70.04 -69.60
CA PHE I 1988 -51.57 -68.64 -69.17
C PHE I 1988 -52.96 -68.07 -69.41
N LYS I 1989 -53.60 -68.46 -70.51
CA LYS I 1989 -54.97 -68.04 -70.77
C LYS I 1989 -55.92 -68.56 -69.71
N SER I 1990 -55.79 -69.81 -69.31
CA SER I 1990 -56.66 -70.34 -68.26
C SER I 1990 -56.45 -69.57 -66.97
N PHE I 1991 -55.19 -69.27 -66.65
CA PHE I 1991 -54.89 -68.49 -65.45
C PHE I 1991 -55.53 -67.09 -65.52
N LEU I 1992 -55.42 -66.45 -66.69
CA LEU I 1992 -56.08 -65.17 -66.89
C LEU I 1992 -57.60 -65.30 -66.72
N LYS I 1993 -58.16 -66.44 -67.15
CA LYS I 1993 -59.60 -66.63 -66.96
C LYS I 1993 -59.95 -66.76 -65.50
N LYS I 1994 -59.10 -67.41 -64.71
CA LYS I 1994 -59.34 -67.45 -63.26
C LYS I 1994 -59.32 -66.04 -62.68
N ASN I 1995 -58.38 -65.21 -63.13
CA ASN I 1995 -58.19 -63.92 -62.47
C ASN I 1995 -59.18 -62.86 -62.95
N ILE I 1996 -59.47 -62.81 -64.24
CA ILE I 1996 -60.33 -61.79 -64.82
C ILE I 1996 -61.74 -62.36 -64.95
N ILE I 1997 -62.66 -61.83 -64.18
CA ILE I 1997 -64.03 -62.33 -64.11
C ILE I 1997 -64.81 -61.73 -65.28
N LYS I 1998 -65.75 -62.51 -65.83
CA LYS I 1998 -66.54 -62.04 -66.96
C LYS I 1998 -67.41 -60.86 -66.57
N GLU I 1999 -68.04 -60.92 -65.39
CA GLU I 1999 -68.95 -59.85 -64.98
C GLU I 1999 -68.22 -58.51 -64.81
N ASN I 2000 -66.92 -58.56 -64.55
CA ASN I 2000 -66.14 -57.33 -64.39
C ASN I 2000 -65.72 -56.72 -65.71
N VAL I 2001 -65.92 -57.41 -66.83
CA VAL I 2001 -65.58 -56.87 -68.14
C VAL I 2001 -66.71 -55.94 -68.58
N LYS I 2002 -66.38 -54.70 -68.91
CA LYS I 2002 -67.35 -53.69 -69.31
C LYS I 2002 -67.13 -53.33 -70.77
N VAL I 2003 -68.05 -53.75 -71.62
CA VAL I 2003 -67.90 -53.55 -73.06
C VAL I 2003 -67.94 -52.07 -73.40
N ALA I 2004 -68.76 -51.29 -72.69
CA ALA I 2004 -68.80 -49.86 -72.93
C ALA I 2004 -67.45 -49.22 -72.61
N ARG I 2005 -66.78 -49.70 -71.56
CA ARG I 2005 -65.50 -49.14 -71.18
C ARG I 2005 -64.38 -49.59 -72.11
N LEU I 2006 -64.52 -50.75 -72.77
CA LEU I 2006 -63.46 -51.26 -73.64
C LEU I 2006 -63.64 -50.85 -75.10
N ALA I 2007 -64.87 -50.85 -75.61
CA ALA I 2007 -65.09 -50.71 -77.05
C ALA I 2007 -64.79 -49.29 -77.51
N GLY I 2008 -64.03 -49.20 -78.60
CA GLY I 2008 -63.67 -47.91 -79.17
C GLY I 2008 -62.54 -47.20 -78.47
N LYS I 2009 -62.10 -47.70 -77.31
CA LYS I 2009 -61.08 -47.05 -76.51
C LYS I 2009 -59.82 -47.88 -76.32
N TYR I 2010 -59.94 -49.20 -76.16
CA TYR I 2010 -58.80 -50.08 -75.96
C TYR I 2010 -58.20 -50.43 -77.32
N ILE I 2011 -56.90 -50.19 -77.46
CA ILE I 2011 -56.16 -50.58 -78.66
C ILE I 2011 -55.19 -51.69 -78.25
N PRO I 2012 -55.54 -52.97 -78.42
CA PRO I 2012 -54.65 -54.03 -77.94
C PRO I 2012 -53.35 -54.10 -78.74
N ASN I 2013 -52.38 -54.83 -78.19
CA ASN I 2013 -51.09 -54.96 -78.85
C ASN I 2013 -51.12 -56.01 -79.96
N LEU I 2014 -51.80 -57.13 -79.70
CA LEU I 2014 -51.91 -58.17 -80.72
C LEU I 2014 -52.62 -57.65 -81.97
N THR I 2015 -53.81 -57.08 -81.80
CA THR I 2015 -54.58 -56.47 -82.88
C THR I 2015 -54.58 -54.97 -82.61
N ALA I 2016 -53.70 -54.25 -83.28
CA ALA I 2016 -53.50 -52.82 -83.01
C ALA I 2016 -54.57 -51.98 -83.71
N LYS I 2017 -55.82 -52.29 -83.37
CA LYS I 2017 -57.00 -51.58 -83.84
C LYS I 2017 -57.88 -51.32 -82.63
N PRO I 2018 -58.83 -50.38 -82.73
CA PRO I 2018 -59.74 -50.15 -81.61
C PRO I 2018 -60.51 -51.40 -81.26
N PHE I 2019 -60.72 -51.60 -79.96
CA PHE I 2019 -61.46 -52.76 -79.45
C PHE I 2019 -62.89 -52.69 -79.96
N GLN I 2020 -63.33 -53.74 -80.65
CA GLN I 2020 -64.71 -53.86 -81.10
C GLN I 2020 -65.09 -55.34 -81.08
N VAL I 2021 -66.27 -55.62 -80.54
CA VAL I 2021 -66.78 -56.99 -80.50
C VAL I 2021 -67.50 -57.21 -81.83
N THR I 2022 -66.72 -57.53 -82.86
CA THR I 2022 -67.23 -57.66 -84.21
C THR I 2022 -66.55 -58.84 -84.89
N LYS I 2023 -67.26 -59.42 -85.86
CA LYS I 2023 -66.74 -60.59 -86.56
C LYS I 2023 -65.44 -60.27 -87.27
N GLU I 2024 -65.32 -59.06 -87.82
CA GLU I 2024 -64.06 -58.65 -88.44
C GLU I 2024 -62.93 -58.65 -87.43
N TYR I 2025 -63.19 -58.13 -86.23
CA TYR I 2025 -62.16 -58.10 -85.18
C TYR I 2025 -61.76 -59.52 -84.76
N PHE I 2026 -62.75 -60.39 -84.56
CA PHE I 2026 -62.44 -61.76 -84.18
C PHE I 2026 -61.64 -62.48 -85.27
N GLN I 2027 -62.00 -62.25 -86.53
CA GLN I 2027 -61.22 -62.82 -87.62
C GLN I 2027 -59.81 -62.24 -87.65
N ASP I 2028 -59.67 -60.96 -87.31
CA ASP I 2028 -58.35 -60.36 -87.20
C ASP I 2028 -57.51 -61.07 -86.15
N VAL I 2029 -58.13 -61.44 -85.02
CA VAL I 2029 -57.40 -62.19 -84.00
C VAL I 2029 -56.82 -63.47 -84.58
N TYR I 2030 -57.64 -64.25 -85.30
CA TYR I 2030 -57.15 -65.45 -85.94
C TYR I 2030 -56.08 -65.16 -87.00
N ASP I 2031 -56.20 -64.05 -87.71
CA ASP I 2031 -55.25 -63.74 -88.77
C ASP I 2031 -53.82 -63.64 -88.22
N LEU I 2032 -53.66 -63.07 -87.02
CA LEU I 2032 -52.34 -62.99 -86.41
C LEU I 2032 -51.99 -64.27 -85.67
N THR I 2033 -52.93 -64.80 -84.88
CA THR I 2033 -52.68 -65.98 -84.06
C THR I 2033 -53.95 -66.83 -84.00
N GLY I 2034 -53.84 -68.07 -84.48
CA GLY I 2034 -54.99 -68.96 -84.52
C GLY I 2034 -55.26 -69.54 -83.14
N SER I 2035 -56.54 -69.53 -82.76
CA SER I 2035 -56.97 -70.10 -81.49
C SER I 2035 -58.35 -70.72 -81.68
N GLU I 2036 -58.51 -71.92 -81.13
CA GLU I 2036 -59.76 -72.68 -81.32
C GLU I 2036 -60.98 -71.94 -80.78
N PRO I 2037 -60.95 -71.29 -79.62
CA PRO I 2037 -62.14 -70.53 -79.18
C PRO I 2037 -62.58 -69.43 -80.14
N ILE I 2038 -61.64 -68.71 -80.76
CA ILE I 2038 -62.05 -67.76 -81.80
C ILE I 2038 -62.68 -68.47 -83.00
N LYS I 2039 -62.12 -69.59 -83.44
CA LYS I 2039 -62.72 -70.27 -84.58
C LYS I 2039 -64.14 -70.71 -84.24
N GLU I 2040 -64.34 -71.23 -83.03
CA GLU I 2040 -65.68 -71.60 -82.59
C GLU I 2040 -66.60 -70.39 -82.55
N ILE I 2041 -66.11 -69.25 -82.07
CA ILE I 2041 -66.94 -68.06 -81.95
C ILE I 2041 -67.37 -67.58 -83.33
N ILE I 2042 -66.42 -67.49 -84.26
CA ILE I 2042 -66.74 -67.05 -85.62
C ILE I 2042 -67.71 -68.04 -86.27
N ASP I 2043 -67.53 -69.33 -86.03
CA ASP I 2043 -68.46 -70.31 -86.60
C ASP I 2043 -69.86 -70.14 -86.05
N ASN I 2044 -69.98 -69.90 -84.73
CA ASN I 2044 -71.27 -69.81 -84.06
C ASN I 2044 -71.76 -68.36 -83.95
N TRP I 2045 -71.21 -67.45 -84.76
CA TRP I 2045 -71.55 -66.05 -84.63
C TRP I 2045 -73.02 -65.79 -84.88
N GLU I 2046 -73.60 -66.44 -85.90
CA GLU I 2046 -75.02 -66.26 -86.16
C GLU I 2046 -75.85 -66.71 -84.96
N LYS I 2047 -75.38 -67.72 -84.24
CA LYS I 2047 -76.07 -68.14 -83.03
C LYS I 2047 -75.90 -67.10 -81.92
N TYR I 2048 -74.70 -66.53 -81.79
CA TYR I 2048 -74.45 -65.55 -80.74
C TYR I 2048 -75.24 -64.27 -80.97
N GLU I 2049 -75.28 -63.80 -82.23
CA GLU I 2049 -75.94 -62.53 -82.51
C GLU I 2049 -77.43 -62.59 -82.19
N GLN I 2050 -78.09 -63.69 -82.54
CA GLN I 2050 -79.52 -63.84 -82.27
C GLN I 2050 -79.80 -63.89 -80.78
N MET J 1 -77.35 -58.21 -80.53
CA MET J 1 -76.61 -58.99 -79.50
C MET J 1 -77.00 -58.53 -78.10
N LYS J 2 -77.37 -59.48 -77.25
CA LYS J 2 -77.83 -59.16 -75.91
C LYS J 2 -76.66 -58.62 -75.09
N PRO J 3 -76.93 -57.82 -74.05
CA PRO J 3 -75.81 -57.32 -73.23
C PRO J 3 -74.98 -58.43 -72.59
N GLU J 4 -75.63 -59.51 -72.12
CA GLU J 4 -74.88 -60.58 -71.47
C GLU J 4 -73.98 -61.31 -72.45
N VAL J 5 -74.50 -61.63 -73.64
CA VAL J 5 -73.68 -62.30 -74.65
C VAL J 5 -72.58 -61.37 -75.13
N GLU J 6 -72.87 -60.08 -75.23
CA GLU J 6 -71.83 -59.11 -75.61
C GLU J 6 -70.72 -59.09 -74.58
N GLN J 7 -71.08 -59.10 -73.29
CA GLN J 7 -70.07 -59.14 -72.23
C GLN J 7 -69.26 -60.44 -72.29
N GLU J 8 -69.93 -61.58 -72.52
CA GLU J 8 -69.22 -62.84 -72.61
C GLU J 8 -68.24 -62.84 -73.77
N LEU J 9 -68.68 -62.37 -74.94
CA LEU J 9 -67.80 -62.27 -76.09
C LEU J 9 -66.61 -61.36 -75.82
N ALA J 10 -66.86 -60.19 -75.21
CA ALA J 10 -65.78 -59.26 -74.94
C ALA J 10 -64.80 -59.83 -73.94
N HIS J 11 -65.29 -60.53 -72.91
CA HIS J 11 -64.39 -61.15 -71.94
C HIS J 11 -63.53 -62.20 -72.60
N ILE J 12 -64.13 -63.06 -73.44
CA ILE J 12 -63.36 -64.10 -74.11
C ILE J 12 -62.31 -63.46 -75.00
N LEU J 13 -62.68 -62.43 -75.75
CA LEU J 13 -61.74 -61.82 -76.68
C LEU J 13 -60.62 -61.09 -75.94
N LEU J 14 -60.95 -60.38 -74.86
CA LEU J 14 -59.93 -59.71 -74.07
C LEU J 14 -58.97 -60.70 -73.44
N THR J 15 -59.51 -61.80 -72.90
CA THR J 15 -58.66 -62.86 -72.36
C THR J 15 -57.74 -63.42 -73.43
N GLU J 16 -58.28 -63.71 -74.62
CA GLU J 16 -57.47 -64.18 -75.74
C GLU J 16 -56.36 -63.18 -76.07
N LEU J 17 -56.69 -61.89 -76.11
CA LEU J 17 -55.70 -60.90 -76.52
C LEU J 17 -54.59 -60.80 -75.49
N LEU J 18 -54.95 -60.77 -74.22
CA LEU J 18 -53.92 -60.76 -73.18
C LEU J 18 -53.09 -62.03 -73.21
N ALA J 19 -53.72 -63.17 -73.49
CA ALA J 19 -53.01 -64.44 -73.49
C ALA J 19 -52.00 -64.50 -74.63
N TYR J 20 -52.31 -63.87 -75.76
CA TYR J 20 -51.40 -63.85 -76.90
C TYR J 20 -50.50 -62.62 -76.94
N GLN J 21 -50.71 -61.67 -76.04
CA GLN J 21 -49.90 -60.45 -76.02
C GLN J 21 -48.43 -60.78 -75.74
N PHE J 22 -48.15 -61.65 -74.79
CA PHE J 22 -46.77 -61.95 -74.47
C PHE J 22 -46.13 -62.92 -75.46
N ALA J 23 -46.93 -63.60 -76.26
CA ALA J 23 -46.44 -64.54 -77.26
C ALA J 23 -46.42 -63.97 -78.66
N SER J 24 -46.90 -62.74 -78.86
CA SER J 24 -46.98 -62.11 -80.16
C SER J 24 -46.29 -60.75 -80.11
N PRO J 25 -45.82 -60.25 -81.25
CA PRO J 25 -45.10 -58.96 -81.23
C PRO J 25 -46.04 -57.80 -80.93
N VAL J 26 -45.46 -56.76 -80.34
CA VAL J 26 -46.17 -55.52 -80.04
C VAL J 26 -46.20 -54.66 -81.30
N ARG J 27 -47.39 -54.35 -81.77
CA ARG J 27 -47.58 -53.54 -82.97
C ARG J 27 -47.85 -52.09 -82.56
N TRP J 28 -46.84 -51.51 -81.92
CA TRP J 28 -46.99 -50.13 -81.45
C TRP J 28 -46.95 -49.13 -82.60
N ILE J 29 -46.39 -49.50 -83.75
CA ILE J 29 -46.53 -48.66 -84.94
C ILE J 29 -48.00 -48.49 -85.29
N GLU J 30 -48.73 -49.60 -85.38
CA GLU J 30 -50.14 -49.54 -85.70
C GLU J 30 -50.92 -48.85 -84.59
N THR J 31 -50.54 -49.08 -83.33
CA THR J 31 -51.23 -48.41 -82.23
C THR J 31 -51.07 -46.90 -82.31
N GLN J 32 -49.84 -46.44 -82.57
CA GLN J 32 -49.60 -45.00 -82.69
C GLN J 32 -50.33 -44.42 -83.90
N ASP J 33 -50.32 -45.14 -85.02
CA ASP J 33 -51.07 -44.68 -86.18
C ASP J 33 -52.55 -44.55 -85.86
N VAL J 34 -53.10 -45.53 -85.12
CA VAL J 34 -54.52 -45.50 -84.80
C VAL J 34 -54.85 -44.31 -83.92
N PHE J 35 -54.11 -44.13 -82.83
CA PHE J 35 -54.50 -43.07 -81.91
C PHE J 35 -54.01 -41.68 -82.31
N LEU J 36 -53.16 -41.56 -83.33
CA LEU J 36 -52.70 -40.27 -83.81
C LEU J 36 -53.40 -39.82 -85.09
N LYS J 37 -53.69 -40.74 -86.01
CA LYS J 37 -54.29 -40.40 -87.30
C LYS J 37 -55.78 -40.70 -87.34
N ASP J 38 -56.20 -41.88 -86.86
CA ASP J 38 -57.62 -42.24 -86.92
C ASP J 38 -58.42 -41.44 -85.90
N PHE J 39 -57.85 -41.20 -84.72
CA PHE J 39 -58.55 -40.49 -83.66
C PHE J 39 -58.13 -39.02 -83.55
N ASN J 40 -57.04 -38.62 -84.19
CA ASN J 40 -56.55 -37.25 -84.13
C ASN J 40 -56.38 -36.78 -82.69
N THR J 41 -55.69 -37.60 -81.90
CA THR J 41 -55.52 -37.31 -80.48
C THR J 41 -54.76 -36.00 -80.29
N GLU J 42 -55.43 -35.01 -79.71
CA GLU J 42 -54.79 -33.73 -79.45
C GLU J 42 -53.91 -33.71 -78.21
N ARG J 43 -54.18 -34.54 -77.20
CA ARG J 43 -53.30 -34.63 -76.05
C ARG J 43 -53.01 -36.10 -75.74
N VAL J 44 -51.72 -36.43 -75.65
CA VAL J 44 -51.26 -37.75 -75.25
C VAL J 44 -50.80 -37.64 -73.81
N VAL J 45 -51.28 -38.53 -72.96
CA VAL J 45 -50.86 -38.62 -71.57
C VAL J 45 -50.18 -39.97 -71.38
N GLU J 46 -48.94 -39.94 -70.91
CA GLU J 46 -48.13 -41.14 -70.74
C GLU J 46 -48.00 -41.44 -69.26
N ILE J 47 -48.57 -42.56 -68.83
CA ILE J 47 -48.52 -43.01 -67.45
C ILE J 47 -47.30 -43.92 -67.33
N GLY J 48 -46.24 -43.40 -66.74
CA GLY J 48 -45.01 -44.14 -66.59
C GLY J 48 -44.03 -43.38 -65.73
N PRO J 49 -42.94 -44.02 -65.33
CA PRO J 49 -41.97 -43.35 -64.47
C PRO J 49 -41.00 -42.48 -65.25
N SER J 50 -40.87 -42.76 -66.54
CA SER J 50 -40.02 -42.01 -67.46
C SER J 50 -40.81 -41.76 -68.74
N PRO J 51 -40.39 -40.77 -69.55
CA PRO J 51 -41.14 -40.47 -70.78
C PRO J 51 -40.73 -41.36 -71.95
N THR J 52 -40.82 -42.67 -71.75
CA THR J 52 -40.46 -43.61 -72.80
C THR J 52 -41.45 -43.54 -73.96
N LEU J 53 -42.70 -43.91 -73.71
CA LEU J 53 -43.70 -43.88 -74.77
C LEU J 53 -43.99 -42.47 -75.23
N ALA J 54 -43.83 -41.48 -74.35
CA ALA J 54 -43.97 -40.08 -74.77
C ALA J 54 -42.88 -39.73 -75.78
N GLY J 55 -41.65 -40.18 -75.54
CA GLY J 55 -40.59 -39.94 -76.50
C GLY J 55 -40.83 -40.63 -77.82
N MET J 56 -41.31 -41.89 -77.76
CA MET J 56 -41.63 -42.59 -79.01
C MET J 56 -42.75 -41.89 -79.77
N ALA J 57 -43.76 -41.39 -79.06
CA ALA J 57 -44.85 -40.68 -79.72
C ALA J 57 -44.34 -39.39 -80.36
N GLN J 58 -43.48 -38.66 -79.65
CA GLN J 58 -42.89 -37.45 -80.21
C GLN J 58 -42.08 -37.78 -81.46
N ARG J 59 -41.29 -38.85 -81.40
CA ARG J 59 -40.47 -39.26 -82.54
C ARG J 59 -41.35 -39.64 -83.73
N THR J 60 -42.44 -40.37 -83.47
CA THR J 60 -43.36 -40.74 -84.54
C THR J 60 -43.99 -39.51 -85.17
N LEU J 61 -44.37 -38.53 -84.35
CA LEU J 61 -44.93 -37.30 -84.89
C LEU J 61 -43.91 -36.54 -85.71
N LYS J 62 -42.67 -36.47 -85.25
CA LYS J 62 -41.63 -35.80 -86.01
C LYS J 62 -41.40 -36.49 -87.35
N ASN J 63 -41.38 -37.82 -87.35
CA ASN J 63 -41.09 -38.55 -88.58
C ASN J 63 -42.24 -38.46 -89.58
N LYS J 64 -43.48 -38.69 -89.12
CA LYS J 64 -44.59 -38.99 -90.00
C LYS J 64 -45.66 -37.90 -89.98
N TYR J 65 -46.12 -37.51 -88.80
CA TYR J 65 -47.23 -36.56 -88.66
C TYR J 65 -46.66 -35.17 -88.37
N GLU J 66 -46.10 -34.56 -89.41
CA GLU J 66 -45.65 -33.18 -89.39
C GLU J 66 -46.46 -32.31 -90.32
N SER J 67 -46.51 -32.65 -91.61
CA SER J 67 -47.37 -31.94 -92.53
C SER J 67 -48.84 -32.15 -92.18
N TYR J 68 -49.20 -33.35 -91.74
CA TYR J 68 -50.56 -33.63 -91.29
C TYR J 68 -50.94 -32.70 -90.13
N ASP J 69 -50.10 -32.66 -89.11
CA ASP J 69 -50.37 -31.83 -87.94
C ASP J 69 -50.45 -30.36 -88.32
N ALA J 70 -49.54 -29.91 -89.19
CA ALA J 70 -49.58 -28.52 -89.62
C ALA J 70 -50.85 -28.21 -90.38
N ALA J 71 -51.20 -29.07 -91.34
CA ALA J 71 -52.33 -28.78 -92.21
C ALA J 71 -53.65 -28.74 -91.44
N LEU J 72 -53.87 -29.72 -90.56
CA LEU J 72 -55.12 -29.75 -89.79
C LEU J 72 -54.99 -29.05 -88.44
N SER J 73 -53.86 -28.39 -88.17
CA SER J 73 -53.69 -27.56 -86.98
C SER J 73 -53.94 -28.35 -85.70
N LEU J 74 -53.41 -29.57 -85.66
CA LEU J 74 -53.54 -30.41 -84.49
C LEU J 74 -52.45 -30.07 -83.49
N HIS J 75 -52.82 -29.42 -82.39
CA HIS J 75 -51.88 -29.10 -81.32
C HIS J 75 -51.67 -30.36 -80.50
N ARG J 76 -50.79 -31.23 -81.00
CA ARG J 76 -50.48 -32.48 -80.33
C ARG J 76 -49.61 -32.16 -79.12
N GLU J 77 -50.21 -32.25 -77.94
CA GLU J 77 -49.52 -31.97 -76.68
C GLU J 77 -49.18 -33.31 -76.04
N ILE J 78 -47.91 -33.67 -76.07
CA ILE J 78 -47.43 -34.92 -75.48
C ILE J 78 -46.97 -34.63 -74.07
N LEU J 79 -47.59 -35.31 -73.09
CA LEU J 79 -47.37 -35.07 -71.68
C LEU J 79 -47.01 -36.38 -71.00
N CYS J 80 -46.04 -36.32 -70.10
CA CYS J 80 -45.67 -37.43 -69.24
C CYS J 80 -46.13 -37.17 -67.81
N TYR J 81 -46.53 -38.23 -67.12
CA TYR J 81 -46.85 -38.09 -65.71
C TYR J 81 -45.61 -37.67 -64.92
N SER J 82 -44.44 -38.21 -65.28
CA SER J 82 -43.25 -37.99 -64.48
C SER J 82 -42.80 -36.53 -64.53
N LYS J 83 -42.85 -35.89 -65.71
CA LYS J 83 -42.36 -34.54 -65.89
C LYS J 83 -43.43 -33.51 -66.19
N ASP J 84 -44.52 -33.89 -66.86
CA ASP J 84 -45.60 -32.97 -67.23
C ASP J 84 -46.79 -33.11 -66.29
N ALA J 85 -46.51 -33.33 -65.00
CA ALA J 85 -47.58 -33.42 -64.03
C ALA J 85 -48.36 -32.12 -63.94
N LYS J 86 -47.68 -30.97 -64.05
CA LYS J 86 -48.36 -29.69 -63.99
C LYS J 86 -49.34 -29.55 -65.16
N GLU J 87 -48.90 -29.90 -66.37
CA GLU J 87 -49.78 -29.81 -67.53
C GLU J 87 -50.95 -30.78 -67.40
N ILE J 88 -50.70 -31.98 -66.88
CA ILE J 88 -51.77 -32.97 -66.77
C ILE J 88 -52.79 -32.55 -65.72
N TYR J 89 -52.32 -32.00 -64.61
CA TYR J 89 -53.18 -31.62 -63.49
C TYR J 89 -53.80 -30.25 -63.66
N TYR J 90 -53.38 -29.46 -64.66
CA TYR J 90 -53.85 -28.09 -64.84
C TYR J 90 -53.53 -27.26 -63.60
N THR J 91 -52.24 -27.19 -63.29
CA THR J 91 -51.73 -26.44 -62.14
C THR J 91 -50.59 -25.56 -62.64
N PRO J 92 -50.90 -24.57 -63.49
CA PRO J 92 -49.84 -23.73 -64.04
C PRO J 92 -49.13 -22.94 -62.96
N ASP J 93 -47.84 -22.72 -63.17
CA ASP J 93 -47.06 -21.93 -62.22
C ASP J 93 -47.48 -20.47 -62.31
N PRO J 94 -47.87 -19.82 -61.19
CA PRO J 94 -48.22 -18.40 -61.34
C PRO J 94 -47.00 -17.53 -61.60
N GLU J 329 -11.55 3.04 -21.14
CA GLU J 329 -11.33 2.73 -19.72
C GLU J 329 -9.89 2.30 -19.47
N GLU J 330 -8.95 2.90 -20.20
CA GLU J 330 -7.55 2.52 -20.07
C GLU J 330 -7.02 2.81 -18.68
N ILE J 331 -7.31 4.00 -18.15
CA ILE J 331 -6.79 4.38 -16.84
C ILE J 331 -7.38 3.50 -15.74
N THR J 332 -8.70 3.29 -15.79
CA THR J 332 -9.33 2.47 -14.75
C THR J 332 -8.86 1.01 -14.84
N LYS J 333 -8.66 0.50 -16.06
CA LYS J 333 -8.11 -0.85 -16.21
C LYS J 333 -6.70 -0.92 -15.64
N ASP J 334 -5.88 0.09 -15.91
CA ASP J 334 -4.51 0.09 -15.41
C ASP J 334 -4.48 0.10 -13.89
N HIS J 335 -5.33 0.91 -13.26
CA HIS J 335 -5.40 0.85 -11.81
C HIS J 335 -5.95 -0.47 -11.30
N LYS J 336 -6.93 -1.04 -11.99
CA LYS J 336 -7.44 -2.33 -11.53
C LYS J 336 -6.32 -3.37 -11.56
N VAL J 337 -5.46 -3.29 -12.57
CA VAL J 337 -4.30 -4.18 -12.64
C VAL J 337 -3.35 -3.90 -11.49
N LEU J 338 -3.11 -2.62 -11.18
CA LEU J 338 -2.22 -2.29 -10.07
C LEU J 338 -2.75 -2.82 -8.75
N ALA J 339 -4.04 -2.59 -8.48
CA ALA J 339 -4.64 -3.06 -7.25
C ALA J 339 -4.64 -4.58 -7.18
N ARG J 340 -4.86 -5.23 -8.32
CA ARG J 340 -4.78 -6.68 -8.37
C ARG J 340 -3.38 -7.15 -8.00
N GLN J 341 -2.35 -6.49 -8.55
CA GLN J 341 -0.97 -6.88 -8.25
C GLN J 341 -0.66 -6.69 -6.76
N GLN J 342 -1.13 -5.58 -6.18
CA GLN J 342 -0.95 -5.36 -4.75
C GLN J 342 -1.65 -6.42 -3.92
N LEU J 343 -2.87 -6.81 -4.33
CA LEU J 343 -3.59 -7.87 -3.65
C LEU J 343 -2.84 -9.19 -3.72
N GLN J 344 -2.30 -9.52 -4.89
CA GLN J 344 -1.53 -10.76 -5.03
C GLN J 344 -0.29 -10.73 -4.16
N VAL J 345 0.39 -9.57 -4.11
CA VAL J 345 1.56 -9.46 -3.25
C VAL J 345 1.19 -9.69 -1.79
N LEU J 346 0.09 -9.07 -1.34
CA LEU J 346 -0.31 -9.22 0.05
C LEU J 346 -0.72 -10.66 0.36
N ALA J 347 -1.46 -11.30 -0.55
CA ALA J 347 -1.84 -12.69 -0.35
C ALA J 347 -0.63 -13.59 -0.29
N ARG J 348 0.34 -13.35 -1.17
CA ARG J 348 1.58 -14.12 -1.18
C ARG J 348 2.33 -13.94 0.13
N TYR J 349 2.39 -12.72 0.65
CA TYR J 349 3.07 -12.48 1.92
C TYR J 349 2.32 -13.15 3.07
N LEU J 350 0.99 -13.10 3.05
CA LEU J 350 0.16 -13.70 4.07
C LEU J 350 0.07 -15.21 3.96
N LYS J 351 0.61 -15.80 2.89
CA LYS J 351 0.50 -17.23 2.64
C LYS J 351 -0.96 -17.62 2.48
N MET J 352 -1.72 -16.73 1.84
CA MET J 352 -3.13 -16.95 1.56
C MET J 352 -3.26 -17.53 0.16
N ASP J 353 -3.93 -18.67 0.06
CA ASP J 353 -4.19 -19.32 -1.22
C ASP J 353 -5.56 -18.86 -1.70
N LEU J 354 -5.57 -17.85 -2.58
CA LEU J 354 -6.83 -17.32 -3.07
C LEU J 354 -7.59 -18.35 -3.89
N ASP J 355 -6.88 -19.25 -4.57
CA ASP J 355 -7.50 -20.25 -5.42
C ASP J 355 -7.93 -21.50 -4.68
N ASN J 356 -7.69 -21.59 -3.37
CA ASN J 356 -7.94 -22.84 -2.65
C ASN J 356 -9.41 -23.22 -2.65
N GLY J 357 -10.29 -22.24 -2.38
CA GLY J 357 -11.70 -22.52 -2.41
C GLY J 357 -12.17 -22.99 -3.76
N GLU J 358 -11.66 -22.37 -4.83
CA GLU J 358 -12.03 -22.78 -6.17
C GLU J 358 -11.53 -24.19 -6.48
N ARG J 359 -10.29 -24.50 -6.08
CA ARG J 359 -9.78 -25.86 -6.31
C ARG J 359 -10.64 -26.89 -5.62
N LYS J 360 -10.98 -26.64 -4.35
CA LYS J 360 -11.84 -27.56 -3.63
C LYS J 360 -13.20 -27.67 -4.31
N PHE J 361 -13.71 -26.54 -4.83
CA PHE J 361 -15.02 -26.56 -5.48
C PHE J 361 -15.00 -27.40 -6.74
N LEU J 362 -13.94 -27.30 -7.56
CA LEU J 362 -13.86 -28.13 -8.75
C LEU J 362 -13.69 -29.61 -8.39
N LYS J 363 -12.91 -29.91 -7.35
CA LYS J 363 -12.82 -31.30 -6.91
C LYS J 363 -14.18 -31.84 -6.49
N GLU J 364 -14.92 -31.04 -5.72
CA GLU J 364 -16.24 -31.48 -5.27
C GLU J 364 -17.22 -31.56 -6.43
N LYS J 365 -17.08 -30.70 -7.43
CA LYS J 365 -17.93 -30.77 -8.61
C LYS J 365 -17.67 -32.06 -9.37
N ASP J 366 -16.40 -32.46 -9.46
CA ASP J 366 -16.09 -33.75 -10.06
C ASP J 366 -16.70 -34.89 -9.26
N THR J 367 -16.64 -34.81 -7.93
CA THR J 367 -17.27 -35.82 -7.09
C THR J 367 -18.78 -35.86 -7.31
N VAL J 368 -19.41 -34.70 -7.44
CA VAL J 368 -20.84 -34.65 -7.73
C VAL J 368 -21.12 -35.31 -9.07
N ALA J 369 -20.28 -35.03 -10.06
CA ALA J 369 -20.49 -35.63 -11.38
C ALA J 369 -20.38 -37.15 -11.31
N GLU J 370 -19.44 -37.67 -10.54
CA GLU J 370 -19.28 -39.12 -10.46
C GLU J 370 -20.41 -39.78 -9.68
N LEU J 371 -20.85 -39.15 -8.58
CA LEU J 371 -21.97 -39.71 -7.83
C LEU J 371 -23.26 -39.63 -8.65
N GLN J 372 -23.44 -38.54 -9.40
CA GLN J 372 -24.60 -38.43 -10.27
C GLN J 372 -24.54 -39.43 -11.41
N ALA J 373 -23.33 -39.74 -11.89
CA ALA J 373 -23.20 -40.79 -12.90
C ALA J 373 -23.63 -42.13 -12.33
N GLN J 374 -23.22 -42.44 -11.09
CA GLN J 374 -23.66 -43.68 -10.46
C GLN J 374 -25.17 -43.71 -10.27
N LEU J 375 -25.74 -42.60 -9.82
CA LEU J 375 -27.20 -42.56 -9.62
C LEU J 375 -27.94 -42.66 -10.95
N ASP J 376 -27.42 -42.01 -12.00
CA ASP J 376 -28.03 -42.11 -13.31
C ASP J 376 -27.96 -43.54 -13.84
N TYR J 377 -26.85 -44.23 -13.58
CA TYR J 377 -26.77 -45.63 -13.99
C TYR J 377 -27.78 -46.48 -13.23
N LEU J 378 -27.88 -46.28 -11.92
CA LEU J 378 -28.83 -47.06 -11.13
C LEU J 378 -30.27 -46.76 -11.54
N ASN J 379 -30.54 -45.52 -11.93
CA ASN J 379 -31.89 -45.17 -12.39
C ASN J 379 -32.16 -45.73 -13.77
N ALA J 380 -31.17 -45.72 -14.66
CA ALA J 380 -31.34 -46.35 -15.95
C ALA J 380 -31.49 -47.85 -15.82
N GLU J 381 -31.02 -48.41 -14.71
CA GLU J 381 -31.04 -49.85 -14.52
C GLU J 381 -32.34 -50.31 -13.86
N LEU J 382 -32.61 -49.79 -12.66
CA LEU J 382 -33.81 -50.19 -11.93
C LEU J 382 -35.05 -49.49 -12.47
N GLY J 383 -34.89 -48.32 -13.06
CA GLY J 383 -35.98 -47.52 -13.57
C GLY J 383 -36.45 -46.51 -12.54
N GLU J 384 -37.09 -45.45 -13.04
CA GLU J 384 -37.58 -44.41 -12.15
C GLU J 384 -38.63 -44.96 -11.19
N PHE J 385 -39.53 -45.81 -11.69
CA PHE J 385 -40.59 -46.34 -10.84
C PHE J 385 -40.01 -47.16 -9.69
N PHE J 386 -39.08 -48.08 -10.00
CA PHE J 386 -38.52 -48.93 -8.96
C PHE J 386 -37.76 -48.10 -7.92
N VAL J 387 -36.90 -47.19 -8.38
CA VAL J 387 -36.08 -46.40 -7.47
C VAL J 387 -36.97 -45.53 -6.59
N ASN J 388 -38.00 -44.91 -7.17
CA ASN J 388 -38.90 -44.10 -6.36
C ASN J 388 -39.68 -44.96 -5.40
N GLY J 389 -40.13 -46.14 -5.84
CA GLY J 389 -40.96 -47.00 -5.03
C GLY J 389 -40.26 -47.68 -3.89
N VAL J 390 -38.94 -47.83 -3.96
CA VAL J 390 -38.22 -48.44 -2.85
C VAL J 390 -37.99 -47.43 -1.73
N ALA J 391 -38.52 -46.22 -1.87
CA ALA J 391 -38.39 -45.20 -0.84
C ALA J 391 -39.00 -45.68 0.47
N THR J 392 -38.26 -45.50 1.56
CA THR J 392 -38.71 -45.95 2.87
C THR J 392 -39.98 -45.23 3.28
N SER J 393 -40.86 -45.95 3.96
CA SER J 393 -42.10 -45.40 4.47
C SER J 393 -42.39 -45.76 5.92
N PHE J 394 -41.79 -46.82 6.45
CA PHE J 394 -42.04 -47.24 7.82
C PHE J 394 -41.24 -46.40 8.81
N SER J 395 -41.85 -46.10 9.95
CA SER J 395 -41.16 -45.55 11.10
C SER J 395 -41.95 -45.92 12.35
N ARG J 396 -41.21 -46.24 13.42
CA ARG J 396 -41.86 -46.68 14.66
C ARG J 396 -42.75 -45.59 15.25
N LYS J 397 -42.28 -44.34 15.21
CA LYS J 397 -43.06 -43.25 15.79
C LYS J 397 -44.39 -43.05 15.10
N LYS J 398 -44.52 -43.50 13.87
CA LYS J 398 -45.71 -43.28 13.06
C LYS J 398 -46.78 -44.36 13.26
N ALA J 399 -46.51 -45.38 14.06
CA ALA J 399 -47.48 -46.43 14.31
C ALA J 399 -48.59 -45.93 15.22
N ARG J 400 -49.83 -46.30 14.90
CA ARG J 400 -51.02 -45.89 15.61
C ARG J 400 -51.69 -47.11 16.22
N THR J 401 -51.86 -47.09 17.54
CA THR J 401 -52.50 -48.16 18.28
C THR J 401 -53.95 -47.81 18.55
N PHE J 402 -54.84 -48.78 18.29
CA PHE J 402 -56.25 -48.67 18.60
C PHE J 402 -56.59 -49.84 19.52
N ASP J 403 -56.94 -49.53 20.76
CA ASP J 403 -57.25 -50.56 21.75
C ASP J 403 -58.41 -50.20 22.67
N SER J 404 -59.09 -49.07 22.47
CA SER J 404 -60.12 -48.61 23.40
C SER J 404 -61.49 -49.16 23.01
N SER J 405 -61.53 -50.48 22.85
CA SER J 405 -62.75 -51.18 22.46
C SER J 405 -63.86 -51.03 23.48
N TRP J 406 -63.54 -50.91 24.77
CA TRP J 406 -64.53 -50.60 25.79
C TRP J 406 -65.32 -49.33 25.44
N ASN J 407 -64.60 -48.25 25.17
CA ASN J 407 -65.24 -46.99 24.82
C ASN J 407 -66.00 -47.12 23.50
N TRP J 408 -65.40 -47.80 22.52
CA TRP J 408 -66.06 -47.94 21.23
C TRP J 408 -67.32 -48.80 21.34
N ALA J 409 -67.34 -49.75 22.27
CA ALA J 409 -68.54 -50.55 22.49
C ALA J 409 -69.67 -49.68 23.01
N LYS J 410 -69.36 -48.85 24.01
CA LYS J 410 -70.39 -47.95 24.52
C LYS J 410 -70.90 -47.00 23.44
N GLN J 411 -69.98 -46.45 22.64
CA GLN J 411 -70.37 -45.55 21.56
C GLN J 411 -71.24 -46.26 20.53
N SER J 412 -70.85 -47.48 20.14
CA SER J 412 -71.62 -48.22 19.16
C SER J 412 -73.01 -48.54 19.68
N LEU J 413 -73.11 -48.87 20.96
CA LEU J 413 -74.41 -49.10 21.55
C LEU J 413 -75.28 -47.85 21.49
N LEU J 414 -74.72 -46.70 21.83
CA LEU J 414 -75.51 -45.47 21.76
C LEU J 414 -75.93 -45.17 20.34
N SER J 415 -75.03 -45.39 19.38
CA SER J 415 -75.36 -45.15 17.98
C SER J 415 -76.51 -46.02 17.52
N LEU J 416 -76.44 -47.32 17.83
CA LEU J 416 -77.52 -48.23 17.43
C LEU J 416 -78.83 -47.89 18.13
N TYR J 417 -78.75 -47.54 19.42
CA TYR J 417 -79.94 -47.14 20.17
C TYR J 417 -80.62 -45.96 19.51
N PHE J 418 -79.85 -44.91 19.20
CA PHE J 418 -80.44 -43.71 18.62
C PHE J 418 -80.92 -43.96 17.20
N GLU J 419 -80.21 -44.80 16.44
CA GLU J 419 -80.69 -45.10 15.10
C GLU J 419 -82.01 -45.84 15.13
N ILE J 420 -82.18 -46.76 16.09
CA ILE J 420 -83.46 -47.46 16.20
C ILE J 420 -84.56 -46.48 16.61
N ILE J 421 -84.34 -45.67 17.63
CA ILE J 421 -85.42 -44.78 18.08
C ILE J 421 -85.74 -43.74 17.02
N HIS J 422 -84.74 -43.23 16.30
CA HIS J 422 -84.98 -42.26 15.24
C HIS J 422 -85.51 -42.91 13.97
N GLY J 423 -85.51 -44.24 13.91
CA GLY J 423 -86.10 -44.93 12.78
C GLY J 423 -85.18 -45.13 11.61
N VAL J 424 -83.89 -44.84 11.77
CA VAL J 424 -82.92 -45.17 10.73
C VAL J 424 -82.85 -46.68 10.56
N LEU J 425 -83.31 -47.44 11.56
CA LEU J 425 -83.44 -48.88 11.49
C LEU J 425 -84.83 -49.24 12.02
N LYS J 426 -85.82 -49.28 11.12
CA LYS J 426 -87.18 -49.63 11.49
C LYS J 426 -87.35 -51.10 11.86
N ASN J 427 -86.55 -51.98 11.26
CA ASN J 427 -86.66 -53.42 11.50
C ASN J 427 -85.32 -53.93 11.98
N VAL J 428 -85.28 -55.24 12.27
CA VAL J 428 -84.03 -55.89 12.63
C VAL J 428 -83.37 -56.38 11.36
N ASP J 429 -82.62 -55.49 10.70
CA ASP J 429 -81.89 -55.87 9.51
C ASP J 429 -80.49 -56.35 9.88
N ARG J 430 -79.80 -56.91 8.88
CA ARG J 430 -78.53 -57.56 9.14
C ARG J 430 -77.48 -56.57 9.62
N GLU J 431 -77.62 -55.28 9.29
CA GLU J 431 -76.72 -54.28 9.85
C GLU J 431 -76.93 -54.13 11.35
N VAL J 432 -78.19 -54.15 11.79
CA VAL J 432 -78.47 -54.11 13.23
C VAL J 432 -77.93 -55.35 13.90
N VAL J 433 -78.11 -56.51 13.27
CA VAL J 433 -77.59 -57.75 13.85
C VAL J 433 -76.08 -57.71 13.95
N SER J 434 -75.41 -57.23 12.90
CA SER J 434 -73.95 -57.15 12.93
C SER J 434 -73.46 -56.17 13.99
N GLU J 435 -74.14 -55.04 14.13
CA GLU J 435 -73.74 -54.07 15.15
C GLU J 435 -73.93 -54.67 16.54
N ALA J 436 -75.03 -55.39 16.75
CA ALA J 436 -75.22 -56.11 18.00
C ALA J 436 -74.13 -57.13 18.23
N ILE J 437 -73.70 -57.82 17.18
CA ILE J 437 -72.65 -58.82 17.33
C ILE J 437 -71.34 -58.15 17.74
N ASN J 438 -71.05 -56.98 17.18
CA ASN J 438 -69.86 -56.24 17.60
C ASN J 438 -69.97 -55.81 19.06
N ILE J 439 -71.16 -55.38 19.48
CA ILE J 439 -71.37 -55.02 20.87
C ILE J 439 -71.13 -56.23 21.77
N MET J 440 -71.68 -57.39 21.39
CA MET J 440 -71.41 -58.60 22.15
C MET J 440 -69.93 -58.95 22.18
N ASN J 441 -69.24 -58.78 21.05
CA ASN J 441 -67.82 -59.09 21.00
C ASN J 441 -67.02 -58.19 21.93
N ARG J 442 -67.52 -56.99 22.19
CA ARG J 442 -66.89 -56.09 23.16
C ARG J 442 -67.57 -56.12 24.53
N SER J 443 -68.49 -57.05 24.77
CA SER J 443 -69.28 -57.04 26.00
C SER J 443 -68.40 -57.25 27.23
N ASN J 444 -68.62 -56.40 28.23
CA ASN J 444 -67.99 -56.51 29.54
C ASN J 444 -69.00 -55.97 30.55
N ASP J 445 -68.64 -56.07 31.84
CA ASP J 445 -69.59 -55.74 32.89
C ASP J 445 -70.02 -54.28 32.84
N ALA J 446 -69.08 -53.37 32.57
CA ALA J 446 -69.42 -51.97 32.43
C ALA J 446 -70.36 -51.74 31.25
N LEU J 447 -70.15 -52.48 30.16
CA LEU J 447 -71.06 -52.37 29.02
C LEU J 447 -72.43 -52.92 29.35
N ILE J 448 -72.50 -53.99 30.14
CA ILE J 448 -73.79 -54.53 30.54
C ILE J 448 -74.55 -53.49 31.37
N LYS J 449 -73.86 -52.85 32.31
CA LYS J 449 -74.52 -51.83 33.12
C LYS J 449 -74.94 -50.62 32.29
N PHE J 450 -74.09 -50.23 31.34
CA PHE J 450 -74.42 -49.15 30.40
C PHE J 450 -75.70 -49.47 29.64
N MET J 451 -75.78 -50.68 29.09
CA MET J 451 -76.96 -51.08 28.34
C MET J 451 -78.19 -51.17 29.25
N GLU J 452 -78.03 -51.73 30.45
CA GLU J 452 -79.16 -51.82 31.36
C GLU J 452 -79.72 -50.46 31.68
N TYR J 453 -78.84 -49.49 31.97
CA TYR J 453 -79.37 -48.16 32.24
C TYR J 453 -80.11 -47.61 31.02
N HIS J 454 -79.49 -47.70 29.84
CA HIS J 454 -80.08 -47.03 28.70
C HIS J 454 -81.33 -47.74 28.16
N ILE J 455 -81.54 -49.00 28.53
CA ILE J 455 -82.73 -49.73 28.08
C ILE J 455 -83.83 -49.71 29.15
N SER J 456 -83.46 -49.66 30.43
CA SER J 456 -84.48 -49.55 31.47
C SER J 456 -84.99 -48.12 31.57
N ASN J 457 -84.14 -47.13 31.31
CA ASN J 457 -84.58 -45.75 31.36
C ASN J 457 -85.44 -45.40 30.15
N THR J 458 -85.41 -46.22 29.11
CA THR J 458 -86.27 -46.01 27.96
C THR J 458 -87.74 -46.17 28.37
N ASP J 459 -88.56 -45.23 27.94
CA ASP J 459 -90.00 -45.27 28.17
C ASP J 459 -90.66 -45.77 26.89
N GLU J 460 -91.49 -46.81 27.02
CA GLU J 460 -92.01 -47.50 25.85
C GLU J 460 -93.29 -46.89 25.32
N THR J 461 -93.94 -46.01 26.10
CA THR J 461 -95.18 -45.40 25.66
C THR J 461 -94.99 -44.32 24.61
N LYS J 462 -93.73 -43.92 24.34
CA LYS J 462 -93.46 -42.81 23.40
C LYS J 462 -93.31 -43.36 21.99
N GLY J 463 -94.39 -43.98 21.50
CA GLY J 463 -94.42 -44.51 20.16
C GLY J 463 -93.75 -45.86 20.05
N GLU J 464 -94.10 -46.58 18.99
CA GLU J 464 -93.66 -47.97 18.84
C GLU J 464 -92.16 -48.08 18.66
N ASN J 465 -91.51 -47.02 18.21
CA ASN J 465 -90.06 -47.08 18.01
C ASN J 465 -89.33 -47.27 19.33
N TYR J 466 -89.81 -46.61 20.39
CA TYR J 466 -89.19 -46.75 21.70
C TYR J 466 -89.47 -48.13 22.28
N GLN J 467 -90.68 -48.65 22.09
CA GLN J 467 -90.95 -50.02 22.51
C GLN J 467 -90.03 -51.00 21.79
N LEU J 468 -89.81 -50.77 20.49
CA LEU J 468 -88.92 -51.64 19.73
C LEU J 468 -87.49 -51.56 20.25
N VAL J 469 -86.99 -50.36 20.53
CA VAL J 469 -85.62 -50.26 21.04
C VAL J 469 -85.52 -50.92 22.40
N LYS J 470 -86.54 -50.77 23.24
CA LYS J 470 -86.52 -51.40 24.56
C LYS J 470 -86.49 -52.92 24.44
N THR J 471 -87.36 -53.48 23.59
CA THR J 471 -87.38 -54.93 23.42
C THR J 471 -86.05 -55.44 22.89
N LEU J 472 -85.55 -54.83 21.82
CA LEU J 472 -84.29 -55.25 21.24
C LEU J 472 -83.15 -55.09 22.23
N GLY J 473 -83.20 -54.07 23.07
CA GLY J 473 -82.14 -53.85 24.03
C GLY J 473 -82.17 -54.83 25.18
N GLU J 474 -83.37 -55.22 25.63
CA GLU J 474 -83.44 -56.31 26.61
C GLU J 474 -82.87 -57.59 26.02
N GLN J 475 -83.21 -57.87 24.75
CA GLN J 475 -82.65 -59.02 24.08
C GLN J 475 -81.13 -58.95 24.01
N LEU J 476 -80.60 -57.77 23.68
CA LEU J 476 -79.15 -57.61 23.56
C LEU J 476 -78.46 -57.71 24.92
N ILE J 477 -79.11 -57.20 25.98
CA ILE J 477 -78.55 -57.33 27.32
C ILE J 477 -78.47 -58.80 27.69
N GLU J 478 -79.53 -59.56 27.42
CA GLU J 478 -79.49 -60.99 27.67
C GLU J 478 -78.35 -61.63 26.89
N ASN J 479 -78.25 -61.34 25.59
CA ASN J 479 -77.26 -62.00 24.74
C ASN J 479 -75.83 -61.62 25.15
N CYS J 480 -75.63 -60.40 25.65
CA CYS J 480 -74.30 -59.98 26.09
C CYS J 480 -73.95 -60.60 27.43
N LYS J 481 -74.95 -60.84 28.27
CA LYS J 481 -74.69 -61.53 29.53
C LYS J 481 -74.17 -62.94 29.29
N GLN J 482 -74.69 -63.62 28.26
CA GLN J 482 -74.21 -64.97 27.96
C GLN J 482 -72.75 -64.97 27.54
N VAL J 483 -72.33 -64.00 26.73
CA VAL J 483 -70.96 -63.96 26.22
C VAL J 483 -70.12 -62.99 27.03
N LEU J 484 -70.56 -62.70 28.26
CA LEU J 484 -69.76 -61.89 29.17
C LEU J 484 -68.35 -62.45 29.33
N ASP J 485 -68.24 -63.78 29.42
CA ASP J 485 -66.96 -64.46 29.55
C ASP J 485 -66.54 -65.20 28.29
N VAL J 486 -67.46 -65.41 27.35
CA VAL J 486 -67.13 -66.12 26.11
C VAL J 486 -66.17 -65.27 25.28
N ASP J 487 -65.37 -65.93 24.45
CA ASP J 487 -64.37 -65.23 23.67
C ASP J 487 -65.07 -64.45 22.55
N PRO J 488 -64.45 -63.38 22.05
CA PRO J 488 -65.05 -62.67 20.91
C PRO J 488 -64.89 -63.46 19.62
N VAL J 489 -65.97 -63.52 18.85
CA VAL J 489 -66.06 -64.38 17.66
C VAL J 489 -66.34 -63.51 16.45
N TYR J 490 -65.69 -63.85 15.33
CA TYR J 490 -66.01 -63.25 14.05
C TYR J 490 -67.18 -63.99 13.44
N LYS J 491 -68.34 -63.33 13.37
CA LYS J 491 -69.54 -63.88 12.80
C LYS J 491 -70.09 -62.87 11.80
N ASP J 492 -69.98 -63.20 10.51
CA ASP J 492 -70.45 -62.36 9.43
C ASP J 492 -71.91 -62.67 9.16
N VAL J 493 -72.75 -61.63 9.18
CA VAL J 493 -74.18 -61.78 9.02
C VAL J 493 -74.74 -60.98 7.86
N ALA J 494 -73.88 -60.39 7.01
CA ALA J 494 -74.38 -59.70 5.83
C ALA J 494 -75.01 -60.69 4.87
N LYS J 495 -75.97 -60.22 4.10
CA LYS J 495 -76.62 -61.08 3.12
C LYS J 495 -75.63 -61.36 1.99
N PRO J 496 -75.38 -62.61 1.61
CA PRO J 496 -74.60 -62.85 0.39
C PRO J 496 -75.26 -62.20 -0.81
N THR J 497 -74.43 -61.59 -1.65
CA THR J 497 -74.88 -60.88 -2.84
C THR J 497 -74.10 -61.39 -4.04
N GLY J 498 -74.81 -61.70 -5.11
CA GLY J 498 -74.19 -62.11 -6.35
C GLY J 498 -74.12 -60.96 -7.33
N PRO J 499 -73.49 -61.18 -8.48
CA PRO J 499 -73.42 -60.14 -9.49
C PRO J 499 -74.71 -60.04 -10.29
N LYS J 500 -75.01 -58.81 -10.72
CA LYS J 500 -76.14 -58.60 -11.63
C LYS J 500 -75.74 -57.51 -12.61
N THR J 501 -75.67 -57.84 -13.89
CA THR J 501 -75.36 -56.89 -14.95
C THR J 501 -76.59 -56.73 -15.83
N ALA J 502 -77.01 -55.48 -16.04
CA ALA J 502 -78.19 -55.16 -16.82
C ALA J 502 -77.81 -54.16 -17.91
N ILE J 503 -78.39 -54.33 -19.09
CA ILE J 503 -78.19 -53.42 -20.21
C ILE J 503 -79.52 -52.75 -20.51
N ASP J 504 -79.58 -51.44 -20.29
CA ASP J 504 -80.79 -50.67 -20.55
C ASP J 504 -81.10 -50.65 -22.05
N LYS J 505 -82.29 -50.13 -22.38
CA LYS J 505 -82.68 -50.02 -23.79
C LYS J 505 -81.74 -49.10 -24.56
N ASN J 506 -81.16 -48.10 -23.89
CA ASN J 506 -80.22 -47.19 -24.50
C ASN J 506 -78.78 -47.66 -24.39
N GLY J 507 -78.56 -48.95 -24.14
CA GLY J 507 -77.22 -49.47 -24.05
C GLY J 507 -76.42 -48.96 -22.87
N ASN J 508 -77.05 -48.85 -21.71
CA ASN J 508 -76.38 -48.43 -20.48
C ASN J 508 -76.16 -49.66 -19.61
N ILE J 509 -74.90 -49.91 -19.26
CA ILE J 509 -74.52 -51.07 -18.44
C ILE J 509 -74.60 -50.66 -16.98
N THR J 510 -75.36 -51.42 -16.20
CA THR J 510 -75.50 -51.20 -14.77
C THR J 510 -75.09 -52.49 -14.06
N TYR J 511 -74.20 -52.37 -13.08
CA TYR J 511 -73.80 -53.49 -12.24
C TYR J 511 -74.34 -53.28 -10.84
N SER J 512 -74.90 -54.33 -10.26
CA SER J 512 -75.44 -54.28 -8.91
C SER J 512 -75.10 -55.56 -8.17
N GLU J 513 -75.04 -55.44 -6.84
CA GLU J 513 -74.79 -56.56 -5.94
C GLU J 513 -76.12 -57.00 -5.34
N GLU J 514 -76.89 -57.71 -6.14
CA GLU J 514 -78.21 -58.10 -5.67
C GLU J 514 -78.10 -59.28 -4.70
N PRO J 515 -78.95 -59.35 -3.66
CA PRO J 515 -78.93 -60.55 -2.82
C PRO J 515 -79.23 -61.80 -3.63
N ARG J 516 -78.53 -62.88 -3.31
CA ARG J 516 -78.76 -64.15 -3.97
C ARG J 516 -80.08 -64.75 -3.49
N GLU J 517 -80.88 -65.25 -4.42
CA GLU J 517 -82.15 -65.86 -4.07
C GLU J 517 -81.93 -67.17 -3.32
N LYS J 518 -81.09 -68.05 -3.85
CA LYS J 518 -80.91 -69.37 -3.24
C LYS J 518 -80.16 -69.27 -1.92
N VAL J 519 -79.12 -68.44 -1.87
CA VAL J 519 -78.25 -68.31 -0.71
C VAL J 519 -78.60 -67.02 0.02
N ARG J 520 -78.84 -67.14 1.33
CA ARG J 520 -79.30 -66.02 2.15
C ARG J 520 -78.51 -65.86 3.44
N LYS J 521 -77.84 -66.90 3.92
CA LYS J 521 -77.01 -66.84 5.11
C LYS J 521 -75.61 -67.34 4.77
N LEU J 522 -74.67 -67.10 5.68
CA LEU J 522 -73.33 -67.64 5.51
C LEU J 522 -73.32 -69.16 5.65
N SER J 523 -74.23 -69.71 6.46
CA SER J 523 -74.37 -71.17 6.52
C SER J 523 -74.82 -71.72 5.18
N GLN J 524 -75.79 -71.05 4.53
CA GLN J 524 -76.22 -71.48 3.21
C GLN J 524 -75.12 -71.30 2.18
N TYR J 525 -74.31 -70.26 2.33
CA TYR J 525 -73.15 -70.10 1.45
C TYR J 525 -72.19 -71.28 1.60
N VAL J 526 -71.94 -71.71 2.85
CA VAL J 526 -71.05 -72.84 3.07
C VAL J 526 -71.65 -74.11 2.48
N GLN J 527 -72.96 -74.29 2.62
CA GLN J 527 -73.62 -75.43 2.01
C GLN J 527 -73.47 -75.41 0.49
N GLU J 528 -73.61 -74.24 -0.12
CA GLU J 528 -73.46 -74.14 -1.57
C GLU J 528 -72.03 -74.45 -1.98
N MET J 529 -71.05 -73.99 -1.21
CA MET J 529 -69.66 -74.32 -1.51
C MET J 529 -69.44 -75.82 -1.46
N ALA J 530 -69.97 -76.48 -0.42
CA ALA J 530 -69.81 -77.92 -0.30
C ALA J 530 -70.47 -78.64 -1.46
N LEU J 531 -71.67 -78.21 -1.85
CA LEU J 531 -72.39 -78.86 -2.93
C LEU J 531 -71.65 -78.71 -4.25
N GLY J 532 -71.10 -77.53 -4.51
CA GLY J 532 -70.46 -77.30 -5.79
C GLY J 532 -71.48 -77.06 -6.90
N GLY J 533 -71.18 -77.58 -8.09
CA GLY J 533 -72.06 -77.47 -9.23
C GLY J 533 -71.75 -78.55 -10.25
N PRO J 534 -72.59 -78.67 -11.28
CA PRO J 534 -72.31 -79.66 -12.33
C PRO J 534 -70.94 -79.53 -12.93
N ILE J 535 -70.44 -78.32 -13.15
CA ILE J 535 -69.14 -78.14 -13.78
C ILE J 535 -68.03 -78.68 -12.88
N THR J 536 -68.26 -78.72 -11.57
CA THR J 536 -67.24 -79.22 -10.65
C THR J 536 -67.30 -80.74 -10.49
N LYS J 537 -68.27 -81.40 -11.13
CA LYS J 537 -68.29 -82.86 -11.16
C LYS J 537 -67.23 -83.37 -12.13
N GLU J 538 -66.72 -84.56 -11.86
CA GLU J 538 -65.76 -85.22 -12.75
C GLU J 538 -66.13 -86.69 -12.90
N SER J 539 -65.67 -87.28 -14.00
CA SER J 539 -65.92 -88.69 -14.28
C SER J 539 -65.30 -89.58 -13.20
N SER J 623 -76.40 -82.24 13.59
CA SER J 623 -76.11 -83.66 13.79
C SER J 623 -75.08 -84.14 12.78
N LYS J 624 -75.27 -83.74 11.52
CA LYS J 624 -74.38 -84.10 10.43
C LYS J 624 -73.70 -82.84 9.91
N THR J 625 -72.39 -82.91 9.73
CA THR J 625 -71.64 -81.76 9.25
C THR J 625 -71.96 -81.48 7.79
N VAL J 626 -71.58 -80.28 7.33
CA VAL J 626 -71.82 -79.91 5.94
C VAL J 626 -70.99 -80.77 4.99
N SER J 627 -69.88 -81.34 5.48
CA SER J 627 -69.06 -82.18 4.62
C SER J 627 -69.77 -83.50 4.29
N SER J 628 -70.83 -83.84 5.04
CA SER J 628 -71.65 -84.99 4.67
C SER J 628 -72.45 -84.74 3.40
N THR J 629 -72.91 -83.51 3.19
CA THR J 629 -73.81 -83.18 2.10
C THR J 629 -73.10 -83.02 0.76
N ILE J 630 -71.78 -83.04 0.74
CA ILE J 630 -71.03 -82.99 -0.52
C ILE J 630 -71.42 -84.19 -1.38
N PRO J 631 -71.72 -84.03 -2.67
CA PRO J 631 -72.00 -85.20 -3.50
C PRO J 631 -70.75 -86.00 -3.82
N ARG J 632 -70.96 -87.29 -4.09
CA ARG J 632 -69.85 -88.18 -4.43
C ARG J 632 -69.29 -87.83 -5.80
N GLU J 633 -67.96 -87.93 -5.93
CA GLU J 633 -67.28 -87.71 -7.21
C GLU J 633 -67.48 -86.27 -7.67
N THR J 634 -67.24 -85.34 -6.76
CA THR J 634 -67.45 -83.92 -7.00
C THR J 634 -66.28 -83.14 -6.43
N ILE J 635 -66.14 -81.90 -6.89
CA ILE J 635 -65.17 -80.96 -6.34
C ILE J 635 -65.96 -79.81 -5.73
N PRO J 636 -65.86 -79.54 -4.43
CA PRO J 636 -66.53 -78.34 -3.89
C PRO J 636 -65.88 -77.06 -4.40
N PHE J 637 -66.65 -75.98 -4.33
CA PHE J 637 -66.14 -74.68 -4.76
C PHE J 637 -64.94 -74.26 -3.91
N LEU J 638 -65.02 -74.47 -2.60
CA LEU J 638 -63.90 -74.32 -1.70
C LEU J 638 -63.45 -75.68 -1.24
N HIS J 639 -62.17 -75.98 -1.39
CA HIS J 639 -61.63 -77.25 -0.93
C HIS J 639 -60.18 -77.03 -0.52
N LEU J 640 -59.60 -78.06 0.08
CA LEU J 640 -58.18 -78.12 0.34
C LEU J 640 -57.60 -79.23 -0.52
N ARG J 641 -56.41 -79.00 -1.06
CA ARG J 641 -55.72 -80.00 -1.86
C ARG J 641 -54.68 -80.72 -1.04
N LYS J 642 -54.30 -81.91 -1.50
CA LYS J 642 -53.23 -82.68 -0.91
C LYS J 642 -52.19 -82.98 -1.99
N LYS J 643 -50.92 -82.89 -1.60
CA LYS J 643 -49.84 -83.15 -2.55
C LYS J 643 -49.66 -84.65 -2.69
N THR J 644 -49.81 -85.15 -3.91
CA THR J 644 -49.62 -86.56 -4.18
C THR J 644 -48.13 -86.90 -4.16
N PRO J 645 -47.79 -88.20 -4.04
CA PRO J 645 -46.37 -88.57 -4.06
C PRO J 645 -45.67 -88.16 -5.34
N ALA J 646 -46.40 -88.03 -6.45
CA ALA J 646 -45.80 -87.56 -7.69
C ALA J 646 -45.41 -86.09 -7.63
N GLY J 647 -45.89 -85.33 -6.64
CA GLY J 647 -45.51 -83.95 -6.47
C GLY J 647 -46.53 -82.92 -6.93
N ASP J 648 -47.75 -83.34 -7.23
CA ASP J 648 -48.80 -82.45 -7.70
C ASP J 648 -49.97 -82.44 -6.71
N TRP J 649 -50.62 -81.30 -6.60
CA TRP J 649 -51.68 -81.09 -5.62
C TRP J 649 -53.03 -81.45 -6.22
N LYS J 650 -53.74 -82.36 -5.55
CA LYS J 650 -55.05 -82.83 -5.97
C LYS J 650 -56.06 -82.54 -4.87
N TYR J 651 -57.31 -82.40 -5.27
CA TYR J 651 -58.41 -82.28 -4.33
C TYR J 651 -58.42 -83.46 -3.37
N ASP J 652 -58.58 -83.16 -2.08
CA ASP J 652 -58.59 -84.18 -1.04
C ASP J 652 -59.88 -84.10 -0.23
N ARG J 653 -60.59 -85.23 -0.19
CA ARG J 653 -61.84 -85.30 0.56
C ARG J 653 -61.64 -84.96 2.03
N GLN J 654 -60.64 -85.56 2.68
CA GLN J 654 -60.49 -85.38 4.12
C GLN J 654 -60.19 -83.92 4.48
N LEU J 655 -59.19 -83.34 3.84
CA LEU J 655 -58.82 -81.96 4.14
C LEU J 655 -59.94 -81.00 3.78
N SER J 656 -60.59 -81.23 2.63
CA SER J 656 -61.70 -80.37 2.24
C SER J 656 -62.85 -80.47 3.22
N SER J 657 -63.16 -81.68 3.70
CA SER J 657 -64.22 -81.84 4.69
C SER J 657 -63.87 -81.08 5.96
N LEU J 658 -62.62 -81.17 6.39
CA LEU J 658 -62.20 -80.43 7.58
C LEU J 658 -62.38 -78.93 7.38
N PHE J 659 -61.99 -78.41 6.22
CA PHE J 659 -62.07 -76.98 5.97
C PHE J 659 -63.53 -76.51 5.87
N LEU J 660 -64.38 -77.26 5.15
CA LEU J 660 -65.79 -76.88 5.09
C LEU J 660 -66.47 -77.01 6.43
N ASP J 661 -66.10 -78.00 7.25
CA ASP J 661 -66.66 -78.09 8.59
C ASP J 661 -66.25 -76.89 9.43
N GLY J 662 -64.99 -76.47 9.33
CA GLY J 662 -64.58 -75.26 10.00
C GLY J 662 -65.35 -74.04 9.52
N LEU J 663 -65.61 -73.96 8.22
CA LEU J 663 -66.39 -72.85 7.68
C LEU J 663 -67.81 -72.87 8.20
N GLU J 664 -68.42 -74.05 8.30
CA GLU J 664 -69.77 -74.14 8.84
C GLU J 664 -69.81 -73.69 10.29
N LYS J 665 -68.82 -74.12 11.09
CA LYS J 665 -68.75 -73.67 12.46
C LYS J 665 -68.57 -72.16 12.54
N ALA J 666 -67.72 -71.60 11.69
CA ALA J 666 -67.53 -70.15 11.68
C ALA J 666 -68.81 -69.43 11.30
N ALA J 667 -69.54 -69.96 10.32
CA ALA J 667 -70.76 -69.30 9.86
C ALA J 667 -71.84 -69.33 10.94
N PHE J 668 -71.96 -70.44 11.67
CA PHE J 668 -73.03 -70.56 12.64
C PHE J 668 -72.64 -70.00 14.01
N ASN J 669 -71.58 -70.52 14.62
CA ASN J 669 -71.16 -70.07 15.94
C ASN J 669 -70.27 -68.84 15.91
N GLY J 670 -69.61 -68.57 14.81
CA GLY J 670 -68.55 -67.57 14.78
C GLY J 670 -67.23 -68.17 15.19
N VAL J 671 -66.14 -67.57 14.71
CA VAL J 671 -64.79 -68.04 14.96
C VAL J 671 -64.03 -66.96 15.71
N THR J 672 -63.36 -67.35 16.80
CA THR J 672 -62.56 -66.43 17.59
C THR J 672 -61.14 -66.39 17.06
N PHE J 673 -60.47 -65.28 17.28
CA PHE J 673 -59.05 -65.10 16.99
C PHE J 673 -58.36 -64.48 18.18
N LYS J 674 -58.84 -64.78 19.38
CA LYS J 674 -58.18 -64.33 20.59
C LYS J 674 -56.77 -64.89 20.68
N ASP J 675 -55.85 -64.07 21.23
CA ASP J 675 -54.46 -64.45 21.39
C ASP J 675 -53.82 -64.83 20.05
N LYS J 676 -54.36 -64.26 18.98
CA LYS J 676 -53.83 -64.45 17.63
C LYS J 676 -53.20 -63.14 17.19
N TYR J 677 -51.90 -63.15 16.97
CA TYR J 677 -51.18 -61.96 16.51
C TYR J 677 -50.93 -62.08 15.01
N VAL J 678 -51.51 -61.15 14.26
CA VAL J 678 -51.54 -61.20 12.82
C VAL J 678 -50.82 -59.96 12.29
N LEU J 679 -50.07 -60.15 11.21
CA LEU J 679 -49.51 -59.06 10.44
C LEU J 679 -50.15 -59.10 9.06
N ILE J 680 -50.96 -58.10 8.73
CA ILE J 680 -51.65 -58.05 7.44
C ILE J 680 -51.16 -56.84 6.66
N THR J 681 -50.70 -57.08 5.43
CA THR J 681 -50.32 -56.03 4.50
C THR J 681 -51.26 -56.06 3.31
N GLY J 682 -51.53 -54.88 2.77
CA GLY J 682 -52.45 -54.77 1.65
C GLY J 682 -53.91 -54.83 2.06
N ALA J 683 -54.27 -54.11 3.12
CA ALA J 683 -55.63 -54.08 3.65
C ALA J 683 -56.24 -52.69 3.56
N GLY J 684 -56.10 -52.00 2.44
CA GLY J 684 -56.75 -50.72 2.26
C GLY J 684 -58.24 -50.87 2.04
N LYS J 685 -58.93 -49.74 2.04
CA LYS J 685 -60.37 -49.75 1.79
C LYS J 685 -60.66 -50.36 0.42
N GLY J 686 -61.72 -51.16 0.37
CA GLY J 686 -62.12 -51.78 -0.88
C GLY J 686 -61.27 -52.95 -1.31
N SER J 687 -60.60 -53.63 -0.37
CA SER J 687 -59.75 -54.76 -0.68
C SER J 687 -60.19 -55.96 0.14
N ILE J 688 -59.71 -57.14 -0.26
CA ILE J 688 -59.97 -58.34 0.51
C ILE J 688 -59.30 -58.24 1.88
N GLY J 689 -58.13 -57.62 1.93
CA GLY J 689 -57.42 -57.50 3.18
C GLY J 689 -58.17 -56.68 4.21
N ALA J 690 -58.90 -55.65 3.76
CA ALA J 690 -59.68 -54.84 4.69
C ALA J 690 -60.77 -55.67 5.35
N GLU J 691 -61.44 -56.51 4.57
CA GLU J 691 -62.48 -57.37 5.13
C GLU J 691 -61.87 -58.45 6.03
N VAL J 692 -60.71 -58.99 5.65
CA VAL J 692 -60.03 -59.95 6.51
C VAL J 692 -59.61 -59.30 7.82
N LEU J 693 -59.19 -58.03 7.76
CA LEU J 693 -58.84 -57.31 8.97
C LEU J 693 -60.05 -57.05 9.83
N GLN J 694 -61.19 -56.70 9.22
CA GLN J 694 -62.42 -56.55 9.98
C GLN J 694 -62.79 -57.84 10.69
N GLY J 695 -62.67 -58.97 9.99
CA GLY J 695 -62.97 -60.24 10.62
C GLY J 695 -62.02 -60.57 11.74
N LEU J 696 -60.73 -60.29 11.56
CA LEU J 696 -59.76 -60.54 12.61
C LEU J 696 -60.06 -59.71 13.85
N LEU J 697 -60.36 -58.42 13.64
CA LEU J 697 -60.70 -57.55 14.76
C LEU J 697 -61.96 -58.02 15.47
N GLN J 698 -62.96 -58.47 14.69
CA GLN J 698 -64.14 -59.07 15.30
C GLN J 698 -63.77 -60.27 16.17
N GLY J 699 -62.92 -61.14 15.66
CA GLY J 699 -62.51 -62.34 16.36
C GLY J 699 -61.55 -62.11 17.50
N GLY J 700 -61.04 -60.89 17.66
CA GLY J 700 -60.27 -60.55 18.82
C GLY J 700 -58.77 -60.52 18.62
N ALA J 701 -58.32 -60.54 17.37
CA ALA J 701 -56.91 -60.65 17.06
C ALA J 701 -56.18 -59.35 17.34
N LYS J 702 -54.88 -59.46 17.58
CA LYS J 702 -53.97 -58.33 17.62
C LYS J 702 -53.37 -58.20 16.23
N VAL J 703 -53.86 -57.25 15.44
CA VAL J 703 -53.49 -57.13 14.04
C VAL J 703 -52.61 -55.90 13.86
N VAL J 704 -51.44 -56.12 13.27
CA VAL J 704 -50.62 -55.05 12.71
C VAL J 704 -51.01 -54.92 11.25
N VAL J 705 -51.76 -53.87 10.92
CA VAL J 705 -52.12 -53.57 9.55
C VAL J 705 -51.13 -52.55 9.01
N THR J 706 -50.63 -52.81 7.82
CA THR J 706 -49.71 -51.91 7.14
C THR J 706 -50.46 -51.15 6.07
N THR J 707 -50.02 -49.92 5.80
CA THR J 707 -50.60 -49.11 4.73
C THR J 707 -49.50 -48.35 4.01
N SER J 708 -49.56 -48.36 2.67
CA SER J 708 -48.64 -47.59 1.85
C SER J 708 -49.17 -46.19 1.53
N ARG J 709 -50.36 -45.84 2.00
CA ARG J 709 -50.96 -44.52 1.82
C ARG J 709 -51.25 -43.87 3.16
N PHE J 710 -50.27 -43.92 4.07
CA PHE J 710 -50.47 -43.43 5.42
C PHE J 710 -50.81 -41.94 5.42
N SER J 711 -51.98 -41.61 5.94
CA SER J 711 -52.48 -40.25 5.92
C SER J 711 -53.61 -40.13 6.93
N LYS J 712 -54.15 -38.93 7.07
CA LYS J 712 -55.28 -38.71 7.96
C LYS J 712 -56.48 -39.53 7.52
N GLN J 713 -56.75 -39.57 6.21
CA GLN J 713 -57.89 -40.33 5.71
C GLN J 713 -57.76 -41.81 6.05
N VAL J 714 -56.57 -42.38 5.83
CA VAL J 714 -56.38 -43.81 6.08
C VAL J 714 -56.41 -44.11 7.57
N THR J 715 -55.79 -43.25 8.39
CA THR J 715 -55.83 -43.49 9.83
C THR J 715 -57.24 -43.37 10.37
N ASP J 716 -58.02 -42.41 9.88
CA ASP J 716 -59.41 -42.30 10.28
C ASP J 716 -60.21 -43.52 9.84
N TYR J 717 -59.94 -44.02 8.62
CA TYR J 717 -60.62 -45.21 8.15
C TYR J 717 -60.34 -46.41 9.05
N TYR J 718 -59.08 -46.59 9.43
CA TYR J 718 -58.74 -47.74 10.27
C TYR J 718 -59.27 -47.53 11.69
N GLN J 719 -59.31 -46.30 12.16
CA GLN J 719 -59.92 -46.04 13.46
C GLN J 719 -61.40 -46.36 13.44
N SER J 720 -62.10 -45.99 12.36
CA SER J 720 -63.51 -46.30 12.26
C SER J 720 -63.72 -47.81 12.21
N ILE J 721 -62.85 -48.52 11.49
CA ILE J 721 -62.94 -49.97 11.45
C ILE J 721 -62.74 -50.55 12.85
N TYR J 722 -61.78 -50.02 13.61
CA TYR J 722 -61.58 -50.55 14.95
C TYR J 722 -62.72 -50.19 15.89
N ALA J 723 -63.27 -48.99 15.74
CA ALA J 723 -64.38 -48.59 16.58
C ALA J 723 -65.63 -49.39 16.25
N LYS J 724 -65.73 -49.91 15.03
CA LYS J 724 -66.88 -50.73 14.66
C LYS J 724 -66.68 -52.20 15.02
N TYR J 725 -65.53 -52.78 14.67
CA TYR J 725 -65.31 -54.22 14.73
C TYR J 725 -64.22 -54.65 15.70
N GLY J 726 -63.66 -53.76 16.50
CA GLY J 726 -62.56 -54.13 17.37
C GLY J 726 -63.05 -54.73 18.66
N ALA J 727 -63.03 -56.05 18.74
CA ALA J 727 -63.59 -56.77 19.87
C ALA J 727 -62.76 -56.53 21.12
N LYS J 728 -63.27 -57.02 22.24
CA LYS J 728 -62.51 -56.97 23.48
C LYS J 728 -61.22 -57.76 23.32
N GLY J 729 -60.11 -57.14 23.69
CA GLY J 729 -58.82 -57.77 23.58
C GLY J 729 -58.13 -57.60 22.25
N SER J 730 -58.80 -57.05 21.25
CA SER J 730 -58.18 -56.80 19.95
C SER J 730 -57.46 -55.47 19.96
N THR J 731 -56.35 -55.42 19.24
CA THR J 731 -55.59 -54.19 19.06
C THR J 731 -55.32 -54.06 17.57
N LEU J 732 -55.41 -52.83 17.07
CA LEU J 732 -55.07 -52.53 15.69
C LEU J 732 -53.88 -51.60 15.67
N ILE J 733 -52.78 -52.04 15.05
CA ILE J 733 -51.58 -51.24 14.89
C ILE J 733 -51.47 -50.86 13.43
N VAL J 734 -51.84 -49.64 13.10
CA VAL J 734 -51.74 -49.12 11.74
C VAL J 734 -50.35 -48.52 11.60
N VAL J 735 -49.55 -49.07 10.69
CA VAL J 735 -48.20 -48.55 10.47
C VAL J 735 -48.04 -48.15 9.00
N PRO J 736 -47.29 -47.08 8.70
CA PRO J 736 -46.88 -46.87 7.31
C PRO J 736 -45.88 -47.93 6.91
N PHE J 737 -45.90 -48.29 5.63
CA PHE J 737 -45.10 -49.42 5.18
C PHE J 737 -45.01 -49.41 3.67
N ASN J 738 -43.83 -49.73 3.17
CA ASN J 738 -43.62 -50.00 1.75
C ASN J 738 -43.10 -51.43 1.66
N GLN J 739 -43.96 -52.35 1.25
CA GLN J 739 -43.54 -53.73 1.07
C GLN J 739 -42.54 -53.88 -0.06
N GLY J 740 -42.38 -52.87 -0.89
CA GLY J 740 -41.39 -52.89 -1.94
C GLY J 740 -39.99 -52.53 -1.51
N SER J 741 -39.77 -52.23 -0.22
CA SER J 741 -38.44 -51.93 0.29
C SER J 741 -38.08 -52.91 1.40
N LYS J 742 -36.94 -53.60 1.23
CA LYS J 742 -36.51 -54.56 2.23
C LYS J 742 -36.13 -53.88 3.54
N GLN J 743 -35.70 -52.61 3.48
CA GLN J 743 -35.45 -51.88 4.72
C GLN J 743 -36.73 -51.76 5.54
N ASP J 744 -37.85 -51.44 4.87
CA ASP J 744 -39.12 -51.38 5.60
C ASP J 744 -39.56 -52.76 6.05
N VAL J 745 -39.33 -53.80 5.24
CA VAL J 745 -39.69 -55.15 5.67
C VAL J 745 -38.97 -55.51 6.96
N GLU J 746 -37.65 -55.32 6.97
CA GLU J 746 -36.85 -55.61 8.15
C GLU J 746 -37.27 -54.74 9.33
N ALA J 747 -37.50 -53.45 9.08
CA ALA J 747 -37.83 -52.53 10.17
C ALA J 747 -39.18 -52.86 10.77
N LEU J 748 -40.17 -53.21 9.95
CA LEU J 748 -41.48 -53.59 10.47
C LEU J 748 -41.39 -54.86 11.29
N ILE J 749 -40.66 -55.86 10.82
CA ILE J 749 -40.57 -57.09 11.59
C ILE J 749 -39.83 -56.85 12.89
N GLU J 750 -38.76 -56.05 12.84
CA GLU J 750 -38.06 -55.67 14.06
C GLU J 750 -38.97 -54.94 15.02
N PHE J 751 -39.79 -54.02 14.50
CA PHE J 751 -40.70 -53.27 15.36
C PHE J 751 -41.73 -54.18 16.00
N ILE J 752 -42.24 -55.15 15.25
CA ILE J 752 -43.22 -56.08 15.80
C ILE J 752 -42.58 -56.92 16.90
N TYR J 753 -41.33 -57.34 16.70
CA TYR J 753 -40.72 -58.32 17.60
C TYR J 753 -39.96 -57.71 18.76
N ASP J 754 -39.56 -56.44 18.66
CA ASP J 754 -38.80 -55.79 19.71
C ASP J 754 -39.68 -55.57 20.92
N THR J 755 -39.05 -55.44 22.08
CA THR J 755 -39.78 -55.26 23.32
C THR J 755 -40.44 -53.88 23.37
N GLU J 756 -41.46 -53.77 24.20
CA GLU J 756 -42.10 -52.48 24.41
C GLU J 756 -41.12 -51.46 24.99
N LYS J 757 -40.17 -51.92 25.80
CA LYS J 757 -39.17 -51.03 26.35
C LYS J 757 -38.31 -50.40 25.26
N ASN J 758 -37.93 -51.18 24.25
CA ASN J 758 -37.12 -50.70 23.14
C ASN J 758 -37.93 -50.02 22.05
N GLY J 759 -39.17 -49.66 22.32
CA GLY J 759 -40.00 -48.97 21.35
C GLY J 759 -40.77 -49.84 20.40
N GLY J 760 -40.72 -51.16 20.57
CA GLY J 760 -41.46 -52.08 19.73
C GLY J 760 -42.79 -52.44 20.32
N LEU J 761 -43.40 -53.49 19.76
CA LEU J 761 -44.64 -54.04 20.28
C LEU J 761 -44.44 -55.21 21.21
N GLY J 762 -43.31 -55.91 21.15
CA GLY J 762 -43.15 -57.12 21.92
C GLY J 762 -44.14 -58.19 21.55
N TRP J 763 -44.41 -58.34 20.26
CA TRP J 763 -45.38 -59.32 19.76
C TRP J 763 -44.66 -60.44 19.05
N ASP J 764 -45.30 -61.59 19.01
CA ASP J 764 -44.85 -62.74 18.23
C ASP J 764 -45.99 -63.12 17.29
N LEU J 765 -45.73 -63.10 15.99
CA LEU J 765 -46.80 -63.23 15.02
C LEU J 765 -47.30 -64.66 14.94
N ASP J 766 -48.62 -64.83 15.05
CA ASP J 766 -49.27 -66.10 14.79
C ASP J 766 -49.69 -66.27 13.34
N ALA J 767 -49.91 -65.17 12.62
CA ALA J 767 -50.32 -65.23 11.24
C ALA J 767 -49.70 -64.08 10.46
N ILE J 768 -49.40 -64.34 9.20
CA ILE J 768 -48.92 -63.33 8.26
C ILE J 768 -49.79 -63.40 7.03
N ILE J 769 -50.34 -62.26 6.63
CA ILE J 769 -51.28 -62.14 5.52
C ILE J 769 -50.73 -61.05 4.61
N PRO J 770 -49.75 -61.34 3.77
CA PRO J 770 -49.13 -60.30 2.93
C PRO J 770 -49.85 -60.08 1.61
N PHE J 771 -50.97 -59.35 1.68
CA PHE J 771 -51.82 -59.12 0.52
C PHE J 771 -51.48 -57.83 -0.21
N ALA J 772 -50.41 -57.14 0.17
CA ALA J 772 -50.01 -55.94 -0.52
C ALA J 772 -49.59 -56.27 -1.95
N ALA J 773 -49.99 -55.42 -2.88
CA ALA J 773 -49.69 -55.59 -4.30
C ALA J 773 -49.99 -54.27 -4.99
N ILE J 774 -49.46 -54.12 -6.19
CA ILE J 774 -49.80 -52.98 -7.04
C ILE J 774 -50.31 -53.54 -8.36
N PRO J 775 -51.31 -52.90 -8.98
CA PRO J 775 -51.87 -53.47 -10.22
C PRO J 775 -50.91 -53.37 -11.38
N GLU J 776 -51.15 -54.22 -12.37
CA GLU J 776 -50.42 -54.20 -13.63
C GLU J 776 -51.43 -54.44 -14.74
N GLN J 777 -51.64 -53.44 -15.59
CA GLN J 777 -52.58 -53.55 -16.69
C GLN J 777 -51.89 -53.18 -17.99
N GLY J 778 -52.11 -53.99 -19.02
CA GLY J 778 -51.52 -53.74 -20.31
C GLY J 778 -50.02 -53.78 -20.31
N ILE J 779 -49.43 -54.65 -19.49
CA ILE J 779 -47.99 -54.87 -19.44
C ILE J 779 -47.76 -56.31 -19.87
N GLU J 780 -47.57 -56.51 -21.17
CA GLU J 780 -47.24 -57.81 -21.72
C GLU J 780 -45.76 -58.09 -21.47
N LEU J 781 -45.25 -59.15 -22.09
CA LEU J 781 -43.84 -59.50 -21.96
C LEU J 781 -42.95 -58.35 -22.42
N GLU J 782 -43.24 -57.77 -23.59
CA GLU J 782 -42.41 -56.72 -24.14
C GLU J 782 -42.43 -55.45 -23.30
N HIS J 783 -43.41 -55.31 -22.40
CA HIS J 783 -43.56 -54.12 -21.57
C HIS J 783 -43.03 -54.30 -20.15
N ILE J 784 -42.47 -55.47 -19.82
CA ILE J 784 -41.92 -55.66 -18.47
C ILE J 784 -40.76 -54.70 -18.26
N ASP J 785 -40.81 -53.97 -17.16
CA ASP J 785 -39.98 -52.79 -16.97
C ASP J 785 -39.88 -52.53 -15.48
N SER J 786 -39.55 -51.28 -15.12
CA SER J 786 -39.38 -50.89 -13.72
C SER J 786 -40.61 -51.21 -12.88
N LYS J 787 -41.80 -50.86 -13.38
CA LYS J 787 -43.01 -51.08 -12.59
C LYS J 787 -43.24 -52.57 -12.34
N SER J 788 -43.04 -53.39 -13.36
CA SER J 788 -43.23 -54.83 -13.18
C SER J 788 -42.20 -55.41 -12.23
N GLU J 789 -40.95 -54.94 -12.32
CA GLU J 789 -39.91 -55.41 -11.40
C GLU J 789 -40.25 -55.02 -9.96
N PHE J 790 -40.71 -53.79 -9.75
CA PHE J 790 -41.06 -53.36 -8.40
C PHE J 790 -42.28 -54.12 -7.87
N ALA J 791 -43.28 -54.33 -8.72
CA ALA J 791 -44.44 -55.11 -8.33
C ALA J 791 -44.03 -56.53 -7.95
N HIS J 792 -43.15 -57.14 -8.75
CA HIS J 792 -42.67 -58.48 -8.43
C HIS J 792 -41.91 -58.47 -7.11
N ARG J 793 -41.13 -57.41 -6.87
CA ARG J 793 -40.43 -57.32 -5.59
C ARG J 793 -41.42 -57.35 -4.44
N ILE J 794 -42.43 -56.48 -4.49
CA ILE J 794 -43.45 -56.42 -3.45
C ILE J 794 -44.11 -57.78 -3.28
N MET J 795 -44.56 -58.39 -4.37
CA MET J 795 -45.45 -59.53 -4.29
C MET J 795 -44.74 -60.84 -4.03
N LEU J 796 -43.47 -60.96 -4.37
CA LEU J 796 -42.73 -62.20 -4.17
C LEU J 796 -41.50 -62.01 -3.30
N THR J 797 -40.60 -61.10 -3.68
CA THR J 797 -39.28 -61.09 -3.06
C THR J 797 -39.35 -60.55 -1.64
N ASN J 798 -40.09 -59.47 -1.44
CA ASN J 798 -40.16 -58.89 -0.10
C ASN J 798 -41.12 -59.66 0.79
N ILE J 799 -42.04 -60.44 0.22
CA ILE J 799 -42.77 -61.40 1.03
C ILE J 799 -41.84 -62.50 1.53
N LEU J 800 -40.96 -62.99 0.66
CA LEU J 800 -39.98 -63.98 1.10
C LEU J 800 -39.04 -63.39 2.14
N ARG J 801 -38.64 -62.13 1.96
CA ARG J 801 -37.82 -61.45 2.95
C ARG J 801 -38.57 -61.27 4.26
N MET J 802 -39.86 -60.94 4.20
CA MET J 802 -40.64 -60.78 5.41
C MET J 802 -40.77 -62.09 6.16
N MET J 803 -41.01 -63.17 5.44
CA MET J 803 -41.07 -64.48 6.08
C MET J 803 -39.72 -64.84 6.69
N GLY J 804 -38.63 -64.55 5.96
CA GLY J 804 -37.30 -64.78 6.50
C GLY J 804 -37.01 -63.95 7.74
N CYS J 805 -37.48 -62.71 7.76
CA CYS J 805 -37.29 -61.85 8.92
C CYS J 805 -38.04 -62.39 10.13
N VAL J 806 -39.27 -62.85 9.92
CA VAL J 806 -40.03 -63.44 11.02
C VAL J 806 -39.33 -64.71 11.51
N LYS J 807 -38.84 -65.53 10.59
CA LYS J 807 -38.06 -66.70 10.95
C LYS J 807 -36.85 -66.30 11.80
N LYS J 808 -36.11 -65.29 11.37
CA LYS J 808 -34.92 -64.88 12.09
C LYS J 808 -35.25 -64.39 13.50
N GLN J 809 -36.33 -63.62 13.63
CA GLN J 809 -36.73 -63.16 14.96
C GLN J 809 -37.09 -64.32 15.87
N LYS J 810 -37.90 -65.25 15.36
CA LYS J 810 -38.31 -66.38 16.18
C LYS J 810 -37.12 -67.24 16.57
N SER J 811 -36.18 -67.44 15.64
CA SER J 811 -35.02 -68.28 15.94
C SER J 811 -34.08 -67.58 16.93
N ALA J 812 -33.90 -66.27 16.78
CA ALA J 812 -33.08 -65.53 17.74
C ALA J 812 -33.70 -65.58 19.13
N ARG J 813 -35.02 -65.57 19.21
CA ARG J 813 -35.71 -65.70 20.48
C ARG J 813 -35.94 -67.15 20.89
N GLY J 814 -35.49 -68.12 20.09
CA GLY J 814 -35.63 -69.52 20.41
C GLY J 814 -37.07 -69.98 20.43
N ILE J 815 -37.87 -69.48 19.49
CA ILE J 815 -39.29 -69.80 19.40
C ILE J 815 -39.48 -70.87 18.34
N GLU J 816 -39.67 -72.10 18.78
CA GLU J 816 -39.80 -73.24 17.88
C GLU J 816 -41.23 -73.78 17.86
N THR J 817 -42.05 -73.39 18.83
CA THR J 817 -43.36 -73.98 19.05
C THR J 817 -44.51 -72.98 18.87
N ARG J 818 -44.27 -71.87 18.19
CA ARG J 818 -45.32 -70.90 17.86
C ARG J 818 -45.13 -70.42 16.43
N PRO J 819 -45.39 -71.28 15.45
CA PRO J 819 -45.23 -70.85 14.06
C PRO J 819 -46.22 -69.77 13.67
N ALA J 820 -45.79 -68.92 12.76
CA ALA J 820 -46.66 -67.94 12.13
C ALA J 820 -47.24 -68.56 10.86
N GLN J 821 -48.57 -68.48 10.72
CA GLN J 821 -49.25 -69.03 9.56
C GLN J 821 -49.24 -67.98 8.46
N VAL J 822 -48.46 -68.22 7.42
CA VAL J 822 -48.37 -67.32 6.28
C VAL J 822 -49.46 -67.69 5.31
N ILE J 823 -50.46 -66.82 5.17
CA ILE J 823 -51.57 -67.02 4.23
C ILE J 823 -51.13 -66.35 2.93
N LEU J 824 -50.59 -67.16 2.03
CA LEU J 824 -50.09 -66.64 0.77
C LEU J 824 -51.25 -66.41 -0.19
N PRO J 825 -51.43 -65.18 -0.72
CA PRO J 825 -52.45 -64.98 -1.75
C PRO J 825 -51.96 -65.52 -3.09
N MET J 826 -52.52 -66.66 -3.51
CA MET J 826 -52.11 -67.34 -4.72
C MET J 826 -53.17 -67.16 -5.79
N SER J 827 -52.76 -67.19 -7.03
CA SER J 827 -53.67 -67.01 -8.14
C SER J 827 -53.96 -68.36 -8.79
N PRO J 828 -55.22 -68.67 -9.14
CA PRO J 828 -55.45 -69.88 -9.94
C PRO J 828 -54.82 -69.80 -11.31
N ASN J 829 -54.71 -68.59 -11.86
CA ASN J 829 -54.29 -68.37 -13.24
C ASN J 829 -52.92 -67.71 -13.25
N HIS J 830 -51.96 -68.36 -13.92
CA HIS J 830 -50.58 -67.89 -14.03
C HIS J 830 -50.31 -67.64 -15.50
N GLY J 831 -50.66 -66.44 -15.97
CA GLY J 831 -50.44 -66.05 -17.34
C GLY J 831 -51.56 -66.40 -18.30
N THR J 832 -52.73 -66.79 -17.80
CA THR J 832 -53.83 -67.12 -18.70
C THR J 832 -54.46 -65.87 -19.28
N PHE J 833 -54.47 -64.78 -18.51
CA PHE J 833 -55.02 -63.52 -19.01
C PHE J 833 -53.97 -62.69 -19.73
N GLY J 834 -52.78 -62.58 -19.16
CA GLY J 834 -51.73 -61.79 -19.75
C GLY J 834 -51.91 -60.31 -19.48
N GLY J 835 -50.93 -59.54 -19.95
CA GLY J 835 -51.00 -58.08 -19.82
C GLY J 835 -50.97 -57.61 -18.39
N ASP J 836 -50.48 -58.45 -17.47
CA ASP J 836 -50.41 -58.11 -16.05
C ASP J 836 -48.96 -58.04 -15.60
N GLY J 837 -48.04 -57.83 -16.54
CA GLY J 837 -46.66 -57.65 -16.17
C GLY J 837 -46.05 -58.91 -15.60
N MET J 838 -45.71 -58.85 -14.32
CA MET J 838 -44.99 -59.90 -13.61
C MET J 838 -45.84 -60.57 -12.54
N TYR J 839 -47.14 -60.30 -12.55
CA TYR J 839 -48.04 -60.77 -11.49
C TYR J 839 -48.11 -62.29 -11.47
N SER J 840 -48.26 -62.90 -12.64
CA SER J 840 -48.33 -64.36 -12.71
C SER J 840 -47.03 -64.97 -12.23
N GLU J 841 -45.89 -64.36 -12.59
CA GLU J 841 -44.61 -64.86 -12.12
C GLU J 841 -44.53 -64.82 -10.61
N SER J 842 -44.96 -63.71 -9.99
CA SER J 842 -44.93 -63.60 -8.54
C SER J 842 -45.80 -64.67 -7.89
N LYS J 843 -47.04 -64.79 -8.35
CA LYS J 843 -47.97 -65.73 -7.74
C LYS J 843 -47.49 -67.17 -7.92
N LEU J 844 -46.98 -67.50 -9.10
CA LEU J 844 -46.53 -68.86 -9.37
C LEU J 844 -45.29 -69.19 -8.56
N SER J 845 -44.32 -68.27 -8.49
CA SER J 845 -43.13 -68.52 -7.69
C SER J 845 -43.47 -68.60 -6.20
N LEU J 846 -44.61 -68.04 -5.80
CA LEU J 846 -45.03 -68.17 -4.42
C LEU J 846 -45.34 -69.62 -4.02
N GLU J 847 -45.53 -70.53 -4.99
CA GLU J 847 -45.77 -71.93 -4.64
C GLU J 847 -44.51 -72.74 -4.38
N THR J 848 -43.33 -72.16 -4.56
CA THR J 848 -42.11 -72.84 -4.12
C THR J 848 -42.09 -73.03 -2.61
N LEU J 849 -42.84 -72.22 -1.87
CA LEU J 849 -42.76 -72.26 -0.41
C LEU J 849 -43.27 -73.58 0.15
N PHE J 850 -44.18 -74.25 -0.57
CA PHE J 850 -44.64 -75.56 -0.13
C PHE J 850 -43.49 -76.55 -0.03
N ASN J 851 -42.62 -76.59 -1.03
CA ASN J 851 -41.48 -77.49 -0.99
C ASN J 851 -40.39 -76.96 -0.07
N ARG J 852 -40.20 -75.64 -0.04
CA ARG J 852 -39.18 -75.06 0.83
C ARG J 852 -39.47 -75.33 2.30
N TRP J 853 -40.76 -75.39 2.66
CA TRP J 853 -41.13 -75.66 4.04
C TRP J 853 -40.61 -77.01 4.51
N HIS J 854 -40.67 -78.02 3.64
CA HIS J 854 -40.09 -79.31 3.96
C HIS J 854 -38.57 -79.31 3.85
N SER J 855 -38.02 -78.63 2.85
CA SER J 855 -36.62 -78.80 2.49
C SER J 855 -35.67 -77.87 3.24
N GLU J 856 -36.18 -76.89 3.99
CA GLU J 856 -35.34 -75.94 4.71
C GLU J 856 -35.69 -75.98 6.19
N SER J 857 -34.95 -75.21 6.98
CA SER J 857 -35.02 -75.28 8.44
C SER J 857 -35.85 -74.15 9.05
N TRP J 858 -36.91 -73.72 8.37
CA TRP J 858 -37.83 -72.72 8.90
C TRP J 858 -39.25 -73.26 9.07
N ALA J 859 -39.42 -74.58 9.07
CA ALA J 859 -40.76 -75.15 9.19
C ALA J 859 -41.37 -74.86 10.55
N ASN J 860 -40.55 -74.87 11.61
CA ASN J 860 -41.08 -74.70 12.96
C ASN J 860 -41.44 -73.26 13.27
N GLN J 861 -40.99 -72.30 12.48
CA GLN J 861 -41.26 -70.90 12.71
C GLN J 861 -42.35 -70.35 11.80
N LEU J 862 -42.56 -70.95 10.64
CA LEU J 862 -43.60 -70.55 9.71
C LEU J 862 -44.30 -71.76 9.15
N THR J 863 -45.60 -71.62 8.91
CA THR J 863 -46.39 -72.63 8.21
C THR J 863 -46.98 -71.99 6.97
N VAL J 864 -47.06 -72.75 5.89
CA VAL J 864 -47.45 -72.23 4.59
C VAL J 864 -48.90 -72.59 4.33
N CYS J 865 -49.72 -71.59 4.04
CA CYS J 865 -51.13 -71.78 3.70
C CYS J 865 -51.38 -70.98 2.42
N GLY J 866 -51.26 -71.64 1.28
CA GLY J 866 -51.53 -70.97 0.03
C GLY J 866 -53.01 -70.96 -0.27
N ALA J 867 -53.61 -69.77 -0.23
CA ALA J 867 -55.02 -69.61 -0.57
C ALA J 867 -55.12 -69.16 -2.02
N ILE J 868 -55.59 -70.06 -2.88
CA ILE J 868 -55.80 -69.77 -4.29
C ILE J 868 -57.11 -68.99 -4.36
N ILE J 869 -57.01 -67.68 -4.52
CA ILE J 869 -58.16 -66.79 -4.42
C ILE J 869 -58.90 -66.79 -5.74
N GLY J 870 -60.21 -67.04 -5.69
CA GLY J 870 -61.04 -67.06 -6.87
C GLY J 870 -61.46 -65.67 -7.29
N TRP J 871 -62.31 -65.65 -8.32
CA TRP J 871 -62.85 -64.39 -8.82
C TRP J 871 -63.59 -63.67 -7.71
N THR J 872 -63.02 -62.54 -7.27
CA THR J 872 -63.59 -61.73 -6.21
C THR J 872 -64.10 -60.42 -6.81
N ARG J 873 -65.32 -60.05 -6.43
CA ARG J 873 -65.95 -58.84 -6.94
C ARG J 873 -65.59 -57.67 -6.03
N GLY J 874 -65.05 -56.61 -6.62
CA GLY J 874 -64.69 -55.42 -5.87
C GLY J 874 -65.83 -54.43 -5.78
N ALA J 880 -65.64 -53.35 -15.07
CA ALA J 880 -64.66 -53.96 -15.96
C ALA J 880 -64.65 -55.47 -15.80
N ASN J 881 -64.27 -55.92 -14.60
CA ASN J 881 -64.23 -57.34 -14.26
C ASN J 881 -65.47 -57.79 -13.51
N ASN J 882 -66.45 -56.91 -13.35
CA ASN J 882 -67.69 -57.24 -12.65
C ASN J 882 -68.89 -57.33 -13.57
N ILE J 883 -68.85 -56.70 -14.74
CA ILE J 883 -69.97 -56.75 -15.65
C ILE J 883 -70.14 -58.16 -16.21
N ILE J 884 -69.08 -58.99 -16.13
CA ILE J 884 -69.14 -60.35 -16.67
C ILE J 884 -69.16 -61.42 -15.59
N ALA J 885 -69.26 -61.04 -14.32
CA ALA J 885 -69.35 -62.04 -13.26
C ALA J 885 -70.66 -62.82 -13.33
N GLU J 886 -71.75 -62.14 -13.65
CA GLU J 886 -73.00 -62.84 -13.89
C GLU J 886 -72.86 -63.82 -15.06
N GLY J 887 -72.17 -63.39 -16.11
CA GLY J 887 -71.95 -64.26 -17.25
C GLY J 887 -71.14 -65.50 -16.92
N ILE J 888 -70.11 -65.36 -16.07
CA ILE J 888 -69.33 -66.53 -15.70
C ILE J 888 -70.06 -67.40 -14.68
N GLU J 889 -71.05 -66.87 -13.96
CA GLU J 889 -71.88 -67.73 -13.13
C GLU J 889 -72.79 -68.68 -13.91
N LYS J 890 -72.97 -68.49 -15.21
CA LYS J 890 -74.02 -69.22 -15.93
C LYS J 890 -73.65 -70.66 -16.26
N MET J 891 -72.51 -71.15 -15.79
CA MET J 891 -72.11 -72.54 -15.95
C MET J 891 -71.67 -73.18 -14.63
N GLY J 892 -72.17 -72.69 -13.52
CA GLY J 892 -71.88 -73.27 -12.23
C GLY J 892 -70.58 -72.80 -11.63
N VAL J 893 -69.81 -71.99 -12.36
CA VAL J 893 -68.66 -71.34 -11.75
C VAL J 893 -69.17 -70.35 -10.71
N ARG J 894 -68.48 -70.31 -9.58
CA ARG J 894 -68.90 -69.47 -8.45
C ARG J 894 -67.92 -68.32 -8.29
N THR J 895 -68.44 -67.11 -8.25
CA THR J 895 -67.65 -65.91 -8.03
C THR J 895 -68.03 -65.32 -6.67
N PHE J 896 -67.04 -64.74 -6.00
CA PHE J 896 -67.17 -64.36 -4.61
C PHE J 896 -67.16 -62.84 -4.46
N SER J 897 -67.76 -62.37 -3.37
CA SER J 897 -67.67 -60.98 -2.97
C SER J 897 -66.47 -60.83 -2.04
N GLN J 898 -66.16 -59.58 -1.70
CA GLN J 898 -65.03 -59.34 -0.80
C GLN J 898 -65.31 -59.94 0.57
N LYS J 899 -66.55 -59.83 1.04
CA LYS J 899 -66.93 -60.43 2.31
C LYS J 899 -66.85 -61.95 2.26
N GLU J 900 -67.36 -62.57 1.19
CA GLU J 900 -67.29 -64.02 1.08
C GLU J 900 -65.86 -64.49 1.02
N MET J 901 -65.01 -63.80 0.24
CA MET J 901 -63.61 -64.18 0.15
C MET J 901 -62.90 -64.00 1.48
N ALA J 902 -63.22 -62.93 2.21
CA ALA J 902 -62.64 -62.73 3.52
C ALA J 902 -63.06 -63.85 4.48
N PHE J 903 -64.32 -64.27 4.40
CA PHE J 903 -64.77 -65.39 5.21
C PHE J 903 -64.02 -66.66 4.85
N ASN J 904 -63.82 -66.91 3.56
CA ASN J 904 -63.03 -68.08 3.13
C ASN J 904 -61.61 -68.01 3.66
N LEU J 905 -61.02 -66.81 3.66
CA LEU J 905 -59.64 -66.66 4.09
C LEU J 905 -59.52 -66.80 5.61
N LEU J 906 -60.48 -66.24 6.35
CA LEU J 906 -60.47 -66.38 7.79
C LEU J 906 -60.83 -67.79 8.21
N GLY J 907 -61.45 -68.58 7.31
CA GLY J 907 -61.62 -69.99 7.57
C GLY J 907 -60.31 -70.74 7.61
N LEU J 908 -59.27 -70.19 6.99
CA LEU J 908 -57.94 -70.78 7.07
C LEU J 908 -57.24 -70.46 8.37
N LEU J 909 -57.76 -69.51 9.16
CA LEU J 909 -57.23 -69.18 10.47
C LEU J 909 -57.97 -69.85 11.61
N THR J 910 -58.88 -70.77 11.31
CA THR J 910 -59.51 -71.55 12.36
C THR J 910 -58.46 -72.45 13.02
N PRO J 911 -58.70 -72.90 14.26
CA PRO J 911 -57.70 -73.76 14.91
C PRO J 911 -57.41 -75.04 14.14
N GLU J 912 -58.40 -75.60 13.45
CA GLU J 912 -58.20 -76.87 12.77
C GLU J 912 -57.34 -76.70 11.53
N VAL J 913 -57.59 -75.65 10.73
CA VAL J 913 -56.74 -75.39 9.58
C VAL J 913 -55.36 -74.93 10.03
N VAL J 914 -55.28 -74.23 11.16
CA VAL J 914 -53.98 -73.86 11.72
C VAL J 914 -53.17 -75.11 12.04
N GLU J 915 -53.80 -76.10 12.68
CA GLU J 915 -53.08 -77.32 13.04
C GLU J 915 -52.74 -78.13 11.79
N LEU J 916 -53.62 -78.09 10.78
CA LEU J 916 -53.32 -78.73 9.52
C LEU J 916 -52.08 -78.11 8.88
N CYS J 917 -51.98 -76.78 8.91
CA CYS J 917 -50.80 -76.11 8.38
C CYS J 917 -49.55 -76.49 9.17
N GLN J 918 -49.68 -76.60 10.49
CA GLN J 918 -48.53 -76.97 11.30
C GLN J 918 -48.07 -78.39 11.00
N LYS J 919 -49.01 -79.31 10.78
CA LYS J 919 -48.62 -80.67 10.40
C LYS J 919 -47.98 -80.71 9.02
N SER J 920 -48.53 -79.95 8.07
CA SER J 920 -47.95 -79.91 6.72
C SER J 920 -48.53 -78.71 6.01
N PRO J 921 -47.82 -78.12 5.05
CA PRO J 921 -48.35 -76.94 4.36
C PRO J 921 -49.62 -77.27 3.60
N VAL J 922 -50.55 -76.31 3.58
CA VAL J 922 -51.86 -76.55 2.99
C VAL J 922 -52.05 -75.62 1.80
N MET J 923 -52.68 -76.17 0.77
CA MET J 923 -53.09 -75.44 -0.43
C MET J 923 -54.61 -75.42 -0.44
N ALA J 924 -55.20 -74.34 0.06
CA ALA J 924 -56.64 -74.15 -0.05
C ALA J 924 -56.97 -73.57 -1.40
N ASP J 925 -57.86 -74.23 -2.14
CA ASP J 925 -58.39 -73.73 -3.39
C ASP J 925 -59.76 -73.12 -3.11
N LEU J 926 -59.86 -71.80 -3.27
CA LEU J 926 -61.10 -71.06 -3.06
C LEU J 926 -61.55 -70.45 -4.38
N ASN J 927 -61.40 -71.21 -5.46
CA ASN J 927 -61.52 -70.67 -6.81
C ASN J 927 -62.94 -70.69 -7.33
N GLY J 928 -63.89 -71.26 -6.61
CA GLY J 928 -65.25 -71.34 -7.10
C GLY J 928 -65.40 -72.18 -8.34
N GLY J 929 -64.47 -73.11 -8.57
CA GLY J 929 -64.52 -73.93 -9.75
C GLY J 929 -64.21 -73.18 -11.03
N LEU J 930 -63.55 -72.03 -10.95
CA LEU J 930 -63.17 -71.28 -12.13
C LEU J 930 -62.20 -72.04 -13.02
N GLN J 931 -61.47 -73.01 -12.46
CA GLN J 931 -60.47 -73.72 -13.24
C GLN J 931 -61.09 -74.71 -14.24
N PHE J 932 -62.33 -75.12 -14.01
CA PHE J 932 -62.93 -76.16 -14.85
C PHE J 932 -63.40 -75.62 -16.20
N VAL J 933 -63.63 -74.32 -16.31
CA VAL J 933 -64.06 -73.80 -17.62
C VAL J 933 -62.88 -73.88 -18.59
N PRO J 934 -63.06 -74.40 -19.81
CA PRO J 934 -61.93 -74.44 -20.75
C PRO J 934 -61.75 -73.10 -21.44
N GLU J 935 -60.50 -72.75 -21.69
CA GLU J 935 -60.14 -71.50 -22.35
C GLU J 935 -60.78 -70.31 -21.64
N LEU J 936 -60.41 -70.15 -20.37
CA LEU J 936 -61.07 -69.18 -19.51
C LEU J 936 -60.81 -67.75 -19.99
N LYS J 937 -59.58 -67.47 -20.44
CA LYS J 937 -59.25 -66.15 -20.94
C LYS J 937 -60.08 -65.80 -22.17
N GLU J 938 -60.18 -66.74 -23.11
CA GLU J 938 -60.94 -66.49 -24.33
C GLU J 938 -62.43 -66.37 -24.02
N PHE J 939 -62.92 -67.18 -23.09
CA PHE J 939 -64.31 -67.10 -22.68
C PHE J 939 -64.61 -65.74 -22.07
N THR J 940 -63.74 -65.28 -21.17
CA THR J 940 -63.92 -63.98 -20.53
C THR J 940 -63.88 -62.86 -21.57
N ALA J 941 -62.95 -62.94 -22.51
CA ALA J 941 -62.88 -61.95 -23.56
C ALA J 941 -64.16 -61.94 -24.37
N LYS J 942 -64.73 -63.11 -24.64
CA LYS J 942 -65.93 -63.14 -25.47
C LYS J 942 -67.12 -62.60 -24.70
N LEU J 943 -67.17 -62.86 -23.39
CA LEU J 943 -68.24 -62.28 -22.55
C LEU J 943 -68.17 -60.77 -22.58
N ARG J 944 -66.98 -60.21 -22.37
CA ARG J 944 -66.82 -58.76 -22.37
C ARG J 944 -67.14 -58.19 -23.74
N LYS J 945 -66.71 -58.87 -24.80
CA LYS J 945 -66.97 -58.41 -26.16
C LYS J 945 -68.46 -58.42 -26.45
N GLU J 946 -69.17 -59.47 -26.03
CA GLU J 946 -70.60 -59.56 -26.24
C GLU J 946 -71.33 -58.45 -25.51
N LEU J 947 -70.97 -58.23 -24.24
CA LEU J 947 -71.63 -57.17 -23.47
C LEU J 947 -71.33 -55.79 -24.04
N VAL J 948 -70.07 -55.56 -24.43
CA VAL J 948 -69.68 -54.27 -24.99
C VAL J 948 -70.40 -54.03 -26.31
N GLU J 949 -70.45 -55.05 -27.18
CA GLU J 949 -71.09 -54.85 -28.47
C GLU J 949 -72.58 -54.62 -28.31
N THR J 950 -73.22 -55.34 -27.38
CA THR J 950 -74.64 -55.11 -27.13
C THR J 950 -74.87 -53.70 -26.63
N SER J 951 -74.06 -53.25 -25.67
CA SER J 951 -74.23 -51.89 -25.14
C SER J 951 -74.03 -50.85 -26.23
N GLU J 952 -72.96 -50.99 -27.01
CA GLU J 952 -72.67 -49.99 -28.04
C GLU J 952 -73.73 -49.98 -29.13
N VAL J 953 -74.18 -51.16 -29.57
CA VAL J 953 -75.21 -51.22 -30.61
C VAL J 953 -76.49 -50.59 -30.11
N ARG J 954 -76.90 -50.92 -28.88
CA ARG J 954 -78.13 -50.35 -28.34
C ARG J 954 -78.01 -48.83 -28.20
N LYS J 955 -76.86 -48.36 -27.74
CA LYS J 955 -76.65 -46.93 -27.55
C LYS J 955 -76.70 -46.19 -28.88
N ALA J 956 -76.01 -46.73 -29.90
CA ALA J 956 -76.01 -46.08 -31.21
C ALA J 956 -77.41 -46.10 -31.83
N VAL J 957 -78.12 -47.23 -31.73
CA VAL J 957 -79.45 -47.30 -32.31
C VAL J 957 -80.39 -46.33 -31.60
N SER J 958 -80.25 -46.21 -30.28
CA SER J 958 -81.09 -45.25 -29.56
C SER J 958 -80.80 -43.82 -29.99
N ILE J 959 -79.52 -43.48 -30.15
CA ILE J 959 -79.18 -42.13 -30.60
C ILE J 959 -79.74 -41.87 -31.99
N GLU J 960 -79.61 -42.84 -32.90
CA GLU J 960 -80.03 -42.60 -34.27
C GLU J 960 -81.55 -42.55 -34.38
N THR J 961 -82.25 -43.37 -33.59
CA THR J 961 -83.70 -43.27 -33.54
C THR J 961 -84.12 -41.91 -32.98
N ALA J 962 -83.42 -41.43 -31.94
CA ALA J 962 -83.75 -40.13 -31.38
C ALA J 962 -83.51 -39.02 -32.41
N LEU J 963 -82.41 -39.09 -33.15
CA LEU J 963 -82.12 -38.06 -34.15
C LEU J 963 -83.12 -38.11 -35.30
N GLU J 964 -83.51 -39.32 -35.74
CA GLU J 964 -84.53 -39.43 -36.78
C GLU J 964 -85.86 -38.86 -36.29
N HIS J 965 -86.23 -39.17 -35.06
CA HIS J 965 -87.48 -38.63 -34.51
C HIS J 965 -87.42 -37.11 -34.43
N LYS J 966 -86.28 -36.56 -34.00
CA LYS J 966 -86.14 -35.12 -33.91
C LYS J 966 -86.21 -34.48 -35.28
N VAL J 967 -85.58 -35.10 -36.28
CA VAL J 967 -85.62 -34.53 -37.63
C VAL J 967 -87.02 -34.58 -38.19
N VAL J 968 -87.75 -35.67 -37.92
CA VAL J 968 -89.09 -35.82 -38.48
C VAL J 968 -90.06 -34.85 -37.82
N ASN J 969 -90.02 -34.73 -36.49
CA ASN J 969 -91.02 -34.00 -35.74
C ASN J 969 -90.57 -32.62 -35.29
N GLY J 970 -89.38 -32.17 -35.68
CA GLY J 970 -88.95 -30.85 -35.27
C GLY J 970 -88.62 -30.79 -33.78
N ASN J 971 -88.31 -29.57 -33.34
CA ASN J 971 -88.10 -29.31 -31.92
C ASN J 971 -89.43 -29.37 -31.17
N GLN J 979 -87.43 -30.15 -19.22
CA GLN J 979 -87.98 -29.72 -17.94
C GLN J 979 -87.01 -28.77 -17.24
N VAL J 980 -87.52 -27.60 -16.82
CA VAL J 980 -86.68 -26.61 -16.16
C VAL J 980 -86.26 -27.16 -14.82
N GLU J 981 -84.99 -26.98 -14.48
CA GLU J 981 -84.40 -27.52 -13.26
C GLU J 981 -84.13 -26.39 -12.28
N ILE J 982 -84.51 -26.60 -11.02
CA ILE J 982 -84.41 -25.60 -9.97
C ILE J 982 -83.22 -25.97 -9.07
N GLN J 983 -82.25 -25.10 -9.02
CA GLN J 983 -81.05 -25.30 -8.21
C GLN J 983 -81.25 -24.71 -6.82
N PRO J 984 -80.54 -25.22 -5.80
CA PRO J 984 -80.67 -24.61 -4.47
C PRO J 984 -79.97 -23.26 -4.39
N ARG J 985 -80.51 -22.42 -3.51
CA ARG J 985 -79.93 -21.13 -3.19
C ARG J 985 -79.73 -21.06 -1.68
N ALA J 986 -78.61 -20.50 -1.26
CA ALA J 986 -78.26 -20.47 0.15
C ALA J 986 -79.22 -19.58 0.91
N ASN J 987 -79.83 -20.14 1.95
CA ASN J 987 -80.79 -19.43 2.80
C ASN J 987 -80.32 -19.65 4.24
N ILE J 988 -79.37 -18.85 4.69
CA ILE J 988 -78.77 -19.05 5.99
C ILE J 988 -79.79 -18.69 7.06
N GLN J 989 -80.02 -19.61 7.99
CA GLN J 989 -80.97 -19.43 9.07
C GLN J 989 -80.22 -19.11 10.36
N LEU J 990 -80.82 -18.24 11.17
CA LEU J 990 -80.24 -17.90 12.47
C LEU J 990 -80.31 -19.06 13.46
N ASP J 991 -81.16 -20.05 13.21
CA ASP J 991 -81.25 -21.24 14.06
C ASP J 991 -81.71 -20.86 15.46
N PHE J 992 -82.77 -20.06 15.52
CA PHE J 992 -83.39 -19.76 16.80
C PHE J 992 -83.93 -21.06 17.36
N PRO J 993 -84.07 -21.16 18.69
CA PRO J 993 -84.60 -22.41 19.26
C PRO J 993 -86.01 -22.70 18.75
N GLU J 994 -86.27 -23.97 18.49
CA GLU J 994 -87.60 -24.40 18.13
C GLU J 994 -88.51 -24.27 19.35
N LEU J 995 -89.66 -23.63 19.16
CA LEU J 995 -90.62 -23.39 20.24
C LEU J 995 -91.79 -24.35 20.02
N LYS J 996 -91.94 -25.29 20.93
CA LYS J 996 -92.98 -26.30 20.82
C LYS J 996 -94.29 -25.77 21.38
N PRO J 997 -95.41 -26.44 21.08
CA PRO J 997 -96.68 -26.06 21.69
C PRO J 997 -96.60 -26.10 23.22
N TYR J 998 -97.48 -25.30 23.84
CA TYR J 998 -97.44 -25.19 25.29
C TYR J 998 -97.70 -26.53 25.96
N LYS J 999 -98.63 -27.31 25.42
CA LYS J 999 -98.90 -28.62 26.02
C LYS J 999 -97.67 -29.51 25.97
N GLN J 1000 -96.97 -29.51 24.82
CA GLN J 1000 -95.78 -30.34 24.69
C GLN J 1000 -94.67 -29.87 25.64
N VAL J 1001 -94.51 -28.55 25.79
CA VAL J 1001 -93.41 -28.06 26.62
C VAL J 1001 -93.76 -28.18 28.10
N LYS J 1002 -95.05 -28.18 28.44
CA LYS J 1002 -95.47 -28.37 29.81
C LYS J 1002 -95.40 -29.82 30.22
N GLN J 1003 -95.57 -30.74 29.27
CA GLN J 1003 -95.54 -32.17 29.59
C GLN J 1003 -94.19 -32.58 30.15
N ILE J 1004 -93.10 -32.08 29.57
CA ILE J 1004 -91.77 -32.52 30.01
C ILE J 1004 -91.42 -31.92 31.36
N ALA J 1005 -91.73 -30.64 31.58
CA ALA J 1005 -91.40 -30.00 32.83
C ALA J 1005 -92.39 -30.41 33.93
N PRO J 1006 -91.97 -30.38 35.20
CA PRO J 1006 -92.91 -30.74 36.28
C PRO J 1006 -94.09 -29.79 36.33
N ALA J 1007 -95.25 -30.34 36.71
CA ALA J 1007 -96.46 -29.53 36.79
C ALA J 1007 -96.39 -28.48 37.90
N GLU J 1008 -95.51 -28.67 38.88
CA GLU J 1008 -95.40 -27.73 39.99
C GLU J 1008 -94.45 -26.58 39.70
N LEU J 1009 -93.74 -26.59 38.56
CA LEU J 1009 -92.85 -25.49 38.23
C LEU J 1009 -93.57 -24.20 37.91
N GLU J 1010 -94.86 -24.25 37.56
CA GLU J 1010 -95.61 -23.06 37.15
C GLU J 1010 -95.69 -22.08 38.31
N GLY J 1011 -95.00 -20.94 38.17
CA GLY J 1011 -94.99 -19.94 39.21
C GLY J 1011 -94.06 -20.25 40.36
N LEU J 1012 -93.35 -21.37 40.33
CA LEU J 1012 -92.46 -21.74 41.41
C LEU J 1012 -91.17 -20.93 41.38
N LEU J 1013 -90.72 -20.55 40.18
CA LEU J 1013 -89.41 -19.94 40.00
C LEU J 1013 -89.52 -18.43 39.89
N ASP J 1014 -88.53 -17.74 40.46
CA ASP J 1014 -88.34 -16.31 40.22
C ASP J 1014 -87.58 -16.14 38.91
N LEU J 1015 -88.30 -15.77 37.86
CA LEU J 1015 -87.71 -15.67 36.54
C LEU J 1015 -86.70 -14.53 36.48
N GLU J 1016 -86.83 -13.54 37.34
CA GLU J 1016 -85.77 -12.54 37.48
C GLU J 1016 -84.48 -13.17 38.01
N ARG J 1017 -84.60 -14.23 38.81
CA ARG J 1017 -83.45 -14.95 39.33
C ARG J 1017 -83.07 -16.16 38.47
N VAL J 1018 -83.78 -16.41 37.37
CA VAL J 1018 -83.40 -17.44 36.41
C VAL J 1018 -82.65 -16.77 35.26
N ILE J 1019 -81.47 -17.28 34.95
CA ILE J 1019 -80.58 -16.71 33.93
C ILE J 1019 -80.69 -17.56 32.68
N VAL J 1020 -80.81 -16.90 31.53
CA VAL J 1020 -81.02 -17.57 30.25
C VAL J 1020 -80.04 -16.99 29.24
N VAL J 1021 -79.39 -17.87 28.48
CA VAL J 1021 -78.53 -17.41 27.40
C VAL J 1021 -79.45 -16.99 26.26
N THR J 1022 -79.54 -15.69 26.03
CA THR J 1022 -80.45 -15.18 25.01
C THR J 1022 -79.80 -15.15 23.64
N GLY J 1023 -78.51 -14.90 23.58
CA GLY J 1023 -77.80 -14.88 22.31
C GLY J 1023 -76.42 -15.43 22.48
N PHE J 1024 -75.79 -15.76 21.36
CA PHE J 1024 -74.42 -16.23 21.40
C PHE J 1024 -73.82 -16.14 20.01
N ALA J 1025 -72.50 -15.98 19.97
CA ALA J 1025 -71.78 -15.98 18.71
C ALA J 1025 -70.30 -16.13 19.00
N GLU J 1026 -69.53 -16.34 17.94
CA GLU J 1026 -68.10 -16.48 18.09
C GLU J 1026 -67.42 -16.16 16.78
N VAL J 1027 -66.15 -15.81 16.88
CA VAL J 1027 -65.23 -15.75 15.76
C VAL J 1027 -64.12 -16.73 16.07
N GLY J 1028 -64.00 -17.77 15.27
CA GLY J 1028 -63.03 -18.82 15.53
C GLY J 1028 -62.49 -19.43 14.25
N PRO J 1029 -61.61 -20.42 14.38
CA PRO J 1029 -60.98 -21.02 13.20
C PRO J 1029 -61.93 -21.62 12.19
N TRP J 1030 -63.20 -21.77 12.52
CA TRP J 1030 -64.22 -22.20 11.57
C TRP J 1030 -65.29 -21.12 11.43
N GLY J 1031 -64.86 -19.87 11.46
CA GLY J 1031 -65.78 -18.76 11.29
C GLY J 1031 -66.74 -18.63 12.45
N SER J 1032 -68.01 -18.42 12.12
CA SER J 1032 -69.02 -18.10 13.11
C SER J 1032 -69.43 -19.37 13.87
N ALA J 1033 -70.33 -19.17 14.84
CA ALA J 1033 -70.85 -20.30 15.60
C ALA J 1033 -71.58 -21.29 14.71
N ARG J 1034 -72.29 -20.79 13.70
CA ARG J 1034 -73.04 -21.67 12.80
C ARG J 1034 -72.10 -22.59 12.02
N THR J 1035 -71.08 -22.01 11.39
CA THR J 1035 -70.16 -22.82 10.58
C THR J 1035 -69.32 -23.73 11.46
N ARG J 1036 -68.89 -23.23 12.63
CA ARG J 1036 -68.17 -24.08 13.56
C ARG J 1036 -69.03 -25.26 14.00
N TRP J 1037 -70.31 -25.02 14.28
CA TRP J 1037 -71.19 -26.12 14.69
C TRP J 1037 -71.41 -27.11 13.57
N GLU J 1038 -71.55 -26.63 12.34
CA GLU J 1038 -71.71 -27.55 11.22
C GLU J 1038 -70.47 -28.43 11.08
N MET J 1039 -69.29 -27.84 11.17
CA MET J 1039 -68.06 -28.63 11.04
C MET J 1039 -67.90 -29.58 12.22
N GLU J 1040 -68.32 -29.15 13.42
CA GLU J 1040 -68.22 -30.02 14.58
C GLU J 1040 -69.14 -31.23 14.48
N ALA J 1041 -70.42 -30.98 14.18
CA ALA J 1041 -71.40 -32.06 14.22
C ALA J 1041 -71.32 -32.91 12.95
N PHE J 1042 -71.47 -32.29 11.79
CA PHE J 1042 -71.61 -33.06 10.57
C PHE J 1042 -70.30 -33.28 9.84
N GLY J 1043 -69.24 -32.57 10.23
CA GLY J 1043 -67.93 -32.76 9.64
C GLY J 1043 -67.75 -32.11 8.29
N GLU J 1044 -68.81 -31.55 7.71
CA GLU J 1044 -68.71 -30.84 6.45
C GLU J 1044 -69.71 -29.69 6.49
N PHE J 1045 -69.59 -28.80 5.51
CA PHE J 1045 -70.46 -27.65 5.41
C PHE J 1045 -71.63 -27.96 4.48
N SER J 1046 -72.82 -27.57 4.89
CA SER J 1046 -73.97 -27.56 4.01
C SER J 1046 -73.80 -26.42 3.01
N LEU J 1047 -74.80 -26.21 2.15
CA LEU J 1047 -74.72 -25.09 1.23
C LEU J 1047 -74.67 -23.77 1.99
N GLU J 1048 -75.52 -23.63 3.02
CA GLU J 1048 -75.56 -22.41 3.80
C GLU J 1048 -74.25 -22.19 4.53
N GLY J 1049 -73.71 -23.24 5.15
CA GLY J 1049 -72.45 -23.11 5.85
C GLY J 1049 -71.29 -22.78 4.93
N CYS J 1050 -71.27 -23.40 3.75
CA CYS J 1050 -70.20 -23.13 2.79
C CYS J 1050 -70.28 -21.70 2.26
N VAL J 1051 -71.49 -21.21 1.98
CA VAL J 1051 -71.63 -19.85 1.48
C VAL J 1051 -71.29 -18.85 2.58
N GLU J 1052 -71.68 -19.14 3.82
CA GLU J 1052 -71.30 -18.27 4.92
C GLU J 1052 -69.78 -18.24 5.10
N MET J 1053 -69.13 -19.40 4.97
CA MET J 1053 -67.67 -19.44 5.09
C MET J 1053 -67.00 -18.68 3.95
N ALA J 1054 -67.51 -18.81 2.73
CA ALA J 1054 -66.91 -18.09 1.62
C ALA J 1054 -67.08 -16.59 1.78
N TRP J 1055 -68.24 -16.17 2.28
CA TRP J 1055 -68.45 -14.75 2.57
C TRP J 1055 -67.53 -14.27 3.69
N ILE J 1056 -67.35 -15.09 4.73
CA ILE J 1056 -66.46 -14.75 5.84
C ILE J 1056 -65.04 -14.57 5.33
N MET J 1057 -64.58 -15.51 4.51
CA MET J 1057 -63.23 -15.53 3.98
C MET J 1057 -63.03 -14.58 2.81
N GLY J 1058 -64.09 -13.94 2.33
CA GLY J 1058 -63.94 -13.01 1.23
C GLY J 1058 -63.77 -13.67 -0.12
N PHE J 1059 -64.06 -14.96 -0.23
CA PHE J 1059 -64.01 -15.61 -1.53
C PHE J 1059 -65.14 -15.13 -2.43
N ILE J 1060 -66.32 -14.92 -1.85
CA ILE J 1060 -67.48 -14.41 -2.58
C ILE J 1060 -67.89 -13.09 -1.95
N SER J 1061 -68.23 -12.13 -2.78
CA SER J 1061 -68.82 -10.87 -2.36
C SER J 1061 -70.16 -10.72 -3.06
N TYR J 1062 -71.01 -9.88 -2.50
CA TYR J 1062 -72.31 -9.63 -3.10
C TYR J 1062 -72.20 -8.55 -4.15
N HIS J 1063 -72.84 -8.79 -5.29
CA HIS J 1063 -72.97 -7.80 -6.34
C HIS J 1063 -74.43 -7.65 -6.71
N ASN J 1064 -74.85 -6.41 -6.93
CA ASN J 1064 -76.23 -6.13 -7.34
C ASN J 1064 -76.18 -4.95 -8.31
N GLY J 1065 -76.55 -5.20 -9.56
CA GLY J 1065 -76.60 -4.17 -10.57
C GLY J 1065 -76.05 -4.70 -11.88
N ASN J 1066 -75.71 -3.76 -12.76
CA ASN J 1066 -75.16 -4.14 -14.05
C ASN J 1066 -73.80 -4.81 -13.88
N LEU J 1067 -73.59 -5.91 -14.59
CA LEU J 1067 -72.33 -6.65 -14.54
C LEU J 1067 -72.11 -7.27 -15.90
N LYS J 1068 -71.05 -6.82 -16.60
CA LYS J 1068 -70.79 -7.26 -17.96
C LYS J 1068 -71.98 -6.98 -18.87
N GLY J 1069 -72.62 -5.84 -18.66
CA GLY J 1069 -73.79 -5.47 -19.43
C GLY J 1069 -75.09 -5.93 -18.79
N ARG J 1070 -75.29 -7.25 -18.74
CA ARG J 1070 -76.54 -7.77 -18.21
C ARG J 1070 -76.63 -7.49 -16.71
N PRO J 1071 -77.85 -7.35 -16.17
CA PRO J 1071 -77.97 -7.07 -14.73
C PRO J 1071 -77.88 -8.33 -13.90
N TYR J 1072 -76.98 -8.32 -12.91
CA TYR J 1072 -76.73 -9.49 -12.08
C TYR J 1072 -76.99 -9.15 -10.62
N THR J 1073 -77.61 -10.10 -9.91
CA THR J 1073 -77.88 -9.98 -8.49
C THR J 1073 -77.48 -11.30 -7.84
N GLY J 1074 -76.48 -11.26 -6.97
CA GLY J 1074 -76.05 -12.46 -6.28
C GLY J 1074 -74.58 -12.41 -5.95
N TRP J 1075 -74.03 -13.57 -5.63
CA TRP J 1075 -72.63 -13.68 -5.26
C TRP J 1075 -71.74 -13.64 -6.49
N VAL J 1076 -70.58 -13.01 -6.34
CA VAL J 1076 -69.55 -12.97 -7.37
C VAL J 1076 -68.23 -13.32 -6.72
N ASP J 1077 -67.26 -13.72 -7.54
CA ASP J 1077 -65.91 -13.94 -7.04
C ASP J 1077 -65.28 -12.61 -6.68
N SER J 1078 -64.74 -12.52 -5.46
CA SER J 1078 -64.27 -11.24 -4.94
C SER J 1078 -63.12 -10.68 -5.77
N LYS J 1079 -62.27 -11.54 -6.31
CA LYS J 1079 -61.12 -11.09 -7.10
C LYS J 1079 -61.50 -10.87 -8.56
N THR J 1080 -62.08 -11.89 -9.20
CA THR J 1080 -62.40 -11.79 -10.62
C THR J 1080 -63.72 -11.08 -10.89
N LYS J 1081 -64.57 -10.93 -9.87
CA LYS J 1081 -65.88 -10.28 -10.00
C LYS J 1081 -66.84 -11.05 -10.90
N GLU J 1082 -66.49 -12.27 -11.28
CA GLU J 1082 -67.37 -13.04 -12.14
C GLU J 1082 -68.54 -13.59 -11.32
N PRO J 1083 -69.72 -13.74 -11.92
CA PRO J 1083 -70.82 -14.36 -11.19
C PRO J 1083 -70.47 -15.77 -10.75
N VAL J 1084 -70.89 -16.13 -9.53
CA VAL J 1084 -70.73 -17.48 -9.02
C VAL J 1084 -72.05 -17.90 -8.38
N ASP J 1085 -72.57 -19.03 -8.83
CA ASP J 1085 -73.84 -19.54 -8.35
C ASP J 1085 -73.64 -20.27 -7.03
N ASP J 1086 -74.72 -20.33 -6.24
CA ASP J 1086 -74.65 -20.98 -4.94
C ASP J 1086 -74.27 -22.44 -5.07
N LYS J 1087 -74.79 -23.11 -6.11
CA LYS J 1087 -74.43 -24.51 -6.35
C LYS J 1087 -72.94 -24.64 -6.63
N ASP J 1088 -72.36 -23.67 -7.36
CA ASP J 1088 -70.94 -23.70 -7.66
C ASP J 1088 -70.06 -23.25 -6.50
N VAL J 1089 -70.63 -22.62 -5.47
CA VAL J 1089 -69.81 -22.08 -4.39
C VAL J 1089 -69.02 -23.19 -3.72
N LYS J 1090 -69.67 -24.31 -3.44
CA LYS J 1090 -68.97 -25.44 -2.84
C LYS J 1090 -67.90 -25.96 -3.80
N ALA J 1091 -68.29 -26.29 -5.03
CA ALA J 1091 -67.35 -26.88 -5.97
C ALA J 1091 -66.15 -25.98 -6.25
N LYS J 1092 -66.28 -24.67 -6.04
CA LYS J 1092 -65.23 -23.73 -6.38
C LYS J 1092 -64.42 -23.24 -5.17
N TYR J 1093 -64.95 -23.37 -3.95
CA TYR J 1093 -64.28 -22.82 -2.78
C TYR J 1093 -64.13 -23.80 -1.62
N GLU J 1094 -64.64 -25.03 -1.72
CA GLU J 1094 -64.59 -25.95 -0.58
C GLU J 1094 -63.16 -26.25 -0.20
N THR J 1095 -62.30 -26.52 -1.19
CA THR J 1095 -60.93 -26.88 -0.90
C THR J 1095 -60.18 -25.73 -0.23
N SER J 1096 -60.36 -24.51 -0.74
CA SER J 1096 -59.68 -23.36 -0.14
C SER J 1096 -60.19 -23.10 1.27
N ILE J 1097 -61.50 -23.20 1.48
CA ILE J 1097 -62.09 -23.02 2.80
C ILE J 1097 -61.50 -24.02 3.78
N LEU J 1098 -61.49 -25.31 3.41
CA LEU J 1098 -60.97 -26.33 4.30
C LEU J 1098 -59.48 -26.14 4.54
N GLU J 1099 -58.73 -25.81 3.49
CA GLU J 1099 -57.29 -25.62 3.61
C GLU J 1099 -56.96 -24.47 4.56
N HIS J 1100 -57.74 -23.40 4.52
CA HIS J 1100 -57.45 -22.19 5.28
C HIS J 1100 -58.45 -21.94 6.39
N SER J 1101 -59.04 -23.01 6.93
CA SER J 1101 -59.87 -22.92 8.12
C SER J 1101 -59.36 -23.92 9.15
N GLY J 1102 -59.78 -23.71 10.40
CA GLY J 1102 -59.47 -24.63 11.47
C GLY J 1102 -58.00 -24.62 11.86
N ILE J 1103 -57.54 -25.75 12.39
CA ILE J 1103 -56.15 -25.90 12.79
C ILE J 1103 -55.31 -26.20 11.55
N ARG J 1104 -54.28 -25.39 11.34
CA ARG J 1104 -53.48 -25.49 10.14
C ARG J 1104 -52.14 -24.82 10.38
N LEU J 1105 -51.24 -24.92 9.41
CA LEU J 1105 -49.94 -24.27 9.51
C LEU J 1105 -50.11 -22.77 9.70
N ILE J 1106 -49.26 -22.19 10.55
CA ILE J 1106 -49.37 -20.78 10.85
C ILE J 1106 -49.09 -19.96 9.61
N GLU J 1107 -49.97 -19.02 9.32
CA GLU J 1107 -49.84 -18.17 8.15
C GLU J 1107 -49.24 -16.83 8.57
N PRO J 1108 -48.04 -16.46 8.13
CA PRO J 1108 -47.48 -15.18 8.58
C PRO J 1108 -48.30 -13.97 8.19
N GLU J 1109 -49.04 -14.05 7.08
CA GLU J 1109 -49.86 -12.93 6.64
C GLU J 1109 -50.96 -12.58 7.65
N LEU J 1110 -51.33 -13.54 8.50
CA LEU J 1110 -52.34 -13.31 9.53
C LEU J 1110 -51.75 -12.89 10.86
N PHE J 1111 -50.43 -12.89 11.01
CA PHE J 1111 -49.76 -12.53 12.25
C PHE J 1111 -48.57 -11.64 11.97
N ASN J 1112 -48.69 -10.83 10.91
CA ASN J 1112 -47.70 -9.79 10.59
C ASN J 1112 -46.35 -10.40 10.23
N GLY J 1113 -46.37 -11.33 9.29
CA GLY J 1113 -45.12 -11.92 8.83
C GLY J 1113 -44.43 -12.73 9.90
N TYR J 1114 -45.17 -13.26 10.86
CA TYR J 1114 -44.63 -14.14 11.87
C TYR J 1114 -44.53 -15.54 11.28
N ASN J 1115 -43.31 -15.99 11.01
CA ASN J 1115 -43.05 -17.32 10.51
C ASN J 1115 -42.35 -18.10 11.63
N PRO J 1116 -42.99 -19.06 12.31
CA PRO J 1116 -42.29 -19.77 13.38
C PRO J 1116 -41.05 -20.52 12.93
N GLU J 1117 -40.96 -20.85 11.64
CA GLU J 1117 -39.74 -21.47 11.13
C GLU J 1117 -38.57 -20.50 11.10
N LYS J 1118 -38.85 -19.20 10.99
CA LYS J 1118 -37.82 -18.15 11.00
C LYS J 1118 -38.26 -17.11 12.02
N LYS J 1119 -38.00 -17.38 13.29
CA LYS J 1119 -38.41 -16.50 14.38
C LYS J 1119 -37.27 -15.53 14.68
N GLU J 1120 -37.57 -14.24 14.59
CA GLU J 1120 -36.51 -13.24 14.57
C GLU J 1120 -36.12 -12.87 16.01
N MET J 1121 -34.83 -12.97 16.30
CA MET J 1121 -34.24 -12.51 17.55
C MET J 1121 -33.07 -11.61 17.22
N ILE J 1122 -32.45 -11.05 18.26
CA ILE J 1122 -31.29 -10.18 18.11
C ILE J 1122 -30.26 -10.58 19.16
N GLN J 1123 -28.99 -10.62 18.74
CA GLN J 1123 -27.88 -11.05 19.57
C GLN J 1123 -26.99 -9.86 19.85
N GLU J 1124 -26.72 -9.62 21.13
CA GLU J 1124 -25.77 -8.60 21.55
C GLU J 1124 -24.35 -9.07 21.24
N VAL J 1125 -23.57 -8.20 20.60
CA VAL J 1125 -22.15 -8.45 20.40
C VAL J 1125 -21.40 -7.17 20.71
N ILE J 1126 -20.12 -7.33 21.03
CA ILE J 1126 -19.21 -6.22 21.20
C ILE J 1126 -18.55 -5.95 19.86
N VAL J 1127 -18.56 -4.69 19.44
CA VAL J 1127 -17.89 -4.30 18.21
C VAL J 1127 -16.38 -4.53 18.36
N GLU J 1128 -15.80 -5.25 17.41
CA GLU J 1128 -14.38 -5.55 17.43
C GLU J 1128 -13.55 -4.57 16.61
N GLU J 1129 -14.13 -4.00 15.56
CA GLU J 1129 -13.48 -2.97 14.77
C GLU J 1129 -14.47 -1.83 14.54
N ASP J 1130 -13.94 -0.61 14.48
CA ASP J 1130 -14.78 0.55 14.26
C ASP J 1130 -15.57 0.37 12.96
N LEU J 1131 -16.88 0.58 13.02
CA LEU J 1131 -17.71 0.47 11.84
C LEU J 1131 -17.47 1.66 10.91
N GLU J 1132 -17.75 1.45 9.63
CA GLU J 1132 -17.70 2.56 8.70
C GLU J 1132 -18.75 3.60 9.10
N PRO J 1133 -18.43 4.90 9.08
CA PRO J 1133 -19.45 5.89 9.46
C PRO J 1133 -20.67 5.81 8.55
N PHE J 1134 -21.83 6.04 9.14
CA PHE J 1134 -23.08 6.12 8.41
C PHE J 1134 -23.82 7.40 8.79
N GLU J 1135 -24.53 7.95 7.82
CA GLU J 1135 -25.23 9.20 8.03
C GLU J 1135 -26.43 9.01 8.95
N ALA J 1136 -26.72 10.03 9.76
CA ALA J 1136 -27.89 10.02 10.62
C ALA J 1136 -28.25 11.46 10.92
N SER J 1137 -29.50 11.67 11.32
CA SER J 1137 -29.97 13.00 11.67
C SER J 1137 -29.21 13.53 12.88
N LYS J 1138 -29.38 14.83 13.14
CA LYS J 1138 -28.83 15.42 14.35
C LYS J 1138 -29.39 14.71 15.59
N GLU J 1139 -30.72 14.59 15.66
CA GLU J 1139 -31.33 13.97 16.83
C GLU J 1139 -30.94 12.51 16.95
N THR J 1140 -30.94 11.78 15.85
CA THR J 1140 -30.59 10.36 15.89
C THR J 1140 -29.15 10.15 16.32
N ALA J 1141 -28.23 10.96 15.77
CA ALA J 1141 -26.83 10.86 16.14
C ALA J 1141 -26.62 11.24 17.60
N GLU J 1142 -27.37 12.23 18.08
CA GLU J 1142 -27.28 12.60 19.49
C GLU J 1142 -27.77 11.46 20.38
N GLN J 1143 -28.83 10.77 19.97
CA GLN J 1143 -29.30 9.61 20.72
C GLN J 1143 -28.26 8.50 20.72
N PHE J 1144 -27.60 8.29 19.59
CA PHE J 1144 -26.53 7.29 19.53
C PHE J 1144 -25.38 7.66 20.46
N LYS J 1145 -25.01 8.94 20.50
CA LYS J 1145 -23.95 9.38 21.39
C LYS J 1145 -24.38 9.23 22.85
N HIS J 1146 -25.62 9.59 23.16
CA HIS J 1146 -26.14 9.41 24.51
C HIS J 1146 -26.05 7.95 24.93
N GLN J 1147 -26.40 7.03 24.02
CA GLN J 1147 -26.25 5.61 24.29
C GLN J 1147 -24.80 5.23 24.53
N HIS J 1148 -23.97 5.32 23.51
CA HIS J 1148 -22.68 4.64 23.51
C HIS J 1148 -21.59 5.41 24.22
N GLY J 1149 -21.84 6.67 24.61
CA GLY J 1149 -20.81 7.43 25.29
C GLY J 1149 -19.60 7.60 24.40
N ASP J 1150 -18.44 7.19 24.91
CA ASP J 1150 -17.18 7.34 24.19
C ASP J 1150 -16.95 6.25 23.16
N LYS J 1151 -17.88 5.30 23.01
CA LYS J 1151 -17.75 4.24 22.02
C LYS J 1151 -18.38 4.59 20.69
N VAL J 1152 -18.73 5.86 20.47
CA VAL J 1152 -19.22 6.33 19.19
C VAL J 1152 -18.75 7.77 19.00
N ASP J 1153 -18.49 8.11 17.74
CA ASP J 1153 -18.12 9.45 17.34
C ASP J 1153 -19.17 9.99 16.38
N ILE J 1154 -19.73 11.15 16.71
CA ILE J 1154 -20.73 11.79 15.87
C ILE J 1154 -20.20 13.14 15.42
N PHE J 1155 -20.28 13.42 14.13
CA PHE J 1155 -19.74 14.64 13.54
C PHE J 1155 -20.72 15.25 12.55
N GLU J 1156 -20.93 16.55 12.66
CA GLU J 1156 -21.74 17.27 11.68
C GLU J 1156 -21.09 17.24 10.31
N ILE J 1157 -21.93 17.18 9.28
CA ILE J 1157 -21.50 17.32 7.89
C ILE J 1157 -21.88 18.73 7.45
N PRO J 1158 -20.94 19.67 7.32
CA PRO J 1158 -21.33 21.04 6.96
C PRO J 1158 -21.99 21.16 5.59
N GLU J 1159 -21.77 20.19 4.70
CA GLU J 1159 -22.34 20.28 3.36
C GLU J 1159 -23.86 20.25 3.41
N THR J 1160 -24.43 19.41 4.26
CA THR J 1160 -25.87 19.22 4.33
C THR J 1160 -26.45 19.33 5.74
N GLY J 1161 -25.62 19.52 6.76
CA GLY J 1161 -26.11 19.67 8.11
C GLY J 1161 -26.49 18.38 8.80
N GLU J 1162 -26.34 17.24 8.13
CA GLU J 1162 -26.64 15.95 8.74
C GLU J 1162 -25.50 15.57 9.68
N TYR J 1163 -25.55 14.34 10.19
CA TYR J 1163 -24.51 13.83 11.08
C TYR J 1163 -24.02 12.47 10.61
N SER J 1164 -22.73 12.24 10.80
CA SER J 1164 -22.11 10.94 10.55
C SER J 1164 -21.83 10.29 11.89
N VAL J 1165 -22.21 9.01 12.00
CA VAL J 1165 -22.12 8.23 13.22
C VAL J 1165 -21.13 7.10 12.99
N LYS J 1166 -20.12 7.01 13.85
CA LYS J 1166 -19.03 6.05 13.70
C LYS J 1166 -18.89 5.29 15.02
N LEU J 1167 -19.41 4.07 15.05
CA LEU J 1167 -19.23 3.20 16.22
C LEU J 1167 -17.81 2.70 16.28
N LEU J 1168 -17.25 2.68 17.49
CA LEU J 1168 -15.85 2.34 17.72
C LEU J 1168 -15.73 0.93 18.27
N LYS J 1169 -14.49 0.49 18.42
CA LYS J 1169 -14.20 -0.78 19.06
C LYS J 1169 -14.80 -0.79 20.47
N GLY J 1170 -15.38 -1.93 20.83
CA GLY J 1170 -15.96 -2.10 22.14
C GLY J 1170 -17.42 -1.72 22.24
N ALA J 1171 -17.98 -1.07 21.23
CA ALA J 1171 -19.37 -0.65 21.29
C ALA J 1171 -20.29 -1.87 21.32
N THR J 1172 -21.47 -1.67 21.89
CA THR J 1172 -22.48 -2.72 21.97
C THR J 1172 -23.33 -2.65 20.71
N LEU J 1173 -23.67 -3.81 20.17
CA LEU J 1173 -24.27 -3.92 18.86
C LEU J 1173 -25.22 -5.11 18.85
N TYR J 1174 -26.27 -5.04 18.04
CA TYR J 1174 -27.29 -6.09 17.97
C TYR J 1174 -27.44 -6.56 16.54
N ILE J 1175 -27.12 -7.83 16.30
CA ILE J 1175 -27.30 -8.47 15.01
C ILE J 1175 -28.57 -9.31 15.08
N PRO J 1176 -29.52 -9.14 14.15
CA PRO J 1176 -30.65 -10.07 14.11
C PRO J 1176 -30.20 -11.52 13.88
N LYS J 1177 -30.89 -12.43 14.55
CA LYS J 1177 -30.70 -13.85 14.31
C LYS J 1177 -32.06 -14.54 14.32
N ALA J 1178 -32.16 -15.63 13.57
CA ALA J 1178 -33.41 -16.32 13.34
C ALA J 1178 -33.35 -17.69 14.00
N LEU J 1179 -34.42 -18.03 14.73
CA LEU J 1179 -34.51 -19.28 15.46
C LEU J 1179 -35.63 -20.12 14.85
N ARG J 1180 -35.32 -21.38 14.60
CA ARG J 1180 -36.31 -22.33 14.10
C ARG J 1180 -37.16 -22.83 15.27
N PHE J 1181 -38.41 -22.39 15.32
CA PHE J 1181 -39.31 -22.72 16.42
C PHE J 1181 -40.24 -23.85 16.00
N ASP J 1182 -40.60 -24.70 16.94
CA ASP J 1182 -41.22 -25.98 16.68
C ASP J 1182 -42.73 -26.01 16.93
N ARG J 1183 -43.39 -24.86 16.96
CA ARG J 1183 -44.85 -24.80 16.98
C ARG J 1183 -45.27 -24.08 15.70
N LEU J 1184 -45.55 -24.87 14.67
CA LEU J 1184 -45.83 -24.35 13.34
C LEU J 1184 -47.33 -24.29 13.02
N VAL J 1185 -48.16 -24.86 13.88
CA VAL J 1185 -49.58 -25.05 13.59
C VAL J 1185 -50.36 -24.36 14.69
N ALA J 1186 -51.41 -23.65 14.30
CA ALA J 1186 -52.27 -22.94 15.24
C ALA J 1186 -53.69 -22.99 14.72
N GLY J 1187 -54.65 -22.92 15.64
CA GLY J 1187 -56.03 -22.74 15.25
C GLY J 1187 -56.27 -21.30 14.87
N GLN J 1188 -56.35 -21.02 13.58
CA GLN J 1188 -56.38 -19.66 13.09
C GLN J 1188 -57.72 -19.37 12.45
N ILE J 1189 -58.21 -18.15 12.67
CA ILE J 1189 -59.45 -17.65 12.09
C ILE J 1189 -59.31 -17.81 10.57
N PRO J 1190 -60.38 -18.15 9.85
CA PRO J 1190 -60.22 -18.47 8.43
C PRO J 1190 -59.53 -17.35 7.65
N THR J 1191 -58.59 -17.74 6.80
CA THR J 1191 -57.81 -16.76 6.06
C THR J 1191 -58.72 -15.97 5.13
N GLY J 1192 -58.62 -14.65 5.20
CA GLY J 1192 -59.53 -13.76 4.52
C GLY J 1192 -60.60 -13.19 5.40
N TRP J 1193 -60.71 -13.63 6.65
CA TRP J 1193 -61.57 -12.96 7.62
C TRP J 1193 -61.16 -11.50 7.75
N ASN J 1194 -62.12 -10.60 7.57
CA ASN J 1194 -61.88 -9.18 7.66
C ASN J 1194 -63.05 -8.55 8.39
N ALA J 1195 -62.73 -7.64 9.32
CA ALA J 1195 -63.78 -6.93 10.04
C ALA J 1195 -64.57 -6.03 9.11
N LYS J 1196 -63.98 -5.58 8.01
CA LYS J 1196 -64.73 -4.82 7.01
C LYS J 1196 -65.87 -5.66 6.43
N THR J 1197 -65.67 -6.97 6.33
CA THR J 1197 -66.73 -7.84 5.84
C THR J 1197 -67.98 -7.77 6.72
N TYR J 1198 -67.79 -7.61 8.03
CA TYR J 1198 -68.90 -7.41 8.95
C TYR J 1198 -69.31 -5.95 9.07
N GLY J 1199 -68.47 -5.03 8.60
CA GLY J 1199 -68.82 -3.63 8.53
C GLY J 1199 -68.10 -2.73 9.51
N ILE J 1200 -67.06 -3.20 10.17
CA ILE J 1200 -66.29 -2.34 11.06
C ILE J 1200 -65.38 -1.46 10.21
N SER J 1201 -65.42 -0.16 10.47
CA SER J 1201 -64.74 0.80 9.61
C SER J 1201 -63.22 0.67 9.74
N ASP J 1202 -62.53 1.14 8.71
CA ASP J 1202 -61.07 1.07 8.70
C ASP J 1202 -60.47 1.89 9.82
N ASP J 1203 -61.12 2.98 10.22
CA ASP J 1203 -60.61 3.76 11.34
C ASP J 1203 -60.62 2.94 12.62
N ILE J 1204 -61.69 2.20 12.88
CA ILE J 1204 -61.73 1.33 14.05
C ILE J 1204 -60.69 0.22 13.90
N ILE J 1205 -60.54 -0.32 12.69
CA ILE J 1205 -59.59 -1.41 12.48
C ILE J 1205 -58.17 -0.94 12.76
N SER J 1206 -57.87 0.31 12.39
CA SER J 1206 -56.53 0.85 12.64
C SER J 1206 -56.36 1.22 14.10
N GLN J 1207 -57.44 1.62 14.77
CA GLN J 1207 -57.34 2.01 16.18
C GLN J 1207 -57.14 0.81 17.09
N VAL J 1208 -57.96 -0.21 16.93
CA VAL J 1208 -58.07 -1.28 17.91
C VAL J 1208 -57.22 -2.47 17.49
N ASP J 1209 -57.09 -3.43 18.41
CA ASP J 1209 -56.37 -4.66 18.15
C ASP J 1209 -57.24 -5.69 17.41
N PRO J 1210 -56.60 -6.68 16.78
CA PRO J 1210 -57.39 -7.76 16.16
C PRO J 1210 -58.28 -8.48 17.15
N ILE J 1211 -57.83 -8.61 18.40
CA ILE J 1211 -58.68 -9.21 19.43
C ILE J 1211 -59.94 -8.38 19.60
N THR J 1212 -59.79 -7.05 19.60
CA THR J 1212 -60.96 -6.18 19.73
C THR J 1212 -61.90 -6.37 18.56
N LEU J 1213 -61.36 -6.50 17.35
CA LEU J 1213 -62.21 -6.73 16.19
C LEU J 1213 -62.97 -8.04 16.31
N PHE J 1214 -62.28 -9.11 16.76
CA PHE J 1214 -62.96 -10.39 16.96
C PHE J 1214 -64.10 -10.24 17.95
N VAL J 1215 -63.86 -9.51 19.04
CA VAL J 1215 -64.87 -9.34 20.07
C VAL J 1215 -66.05 -8.53 19.55
N LEU J 1216 -65.78 -7.48 18.77
CA LEU J 1216 -66.86 -6.67 18.24
C LEU J 1216 -67.75 -7.48 17.30
N VAL J 1217 -67.12 -8.26 16.42
CA VAL J 1217 -67.91 -9.10 15.52
C VAL J 1217 -68.70 -10.13 16.31
N SER J 1218 -68.09 -10.71 17.34
CA SER J 1218 -68.79 -11.70 18.15
C SER J 1218 -69.96 -11.08 18.90
N VAL J 1219 -69.78 -9.87 19.43
CA VAL J 1219 -70.87 -9.18 20.13
C VAL J 1219 -72.01 -8.90 19.17
N VAL J 1220 -71.70 -8.41 17.97
CA VAL J 1220 -72.75 -8.12 17.01
C VAL J 1220 -73.49 -9.39 16.62
N GLU J 1221 -72.76 -10.46 16.31
CA GLU J 1221 -73.39 -11.70 15.92
C GLU J 1221 -74.20 -12.30 17.07
N ALA J 1222 -73.74 -12.10 18.31
CA ALA J 1222 -74.47 -12.62 19.45
C ALA J 1222 -75.77 -11.86 19.67
N PHE J 1223 -75.75 -10.54 19.46
CA PHE J 1223 -77.00 -9.80 19.55
C PHE J 1223 -77.94 -10.18 18.41
N ILE J 1224 -77.39 -10.45 17.24
CA ILE J 1224 -78.21 -10.92 16.13
C ILE J 1224 -78.86 -12.25 16.49
N ALA J 1225 -78.08 -13.15 17.10
CA ALA J 1225 -78.62 -14.43 17.55
C ALA J 1225 -79.69 -14.24 18.62
N SER J 1226 -79.51 -13.23 19.48
CA SER J 1226 -80.55 -12.81 20.40
C SER J 1226 -81.71 -12.10 19.72
N GLY J 1227 -81.61 -11.83 18.42
CA GLY J 1227 -82.64 -11.10 17.73
C GLY J 1227 -82.65 -9.61 17.99
N ILE J 1228 -81.64 -9.10 18.69
CA ILE J 1228 -81.57 -7.68 19.04
C ILE J 1228 -80.73 -7.02 17.94
N THR J 1229 -81.41 -6.61 16.87
CA THR J 1229 -80.72 -5.99 15.75
C THR J 1229 -80.14 -4.64 16.15
N ASP J 1230 -80.90 -3.86 16.92
CA ASP J 1230 -80.48 -2.58 17.44
C ASP J 1230 -80.19 -2.71 18.93
N PRO J 1231 -78.95 -2.52 19.41
CA PRO J 1231 -78.72 -2.69 20.85
C PRO J 1231 -79.51 -1.75 21.74
N TYR J 1232 -79.92 -0.58 21.24
CA TYR J 1232 -80.69 0.35 22.06
C TYR J 1232 -82.10 -0.15 22.33
N GLU J 1233 -82.55 -1.21 21.66
CA GLU J 1233 -83.86 -1.76 21.96
C GLU J 1233 -83.89 -2.38 23.35
N MET J 1234 -82.72 -2.76 23.87
CA MET J 1234 -82.63 -3.19 25.26
C MET J 1234 -83.02 -2.06 26.21
N TYR J 1235 -82.77 -0.81 25.82
CA TYR J 1235 -83.12 0.32 26.66
C TYR J 1235 -84.61 0.66 26.60
N LYS J 1236 -85.37 -0.02 25.74
CA LYS J 1236 -86.82 0.07 25.83
C LYS J 1236 -87.35 -0.74 27.01
N TYR J 1237 -86.55 -1.67 27.52
CA TYR J 1237 -86.96 -2.57 28.59
C TYR J 1237 -86.20 -2.38 29.89
N VAL J 1238 -84.95 -1.92 29.82
CA VAL J 1238 -84.11 -1.78 31.00
C VAL J 1238 -83.46 -0.41 30.99
N HIS J 1239 -82.91 -0.03 32.15
CA HIS J 1239 -82.15 1.19 32.25
C HIS J 1239 -80.75 0.99 31.69
N VAL J 1240 -80.13 2.08 31.24
CA VAL J 1240 -78.77 2.01 30.72
C VAL J 1240 -77.83 1.47 31.80
N SER J 1241 -78.16 1.71 33.06
CA SER J 1241 -77.41 1.15 34.19
C SER J 1241 -77.58 -0.36 34.34
N GLU J 1242 -78.50 -0.97 33.62
CA GLU J 1242 -78.87 -2.36 33.85
C GLU J 1242 -78.36 -3.30 32.75
N VAL J 1243 -77.45 -2.85 31.90
CA VAL J 1243 -76.84 -3.67 30.86
C VAL J 1243 -75.35 -3.69 31.11
N GLY J 1244 -74.84 -4.83 31.60
CA GLY J 1244 -73.44 -4.95 31.92
C GLY J 1244 -72.69 -5.71 30.85
N ASN J 1245 -71.37 -5.63 30.93
CA ASN J 1245 -70.48 -6.41 30.09
C ASN J 1245 -69.46 -7.07 31.00
N CYS J 1246 -69.53 -8.39 31.11
CA CYS J 1246 -68.69 -9.14 32.03
C CYS J 1246 -67.78 -10.13 31.32
N SER J 1247 -67.56 -9.96 30.02
CA SER J 1247 -66.58 -10.75 29.30
C SER J 1247 -65.17 -10.24 29.57
N GLY J 1248 -64.19 -11.09 29.31
CA GLY J 1248 -62.79 -10.72 29.48
C GLY J 1248 -61.86 -11.66 28.75
N SER J 1249 -60.57 -11.39 28.87
CA SER J 1249 -59.52 -12.10 28.16
C SER J 1249 -58.48 -12.64 29.13
N GLY J 1250 -57.80 -13.70 28.71
CA GLY J 1250 -56.63 -14.17 29.44
C GLY J 1250 -55.45 -13.23 29.38
N MET J 1251 -55.12 -12.71 28.20
CA MET J 1251 -54.05 -11.72 28.04
C MET J 1251 -54.49 -10.45 27.32
N GLY J 1252 -55.60 -10.45 26.60
CA GLY J 1252 -56.09 -9.24 25.98
C GLY J 1252 -55.30 -8.83 24.75
N GLY J 1253 -55.05 -7.53 24.61
CA GLY J 1253 -54.39 -6.99 23.43
C GLY J 1253 -52.92 -7.32 23.36
N VAL J 1254 -52.61 -8.59 23.11
CA VAL J 1254 -51.21 -9.02 23.02
C VAL J 1254 -50.51 -8.35 21.85
N SER J 1255 -51.26 -8.00 20.79
CA SER J 1255 -50.66 -7.24 19.70
C SER J 1255 -50.20 -5.88 20.18
N ALA J 1256 -50.99 -5.23 21.03
CA ALA J 1256 -50.59 -3.93 21.56
C ALA J 1256 -49.46 -4.07 22.59
N LEU J 1257 -49.45 -5.19 23.33
CA LEU J 1257 -48.32 -5.46 24.20
C LEU J 1257 -47.04 -5.64 23.40
N ARG J 1258 -47.13 -6.35 22.27
CA ARG J 1258 -45.99 -6.48 21.37
C ARG J 1258 -45.58 -5.11 20.85
N GLY J 1259 -46.55 -4.28 20.47
CA GLY J 1259 -46.26 -2.89 20.15
C GLY J 1259 -45.38 -2.23 21.18
N MET J 1260 -45.90 -2.08 22.38
CA MET J 1260 -45.24 -1.29 23.42
C MET J 1260 -43.90 -1.90 23.85
N PHE J 1261 -43.79 -3.22 23.86
CA PHE J 1261 -42.59 -3.86 24.39
C PHE J 1261 -41.52 -4.14 23.34
N LYS J 1262 -41.91 -4.33 22.07
CA LYS J 1262 -40.95 -4.69 21.02
C LYS J 1262 -40.86 -3.63 19.94
N ASP J 1263 -41.97 -3.20 19.32
CA ASP J 1263 -41.83 -2.28 18.19
C ASP J 1263 -41.54 -0.87 18.68
N ARG J 1264 -42.04 -0.52 19.87
CA ARG J 1264 -41.62 0.71 20.49
C ARG J 1264 -40.14 0.67 20.85
N PHE J 1265 -39.66 -0.48 21.30
CA PHE J 1265 -38.24 -0.65 21.57
C PHE J 1265 -37.41 -0.53 20.30
N LYS J 1266 -37.94 -1.02 19.19
CA LYS J 1266 -37.30 -0.91 17.89
C LYS J 1266 -37.52 0.43 17.23
N ASP J 1267 -38.30 1.32 17.85
CA ASP J 1267 -38.60 2.64 17.31
C ASP J 1267 -39.40 2.58 16.02
N GLU J 1268 -40.14 1.49 15.82
CA GLU J 1268 -41.05 1.40 14.70
C GLU J 1268 -42.28 2.27 14.98
N PRO J 1269 -43.02 2.66 13.95
CA PRO J 1269 -44.21 3.48 14.20
C PRO J 1269 -45.26 2.72 15.00
N VAL J 1270 -45.52 3.18 16.22
CA VAL J 1270 -46.53 2.61 17.11
C VAL J 1270 -47.41 3.76 17.58
N GLN J 1271 -48.72 3.52 17.60
CA GLN J 1271 -49.66 4.55 18.02
C GLN J 1271 -49.41 4.91 19.49
N ASN J 1272 -49.58 6.20 19.81
CA ASN J 1272 -49.33 6.67 21.16
C ASN J 1272 -50.26 6.05 22.19
N ASP J 1273 -51.43 5.59 21.77
CA ASP J 1273 -52.39 4.97 22.69
C ASP J 1273 -52.40 3.46 22.54
N ILE J 1274 -51.24 2.85 22.37
CA ILE J 1274 -51.15 1.40 22.26
C ILE J 1274 -51.36 0.74 23.62
N LEU J 1275 -50.96 1.40 24.70
CA LEU J 1275 -51.14 0.81 26.04
C LEU J 1275 -52.62 0.62 26.37
N GLN J 1276 -53.45 1.63 26.08
CA GLN J 1276 -54.87 1.45 26.35
C GLN J 1276 -55.50 0.44 25.42
N GLU J 1277 -54.87 0.18 24.27
CA GLU J 1277 -55.35 -0.86 23.38
C GLU J 1277 -54.90 -2.24 23.84
N SER J 1278 -53.92 -2.31 24.74
CA SER J 1278 -53.46 -3.58 25.27
C SER J 1278 -54.29 -4.10 26.45
N PHE J 1279 -55.05 -3.25 27.12
CA PHE J 1279 -55.73 -3.68 28.33
C PHE J 1279 -56.77 -4.76 28.04
N ILE J 1280 -57.03 -5.59 29.05
CA ILE J 1280 -57.98 -6.68 28.90
C ILE J 1280 -59.42 -6.15 28.94
N ASN J 1281 -59.62 -5.01 29.58
CA ASN J 1281 -60.94 -4.37 29.60
C ASN J 1281 -61.16 -3.44 28.42
N THR J 1282 -60.15 -3.20 27.58
CA THR J 1282 -60.30 -2.29 26.46
C THR J 1282 -61.28 -2.82 25.43
N MET J 1283 -61.25 -4.13 25.19
CA MET J 1283 -62.18 -4.73 24.24
C MET J 1283 -63.63 -4.56 24.67
N SER J 1284 -63.92 -4.78 25.94
CA SER J 1284 -65.28 -4.59 26.42
C SER J 1284 -65.63 -3.10 26.42
N ALA J 1285 -64.64 -2.24 26.66
CA ALA J 1285 -64.86 -0.81 26.57
C ALA J 1285 -65.24 -0.41 25.15
N TRP J 1286 -64.55 -0.97 24.16
CA TRP J 1286 -64.86 -0.68 22.77
C TRP J 1286 -66.22 -1.22 22.38
N VAL J 1287 -66.57 -2.39 22.92
CA VAL J 1287 -67.92 -2.92 22.70
C VAL J 1287 -68.95 -1.93 23.21
N ASN J 1288 -68.78 -1.45 24.44
CA ASN J 1288 -69.76 -0.55 25.02
C ASN J 1288 -69.81 0.78 24.31
N MET J 1289 -68.67 1.31 23.89
CA MET J 1289 -68.60 2.65 23.31
C MET J 1289 -68.59 2.63 21.79
N LEU J 1290 -68.90 1.47 21.18
CA LEU J 1290 -69.27 1.39 19.77
C LEU J 1290 -70.67 0.84 19.56
N LEU J 1291 -71.21 0.06 20.48
CA LEU J 1291 -72.49 -0.62 20.27
C LEU J 1291 -73.50 -0.44 21.38
N ILE J 1292 -73.07 -0.42 22.65
CA ILE J 1292 -74.02 -0.60 23.74
C ILE J 1292 -74.43 0.74 24.35
N SER J 1293 -73.46 1.60 24.67
CA SER J 1293 -73.73 2.87 25.37
C SER J 1293 -74.32 2.67 26.77
N SER J 1294 -74.18 1.46 27.31
CA SER J 1294 -74.73 1.19 28.63
C SER J 1294 -73.87 1.87 29.69
N SER J 1295 -74.50 2.20 30.81
CA SER J 1295 -73.82 2.57 32.02
C SER J 1295 -73.94 1.49 33.08
N GLY J 1296 -74.07 0.25 32.62
CA GLY J 1296 -74.20 -0.87 33.51
C GLY J 1296 -72.87 -1.43 33.94
N PRO J 1297 -72.92 -2.44 34.80
CA PRO J 1297 -71.69 -2.94 35.42
C PRO J 1297 -70.69 -3.43 34.40
N ILE J 1298 -69.42 -3.15 34.67
CA ILE J 1298 -68.30 -3.59 33.84
C ILE J 1298 -67.34 -4.35 34.73
N LYS J 1299 -67.19 -5.64 34.47
CA LYS J 1299 -66.42 -6.53 35.33
C LYS J 1299 -65.65 -7.49 34.42
N THR J 1300 -64.41 -7.14 34.09
CA THR J 1300 -63.64 -7.88 33.11
C THR J 1300 -62.79 -8.93 33.80
N PRO J 1301 -63.08 -10.23 33.68
CA PRO J 1301 -62.26 -11.24 34.37
C PRO J 1301 -61.08 -11.72 33.55
N VAL J 1302 -60.06 -12.19 34.29
CA VAL J 1302 -58.91 -12.90 33.73
C VAL J 1302 -58.86 -14.26 34.41
N GLY J 1303 -58.80 -15.32 33.62
CA GLY J 1303 -58.75 -16.66 34.15
C GLY J 1303 -57.91 -17.60 33.33
N ALA J 1304 -57.05 -17.05 32.48
CA ALA J 1304 -56.30 -17.82 31.48
C ALA J 1304 -57.33 -18.57 30.65
N ALA J 1305 -57.38 -19.90 30.68
CA ALA J 1305 -58.31 -20.64 29.83
C ALA J 1305 -59.73 -20.69 30.41
N ALA J 1306 -59.93 -20.22 31.65
CA ALA J 1306 -61.23 -20.28 32.30
C ALA J 1306 -61.93 -18.94 32.39
N THR J 1307 -61.45 -17.91 31.66
CA THR J 1307 -62.03 -16.58 31.83
C THR J 1307 -63.47 -16.52 31.36
N SER J 1308 -63.86 -17.40 30.43
CA SER J 1308 -65.22 -17.36 29.92
C SER J 1308 -66.21 -17.92 30.94
N VAL J 1309 -65.81 -18.99 31.64
CA VAL J 1309 -66.64 -19.49 32.73
C VAL J 1309 -66.65 -18.49 33.89
N GLU J 1310 -65.50 -17.87 34.13
CA GLU J 1310 -65.45 -16.71 35.02
C GLU J 1310 -66.49 -15.66 34.63
N SER J 1311 -66.53 -15.34 33.34
CA SER J 1311 -67.40 -14.30 32.84
C SER J 1311 -68.86 -14.69 33.03
N VAL J 1312 -69.20 -15.94 32.72
CA VAL J 1312 -70.57 -16.40 32.91
C VAL J 1312 -70.94 -16.33 34.38
N ASP J 1313 -70.03 -16.77 35.25
CA ASP J 1313 -70.31 -16.74 36.69
C ASP J 1313 -70.50 -15.31 37.18
N ILE J 1314 -69.64 -14.40 36.76
CA ILE J 1314 -69.73 -13.01 37.20
C ILE J 1314 -70.99 -12.37 36.64
N GLY J 1315 -71.36 -12.70 35.41
CA GLY J 1315 -72.58 -12.16 34.83
C GLY J 1315 -73.82 -12.65 35.53
N VAL J 1316 -73.85 -13.94 35.86
CA VAL J 1316 -74.93 -14.49 36.66
C VAL J 1316 -74.99 -13.78 38.00
N GLU J 1317 -73.82 -13.56 38.62
CA GLU J 1317 -73.76 -12.86 39.90
C GLU J 1317 -74.33 -11.46 39.77
N THR J 1318 -73.99 -10.77 38.69
CA THR J 1318 -74.44 -9.41 38.47
C THR J 1318 -75.95 -9.36 38.31
N ILE J 1319 -76.51 -10.25 37.48
CA ILE J 1319 -77.95 -10.23 37.27
C ILE J 1319 -78.68 -10.60 38.56
N LEU J 1320 -78.21 -11.61 39.28
CA LEU J 1320 -78.84 -11.99 40.53
C LEU J 1320 -78.78 -10.89 41.57
N SER J 1321 -77.65 -10.18 41.68
CA SER J 1321 -77.58 -9.01 42.55
C SER J 1321 -78.48 -7.87 42.07
N GLY J 1322 -78.85 -7.86 40.79
CA GLY J 1322 -79.75 -6.86 40.27
C GLY J 1322 -79.08 -5.62 39.75
N LYS J 1323 -77.75 -5.55 39.79
CA LYS J 1323 -77.04 -4.40 39.25
C LYS J 1323 -77.08 -4.41 37.73
N ALA J 1324 -77.42 -5.56 37.13
CA ALA J 1324 -77.74 -5.65 35.72
C ALA J 1324 -78.95 -6.54 35.55
N ARG J 1325 -79.62 -6.39 34.42
CA ARG J 1325 -80.62 -7.34 33.95
C ARG J 1325 -80.17 -8.08 32.70
N ILE J 1326 -79.27 -7.46 31.92
CA ILE J 1326 -78.69 -8.07 30.74
C ILE J 1326 -77.18 -7.97 30.87
N CYS J 1327 -76.47 -9.01 30.44
CA CYS J 1327 -75.04 -9.08 30.60
C CYS J 1327 -74.40 -9.71 29.36
N ILE J 1328 -73.32 -9.09 28.90
CA ILE J 1328 -72.49 -9.63 27.83
C ILE J 1328 -71.35 -10.38 28.47
N VAL J 1329 -71.39 -11.71 28.37
CA VAL J 1329 -70.38 -12.58 28.94
C VAL J 1329 -69.65 -13.28 27.81
N GLY J 1330 -68.59 -13.98 28.16
CA GLY J 1330 -67.79 -14.71 27.21
C GLY J 1330 -66.35 -14.32 27.35
N GLY J 1331 -65.55 -14.69 26.37
CA GLY J 1331 -64.12 -14.47 26.47
C GLY J 1331 -63.45 -14.51 25.12
N TYR J 1332 -62.20 -14.09 25.12
CA TYR J 1332 -61.52 -13.77 23.87
C TYR J 1332 -60.01 -13.77 24.09
N ASP J 1333 -59.28 -14.12 23.04
CA ASP J 1333 -57.83 -14.06 23.06
C ASP J 1333 -57.33 -14.11 21.63
N ASP J 1334 -56.06 -13.73 21.46
CA ASP J 1334 -55.43 -13.69 20.16
C ASP J 1334 -54.17 -14.54 20.18
N PHE J 1335 -53.82 -15.08 19.02
CA PHE J 1335 -52.61 -15.85 18.84
C PHE J 1335 -51.53 -14.94 18.29
N GLN J 1336 -50.40 -14.87 18.98
CA GLN J 1336 -49.27 -14.07 18.54
C GLN J 1336 -47.98 -14.84 18.76
N GLU J 1337 -46.92 -14.31 18.15
CA GLU J 1337 -45.61 -14.94 18.18
C GLU J 1337 -45.15 -15.20 19.60
N GLU J 1338 -45.24 -14.19 20.47
CA GLU J 1338 -44.61 -14.28 21.78
C GLU J 1338 -45.38 -15.23 22.69
N GLY J 1339 -46.71 -15.13 22.70
CA GLY J 1339 -47.50 -16.06 23.48
C GLY J 1339 -47.30 -17.50 23.02
N SER J 1340 -47.28 -17.71 21.71
CA SER J 1340 -46.96 -19.03 21.18
C SER J 1340 -45.60 -19.50 21.68
N PHE J 1341 -44.59 -18.64 21.62
CA PHE J 1341 -43.25 -19.06 21.98
C PHE J 1341 -43.16 -19.42 23.45
N GLU J 1342 -43.87 -18.68 24.29
CA GLU J 1342 -43.74 -18.93 25.73
C GLU J 1342 -44.56 -20.15 26.15
N PHE J 1343 -45.67 -20.43 25.47
CA PHE J 1343 -46.32 -21.71 25.68
C PHE J 1343 -45.42 -22.85 25.23
N GLY J 1344 -44.69 -22.65 24.14
CA GLY J 1344 -43.71 -23.65 23.73
C GLY J 1344 -42.61 -23.84 24.76
N ASN J 1345 -42.14 -22.74 25.35
CA ASN J 1345 -41.13 -22.81 26.41
C ASN J 1345 -41.65 -23.56 27.62
N MET J 1346 -42.92 -23.37 27.95
CA MET J 1346 -43.58 -24.12 29.01
C MET J 1346 -43.87 -25.56 28.62
N LYS J 1347 -43.78 -25.89 27.32
CA LYS J 1347 -44.14 -27.20 26.81
C LYS J 1347 -45.63 -27.51 27.03
N ALA J 1348 -46.45 -26.48 27.16
CA ALA J 1348 -47.88 -26.67 27.28
C ALA J 1348 -48.49 -26.99 25.93
N THR J 1349 -47.95 -26.43 24.86
CA THR J 1349 -48.42 -26.72 23.52
C THR J 1349 -47.76 -27.99 22.98
N SER J 1350 -48.33 -28.51 21.89
CA SER J 1350 -47.77 -29.70 21.26
C SER J 1350 -46.65 -29.32 20.32
N ASN J 1351 -45.58 -30.11 20.34
CA ASN J 1351 -44.44 -29.91 19.47
C ASN J 1351 -44.79 -30.40 18.07
N THR J 1352 -44.84 -29.47 17.11
CA THR J 1352 -45.26 -29.81 15.76
C THR J 1352 -44.26 -30.73 15.08
N LEU J 1353 -42.97 -30.57 15.37
CA LEU J 1353 -41.98 -31.46 14.78
C LEU J 1353 -42.16 -32.89 15.29
N GLU J 1354 -42.46 -33.04 16.58
CA GLU J 1354 -42.77 -34.36 17.11
C GLU J 1354 -44.02 -34.94 16.46
N GLU J 1355 -45.03 -34.08 16.25
CA GLU J 1355 -46.25 -34.53 15.58
C GLU J 1355 -45.96 -35.01 14.16
N PHE J 1356 -45.13 -34.28 13.42
CA PHE J 1356 -44.74 -34.70 12.08
C PHE J 1356 -43.95 -35.99 12.12
N GLU J 1357 -43.09 -36.15 13.14
CA GLU J 1357 -42.40 -37.42 13.33
C GLU J 1357 -43.38 -38.57 13.50
N HIS J 1358 -44.47 -38.33 14.23
CA HIS J 1358 -45.51 -39.33 14.43
C HIS J 1358 -46.51 -39.38 13.27
N GLY J 1359 -46.32 -38.55 12.25
CA GLY J 1359 -47.18 -38.60 11.07
C GLY J 1359 -48.52 -37.91 11.25
N ARG J 1360 -48.61 -37.02 12.22
CA ARG J 1360 -49.85 -36.34 12.55
C ARG J 1360 -49.95 -35.07 11.73
N THR J 1361 -51.11 -34.85 11.11
CA THR J 1361 -51.34 -33.63 10.38
C THR J 1361 -51.93 -32.55 11.29
N PRO J 1362 -51.89 -31.28 10.85
CA PRO J 1362 -52.57 -30.22 11.62
C PRO J 1362 -54.00 -30.54 11.99
N ALA J 1363 -54.74 -31.22 11.13
CA ALA J 1363 -56.14 -31.52 11.42
C ALA J 1363 -56.28 -32.46 12.61
N GLU J 1364 -55.22 -33.18 12.96
CA GLU J 1364 -55.26 -34.16 14.03
C GLU J 1364 -54.25 -33.91 15.15
N MET J 1365 -53.59 -32.76 15.17
CA MET J 1365 -52.72 -32.44 16.31
C MET J 1365 -53.50 -32.42 17.61
N SER J 1366 -54.67 -31.80 17.60
CA SER J 1366 -55.48 -31.64 18.81
C SER J 1366 -56.35 -32.88 18.97
N ARG J 1367 -55.96 -33.76 19.89
CA ARG J 1367 -56.63 -35.05 20.11
C ARG J 1367 -56.84 -35.22 21.61
N PRO J 1368 -57.88 -34.58 22.16
CA PRO J 1368 -58.14 -34.73 23.60
C PRO J 1368 -58.46 -36.17 23.98
N ALA J 1369 -58.04 -36.53 25.21
CA ALA J 1369 -58.41 -37.78 25.84
C ALA J 1369 -57.88 -38.99 25.08
N THR J 1370 -56.72 -38.82 24.44
CA THR J 1370 -56.09 -39.87 23.65
C THR J 1370 -54.77 -40.25 24.28
N THR J 1371 -54.36 -41.49 24.06
CA THR J 1371 -53.10 -41.99 24.61
C THR J 1371 -51.90 -41.17 24.13
N THR J 1372 -51.96 -40.59 22.94
CA THR J 1372 -50.81 -39.96 22.31
C THR J 1372 -50.83 -38.44 22.38
N ARG J 1373 -51.83 -37.84 23.04
CA ARG J 1373 -51.88 -36.39 23.15
C ARG J 1373 -50.63 -35.88 23.86
N ASN J 1374 -50.01 -34.85 23.31
CA ASN J 1374 -48.74 -34.35 23.82
C ASN J 1374 -48.68 -32.84 23.80
N GLY J 1375 -49.76 -32.19 24.19
CA GLY J 1375 -49.81 -30.74 24.30
C GLY J 1375 -51.05 -30.18 23.62
N PHE J 1376 -51.45 -29.00 24.07
CA PHE J 1376 -52.65 -28.38 23.53
C PHE J 1376 -52.33 -27.61 22.25
N MET J 1377 -53.34 -27.47 21.41
CA MET J 1377 -53.21 -26.79 20.14
C MET J 1377 -53.70 -25.36 20.34
N GLU J 1378 -52.80 -24.41 20.18
CA GLU J 1378 -53.15 -23.02 20.41
C GLU J 1378 -54.09 -22.51 19.31
N ALA J 1379 -55.02 -21.63 19.69
CA ALA J 1379 -55.96 -21.06 18.75
C ALA J 1379 -56.16 -19.59 19.10
N GLN J 1380 -57.09 -18.94 18.39
CA GLN J 1380 -57.41 -17.55 18.63
C GLN J 1380 -58.87 -17.32 18.30
N GLY J 1381 -59.39 -16.20 18.79
CA GLY J 1381 -60.74 -15.79 18.48
C GLY J 1381 -61.46 -15.36 19.73
N ALA J 1382 -62.77 -15.22 19.56
CA ALA J 1382 -63.62 -14.69 20.62
C ALA J 1382 -64.93 -15.46 20.64
N GLY J 1383 -65.58 -15.43 21.80
CA GLY J 1383 -66.88 -16.02 21.98
C GLY J 1383 -67.66 -15.13 22.91
N ILE J 1384 -68.91 -14.86 22.58
CA ILE J 1384 -69.76 -13.94 23.32
C ILE J 1384 -71.12 -14.58 23.50
N GLN J 1385 -71.72 -14.33 24.66
CA GLN J 1385 -73.09 -14.73 24.95
C GLN J 1385 -73.81 -13.54 25.57
N ILE J 1386 -75.04 -13.33 25.14
CA ILE J 1386 -75.97 -12.40 25.78
C ILE J 1386 -76.80 -13.22 26.74
N ILE J 1387 -76.61 -12.99 28.04
CA ILE J 1387 -77.41 -13.62 29.08
C ILE J 1387 -78.23 -12.53 29.73
N MET J 1388 -79.37 -12.92 30.29
CA MET J 1388 -80.23 -11.97 30.97
C MET J 1388 -81.22 -12.74 31.83
N GLN J 1389 -82.07 -12.01 32.53
CA GLN J 1389 -83.13 -12.62 33.32
C GLN J 1389 -84.11 -13.36 32.43
N ALA J 1390 -84.65 -14.46 32.95
CA ALA J 1390 -85.69 -15.19 32.22
C ALA J 1390 -86.94 -14.35 32.05
N ASP J 1391 -87.35 -13.65 33.12
CA ASP J 1391 -88.52 -12.78 33.03
C ASP J 1391 -88.34 -11.75 31.92
N LEU J 1392 -87.19 -11.10 31.88
CA LEU J 1392 -86.99 -10.04 30.91
C LEU J 1392 -86.81 -10.62 29.50
N ALA J 1393 -86.20 -11.80 29.40
CA ALA J 1393 -86.08 -12.44 28.09
C ALA J 1393 -87.46 -12.75 27.51
N LEU J 1394 -88.35 -13.27 28.35
CA LEU J 1394 -89.72 -13.47 27.91
C LEU J 1394 -90.38 -12.14 27.56
N LYS J 1395 -90.10 -11.09 28.34
CA LYS J 1395 -90.75 -9.80 28.10
C LYS J 1395 -90.32 -9.20 26.77
N MET J 1396 -89.02 -9.24 26.46
CA MET J 1396 -88.57 -8.78 25.14
C MET J 1396 -88.92 -9.74 24.03
N GLY J 1397 -89.28 -10.99 24.34
CA GLY J 1397 -89.61 -11.92 23.28
C GLY J 1397 -88.38 -12.29 22.48
N VAL J 1398 -87.33 -12.65 23.19
CA VAL J 1398 -86.03 -12.97 22.59
C VAL J 1398 -85.84 -14.48 22.67
N PRO J 1399 -85.07 -15.10 21.78
CA PRO J 1399 -84.85 -16.54 21.88
C PRO J 1399 -84.06 -16.90 23.11
N ILE J 1400 -84.34 -18.07 23.66
CA ILE J 1400 -83.66 -18.61 24.82
C ILE J 1400 -83.04 -19.93 24.39
N TYR J 1401 -81.71 -19.98 24.33
CA TYR J 1401 -80.99 -21.17 23.91
C TYR J 1401 -80.67 -22.11 25.05
N GLY J 1402 -80.66 -21.62 26.28
CA GLY J 1402 -80.38 -22.46 27.43
C GLY J 1402 -80.44 -21.65 28.70
N ILE J 1403 -80.57 -22.36 29.81
CA ILE J 1403 -80.70 -21.78 31.13
C ILE J 1403 -79.39 -22.00 31.86
N VAL J 1404 -78.76 -20.92 32.31
CA VAL J 1404 -77.51 -21.03 33.07
C VAL J 1404 -77.91 -21.39 34.49
N ALA J 1405 -78.00 -22.70 34.74
CA ALA J 1405 -78.50 -23.17 36.02
C ALA J 1405 -77.47 -23.01 37.13
N MET J 1406 -76.18 -23.10 36.78
CA MET J 1406 -75.10 -23.00 37.75
C MET J 1406 -73.89 -22.41 37.06
N ALA J 1407 -73.10 -21.65 37.80
CA ALA J 1407 -71.86 -21.07 37.30
C ALA J 1407 -70.97 -20.79 38.50
N ALA J 1408 -69.85 -21.50 38.59
CA ALA J 1408 -69.00 -21.44 39.75
C ALA J 1408 -67.54 -21.50 39.30
N THR J 1409 -66.67 -20.93 40.13
CA THR J 1409 -65.23 -20.97 39.92
C THR J 1409 -64.56 -21.38 41.23
N ALA J 1410 -63.33 -21.83 41.12
CA ALA J 1410 -62.63 -22.40 42.28
C ALA J 1410 -61.13 -22.36 42.04
N THR J 1411 -60.39 -22.39 43.15
CA THR J 1411 -58.96 -22.61 43.16
C THR J 1411 -58.71 -24.05 43.62
N ASP J 1412 -57.48 -24.52 43.48
CA ASP J 1412 -57.24 -25.93 43.78
C ASP J 1412 -56.72 -26.13 45.20
N LYS J 1413 -55.48 -25.75 45.46
CA LYS J 1413 -54.82 -26.05 46.72
C LYS J 1413 -53.43 -25.44 46.68
N ILE J 1414 -52.68 -25.66 47.74
CA ILE J 1414 -51.32 -25.14 47.82
C ILE J 1414 -50.37 -26.05 47.07
N GLY J 1415 -49.51 -25.43 46.26
CA GLY J 1415 -48.54 -26.13 45.45
C GLY J 1415 -47.55 -25.12 44.91
N ARG J 1416 -46.66 -25.59 44.05
CA ARG J 1416 -45.66 -24.74 43.43
C ARG J 1416 -45.69 -24.78 41.90
N SER J 1417 -46.80 -25.20 41.28
CA SER J 1417 -46.92 -25.27 39.83
C SER J 1417 -48.16 -24.51 39.41
N VAL J 1418 -47.96 -23.37 38.76
CA VAL J 1418 -49.09 -22.54 38.34
C VAL J 1418 -49.99 -23.25 37.32
N PRO J 1419 -49.46 -23.79 36.22
CA PRO J 1419 -50.35 -24.40 35.21
C PRO J 1419 -50.86 -25.78 35.56
N ALA J 1420 -50.43 -26.37 36.66
CA ALA J 1420 -50.92 -27.69 37.05
C ALA J 1420 -52.42 -27.63 37.35
N PRO J 1421 -53.27 -28.41 36.69
CA PRO J 1421 -54.69 -28.43 37.05
C PRO J 1421 -54.93 -29.05 38.41
N GLY J 1422 -56.17 -28.92 38.89
CA GLY J 1422 -56.55 -29.50 40.16
C GLY J 1422 -58.04 -29.76 40.27
N LYS J 1423 -58.44 -30.45 41.33
CA LYS J 1423 -59.83 -30.85 41.55
C LYS J 1423 -60.64 -29.77 42.27
N GLY J 1424 -60.19 -28.52 42.22
CA GLY J 1424 -60.83 -27.48 43.02
C GLY J 1424 -62.30 -27.32 42.70
N ILE J 1425 -62.66 -27.45 41.42
CA ILE J 1425 -64.05 -27.26 41.01
C ILE J 1425 -64.93 -28.42 41.47
N LEU J 1426 -64.33 -29.49 42.00
CA LEU J 1426 -65.10 -30.60 42.57
C LEU J 1426 -66.02 -30.15 43.70
N THR J 1427 -65.71 -29.01 44.34
CA THR J 1427 -66.56 -28.47 45.39
C THR J 1427 -67.96 -28.12 44.89
N THR J 1428 -68.13 -27.92 43.58
CA THR J 1428 -69.46 -27.69 43.03
C THR J 1428 -70.39 -28.87 43.24
N ALA J 1429 -69.84 -30.07 43.44
CA ALA J 1429 -70.61 -31.26 43.78
C ALA J 1429 -70.51 -31.59 45.27
N ARG J 1430 -70.23 -30.60 46.11
CA ARG J 1430 -70.05 -30.88 47.53
C ARG J 1430 -71.39 -31.15 48.19
N GLU J 1431 -71.45 -32.26 48.94
CA GLU J 1431 -72.69 -32.69 49.57
C GLU J 1431 -72.33 -33.48 50.81
N HIS J 1432 -73.26 -33.50 51.75
CA HIS J 1432 -73.07 -34.18 53.03
C HIS J 1432 -73.98 -35.40 53.07
N HIS J 1433 -73.41 -36.54 53.45
CA HIS J 1433 -74.10 -37.83 53.40
C HIS J 1433 -73.96 -38.58 54.72
N SER J 1434 -73.94 -37.87 55.84
CA SER J 1434 -73.85 -38.54 57.13
C SER J 1434 -75.17 -39.16 57.53
N SER J 1435 -76.28 -38.50 57.19
CA SER J 1435 -77.63 -38.97 57.52
C SER J 1435 -78.50 -38.80 56.28
N VAL J 1436 -78.54 -39.82 55.44
CA VAL J 1436 -79.35 -39.80 54.22
C VAL J 1436 -80.27 -41.01 54.20
N LYS J 1437 -80.66 -41.49 55.40
CA LYS J 1437 -81.55 -42.63 55.48
C LYS J 1437 -82.92 -42.32 54.87
N TYR J 1438 -83.31 -41.04 54.87
CA TYR J 1438 -84.59 -40.61 54.35
C TYR J 1438 -84.41 -39.43 53.41
N ALA J 1439 -85.30 -39.33 52.43
CA ALA J 1439 -85.23 -38.25 51.46
C ALA J 1439 -85.59 -36.92 52.11
N SER J 1440 -84.91 -35.87 51.69
CA SER J 1440 -85.21 -34.53 52.19
C SER J 1440 -86.56 -34.09 51.63
N PRO J 1441 -87.47 -33.55 52.46
CA PRO J 1441 -88.67 -32.92 51.87
C PRO J 1441 -88.34 -31.72 51.00
N ASN J 1442 -87.18 -31.10 51.20
CA ASN J 1442 -86.84 -29.90 50.46
C ASN J 1442 -86.51 -30.19 49.00
N LEU J 1443 -86.05 -31.41 48.71
CA LEU J 1443 -85.79 -31.81 47.33
C LEU J 1443 -87.06 -32.19 46.58
N ASN J 1444 -88.18 -32.36 47.28
CA ASN J 1444 -89.46 -32.64 46.65
C ASN J 1444 -90.12 -31.34 46.22
N MET J 1445 -90.53 -31.27 44.95
CA MET J 1445 -91.09 -30.02 44.43
C MET J 1445 -92.51 -29.78 44.93
N LYS J 1446 -93.29 -30.84 45.17
CA LYS J 1446 -94.63 -30.65 45.71
C LYS J 1446 -94.58 -30.00 47.08
N TYR J 1447 -93.61 -30.38 47.91
CA TYR J 1447 -93.45 -29.72 49.20
C TYR J 1447 -93.13 -28.24 49.03
N ARG J 1448 -92.21 -27.93 48.12
CA ARG J 1448 -91.84 -26.55 47.90
C ARG J 1448 -93.00 -25.74 47.33
N LYS J 1449 -93.80 -26.35 46.45
CA LYS J 1449 -94.97 -25.66 45.93
C LYS J 1449 -96.00 -25.43 47.03
N ARG J 1450 -96.15 -26.40 47.95
CA ARG J 1450 -97.05 -26.20 49.08
C ARG J 1450 -96.61 -25.02 49.93
N GLN J 1451 -95.32 -24.94 50.22
CA GLN J 1451 -94.81 -23.81 51.00
C GLN J 1451 -95.02 -22.50 50.24
N LEU J 1452 -94.82 -22.53 48.92
CA LEU J 1452 -95.00 -21.32 48.13
C LEU J 1452 -96.45 -20.84 48.18
N VAL J 1453 -97.41 -21.74 48.07
CA VAL J 1453 -98.81 -21.32 48.09
C VAL J 1453 -99.19 -20.81 49.48
N THR J 1454 -98.65 -21.42 50.54
CA THR J 1454 -98.91 -20.88 51.87
C THR J 1454 -98.35 -19.47 52.01
N ARG J 1455 -97.14 -19.25 51.48
CA ARG J 1455 -96.55 -17.92 51.52
C ARG J 1455 -97.37 -16.93 50.69
N GLU J 1456 -97.92 -17.39 49.57
CA GLU J 1456 -98.76 -16.53 48.75
C GLU J 1456 -100.03 -16.13 49.50
N ALA J 1457 -100.63 -17.07 50.21
CA ALA J 1457 -101.80 -16.74 51.03
C ALA J 1457 -101.43 -15.71 52.09
N GLN J 1458 -100.29 -15.91 52.76
CA GLN J 1458 -99.86 -14.94 53.76
C GLN J 1458 -99.61 -13.58 53.12
N ILE J 1459 -99.05 -13.56 51.91
CA ILE J 1459 -98.73 -12.30 51.25
C ILE J 1459 -100.00 -11.56 50.87
N LYS J 1460 -101.02 -12.28 50.39
CA LYS J 1460 -102.26 -11.58 50.04
C LYS J 1460 -102.99 -11.09 51.28
N ASP J 1461 -102.92 -11.85 52.38
CA ASP J 1461 -103.48 -11.35 53.64
C ASP J 1461 -102.76 -10.08 54.08
N TRP J 1462 -101.42 -10.08 53.98
CA TRP J 1462 -100.65 -8.90 54.34
C TRP J 1462 -101.00 -7.72 53.44
N VAL J 1463 -101.23 -7.98 52.15
CA VAL J 1463 -101.53 -6.91 51.22
C VAL J 1463 -102.89 -6.29 51.52
N GLU J 1464 -103.90 -7.11 51.81
CA GLU J 1464 -105.19 -6.54 52.15
C GLU J 1464 -105.15 -5.81 53.50
N ASN J 1465 -104.35 -6.31 54.45
CA ASN J 1465 -104.19 -5.58 55.72
C ASN J 1465 -103.57 -4.22 55.48
N GLU J 1466 -102.51 -4.16 54.68
CA GLU J 1466 -101.88 -2.89 54.39
C GLU J 1466 -102.80 -2.00 53.56
N LEU J 1467 -103.67 -2.60 52.74
CA LEU J 1467 -104.62 -1.81 51.96
C LEU J 1467 -105.65 -1.15 52.85
N GLU J 1468 -106.20 -1.87 53.83
CA GLU J 1468 -107.15 -1.23 54.73
C GLU J 1468 -106.45 -0.20 55.62
N ALA J 1469 -105.19 -0.46 55.98
CA ALA J 1469 -104.43 0.56 56.71
C ALA J 1469 -104.27 1.83 55.87
N LEU J 1470 -103.94 1.66 54.58
CA LEU J 1470 -103.81 2.82 53.70
C LEU J 1470 -105.15 3.52 53.52
N LYS J 1471 -106.24 2.75 53.51
CA LYS J 1471 -107.57 3.35 53.42
C LYS J 1471 -107.85 4.22 54.65
N LEU J 1472 -107.51 3.73 55.84
CA LEU J 1472 -107.68 4.54 57.05
C LEU J 1472 -106.82 5.79 56.99
N GLU J 1473 -105.58 5.66 56.52
CA GLU J 1473 -104.71 6.83 56.38
C GLU J 1473 -105.29 7.83 55.40
N ALA J 1474 -105.87 7.34 54.30
CA ALA J 1474 -106.48 8.22 53.31
C ALA J 1474 -107.73 8.90 53.86
N GLU J 1475 -108.48 8.21 54.72
CA GLU J 1475 -109.60 8.85 55.40
C GLU J 1475 -109.10 9.96 56.32
N GLU J 1476 -107.99 9.72 57.03
CA GLU J 1476 -107.46 10.72 57.94
C GLU J 1476 -106.93 11.94 57.19
N ILE J 1477 -106.19 11.72 56.11
CA ILE J 1477 -105.52 12.80 55.38
C ILE J 1477 -106.58 13.65 54.68
N PRO J 1478 -106.38 14.96 54.50
CA PRO J 1478 -107.38 15.75 53.77
C PRO J 1478 -107.58 15.26 52.34
N SER J 1479 -108.80 15.45 51.84
CA SER J 1479 -109.17 14.94 50.52
C SER J 1479 -108.59 15.77 49.38
N GLU J 1480 -107.94 16.90 49.67
CA GLU J 1480 -107.45 17.76 48.61
C GLU J 1480 -106.41 17.05 47.74
N ASP J 1481 -105.37 16.50 48.37
CA ASP J 1481 -104.28 15.81 47.68
C ASP J 1481 -104.39 14.30 47.85
N GLN J 1482 -105.61 13.78 47.91
CA GLN J 1482 -105.80 12.36 48.20
C GLN J 1482 -105.36 11.50 47.03
N ASN J 1483 -105.60 11.96 45.80
CA ASN J 1483 -105.31 11.15 44.62
C ASN J 1483 -103.81 10.85 44.50
N GLU J 1484 -102.98 11.89 44.64
CA GLU J 1484 -101.53 11.70 44.52
C GLU J 1484 -101.01 10.78 45.62
N PHE J 1485 -101.47 10.99 46.85
CA PHE J 1485 -101.07 10.14 47.96
C PHE J 1485 -101.46 8.69 47.71
N LEU J 1486 -102.69 8.47 47.26
CA LEU J 1486 -103.18 7.12 47.01
C LEU J 1486 -102.38 6.45 45.91
N LEU J 1487 -102.06 7.20 44.85
CA LEU J 1487 -101.28 6.61 43.76
C LEU J 1487 -99.87 6.24 44.22
N GLU J 1488 -99.23 7.14 44.97
CA GLU J 1488 -97.90 6.83 45.50
C GLU J 1488 -97.93 5.59 46.38
N ARG J 1489 -98.88 5.52 47.30
CA ARG J 1489 -98.93 4.41 48.23
C ARG J 1489 -99.36 3.12 47.56
N THR J 1490 -100.17 3.22 46.51
CA THR J 1490 -100.57 2.03 45.76
C THR J 1490 -99.39 1.46 44.98
N ARG J 1491 -98.59 2.32 44.35
CA ARG J 1491 -97.39 1.82 43.68
C ARG J 1491 -96.42 1.24 44.71
N GLU J 1492 -96.32 1.87 45.88
CA GLU J 1492 -95.46 1.34 46.94
C GLU J 1492 -95.93 -0.04 47.40
N ILE J 1493 -97.23 -0.20 47.64
CA ILE J 1493 -97.74 -1.47 48.13
C ILE J 1493 -97.62 -2.55 47.07
N HIS J 1494 -97.81 -2.18 45.80
CA HIS J 1494 -97.66 -3.14 44.71
C HIS J 1494 -96.20 -3.60 44.64
N ASN J 1495 -95.26 -2.67 44.76
CA ASN J 1495 -93.84 -3.05 44.74
C ASN J 1495 -93.51 -3.95 45.92
N GLU J 1496 -94.05 -3.64 47.10
CA GLU J 1496 -93.80 -4.47 48.27
C GLU J 1496 -94.35 -5.87 48.09
N ALA J 1497 -95.57 -5.98 47.55
CA ALA J 1497 -96.18 -7.28 47.32
C ALA J 1497 -95.37 -8.08 46.30
N GLU J 1498 -94.94 -7.41 45.23
CA GLU J 1498 -94.14 -8.08 44.22
C GLU J 1498 -92.82 -8.56 44.80
N SER J 1499 -92.18 -7.74 45.62
CA SER J 1499 -90.92 -8.13 46.24
C SER J 1499 -91.10 -9.32 47.16
N GLN J 1500 -92.21 -9.34 47.92
CA GLN J 1500 -92.47 -10.45 48.82
C GLN J 1500 -92.74 -11.75 48.06
N LEU J 1501 -93.55 -11.67 47.01
CA LEU J 1501 -93.80 -12.86 46.19
C LEU J 1501 -92.51 -13.36 45.56
N ARG J 1502 -91.68 -12.44 45.05
CA ARG J 1502 -90.42 -12.83 44.44
C ARG J 1502 -89.49 -13.43 45.47
N ALA J 1503 -89.55 -12.93 46.71
CA ALA J 1503 -88.75 -13.50 47.79
C ALA J 1503 -89.19 -14.92 48.11
N ALA J 1504 -90.50 -15.17 48.12
CA ALA J 1504 -90.99 -16.52 48.36
C ALA J 1504 -90.55 -17.46 47.24
N GLN J 1505 -90.65 -16.99 45.99
CA GLN J 1505 -90.22 -17.80 44.86
C GLN J 1505 -88.72 -18.06 44.91
N GLN J 1506 -87.94 -17.06 45.32
CA GLN J 1506 -86.51 -17.24 45.55
C GLN J 1506 -86.26 -18.28 46.62
N GLN J 1507 -87.03 -18.23 47.71
CA GLN J 1507 -86.85 -19.13 48.83
C GLN J 1507 -87.12 -20.57 48.45
N TRP J 1508 -88.17 -20.82 47.64
CA TRP J 1508 -88.66 -22.18 47.45
C TRP J 1508 -88.50 -22.74 46.04
N GLY J 1509 -88.12 -21.93 45.05
CA GLY J 1509 -87.97 -22.41 43.70
C GLY J 1509 -86.56 -22.26 43.14
N ASN J 1510 -85.86 -21.21 43.53
CA ASN J 1510 -84.52 -20.93 43.02
C ASN J 1510 -83.45 -21.25 44.06
N ASP J 1511 -83.55 -20.66 45.25
CA ASP J 1511 -82.51 -20.70 46.26
C ASP J 1511 -82.87 -21.57 47.46
N PHE J 1512 -83.61 -22.65 47.22
CA PHE J 1512 -84.02 -23.55 48.29
C PHE J 1512 -82.85 -24.36 48.84
N TYR J 1513 -81.79 -24.56 48.05
CA TYR J 1513 -80.69 -25.45 48.44
C TYR J 1513 -79.41 -24.72 48.84
N LYS J 1514 -79.39 -23.39 48.81
CA LYS J 1514 -78.15 -22.67 49.11
C LYS J 1514 -77.74 -22.86 50.56
N ARG J 1515 -78.69 -23.13 51.44
CA ARG J 1515 -78.40 -23.37 52.87
C ARG J 1515 -78.36 -24.85 53.22
N ASP J 1516 -78.78 -25.74 52.32
CA ASP J 1516 -78.87 -27.16 52.64
C ASP J 1516 -77.54 -27.84 52.35
N PRO J 1517 -76.80 -28.34 53.36
CA PRO J 1517 -75.56 -29.05 53.05
C PRO J 1517 -75.79 -30.42 52.44
N ARG J 1518 -76.99 -30.98 52.58
CA ARG J 1518 -77.31 -32.27 51.99
C ARG J 1518 -77.71 -32.16 50.51
N ILE J 1519 -77.71 -30.96 49.94
CA ILE J 1519 -77.94 -30.74 48.52
C ILE J 1519 -76.72 -30.01 47.99
N ALA J 1520 -76.11 -30.57 46.95
CA ALA J 1520 -74.92 -29.95 46.38
C ALA J 1520 -75.34 -28.83 45.43
N PRO J 1521 -74.43 -27.91 45.10
CA PRO J 1521 -74.77 -26.90 44.08
C PRO J 1521 -75.20 -27.51 42.75
N LEU J 1522 -74.54 -28.57 42.29
CA LEU J 1522 -74.92 -29.18 41.01
C LEU J 1522 -76.31 -29.78 41.09
N ARG J 1523 -76.55 -30.62 42.10
CA ARG J 1523 -77.85 -31.28 42.22
C ARG J 1523 -78.95 -30.26 42.41
N GLY J 1524 -78.68 -29.21 43.20
CA GLY J 1524 -79.68 -28.18 43.42
C GLY J 1524 -79.99 -27.37 42.16
N ALA J 1525 -78.95 -27.01 41.40
CA ALA J 1525 -79.16 -26.28 40.16
C ALA J 1525 -80.00 -27.10 39.19
N LEU J 1526 -79.74 -28.41 39.13
CA LEU J 1526 -80.59 -29.27 38.31
C LEU J 1526 -82.00 -29.36 38.89
N ALA J 1527 -82.12 -29.48 40.21
CA ALA J 1527 -83.41 -29.78 40.82
C ALA J 1527 -84.33 -28.58 40.82
N THR J 1528 -83.79 -27.37 40.59
CA THR J 1528 -84.65 -26.21 40.44
C THR J 1528 -85.65 -26.41 39.30
N TYR J 1529 -85.27 -27.17 38.28
CA TYR J 1529 -86.13 -27.45 37.13
C TYR J 1529 -86.63 -28.88 37.10
N GLY J 1530 -86.48 -29.63 38.19
CA GLY J 1530 -86.93 -31.01 38.24
C GLY J 1530 -85.95 -32.00 37.66
N LEU J 1531 -84.75 -31.57 37.29
CA LEU J 1531 -83.76 -32.47 36.72
C LEU J 1531 -82.98 -33.16 37.83
N THR J 1532 -82.74 -34.45 37.63
CA THR J 1532 -81.89 -35.24 38.50
C THR J 1532 -80.48 -35.24 37.93
N ILE J 1533 -79.56 -35.81 38.71
CA ILE J 1533 -78.16 -35.88 38.28
C ILE J 1533 -78.07 -36.65 36.97
N ASP J 1534 -78.87 -37.71 36.81
CA ASP J 1534 -78.86 -38.49 35.60
C ASP J 1534 -79.23 -37.65 34.37
N ASP J 1535 -79.98 -36.57 34.57
CA ASP J 1535 -80.36 -35.73 33.44
C ASP J 1535 -79.21 -34.90 32.89
N LEU J 1536 -78.07 -34.84 33.59
CA LEU J 1536 -76.90 -34.14 33.06
C LEU J 1536 -76.22 -35.03 32.03
N GLY J 1537 -76.79 -35.04 30.84
CA GLY J 1537 -76.40 -36.00 29.83
C GLY J 1537 -75.10 -35.75 29.10
N VAL J 1538 -74.58 -34.52 29.10
CA VAL J 1538 -73.42 -34.17 28.30
C VAL J 1538 -72.49 -33.31 29.15
N ALA J 1539 -71.19 -33.48 28.98
CA ALA J 1539 -70.19 -32.65 29.64
C ALA J 1539 -69.24 -32.12 28.58
N SER J 1540 -69.23 -30.80 28.41
CA SER J 1540 -68.26 -30.13 27.55
C SER J 1540 -66.95 -30.06 28.34
N PHE J 1541 -66.07 -31.02 28.08
CA PHE J 1541 -64.76 -31.05 28.69
C PHE J 1541 -63.90 -29.92 28.15
N HIS J 1542 -63.11 -29.33 29.04
CA HIS J 1542 -62.06 -28.42 28.61
C HIS J 1542 -61.21 -29.06 27.52
N GLY J 1543 -60.84 -30.32 27.71
CA GLY J 1543 -60.35 -31.14 26.60
C GLY J 1543 -59.16 -30.55 25.88
N THR J 1544 -58.15 -30.12 26.62
CA THR J 1544 -57.06 -29.35 26.04
C THR J 1544 -56.07 -30.21 25.26
N SER J 1545 -56.13 -31.54 25.36
CA SER J 1545 -55.23 -32.46 24.66
C SER J 1545 -53.84 -32.49 25.29
N THR J 1546 -53.78 -32.26 26.60
CA THR J 1546 -52.57 -32.50 27.40
C THR J 1546 -52.85 -33.67 28.32
N LYS J 1547 -51.79 -34.24 28.88
CA LYS J 1547 -51.97 -35.41 29.74
C LYS J 1547 -52.65 -35.03 31.05
N ALA J 1548 -52.05 -34.08 31.77
CA ALA J 1548 -52.51 -33.75 33.11
C ALA J 1548 -53.94 -33.22 33.07
N ASN J 1549 -54.23 -32.32 32.13
CA ASN J 1549 -55.55 -31.70 32.12
C ASN J 1549 -56.63 -32.71 31.80
N ASP J 1550 -56.40 -33.56 30.79
CA ASP J 1550 -57.43 -34.53 30.43
C ASP J 1550 -57.66 -35.54 31.54
N LYS J 1551 -56.58 -36.09 32.11
CA LYS J 1551 -56.76 -37.02 33.23
C LYS J 1551 -57.45 -36.35 34.40
N ASN J 1552 -57.02 -35.12 34.75
CA ASN J 1552 -57.59 -34.40 35.88
C ASN J 1552 -59.07 -34.12 35.66
N GLU J 1553 -59.44 -33.72 34.45
CA GLU J 1553 -60.82 -33.35 34.19
C GLU J 1553 -61.72 -34.59 34.19
N SER J 1554 -61.25 -35.69 33.59
CA SER J 1554 -62.03 -36.92 33.66
C SER J 1554 -62.20 -37.37 35.11
N ALA J 1555 -61.14 -37.27 35.91
CA ALA J 1555 -61.23 -37.64 37.31
C ALA J 1555 -62.20 -36.75 38.07
N THR J 1556 -62.18 -35.44 37.79
CA THR J 1556 -63.09 -34.52 38.46
C THR J 1556 -64.54 -34.83 38.10
N ILE J 1557 -64.82 -35.03 36.82
CA ILE J 1557 -66.17 -35.34 36.39
C ILE J 1557 -66.65 -36.64 37.01
N ASN J 1558 -65.78 -37.65 37.01
CA ASN J 1558 -66.14 -38.94 37.61
C ASN J 1558 -66.43 -38.80 39.09
N GLU J 1559 -65.62 -38.02 39.81
CA GLU J 1559 -65.86 -37.84 41.23
C GLU J 1559 -67.18 -37.10 41.46
N MET J 1560 -67.49 -36.13 40.62
CA MET J 1560 -68.78 -35.45 40.72
C MET J 1560 -69.92 -36.43 40.55
N MET J 1561 -69.86 -37.28 39.53
CA MET J 1561 -70.95 -38.25 39.31
C MET J 1561 -71.02 -39.26 40.44
N LYS J 1562 -69.87 -39.77 40.90
CA LYS J 1562 -69.87 -40.74 41.98
C LYS J 1562 -70.47 -40.15 43.25
N HIS J 1563 -70.07 -38.92 43.60
CA HIS J 1563 -70.57 -38.35 44.84
C HIS J 1563 -72.04 -37.98 44.73
N LEU J 1564 -72.45 -37.44 43.59
CA LEU J 1564 -73.85 -37.13 43.39
C LEU J 1564 -74.67 -38.35 43.11
N GLY J 1565 -74.07 -39.53 43.11
CA GLY J 1565 -74.83 -40.76 43.04
C GLY J 1565 -75.49 -40.95 41.68
N ARG J 1566 -74.80 -40.56 40.63
CA ARG J 1566 -75.32 -40.77 39.29
C ARG J 1566 -75.48 -42.27 39.05
N SER J 1567 -76.53 -42.62 38.31
CA SER J 1567 -76.84 -44.03 38.08
C SER J 1567 -75.68 -44.72 37.38
N GLU J 1568 -75.45 -45.98 37.73
CA GLU J 1568 -74.37 -46.73 37.11
C GLU J 1568 -74.76 -47.10 35.69
N GLY J 1569 -73.77 -47.06 34.80
CA GLY J 1569 -74.04 -47.25 33.39
C GLY J 1569 -74.63 -46.03 32.71
N ASN J 1570 -74.59 -44.87 33.35
CA ASN J 1570 -75.04 -43.61 32.75
C ASN J 1570 -73.89 -42.62 32.74
N PRO J 1571 -72.83 -42.91 31.99
CA PRO J 1571 -71.74 -41.94 31.87
C PRO J 1571 -72.21 -40.69 31.17
N VAL J 1572 -71.66 -39.56 31.61
CA VAL J 1572 -71.84 -38.32 30.88
C VAL J 1572 -71.06 -38.43 29.58
N ILE J 1573 -71.65 -37.97 28.49
CA ILE J 1573 -71.00 -38.02 27.19
C ILE J 1573 -70.08 -36.81 27.09
N GLY J 1574 -68.79 -37.07 26.89
CA GLY J 1574 -67.81 -36.00 26.93
C GLY J 1574 -67.56 -35.41 25.55
N VAL J 1575 -67.95 -34.16 25.40
CA VAL J 1575 -67.73 -33.38 24.19
C VAL J 1575 -66.40 -32.66 24.34
N PHE J 1576 -65.53 -32.83 23.35
CA PHE J 1576 -64.23 -32.17 23.32
C PHE J 1576 -64.19 -31.33 22.06
N GLN J 1577 -64.44 -30.04 22.19
CA GLN J 1577 -64.49 -29.13 21.05
C GLN J 1577 -63.11 -28.72 20.54
N LYS J 1578 -62.09 -28.71 21.41
CA LYS J 1578 -60.81 -28.17 21.02
C LYS J 1578 -60.07 -29.05 20.02
N PHE J 1579 -60.52 -30.30 19.80
CA PHE J 1579 -59.93 -31.08 18.72
C PHE J 1579 -60.08 -30.38 17.38
N LEU J 1580 -61.18 -29.68 17.19
CA LEU J 1580 -61.51 -29.00 15.96
C LEU J 1580 -61.15 -27.53 15.98
N THR J 1581 -61.67 -26.79 16.94
CA THR J 1581 -61.41 -25.36 17.06
C THR J 1581 -60.02 -25.07 17.58
N GLY J 1582 -59.43 -25.98 18.36
CA GLY J 1582 -58.21 -25.67 19.05
C GLY J 1582 -58.48 -24.95 20.35
N HIS J 1583 -57.40 -24.56 21.01
CA HIS J 1583 -57.46 -23.97 22.35
C HIS J 1583 -57.20 -22.47 22.27
N PRO J 1584 -58.23 -21.64 22.38
CA PRO J 1584 -57.97 -20.24 22.69
C PRO J 1584 -57.83 -20.08 24.19
N LYS J 1585 -57.04 -19.12 24.60
CA LYS J 1585 -56.62 -19.05 26.00
C LYS J 1585 -57.58 -18.17 26.79
N GLY J 1586 -58.86 -18.45 26.66
CA GLY J 1586 -59.87 -17.61 27.26
C GLY J 1586 -61.16 -17.41 26.48
N ALA J 1587 -61.12 -17.57 25.15
CA ALA J 1587 -62.36 -17.83 24.42
C ALA J 1587 -62.81 -19.27 24.58
N ALA J 1588 -62.05 -20.10 25.30
CA ALA J 1588 -62.31 -21.53 25.31
C ALA J 1588 -63.66 -21.83 25.93
N GLY J 1589 -63.92 -21.34 27.14
CA GLY J 1589 -65.18 -21.62 27.78
C GLY J 1589 -66.35 -21.05 26.99
N ALA J 1590 -66.14 -19.92 26.32
CA ALA J 1590 -67.22 -19.32 25.55
C ALA J 1590 -67.55 -20.16 24.33
N TRP J 1591 -66.53 -20.65 23.62
CA TRP J 1591 -66.77 -21.53 22.49
C TRP J 1591 -67.46 -22.81 22.92
N MET J 1592 -67.00 -23.40 24.03
CA MET J 1592 -67.66 -24.60 24.54
C MET J 1592 -69.08 -24.32 25.01
N MET J 1593 -69.36 -23.13 25.54
CA MET J 1593 -70.73 -22.83 25.96
C MET J 1593 -71.63 -22.66 24.74
N ASN J 1594 -71.10 -22.05 23.68
CA ASN J 1594 -71.84 -22.00 22.42
C ASN J 1594 -72.15 -23.41 21.91
N GLY J 1595 -71.14 -24.28 21.94
CA GLY J 1595 -71.36 -25.66 21.54
C GLY J 1595 -72.37 -26.37 22.43
N ALA J 1596 -72.32 -26.09 23.73
CA ALA J 1596 -73.26 -26.73 24.66
C ALA J 1596 -74.69 -26.27 24.38
N LEU J 1597 -74.88 -24.98 24.11
CA LEU J 1597 -76.20 -24.48 23.76
C LEU J 1597 -76.71 -25.12 22.48
N GLN J 1598 -75.82 -25.27 21.49
CA GLN J 1598 -76.22 -25.90 20.24
C GLN J 1598 -76.54 -27.38 20.45
N ILE J 1599 -75.80 -28.05 21.33
CA ILE J 1599 -76.13 -29.43 21.68
C ILE J 1599 -77.50 -29.49 22.32
N LEU J 1600 -77.77 -28.57 23.24
CA LEU J 1600 -79.07 -28.54 23.92
C LEU J 1600 -80.19 -28.36 22.91
N ASN J 1601 -80.01 -27.47 21.95
CA ASN J 1601 -81.11 -27.15 21.04
C ASN J 1601 -81.29 -28.21 19.96
N SER J 1602 -80.20 -28.70 19.37
CA SER J 1602 -80.31 -29.67 18.29
C SER J 1602 -80.39 -31.11 18.78
N GLY J 1603 -80.13 -31.38 20.04
CA GLY J 1603 -80.10 -32.75 20.53
C GLY J 1603 -78.95 -33.56 19.98
N ILE J 1604 -77.98 -32.92 19.34
CA ILE J 1604 -76.89 -33.60 18.65
C ILE J 1604 -75.62 -33.41 19.46
N ILE J 1605 -74.93 -34.50 19.75
CA ILE J 1605 -73.70 -34.49 20.52
C ILE J 1605 -72.55 -34.75 19.55
N PRO J 1606 -71.75 -33.75 19.18
CA PRO J 1606 -70.65 -34.01 18.25
C PRO J 1606 -69.60 -34.91 18.87
N GLY J 1607 -68.93 -35.66 18.02
CA GLY J 1607 -67.89 -36.56 18.43
C GLY J 1607 -66.51 -35.98 18.24
N ASN J 1608 -65.59 -36.43 19.10
CA ASN J 1608 -64.18 -36.03 19.01
C ASN J 1608 -63.57 -36.85 17.89
N ARG J 1609 -63.62 -36.32 16.67
CA ARG J 1609 -63.18 -37.09 15.51
C ARG J 1609 -61.68 -37.35 15.55
N ASN J 1610 -60.92 -36.58 16.36
CA ASN J 1610 -59.52 -36.87 16.55
C ASN J 1610 -59.27 -37.91 17.65
N ALA J 1611 -60.32 -38.40 18.31
CA ALA J 1611 -60.16 -39.39 19.37
C ALA J 1611 -59.78 -40.71 18.71
N ASP J 1612 -58.53 -40.78 18.25
CA ASP J 1612 -58.09 -41.96 17.51
C ASP J 1612 -58.09 -43.19 18.40
N ASN J 1613 -57.70 -43.03 19.66
CA ASN J 1613 -57.67 -44.13 20.62
C ASN J 1613 -57.73 -43.52 22.00
N VAL J 1614 -58.79 -43.81 22.74
CA VAL J 1614 -58.96 -43.21 24.05
C VAL J 1614 -57.88 -43.76 24.99
N ASP J 1615 -57.28 -42.87 25.77
CA ASP J 1615 -56.23 -43.26 26.69
C ASP J 1615 -56.76 -44.28 27.70
N LYS J 1616 -55.99 -45.36 27.89
CA LYS J 1616 -56.46 -46.48 28.69
C LYS J 1616 -56.75 -46.05 30.13
N ILE J 1617 -55.99 -45.07 30.63
CA ILE J 1617 -56.15 -44.61 32.01
C ILE J 1617 -57.53 -44.03 32.24
N LEU J 1618 -58.24 -43.65 31.18
CA LEU J 1618 -59.56 -43.06 31.29
C LEU J 1618 -60.67 -44.10 31.47
N GLU J 1619 -60.37 -45.39 31.33
CA GLU J 1619 -61.40 -46.39 31.57
C GLU J 1619 -61.84 -46.40 33.02
N GLN J 1620 -60.93 -46.10 33.95
CA GLN J 1620 -61.28 -46.12 35.37
C GLN J 1620 -62.43 -45.18 35.69
N PHE J 1621 -62.62 -44.14 34.88
CA PHE J 1621 -63.71 -43.18 35.08
C PHE J 1621 -64.93 -43.71 34.36
N GLU J 1622 -65.69 -44.57 35.05
CA GLU J 1622 -66.81 -45.25 34.41
C GLU J 1622 -67.95 -44.31 34.07
N TYR J 1623 -67.98 -43.12 34.68
CA TYR J 1623 -69.04 -42.15 34.45
C TYR J 1623 -68.70 -41.16 33.34
N VAL J 1624 -67.71 -41.47 32.50
CA VAL J 1624 -67.35 -40.65 31.35
C VAL J 1624 -67.34 -41.53 30.12
N LEU J 1625 -67.90 -41.01 29.03
CA LEU J 1625 -67.85 -41.63 27.71
C LEU J 1625 -67.13 -40.69 26.76
N TYR J 1626 -66.37 -41.26 25.83
CA TYR J 1626 -65.51 -40.50 24.92
C TYR J 1626 -65.85 -40.86 23.47
N PRO J 1627 -66.93 -40.30 22.93
CA PRO J 1627 -67.28 -40.62 21.55
C PRO J 1627 -66.31 -40.03 20.55
N SER J 1628 -66.18 -40.72 19.41
CA SER J 1628 -65.43 -40.22 18.27
C SER J 1628 -66.32 -39.70 17.15
N LYS J 1629 -67.59 -40.03 17.14
CA LYS J 1629 -68.50 -39.64 16.06
C LYS J 1629 -69.75 -39.02 16.64
N THR J 1630 -70.35 -38.14 15.87
CA THR J 1630 -71.55 -37.44 16.30
C THR J 1630 -72.68 -38.42 16.59
N LEU J 1631 -73.44 -38.11 17.64
CA LEU J 1631 -74.60 -38.89 18.04
C LEU J 1631 -75.84 -38.04 17.90
N LYS J 1632 -76.85 -38.56 17.23
CA LYS J 1632 -78.15 -37.90 17.10
C LYS J 1632 -79.01 -38.40 18.25
N THR J 1633 -78.90 -37.72 19.39
CA THR J 1633 -79.72 -38.05 20.55
C THR J 1633 -81.14 -37.55 20.36
N ASP J 1634 -82.07 -38.11 21.13
CA ASP J 1634 -83.44 -37.64 21.18
C ASP J 1634 -83.67 -36.57 22.23
N GLY J 1635 -82.62 -35.89 22.66
CA GLY J 1635 -82.75 -34.84 23.65
C GLY J 1635 -81.57 -34.78 24.58
N VAL J 1636 -81.09 -33.56 24.82
CA VAL J 1636 -80.09 -33.29 25.85
C VAL J 1636 -80.73 -32.36 26.86
N ARG J 1637 -80.80 -32.80 28.11
CA ARG J 1637 -81.47 -32.03 29.15
C ARG J 1637 -80.56 -30.93 29.68
N ALA J 1638 -79.36 -31.31 30.11
CA ALA J 1638 -78.39 -30.37 30.67
C ALA J 1638 -77.01 -30.71 30.12
N VAL J 1639 -76.15 -29.69 30.08
CA VAL J 1639 -74.78 -29.83 29.63
C VAL J 1639 -73.89 -29.14 30.66
N SER J 1640 -72.79 -29.81 31.04
CA SER J 1640 -71.85 -29.29 32.03
C SER J 1640 -70.59 -28.82 31.31
N ILE J 1641 -70.41 -27.52 31.24
CA ILE J 1641 -69.22 -26.93 30.66
C ILE J 1641 -68.19 -26.78 31.76
N THR J 1642 -67.00 -27.39 31.60
CA THR J 1642 -65.95 -27.28 32.61
C THR J 1642 -64.67 -26.76 31.97
N SER J 1643 -64.05 -25.78 32.62
CA SER J 1643 -62.82 -25.16 32.16
C SER J 1643 -61.79 -25.15 33.28
N PHE J 1644 -60.52 -25.19 32.91
CA PHE J 1644 -59.40 -25.21 33.87
C PHE J 1644 -58.29 -24.35 33.27
N GLY J 1645 -58.22 -23.11 33.74
CA GLY J 1645 -57.15 -22.22 33.34
C GLY J 1645 -55.98 -22.26 34.29
N PHE J 1646 -54.83 -21.84 33.77
CA PHE J 1646 -53.62 -21.68 34.56
C PHE J 1646 -53.92 -20.74 35.72
N GLY J 1647 -53.14 -20.84 36.80
CA GLY J 1647 -53.48 -20.15 38.01
C GLY J 1647 -54.57 -20.82 38.80
N GLN J 1648 -54.74 -22.13 38.65
CA GLN J 1648 -55.70 -22.91 39.40
C GLN J 1648 -57.13 -22.42 39.18
N LYS J 1649 -57.42 -21.96 37.96
CA LYS J 1649 -58.70 -21.33 37.68
C LYS J 1649 -59.67 -22.41 37.19
N GLY J 1650 -60.24 -23.15 38.13
CA GLY J 1650 -61.27 -24.11 37.77
C GLY J 1650 -62.61 -23.43 37.65
N GLY J 1651 -63.44 -23.93 36.74
CA GLY J 1651 -64.76 -23.35 36.54
C GLY J 1651 -65.73 -24.35 35.97
N GLN J 1652 -66.96 -24.32 36.46
CA GLN J 1652 -68.03 -25.19 35.98
C GLN J 1652 -69.29 -24.38 35.77
N ALA J 1653 -69.97 -24.66 34.67
CA ALA J 1653 -71.27 -24.07 34.39
C ALA J 1653 -72.19 -25.17 33.92
N ILE J 1654 -73.48 -24.99 34.18
CA ILE J 1654 -74.51 -25.93 33.79
C ILE J 1654 -75.53 -25.18 32.96
N VAL J 1655 -75.72 -25.62 31.72
CA VAL J 1655 -76.73 -25.07 30.83
C VAL J 1655 -77.83 -26.10 30.67
N VAL J 1656 -79.04 -25.75 31.08
CA VAL J 1656 -80.20 -26.61 30.98
C VAL J 1656 -80.93 -26.27 29.69
N HIS J 1657 -81.69 -27.24 29.20
CA HIS J 1657 -82.50 -27.03 28.01
C HIS J 1657 -83.45 -25.85 28.23
N PRO J 1658 -83.66 -25.00 27.21
CA PRO J 1658 -84.59 -23.87 27.40
C PRO J 1658 -86.02 -24.27 27.68
N ASP J 1659 -86.42 -25.49 27.30
CA ASP J 1659 -87.82 -25.86 27.38
C ASP J 1659 -88.25 -26.13 28.82
N TYR J 1660 -87.29 -26.32 29.72
CA TYR J 1660 -87.62 -26.46 31.14
C TYR J 1660 -88.04 -25.13 31.75
N LEU J 1661 -87.65 -24.02 31.13
CA LEU J 1661 -88.09 -22.71 31.61
C LEU J 1661 -89.56 -22.49 31.33
N TYR J 1662 -90.01 -22.87 30.13
CA TYR J 1662 -91.36 -22.52 29.70
C TYR J 1662 -92.42 -23.27 30.48
N GLY J 1663 -92.05 -24.33 31.20
CA GLY J 1663 -92.97 -24.96 32.11
C GLY J 1663 -93.23 -24.20 33.39
N ALA J 1664 -92.54 -23.06 33.58
CA ALA J 1664 -92.71 -22.23 34.75
C ALA J 1664 -93.67 -21.06 34.53
N ILE J 1665 -94.29 -20.97 33.35
CA ILE J 1665 -95.17 -19.85 33.02
C ILE J 1665 -96.51 -20.38 32.55
N THR J 1666 -97.47 -19.49 32.33
CA THR J 1666 -98.82 -19.86 31.92
C THR J 1666 -98.88 -20.11 30.41
N GLU J 1667 -100.03 -20.64 29.98
CA GLU J 1667 -100.25 -20.83 28.55
C GLU J 1667 -100.23 -19.51 27.80
N ASP J 1668 -100.96 -18.51 28.31
CA ASP J 1668 -101.08 -17.25 27.60
C ASP J 1668 -99.75 -16.52 27.54
N ARG J 1669 -98.99 -16.52 28.64
CA ARG J 1669 -97.70 -15.87 28.64
C ARG J 1669 -96.75 -16.54 27.66
N TYR J 1670 -96.77 -17.88 27.61
CA TYR J 1670 -95.95 -18.59 26.65
C TYR J 1670 -96.37 -18.27 25.22
N ASN J 1671 -97.68 -18.17 24.97
CA ASN J 1671 -98.15 -17.91 23.62
C ASN J 1671 -97.73 -16.53 23.15
N GLU J 1672 -97.90 -15.51 24.00
CA GLU J 1672 -97.52 -14.16 23.60
C GLU J 1672 -96.00 -14.05 23.47
N TYR J 1673 -95.26 -14.72 24.35
CA TYR J 1673 -93.81 -14.76 24.20
C TYR J 1673 -93.40 -15.40 22.89
N VAL J 1674 -94.04 -16.51 22.52
CA VAL J 1674 -93.69 -17.23 21.29
C VAL J 1674 -94.01 -16.38 20.08
N ALA J 1675 -95.15 -15.70 20.09
CA ALA J 1675 -95.48 -14.81 18.98
C ALA J 1675 -94.44 -13.71 18.84
N LYS J 1676 -94.01 -13.15 19.98
CA LYS J 1676 -93.02 -12.08 19.94
C LYS J 1676 -91.66 -12.61 19.45
N VAL J 1677 -91.28 -13.84 19.83
CA VAL J 1677 -90.03 -14.39 19.33
C VAL J 1677 -90.15 -14.69 17.84
N SER J 1678 -91.33 -15.10 17.38
CA SER J 1678 -91.49 -15.32 15.94
C SER J 1678 -91.29 -14.02 15.16
N ALA J 1679 -91.92 -12.94 15.61
CA ALA J 1679 -91.75 -11.65 14.94
C ALA J 1679 -90.28 -11.21 15.00
N ARG J 1680 -89.65 -11.36 16.16
CA ARG J 1680 -88.26 -10.97 16.30
C ARG J 1680 -87.35 -11.82 15.42
N GLU J 1681 -87.66 -13.11 15.29
CA GLU J 1681 -86.89 -13.99 14.42
C GLU J 1681 -86.98 -13.52 12.98
N LYS J 1682 -88.17 -13.15 12.53
CA LYS J 1682 -88.31 -12.64 11.17
C LYS J 1682 -87.49 -11.36 10.98
N SER J 1683 -87.60 -10.43 11.93
CA SER J 1683 -86.86 -9.18 11.82
C SER J 1683 -85.36 -9.41 11.85
N ALA J 1684 -84.90 -10.34 12.68
CA ALA J 1684 -83.48 -10.63 12.78
C ALA J 1684 -82.96 -11.32 11.54
N TYR J 1685 -83.76 -12.20 10.93
CA TYR J 1685 -83.37 -12.80 9.66
C TYR J 1685 -83.21 -11.73 8.60
N LYS J 1686 -84.17 -10.80 8.53
CA LYS J 1686 -84.07 -9.67 7.61
C LYS J 1686 -82.77 -8.91 7.83
N PHE J 1687 -82.53 -8.51 9.08
CA PHE J 1687 -81.35 -7.71 9.40
C PHE J 1687 -80.07 -8.47 9.09
N PHE J 1688 -80.02 -9.75 9.47
CA PHE J 1688 -78.80 -10.52 9.31
C PHE J 1688 -78.45 -10.67 7.84
N HIS J 1689 -79.43 -10.99 7.00
CA HIS J 1689 -79.12 -11.22 5.60
C HIS J 1689 -78.76 -9.92 4.89
N ASN J 1690 -79.51 -8.85 5.18
CA ASN J 1690 -79.16 -7.55 4.61
C ASN J 1690 -77.74 -7.16 5.01
N GLY J 1691 -77.42 -7.28 6.29
CA GLY J 1691 -76.11 -6.91 6.78
C GLY J 1691 -75.02 -7.78 6.21
N MET J 1692 -75.29 -9.06 6.00
CA MET J 1692 -74.30 -9.93 5.38
C MET J 1692 -73.98 -9.46 3.97
N ILE J 1693 -75.01 -9.24 3.15
CA ILE J 1693 -74.72 -8.94 1.74
C ILE J 1693 -74.08 -7.57 1.62
N TYR J 1694 -74.52 -6.59 2.42
CA TYR J 1694 -74.00 -5.24 2.30
C TYR J 1694 -72.86 -4.95 3.27
N ASN J 1695 -72.36 -5.96 3.98
CA ASN J 1695 -71.20 -5.81 4.86
C ASN J 1695 -71.44 -4.74 5.91
N LYS J 1696 -72.62 -4.76 6.50
CA LYS J 1696 -72.99 -3.83 7.57
C LYS J 1696 -73.74 -4.54 8.68
N LEU J 1697 -73.29 -5.75 9.04
CA LEU J 1697 -73.79 -6.38 10.26
C LEU J 1697 -73.37 -5.57 11.49
N PHE J 1698 -72.12 -5.12 11.53
CA PHE J 1698 -71.67 -4.17 12.53
C PHE J 1698 -72.07 -2.78 12.05
N VAL J 1699 -72.99 -2.15 12.76
CA VAL J 1699 -73.31 -0.75 12.56
C VAL J 1699 -72.76 0.00 13.76
N SER J 1700 -71.71 0.78 13.53
CA SER J 1700 -71.21 1.65 14.60
C SER J 1700 -72.25 2.72 14.90
N LYS J 1701 -72.44 2.98 16.19
CA LYS J 1701 -73.28 4.07 16.66
C LYS J 1701 -72.46 5.34 16.66
N GLU J 1702 -72.96 6.37 16.00
CA GLU J 1702 -72.29 7.67 16.05
C GLU J 1702 -72.58 8.39 17.37
N HIS J 1703 -73.81 8.30 17.85
CA HIS J 1703 -74.26 9.03 19.02
C HIS J 1703 -74.89 8.09 20.04
N ALA J 1704 -74.71 8.43 21.30
CA ALA J 1704 -75.36 7.70 22.38
C ALA J 1704 -76.87 7.94 22.33
N PRO J 1705 -77.67 7.07 22.97
CA PRO J 1705 -79.12 7.26 22.87
C PRO J 1705 -79.63 8.49 23.60
N TYR J 1706 -78.78 9.15 24.38
CA TYR J 1706 -79.10 10.42 25.05
C TYR J 1706 -78.15 11.49 24.55
N THR J 1707 -78.63 12.73 24.56
CA THR J 1707 -77.77 13.87 24.29
C THR J 1707 -76.90 14.17 25.51
N ASP J 1708 -75.90 15.04 25.31
CA ASP J 1708 -75.03 15.41 26.43
C ASP J 1708 -75.82 16.10 27.53
N GLU J 1709 -76.77 16.95 27.16
CA GLU J 1709 -77.52 17.69 28.18
C GLU J 1709 -78.45 16.78 28.96
N LEU J 1710 -78.99 15.75 28.32
CA LEU J 1710 -79.90 14.81 28.96
C LEU J 1710 -79.20 13.58 29.51
N GLU J 1711 -77.87 13.50 29.37
CA GLU J 1711 -77.12 12.35 29.85
C GLU J 1711 -77.27 12.17 31.36
N GLU J 1712 -77.06 13.25 32.12
CA GLU J 1712 -77.18 13.15 33.58
C GLU J 1712 -78.59 12.80 34.00
N ASP J 1713 -79.59 13.39 33.35
CA ASP J 1713 -80.97 13.09 33.70
C ASP J 1713 -81.30 11.64 33.45
N VAL J 1714 -80.82 11.09 32.32
CA VAL J 1714 -81.05 9.68 32.03
C VAL J 1714 -80.35 8.80 33.06
N TYR J 1715 -79.11 9.16 33.43
CA TYR J 1715 -78.40 8.40 34.45
C TYR J 1715 -79.13 8.42 35.77
N LEU J 1716 -79.65 9.58 36.16
CA LEU J 1716 -80.28 9.74 37.47
C LEU J 1716 -81.71 9.24 37.51
N ASP J 1717 -82.34 9.00 36.37
CA ASP J 1717 -83.68 8.42 36.34
C ASP J 1717 -83.58 6.92 36.13
N PRO J 1718 -83.97 6.06 37.09
CA PRO J 1718 -83.93 4.62 36.82
C PRO J 1718 -85.02 4.14 35.87
N LEU J 1719 -86.11 4.89 35.75
CA LEU J 1719 -87.25 4.51 34.92
C LEU J 1719 -87.20 5.14 33.54
N ALA J 1720 -86.11 5.80 33.16
CA ALA J 1720 -86.01 6.35 31.82
C ALA J 1720 -85.79 5.23 30.81
N ARG J 1721 -86.57 5.24 29.75
CA ARG J 1721 -86.47 4.27 28.66
C ARG J 1721 -86.44 5.01 27.35
N VAL J 1722 -85.72 4.45 26.39
CA VAL J 1722 -85.65 5.04 25.06
C VAL J 1722 -86.99 4.85 24.36
N SER J 1723 -87.35 5.82 23.54
CA SER J 1723 -88.50 5.74 22.66
C SER J 1723 -88.03 5.95 21.24
N LYS J 1724 -88.84 5.52 20.28
CA LYS J 1724 -88.52 5.73 18.89
C LYS J 1724 -88.84 7.17 18.51
N ASP J 1725 -87.84 7.90 18.04
CA ASP J 1725 -88.03 9.29 17.65
C ASP J 1725 -88.77 9.36 16.33
N LYS J 1726 -89.80 10.21 16.27
CA LYS J 1726 -90.60 10.33 15.06
C LYS J 1726 -89.74 10.84 13.89
N LYS J 1727 -88.84 11.79 14.15
CA LYS J 1727 -88.05 12.37 13.07
C LYS J 1727 -86.91 11.46 12.65
N SER J 1728 -85.99 11.16 13.57
CA SER J 1728 -84.81 10.37 13.21
C SER J 1728 -85.18 8.92 12.94
N GLY J 1729 -86.15 8.38 13.66
CA GLY J 1729 -86.51 6.99 13.56
C GLY J 1729 -85.69 6.05 14.44
N SER J 1730 -84.67 6.56 15.13
CA SER J 1730 -83.86 5.76 16.02
C SER J 1730 -84.42 5.80 17.43
N LEU J 1731 -83.93 4.88 18.26
CA LEU J 1731 -84.31 4.84 19.68
C LEU J 1731 -83.43 5.80 20.45
N THR J 1732 -84.05 6.79 21.07
CA THR J 1732 -83.34 7.83 21.80
C THR J 1732 -84.06 8.13 23.10
N PHE J 1733 -83.35 8.73 24.04
CA PHE J 1733 -83.97 9.16 25.29
C PHE J 1733 -84.63 10.52 25.10
N ASN J 1734 -85.78 10.69 25.73
CA ASN J 1734 -86.62 11.87 25.55
C ASN J 1734 -86.96 12.48 26.91
N SER J 1735 -86.98 13.81 26.95
CA SER J 1735 -87.20 14.52 28.20
C SER J 1735 -88.58 14.22 28.77
N LYS J 1736 -89.60 14.16 27.92
CA LYS J 1736 -90.95 13.91 28.42
C LYS J 1736 -91.07 12.52 29.03
N ASN J 1737 -90.16 11.62 28.68
CA ASN J 1737 -90.10 10.29 29.29
C ASN J 1737 -89.12 10.22 30.46
N ILE J 1738 -88.23 11.20 30.60
CA ILE J 1738 -87.29 11.26 31.72
C ILE J 1738 -87.98 11.93 32.91
N GLN J 1739 -87.94 11.27 34.06
CA GLN J 1739 -88.50 11.79 35.31
C GLN J 1739 -89.98 12.14 35.16
N SER J 1740 -90.74 11.23 34.53
CA SER J 1740 -92.15 11.44 34.27
C SER J 1740 -92.99 10.54 35.18
N LYS J 1741 -94.17 11.04 35.55
CA LYS J 1741 -95.07 10.28 36.41
C LYS J 1741 -95.62 9.04 35.72
N ASP J 1742 -95.78 9.07 34.40
CA ASP J 1742 -96.31 7.91 33.69
C ASP J 1742 -95.38 6.71 33.82
N SER J 1743 -94.07 6.95 33.85
CA SER J 1743 -93.12 5.86 34.02
C SER J 1743 -93.28 5.21 35.39
N TYR J 1744 -93.82 5.95 36.36
CA TYR J 1744 -94.06 5.44 37.70
C TYR J 1744 -95.55 5.25 37.94
N SER K 5 -65.76 68.82 -92.31
CA SER K 5 -65.78 67.38 -92.03
C SER K 5 -64.36 66.86 -91.85
N THR K 6 -64.00 66.60 -90.60
CA THR K 6 -62.70 66.04 -90.26
C THR K 6 -62.88 64.98 -89.18
N ARG K 7 -61.85 64.15 -89.01
CA ARG K 7 -61.86 63.11 -88.01
C ARG K 7 -60.53 63.07 -87.26
N PRO K 8 -60.53 62.66 -85.97
CA PRO K 8 -59.27 62.60 -85.22
C PRO K 8 -58.55 61.28 -85.44
N LEU K 9 -57.38 61.35 -86.08
CA LEU K 9 -56.47 60.22 -86.20
C LEU K 9 -55.35 60.41 -85.18
N THR K 10 -55.25 59.47 -84.24
CA THR K 10 -54.30 59.59 -83.14
C THR K 10 -53.03 58.82 -83.49
N LEU K 11 -51.90 59.52 -83.42
CA LEU K 11 -50.57 58.93 -83.61
C LEU K 11 -49.77 59.14 -82.33
N SER K 12 -49.18 58.07 -81.81
CA SER K 12 -48.62 58.11 -80.47
C SER K 12 -47.51 57.07 -80.34
N HIS K 13 -46.70 57.23 -79.30
CA HIS K 13 -45.63 56.28 -78.98
C HIS K 13 -45.44 56.32 -77.48
N GLY K 14 -46.13 55.43 -76.78
CA GLY K 14 -46.11 55.46 -75.32
C GLY K 14 -47.05 56.51 -74.79
N SER K 15 -46.57 57.32 -73.83
CA SER K 15 -47.43 58.33 -73.21
C SER K 15 -47.67 59.50 -74.14
N LEU K 16 -46.68 59.90 -74.93
CA LEU K 16 -46.83 61.02 -75.83
C LEU K 16 -47.76 60.67 -76.99
N GLU K 17 -48.57 61.64 -77.40
CA GLU K 17 -49.55 61.42 -78.45
C GLU K 17 -49.87 62.73 -79.14
N HIS K 18 -50.48 62.62 -80.32
CA HIS K 18 -50.94 63.80 -81.05
C HIS K 18 -52.03 63.37 -82.01
N VAL K 19 -53.09 64.17 -82.10
CA VAL K 19 -54.29 63.85 -82.86
C VAL K 19 -54.40 64.82 -84.02
N LEU K 20 -54.71 64.28 -85.21
CA LEU K 20 -54.77 65.04 -86.44
C LEU K 20 -56.20 65.05 -86.96
N LEU K 21 -56.71 66.26 -87.26
CA LEU K 21 -58.06 66.40 -87.81
C LEU K 21 -57.97 66.24 -89.32
N VAL K 22 -57.94 64.98 -89.75
CA VAL K 22 -57.75 64.67 -91.17
C VAL K 22 -59.10 64.77 -91.87
N PRO K 23 -59.18 65.33 -93.08
CA PRO K 23 -60.46 65.31 -93.80
C PRO K 23 -60.89 63.89 -94.12
N THR K 24 -62.22 63.68 -94.17
CA THR K 24 -62.75 62.36 -94.45
C THR K 24 -62.36 61.86 -95.82
N ALA K 25 -62.03 62.77 -96.74
CA ALA K 25 -61.71 62.37 -98.11
C ALA K 25 -60.48 61.47 -98.16
N SER K 26 -59.46 61.81 -97.39
CA SER K 26 -58.19 61.08 -97.38
C SER K 26 -57.90 60.42 -96.04
N PHE K 27 -58.92 60.24 -95.19
CA PHE K 27 -58.70 59.62 -93.90
C PHE K 27 -58.22 58.17 -94.06
N PHE K 28 -58.75 57.47 -95.06
CA PHE K 28 -58.33 56.08 -95.27
C PHE K 28 -56.85 55.99 -95.60
N ILE K 29 -56.38 56.89 -96.48
CA ILE K 29 -54.96 56.94 -96.82
C ILE K 29 -54.14 57.27 -95.57
N ALA K 30 -54.61 58.27 -94.82
CA ALA K 30 -53.89 58.66 -93.60
C ALA K 30 -53.84 57.52 -92.60
N SER K 31 -54.90 56.71 -92.54
CA SER K 31 -54.98 55.63 -91.57
C SER K 31 -54.05 54.49 -91.93
N GLN K 32 -53.99 54.14 -93.22
CA GLN K 32 -53.03 53.11 -93.62
C GLN K 32 -51.60 53.64 -93.44
N LEU K 33 -51.39 54.93 -93.63
CA LEU K 33 -50.08 55.51 -93.35
C LEU K 33 -49.75 55.42 -91.87
N GLN K 34 -50.73 55.66 -91.01
CA GLN K 34 -50.51 55.50 -89.57
C GLN K 34 -50.15 54.06 -89.24
N GLU K 35 -50.88 53.12 -89.84
CA GLU K 35 -50.62 51.70 -89.59
C GLU K 35 -49.19 51.34 -89.97
N GLN K 36 -48.76 51.74 -91.17
CA GLN K 36 -47.39 51.46 -91.60
C GLN K 36 -46.38 52.21 -90.74
N PHE K 37 -46.73 53.42 -90.30
CA PHE K 37 -45.82 54.22 -89.49
C PHE K 37 -45.52 53.53 -88.18
N ASN K 38 -46.55 53.05 -87.49
CA ASN K 38 -46.30 52.26 -86.29
C ASN K 38 -45.69 50.89 -86.60
N LYS K 39 -45.93 50.34 -87.79
CA LYS K 39 -45.24 49.11 -88.18
C LYS K 39 -43.73 49.32 -88.28
N ILE K 40 -43.29 50.50 -88.68
CA ILE K 40 -41.86 50.80 -88.78
C ILE K 40 -41.32 51.32 -87.45
N LEU K 41 -42.16 51.99 -86.66
CA LEU K 41 -41.69 52.65 -85.47
C LEU K 41 -41.28 51.62 -84.40
N PRO K 42 -40.23 51.90 -83.59
CA PRO K 42 -39.87 50.96 -82.52
C PRO K 42 -40.82 51.05 -81.32
N GLU K 43 -40.73 50.08 -80.41
CA GLU K 43 -41.63 49.99 -79.27
C GLU K 43 -41.25 51.03 -78.21
N PRO K 44 -42.22 51.58 -77.47
CA PRO K 44 -41.87 52.47 -76.35
C PRO K 44 -40.99 51.78 -75.32
N THR K 45 -40.07 52.56 -74.75
CA THR K 45 -39.24 52.16 -73.62
C THR K 45 -39.56 53.08 -72.44
N GLU K 46 -38.81 52.89 -71.35
CA GLU K 46 -39.04 53.64 -70.11
C GLU K 46 -38.15 54.89 -70.13
N GLY K 47 -38.74 56.02 -70.51
CA GLY K 47 -38.05 57.29 -70.54
C GLY K 47 -37.63 57.78 -71.91
N PHE K 48 -37.76 56.96 -72.94
CA PHE K 48 -37.42 57.35 -74.31
C PHE K 48 -35.94 57.69 -74.43
N ALA K 49 -35.11 56.70 -74.16
CA ALA K 49 -33.66 56.84 -74.25
C ALA K 49 -33.08 56.28 -75.55
N ALA K 50 -33.74 55.31 -76.16
CA ALA K 50 -33.20 54.67 -77.35
C ALA K 50 -33.18 55.64 -78.53
N ASP K 51 -32.25 55.39 -79.46
CA ASP K 51 -32.21 56.16 -80.69
C ASP K 51 -33.39 55.78 -81.57
N ASP K 52 -33.75 56.69 -82.48
CA ASP K 52 -34.92 56.52 -83.34
C ASP K 52 -36.19 56.37 -82.51
N GLU K 53 -36.22 57.00 -81.34
CA GLU K 53 -37.33 56.89 -80.40
C GLU K 53 -37.77 58.29 -80.03
N PRO K 54 -39.01 58.70 -80.29
CA PRO K 54 -39.41 60.05 -79.92
C PRO K 54 -39.44 60.23 -78.41
N THR K 55 -39.17 61.46 -77.97
CA THR K 55 -39.25 61.82 -76.57
C THR K 55 -40.37 62.81 -76.27
N THR K 56 -40.89 63.50 -77.27
CA THR K 56 -41.98 64.45 -77.11
C THR K 56 -42.96 64.29 -78.25
N PRO K 57 -44.21 64.76 -78.08
CA PRO K 57 -45.16 64.74 -79.21
C PRO K 57 -44.65 65.50 -80.42
N ALA K 58 -43.90 66.58 -80.19
CA ALA K 58 -43.29 67.31 -81.31
C ALA K 58 -42.35 66.40 -82.09
N GLU K 59 -41.51 65.64 -81.38
CA GLU K 59 -40.59 64.73 -82.05
C GLU K 59 -41.33 63.64 -82.79
N LEU K 60 -42.40 63.10 -82.20
CA LEU K 60 -43.18 62.08 -82.91
C LEU K 60 -43.84 62.62 -84.17
N VAL K 61 -44.44 63.81 -84.10
CA VAL K 61 -45.07 64.36 -85.31
C VAL K 61 -43.99 64.67 -86.35
N GLY K 62 -42.83 65.11 -85.91
CA GLY K 62 -41.72 65.31 -86.85
C GLY K 62 -41.28 64.02 -87.50
N LYS K 63 -41.21 62.94 -86.73
CA LYS K 63 -40.80 61.65 -87.30
C LYS K 63 -41.84 61.13 -88.28
N PHE K 64 -43.12 61.31 -87.98
CA PHE K 64 -44.16 60.95 -88.93
C PHE K 64 -44.03 61.80 -90.19
N LEU K 65 -43.71 63.09 -90.03
CA LEU K 65 -43.50 63.94 -91.19
C LEU K 65 -42.35 63.42 -92.04
N GLY K 66 -41.26 63.01 -91.40
CA GLY K 66 -40.13 62.46 -92.15
C GLY K 66 -40.49 61.17 -92.87
N TYR K 67 -41.25 60.30 -92.20
CA TYR K 67 -41.67 59.05 -92.83
C TYR K 67 -42.52 59.32 -94.08
N VAL K 68 -43.54 60.17 -93.94
CA VAL K 68 -44.40 60.45 -95.09
C VAL K 68 -43.62 61.18 -96.17
N SER K 69 -42.66 62.02 -95.78
CA SER K 69 -41.83 62.68 -96.77
C SER K 69 -41.00 61.68 -97.55
N SER K 70 -40.45 60.67 -96.86
CA SER K 70 -39.75 59.60 -97.55
C SER K 70 -40.67 58.86 -98.51
N LEU K 71 -41.95 58.69 -98.15
CA LEU K 71 -42.89 58.05 -99.07
C LEU K 71 -43.30 58.91 -100.26
N VAL K 72 -43.43 60.23 -100.10
CA VAL K 72 -43.76 61.12 -101.21
C VAL K 72 -42.56 61.23 -102.16
N GLU K 73 -42.84 61.17 -103.45
CA GLU K 73 -41.83 61.36 -104.49
C GLU K 73 -42.11 62.69 -105.19
N PRO K 74 -41.10 63.54 -105.43
CA PRO K 74 -41.42 64.80 -106.11
C PRO K 74 -41.90 64.61 -107.55
N GLY K 78 -48.24 61.34 -107.32
CA GLY K 78 -48.52 62.01 -106.07
C GLY K 78 -49.85 61.60 -105.46
N GLN K 79 -49.79 60.82 -104.38
CA GLN K 79 -50.97 60.36 -103.66
C GLN K 79 -50.91 60.67 -102.18
N PHE K 80 -49.73 60.70 -101.59
CA PHE K 80 -49.55 61.03 -100.18
C PHE K 80 -49.21 62.49 -99.96
N ASP K 81 -49.20 63.30 -101.03
CA ASP K 81 -48.83 64.70 -100.90
C ASP K 81 -49.83 65.47 -100.05
N GLN K 82 -51.12 65.18 -100.21
CA GLN K 82 -52.13 65.88 -99.43
C GLN K 82 -52.01 65.58 -97.94
N VAL K 83 -51.80 64.32 -97.59
CA VAL K 83 -51.66 63.98 -96.17
C VAL K 83 -50.37 64.58 -95.61
N LEU K 84 -49.30 64.59 -96.41
CA LEU K 84 -48.08 65.25 -95.97
C LEU K 84 -48.32 66.71 -95.68
N ASN K 85 -49.01 67.40 -96.59
CA ASN K 85 -49.31 68.82 -96.38
C ASN K 85 -50.17 69.01 -95.14
N LEU K 86 -51.15 68.13 -94.92
CA LEU K 86 -52.04 68.28 -93.78
C LEU K 86 -51.29 68.13 -92.46
N CYS K 87 -50.48 67.07 -92.34
CA CYS K 87 -49.75 66.88 -91.08
C CYS K 87 -48.67 67.93 -90.90
N LEU K 88 -48.06 68.40 -91.99
CA LEU K 88 -47.10 69.49 -91.86
C LEU K 88 -47.78 70.77 -91.38
N THR K 89 -48.96 71.06 -91.90
CA THR K 89 -49.72 72.22 -91.43
C THR K 89 -50.06 72.07 -89.95
N GLU K 90 -50.46 70.87 -89.53
CA GLU K 90 -50.73 70.64 -88.11
C GLU K 90 -49.49 70.89 -87.26
N PHE K 91 -48.33 70.40 -87.72
CA PHE K 91 -47.09 70.61 -86.99
C PHE K 91 -46.77 72.09 -86.87
N GLU K 92 -46.92 72.83 -87.97
CA GLU K 92 -46.64 74.27 -87.95
C GLU K 92 -47.59 75.00 -87.00
N ASN K 93 -48.89 74.66 -87.04
CA ASN K 93 -49.83 75.34 -86.17
C ASN K 93 -49.56 75.03 -84.70
N CYS K 94 -49.25 73.77 -84.40
CA CYS K 94 -49.17 73.35 -83.00
C CYS K 94 -47.83 73.70 -82.36
N TYR K 95 -46.72 73.27 -82.96
CA TYR K 95 -45.44 73.29 -82.28
C TYR K 95 -44.54 74.46 -82.66
N LEU K 96 -44.64 74.96 -83.90
CA LEU K 96 -43.77 76.05 -84.31
C LEU K 96 -44.17 77.37 -83.65
N GLU K 97 -45.46 77.57 -83.37
CA GLU K 97 -45.94 78.80 -82.77
C GLU K 97 -45.60 80.00 -83.64
N GLY K 98 -45.67 79.81 -84.95
CA GLY K 98 -45.29 80.84 -85.90
C GLY K 98 -43.81 81.16 -85.86
N ASN K 99 -43.02 80.26 -85.27
CA ASN K 99 -41.58 80.42 -85.13
C ASN K 99 -40.88 79.43 -86.06
N ASP K 100 -39.56 79.56 -86.13
CA ASP K 100 -38.79 78.71 -87.03
C ASP K 100 -38.52 77.35 -86.40
N ILE K 101 -38.17 76.40 -87.28
CA ILE K 101 -37.90 75.04 -86.85
C ILE K 101 -36.72 75.02 -85.88
N HIS K 102 -35.73 75.87 -86.11
CA HIS K 102 -34.57 75.90 -85.22
C HIS K 102 -34.91 76.48 -83.86
N ALA K 103 -35.81 77.48 -83.82
CA ALA K 103 -36.27 77.97 -82.53
C ALA K 103 -37.03 76.89 -81.77
N LEU K 104 -37.89 76.14 -82.47
CA LEU K 104 -38.58 75.03 -81.83
C LEU K 104 -37.58 73.99 -81.34
N ALA K 105 -36.53 73.73 -82.13
CA ALA K 105 -35.51 72.77 -81.75
C ALA K 105 -34.78 73.21 -80.49
N ALA K 106 -34.43 74.50 -80.41
CA ALA K 106 -33.77 75.00 -79.21
C ALA K 106 -34.68 74.89 -77.99
N LYS K 107 -35.98 75.21 -78.17
CA LYS K 107 -36.91 75.08 -77.05
C LYS K 107 -37.01 73.62 -76.60
N LEU K 108 -37.07 72.70 -77.55
CA LEU K 108 -37.12 71.28 -77.19
C LEU K 108 -35.86 70.84 -76.47
N LEU K 109 -34.69 71.30 -76.94
CA LEU K 109 -33.44 70.89 -76.34
C LEU K 109 -33.34 71.40 -74.90
N GLN K 110 -33.75 72.65 -74.67
CA GLN K 110 -33.64 73.23 -73.33
C GLN K 110 -34.73 72.76 -72.40
N GLU K 111 -35.99 73.06 -72.73
CA GLU K 111 -37.09 72.78 -71.80
C GLU K 111 -37.31 71.28 -71.66
N ASN K 112 -37.38 70.57 -72.77
CA ASN K 112 -37.73 69.16 -72.78
C ASN K 112 -36.47 68.29 -72.79
N ASP K 113 -36.65 67.03 -72.42
CA ASP K 113 -35.54 66.09 -72.30
C ASP K 113 -35.25 65.48 -73.68
N THR K 114 -34.74 66.33 -74.56
CA THR K 114 -34.42 65.98 -75.94
C THR K 114 -32.91 65.99 -76.10
N THR K 115 -32.40 65.08 -76.92
CA THR K 115 -30.97 64.99 -77.21
C THR K 115 -30.67 65.61 -78.58
N LEU K 116 -29.38 65.84 -78.81
CA LEU K 116 -28.96 66.57 -80.01
C LEU K 116 -29.30 65.80 -81.29
N VAL K 117 -29.12 64.48 -81.30
CA VAL K 117 -29.42 63.72 -82.51
C VAL K 117 -30.92 63.73 -82.78
N LYS K 118 -31.74 63.68 -81.72
CA LYS K 118 -33.18 63.77 -81.91
C LYS K 118 -33.58 65.15 -82.45
N THR K 119 -32.93 66.20 -81.94
CA THR K 119 -33.18 67.54 -82.48
C THR K 119 -32.81 67.60 -83.96
N LYS K 120 -31.65 67.05 -84.32
CA LYS K 120 -31.20 67.12 -85.70
C LYS K 120 -32.12 66.35 -86.63
N GLU K 121 -32.55 65.15 -86.23
CA GLU K 121 -33.42 64.38 -87.11
C GLU K 121 -34.82 64.99 -87.17
N LEU K 122 -35.28 65.62 -86.09
CA LEU K 122 -36.53 66.37 -86.17
C LEU K 122 -36.43 67.49 -87.19
N ILE K 123 -35.32 68.24 -87.16
CA ILE K 123 -35.14 69.33 -88.12
C ILE K 123 -35.07 68.79 -89.53
N LYS K 124 -34.35 67.68 -89.73
CA LYS K 124 -34.27 67.05 -91.04
C LYS K 124 -35.65 66.67 -91.53
N ASN K 125 -36.46 66.05 -90.66
CA ASN K 125 -37.79 65.64 -91.08
C ASN K 125 -38.64 66.84 -91.45
N TYR K 126 -38.55 67.92 -90.67
CA TYR K 126 -39.38 69.10 -90.97
C TYR K 126 -39.00 69.72 -92.31
N ILE K 127 -37.71 69.93 -92.54
CA ILE K 127 -37.30 70.54 -93.81
C ILE K 127 -37.57 69.60 -94.98
N THR K 128 -37.34 68.30 -94.79
CA THR K 128 -37.64 67.35 -95.85
C THR K 128 -39.12 67.37 -96.19
N ALA K 129 -39.99 67.40 -95.18
CA ALA K 129 -41.43 67.47 -95.42
C ALA K 129 -41.78 68.76 -96.15
N ARG K 130 -41.16 69.88 -95.74
CA ARG K 130 -41.44 71.16 -96.39
C ARG K 130 -41.10 71.11 -97.87
N ILE K 131 -39.97 70.49 -98.21
CA ILE K 131 -39.56 70.49 -99.62
C ILE K 131 -40.25 69.39 -100.43
N MET K 132 -40.69 68.30 -99.79
CA MET K 132 -41.49 67.31 -100.51
C MET K 132 -42.92 67.77 -100.73
N ALA K 133 -43.45 68.60 -99.84
CA ALA K 133 -44.84 69.05 -99.94
C ALA K 133 -45.02 70.23 -100.89
N LYS K 134 -44.03 70.51 -101.75
CA LYS K 134 -44.08 71.68 -102.63
C LYS K 134 -44.25 72.96 -101.81
N ARG K 135 -43.55 73.01 -100.68
CA ARG K 135 -43.59 74.15 -99.76
C ARG K 135 -42.17 74.61 -99.48
N PRO K 136 -41.52 75.25 -100.46
CA PRO K 136 -40.15 75.71 -100.23
C PRO K 136 -40.10 76.84 -99.22
N PHE K 137 -38.91 77.11 -98.72
CA PHE K 137 -38.67 78.26 -97.86
C PHE K 137 -38.44 79.52 -98.68
N ASP K 138 -39.37 79.82 -99.59
CA ASP K 138 -39.28 80.96 -100.48
C ASP K 138 -39.92 82.22 -99.88
N LYS K 139 -40.55 82.11 -98.72
CA LYS K 139 -41.16 83.27 -98.07
C LYS K 139 -40.09 84.02 -97.28
N LYS K 140 -40.07 85.33 -97.43
CA LYS K 140 -39.10 86.16 -96.71
C LYS K 140 -39.33 86.02 -95.21
N SER K 141 -38.35 85.43 -94.53
CA SER K 141 -38.48 85.21 -93.10
C SER K 141 -38.49 86.53 -92.35
N ASN K 142 -39.26 86.58 -91.27
CA ASN K 142 -39.37 87.76 -90.41
C ASN K 142 -38.49 87.63 -89.17
N SER K 143 -37.30 87.06 -89.31
CA SER K 143 -36.39 86.90 -88.19
C SER K 143 -36.04 88.27 -87.59
N ALA K 144 -35.97 88.31 -86.25
CA ALA K 144 -35.80 89.58 -85.57
C ALA K 144 -34.46 90.23 -85.92
N LEU K 145 -33.40 89.43 -86.03
CA LEU K 145 -32.09 89.99 -86.34
C LEU K 145 -32.10 90.68 -87.70
N PHE K 146 -32.73 90.06 -88.69
CA PHE K 146 -32.71 90.64 -90.03
C PHE K 146 -33.75 91.75 -90.18
N ARG K 147 -34.82 91.74 -89.40
CA ARG K 147 -35.66 92.92 -89.32
C ARG K 147 -34.89 94.10 -88.75
N ALA K 148 -34.11 93.85 -87.70
CA ALA K 148 -33.26 94.89 -87.13
C ALA K 148 -32.28 95.42 -88.16
N VAL K 149 -31.67 94.51 -88.94
CA VAL K 149 -30.75 94.93 -89.99
C VAL K 149 -31.47 95.78 -91.03
N GLY K 150 -32.66 95.33 -91.47
CA GLY K 150 -33.38 96.06 -92.49
C GLY K 150 -33.76 97.47 -92.04
N GLU K 151 -34.16 97.60 -90.78
CA GLU K 151 -34.48 98.92 -90.24
C GLU K 151 -33.25 99.67 -89.75
N GLY K 152 -32.05 99.08 -89.85
CA GLY K 152 -30.83 99.74 -89.49
C GLY K 152 -30.48 99.67 -88.02
N ASN K 153 -31.17 98.83 -87.24
CA ASN K 153 -30.90 98.73 -85.82
C ASN K 153 -29.63 97.92 -85.56
N ALA K 154 -29.39 96.88 -86.37
CA ALA K 154 -28.28 95.96 -86.16
C ALA K 154 -27.38 95.93 -87.39
N GLN K 155 -26.10 95.66 -87.15
CA GLN K 155 -25.09 95.53 -88.20
C GLN K 155 -24.47 94.14 -88.14
N LEU K 156 -24.38 93.50 -89.31
CA LEU K 156 -24.02 92.10 -89.41
C LEU K 156 -22.68 91.93 -90.10
N VAL K 157 -21.76 91.21 -89.45
CA VAL K 157 -20.48 90.86 -90.04
C VAL K 157 -20.35 89.35 -90.01
N ALA K 158 -20.13 88.75 -91.18
CA ALA K 158 -19.83 87.32 -91.25
C ALA K 158 -18.35 87.08 -91.03
N ILE K 159 -18.04 86.10 -90.20
CA ILE K 159 -16.67 85.62 -90.00
C ILE K 159 -16.65 84.13 -90.34
N PHE K 160 -15.69 83.74 -91.15
CA PHE K 160 -15.54 82.37 -91.58
C PHE K 160 -14.27 81.78 -90.97
N GLY K 161 -14.41 80.64 -90.30
CA GLY K 161 -13.31 80.00 -89.62
C GLY K 161 -12.33 79.36 -90.58
N GLY K 162 -11.33 78.73 -90.00
CA GLY K 162 -10.29 78.06 -90.76
C GLY K 162 -9.77 76.84 -90.04
N GLN K 163 -8.46 76.62 -90.15
CA GLN K 163 -7.82 75.45 -89.57
C GLN K 163 -7.67 75.59 -88.06
N GLY K 164 -7.56 74.43 -87.40
CA GLY K 164 -7.27 74.38 -85.99
C GLY K 164 -8.47 74.52 -85.08
N ASN K 165 -9.65 74.77 -85.63
CA ASN K 165 -10.83 74.94 -84.78
C ASN K 165 -11.25 73.62 -84.14
N THR K 166 -11.10 72.52 -84.86
CA THR K 166 -11.47 71.22 -84.35
C THR K 166 -10.67 70.14 -85.06
N ASP K 167 -10.50 69.00 -84.38
CA ASP K 167 -9.80 67.86 -84.95
C ASP K 167 -10.71 66.92 -85.72
N ASP K 168 -12.03 67.13 -85.66
CA ASP K 168 -13.00 66.26 -86.30
C ASP K 168 -14.01 67.07 -87.09
N TYR K 169 -13.50 67.97 -87.94
CA TYR K 169 -14.37 68.85 -88.72
C TYR K 169 -15.28 68.05 -89.65
N PHE K 170 -14.92 66.81 -89.99
CA PHE K 170 -15.68 66.09 -91.01
C PHE K 170 -17.05 65.70 -90.51
N GLU K 171 -17.21 65.47 -89.19
CA GLU K 171 -18.54 65.17 -88.68
C GLU K 171 -19.49 66.36 -88.85
N GLU K 172 -18.94 67.58 -88.93
CA GLU K 172 -19.80 68.73 -89.19
C GLU K 172 -20.33 68.69 -90.61
N LEU K 173 -19.46 68.38 -91.58
CA LEU K 173 -19.92 68.19 -92.96
C LEU K 173 -20.92 67.06 -93.03
N ARG K 174 -20.65 65.98 -92.30
CA ARG K 174 -21.56 64.84 -92.32
C ARG K 174 -22.93 65.22 -91.79
N ASP K 175 -22.97 65.82 -90.59
CA ASP K 175 -24.25 66.20 -90.00
C ASP K 175 -24.96 67.23 -90.86
N LEU K 176 -24.21 68.08 -91.55
CA LEU K 176 -24.84 68.98 -92.52
C LEU K 176 -25.53 68.19 -93.63
N TYR K 177 -24.81 67.23 -94.22
CA TYR K 177 -25.36 66.43 -95.31
C TYR K 177 -26.57 65.61 -94.89
N GLN K 178 -26.60 65.10 -93.65
CA GLN K 178 -27.78 64.39 -93.17
C GLN K 178 -28.91 65.35 -92.80
N THR K 179 -28.68 66.26 -91.86
CA THR K 179 -29.74 67.08 -91.32
C THR K 179 -30.36 67.97 -92.40
N TYR K 180 -29.55 68.49 -93.31
CA TYR K 180 -29.98 69.39 -94.37
C TYR K 180 -29.67 68.81 -95.74
N HIS K 181 -29.95 67.52 -95.91
CA HIS K 181 -29.66 66.85 -97.17
C HIS K 181 -30.37 67.54 -98.33
N VAL K 182 -31.66 67.79 -98.18
CA VAL K 182 -32.44 68.30 -99.31
C VAL K 182 -32.06 69.75 -99.60
N LEU K 183 -31.48 70.44 -98.62
CA LEU K 183 -31.10 71.84 -98.82
C LEU K 183 -29.73 71.95 -99.48
N VAL K 184 -28.69 71.43 -98.84
CA VAL K 184 -27.32 71.57 -99.31
C VAL K 184 -26.88 70.37 -100.14
N GLY K 185 -27.81 69.52 -100.58
CA GLY K 185 -27.42 68.38 -101.39
C GLY K 185 -26.87 68.79 -102.74
N ASP K 186 -27.51 69.77 -103.37
CA ASP K 186 -26.98 70.28 -104.64
C ASP K 186 -25.59 70.86 -104.45
N LEU K 187 -25.39 71.61 -103.36
CA LEU K 187 -24.07 72.18 -103.08
C LEU K 187 -23.02 71.09 -102.91
N ILE K 188 -23.35 70.06 -102.13
CA ILE K 188 -22.36 69.01 -101.85
C ILE K 188 -22.05 68.22 -103.12
N LYS K 189 -23.07 67.86 -103.89
CA LYS K 189 -22.85 67.15 -105.14
C LYS K 189 -22.01 67.98 -106.10
N PHE K 190 -22.34 69.27 -106.24
CA PHE K 190 -21.56 70.13 -107.12
C PHE K 190 -20.12 70.23 -106.65
N SER K 191 -19.92 70.39 -105.35
CA SER K 191 -18.58 70.55 -104.82
C SER K 191 -17.74 69.31 -105.07
N ALA K 192 -18.30 68.12 -104.86
CA ALA K 192 -17.57 66.90 -105.16
C ALA K 192 -17.29 66.78 -106.65
N GLU K 193 -18.24 67.21 -107.49
CA GLU K 193 -18.03 67.15 -108.93
C GLU K 193 -16.83 68.00 -109.34
N THR K 194 -16.80 69.26 -108.90
CA THR K 194 -15.66 70.12 -109.29
C THR K 194 -14.38 69.68 -108.61
N LEU K 195 -14.45 69.11 -107.41
CA LEU K 195 -13.23 68.63 -106.77
C LEU K 195 -12.63 67.45 -107.52
N SER K 196 -13.48 66.50 -107.94
CA SER K 196 -13.01 65.39 -108.75
C SER K 196 -12.48 65.89 -110.09
N GLU K 197 -13.16 66.87 -110.69
CA GLU K 197 -12.70 67.42 -111.96
C GLU K 197 -11.34 68.08 -111.80
N LEU K 198 -11.14 68.82 -110.71
CA LEU K 198 -9.85 69.47 -110.47
C LEU K 198 -8.76 68.44 -110.22
N ILE K 199 -9.08 67.37 -109.51
CA ILE K 199 -8.09 66.30 -109.31
C ILE K 199 -7.72 65.69 -110.65
N ARG K 200 -8.72 65.43 -111.50
CA ARG K 200 -8.45 64.80 -112.79
C ARG K 200 -7.62 65.72 -113.69
N THR K 201 -7.93 67.01 -113.71
CA THR K 201 -7.25 67.96 -114.57
C THR K 201 -5.95 68.49 -113.99
N THR K 202 -5.67 68.19 -112.72
CA THR K 202 -4.41 68.60 -112.11
C THR K 202 -3.33 67.56 -112.41
N LEU K 203 -2.08 68.04 -112.49
CA LEU K 203 -1.00 67.22 -113.01
C LEU K 203 -0.78 65.98 -112.16
N ASP K 204 -0.61 66.16 -110.84
CA ASP K 204 -0.32 65.05 -109.94
C ASP K 204 -1.10 65.19 -108.64
N ALA K 205 -2.38 65.53 -108.74
CA ALA K 205 -3.21 65.67 -107.55
C ALA K 205 -3.49 64.31 -106.92
N GLU K 206 -3.61 63.27 -107.73
CA GLU K 206 -3.92 61.94 -107.19
C GLU K 206 -2.84 61.46 -106.24
N LYS K 207 -1.59 61.89 -106.45
CA LYS K 207 -0.53 61.53 -105.51
C LYS K 207 -0.78 62.15 -104.14
N VAL K 208 -1.24 63.41 -104.12
CA VAL K 208 -1.60 64.05 -102.87
C VAL K 208 -2.82 63.39 -102.24
N PHE K 209 -3.80 62.99 -103.04
CA PHE K 209 -5.02 62.33 -102.57
C PHE K 209 -4.83 60.83 -102.71
N THR K 210 -4.17 60.23 -101.71
CA THR K 210 -3.92 58.79 -101.74
C THR K 210 -5.22 58.01 -101.68
N GLN K 211 -6.16 58.43 -100.82
CA GLN K 211 -7.45 57.79 -100.68
C GLN K 211 -8.55 58.50 -101.44
N GLY K 212 -8.20 59.29 -102.46
CA GLY K 212 -9.19 59.97 -103.25
C GLY K 212 -9.87 61.09 -102.47
N LEU K 213 -10.83 61.72 -103.13
CA LEU K 213 -11.64 62.79 -102.56
C LEU K 213 -13.09 62.60 -102.94
N ASN K 214 -13.56 61.35 -102.86
CA ASN K 214 -14.94 61.00 -103.21
C ASN K 214 -15.79 61.20 -101.97
N ILE K 215 -16.41 62.38 -101.87
CA ILE K 215 -17.07 62.79 -100.63
C ILE K 215 -18.46 62.17 -100.53
N LEU K 216 -19.14 61.97 -101.65
CA LEU K 216 -20.47 61.38 -101.60
C LEU K 216 -20.43 59.98 -101.01
N GLU K 217 -19.44 59.18 -101.40
CA GLU K 217 -19.36 57.82 -100.86
C GLU K 217 -19.03 57.86 -99.38
N TRP K 218 -18.14 58.78 -98.97
CA TRP K 218 -17.78 58.89 -97.57
C TRP K 218 -18.98 59.29 -96.72
N LEU K 219 -19.80 60.20 -97.24
CA LEU K 219 -20.99 60.64 -96.50
C LEU K 219 -22.04 59.54 -96.46
N GLU K 220 -22.29 58.87 -97.59
CA GLU K 220 -23.32 57.85 -97.64
C GLU K 220 -22.97 56.65 -96.77
N ASN K 221 -21.71 56.22 -96.80
CA ASN K 221 -21.25 55.06 -96.04
C ASN K 221 -20.19 55.54 -95.06
N PRO K 222 -20.56 55.91 -93.84
CA PRO K 222 -19.53 56.31 -92.85
C PRO K 222 -18.59 55.19 -92.47
N SER K 223 -18.96 53.93 -92.71
CA SER K 223 -18.11 52.82 -92.31
C SER K 223 -16.76 52.86 -93.02
N ASN K 224 -16.77 53.13 -94.32
CA ASN K 224 -15.57 53.14 -95.13
C ASN K 224 -15.02 54.55 -95.37
N THR K 225 -15.31 55.47 -94.46
CA THR K 225 -14.74 56.80 -94.55
C THR K 225 -13.25 56.73 -94.16
N PRO K 226 -12.42 57.64 -94.67
CA PRO K 226 -11.00 57.61 -94.31
C PRO K 226 -10.80 57.96 -92.85
N ASP K 227 -9.54 57.82 -92.43
CA ASP K 227 -9.19 58.08 -91.03
C ASP K 227 -9.02 59.58 -90.78
N LYS K 228 -9.04 59.93 -89.50
CA LYS K 228 -9.12 61.33 -89.11
C LYS K 228 -7.88 62.10 -89.54
N ASP K 229 -6.70 61.48 -89.49
CA ASP K 229 -5.49 62.18 -89.90
C ASP K 229 -5.53 62.49 -91.39
N TYR K 230 -5.97 61.55 -92.22
CA TYR K 230 -6.08 61.81 -93.64
C TYR K 230 -7.12 62.89 -93.92
N LEU K 231 -8.25 62.85 -93.23
CA LEU K 231 -9.25 63.89 -93.41
C LEU K 231 -8.70 65.25 -93.01
N LEU K 232 -7.94 65.30 -91.92
CA LEU K 232 -7.35 66.52 -91.41
C LEU K 232 -6.21 67.02 -92.29
N SER K 233 -5.66 66.18 -93.16
CA SER K 233 -4.65 66.62 -94.10
C SER K 233 -5.20 67.76 -94.96
N ILE K 234 -4.39 68.80 -95.15
CA ILE K 234 -4.92 70.06 -95.73
C ILE K 234 -5.48 69.90 -97.13
N PRO K 235 -4.98 69.03 -98.02
CA PRO K 235 -5.64 68.91 -99.33
C PRO K 235 -7.07 68.45 -99.22
N ILE K 236 -7.42 67.78 -98.13
CA ILE K 236 -8.81 67.49 -97.81
C ILE K 236 -9.43 68.65 -97.02
N SER K 237 -8.75 69.06 -95.95
CA SER K 237 -9.37 69.96 -94.96
C SER K 237 -9.73 71.30 -95.57
N CYS K 238 -8.86 71.87 -96.41
CA CYS K 238 -9.14 73.19 -96.96
C CYS K 238 -10.42 73.21 -97.78
N PRO K 239 -10.52 72.46 -98.89
CA PRO K 239 -11.79 72.47 -99.64
C PRO K 239 -12.97 71.99 -98.82
N LEU K 240 -12.78 71.02 -97.94
CA LEU K 240 -13.91 70.52 -97.16
C LEU K 240 -14.37 71.52 -96.11
N ILE K 241 -13.43 72.25 -95.49
CA ILE K 241 -13.83 73.29 -94.56
C ILE K 241 -14.55 74.40 -95.31
N GLY K 242 -14.09 74.74 -96.51
CA GLY K 242 -14.84 75.67 -97.34
C GLY K 242 -16.24 75.19 -97.64
N VAL K 243 -16.37 73.89 -97.92
CA VAL K 243 -17.69 73.31 -98.18
C VAL K 243 -18.57 73.44 -96.94
N ILE K 244 -18.02 73.17 -95.76
CA ILE K 244 -18.80 73.29 -94.53
C ILE K 244 -19.29 74.71 -94.35
N GLN K 245 -18.41 75.69 -94.58
CA GLN K 245 -18.79 77.09 -94.44
C GLN K 245 -19.87 77.48 -95.45
N LEU K 246 -19.69 77.09 -96.71
CA LEU K 246 -20.68 77.41 -97.74
C LEU K 246 -22.00 76.71 -97.48
N ALA K 247 -21.95 75.50 -96.92
CA ALA K 247 -23.19 74.80 -96.58
C ALA K 247 -23.92 75.49 -95.45
N HIS K 248 -23.17 76.00 -94.45
CA HIS K 248 -23.80 76.81 -93.41
C HIS K 248 -24.45 78.05 -94.00
N TYR K 249 -23.75 78.71 -94.92
CA TYR K 249 -24.31 79.89 -95.57
C TYR K 249 -25.58 79.55 -96.36
N VAL K 250 -25.56 78.43 -97.09
CA VAL K 250 -26.72 78.02 -97.87
C VAL K 250 -27.89 77.70 -96.96
N VAL K 251 -27.63 76.96 -95.87
CA VAL K 251 -28.70 76.61 -94.94
C VAL K 251 -29.31 77.88 -94.36
N THR K 252 -28.47 78.83 -93.96
CA THR K 252 -28.96 80.08 -93.41
C THR K 252 -29.83 80.82 -94.43
N ALA K 253 -29.32 81.01 -95.63
CA ALA K 253 -30.06 81.77 -96.64
C ALA K 253 -31.37 81.10 -96.99
N LYS K 254 -31.35 79.78 -97.20
CA LYS K 254 -32.57 79.08 -97.59
C LYS K 254 -33.60 79.10 -96.47
N LEU K 255 -33.18 78.85 -95.23
CA LEU K 255 -34.14 78.84 -94.14
C LEU K 255 -34.72 80.23 -93.87
N LEU K 256 -33.92 81.28 -94.12
CA LEU K 256 -34.43 82.63 -94.01
C LEU K 256 -35.14 83.10 -95.28
N GLY K 257 -35.18 82.29 -96.32
CA GLY K 257 -35.81 82.70 -97.56
C GLY K 257 -35.08 83.82 -98.24
N PHE K 258 -33.76 83.81 -98.16
CA PHE K 258 -32.91 84.83 -98.78
C PHE K 258 -32.12 84.18 -99.90
N THR K 259 -31.92 84.92 -100.99
CA THR K 259 -30.88 84.56 -101.93
C THR K 259 -29.52 84.88 -101.30
N PRO K 260 -28.45 84.21 -101.74
CA PRO K 260 -27.14 84.52 -101.16
C PRO K 260 -26.75 85.97 -101.34
N GLY K 261 -27.09 86.57 -102.48
CA GLY K 261 -26.75 87.96 -102.70
C GLY K 261 -27.44 88.90 -101.74
N GLU K 262 -28.75 88.70 -101.52
CA GLU K 262 -29.45 89.61 -100.62
C GLU K 262 -29.05 89.35 -99.18
N LEU K 263 -28.76 88.10 -98.81
CA LEU K 263 -28.22 87.84 -97.48
C LEU K 263 -26.89 88.56 -97.29
N ARG K 264 -26.03 88.53 -98.31
CA ARG K 264 -24.80 89.29 -98.27
C ARG K 264 -25.07 90.78 -98.12
N SER K 265 -26.11 91.28 -98.80
CA SER K 265 -26.46 92.69 -98.67
C SER K 265 -26.87 93.03 -97.24
N TYR K 266 -27.65 92.15 -96.60
CA TYR K 266 -27.94 92.33 -95.17
C TYR K 266 -26.67 92.37 -94.34
N LEU K 267 -25.70 91.50 -94.65
CA LEU K 267 -24.43 91.53 -93.93
C LEU K 267 -23.73 92.87 -94.13
N LYS K 268 -23.35 93.52 -93.02
CA LYS K 268 -22.55 94.74 -93.12
C LYS K 268 -21.16 94.45 -93.68
N GLY K 269 -20.57 93.31 -93.31
CA GLY K 269 -19.25 93.00 -93.80
C GLY K 269 -18.98 91.51 -93.73
N ALA K 270 -17.80 91.12 -94.23
CA ALA K 270 -17.38 89.74 -94.22
C ALA K 270 -15.87 89.67 -94.01
N THR K 271 -15.43 88.55 -93.44
CA THR K 271 -14.00 88.32 -93.24
C THR K 271 -13.81 86.86 -92.82
N GLY K 272 -12.56 86.46 -92.67
CA GLY K 272 -12.26 85.10 -92.31
C GLY K 272 -10.92 84.96 -91.65
N HIS K 273 -10.82 83.94 -90.81
CA HIS K 273 -9.58 83.56 -90.13
C HIS K 273 -8.80 82.68 -91.09
N ALA K 274 -7.82 83.27 -91.78
CA ALA K 274 -6.95 82.52 -92.69
C ALA K 274 -7.76 81.87 -93.81
N GLN K 275 -8.14 80.60 -93.62
CA GLN K 275 -8.81 79.87 -94.70
C GLN K 275 -10.17 80.47 -95.01
N GLY K 276 -10.90 80.91 -93.99
CA GLY K 276 -12.26 81.38 -94.21
C GLY K 276 -12.34 82.65 -95.02
N LEU K 277 -11.19 83.31 -95.28
CA LEU K 277 -11.20 84.51 -96.08
C LEU K 277 -11.70 84.22 -97.49
N VAL K 278 -11.39 83.04 -98.01
CA VAL K 278 -11.85 82.66 -99.34
C VAL K 278 -13.37 82.59 -99.37
N THR K 279 -13.96 81.96 -98.36
CA THR K 279 -15.41 81.89 -98.27
C THR K 279 -16.02 83.28 -98.08
N ALA K 280 -15.36 84.13 -97.29
CA ALA K 280 -15.84 85.49 -97.11
C ALA K 280 -15.91 86.23 -98.44
N VAL K 281 -14.85 86.14 -99.24
CA VAL K 281 -14.84 86.80 -100.54
C VAL K 281 -15.88 86.18 -101.47
N ALA K 282 -16.04 84.86 -101.42
CA ALA K 282 -17.03 84.20 -102.28
C ALA K 282 -18.43 84.69 -101.97
N ILE K 283 -18.83 84.64 -100.69
CA ILE K 283 -20.16 85.10 -100.33
C ILE K 283 -20.30 86.60 -100.55
N ALA K 284 -19.20 87.36 -100.46
CA ALA K 284 -19.23 88.77 -100.82
C ALA K 284 -19.54 88.98 -102.28
N GLU K 285 -19.12 88.06 -103.15
CA GLU K 285 -19.38 88.16 -104.58
C GLU K 285 -20.69 87.52 -105.02
N THR K 286 -21.29 86.67 -104.19
CA THR K 286 -22.52 85.99 -104.59
C THR K 286 -23.65 86.98 -104.88
N ASP K 287 -24.50 86.62 -105.85
CA ASP K 287 -25.62 87.45 -106.29
C ASP K 287 -26.96 86.75 -106.16
N SER K 288 -27.08 85.52 -106.65
CA SER K 288 -28.35 84.79 -106.62
C SER K 288 -28.06 83.30 -106.64
N TRP K 289 -29.12 82.50 -106.46
CA TRP K 289 -28.95 81.05 -106.47
C TRP K 289 -28.48 80.56 -107.84
N GLU K 290 -28.86 81.26 -108.91
CA GLU K 290 -28.48 80.81 -110.24
C GLU K 290 -26.97 80.82 -110.42
N SER K 291 -26.30 81.86 -109.95
CA SER K 291 -24.85 82.00 -110.10
C SER K 291 -24.10 81.71 -108.80
N PHE K 292 -24.79 81.18 -107.78
CA PHE K 292 -24.13 80.91 -106.51
C PHE K 292 -23.09 79.81 -106.65
N PHE K 293 -23.39 78.78 -107.45
CA PHE K 293 -22.43 77.71 -107.67
C PHE K 293 -21.18 78.20 -108.38
N VAL K 294 -21.25 79.32 -109.10
CA VAL K 294 -20.02 79.88 -109.68
C VAL K 294 -19.07 80.32 -108.59
N SER K 295 -19.57 81.08 -107.61
CA SER K 295 -18.72 81.50 -106.49
C SER K 295 -18.30 80.32 -105.64
N VAL K 296 -19.17 79.31 -105.50
CA VAL K 296 -18.79 78.09 -104.78
C VAL K 296 -17.62 77.43 -105.49
N ARG K 297 -17.69 77.35 -106.82
CA ARG K 297 -16.59 76.78 -107.58
C ARG K 297 -15.32 77.57 -107.40
N LYS K 298 -15.41 78.90 -107.43
CA LYS K 298 -14.23 79.73 -107.22
C LYS K 298 -13.61 79.45 -105.86
N ALA K 299 -14.43 79.45 -104.80
CA ALA K 299 -13.92 79.24 -103.46
C ALA K 299 -13.29 77.87 -103.31
N ILE K 300 -13.97 76.83 -103.79
CA ILE K 300 -13.48 75.48 -103.61
C ILE K 300 -12.23 75.25 -104.45
N THR K 301 -12.16 75.84 -105.64
CA THR K 301 -10.96 75.72 -106.44
C THR K 301 -9.77 76.37 -105.73
N VAL K 302 -9.98 77.57 -105.18
CA VAL K 302 -8.90 78.26 -104.47
C VAL K 302 -8.45 77.42 -103.28
N LEU K 303 -9.40 76.89 -102.51
CA LEU K 303 -9.05 76.13 -101.32
C LEU K 303 -8.36 74.82 -101.68
N PHE K 304 -8.84 74.14 -102.71
CA PHE K 304 -8.22 72.91 -103.16
C PHE K 304 -6.79 73.16 -103.61
N PHE K 305 -6.57 74.24 -104.36
CA PHE K 305 -5.24 74.48 -104.89
C PHE K 305 -4.28 74.93 -103.82
N ILE K 306 -4.73 75.77 -102.87
CA ILE K 306 -3.83 76.15 -101.78
C ILE K 306 -3.50 74.91 -100.94
N GLY K 307 -4.49 74.05 -100.69
CA GLY K 307 -4.21 72.84 -99.93
C GLY K 307 -3.21 71.94 -100.62
N VAL K 308 -3.41 71.68 -101.91
CA VAL K 308 -2.53 70.78 -102.64
C VAL K 308 -1.12 71.35 -102.73
N ARG K 309 -1.01 72.62 -103.11
CA ARG K 309 0.31 73.22 -103.29
C ARG K 309 1.03 73.36 -101.97
N CYS K 310 0.32 73.71 -100.89
CA CYS K 310 0.96 73.83 -99.59
C CYS K 310 1.40 72.47 -99.06
N TYR K 311 0.59 71.43 -99.29
CA TYR K 311 1.00 70.09 -98.88
C TYR K 311 2.23 69.65 -99.65
N GLU K 312 2.29 69.96 -100.94
CA GLU K 312 3.48 69.64 -101.72
C GLU K 312 4.69 70.41 -101.21
N ALA K 313 4.51 71.69 -100.89
CA ALA K 313 5.63 72.50 -100.44
C ALA K 313 6.17 72.01 -99.11
N TYR K 314 5.29 71.69 -98.16
CA TYR K 314 5.69 71.20 -96.84
C TYR K 314 4.74 70.08 -96.43
N PRO K 315 4.95 68.86 -96.95
CA PRO K 315 4.12 67.74 -96.52
C PRO K 315 4.39 67.38 -95.07
N ASN K 316 3.67 66.37 -94.60
CA ASN K 316 3.75 65.91 -93.22
C ASN K 316 4.59 64.64 -93.17
N THR K 317 5.57 64.63 -92.27
CA THR K 317 6.46 63.50 -92.06
C THR K 317 6.27 62.93 -90.66
N SER K 318 6.61 61.65 -90.51
CA SER K 318 6.51 61.01 -89.22
C SER K 318 7.51 61.61 -88.25
N LEU K 319 7.01 62.13 -87.13
CA LEU K 319 7.89 62.69 -86.12
C LEU K 319 8.53 61.56 -85.32
N PRO K 320 9.69 61.80 -84.69
CA PRO K 320 10.28 60.78 -83.83
C PRO K 320 9.32 60.32 -82.75
N PRO K 321 9.09 59.01 -82.61
CA PRO K 321 8.22 58.56 -81.52
C PRO K 321 8.74 58.91 -80.14
N SER K 322 10.05 59.16 -80.00
CA SER K 322 10.55 59.68 -78.73
C SER K 322 9.93 61.04 -78.43
N ILE K 323 9.89 61.92 -79.43
CA ILE K 323 9.25 63.22 -79.27
C ILE K 323 7.77 63.05 -78.99
N LEU K 324 7.11 62.15 -79.72
CA LEU K 324 5.69 61.92 -79.51
C LEU K 324 5.41 61.46 -78.08
N GLU K 325 6.21 60.51 -77.60
CA GLU K 325 6.03 59.98 -76.26
C GLU K 325 6.29 61.06 -75.21
N ASP K 326 7.33 61.88 -75.40
CA ASP K 326 7.60 62.95 -74.45
C ASP K 326 6.44 63.94 -74.40
N SER K 327 5.94 64.33 -75.57
CA SER K 327 4.81 65.26 -75.62
C SER K 327 3.58 64.66 -74.94
N LEU K 328 3.31 63.38 -75.19
CA LEU K 328 2.14 62.75 -74.59
C LEU K 328 2.29 62.64 -73.07
N GLU K 329 3.46 62.22 -72.58
CA GLU K 329 3.63 62.03 -71.15
C GLU K 329 3.69 63.37 -70.41
N ASN K 330 3.96 64.47 -71.11
CA ASN K 330 3.90 65.79 -70.51
C ASN K 330 2.51 66.42 -70.63
N ASN K 331 1.46 65.59 -70.66
CA ASN K 331 0.07 66.06 -70.70
C ASN K 331 -0.15 67.00 -71.88
N GLU K 332 0.48 66.67 -73.00
CA GLU K 332 0.41 67.46 -74.21
C GLU K 332 -0.13 66.57 -75.32
N GLY K 333 -0.73 67.20 -76.33
CA GLY K 333 -1.25 66.47 -77.46
C GLY K 333 -0.17 66.11 -78.47
N VAL K 334 -0.62 65.62 -79.61
CA VAL K 334 0.32 65.27 -80.67
C VAL K 334 0.96 66.55 -81.20
N PRO K 335 2.28 66.60 -81.45
CA PRO K 335 2.84 67.78 -82.11
C PRO K 335 2.25 67.97 -83.49
N SER K 336 2.10 69.23 -83.88
CA SER K 336 1.55 69.61 -85.17
C SER K 336 2.31 70.85 -85.64
N PRO K 337 2.16 71.21 -86.93
CA PRO K 337 2.89 72.40 -87.42
C PRO K 337 2.35 73.72 -86.90
N MET K 338 1.30 73.72 -86.07
CA MET K 338 0.75 74.93 -85.46
C MET K 338 0.58 74.69 -83.97
N LEU K 339 1.13 75.59 -83.16
CA LEU K 339 1.06 75.50 -81.71
C LEU K 339 0.40 76.77 -81.18
N SER K 340 -0.74 76.62 -80.52
CA SER K 340 -1.46 77.74 -79.93
C SER K 340 -1.04 77.92 -78.49
N ILE K 341 -0.68 79.15 -78.14
CA ILE K 341 -0.25 79.53 -76.79
C ILE K 341 -1.23 80.57 -76.26
N SER K 342 -1.71 80.35 -75.04
CA SER K 342 -2.72 81.20 -74.43
C SER K 342 -2.23 81.66 -73.06
N ASN K 343 -2.59 82.89 -72.72
CA ASN K 343 -2.21 83.57 -71.49
C ASN K 343 -0.75 84.04 -71.53
N LEU K 344 -0.26 84.37 -72.73
CA LEU K 344 1.08 84.92 -72.89
C LEU K 344 1.02 86.09 -73.85
N THR K 345 1.71 87.18 -73.50
CA THR K 345 1.72 88.37 -74.32
C THR K 345 2.52 88.14 -75.60
N GLN K 346 2.22 88.94 -76.62
CA GLN K 346 2.90 88.79 -77.91
C GLN K 346 4.39 88.97 -77.76
N GLU K 347 4.83 89.94 -76.95
CA GLU K 347 6.26 90.17 -76.78
C GLU K 347 6.93 88.95 -76.15
N GLN K 348 6.27 88.32 -75.18
CA GLN K 348 6.85 87.15 -74.53
C GLN K 348 6.92 85.97 -75.50
N VAL K 349 5.84 85.73 -76.24
CA VAL K 349 5.86 84.65 -77.23
C VAL K 349 6.93 84.93 -78.28
N GLN K 350 7.10 86.20 -78.65
CA GLN K 350 8.08 86.55 -79.67
C GLN K 350 9.49 86.35 -79.16
N ASP K 351 9.77 86.66 -77.89
CA ASP K 351 11.11 86.42 -77.38
C ASP K 351 11.40 84.92 -77.31
N TYR K 352 10.41 84.12 -76.91
CA TYR K 352 10.61 82.67 -76.92
C TYR K 352 10.89 82.18 -78.33
N VAL K 353 10.12 82.66 -79.30
CA VAL K 353 10.30 82.26 -80.69
C VAL K 353 11.69 82.65 -81.16
N ASN K 354 12.15 83.84 -80.79
CA ASN K 354 13.46 84.30 -81.22
C ASN K 354 14.58 83.46 -80.61
N LYS K 355 14.45 83.10 -79.33
CA LYS K 355 15.48 82.26 -78.71
C LYS K 355 15.52 80.89 -79.37
N THR K 356 14.36 80.33 -79.70
CA THR K 356 14.36 79.06 -80.44
C THR K 356 14.95 79.22 -81.84
N ASN K 357 14.63 80.32 -82.53
CA ASN K 357 15.11 80.52 -83.88
C ASN K 357 16.61 80.77 -83.92
N SER K 358 17.18 81.32 -82.84
CA SER K 358 18.61 81.57 -82.81
C SER K 358 19.40 80.29 -82.99
N HIS K 359 18.93 79.20 -82.38
CA HIS K 359 19.56 77.89 -82.56
C HIS K 359 19.09 77.19 -83.82
N LEU K 360 17.81 77.29 -84.17
CA LEU K 360 17.34 76.58 -85.35
C LEU K 360 17.91 77.21 -86.62
N PRO K 361 18.02 76.44 -87.71
CA PRO K 361 18.47 77.02 -88.99
C PRO K 361 17.32 77.74 -89.69
N ALA K 362 17.68 78.39 -90.80
CA ALA K 362 16.73 79.23 -91.52
C ALA K 362 15.55 78.43 -92.06
N GLY K 363 15.82 77.23 -92.58
CA GLY K 363 14.76 76.42 -93.17
C GLY K 363 13.84 75.77 -92.17
N LYS K 364 14.19 75.81 -90.88
CA LYS K 364 13.37 75.23 -89.82
C LYS K 364 12.90 76.26 -88.81
N GLN K 365 12.86 77.53 -89.19
CA GLN K 365 12.46 78.57 -88.27
C GLN K 365 10.98 78.43 -87.93
N VAL K 366 10.59 79.04 -86.81
CA VAL K 366 9.20 79.13 -86.38
C VAL K 366 8.87 80.60 -86.20
N GLU K 367 7.67 80.99 -86.59
CA GLU K 367 7.23 82.37 -86.48
C GLU K 367 5.76 82.41 -86.07
N ILE K 368 5.36 83.52 -85.49
CA ILE K 368 3.97 83.69 -85.08
C ILE K 368 3.10 83.74 -86.33
N SER K 369 2.05 82.93 -86.34
CA SER K 369 1.16 82.79 -87.48
C SER K 369 -0.17 83.49 -87.28
N LEU K 370 -0.83 83.26 -86.14
CA LEU K 370 -2.15 83.81 -85.86
C LEU K 370 -2.07 84.58 -84.55
N VAL K 371 -2.19 85.90 -84.62
CA VAL K 371 -2.32 86.73 -83.41
C VAL K 371 -3.82 86.77 -83.12
N ASN K 372 -4.29 85.71 -82.45
CA ASN K 372 -5.72 85.60 -82.18
C ASN K 372 -6.19 86.67 -81.22
N GLY K 373 -5.36 87.03 -80.25
CA GLY K 373 -5.72 88.06 -79.30
C GLY K 373 -4.50 88.58 -78.60
N ALA K 374 -4.74 89.41 -77.59
CA ALA K 374 -3.63 89.96 -76.81
C ALA K 374 -2.87 88.85 -76.10
N LYS K 375 -3.59 87.88 -75.52
CA LYS K 375 -3.01 86.78 -74.76
C LYS K 375 -3.17 85.45 -75.47
N ASN K 376 -3.48 85.47 -76.77
CA ASN K 376 -3.73 84.26 -77.54
C ASN K 376 -2.98 84.36 -78.86
N LEU K 377 -2.04 83.45 -79.08
CA LEU K 377 -1.21 83.46 -80.27
C LEU K 377 -1.08 82.05 -80.81
N VAL K 378 -0.64 81.95 -82.06
CA VAL K 378 -0.35 80.66 -82.69
C VAL K 378 0.97 80.79 -83.44
N VAL K 379 1.88 79.86 -83.19
CA VAL K 379 3.19 79.82 -83.83
C VAL K 379 3.20 78.65 -84.81
N SER K 380 3.59 78.94 -86.05
CA SER K 380 3.62 77.93 -87.11
C SER K 380 5.06 77.68 -87.54
N GLY K 381 5.33 76.44 -87.90
CA GLY K 381 6.65 76.03 -88.32
C GLY K 381 6.75 74.52 -88.34
N PRO K 382 7.96 73.99 -88.42
CA PRO K 382 8.13 72.53 -88.38
C PRO K 382 7.56 71.97 -87.09
N PRO K 383 6.89 70.81 -87.11
CA PRO K 383 6.40 70.25 -85.85
C PRO K 383 7.51 70.00 -84.83
N GLN K 384 8.69 69.58 -85.29
CA GLN K 384 9.80 69.34 -84.39
C GLN K 384 10.31 70.66 -83.79
N SER K 385 10.37 71.71 -84.61
CA SER K 385 10.77 73.01 -84.10
C SER K 385 9.79 73.53 -83.06
N LEU K 386 8.48 73.35 -83.32
CA LEU K 386 7.49 73.75 -82.33
C LEU K 386 7.56 72.88 -81.09
N TYR K 387 7.96 71.61 -81.21
CA TYR K 387 8.17 70.79 -80.04
C TYR K 387 9.34 71.32 -79.21
N GLY K 388 10.39 71.80 -79.87
CA GLY K 388 11.50 72.42 -79.15
C GLY K 388 11.06 73.70 -78.44
N LEU K 389 10.29 74.53 -79.14
CA LEU K 389 9.70 75.70 -78.49
C LEU K 389 8.85 75.29 -77.30
N ASN K 390 8.12 74.19 -77.43
CA ASN K 390 7.27 73.72 -76.34
C ASN K 390 8.10 73.24 -75.16
N LEU K 391 9.26 72.64 -75.44
CA LEU K 391 10.18 72.26 -74.37
C LEU K 391 10.66 73.49 -73.61
N THR K 392 11.03 74.54 -74.35
CA THR K 392 11.44 75.78 -73.69
C THR K 392 10.30 76.37 -72.87
N LEU K 393 9.08 76.37 -73.43
CA LEU K 393 7.93 76.90 -72.72
C LEU K 393 7.63 76.09 -71.46
N ARG K 394 7.78 74.77 -71.54
CA ARG K 394 7.60 73.93 -70.36
C ARG K 394 8.63 74.26 -69.29
N LYS K 395 9.88 74.49 -69.71
CA LYS K 395 10.90 74.90 -68.75
C LYS K 395 10.54 76.22 -68.10
N ALA K 396 9.88 77.12 -68.84
CA ALA K 396 9.52 78.43 -68.31
C ALA K 396 8.11 78.48 -67.71
N LYS K 397 7.41 77.36 -67.65
CA LYS K 397 6.00 77.31 -67.27
C LYS K 397 5.84 76.73 -65.87
N ALA K 398 4.98 77.35 -65.08
CA ALA K 398 4.66 76.83 -63.75
C ALA K 398 3.59 75.74 -63.85
N PRO K 399 3.51 74.84 -62.86
CA PRO K 399 2.40 73.90 -62.83
C PRO K 399 1.06 74.61 -62.71
N SER K 400 0.04 74.04 -63.33
CA SER K 400 -1.30 74.62 -63.23
C SER K 400 -1.80 74.59 -61.79
N GLY K 401 -1.52 73.51 -61.07
CA GLY K 401 -1.95 73.39 -59.69
C GLY K 401 -0.94 73.90 -58.69
N LEU K 402 -0.31 75.03 -58.99
CA LEU K 402 0.63 75.70 -58.07
C LEU K 402 -0.13 76.84 -57.41
N ASP K 403 -0.49 76.65 -56.15
CA ASP K 403 -1.22 77.66 -55.39
C ASP K 403 -0.27 78.80 -55.05
N GLN K 404 -0.39 79.91 -55.78
CA GLN K 404 0.47 81.07 -55.61
C GLN K 404 -0.23 82.20 -54.85
N SER K 405 -1.33 81.90 -54.17
CA SER K 405 -2.08 82.95 -53.47
C SER K 405 -1.26 83.61 -52.37
N ARG K 406 -0.28 82.90 -51.82
CA ARG K 406 0.56 83.43 -50.75
C ARG K 406 1.80 84.16 -51.27
N ILE K 407 2.01 84.18 -52.58
CA ILE K 407 3.19 84.82 -53.17
C ILE K 407 2.77 86.19 -53.69
N PRO K 408 3.63 87.21 -53.62
CA PRO K 408 3.24 88.51 -54.20
C PRO K 408 3.03 88.41 -55.70
N PHE K 409 2.13 89.27 -56.20
CA PHE K 409 1.74 89.20 -57.60
C PHE K 409 2.92 89.41 -58.54
N SER K 410 3.80 90.36 -58.22
CA SER K 410 4.97 90.59 -59.06
C SER K 410 5.89 89.38 -59.09
N GLU K 411 6.09 88.74 -57.93
CA GLU K 411 7.00 87.61 -57.83
C GLU K 411 6.42 86.31 -58.38
N ARG K 412 5.15 86.30 -58.78
CA ARG K 412 4.51 85.07 -59.24
C ARG K 412 5.09 84.62 -60.57
N LYS K 413 5.40 83.33 -60.67
CA LYS K 413 5.82 82.74 -61.93
C LYS K 413 4.63 82.73 -62.87
N LEU K 414 4.86 83.24 -64.08
CA LEU K 414 3.81 83.27 -65.09
C LEU K 414 3.36 81.86 -65.45
N LYS K 415 2.06 81.70 -65.65
CA LYS K 415 1.46 80.43 -66.05
C LYS K 415 0.67 80.64 -67.33
N PHE K 416 0.77 79.67 -68.24
CA PHE K 416 0.09 79.75 -69.52
C PHE K 416 -0.21 78.34 -70.01
N SER K 417 -1.02 78.25 -71.06
CA SER K 417 -1.44 76.97 -71.62
C SER K 417 -1.05 76.91 -73.09
N ASN K 418 -0.27 75.90 -73.48
CA ASN K 418 0.15 75.69 -74.85
C ASN K 418 -0.34 74.33 -75.33
N ARG K 419 -1.00 74.32 -76.49
CA ARG K 419 -1.51 73.08 -77.06
C ARG K 419 -1.39 73.16 -78.58
N PHE K 420 -1.14 72.01 -79.19
CA PHE K 420 -0.97 71.93 -80.63
C PHE K 420 -2.33 71.88 -81.31
N LEU K 421 -2.51 72.67 -82.36
CA LEU K 421 -3.78 72.71 -83.05
C LEU K 421 -3.97 71.47 -83.90
N PRO K 422 -5.23 71.08 -84.19
CA PRO K 422 -5.46 70.04 -85.20
C PRO K 422 -5.28 70.59 -86.61
N VAL K 423 -4.02 70.70 -87.03
CA VAL K 423 -3.66 71.16 -88.36
C VAL K 423 -2.58 70.23 -88.89
N ALA K 424 -2.46 70.16 -90.21
CA ALA K 424 -1.52 69.26 -90.87
C ALA K 424 -0.40 69.97 -91.60
N SER K 425 -0.49 71.28 -91.81
CA SER K 425 0.57 72.05 -92.44
C SER K 425 0.82 73.34 -91.66
N PRO K 426 2.02 73.90 -91.76
CA PRO K 426 2.34 75.16 -91.03
C PRO K 426 1.90 76.41 -91.80
N PHE K 427 0.65 76.79 -91.63
CA PHE K 427 0.13 77.95 -92.35
C PHE K 427 0.79 79.24 -91.85
N HIS K 428 0.82 80.24 -92.73
CA HIS K 428 1.42 81.54 -92.42
C HIS K 428 2.87 81.40 -92.01
N SER K 429 3.61 80.55 -92.71
CA SER K 429 5.00 80.29 -92.44
C SER K 429 5.81 80.46 -93.71
N HIS K 430 7.12 80.66 -93.53
CA HIS K 430 8.04 80.64 -94.65
C HIS K 430 8.03 79.30 -95.37
N LEU K 431 7.60 78.24 -94.68
CA LEU K 431 7.65 76.89 -95.26
C LEU K 431 6.71 76.76 -96.45
N LEU K 432 5.53 77.37 -96.41
CA LEU K 432 4.57 77.31 -97.50
C LEU K 432 4.74 78.44 -98.50
N VAL K 433 5.75 79.30 -98.32
CA VAL K 433 5.97 80.39 -99.28
C VAL K 433 6.19 79.88 -100.69
N PRO K 434 6.95 78.81 -100.94
CA PRO K 434 7.15 78.36 -102.32
C PRO K 434 5.85 78.00 -103.04
N ALA K 435 4.80 77.65 -102.29
CA ALA K 435 3.55 77.26 -102.92
C ALA K 435 2.76 78.44 -103.47
N SER K 436 3.12 79.67 -103.07
CA SER K 436 2.29 80.83 -103.40
C SER K 436 2.24 81.09 -104.90
N ASP K 437 3.42 81.13 -105.55
CA ASP K 437 3.46 81.42 -106.97
C ASP K 437 2.79 80.30 -107.77
N LEU K 438 2.99 79.06 -107.35
CA LEU K 438 2.33 77.93 -107.99
C LEU K 438 0.82 78.05 -107.87
N ILE K 439 0.35 78.47 -106.70
CA ILE K 439 -1.09 78.66 -106.49
C ILE K 439 -1.62 79.73 -107.43
N ASN K 440 -0.90 80.85 -107.52
CA ASN K 440 -1.36 81.95 -108.37
C ASN K 440 -1.42 81.52 -109.83
N LYS K 441 -0.39 80.82 -110.29
CA LYS K 441 -0.40 80.32 -111.66
C LYS K 441 -1.54 79.33 -111.88
N ASP K 442 -1.80 78.48 -110.89
CA ASP K 442 -2.87 77.50 -111.01
C ASP K 442 -4.23 78.18 -111.09
N LEU K 443 -4.42 79.25 -110.32
CA LEU K 443 -5.68 80.00 -110.39
C LEU K 443 -5.83 80.65 -111.76
N VAL K 444 -4.76 81.26 -112.27
CA VAL K 444 -4.83 81.85 -113.60
C VAL K 444 -5.10 80.80 -114.67
N LYS K 445 -4.64 79.57 -114.47
CA LYS K 445 -4.95 78.50 -115.42
C LYS K 445 -6.41 78.06 -115.28
N ASN K 446 -6.79 77.52 -114.13
CA ASN K 446 -8.18 77.23 -113.80
C ASN K 446 -8.77 78.50 -113.20
N ASN K 447 -9.01 79.48 -114.08
CA ASN K 447 -9.30 80.87 -113.75
C ASN K 447 -10.25 81.05 -112.57
N VAL K 448 -9.72 81.65 -111.50
CA VAL K 448 -10.51 82.09 -110.36
C VAL K 448 -9.99 83.46 -109.94
N SER K 449 -10.71 84.51 -110.32
CA SER K 449 -10.31 85.89 -110.04
C SER K 449 -11.42 86.56 -109.26
N PHE K 450 -11.04 87.36 -108.27
CA PHE K 450 -11.97 88.16 -107.50
C PHE K 450 -11.74 89.63 -107.86
N ASN K 451 -12.78 90.29 -108.34
CA ASN K 451 -12.71 91.66 -108.81
C ASN K 451 -13.41 92.58 -107.81
N ALA K 452 -12.74 93.70 -107.48
CA ALA K 452 -13.29 94.62 -106.50
C ALA K 452 -14.67 95.12 -106.91
N LYS K 453 -14.88 95.30 -108.22
CA LYS K 453 -16.20 95.72 -108.70
C LYS K 453 -17.24 94.64 -108.46
N ASP K 454 -16.87 93.37 -108.65
CA ASP K 454 -17.81 92.29 -108.42
C ASP K 454 -18.12 92.14 -106.93
N ILE K 455 -17.13 92.37 -106.08
CA ILE K 455 -17.37 92.39 -104.63
C ILE K 455 -18.13 93.66 -104.27
N GLN K 456 -19.21 93.51 -103.51
CA GLN K 456 -20.08 94.64 -103.14
C GLN K 456 -20.26 94.77 -101.64
N ILE K 457 -19.44 94.10 -100.83
CA ILE K 457 -19.34 94.42 -99.41
C ILE K 457 -17.88 94.42 -99.00
N PRO K 458 -17.52 95.21 -97.99
CA PRO K 458 -16.12 95.21 -97.56
C PRO K 458 -15.69 93.85 -97.06
N VAL K 459 -14.48 93.45 -97.42
CA VAL K 459 -13.86 92.22 -96.93
C VAL K 459 -12.57 92.62 -96.23
N TYR K 460 -12.49 92.32 -94.94
CA TYR K 460 -11.41 92.83 -94.11
C TYR K 460 -10.19 91.93 -94.22
N ASP K 461 -9.05 92.52 -94.54
CA ASP K 461 -7.81 91.76 -94.71
C ASP K 461 -7.40 91.09 -93.40
N THR K 462 -6.76 89.93 -93.53
CA THR K 462 -6.32 89.21 -92.34
C THR K 462 -5.07 89.84 -91.73
N PHE K 463 -4.23 90.46 -92.55
CA PHE K 463 -2.98 91.05 -92.05
C PHE K 463 -3.21 92.43 -91.46
N ASP K 464 -3.64 93.39 -92.29
CA ASP K 464 -3.76 94.77 -91.87
C ASP K 464 -5.19 95.26 -91.68
N GLY K 465 -6.19 94.42 -91.94
CA GLY K 465 -7.57 94.82 -91.80
C GLY K 465 -8.11 95.69 -92.91
N SER K 466 -7.27 96.09 -93.86
CA SER K 466 -7.73 96.94 -94.95
C SER K 466 -8.73 96.18 -95.82
N ASP K 467 -9.66 96.92 -96.40
CA ASP K 467 -10.64 96.32 -97.29
C ASP K 467 -9.94 95.80 -98.55
N LEU K 468 -10.36 94.62 -99.00
CA LEU K 468 -9.76 94.04 -100.20
C LEU K 468 -10.22 94.72 -101.47
N ARG K 469 -11.34 95.46 -101.44
CA ARG K 469 -11.80 96.16 -102.62
C ARG K 469 -10.81 97.22 -103.06
N VAL K 470 -10.28 98.01 -102.11
CA VAL K 470 -9.41 99.13 -102.46
C VAL K 470 -7.97 98.70 -102.71
N LEU K 471 -7.69 97.40 -102.71
CA LEU K 471 -6.34 96.95 -102.99
C LEU K 471 -6.04 97.02 -104.48
N SER K 472 -4.92 97.64 -104.82
CA SER K 472 -4.53 97.76 -106.24
C SER K 472 -4.18 96.41 -106.82
N GLY K 473 -3.51 95.55 -106.06
CA GLY K 473 -3.08 94.26 -106.57
C GLY K 473 -4.21 93.26 -106.70
N SER K 474 -3.84 92.05 -107.10
CA SER K 474 -4.83 90.99 -107.29
C SER K 474 -5.35 90.52 -105.94
N ILE K 475 -6.69 90.49 -105.82
CA ILE K 475 -7.31 90.07 -104.57
C ILE K 475 -7.05 88.60 -104.31
N SER K 476 -7.08 87.77 -105.36
CA SER K 476 -6.79 86.35 -105.19
C SER K 476 -5.37 86.14 -104.69
N GLU K 477 -4.40 86.88 -105.27
CA GLU K 477 -3.03 86.76 -104.81
C GLU K 477 -2.91 87.17 -103.35
N ARG K 478 -3.46 88.34 -103.02
CA ARG K 478 -3.41 88.83 -101.63
C ARG K 478 -4.00 87.80 -100.68
N ILE K 479 -5.12 87.19 -101.06
CA ILE K 479 -5.71 86.14 -100.23
C ILE K 479 -4.71 85.01 -100.03
N VAL K 480 -4.03 84.60 -101.11
CA VAL K 480 -3.12 83.47 -101.02
C VAL K 480 -1.95 83.78 -100.08
N ASP K 481 -1.34 84.96 -100.21
CA ASP K 481 -0.30 85.34 -99.27
C ASP K 481 -0.84 85.44 -97.84
N CYS K 482 -2.10 85.85 -97.69
CA CYS K 482 -2.68 85.89 -96.34
C CYS K 482 -2.72 84.49 -95.73
N ILE K 483 -3.13 83.49 -96.52
CA ILE K 483 -3.25 82.14 -95.97
C ILE K 483 -1.86 81.53 -95.73
N ILE K 484 -0.94 81.67 -96.69
CA ILE K 484 0.28 80.87 -96.68
C ILE K 484 1.47 81.62 -96.10
N ARG K 485 1.59 82.93 -96.32
CA ARG K 485 2.79 83.70 -95.97
C ARG K 485 2.54 84.64 -94.80
N LEU K 486 1.56 85.53 -94.90
CA LEU K 486 1.41 86.56 -93.88
C LEU K 486 0.68 86.01 -92.66
N PRO K 487 0.95 86.56 -91.47
CA PRO K 487 0.18 86.14 -90.30
C PRO K 487 -1.19 86.78 -90.27
N VAL K 488 -2.03 86.25 -89.38
CA VAL K 488 -3.40 86.74 -89.20
C VAL K 488 -3.39 87.58 -87.92
N LYS K 489 -3.60 88.89 -88.07
CA LYS K 489 -3.75 89.79 -86.93
C LYS K 489 -5.24 90.02 -86.69
N TRP K 490 -5.84 89.05 -86.00
CA TRP K 490 -7.29 89.01 -85.88
C TRP K 490 -7.84 90.22 -85.17
N GLU K 491 -7.14 90.71 -84.15
CA GLU K 491 -7.56 91.94 -83.50
C GLU K 491 -7.54 93.11 -84.49
N THR K 492 -6.50 93.18 -85.33
CA THR K 492 -6.41 94.26 -86.30
C THR K 492 -7.50 94.17 -87.35
N THR K 493 -8.00 92.96 -87.63
CA THR K 493 -9.18 92.84 -88.49
C THR K 493 -10.48 93.12 -87.75
N THR K 494 -10.47 92.98 -86.42
CA THR K 494 -11.65 93.09 -85.59
C THR K 494 -12.00 94.54 -85.24
N GLN K 495 -11.46 95.51 -85.99
CA GLN K 495 -11.75 96.91 -85.72
C GLN K 495 -13.07 97.38 -86.33
N PHE K 496 -13.75 96.54 -87.11
CA PHE K 496 -15.01 96.95 -87.70
C PHE K 496 -16.05 97.18 -86.60
N LYS K 497 -16.91 98.17 -86.81
CA LYS K 497 -18.00 98.47 -85.89
C LYS K 497 -19.22 97.65 -86.31
N ALA K 498 -19.57 96.65 -85.50
CA ALA K 498 -20.73 95.83 -85.78
C ALA K 498 -21.33 95.37 -84.46
N THR K 499 -22.65 95.20 -84.46
CA THR K 499 -23.37 94.74 -83.28
C THR K 499 -23.56 93.23 -83.26
N HIS K 500 -23.47 92.57 -84.41
CA HIS K 500 -23.71 91.15 -84.51
C HIS K 500 -22.71 90.51 -85.48
N ILE K 501 -22.12 89.40 -85.05
CA ILE K 501 -21.14 88.66 -85.83
C ILE K 501 -21.60 87.23 -85.99
N LEU K 502 -21.79 86.80 -87.24
CA LEU K 502 -22.20 85.44 -87.57
C LEU K 502 -20.98 84.61 -87.90
N ASP K 503 -20.73 83.56 -87.12
CA ASP K 503 -19.58 82.68 -87.31
C ASP K 503 -20.02 81.43 -88.06
N PHE K 504 -19.57 81.31 -89.31
CA PHE K 504 -19.90 80.16 -90.16
C PHE K 504 -18.81 79.10 -90.19
N GLY K 505 -17.78 79.22 -89.37
CA GLY K 505 -16.64 78.34 -89.45
C GLY K 505 -16.92 76.99 -88.83
N PRO K 506 -15.94 76.10 -88.94
CA PRO K 506 -16.03 74.83 -88.22
C PRO K 506 -15.74 75.04 -86.73
N GLY K 507 -15.95 73.97 -85.97
CA GLY K 507 -15.67 73.94 -84.55
C GLY K 507 -16.86 74.22 -83.67
N GLY K 508 -17.84 74.98 -84.16
CA GLY K 508 -18.98 75.32 -83.34
C GLY K 508 -18.56 76.12 -82.13
N ALA K 509 -18.76 75.55 -80.94
CA ALA K 509 -18.38 76.24 -79.71
C ALA K 509 -16.87 76.43 -79.62
N SER K 510 -16.09 75.55 -80.27
CA SER K 510 -14.65 75.66 -80.29
C SER K 510 -14.14 76.45 -81.48
N GLY K 511 -15.02 77.02 -82.29
CA GLY K 511 -14.63 77.65 -83.52
C GLY K 511 -14.21 79.10 -83.36
N LEU K 512 -14.18 79.79 -84.50
CA LEU K 512 -13.77 81.19 -84.53
C LEU K 512 -14.74 82.10 -83.80
N GLY K 513 -16.01 81.70 -83.70
CA GLY K 513 -17.01 82.59 -83.12
C GLY K 513 -16.75 82.88 -81.66
N VAL K 514 -16.48 81.85 -80.87
CA VAL K 514 -16.27 82.05 -79.44
C VAL K 514 -14.97 82.81 -79.20
N LEU K 515 -13.94 82.57 -80.02
CA LEU K 515 -12.71 83.36 -79.91
C LEU K 515 -12.99 84.83 -80.18
N THR K 516 -13.74 85.13 -81.24
CA THR K 516 -14.07 86.51 -81.54
C THR K 516 -14.90 87.13 -80.42
N HIS K 517 -15.83 86.35 -79.84
CA HIS K 517 -16.61 86.84 -78.72
C HIS K 517 -15.73 87.17 -77.54
N ARG K 518 -14.76 86.31 -77.24
CA ARG K 518 -13.85 86.59 -76.12
C ARG K 518 -13.02 87.83 -76.39
N ASN K 519 -12.59 88.02 -77.64
CA ASN K 519 -11.84 89.23 -77.98
C ASN K 519 -12.69 90.47 -77.82
N LYS K 520 -13.94 90.42 -78.27
CA LYS K 520 -14.82 91.58 -78.33
C LYS K 520 -15.74 91.70 -77.11
N ASP K 521 -15.54 90.89 -76.08
CA ASP K 521 -16.46 90.85 -74.95
C ASP K 521 -16.54 92.19 -74.26
N GLY K 522 -17.76 92.62 -73.94
CA GLY K 522 -18.00 93.87 -73.25
C GLY K 522 -18.14 95.08 -74.13
N THR K 523 -17.86 94.96 -75.44
CA THR K 523 -18.01 96.05 -76.37
C THR K 523 -19.38 96.11 -77.01
N GLY K 524 -20.31 95.26 -76.57
CA GLY K 524 -21.65 95.27 -77.12
C GLY K 524 -21.82 94.54 -78.43
N VAL K 525 -20.97 93.55 -78.69
CA VAL K 525 -21.03 92.75 -79.91
C VAL K 525 -21.44 91.34 -79.53
N ARG K 526 -22.53 90.88 -80.13
CA ARG K 526 -23.03 89.52 -79.92
C ARG K 526 -22.55 88.65 -81.06
N VAL K 527 -21.97 87.49 -80.71
CA VAL K 527 -21.53 86.50 -81.68
C VAL K 527 -22.52 85.36 -81.70
N ILE K 528 -22.92 84.94 -82.89
CA ILE K 528 -23.83 83.83 -83.09
C ILE K 528 -23.10 82.76 -83.90
N VAL K 529 -23.00 81.56 -83.34
CA VAL K 529 -22.38 80.44 -84.02
C VAL K 529 -23.38 79.85 -85.00
N ALA K 530 -23.35 80.32 -86.25
CA ALA K 530 -24.35 79.95 -87.23
C ALA K 530 -24.31 78.49 -87.64
N GLY K 531 -23.25 77.77 -87.30
CA GLY K 531 -23.08 76.40 -87.72
C GLY K 531 -23.44 75.33 -86.72
N THR K 532 -23.90 75.70 -85.53
CA THR K 532 -24.19 74.74 -84.48
C THR K 532 -25.51 75.06 -83.80
N LEU K 533 -26.28 74.01 -83.49
CA LEU K 533 -27.49 74.11 -82.68
C LEU K 533 -27.12 73.58 -81.30
N ASP K 534 -27.00 74.49 -80.34
CA ASP K 534 -26.69 74.12 -78.96
C ASP K 534 -27.10 75.29 -78.08
N ILE K 535 -27.10 75.04 -76.77
CA ILE K 535 -27.46 76.03 -75.77
C ILE K 535 -26.20 76.47 -75.03
N ASN K 536 -25.97 77.78 -75.01
CA ASN K 536 -24.89 78.35 -74.21
C ASN K 536 -25.45 78.67 -72.83
N PRO K 537 -25.02 78.00 -71.75
CA PRO K 537 -25.61 78.30 -70.44
C PRO K 537 -25.42 79.74 -70.02
N ASP K 538 -24.29 80.34 -70.34
CA ASP K 538 -24.05 81.74 -70.01
C ASP K 538 -24.87 82.69 -70.88
N ASP K 539 -25.28 82.25 -72.07
CA ASP K 539 -26.01 83.09 -73.02
C ASP K 539 -25.20 84.32 -73.41
N ASP K 540 -23.87 84.21 -73.41
CA ASP K 540 -23.02 85.30 -73.83
C ASP K 540 -22.66 85.25 -75.31
N TYR K 541 -23.07 84.21 -76.03
CA TYR K 541 -22.96 84.18 -77.48
C TYR K 541 -24.08 83.29 -78.02
N GLY K 542 -24.56 83.65 -79.20
CA GLY K 542 -25.70 82.98 -79.78
C GLY K 542 -25.36 81.67 -80.44
N PHE K 543 -26.39 81.04 -81.01
CA PHE K 543 -26.26 79.78 -81.71
C PHE K 543 -27.15 79.83 -82.94
N LYS K 544 -27.20 78.72 -83.68
CA LYS K 544 -27.90 78.71 -84.97
C LYS K 544 -29.36 79.12 -84.83
N GLN K 545 -29.98 78.81 -83.69
CA GLN K 545 -31.39 79.14 -83.52
C GLN K 545 -31.62 80.65 -83.43
N GLU K 546 -30.66 81.39 -82.91
CA GLU K 546 -30.85 82.83 -82.73
C GLU K 546 -30.95 83.55 -84.06
N ILE K 547 -30.40 82.96 -85.12
CA ILE K 547 -30.49 83.59 -86.44
C ILE K 547 -31.91 83.50 -86.98
N PHE K 548 -32.55 82.35 -86.78
CA PHE K 548 -33.87 82.10 -87.35
C PHE K 548 -35.02 82.46 -86.42
N ASP K 549 -34.75 82.73 -85.15
CA ASP K 549 -35.84 83.08 -84.24
C ASP K 549 -36.49 84.39 -84.65
N VAL K 550 -37.82 84.44 -84.51
CA VAL K 550 -38.61 85.57 -85.00
C VAL K 550 -39.09 86.42 -83.83
N THR K 551 -39.09 85.87 -82.62
CA THR K 551 -39.53 86.59 -81.44
C THR K 551 -38.41 87.53 -80.98
N SER K 552 -38.61 88.17 -79.83
CA SER K 552 -37.57 89.03 -79.28
C SER K 552 -36.34 88.26 -78.85
N ASN K 553 -36.44 86.94 -78.70
CA ASN K 553 -35.27 86.15 -78.33
C ASN K 553 -34.19 86.19 -79.40
N GLY K 554 -34.60 86.24 -80.67
CA GLY K 554 -33.63 86.27 -81.74
C GLY K 554 -32.76 87.51 -81.71
N LEU K 555 -33.35 88.65 -81.34
CA LEU K 555 -32.62 89.91 -81.26
C LEU K 555 -32.03 90.06 -79.87
N LYS K 556 -30.82 89.54 -79.69
CA LYS K 556 -30.07 89.66 -78.44
C LYS K 556 -28.91 90.61 -78.67
N LYS K 557 -28.85 91.67 -77.86
CA LYS K 557 -27.75 92.62 -77.89
C LYS K 557 -26.81 92.31 -76.73
N ASN K 558 -25.53 92.12 -77.04
CA ASN K 558 -24.56 91.86 -75.99
C ASN K 558 -24.41 93.10 -75.12
N PRO K 559 -24.14 92.96 -73.82
CA PRO K 559 -23.97 94.15 -72.98
C PRO K 559 -22.76 94.98 -73.42
N ASN K 560 -22.95 96.30 -73.43
CA ASN K 560 -21.87 97.27 -73.65
C ASN K 560 -21.64 97.97 -72.33
N TRP K 561 -20.47 97.73 -71.72
CA TRP K 561 -20.23 98.17 -70.35
C TRP K 561 -20.22 99.69 -70.25
N LEU K 562 -19.57 100.37 -71.21
CA LEU K 562 -19.53 101.83 -71.17
C LEU K 562 -20.92 102.45 -71.27
N GLU K 563 -21.85 101.77 -71.95
CA GLU K 563 -23.21 102.28 -72.08
C GLU K 563 -24.09 101.78 -70.94
N GLU K 564 -24.15 100.46 -70.74
CA GLU K 564 -25.10 99.89 -69.80
C GLU K 564 -24.78 100.34 -68.37
N TYR K 565 -23.49 100.34 -68.01
CA TYR K 565 -23.04 100.78 -66.69
C TYR K 565 -22.49 102.20 -66.73
N HIS K 566 -23.03 103.02 -67.60
CA HIS K 566 -22.58 104.40 -67.75
C HIS K 566 -22.86 105.19 -66.49
N PRO K 567 -21.86 105.83 -65.87
CA PRO K 567 -22.19 106.76 -64.77
C PRO K 567 -22.91 107.98 -65.31
N LYS K 568 -23.81 108.53 -64.51
CA LYS K 568 -24.62 109.67 -64.90
C LYS K 568 -24.87 110.55 -63.69
N LEU K 569 -25.29 111.78 -63.95
CA LEU K 569 -25.65 112.73 -62.92
C LEU K 569 -27.16 112.81 -62.81
N ILE K 570 -27.66 112.87 -61.57
CA ILE K 570 -29.08 113.03 -61.32
C ILE K 570 -29.24 113.96 -60.12
N LYS K 571 -30.32 114.74 -60.15
CA LYS K 571 -30.63 115.68 -59.09
C LYS K 571 -32.03 115.39 -58.57
N ASN K 572 -32.16 115.44 -57.24
CA ASN K 572 -33.45 115.20 -56.60
C ASN K 572 -34.24 116.52 -56.63
N LYS K 573 -35.36 116.55 -55.89
CA LYS K 573 -36.18 117.75 -55.86
C LYS K 573 -35.42 118.95 -55.31
N SER K 574 -34.60 118.73 -54.28
CA SER K 574 -33.81 119.80 -53.70
C SER K 574 -32.69 120.29 -54.62
N GLY K 575 -32.42 119.58 -55.71
CA GLY K 575 -31.34 119.94 -56.60
C GLY K 575 -29.98 119.40 -56.20
N LYS K 576 -29.92 118.48 -55.24
CA LYS K 576 -28.65 117.86 -54.86
C LYS K 576 -28.21 116.92 -55.96
N ILE K 577 -27.04 117.20 -56.55
CA ILE K 577 -26.54 116.41 -57.67
C ILE K 577 -25.91 115.14 -57.12
N PHE K 578 -26.48 113.99 -57.48
CA PHE K 578 -25.90 112.70 -57.16
C PHE K 578 -25.17 112.14 -58.38
N VAL K 579 -24.12 111.37 -58.13
CA VAL K 579 -23.47 110.59 -59.17
C VAL K 579 -24.32 109.35 -59.39
N GLU K 580 -25.21 109.39 -60.38
CA GLU K 580 -26.11 108.28 -60.62
C GLU K 580 -25.31 107.05 -61.04
N THR K 581 -25.44 105.99 -60.26
CA THR K 581 -24.73 104.76 -60.50
C THR K 581 -25.60 103.63 -59.96
N LYS K 582 -25.22 102.38 -60.23
CA LYS K 582 -26.00 101.27 -59.70
C LYS K 582 -26.04 101.28 -58.18
N PHE K 583 -24.87 101.38 -57.56
CA PHE K 583 -24.80 101.39 -56.10
C PHE K 583 -25.50 102.60 -55.51
N SER K 584 -25.27 103.78 -56.12
CA SER K 584 -25.92 105.00 -55.63
C SER K 584 -27.43 104.93 -55.81
N LYS K 585 -27.89 104.33 -56.90
CA LYS K 585 -29.32 104.19 -57.13
C LYS K 585 -29.94 103.28 -56.08
N LEU K 586 -29.22 102.23 -55.70
CA LEU K 586 -29.74 101.34 -54.66
C LEU K 586 -29.78 102.05 -53.30
N ILE K 587 -28.69 102.71 -52.91
CA ILE K 587 -28.58 103.22 -51.54
C ILE K 587 -29.13 104.63 -51.37
N GLY K 588 -29.52 105.31 -52.45
CA GLY K 588 -30.03 106.66 -52.32
C GLY K 588 -29.00 107.64 -51.78
N ARG K 589 -27.73 107.40 -52.05
CA ARG K 589 -26.66 108.24 -51.55
C ARG K 589 -25.52 108.19 -52.56
N PRO K 590 -24.52 109.05 -52.42
CA PRO K 590 -23.41 109.03 -53.36
C PRO K 590 -22.71 107.68 -53.35
N PRO K 591 -22.09 107.27 -54.49
CA PRO K 591 -21.46 105.95 -54.57
C PRO K 591 -20.08 105.89 -53.92
N LEU K 592 -19.97 106.46 -52.72
CA LEU K 592 -18.74 106.53 -51.96
C LEU K 592 -19.05 106.09 -50.54
N LEU K 593 -18.28 105.15 -50.02
CA LEU K 593 -18.53 104.58 -48.71
C LEU K 593 -17.23 104.50 -47.93
N VAL K 594 -17.36 104.53 -46.61
CA VAL K 594 -16.23 104.33 -45.70
C VAL K 594 -16.28 102.88 -45.24
N PRO K 595 -15.32 102.03 -45.63
CA PRO K 595 -15.42 100.62 -45.27
C PRO K 595 -15.17 100.41 -43.78
N GLY K 596 -15.62 99.26 -43.29
CA GLY K 596 -15.34 98.90 -41.91
C GLY K 596 -13.85 98.87 -41.65
N MET K 597 -13.41 99.66 -40.68
CA MET K 597 -11.99 99.81 -40.36
C MET K 597 -11.80 99.70 -38.85
N THR K 598 -11.16 98.62 -38.43
CA THR K 598 -10.76 98.47 -37.04
C THR K 598 -9.41 99.16 -36.82
N PRO K 599 -9.32 100.17 -35.94
CA PRO K 599 -10.31 100.78 -35.04
C PRO K 599 -10.94 102.08 -35.53
N CYS K 600 -10.76 102.46 -36.81
CA CYS K 600 -11.18 103.79 -37.25
C CYS K 600 -12.69 103.93 -37.24
N THR K 601 -13.40 102.98 -37.87
CA THR K 601 -14.86 103.02 -37.86
C THR K 601 -15.46 102.36 -36.63
N VAL K 602 -14.62 101.82 -35.74
CA VAL K 602 -15.12 101.28 -34.47
C VAL K 602 -15.81 102.38 -33.67
N SER K 603 -15.29 103.59 -33.73
CA SER K 603 -15.85 104.69 -32.97
C SER K 603 -17.27 104.97 -33.44
N PRO K 604 -18.28 104.93 -32.55
CA PRO K 604 -19.62 105.36 -32.98
C PRO K 604 -19.65 106.80 -33.48
N ASP K 605 -18.79 107.67 -32.93
CA ASP K 605 -18.80 109.07 -33.34
C ASP K 605 -18.47 109.24 -34.80
N PHE K 606 -17.44 108.53 -35.28
CA PHE K 606 -17.04 108.66 -36.67
C PHE K 606 -18.09 108.09 -37.61
N VAL K 607 -18.70 106.97 -37.22
CA VAL K 607 -19.77 106.38 -38.03
C VAL K 607 -20.94 107.35 -38.12
N ALA K 608 -21.34 107.93 -36.99
CA ALA K 608 -22.43 108.90 -37.00
C ALA K 608 -22.07 110.13 -37.82
N ALA K 609 -20.82 110.59 -37.72
CA ALA K 609 -20.42 111.78 -38.47
C ALA K 609 -20.44 111.52 -39.97
N THR K 610 -19.98 110.36 -40.40
CA THR K 610 -20.05 110.02 -41.82
C THR K 610 -21.49 109.91 -42.29
N THR K 611 -22.35 109.28 -41.47
CA THR K 611 -23.75 109.16 -41.85
C THR K 611 -24.40 110.55 -41.96
N ASN K 612 -24.11 111.44 -41.01
CA ASN K 612 -24.64 112.80 -41.08
C ASN K 612 -24.12 113.53 -42.31
N ALA K 613 -22.84 113.35 -42.64
CA ALA K 613 -22.30 113.88 -43.87
C ALA K 613 -23.03 113.35 -45.10
N GLY K 614 -23.59 112.14 -45.01
CA GLY K 614 -24.41 111.60 -46.07
C GLY K 614 -23.71 110.57 -46.92
N TYR K 615 -22.76 109.84 -46.36
CA TYR K 615 -22.00 108.84 -47.08
C TYR K 615 -22.02 107.55 -46.29
N THR K 616 -22.12 106.43 -47.00
CA THR K 616 -22.26 105.13 -46.35
C THR K 616 -21.03 104.80 -45.54
N ILE K 617 -21.25 104.19 -44.37
CA ILE K 617 -20.17 103.80 -43.48
C ILE K 617 -20.58 102.52 -42.74
N GLU K 618 -19.58 101.69 -42.46
CA GLU K 618 -19.74 100.43 -41.78
C GLU K 618 -19.12 100.53 -40.39
N LEU K 619 -19.93 100.28 -39.35
CA LEU K 619 -19.44 100.17 -37.98
C LEU K 619 -18.67 98.86 -37.89
N ALA K 620 -17.39 98.94 -37.54
CA ALA K 620 -16.54 97.76 -37.53
C ALA K 620 -16.73 97.00 -36.23
N GLY K 621 -16.93 95.68 -36.33
CA GLY K 621 -17.01 94.84 -35.16
C GLY K 621 -15.69 94.36 -34.63
N GLY K 622 -14.58 94.69 -35.31
CA GLY K 622 -13.28 94.25 -34.84
C GLY K 622 -12.92 94.80 -33.48
N GLY K 623 -13.41 96.00 -33.16
CA GLY K 623 -13.24 96.60 -31.86
C GLY K 623 -14.32 96.25 -30.86
N TYR K 624 -15.11 95.22 -31.14
CA TYR K 624 -16.19 94.79 -30.25
C TYR K 624 -16.13 93.28 -30.08
N PHE K 625 -16.33 92.84 -28.84
CA PHE K 625 -16.18 91.45 -28.47
C PHE K 625 -17.43 90.86 -27.84
N SER K 626 -18.48 91.65 -27.66
CA SER K 626 -19.72 91.14 -27.11
C SER K 626 -20.89 91.87 -27.75
N ALA K 627 -22.02 91.16 -27.80
CA ALA K 627 -23.24 91.76 -28.30
C ALA K 627 -23.63 92.99 -27.50
N ALA K 628 -23.34 93.01 -26.20
CA ALA K 628 -23.63 94.20 -25.40
C ALA K 628 -22.81 95.40 -25.86
N GLY K 629 -21.52 95.20 -26.11
CA GLY K 629 -20.69 96.30 -26.56
C GLY K 629 -21.11 96.83 -27.92
N MET K 630 -21.38 95.91 -28.86
CA MET K 630 -21.92 96.33 -30.15
C MET K 630 -23.27 97.01 -30.03
N THR K 631 -24.15 96.51 -29.15
CA THR K 631 -25.45 97.14 -29.00
C THR K 631 -25.29 98.56 -28.47
N ALA K 632 -24.39 98.76 -27.50
CA ALA K 632 -24.15 100.10 -26.98
C ALA K 632 -23.62 101.01 -28.08
N ALA K 633 -22.67 100.51 -28.89
CA ALA K 633 -22.14 101.34 -29.97
C ALA K 633 -23.20 101.67 -31.01
N ILE K 634 -24.04 100.71 -31.34
CA ILE K 634 -25.08 100.94 -32.35
C ILE K 634 -26.12 101.93 -31.81
N ASP K 635 -26.47 101.82 -30.52
CA ASP K 635 -27.37 102.80 -29.93
C ASP K 635 -26.75 104.19 -29.94
N SER K 636 -25.45 104.28 -29.68
CA SER K 636 -24.78 105.57 -29.77
C SER K 636 -24.87 106.13 -31.19
N VAL K 637 -24.64 105.28 -32.19
CA VAL K 637 -24.73 105.72 -33.58
C VAL K 637 -26.15 106.22 -33.88
N VAL K 638 -27.15 105.46 -33.45
CA VAL K 638 -28.53 105.83 -33.74
C VAL K 638 -28.88 107.14 -33.06
N SER K 639 -28.46 107.32 -31.81
CA SER K 639 -28.73 108.56 -31.10
C SER K 639 -28.06 109.75 -31.80
N GLN K 640 -26.84 109.56 -32.30
CA GLN K 640 -26.11 110.66 -32.88
C GLN K 640 -26.56 111.01 -34.30
N ILE K 641 -27.05 110.04 -35.08
CA ILE K 641 -27.45 110.31 -36.45
C ILE K 641 -28.82 110.98 -36.46
N GLU K 642 -29.19 111.52 -37.62
CA GLU K 642 -30.47 112.18 -37.80
C GLU K 642 -31.56 111.14 -38.09
N LYS K 643 -32.80 111.62 -38.08
CA LYS K 643 -33.95 110.76 -38.32
C LYS K 643 -33.93 110.22 -39.74
N GLY K 644 -34.16 108.93 -39.90
CA GLY K 644 -34.16 108.29 -41.19
C GLY K 644 -32.79 107.90 -41.72
N SER K 645 -31.72 108.34 -41.07
CA SER K 645 -30.37 107.97 -41.47
C SER K 645 -30.18 106.46 -41.35
N THR K 646 -29.05 105.98 -41.87
CA THR K 646 -28.76 104.55 -41.79
C THR K 646 -27.26 104.34 -41.96
N PHE K 647 -26.83 103.13 -41.61
CA PHE K 647 -25.42 102.74 -41.65
C PHE K 647 -25.36 101.22 -41.71
N GLY K 648 -24.17 100.69 -41.98
CA GLY K 648 -23.96 99.26 -42.05
C GLY K 648 -23.06 98.76 -40.92
N ILE K 649 -22.87 97.44 -40.92
CA ILE K 649 -22.02 96.77 -39.94
C ILE K 649 -21.04 95.87 -40.68
N ASN K 650 -19.77 95.95 -40.30
CA ASN K 650 -18.71 95.14 -40.88
C ASN K 650 -18.28 94.10 -39.87
N LEU K 651 -18.18 92.85 -40.32
CA LEU K 651 -17.79 91.73 -39.47
C LEU K 651 -16.68 90.95 -40.16
N ILE K 652 -15.78 90.41 -39.35
CA ILE K 652 -14.62 89.66 -39.82
C ILE K 652 -15.00 88.19 -39.85
N TYR K 653 -14.70 87.53 -40.97
CA TYR K 653 -15.07 86.13 -41.15
C TYR K 653 -14.03 85.14 -40.63
N VAL K 654 -12.80 85.58 -40.35
CA VAL K 654 -11.76 84.65 -39.93
C VAL K 654 -11.93 84.21 -38.48
N ASN K 655 -12.68 84.95 -37.66
CA ASN K 655 -12.91 84.57 -36.27
C ASN K 655 -14.36 84.10 -36.13
N PRO K 656 -14.61 82.81 -35.94
CA PRO K 656 -16.01 82.36 -35.80
C PRO K 656 -16.74 82.96 -34.61
N PHE K 657 -16.03 83.32 -33.53
CA PHE K 657 -16.68 83.92 -32.38
C PHE K 657 -17.34 85.24 -32.75
N MET K 658 -16.66 86.04 -33.56
CA MET K 658 -17.20 87.31 -34.04
C MET K 658 -18.55 87.08 -34.69
N LEU K 659 -18.62 86.15 -35.64
CA LEU K 659 -19.86 85.88 -36.34
C LEU K 659 -20.90 85.31 -35.39
N GLN K 660 -20.48 84.42 -34.48
CA GLN K 660 -21.43 83.74 -33.61
C GLN K 660 -22.15 84.75 -32.72
N TRP K 661 -21.44 85.77 -32.24
CA TRP K 661 -22.13 86.78 -31.43
C TRP K 661 -22.72 87.91 -32.27
N GLY K 662 -22.25 88.11 -33.50
CA GLY K 662 -22.68 89.26 -34.28
C GLY K 662 -23.87 89.02 -35.18
N ILE K 663 -23.92 87.86 -35.83
CA ILE K 663 -25.04 87.56 -36.72
C ILE K 663 -26.36 87.50 -35.96
N PRO K 664 -26.46 86.78 -34.84
CA PRO K 664 -27.71 86.87 -34.05
C PRO K 664 -28.03 88.28 -33.60
N LEU K 665 -27.01 89.07 -33.27
CA LEU K 665 -27.25 90.46 -32.89
C LEU K 665 -27.83 91.25 -34.05
N ILE K 666 -27.26 91.07 -35.25
CA ILE K 666 -27.78 91.81 -36.40
C ILE K 666 -29.21 91.40 -36.68
N LYS K 667 -29.51 90.10 -36.58
CA LYS K 667 -30.88 89.66 -36.80
C LYS K 667 -31.83 90.24 -35.75
N GLU K 668 -31.42 90.27 -34.48
CA GLU K 668 -32.26 90.81 -33.43
C GLU K 668 -32.48 92.31 -33.65
N LEU K 669 -31.42 93.04 -33.97
CA LEU K 669 -31.56 94.49 -34.17
C LEU K 669 -32.42 94.80 -35.38
N ARG K 670 -32.26 94.02 -36.46
CA ARG K 670 -33.13 94.20 -37.61
C ARG K 670 -34.58 93.90 -37.26
N SER K 671 -34.81 92.87 -36.44
CA SER K 671 -36.15 92.57 -35.98
C SER K 671 -36.74 93.74 -35.19
N LYS K 672 -35.93 94.34 -34.32
CA LYS K 672 -36.34 95.56 -33.62
C LYS K 672 -36.49 96.74 -34.57
N GLY K 673 -35.95 96.65 -35.78
CA GLY K 673 -36.07 97.72 -36.76
C GLY K 673 -34.93 98.69 -36.78
N TYR K 674 -33.74 98.27 -36.36
CA TYR K 674 -32.61 99.19 -36.29
C TYR K 674 -32.17 99.61 -37.69
N PRO K 675 -31.64 100.83 -37.84
CA PRO K 675 -31.24 101.27 -39.19
C PRO K 675 -29.90 100.69 -39.61
N ILE K 676 -29.86 99.37 -39.76
CA ILE K 676 -28.69 98.64 -40.23
C ILE K 676 -28.97 98.34 -41.71
N GLN K 677 -28.42 99.19 -42.59
CA GLN K 677 -28.69 99.04 -44.02
C GLN K 677 -28.12 97.74 -44.57
N PHE K 678 -26.91 97.38 -44.14
CA PHE K 678 -26.21 96.28 -44.78
C PHE K 678 -25.21 95.67 -43.81
N LEU K 679 -24.84 94.43 -44.10
CA LEU K 679 -23.78 93.72 -43.41
C LEU K 679 -22.68 93.43 -44.43
N THR K 680 -21.45 93.83 -44.11
CA THR K 680 -20.28 93.53 -44.91
C THR K 680 -19.46 92.45 -44.24
N ILE K 681 -19.03 91.48 -45.05
CA ILE K 681 -18.16 90.41 -44.61
C ILE K 681 -16.80 90.61 -45.26
N GLY K 682 -15.78 90.88 -44.43
CA GLY K 682 -14.43 91.07 -44.88
C GLY K 682 -13.53 89.96 -44.38
N ALA K 683 -12.32 89.86 -44.94
CA ALA K 683 -11.38 88.81 -44.59
C ALA K 683 -11.98 87.43 -44.83
N GLY K 684 -12.57 87.24 -46.01
CA GLY K 684 -13.17 85.99 -46.39
C GLY K 684 -14.57 86.15 -46.94
N VAL K 685 -14.98 85.24 -47.82
CA VAL K 685 -16.32 85.22 -48.38
C VAL K 685 -17.04 84.03 -47.76
N PRO K 686 -18.26 84.19 -47.22
CA PRO K 686 -18.95 83.04 -46.65
C PRO K 686 -19.31 82.01 -47.71
N SER K 687 -19.50 80.77 -47.27
CA SER K 687 -20.01 79.73 -48.14
C SER K 687 -21.41 80.09 -48.62
N LEU K 688 -21.91 79.30 -49.56
CA LEU K 688 -23.23 79.57 -50.13
C LEU K 688 -24.32 79.48 -49.06
N GLU K 689 -24.26 78.46 -48.21
CA GLU K 689 -25.27 78.30 -47.16
C GLU K 689 -25.23 79.44 -46.17
N VAL K 690 -24.02 79.84 -45.76
CA VAL K 690 -23.88 80.93 -44.79
C VAL K 690 -24.39 82.24 -45.39
N ALA K 691 -24.02 82.52 -46.65
CA ALA K 691 -24.52 83.72 -47.30
C ALA K 691 -26.04 83.68 -47.43
N SER K 692 -26.59 82.50 -47.72
CA SER K 692 -28.03 82.37 -47.84
C SER K 692 -28.73 82.66 -46.52
N GLU K 693 -28.22 82.10 -45.42
CA GLU K 693 -28.90 82.35 -44.14
C GLU K 693 -28.75 83.81 -43.75
N TYR K 694 -27.60 84.43 -44.05
CA TYR K 694 -27.48 85.86 -43.82
C TYR K 694 -28.54 86.63 -44.60
N ILE K 695 -28.61 86.38 -45.90
CA ILE K 695 -29.50 87.14 -46.78
C ILE K 695 -30.96 86.97 -46.35
N GLU K 696 -31.35 85.74 -46.00
CA GLU K 696 -32.74 85.50 -45.65
C GLU K 696 -33.06 85.98 -44.24
N THR K 697 -32.31 85.50 -43.24
CA THR K 697 -32.66 85.76 -41.85
C THR K 697 -32.45 87.23 -41.49
N LEU K 698 -31.30 87.80 -41.86
CA LEU K 698 -30.98 89.15 -41.38
C LEU K 698 -31.93 90.20 -41.93
N GLY K 699 -32.36 90.05 -43.17
CA GLY K 699 -33.25 91.04 -43.74
C GLY K 699 -32.63 92.41 -43.89
N LEU K 700 -31.44 92.48 -44.50
CA LEU K 700 -30.80 93.75 -44.78
C LEU K 700 -31.12 94.19 -46.21
N LYS K 701 -30.80 95.45 -46.51
CA LYS K 701 -31.00 95.95 -47.86
C LYS K 701 -30.07 95.27 -48.85
N TYR K 702 -28.80 95.11 -48.48
CA TYR K 702 -27.85 94.44 -49.35
C TYR K 702 -26.75 93.83 -48.51
N LEU K 703 -26.02 92.90 -49.12
CA LEU K 703 -24.93 92.21 -48.43
C LEU K 703 -23.61 92.55 -49.11
N GLY K 704 -22.68 93.11 -48.34
CA GLY K 704 -21.35 93.40 -48.85
C GLY K 704 -20.42 92.22 -48.62
N LEU K 705 -19.63 91.91 -49.64
CA LEU K 705 -18.63 90.86 -49.56
C LEU K 705 -17.32 91.39 -50.11
N LYS K 706 -16.22 91.13 -49.40
CA LYS K 706 -14.91 91.63 -49.79
C LYS K 706 -14.05 90.46 -50.28
N PRO K 707 -14.25 90.02 -51.52
CA PRO K 707 -13.42 88.93 -52.03
C PRO K 707 -11.97 89.35 -52.19
N GLY K 708 -11.08 88.39 -51.96
CA GLY K 708 -9.65 88.66 -52.04
C GLY K 708 -9.05 88.28 -53.36
N SER K 709 -9.49 87.18 -53.95
CA SER K 709 -8.84 86.59 -55.12
C SER K 709 -9.92 86.15 -56.11
N ILE K 710 -9.48 85.42 -57.15
CA ILE K 710 -10.41 84.93 -58.17
C ILE K 710 -11.40 83.96 -57.55
N ASP K 711 -10.93 83.06 -56.67
CA ASP K 711 -11.84 82.11 -56.04
C ASP K 711 -12.89 82.84 -55.20
N ALA K 712 -12.47 83.87 -54.47
CA ALA K 712 -13.41 84.64 -53.69
C ALA K 712 -14.42 85.36 -54.57
N ILE K 713 -13.96 85.92 -55.69
CA ILE K 713 -14.89 86.59 -56.61
C ILE K 713 -15.87 85.58 -57.20
N SER K 714 -15.39 84.38 -57.53
CA SER K 714 -16.28 83.35 -58.04
C SER K 714 -17.30 82.94 -56.99
N GLN K 715 -16.89 82.87 -55.73
CA GLN K 715 -17.85 82.54 -54.67
C GLN K 715 -18.89 83.64 -54.52
N VAL K 716 -18.47 84.91 -54.61
CA VAL K 716 -19.43 86.02 -54.57
C VAL K 716 -20.40 85.92 -55.73
N ILE K 717 -19.89 85.57 -56.91
CA ILE K 717 -20.75 85.41 -58.08
C ILE K 717 -21.73 84.28 -57.86
N ASN K 718 -21.29 83.18 -57.23
CA ASN K 718 -22.20 82.08 -56.94
C ASN K 718 -23.28 82.51 -55.96
N ILE K 719 -22.91 83.33 -54.97
CA ILE K 719 -23.91 83.83 -54.03
C ILE K 719 -24.93 84.70 -54.75
N ALA K 720 -24.45 85.57 -55.65
CA ALA K 720 -25.35 86.42 -56.41
C ALA K 720 -26.27 85.59 -57.30
N LYS K 721 -25.74 84.53 -57.91
CA LYS K 721 -26.56 83.64 -58.72
C LYS K 721 -27.61 82.95 -57.86
N ALA K 722 -27.24 82.51 -56.66
CA ALA K 722 -28.19 81.86 -55.78
C ALA K 722 -29.28 82.82 -55.30
N HIS K 723 -28.96 84.11 -55.21
CA HIS K 723 -29.91 85.13 -54.78
C HIS K 723 -29.91 86.25 -55.81
N PRO K 724 -30.48 86.01 -57.00
CA PRO K 724 -30.40 87.02 -58.06
C PRO K 724 -31.20 88.28 -57.76
N ASN K 725 -32.11 88.24 -56.79
CA ASN K 725 -32.88 89.41 -56.44
C ASN K 725 -32.14 90.28 -55.42
N PHE K 726 -31.43 89.66 -54.50
CA PHE K 726 -30.84 90.39 -53.38
C PHE K 726 -29.59 91.12 -53.83
N PRO K 727 -29.44 92.42 -53.54
CA PRO K 727 -28.22 93.12 -53.97
C PRO K 727 -26.99 92.69 -53.17
N ILE K 728 -25.92 92.42 -53.90
CA ILE K 728 -24.64 92.02 -53.33
C ILE K 728 -23.61 93.07 -53.72
N ALA K 729 -23.01 93.71 -52.73
CA ALA K 729 -21.98 94.72 -52.95
C ALA K 729 -20.64 94.01 -52.95
N LEU K 730 -20.09 93.75 -54.14
CA LEU K 730 -18.78 93.15 -54.28
C LEU K 730 -17.76 94.26 -54.09
N GLN K 731 -17.19 94.35 -52.89
CA GLN K 731 -16.23 95.39 -52.55
C GLN K 731 -14.83 94.84 -52.83
N TRP K 732 -14.45 94.93 -54.11
CA TRP K 732 -13.13 94.50 -54.52
C TRP K 732 -12.07 95.43 -53.94
N THR K 733 -11.00 94.85 -53.42
CA THR K 733 -9.87 95.61 -52.89
C THR K 733 -8.60 94.83 -53.24
N GLY K 734 -7.66 95.50 -53.89
CA GLY K 734 -6.39 94.88 -54.19
C GLY K 734 -5.52 94.77 -52.97
N GLY K 735 -4.37 94.10 -53.14
CA GLY K 735 -3.42 93.98 -52.05
C GLY K 735 -2.85 95.30 -51.59
N ARG K 736 -2.90 96.32 -52.45
CA ARG K 736 -2.32 97.62 -52.12
C ARG K 736 -3.15 98.40 -51.10
N GLY K 737 -4.28 97.85 -50.66
CA GLY K 737 -5.09 98.53 -49.66
C GLY K 737 -4.51 98.38 -48.27
N GLY K 738 -4.90 99.32 -47.41
CA GLY K 738 -4.40 99.33 -46.05
C GLY K 738 -4.95 98.20 -45.22
N GLY K 739 -4.39 98.07 -44.02
CA GLY K 739 -4.80 97.03 -43.11
C GLY K 739 -4.50 95.66 -43.66
N HIS K 740 -5.36 94.70 -43.31
CA HIS K 740 -5.26 93.36 -43.87
C HIS K 740 -5.42 93.42 -45.38
N HIS K 741 -4.53 92.75 -46.09
CA HIS K 741 -4.52 92.80 -47.54
C HIS K 741 -4.02 91.48 -48.09
N SER K 742 -4.37 91.23 -49.36
CA SER K 742 -4.00 90.02 -50.07
C SER K 742 -2.75 90.28 -50.90
N PHE K 743 -2.32 89.25 -51.61
CA PHE K 743 -1.19 89.34 -52.52
C PHE K 743 -1.60 89.66 -53.95
N GLU K 744 -2.90 89.86 -54.20
CA GLU K 744 -3.37 89.98 -55.57
C GLU K 744 -3.30 91.43 -56.04
N ASP K 745 -3.06 91.60 -57.34
CA ASP K 745 -3.07 92.91 -57.96
C ASP K 745 -4.47 93.49 -57.93
N ALA K 746 -4.55 94.82 -57.91
CA ALA K 746 -5.83 95.49 -57.87
C ALA K 746 -6.57 95.47 -59.21
N HIS K 747 -5.87 95.24 -60.31
CA HIS K 747 -6.43 95.41 -61.64
C HIS K 747 -6.67 94.10 -62.37
N THR K 748 -5.65 93.23 -62.47
CA THR K 748 -5.79 92.03 -63.29
C THR K 748 -6.92 91.12 -62.82
N PRO K 749 -7.17 90.91 -61.52
CA PRO K 749 -8.36 90.12 -61.16
C PRO K 749 -9.63 90.75 -61.67
N MET K 750 -9.71 92.08 -61.68
CA MET K 750 -10.91 92.74 -62.17
C MET K 750 -11.00 92.62 -63.69
N LEU K 751 -9.87 92.76 -64.38
CA LEU K 751 -9.88 92.57 -65.82
C LEU K 751 -10.32 91.16 -66.18
N GLN K 752 -9.97 90.18 -65.35
CA GLN K 752 -10.34 88.80 -65.62
C GLN K 752 -11.82 88.56 -65.34
N MET K 753 -12.33 89.07 -64.21
CA MET K 753 -13.63 88.68 -63.69
C MET K 753 -14.72 89.73 -63.88
N TYR K 754 -14.45 90.81 -64.61
CA TYR K 754 -15.46 91.86 -64.76
C TYR K 754 -16.70 91.35 -65.50
N SER K 755 -16.50 90.63 -66.61
CA SER K 755 -17.63 90.17 -67.41
C SER K 755 -18.51 89.23 -66.60
N LYS K 756 -17.90 88.31 -65.86
CA LYS K 756 -18.68 87.40 -65.04
C LYS K 756 -19.47 88.14 -63.98
N ILE K 757 -18.87 89.17 -63.37
CA ILE K 757 -19.57 89.95 -62.37
C ILE K 757 -20.75 90.68 -62.98
N ARG K 758 -20.55 91.27 -64.16
CA ARG K 758 -21.60 92.02 -64.83
C ARG K 758 -22.65 91.13 -65.48
N ARG K 759 -22.41 89.82 -65.55
CA ARG K 759 -23.47 88.93 -66.02
C ARG K 759 -24.55 88.73 -64.96
N HIS K 760 -24.34 89.25 -63.75
CA HIS K 760 -25.33 89.23 -62.68
C HIS K 760 -25.68 90.65 -62.28
N PRO K 761 -26.84 91.21 -62.68
CA PRO K 761 -27.10 92.62 -62.41
C PRO K 761 -27.21 92.96 -60.93
N ASN K 762 -27.47 91.98 -60.07
CA ASN K 762 -27.63 92.25 -58.65
C ASN K 762 -26.29 92.46 -57.93
N ILE K 763 -25.16 92.23 -58.60
CA ILE K 763 -23.85 92.55 -58.06
C ILE K 763 -23.52 93.99 -58.38
N MET K 764 -23.16 94.76 -57.35
CA MET K 764 -22.70 96.13 -57.47
C MET K 764 -21.20 96.15 -57.19
N LEU K 765 -20.42 96.55 -58.19
CA LEU K 765 -18.96 96.51 -58.10
C LEU K 765 -18.44 97.78 -57.44
N ILE K 766 -17.71 97.62 -56.35
CA ILE K 766 -17.09 98.73 -55.63
C ILE K 766 -15.58 98.51 -55.63
N PHE K 767 -14.84 99.54 -55.99
CA PHE K 767 -13.38 99.48 -56.08
C PHE K 767 -12.77 100.18 -54.87
N GLY K 768 -11.80 99.55 -54.23
CA GLY K 768 -11.07 100.19 -53.17
C GLY K 768 -9.58 99.93 -53.25
N SER K 769 -8.89 99.99 -52.11
CA SER K 769 -7.46 99.69 -52.04
C SER K 769 -6.65 100.66 -52.91
N GLY K 770 -6.60 101.90 -52.46
CA GLY K 770 -5.67 102.87 -53.04
C GLY K 770 -6.30 104.09 -53.66
N PHE K 771 -7.47 104.50 -53.18
CA PHE K 771 -8.20 105.66 -53.69
C PHE K 771 -8.29 106.70 -52.59
N GLY K 772 -7.94 107.94 -52.93
CA GLY K 772 -8.03 109.03 -51.97
C GLY K 772 -8.38 110.37 -52.58
N SER K 773 -8.92 110.37 -53.80
CA SER K 773 -9.30 111.62 -54.44
C SER K 773 -10.22 111.31 -55.61
N ALA K 774 -10.83 112.36 -56.15
CA ALA K 774 -11.66 112.20 -57.35
C ALA K 774 -10.81 112.05 -58.61
N ASP K 775 -9.60 112.63 -58.62
CA ASP K 775 -8.76 112.55 -59.81
C ASP K 775 -8.35 111.11 -60.11
N ASP K 776 -7.98 110.35 -59.09
CA ASP K 776 -7.58 108.97 -59.29
C ASP K 776 -8.75 108.00 -59.25
N THR K 777 -9.97 108.48 -59.02
CA THR K 777 -11.16 107.65 -58.98
C THR K 777 -12.04 107.82 -60.21
N TYR K 778 -11.99 108.97 -60.87
CA TYR K 778 -12.81 109.19 -62.06
C TYR K 778 -12.51 108.20 -63.18
N PRO K 779 -11.25 107.82 -63.47
CA PRO K 779 -11.04 106.80 -64.51
C PRO K 779 -11.77 105.51 -64.23
N TYR K 780 -11.86 105.11 -62.95
CA TYR K 780 -12.57 103.89 -62.61
C TYR K 780 -14.08 104.11 -62.64
N LEU K 781 -14.54 105.33 -62.39
CA LEU K 781 -15.96 105.63 -62.50
C LEU K 781 -16.42 105.54 -63.94
N THR K 782 -15.65 106.12 -64.87
CA THR K 782 -15.98 106.07 -66.28
C THR K 782 -15.61 104.75 -66.93
N GLY K 783 -14.77 103.94 -66.29
CA GLY K 783 -14.33 102.69 -66.87
C GLY K 783 -13.16 102.81 -67.81
N GLU K 784 -12.66 104.02 -68.06
CA GLU K 784 -11.55 104.21 -68.99
C GLU K 784 -10.23 103.71 -68.41
N TRP K 785 -10.19 103.29 -67.16
CA TRP K 785 -8.99 102.68 -66.61
C TRP K 785 -8.59 101.43 -67.38
N SER K 786 -9.56 100.75 -68.00
CA SER K 786 -9.25 99.54 -68.76
C SER K 786 -8.64 99.85 -70.12
N THR K 787 -8.90 101.04 -70.67
CA THR K 787 -8.36 101.37 -71.98
C THR K 787 -6.84 101.42 -71.97
N LYS K 788 -6.22 101.74 -70.84
CA LYS K 788 -4.77 101.66 -70.72
C LYS K 788 -4.28 100.23 -70.50
N PHE K 789 -5.17 99.31 -70.14
CA PHE K 789 -4.87 97.89 -70.08
C PHE K 789 -5.27 97.17 -71.37
N ASP K 790 -5.79 97.89 -72.35
CA ASP K 790 -6.16 97.31 -73.64
C ASP K 790 -7.37 96.39 -73.50
N TYR K 791 -8.30 96.78 -72.63
CA TYR K 791 -9.58 96.12 -72.43
C TYR K 791 -10.67 97.12 -72.76
N PRO K 792 -11.89 96.65 -72.97
CA PRO K 792 -13.00 97.59 -73.15
C PRO K 792 -13.20 98.40 -71.88
N PRO K 793 -13.86 99.55 -71.94
CA PRO K 793 -14.12 100.31 -70.71
C PRO K 793 -14.93 99.49 -69.71
N MET K 794 -14.58 99.64 -68.44
CA MET K 794 -15.14 98.83 -67.34
C MET K 794 -15.61 99.76 -66.23
N PRO K 795 -16.76 100.41 -66.39
CA PRO K 795 -17.23 101.31 -65.33
C PRO K 795 -17.49 100.56 -64.04
N PHE K 796 -17.25 101.24 -62.92
CA PHE K 796 -17.40 100.65 -61.60
C PHE K 796 -18.55 101.33 -60.86
N ASP K 797 -19.28 100.55 -60.07
CA ASP K 797 -20.51 101.05 -59.49
C ASP K 797 -20.28 101.94 -58.26
N GLY K 798 -19.17 101.76 -57.57
CA GLY K 798 -18.91 102.58 -56.39
C GLY K 798 -17.46 102.46 -55.99
N PHE K 799 -17.11 103.18 -54.93
CA PHE K 799 -15.76 103.18 -54.41
C PHE K 799 -15.80 103.27 -52.89
N LEU K 800 -14.70 102.81 -52.27
CA LEU K 800 -14.53 102.89 -50.83
C LEU K 800 -13.15 103.48 -50.53
N PHE K 801 -13.11 104.36 -49.53
CA PHE K 801 -11.91 105.12 -49.18
C PHE K 801 -11.59 104.82 -47.72
N GLY K 802 -10.72 103.84 -47.50
CA GLY K 802 -10.34 103.47 -46.16
C GLY K 802 -9.26 104.35 -45.57
N SER K 803 -8.08 104.36 -46.21
CA SER K 803 -6.93 105.03 -45.65
C SER K 803 -6.98 106.55 -45.81
N ARG K 804 -7.81 107.06 -46.72
CA ARG K 804 -7.89 108.51 -46.90
C ARG K 804 -8.52 109.18 -45.70
N VAL K 805 -9.55 108.57 -45.11
CA VAL K 805 -10.39 109.25 -44.14
C VAL K 805 -9.85 109.05 -42.72
N MET K 806 -8.60 108.61 -42.60
CA MET K 806 -8.05 108.33 -41.28
C MET K 806 -7.61 109.59 -40.55
N ILE K 807 -7.24 110.63 -41.27
CA ILE K 807 -6.82 111.88 -40.66
C ILE K 807 -7.98 112.88 -40.59
N ALA K 808 -9.21 112.39 -40.75
CA ALA K 808 -10.37 113.25 -40.69
C ALA K 808 -10.62 113.71 -39.26
N LYS K 809 -11.28 114.86 -39.14
CA LYS K 809 -11.46 115.47 -37.83
C LYS K 809 -12.28 114.59 -36.90
N GLU K 810 -13.19 113.79 -37.46
CA GLU K 810 -14.11 113.02 -36.63
C GLU K 810 -13.61 111.62 -36.31
N VAL K 811 -12.42 111.24 -36.78
CA VAL K 811 -11.82 109.98 -36.38
C VAL K 811 -11.09 110.17 -35.06
N LYS K 812 -11.09 109.13 -34.23
CA LYS K 812 -10.46 109.19 -32.92
C LYS K 812 -8.95 108.96 -32.95
N THR K 813 -8.32 109.02 -34.11
CA THR K 813 -6.87 108.90 -34.19
C THR K 813 -6.22 110.08 -33.49
N SER K 814 -5.17 109.79 -32.73
CA SER K 814 -4.52 110.83 -31.94
C SER K 814 -3.86 111.85 -32.88
N PRO K 815 -3.63 113.09 -32.40
CA PRO K 815 -2.96 114.06 -33.26
C PRO K 815 -1.59 113.60 -33.78
N ASP K 816 -0.80 112.94 -32.94
CA ASP K 816 0.52 112.49 -33.39
C ASP K 816 0.41 111.34 -34.36
N ALA K 817 -0.58 110.46 -34.17
CA ALA K 817 -0.83 109.41 -35.15
C ALA K 817 -1.28 110.01 -36.48
N LYS K 818 -2.09 111.06 -36.43
CA LYS K 818 -2.51 111.75 -37.65
C LYS K 818 -1.32 112.40 -38.35
N LYS K 819 -0.43 113.02 -37.58
CA LYS K 819 0.78 113.58 -38.17
C LYS K 819 1.64 112.49 -38.81
N CYS K 820 1.76 111.34 -38.15
CA CYS K 820 2.51 110.23 -38.72
C CYS K 820 1.87 109.74 -40.02
N ILE K 821 0.54 109.66 -40.03
CA ILE K 821 -0.17 109.25 -41.24
C ILE K 821 0.08 110.23 -42.37
N ALA K 822 -0.01 111.52 -42.07
CA ALA K 822 0.21 112.54 -43.10
C ALA K 822 1.64 112.54 -43.60
N ALA K 823 2.59 112.17 -42.74
CA ALA K 823 3.99 112.13 -43.16
C ALA K 823 4.22 111.06 -44.22
N CYS K 824 3.40 110.01 -44.24
CA CYS K 824 3.55 108.97 -45.25
C CYS K 824 3.30 109.56 -46.64
N THR K 825 4.34 109.58 -47.46
CA THR K 825 4.24 110.15 -48.80
C THR K 825 3.49 109.25 -49.77
N GLY K 826 3.46 107.95 -49.51
CA GLY K 826 2.81 107.01 -50.40
C GLY K 826 3.63 106.73 -51.64
N VAL K 827 3.21 105.72 -52.39
CA VAL K 827 3.87 105.34 -53.64
C VAL K 827 2.81 105.02 -54.69
N PRO K 828 3.12 105.13 -56.00
CA PRO K 828 2.17 104.67 -57.02
C PRO K 828 1.83 103.19 -56.91
N ASP K 829 0.86 102.73 -57.70
CA ASP K 829 0.42 101.35 -57.63
C ASP K 829 1.53 100.38 -58.01
N ASP K 830 2.32 100.73 -59.04
CA ASP K 830 3.25 99.76 -59.61
C ASP K 830 4.34 99.33 -58.65
N LYS K 831 4.56 100.06 -57.56
CA LYS K 831 5.62 99.76 -56.60
C LYS K 831 5.08 99.61 -55.18
N TRP K 832 3.83 99.17 -55.03
CA TRP K 832 3.30 98.90 -53.70
C TRP K 832 3.86 97.61 -53.12
N GLU K 833 4.22 96.65 -53.97
CA GLU K 833 4.70 95.36 -53.49
C GLU K 833 6.02 95.45 -52.74
N GLN K 834 6.73 96.57 -52.83
CA GLN K 834 7.98 96.73 -52.09
C GLN K 834 7.77 96.81 -50.58
N THR K 835 6.52 97.00 -50.13
CA THR K 835 6.24 96.99 -48.70
C THR K 835 6.57 95.64 -48.07
N TYR K 836 6.61 94.57 -48.86
CA TYR K 836 6.95 93.26 -48.34
C TYR K 836 8.42 93.13 -47.95
N LYS K 837 9.26 94.07 -48.37
CA LYS K 837 10.70 94.02 -48.13
C LYS K 837 11.21 95.24 -47.37
N LYS K 838 10.67 96.42 -47.63
CA LYS K 838 11.18 97.64 -47.04
C LYS K 838 10.02 98.55 -46.72
N PRO K 839 10.23 99.56 -45.87
CA PRO K 839 9.15 100.51 -45.58
C PRO K 839 8.89 101.44 -46.76
N THR K 840 8.12 100.95 -47.73
CA THR K 840 7.91 101.67 -48.98
C THR K 840 6.76 102.66 -48.83
N GLY K 841 7.05 103.94 -49.04
CA GLY K 841 6.04 104.95 -48.85
C GLY K 841 5.70 105.23 -47.41
N GLY K 842 6.60 104.92 -46.49
CA GLY K 842 6.31 105.03 -45.07
C GLY K 842 5.47 103.91 -44.51
N ILE K 843 5.17 102.88 -45.31
CA ILE K 843 4.30 101.79 -44.91
C ILE K 843 5.01 100.49 -45.26
N VAL K 844 4.83 99.48 -44.41
CA VAL K 844 5.46 98.18 -44.59
C VAL K 844 4.43 97.09 -44.28
N THR K 845 4.68 95.91 -44.83
CA THR K 845 3.84 94.75 -44.55
C THR K 845 4.40 94.00 -43.35
N VAL K 846 3.50 93.57 -42.47
CA VAL K 846 3.86 92.74 -41.33
C VAL K 846 2.87 91.58 -41.26
N ARG K 847 3.28 90.53 -40.55
CA ARG K 847 2.50 89.31 -40.43
C ARG K 847 1.74 89.36 -39.11
N SER K 848 0.47 88.97 -39.16
CA SER K 848 -0.38 88.96 -37.98
C SER K 848 -0.11 87.71 -37.15
N GLU K 849 -0.98 87.44 -36.17
CA GLU K 849 -0.86 86.22 -35.39
C GLU K 849 -0.94 84.99 -36.28
N MET K 850 -1.84 85.02 -37.26
CA MET K 850 -2.05 83.91 -38.18
C MET K 850 -1.20 84.01 -39.44
N GLY K 851 -0.32 85.00 -39.54
CA GLY K 851 0.55 85.13 -40.68
C GLY K 851 -0.03 85.84 -41.87
N GLU K 852 -1.16 86.50 -41.72
CA GLU K 852 -1.75 87.24 -42.83
C GLU K 852 -0.99 88.55 -43.02
N PRO K 853 -0.84 89.06 -44.25
CA PRO K 853 -0.22 90.37 -44.43
C PRO K 853 -1.09 91.49 -43.87
N ILE K 854 -0.46 92.44 -43.19
CA ILE K 854 -1.08 93.69 -42.78
C ILE K 854 -0.16 94.82 -43.21
N HIS K 855 -0.70 95.78 -43.96
CA HIS K 855 0.03 97.02 -44.21
C HIS K 855 -0.08 97.90 -42.98
N LYS K 856 1.05 98.41 -42.51
CA LYS K 856 1.10 99.31 -41.38
C LYS K 856 2.12 100.40 -41.65
N ILE K 857 1.94 101.54 -41.00
CA ILE K 857 2.92 102.61 -41.10
C ILE K 857 4.23 102.10 -40.52
N ALA K 858 5.34 102.53 -41.11
CA ALA K 858 6.65 102.06 -40.67
C ALA K 858 7.10 102.76 -39.41
N THR K 859 6.35 102.61 -38.33
CA THR K 859 6.76 103.10 -37.03
C THR K 859 7.85 102.19 -36.46
N ARG K 860 8.54 102.67 -35.43
CA ARG K 860 9.61 101.87 -34.83
C ARG K 860 9.05 100.56 -34.28
N GLY K 861 7.86 100.61 -33.69
CA GLY K 861 7.22 99.37 -33.24
C GLY K 861 6.92 98.44 -34.39
N VAL K 862 6.48 98.97 -35.52
CA VAL K 862 6.15 98.12 -36.66
C VAL K 862 7.42 97.53 -37.27
N MET K 863 8.51 98.29 -37.28
CA MET K 863 9.77 97.74 -37.76
C MET K 863 10.28 96.66 -36.82
N LEU K 864 10.10 96.83 -35.51
CA LEU K 864 10.40 95.74 -34.58
C LEU K 864 9.52 94.52 -34.86
N TRP K 865 8.24 94.76 -35.13
CA TRP K 865 7.32 93.68 -35.47
C TRP K 865 7.83 92.92 -36.69
N LYS K 866 8.26 93.64 -37.71
CA LYS K 866 8.77 92.99 -38.93
C LYS K 866 10.07 92.24 -38.65
N GLU K 867 10.97 92.83 -37.86
CA GLU K 867 12.23 92.17 -37.54
C GLU K 867 11.98 90.88 -36.77
N PHE K 868 11.06 90.90 -35.82
CA PHE K 868 10.72 89.69 -35.09
C PHE K 868 10.02 88.69 -36.00
N ASP K 869 9.24 89.18 -36.97
CA ASP K 869 8.61 88.27 -37.92
C ASP K 869 9.66 87.55 -38.76
N GLU K 870 10.75 88.24 -39.07
CA GLU K 870 11.79 87.69 -39.94
C GLU K 870 12.90 86.96 -39.18
N THR K 871 13.00 87.10 -37.86
CA THR K 871 14.08 86.50 -37.10
C THR K 871 13.65 85.64 -35.92
N ILE K 872 12.41 85.74 -35.44
CA ILE K 872 11.98 85.03 -34.24
C ILE K 872 10.74 84.19 -34.52
N PHE K 873 9.70 84.83 -35.08
CA PHE K 873 8.40 84.17 -35.18
C PHE K 873 8.41 83.07 -36.24
N ASN K 874 9.15 83.27 -37.33
CA ASN K 874 9.17 82.26 -38.39
C ASN K 874 9.85 80.98 -37.94
N LEU K 875 10.70 81.03 -36.93
CA LEU K 875 11.48 79.88 -36.53
C LEU K 875 10.56 78.79 -36.00
N PRO K 876 10.98 77.53 -36.05
CA PRO K 876 10.12 76.45 -35.56
C PRO K 876 9.96 76.50 -34.05
N LYS K 877 8.98 75.73 -33.58
CA LYS K 877 8.63 75.76 -32.16
C LYS K 877 9.78 75.27 -31.29
N ASN K 878 10.48 74.23 -31.73
CA ASN K 878 11.63 73.73 -30.97
C ASN K 878 12.73 74.78 -30.90
N LYS K 879 12.81 75.67 -31.89
CA LYS K 879 13.87 76.66 -31.97
C LYS K 879 13.49 78.01 -31.36
N LEU K 880 12.21 78.22 -31.05
CA LEU K 880 11.79 79.54 -30.54
C LEU K 880 12.26 79.80 -29.11
N VAL K 881 12.25 78.80 -28.25
CA VAL K 881 12.60 79.01 -26.84
C VAL K 881 14.10 79.31 -26.72
N PRO K 882 14.99 78.51 -27.31
CA PRO K 882 16.43 78.85 -27.22
C PRO K 882 16.77 80.22 -27.78
N THR K 883 16.17 80.64 -28.90
CA THR K 883 16.51 81.93 -29.46
C THR K 883 15.97 83.06 -28.60
N LEU K 884 14.79 82.89 -28.00
CA LEU K 884 14.29 83.89 -27.07
C LEU K 884 15.19 84.01 -25.85
N GLU K 885 15.66 82.87 -25.34
CA GLU K 885 16.60 82.91 -24.22
C GLU K 885 17.89 83.61 -24.61
N ALA K 886 18.40 83.32 -25.81
CA ALA K 886 19.65 83.94 -26.25
C ALA K 886 19.51 85.44 -26.44
N LYS K 887 18.46 85.88 -27.12
CA LYS K 887 18.24 87.28 -27.44
C LYS K 887 17.29 87.96 -26.46
N ARG K 888 17.21 87.43 -25.23
CA ARG K 888 16.37 88.06 -24.20
C ARG K 888 16.73 89.52 -24.01
N ASP K 889 18.01 89.82 -23.83
CA ASP K 889 18.43 91.20 -23.56
C ASP K 889 18.10 92.11 -24.74
N TYR K 890 18.40 91.65 -25.95
CA TYR K 890 18.10 92.46 -27.13
C TYR K 890 16.60 92.67 -27.30
N ILE K 891 15.81 91.61 -27.13
CA ILE K 891 14.37 91.72 -27.27
C ILE K 891 13.81 92.68 -26.23
N ILE K 892 14.29 92.59 -24.99
CA ILE K 892 13.80 93.47 -23.94
C ILE K 892 14.17 94.92 -24.26
N SER K 893 15.41 95.14 -24.71
CA SER K 893 15.81 96.51 -25.05
C SER K 893 14.93 97.07 -26.16
N ARG K 894 14.66 96.28 -27.19
CA ARG K 894 13.84 96.76 -28.30
C ARG K 894 12.40 97.00 -27.86
N LEU K 895 11.85 96.11 -27.04
CA LEU K 895 10.49 96.31 -26.55
C LEU K 895 10.38 97.58 -25.73
N ASN K 896 11.36 97.83 -24.86
CA ASN K 896 11.31 99.01 -24.01
C ASN K 896 11.53 100.29 -24.80
N ALA K 897 12.36 100.24 -25.84
CA ALA K 897 12.71 101.45 -26.58
C ALA K 897 11.73 101.79 -27.69
N ASP K 898 11.14 100.78 -28.36
CA ASP K 898 10.52 101.02 -29.66
C ASP K 898 9.13 100.42 -29.80
N PHE K 899 8.59 99.72 -28.80
CA PHE K 899 7.34 99.01 -28.94
C PHE K 899 6.30 99.50 -27.93
N GLN K 900 5.04 99.47 -28.36
CA GLN K 900 3.93 99.91 -27.53
C GLN K 900 3.73 99.05 -26.30
N LYS K 901 4.09 97.77 -26.38
CA LYS K 901 4.07 96.86 -25.23
C LYS K 901 5.49 96.73 -24.72
N PRO K 902 5.91 97.55 -23.75
CA PRO K 902 7.27 97.40 -23.23
C PRO K 902 7.42 96.14 -22.41
N TRP K 903 8.67 95.73 -22.21
CA TRP K 903 8.96 94.68 -21.26
C TRP K 903 8.46 95.10 -19.89
N PHE K 904 7.66 94.24 -19.25
CA PHE K 904 7.05 94.61 -17.98
C PHE K 904 8.09 94.80 -16.91
N ALA K 905 8.97 93.81 -16.73
CA ALA K 905 9.95 93.85 -15.65
C ALA K 905 11.06 94.85 -15.99
N THR K 906 10.69 96.12 -15.94
CA THR K 906 11.60 97.23 -16.16
C THR K 906 11.31 98.26 -15.07
N VAL K 907 12.26 98.43 -14.16
CA VAL K 907 12.09 99.30 -13.00
C VAL K 907 13.04 100.48 -13.16
N ASN K 908 12.46 101.67 -13.34
CA ASN K 908 13.23 102.89 -13.52
C ASN K 908 14.21 102.76 -14.69
N GLY K 909 13.76 102.08 -15.74
CA GLY K 909 14.55 101.93 -16.94
C GLY K 909 15.48 100.74 -16.97
N GLN K 910 15.72 100.10 -15.82
CA GLN K 910 16.64 98.97 -15.75
C GLN K 910 15.88 97.70 -16.10
N ALA K 911 16.29 97.05 -17.20
CA ALA K 911 15.69 95.78 -17.57
C ALA K 911 15.88 94.77 -16.44
N ARG K 912 14.79 94.11 -16.06
CA ARG K 912 14.78 93.21 -14.93
C ARG K 912 13.92 92.01 -15.30
N ASP K 913 13.52 91.24 -14.29
CA ASP K 913 12.68 90.08 -14.49
C ASP K 913 11.57 90.08 -13.45
N LEU K 914 10.48 89.38 -13.80
CA LEU K 914 9.34 89.28 -12.90
C LEU K 914 9.73 88.62 -11.58
N ALA K 915 10.73 87.74 -11.62
CA ALA K 915 11.27 87.11 -10.44
C ALA K 915 12.31 87.97 -9.73
N THR K 916 12.81 89.00 -10.40
CA THR K 916 13.85 89.88 -9.86
C THR K 916 13.29 91.25 -9.48
N MET K 917 11.98 91.43 -9.53
CA MET K 917 11.36 92.66 -9.07
C MET K 917 10.48 92.40 -7.85
N THR K 918 10.34 93.42 -7.02
CA THR K 918 9.59 93.30 -5.77
C THR K 918 8.11 93.57 -6.00
N TYR K 919 7.31 93.28 -4.97
CA TYR K 919 5.86 93.47 -5.08
C TYR K 919 5.51 94.94 -5.27
N GLU K 920 6.17 95.83 -4.54
CA GLU K 920 5.95 97.26 -4.74
C GLU K 920 6.36 97.68 -6.15
N GLU K 921 7.46 97.14 -6.65
CA GLU K 921 7.89 97.48 -8.00
C GLU K 921 6.87 97.00 -9.02
N VAL K 922 6.28 95.82 -8.80
CA VAL K 922 5.27 95.31 -9.73
C VAL K 922 4.02 96.17 -9.69
N ALA K 923 3.58 96.55 -8.48
CA ALA K 923 2.41 97.42 -8.39
C ALA K 923 2.67 98.76 -9.06
N LYS K 924 3.86 99.32 -8.85
CA LYS K 924 4.21 100.59 -9.47
C LYS K 924 4.27 100.48 -10.98
N ARG K 925 4.83 99.38 -11.50
CA ARG K 925 4.89 99.17 -12.94
C ARG K 925 3.49 99.02 -13.52
N LEU K 926 2.61 98.30 -12.82
CA LEU K 926 1.25 98.17 -13.30
C LEU K 926 0.54 99.51 -13.33
N VAL K 927 0.74 100.33 -12.30
CA VAL K 927 0.14 101.66 -12.30
C VAL K 927 0.70 102.49 -13.46
N GLU K 928 2.02 102.41 -13.67
CA GLU K 928 2.64 103.20 -14.73
C GLU K 928 2.11 102.80 -16.10
N LEU K 929 1.89 101.51 -16.33
CA LEU K 929 1.51 101.01 -17.64
C LEU K 929 0.01 100.87 -17.84
N MET K 930 -0.81 101.05 -16.81
CA MET K 930 -2.26 100.86 -16.91
C MET K 930 -3.06 102.06 -16.46
N PHE K 931 -2.52 102.91 -15.60
CA PHE K 931 -3.22 104.09 -15.12
C PHE K 931 -2.65 105.32 -15.80
N ILE K 932 -3.53 106.12 -16.39
CA ILE K 932 -3.14 107.29 -17.18
C ILE K 932 -3.23 108.52 -16.29
N ARG K 933 -2.12 109.23 -16.19
CA ARG K 933 -2.05 110.39 -15.29
C ARG K 933 -2.77 111.60 -15.90
N SER K 934 -2.70 111.77 -17.22
CA SER K 934 -3.33 112.92 -17.85
C SER K 934 -4.84 112.92 -17.64
N THR K 935 -5.47 111.76 -17.83
CA THR K 935 -6.89 111.61 -17.56
C THR K 935 -7.18 111.29 -16.10
N ASN K 936 -6.15 110.98 -15.30
CA ASN K 936 -6.33 110.68 -13.88
C ASN K 936 -7.28 109.51 -13.67
N SER K 937 -7.21 108.52 -14.55
CA SER K 937 -8.11 107.38 -14.47
C SER K 937 -7.45 106.18 -15.12
N TRP K 938 -7.97 105.00 -14.77
CA TRP K 938 -7.54 103.77 -15.42
C TRP K 938 -8.01 103.72 -16.85
N PHE K 939 -7.15 103.23 -17.74
CA PHE K 939 -7.55 103.12 -19.14
C PHE K 939 -8.62 102.06 -19.33
N ASP K 940 -8.60 101.02 -18.50
CA ASP K 940 -9.56 99.94 -18.61
C ASP K 940 -9.89 99.38 -17.23
N VAL K 941 -11.18 99.14 -17.00
CA VAL K 941 -11.62 98.58 -15.73
C VAL K 941 -11.04 97.19 -15.54
N THR K 942 -10.80 96.44 -16.61
CA THR K 942 -10.17 95.13 -16.47
C THR K 942 -8.73 95.26 -16.00
N TRP K 943 -8.01 96.27 -16.49
CA TRP K 943 -6.67 96.53 -15.96
C TRP K 943 -6.72 96.95 -14.51
N ARG K 944 -7.72 97.75 -14.15
CA ARG K 944 -7.90 98.14 -12.76
C ARG K 944 -8.13 96.91 -11.89
N THR K 945 -8.96 95.99 -12.36
CA THR K 945 -9.20 94.74 -11.65
C THR K 945 -7.93 93.91 -11.56
N PHE K 946 -7.13 93.91 -12.63
CA PHE K 946 -5.84 93.21 -12.61
C PHE K 946 -4.97 93.72 -11.47
N THR K 947 -4.80 95.05 -11.40
CA THR K 947 -3.93 95.62 -10.38
C THR K 947 -4.49 95.40 -8.98
N GLY K 948 -5.80 95.51 -8.82
CA GLY K 948 -6.39 95.25 -7.52
C GLY K 948 -6.24 93.80 -7.10
N ASP K 949 -6.39 92.88 -8.04
CA ASP K 949 -6.17 91.47 -7.75
C ASP K 949 -4.72 91.23 -7.33
N PHE K 950 -3.77 91.88 -8.00
CA PHE K 950 -2.38 91.74 -7.61
C PHE K 950 -2.15 92.25 -6.19
N LEU K 951 -2.73 93.41 -5.86
CA LEU K 951 -2.56 93.94 -4.51
C LEU K 951 -3.20 93.03 -3.48
N ARG K 952 -4.35 92.45 -3.80
CA ARG K 952 -4.97 91.49 -2.89
C ARG K 952 -4.08 90.27 -2.70
N ARG K 953 -3.43 89.81 -3.78
CA ARG K 953 -2.49 88.71 -3.67
C ARG K 953 -1.29 89.10 -2.79
N VAL K 954 -0.82 90.34 -2.91
CA VAL K 954 0.26 90.81 -2.05
C VAL K 954 -0.16 90.76 -0.59
N GLU K 955 -1.39 91.22 -0.31
CA GLU K 955 -1.90 91.19 1.05
C GLU K 955 -1.99 89.75 1.55
N GLU K 956 -2.48 88.83 0.71
CA GLU K 956 -2.56 87.44 1.10
C GLU K 956 -1.17 86.87 1.41
N ARG K 957 -0.19 87.19 0.57
CA ARG K 957 1.15 86.63 0.74
C ARG K 957 1.80 87.14 2.02
N PHE K 958 1.60 88.43 2.34
CA PHE K 958 2.36 89.06 3.41
C PHE K 958 1.58 89.26 4.70
N THR K 959 0.31 88.88 4.73
CA THR K 959 -0.46 88.89 5.98
C THR K 959 -0.17 87.61 6.74
N LYS K 960 -0.03 87.74 8.06
CA LYS K 960 0.26 86.60 8.91
C LYS K 960 -1.00 85.86 9.37
N SER K 961 -2.17 86.46 9.20
CA SER K 961 -3.40 85.86 9.71
C SER K 961 -4.59 86.52 9.00
N LYS K 962 -5.78 86.22 9.49
CA LYS K 962 -7.00 86.84 8.98
C LYS K 962 -6.93 88.35 9.15
N THR K 963 -7.42 89.09 8.15
CA THR K 963 -7.49 90.53 8.27
C THR K 963 -8.34 91.08 7.13
N LEU K 964 -9.04 92.17 7.42
CA LEU K 964 -9.84 92.83 6.39
C LEU K 964 -8.94 93.27 5.24
N SER K 965 -9.42 93.06 4.02
CA SER K 965 -8.70 93.55 2.85
C SER K 965 -8.59 95.06 2.91
N LEU K 966 -7.37 95.57 2.67
CA LEU K 966 -7.19 97.01 2.61
C LEU K 966 -7.93 97.61 1.42
N ILE K 967 -7.92 96.92 0.28
CA ILE K 967 -8.69 97.33 -0.89
C ILE K 967 -9.98 96.53 -0.79
N GLN K 968 -10.99 97.11 -0.13
CA GLN K 968 -12.30 96.48 -0.06
C GLN K 968 -13.05 96.62 -1.37
N SER K 969 -12.96 97.78 -2.00
CA SER K 969 -13.56 98.04 -3.29
C SER K 969 -12.45 98.41 -4.27
N TYR K 970 -12.60 97.97 -5.51
CA TYR K 970 -11.65 98.36 -6.53
C TYR K 970 -11.69 99.84 -6.83
N SER K 971 -12.80 100.52 -6.50
CA SER K 971 -12.94 101.94 -6.81
C SER K 971 -11.89 102.78 -6.08
N LEU K 972 -11.30 102.26 -5.01
CA LEU K 972 -10.27 103.00 -4.30
C LEU K 972 -9.04 103.21 -5.19
N LEU K 973 -8.80 102.32 -6.15
CA LEU K 973 -7.65 102.44 -7.04
C LEU K 973 -7.71 103.66 -7.96
N ASP K 974 -8.77 104.46 -7.92
CA ASP K 974 -8.77 105.71 -8.66
C ASP K 974 -7.66 106.65 -8.21
N LYS K 975 -7.14 106.45 -6.99
CA LYS K 975 -5.91 107.09 -6.51
C LYS K 975 -4.91 105.95 -6.29
N PRO K 976 -4.34 105.42 -7.38
CA PRO K 976 -3.50 104.22 -7.24
C PRO K 976 -2.25 104.43 -6.42
N ASP K 977 -1.65 105.63 -6.48
CA ASP K 977 -0.48 105.89 -5.65
C ASP K 977 -0.83 105.79 -4.17
N GLU K 978 -1.96 106.36 -3.78
CA GLU K 978 -2.39 106.28 -2.40
C GLU K 978 -2.71 104.85 -2.01
N ALA K 979 -3.38 104.10 -2.89
CA ALA K 979 -3.72 102.72 -2.58
C ALA K 979 -2.46 101.86 -2.40
N ILE K 980 -1.48 102.04 -3.29
CA ILE K 980 -0.23 101.29 -3.19
C ILE K 980 0.53 101.68 -1.93
N GLU K 981 0.58 102.98 -1.63
CA GLU K 981 1.27 103.43 -0.43
C GLU K 981 0.63 102.82 0.81
N LYS K 982 -0.70 102.79 0.85
CA LYS K 982 -1.39 102.19 1.98
C LYS K 982 -1.09 100.71 2.09
N VAL K 983 -1.18 99.98 0.97
CA VAL K 983 -0.99 98.54 1.02
C VAL K 983 0.43 98.19 1.46
N PHE K 984 1.42 98.87 0.91
CA PHE K 984 2.80 98.54 1.22
C PHE K 984 3.31 99.22 2.49
N ASN K 985 2.55 100.15 3.06
CA ASN K 985 2.82 100.58 4.42
C ASN K 985 2.25 99.58 5.42
N ALA K 986 1.11 98.97 5.08
CA ALA K 986 0.56 97.93 5.93
C ALA K 986 1.40 96.66 5.87
N TYR K 987 2.05 96.40 4.73
CA TYR K 987 2.91 95.24 4.54
C TYR K 987 4.27 95.72 4.03
N PRO K 988 5.06 96.37 4.89
CA PRO K 988 6.36 96.88 4.42
C PRO K 988 7.31 95.79 3.97
N ALA K 989 7.12 94.55 4.41
CA ALA K 989 8.01 93.47 4.01
C ALA K 989 7.95 93.20 2.51
N ALA K 990 6.89 93.65 1.83
CA ALA K 990 6.75 93.42 0.40
C ALA K 990 7.48 94.44 -0.46
N ARG K 991 8.01 95.51 0.13
CA ARG K 991 8.67 96.54 -0.65
C ARG K 991 10.07 96.12 -1.12
N GLU K 992 10.76 95.28 -0.36
CA GLU K 992 12.14 94.89 -0.65
C GLU K 992 12.24 93.36 -0.71
N GLN K 993 11.37 92.77 -1.51
CA GLN K 993 11.17 91.32 -1.51
C GLN K 993 10.73 90.90 -2.88
N PHE K 994 11.58 90.16 -3.58
CA PHE K 994 11.27 89.74 -4.94
C PHE K 994 10.00 88.90 -4.94
N LEU K 995 9.33 88.85 -6.10
CA LEU K 995 8.09 88.09 -6.19
C LEU K 995 8.33 86.62 -5.87
N ASN K 996 7.46 86.06 -5.05
CA ASN K 996 7.43 84.61 -4.87
C ASN K 996 7.06 83.96 -6.19
N ALA K 997 7.65 82.79 -6.45
CA ALA K 997 7.43 82.13 -7.73
C ALA K 997 5.97 81.77 -7.92
N GLN K 998 5.26 81.47 -6.83
CA GLN K 998 3.82 81.26 -6.91
C GLN K 998 3.13 82.50 -7.43
N ASP K 999 3.56 83.67 -6.97
CA ASP K 999 2.92 84.91 -7.38
C ASP K 999 3.31 85.27 -8.81
N ILE K 1000 4.49 84.85 -9.25
CA ILE K 1000 4.85 85.02 -10.65
C ILE K 1000 3.93 84.19 -11.53
N ASP K 1001 3.72 82.93 -11.14
CA ASP K 1001 2.81 82.06 -11.89
C ASP K 1001 1.40 82.63 -11.90
N HIS K 1002 0.93 83.13 -10.75
CA HIS K 1002 -0.39 83.74 -10.68
C HIS K 1002 -0.48 84.98 -11.58
N PHE K 1003 0.56 85.83 -11.54
CA PHE K 1003 0.59 87.02 -12.37
C PHE K 1003 0.51 86.67 -13.84
N LEU K 1004 1.25 85.64 -14.27
CA LEU K 1004 1.19 85.23 -15.66
C LEU K 1004 -0.16 84.66 -16.03
N SER K 1005 -0.76 83.85 -15.14
CA SER K 1005 -2.06 83.28 -15.44
C SER K 1005 -3.12 84.36 -15.58
N MET K 1006 -3.08 85.36 -14.69
CA MET K 1006 -4.07 86.43 -14.76
C MET K 1006 -3.71 87.48 -15.80
N CYS K 1007 -2.49 87.43 -16.34
CA CYS K 1007 -2.21 88.11 -17.61
C CYS K 1007 -2.84 87.37 -18.78
N GLN K 1008 -2.89 86.05 -18.71
CA GLN K 1008 -3.48 85.22 -19.74
C GLN K 1008 -5.00 85.04 -19.55
N ASN K 1009 -5.58 85.68 -18.55
CA ASN K 1009 -7.03 85.61 -18.34
C ASN K 1009 -7.79 86.06 -19.58
N PRO K 1010 -8.79 85.28 -20.07
CA PRO K 1010 -9.49 85.74 -21.28
C PRO K 1010 -10.45 86.90 -21.03
N MET K 1011 -11.19 86.87 -19.94
CA MET K 1011 -12.17 87.92 -19.63
C MET K 1011 -11.46 89.16 -19.09
N GLN K 1012 -10.63 89.75 -19.95
CA GLN K 1012 -9.76 90.85 -19.54
C GLN K 1012 -9.13 91.43 -20.80
N LYS K 1013 -8.97 92.75 -20.80
CA LYS K 1013 -8.26 93.39 -21.90
C LYS K 1013 -6.80 92.92 -21.90
N PRO K 1014 -6.24 92.54 -23.05
CA PRO K 1014 -4.83 92.12 -23.06
C PRO K 1014 -3.90 93.18 -22.51
N VAL K 1015 -2.94 92.75 -21.72
CA VAL K 1015 -2.10 93.65 -20.92
C VAL K 1015 -1.18 94.45 -21.82
N PRO K 1016 -0.86 95.72 -21.49
CA PRO K 1016 -0.02 96.55 -22.36
C PRO K 1016 1.47 96.35 -22.12
N PHE K 1017 1.91 95.09 -22.13
CA PHE K 1017 3.31 94.77 -21.92
C PHE K 1017 3.51 93.29 -22.20
N VAL K 1018 4.78 92.90 -22.29
CA VAL K 1018 5.18 91.50 -22.38
C VAL K 1018 5.65 91.06 -21.00
N PRO K 1019 4.96 90.14 -20.32
CA PRO K 1019 5.41 89.77 -18.96
C PRO K 1019 6.58 88.82 -18.95
N VAL K 1020 6.65 87.91 -19.92
CA VAL K 1020 7.74 86.94 -20.02
C VAL K 1020 8.04 86.69 -21.49
N LEU K 1021 9.20 86.10 -21.75
CA LEU K 1021 9.60 85.65 -23.08
C LEU K 1021 9.54 84.13 -23.10
N ASP K 1022 8.50 83.58 -23.73
CA ASP K 1022 8.30 82.14 -23.76
C ASP K 1022 7.58 81.80 -25.07
N ARG K 1023 7.01 80.60 -25.14
CA ARG K 1023 6.31 80.17 -26.35
C ARG K 1023 5.19 81.14 -26.73
N ARG K 1024 4.54 81.76 -25.75
CA ARG K 1024 3.43 82.67 -25.99
C ARG K 1024 3.89 84.11 -26.22
N PHE K 1025 5.18 84.32 -26.48
CA PHE K 1025 5.68 85.67 -26.68
C PHE K 1025 5.07 86.31 -27.91
N GLU K 1026 4.86 85.52 -28.97
CA GLU K 1026 4.24 86.06 -30.17
C GLU K 1026 2.81 86.53 -29.86
N ILE K 1027 2.07 85.74 -29.09
CA ILE K 1027 0.72 86.14 -28.72
C ILE K 1027 0.75 87.43 -27.92
N PHE K 1028 1.65 87.51 -26.92
CA PHE K 1028 1.73 88.73 -26.12
C PHE K 1028 2.13 89.94 -26.96
N PHE K 1029 3.04 89.73 -27.90
CA PHE K 1029 3.59 90.83 -28.70
C PHE K 1029 2.57 91.36 -29.70
N LYS K 1030 1.80 90.47 -30.32
CA LYS K 1030 0.92 90.86 -31.42
C LYS K 1030 -0.51 91.14 -30.99
N LYS K 1031 -0.98 90.55 -29.89
CA LYS K 1031 -2.38 90.68 -29.52
C LYS K 1031 -2.71 92.11 -29.11
N ASP K 1032 -3.86 92.60 -29.59
CA ASP K 1032 -4.43 93.87 -29.14
C ASP K 1032 -3.52 95.05 -29.50
N SER K 1033 -3.15 95.11 -30.78
CA SER K 1033 -2.14 96.04 -31.26
C SER K 1033 -2.72 97.24 -32.01
N LEU K 1034 -4.04 97.39 -32.04
CA LEU K 1034 -4.70 98.38 -32.87
C LEU K 1034 -5.16 99.61 -32.10
N TRP K 1035 -5.57 99.46 -30.84
CA TRP K 1035 -6.15 100.58 -30.09
C TRP K 1035 -5.12 101.64 -29.72
N GLN K 1036 -3.83 101.29 -29.67
CA GLN K 1036 -2.82 102.26 -29.27
C GLN K 1036 -2.70 103.40 -30.27
N SER K 1037 -3.11 103.18 -31.52
CA SER K 1037 -3.07 104.24 -32.51
C SER K 1037 -3.98 105.40 -32.12
N GLU K 1038 -5.19 105.09 -31.65
CA GLU K 1038 -6.16 106.10 -31.26
C GLU K 1038 -6.06 106.47 -29.78
N HIS K 1039 -5.28 105.74 -28.99
CA HIS K 1039 -5.15 105.98 -27.55
C HIS K 1039 -3.70 106.15 -27.16
N LEU K 1040 -3.00 107.07 -27.82
CA LEU K 1040 -1.60 107.32 -27.51
C LEU K 1040 -1.39 107.74 -26.05
N GLU K 1041 -2.42 108.25 -25.38
CA GLU K 1041 -2.26 108.65 -23.98
C GLU K 1041 -1.89 107.47 -23.09
N ALA K 1042 -2.17 106.23 -23.53
CA ALA K 1042 -1.81 105.02 -22.81
C ALA K 1042 -0.56 104.36 -23.40
N VAL K 1043 0.44 105.15 -23.77
CA VAL K 1043 1.69 104.65 -24.32
C VAL K 1043 2.83 105.23 -23.49
N VAL K 1044 3.99 104.57 -23.55
CA VAL K 1044 5.08 104.84 -22.61
C VAL K 1044 5.47 106.31 -22.64
N ASP K 1045 5.69 106.85 -23.84
CA ASP K 1045 6.00 108.27 -24.00
C ASP K 1045 4.96 108.97 -24.87
N GLN K 1046 3.78 108.37 -25.05
CA GLN K 1046 2.78 108.89 -25.98
C GLN K 1046 3.36 109.04 -27.39
N ASP K 1047 4.25 108.12 -27.73
CA ASP K 1047 4.99 108.18 -28.98
C ASP K 1047 4.29 107.32 -30.02
N VAL K 1048 3.95 107.93 -31.16
CA VAL K 1048 3.39 107.18 -32.28
C VAL K 1048 4.37 106.13 -32.79
N GLN K 1049 5.67 106.38 -32.63
CA GLN K 1049 6.68 105.45 -33.17
C GLN K 1049 6.56 104.08 -32.52
N ARG K 1050 5.95 103.99 -31.34
CA ARG K 1050 5.77 102.71 -30.67
C ARG K 1050 4.54 101.95 -31.16
N THR K 1051 3.56 102.65 -31.73
CA THR K 1051 2.26 102.08 -32.00
C THR K 1051 2.17 101.53 -33.42
N CYS K 1052 1.08 100.82 -33.68
CA CYS K 1052 0.84 100.16 -34.97
C CYS K 1052 -0.38 100.80 -35.62
N ILE K 1053 -0.16 101.47 -36.75
CA ILE K 1053 -1.23 102.13 -37.50
C ILE K 1053 -1.33 101.44 -38.86
N LEU K 1054 -2.45 100.77 -39.09
CA LEU K 1054 -2.73 100.19 -40.40
C LEU K 1054 -2.95 101.29 -41.42
N HIS K 1055 -2.38 101.11 -42.61
CA HIS K 1055 -2.50 102.16 -43.63
C HIS K 1055 -2.20 101.54 -44.99
N GLY K 1056 -2.64 102.25 -46.04
CA GLY K 1056 -2.44 101.78 -47.40
C GLY K 1056 -1.30 102.51 -48.09
N PRO K 1057 -0.31 101.77 -48.62
CA PRO K 1057 0.83 102.46 -49.25
C PRO K 1057 0.45 103.31 -50.45
N VAL K 1058 -0.53 102.89 -51.24
CA VAL K 1058 -0.94 103.67 -52.40
C VAL K 1058 -1.88 104.79 -52.00
N ALA K 1059 -2.82 104.50 -51.08
CA ALA K 1059 -3.75 105.52 -50.63
C ALA K 1059 -3.06 106.60 -49.80
N ALA K 1060 -1.84 106.34 -49.33
CA ALA K 1060 -1.10 107.33 -48.57
C ALA K 1060 -0.67 108.52 -49.42
N GLN K 1061 -0.68 108.37 -50.74
CA GLN K 1061 -0.28 109.50 -51.60
C GLN K 1061 -1.22 110.68 -51.43
N PHE K 1062 -2.52 110.42 -51.29
CA PHE K 1062 -3.53 111.46 -51.26
C PHE K 1062 -3.90 111.86 -49.84
N THR K 1063 -3.24 111.29 -48.83
CA THR K 1063 -3.48 111.63 -47.43
C THR K 1063 -2.41 112.65 -47.01
N LYS K 1064 -2.73 113.92 -47.21
CA LYS K 1064 -1.83 115.02 -46.86
C LYS K 1064 -2.44 115.94 -45.81
N VAL K 1065 -3.65 116.45 -46.04
CA VAL K 1065 -4.25 117.43 -45.15
C VAL K 1065 -4.76 116.73 -43.90
N ILE K 1066 -4.50 117.33 -42.74
CA ILE K 1066 -4.83 116.74 -41.45
C ILE K 1066 -6.04 117.46 -40.88
N ASP K 1067 -6.87 116.71 -40.15
CA ASP K 1067 -8.01 117.22 -39.41
C ASP K 1067 -9.09 117.81 -40.32
N GLU K 1068 -9.06 117.51 -41.61
CA GLU K 1068 -10.10 117.95 -42.52
C GLU K 1068 -11.32 117.05 -42.36
N PRO K 1069 -12.51 117.58 -42.07
CA PRO K 1069 -13.63 116.69 -41.70
C PRO K 1069 -14.02 115.74 -42.83
N ILE K 1070 -14.54 114.59 -42.44
CA ILE K 1070 -14.93 113.58 -43.42
C ILE K 1070 -16.00 114.12 -44.34
N LYS K 1071 -16.88 114.98 -43.81
CA LYS K 1071 -17.83 115.69 -44.65
C LYS K 1071 -17.09 116.42 -45.77
N SER K 1072 -16.05 117.16 -45.41
CA SER K 1072 -15.29 117.91 -46.42
C SER K 1072 -14.62 116.97 -47.41
N ILE K 1073 -14.00 115.89 -46.94
CA ILE K 1073 -13.29 114.97 -47.83
C ILE K 1073 -14.24 114.34 -48.82
N MET K 1074 -15.35 113.80 -48.32
CA MET K 1074 -16.31 113.10 -49.17
C MET K 1074 -17.01 114.06 -50.11
N ASP K 1075 -17.36 115.26 -49.63
CA ASP K 1075 -17.95 116.25 -50.51
C ASP K 1075 -16.97 116.68 -51.59
N GLY K 1076 -15.69 116.78 -51.25
CA GLY K 1076 -14.70 117.08 -52.26
C GLY K 1076 -14.64 116.02 -53.34
N ILE K 1077 -14.60 114.75 -52.94
CA ILE K 1077 -14.55 113.67 -53.92
C ILE K 1077 -15.81 113.66 -54.78
N HIS K 1078 -16.97 113.79 -54.14
CA HIS K 1078 -18.24 113.75 -54.86
C HIS K 1078 -18.39 114.94 -55.80
N ASP K 1079 -18.05 116.14 -55.34
CA ASP K 1079 -18.14 117.31 -56.18
C ASP K 1079 -17.14 117.25 -57.33
N GLY K 1080 -15.96 116.69 -57.07
CA GLY K 1080 -15.03 116.42 -58.17
C GLY K 1080 -15.67 115.56 -59.23
N HIS K 1081 -16.16 114.37 -58.84
CA HIS K 1081 -16.82 113.48 -59.79
C HIS K 1081 -17.95 114.20 -60.52
N ILE K 1082 -18.73 115.00 -59.79
CA ILE K 1082 -19.86 115.70 -60.41
C ILE K 1082 -19.35 116.66 -61.49
N LYS K 1083 -18.30 117.43 -61.18
CA LYS K 1083 -17.87 118.42 -62.16
C LYS K 1083 -17.25 117.77 -63.39
N LYS K 1084 -16.50 116.68 -63.20
CA LYS K 1084 -15.92 116.03 -64.38
C LYS K 1084 -16.99 115.36 -65.23
N LEU K 1085 -17.95 114.70 -64.59
CA LEU K 1085 -19.06 114.12 -65.34
C LEU K 1085 -19.85 115.21 -66.06
N LEU K 1086 -20.08 116.33 -65.39
CA LEU K 1086 -20.82 117.43 -66.00
C LEU K 1086 -20.08 117.96 -67.21
N HIS K 1087 -18.76 118.11 -67.10
CA HIS K 1087 -17.98 118.61 -68.22
C HIS K 1087 -17.98 117.63 -69.39
N GLN K 1088 -17.90 116.33 -69.09
CA GLN K 1088 -17.62 115.38 -70.17
C GLN K 1088 -18.90 114.86 -70.82
N TYR K 1089 -19.92 114.50 -70.02
CA TYR K 1089 -21.16 113.95 -70.56
C TYR K 1089 -22.36 114.90 -70.52
N TYR K 1090 -22.26 116.05 -69.86
CA TYR K 1090 -23.38 116.99 -69.80
C TYR K 1090 -23.01 118.40 -70.23
N GLY K 1091 -21.77 118.63 -70.67
CA GLY K 1091 -21.40 119.91 -71.25
C GLY K 1091 -21.47 121.09 -70.30
N ASP K 1092 -21.01 120.90 -69.06
CA ASP K 1092 -20.95 121.96 -68.05
C ASP K 1092 -22.33 122.53 -67.70
N ASP K 1093 -23.41 121.86 -68.08
CA ASP K 1093 -24.77 122.35 -67.87
C ASP K 1093 -25.45 121.48 -66.83
N GLU K 1094 -25.81 122.09 -65.69
CA GLU K 1094 -26.58 121.40 -64.68
C GLU K 1094 -28.05 121.28 -65.06
N SER K 1095 -28.53 122.11 -65.98
CA SER K 1095 -29.90 121.97 -66.45
C SER K 1095 -30.12 120.69 -67.26
N LYS K 1096 -29.04 120.13 -67.81
CA LYS K 1096 -29.13 118.87 -68.53
C LYS K 1096 -29.24 117.66 -67.61
N ILE K 1097 -29.01 117.83 -66.31
CA ILE K 1097 -29.11 116.74 -65.35
C ILE K 1097 -30.58 116.34 -65.23
N PRO K 1098 -30.95 115.07 -65.43
CA PRO K 1098 -32.35 114.68 -65.19
C PRO K 1098 -32.74 114.92 -63.73
N ALA K 1099 -33.99 115.36 -63.54
CA ALA K 1099 -34.52 115.70 -62.23
C ALA K 1099 -35.56 114.66 -61.83
N VAL K 1100 -35.48 114.22 -60.58
CA VAL K 1100 -36.46 113.31 -60.00
C VAL K 1100 -36.86 113.86 -58.63
N GLU K 1101 -38.00 113.39 -58.14
CA GLU K 1101 -38.46 113.83 -56.82
C GLU K 1101 -37.48 113.39 -55.74
N TYR K 1102 -37.16 112.10 -55.72
CA TYR K 1102 -36.20 111.54 -54.77
C TYR K 1102 -35.35 110.51 -55.48
N PHE K 1103 -34.10 110.37 -55.02
CA PHE K 1103 -33.11 109.51 -55.64
C PHE K 1103 -32.72 108.41 -54.66
N GLY K 1104 -33.15 107.19 -54.94
CA GLY K 1104 -32.82 106.06 -54.11
C GLY K 1104 -33.87 104.98 -54.22
N GLY K 1105 -33.59 103.86 -53.58
CA GLY K 1105 -34.54 102.77 -53.48
C GLY K 1105 -34.73 101.96 -54.74
N GLU K 1106 -33.93 102.21 -55.77
CA GLU K 1106 -34.02 101.47 -57.03
C GLU K 1106 -33.14 100.24 -56.95
N SER K 1107 -33.75 99.06 -57.02
CA SER K 1107 -32.97 97.84 -56.94
C SER K 1107 -32.07 97.72 -58.17
N PRO K 1108 -30.88 97.11 -58.03
CA PRO K 1108 -30.02 96.93 -59.21
C PRO K 1108 -30.60 95.96 -60.22
N VAL K 1109 -31.57 95.14 -59.85
CA VAL K 1109 -32.17 94.17 -60.75
C VAL K 1109 -33.24 94.82 -61.61
N GLU K 1122 -51.38 107.01 -66.95
CA GLU K 1122 -52.84 107.11 -67.07
C GLU K 1122 -53.41 107.95 -65.93
N ASP K 1123 -54.13 109.01 -66.30
CA ASP K 1123 -54.67 109.91 -65.28
C ASP K 1123 -55.69 109.19 -64.39
N SER K 1124 -56.55 108.38 -64.97
CA SER K 1124 -57.57 107.61 -64.25
C SER K 1124 -57.39 106.14 -64.61
N ALA K 1125 -57.09 105.31 -63.60
CA ALA K 1125 -56.79 103.91 -63.81
C ALA K 1125 -57.56 103.06 -62.81
N VAL K 1126 -57.87 101.83 -63.22
CA VAL K 1126 -58.54 100.85 -62.37
C VAL K 1126 -57.76 99.54 -62.47
N PHE K 1127 -57.41 98.98 -61.32
CA PHE K 1127 -56.68 97.72 -61.23
C PHE K 1127 -57.45 96.75 -60.35
N LYS K 1128 -57.43 95.48 -60.70
CA LYS K 1128 -58.14 94.45 -59.97
C LYS K 1128 -57.19 93.31 -59.65
N ALA K 1129 -57.13 92.94 -58.38
CA ALA K 1129 -56.22 91.90 -57.91
C ALA K 1129 -56.94 90.55 -57.92
N THR K 1130 -56.22 89.51 -58.28
CA THR K 1130 -56.72 88.14 -58.23
C THR K 1130 -55.66 87.27 -57.58
N SER K 1131 -56.00 85.98 -57.43
CA SER K 1131 -55.07 85.07 -56.77
C SER K 1131 -53.80 84.87 -57.59
N SER K 1132 -53.91 84.95 -58.92
CA SER K 1132 -52.80 84.65 -59.81
C SER K 1132 -51.95 85.87 -60.16
N THR K 1133 -52.35 87.07 -59.76
CA THR K 1133 -51.55 88.26 -60.05
C THR K 1133 -50.21 88.19 -59.35
N ASP K 1134 -49.18 88.68 -60.05
CA ASP K 1134 -47.85 88.74 -59.46
C ASP K 1134 -47.66 90.04 -58.69
N GLU K 1135 -47.12 89.91 -57.48
CA GLU K 1135 -47.10 91.01 -56.54
C GLU K 1135 -46.25 92.16 -57.04
N GLU K 1136 -45.11 91.85 -57.65
CA GLU K 1136 -44.21 92.90 -58.10
C GLU K 1136 -44.86 93.76 -59.17
N SER K 1137 -45.47 93.13 -60.18
CA SER K 1137 -46.12 93.91 -61.23
C SER K 1137 -47.32 94.67 -60.68
N TRP K 1138 -48.06 94.06 -59.75
CA TRP K 1138 -49.15 94.78 -59.11
C TRP K 1138 -48.67 96.07 -58.47
N PHE K 1139 -47.58 95.99 -57.69
CA PHE K 1139 -47.09 97.17 -57.01
C PHE K 1139 -46.47 98.18 -57.97
N LYS K 1140 -45.80 97.70 -59.02
CA LYS K 1140 -45.27 98.63 -60.02
C LYS K 1140 -46.40 99.39 -60.71
N ALA K 1141 -47.49 98.69 -61.04
CA ALA K 1141 -48.63 99.36 -61.65
C ALA K 1141 -49.23 100.39 -60.70
N LEU K 1142 -49.36 100.04 -59.42
CA LEU K 1142 -49.89 101.00 -58.47
C LEU K 1142 -48.98 102.21 -58.33
N ALA K 1143 -47.67 101.98 -58.30
CA ALA K 1143 -46.72 103.08 -58.15
C ALA K 1143 -46.74 104.02 -59.35
N GLY K 1144 -46.75 103.46 -60.56
CA GLY K 1144 -46.65 104.28 -61.75
C GLY K 1144 -45.21 104.52 -62.16
N SER K 1145 -45.06 105.33 -63.21
CA SER K 1145 -43.74 105.59 -63.77
C SER K 1145 -43.08 106.81 -63.14
N GLU K 1146 -43.83 107.88 -62.96
CA GLU K 1146 -43.26 109.14 -62.49
C GLU K 1146 -42.80 108.98 -61.04
N ILE K 1147 -41.62 109.51 -60.75
CA ILE K 1147 -41.02 109.40 -59.42
C ILE K 1147 -41.74 110.37 -58.50
N ASN K 1148 -42.39 109.86 -57.46
CA ASN K 1148 -43.15 110.73 -56.57
C ASN K 1148 -43.50 109.98 -55.28
N TRP K 1149 -44.33 110.61 -54.45
CA TRP K 1149 -44.74 110.02 -53.20
C TRP K 1149 -45.46 108.69 -53.42
N ARG K 1150 -46.21 108.57 -54.52
CA ARG K 1150 -46.88 107.31 -54.82
C ARG K 1150 -45.86 106.23 -55.12
N HIS K 1151 -44.81 106.58 -55.88
CA HIS K 1151 -43.73 105.66 -56.15
C HIS K 1151 -43.11 105.17 -54.84
N ALA K 1152 -42.80 106.10 -53.95
CA ALA K 1152 -42.22 105.73 -52.66
C ALA K 1152 -43.18 104.88 -51.86
N SER K 1153 -44.46 105.22 -51.86
CA SER K 1153 -45.44 104.52 -51.06
C SER K 1153 -45.57 103.07 -51.50
N PHE K 1154 -45.57 102.83 -52.80
CA PHE K 1154 -45.86 101.49 -53.32
C PHE K 1154 -44.63 100.68 -53.67
N LEU K 1155 -43.42 101.26 -53.61
CA LEU K 1155 -42.20 100.50 -53.91
C LEU K 1155 -41.16 100.55 -52.80
N CYS K 1156 -41.14 101.59 -51.97
CA CYS K 1156 -40.19 101.62 -50.88
C CYS K 1156 -40.45 100.45 -49.94
N SER K 1157 -39.38 99.72 -49.62
CA SER K 1157 -39.52 98.49 -48.85
C SER K 1157 -39.80 98.77 -47.38
N PHE K 1158 -39.17 99.79 -46.82
CA PHE K 1158 -39.30 100.13 -45.41
C PHE K 1158 -39.69 101.60 -45.26
N ILE K 1159 -40.38 101.88 -44.16
CA ILE K 1159 -40.66 103.25 -43.75
C ILE K 1159 -39.90 103.53 -42.46
N THR K 1160 -39.71 104.82 -42.20
CA THR K 1160 -38.90 105.27 -41.08
C THR K 1160 -39.81 105.58 -39.89
N GLN K 1161 -39.59 104.89 -38.78
CA GLN K 1161 -40.25 105.21 -37.53
C GLN K 1161 -39.53 106.41 -36.92
N ASP K 1162 -39.73 106.64 -35.62
CA ASP K 1162 -39.08 107.78 -34.96
C ASP K 1162 -37.58 107.81 -35.25
N LYS K 1163 -36.92 106.65 -35.12
CA LYS K 1163 -35.56 106.51 -35.64
C LYS K 1163 -35.30 105.12 -36.20
N MET K 1164 -36.35 104.31 -36.42
CA MET K 1164 -36.22 102.91 -36.75
C MET K 1164 -36.79 102.65 -38.14
N PHE K 1165 -36.50 101.46 -38.67
CA PHE K 1165 -36.95 101.04 -39.99
C PHE K 1165 -37.88 99.84 -39.84
N VAL K 1166 -39.08 99.93 -40.41
CA VAL K 1166 -40.08 98.88 -40.33
C VAL K 1166 -40.67 98.64 -41.70
N SER K 1167 -41.31 97.50 -41.85
CA SER K 1167 -41.93 97.13 -43.13
C SER K 1167 -42.97 98.16 -43.53
N ASN K 1168 -43.02 98.45 -44.83
CA ASN K 1168 -43.87 99.51 -45.33
C ASN K 1168 -45.33 99.14 -45.09
N PRO K 1169 -46.08 99.89 -44.28
CA PRO K 1169 -47.50 99.55 -44.09
C PRO K 1169 -48.30 99.69 -45.36
N ILE K 1170 -47.90 100.58 -46.27
CA ILE K 1170 -48.67 100.79 -47.49
C ILE K 1170 -48.70 99.50 -48.30
N ARG K 1171 -47.53 98.90 -48.54
CA ARG K 1171 -47.47 97.68 -49.33
C ARG K 1171 -48.21 96.54 -48.63
N LYS K 1172 -48.01 96.39 -47.32
CA LYS K 1172 -48.63 95.28 -46.61
C LYS K 1172 -50.16 95.41 -46.61
N VAL K 1173 -50.67 96.64 -46.57
CA VAL K 1173 -52.11 96.84 -46.69
C VAL K 1173 -52.57 96.56 -48.11
N PHE K 1174 -51.80 97.00 -49.11
CA PHE K 1174 -52.17 96.89 -50.51
C PHE K 1174 -51.69 95.59 -51.15
N LYS K 1175 -51.39 94.57 -50.36
CA LYS K 1175 -51.01 93.27 -50.94
C LYS K 1175 -52.14 92.77 -51.84
N PRO K 1176 -51.85 92.31 -53.06
CA PRO K 1176 -52.93 91.88 -53.95
C PRO K 1176 -53.66 90.68 -53.40
N SER K 1177 -54.98 90.69 -53.56
CA SER K 1177 -55.82 89.57 -53.15
C SER K 1177 -57.13 89.67 -53.91
N GLN K 1178 -57.83 88.53 -53.99
CA GLN K 1178 -59.05 88.47 -54.77
C GLN K 1178 -60.09 89.44 -54.22
N GLY K 1179 -60.75 90.17 -55.12
CA GLY K 1179 -61.77 91.13 -54.74
C GLY K 1179 -61.27 92.54 -54.51
N MET K 1180 -59.96 92.76 -54.51
CA MET K 1180 -59.40 94.08 -54.26
C MET K 1180 -59.41 94.89 -55.57
N VAL K 1181 -59.95 96.10 -55.50
CA VAL K 1181 -60.03 97.00 -56.66
C VAL K 1181 -59.43 98.33 -56.25
N VAL K 1182 -58.43 98.78 -56.99
CA VAL K 1182 -57.72 100.02 -56.72
C VAL K 1182 -58.01 100.98 -57.86
N GLU K 1183 -58.60 102.13 -57.52
CA GLU K 1183 -58.88 103.19 -58.47
C GLU K 1183 -57.94 104.35 -58.18
N ILE K 1184 -57.11 104.69 -59.17
CA ILE K 1184 -56.18 105.81 -59.06
C ILE K 1184 -56.73 106.94 -59.91
N SER K 1185 -56.94 108.10 -59.28
CA SER K 1185 -57.44 109.29 -59.95
C SER K 1185 -56.38 110.38 -59.88
N ASN K 1186 -56.28 111.15 -60.96
CA ASN K 1186 -55.28 112.21 -61.09
C ASN K 1186 -53.87 111.64 -60.91
N GLY K 1187 -53.60 110.52 -61.57
CA GLY K 1187 -52.29 109.90 -61.47
C GLY K 1187 -51.18 110.79 -62.02
N ASN K 1188 -51.49 111.56 -63.07
CA ASN K 1188 -50.48 112.44 -63.65
C ASN K 1188 -50.04 113.51 -62.66
N THR K 1189 -50.99 114.11 -61.95
CA THR K 1189 -50.70 115.16 -60.99
C THR K 1189 -50.44 114.52 -59.64
N SER K 1190 -49.19 114.57 -59.17
CA SER K 1190 -48.84 113.93 -57.92
C SER K 1190 -49.57 114.57 -56.73
N SER K 1191 -49.70 115.90 -56.75
CA SER K 1191 -50.31 116.58 -55.62
C SER K 1191 -51.76 116.16 -55.44
N LYS K 1192 -52.51 116.01 -56.54
CA LYS K 1192 -53.93 115.68 -56.50
C LYS K 1192 -54.20 114.19 -56.66
N THR K 1193 -53.17 113.35 -56.74
CA THR K 1193 -53.39 111.93 -56.96
C THR K 1193 -54.06 111.31 -55.75
N VAL K 1194 -55.03 110.43 -56.00
CA VAL K 1194 -55.74 109.72 -54.95
C VAL K 1194 -55.87 108.25 -55.35
N VAL K 1195 -55.60 107.36 -54.41
CA VAL K 1195 -55.65 105.91 -54.63
C VAL K 1195 -56.68 105.33 -53.67
N THR K 1196 -57.83 104.94 -54.19
CA THR K 1196 -58.92 104.38 -53.41
C THR K 1196 -58.96 102.87 -53.61
N LEU K 1197 -58.76 102.13 -52.54
CA LEU K 1197 -58.80 100.67 -52.55
C LEU K 1197 -60.09 100.21 -51.91
N SER K 1198 -60.84 99.39 -52.63
CA SER K 1198 -62.12 98.85 -52.20
C SER K 1198 -62.04 97.33 -52.19
N GLU K 1199 -62.69 96.72 -51.21
CA GLU K 1199 -62.74 95.27 -51.05
C GLU K 1199 -64.18 94.89 -50.78
N PRO K 1200 -64.55 93.62 -51.00
CA PRO K 1200 -65.91 93.20 -50.67
C PRO K 1200 -66.20 93.31 -49.17
N VAL K 1201 -67.19 94.13 -48.82
CA VAL K 1201 -67.60 94.31 -47.43
C VAL K 1201 -69.10 94.09 -47.36
N GLN K 1202 -69.52 93.08 -46.60
CA GLN K 1202 -70.93 92.72 -46.49
C GLN K 1202 -71.52 92.41 -47.86
N GLY K 1203 -70.72 91.74 -48.70
CA GLY K 1203 -71.13 91.42 -50.05
C GLY K 1203 -70.76 92.50 -51.04
N GLU K 1204 -71.29 93.71 -50.85
CA GLU K 1204 -71.05 94.78 -51.78
C GLU K 1204 -69.64 95.35 -51.60
N LEU K 1205 -69.21 96.13 -52.59
CA LEU K 1205 -67.88 96.71 -52.62
C LEU K 1205 -67.94 98.13 -52.07
N LYS K 1206 -67.16 98.40 -51.04
CA LYS K 1206 -67.06 99.71 -50.42
C LYS K 1206 -65.60 100.09 -50.28
N PRO K 1207 -65.28 101.38 -50.25
CA PRO K 1207 -63.88 101.79 -50.05
C PRO K 1207 -63.35 101.28 -48.73
N THR K 1208 -62.09 100.85 -48.74
CA THR K 1208 -61.40 100.36 -47.55
C THR K 1208 -60.14 101.15 -47.22
N VAL K 1209 -59.46 101.70 -48.22
CA VAL K 1209 -58.28 102.54 -47.99
C VAL K 1209 -58.34 103.70 -48.96
N ILE K 1210 -57.87 104.86 -48.51
CA ILE K 1210 -57.75 106.04 -49.36
C ILE K 1210 -56.36 106.62 -49.10
N LEU K 1211 -55.48 106.51 -50.08
CA LEU K 1211 -54.14 107.07 -50.00
C LEU K 1211 -54.11 108.38 -50.79
N LYS K 1212 -53.56 109.42 -50.17
CA LYS K 1212 -53.47 110.71 -50.83
C LYS K 1212 -52.39 111.53 -50.15
N LEU K 1213 -52.23 112.77 -50.60
CA LEU K 1213 -51.33 113.73 -49.99
C LEU K 1213 -52.16 114.81 -49.31
N LEU K 1214 -52.11 114.86 -47.99
CA LEU K 1214 -52.80 115.92 -47.27
C LEU K 1214 -52.15 117.27 -47.53
N LYS K 1215 -50.83 117.30 -47.66
CA LYS K 1215 -50.09 118.52 -47.93
C LYS K 1215 -48.89 118.15 -48.80
N GLU K 1216 -47.93 119.08 -48.91
CA GLU K 1216 -46.76 118.83 -49.74
C GLU K 1216 -45.91 117.67 -49.24
N ASN K 1217 -46.09 117.26 -47.98
CA ASN K 1217 -45.31 116.18 -47.39
C ASN K 1217 -46.12 115.09 -46.71
N ILE K 1218 -47.33 115.37 -46.25
CA ILE K 1218 -48.08 114.41 -45.44
C ILE K 1218 -48.84 113.50 -46.38
N ILE K 1219 -48.41 112.24 -46.46
CA ILE K 1219 -49.16 111.17 -47.09
C ILE K 1219 -50.17 110.65 -46.07
N GLN K 1220 -51.44 110.72 -46.39
CA GLN K 1220 -52.51 110.21 -45.55
C GLN K 1220 -53.03 108.91 -46.13
N MET K 1221 -53.02 107.86 -45.30
CA MET K 1221 -53.68 106.60 -45.60
C MET K 1221 -54.88 106.53 -44.65
N GLU K 1222 -56.05 106.90 -45.15
CA GLU K 1222 -57.29 106.73 -44.41
C GLU K 1222 -57.74 105.29 -44.56
N MET K 1223 -57.58 104.50 -43.51
CA MET K 1223 -58.07 103.13 -43.49
C MET K 1223 -59.49 103.16 -42.93
N ILE K 1224 -60.46 102.87 -43.78
CA ILE K 1224 -61.87 103.02 -43.47
C ILE K 1224 -62.41 101.66 -43.06
N GLU K 1225 -63.04 101.62 -41.88
CA GLU K 1225 -63.84 100.48 -41.45
C GLU K 1225 -65.30 100.83 -41.69
N ASN K 1226 -65.98 99.99 -42.49
CA ASN K 1226 -67.38 100.21 -42.81
C ASN K 1226 -68.30 99.48 -41.85
N ARG K 1227 -67.81 98.49 -41.13
CA ARG K 1227 -68.59 97.77 -40.13
C ARG K 1227 -68.52 98.57 -38.83
N THR K 1228 -69.59 99.31 -38.53
CA THR K 1228 -69.61 100.23 -37.41
C THR K 1228 -70.92 100.07 -36.65
N MET K 1229 -71.03 100.79 -35.54
CA MET K 1229 -72.24 100.71 -34.72
C MET K 1229 -73.44 101.29 -35.46
N ASP K 1230 -73.30 102.50 -35.98
CA ASP K 1230 -74.37 103.20 -36.68
C ASP K 1230 -74.35 102.97 -38.18
N GLY K 1231 -73.39 102.20 -38.70
CA GLY K 1231 -73.27 101.97 -40.12
C GLY K 1231 -72.49 103.03 -40.87
N LYS K 1232 -72.22 104.17 -40.24
CA LYS K 1232 -71.42 105.19 -40.89
C LYS K 1232 -69.95 104.78 -40.88
N PRO K 1233 -69.24 104.84 -42.01
CA PRO K 1233 -67.84 104.41 -42.01
C PRO K 1233 -66.99 105.29 -41.09
N VAL K 1234 -65.97 104.69 -40.50
CA VAL K 1234 -65.03 105.39 -39.63
C VAL K 1234 -63.63 105.22 -40.21
N SER K 1235 -62.94 106.34 -40.42
CA SER K 1235 -61.63 106.35 -41.06
C SER K 1235 -60.55 106.63 -40.04
N LEU K 1236 -59.57 105.74 -39.97
CA LEU K 1236 -58.36 105.98 -39.21
C LEU K 1236 -57.34 106.62 -40.14
N PRO K 1237 -56.98 107.90 -39.95
CA PRO K 1237 -55.95 108.49 -40.81
C PRO K 1237 -54.53 108.21 -40.30
N LEU K 1238 -53.72 107.50 -41.09
CA LEU K 1238 -52.32 107.27 -40.78
C LEU K 1238 -51.50 108.25 -41.60
N LEU K 1239 -50.71 109.08 -40.92
CA LEU K 1239 -49.93 110.13 -41.56
C LEU K 1239 -48.49 109.69 -41.68
N TYR K 1240 -47.86 109.99 -42.82
CA TYR K 1240 -46.44 109.73 -43.04
C TYR K 1240 -45.82 110.98 -43.65
N ASN K 1241 -44.71 111.43 -43.09
CA ASN K 1241 -43.93 112.49 -43.72
C ASN K 1241 -43.19 111.93 -44.92
N PHE K 1242 -43.15 112.71 -45.99
CA PHE K 1242 -42.49 112.34 -47.23
C PHE K 1242 -41.36 113.32 -47.49
N ASN K 1243 -40.13 112.84 -47.30
CA ASN K 1243 -38.91 113.65 -47.42
C ASN K 1243 -38.20 113.22 -48.69
N PRO K 1244 -38.35 113.96 -49.80
CA PRO K 1244 -37.58 113.60 -51.00
C PRO K 1244 -36.07 113.64 -50.79
N ASP K 1245 -35.59 114.43 -49.83
CA ASP K 1245 -34.15 114.53 -49.60
C ASP K 1245 -33.56 113.18 -49.20
N ASN K 1246 -34.26 112.44 -48.34
CA ASN K 1246 -33.83 111.10 -47.95
C ASN K 1246 -34.41 110.12 -48.95
N GLY K 1247 -33.66 109.87 -50.02
CA GLY K 1247 -34.16 109.04 -51.10
C GLY K 1247 -34.21 107.56 -50.78
N PHE K 1248 -33.41 107.10 -49.83
CA PHE K 1248 -33.43 105.68 -49.47
C PHE K 1248 -34.72 105.32 -48.74
N ALA K 1249 -35.14 106.15 -47.80
CA ALA K 1249 -36.34 105.93 -47.00
C ALA K 1249 -37.13 107.23 -46.92
N PRO K 1250 -37.71 107.68 -48.03
CA PRO K 1250 -38.41 108.96 -48.01
C PRO K 1250 -39.61 109.01 -47.09
N ILE K 1251 -40.29 107.89 -46.88
CA ILE K 1251 -41.54 107.88 -46.12
C ILE K 1251 -41.25 107.49 -44.67
N SER K 1252 -41.68 108.34 -43.74
CA SER K 1252 -41.47 108.14 -42.32
C SER K 1252 -42.80 108.24 -41.58
N GLU K 1253 -43.10 107.25 -40.75
CA GLU K 1253 -44.33 107.29 -39.97
C GLU K 1253 -44.33 108.50 -39.06
N VAL K 1254 -45.50 109.13 -38.91
CA VAL K 1254 -45.71 110.23 -37.98
C VAL K 1254 -46.19 109.61 -36.68
N MET K 1255 -45.27 109.45 -35.72
CA MET K 1255 -45.62 108.90 -34.41
C MET K 1255 -46.48 109.85 -33.59
N GLU K 1256 -46.29 111.16 -33.75
CA GLU K 1256 -47.02 112.12 -32.93
C GLU K 1256 -48.51 112.00 -33.20
N ASP K 1257 -49.29 111.82 -32.13
CA ASP K 1257 -50.74 111.65 -32.14
C ASP K 1257 -51.19 110.35 -32.80
N ARG K 1258 -50.26 109.46 -33.17
CA ARG K 1258 -50.66 108.21 -33.82
C ARG K 1258 -51.51 107.35 -32.89
N ASN K 1259 -51.05 107.17 -31.66
CA ASN K 1259 -51.82 106.39 -30.69
C ASN K 1259 -53.15 107.06 -30.38
N GLN K 1260 -53.15 108.40 -30.30
CA GLN K 1260 -54.39 109.11 -30.06
C GLN K 1260 -55.39 108.88 -31.20
N ARG K 1261 -54.91 108.91 -32.45
CA ARG K 1261 -55.79 108.70 -33.59
C ARG K 1261 -56.35 107.28 -33.60
N ILE K 1262 -55.49 106.30 -33.35
CA ILE K 1262 -55.94 104.91 -33.30
C ILE K 1262 -56.99 104.76 -32.20
N LYS K 1263 -56.74 105.37 -31.04
CA LYS K 1263 -57.69 105.31 -29.93
C LYS K 1263 -59.00 105.99 -30.29
N GLU K 1264 -58.94 107.13 -30.97
CA GLU K 1264 -60.17 107.83 -31.34
C GLU K 1264 -61.01 106.97 -32.27
N MET K 1265 -60.37 106.34 -33.24
CA MET K 1265 -61.12 105.52 -34.19
C MET K 1265 -61.71 104.29 -33.48
N TYR K 1266 -60.94 103.66 -32.59
CA TYR K 1266 -61.46 102.53 -31.82
C TYR K 1266 -62.59 102.97 -30.90
N TRP K 1267 -62.51 104.18 -30.35
CA TRP K 1267 -63.60 104.69 -29.53
C TRP K 1267 -64.85 104.86 -30.37
N LYS K 1268 -64.70 105.40 -31.58
CA LYS K 1268 -65.86 105.52 -32.47
C LYS K 1268 -66.46 104.15 -32.75
N LEU K 1269 -65.63 103.12 -32.86
CA LEU K 1269 -66.15 101.79 -33.16
C LEU K 1269 -66.82 101.15 -31.95
N TRP K 1270 -66.21 101.28 -30.77
CA TRP K 1270 -66.63 100.52 -29.59
C TRP K 1270 -67.57 101.32 -28.68
N ILE K 1271 -67.14 102.50 -28.27
CA ILE K 1271 -67.86 103.29 -27.27
C ILE K 1271 -68.80 104.24 -28.00
N ASP K 1272 -69.98 104.46 -27.42
CA ASP K 1272 -71.02 105.31 -27.99
C ASP K 1272 -71.23 106.53 -27.11
N GLU K 1273 -70.13 107.12 -26.66
CA GLU K 1273 -70.09 108.29 -25.80
C GLU K 1273 -69.12 109.29 -26.39
N PRO K 1274 -69.24 110.57 -26.05
CA PRO K 1274 -68.35 111.57 -26.65
C PRO K 1274 -66.89 111.28 -26.33
N PHE K 1275 -66.04 111.49 -27.32
CA PHE K 1275 -64.64 111.12 -27.20
C PHE K 1275 -63.96 112.00 -26.16
N ASN K 1276 -63.48 111.36 -25.09
CA ASN K 1276 -62.79 112.08 -24.02
C ASN K 1276 -61.84 111.09 -23.34
N LEU K 1277 -60.55 111.22 -23.65
CA LEU K 1277 -59.53 110.35 -23.08
C LEU K 1277 -58.94 110.89 -21.78
N ASP K 1278 -59.20 112.16 -21.45
CA ASP K 1278 -58.66 112.78 -20.25
C ASP K 1278 -59.58 112.40 -19.08
N PHE K 1279 -59.24 111.29 -18.43
CA PHE K 1279 -59.95 110.89 -17.22
C PHE K 1279 -59.06 109.92 -16.45
N ASP K 1280 -59.17 109.95 -15.14
CA ASP K 1280 -58.26 109.19 -14.29
C ASP K 1280 -58.49 107.70 -14.49
N PRO K 1281 -57.44 106.90 -14.78
CA PRO K 1281 -57.64 105.44 -14.77
C PRO K 1281 -58.01 104.89 -13.41
N ARG K 1282 -57.63 105.56 -12.32
CA ARG K 1282 -58.05 105.12 -10.99
C ARG K 1282 -59.56 105.21 -10.86
N ASP K 1283 -60.17 106.24 -11.45
CA ASP K 1283 -61.60 106.45 -11.30
C ASP K 1283 -62.38 105.28 -11.88
N VAL K 1284 -63.52 105.00 -11.25
CA VAL K 1284 -64.32 103.85 -11.64
C VAL K 1284 -65.15 104.20 -12.87
N ILE K 1285 -65.24 103.26 -13.80
CA ILE K 1285 -65.97 103.46 -15.06
C ILE K 1285 -67.35 102.84 -14.92
N LYS K 1286 -68.39 103.64 -15.16
CA LYS K 1286 -69.76 103.19 -15.09
C LYS K 1286 -70.29 103.00 -16.51
N GLY K 1287 -70.61 101.76 -16.87
CA GLY K 1287 -71.22 101.49 -18.16
C GLY K 1287 -72.70 101.79 -18.15
N LYS K 1288 -73.26 101.96 -19.35
CA LYS K 1288 -74.67 102.28 -19.48
C LYS K 1288 -75.52 101.07 -19.12
N ASP K 1289 -76.67 101.34 -18.51
CA ASP K 1289 -77.58 100.26 -18.14
C ASP K 1289 -78.05 99.51 -19.37
N PHE K 1290 -77.95 98.18 -19.30
CA PHE K 1290 -78.23 97.31 -20.44
C PHE K 1290 -79.36 96.36 -20.08
N GLU K 1291 -80.27 96.16 -21.03
CA GLU K 1291 -81.43 95.30 -20.84
C GLU K 1291 -81.25 94.05 -21.69
N ILE K 1292 -81.31 92.88 -21.05
CA ILE K 1292 -81.16 91.62 -21.76
C ILE K 1292 -82.47 91.30 -22.44
N THR K 1293 -82.42 91.03 -23.74
CA THR K 1293 -83.60 90.72 -24.54
C THR K 1293 -83.48 89.33 -25.11
N ALA K 1294 -84.66 88.75 -25.41
CA ALA K 1294 -84.69 87.43 -26.03
C ALA K 1294 -83.98 87.44 -27.37
N LYS K 1295 -84.15 88.51 -28.15
CA LYS K 1295 -83.48 88.61 -29.44
C LYS K 1295 -81.97 88.60 -29.26
N GLU K 1296 -81.47 89.36 -28.29
CA GLU K 1296 -80.02 89.44 -28.08
C GLU K 1296 -79.46 88.10 -27.61
N VAL K 1297 -80.15 87.43 -26.68
CA VAL K 1297 -79.68 86.13 -26.22
C VAL K 1297 -79.72 85.12 -27.36
N TYR K 1298 -80.78 85.14 -28.17
CA TYR K 1298 -80.88 84.25 -29.32
C TYR K 1298 -79.72 84.46 -30.28
N ASP K 1299 -79.46 85.72 -30.65
CA ASP K 1299 -78.38 86.02 -31.58
C ASP K 1299 -77.04 85.60 -31.00
N PHE K 1300 -76.81 85.90 -29.72
CA PHE K 1300 -75.54 85.54 -29.12
C PHE K 1300 -75.35 84.03 -29.14
N THR K 1301 -76.37 83.29 -28.71
CA THR K 1301 -76.26 81.84 -28.62
C THR K 1301 -76.01 81.22 -29.98
N HIS K 1302 -76.74 81.67 -30.99
CA HIS K 1302 -76.53 81.12 -32.32
C HIS K 1302 -75.24 81.60 -32.97
N ALA K 1303 -74.66 82.70 -32.50
CA ALA K 1303 -73.37 83.13 -33.04
C ALA K 1303 -72.21 82.42 -32.37
N VAL K 1304 -72.35 81.99 -31.11
CA VAL K 1304 -71.22 81.33 -30.46
C VAL K 1304 -71.30 79.83 -30.67
N GLY K 1305 -72.51 79.30 -30.86
CA GLY K 1305 -72.73 77.88 -30.94
C GLY K 1305 -73.19 77.29 -29.62
N ASN K 1306 -73.96 78.05 -28.85
CA ASN K 1306 -74.49 77.59 -27.57
C ASN K 1306 -75.85 76.96 -27.81
N ASN K 1307 -75.91 75.64 -27.77
CA ASN K 1307 -77.13 74.89 -28.02
C ASN K 1307 -77.78 74.39 -26.73
N CYS K 1308 -77.40 74.95 -25.58
CA CYS K 1308 -78.00 74.55 -24.32
C CYS K 1308 -79.46 74.99 -24.28
N GLU K 1309 -80.32 74.11 -23.77
CA GLU K 1309 -81.74 74.42 -23.72
C GLU K 1309 -82.05 75.56 -22.75
N ASP K 1310 -81.16 75.85 -21.81
CA ASP K 1310 -81.42 76.92 -20.85
C ASP K 1310 -81.54 78.27 -21.54
N PHE K 1311 -80.77 78.48 -22.60
CA PHE K 1311 -80.74 79.75 -23.30
C PHE K 1311 -81.73 79.81 -24.46
N VAL K 1312 -82.41 78.71 -24.77
CA VAL K 1312 -83.38 78.65 -25.84
C VAL K 1312 -84.77 78.82 -25.24
N SER K 1313 -85.58 79.69 -25.85
CA SER K 1313 -86.93 79.93 -25.37
C SER K 1313 -87.73 78.63 -25.40
N ARG K 1314 -88.47 78.37 -24.33
CA ARG K 1314 -89.34 77.22 -24.20
C ARG K 1314 -90.63 77.65 -23.54
N PRO K 1315 -91.73 76.93 -23.79
CA PRO K 1315 -93.00 77.33 -23.15
C PRO K 1315 -92.96 77.11 -21.65
N ASP K 1316 -93.63 78.02 -20.94
CA ASP K 1316 -93.81 77.90 -19.48
C ASP K 1316 -92.48 77.76 -18.75
N ARG K 1317 -91.49 78.54 -19.20
CA ARG K 1317 -90.16 78.48 -18.60
C ARG K 1317 -89.34 79.71 -18.96
N THR K 1318 -88.70 80.33 -17.97
CA THR K 1318 -87.94 81.54 -18.21
C THR K 1318 -86.62 81.21 -18.91
N MET K 1319 -86.22 82.11 -19.81
CA MET K 1319 -85.05 81.92 -20.66
C MET K 1319 -83.84 82.55 -19.98
N LEU K 1320 -82.83 81.74 -19.70
CA LEU K 1320 -81.59 82.24 -19.13
C LEU K 1320 -80.69 82.81 -20.21
N ALA K 1321 -79.70 83.60 -19.78
CA ALA K 1321 -78.68 84.15 -20.65
C ALA K 1321 -77.34 83.49 -20.34
N PRO K 1322 -76.50 83.25 -21.35
CA PRO K 1322 -75.23 82.56 -21.09
C PRO K 1322 -74.28 83.42 -20.27
N MET K 1323 -73.39 82.73 -19.56
CA MET K 1323 -72.38 83.44 -18.76
C MET K 1323 -71.50 84.31 -19.64
N ASP K 1324 -71.27 83.88 -20.88
CA ASP K 1324 -70.46 84.68 -21.80
C ASP K 1324 -71.16 85.95 -22.20
N PHE K 1325 -72.46 86.06 -21.96
CA PHE K 1325 -73.18 87.29 -22.24
C PHE K 1325 -72.70 88.46 -21.39
N ALA K 1326 -71.96 88.18 -20.31
CA ALA K 1326 -71.48 89.23 -19.44
C ALA K 1326 -70.53 90.16 -20.18
N ILE K 1327 -69.68 89.61 -21.05
CA ILE K 1327 -68.77 90.46 -21.82
C ILE K 1327 -69.56 91.33 -22.79
N VAL K 1328 -70.66 90.81 -23.33
CA VAL K 1328 -71.52 91.63 -24.17
C VAL K 1328 -72.11 92.78 -23.37
N VAL K 1329 -72.54 92.50 -22.14
CA VAL K 1329 -73.09 93.54 -21.28
C VAL K 1329 -72.04 94.60 -20.97
N GLY K 1330 -70.83 94.16 -20.60
CA GLY K 1330 -69.84 95.05 -20.03
C GLY K 1330 -68.65 95.39 -20.90
N TRP K 1331 -68.77 95.21 -22.22
CA TRP K 1331 -67.65 95.53 -23.10
C TRP K 1331 -67.36 97.03 -23.09
N ARG K 1332 -68.41 97.85 -23.09
CA ARG K 1332 -68.23 99.29 -23.22
C ARG K 1332 -67.53 99.90 -22.01
N ALA K 1333 -67.43 99.16 -20.91
CA ALA K 1333 -66.71 99.62 -19.73
C ALA K 1333 -65.36 98.94 -19.62
N ILE K 1334 -65.34 97.62 -19.82
CA ILE K 1334 -64.09 96.86 -19.69
C ILE K 1334 -63.07 97.35 -20.71
N ILE K 1335 -63.54 97.71 -21.91
CA ILE K 1335 -62.61 98.16 -22.95
C ILE K 1335 -62.32 99.64 -22.82
N LYS K 1336 -63.27 100.42 -22.30
CA LYS K 1336 -62.98 101.80 -21.91
C LYS K 1336 -61.86 101.86 -20.87
N ALA K 1337 -61.71 100.79 -20.08
CA ALA K 1337 -60.65 100.75 -19.08
C ALA K 1337 -59.27 101.05 -19.67
N ILE K 1338 -58.98 100.52 -20.87
CA ILE K 1338 -57.64 100.61 -21.42
C ILE K 1338 -57.43 101.85 -22.27
N PHE K 1339 -58.39 102.74 -22.35
CA PHE K 1339 -58.30 103.94 -23.18
C PHE K 1339 -57.51 105.13 -22.64
N PRO K 1340 -57.48 105.41 -21.33
CA PRO K 1340 -56.92 106.69 -20.85
C PRO K 1340 -55.54 107.01 -21.41
N ASN K 1341 -55.28 108.31 -21.60
CA ASN K 1341 -53.98 108.74 -22.11
C ASN K 1341 -52.85 108.29 -21.19
N THR K 1342 -53.13 108.19 -19.88
CA THR K 1342 -52.12 107.70 -18.96
C THR K 1342 -51.70 106.27 -19.32
N VAL K 1343 -52.67 105.40 -19.61
CA VAL K 1343 -52.37 104.05 -20.10
C VAL K 1343 -52.30 104.15 -21.62
N ASP K 1344 -51.14 104.59 -22.10
CA ASP K 1344 -50.93 104.79 -23.52
C ASP K 1344 -50.47 103.50 -24.17
N GLY K 1345 -50.86 103.31 -25.41
CA GLY K 1345 -50.46 102.12 -26.15
C GLY K 1345 -51.19 102.05 -27.46
N ASP K 1346 -50.71 101.16 -28.32
CA ASP K 1346 -51.23 101.01 -29.67
C ASP K 1346 -52.36 100.00 -29.61
N LEU K 1347 -53.59 100.46 -29.85
CA LEU K 1347 -54.74 99.56 -29.76
C LEU K 1347 -54.75 98.55 -30.89
N LEU K 1348 -54.17 98.91 -32.04
CA LEU K 1348 -54.05 97.94 -33.12
C LEU K 1348 -53.10 96.81 -32.76
N LYS K 1349 -52.21 97.05 -31.80
CA LYS K 1349 -51.29 96.04 -31.29
C LYS K 1349 -51.77 95.42 -29.98
N LEU K 1350 -53.03 95.64 -29.60
CA LEU K 1350 -53.54 95.05 -28.37
C LEU K 1350 -53.72 93.55 -28.52
N VAL K 1351 -53.39 92.83 -27.45
CA VAL K 1351 -53.58 91.38 -27.37
C VAL K 1351 -54.41 91.09 -26.13
N HIS K 1352 -55.52 90.38 -26.32
CA HIS K 1352 -56.33 89.92 -25.19
C HIS K 1352 -55.65 88.68 -24.62
N LEU K 1353 -55.01 88.83 -23.46
CA LEU K 1353 -54.28 87.72 -22.88
C LEU K 1353 -55.22 86.69 -22.27
N SER K 1354 -56.20 87.16 -21.51
CA SER K 1354 -57.09 86.25 -20.80
C SER K 1354 -58.38 86.97 -20.47
N ASN K 1355 -59.41 86.17 -20.19
CA ASN K 1355 -60.71 86.68 -19.77
C ASN K 1355 -61.34 85.63 -18.88
N GLY K 1356 -62.06 86.09 -17.86
CA GLY K 1356 -62.62 85.20 -16.87
C GLY K 1356 -63.94 85.71 -16.34
N TYR K 1357 -64.76 84.76 -15.92
CA TYR K 1357 -66.06 85.00 -15.32
C TYR K 1357 -66.11 84.34 -13.96
N LYS K 1358 -66.70 85.04 -12.99
CA LYS K 1358 -66.88 84.49 -11.65
C LYS K 1358 -68.22 84.99 -11.12
N MET K 1359 -69.17 84.07 -10.97
CA MET K 1359 -70.44 84.39 -10.33
C MET K 1359 -70.21 84.47 -8.83
N ILE K 1360 -70.70 85.52 -8.21
CA ILE K 1360 -70.62 85.57 -6.74
C ILE K 1360 -71.55 84.52 -6.16
N PRO K 1361 -71.26 83.96 -4.98
CA PRO K 1361 -72.19 82.97 -4.41
C PRO K 1361 -73.56 83.57 -4.16
N GLY K 1362 -74.59 82.77 -4.41
CA GLY K 1362 -75.96 83.18 -4.15
C GLY K 1362 -76.59 84.02 -5.23
N ALA K 1363 -75.87 84.33 -6.30
CA ALA K 1363 -76.39 85.14 -7.40
C ALA K 1363 -76.89 84.22 -8.50
N LYS K 1364 -78.15 84.37 -8.86
CA LYS K 1364 -78.74 83.56 -9.91
C LYS K 1364 -78.14 83.94 -11.25
N PRO K 1365 -78.10 83.02 -12.21
CA PRO K 1365 -77.54 83.36 -13.53
C PRO K 1365 -78.39 84.41 -14.23
N LEU K 1366 -77.76 85.08 -15.19
CA LEU K 1366 -78.46 86.12 -15.94
C LEU K 1366 -79.64 85.52 -16.69
N GLN K 1367 -80.74 86.28 -16.73
CA GLN K 1367 -81.97 85.85 -17.39
C GLN K 1367 -82.48 86.96 -18.27
N VAL K 1368 -83.30 86.57 -19.26
CA VAL K 1368 -83.82 87.53 -20.22
C VAL K 1368 -84.76 88.50 -19.50
N GLY K 1369 -84.58 89.79 -19.76
CA GLY K 1369 -85.41 90.83 -19.22
C GLY K 1369 -84.78 91.64 -18.10
N ASP K 1370 -83.83 91.07 -17.37
CA ASP K 1370 -83.22 91.80 -16.28
C ASP K 1370 -82.36 92.95 -16.79
N VAL K 1371 -82.26 94.00 -16.00
CA VAL K 1371 -81.43 95.16 -16.28
C VAL K 1371 -80.13 94.98 -15.51
N VAL K 1372 -79.01 94.98 -16.23
CA VAL K 1372 -77.70 94.72 -15.67
C VAL K 1372 -76.85 95.98 -15.82
N SER K 1373 -76.27 96.44 -14.71
CA SER K 1373 -75.36 97.56 -14.69
C SER K 1373 -73.94 97.03 -14.63
N THR K 1374 -73.01 97.74 -15.25
CA THR K 1374 -71.60 97.34 -15.31
C THR K 1374 -70.74 98.42 -14.67
N THR K 1375 -69.81 97.97 -13.83
CA THR K 1375 -68.85 98.86 -13.16
C THR K 1375 -67.46 98.29 -13.35
N ALA K 1376 -66.65 98.95 -14.18
CA ALA K 1376 -65.29 98.50 -14.47
C ALA K 1376 -64.29 99.27 -13.63
N VAL K 1377 -63.26 98.57 -13.17
CA VAL K 1377 -62.13 99.15 -12.46
C VAL K 1377 -60.85 98.57 -13.05
N ILE K 1378 -59.78 99.36 -12.96
CA ILE K 1378 -58.44 98.91 -13.32
C ILE K 1378 -57.88 98.20 -12.10
N GLU K 1379 -57.72 96.88 -12.20
CA GLU K 1379 -57.10 96.15 -11.10
C GLU K 1379 -55.61 96.42 -11.03
N SER K 1380 -54.93 96.39 -12.17
CA SER K 1380 -53.47 96.53 -12.18
C SER K 1380 -53.00 96.85 -13.58
N VAL K 1381 -52.27 97.96 -13.73
CA VAL K 1381 -51.62 98.31 -14.99
C VAL K 1381 -50.13 98.39 -14.73
N VAL K 1382 -49.36 97.55 -15.42
CA VAL K 1382 -47.94 97.39 -15.17
C VAL K 1382 -47.17 97.39 -16.48
N ASN K 1383 -46.04 98.07 -16.48
CA ASN K 1383 -45.13 98.14 -17.63
C ASN K 1383 -44.17 96.96 -17.52
N GLN K 1384 -44.40 95.95 -18.34
CA GLN K 1384 -43.47 94.84 -18.47
C GLN K 1384 -42.49 95.13 -19.60
N PRO K 1385 -41.33 94.45 -19.62
CA PRO K 1385 -40.38 94.71 -20.72
C PRO K 1385 -40.96 94.44 -22.10
N THR K 1386 -41.81 93.42 -22.22
CA THR K 1386 -42.40 93.08 -23.51
C THR K 1386 -43.68 93.86 -23.81
N GLY K 1387 -44.17 94.66 -22.88
CA GLY K 1387 -45.37 95.45 -23.12
C GLY K 1387 -45.99 95.88 -21.80
N LYS K 1388 -47.22 96.38 -21.91
CA LYS K 1388 -47.97 96.88 -20.77
C LYS K 1388 -49.19 96.00 -20.55
N ILE K 1389 -49.27 95.40 -19.37
CA ILE K 1389 -50.41 94.56 -18.98
C ILE K 1389 -51.41 95.47 -18.29
N VAL K 1390 -52.69 95.32 -18.64
CA VAL K 1390 -53.78 96.06 -18.01
C VAL K 1390 -54.86 95.06 -17.63
N ASP K 1391 -55.15 94.98 -16.34
CA ASP K 1391 -56.13 94.05 -15.79
C ASP K 1391 -57.38 94.85 -15.40
N VAL K 1392 -58.53 94.43 -15.93
CA VAL K 1392 -59.79 95.11 -15.72
C VAL K 1392 -60.72 94.15 -15.01
N VAL K 1393 -61.44 94.66 -14.02
CA VAL K 1393 -62.46 93.89 -13.30
C VAL K 1393 -63.78 94.62 -13.47
N GLY K 1394 -64.72 93.97 -14.16
CA GLY K 1394 -66.04 94.53 -14.37
C GLY K 1394 -67.09 93.79 -13.57
N THR K 1395 -67.68 94.47 -12.59
CA THR K 1395 -68.75 93.88 -11.79
C THR K 1395 -70.07 94.16 -12.50
N LEU K 1396 -70.78 93.08 -12.84
CA LEU K 1396 -72.13 93.14 -13.34
C LEU K 1396 -73.08 92.96 -12.17
N SER K 1397 -73.99 93.91 -12.00
CA SER K 1397 -74.94 93.92 -10.89
C SER K 1397 -76.36 94.02 -11.44
N ARG K 1398 -77.29 93.47 -10.67
CA ARG K 1398 -78.70 93.41 -11.03
C ARG K 1398 -79.53 93.76 -9.81
N ASN K 1399 -80.44 94.71 -9.98
CA ASN K 1399 -81.32 95.14 -8.89
C ASN K 1399 -80.51 95.59 -7.68
N GLY K 1400 -79.40 96.25 -7.94
CA GLY K 1400 -78.48 96.72 -6.90
C GLY K 1400 -77.47 95.67 -6.48
N LYS K 1401 -77.92 94.44 -6.28
CA LYS K 1401 -77.02 93.39 -5.84
C LYS K 1401 -76.03 93.04 -6.96
N PRO K 1402 -74.79 92.69 -6.61
CA PRO K 1402 -73.87 92.22 -7.65
C PRO K 1402 -74.28 90.85 -8.16
N VAL K 1403 -73.93 90.59 -9.41
CA VAL K 1403 -74.25 89.32 -10.07
C VAL K 1403 -72.98 88.53 -10.36
N MET K 1404 -71.97 89.18 -10.91
CA MET K 1404 -70.76 88.47 -11.30
C MET K 1404 -69.65 89.45 -11.58
N GLU K 1405 -68.44 88.90 -11.70
CA GLU K 1405 -67.23 89.66 -11.98
C GLU K 1405 -66.61 89.13 -13.26
N VAL K 1406 -66.16 90.04 -14.11
CA VAL K 1406 -65.51 89.71 -15.37
C VAL K 1406 -64.10 90.27 -15.32
N THR K 1407 -63.11 89.39 -15.28
CA THR K 1407 -61.72 89.78 -15.36
C THR K 1407 -61.30 89.77 -16.82
N SER K 1408 -60.48 90.75 -17.21
CA SER K 1408 -59.98 90.83 -18.57
C SER K 1408 -58.57 91.41 -18.57
N SER K 1409 -57.63 90.65 -19.11
CA SER K 1409 -56.23 91.06 -19.15
C SER K 1409 -55.87 91.42 -20.58
N PHE K 1410 -55.32 92.61 -20.77
CA PHE K 1410 -54.95 93.12 -22.07
C PHE K 1410 -53.47 93.45 -22.08
N PHE K 1411 -52.87 93.39 -23.27
CA PHE K 1411 -51.44 93.57 -23.44
C PHE K 1411 -51.22 94.56 -24.57
N TYR K 1412 -50.68 95.72 -24.23
CA TYR K 1412 -50.20 96.67 -25.22
C TYR K 1412 -48.75 96.31 -25.53
N ARG K 1413 -48.51 95.70 -26.68
CA ARG K 1413 -47.16 95.33 -27.06
C ARG K 1413 -46.36 96.58 -27.39
N GLY K 1414 -45.16 96.68 -26.83
CA GLY K 1414 -44.31 97.81 -27.07
C GLY K 1414 -43.40 98.06 -25.88
N ASN K 1415 -42.74 99.21 -25.91
CA ASN K 1415 -41.83 99.65 -24.86
C ASN K 1415 -42.45 100.84 -24.15
N TYR K 1416 -42.66 100.72 -22.84
CA TYR K 1416 -43.26 101.77 -22.04
C TYR K 1416 -42.45 101.97 -20.77
N THR K 1417 -42.17 103.24 -20.48
CA THR K 1417 -41.41 103.61 -19.29
C THR K 1417 -42.19 104.60 -18.42
N ASP K 1418 -43.49 104.76 -18.65
CA ASP K 1418 -44.31 105.69 -17.87
C ASP K 1418 -44.80 104.99 -16.60
N PHE K 1419 -43.83 104.61 -15.77
CA PHE K 1419 -44.14 103.90 -14.53
C PHE K 1419 -44.96 104.74 -13.56
N GLU K 1420 -44.94 106.07 -13.71
CA GLU K 1420 -45.71 106.92 -12.79
C GLU K 1420 -47.20 106.64 -12.89
N ASN K 1421 -47.68 106.15 -14.04
CA ASN K 1421 -49.08 105.81 -14.22
C ASN K 1421 -49.36 104.32 -14.04
N THR K 1422 -48.36 103.53 -13.66
CA THR K 1422 -48.53 102.10 -13.45
C THR K 1422 -48.85 101.85 -11.97
N PHE K 1423 -49.73 100.89 -11.73
CA PHE K 1423 -50.06 100.46 -10.38
C PHE K 1423 -50.52 99.01 -10.46
N GLN K 1424 -50.53 98.34 -9.32
CA GLN K 1424 -50.90 96.94 -9.28
C GLN K 1424 -51.49 96.59 -7.92
N LYS K 1425 -52.75 96.17 -7.93
CA LYS K 1425 -53.42 95.63 -6.76
C LYS K 1425 -53.51 94.12 -6.94
N THR K 1426 -53.00 93.38 -5.97
CA THR K 1426 -53.02 91.92 -5.98
C THR K 1426 -53.55 91.40 -4.66
N VAL K 1427 -54.54 90.53 -4.73
CA VAL K 1427 -55.06 89.86 -3.55
C VAL K 1427 -54.10 88.71 -3.25
N GLU K 1428 -53.26 88.88 -2.24
CA GLU K 1428 -52.28 87.86 -1.92
C GLU K 1428 -53.00 86.59 -1.47
N PRO K 1429 -52.38 85.43 -1.65
CA PRO K 1429 -53.03 84.21 -1.16
C PRO K 1429 -53.15 84.23 0.36
N VAL K 1430 -54.20 83.60 0.86
CA VAL K 1430 -54.41 83.56 2.31
C VAL K 1430 -53.29 82.77 2.95
N TYR K 1431 -52.78 83.29 4.08
CA TYR K 1431 -51.68 82.68 4.80
C TYR K 1431 -52.14 82.23 6.17
N GLN K 1432 -51.67 81.05 6.58
CA GLN K 1432 -52.01 80.48 7.88
C GLN K 1432 -50.73 80.33 8.69
N MET K 1433 -50.77 80.74 9.95
CA MET K 1433 -49.64 80.63 10.85
C MET K 1433 -50.12 80.11 12.20
N HIS K 1434 -49.54 79.00 12.65
CA HIS K 1434 -49.83 78.44 13.95
C HIS K 1434 -48.84 79.01 14.96
N ILE K 1435 -49.36 79.62 16.03
CA ILE K 1435 -48.52 80.21 17.06
C ILE K 1435 -48.25 79.15 18.11
N LYS K 1436 -47.08 78.53 18.05
CA LYS K 1436 -46.73 77.44 18.94
C LYS K 1436 -46.00 77.88 20.20
N THR K 1437 -45.24 78.97 20.13
CA THR K 1437 -44.40 79.40 21.24
C THR K 1437 -44.48 80.91 21.38
N SER K 1438 -43.96 81.41 22.51
CA SER K 1438 -43.91 82.85 22.74
C SER K 1438 -42.92 83.56 21.82
N LYS K 1439 -41.96 82.81 21.25
CA LYS K 1439 -41.08 83.40 20.25
C LYS K 1439 -41.87 83.89 19.04
N ASP K 1440 -42.85 83.10 18.60
CA ASP K 1440 -43.70 83.51 17.49
C ASP K 1440 -44.46 84.78 17.83
N ILE K 1441 -44.99 84.86 19.05
CA ILE K 1441 -45.74 86.04 19.47
C ILE K 1441 -44.82 87.26 19.50
N ALA K 1442 -43.60 87.09 20.01
CA ALA K 1442 -42.66 88.20 20.04
C ALA K 1442 -42.31 88.67 18.63
N VAL K 1443 -42.10 87.71 17.71
CA VAL K 1443 -41.79 88.07 16.33
C VAL K 1443 -42.96 88.82 15.70
N LEU K 1444 -44.18 88.36 15.94
CA LEU K 1444 -45.34 89.06 15.39
C LEU K 1444 -45.48 90.46 15.96
N ARG K 1445 -45.31 90.60 17.28
CA ARG K 1445 -45.46 91.91 17.91
C ARG K 1445 -44.34 92.86 17.50
N SER K 1446 -43.19 92.33 17.10
CA SER K 1446 -42.13 93.19 16.59
C SER K 1446 -42.48 93.81 15.25
N LYS K 1447 -43.47 93.29 14.54
CA LYS K 1447 -43.88 93.83 13.25
C LYS K 1447 -44.84 95.00 13.47
N GLU K 1448 -44.49 96.16 12.93
CA GLU K 1448 -45.37 97.32 13.03
C GLU K 1448 -46.69 97.04 12.29
N TRP K 1449 -46.62 96.39 11.14
CA TRP K 1449 -47.83 96.19 10.34
C TRP K 1449 -48.81 95.25 11.02
N PHE K 1450 -48.31 94.36 11.88
CA PHE K 1450 -49.17 93.45 12.64
C PHE K 1450 -49.81 94.19 13.80
N GLN K 1451 -51.10 94.53 13.67
CA GLN K 1451 -51.80 95.31 14.67
C GLN K 1451 -53.01 94.52 15.13
N LEU K 1452 -53.33 94.64 16.42
CA LEU K 1452 -54.44 93.91 17.02
C LEU K 1452 -55.39 94.91 17.68
N ASP K 1453 -56.69 94.66 17.51
CA ASP K 1453 -57.69 95.48 18.20
C ASP K 1453 -57.54 95.33 19.71
N ASP K 1454 -57.34 94.10 20.18
CA ASP K 1454 -57.09 93.79 21.58
C ASP K 1454 -55.62 93.48 21.72
N GLU K 1455 -54.84 94.45 22.21
CA GLU K 1455 -53.40 94.28 22.33
C GLU K 1455 -53.02 93.14 23.27
N ASP K 1456 -53.89 92.83 24.23
CA ASP K 1456 -53.64 91.74 25.17
C ASP K 1456 -54.24 90.42 24.70
N PHE K 1457 -54.59 90.31 23.42
CA PHE K 1457 -55.14 89.07 22.89
C PHE K 1457 -54.11 87.95 23.04
N ASP K 1458 -54.59 86.80 23.52
CA ASP K 1458 -53.72 85.66 23.78
C ASP K 1458 -53.52 84.89 22.48
N LEU K 1459 -52.38 85.10 21.82
CA LEU K 1459 -52.09 84.47 20.55
C LEU K 1459 -51.54 83.05 20.68
N LEU K 1460 -51.18 82.63 21.89
CA LEU K 1460 -50.56 81.32 22.07
C LEU K 1460 -51.55 80.21 21.74
N ASN K 1461 -51.04 79.15 21.11
CA ASN K 1461 -51.84 77.98 20.75
C ASN K 1461 -53.04 78.38 19.88
N LYS K 1462 -52.81 79.32 18.96
CA LYS K 1462 -53.88 79.84 18.11
C LYS K 1462 -53.40 79.90 16.67
N THR K 1463 -54.35 79.69 15.76
CA THR K 1463 -54.08 79.73 14.32
C THR K 1463 -54.55 81.05 13.77
N LEU K 1464 -53.64 81.79 13.14
CA LEU K 1464 -53.92 83.09 12.56
C LEU K 1464 -54.01 82.98 11.05
N THR K 1465 -55.04 83.58 10.49
CA THR K 1465 -55.27 83.64 9.05
C THR K 1465 -55.13 85.09 8.60
N PHE K 1466 -54.28 85.29 7.60
CA PHE K 1466 -53.98 86.60 7.02
C PHE K 1466 -54.51 86.64 5.61
N GLU K 1467 -55.40 87.60 5.34
CA GLU K 1467 -55.98 87.84 4.02
C GLU K 1467 -55.58 89.24 3.59
N THR K 1468 -54.41 89.36 2.96
CA THR K 1468 -53.83 90.64 2.63
C THR K 1468 -54.03 90.97 1.15
N GLU K 1469 -54.17 92.26 0.87
CA GLU K 1469 -54.15 92.81 -0.48
C GLU K 1469 -52.99 93.78 -0.55
N THR K 1470 -52.18 93.66 -1.60
CA THR K 1470 -51.01 94.51 -1.81
C THR K 1470 -51.26 95.44 -2.98
N GLU K 1471 -51.21 96.74 -2.72
CA GLU K 1471 -51.28 97.78 -3.74
C GLU K 1471 -49.90 98.41 -3.85
N VAL K 1472 -49.29 98.30 -5.03
CA VAL K 1472 -47.95 98.81 -5.28
C VAL K 1472 -47.99 99.77 -6.45
N THR K 1473 -47.37 100.93 -6.29
CA THR K 1473 -47.11 101.86 -7.38
C THR K 1473 -45.63 101.78 -7.71
N PHE K 1474 -45.32 101.70 -9.00
CA PHE K 1474 -43.97 101.43 -9.47
C PHE K 1474 -43.20 102.72 -9.68
N LYS K 1475 -41.92 102.70 -9.32
CA LYS K 1475 -41.00 103.76 -9.67
C LYS K 1475 -40.26 103.45 -10.96
N ASN K 1476 -39.88 102.18 -11.13
CA ASN K 1476 -39.27 101.70 -12.36
C ASN K 1476 -39.65 100.22 -12.50
N ALA K 1477 -38.94 99.50 -13.37
CA ALA K 1477 -39.27 98.11 -13.62
C ALA K 1477 -39.10 97.26 -12.36
N ASN K 1478 -38.04 97.49 -11.58
CA ASN K 1478 -37.71 96.65 -10.44
C ASN K 1478 -38.25 97.19 -9.12
N ILE K 1479 -38.05 98.46 -8.85
CA ILE K 1479 -38.30 99.03 -7.53
C ILE K 1479 -39.71 99.64 -7.50
N PHE K 1480 -40.46 99.34 -6.45
CA PHE K 1480 -41.77 99.95 -6.26
C PHE K 1480 -41.60 101.36 -5.72
N SER K 1481 -42.42 102.29 -6.22
CA SER K 1481 -42.40 103.64 -5.66
C SER K 1481 -43.10 103.69 -4.32
N SER K 1482 -44.14 102.86 -4.14
CA SER K 1482 -44.82 102.75 -2.86
C SER K 1482 -45.46 101.38 -2.78
N VAL K 1483 -45.41 100.79 -1.59
CA VAL K 1483 -45.94 99.46 -1.33
C VAL K 1483 -46.85 99.54 -0.12
N LYS K 1484 -48.10 99.11 -0.29
CA LYS K 1484 -49.07 99.05 0.81
C LYS K 1484 -49.63 97.65 0.85
N CYS K 1485 -49.79 97.10 2.05
CA CYS K 1485 -50.29 95.74 2.24
C CYS K 1485 -51.28 95.78 3.40
N PHE K 1486 -52.56 95.60 3.10
CA PHE K 1486 -53.62 95.79 4.08
C PHE K 1486 -54.58 94.61 4.06
N GLY K 1487 -55.04 94.21 5.23
CA GLY K 1487 -56.01 93.14 5.31
C GLY K 1487 -56.40 92.77 6.72
N PRO K 1488 -57.43 91.94 6.89
CA PRO K 1488 -57.81 91.49 8.22
C PRO K 1488 -57.10 90.22 8.67
N ILE K 1489 -56.59 90.26 9.89
CA ILE K 1489 -56.03 89.10 10.57
C ILE K 1489 -57.14 88.51 11.42
N LYS K 1490 -57.42 87.23 11.23
CA LYS K 1490 -58.44 86.54 12.00
C LYS K 1490 -57.84 85.35 12.72
N VAL K 1491 -58.52 84.94 13.78
CA VAL K 1491 -58.13 83.79 14.58
C VAL K 1491 -59.12 82.67 14.32
N GLU K 1492 -58.63 81.44 14.32
CA GLU K 1492 -59.47 80.25 14.20
C GLU K 1492 -60.06 79.92 15.57
N LEU K 1493 -61.39 79.88 15.64
CA LEU K 1493 -62.07 79.51 16.86
C LEU K 1493 -62.11 78.00 16.99
N PRO K 1494 -62.53 77.48 18.15
CA PRO K 1494 -62.69 76.03 18.27
C PRO K 1494 -63.69 75.45 17.28
N THR K 1495 -64.64 76.25 16.80
CA THR K 1495 -65.62 75.82 15.82
C THR K 1495 -65.12 75.96 14.39
N LYS K 1496 -63.80 76.05 14.18
CA LYS K 1496 -63.22 76.17 12.84
C LYS K 1496 -63.77 77.39 12.11
N GLU K 1497 -64.04 78.46 12.86
CA GLU K 1497 -64.59 79.69 12.34
C GLU K 1497 -63.55 80.79 12.50
N THR K 1498 -63.26 81.49 11.42
CA THR K 1498 -62.22 82.52 11.41
C THR K 1498 -62.87 83.87 11.70
N VAL K 1499 -62.46 84.51 12.79
CA VAL K 1499 -63.04 85.76 13.23
C VAL K 1499 -61.94 86.81 13.35
N GLU K 1500 -62.21 88.01 12.84
CA GLU K 1500 -61.21 89.08 12.83
C GLU K 1500 -60.83 89.49 14.23
N ILE K 1501 -59.52 89.56 14.49
CA ILE K 1501 -58.98 90.00 15.77
C ILE K 1501 -57.90 91.05 15.54
N GLY K 1502 -57.57 91.32 14.29
CA GLY K 1502 -56.55 92.32 14.02
C GLY K 1502 -56.52 92.72 12.56
N ILE K 1503 -55.54 93.54 12.22
CA ILE K 1503 -55.31 93.99 10.86
C ILE K 1503 -53.81 93.95 10.56
N VAL K 1504 -53.49 93.55 9.33
CA VAL K 1504 -52.23 93.87 8.69
C VAL K 1504 -52.39 95.25 8.06
N ASP K 1505 -51.48 96.17 8.39
CA ASP K 1505 -51.48 97.52 7.84
C ASP K 1505 -50.02 97.93 7.63
N TYR K 1506 -49.50 97.67 6.43
CA TYR K 1506 -48.14 98.02 6.06
C TYR K 1506 -48.19 99.12 5.00
N GLU K 1507 -47.38 100.15 5.19
CA GLU K 1507 -47.23 101.23 4.23
C GLU K 1507 -45.76 101.59 4.12
N ALA K 1508 -45.28 101.77 2.90
CA ALA K 1508 -43.88 102.10 2.68
C ALA K 1508 -43.74 102.84 1.36
N GLY K 1509 -42.70 103.67 1.29
CA GLY K 1509 -42.35 104.36 0.06
C GLY K 1509 -41.54 103.49 -0.87
N ALA K 1510 -40.42 104.02 -1.35
CA ALA K 1510 -39.57 103.26 -2.26
C ALA K 1510 -39.09 101.98 -1.59
N SER K 1511 -39.30 100.85 -2.26
CA SER K 1511 -38.94 99.55 -1.69
C SER K 1511 -38.80 98.54 -2.82
N HIS K 1512 -38.04 97.49 -2.56
CA HIS K 1512 -37.79 96.44 -3.53
C HIS K 1512 -38.77 95.28 -3.43
N GLY K 1513 -39.67 95.30 -2.44
CA GLY K 1513 -40.62 94.21 -2.29
C GLY K 1513 -41.51 94.47 -1.10
N ASN K 1514 -42.41 93.51 -0.87
CA ASN K 1514 -43.34 93.58 0.24
C ASN K 1514 -42.84 92.67 1.36
N PRO K 1515 -42.36 93.19 2.48
CA PRO K 1515 -41.84 92.29 3.52
C PRO K 1515 -42.91 91.44 4.17
N VAL K 1516 -44.17 91.90 4.17
CA VAL K 1516 -45.24 91.16 4.83
C VAL K 1516 -45.44 89.81 4.17
N VAL K 1517 -45.51 89.80 2.84
CA VAL K 1517 -45.75 88.56 2.12
C VAL K 1517 -44.54 87.64 2.24
N ASP K 1518 -43.34 88.21 2.24
CA ASP K 1518 -42.14 87.39 2.44
C ASP K 1518 -42.16 86.72 3.80
N PHE K 1519 -42.49 87.48 4.86
CA PHE K 1519 -42.56 86.93 6.20
C PHE K 1519 -43.63 85.85 6.28
N LEU K 1520 -44.80 86.10 5.70
CA LEU K 1520 -45.88 85.14 5.79
C LEU K 1520 -45.55 83.85 5.02
N LYS K 1521 -44.93 83.98 3.85
CA LYS K 1521 -44.51 82.79 3.12
C LYS K 1521 -43.46 82.00 3.90
N ARG K 1522 -42.50 82.69 4.52
CA ARG K 1522 -41.43 81.99 5.21
C ARG K 1522 -41.92 81.31 6.48
N ASN K 1523 -42.82 81.96 7.22
CA ASN K 1523 -43.25 81.47 8.53
C ASN K 1523 -44.57 80.72 8.50
N GLY K 1524 -45.63 81.34 7.99
CA GLY K 1524 -46.90 80.66 7.83
C GLY K 1524 -46.92 79.77 6.61
N SER K 1525 -48.10 79.25 6.32
CA SER K 1525 -48.33 78.36 5.19
C SER K 1525 -49.45 78.92 4.33
N THR K 1526 -49.33 78.69 3.02
CA THR K 1526 -50.32 79.20 2.07
C THR K 1526 -51.52 78.25 2.06
N LEU K 1527 -52.72 78.81 2.20
CA LEU K 1527 -53.95 78.03 2.10
C LEU K 1527 -54.46 78.11 0.67
N GLU K 1528 -54.35 77.00 -0.05
CA GLU K 1528 -54.79 76.93 -1.44
C GLU K 1528 -56.24 76.43 -1.45
N GLN K 1529 -57.16 77.25 -1.93
CA GLN K 1529 -58.55 76.85 -1.94
C GLN K 1529 -58.80 75.73 -2.94
N LYS K 1530 -58.12 75.78 -4.09
CA LYS K 1530 -58.19 74.70 -5.05
C LYS K 1530 -57.42 73.49 -4.53
N VAL K 1531 -58.05 72.31 -4.60
CA VAL K 1531 -57.46 71.05 -4.18
C VAL K 1531 -57.46 70.13 -5.38
N ASN K 1532 -56.28 69.81 -5.89
CA ASN K 1532 -56.16 68.89 -7.02
C ASN K 1532 -56.51 67.48 -6.58
N LEU K 1533 -57.10 66.71 -7.49
CA LEU K 1533 -57.36 65.31 -7.23
C LEU K 1533 -56.08 64.50 -7.34
N GLU K 1534 -56.18 63.21 -7.01
CA GLU K 1534 -54.99 62.36 -7.04
C GLU K 1534 -54.57 62.11 -8.48
N ASN K 1535 -55.52 61.91 -9.38
CA ASN K 1535 -55.27 61.84 -10.81
C ASN K 1535 -56.33 62.65 -11.54
N PRO K 1536 -55.99 63.25 -12.68
CA PRO K 1536 -57.03 63.93 -13.48
C PRO K 1536 -58.03 62.94 -14.03
N ILE K 1537 -59.23 63.44 -14.28
CA ILE K 1537 -60.32 62.62 -14.82
C ILE K 1537 -60.68 63.18 -16.20
N PRO K 1538 -60.25 62.58 -17.31
CA PRO K 1538 -60.69 63.09 -18.61
C PRO K 1538 -62.21 63.00 -18.76
N ILE K 1539 -62.79 64.04 -19.32
CA ILE K 1539 -64.23 64.11 -19.58
C ILE K 1539 -64.52 63.82 -21.04
N ALA K 1540 -63.97 64.60 -21.95
CA ALA K 1540 -64.16 64.38 -23.38
C ALA K 1540 -63.20 65.26 -24.15
N VAL K 1541 -62.83 64.80 -25.33
CA VAL K 1541 -62.10 65.59 -26.32
C VAL K 1541 -63.09 65.93 -27.43
N LEU K 1542 -63.29 67.22 -27.65
CA LEU K 1542 -64.37 67.71 -28.50
C LEU K 1542 -63.79 68.54 -29.64
N ASP K 1543 -64.49 68.55 -30.77
CA ASP K 1543 -64.09 69.30 -31.95
C ASP K 1543 -65.07 70.44 -32.15
N SER K 1544 -64.56 71.67 -32.16
CA SER K 1544 -65.32 72.86 -32.52
C SER K 1544 -64.70 73.44 -33.78
N TYR K 1545 -65.41 74.40 -34.37
CA TYR K 1545 -64.97 75.03 -35.61
C TYR K 1545 -65.14 76.53 -35.48
N THR K 1546 -64.13 77.28 -35.90
CA THR K 1546 -64.29 78.72 -35.94
C THR K 1546 -65.11 79.08 -37.18
N PRO K 1547 -66.01 80.07 -37.11
CA PRO K 1547 -66.84 80.38 -38.26
C PRO K 1547 -66.05 80.96 -39.42
N SER K 1548 -66.62 80.85 -40.61
CA SER K 1548 -65.99 81.40 -41.80
C SER K 1548 -65.83 82.91 -41.69
N THR K 1549 -66.72 83.57 -40.96
CA THR K 1549 -66.68 85.02 -40.78
C THR K 1549 -66.85 85.34 -39.31
N ASN K 1550 -66.34 86.50 -38.92
CA ASN K 1550 -66.42 86.98 -37.55
C ASN K 1550 -67.47 88.08 -37.36
N GLU K 1551 -68.12 88.51 -38.44
CA GLU K 1551 -69.20 89.48 -38.32
C GLU K 1551 -70.34 89.00 -37.41
N PRO K 1552 -70.79 87.73 -37.48
CA PRO K 1552 -71.88 87.33 -36.57
C PRO K 1552 -71.57 87.54 -35.10
N TYR K 1553 -70.33 87.26 -34.67
CA TYR K 1553 -69.97 87.52 -33.29
C TYR K 1553 -69.71 89.00 -33.04
N ALA K 1554 -69.11 89.70 -34.01
CA ALA K 1554 -68.81 91.11 -33.80
C ALA K 1554 -70.08 91.92 -33.58
N ARG K 1555 -71.10 91.67 -34.40
CA ARG K 1555 -72.32 92.48 -34.31
C ARG K 1555 -73.06 92.22 -33.00
N VAL K 1556 -73.01 90.99 -32.49
CA VAL K 1556 -73.79 90.66 -31.31
C VAL K 1556 -73.04 91.05 -30.04
N SER K 1557 -71.72 90.85 -30.01
CA SER K 1557 -70.93 91.18 -28.84
C SER K 1557 -70.56 92.66 -28.78
N GLY K 1558 -70.74 93.41 -29.87
CA GLY K 1558 -70.36 94.80 -29.89
C GLY K 1558 -68.88 95.03 -30.10
N ASP K 1559 -68.07 93.98 -30.09
CA ASP K 1559 -66.63 94.09 -30.34
C ASP K 1559 -66.45 94.20 -31.85
N LEU K 1560 -66.36 95.44 -32.34
CA LEU K 1560 -66.16 95.70 -33.76
C LEU K 1560 -64.69 95.91 -34.10
N ASN K 1561 -63.80 95.20 -33.40
CA ASN K 1561 -62.39 95.34 -33.67
C ASN K 1561 -62.11 95.01 -35.13
N PRO K 1562 -61.50 95.92 -35.90
CA PRO K 1562 -61.33 95.63 -37.34
C PRO K 1562 -60.43 94.45 -37.63
N ILE K 1563 -59.58 94.05 -36.69
CA ILE K 1563 -58.65 92.96 -36.98
C ILE K 1563 -59.41 91.66 -37.22
N HIS K 1564 -60.64 91.56 -36.71
CA HIS K 1564 -61.44 90.35 -36.85
C HIS K 1564 -62.34 90.35 -38.08
N VAL K 1565 -62.55 91.49 -38.73
CA VAL K 1565 -63.49 91.57 -39.85
C VAL K 1565 -62.87 92.12 -41.13
N SER K 1566 -61.79 92.90 -41.06
CA SER K 1566 -61.21 93.60 -42.19
C SER K 1566 -59.84 93.03 -42.49
N ARG K 1567 -59.62 92.69 -43.77
CA ARG K 1567 -58.31 92.17 -44.19
C ARG K 1567 -57.23 93.23 -44.06
N HIS K 1568 -57.53 94.48 -44.46
CA HIS K 1568 -56.49 95.49 -44.49
C HIS K 1568 -56.04 95.88 -43.08
N PHE K 1569 -56.96 95.94 -42.13
CA PHE K 1569 -56.57 96.28 -40.77
C PHE K 1569 -55.71 95.18 -40.15
N ALA K 1570 -56.06 93.92 -40.40
CA ALA K 1570 -55.24 92.81 -39.92
C ALA K 1570 -53.85 92.84 -40.57
N SER K 1571 -53.80 93.14 -41.86
CA SER K 1571 -52.50 93.27 -42.53
C SER K 1571 -51.67 94.37 -41.89
N TYR K 1572 -52.29 95.53 -41.64
CA TYR K 1572 -51.56 96.60 -40.97
C TYR K 1572 -51.12 96.22 -39.57
N ALA K 1573 -51.90 95.38 -38.89
CA ALA K 1573 -51.57 94.90 -37.57
C ALA K 1573 -50.64 93.68 -37.58
N ASN K 1574 -50.21 93.25 -38.76
CA ASN K 1574 -49.21 92.19 -38.94
C ASN K 1574 -49.73 90.83 -38.49
N LEU K 1575 -51.04 90.66 -38.40
CA LEU K 1575 -51.61 89.40 -37.97
C LEU K 1575 -51.65 88.41 -39.14
N PRO K 1576 -51.64 87.11 -38.87
CA PRO K 1576 -51.61 86.14 -39.98
C PRO K 1576 -52.83 86.22 -40.88
N GLY K 1577 -53.91 86.82 -40.41
CA GLY K 1577 -55.09 86.98 -41.24
C GLY K 1577 -56.19 87.65 -40.44
N THR K 1578 -57.42 87.52 -40.93
CA THR K 1578 -58.58 88.07 -40.26
C THR K 1578 -58.95 87.14 -39.09
N ILE K 1579 -58.11 87.19 -38.05
CA ILE K 1579 -58.18 86.23 -36.96
C ILE K 1579 -59.49 86.38 -36.21
N THR K 1580 -60.04 85.26 -35.77
CA THR K 1580 -61.32 85.25 -35.08
C THR K 1580 -61.19 85.87 -33.69
N HIS K 1581 -62.32 86.33 -33.17
CA HIS K 1581 -62.37 86.82 -31.80
C HIS K 1581 -61.90 85.72 -30.86
N GLY K 1582 -60.95 86.06 -29.99
CA GLY K 1582 -60.63 85.17 -28.90
C GLY K 1582 -61.82 84.99 -27.98
N MET K 1583 -62.64 86.01 -27.85
CA MET K 1583 -63.82 85.92 -26.99
C MET K 1583 -64.81 84.92 -27.57
N PHE K 1584 -64.90 84.83 -28.90
CA PHE K 1584 -65.72 83.78 -29.50
C PHE K 1584 -65.20 82.40 -29.10
N SER K 1585 -63.89 82.19 -29.18
CA SER K 1585 -63.33 80.89 -28.86
C SER K 1585 -63.60 80.55 -27.40
N SER K 1586 -63.46 81.53 -26.52
CA SER K 1586 -63.77 81.32 -25.12
C SER K 1586 -65.23 80.95 -24.92
N ALA K 1587 -66.14 81.65 -25.61
CA ALA K 1587 -67.56 81.36 -25.44
C ALA K 1587 -67.91 79.99 -26.00
N SER K 1588 -67.29 79.60 -27.11
CA SER K 1588 -67.54 78.27 -27.66
C SER K 1588 -67.04 77.18 -26.74
N VAL K 1589 -65.84 77.36 -26.18
CA VAL K 1589 -65.31 76.37 -25.26
C VAL K 1589 -66.17 76.31 -24.00
N ARG K 1590 -66.70 77.45 -23.56
CA ARG K 1590 -67.57 77.43 -22.39
C ARG K 1590 -68.89 76.75 -22.69
N ALA K 1591 -69.39 76.92 -23.92
CA ALA K 1591 -70.58 76.18 -24.33
C ALA K 1591 -70.31 74.67 -24.27
N LEU K 1592 -69.16 74.25 -24.78
CA LEU K 1592 -68.80 72.82 -24.71
C LEU K 1592 -68.66 72.36 -23.26
N ILE K 1593 -68.08 73.20 -22.40
CA ILE K 1593 -67.86 72.81 -21.02
C ILE K 1593 -69.17 72.68 -20.28
N GLU K 1594 -70.08 73.63 -20.46
CA GLU K 1594 -71.37 73.51 -19.80
C GLU K 1594 -72.19 72.38 -20.40
N ASN K 1595 -71.92 72.00 -21.65
CA ASN K 1595 -72.60 70.85 -22.21
C ASN K 1595 -72.09 69.55 -21.58
N TRP K 1596 -70.78 69.38 -21.48
CA TRP K 1596 -70.19 68.10 -21.12
C TRP K 1596 -69.88 68.00 -19.62
N ALA K 1597 -69.06 68.91 -19.11
CA ALA K 1597 -68.72 68.88 -17.69
C ALA K 1597 -69.94 69.14 -16.82
N ALA K 1598 -70.80 70.07 -17.22
CA ALA K 1598 -71.97 70.44 -16.43
C ALA K 1598 -73.25 69.77 -16.90
N ASP K 1599 -73.19 68.92 -17.92
CA ASP K 1599 -74.37 68.19 -18.40
C ASP K 1599 -75.45 69.14 -18.89
N SER K 1600 -75.03 70.21 -19.58
CA SER K 1600 -75.95 71.17 -20.19
C SER K 1600 -76.85 71.81 -19.14
N VAL K 1601 -76.23 72.26 -18.06
CA VAL K 1601 -76.91 73.02 -17.01
C VAL K 1601 -76.19 74.35 -16.86
N SER K 1602 -76.87 75.43 -17.22
CA SER K 1602 -76.25 76.76 -17.21
C SER K 1602 -75.87 77.16 -15.80
N SER K 1603 -76.81 77.05 -14.85
CA SER K 1603 -76.57 77.47 -13.48
C SER K 1603 -75.39 76.75 -12.84
N ARG K 1604 -75.13 75.51 -13.26
CA ARG K 1604 -74.07 74.70 -12.67
C ARG K 1604 -72.67 75.23 -12.97
N VAL K 1605 -72.54 76.19 -13.89
CA VAL K 1605 -71.26 76.81 -14.22
C VAL K 1605 -71.16 78.12 -13.45
N ARG K 1606 -70.18 78.21 -12.55
CA ARG K 1606 -69.99 79.37 -11.69
C ARG K 1606 -68.74 80.16 -12.02
N GLY K 1607 -67.67 79.50 -12.41
CA GLY K 1607 -66.45 80.18 -12.82
C GLY K 1607 -65.99 79.69 -14.17
N TYR K 1608 -65.34 80.58 -14.91
CA TYR K 1608 -64.75 80.16 -16.18
C TYR K 1608 -63.68 81.16 -16.57
N THR K 1609 -62.42 80.79 -16.42
CA THR K 1609 -61.29 81.59 -16.85
C THR K 1609 -60.68 80.94 -18.08
N CYS K 1610 -60.11 81.76 -18.96
CA CYS K 1610 -59.48 81.26 -20.17
C CYS K 1610 -58.37 82.21 -20.56
N GLN K 1611 -57.31 81.65 -21.14
CA GLN K 1611 -56.14 82.38 -21.58
C GLN K 1611 -55.96 82.08 -23.07
N PHE K 1612 -55.83 83.15 -23.86
CA PHE K 1612 -55.66 83.07 -25.30
C PHE K 1612 -54.16 83.05 -25.60
N VAL K 1613 -53.61 81.84 -25.60
CA VAL K 1613 -52.15 81.70 -25.74
C VAL K 1613 -51.72 81.98 -27.18
N ASP K 1614 -52.59 81.69 -28.15
CA ASP K 1614 -52.25 81.90 -29.55
C ASP K 1614 -53.48 82.38 -30.31
N MET K 1615 -53.21 83.01 -31.45
CA MET K 1615 -54.26 83.50 -32.33
C MET K 1615 -54.95 82.33 -33.04
N VAL K 1616 -56.20 82.56 -33.41
CA VAL K 1616 -57.03 81.56 -34.06
C VAL K 1616 -57.61 82.19 -35.33
N LEU K 1617 -57.55 81.44 -36.46
CA LEU K 1617 -58.01 81.95 -37.74
C LEU K 1617 -59.39 81.37 -38.08
N PRO K 1618 -60.16 82.04 -38.94
CA PRO K 1618 -61.46 81.49 -39.34
C PRO K 1618 -61.32 80.16 -40.08
N ASN K 1619 -62.35 79.32 -39.95
CA ASN K 1619 -62.41 78.02 -40.60
C ASN K 1619 -61.25 77.12 -40.14
N THR K 1620 -61.11 77.03 -38.82
CA THR K 1620 -60.11 76.17 -38.21
C THR K 1620 -60.80 75.22 -37.24
N ALA K 1621 -60.31 73.99 -37.22
CA ALA K 1621 -60.82 72.95 -36.33
C ALA K 1621 -60.05 73.01 -35.03
N LEU K 1622 -60.78 73.22 -33.93
CA LEU K 1622 -60.19 73.34 -32.60
C LEU K 1622 -60.55 72.10 -31.79
N LYS K 1623 -59.53 71.43 -31.27
CA LYS K 1623 -59.69 70.22 -30.47
C LYS K 1623 -59.46 70.57 -29.01
N THR K 1624 -60.51 70.42 -28.19
CA THR K 1624 -60.48 70.80 -26.79
C THR K 1624 -60.61 69.56 -25.91
N SER K 1625 -59.61 69.33 -25.08
CA SER K 1625 -59.62 68.22 -24.13
C SER K 1625 -60.03 68.74 -22.77
N ILE K 1626 -61.14 68.23 -22.24
CA ILE K 1626 -61.70 68.64 -20.96
C ILE K 1626 -61.25 67.63 -19.91
N GLN K 1627 -60.75 68.12 -18.78
CA GLN K 1627 -60.29 67.28 -17.69
C GLN K 1627 -60.83 67.84 -16.39
N HIS K 1628 -61.29 66.97 -15.49
CA HIS K 1628 -61.64 67.37 -14.14
C HIS K 1628 -60.41 67.13 -13.27
N VAL K 1629 -59.82 68.21 -12.77
CA VAL K 1629 -58.50 68.16 -12.15
C VAL K 1629 -58.55 68.46 -10.66
N GLY K 1630 -59.64 69.04 -10.17
CA GLY K 1630 -59.70 69.38 -8.77
C GLY K 1630 -61.06 69.87 -8.29
N MET K 1631 -61.09 70.35 -7.04
CA MET K 1631 -62.29 70.86 -6.42
C MET K 1631 -61.97 72.17 -5.71
N ILE K 1632 -62.96 73.07 -5.65
CA ILE K 1632 -62.82 74.34 -4.95
C ILE K 1632 -64.16 74.69 -4.33
N ASN K 1633 -64.24 74.61 -3.00
CA ASN K 1633 -65.46 74.92 -2.26
C ASN K 1633 -66.64 74.12 -2.79
N GLY K 1634 -66.40 72.85 -3.10
CA GLY K 1634 -67.43 71.98 -3.60
C GLY K 1634 -67.76 72.16 -5.06
N ARG K 1635 -67.00 72.97 -5.79
CA ARG K 1635 -67.14 73.11 -7.23
C ARG K 1635 -66.01 72.37 -7.92
N LYS K 1636 -66.36 71.54 -8.89
CA LYS K 1636 -65.36 70.84 -9.68
C LYS K 1636 -64.53 71.85 -10.46
N LEU K 1637 -63.21 71.70 -10.39
CA LEU K 1637 -62.30 72.48 -11.21
C LEU K 1637 -61.98 71.69 -12.46
N ILE K 1638 -62.28 72.25 -13.61
CA ILE K 1638 -62.11 71.60 -14.91
C ILE K 1638 -61.10 72.40 -15.71
N LYS K 1639 -60.00 71.76 -16.09
CA LYS K 1639 -59.04 72.33 -17.02
C LYS K 1639 -59.45 71.99 -18.43
N PHE K 1640 -59.12 72.87 -19.37
CA PHE K 1640 -59.24 72.57 -20.79
C PHE K 1640 -58.02 73.09 -21.52
N GLU K 1641 -57.73 72.44 -22.66
CA GLU K 1641 -56.58 72.81 -23.48
C GLU K 1641 -57.02 72.67 -24.94
N THR K 1642 -57.46 73.79 -25.52
CA THR K 1642 -57.84 73.82 -26.92
C THR K 1642 -56.63 74.05 -27.81
N ARG K 1643 -56.41 73.10 -28.72
CA ARG K 1643 -55.33 73.15 -29.70
C ARG K 1643 -55.94 73.31 -31.09
N ASN K 1644 -55.13 73.79 -32.03
CA ASN K 1644 -55.56 73.97 -33.41
C ASN K 1644 -55.22 72.73 -34.22
N GLU K 1645 -55.37 72.82 -35.55
CA GLU K 1645 -55.04 71.68 -36.41
C GLU K 1645 -53.56 71.35 -36.35
N ASP K 1646 -52.70 72.35 -36.13
CA ASP K 1646 -51.26 72.16 -36.08
C ASP K 1646 -50.79 71.62 -34.73
N ASP K 1647 -51.72 71.18 -33.87
CA ASP K 1647 -51.37 70.64 -32.56
C ASP K 1647 -50.73 71.71 -31.68
N VAL K 1648 -51.07 72.97 -31.95
CA VAL K 1648 -50.55 74.11 -31.20
C VAL K 1648 -51.65 74.58 -30.26
N VAL K 1649 -51.31 74.71 -28.98
CA VAL K 1649 -52.29 75.17 -28.00
C VAL K 1649 -52.68 76.60 -28.32
N VAL K 1650 -53.99 76.86 -28.34
CA VAL K 1650 -54.52 78.19 -28.61
C VAL K 1650 -55.43 78.68 -27.50
N LEU K 1651 -55.88 77.82 -26.59
CA LEU K 1651 -56.69 78.26 -25.47
C LEU K 1651 -56.43 77.36 -24.28
N THR K 1652 -56.26 77.93 -23.09
CA THR K 1652 -56.13 77.12 -21.89
C THR K 1652 -56.85 77.82 -20.75
N GLY K 1653 -57.63 77.08 -19.98
CA GLY K 1653 -58.37 77.73 -18.92
C GLY K 1653 -58.92 76.78 -17.89
N GLU K 1654 -59.64 77.37 -16.94
CA GLU K 1654 -60.27 76.69 -15.82
C GLU K 1654 -61.77 76.95 -15.88
N ALA K 1655 -62.53 76.05 -15.28
CA ALA K 1655 -63.97 76.20 -15.15
C ALA K 1655 -64.39 75.63 -13.81
N GLU K 1656 -65.06 76.44 -13.01
CA GLU K 1656 -65.59 76.04 -11.72
C GLU K 1656 -67.06 75.68 -11.94
N ILE K 1657 -67.34 74.38 -11.94
CA ILE K 1657 -68.66 73.83 -12.23
C ILE K 1657 -69.24 73.30 -10.93
N GLU K 1658 -70.40 73.79 -10.53
CA GLU K 1658 -71.01 73.26 -9.32
C GLU K 1658 -71.27 71.77 -9.47
N GLN K 1659 -71.26 71.08 -8.34
CA GLN K 1659 -71.62 69.67 -8.33
C GLN K 1659 -73.13 69.53 -8.46
N PRO K 1660 -73.63 68.33 -8.76
CA PRO K 1660 -75.07 68.10 -8.67
C PRO K 1660 -75.58 68.40 -7.26
N VAL K 1661 -76.90 68.58 -7.16
CA VAL K 1661 -77.51 68.91 -5.88
C VAL K 1661 -77.16 67.81 -4.88
N THR K 1662 -76.48 68.19 -3.81
CA THR K 1662 -75.96 67.25 -2.82
C THR K 1662 -76.70 67.40 -1.51
N THR K 1663 -77.02 66.27 -0.90
CA THR K 1663 -77.48 66.22 0.47
C THR K 1663 -76.58 65.29 1.25
N PHE K 1664 -76.31 65.66 2.49
CA PHE K 1664 -75.50 64.85 3.39
C PHE K 1664 -76.40 64.34 4.50
N VAL K 1665 -76.57 63.01 4.55
CA VAL K 1665 -77.39 62.36 5.56
C VAL K 1665 -76.45 61.64 6.52
N PHE K 1666 -76.52 62.00 7.79
CA PHE K 1666 -75.59 61.51 8.81
C PHE K 1666 -76.25 60.42 9.63
N THR K 1667 -75.63 59.25 9.67
CA THR K 1667 -76.24 58.06 10.26
C THR K 1667 -76.36 58.17 11.78
N GLY K 1668 -77.42 57.57 12.31
CA GLY K 1668 -77.63 57.50 13.74
C GLY K 1668 -76.98 56.26 14.33
N GLN K 1669 -77.22 56.07 15.63
CA GLN K 1669 -76.61 54.95 16.34
C GLN K 1669 -77.09 53.62 15.79
N GLY K 1670 -76.22 52.62 15.89
CA GLY K 1670 -76.58 51.25 15.54
C GLY K 1670 -75.48 50.51 14.80
N SER K 1671 -74.71 51.23 13.99
CA SER K 1671 -73.73 50.62 13.10
C SER K 1671 -72.31 50.66 13.67
N GLN K 1672 -72.14 51.09 14.92
CA GLN K 1672 -70.81 51.24 15.49
C GLN K 1672 -70.09 49.90 15.56
N GLU K 1673 -68.82 49.90 15.19
CA GLU K 1673 -68.02 48.68 15.16
C GLU K 1673 -66.56 49.06 15.37
N GLN K 1674 -65.79 48.10 15.88
CA GLN K 1674 -64.38 48.33 16.18
C GLN K 1674 -63.63 48.76 14.93
N GLY K 1675 -62.69 49.69 15.10
CA GLY K 1675 -61.93 50.23 13.99
C GLY K 1675 -62.66 51.27 13.18
N MET K 1676 -63.72 51.86 13.71
CA MET K 1676 -64.53 52.80 12.95
C MET K 1676 -63.74 54.07 12.65
N GLY K 1677 -63.62 54.41 11.37
CA GLY K 1677 -62.95 55.64 10.99
C GLY K 1677 -61.46 55.63 11.15
N MET K 1678 -60.86 54.48 11.45
CA MET K 1678 -59.44 54.43 11.75
C MET K 1678 -58.58 54.49 10.50
N ASP K 1679 -59.07 54.00 9.36
CA ASP K 1679 -58.30 54.18 8.12
C ASP K 1679 -58.22 55.66 7.76
N LEU K 1680 -59.33 56.39 7.90
CA LEU K 1680 -59.30 57.82 7.68
C LEU K 1680 -58.43 58.51 8.73
N TYR K 1681 -58.42 57.99 9.96
CA TYR K 1681 -57.53 58.53 10.97
C TYR K 1681 -56.06 58.35 10.56
N LYS K 1682 -55.74 57.20 9.95
CA LYS K 1682 -54.37 56.99 9.49
C LYS K 1682 -54.02 57.93 8.35
N THR K 1683 -54.92 58.11 7.39
CA THR K 1683 -54.59 58.82 6.16
C THR K 1683 -54.83 60.33 6.25
N SER K 1684 -56.08 60.73 6.51
CA SER K 1684 -56.45 62.14 6.43
C SER K 1684 -55.90 62.92 7.60
N LYS K 1685 -55.38 64.12 7.32
CA LYS K 1685 -54.87 64.99 8.37
C LYS K 1685 -56.02 65.68 9.12
N ALA K 1686 -57.08 66.03 8.41
CA ALA K 1686 -58.23 66.65 9.08
C ALA K 1686 -58.93 65.66 10.00
N ALA K 1687 -59.05 64.40 9.57
CA ALA K 1687 -59.60 63.37 10.45
C ALA K 1687 -58.72 63.18 11.67
N GLN K 1688 -57.40 63.19 11.48
CA GLN K 1688 -56.47 63.13 12.61
C GLN K 1688 -56.74 64.27 13.58
N ASP K 1689 -56.89 65.48 13.06
CA ASP K 1689 -57.10 66.63 13.94
C ASP K 1689 -58.40 66.49 14.73
N VAL K 1690 -59.47 66.06 14.07
CA VAL K 1690 -60.75 65.90 14.75
C VAL K 1690 -60.63 64.85 15.86
N TRP K 1691 -60.10 63.67 15.50
CA TRP K 1691 -60.00 62.59 16.47
C TRP K 1691 -59.06 62.95 17.62
N ASN K 1692 -57.98 63.66 17.33
CA ASN K 1692 -57.03 64.03 18.36
C ASN K 1692 -57.62 65.07 19.31
N ARG K 1693 -58.35 66.04 18.78
CA ARG K 1693 -59.00 67.01 19.66
C ARG K 1693 -60.00 66.31 20.56
N ALA K 1694 -60.77 65.38 20.01
CA ALA K 1694 -61.73 64.63 20.80
C ALA K 1694 -61.04 63.81 21.88
N ASP K 1695 -59.96 63.10 21.50
CA ASP K 1695 -59.26 62.25 22.44
C ASP K 1695 -58.61 63.08 23.54
N ASN K 1696 -58.01 64.21 23.18
CA ASN K 1696 -57.39 65.07 24.19
C ASN K 1696 -58.44 65.58 25.17
N HIS K 1697 -59.59 66.02 24.66
CA HIS K 1697 -60.64 66.49 25.56
C HIS K 1697 -61.11 65.37 26.49
N PHE K 1698 -61.32 64.18 25.94
CA PHE K 1698 -61.82 63.08 26.78
C PHE K 1698 -60.79 62.67 27.82
N LYS K 1699 -59.51 62.60 27.43
CA LYS K 1699 -58.47 62.28 28.40
C LYS K 1699 -58.41 63.32 29.50
N ASP K 1700 -58.44 64.60 29.14
CA ASP K 1700 -58.32 65.64 30.16
C ASP K 1700 -59.52 65.66 31.08
N THR K 1701 -60.73 65.47 30.54
CA THR K 1701 -61.93 65.59 31.35
C THR K 1701 -62.23 64.30 32.11
N TYR K 1702 -62.48 63.21 31.37
CA TYR K 1702 -62.92 61.94 31.96
C TYR K 1702 -61.84 60.87 32.01
N GLY K 1703 -60.62 61.17 31.56
CA GLY K 1703 -59.54 60.23 31.71
C GLY K 1703 -59.68 58.95 30.91
N PHE K 1704 -60.20 59.03 29.69
CA PHE K 1704 -60.26 57.89 28.79
C PHE K 1704 -60.05 58.36 27.36
N SER K 1705 -59.60 57.44 26.51
CA SER K 1705 -59.30 57.74 25.12
C SER K 1705 -60.36 57.13 24.23
N ILE K 1706 -61.12 58.00 23.55
CA ILE K 1706 -62.13 57.52 22.62
C ILE K 1706 -61.47 56.80 21.45
N LEU K 1707 -60.29 57.27 21.04
CA LEU K 1707 -59.53 56.56 20.02
C LEU K 1707 -59.20 55.14 20.47
N ASP K 1708 -58.75 54.99 21.72
CA ASP K 1708 -58.43 53.66 22.23
C ASP K 1708 -59.68 52.79 22.29
N ILE K 1709 -60.81 53.36 22.70
CA ILE K 1709 -62.04 52.58 22.78
C ILE K 1709 -62.49 52.14 21.40
N VAL K 1710 -62.39 53.02 20.40
CA VAL K 1710 -62.75 52.65 19.04
C VAL K 1710 -61.81 51.57 18.52
N ILE K 1711 -60.51 51.71 18.77
CA ILE K 1711 -59.54 50.78 18.22
C ILE K 1711 -59.64 49.40 18.85
N ASN K 1712 -59.79 49.32 20.17
CA ASN K 1712 -59.68 48.05 20.89
C ASN K 1712 -61.00 47.48 21.37
N ASN K 1713 -62.06 48.27 21.49
CA ASN K 1713 -63.35 47.83 21.99
C ASN K 1713 -63.22 47.09 23.32
N PRO K 1714 -62.62 47.72 24.33
CA PRO K 1714 -62.43 47.03 25.61
C PRO K 1714 -63.76 46.67 26.26
N VAL K 1715 -63.80 45.49 26.87
CA VAL K 1715 -64.99 45.07 27.59
C VAL K 1715 -65.16 45.91 28.85
N ASN K 1716 -64.07 46.15 29.56
CA ASN K 1716 -64.07 46.92 30.78
C ASN K 1716 -63.04 48.04 30.67
N LEU K 1717 -63.35 49.18 31.27
CA LEU K 1717 -62.47 50.35 31.24
C LEU K 1717 -62.43 50.97 32.62
N THR K 1718 -61.29 50.90 33.28
CA THR K 1718 -61.14 51.44 34.63
C THR K 1718 -60.47 52.80 34.55
N ILE K 1719 -61.18 53.83 35.02
CA ILE K 1719 -60.65 55.17 35.20
C ILE K 1719 -60.14 55.26 36.63
N HIS K 1720 -58.92 55.76 36.78
CA HIS K 1720 -58.28 55.86 38.09
C HIS K 1720 -58.18 57.32 38.50
N PHE K 1721 -58.47 57.58 39.77
CA PHE K 1721 -58.57 58.93 40.31
C PHE K 1721 -57.41 59.23 41.25
N GLY K 1722 -56.22 58.77 40.90
CA GLY K 1722 -55.04 59.04 41.68
C GLY K 1722 -54.31 60.29 41.22
N GLY K 1723 -53.79 61.04 42.17
CA GLY K 1723 -53.11 62.28 41.87
C GLY K 1723 -54.08 63.41 41.61
N GLU K 1724 -53.53 64.60 41.37
CA GLU K 1724 -54.36 65.77 41.14
C GLU K 1724 -55.18 65.62 39.87
N LYS K 1725 -54.59 65.08 38.80
CA LYS K 1725 -55.33 64.86 37.57
C LYS K 1725 -56.47 63.88 37.79
N GLY K 1726 -56.21 62.80 38.54
CA GLY K 1726 -57.26 61.84 38.83
C GLY K 1726 -58.37 62.45 39.66
N LYS K 1727 -58.02 63.34 40.59
CA LYS K 1727 -59.04 64.02 41.37
C LYS K 1727 -59.88 64.94 40.51
N ARG K 1728 -59.25 65.66 39.58
CA ARG K 1728 -60.01 66.52 38.69
C ARG K 1728 -60.96 65.70 37.82
N ILE K 1729 -60.49 64.55 37.34
CA ILE K 1729 -61.36 63.67 36.57
C ILE K 1729 -62.50 63.16 37.44
N ARG K 1730 -62.21 62.85 38.71
CA ARG K 1730 -63.26 62.37 39.60
C ARG K 1730 -64.32 63.43 39.84
N GLU K 1731 -63.91 64.70 40.00
CA GLU K 1731 -64.88 65.77 40.14
C GLU K 1731 -65.69 65.94 38.87
N ASN K 1732 -65.06 65.78 37.70
CA ASN K 1732 -65.82 65.80 36.45
C ASN K 1732 -66.87 64.70 36.42
N TYR K 1733 -66.51 63.51 36.88
CA TYR K 1733 -67.46 62.40 36.92
C TYR K 1733 -68.58 62.65 37.92
N SER K 1734 -68.25 63.23 39.07
CA SER K 1734 -69.25 63.48 40.10
C SER K 1734 -70.20 64.60 39.71
N ALA K 1735 -69.73 65.58 38.96
CA ALA K 1735 -70.59 66.67 38.51
C ALA K 1735 -71.63 66.20 37.50
N MET K 1736 -71.45 65.02 36.91
CA MET K 1736 -72.39 64.54 35.91
C MET K 1736 -73.71 64.16 36.57
N ILE K 1737 -74.78 64.82 36.16
CA ILE K 1737 -76.10 64.63 36.75
C ILE K 1737 -77.13 64.44 35.64
N PHE K 1738 -78.21 63.77 35.99
CA PHE K 1738 -79.38 63.59 35.14
C PHE K 1738 -80.52 64.37 35.77
N GLU K 1739 -80.86 65.49 35.15
CA GLU K 1739 -81.91 66.37 35.64
C GLU K 1739 -83.19 66.12 34.83
N THR K 1740 -84.32 66.04 35.53
CA THR K 1740 -85.58 65.72 34.91
C THR K 1740 -86.70 66.47 35.63
N ILE K 1741 -87.47 67.25 34.89
CA ILE K 1741 -88.62 67.98 35.45
C ILE K 1741 -89.83 67.08 35.26
N VAL K 1742 -90.18 66.34 36.31
CA VAL K 1742 -91.33 65.45 36.32
C VAL K 1742 -92.39 66.03 37.25
N ASP K 1743 -93.61 66.18 36.73
CA ASP K 1743 -94.73 66.71 37.51
C ASP K 1743 -94.41 68.09 38.09
N GLY K 1744 -93.65 68.89 37.36
CA GLY K 1744 -93.27 70.21 37.81
C GLY K 1744 -92.16 70.25 38.84
N LYS K 1745 -91.55 69.11 39.16
CA LYS K 1745 -90.48 69.02 40.15
C LYS K 1745 -89.19 68.61 39.44
N LEU K 1746 -88.11 69.35 39.71
CA LEU K 1746 -86.82 69.13 39.08
C LEU K 1746 -86.02 68.12 39.91
N LYS K 1747 -86.22 66.84 39.62
CA LYS K 1747 -85.35 65.82 40.18
C LYS K 1747 -83.95 65.93 39.58
N THR K 1748 -82.95 65.68 40.42
CA THR K 1748 -81.54 65.68 40.00
C THR K 1748 -80.95 64.35 40.45
N GLU K 1749 -81.11 63.32 39.63
CA GLU K 1749 -80.42 62.07 39.87
C GLU K 1749 -78.95 62.24 39.52
N LYS K 1750 -78.11 61.41 40.14
CA LYS K 1750 -76.67 61.47 39.90
C LYS K 1750 -76.25 60.25 39.08
N ILE K 1751 -75.57 60.51 37.97
CA ILE K 1751 -74.89 59.44 37.23
C ILE K 1751 -73.60 59.12 37.96
N PHE K 1752 -73.24 57.84 37.99
CA PHE K 1752 -72.12 57.36 38.80
C PHE K 1752 -72.36 57.70 40.28
N LYS K 1753 -73.40 57.10 40.85
CA LYS K 1753 -73.64 57.26 42.27
C LYS K 1753 -72.53 56.64 43.10
N GLU K 1754 -71.79 55.68 42.54
CA GLU K 1754 -70.69 55.08 43.27
C GLU K 1754 -69.61 56.11 43.57
N ILE K 1755 -69.32 57.00 42.62
CA ILE K 1755 -68.18 57.88 42.76
C ILE K 1755 -68.43 58.89 43.86
N ASN K 1756 -67.46 59.01 44.77
CA ASN K 1756 -67.49 59.97 45.85
C ASN K 1756 -66.08 60.55 46.00
N GLU K 1757 -65.84 61.24 47.11
CA GLU K 1757 -64.51 61.80 47.36
C GLU K 1757 -63.48 60.73 47.71
N HIS K 1758 -63.92 59.54 48.12
CA HIS K 1758 -63.02 58.45 48.47
C HIS K 1758 -62.92 57.39 47.39
N SER K 1759 -63.61 57.56 46.25
CA SER K 1759 -63.50 56.60 45.17
C SER K 1759 -62.14 56.73 44.49
N THR K 1760 -61.36 55.66 44.53
CA THR K 1760 -60.07 55.65 43.86
C THR K 1760 -60.18 55.26 42.39
N SER K 1761 -61.29 54.65 41.98
CA SER K 1761 -61.45 54.25 40.60
C SER K 1761 -62.92 54.04 40.30
N TYR K 1762 -63.23 54.10 39.01
CA TYR K 1762 -64.52 53.71 38.47
C TYR K 1762 -64.28 52.76 37.32
N THR K 1763 -65.24 51.88 37.04
CA THR K 1763 -65.10 50.90 35.98
C THR K 1763 -66.35 50.89 35.12
N PHE K 1764 -66.18 51.24 33.84
CA PHE K 1764 -67.20 51.01 32.83
C PHE K 1764 -67.21 49.54 32.47
N ARG K 1765 -68.38 48.92 32.55
CA ARG K 1765 -68.57 47.51 32.23
C ARG K 1765 -69.30 47.37 30.92
N SER K 1766 -69.00 46.29 30.19
CA SER K 1766 -69.82 45.90 29.05
C SER K 1766 -69.86 44.38 28.96
N GLU K 1767 -70.89 43.86 28.30
CA GLU K 1767 -70.97 42.42 28.10
C GLU K 1767 -69.92 41.94 27.08
N LYS K 1768 -69.81 42.64 25.95
CA LYS K 1768 -68.93 42.22 24.87
C LYS K 1768 -67.93 43.31 24.52
N GLY K 1769 -68.34 44.58 24.62
CA GLY K 1769 -67.47 45.68 24.29
C GLY K 1769 -68.08 47.03 24.64
N LEU K 1770 -67.24 47.96 25.08
CA LEU K 1770 -67.72 49.27 25.49
C LEU K 1770 -68.03 50.19 24.33
N LEU K 1771 -67.53 49.88 23.13
CA LEU K 1771 -67.86 50.67 21.96
C LEU K 1771 -69.34 50.59 21.60
N SER K 1772 -70.03 49.55 22.07
CA SER K 1772 -71.46 49.39 21.85
C SER K 1772 -72.31 50.08 22.91
N ALA K 1773 -71.68 50.69 23.91
CA ALA K 1773 -72.39 51.42 24.95
C ALA K 1773 -72.70 52.83 24.46
N THR K 1774 -73.90 53.31 24.76
CA THR K 1774 -74.33 54.61 24.23
C THR K 1774 -73.39 55.72 24.68
N GLN K 1775 -72.82 55.57 25.88
CA GLN K 1775 -71.85 56.55 26.37
C GLN K 1775 -70.69 56.71 25.41
N PHE K 1776 -70.15 55.60 24.89
CA PHE K 1776 -69.02 55.64 23.98
C PHE K 1776 -69.40 55.43 22.52
N THR K 1777 -70.52 54.75 22.25
CA THR K 1777 -70.95 54.54 20.88
C THR K 1777 -71.29 55.86 20.20
N GLN K 1778 -72.08 56.69 20.87
CA GLN K 1778 -72.48 57.96 20.27
C GLN K 1778 -71.30 58.87 19.99
N PRO K 1779 -70.39 59.14 20.94
CA PRO K 1779 -69.24 60.00 20.60
C PRO K 1779 -68.36 59.41 19.51
N ALA K 1780 -68.15 58.10 19.49
CA ALA K 1780 -67.33 57.50 18.45
C ALA K 1780 -67.96 57.68 17.07
N LEU K 1781 -69.27 57.43 16.98
CA LEU K 1781 -69.97 57.59 15.70
C LEU K 1781 -69.96 59.04 15.26
N THR K 1782 -70.31 59.95 16.17
CA THR K 1782 -70.32 61.37 15.84
C THR K 1782 -68.94 61.82 15.40
N LEU K 1783 -67.90 61.34 16.06
CA LEU K 1783 -66.55 61.76 15.73
C LEU K 1783 -66.10 61.23 14.39
N MET K 1784 -66.41 59.97 14.07
CA MET K 1784 -65.95 59.46 12.80
C MET K 1784 -66.75 60.08 11.66
N GLU K 1785 -68.03 60.42 11.90
CA GLU K 1785 -68.79 61.18 10.92
C GLU K 1785 -68.19 62.56 10.70
N LYS K 1786 -67.91 63.27 11.79
CA LYS K 1786 -67.32 64.60 11.69
C LYS K 1786 -65.95 64.54 11.02
N ALA K 1787 -65.20 63.46 11.26
CA ALA K 1787 -63.89 63.31 10.66
C ALA K 1787 -63.99 63.03 9.17
N ALA K 1788 -64.93 62.17 8.77
CA ALA K 1788 -65.16 61.94 7.34
C ALA K 1788 -65.55 63.24 6.65
N PHE K 1789 -66.46 64.00 7.26
CA PHE K 1789 -66.87 65.25 6.64
C PHE K 1789 -65.75 66.27 6.61
N GLU K 1790 -64.90 66.29 7.64
CA GLU K 1790 -63.79 67.23 7.65
C GLU K 1790 -62.76 66.88 6.59
N ASP K 1791 -62.53 65.58 6.36
CA ASP K 1791 -61.67 65.17 5.25
C ASP K 1791 -62.27 65.60 3.92
N LEU K 1792 -63.58 65.43 3.76
CA LEU K 1792 -64.23 65.88 2.54
C LEU K 1792 -64.07 67.39 2.35
N LYS K 1793 -64.24 68.15 3.44
CA LYS K 1793 -64.10 69.60 3.36
C LYS K 1793 -62.67 70.00 3.02
N SER K 1794 -61.68 69.30 3.58
CA SER K 1794 -60.29 69.59 3.24
C SER K 1794 -60.02 69.28 1.77
N LYS K 1795 -60.66 68.26 1.23
CA LYS K 1795 -60.55 67.95 -0.19
C LYS K 1795 -61.41 68.85 -1.06
N GLY K 1796 -62.29 69.65 -0.47
CA GLY K 1796 -63.11 70.58 -1.24
C GLY K 1796 -64.33 69.96 -1.87
N LEU K 1797 -64.85 68.89 -1.29
CA LEU K 1797 -65.96 68.12 -1.86
C LEU K 1797 -67.30 68.50 -1.27
N ILE K 1798 -67.40 69.64 -0.58
CA ILE K 1798 -68.63 70.05 0.08
C ILE K 1798 -69.23 71.23 -0.68
N PRO K 1799 -70.33 71.05 -1.43
CA PRO K 1799 -70.97 72.20 -2.05
C PRO K 1799 -71.49 73.19 -1.01
N ALA K 1800 -71.40 74.48 -1.35
CA ALA K 1800 -71.85 75.51 -0.42
C ALA K 1800 -73.35 75.41 -0.18
N ASP K 1801 -74.12 75.08 -1.21
CA ASP K 1801 -75.57 74.99 -1.12
C ASP K 1801 -76.06 73.60 -0.77
N ALA K 1802 -75.16 72.67 -0.43
CA ALA K 1802 -75.56 71.31 -0.12
C ALA K 1802 -76.46 71.29 1.11
N THR K 1803 -77.51 70.48 1.06
CA THR K 1803 -78.41 70.34 2.19
C THR K 1803 -77.90 69.22 3.11
N PHE K 1804 -78.50 69.10 4.29
CA PHE K 1804 -78.03 68.08 5.20
C PHE K 1804 -79.10 67.75 6.23
N ALA K 1805 -79.11 66.49 6.64
CA ALA K 1805 -80.00 65.97 7.67
C ALA K 1805 -79.25 64.90 8.43
N GLY K 1806 -79.81 64.52 9.58
CA GLY K 1806 -79.17 63.52 10.41
C GLY K 1806 -80.15 62.68 11.18
N HIS K 1807 -79.95 61.37 11.18
CA HIS K 1807 -80.79 60.51 11.99
C HIS K 1807 -80.25 60.48 13.43
N SER K 1808 -81.09 60.83 14.40
CA SER K 1808 -80.67 60.84 15.81
C SER K 1808 -79.38 61.64 16.03
N LEU K 1809 -78.44 61.12 16.80
CA LEU K 1809 -77.16 61.80 17.01
C LEU K 1809 -76.68 62.31 15.67
N GLY K 1810 -77.00 61.56 14.62
CA GLY K 1810 -76.66 61.99 13.27
C GLY K 1810 -76.95 63.46 13.05
N GLU K 1811 -78.05 63.94 13.65
CA GLU K 1811 -78.35 65.37 13.56
C GLU K 1811 -77.27 66.20 14.20
N TYR K 1812 -76.79 65.80 15.38
CA TYR K 1812 -75.75 66.55 16.05
C TYR K 1812 -74.47 66.56 15.22
N ALA K 1813 -74.11 65.41 14.65
CA ALA K 1813 -72.93 65.35 13.80
C ALA K 1813 -73.10 66.23 12.57
N ALA K 1814 -74.29 66.22 11.97
CA ALA K 1814 -74.54 67.05 10.79
C ALA K 1814 -74.43 68.52 11.11
N LEU K 1815 -74.96 68.94 12.27
CA LEU K 1815 -74.80 70.34 12.68
C LEU K 1815 -73.34 70.69 12.89
N ALA K 1816 -72.61 69.86 13.64
CA ALA K 1816 -71.20 70.15 13.88
C ALA K 1816 -70.38 70.09 12.60
N SER K 1817 -70.87 69.41 11.56
CA SER K 1817 -70.12 69.22 10.32
C SER K 1817 -70.39 70.34 9.31
N LEU K 1818 -71.66 70.59 9.00
CA LEU K 1818 -72.00 71.56 7.97
C LEU K 1818 -72.06 72.98 8.53
N ALA K 1819 -72.67 73.15 9.69
CA ALA K 1819 -72.87 74.48 10.26
C ALA K 1819 -71.81 74.87 11.29
N ASP K 1820 -71.08 73.90 11.85
CA ASP K 1820 -70.07 74.17 12.88
C ASP K 1820 -70.68 74.95 14.05
N VAL K 1821 -71.88 74.56 14.46
CA VAL K 1821 -72.56 75.26 15.55
C VAL K 1821 -71.79 75.06 16.85
N MET K 1822 -71.19 73.89 17.04
CA MET K 1822 -70.39 73.59 18.21
C MET K 1822 -69.06 72.99 17.77
N SER K 1823 -68.03 73.22 18.57
CA SER K 1823 -66.71 72.71 18.28
C SER K 1823 -66.67 71.20 18.53
N ILE K 1824 -65.52 70.59 18.25
CA ILE K 1824 -65.34 69.17 18.50
C ILE K 1824 -65.52 68.87 19.99
N GLU K 1825 -64.93 69.72 20.84
CA GLU K 1825 -64.98 69.50 22.28
C GLU K 1825 -66.42 69.53 22.78
N SER K 1826 -67.16 70.57 22.43
CA SER K 1826 -68.55 70.69 22.85
C SER K 1826 -69.39 69.56 22.26
N LEU K 1827 -69.13 69.18 21.01
CA LEU K 1827 -69.87 68.10 20.40
C LEU K 1827 -69.70 66.80 21.20
N VAL K 1828 -68.46 66.44 21.50
CA VAL K 1828 -68.23 65.18 22.21
C VAL K 1828 -68.77 65.28 23.63
N GLU K 1829 -68.63 66.45 24.25
CA GLU K 1829 -69.19 66.62 25.59
C GLU K 1829 -70.70 66.38 25.59
N VAL K 1830 -71.41 67.02 24.68
CA VAL K 1830 -72.87 66.88 24.62
C VAL K 1830 -73.24 65.43 24.34
N VAL K 1831 -72.55 64.80 23.41
CA VAL K 1831 -72.93 63.46 22.98
C VAL K 1831 -72.62 62.44 24.07
N PHE K 1832 -71.47 62.58 24.73
CA PHE K 1832 -71.12 61.73 25.87
C PHE K 1832 -72.09 61.92 27.01
N TYR K 1833 -72.49 63.17 27.28
CA TYR K 1833 -73.47 63.42 28.34
C TYR K 1833 -74.79 62.73 28.03
N ALA K 1834 -75.25 62.84 26.77
CA ALA K 1834 -76.50 62.17 26.41
C ALA K 1834 -76.38 60.66 26.58
N GLY K 1835 -75.27 60.08 26.12
CA GLY K 1835 -75.08 58.65 26.22
C GLY K 1835 -75.04 58.17 27.67
N MET K 1836 -74.43 58.97 28.55
CA MET K 1836 -74.37 58.58 29.95
C MET K 1836 -75.70 58.81 30.65
N THR K 1837 -76.46 59.82 30.25
CA THR K 1837 -77.78 60.04 30.82
C THR K 1837 -78.72 58.91 30.43
N MET K 1838 -78.47 58.27 29.28
CA MET K 1838 -79.27 57.10 28.92
C MET K 1838 -79.15 55.99 29.97
N GLN K 1839 -78.00 55.89 30.63
CA GLN K 1839 -77.81 54.81 31.60
C GLN K 1839 -78.75 54.96 32.80
N VAL K 1840 -79.14 56.19 33.14
CA VAL K 1840 -80.04 56.45 34.25
C VAL K 1840 -81.42 56.92 33.81
N ALA K 1841 -81.66 57.04 32.50
CA ALA K 1841 -82.95 57.51 32.03
C ALA K 1841 -84.07 56.51 32.31
N VAL K 1842 -83.74 55.22 32.40
CA VAL K 1842 -84.73 54.17 32.62
C VAL K 1842 -84.36 53.42 33.89
N PRO K 1843 -85.29 53.20 34.84
CA PRO K 1843 -84.96 52.30 35.97
C PRO K 1843 -84.45 50.95 35.51
N ARG K 1844 -83.19 50.66 35.83
CA ARG K 1844 -82.58 49.38 35.51
C ARG K 1844 -82.54 48.50 36.75
N ASP K 1845 -82.66 47.19 36.54
CA ASP K 1845 -82.64 46.25 37.65
C ASP K 1845 -81.21 46.12 38.17
N GLU K 1846 -81.00 45.21 39.13
CA GLU K 1846 -79.66 45.01 39.68
C GLU K 1846 -78.70 44.43 38.65
N LEU K 1847 -79.22 43.88 37.55
CA LEU K 1847 -78.39 43.35 36.48
C LEU K 1847 -78.10 44.38 35.39
N GLY K 1848 -78.57 45.62 35.55
CA GLY K 1848 -78.32 46.65 34.56
C GLY K 1848 -79.22 46.61 33.35
N ARG K 1849 -80.28 45.81 33.36
CA ARG K 1849 -81.21 45.69 32.26
C ARG K 1849 -82.52 46.38 32.64
N SER K 1850 -83.05 47.19 31.74
CA SER K 1850 -84.30 47.89 31.95
C SER K 1850 -85.44 47.18 31.23
N ASN K 1851 -86.66 47.63 31.51
CA ASN K 1851 -87.87 47.10 30.92
C ASN K 1851 -88.31 47.87 29.69
N TYR K 1852 -87.37 48.43 28.93
CA TYR K 1852 -87.68 49.25 27.78
C TYR K 1852 -86.77 48.87 26.62
N GLY K 1853 -87.24 49.16 25.40
CA GLY K 1853 -86.47 48.82 24.22
C GLY K 1853 -87.18 49.29 22.96
N MET K 1854 -86.74 48.72 21.84
CA MET K 1854 -87.22 49.11 20.52
C MET K 1854 -87.28 47.90 19.62
N ILE K 1855 -88.19 47.95 18.64
CA ILE K 1855 -88.35 46.92 17.63
C ILE K 1855 -88.43 47.58 16.26
N ALA K 1856 -87.89 46.91 15.25
CA ALA K 1856 -87.97 47.37 13.87
C ALA K 1856 -89.11 46.63 13.19
N ILE K 1857 -90.21 47.35 12.95
CA ILE K 1857 -91.41 46.80 12.33
C ILE K 1857 -91.32 46.99 10.82
N ASN K 1858 -91.84 46.02 10.07
CA ASN K 1858 -91.89 46.07 8.61
C ASN K 1858 -93.34 45.87 8.18
N PRO K 1859 -94.09 46.94 7.90
CA PRO K 1859 -95.49 46.76 7.48
C PRO K 1859 -95.66 45.96 6.20
N GLY K 1860 -94.62 45.88 5.36
CA GLY K 1860 -94.73 45.12 4.13
C GLY K 1860 -94.72 43.61 4.33
N ARG K 1861 -94.12 43.14 5.42
CA ARG K 1861 -93.98 41.70 5.65
C ARG K 1861 -95.13 41.11 6.47
N VAL K 1862 -96.06 41.92 6.96
CA VAL K 1862 -97.25 41.39 7.63
C VAL K 1862 -98.38 41.19 6.63
N ALA K 1863 -98.60 42.16 5.75
CA ALA K 1863 -99.66 42.09 4.75
C ALA K 1863 -99.54 43.27 3.80
N ALA K 1864 -99.94 43.07 2.54
CA ALA K 1864 -99.95 44.18 1.59
C ALA K 1864 -100.92 45.28 2.03
N SER K 1865 -101.98 44.91 2.74
CA SER K 1865 -102.95 45.89 3.20
C SER K 1865 -102.35 46.82 4.25
N PHE K 1866 -101.46 46.31 5.08
CA PHE K 1866 -100.93 47.06 6.22
C PHE K 1866 -100.15 48.29 5.75
N SER K 1867 -100.67 49.47 6.08
CA SER K 1867 -100.06 50.74 5.73
C SER K 1867 -99.48 51.42 6.96
N GLN K 1868 -98.90 52.60 6.76
CA GLN K 1868 -98.45 53.40 7.89
C GLN K 1868 -99.61 53.75 8.79
N GLU K 1869 -100.75 54.13 8.21
CA GLU K 1869 -101.93 54.46 9.01
C GLU K 1869 -102.39 53.24 9.80
N ALA K 1870 -102.40 52.07 9.17
CA ALA K 1870 -102.82 50.86 9.86
C ALA K 1870 -101.89 50.53 11.02
N LEU K 1871 -100.58 50.62 10.79
CA LEU K 1871 -99.63 50.31 11.85
C LEU K 1871 -99.73 51.32 13.00
N GLN K 1872 -99.88 52.60 12.66
CA GLN K 1872 -100.03 53.61 13.71
C GLN K 1872 -101.30 53.36 14.52
N TYR K 1873 -102.40 53.03 13.83
CA TYR K 1873 -103.65 52.74 14.52
C TYR K 1873 -103.49 51.54 15.46
N VAL K 1874 -102.86 50.46 14.97
CA VAL K 1874 -102.68 49.28 15.80
C VAL K 1874 -101.79 49.60 16.99
N VAL K 1875 -100.71 50.36 16.78
CA VAL K 1875 -99.79 50.67 17.87
C VAL K 1875 -100.50 51.51 18.92
N GLU K 1876 -101.26 52.52 18.49
CA GLU K 1876 -101.96 53.37 19.44
C GLU K 1876 -102.99 52.58 20.22
N ARG K 1877 -103.74 51.71 19.55
CA ARG K 1877 -104.73 50.92 20.26
C ARG K 1877 -104.07 49.93 21.22
N VAL K 1878 -102.93 49.35 20.82
CA VAL K 1878 -102.20 48.46 21.72
C VAL K 1878 -101.80 49.23 22.98
N GLY K 1879 -101.18 50.39 22.80
CA GLY K 1879 -100.73 51.16 23.94
C GLY K 1879 -101.87 51.58 24.85
N LYS K 1880 -102.95 52.11 24.27
CA LYS K 1880 -104.04 52.61 25.09
C LYS K 1880 -104.78 51.47 25.80
N ARG K 1881 -105.10 50.40 25.07
CA ARG K 1881 -105.84 49.30 25.66
C ARG K 1881 -105.02 48.61 26.76
N THR K 1882 -103.75 48.32 26.49
CA THR K 1882 -102.96 47.59 27.47
C THR K 1882 -102.43 48.50 28.57
N GLY K 1883 -102.48 49.82 28.38
CA GLY K 1883 -102.08 50.76 29.41
C GLY K 1883 -100.59 51.04 29.46
N TRP K 1884 -99.79 50.29 28.72
CA TRP K 1884 -98.34 50.47 28.72
C TRP K 1884 -97.96 51.52 27.68
N LEU K 1885 -96.66 51.79 27.58
CA LEU K 1885 -96.12 52.81 26.69
C LEU K 1885 -95.54 52.14 25.45
N VAL K 1886 -95.96 52.61 24.28
CA VAL K 1886 -95.42 52.15 23.00
C VAL K 1886 -95.78 53.19 21.95
N GLU K 1887 -94.84 53.48 21.06
CA GLU K 1887 -95.15 54.42 19.99
C GLU K 1887 -94.08 54.32 18.90
N ILE K 1888 -94.46 54.71 17.70
CA ILE K 1888 -93.51 54.78 16.59
C ILE K 1888 -92.57 55.93 16.81
N VAL K 1889 -91.26 55.64 16.73
CA VAL K 1889 -90.22 56.61 17.05
C VAL K 1889 -89.45 57.02 15.79
N ASN K 1890 -89.24 56.10 14.87
CA ASN K 1890 -88.57 56.38 13.59
C ASN K 1890 -89.49 55.96 12.45
N TYR K 1891 -89.94 56.93 11.67
CA TYR K 1891 -90.58 56.67 10.40
C TYR K 1891 -89.47 56.61 9.35
N ASN K 1892 -89.07 55.39 8.99
CA ASN K 1892 -87.87 55.19 8.17
C ASN K 1892 -88.18 55.07 6.68
N VAL K 1893 -88.98 54.07 6.30
CA VAL K 1893 -89.35 53.83 4.91
C VAL K 1893 -90.84 53.59 4.83
N GLU K 1894 -91.46 54.08 3.76
CA GLU K 1894 -92.90 53.97 3.58
C GLU K 1894 -93.35 52.53 3.50
N ASN K 1895 -94.08 52.07 4.52
CA ASN K 1895 -94.65 50.74 4.56
C ASN K 1895 -93.61 49.64 4.42
N GLN K 1896 -92.34 49.94 4.70
CA GLN K 1896 -91.27 48.97 4.57
C GLN K 1896 -90.26 49.00 5.71
N GLN K 1897 -90.24 50.03 6.55
CA GLN K 1897 -89.29 50.08 7.65
C GLN K 1897 -89.75 51.14 8.65
N TYR K 1898 -89.98 50.73 9.89
CA TYR K 1898 -90.37 51.62 10.97
C TYR K 1898 -89.73 51.10 12.25
N VAL K 1899 -89.71 51.95 13.28
CA VAL K 1899 -89.21 51.58 14.60
C VAL K 1899 -90.24 51.98 15.63
N ALA K 1900 -90.55 51.08 16.55
CA ALA K 1900 -91.44 51.33 17.68
C ALA K 1900 -90.67 51.15 18.97
N ALA K 1901 -90.78 52.14 19.86
CA ALA K 1901 -90.10 52.14 21.14
C ALA K 1901 -91.12 52.11 22.26
N GLY K 1902 -90.76 51.45 23.35
CA GLY K 1902 -91.61 51.38 24.51
C GLY K 1902 -91.12 50.30 25.45
N ASP K 1903 -92.05 49.81 26.28
CA ASP K 1903 -91.72 48.70 27.18
C ASP K 1903 -91.35 47.47 26.36
N LEU K 1904 -90.35 46.71 26.82
CA LEU K 1904 -90.05 45.44 26.14
C LEU K 1904 -91.27 44.54 26.16
N ARG K 1905 -91.99 44.52 27.28
CA ARG K 1905 -93.18 43.70 27.39
C ARG K 1905 -94.24 44.14 26.39
N ALA K 1906 -94.47 45.45 26.26
CA ALA K 1906 -95.49 45.95 25.33
C ALA K 1906 -95.09 45.72 23.88
N LEU K 1907 -93.80 45.92 23.57
CA LEU K 1907 -93.32 45.61 22.23
C LEU K 1907 -93.47 44.13 21.92
N ASP K 1908 -93.36 43.27 22.93
CA ASP K 1908 -93.66 41.86 22.72
C ASP K 1908 -95.11 41.67 22.30
N THR K 1909 -96.04 42.39 22.94
CA THR K 1909 -97.44 42.29 22.55
C THR K 1909 -97.65 42.80 21.14
N VAL K 1910 -96.99 43.91 20.78
CA VAL K 1910 -97.12 44.44 19.43
C VAL K 1910 -96.63 43.41 18.41
N THR K 1911 -95.47 42.80 18.68
CA THR K 1911 -94.95 41.78 17.78
C THR K 1911 -95.92 40.60 17.67
N ASN K 1912 -96.49 40.16 18.79
CA ASN K 1912 -97.42 39.05 18.77
C ASN K 1912 -98.68 39.41 17.98
N VAL K 1913 -99.19 40.63 18.15
CA VAL K 1913 -100.41 41.04 17.46
C VAL K 1913 -100.17 41.13 15.96
N LEU K 1914 -99.01 41.66 15.56
CA LEU K 1914 -98.73 41.74 14.12
C LEU K 1914 -98.45 40.36 13.54
N ASN K 1915 -97.85 39.47 14.33
CA ASN K 1915 -97.73 38.08 13.91
C ASN K 1915 -99.10 37.46 13.70
N PHE K 1916 -100.03 37.73 14.62
CA PHE K 1916 -101.39 37.23 14.48
C PHE K 1916 -102.04 37.76 13.22
N ILE K 1917 -101.88 39.07 12.96
CA ILE K 1917 -102.47 39.66 11.76
C ILE K 1917 -101.84 39.07 10.51
N LYS K 1918 -100.58 38.64 10.60
CA LYS K 1918 -99.98 37.94 9.45
C LYS K 1918 -100.62 36.58 9.26
N LEU K 1919 -100.86 35.84 10.36
CA LEU K 1919 -101.44 34.51 10.24
C LEU K 1919 -102.92 34.53 9.86
N GLN K 1920 -103.65 35.62 10.14
CA GLN K 1920 -105.03 35.76 9.67
C GLN K 1920 -105.13 36.94 8.72
N LYS K 1921 -106.35 37.35 8.38
CA LYS K 1921 -106.58 38.49 7.51
C LYS K 1921 -106.88 39.73 8.34
N GLU K 1934 -115.34 51.05 15.23
CA GLU K 1934 -115.86 50.71 16.56
C GLU K 1934 -115.81 49.20 16.78
N GLU K 1935 -116.50 48.45 15.92
CA GLU K 1935 -116.45 46.99 16.00
C GLU K 1935 -115.07 46.48 15.62
N VAL K 1936 -114.46 47.08 14.60
CA VAL K 1936 -113.07 46.74 14.27
C VAL K 1936 -112.16 47.08 15.44
N GLU K 1937 -112.43 48.19 16.12
CA GLU K 1937 -111.65 48.56 17.29
C GLU K 1937 -111.80 47.52 18.39
N GLY K 1938 -113.02 47.00 18.58
CA GLY K 1938 -113.22 45.97 19.59
C GLY K 1938 -112.52 44.67 19.25
N HIS K 1939 -112.56 44.28 17.97
CA HIS K 1939 -111.85 43.07 17.55
C HIS K 1939 -110.35 43.21 17.77
N LEU K 1940 -109.79 44.37 17.37
CA LEU K 1940 -108.37 44.61 17.60
C LEU K 1940 -108.07 44.65 19.09
N PHE K 1941 -109.01 45.15 19.90
CA PHE K 1941 -108.84 45.13 21.35
C PHE K 1941 -108.77 43.71 21.87
N GLU K 1942 -109.59 42.82 21.30
CA GLU K 1942 -109.52 41.42 21.69
C GLU K 1942 -108.16 40.81 21.37
N ILE K 1943 -107.63 41.10 20.18
CA ILE K 1943 -106.30 40.60 19.84
C ILE K 1943 -105.25 41.17 20.78
N ILE K 1944 -105.34 42.47 21.08
CA ILE K 1944 -104.43 43.11 22.01
C ILE K 1944 -104.49 42.45 23.37
N ASP K 1945 -105.70 42.18 23.86
CA ASP K 1945 -105.86 41.57 25.17
C ASP K 1945 -105.24 40.18 25.19
N GLU K 1946 -105.46 39.41 24.14
CA GLU K 1946 -104.84 38.08 24.07
C GLU K 1946 -103.32 38.18 24.17
N ALA K 1947 -102.71 39.03 23.33
CA ALA K 1947 -101.26 39.15 23.33
C ALA K 1947 -100.74 39.66 24.66
N SER K 1948 -101.43 40.64 25.26
CA SER K 1948 -100.95 41.24 26.50
C SER K 1948 -101.04 40.27 27.66
N LYS K 1949 -102.14 39.52 27.76
CA LYS K 1949 -102.24 38.53 28.83
C LYS K 1949 -101.25 37.39 28.61
N LYS K 1950 -100.90 37.12 27.35
CA LYS K 1950 -99.85 36.14 27.09
C LYS K 1950 -98.47 36.64 27.50
N SER K 1951 -98.20 37.94 27.33
CA SER K 1951 -96.86 38.47 27.57
C SER K 1951 -96.63 38.98 28.99
N ALA K 1952 -97.70 39.32 29.73
CA ALA K 1952 -97.53 40.00 31.00
C ALA K 1952 -96.82 39.12 32.02
N VAL K 1953 -97.16 37.83 32.05
CA VAL K 1953 -96.62 36.94 33.08
C VAL K 1953 -95.11 36.74 32.94
N LYS K 1954 -94.53 37.09 31.80
CA LYS K 1954 -93.11 36.90 31.61
C LYS K 1954 -92.33 37.78 32.58
N PRO K 1955 -91.13 37.36 33.02
CA PRO K 1955 -90.34 38.22 33.90
C PRO K 1955 -89.97 39.53 33.21
N ARG K 1956 -89.78 40.58 34.02
CA ARG K 1956 -89.49 41.90 33.48
C ARG K 1956 -88.28 41.94 32.55
N PRO K 1957 -87.11 41.32 32.87
CA PRO K 1957 -85.98 41.33 31.93
C PRO K 1957 -86.15 40.32 30.80
N LEU K 1958 -87.23 40.47 30.03
CA LEU K 1958 -87.52 39.54 28.96
C LEU K 1958 -86.72 39.88 27.70
N LYS K 1959 -86.68 38.91 26.79
CA LYS K 1959 -86.02 39.06 25.50
C LYS K 1959 -87.08 39.13 24.42
N LEU K 1960 -87.04 40.19 23.62
CA LEU K 1960 -88.01 40.35 22.54
C LEU K 1960 -87.69 39.37 21.42
N GLU K 1961 -88.64 38.50 21.11
CA GLU K 1961 -88.46 37.53 20.04
C GLU K 1961 -88.62 38.21 18.69
N ARG K 1962 -87.93 37.66 17.69
CA ARG K 1962 -88.11 38.13 16.32
C ARG K 1962 -89.43 37.64 15.76
N GLY K 1963 -90.28 38.57 15.34
CA GLY K 1963 -91.49 38.23 14.62
C GLY K 1963 -91.21 38.02 13.14
N PHE K 1964 -92.26 37.68 12.40
CA PHE K 1964 -92.11 37.57 10.96
C PHE K 1964 -91.86 38.93 10.32
N ALA K 1965 -92.20 40.02 11.02
CA ALA K 1965 -92.00 41.36 10.50
C ALA K 1965 -91.35 42.30 11.50
N CYS K 1966 -91.36 41.99 12.79
CA CYS K 1966 -90.75 42.82 13.82
C CYS K 1966 -89.36 42.27 14.14
N ILE K 1967 -88.37 43.15 14.14
CA ILE K 1967 -86.98 42.80 14.44
C ILE K 1967 -86.55 43.61 15.66
N PRO K 1968 -86.46 42.99 16.84
CA PRO K 1968 -85.87 43.71 18.00
C PRO K 1968 -84.43 44.14 17.73
N LEU K 1969 -84.13 45.37 18.10
CA LEU K 1969 -82.81 45.95 17.88
C LEU K 1969 -81.91 45.66 19.08
N VAL K 1970 -80.81 45.00 18.83
CA VAL K 1970 -79.86 44.61 19.87
C VAL K 1970 -79.18 45.87 20.39
N GLY K 1971 -78.86 45.86 21.69
CA GLY K 1971 -78.07 46.90 22.28
C GLY K 1971 -78.80 48.17 22.64
N ILE K 1972 -80.13 48.19 22.52
CA ILE K 1972 -80.94 49.35 22.85
C ILE K 1972 -81.86 48.98 24.00
N SER K 1973 -81.81 49.76 25.09
CA SER K 1973 -82.60 49.52 26.28
C SER K 1973 -83.34 50.75 26.76
N VAL K 1974 -83.27 51.86 26.02
CA VAL K 1974 -83.96 53.10 26.37
C VAL K 1974 -84.88 53.44 25.21
N PRO K 1975 -86.13 53.89 25.44
CA PRO K 1975 -86.97 54.26 24.30
C PRO K 1975 -86.78 55.72 23.90
N PHE K 1976 -85.62 56.03 23.33
CA PHE K 1976 -85.41 57.41 22.91
C PHE K 1976 -86.30 57.75 21.73
N HIS K 1977 -86.44 59.05 21.47
CA HIS K 1977 -87.35 59.57 20.45
C HIS K 1977 -88.80 59.22 20.77
N SER K 1978 -89.12 59.11 22.06
CA SER K 1978 -90.44 58.70 22.50
C SER K 1978 -90.96 59.67 23.56
N THR K 1979 -92.25 59.57 23.85
CA THR K 1979 -92.89 60.46 24.82
C THR K 1979 -92.37 60.24 26.23
N TYR K 1980 -91.75 59.09 26.49
CA TYR K 1980 -91.31 58.78 27.85
C TYR K 1980 -90.29 59.80 28.35
N LEU K 1981 -89.34 60.18 27.51
CA LEU K 1981 -88.33 61.16 27.89
C LEU K 1981 -88.73 62.58 27.52
N MET K 1982 -89.96 62.97 27.87
CA MET K 1982 -90.39 64.37 27.72
C MET K 1982 -90.11 65.19 28.96
N ASN K 1983 -90.22 64.59 30.15
CA ASN K 1983 -89.97 65.33 31.38
C ASN K 1983 -88.54 65.86 31.42
N GLY K 1984 -87.60 65.18 30.76
CA GLY K 1984 -86.21 65.54 30.76
C GLY K 1984 -85.76 66.43 29.62
N VAL K 1985 -86.68 66.97 28.83
CA VAL K 1985 -86.29 67.82 27.71
C VAL K 1985 -85.72 69.15 28.22
N LYS K 1986 -86.42 69.79 29.16
CA LYS K 1986 -86.03 71.12 29.59
C LYS K 1986 -84.64 71.16 30.21
N PRO K 1987 -84.28 70.32 31.18
CA PRO K 1987 -82.88 70.31 31.65
C PRO K 1987 -81.90 69.94 30.55
N PHE K 1988 -82.27 69.01 29.67
CA PHE K 1988 -81.43 68.72 28.52
C PHE K 1988 -81.31 69.94 27.62
N LYS K 1989 -82.39 70.70 27.49
CA LYS K 1989 -82.34 71.93 26.71
C LYS K 1989 -81.37 72.92 27.32
N SER K 1990 -81.39 73.08 28.64
CA SER K 1990 -80.46 74.01 29.28
C SER K 1990 -79.02 73.56 29.09
N PHE K 1991 -78.77 72.25 29.20
CA PHE K 1991 -77.43 71.72 28.96
C PHE K 1991 -76.98 71.99 27.53
N LEU K 1992 -77.89 71.78 26.57
CA LEU K 1992 -77.58 72.07 25.17
C LEU K 1992 -77.28 73.55 24.98
N LYS K 1993 -78.00 74.43 25.69
CA LYS K 1993 -77.69 75.85 25.60
C LYS K 1993 -76.31 76.16 26.15
N LYS K 1994 -75.95 75.54 27.28
CA LYS K 1994 -74.62 75.79 27.83
C LYS K 1994 -73.53 75.33 26.87
N ASN K 1995 -73.81 74.28 26.09
CA ASN K 1995 -72.77 73.77 25.21
C ASN K 1995 -72.74 74.48 23.87
N ILE K 1996 -73.90 74.90 23.35
CA ILE K 1996 -74.00 75.53 22.04
C ILE K 1996 -74.15 77.03 22.24
N ILE K 1997 -73.14 77.79 21.81
CA ILE K 1997 -73.08 79.22 22.02
C ILE K 1997 -73.87 79.90 20.91
N LYS K 1998 -74.54 81.00 21.26
CA LYS K 1998 -75.36 81.72 20.28
C LYS K 1998 -74.49 82.28 19.16
N GLU K 1999 -73.34 82.85 19.49
CA GLU K 1999 -72.49 83.47 18.47
C GLU K 1999 -71.99 82.45 17.45
N ASN K 2000 -71.92 81.17 17.84
CA ASN K 2000 -71.42 80.15 16.94
C ASN K 2000 -72.47 79.64 15.96
N VAL K 2001 -73.74 79.96 16.16
CA VAL K 2001 -74.79 79.53 15.23
C VAL K 2001 -74.75 80.45 14.01
N LYS K 2002 -74.76 79.84 12.82
CA LYS K 2002 -74.69 80.58 11.56
C LYS K 2002 -75.97 80.32 10.78
N VAL K 2003 -76.83 81.35 10.74
CA VAL K 2003 -78.14 81.20 10.11
C VAL K 2003 -77.98 81.00 8.60
N ALA K 2004 -76.96 81.61 8.00
CA ALA K 2004 -76.69 81.36 6.59
C ALA K 2004 -76.36 79.89 6.36
N ARG K 2005 -75.57 79.29 7.25
CA ARG K 2005 -75.18 77.91 7.11
C ARG K 2005 -76.32 76.94 7.41
N LEU K 2006 -77.32 77.37 8.19
CA LEU K 2006 -78.42 76.49 8.57
C LEU K 2006 -79.66 76.64 7.71
N ALA K 2007 -80.01 77.86 7.30
CA ALA K 2007 -81.28 78.10 6.64
C ALA K 2007 -81.31 77.48 5.26
N GLY K 2008 -82.39 76.74 4.97
CA GLY K 2008 -82.57 76.10 3.69
C GLY K 2008 -81.82 74.80 3.51
N LYS K 2009 -80.91 74.47 4.43
CA LYS K 2009 -80.08 73.28 4.33
C LYS K 2009 -80.33 72.26 5.41
N TYR K 2010 -80.59 72.67 6.65
CA TYR K 2010 -80.83 71.77 7.76
C TYR K 2010 -82.28 71.32 7.74
N ILE K 2011 -82.50 70.01 7.80
CA ILE K 2011 -83.83 69.44 7.91
C ILE K 2011 -83.94 68.74 9.26
N PRO K 2012 -84.47 69.40 10.30
CA PRO K 2012 -84.51 68.77 11.62
C PRO K 2012 -85.44 67.57 11.66
N ASN K 2013 -85.20 66.69 12.63
CA ASN K 2013 -86.04 65.50 12.77
C ASN K 2013 -87.39 65.86 13.40
N LEU K 2014 -87.39 66.82 14.33
CA LEU K 2014 -88.65 67.27 14.93
C LEU K 2014 -89.60 67.83 13.87
N THR K 2015 -89.12 68.80 13.10
CA THR K 2015 -89.87 69.41 12.01
C THR K 2015 -89.13 69.04 10.73
N ALA K 2016 -89.60 68.01 10.03
CA ALA K 2016 -88.90 67.50 8.85
C ALA K 2016 -89.15 68.38 7.63
N LYS K 2017 -88.77 69.64 7.76
CA LYS K 2017 -88.85 70.65 6.72
C LYS K 2017 -87.51 71.38 6.70
N PRO K 2018 -87.21 72.09 5.62
CA PRO K 2018 -85.98 72.90 5.61
C PRO K 2018 -85.97 73.92 6.74
N PHE K 2019 -84.80 74.11 7.33
CA PHE K 2019 -84.65 75.05 8.44
C PHE K 2019 -84.91 76.46 7.93
N GLN K 2020 -85.84 77.16 8.55
CA GLN K 2020 -86.15 78.55 8.21
C GLN K 2020 -86.57 79.27 9.49
N VAL K 2021 -86.02 80.46 9.70
CA VAL K 2021 -86.38 81.27 10.87
C VAL K 2021 -87.60 82.08 10.45
N THR K 2022 -88.76 81.43 10.55
CA THR K 2022 -90.01 82.01 10.09
C THR K 2022 -91.12 81.64 11.07
N LYS K 2023 -92.14 82.49 11.11
CA LYS K 2023 -93.24 82.30 12.05
C LYS K 2023 -93.97 80.99 11.78
N GLU K 2024 -94.13 80.63 10.50
CA GLU K 2024 -94.72 79.34 10.17
C GLU K 2024 -93.89 78.21 10.74
N TYR K 2025 -92.56 78.30 10.65
CA TYR K 2025 -91.70 77.27 11.20
C TYR K 2025 -91.83 77.18 12.71
N PHE K 2026 -91.84 78.33 13.40
CA PHE K 2026 -91.93 78.31 14.85
C PHE K 2026 -93.28 77.74 15.30
N GLN K 2027 -94.35 78.08 14.59
CA GLN K 2027 -95.65 77.50 14.90
C GLN K 2027 -95.66 76.01 14.62
N ASP K 2028 -94.93 75.58 13.59
CA ASP K 2028 -94.78 74.15 13.33
C ASP K 2028 -94.11 73.45 14.51
N VAL K 2029 -93.12 74.10 15.13
CA VAL K 2029 -92.47 73.50 16.29
C VAL K 2029 -93.49 73.23 17.40
N TYR K 2030 -94.33 74.22 17.70
CA TYR K 2030 -95.38 74.02 18.70
C TYR K 2030 -96.40 72.98 18.26
N ASP K 2031 -96.68 72.88 16.95
CA ASP K 2031 -97.67 71.93 16.48
C ASP K 2031 -97.30 70.50 16.86
N LEU K 2032 -96.01 70.19 16.94
CA LEU K 2032 -95.57 68.86 17.35
C LEU K 2032 -95.30 68.80 18.85
N THR K 2033 -94.54 69.76 19.38
CA THR K 2033 -94.15 69.77 20.78
C THR K 2033 -94.24 71.18 21.32
N GLY K 2034 -95.20 71.40 22.22
CA GLY K 2034 -95.41 72.72 22.80
C GLY K 2034 -94.29 73.07 23.75
N SER K 2035 -93.85 74.32 23.69
CA SER K 2035 -92.79 74.82 24.56
C SER K 2035 -92.98 76.31 24.78
N GLU K 2036 -92.90 76.71 26.06
CA GLU K 2036 -93.16 78.11 26.42
C GLU K 2036 -92.27 79.11 25.70
N PRO K 2037 -90.97 78.88 25.53
CA PRO K 2037 -90.17 79.85 24.76
C PRO K 2037 -90.67 80.05 23.35
N ILE K 2038 -91.16 79.00 22.68
CA ILE K 2038 -91.67 79.17 21.32
C ILE K 2038 -92.95 80.00 21.34
N LYS K 2039 -93.85 79.75 22.28
CA LYS K 2039 -95.06 80.57 22.37
C LYS K 2039 -94.71 82.02 22.64
N GLU K 2040 -93.76 82.26 23.54
CA GLU K 2040 -93.32 83.63 23.80
C GLU K 2040 -92.77 84.26 22.53
N ILE K 2041 -92.01 83.49 21.75
CA ILE K 2041 -91.38 84.04 20.55
C ILE K 2041 -92.45 84.43 19.53
N ILE K 2042 -93.40 83.53 19.29
CA ILE K 2042 -94.47 83.81 18.34
C ILE K 2042 -95.31 85.00 18.81
N ASP K 2043 -95.57 85.11 20.11
CA ASP K 2043 -96.30 86.26 20.62
C ASP K 2043 -95.53 87.56 20.40
N ASN K 2044 -94.21 87.52 20.60
CA ASN K 2044 -93.36 88.70 20.51
C ASN K 2044 -92.75 88.88 19.12
N TRP K 2045 -93.26 88.17 18.12
CA TRP K 2045 -92.60 88.17 16.80
C TRP K 2045 -92.62 89.55 16.17
N GLU K 2046 -93.73 90.28 16.27
CA GLU K 2046 -93.77 91.63 15.73
C GLU K 2046 -92.72 92.50 16.37
N LYS K 2047 -92.41 92.25 17.65
CA LYS K 2047 -91.33 92.98 18.32
C LYS K 2047 -89.96 92.52 17.82
N TYR K 2048 -89.82 91.23 17.56
CA TYR K 2048 -88.53 90.72 17.07
C TYR K 2048 -88.24 91.19 15.65
N GLU K 2049 -89.24 91.17 14.78
CA GLU K 2049 -89.01 91.53 13.38
C GLU K 2049 -88.55 92.97 13.24
N GLN K 2050 -89.16 93.88 14.00
CA GLN K 2050 -88.79 95.29 13.93
C GLN K 2050 -87.38 95.52 14.46
N MET L 1 -85.52 91.89 9.84
CA MET L 1 -84.90 91.30 11.06
C MET L 1 -83.40 91.53 11.06
N LYS L 2 -82.89 92.06 12.17
CA LYS L 2 -81.47 92.37 12.26
C LYS L 2 -80.66 91.07 12.25
N PRO L 3 -79.39 91.12 11.81
CA PRO L 3 -78.59 89.89 11.85
C PRO L 3 -78.42 89.30 13.25
N GLU L 4 -78.25 90.15 14.27
CA GLU L 4 -78.07 89.63 15.62
C GLU L 4 -79.34 88.98 16.13
N VAL L 5 -80.50 89.60 15.87
CA VAL L 5 -81.77 89.00 16.28
C VAL L 5 -82.01 87.71 15.52
N GLU L 6 -81.67 87.69 14.22
CA GLU L 6 -81.82 86.46 13.45
C GLU L 6 -80.97 85.35 14.03
N GLN L 7 -79.74 85.68 14.44
CA GLN L 7 -78.86 84.68 15.06
C GLN L 7 -79.46 84.18 16.37
N GLU L 8 -79.99 85.08 17.20
CA GLU L 8 -80.57 84.67 18.48
C GLU L 8 -81.77 83.75 18.26
N LEU L 9 -82.67 84.13 17.35
CA LEU L 9 -83.81 83.28 16.99
C LEU L 9 -83.36 81.93 16.46
N ALA L 10 -82.36 81.91 15.59
CA ALA L 10 -81.89 80.65 15.04
C ALA L 10 -81.29 79.77 16.13
N HIS L 11 -80.54 80.36 17.06
CA HIS L 11 -79.99 79.59 18.17
C HIS L 11 -81.10 79.00 19.02
N ILE L 12 -82.12 79.80 19.34
CA ILE L 12 -83.22 79.29 20.16
C ILE L 12 -83.93 78.16 19.44
N LEU L 13 -84.19 78.32 18.14
CA LEU L 13 -84.90 77.29 17.39
C LEU L 13 -84.08 76.02 17.29
N LEU L 14 -82.79 76.14 17.01
CA LEU L 14 -81.93 74.96 16.93
C LEU L 14 -81.85 74.25 18.27
N THR L 15 -81.74 75.02 19.35
CA THR L 15 -81.74 74.44 20.69
C THR L 15 -83.03 73.68 20.95
N GLU L 16 -84.17 74.28 20.62
CA GLU L 16 -85.45 73.59 20.83
C GLU L 16 -85.54 72.31 20.00
N LEU L 17 -85.11 72.37 18.74
CA LEU L 17 -85.17 71.20 17.89
C LEU L 17 -84.30 70.08 18.44
N LEU L 18 -83.08 70.39 18.84
CA LEU L 18 -82.21 69.37 19.42
C LEU L 18 -82.77 68.84 20.73
N ALA L 19 -83.33 69.72 21.56
CA ALA L 19 -83.83 69.30 22.86
C ALA L 19 -85.01 68.34 22.71
N TYR L 20 -85.90 68.61 21.78
CA TYR L 20 -87.06 67.76 21.58
C TYR L 20 -86.81 66.62 20.60
N GLN L 21 -85.64 66.59 19.96
CA GLN L 21 -85.33 65.52 19.00
C GLN L 21 -85.32 64.15 19.69
N PHE L 22 -84.70 64.06 20.87
CA PHE L 22 -84.62 62.76 21.53
C PHE L 22 -85.92 62.38 22.22
N ALA L 23 -86.86 63.32 22.38
CA ALA L 23 -88.14 63.05 23.01
C ALA L 23 -89.29 62.96 22.02
N SER L 24 -89.05 63.22 20.74
CA SER L 24 -90.06 63.20 19.71
C SER L 24 -89.64 62.24 18.60
N PRO L 25 -90.60 61.70 17.83
CA PRO L 25 -90.23 60.72 16.81
C PRO L 25 -89.46 61.35 15.66
N VAL L 26 -88.65 60.52 15.01
CA VAL L 26 -87.86 60.93 13.86
C VAL L 26 -88.71 60.79 12.61
N ARG L 27 -88.96 61.90 11.93
CA ARG L 27 -89.80 61.92 10.73
C ARG L 27 -88.91 61.83 9.50
N TRP L 28 -88.20 60.71 9.40
CA TRP L 28 -87.31 60.51 8.27
C TRP L 28 -88.06 60.29 6.96
N ILE L 29 -89.33 59.86 7.03
CA ILE L 29 -90.15 59.84 5.81
C ILE L 29 -90.24 61.24 5.23
N GLU L 30 -90.62 62.20 6.07
CA GLU L 30 -90.74 63.58 5.60
C GLU L 30 -89.38 64.13 5.19
N THR L 31 -88.33 63.78 5.92
CA THR L 31 -87.00 64.27 5.54
C THR L 31 -86.59 63.75 4.16
N GLN L 32 -86.81 62.46 3.90
CA GLN L 32 -86.50 61.90 2.60
C GLN L 32 -87.35 62.51 1.51
N ASP L 33 -88.64 62.69 1.78
CA ASP L 33 -89.50 63.34 0.79
C ASP L 33 -89.00 64.75 0.49
N VAL L 34 -88.59 65.48 1.52
CA VAL L 34 -88.11 66.85 1.32
C VAL L 34 -86.87 66.86 0.45
N PHE L 35 -85.84 66.07 0.82
CA PHE L 35 -84.59 66.19 0.10
C PHE L 35 -84.56 65.40 -1.21
N LEU L 36 -85.58 64.57 -1.50
CA LEU L 36 -85.65 63.85 -2.76
C LEU L 36 -86.62 64.47 -3.76
N LYS L 37 -87.72 65.04 -3.29
CA LYS L 37 -88.74 65.62 -4.17
C LYS L 37 -88.69 67.14 -4.21
N ASP L 38 -88.54 67.80 -3.07
CA ASP L 38 -88.54 69.26 -3.06
C ASP L 38 -87.24 69.80 -3.60
N PHE L 39 -86.11 69.21 -3.22
CA PHE L 39 -84.80 69.66 -3.68
C PHE L 39 -84.30 68.90 -4.91
N ASN L 40 -84.94 67.80 -5.29
CA ASN L 40 -84.52 66.99 -6.44
C ASN L 40 -83.03 66.63 -6.32
N THR L 41 -82.66 66.12 -5.15
CA THR L 41 -81.26 65.82 -4.89
C THR L 41 -80.74 64.80 -5.90
N GLU L 42 -79.64 65.16 -6.56
CA GLU L 42 -79.05 64.30 -7.58
C GLU L 42 -78.02 63.34 -7.03
N ARG L 43 -77.30 63.71 -5.97
CA ARG L 43 -76.35 62.82 -5.34
C ARG L 43 -76.55 62.86 -3.83
N VAL L 44 -76.81 61.69 -3.26
CA VAL L 44 -76.93 61.51 -1.82
C VAL L 44 -75.58 61.03 -1.33
N VAL L 45 -75.04 61.70 -0.31
CA VAL L 45 -73.81 61.28 0.34
C VAL L 45 -74.16 60.91 1.78
N GLU L 46 -73.87 59.67 2.15
CA GLU L 46 -74.21 59.14 3.47
C GLU L 46 -72.94 59.00 4.29
N ILE L 47 -72.85 59.77 5.36
CA ILE L 47 -71.70 59.76 6.26
C ILE L 47 -72.03 58.77 7.37
N GLY L 48 -71.39 57.60 7.33
CA GLY L 48 -71.64 56.56 8.29
C GLY L 48 -70.69 55.40 8.08
N PRO L 49 -70.62 54.49 9.05
CA PRO L 49 -69.72 53.34 8.90
C PRO L 49 -70.32 52.24 8.03
N SER L 50 -71.63 52.25 7.86
CA SER L 50 -72.35 51.29 7.04
C SER L 50 -73.40 52.03 6.21
N PRO L 51 -73.88 51.42 5.12
CA PRO L 51 -74.86 52.12 4.26
C PRO L 51 -76.30 51.97 4.75
N THR L 52 -76.52 52.33 6.01
CA THR L 52 -77.86 52.26 6.58
C THR L 52 -78.79 53.27 5.95
N LEU L 53 -78.48 54.55 6.10
CA LEU L 53 -79.33 55.59 5.52
C LEU L 53 -79.27 55.56 4.00
N ALA L 54 -78.14 55.16 3.43
CA ALA L 54 -78.05 55.02 1.97
C ALA L 54 -79.01 53.95 1.46
N GLY L 55 -79.04 52.80 2.14
CA GLY L 55 -79.99 51.76 1.77
C GLY L 55 -81.42 52.20 1.98
N MET L 56 -81.67 52.96 3.04
CA MET L 56 -83.00 53.52 3.27
C MET L 56 -83.41 54.45 2.14
N ALA L 57 -82.50 55.31 1.70
CA ALA L 57 -82.82 56.22 0.59
C ALA L 57 -83.07 55.43 -0.69
N GLN L 58 -82.26 54.41 -0.94
CA GLN L 58 -82.48 53.56 -2.10
C GLN L 58 -83.85 52.91 -2.04
N ARG L 59 -84.23 52.39 -0.86
CA ARG L 59 -85.53 51.75 -0.70
C ARG L 59 -86.66 52.74 -0.94
N THR L 60 -86.53 53.96 -0.41
CA THR L 60 -87.54 54.98 -0.65
C THR L 60 -87.66 55.30 -2.13
N LEU L 61 -86.52 55.34 -2.83
CA LEU L 61 -86.55 55.66 -4.26
C LEU L 61 -87.22 54.54 -5.06
N LYS L 62 -86.87 53.28 -4.77
CA LYS L 62 -87.53 52.18 -5.48
C LYS L 62 -89.02 52.15 -5.18
N ASN L 63 -89.40 52.43 -3.93
CA ASN L 63 -90.81 52.27 -3.55
C ASN L 63 -91.66 53.43 -4.07
N LYS L 64 -91.13 54.65 -4.07
CA LYS L 64 -91.92 55.84 -4.35
C LYS L 64 -91.44 56.61 -5.57
N TYR L 65 -90.15 56.95 -5.63
CA TYR L 65 -89.62 57.82 -6.68
C TYR L 65 -88.96 56.96 -7.76
N GLU L 66 -89.80 56.34 -8.57
CA GLU L 66 -89.37 55.59 -9.75
C GLU L 66 -89.87 56.24 -11.03
N SER L 67 -91.19 56.44 -11.16
CA SER L 67 -91.71 57.16 -12.31
C SER L 67 -91.27 58.62 -12.31
N TYR L 68 -91.22 59.24 -11.13
CA TYR L 68 -90.69 60.60 -11.01
C TYR L 68 -89.25 60.67 -11.52
N ASP L 69 -88.41 59.77 -11.05
CA ASP L 69 -87.01 59.72 -11.48
C ASP L 69 -86.91 59.52 -12.97
N ALA L 70 -87.69 58.58 -13.52
CA ALA L 70 -87.63 58.32 -14.96
C ALA L 70 -88.07 59.55 -15.75
N ALA L 71 -89.22 60.12 -15.37
CA ALA L 71 -89.80 61.20 -16.15
C ALA L 71 -88.89 62.42 -16.18
N LEU L 72 -88.35 62.82 -15.03
CA LEU L 72 -87.49 64.00 -14.97
C LEU L 72 -86.01 63.65 -15.11
N SER L 73 -85.67 62.39 -15.40
CA SER L 73 -84.31 61.99 -15.71
C SER L 73 -83.34 62.37 -14.58
N LEU L 74 -83.77 62.16 -13.35
CA LEU L 74 -82.95 62.45 -12.19
C LEU L 74 -82.04 61.26 -11.92
N HIS L 75 -80.75 61.43 -12.20
CA HIS L 75 -79.75 60.39 -11.93
C HIS L 75 -79.42 60.47 -10.44
N ARG L 76 -80.25 59.83 -9.62
CA ARG L 76 -80.06 59.79 -8.18
C ARG L 76 -78.92 58.82 -7.87
N GLU L 77 -77.74 59.37 -7.60
CA GLU L 77 -76.57 58.58 -7.25
C GLU L 77 -76.48 58.53 -5.73
N ILE L 78 -76.80 57.39 -5.14
CA ILE L 78 -76.72 57.19 -3.70
C ILE L 78 -75.34 56.62 -3.39
N LEU L 79 -74.55 57.37 -2.63
CA LEU L 79 -73.17 57.01 -2.29
C LEU L 79 -73.02 56.99 -0.78
N CYS L 80 -72.35 55.96 -0.28
CA CYS L 80 -71.97 55.86 1.13
C CYS L 80 -70.49 56.07 1.29
N TYR L 81 -70.10 56.70 2.41
CA TYR L 81 -68.69 56.91 2.68
C TYR L 81 -67.95 55.59 2.82
N SER L 82 -68.58 54.59 3.44
CA SER L 82 -67.89 53.35 3.76
C SER L 82 -67.52 52.57 2.50
N LYS L 83 -68.41 52.53 1.51
CA LYS L 83 -68.20 51.74 0.31
C LYS L 83 -68.01 52.58 -0.96
N ASP L 84 -68.67 53.72 -1.07
CA ASP L 84 -68.59 54.58 -2.25
C ASP L 84 -67.61 55.74 -2.05
N ALA L 85 -66.51 55.46 -1.35
CA ALA L 85 -65.48 56.48 -1.15
C ALA L 85 -64.92 56.94 -2.48
N LYS L 86 -64.72 56.02 -3.43
CA LYS L 86 -64.16 56.40 -4.72
C LYS L 86 -65.09 57.36 -5.45
N GLU L 87 -66.39 57.07 -5.46
CA GLU L 87 -67.34 57.96 -6.12
C GLU L 87 -67.42 59.30 -5.41
N ILE L 88 -67.38 59.31 -4.07
CA ILE L 88 -67.50 60.57 -3.34
C ILE L 88 -66.26 61.43 -3.55
N TYR L 89 -65.08 60.80 -3.61
CA TYR L 89 -63.83 61.52 -3.73
C TYR L 89 -63.40 61.76 -5.17
N TYR L 90 -64.15 61.25 -6.15
CA TYR L 90 -63.78 61.34 -7.56
C TYR L 90 -62.42 60.67 -7.79
N THR L 91 -62.38 59.37 -7.49
CA THR L 91 -61.19 58.55 -7.66
C THR L 91 -61.62 57.37 -8.52
N PRO L 92 -61.82 57.59 -9.82
CA PRO L 92 -62.11 56.46 -10.71
C PRO L 92 -60.91 55.55 -10.84
N ASP L 93 -61.17 54.25 -10.89
CA ASP L 93 -60.10 53.29 -11.07
C ASP L 93 -59.59 53.35 -12.50
N PRO L 94 -58.28 53.55 -12.74
CA PRO L 94 -57.85 53.59 -14.14
C PRO L 94 -57.90 52.22 -14.80
N GLU L 329 -17.33 11.34 -12.52
CA GLU L 329 -16.14 11.21 -11.68
C GLU L 329 -16.19 9.93 -10.87
N GLU L 330 -16.80 8.89 -11.44
CA GLU L 330 -16.95 7.63 -10.72
C GLU L 330 -15.60 6.99 -10.40
N ILE L 331 -14.68 6.98 -11.37
CA ILE L 331 -13.38 6.34 -11.15
C ILE L 331 -12.56 7.10 -10.11
N THR L 332 -12.55 8.44 -10.21
CA THR L 332 -11.80 9.21 -9.22
C THR L 332 -12.42 9.07 -7.83
N LYS L 333 -13.74 9.03 -7.75
CA LYS L 333 -14.38 8.78 -6.46
C LYS L 333 -14.03 7.40 -5.92
N ASP L 334 -13.97 6.40 -6.80
CA ASP L 334 -13.64 5.04 -6.38
C ASP L 334 -12.23 4.99 -5.82
N HIS L 335 -11.29 5.65 -6.47
CA HIS L 335 -9.93 5.68 -5.92
C HIS L 335 -9.84 6.51 -4.65
N LYS L 336 -10.58 7.61 -4.56
CA LYS L 336 -10.58 8.36 -3.31
C LYS L 336 -11.09 7.47 -2.17
N VAL L 337 -12.11 6.67 -2.45
CA VAL L 337 -12.65 5.75 -1.45
C VAL L 337 -11.62 4.69 -1.09
N LEU L 338 -10.92 4.15 -2.09
CA LEU L 338 -9.89 3.14 -1.82
C LEU L 338 -8.76 3.72 -0.96
N ALA L 339 -8.29 4.91 -1.31
CA ALA L 339 -7.23 5.55 -0.55
C ALA L 339 -7.70 5.87 0.86
N ARG L 340 -8.98 6.24 1.01
CA ARG L 340 -9.53 6.45 2.34
C ARG L 340 -9.50 5.17 3.16
N GLN L 341 -9.90 4.04 2.57
CA GLN L 341 -9.83 2.78 3.30
C GLN L 341 -8.41 2.41 3.66
N GLN L 342 -7.46 2.61 2.74
CA GLN L 342 -6.06 2.31 3.04
C GLN L 342 -5.55 3.19 4.18
N LEU L 343 -5.90 4.48 4.16
CA LEU L 343 -5.51 5.38 5.23
C LEU L 343 -6.11 4.96 6.56
N GLN L 344 -7.39 4.57 6.56
CA GLN L 344 -8.02 4.12 7.79
C GLN L 344 -7.35 2.86 8.32
N VAL L 345 -7.00 1.93 7.43
CA VAL L 345 -6.32 0.71 7.85
C VAL L 345 -4.97 1.06 8.49
N LEU L 346 -4.22 1.96 7.86
CA LEU L 346 -2.92 2.34 8.41
C LEU L 346 -3.08 3.06 9.75
N ALA L 347 -4.07 3.94 9.86
CA ALA L 347 -4.30 4.64 11.12
C ALA L 347 -4.68 3.68 12.23
N ARG L 348 -5.54 2.72 11.92
CA ARG L 348 -5.92 1.71 12.90
C ARG L 348 -4.70 0.89 13.33
N TYR L 349 -3.85 0.51 12.39
CA TYR L 349 -2.64 -0.22 12.74
C TYR L 349 -1.72 0.62 13.62
N LEU L 350 -1.55 1.89 13.27
CA LEU L 350 -0.70 2.80 14.02
C LEU L 350 -1.30 3.23 15.35
N LYS L 351 -2.56 2.88 15.61
CA LYS L 351 -3.24 3.30 16.83
C LYS L 351 -3.36 4.82 16.87
N MET L 352 -3.60 5.39 15.71
CA MET L 352 -3.74 6.83 15.53
C MET L 352 -5.23 7.16 15.49
N ASP L 353 -5.64 8.08 16.35
CA ASP L 353 -7.02 8.54 16.41
C ASP L 353 -7.15 9.78 15.55
N LEU L 354 -7.66 9.62 14.33
CA LEU L 354 -7.81 10.76 13.43
C LEU L 354 -8.83 11.75 13.95
N ASP L 355 -9.84 11.27 14.68
CA ASP L 355 -10.90 12.14 15.19
C ASP L 355 -10.56 12.79 16.52
N ASN L 356 -9.38 12.55 17.08
CA ASN L 356 -9.07 13.03 18.42
C ASN L 356 -9.01 14.55 18.47
N GLY L 357 -8.34 15.17 17.49
CA GLY L 357 -8.27 16.62 17.46
C GLY L 357 -9.64 17.24 17.31
N GLU L 358 -10.47 16.68 16.44
CA GLU L 358 -11.83 17.20 16.27
C GLU L 358 -12.64 17.05 17.55
N ARG L 359 -12.52 15.91 18.23
CA ARG L 359 -13.25 15.71 19.49
C ARG L 359 -12.84 16.75 20.52
N LYS L 360 -11.53 16.96 20.67
CA LYS L 360 -11.05 17.99 21.59
C LYS L 360 -11.56 19.36 21.18
N PHE L 361 -11.63 19.62 19.87
CA PHE L 361 -12.09 20.91 19.40
C PHE L 361 -13.56 21.15 19.74
N LEU L 362 -14.40 20.13 19.57
CA LEU L 362 -15.80 20.29 19.94
C LEU L 362 -15.98 20.44 21.45
N LYS L 363 -15.20 19.71 22.24
CA LYS L 363 -15.26 19.91 23.69
C LYS L 363 -14.88 21.34 24.05
N GLU L 364 -13.81 21.86 23.45
CA GLU L 364 -13.36 23.21 23.74
C GLU L 364 -14.35 24.23 23.21
N LYS L 365 -15.02 23.95 22.11
CA LYS L 365 -16.04 24.86 21.59
C LYS L 365 -17.23 24.93 22.53
N ASP L 366 -17.60 23.79 23.12
CA ASP L 366 -18.64 23.81 24.14
C ASP L 366 -18.21 24.62 25.36
N THR L 367 -16.93 24.48 25.76
CA THR L 367 -16.42 25.29 26.86
C THR L 367 -16.46 26.78 26.51
N VAL L 368 -16.11 27.12 25.27
CA VAL L 368 -16.17 28.51 24.83
C VAL L 368 -17.60 29.02 24.91
N ALA L 369 -18.56 28.20 24.48
CA ALA L 369 -19.96 28.60 24.54
C ALA L 369 -20.40 28.83 25.97
N GLU L 370 -19.97 27.97 26.90
CA GLU L 370 -20.41 28.14 28.28
C GLU L 370 -19.76 29.36 28.93
N LEU L 371 -18.47 29.61 28.68
CA LEU L 371 -17.83 30.79 29.22
C LEU L 371 -18.42 32.05 28.61
N GLN L 372 -18.74 32.01 27.32
CA GLN L 372 -19.38 33.15 26.68
C GLN L 372 -20.77 33.37 27.24
N ALA L 373 -21.47 32.30 27.61
CA ALA L 373 -22.77 32.46 28.26
C ALA L 373 -22.63 33.16 29.59
N GLN L 374 -21.62 32.77 30.39
CA GLN L 374 -21.39 33.47 31.65
C GLN L 374 -21.04 34.94 31.43
N LEU L 375 -20.19 35.22 30.44
CA LEU L 375 -19.82 36.61 30.17
C LEU L 375 -21.01 37.40 29.66
N ASP L 376 -21.84 36.79 28.82
CA ASP L 376 -23.05 37.46 28.33
C ASP L 376 -24.00 37.75 29.47
N TYR L 377 -24.12 36.82 30.42
CA TYR L 377 -24.97 37.07 31.58
C TYR L 377 -24.42 38.23 32.40
N LEU L 378 -23.12 38.23 32.67
CA LEU L 378 -22.54 39.29 33.47
C LEU L 378 -22.64 40.63 32.75
N ASN L 379 -22.59 40.63 31.42
CA ASN L 379 -22.74 41.86 30.67
C ASN L 379 -24.18 42.32 30.65
N ALA L 380 -25.14 41.40 30.53
CA ALA L 380 -26.54 41.77 30.63
C ALA L 380 -26.86 42.27 32.02
N GLU L 381 -26.08 41.87 33.01
CA GLU L 381 -26.38 42.21 34.39
C GLU L 381 -25.75 43.54 34.79
N LEU L 382 -24.43 43.66 34.64
CA LEU L 382 -23.74 44.88 35.03
C LEU L 382 -23.85 45.94 33.94
N GLY L 383 -23.97 45.53 32.70
CA GLY L 383 -24.05 46.41 31.55
C GLY L 383 -22.70 46.60 30.89
N GLU L 384 -22.75 46.98 29.62
CA GLU L 384 -21.52 47.19 28.87
C GLU L 384 -20.68 48.30 29.50
N PHE L 385 -21.33 49.39 29.92
CA PHE L 385 -20.59 50.50 30.49
C PHE L 385 -19.87 50.10 31.77
N PHE L 386 -20.57 49.41 32.67
CA PHE L 386 -19.95 49.01 33.93
C PHE L 386 -18.78 48.05 33.68
N VAL L 387 -19.00 47.04 32.85
CA VAL L 387 -17.97 46.03 32.60
C VAL L 387 -16.75 46.66 31.95
N ASN L 388 -16.96 47.52 30.96
CA ASN L 388 -15.83 48.20 30.33
C ASN L 388 -15.13 49.13 31.31
N GLY L 389 -15.89 49.84 32.13
CA GLY L 389 -15.31 50.79 33.06
C GLY L 389 -14.56 50.20 34.22
N VAL L 390 -14.85 48.96 34.59
CA VAL L 390 -14.09 48.33 35.68
C VAL L 390 -12.72 47.88 35.19
N ALA L 391 -12.41 48.09 33.91
CA ALA L 391 -11.12 47.72 33.37
C ALA L 391 -9.99 48.39 34.13
N THR L 392 -8.99 47.59 34.51
CA THR L 392 -7.88 48.10 35.29
C THR L 392 -7.09 49.14 34.50
N SER L 393 -6.61 50.15 35.21
CA SER L 393 -5.80 51.21 34.62
C SER L 393 -4.53 51.50 35.39
N PHE L 394 -4.44 51.13 36.66
CA PHE L 394 -3.26 51.43 37.46
C PHE L 394 -2.16 50.40 37.23
N SER L 395 -0.92 50.89 37.20
CA SER L 395 0.26 50.04 37.25
C SER L 395 1.39 50.83 37.86
N ARG L 396 2.20 50.16 38.69
CA ARG L 396 3.28 50.86 39.39
C ARG L 396 4.31 51.41 38.43
N LYS L 397 4.63 50.65 37.37
CA LYS L 397 5.62 51.10 36.41
C LYS L 397 5.21 52.37 35.69
N LYS L 398 3.92 52.68 35.67
CA LYS L 398 3.39 53.82 34.93
C LYS L 398 3.35 55.10 35.76
N ALA L 399 3.75 55.05 37.03
CA ALA L 399 3.74 56.23 37.87
C ALA L 399 4.89 57.16 37.51
N ARG L 400 4.60 58.47 37.52
CA ARG L 400 5.54 59.50 37.14
C ARG L 400 5.79 60.41 38.34
N THR L 401 7.05 60.53 38.73
CA THR L 401 7.46 61.37 39.84
C THR L 401 8.00 62.68 39.33
N PHE L 402 7.56 63.77 39.94
CA PHE L 402 8.04 65.11 39.66
C PHE L 402 8.53 65.69 40.98
N ASP L 403 9.85 65.91 41.07
CA ASP L 403 10.45 66.41 42.31
C ASP L 403 11.57 67.43 42.07
N SER L 404 11.83 67.86 40.83
CA SER L 404 12.98 68.72 40.53
C SER L 404 12.60 70.19 40.63
N SER L 405 12.03 70.54 41.79
CA SER L 405 11.59 71.90 42.06
C SER L 405 12.73 72.91 42.04
N TRP L 406 13.94 72.50 42.41
CA TRP L 406 15.13 73.34 42.27
C TRP L 406 15.29 73.83 40.83
N ASN L 407 15.29 72.89 39.88
CA ASN L 407 15.44 73.24 38.48
C ASN L 407 14.25 74.06 38.00
N TRP L 408 13.04 73.67 38.41
CA TRP L 408 11.86 74.40 37.97
C TRP L 408 11.82 75.81 38.54
N ALA L 409 12.37 76.02 39.73
CA ALA L 409 12.45 77.36 40.29
C ALA L 409 13.36 78.24 39.45
N LYS L 410 14.53 77.70 39.09
CA LYS L 410 15.43 78.47 38.23
C LYS L 410 14.78 78.79 36.87
N GLN L 411 14.10 77.80 36.29
CA GLN L 411 13.44 78.01 35.00
C GLN L 411 12.35 79.06 35.11
N SER L 412 11.53 78.99 36.17
CA SER L 412 10.45 79.95 36.34
C SER L 412 11.01 81.36 36.55
N LEU L 413 12.12 81.46 37.27
CA LEU L 413 12.76 82.74 37.44
C LEU L 413 13.20 83.32 36.10
N LEU L 414 13.84 82.50 35.26
CA LEU L 414 14.27 83.01 33.96
C LEU L 414 13.07 83.41 33.11
N SER L 415 12.00 82.61 33.16
CA SER L 415 10.81 82.92 32.37
C SER L 415 10.21 84.26 32.80
N LEU L 416 10.05 84.47 34.11
CA LEU L 416 9.50 85.74 34.59
C LEU L 416 10.43 86.91 34.26
N TYR L 417 11.74 86.70 34.42
CA TYR L 417 12.71 87.72 34.09
C TYR L 417 12.56 88.16 32.64
N PHE L 418 12.58 87.19 31.71
CA PHE L 418 12.52 87.53 30.30
C PHE L 418 11.16 88.12 29.92
N GLU L 419 10.09 87.65 30.55
CA GLU L 419 8.78 88.24 30.26
C GLU L 419 8.74 89.71 30.68
N ILE L 420 9.36 90.03 31.82
CA ILE L 420 9.37 91.43 32.26
C ILE L 420 10.19 92.28 31.31
N ILE L 421 11.39 91.83 30.93
CA ILE L 421 12.20 92.62 30.01
C ILE L 421 11.56 92.73 28.63
N HIS L 422 10.96 91.65 28.13
CA HIS L 422 10.32 91.70 26.83
C HIS L 422 8.99 92.42 26.87
N GLY L 423 8.49 92.75 28.06
CA GLY L 423 7.28 93.52 28.17
C GLY L 423 6.01 92.71 28.13
N VAL L 424 6.11 91.39 28.19
CA VAL L 424 4.91 90.57 28.33
C VAL L 424 4.25 90.84 29.67
N LEU L 425 4.99 91.43 30.61
CA LEU L 425 4.46 91.90 31.89
C LEU L 425 5.01 93.31 32.10
N LYS L 426 4.25 94.33 31.67
CA LYS L 426 4.66 95.71 31.83
C LYS L 426 4.53 96.21 33.27
N ASN L 427 3.62 95.63 34.05
CA ASN L 427 3.38 96.06 35.42
C ASN L 427 3.52 94.86 36.34
N VAL L 428 3.36 95.11 37.64
CA VAL L 428 3.31 94.03 38.61
C VAL L 428 1.88 93.56 38.74
N ASP L 429 1.47 92.67 37.85
CA ASP L 429 0.14 92.08 37.93
C ASP L 429 0.18 90.82 38.80
N ARG L 430 -1.00 90.29 39.07
CA ARG L 430 -1.12 89.22 40.05
C ARG L 430 -0.51 87.93 39.53
N GLU L 431 -0.39 87.78 38.21
CA GLU L 431 0.35 86.63 37.68
C GLU L 431 1.83 86.75 38.00
N VAL L 432 2.38 87.96 37.92
CA VAL L 432 3.77 88.19 38.31
C VAL L 432 3.95 87.95 39.79
N VAL L 433 3.00 88.41 40.60
CA VAL L 433 3.07 88.16 42.05
C VAL L 433 3.01 86.67 42.34
N SER L 434 2.14 85.94 41.65
CA SER L 434 2.01 84.50 41.89
C SER L 434 3.27 83.77 41.47
N GLU L 435 3.86 84.15 40.34
CA GLU L 435 5.10 83.52 39.91
C GLU L 435 6.22 83.81 40.90
N ALA L 436 6.28 85.04 41.41
CA ALA L 436 7.25 85.36 42.46
C ALA L 436 7.00 84.53 43.72
N ILE L 437 5.74 84.31 44.07
CA ILE L 437 5.42 83.49 45.24
C ILE L 437 5.86 82.06 45.02
N ASN L 438 5.72 81.55 43.80
CA ASN L 438 6.19 80.20 43.51
C ASN L 438 7.70 80.12 43.61
N ILE L 439 8.40 81.13 43.12
CA ILE L 439 9.85 81.19 43.24
C ILE L 439 10.26 81.22 44.71
N MET L 440 9.55 82.03 45.51
CA MET L 440 9.81 82.06 46.96
C MET L 440 9.56 80.71 47.60
N ASN L 441 8.49 80.03 47.18
CA ASN L 441 8.18 78.71 47.73
C ASN L 441 9.26 77.70 47.41
N ARG L 442 9.96 77.87 46.29
CA ARG L 442 11.06 77.00 45.93
C ARG L 442 12.43 77.59 46.29
N SER L 443 12.46 78.70 47.04
CA SER L 443 13.72 79.39 47.29
C SER L 443 14.71 78.53 48.06
N ASN L 444 15.96 78.51 47.57
CA ASN L 444 17.08 77.89 48.26
C ASN L 444 18.32 78.70 47.90
N ASP L 445 19.43 78.38 48.54
CA ASP L 445 20.63 79.22 48.42
C ASP L 445 21.13 79.26 46.98
N ALA L 446 21.09 78.14 46.28
CA ALA L 446 21.47 78.13 44.86
C ALA L 446 20.54 79.03 44.05
N LEU L 447 19.24 79.02 44.37
CA LEU L 447 18.31 79.91 43.69
C LEU L 447 18.61 81.37 44.00
N ILE L 448 19.00 81.67 45.25
CA ILE L 448 19.34 83.05 45.58
C ILE L 448 20.55 83.50 44.77
N LYS L 449 21.57 82.64 44.66
CA LYS L 449 22.74 83.01 43.87
C LYS L 449 22.39 83.16 42.40
N PHE L 450 21.52 82.29 41.89
CA PHE L 450 21.02 82.41 40.52
C PHE L 450 20.37 83.76 40.29
N MET L 451 19.47 84.15 41.19
CA MET L 451 18.77 85.42 41.07
C MET L 451 19.73 86.60 41.21
N GLU L 452 20.65 86.52 42.17
CA GLU L 452 21.59 87.61 42.36
C GLU L 452 22.42 87.82 41.11
N TYR L 453 22.90 86.75 40.50
CA TYR L 453 23.66 86.93 39.27
C TYR L 453 22.79 87.57 38.19
N HIS L 454 21.59 87.02 37.97
CA HIS L 454 20.81 87.49 36.83
C HIS L 454 20.25 88.89 37.04
N ILE L 455 20.18 89.37 38.28
CA ILE L 455 19.65 90.71 38.55
C ILE L 455 20.78 91.73 38.69
N SER L 456 21.94 91.33 39.20
CA SER L 456 23.08 92.25 39.26
C SER L 456 23.72 92.43 37.89
N ASN L 457 23.69 91.38 37.06
CA ASN L 457 24.27 91.48 35.72
C ASN L 457 23.35 92.27 34.79
N THR L 458 22.09 92.44 35.17
CA THR L 458 21.19 93.30 34.41
C THR L 458 21.71 94.73 34.41
N ASP L 459 21.69 95.35 33.22
CA ASP L 459 22.07 96.75 33.07
C ASP L 459 20.77 97.53 32.95
N GLU L 460 20.65 98.59 33.76
CA GLU L 460 19.37 99.29 33.88
C GLU L 460 19.22 100.42 32.86
N THR L 461 20.32 100.83 32.22
CA THR L 461 20.26 101.92 31.26
C THR L 461 19.59 101.52 29.95
N LYS L 462 19.34 100.23 29.72
CA LYS L 462 18.79 99.74 28.46
C LYS L 462 17.27 99.80 28.50
N GLY L 463 16.74 100.99 28.71
CA GLY L 463 15.31 101.20 28.72
C GLY L 463 14.68 100.84 30.05
N GLU L 464 13.47 101.38 30.26
CA GLU L 464 12.83 101.28 31.57
C GLU L 464 12.45 99.85 31.92
N ASN L 465 12.30 98.98 30.92
CA ASN L 465 11.96 97.58 31.20
C ASN L 465 13.07 96.88 31.97
N TYR L 466 14.33 97.19 31.63
CA TYR L 466 15.45 96.57 32.32
C TYR L 466 15.58 97.13 33.74
N GLN L 467 15.35 98.43 33.91
CA GLN L 467 15.32 98.99 35.26
C GLN L 467 14.22 98.34 36.09
N LEU L 468 13.06 98.11 35.47
CA LEU L 468 11.96 97.48 36.19
C LEU L 468 12.30 96.06 36.59
N VAL L 469 12.90 95.28 35.68
CA VAL L 469 13.23 93.91 36.04
C VAL L 469 14.29 93.89 37.13
N LYS L 470 15.23 94.85 37.08
CA LYS L 470 16.24 94.93 38.13
C LYS L 470 15.61 95.24 39.48
N THR L 471 14.73 96.24 39.53
CA THR L 471 14.10 96.61 40.80
C THR L 471 13.27 95.45 41.35
N LEU L 472 12.42 94.86 40.50
CA LEU L 472 11.58 93.76 40.94
C LEU L 472 12.42 92.57 41.38
N GLY L 473 13.54 92.32 40.67
CA GLY L 473 14.41 91.22 41.05
C GLY L 473 15.12 91.44 42.36
N GLU L 474 15.55 92.67 42.64
CA GLU L 474 16.14 92.95 43.95
C GLU L 474 15.11 92.73 45.04
N GLN L 475 13.88 93.18 44.80
CA GLN L 475 12.80 92.92 45.76
C GLN L 475 12.59 91.42 45.96
N LEU L 476 12.60 90.65 44.87
CA LEU L 476 12.40 89.21 44.97
C LEU L 476 13.56 88.52 45.67
N ILE L 477 14.79 88.99 45.45
CA ILE L 477 15.93 88.44 46.16
C ILE L 477 15.78 88.68 47.65
N GLU L 478 15.37 89.90 48.03
CA GLU L 478 15.12 90.18 49.44
C GLU L 478 14.05 89.25 50.00
N ASN L 479 12.95 89.07 49.27
CA ASN L 479 11.85 88.26 49.76
C ASN L 479 12.22 86.78 49.86
N CYS L 480 13.06 86.30 48.95
CA CYS L 480 13.47 84.90 48.98
C CYS L 480 14.50 84.65 50.07
N LYS L 481 15.32 85.66 50.38
CA LYS L 481 16.23 85.52 51.50
C LYS L 481 15.49 85.34 52.82
N GLN L 482 14.37 86.06 52.99
CA GLN L 482 13.58 85.90 54.21
C GLN L 482 13.01 84.50 54.36
N VAL L 483 12.51 83.91 53.28
CA VAL L 483 11.87 82.60 53.34
C VAL L 483 12.84 81.52 52.89
N LEU L 484 14.14 81.81 52.96
CA LEU L 484 15.16 80.80 52.68
C LEU L 484 14.96 79.57 53.55
N ASP L 485 14.61 79.75 54.81
CA ASP L 485 14.37 78.66 55.74
C ASP L 485 12.90 78.46 56.07
N VAL L 486 12.04 79.42 55.75
CA VAL L 486 10.62 79.30 56.04
C VAL L 486 10.01 78.21 55.16
N ASP L 487 8.95 77.58 55.66
CA ASP L 487 8.29 76.54 54.90
C ASP L 487 7.58 77.14 53.69
N PRO L 488 7.42 76.38 52.61
CA PRO L 488 6.64 76.89 51.47
C PRO L 488 5.15 76.92 51.79
N VAL L 489 4.50 77.98 51.33
CA VAL L 489 3.12 78.27 51.70
C VAL L 489 2.29 78.40 50.43
N TYR L 490 1.08 77.85 50.48
CA TYR L 490 0.07 78.09 49.45
C TYR L 490 -0.57 79.43 49.72
N LYS L 491 -0.27 80.41 48.85
CA LYS L 491 -0.87 81.73 48.91
C LYS L 491 -1.42 82.06 47.54
N ASP L 492 -2.74 82.20 47.47
CA ASP L 492 -3.44 82.50 46.22
C ASP L 492 -3.61 84.01 46.12
N VAL L 493 -3.19 84.58 44.99
CA VAL L 493 -3.20 86.02 44.78
C VAL L 493 -3.97 86.43 43.54
N ALA L 494 -4.63 85.51 42.85
CA ALA L 494 -5.45 85.87 41.71
C ALA L 494 -6.64 86.72 42.17
N LYS L 495 -7.10 87.58 41.27
CA LYS L 495 -8.24 88.42 41.59
C LYS L 495 -9.49 87.56 41.65
N PRO L 496 -10.28 87.60 42.72
CA PRO L 496 -11.59 86.93 42.68
C PRO L 496 -12.43 87.49 41.53
N THR L 497 -13.09 86.56 40.83
CA THR L 497 -13.92 86.90 39.68
C THR L 497 -15.30 86.32 39.90
N GLY L 498 -16.33 87.13 39.67
CA GLY L 498 -17.70 86.67 39.72
C GLY L 498 -18.24 86.37 38.34
N PRO L 499 -19.47 85.89 38.27
CA PRO L 499 -20.08 85.62 36.97
C PRO L 499 -20.68 86.87 36.35
N LYS L 500 -20.63 86.93 35.02
CA LYS L 500 -21.29 88.00 34.29
C LYS L 500 -21.88 87.41 33.02
N THR L 501 -23.20 87.43 32.91
CA THR L 501 -23.92 86.95 31.73
C THR L 501 -24.54 88.14 31.02
N ALA L 502 -24.27 88.26 29.72
CA ALA L 502 -24.73 89.38 28.91
C ALA L 502 -25.44 88.86 27.67
N ILE L 503 -26.58 89.46 27.36
CA ILE L 503 -27.36 89.12 26.17
C ILE L 503 -27.22 90.28 25.20
N ASP L 504 -26.63 90.03 24.04
CA ASP L 504 -26.49 91.05 23.02
C ASP L 504 -27.84 91.40 22.42
N LYS L 505 -27.86 92.46 21.60
CA LYS L 505 -29.09 92.86 20.94
C LYS L 505 -29.62 91.77 20.01
N ASN L 506 -28.72 90.96 19.44
CA ASN L 506 -29.09 89.86 18.56
C ASN L 506 -29.30 88.55 19.33
N GLY L 507 -29.52 88.62 20.63
CA GLY L 507 -29.77 87.43 21.42
C GLY L 507 -28.59 86.49 21.52
N ASN L 508 -27.39 87.03 21.68
CA ASN L 508 -26.18 86.23 21.87
C ASN L 508 -25.79 86.25 23.33
N ILE L 509 -25.69 85.09 23.94
CA ILE L 509 -25.34 84.96 25.35
C ILE L 509 -23.83 84.85 25.46
N THR L 510 -23.25 85.73 26.28
CA THR L 510 -21.82 85.72 26.56
C THR L 510 -21.63 85.64 28.07
N TYR L 511 -20.81 84.68 28.51
CA TYR L 511 -20.45 84.53 29.91
C TYR L 511 -18.99 84.94 30.09
N SER L 512 -18.72 85.74 31.12
CA SER L 512 -17.38 86.20 31.42
C SER L 512 -17.15 86.14 32.92
N GLU L 513 -15.86 86.00 33.28
CA GLU L 513 -15.42 85.98 34.68
C GLU L 513 -14.83 87.35 35.02
N GLU L 514 -15.71 88.30 35.23
CA GLU L 514 -15.23 89.66 35.50
C GLU L 514 -14.74 89.75 36.95
N PRO L 515 -13.69 90.54 37.22
CA PRO L 515 -13.32 90.77 38.62
C PRO L 515 -14.46 91.37 39.41
N ARG L 516 -14.59 90.93 40.66
CA ARG L 516 -15.60 91.49 41.54
C ARG L 516 -15.20 92.88 42.00
N GLU L 517 -16.14 93.82 41.96
CA GLU L 517 -15.86 95.18 42.38
C GLU L 517 -15.60 95.24 43.89
N LYS L 518 -16.47 94.61 44.67
CA LYS L 518 -16.37 94.71 46.12
C LYS L 518 -15.18 93.91 46.66
N VAL L 519 -14.91 92.75 46.07
CA VAL L 519 -13.90 91.82 46.55
C VAL L 519 -12.75 91.83 45.56
N ARG L 520 -11.53 92.03 46.07
CA ARG L 520 -10.34 92.16 45.23
C ARG L 520 -9.19 91.28 45.67
N LYS L 521 -9.21 90.76 46.90
CA LYS L 521 -8.16 89.90 47.44
C LYS L 521 -8.80 88.68 48.06
N LEU L 522 -7.99 87.66 48.32
CA LEU L 522 -8.48 86.50 49.05
C LEU L 522 -8.84 86.86 50.48
N SER L 523 -8.14 87.83 51.07
CA SER L 523 -8.52 88.31 52.39
C SER L 523 -9.93 88.88 52.35
N GLN L 524 -10.21 89.76 51.38
CA GLN L 524 -11.55 90.32 51.26
C GLN L 524 -12.58 89.25 50.94
N TYR L 525 -12.19 88.23 50.18
CA TYR L 525 -13.09 87.10 49.98
C TYR L 525 -13.47 86.46 51.31
N VAL L 526 -12.48 86.26 52.18
CA VAL L 526 -12.76 85.64 53.48
C VAL L 526 -13.67 86.55 54.31
N GLN L 527 -13.42 87.85 54.29
CA GLN L 527 -14.30 88.78 54.99
C GLN L 527 -15.72 88.70 54.45
N GLU L 528 -15.88 88.58 53.13
CA GLU L 528 -17.21 88.50 52.56
C GLU L 528 -17.92 87.21 52.99
N MET L 529 -17.19 86.10 53.03
CA MET L 529 -17.81 84.86 53.50
C MET L 529 -18.23 84.98 54.95
N ALA L 530 -17.39 85.58 55.79
CA ALA L 530 -17.76 85.77 57.20
C ALA L 530 -18.99 86.64 57.33
N LEU L 531 -19.05 87.74 56.57
CA LEU L 531 -20.18 88.65 56.65
C LEU L 531 -21.46 87.96 56.20
N GLY L 532 -21.39 87.18 55.13
CA GLY L 532 -22.60 86.56 54.60
C GLY L 532 -23.43 87.56 53.81
N GLY L 533 -24.74 87.41 53.92
CA GLY L 533 -25.68 88.30 53.25
C GLY L 533 -27.03 88.30 53.92
N PRO L 534 -27.95 89.13 53.43
CA PRO L 534 -29.30 89.14 54.02
C PRO L 534 -29.98 87.79 54.00
N ILE L 535 -29.78 87.01 52.95
CA ILE L 535 -30.50 85.74 52.84
C ILE L 535 -29.97 84.74 53.88
N THR L 536 -28.72 84.91 54.32
CA THR L 536 -28.16 83.99 55.30
C THR L 536 -28.55 84.37 56.73
N LYS L 537 -29.17 85.53 56.93
CA LYS L 537 -29.67 85.89 58.24
C LYS L 537 -30.89 85.03 58.58
N GLU L 538 -31.09 84.78 59.87
CA GLU L 538 -32.26 84.05 60.35
C GLU L 538 -32.83 84.74 61.58
N SER L 539 -34.11 84.48 61.84
CA SER L 539 -34.79 85.06 62.99
C SER L 539 -34.15 84.62 64.29
N SER L 623 -5.43 92.67 64.59
CA SER L 623 -5.71 92.68 66.02
C SER L 623 -6.94 91.83 66.34
N LYS L 624 -7.96 91.95 65.50
CA LYS L 624 -9.20 91.21 65.64
C LYS L 624 -9.39 90.30 64.45
N THR L 625 -9.73 89.04 64.70
CA THR L 625 -9.90 88.08 63.64
C THR L 625 -11.17 88.38 62.84
N VAL L 626 -11.24 87.81 61.63
CA VAL L 626 -12.41 88.01 60.79
C VAL L 626 -13.65 87.40 61.43
N SER L 627 -13.48 86.41 62.31
CA SER L 627 -14.64 85.83 62.98
C SER L 627 -15.28 86.82 63.93
N SER L 628 -14.58 87.90 64.28
CA SER L 628 -15.19 88.98 65.05
C SER L 628 -16.18 89.78 64.21
N THR L 629 -15.95 89.90 62.91
CA THR L 629 -16.75 90.74 62.03
C THR L 629 -18.03 90.07 61.56
N ILE L 630 -18.22 88.79 61.85
CA ILE L 630 -19.47 88.11 61.51
C ILE L 630 -20.62 88.80 62.23
N PRO L 631 -21.73 89.14 61.56
CA PRO L 631 -22.86 89.72 62.30
C PRO L 631 -23.57 88.69 63.16
N ARG L 632 -24.22 89.19 64.21
CA ARG L 632 -24.94 88.33 65.13
C ARG L 632 -26.17 87.73 64.43
N GLU L 633 -26.50 86.50 64.79
CA GLU L 633 -27.69 85.83 64.28
C GLU L 633 -27.64 85.72 62.76
N THR L 634 -26.48 85.28 62.26
CA THR L 634 -26.24 85.15 60.84
C THR L 634 -25.57 83.81 60.58
N ILE L 635 -25.68 83.35 59.34
CA ILE L 635 -24.95 82.18 58.87
C ILE L 635 -23.92 82.67 57.86
N PRO L 636 -22.62 82.47 58.07
CA PRO L 636 -21.65 82.83 57.03
C PRO L 636 -21.79 81.93 55.81
N PHE L 637 -21.28 82.43 54.68
CA PHE L 637 -21.30 81.65 53.45
C PHE L 637 -20.52 80.36 53.60
N LEU L 638 -19.34 80.43 54.22
CA LEU L 638 -18.57 79.25 54.60
C LEU L 638 -18.65 79.10 56.11
N HIS L 639 -19.02 77.92 56.56
CA HIS L 639 -19.10 77.67 57.99
C HIS L 639 -18.85 76.20 58.24
N LEU L 640 -18.57 75.85 59.50
CA LEU L 640 -18.52 74.47 59.95
C LEU L 640 -19.76 74.21 60.78
N ARG L 641 -20.33 73.01 60.64
CA ARG L 641 -21.49 72.62 61.40
C ARG L 641 -21.09 71.71 62.55
N LYS L 642 -21.97 71.61 63.53
CA LYS L 642 -21.81 70.73 64.67
C LYS L 642 -23.03 69.81 64.77
N LYS L 643 -22.78 68.53 65.05
CA LYS L 643 -23.86 67.58 65.20
C LYS L 643 -24.50 67.78 66.57
N THR L 644 -25.79 68.07 66.58
CA THR L 644 -26.51 68.25 67.82
C THR L 644 -26.78 66.89 68.47
N PRO L 645 -27.15 66.88 69.75
CA PRO L 645 -27.48 65.59 70.39
C PRO L 645 -28.63 64.86 69.70
N ALA L 646 -29.52 65.59 69.03
CA ALA L 646 -30.59 64.96 68.26
C ALA L 646 -30.09 64.26 67.01
N GLY L 647 -28.84 64.50 66.60
CA GLY L 647 -28.25 63.83 65.47
C GLY L 647 -28.22 64.60 64.17
N ASP L 648 -28.62 65.87 64.18
CA ASP L 648 -28.63 66.70 62.97
C ASP L 648 -27.59 67.80 63.10
N TRP L 649 -26.99 68.15 61.97
CA TRP L 649 -25.88 69.10 61.92
C TRP L 649 -26.39 70.52 61.78
N LYS L 650 -25.98 71.38 62.69
CA LYS L 650 -26.38 72.78 62.72
C LYS L 650 -25.14 73.64 62.63
N TYR L 651 -25.34 74.86 62.13
CA TYR L 651 -24.28 75.86 62.11
C TYR L 651 -23.74 76.11 63.50
N ASP L 652 -22.42 76.13 63.64
CA ASP L 652 -21.75 76.33 64.92
C ASP L 652 -20.85 77.55 64.86
N ARG L 653 -21.11 78.50 65.75
CA ARG L 653 -20.30 79.70 65.82
C ARG L 653 -18.82 79.38 66.06
N GLN L 654 -18.51 78.52 67.04
CA GLN L 654 -17.12 78.28 67.41
C GLN L 654 -16.35 77.66 66.24
N LEU L 655 -16.87 76.56 65.69
CA LEU L 655 -16.17 75.88 64.61
C LEU L 655 -16.08 76.76 63.37
N SER L 656 -17.15 77.47 63.04
CA SER L 656 -17.11 78.37 61.88
C SER L 656 -16.10 79.48 62.08
N SER L 657 -16.01 80.03 63.29
CA SER L 657 -15.00 81.04 63.57
C SER L 657 -13.60 80.48 63.41
N LEU L 658 -13.37 79.26 63.89
CA LEU L 658 -12.05 78.65 63.75
C LEU L 658 -11.69 78.47 62.27
N PHE L 659 -12.63 77.96 61.48
CA PHE L 659 -12.38 77.75 60.05
C PHE L 659 -12.17 79.08 59.33
N LEU L 660 -12.96 80.09 59.65
CA LEU L 660 -12.81 81.39 59.02
C LEU L 660 -11.48 82.05 59.39
N ASP L 661 -11.06 81.90 60.64
CA ASP L 661 -9.76 82.41 61.06
C ASP L 661 -8.64 81.70 60.31
N GLY L 662 -8.76 80.38 60.16
CA GLY L 662 -7.79 79.66 59.35
C GLY L 662 -7.75 80.15 57.92
N LEU L 663 -8.92 80.44 57.35
CA LEU L 663 -8.98 80.96 55.99
C LEU L 663 -8.32 82.33 55.89
N GLU L 664 -8.54 83.18 56.89
CA GLU L 664 -7.88 84.49 56.90
C GLU L 664 -6.38 84.35 56.96
N LYS L 665 -5.88 83.45 57.82
CA LYS L 665 -4.45 83.21 57.90
C LYS L 665 -3.91 82.69 56.57
N ALA L 666 -4.64 81.78 55.92
CA ALA L 666 -4.21 81.28 54.63
C ALA L 666 -4.18 82.38 53.59
N ALA L 667 -5.19 83.25 53.60
CA ALA L 667 -5.27 84.31 52.60
C ALA L 667 -4.16 85.33 52.77
N PHE L 668 -3.81 85.65 54.01
CA PHE L 668 -2.82 86.70 54.27
C PHE L 668 -1.39 86.14 54.30
N ASN L 669 -1.12 85.21 55.21
CA ASN L 669 0.21 84.66 55.39
C ASN L 669 0.51 83.51 54.43
N GLY L 670 -0.50 82.84 53.93
CA GLY L 670 -0.30 81.61 53.20
C GLY L 670 -0.23 80.42 54.14
N VAL L 671 -0.66 79.27 53.65
CA VAL L 671 -0.72 78.05 54.44
C VAL L 671 0.26 77.04 53.86
N THR L 672 1.08 76.45 54.72
CA THR L 672 2.02 75.42 54.32
C THR L 672 1.36 74.05 54.40
N PHE L 673 1.85 73.14 53.57
CA PHE L 673 1.47 71.73 53.63
C PHE L 673 2.72 70.87 53.61
N LYS L 674 3.79 71.35 54.23
CA LYS L 674 5.01 70.57 54.40
C LYS L 674 4.71 69.30 55.20
N ASP L 675 5.39 68.22 54.81
CA ASP L 675 5.24 66.93 55.47
C ASP L 675 3.79 66.46 55.47
N LYS L 676 3.04 66.87 54.46
CA LYS L 676 1.66 66.43 54.27
C LYS L 676 1.61 65.53 53.03
N TYR L 677 1.29 64.27 53.24
CA TYR L 677 1.17 63.31 52.16
C TYR L 677 -0.30 63.16 51.81
N VAL L 678 -0.65 63.55 50.59
CA VAL L 678 -2.02 63.62 50.12
C VAL L 678 -2.17 62.66 48.95
N LEU L 679 -3.32 61.99 48.92
CA LEU L 679 -3.79 61.30 47.72
C LEU L 679 -4.96 62.11 47.21
N ILE L 680 -4.98 62.41 45.92
CA ILE L 680 -6.08 63.15 45.31
C ILE L 680 -6.48 62.45 44.01
N THR L 681 -7.78 62.17 43.90
CA THR L 681 -8.34 61.61 42.67
C THR L 681 -9.32 62.62 42.09
N GLY L 682 -9.48 62.58 40.78
CA GLY L 682 -10.35 63.54 40.11
C GLY L 682 -9.80 64.93 40.06
N ALA L 683 -8.52 65.08 39.72
CA ALA L 683 -7.85 66.37 39.61
C ALA L 683 -7.37 66.65 38.18
N GLY L 684 -8.20 66.37 37.19
CA GLY L 684 -7.85 66.70 35.82
C GLY L 684 -8.00 68.19 35.55
N LYS L 685 -7.55 68.60 34.36
CA LYS L 685 -7.66 70.00 33.99
C LYS L 685 -9.11 70.45 33.99
N GLY L 686 -9.34 71.66 34.51
CA GLY L 686 -10.67 72.22 34.57
C GLY L 686 -11.53 71.69 35.69
N SER L 687 -10.93 71.14 36.74
CA SER L 687 -11.67 70.62 37.88
C SER L 687 -11.23 71.32 39.15
N ILE L 688 -12.05 71.16 40.19
CA ILE L 688 -11.67 71.69 41.51
C ILE L 688 -10.43 70.97 42.01
N GLY L 689 -10.31 69.68 41.73
CA GLY L 689 -9.16 68.92 42.19
C GLY L 689 -7.86 69.44 41.64
N ALA L 690 -7.86 69.94 40.40
CA ALA L 690 -6.64 70.48 39.82
C ALA L 690 -6.17 71.70 40.59
N GLU L 691 -7.09 72.59 40.96
CA GLU L 691 -6.72 73.76 41.75
C GLU L 691 -6.32 73.38 43.17
N VAL L 692 -6.98 72.38 43.76
CA VAL L 692 -6.58 71.90 45.07
C VAL L 692 -5.18 71.31 45.02
N LEU L 693 -4.87 70.59 43.94
CA LEU L 693 -3.53 70.02 43.76
C LEU L 693 -2.49 71.12 43.56
N GLN L 694 -2.84 72.15 42.81
CA GLN L 694 -1.93 73.28 42.67
C GLN L 694 -1.64 73.91 44.02
N GLY L 695 -2.66 74.11 44.84
CA GLY L 695 -2.45 74.64 46.17
C GLY L 695 -1.60 73.74 47.03
N LEU L 696 -1.84 72.43 46.96
CA LEU L 696 -1.06 71.50 47.75
C LEU L 696 0.41 71.53 47.36
N LEU L 697 0.68 71.57 46.05
CA LEU L 697 2.06 71.64 45.59
C LEU L 697 2.71 72.96 46.00
N GLN L 698 1.96 74.05 45.96
CA GLN L 698 2.47 75.31 46.48
C GLN L 698 2.85 75.19 47.94
N GLY L 699 1.99 74.58 48.74
CA GLY L 699 2.19 74.42 50.16
C GLY L 699 3.23 73.38 50.53
N GLY L 700 3.72 72.62 49.55
CA GLY L 700 4.82 71.72 49.79
C GLY L 700 4.43 70.28 50.01
N ALA L 701 3.19 69.92 49.72
CA ALA L 701 2.70 68.58 49.99
C ALA L 701 3.32 67.57 49.03
N LYS L 702 3.37 66.33 49.48
CA LYS L 702 3.68 65.18 48.64
C LYS L 702 2.35 64.62 48.16
N VAL L 703 1.98 64.91 46.91
CA VAL L 703 0.66 64.59 46.39
C VAL L 703 0.79 63.45 45.39
N VAL L 704 0.02 62.40 45.60
CA VAL L 704 -0.24 61.38 44.61
C VAL L 704 -1.52 61.76 43.90
N VAL L 705 -1.40 62.27 42.67
CA VAL L 705 -2.56 62.58 41.85
C VAL L 705 -2.83 61.40 40.94
N THR L 706 -4.09 61.01 40.86
CA THR L 706 -4.51 59.93 39.99
C THR L 706 -5.18 60.52 38.77
N THR L 707 -5.10 59.82 37.64
CA THR L 707 -5.75 60.25 36.42
C THR L 707 -6.33 59.05 35.69
N SER L 708 -7.57 59.18 35.23
CA SER L 708 -8.21 58.16 34.40
C SER L 708 -7.96 58.36 32.92
N ARG L 709 -7.28 59.42 32.53
CA ARG L 709 -6.96 59.73 31.13
C ARG L 709 -5.46 59.79 30.93
N PHE L 710 -4.75 58.80 31.48
CA PHE L 710 -3.29 58.81 31.44
C PHE L 710 -2.77 58.81 30.01
N SER L 711 -2.03 59.85 29.66
CA SER L 711 -1.52 60.00 28.30
C SER L 711 -0.42 61.06 28.34
N LYS L 712 0.17 61.31 27.17
CA LYS L 712 1.22 62.32 27.07
C LYS L 712 0.69 63.70 27.40
N GLN L 713 -0.52 64.02 26.93
CA GLN L 713 -1.11 65.33 27.23
C GLN L 713 -1.30 65.53 28.72
N VAL L 714 -1.84 64.50 29.40
CA VAL L 714 -2.10 64.62 30.82
C VAL L 714 -0.80 64.68 31.61
N THR L 715 0.18 63.84 31.25
CA THR L 715 1.44 63.88 31.99
C THR L 715 2.16 65.20 31.78
N ASP L 716 2.11 65.76 30.56
CA ASP L 716 2.69 67.07 30.33
C ASP L 716 1.96 68.14 31.12
N TYR L 717 0.64 68.05 31.21
CA TYR L 717 -0.13 69.00 31.99
C TYR L 717 0.28 68.97 33.45
N TYR L 718 0.43 67.78 34.01
CA TYR L 718 0.83 67.68 35.41
C TYR L 718 2.28 68.09 35.61
N GLN L 719 3.13 67.82 34.63
CA GLN L 719 4.51 68.28 34.73
C GLN L 719 4.59 69.80 34.71
N SER L 720 3.78 70.44 33.87
CA SER L 720 3.75 71.89 33.85
C SER L 720 3.23 72.45 35.15
N ILE L 721 2.23 71.79 35.74
CA ILE L 721 1.75 72.21 37.05
C ILE L 721 2.84 72.08 38.09
N TYR L 722 3.61 71.00 38.05
CA TYR L 722 4.67 70.85 39.04
C TYR L 722 5.78 71.85 38.81
N ALA L 723 6.07 72.16 37.55
CA ALA L 723 7.13 73.11 37.26
C ALA L 723 6.71 74.53 37.63
N LYS L 724 5.39 74.80 37.65
CA LYS L 724 4.92 76.12 38.05
C LYS L 724 4.74 76.23 39.55
N TYR L 725 4.06 75.27 40.18
CA TYR L 725 3.64 75.38 41.58
C TYR L 725 4.29 74.37 42.51
N GLY L 726 5.31 73.63 42.09
CA GLY L 726 5.88 72.60 42.92
C GLY L 726 6.94 73.14 43.84
N ALA L 727 6.54 73.43 45.08
CA ALA L 727 7.40 74.07 46.04
C ALA L 727 8.56 73.14 46.43
N LYS L 728 9.52 73.72 47.14
CA LYS L 728 10.61 72.92 47.68
C LYS L 728 10.04 71.87 48.63
N GLY L 729 10.45 70.63 48.43
CA GLY L 729 9.94 69.53 49.22
C GLY L 729 8.73 68.84 48.68
N SER L 730 8.01 69.45 47.73
CA SER L 730 6.81 68.85 47.16
C SER L 730 7.20 67.83 46.10
N THR L 731 6.42 66.77 46.02
CA THR L 731 6.60 65.74 45.00
C THR L 731 5.23 65.40 44.44
N LEU L 732 5.12 65.39 43.12
CA LEU L 732 3.89 65.02 42.44
C LEU L 732 4.04 63.63 41.82
N ILE L 733 3.20 62.70 42.24
CA ILE L 733 3.19 61.35 41.69
C ILE L 733 1.92 61.21 40.87
N VAL L 734 2.06 61.31 39.55
CA VAL L 734 0.94 61.13 38.63
C VAL L 734 0.86 59.65 38.30
N VAL L 735 -0.26 59.03 38.65
CA VAL L 735 -0.45 57.61 38.37
C VAL L 735 -1.71 57.41 37.53
N PRO L 736 -1.73 56.45 36.61
CA PRO L 736 -3.01 56.06 36.01
C PRO L 736 -3.86 55.34 37.04
N PHE L 737 -5.17 55.48 36.91
CA PHE L 737 -6.06 54.99 37.95
C PHE L 737 -7.48 54.96 37.43
N ASN L 738 -8.20 53.92 37.81
CA ASN L 738 -9.64 53.82 37.59
C ASN L 738 -10.27 53.64 38.96
N GLN L 739 -10.88 54.71 39.48
CA GLN L 739 -11.54 54.63 40.77
C GLN L 739 -12.76 53.72 40.74
N GLY L 740 -13.23 53.34 39.56
CA GLY L 740 -14.32 52.41 39.43
C GLY L 740 -13.95 50.96 39.58
N SER L 741 -12.67 50.64 39.75
CA SER L 741 -12.23 49.27 39.95
C SER L 741 -11.55 49.11 41.31
N LYS L 742 -12.08 48.18 42.11
CA LYS L 742 -11.51 47.93 43.42
C LYS L 742 -10.10 47.36 43.32
N GLN L 743 -9.81 46.63 42.25
CA GLN L 743 -8.44 46.18 42.04
C GLN L 743 -7.49 47.37 41.93
N ASP L 744 -7.89 48.40 41.19
CA ASP L 744 -7.04 49.58 41.10
C ASP L 744 -6.99 50.33 42.42
N VAL L 745 -8.10 50.38 43.15
CA VAL L 745 -8.10 51.04 44.45
C VAL L 745 -7.08 50.36 45.36
N GLU L 746 -7.17 49.03 45.46
CA GLU L 746 -6.27 48.27 46.31
C GLU L 746 -4.83 48.40 45.84
N ALA L 747 -4.61 48.32 44.52
CA ALA L 747 -3.26 48.40 43.99
C ALA L 747 -2.64 49.76 44.22
N LEU L 748 -3.43 50.83 44.05
CA LEU L 748 -2.92 52.17 44.31
C LEU L 748 -2.55 52.35 45.77
N ILE L 749 -3.42 51.89 46.68
CA ILE L 749 -3.10 52.07 48.10
C ILE L 749 -1.89 51.24 48.48
N GLU L 750 -1.80 50.01 47.95
CA GLU L 750 -0.62 49.18 48.17
C GLU L 750 0.63 49.86 47.64
N PHE L 751 0.55 50.47 46.46
CA PHE L 751 1.68 51.17 45.89
C PHE L 751 2.11 52.35 46.75
N ILE L 752 1.13 53.10 47.28
CA ILE L 752 1.44 54.24 48.12
C ILE L 752 2.10 53.79 49.42
N TYR L 753 1.68 52.66 49.97
CA TYR L 753 2.12 52.26 51.30
C TYR L 753 3.32 51.31 51.30
N ASP L 754 3.58 50.63 50.21
CA ASP L 754 4.69 49.71 50.14
C ASP L 754 6.00 50.48 50.20
N THR L 755 7.06 49.78 50.59
CA THR L 755 8.37 50.40 50.70
C THR L 755 8.93 50.73 49.31
N GLU L 756 9.85 51.68 49.28
CA GLU L 756 10.52 52.02 48.03
C GLU L 756 11.29 50.82 47.48
N LYS L 757 11.84 49.99 48.37
CA LYS L 757 12.56 48.80 47.92
C LYS L 757 11.64 47.84 47.19
N ASN L 758 10.39 47.71 47.63
CA ASN L 758 9.41 46.83 47.01
C ASN L 758 8.68 47.48 45.84
N GLY L 759 9.20 48.59 45.31
CA GLY L 759 8.60 49.25 44.18
C GLY L 759 7.51 50.24 44.50
N GLY L 760 7.23 50.49 45.78
CA GLY L 760 6.24 51.46 46.20
C GLY L 760 6.83 52.83 46.44
N LEU L 761 6.05 53.66 47.12
CA LEU L 761 6.48 54.98 47.53
C LEU L 761 6.94 55.05 48.98
N GLY L 762 6.54 54.12 49.83
CA GLY L 762 6.86 54.21 51.24
C GLY L 762 6.25 55.43 51.89
N TRP L 763 5.03 55.81 51.48
CA TRP L 763 4.35 56.98 51.99
C TRP L 763 3.24 56.56 52.93
N ASP L 764 2.89 57.44 53.84
CA ASP L 764 1.75 57.30 54.72
C ASP L 764 0.87 58.52 54.52
N LEU L 765 -0.37 58.30 54.09
CA LEU L 765 -1.22 59.41 53.66
C LEU L 765 -1.69 60.22 54.85
N ASP L 766 -1.49 61.54 54.77
CA ASP L 766 -2.08 62.47 55.72
C ASP L 766 -3.44 62.97 55.27
N ALA L 767 -3.72 62.99 53.97
CA ALA L 767 -5.01 63.44 53.48
C ALA L 767 -5.43 62.61 52.29
N ILE L 768 -6.74 62.43 52.16
CA ILE L 768 -7.34 61.73 51.01
C ILE L 768 -8.43 62.63 50.46
N ILE L 769 -8.38 62.90 49.16
CA ILE L 769 -9.27 63.83 48.49
C ILE L 769 -9.83 63.09 47.28
N PRO L 770 -10.85 62.24 47.46
CA PRO L 770 -11.36 61.45 46.33
C PRO L 770 -12.44 62.18 45.54
N PHE L 771 -12.00 63.11 44.70
CA PHE L 771 -12.89 63.93 43.89
C PHE L 771 -13.18 63.31 42.52
N ALA L 772 -12.69 62.10 42.25
CA ALA L 772 -12.98 61.45 40.99
C ALA L 772 -14.48 61.20 40.87
N ALA L 773 -14.99 61.42 39.67
CA ALA L 773 -16.42 61.47 39.40
C ALA L 773 -16.61 61.35 37.90
N ILE L 774 -17.78 60.89 37.50
CA ILE L 774 -18.16 60.95 36.09
C ILE L 774 -19.54 61.61 36.01
N PRO L 775 -19.82 62.42 35.00
CA PRO L 775 -21.09 63.14 34.97
C PRO L 775 -22.26 62.21 34.65
N GLU L 776 -23.44 62.67 35.03
CA GLU L 776 -24.70 61.98 34.73
C GLU L 776 -25.71 63.06 34.38
N GLN L 777 -26.10 63.12 33.11
CA GLN L 777 -27.05 64.11 32.64
C GLN L 777 -28.24 63.41 31.99
N GLY L 778 -29.44 63.87 32.36
CA GLY L 778 -30.64 63.28 31.80
C GLY L 778 -30.80 61.82 32.11
N ILE L 779 -30.35 61.40 33.29
CA ILE L 779 -30.53 60.03 33.77
C ILE L 779 -31.46 60.14 34.98
N GLU L 780 -32.74 59.96 34.74
CA GLU L 780 -33.76 60.02 35.78
C GLU L 780 -33.80 58.67 36.48
N LEU L 781 -34.78 58.49 37.37
CA LEU L 781 -34.96 57.21 38.03
C LEU L 781 -35.12 56.08 37.02
N GLU L 782 -36.00 56.26 36.03
CA GLU L 782 -36.26 55.23 35.05
C GLU L 782 -35.06 54.93 34.17
N HIS L 783 -34.08 55.82 34.13
CA HIS L 783 -32.89 55.67 33.30
C HIS L 783 -31.69 55.14 34.05
N ILE L 784 -31.81 54.84 35.34
CA ILE L 784 -30.69 54.29 36.09
C ILE L 784 -30.31 52.94 35.52
N ASP L 785 -29.03 52.76 35.23
CA ASP L 785 -28.54 51.70 34.37
C ASP L 785 -27.07 51.48 34.66
N SER L 786 -26.36 50.88 33.71
CA SER L 786 -24.95 50.54 33.90
C SER L 786 -24.09 51.76 34.20
N LYS L 787 -24.28 52.85 33.45
CA LYS L 787 -23.48 54.05 33.68
C LYS L 787 -23.69 54.58 35.09
N SER L 788 -24.94 54.60 35.53
CA SER L 788 -25.25 55.11 36.86
C SER L 788 -24.69 54.20 37.95
N GLU L 789 -24.78 52.88 37.75
CA GLU L 789 -24.17 51.96 38.70
C GLU L 789 -22.67 52.15 38.79
N PHE L 790 -22.00 52.30 37.64
CA PHE L 790 -20.56 52.52 37.65
C PHE L 790 -20.21 53.84 38.31
N ALA L 791 -20.97 54.89 38.02
CA ALA L 791 -20.73 56.18 38.66
C ALA L 791 -20.90 56.09 40.16
N HIS L 792 -21.94 55.40 40.62
CA HIS L 792 -22.13 55.22 42.05
C HIS L 792 -21.00 54.43 42.66
N ARG L 793 -20.51 53.42 41.94
CA ARG L 793 -19.36 52.67 42.44
C ARG L 793 -18.17 53.58 42.66
N ILE L 794 -17.81 54.37 41.64
CA ILE L 794 -16.70 55.31 41.75
C ILE L 794 -16.92 56.25 42.93
N MET L 795 -18.10 56.86 43.00
CA MET L 795 -18.32 58.01 43.87
C MET L 795 -18.56 57.62 45.31
N LEU L 796 -19.07 56.42 45.57
CA LEU L 796 -19.35 55.97 46.92
C LEU L 796 -18.59 54.71 47.31
N THR L 797 -18.74 53.64 46.53
CA THR L 797 -18.30 52.33 47.02
C THR L 797 -16.80 52.22 46.98
N ASN L 798 -16.17 52.71 45.92
CA ASN L 798 -14.72 52.61 45.83
C ASN L 798 -14.03 53.68 46.65
N ILE L 799 -14.72 54.77 47.00
CA ILE L 799 -14.18 55.67 48.01
C ILE L 799 -14.18 54.99 49.37
N LEU L 800 -15.26 54.27 49.70
CA LEU L 800 -15.28 53.52 50.95
C LEU L 800 -14.21 52.43 50.94
N ARG L 801 -14.01 51.78 49.78
CA ARG L 801 -12.95 50.78 49.67
C ARG L 801 -11.58 51.40 49.81
N MET L 802 -11.38 52.60 49.25
CA MET L 802 -10.11 53.28 49.39
C MET L 802 -9.84 53.66 50.83
N MET L 803 -10.87 54.12 51.54
CA MET L 803 -10.70 54.48 52.94
C MET L 803 -10.40 53.22 53.75
N GLY L 804 -11.09 52.12 53.44
CA GLY L 804 -10.79 50.86 54.10
C GLY L 804 -9.39 50.36 53.81
N CYS L 805 -8.91 50.54 52.57
CA CYS L 805 -7.56 50.14 52.22
C CYS L 805 -6.53 50.94 52.99
N VAL L 806 -6.74 52.25 53.12
CA VAL L 806 -5.83 53.08 53.90
C VAL L 806 -5.87 52.65 55.36
N LYS L 807 -7.05 52.38 55.89
CA LYS L 807 -7.18 51.87 57.25
C LYS L 807 -6.39 50.57 57.41
N LYS L 808 -6.53 49.65 56.46
CA LYS L 808 -5.88 48.36 56.58
C LYS L 808 -4.36 48.50 56.54
N GLN L 809 -3.85 49.37 55.66
CA GLN L 809 -2.41 49.59 55.61
C GLN L 809 -1.90 50.18 56.92
N LYS L 810 -2.58 51.19 57.43
CA LYS L 810 -2.14 51.83 58.67
C LYS L 810 -2.20 50.85 59.84
N SER L 811 -3.23 50.00 59.88
CA SER L 811 -3.36 49.05 60.98
C SER L 811 -2.34 47.93 60.88
N ALA L 812 -2.05 47.47 59.66
CA ALA L 812 -1.00 46.48 59.49
C ALA L 812 0.35 47.04 59.88
N ARG L 813 0.57 48.33 59.65
CA ARG L 813 1.80 48.99 60.05
C ARG L 813 1.75 49.53 61.47
N GLY L 814 0.64 49.35 62.18
CA GLY L 814 0.52 49.80 63.55
C GLY L 814 0.55 51.30 63.69
N ILE L 815 -0.09 52.00 62.77
CA ILE L 815 -0.14 53.46 62.75
C ILE L 815 -1.47 53.91 63.32
N GLU L 816 -1.45 54.39 64.56
CA GLU L 816 -2.64 54.82 65.26
C GLU L 816 -2.67 56.34 65.46
N THR L 817 -1.52 56.99 65.28
CA THR L 817 -1.36 58.40 65.61
C THR L 817 -1.07 59.27 64.39
N ARG L 818 -1.39 58.79 63.18
CA ARG L 818 -1.26 59.58 61.96
C ARG L 818 -2.49 59.33 61.08
N PRO L 819 -3.64 59.83 61.48
CA PRO L 819 -4.84 59.66 60.65
C PRO L 819 -4.73 60.41 59.33
N ALA L 820 -5.34 59.83 58.32
CA ALA L 820 -5.51 60.48 57.02
C ALA L 820 -6.82 61.25 57.05
N GLN L 821 -6.76 62.52 56.68
CA GLN L 821 -7.95 63.37 56.65
C GLN L 821 -8.64 63.15 55.31
N VAL L 822 -9.77 62.48 55.34
CA VAL L 822 -10.56 62.21 54.14
C VAL L 822 -11.47 63.39 53.92
N ILE L 823 -11.21 64.14 52.86
CA ILE L 823 -12.03 65.30 52.50
C ILE L 823 -13.08 64.78 51.51
N LEU L 824 -14.26 64.50 52.04
CA LEU L 824 -15.33 63.94 51.23
C LEU L 824 -16.02 65.04 50.45
N PRO L 825 -16.12 64.93 49.10
CA PRO L 825 -16.90 65.92 48.34
C PRO L 825 -18.39 65.65 48.48
N MET L 826 -19.06 66.49 49.25
CA MET L 826 -20.48 66.33 49.54
C MET L 826 -21.26 67.38 48.78
N SER L 827 -22.50 67.06 48.45
CA SER L 827 -23.35 67.98 47.72
C SER L 827 -24.37 68.59 48.68
N PRO L 828 -24.69 69.88 48.58
CA PRO L 828 -25.80 70.40 49.37
C PRO L 828 -27.14 69.82 48.96
N ASN L 829 -27.27 69.41 47.70
CA ASN L 829 -28.52 68.99 47.12
C ASN L 829 -28.49 67.51 46.78
N HIS L 830 -29.44 66.77 47.33
CA HIS L 830 -29.55 65.32 47.14
C HIS L 830 -30.87 65.05 46.44
N GLY L 831 -30.86 65.14 45.11
CA GLY L 831 -32.04 64.89 44.33
C GLY L 831 -32.91 66.09 44.08
N THR L 832 -32.44 67.31 44.38
CA THR L 832 -33.27 68.48 44.15
C THR L 832 -33.31 68.84 42.67
N PHE L 833 -32.22 68.59 41.95
CA PHE L 833 -32.19 68.86 40.51
C PHE L 833 -32.74 67.70 39.70
N GLY L 834 -32.34 66.48 40.05
CA GLY L 834 -32.79 65.30 39.34
C GLY L 834 -32.04 65.09 38.03
N GLY L 835 -32.35 63.97 37.39
CA GLY L 835 -31.74 63.64 36.11
C GLY L 835 -30.24 63.45 36.19
N ASP L 836 -29.72 63.08 37.35
CA ASP L 836 -28.28 62.92 37.56
C ASP L 836 -27.94 61.49 38.00
N GLY L 837 -28.73 60.53 37.56
CA GLY L 837 -28.44 59.15 37.88
C GLY L 837 -28.52 58.87 39.37
N MET L 838 -27.42 58.39 39.92
CA MET L 838 -27.27 58.10 41.34
C MET L 838 -26.29 59.04 42.02
N TYR L 839 -26.08 60.23 41.45
CA TYR L 839 -25.17 61.20 42.04
C TYR L 839 -25.64 61.59 43.44
N SER L 840 -26.92 61.89 43.58
CA SER L 840 -27.46 62.26 44.88
C SER L 840 -27.32 61.11 45.86
N GLU L 841 -27.55 59.88 45.38
CA GLU L 841 -27.41 58.72 46.25
C GLU L 841 -25.98 58.59 46.76
N SER L 842 -25.00 58.75 45.87
CA SER L 842 -23.61 58.66 46.27
C SER L 842 -23.26 59.74 47.30
N LYS L 843 -23.61 60.98 46.99
CA LYS L 843 -23.25 62.09 47.88
C LYS L 843 -23.93 61.93 49.23
N LEU L 844 -25.21 61.57 49.25
CA LEU L 844 -25.94 61.46 50.51
C LEU L 844 -25.46 60.28 51.32
N SER L 845 -25.19 59.13 50.68
CA SER L 845 -24.64 58.00 51.41
C SER L 845 -23.26 58.30 51.95
N LEU L 846 -22.56 59.27 51.36
CA LEU L 846 -21.28 59.68 51.91
C LEU L 846 -21.39 60.34 53.28
N GLU L 847 -22.61 60.72 53.71
CA GLU L 847 -22.79 61.28 55.06
C GLU L 847 -22.76 60.23 56.16
N THR L 848 -22.93 58.95 55.85
CA THR L 848 -22.87 57.92 56.87
C THR L 848 -21.51 57.84 57.55
N LEU L 849 -20.46 58.36 56.91
CA LEU L 849 -19.12 58.22 57.45
C LEU L 849 -18.95 58.99 58.74
N PHE L 850 -19.74 60.05 58.94
CA PHE L 850 -19.72 60.77 60.21
C PHE L 850 -20.08 59.84 61.37
N ASN L 851 -21.13 59.05 61.22
CA ASN L 851 -21.52 58.14 62.28
C ASN L 851 -20.61 56.92 62.34
N ARG L 852 -20.18 56.43 61.17
CA ARG L 852 -19.28 55.28 61.14
C ARG L 852 -17.97 55.57 61.83
N TRP L 853 -17.51 56.82 61.78
CA TRP L 853 -16.26 57.20 62.43
C TRP L 853 -16.33 56.96 63.93
N HIS L 854 -17.45 57.32 64.54
CA HIS L 854 -17.64 57.05 65.95
C HIS L 854 -17.92 55.57 66.23
N SER L 855 -18.67 54.90 65.35
CA SER L 855 -19.21 53.59 65.67
C SER L 855 -18.32 52.43 65.25
N GLU L 856 -17.24 52.67 64.53
CA GLU L 856 -16.35 51.61 64.07
C GLU L 856 -14.94 51.89 64.55
N SER L 857 -14.03 50.95 64.27
CA SER L 857 -12.69 50.96 64.81
C SER L 857 -11.65 51.52 63.84
N TRP L 858 -12.04 52.47 62.99
CA TRP L 858 -11.11 53.11 62.06
C TRP L 858 -10.96 54.61 62.33
N ALA L 859 -11.38 55.07 63.52
CA ALA L 859 -11.30 56.50 63.83
C ALA L 859 -9.86 56.98 63.90
N ASN L 860 -8.96 56.15 64.42
CA ASN L 860 -7.58 56.59 64.62
C ASN L 860 -6.78 56.58 63.33
N GLN L 861 -7.28 55.96 62.26
CA GLN L 861 -6.58 55.90 60.99
C GLN L 861 -7.13 56.87 59.96
N LEU L 862 -8.40 57.27 60.09
CA LEU L 862 -9.01 58.22 59.18
C LEU L 862 -9.88 59.19 59.95
N THR L 863 -9.87 60.45 59.52
CA THR L 863 -10.73 61.48 60.05
C THR L 863 -11.61 62.02 58.94
N VAL L 864 -12.92 62.08 59.20
CA VAL L 864 -13.91 62.42 58.18
C VAL L 864 -14.10 63.93 58.18
N CYS L 865 -13.92 64.54 57.01
CA CYS L 865 -14.16 65.95 56.79
C CYS L 865 -15.05 66.08 55.56
N GLY L 866 -16.34 66.18 55.77
CA GLY L 866 -17.26 66.32 54.67
C GLY L 866 -17.38 67.76 54.23
N ALA L 867 -16.86 68.09 53.04
CA ALA L 867 -16.95 69.44 52.51
C ALA L 867 -18.15 69.52 51.58
N ILE L 868 -19.19 70.23 52.02
CA ILE L 868 -20.40 70.43 51.22
C ILE L 868 -20.07 71.54 50.23
N ILE L 869 -19.72 71.15 49.01
CA ILE L 869 -19.21 72.07 48.01
C ILE L 869 -20.38 72.76 47.33
N GLY L 870 -20.33 74.09 47.29
CA GLY L 870 -21.40 74.88 46.73
C GLY L 870 -21.26 75.06 45.23
N TRP L 871 -22.10 75.94 44.69
CA TRP L 871 -22.08 76.25 43.27
C TRP L 871 -20.71 76.74 42.87
N THR L 872 -20.00 75.94 42.09
CA THR L 872 -18.68 76.28 41.57
C THR L 872 -18.77 76.47 40.06
N ARG L 873 -18.14 77.53 39.57
CA ARG L 873 -18.16 77.86 38.15
C ARG L 873 -16.98 77.19 37.47
N GLY L 874 -17.26 76.42 36.42
CA GLY L 874 -16.21 75.76 35.67
C GLY L 874 -15.70 76.63 34.53
N ALA L 880 -24.04 76.77 30.44
CA ALA L 880 -25.17 75.97 30.88
C ALA L 880 -25.51 76.30 32.32
N ASN L 881 -24.61 75.96 33.23
CA ASN L 881 -24.76 76.22 34.65
C ASN L 881 -24.05 77.51 35.07
N ASN L 882 -23.45 78.23 34.12
CA ASN L 882 -22.70 79.44 34.41
C ASN L 882 -23.46 80.68 33.96
N ILE L 883 -24.36 80.51 32.99
CA ILE L 883 -25.11 81.65 32.47
C ILE L 883 -26.08 82.17 33.53
N ILE L 884 -26.42 81.33 34.52
CA ILE L 884 -27.37 81.73 35.57
C ILE L 884 -26.71 81.97 36.91
N ALA L 885 -25.38 81.93 36.97
CA ALA L 885 -24.70 82.18 38.24
C ALA L 885 -24.89 83.64 38.67
N GLU L 886 -24.81 84.56 37.72
CA GLU L 886 -25.12 85.95 38.04
C GLU L 886 -26.55 86.09 38.54
N GLY L 887 -27.49 85.39 37.91
CA GLY L 887 -28.87 85.42 38.34
C GLY L 887 -29.07 84.93 39.76
N ILE L 888 -28.40 83.85 40.13
CA ILE L 888 -28.55 83.34 41.50
C ILE L 888 -27.78 84.21 42.50
N GLU L 889 -26.77 84.96 42.06
CA GLU L 889 -26.12 85.89 42.97
C GLU L 889 -26.99 87.09 43.37
N LYS L 890 -28.10 87.34 42.68
CA LYS L 890 -28.85 88.57 42.91
C LYS L 890 -29.65 88.56 44.21
N MET L 891 -29.55 87.50 45.01
CA MET L 891 -30.31 87.36 46.26
C MET L 891 -29.42 87.18 47.47
N GLY L 892 -28.12 87.47 47.35
CA GLY L 892 -27.19 87.24 48.41
C GLY L 892 -26.62 85.84 48.45
N VAL L 893 -27.12 84.93 47.61
CA VAL L 893 -26.45 83.65 47.43
C VAL L 893 -25.08 83.91 46.82
N ARG L 894 -24.09 83.16 47.27
CA ARG L 894 -22.72 83.33 46.83
C ARG L 894 -22.27 82.11 46.06
N THR L 895 -21.78 82.34 44.85
CA THR L 895 -21.28 81.29 43.97
C THR L 895 -19.78 81.47 43.82
N PHE L 896 -19.07 80.35 43.71
CA PHE L 896 -17.62 80.32 43.81
C PHE L 896 -16.99 79.96 42.48
N SER L 897 -15.74 80.37 42.32
CA SER L 897 -14.91 79.95 41.20
C SER L 897 -14.14 78.70 41.62
N GLN L 898 -13.43 78.10 40.67
CA GLN L 898 -12.64 76.92 40.99
C GLN L 898 -11.52 77.28 41.95
N LYS L 899 -10.90 78.44 41.77
CA LYS L 899 -9.85 78.89 42.67
C LYS L 899 -10.39 79.18 44.06
N GLU L 900 -11.54 79.84 44.16
CA GLU L 900 -12.14 80.11 45.46
C GLU L 900 -12.53 78.82 46.16
N MET L 901 -13.13 77.88 45.42
CA MET L 901 -13.51 76.60 46.01
C MET L 901 -12.28 75.81 46.46
N ALA L 902 -11.22 75.85 45.67
CA ALA L 902 -9.99 75.17 46.07
C ALA L 902 -9.39 75.80 47.31
N PHE L 903 -9.47 77.12 47.42
CA PHE L 903 -9.02 77.80 48.63
C PHE L 903 -9.87 77.35 49.83
N ASN L 904 -11.19 77.27 49.65
CA ASN L 904 -12.05 76.81 50.73
C ASN L 904 -11.73 75.38 51.14
N LEU L 905 -11.43 74.52 50.16
CA LEU L 905 -11.14 73.12 50.47
C LEU L 905 -9.78 72.97 51.11
N LEU L 906 -8.79 73.76 50.67
CA LEU L 906 -7.48 73.73 51.30
C LEU L 906 -7.52 74.37 52.67
N GLY L 907 -8.54 75.19 52.96
CA GLY L 907 -8.75 75.65 54.31
C GLY L 907 -9.07 74.54 55.28
N LEU L 908 -9.59 73.42 54.77
CA LEU L 908 -9.83 72.26 55.59
C LEU L 908 -8.58 71.45 55.87
N LEU L 909 -7.47 71.75 55.19
CA LEU L 909 -6.19 71.10 55.43
C LEU L 909 -5.25 71.93 56.28
N THR L 910 -5.74 73.03 56.85
CA THR L 910 -4.93 73.79 57.79
C THR L 910 -4.75 72.98 59.08
N PRO L 911 -3.71 73.27 59.86
CA PRO L 911 -3.49 72.47 61.08
C PRO L 911 -4.66 72.48 62.05
N GLU L 912 -5.37 73.61 62.17
CA GLU L 912 -6.44 73.70 63.14
C GLU L 912 -7.64 72.87 62.72
N VAL L 913 -8.01 72.92 61.44
CA VAL L 913 -9.11 72.08 60.97
C VAL L 913 -8.70 70.62 60.99
N VAL L 914 -7.42 70.31 60.75
CA VAL L 914 -6.94 68.94 60.86
C VAL L 914 -7.13 68.44 62.29
N GLU L 915 -6.74 69.25 63.28
CA GLU L 915 -6.89 68.86 64.67
C GLU L 915 -8.37 68.72 65.03
N LEU L 916 -9.20 69.60 64.48
CA LEU L 916 -10.64 69.52 64.71
C LEU L 916 -11.21 68.20 64.17
N CYS L 917 -10.77 67.80 62.97
CA CYS L 917 -11.22 66.52 62.42
C CYS L 917 -10.73 65.36 63.26
N GLN L 918 -9.52 65.48 63.81
CA GLN L 918 -9.01 64.41 64.66
C GLN L 918 -9.81 64.31 65.96
N LYS L 919 -10.22 65.44 66.52
CA LYS L 919 -11.07 65.40 67.71
C LYS L 919 -12.43 64.81 67.39
N SER L 920 -13.04 65.23 66.28
CA SER L 920 -14.33 64.66 65.88
C SER L 920 -14.55 65.03 64.42
N PRO L 921 -15.32 64.22 63.68
CA PRO L 921 -15.48 64.50 62.25
C PRO L 921 -16.21 65.79 62.01
N VAL L 922 -15.82 66.50 60.94
CA VAL L 922 -16.32 67.84 60.70
C VAL L 922 -17.09 67.86 59.39
N MET L 923 -18.09 68.75 59.35
CA MET L 923 -18.91 68.97 58.18
C MET L 923 -18.78 70.46 57.84
N ALA L 924 -17.95 70.75 56.85
CA ALA L 924 -17.73 72.13 56.41
C ALA L 924 -18.68 72.46 55.27
N ASP L 925 -19.69 73.28 55.56
CA ASP L 925 -20.62 73.77 54.56
C ASP L 925 -19.97 74.95 53.86
N LEU L 926 -19.62 74.77 52.59
CA LEU L 926 -19.05 75.81 51.74
C LEU L 926 -20.05 76.17 50.65
N ASN L 927 -21.33 76.21 51.00
CA ASN L 927 -22.40 76.27 50.01
C ASN L 927 -22.69 77.67 49.51
N GLY L 928 -22.19 78.70 50.19
CA GLY L 928 -22.47 80.06 49.76
C GLY L 928 -23.88 80.50 50.03
N GLY L 929 -24.56 79.86 50.98
CA GLY L 929 -25.93 80.23 51.26
C GLY L 929 -26.93 79.75 50.23
N LEU L 930 -26.53 78.81 49.37
CA LEU L 930 -27.44 78.30 48.35
C LEU L 930 -28.62 77.55 48.94
N GLN L 931 -28.49 77.05 50.16
CA GLN L 931 -29.59 76.29 50.75
C GLN L 931 -30.76 77.18 51.17
N PHE L 932 -30.53 78.47 51.36
CA PHE L 932 -31.57 79.33 51.92
C PHE L 932 -32.60 79.76 50.89
N VAL L 933 -32.30 79.64 49.60
CA VAL L 933 -33.34 79.98 48.62
C VAL L 933 -34.40 78.88 48.61
N PRO L 934 -35.69 79.21 48.59
CA PRO L 934 -36.71 78.14 48.52
C PRO L 934 -36.88 77.66 47.09
N GLU L 935 -37.04 76.35 46.94
CA GLU L 935 -37.25 75.71 45.64
C GLU L 935 -36.14 76.12 44.66
N LEU L 936 -34.92 75.74 45.02
CA LEU L 936 -33.75 76.08 44.22
C LEU L 936 -33.82 75.48 42.83
N LYS L 937 -34.33 74.25 42.71
CA LYS L 937 -34.44 73.63 41.39
C LYS L 937 -35.38 74.41 40.49
N GLU L 938 -36.54 74.78 41.02
CA GLU L 938 -37.52 75.51 40.22
C GLU L 938 -36.99 76.91 39.89
N PHE L 939 -36.32 77.53 40.86
CA PHE L 939 -35.76 78.86 40.66
C PHE L 939 -34.69 78.84 39.57
N THR L 940 -33.81 77.84 39.62
CA THR L 940 -32.79 77.69 38.59
C THR L 940 -33.42 77.44 37.24
N ALA L 941 -34.45 76.59 37.19
CA ALA L 941 -35.13 76.34 35.93
C ALA L 941 -35.73 77.63 35.37
N LYS L 942 -36.31 78.46 36.23
CA LYS L 942 -36.95 79.66 35.72
C LYS L 942 -35.90 80.66 35.25
N LEU L 943 -34.75 80.71 35.94
CA LEU L 943 -33.65 81.57 35.48
C LEU L 943 -33.18 81.14 34.10
N ARG L 944 -32.94 79.85 33.92
CA ARG L 944 -32.47 79.37 32.62
C ARG L 944 -33.54 79.60 31.55
N LYS L 945 -34.80 79.37 31.89
CA LYS L 945 -35.88 79.58 30.93
C LYS L 945 -36.00 81.05 30.55
N GLU L 946 -35.85 81.96 31.53
CA GLU L 946 -35.93 83.38 31.22
C GLU L 946 -34.78 83.81 30.32
N LEU L 947 -33.57 83.39 30.65
CA LEU L 947 -32.42 83.74 29.84
C LEU L 947 -32.53 83.16 28.42
N VAL L 948 -32.98 81.90 28.33
CA VAL L 948 -33.12 81.25 27.03
C VAL L 948 -34.19 81.94 26.20
N GLU L 949 -35.35 82.24 26.81
CA GLU L 949 -36.42 82.87 26.05
C GLU L 949 -36.01 84.26 25.59
N THR L 950 -35.30 85.00 26.44
CA THR L 950 -34.82 86.31 26.03
C THR L 950 -33.86 86.19 24.86
N SER L 951 -32.93 85.24 24.94
CA SER L 951 -31.95 85.08 23.86
C SER L 951 -32.65 84.70 22.55
N GLU L 952 -33.55 83.72 22.61
CA GLU L 952 -34.23 83.27 21.39
C GLU L 952 -35.12 84.37 20.81
N VAL L 953 -35.86 85.08 21.67
CA VAL L 953 -36.74 86.13 21.17
C VAL L 953 -35.91 87.23 20.51
N ARG L 954 -34.82 87.65 21.16
CA ARG L 954 -33.98 88.68 20.58
C ARG L 954 -33.38 88.22 19.26
N LYS L 955 -32.91 86.97 19.21
CA LYS L 955 -32.32 86.44 17.98
C LYS L 955 -33.35 86.41 16.86
N ALA L 956 -34.54 85.89 17.12
CA ALA L 956 -35.56 85.79 16.09
C ALA L 956 -35.98 87.16 15.61
N VAL L 957 -36.18 88.11 16.53
CA VAL L 957 -36.58 89.45 16.12
C VAL L 957 -35.48 90.11 15.30
N SER L 958 -34.22 89.88 15.66
CA SER L 958 -33.12 90.45 14.88
C SER L 958 -33.08 89.86 13.48
N ILE L 959 -33.24 88.54 13.36
CA ILE L 959 -33.23 87.92 12.03
C ILE L 959 -34.42 88.42 11.20
N GLU L 960 -35.59 88.56 11.81
CA GLU L 960 -36.75 88.98 11.04
C GLU L 960 -36.64 90.45 10.64
N THR L 961 -36.10 91.29 11.51
CA THR L 961 -35.85 92.67 11.14
C THR L 961 -34.84 92.75 10.01
N ALA L 962 -33.79 91.92 10.06
CA ALA L 962 -32.80 91.90 9.00
C ALA L 962 -33.42 91.47 7.67
N LEU L 963 -34.25 90.43 7.71
CA LEU L 963 -34.90 89.96 6.48
C LEU L 963 -35.87 91.01 5.92
N GLU L 964 -36.64 91.66 6.80
CA GLU L 964 -37.53 92.72 6.33
C GLU L 964 -36.75 93.87 5.71
N HIS L 965 -35.65 94.27 6.34
CA HIS L 965 -34.82 95.34 5.78
C HIS L 965 -34.25 94.93 4.44
N LYS L 966 -33.78 93.68 4.33
CA LYS L 966 -33.19 93.22 3.08
C LYS L 966 -34.25 93.16 1.97
N VAL L 967 -35.46 92.72 2.30
CA VAL L 967 -36.53 92.68 1.32
C VAL L 967 -36.91 94.08 0.88
N VAL L 968 -36.99 95.02 1.82
CA VAL L 968 -37.42 96.38 1.50
C VAL L 968 -36.37 97.07 0.64
N ASN L 969 -35.10 97.00 1.03
CA ASN L 969 -34.04 97.77 0.40
C ASN L 969 -33.22 96.98 -0.62
N GLY L 970 -33.61 95.75 -0.93
CA GLY L 970 -32.85 95.01 -1.92
C GLY L 970 -31.51 94.55 -1.37
N ASN L 971 -30.70 94.00 -2.27
CA ASN L 971 -29.36 93.55 -1.92
C ASN L 971 -28.38 94.72 -1.97
N GLN L 979 -17.72 92.68 3.34
CA GLN L 979 -16.31 93.06 3.24
C GLN L 979 -15.44 91.90 2.80
N VAL L 980 -14.63 92.12 1.76
CA VAL L 980 -13.77 91.08 1.26
C VAL L 980 -12.71 90.74 2.30
N GLU L 981 -12.52 89.45 2.54
CA GLU L 981 -11.62 88.97 3.58
C GLU L 981 -10.36 88.41 2.93
N ILE L 982 -9.20 88.75 3.49
CA ILE L 982 -7.90 88.37 2.96
C ILE L 982 -7.34 87.26 3.84
N GLN L 983 -7.08 86.13 3.25
CA GLN L 983 -6.58 84.96 3.96
C GLN L 983 -5.07 84.85 3.81
N PRO L 984 -4.36 84.32 4.80
CA PRO L 984 -2.90 84.25 4.68
C PRO L 984 -2.43 83.26 3.63
N ARG L 985 -1.28 83.57 3.04
CA ARG L 985 -0.61 82.70 2.09
C ARG L 985 0.81 82.44 2.61
N ALA L 986 1.26 81.20 2.45
CA ALA L 986 2.54 80.80 3.00
C ALA L 986 3.67 81.49 2.25
N ASN L 987 4.53 82.18 2.98
CA ASN L 987 5.68 82.88 2.42
C ASN L 987 6.89 82.41 3.23
N ILE L 988 7.45 81.27 2.86
CA ILE L 988 8.53 80.67 3.63
C ILE L 988 9.77 81.55 3.47
N GLN L 989 10.34 81.96 4.60
CA GLN L 989 11.52 82.81 4.62
C GLN L 989 12.74 81.98 4.95
N LEU L 990 13.85 82.29 4.28
CA LEU L 990 15.10 81.59 4.53
C LEU L 990 15.68 81.87 5.91
N ASP L 991 15.23 82.95 6.56
CA ASP L 991 15.69 83.29 7.90
C ASP L 991 17.19 83.55 7.92
N PHE L 992 17.62 84.44 7.04
CA PHE L 992 18.99 84.92 7.09
C PHE L 992 19.17 85.71 8.39
N PRO L 993 20.40 85.82 8.89
CA PRO L 993 20.60 86.59 10.12
C PRO L 993 20.18 88.04 9.92
N GLU L 994 19.51 88.58 10.94
CA GLU L 994 19.18 89.99 10.95
C GLU L 994 20.47 90.78 11.07
N LEU L 995 20.67 91.74 10.18
CA LEU L 995 21.86 92.58 10.16
C LEU L 995 21.45 93.95 10.69
N LYS L 996 22.06 94.35 11.78
CA LYS L 996 21.71 95.59 12.46
C LYS L 996 22.57 96.74 11.94
N PRO L 997 22.20 97.98 12.25
CA PRO L 997 23.04 99.12 11.87
C PRO L 997 24.45 98.98 12.42
N TYR L 998 25.40 99.65 11.75
CA TYR L 998 26.79 99.52 12.15
C TYR L 998 27.01 100.03 13.55
N LYS L 999 26.38 101.15 13.90
CA LYS L 999 26.55 101.69 15.25
C LYS L 999 26.07 100.68 16.29
N GLN L 1000 24.91 100.06 16.04
CA GLN L 1000 24.36 99.09 16.98
C GLN L 1000 25.24 97.86 17.09
N VAL L 1001 25.81 97.39 15.96
CA VAL L 1001 26.62 96.18 16.02
C VAL L 1001 28.00 96.49 16.60
N LYS L 1002 28.45 97.74 16.48
CA LYS L 1002 29.73 98.13 17.06
C LYS L 1002 29.62 98.36 18.56
N GLN L 1003 28.45 98.79 19.03
CA GLN L 1003 28.30 99.11 20.45
C GLN L 1003 28.51 97.88 21.32
N ILE L 1004 28.16 96.69 20.81
CA ILE L 1004 28.24 95.48 21.63
C ILE L 1004 29.65 94.90 21.61
N ALA L 1005 30.29 94.90 20.44
CA ALA L 1005 31.65 94.37 20.36
C ALA L 1005 32.65 95.39 20.92
N PRO L 1006 33.77 94.94 21.48
CA PRO L 1006 34.76 95.90 22.00
C PRO L 1006 35.29 96.81 20.90
N ALA L 1007 35.57 98.06 21.27
CA ALA L 1007 36.06 99.03 20.30
C ALA L 1007 37.45 98.67 19.78
N GLU L 1008 38.20 97.83 20.49
CA GLU L 1008 39.54 97.44 20.06
C GLU L 1008 39.53 96.29 19.08
N LEU L 1009 38.38 95.72 18.76
CA LEU L 1009 38.31 94.60 17.83
C LEU L 1009 38.54 95.02 16.38
N GLU L 1010 38.36 96.29 16.05
CA GLU L 1010 38.45 96.75 14.66
C GLU L 1010 39.87 96.54 14.14
N GLY L 1011 40.02 95.61 13.20
CA GLY L 1011 41.31 95.32 12.63
C GLY L 1011 42.21 94.46 13.50
N LEU L 1012 41.75 94.06 14.69
CA LEU L 1012 42.55 93.22 15.57
C LEU L 1012 42.60 91.78 15.07
N LEU L 1013 41.53 91.32 14.43
CA LEU L 1013 41.41 89.92 14.05
C LEU L 1013 41.84 89.68 12.61
N ASP L 1014 42.46 88.54 12.37
CA ASP L 1014 42.71 88.04 11.02
C ASP L 1014 41.45 87.33 10.56
N LEU L 1015 40.65 88.03 9.74
CA LEU L 1015 39.37 87.46 9.31
C LEU L 1015 39.57 86.24 8.45
N GLU L 1016 40.71 86.12 7.77
CA GLU L 1016 41.05 84.87 7.10
C GLU L 1016 41.19 83.74 8.10
N ARG L 1017 41.60 84.04 9.33
CA ARG L 1017 41.73 83.05 10.38
C ARG L 1017 40.47 82.95 11.25
N VAL L 1018 39.47 83.78 11.01
CA VAL L 1018 38.18 83.66 11.70
C VAL L 1018 37.26 82.81 10.85
N ILE L 1019 36.63 81.81 11.46
CA ILE L 1019 35.76 80.86 10.77
C ILE L 1019 34.32 81.17 11.11
N VAL L 1020 33.48 81.20 10.07
CA VAL L 1020 32.08 81.60 10.21
C VAL L 1020 31.22 80.54 9.57
N VAL L 1021 30.18 80.10 10.28
CA VAL L 1021 29.20 79.20 9.67
C VAL L 1021 28.34 80.02 8.75
N THR L 1022 28.64 79.94 7.46
CA THR L 1022 27.97 80.80 6.49
C THR L 1022 26.60 80.26 6.10
N GLY L 1023 26.44 78.94 6.07
CA GLY L 1023 25.16 78.35 5.73
C GLY L 1023 24.99 77.04 6.47
N PHE L 1024 23.76 76.54 6.48
CA PHE L 1024 23.50 75.29 7.18
C PHE L 1024 22.14 74.74 6.74
N ALA L 1025 21.99 73.43 6.90
CA ALA L 1025 20.72 72.78 6.62
C ALA L 1025 20.77 71.36 7.16
N GLU L 1026 19.63 70.69 7.10
CA GLU L 1026 19.54 69.32 7.58
C GLU L 1026 18.34 68.64 6.97
N VAL L 1027 18.38 67.32 7.00
CA VAL L 1027 17.24 66.46 6.71
C VAL L 1027 17.06 65.57 7.93
N GLY L 1028 15.93 65.73 8.62
CA GLY L 1028 15.72 65.01 9.85
C GLY L 1028 14.27 64.63 10.07
N PRO L 1029 13.97 64.05 11.23
CA PRO L 1029 12.59 63.61 11.51
C PRO L 1029 11.55 64.70 11.49
N TRP L 1030 11.95 65.97 11.53
CA TRP L 1030 11.05 67.10 11.38
C TRP L 1030 11.40 67.89 10.14
N GLY L 1031 11.79 67.19 9.08
CA GLY L 1031 12.09 67.84 7.82
C GLY L 1031 13.35 68.68 7.90
N SER L 1032 13.26 69.88 7.34
CA SER L 1032 14.41 70.75 7.20
C SER L 1032 14.76 71.40 8.53
N ALA L 1033 15.82 72.21 8.50
CA ALA L 1033 16.25 72.93 9.69
C ALA L 1033 15.16 73.91 10.14
N ARG L 1034 14.47 74.55 9.20
CA ARG L 1034 13.42 75.50 9.55
C ARG L 1034 12.28 74.82 10.30
N THR L 1035 11.76 73.72 9.75
CA THR L 1035 10.63 73.03 10.38
C THR L 1035 11.06 72.39 11.70
N ARG L 1036 12.26 71.81 11.73
CA ARG L 1036 12.76 71.26 12.98
C ARG L 1036 12.88 72.34 14.04
N TRP L 1037 13.36 73.53 13.67
CA TRP L 1037 13.51 74.62 14.63
C TRP L 1037 12.16 75.11 15.12
N GLU L 1038 11.19 75.20 14.22
CA GLU L 1038 9.86 75.61 14.66
C GLU L 1038 9.28 74.61 15.66
N MET L 1039 9.43 73.32 15.37
CA MET L 1039 8.90 72.32 16.28
C MET L 1039 9.68 72.29 17.59
N GLU L 1040 10.97 72.62 17.55
CA GLU L 1040 11.79 72.65 18.75
C GLU L 1040 11.43 73.82 19.65
N ALA L 1041 11.32 75.02 19.08
CA ALA L 1041 11.12 76.21 19.89
C ALA L 1041 9.66 76.40 20.25
N PHE L 1042 8.79 76.42 19.25
CA PHE L 1042 7.40 76.78 19.47
C PHE L 1042 6.49 75.58 19.69
N GLY L 1043 6.99 74.37 19.44
CA GLY L 1043 6.21 73.17 19.66
C GLY L 1043 5.11 72.93 18.66
N GLU L 1044 4.97 73.79 17.65
CA GLU L 1044 3.98 73.63 16.62
C GLU L 1044 4.48 74.35 15.38
N PHE L 1045 3.85 74.06 14.25
CA PHE L 1045 4.22 74.65 12.98
C PHE L 1045 3.38 75.88 12.72
N SER L 1046 4.02 76.95 12.26
CA SER L 1046 3.31 78.10 11.71
C SER L 1046 2.74 77.70 10.36
N LEU L 1047 2.12 78.65 9.66
CA LEU L 1047 1.62 78.37 8.32
C LEU L 1047 2.76 77.99 7.39
N GLU L 1048 3.86 78.75 7.45
CA GLU L 1048 5.01 78.49 6.60
C GLU L 1048 5.62 77.13 6.91
N GLY L 1049 5.78 76.82 8.19
CA GLY L 1049 6.36 75.54 8.56
C GLY L 1049 5.47 74.37 8.17
N CYS L 1050 4.16 74.53 8.33
CA CYS L 1050 3.24 73.46 7.98
C CYS L 1050 3.20 73.24 6.48
N VAL L 1051 3.24 74.32 5.70
CA VAL L 1051 3.23 74.16 4.24
C VAL L 1051 4.55 73.55 3.77
N GLU L 1052 5.66 73.94 4.39
CA GLU L 1052 6.94 73.31 4.06
C GLU L 1052 6.91 71.83 4.40
N MET L 1053 6.34 71.45 5.55
CA MET L 1053 6.26 70.05 5.91
C MET L 1053 5.36 69.28 4.96
N ALA L 1054 4.24 69.86 4.55
CA ALA L 1054 3.35 69.17 3.62
C ALA L 1054 4.03 68.97 2.27
N TRP L 1055 4.76 69.98 1.81
CA TRP L 1055 5.51 69.83 0.56
C TRP L 1055 6.62 68.79 0.71
N ILE L 1056 7.31 68.78 1.85
CA ILE L 1056 8.36 67.79 2.10
C ILE L 1056 7.77 66.39 2.07
N MET L 1057 6.64 66.20 2.74
CA MET L 1057 6.03 64.88 2.86
C MET L 1057 5.25 64.50 1.62
N GLY L 1058 5.11 65.40 0.65
CA GLY L 1058 4.38 65.08 -0.54
C GLY L 1058 2.88 65.13 -0.38
N PHE L 1059 2.37 65.71 0.70
CA PHE L 1059 0.93 65.85 0.87
C PHE L 1059 0.38 66.84 -0.15
N ILE L 1060 1.04 67.99 -0.31
CA ILE L 1060 0.65 69.01 -1.26
C ILE L 1060 1.73 69.12 -2.32
N SER L 1061 1.31 69.16 -3.57
CA SER L 1061 2.18 69.45 -4.69
C SER L 1061 1.73 70.77 -5.32
N TYR L 1062 2.61 71.35 -6.10
CA TYR L 1062 2.30 72.61 -6.77
C TYR L 1062 1.69 72.34 -8.15
N HIS L 1063 0.64 73.08 -8.46
CA HIS L 1063 0.02 73.03 -9.77
C HIS L 1063 -0.10 74.44 -10.32
N ASN L 1064 0.15 74.57 -11.63
CA ASN L 1064 0.00 75.85 -12.31
C ASN L 1064 -0.50 75.57 -13.71
N GLY L 1065 -1.72 76.00 -14.01
CA GLY L 1065 -2.32 75.83 -15.31
C GLY L 1065 -3.78 75.48 -15.18
N ASN L 1066 -4.35 74.98 -16.26
CA ASN L 1066 -5.74 74.59 -16.26
C ASN L 1066 -5.95 73.41 -15.31
N LEU L 1067 -7.01 73.50 -14.51
CA LEU L 1067 -7.34 72.45 -13.56
C LEU L 1067 -8.86 72.43 -13.40
N LYS L 1068 -9.50 71.34 -13.84
CA LYS L 1068 -10.95 71.24 -13.86
C LYS L 1068 -11.56 72.38 -14.67
N GLY L 1069 -10.91 72.72 -15.78
CA GLY L 1069 -11.37 73.81 -16.62
C GLY L 1069 -10.78 75.15 -16.23
N ARG L 1070 -11.15 75.65 -15.06
CA ARG L 1070 -10.68 76.95 -14.64
C ARG L 1070 -9.17 76.93 -14.40
N PRO L 1071 -8.49 78.06 -14.60
CA PRO L 1071 -7.04 78.08 -14.38
C PRO L 1071 -6.68 78.23 -12.91
N TYR L 1072 -5.87 77.31 -12.39
CA TYR L 1072 -5.50 77.30 -10.98
C TYR L 1072 -3.99 77.41 -10.84
N THR L 1073 -3.56 78.19 -9.85
CA THR L 1073 -2.15 78.35 -9.51
C THR L 1073 -2.04 78.24 -8.00
N GLY L 1074 -1.35 77.22 -7.52
CA GLY L 1074 -1.14 77.05 -6.09
C GLY L 1074 -0.98 75.59 -5.74
N TRP L 1075 -1.13 75.31 -4.45
CA TRP L 1075 -0.99 73.96 -3.94
C TRP L 1075 -2.23 73.13 -4.22
N VAL L 1076 -2.03 71.86 -4.52
CA VAL L 1076 -3.10 70.88 -4.70
C VAL L 1076 -2.73 69.66 -3.87
N ASP L 1077 -3.72 68.79 -3.64
CA ASP L 1077 -3.45 67.52 -3.00
C ASP L 1077 -2.72 66.61 -3.97
N SER L 1078 -1.61 66.02 -3.52
CA SER L 1078 -0.77 65.25 -4.42
C SER L 1078 -1.51 64.04 -4.99
N LYS L 1079 -2.40 63.44 -4.21
CA LYS L 1079 -3.14 62.26 -4.65
C LYS L 1079 -4.38 62.62 -5.44
N THR L 1080 -5.25 63.47 -4.87
CA THR L 1080 -6.52 63.79 -5.51
C THR L 1080 -6.40 64.95 -6.51
N LYS L 1081 -5.31 65.71 -6.46
CA LYS L 1081 -5.06 66.86 -7.34
C LYS L 1081 -6.05 67.99 -7.14
N GLU L 1082 -6.89 67.92 -6.11
CA GLU L 1082 -7.84 68.99 -5.85
C GLU L 1082 -7.10 70.21 -5.29
N PRO L 1083 -7.57 71.43 -5.61
CA PRO L 1083 -6.92 72.61 -5.02
C PRO L 1083 -7.04 72.60 -3.51
N VAL L 1084 -5.96 72.99 -2.84
CA VAL L 1084 -5.94 73.14 -1.39
C VAL L 1084 -5.32 74.49 -1.07
N ASP L 1085 -6.04 75.28 -0.28
CA ASP L 1085 -5.59 76.62 0.08
C ASP L 1085 -4.61 76.54 1.24
N ASP L 1086 -3.80 77.59 1.37
CA ASP L 1086 -2.80 77.63 2.42
C ASP L 1086 -3.46 77.58 3.80
N LYS L 1087 -4.58 78.29 3.95
CA LYS L 1087 -5.30 78.27 5.22
C LYS L 1087 -5.76 76.85 5.56
N ASP L 1088 -6.19 76.09 4.55
CA ASP L 1088 -6.65 74.72 4.75
C ASP L 1088 -5.52 73.72 4.85
N VAL L 1089 -4.28 74.08 4.51
CA VAL L 1089 -3.19 73.11 4.54
C VAL L 1089 -3.03 72.56 5.95
N LYS L 1090 -3.06 73.44 6.95
CA LYS L 1090 -2.94 72.98 8.33
C LYS L 1090 -4.12 72.09 8.71
N ALA L 1091 -5.35 72.57 8.50
CA ALA L 1091 -6.52 71.79 8.89
C ALA L 1091 -6.60 70.46 8.17
N LYS L 1092 -5.97 70.33 7.00
CA LYS L 1092 -6.05 69.11 6.21
C LYS L 1092 -4.90 68.15 6.46
N TYR L 1093 -3.73 68.63 6.90
CA TYR L 1093 -2.54 67.78 6.97
C TYR L 1093 -1.79 67.85 8.30
N GLU L 1094 -2.24 68.63 9.27
CA GLU L 1094 -1.52 68.75 10.53
C GLU L 1094 -1.43 67.41 11.24
N THR L 1095 -2.55 66.70 11.33
CA THR L 1095 -2.56 65.42 12.04
C THR L 1095 -1.65 64.41 11.35
N SER L 1096 -1.69 64.35 10.02
CA SER L 1096 -0.84 63.42 9.30
C SER L 1096 0.63 63.78 9.45
N ILE L 1097 0.97 65.07 9.36
CA ILE L 1097 2.35 65.50 9.55
C ILE L 1097 2.85 65.10 10.92
N LEU L 1098 2.06 65.39 11.96
CA LEU L 1098 2.48 65.07 13.31
C LEU L 1098 2.58 63.56 13.52
N GLU L 1099 1.62 62.81 12.97
CA GLU L 1099 1.63 61.37 13.12
C GLU L 1099 2.84 60.72 12.45
N HIS L 1100 3.27 61.26 11.32
CA HIS L 1100 4.34 60.69 10.52
C HIS L 1100 5.58 61.59 10.48
N SER L 1101 5.82 62.34 11.55
CA SER L 1101 7.05 63.09 11.71
C SER L 1101 7.63 62.81 13.09
N GLY L 1102 8.91 63.14 13.24
CA GLY L 1102 9.56 63.00 14.52
C GLY L 1102 9.78 61.56 14.94
N ILE L 1103 9.90 61.36 16.24
CA ILE L 1103 10.06 60.03 16.82
C ILE L 1103 8.71 59.33 16.82
N ARG L 1104 8.65 58.16 16.20
CA ARG L 1104 7.39 57.45 16.03
C ARG L 1104 7.69 55.97 15.80
N LEU L 1105 6.63 55.17 15.74
CA LEU L 1105 6.78 53.76 15.44
C LEU L 1105 7.48 53.57 14.11
N ILE L 1106 8.38 52.58 14.06
CA ILE L 1106 9.15 52.35 12.85
C ILE L 1106 8.21 51.94 11.73
N GLU L 1107 8.34 52.61 10.59
CA GLU L 1107 7.50 52.34 9.43
C GLU L 1107 8.27 51.42 8.48
N PRO L 1108 7.82 50.19 8.24
CA PRO L 1108 8.58 49.31 7.33
C PRO L 1108 8.70 49.83 5.91
N GLU L 1109 7.78 50.69 5.49
CA GLU L 1109 7.82 51.19 4.12
C GLU L 1109 8.99 52.15 3.91
N LEU L 1110 9.54 52.70 4.99
CA LEU L 1110 10.69 53.59 4.91
C LEU L 1110 12.01 52.85 5.11
N PHE L 1111 11.98 51.57 5.44
CA PHE L 1111 13.18 50.77 5.68
C PHE L 1111 13.04 49.41 5.01
N ASN L 1112 12.32 49.38 3.88
CA ASN L 1112 12.25 48.20 3.01
C ASN L 1112 11.56 47.04 3.73
N GLY L 1113 10.36 47.31 4.25
CA GLY L 1113 9.59 46.26 4.89
C GLY L 1113 10.23 45.74 6.15
N TYR L 1114 11.11 46.53 6.76
CA TYR L 1114 11.71 46.16 8.04
C TYR L 1114 10.69 46.39 9.14
N ASN L 1115 10.18 45.31 9.71
CA ASN L 1115 9.25 45.36 10.82
C ASN L 1115 9.97 44.87 12.06
N PRO L 1116 10.33 45.72 13.02
CA PRO L 1116 11.00 45.20 14.23
C PRO L 1116 10.16 44.19 15.02
N GLU L 1117 8.84 44.18 14.83
CA GLU L 1117 8.02 43.16 15.46
C GLU L 1117 8.18 41.79 14.79
N LYS L 1118 8.60 41.76 13.53
CA LYS L 1118 8.79 40.52 12.77
C LYS L 1118 10.14 40.63 12.08
N LYS L 1119 11.20 40.26 12.78
CA LYS L 1119 12.57 40.42 12.30
C LYS L 1119 13.04 39.09 11.72
N GLU L 1120 13.34 39.08 10.42
CA GLU L 1120 13.67 37.85 9.73
C GLU L 1120 15.04 37.34 10.16
N MET L 1121 15.10 36.06 10.46
CA MET L 1121 16.34 35.33 10.71
C MET L 1121 16.25 34.05 9.89
N ILE L 1122 17.33 33.27 9.87
CA ILE L 1122 17.32 31.94 9.27
C ILE L 1122 18.01 30.99 10.24
N GLN L 1123 17.40 29.83 10.44
CA GLN L 1123 17.91 28.79 11.33
C GLN L 1123 18.50 27.68 10.49
N GLU L 1124 19.74 27.32 10.78
CA GLU L 1124 20.40 26.18 10.16
C GLU L 1124 19.83 24.90 10.77
N VAL L 1125 19.38 23.98 9.91
CA VAL L 1125 18.95 22.67 10.35
C VAL L 1125 19.54 21.62 9.42
N ILE L 1126 19.69 20.42 9.95
CA ILE L 1126 20.10 19.27 9.18
C ILE L 1126 18.85 18.61 8.61
N VAL L 1127 18.86 18.37 7.30
CA VAL L 1127 17.74 17.70 6.66
C VAL L 1127 17.64 16.27 7.18
N GLU L 1128 16.49 15.94 7.77
CA GLU L 1128 16.27 14.61 8.32
C GLU L 1128 15.72 13.62 7.30
N GLU L 1129 15.13 14.11 6.21
CA GLU L 1129 14.60 13.25 5.17
C GLU L 1129 14.80 13.94 3.83
N ASP L 1130 15.06 13.14 2.80
CA ASP L 1130 15.25 13.68 1.46
C ASP L 1130 14.03 14.50 1.07
N LEU L 1131 14.27 15.72 0.59
CA LEU L 1131 13.17 16.57 0.17
C LEU L 1131 12.73 16.17 -1.24
N GLU L 1132 11.51 16.56 -1.58
CA GLU L 1132 11.02 16.30 -2.92
C GLU L 1132 11.89 17.07 -3.92
N PRO L 1133 12.28 16.46 -5.05
CA PRO L 1133 13.08 17.21 -6.02
C PRO L 1133 12.35 18.44 -6.52
N PHE L 1134 13.12 19.51 -6.75
CA PHE L 1134 12.60 20.73 -7.34
C PHE L 1134 13.44 21.09 -8.55
N GLU L 1135 12.79 21.70 -9.54
CA GLU L 1135 13.47 22.08 -10.77
C GLU L 1135 14.41 23.25 -10.51
N ALA L 1136 15.51 23.28 -11.26
CA ALA L 1136 16.44 24.40 -11.19
C ALA L 1136 17.26 24.41 -12.48
N SER L 1137 17.88 25.55 -12.73
CA SER L 1137 18.71 25.69 -13.92
C SER L 1137 19.92 24.78 -13.82
N LYS L 1138 20.63 24.64 -14.95
CA LYS L 1138 21.89 23.93 -14.96
C LYS L 1138 22.88 24.58 -14.00
N GLU L 1139 23.07 25.90 -14.13
CA GLU L 1139 24.03 26.60 -13.29
C GLU L 1139 23.62 26.54 -11.81
N THR L 1140 22.34 26.76 -11.53
CA THR L 1140 21.87 26.74 -10.15
C THR L 1140 22.04 25.36 -9.54
N ALA L 1141 21.68 24.32 -10.28
CA ALA L 1141 21.85 22.95 -9.79
C ALA L 1141 23.32 22.63 -9.56
N GLU L 1142 24.19 23.10 -10.46
CA GLU L 1142 25.63 22.86 -10.28
C GLU L 1142 26.16 23.57 -9.05
N GLN L 1143 25.65 24.77 -8.76
CA GLN L 1143 26.02 25.46 -7.53
C GLN L 1143 25.55 24.70 -6.30
N PHE L 1144 24.33 24.16 -6.37
CA PHE L 1144 23.83 23.35 -5.26
C PHE L 1144 24.69 22.11 -5.04
N LYS L 1145 25.09 21.46 -6.14
CA LYS L 1145 25.97 20.29 -6.02
C LYS L 1145 27.33 20.68 -5.46
N HIS L 1146 27.87 21.81 -5.93
CA HIS L 1146 29.14 22.30 -5.41
C HIS L 1146 29.07 22.52 -3.91
N GLN L 1147 27.95 23.08 -3.43
CA GLN L 1147 27.78 23.28 -1.99
C GLN L 1147 27.65 21.96 -1.24
N HIS L 1148 26.63 21.17 -1.58
CA HIS L 1148 26.21 20.07 -0.73
C HIS L 1148 27.00 18.79 -0.98
N GLY L 1149 27.83 18.74 -2.02
CA GLY L 1149 28.61 17.54 -2.26
C GLY L 1149 27.71 16.34 -2.52
N ASP L 1150 27.88 15.30 -1.72
CA ASP L 1150 27.10 14.09 -1.84
C ASP L 1150 25.75 14.17 -1.13
N LYS L 1151 25.43 15.29 -0.50
CA LYS L 1151 24.16 15.47 0.18
C LYS L 1151 23.08 16.04 -0.74
N VAL L 1152 23.35 16.13 -2.05
CA VAL L 1152 22.35 16.51 -3.02
C VAL L 1152 22.57 15.70 -4.28
N ASP L 1153 21.49 15.47 -5.02
CA ASP L 1153 21.52 14.83 -6.33
C ASP L 1153 20.95 15.79 -7.36
N ILE L 1154 21.68 15.98 -8.45
CA ILE L 1154 21.22 16.82 -9.55
C ILE L 1154 21.13 15.96 -10.80
N PHE L 1155 20.00 16.04 -11.49
CA PHE L 1155 19.75 15.23 -12.68
C PHE L 1155 19.13 16.06 -13.78
N GLU L 1156 19.70 15.98 -14.97
CA GLU L 1156 19.15 16.70 -16.12
C GLU L 1156 17.80 16.13 -16.49
N ILE L 1157 16.91 17.00 -16.97
CA ILE L 1157 15.61 16.61 -17.49
C ILE L 1157 15.70 16.67 -19.01
N PRO L 1158 15.76 15.54 -19.72
CA PRO L 1158 15.92 15.62 -21.18
C PRO L 1158 14.74 16.28 -21.88
N GLU L 1159 13.56 16.32 -21.25
CA GLU L 1159 12.39 16.92 -21.89
C GLU L 1159 12.61 18.40 -22.17
N THR L 1160 13.23 19.12 -21.23
CA THR L 1160 13.38 20.57 -21.32
C THR L 1160 14.79 21.06 -21.06
N GLY L 1161 15.73 20.18 -20.71
CA GLY L 1161 17.09 20.58 -20.49
C GLY L 1161 17.37 21.21 -19.13
N GLU L 1162 16.34 21.37 -18.29
CA GLU L 1162 16.54 21.90 -16.95
C GLU L 1162 17.14 20.83 -16.06
N TYR L 1163 17.24 21.12 -14.76
CA TYR L 1163 17.80 20.19 -13.80
C TYR L 1163 16.88 20.06 -12.60
N SER L 1164 16.81 18.85 -12.05
CA SER L 1164 16.09 18.56 -10.83
C SER L 1164 17.09 18.40 -9.71
N VAL L 1165 16.82 19.07 -8.59
CA VAL L 1165 17.71 19.12 -7.43
C VAL L 1165 17.01 18.42 -6.28
N LYS L 1166 17.64 17.39 -5.72
CA LYS L 1166 17.05 16.57 -4.67
C LYS L 1166 18.02 16.56 -3.49
N LEU L 1167 17.71 17.33 -2.46
CA LEU L 1167 18.51 17.33 -1.24
C LEU L 1167 18.24 16.06 -0.44
N LEU L 1168 19.29 15.48 0.12
CA LEU L 1168 19.23 14.20 0.78
C LEU L 1168 19.27 14.38 2.29
N LYS L 1169 19.11 13.26 2.99
CA LYS L 1169 19.27 13.25 4.44
C LYS L 1169 20.65 13.75 4.83
N GLY L 1170 20.69 14.56 5.89
CA GLY L 1170 21.92 15.12 6.36
C GLY L 1170 22.29 16.45 5.74
N ALA L 1171 21.60 16.88 4.70
CA ALA L 1171 21.93 18.13 4.03
C ALA L 1171 21.63 19.31 4.94
N THR L 1172 22.41 20.38 4.78
CA THR L 1172 22.25 21.60 5.56
C THR L 1172 21.25 22.50 4.87
N LEU L 1173 20.38 23.11 5.66
CA LEU L 1173 19.22 23.83 5.17
C LEU L 1173 19.00 25.05 6.05
N TYR L 1174 18.32 26.06 5.53
CA TYR L 1174 18.01 27.28 6.28
C TYR L 1174 16.52 27.56 6.20
N ILE L 1175 15.86 27.54 7.35
CA ILE L 1175 14.45 27.88 7.47
C ILE L 1175 14.36 29.31 8.01
N PRO L 1176 13.67 30.22 7.32
CA PRO L 1176 13.44 31.54 7.93
C PRO L 1176 12.70 31.44 9.24
N LYS L 1177 13.10 32.28 10.20
CA LYS L 1177 12.38 32.44 11.44
C LYS L 1177 12.34 33.92 11.79
N ALA L 1178 11.32 34.30 12.55
CA ALA L 1178 11.02 35.70 12.85
C ALA L 1178 11.25 35.94 14.33
N LEU L 1179 11.94 37.02 14.64
CA LEU L 1179 12.27 37.40 16.01
C LEU L 1179 11.51 38.66 16.38
N ARG L 1180 10.82 38.60 17.51
CA ARG L 1180 10.12 39.76 18.05
C ARG L 1180 11.13 40.66 18.75
N PHE L 1181 11.48 41.77 18.11
CA PHE L 1181 12.49 42.69 18.60
C PHE L 1181 11.82 43.88 19.29
N ASP L 1182 12.46 44.39 20.33
CA ASP L 1182 11.85 45.32 21.27
C ASP L 1182 12.29 46.78 21.06
N ARG L 1183 12.77 47.13 19.89
CA ARG L 1183 12.98 48.54 19.51
C ARG L 1183 12.04 48.82 18.35
N LEU L 1184 10.87 49.37 18.68
CA LEU L 1184 9.80 49.60 17.71
C LEU L 1184 9.66 51.04 17.28
N VAL L 1185 10.49 51.94 17.82
CA VAL L 1185 10.35 53.37 17.60
C VAL L 1185 11.71 53.92 17.20
N ALA L 1186 11.71 54.81 16.21
CA ALA L 1186 12.94 55.45 15.74
C ALA L 1186 12.59 56.86 15.29
N GLY L 1187 13.58 57.74 15.34
CA GLY L 1187 13.41 59.08 14.79
C GLY L 1187 13.54 59.02 13.28
N GLN L 1188 12.42 59.11 12.58
CA GLN L 1188 12.37 58.85 11.15
C GLN L 1188 12.02 60.13 10.42
N ILE L 1189 12.70 60.34 9.29
CA ILE L 1189 12.46 61.44 8.36
C ILE L 1189 10.98 61.36 7.99
N PRO L 1190 10.26 62.47 7.84
CA PRO L 1190 8.80 62.38 7.68
C PRO L 1190 8.38 61.51 6.51
N THR L 1191 7.34 60.71 6.73
CA THR L 1191 6.90 59.77 5.71
C THR L 1191 6.45 60.51 4.47
N GLY L 1192 6.91 60.05 3.31
CA GLY L 1192 6.69 60.74 2.06
C GLY L 1192 7.82 61.65 1.65
N TRP L 1193 8.83 61.82 2.48
CA TRP L 1193 10.05 62.49 2.06
C TRP L 1193 10.63 61.78 0.85
N ASN L 1194 10.89 62.54 -0.21
CA ASN L 1194 11.45 62.01 -1.44
C ASN L 1194 12.51 62.96 -1.97
N ALA L 1195 13.60 62.39 -2.47
CA ALA L 1195 14.64 63.21 -3.08
C ALA L 1195 14.17 63.80 -4.41
N LYS L 1196 13.21 63.15 -5.07
CA LYS L 1196 12.60 63.74 -6.26
C LYS L 1196 11.92 65.06 -5.93
N THR L 1197 11.35 65.18 -4.72
CA THR L 1197 10.72 66.42 -4.31
C THR L 1197 11.71 67.57 -4.30
N TYR L 1198 12.97 67.31 -3.96
CA TYR L 1198 14.01 68.32 -4.02
C TYR L 1198 14.67 68.41 -5.38
N GLY L 1199 14.48 67.41 -6.24
CA GLY L 1199 14.95 67.46 -7.60
C GLY L 1199 16.07 66.50 -7.95
N ILE L 1200 16.40 65.56 -7.06
CA ILE L 1200 17.41 64.56 -7.38
C ILE L 1200 16.78 63.53 -8.30
N SER L 1201 17.45 63.24 -9.40
CA SER L 1201 16.88 62.42 -10.45
C SER L 1201 16.79 60.95 -10.03
N ASP L 1202 15.91 60.23 -10.70
CA ASP L 1202 15.67 58.83 -10.35
C ASP L 1202 16.91 57.98 -10.58
N ASP L 1203 17.72 58.32 -11.58
CA ASP L 1203 18.97 57.58 -11.78
C ASP L 1203 19.90 57.74 -10.59
N ILE L 1204 20.02 58.95 -10.07
CA ILE L 1204 20.83 59.17 -8.86
C ILE L 1204 20.22 58.41 -7.69
N ILE L 1205 18.89 58.41 -7.58
CA ILE L 1205 18.24 57.74 -6.46
C ILE L 1205 18.50 56.24 -6.52
N SER L 1206 18.43 55.67 -7.71
CA SER L 1206 18.70 54.23 -7.86
C SER L 1206 20.16 53.92 -7.64
N GLN L 1207 21.04 54.86 -7.95
CA GLN L 1207 22.47 54.63 -7.80
C GLN L 1207 22.90 54.70 -6.34
N VAL L 1208 22.67 55.84 -5.70
CA VAL L 1208 23.20 56.13 -4.38
C VAL L 1208 22.31 55.54 -3.29
N ASP L 1209 22.80 55.61 -2.05
CA ASP L 1209 22.05 55.19 -0.89
C ASP L 1209 21.12 56.28 -0.36
N PRO L 1210 20.13 55.91 0.46
CA PRO L 1210 19.28 56.95 1.07
C PRO L 1210 20.06 57.94 1.92
N ILE L 1211 21.13 57.49 2.57
CA ILE L 1211 21.99 58.41 3.30
C ILE L 1211 22.57 59.44 2.35
N THR L 1212 23.01 59.00 1.17
CA THR L 1212 23.55 59.95 0.20
C THR L 1212 22.47 60.93 -0.25
N LEU L 1213 21.24 60.47 -0.43
CA LEU L 1213 20.18 61.39 -0.79
C LEU L 1213 19.94 62.43 0.30
N PHE L 1214 19.96 61.99 1.57
CA PHE L 1214 19.81 62.93 2.68
C PHE L 1214 20.91 63.97 2.65
N VAL L 1215 22.15 63.53 2.40
CA VAL L 1215 23.29 64.43 2.43
C VAL L 1215 23.23 65.40 1.25
N LEU L 1216 22.79 64.93 0.09
CA LEU L 1216 22.70 65.82 -1.06
C LEU L 1216 21.66 66.91 -0.81
N VAL L 1217 20.50 66.52 -0.26
CA VAL L 1217 19.48 67.52 0.03
C VAL L 1217 19.97 68.48 1.10
N SER L 1218 20.68 67.97 2.10
CA SER L 1218 21.21 68.85 3.14
C SER L 1218 22.25 69.81 2.59
N VAL L 1219 23.12 69.34 1.70
CA VAL L 1219 24.12 70.21 1.09
C VAL L 1219 23.45 71.30 0.27
N VAL L 1220 22.46 70.93 -0.55
CA VAL L 1220 21.79 71.93 -1.36
C VAL L 1220 21.07 72.95 -0.49
N GLU L 1221 20.36 72.49 0.54
CA GLU L 1221 19.66 73.42 1.42
C GLU L 1221 20.65 74.28 2.20
N ALA L 1222 21.82 73.74 2.51
CA ALA L 1222 22.83 74.52 3.22
C ALA L 1222 23.42 75.60 2.34
N PHE L 1223 23.61 75.31 1.05
CA PHE L 1223 24.07 76.35 0.15
C PHE L 1223 22.96 77.37 -0.10
N ILE L 1224 21.71 76.94 -0.10
CA ILE L 1224 20.60 77.88 -0.21
C ILE L 1224 20.61 78.81 1.00
N ALA L 1225 20.79 78.25 2.19
CA ALA L 1225 20.91 79.07 3.40
C ALA L 1225 22.12 79.99 3.33
N SER L 1226 23.20 79.51 2.72
CA SER L 1226 24.35 80.31 2.33
C SER L 1226 24.00 81.42 1.35
N GLY L 1227 22.88 81.31 0.65
CA GLY L 1227 22.58 82.18 -0.46
C GLY L 1227 23.34 81.83 -1.72
N ILE L 1228 24.08 80.71 -1.73
CA ILE L 1228 24.86 80.31 -2.89
C ILE L 1228 23.95 79.37 -3.69
N THR L 1229 23.15 79.96 -4.57
CA THR L 1229 22.24 79.18 -5.38
C THR L 1229 22.99 78.30 -6.37
N ASP L 1230 24.05 78.84 -6.97
CA ASP L 1230 24.92 78.11 -7.87
C ASP L 1230 26.24 77.81 -7.17
N PRO L 1231 26.59 76.56 -6.89
CA PRO L 1231 27.85 76.31 -6.18
C PRO L 1231 29.09 76.80 -6.92
N TYR L 1232 29.06 76.89 -8.25
CA TYR L 1232 30.23 77.37 -8.99
C TYR L 1232 30.51 78.84 -8.73
N GLU L 1233 29.58 79.56 -8.09
CA GLU L 1233 29.82 80.96 -7.76
C GLU L 1233 30.95 81.08 -6.74
N MET L 1234 31.18 80.03 -5.96
CA MET L 1234 32.34 80.01 -5.06
C MET L 1234 33.63 80.13 -5.85
N TYR L 1235 33.65 79.61 -7.08
CA TYR L 1235 34.86 79.66 -7.89
C TYR L 1235 35.07 81.03 -8.52
N LYS L 1236 34.12 81.95 -8.38
CA LYS L 1236 34.39 83.34 -8.69
C LYS L 1236 35.28 83.99 -7.65
N TYR L 1237 35.38 83.39 -6.47
CA TYR L 1237 36.10 83.96 -5.34
C TYR L 1237 37.30 83.13 -4.90
N VAL L 1238 37.26 81.82 -5.08
CA VAL L 1238 38.31 80.92 -4.61
C VAL L 1238 38.68 79.97 -5.74
N HIS L 1239 39.82 79.32 -5.58
CA HIS L 1239 40.22 78.30 -6.53
C HIS L 1239 39.44 77.01 -6.26
N VAL L 1240 39.30 76.19 -7.30
CA VAL L 1240 38.64 74.90 -7.15
C VAL L 1240 39.33 74.07 -6.08
N SER L 1241 40.64 74.27 -5.93
CA SER L 1241 41.42 73.62 -4.88
C SER L 1241 41.09 74.13 -3.48
N GLU L 1242 40.32 75.22 -3.35
CA GLU L 1242 40.13 75.88 -2.07
C GLU L 1242 38.74 75.68 -1.48
N VAL L 1243 37.94 74.77 -2.03
CA VAL L 1243 36.65 74.41 -1.47
C VAL L 1243 36.72 72.95 -1.05
N GLY L 1244 36.75 72.72 0.26
CA GLY L 1244 36.87 71.37 0.79
C GLY L 1244 35.54 70.84 1.25
N ASN L 1245 35.54 69.53 1.53
CA ASN L 1245 34.36 68.85 2.07
C ASN L 1245 34.85 67.94 3.17
N CYS L 1246 34.54 68.31 4.42
CA CYS L 1246 35.06 67.62 5.58
C CYS L 1246 33.96 67.01 6.44
N SER L 1247 32.79 66.79 5.87
CA SER L 1247 31.74 66.06 6.57
C SER L 1247 31.98 64.56 6.46
N GLY L 1248 31.32 63.81 7.33
CA GLY L 1248 31.46 62.36 7.32
C GLY L 1248 30.34 61.69 8.10
N SER L 1249 30.38 60.37 8.09
CA SER L 1249 29.38 59.54 8.73
C SER L 1249 30.04 58.67 9.78
N GLY L 1250 29.29 58.35 10.83
CA GLY L 1250 29.72 57.33 11.75
C GLY L 1250 29.75 55.94 11.15
N MET L 1251 28.80 55.64 10.26
CA MET L 1251 28.63 54.30 9.71
C MET L 1251 28.52 54.27 8.20
N GLY L 1252 28.05 55.34 7.56
CA GLY L 1252 28.01 55.42 6.11
C GLY L 1252 26.84 54.71 5.47
N GLY L 1253 27.06 54.15 4.28
CA GLY L 1253 26.01 53.51 3.51
C GLY L 1253 25.64 52.16 4.07
N VAL L 1254 24.95 52.16 5.22
CA VAL L 1254 24.58 50.90 5.87
C VAL L 1254 23.61 50.12 5.01
N SER L 1255 22.82 50.80 4.18
CA SER L 1255 21.98 50.08 3.23
C SER L 1255 22.83 49.31 2.24
N ALA L 1256 23.92 49.91 1.77
CA ALA L 1256 24.82 49.20 0.85
C ALA L 1256 25.58 48.09 1.56
N LEU L 1257 25.92 48.30 2.84
CA LEU L 1257 26.53 47.23 3.62
C LEU L 1257 25.58 46.06 3.77
N ARG L 1258 24.31 46.33 4.05
CA ARG L 1258 23.31 45.27 4.08
C ARG L 1258 23.21 44.58 2.74
N GLY L 1259 23.20 45.36 1.65
CA GLY L 1259 23.28 44.77 0.33
C GLY L 1259 24.39 43.74 0.22
N MET L 1260 25.63 44.19 0.38
CA MET L 1260 26.78 43.33 0.16
C MET L 1260 26.84 42.14 1.11
N PHE L 1261 26.40 42.31 2.37
CA PHE L 1261 26.57 41.27 3.37
C PHE L 1261 25.39 40.31 3.46
N LYS L 1262 24.18 40.74 3.09
CA LYS L 1262 22.98 39.93 3.23
C LYS L 1262 22.30 39.67 1.90
N ASP L 1263 22.06 40.69 1.08
CA ASP L 1263 21.30 40.47 -0.14
C ASP L 1263 22.14 39.73 -1.17
N ARG L 1264 23.44 40.02 -1.21
CA ARG L 1264 24.34 39.24 -2.04
C ARG L 1264 24.41 37.80 -1.54
N PHE L 1265 24.47 37.62 -0.22
CA PHE L 1265 24.45 36.28 0.35
C PHE L 1265 23.18 35.52 -0.04
N LYS L 1266 22.07 36.22 -0.10
CA LYS L 1266 20.80 35.65 -0.53
C LYS L 1266 20.65 35.61 -2.04
N ASP L 1267 21.64 36.10 -2.79
CA ASP L 1267 21.63 36.12 -4.24
C ASP L 1267 20.50 36.99 -4.80
N GLU L 1268 20.06 37.98 -4.04
CA GLU L 1268 19.10 38.94 -4.53
C GLU L 1268 19.78 39.91 -5.48
N PRO L 1269 19.01 40.57 -6.35
CA PRO L 1269 19.63 41.56 -7.24
C PRO L 1269 20.24 42.73 -6.49
N VAL L 1270 21.57 42.84 -6.53
CA VAL L 1270 22.30 43.93 -5.90
C VAL L 1270 23.23 44.52 -6.95
N GLN L 1271 23.31 45.84 -7.00
CA GLN L 1271 24.16 46.49 -7.98
C GLN L 1271 25.62 46.12 -7.76
N ASN L 1272 26.36 46.02 -8.86
CA ASN L 1272 27.76 45.58 -8.79
C ASN L 1272 28.62 46.57 -8.01
N ASP L 1273 28.27 47.85 -8.01
CA ASP L 1273 29.02 48.88 -7.29
C ASP L 1273 28.37 49.27 -5.97
N ILE L 1274 27.69 48.33 -5.31
CA ILE L 1274 27.18 48.59 -3.98
C ILE L 1274 28.31 48.83 -2.98
N LEU L 1275 29.50 48.30 -3.27
CA LEU L 1275 30.64 48.49 -2.39
C LEU L 1275 30.99 49.97 -2.25
N GLN L 1276 31.20 50.65 -3.38
CA GLN L 1276 31.51 52.07 -3.29
C GLN L 1276 30.35 52.87 -2.72
N GLU L 1277 29.13 52.35 -2.81
CA GLU L 1277 28.01 53.08 -2.24
C GLU L 1277 27.96 52.91 -0.74
N SER L 1278 28.65 51.90 -0.20
CA SER L 1278 28.73 51.72 1.24
C SER L 1278 29.77 52.61 1.93
N PHE L 1279 30.78 53.12 1.21
CA PHE L 1279 31.86 53.84 1.89
C PHE L 1279 31.34 55.12 2.56
N ILE L 1280 32.00 55.49 3.65
CA ILE L 1280 31.60 56.69 4.40
C ILE L 1280 31.94 57.95 3.60
N ASN L 1281 33.00 57.90 2.81
CA ASN L 1281 33.38 59.05 1.99
C ASN L 1281 32.61 59.12 0.67
N THR L 1282 31.78 58.12 0.37
CA THR L 1282 31.06 58.11 -0.90
C THR L 1282 30.06 59.27 -0.96
N MET L 1283 29.42 59.60 0.16
CA MET L 1283 28.46 60.70 0.17
C MET L 1283 29.14 62.03 -0.13
N SER L 1284 30.30 62.26 0.46
CA SER L 1284 31.05 63.48 0.15
C SER L 1284 31.48 63.49 -1.31
N ALA L 1285 31.89 62.31 -1.82
CA ALA L 1285 32.26 62.21 -3.23
C ALA L 1285 31.08 62.56 -4.13
N TRP L 1286 29.90 62.04 -3.82
CA TRP L 1286 28.71 62.33 -4.62
C TRP L 1286 28.33 63.79 -4.52
N VAL L 1287 28.48 64.38 -3.35
CA VAL L 1287 28.26 65.82 -3.19
C VAL L 1287 29.17 66.58 -4.12
N ASN L 1288 30.47 66.26 -4.09
CA ASN L 1288 31.43 67.00 -4.89
C ASN L 1288 31.20 66.80 -6.38
N MET L 1289 30.83 65.59 -6.80
CA MET L 1289 30.71 65.29 -8.21
C MET L 1289 29.27 65.32 -8.71
N LEU L 1290 28.36 65.88 -7.91
CA LEU L 1290 27.05 66.30 -8.39
C LEU L 1290 26.81 67.79 -8.24
N LEU L 1291 27.52 68.46 -7.33
CA LEU L 1291 27.26 69.87 -7.05
C LEU L 1291 28.50 70.75 -7.07
N ILE L 1292 29.65 70.28 -6.57
CA ILE L 1292 30.72 71.20 -6.20
C ILE L 1292 31.78 71.29 -7.30
N SER L 1293 32.24 70.15 -7.83
CA SER L 1293 33.35 70.09 -8.81
C SER L 1293 34.68 70.54 -8.21
N SER L 1294 34.75 70.68 -6.89
CA SER L 1294 35.96 71.19 -6.27
C SER L 1294 37.07 70.17 -6.36
N SER L 1295 38.29 70.69 -6.41
CA SER L 1295 39.49 69.88 -6.22
C SER L 1295 40.12 70.18 -4.87
N GLY L 1296 39.28 70.58 -3.90
CA GLY L 1296 39.76 70.98 -2.60
C GLY L 1296 39.83 69.82 -1.65
N PRO L 1297 40.35 70.10 -0.46
CA PRO L 1297 40.63 69.01 0.49
C PRO L 1297 39.38 68.23 0.84
N ILE L 1298 39.54 66.92 0.94
CA ILE L 1298 38.45 66.01 1.24
C ILE L 1298 38.91 65.13 2.39
N LYS L 1299 38.31 65.34 3.56
CA LYS L 1299 38.74 64.70 4.80
C LYS L 1299 37.50 64.20 5.51
N THR L 1300 37.15 62.94 5.29
CA THR L 1300 35.90 62.38 5.79
C THR L 1300 36.11 61.76 7.16
N PRO L 1301 35.60 62.33 8.26
CA PRO L 1301 35.82 61.74 9.57
C PRO L 1301 34.75 60.72 9.96
N VAL L 1302 35.16 59.81 10.84
CA VAL L 1302 34.27 58.89 11.55
C VAL L 1302 34.43 59.19 13.02
N GLY L 1303 33.33 59.41 13.72
CA GLY L 1303 33.39 59.70 15.14
C GLY L 1303 32.24 59.11 15.90
N ALA L 1304 31.54 58.16 15.28
CA ALA L 1304 30.28 57.63 15.81
C ALA L 1304 29.36 58.84 16.00
N ALA L 1305 28.94 59.16 17.22
CA ALA L 1305 28.02 60.27 17.42
C ALA L 1305 28.71 61.63 17.43
N ALA L 1306 30.03 61.67 17.51
CA ALA L 1306 30.78 62.93 17.52
C ALA L 1306 31.37 63.27 16.17
N THR L 1307 30.94 62.61 15.10
CA THR L 1307 31.59 62.78 13.80
C THR L 1307 31.37 64.18 13.25
N SER L 1308 30.26 64.82 13.63
CA SER L 1308 29.98 66.15 13.11
C SER L 1308 30.85 67.22 13.76
N VAL L 1309 31.11 67.08 15.06
CA VAL L 1309 32.06 67.96 15.72
C VAL L 1309 33.47 67.68 15.23
N GLU L 1310 33.78 66.41 15.01
CA GLU L 1310 35.00 66.03 14.29
C GLU L 1310 35.11 66.78 12.97
N SER L 1311 34.02 66.79 12.21
CA SER L 1311 34.01 67.43 10.90
C SER L 1311 34.22 68.93 11.02
N VAL L 1312 33.55 69.57 11.98
CA VAL L 1312 33.71 71.00 12.16
C VAL L 1312 35.15 71.33 12.54
N ASP L 1313 35.74 70.53 13.43
CA ASP L 1313 37.11 70.77 13.86
C ASP L 1313 38.10 70.57 12.70
N ILE L 1314 37.89 69.51 11.91
CA ILE L 1314 38.76 69.25 10.76
C ILE L 1314 38.60 70.36 9.73
N GLY L 1315 37.37 70.82 9.51
CA GLY L 1315 37.16 71.91 8.56
C GLY L 1315 37.80 73.21 9.02
N VAL L 1316 37.72 73.47 10.33
CA VAL L 1316 38.37 74.64 10.90
C VAL L 1316 39.87 74.56 10.66
N GLU L 1317 40.45 73.38 10.91
CA GLU L 1317 41.89 73.22 10.68
C GLU L 1317 42.24 73.37 9.22
N THR L 1318 41.39 72.86 8.32
CA THR L 1318 41.65 72.99 6.89
C THR L 1318 41.67 74.46 6.49
N ILE L 1319 40.68 75.24 6.93
CA ILE L 1319 40.64 76.65 6.55
C ILE L 1319 41.79 77.41 7.20
N LEU L 1320 42.08 77.15 8.47
CA LEU L 1320 43.18 77.84 9.13
C LEU L 1320 44.53 77.51 8.50
N SER L 1321 44.75 76.26 8.09
CA SER L 1321 45.94 75.91 7.33
C SER L 1321 45.94 76.50 5.94
N GLY L 1322 44.79 76.91 5.43
CA GLY L 1322 44.71 77.58 4.15
C GLY L 1322 44.60 76.65 2.97
N LYS L 1323 44.52 75.34 3.20
CA LYS L 1323 44.34 74.41 2.10
C LYS L 1323 42.94 74.50 1.52
N ALA L 1324 42.00 75.04 2.30
CA ALA L 1324 40.71 75.45 1.79
C ALA L 1324 40.42 76.84 2.34
N ARG L 1325 39.54 77.55 1.63
CA ARG L 1325 38.91 78.74 2.18
C ARG L 1325 37.45 78.51 2.53
N ILE L 1326 36.82 77.52 1.88
CA ILE L 1326 35.44 77.13 2.14
C ILE L 1326 35.44 75.64 2.43
N CYS L 1327 34.59 75.23 3.36
CA CYS L 1327 34.51 73.84 3.79
C CYS L 1327 33.07 73.45 4.05
N ILE L 1328 32.71 72.26 3.55
CA ILE L 1328 31.44 71.63 3.85
C ILE L 1328 31.67 70.65 4.99
N VAL L 1329 31.14 70.99 6.16
CA VAL L 1329 31.27 70.17 7.36
C VAL L 1329 29.89 69.66 7.73
N GLY L 1330 29.85 68.75 8.68
CA GLY L 1330 28.62 68.19 9.18
C GLY L 1330 28.69 66.69 9.18
N GLY L 1331 27.54 66.07 9.39
CA GLY L 1331 27.52 64.64 9.52
C GLY L 1331 26.18 64.04 9.15
N TYR L 1332 26.19 62.73 8.99
CA TYR L 1332 25.06 62.02 8.41
C TYR L 1332 25.09 60.56 8.81
N ASP L 1333 23.90 59.99 8.97
CA ASP L 1333 23.76 58.57 9.24
C ASP L 1333 22.35 58.13 8.88
N ASP L 1334 22.20 56.83 8.72
CA ASP L 1334 20.93 56.22 8.34
C ASP L 1334 20.51 55.24 9.41
N PHE L 1335 19.21 55.06 9.53
CA PHE L 1335 18.62 54.07 10.43
C PHE L 1335 18.30 52.82 9.63
N GLN L 1336 18.80 51.69 10.09
CA GLN L 1336 18.55 50.43 9.42
C GLN L 1336 18.34 49.33 10.45
N GLU L 1337 17.80 48.21 9.96
CA GLU L 1337 17.47 47.07 10.80
C GLU L 1337 18.66 46.61 11.62
N GLU L 1338 19.81 46.43 10.98
CA GLU L 1338 20.94 45.80 11.66
C GLU L 1338 21.58 46.74 12.68
N GLY L 1339 21.78 47.99 12.31
CA GLY L 1339 22.28 48.95 13.28
C GLY L 1339 21.37 49.09 14.49
N SER L 1340 20.06 49.15 14.23
CA SER L 1340 19.10 49.17 15.33
C SER L 1340 19.24 47.94 16.21
N PHE L 1341 19.35 46.76 15.59
CA PHE L 1341 19.40 45.53 16.36
C PHE L 1341 20.65 45.47 17.22
N GLU L 1342 21.77 45.95 16.70
CA GLU L 1342 23.00 45.83 17.46
C GLU L 1342 23.09 46.89 18.55
N PHE L 1343 22.51 48.06 18.32
CA PHE L 1343 22.37 49.01 19.43
C PHE L 1343 21.48 48.43 20.51
N GLY L 1344 20.41 47.74 20.12
CA GLY L 1344 19.61 47.03 21.09
C GLY L 1344 20.40 45.96 21.82
N ASN L 1345 21.32 45.31 21.11
CA ASN L 1345 22.15 44.28 21.75
C ASN L 1345 23.07 44.86 22.80
N MET L 1346 23.67 46.04 22.56
CA MET L 1346 24.38 46.73 23.63
C MET L 1346 23.46 47.34 24.66
N LYS L 1347 22.15 47.41 24.38
CA LYS L 1347 21.20 48.07 25.27
C LYS L 1347 21.47 49.56 25.35
N ALA L 1348 22.09 50.12 24.30
CA ALA L 1348 22.32 51.56 24.26
C ALA L 1348 21.04 52.30 23.94
N THR L 1349 20.16 51.70 23.15
CA THR L 1349 18.87 52.28 22.86
C THR L 1349 17.88 51.96 23.97
N SER L 1350 16.77 52.70 23.99
CA SER L 1350 15.73 52.45 24.96
C SER L 1350 14.85 51.29 24.51
N ASN L 1351 14.50 50.44 25.45
CA ASN L 1351 13.62 49.31 25.18
C ASN L 1351 12.19 49.81 25.06
N THR L 1352 11.61 49.67 23.87
CA THR L 1352 10.28 50.19 23.61
C THR L 1352 9.22 49.45 24.44
N LEU L 1353 9.41 48.15 24.66
CA LEU L 1353 8.44 47.43 25.47
C LEU L 1353 8.47 47.90 26.92
N GLU L 1354 9.67 48.20 27.44
CA GLU L 1354 9.76 48.79 28.78
C GLU L 1354 9.11 50.16 28.81
N GLU L 1355 9.30 50.97 27.76
CA GLU L 1355 8.66 52.28 27.69
C GLU L 1355 7.15 52.15 27.69
N PHE L 1356 6.61 51.20 26.93
CA PHE L 1356 5.17 50.98 26.93
C PHE L 1356 4.68 50.51 28.29
N GLU L 1357 5.47 49.66 28.96
CA GLU L 1357 5.13 49.27 30.33
C GLU L 1357 5.04 50.48 31.23
N HIS L 1358 5.92 51.45 31.04
CA HIS L 1358 5.91 52.68 31.81
C HIS L 1358 4.93 53.71 31.27
N GLY L 1359 4.21 53.40 30.19
CA GLY L 1359 3.19 54.29 29.68
C GLY L 1359 3.74 55.42 28.84
N ARG L 1360 4.95 55.27 28.33
CA ARG L 1360 5.65 56.32 27.59
C ARG L 1360 5.32 56.16 26.11
N THR L 1361 4.93 57.26 25.47
CA THR L 1361 4.66 57.23 24.05
C THR L 1361 5.94 57.51 23.26
N PRO L 1362 5.94 57.18 21.96
CA PRO L 1362 7.09 57.55 21.11
C PRO L 1362 7.52 58.99 21.22
N ALA L 1363 6.56 59.91 21.43
CA ALA L 1363 6.91 61.32 21.50
C ALA L 1363 7.70 61.64 22.76
N GLU L 1364 7.71 60.74 23.74
CA GLU L 1364 8.40 60.97 25.01
C GLU L 1364 9.38 59.87 25.37
N MET L 1365 9.72 58.96 24.45
CA MET L 1365 10.78 58.00 24.75
C MET L 1365 12.11 58.70 25.01
N SER L 1366 12.44 59.72 24.22
CA SER L 1366 13.70 60.43 24.33
C SER L 1366 13.53 61.56 25.35
N ARG L 1367 14.06 61.36 26.55
CA ARG L 1367 13.91 62.29 27.66
C ARG L 1367 15.27 62.50 28.32
N PRO L 1368 16.14 63.31 27.70
CA PRO L 1368 17.47 63.54 28.28
C PRO L 1368 17.40 64.18 29.66
N ALA L 1369 18.37 63.80 30.50
CA ALA L 1369 18.60 64.43 31.80
C ALA L 1369 17.42 64.22 32.74
N THR L 1370 16.74 63.09 32.59
CA THR L 1370 15.59 62.74 33.40
C THR L 1370 15.92 61.52 34.24
N THR L 1371 15.25 61.41 35.38
CA THR L 1371 15.47 60.28 36.28
C THR L 1371 15.17 58.94 35.62
N THR L 1372 14.29 58.91 34.63
CA THR L 1372 13.78 57.66 34.06
C THR L 1372 14.35 57.34 32.69
N ARG L 1373 15.30 58.13 32.19
CA ARG L 1373 15.90 57.86 30.89
C ARG L 1373 16.63 56.51 30.92
N ASN L 1374 16.37 55.68 29.91
CA ASN L 1374 16.87 54.30 29.89
C ASN L 1374 17.34 53.91 28.49
N GLY L 1375 18.01 54.82 27.80
CA GLY L 1375 18.58 54.53 26.50
C GLY L 1375 18.24 55.62 25.50
N PHE L 1376 19.05 55.70 24.46
CA PHE L 1376 18.89 56.75 23.47
C PHE L 1376 17.89 56.33 22.40
N MET L 1377 17.30 57.33 21.76
CA MET L 1377 16.30 57.12 20.72
C MET L 1377 17.02 57.23 19.39
N GLU L 1378 17.09 56.13 18.67
CA GLU L 1378 17.79 56.10 17.40
C GLU L 1378 17.04 56.90 16.35
N ALA L 1379 17.78 57.63 15.51
CA ALA L 1379 17.19 58.45 14.47
C ALA L 1379 18.05 58.34 13.22
N GLN L 1380 17.74 59.15 12.22
CA GLN L 1380 18.45 59.14 10.96
C GLN L 1380 18.36 60.52 10.32
N GLY L 1381 19.26 60.75 9.38
CA GLY L 1381 19.25 61.98 8.61
C GLY L 1381 20.65 62.54 8.50
N ALA L 1382 20.69 63.80 8.07
CA ALA L 1382 21.95 64.48 7.78
C ALA L 1382 21.86 65.92 8.24
N GLY L 1383 23.02 66.51 8.48
CA GLY L 1383 23.16 67.89 8.81
C GLY L 1383 24.42 68.41 8.18
N ILE L 1384 24.35 69.55 7.51
CA ILE L 1384 25.45 70.11 6.77
C ILE L 1384 25.58 71.58 7.12
N GLN L 1385 26.82 72.05 7.19
CA GLN L 1385 27.13 73.45 7.39
C GLN L 1385 28.18 73.86 6.37
N ILE L 1386 27.97 75.00 5.75
CA ILE L 1386 28.97 75.67 4.93
C ILE L 1386 29.69 76.64 5.85
N ILE L 1387 30.93 76.32 6.19
CA ILE L 1387 31.81 77.20 6.95
C ILE L 1387 32.86 77.74 6.00
N MET L 1388 33.41 78.91 6.32
CA MET L 1388 34.49 79.47 5.54
C MET L 1388 35.07 80.65 6.30
N GLN L 1389 36.09 81.27 5.73
CA GLN L 1389 36.76 82.41 6.35
C GLN L 1389 35.79 83.58 6.50
N ALA L 1390 35.98 84.34 7.58
CA ALA L 1390 35.19 85.56 7.77
C ALA L 1390 35.47 86.58 6.68
N ASP L 1391 36.74 86.76 6.33
CA ASP L 1391 37.10 87.68 5.25
C ASP L 1391 36.39 87.31 3.96
N LEU L 1392 36.44 86.04 3.58
CA LEU L 1392 35.83 85.63 2.32
C LEU L 1392 34.31 85.66 2.41
N ALA L 1393 33.76 85.36 3.60
CA ALA L 1393 32.31 85.42 3.75
C ALA L 1393 31.81 86.84 3.54
N LEU L 1394 32.50 87.81 4.13
CA LEU L 1394 32.17 89.21 3.87
C LEU L 1394 32.36 89.55 2.40
N LYS L 1395 33.43 89.05 1.79
CA LYS L 1395 33.74 89.42 0.41
C LYS L 1395 32.67 88.88 -0.55
N MET L 1396 32.21 87.64 -0.32
CA MET L 1396 31.09 87.10 -1.08
C MET L 1396 29.75 87.70 -0.71
N GLY L 1397 29.64 88.35 0.45
CA GLY L 1397 28.37 88.92 0.83
C GLY L 1397 27.36 87.87 1.20
N VAL L 1398 27.78 86.92 2.03
CA VAL L 1398 26.98 85.78 2.43
C VAL L 1398 26.46 86.00 3.85
N PRO L 1399 25.36 85.37 4.25
CA PRO L 1399 24.95 85.44 5.65
C PRO L 1399 25.95 84.73 6.53
N ILE L 1400 26.08 85.23 7.76
CA ILE L 1400 26.92 84.62 8.77
C ILE L 1400 26.01 84.34 9.96
N TYR L 1401 25.77 83.06 10.24
CA TYR L 1401 24.91 82.64 11.33
C TYR L 1401 25.64 82.49 12.65
N GLY L 1402 26.95 82.32 12.62
CA GLY L 1402 27.71 82.17 13.85
C GLY L 1402 29.17 82.01 13.52
N ILE L 1403 29.99 82.24 14.55
CA ILE L 1403 31.44 82.18 14.45
C ILE L 1403 31.91 80.93 15.17
N VAL L 1404 32.59 80.04 14.45
CA VAL L 1404 33.11 78.81 15.07
C VAL L 1404 34.37 79.22 15.81
N ALA L 1405 34.19 79.59 17.08
CA ALA L 1405 35.30 80.15 17.85
C ALA L 1405 36.30 79.08 18.23
N MET L 1406 35.84 77.86 18.48
CA MET L 1406 36.72 76.76 18.84
C MET L 1406 36.04 75.47 18.41
N ALA L 1407 36.85 74.48 18.05
CA ALA L 1407 36.34 73.15 17.70
C ALA L 1407 37.46 72.17 18.01
N ALA L 1408 37.21 71.26 18.95
CA ALA L 1408 38.24 70.37 19.46
C ALA L 1408 37.65 68.98 19.64
N THR L 1409 38.54 67.99 19.57
CA THR L 1409 38.20 66.60 19.81
C THR L 1409 39.18 66.03 20.83
N ALA L 1410 38.77 64.95 21.47
CA ALA L 1410 39.57 64.38 22.55
C ALA L 1410 39.18 62.92 22.75
N THR L 1411 40.12 62.16 23.30
CA THR L 1411 39.89 60.81 23.78
C THR L 1411 39.82 60.85 25.31
N ASP L 1412 39.39 59.75 25.92
CA ASP L 1412 39.15 59.80 27.35
C ASP L 1412 40.34 59.31 28.16
N LYS L 1413 40.59 58.00 28.13
CA LYS L 1413 41.61 57.40 28.98
C LYS L 1413 41.63 55.91 28.67
N ILE L 1414 42.48 55.19 29.41
CA ILE L 1414 42.61 53.75 29.23
C ILE L 1414 41.49 53.03 29.97
N GLY L 1415 40.86 52.09 29.29
CA GLY L 1415 39.73 51.35 29.81
C GLY L 1415 39.32 50.30 28.80
N ARG L 1416 38.39 49.45 29.20
CA ARG L 1416 37.96 48.33 28.37
C ARG L 1416 36.51 48.44 27.92
N SER L 1417 35.92 49.64 27.90
CA SER L 1417 34.54 49.84 27.49
C SER L 1417 34.50 50.88 26.38
N VAL L 1418 34.19 50.43 25.17
CA VAL L 1418 34.17 51.35 24.02
C VAL L 1418 33.10 52.41 24.17
N PRO L 1419 31.82 52.09 24.40
CA PRO L 1419 30.79 53.13 24.40
C PRO L 1419 30.71 53.94 25.67
N ALA L 1420 31.53 53.66 26.68
CA ALA L 1420 31.43 54.39 27.94
C ALA L 1420 31.95 55.79 27.73
N PRO L 1421 31.13 56.82 27.93
CA PRO L 1421 31.63 58.27 27.92
C PRO L 1421 32.83 58.56 28.82
N GLY L 1422 33.35 59.79 28.66
CA GLY L 1422 34.47 60.26 29.48
C GLY L 1422 34.72 61.76 29.44
N LYS L 1423 35.52 62.24 30.38
CA LYS L 1423 35.80 63.66 30.56
C LYS L 1423 36.95 64.14 29.67
N GLY L 1424 37.26 63.40 28.60
CA GLY L 1424 38.41 63.72 27.80
C GLY L 1424 38.34 65.13 27.22
N ILE L 1425 37.13 65.55 26.83
CA ILE L 1425 36.95 66.87 26.25
C ILE L 1425 37.13 67.97 27.28
N LEU L 1426 37.21 67.62 28.57
CA LEU L 1426 37.46 68.60 29.61
C LEU L 1426 38.77 69.35 29.41
N THR L 1427 39.71 68.79 28.63
CA THR L 1427 40.96 69.47 28.33
C THR L 1427 40.76 70.79 27.60
N THR L 1428 39.64 70.96 26.89
CA THR L 1428 39.38 72.23 26.22
C THR L 1428 39.25 73.39 27.21
N ALA L 1429 38.99 73.10 28.49
CA ALA L 1429 39.01 74.09 29.54
C ALA L 1429 40.27 73.99 30.40
N ARG L 1430 41.37 73.51 29.84
CA ARG L 1430 42.58 73.32 30.62
C ARG L 1430 43.28 74.65 30.85
N GLU L 1431 43.51 74.98 32.10
CA GLU L 1431 44.09 76.26 32.47
C GLU L 1431 44.94 76.05 33.72
N HIS L 1432 45.99 76.85 33.83
CA HIS L 1432 46.94 76.75 34.92
C HIS L 1432 46.71 77.91 35.88
N HIS L 1433 46.63 77.59 37.18
CA HIS L 1433 46.26 78.56 38.20
C HIS L 1433 47.23 78.53 39.38
N SER L 1434 48.52 78.29 39.11
CA SER L 1434 49.50 78.29 40.18
C SER L 1434 49.83 79.70 40.62
N SER L 1435 49.84 80.66 39.70
CA SER L 1435 50.14 82.06 39.96
C SER L 1435 49.14 82.91 39.19
N VAL L 1436 48.03 83.26 39.84
CA VAL L 1436 47.01 84.11 39.23
C VAL L 1436 46.72 85.30 40.14
N LYS L 1437 47.73 85.71 40.92
CA LYS L 1437 47.55 86.85 41.82
C LYS L 1437 47.29 88.13 41.04
N TYR L 1438 47.72 88.20 39.79
CA TYR L 1438 47.55 89.37 38.94
C TYR L 1438 47.04 88.96 37.58
N ALA L 1439 46.29 89.85 36.93
CA ALA L 1439 45.72 89.54 35.64
C ALA L 1439 46.79 89.53 34.56
N SER L 1440 46.60 88.66 33.58
CA SER L 1440 47.46 88.64 32.41
C SER L 1440 47.25 89.91 31.58
N PRO L 1441 48.32 90.64 31.23
CA PRO L 1441 48.14 91.68 30.20
C PRO L 1441 47.68 91.13 28.87
N ASN L 1442 47.97 89.86 28.59
CA ASN L 1442 47.63 89.28 27.29
C ASN L 1442 46.12 89.10 27.14
N LEU L 1443 45.41 88.88 28.25
CA LEU L 1443 43.95 88.81 28.19
C LEU L 1443 43.29 90.16 28.02
N ASN L 1444 44.02 91.25 28.26
CA ASN L 1444 43.49 92.59 28.06
C ASN L 1444 43.55 92.95 26.57
N MET L 1445 42.42 93.41 26.02
CA MET L 1445 42.35 93.67 24.60
C MET L 1445 43.10 94.95 24.22
N LYS L 1446 43.10 95.96 25.10
CA LYS L 1446 43.83 97.19 24.81
C LYS L 1446 45.32 96.92 24.67
N TYR L 1447 45.86 96.05 25.51
CA TYR L 1447 47.27 95.68 25.38
C TYR L 1447 47.54 95.04 24.02
N ARG L 1448 46.69 94.12 23.60
CA ARG L 1448 46.89 93.44 22.33
C ARG L 1448 46.76 94.41 21.17
N LYS L 1449 45.83 95.37 21.27
CA LYS L 1449 45.71 96.37 20.21
C LYS L 1449 46.92 97.29 20.18
N ARG L 1450 47.49 97.62 21.35
CA ARG L 1450 48.71 98.41 21.38
C ARG L 1450 49.85 97.66 20.68
N GLN L 1451 49.98 96.36 20.96
CA GLN L 1451 51.00 95.58 20.28
C GLN L 1451 50.74 95.51 18.78
N LEU L 1452 49.48 95.39 18.39
CA LEU L 1452 49.14 95.34 16.98
C LEU L 1452 49.53 96.63 16.26
N VAL L 1453 49.25 97.79 16.87
CA VAL L 1453 49.59 99.04 16.21
C VAL L 1453 51.10 99.22 16.16
N THR L 1454 51.83 98.78 17.19
CA THR L 1454 53.29 98.86 17.11
C THR L 1454 53.81 97.98 15.98
N ARG L 1455 53.25 96.78 15.83
CA ARG L 1455 53.67 95.90 14.74
C ARG L 1455 53.29 96.51 13.39
N GLU L 1456 52.17 97.21 13.32
CA GLU L 1456 51.79 97.88 12.07
C GLU L 1456 52.78 98.98 11.71
N ALA L 1457 53.21 99.75 12.72
CA ALA L 1457 54.23 100.76 12.46
C ALA L 1457 55.51 100.12 11.95
N GLN L 1458 55.94 99.03 12.59
CA GLN L 1458 57.14 98.35 12.13
C GLN L 1458 56.96 97.79 10.71
N ILE L 1459 55.76 97.30 10.40
CA ILE L 1459 55.51 96.73 9.09
C ILE L 1459 55.57 97.80 8.01
N LYS L 1460 55.00 98.98 8.27
CA LYS L 1460 55.06 100.04 7.27
C LYS L 1460 56.47 100.58 7.12
N ASP L 1461 57.24 100.63 8.22
CA ASP L 1461 58.66 100.98 8.10
C ASP L 1461 59.39 99.98 7.21
N TRP L 1462 59.15 98.69 7.43
CA TRP L 1462 59.78 97.67 6.62
C TRP L 1462 59.35 97.80 5.15
N VAL L 1463 58.09 98.14 4.92
CA VAL L 1463 57.58 98.25 3.56
C VAL L 1463 58.25 99.43 2.83
N GLU L 1464 58.38 100.57 3.50
CA GLU L 1464 59.04 101.70 2.84
C GLU L 1464 60.53 101.43 2.64
N ASN L 1465 61.17 100.72 3.58
CA ASN L 1465 62.58 100.36 3.39
C ASN L 1465 62.74 99.45 2.18
N GLU L 1466 61.88 98.44 2.06
CA GLU L 1466 61.96 97.56 0.91
C GLU L 1466 61.57 98.27 -0.37
N LEU L 1467 60.70 99.28 -0.28
CA LEU L 1467 60.34 100.05 -1.46
C LEU L 1467 61.52 100.88 -1.98
N GLU L 1468 62.24 101.54 -1.08
CA GLU L 1468 63.42 102.28 -1.55
C GLU L 1468 64.50 101.33 -2.04
N ALA L 1469 64.63 100.15 -1.43
CA ALA L 1469 65.56 99.15 -1.96
C ALA L 1469 65.17 98.73 -3.37
N LEU L 1470 63.88 98.50 -3.61
CA LEU L 1470 63.41 98.15 -4.94
C LEU L 1470 63.62 99.30 -5.91
N LYS L 1471 63.48 100.54 -5.43
CA LYS L 1471 63.75 101.69 -6.29
C LYS L 1471 65.22 101.72 -6.71
N LEU L 1472 66.13 101.43 -5.78
CA LEU L 1472 67.55 101.38 -6.14
C LEU L 1472 67.81 100.25 -7.14
N GLU L 1473 67.17 99.10 -6.94
CA GLU L 1473 67.34 97.99 -7.87
C GLU L 1473 66.80 98.36 -9.26
N ALA L 1474 65.68 99.09 -9.31
CA ALA L 1474 65.11 99.51 -10.58
C ALA L 1474 66.00 100.56 -11.26
N GLU L 1475 66.66 101.39 -10.46
CA GLU L 1475 67.64 102.30 -11.05
C GLU L 1475 68.81 101.54 -11.64
N GLU L 1476 69.26 100.49 -10.95
CA GLU L 1476 70.40 99.71 -11.45
C GLU L 1476 70.03 98.94 -12.72
N ILE L 1477 68.87 98.30 -12.74
CA ILE L 1477 68.46 97.45 -13.85
C ILE L 1477 68.21 98.32 -15.08
N PRO L 1478 68.42 97.82 -16.31
CA PRO L 1478 68.12 98.65 -17.48
C PRO L 1478 66.64 99.02 -17.56
N SER L 1479 66.38 100.18 -18.16
CA SER L 1479 65.02 100.71 -18.23
C SER L 1479 64.16 100.00 -19.26
N GLU L 1480 64.73 99.09 -20.06
CA GLU L 1480 63.94 98.45 -21.12
C GLU L 1480 62.80 97.63 -20.55
N ASP L 1481 63.10 96.73 -19.61
CA ASP L 1481 62.10 95.85 -19.00
C ASP L 1481 61.77 96.30 -17.57
N GLN L 1482 61.78 97.61 -17.33
CA GLN L 1482 61.60 98.11 -15.98
C GLN L 1482 60.16 97.92 -15.50
N ASN L 1483 59.19 98.09 -16.41
CA ASN L 1483 57.79 98.04 -16.02
C ASN L 1483 57.42 96.66 -15.48
N GLU L 1484 57.81 95.60 -16.21
CA GLU L 1484 57.47 94.25 -15.78
C GLU L 1484 58.13 93.90 -14.46
N PHE L 1485 59.41 94.27 -14.31
CA PHE L 1485 60.12 94.03 -13.06
C PHE L 1485 59.45 94.74 -11.91
N LEU L 1486 59.09 96.01 -12.11
CA LEU L 1486 58.45 96.80 -11.06
C LEU L 1486 57.11 96.20 -10.68
N LEU L 1487 56.32 95.77 -11.66
CA LEU L 1487 55.02 95.19 -11.35
C LEU L 1487 55.17 93.89 -10.57
N GLU L 1488 56.10 93.02 -11.00
CA GLU L 1488 56.33 91.78 -10.27
C GLU L 1488 56.74 92.05 -8.83
N ARG L 1489 57.69 92.97 -8.65
CA ARG L 1489 58.21 93.23 -7.30
C ARG L 1489 57.18 93.96 -6.45
N THR L 1490 56.33 94.77 -7.06
CA THR L 1490 55.28 95.45 -6.32
C THR L 1490 54.23 94.45 -5.83
N ARG L 1491 53.84 93.51 -6.69
CA ARG L 1491 52.93 92.46 -6.23
C ARG L 1491 53.58 91.64 -5.12
N GLU L 1492 54.89 91.35 -5.26
CA GLU L 1492 55.60 90.60 -4.23
C GLU L 1492 55.61 91.35 -2.90
N ILE L 1493 55.94 92.65 -2.94
CA ILE L 1493 56.05 93.43 -1.70
C ILE L 1493 54.67 93.61 -1.07
N HIS L 1494 53.63 93.78 -1.90
CA HIS L 1494 52.28 93.88 -1.36
C HIS L 1494 51.89 92.60 -0.66
N ASN L 1495 52.18 91.45 -1.28
CA ASN L 1495 51.87 90.17 -0.66
C ASN L 1495 52.64 89.99 0.64
N GLU L 1496 53.90 90.40 0.66
CA GLU L 1496 54.70 90.27 1.88
C GLU L 1496 54.15 91.15 3.00
N ALA L 1497 53.79 92.39 2.68
CA ALA L 1497 53.24 93.29 3.68
C ALA L 1497 51.91 92.76 4.21
N GLU L 1498 51.07 92.25 3.31
CA GLU L 1498 49.80 91.68 3.73
C GLU L 1498 50.00 90.48 4.64
N SER L 1499 50.95 89.61 4.29
CA SER L 1499 51.23 88.44 5.10
C SER L 1499 51.74 88.84 6.48
N GLN L 1500 52.59 89.87 6.54
CA GLN L 1500 53.09 90.33 7.83
C GLN L 1500 52.00 90.93 8.70
N LEU L 1501 51.11 91.73 8.09
CA LEU L 1501 50.00 92.29 8.85
C LEU L 1501 49.09 91.19 9.36
N ARG L 1502 48.80 90.20 8.51
CA ARG L 1502 47.94 89.10 8.92
C ARG L 1502 48.61 88.26 10.00
N ALA L 1503 49.94 88.16 9.95
CA ALA L 1503 50.67 87.45 11.00
C ALA L 1503 50.57 88.18 12.34
N ALA L 1504 50.68 89.51 12.31
CA ALA L 1504 50.50 90.29 13.53
C ALA L 1504 49.09 90.13 14.08
N GLN L 1505 48.10 90.14 13.18
CA GLN L 1505 46.72 89.96 13.60
C GLN L 1505 46.48 88.57 14.17
N GLN L 1506 47.10 87.56 13.56
CA GLN L 1506 47.05 86.21 14.13
C GLN L 1506 47.70 86.17 15.50
N GLN L 1507 48.83 86.85 15.66
CA GLN L 1507 49.58 86.83 16.91
C GLN L 1507 48.80 87.48 18.04
N TRP L 1508 48.12 88.60 17.78
CA TRP L 1508 47.54 89.41 18.85
C TRP L 1508 46.02 89.42 18.90
N GLY L 1509 45.33 88.89 17.89
CA GLY L 1509 43.88 88.90 17.87
C GLY L 1509 43.26 87.52 17.85
N ASN L 1510 43.95 86.55 17.23
CA ASN L 1510 43.42 85.21 17.07
C ASN L 1510 44.16 84.19 17.92
N ASP L 1511 45.49 84.11 17.78
CA ASP L 1511 46.30 83.11 18.47
C ASP L 1511 47.14 83.69 19.60
N PHE L 1512 46.62 84.72 20.28
CA PHE L 1512 47.33 85.28 21.41
C PHE L 1512 47.42 84.32 22.60
N TYR L 1513 46.54 83.32 22.64
CA TYR L 1513 46.44 82.43 23.79
C TYR L 1513 46.92 81.00 23.52
N LYS L 1514 47.34 80.69 22.30
CA LYS L 1514 47.69 79.31 21.97
C LYS L 1514 48.88 78.82 22.78
N ARG L 1515 49.81 79.71 23.09
CA ARG L 1515 50.99 79.35 23.88
C ARG L 1515 50.82 79.63 25.36
N ASP L 1516 49.76 80.32 25.77
CA ASP L 1516 49.58 80.71 27.17
C ASP L 1516 48.95 79.56 27.95
N PRO L 1517 49.63 78.98 28.95
CA PRO L 1517 48.97 77.93 29.75
C PRO L 1517 47.95 78.49 30.72
N ARG L 1518 48.03 79.77 31.07
CA ARG L 1518 47.05 80.40 31.95
C ARG L 1518 45.77 80.81 31.22
N ILE L 1519 45.69 80.61 29.90
CA ILE L 1519 44.46 80.84 29.16
C ILE L 1519 44.06 79.51 28.54
N ALA L 1520 42.86 79.03 28.88
CA ALA L 1520 42.39 77.79 28.33
C ALA L 1520 41.94 77.98 26.89
N PRO L 1521 41.86 76.90 26.11
CA PRO L 1521 41.31 77.05 24.76
C PRO L 1521 39.91 77.66 24.75
N LEU L 1522 39.04 77.25 25.68
CA LEU L 1522 37.68 77.80 25.71
C LEU L 1522 37.69 79.28 26.06
N ARG L 1523 38.40 79.63 27.15
CA ARG L 1523 38.46 81.02 27.57
C ARG L 1523 39.05 81.89 26.48
N GLY L 1524 40.13 81.42 25.84
CA GLY L 1524 40.75 82.21 24.79
C GLY L 1524 39.87 82.34 23.55
N ALA L 1525 39.17 81.27 23.19
CA ALA L 1525 38.27 81.33 22.05
C ALA L 1525 37.18 82.37 22.28
N LEU L 1526 36.64 82.44 23.49
CA LEU L 1526 35.70 83.51 23.81
C LEU L 1526 36.39 84.87 23.81
N ALA L 1527 37.60 84.94 24.39
CA ALA L 1527 38.25 86.22 24.62
C ALA L 1527 38.71 86.86 23.32
N THR L 1528 38.83 86.09 22.24
CA THR L 1528 39.18 86.69 20.96
C THR L 1528 38.18 87.75 20.54
N TYR L 1529 36.91 87.57 20.93
CA TYR L 1529 35.84 88.51 20.60
C TYR L 1529 35.40 89.34 21.79
N GLY L 1530 36.18 89.35 22.87
CA GLY L 1530 35.84 90.11 24.05
C GLY L 1530 34.84 89.45 24.97
N LEU L 1531 34.47 88.20 24.71
CA LEU L 1531 33.54 87.48 25.54
C LEU L 1531 34.27 86.86 26.73
N THR L 1532 33.56 86.79 27.85
CA THR L 1532 34.05 86.12 29.05
C THR L 1532 33.35 84.77 29.16
N ILE L 1533 33.79 83.99 30.14
CA ILE L 1533 33.19 82.68 30.36
C ILE L 1533 31.70 82.82 30.63
N ASP L 1534 31.32 83.86 31.37
CA ASP L 1534 29.91 84.09 31.68
C ASP L 1534 29.08 84.31 30.42
N ASP L 1535 29.71 84.75 29.33
CA ASP L 1535 28.97 84.98 28.10
C ASP L 1535 28.60 83.69 27.38
N LEU L 1536 29.12 82.55 27.80
CA LEU L 1536 28.73 81.26 27.20
C LEU L 1536 27.39 80.83 27.81
N GLY L 1537 26.33 81.41 27.28
CA GLY L 1537 25.02 81.31 27.88
C GLY L 1537 24.29 80.00 27.70
N VAL L 1538 24.60 79.24 26.65
CA VAL L 1538 23.83 78.06 26.29
C VAL L 1538 24.80 76.93 25.96
N ALA L 1539 24.44 75.71 26.33
CA ALA L 1539 25.22 74.52 25.98
C ALA L 1539 24.30 73.50 25.33
N SER L 1540 24.54 73.23 24.06
CA SER L 1540 23.87 72.16 23.34
C SER L 1540 24.49 70.85 23.80
N PHE L 1541 23.84 70.21 24.76
CA PHE L 1541 24.27 68.91 25.26
C PHE L 1541 24.04 67.84 24.19
N HIS L 1542 24.98 66.90 24.15
CA HIS L 1542 24.74 65.69 23.38
C HIS L 1542 23.42 65.04 23.78
N GLY L 1543 23.16 64.94 25.08
CA GLY L 1543 21.81 64.67 25.57
C GLY L 1543 21.17 63.44 24.99
N THR L 1544 21.83 62.30 25.09
CA THR L 1544 21.39 61.10 24.39
C THR L 1544 20.20 60.42 25.06
N SER L 1545 19.85 60.80 26.29
CA SER L 1545 18.79 60.15 27.07
C SER L 1545 19.24 58.77 27.57
N THR L 1546 20.54 58.61 27.76
CA THR L 1546 21.11 57.48 28.47
C THR L 1546 21.63 57.98 29.80
N LYS L 1547 21.90 57.06 30.71
CA LYS L 1547 22.24 57.46 32.08
C LYS L 1547 23.68 57.95 32.15
N ALA L 1548 24.61 57.12 31.71
CA ALA L 1548 26.02 57.45 31.80
C ALA L 1548 26.33 58.71 30.99
N ASN L 1549 25.81 58.81 29.77
CA ASN L 1549 26.15 59.94 28.92
C ASN L 1549 25.66 61.24 29.53
N ASP L 1550 24.43 61.28 30.03
CA ASP L 1550 23.90 62.53 30.58
C ASP L 1550 24.62 62.92 31.86
N LYS L 1551 24.85 61.98 32.77
CA LYS L 1551 25.62 62.33 33.97
C LYS L 1551 27.02 62.79 33.61
N ASN L 1552 27.69 62.08 32.70
CA ASN L 1552 29.05 62.41 32.30
C ASN L 1552 29.11 63.80 31.66
N GLU L 1553 28.17 64.11 30.78
CA GLU L 1553 28.19 65.38 30.09
C GLU L 1553 27.90 66.53 31.04
N SER L 1554 26.93 66.37 31.93
CA SER L 1554 26.67 67.42 32.92
C SER L 1554 27.88 67.63 33.81
N ALA L 1555 28.54 66.55 34.23
CA ALA L 1555 29.73 66.68 35.05
C ALA L 1555 30.86 67.38 34.29
N THR L 1556 31.02 67.05 33.01
CA THR L 1556 32.05 67.71 32.20
C THR L 1556 31.79 69.20 32.08
N ILE L 1557 30.56 69.58 31.73
CA ILE L 1557 30.23 70.99 31.60
C ILE L 1557 30.44 71.71 32.92
N ASN L 1558 30.01 71.10 34.02
CA ASN L 1558 30.18 71.71 35.33
C ASN L 1558 31.65 71.92 35.65
N GLU L 1559 32.49 70.93 35.35
CA GLU L 1559 33.92 71.07 35.62
C GLU L 1559 34.54 72.17 34.77
N MET L 1560 34.11 72.28 33.51
CA MET L 1560 34.57 73.39 32.69
C MET L 1560 34.21 74.73 33.31
N MET L 1561 32.96 74.89 33.75
CA MET L 1561 32.56 76.16 34.34
C MET L 1561 33.31 76.43 35.65
N LYS L 1562 33.45 75.41 36.50
CA LYS L 1562 34.15 75.58 37.76
C LYS L 1562 35.60 75.99 37.53
N HIS L 1563 36.28 75.30 36.62
CA HIS L 1563 37.69 75.60 36.41
C HIS L 1563 37.86 76.96 35.75
N LEU L 1564 37.03 77.26 34.76
CA LEU L 1564 37.10 78.56 34.11
C LEU L 1564 36.52 79.66 34.96
N GLY L 1565 36.07 79.35 36.17
CA GLY L 1565 35.68 80.38 37.11
C GLY L 1565 34.43 81.11 36.69
N ARG L 1566 33.47 80.39 36.11
CA ARG L 1566 32.21 81.00 35.76
C ARG L 1566 31.54 81.53 37.02
N SER L 1567 30.86 82.66 36.88
CA SER L 1567 30.21 83.28 38.02
C SER L 1567 29.20 82.32 38.64
N GLU L 1568 29.10 82.38 39.96
CA GLU L 1568 28.15 81.53 40.66
C GLU L 1568 26.74 82.06 40.43
N GLY L 1569 25.79 81.14 40.29
CA GLY L 1569 24.45 81.52 39.92
C GLY L 1569 24.28 81.87 38.47
N ASN L 1570 25.20 81.45 37.61
CA ASN L 1570 25.10 81.64 36.16
C ASN L 1570 25.26 80.31 35.47
N PRO L 1571 24.34 79.37 35.71
CA PRO L 1571 24.41 78.09 35.00
C PRO L 1571 24.21 78.28 33.51
N VAL L 1572 24.91 77.47 32.74
CA VAL L 1572 24.68 77.39 31.31
C VAL L 1572 23.34 76.70 31.10
N ILE L 1573 22.55 77.25 30.19
CA ILE L 1573 21.24 76.68 29.89
C ILE L 1573 21.44 75.51 28.93
N GLY L 1574 21.02 74.32 29.35
CA GLY L 1574 21.31 73.13 28.59
C GLY L 1574 20.20 72.79 27.62
N VAL L 1575 20.53 72.85 26.34
CA VAL L 1575 19.63 72.52 25.26
C VAL L 1575 19.85 71.05 24.90
N PHE L 1576 18.78 70.29 24.87
CA PHE L 1576 18.80 68.88 24.50
C PHE L 1576 17.90 68.72 23.30
N GLN L 1577 18.49 68.58 22.12
CA GLN L 1577 17.74 68.49 20.88
C GLN L 1577 17.23 67.08 20.60
N LYS L 1578 17.88 66.05 21.14
CA LYS L 1578 17.53 64.69 20.79
C LYS L 1578 16.23 64.24 21.42
N PHE L 1579 15.68 65.00 22.38
CA PHE L 1579 14.34 64.69 22.87
C PHE L 1579 13.32 64.74 21.75
N LEU L 1580 13.52 65.61 20.77
CA LEU L 1580 12.60 65.81 19.67
C LEU L 1580 13.06 65.10 18.42
N THR L 1581 14.27 65.37 17.96
CA THR L 1581 14.81 64.76 16.76
C THR L 1581 15.23 63.32 16.97
N GLY L 1582 15.61 62.94 18.18
CA GLY L 1582 16.23 61.66 18.39
C GLY L 1582 17.72 61.71 18.09
N HIS L 1583 18.34 60.55 18.20
CA HIS L 1583 19.79 60.41 18.17
C HIS L 1583 20.22 59.78 16.84
N PRO L 1584 20.72 60.57 15.90
CA PRO L 1584 21.45 59.97 14.78
C PRO L 1584 22.87 59.67 15.21
N LYS L 1585 23.52 58.81 14.43
CA LYS L 1585 24.79 58.22 14.85
C LYS L 1585 25.97 58.97 14.22
N GLY L 1586 25.82 60.28 14.13
CA GLY L 1586 26.80 61.09 13.44
C GLY L 1586 26.27 62.34 12.77
N ALA L 1587 24.96 62.41 12.53
CA ALA L 1587 24.35 63.71 12.25
C ALA L 1587 24.05 64.47 13.54
N ALA L 1588 24.37 63.91 14.71
CA ALA L 1588 23.94 64.49 15.97
C ALA L 1588 24.58 65.85 16.21
N GLY L 1589 25.90 65.93 16.07
CA GLY L 1589 26.57 67.20 16.27
C GLY L 1589 26.16 68.23 15.24
N ALA L 1590 25.85 67.78 14.02
CA ALA L 1590 25.44 68.71 12.97
C ALA L 1590 24.06 69.29 13.26
N TRP L 1591 23.12 68.44 13.68
CA TRP L 1591 21.80 68.95 14.06
C TRP L 1591 21.90 69.88 15.25
N MET L 1592 22.72 69.53 16.24
CA MET L 1592 22.90 70.41 17.38
C MET L 1592 23.58 71.72 16.99
N MET L 1593 24.47 71.66 16.01
CA MET L 1593 25.12 72.87 15.50
C MET L 1593 24.11 73.78 14.82
N ASN L 1594 23.22 73.20 14.02
CA ASN L 1594 22.15 73.98 13.40
C ASN L 1594 21.26 74.61 14.46
N GLY L 1595 20.90 73.84 15.48
CA GLY L 1595 20.09 74.39 16.56
C GLY L 1595 20.80 75.49 17.32
N ALA L 1596 22.10 75.33 17.54
CA ALA L 1596 22.88 76.36 18.24
C ALA L 1596 22.94 77.64 17.42
N LEU L 1597 23.13 77.53 16.10
CA LEU L 1597 23.13 78.71 15.25
C LEU L 1597 21.78 79.40 15.29
N GLN L 1598 20.70 78.61 15.26
CA GLN L 1598 19.37 79.21 15.31
C GLN L 1598 19.11 79.86 16.67
N ILE L 1599 19.60 79.26 17.75
CA ILE L 1599 19.50 79.89 19.07
C ILE L 1599 20.27 81.20 19.08
N LEU L 1600 21.46 81.21 18.51
CA LEU L 1600 22.26 82.43 18.46
C LEU L 1600 21.53 83.52 17.71
N ASN L 1601 20.90 83.18 16.58
CA ASN L 1601 20.30 84.21 15.75
C ASN L 1601 18.96 84.70 16.31
N SER L 1602 18.14 83.79 16.84
CA SER L 1602 16.82 84.16 17.32
C SER L 1602 16.78 84.57 18.78
N GLY L 1603 17.85 84.32 19.53
CA GLY L 1603 17.83 84.59 20.96
C GLY L 1603 16.91 83.66 21.75
N ILE L 1604 16.41 82.61 21.12
CA ILE L 1604 15.42 81.73 21.70
C ILE L 1604 16.10 80.42 22.06
N ILE L 1605 15.88 79.95 23.28
CA ILE L 1605 16.48 78.73 23.79
C ILE L 1605 15.37 77.69 23.94
N PRO L 1606 15.24 76.72 23.04
CA PRO L 1606 14.17 75.73 23.20
C PRO L 1606 14.36 74.91 24.46
N GLY L 1607 13.24 74.51 25.04
CA GLY L 1607 13.24 73.69 26.23
C GLY L 1607 13.03 72.22 25.91
N ASN L 1608 13.58 71.38 26.78
CA ASN L 1608 13.46 69.93 26.65
C ASN L 1608 12.07 69.55 27.15
N ARG L 1609 11.10 69.57 26.24
CA ARG L 1609 9.71 69.32 26.64
C ARG L 1609 9.52 67.92 27.18
N ASN L 1610 10.44 67.00 26.90
CA ASN L 1610 10.39 65.68 27.50
C ASN L 1610 11.04 65.63 28.87
N ALA L 1611 11.62 66.73 29.36
CA ALA L 1611 12.24 66.76 30.68
C ALA L 1611 11.12 66.71 31.71
N ASP L 1612 10.53 65.52 31.86
CA ASP L 1612 9.39 65.40 32.75
C ASP L 1612 9.80 65.64 34.19
N ASN L 1613 10.96 65.13 34.58
CA ASN L 1613 11.50 65.37 35.93
C ASN L 1613 13.01 65.25 35.81
N VAL L 1614 13.73 66.32 36.13
CA VAL L 1614 15.17 66.31 36.00
C VAL L 1614 15.77 65.41 37.07
N ASP L 1615 16.74 64.60 36.66
CA ASP L 1615 17.34 63.63 37.56
C ASP L 1615 17.99 64.33 38.76
N LYS L 1616 17.78 63.77 39.94
CA LYS L 1616 18.25 64.39 41.17
C LYS L 1616 19.77 64.50 41.20
N ILE L 1617 20.47 63.53 40.60
CA ILE L 1617 21.93 63.53 40.63
C ILE L 1617 22.49 64.73 39.88
N LEU L 1618 21.69 65.34 39.01
CA LEU L 1618 22.16 66.47 38.23
C LEU L 1618 22.12 67.78 39.01
N GLU L 1619 21.54 67.81 40.20
CA GLU L 1619 21.54 69.04 40.98
C GLU L 1619 22.93 69.41 41.48
N GLN L 1620 23.80 68.41 41.67
CA GLN L 1620 25.15 68.70 42.11
C GLN L 1620 25.89 69.61 41.13
N PHE L 1621 25.50 69.60 39.86
CA PHE L 1621 26.12 70.46 38.84
C PHE L 1621 25.39 71.80 38.84
N GLU L 1622 25.87 72.70 39.71
CA GLU L 1622 25.19 73.97 39.90
C GLU L 1622 25.31 74.87 38.67
N TYR L 1623 26.29 74.62 37.79
CA TYR L 1623 26.51 75.43 36.61
C TYR L 1623 25.75 74.91 35.40
N VAL L 1624 24.76 74.05 35.59
CA VAL L 1624 23.92 73.54 34.51
C VAL L 1624 22.46 73.79 34.88
N LEU L 1625 21.67 74.27 33.93
CA LEU L 1625 20.24 74.44 34.05
C LEU L 1625 19.57 73.56 33.01
N TYR L 1626 18.41 73.01 33.36
CA TYR L 1626 17.71 72.02 32.53
C TYR L 1626 16.28 72.48 32.28
N PRO L 1627 16.08 73.42 31.35
CA PRO L 1627 14.72 73.89 31.08
C PRO L 1627 13.88 72.84 30.38
N SER L 1628 12.57 72.92 30.60
CA SER L 1628 11.60 72.13 29.88
C SER L 1628 10.80 72.93 28.86
N LYS L 1629 10.73 74.25 29.00
CA LYS L 1629 9.98 75.09 28.10
C LYS L 1629 10.89 76.12 27.47
N THR L 1630 10.52 76.55 26.28
CA THR L 1630 11.33 77.50 25.52
C THR L 1630 11.43 78.82 26.27
N LEU L 1631 12.61 79.44 26.20
CA LEU L 1631 12.89 80.72 26.83
C LEU L 1631 13.20 81.74 25.75
N LYS L 1632 12.44 82.84 25.75
CA LYS L 1632 12.70 83.97 24.86
C LYS L 1632 13.72 84.86 25.58
N THR L 1633 15.00 84.57 25.37
CA THR L 1633 16.06 85.40 25.91
C THR L 1633 16.18 86.67 25.10
N ASP L 1634 16.84 87.68 25.68
CA ASP L 1634 17.18 88.91 24.97
C ASP L 1634 18.56 88.83 24.34
N GLY L 1635 19.05 87.63 24.06
CA GLY L 1635 20.35 87.48 23.42
C GLY L 1635 21.10 86.26 23.91
N VAL L 1636 21.72 85.55 22.97
CA VAL L 1636 22.67 84.49 23.27
C VAL L 1636 24.00 84.88 22.62
N ARG L 1637 25.04 84.98 23.44
CA ARG L 1637 26.34 85.41 22.94
C ARG L 1637 27.11 84.25 22.33
N ALA L 1638 27.22 83.14 23.07
CA ALA L 1638 27.93 81.96 22.62
C ALA L 1638 27.14 80.72 23.00
N VAL L 1639 27.34 79.65 22.25
CA VAL L 1639 26.70 78.36 22.49
C VAL L 1639 27.76 77.27 22.38
N SER L 1640 27.78 76.36 23.34
CA SER L 1640 28.75 75.28 23.41
C SER L 1640 28.09 73.97 22.99
N ILE L 1641 28.45 73.48 21.82
CA ILE L 1641 27.95 72.20 21.33
C ILE L 1641 28.92 71.11 21.76
N THR L 1642 28.44 70.13 22.51
CA THR L 1642 29.30 69.02 22.95
C THR L 1642 28.72 67.69 22.51
N SER L 1643 29.58 66.84 21.96
CA SER L 1643 29.21 65.52 21.48
C SER L 1643 30.15 64.47 22.07
N PHE L 1644 29.63 63.25 22.23
CA PHE L 1644 30.38 62.14 22.80
C PHE L 1644 30.00 60.88 22.03
N GLY L 1645 30.82 60.51 21.07
CA GLY L 1645 30.63 59.28 20.34
C GLY L 1645 31.35 58.11 20.96
N PHE L 1646 30.84 56.92 20.63
CA PHE L 1646 31.49 55.67 21.00
C PHE L 1646 32.92 55.68 20.50
N GLY L 1647 33.80 54.94 21.17
CA GLY L 1647 35.21 55.04 20.88
C GLY L 1647 35.87 56.24 21.51
N GLN L 1648 35.34 56.71 22.63
CA GLN L 1648 35.92 57.82 23.38
C GLN L 1648 36.06 59.07 22.52
N LYS L 1649 35.06 59.34 21.69
CA LYS L 1649 35.13 60.44 20.75
C LYS L 1649 34.43 61.65 21.37
N GLY L 1650 35.13 62.34 22.27
CA GLY L 1650 34.61 63.57 22.82
C GLY L 1650 34.90 64.73 21.87
N GLY L 1651 33.98 65.68 21.83
CA GLY L 1651 34.16 66.84 20.98
C GLY L 1651 33.39 68.04 21.48
N GLN L 1652 34.00 69.22 21.37
CA GLN L 1652 33.36 70.46 21.78
C GLN L 1652 33.61 71.53 20.73
N ALA L 1653 32.54 72.22 20.35
CA ALA L 1653 32.63 73.38 19.48
C ALA L 1653 31.94 74.54 20.19
N ILE L 1654 32.40 75.74 19.88
CA ILE L 1654 31.83 76.98 20.42
C ILE L 1654 31.42 77.84 19.24
N VAL L 1655 30.16 78.25 19.21
CA VAL L 1655 29.65 79.16 18.19
C VAL L 1655 29.30 80.47 18.86
N VAL L 1656 29.96 81.54 18.43
CA VAL L 1656 29.72 82.87 18.94
C VAL L 1656 28.73 83.57 18.02
N HIS L 1657 28.02 84.54 18.58
CA HIS L 1657 27.04 85.30 17.81
C HIS L 1657 27.72 85.94 16.60
N PRO L 1658 27.07 85.97 15.43
CA PRO L 1658 27.72 86.58 14.26
C PRO L 1658 28.01 88.06 14.42
N ASP L 1659 27.32 88.75 15.33
CA ASP L 1659 27.45 90.20 15.41
C ASP L 1659 28.76 90.62 16.05
N TYR L 1660 29.41 89.71 16.80
CA TYR L 1660 30.72 90.01 17.35
C TYR L 1660 31.77 90.08 16.25
N LEU L 1661 31.50 89.49 15.09
CA LEU L 1661 32.43 89.58 13.98
C LEU L 1661 32.42 90.97 13.37
N TYR L 1662 31.23 91.56 13.21
CA TYR L 1662 31.12 92.81 12.46
C TYR L 1662 31.75 93.98 13.19
N GLY L 1663 32.01 93.85 14.49
CA GLY L 1663 32.77 94.86 15.20
C GLY L 1663 34.24 94.86 14.89
N ALA L 1664 34.71 93.92 14.06
CA ALA L 1664 36.11 93.84 13.66
C ALA L 1664 36.39 94.52 12.33
N ILE L 1665 35.38 95.16 11.72
CA ILE L 1665 35.54 95.77 10.41
C ILE L 1665 35.08 97.22 10.46
N THR L 1666 35.27 97.95 9.36
CA THR L 1666 34.93 99.36 9.28
C THR L 1666 33.45 99.54 8.97
N GLU L 1667 32.99 100.79 9.08
CA GLU L 1667 31.62 101.12 8.71
C GLU L 1667 31.36 100.83 7.24
N ASP L 1668 32.25 101.28 6.36
CA ASP L 1668 32.02 101.12 4.93
C ASP L 1668 32.02 99.66 4.53
N ARG L 1669 32.95 98.88 5.09
CA ARG L 1669 33.02 97.46 4.76
C ARG L 1669 31.75 96.74 5.22
N TYR L 1670 31.28 97.07 6.42
CA TYR L 1670 30.04 96.50 6.91
C TYR L 1670 28.86 96.89 6.03
N ASN L 1671 28.82 98.15 5.58
CA ASN L 1671 27.70 98.60 4.76
C ASN L 1671 27.66 97.88 3.43
N GLU L 1672 28.82 97.77 2.77
CA GLU L 1672 28.84 97.09 1.47
C GLU L 1672 28.56 95.60 1.64
N TYR L 1673 29.06 95.01 2.73
CA TYR L 1673 28.72 93.62 3.02
C TYR L 1673 27.23 93.45 3.21
N VAL L 1674 26.60 94.36 3.96
CA VAL L 1674 25.16 94.27 4.23
C VAL L 1674 24.37 94.40 2.94
N ALA L 1675 24.77 95.33 2.07
CA ALA L 1675 24.08 95.48 0.79
C ALA L 1675 24.20 94.20 -0.02
N LYS L 1676 25.39 93.60 -0.02
CA LYS L 1676 25.59 92.38 -0.80
C LYS L 1676 24.79 91.21 -0.22
N VAL L 1677 24.68 91.13 1.11
CA VAL L 1677 23.85 90.08 1.69
C VAL L 1677 22.38 90.32 1.42
N SER L 1678 21.95 91.58 1.37
CA SER L 1678 20.57 91.86 1.01
C SER L 1678 20.26 91.37 -0.39
N ALA L 1679 21.12 91.70 -1.35
CA ALA L 1679 20.91 91.25 -2.72
C ALA L 1679 20.95 89.73 -2.80
N ARG L 1680 21.89 89.11 -2.10
CA ARG L 1680 22.00 87.66 -2.10
C ARG L 1680 20.77 87.02 -1.47
N GLU L 1681 20.25 87.62 -0.40
CA GLU L 1681 19.05 87.09 0.26
C GLU L 1681 17.86 87.14 -0.68
N LYS L 1682 17.71 88.23 -1.42
CA LYS L 1682 16.62 88.31 -2.39
C LYS L 1682 16.77 87.23 -3.46
N SER L 1683 17.98 87.09 -4.01
CA SER L 1683 18.20 86.08 -5.05
C SER L 1683 17.97 84.68 -4.51
N ALA L 1684 18.39 84.43 -3.27
CA ALA L 1684 18.23 83.10 -2.69
C ALA L 1684 16.78 82.79 -2.38
N TYR L 1685 16.02 83.79 -1.94
CA TYR L 1685 14.58 83.61 -1.76
C TYR L 1685 13.92 83.24 -3.08
N LYS L 1686 14.27 83.97 -4.14
CA LYS L 1686 13.77 83.65 -5.47
C LYS L 1686 14.08 82.20 -5.84
N PHE L 1687 15.36 81.82 -5.73
CA PHE L 1687 15.78 80.47 -6.11
C PHE L 1687 15.09 79.43 -5.26
N PHE L 1688 15.02 79.65 -3.95
CA PHE L 1688 14.47 78.64 -3.05
C PHE L 1688 13.00 78.40 -3.36
N HIS L 1689 12.23 79.47 -3.55
CA HIS L 1689 10.80 79.27 -3.76
C HIS L 1689 10.53 78.67 -5.13
N ASN L 1690 11.25 79.12 -6.17
CA ASN L 1690 11.10 78.52 -7.48
C ASN L 1690 11.41 77.03 -7.43
N GLY L 1691 12.54 76.67 -6.82
CA GLY L 1691 12.93 75.28 -6.74
C GLY L 1691 11.99 74.46 -5.88
N MET L 1692 11.41 75.09 -4.85
CA MET L 1692 10.43 74.39 -4.03
C MET L 1692 9.22 74.01 -4.84
N ILE L 1693 8.63 74.96 -5.57
CA ILE L 1693 7.40 74.65 -6.28
C ILE L 1693 7.67 73.69 -7.43
N TYR L 1694 8.78 73.87 -8.14
CA TYR L 1694 9.07 73.06 -9.32
C TYR L 1694 9.94 71.85 -9.03
N ASN L 1695 10.20 71.55 -7.76
CA ASN L 1695 10.94 70.34 -7.36
C ASN L 1695 12.31 70.29 -8.03
N LYS L 1696 12.99 71.43 -8.03
CA LYS L 1696 14.33 71.55 -8.60
C LYS L 1696 15.23 72.40 -7.71
N LEU L 1697 15.13 72.20 -6.39
CA LEU L 1697 16.12 72.78 -5.50
C LEU L 1697 17.49 72.15 -5.73
N PHE L 1698 17.52 70.83 -5.90
CA PHE L 1698 18.72 70.12 -6.34
C PHE L 1698 18.78 70.22 -7.85
N VAL L 1699 19.77 70.94 -8.37
CA VAL L 1699 20.08 70.96 -9.79
C VAL L 1699 21.41 70.22 -9.94
N SER L 1700 21.36 69.04 -10.54
CA SER L 1700 22.58 68.30 -10.83
C SER L 1700 23.36 69.02 -11.93
N LYS L 1701 24.67 69.08 -11.73
CA LYS L 1701 25.58 69.63 -12.75
C LYS L 1701 25.86 68.53 -13.75
N GLU L 1702 25.59 68.80 -15.03
CA GLU L 1702 25.99 67.85 -16.07
C GLU L 1702 27.48 67.90 -16.32
N HIS L 1703 28.05 69.10 -16.35
CA HIS L 1703 29.44 69.32 -16.71
C HIS L 1703 30.14 70.12 -15.62
N ALA L 1704 31.42 69.83 -15.44
CA ALA L 1704 32.26 70.60 -14.54
C ALA L 1704 32.46 72.01 -15.09
N PRO L 1705 32.91 72.96 -14.27
CA PRO L 1705 33.08 74.33 -14.78
C PRO L 1705 34.25 74.48 -15.74
N TYR L 1706 35.07 73.45 -15.90
CA TYR L 1706 36.16 73.43 -16.87
C TYR L 1706 35.94 72.30 -17.85
N THR L 1707 36.40 72.49 -19.07
CA THR L 1707 36.43 71.41 -20.05
C THR L 1707 37.57 70.45 -19.72
N ASP L 1708 37.55 69.29 -20.38
CA ASP L 1708 38.61 68.30 -20.14
C ASP L 1708 39.97 68.83 -20.56
N GLU L 1709 40.03 69.59 -21.66
CA GLU L 1709 41.31 70.10 -22.14
C GLU L 1709 41.83 71.21 -21.23
N LEU L 1710 40.93 71.99 -20.63
CA LEU L 1710 41.32 73.10 -19.76
C LEU L 1710 41.37 72.70 -18.29
N GLU L 1711 41.09 71.43 -17.98
CA GLU L 1711 41.06 70.99 -16.60
C GLU L 1711 42.43 71.11 -15.93
N GLU L 1712 43.47 70.63 -16.60
CA GLU L 1712 44.81 70.70 -16.03
C GLU L 1712 45.28 72.14 -15.87
N ASP L 1713 44.96 73.00 -16.84
CA ASP L 1713 45.34 74.40 -16.71
C ASP L 1713 44.65 75.04 -15.53
N VAL L 1714 43.37 74.75 -15.32
CA VAL L 1714 42.66 75.30 -14.17
C VAL L 1714 43.27 74.79 -12.88
N TYR L 1715 43.59 73.49 -12.82
CA TYR L 1715 44.21 72.94 -11.62
C TYR L 1715 45.54 73.60 -11.33
N LEU L 1716 46.35 73.82 -12.37
CA LEU L 1716 47.70 74.33 -12.19
C LEU L 1716 47.75 75.84 -11.99
N ASP L 1717 46.67 76.56 -12.31
CA ASP L 1717 46.61 77.99 -12.05
C ASP L 1717 45.92 78.23 -10.71
N PRO L 1718 46.58 78.77 -9.68
CA PRO L 1718 45.87 79.07 -8.44
C PRO L 1718 44.93 80.25 -8.54
N LEU L 1719 45.16 81.16 -9.48
CA LEU L 1719 44.38 82.38 -9.62
C LEU L 1719 43.26 82.25 -10.66
N ALA L 1720 43.05 81.07 -11.23
CA ALA L 1720 41.97 80.90 -12.18
C ALA L 1720 40.62 80.96 -11.47
N ARG L 1721 39.73 81.79 -11.98
CA ARG L 1721 38.39 81.96 -11.44
C ARG L 1721 37.39 81.84 -12.56
N VAL L 1722 36.23 81.28 -12.25
CA VAL L 1722 35.17 81.14 -13.24
C VAL L 1722 34.60 82.53 -13.56
N SER L 1723 34.18 82.69 -14.81
CA SER L 1723 33.46 83.86 -15.26
C SER L 1723 32.15 83.40 -15.86
N LYS L 1724 31.21 84.34 -15.96
CA LYS L 1724 29.92 84.03 -16.57
C LYS L 1724 30.09 84.00 -18.09
N ASP L 1725 29.74 82.88 -18.70
CA ASP L 1725 29.85 82.75 -20.15
C ASP L 1725 28.72 83.52 -20.82
N LYS L 1726 29.08 84.32 -21.84
CA LYS L 1726 28.08 85.11 -22.54
C LYS L 1726 27.05 84.23 -23.24
N LYS L 1727 27.50 83.11 -23.82
CA LYS L 1727 26.59 82.26 -24.59
C LYS L 1727 25.76 81.37 -23.68
N SER L 1728 26.42 80.50 -22.89
CA SER L 1728 25.69 79.54 -22.08
C SER L 1728 25.01 80.23 -20.89
N GLY L 1729 25.64 81.26 -20.34
CA GLY L 1729 25.13 81.93 -19.15
C GLY L 1729 25.55 81.30 -17.85
N SER L 1730 26.26 80.17 -17.88
CA SER L 1730 26.74 79.52 -16.68
C SER L 1730 28.14 80.03 -16.32
N LEU L 1731 28.54 79.74 -15.09
CA LEU L 1731 29.87 80.09 -14.61
C LEU L 1731 30.83 78.99 -15.03
N THR L 1732 31.79 79.34 -15.89
CA THR L 1732 32.74 78.38 -16.43
C THR L 1732 34.14 78.99 -16.41
N PHE L 1733 35.14 78.12 -16.49
CA PHE L 1733 36.51 78.58 -16.57
C PHE L 1733 36.86 78.96 -18.00
N ASN L 1734 37.65 80.02 -18.13
CA ASN L 1734 37.95 80.63 -19.41
C ASN L 1734 39.46 80.65 -19.62
N SER L 1735 39.89 80.21 -20.81
CA SER L 1735 41.31 80.18 -21.12
C SER L 1735 41.93 81.56 -21.02
N LYS L 1736 41.15 82.60 -21.33
CA LYS L 1736 41.67 83.96 -21.29
C LYS L 1736 41.83 84.43 -19.85
N ASN L 1737 41.15 83.78 -18.91
CA ASN L 1737 41.31 84.04 -17.49
C ASN L 1737 42.28 83.09 -16.81
N ILE L 1738 42.70 82.02 -17.49
CA ILE L 1738 43.67 81.07 -16.94
C ILE L 1738 45.08 81.53 -17.30
N GLN L 1739 45.96 81.56 -16.30
CA GLN L 1739 47.36 81.93 -16.49
C GLN L 1739 47.50 83.29 -17.17
N SER L 1740 46.71 84.26 -16.71
CA SER L 1740 46.68 85.60 -17.26
C SER L 1740 47.32 86.60 -16.30
N LYS L 1741 47.96 87.62 -16.86
CA LYS L 1741 48.62 88.63 -16.04
C LYS L 1741 47.64 89.46 -15.23
N ASP L 1742 46.41 89.65 -15.73
CA ASP L 1742 45.44 90.46 -15.01
C ASP L 1742 45.05 89.82 -13.69
N SER L 1743 45.03 88.48 -13.64
CA SER L 1743 44.73 87.78 -12.40
C SER L 1743 45.81 88.03 -11.35
N TYR L 1744 47.03 88.36 -11.79
CA TYR L 1744 48.16 88.60 -10.91
C TYR L 1744 48.51 90.08 -10.89
#